data_7MUY
#
_entry.id   7MUY
#
_cell.length_a   1.00
_cell.length_b   1.00
_cell.length_c   1.00
_cell.angle_alpha   90.00
_cell.angle_beta   90.00
_cell.angle_gamma   90.00
#
_symmetry.space_group_name_H-M   'P 1'
#
loop_
_entity.id
_entity.type
_entity.pdbx_description
1 polymer 'IcmE protein'
2 polymer DotD
3 polymer DotF
4 polymer 'Type IV secretion protein IcmK'
5 polymer 'Inner membrane lipoprotein YiaD'
6 polymer 'Outer membrane protein, OmpA family protein'
7 polymer 'DUF2807 domain-containing protein'
8 polymer 'Neurogenic locus notch'
9 polymer 'Unknown protein fragment'
10 polymer 'Unknown protein fragment'
11 polymer DotC
#
loop_
_entity_poly.entity_id
_entity_poly.type
_entity_poly.pdbx_seq_one_letter_code
_entity_poly.pdbx_strand_id
1 'polypeptide(L)'
;MASKKENLKSLFSNTRTRVIIIFTAALLIIAVVIGFFKIRGATTGSIAAAEVSTVPGGIQSIPGVLDPTAQYAKLQEEQN
ITQAQVAEKTGGSAIPTIIRTQALGEGVGVIGSQSGVGFAALAQEELGGPQRSLWIQELQDGSCSKSVITKVVNQGAQLT
DLKAACSCVQLKDSGYGLQELEQVCECKELKSAGYNARQLKEAGYSAGRLRNCGFDACELRNAGFTAQEMKDGGFSDGEL
KGAGFSDAEIAKASGLPDGITADDVRKAGCGAAALAKLRQAGVSASAIRKISGCTAEQLKAAGYTAKELKDAGFSAADLR
RAGFSAAELKDAGFTARDLLNAGFTPADLAKAGFSDAQIKAAQAELPPGITPQDVKNAGCDVEALKKEREAGVSAALIRQ
YAGCSAQALKAAGFTDADLANAGFTPAQISAATPLSDAEIKAAGCDPDKLKKLFSAGVSAKRIKELNGCSAEALKAAGYD
AQSLLAAGFTPQELLAAGFTPKQLEDAGLNPVSIIADGRVADCSVESLKKARAAGVSALTIKQTLGCSAAALKAAGYTAK
ELKDAGFTAAELKAAGFSAKELKDAGFTAKELRDAGFSAQELKDVGFSAKDLKDAGFSAAELKAAGFTAAQLKAAGFSAK
DLKDAGFSAAELKAAGFSAKELKDAGFSASDLKNAGFSAKELKDAGFSASDLKSAGFSASELKNAGYSADELKKAGYTSA
ELRNAGFSPQESAVAGLQGPDLQQLDSSITGIPSIPGATPRPTTSDAASSAEQLQAILQKQNEQLAEQKYQQEIQQRTSD
MLTAATQLVQDWKQVETQVYTEGTEETKTSGGESAVPGTGTGTGSNNQPVDQGAVSAQNQAIIKTGDIMFAVLDTSVNSD
EPGPILATIVTGKLKGSKLIGSFNLPSNADKMVITFNTMSIPGAEKTISISAYAIDPNTARTALASRTNHHYLMRYGSLF
ASSFLQGFGNAFQSANTTITIGGTGGGNNITVANGVGRSTLENAVIGLATVGKAWSQQAQQLFNTPTTVEVYSGTGLGIL
FTQDVTTI
;
AG,Eg,Fg,BG,Gg,Hg,CG,Bg,Ig,Jg,DG,Kg,Lg,EG,Mg,VG,WG,XG,FG,YG,ZG,GG,Cg,Dg,HG,IG,JG,KG,LG,MG,NG,OG,PG,Ag
2 'polypeptide(L)'
;MNNNKIVIMFIFSALLAGCAGTMKFKKPPINNPSDDATIKLAEAAVSVSDSMLEMAKVEKVITPPSKDNTLTIPNAYNLQ
ARASVDWSGPIEELTARIAKAAHFRFRVLGKSPSVPVLISISTKDESLAEILRDIDYQAGKKASIHVYPNSQVVELRYAK
IYS
;
ED,Ed,FD,Fd,GD,Gd,HD,Hd,ID,Id,JD,Jd,KD,Kd,LD,Ld,MD,Md,Ad,BD,Bd,CD,Cd,DD,Dd,AD
3 'polypeptide(L)'
;MMAEHDQNNDEYKFAELDSYDMDQAGESDLDSEASYQSGKEGLTKKKDIKRNALIAIGAVVFIMVMYKIIGWMFFSDKSS
QVTSKPAIPPVTQVATPQPVQTIPTTTPIQQVQPTTIIEDDPDLKKKVSAIEMTQQSLRSEVNALSEQINAVNNNIKNLN
AQIVNLNQIIGNMSNQIARQSEVINVLMARTTPKKVVKVSRPIVQARIIYYIQAVIPGRAWLIGSNGSTLTVREGSKIPG
YGMVKLIDSLQGRILTSSGQVIKFSQEDS
;
EF,Ef,FF,Ff,AF,GF,Gf,HF,Hf,IF,If,JF,Jf,KF,Kf,LF,Lf,MF,Mf,VF,WF,XF,YF,ZF,Af,BF,Bf,CF,Cf,DF,Df
4 'polypeptide(L)'
;MMKKYDQLCKYCLVIGLTFSMSCSIYAADQSDDAQQALQQLRMLQQKLSQNPSPDAQSGAGDGGDNAASDSTQQPNQSGQ
ANAPAANQTATAGGDGQIISQDDAEVIDKKAFKDMTRNLYPLNPEQVVKLKQIYETSEYAKAATPGTPPKPTATSQFVNL
SPGSTPPVIRLSQGFVSSLVFLDSTGAPWPIAAYDLGDPSSFNIQWDKTSNTLMIQATKLYNYGNLAVRLRGLNTPVMLT
LIPGQKAVDYRVDLRVQGYGPNAKSMPTEEGIPPSANDLLLHVLEGVPPPGSRRLVVSGGDARAWLSNEKMYVRTNLTIL
SPGWLASMTSADGTHAYEMQKSPVLLVSWHGKVMQLKVEGL
;
EH,FH,GH,HH,IH,JH,AH,KH,LH,MH,VH,WH,XH,YH,ZH,BH,CH,DH
5 'polypeptide(L)'
;MRSLRTNYIYVLFKTTGLLFLLLLSACNRSGYIPENEVPKLPCRVDGACDATIIKMMTDLNKKGIKVASVGQNYLISIPA
SALFADQSPRLNWASYSLLNEIAAFLKQFRKIAITVTSYSSKYVSVKRERALTLARSRVVSEYLWSQGVDSRIIFTQGLG
SDKPITSYTLGGDRSPNARVEITFRRAVA
;
EK,FK,GK,HK,IK,JK,KK,LK,AK,MK,BK,CK,DK
6 'polypeptide(L)'
;MRNLMRCLIMIKSLIKGVDMSRKLAKTRILGYGLMICFLAGCFHPPYNNFQPDRRAVKRVGVDTGIGAVAGAIASGTASG
TLIGAAAGGTVGLVASIYRDSKRKIIRDLQKQDIQYVEYGDTRTLIIPTDKYFMFSSPRLNEICYPGLNNVIRLLNFYPQ
STIYVAGFTDNVGSRSHKRKLSQAQAETMMTFLWANGIAAKRLKAEGYGDKNAISDNAIIHGSAQNRRIEIQWFTSPAQP
PQPQMAYVK
;
EL,FL,GL,HL,IL,JL,KL,LL,ML,AL,BL,CL,DL
7 'polypeptide(L)'
;MLKRCYLLILLMFVLASCAHHKPQTPPAEVKKQGTSSTRQFRQVSSFNQIVVQGRLNVNLHTGYNKPEVMLRGDPRDLVQ
VRTIVKQNTLYVSLGQGYPDYGAVTVDIKTKFLNRFRYEGAGVVTGNNLRTSYLDLYLANEGTTRLAGNIGLQKLEAVGN
GVTQINGVSSRNLQIVLKGDPKVLISGFVNLRQLDMYGKGTLSLYWIKSDTLTIRAKKAAKIQLAGIVNRLDVELWDFAQ
FKGKYLRAQRSFVKTHDKSVAEISAVNHQSSLATDASDIYYYNLSKTRADFMAFNGSVLDMREWGQSDLKDFDRYNKQFP
;
EM,FM,GM,HM,IM,JM,KM,LM,MM,AM,BM,CM,DM
8 'polypeptide(L)'
;MLFLKIKTNQRTTMNILKPKAFLLASVFVLSISPAFAADGCCSKMGGINYCDSSAGRLVCNNGFYSTCYCTRHAVMDLQF
LMGCCLWHGGVYPQLNSSGLVVCNDGYVSEECSLQKPVEQISVY
;
EN,FN,GN,HN,IN,JN,KN,LN,MN,AN,BN,CN,DN
9 'polypeptide(L)' (UNK)(UNK)(UNK)(UNK)(UNK)(UNK)(UNK)(UNK)(UNK) EU,FU,GU,HU,IU,JU,KU,LU,MU,AU,BU,CU,DU
10 'polypeptide(L)'
;(UNK)(UNK)(UNK)(UNK)(UNK)(UNK)(UNK)(UNK)(UNK)(UNK)(UNK)(UNK)(UNK)(UNK)(UNK)(UNK)
(UNK)(UNK)(UNK)(UNK)(UNK)(UNK)(UNK)(UNK)(UNK)(UNK)(UNK)(UNK)(UNK)(UNK)(UNK)(UNK)
(UNK)(UNK)(UNK)(UNK)(UNK)(UNK)(UNK)(UNK)(UNK)(UNK)(UNK)(UNK)(UNK)(UNK)(UNK)(UNK)
;
EX,FX,GX,HX,IX,JX,KX,LX,MX,VX,WX,XX,YX,ZX,AX,BX,CX,DX
11 'polypeptide(L)'
;MRKFILSLSILLSALLVACSSRNHYGDTGSLAGLQAMADSKYTRAQKKQKMGKIREMALKETALSVGAQAGLAWRAKIID
EQLNKQARNLDAIYDFNSLVLEHNILPPVLLEGRNTLNLADAQSIRISDRTYKVAKQAHFITTPPTWRQYLWMDYVKPEA
PNVTLLPKTKAEKEIWCIYTERGWKNGIDQANTILEENIARIKEDFGGMILYRKLLAMNMVSPPYVSHTDLGVTGDGSEI
HIDDRVLRITALPELNVNSAEWRAAVAKDENALERFKNMEKLANQAKIVITNKSWQPIIAPVS
;
CC,BC,GC,KC,DC,EC,FC,HC,IC,JC,LC,MC,AC
#
# COMPACT_ATOMS: atom_id res chain seq x y z
N ILE A 862 -48.59 24.56 -41.15
CA ILE A 862 -49.11 24.39 -39.80
C ILE A 862 -50.46 23.68 -39.86
N ILE A 863 -50.56 22.55 -39.19
CA ILE A 863 -51.81 21.85 -38.97
C ILE A 863 -52.15 21.96 -37.50
N LYS A 864 -53.37 22.43 -37.21
CA LYS A 864 -53.78 22.73 -35.83
C LYS A 864 -53.88 21.47 -34.99
N THR A 865 -53.75 21.64 -33.69
CA THR A 865 -53.66 20.52 -32.76
C THR A 865 -55.04 19.90 -32.58
N GLY A 866 -55.40 18.95 -33.45
CA GLY A 866 -56.65 18.24 -33.31
C GLY A 866 -57.80 18.72 -34.17
N ASP A 867 -57.57 18.89 -35.46
CA ASP A 867 -58.61 19.20 -36.41
C ASP A 867 -58.88 17.99 -37.30
N ILE A 868 -59.88 18.10 -38.17
CA ILE A 868 -60.41 16.97 -38.92
C ILE A 868 -60.08 17.17 -40.40
N MET A 869 -59.91 16.06 -41.11
CA MET A 869 -59.65 16.04 -42.54
C MET A 869 -60.35 14.84 -43.17
N PHE A 870 -60.60 14.91 -44.47
CA PHE A 870 -61.17 13.81 -45.23
C PHE A 870 -60.07 13.14 -46.03
N ALA A 871 -60.22 11.84 -46.27
CA ALA A 871 -59.28 11.08 -47.09
C ALA A 871 -60.01 9.89 -47.69
N VAL A 872 -59.39 9.29 -48.70
CA VAL A 872 -59.99 8.17 -49.42
C VAL A 872 -59.13 6.94 -49.20
N LEU A 873 -59.73 5.88 -48.68
CA LEU A 873 -59.07 4.60 -48.50
C LEU A 873 -59.40 3.69 -49.67
N ASP A 874 -58.38 3.01 -50.19
CA ASP A 874 -58.53 2.16 -51.36
C ASP A 874 -58.09 0.73 -51.09
N THR A 875 -56.99 0.56 -50.36
CA THR A 875 -56.42 -0.76 -50.14
C THR A 875 -56.92 -1.33 -48.81
N SER A 876 -57.76 -2.35 -48.88
CA SER A 876 -58.37 -2.93 -47.69
C SER A 876 -57.50 -4.04 -47.08
N VAL A 877 -57.92 -4.50 -45.90
CA VAL A 877 -57.26 -5.60 -45.22
C VAL A 877 -58.25 -6.21 -44.23
N ASN A 878 -58.03 -7.46 -43.88
CA ASN A 878 -58.64 -8.06 -42.71
C ASN A 878 -57.76 -7.78 -41.51
N SER A 879 -58.36 -7.82 -40.32
CA SER A 879 -57.62 -7.51 -39.11
C SER A 879 -56.89 -8.74 -38.59
N ASP A 880 -55.99 -9.31 -39.40
CA ASP A 880 -55.35 -10.57 -39.05
C ASP A 880 -53.84 -10.47 -38.98
N GLU A 881 -53.21 -9.83 -39.96
CA GLU A 881 -51.76 -9.83 -40.08
C GLU A 881 -51.30 -8.39 -40.27
N PRO A 882 -50.35 -7.91 -39.46
CA PRO A 882 -49.90 -6.52 -39.60
C PRO A 882 -49.15 -6.28 -40.91
N GLY A 883 -49.33 -5.08 -41.44
CA GLY A 883 -48.70 -4.70 -42.68
C GLY A 883 -49.00 -3.25 -43.02
N PRO A 884 -48.36 -2.75 -44.08
CA PRO A 884 -48.61 -1.36 -44.48
C PRO A 884 -49.96 -1.19 -45.15
N ILE A 885 -50.67 -0.14 -44.77
CA ILE A 885 -51.91 0.26 -45.42
C ILE A 885 -51.85 1.76 -45.68
N LEU A 886 -52.25 2.18 -46.87
CA LEU A 886 -52.10 3.56 -47.33
C LEU A 886 -53.46 4.18 -47.56
N ALA A 887 -53.56 5.48 -47.28
CA ALA A 887 -54.70 6.31 -47.63
C ALA A 887 -54.19 7.55 -48.36
N THR A 888 -55.10 8.30 -48.96
CA THR A 888 -54.74 9.48 -49.74
C THR A 888 -55.63 10.64 -49.30
N ILE A 889 -55.00 11.72 -48.84
CA ILE A 889 -55.73 12.95 -48.55
C ILE A 889 -56.21 13.56 -49.84
N VAL A 890 -57.51 13.87 -49.91
CA VAL A 890 -58.12 14.26 -51.16
C VAL A 890 -58.64 15.70 -51.15
N THR A 891 -58.63 16.38 -50.00
CA THR A 891 -59.09 17.75 -49.95
C THR A 891 -58.12 18.62 -49.15
N GLY A 892 -58.49 19.88 -48.92
CA GLY A 892 -57.73 20.74 -48.06
C GLY A 892 -56.45 21.25 -48.70
N LYS A 893 -55.53 21.71 -47.84
CA LYS A 893 -54.27 22.26 -48.30
C LYS A 893 -53.35 21.19 -48.88
N LEU A 894 -53.16 20.09 -48.16
CA LEU A 894 -52.28 19.02 -48.61
C LEU A 894 -53.03 18.12 -49.57
N LYS A 895 -52.70 18.23 -50.85
CA LYS A 895 -53.39 17.50 -51.91
C LYS A 895 -52.38 16.61 -52.62
N GLY A 896 -52.81 15.40 -52.95
CA GLY A 896 -51.91 14.42 -53.52
C GLY A 896 -51.07 13.70 -52.49
N SER A 897 -51.28 14.02 -51.21
CA SER A 897 -50.50 13.41 -50.15
C SER A 897 -51.08 12.06 -49.78
N LYS A 898 -50.20 11.14 -49.39
CA LYS A 898 -50.62 9.80 -49.00
C LYS A 898 -49.99 9.45 -47.64
N LEU A 899 -50.49 8.39 -47.04
CA LEU A 899 -50.20 8.12 -45.63
C LEU A 899 -50.26 6.62 -45.39
N ILE A 900 -49.12 6.05 -44.99
CA ILE A 900 -49.00 4.63 -44.69
C ILE A 900 -48.95 4.44 -43.19
N GLY A 901 -49.56 3.36 -42.72
CA GLY A 901 -49.55 2.97 -41.34
C GLY A 901 -49.98 1.53 -41.19
N SER A 902 -50.55 1.17 -40.06
CA SER A 902 -51.04 -0.19 -39.84
C SER A 902 -52.25 -0.12 -38.93
N PHE A 903 -52.66 -1.27 -38.40
CA PHE A 903 -53.83 -1.35 -37.55
C PHE A 903 -53.41 -1.84 -36.16
N ASN A 904 -54.39 -1.84 -35.25
CA ASN A 904 -54.22 -2.37 -33.92
C ASN A 904 -55.42 -3.25 -33.60
N LEU A 905 -55.20 -4.22 -32.74
CA LEU A 905 -56.25 -5.18 -32.47
C LEU A 905 -56.85 -4.97 -31.10
N PRO A 906 -58.13 -4.62 -31.02
CA PRO A 906 -58.81 -4.56 -29.73
C PRO A 906 -59.19 -5.95 -29.23
N SER A 907 -59.45 -6.03 -27.92
CA SER A 907 -59.88 -7.28 -27.31
C SER A 907 -61.25 -7.72 -27.79
N ASN A 908 -62.17 -6.78 -27.93
CA ASN A 908 -63.49 -7.06 -28.49
C ASN A 908 -63.63 -6.29 -29.80
N ALA A 909 -64.39 -6.87 -30.73
CA ALA A 909 -64.47 -6.36 -32.10
C ALA A 909 -65.57 -5.33 -32.28
N ASP A 910 -65.94 -4.60 -31.22
CA ASP A 910 -67.00 -3.61 -31.27
C ASP A 910 -66.60 -2.32 -31.97
N LYS A 911 -65.29 -2.08 -32.14
CA LYS A 911 -64.81 -0.95 -32.92
C LYS A 911 -63.42 -1.28 -33.43
N MET A 912 -62.99 -0.52 -34.43
CA MET A 912 -61.70 -0.76 -35.04
C MET A 912 -61.16 0.54 -35.62
N VAL A 913 -59.89 0.82 -35.32
CA VAL A 913 -59.25 2.07 -35.71
C VAL A 913 -57.95 1.75 -36.42
N ILE A 914 -57.44 2.72 -37.17
CA ILE A 914 -56.23 2.58 -37.96
C ILE A 914 -55.23 3.61 -37.48
N THR A 915 -54.01 3.17 -37.20
CA THR A 915 -52.92 4.06 -36.81
C THR A 915 -52.26 4.58 -38.09
N PHE A 916 -52.21 5.91 -38.23
CA PHE A 916 -51.71 6.55 -39.45
C PHE A 916 -50.61 7.52 -39.09
N ASN A 917 -49.37 7.17 -39.44
CA ASN A 917 -48.21 7.90 -38.97
C ASN A 917 -47.25 8.32 -40.07
N THR A 918 -47.04 7.50 -41.09
CA THR A 918 -45.97 7.73 -42.06
C THR A 918 -46.56 8.52 -43.22
N MET A 919 -46.36 9.84 -43.20
CA MET A 919 -47.03 10.76 -44.11
C MET A 919 -46.06 11.22 -45.18
N SER A 920 -46.44 11.07 -46.44
CA SER A 920 -45.65 11.53 -47.58
C SER A 920 -46.44 12.58 -48.36
N ILE A 921 -45.81 13.72 -48.59
CA ILE A 921 -46.38 14.83 -49.35
C ILE A 921 -45.64 14.92 -50.67
N PRO A 922 -46.34 14.99 -51.82
CA PRO A 922 -45.63 15.05 -53.10
C PRO A 922 -45.04 16.41 -53.38
N GLY A 923 -44.43 16.56 -54.55
CA GLY A 923 -43.73 17.78 -54.87
C GLY A 923 -42.28 17.69 -54.46
N ALA A 924 -42.02 17.67 -53.15
CA ALA A 924 -40.68 17.52 -52.61
C ALA A 924 -40.53 16.15 -52.00
N GLU A 925 -39.28 15.67 -51.98
CA GLU A 925 -38.92 14.37 -51.42
C GLU A 925 -38.87 14.49 -49.91
N LYS A 926 -40.04 14.38 -49.28
CA LYS A 926 -40.16 14.57 -47.84
C LYS A 926 -40.98 13.43 -47.25
N THR A 927 -40.78 13.20 -45.95
CA THR A 927 -41.57 12.22 -45.21
C THR A 927 -41.74 12.75 -43.79
N ILE A 928 -42.87 13.41 -43.54
CA ILE A 928 -43.18 13.87 -42.19
C ILE A 928 -43.81 12.73 -41.41
N SER A 929 -43.87 12.89 -40.09
CA SER A 929 -44.32 11.80 -39.22
C SER A 929 -45.46 12.23 -38.31
N ILE A 930 -46.48 12.86 -38.87
CA ILE A 930 -47.68 13.18 -38.11
C ILE A 930 -48.44 11.89 -37.86
N SER A 931 -48.68 11.58 -36.59
CA SER A 931 -49.39 10.38 -36.19
C SER A 931 -50.84 10.75 -35.91
N ALA A 932 -51.77 10.05 -36.55
CA ALA A 932 -53.17 10.43 -36.47
C ALA A 932 -54.03 9.18 -36.49
N TYR A 933 -55.32 9.35 -36.19
CA TYR A 933 -56.26 8.26 -36.06
C TYR A 933 -57.37 8.38 -37.10
N ALA A 934 -58.36 7.49 -37.01
CA ALA A 934 -59.42 7.39 -38.00
C ALA A 934 -60.79 7.43 -37.34
N ILE A 935 -61.74 8.00 -38.07
CA ILE A 935 -63.15 8.00 -37.69
C ILE A 935 -63.99 7.64 -38.90
N ASP A 936 -65.11 6.97 -38.66
CA ASP A 936 -66.00 6.51 -39.73
C ASP A 936 -66.71 7.70 -40.36
N PRO A 937 -66.55 7.92 -41.67
CA PRO A 937 -67.29 9.00 -42.33
C PRO A 937 -68.78 8.71 -42.39
N ASN A 938 -69.57 9.78 -42.31
CA ASN A 938 -71.03 9.80 -42.24
C ASN A 938 -71.57 9.02 -41.04
N THR A 939 -70.76 8.78 -40.01
CA THR A 939 -71.21 8.10 -38.80
C THR A 939 -70.82 8.91 -37.58
N ALA A 940 -69.63 9.53 -37.65
CA ALA A 940 -68.97 10.24 -36.55
C ALA A 940 -68.84 9.35 -35.32
N ARG A 941 -68.53 8.08 -35.57
CA ARG A 941 -68.31 7.09 -34.52
C ARG A 941 -67.01 6.36 -34.81
N THR A 942 -66.55 5.59 -33.83
CA THR A 942 -65.28 4.88 -33.93
C THR A 942 -65.42 3.42 -34.30
N ALA A 943 -66.64 2.95 -34.56
CA ALA A 943 -66.84 1.55 -34.94
C ALA A 943 -66.43 1.31 -36.39
N LEU A 944 -66.32 0.04 -36.75
CA LEU A 944 -65.97 -0.35 -38.10
C LEU A 944 -67.18 -0.96 -38.80
N ALA A 945 -67.34 -0.63 -40.08
CA ALA A 945 -68.46 -1.13 -40.89
C ALA A 945 -68.09 -2.48 -41.50
N SER A 946 -68.42 -3.55 -40.77
CA SER A 946 -68.23 -4.92 -41.24
C SER A 946 -69.17 -5.82 -40.46
N ARG A 947 -68.93 -7.12 -40.54
CA ARG A 947 -69.69 -8.11 -39.80
C ARG A 947 -68.86 -8.69 -38.67
N THR A 948 -69.53 -9.00 -37.56
CA THR A 948 -68.85 -9.51 -36.38
C THR A 948 -69.34 -10.89 -35.93
N ASN A 949 -70.23 -11.53 -36.68
CA ASN A 949 -70.74 -12.86 -36.36
C ASN A 949 -70.03 -13.94 -37.16
N HIS A 950 -68.72 -13.80 -37.36
CA HIS A 950 -67.99 -14.61 -38.33
C HIS A 950 -67.84 -16.06 -37.89
N HIS A 951 -67.46 -16.30 -36.63
CA HIS A 951 -67.11 -17.65 -36.19
C HIS A 951 -67.74 -17.94 -34.83
N TYR A 952 -69.02 -17.68 -34.67
CA TYR A 952 -69.75 -18.13 -33.49
C TYR A 952 -70.44 -19.46 -33.75
N LEU A 953 -71.28 -19.50 -34.78
CA LEU A 953 -72.21 -20.61 -34.98
C LEU A 953 -71.49 -21.87 -35.42
N MET A 954 -70.35 -21.72 -36.12
CA MET A 954 -69.57 -22.87 -36.55
C MET A 954 -69.03 -23.67 -35.37
N ARG A 955 -68.35 -22.98 -34.45
CA ARG A 955 -67.81 -23.67 -33.28
C ARG A 955 -68.90 -24.07 -32.30
N TYR A 956 -70.00 -23.30 -32.23
CA TYR A 956 -71.15 -23.68 -31.41
C TYR A 956 -71.73 -25.01 -31.87
N GLY A 957 -71.99 -25.15 -33.18
CA GLY A 957 -72.53 -26.38 -33.71
C GLY A 957 -71.57 -27.54 -33.60
N SER A 958 -70.26 -27.27 -33.79
CA SER A 958 -69.26 -28.33 -33.66
C SER A 958 -69.19 -28.87 -32.24
N LEU A 959 -69.14 -27.96 -31.25
CA LEU A 959 -69.06 -28.38 -29.84
C LEU A 959 -70.33 -29.11 -29.42
N PHE A 960 -71.50 -28.59 -29.81
CA PHE A 960 -72.75 -29.21 -29.39
C PHE A 960 -72.96 -30.56 -30.08
N ALA A 961 -72.48 -30.71 -31.31
CA ALA A 961 -72.59 -32.01 -31.99
C ALA A 961 -71.66 -33.04 -31.37
N SER A 962 -70.42 -32.64 -31.03
CA SER A 962 -69.50 -33.56 -30.38
C SER A 962 -70.03 -34.00 -29.01
N SER A 963 -70.60 -33.04 -28.27
CA SER A 963 -71.27 -33.35 -27.01
C SER A 963 -72.39 -34.35 -27.21
N PHE A 964 -73.32 -34.06 -28.14
CA PHE A 964 -74.47 -34.93 -28.40
C PHE A 964 -74.05 -36.34 -28.79
N LEU A 965 -72.93 -36.47 -29.51
CA LEU A 965 -72.37 -37.78 -29.83
C LEU A 965 -71.94 -38.52 -28.56
N GLN A 966 -71.18 -37.83 -27.68
CA GLN A 966 -70.74 -38.44 -26.43
C GLN A 966 -71.92 -38.88 -25.57
N GLY A 967 -72.92 -38.01 -25.46
CA GLY A 967 -74.10 -38.31 -24.69
C GLY A 967 -74.89 -39.47 -25.26
N PHE A 968 -74.93 -39.57 -26.59
CA PHE A 968 -75.71 -40.63 -27.23
C PHE A 968 -75.10 -41.97 -26.95
N GLY A 969 -73.78 -42.07 -27.10
CA GLY A 969 -73.12 -43.32 -26.81
C GLY A 969 -73.24 -43.74 -25.36
N ASN A 970 -72.95 -42.81 -24.43
CA ASN A 970 -72.97 -43.23 -23.02
C ASN A 970 -74.38 -43.53 -22.51
N ALA A 971 -75.36 -42.68 -22.84
CA ALA A 971 -76.69 -42.90 -22.28
C ALA A 971 -77.41 -44.06 -22.94
N PHE A 972 -77.26 -44.24 -24.25
CA PHE A 972 -77.93 -45.39 -24.84
C PHE A 972 -77.12 -46.67 -24.66
N GLN A 973 -75.88 -46.59 -24.18
CA GLN A 973 -75.24 -47.78 -23.64
C GLN A 973 -75.76 -48.07 -22.24
N SER A 974 -76.01 -47.03 -21.45
CA SER A 974 -76.47 -47.22 -20.08
C SER A 974 -77.90 -47.76 -20.03
N ALA A 975 -78.71 -47.42 -21.03
CA ALA A 975 -80.11 -47.83 -21.06
C ALA A 975 -80.31 -49.24 -21.63
N ASN A 976 -79.23 -50.04 -21.74
CA ASN A 976 -79.34 -51.36 -22.33
C ASN A 976 -80.07 -52.35 -21.43
N THR A 977 -79.74 -52.38 -20.13
CA THR A 977 -80.37 -53.35 -19.24
C THR A 977 -81.80 -52.94 -18.89
N THR A 978 -82.02 -51.67 -18.60
CA THR A 978 -83.35 -51.21 -18.24
C THR A 978 -84.14 -50.77 -19.47
N SER A 999 -78.59 -54.39 -32.62
CA SER A 999 -77.45 -54.42 -33.53
C SER A 999 -77.13 -53.01 -34.03
N THR A 1000 -78.05 -52.44 -34.82
CA THR A 1000 -77.81 -51.14 -35.43
C THR A 1000 -77.84 -50.02 -34.39
N LEU A 1001 -78.72 -50.12 -33.40
CA LEU A 1001 -78.73 -49.14 -32.31
C LEU A 1001 -77.46 -49.24 -31.49
N GLU A 1002 -76.95 -50.46 -31.31
CA GLU A 1002 -75.67 -50.67 -30.65
C GLU A 1002 -74.54 -50.05 -31.45
N ASN A 1003 -74.61 -50.13 -32.78
CA ASN A 1003 -73.59 -49.51 -33.62
C ASN A 1003 -73.68 -47.98 -33.59
N ALA A 1004 -74.89 -47.44 -33.43
CA ALA A 1004 -75.03 -46.00 -33.23
C ALA A 1004 -74.39 -45.57 -31.90
N VAL A 1005 -74.62 -46.36 -30.85
CA VAL A 1005 -73.94 -46.16 -29.56
C VAL A 1005 -72.44 -46.19 -29.74
N ILE A 1006 -71.95 -47.15 -30.53
CA ILE A 1006 -70.53 -47.31 -30.83
C ILE A 1006 -69.95 -46.04 -31.47
N GLY A 1007 -70.60 -45.56 -32.52
CA GLY A 1007 -70.02 -44.51 -33.33
C GLY A 1007 -70.02 -43.19 -32.59
N LEU A 1008 -71.15 -42.87 -31.96
CA LEU A 1008 -71.25 -41.59 -31.30
C LEU A 1008 -70.47 -41.59 -29.99
N ALA A 1009 -70.47 -42.75 -29.29
CA ALA A 1009 -69.69 -42.98 -28.06
C ALA A 1009 -68.22 -42.73 -28.26
N THR A 1010 -67.69 -43.09 -29.42
CA THR A 1010 -66.26 -42.89 -29.53
C THR A 1010 -65.85 -41.66 -30.30
N VAL A 1011 -66.64 -41.19 -31.27
CA VAL A 1011 -66.23 -39.98 -31.98
C VAL A 1011 -66.67 -38.71 -31.29
N GLY A 1012 -67.46 -38.80 -30.21
CA GLY A 1012 -67.78 -37.59 -29.47
C GLY A 1012 -66.58 -37.02 -28.72
N LYS A 1013 -65.74 -37.89 -28.16
CA LYS A 1013 -64.77 -37.46 -27.14
C LYS A 1013 -63.63 -36.64 -27.74
N ALA A 1014 -63.03 -37.13 -28.82
CA ALA A 1014 -61.92 -36.42 -29.44
C ALA A 1014 -62.38 -35.12 -30.08
N TRP A 1015 -63.56 -35.14 -30.70
CA TRP A 1015 -64.12 -33.93 -31.24
C TRP A 1015 -64.53 -32.95 -30.14
N SER A 1016 -64.90 -33.46 -28.96
CA SER A 1016 -65.26 -32.59 -27.85
C SER A 1016 -64.03 -31.87 -27.30
N GLN A 1017 -62.93 -32.59 -27.10
CA GLN A 1017 -61.73 -31.93 -26.62
C GLN A 1017 -61.13 -31.02 -27.68
N GLN A 1018 -61.25 -31.38 -28.96
CA GLN A 1018 -60.76 -30.48 -30.00
C GLN A 1018 -61.65 -29.26 -30.14
N ALA A 1019 -62.95 -29.39 -29.89
CA ALA A 1019 -63.84 -28.23 -29.91
C ALA A 1019 -63.57 -27.30 -28.74
N GLN A 1020 -63.24 -27.86 -27.57
CA GLN A 1020 -62.80 -27.03 -26.45
C GLN A 1020 -61.45 -26.40 -26.75
N GLN A 1021 -60.63 -27.07 -27.57
CA GLN A 1021 -59.36 -26.49 -28.00
C GLN A 1021 -59.57 -25.29 -28.93
N LEU A 1022 -60.44 -25.43 -29.92
CA LEU A 1022 -60.60 -24.41 -30.96
C LEU A 1022 -61.74 -23.43 -30.67
N PHE A 1023 -62.41 -23.55 -29.52
CA PHE A 1023 -63.57 -22.72 -29.25
C PHE A 1023 -63.18 -21.27 -28.97
N ASN A 1024 -61.92 -21.03 -28.66
CA ASN A 1024 -61.41 -19.71 -28.31
C ASN A 1024 -61.13 -18.82 -29.53
N THR A 1025 -61.54 -19.23 -30.73
CA THR A 1025 -61.21 -18.47 -31.94
C THR A 1025 -62.06 -17.21 -32.02
N PRO A 1026 -61.45 -16.04 -32.15
CA PRO A 1026 -62.22 -14.79 -32.16
C PRO A 1026 -62.87 -14.55 -33.52
N THR A 1027 -63.88 -13.69 -33.51
CA THR A 1027 -64.52 -13.22 -34.74
C THR A 1027 -63.81 -11.97 -35.21
N THR A 1028 -63.31 -12.00 -36.44
CA THR A 1028 -62.51 -10.91 -36.96
C THR A 1028 -63.37 -9.82 -37.57
N VAL A 1029 -62.75 -8.65 -37.77
CA VAL A 1029 -63.34 -7.55 -38.52
C VAL A 1029 -62.45 -7.31 -39.74
N GLU A 1030 -63.06 -6.75 -40.79
CA GLU A 1030 -62.34 -6.56 -42.04
C GLU A 1030 -62.90 -5.36 -42.78
N VAL A 1031 -62.04 -4.38 -43.04
CA VAL A 1031 -62.47 -3.17 -43.74
C VAL A 1031 -62.66 -3.47 -45.21
N TYR A 1032 -63.31 -2.54 -45.91
CA TYR A 1032 -63.68 -2.73 -47.30
C TYR A 1032 -62.84 -1.85 -48.21
N SER A 1033 -62.77 -2.23 -49.48
CA SER A 1033 -61.83 -1.65 -50.42
C SER A 1033 -62.34 -0.40 -51.12
N GLY A 1034 -63.53 0.08 -50.76
CA GLY A 1034 -64.07 1.26 -51.41
C GLY A 1034 -64.70 2.25 -50.47
N THR A 1035 -64.17 2.37 -49.26
CA THR A 1035 -64.75 3.23 -48.23
C THR A 1035 -63.83 4.41 -48.01
N GLY A 1036 -64.40 5.60 -47.87
CA GLY A 1036 -63.66 6.77 -47.46
C GLY A 1036 -63.38 6.73 -45.97
N LEU A 1037 -62.63 7.73 -45.52
CA LEU A 1037 -62.31 7.82 -44.10
C LEU A 1037 -62.10 9.27 -43.70
N GLY A 1038 -62.22 9.51 -42.38
CA GLY A 1038 -61.90 10.78 -41.79
C GLY A 1038 -60.75 10.62 -40.83
N ILE A 1039 -59.86 11.62 -40.84
CA ILE A 1039 -58.63 11.59 -40.05
C ILE A 1039 -58.63 12.79 -39.13
N LEU A 1040 -58.56 12.53 -37.82
CA LEU A 1040 -58.40 13.60 -36.84
C LEU A 1040 -56.93 13.65 -36.42
N PHE A 1041 -56.39 14.86 -36.39
CA PHE A 1041 -54.97 15.05 -36.11
C PHE A 1041 -54.70 15.04 -34.61
N THR A 1042 -53.43 14.84 -34.28
CA THR A 1042 -52.98 14.81 -32.89
C THR A 1042 -51.96 15.89 -32.59
N GLN A 1043 -50.94 16.04 -33.43
CA GLN A 1043 -49.88 17.01 -33.22
C GLN A 1043 -49.82 17.95 -34.41
N ASP A 1044 -49.02 19.00 -34.26
CA ASP A 1044 -48.81 19.97 -35.32
C ASP A 1044 -47.65 19.53 -36.22
N VAL A 1045 -47.61 20.10 -37.42
CA VAL A 1045 -46.50 19.94 -38.35
C VAL A 1045 -46.07 21.33 -38.82
N THR A 1046 -45.15 21.35 -39.77
CA THR A 1046 -44.69 22.61 -40.35
C THR A 1046 -44.63 22.54 -41.87
N MET B 23 -117.36 62.90 -34.54
CA MET B 23 -116.98 64.30 -34.51
C MET B 23 -115.51 64.46 -34.15
N LYS B 24 -114.71 63.49 -34.60
CA LYS B 24 -113.31 63.41 -34.18
C LYS B 24 -112.49 64.51 -34.84
N PHE B 25 -111.28 64.70 -34.32
CA PHE B 25 -110.42 65.79 -34.71
C PHE B 25 -109.18 65.25 -35.42
N LYS B 26 -108.82 65.89 -36.53
CA LYS B 26 -107.65 65.49 -37.28
C LYS B 26 -106.91 66.72 -37.79
N LYS B 27 -105.61 66.74 -37.60
CA LYS B 27 -104.78 67.71 -38.27
C LYS B 27 -104.58 67.29 -39.73
N PRO B 28 -104.40 68.25 -40.62
CA PRO B 28 -104.37 67.95 -42.08
C PRO B 28 -103.23 67.03 -42.50
N PRO B 29 -101.91 67.33 -42.22
CA PRO B 29 -100.87 66.67 -43.01
C PRO B 29 -100.65 65.21 -42.67
N ILE B 30 -101.02 64.33 -43.60
CA ILE B 30 -100.87 62.89 -43.44
C ILE B 30 -99.93 62.40 -44.53
N ASN B 31 -98.90 61.65 -44.14
CA ASN B 31 -98.00 61.07 -45.11
C ASN B 31 -97.71 59.62 -44.80
N ASN B 32 -96.80 59.04 -45.56
CA ASN B 32 -96.25 57.75 -45.22
C ASN B 32 -95.32 57.89 -44.03
N PRO B 33 -95.12 56.82 -43.26
CA PRO B 33 -94.11 56.87 -42.19
C PRO B 33 -92.71 57.05 -42.73
N SER B 34 -91.88 57.72 -41.96
CA SER B 34 -90.55 58.10 -42.37
C SER B 34 -89.50 57.20 -41.71
N ASP B 35 -88.24 57.57 -41.87
CA ASP B 35 -87.13 56.83 -41.28
C ASP B 35 -86.18 57.80 -40.59
N ASP B 36 -85.57 57.31 -39.50
CA ASP B 36 -84.65 58.12 -38.71
C ASP B 36 -83.42 58.51 -39.50
N ALA B 37 -82.98 57.67 -40.44
CA ALA B 37 -81.90 58.05 -41.33
C ALA B 37 -82.27 59.24 -42.18
N THR B 38 -83.49 59.26 -42.70
CA THR B 38 -83.99 60.40 -43.44
C THR B 38 -84.13 61.63 -42.55
N ILE B 39 -84.46 61.42 -41.27
CA ILE B 39 -84.52 62.52 -40.32
C ILE B 39 -83.14 63.16 -40.15
N LYS B 40 -82.12 62.32 -39.97
CA LYS B 40 -80.76 62.82 -39.84
C LYS B 40 -80.27 63.45 -41.13
N LEU B 41 -80.75 62.94 -42.27
CA LEU B 41 -80.44 63.53 -43.56
C LEU B 41 -80.99 64.95 -43.65
N ALA B 42 -82.24 65.15 -43.19
CA ALA B 42 -82.83 66.48 -43.17
C ALA B 42 -82.09 67.41 -42.21
N GLU B 43 -81.67 66.86 -41.06
CA GLU B 43 -80.95 67.66 -40.07
C GLU B 43 -79.59 68.12 -40.60
N ALA B 44 -78.93 67.28 -41.37
CA ALA B 44 -77.68 67.72 -42.02
C ALA B 44 -77.98 68.72 -43.13
N ALA B 45 -79.04 68.46 -43.90
CA ALA B 45 -79.30 69.23 -45.11
C ALA B 45 -79.70 70.66 -44.81
N VAL B 46 -80.42 70.89 -43.70
CA VAL B 46 -80.83 72.25 -43.38
C VAL B 46 -79.62 73.12 -43.07
N SER B 47 -78.65 72.57 -42.33
CA SER B 47 -77.45 73.34 -42.00
C SER B 47 -76.57 73.54 -43.20
N VAL B 48 -76.47 72.53 -44.07
CA VAL B 48 -75.68 72.67 -45.30
C VAL B 48 -76.29 73.73 -46.21
N SER B 49 -77.62 73.74 -46.31
CA SER B 49 -78.32 74.73 -47.13
C SER B 49 -78.15 76.13 -46.56
N ASP B 50 -78.18 76.26 -45.24
CA ASP B 50 -77.95 77.56 -44.62
C ASP B 50 -76.53 78.05 -44.88
N SER B 51 -75.56 77.14 -44.80
CA SER B 51 -74.16 77.48 -45.07
C SER B 51 -73.98 77.95 -46.50
N MET B 52 -74.59 77.25 -47.46
CA MET B 52 -74.47 77.68 -48.84
C MET B 52 -75.25 78.96 -49.11
N LEU B 53 -76.35 79.19 -48.40
CA LEU B 53 -77.12 80.41 -48.55
C LEU B 53 -76.31 81.62 -48.12
N GLU B 54 -75.72 81.54 -46.93
CA GLU B 54 -74.87 82.65 -46.48
C GLU B 54 -73.59 82.74 -47.29
N MET B 55 -73.13 81.61 -47.86
CA MET B 55 -71.97 81.63 -48.73
C MET B 55 -72.21 82.43 -49.99
N ALA B 56 -73.33 82.15 -50.67
CA ALA B 56 -73.68 82.87 -51.88
C ALA B 56 -73.99 84.33 -51.58
N LYS B 57 -74.63 84.59 -50.43
CA LYS B 57 -74.93 85.97 -50.03
C LYS B 57 -73.64 86.78 -49.83
N VAL B 58 -72.69 86.21 -49.10
CA VAL B 58 -71.45 86.93 -48.82
C VAL B 58 -70.62 87.08 -50.09
N GLU B 59 -70.63 86.07 -50.96
CA GLU B 59 -69.88 86.17 -52.21
C GLU B 59 -70.46 87.23 -53.14
N LYS B 60 -71.78 87.30 -53.23
CA LYS B 60 -72.43 88.36 -54.01
C LYS B 60 -72.16 89.73 -53.42
N VAL B 61 -72.06 89.81 -52.08
CA VAL B 61 -71.67 91.06 -51.45
C VAL B 61 -70.26 91.45 -51.83
N ILE B 62 -69.34 90.48 -51.80
CA ILE B 62 -67.92 90.76 -51.98
C ILE B 62 -67.63 91.18 -53.41
N THR B 63 -68.11 90.41 -54.38
CA THR B 63 -67.72 90.83 -55.71
C THR B 63 -68.91 91.37 -56.49
N PRO B 64 -68.72 92.38 -57.31
CA PRO B 64 -69.78 92.84 -58.20
C PRO B 64 -69.74 92.10 -59.53
N PRO B 65 -70.86 91.51 -59.94
CA PRO B 65 -70.90 90.87 -61.26
C PRO B 65 -70.89 91.91 -62.37
N SER B 66 -70.21 91.57 -63.46
CA SER B 66 -70.05 92.50 -64.57
C SER B 66 -70.34 91.83 -65.90
N LYS B 67 -70.20 90.51 -65.97
CA LYS B 67 -70.25 89.79 -67.22
C LYS B 67 -71.44 88.84 -67.26
N ASP B 68 -72.01 88.69 -68.45
CA ASP B 68 -73.12 87.77 -68.67
C ASP B 68 -72.83 86.94 -69.91
N ASN B 69 -73.08 85.64 -69.81
CA ASN B 69 -72.81 84.72 -70.91
C ASN B 69 -73.91 84.72 -71.96
N THR B 70 -75.03 85.39 -71.72
CA THR B 70 -76.06 85.53 -72.74
C THR B 70 -75.55 86.34 -73.93
N LEU B 71 -74.60 87.23 -73.67
CA LEU B 71 -73.91 87.94 -74.76
C LEU B 71 -73.14 86.99 -75.65
N THR B 72 -72.29 86.14 -75.06
CA THR B 72 -71.42 85.32 -75.90
C THR B 72 -72.12 84.09 -76.47
N ILE B 73 -73.19 83.62 -75.87
CA ILE B 73 -74.01 82.62 -76.56
C ILE B 73 -75.45 83.11 -76.61
N PRO B 74 -75.80 83.92 -77.61
CA PRO B 74 -77.21 84.32 -77.78
C PRO B 74 -78.04 83.17 -78.29
N ASN B 75 -79.35 83.33 -78.16
CA ASN B 75 -80.29 82.34 -78.66
C ASN B 75 -80.41 82.43 -80.18
N ALA B 76 -81.19 81.51 -80.74
CA ALA B 76 -81.47 81.49 -82.17
C ALA B 76 -82.78 80.76 -82.40
N TYR B 77 -83.20 80.71 -83.66
CA TYR B 77 -84.31 79.85 -84.03
C TYR B 77 -83.84 78.40 -84.03
N ASN B 78 -84.83 77.49 -84.18
CA ASN B 78 -84.72 76.03 -84.01
C ASN B 78 -83.92 75.64 -82.77
N LEU B 79 -84.12 76.41 -81.70
CA LEU B 79 -83.43 76.22 -80.44
C LEU B 79 -84.43 76.20 -79.30
N GLN B 80 -85.72 76.27 -79.62
CA GLN B 80 -86.75 76.31 -78.61
C GLN B 80 -87.39 74.95 -78.37
N ALA B 81 -86.88 73.91 -79.02
CA ALA B 81 -87.31 72.55 -78.70
C ALA B 81 -86.83 72.20 -77.29
N ARG B 82 -87.71 71.60 -76.51
CA ARG B 82 -87.43 71.44 -75.10
C ARG B 82 -86.70 70.13 -74.84
N ALA B 83 -85.89 70.13 -73.79
CA ALA B 83 -85.02 68.98 -73.49
C ALA B 83 -84.97 68.79 -71.99
N SER B 84 -85.53 67.68 -71.52
CA SER B 84 -85.49 67.30 -70.11
C SER B 84 -84.40 66.25 -69.94
N VAL B 85 -83.49 66.49 -68.99
CA VAL B 85 -82.20 65.81 -69.04
C VAL B 85 -81.71 65.49 -67.64
N ASP B 86 -81.30 64.24 -67.42
CA ASP B 86 -80.54 63.85 -66.23
C ASP B 86 -79.29 63.09 -66.69
N TRP B 87 -78.16 63.79 -66.68
CA TRP B 87 -76.88 63.26 -67.12
C TRP B 87 -75.91 63.27 -65.95
N SER B 88 -75.05 62.25 -65.88
CA SER B 88 -74.19 62.05 -64.73
C SER B 88 -72.79 61.62 -65.17
N GLY B 89 -72.22 62.32 -66.14
CA GLY B 89 -70.90 61.96 -66.61
C GLY B 89 -70.13 63.10 -67.23
N PRO B 90 -69.34 62.78 -68.26
CA PRO B 90 -68.58 63.82 -68.96
C PRO B 90 -69.45 64.65 -69.89
N ILE B 91 -68.83 65.53 -70.66
CA ILE B 91 -69.57 66.54 -71.39
C ILE B 91 -69.60 66.29 -72.89
N GLU B 92 -68.67 65.50 -73.43
CA GLU B 92 -68.46 65.45 -74.88
C GLU B 92 -69.61 64.77 -75.59
N GLU B 93 -69.99 63.59 -75.11
CA GLU B 93 -71.10 62.85 -75.70
C GLU B 93 -72.41 63.61 -75.54
N LEU B 94 -72.55 64.31 -74.41
CA LEU B 94 -73.74 65.10 -74.15
C LEU B 94 -73.88 66.25 -75.15
N THR B 95 -72.79 67.01 -75.36
CA THR B 95 -72.90 68.14 -76.26
C THR B 95 -72.95 67.69 -77.72
N ALA B 96 -72.37 66.53 -78.03
CA ALA B 96 -72.53 66.00 -79.37
C ALA B 96 -73.97 65.59 -79.65
N ARG B 97 -74.62 64.96 -78.66
CA ARG B 97 -76.03 64.62 -78.79
C ARG B 97 -76.90 65.87 -78.90
N ILE B 98 -76.54 66.91 -78.16
CA ILE B 98 -77.27 68.18 -78.21
C ILE B 98 -77.14 68.82 -79.60
N ALA B 99 -75.94 68.84 -80.16
CA ALA B 99 -75.72 69.42 -81.48
C ALA B 99 -76.44 68.61 -82.56
N LYS B 100 -76.45 67.28 -82.42
CA LYS B 100 -77.18 66.43 -83.35
C LYS B 100 -78.67 66.71 -83.30
N ALA B 101 -79.22 66.93 -82.09
CA ALA B 101 -80.62 67.31 -81.98
C ALA B 101 -80.87 68.71 -82.54
N ALA B 102 -79.88 69.60 -82.44
CA ALA B 102 -80.04 70.98 -82.85
C ALA B 102 -79.69 71.21 -84.32
N HIS B 103 -79.30 70.15 -85.05
CA HIS B 103 -79.01 70.19 -86.49
C HIS B 103 -77.87 71.14 -86.82
N PHE B 104 -76.96 71.35 -85.88
CA PHE B 104 -75.88 72.30 -86.06
C PHE B 104 -74.56 71.57 -86.04
N ARG B 105 -73.56 72.17 -86.69
CA ARG B 105 -72.24 71.58 -86.68
C ARG B 105 -71.61 71.76 -85.30
N PHE B 106 -70.75 70.81 -84.94
CA PHE B 106 -70.11 70.80 -83.64
C PHE B 106 -68.60 70.90 -83.80
N ARG B 107 -67.97 71.73 -82.97
CA ARG B 107 -66.55 72.01 -83.10
C ARG B 107 -65.88 71.92 -81.74
N VAL B 108 -64.63 71.46 -81.75
CA VAL B 108 -63.84 71.27 -80.54
C VAL B 108 -62.50 71.99 -80.71
N LEU B 109 -62.09 72.70 -79.66
CA LEU B 109 -60.83 73.43 -79.65
C LEU B 109 -60.04 73.04 -78.41
N GLY B 110 -58.74 72.83 -78.59
CA GLY B 110 -57.88 72.46 -77.50
C GLY B 110 -57.93 70.98 -77.20
N LYS B 111 -57.04 70.57 -76.30
CA LYS B 111 -56.91 69.18 -75.91
C LYS B 111 -57.73 68.90 -74.65
N SER B 112 -58.38 67.76 -74.63
CA SER B 112 -58.96 67.29 -73.38
C SER B 112 -57.84 66.89 -72.44
N PRO B 113 -57.85 67.35 -71.20
CA PRO B 113 -56.78 66.99 -70.26
C PRO B 113 -56.92 65.55 -69.79
N SER B 114 -55.90 65.11 -69.06
CA SER B 114 -55.89 63.75 -68.52
C SER B 114 -56.98 63.55 -67.49
N VAL B 115 -57.22 64.56 -66.65
CA VAL B 115 -58.35 64.50 -65.73
C VAL B 115 -59.60 64.78 -66.56
N PRO B 116 -60.58 63.89 -66.56
CA PRO B 116 -61.82 64.17 -67.29
C PRO B 116 -62.65 65.22 -66.56
N VAL B 117 -63.42 65.97 -67.35
CA VAL B 117 -64.34 66.96 -66.81
C VAL B 117 -65.71 66.33 -66.73
N LEU B 118 -66.28 66.30 -65.52
CA LEU B 118 -67.55 65.64 -65.27
C LEU B 118 -68.58 66.64 -64.79
N ILE B 119 -69.75 66.62 -65.41
CA ILE B 119 -70.82 67.55 -65.09
C ILE B 119 -72.09 66.74 -64.83
N SER B 120 -72.73 66.99 -63.70
CA SER B 120 -74.00 66.37 -63.37
C SER B 120 -75.13 67.37 -63.59
N ILE B 121 -76.18 66.93 -64.25
CA ILE B 121 -77.30 67.79 -64.64
C ILE B 121 -78.59 67.04 -64.40
N SER B 122 -79.55 67.67 -63.71
CA SER B 122 -80.89 67.11 -63.53
C SER B 122 -81.87 68.28 -63.67
N THR B 123 -82.42 68.44 -64.87
CA THR B 123 -83.25 69.59 -65.18
C THR B 123 -84.45 69.18 -66.02
N LYS B 124 -85.50 70.01 -65.91
CA LYS B 124 -86.83 69.72 -66.43
C LYS B 124 -87.12 70.67 -67.61
N ASP B 125 -86.91 70.15 -68.82
CA ASP B 125 -87.39 70.62 -70.13
C ASP B 125 -87.40 72.14 -70.32
N GLU B 126 -86.23 72.75 -70.21
CA GLU B 126 -86.11 74.17 -70.50
C GLU B 126 -85.52 74.36 -71.89
N SER B 127 -85.21 75.62 -72.22
CA SER B 127 -84.68 75.92 -73.54
C SER B 127 -83.23 75.53 -73.67
N LEU B 128 -82.81 75.30 -74.91
CA LEU B 128 -81.46 74.83 -75.20
C LEU B 128 -80.42 75.90 -74.93
N ALA B 129 -80.75 77.17 -75.14
CA ALA B 129 -79.81 78.24 -74.82
C ALA B 129 -79.59 78.34 -73.32
N GLU B 130 -80.65 78.18 -72.53
CA GLU B 130 -80.52 78.12 -71.08
C GLU B 130 -79.70 76.91 -70.66
N ILE B 131 -79.89 75.78 -71.35
CA ILE B 131 -79.10 74.58 -71.07
C ILE B 131 -77.62 74.83 -71.33
N LEU B 132 -77.29 75.47 -72.45
CA LEU B 132 -75.91 75.77 -72.78
C LEU B 132 -75.30 76.76 -71.81
N ARG B 133 -76.06 77.78 -71.41
CA ARG B 133 -75.57 78.76 -70.45
C ARG B 133 -75.28 78.11 -69.09
N ASP B 134 -76.17 77.23 -68.64
CA ASP B 134 -75.95 76.54 -67.39
C ASP B 134 -74.80 75.54 -67.49
N ILE B 135 -74.63 74.90 -68.64
CA ILE B 135 -73.54 73.97 -68.85
C ILE B 135 -72.20 74.70 -68.79
N ASP B 136 -72.12 75.85 -69.45
CA ASP B 136 -70.90 76.65 -69.40
C ASP B 136 -70.66 77.21 -67.99
N TYR B 137 -71.72 77.54 -67.27
CA TYR B 137 -71.58 77.99 -65.89
C TYR B 137 -71.03 76.90 -64.99
N GLN B 138 -71.55 75.67 -65.11
CA GLN B 138 -71.03 74.59 -64.30
C GLN B 138 -69.66 74.13 -64.76
N ALA B 139 -69.33 74.34 -66.04
CA ALA B 139 -67.98 74.11 -66.51
C ALA B 139 -67.01 75.08 -65.85
N GLY B 140 -67.38 76.35 -65.77
CA GLY B 140 -66.56 77.34 -65.10
C GLY B 140 -65.24 77.62 -65.79
N LYS B 141 -64.14 77.41 -65.08
CA LYS B 141 -62.83 77.75 -65.62
C LYS B 141 -62.25 76.66 -66.50
N LYS B 142 -62.89 75.50 -66.59
CA LYS B 142 -62.31 74.39 -67.36
C LYS B 142 -62.49 74.57 -68.86
N ALA B 143 -63.65 75.06 -69.30
CA ALA B 143 -63.91 75.15 -70.73
C ALA B 143 -64.86 76.31 -71.00
N SER B 144 -64.94 76.69 -72.27
CA SER B 144 -65.80 77.78 -72.71
C SER B 144 -66.61 77.34 -73.92
N ILE B 145 -67.78 77.97 -74.06
CA ILE B 145 -68.75 77.62 -75.09
C ILE B 145 -69.00 78.85 -75.94
N HIS B 146 -68.97 78.67 -77.26
CA HIS B 146 -69.38 79.74 -78.17
C HIS B 146 -70.35 79.19 -79.20
N VAL B 147 -71.28 80.04 -79.63
CA VAL B 147 -72.30 79.68 -80.59
C VAL B 147 -72.28 80.71 -81.70
N TYR B 148 -72.16 80.26 -82.94
CA TYR B 148 -72.26 81.13 -84.10
C TYR B 148 -73.47 80.68 -84.89
N PRO B 149 -74.64 81.30 -84.68
CA PRO B 149 -75.87 80.85 -85.33
C PRO B 149 -75.91 81.24 -86.80
N ASN B 150 -75.21 82.32 -87.11
CA ASN B 150 -74.96 82.67 -88.51
C ASN B 150 -74.15 81.59 -89.20
N SER B 151 -73.21 80.99 -88.48
CA SER B 151 -72.46 79.85 -88.98
C SER B 151 -73.09 78.52 -88.63
N GLN B 152 -74.13 78.51 -87.78
CA GLN B 152 -74.83 77.30 -87.32
C GLN B 152 -73.87 76.31 -86.68
N VAL B 153 -72.96 76.82 -85.85
CA VAL B 153 -71.89 76.03 -85.28
C VAL B 153 -71.87 76.24 -83.77
N VAL B 154 -71.91 75.16 -83.01
CA VAL B 154 -71.61 75.18 -81.59
C VAL B 154 -70.14 74.79 -81.43
N GLU B 155 -69.47 75.39 -80.46
CA GLU B 155 -68.04 75.20 -80.33
C GLU B 155 -67.66 75.14 -78.86
N LEU B 156 -66.92 74.11 -78.49
CA LEU B 156 -66.30 73.99 -77.19
C LEU B 156 -64.82 74.35 -77.32
N ARG B 157 -64.28 74.95 -76.26
CA ARG B 157 -62.85 75.20 -76.21
C ARG B 157 -62.33 74.91 -74.81
N TYR B 158 -61.30 74.09 -74.73
CA TYR B 158 -60.71 73.73 -73.45
C TYR B 158 -59.87 74.88 -72.91
N ALA B 159 -59.54 74.78 -71.63
CA ALA B 159 -58.67 75.78 -71.03
C ALA B 159 -57.21 75.41 -71.26
N LYS B 160 -56.42 76.41 -71.65
CA LYS B 160 -54.96 76.28 -71.74
C LYS B 160 -54.40 76.77 -70.41
N ILE B 161 -53.79 75.86 -69.67
CA ILE B 161 -53.26 76.12 -68.34
C ILE B 161 -52.14 75.12 -68.12
N TYR B 162 -51.41 75.28 -67.01
CA TYR B 162 -50.25 74.50 -66.59
C TYR B 162 -49.13 74.65 -67.60
N ARG C 207 -25.35 109.22 -18.99
CA ARG C 207 -24.50 108.45 -19.89
C ARG C 207 -23.78 107.34 -19.13
N ILE C 208 -23.22 106.38 -19.87
CA ILE C 208 -22.46 105.31 -19.25
C ILE C 208 -21.12 105.85 -18.77
N ILE C 209 -20.83 105.64 -17.49
CA ILE C 209 -19.62 106.15 -16.87
C ILE C 209 -18.58 105.03 -16.86
N TYR C 210 -17.36 105.35 -17.30
CA TYR C 210 -16.29 104.38 -17.40
C TYR C 210 -15.30 104.53 -16.26
N TYR C 211 -14.83 103.40 -15.74
CA TYR C 211 -13.74 103.35 -14.77
C TYR C 211 -12.69 102.39 -15.27
N ILE C 212 -11.46 102.58 -14.80
CA ILE C 212 -10.36 101.72 -15.23
C ILE C 212 -10.53 100.33 -14.62
N GLN C 213 -10.41 99.31 -15.45
CA GLN C 213 -10.30 97.93 -14.98
C GLN C 213 -8.87 97.49 -14.84
N ALA C 214 -8.04 97.76 -15.85
CA ALA C 214 -6.61 97.49 -15.80
C ALA C 214 -5.90 98.50 -16.70
N VAL C 215 -4.64 98.76 -16.40
CA VAL C 215 -3.87 99.73 -17.16
C VAL C 215 -2.41 99.29 -17.17
N ILE C 216 -1.85 99.14 -18.36
CA ILE C 216 -0.44 98.80 -18.55
C ILE C 216 0.18 99.92 -19.37
N PRO C 217 1.50 99.97 -19.53
CA PRO C 217 2.07 100.75 -20.63
C PRO C 217 1.62 100.17 -21.97
N GLY C 218 1.21 101.04 -22.88
CA GLY C 218 0.68 100.62 -24.16
C GLY C 218 -0.83 100.47 -24.23
N ARG C 219 -1.38 99.46 -23.56
CA ARG C 219 -2.81 99.20 -23.61
C ARG C 219 -3.49 99.63 -22.31
N ALA C 220 -4.82 99.55 -22.32
CA ALA C 220 -5.61 99.89 -21.15
C ALA C 220 -6.91 99.10 -21.18
N TRP C 221 -7.48 98.89 -20.00
CA TRP C 221 -8.75 98.18 -19.87
C TRP C 221 -9.71 99.01 -19.04
N LEU C 222 -10.92 99.19 -19.56
CA LEU C 222 -11.98 99.93 -18.88
C LEU C 222 -13.20 99.04 -18.78
N ILE C 223 -14.06 99.34 -17.80
CA ILE C 223 -15.31 98.63 -17.62
C ILE C 223 -16.44 99.65 -17.56
N GLY C 224 -17.43 99.49 -18.42
CA GLY C 224 -18.57 100.37 -18.43
C GLY C 224 -19.52 100.08 -17.27
N SER C 225 -20.41 101.03 -17.03
CA SER C 225 -21.38 100.90 -15.96
C SER C 225 -22.55 99.99 -16.32
N ASN C 226 -22.66 99.58 -17.58
CA ASN C 226 -23.73 98.72 -18.04
C ASN C 226 -23.39 97.24 -17.94
N GLY C 227 -22.18 96.90 -17.49
CA GLY C 227 -21.72 95.53 -17.47
C GLY C 227 -20.79 95.17 -18.61
N SER C 228 -20.35 96.14 -19.39
CA SER C 228 -19.44 95.90 -20.51
C SER C 228 -18.03 96.37 -20.16
N THR C 229 -17.05 95.74 -20.82
CA THR C 229 -15.64 96.10 -20.64
C THR C 229 -14.97 96.12 -22.00
N LEU C 230 -13.84 96.81 -22.07
CA LEU C 230 -13.13 96.99 -23.33
C LEU C 230 -11.67 97.26 -23.05
N THR C 231 -10.86 97.14 -24.10
CA THR C 231 -9.45 97.48 -24.07
C THR C 231 -9.17 98.50 -25.16
N VAL C 232 -8.32 99.47 -24.85
CA VAL C 232 -8.03 100.60 -25.72
C VAL C 232 -6.53 100.84 -25.79
N ARG C 233 -6.14 101.62 -26.78
CA ARG C 233 -4.79 102.13 -26.96
C ARG C 233 -4.83 103.66 -26.91
N GLU C 234 -3.70 104.27 -27.25
CA GLU C 234 -3.64 105.73 -27.34
C GLU C 234 -4.53 106.25 -28.45
N GLY C 235 -4.43 105.65 -29.64
CA GLY C 235 -5.29 106.08 -30.72
C GLY C 235 -6.62 105.37 -30.69
N SER C 236 -7.62 105.98 -30.04
CA SER C 236 -8.92 105.36 -29.90
C SER C 236 -9.97 106.45 -29.70
N LYS C 237 -11.19 106.13 -30.13
CA LYS C 237 -12.32 107.04 -30.03
C LYS C 237 -13.41 106.38 -29.19
N ILE C 238 -13.86 107.10 -28.17
CA ILE C 238 -14.94 106.64 -27.31
C ILE C 238 -16.06 107.68 -27.39
N PRO C 239 -17.27 107.31 -27.78
CA PRO C 239 -18.38 108.28 -27.78
C PRO C 239 -18.74 108.70 -26.37
N GLY C 240 -19.10 109.98 -26.23
CA GLY C 240 -19.31 110.58 -24.94
C GLY C 240 -18.06 111.16 -24.32
N TYR C 241 -16.90 110.56 -24.59
CA TYR C 241 -15.62 111.08 -24.12
C TYR C 241 -14.74 111.59 -25.25
N GLY C 242 -15.00 111.19 -26.49
CA GLY C 242 -14.24 111.68 -27.62
C GLY C 242 -13.03 110.82 -27.92
N MET C 243 -11.88 111.44 -28.14
CA MET C 243 -10.65 110.74 -28.46
C MET C 243 -9.76 110.68 -27.23
N VAL C 244 -9.05 109.56 -27.08
CA VAL C 244 -8.17 109.36 -25.94
C VAL C 244 -6.89 110.14 -26.22
N LYS C 245 -6.80 111.35 -25.70
CA LYS C 245 -5.65 112.20 -25.99
C LYS C 245 -4.39 111.72 -25.28
N LEU C 246 -4.52 111.16 -24.08
CA LEU C 246 -3.35 110.73 -23.34
C LEU C 246 -3.77 109.67 -22.31
N ILE C 247 -2.93 108.65 -22.17
CA ILE C 247 -3.06 107.64 -21.13
C ILE C 247 -1.80 107.70 -20.27
N ASP C 248 -1.98 107.80 -18.95
CA ASP C 248 -0.86 107.84 -18.03
C ASP C 248 -0.90 106.60 -17.15
N SER C 249 0.05 105.69 -17.36
CA SER C 249 0.10 104.46 -16.57
C SER C 249 0.47 104.76 -15.12
N LEU C 250 1.41 105.68 -14.91
CA LEU C 250 1.64 106.19 -13.57
C LEU C 250 0.47 107.07 -13.15
N GLN C 251 0.18 107.06 -11.85
CA GLN C 251 -0.83 107.87 -11.17
C GLN C 251 -2.26 107.59 -11.59
N GLY C 252 -2.48 106.58 -12.45
CA GLY C 252 -3.80 106.04 -12.72
C GLY C 252 -4.79 106.97 -13.38
N ARG C 253 -4.35 107.86 -14.26
CA ARG C 253 -5.23 108.80 -14.93
C ARG C 253 -5.24 108.54 -16.42
N ILE C 254 -6.43 108.56 -17.02
CA ILE C 254 -6.58 108.47 -18.47
C ILE C 254 -7.30 109.72 -18.95
N LEU C 255 -6.72 110.43 -19.90
CA LEU C 255 -7.24 111.71 -20.34
C LEU C 255 -7.92 111.56 -21.70
N THR C 256 -9.14 112.09 -21.82
CA THR C 256 -9.84 112.05 -23.09
C THR C 256 -9.99 113.46 -23.66
N SER C 257 -10.52 113.52 -24.89
CA SER C 257 -10.65 114.80 -25.59
C SER C 257 -11.74 115.68 -25.00
N SER C 258 -12.70 115.10 -24.28
CA SER C 258 -13.75 115.88 -23.63
C SER C 258 -13.36 116.36 -22.25
N GLY C 259 -12.06 116.31 -21.92
CA GLY C 259 -11.59 116.79 -20.64
C GLY C 259 -11.85 115.87 -19.48
N GLN C 260 -12.32 114.64 -19.73
CA GLN C 260 -12.61 113.73 -18.65
C GLN C 260 -11.40 112.84 -18.35
N VAL C 261 -11.30 112.46 -17.09
CA VAL C 261 -10.22 111.61 -16.58
C VAL C 261 -10.84 110.30 -16.12
N ILE C 262 -10.55 109.22 -16.83
CA ILE C 262 -10.92 107.89 -16.38
C ILE C 262 -9.97 107.47 -15.27
N LYS C 263 -10.55 106.99 -14.18
CA LYS C 263 -9.80 106.73 -12.94
C LYS C 263 -10.59 105.69 -12.15
N PHE C 264 -9.90 105.05 -11.22
CA PHE C 264 -10.51 104.06 -10.34
C PHE C 264 -11.42 104.75 -9.31
N SER C 265 -12.22 103.94 -8.64
CA SER C 265 -13.06 104.43 -7.57
C SER C 265 -12.25 104.56 -6.28
N GLN C 266 -12.90 105.08 -5.23
CA GLN C 266 -12.28 105.12 -3.91
C GLN C 266 -12.17 103.73 -3.32
N GLU C 267 -13.27 102.97 -3.35
CA GLU C 267 -13.24 101.61 -2.81
C GLU C 267 -12.49 100.67 -3.76
N ASP C 268 -12.63 100.87 -5.06
CA ASP C 268 -11.95 100.04 -6.03
C ASP C 268 -10.60 100.65 -6.44
N SER C 269 -9.80 101.02 -5.43
CA SER C 269 -8.49 101.60 -5.66
C SER C 269 -7.39 100.68 -5.19
N GLN D 791 39.45 115.29 0.59
CA GLN D 791 38.34 114.94 -0.28
C GLN D 791 38.44 113.48 -0.69
N GLN D 792 39.45 112.80 -0.16
CA GLN D 792 39.68 111.38 -0.38
C GLN D 792 38.84 110.51 0.54
N GLU D 793 38.09 111.11 1.46
CA GLU D 793 37.39 110.39 2.52
C GLU D 793 36.17 109.64 2.03
N ILE D 794 35.72 109.90 0.80
CA ILE D 794 34.56 109.17 0.27
C ILE D 794 34.94 107.74 -0.08
N GLN D 795 36.17 107.54 -0.55
CA GLN D 795 36.56 106.25 -1.12
C GLN D 795 36.68 105.17 -0.06
N GLN D 796 37.07 105.53 1.16
CA GLN D 796 37.29 104.53 2.20
C GLN D 796 35.99 103.96 2.76
N ARG D 797 34.92 104.75 2.77
CA ARG D 797 33.64 104.32 3.33
C ARG D 797 32.72 103.71 2.31
N THR D 798 33.27 103.13 1.25
CA THR D 798 32.47 102.74 0.09
C THR D 798 32.08 101.27 0.10
N SER D 799 33.00 100.38 0.46
CA SER D 799 32.79 98.95 0.28
C SER D 799 31.74 98.39 1.23
N ASP D 800 31.61 98.97 2.43
CA ASP D 800 30.66 98.47 3.42
C ASP D 800 29.23 98.67 2.96
N MET D 801 28.90 99.87 2.49
CA MET D 801 27.56 100.11 1.96
C MET D 801 27.40 99.49 0.58
N LEU D 802 28.52 99.26 -0.11
CA LEU D 802 28.48 98.46 -1.33
C LEU D 802 28.04 97.04 -1.04
N THR D 803 28.57 96.45 0.03
CA THR D 803 28.20 95.09 0.38
C THR D 803 26.77 94.98 0.86
N ALA D 804 26.31 95.94 1.67
CA ALA D 804 24.98 95.84 2.27
C ALA D 804 23.89 96.05 1.23
N ALA D 805 24.12 96.93 0.26
CA ALA D 805 23.18 97.08 -0.84
C ALA D 805 23.15 95.84 -1.70
N THR D 806 24.31 95.26 -1.99
CA THR D 806 24.33 93.98 -2.67
C THR D 806 23.86 92.85 -1.76
N GLN D 807 23.92 93.04 -0.44
CA GLN D 807 23.25 92.11 0.46
C GLN D 807 21.73 92.24 0.34
N LEU D 808 21.23 93.47 0.28
CA LEU D 808 19.80 93.68 0.44
C LEU D 808 18.99 93.38 -0.82
N VAL D 809 19.63 93.32 -1.98
CA VAL D 809 18.87 93.18 -3.23
C VAL D 809 18.28 91.78 -3.34
N GLN D 810 19.07 90.74 -3.05
CA GLN D 810 18.60 89.38 -3.22
C GLN D 810 17.59 88.98 -2.15
N ASP D 811 17.51 89.75 -1.06
CA ASP D 811 16.48 89.55 -0.07
C ASP D 811 15.10 89.86 -0.64
N TRP D 812 15.00 90.86 -1.51
CA TRP D 812 13.75 91.11 -2.21
C TRP D 812 13.61 90.30 -3.48
N LYS D 813 14.74 89.87 -4.06
CA LYS D 813 14.69 89.12 -5.32
C LYS D 813 14.06 87.76 -5.12
N GLN D 814 14.42 87.06 -4.05
CA GLN D 814 13.89 85.73 -3.84
C GLN D 814 12.46 85.82 -3.29
N VAL D 815 11.68 84.79 -3.60
CA VAL D 815 10.37 84.61 -3.02
C VAL D 815 10.10 83.12 -2.92
N GLU D 816 9.88 82.64 -1.70
CA GLU D 816 9.65 81.22 -1.50
C GLU D 816 8.18 80.90 -1.75
N THR D 817 7.96 79.77 -2.42
CA THR D 817 6.65 79.41 -2.90
C THR D 817 5.72 79.02 -1.75
N GLN D 818 4.44 79.31 -1.91
CA GLN D 818 3.45 78.92 -0.93
C GLN D 818 3.22 77.42 -0.97
N VAL D 819 2.59 76.90 0.08
CA VAL D 819 2.27 75.49 0.17
C VAL D 819 0.81 75.35 0.57
N TYR D 820 0.06 74.59 -0.23
CA TYR D 820 -1.34 74.31 0.05
C TYR D 820 -1.46 72.93 0.66
N THR D 821 -2.24 72.82 1.73
CA THR D 821 -2.37 71.59 2.47
C THR D 821 -3.68 70.89 2.14
N GLU D 822 -3.78 69.63 2.56
CA GLU D 822 -5.01 68.87 2.45
C GLU D 822 -5.23 68.13 3.76
N GLY D 823 -6.43 68.29 4.33
CA GLY D 823 -6.76 67.70 5.61
C GLY D 823 -7.84 66.64 5.48
N THR D 824 -7.87 65.72 6.44
CA THR D 824 -8.89 64.68 6.50
C THR D 824 -9.23 64.32 7.94
N ALA E 104 48.55 99.78 47.39
CA ALA E 104 48.37 98.76 48.42
C ALA E 104 46.95 98.20 48.39
N GLU E 105 45.97 99.11 48.45
CA GLU E 105 44.57 98.75 48.40
C GLU E 105 43.84 99.31 47.18
N VAL E 106 44.42 100.30 46.49
CA VAL E 106 43.80 100.84 45.29
C VAL E 106 43.89 99.90 44.09
N ILE E 107 44.70 98.84 44.21
CA ILE E 107 44.81 97.81 43.18
C ILE E 107 43.46 97.14 42.95
N ASP E 108 42.73 96.88 44.03
CA ASP E 108 41.42 96.24 43.93
C ASP E 108 40.41 97.16 43.23
N LYS E 109 40.45 98.46 43.54
CA LYS E 109 39.51 99.39 42.92
C LYS E 109 39.81 99.59 41.45
N LYS E 110 41.10 99.71 41.10
CA LYS E 110 41.49 99.83 39.69
C LYS E 110 41.17 98.55 38.94
N ALA E 111 41.32 97.40 39.61
CA ALA E 111 40.95 96.13 39.01
C ALA E 111 39.45 96.05 38.74
N PHE E 112 38.63 96.54 39.67
CA PHE E 112 37.18 96.43 39.47
C PHE E 112 36.69 97.40 38.40
N LYS E 113 37.27 98.61 38.36
CA LYS E 113 36.88 99.53 37.29
C LYS E 113 37.39 99.04 35.93
N ASP E 114 38.54 98.35 35.91
CA ASP E 114 39.00 97.78 34.65
C ASP E 114 38.19 96.55 34.26
N MET E 115 37.65 95.83 35.25
CA MET E 115 36.71 94.75 34.98
C MET E 115 35.45 95.26 34.31
N THR E 116 34.92 96.37 34.83
CA THR E 116 33.74 96.98 34.21
C THR E 116 34.06 97.55 32.84
N ARG E 117 35.28 98.04 32.65
CA ARG E 117 35.71 98.52 31.34
C ARG E 117 35.79 97.37 30.33
N ASN E 118 36.38 96.26 30.72
CA ASN E 118 36.70 95.20 29.76
C ASN E 118 35.55 94.25 29.50
N LEU E 119 34.86 93.81 30.57
CA LEU E 119 33.90 92.72 30.42
C LEU E 119 32.66 93.15 29.66
N TYR E 120 32.07 94.28 30.04
CA TYR E 120 30.84 94.78 29.42
C TYR E 120 31.12 96.18 28.88
N PRO E 121 31.59 96.29 27.64
CA PRO E 121 31.78 97.63 27.05
C PRO E 121 30.49 98.35 26.75
N LEU E 122 29.36 97.64 26.68
CA LEU E 122 28.09 98.23 26.32
C LEU E 122 27.37 98.73 27.56
N ASN E 123 26.96 99.98 27.53
CA ASN E 123 26.01 100.46 28.52
C ASN E 123 24.66 99.80 28.27
N PRO E 124 23.87 99.57 29.32
CA PRO E 124 22.51 99.03 29.12
C PRO E 124 21.61 99.94 28.29
N GLU E 125 21.76 101.25 28.47
CA GLU E 125 21.07 102.22 27.63
C GLU E 125 21.54 102.13 26.18
N GLN E 126 22.83 101.87 25.97
CA GLN E 126 23.34 101.63 24.63
C GLN E 126 22.76 100.36 24.03
N VAL E 127 22.57 99.33 24.86
CA VAL E 127 21.95 98.08 24.41
C VAL E 127 20.52 98.32 23.96
N VAL E 128 19.77 99.09 24.75
CA VAL E 128 18.39 99.42 24.42
C VAL E 128 18.31 100.27 23.15
N LYS E 129 19.23 101.24 23.02
CA LYS E 129 19.25 102.10 21.84
C LYS E 129 19.59 101.32 20.57
N LEU E 130 20.58 100.43 20.64
CA LEU E 130 20.94 99.62 19.49
C LEU E 130 19.82 98.67 19.11
N LYS E 131 19.15 98.09 20.11
CA LYS E 131 18.01 97.22 19.86
C LYS E 131 16.85 97.96 19.19
N GLN E 132 16.56 99.18 19.67
CA GLN E 132 15.48 99.98 19.10
C GLN E 132 15.80 100.41 17.67
N ILE E 133 17.04 100.83 17.41
CA ILE E 133 17.33 101.28 16.05
C ILE E 133 17.50 100.11 15.09
N TYR E 134 17.87 98.93 15.60
CA TYR E 134 17.83 97.72 14.79
C TYR E 134 16.40 97.36 14.43
N GLU E 135 15.49 97.52 15.39
CA GLU E 135 14.07 97.33 15.13
C GLU E 135 13.55 98.31 14.08
N THR E 136 13.97 99.57 14.19
CA THR E 136 13.54 100.59 13.24
C THR E 136 14.09 100.32 11.84
N SER E 137 15.35 99.88 11.75
CA SER E 137 15.97 99.58 10.47
C SER E 137 15.30 98.39 9.80
N GLU E 138 14.99 97.33 10.55
CA GLU E 138 14.34 96.19 9.93
C GLU E 138 12.87 96.48 9.63
N TYR E 139 12.24 97.39 10.38
CA TYR E 139 10.89 97.83 10.04
C TYR E 139 10.88 98.62 8.74
N ALA E 140 11.90 99.46 8.54
CA ALA E 140 12.00 100.19 7.28
C ALA E 140 12.37 99.27 6.12
N LYS E 141 13.14 98.20 6.41
CA LYS E 141 13.44 97.22 5.38
C LYS E 141 12.19 96.44 4.97
N ALA E 142 11.39 96.01 5.95
CA ALA E 142 10.18 95.26 5.66
C ALA E 142 9.02 96.14 5.21
N ALA E 143 9.16 97.46 5.33
CA ALA E 143 8.11 98.36 4.85
C ALA E 143 8.08 98.36 3.33
N THR E 144 6.87 98.22 2.79
CA THR E 144 6.71 98.21 1.34
C THR E 144 6.75 99.64 0.81
N PRO E 145 7.61 99.95 -0.15
CA PRO E 145 7.58 101.27 -0.77
C PRO E 145 6.31 101.47 -1.59
N GLY E 146 5.85 102.72 -1.62
CA GLY E 146 4.63 103.05 -2.33
C GLY E 146 3.38 102.65 -1.57
N THR E 147 2.23 102.94 -2.18
CA THR E 147 1.01 102.57 -1.49
C THR E 147 0.66 101.11 -1.77
N PRO E 148 0.23 100.37 -0.74
CA PRO E 148 -0.14 98.97 -0.93
C PRO E 148 -1.43 98.84 -1.71
N PRO E 149 -1.65 97.71 -2.39
CA PRO E 149 -2.92 97.52 -3.10
C PRO E 149 -4.09 97.34 -2.14
N LYS E 150 -5.26 97.74 -2.60
CA LYS E 150 -6.46 97.67 -1.77
C LYS E 150 -7.07 96.28 -1.86
N PRO E 151 -7.36 95.63 -0.73
CA PRO E 151 -7.99 94.29 -0.77
C PRO E 151 -9.43 94.39 -1.26
N THR E 152 -9.71 93.72 -2.36
CA THR E 152 -11.02 93.77 -2.99
C THR E 152 -11.56 92.35 -3.22
N ALA E 153 -12.83 92.29 -3.60
CA ALA E 153 -13.49 91.03 -3.91
C ALA E 153 -14.40 91.28 -5.11
N THR E 154 -14.08 90.66 -6.23
CA THR E 154 -14.72 90.99 -7.50
C THR E 154 -15.51 89.80 -8.03
N SER E 155 -16.66 90.10 -8.63
CA SER E 155 -17.48 89.10 -9.28
C SER E 155 -17.77 89.55 -10.70
N GLN E 156 -17.63 88.63 -11.65
CA GLN E 156 -17.80 88.93 -13.06
C GLN E 156 -18.57 87.80 -13.72
N PHE E 157 -19.44 88.16 -14.66
CA PHE E 157 -20.13 87.18 -15.48
C PHE E 157 -19.31 86.97 -16.75
N VAL E 158 -18.87 85.73 -16.96
CA VAL E 158 -18.08 85.38 -18.13
C VAL E 158 -18.95 85.41 -19.36
N ASN E 159 -18.61 86.28 -20.30
CA ASN E 159 -19.26 86.31 -21.61
C ASN E 159 -18.36 85.60 -22.61
N LEU E 160 -18.85 84.50 -23.17
CA LEU E 160 -18.06 83.68 -24.08
C LEU E 160 -18.19 84.12 -25.53
N SER E 161 -18.56 85.37 -25.78
CA SER E 161 -18.58 85.88 -27.13
C SER E 161 -17.16 86.08 -27.64
N PRO E 162 -16.89 85.83 -28.92
CA PRO E 162 -15.54 86.07 -29.44
C PRO E 162 -15.18 87.54 -29.52
N GLY E 163 -16.11 88.39 -29.94
CA GLY E 163 -15.87 89.82 -29.99
C GLY E 163 -15.88 90.50 -28.64
N SER E 164 -16.34 89.82 -27.59
CA SER E 164 -16.30 90.38 -26.26
C SER E 164 -14.87 90.45 -25.75
N THR E 165 -14.62 91.42 -24.86
CA THR E 165 -13.30 91.58 -24.29
C THR E 165 -13.04 90.45 -23.29
N PRO E 166 -11.94 89.71 -23.42
CA PRO E 166 -11.70 88.57 -22.53
C PRO E 166 -11.40 89.05 -21.12
N PRO E 167 -11.69 88.23 -20.11
CA PRO E 167 -11.56 88.68 -18.72
C PRO E 167 -10.11 88.83 -18.29
N VAL E 168 -9.79 90.02 -17.78
CA VAL E 168 -8.49 90.35 -17.22
C VAL E 168 -8.65 90.42 -15.71
N ILE E 169 -7.76 89.75 -14.98
CA ILE E 169 -7.87 89.60 -13.54
C ILE E 169 -6.63 90.20 -12.89
N ARG E 170 -6.87 91.12 -11.95
CA ARG E 170 -5.79 91.74 -11.21
C ARG E 170 -5.33 90.83 -10.08
N LEU E 171 -4.01 90.76 -9.89
CA LEU E 171 -3.44 89.86 -8.89
C LEU E 171 -2.51 90.61 -7.95
N SER E 172 -1.81 89.87 -7.10
CA SER E 172 -0.83 90.45 -6.19
C SER E 172 0.29 89.46 -5.97
N GLN E 173 1.53 89.92 -6.13
CA GLN E 173 2.68 89.05 -5.93
C GLN E 173 2.84 88.73 -4.44
N GLY E 174 3.18 87.47 -4.16
CA GLY E 174 3.31 87.03 -2.79
C GLY E 174 2.01 86.67 -2.11
N PHE E 175 0.90 86.68 -2.83
CA PHE E 175 -0.40 86.32 -2.25
C PHE E 175 -1.16 85.48 -3.27
N VAL E 176 -2.18 84.81 -2.76
CA VAL E 176 -2.97 83.89 -3.57
C VAL E 176 -4.21 84.61 -4.06
N SER E 177 -4.69 84.20 -5.23
CA SER E 177 -5.96 84.64 -5.79
C SER E 177 -6.83 83.42 -6.03
N SER E 178 -8.11 83.53 -5.68
CA SER E 178 -9.05 82.42 -5.75
C SER E 178 -10.10 82.71 -6.82
N LEU E 179 -10.03 81.96 -7.92
CA LEU E 179 -11.05 81.99 -8.96
C LEU E 179 -12.08 80.93 -8.63
N VAL E 180 -13.28 81.35 -8.23
CA VAL E 180 -14.36 80.45 -7.88
C VAL E 180 -15.39 80.50 -9.00
N PHE E 181 -15.71 79.33 -9.56
CA PHE E 181 -16.47 79.23 -10.80
C PHE E 181 -17.86 78.70 -10.53
N LEU E 182 -18.87 79.44 -10.98
CA LEU E 182 -20.26 79.00 -10.96
C LEU E 182 -20.84 79.09 -12.36
N ASP E 183 -21.82 78.24 -12.66
CA ASP E 183 -22.39 78.17 -13.98
C ASP E 183 -23.52 79.19 -14.12
N SER E 184 -24.35 79.05 -15.16
CA SER E 184 -25.52 79.91 -15.32
C SER E 184 -26.52 79.68 -14.20
N THR E 185 -26.62 78.46 -13.69
CA THR E 185 -27.47 78.20 -12.54
C THR E 185 -26.82 78.61 -11.23
N GLY E 186 -25.54 79.03 -11.26
CA GLY E 186 -24.83 79.36 -10.05
C GLY E 186 -24.23 78.20 -9.33
N ALA E 187 -24.42 76.98 -9.83
CA ALA E 187 -23.81 75.82 -9.24
C ALA E 187 -22.34 75.74 -9.64
N PRO E 188 -21.47 75.22 -8.76
CA PRO E 188 -20.04 75.14 -9.09
C PRO E 188 -19.77 74.15 -10.21
N TRP E 189 -18.80 74.48 -11.05
CA TRP E 189 -18.47 73.68 -12.21
C TRP E 189 -17.10 73.06 -12.04
N PRO E 190 -16.98 71.74 -11.99
CA PRO E 190 -15.67 71.10 -11.81
C PRO E 190 -14.77 71.28 -13.01
N ILE E 191 -13.46 71.24 -12.75
CA ILE E 191 -12.44 71.56 -13.74
C ILE E 191 -11.86 70.26 -14.28
N ALA E 192 -11.75 70.16 -15.61
CA ALA E 192 -11.05 69.03 -16.21
C ALA E 192 -9.55 69.26 -16.23
N ALA E 193 -9.11 70.34 -16.87
CA ALA E 193 -7.68 70.58 -17.05
C ALA E 193 -7.43 72.07 -17.30
N TYR E 194 -6.16 72.45 -17.20
CA TYR E 194 -5.76 73.80 -17.52
C TYR E 194 -4.38 73.80 -18.16
N ASP E 195 -4.09 74.86 -18.89
CA ASP E 195 -2.75 75.14 -19.39
C ASP E 195 -2.35 76.54 -18.94
N LEU E 196 -1.14 76.65 -18.42
CA LEU E 196 -0.60 77.88 -17.87
C LEU E 196 0.72 78.23 -18.53
N GLY E 197 0.85 79.47 -19.01
CA GLY E 197 2.13 79.98 -19.43
C GLY E 197 2.89 80.61 -18.27
N ASP E 198 4.22 80.45 -18.30
CA ASP E 198 5.18 80.91 -17.31
C ASP E 198 4.86 80.46 -15.89
N PRO E 199 5.10 79.19 -15.56
CA PRO E 199 4.97 78.76 -14.15
C PRO E 199 5.96 79.44 -13.22
N SER E 200 7.10 79.93 -13.75
CA SER E 200 8.02 80.73 -12.95
C SER E 200 7.44 82.09 -12.57
N SER E 201 6.43 82.56 -13.29
CA SER E 201 5.72 83.77 -12.91
C SER E 201 4.40 83.51 -12.20
N PHE E 202 3.82 82.32 -12.36
CA PHE E 202 2.57 82.03 -11.67
C PHE E 202 2.58 80.61 -11.12
N ASN E 203 2.33 80.49 -9.82
CA ASN E 203 2.22 79.20 -9.15
C ASN E 203 0.75 78.86 -8.94
N ILE E 204 0.39 77.62 -9.25
CA ILE E 204 -0.99 77.15 -9.15
C ILE E 204 -1.04 76.01 -8.15
N GLN E 205 -1.94 76.12 -7.17
CA GLN E 205 -2.30 75.02 -6.30
C GLN E 205 -3.67 74.51 -6.72
N TRP E 206 -3.72 73.27 -7.21
CA TRP E 206 -4.96 72.74 -7.78
C TRP E 206 -5.00 71.24 -7.57
N ASP E 207 -5.92 70.79 -6.73
CA ASP E 207 -6.14 69.35 -6.64
C ASP E 207 -7.00 68.89 -7.81
N LYS E 208 -6.97 67.57 -8.03
CA LYS E 208 -7.45 66.96 -9.27
C LYS E 208 -8.95 67.15 -9.47
N THR E 209 -9.74 67.05 -8.41
CA THR E 209 -11.19 67.16 -8.51
C THR E 209 -11.71 68.51 -8.05
N SER E 210 -10.84 69.51 -7.87
CA SER E 210 -11.27 70.81 -7.40
C SER E 210 -11.95 71.61 -8.51
N ASN E 211 -12.84 72.51 -8.09
CA ASN E 211 -13.51 73.41 -9.00
C ASN E 211 -13.10 74.86 -8.81
N THR E 212 -12.43 75.19 -7.71
CA THR E 212 -11.99 76.54 -7.41
C THR E 212 -10.47 76.58 -7.47
N LEU E 213 -9.92 77.55 -8.20
CA LEU E 213 -8.51 77.58 -8.53
C LEU E 213 -7.78 78.62 -7.69
N MET E 214 -6.65 78.23 -7.11
CA MET E 214 -5.81 79.11 -6.32
C MET E 214 -4.51 79.35 -7.07
N ILE E 215 -4.19 80.62 -7.33
CA ILE E 215 -3.06 81.01 -8.15
C ILE E 215 -2.17 81.95 -7.35
N GLN E 216 -0.87 81.65 -7.30
CA GLN E 216 0.10 82.53 -6.67
C GLN E 216 0.85 83.29 -7.73
N ALA E 217 0.86 84.62 -7.62
CA ALA E 217 1.65 85.44 -8.52
C ALA E 217 3.10 85.47 -8.03
N THR E 218 4.02 85.07 -8.90
CA THR E 218 5.43 85.02 -8.56
C THR E 218 6.20 86.22 -9.10
N LYS E 219 5.92 86.62 -10.33
CA LYS E 219 6.58 87.79 -10.90
C LYS E 219 5.91 89.07 -10.43
N LEU E 220 6.62 90.19 -10.61
CA LEU E 220 6.13 91.47 -10.14
C LEU E 220 5.17 92.12 -11.12
N TYR E 221 5.61 92.37 -12.34
CA TYR E 221 4.84 93.14 -13.30
C TYR E 221 4.61 92.42 -14.62
N ASN E 222 4.84 91.11 -14.68
CA ASN E 222 4.77 90.37 -15.93
C ASN E 222 3.40 89.69 -16.03
N TYR E 223 2.59 90.15 -16.97
CA TYR E 223 1.26 89.61 -17.19
C TYR E 223 1.34 88.26 -17.90
N GLY E 224 0.24 87.50 -17.81
CA GLY E 224 0.17 86.19 -18.41
C GLY E 224 -1.23 85.89 -18.90
N ASN E 225 -1.38 84.71 -19.48
CA ASN E 225 -2.68 84.25 -19.94
C ASN E 225 -2.82 82.77 -19.66
N LEU E 226 -4.07 82.32 -19.55
CA LEU E 226 -4.34 80.97 -19.09
C LEU E 226 -5.50 80.37 -19.85
N ALA E 227 -5.46 79.05 -20.02
CA ALA E 227 -6.52 78.30 -20.69
C ALA E 227 -7.14 77.32 -19.70
N VAL E 228 -8.46 77.33 -19.59
CA VAL E 228 -9.19 76.46 -18.68
C VAL E 228 -10.17 75.62 -19.50
N ARG E 229 -10.18 74.32 -19.27
CA ARG E 229 -11.23 73.45 -19.80
C ARG E 229 -11.90 72.75 -18.63
N LEU E 230 -13.22 72.91 -18.53
CA LEU E 230 -13.99 72.20 -17.54
C LEU E 230 -14.46 70.87 -18.12
N ARG E 231 -14.99 70.02 -17.24
CA ARG E 231 -15.39 68.68 -17.66
C ARG E 231 -16.64 68.73 -18.54
N GLY E 232 -17.62 69.53 -18.16
CA GLY E 232 -18.81 69.71 -18.96
C GLY E 232 -18.67 70.75 -20.06
N LEU E 233 -17.49 71.32 -20.24
CA LEU E 233 -17.26 72.41 -21.17
C LEU E 233 -16.63 71.89 -22.45
N ASN E 234 -17.18 72.34 -23.59
CA ASN E 234 -16.60 72.04 -24.89
C ASN E 234 -15.61 73.10 -25.33
N THR E 235 -15.94 74.38 -25.15
CA THR E 235 -15.09 75.49 -25.56
C THR E 235 -14.18 75.91 -24.41
N PRO E 236 -12.87 75.95 -24.62
CA PRO E 236 -11.95 76.40 -23.57
C PRO E 236 -12.12 77.89 -23.29
N VAL E 237 -11.80 78.27 -22.06
CA VAL E 237 -11.93 79.65 -21.60
C VAL E 237 -10.53 80.25 -21.50
N MET E 238 -10.34 81.39 -22.14
CA MET E 238 -9.07 82.08 -22.19
C MET E 238 -9.14 83.31 -21.29
N LEU E 239 -8.24 83.39 -20.32
CA LEU E 239 -8.19 84.50 -19.38
C LEU E 239 -6.84 85.17 -19.46
N THR E 240 -6.78 86.43 -19.03
CA THR E 240 -5.50 87.12 -18.87
C THR E 240 -5.38 87.62 -17.44
N LEU E 241 -4.16 87.54 -16.91
CA LEU E 241 -3.85 87.88 -15.53
C LEU E 241 -2.77 88.95 -15.51
N ILE E 242 -2.94 89.96 -14.65
CA ILE E 242 -2.00 91.05 -14.52
C ILE E 242 -1.57 91.18 -13.07
N PRO E 243 -0.28 91.07 -12.75
CA PRO E 243 0.19 91.28 -11.38
C PRO E 243 0.55 92.74 -11.15
N GLY E 244 0.70 93.07 -9.86
CA GLY E 244 1.12 94.40 -9.47
C GLY E 244 0.13 95.52 -9.76
N GLN E 245 -1.15 95.30 -9.48
CA GLN E 245 -2.14 96.33 -9.68
C GLN E 245 -2.32 97.15 -8.40
N LYS E 246 -3.09 98.24 -8.53
CA LYS E 246 -3.34 99.13 -7.40
C LYS E 246 -4.38 98.57 -6.43
N ALA E 247 -5.03 97.46 -6.76
CA ALA E 247 -5.90 96.77 -5.82
C ALA E 247 -5.75 95.28 -6.04
N VAL E 248 -6.00 94.52 -4.98
CA VAL E 248 -5.83 93.06 -5.00
C VAL E 248 -7.21 92.43 -4.79
N ASP E 249 -7.58 91.55 -5.72
CA ASP E 249 -8.88 90.87 -5.68
C ASP E 249 -8.71 89.57 -4.90
N TYR E 250 -9.26 89.53 -3.68
CA TYR E 250 -9.07 88.36 -2.84
C TYR E 250 -9.88 87.17 -3.32
N ARG E 251 -11.01 87.42 -3.97
CA ARG E 251 -11.76 86.34 -4.61
C ARG E 251 -12.44 86.89 -5.85
N VAL E 252 -12.33 86.15 -6.95
CA VAL E 252 -12.98 86.51 -8.21
C VAL E 252 -14.01 85.44 -8.51
N ASP E 253 -15.26 85.86 -8.63
CA ASP E 253 -16.41 84.97 -8.77
C ASP E 253 -16.84 84.98 -10.24
N LEU E 254 -16.53 83.91 -10.95
CA LEU E 254 -16.77 83.82 -12.38
C LEU E 254 -18.07 83.06 -12.62
N ARG E 255 -19.09 83.77 -13.11
CA ARG E 255 -20.38 83.18 -13.39
C ARG E 255 -20.51 83.01 -14.90
N VAL E 256 -20.42 81.77 -15.37
CA VAL E 256 -20.32 81.50 -16.80
C VAL E 256 -21.72 81.31 -17.39
N GLN E 257 -21.80 81.41 -18.73
CA GLN E 257 -23.09 81.25 -19.41
C GLN E 257 -23.55 79.81 -19.46
N GLY E 258 -22.62 78.85 -19.34
CA GLY E 258 -22.96 77.45 -19.53
C GLY E 258 -23.68 76.84 -18.35
N TYR E 259 -24.11 75.60 -18.54
CA TYR E 259 -24.75 74.82 -17.51
C TYR E 259 -23.77 73.77 -17.00
N GLY E 260 -23.55 73.75 -15.69
CA GLY E 260 -22.71 72.74 -15.09
C GLY E 260 -23.41 71.40 -15.03
N PRO E 261 -22.64 70.37 -14.65
CA PRO E 261 -23.25 69.05 -14.41
C PRO E 261 -24.26 69.06 -13.27
N ASN E 262 -24.05 69.92 -12.28
CA ASN E 262 -25.05 70.23 -11.27
C ASN E 262 -25.97 71.30 -11.84
N ALA E 263 -27.22 70.93 -12.12
CA ALA E 263 -28.16 71.84 -12.76
C ALA E 263 -29.58 71.40 -12.41
N LYS E 264 -30.55 72.06 -13.06
CA LYS E 264 -32.00 71.81 -12.91
C LYS E 264 -32.44 71.93 -11.45
N SER E 265 -31.96 72.96 -10.77
CA SER E 265 -32.46 73.34 -9.46
C SER E 265 -33.19 74.66 -9.46
N MET E 266 -33.08 75.43 -10.55
CA MET E 266 -33.73 76.74 -10.61
C MET E 266 -35.24 76.56 -10.78
N PRO E 267 -36.04 77.41 -10.15
CA PRO E 267 -37.49 77.37 -10.38
C PRO E 267 -37.86 77.85 -11.76
N THR E 268 -38.99 77.34 -12.26
CA THR E 268 -39.51 77.75 -13.55
C THR E 268 -40.12 79.15 -13.45
N GLU E 269 -40.39 79.72 -14.61
CA GLU E 269 -41.02 81.03 -14.67
C GLU E 269 -42.54 80.85 -14.74
N GLU E 270 -43.25 81.96 -14.95
CA GLU E 270 -44.70 81.90 -15.08
C GLU E 270 -45.07 81.32 -16.44
N GLY E 271 -45.78 80.19 -16.41
CA GLY E 271 -46.20 79.52 -17.62
C GLY E 271 -47.50 80.11 -18.14
N ILE E 272 -47.54 80.34 -19.44
CA ILE E 272 -48.77 80.80 -20.09
C ILE E 272 -49.81 79.68 -20.02
N PRO E 273 -51.04 79.97 -19.61
CA PRO E 273 -52.05 78.91 -19.55
C PRO E 273 -52.37 78.38 -20.93
N PRO E 274 -52.68 77.10 -21.04
CA PRO E 274 -52.89 76.49 -22.36
C PRO E 274 -54.23 76.91 -22.95
N SER E 275 -54.37 76.61 -24.24
CA SER E 275 -55.60 76.90 -24.96
C SER E 275 -56.60 75.77 -24.71
N ALA E 276 -57.69 75.78 -25.47
CA ALA E 276 -58.66 74.70 -25.38
C ALA E 276 -58.09 73.42 -25.98
N ASN E 277 -58.65 72.30 -25.56
CA ASN E 277 -58.26 71.01 -26.10
C ASN E 277 -58.71 70.89 -27.55
N ASP E 278 -57.82 70.32 -28.37
CA ASP E 278 -58.08 70.25 -29.81
C ASP E 278 -59.18 69.26 -30.17
N LEU E 279 -59.42 68.25 -29.32
CA LEU E 279 -60.50 67.32 -29.60
C LEU E 279 -61.87 67.93 -29.35
N LEU E 280 -61.95 69.07 -28.67
CA LEU E 280 -63.22 69.74 -28.44
C LEU E 280 -63.83 70.23 -29.73
N LEU E 281 -63.01 70.58 -30.72
CA LEU E 281 -63.52 70.90 -32.06
C LEU E 281 -64.18 69.69 -32.69
N HIS E 282 -63.57 68.52 -32.54
CA HIS E 282 -64.15 67.31 -33.11
C HIS E 282 -65.42 66.92 -32.37
N VAL E 283 -65.46 67.15 -31.06
CA VAL E 283 -66.67 66.93 -30.29
C VAL E 283 -67.77 67.88 -30.73
N LEU E 284 -67.40 69.14 -30.97
CA LEU E 284 -68.35 70.16 -31.37
C LEU E 284 -68.95 69.85 -32.74
N GLU E 285 -68.13 69.32 -33.65
CA GLU E 285 -68.65 68.96 -34.96
C GLU E 285 -69.29 67.57 -34.98
N GLY E 286 -69.05 66.74 -33.97
CA GLY E 286 -69.74 65.47 -33.81
C GLY E 286 -68.83 64.26 -33.70
N VAL E 287 -67.68 64.29 -34.35
CA VAL E 287 -66.83 63.09 -34.42
C VAL E 287 -66.10 62.86 -33.10
N PRO E 288 -66.26 61.70 -32.49
CA PRO E 288 -65.55 61.43 -31.23
C PRO E 288 -64.06 61.27 -31.49
N PRO E 289 -63.22 61.58 -30.50
CA PRO E 289 -61.78 61.41 -30.68
C PRO E 289 -61.41 59.95 -30.76
N PRO E 290 -60.32 59.61 -31.45
CA PRO E 290 -59.91 58.21 -31.55
C PRO E 290 -59.44 57.66 -30.21
N GLY E 291 -59.70 56.37 -30.02
CA GLY E 291 -59.40 55.70 -28.78
C GLY E 291 -60.48 55.77 -27.74
N SER E 292 -61.38 56.74 -27.83
CA SER E 292 -62.51 56.85 -26.93
C SER E 292 -63.56 55.82 -27.28
N ARG E 293 -64.47 55.57 -26.34
CA ARG E 293 -65.55 54.62 -26.56
C ARG E 293 -66.87 55.29 -26.23
N ARG E 294 -67.95 54.59 -26.60
CA ARG E 294 -69.29 55.17 -26.55
C ARG E 294 -69.79 55.27 -25.12
N LEU E 295 -70.54 56.33 -24.85
CA LEU E 295 -71.26 56.50 -23.60
C LEU E 295 -72.74 56.69 -23.89
N VAL E 296 -73.58 55.99 -23.13
CA VAL E 296 -75.02 55.99 -23.34
C VAL E 296 -75.64 57.04 -22.44
N VAL E 297 -76.36 57.98 -23.02
CA VAL E 297 -76.98 59.09 -22.30
C VAL E 297 -78.49 58.94 -22.41
N SER E 298 -79.18 59.12 -21.29
CA SER E 298 -80.63 58.95 -21.25
C SER E 298 -81.28 60.18 -20.64
N GLY E 299 -82.54 60.39 -21.00
CA GLY E 299 -83.33 61.47 -20.46
C GLY E 299 -83.30 62.75 -21.25
N GLY E 300 -82.50 62.83 -22.31
CA GLY E 300 -82.41 64.07 -23.05
C GLY E 300 -81.62 63.89 -24.32
N ASP E 301 -81.25 65.02 -24.92
CA ASP E 301 -80.53 65.03 -26.19
C ASP E 301 -79.12 65.55 -25.95
N ALA E 302 -78.20 64.63 -25.74
CA ALA E 302 -76.79 64.94 -25.61
C ALA E 302 -75.99 63.69 -25.97
N ARG E 303 -74.79 63.90 -26.47
CA ARG E 303 -73.92 62.79 -26.83
C ARG E 303 -72.59 62.94 -26.08
N ALA E 304 -72.13 61.85 -25.46
CA ALA E 304 -70.95 61.89 -24.62
C ALA E 304 -70.02 60.73 -24.94
N TRP E 305 -68.74 60.94 -24.65
CA TRP E 305 -67.71 59.92 -24.83
C TRP E 305 -66.66 60.07 -23.74
N LEU E 306 -65.88 59.01 -23.56
CA LEU E 306 -64.88 58.92 -22.50
C LEU E 306 -63.53 58.57 -23.10
N SER E 307 -62.51 59.38 -22.84
CA SER E 307 -61.22 59.18 -23.50
C SER E 307 -60.10 58.80 -22.53
N ASN E 308 -59.80 59.65 -21.55
CA ASN E 308 -58.62 59.53 -20.71
C ASN E 308 -58.99 59.70 -19.26
N GLU E 309 -59.98 58.93 -18.83
CA GLU E 309 -60.91 59.22 -17.73
C GLU E 309 -61.28 60.70 -17.70
N LYS E 310 -61.65 61.19 -18.89
CA LYS E 310 -62.16 62.52 -19.10
C LYS E 310 -63.30 62.38 -20.10
N MET E 311 -64.44 62.97 -19.76
CA MET E 311 -65.63 62.83 -20.58
C MET E 311 -65.88 64.11 -21.36
N TYR E 312 -66.48 63.92 -22.53
CA TYR E 312 -66.72 64.98 -23.50
C TYR E 312 -68.16 64.87 -23.93
N VAL E 313 -68.95 65.89 -23.61
CA VAL E 313 -70.37 65.87 -23.92
C VAL E 313 -70.67 66.98 -24.91
N ARG E 314 -71.80 66.81 -25.60
CA ARG E 314 -72.22 67.69 -26.68
C ARG E 314 -73.72 67.85 -26.58
N THR E 315 -74.17 69.11 -26.41
CA THR E 315 -75.59 69.41 -26.31
C THR E 315 -75.79 70.88 -26.59
N ASN E 316 -77.02 71.26 -26.88
CA ASN E 316 -77.38 72.67 -26.93
C ASN E 316 -78.06 73.12 -25.64
N LEU E 317 -77.97 72.30 -24.59
CA LEU E 317 -78.56 72.63 -23.30
C LEU E 317 -77.51 73.31 -22.41
N THR E 318 -77.82 73.48 -21.14
CA THR E 318 -76.92 74.12 -20.19
C THR E 318 -76.74 73.22 -18.97
N ILE E 319 -75.49 72.88 -18.66
CA ILE E 319 -75.15 72.00 -17.56
C ILE E 319 -75.01 72.84 -16.28
N LEU E 320 -75.45 72.28 -15.16
CA LEU E 320 -75.42 73.01 -13.89
C LEU E 320 -74.45 72.42 -12.87
N SER E 321 -74.60 71.13 -12.53
CA SER E 321 -74.03 70.63 -11.29
C SER E 321 -72.51 70.46 -11.26
N PRO E 322 -71.90 69.57 -12.04
CA PRO E 322 -70.62 68.98 -11.58
C PRO E 322 -69.40 69.87 -11.76
N GLY E 323 -69.47 70.92 -12.58
CA GLY E 323 -68.29 71.70 -12.85
C GLY E 323 -67.48 71.08 -13.96
N TRP E 324 -67.20 71.83 -15.01
CA TRP E 324 -66.54 71.30 -16.19
C TRP E 324 -65.16 71.90 -16.31
N LEU E 325 -64.26 71.16 -16.96
CA LEU E 325 -62.92 71.68 -17.17
C LEU E 325 -62.91 72.74 -18.27
N ALA E 326 -63.63 72.50 -19.37
CA ALA E 326 -63.64 73.48 -20.44
C ALA E 326 -64.96 73.41 -21.19
N SER E 327 -65.33 74.52 -21.80
CA SER E 327 -66.59 74.64 -22.52
C SER E 327 -66.37 75.47 -23.78
N MET E 328 -66.93 75.01 -24.90
CA MET E 328 -66.85 75.74 -26.16
C MET E 328 -68.21 75.70 -26.85
N THR E 329 -68.37 76.57 -27.84
CA THR E 329 -69.65 76.75 -28.50
C THR E 329 -69.49 76.74 -30.02
N SER E 330 -70.55 76.31 -30.69
CA SER E 330 -70.65 76.37 -32.14
C SER E 330 -71.36 77.66 -32.55
N ALA E 331 -71.41 77.88 -33.87
CA ALA E 331 -72.15 79.02 -34.40
C ALA E 331 -73.65 78.88 -34.23
N ASP E 332 -74.14 77.66 -34.04
CA ASP E 332 -75.55 77.43 -33.73
C ASP E 332 -75.82 77.43 -32.24
N GLY E 333 -74.84 77.73 -31.42
CA GLY E 333 -75.02 77.76 -29.98
C GLY E 333 -74.87 76.42 -29.30
N THR E 334 -74.61 75.35 -30.04
CA THR E 334 -74.43 74.04 -29.43
C THR E 334 -73.08 74.00 -28.70
N HIS E 335 -73.13 73.65 -27.42
CA HIS E 335 -71.97 73.64 -26.56
C HIS E 335 -71.37 72.25 -26.47
N ALA E 336 -70.07 72.22 -26.23
CA ALA E 336 -69.33 71.01 -25.95
C ALA E 336 -68.56 71.22 -24.66
N TYR E 337 -68.54 70.18 -23.83
CA TYR E 337 -67.93 70.27 -22.51
C TYR E 337 -66.92 69.15 -22.30
N GLU E 338 -65.77 69.51 -21.75
CA GLU E 338 -64.80 68.56 -21.24
C GLU E 338 -64.81 68.63 -19.72
N MET E 339 -64.98 67.48 -19.08
CA MET E 339 -65.12 67.42 -17.63
C MET E 339 -64.70 66.03 -17.14
N GLN E 340 -64.90 65.81 -15.86
CA GLN E 340 -64.60 64.54 -15.22
C GLN E 340 -65.85 63.66 -15.20
N LYS E 341 -65.63 62.37 -14.93
CA LYS E 341 -66.70 61.40 -14.97
C LYS E 341 -67.70 61.62 -13.83
N SER E 342 -68.98 61.59 -14.17
CA SER E 342 -70.06 61.71 -13.19
C SER E 342 -71.32 61.08 -13.76
N PRO E 343 -72.00 60.23 -13.00
CA PRO E 343 -73.11 59.46 -13.58
C PRO E 343 -74.41 60.24 -13.70
N VAL E 344 -74.56 61.35 -12.98
CA VAL E 344 -75.81 62.08 -12.95
C VAL E 344 -75.51 63.55 -13.25
N LEU E 345 -76.24 64.11 -14.20
CA LEU E 345 -76.10 65.51 -14.58
C LEU E 345 -77.35 66.30 -14.22
N LEU E 346 -77.15 67.56 -13.86
CA LEU E 346 -78.24 68.48 -13.58
C LEU E 346 -78.21 69.58 -14.63
N VAL E 347 -79.34 69.80 -15.29
CA VAL E 347 -79.42 70.73 -16.41
C VAL E 347 -80.70 71.56 -16.29
N SER E 348 -80.72 72.66 -17.04
CA SER E 348 -81.92 73.47 -17.21
C SER E 348 -82.36 73.38 -18.66
N TRP E 349 -83.62 73.02 -18.86
CA TRP E 349 -84.13 72.74 -20.21
C TRP E 349 -84.76 73.99 -20.81
N HIS E 350 -85.81 74.51 -20.17
CA HIS E 350 -86.43 75.75 -20.57
C HIS E 350 -86.90 76.50 -19.33
N GLY E 351 -85.99 76.67 -18.38
CA GLY E 351 -86.34 77.22 -17.09
C GLY E 351 -86.79 76.18 -16.10
N LYS E 352 -86.71 74.90 -16.45
CA LYS E 352 -87.05 73.81 -15.57
C LYS E 352 -85.83 72.91 -15.42
N VAL E 353 -85.65 72.36 -14.23
CA VAL E 353 -84.45 71.60 -13.91
C VAL E 353 -84.71 70.12 -14.16
N MET E 354 -83.79 69.48 -14.87
CA MET E 354 -83.88 68.07 -15.19
C MET E 354 -82.58 67.37 -14.77
N GLN E 355 -82.68 66.05 -14.65
CA GLN E 355 -81.53 65.20 -14.34
C GLN E 355 -81.30 64.24 -15.51
N LEU E 356 -80.04 63.92 -15.76
CA LEU E 356 -79.64 63.14 -16.92
C LEU E 356 -78.72 61.99 -16.50
N LYS E 357 -78.83 60.89 -17.23
CA LYS E 357 -78.12 59.65 -16.92
C LYS E 357 -76.88 59.50 -17.79
N VAL E 358 -75.80 59.02 -17.19
CA VAL E 358 -74.56 58.71 -17.88
C VAL E 358 -74.26 57.23 -17.64
N GLU E 359 -74.15 56.47 -18.71
CA GLU E 359 -73.99 55.03 -18.61
C GLU E 359 -72.66 54.59 -19.20
N GLY E 360 -72.32 53.33 -18.95
CA GLY E 360 -71.06 52.76 -19.40
C GLY E 360 -69.89 53.05 -18.51
N LEU E 361 -70.11 53.68 -17.36
CA LEU E 361 -69.02 54.01 -16.44
C LEU E 361 -68.59 52.79 -15.63
N VAL F 38 -73.17 34.12 -60.72
CA VAL F 38 -74.43 33.98 -61.44
C VAL F 38 -75.67 33.71 -60.52
N PRO F 39 -75.55 32.92 -59.43
CA PRO F 39 -76.62 32.98 -58.41
C PRO F 39 -76.72 34.34 -57.75
N LYS F 40 -75.61 35.06 -57.61
CA LYS F 40 -75.61 36.42 -57.09
C LYS F 40 -75.64 37.46 -58.20
N LEU F 41 -76.08 37.09 -59.39
CA LEU F 41 -76.18 37.97 -60.53
C LEU F 41 -77.57 37.86 -61.14
N PRO F 42 -78.06 38.92 -61.78
CA PRO F 42 -79.37 38.85 -62.44
C PRO F 42 -79.31 37.96 -63.68
N CYS F 43 -80.28 37.04 -63.78
CA CYS F 43 -80.38 36.20 -64.97
C CYS F 43 -80.84 37.01 -66.17
N ARG F 44 -81.80 37.91 -65.97
CA ARG F 44 -82.34 38.74 -67.02
C ARG F 44 -82.41 40.18 -66.52
N VAL F 45 -82.91 41.07 -67.37
CA VAL F 45 -83.21 42.43 -66.93
C VAL F 45 -84.53 42.40 -66.16
N ASP F 46 -84.62 43.22 -65.11
CA ASP F 46 -85.78 43.22 -64.24
C ASP F 46 -87.00 43.77 -64.95
N GLY F 47 -88.15 43.11 -64.72
CA GLY F 47 -89.40 43.50 -65.35
C GLY F 47 -89.42 43.33 -66.85
N ALA F 48 -88.91 42.21 -67.35
CA ALA F 48 -88.77 42.00 -68.78
C ALA F 48 -89.48 40.72 -69.21
N CYS F 49 -90.30 40.84 -70.25
CA CYS F 49 -90.94 39.67 -70.85
C CYS F 49 -91.24 39.98 -72.31
N ASP F 50 -90.56 39.27 -73.19
CA ASP F 50 -90.72 39.48 -74.62
C ASP F 50 -92.11 39.08 -75.09
N ALA F 51 -92.69 38.05 -74.48
CA ALA F 51 -94.06 37.65 -74.80
C ALA F 51 -95.04 38.76 -74.45
N THR F 52 -94.83 39.39 -73.29
CA THR F 52 -95.63 40.54 -72.90
C THR F 52 -95.45 41.69 -73.88
N ILE F 53 -94.21 41.89 -74.35
CA ILE F 53 -93.90 42.99 -75.24
C ILE F 53 -94.60 42.82 -76.60
N ILE F 54 -94.50 41.61 -77.16
CA ILE F 54 -95.16 41.40 -78.45
C ILE F 54 -96.67 41.35 -78.27
N LYS F 55 -97.15 40.93 -77.10
CA LYS F 55 -98.58 40.96 -76.81
C LYS F 55 -99.10 42.38 -76.80
N MET F 56 -98.42 43.29 -76.12
CA MET F 56 -98.93 44.64 -76.03
C MET F 56 -98.73 45.41 -77.33
N MET F 57 -97.68 45.08 -78.09
CA MET F 57 -97.57 45.72 -79.40
C MET F 57 -98.62 45.18 -80.36
N THR F 58 -99.04 43.92 -80.19
CA THR F 58 -100.15 43.39 -80.96
C THR F 58 -101.45 44.10 -80.58
N ASP F 59 -101.64 44.36 -79.29
CA ASP F 59 -102.83 45.06 -78.83
C ASP F 59 -102.88 46.49 -79.36
N LEU F 60 -101.74 47.17 -79.37
CA LEU F 60 -101.72 48.54 -79.87
C LEU F 60 -101.87 48.59 -81.38
N ASN F 61 -101.36 47.59 -82.09
CA ASN F 61 -101.60 47.53 -83.53
C ASN F 61 -103.06 47.19 -83.84
N LYS F 62 -103.70 46.40 -82.98
CA LYS F 62 -105.13 46.15 -83.15
C LYS F 62 -105.95 47.39 -82.86
N LYS F 63 -105.50 48.19 -81.89
CA LYS F 63 -106.17 49.47 -81.63
C LYS F 63 -106.00 50.44 -82.78
N GLY F 64 -104.81 50.48 -83.36
CA GLY F 64 -104.55 51.36 -84.48
C GLY F 64 -103.37 52.29 -84.29
N ILE F 65 -102.69 52.25 -83.15
CA ILE F 65 -101.50 53.06 -82.96
C ILE F 65 -100.35 52.42 -83.72
N LYS F 66 -99.67 53.22 -84.54
CA LYS F 66 -98.66 52.68 -85.45
C LYS F 66 -97.39 52.38 -84.68
N VAL F 67 -97.03 51.10 -84.60
CA VAL F 67 -95.81 50.65 -83.96
C VAL F 67 -94.86 50.20 -85.05
N ALA F 68 -93.73 50.88 -85.20
CA ALA F 68 -92.77 50.62 -86.25
C ALA F 68 -91.47 50.15 -85.64
N SER F 69 -91.01 48.98 -86.08
CA SER F 69 -89.75 48.39 -85.63
C SER F 69 -88.85 48.22 -86.83
N VAL F 70 -87.69 48.86 -86.81
CA VAL F 70 -86.74 48.74 -87.89
C VAL F 70 -85.32 48.86 -87.34
N GLY F 71 -84.52 47.82 -87.57
CA GLY F 71 -83.21 47.74 -86.92
C GLY F 71 -83.40 47.62 -85.43
N GLN F 72 -82.69 48.47 -84.69
CA GLN F 72 -82.95 48.67 -83.27
C GLN F 72 -83.60 50.02 -83.00
N ASN F 73 -84.10 50.69 -84.03
CA ASN F 73 -84.81 51.94 -83.87
C ASN F 73 -86.31 51.70 -83.93
N TYR F 74 -87.04 52.46 -83.14
CA TYR F 74 -88.47 52.22 -82.98
C TYR F 74 -89.23 53.54 -83.04
N LEU F 75 -90.36 53.49 -83.73
CA LEU F 75 -91.27 54.62 -83.91
C LEU F 75 -92.65 54.26 -83.36
N ILE F 76 -93.31 55.23 -82.75
CA ILE F 76 -94.71 55.08 -82.38
C ILE F 76 -95.46 56.31 -82.85
N SER F 77 -96.43 56.11 -83.74
CA SER F 77 -97.23 57.19 -84.31
C SER F 77 -98.65 57.11 -83.79
N ILE F 78 -99.16 58.23 -83.29
CA ILE F 78 -100.50 58.30 -82.73
C ILE F 78 -101.28 59.40 -83.44
N PRO F 79 -102.53 59.17 -83.82
CA PRO F 79 -103.34 60.25 -84.38
C PRO F 79 -103.68 61.30 -83.32
N ALA F 80 -103.92 62.52 -83.80
CA ALA F 80 -104.16 63.64 -82.89
C ALA F 80 -105.54 63.56 -82.23
N SER F 81 -106.56 63.11 -82.98
CA SER F 81 -107.91 63.02 -82.45
C SER F 81 -108.02 61.89 -81.43
N ALA F 82 -107.16 60.88 -81.51
CA ALA F 82 -107.21 59.78 -80.57
C ALA F 82 -106.70 60.18 -79.19
N LEU F 83 -106.03 61.32 -79.07
CA LEU F 83 -105.49 61.74 -77.78
C LEU F 83 -106.04 63.08 -77.32
N PHE F 84 -106.01 64.09 -78.18
CA PHE F 84 -106.34 65.44 -77.75
C PHE F 84 -107.77 65.80 -78.10
N ALA F 85 -108.16 67.02 -77.74
CA ALA F 85 -109.44 67.58 -78.15
C ALA F 85 -109.25 68.41 -79.42
N ASP F 86 -110.33 69.03 -79.87
CA ASP F 86 -110.37 69.66 -81.19
C ASP F 86 -109.61 70.98 -81.16
N GLN F 87 -108.48 71.01 -81.87
CA GLN F 87 -107.65 72.21 -82.09
C GLN F 87 -107.18 72.82 -80.79
N SER F 88 -106.97 71.99 -79.78
CA SER F 88 -106.78 72.46 -78.43
C SER F 88 -105.77 71.58 -77.69
N PRO F 89 -104.92 72.18 -76.86
CA PRO F 89 -103.98 71.39 -76.05
C PRO F 89 -104.63 70.92 -74.74
N ARG F 90 -105.65 70.09 -74.87
CA ARG F 90 -106.40 69.60 -73.73
C ARG F 90 -106.63 68.10 -73.89
N LEU F 91 -106.54 67.36 -72.78
CA LEU F 91 -106.56 65.91 -72.81
C LEU F 91 -107.84 65.35 -72.23
N ASN F 92 -108.39 64.35 -72.90
CA ASN F 92 -109.56 63.67 -72.38
C ASN F 92 -109.18 62.79 -71.20
N TRP F 93 -110.13 62.62 -70.28
CA TRP F 93 -109.85 61.80 -69.10
C TRP F 93 -109.84 60.31 -69.44
N ALA F 94 -110.49 59.91 -70.53
CA ALA F 94 -110.48 58.51 -70.93
C ALA F 94 -109.17 58.08 -71.57
N SER F 95 -108.33 59.03 -71.97
CA SER F 95 -107.09 58.72 -72.66
C SER F 95 -106.00 58.19 -71.73
N TYR F 96 -106.22 58.26 -70.42
CA TYR F 96 -105.13 58.00 -69.49
C TYR F 96 -104.80 56.53 -69.40
N SER F 97 -105.76 55.66 -69.69
CA SER F 97 -105.49 54.23 -69.75
C SER F 97 -104.52 53.91 -70.89
N LEU F 98 -104.78 54.49 -72.07
CA LEU F 98 -103.89 54.26 -73.21
C LEU F 98 -102.52 54.90 -72.98
N LEU F 99 -102.50 56.07 -72.34
CA LEU F 99 -101.22 56.71 -72.04
C LEU F 99 -100.43 55.92 -71.03
N ASN F 100 -101.10 55.34 -70.03
CA ASN F 100 -100.42 54.49 -69.07
C ASN F 100 -99.91 53.21 -69.73
N GLU F 101 -100.68 52.66 -70.68
CA GLU F 101 -100.25 51.46 -71.40
C GLU F 101 -99.02 51.74 -72.25
N ILE F 102 -98.99 52.89 -72.93
CA ILE F 102 -97.85 53.17 -73.78
C ILE F 102 -96.64 53.55 -72.94
N ALA F 103 -96.86 54.11 -71.74
CA ALA F 103 -95.75 54.32 -70.83
C ALA F 103 -95.21 53.00 -70.29
N ALA F 104 -96.11 52.04 -70.06
CA ALA F 104 -95.69 50.72 -69.59
C ALA F 104 -94.89 49.99 -70.65
N PHE F 105 -95.26 50.13 -71.92
CA PHE F 105 -94.43 49.59 -72.98
C PHE F 105 -93.11 50.32 -73.07
N LEU F 106 -93.12 51.63 -72.88
CA LEU F 106 -91.91 52.44 -73.06
C LEU F 106 -90.90 52.18 -71.97
N LYS F 107 -91.34 51.90 -70.75
CA LYS F 107 -90.41 51.69 -69.66
C LYS F 107 -89.79 50.30 -69.67
N GLN F 108 -90.19 49.43 -70.60
CA GLN F 108 -89.57 48.11 -70.68
C GLN F 108 -88.14 48.19 -71.18
N PHE F 109 -87.92 48.90 -72.29
CA PHE F 109 -86.64 48.87 -72.95
C PHE F 109 -85.62 49.75 -72.24
N ARG F 110 -84.41 49.78 -72.78
CA ARG F 110 -83.32 50.61 -72.29
C ARG F 110 -82.94 51.60 -73.38
N LYS F 111 -82.84 52.87 -73.01
CA LYS F 111 -82.68 53.92 -74.01
C LYS F 111 -81.91 55.08 -73.41
N ILE F 112 -81.55 56.03 -74.27
CA ILE F 112 -80.79 57.20 -73.86
C ILE F 112 -81.59 58.46 -74.14
N ALA F 113 -81.94 58.64 -75.41
CA ALA F 113 -82.64 59.85 -75.86
C ALA F 113 -83.94 59.45 -76.53
N ILE F 114 -85.01 60.19 -76.22
CA ILE F 114 -86.32 59.96 -76.79
C ILE F 114 -86.77 61.23 -77.48
N THR F 115 -87.18 61.11 -78.74
CA THR F 115 -87.58 62.26 -79.55
C THR F 115 -89.08 62.27 -79.74
N VAL F 116 -89.70 63.43 -79.49
CA VAL F 116 -91.13 63.64 -79.66
C VAL F 116 -91.33 64.73 -80.69
N THR F 117 -92.09 64.43 -81.74
CA THR F 117 -92.41 65.40 -82.78
C THR F 117 -93.91 65.45 -82.96
N SER F 118 -94.47 66.66 -83.00
CA SER F 118 -95.90 66.84 -83.16
C SER F 118 -96.20 67.45 -84.53
N TYR F 119 -97.29 66.98 -85.15
CA TYR F 119 -97.72 67.44 -86.45
C TYR F 119 -99.21 67.68 -86.42
N SER F 120 -99.67 68.67 -87.18
CA SER F 120 -101.08 69.04 -87.16
C SER F 120 -101.54 69.32 -88.59
N SER F 121 -102.78 69.77 -88.70
CA SER F 121 -103.34 70.25 -89.95
C SER F 121 -103.04 71.74 -90.09
N LYS F 122 -103.69 72.40 -91.04
CA LYS F 122 -103.54 73.83 -91.26
C LYS F 122 -104.83 74.52 -90.82
N TYR F 123 -104.75 75.30 -89.74
CA TYR F 123 -105.94 75.84 -89.11
C TYR F 123 -106.05 77.35 -89.20
N VAL F 124 -105.09 78.10 -88.69
CA VAL F 124 -105.18 79.56 -88.71
C VAL F 124 -103.92 80.16 -89.33
N SER F 125 -102.78 79.87 -88.73
CA SER F 125 -101.52 80.42 -89.19
C SER F 125 -100.40 79.48 -88.79
N VAL F 126 -99.23 79.67 -89.41
CA VAL F 126 -98.09 78.80 -89.18
C VAL F 126 -97.59 78.94 -87.74
N LYS F 127 -97.61 80.18 -87.21
CA LYS F 127 -97.25 80.41 -85.82
C LYS F 127 -98.22 79.73 -84.87
N ARG F 128 -99.52 79.79 -85.20
CA ARG F 128 -100.55 79.16 -84.37
C ARG F 128 -100.37 77.65 -84.33
N GLU F 129 -100.12 77.04 -85.49
CA GLU F 129 -99.98 75.59 -85.54
C GLU F 129 -98.69 75.12 -84.89
N ARG F 130 -97.60 75.86 -85.09
CA ARG F 130 -96.33 75.52 -84.46
C ARG F 130 -96.41 75.64 -82.94
N ALA F 131 -97.07 76.68 -82.45
CA ALA F 131 -97.22 76.85 -81.01
C ALA F 131 -98.12 75.76 -80.41
N LEU F 132 -99.19 75.40 -81.12
CA LEU F 132 -100.07 74.35 -80.64
C LEU F 132 -99.36 73.00 -80.57
N THR F 133 -98.58 72.67 -81.61
CA THR F 133 -97.83 71.42 -81.61
C THR F 133 -96.76 71.41 -80.52
N LEU F 134 -96.11 72.56 -80.30
CA LEU F 134 -95.11 72.66 -79.24
C LEU F 134 -95.73 72.45 -77.87
N ALA F 135 -96.91 73.03 -77.64
CA ALA F 135 -97.58 72.88 -76.35
C ALA F 135 -98.04 71.43 -76.13
N ARG F 136 -98.60 70.80 -77.16
CA ARG F 136 -99.06 69.42 -77.03
C ARG F 136 -97.91 68.46 -76.77
N SER F 137 -96.80 68.65 -77.51
CA SER F 137 -95.61 67.84 -77.31
C SER F 137 -95.02 68.06 -75.93
N ARG F 138 -95.04 69.31 -75.45
CA ARG F 138 -94.53 69.63 -74.13
C ARG F 138 -95.32 68.92 -73.03
N VAL F 139 -96.66 68.92 -73.15
CA VAL F 139 -97.50 68.30 -72.15
C VAL F 139 -97.31 66.79 -72.12
N VAL F 140 -97.31 66.17 -73.30
CA VAL F 140 -97.17 64.72 -73.31
C VAL F 140 -95.76 64.29 -72.91
N SER F 141 -94.76 65.13 -73.19
CA SER F 141 -93.39 64.79 -72.80
C SER F 141 -93.19 64.91 -71.29
N GLU F 142 -93.76 65.95 -70.69
CA GLU F 142 -93.59 66.09 -69.24
C GLU F 142 -94.39 65.04 -68.50
N TYR F 143 -95.54 64.60 -69.03
CA TYR F 143 -96.22 63.49 -68.38
C TYR F 143 -95.45 62.19 -68.56
N LEU F 144 -94.79 62.01 -69.70
CA LEU F 144 -94.02 60.80 -69.92
C LEU F 144 -92.80 60.76 -69.01
N TRP F 145 -92.18 61.91 -68.75
CA TRP F 145 -91.08 61.92 -67.80
C TRP F 145 -91.57 61.84 -66.35
N SER F 146 -92.81 62.26 -66.09
CA SER F 146 -93.42 61.99 -64.80
C SER F 146 -93.58 60.50 -64.58
N GLN F 147 -93.97 59.78 -65.62
CA GLN F 147 -93.97 58.33 -65.56
C GLN F 147 -92.55 57.79 -65.55
N GLY F 148 -92.39 56.61 -64.97
CA GLY F 148 -91.08 56.06 -64.67
C GLY F 148 -90.38 55.32 -65.78
N VAL F 149 -89.83 56.05 -66.76
CA VAL F 149 -88.94 55.48 -67.77
C VAL F 149 -87.61 56.22 -67.68
N ASP F 150 -86.52 55.46 -67.50
CA ASP F 150 -85.24 56.05 -67.13
C ASP F 150 -84.48 56.50 -68.38
N SER F 151 -85.00 57.55 -68.99
CA SER F 151 -84.27 58.19 -70.07
C SER F 151 -83.13 59.03 -69.51
N ARG F 152 -82.25 59.46 -70.40
CA ARG F 152 -81.28 60.49 -70.07
C ARG F 152 -81.61 61.83 -70.67
N ILE F 153 -82.10 61.84 -71.91
CA ILE F 153 -82.53 63.06 -72.58
C ILE F 153 -83.86 62.81 -73.27
N ILE F 154 -84.79 63.73 -73.11
CA ILE F 154 -86.05 63.71 -73.84
C ILE F 154 -86.19 65.05 -74.54
N PHE F 155 -86.28 64.99 -75.87
CA PHE F 155 -86.45 66.18 -76.70
C PHE F 155 -87.88 66.23 -77.21
N THR F 156 -88.47 67.41 -77.20
CA THR F 156 -89.83 67.62 -77.65
C THR F 156 -89.88 68.82 -78.58
N GLN F 157 -90.55 68.64 -79.73
CA GLN F 157 -90.71 69.69 -80.71
C GLN F 157 -91.95 69.43 -81.54
N GLY F 158 -92.44 70.48 -82.19
CA GLY F 158 -93.60 70.38 -83.04
C GLY F 158 -93.44 71.26 -84.26
N LEU F 159 -94.11 70.87 -85.34
CA LEU F 159 -93.93 71.53 -86.62
C LEU F 159 -95.23 71.95 -87.29
N GLY F 160 -96.37 71.45 -86.86
CA GLY F 160 -97.64 71.83 -87.46
C GLY F 160 -97.96 71.06 -88.73
N SER F 161 -98.18 71.77 -89.82
CA SER F 161 -98.55 71.15 -91.09
C SER F 161 -97.43 71.28 -92.11
N ASP F 162 -96.18 71.37 -91.64
CA ASP F 162 -95.07 71.52 -92.55
C ASP F 162 -94.71 70.22 -93.23
N LYS F 163 -94.85 69.08 -92.55
CA LYS F 163 -94.48 67.78 -93.09
C LYS F 163 -95.66 66.82 -93.00
N PRO F 164 -96.64 66.94 -93.89
CA PRO F 164 -97.73 65.98 -93.92
C PRO F 164 -97.25 64.66 -94.53
N ILE F 165 -98.00 63.61 -94.25
CA ILE F 165 -97.70 62.29 -94.78
C ILE F 165 -98.81 61.79 -95.69
N THR F 166 -99.80 62.64 -95.98
CA THR F 166 -100.93 62.26 -96.82
C THR F 166 -101.20 63.37 -97.83
N SER F 167 -101.44 62.99 -99.08
CA SER F 167 -101.96 63.94 -100.05
C SER F 167 -103.41 64.26 -99.74
N TYR F 168 -104.17 63.27 -99.28
CA TYR F 168 -105.57 63.43 -98.91
C TYR F 168 -105.64 64.21 -97.60
N THR F 169 -105.93 65.50 -97.70
CA THR F 169 -105.91 66.40 -96.54
C THR F 169 -107.29 67.02 -96.31
N LEU F 170 -108.34 66.21 -96.42
CA LEU F 170 -109.69 66.75 -96.27
C LEU F 170 -110.01 67.07 -94.82
N GLY F 171 -109.62 66.21 -93.90
CA GLY F 171 -109.88 66.44 -92.50
C GLY F 171 -108.93 67.44 -91.89
N GLY F 172 -109.27 67.88 -90.68
CA GLY F 172 -108.41 68.75 -89.91
C GLY F 172 -107.67 67.95 -88.86
N ASP F 173 -108.15 67.98 -87.62
CA ASP F 173 -107.66 67.06 -86.62
C ASP F 173 -108.06 65.62 -86.92
N ARG F 174 -109.16 65.44 -87.65
CA ARG F 174 -109.60 64.10 -88.05
C ARG F 174 -108.67 63.47 -89.08
N SER F 175 -107.89 64.28 -89.79
CA SER F 175 -106.99 63.76 -90.81
C SER F 175 -105.85 62.99 -90.16
N PRO F 176 -105.39 61.89 -90.77
CA PRO F 176 -104.35 61.08 -90.14
C PRO F 176 -102.97 61.72 -90.15
N ASN F 177 -102.74 62.75 -90.96
CA ASN F 177 -101.43 63.40 -90.93
C ASN F 177 -101.25 64.24 -89.67
N ALA F 178 -102.34 64.65 -89.02
CA ALA F 178 -102.24 65.22 -87.69
C ALA F 178 -101.92 64.10 -86.71
N ARG F 179 -100.78 64.21 -86.03
CA ARG F 179 -100.20 63.05 -85.37
C ARG F 179 -99.17 63.50 -84.35
N VAL F 180 -98.71 62.53 -83.57
CA VAL F 180 -97.56 62.69 -82.69
C VAL F 180 -96.69 61.45 -82.83
N GLU F 181 -95.38 61.67 -82.90
CA GLU F 181 -94.42 60.61 -83.12
C GLU F 181 -93.42 60.59 -81.97
N ILE F 182 -93.24 59.42 -81.38
CA ILE F 182 -92.26 59.22 -80.32
C ILE F 182 -91.31 58.13 -80.77
N THR F 183 -90.03 58.46 -80.83
CA THR F 183 -89.05 57.59 -81.46
C THR F 183 -87.79 57.49 -80.62
N PHE F 184 -87.08 56.38 -80.81
CA PHE F 184 -85.80 56.16 -80.15
C PHE F 184 -85.02 55.10 -80.93
N ARG F 185 -83.83 54.78 -80.42
CA ARG F 185 -83.08 53.60 -80.83
C ARG F 185 -82.71 52.80 -79.61
N ARG F 186 -83.06 51.52 -79.60
CA ARG F 186 -82.62 50.62 -78.56
C ARG F 186 -81.12 50.39 -78.67
N ALA F 187 -80.41 50.48 -77.56
CA ALA F 187 -78.94 50.36 -77.54
C ALA F 187 -78.53 49.30 -76.53
N VAL F 188 -78.28 48.09 -77.04
CA VAL F 188 -77.83 46.92 -76.27
C VAL F 188 -78.72 46.59 -75.08
N CYS G 42 -124.93 62.62 -66.79
CA CYS G 42 -123.55 62.15 -66.67
C CYS G 42 -122.69 63.18 -65.95
N PHE G 43 -121.38 63.03 -66.07
CA PHE G 43 -120.43 63.87 -65.33
C PHE G 43 -119.09 63.83 -66.02
N HIS G 44 -118.36 64.95 -65.96
CA HIS G 44 -116.98 64.99 -66.42
C HIS G 44 -116.06 65.10 -65.22
N PRO G 45 -115.15 64.15 -65.03
CA PRO G 45 -114.18 64.22 -63.92
C PRO G 45 -113.30 65.45 -63.94
N PRO G 46 -112.92 66.05 -65.12
CA PRO G 46 -112.31 67.38 -65.03
C PRO G 46 -113.31 68.48 -64.72
N TYR G 47 -113.70 68.55 -63.43
CA TYR G 47 -114.45 69.65 -62.82
C TYR G 47 -115.82 69.88 -63.47
N ASN G 48 -116.30 68.91 -64.25
CA ASN G 48 -117.46 69.03 -65.14
C ASN G 48 -117.38 70.27 -66.02
N ASN G 49 -116.16 70.54 -66.51
CA ASN G 49 -115.84 71.66 -67.42
C ASN G 49 -116.24 73.02 -66.84
N PHE G 50 -116.10 73.16 -65.52
CA PHE G 50 -116.47 74.36 -64.76
C PHE G 50 -117.93 74.75 -65.00
N GLN G 51 -118.81 73.79 -64.78
CA GLN G 51 -120.23 74.01 -64.94
C GLN G 51 -120.95 73.60 -63.66
N PRO G 52 -122.10 74.23 -63.36
CA PRO G 52 -122.91 73.77 -62.22
C PRO G 52 -123.48 72.39 -62.47
N ASP G 53 -123.06 71.42 -61.68
CA ASP G 53 -123.42 70.04 -61.92
C ASP G 53 -124.86 69.76 -61.49
N ARG G 54 -125.39 68.66 -62.01
CA ARG G 54 -126.71 68.15 -61.62
C ARG G 54 -126.49 66.74 -61.10
N ARG G 55 -126.38 66.60 -59.78
CA ARG G 55 -125.92 65.38 -59.14
C ARG G 55 -127.05 64.60 -58.48
N ALA G 56 -127.88 65.26 -57.69
CA ALA G 56 -128.93 64.56 -56.94
C ALA G 56 -130.07 64.10 -57.83
N VAL G 57 -130.21 64.65 -59.03
CA VAL G 57 -131.27 64.24 -59.94
C VAL G 57 -131.04 62.81 -60.44
N LYS G 58 -129.77 62.46 -60.68
CA LYS G 58 -129.45 61.09 -61.06
C LYS G 58 -129.72 60.12 -59.91
N ARG G 59 -129.43 60.58 -58.67
CA ARG G 59 -129.69 59.77 -57.49
C ARG G 59 -131.19 59.53 -57.28
N VAL G 60 -132.01 60.56 -57.47
CA VAL G 60 -133.45 60.35 -57.30
C VAL G 60 -134.03 59.59 -58.48
N GLY G 61 -133.40 59.68 -59.66
CA GLY G 61 -133.85 58.87 -60.79
C GLY G 61 -133.59 57.39 -60.58
N VAL G 62 -132.39 57.04 -60.10
CA VAL G 62 -132.12 55.64 -59.82
C VAL G 62 -132.78 55.18 -58.52
N ASP G 63 -133.22 56.12 -57.67
CA ASP G 63 -134.04 55.74 -56.53
C ASP G 63 -135.46 55.40 -56.97
N THR G 64 -136.02 56.17 -57.91
CA THR G 64 -137.32 55.85 -58.48
C THR G 64 -137.28 54.56 -59.28
N GLY G 65 -136.18 54.31 -59.99
CA GLY G 65 -136.03 53.09 -60.75
C GLY G 65 -135.83 51.85 -59.91
N GLY G 88 -140.24 56.27 -53.65
CA GLY G 88 -139.25 56.40 -54.70
C GLY G 88 -138.65 57.80 -54.76
N GLY G 89 -139.43 58.74 -55.30
CA GLY G 89 -138.95 60.11 -55.41
C GLY G 89 -138.77 60.78 -54.06
N THR G 90 -139.69 60.53 -53.13
CA THR G 90 -139.62 61.20 -51.82
C THR G 90 -138.47 60.65 -50.99
N VAL G 91 -138.28 59.33 -50.98
CA VAL G 91 -137.16 58.75 -50.25
C VAL G 91 -135.83 59.12 -50.91
N GLY G 92 -135.82 59.23 -52.24
CA GLY G 92 -134.62 59.72 -52.92
C GLY G 92 -134.30 61.15 -52.59
N LEU G 93 -135.32 62.00 -52.49
CA LEU G 93 -135.10 63.41 -52.16
C LEU G 93 -134.67 63.58 -50.72
N VAL G 94 -135.23 62.79 -49.79
CA VAL G 94 -134.82 62.94 -48.40
C VAL G 94 -133.43 62.37 -48.17
N ALA G 95 -133.05 61.33 -48.91
CA ALA G 95 -131.66 60.87 -48.86
C ALA G 95 -130.72 61.88 -49.50
N SER G 96 -131.18 62.55 -50.55
CA SER G 96 -130.38 63.57 -51.21
C SER G 96 -130.12 64.75 -50.29
N ILE G 97 -131.15 65.23 -49.60
CA ILE G 97 -130.94 66.35 -48.69
C ILE G 97 -130.26 65.92 -47.40
N TYR G 98 -130.34 64.64 -47.02
CA TYR G 98 -129.52 64.13 -45.93
C TYR G 98 -128.04 64.17 -46.31
N ARG G 99 -127.73 63.82 -47.55
CA ARG G 99 -126.37 63.99 -48.05
C ARG G 99 -125.99 65.46 -48.13
N ASP G 100 -126.91 66.31 -48.55
CA ASP G 100 -126.65 67.71 -48.81
C ASP G 100 -126.78 68.59 -47.57
N SER G 101 -127.02 67.99 -46.41
CA SER G 101 -126.91 68.74 -45.16
C SER G 101 -125.49 69.23 -44.97
N LYS G 102 -125.36 70.46 -44.47
CA LYS G 102 -124.06 71.12 -44.35
C LYS G 102 -123.16 70.42 -43.33
N ARG G 103 -123.77 69.79 -42.32
CA ARG G 103 -123.02 68.97 -41.38
C ARG G 103 -122.36 67.79 -42.09
N LYS G 104 -123.06 67.20 -43.06
CA LYS G 104 -122.48 66.12 -43.85
C LYS G 104 -121.37 66.63 -44.76
N ILE G 105 -121.48 67.88 -45.22
CA ILE G 105 -120.41 68.49 -46.00
C ILE G 105 -119.16 68.65 -45.14
N ILE G 106 -119.33 69.12 -43.91
CA ILE G 106 -118.21 69.25 -42.98
C ILE G 106 -117.62 67.89 -42.65
N ARG G 107 -118.49 66.88 -42.51
CA ARG G 107 -118.02 65.51 -42.23
C ARG G 107 -117.21 64.95 -43.40
N ASP G 108 -117.62 65.23 -44.63
CA ASP G 108 -116.83 64.79 -45.78
C ASP G 108 -115.53 65.57 -45.88
N LEU G 109 -115.55 66.86 -45.58
CA LEU G 109 -114.32 67.65 -45.59
C LEU G 109 -113.36 67.25 -44.48
N GLN G 110 -113.87 66.67 -43.39
CA GLN G 110 -113.03 66.14 -42.34
C GLN G 110 -112.60 64.71 -42.60
N LYS G 111 -113.38 63.97 -43.41
CA LYS G 111 -112.86 62.74 -44.00
C LYS G 111 -111.67 63.04 -44.89
N GLN G 112 -111.76 64.13 -45.64
CA GLN G 112 -110.59 64.66 -46.30
C GLN G 112 -109.71 65.40 -45.29
N ASP G 113 -108.52 65.79 -45.73
CA ASP G 113 -107.57 66.39 -44.79
C ASP G 113 -107.73 67.91 -44.74
N ILE G 114 -108.94 68.40 -44.57
CA ILE G 114 -109.22 69.83 -44.60
C ILE G 114 -109.75 70.23 -43.23
N GLN G 115 -109.18 71.29 -42.66
CA GLN G 115 -109.52 71.70 -41.30
C GLN G 115 -110.43 72.90 -41.34
N TYR G 116 -111.57 72.80 -40.66
CA TYR G 116 -112.57 73.87 -40.64
C TYR G 116 -112.67 74.45 -39.24
N VAL G 117 -112.67 75.77 -39.15
CA VAL G 117 -112.85 76.46 -37.88
C VAL G 117 -113.95 77.49 -38.05
N GLU G 118 -114.98 77.40 -37.20
CA GLU G 118 -116.03 78.41 -37.14
C GLU G 118 -115.87 79.18 -35.84
N TYR G 119 -115.89 80.51 -35.94
CA TYR G 119 -115.70 81.36 -34.77
C TYR G 119 -116.40 82.69 -35.00
N GLY G 120 -117.51 82.90 -34.30
CA GLY G 120 -118.24 84.15 -34.41
C GLY G 120 -118.87 84.28 -35.78
N ASP G 121 -118.60 85.41 -36.43
CA ASP G 121 -119.08 85.66 -37.78
C ASP G 121 -118.06 85.26 -38.84
N THR G 122 -116.92 84.70 -38.43
CA THR G 122 -115.81 84.40 -39.33
C THR G 122 -115.63 82.90 -39.43
N ARG G 123 -115.43 82.40 -40.65
CA ARG G 123 -115.17 80.99 -40.87
C ARG G 123 -113.89 80.83 -41.67
N THR G 124 -113.13 79.77 -41.34
CA THR G 124 -111.82 79.55 -41.94
C THR G 124 -111.64 78.10 -42.33
N LEU G 125 -110.86 77.90 -43.40
CA LEU G 125 -110.51 76.59 -43.92
C LEU G 125 -109.01 76.48 -44.09
N ILE G 126 -108.48 75.28 -43.82
CA ILE G 126 -107.05 75.00 -43.87
C ILE G 126 -106.83 73.81 -44.78
N ILE G 127 -105.95 73.99 -45.76
CA ILE G 127 -105.73 73.02 -46.84
C ILE G 127 -104.25 72.67 -46.91
N PRO G 128 -103.87 71.39 -46.91
CA PRO G 128 -102.45 71.02 -46.95
C PRO G 128 -101.88 71.19 -48.35
N THR G 129 -100.83 72.00 -48.45
CA THR G 129 -100.18 72.29 -49.72
C THR G 129 -99.58 71.04 -50.34
N ASP G 130 -98.97 70.20 -49.50
CA ASP G 130 -98.23 69.06 -50.00
C ASP G 130 -99.15 68.00 -50.58
N LYS G 131 -100.23 67.67 -49.88
CA LYS G 131 -101.14 66.65 -50.40
C LYS G 131 -102.02 67.21 -51.50
N TYR G 132 -102.47 68.46 -51.38
CA TYR G 132 -103.40 69.01 -52.36
C TYR G 132 -102.72 69.76 -53.48
N PHE G 133 -101.39 69.73 -53.55
CA PHE G 133 -100.69 70.48 -54.58
C PHE G 133 -99.43 69.75 -54.99
N MET G 134 -99.01 70.01 -56.23
CA MET G 134 -97.78 69.41 -56.72
C MET G 134 -96.57 70.07 -56.05
N PHE G 135 -95.53 69.27 -55.84
CA PHE G 135 -94.42 69.69 -55.02
C PHE G 135 -93.55 70.71 -55.74
N SER G 136 -93.23 71.80 -55.03
CA SER G 136 -92.32 72.86 -55.46
C SER G 136 -92.78 73.50 -56.77
N SER G 137 -94.10 73.61 -56.93
CA SER G 137 -94.66 73.97 -58.22
C SER G 137 -96.08 74.47 -58.00
N PRO G 138 -96.55 75.39 -58.82
CA PRO G 138 -97.96 75.80 -58.74
C PRO G 138 -98.88 74.90 -59.56
N ARG G 139 -98.41 73.72 -59.96
CA ARG G 139 -99.25 72.77 -60.65
C ARG G 139 -100.31 72.19 -59.72
N LEU G 140 -101.54 72.12 -60.20
CA LEU G 140 -102.62 71.53 -59.42
C LEU G 140 -102.45 70.03 -59.29
N ASN G 141 -102.58 69.53 -58.08
CA ASN G 141 -102.67 68.09 -57.88
C ASN G 141 -104.06 67.63 -58.32
N GLU G 142 -104.10 66.76 -59.33
CA GLU G 142 -105.35 66.42 -59.98
C GLU G 142 -106.21 65.44 -59.18
N ILE G 143 -105.65 64.79 -58.16
CA ILE G 143 -106.35 63.68 -57.52
C ILE G 143 -107.50 64.19 -56.65
N CYS G 144 -107.32 65.34 -56.00
CA CYS G 144 -108.21 65.76 -54.92
C CYS G 144 -109.41 66.56 -55.41
N TYR G 145 -109.82 66.37 -56.66
CA TYR G 145 -111.00 67.03 -57.19
C TYR G 145 -112.36 66.68 -56.55
N PRO G 146 -112.59 65.49 -55.94
CA PRO G 146 -113.82 65.39 -55.13
C PRO G 146 -113.85 66.34 -53.95
N GLY G 147 -112.72 66.48 -53.26
CA GLY G 147 -112.62 67.47 -52.21
C GLY G 147 -112.73 68.88 -52.73
N LEU G 148 -112.23 69.13 -53.94
CA LEU G 148 -112.37 70.44 -54.55
C LEU G 148 -113.83 70.78 -54.86
N ASN G 149 -114.58 69.79 -55.36
CA ASN G 149 -116.01 69.99 -55.60
C ASN G 149 -116.76 70.21 -54.30
N ASN G 150 -116.34 69.52 -53.24
CA ASN G 150 -116.93 69.76 -51.92
C ASN G 150 -116.60 71.17 -51.43
N VAL G 151 -115.39 71.65 -51.74
CA VAL G 151 -115.00 73.00 -51.37
C VAL G 151 -115.89 74.03 -52.08
N ILE G 152 -116.16 73.81 -53.37
CA ILE G 152 -117.02 74.72 -54.11
C ILE G 152 -118.46 74.65 -53.59
N ARG G 153 -118.91 73.45 -53.24
CA ARG G 153 -120.27 73.29 -52.70
C ARG G 153 -120.44 73.98 -51.36
N LEU G 154 -119.41 73.90 -50.50
CA LEU G 154 -119.49 74.61 -49.23
C LEU G 154 -119.37 76.11 -49.43
N LEU G 155 -118.52 76.55 -50.35
CA LEU G 155 -118.32 77.97 -50.57
C LEU G 155 -119.48 78.63 -51.31
N ASN G 156 -120.38 77.84 -51.89
CA ASN G 156 -121.54 78.43 -52.54
C ASN G 156 -122.56 79.00 -51.56
N PHE G 157 -122.45 78.71 -50.27
CA PHE G 157 -123.45 79.15 -49.32
C PHE G 157 -123.37 80.63 -48.97
N TYR G 158 -122.25 81.28 -49.23
CA TYR G 158 -122.01 82.64 -48.76
C TYR G 158 -121.67 83.54 -49.95
N PRO G 159 -122.67 84.04 -50.65
CA PRO G 159 -122.40 84.87 -51.83
C PRO G 159 -122.27 86.36 -51.51
N GLN G 160 -122.10 86.72 -50.25
CA GLN G 160 -122.11 88.11 -49.86
C GLN G 160 -120.75 88.62 -49.40
N SER G 161 -120.15 87.98 -48.41
CA SER G 161 -118.95 88.54 -47.78
C SER G 161 -117.73 88.34 -48.67
N THR G 162 -116.73 89.20 -48.46
CA THR G 162 -115.46 89.05 -49.13
C THR G 162 -114.68 87.90 -48.52
N ILE G 163 -113.73 87.39 -49.30
CA ILE G 163 -112.91 86.24 -48.90
C ILE G 163 -111.45 86.65 -48.95
N TYR G 164 -110.70 86.25 -47.94
CA TYR G 164 -109.26 86.38 -47.91
C TYR G 164 -108.62 85.00 -48.03
N VAL G 165 -107.55 84.92 -48.80
CA VAL G 165 -106.83 83.67 -49.01
C VAL G 165 -105.35 83.90 -48.83
N ALA G 166 -104.68 82.95 -48.20
CA ALA G 166 -103.28 83.11 -47.84
C ALA G 166 -102.55 81.79 -47.99
N GLY G 167 -101.27 81.89 -48.31
CA GLY G 167 -100.40 80.73 -48.39
C GLY G 167 -99.29 80.83 -47.36
N PHE G 168 -98.85 79.67 -46.87
CA PHE G 168 -97.82 79.63 -45.85
C PHE G 168 -96.87 78.47 -46.12
N THR G 169 -95.60 78.69 -45.80
CA THR G 169 -94.56 77.71 -46.07
C THR G 169 -93.76 77.38 -44.82
N ASP G 170 -92.64 76.67 -44.99
CA ASP G 170 -91.73 76.34 -43.92
C ASP G 170 -90.66 77.43 -43.80
N ASN G 171 -89.59 77.14 -43.07
CA ASN G 171 -88.60 78.14 -42.70
C ASN G 171 -87.32 78.06 -43.51
N VAL G 172 -87.22 77.14 -44.46
CA VAL G 172 -85.95 76.80 -45.10
C VAL G 172 -85.91 77.42 -46.49
N GLY G 173 -84.80 78.10 -46.79
CA GLY G 173 -84.56 78.67 -48.11
C GLY G 173 -84.37 80.17 -48.06
N SER G 174 -84.23 80.75 -49.24
CA SER G 174 -84.19 82.19 -49.36
C SER G 174 -85.55 82.78 -49.05
N ARG G 175 -85.55 83.90 -48.31
CA ARG G 175 -86.81 84.56 -47.97
C ARG G 175 -87.51 85.10 -49.20
N SER G 176 -86.74 85.56 -50.19
CA SER G 176 -87.31 85.97 -51.46
C SER G 176 -87.94 84.80 -52.19
N HIS G 177 -87.28 83.63 -52.12
CA HIS G 177 -87.81 82.42 -52.72
C HIS G 177 -89.12 81.99 -52.06
N LYS G 178 -89.16 82.08 -50.73
CA LYS G 178 -90.38 81.77 -49.99
C LYS G 178 -91.51 82.73 -50.36
N ARG G 179 -91.19 84.01 -50.48
CA ARG G 179 -92.18 85.02 -50.86
C ARG G 179 -92.74 84.75 -52.24
N LYS G 180 -91.86 84.45 -53.20
CA LYS G 180 -92.28 84.20 -54.57
C LYS G 180 -93.14 82.94 -54.66
N LEU G 181 -92.72 81.85 -54.00
CA LEU G 181 -93.49 80.62 -54.08
C LEU G 181 -94.84 80.76 -53.39
N SER G 182 -94.87 81.41 -52.22
CA SER G 182 -96.12 81.58 -51.51
C SER G 182 -97.09 82.49 -52.26
N GLN G 183 -96.57 83.57 -52.87
CA GLN G 183 -97.43 84.47 -53.61
C GLN G 183 -97.97 83.82 -54.87
N ALA G 184 -97.13 83.06 -55.58
CA ALA G 184 -97.60 82.33 -56.75
C ALA G 184 -98.62 81.28 -56.37
N GLN G 185 -98.41 80.62 -55.24
CA GLN G 185 -99.35 79.63 -54.74
C GLN G 185 -100.70 80.24 -54.41
N ALA G 186 -100.70 81.39 -53.74
CA ALA G 186 -101.95 82.06 -53.40
C ALA G 186 -102.66 82.57 -54.65
N GLU G 187 -101.89 83.06 -55.63
CA GLU G 187 -102.50 83.59 -56.84
C GLU G 187 -103.11 82.48 -57.68
N THR G 188 -102.46 81.33 -57.77
CA THR G 188 -103.08 80.25 -58.55
C THR G 188 -104.26 79.64 -57.80
N MET G 189 -104.24 79.68 -56.47
CA MET G 189 -105.39 79.22 -55.70
C MET G 189 -106.61 80.12 -55.93
N MET G 190 -106.41 81.44 -55.83
CA MET G 190 -107.53 82.35 -56.04
C MET G 190 -107.96 82.38 -57.50
N THR G 191 -107.04 82.08 -58.43
CA THR G 191 -107.43 81.96 -59.83
C THR G 191 -108.33 80.77 -60.06
N PHE G 192 -108.01 79.63 -59.44
CA PHE G 192 -108.89 78.46 -59.52
C PHE G 192 -110.24 78.75 -58.88
N LEU G 193 -110.25 79.55 -57.81
CA LEU G 193 -111.53 79.92 -57.21
C LEU G 193 -112.32 80.85 -58.11
N TRP G 194 -111.65 81.82 -58.75
CA TRP G 194 -112.32 82.76 -59.64
C TRP G 194 -112.87 82.08 -60.87
N ALA G 195 -112.25 80.98 -61.28
CA ALA G 195 -112.74 80.20 -62.42
C ALA G 195 -114.11 79.58 -62.19
N ASN G 196 -114.57 79.48 -60.95
CA ASN G 196 -115.89 78.94 -60.67
C ASN G 196 -116.99 79.99 -60.76
N GLY G 197 -116.65 81.27 -60.79
CA GLY G 197 -117.68 82.28 -60.92
C GLY G 197 -117.81 83.22 -59.75
N ILE G 198 -116.71 83.55 -59.10
CA ILE G 198 -116.73 84.54 -58.03
C ILE G 198 -116.30 85.89 -58.59
N ALA G 199 -116.85 86.95 -58.01
CA ALA G 199 -116.49 88.30 -58.43
C ALA G 199 -115.06 88.64 -58.03
N ALA G 200 -114.31 89.20 -58.97
CA ALA G 200 -112.89 89.47 -58.76
C ALA G 200 -112.68 90.58 -57.74
N LYS G 201 -113.64 91.49 -57.61
CA LYS G 201 -113.55 92.54 -56.61
C LYS G 201 -113.81 92.05 -55.20
N ARG G 202 -114.28 90.81 -55.03
CA ARG G 202 -114.53 90.23 -53.72
C ARG G 202 -113.34 89.48 -53.16
N LEU G 203 -112.19 89.49 -53.85
CA LEU G 203 -111.08 88.63 -53.51
C LEU G 203 -109.80 89.42 -53.27
N LYS G 204 -108.97 88.88 -52.39
CA LYS G 204 -107.62 89.40 -52.17
C LYS G 204 -106.77 88.26 -51.62
N ALA G 205 -105.55 88.15 -52.13
CA ALA G 205 -104.68 87.03 -51.82
C ALA G 205 -103.36 87.52 -51.24
N GLU G 206 -102.78 86.69 -50.37
CA GLU G 206 -101.45 86.98 -49.85
C GLU G 206 -100.71 85.68 -49.57
N GLY G 207 -99.49 85.59 -50.10
CA GLY G 207 -98.64 84.48 -49.74
C GLY G 207 -97.61 84.91 -48.72
N TYR G 208 -97.86 84.61 -47.46
CA TYR G 208 -96.90 84.91 -46.42
C TYR G 208 -95.81 83.85 -46.42
N GLY G 209 -94.63 84.24 -45.94
CA GLY G 209 -93.55 83.29 -45.88
C GLY G 209 -93.59 82.47 -44.62
N ASP G 210 -92.51 82.51 -43.85
CA ASP G 210 -92.41 81.87 -42.54
C ASP G 210 -92.61 82.88 -41.43
N LYS G 211 -93.50 83.85 -41.65
CA LYS G 211 -93.59 85.02 -40.78
C LYS G 211 -94.21 84.66 -39.44
N ASN G 212 -95.19 83.75 -39.44
CA ASN G 212 -95.83 83.34 -38.20
C ASN G 212 -96.28 81.90 -38.38
N ALA G 213 -95.42 80.97 -37.97
CA ALA G 213 -95.68 79.56 -38.14
C ALA G 213 -96.65 79.09 -37.07
N ILE G 214 -97.78 78.52 -37.49
CA ILE G 214 -98.73 77.95 -36.54
C ILE G 214 -98.25 76.63 -35.96
N SER G 215 -97.20 76.06 -36.52
CA SER G 215 -96.52 74.91 -35.96
C SER G 215 -95.10 75.32 -35.59
N ASP G 216 -94.28 74.34 -35.24
CA ASP G 216 -92.90 74.58 -34.83
C ASP G 216 -91.99 73.96 -35.89
N ASN G 217 -91.08 74.77 -36.42
CA ASN G 217 -90.21 74.29 -37.48
C ASN G 217 -88.98 73.56 -36.97
N ALA G 218 -88.85 73.39 -35.65
CA ALA G 218 -87.75 72.62 -35.11
C ALA G 218 -87.87 71.14 -35.42
N ILE G 219 -89.09 70.61 -35.44
CA ILE G 219 -89.31 69.20 -35.72
C ILE G 219 -89.61 69.04 -37.21
N ILE G 220 -89.31 67.85 -37.72
CA ILE G 220 -89.65 67.52 -39.10
C ILE G 220 -91.16 67.47 -39.27
N HIS G 221 -91.86 66.87 -38.31
CA HIS G 221 -93.31 66.78 -38.38
C HIS G 221 -93.96 68.15 -38.28
N GLY G 222 -93.46 69.00 -37.38
CA GLY G 222 -94.00 70.35 -37.27
C GLY G 222 -93.70 71.21 -38.48
N SER G 223 -92.51 71.06 -39.06
CA SER G 223 -92.18 71.79 -40.27
C SER G 223 -93.03 71.31 -41.45
N ALA G 224 -93.42 70.03 -41.45
CA ALA G 224 -94.39 69.56 -42.43
C ALA G 224 -95.77 70.14 -42.15
N GLN G 225 -96.14 70.27 -40.88
CA GLN G 225 -97.44 70.80 -40.51
C GLN G 225 -97.55 72.30 -40.73
N ASN G 226 -96.44 72.99 -40.89
CA ASN G 226 -96.46 74.45 -41.03
C ASN G 226 -97.10 74.89 -42.34
N ARG G 227 -96.66 74.31 -43.46
CA ARG G 227 -97.05 74.82 -44.78
C ARG G 227 -98.50 74.50 -45.08
N ARG G 228 -99.25 75.52 -45.51
CA ARG G 228 -100.70 75.40 -45.51
C ARG G 228 -101.29 76.47 -46.43
N ILE G 229 -102.59 76.33 -46.69
CA ILE G 229 -103.40 77.35 -47.32
C ILE G 229 -104.53 77.71 -46.36
N GLU G 230 -104.63 78.99 -46.04
CA GLU G 230 -105.59 79.49 -45.05
C GLU G 230 -106.59 80.39 -45.75
N ILE G 231 -107.88 80.05 -45.62
CA ILE G 231 -108.95 80.82 -46.22
C ILE G 231 -109.84 81.34 -45.11
N GLN G 232 -110.02 82.66 -45.08
CA GLN G 232 -110.89 83.29 -44.11
C GLN G 232 -112.02 84.00 -44.86
N TRP G 233 -113.22 84.00 -44.28
CA TRP G 233 -114.24 84.92 -44.76
C TRP G 233 -115.17 85.29 -43.61
N PHE G 234 -115.60 86.55 -43.63
CA PHE G 234 -116.47 87.11 -42.61
C PHE G 234 -117.92 86.80 -42.95
N THR G 235 -118.84 87.48 -42.27
CA THR G 235 -120.25 87.45 -42.63
C THR G 235 -120.66 88.71 -43.39
N SER G 236 -120.30 89.87 -42.88
CA SER G 236 -120.61 91.12 -43.55
C SER G 236 -119.41 92.06 -43.52
N LEU H 113 -118.50 125.83 -74.67
CA LEU H 113 -119.70 125.17 -75.18
C LEU H 113 -120.02 123.96 -74.30
N ASN H 114 -121.31 123.60 -74.25
CA ASN H 114 -121.75 122.62 -73.25
C ASN H 114 -122.45 121.42 -73.87
N ARG H 115 -123.23 121.64 -74.93
CA ARG H 115 -124.03 120.56 -75.50
C ARG H 115 -123.99 120.64 -77.02
N PHE H 116 -123.71 119.51 -77.66
CA PHE H 116 -123.87 119.38 -79.10
C PHE H 116 -124.59 118.08 -79.40
N ARG H 117 -125.77 118.20 -79.99
CA ARG H 117 -126.53 117.05 -80.47
C ARG H 117 -126.78 117.25 -81.95
N TYR H 118 -126.30 116.32 -82.77
CA TYR H 118 -126.53 116.39 -84.20
C TYR H 118 -127.27 115.16 -84.70
N GLU H 119 -128.25 115.41 -85.56
CA GLU H 119 -128.98 114.38 -86.28
C GLU H 119 -129.18 114.87 -87.71
N GLY H 120 -129.03 113.96 -88.68
CA GLY H 120 -129.44 114.29 -90.03
C GLY H 120 -128.39 114.61 -91.07
N ALA H 121 -127.34 113.79 -91.16
CA ALA H 121 -126.40 113.73 -92.30
C ALA H 121 -125.67 115.05 -92.52
N GLY H 122 -124.84 115.41 -91.54
CA GLY H 122 -124.06 116.63 -91.61
C GLY H 122 -122.61 116.36 -91.28
N VAL H 123 -121.78 117.36 -91.52
CA VAL H 123 -120.34 117.28 -91.27
C VAL H 123 -119.91 118.55 -90.56
N VAL H 124 -119.25 118.40 -89.41
CA VAL H 124 -118.71 119.52 -88.64
C VAL H 124 -117.20 119.34 -88.53
N THR H 125 -116.45 120.36 -88.93
CA THR H 125 -115.00 120.34 -88.90
C THR H 125 -114.49 121.55 -88.14
N GLY H 126 -113.64 121.31 -87.15
CA GLY H 126 -113.12 122.38 -86.32
C GLY H 126 -111.75 122.04 -85.76
N ASN H 127 -110.97 123.08 -85.47
CA ASN H 127 -109.64 122.92 -84.95
C ASN H 127 -109.39 123.94 -83.85
N ASN H 128 -108.51 123.57 -82.91
CA ASN H 128 -108.08 124.41 -81.79
C ASN H 128 -109.25 124.84 -80.91
N LEU H 129 -109.91 123.84 -80.33
CA LEU H 129 -111.01 124.08 -79.39
C LEU H 129 -110.60 123.59 -78.01
N ARG H 130 -110.81 124.44 -77.01
CA ARG H 130 -110.51 124.10 -75.63
C ARG H 130 -111.76 124.32 -74.79
N THR H 131 -112.13 123.29 -74.04
CA THR H 131 -113.29 123.37 -73.17
C THR H 131 -113.11 122.39 -72.03
N SER H 132 -113.67 122.74 -70.87
CA SER H 132 -113.58 121.88 -69.70
C SER H 132 -114.42 120.63 -69.89
N TYR H 133 -115.67 120.79 -70.30
CA TYR H 133 -116.56 119.66 -70.53
C TYR H 133 -117.67 120.07 -71.48
N LEU H 134 -118.01 119.18 -72.41
CA LEU H 134 -119.26 119.26 -73.13
C LEU H 134 -119.74 117.85 -73.44
N ASP H 135 -121.04 117.73 -73.65
CA ASP H 135 -121.68 116.46 -73.94
C ASP H 135 -122.06 116.40 -75.42
N LEU H 136 -121.70 115.29 -76.05
CA LEU H 136 -121.88 115.09 -77.49
C LEU H 136 -122.86 113.95 -77.72
N TYR H 137 -123.82 114.16 -78.62
CA TYR H 137 -124.79 113.13 -78.99
C TYR H 137 -124.91 113.14 -80.51
N LEU H 138 -124.38 112.10 -81.13
CA LEU H 138 -124.31 112.00 -82.58
C LEU H 138 -125.30 110.97 -83.09
N ALA H 139 -125.97 111.29 -84.20
CA ALA H 139 -126.87 110.36 -84.83
C ALA H 139 -126.97 110.68 -86.31
N ASN H 140 -127.12 109.63 -87.13
CA ASN H 140 -127.42 109.71 -88.57
C ASN H 140 -126.36 110.49 -89.33
N GLU H 141 -125.13 109.96 -89.29
CA GLU H 141 -123.95 110.46 -90.01
C GLU H 141 -123.65 111.92 -89.63
N GLY H 142 -123.23 112.06 -88.38
CA GLY H 142 -122.57 113.28 -87.98
C GLY H 142 -121.07 113.11 -88.15
N THR H 143 -120.56 113.55 -89.29
CA THR H 143 -119.15 113.37 -89.65
C THR H 143 -118.33 114.42 -88.92
N THR H 144 -117.56 113.99 -87.93
CA THR H 144 -116.88 114.89 -87.02
C THR H 144 -115.39 114.91 -87.34
N ARG H 145 -114.87 116.11 -87.62
CA ARG H 145 -113.43 116.32 -87.76
C ARG H 145 -113.02 117.32 -86.69
N LEU H 146 -112.17 116.87 -85.77
CA LEU H 146 -111.74 117.70 -84.65
C LEU H 146 -110.23 117.68 -84.53
N ALA H 147 -109.64 118.86 -84.39
CA ALA H 147 -108.20 119.02 -84.22
C ALA H 147 -107.89 119.91 -83.04
N GLY H 148 -108.51 119.62 -81.90
CA GLY H 148 -108.27 120.38 -80.68
C GLY H 148 -108.29 119.48 -79.46
N ASN H 149 -107.74 119.99 -78.37
CA ASN H 149 -107.68 119.27 -77.10
C ASN H 149 -108.93 119.60 -76.30
N ILE H 150 -109.84 118.63 -76.19
CA ILE H 150 -111.13 118.83 -75.55
C ILE H 150 -111.25 117.84 -74.40
N GLY H 151 -111.52 118.36 -73.20
CA GLY H 151 -111.89 117.51 -72.08
C GLY H 151 -113.39 117.30 -72.06
N LEU H 152 -113.79 116.07 -71.77
CA LEU H 152 -115.21 115.72 -71.70
C LEU H 152 -115.35 114.44 -70.88
N GLN H 153 -116.59 114.15 -70.50
CA GLN H 153 -116.90 112.99 -69.70
C GLN H 153 -117.99 112.10 -70.28
N LYS H 154 -118.80 112.61 -71.19
CA LYS H 154 -119.85 111.82 -71.82
C LYS H 154 -119.82 112.05 -73.33
N LEU H 155 -119.96 110.96 -74.07
CA LEU H 155 -120.06 111.03 -75.53
C LEU H 155 -120.89 109.85 -76.00
N GLU H 156 -122.05 110.12 -76.59
CA GLU H 156 -122.97 109.08 -77.03
C GLU H 156 -123.15 109.19 -78.54
N ALA H 157 -122.81 108.12 -79.24
CA ALA H 157 -123.05 108.01 -80.67
C ALA H 157 -124.04 106.88 -80.91
N VAL H 158 -125.02 107.11 -81.78
CA VAL H 158 -125.99 106.07 -82.10
C VAL H 158 -125.32 104.96 -82.90
N GLY H 159 -124.55 105.33 -83.91
CA GLY H 159 -123.84 104.34 -84.68
C GLY H 159 -123.83 104.64 -86.17
N ASN H 160 -123.18 103.76 -86.95
CA ASN H 160 -123.11 103.82 -88.41
C ASN H 160 -122.51 105.15 -88.90
N GLY H 161 -121.48 105.62 -88.21
CA GLY H 161 -120.85 106.87 -88.56
C GLY H 161 -119.36 106.84 -88.23
N VAL H 162 -118.64 107.76 -88.87
CA VAL H 162 -117.21 107.92 -88.65
C VAL H 162 -116.99 109.11 -87.74
N THR H 163 -115.89 109.09 -86.99
CA THR H 163 -115.55 110.18 -86.10
C THR H 163 -114.04 110.25 -85.94
N GLN H 164 -113.46 111.40 -86.30
CA GLN H 164 -112.03 111.63 -86.13
C GLN H 164 -111.84 112.63 -85.00
N ILE H 165 -111.26 112.16 -83.90
CA ILE H 165 -110.88 113.01 -82.78
C ILE H 165 -109.41 112.76 -82.49
N ASN H 166 -108.60 113.81 -82.51
CA ASN H 166 -107.19 113.72 -82.17
C ASN H 166 -106.95 114.58 -80.94
N GLY H 167 -107.03 113.95 -79.77
CA GLY H 167 -106.69 114.61 -78.53
C GLY H 167 -107.85 114.83 -77.59
N VAL H 168 -107.98 113.97 -76.59
CA VAL H 168 -108.90 114.16 -75.47
C VAL H 168 -108.06 114.06 -74.20
N SER H 169 -107.79 115.19 -73.57
CA SER H 169 -107.08 115.23 -72.30
C SER H 169 -108.13 115.42 -71.22
N SER H 170 -108.73 114.31 -70.78
CA SER H 170 -109.79 114.33 -69.80
C SER H 170 -109.50 113.33 -68.70
N ARG H 171 -109.98 113.67 -67.50
CA ARG H 171 -109.77 112.79 -66.34
C ARG H 171 -110.56 111.50 -66.47
N ASN H 172 -111.83 111.60 -66.87
CA ASN H 172 -112.68 110.42 -66.92
C ASN H 172 -113.68 110.57 -68.06
N LEU H 173 -114.20 109.44 -68.51
CA LEU H 173 -115.16 109.39 -69.59
C LEU H 173 -115.95 108.09 -69.48
N GLN H 174 -117.03 108.02 -70.25
CA GLN H 174 -117.80 106.79 -70.35
C GLN H 174 -118.43 106.72 -71.73
N ILE H 175 -118.26 105.56 -72.38
CA ILE H 175 -118.74 105.33 -73.74
C ILE H 175 -119.65 104.11 -73.73
N VAL H 176 -120.83 104.25 -74.30
CA VAL H 176 -121.76 103.13 -74.48
C VAL H 176 -122.57 103.39 -75.74
N LEU H 177 -122.58 102.42 -76.66
CA LEU H 177 -123.30 102.57 -77.90
C LEU H 177 -123.82 101.22 -78.37
N LYS H 178 -124.82 101.26 -79.24
CA LYS H 178 -125.48 100.06 -79.74
C LYS H 178 -125.29 99.82 -81.23
N GLY H 179 -124.89 100.84 -81.99
CA GLY H 179 -124.74 100.72 -83.43
C GLY H 179 -123.36 100.22 -83.81
N ASP H 180 -122.96 100.54 -85.04
CA ASP H 180 -121.69 100.10 -85.61
C ASP H 180 -120.91 101.32 -86.08
N PRO H 181 -120.29 102.06 -85.16
CA PRO H 181 -119.54 103.24 -85.57
C PRO H 181 -118.10 102.91 -85.92
N LYS H 182 -117.35 103.92 -86.35
CA LYS H 182 -115.94 103.77 -86.72
C LYS H 182 -115.21 104.90 -86.00
N VAL H 183 -114.67 104.61 -84.82
CA VAL H 183 -114.12 105.63 -83.95
C VAL H 183 -112.66 105.33 -83.64
N LEU H 184 -111.81 106.34 -83.87
CA LEU H 184 -110.39 106.30 -83.56
C LEU H 184 -110.08 107.49 -82.67
N ILE H 185 -109.53 107.23 -81.49
CA ILE H 185 -109.50 108.21 -80.42
C ILE H 185 -108.07 108.38 -79.94
N SER H 186 -107.62 109.63 -79.83
CA SER H 186 -106.34 109.99 -79.25
C SER H 186 -106.55 110.74 -77.94
N GLY H 187 -105.54 110.68 -77.07
CA GLY H 187 -105.54 111.37 -75.81
C GLY H 187 -105.08 110.47 -74.70
N PHE H 188 -105.25 110.94 -73.46
CA PHE H 188 -104.92 110.16 -72.26
C PHE H 188 -106.12 110.24 -71.33
N VAL H 189 -106.99 109.23 -71.40
CA VAL H 189 -108.24 109.21 -70.66
C VAL H 189 -108.29 107.97 -69.80
N ASN H 190 -108.64 108.14 -68.53
CA ASN H 190 -109.00 107.03 -67.68
C ASN H 190 -110.46 106.67 -67.89
N LEU H 191 -110.75 105.38 -68.00
CA LEU H 191 -112.11 104.91 -68.18
C LEU H 191 -112.53 104.10 -66.96
N ARG H 192 -113.82 103.76 -66.91
CA ARG H 192 -114.37 102.92 -65.86
C ARG H 192 -114.93 101.61 -66.39
N GLN H 193 -115.75 101.67 -67.44
CA GLN H 193 -116.41 100.49 -67.93
C GLN H 193 -116.71 100.67 -69.42
N LEU H 194 -116.92 99.54 -70.10
CA LEU H 194 -117.27 99.57 -71.51
C LEU H 194 -118.08 98.33 -71.85
N ASP H 195 -119.18 98.54 -72.57
CA ASP H 195 -120.06 97.46 -72.98
C ASP H 195 -120.36 97.58 -74.47
N MET H 196 -120.37 96.43 -75.15
CA MET H 196 -120.63 96.39 -76.58
C MET H 196 -121.67 95.33 -76.89
N TYR H 197 -122.68 95.72 -77.67
CA TYR H 197 -123.79 94.83 -77.99
C TYR H 197 -124.08 94.74 -79.48
N GLY H 198 -123.40 95.50 -80.32
CA GLY H 198 -123.71 95.48 -81.73
C GLY H 198 -122.58 94.96 -82.59
N LYS H 199 -122.07 95.82 -83.47
CA LYS H 199 -120.97 95.52 -84.38
C LYS H 199 -119.90 96.60 -84.25
N GLY H 200 -119.49 96.85 -83.01
CA GLY H 200 -118.66 98.02 -82.73
C GLY H 200 -117.21 97.84 -83.14
N THR H 201 -116.64 98.92 -83.68
CA THR H 201 -115.23 99.02 -84.01
C THR H 201 -114.66 100.25 -83.31
N LEU H 202 -113.53 100.07 -82.64
CA LEU H 202 -112.93 101.18 -81.92
C LEU H 202 -111.42 100.99 -81.86
N SER H 203 -110.71 102.11 -81.93
CA SER H 203 -109.28 102.11 -81.69
C SER H 203 -108.92 103.28 -80.80
N LEU H 204 -108.01 103.07 -79.86
CA LEU H 204 -107.60 104.12 -78.93
C LEU H 204 -106.09 104.15 -78.83
N TYR H 205 -105.53 105.36 -78.66
CA TYR H 205 -104.08 105.50 -78.67
C TYR H 205 -103.46 105.27 -77.31
N TRP H 206 -103.82 106.08 -76.31
CA TRP H 206 -103.28 105.93 -74.97
C TRP H 206 -104.43 105.92 -73.98
N ILE H 207 -104.37 105.01 -73.01
CA ILE H 207 -105.31 104.98 -71.90
C ILE H 207 -104.49 104.83 -70.61
N LYS H 208 -104.62 105.81 -69.73
CA LYS H 208 -103.88 105.81 -68.46
C LYS H 208 -104.93 105.72 -67.36
N SER H 209 -105.32 104.48 -67.06
CA SER H 209 -106.35 104.25 -66.05
C SER H 209 -105.84 103.30 -64.98
N ASP H 210 -106.75 102.88 -64.11
CA ASP H 210 -106.43 101.99 -63.00
C ASP H 210 -107.12 100.64 -63.13
N THR H 211 -108.41 100.62 -63.41
CA THR H 211 -109.19 99.39 -63.51
C THR H 211 -110.24 99.55 -64.59
N LEU H 212 -110.29 98.60 -65.51
CA LEU H 212 -111.28 98.60 -66.58
C LEU H 212 -112.07 97.31 -66.59
N THR H 213 -113.32 97.43 -67.01
CA THR H 213 -114.23 96.30 -67.12
C THR H 213 -114.89 96.35 -68.50
N ILE H 214 -114.58 95.37 -69.34
CA ILE H 214 -115.03 95.34 -70.72
C ILE H 214 -115.92 94.12 -70.90
N ARG H 215 -117.10 94.34 -71.47
CA ARG H 215 -118.01 93.26 -71.81
C ARG H 215 -118.39 93.38 -73.27
N ALA H 216 -118.24 92.29 -74.01
CA ALA H 216 -118.56 92.27 -75.44
C ALA H 216 -119.50 91.10 -75.73
N LYS H 217 -120.63 91.39 -76.36
CA LYS H 217 -121.67 90.41 -76.56
C LYS H 217 -121.74 89.90 -77.99
N LYS H 218 -121.91 90.79 -78.98
CA LYS H 218 -122.28 90.36 -80.32
C LYS H 218 -121.12 90.45 -81.31
N ALA H 219 -120.53 91.63 -81.50
CA ALA H 219 -119.42 91.77 -82.44
C ALA H 219 -118.60 92.97 -82.02
N ALA H 220 -117.37 92.73 -81.59
CA ALA H 220 -116.50 93.78 -81.08
C ALA H 220 -115.14 93.68 -81.75
N LYS H 221 -114.63 94.82 -82.23
CA LYS H 221 -113.29 94.92 -82.78
C LYS H 221 -112.68 96.17 -82.13
N ILE H 222 -112.06 95.98 -80.98
CA ILE H 222 -111.56 97.10 -80.17
C ILE H 222 -110.06 96.91 -79.97
N GLN H 223 -109.30 97.92 -80.37
CA GLN H 223 -107.85 97.94 -80.27
C GLN H 223 -107.44 98.98 -79.24
N LEU H 224 -106.64 98.56 -78.25
CA LEU H 224 -106.27 99.41 -77.13
C LEU H 224 -104.77 99.34 -76.89
N ALA H 225 -104.24 100.42 -76.31
CA ALA H 225 -102.83 100.48 -75.91
C ALA H 225 -102.70 101.50 -74.79
N GLY H 226 -101.99 101.12 -73.74
CA GLY H 226 -101.84 102.00 -72.59
C GLY H 226 -101.35 101.22 -71.38
N ILE H 227 -101.38 101.92 -70.25
CA ILE H 227 -100.91 101.38 -68.97
C ILE H 227 -102.09 101.42 -68.00
N VAL H 228 -102.81 100.31 -67.90
CA VAL H 228 -103.89 100.14 -66.93
C VAL H 228 -103.56 98.91 -66.10
N ASN H 229 -103.60 99.06 -64.78
CA ASN H 229 -103.12 98.00 -63.89
C ASN H 229 -104.08 96.82 -63.84
N ARG H 230 -105.38 97.09 -63.81
CA ARG H 230 -106.38 96.06 -63.55
C ARG H 230 -107.33 95.96 -64.73
N LEU H 231 -107.49 94.75 -65.27
CA LEU H 231 -108.34 94.54 -66.42
C LEU H 231 -109.26 93.35 -66.17
N ASP H 232 -110.54 93.51 -66.48
CA ASP H 232 -111.49 92.40 -66.51
C ASP H 232 -112.19 92.41 -67.86
N VAL H 233 -112.16 91.28 -68.56
CA VAL H 233 -112.70 91.18 -69.90
C VAL H 233 -113.63 89.98 -69.98
N GLU H 234 -114.84 90.21 -70.48
CA GLU H 234 -115.82 89.15 -70.75
C GLU H 234 -116.17 89.17 -72.24
N LEU H 235 -116.04 88.02 -72.89
CA LEU H 235 -116.36 87.89 -74.30
C LEU H 235 -117.39 86.79 -74.48
N TRP H 236 -118.47 87.10 -75.20
CA TRP H 236 -119.53 86.12 -75.41
C TRP H 236 -119.40 85.38 -76.73
N ASP H 237 -119.45 86.11 -77.86
CA ASP H 237 -119.33 85.48 -79.17
C ASP H 237 -118.93 86.53 -80.18
N PHE H 238 -118.09 86.11 -81.14
CA PHE H 238 -117.72 86.90 -82.33
C PHE H 238 -117.08 88.23 -81.97
N ALA H 239 -116.31 88.23 -80.88
CA ALA H 239 -115.62 89.43 -80.41
C ALA H 239 -114.13 89.18 -80.48
N GLN H 240 -113.41 90.07 -81.14
CA GLN H 240 -111.97 90.01 -81.28
C GLN H 240 -111.39 91.25 -80.62
N PHE H 241 -110.82 91.09 -79.44
CA PHE H 241 -110.29 92.20 -78.65
C PHE H 241 -108.78 92.18 -78.71
N LYS H 242 -108.19 93.35 -78.96
CA LYS H 242 -106.74 93.49 -79.14
C LYS H 242 -106.22 94.47 -78.09
N GLY H 243 -105.87 93.95 -76.90
CA GLY H 243 -105.09 94.71 -75.96
C GLY H 243 -103.61 94.41 -76.14
N LYS H 244 -103.20 94.25 -77.38
CA LYS H 244 -101.78 94.22 -77.70
C LYS H 244 -101.20 95.60 -77.43
N TYR H 245 -99.98 95.61 -76.89
CA TYR H 245 -99.29 96.81 -76.38
C TYR H 245 -100.11 97.54 -75.31
N LEU H 246 -100.86 96.79 -74.50
CA LEU H 246 -101.63 97.32 -73.38
C LEU H 246 -101.16 96.58 -72.15
N ARG H 247 -100.18 97.15 -71.46
CA ARG H 247 -99.49 96.45 -70.39
C ARG H 247 -100.34 96.49 -69.11
N ALA H 248 -100.60 95.31 -68.55
CA ALA H 248 -101.52 95.17 -67.43
C ALA H 248 -100.87 94.35 -66.33
N GLN H 249 -100.94 94.86 -65.10
CA GLN H 249 -100.43 94.10 -63.96
C GLN H 249 -101.38 92.97 -63.60
N ARG H 250 -102.68 93.24 -63.63
CA ARG H 250 -103.70 92.27 -63.25
C ARG H 250 -104.64 92.07 -64.42
N SER H 251 -104.87 90.80 -64.79
CA SER H 251 -105.80 90.52 -65.88
C SER H 251 -106.69 89.34 -65.51
N PHE H 252 -107.99 89.49 -65.79
CA PHE H 252 -108.98 88.45 -65.55
C PHE H 252 -109.86 88.34 -66.79
N VAL H 253 -109.72 87.25 -67.53
CA VAL H 253 -110.36 87.09 -68.83
C VAL H 253 -111.28 85.89 -68.77
N LYS H 254 -112.53 86.07 -69.22
CA LYS H 254 -113.46 84.97 -69.43
C LYS H 254 -113.99 85.03 -70.85
N THR H 255 -113.84 83.92 -71.59
CA THR H 255 -114.24 83.83 -72.99
C THR H 255 -115.18 82.65 -73.17
N HIS H 256 -116.30 82.90 -73.84
CA HIS H 256 -117.20 81.86 -74.29
C HIS H 256 -116.86 81.51 -75.75
N ASP H 257 -117.77 80.83 -76.42
CA ASP H 257 -117.51 80.30 -77.76
C ASP H 257 -117.32 81.42 -78.78
N LYS H 258 -116.37 81.19 -79.69
CA LYS H 258 -116.05 82.08 -80.81
C LYS H 258 -115.64 83.47 -80.33
N SER H 259 -114.50 83.51 -79.64
CA SER H 259 -113.99 84.74 -79.07
C SER H 259 -112.47 84.74 -79.15
N VAL H 260 -111.90 85.89 -79.51
CA VAL H 260 -110.47 86.07 -79.68
C VAL H 260 -109.99 87.17 -78.74
N ALA H 261 -108.98 86.87 -77.94
CA ALA H 261 -108.42 87.84 -77.02
C ALA H 261 -106.90 87.91 -77.22
N GLU H 262 -106.40 89.13 -77.34
CA GLU H 262 -104.96 89.39 -77.38
C GLU H 262 -104.62 90.23 -76.15
N ILE H 263 -103.78 89.69 -75.28
CA ILE H 263 -103.46 90.28 -73.99
C ILE H 263 -101.98 90.64 -73.95
N SER H 264 -101.65 91.58 -73.06
CA SER H 264 -100.28 91.98 -72.78
C SER H 264 -100.07 92.10 -71.26
N ALA H 265 -100.47 91.05 -70.54
CA ALA H 265 -100.35 91.04 -69.09
C ALA H 265 -98.91 90.98 -68.64
N VAL H 266 -98.62 91.64 -67.51
CA VAL H 266 -97.26 91.84 -67.03
C VAL H 266 -96.97 91.00 -65.79
N ASN H 267 -97.87 91.00 -64.83
CA ASN H 267 -97.58 90.37 -63.55
C ASN H 267 -98.50 89.19 -63.24
N HIS H 268 -99.81 89.36 -63.39
CA HIS H 268 -100.76 88.38 -62.88
C HIS H 268 -101.83 88.13 -63.92
N GLN H 269 -101.96 86.87 -64.33
CA GLN H 269 -102.82 86.50 -65.45
C GLN H 269 -103.78 85.39 -65.03
N SER H 270 -105.07 85.66 -65.21
CA SER H 270 -106.14 84.70 -64.97
C SER H 270 -106.93 84.53 -66.25
N SER H 271 -106.95 83.30 -66.78
CA SER H 271 -107.57 83.05 -68.07
C SER H 271 -108.55 81.90 -67.97
N LEU H 272 -109.77 82.12 -68.44
CA LEU H 272 -110.81 81.10 -68.43
C LEU H 272 -111.50 81.07 -69.78
N ALA H 273 -111.54 79.89 -70.39
CA ALA H 273 -112.13 79.71 -71.70
C ALA H 273 -113.06 78.52 -71.69
N THR H 274 -114.26 78.69 -72.26
CA THR H 274 -115.18 77.56 -72.34
C THR H 274 -114.87 76.68 -73.54
N ASP H 275 -115.00 77.23 -74.73
CA ASP H 275 -114.79 76.52 -75.97
C ASP H 275 -114.55 77.54 -77.06
N ALA H 276 -113.99 77.08 -78.18
CA ALA H 276 -113.93 77.80 -79.46
C ALA H 276 -113.26 79.16 -79.36
N SER H 277 -112.37 79.32 -78.38
CA SER H 277 -111.87 80.63 -78.01
C SER H 277 -110.35 80.60 -77.99
N ASP H 278 -109.76 81.70 -78.46
CA ASP H 278 -108.32 81.83 -78.53
C ASP H 278 -107.86 82.92 -77.59
N ILE H 279 -106.86 82.60 -76.77
CA ILE H 279 -106.31 83.52 -75.80
C ILE H 279 -104.82 83.60 -76.07
N TYR H 280 -104.36 84.74 -76.56
CA TYR H 280 -102.96 84.89 -76.96
C TYR H 280 -102.37 86.03 -76.14
N TYR H 281 -101.30 85.73 -75.42
CA TYR H 281 -100.62 86.70 -74.59
C TYR H 281 -99.27 87.03 -75.20
N TYR H 282 -98.91 88.31 -75.18
CA TYR H 282 -97.66 88.74 -75.78
C TYR H 282 -96.63 89.20 -74.75
N ASN H 283 -96.74 88.72 -73.53
CA ASN H 283 -95.73 88.96 -72.51
C ASN H 283 -95.79 87.83 -71.50
N LEU H 284 -94.62 87.37 -71.06
CA LEU H 284 -94.55 86.33 -70.04
C LEU H 284 -94.78 86.97 -68.68
N SER H 285 -95.95 86.74 -68.12
CA SER H 285 -96.27 87.28 -66.80
C SER H 285 -95.49 86.55 -65.72
N LYS H 286 -95.38 87.20 -64.56
CA LYS H 286 -94.76 86.56 -63.42
C LYS H 286 -95.65 85.50 -62.79
N THR H 287 -96.94 85.53 -63.09
CA THR H 287 -97.87 84.51 -62.60
C THR H 287 -98.91 84.28 -63.69
N ARG H 288 -99.07 83.03 -64.09
CA ARG H 288 -99.98 82.66 -65.16
C ARG H 288 -100.84 81.49 -64.71
N ALA H 289 -102.15 81.60 -64.89
CA ALA H 289 -103.01 80.45 -64.66
C ALA H 289 -104.21 80.54 -65.58
N ASP H 290 -104.67 79.36 -66.01
CA ASP H 290 -105.66 79.29 -67.07
C ASP H 290 -106.40 77.96 -67.00
N PHE H 291 -107.62 77.97 -67.52
CA PHE H 291 -108.44 76.76 -67.60
C PHE H 291 -109.33 76.83 -68.83
N MET H 292 -109.34 75.75 -69.60
CA MET H 292 -110.19 75.62 -70.78
C MET H 292 -111.10 74.42 -70.61
N ALA H 293 -112.38 74.61 -70.94
CA ALA H 293 -113.40 73.61 -70.65
C ALA H 293 -113.54 72.61 -71.80
N PHE H 294 -113.93 73.08 -72.98
CA PHE H 294 -114.17 72.18 -74.11
C PHE H 294 -113.18 72.39 -75.23
N ASN H 295 -113.06 73.61 -75.75
CA ASN H 295 -112.22 73.87 -76.91
C ASN H 295 -111.48 75.19 -76.81
N GLY H 296 -111.41 75.79 -75.62
CA GLY H 296 -110.59 76.96 -75.44
C GLY H 296 -109.11 76.64 -75.55
N SER H 297 -108.33 77.65 -75.93
CA SER H 297 -106.91 77.43 -76.16
C SER H 297 -106.14 78.69 -75.82
N VAL H 298 -105.11 78.54 -75.01
CA VAL H 298 -104.24 79.64 -74.59
C VAL H 298 -102.85 79.35 -75.10
N LEU H 299 -102.30 80.30 -75.87
CA LEU H 299 -101.03 80.06 -76.56
C LEU H 299 -100.08 81.23 -76.38
N ASP H 300 -98.79 80.92 -76.49
CA ASP H 300 -97.74 81.92 -76.29
C ASP H 300 -97.64 82.88 -77.46
N MET H 301 -97.66 82.35 -78.68
CA MET H 301 -97.72 83.11 -79.94
C MET H 301 -96.55 84.09 -80.12
N ARG H 302 -95.41 83.82 -79.50
CA ARG H 302 -94.28 84.74 -79.55
C ARG H 302 -93.40 84.43 -80.75
N GLU H 303 -92.18 84.98 -80.76
CA GLU H 303 -91.37 85.06 -81.96
C GLU H 303 -90.33 83.96 -82.10
N TRP H 304 -89.78 83.47 -80.98
CA TRP H 304 -88.72 82.45 -80.91
C TRP H 304 -87.43 82.86 -81.59
N GLY H 305 -87.20 84.15 -81.78
CA GLY H 305 -85.97 84.60 -82.42
C GLY H 305 -85.45 85.87 -81.80
N GLN H 306 -86.08 86.28 -80.70
CA GLN H 306 -85.69 87.50 -80.02
C GLN H 306 -84.36 87.29 -79.30
N SER H 307 -83.45 88.24 -79.50
CA SER H 307 -82.13 88.16 -78.89
C SER H 307 -82.15 88.32 -77.37
N ASP H 308 -83.24 88.85 -76.82
CA ASP H 308 -83.37 89.09 -75.39
C ASP H 308 -84.62 88.41 -74.83
N LEU H 309 -85.02 87.30 -75.42
CA LEU H 309 -86.17 86.54 -74.93
C LEU H 309 -85.86 85.92 -73.57
N LYS H 310 -86.81 86.05 -72.65
CA LYS H 310 -86.71 85.46 -71.33
C LYS H 310 -87.51 84.17 -71.27
N ASP H 311 -86.97 83.17 -70.59
CA ASP H 311 -87.59 81.86 -70.51
C ASP H 311 -88.40 81.76 -69.20
N PHE H 312 -88.90 80.57 -68.92
CA PHE H 312 -89.66 80.32 -67.71
C PHE H 312 -88.75 80.33 -66.49
N ASP H 313 -89.37 80.38 -65.33
CA ASP H 313 -88.72 80.14 -64.05
C ASP H 313 -89.40 78.96 -63.36
N ARG H 314 -88.97 78.70 -62.12
CA ARG H 314 -89.58 77.62 -61.34
C ARG H 314 -91.04 77.92 -61.05
N TYR H 315 -91.34 79.16 -60.71
CA TYR H 315 -92.72 79.55 -60.46
C TYR H 315 -93.52 79.71 -61.74
N ASN H 316 -92.86 79.91 -62.88
CA ASN H 316 -93.53 80.17 -64.14
C ASN H 316 -93.65 78.95 -65.03
N LYS H 317 -93.25 77.78 -64.56
CA LYS H 317 -93.38 76.56 -65.34
C LYS H 317 -94.74 75.90 -65.07
N GLN H 318 -95.78 76.65 -65.38
CA GLN H 318 -97.15 76.16 -65.22
C GLN H 318 -97.50 75.37 -66.47
N PHE H 319 -97.34 74.06 -66.41
CA PHE H 319 -97.57 73.21 -67.57
C PHE H 319 -99.06 73.11 -67.86
N PRO H 320 -99.51 73.47 -69.08
CA PRO H 320 -100.93 73.36 -69.44
C PRO H 320 -101.33 71.94 -69.82
N ASP I 39 -89.47 30.50 -68.58
CA ASP I 39 -88.14 29.94 -68.79
C ASP I 39 -87.60 30.35 -70.15
N GLY I 40 -88.50 30.53 -71.11
CA GLY I 40 -88.11 30.90 -72.45
C GLY I 40 -87.65 32.35 -72.49
N CYS I 41 -86.37 32.58 -72.78
CA CYS I 41 -85.89 33.94 -72.95
C CYS I 41 -86.39 34.53 -74.27
N CYS I 42 -86.30 33.76 -75.35
CA CYS I 42 -86.97 34.12 -76.60
C CYS I 42 -88.32 33.42 -76.71
N SER I 43 -89.16 33.56 -75.69
CA SER I 43 -90.45 32.88 -75.66
C SER I 43 -91.44 33.56 -76.60
N LYS I 44 -92.51 32.83 -76.93
CA LYS I 44 -93.58 33.26 -77.84
C LYS I 44 -93.04 33.65 -79.22
N MET I 45 -91.97 32.97 -79.65
CA MET I 45 -91.27 33.31 -80.88
C MET I 45 -90.70 32.02 -81.45
N GLY I 46 -89.74 32.15 -82.37
CA GLY I 46 -89.04 30.99 -82.87
C GLY I 46 -88.20 30.30 -81.81
N GLY I 47 -87.65 31.08 -80.88
CA GLY I 47 -86.85 30.53 -79.82
C GLY I 47 -85.44 31.07 -79.82
N ILE I 48 -84.56 30.44 -79.06
CA ILE I 48 -83.16 30.86 -78.98
C ILE I 48 -82.45 30.43 -80.26
N ASN I 49 -81.72 31.35 -80.86
CA ASN I 49 -80.78 30.91 -81.90
C ASN I 49 -79.39 30.69 -81.31
N TYR I 50 -78.80 31.74 -80.75
CA TYR I 50 -77.46 31.63 -80.17
C TYR I 50 -77.26 32.77 -79.19
N CYS I 51 -76.02 32.96 -78.74
CA CYS I 51 -75.64 34.07 -77.89
C CYS I 51 -74.53 34.86 -78.57
N ASP I 52 -74.72 36.17 -78.68
CA ASP I 52 -73.63 37.05 -79.08
C ASP I 52 -72.83 37.41 -77.84
N SER I 53 -71.57 37.00 -77.82
CA SER I 53 -70.67 37.35 -76.72
C SER I 53 -70.16 38.77 -76.85
N SER I 54 -70.24 39.38 -78.03
CA SER I 54 -69.78 40.76 -78.19
C SER I 54 -70.69 41.73 -77.46
N ALA I 55 -71.99 41.43 -77.41
CA ALA I 55 -72.91 42.17 -76.58
C ALA I 55 -73.31 41.41 -75.33
N GLY I 56 -73.01 40.11 -75.26
CA GLY I 56 -73.43 39.30 -74.14
C GLY I 56 -74.93 39.12 -74.08
N ARG I 57 -75.58 38.98 -75.24
CA ARG I 57 -77.03 38.92 -75.31
C ARG I 57 -77.48 37.77 -76.19
N LEU I 58 -78.64 37.22 -75.88
CA LEU I 58 -79.17 36.10 -76.64
C LEU I 58 -79.81 36.60 -77.93
N VAL I 59 -79.33 36.08 -79.06
CA VAL I 59 -79.94 36.35 -80.36
C VAL I 59 -80.98 35.27 -80.62
N CYS I 60 -82.22 35.69 -80.81
CA CYS I 60 -83.35 34.79 -80.93
C CYS I 60 -83.38 34.16 -82.33
N ASN I 61 -84.28 33.18 -82.49
CA ASN I 61 -84.51 32.61 -83.81
C ASN I 61 -85.13 33.65 -84.75
N ASN I 62 -86.10 34.40 -84.25
CA ASN I 62 -86.48 35.61 -84.95
C ASN I 62 -85.40 36.67 -84.75
N GLY I 63 -85.38 37.64 -85.66
CA GLY I 63 -84.34 38.66 -85.59
C GLY I 63 -84.55 39.66 -84.48
N PHE I 64 -84.39 39.23 -83.23
CA PHE I 64 -84.62 40.14 -82.12
C PHE I 64 -83.68 39.85 -80.98
N TYR I 65 -83.39 40.90 -80.21
CA TYR I 65 -82.54 40.78 -79.04
C TYR I 65 -83.37 40.36 -77.84
N SER I 66 -82.94 39.27 -77.19
CA SER I 66 -83.64 38.80 -76.01
C SER I 66 -83.31 39.65 -74.81
N THR I 67 -84.08 39.45 -73.75
CA THR I 67 -83.90 40.17 -72.50
C THR I 67 -82.90 39.52 -71.57
N CYS I 68 -82.36 38.36 -71.94
CA CYS I 68 -81.48 37.61 -71.07
C CYS I 68 -80.03 37.78 -71.51
N TYR I 69 -79.14 37.90 -70.54
CA TYR I 69 -77.72 37.91 -70.83
C TYR I 69 -77.20 36.48 -70.96
N CYS I 70 -75.99 36.36 -71.50
CA CYS I 70 -75.30 35.09 -71.54
C CYS I 70 -73.85 35.14 -71.08
N THR I 71 -73.21 36.30 -71.13
CA THR I 71 -71.85 36.47 -70.65
C THR I 71 -71.84 37.40 -69.45
N ARG I 72 -70.84 37.24 -68.59
CA ARG I 72 -70.69 38.17 -67.49
C ARG I 72 -70.17 39.53 -67.95
N HIS I 73 -69.58 39.60 -69.14
CA HIS I 73 -69.06 40.88 -69.65
C HIS I 73 -70.12 41.61 -70.47
N ALA I 74 -71.30 41.77 -69.89
CA ALA I 74 -72.39 42.51 -70.49
C ALA I 74 -72.90 43.52 -69.47
N VAL I 75 -73.66 44.49 -69.95
CA VAL I 75 -74.10 45.58 -69.08
C VAL I 75 -75.19 45.07 -68.16
N MET I 76 -74.95 45.18 -66.86
CA MET I 76 -75.90 44.77 -65.83
C MET I 76 -76.25 46.01 -65.02
N ASP I 77 -77.50 46.46 -65.16
CA ASP I 77 -77.96 47.66 -64.49
C ASP I 77 -78.14 47.35 -63.01
N LEU I 78 -77.02 47.42 -62.29
CA LEU I 78 -77.00 47.09 -60.87
C LEU I 78 -76.55 48.30 -60.07
N GLN I 79 -77.12 48.45 -58.88
CA GLN I 79 -76.74 49.55 -58.01
C GLN I 79 -76.57 49.14 -56.55
N PHE I 80 -76.70 47.86 -56.23
CA PHE I 80 -76.52 47.39 -54.87
C PHE I 80 -75.77 46.07 -54.89
N LEU I 81 -74.80 45.93 -53.97
CA LEU I 81 -74.10 44.66 -53.82
C LEU I 81 -73.65 44.53 -52.38
N MET I 82 -73.43 43.28 -51.97
CA MET I 82 -73.08 42.97 -50.59
C MET I 82 -71.56 42.91 -50.43
N GLY I 83 -71.10 42.42 -49.29
CA GLY I 83 -69.68 42.27 -49.04
C GLY I 83 -69.25 42.86 -47.71
N CYS I 84 -68.03 42.57 -47.28
CA CYS I 84 -67.47 43.10 -46.05
C CYS I 84 -66.15 43.80 -46.35
N CYS I 85 -65.81 44.77 -45.50
CA CYS I 85 -64.73 45.76 -45.74
C CYS I 85 -64.93 46.45 -47.09
N LEU I 86 -66.18 46.75 -47.41
CA LEU I 86 -66.53 47.25 -48.72
C LEU I 86 -66.24 48.73 -48.83
N TRP I 87 -65.79 49.13 -50.01
CA TRP I 87 -65.31 50.49 -50.30
C TRP I 87 -64.21 50.91 -49.33
N HIS I 88 -63.32 49.95 -49.07
CA HIS I 88 -62.08 50.18 -48.36
C HIS I 88 -61.05 49.29 -49.03
N GLY I 89 -59.94 49.02 -48.34
CA GLY I 89 -58.91 48.18 -48.90
C GLY I 89 -59.29 46.71 -49.02
N GLY I 90 -60.44 46.30 -48.51
CA GLY I 90 -60.83 44.91 -48.53
C GLY I 90 -60.39 44.19 -47.27
N VAL I 91 -60.86 42.96 -47.14
CA VAL I 91 -60.63 42.19 -45.93
C VAL I 91 -59.16 41.78 -45.84
N TYR I 92 -58.57 41.96 -44.68
CA TYR I 92 -57.19 41.55 -44.48
C TYR I 92 -57.10 40.03 -44.48
N PRO I 93 -56.15 39.45 -45.21
CA PRO I 93 -56.15 37.98 -45.39
C PRO I 93 -55.74 37.20 -44.16
N GLN I 94 -55.09 37.81 -43.17
CA GLN I 94 -54.71 37.07 -41.99
C GLN I 94 -55.93 36.82 -41.11
N LEU I 95 -55.84 35.77 -40.28
CA LEU I 95 -56.93 35.39 -39.40
C LEU I 95 -56.67 35.90 -38.00
N ASN I 96 -57.61 36.67 -37.48
CA ASN I 96 -57.53 37.17 -36.11
C ASN I 96 -58.05 36.11 -35.15
N SER I 97 -57.41 36.03 -33.98
CA SER I 97 -57.87 35.12 -32.94
C SER I 97 -59.24 35.53 -32.43
N SER I 98 -59.45 36.84 -32.25
CA SER I 98 -60.76 37.35 -31.87
C SER I 98 -61.59 37.59 -33.13
N GLY I 99 -62.73 38.25 -32.98
CA GLY I 99 -63.58 38.58 -34.09
C GLY I 99 -63.31 39.92 -34.73
N LEU I 100 -62.25 40.62 -34.32
CA LEU I 100 -61.96 41.94 -34.86
C LEU I 100 -61.32 41.80 -36.23
N VAL I 101 -61.93 42.38 -37.24
CA VAL I 101 -61.42 42.35 -38.60
C VAL I 101 -61.34 43.78 -39.11
N VAL I 102 -60.16 44.17 -39.59
CA VAL I 102 -59.94 45.50 -40.14
C VAL I 102 -59.73 45.39 -41.64
N CYS I 103 -59.90 46.51 -42.31
CA CYS I 103 -59.70 46.56 -43.75
C CYS I 103 -58.24 46.89 -44.07
N ASN I 104 -57.88 46.68 -45.34
CA ASN I 104 -56.49 46.79 -45.76
C ASN I 104 -55.97 48.22 -45.72
N ASP I 105 -56.87 49.22 -45.75
CA ASP I 105 -56.46 50.60 -45.58
C ASP I 105 -56.44 51.03 -44.12
N GLY I 106 -56.48 50.08 -43.19
CA GLY I 106 -56.43 50.37 -41.78
C GLY I 106 -57.78 50.62 -41.14
N TYR I 107 -58.83 50.76 -41.93
CA TYR I 107 -60.16 50.98 -41.39
C TYR I 107 -60.70 49.68 -40.78
N VAL I 108 -61.59 49.82 -39.81
CA VAL I 108 -62.15 48.69 -39.08
C VAL I 108 -63.65 48.66 -39.33
N SER I 109 -64.15 47.50 -39.78
CA SER I 109 -65.57 47.30 -40.02
C SER I 109 -66.19 46.61 -38.81
N GLU I 110 -66.93 47.39 -38.02
CA GLU I 110 -67.45 46.88 -36.75
C GLU I 110 -68.59 45.91 -36.97
N GLU I 111 -69.47 46.19 -37.93
CA GLU I 111 -70.59 45.30 -38.18
C GLU I 111 -70.15 44.01 -38.84
N CYS I 112 -69.03 44.04 -39.58
CA CYS I 112 -68.45 42.81 -40.07
C CYS I 112 -67.72 42.07 -38.96
N SER I 113 -67.19 42.81 -37.98
CA SER I 113 -66.59 42.18 -36.82
C SER I 113 -67.67 41.56 -35.94
N LEU I 114 -67.24 40.62 -35.10
CA LEU I 114 -68.15 39.88 -34.24
C LEU I 114 -68.18 40.49 -32.85
N GLN I 115 -69.38 40.74 -32.33
CA GLN I 115 -69.58 41.33 -31.02
C GLN I 115 -70.49 40.42 -30.20
N LYS I 116 -70.09 40.18 -28.95
CA LYS I 116 -70.91 39.42 -28.00
C LYS I 116 -72.19 40.16 -27.64
N UNK J 1 -82.41 59.82 -83.34
CA UNK J 1 -82.28 59.91 -84.79
C UNK J 1 -83.41 60.71 -85.40
N UNK J 2 -84.52 60.79 -84.67
CA UNK J 2 -85.70 61.62 -84.88
C UNK J 2 -86.54 61.25 -86.10
N UNK J 3 -86.09 60.32 -86.94
CA UNK J 3 -86.82 59.92 -88.15
C UNK J 3 -86.28 58.59 -88.60
N UNK J 4 -87.16 57.68 -89.02
CA UNK J 4 -86.76 56.39 -89.58
C UNK J 4 -87.34 56.17 -90.97
N UNK J 5 -87.22 57.17 -91.84
CA UNK J 5 -87.56 57.04 -93.25
C UNK J 5 -86.49 57.82 -94.01
N UNK J 6 -85.47 57.10 -94.48
CA UNK J 6 -84.42 57.69 -95.28
C UNK J 6 -85.00 58.05 -96.63
N UNK J 7 -85.54 59.25 -96.74
CA UNK J 7 -86.30 59.66 -97.92
C UNK J 7 -85.36 59.91 -99.09
N UNK J 8 -85.44 59.06 -100.10
CA UNK J 8 -84.60 59.18 -101.29
C UNK J 8 -85.29 60.13 -102.26
N UNK J 9 -84.97 61.43 -102.12
CA UNK J 9 -85.46 62.53 -102.95
C UNK J 9 -86.98 62.62 -103.04
N UNK K 1 9.74 114.56 18.45
CA UNK K 1 9.77 113.32 17.70
C UNK K 1 9.18 113.52 16.30
N UNK K 2 8.11 112.79 16.01
CA UNK K 2 7.41 112.97 14.74
C UNK K 2 6.59 114.26 14.78
N UNK K 3 6.78 115.11 13.78
CA UNK K 3 6.16 116.42 13.72
C UNK K 3 5.14 116.45 12.58
N UNK K 4 3.87 116.68 12.92
CA UNK K 4 2.81 116.66 11.92
C UNK K 4 2.91 117.88 10.99
N UNK K 5 3.19 119.06 11.55
CA UNK K 5 3.29 120.27 10.73
C UNK K 5 4.52 120.22 9.82
N UNK K 6 5.65 119.75 10.33
CA UNK K 6 6.84 119.62 9.51
C UNK K 6 6.68 118.52 8.45
N UNK K 7 5.97 117.44 8.78
CA UNK K 7 5.68 116.41 7.80
C UNK K 7 4.78 116.93 6.69
N UNK K 8 3.77 117.73 7.05
CA UNK K 8 2.89 118.33 6.05
C UNK K 8 3.64 119.34 5.18
N UNK K 9 4.56 120.11 5.78
CA UNK K 9 5.37 121.05 5.02
C UNK K 9 6.32 120.33 4.07
N UNK K 10 6.90 119.21 4.51
CA UNK K 10 7.76 118.41 3.65
C UNK K 10 6.97 117.78 2.52
N UNK K 11 5.75 117.32 2.79
CA UNK K 11 4.89 116.78 1.75
C UNK K 11 4.49 117.83 0.74
N UNK K 12 4.22 119.05 1.21
CA UNK K 12 3.90 120.15 0.31
C UNK K 12 5.09 120.54 -0.55
N UNK K 13 6.29 120.58 0.04
CA UNK K 13 7.49 120.91 -0.73
C UNK K 13 7.85 119.81 -1.72
N UNK K 14 7.57 118.55 -1.38
CA UNK K 14 7.81 117.46 -2.33
C UNK K 14 6.78 117.45 -3.45
N UNK K 15 5.53 117.79 -3.13
CA UNK K 15 4.50 117.86 -4.16
C UNK K 15 4.70 119.06 -5.08
N UNK K 16 5.23 120.16 -4.55
CA UNK K 16 5.50 121.37 -5.32
C UNK K 16 7.01 121.63 -5.30
N UNK K 17 7.72 120.97 -6.23
CA UNK K 17 9.13 121.25 -6.45
C UNK K 17 9.40 121.84 -7.83
N UNK K 18 8.46 121.69 -8.77
CA UNK K 18 8.54 122.21 -10.14
C UNK K 18 9.79 121.74 -10.88
N UNK K 19 10.10 120.45 -10.73
CA UNK K 19 11.29 119.89 -11.36
C UNK K 19 11.01 118.44 -11.73
N UNK K 20 10.61 118.23 -12.98
CA UNK K 20 10.40 116.89 -13.53
C UNK K 20 10.51 116.99 -15.05
N UNK K 21 11.13 115.98 -15.66
CA UNK K 21 11.33 115.97 -17.11
C UNK K 21 10.93 114.62 -17.68
N UNK K 22 10.09 114.64 -18.71
CA UNK K 22 9.67 113.43 -19.40
C UNK K 22 9.97 113.57 -20.89
N UNK K 23 10.52 112.50 -21.47
CA UNK K 23 10.97 112.52 -22.86
C UNK K 23 10.36 111.35 -23.62
N UNK K 24 9.97 111.60 -24.87
CA UNK K 24 9.49 110.56 -25.75
C UNK K 24 10.59 110.19 -26.72
N UNK K 25 10.32 109.22 -27.58
CA UNK K 25 11.32 108.72 -28.51
C UNK K 25 10.73 108.57 -29.90
N UNK K 26 11.60 108.65 -30.90
CA UNK K 26 11.22 108.37 -32.28
C UNK K 26 11.40 106.88 -32.55
N UNK K 27 11.30 106.48 -33.82
CA UNK K 27 11.42 105.08 -34.18
C UNK K 27 12.85 104.58 -34.05
N UNK K 28 13.83 105.42 -34.41
CA UNK K 28 15.24 105.06 -34.36
C UNK K 28 15.92 105.56 -33.09
N UNK K 29 15.16 105.58 -31.98
CA UNK K 29 15.63 105.97 -30.64
C UNK K 29 16.21 107.38 -30.61
N UNK K 30 15.58 108.30 -31.35
CA UNK K 30 15.89 109.72 -31.25
C UNK K 30 15.09 110.29 -30.08
N UNK K 31 15.81 110.76 -29.06
CA UNK K 31 15.19 111.18 -27.81
C UNK K 31 14.61 112.58 -27.98
N UNK K 32 13.31 112.66 -28.20
CA UNK K 32 12.62 113.93 -28.35
C UNK K 32 12.17 114.39 -26.96
N UNK K 33 12.81 115.44 -26.46
CA UNK K 33 12.49 116.03 -25.17
C UNK K 33 12.17 117.50 -25.33
N UNK K 34 12.02 118.19 -24.20
CA UNK K 34 11.78 119.63 -24.16
C UNK K 34 12.24 120.14 -22.81
N UNK K 35 11.81 121.37 -22.48
CA UNK K 35 12.07 121.92 -21.17
C UNK K 35 11.20 121.22 -20.13
N UNK K 36 11.65 121.29 -18.87
CA UNK K 36 10.90 120.72 -17.77
C UNK K 36 9.64 121.52 -17.50
N UNK K 37 8.51 120.82 -17.38
CA UNK K 37 7.22 121.49 -17.17
C UNK K 37 6.44 120.83 -16.05
N UNK K 38 5.21 121.31 -15.83
CA UNK K 38 4.27 120.87 -14.79
C UNK K 38 4.88 120.91 -13.38
N UNK K 39 8.00 102.00 -26.72
CA UNK K 39 9.06 102.74 -27.39
C UNK K 39 8.61 104.13 -27.79
N UNK K 40 7.32 104.25 -28.11
CA UNK K 40 6.74 105.54 -28.50
C UNK K 40 6.54 106.45 -27.30
N UNK K 41 6.14 105.89 -26.16
CA UNK K 41 5.96 106.64 -24.92
C UNK K 41 6.31 105.71 -23.77
N UNK K 42 7.53 105.83 -23.26
CA UNK K 42 7.96 105.04 -22.12
C UNK K 42 7.24 105.51 -20.87
N UNK K 43 6.81 104.54 -20.05
CA UNK K 43 6.20 104.87 -18.78
C UNK K 43 7.21 105.45 -17.80
N UNK K 44 8.49 105.10 -17.94
CA UNK K 44 9.55 105.63 -17.10
C UNK K 44 10.21 106.86 -17.70
N UNK K 45 9.47 107.66 -18.45
CA UNK K 45 10.02 108.88 -19.04
C UNK K 45 10.31 109.94 -17.98
N UNK K 46 9.59 109.90 -16.87
CA UNK K 46 9.73 110.93 -15.84
C UNK K 46 11.04 110.77 -15.08
N UNK K 47 11.77 111.87 -14.94
CA UNK K 47 13.00 111.94 -14.18
C UNK K 47 13.00 113.20 -13.34
N UNK K 48 13.45 113.08 -12.09
CA UNK K 48 13.47 114.19 -11.15
C UNK K 48 14.56 114.01 -10.11
N LYS L 24 -109.05 56.23 -68.16
CA LYS L 24 -110.05 55.95 -67.14
C LYS L 24 -109.47 56.11 -65.75
N PHE L 25 -108.14 56.17 -65.67
CA PHE L 25 -107.45 56.35 -64.40
C PHE L 25 -106.18 57.14 -64.66
N LYS L 26 -106.09 58.34 -64.09
CA LYS L 26 -104.85 59.07 -64.05
C LYS L 26 -104.01 58.56 -62.89
N LYS L 27 -102.77 58.27 -63.15
CA LYS L 27 -101.97 57.69 -62.09
C LYS L 27 -101.06 58.74 -61.47
N PRO L 28 -100.79 58.63 -60.16
CA PRO L 28 -99.79 59.49 -59.54
C PRO L 28 -98.39 59.12 -60.00
N PRO L 29 -97.43 60.04 -59.89
CA PRO L 29 -96.06 59.73 -60.29
C PRO L 29 -95.43 58.64 -59.44
N ILE L 30 -94.48 57.92 -60.04
CA ILE L 30 -93.79 56.85 -59.35
C ILE L 30 -92.86 57.41 -58.28
N ASN L 31 -92.08 58.42 -58.63
CA ASN L 31 -91.15 59.05 -57.69
C ASN L 31 -91.81 60.20 -56.94
N ASN L 32 -92.95 59.90 -56.33
CA ASN L 32 -93.66 60.91 -55.57
C ASN L 32 -92.96 61.16 -54.25
N PRO L 33 -92.62 62.39 -53.92
CA PRO L 33 -92.13 62.68 -52.57
C PRO L 33 -93.28 62.67 -51.59
N SER L 34 -93.77 61.47 -51.24
CA SER L 34 -94.93 61.32 -50.39
C SER L 34 -94.58 61.23 -48.92
N ASP L 35 -93.42 61.76 -48.52
CA ASP L 35 -92.98 61.66 -47.15
C ASP L 35 -92.42 63.00 -46.70
N ASP L 36 -92.68 63.31 -45.43
CA ASP L 36 -92.36 64.61 -44.86
C ASP L 36 -90.85 64.85 -44.82
N ALA L 37 -90.07 63.79 -44.66
CA ALA L 37 -88.62 63.96 -44.76
C ALA L 37 -88.20 64.17 -46.21
N THR L 38 -88.87 63.48 -47.14
CA THR L 38 -88.44 63.50 -48.53
C THR L 38 -88.71 64.84 -49.19
N ILE L 39 -89.81 65.50 -48.82
CA ILE L 39 -90.10 66.80 -49.41
C ILE L 39 -89.09 67.84 -48.94
N LYS L 40 -88.70 67.77 -47.67
CA LYS L 40 -87.69 68.69 -47.15
C LYS L 40 -86.33 68.39 -47.78
N LEU L 41 -86.03 67.12 -48.00
CA LEU L 41 -84.77 66.74 -48.64
C LEU L 41 -84.68 67.27 -50.06
N ALA L 42 -85.77 67.11 -50.83
CA ALA L 42 -85.78 67.59 -52.21
C ALA L 42 -85.77 69.11 -52.27
N GLU L 43 -86.47 69.77 -51.34
CA GLU L 43 -86.47 71.22 -51.29
C GLU L 43 -85.09 71.76 -50.95
N ALA L 44 -84.40 71.11 -50.00
CA ALA L 44 -83.05 71.51 -49.65
C ALA L 44 -82.09 71.27 -50.81
N ALA L 45 -82.29 70.20 -51.56
CA ALA L 45 -81.47 69.93 -52.75
C ALA L 45 -81.67 71.01 -53.80
N VAL L 46 -82.92 71.43 -54.00
CA VAL L 46 -83.21 72.50 -54.96
C VAL L 46 -82.55 73.80 -54.52
N SER L 47 -82.63 74.11 -53.23
CA SER L 47 -82.05 75.34 -52.70
C SER L 47 -80.53 75.33 -52.83
N VAL L 48 -79.89 74.22 -52.50
CA VAL L 48 -78.43 74.18 -52.56
C VAL L 48 -77.94 74.16 -54.01
N SER L 49 -78.72 73.58 -54.92
CA SER L 49 -78.38 73.64 -56.33
C SER L 49 -78.47 75.06 -56.85
N ASP L 50 -79.51 75.79 -56.42
CA ASP L 50 -79.64 77.19 -56.80
C ASP L 50 -78.51 78.02 -56.23
N SER L 51 -78.09 77.72 -55.00
CA SER L 51 -76.99 78.45 -54.37
C SER L 51 -75.68 78.21 -55.11
N MET L 52 -75.40 76.97 -55.47
CA MET L 52 -74.19 76.67 -56.23
C MET L 52 -74.23 77.28 -57.62
N LEU L 53 -75.41 77.30 -58.25
CA LEU L 53 -75.55 77.90 -59.56
C LEU L 53 -75.30 79.40 -59.51
N GLU L 54 -75.83 80.07 -58.49
CA GLU L 54 -75.57 81.50 -58.33
C GLU L 54 -74.12 81.79 -57.97
N MET L 55 -73.50 80.87 -57.22
CA MET L 55 -72.07 80.97 -56.93
C MET L 55 -71.26 80.94 -58.21
N ALA L 56 -71.59 80.00 -59.10
CA ALA L 56 -70.89 79.91 -60.38
C ALA L 56 -71.18 81.12 -61.26
N LYS L 57 -72.41 81.64 -61.19
CA LYS L 57 -72.79 82.80 -61.98
C LYS L 57 -72.01 84.04 -61.57
N VAL L 58 -71.85 84.25 -60.26
CA VAL L 58 -71.08 85.40 -59.82
C VAL L 58 -69.58 85.12 -59.87
N GLU L 59 -69.18 83.86 -59.99
CA GLU L 59 -67.77 83.53 -59.96
C GLU L 59 -67.12 83.52 -61.33
N LYS L 60 -67.88 83.15 -62.37
CA LYS L 60 -67.29 82.91 -63.67
C LYS L 60 -66.87 84.21 -64.36
N VAL L 61 -65.67 84.21 -64.91
CA VAL L 61 -65.15 85.33 -65.70
C VAL L 61 -65.10 84.88 -67.16
N ILE L 62 -65.72 85.68 -68.03
CA ILE L 62 -65.78 85.38 -69.45
C ILE L 62 -65.30 86.59 -70.24
N THR L 63 -65.40 86.49 -71.55
CA THR L 63 -64.96 87.52 -72.48
C THR L 63 -66.09 87.84 -73.46
N PRO L 64 -66.19 89.09 -73.90
CA PRO L 64 -67.15 89.41 -74.96
C PRO L 64 -66.68 88.84 -76.28
N PRO L 65 -67.60 88.38 -77.13
CA PRO L 65 -67.23 87.89 -78.46
C PRO L 65 -66.93 88.98 -79.47
N SER L 66 -66.96 90.24 -79.05
CA SER L 66 -66.52 91.32 -79.93
C SER L 66 -65.00 91.34 -80.05
N LYS L 67 -64.29 91.12 -78.95
CA LYS L 67 -62.84 91.27 -78.92
C LYS L 67 -62.14 89.99 -78.48
N ASP L 68 -62.76 88.85 -78.74
CA ASP L 68 -62.11 87.57 -78.45
C ASP L 68 -61.00 87.33 -79.48
N ASN L 69 -59.78 87.18 -78.98
CA ASN L 69 -58.61 87.06 -79.84
C ASN L 69 -58.57 85.66 -80.43
N THR L 70 -59.28 85.48 -81.54
CA THR L 70 -59.28 84.23 -82.28
C THR L 70 -59.09 84.55 -83.76
N LEU L 71 -58.64 83.55 -84.49
CA LEU L 71 -58.40 83.71 -85.92
C LEU L 71 -59.72 83.78 -86.67
N THR L 72 -59.98 84.93 -87.28
CA THR L 72 -61.15 85.03 -88.16
C THR L 72 -60.89 84.24 -89.44
N ILE L 73 -61.97 83.78 -90.06
CA ILE L 73 -61.90 82.91 -91.22
C ILE L 73 -61.83 83.79 -92.47
N PRO L 74 -60.76 83.72 -93.27
CA PRO L 74 -60.73 84.45 -94.54
C PRO L 74 -61.55 83.77 -95.63
N ASN L 75 -61.99 82.53 -95.40
CA ASN L 75 -62.84 81.68 -96.24
C ASN L 75 -62.49 81.68 -97.73
N ALA L 76 -61.20 81.73 -98.05
CA ALA L 76 -60.77 81.52 -99.42
C ALA L 76 -60.99 80.07 -99.82
N TYR L 77 -61.09 79.84 -101.14
CA TYR L 77 -61.59 78.57 -101.65
C TYR L 77 -60.61 77.42 -101.43
N ASN L 78 -59.33 77.71 -101.23
CA ASN L 78 -58.37 76.63 -101.00
C ASN L 78 -58.53 75.99 -99.63
N LEU L 79 -59.23 76.63 -98.70
CA LEU L 79 -59.36 76.11 -97.35
C LEU L 79 -60.63 75.29 -97.16
N GLN L 80 -61.46 75.16 -98.19
CA GLN L 80 -62.73 74.47 -98.07
C GLN L 80 -62.62 72.96 -98.25
N ALA L 81 -61.41 72.45 -98.46
CA ALA L 81 -61.22 71.02 -98.60
C ALA L 81 -61.21 70.34 -97.23
N ARG L 82 -61.10 69.01 -97.26
CA ARG L 82 -61.05 68.20 -96.06
C ARG L 82 -59.78 67.37 -96.06
N ALA L 83 -59.40 66.90 -94.89
CA ALA L 83 -58.24 66.03 -94.73
C ALA L 83 -58.41 65.19 -93.48
N SER L 84 -57.45 64.31 -93.24
CA SER L 84 -57.40 63.49 -92.02
C SER L 84 -55.95 63.48 -91.56
N VAL L 85 -55.67 64.16 -90.46
CA VAL L 85 -54.29 64.43 -90.04
C VAL L 85 -54.14 64.06 -88.57
N ASP L 86 -53.15 63.22 -88.27
CA ASP L 86 -52.72 62.94 -86.92
C ASP L 86 -51.28 63.42 -86.77
N TRP L 87 -51.01 64.16 -85.71
CA TRP L 87 -49.71 64.78 -85.52
C TRP L 87 -49.55 65.12 -84.04
N SER L 88 -48.32 65.00 -83.55
CA SER L 88 -47.99 65.48 -82.20
C SER L 88 -46.53 65.93 -82.24
N GLY L 89 -46.33 67.22 -82.48
CA GLY L 89 -44.99 67.75 -82.57
C GLY L 89 -44.96 69.23 -82.88
N PRO L 90 -43.89 69.69 -83.54
CA PRO L 90 -43.76 71.12 -83.83
C PRO L 90 -44.75 71.64 -84.86
N ILE L 91 -44.58 72.91 -85.21
CA ILE L 91 -45.65 73.70 -85.81
C ILE L 91 -45.29 74.18 -87.22
N GLU L 92 -44.04 74.61 -87.41
CA GLU L 92 -43.65 75.34 -88.62
C GLU L 92 -43.69 74.45 -89.85
N GLU L 93 -43.20 73.21 -89.73
CA GLU L 93 -43.24 72.28 -90.85
C GLU L 93 -44.68 71.88 -91.20
N LEU L 94 -45.56 71.81 -90.19
CA LEU L 94 -46.95 71.48 -90.44
C LEU L 94 -47.64 72.62 -91.18
N THR L 95 -47.37 73.86 -90.76
CA THR L 95 -47.95 75.01 -91.44
C THR L 95 -47.43 75.16 -92.86
N ALA L 96 -46.14 74.89 -93.07
CA ALA L 96 -45.58 74.95 -94.41
C ALA L 96 -46.18 73.89 -95.32
N ARG L 97 -46.40 72.68 -94.79
CA ARG L 97 -47.05 71.65 -95.59
C ARG L 97 -48.51 71.97 -95.86
N ILE L 98 -49.18 72.62 -94.90
CA ILE L 98 -50.57 73.06 -95.11
C ILE L 98 -50.63 74.11 -96.21
N ALA L 99 -49.69 75.06 -96.20
CA ALA L 99 -49.63 76.07 -97.26
C ALA L 99 -49.26 75.47 -98.60
N LYS L 100 -48.45 74.40 -98.59
CA LYS L 100 -48.14 73.69 -99.83
C LYS L 100 -49.39 73.02 -100.39
N ALA L 101 -50.18 72.37 -99.53
CA ALA L 101 -51.41 71.73 -99.99
C ALA L 101 -52.44 72.76 -100.42
N ALA L 102 -52.44 73.93 -99.82
CA ALA L 102 -53.32 75.02 -100.22
C ALA L 102 -52.75 75.89 -101.33
N HIS L 103 -51.53 75.55 -101.80
CA HIS L 103 -50.83 76.25 -102.88
C HIS L 103 -50.59 77.73 -102.54
N PHE L 104 -50.32 77.99 -101.28
CA PHE L 104 -49.99 79.31 -100.79
C PHE L 104 -48.47 79.42 -100.61
N ARG L 105 -48.01 80.56 -100.12
CA ARG L 105 -46.62 80.72 -99.72
C ARG L 105 -46.55 80.88 -98.21
N PHE L 106 -45.35 80.68 -97.68
CA PHE L 106 -45.10 80.63 -96.25
C PHE L 106 -44.16 81.75 -95.84
N ARG L 107 -44.52 82.48 -94.80
CA ARG L 107 -43.71 83.58 -94.32
C ARG L 107 -43.56 83.47 -92.82
N VAL L 108 -42.38 83.82 -92.31
CA VAL L 108 -42.08 83.72 -90.89
C VAL L 108 -41.40 85.00 -90.43
N LEU L 109 -41.83 85.51 -89.29
CA LEU L 109 -41.15 86.63 -88.65
C LEU L 109 -40.91 86.30 -87.19
N GLY L 110 -39.75 86.70 -86.69
CA GLY L 110 -39.29 86.28 -85.39
C GLY L 110 -38.44 85.04 -85.48
N LYS L 111 -37.92 84.62 -84.34
CA LYS L 111 -37.05 83.47 -84.25
C LYS L 111 -37.67 82.41 -83.38
N SER L 112 -37.34 81.15 -83.66
CA SER L 112 -37.79 80.06 -82.83
C SER L 112 -37.09 80.12 -81.47
N PRO L 113 -37.79 79.75 -80.39
CA PRO L 113 -37.14 79.77 -79.06
C PRO L 113 -36.17 78.62 -78.87
N SER L 114 -35.65 78.51 -77.65
CA SER L 114 -34.83 77.36 -77.29
C SER L 114 -35.65 76.08 -77.34
N VAL L 115 -36.85 76.12 -76.78
CA VAL L 115 -37.81 75.02 -76.90
C VAL L 115 -38.84 75.44 -77.94
N PRO L 116 -38.99 74.73 -79.05
CA PRO L 116 -40.03 75.05 -80.01
C PRO L 116 -41.40 74.70 -79.48
N VAL L 117 -42.40 75.39 -80.04
CA VAL L 117 -43.79 75.20 -79.63
C VAL L 117 -44.29 73.89 -80.20
N LEU L 118 -44.95 73.09 -79.38
CA LEU L 118 -45.41 71.76 -79.77
C LEU L 118 -46.94 71.71 -79.67
N ILE L 119 -47.58 71.32 -80.77
CA ILE L 119 -49.03 71.22 -80.84
C ILE L 119 -49.38 69.84 -81.38
N SER L 120 -50.29 69.15 -80.70
CA SER L 120 -50.77 67.84 -81.12
C SER L 120 -52.20 67.98 -81.64
N ILE L 121 -52.42 67.59 -82.89
CA ILE L 121 -53.72 67.65 -83.54
C ILE L 121 -54.04 66.27 -84.11
N SER L 122 -55.17 65.70 -83.74
CA SER L 122 -55.65 64.46 -84.34
C SER L 122 -57.06 64.69 -84.83
N THR L 123 -57.29 64.44 -86.11
CA THR L 123 -58.59 64.68 -86.70
C THR L 123 -58.78 63.80 -87.92
N LYS L 124 -60.04 63.50 -88.21
CA LYS L 124 -60.44 62.71 -89.37
C LYS L 124 -61.09 63.53 -90.46
N ASP L 125 -61.78 64.62 -90.11
CA ASP L 125 -62.49 65.43 -91.09
C ASP L 125 -62.64 66.83 -90.52
N GLU L 126 -62.19 67.84 -91.25
CA GLU L 126 -62.20 69.21 -90.76
C GLU L 126 -62.19 70.18 -91.94
N SER L 127 -62.15 71.46 -91.62
CA SER L 127 -61.80 72.51 -92.56
C SER L 127 -60.38 72.97 -92.29
N LEU L 128 -59.69 73.42 -93.35
CA LEU L 128 -58.34 73.93 -93.20
C LEU L 128 -58.32 75.19 -92.36
N ALA L 129 -59.34 76.04 -92.53
CA ALA L 129 -59.46 77.22 -91.68
C ALA L 129 -59.75 76.84 -90.23
N GLU L 130 -60.51 75.75 -90.02
CA GLU L 130 -60.72 75.25 -88.66
C GLU L 130 -59.42 74.75 -88.05
N ILE L 131 -58.59 74.09 -88.88
CA ILE L 131 -57.28 73.63 -88.44
C ILE L 131 -56.41 74.80 -88.04
N LEU L 132 -56.40 75.85 -88.86
CA LEU L 132 -55.58 77.01 -88.57
C LEU L 132 -56.10 77.78 -87.36
N ARG L 133 -57.42 77.82 -87.18
CA ARG L 133 -58.02 78.47 -86.02
C ARG L 133 -57.65 77.73 -84.73
N ASP L 134 -57.69 76.39 -84.77
CA ASP L 134 -57.29 75.64 -83.59
C ASP L 134 -55.79 75.73 -83.34
N ILE L 135 -55.01 75.87 -84.41
CA ILE L 135 -53.57 76.11 -84.27
C ILE L 135 -53.34 77.44 -83.56
N ASP L 136 -54.08 78.47 -83.95
CA ASP L 136 -53.98 79.78 -83.31
C ASP L 136 -54.46 79.70 -81.85
N TYR L 137 -55.48 78.89 -81.59
CA TYR L 137 -55.97 78.73 -80.23
C TYR L 137 -54.94 78.04 -79.35
N GLN L 138 -54.29 77.01 -79.86
CA GLN L 138 -53.29 76.28 -79.09
C GLN L 138 -51.94 76.99 -79.06
N ALA L 139 -51.75 78.00 -79.92
CA ALA L 139 -50.47 78.69 -79.95
C ALA L 139 -50.23 79.54 -78.72
N GLY L 140 -51.30 80.03 -78.09
CA GLY L 140 -51.10 80.93 -76.98
C GLY L 140 -50.68 82.30 -77.47
N LYS L 141 -50.05 83.05 -76.56
CA LYS L 141 -49.66 84.41 -76.83
C LYS L 141 -48.27 84.53 -77.43
N LYS L 142 -47.50 83.44 -77.52
CA LYS L 142 -46.13 83.53 -78.00
C LYS L 142 -46.05 83.60 -79.51
N ALA L 143 -47.11 83.24 -80.23
CA ALA L 143 -47.07 83.28 -81.69
C ALA L 143 -48.48 83.48 -82.22
N SER L 144 -48.55 84.01 -83.44
CA SER L 144 -49.81 84.26 -84.10
C SER L 144 -49.64 84.04 -85.59
N ILE L 145 -50.77 84.08 -86.29
CA ILE L 145 -50.78 83.84 -87.73
C ILE L 145 -51.56 84.95 -88.42
N HIS L 146 -51.24 85.15 -89.69
CA HIS L 146 -51.99 86.07 -90.54
C HIS L 146 -52.12 85.46 -91.93
N VAL L 147 -53.26 85.70 -92.56
CA VAL L 147 -53.56 85.16 -93.88
C VAL L 147 -53.77 86.32 -94.83
N TYR L 148 -53.01 86.35 -95.92
CA TYR L 148 -53.31 87.26 -97.01
C TYR L 148 -53.91 86.45 -98.14
N PRO L 149 -55.19 86.63 -98.46
CA PRO L 149 -55.83 85.82 -99.50
C PRO L 149 -55.75 86.45 -100.88
N ASN L 150 -55.28 87.69 -100.98
CA ASN L 150 -55.08 88.38 -102.24
C ASN L 150 -53.73 88.05 -102.84
N SER L 151 -52.66 88.32 -102.11
CA SER L 151 -51.35 87.75 -102.40
C SER L 151 -51.24 86.50 -101.54
N GLN L 152 -51.30 85.33 -102.19
CA GLN L 152 -51.67 84.09 -101.51
C GLN L 152 -50.60 83.62 -100.52
N VAL L 153 -50.62 84.16 -99.30
CA VAL L 153 -49.56 83.89 -98.35
C VAL L 153 -50.16 83.67 -96.96
N VAL L 154 -49.42 82.95 -96.12
CA VAL L 154 -49.72 82.83 -94.71
C VAL L 154 -48.43 83.08 -93.93
N GLU L 155 -48.51 83.91 -92.89
CA GLU L 155 -47.36 84.34 -92.12
C GLU L 155 -47.54 83.91 -90.66
N LEU L 156 -46.44 83.45 -90.07
CA LEU L 156 -46.37 83.12 -88.66
C LEU L 156 -45.43 84.10 -87.97
N ARG L 157 -45.92 84.72 -86.89
CA ARG L 157 -45.19 85.76 -86.19
C ARG L 157 -44.91 85.31 -84.76
N TYR L 158 -43.66 85.45 -84.34
CA TYR L 158 -43.27 85.20 -82.96
C TYR L 158 -43.48 86.45 -82.11
N ALA L 159 -43.39 86.26 -80.79
CA ALA L 159 -43.48 87.36 -79.84
C ALA L 159 -42.11 87.63 -79.23
N LYS L 160 -42.08 88.56 -78.29
CA LYS L 160 -40.84 88.94 -77.61
C LYS L 160 -40.62 88.11 -76.35
N ILE M 208 -78.52 110.89 -67.01
CA ILE M 208 -79.91 110.48 -66.86
C ILE M 208 -80.17 109.28 -67.78
N ILE M 209 -81.19 108.51 -67.47
CA ILE M 209 -81.55 107.32 -68.25
C ILE M 209 -83.06 107.30 -68.41
N TYR M 210 -83.52 107.14 -69.65
CA TYR M 210 -84.95 107.10 -69.94
C TYR M 210 -85.40 105.67 -70.19
N TYR M 211 -86.72 105.46 -70.10
CA TYR M 211 -87.31 104.15 -70.27
C TYR M 211 -88.54 104.27 -71.15
N ILE M 212 -88.92 103.16 -71.77
CA ILE M 212 -90.13 103.16 -72.58
C ILE M 212 -91.33 102.88 -71.69
N GLN M 213 -92.45 103.48 -72.06
CA GLN M 213 -93.70 103.34 -71.32
C GLN M 213 -94.81 102.73 -72.16
N ALA M 214 -95.03 103.24 -73.37
CA ALA M 214 -96.03 102.72 -74.28
C ALA M 214 -95.46 102.75 -75.69
N VAL M 215 -95.63 101.66 -76.43
CA VAL M 215 -95.03 101.48 -77.74
C VAL M 215 -96.14 101.34 -78.77
N ILE M 216 -96.12 102.19 -79.78
CA ILE M 216 -97.05 102.09 -80.90
C ILE M 216 -96.25 102.23 -82.19
N PRO M 217 -96.74 101.67 -83.29
CA PRO M 217 -96.12 101.98 -84.59
C PRO M 217 -96.27 103.45 -84.93
N GLY M 218 -95.17 104.19 -84.89
CA GLY M 218 -95.20 105.60 -85.18
C GLY M 218 -94.80 106.50 -84.04
N ARG M 219 -95.26 106.18 -82.83
CA ARG M 219 -95.00 107.01 -81.66
C ARG M 219 -94.62 106.15 -80.48
N ALA M 220 -93.87 106.74 -79.55
CA ALA M 220 -93.44 106.02 -78.36
C ALA M 220 -93.49 106.95 -77.17
N TRP M 221 -93.53 106.34 -75.98
CA TRP M 221 -93.64 107.07 -74.74
C TRP M 221 -92.37 106.90 -73.94
N LEU M 222 -91.78 108.03 -73.54
CA LEU M 222 -90.56 108.07 -72.74
C LEU M 222 -90.90 108.51 -71.33
N ILE M 223 -90.42 107.75 -70.34
CA ILE M 223 -90.52 108.11 -68.93
C ILE M 223 -89.11 108.20 -68.37
N GLY M 224 -88.79 109.33 -67.76
CA GLY M 224 -87.44 109.63 -67.36
C GLY M 224 -87.16 109.38 -65.89
N SER M 225 -85.88 109.46 -65.55
CA SER M 225 -85.44 109.32 -64.16
C SER M 225 -85.82 110.52 -63.32
N ASN M 226 -86.08 111.67 -63.94
CA ASN M 226 -86.62 112.83 -63.26
C ASN M 226 -88.14 112.84 -63.24
N GLY M 227 -88.78 111.79 -63.74
CA GLY M 227 -90.23 111.75 -63.84
C GLY M 227 -90.78 112.42 -65.07
N SER M 228 -89.93 112.75 -66.04
CA SER M 228 -90.40 113.41 -67.26
C SER M 228 -91.16 112.44 -68.14
N THR M 229 -92.19 112.96 -68.81
CA THR M 229 -93.02 112.18 -69.72
C THR M 229 -92.95 112.81 -71.11
N LEU M 230 -92.81 111.97 -72.13
CA LEU M 230 -92.65 112.48 -73.49
C LEU M 230 -93.30 111.54 -74.48
N THR M 231 -93.86 112.11 -75.54
CA THR M 231 -94.37 111.35 -76.68
C THR M 231 -93.55 111.73 -77.91
N VAL M 232 -93.03 110.72 -78.60
CA VAL M 232 -92.06 110.93 -79.66
C VAL M 232 -92.57 110.27 -80.94
N ARG M 233 -92.27 110.91 -82.07
CA ARG M 233 -92.60 110.38 -83.39
C ARG M 233 -91.54 109.36 -83.81
N GLU M 234 -91.58 108.97 -85.09
CA GLU M 234 -90.59 108.05 -85.62
C GLU M 234 -89.20 108.68 -85.65
N GLY M 235 -89.11 109.94 -86.06
CA GLY M 235 -87.84 110.63 -86.08
C GLY M 235 -87.91 112.03 -85.53
N SER M 236 -87.17 112.28 -84.45
CA SER M 236 -87.07 113.61 -83.86
C SER M 236 -85.84 113.65 -82.98
N LYS M 237 -85.40 114.87 -82.68
CA LYS M 237 -84.30 115.04 -81.73
C LYS M 237 -84.80 114.77 -80.32
N ILE M 238 -84.07 113.95 -79.58
CA ILE M 238 -84.48 113.57 -78.22
C ILE M 238 -83.36 113.93 -77.26
N PRO M 239 -83.68 114.35 -76.03
CA PRO M 239 -82.63 114.76 -75.09
C PRO M 239 -81.82 113.58 -74.58
N GLY M 240 -80.50 113.76 -74.57
CA GLY M 240 -79.58 112.77 -74.05
C GLY M 240 -79.27 111.62 -74.98
N TYR M 241 -79.95 111.51 -76.12
CA TYR M 241 -79.74 110.38 -77.01
C TYR M 241 -79.65 110.75 -78.48
N GLY M 242 -79.89 111.97 -78.86
CA GLY M 242 -79.69 112.39 -80.24
C GLY M 242 -80.96 112.26 -81.07
N MET M 243 -80.92 111.41 -82.09
CA MET M 243 -82.00 111.30 -83.06
C MET M 243 -82.48 109.85 -83.13
N VAL M 244 -83.79 109.66 -83.04
CA VAL M 244 -84.39 108.34 -83.13
C VAL M 244 -84.60 108.01 -84.61
N LYS M 245 -84.16 106.83 -85.03
CA LYS M 245 -84.26 106.43 -86.42
C LYS M 245 -85.12 105.19 -86.66
N LEU M 246 -85.41 104.39 -85.63
CA LEU M 246 -86.15 103.17 -85.83
C LEU M 246 -87.10 102.93 -84.67
N ILE M 247 -88.32 102.52 -84.99
CA ILE M 247 -89.31 102.10 -84.01
C ILE M 247 -89.71 100.67 -84.34
N ASP M 248 -89.49 99.76 -83.41
CA ASP M 248 -89.92 98.37 -83.53
C ASP M 248 -91.12 98.17 -82.63
N SER M 249 -92.25 97.77 -83.21
CA SER M 249 -93.43 97.47 -82.42
C SER M 249 -93.52 96.00 -82.04
N LEU M 250 -92.79 95.12 -82.73
CA LEU M 250 -92.79 93.71 -82.37
C LEU M 250 -92.05 93.48 -81.06
N GLN M 251 -90.87 94.05 -80.93
CA GLN M 251 -90.06 93.92 -79.72
C GLN M 251 -89.74 95.31 -79.19
N GLY M 252 -89.63 95.42 -77.87
CA GLY M 252 -89.38 96.70 -77.24
C GLY M 252 -87.96 97.19 -77.40
N ARG M 253 -87.60 97.57 -78.63
CA ARG M 253 -86.25 98.01 -78.94
C ARG M 253 -86.31 99.18 -79.90
N ILE M 254 -85.82 100.33 -79.47
CA ILE M 254 -85.73 101.53 -80.30
C ILE M 254 -84.30 102.05 -80.17
N LEU M 255 -83.63 102.21 -81.30
CA LEU M 255 -82.25 102.67 -81.32
C LEU M 255 -82.19 104.14 -81.71
N THR M 256 -81.19 104.83 -81.19
CA THR M 256 -81.01 106.26 -81.37
C THR M 256 -79.83 106.52 -82.30
N SER M 257 -79.60 107.81 -82.58
CA SER M 257 -78.40 108.19 -83.31
C SER M 257 -77.14 108.08 -82.45
N SER M 258 -77.29 108.03 -81.13
CA SER M 258 -76.18 107.77 -80.23
C SER M 258 -75.87 106.28 -80.10
N GLY M 259 -76.64 105.42 -80.75
CA GLY M 259 -76.46 104.00 -80.66
C GLY M 259 -77.13 103.34 -79.49
N GLN M 260 -77.72 104.11 -78.59
CA GLN M 260 -78.42 103.54 -77.45
C GLN M 260 -79.76 102.96 -77.88
N VAL M 261 -80.10 101.80 -77.32
CA VAL M 261 -81.38 101.15 -77.56
C VAL M 261 -82.14 101.14 -76.24
N ILE M 262 -83.35 101.67 -76.25
CA ILE M 262 -84.17 101.72 -75.06
C ILE M 262 -85.00 100.46 -74.95
N LYS M 263 -85.09 99.92 -73.73
CA LYS M 263 -85.84 98.72 -73.42
C LYS M 263 -86.86 99.04 -72.33
N PHE M 264 -87.66 98.03 -71.99
CA PHE M 264 -88.57 98.15 -70.85
C PHE M 264 -87.78 98.15 -69.54
N SER M 265 -88.18 99.03 -68.63
CA SER M 265 -87.53 99.09 -67.34
C SER M 265 -87.94 97.88 -66.49
N GLN M 266 -87.09 97.53 -65.53
CA GLN M 266 -87.35 96.40 -64.66
C GLN M 266 -87.56 96.83 -63.22
N MET N 23 -99.09 39.27 -88.89
CA MET N 23 -99.09 39.94 -87.59
C MET N 23 -97.81 39.62 -86.84
N LYS N 24 -97.09 38.59 -87.30
CA LYS N 24 -95.82 38.23 -86.70
C LYS N 24 -94.73 39.18 -87.16
N PHE N 25 -93.80 39.48 -86.26
CA PHE N 25 -92.75 40.46 -86.51
C PHE N 25 -91.40 39.75 -86.58
N LYS N 26 -90.67 39.97 -87.67
CA LYS N 26 -89.34 39.43 -87.85
C LYS N 26 -88.46 40.46 -88.52
N LYS N 27 -87.16 40.37 -88.27
CA LYS N 27 -86.17 41.20 -88.92
C LYS N 27 -85.45 40.41 -90.01
N PRO N 28 -85.07 41.06 -91.11
CA PRO N 28 -84.65 40.32 -92.32
C PRO N 28 -83.36 39.52 -92.16
N PRO N 29 -82.19 40.11 -91.71
CA PRO N 29 -80.96 39.32 -91.80
C PRO N 29 -80.87 38.28 -90.69
N ILE N 30 -81.09 37.02 -91.04
CA ILE N 30 -80.98 35.90 -90.13
C ILE N 30 -80.10 34.84 -90.78
N ASN N 31 -79.07 34.42 -90.06
CA ASN N 31 -78.06 33.52 -90.61
C ASN N 31 -78.00 32.22 -89.81
N ASN N 32 -77.02 31.41 -90.13
CA ASN N 32 -76.60 30.32 -89.27
C ASN N 32 -75.96 30.90 -88.00
N PRO N 33 -76.01 30.18 -86.88
CA PRO N 33 -75.43 30.70 -85.64
C PRO N 33 -73.91 30.83 -85.72
N SER N 34 -73.39 31.77 -84.94
CA SER N 34 -72.00 32.20 -85.02
C SER N 34 -71.17 31.58 -83.91
N ASP N 35 -69.92 32.03 -83.80
CA ASP N 35 -69.00 31.53 -82.79
C ASP N 35 -68.20 32.67 -82.19
N ASP N 36 -67.92 32.53 -80.88
CA ASP N 36 -67.27 33.57 -80.10
C ASP N 36 -65.85 33.85 -80.58
N ALA N 37 -65.11 32.79 -80.94
CA ALA N 37 -63.75 32.98 -81.43
C ALA N 37 -63.74 33.70 -82.76
N THR N 38 -64.73 33.42 -83.61
CA THR N 38 -64.88 34.17 -84.86
C THR N 38 -65.21 35.62 -84.59
N ILE N 39 -66.01 35.89 -83.54
CA ILE N 39 -66.32 37.26 -83.15
C ILE N 39 -65.05 37.99 -82.74
N LYS N 40 -64.23 37.34 -81.92
CA LYS N 40 -62.99 37.95 -81.43
C LYS N 40 -62.00 38.17 -82.56
N LEU N 41 -61.91 37.21 -83.47
CA LEU N 41 -61.03 37.36 -84.63
C LEU N 41 -61.51 38.49 -85.53
N ALA N 42 -62.83 38.63 -85.69
CA ALA N 42 -63.39 39.71 -86.48
C ALA N 42 -63.11 41.07 -85.87
N GLU N 43 -63.27 41.20 -84.55
CA GLU N 43 -63.07 42.50 -83.95
C GLU N 43 -61.58 42.87 -83.86
N ALA N 44 -60.70 41.86 -83.82
CA ALA N 44 -59.27 42.16 -83.95
C ALA N 44 -58.94 42.57 -85.38
N ALA N 45 -59.51 41.87 -86.36
CA ALA N 45 -59.21 42.10 -87.76
C ALA N 45 -59.70 43.45 -88.23
N VAL N 46 -60.84 43.90 -87.68
CA VAL N 46 -61.37 45.22 -88.02
C VAL N 46 -60.39 46.32 -87.61
N SER N 47 -59.85 46.20 -86.40
CA SER N 47 -58.91 47.19 -85.90
C SER N 47 -57.61 47.18 -86.69
N VAL N 48 -57.08 45.99 -86.96
CA VAL N 48 -55.80 45.93 -87.68
C VAL N 48 -55.99 46.32 -89.14
N SER N 49 -57.18 46.11 -89.69
CA SER N 49 -57.44 46.50 -91.07
C SER N 49 -57.57 48.00 -91.19
N ASP N 50 -58.21 48.63 -90.19
CA ASP N 50 -58.28 50.08 -90.17
C ASP N 50 -56.90 50.69 -90.03
N SER N 51 -56.05 50.09 -89.18
CA SER N 51 -54.68 50.56 -89.03
C SER N 51 -53.89 50.41 -90.31
N MET N 52 -54.08 49.30 -91.02
CA MET N 52 -53.43 49.09 -92.31
C MET N 52 -53.92 50.10 -93.34
N LEU N 53 -55.21 50.42 -93.29
CA LEU N 53 -55.79 51.38 -94.23
C LEU N 53 -55.21 52.77 -94.04
N GLU N 54 -55.12 53.24 -92.79
CA GLU N 54 -54.56 54.57 -92.58
C GLU N 54 -53.05 54.57 -92.81
N MET N 55 -52.37 53.46 -92.55
CA MET N 55 -50.95 53.36 -92.87
C MET N 55 -50.71 53.46 -94.36
N ALA N 56 -51.53 52.77 -95.15
CA ALA N 56 -51.39 52.85 -96.60
C ALA N 56 -51.75 54.24 -97.12
N LYS N 57 -52.73 54.89 -96.50
CA LYS N 57 -53.10 56.23 -96.91
C LYS N 57 -51.98 57.23 -96.65
N VAL N 58 -51.36 57.16 -95.46
CA VAL N 58 -50.29 58.10 -95.17
C VAL N 58 -49.05 57.76 -95.98
N GLU N 59 -48.83 56.48 -96.31
CA GLU N 59 -47.72 56.10 -97.17
C GLU N 59 -47.91 56.64 -98.59
N LYS N 60 -49.14 56.53 -99.11
CA LYS N 60 -49.45 57.05 -100.43
C LYS N 60 -49.31 58.56 -100.48
N VAL N 61 -49.76 59.25 -99.43
CA VAL N 61 -49.68 60.70 -99.45
C VAL N 61 -48.26 61.19 -99.18
N ILE N 62 -47.39 60.37 -98.60
CA ILE N 62 -46.01 60.80 -98.43
C ILE N 62 -45.21 60.55 -99.68
N THR N 63 -45.28 59.33 -100.22
CA THR N 63 -44.46 58.96 -101.36
C THR N 63 -45.22 59.23 -102.66
N PRO N 64 -44.74 60.08 -103.53
CA PRO N 64 -45.45 60.35 -104.78
C PRO N 64 -45.27 59.21 -105.76
N PRO N 65 -46.36 58.59 -106.21
CA PRO N 65 -46.23 57.57 -107.25
C PRO N 65 -45.95 58.21 -108.60
N SER N 66 -44.98 57.65 -109.32
CA SER N 66 -44.55 58.22 -110.58
C SER N 66 -44.44 57.22 -111.71
N LYS N 67 -44.41 55.92 -111.42
CA LYS N 67 -44.22 54.91 -112.44
C LYS N 67 -45.30 53.84 -112.32
N ASP N 68 -45.55 53.17 -113.43
CA ASP N 68 -46.44 52.03 -113.47
C ASP N 68 -45.77 50.91 -114.25
N ASN N 69 -45.91 49.69 -113.76
CA ASN N 69 -45.16 48.55 -114.27
C ASN N 69 -45.64 48.05 -115.63
N THR N 70 -46.71 48.62 -116.18
CA THR N 70 -47.19 48.20 -117.49
C THR N 70 -46.22 48.56 -118.60
N LEU N 71 -45.31 49.51 -118.37
CA LEU N 71 -44.24 49.77 -119.33
C LEU N 71 -43.29 48.58 -119.41
N THR N 72 -42.79 48.10 -118.27
CA THR N 72 -41.81 47.02 -118.32
C THR N 72 -42.44 45.66 -118.52
N ILE N 73 -43.75 45.51 -118.29
CA ILE N 73 -44.44 44.33 -118.78
C ILE N 73 -45.73 44.78 -119.45
N PRO N 74 -45.79 44.74 -120.77
CA PRO N 74 -47.06 45.01 -121.46
C PRO N 74 -47.85 43.73 -121.63
N ASN N 75 -49.01 43.82 -122.27
CA ASN N 75 -49.76 42.63 -122.65
C ASN N 75 -49.57 42.38 -124.15
N ALA N 76 -50.07 41.24 -124.59
CA ALA N 76 -50.03 40.88 -126.00
C ALA N 76 -51.22 39.99 -126.29
N TYR N 77 -51.16 39.28 -127.41
CA TYR N 77 -52.22 38.32 -127.73
C TYR N 77 -52.09 37.09 -126.85
N ASN N 78 -53.26 36.46 -126.59
CA ASN N 78 -53.44 35.19 -125.86
C ASN N 78 -52.73 35.15 -124.51
N LEU N 79 -52.53 36.31 -123.90
CA LEU N 79 -52.04 36.40 -122.53
C LEU N 79 -53.18 36.66 -121.57
N GLN N 80 -54.41 36.42 -122.01
CA GLN N 80 -55.61 36.74 -121.26
C GLN N 80 -56.47 35.54 -120.94
N ALA N 81 -56.00 34.33 -121.25
CA ALA N 81 -56.71 33.13 -120.86
C ALA N 81 -56.73 33.02 -119.35
N ARG N 82 -57.91 32.75 -118.79
CA ARG N 82 -58.09 33.05 -117.38
C ARG N 82 -57.59 31.90 -116.52
N ALA N 83 -57.43 32.21 -115.23
CA ALA N 83 -56.98 31.21 -114.27
C ALA N 83 -57.48 31.58 -112.89
N SER N 84 -57.97 30.58 -112.18
CA SER N 84 -58.30 30.68 -110.76
C SER N 84 -57.22 29.96 -109.96
N VAL N 85 -56.64 30.65 -108.99
CA VAL N 85 -55.35 30.27 -108.43
C VAL N 85 -55.39 30.31 -106.92
N ASP N 86 -54.73 29.31 -106.30
CA ASP N 86 -54.41 29.33 -104.87
C ASP N 86 -53.01 28.73 -104.73
N TRP N 87 -52.05 29.57 -104.38
CA TRP N 87 -50.66 29.16 -104.25
C TRP N 87 -50.03 29.91 -103.11
N SER N 88 -49.26 29.21 -102.28
CA SER N 88 -48.54 29.86 -101.20
C SER N 88 -47.16 29.24 -101.02
N GLY N 89 -46.53 28.87 -102.12
CA GLY N 89 -45.22 28.26 -102.06
C GLY N 89 -44.14 29.14 -102.65
N PRO N 90 -43.16 28.53 -103.30
CA PRO N 90 -42.11 29.30 -103.97
C PRO N 90 -42.59 29.95 -105.26
N ILE N 91 -41.67 30.59 -105.97
CA ILE N 91 -42.03 31.42 -107.11
C ILE N 91 -41.83 30.68 -108.43
N GLU N 92 -40.71 29.97 -108.56
CA GLU N 92 -40.23 29.56 -109.87
C GLU N 92 -41.11 28.47 -110.48
N GLU N 93 -41.67 27.59 -109.64
CA GLU N 93 -42.53 26.53 -110.15
C GLU N 93 -43.83 27.09 -110.69
N LEU N 94 -44.40 28.06 -109.98
CA LEU N 94 -45.62 28.72 -110.44
C LEU N 94 -45.38 29.49 -111.73
N THR N 95 -44.24 30.18 -111.82
CA THR N 95 -43.94 30.89 -113.07
C THR N 95 -43.68 29.94 -114.23
N ALA N 96 -43.11 28.76 -113.94
CA ALA N 96 -42.92 27.76 -114.98
C ALA N 96 -44.26 27.21 -115.46
N ARG N 97 -45.22 27.04 -114.54
CA ARG N 97 -46.57 26.65 -114.93
C ARG N 97 -47.21 27.71 -115.81
N ILE N 98 -46.98 28.98 -115.46
CA ILE N 98 -47.49 30.10 -116.25
C ILE N 98 -46.90 30.09 -117.66
N ALA N 99 -45.58 29.87 -117.75
CA ALA N 99 -44.92 29.84 -119.06
C ALA N 99 -45.37 28.65 -119.90
N LYS N 100 -45.61 27.51 -119.25
CA LYS N 100 -46.13 26.34 -119.95
C LYS N 100 -47.53 26.59 -120.49
N ALA N 101 -48.36 27.29 -119.71
CA ALA N 101 -49.66 27.70 -120.22
C ALA N 101 -49.54 28.72 -121.35
N ALA N 102 -48.53 29.58 -121.29
CA ALA N 102 -48.40 30.67 -122.25
C ALA N 102 -47.68 30.29 -123.52
N HIS N 103 -47.07 29.10 -123.57
CA HIS N 103 -46.23 28.64 -124.70
C HIS N 103 -45.10 29.61 -124.99
N PHE N 104 -44.50 30.16 -123.94
CA PHE N 104 -43.41 31.11 -124.06
C PHE N 104 -42.12 30.50 -123.52
N ARG N 105 -41.01 31.10 -123.89
CA ARG N 105 -39.73 30.67 -123.35
C ARG N 105 -39.58 31.15 -121.91
N PHE N 106 -38.77 30.43 -121.15
CA PHE N 106 -38.62 30.64 -119.71
C PHE N 106 -37.17 31.00 -119.40
N ARG N 107 -36.96 32.10 -118.69
CA ARG N 107 -35.63 32.60 -118.41
C ARG N 107 -35.46 32.88 -116.92
N VAL N 108 -34.38 32.36 -116.35
CA VAL N 108 -33.97 32.66 -114.98
C VAL N 108 -32.68 33.45 -115.04
N LEU N 109 -32.65 34.61 -114.38
CA LEU N 109 -31.54 35.53 -114.45
C LEU N 109 -31.04 35.83 -113.05
N GLY N 110 -29.74 35.73 -112.86
CA GLY N 110 -29.14 35.97 -111.56
C GLY N 110 -29.18 34.73 -110.67
N LYS N 111 -28.40 34.80 -109.61
CA LYS N 111 -28.32 33.70 -108.67
C LYS N 111 -29.57 33.62 -107.81
N SER N 112 -30.16 32.44 -107.71
CA SER N 112 -31.25 32.23 -106.78
C SER N 112 -30.71 32.25 -105.36
N PRO N 113 -31.28 33.04 -104.47
CA PRO N 113 -30.66 33.27 -103.16
C PRO N 113 -30.85 32.10 -102.23
N SER N 114 -30.10 32.14 -101.12
CA SER N 114 -30.23 31.12 -100.09
C SER N 114 -31.59 31.21 -99.40
N VAL N 115 -32.06 32.41 -99.11
CA VAL N 115 -33.38 32.59 -98.52
C VAL N 115 -34.41 32.35 -99.62
N PRO N 116 -35.34 31.43 -99.43
CA PRO N 116 -36.35 31.18 -100.46
C PRO N 116 -37.34 32.32 -100.56
N VAL N 117 -37.84 32.52 -101.78
CA VAL N 117 -38.82 33.56 -102.06
C VAL N 117 -40.19 32.89 -102.04
N LEU N 118 -41.01 33.27 -101.08
CA LEU N 118 -42.33 32.69 -100.90
C LEU N 118 -43.39 33.74 -101.15
N ILE N 119 -44.51 33.31 -101.72
CA ILE N 119 -45.60 34.19 -102.09
C ILE N 119 -46.89 33.67 -101.48
N SER N 120 -47.99 34.34 -101.79
CA SER N 120 -49.30 33.93 -101.32
C SER N 120 -50.33 34.50 -102.28
N ILE N 121 -50.92 33.65 -103.10
CA ILE N 121 -51.85 34.08 -104.14
C ILE N 121 -53.21 33.50 -103.86
N SER N 122 -54.20 34.38 -103.68
CA SER N 122 -55.59 33.97 -103.51
C SER N 122 -56.44 34.89 -104.38
N THR N 123 -56.64 34.51 -105.62
CA THR N 123 -57.39 35.31 -106.58
C THR N 123 -57.98 34.38 -107.63
N LYS N 124 -58.77 34.95 -108.54
CA LYS N 124 -59.57 34.14 -109.45
C LYS N 124 -59.99 34.96 -110.66
N ASP N 125 -59.83 34.37 -111.85
CA ASP N 125 -60.41 34.82 -113.11
C ASP N 125 -59.93 36.22 -113.52
N GLU N 126 -58.66 36.28 -113.89
CA GLU N 126 -58.12 37.46 -114.54
C GLU N 126 -57.14 37.02 -115.61
N SER N 127 -56.47 37.99 -116.22
CA SER N 127 -55.55 37.73 -117.31
C SER N 127 -54.17 37.40 -116.76
N LEU N 128 -53.39 36.70 -117.59
CA LEU N 128 -52.07 36.27 -117.15
C LEU N 128 -51.10 37.43 -117.01
N ALA N 129 -51.28 38.49 -117.81
CA ALA N 129 -50.42 39.65 -117.69
C ALA N 129 -50.63 40.38 -116.36
N GLU N 130 -51.89 40.57 -115.96
CA GLU N 130 -52.15 41.19 -114.67
C GLU N 130 -51.84 40.23 -113.52
N ILE N 131 -51.93 38.93 -113.78
CA ILE N 131 -51.47 37.94 -112.81
C ILE N 131 -49.98 38.11 -112.56
N LEU N 132 -49.20 38.30 -113.62
CA LEU N 132 -47.77 38.51 -113.48
C LEU N 132 -47.45 39.84 -112.83
N ARG N 133 -48.24 40.87 -113.12
CA ARG N 133 -48.05 42.15 -112.44
C ARG N 133 -48.35 42.04 -110.96
N ASP N 134 -49.36 41.26 -110.60
CA ASP N 134 -49.63 40.94 -109.20
C ASP N 134 -48.46 40.19 -108.58
N ILE N 135 -47.89 39.25 -109.34
CA ILE N 135 -46.78 38.43 -108.85
C ILE N 135 -45.56 39.29 -108.57
N ASP N 136 -45.19 40.16 -109.50
CA ASP N 136 -43.98 40.94 -109.32
C ASP N 136 -44.20 42.09 -108.35
N TYR N 137 -45.43 42.60 -108.22
CA TYR N 137 -45.72 43.57 -107.18
C TYR N 137 -45.62 42.94 -105.80
N GLN N 138 -46.09 41.69 -105.66
CA GLN N 138 -45.93 40.99 -104.39
C GLN N 138 -44.48 40.62 -104.14
N ALA N 139 -43.72 40.40 -105.21
CA ALA N 139 -42.30 40.09 -105.07
C ALA N 139 -41.51 41.29 -104.57
N GLY N 140 -41.69 42.43 -105.22
CA GLY N 140 -41.01 43.64 -104.79
C GLY N 140 -39.51 43.63 -105.02
N LYS N 141 -38.75 43.66 -103.93
CA LYS N 141 -37.31 43.90 -104.01
C LYS N 141 -36.54 42.68 -104.50
N LYS N 142 -37.01 41.48 -104.19
CA LYS N 142 -36.20 40.29 -104.39
C LYS N 142 -36.05 39.92 -105.85
N ALA N 143 -37.14 40.01 -106.62
CA ALA N 143 -37.09 39.56 -108.01
C ALA N 143 -37.98 40.43 -108.85
N SER N 144 -37.78 40.35 -110.16
CA SER N 144 -38.52 41.17 -111.10
C SER N 144 -38.86 40.34 -112.35
N ILE N 145 -39.89 40.79 -113.05
CA ILE N 145 -40.46 40.08 -114.18
C ILE N 145 -40.36 40.96 -115.41
N HIS N 146 -39.81 40.41 -116.49
CA HIS N 146 -39.78 41.10 -117.78
C HIS N 146 -40.34 40.18 -118.85
N VAL N 147 -40.98 40.80 -119.84
CA VAL N 147 -41.65 40.08 -120.92
C VAL N 147 -41.15 40.65 -122.23
N TYR N 148 -40.68 39.77 -123.12
CA TYR N 148 -40.32 40.20 -124.47
C TYR N 148 -41.21 39.47 -125.45
N PRO N 149 -42.29 40.11 -125.93
CA PRO N 149 -43.22 39.41 -126.81
C PRO N 149 -42.75 39.30 -128.24
N ASN N 150 -41.74 40.07 -128.63
CA ASN N 150 -41.15 39.93 -129.95
C ASN N 150 -40.49 38.57 -130.11
N SER N 151 -39.81 38.10 -129.06
CA SER N 151 -39.25 36.76 -129.05
C SER N 151 -40.08 35.79 -128.21
N GLN N 152 -41.16 36.27 -127.60
CA GLN N 152 -42.10 35.48 -126.79
C GLN N 152 -41.39 34.78 -125.63
N VAL N 153 -40.62 35.55 -124.88
CA VAL N 153 -39.90 35.02 -123.72
C VAL N 153 -40.39 35.74 -122.47
N VAL N 154 -40.35 35.02 -121.36
CA VAL N 154 -40.67 35.54 -120.04
C VAL N 154 -39.46 35.30 -119.14
N GLU N 155 -38.99 36.36 -118.48
CA GLU N 155 -37.77 36.31 -117.69
C GLU N 155 -38.06 36.76 -116.27
N LEU N 156 -37.53 36.03 -115.30
CA LEU N 156 -37.45 36.52 -113.93
C LEU N 156 -35.99 36.79 -113.60
N ARG N 157 -35.75 37.83 -112.82
CA ARG N 157 -34.39 38.23 -112.47
C ARG N 157 -34.29 38.46 -110.97
N TYR N 158 -33.19 38.01 -110.39
CA TYR N 158 -32.95 38.12 -108.96
C TYR N 158 -32.19 39.41 -108.63
N ALA N 159 -32.28 39.80 -107.37
CA ALA N 159 -31.57 40.99 -106.90
C ALA N 159 -30.08 40.72 -106.75
N LYS N 160 -29.28 41.72 -107.08
CA LYS N 160 -27.83 41.67 -106.88
C LYS N 160 -27.47 42.37 -105.57
N ILE N 161 -28.06 41.85 -104.49
CA ILE N 161 -28.08 42.53 -103.23
C ILE N 161 -26.93 42.02 -102.37
N TYR N 162 -26.62 42.76 -101.29
CA TYR N 162 -25.51 42.55 -100.36
C TYR N 162 -24.19 42.66 -101.09
N ARG O 207 -18.72 101.09 -51.49
CA ARG O 207 -17.94 99.96 -51.98
C ARG O 207 -17.49 99.08 -50.82
N ILE O 208 -16.48 98.24 -51.06
CA ILE O 208 -15.95 97.32 -50.07
C ILE O 208 -14.57 97.82 -49.65
N ILE O 209 -14.39 98.00 -48.35
CA ILE O 209 -13.15 98.51 -47.78
C ILE O 209 -12.42 97.36 -47.10
N TYR O 210 -11.13 97.24 -47.37
CA TYR O 210 -10.34 96.10 -46.96
C TYR O 210 -9.55 96.42 -45.69
N TYR O 211 -9.28 95.38 -44.92
CA TYR O 211 -8.43 95.45 -43.74
C TYR O 211 -7.23 94.54 -43.94
N ILE O 212 -6.18 94.83 -43.21
CA ILE O 212 -4.99 93.97 -43.21
C ILE O 212 -5.19 92.88 -42.17
N GLN O 213 -5.00 91.64 -42.59
CA GLN O 213 -5.09 90.47 -41.71
C GLN O 213 -3.73 89.93 -41.30
N ALA O 214 -2.75 90.00 -42.21
CA ALA O 214 -1.38 89.59 -41.88
C ALA O 214 -0.42 90.41 -42.70
N VAL O 215 0.42 91.20 -42.03
CA VAL O 215 1.40 92.06 -42.70
C VAL O 215 2.79 91.58 -42.33
N ILE O 216 3.59 91.27 -43.34
CA ILE O 216 4.98 90.85 -43.19
C ILE O 216 5.77 91.60 -44.26
N PRO O 217 7.10 91.65 -44.19
CA PRO O 217 7.86 92.10 -45.37
C PRO O 217 7.66 91.15 -46.54
N GLY O 218 7.44 91.74 -47.72
CA GLY O 218 7.23 90.95 -48.92
C GLY O 218 5.78 90.66 -49.25
N ARG O 219 5.10 89.89 -48.41
CA ARG O 219 3.73 89.49 -48.65
C ARG O 219 2.77 90.27 -47.77
N ALA O 220 1.49 90.22 -48.13
CA ALA O 220 0.45 90.88 -47.35
C ALA O 220 -0.82 90.07 -47.45
N TRP O 221 -1.67 90.18 -46.44
CA TRP O 221 -2.96 89.50 -46.41
C TRP O 221 -4.07 90.52 -46.20
N LEU O 222 -5.09 90.46 -47.05
CA LEU O 222 -6.18 91.43 -47.04
C LEU O 222 -7.52 90.74 -46.93
N ILE O 223 -8.41 91.32 -46.13
CA ILE O 223 -9.75 90.79 -45.89
C ILE O 223 -10.76 91.88 -46.19
N GLY O 224 -11.73 91.59 -47.05
CA GLY O 224 -12.74 92.56 -47.43
C GLY O 224 -13.96 92.56 -46.52
N SER O 225 -14.93 93.41 -46.89
CA SER O 225 -16.18 93.48 -46.16
C SER O 225 -17.08 92.29 -46.44
N ASN O 226 -16.87 91.60 -47.55
CA ASN O 226 -17.63 90.40 -47.86
C ASN O 226 -17.05 89.15 -47.21
N GLY O 227 -15.98 89.28 -46.44
CA GLY O 227 -15.30 88.14 -45.87
C GLY O 227 -14.25 87.51 -46.74
N SER O 228 -14.00 88.06 -47.93
CA SER O 228 -12.98 87.51 -48.82
C SER O 228 -11.60 87.83 -48.28
N THR O 229 -10.87 86.79 -47.89
CA THR O 229 -9.53 86.92 -47.36
C THR O 229 -8.54 86.29 -48.32
N LEU O 230 -7.52 87.04 -48.71
CA LEU O 230 -6.55 86.58 -49.68
C LEU O 230 -5.19 87.17 -49.34
N THR O 231 -4.20 86.86 -50.16
CA THR O 231 -2.86 87.40 -50.01
C THR O 231 -2.41 88.07 -51.30
N VAL O 232 -1.79 89.23 -51.14
CA VAL O 232 -1.27 90.02 -52.24
C VAL O 232 0.21 90.28 -52.00
N ARG O 233 0.85 90.91 -52.99
CA ARG O 233 2.24 91.29 -52.93
C ARG O 233 2.35 92.81 -53.03
N GLU O 234 3.59 93.29 -53.15
CA GLU O 234 3.87 94.73 -53.15
C GLU O 234 3.25 95.42 -54.36
N GLY O 235 3.34 94.80 -55.53
CA GLY O 235 2.71 95.34 -56.72
C GLY O 235 1.56 94.48 -57.18
N SER O 236 0.34 94.99 -57.09
CA SER O 236 -0.83 94.19 -57.36
C SER O 236 -1.94 95.02 -57.98
N LYS O 237 -2.92 94.34 -58.55
CA LYS O 237 -4.11 94.98 -59.12
C LYS O 237 -5.29 94.73 -58.19
N ILE O 238 -6.08 95.78 -57.96
CA ILE O 238 -7.18 95.71 -56.98
C ILE O 238 -8.34 96.55 -57.48
N PRO O 239 -9.55 96.00 -57.55
CA PRO O 239 -10.73 96.83 -57.84
C PRO O 239 -11.03 97.76 -56.68
N GLY O 240 -11.34 99.01 -57.02
CA GLY O 240 -11.65 100.04 -56.05
C GLY O 240 -10.45 100.76 -55.48
N TYR O 241 -9.24 100.30 -55.77
CA TYR O 241 -8.01 100.95 -55.33
C TYR O 241 -6.97 101.07 -56.42
N GLY O 242 -7.20 100.46 -57.58
CA GLY O 242 -6.27 100.57 -58.71
C GLY O 242 -5.11 99.58 -58.58
N MET O 243 -3.95 100.10 -58.18
CA MET O 243 -2.75 99.28 -58.05
C MET O 243 -2.21 99.41 -56.63
N VAL O 244 -2.10 98.28 -55.94
CA VAL O 244 -1.29 98.23 -54.73
C VAL O 244 0.15 98.42 -55.15
N LYS O 245 0.78 99.48 -54.64
CA LYS O 245 2.15 99.83 -55.01
C LYS O 245 3.09 99.80 -53.81
N LEU O 246 2.75 100.50 -52.73
CA LEU O 246 3.61 100.59 -51.57
C LEU O 246 2.97 99.85 -50.41
N ILE O 247 3.72 98.90 -49.84
CA ILE O 247 3.33 98.19 -48.64
C ILE O 247 4.43 98.37 -47.62
N ASP O 248 4.07 98.89 -46.45
CA ASP O 248 5.00 99.03 -45.34
C ASP O 248 4.77 97.89 -44.35
N SER O 249 5.83 97.13 -44.07
CA SER O 249 5.74 96.13 -43.02
C SER O 249 5.63 96.79 -41.65
N LEU O 250 6.19 97.98 -41.50
CA LEU O 250 5.99 98.77 -40.30
C LEU O 250 4.58 99.33 -40.27
N GLN O 251 3.97 99.30 -39.08
CA GLN O 251 2.73 99.98 -38.70
C GLN O 251 1.49 99.52 -39.46
N GLY O 252 1.58 98.46 -40.27
CA GLY O 252 0.42 97.84 -40.90
C GLY O 252 -0.37 98.71 -41.86
N ARG O 253 0.30 99.37 -42.80
CA ARG O 253 -0.37 100.24 -43.76
C ARG O 253 0.04 99.86 -45.17
N ILE O 254 -0.93 99.84 -46.09
CA ILE O 254 -0.68 99.57 -47.50
C ILE O 254 -1.15 100.78 -48.30
N LEU O 255 -0.25 101.36 -49.09
CA LEU O 255 -0.59 102.52 -49.90
C LEU O 255 -0.83 102.07 -51.35
N THR O 256 -2.00 102.39 -51.89
CA THR O 256 -2.37 101.97 -53.23
C THR O 256 -2.22 103.13 -54.21
N SER O 257 -2.52 102.85 -55.48
CA SER O 257 -2.42 103.86 -56.52
C SER O 257 -3.52 104.90 -56.45
N SER O 258 -4.65 104.59 -55.80
CA SER O 258 -5.75 105.53 -55.68
C SER O 258 -5.63 106.43 -54.45
N GLY O 259 -4.43 106.55 -53.88
CA GLY O 259 -4.22 107.43 -52.75
C GLY O 259 -4.86 106.96 -51.46
N GLN O 260 -5.07 105.66 -51.31
CA GLN O 260 -5.76 105.11 -50.16
C GLN O 260 -4.84 104.17 -49.38
N VAL O 261 -5.11 104.04 -48.09
CA VAL O 261 -4.31 103.23 -47.18
C VAL O 261 -5.19 102.13 -46.61
N ILE O 262 -4.74 100.89 -46.78
CA ILE O 262 -5.37 99.73 -46.16
C ILE O 262 -4.72 99.53 -44.80
N LYS O 263 -5.55 99.35 -43.77
CA LYS O 263 -5.10 99.31 -42.40
C LYS O 263 -6.06 98.44 -41.61
N PHE O 264 -5.72 98.19 -40.34
CA PHE O 264 -6.60 97.48 -39.43
C PHE O 264 -7.78 98.36 -39.03
N SER O 265 -8.78 97.74 -38.42
CA SER O 265 -9.92 98.48 -37.92
C SER O 265 -9.69 98.93 -36.48
N GLN O 266 -10.62 99.74 -35.98
CA GLN O 266 -10.57 100.14 -34.58
C GLN O 266 -10.87 98.96 -33.66
N GLU O 267 -11.95 98.23 -33.94
CA GLU O 267 -12.25 97.04 -33.17
C GLU O 267 -11.35 95.89 -33.55
N ASP O 268 -11.11 95.70 -34.85
CA ASP O 268 -10.18 94.69 -35.34
C ASP O 268 -8.78 95.30 -35.28
N SER O 269 -8.22 95.32 -34.07
CA SER O 269 -6.93 95.95 -33.83
C SER O 269 -6.05 95.08 -32.94
N GLN P 791 40.77 111.60 -21.16
CA GLN P 791 39.37 111.18 -21.23
C GLN P 791 39.24 109.69 -20.93
N GLN P 792 39.87 109.26 -19.85
CA GLN P 792 39.81 107.85 -19.43
C GLN P 792 38.47 107.46 -18.84
N GLU P 793 37.61 108.44 -18.54
CA GLU P 793 36.32 108.19 -17.92
C GLU P 793 35.36 107.44 -18.85
N ILE P 794 35.64 107.42 -20.16
CA ILE P 794 34.78 106.71 -21.10
C ILE P 794 34.85 105.21 -20.87
N GLN P 795 36.06 104.67 -20.69
CA GLN P 795 36.26 103.23 -20.70
C GLN P 795 35.72 102.57 -19.44
N GLN P 796 35.89 103.22 -18.29
CA GLN P 796 35.27 102.73 -17.07
C GLN P 796 33.76 102.86 -17.11
N ARG P 797 33.25 103.85 -17.84
CA ARG P 797 31.82 103.94 -18.07
C ARG P 797 31.37 103.08 -19.25
N THR P 798 32.31 102.42 -19.92
CA THR P 798 31.94 101.41 -20.92
C THR P 798 31.96 100.00 -20.36
N SER P 799 32.83 99.75 -19.37
CA SER P 799 33.02 98.40 -18.85
C SER P 799 31.81 97.94 -18.04
N ASP P 800 31.21 98.84 -17.27
CA ASP P 800 30.06 98.48 -16.46
C ASP P 800 28.83 98.17 -17.32
N MET P 801 28.64 98.93 -18.40
CA MET P 801 27.53 98.66 -19.31
C MET P 801 27.78 97.38 -20.11
N LEU P 802 29.04 97.03 -20.32
CA LEU P 802 29.38 95.78 -21.00
C LEU P 802 28.89 94.58 -20.21
N THR P 803 29.07 94.61 -18.89
CA THR P 803 28.45 93.62 -18.04
C THR P 803 26.95 93.80 -17.98
N ALA P 804 26.49 95.06 -17.97
CA ALA P 804 25.07 95.33 -17.80
C ALA P 804 24.26 94.96 -19.03
N ALA P 805 24.76 95.30 -20.22
CA ALA P 805 23.97 95.02 -21.41
C ALA P 805 24.05 93.57 -21.84
N THR P 806 24.88 92.75 -21.19
CA THR P 806 25.01 91.35 -21.58
C THR P 806 24.13 90.41 -20.75
N GLN P 807 23.77 90.78 -19.52
CA GLN P 807 22.99 89.87 -18.71
C GLN P 807 21.53 89.84 -19.13
N LEU P 808 20.97 91.00 -19.50
CA LEU P 808 19.53 91.08 -19.73
C LEU P 808 19.09 90.49 -21.05
N VAL P 809 19.98 90.48 -22.06
CA VAL P 809 19.60 89.96 -23.36
C VAL P 809 19.39 88.45 -23.29
N GLN P 810 20.30 87.74 -22.62
CA GLN P 810 20.11 86.31 -22.43
C GLN P 810 19.02 86.01 -21.41
N ASP P 811 18.69 86.97 -20.55
CA ASP P 811 17.51 86.81 -19.69
C ASP P 811 16.22 86.99 -20.47
N TRP P 812 16.27 87.78 -21.55
CA TRP P 812 15.14 87.85 -22.46
C TRP P 812 15.07 86.65 -23.39
N LYS P 813 16.15 85.88 -23.49
CA LYS P 813 16.21 84.80 -24.47
C LYS P 813 15.31 83.64 -24.07
N GLN P 814 15.36 83.22 -22.82
CA GLN P 814 14.63 82.03 -22.42
C GLN P 814 13.15 82.36 -22.22
N VAL P 815 12.31 81.40 -22.59
CA VAL P 815 10.88 81.44 -22.35
C VAL P 815 10.47 79.98 -22.14
N GLU P 816 10.11 79.63 -20.91
CA GLU P 816 9.89 78.23 -20.61
C GLU P 816 8.58 77.75 -21.21
N THR P 817 8.49 76.44 -21.38
CA THR P 817 7.34 75.83 -22.05
C THR P 817 6.15 75.78 -21.09
N GLN P 818 4.97 76.06 -21.63
CA GLN P 818 3.75 75.96 -20.86
C GLN P 818 3.44 74.50 -20.53
N VAL P 819 2.73 74.30 -19.42
CA VAL P 819 2.42 72.97 -18.92
C VAL P 819 0.91 72.76 -18.97
N TYR P 820 0.50 71.67 -19.58
CA TYR P 820 -0.90 71.28 -19.67
C TYR P 820 -1.12 70.10 -18.74
N THR P 821 -1.77 70.36 -17.60
CA THR P 821 -2.01 69.32 -16.63
C THR P 821 -3.32 68.60 -16.96
N GLU P 822 -3.78 67.74 -16.05
CA GLU P 822 -4.98 66.96 -16.28
C GLU P 822 -5.57 66.52 -14.95
N GLY P 823 -6.89 66.51 -14.86
CA GLY P 823 -7.57 65.98 -13.70
C GLY P 823 -8.89 65.33 -14.04
N THR P 824 -9.04 64.04 -13.71
CA THR P 824 -10.26 63.32 -14.01
C THR P 824 -11.32 63.58 -12.93
N GLY Q 26 -41.59 -24.34 -86.91
CA GLY Q 26 -40.36 -23.71 -86.47
C GLY Q 26 -40.35 -22.22 -86.73
N ASP Q 27 -39.16 -21.62 -86.68
CA ASP Q 27 -39.02 -20.19 -86.92
C ASP Q 27 -38.97 -19.84 -88.39
N THR Q 28 -38.74 -20.81 -89.27
CA THR Q 28 -38.80 -20.55 -90.70
C THR Q 28 -40.24 -20.27 -91.14
N GLY Q 29 -41.17 -21.14 -90.75
CA GLY Q 29 -42.58 -20.83 -90.85
C GLY Q 29 -42.99 -20.13 -89.58
N SER Q 30 -42.61 -18.85 -89.47
CA SER Q 30 -42.58 -18.16 -88.19
C SER Q 30 -43.97 -17.92 -87.62
N LEU Q 31 -44.89 -17.43 -88.45
CA LEU Q 31 -46.23 -17.13 -87.96
C LEU Q 31 -46.98 -18.40 -87.58
N ALA Q 32 -46.78 -19.47 -88.37
CA ALA Q 32 -47.38 -20.76 -88.05
C ALA Q 32 -46.81 -21.32 -86.75
N GLY Q 33 -45.49 -21.19 -86.55
CA GLY Q 33 -44.89 -21.66 -85.32
C GLY Q 33 -45.33 -20.87 -84.10
N LEU Q 34 -45.50 -19.55 -84.27
CA LEU Q 34 -45.97 -18.71 -83.18
C LEU Q 34 -47.42 -19.02 -82.82
N GLN Q 35 -48.27 -19.23 -83.82
CA GLN Q 35 -49.64 -19.62 -83.55
C GLN Q 35 -49.73 -21.03 -82.98
N ALA Q 36 -48.77 -21.91 -83.30
CA ALA Q 36 -48.74 -23.22 -82.67
C ALA Q 36 -48.30 -23.15 -81.22
N MET Q 37 -47.31 -22.29 -80.93
CA MET Q 37 -46.87 -22.06 -79.56
C MET Q 37 -47.93 -21.34 -78.73
N ALA Q 38 -48.84 -20.62 -79.39
CA ALA Q 38 -49.99 -20.05 -78.69
C ALA Q 38 -50.86 -21.13 -78.07
N ASP Q 39 -50.94 -22.30 -78.71
CA ASP Q 39 -51.56 -23.46 -78.08
C ASP Q 39 -50.64 -24.02 -77.01
N SER Q 40 -51.23 -24.67 -76.03
CA SER Q 40 -50.48 -25.25 -74.92
C SER Q 40 -49.98 -26.66 -75.22
N LYS Q 41 -50.26 -27.20 -76.41
CA LYS Q 41 -49.76 -28.53 -76.74
C LYS Q 41 -48.24 -28.54 -76.92
N TYR Q 42 -47.68 -27.45 -77.44
CA TYR Q 42 -46.23 -27.33 -77.51
C TYR Q 42 -45.62 -27.18 -76.12
N THR Q 43 -46.35 -26.56 -75.20
CA THR Q 43 -45.88 -26.43 -73.83
C THR Q 43 -45.82 -27.78 -73.11
N ARG Q 44 -46.78 -28.65 -73.38
CA ARG Q 44 -46.71 -30.01 -72.84
C ARG Q 44 -45.79 -30.91 -73.64
N ALA Q 45 -45.42 -30.51 -74.86
CA ALA Q 45 -44.51 -31.31 -75.67
C ALA Q 45 -43.04 -30.97 -75.42
N GLN Q 46 -42.74 -29.76 -74.97
CA GLN Q 46 -41.34 -29.38 -74.80
C GLN Q 46 -40.71 -29.96 -73.53
N LYS Q 47 -41.52 -30.40 -72.57
CA LYS Q 47 -41.00 -30.87 -71.30
C LYS Q 47 -40.25 -32.19 -71.40
N LYS Q 48 -40.51 -32.98 -72.44
CA LYS Q 48 -39.75 -34.20 -72.65
C LYS Q 48 -38.51 -33.99 -73.51
N GLN Q 49 -38.59 -33.08 -74.50
CA GLN Q 49 -37.41 -32.79 -75.30
C GLN Q 49 -36.38 -32.00 -74.53
N LYS Q 50 -36.80 -31.27 -73.48
CA LYS Q 50 -35.84 -30.64 -72.58
C LYS Q 50 -35.00 -31.69 -71.85
N MET Q 51 -35.66 -32.73 -71.32
CA MET Q 51 -34.94 -33.82 -70.68
C MET Q 51 -34.09 -34.59 -71.69
N GLY Q 52 -34.58 -34.71 -72.93
CA GLY Q 52 -33.81 -35.38 -73.97
C GLY Q 52 -32.52 -34.66 -74.30
N LYS Q 53 -32.59 -33.34 -74.49
CA LYS Q 53 -31.36 -32.60 -74.77
C LYS Q 53 -30.46 -32.48 -73.54
N ILE Q 54 -31.04 -32.54 -72.33
CA ILE Q 54 -30.23 -32.53 -71.12
C ILE Q 54 -29.45 -33.83 -70.99
N ARG Q 55 -30.06 -34.96 -71.30
CA ARG Q 55 -29.36 -36.23 -71.23
C ARG Q 55 -28.61 -36.57 -72.52
N GLU Q 56 -28.73 -35.74 -73.56
CA GLU Q 56 -28.18 -36.09 -74.86
C GLU Q 56 -26.66 -35.95 -74.91
N MET Q 57 -26.11 -34.89 -74.32
CA MET Q 57 -24.73 -34.52 -74.62
C MET Q 57 -23.69 -35.41 -73.94
N ALA Q 58 -24.09 -36.25 -72.98
CA ALA Q 58 -23.11 -37.03 -72.22
C ALA Q 58 -22.47 -38.13 -73.07
N LEU Q 59 -23.27 -38.80 -73.90
CA LEU Q 59 -22.77 -39.96 -74.64
C LEU Q 59 -21.88 -39.57 -75.81
N LYS Q 60 -22.08 -38.37 -76.37
CA LYS Q 60 -21.45 -38.00 -77.63
C LYS Q 60 -19.95 -37.86 -77.49
N GLU Q 61 -19.49 -37.26 -76.39
CA GLU Q 61 -18.06 -37.01 -76.20
C GLU Q 61 -17.30 -38.32 -76.03
N THR Q 62 -17.86 -39.26 -75.26
CA THR Q 62 -17.22 -40.55 -75.06
C THR Q 62 -17.20 -41.36 -76.35
N ALA Q 63 -18.31 -41.34 -77.10
CA ALA Q 63 -18.36 -42.03 -78.38
C ALA Q 63 -17.37 -41.42 -79.37
N LEU Q 64 -17.26 -40.09 -79.37
CA LEU Q 64 -16.29 -39.40 -80.22
C LEU Q 64 -14.87 -39.75 -79.83
N SER Q 65 -14.61 -39.88 -78.53
CA SER Q 65 -13.26 -40.19 -78.06
C SER Q 65 -12.83 -41.58 -78.48
N VAL Q 66 -13.71 -42.58 -78.25
CA VAL Q 66 -13.36 -43.94 -78.60
C VAL Q 66 -13.31 -44.11 -80.12
N GLY Q 67 -14.15 -43.39 -80.86
CA GLY Q 67 -14.08 -43.43 -82.31
C GLY Q 67 -12.81 -42.80 -82.84
N ALA Q 68 -12.38 -41.69 -82.22
CA ALA Q 68 -11.16 -41.01 -82.64
C ALA Q 68 -9.95 -41.91 -82.44
N GLN Q 69 -9.88 -42.57 -81.28
CA GLN Q 69 -8.75 -43.46 -81.01
C GLN Q 69 -8.75 -44.67 -81.94
N ALA Q 70 -9.92 -45.29 -82.14
CA ALA Q 70 -9.99 -46.48 -82.97
C ALA Q 70 -9.72 -46.19 -84.44
N GLY Q 71 -10.34 -45.12 -84.96
CA GLY Q 71 -10.12 -44.76 -86.35
C GLY Q 71 -8.71 -44.30 -86.63
N LEU Q 72 -8.13 -43.53 -85.70
CA LEU Q 72 -6.76 -43.08 -85.86
C LEU Q 72 -5.78 -44.25 -85.85
N ALA Q 73 -5.96 -45.18 -84.91
CA ALA Q 73 -5.08 -46.34 -84.84
C ALA Q 73 -5.22 -47.24 -86.07
N TRP Q 74 -6.46 -47.47 -86.52
CA TRP Q 74 -6.69 -48.34 -87.67
C TRP Q 74 -6.14 -47.72 -88.95
N ARG Q 75 -6.38 -46.42 -89.17
CA ARG Q 75 -5.88 -45.76 -90.36
C ARG Q 75 -4.37 -45.67 -90.36
N ALA Q 76 -3.76 -45.43 -89.18
CA ALA Q 76 -2.31 -45.39 -89.09
C ALA Q 76 -1.69 -46.75 -89.38
N LYS Q 77 -2.30 -47.82 -88.88
CA LYS Q 77 -1.81 -49.16 -89.17
C LYS Q 77 -1.92 -49.49 -90.64
N ILE Q 78 -3.04 -49.11 -91.27
CA ILE Q 78 -3.24 -49.35 -92.69
C ILE Q 78 -2.22 -48.58 -93.53
N ILE Q 79 -1.98 -47.32 -93.19
CA ILE Q 79 -1.10 -46.51 -94.02
C ILE Q 79 0.36 -46.92 -93.80
N ASP Q 80 0.71 -47.39 -92.61
CA ASP Q 80 2.06 -47.90 -92.41
C ASP Q 80 2.25 -49.24 -93.11
N GLU Q 81 1.18 -50.03 -93.21
CA GLU Q 81 1.23 -51.26 -94.00
C GLU Q 81 1.43 -50.94 -95.47
N GLN Q 82 0.77 -49.91 -95.98
CA GLN Q 82 0.95 -49.48 -97.36
C GLN Q 82 2.36 -48.97 -97.61
N LEU Q 83 2.91 -48.22 -96.63
CA LEU Q 83 4.27 -47.72 -96.75
C LEU Q 83 5.27 -48.86 -96.77
N ASN Q 84 5.08 -49.86 -95.92
CA ASN Q 84 5.95 -51.03 -95.90
C ASN Q 84 5.80 -51.85 -97.18
N LYS Q 85 4.62 -51.82 -97.79
CA LYS Q 85 4.44 -52.44 -99.09
C LYS Q 85 5.27 -51.73 -100.16
N GLN Q 86 5.16 -50.40 -100.22
CA GLN Q 86 5.78 -49.66 -101.30
C GLN Q 86 7.05 -48.94 -100.86
N ALA Q 87 7.82 -49.57 -99.97
CA ALA Q 87 9.05 -48.95 -99.48
C ALA Q 87 10.15 -48.87 -100.53
N ARG Q 88 10.11 -49.70 -101.57
CA ARG Q 88 11.26 -49.84 -102.48
C ARG Q 88 11.48 -48.59 -103.33
N ASN Q 89 10.41 -48.07 -103.93
CA ASN Q 89 10.57 -46.93 -104.82
C ASN Q 89 10.84 -45.65 -104.07
N LEU Q 90 10.53 -45.60 -102.78
CA LEU Q 90 10.97 -44.49 -101.96
C LEU Q 90 12.49 -44.46 -101.86
N ASP Q 91 13.10 -45.64 -101.65
CA ASP Q 91 14.55 -45.76 -101.67
C ASP Q 91 15.11 -45.46 -103.04
N ALA Q 92 14.35 -45.80 -104.10
CA ALA Q 92 14.78 -45.45 -105.45
C ALA Q 92 14.79 -43.94 -105.67
N ILE Q 93 13.77 -43.24 -105.20
CA ILE Q 93 13.68 -41.82 -105.53
C ILE Q 93 14.52 -40.98 -104.59
N TYR Q 94 14.73 -41.42 -103.35
CA TYR Q 94 15.38 -40.57 -102.36
C TYR Q 94 16.81 -41.04 -102.15
N ASP Q 95 17.66 -40.68 -103.11
CA ASP Q 95 19.09 -40.98 -103.01
C ASP Q 95 19.76 -39.81 -102.31
N PHE Q 96 19.75 -39.85 -100.98
CA PHE Q 96 20.55 -38.91 -100.21
C PHE Q 96 22.04 -39.15 -100.41
N ASN Q 97 22.42 -40.40 -100.70
CA ASN Q 97 23.82 -40.76 -100.87
C ASN Q 97 24.41 -40.12 -102.11
N SER Q 98 23.58 -39.81 -103.11
CA SER Q 98 24.06 -39.05 -104.25
C SER Q 98 24.30 -37.58 -103.90
N LEU Q 99 23.67 -37.08 -102.84
CA LEU Q 99 23.72 -35.67 -102.52
C LEU Q 99 24.94 -35.28 -101.70
N VAL Q 100 25.69 -36.24 -101.16
CA VAL Q 100 26.81 -35.92 -100.30
C VAL Q 100 28.00 -35.49 -101.14
N LEU Q 101 28.99 -34.91 -100.48
CA LEU Q 101 30.17 -34.41 -101.14
C LEU Q 101 31.38 -35.28 -100.78
N GLU Q 102 32.55 -34.84 -101.26
CA GLU Q 102 33.76 -35.66 -101.21
C GLU Q 102 34.34 -35.82 -99.81
N HIS Q 103 33.91 -35.02 -98.84
CA HIS Q 103 34.33 -35.21 -97.46
C HIS Q 103 33.17 -35.62 -96.56
N ASN Q 104 32.12 -36.21 -97.15
CA ASN Q 104 30.94 -36.74 -96.46
C ASN Q 104 30.23 -35.65 -95.66
N ILE Q 105 29.81 -34.61 -96.36
CA ILE Q 105 29.17 -33.45 -95.76
C ILE Q 105 27.82 -33.25 -96.43
N LEU Q 106 26.78 -33.14 -95.61
CA LEU Q 106 25.45 -32.86 -96.10
C LEU Q 106 25.41 -31.48 -96.75
N PRO Q 107 24.81 -31.34 -97.94
CA PRO Q 107 24.69 -30.01 -98.53
C PRO Q 107 23.72 -29.15 -97.74
N PRO Q 108 23.89 -27.84 -97.77
CA PRO Q 108 22.98 -26.96 -97.03
C PRO Q 108 21.66 -26.80 -97.79
N VAL Q 109 20.68 -26.25 -97.09
CA VAL Q 109 19.32 -26.14 -97.61
C VAL Q 109 19.09 -24.72 -98.09
N LEU Q 110 18.49 -24.58 -99.27
CA LEU Q 110 18.22 -23.27 -99.85
C LEU Q 110 16.74 -23.16 -100.18
N LEU Q 111 16.19 -21.98 -99.97
CA LEU Q 111 14.80 -21.69 -100.32
C LEU Q 111 14.77 -20.51 -101.29
N GLU Q 112 13.84 -20.57 -102.23
CA GLU Q 112 13.70 -19.52 -103.23
C GLU Q 112 12.26 -19.00 -103.23
N GLY Q 113 12.11 -17.78 -103.71
CA GLY Q 113 10.80 -17.19 -103.84
C GLY Q 113 10.80 -16.17 -104.95
N ARG Q 114 9.66 -16.03 -105.61
CA ARG Q 114 9.55 -15.18 -106.79
C ARG Q 114 8.44 -14.17 -106.60
N ASN Q 115 8.67 -12.96 -107.14
CA ASN Q 115 7.71 -11.86 -107.20
C ASN Q 115 7.22 -11.46 -105.81
N THR Q 116 8.15 -10.96 -105.01
CA THR Q 116 7.84 -10.60 -103.64
C THR Q 116 7.31 -9.17 -103.60
N LEU Q 117 6.40 -8.93 -102.67
CA LEU Q 117 5.89 -7.59 -102.44
C LEU Q 117 5.49 -7.45 -100.99
N ASN Q 118 5.41 -6.20 -100.55
CA ASN Q 118 4.98 -5.90 -99.19
C ASN Q 118 4.34 -4.53 -99.18
N LEU Q 119 3.04 -4.50 -98.94
CA LEU Q 119 2.35 -3.30 -98.48
C LEU Q 119 2.45 -3.32 -96.96
N ALA Q 120 3.62 -2.89 -96.47
CA ALA Q 120 3.89 -2.93 -95.04
C ALA Q 120 2.97 -1.97 -94.28
N ASP Q 121 2.78 -0.77 -94.81
CA ASP Q 121 1.82 0.17 -94.28
C ASP Q 121 1.40 1.09 -95.41
N ALA Q 122 0.65 2.14 -95.07
CA ALA Q 122 0.35 3.16 -96.05
C ALA Q 122 1.62 3.95 -96.38
N GLN Q 123 1.59 4.57 -97.56
CA GLN Q 123 2.70 5.36 -98.12
C GLN Q 123 3.99 4.55 -98.24
N SER Q 124 3.87 3.24 -98.48
CA SER Q 124 5.05 2.39 -98.48
C SER Q 124 4.75 1.09 -99.21
N ILE Q 125 5.44 0.84 -100.32
CA ILE Q 125 5.38 -0.43 -101.02
C ILE Q 125 6.80 -0.88 -101.29
N ARG Q 126 7.15 -2.07 -100.83
CA ARG Q 126 8.47 -2.63 -101.10
C ARG Q 126 8.30 -3.93 -101.88
N ILE Q 127 8.73 -3.92 -103.14
CA ILE Q 127 8.65 -5.10 -103.98
C ILE Q 127 10.06 -5.57 -104.29
N SER Q 128 10.16 -6.81 -104.75
CA SER Q 128 11.42 -7.35 -105.23
C SER Q 128 11.12 -8.49 -106.19
N ASP Q 129 12.12 -8.81 -107.02
CA ASP Q 129 11.94 -9.82 -108.04
C ASP Q 129 11.99 -11.23 -107.43
N ARG Q 130 13.13 -11.60 -106.88
CA ARG Q 130 13.30 -12.93 -106.30
C ARG Q 130 14.08 -12.82 -105.00
N THR Q 131 13.95 -13.88 -104.21
CA THR Q 131 14.62 -13.96 -102.91
C THR Q 131 15.19 -15.36 -102.74
N TYR Q 132 16.34 -15.44 -102.06
CA TYR Q 132 16.93 -16.71 -101.72
C TYR Q 132 17.42 -16.67 -100.28
N LYS Q 133 17.16 -17.76 -99.56
CA LYS Q 133 17.41 -17.86 -98.13
C LYS Q 133 18.10 -19.17 -97.82
N VAL Q 134 19.21 -19.10 -97.08
CA VAL Q 134 19.82 -20.31 -96.54
C VAL Q 134 18.98 -20.76 -95.34
N ALA Q 135 18.40 -21.95 -95.45
CA ALA Q 135 17.57 -22.48 -94.38
C ALA Q 135 18.41 -23.14 -93.30
N LYS Q 136 19.11 -24.21 -93.67
CA LYS Q 136 19.91 -24.97 -92.72
C LYS Q 136 21.33 -25.10 -93.23
N GLN Q 137 22.30 -24.81 -92.37
CA GLN Q 137 23.70 -24.79 -92.75
C GLN Q 137 24.22 -26.20 -92.97
N ALA Q 138 25.16 -26.33 -93.89
CA ALA Q 138 25.85 -27.59 -94.15
C ALA Q 138 26.65 -28.02 -92.92
N HIS Q 139 26.78 -29.34 -92.75
CA HIS Q 139 27.50 -29.89 -91.62
C HIS Q 139 27.96 -31.29 -91.97
N PHE Q 140 28.80 -31.84 -91.09
CA PHE Q 140 29.28 -33.20 -91.27
C PHE Q 140 28.17 -34.21 -90.98
N ILE Q 141 28.34 -35.40 -91.54
CA ILE Q 141 27.33 -36.45 -91.45
C ILE Q 141 28.05 -37.79 -91.38
N THR Q 142 27.37 -38.78 -90.80
CA THR Q 142 27.88 -40.14 -90.71
C THR Q 142 27.16 -41.09 -91.66
N THR Q 143 25.83 -41.06 -91.66
CA THR Q 143 25.03 -41.85 -92.56
C THR Q 143 23.92 -40.97 -93.14
N PRO Q 144 23.55 -41.18 -94.39
CA PRO Q 144 22.49 -40.36 -94.99
C PRO Q 144 21.15 -40.66 -94.36
N PRO Q 145 20.33 -39.63 -94.15
CA PRO Q 145 18.98 -39.86 -93.62
C PRO Q 145 18.10 -40.56 -94.63
N THR Q 146 17.15 -41.34 -94.12
CA THR Q 146 16.18 -42.01 -94.96
C THR Q 146 14.80 -41.40 -94.78
N TRP Q 147 13.91 -41.81 -95.67
CA TRP Q 147 12.52 -41.39 -95.63
C TRP Q 147 11.79 -41.93 -94.42
N ARG Q 148 12.28 -43.01 -93.82
CA ARG Q 148 11.61 -43.62 -92.69
C ARG Q 148 11.65 -42.74 -91.45
N GLN Q 149 12.62 -41.84 -91.37
CA GLN Q 149 12.66 -40.85 -90.30
C GLN Q 149 11.68 -39.70 -90.54
N TYR Q 150 11.04 -39.67 -91.70
CA TYR Q 150 10.13 -38.59 -92.04
C TYR Q 150 8.71 -39.03 -92.26
N LEU Q 151 8.48 -40.26 -92.70
CA LEU Q 151 7.16 -40.67 -93.13
C LEU Q 151 6.58 -41.82 -92.35
N TRP Q 152 7.35 -42.50 -91.51
CA TRP Q 152 6.78 -43.58 -90.73
C TRP Q 152 5.96 -43.01 -89.59
N MET Q 153 4.70 -43.41 -89.51
CA MET Q 153 3.81 -42.97 -88.45
C MET Q 153 3.87 -43.96 -87.31
N ASP Q 154 3.81 -43.44 -86.08
CA ASP Q 154 3.84 -44.30 -84.91
C ASP Q 154 2.53 -45.06 -84.77
N TYR Q 155 2.58 -46.18 -84.04
CA TYR Q 155 1.44 -47.07 -83.97
C TYR Q 155 1.43 -47.75 -82.60
N VAL Q 156 0.53 -47.31 -81.74
CA VAL Q 156 0.23 -47.97 -80.48
C VAL Q 156 -1.27 -48.27 -80.52
N LYS Q 157 -1.62 -49.53 -80.72
CA LYS Q 157 -3.03 -49.89 -80.81
C LYS Q 157 -3.65 -49.94 -79.43
N PRO Q 158 -4.72 -49.19 -79.17
CA PRO Q 158 -5.41 -49.32 -77.89
C PRO Q 158 -6.45 -50.42 -77.94
N GLU Q 159 -6.47 -51.26 -76.90
CA GLU Q 159 -7.43 -52.34 -76.79
C GLU Q 159 -8.16 -52.30 -75.45
N ALA Q 160 -8.41 -51.09 -74.92
CA ALA Q 160 -9.03 -50.94 -73.61
C ALA Q 160 -10.28 -50.07 -73.73
N PRO Q 161 -11.42 -50.65 -74.10
CA PRO Q 161 -12.67 -49.87 -74.17
C PRO Q 161 -13.35 -49.83 -72.81
N ASN Q 162 -13.59 -48.62 -72.31
CA ASN Q 162 -14.37 -48.42 -71.10
C ASN Q 162 -15.52 -47.47 -71.38
N VAL Q 163 -16.69 -47.77 -70.82
CA VAL Q 163 -17.92 -47.05 -71.09
C VAL Q 163 -18.29 -46.24 -69.85
N THR Q 164 -18.60 -44.95 -70.07
CA THR Q 164 -19.07 -44.11 -68.97
C THR Q 164 -20.53 -44.42 -68.64
N LEU Q 165 -21.44 -44.22 -69.59
CA LEU Q 165 -22.83 -44.61 -69.43
C LEU Q 165 -23.23 -45.49 -70.61
N LEU Q 166 -23.67 -46.71 -70.30
CA LEU Q 166 -24.02 -47.73 -71.28
C LEU Q 166 -25.30 -47.34 -72.01
N PRO Q 167 -25.43 -47.69 -73.29
CA PRO Q 167 -26.68 -47.41 -73.99
C PRO Q 167 -27.78 -48.37 -73.56
N LYS Q 168 -28.95 -47.80 -73.30
CA LYS Q 168 -30.12 -48.56 -72.89
C LYS Q 168 -31.20 -48.55 -73.96
N THR Q 169 -31.48 -47.38 -74.53
CA THR Q 169 -32.41 -47.28 -75.64
C THR Q 169 -31.69 -47.46 -76.96
N LYS Q 170 -32.44 -47.89 -77.97
CA LYS Q 170 -31.87 -48.06 -79.30
C LYS Q 170 -31.53 -46.72 -79.93
N ALA Q 171 -32.26 -45.66 -79.57
CA ALA Q 171 -31.93 -44.32 -80.05
C ALA Q 171 -30.58 -43.85 -79.53
N GLU Q 172 -30.32 -44.06 -78.24
CA GLU Q 172 -29.03 -43.66 -77.70
C GLU Q 172 -27.92 -44.59 -78.16
N LYS Q 173 -28.24 -45.86 -78.42
CA LYS Q 173 -27.26 -46.77 -79.03
C LYS Q 173 -26.92 -46.32 -80.45
N GLU Q 174 -27.91 -45.87 -81.20
CA GLU Q 174 -27.68 -45.42 -82.56
C GLU Q 174 -26.87 -44.14 -82.61
N ILE Q 175 -27.16 -43.18 -81.72
CA ILE Q 175 -26.38 -41.96 -81.72
C ILE Q 175 -24.97 -42.21 -81.20
N TRP Q 176 -24.80 -43.17 -80.29
CA TRP Q 176 -23.47 -43.59 -79.87
C TRP Q 176 -22.70 -44.21 -81.03
N CYS Q 177 -23.38 -45.04 -81.82
CA CYS Q 177 -22.74 -45.67 -82.98
C CYS Q 177 -22.32 -44.65 -84.02
N ILE Q 178 -23.20 -43.69 -84.33
CA ILE Q 178 -22.85 -42.74 -85.38
C ILE Q 178 -21.83 -41.72 -84.89
N TYR Q 179 -21.80 -41.43 -83.59
CA TYR Q 179 -20.76 -40.53 -83.11
C TYR Q 179 -19.42 -41.24 -83.03
N THR Q 180 -19.43 -42.55 -82.76
CA THR Q 180 -18.21 -43.34 -82.87
C THR Q 180 -17.71 -43.39 -84.32
N GLU Q 181 -18.63 -43.50 -85.27
CA GLU Q 181 -18.28 -43.50 -86.69
C GLU Q 181 -17.71 -42.15 -87.12
N ARG Q 182 -18.29 -41.06 -86.63
CA ARG Q 182 -17.78 -39.72 -86.93
C ARG Q 182 -16.41 -39.50 -86.31
N GLY Q 183 -16.19 -40.02 -85.10
CA GLY Q 183 -14.86 -39.98 -84.52
C GLY Q 183 -13.86 -40.79 -85.32
N TRP Q 184 -14.30 -41.93 -85.86
CA TRP Q 184 -13.46 -42.73 -86.75
C TRP Q 184 -13.05 -41.93 -87.98
N LYS Q 185 -14.00 -41.22 -88.57
CA LYS Q 185 -13.72 -40.36 -89.72
C LYS Q 185 -12.76 -39.24 -89.36
N ASN Q 186 -12.94 -38.65 -88.17
CA ASN Q 186 -12.07 -37.57 -87.71
C ASN Q 186 -10.63 -38.04 -87.49
N GLY Q 187 -10.47 -39.24 -86.93
CA GLY Q 187 -9.14 -39.80 -86.76
C GLY Q 187 -8.48 -40.10 -88.08
N ILE Q 188 -9.28 -40.53 -89.06
CA ILE Q 188 -8.79 -40.72 -90.42
C ILE Q 188 -8.26 -39.41 -90.99
N ASP Q 189 -9.04 -38.33 -90.83
CA ASP Q 189 -8.65 -37.03 -91.36
C ASP Q 189 -7.39 -36.50 -90.70
N GLN Q 190 -7.27 -36.71 -89.39
CA GLN Q 190 -6.08 -36.25 -88.68
C GLN Q 190 -4.84 -37.03 -89.12
N ALA Q 191 -4.98 -38.34 -89.36
CA ALA Q 191 -3.87 -39.12 -89.87
C ALA Q 191 -3.44 -38.65 -91.25
N ASN Q 192 -4.41 -38.34 -92.11
CA ASN Q 192 -4.09 -37.81 -93.44
C ASN Q 192 -3.39 -36.46 -93.35
N THR Q 193 -3.83 -35.62 -92.41
CA THR Q 193 -3.22 -34.30 -92.24
C THR Q 193 -1.78 -34.41 -91.80
N ILE Q 194 -1.50 -35.29 -90.84
CA ILE Q 194 -0.13 -35.47 -90.36
C ILE Q 194 0.77 -36.03 -91.45
N LEU Q 195 0.25 -37.02 -92.20
CA LEU Q 195 0.99 -37.59 -93.33
C LEU Q 195 1.30 -36.54 -94.39
N GLU Q 196 0.33 -35.67 -94.69
CA GLU Q 196 0.51 -34.65 -95.71
C GLU Q 196 1.54 -33.62 -95.28
N GLU Q 197 1.52 -33.23 -94.00
CA GLU Q 197 2.51 -32.29 -93.49
C GLU Q 197 3.92 -32.88 -93.53
N ASN Q 198 4.06 -34.17 -93.21
CA ASN Q 198 5.36 -34.80 -93.29
C ASN Q 198 5.84 -34.93 -94.73
N ILE Q 199 4.90 -35.17 -95.65
CA ILE Q 199 5.22 -35.22 -97.07
C ILE Q 199 5.77 -33.87 -97.53
N ALA Q 200 5.11 -32.80 -97.11
CA ALA Q 200 5.56 -31.45 -97.46
C ALA Q 200 6.93 -31.16 -96.85
N ARG Q 201 7.17 -31.65 -95.63
CA ARG Q 201 8.45 -31.42 -94.97
C ARG Q 201 9.60 -32.09 -95.70
N ILE Q 202 9.43 -33.38 -96.03
CA ILE Q 202 10.53 -34.09 -96.68
C ILE Q 202 10.72 -33.60 -98.12
N LYS Q 203 9.62 -33.19 -98.78
CA LYS Q 203 9.75 -32.61 -100.11
C LYS Q 203 10.46 -31.26 -100.05
N GLU Q 204 10.24 -30.50 -98.98
CA GLU Q 204 10.94 -29.24 -98.77
C GLU Q 204 12.44 -29.46 -98.63
N ASP Q 205 12.81 -30.46 -97.82
CA ASP Q 205 14.24 -30.73 -97.62
C ASP Q 205 14.90 -31.22 -98.90
N PHE Q 206 14.22 -32.10 -99.64
CA PHE Q 206 14.77 -32.59 -100.91
C PHE Q 206 14.89 -31.48 -101.93
N GLY Q 207 13.89 -30.60 -101.99
CA GLY Q 207 13.95 -29.47 -102.90
C GLY Q 207 15.03 -28.48 -102.53
N GLY Q 208 15.25 -28.30 -101.23
CA GLY Q 208 16.32 -27.41 -100.79
C GLY Q 208 17.70 -27.94 -101.17
N MET Q 209 17.91 -29.25 -101.01
CA MET Q 209 19.20 -29.82 -101.38
C MET Q 209 19.42 -29.77 -102.88
N ILE Q 210 18.40 -30.11 -103.67
CA ILE Q 210 18.59 -30.10 -105.12
C ILE Q 210 18.70 -28.67 -105.64
N LEU Q 211 18.08 -27.71 -104.93
CA LEU Q 211 18.23 -26.32 -105.34
C LEU Q 211 19.60 -25.79 -104.99
N TYR Q 212 20.20 -26.28 -103.89
CA TYR Q 212 21.59 -25.94 -103.61
C TYR Q 212 22.51 -26.45 -104.70
N ARG Q 213 22.29 -27.69 -105.14
CA ARG Q 213 23.12 -28.23 -106.22
C ARG Q 213 22.95 -27.45 -107.51
N LYS Q 214 21.70 -27.09 -107.84
CA LYS Q 214 21.43 -26.35 -109.07
C LYS Q 214 21.99 -24.94 -108.99
N LEU Q 215 21.95 -24.31 -107.81
CA LEU Q 215 22.49 -22.97 -107.69
C LEU Q 215 24.01 -22.96 -107.67
N LEU Q 216 24.62 -24.01 -107.14
CA LEU Q 216 26.07 -24.16 -107.23
C LEU Q 216 26.50 -24.33 -108.68
N ALA Q 217 25.71 -25.08 -109.46
CA ALA Q 217 25.92 -25.13 -110.90
C ALA Q 217 25.70 -23.76 -111.55
N MET Q 218 24.73 -23.00 -111.05
CA MET Q 218 24.46 -21.65 -111.50
C MET Q 218 25.54 -20.66 -111.10
N ASN Q 219 26.46 -21.07 -110.22
CA ASN Q 219 27.62 -20.29 -109.79
C ASN Q 219 27.17 -19.04 -109.04
N MET Q 220 26.36 -19.27 -108.01
CA MET Q 220 25.89 -18.23 -107.11
C MET Q 220 26.30 -18.47 -105.66
N VAL Q 221 26.77 -19.67 -105.34
CA VAL Q 221 27.10 -20.05 -103.97
C VAL Q 221 28.52 -20.58 -103.94
N SER Q 222 29.27 -20.17 -102.93
CA SER Q 222 30.62 -20.67 -102.74
C SER Q 222 30.56 -22.14 -102.30
N PRO Q 223 31.49 -22.96 -102.76
CA PRO Q 223 31.60 -24.30 -102.21
C PRO Q 223 32.16 -24.26 -100.80
N PRO Q 224 31.88 -25.25 -99.97
CA PRO Q 224 32.54 -25.31 -98.65
C PRO Q 224 34.02 -25.58 -98.80
N TYR Q 225 34.80 -25.04 -97.88
CA TYR Q 225 36.24 -25.28 -97.86
C TYR Q 225 36.64 -25.84 -96.51
N VAL Q 226 37.38 -26.95 -96.55
CA VAL Q 226 37.71 -27.73 -95.38
C VAL Q 226 39.18 -28.10 -95.44
N SER Q 227 39.91 -27.83 -94.36
CA SER Q 227 41.32 -28.16 -94.26
C SER Q 227 41.52 -29.47 -93.51
N HIS Q 228 42.70 -30.05 -93.72
CA HIS Q 228 43.12 -31.29 -93.09
C HIS Q 228 44.45 -31.09 -92.40
N THR Q 229 44.61 -31.71 -91.24
CA THR Q 229 45.85 -31.68 -90.49
C THR Q 229 46.19 -33.10 -90.09
N ASP Q 230 47.31 -33.60 -90.60
CA ASP Q 230 47.70 -34.98 -90.38
C ASP Q 230 48.89 -35.05 -89.43
N LEU Q 231 48.84 -35.98 -88.49
CA LEU Q 231 49.92 -36.21 -87.56
C LEU Q 231 50.21 -37.70 -87.50
N GLY Q 232 51.48 -38.02 -87.30
CA GLY Q 232 51.92 -39.40 -87.30
C GLY Q 232 51.67 -40.09 -85.97
N VAL Q 233 52.70 -40.77 -85.46
CA VAL Q 233 52.55 -41.49 -84.20
C VAL Q 233 52.48 -40.49 -83.05
N THR Q 234 51.54 -40.73 -82.13
CA THR Q 234 51.34 -39.84 -81.01
C THR Q 234 50.76 -40.61 -79.83
N GLY Q 235 50.92 -40.03 -78.66
CA GLY Q 235 50.49 -40.63 -77.41
C GLY Q 235 51.65 -40.84 -76.46
N ASP Q 236 51.31 -41.41 -75.30
CA ASP Q 236 52.30 -41.69 -74.27
C ASP Q 236 52.90 -43.07 -74.48
N GLY Q 237 53.61 -43.59 -73.48
CA GLY Q 237 54.13 -44.94 -73.55
C GLY Q 237 53.07 -46.02 -73.43
N SER Q 238 51.87 -45.68 -72.98
CA SER Q 238 50.78 -46.63 -72.86
C SER Q 238 49.80 -46.59 -74.02
N GLU Q 239 49.60 -45.44 -74.63
CA GLU Q 239 48.65 -45.28 -75.73
C GLU Q 239 49.40 -44.79 -76.96
N ILE Q 240 49.16 -45.45 -78.09
CA ILE Q 240 49.68 -44.93 -79.35
C ILE Q 240 48.58 -44.91 -80.39
N HIS Q 241 48.68 -43.95 -81.29
CA HIS Q 241 47.85 -43.86 -82.48
C HIS Q 241 48.79 -43.72 -83.66
N ILE Q 242 48.65 -44.60 -84.65
CA ILE Q 242 49.66 -44.74 -85.70
C ILE Q 242 49.65 -43.54 -86.62
N ASP Q 243 48.49 -43.22 -87.19
CA ASP Q 243 48.32 -41.99 -87.94
C ASP Q 243 46.96 -41.41 -87.59
N ASP Q 244 46.94 -40.16 -87.17
CA ASP Q 244 45.70 -39.45 -86.92
C ASP Q 244 45.56 -38.33 -87.94
N ARG Q 245 44.33 -38.13 -88.41
CA ARG Q 245 44.00 -37.02 -89.29
C ARG Q 245 42.84 -36.27 -88.66
N VAL Q 246 42.98 -34.96 -88.55
CA VAL Q 246 41.96 -34.08 -88.02
C VAL Q 246 41.44 -33.24 -89.17
N LEU Q 247 40.16 -33.38 -89.47
CA LEU Q 247 39.53 -32.70 -90.58
C LEU Q 247 38.59 -31.64 -90.04
N ARG Q 248 38.74 -30.41 -90.53
CA ARG Q 248 37.99 -29.28 -90.00
C ARG Q 248 37.57 -28.37 -91.13
N ILE Q 249 36.28 -28.09 -91.22
CA ILE Q 249 35.77 -27.16 -92.22
C ILE Q 249 36.00 -25.74 -91.74
N THR Q 250 36.63 -24.92 -92.57
CA THR Q 250 36.95 -23.56 -92.17
C THR Q 250 36.09 -22.51 -92.85
N ALA Q 251 35.61 -22.78 -94.06
CA ALA Q 251 34.83 -21.79 -94.81
C ALA Q 251 33.48 -22.40 -95.16
N LEU Q 252 32.44 -21.92 -94.51
CA LEU Q 252 31.10 -22.36 -94.81
C LEU Q 252 30.64 -21.80 -96.16
N PRO Q 253 29.76 -22.51 -96.86
CA PRO Q 253 29.20 -21.96 -98.10
C PRO Q 253 28.33 -20.74 -97.82
N GLU Q 254 28.29 -19.84 -98.79
CA GLU Q 254 27.46 -18.65 -98.72
C GLU Q 254 27.25 -18.10 -100.12
N LEU Q 255 26.26 -17.24 -100.24
CA LEU Q 255 25.99 -16.59 -101.51
C LEU Q 255 26.94 -15.41 -101.73
N ASN Q 256 27.08 -15.02 -102.99
CA ASN Q 256 27.98 -13.95 -103.39
C ASN Q 256 27.20 -12.69 -103.74
N VAL Q 257 27.91 -11.57 -103.76
CA VAL Q 257 27.31 -10.29 -104.10
C VAL Q 257 27.80 -9.75 -105.44
N ASN Q 258 28.92 -10.24 -105.95
CA ASN Q 258 29.43 -9.77 -107.23
C ASN Q 258 28.70 -10.49 -108.35
N SER Q 259 27.95 -9.74 -109.15
CA SER Q 259 27.05 -10.33 -110.12
C SER Q 259 27.76 -10.85 -111.36
N ALA Q 260 28.99 -10.40 -111.61
CA ALA Q 260 29.63 -10.66 -112.90
C ALA Q 260 30.08 -12.11 -113.06
N GLU Q 261 30.21 -12.85 -111.98
CA GLU Q 261 30.72 -14.21 -112.02
C GLU Q 261 29.61 -15.24 -112.21
N TRP Q 262 28.50 -14.86 -112.82
CA TRP Q 262 27.31 -15.68 -112.87
C TRP Q 262 27.09 -16.14 -114.31
N ARG Q 263 27.46 -17.39 -114.60
CA ARG Q 263 27.23 -17.94 -115.92
C ARG Q 263 25.80 -18.45 -116.01
N ALA Q 264 25.08 -17.97 -117.03
CA ALA Q 264 23.70 -18.37 -117.25
C ALA Q 264 23.65 -19.67 -118.04
N ALA Q 265 22.48 -20.02 -118.54
CA ALA Q 265 22.27 -21.28 -119.22
C ALA Q 265 21.68 -21.07 -120.60
N VAL Q 266 21.59 -22.17 -121.35
CA VAL Q 266 21.01 -22.20 -122.68
C VAL Q 266 20.45 -23.60 -122.88
N ALA Q 267 19.67 -23.79 -123.95
CA ALA Q 267 19.14 -25.12 -124.23
C ALA Q 267 18.90 -25.25 -125.73
N LYS Q 268 18.71 -26.49 -126.17
CA LYS Q 268 18.44 -26.79 -127.57
C LYS Q 268 17.18 -27.62 -127.72
N ALA R 104 38.17 111.40 28.24
CA ALA R 104 38.24 110.34 29.25
C ALA R 104 36.84 109.87 29.61
N GLU R 105 35.85 110.64 29.20
CA GLU R 105 34.46 110.36 29.55
C GLU R 105 33.55 110.28 28.35
N VAL R 106 33.72 111.17 27.36
CA VAL R 106 32.94 111.10 26.13
C VAL R 106 33.56 110.15 25.12
N ILE R 107 34.66 109.47 25.50
CA ILE R 107 35.30 108.49 24.64
C ILE R 107 34.36 107.33 24.34
N ASP R 108 33.61 106.89 25.35
CA ASP R 108 32.65 105.81 25.18
C ASP R 108 31.51 106.23 24.26
N LYS R 109 31.06 107.49 24.37
CA LYS R 109 30.00 107.97 23.50
C LYS R 109 30.46 108.10 22.07
N LYS R 110 31.72 108.55 21.88
CA LYS R 110 32.31 108.62 20.54
C LYS R 110 32.46 107.23 19.95
N ALA R 111 32.87 106.25 20.75
CA ALA R 111 33.00 104.89 20.27
C ALA R 111 31.64 104.29 19.94
N PHE R 112 30.61 104.66 20.71
CA PHE R 112 29.26 104.18 20.45
C PHE R 112 28.72 104.71 19.14
N LYS R 113 28.87 106.02 18.90
CA LYS R 113 28.38 106.57 17.65
C LYS R 113 29.21 106.12 16.46
N ASP R 114 30.51 105.90 16.65
CA ASP R 114 31.35 105.36 15.57
C ASP R 114 30.98 103.93 15.24
N MET R 115 30.72 103.10 16.26
CA MET R 115 30.34 101.72 16.02
C MET R 115 28.95 101.64 15.39
N THR R 116 28.05 102.54 15.79
CA THR R 116 26.74 102.60 15.14
C THR R 116 26.87 103.01 13.68
N ARG R 117 27.75 103.97 13.39
CA ARG R 117 28.00 104.39 12.02
C ARG R 117 28.59 103.25 11.18
N ASN R 118 29.52 102.49 11.77
CA ASN R 118 30.10 101.37 11.05
C ASN R 118 29.10 100.24 10.84
N LEU R 119 28.19 100.03 11.81
CA LEU R 119 27.17 99.00 11.66
C LEU R 119 26.18 99.37 10.58
N TYR R 120 25.66 100.59 10.62
CA TYR R 120 24.68 101.06 9.64
C TYR R 120 25.25 102.29 8.95
N PRO R 121 25.93 102.11 7.81
CA PRO R 121 26.40 103.28 7.05
C PRO R 121 25.29 104.06 6.37
N LEU R 122 24.09 103.49 6.24
CA LEU R 122 23.01 104.12 5.50
C LEU R 122 21.79 104.31 6.40
N ASN R 123 21.00 105.32 6.10
CA ASN R 123 19.80 105.60 6.86
C ASN R 123 18.71 104.58 6.52
N PRO R 124 17.77 104.35 7.44
CA PRO R 124 16.54 103.61 7.06
C PRO R 124 15.75 104.30 5.96
N GLU R 125 15.75 105.63 5.94
CA GLU R 125 15.16 106.36 4.83
C GLU R 125 15.92 106.11 3.54
N GLN R 126 17.25 106.01 3.64
CA GLN R 126 18.06 105.64 2.48
C GLN R 126 17.74 104.23 2.01
N VAL R 127 17.47 103.33 2.95
CA VAL R 127 17.05 101.97 2.62
C VAL R 127 15.72 101.98 1.87
N VAL R 128 14.78 102.79 2.34
CA VAL R 128 13.46 102.88 1.73
C VAL R 128 13.55 103.44 0.31
N LYS R 129 14.31 104.53 0.12
CA LYS R 129 14.41 105.09 -1.22
C LYS R 129 15.29 104.24 -2.13
N LEU R 130 16.22 103.48 -1.57
CA LEU R 130 17.00 102.56 -2.38
C LEU R 130 16.13 101.39 -2.85
N LYS R 131 15.21 100.94 -2.01
CA LYS R 131 14.24 99.94 -2.45
C LYS R 131 13.28 100.53 -3.47
N GLN R 132 12.97 101.81 -3.37
CA GLN R 132 12.20 102.50 -4.40
C GLN R 132 12.93 102.49 -5.73
N ILE R 133 14.24 102.76 -5.69
CA ILE R 133 15.08 102.71 -6.89
C ILE R 133 15.14 101.29 -7.44
N TYR R 134 15.18 100.30 -6.54
CA TYR R 134 15.19 98.89 -6.91
C TYR R 134 13.90 98.50 -7.64
N GLU R 135 12.75 98.92 -7.13
CA GLU R 135 11.49 98.62 -7.79
C GLU R 135 11.33 99.41 -9.08
N THR R 136 11.90 100.61 -9.15
CA THR R 136 11.92 101.38 -10.39
C THR R 136 12.72 100.67 -11.47
N SER R 137 13.89 100.14 -11.10
CA SER R 137 14.69 99.36 -12.03
C SER R 137 14.00 98.05 -12.41
N GLU R 138 13.28 97.44 -11.47
CA GLU R 138 12.52 96.23 -11.77
C GLU R 138 11.41 96.52 -12.79
N TYR R 139 10.72 97.65 -12.63
CA TYR R 139 9.69 98.02 -13.59
C TYR R 139 10.29 98.42 -14.93
N ALA R 140 11.49 99.00 -14.92
CA ALA R 140 12.19 99.28 -16.17
C ALA R 140 12.56 98.01 -16.91
N LYS R 141 13.03 97.00 -16.17
CA LYS R 141 13.37 95.72 -16.78
C LYS R 141 12.11 95.00 -17.28
N ALA R 142 11.03 95.06 -16.52
CA ALA R 142 9.78 94.44 -16.91
C ALA R 142 9.03 95.22 -17.98
N ALA R 143 9.43 96.47 -18.25
CA ALA R 143 8.80 97.25 -19.28
C ALA R 143 9.10 96.67 -20.66
N THR R 144 8.09 96.69 -21.53
CA THR R 144 8.19 96.17 -22.88
C THR R 144 7.89 97.29 -23.88
N PRO R 145 8.83 97.65 -24.76
CA PRO R 145 8.55 98.68 -25.76
C PRO R 145 7.57 98.19 -26.82
N GLY R 146 7.00 99.15 -27.53
CA GLY R 146 6.07 98.85 -28.59
C GLY R 146 4.65 98.68 -28.08
N THR R 147 3.73 98.56 -29.03
CA THR R 147 2.35 98.39 -28.58
C THR R 147 2.07 96.92 -28.30
N PRO R 148 1.37 96.62 -27.21
CA PRO R 148 0.94 95.26 -26.96
C PRO R 148 -0.17 94.86 -27.91
N PRO R 149 -0.18 93.62 -28.39
CA PRO R 149 -1.27 93.17 -29.26
C PRO R 149 -2.59 93.06 -28.52
N LYS R 150 -3.66 93.30 -29.24
CA LYS R 150 -4.98 93.30 -28.63
C LYS R 150 -5.44 91.87 -28.37
N PRO R 151 -5.85 91.54 -27.15
CA PRO R 151 -6.41 90.21 -26.89
C PRO R 151 -7.75 90.02 -27.56
N THR R 152 -7.77 89.21 -28.61
CA THR R 152 -8.97 89.02 -29.42
C THR R 152 -9.40 87.56 -29.39
N ALA R 153 -10.56 87.30 -29.97
CA ALA R 153 -11.09 85.97 -30.16
C ALA R 153 -12.03 86.02 -31.36
N THR R 154 -11.96 84.99 -32.20
CA THR R 154 -12.74 85.00 -33.44
C THR R 154 -12.99 83.58 -33.93
N SER R 155 -13.94 83.49 -34.84
CA SER R 155 -14.21 82.28 -35.61
C SER R 155 -13.99 82.56 -37.09
N GLN R 156 -13.84 81.48 -37.85
CA GLN R 156 -13.54 81.56 -39.27
C GLN R 156 -13.95 80.25 -39.92
N PHE R 157 -14.43 80.34 -41.15
CA PHE R 157 -14.88 79.17 -41.90
C PHE R 157 -13.79 78.70 -42.84
N VAL R 158 -13.50 77.40 -42.80
CA VAL R 158 -12.49 76.78 -43.65
C VAL R 158 -13.18 75.96 -44.71
N ASN R 159 -12.79 76.17 -45.97
CA ASN R 159 -13.35 75.44 -47.10
C ASN R 159 -12.27 74.58 -47.73
N LEU R 160 -12.70 73.51 -48.40
CA LEU R 160 -11.81 72.62 -49.13
C LEU R 160 -11.46 73.12 -50.52
N SER R 161 -11.72 74.38 -50.81
CA SER R 161 -11.40 74.92 -52.13
C SER R 161 -9.89 75.14 -52.25
N PRO R 162 -9.24 74.55 -53.26
CA PRO R 162 -7.81 74.81 -53.45
C PRO R 162 -7.51 76.23 -53.91
N GLY R 163 -8.46 76.90 -54.57
CA GLY R 163 -8.25 78.28 -54.93
C GLY R 163 -8.33 79.24 -53.76
N SER R 164 -9.00 78.83 -52.68
CA SER R 164 -9.06 79.66 -51.49
C SER R 164 -7.72 79.68 -50.78
N THR R 165 -7.34 80.86 -50.28
CA THR R 165 -6.09 81.01 -49.57
C THR R 165 -6.16 80.31 -48.21
N PRO R 166 -5.06 79.73 -47.74
CA PRO R 166 -5.07 79.05 -46.45
C PRO R 166 -5.21 80.05 -45.32
N PRO R 167 -5.88 79.67 -44.22
CA PRO R 167 -6.07 80.61 -43.11
C PRO R 167 -4.77 80.90 -42.35
N VAL R 168 -4.74 82.11 -41.79
CA VAL R 168 -3.57 82.67 -41.11
C VAL R 168 -3.98 83.01 -39.68
N ILE R 169 -3.16 82.61 -38.71
CA ILE R 169 -3.43 82.86 -37.30
C ILE R 169 -2.25 83.60 -36.70
N ARG R 170 -2.53 84.73 -36.05
CA ARG R 170 -1.50 85.49 -35.34
C ARG R 170 -1.32 84.96 -33.93
N LEU R 171 -0.06 84.94 -33.49
CA LEU R 171 0.33 84.30 -32.24
C LEU R 171 1.07 85.29 -31.34
N SER R 172 1.41 84.82 -30.14
CA SER R 172 2.16 85.60 -29.17
C SER R 172 3.27 84.77 -28.58
N GLN R 173 4.30 85.46 -28.09
CA GLN R 173 5.46 84.82 -27.51
C GLN R 173 5.15 84.29 -26.12
N GLY R 174 5.19 82.97 -25.97
CA GLY R 174 4.98 82.36 -24.67
C GLY R 174 3.57 82.43 -24.15
N PHE R 175 2.60 82.67 -25.02
CA PHE R 175 1.22 82.82 -24.61
C PHE R 175 0.36 81.71 -25.20
N VAL R 176 -0.64 81.30 -24.43
CA VAL R 176 -1.50 80.19 -24.82
C VAL R 176 -2.40 80.64 -25.96
N SER R 177 -2.42 79.85 -27.03
CA SER R 177 -3.34 80.07 -28.14
C SER R 177 -4.21 78.83 -28.27
N SER R 178 -5.52 79.03 -28.30
CA SER R 178 -6.48 77.95 -28.37
C SER R 178 -7.07 77.88 -29.78
N LEU R 179 -7.10 76.68 -30.34
CA LEU R 179 -7.66 76.46 -31.68
C LEU R 179 -8.65 75.32 -31.60
N VAL R 180 -9.92 75.59 -31.88
CA VAL R 180 -11.00 74.62 -31.72
C VAL R 180 -11.61 74.34 -33.10
N PHE R 181 -11.66 73.06 -33.46
CA PHE R 181 -12.17 72.63 -34.76
C PHE R 181 -13.60 72.15 -34.62
N LEU R 182 -14.49 72.66 -35.46
CA LEU R 182 -15.87 72.20 -35.55
C LEU R 182 -16.25 72.11 -37.02
N ASP R 183 -17.27 71.29 -37.29
CA ASP R 183 -17.74 71.08 -38.64
C ASP R 183 -18.67 72.21 -39.06
N SER R 184 -19.42 71.99 -40.14
CA SER R 184 -20.39 72.98 -40.61
C SER R 184 -21.55 73.12 -39.64
N THR R 185 -21.92 72.03 -38.95
CA THR R 185 -22.98 72.11 -37.96
C THR R 185 -22.52 72.70 -36.64
N GLY R 186 -21.22 72.87 -36.43
CA GLY R 186 -20.72 73.27 -35.13
C GLY R 186 -20.52 72.12 -34.16
N ALA R 187 -20.76 70.89 -34.59
CA ALA R 187 -20.51 69.73 -33.76
C ALA R 187 -19.01 69.45 -33.68
N PRO R 188 -18.55 68.73 -32.65
CA PRO R 188 -17.12 68.39 -32.58
C PRO R 188 -16.69 67.46 -33.70
N TRP R 189 -15.42 67.60 -34.08
CA TRP R 189 -14.81 66.77 -35.12
C TRP R 189 -13.44 66.33 -34.60
N PRO R 190 -13.29 65.07 -34.20
CA PRO R 190 -12.03 64.62 -33.61
C PRO R 190 -10.91 64.54 -34.63
N ILE R 191 -9.69 64.57 -34.14
CA ILE R 191 -8.50 64.62 -34.99
C ILE R 191 -7.80 63.27 -34.93
N ALA R 192 -7.38 62.79 -36.09
CA ALA R 192 -6.67 61.53 -36.17
C ALA R 192 -5.15 61.72 -36.11
N ALA R 193 -4.62 62.70 -36.84
CA ALA R 193 -3.18 62.87 -36.94
C ALA R 193 -2.84 64.33 -37.22
N TYR R 194 -1.57 64.67 -36.99
CA TYR R 194 -1.14 66.05 -37.13
C TYR R 194 0.35 66.11 -37.38
N ASP R 195 0.75 67.05 -38.24
CA ASP R 195 2.14 67.30 -38.58
C ASP R 195 2.47 68.76 -38.32
N LEU R 196 3.61 68.98 -37.68
CA LEU R 196 4.11 70.32 -37.38
C LEU R 196 5.50 70.46 -38.00
N GLY R 197 5.65 71.47 -38.85
CA GLY R 197 6.95 71.81 -39.38
C GLY R 197 7.62 72.84 -38.48
N ASP R 198 8.91 72.61 -38.21
CA ASP R 198 9.76 73.36 -37.29
C ASP R 198 9.13 73.50 -35.90
N PRO R 199 9.15 72.46 -35.06
CA PRO R 199 8.63 72.60 -33.69
C PRO R 199 9.43 73.53 -32.79
N SER R 200 10.62 73.98 -33.21
CA SER R 200 11.38 74.93 -32.41
C SER R 200 10.75 76.33 -32.40
N SER R 201 9.87 76.63 -33.36
CA SER R 201 9.24 77.94 -33.37
C SER R 201 8.07 78.01 -32.41
N PHE R 202 7.21 76.99 -32.39
CA PHE R 202 6.00 77.01 -31.58
C PHE R 202 5.84 75.69 -30.85
N ASN R 203 5.26 75.75 -29.65
CA ASN R 203 5.05 74.58 -28.82
C ASN R 203 3.59 74.12 -28.93
N ILE R 204 3.39 72.81 -29.08
CA ILE R 204 2.07 72.23 -29.28
C ILE R 204 1.83 71.17 -28.21
N GLN R 205 0.71 71.31 -27.49
CA GLN R 205 0.19 70.28 -26.61
C GLN R 205 -1.18 69.86 -27.10
N TRP R 206 -1.46 68.56 -27.03
CA TRP R 206 -2.73 68.03 -27.54
C TRP R 206 -3.01 66.69 -26.91
N ASP R 207 -4.08 66.61 -26.12
CA ASP R 207 -4.61 65.31 -25.73
C ASP R 207 -5.25 64.64 -26.94
N LYS R 208 -5.10 63.32 -27.02
CA LYS R 208 -5.33 62.58 -28.25
C LYS R 208 -6.78 62.48 -28.67
N THR R 209 -7.73 62.83 -27.81
CA THR R 209 -9.14 62.67 -28.10
C THR R 209 -9.85 63.98 -28.40
N SER R 210 -9.13 65.07 -28.55
CA SER R 210 -9.75 66.39 -28.60
C SER R 210 -9.68 67.00 -30.00
N ASN R 211 -10.38 68.11 -30.16
CA ASN R 211 -10.32 68.95 -31.35
C ASN R 211 -9.79 70.34 -31.03
N THR R 212 -9.05 70.47 -29.93
CA THR R 212 -8.54 71.75 -29.48
C THR R 212 -7.03 71.66 -29.32
N LEU R 213 -6.33 72.65 -29.88
CA LEU R 213 -4.89 72.72 -29.88
C LEU R 213 -4.43 73.91 -29.05
N MET R 214 -3.34 73.71 -28.31
CA MET R 214 -2.72 74.76 -27.50
C MET R 214 -1.36 75.08 -28.09
N ILE R 215 -1.17 76.36 -28.44
CA ILE R 215 0.00 76.82 -29.17
C ILE R 215 0.76 77.81 -28.29
N GLN R 216 2.08 77.65 -28.24
CA GLN R 216 2.97 78.55 -27.50
C GLN R 216 4.19 78.83 -28.35
N ALA R 217 4.33 80.06 -28.83
CA ALA R 217 5.42 80.42 -29.72
C ALA R 217 6.71 80.65 -28.96
N THR R 218 7.82 80.22 -29.56
CA THR R 218 9.16 80.39 -28.98
C THR R 218 9.96 81.46 -29.71
N LYS R 219 10.08 81.34 -31.03
CA LYS R 219 10.78 82.34 -31.81
C LYS R 219 9.91 83.57 -32.01
N LEU R 220 10.55 84.73 -32.06
CA LEU R 220 9.83 85.99 -32.01
C LEU R 220 9.10 86.30 -33.31
N TYR R 221 9.72 86.04 -34.46
CA TYR R 221 9.15 86.44 -35.73
C TYR R 221 9.08 85.32 -36.76
N ASN R 222 9.62 84.14 -36.49
CA ASN R 222 9.59 83.06 -37.46
C ASN R 222 8.21 82.44 -37.53
N TYR R 223 7.73 82.21 -38.75
CA TYR R 223 6.40 81.69 -38.99
C TYR R 223 6.46 80.21 -39.32
N GLY R 224 5.28 79.60 -39.47
CA GLY R 224 5.25 78.19 -39.79
C GLY R 224 3.91 77.78 -40.33
N ASN R 225 3.80 76.49 -40.65
CA ASN R 225 2.56 75.91 -41.16
C ASN R 225 2.27 74.62 -40.44
N LEU R 226 0.99 74.27 -40.38
CA LEU R 226 0.49 73.12 -39.65
C LEU R 226 -0.40 72.29 -40.56
N ALA R 227 -0.36 70.97 -40.37
CA ALA R 227 -1.19 70.04 -41.13
C ALA R 227 -2.02 69.21 -40.17
N VAL R 228 -3.32 69.15 -40.43
CA VAL R 228 -4.27 68.49 -39.54
C VAL R 228 -5.09 67.49 -40.34
N ARG R 229 -5.11 66.24 -39.90
CA ARG R 229 -5.96 65.20 -40.47
C ARG R 229 -6.96 64.77 -39.41
N LEU R 230 -8.23 65.04 -39.66
CA LEU R 230 -9.27 64.75 -38.67
C LEU R 230 -9.61 63.26 -38.67
N ARG R 231 -10.35 62.84 -37.64
CA ARG R 231 -10.76 61.44 -37.53
C ARG R 231 -11.76 61.08 -38.62
N GLY R 232 -12.75 61.93 -38.85
CA GLY R 232 -13.74 61.69 -39.88
C GLY R 232 -13.43 62.33 -41.22
N LEU R 233 -12.18 62.74 -41.45
CA LEU R 233 -11.80 63.40 -42.69
C LEU R 233 -10.58 62.72 -43.29
N ASN R 234 -10.59 62.57 -44.62
CA ASN R 234 -9.45 62.01 -45.33
C ASN R 234 -8.46 63.09 -45.77
N THR R 235 -8.96 64.18 -46.33
CA THR R 235 -8.09 65.23 -46.84
C THR R 235 -7.58 66.09 -45.69
N PRO R 236 -6.27 66.25 -45.52
CA PRO R 236 -5.76 67.11 -44.46
C PRO R 236 -5.94 68.58 -44.82
N VAL R 237 -5.83 69.41 -43.78
CA VAL R 237 -5.92 70.86 -43.95
C VAL R 237 -4.58 71.48 -43.53
N MET R 238 -4.27 72.61 -44.15
CA MET R 238 -3.04 73.34 -43.91
C MET R 238 -3.37 74.73 -43.38
N LEU R 239 -2.69 75.12 -42.32
CA LEU R 239 -2.90 76.41 -41.69
C LEU R 239 -1.55 77.10 -41.53
N THR R 240 -1.57 78.43 -41.46
CA THR R 240 -0.33 79.18 -41.28
C THR R 240 -0.38 79.91 -39.95
N LEU R 241 0.75 79.92 -39.25
CA LEU R 241 0.89 80.61 -37.97
C LEU R 241 1.98 81.66 -38.08
N ILE R 242 1.64 82.89 -37.75
CA ILE R 242 2.58 84.02 -37.78
C ILE R 242 2.58 84.66 -36.39
N PRO R 243 3.73 84.83 -35.76
CA PRO R 243 3.77 85.49 -34.46
C PRO R 243 3.97 87.00 -34.61
N GLY R 244 3.69 87.72 -33.52
CA GLY R 244 4.00 89.13 -33.42
C GLY R 244 3.25 90.07 -34.34
N GLN R 245 1.93 89.89 -34.47
CA GLN R 245 1.10 90.82 -35.22
C GLN R 245 0.49 91.86 -34.28
N LYS R 246 -0.33 92.74 -34.84
CA LYS R 246 -0.94 93.83 -34.08
C LYS R 246 -1.99 93.35 -33.09
N ALA R 247 -2.50 92.13 -33.23
CA ALA R 247 -3.46 91.57 -32.31
C ALA R 247 -3.13 90.11 -32.07
N VAL R 248 -3.73 89.56 -31.02
CA VAL R 248 -3.55 88.15 -30.69
C VAL R 248 -4.92 87.53 -30.47
N ASP R 249 -5.12 86.35 -31.05
CA ASP R 249 -6.39 85.65 -30.99
C ASP R 249 -6.32 84.62 -29.88
N TYR R 250 -6.98 84.92 -28.75
CA TYR R 250 -7.02 83.99 -27.63
C TYR R 250 -7.81 82.74 -28.00
N ARG R 251 -8.91 82.90 -28.74
CA ARG R 251 -9.70 81.79 -29.24
C ARG R 251 -9.76 81.87 -30.76
N VAL R 252 -9.36 80.80 -31.42
CA VAL R 252 -9.49 80.66 -32.87
C VAL R 252 -10.43 79.50 -33.11
N ASP R 253 -11.62 79.78 -33.60
CA ASP R 253 -12.62 78.76 -33.87
C ASP R 253 -12.71 78.54 -35.36
N LEU R 254 -12.71 77.29 -35.80
CA LEU R 254 -12.75 76.99 -37.22
C LEU R 254 -13.96 76.13 -37.55
N ARG R 255 -14.62 76.49 -38.65
CA ARG R 255 -15.74 75.74 -39.20
C ARG R 255 -15.31 75.12 -40.51
N VAL R 256 -15.45 73.80 -40.61
CA VAL R 256 -15.08 73.07 -41.81
C VAL R 256 -16.31 72.89 -42.68
N GLN R 257 -16.13 72.97 -44.00
CA GLN R 257 -17.23 72.74 -44.93
C GLN R 257 -17.68 71.28 -44.95
N GLY R 258 -16.87 70.36 -44.44
CA GLY R 258 -17.29 68.99 -44.28
C GLY R 258 -18.12 68.81 -43.03
N TYR R 259 -18.28 67.54 -42.64
CA TYR R 259 -19.09 67.20 -41.47
C TYR R 259 -18.38 66.15 -40.64
N GLY R 260 -18.40 66.35 -39.33
CA GLY R 260 -17.83 65.38 -38.42
C GLY R 260 -18.77 64.21 -38.21
N PRO R 261 -18.27 63.20 -37.49
CA PRO R 261 -19.16 62.12 -37.02
C PRO R 261 -20.23 62.62 -36.07
N ASN R 262 -19.93 63.66 -35.29
CA ASN R 262 -20.92 64.27 -34.40
C ASN R 262 -21.89 65.15 -35.15
N ALA R 263 -21.60 65.52 -36.40
CA ALA R 263 -22.43 66.46 -37.14
C ALA R 263 -23.75 65.82 -37.54
N LYS R 264 -24.75 66.67 -37.78
CA LYS R 264 -26.04 66.20 -38.25
C LYS R 264 -25.93 65.67 -39.67
N SER R 265 -25.32 66.47 -40.57
CA SER R 265 -24.92 66.08 -41.93
C SER R 265 -26.08 65.58 -42.77
N MET R 266 -27.28 66.09 -42.53
CA MET R 266 -28.48 65.53 -43.12
C MET R 266 -29.26 66.60 -43.88
N PRO R 267 -28.95 66.82 -45.16
CA PRO R 267 -29.83 67.62 -46.00
C PRO R 267 -30.92 66.76 -46.61
N THR R 268 -31.91 67.41 -47.18
CA THR R 268 -33.05 66.74 -47.79
C THR R 268 -32.84 66.73 -49.31
N GLU R 269 -32.57 65.54 -49.85
CA GLU R 269 -32.29 65.38 -51.27
C GLU R 269 -33.52 64.81 -51.97
N GLU R 270 -33.91 65.45 -53.06
CA GLU R 270 -35.07 65.04 -53.84
C GLU R 270 -34.67 64.97 -55.32
N GLY R 271 -35.67 64.78 -56.17
CA GLY R 271 -35.42 64.68 -57.59
C GLY R 271 -36.70 64.80 -58.39
N ILE R 272 -36.57 64.64 -59.69
CA ILE R 272 -37.73 64.69 -60.58
C ILE R 272 -38.57 63.43 -60.37
N PRO R 273 -39.88 63.55 -60.18
CA PRO R 273 -40.72 62.36 -60.03
C PRO R 273 -40.77 61.57 -61.33
N PRO R 274 -40.92 60.25 -61.25
CA PRO R 274 -40.87 59.43 -62.46
C PRO R 274 -42.14 59.54 -63.29
N SER R 275 -42.07 58.96 -64.48
CA SER R 275 -43.22 58.89 -65.37
C SER R 275 -44.09 57.70 -64.99
N ALA R 276 -44.95 57.28 -65.90
CA ALA R 276 -45.90 56.21 -65.63
C ALA R 276 -45.22 54.85 -65.75
N ASN R 277 -46.01 53.78 -65.68
CA ASN R 277 -45.50 52.43 -65.76
C ASN R 277 -45.29 52.01 -67.20
N ASP R 278 -44.19 51.30 -67.45
CA ASP R 278 -43.90 50.80 -68.79
C ASP R 278 -44.86 49.68 -69.18
N LEU R 279 -45.24 48.85 -68.22
CA LEU R 279 -46.12 47.72 -68.49
C LEU R 279 -47.55 48.16 -68.75
N LEU R 280 -47.89 49.42 -68.45
CA LEU R 280 -49.21 49.94 -68.72
C LEU R 280 -49.52 49.95 -70.21
N LEU R 281 -48.49 50.06 -71.06
CA LEU R 281 -48.69 49.96 -72.49
C LEU R 281 -49.12 48.56 -72.90
N HIS R 282 -48.50 47.53 -72.31
CA HIS R 282 -48.93 46.16 -72.56
C HIS R 282 -50.33 45.93 -72.03
N VAL R 283 -50.65 46.54 -70.88
CA VAL R 283 -51.99 46.46 -70.31
C VAL R 283 -53.01 47.09 -71.25
N LEU R 284 -52.66 48.24 -71.83
CA LEU R 284 -53.55 48.93 -72.76
C LEU R 284 -53.75 48.12 -74.02
N GLU R 285 -52.70 47.47 -74.51
CA GLU R 285 -52.85 46.59 -75.66
C GLU R 285 -53.54 45.28 -75.31
N GLY R 286 -53.67 44.95 -74.03
CA GLY R 286 -54.28 43.71 -73.62
C GLY R 286 -53.31 42.62 -73.23
N VAL R 287 -52.02 42.90 -73.27
CA VAL R 287 -51.02 41.92 -72.84
C VAL R 287 -50.95 41.95 -71.32
N PRO R 288 -51.15 40.83 -70.64
CA PRO R 288 -50.91 40.79 -69.21
C PRO R 288 -49.43 40.90 -68.92
N PRO R 289 -49.05 41.60 -67.86
CA PRO R 289 -47.64 41.64 -67.48
C PRO R 289 -47.19 40.29 -66.96
N PRO R 290 -45.92 39.95 -67.13
CA PRO R 290 -45.44 38.63 -66.70
C PRO R 290 -45.43 38.50 -65.18
N GLY R 291 -45.84 37.33 -64.71
CA GLY R 291 -45.94 37.07 -63.30
C GLY R 291 -47.26 37.46 -62.67
N SER R 292 -48.09 38.22 -63.38
CA SER R 292 -49.38 38.61 -62.86
C SER R 292 -50.37 37.46 -62.99
N ARG R 293 -51.54 37.63 -62.37
CA ARG R 293 -52.60 36.65 -62.46
C ARG R 293 -53.92 37.34 -62.77
N ARG R 294 -54.83 36.58 -63.35
CA ARG R 294 -56.08 37.11 -63.85
C ARG R 294 -57.03 37.46 -62.72
N LEU R 295 -57.92 38.39 -62.99
CA LEU R 295 -58.95 38.81 -62.07
C LEU R 295 -60.32 38.65 -62.72
N VAL R 296 -61.31 38.32 -61.91
CA VAL R 296 -62.66 38.06 -62.40
C VAL R 296 -63.48 39.34 -62.22
N VAL R 297 -64.03 39.83 -63.33
CA VAL R 297 -64.79 41.08 -63.34
C VAL R 297 -66.18 40.76 -63.85
N SER R 298 -67.19 41.24 -63.13
CA SER R 298 -68.59 41.02 -63.52
C SER R 298 -69.27 42.35 -63.76
N GLY R 299 -69.98 42.45 -64.88
CA GLY R 299 -70.87 43.57 -65.15
C GLY R 299 -70.50 44.48 -66.29
N GLY R 300 -69.42 44.22 -67.01
CA GLY R 300 -69.03 45.11 -68.09
C GLY R 300 -67.83 44.59 -68.84
N ASP R 301 -67.40 45.39 -69.81
CA ASP R 301 -66.28 45.03 -70.69
C ASP R 301 -65.01 45.64 -70.11
N ALA R 302 -64.39 44.91 -69.19
CA ALA R 302 -63.13 45.34 -68.59
C ALA R 302 -62.36 44.10 -68.17
N ARG R 303 -61.05 44.15 -68.34
CA ARG R 303 -60.18 43.11 -67.85
C ARG R 303 -59.20 43.72 -66.85
N ALA R 304 -58.71 42.88 -65.94
CA ALA R 304 -57.83 43.40 -64.90
C ALA R 304 -56.86 42.32 -64.47
N TRP R 305 -55.71 42.77 -63.98
CA TRP R 305 -54.69 41.86 -63.48
C TRP R 305 -54.08 42.43 -62.21
N LEU R 306 -53.50 41.53 -61.43
CA LEU R 306 -52.83 41.86 -60.18
C LEU R 306 -51.42 41.29 -60.24
N SER R 307 -50.42 42.16 -60.06
CA SER R 307 -49.03 41.72 -60.07
C SER R 307 -48.30 42.01 -58.78
N ASN R 308 -48.29 43.27 -58.32
CA ASN R 308 -47.43 43.71 -57.23
C ASN R 308 -48.25 44.49 -56.22
N GLU R 309 -49.36 43.89 -55.80
CA GLU R 309 -50.36 44.48 -54.89
C GLU R 309 -50.95 45.75 -55.48
N LYS R 310 -51.00 45.81 -56.80
CA LYS R 310 -51.61 46.90 -57.54
C LYS R 310 -52.42 46.29 -58.66
N MET R 311 -53.66 46.74 -58.80
CA MET R 311 -54.51 46.25 -59.88
C MET R 311 -54.43 47.18 -61.07
N TYR R 312 -54.36 46.58 -62.25
CA TYR R 312 -54.34 47.29 -63.50
C TYR R 312 -55.52 46.83 -64.34
N VAL R 313 -56.30 47.77 -64.82
CA VAL R 313 -57.55 47.49 -65.50
C VAL R 313 -57.52 48.13 -66.89
N ARG R 314 -57.79 47.32 -67.90
CA ARG R 314 -58.01 47.81 -69.26
C ARG R 314 -59.50 47.80 -69.53
N THR R 315 -60.02 48.96 -69.95
CA THR R 315 -61.42 49.11 -70.30
C THR R 315 -61.52 50.21 -71.33
N ASN R 316 -62.72 50.74 -71.53
CA ASN R 316 -62.94 51.89 -72.37
C ASN R 316 -63.75 52.98 -71.71
N LEU R 317 -64.32 52.73 -70.53
CA LEU R 317 -65.18 53.67 -69.85
C LEU R 317 -64.35 54.50 -68.87
N THR R 318 -65.02 55.25 -68.00
CA THR R 318 -64.35 56.14 -67.07
C THR R 318 -64.66 55.73 -65.64
N ILE R 319 -63.61 55.53 -64.85
CA ILE R 319 -63.74 55.16 -63.46
C ILE R 319 -64.04 56.40 -62.62
N LEU R 320 -64.78 56.21 -61.53
CA LEU R 320 -65.16 57.35 -60.71
C LEU R 320 -64.61 57.29 -59.29
N SER R 321 -64.95 56.25 -58.52
CA SER R 321 -64.88 56.40 -57.06
C SER R 321 -63.49 56.29 -56.41
N PRO R 322 -62.79 55.16 -56.48
CA PRO R 322 -61.82 54.85 -55.43
C PRO R 322 -60.45 55.47 -55.62
N GLY R 323 -60.28 56.41 -56.53
CA GLY R 323 -58.97 56.91 -56.87
C GLY R 323 -58.24 55.97 -57.80
N TRP R 324 -57.15 56.48 -58.37
CA TRP R 324 -56.37 55.72 -59.33
C TRP R 324 -55.00 56.35 -59.42
N LEU R 325 -53.96 55.52 -59.38
CA LEU R 325 -52.61 56.05 -59.33
C LEU R 325 -52.18 56.61 -60.69
N ALA R 326 -52.49 55.92 -61.78
CA ALA R 326 -52.11 56.43 -63.08
C ALA R 326 -53.09 55.93 -64.13
N SER R 327 -53.11 56.63 -65.27
CA SER R 327 -53.96 56.25 -66.39
C SER R 327 -53.22 56.47 -67.70
N MET R 328 -53.68 55.75 -68.72
CA MET R 328 -53.16 55.89 -70.07
C MET R 328 -54.31 55.69 -71.05
N THR R 329 -54.29 56.44 -72.14
CA THR R 329 -55.34 56.41 -73.13
C THR R 329 -54.77 56.05 -74.49
N SER R 330 -55.48 55.19 -75.22
CA SER R 330 -55.06 54.77 -76.54
C SER R 330 -55.40 55.85 -77.56
N ALA R 331 -55.07 55.56 -78.83
CA ALA R 331 -55.55 56.40 -79.91
C ALA R 331 -57.04 56.20 -80.16
N ASP R 332 -57.60 55.07 -79.73
CA ASP R 332 -59.01 54.77 -79.88
C ASP R 332 -59.83 55.14 -78.66
N GLY R 333 -59.21 55.72 -77.64
CA GLY R 333 -59.94 56.16 -76.48
C GLY R 333 -60.09 55.13 -75.38
N THR R 334 -59.61 53.91 -75.58
CA THR R 334 -59.64 52.93 -74.50
C THR R 334 -58.61 53.30 -73.44
N HIS R 335 -58.90 52.92 -72.20
CA HIS R 335 -58.14 53.38 -71.07
C HIS R 335 -57.54 52.21 -70.31
N ALA R 336 -56.40 52.47 -69.67
CA ALA R 336 -55.76 51.54 -68.77
C ALA R 336 -55.41 52.29 -67.50
N TYR R 337 -55.80 51.73 -66.36
CA TYR R 337 -55.60 52.36 -65.07
C TYR R 337 -54.76 51.47 -64.16
N GLU R 338 -53.90 52.08 -63.38
CA GLU R 338 -53.16 51.43 -62.30
C GLU R 338 -53.58 52.06 -60.98
N MET R 339 -53.96 51.21 -60.02
CA MET R 339 -54.46 51.70 -58.74
C MET R 339 -54.29 50.61 -57.69
N GLN R 340 -54.73 50.92 -56.47
CA GLN R 340 -54.75 49.96 -55.39
C GLN R 340 -55.97 49.07 -55.49
N LYS R 341 -55.92 47.94 -54.79
CA LYS R 341 -56.95 46.91 -54.91
C LYS R 341 -58.28 47.38 -54.32
N SER R 342 -59.36 47.00 -54.97
CA SER R 342 -60.70 47.36 -54.55
C SER R 342 -61.67 46.31 -55.10
N PRO R 343 -62.63 45.87 -54.29
CA PRO R 343 -63.60 44.89 -54.78
C PRO R 343 -64.73 45.49 -55.60
N VAL R 344 -64.85 46.81 -55.66
CA VAL R 344 -66.00 47.44 -56.29
C VAL R 344 -65.58 48.79 -56.84
N LEU R 345 -65.95 49.05 -58.10
CA LEU R 345 -65.63 50.28 -58.78
C LEU R 345 -66.89 50.96 -59.29
N LEU R 346 -66.79 52.26 -59.51
CA LEU R 346 -67.90 53.07 -59.99
C LEU R 346 -67.56 53.63 -61.37
N VAL R 347 -68.50 53.53 -62.31
CA VAL R 347 -68.29 53.95 -63.68
C VAL R 347 -69.53 54.67 -64.17
N SER R 348 -69.37 55.85 -64.75
CA SER R 348 -70.44 56.51 -65.48
C SER R 348 -70.43 55.97 -66.90
N TRP R 349 -71.43 55.15 -67.25
CA TRP R 349 -71.38 54.46 -68.53
C TRP R 349 -71.79 55.39 -69.68
N HIS R 350 -73.03 55.85 -69.68
CA HIS R 350 -73.52 56.71 -70.74
C HIS R 350 -74.33 57.84 -70.12
N GLY R 351 -73.75 58.50 -69.12
CA GLY R 351 -74.49 59.45 -68.33
C GLY R 351 -75.30 58.84 -67.21
N LYS R 352 -75.20 57.52 -67.03
CA LYS R 352 -75.85 56.82 -65.94
C LYS R 352 -74.79 56.07 -65.15
N VAL R 353 -74.89 56.13 -63.83
CA VAL R 353 -73.87 55.54 -62.98
C VAL R 353 -74.06 54.03 -62.92
N MET R 354 -72.97 53.32 -62.62
CA MET R 354 -72.98 51.88 -62.62
C MET R 354 -71.89 51.38 -61.68
N GLN R 355 -72.15 50.22 -61.07
CA GLN R 355 -71.24 49.61 -60.11
C GLN R 355 -70.70 48.31 -60.66
N LEU R 356 -69.45 48.00 -60.32
CA LEU R 356 -68.79 46.79 -60.76
C LEU R 356 -68.18 46.06 -59.58
N LYS R 357 -68.38 44.75 -59.52
CA LYS R 357 -67.92 43.91 -58.43
C LYS R 357 -66.70 43.12 -58.85
N VAL R 358 -65.65 43.14 -58.04
CA VAL R 358 -64.40 42.45 -58.31
C VAL R 358 -64.24 41.33 -57.29
N GLU R 359 -64.03 40.12 -57.78
CA GLU R 359 -63.73 38.99 -56.92
C GLU R 359 -62.30 38.54 -57.14
N GLY R 360 -61.86 37.58 -56.33
CA GLY R 360 -60.54 37.02 -56.47
C GLY R 360 -59.41 37.85 -55.89
N LEU R 361 -59.72 38.93 -55.18
CA LEU R 361 -58.69 39.73 -54.54
C LEU R 361 -58.11 39.02 -53.32
N VAL S 38 -50.09 5.46 -84.62
CA VAL S 38 -50.32 4.66 -85.84
C VAL S 38 -51.80 4.61 -86.30
N PRO S 39 -52.82 4.44 -85.44
CA PRO S 39 -54.20 4.64 -85.92
C PRO S 39 -54.52 6.06 -86.31
N LYS S 40 -53.73 7.04 -85.84
CA LYS S 40 -53.89 8.41 -86.30
C LYS S 40 -53.46 8.57 -87.76
N LEU S 41 -52.61 7.68 -88.25
CA LEU S 41 -52.25 7.70 -89.67
C LEU S 41 -53.44 7.24 -90.50
N PRO S 42 -53.86 8.01 -91.50
CA PRO S 42 -54.96 7.58 -92.36
C PRO S 42 -54.55 6.42 -93.25
N CYS S 43 -55.46 5.47 -93.42
CA CYS S 43 -55.17 4.31 -94.26
C CYS S 43 -55.22 4.66 -95.74
N ARG S 44 -56.14 5.55 -96.12
CA ARG S 44 -56.32 5.92 -97.52
C ARG S 44 -56.53 7.42 -97.60
N VAL S 45 -56.69 7.92 -98.82
CA VAL S 45 -57.05 9.32 -98.99
C VAL S 45 -58.50 9.52 -98.60
N ASP S 46 -58.82 10.72 -98.16
CA ASP S 46 -60.12 11.01 -97.55
C ASP S 46 -61.21 11.07 -98.61
N GLY S 47 -62.31 10.36 -98.35
CA GLY S 47 -63.50 10.42 -99.17
C GLY S 47 -63.32 9.89 -100.58
N ALA S 48 -62.67 8.75 -100.73
CA ALA S 48 -62.44 8.17 -102.05
C ALA S 48 -62.80 6.70 -102.05
N CYS S 49 -63.26 6.22 -103.19
CA CYS S 49 -63.55 4.79 -103.38
C CYS S 49 -63.45 4.47 -104.86
N ASP S 50 -62.55 3.54 -105.18
CA ASP S 50 -62.25 3.17 -106.55
C ASP S 50 -63.44 2.54 -107.26
N ALA S 51 -64.24 1.76 -106.52
CA ALA S 51 -65.43 1.16 -107.09
C ALA S 51 -66.44 2.22 -107.49
N THR S 52 -66.62 3.23 -106.64
CA THR S 52 -67.49 4.36 -106.99
C THR S 52 -66.95 5.11 -108.19
N ILE S 53 -65.62 5.27 -108.26
CA ILE S 53 -65.00 5.97 -109.38
C ILE S 53 -65.27 5.24 -110.70
N ILE S 54 -65.02 3.93 -110.72
CA ILE S 54 -65.19 3.18 -111.96
C ILE S 54 -66.65 3.04 -112.32
N LYS S 55 -67.55 2.92 -111.32
CA LYS S 55 -68.96 2.81 -111.61
C LYS S 55 -69.52 4.10 -112.18
N MET S 56 -69.14 5.24 -111.61
CA MET S 56 -69.69 6.49 -112.12
C MET S 56 -69.05 6.89 -113.45
N MET S 57 -67.81 6.50 -113.71
CA MET S 57 -67.29 6.80 -115.05
C MET S 57 -67.87 5.86 -116.10
N THR S 58 -68.23 4.63 -115.70
CA THR S 58 -68.96 3.74 -116.59
C THR S 58 -70.34 4.30 -116.91
N ASP S 59 -71.01 4.85 -115.91
CA ASP S 59 -72.30 5.49 -116.14
C ASP S 59 -72.15 6.76 -116.97
N LEU S 60 -71.04 7.47 -116.81
CA LEU S 60 -70.77 8.65 -117.63
C LEU S 60 -70.59 8.28 -119.10
N ASN S 61 -69.84 7.20 -119.36
CA ASN S 61 -69.68 6.75 -120.73
C ASN S 61 -70.98 6.16 -121.27
N LYS S 62 -71.83 5.63 -120.39
CA LYS S 62 -73.18 5.24 -120.81
C LYS S 62 -74.02 6.46 -121.17
N LYS S 63 -73.80 7.58 -120.48
CA LYS S 63 -74.45 8.82 -120.86
C LYS S 63 -73.86 9.42 -122.12
N GLY S 64 -72.64 9.02 -122.49
CA GLY S 64 -72.05 9.44 -123.73
C GLY S 64 -71.02 10.52 -123.62
N ILE S 65 -70.87 11.13 -122.44
CA ILE S 65 -69.81 12.12 -122.23
C ILE S 65 -68.48 11.38 -122.16
N LYS S 66 -67.55 11.77 -123.03
CA LYS S 66 -66.37 10.95 -123.23
C LYS S 66 -65.35 11.21 -122.14
N VAL S 67 -64.78 10.13 -121.59
CA VAL S 67 -63.74 10.22 -120.59
C VAL S 67 -62.64 9.23 -120.96
N ALA S 68 -61.40 9.71 -121.03
CA ALA S 68 -60.27 8.90 -121.45
C ALA S 68 -59.12 9.05 -120.47
N SER S 69 -58.43 7.94 -120.22
CA SER S 69 -57.28 7.89 -119.33
C SER S 69 -56.08 7.40 -120.12
N VAL S 70 -55.02 8.20 -120.14
CA VAL S 70 -53.75 7.80 -120.72
C VAL S 70 -52.71 7.95 -119.62
N GLY S 71 -52.28 6.82 -119.06
CA GLY S 71 -51.44 6.84 -117.88
C GLY S 71 -52.18 7.42 -116.70
N GLN S 72 -51.63 8.50 -116.14
CA GLN S 72 -52.29 9.27 -115.09
C GLN S 72 -52.87 10.57 -115.64
N ASN S 73 -53.06 10.66 -116.94
CA ASN S 73 -53.55 11.87 -117.58
C ASN S 73 -54.93 11.58 -118.16
N TYR S 74 -55.88 12.45 -117.84
CA TYR S 74 -57.29 12.21 -118.12
C TYR S 74 -57.85 13.39 -118.90
N LEU S 75 -58.60 13.08 -119.94
CA LEU S 75 -59.30 14.06 -120.76
C LEU S 75 -60.78 13.72 -120.77
N ILE S 76 -61.63 14.70 -120.48
CA ILE S 76 -63.08 14.51 -120.54
C ILE S 76 -63.66 15.53 -121.51
N SER S 77 -64.41 15.03 -122.48
CA SER S 77 -65.04 15.84 -123.52
C SER S 77 -66.55 15.79 -123.36
N ILE S 78 -67.16 16.97 -123.37
CA ILE S 78 -68.61 17.11 -123.21
C ILE S 78 -69.14 17.85 -124.42
N PRO S 79 -70.20 17.36 -125.07
CA PRO S 79 -70.87 18.15 -126.11
C PRO S 79 -71.63 19.31 -125.50
N ALA S 80 -71.49 20.48 -126.12
CA ALA S 80 -72.11 21.69 -125.60
C ALA S 80 -73.61 21.76 -125.88
N SER S 81 -74.12 20.91 -126.77
CA SER S 81 -75.54 20.94 -127.08
C SER S 81 -76.38 20.44 -125.91
N ALA S 82 -75.83 19.55 -125.10
CA ALA S 82 -76.48 19.10 -123.89
C ALA S 82 -76.22 20.03 -122.71
N LEU S 83 -75.54 21.15 -122.93
CA LEU S 83 -75.17 22.06 -121.86
C LEU S 83 -75.82 23.43 -122.01
N PHE S 84 -75.66 24.06 -123.16
CA PHE S 84 -76.10 25.43 -123.38
C PHE S 84 -77.34 25.44 -124.27
N ALA S 85 -77.83 26.64 -124.54
CA ALA S 85 -78.77 26.84 -125.62
C ALA S 85 -77.99 27.16 -126.88
N ASP S 86 -78.69 27.51 -127.95
CA ASP S 86 -78.08 27.62 -129.27
C ASP S 86 -77.24 28.88 -129.38
N GLN S 87 -75.94 28.71 -129.61
CA GLN S 87 -74.97 29.78 -129.87
C GLN S 87 -74.90 30.79 -128.72
N SER S 88 -75.19 30.34 -127.51
CA SER S 88 -75.37 31.22 -126.38
C SER S 88 -74.69 30.65 -125.15
N PRO S 89 -74.17 31.51 -124.28
CA PRO S 89 -73.60 31.06 -123.00
C PRO S 89 -74.63 31.01 -121.88
N ARG S 90 -75.80 30.46 -122.17
CA ARG S 90 -76.89 30.35 -121.19
C ARG S 90 -77.13 28.88 -120.89
N LEU S 91 -77.13 28.55 -119.61
CA LEU S 91 -77.15 27.17 -119.16
C LEU S 91 -78.56 26.71 -118.82
N ASN S 92 -78.88 25.49 -119.23
CA ASN S 92 -80.13 24.88 -118.84
C ASN S 92 -80.10 24.52 -117.36
N TRP S 93 -81.30 24.43 -116.77
CA TRP S 93 -81.39 24.15 -115.35
C TRP S 93 -81.03 22.69 -115.04
N ALA S 94 -81.40 21.77 -115.93
CA ALA S 94 -81.12 20.36 -115.70
C ALA S 94 -79.66 20.03 -115.89
N SER S 95 -78.89 20.89 -116.56
CA SER S 95 -77.48 20.65 -116.77
C SER S 95 -76.66 20.76 -115.49
N TYR S 96 -77.19 21.46 -114.48
CA TYR S 96 -76.49 21.57 -113.21
C TYR S 96 -76.39 20.25 -112.48
N SER S 97 -77.31 19.31 -112.75
CA SER S 97 -77.20 17.97 -112.16
C SER S 97 -75.97 17.25 -112.67
N LEU S 98 -75.73 17.29 -113.99
CA LEU S 98 -74.51 16.72 -114.54
C LEU S 98 -73.29 17.51 -114.12
N LEU S 99 -73.44 18.82 -113.93
CA LEU S 99 -72.33 19.63 -113.44
C LEU S 99 -71.91 19.20 -112.04
N ASN S 100 -72.87 18.99 -111.16
CA ASN S 100 -72.56 18.55 -109.80
C ASN S 100 -72.07 17.10 -109.79
N GLU S 101 -72.58 16.27 -110.70
CA GLU S 101 -72.10 14.90 -110.81
C GLU S 101 -70.64 14.86 -111.24
N ILE S 102 -70.28 15.68 -112.23
CA ILE S 102 -68.89 15.68 -112.67
C ILE S 102 -68.00 16.38 -111.67
N ALA S 103 -68.55 17.29 -110.85
CA ALA S 103 -67.77 17.85 -109.76
C ALA S 103 -67.49 16.82 -108.68
N ALA S 104 -68.48 15.97 -108.40
CA ALA S 104 -68.28 14.87 -107.46
C ALA S 104 -67.27 13.86 -108.00
N PHE S 105 -67.28 13.63 -109.32
CA PHE S 105 -66.26 12.78 -109.92
C PHE S 105 -64.88 13.41 -109.81
N LEU S 106 -64.79 14.73 -110.00
CA LEU S 106 -63.51 15.41 -109.90
C LEU S 106 -62.99 15.44 -108.48
N LYS S 107 -63.89 15.45 -107.49
CA LYS S 107 -63.51 15.45 -106.09
C LYS S 107 -62.81 14.16 -105.67
N GLN S 108 -63.05 13.06 -106.38
CA GLN S 108 -62.44 11.79 -106.03
C GLN S 108 -60.95 11.73 -106.34
N PHE S 109 -60.41 12.68 -107.07
CA PHE S 109 -58.99 12.69 -107.41
C PHE S 109 -58.29 13.87 -106.77
N ARG S 110 -56.98 13.74 -106.67
CA ARG S 110 -56.11 14.80 -106.19
C ARG S 110 -55.26 15.29 -107.35
N LYS S 111 -55.24 16.60 -107.55
CA LYS S 111 -54.62 17.19 -108.73
C LYS S 111 -53.88 18.45 -108.33
N ILE S 112 -53.34 19.15 -109.34
CA ILE S 112 -52.69 20.43 -109.11
C ILE S 112 -53.32 21.48 -110.01
N ALA S 113 -53.34 21.20 -111.32
CA ALA S 113 -53.82 22.15 -112.31
C ALA S 113 -54.79 21.46 -113.26
N ILE S 114 -55.81 22.20 -113.66
CA ILE S 114 -56.83 21.72 -114.59
C ILE S 114 -56.87 22.64 -115.79
N THR S 115 -56.75 22.07 -116.99
CA THR S 115 -56.85 22.85 -118.21
C THR S 115 -58.23 22.66 -118.83
N VAL S 116 -58.93 23.77 -119.06
CA VAL S 116 -60.27 23.79 -119.60
C VAL S 116 -60.24 24.50 -120.94
N THR S 117 -60.72 23.83 -121.98
CA THR S 117 -60.74 24.39 -123.32
C THR S 117 -62.13 24.26 -123.91
N SER S 118 -62.49 25.24 -124.73
CA SER S 118 -63.76 25.20 -125.44
C SER S 118 -63.54 25.27 -126.94
N TYR S 119 -64.31 24.48 -127.69
CA TYR S 119 -64.27 24.46 -129.14
C TYR S 119 -65.68 24.52 -129.68
N SER S 120 -65.83 25.04 -130.89
CA SER S 120 -67.15 25.24 -131.46
C SER S 120 -67.10 25.00 -132.96
N SER S 121 -68.16 25.39 -133.64
CA SER S 121 -68.28 25.38 -135.09
C SER S 121 -68.33 26.81 -135.61
N LYS S 122 -67.94 26.97 -136.88
CA LYS S 122 -67.91 28.29 -137.48
C LYS S 122 -69.33 28.80 -137.73
N TYR S 123 -69.70 29.88 -137.05
CA TYR S 123 -71.09 30.34 -137.05
C TYR S 123 -71.26 31.70 -137.70
N VAL S 124 -70.60 32.75 -137.20
CA VAL S 124 -70.71 34.08 -137.80
C VAL S 124 -69.33 34.66 -138.04
N SER S 125 -68.52 34.76 -136.99
CA SER S 125 -67.21 35.38 -137.08
C SER S 125 -66.23 34.63 -136.21
N VAL S 126 -64.95 34.76 -136.56
CA VAL S 126 -63.89 34.17 -135.77
C VAL S 126 -63.83 34.81 -134.39
N LYS S 127 -64.01 36.13 -134.34
CA LYS S 127 -64.04 36.83 -133.05
C LYS S 127 -65.27 36.43 -132.25
N ARG S 128 -66.40 36.21 -132.94
CA ARG S 128 -67.61 35.77 -132.27
C ARG S 128 -67.43 34.39 -131.65
N GLU S 129 -66.80 33.48 -132.40
CA GLU S 129 -66.58 32.13 -131.90
C GLU S 129 -65.59 32.11 -130.75
N ARG S 130 -64.53 32.91 -130.85
CA ARG S 130 -63.56 33.00 -129.76
C ARG S 130 -64.19 33.57 -128.50
N ALA S 131 -65.01 34.61 -128.66
CA ALA S 131 -65.68 35.22 -127.51
C ALA S 131 -66.67 34.27 -126.86
N LEU S 132 -67.45 33.56 -127.67
CA LEU S 132 -68.45 32.64 -127.13
C LEU S 132 -67.80 31.46 -126.41
N THR S 133 -66.76 30.88 -127.02
CA THR S 133 -66.05 29.76 -126.40
C THR S 133 -65.35 30.19 -125.11
N LEU S 134 -64.73 31.38 -125.12
CA LEU S 134 -64.05 31.87 -123.94
C LEU S 134 -65.03 32.18 -122.81
N ALA S 135 -66.19 32.74 -123.14
CA ALA S 135 -67.19 33.05 -122.12
C ALA S 135 -67.77 31.77 -121.52
N ARG S 136 -68.06 30.77 -122.35
CA ARG S 136 -68.58 29.51 -121.85
C ARG S 136 -67.57 28.79 -120.97
N SER S 137 -66.30 28.79 -121.38
CA SER S 137 -65.24 28.20 -120.57
C SER S 137 -65.06 28.96 -119.25
N ARG S 138 -65.21 30.29 -119.30
CA ARG S 138 -65.08 31.10 -118.10
C ARG S 138 -66.18 30.80 -117.11
N VAL S 139 -67.43 30.70 -117.57
CA VAL S 139 -68.52 30.51 -116.64
C VAL S 139 -68.51 29.10 -116.06
N VAL S 140 -68.12 28.10 -116.87
CA VAL S 140 -68.06 26.75 -116.32
C VAL S 140 -66.86 26.61 -115.36
N SER S 141 -65.77 27.33 -115.62
CA SER S 141 -64.63 27.31 -114.70
C SER S 141 -64.96 28.00 -113.39
N GLU S 142 -65.73 29.09 -113.46
CA GLU S 142 -66.14 29.79 -112.25
C GLU S 142 -67.08 28.92 -111.41
N TYR S 143 -68.00 28.21 -112.06
CA TYR S 143 -68.88 27.33 -111.31
C TYR S 143 -68.11 26.16 -110.70
N LEU S 144 -67.11 25.64 -111.42
CA LEU S 144 -66.29 24.56 -110.87
C LEU S 144 -65.46 25.03 -109.69
N TRP S 145 -64.91 26.25 -109.76
CA TRP S 145 -64.19 26.80 -108.63
C TRP S 145 -65.11 27.09 -107.46
N SER S 146 -66.36 27.43 -107.74
CA SER S 146 -67.36 27.55 -106.68
C SER S 146 -67.61 26.20 -106.02
N GLN S 147 -67.60 25.13 -106.82
CA GLN S 147 -67.74 23.81 -106.24
C GLN S 147 -66.45 23.42 -105.52
N GLY S 148 -66.58 22.53 -104.55
CA GLY S 148 -65.49 22.20 -103.66
C GLY S 148 -64.52 21.17 -104.19
N VAL S 149 -63.71 21.56 -105.17
CA VAL S 149 -62.64 20.72 -105.69
C VAL S 149 -61.32 21.30 -105.22
N ASP S 150 -60.50 20.48 -104.58
CA ASP S 150 -59.29 20.96 -103.91
C ASP S 150 -58.10 21.03 -104.86
N SER S 151 -58.29 21.66 -106.01
CA SER S 151 -57.17 21.89 -106.90
C SER S 151 -56.46 23.17 -106.48
N ARG S 152 -55.41 23.52 -107.21
CA ARG S 152 -54.68 24.76 -106.97
C ARG S 152 -54.86 25.75 -108.10
N ILE S 153 -54.64 25.33 -109.35
CA ILE S 153 -54.69 26.22 -110.49
C ILE S 153 -55.68 25.65 -111.50
N ILE S 154 -56.58 26.49 -112.00
CA ILE S 154 -57.44 26.14 -113.11
C ILE S 154 -57.22 27.17 -114.21
N PHE S 155 -56.74 26.70 -115.36
CA PHE S 155 -56.64 27.52 -116.57
C PHE S 155 -57.86 27.27 -117.44
N THR S 156 -58.35 28.33 -118.07
CA THR S 156 -59.53 28.24 -118.92
C THR S 156 -59.37 29.10 -120.16
N GLN S 157 -59.75 28.55 -121.31
CA GLN S 157 -59.63 29.24 -122.57
C GLN S 157 -60.60 28.68 -123.60
N GLY S 158 -60.91 29.50 -124.60
CA GLY S 158 -61.74 29.08 -125.70
C GLY S 158 -61.03 29.33 -127.02
N LEU S 159 -61.43 28.55 -128.03
CA LEU S 159 -60.70 28.53 -129.29
C LEU S 159 -61.58 28.67 -130.52
N GLY S 160 -62.89 28.58 -130.40
CA GLY S 160 -63.75 28.74 -131.56
C GLY S 160 -63.79 27.46 -132.37
N SER S 161 -63.57 27.60 -133.68
CA SER S 161 -63.61 26.47 -134.61
C SER S 161 -62.29 26.30 -135.33
N ASP S 162 -61.20 26.79 -134.74
CA ASP S 162 -59.91 26.74 -135.41
C ASP S 162 -59.29 25.35 -135.37
N LYS S 163 -59.58 24.54 -134.35
CA LYS S 163 -58.97 23.23 -134.17
C LYS S 163 -60.08 22.18 -134.09
N PRO S 164 -60.59 21.70 -135.21
CA PRO S 164 -61.59 20.64 -135.18
C PRO S 164 -60.95 19.28 -134.99
N ILE S 165 -61.78 18.33 -134.57
CA ILE S 165 -61.38 16.93 -134.44
C ILE S 165 -62.25 16.01 -135.28
N THR S 166 -63.10 16.58 -136.14
CA THR S 166 -63.98 15.79 -136.99
C THR S 166 -64.14 16.50 -138.32
N SER S 167 -63.90 15.78 -139.41
CA SER S 167 -64.08 16.34 -140.74
C SER S 167 -65.54 16.50 -141.11
N TYR S 168 -66.42 15.76 -140.46
CA TYR S 168 -67.85 15.85 -140.74
C TYR S 168 -68.40 17.15 -140.17
N THR S 169 -68.92 18.01 -141.05
CA THR S 169 -69.31 19.37 -140.68
C THR S 169 -70.72 19.69 -141.15
N LEU S 170 -71.65 18.76 -140.91
CA LEU S 170 -73.01 18.97 -141.40
C LEU S 170 -73.98 19.42 -140.33
N GLY S 171 -73.83 18.95 -139.09
CA GLY S 171 -74.67 19.43 -138.02
C GLY S 171 -74.30 20.84 -137.60
N GLY S 172 -75.20 21.46 -136.85
CA GLY S 172 -74.99 22.83 -136.43
C GLY S 172 -74.24 22.85 -135.11
N ASP S 173 -74.91 23.28 -134.04
CA ASP S 173 -74.35 23.10 -132.71
C ASP S 173 -74.42 21.65 -132.26
N ARG S 174 -75.21 20.83 -132.95
CA ARG S 174 -75.24 19.38 -132.70
C ARG S 174 -74.03 18.66 -133.25
N SER S 175 -73.17 19.35 -134.01
CA SER S 175 -71.94 18.76 -134.50
C SER S 175 -71.01 18.44 -133.33
N PRO S 176 -70.27 17.33 -133.40
CA PRO S 176 -69.49 16.89 -132.23
C PRO S 176 -68.29 17.76 -131.92
N ASN S 177 -67.85 18.63 -132.84
CA ASN S 177 -66.71 19.48 -132.56
C ASN S 177 -67.05 20.60 -131.58
N ALA S 178 -68.33 20.95 -131.45
CA ALA S 178 -68.75 21.88 -130.41
C ALA S 178 -68.63 21.17 -129.07
N ARG S 179 -67.52 21.43 -128.37
CA ARG S 179 -67.14 20.59 -127.26
C ARG S 179 -66.47 21.43 -126.19
N VAL S 180 -66.43 20.86 -124.99
CA VAL S 180 -65.63 21.42 -123.91
C VAL S 180 -64.78 20.29 -123.34
N GLU S 181 -63.48 20.54 -123.23
CA GLU S 181 -62.53 19.56 -122.74
C GLU S 181 -61.96 19.99 -121.41
N ILE S 182 -61.86 19.04 -120.48
CA ILE S 182 -61.13 19.24 -119.23
C ILE S 182 -60.04 18.19 -119.15
N THR S 183 -58.80 18.63 -118.95
CA THR S 183 -57.65 17.75 -118.95
C THR S 183 -56.81 17.99 -117.71
N PHE S 184 -56.30 16.90 -117.15
CA PHE S 184 -55.38 17.01 -116.01
C PHE S 184 -54.54 15.75 -115.90
N ARG S 185 -53.40 15.89 -115.23
CA ARG S 185 -52.58 14.75 -114.86
C ARG S 185 -52.78 14.45 -113.39
N ARG S 186 -53.09 13.18 -113.08
CA ARG S 186 -53.19 12.75 -111.69
C ARG S 186 -51.82 12.82 -111.02
N ALA S 187 -51.77 13.47 -109.86
CA ALA S 187 -50.51 13.78 -109.20
C ALA S 187 -50.34 12.88 -107.98
N VAL S 188 -49.42 11.91 -108.11
CA VAL S 188 -48.96 11.04 -107.02
C VAL S 188 -50.09 10.27 -106.32
N CYS T 42 -95.32 23.88 -118.55
CA CYS T 42 -95.08 24.12 -117.13
C CYS T 42 -94.40 25.47 -116.92
N PHE T 43 -93.66 25.57 -115.82
CA PHE T 43 -92.98 26.81 -115.43
C PHE T 43 -91.49 26.65 -115.64
N HIS T 44 -90.86 27.68 -116.22
CA HIS T 44 -89.42 27.65 -116.45
C HIS T 44 -88.70 28.20 -115.23
N PRO T 45 -87.88 27.40 -114.55
CA PRO T 45 -87.26 27.82 -113.27
C PRO T 45 -86.33 29.01 -113.38
N PRO T 46 -85.55 29.20 -114.49
CA PRO T 46 -84.87 30.52 -114.49
C PRO T 46 -85.77 31.67 -114.92
N TYR T 47 -86.59 32.12 -113.96
CA TYR T 47 -87.39 33.35 -113.99
C TYR T 47 -88.43 33.36 -115.12
N ASN T 48 -88.75 32.19 -115.68
CA ASN T 48 -89.72 32.00 -116.76
C ASN T 48 -89.42 32.86 -117.98
N ASN T 49 -88.12 33.05 -118.27
CA ASN T 49 -87.60 33.87 -119.36
C ASN T 49 -88.12 35.31 -119.33
N PHE T 50 -88.32 35.83 -118.11
CA PHE T 50 -88.88 37.16 -117.86
C PHE T 50 -90.24 37.35 -118.53
N GLN T 51 -91.06 36.30 -118.47
CA GLN T 51 -92.40 36.33 -119.02
C GLN T 51 -93.40 36.00 -117.93
N PRO T 52 -94.46 36.79 -117.75
CA PRO T 52 -95.46 36.49 -116.72
C PRO T 52 -96.26 35.23 -117.05
N ASP T 53 -96.67 34.54 -115.99
CA ASP T 53 -97.39 33.28 -116.11
C ASP T 53 -98.75 33.38 -115.44
N ARG T 54 -99.54 32.32 -115.60
CA ARG T 54 -100.82 32.18 -114.94
C ARG T 54 -100.77 30.90 -114.09
N ARG T 55 -100.92 31.05 -112.78
CA ARG T 55 -100.91 29.92 -111.88
C ARG T 55 -102.31 29.40 -111.56
N ALA T 56 -103.35 30.09 -112.03
CA ALA T 56 -104.71 29.67 -111.72
C ALA T 56 -105.11 28.44 -112.54
N VAL T 57 -104.58 28.33 -113.76
CA VAL T 57 -105.05 27.31 -114.70
C VAL T 57 -104.64 25.92 -114.26
N LYS T 58 -103.41 25.77 -113.76
CA LYS T 58 -102.95 24.46 -113.28
C LYS T 58 -103.72 24.03 -112.04
N ARG T 59 -104.05 24.99 -111.17
CA ARG T 59 -104.77 24.65 -109.95
C ARG T 59 -106.22 24.29 -110.25
N VAL T 60 -106.87 24.99 -111.18
CA VAL T 60 -108.23 24.59 -111.53
C VAL T 60 -108.23 23.30 -112.34
N GLY T 61 -107.14 23.03 -113.07
CA GLY T 61 -107.04 21.75 -113.77
C GLY T 61 -106.90 20.57 -112.81
N VAL T 62 -106.06 20.72 -111.78
CA VAL T 62 -105.94 19.63 -110.82
C VAL T 62 -107.12 19.57 -109.86
N ASP T 63 -107.89 20.64 -109.72
CA ASP T 63 -109.15 20.54 -108.98
C ASP T 63 -110.22 19.81 -109.79
N THR T 64 -110.30 20.09 -111.10
CA THR T 64 -111.24 19.38 -111.95
C THR T 64 -110.83 17.92 -112.16
N GLY T 65 -109.54 17.62 -112.09
CA GLY T 65 -109.08 16.26 -112.20
C GLY T 65 -108.89 15.58 -110.86
N GLY T 88 -113.21 20.67 -108.94
CA GLY T 88 -114.16 21.46 -109.70
C GLY T 88 -113.69 22.86 -110.04
N GLY T 89 -114.35 23.46 -111.02
CA GLY T 89 -113.97 24.79 -111.47
C GLY T 89 -114.21 25.86 -110.43
N THR T 90 -115.34 25.79 -109.73
CA THR T 90 -115.68 26.80 -108.73
C THR T 90 -114.76 26.74 -107.52
N VAL T 91 -114.50 25.54 -107.01
CA VAL T 91 -113.62 25.38 -105.85
C VAL T 91 -112.17 25.72 -106.24
N GLY T 92 -111.77 25.37 -107.46
CA GLY T 92 -110.45 25.77 -107.94
C GLY T 92 -110.31 27.28 -108.08
N LEU T 93 -111.36 27.95 -108.56
CA LEU T 93 -111.33 29.39 -108.73
C LEU T 93 -111.30 30.11 -107.38
N VAL T 94 -112.09 29.65 -106.42
CA VAL T 94 -112.08 30.32 -105.12
C VAL T 94 -110.78 30.02 -104.38
N ALA T 95 -110.18 28.84 -104.60
CA ALA T 95 -108.86 28.57 -104.05
C ALA T 95 -107.80 29.47 -104.68
N SER T 96 -107.93 29.72 -105.99
CA SER T 96 -106.99 30.62 -106.66
C SER T 96 -107.13 32.05 -106.15
N ILE T 97 -108.36 32.53 -105.96
CA ILE T 97 -108.51 33.91 -105.51
C ILE T 97 -108.21 34.06 -104.02
N TYR T 98 -108.24 32.96 -103.26
CA TYR T 98 -107.73 33.04 -101.90
C TYR T 98 -106.21 33.04 -101.90
N ARG T 99 -105.60 32.26 -102.80
CA ARG T 99 -104.16 32.06 -102.78
C ARG T 99 -103.41 33.25 -103.36
N ASP T 100 -103.93 33.88 -104.41
CA ASP T 100 -103.17 34.91 -105.12
C ASP T 100 -103.38 36.30 -104.54
N SER T 101 -104.06 36.42 -103.40
CA SER T 101 -104.43 37.70 -102.82
C SER T 101 -103.19 38.44 -102.33
N LYS T 102 -103.37 39.75 -102.13
CA LYS T 102 -102.28 40.61 -101.66
C LYS T 102 -101.83 40.23 -100.26
N ARG T 103 -102.79 39.85 -99.40
CA ARG T 103 -102.46 39.43 -98.05
C ARG T 103 -101.61 38.16 -98.05
N LYS T 104 -101.92 37.24 -98.95
CA LYS T 104 -101.09 36.03 -99.07
C LYS T 104 -99.71 36.36 -99.63
N ILE T 105 -99.62 37.38 -100.47
CA ILE T 105 -98.31 37.80 -101.00
C ILE T 105 -97.45 38.36 -99.88
N ILE T 106 -98.04 39.23 -99.05
CA ILE T 106 -97.29 39.81 -97.93
C ILE T 106 -96.97 38.74 -96.90
N ARG T 107 -97.85 37.76 -96.71
CA ARG T 107 -97.53 36.63 -95.85
C ARG T 107 -96.39 35.78 -96.42
N ASP T 108 -96.31 35.67 -97.75
CA ASP T 108 -95.20 34.95 -98.35
C ASP T 108 -93.89 35.71 -98.18
N LEU T 109 -93.95 37.04 -98.26
CA LEU T 109 -92.75 37.83 -97.99
C LEU T 109 -92.37 37.78 -96.51
N GLN T 110 -93.36 37.58 -95.64
CA GLN T 110 -93.07 37.33 -94.23
C GLN T 110 -92.43 35.96 -94.04
N LYS T 111 -92.87 34.98 -94.84
CA LYS T 111 -92.25 33.66 -94.84
C LYS T 111 -90.80 33.73 -95.29
N GLN T 112 -90.53 34.53 -96.31
CA GLN T 112 -89.16 34.85 -96.67
C GLN T 112 -88.58 35.86 -95.68
N ASP T 113 -87.30 36.11 -95.82
CA ASP T 113 -86.60 37.06 -94.95
C ASP T 113 -86.59 38.47 -95.53
N ILE T 114 -87.76 38.94 -95.95
CA ILE T 114 -87.91 40.24 -96.60
C ILE T 114 -88.94 41.04 -95.81
N GLN T 115 -88.64 42.31 -95.52
CA GLN T 115 -89.53 43.14 -94.71
C GLN T 115 -90.28 44.15 -95.57
N TYR T 116 -91.55 44.33 -95.26
CA TYR T 116 -92.41 45.30 -95.95
C TYR T 116 -92.95 46.29 -94.93
N VAL T 117 -92.80 47.58 -95.20
CA VAL T 117 -93.25 48.63 -94.30
C VAL T 117 -94.17 49.55 -95.07
N GLU T 118 -95.35 49.81 -94.51
CA GLU T 118 -96.30 50.75 -95.08
C GLU T 118 -96.58 51.85 -94.07
N TYR T 119 -96.44 53.11 -94.52
CA TYR T 119 -96.70 54.24 -93.64
C TYR T 119 -97.16 55.41 -94.49
N GLY T 120 -98.31 55.97 -94.14
CA GLY T 120 -98.91 56.99 -94.96
C GLY T 120 -99.30 56.41 -96.31
N ASP T 121 -99.01 57.16 -97.37
CA ASP T 121 -99.18 56.66 -98.73
C ASP T 121 -97.89 56.04 -99.27
N THR T 122 -96.81 56.08 -98.50
CA THR T 122 -95.52 55.61 -98.95
C THR T 122 -95.29 54.18 -98.48
N ARG T 123 -94.55 53.42 -99.29
CA ARG T 123 -94.25 52.05 -98.93
C ARG T 123 -92.79 51.76 -99.22
N THR T 124 -92.23 50.85 -98.41
CA THR T 124 -90.81 50.54 -98.46
C THR T 124 -90.58 49.04 -98.32
N LEU T 125 -89.52 48.57 -98.98
CA LEU T 125 -89.14 47.17 -99.03
C LEU T 125 -87.71 47.03 -98.55
N ILE T 126 -87.48 46.08 -97.65
CA ILE T 126 -86.20 45.87 -96.99
C ILE T 126 -85.69 44.49 -97.34
N ILE T 127 -84.51 44.43 -97.94
CA ILE T 127 -83.95 43.19 -98.49
C ILE T 127 -82.52 42.98 -97.99
N PRO T 128 -82.20 41.80 -97.44
CA PRO T 128 -80.85 41.52 -96.96
C PRO T 128 -79.88 41.26 -98.12
N THR T 129 -78.88 42.13 -98.22
CA THR T 129 -77.86 42.04 -99.27
C THR T 129 -77.07 40.75 -99.15
N ASP T 130 -76.73 40.35 -97.92
CA ASP T 130 -75.94 39.15 -97.69
C ASP T 130 -76.68 37.90 -98.12
N LYS T 131 -77.98 37.81 -97.82
CA LYS T 131 -78.72 36.63 -98.21
C LYS T 131 -78.99 36.60 -99.71
N TYR T 132 -79.27 37.75 -100.30
CA TYR T 132 -79.71 37.76 -101.70
C TYR T 132 -78.57 38.04 -102.67
N PHE T 133 -77.33 38.11 -102.20
CA PHE T 133 -76.19 38.24 -103.09
C PHE T 133 -75.08 37.33 -102.60
N MET T 134 -74.18 36.95 -103.52
CA MET T 134 -72.92 36.38 -103.10
C MET T 134 -72.05 37.48 -102.51
N PHE T 135 -71.14 37.08 -101.62
CA PHE T 135 -70.29 38.03 -100.93
C PHE T 135 -69.32 38.70 -101.88
N SER T 136 -69.22 40.03 -101.74
CA SER T 136 -68.32 40.88 -102.52
C SER T 136 -68.56 40.71 -104.02
N SER T 137 -69.83 40.63 -104.41
CA SER T 137 -70.16 40.34 -105.78
C SER T 137 -71.32 41.23 -106.20
N PRO T 138 -71.26 41.82 -107.39
CA PRO T 138 -72.46 42.44 -107.97
C PRO T 138 -73.43 41.42 -108.52
N ARG T 139 -73.02 40.17 -108.64
CA ARG T 139 -73.89 39.14 -109.18
C ARG T 139 -74.96 38.76 -108.16
N LEU T 140 -76.20 38.75 -108.62
CA LEU T 140 -77.32 38.37 -107.79
C LEU T 140 -77.27 36.88 -107.47
N ASN T 141 -77.68 36.52 -106.26
CA ASN T 141 -77.80 35.12 -105.91
C ASN T 141 -78.96 34.50 -106.68
N GLU T 142 -78.70 33.38 -107.35
CA GLU T 142 -79.71 32.78 -108.21
C GLU T 142 -80.77 32.04 -107.41
N ILE T 143 -80.37 31.39 -106.32
CA ILE T 143 -81.26 30.45 -105.65
C ILE T 143 -82.34 31.18 -104.84
N CYS T 144 -82.16 32.47 -104.58
CA CYS T 144 -83.17 33.27 -103.90
C CYS T 144 -84.20 33.85 -104.85
N TYR T 145 -84.37 33.25 -106.03
CA TYR T 145 -85.28 33.76 -107.05
C TYR T 145 -86.77 33.90 -106.69
N PRO T 146 -87.45 33.00 -105.93
CA PRO T 146 -88.90 33.18 -105.76
C PRO T 146 -89.27 34.41 -104.95
N GLY T 147 -88.37 34.90 -104.10
CA GLY T 147 -88.60 36.17 -103.44
C GLY T 147 -88.68 37.32 -104.43
N LEU T 148 -87.78 37.34 -105.41
CA LEU T 148 -87.84 38.37 -106.45
C LEU T 148 -89.05 38.18 -107.34
N ASN T 149 -89.46 36.94 -107.57
CA ASN T 149 -90.68 36.68 -108.34
C ASN T 149 -91.92 37.22 -107.61
N ASN T 150 -91.98 37.01 -106.30
CA ASN T 150 -93.05 37.61 -105.50
C ASN T 150 -92.94 39.12 -105.46
N VAL T 151 -91.71 39.66 -105.53
CA VAL T 151 -91.51 41.11 -105.56
C VAL T 151 -92.09 41.68 -106.85
N ILE T 152 -91.85 41.02 -107.98
CA ILE T 152 -92.41 41.45 -109.26
C ILE T 152 -93.94 41.33 -109.23
N ARG T 153 -94.44 40.24 -108.65
CA ARG T 153 -95.90 40.05 -108.53
C ARG T 153 -96.54 41.13 -107.67
N LEU T 154 -95.89 41.52 -106.58
CA LEU T 154 -96.45 42.54 -105.71
C LEU T 154 -96.33 43.93 -106.32
N LEU T 155 -95.22 44.21 -106.98
CA LEU T 155 -95.02 45.51 -107.62
C LEU T 155 -95.83 45.65 -108.89
N ASN T 156 -96.43 44.57 -109.38
CA ASN T 156 -97.40 44.67 -110.45
C ASN T 156 -98.66 45.44 -110.05
N PHE T 157 -98.91 45.61 -108.75
CA PHE T 157 -100.16 46.23 -108.30
C PHE T 157 -100.21 47.72 -108.61
N TYR T 158 -99.09 48.44 -108.49
CA TYR T 158 -99.07 49.89 -108.63
C TYR T 158 -98.09 50.27 -109.74
N PRO T 159 -98.52 50.28 -110.99
CA PRO T 159 -97.60 50.58 -112.09
C PRO T 159 -97.44 52.06 -112.39
N GLN T 160 -97.79 52.94 -111.46
CA GLN T 160 -97.77 54.38 -111.73
C GLN T 160 -96.85 55.19 -110.83
N SER T 161 -96.49 54.68 -109.66
CA SER T 161 -95.74 55.47 -108.70
C SER T 161 -94.27 55.57 -109.09
N THR T 162 -93.63 56.65 -108.65
CA THR T 162 -92.20 56.81 -108.84
C THR T 162 -91.43 55.88 -107.91
N ILE T 163 -90.29 55.39 -108.37
CA ILE T 163 -89.53 54.35 -107.69
C ILE T 163 -88.16 54.90 -107.34
N TYR T 164 -87.74 54.68 -106.09
CA TYR T 164 -86.36 54.90 -105.68
C TYR T 164 -85.83 53.61 -105.08
N VAL T 165 -84.56 53.33 -105.34
CA VAL T 165 -83.88 52.17 -104.76
C VAL T 165 -82.54 52.63 -104.23
N ALA T 166 -82.20 52.20 -103.01
CA ALA T 166 -80.95 52.60 -102.39
C ALA T 166 -80.30 51.42 -101.70
N GLY T 167 -78.97 51.47 -101.67
CA GLY T 167 -78.17 50.41 -101.09
C GLY T 167 -77.35 50.91 -99.91
N PHE T 168 -77.07 50.00 -98.98
CA PHE T 168 -76.32 50.34 -97.78
C PHE T 168 -75.40 49.20 -97.39
N THR T 169 -74.29 49.58 -96.74
CA THR T 169 -73.27 48.64 -96.28
C THR T 169 -72.71 49.13 -94.96
N ASP T 170 -71.76 48.37 -94.41
CA ASP T 170 -71.16 48.71 -93.12
C ASP T 170 -69.92 49.56 -93.32
N ASN T 171 -69.11 49.68 -92.27
CA ASN T 171 -68.03 50.66 -92.23
C ASN T 171 -66.64 50.07 -92.45
N VAL T 172 -66.53 48.76 -92.65
CA VAL T 172 -65.23 48.14 -92.79
C VAL T 172 -64.69 48.39 -94.20
N GLY T 173 -63.50 48.98 -94.27
CA GLY T 173 -62.80 49.13 -95.53
C GLY T 173 -62.72 50.56 -96.00
N SER T 174 -62.52 50.71 -97.31
CA SER T 174 -62.48 52.03 -97.93
C SER T 174 -63.89 52.54 -98.17
N ARG T 175 -64.11 53.82 -97.82
CA ARG T 175 -65.41 54.45 -97.98
C ARG T 175 -65.80 54.52 -99.45
N SER T 176 -64.85 54.85 -100.33
CA SER T 176 -65.09 54.89 -101.75
C SER T 176 -65.44 53.50 -102.28
N HIS T 177 -64.76 52.47 -101.78
CA HIS T 177 -65.04 51.11 -102.19
C HIS T 177 -66.44 50.67 -101.78
N LYS T 178 -66.86 51.03 -100.56
CA LYS T 178 -68.21 50.74 -100.11
C LYS T 178 -69.25 51.46 -100.96
N ARG T 179 -68.98 52.72 -101.27
CA ARG T 179 -69.91 53.53 -102.05
C ARG T 179 -70.07 52.98 -103.47
N LYS T 180 -68.97 52.60 -104.11
CA LYS T 180 -69.10 52.07 -105.47
C LYS T 180 -69.68 50.67 -105.47
N LEU T 181 -69.46 49.88 -104.40
CA LEU T 181 -70.12 48.59 -104.31
C LEU T 181 -71.62 48.72 -104.17
N SER T 182 -72.08 49.64 -103.31
CA SER T 182 -73.50 49.88 -103.18
C SER T 182 -74.10 50.47 -104.45
N GLN T 183 -73.31 51.28 -105.18
CA GLN T 183 -73.75 51.79 -106.47
C GLN T 183 -73.94 50.67 -107.47
N ALA T 184 -73.03 49.69 -107.48
CA ALA T 184 -73.18 48.54 -108.36
C ALA T 184 -74.39 47.70 -108.00
N GLN T 185 -74.64 47.54 -106.70
CA GLN T 185 -75.82 46.80 -106.25
C GLN T 185 -77.11 47.48 -106.68
N ALA T 186 -77.17 48.79 -106.52
CA ALA T 186 -78.36 49.54 -106.92
C ALA T 186 -78.53 49.51 -108.43
N GLU T 187 -77.43 49.58 -109.18
CA GLU T 187 -77.49 49.54 -110.63
C GLU T 187 -78.01 48.19 -111.12
N THR T 188 -77.54 47.08 -110.55
CA THR T 188 -78.02 45.80 -111.03
C THR T 188 -79.44 45.52 -110.56
N MET T 189 -79.84 46.08 -109.41
CA MET T 189 -81.22 45.94 -108.97
C MET T 189 -82.18 46.68 -109.90
N MET T 190 -81.85 47.93 -110.25
CA MET T 190 -82.71 48.68 -111.15
C MET T 190 -82.63 48.14 -112.57
N THR T 191 -81.52 47.50 -112.93
CA THR T 191 -81.44 46.80 -114.21
C THR T 191 -82.41 45.63 -114.24
N PHE T 192 -82.47 44.86 -113.14
CA PHE T 192 -83.44 43.77 -113.03
C PHE T 192 -84.87 44.28 -113.13
N LEU T 193 -85.16 45.39 -112.46
CA LEU T 193 -86.51 45.95 -112.48
C LEU T 193 -86.88 46.46 -113.87
N TRP T 194 -85.94 47.10 -114.56
CA TRP T 194 -86.19 47.58 -115.91
C TRP T 194 -86.36 46.43 -116.88
N ALA T 195 -85.62 45.35 -116.67
CA ALA T 195 -85.79 44.15 -117.51
C ALA T 195 -87.08 43.43 -117.21
N ASN T 196 -87.67 43.66 -116.04
CA ASN T 196 -88.97 43.04 -115.74
C ASN T 196 -90.15 43.80 -116.31
N GLY T 197 -89.98 44.62 -117.35
CA GLY T 197 -91.07 45.22 -118.06
C GLY T 197 -91.42 46.63 -117.64
N ILE T 198 -90.87 47.11 -116.54
CA ILE T 198 -91.14 48.45 -116.08
C ILE T 198 -90.20 49.41 -116.81
N ALA T 199 -90.77 50.50 -117.33
CA ALA T 199 -90.03 51.40 -118.20
C ALA T 199 -88.99 52.20 -117.44
N ALA T 200 -88.05 52.78 -118.18
CA ALA T 200 -86.92 53.51 -117.62
C ALA T 200 -87.30 54.90 -117.13
N LYS T 201 -88.52 55.35 -117.39
CA LYS T 201 -88.95 56.66 -116.89
C LYS T 201 -89.05 56.67 -115.36
N ARG T 202 -89.49 55.56 -114.77
CA ARG T 202 -89.93 55.55 -113.39
C ARG T 202 -88.83 55.22 -112.40
N LEU T 203 -87.59 55.04 -112.83
CA LEU T 203 -86.57 54.41 -112.01
C LEU T 203 -85.40 55.35 -111.75
N LYS T 204 -84.89 55.32 -110.53
CA LYS T 204 -83.61 55.94 -110.21
C LYS T 204 -82.99 55.20 -109.03
N ALA T 205 -81.68 55.00 -109.09
CA ALA T 205 -80.97 54.15 -108.15
C ALA T 205 -79.82 54.90 -107.51
N GLU T 206 -79.52 54.54 -106.26
CA GLU T 206 -78.39 55.10 -105.55
C GLU T 206 -77.96 54.15 -104.45
N GLY T 207 -76.66 54.09 -104.20
CA GLY T 207 -76.17 53.34 -103.07
C GLY T 207 -75.28 54.17 -102.17
N TYR T 208 -75.76 54.45 -100.96
CA TYR T 208 -74.92 55.10 -99.98
C TYR T 208 -74.01 54.08 -99.32
N GLY T 209 -73.03 54.56 -98.58
CA GLY T 209 -72.15 53.66 -97.86
C GLY T 209 -72.66 53.40 -96.47
N ASP T 210 -71.96 53.95 -95.48
CA ASP T 210 -72.33 53.88 -94.07
C ASP T 210 -72.84 55.22 -93.59
N LYS T 211 -73.58 55.92 -94.45
CA LYS T 211 -73.94 57.31 -94.17
C LYS T 211 -74.99 57.41 -93.06
N ASN T 212 -75.95 56.50 -93.05
CA ASN T 212 -77.01 56.52 -92.05
C ASN T 212 -77.52 55.11 -91.88
N ALA T 213 -77.45 54.61 -90.65
CA ALA T 213 -77.71 53.21 -90.37
C ALA T 213 -78.88 53.06 -89.43
N ILE T 214 -79.66 51.98 -89.64
CA ILE T 214 -80.72 51.61 -88.71
C ILE T 214 -80.20 50.78 -87.55
N SER T 215 -78.91 50.46 -87.53
CA SER T 215 -78.35 49.59 -86.54
C SER T 215 -76.94 50.06 -86.19
N ASP T 216 -76.47 49.66 -85.02
CA ASP T 216 -75.12 50.01 -84.61
C ASP T 216 -74.10 49.15 -85.35
N ASN T 217 -73.13 49.81 -85.97
CA ASN T 217 -72.09 49.09 -86.70
C ASN T 217 -71.06 48.46 -85.78
N ALA T 218 -70.93 48.97 -84.56
CA ALA T 218 -69.91 48.47 -83.64
C ALA T 218 -70.24 47.11 -83.07
N ILE T 219 -71.49 46.68 -83.13
CA ILE T 219 -71.87 45.35 -82.67
C ILE T 219 -72.05 44.47 -83.90
N ILE T 220 -71.93 43.15 -83.68
CA ILE T 220 -71.82 42.20 -84.78
C ILE T 220 -73.15 42.05 -85.49
N HIS T 221 -74.22 41.83 -84.73
CA HIS T 221 -75.52 41.61 -85.34
C HIS T 221 -76.06 42.88 -85.97
N GLY T 222 -75.79 44.03 -85.37
CA GLY T 222 -76.17 45.29 -86.00
C GLY T 222 -75.38 45.57 -87.26
N SER T 223 -74.09 45.21 -87.28
CA SER T 223 -73.31 45.34 -88.49
C SER T 223 -73.78 44.39 -89.57
N ALA T 224 -74.32 43.24 -89.17
CA ALA T 224 -74.98 42.36 -90.13
C ALA T 224 -76.27 42.99 -90.66
N GLN T 225 -77.03 43.65 -89.77
CA GLN T 225 -78.28 44.27 -90.17
C GLN T 225 -78.09 45.49 -91.06
N ASN T 226 -76.92 46.12 -91.00
CA ASN T 226 -76.74 47.42 -91.67
C ASN T 226 -76.76 47.30 -93.19
N ARG T 227 -76.10 46.29 -93.74
CA ARG T 227 -75.98 46.17 -95.19
C ARG T 227 -77.30 45.73 -95.78
N ARG T 228 -77.99 46.65 -96.47
CA ARG T 228 -79.40 46.45 -96.77
C ARG T 228 -79.75 47.05 -98.12
N ILE T 229 -80.90 46.65 -98.64
CA ILE T 229 -81.49 47.23 -99.83
C ILE T 229 -82.85 47.80 -99.45
N GLU T 230 -83.07 49.08 -99.74
CA GLU T 230 -84.37 49.71 -99.52
C GLU T 230 -84.98 50.11 -100.85
N ILE T 231 -86.28 49.84 -100.97
CA ILE T 231 -87.08 50.25 -102.12
C ILE T 231 -88.18 51.16 -101.61
N GLN T 232 -88.21 52.39 -102.08
CA GLN T 232 -89.19 53.36 -101.65
C GLN T 232 -90.08 53.72 -102.84
N TRP T 233 -91.39 53.71 -102.62
CA TRP T 233 -92.27 54.24 -103.66
C TRP T 233 -93.50 54.86 -103.03
N PHE T 234 -93.96 55.94 -103.68
CA PHE T 234 -95.11 56.72 -103.24
C PHE T 234 -96.40 56.04 -103.68
N THR T 235 -97.50 56.77 -103.62
CA THR T 235 -98.76 56.31 -104.17
C THR T 235 -99.19 57.11 -105.38
N SER T 236 -99.31 58.42 -105.24
CA SER T 236 -99.72 59.27 -106.35
C SER T 236 -98.52 59.69 -107.19
N LEU U 113 -88.38 81.85 -147.51
CA LEU U 113 -87.36 80.85 -147.21
C LEU U 113 -87.75 80.06 -145.96
N ASN U 114 -88.92 79.43 -146.01
CA ASN U 114 -89.51 78.80 -144.81
C ASN U 114 -89.92 77.35 -145.02
N ARG U 115 -90.48 77.00 -146.18
CA ARG U 115 -90.98 75.66 -146.39
C ARG U 115 -90.60 75.18 -147.78
N PHE U 116 -90.23 73.91 -147.88
CA PHE U 116 -89.82 73.32 -149.16
C PHE U 116 -90.34 71.89 -149.22
N ARG U 117 -91.44 71.68 -149.93
CA ARG U 117 -91.97 70.35 -150.19
C ARG U 117 -91.68 70.02 -151.65
N TYR U 118 -90.76 69.09 -151.87
CA TYR U 118 -90.33 68.74 -153.22
C TYR U 118 -90.87 67.37 -153.59
N GLU U 119 -91.73 67.35 -154.60
CA GLU U 119 -92.32 66.13 -155.13
C GLU U 119 -92.22 66.19 -156.65
N GLY U 120 -92.26 65.02 -157.27
CA GLY U 120 -92.21 64.92 -158.72
C GLY U 120 -90.93 64.35 -159.29
N ALA U 121 -90.03 63.85 -158.44
CA ALA U 121 -88.80 63.14 -158.82
C ALA U 121 -87.87 64.00 -159.68
N GLY U 122 -87.45 65.12 -159.10
CA GLY U 122 -86.54 66.04 -159.75
C GLY U 122 -85.19 66.07 -159.07
N VAL U 123 -84.34 66.97 -159.57
CA VAL U 123 -83.01 67.17 -159.03
C VAL U 123 -82.92 68.60 -158.51
N VAL U 124 -82.51 68.74 -157.25
CA VAL U 124 -82.37 70.02 -156.57
C VAL U 124 -80.90 70.20 -156.20
N THR U 125 -80.35 71.36 -156.51
CA THR U 125 -78.99 71.71 -156.09
C THR U 125 -79.04 73.05 -155.37
N GLY U 126 -78.55 73.07 -154.13
CA GLY U 126 -78.52 74.29 -153.35
C GLY U 126 -77.49 74.26 -152.24
N ASN U 127 -76.85 75.39 -151.98
CA ASN U 127 -75.81 75.47 -150.97
C ASN U 127 -75.71 76.89 -150.44
N ASN U 128 -75.13 77.00 -149.25
CA ASN U 128 -74.83 78.27 -148.56
C ASN U 128 -76.09 79.10 -148.32
N LEU U 129 -76.98 78.55 -147.51
CA LEU U 129 -78.18 79.24 -147.07
C LEU U 129 -78.12 79.39 -145.56
N ARG U 130 -78.42 80.59 -145.07
CA ARG U 130 -78.43 80.90 -143.65
C ARG U 130 -79.87 81.16 -143.20
N THR U 131 -80.30 80.41 -142.20
CA THR U 131 -81.69 80.47 -141.76
C THR U 131 -81.77 80.04 -140.31
N SER U 132 -82.87 80.43 -139.66
CA SER U 132 -83.16 79.92 -138.33
C SER U 132 -83.68 78.50 -138.41
N TYR U 133 -84.80 78.30 -139.11
CA TYR U 133 -85.36 76.97 -139.33
C TYR U 133 -86.23 77.03 -140.57
N LEU U 134 -86.08 76.07 -141.47
CA LEU U 134 -87.02 75.86 -142.56
C LEU U 134 -87.31 74.38 -142.65
N ASP U 135 -88.54 74.05 -143.06
CA ASP U 135 -88.98 72.67 -143.10
C ASP U 135 -88.76 72.09 -144.49
N LEU U 136 -88.37 70.81 -144.53
CA LEU U 136 -88.10 70.09 -145.76
C LEU U 136 -88.95 68.83 -145.80
N TYR U 137 -89.67 68.66 -146.90
CA TYR U 137 -90.57 67.51 -147.10
C TYR U 137 -90.26 66.96 -148.49
N LEU U 138 -89.41 65.95 -148.56
CA LEU U 138 -88.95 65.40 -149.82
C LEU U 138 -89.70 64.09 -150.11
N ALA U 139 -90.03 63.89 -151.39
CA ALA U 139 -90.69 62.66 -151.79
C ALA U 139 -90.13 62.15 -153.10
N ASN U 140 -90.04 60.80 -153.20
CA ASN U 140 -89.91 60.06 -154.45
C ASN U 140 -88.63 60.43 -155.22
N GLU U 141 -87.49 60.01 -154.66
CA GLU U 141 -86.16 60.19 -155.23
C GLU U 141 -85.85 61.67 -155.45
N GLY U 142 -85.80 62.42 -154.37
CA GLY U 142 -85.38 63.80 -154.46
C GLY U 142 -83.87 63.89 -154.48
N THR U 143 -83.29 63.91 -155.68
CA THR U 143 -81.84 63.91 -155.87
C THR U 143 -81.31 65.27 -155.47
N THR U 144 -81.07 65.45 -154.18
CA THR U 144 -80.77 66.75 -153.60
C THR U 144 -79.40 66.72 -152.94
N ARG U 145 -78.59 67.75 -153.21
CA ARG U 145 -77.30 67.93 -152.57
C ARG U 145 -77.36 69.17 -151.69
N LEU U 146 -76.86 69.05 -150.46
CA LEU U 146 -76.88 70.15 -149.51
C LEU U 146 -75.46 70.44 -149.04
N ALA U 147 -75.04 71.70 -149.18
CA ALA U 147 -73.73 72.14 -148.72
C ALA U 147 -73.83 73.51 -148.07
N GLY U 148 -74.83 73.71 -147.22
CA GLY U 148 -75.02 74.97 -146.54
C GLY U 148 -75.23 74.77 -145.05
N ASN U 149 -75.03 75.85 -144.30
CA ASN U 149 -75.16 75.84 -142.85
C ASN U 149 -76.62 76.15 -142.50
N ILE U 150 -77.43 75.09 -142.45
CA ILE U 150 -78.85 75.23 -142.17
C ILE U 150 -79.15 74.42 -140.92
N GLY U 151 -79.71 75.08 -139.91
CA GLY U 151 -80.25 74.40 -138.74
C GLY U 151 -81.75 74.23 -138.91
N LEU U 152 -82.24 73.04 -138.60
CA LEU U 152 -83.64 72.73 -138.77
C LEU U 152 -84.08 71.72 -137.72
N GLN U 153 -85.40 71.66 -137.50
CA GLN U 153 -85.99 70.77 -136.52
C GLN U 153 -86.88 69.71 -137.12
N LYS U 154 -87.37 69.91 -138.34
CA LYS U 154 -88.25 68.95 -138.99
C LYS U 154 -87.74 68.61 -140.37
N LEU U 155 -87.77 67.32 -140.69
CA LEU U 155 -87.36 66.83 -142.01
C LEU U 155 -88.12 65.55 -142.29
N GLU U 156 -88.82 65.49 -143.41
CA GLU U 156 -89.63 64.35 -143.76
C GLU U 156 -89.24 63.86 -145.16
N ALA U 157 -88.33 62.90 -145.21
CA ALA U 157 -88.06 62.17 -146.44
C ALA U 157 -89.03 61.00 -146.50
N VAL U 158 -89.77 60.90 -147.60
CA VAL U 158 -90.80 59.86 -147.72
C VAL U 158 -90.17 58.49 -147.84
N GLY U 159 -89.17 58.35 -148.70
CA GLY U 159 -88.48 57.09 -148.86
C GLY U 159 -88.01 56.90 -150.29
N ASN U 160 -87.22 55.84 -150.48
CA ASN U 160 -86.63 55.45 -151.77
C ASN U 160 -85.81 56.58 -152.38
N GLY U 161 -85.06 57.29 -151.54
CA GLY U 161 -84.31 58.44 -152.00
C GLY U 161 -82.90 58.51 -151.47
N VAL U 162 -81.99 59.04 -152.27
CA VAL U 162 -80.60 59.24 -151.89
C VAL U 162 -80.35 60.73 -151.73
N THR U 163 -79.86 61.14 -150.56
CA THR U 163 -79.60 62.54 -150.27
C THR U 163 -78.49 62.64 -149.26
N GLN U 164 -77.46 63.42 -149.58
CA GLN U 164 -76.37 63.72 -148.66
C GLN U 164 -76.46 65.19 -148.25
N ILE U 165 -76.48 65.45 -146.95
CA ILE U 165 -76.68 66.79 -146.41
C ILE U 165 -75.46 67.17 -145.58
N ASN U 166 -74.86 68.31 -145.92
CA ASN U 166 -73.69 68.82 -145.22
C ASN U 166 -74.05 70.14 -144.57
N GLY U 167 -73.83 70.23 -143.26
CA GLY U 167 -73.97 71.48 -142.53
C GLY U 167 -75.28 71.60 -141.77
N VAL U 168 -75.26 71.26 -140.49
CA VAL U 168 -76.43 71.40 -139.62
C VAL U 168 -75.96 72.00 -138.31
N SER U 169 -76.54 73.13 -137.93
CA SER U 169 -76.32 73.73 -136.61
C SER U 169 -77.69 74.03 -136.02
N SER U 170 -78.26 73.03 -135.37
CA SER U 170 -79.57 73.15 -134.74
C SER U 170 -79.52 72.54 -133.36
N ARG U 171 -80.29 73.13 -132.44
CA ARG U 171 -80.38 72.64 -131.08
C ARG U 171 -81.47 71.60 -130.90
N ASN U 172 -82.23 71.29 -131.95
CA ASN U 172 -83.27 70.28 -131.86
C ASN U 172 -83.55 69.75 -133.26
N LEU U 173 -84.01 68.51 -133.31
CA LEU U 173 -84.52 67.91 -134.54
C LEU U 173 -85.51 66.82 -134.15
N GLN U 174 -86.73 66.93 -134.62
CA GLN U 174 -87.71 65.85 -134.52
C GLN U 174 -87.79 65.18 -135.88
N ILE U 175 -87.29 63.96 -135.96
CA ILE U 175 -87.16 63.25 -137.22
C ILE U 175 -87.91 61.94 -137.13
N VAL U 176 -88.80 61.69 -138.09
CA VAL U 176 -89.53 60.44 -138.18
C VAL U 176 -89.56 60.01 -139.64
N LEU U 177 -89.12 58.79 -139.92
CA LEU U 177 -89.10 58.25 -141.26
C LEU U 177 -90.00 57.02 -141.34
N LYS U 178 -90.58 56.80 -142.52
CA LYS U 178 -91.61 55.79 -142.69
C LYS U 178 -91.27 54.82 -143.82
N GLY U 179 -90.57 55.30 -144.84
CA GLY U 179 -90.20 54.51 -145.99
C GLY U 179 -88.80 53.94 -145.87
N ASP U 180 -88.14 53.79 -147.03
CA ASP U 180 -86.78 53.25 -147.08
C ASP U 180 -85.89 54.23 -147.82
N PRO U 181 -85.50 55.35 -147.19
CA PRO U 181 -84.62 56.29 -147.85
C PRO U 181 -83.15 56.01 -147.58
N LYS U 182 -82.26 56.81 -148.16
CA LYS U 182 -80.82 56.69 -147.95
C LYS U 182 -80.32 58.10 -147.66
N VAL U 183 -80.28 58.45 -146.39
CA VAL U 183 -80.01 59.81 -145.96
C VAL U 183 -78.70 59.85 -145.19
N LEU U 184 -77.78 60.72 -145.62
CA LEU U 184 -76.45 60.82 -145.05
C LEU U 184 -76.27 62.27 -144.59
N ILE U 185 -76.52 62.53 -143.31
CA ILE U 185 -76.59 63.88 -142.78
C ILE U 185 -75.50 64.04 -141.73
N SER U 186 -74.79 65.17 -141.80
CA SER U 186 -73.79 65.51 -140.80
C SER U 186 -73.99 66.95 -140.34
N GLY U 187 -73.57 67.23 -139.13
CA GLY U 187 -73.75 68.53 -138.52
C GLY U 187 -73.78 68.39 -137.00
N PHE U 188 -74.76 69.03 -136.37
CA PHE U 188 -74.96 68.91 -134.93
C PHE U 188 -76.45 68.96 -134.64
N VAL U 189 -76.94 67.96 -133.91
CA VAL U 189 -78.36 67.80 -133.66
C VAL U 189 -78.54 67.20 -132.26
N ASN U 190 -79.45 67.77 -131.48
CA ASN U 190 -79.98 67.12 -130.29
C ASN U 190 -81.25 66.40 -130.71
N LEU U 191 -81.11 65.11 -131.02
CA LEU U 191 -82.27 64.30 -131.40
C LEU U 191 -83.15 64.06 -130.18
N ARG U 192 -84.45 63.90 -130.44
CA ARG U 192 -85.42 63.68 -129.38
C ARG U 192 -86.00 62.28 -129.39
N GLN U 193 -86.53 61.83 -130.53
CA GLN U 193 -87.12 60.51 -130.63
C GLN U 193 -87.04 60.04 -132.06
N LEU U 194 -86.78 58.74 -132.25
CA LEU U 194 -86.68 58.18 -133.58
C LEU U 194 -87.40 56.84 -133.64
N ASP U 195 -88.25 56.67 -134.65
CA ASP U 195 -88.98 55.43 -134.88
C ASP U 195 -88.79 55.00 -136.33
N MET U 196 -88.56 53.69 -136.52
CA MET U 196 -88.32 53.15 -137.84
C MET U 196 -89.14 51.88 -138.06
N TYR U 197 -89.73 51.79 -139.26
CA TYR U 197 -90.64 50.69 -139.57
C TYR U 197 -90.43 50.09 -140.95
N GLY U 198 -89.51 50.61 -141.76
CA GLY U 198 -89.32 50.12 -143.11
C GLY U 198 -88.00 49.42 -143.34
N LYS U 199 -87.25 49.88 -144.35
CA LYS U 199 -85.94 49.35 -144.72
C LYS U 199 -84.96 50.51 -144.87
N GLY U 200 -84.91 51.37 -143.87
CA GLY U 200 -84.21 52.63 -144.00
C GLY U 200 -82.74 52.55 -143.61
N THR U 201 -81.96 53.45 -144.20
CA THR U 201 -80.54 53.62 -143.87
C THR U 201 -80.29 55.07 -143.51
N LEU U 202 -79.50 55.29 -142.46
CA LEU U 202 -79.24 56.64 -142.00
C LEU U 202 -77.87 56.69 -141.33
N SER U 203 -77.11 57.73 -141.64
CA SER U 203 -75.81 57.98 -141.02
C SER U 203 -75.79 59.38 -140.45
N LEU U 204 -75.44 59.50 -139.18
CA LEU U 204 -75.25 60.78 -138.51
C LEU U 204 -73.86 60.80 -137.91
N TYR U 205 -73.11 61.89 -138.16
CA TYR U 205 -71.69 61.88 -137.91
C TYR U 205 -71.29 62.61 -136.63
N TRP U 206 -71.99 63.67 -136.25
CA TRP U 206 -71.71 64.33 -134.98
C TRP U 206 -73.04 64.70 -134.33
N ILE U 207 -73.27 64.17 -133.13
CA ILE U 207 -74.44 64.54 -132.34
C ILE U 207 -73.98 64.79 -130.91
N LYS U 208 -74.18 66.01 -130.42
CA LYS U 208 -73.93 66.34 -129.03
C LYS U 208 -75.30 66.49 -128.38
N SER U 209 -75.87 65.36 -128.00
CA SER U 209 -77.23 65.29 -127.49
C SER U 209 -77.22 64.69 -126.10
N ASP U 210 -78.40 64.65 -125.49
CA ASP U 210 -78.53 64.21 -124.11
C ASP U 210 -79.26 62.88 -124.00
N THR U 211 -80.49 62.80 -124.49
CA THR U 211 -81.32 61.62 -124.32
C THR U 211 -81.96 61.26 -125.64
N LEU U 212 -81.79 60.01 -126.05
CA LEU U 212 -82.38 59.52 -127.28
C LEU U 212 -83.22 58.29 -127.01
N THR U 213 -84.37 58.23 -127.68
CA THR U 213 -85.30 57.12 -127.60
C THR U 213 -85.49 56.57 -129.00
N ILE U 214 -84.93 55.40 -129.27
CA ILE U 214 -84.90 54.83 -130.61
C ILE U 214 -85.68 53.54 -130.60
N ARG U 215 -86.65 53.42 -131.51
CA ARG U 215 -87.43 52.21 -131.67
C ARG U 215 -87.33 51.75 -133.10
N ALA U 216 -86.97 50.48 -133.29
CA ALA U 216 -86.79 49.93 -134.63
C ALA U 216 -87.62 48.67 -134.77
N LYS U 217 -88.32 48.56 -135.90
CA LYS U 217 -89.27 47.48 -136.13
C LYS U 217 -88.82 46.48 -137.19
N LYS U 218 -88.48 46.94 -138.39
CA LYS U 218 -88.27 46.03 -139.51
C LYS U 218 -86.83 45.99 -140.01
N ALA U 219 -86.29 47.10 -140.48
CA ALA U 219 -84.93 47.11 -141.01
C ALA U 219 -84.40 48.54 -140.95
N ALA U 220 -83.43 48.78 -140.08
CA ALA U 220 -82.82 50.09 -139.94
C ALA U 220 -81.32 49.93 -139.89
N LYS U 221 -80.62 50.56 -140.81
CA LYS U 221 -79.18 50.49 -140.93
C LYS U 221 -78.66 51.86 -140.50
N ILE U 222 -78.35 51.99 -139.21
CA ILE U 222 -78.10 53.28 -138.59
C ILE U 222 -76.64 53.31 -138.17
N GLN U 223 -75.87 54.21 -138.78
CA GLN U 223 -74.49 54.45 -138.44
C GLN U 223 -74.41 55.79 -137.75
N LEU U 224 -74.18 55.78 -136.44
CA LEU U 224 -74.24 56.97 -135.62
C LEU U 224 -72.92 57.21 -134.90
N ALA U 225 -72.52 58.48 -134.83
CA ALA U 225 -71.34 58.86 -134.06
C ALA U 225 -71.62 60.18 -133.35
N GLY U 226 -71.25 60.25 -132.08
CA GLY U 226 -71.45 61.47 -131.32
C GLY U 226 -71.39 61.18 -129.83
N ILE U 227 -71.91 62.14 -129.06
CA ILE U 227 -71.90 62.09 -127.60
C ILE U 227 -73.33 62.18 -127.11
N VAL U 228 -73.75 61.19 -126.32
CA VAL U 228 -75.11 61.08 -125.81
C VAL U 228 -75.03 60.75 -124.32
N ASN U 229 -75.75 61.51 -123.50
CA ASN U 229 -75.76 61.20 -122.07
C ASN U 229 -76.62 59.99 -121.76
N ARG U 230 -77.82 59.91 -122.33
CA ARG U 230 -78.77 58.87 -121.97
C ARG U 230 -79.39 58.26 -123.21
N LEU U 231 -79.35 56.93 -123.29
CA LEU U 231 -79.79 56.24 -124.50
C LEU U 231 -80.74 55.10 -124.15
N ASP U 232 -81.87 55.03 -124.85
CA ASP U 232 -82.76 53.89 -124.77
C ASP U 232 -83.01 53.37 -126.17
N VAL U 233 -82.80 52.06 -126.36
CA VAL U 233 -82.92 51.41 -127.65
C VAL U 233 -83.87 50.23 -127.51
N GLU U 234 -84.87 50.17 -128.39
CA GLU U 234 -85.76 49.02 -128.51
C GLU U 234 -85.66 48.47 -129.93
N LEU U 235 -85.35 47.18 -130.04
CA LEU U 235 -85.26 46.51 -131.32
C LEU U 235 -86.25 45.36 -131.37
N TRP U 236 -87.05 45.30 -132.43
CA TRP U 236 -88.06 44.25 -132.54
C TRP U 236 -87.60 43.06 -133.37
N ASP U 237 -87.28 43.26 -134.65
CA ASP U 237 -86.85 42.15 -135.49
C ASP U 237 -86.06 42.68 -136.67
N PHE U 238 -84.95 41.99 -136.98
CA PHE U 238 -84.07 42.27 -138.12
C PHE U 238 -83.55 43.70 -138.07
N ALA U 239 -83.27 44.18 -136.86
CA ALA U 239 -82.80 45.53 -136.63
C ALA U 239 -81.31 45.46 -136.32
N GLN U 240 -80.51 46.14 -137.13
CA GLN U 240 -79.05 46.11 -137.03
C GLN U 240 -78.58 47.52 -136.69
N PHE U 241 -78.38 47.78 -135.41
CA PHE U 241 -77.97 49.10 -134.94
C PHE U 241 -76.51 49.06 -134.54
N LYS U 242 -75.74 50.03 -135.02
CA LYS U 242 -74.32 50.16 -134.70
C LYS U 242 -74.09 51.53 -134.10
N GLY U 243 -73.86 51.58 -132.79
CA GLY U 243 -73.45 52.81 -132.14
C GLY U 243 -71.98 52.79 -131.85
N LYS U 244 -71.19 52.26 -132.78
CA LYS U 244 -69.75 52.37 -132.69
C LYS U 244 -69.33 53.81 -132.93
N TYR U 245 -68.28 54.22 -132.21
CA TYR U 245 -67.83 55.61 -132.11
C TYR U 245 -68.95 56.52 -131.60
N LEU U 246 -69.77 56.00 -130.71
CA LEU U 246 -70.89 56.75 -130.11
C LEU U 246 -70.94 56.33 -128.65
N ARG U 247 -70.39 57.16 -127.77
CA ARG U 247 -70.18 56.79 -126.37
C ARG U 247 -71.28 57.35 -125.50
N ALA U 248 -71.74 56.55 -124.55
CA ALA U 248 -72.80 56.95 -123.64
C ALA U 248 -72.52 56.42 -122.24
N GLN U 249 -72.91 57.22 -121.24
CA GLN U 249 -72.71 56.79 -119.86
C GLN U 249 -73.87 55.91 -119.39
N ARG U 250 -75.09 56.26 -119.76
CA ARG U 250 -76.28 55.52 -119.38
C ARG U 250 -76.88 54.91 -120.64
N SER U 251 -76.84 53.58 -120.74
CA SER U 251 -77.34 52.89 -121.91
C SER U 251 -78.33 51.82 -121.49
N PHE U 252 -79.47 51.77 -122.19
CA PHE U 252 -80.48 50.75 -121.98
C PHE U 252 -80.83 50.13 -123.32
N VAL U 253 -80.73 48.81 -123.39
CA VAL U 253 -80.97 48.07 -124.63
C VAL U 253 -81.99 46.98 -124.35
N LYS U 254 -83.08 46.97 -125.11
CA LYS U 254 -84.09 45.92 -125.03
C LYS U 254 -84.31 45.37 -126.43
N THR U 255 -83.99 44.08 -126.61
CA THR U 255 -83.99 43.47 -127.94
C THR U 255 -84.84 42.21 -127.95
N HIS U 256 -85.73 42.13 -128.93
CA HIS U 256 -86.51 40.94 -129.20
C HIS U 256 -85.76 40.10 -130.24
N ASP U 257 -86.46 39.17 -130.88
CA ASP U 257 -85.83 38.14 -131.72
C ASP U 257 -85.12 38.71 -132.93
N LYS U 258 -83.94 38.15 -133.22
CA LYS U 258 -83.13 38.38 -134.43
C LYS U 258 -82.74 39.85 -134.58
N SER U 259 -81.92 40.30 -133.64
CA SER U 259 -81.47 41.68 -133.60
C SER U 259 -79.97 41.75 -133.40
N VAL U 260 -79.37 42.82 -133.92
CA VAL U 260 -77.94 43.06 -133.86
C VAL U 260 -77.73 44.45 -133.25
N ALA U 261 -76.89 44.53 -132.22
CA ALA U 261 -76.62 45.78 -131.56
C ALA U 261 -75.14 45.93 -131.27
N GLU U 262 -74.59 47.11 -131.56
CA GLU U 262 -73.20 47.44 -131.29
C GLU U 262 -73.17 48.61 -130.32
N ILE U 263 -72.54 48.40 -129.17
CA ILE U 263 -72.65 49.31 -128.03
C ILE U 263 -71.28 49.87 -127.70
N SER U 264 -71.27 51.09 -127.17
CA SER U 264 -70.05 51.73 -126.66
C SER U 264 -70.35 52.41 -125.33
N ALA U 265 -70.96 51.68 -124.41
CA ALA U 265 -71.31 52.23 -123.10
C ALA U 265 -70.06 52.49 -122.27
N VAL U 266 -70.13 53.51 -121.43
CA VAL U 266 -68.99 54.02 -120.68
C VAL U 266 -69.12 53.73 -119.20
N ASN U 267 -70.23 54.15 -118.59
CA ASN U 267 -70.41 54.01 -117.15
C ASN U 267 -71.40 52.92 -116.79
N HIS U 268 -72.63 52.98 -117.29
CA HIS U 268 -73.67 52.07 -116.86
C HIS U 268 -74.39 51.50 -118.07
N GLN U 269 -74.42 50.18 -118.15
CA GLN U 269 -75.03 49.47 -119.26
C GLN U 269 -76.05 48.46 -118.75
N SER U 270 -77.28 48.57 -119.22
CA SER U 270 -78.32 47.59 -118.97
C SER U 270 -78.74 46.97 -120.29
N SER U 271 -78.71 45.64 -120.35
CA SER U 271 -78.92 44.94 -121.62
C SER U 271 -79.83 43.74 -121.43
N LEU U 272 -80.85 43.63 -122.28
CA LEU U 272 -81.76 42.50 -122.24
C LEU U 272 -82.02 42.00 -123.65
N ALA U 273 -81.87 40.69 -123.83
CA ALA U 273 -82.12 40.05 -125.12
C ALA U 273 -83.05 38.86 -124.92
N THR U 274 -84.04 38.74 -125.81
CA THR U 274 -84.95 37.60 -125.69
C THR U 274 -84.34 36.34 -126.30
N ASP U 275 -84.08 36.37 -127.59
CA ASP U 275 -83.61 35.19 -128.30
C ASP U 275 -82.97 35.64 -129.60
N ALA U 276 -81.95 34.88 -130.03
CA ALA U 276 -81.29 35.04 -131.34
C ALA U 276 -80.73 36.44 -131.53
N SER U 277 -80.35 37.09 -130.44
CA SER U 277 -79.99 38.49 -130.44
C SER U 277 -78.53 38.63 -130.05
N ASP U 278 -77.82 39.48 -130.77
CA ASP U 278 -76.40 39.72 -130.53
C ASP U 278 -76.24 41.14 -130.01
N ILE U 279 -75.61 41.27 -128.86
CA ILE U 279 -75.30 42.56 -128.26
C ILE U 279 -73.79 42.60 -128.12
N TYR U 280 -73.11 43.08 -129.15
CA TYR U 280 -71.67 43.21 -129.12
C TYR U 280 -71.34 44.63 -128.72
N TYR U 281 -70.43 44.79 -127.78
CA TYR U 281 -70.00 46.14 -127.44
C TYR U 281 -68.53 46.30 -127.79
N TYR U 282 -67.99 47.47 -127.46
CA TYR U 282 -66.58 47.73 -127.72
C TYR U 282 -65.86 48.43 -126.58
N ASN U 283 -66.56 49.01 -125.62
CA ASN U 283 -65.94 49.69 -124.49
C ASN U 283 -66.23 48.92 -123.22
N LEU U 284 -65.21 48.75 -122.40
CA LEU U 284 -65.39 48.09 -121.10
C LEU U 284 -66.04 49.09 -120.15
N SER U 285 -67.31 48.89 -119.85
CA SER U 285 -68.05 49.82 -119.01
C SER U 285 -67.64 49.67 -117.54
N LYS U 286 -67.88 50.74 -116.78
CA LYS U 286 -67.67 50.66 -115.34
C LYS U 286 -68.72 49.79 -114.67
N THR U 287 -69.94 49.78 -115.20
CA THR U 287 -71.00 48.93 -114.68
C THR U 287 -71.73 48.28 -115.84
N ARG U 288 -71.83 46.96 -115.79
CA ARG U 288 -72.45 46.18 -116.86
C ARG U 288 -73.42 45.19 -116.25
N ALA U 289 -74.62 45.08 -116.82
CA ALA U 289 -75.53 44.03 -116.41
C ALA U 289 -76.36 43.59 -117.62
N ASP U 290 -76.35 42.28 -117.87
CA ASP U 290 -76.91 41.70 -119.09
C ASP U 290 -77.83 40.54 -118.75
N PHE U 291 -78.80 40.29 -119.63
CA PHE U 291 -79.73 39.20 -119.43
C PHE U 291 -80.12 38.58 -120.76
N MET U 292 -80.18 37.24 -120.78
CA MET U 292 -80.65 36.48 -121.93
C MET U 292 -81.84 35.65 -121.53
N ALA U 293 -82.88 35.65 -122.37
CA ALA U 293 -84.10 34.91 -122.07
C ALA U 293 -84.11 33.51 -122.69
N PHE U 294 -83.94 33.42 -124.01
CA PHE U 294 -83.83 32.13 -124.67
C PHE U 294 -82.47 31.94 -125.33
N ASN U 295 -82.12 32.80 -126.31
CA ASN U 295 -80.94 32.57 -127.12
C ASN U 295 -80.12 33.83 -127.34
N GLY U 296 -80.39 34.92 -126.61
CA GLY U 296 -79.60 36.12 -126.75
C GLY U 296 -78.22 35.99 -126.14
N SER U 297 -77.34 36.90 -126.53
CA SER U 297 -75.96 36.86 -126.07
C SER U 297 -75.37 38.27 -126.12
N VAL U 298 -74.47 38.53 -125.18
CA VAL U 298 -73.75 39.79 -125.10
C VAL U 298 -72.25 39.47 -125.15
N LEU U 299 -71.54 40.11 -126.07
CA LEU U 299 -70.13 39.80 -126.28
C LEU U 299 -69.27 41.05 -126.25
N ASP U 300 -68.03 40.84 -125.81
CA ASP U 300 -67.07 41.92 -125.62
C ASP U 300 -66.39 42.31 -126.92
N MET U 301 -65.95 41.33 -127.71
CA MET U 301 -65.26 41.42 -129.00
C MET U 301 -64.21 42.53 -129.12
N ARG U 302 -63.42 42.72 -128.07
CA ARG U 302 -62.31 43.64 -128.17
C ARG U 302 -61.14 42.99 -128.92
N GLU U 303 -60.15 43.81 -129.27
CA GLU U 303 -59.13 43.42 -130.22
C GLU U 303 -58.11 42.45 -129.64
N TRP U 304 -57.97 42.40 -128.31
CA TRP U 304 -57.02 41.55 -127.58
C TRP U 304 -55.56 41.82 -127.94
N GLY U 305 -55.25 42.99 -128.46
CA GLY U 305 -53.91 43.30 -128.89
C GLY U 305 -53.53 44.72 -128.55
N GLN U 306 -54.46 45.42 -127.89
CA GLN U 306 -54.19 46.77 -127.42
C GLN U 306 -53.16 46.72 -126.30
N SER U 307 -52.14 47.56 -126.40
CA SER U 307 -51.04 47.58 -125.43
C SER U 307 -51.47 48.04 -124.06
N ASP U 308 -52.56 48.80 -123.95
CA ASP U 308 -53.01 49.32 -122.67
C ASP U 308 -54.46 48.91 -122.38
N LEU U 309 -54.87 47.76 -122.87
CA LEU U 309 -56.23 47.30 -122.63
C LEU U 309 -56.35 46.80 -121.19
N LYS U 310 -57.27 47.38 -120.44
CA LYS U 310 -57.43 47.03 -119.05
C LYS U 310 -58.14 45.69 -118.90
N ASP U 311 -57.95 45.07 -117.74
CA ASP U 311 -58.61 43.83 -117.39
C ASP U 311 -59.83 44.12 -116.53
N PHE U 312 -60.58 43.06 -116.23
CA PHE U 312 -61.73 43.18 -115.36
C PHE U 312 -61.30 43.52 -113.94
N ASP U 313 -61.94 44.53 -113.36
CA ASP U 313 -61.88 44.71 -111.93
C ASP U 313 -62.97 43.87 -111.29
N ARG U 314 -63.06 43.94 -109.96
CA ARG U 314 -64.04 43.11 -109.26
C ARG U 314 -65.45 43.66 -109.38
N TYR U 315 -65.60 44.98 -109.54
CA TYR U 315 -66.94 45.56 -109.54
C TYR U 315 -67.68 45.30 -110.85
N ASN U 316 -67.00 45.43 -111.98
CA ASN U 316 -67.67 45.21 -113.25
C ASN U 316 -67.75 43.73 -113.63
N LYS U 317 -67.11 42.87 -112.85
CA LYS U 317 -66.97 41.46 -113.20
C LYS U 317 -68.32 40.76 -113.12
N GLN U 318 -68.79 40.28 -114.27
CA GLN U 318 -70.03 39.51 -114.35
C GLN U 318 -69.77 38.28 -115.19
N PHE U 319 -70.34 37.15 -114.76
CA PHE U 319 -70.16 35.89 -115.47
C PHE U 319 -71.49 35.48 -116.08
N PRO U 320 -71.71 35.74 -117.37
CA PRO U 320 -72.98 35.45 -118.03
C PRO U 320 -73.19 33.97 -118.26
N ASP V 39 -61.43 -1.85 -95.78
CA ASP V 39 -61.63 -3.13 -96.47
C ASP V 39 -60.61 -3.31 -97.59
N GLY V 40 -61.03 -3.98 -98.66
CA GLY V 40 -60.16 -4.19 -99.81
C GLY V 40 -59.93 -2.91 -100.59
N CYS V 41 -58.67 -2.49 -100.68
CA CYS V 41 -58.37 -1.23 -101.34
C CYS V 41 -58.56 -1.32 -102.85
N CYS V 42 -58.20 -2.44 -103.45
CA CYS V 42 -58.48 -2.67 -104.87
C CYS V 42 -59.77 -3.45 -105.05
N SER V 43 -60.83 -2.98 -104.40
CA SER V 43 -62.13 -3.63 -104.52
C SER V 43 -62.75 -3.31 -105.87
N LYS V 44 -63.58 -4.24 -106.34
CA LYS V 44 -64.19 -4.23 -107.68
C LYS V 44 -63.13 -4.13 -108.77
N MET V 45 -62.02 -4.81 -108.56
CA MET V 45 -60.97 -4.89 -109.56
C MET V 45 -60.27 -6.23 -109.38
N GLY V 46 -59.11 -6.38 -110.03
CA GLY V 46 -58.40 -7.64 -109.99
C GLY V 46 -57.81 -7.98 -108.63
N GLY V 47 -57.60 -6.98 -107.79
CA GLY V 47 -57.02 -7.17 -106.49
C GLY V 47 -55.72 -6.40 -106.35
N ILE V 48 -55.10 -6.54 -105.18
CA ILE V 48 -53.88 -5.83 -104.88
C ILE V 48 -52.72 -6.45 -105.63
N ASN V 49 -51.83 -5.61 -106.16
CA ASN V 49 -50.63 -6.14 -106.79
C ASN V 49 -49.48 -6.15 -105.79
N TYR V 50 -49.08 -4.97 -105.33
CA TYR V 50 -47.99 -4.77 -104.37
C TYR V 50 -48.02 -3.32 -103.92
N CYS V 51 -46.94 -2.90 -103.27
CA CYS V 51 -46.76 -1.51 -102.86
C CYS V 51 -45.50 -0.96 -103.52
N ASP V 52 -45.61 0.21 -104.12
CA ASP V 52 -44.46 0.93 -104.66
C ASP V 52 -44.08 2.00 -103.66
N SER V 53 -42.86 1.90 -103.15
CA SER V 53 -42.34 2.90 -102.23
C SER V 53 -41.73 4.09 -102.94
N SER V 54 -41.65 4.05 -104.27
CA SER V 54 -41.27 5.25 -105.03
C SER V 54 -42.33 6.34 -104.85
N ALA V 55 -43.60 5.94 -104.83
CA ALA V 55 -44.68 6.84 -104.47
C ALA V 55 -45.32 6.51 -103.14
N GLY V 56 -44.93 5.41 -102.50
CA GLY V 56 -45.51 5.02 -101.23
C GLY V 56 -46.97 4.64 -101.31
N ARG V 57 -47.38 4.04 -102.42
CA ARG V 57 -48.78 3.74 -102.67
C ARG V 57 -48.94 2.30 -103.15
N LEU V 58 -50.11 1.73 -102.90
CA LEU V 58 -50.42 0.41 -103.40
C LEU V 58 -50.77 0.48 -104.89
N VAL V 59 -50.52 -0.60 -105.59
CA VAL V 59 -50.94 -0.75 -106.98
C VAL V 59 -51.91 -1.91 -107.06
N CYS V 60 -52.94 -1.75 -107.87
CA CYS V 60 -53.89 -2.81 -108.08
C CYS V 60 -53.41 -3.73 -109.20
N ASN V 61 -54.18 -4.78 -109.47
CA ASN V 61 -53.81 -5.68 -110.55
C ASN V 61 -54.08 -5.08 -111.93
N ASN V 62 -54.88 -4.03 -112.01
CA ASN V 62 -54.89 -3.16 -113.16
C ASN V 62 -53.96 -1.98 -112.91
N GLY V 63 -53.56 -1.32 -113.99
CA GLY V 63 -52.55 -0.29 -113.91
C GLY V 63 -53.03 1.03 -113.34
N PHE V 64 -53.49 1.03 -112.10
CA PHE V 64 -53.95 2.25 -111.46
C PHE V 64 -53.58 2.23 -109.99
N TYR V 65 -53.15 3.38 -109.50
CA TYR V 65 -52.84 3.51 -108.08
C TYR V 65 -54.13 3.52 -107.28
N SER V 66 -54.16 2.75 -106.19
CA SER V 66 -55.33 2.72 -105.34
C SER V 66 -55.39 3.97 -104.47
N THR V 67 -56.50 4.11 -103.75
CA THR V 67 -56.67 5.22 -102.84
C THR V 67 -55.79 5.08 -101.60
N CYS V 68 -55.39 3.87 -101.25
CA CYS V 68 -54.66 3.61 -100.02
C CYS V 68 -53.15 3.72 -100.25
N TYR V 69 -52.43 3.93 -99.17
CA TYR V 69 -50.98 3.96 -99.16
C TYR V 69 -50.44 2.70 -98.50
N CYS V 70 -49.13 2.66 -98.33
CA CYS V 70 -48.51 1.56 -97.59
C CYS V 70 -47.54 2.01 -96.53
N THR V 71 -46.68 2.98 -96.82
CA THR V 71 -45.65 3.41 -95.89
C THR V 71 -45.93 4.80 -95.39
N ARG V 72 -45.29 5.14 -94.27
CA ARG V 72 -45.44 6.49 -93.72
C ARG V 72 -44.71 7.54 -94.54
N HIS V 73 -43.75 7.14 -95.37
CA HIS V 73 -43.03 8.08 -96.22
C HIS V 73 -43.81 8.33 -97.51
N ALA V 74 -44.95 9.01 -97.36
CA ALA V 74 -45.82 9.30 -98.47
C ALA V 74 -46.47 10.65 -98.24
N VAL V 75 -46.97 11.25 -99.34
CA VAL V 75 -47.56 12.58 -99.26
C VAL V 75 -48.92 12.47 -98.57
N MET V 76 -49.04 13.13 -97.44
CA MET V 76 -50.26 13.09 -96.65
C MET V 76 -51.04 14.38 -96.81
N ASP V 77 -52.33 14.29 -96.52
CA ASP V 77 -53.21 15.46 -96.43
C ASP V 77 -53.39 15.85 -94.96
N LEU V 78 -52.29 16.25 -94.33
CA LEU V 78 -52.25 16.44 -92.90
C LEU V 78 -52.59 17.88 -92.55
N GLN V 79 -53.59 18.07 -91.69
CA GLN V 79 -54.00 19.39 -91.25
C GLN V 79 -54.19 19.51 -89.74
N PHE V 80 -54.46 18.42 -89.03
CA PHE V 80 -54.76 18.49 -87.61
C PHE V 80 -53.95 17.42 -86.87
N LEU V 81 -53.54 17.73 -85.66
CA LEU V 81 -52.71 16.82 -84.89
C LEU V 81 -52.97 17.01 -83.40
N MET V 82 -52.61 16.00 -82.62
CA MET V 82 -52.76 16.03 -81.18
C MET V 82 -51.45 16.48 -80.54
N GLY V 83 -51.33 16.30 -79.23
CA GLY V 83 -50.08 16.51 -78.52
C GLY V 83 -50.15 17.69 -77.58
N CYS V 84 -48.99 17.98 -77.01
CA CYS V 84 -48.80 19.11 -76.10
C CYS V 84 -47.40 19.67 -76.31
N CYS V 85 -47.22 20.93 -75.86
CA CYS V 85 -45.96 21.68 -75.96
C CYS V 85 -45.47 21.83 -77.40
N LEU V 86 -46.40 21.84 -78.35
CA LEU V 86 -46.04 21.97 -79.75
C LEU V 86 -45.98 23.43 -80.15
N TRP V 87 -45.27 23.70 -81.25
CA TRP V 87 -44.79 25.03 -81.63
C TRP V 87 -44.05 25.69 -80.47
N HIS V 88 -43.24 24.89 -79.79
CA HIS V 88 -42.47 25.30 -78.64
C HIS V 88 -41.21 24.45 -78.64
N GLY V 89 -40.52 24.37 -77.51
CA GLY V 89 -39.36 23.53 -77.46
C GLY V 89 -39.63 22.05 -77.35
N GLY V 90 -40.89 21.64 -77.25
CA GLY V 90 -41.26 20.26 -77.04
C GLY V 90 -41.58 19.97 -75.60
N VAL V 91 -42.06 18.76 -75.35
CA VAL V 91 -42.43 18.37 -73.99
C VAL V 91 -41.15 18.13 -73.19
N TYR V 92 -41.01 18.85 -72.09
CA TYR V 92 -39.88 18.61 -71.22
C TYR V 92 -40.11 17.33 -70.44
N PRO V 93 -39.13 16.42 -70.40
CA PRO V 93 -39.37 15.11 -69.79
C PRO V 93 -39.47 15.11 -68.28
N GLN V 94 -38.96 16.15 -67.62
CA GLN V 94 -38.97 16.16 -66.17
C GLN V 94 -40.36 16.45 -65.63
N LEU V 95 -40.60 16.03 -64.39
CA LEU V 95 -41.87 16.22 -63.71
C LEU V 95 -41.70 17.28 -62.64
N ASN V 96 -42.54 18.31 -62.68
CA ASN V 96 -42.48 19.40 -61.73
C ASN V 96 -43.04 18.96 -60.37
N SER V 97 -42.88 19.83 -59.38
CA SER V 97 -43.49 19.60 -58.06
C SER V 97 -45.00 19.60 -58.16
N SER V 98 -45.56 20.54 -58.92
CA SER V 98 -47.00 20.58 -59.19
C SER V 98 -47.28 19.81 -60.48
N GLY V 99 -48.48 19.96 -61.00
CA GLY V 99 -48.84 19.42 -62.30
C GLY V 99 -48.43 20.30 -63.47
N LEU V 100 -47.62 21.32 -63.22
CA LEU V 100 -47.22 22.25 -64.26
C LEU V 100 -46.22 21.59 -65.20
N VAL V 101 -46.38 21.84 -66.50
CA VAL V 101 -45.43 21.40 -67.51
C VAL V 101 -45.02 22.59 -68.35
N VAL V 102 -43.72 22.83 -68.44
CA VAL V 102 -43.18 23.96 -69.19
C VAL V 102 -42.33 23.41 -70.33
N CYS V 103 -42.59 23.89 -71.53
CA CYS V 103 -41.88 23.40 -72.70
C CYS V 103 -40.45 23.94 -72.73
N ASN V 104 -39.65 23.36 -73.63
CA ASN V 104 -38.23 23.65 -73.68
C ASN V 104 -37.91 25.02 -74.27
N ASP V 105 -38.90 25.74 -74.79
CA ASP V 105 -38.72 27.12 -75.19
C ASP V 105 -38.90 28.08 -74.02
N GLY V 106 -39.11 27.57 -72.81
CA GLY V 106 -39.37 28.41 -71.66
C GLY V 106 -40.82 28.76 -71.46
N TYR V 107 -41.72 28.21 -72.24
CA TYR V 107 -43.14 28.50 -72.13
C TYR V 107 -43.87 27.32 -71.49
N VAL V 108 -44.90 27.63 -70.72
CA VAL V 108 -45.70 26.63 -70.01
C VAL V 108 -47.11 26.63 -70.58
N SER V 109 -47.58 25.46 -70.97
CA SER V 109 -48.93 25.31 -71.51
C SER V 109 -49.89 25.00 -70.37
N GLU V 110 -50.72 25.99 -70.05
CA GLU V 110 -51.59 25.89 -68.88
C GLU V 110 -52.71 24.89 -69.11
N GLU V 111 -53.27 24.85 -70.31
CA GLU V 111 -54.35 23.91 -70.59
C GLU V 111 -53.82 22.50 -70.74
N CYS V 112 -52.55 22.35 -71.14
CA CYS V 112 -51.94 21.03 -71.14
C CYS V 112 -51.65 20.57 -69.71
N SER V 113 -51.28 21.49 -68.84
CA SER V 113 -51.16 21.17 -67.43
C SER V 113 -52.55 21.09 -66.79
N LEU V 114 -52.56 20.66 -65.53
CA LEU V 114 -53.80 20.67 -64.76
C LEU V 114 -53.98 22.04 -64.11
N GLN V 115 -55.03 22.16 -63.30
CA GLN V 115 -55.39 23.42 -62.68
C GLN V 115 -55.70 23.20 -61.21
N LYS V 116 -55.58 24.27 -60.44
CA LYS V 116 -55.86 24.21 -59.01
C LYS V 116 -57.06 25.09 -58.65
N UNK W 1 -51.33 19.95 -119.92
CA UNK W 1 -50.67 19.89 -121.22
C UNK W 1 -51.64 20.21 -122.34
N UNK W 2 -52.92 20.37 -121.95
CA UNK W 2 -54.03 20.88 -122.73
C UNK W 2 -54.51 19.93 -123.85
N UNK W 3 -53.76 18.87 -124.14
CA UNK W 3 -54.14 17.87 -125.13
C UNK W 3 -53.27 16.64 -124.92
N UNK W 4 -53.88 15.52 -124.59
CA UNK W 4 -53.13 14.29 -124.38
C UNK W 4 -53.16 13.36 -125.58
N UNK W 5 -53.74 13.79 -126.70
CA UNK W 5 -53.69 13.02 -127.93
C UNK W 5 -52.73 13.74 -128.88
N UNK W 6 -51.45 13.43 -128.74
CA UNK W 6 -50.42 14.09 -129.53
C UNK W 6 -50.26 13.38 -130.87
N UNK W 7 -50.39 14.13 -131.96
CA UNK W 7 -50.32 13.60 -133.31
C UNK W 7 -49.00 14.02 -133.95
N UNK W 8 -48.31 13.05 -134.55
CA UNK W 8 -47.04 13.33 -135.24
C UNK W 8 -47.31 13.70 -136.69
N UNK W 9 -47.89 14.89 -136.87
CA UNK W 9 -48.23 15.50 -138.16
C UNK W 9 -49.10 14.63 -139.05
N UNK X 1 5.17 117.34 -8.90
CA UNK X 1 4.85 115.96 -9.27
C UNK X 1 5.47 115.61 -10.62
N UNK X 2 4.85 114.65 -11.32
CA UNK X 2 5.33 114.25 -12.63
C UNK X 2 5.02 115.32 -13.66
N UNK X 3 5.78 115.30 -14.76
CA UNK X 3 5.70 116.34 -15.79
C UNK X 3 4.82 115.86 -16.94
N UNK X 4 3.50 116.01 -16.77
CA UNK X 4 2.57 115.66 -17.83
C UNK X 4 2.64 116.64 -19.00
N UNK X 5 2.84 117.93 -18.70
CA UNK X 5 2.95 118.93 -19.76
C UNK X 5 4.23 118.74 -20.57
N UNK X 6 5.35 118.48 -19.90
CA UNK X 6 6.58 118.18 -20.61
C UNK X 6 6.50 116.84 -21.35
N UNK X 7 5.72 115.89 -20.82
CA UNK X 7 5.48 114.65 -21.55
C UNK X 7 4.69 114.90 -22.82
N UNK X 8 3.69 115.78 -22.76
CA UNK X 8 2.91 116.13 -23.95
C UNK X 8 3.77 116.87 -24.96
N UNK X 9 4.64 117.77 -24.49
CA UNK X 9 5.54 118.49 -25.40
C UNK X 9 6.56 117.54 -26.02
N UNK X 10 7.04 116.55 -25.26
CA UNK X 10 7.95 115.56 -25.80
C UNK X 10 7.25 114.66 -26.81
N UNK X 11 5.98 114.34 -26.56
CA UNK X 11 5.20 113.60 -27.54
C UNK X 11 4.98 114.41 -28.81
N UNK X 12 4.80 115.72 -28.67
CA UNK X 12 4.70 116.60 -29.83
C UNK X 12 6.01 116.65 -30.61
N UNK X 13 7.14 116.69 -29.90
CA UNK X 13 8.44 116.68 -30.56
C UNK X 13 8.74 115.35 -31.23
N UNK X 14 8.24 114.25 -30.65
CA UNK X 14 8.39 112.94 -31.29
C UNK X 14 7.47 112.77 -32.49
N UNK X 15 6.28 113.38 -32.43
CA UNK X 15 5.38 113.34 -33.59
C UNK X 15 5.94 114.18 -34.73
N UNK X 16 6.37 115.40 -34.44
CA UNK X 16 7.01 116.26 -35.44
C UNK X 16 8.52 116.12 -35.26
N UNK X 17 9.04 114.96 -35.65
CA UNK X 17 10.47 114.70 -35.52
C UNK X 17 11.31 115.39 -36.59
N UNK X 18 10.76 115.47 -37.81
CA UNK X 18 11.43 116.04 -38.99
C UNK X 18 12.78 115.37 -39.26
N UNK X 19 12.86 114.06 -39.01
CA UNK X 19 14.10 113.31 -39.19
C UNK X 19 13.73 111.89 -39.60
N UNK X 20 13.75 111.63 -40.90
CA UNK X 20 13.52 110.30 -41.44
C UNK X 20 14.08 110.26 -42.86
N UNK X 21 15.14 109.47 -43.06
CA UNK X 21 15.75 109.29 -44.36
C UNK X 21 15.94 107.80 -44.61
N UNK X 22 15.88 107.41 -45.88
CA UNK X 22 15.94 106.00 -46.26
C UNK X 22 17.01 105.79 -47.33
N UNK X 23 17.76 104.71 -47.18
CA UNK X 23 18.75 104.26 -48.15
C UNK X 23 18.40 102.84 -48.54
N UNK X 24 17.89 102.66 -49.75
CA UNK X 24 17.46 101.38 -50.24
C UNK X 24 18.56 100.70 -51.03
N UNK X 25 18.45 99.37 -51.16
CA UNK X 25 19.37 98.59 -51.96
C UNK X 25 18.63 97.36 -52.50
N UNK X 26 19.09 96.88 -53.64
CA UNK X 26 18.51 95.71 -54.28
C UNK X 26 19.23 94.45 -53.80
N UNK X 27 18.94 93.32 -54.45
CA UNK X 27 19.61 92.07 -54.10
C UNK X 27 21.06 92.07 -54.58
N UNK X 28 21.34 92.74 -55.70
CA UNK X 28 22.69 92.87 -56.23
C UNK X 28 23.34 94.19 -55.82
N UNK X 29 22.91 94.74 -54.67
CA UNK X 29 23.51 95.92 -54.03
C UNK X 29 23.44 97.16 -54.92
N UNK X 30 22.24 97.53 -55.35
CA UNK X 30 22.01 98.79 -56.04
C UNK X 30 21.64 99.83 -54.99
N UNK X 31 22.65 100.39 -54.32
CA UNK X 31 22.42 101.32 -53.23
C UNK X 31 21.96 102.67 -53.75
N UNK X 32 21.01 103.26 -53.03
CA UNK X 32 20.44 104.55 -53.41
C UNK X 32 19.84 105.18 -52.16
N UNK X 33 20.40 106.31 -51.73
CA UNK X 33 19.96 107.00 -50.53
C UNK X 33 19.20 108.26 -50.92
N UNK X 34 18.05 108.48 -50.30
CA UNK X 34 17.25 109.67 -50.56
C UNK X 34 17.47 110.69 -49.45
N UNK X 35 17.19 111.96 -49.79
CA UNK X 35 17.34 113.03 -48.83
C UNK X 35 16.23 112.97 -47.78
N UNK X 36 16.52 113.52 -46.60
CA UNK X 36 15.59 113.49 -45.49
C UNK X 36 14.47 114.51 -45.71
N UNK X 37 13.23 114.06 -45.57
CA UNK X 37 12.06 114.91 -45.72
C UNK X 37 11.03 114.53 -44.65
N UNK X 38 9.85 115.15 -44.75
CA UNK X 38 8.69 114.94 -43.87
C UNK X 38 9.00 115.10 -42.38
N UNK X 39 12.29 93.55 -51.53
CA UNK X 39 13.52 93.16 -52.19
C UNK X 39 14.19 94.37 -52.83
N UNK X 40 13.39 95.21 -53.47
CA UNK X 40 13.92 96.41 -54.11
C UNK X 40 14.34 97.45 -53.09
N UNK X 41 13.63 97.52 -51.96
CA UNK X 41 13.93 98.49 -50.92
C UNK X 41 13.95 97.79 -49.57
N UNK X 42 14.85 98.24 -48.70
CA UNK X 42 14.93 97.69 -47.36
C UNK X 42 13.75 98.16 -46.51
N UNK X 43 13.17 97.23 -45.74
CA UNK X 43 12.16 97.60 -44.78
C UNK X 43 12.71 98.43 -43.64
N UNK X 44 13.99 98.24 -43.31
CA UNK X 44 14.68 99.02 -42.29
C UNK X 44 15.53 100.13 -42.89
N UNK X 45 15.18 100.61 -44.09
CA UNK X 45 15.94 101.69 -44.70
C UNK X 45 15.69 103.02 -44.00
N UNK X 46 14.46 103.27 -43.59
CA UNK X 46 14.10 104.55 -42.98
C UNK X 46 14.64 104.62 -41.56
N UNK X 47 15.30 105.73 -41.24
CA UNK X 47 15.88 105.94 -39.92
C UNK X 47 15.87 107.43 -39.61
N UNK X 48 15.94 107.74 -38.32
CA UNK X 48 15.95 109.13 -37.87
C UNK X 48 17.37 109.66 -37.77
N LYS Y 24 -81.92 19.92 -112.28
CA LYS Y 24 -83.05 19.88 -111.36
C LYS Y 24 -82.73 20.62 -110.06
N PHE Y 25 -81.44 20.79 -109.78
CA PHE Y 25 -81.01 21.47 -108.57
C PHE Y 25 -79.71 22.23 -108.83
N LYS Y 26 -79.65 23.46 -108.33
CA LYS Y 26 -78.43 24.23 -108.28
C LYS Y 26 -77.89 24.18 -106.85
N LYS Y 27 -76.67 23.78 -106.71
CA LYS Y 27 -76.19 23.65 -105.35
C LYS Y 27 -75.68 25.00 -104.83
N PRO Y 28 -75.77 25.24 -103.52
CA PRO Y 28 -75.11 26.40 -102.93
C PRO Y 28 -73.61 26.21 -102.91
N PRO Y 29 -72.84 27.30 -102.82
CA PRO Y 29 -71.38 27.17 -102.71
C PRO Y 29 -70.96 26.45 -101.44
N ILE Y 30 -69.92 25.63 -101.57
CA ILE Y 30 -69.51 24.75 -100.48
C ILE Y 30 -68.84 25.55 -99.37
N ASN Y 31 -67.85 26.36 -99.72
CA ASN Y 31 -67.19 27.20 -98.74
C ASN Y 31 -67.83 28.59 -98.69
N ASN Y 32 -69.13 28.62 -98.50
CA ASN Y 32 -69.84 29.89 -98.47
C ASN Y 32 -69.62 30.57 -97.12
N PRO Y 33 -69.25 31.83 -97.10
CA PRO Y 33 -69.28 32.60 -95.84
C PRO Y 33 -70.70 32.87 -95.39
N SER Y 34 -71.38 31.86 -94.84
CA SER Y 34 -72.77 32.00 -94.48
C SER Y 34 -72.98 32.83 -93.21
N ASP Y 35 -71.96 32.92 -92.35
CA ASP Y 35 -72.09 33.59 -91.08
C ASP Y 35 -71.61 35.03 -91.21
N ASP Y 36 -72.18 35.90 -90.38
CA ASP Y 36 -71.84 37.32 -90.41
C ASP Y 36 -70.40 37.56 -89.99
N ALA Y 37 -69.92 36.79 -89.01
CA ALA Y 37 -68.52 36.89 -88.61
C ALA Y 37 -67.60 36.45 -89.73
N THR Y 38 -67.99 35.42 -90.47
CA THR Y 38 -67.23 35.00 -91.65
C THR Y 38 -67.27 36.06 -92.73
N ILE Y 39 -68.41 36.74 -92.87
CA ILE Y 39 -68.56 37.80 -93.87
C ILE Y 39 -67.63 38.96 -93.55
N LYS Y 40 -67.60 39.37 -92.28
CA LYS Y 40 -66.71 40.44 -91.86
C LYS Y 40 -65.25 40.00 -91.91
N LEU Y 41 -65.00 38.70 -91.68
CA LEU Y 41 -63.66 38.16 -91.79
C LEU Y 41 -63.12 38.28 -93.19
N ALA Y 42 -63.90 37.84 -94.18
CA ALA Y 42 -63.47 37.92 -95.56
C ALA Y 42 -63.46 39.36 -96.05
N GLU Y 43 -64.33 40.20 -95.50
CA GLU Y 43 -64.30 41.64 -95.77
C GLU Y 43 -62.97 42.25 -95.35
N ALA Y 44 -62.55 41.95 -94.12
CA ALA Y 44 -61.27 42.44 -93.62
C ALA Y 44 -60.12 41.86 -94.41
N ALA Y 45 -60.24 40.60 -94.84
CA ALA Y 45 -59.21 39.98 -95.66
C ALA Y 45 -59.04 40.69 -96.99
N VAL Y 46 -60.17 41.02 -97.64
CA VAL Y 46 -60.13 41.73 -98.91
C VAL Y 46 -59.53 43.12 -98.74
N SER Y 47 -59.93 43.81 -97.67
CA SER Y 47 -59.42 45.15 -97.40
C SER Y 47 -57.93 45.15 -97.12
N VAL Y 48 -57.46 44.19 -96.33
CA VAL Y 48 -56.05 44.17 -95.99
C VAL Y 48 -55.21 43.69 -97.16
N SER Y 49 -55.78 42.85 -98.03
CA SER Y 49 -55.08 42.46 -99.25
C SER Y 49 -54.95 43.65 -100.19
N ASP Y 50 -56.00 44.46 -100.29
CA ASP Y 50 -55.93 45.66 -101.12
C ASP Y 50 -54.93 46.66 -100.55
N SER Y 51 -54.89 46.78 -99.22
CA SER Y 51 -53.94 47.69 -98.58
C SER Y 51 -52.50 47.25 -98.81
N MET Y 52 -52.26 45.94 -98.72
CA MET Y 52 -50.92 45.42 -99.02
C MET Y 52 -50.56 45.60 -100.48
N LEU Y 53 -51.56 45.44 -101.37
CA LEU Y 53 -51.33 45.62 -102.80
C LEU Y 53 -50.93 47.05 -103.12
N GLU Y 54 -51.65 48.02 -102.58
CA GLU Y 54 -51.31 49.41 -102.87
C GLU Y 54 -50.04 49.83 -102.15
N MET Y 55 -49.74 49.22 -100.99
CA MET Y 55 -48.49 49.49 -100.31
C MET Y 55 -47.31 49.01 -101.13
N ALA Y 56 -47.42 47.81 -101.69
CA ALA Y 56 -46.35 47.29 -102.53
C ALA Y 56 -46.25 48.06 -103.84
N LYS Y 57 -47.39 48.51 -104.37
CA LYS Y 57 -47.39 49.29 -105.60
C LYS Y 57 -46.71 50.64 -105.40
N VAL Y 58 -46.91 51.24 -104.23
CA VAL Y 58 -46.21 52.49 -103.92
C VAL Y 58 -44.73 52.23 -103.69
N GLU Y 59 -44.42 51.22 -102.88
CA GLU Y 59 -43.04 51.04 -102.41
C GLU Y 59 -42.13 50.51 -103.49
N LYS Y 60 -42.63 49.65 -104.37
CA LYS Y 60 -41.78 49.03 -105.38
C LYS Y 60 -41.46 50.00 -106.49
N VAL Y 61 -40.19 50.03 -106.88
CA VAL Y 61 -39.74 50.82 -108.00
C VAL Y 61 -39.54 49.88 -109.17
N ILE Y 62 -39.52 50.45 -110.38
CA ILE Y 62 -39.26 49.71 -111.60
C ILE Y 62 -38.15 50.43 -112.36
N THR Y 63 -37.83 49.92 -113.55
CA THR Y 63 -36.86 50.55 -114.42
C THR Y 63 -37.40 50.56 -115.84
N PRO Y 64 -37.25 51.67 -116.56
CA PRO Y 64 -37.66 51.71 -117.96
C PRO Y 64 -36.69 50.93 -118.82
N PRO Y 65 -37.21 50.15 -119.78
CA PRO Y 65 -36.33 49.32 -120.61
C PRO Y 65 -35.58 50.08 -121.69
N SER Y 66 -35.98 51.33 -121.98
CA SER Y 66 -35.31 52.09 -123.01
C SER Y 66 -33.89 52.48 -122.60
N LYS Y 67 -33.71 52.82 -121.32
CA LYS Y 67 -32.40 53.15 -120.79
C LYS Y 67 -31.79 52.00 -120.01
N ASP Y 68 -32.39 50.81 -120.07
CA ASP Y 68 -31.87 49.67 -119.34
C ASP Y 68 -30.60 49.16 -119.99
N ASN Y 69 -29.48 49.26 -119.27
CA ASN Y 69 -28.18 48.90 -119.81
C ASN Y 69 -27.98 47.40 -119.67
N THR Y 70 -28.58 46.67 -120.61
CA THR Y 70 -28.45 45.22 -120.67
C THR Y 70 -28.00 44.84 -122.07
N LEU Y 71 -27.15 43.82 -122.15
CA LEU Y 71 -26.71 43.31 -123.45
C LEU Y 71 -27.87 42.67 -124.18
N THR Y 72 -28.11 43.13 -125.41
CA THR Y 72 -29.20 42.61 -126.21
C THR Y 72 -28.72 41.36 -126.97
N ILE Y 73 -29.52 40.91 -127.92
CA ILE Y 73 -29.18 39.73 -128.71
C ILE Y 73 -28.26 40.14 -129.85
N PRO Y 74 -27.04 39.60 -129.91
CA PRO Y 74 -26.13 39.97 -131.01
C PRO Y 74 -26.47 39.30 -132.33
N ASN Y 75 -27.40 38.33 -132.33
CA ASN Y 75 -27.88 37.51 -133.45
C ASN Y 75 -26.79 37.00 -134.39
N ALA Y 76 -25.63 36.65 -133.84
CA ALA Y 76 -24.59 36.03 -134.64
C ALA Y 76 -24.88 34.54 -134.80
N TYR Y 77 -24.34 33.97 -135.89
CA TYR Y 77 -24.71 32.60 -136.27
C TYR Y 77 -24.16 31.58 -135.28
N ASN Y 78 -22.97 31.81 -134.75
CA ASN Y 78 -22.44 30.91 -133.73
C ASN Y 78 -23.14 31.08 -132.40
N LEU Y 79 -23.81 32.21 -132.18
CA LEU Y 79 -24.49 32.45 -130.91
C LEU Y 79 -25.81 31.71 -130.81
N GLN Y 80 -26.29 31.12 -131.89
CA GLN Y 80 -27.54 30.36 -131.88
C GLN Y 80 -27.31 28.88 -131.57
N ALA Y 81 -26.07 28.49 -131.28
CA ALA Y 81 -25.76 27.10 -131.06
C ALA Y 81 -26.26 26.63 -129.69
N ARG Y 82 -26.22 25.32 -129.50
CA ARG Y 82 -26.77 24.68 -128.31
C ARG Y 82 -25.64 24.05 -127.50
N ALA Y 83 -25.62 24.31 -126.20
CA ALA Y 83 -24.60 23.76 -125.31
C ALA Y 83 -25.14 23.74 -123.88
N SER Y 84 -24.36 23.14 -122.98
CA SER Y 84 -24.62 23.12 -121.55
C SER Y 84 -23.30 23.30 -120.84
N VAL Y 85 -23.35 23.82 -119.61
CA VAL Y 85 -22.11 24.16 -118.91
C VAL Y 85 -22.36 24.16 -117.41
N ASP Y 86 -21.28 24.02 -116.65
CA ASP Y 86 -21.25 24.24 -115.21
C ASP Y 86 -19.96 24.94 -114.87
N TRP Y 87 -20.05 25.98 -114.05
CA TRP Y 87 -18.91 26.77 -113.63
C TRP Y 87 -19.29 27.52 -112.37
N SER Y 88 -18.33 27.68 -111.46
CA SER Y 88 -18.53 28.54 -110.30
C SER Y 88 -17.18 29.16 -109.95
N GLY Y 89 -16.95 30.38 -110.44
CA GLY Y 89 -15.72 31.08 -110.17
C GLY Y 89 -15.56 32.33 -111.02
N PRO Y 90 -14.31 32.67 -111.35
CA PRO Y 90 -14.05 33.85 -112.19
C PRO Y 90 -14.54 33.74 -113.63
N ILE Y 91 -14.25 34.75 -114.44
CA ILE Y 91 -15.04 34.98 -115.64
C ILE Y 91 -14.18 34.92 -116.91
N GLU Y 92 -12.90 35.27 -116.77
CA GLU Y 92 -12.07 35.59 -117.93
C GLU Y 92 -11.77 34.35 -118.78
N GLU Y 93 -11.38 33.25 -118.13
CA GLU Y 93 -11.06 32.03 -118.85
C GLU Y 93 -12.32 31.42 -119.48
N LEU Y 94 -13.45 31.53 -118.79
CA LEU Y 94 -14.71 31.06 -119.33
C LEU Y 94 -15.10 31.83 -120.58
N THR Y 95 -14.94 33.14 -120.54
CA THR Y 95 -15.24 33.96 -121.72
C THR Y 95 -14.28 33.67 -122.87
N ALA Y 96 -13.00 33.44 -122.55
CA ALA Y 96 -12.02 33.16 -123.59
C ALA Y 96 -12.31 31.84 -124.29
N ARG Y 97 -12.63 30.79 -123.53
CA ARG Y 97 -12.95 29.53 -124.18
C ARG Y 97 -14.32 29.55 -124.83
N ILE Y 98 -15.23 30.40 -124.35
CA ILE Y 98 -16.50 30.60 -125.04
C ILE Y 98 -16.27 31.23 -126.40
N ALA Y 99 -15.39 32.23 -126.47
CA ALA Y 99 -15.06 32.85 -127.75
C ALA Y 99 -14.33 31.89 -128.67
N LYS Y 100 -13.48 31.03 -128.11
CA LYS Y 100 -12.80 30.02 -128.92
C LYS Y 100 -13.79 29.01 -129.50
N ALA Y 101 -14.75 28.56 -128.68
CA ALA Y 101 -15.76 27.64 -129.17
C ALA Y 101 -16.70 28.32 -130.17
N ALA Y 102 -16.90 29.62 -130.02
CA ALA Y 102 -17.68 30.40 -130.97
C ALA Y 102 -16.86 30.85 -132.17
N HIS Y 103 -15.57 30.51 -132.20
CA HIS Y 103 -14.62 30.90 -133.24
C HIS Y 103 -14.52 32.42 -133.37
N PHE Y 104 -14.53 33.09 -132.22
CA PHE Y 104 -14.41 34.53 -132.14
C PHE Y 104 -13.10 34.91 -131.47
N ARG Y 105 -12.66 36.13 -131.73
CA ARG Y 105 -11.51 36.67 -131.02
C ARG Y 105 -11.98 37.44 -129.79
N PHE Y 106 -11.04 37.65 -128.87
CA PHE Y 106 -11.35 38.28 -127.60
C PHE Y 106 -10.34 39.37 -127.30
N ARG Y 107 -10.83 40.51 -126.80
CA ARG Y 107 -9.97 41.55 -126.27
C ARG Y 107 -10.52 42.06 -124.94
N VAL Y 108 -9.61 42.55 -124.11
CA VAL Y 108 -9.93 43.03 -122.77
C VAL Y 108 -9.47 44.47 -122.66
N LEU Y 109 -10.37 45.35 -122.26
CA LEU Y 109 -10.07 46.75 -122.01
C LEU Y 109 -10.13 46.98 -120.51
N GLY Y 110 -8.98 47.14 -119.88
CA GLY Y 110 -8.90 47.38 -118.46
C GLY Y 110 -7.91 46.45 -117.82
N LYS Y 111 -8.05 46.28 -116.51
CA LYS Y 111 -7.18 45.39 -115.75
C LYS Y 111 -7.99 44.67 -114.69
N SER Y 112 -7.56 43.46 -114.36
CA SER Y 112 -8.23 42.69 -113.32
C SER Y 112 -7.87 43.24 -111.95
N PRO Y 113 -8.80 43.23 -111.01
CA PRO Y 113 -8.49 43.64 -109.63
C PRO Y 113 -7.77 42.53 -108.88
N SER Y 114 -7.50 42.80 -107.60
CA SER Y 114 -6.87 41.79 -106.75
C SER Y 114 -7.79 40.61 -106.52
N VAL Y 115 -9.03 40.88 -106.12
CA VAL Y 115 -10.05 39.85 -105.96
C VAL Y 115 -10.79 39.71 -107.29
N PRO Y 116 -10.84 38.54 -107.88
CA PRO Y 116 -11.59 38.37 -109.13
C PRO Y 116 -13.08 38.44 -108.89
N VAL Y 117 -13.80 38.84 -109.94
CA VAL Y 117 -15.26 38.80 -109.89
C VAL Y 117 -15.71 37.37 -110.14
N LEU Y 118 -16.50 36.84 -109.23
CA LEU Y 118 -16.84 35.43 -109.22
C LEU Y 118 -18.29 35.23 -109.62
N ILE Y 119 -18.51 34.36 -110.59
CA ILE Y 119 -19.85 34.03 -111.08
C ILE Y 119 -20.06 32.53 -110.89
N SER Y 120 -21.32 32.11 -111.03
CA SER Y 120 -21.66 30.70 -110.84
C SER Y 120 -22.87 30.38 -111.71
N ILE Y 121 -22.64 29.70 -112.82
CA ILE Y 121 -23.68 29.32 -113.76
C ILE Y 121 -23.60 27.83 -113.99
N SER Y 122 -24.69 27.12 -113.73
CA SER Y 122 -24.81 25.70 -114.05
C SER Y 122 -26.11 25.53 -114.82
N THR Y 123 -26.02 25.44 -116.14
CA THR Y 123 -27.21 25.45 -116.97
C THR Y 123 -27.11 24.39 -118.05
N LYS Y 124 -28.28 24.05 -118.59
CA LYS Y 124 -28.44 22.95 -119.52
C LYS Y 124 -28.86 23.42 -120.92
N ASP Y 125 -29.90 24.23 -121.02
CA ASP Y 125 -30.46 24.54 -122.34
C ASP Y 125 -30.96 25.99 -122.36
N GLU Y 126 -30.09 26.88 -122.83
CA GLU Y 126 -30.47 28.22 -123.24
C GLU Y 126 -29.40 28.72 -124.20
N SER Y 127 -29.82 29.55 -125.15
CA SER Y 127 -28.96 29.96 -126.25
C SER Y 127 -27.79 30.79 -125.74
N LEU Y 128 -26.68 30.74 -126.48
CA LEU Y 128 -25.41 31.26 -126.01
C LEU Y 128 -25.42 32.77 -125.87
N ALA Y 129 -26.24 33.46 -126.67
CA ALA Y 129 -26.46 34.88 -126.46
C ALA Y 129 -27.11 35.14 -125.11
N GLU Y 130 -28.10 34.33 -124.73
CA GLU Y 130 -28.69 34.45 -123.40
C GLU Y 130 -27.71 34.05 -122.32
N ILE Y 131 -26.81 33.11 -122.62
CA ILE Y 131 -25.77 32.72 -121.68
C ILE Y 131 -24.85 33.91 -121.39
N LEU Y 132 -24.42 34.59 -122.45
CA LEU Y 132 -23.57 35.76 -122.28
C LEU Y 132 -24.30 36.91 -121.63
N ARG Y 133 -25.60 37.06 -121.91
CA ARG Y 133 -26.40 38.09 -121.26
C ARG Y 133 -26.51 37.82 -119.76
N ASP Y 134 -26.70 36.56 -119.38
CA ASP Y 134 -26.73 36.20 -117.97
C ASP Y 134 -25.36 36.36 -117.33
N ILE Y 135 -24.29 36.15 -118.12
CA ILE Y 135 -22.94 36.41 -117.64
C ILE Y 135 -22.78 37.88 -117.30
N ASP Y 136 -23.25 38.75 -118.20
CA ASP Y 136 -23.16 40.19 -117.96
C ASP Y 136 -24.03 40.63 -116.79
N TYR Y 137 -25.20 40.02 -116.65
CA TYR Y 137 -26.11 40.38 -115.56
C TYR Y 137 -25.56 39.93 -114.21
N GLN Y 138 -24.93 38.75 -114.16
CA GLN Y 138 -24.29 38.31 -112.93
C GLN Y 138 -23.04 39.13 -112.64
N ALA Y 139 -22.35 39.59 -113.69
CA ALA Y 139 -21.19 40.46 -113.50
C ALA Y 139 -21.60 41.80 -112.92
N GLY Y 140 -22.72 42.34 -113.38
CA GLY Y 140 -23.21 43.57 -112.80
C GLY Y 140 -22.40 44.76 -113.27
N LYS Y 141 -22.05 45.63 -112.32
CA LYS Y 141 -21.52 46.95 -112.66
C LYS Y 141 -20.07 46.90 -113.11
N LYS Y 142 -19.26 46.06 -112.49
CA LYS Y 142 -17.81 46.15 -112.64
C LYS Y 142 -17.30 45.67 -113.99
N ALA Y 143 -18.11 44.94 -114.74
CA ALA Y 143 -17.69 44.42 -116.03
C ALA Y 143 -18.76 44.71 -117.07
N SER Y 144 -18.32 44.85 -118.32
CA SER Y 144 -19.23 45.08 -119.44
C SER Y 144 -18.78 44.27 -120.64
N ILE Y 145 -19.75 43.96 -121.50
CA ILE Y 145 -19.55 43.11 -122.66
C ILE Y 145 -19.92 43.90 -123.91
N HIS Y 146 -19.03 43.94 -124.89
CA HIS Y 146 -19.35 44.48 -126.20
C HIS Y 146 -19.09 43.43 -127.27
N VAL Y 147 -20.01 43.34 -128.22
CA VAL Y 147 -19.96 42.31 -129.26
C VAL Y 147 -19.84 43.03 -130.60
N TYR Y 148 -18.85 42.64 -131.39
CA TYR Y 148 -18.72 43.17 -132.74
C TYR Y 148 -18.81 42.03 -133.74
N PRO Y 149 -19.86 41.98 -134.56
CA PRO Y 149 -20.01 40.92 -135.56
C PRO Y 149 -19.49 41.27 -136.95
N ASN Y 150 -18.96 42.47 -137.16
CA ASN Y 150 -18.27 42.76 -138.41
C ASN Y 150 -16.94 42.01 -138.47
N SER Y 151 -16.02 42.37 -137.58
CA SER Y 151 -14.87 41.54 -137.26
C SER Y 151 -15.19 40.81 -135.97
N GLN Y 152 -15.24 39.48 -136.04
CA GLN Y 152 -15.93 38.64 -135.06
C GLN Y 152 -15.17 38.66 -133.74
N VAL Y 153 -15.45 39.69 -132.94
CA VAL Y 153 -14.68 39.91 -131.73
C VAL Y 153 -15.62 40.23 -130.57
N VAL Y 154 -15.14 39.91 -129.37
CA VAL Y 154 -15.81 40.27 -128.12
C VAL Y 154 -14.85 41.13 -127.31
N GLU Y 155 -15.42 41.97 -126.46
CA GLU Y 155 -14.66 42.95 -125.70
C GLU Y 155 -15.15 42.93 -124.26
N LEU Y 156 -14.26 42.56 -123.35
CA LEU Y 156 -14.54 42.61 -121.92
C LEU Y 156 -13.97 43.89 -121.36
N ARG Y 157 -14.84 44.77 -120.87
CA ARG Y 157 -14.44 46.07 -120.38
C ARG Y 157 -14.53 46.09 -118.86
N TYR Y 158 -13.39 46.32 -118.20
CA TYR Y 158 -13.34 46.47 -116.77
C TYR Y 158 -13.85 47.85 -116.35
N ALA Y 159 -14.15 47.98 -115.07
CA ALA Y 159 -14.35 49.29 -114.47
C ALA Y 159 -13.01 49.88 -114.07
N LYS Y 160 -13.05 51.11 -113.57
CA LYS Y 160 -11.85 51.78 -113.08
C LYS Y 160 -11.36 51.14 -111.78
N ILE Z 208 -51.73 72.95 -121.88
CA ILE Z 208 -53.04 72.59 -122.42
C ILE Z 208 -52.99 71.20 -123.06
N ILE Z 209 -53.86 70.32 -122.59
CA ILE Z 209 -53.94 68.96 -123.10
C ILE Z 209 -55.28 68.79 -123.81
N TYR Z 210 -55.36 67.75 -124.65
CA TYR Z 210 -56.54 67.46 -125.43
C TYR Z 210 -57.06 66.07 -125.11
N TYR Z 211 -58.34 65.87 -125.40
CA TYR Z 211 -58.98 64.57 -125.20
C TYR Z 211 -59.91 64.28 -126.36
N ILE Z 212 -59.86 63.06 -126.86
CA ILE Z 212 -60.72 62.63 -127.95
C ILE Z 212 -62.12 62.33 -127.41
N GLN Z 213 -63.13 62.58 -128.24
CA GLN Z 213 -64.49 62.20 -127.91
C GLN Z 213 -65.04 61.13 -128.85
N ALA Z 214 -65.05 61.41 -130.15
CA ALA Z 214 -65.54 60.44 -131.13
C ALA Z 214 -64.71 60.60 -132.39
N VAL Z 215 -64.42 59.47 -133.03
CA VAL Z 215 -63.55 59.44 -134.20
C VAL Z 215 -64.19 58.55 -135.26
N ILE Z 216 -64.38 59.09 -136.45
CA ILE Z 216 -64.83 58.31 -137.60
C ILE Z 216 -63.58 57.94 -138.37
N PRO Z 217 -63.60 56.91 -139.21
CA PRO Z 217 -62.48 56.74 -140.16
C PRO Z 217 -62.37 57.92 -141.11
N GLY Z 218 -61.31 58.72 -140.93
CA GLY Z 218 -61.10 59.89 -141.74
C GLY Z 218 -60.92 61.18 -140.96
N ARG Z 219 -61.71 61.37 -139.90
CA ARG Z 219 -61.68 62.60 -139.14
C ARG Z 219 -62.23 62.34 -137.74
N ALA Z 220 -62.00 63.31 -136.85
CA ALA Z 220 -62.39 63.16 -135.46
C ALA Z 220 -62.78 64.52 -134.90
N TRP Z 221 -63.28 64.51 -133.66
CA TRP Z 221 -63.55 65.74 -132.92
C TRP Z 221 -63.11 65.56 -131.49
N LEU Z 222 -62.39 66.56 -130.97
CA LEU Z 222 -61.73 66.49 -129.68
C LEU Z 222 -62.01 67.76 -128.89
N ILE Z 223 -61.74 67.70 -127.59
CA ILE Z 223 -61.91 68.82 -126.68
C ILE Z 223 -60.56 69.12 -126.03
N GLY Z 224 -60.36 70.38 -125.66
CA GLY Z 224 -59.14 70.81 -125.02
C GLY Z 224 -59.26 70.96 -123.52
N SER Z 225 -58.16 71.43 -122.91
CA SER Z 225 -58.16 71.71 -121.48
C SER Z 225 -59.04 72.90 -121.13
N ASN Z 226 -59.12 73.88 -122.03
CA ASN Z 226 -59.93 75.06 -121.83
C ASN Z 226 -61.37 74.86 -122.28
N GLY Z 227 -61.75 73.63 -122.63
CA GLY Z 227 -63.08 73.37 -123.14
C GLY Z 227 -63.28 73.72 -124.60
N SER Z 228 -62.21 74.07 -125.31
CA SER Z 228 -62.32 74.44 -126.71
C SER Z 228 -62.55 73.21 -127.57
N THR Z 229 -63.51 73.29 -128.47
CA THR Z 229 -63.77 72.24 -129.44
C THR Z 229 -62.75 72.29 -130.56
N LEU Z 230 -62.51 71.13 -131.19
CA LEU Z 230 -61.65 71.08 -132.36
C LEU Z 230 -62.02 69.88 -133.21
N THR Z 231 -62.48 70.13 -134.44
CA THR Z 231 -62.75 69.07 -135.39
C THR Z 231 -61.58 68.97 -136.34
N VAL Z 232 -61.05 67.76 -136.50
CA VAL Z 232 -59.72 67.54 -137.05
C VAL Z 232 -59.81 66.49 -138.15
N ARG Z 233 -59.26 66.82 -139.32
CA ARG Z 233 -59.22 65.90 -140.45
C ARG Z 233 -57.99 65.00 -140.36
N GLU Z 234 -57.68 64.28 -141.43
CA GLU Z 234 -56.51 63.41 -141.43
C GLU Z 234 -55.22 64.22 -141.43
N GLY Z 235 -55.19 65.34 -142.15
CA GLY Z 235 -54.05 66.23 -142.10
C GLY Z 235 -54.44 67.64 -141.76
N SER Z 236 -54.03 68.11 -140.59
CA SER Z 236 -54.39 69.43 -140.09
C SER Z 236 -53.45 69.81 -138.96
N LYS Z 237 -53.41 71.11 -138.66
CA LYS Z 237 -52.55 71.65 -137.63
C LYS Z 237 -53.33 71.80 -136.32
N ILE Z 238 -52.79 71.26 -135.25
CA ILE Z 238 -53.30 71.46 -133.90
C ILE Z 238 -52.16 72.03 -133.07
N PRO Z 239 -52.35 73.14 -132.36
CA PRO Z 239 -51.25 73.76 -131.62
C PRO Z 239 -50.76 72.90 -130.46
N GLY Z 240 -49.48 73.05 -130.16
CA GLY Z 240 -48.80 72.24 -129.19
C GLY Z 240 -48.16 71.00 -129.76
N TYR Z 241 -48.74 70.41 -130.80
CA TYR Z 241 -48.25 69.18 -131.38
C TYR Z 241 -47.94 69.31 -132.87
N GLY Z 242 -48.77 70.03 -133.61
CA GLY Z 242 -48.49 70.29 -135.01
C GLY Z 242 -49.41 69.56 -135.98
N MET Z 243 -48.83 68.90 -136.96
CA MET Z 243 -49.58 68.22 -138.00
C MET Z 243 -49.93 66.81 -137.56
N VAL Z 244 -51.20 66.45 -137.65
CA VAL Z 244 -51.62 65.09 -137.30
C VAL Z 244 -51.15 64.14 -138.39
N LYS Z 245 -50.43 63.09 -137.98
CA LYS Z 245 -49.89 62.15 -138.95
C LYS Z 245 -50.95 61.15 -139.39
N LEU Z 246 -51.52 60.40 -138.45
CA LEU Z 246 -52.46 59.35 -138.78
C LEU Z 246 -53.42 59.15 -137.62
N ILE Z 247 -54.70 59.00 -137.93
CA ILE Z 247 -55.71 58.70 -136.93
C ILE Z 247 -55.99 57.20 -136.93
N ASP Z 248 -56.61 56.73 -135.86
CA ASP Z 248 -57.12 55.37 -135.78
C ASP Z 248 -58.54 55.42 -135.23
N SER Z 249 -59.34 54.45 -135.66
CA SER Z 249 -60.71 54.33 -135.20
C SER Z 249 -60.88 53.24 -134.15
N LEU Z 250 -60.40 52.03 -134.44
CA LEU Z 250 -60.51 50.95 -133.46
C LEU Z 250 -59.58 51.17 -132.28
N GLN Z 251 -58.37 51.62 -132.53
CA GLN Z 251 -57.52 52.11 -131.46
C GLN Z 251 -57.82 53.59 -131.24
N GLY Z 252 -57.67 54.04 -130.00
CA GLY Z 252 -57.87 55.43 -129.68
C GLY Z 252 -56.58 56.22 -129.73
N ARG Z 253 -55.57 55.66 -130.37
CA ARG Z 253 -54.28 56.32 -130.53
C ARG Z 253 -54.27 57.11 -131.83
N ILE Z 254 -53.74 58.33 -131.76
CA ILE Z 254 -53.59 59.18 -132.94
C ILE Z 254 -52.16 59.69 -132.98
N LEU Z 255 -51.67 59.95 -134.19
CA LEU Z 255 -50.27 60.29 -134.41
C LEU Z 255 -50.15 61.74 -134.87
N THR Z 256 -49.20 62.46 -134.29
CA THR Z 256 -48.98 63.87 -134.57
C THR Z 256 -47.61 64.05 -135.22
N SER Z 257 -47.29 65.31 -135.54
CA SER Z 257 -45.95 65.64 -136.01
C SER Z 257 -44.93 65.46 -134.88
N SER Z 258 -45.31 65.80 -133.66
CA SER Z 258 -44.46 65.58 -132.50
C SER Z 258 -44.55 64.15 -131.98
N GLY Z 259 -45.41 63.32 -132.56
CA GLY Z 259 -45.61 61.97 -132.08
C GLY Z 259 -46.43 61.87 -130.81
N GLN Z 260 -47.11 62.94 -130.42
CA GLN Z 260 -47.88 62.94 -129.18
C GLN Z 260 -49.16 62.14 -129.36
N VAL Z 261 -49.54 61.39 -128.33
CA VAL Z 261 -50.68 60.49 -128.36
C VAL Z 261 -51.77 61.03 -127.46
N ILE Z 262 -52.99 61.06 -127.95
CA ILE Z 262 -54.15 61.51 -127.19
C ILE Z 262 -55.12 60.35 -127.06
N LYS Z 263 -55.46 60.02 -125.82
CA LYS Z 263 -56.43 58.97 -125.51
C LYS Z 263 -57.68 59.62 -124.91
N PHE Z 264 -58.65 58.77 -124.55
CA PHE Z 264 -59.90 59.24 -123.97
C PHE Z 264 -59.70 59.73 -122.54
N SER Z 265 -60.77 60.29 -121.99
CA SER Z 265 -60.77 60.79 -120.63
C SER Z 265 -60.82 59.64 -119.63
N GLN Z 266 -60.62 59.99 -118.36
CA GLN Z 266 -60.61 59.00 -117.29
C GLN Z 266 -61.88 59.06 -116.48
N GLY AA 26 -67.32 8.44 -72.22
CA GLY AA 26 -66.56 9.42 -72.97
C GLY AA 26 -66.37 10.71 -72.19
N ASP AA 27 -65.36 11.49 -72.59
CA ASP AA 27 -65.05 12.74 -71.91
C ASP AA 27 -65.31 13.97 -72.76
N THR AA 28 -65.77 13.82 -74.00
CA THR AA 28 -66.13 14.95 -74.83
C THR AA 28 -67.63 15.23 -74.81
N GLY AA 29 -68.45 14.19 -74.70
CA GLY AA 29 -69.85 14.31 -74.36
C GLY AA 29 -69.99 14.05 -72.87
N SER AA 30 -69.08 14.65 -72.11
CA SER AA 30 -68.82 14.24 -70.73
C SER AA 30 -69.98 14.50 -69.80
N LEU AA 31 -70.91 15.38 -70.17
CA LEU AA 31 -72.14 15.54 -69.40
C LEU AA 31 -72.93 14.24 -69.38
N ALA AA 32 -73.20 13.66 -70.54
CA ALA AA 32 -73.87 12.37 -70.61
C ALA AA 32 -72.96 11.24 -70.13
N GLY AA 33 -71.66 11.33 -70.41
CA GLY AA 33 -70.75 10.27 -70.00
C GLY AA 33 -70.64 10.14 -68.49
N LEU AA 34 -70.50 11.26 -67.79
CA LEU AA 34 -70.46 11.21 -66.35
C LEU AA 34 -71.85 11.08 -65.73
N GLN AA 35 -72.92 11.43 -66.46
CA GLN AA 35 -74.26 11.07 -66.02
C GLN AA 35 -74.44 9.55 -66.00
N ALA AA 36 -73.85 8.86 -66.98
CA ALA AA 36 -73.81 7.40 -66.92
C ALA AA 36 -72.87 6.90 -65.84
N MET AA 37 -71.72 7.56 -65.67
CA MET AA 37 -70.70 7.12 -64.73
C MET AA 37 -71.11 7.27 -63.28
N ALA AA 38 -72.00 8.23 -62.96
CA ALA AA 38 -72.46 8.41 -61.59
C ALA AA 38 -73.31 7.24 -61.12
N ASP AA 39 -73.92 6.49 -62.03
CA ASP AA 39 -74.53 5.23 -61.68
C ASP AA 39 -73.46 4.23 -61.29
N SER AA 40 -73.81 3.34 -60.35
CA SER AA 40 -72.86 2.38 -59.82
C SER AA 40 -72.71 1.15 -60.71
N LYS AA 41 -73.50 1.02 -61.78
CA LYS AA 41 -73.37 -0.14 -62.64
C LYS AA 41 -72.13 -0.06 -63.53
N TYR AA 42 -71.73 1.14 -63.94
CA TYR AA 42 -70.48 1.26 -64.69
C TYR AA 42 -69.27 1.08 -63.80
N THR AA 43 -69.42 1.29 -62.48
CA THR AA 43 -68.33 0.95 -61.56
C THR AA 43 -68.07 -0.55 -61.53
N ARG AA 44 -69.12 -1.36 -61.47
CA ARG AA 44 -68.92 -2.80 -61.53
C ARG AA 44 -68.62 -3.30 -62.93
N ALA AA 45 -68.95 -2.51 -63.96
CA ALA AA 45 -68.43 -2.79 -65.29
C ALA AA 45 -66.95 -2.45 -65.37
N GLN AA 46 -66.49 -1.48 -64.58
CA GLN AA 46 -65.08 -1.14 -64.53
C GLN AA 46 -64.28 -2.17 -63.74
N LYS AA 47 -64.87 -2.72 -62.67
CA LYS AA 47 -64.12 -3.59 -61.78
C LYS AA 47 -63.87 -4.97 -62.38
N LYS AA 48 -64.74 -5.42 -63.29
CA LYS AA 48 -64.51 -6.71 -63.92
C LYS AA 48 -63.39 -6.65 -64.94
N GLN AA 49 -63.19 -5.50 -65.58
CA GLN AA 49 -62.11 -5.31 -66.54
C GLN AA 49 -60.86 -4.70 -65.91
N LYS AA 50 -60.95 -4.27 -64.64
CA LYS AA 50 -59.78 -3.74 -63.95
C LYS AA 50 -58.71 -4.80 -63.74
N MET AA 51 -59.12 -6.05 -63.50
CA MET AA 51 -58.14 -7.12 -63.40
C MET AA 51 -57.55 -7.46 -64.76
N GLY AA 52 -58.34 -7.29 -65.82
CA GLY AA 52 -57.81 -7.48 -67.16
C GLY AA 52 -56.78 -6.43 -67.54
N LYS AA 53 -57.03 -5.18 -67.16
CA LYS AA 53 -56.12 -4.10 -67.54
C LYS AA 53 -55.00 -3.87 -66.53
N ILE AA 54 -54.90 -4.70 -65.49
CA ILE AA 54 -53.75 -4.67 -64.61
C ILE AA 54 -52.79 -5.83 -64.90
N ARG AA 55 -53.16 -6.72 -65.81
CA ARG AA 55 -52.44 -7.96 -66.03
C ARG AA 55 -51.87 -8.10 -67.44
N GLU AA 56 -52.47 -7.45 -68.43
CA GLU AA 56 -52.21 -7.73 -69.84
C GLU AA 56 -50.83 -7.28 -70.31
N MET AA 57 -50.16 -6.40 -69.57
CA MET AA 57 -49.00 -5.71 -70.11
C MET AA 57 -47.78 -6.61 -70.25
N ALA AA 58 -47.76 -7.76 -69.58
CA ALA AA 58 -46.65 -8.69 -69.75
C ALA AA 58 -46.69 -9.38 -71.11
N LEU AA 59 -47.88 -9.58 -71.66
CA LEU AA 59 -48.01 -10.34 -72.90
C LEU AA 59 -47.57 -9.52 -74.10
N LYS AA 60 -47.88 -8.21 -74.10
CA LYS AA 60 -47.70 -7.41 -75.30
C LYS AA 60 -46.23 -7.14 -75.58
N GLU AA 61 -45.43 -6.93 -74.53
CA GLU AA 61 -43.99 -6.74 -74.72
C GLU AA 61 -43.34 -7.99 -75.27
N THR AA 62 -43.74 -9.15 -74.77
CA THR AA 62 -43.19 -10.42 -75.24
C THR AA 62 -43.57 -10.69 -76.69
N ALA AA 63 -44.85 -10.46 -77.03
CA ALA AA 63 -45.30 -10.68 -78.40
C ALA AA 63 -44.63 -9.69 -79.36
N LEU AA 64 -44.49 -8.44 -78.94
CA LEU AA 64 -43.81 -7.43 -79.73
C LEU AA 64 -42.35 -7.78 -79.95
N SER AA 65 -41.68 -8.29 -78.91
CA SER AA 65 -40.27 -8.63 -79.02
C SER AA 65 -40.04 -9.81 -79.94
N VAL AA 66 -40.86 -10.87 -79.80
CA VAL AA 66 -40.66 -12.04 -80.64
C VAL AA 66 -41.06 -11.74 -82.08
N GLY AA 67 -42.05 -10.86 -82.28
CA GLY AA 67 -42.39 -10.43 -83.62
C GLY AA 67 -41.28 -9.63 -84.27
N ALA AA 68 -40.64 -8.75 -83.49
CA ALA AA 68 -39.51 -7.97 -84.01
C ALA AA 68 -38.35 -8.87 -84.40
N GLN AA 69 -38.03 -9.85 -83.54
CA GLN AA 69 -36.92 -10.76 -83.83
C GLN AA 69 -37.19 -11.60 -85.06
N ALA AA 70 -38.38 -12.21 -85.14
CA ALA AA 70 -38.71 -13.07 -86.26
C ALA AA 70 -38.82 -12.28 -87.57
N GLY AA 71 -39.42 -11.09 -87.52
CA GLY AA 71 -39.54 -10.29 -88.71
C GLY AA 71 -38.21 -9.79 -89.22
N LEU AA 72 -37.31 -9.38 -88.31
CA LEU AA 72 -36.00 -8.93 -88.72
C LEU AA 72 -35.18 -10.05 -89.33
N ALA AA 73 -35.21 -11.25 -88.71
CA ALA AA 73 -34.47 -12.38 -89.26
C ALA AA 73 -35.02 -12.82 -90.62
N TRP AA 74 -36.35 -12.89 -90.74
CA TRP AA 74 -36.97 -13.31 -91.98
C TRP AA 74 -36.71 -12.32 -93.10
N ARG AA 75 -36.82 -11.02 -92.82
CA ARG AA 75 -36.57 -10.02 -93.84
C ARG AA 75 -35.10 -9.96 -94.22
N ALA AA 76 -34.20 -10.24 -93.27
CA ALA AA 76 -32.79 -10.34 -93.61
C ALA AA 76 -32.52 -11.50 -94.56
N LYS AA 77 -33.16 -12.65 -94.31
CA LYS AA 77 -33.04 -13.78 -95.21
C LYS AA 77 -33.56 -13.46 -96.61
N ILE AA 78 -34.73 -12.81 -96.66
CA ILE AA 78 -35.35 -12.46 -97.94
C ILE AA 78 -34.49 -11.46 -98.71
N ILE AA 79 -33.94 -10.46 -98.00
CA ILE AA 79 -33.16 -9.44 -98.69
C ILE AA 79 -31.81 -9.97 -99.12
N ASP AA 80 -31.26 -10.96 -98.41
CA ASP AA 80 -30.01 -11.55 -98.87
C ASP AA 80 -30.24 -12.39 -100.12
N GLU AA 81 -31.35 -13.13 -100.16
CA GLU AA 81 -31.70 -13.88 -101.37
C GLU AA 81 -31.95 -12.95 -102.55
N GLN AA 82 -32.68 -11.86 -102.31
CA GLN AA 82 -33.00 -10.91 -103.39
C GLN AA 82 -31.76 -10.18 -103.88
N LEU AA 83 -30.84 -9.87 -102.97
CA LEU AA 83 -29.60 -9.23 -103.37
C LEU AA 83 -28.71 -10.18 -104.16
N ASN AA 84 -28.63 -11.44 -103.74
CA ASN AA 84 -27.82 -12.40 -104.47
C ASN AA 84 -28.46 -12.84 -105.79
N LYS AA 85 -29.75 -12.54 -105.98
CA LYS AA 85 -30.43 -12.87 -107.23
C LYS AA 85 -29.83 -12.13 -108.42
N GLN AA 86 -29.30 -10.93 -108.22
CA GLN AA 86 -28.78 -10.12 -109.32
C GLN AA 86 -27.36 -9.67 -109.00
N ALA AA 87 -26.55 -10.61 -108.53
CA ALA AA 87 -25.21 -10.27 -108.05
C ALA AA 87 -24.27 -9.86 -109.18
N ARG AA 88 -24.57 -10.23 -110.42
CA ARG AA 88 -23.71 -9.83 -111.54
C ARG AA 88 -23.80 -8.33 -111.82
N ASN AA 89 -25.00 -7.76 -111.66
CA ASN AA 89 -25.22 -6.38 -112.05
C ASN AA 89 -24.61 -5.39 -111.08
N LEU AA 90 -24.47 -5.76 -109.81
CA LEU AA 90 -23.83 -4.88 -108.84
C LEU AA 90 -22.35 -4.72 -109.14
N ASP AA 91 -21.67 -5.82 -109.44
CA ASP AA 91 -20.29 -5.73 -109.89
C ASP AA 91 -20.19 -5.13 -111.28
N ALA AA 92 -21.24 -5.23 -112.08
CA ALA AA 92 -21.27 -4.53 -113.35
C ALA AA 92 -21.30 -3.02 -113.17
N ILE AA 93 -22.13 -2.54 -112.23
CA ILE AA 93 -22.26 -1.09 -112.09
C ILE AA 93 -21.09 -0.51 -111.32
N TYR AA 94 -20.56 -1.23 -110.34
CA TYR AA 94 -19.53 -0.66 -109.48
C TYR AA 94 -18.16 -1.24 -109.86
N ASP AA 95 -17.61 -0.71 -110.95
CA ASP AA 95 -16.24 -1.10 -111.32
C ASP AA 95 -15.29 -0.22 -110.53
N PHE AA 96 -14.89 -0.72 -109.37
CA PHE AA 96 -13.83 -0.08 -108.61
C PHE AA 96 -12.49 -0.21 -109.34
N ASN AA 97 -12.26 -1.35 -109.97
CA ASN AA 97 -10.96 -1.68 -110.54
C ASN AA 97 -10.60 -0.77 -111.70
N SER AA 98 -11.58 -0.35 -112.49
CA SER AA 98 -11.33 0.66 -113.50
C SER AA 98 -11.05 2.02 -112.89
N LEU AA 99 -11.57 2.28 -111.71
CA LEU AA 99 -11.35 3.56 -111.05
C LEU AA 99 -10.06 3.60 -110.25
N VAL AA 100 -9.39 2.45 -110.08
CA VAL AA 100 -8.12 2.41 -109.39
C VAL AA 100 -7.08 3.17 -110.20
N LEU AA 101 -6.36 4.07 -109.54
CA LEU AA 101 -5.30 4.80 -110.21
C LEU AA 101 -4.09 3.90 -110.45
N GLU AA 102 -3.22 4.34 -111.36
CA GLU AA 102 -2.20 3.49 -111.98
C GLU AA 102 -1.11 3.03 -111.04
N HIS AA 103 -0.97 3.62 -109.85
CA HIS AA 103 -0.01 3.14 -108.87
C HIS AA 103 -0.69 2.31 -107.79
N ASN AA 104 -1.75 1.60 -108.18
CA ASN AA 104 -2.55 0.73 -107.31
C ASN AA 104 -3.08 1.50 -106.10
N ILE AA 105 -3.53 2.71 -106.34
CA ILE AA 105 -3.90 3.65 -105.30
C ILE AA 105 -5.34 4.07 -105.50
N LEU AA 106 -6.15 3.96 -104.45
CA LEU AA 106 -7.52 4.40 -104.51
C LEU AA 106 -7.57 5.92 -104.64
N PRO AA 107 -8.45 6.45 -105.50
CA PRO AA 107 -8.65 7.90 -105.53
C PRO AA 107 -9.27 8.38 -104.24
N PRO AA 108 -8.93 9.58 -103.79
CA PRO AA 108 -9.46 10.10 -102.53
C PRO AA 108 -10.90 10.56 -102.70
N VAL AA 109 -11.51 10.95 -101.58
CA VAL AA 109 -12.94 11.23 -101.50
C VAL AA 109 -13.15 12.73 -101.35
N LEU AA 110 -13.97 13.30 -102.22
CA LEU AA 110 -14.31 14.71 -102.17
C LEU AA 110 -15.81 14.87 -101.98
N LEU AA 111 -16.19 15.98 -101.35
CA LEU AA 111 -17.58 16.30 -101.13
C LEU AA 111 -17.85 17.73 -101.57
N GLU AA 112 -18.93 17.90 -102.31
CA GLU AA 112 -19.36 19.21 -102.79
C GLU AA 112 -20.52 19.71 -101.94
N GLY AA 113 -20.71 21.01 -101.96
CA GLY AA 113 -21.87 21.61 -101.32
C GLY AA 113 -22.24 22.92 -102.01
N ARG AA 114 -23.52 23.18 -102.18
CA ARG AA 114 -23.98 24.38 -102.88
C ARG AA 114 -24.85 25.23 -101.95
N ASN AA 115 -24.72 26.55 -102.12
CA ASN AA 115 -25.56 27.56 -101.49
C ASN AA 115 -25.46 27.49 -99.96
N THR AA 116 -24.26 27.78 -99.47
CA THR AA 116 -24.00 27.71 -98.05
C THR AA 116 -24.52 28.94 -97.34
N LEU AA 117 -25.16 28.74 -96.19
CA LEU AA 117 -25.55 29.85 -95.35
C LEU AA 117 -25.54 29.41 -93.90
N ASN AA 118 -25.35 30.39 -93.01
CA ASN AA 118 -25.49 30.17 -91.58
C ASN AA 118 -25.84 31.47 -90.91
N LEU AA 119 -26.92 31.45 -90.13
CA LEU AA 119 -27.24 32.50 -89.18
C LEU AA 119 -26.59 32.09 -87.86
N ALA AA 120 -25.41 32.64 -87.59
CA ALA AA 120 -24.69 32.24 -86.38
C ALA AA 120 -25.35 32.81 -85.14
N ASP AA 121 -25.69 34.10 -85.18
CA ASP AA 121 -26.46 34.76 -84.14
C ASP AA 121 -27.10 35.98 -84.78
N ALA AA 122 -27.62 36.89 -83.94
CA ALA AA 122 -28.07 38.17 -84.43
C ALA AA 122 -26.89 38.95 -84.99
N GLN AA 123 -27.15 39.68 -86.08
CA GLN AA 123 -26.17 40.47 -86.83
C GLN AA 123 -24.99 39.62 -87.30
N SER AA 124 -25.26 38.36 -87.65
CA SER AA 124 -24.18 37.47 -88.08
C SER AA 124 -24.76 36.46 -89.07
N ILE AA 125 -24.70 36.80 -90.35
CA ILE AA 125 -25.06 35.90 -91.43
C ILE AA 125 -23.83 35.70 -92.28
N ARG AA 126 -23.41 34.44 -92.44
CA ARG AA 126 -22.28 34.11 -93.28
C ARG AA 126 -22.73 33.18 -94.38
N ILE AA 127 -22.47 33.55 -95.62
CA ILE AA 127 -22.93 32.80 -96.78
C ILE AA 127 -21.73 32.46 -97.65
N SER AA 128 -21.92 31.46 -98.50
CA SER AA 128 -20.90 31.06 -99.47
C SER AA 128 -21.61 30.47 -100.68
N ASP AA 129 -20.93 30.57 -101.83
CA ASP AA 129 -21.51 30.05 -103.06
C ASP AA 129 -21.48 28.53 -103.07
N ARG AA 130 -20.28 27.94 -103.08
CA ARG AA 130 -20.12 26.51 -102.98
C ARG AA 130 -18.99 26.22 -102.02
N THR AA 131 -18.83 24.93 -101.71
CA THR AA 131 -17.77 24.50 -100.83
C THR AA 131 -17.37 23.08 -101.21
N TYR AA 132 -16.14 22.73 -100.85
CA TYR AA 132 -15.61 21.39 -101.12
C TYR AA 132 -14.77 20.93 -99.94
N LYS AA 133 -14.88 19.65 -99.64
CA LYS AA 133 -14.28 19.05 -98.45
C LYS AA 133 -13.59 17.74 -98.85
N VAL AA 134 -12.36 17.57 -98.41
CA VAL AA 134 -11.68 16.29 -98.52
C VAL AA 134 -12.13 15.40 -97.38
N ALA AA 135 -12.68 14.23 -97.70
CA ALA AA 135 -13.14 13.30 -96.68
C ALA AA 135 -12.06 12.29 -96.31
N LYS AA 136 -11.62 11.50 -97.28
CA LYS AA 136 -10.65 10.45 -97.04
C LYS AA 136 -9.42 10.68 -97.91
N GLN AA 137 -8.25 10.75 -97.29
CA GLN AA 137 -7.01 10.86 -98.02
C GLN AA 137 -6.73 9.57 -98.78
N ALA AA 138 -6.22 9.71 -100.00
CA ALA AA 138 -5.89 8.57 -100.84
C ALA AA 138 -4.78 7.72 -100.21
N HIS AA 139 -4.88 6.41 -100.41
CA HIS AA 139 -3.88 5.47 -99.92
C HIS AA 139 -3.85 4.27 -100.86
N PHE AA 140 -2.80 3.46 -100.68
CA PHE AA 140 -2.62 2.29 -101.52
C PHE AA 140 -3.61 1.20 -101.17
N ILE AA 141 -3.91 0.35 -102.16
CA ILE AA 141 -4.84 -0.75 -101.98
C ILE AA 141 -4.27 -1.98 -102.69
N THR AA 142 -4.32 -3.12 -102.02
CA THR AA 142 -3.95 -4.37 -102.67
C THR AA 142 -5.00 -4.77 -103.69
N THR AA 143 -6.26 -4.76 -103.30
CA THR AA 143 -7.36 -5.15 -104.17
C THR AA 143 -8.43 -4.07 -104.16
N PRO AA 144 -9.11 -3.87 -105.29
CA PRO AA 144 -10.27 -2.98 -105.29
C PRO AA 144 -11.42 -3.60 -104.51
N PRO AA 145 -12.14 -2.81 -103.73
CA PRO AA 145 -13.24 -3.36 -102.95
C PRO AA 145 -14.43 -3.70 -103.83
N THR AA 146 -15.24 -4.63 -103.34
CA THR AA 146 -16.50 -4.96 -103.98
C THR AA 146 -17.62 -4.23 -103.25
N TRP AA 147 -18.85 -4.57 -103.60
CA TRP AA 147 -20.00 -4.03 -102.88
C TRP AA 147 -20.31 -4.81 -101.62
N ARG AA 148 -19.73 -6.01 -101.48
CA ARG AA 148 -20.14 -6.93 -100.42
C ARG AA 148 -19.68 -6.50 -99.05
N GLN AA 149 -18.73 -5.57 -98.96
CA GLN AA 149 -18.38 -4.97 -97.68
C GLN AA 149 -19.28 -3.79 -97.34
N TYR AA 150 -20.30 -3.56 -98.12
CA TYR AA 150 -21.22 -2.47 -97.86
C TYR AA 150 -22.67 -2.93 -97.83
N LEU AA 151 -23.05 -3.87 -98.69
CA LEU AA 151 -24.46 -4.19 -98.88
C LEU AA 151 -24.82 -5.60 -98.45
N TRP AA 152 -23.88 -6.45 -98.10
CA TRP AA 152 -24.22 -7.81 -97.71
C TRP AA 152 -24.87 -7.80 -96.34
N MET AA 153 -26.07 -8.34 -96.25
CA MET AA 153 -26.77 -8.41 -94.99
C MET AA 153 -26.17 -9.50 -94.12
N ASP AA 154 -26.08 -9.21 -92.83
CA ASP AA 154 -25.48 -10.13 -91.87
C ASP AA 154 -26.60 -10.88 -91.16
N TYR AA 155 -26.58 -12.21 -91.24
CA TYR AA 155 -27.71 -13.00 -90.79
C TYR AA 155 -27.28 -14.39 -90.38
N VAL AA 156 -27.76 -14.83 -89.22
CA VAL AA 156 -27.72 -16.21 -88.78
C VAL AA 156 -29.12 -16.58 -88.34
N LYS AA 157 -29.65 -17.69 -88.86
CA LYS AA 157 -31.02 -18.07 -88.56
C LYS AA 157 -31.15 -18.53 -87.11
N PRO AA 158 -32.01 -17.92 -86.31
CA PRO AA 158 -32.24 -18.39 -84.94
C PRO AA 158 -33.33 -19.45 -84.90
N GLU AA 159 -33.17 -20.38 -83.98
CA GLU AA 159 -34.12 -21.48 -83.83
C GLU AA 159 -34.56 -21.65 -82.39
N ALA AA 160 -34.52 -20.59 -81.58
CA ALA AA 160 -34.78 -20.67 -80.15
C ALA AA 160 -35.90 -19.71 -79.77
N PRO AA 161 -37.15 -20.12 -79.92
CA PRO AA 161 -38.24 -19.28 -79.41
C PRO AA 161 -38.40 -19.47 -77.91
N ASN AA 162 -37.94 -18.49 -77.15
CA ASN AA 162 -37.99 -18.56 -75.69
C ASN AA 162 -39.40 -18.19 -75.24
N VAL AA 163 -40.10 -19.15 -74.63
CA VAL AA 163 -41.48 -18.96 -74.21
C VAL AA 163 -41.54 -18.96 -72.70
N THR AA 164 -42.08 -17.89 -72.13
CA THR AA 164 -42.21 -17.74 -70.69
C THR AA 164 -43.65 -17.63 -70.22
N LEU AA 165 -44.51 -16.96 -70.99
CA LEU AA 165 -45.87 -16.67 -70.58
C LEU AA 165 -46.87 -17.35 -71.50
N LEU AA 166 -48.01 -17.74 -70.94
CA LEU AA 166 -49.05 -18.42 -71.69
C LEU AA 166 -50.35 -17.63 -71.60
N PRO AA 167 -50.89 -17.14 -72.72
CA PRO AA 167 -52.21 -16.53 -72.70
C PRO AA 167 -53.29 -17.56 -72.42
N LYS AA 168 -54.35 -17.11 -71.72
CA LYS AA 168 -55.38 -17.99 -71.20
C LYS AA 168 -56.53 -18.18 -72.19
N THR AA 169 -57.20 -17.10 -72.54
CA THR AA 169 -58.38 -17.17 -73.39
C THR AA 169 -58.10 -16.58 -74.77
N LYS AA 170 -59.14 -16.58 -75.59
CA LYS AA 170 -59.01 -16.24 -77.00
C LYS AA 170 -58.72 -14.77 -77.21
N ALA AA 171 -59.20 -13.91 -76.30
CA ALA AA 171 -58.93 -12.48 -76.42
C ALA AA 171 -57.45 -12.18 -76.24
N GLU AA 172 -56.83 -12.73 -75.19
CA GLU AA 172 -55.42 -12.48 -74.99
C GLU AA 172 -54.57 -13.20 -76.03
N LYS AA 173 -55.01 -14.38 -76.50
CA LYS AA 173 -54.32 -15.04 -77.59
C LYS AA 173 -54.37 -14.22 -78.88
N GLU AA 174 -55.52 -13.61 -79.16
CA GLU AA 174 -55.68 -12.82 -80.37
C GLU AA 174 -54.87 -11.53 -80.30
N ILE AA 175 -54.86 -10.86 -79.14
CA ILE AA 175 -54.08 -9.64 -79.05
C ILE AA 175 -52.59 -9.96 -79.06
N TRP AA 176 -52.21 -11.15 -78.55
CA TRP AA 176 -50.84 -11.63 -78.69
C TRP AA 176 -50.47 -11.82 -80.14
N CYS AA 177 -51.39 -12.40 -80.93
CA CYS AA 177 -51.16 -12.59 -82.35
C CYS AA 177 -51.01 -11.27 -83.10
N ILE AA 178 -51.87 -10.29 -82.79
CA ILE AA 178 -51.82 -9.05 -83.55
C ILE AA 178 -50.62 -8.20 -83.14
N TYR AA 179 -50.17 -8.30 -81.88
CA TYR AA 179 -48.96 -7.57 -81.50
C TYR AA 179 -47.73 -8.24 -82.05
N THR AA 180 -47.78 -9.57 -82.22
CA THR AA 180 -46.74 -10.27 -82.95
C THR AA 180 -46.68 -9.81 -84.40
N GLU AA 181 -47.85 -9.60 -85.02
CA GLU AA 181 -47.91 -9.07 -86.37
C GLU AA 181 -47.31 -7.67 -86.45
N ARG AA 182 -47.61 -6.84 -85.44
CA ARG AA 182 -47.05 -5.49 -85.38
C ARG AA 182 -45.54 -5.52 -85.30
N GLY AA 183 -45.00 -6.39 -84.44
CA GLY AA 183 -43.55 -6.54 -84.34
C GLY AA 183 -42.93 -7.09 -85.61
N TRP AA 184 -43.65 -7.97 -86.31
CA TRP AA 184 -43.20 -8.49 -87.59
C TRP AA 184 -43.03 -7.38 -88.61
N LYS AA 185 -44.02 -6.48 -88.68
CA LYS AA 185 -43.93 -5.33 -89.56
C LYS AA 185 -42.81 -4.39 -89.16
N ASN AA 186 -42.61 -4.20 -87.85
CA ASN AA 186 -41.55 -3.33 -87.36
C ASN AA 186 -40.17 -3.88 -87.69
N GLY AA 187 -40.01 -5.20 -87.60
CA GLY AA 187 -38.74 -5.80 -87.96
C GLY AA 187 -38.44 -5.69 -89.44
N ILE AA 188 -39.49 -5.84 -90.26
CA ILE AA 188 -39.32 -5.66 -91.71
C ILE AA 188 -38.89 -4.23 -92.03
N ASP AA 189 -39.55 -3.25 -91.39
CA ASP AA 189 -39.22 -1.85 -91.61
C ASP AA 189 -37.81 -1.53 -91.13
N GLN AA 190 -37.39 -2.11 -90.01
CA GLN AA 190 -36.06 -1.88 -89.48
C GLN AA 190 -34.99 -2.43 -90.42
N ALA AA 191 -35.23 -3.62 -90.99
CA ALA AA 191 -34.29 -4.18 -91.94
C ALA AA 191 -34.20 -3.33 -93.20
N ASN AA 192 -35.33 -2.79 -93.65
CA ASN AA 192 -35.31 -1.91 -94.81
C ASN AA 192 -34.55 -0.63 -94.53
N THR AA 193 -34.67 -0.10 -93.30
CA THR AA 193 -33.93 1.10 -92.93
C THR AA 193 -32.42 0.83 -92.89
N ILE AA 194 -32.05 -0.36 -92.40
CA ILE AA 194 -30.65 -0.76 -92.39
C ILE AA 194 -30.09 -0.82 -93.81
N LEU AA 195 -30.86 -1.42 -94.72
CA LEU AA 195 -30.49 -1.48 -96.13
C LEU AA 195 -30.35 -0.09 -96.73
N GLU AA 196 -31.26 0.82 -96.36
CA GLU AA 196 -31.22 2.18 -96.87
C GLU AA 196 -29.96 2.90 -96.42
N GLU AA 197 -29.57 2.72 -95.16
CA GLU AA 197 -28.34 3.34 -94.67
C GLU AA 197 -27.11 2.79 -95.38
N ASN AA 198 -27.10 1.48 -95.64
CA ASN AA 198 -25.97 0.86 -96.34
C ASN AA 198 -25.83 1.40 -97.76
N ILE AA 199 -26.95 1.47 -98.49
CA ILE AA 199 -26.88 1.88 -99.88
C ILE AA 199 -26.57 3.37 -99.99
N ALA AA 200 -27.04 4.17 -99.01
CA ALA AA 200 -26.69 5.59 -99.00
C ALA AA 200 -25.21 5.78 -98.74
N ARG AA 201 -24.63 4.96 -97.85
CA ARG AA 201 -23.21 5.04 -97.56
C ARG AA 201 -22.37 4.73 -98.79
N ILE AA 202 -22.73 3.65 -99.51
CA ILE AA 202 -21.90 3.27 -100.65
C ILE AA 202 -22.13 4.23 -101.83
N LYS AA 203 -23.32 4.82 -101.91
CA LYS AA 203 -23.58 5.86 -102.90
C LYS AA 203 -22.72 7.08 -102.64
N GLU AA 204 -22.55 7.43 -101.35
CA GLU AA 204 -21.69 8.55 -100.98
C GLU AA 204 -20.23 8.26 -101.34
N ASP AA 205 -19.79 7.01 -101.12
CA ASP AA 205 -18.42 6.64 -101.48
C ASP AA 205 -18.17 6.76 -102.97
N PHE AA 206 -19.10 6.24 -103.78
CA PHE AA 206 -18.95 6.29 -105.22
C PHE AA 206 -19.03 7.72 -105.74
N GLY AA 207 -19.88 8.55 -105.11
CA GLY AA 207 -19.95 9.94 -105.47
C GLY AA 207 -18.67 10.69 -105.16
N GLY AA 208 -18.02 10.35 -104.04
CA GLY AA 208 -16.74 10.96 -103.73
C GLY AA 208 -15.66 10.60 -104.73
N MET AA 209 -15.63 9.33 -105.14
CA MET AA 209 -14.65 8.91 -106.15
C MET AA 209 -14.88 9.59 -107.49
N ILE AA 210 -16.14 9.67 -107.92
CA ILE AA 210 -16.41 10.26 -109.22
C ILE AA 210 -16.26 11.77 -109.15
N LEU AA 211 -16.42 12.37 -107.98
CA LEU AA 211 -16.17 13.80 -107.84
C LEU AA 211 -14.68 14.10 -107.89
N TYR AA 212 -13.85 13.20 -107.35
CA TYR AA 212 -12.41 13.37 -107.49
C TYR AA 212 -11.98 13.27 -108.94
N ARG AA 213 -12.55 12.32 -109.68
CA ARG AA 213 -12.23 12.21 -111.10
C ARG AA 213 -12.70 13.44 -111.87
N LYS AA 214 -13.86 13.98 -111.50
CA LYS AA 214 -14.37 15.20 -112.11
C LYS AA 214 -13.46 16.39 -111.85
N LEU AA 215 -12.99 16.55 -110.63
CA LEU AA 215 -12.14 17.69 -110.33
C LEU AA 215 -10.74 17.53 -110.90
N LEU AA 216 -10.25 16.29 -111.00
CA LEU AA 216 -8.96 16.06 -111.62
C LEU AA 216 -9.02 16.35 -113.11
N ALA AA 217 -10.15 16.06 -113.76
CA ALA AA 217 -10.36 16.55 -115.11
C ALA AA 217 -10.48 18.08 -115.12
N MET AA 218 -11.09 18.65 -114.08
CA MET AA 218 -11.34 20.07 -114.03
C MET AA 218 -10.08 20.89 -113.81
N ASN AA 219 -9.00 20.24 -113.37
CA ASN AA 219 -7.71 20.87 -113.02
C ASN AA 219 -7.91 21.91 -111.92
N MET AA 220 -8.44 21.44 -110.80
CA MET AA 220 -8.48 22.21 -109.57
C MET AA 220 -7.88 21.46 -108.39
N VAL AA 221 -7.50 20.21 -108.55
CA VAL AA 221 -6.88 19.42 -107.50
C VAL AA 221 -5.53 18.91 -107.99
N SER AA 222 -4.56 18.88 -107.10
CA SER AA 222 -3.25 18.35 -107.46
C SER AA 222 -3.31 16.83 -107.56
N PRO AA 223 -2.67 16.24 -108.57
CA PRO AA 223 -2.55 14.78 -108.60
C PRO AA 223 -1.59 14.31 -107.53
N PRO AA 224 -1.75 13.08 -107.03
CA PRO AA 224 -0.75 12.54 -106.13
C PRO AA 224 0.56 12.26 -106.86
N TYR AA 225 1.65 12.40 -106.14
CA TYR AA 225 2.98 12.16 -106.71
C TYR AA 225 3.75 11.19 -105.84
N VAL AA 226 4.53 10.34 -106.52
CA VAL AA 226 5.09 9.13 -105.94
C VAL AA 226 6.58 9.08 -106.22
N SER AA 227 7.39 8.86 -105.18
CA SER AA 227 8.81 8.59 -105.32
C SER AA 227 9.07 7.10 -105.41
N HIS AA 228 10.11 6.75 -106.16
CA HIS AA 228 10.54 5.37 -106.27
C HIS AA 228 12.06 5.30 -106.24
N THR AA 229 12.57 4.23 -105.63
CA THR AA 229 14.00 3.96 -105.58
C THR AA 229 14.23 2.48 -105.86
N ASP AA 230 15.18 2.19 -106.73
CA ASP AA 230 15.50 0.82 -107.09
C ASP AA 230 16.91 0.48 -106.63
N LEU AA 231 17.03 -0.63 -105.92
CA LEU AA 231 18.31 -1.14 -105.45
C LEU AA 231 18.50 -2.56 -105.98
N GLY AA 232 19.76 -2.94 -106.14
CA GLY AA 232 20.07 -4.24 -106.69
C GLY AA 232 20.19 -5.30 -105.63
N VAL AA 233 21.37 -5.90 -105.50
CA VAL AA 233 21.54 -6.99 -104.55
C VAL AA 233 21.63 -6.41 -103.14
N THR AA 234 21.16 -7.20 -102.17
CA THR AA 234 21.19 -6.81 -100.77
C THR AA 234 21.22 -8.05 -99.90
N GLY AA 235 21.70 -7.88 -98.68
CA GLY AA 235 21.73 -8.94 -97.69
C GLY AA 235 23.09 -9.62 -97.60
N ASP AA 236 23.15 -10.58 -96.69
CA ASP AA 236 24.38 -11.29 -96.39
C ASP AA 236 24.56 -12.45 -97.36
N GLY AA 237 25.50 -13.34 -97.06
CA GLY AA 237 25.69 -14.55 -97.84
C GLY AA 237 24.64 -15.63 -97.65
N SER AA 238 23.65 -15.39 -96.79
CA SER AA 238 22.52 -16.29 -96.61
C SER AA 238 21.23 -15.76 -97.20
N GLU AA 239 20.96 -14.47 -97.04
CA GLU AA 239 19.73 -13.86 -97.51
C GLU AA 239 20.04 -12.90 -98.64
N ILE AA 240 19.35 -13.07 -99.77
CA ILE AA 240 19.51 -12.14 -100.88
C ILE AA 240 18.16 -11.82 -101.47
N HIS AA 241 17.95 -10.54 -101.75
CA HIS AA 241 16.84 -10.06 -102.56
C HIS AA 241 17.45 -9.51 -103.84
N ILE AA 242 16.96 -9.99 -104.98
CA ILE AA 242 17.67 -9.79 -106.24
C ILE AA 242 17.55 -8.36 -106.72
N ASP AA 243 16.31 -7.89 -106.91
CA ASP AA 243 16.07 -6.54 -107.39
C ASP AA 243 14.91 -5.98 -106.58
N ASP AA 244 15.19 -4.97 -105.76
CA ASP AA 244 14.21 -4.41 -104.83
C ASP AA 244 13.85 -3.00 -105.25
N ARG AA 245 12.58 -2.65 -105.09
CA ARG AA 245 12.10 -1.30 -105.35
C ARG AA 245 11.23 -0.84 -104.18
N VAL AA 246 11.45 0.41 -103.79
CA VAL AA 246 10.72 1.04 -102.69
C VAL AA 246 9.98 2.24 -103.27
N LEU AA 247 8.66 2.25 -103.13
CA LEU AA 247 7.82 3.28 -103.72
C LEU AA 247 6.92 3.86 -102.65
N ARG AA 248 6.95 5.18 -102.52
CA ARG AA 248 6.18 5.89 -101.50
C ARG AA 248 5.44 7.04 -102.16
N ILE AA 249 4.15 7.15 -101.88
CA ILE AA 249 3.41 8.34 -102.30
C ILE AA 249 3.88 9.50 -101.42
N THR AA 250 4.68 10.38 -101.98
CA THR AA 250 5.27 11.46 -101.22
C THR AA 250 4.44 12.74 -101.23
N ALA AA 251 3.68 12.99 -102.28
CA ALA AA 251 2.87 14.19 -102.39
C ALA AA 251 1.41 13.81 -102.44
N LEU AA 252 0.67 14.13 -101.38
CA LEU AA 252 -0.75 13.86 -101.35
C LEU AA 252 -1.50 14.82 -102.28
N PRO AA 253 -2.65 14.40 -102.79
CA PRO AA 253 -3.53 15.35 -103.48
C PRO AA 253 -4.03 16.41 -102.52
N GLU AA 254 -4.11 17.64 -103.01
CA GLU AA 254 -4.66 18.73 -102.20
C GLU AA 254 -5.20 19.80 -103.14
N LEU AA 255 -6.05 20.65 -102.57
CA LEU AA 255 -6.64 21.75 -103.33
C LEU AA 255 -5.61 22.83 -103.60
N ASN AA 256 -5.86 23.62 -104.63
CA ASN AA 256 -5.12 24.84 -104.90
C ASN AA 256 -6.08 26.01 -104.81
N VAL AA 257 -5.75 26.98 -103.95
CA VAL AA 257 -6.57 28.18 -103.84
C VAL AA 257 -6.31 29.16 -104.97
N ASN AA 258 -5.29 28.92 -105.78
CA ASN AA 258 -5.02 29.77 -106.93
C ASN AA 258 -6.06 29.49 -108.00
N SER AA 259 -7.13 30.27 -107.99
CA SER AA 259 -8.29 29.96 -108.82
C SER AA 259 -8.06 30.29 -110.29
N ALA AA 260 -7.09 31.14 -110.61
CA ALA AA 260 -6.87 31.57 -111.98
C ALA AA 260 -6.31 30.47 -112.87
N GLU AA 261 -5.86 29.36 -112.29
CA GLU AA 261 -5.27 28.24 -113.02
C GLU AA 261 -6.28 27.15 -113.30
N TRP AA 262 -7.54 27.52 -113.50
CA TRP AA 262 -8.62 26.56 -113.67
C TRP AA 262 -9.17 26.63 -115.07
N ARG AA 263 -9.73 25.51 -115.54
CA ARG AA 263 -10.31 25.41 -116.87
C ARG AA 263 -11.78 25.07 -116.77
N ALA AA 264 -12.59 25.72 -117.59
CA ALA AA 264 -14.02 25.48 -117.67
C ALA AA 264 -14.32 24.62 -118.89
N ALA AA 265 -15.61 24.44 -119.19
CA ALA AA 265 -16.03 23.49 -120.20
C ALA AA 265 -16.99 24.15 -121.19
N VAL AA 266 -17.46 23.34 -122.13
CA VAL AA 266 -18.44 23.72 -123.14
C VAL AA 266 -19.16 22.45 -123.55
N ALA AA 267 -20.22 22.56 -124.35
CA ALA AA 267 -20.87 21.38 -124.89
C ALA AA 267 -21.33 21.67 -126.31
N LYS AA 268 -22.06 20.72 -126.88
CA LYS AA 268 -22.59 20.84 -128.24
C LYS AA 268 -24.00 20.28 -128.32
N ILE BA 862 -35.53 8.63 -57.43
CA ILE BA 862 -36.33 9.11 -56.32
C ILE BA 862 -37.71 8.48 -56.36
N ILE BA 863 -38.09 7.78 -55.29
CA ILE BA 863 -39.39 7.12 -55.18
C ILE BA 863 -40.07 7.62 -53.92
N LYS BA 864 -41.32 8.06 -54.06
CA LYS BA 864 -42.08 8.64 -52.95
C LYS BA 864 -42.34 7.60 -51.86
N THR BA 865 -42.53 8.10 -50.64
CA THR BA 865 -42.61 7.23 -49.47
C THR BA 865 -43.97 6.54 -49.41
N GLY BA 866 -44.13 5.46 -50.17
CA GLY BA 866 -45.30 4.61 -50.04
C GLY BA 866 -46.29 4.66 -51.18
N ASP BA 867 -45.82 4.72 -52.41
CA ASP BA 867 -46.68 4.69 -53.59
C ASP BA 867 -46.92 3.23 -54.00
N ILE BA 868 -47.53 3.05 -55.16
CA ILE BA 868 -47.96 1.75 -55.65
C ILE BA 868 -47.26 1.48 -56.98
N MET BA 869 -46.66 0.30 -57.11
CA MET BA 869 -46.09 -0.19 -58.35
C MET BA 869 -46.65 -1.58 -58.62
N PHE BA 870 -46.35 -2.12 -59.79
CA PHE BA 870 -46.82 -3.44 -60.17
C PHE BA 870 -45.66 -4.26 -60.69
N ALA BA 871 -45.79 -5.58 -60.56
CA ALA BA 871 -44.81 -6.52 -61.06
C ALA BA 871 -45.53 -7.79 -61.46
N VAL BA 872 -44.81 -8.70 -62.09
CA VAL BA 872 -45.37 -9.97 -62.53
C VAL BA 872 -44.60 -11.09 -61.84
N LEU BA 873 -45.32 -11.95 -61.14
CA LEU BA 873 -44.75 -13.06 -60.40
C LEU BA 873 -44.84 -14.32 -61.25
N ASP BA 874 -43.74 -15.08 -61.30
CA ASP BA 874 -43.58 -16.14 -62.28
C ASP BA 874 -43.24 -17.49 -61.66
N THR BA 875 -42.72 -17.48 -60.43
CA THR BA 875 -42.31 -18.73 -59.79
C THR BA 875 -43.20 -19.03 -58.60
N SER BA 876 -43.77 -20.22 -58.56
CA SER BA 876 -44.69 -20.62 -57.49
C SER BA 876 -43.98 -21.42 -56.42
N VAL BA 877 -44.58 -21.42 -55.22
CA VAL BA 877 -44.06 -22.17 -54.08
C VAL BA 877 -45.23 -22.45 -53.14
N ASN BA 878 -45.23 -23.63 -52.53
CA ASN BA 878 -46.15 -23.95 -51.46
C ASN BA 878 -45.63 -23.35 -50.16
N SER BA 879 -46.55 -23.11 -49.22
CA SER BA 879 -46.14 -22.54 -47.95
C SER BA 879 -45.64 -23.64 -47.01
N ASP BA 880 -44.53 -24.27 -47.36
CA ASP BA 880 -43.96 -25.38 -46.60
C ASP BA 880 -42.56 -25.09 -46.10
N GLU BA 881 -41.66 -24.63 -46.96
CA GLU BA 881 -40.30 -24.29 -46.56
C GLU BA 881 -40.01 -22.90 -47.11
N PRO BA 882 -39.40 -22.01 -46.31
CA PRO BA 882 -39.07 -20.68 -46.83
C PRO BA 882 -37.97 -20.73 -47.87
N GLY BA 883 -38.02 -19.76 -48.79
CA GLY BA 883 -37.04 -19.69 -49.85
C GLY BA 883 -37.10 -18.40 -50.64
N PRO BA 884 -36.07 -18.17 -51.46
CA PRO BA 884 -36.07 -16.97 -52.31
C PRO BA 884 -37.08 -17.07 -53.43
N ILE BA 885 -37.76 -15.96 -53.69
CA ILE BA 885 -38.76 -15.87 -54.75
C ILE BA 885 -38.50 -14.58 -55.53
N LEU BA 886 -38.74 -14.64 -56.85
CA LEU BA 886 -38.41 -13.54 -57.75
C LEU BA 886 -39.68 -13.02 -58.42
N ALA BA 887 -39.71 -11.72 -58.67
CA ALA BA 887 -40.71 -11.06 -59.48
C ALA BA 887 -40.02 -10.01 -60.34
N THR BA 888 -40.68 -9.58 -61.40
CA THR BA 888 -40.10 -8.61 -62.33
C THR BA 888 -41.03 -7.42 -62.46
N ILE BA 889 -40.53 -6.24 -62.11
CA ILE BA 889 -41.28 -5.00 -62.32
C ILE BA 889 -41.34 -4.73 -63.81
N VAL BA 890 -42.56 -4.67 -64.34
CA VAL BA 890 -42.74 -4.56 -65.78
C VAL BA 890 -43.29 -3.19 -66.20
N THR BA 891 -43.63 -2.32 -65.24
CA THR BA 891 -44.11 -1.00 -65.58
C THR BA 891 -43.32 0.06 -64.79
N GLY BA 892 -43.75 1.32 -64.89
CA GLY BA 892 -43.08 2.37 -64.15
C GLY BA 892 -41.75 2.75 -64.77
N LYS BA 893 -41.00 3.57 -64.02
CA LYS BA 893 -39.68 4.00 -64.48
C LYS BA 893 -38.70 2.86 -64.54
N LEU BA 894 -38.76 1.96 -63.56
CA LEU BA 894 -37.87 0.80 -63.53
C LEU BA 894 -38.40 -0.26 -64.48
N LYS BA 895 -37.75 -0.40 -65.63
CA LYS BA 895 -38.16 -1.36 -66.65
C LYS BA 895 -37.10 -2.44 -66.75
N GLY BA 896 -37.54 -3.70 -66.67
CA GLY BA 896 -36.61 -4.79 -66.59
C GLY BA 896 -36.02 -5.01 -65.22
N SER BA 897 -36.41 -4.21 -64.24
CA SER BA 897 -35.94 -4.40 -62.88
C SER BA 897 -36.62 -5.59 -62.24
N LYS BA 898 -35.99 -6.19 -61.25
CA LYS BA 898 -36.55 -7.36 -60.60
C LYS BA 898 -36.36 -7.28 -59.09
N LEU BA 899 -36.99 -8.20 -58.37
CA LEU BA 899 -37.01 -8.15 -56.91
C LEU BA 899 -37.11 -9.57 -56.36
N ILE BA 900 -36.18 -9.94 -55.49
CA ILE BA 900 -36.21 -11.23 -54.82
C ILE BA 900 -36.45 -11.01 -53.34
N GLY BA 901 -37.04 -12.03 -52.70
CA GLY BA 901 -37.29 -12.02 -51.28
C GLY BA 901 -37.84 -13.34 -50.78
N SER BA 902 -38.74 -13.30 -49.81
CA SER BA 902 -39.32 -14.51 -49.24
C SER BA 902 -40.78 -14.22 -48.88
N PHE BA 903 -41.37 -15.07 -48.05
CA PHE BA 903 -42.77 -14.97 -47.66
C PHE BA 903 -42.89 -15.16 -46.15
N ASN BA 904 -44.13 -15.33 -45.70
CA ASN BA 904 -44.42 -15.54 -44.29
C ASN BA 904 -45.35 -16.74 -44.12
N LEU BA 905 -45.27 -17.34 -42.94
CA LEU BA 905 -46.17 -18.42 -42.56
C LEU BA 905 -47.07 -17.96 -41.42
N PRO BA 906 -48.32 -17.62 -41.69
CA PRO BA 906 -49.19 -17.08 -40.64
C PRO BA 906 -49.81 -18.18 -39.78
N SER BA 907 -50.33 -17.76 -38.63
CA SER BA 907 -51.06 -18.67 -37.76
C SER BA 907 -52.38 -19.12 -38.38
N ASN BA 908 -53.06 -18.22 -39.07
CA ASN BA 908 -54.26 -18.55 -39.82
C ASN BA 908 -54.05 -18.16 -41.27
N ALA BA 909 -54.52 -19.03 -42.17
CA ALA BA 909 -54.15 -18.97 -43.59
C ALA BA 909 -55.12 -18.14 -44.42
N ASP BA 910 -55.72 -17.10 -43.84
CA ASP BA 910 -56.67 -16.26 -44.57
C ASP BA 910 -55.99 -15.24 -45.47
N LYS BA 911 -54.66 -15.14 -45.43
CA LYS BA 911 -53.92 -14.26 -46.33
C LYS BA 911 -52.51 -14.79 -46.47
N MET BA 912 -51.76 -14.22 -47.42
CA MET BA 912 -50.36 -14.54 -47.63
C MET BA 912 -49.66 -13.33 -48.21
N VAL BA 913 -48.55 -12.95 -47.60
CA VAL BA 913 -47.79 -11.76 -48.00
C VAL BA 913 -46.39 -12.20 -48.39
N ILE BA 914 -45.73 -11.34 -49.16
CA ILE BA 914 -44.41 -11.64 -49.72
C ILE BA 914 -43.41 -10.65 -49.15
N THR BA 915 -42.42 -11.17 -48.42
CA THR BA 915 -41.37 -10.35 -47.85
C THR BA 915 -40.36 -10.08 -48.96
N PHE BA 916 -40.48 -8.91 -49.59
CA PHE BA 916 -39.71 -8.58 -50.78
C PHE BA 916 -38.72 -7.47 -50.44
N ASN BA 917 -37.43 -7.78 -50.50
CA ASN BA 917 -36.44 -6.84 -49.98
C ASN BA 917 -35.32 -6.51 -50.97
N THR BA 918 -34.88 -7.47 -51.76
CA THR BA 918 -33.64 -7.29 -52.53
C THR BA 918 -33.98 -6.92 -53.96
N MET BA 919 -33.74 -5.65 -54.30
CA MET BA 919 -34.17 -5.06 -55.58
C MET BA 919 -32.96 -4.90 -56.50
N SER BA 920 -33.12 -5.33 -57.75
CA SER BA 920 -32.06 -5.27 -58.76
C SER BA 920 -32.52 -4.43 -59.94
N ILE BA 921 -31.67 -3.50 -60.35
CA ILE BA 921 -31.90 -2.64 -61.51
C ILE BA 921 -30.97 -3.12 -62.62
N PRO BA 922 -31.50 -3.39 -63.84
CA PRO BA 922 -30.68 -4.05 -64.86
C PRO BA 922 -29.66 -3.13 -65.48
N GLY BA 923 -28.72 -3.70 -66.24
CA GLY BA 923 -27.68 -2.92 -66.88
C GLY BA 923 -26.54 -2.60 -65.94
N ALA BA 924 -26.82 -1.82 -64.91
CA ALA BA 924 -25.84 -1.45 -63.91
C ALA BA 924 -25.81 -2.49 -62.79
N GLU BA 925 -24.63 -2.68 -62.22
CA GLU BA 925 -24.43 -3.64 -61.13
C GLU BA 925 -24.74 -2.96 -59.80
N LYS BA 926 -26.03 -2.72 -59.57
CA LYS BA 926 -26.47 -2.08 -58.33
C LYS BA 926 -27.57 -2.93 -57.69
N THR BA 927 -27.63 -2.86 -56.37
CA THR BA 927 -28.61 -3.64 -55.60
C THR BA 927 -29.11 -2.75 -54.47
N ILE BA 928 -30.21 -2.06 -54.71
CA ILE BA 928 -30.83 -1.20 -53.70
C ILE BA 928 -31.60 -2.05 -52.71
N SER BA 929 -32.03 -1.45 -51.60
CA SER BA 929 -32.67 -2.21 -50.54
C SER BA 929 -34.00 -1.59 -50.11
N ILE BA 930 -34.86 -1.26 -51.05
CA ILE BA 930 -36.25 -0.96 -50.72
C ILE BA 930 -36.93 -2.28 -50.41
N SER BA 931 -37.44 -2.41 -49.20
CA SER BA 931 -38.11 -3.61 -48.75
C SER BA 931 -39.60 -3.35 -48.70
N ALA BA 932 -40.38 -4.21 -49.35
CA ALA BA 932 -41.80 -3.92 -49.52
C ALA BA 932 -42.56 -5.24 -49.55
N TYR BA 933 -43.89 -5.14 -49.54
CA TYR BA 933 -44.78 -6.29 -49.47
C TYR BA 933 -45.67 -6.35 -50.72
N ALA BA 934 -46.59 -7.31 -50.73
CA ALA BA 934 -47.46 -7.58 -51.87
C ALA BA 934 -48.92 -7.66 -51.45
N ILE BA 935 -49.81 -7.27 -52.36
CA ILE BA 935 -51.25 -7.37 -52.14
C ILE BA 935 -51.85 -8.12 -53.32
N ASP BA 936 -53.04 -8.68 -53.10
CA ASP BA 936 -53.76 -9.42 -54.16
C ASP BA 936 -54.27 -8.46 -55.21
N PRO BA 937 -54.13 -8.78 -56.50
CA PRO BA 937 -54.67 -7.91 -57.55
C PRO BA 937 -56.19 -7.91 -57.58
N ASN BA 938 -56.74 -6.72 -57.79
CA ASN BA 938 -58.16 -6.42 -57.92
C ASN BA 938 -59.01 -6.85 -56.72
N THR BA 939 -58.44 -6.90 -55.53
CA THR BA 939 -59.21 -7.04 -54.31
C THR BA 939 -58.78 -5.91 -53.37
N ALA BA 940 -57.60 -5.36 -53.67
CA ALA BA 940 -56.89 -4.37 -52.86
C ALA BA 940 -56.71 -4.86 -51.43
N ARG BA 941 -56.41 -6.16 -51.32
CA ARG BA 941 -56.21 -6.82 -50.05
C ARG BA 941 -54.98 -7.72 -50.15
N THR BA 942 -54.57 -8.27 -49.01
CA THR BA 942 -53.32 -9.01 -48.93
C THR BA 942 -53.51 -10.52 -48.99
N ALA BA 943 -54.68 -11.01 -49.41
CA ALA BA 943 -54.95 -12.44 -49.42
C ALA BA 943 -54.30 -13.13 -50.60
N LEU BA 944 -54.30 -14.46 -50.57
CA LEU BA 944 -53.79 -15.28 -51.66
C LEU BA 944 -54.93 -16.04 -52.32
N ALA BA 945 -54.91 -16.10 -53.64
CA ALA BA 945 -55.86 -16.92 -54.41
C ALA BA 945 -55.35 -18.36 -54.42
N SER BA 946 -55.80 -19.12 -53.43
CA SER BA 946 -55.43 -20.53 -53.30
C SER BA 946 -56.55 -21.25 -52.56
N ARG BA 947 -56.31 -22.53 -52.27
CA ARG BA 947 -57.27 -23.35 -51.53
C ARG BA 947 -56.80 -23.52 -50.09
N THR BA 948 -57.77 -23.44 -49.17
CA THR BA 948 -57.46 -23.49 -47.75
C THR BA 948 -58.01 -24.73 -47.05
N ASN BA 949 -58.70 -25.62 -47.76
CA ASN BA 949 -59.28 -26.83 -47.18
C ASN BA 949 -58.47 -28.07 -47.50
N HIS BA 950 -57.13 -27.93 -47.46
CA HIS BA 950 -56.24 -29.00 -47.90
C HIS BA 950 -56.27 -30.21 -46.98
N HIS BA 951 -56.15 -30.01 -45.68
CA HIS BA 951 -55.90 -31.10 -44.74
C HIS BA 951 -56.82 -31.01 -43.52
N TYR BA 952 -58.11 -30.81 -43.75
CA TYR BA 952 -59.09 -30.95 -42.68
C TYR BA 952 -59.73 -32.32 -42.67
N LEU BA 953 -60.32 -32.70 -43.82
CA LEU BA 953 -61.20 -33.86 -43.86
C LEU BA 953 -60.42 -35.16 -43.79
N MET BA 954 -59.15 -35.16 -44.21
CA MET BA 954 -58.33 -36.37 -44.14
C MET BA 954 -58.09 -36.79 -42.70
N ARG BA 955 -57.61 -35.87 -41.87
CA ARG BA 955 -57.38 -36.20 -40.46
C ARG BA 955 -58.70 -36.34 -39.70
N TYR BA 956 -59.75 -35.62 -40.11
CA TYR BA 956 -61.07 -35.81 -39.53
C TYR BA 956 -61.57 -37.23 -39.72
N GLY BA 957 -61.50 -37.74 -40.96
CA GLY BA 957 -61.94 -39.09 -41.24
C GLY BA 957 -61.08 -40.15 -40.60
N SER BA 958 -59.76 -39.92 -40.55
CA SER BA 958 -58.86 -40.87 -39.90
C SER BA 958 -59.16 -40.99 -38.40
N LEU BA 959 -59.34 -39.84 -37.73
CA LEU BA 959 -59.64 -39.84 -36.31
C LEU BA 959 -61.01 -40.48 -36.02
N PHE BA 960 -62.01 -40.14 -36.82
CA PHE BA 960 -63.35 -40.68 -36.60
C PHE BA 960 -63.41 -42.18 -36.86
N ALA BA 961 -62.67 -42.67 -37.86
CA ALA BA 961 -62.63 -44.11 -38.12
C ALA BA 961 -61.91 -44.85 -37.01
N SER BA 962 -60.79 -44.30 -36.51
CA SER BA 962 -60.07 -44.94 -35.40
C SER BA 962 -60.93 -45.01 -34.15
N SER BA 963 -61.66 -43.92 -33.86
CA SER BA 963 -62.59 -43.92 -32.75
C SER BA 963 -63.67 -44.97 -32.92
N PHE BA 964 -64.35 -44.98 -34.08
CA PHE BA 964 -65.44 -45.92 -34.35
C PHE BA 964 -64.97 -47.37 -34.25
N LEU BA 965 -63.72 -47.63 -34.62
CA LEU BA 965 -63.13 -48.96 -34.42
C LEU BA 965 -63.03 -49.31 -32.93
N GLN BA 966 -62.48 -48.37 -32.14
CA GLN BA 966 -62.38 -48.58 -30.68
C GLN BA 966 -63.75 -48.84 -30.07
N GLY BA 967 -64.74 -48.04 -30.47
CA GLY BA 967 -66.09 -48.17 -29.94
C GLY BA 967 -66.75 -49.48 -30.33
N PHE BA 968 -66.51 -49.94 -31.56
CA PHE BA 968 -67.15 -51.17 -32.01
C PHE BA 968 -66.61 -52.36 -31.26
N GLY BA 969 -65.30 -52.39 -31.09
CA GLY BA 969 -64.71 -53.48 -30.34
C GLY BA 969 -65.17 -53.51 -28.89
N ASN BA 970 -65.12 -52.35 -28.20
CA ASN BA 970 -65.47 -52.38 -26.78
C ASN BA 970 -66.96 -52.61 -26.54
N ALA BA 971 -67.84 -51.94 -27.29
CA ALA BA 971 -69.25 -52.05 -26.99
C ALA BA 971 -69.83 -53.37 -27.50
N PHE BA 972 -69.37 -53.86 -28.66
CA PHE BA 972 -69.85 -55.17 -29.06
C PHE BA 972 -69.13 -56.29 -28.32
N GLN BA 973 -68.04 -56.00 -27.62
CA GLN BA 973 -67.54 -56.94 -26.62
C GLN BA 973 -68.43 -56.97 -25.39
N SER BA 974 -68.84 -55.78 -24.92
CA SER BA 974 -69.64 -55.70 -23.69
C SER BA 974 -71.06 -56.20 -23.91
N ALA BA 975 -71.55 -56.16 -25.15
CA ALA BA 975 -72.88 -56.62 -25.47
C ALA BA 975 -72.95 -58.14 -25.72
N ASN BA 976 -71.87 -58.87 -25.41
CA ASN BA 976 -71.88 -60.32 -25.59
C ASN BA 976 -72.75 -61.02 -24.57
N THR BA 977 -72.87 -60.49 -23.36
CA THR BA 977 -73.65 -61.16 -22.33
C THR BA 977 -75.14 -61.06 -22.60
N THR BA 978 -75.63 -59.88 -22.96
CA THR BA 978 -77.06 -59.67 -23.15
C THR BA 978 -77.42 -59.62 -24.62
N SER BA 999 -68.51 -66.60 -33.49
CA SER BA 999 -67.05 -66.49 -33.50
C SER BA 999 -66.60 -65.37 -34.42
N THR BA 1000 -67.26 -65.25 -35.57
CA THR BA 1000 -66.91 -64.22 -36.55
C THR BA 1000 -67.21 -62.83 -36.03
N LEU BA 1001 -68.34 -62.66 -35.34
CA LEU BA 1001 -68.67 -61.36 -34.74
C LEU BA 1001 -67.67 -61.02 -33.65
N GLU BA 1002 -67.21 -62.03 -32.92
CA GLU BA 1002 -66.14 -61.83 -31.95
C GLU BA 1002 -64.84 -61.43 -32.63
N ASN BA 1003 -64.59 -61.94 -33.83
CA ASN BA 1003 -63.39 -61.53 -34.58
C ASN BA 1003 -63.50 -60.09 -35.06
N ALA BA 1004 -64.72 -59.66 -35.40
CA ALA BA 1004 -64.95 -58.25 -35.69
C ALA BA 1004 -64.67 -57.37 -34.48
N VAL BA 1005 -65.15 -57.82 -33.30
CA VAL BA 1005 -64.86 -57.18 -32.03
C VAL BA 1005 -63.35 -57.09 -31.80
N ILE BA 1006 -62.64 -58.17 -32.13
CA ILE BA 1006 -61.19 -58.28 -31.99
C ILE BA 1006 -60.50 -57.20 -32.82
N GLY BA 1007 -60.86 -57.13 -34.11
CA GLY BA 1007 -60.10 -56.31 -35.03
C GLY BA 1007 -60.32 -54.85 -34.75
N LEU BA 1008 -61.57 -54.47 -34.52
CA LEU BA 1008 -61.86 -53.07 -34.27
C LEU BA 1008 -61.38 -52.66 -32.87
N ALA BA 1009 -61.53 -53.56 -31.88
CA ALA BA 1009 -61.11 -53.35 -30.49
C ALA BA 1009 -59.63 -53.07 -30.37
N THR BA 1010 -58.82 -53.65 -31.24
CA THR BA 1010 -57.41 -53.39 -31.04
C THR BA 1010 -56.80 -52.45 -32.05
N VAL BA 1011 -57.27 -52.40 -33.30
CA VAL BA 1011 -56.71 -51.42 -34.21
C VAL BA 1011 -57.31 -50.03 -34.02
N GLY BA 1012 -58.35 -49.89 -33.19
CA GLY BA 1012 -58.84 -48.55 -32.89
C GLY BA 1012 -57.85 -47.73 -32.08
N LYS BA 1013 -57.24 -48.33 -31.06
CA LYS BA 1013 -56.57 -47.55 -30.02
C LYS BA 1013 -55.25 -46.96 -30.51
N ALA BA 1014 -54.41 -47.78 -31.14
CA ALA BA 1014 -53.11 -47.30 -31.61
C ALA BA 1014 -53.27 -46.28 -32.73
N TRP BA 1015 -54.19 -46.54 -33.65
CA TRP BA 1015 -54.49 -45.56 -34.69
C TRP BA 1015 -55.15 -44.31 -34.10
N SER BA 1016 -55.87 -44.44 -32.99
CA SER BA 1016 -56.47 -43.28 -32.35
C SER BA 1016 -55.42 -42.36 -31.75
N GLN BA 1017 -54.46 -42.93 -31.02
CA GLN BA 1017 -53.42 -42.09 -30.44
C GLN BA 1017 -52.49 -41.55 -31.51
N GLN BA 1018 -52.27 -42.31 -32.60
CA GLN BA 1018 -51.48 -41.76 -33.72
C GLN BA 1018 -52.24 -40.65 -34.43
N ALA BA 1019 -53.56 -40.76 -34.54
CA ALA BA 1019 -54.34 -39.71 -35.18
C ALA BA 1019 -54.39 -38.45 -34.32
N GLN BA 1020 -54.42 -38.61 -32.99
CA GLN BA 1020 -54.29 -37.45 -32.12
C GLN BA 1020 -52.88 -36.87 -32.19
N GLN BA 1021 -51.89 -37.71 -32.49
CA GLN BA 1021 -50.54 -37.21 -32.72
C GLN BA 1021 -50.45 -36.39 -33.99
N LEU BA 1022 -51.04 -36.87 -35.10
CA LEU BA 1022 -50.89 -36.24 -36.40
C LEU BA 1022 -52.00 -35.26 -36.74
N PHE BA 1023 -52.94 -35.02 -35.82
CA PHE BA 1023 -54.10 -34.19 -36.11
C PHE BA 1023 -53.74 -32.71 -36.20
N ASN BA 1024 -52.55 -32.35 -35.77
CA ASN BA 1024 -52.13 -30.97 -35.55
C ASN BA 1024 -51.57 -30.29 -36.79
N THR BA 1025 -51.42 -30.99 -37.91
CA THR BA 1025 -50.79 -30.39 -39.08
C THR BA 1025 -51.74 -29.41 -39.77
N PRO BA 1026 -51.34 -28.14 -39.94
CA PRO BA 1026 -52.26 -27.13 -40.45
C PRO BA 1026 -52.46 -27.25 -41.96
N THR BA 1027 -53.46 -26.53 -42.46
CA THR BA 1027 -53.75 -26.46 -43.89
C THR BA 1027 -52.95 -25.32 -44.49
N THR BA 1028 -52.13 -25.65 -45.48
CA THR BA 1028 -51.19 -24.70 -46.04
C THR BA 1028 -51.80 -23.98 -47.25
N VAL BA 1029 -51.08 -22.97 -47.75
CA VAL BA 1029 -51.44 -22.26 -48.97
C VAL BA 1029 -50.32 -22.45 -49.98
N GLU BA 1030 -50.59 -22.03 -51.22
CA GLU BA 1030 -49.61 -22.10 -52.29
C GLU BA 1030 -49.84 -20.97 -53.28
N VAL BA 1031 -48.80 -20.20 -53.54
CA VAL BA 1031 -48.90 -19.16 -54.55
C VAL BA 1031 -48.81 -19.77 -55.95
N TYR BA 1032 -49.18 -18.97 -56.94
CA TYR BA 1032 -49.23 -19.44 -58.32
C TYR BA 1032 -48.09 -18.85 -59.15
N SER BA 1033 -47.80 -19.51 -60.27
CA SER BA 1033 -46.66 -19.17 -61.12
C SER BA 1033 -47.03 -18.30 -62.31
N GLY BA 1034 -48.27 -17.86 -62.43
CA GLY BA 1034 -48.67 -17.09 -63.59
C GLY BA 1034 -49.57 -15.91 -63.27
N THR BA 1035 -49.42 -15.34 -62.08
CA THR BA 1035 -50.24 -14.23 -61.63
C THR BA 1035 -49.32 -13.09 -61.21
N GLY BA 1036 -49.71 -11.86 -61.55
CA GLY BA 1036 -48.95 -10.69 -61.17
C GLY BA 1036 -49.19 -10.30 -59.73
N LEU BA 1037 -48.60 -9.16 -59.36
CA LEU BA 1037 -48.70 -8.67 -57.99
C LEU BA 1037 -48.55 -7.16 -58.00
N GLY BA 1038 -49.06 -6.54 -56.93
CA GLY BA 1038 -48.87 -5.13 -56.69
C GLY BA 1038 -48.00 -4.93 -55.46
N ILE BA 1039 -47.14 -3.92 -55.54
CA ILE BA 1039 -46.13 -3.67 -54.52
C ILE BA 1039 -46.29 -2.24 -54.01
N LEU BA 1040 -46.63 -2.10 -52.73
CA LEU BA 1040 -46.70 -0.80 -52.09
C LEU BA 1040 -45.38 -0.53 -51.38
N PHE BA 1041 -44.86 0.68 -51.55
CA PHE BA 1041 -43.53 1.02 -51.08
C PHE BA 1041 -43.54 1.32 -49.58
N THR BA 1042 -42.35 1.25 -48.99
CA THR BA 1042 -42.15 1.53 -47.57
C THR BA 1042 -41.15 2.64 -47.33
N GLN BA 1043 -40.07 2.70 -48.10
CA GLN BA 1043 -39.04 3.71 -47.94
C GLN BA 1043 -38.68 4.29 -49.30
N ASP BA 1044 -37.88 5.36 -49.27
CA ASP BA 1044 -37.47 6.05 -50.47
C ASP BA 1044 -36.08 5.56 -50.92
N VAL BA 1045 -35.85 5.60 -52.23
CA VAL BA 1045 -34.57 5.25 -52.82
C VAL BA 1045 -34.17 6.32 -53.81
N THR BA 1046 -33.08 6.07 -54.54
CA THR BA 1046 -32.61 7.00 -55.55
C THR BA 1046 -32.80 6.45 -56.94
N ARG CA 207 46.06 37.41 97.72
CA ARG CA 207 45.04 38.21 97.07
C ARG CA 207 44.77 37.71 95.65
N ILE CA 208 45.01 38.55 94.66
CA ILE CA 208 44.85 38.19 93.26
C ILE CA 208 46.01 38.76 92.46
N ILE CA 209 46.68 37.91 91.70
CA ILE CA 209 47.85 38.30 90.92
C ILE CA 209 47.47 38.32 89.44
N TYR CA 210 47.80 39.41 88.77
CA TYR CA 210 47.50 39.59 87.35
C TYR CA 210 48.69 39.22 86.49
N TYR CA 211 48.45 38.41 85.48
CA TYR CA 211 49.41 38.10 84.43
C TYR CA 211 49.13 38.97 83.22
N ILE CA 212 50.14 39.10 82.36
CA ILE CA 212 49.99 39.85 81.13
C ILE CA 212 49.61 38.90 80.01
N GLN CA 213 48.55 39.23 79.28
CA GLN CA 213 48.14 38.42 78.14
C GLN CA 213 48.83 38.86 76.87
N ALA CA 214 48.78 40.16 76.55
CA ALA CA 214 49.41 40.68 75.34
C ALA CA 214 49.87 42.11 75.60
N VAL CA 215 51.16 42.35 75.41
CA VAL CA 215 51.74 43.68 75.60
C VAL CA 215 51.80 44.36 74.24
N ILE CA 216 51.17 45.52 74.15
CA ILE CA 216 51.13 46.32 72.93
C ILE CA 216 51.60 47.72 73.28
N PRO CA 217 52.05 48.49 72.29
CA PRO CA 217 52.27 49.92 72.54
C PRO CA 217 50.96 50.63 72.89
N GLY CA 218 51.03 51.49 73.90
CA GLY CA 218 49.88 52.23 74.36
C GLY CA 218 49.05 51.52 75.40
N ARG CA 219 48.27 50.52 75.00
CA ARG CA 219 47.41 49.81 75.92
C ARG CA 219 48.13 48.59 76.47
N ALA CA 220 47.41 47.81 77.28
CA ALA CA 220 47.91 46.56 77.80
C ALA CA 220 46.73 45.65 78.11
N TRP CA 221 47.00 44.35 78.20
CA TRP CA 221 45.97 43.36 78.45
C TRP CA 221 46.39 42.50 79.63
N LEU CA 222 45.53 42.43 80.64
CA LEU CA 222 45.85 41.68 81.85
C LEU CA 222 44.75 40.69 82.15
N ILE CA 223 45.11 39.65 82.89
CA ILE CA 223 44.16 38.65 83.36
C ILE CA 223 44.53 38.29 84.79
N GLY CA 224 43.55 38.37 85.70
CA GLY CA 224 43.81 38.14 87.10
C GLY CA 224 44.03 36.68 87.42
N SER CA 225 44.30 36.42 88.71
CA SER CA 225 44.41 35.06 89.19
C SER CA 225 43.09 34.32 89.14
N ASN CA 226 41.96 35.04 89.13
CA ASN CA 226 40.67 34.43 88.90
C ASN CA 226 40.49 33.94 87.47
N GLY CA 227 41.28 34.46 86.53
CA GLY CA 227 41.10 34.18 85.13
C GLY CA 227 40.31 35.22 84.38
N SER CA 228 39.63 36.13 85.08
CA SER CA 228 38.94 37.23 84.42
C SER CA 228 39.95 38.21 83.85
N THR CA 229 39.72 38.65 82.62
CA THR CA 229 40.67 39.50 81.93
C THR CA 229 40.05 40.86 81.61
N LEU CA 230 40.92 41.82 81.35
CA LEU CA 230 40.53 43.18 80.98
C LEU CA 230 41.70 43.82 80.25
N THR CA 231 41.49 45.06 79.83
CA THR CA 231 42.53 45.87 79.20
C THR CA 231 42.67 47.19 79.94
N VAL CA 232 43.88 47.74 79.90
CA VAL CA 232 44.24 48.90 80.70
C VAL CA 232 45.04 49.86 79.81
N ARG CA 233 45.13 51.11 80.26
CA ARG CA 233 45.94 52.12 79.62
C ARG CA 233 47.01 52.61 80.60
N GLU CA 234 47.77 53.62 80.16
CA GLU CA 234 48.81 54.18 81.00
C GLU CA 234 48.23 54.93 82.19
N GLY CA 235 47.27 55.82 81.94
CA GLY CA 235 46.65 56.51 83.04
C GLY CA 235 45.39 55.80 83.50
N SER CA 236 45.51 54.96 84.54
CA SER CA 236 44.38 54.17 84.98
C SER CA 236 44.58 53.73 86.41
N LYS CA 237 43.47 53.56 87.12
CA LYS CA 237 43.46 53.02 88.47
C LYS CA 237 43.19 51.52 88.42
N ILE CA 238 43.98 50.76 89.17
CA ILE CA 238 43.91 49.31 89.16
C ILE CA 238 43.65 48.81 90.58
N PRO CA 239 42.59 48.05 90.83
CA PRO CA 239 42.39 47.45 92.16
C PRO CA 239 43.43 46.38 92.44
N GLY CA 240 43.91 46.37 93.68
CA GLY CA 240 44.96 45.46 94.10
C GLY CA 240 46.36 45.93 93.77
N TYR CA 241 46.50 46.98 92.96
CA TYR CA 241 47.80 47.53 92.61
C TYR CA 241 47.83 49.05 92.66
N GLY CA 242 46.68 49.71 92.77
CA GLY CA 242 46.64 51.15 92.90
C GLY CA 242 46.47 51.89 91.59
N MET CA 243 47.55 52.51 91.13
CA MET CA 243 47.56 53.33 89.93
C MET CA 243 48.59 52.77 88.96
N VAL CA 244 48.24 52.73 87.67
CA VAL CA 244 49.18 52.29 86.64
C VAL CA 244 50.27 53.35 86.51
N LYS CA 245 51.47 53.04 87.02
CA LYS CA 245 52.54 54.02 87.09
C LYS CA 245 53.20 54.22 85.73
N LEU CA 246 53.62 53.14 85.08
CA LEU CA 246 54.32 53.24 83.81
C LEU CA 246 54.16 51.92 83.06
N ILE CA 247 53.99 52.00 81.74
CA ILE CA 247 53.88 50.84 80.88
C ILE CA 247 55.12 50.79 79.99
N ASP CA 248 55.84 49.68 80.05
CA ASP CA 248 57.04 49.49 79.26
C ASP CA 248 56.76 48.52 78.12
N SER CA 249 57.05 48.96 76.89
CA SER CA 249 56.87 48.09 75.74
C SER CA 249 57.92 46.97 75.73
N LEU CA 250 59.18 47.32 75.96
CA LEU CA 250 60.24 46.32 75.99
C LEU CA 250 60.15 45.50 77.27
N GLN CA 251 60.44 44.21 77.15
CA GLN CA 251 60.48 43.16 78.17
C GLN CA 251 59.11 42.82 78.77
N GLY CA 252 58.04 43.51 78.39
CA GLY CA 252 56.70 43.19 78.83
C GLY CA 252 56.45 43.31 80.31
N ARG CA 253 56.89 44.40 80.94
CA ARG CA 253 56.71 44.59 82.37
C ARG CA 253 55.97 45.90 82.63
N ILE CA 254 55.04 45.88 83.58
CA ILE CA 254 54.23 47.03 83.92
C ILE CA 254 54.46 47.37 85.38
N LEU CA 255 54.81 48.63 85.65
CA LEU CA 255 55.03 49.10 87.01
C LEU CA 255 53.77 49.77 87.51
N THR CA 256 53.35 49.43 88.73
CA THR CA 256 52.18 50.08 89.32
C THR CA 256 52.60 50.96 90.50
N SER CA 257 51.61 51.67 91.05
CA SER CA 257 51.86 52.61 92.13
C SER CA 257 52.18 51.91 93.45
N SER CA 258 51.80 50.65 93.61
CA SER CA 258 52.10 49.90 94.81
C SER CA 258 53.45 49.21 94.76
N GLY CA 259 54.32 49.62 93.83
CA GLY CA 259 55.65 49.06 93.73
C GLY CA 259 55.73 47.70 93.09
N GLN CA 260 54.64 47.20 92.51
CA GLN CA 260 54.63 45.88 91.93
C GLN CA 260 54.91 45.93 90.43
N VAL CA 261 55.61 44.92 89.94
CA VAL CA 261 55.97 44.77 88.54
C VAL CA 261 55.16 43.60 88.00
N ILE CA 262 54.02 43.89 87.38
CA ILE CA 262 53.24 42.86 86.72
C ILE CA 262 53.96 42.41 85.46
N LYS CA 263 54.18 41.11 85.35
CA LYS CA 263 54.94 40.54 84.24
C LYS CA 263 54.23 39.27 83.78
N PHE CA 264 54.87 38.57 82.85
CA PHE CA 264 54.40 37.30 82.34
C PHE CA 264 54.80 36.16 83.28
N SER CA 265 54.25 34.98 83.01
CA SER CA 265 54.68 33.78 83.71
C SER CA 265 56.06 33.37 83.21
N GLN CA 266 56.84 32.76 84.11
CA GLN CA 266 58.15 32.23 83.72
C GLN CA 266 58.01 31.05 82.78
N GLU CA 267 57.08 30.14 83.08
CA GLU CA 267 56.84 28.94 82.28
C GLU CA 267 55.92 29.20 81.10
N ASP CA 268 55.38 30.41 80.97
CA ASP CA 268 54.57 30.81 79.82
C ASP CA 268 55.15 32.13 79.32
N SER CA 269 56.18 32.04 78.50
CA SER CA 269 56.90 33.22 78.03
C SER CA 269 57.66 32.93 76.75
N MET DA 23 -66.84 -4.47 -119.63
CA MET DA 23 -65.90 -3.57 -120.26
C MET DA 23 -64.94 -2.98 -119.23
N LYS DA 24 -64.19 -3.86 -118.59
CA LYS DA 24 -63.22 -3.44 -117.59
C LYS DA 24 -62.04 -2.73 -118.26
N PHE DA 25 -61.51 -1.73 -117.58
CA PHE DA 25 -60.45 -0.89 -118.11
C PHE DA 25 -59.14 -1.23 -117.41
N LYS DA 26 -58.09 -1.42 -118.19
CA LYS DA 26 -56.76 -1.67 -117.62
C LYS DA 26 -55.73 -0.79 -118.31
N LYS DA 27 -54.47 -1.04 -118.02
CA LYS DA 27 -53.34 -0.29 -118.56
C LYS DA 27 -52.32 -1.28 -119.11
N PRO DA 28 -51.49 -0.86 -120.07
CA PRO DA 28 -50.57 -1.82 -120.74
C PRO DA 28 -49.53 -2.44 -119.81
N PRO DA 29 -48.67 -1.67 -119.06
CA PRO DA 29 -47.56 -2.37 -118.39
C PRO DA 29 -48.00 -3.07 -117.11
N ILE DA 30 -48.14 -4.39 -117.19
CA ILE DA 30 -48.48 -5.22 -116.03
C ILE DA 30 -47.56 -6.43 -116.04
N ASN DA 31 -46.88 -6.66 -114.94
CA ASN DA 31 -45.88 -7.72 -114.86
C ASN DA 31 -45.89 -8.31 -113.46
N ASN DA 32 -44.80 -8.99 -113.11
CA ASN DA 32 -44.61 -9.53 -111.78
C ASN DA 32 -44.47 -8.41 -110.76
N PRO DA 33 -44.84 -8.67 -109.50
CA PRO DA 33 -44.56 -7.70 -108.45
C PRO DA 33 -43.07 -7.52 -108.20
N SER DA 34 -42.71 -6.32 -107.77
CA SER DA 34 -41.33 -5.92 -107.61
C SER DA 34 -40.93 -5.97 -106.13
N ASP DA 35 -39.74 -5.46 -105.83
CA ASP DA 35 -39.28 -5.37 -104.45
C ASP DA 35 -38.68 -4.00 -104.18
N ASP DA 36 -38.89 -3.55 -102.94
CA ASP DA 36 -38.46 -2.22 -102.50
C ASP DA 36 -36.95 -2.08 -102.53
N ALA DA 37 -36.21 -3.15 -102.25
CA ALA DA 37 -34.76 -3.10 -102.33
C ALA DA 37 -34.30 -2.87 -103.77
N THR DA 38 -34.97 -3.53 -104.72
CA THR DA 38 -34.69 -3.30 -106.14
C THR DA 38 -35.04 -1.87 -106.52
N ILE DA 39 -36.10 -1.34 -105.94
CA ILE DA 39 -36.52 0.05 -106.20
C ILE DA 39 -35.43 1.02 -105.73
N LYS DA 40 -34.92 0.80 -104.52
CA LYS DA 40 -33.89 1.67 -103.98
C LYS DA 40 -32.58 1.55 -104.76
N LEU DA 41 -32.25 0.33 -105.20
CA LEU DA 41 -31.06 0.11 -106.01
C LEU DA 41 -31.14 0.85 -107.34
N ALA DA 42 -32.31 0.78 -108.00
CA ALA DA 42 -32.50 1.52 -109.24
C ALA DA 42 -32.49 3.02 -109.01
N GLU DA 43 -33.02 3.46 -107.87
CA GLU DA 43 -33.04 4.88 -107.54
C GLU DA 43 -31.63 5.43 -107.37
N ALA DA 44 -30.77 4.66 -106.72
CA ALA DA 44 -29.36 5.06 -106.64
C ALA DA 44 -28.69 5.00 -108.00
N ALA DA 45 -29.04 3.98 -108.79
CA ALA DA 45 -28.40 3.76 -110.08
C ALA DA 45 -28.71 4.87 -111.06
N VAL DA 46 -29.88 5.52 -110.92
CA VAL DA 46 -30.23 6.64 -111.78
C VAL DA 46 -29.25 7.78 -111.61
N SER DA 47 -28.98 8.15 -110.35
CA SER DA 47 -28.07 9.24 -110.07
C SER DA 47 -26.64 8.88 -110.44
N VAL DA 48 -26.25 7.61 -110.21
CA VAL DA 48 -24.91 7.17 -110.58
C VAL DA 48 -24.71 7.22 -112.09
N SER DA 49 -25.72 6.78 -112.85
CA SER DA 49 -25.66 6.78 -114.30
C SER DA 49 -25.61 8.20 -114.85
N ASP DA 50 -26.40 9.11 -114.26
CA ASP DA 50 -26.39 10.49 -114.71
C ASP DA 50 -25.05 11.16 -114.42
N SER DA 51 -24.45 10.84 -113.26
CA SER DA 51 -23.16 11.39 -112.91
C SER DA 51 -22.08 10.90 -113.84
N MET DA 52 -22.11 9.61 -114.18
CA MET DA 52 -21.14 9.06 -115.11
C MET DA 52 -21.31 9.64 -116.50
N LEU DA 53 -22.56 9.87 -116.91
CA LEU DA 53 -22.83 10.45 -118.22
C LEU DA 53 -22.27 11.87 -118.33
N GLU DA 54 -22.52 12.70 -117.31
CA GLU DA 54 -22.03 14.07 -117.40
C GLU DA 54 -20.52 14.15 -117.24
N MET DA 55 -19.91 13.27 -116.44
CA MET DA 55 -18.46 13.32 -116.31
C MET DA 55 -17.78 12.82 -117.58
N ALA DA 56 -18.39 11.84 -118.27
CA ALA DA 56 -17.86 11.41 -119.55
C ALA DA 56 -18.00 12.52 -120.59
N LYS DA 57 -19.10 13.26 -120.53
CA LYS DA 57 -19.30 14.38 -121.45
C LYS DA 57 -18.25 15.47 -121.25
N VAL DA 58 -18.02 15.86 -120.00
CA VAL DA 58 -17.06 16.93 -119.75
C VAL DA 58 -15.64 16.46 -120.00
N GLU DA 59 -15.36 15.16 -119.75
CA GLU DA 59 -14.03 14.63 -120.02
C GLU DA 59 -13.74 14.60 -121.52
N LYS DA 60 -14.73 14.19 -122.32
CA LYS DA 60 -14.54 14.14 -123.76
C LYS DA 60 -14.45 15.54 -124.34
N VAL DA 61 -15.20 16.49 -123.78
CA VAL DA 61 -15.12 17.86 -124.32
C VAL DA 61 -13.87 18.57 -123.84
N ILE DA 62 -13.22 18.12 -122.77
CA ILE DA 62 -11.99 18.77 -122.33
C ILE DA 62 -10.74 18.10 -122.88
N THR DA 63 -10.82 16.84 -123.29
CA THR DA 63 -9.68 16.17 -123.88
C THR DA 63 -10.05 15.62 -125.25
N PRO DA 64 -9.44 16.09 -126.32
CA PRO DA 64 -9.77 15.59 -127.65
C PRO DA 64 -9.01 14.33 -127.96
N PRO DA 65 -9.70 13.22 -128.20
CA PRO DA 65 -9.02 12.00 -128.65
C PRO DA 65 -8.58 12.15 -130.10
N SER DA 66 -7.52 11.43 -130.45
CA SER DA 66 -6.95 11.54 -131.80
C SER DA 66 -6.63 10.21 -132.46
N LYS DA 67 -6.46 9.13 -131.71
CA LYS DA 67 -5.94 7.90 -132.25
C LYS DA 67 -6.83 6.75 -131.81
N ASP DA 68 -6.91 5.71 -132.63
CA ASP DA 68 -7.73 4.56 -132.37
C ASP DA 68 -6.88 3.30 -132.36
N ASN DA 69 -7.20 2.38 -131.45
CA ASN DA 69 -6.42 1.15 -131.32
C ASN DA 69 -6.71 0.15 -132.43
N THR DA 70 -7.77 0.36 -133.21
CA THR DA 70 -8.00 -0.47 -134.39
C THR DA 70 -6.96 -0.21 -135.46
N LEU DA 71 -6.39 1.00 -135.48
CA LEU DA 71 -5.24 1.26 -136.34
C LEU DA 71 -4.04 0.44 -135.91
N THR DA 72 -3.83 0.29 -134.60
CA THR DA 72 -2.76 -0.55 -134.09
C THR DA 72 -3.03 -2.02 -134.37
N ILE DA 73 -4.28 -2.45 -134.21
CA ILE DA 73 -4.65 -3.85 -134.40
C ILE DA 73 -5.67 -3.93 -135.52
N PRO DA 74 -5.24 -4.09 -136.78
CA PRO DA 74 -6.21 -4.27 -137.86
C PRO DA 74 -6.70 -5.71 -137.94
N ASN DA 75 -8.01 -5.86 -138.13
CA ASN DA 75 -8.56 -7.18 -138.27
C ASN DA 75 -8.31 -7.72 -139.68
N ALA DA 76 -8.42 -9.03 -139.81
CA ALA DA 76 -8.13 -9.69 -141.07
C ALA DA 76 -9.02 -10.93 -141.17
N TYR DA 77 -8.67 -11.84 -142.07
CA TYR DA 77 -9.42 -13.07 -142.23
C TYR DA 77 -9.16 -13.99 -141.03
N ASN DA 78 -10.02 -15.01 -140.92
CA ASN DA 78 -10.14 -15.97 -139.80
C ASN DA 78 -10.15 -15.27 -138.43
N LEU DA 79 -10.76 -14.09 -138.40
CA LEU DA 79 -10.94 -13.33 -137.18
C LEU DA 79 -12.38 -12.88 -136.99
N GLN DA 80 -13.22 -13.03 -138.00
CA GLN DA 80 -14.60 -12.56 -137.95
C GLN DA 80 -15.52 -13.57 -137.30
N ALA DA 81 -15.00 -14.74 -136.91
CA ALA DA 81 -15.75 -15.64 -136.05
C ALA DA 81 -15.97 -14.97 -134.69
N ARG DA 82 -17.09 -15.28 -134.05
CA ARG DA 82 -17.51 -14.45 -132.93
C ARG DA 82 -17.60 -15.28 -131.65
N ALA DA 83 -17.85 -14.58 -130.55
CA ALA DA 83 -17.92 -15.24 -129.25
C ALA DA 83 -18.77 -14.42 -128.29
N SER DA 84 -19.46 -15.13 -127.40
CA SER DA 84 -20.19 -14.52 -126.29
C SER DA 84 -19.49 -14.90 -124.99
N VAL DA 85 -19.05 -13.90 -124.23
CA VAL DA 85 -18.09 -14.10 -123.16
C VAL DA 85 -18.55 -13.37 -121.90
N ASP DA 86 -18.60 -14.10 -120.79
CA ASP DA 86 -18.77 -13.53 -119.46
C ASP DA 86 -17.60 -13.99 -118.59
N TRP DA 87 -16.84 -13.04 -118.06
CA TRP DA 87 -15.59 -13.36 -117.37
C TRP DA 87 -15.26 -12.22 -116.44
N SER DA 88 -14.64 -12.55 -115.31
CA SER DA 88 -14.21 -11.50 -114.39
C SER DA 88 -12.86 -11.78 -113.74
N GLY DA 89 -12.13 -12.79 -114.19
CA GLY DA 89 -10.90 -13.18 -113.55
C GLY DA 89 -9.66 -12.57 -114.17
N PRO DA 90 -8.54 -13.28 -114.06
CA PRO DA 90 -7.29 -12.80 -114.64
C PRO DA 90 -7.31 -12.84 -116.16
N ILE DA 91 -6.48 -11.98 -116.75
CA ILE DA 91 -6.54 -11.77 -118.19
C ILE DA 91 -5.81 -12.85 -118.98
N GLU DA 92 -4.90 -13.59 -118.35
CA GLU DA 92 -4.02 -14.48 -119.09
C GLU DA 92 -4.76 -15.69 -119.63
N GLU DA 93 -5.68 -16.25 -118.82
CA GLU DA 93 -6.49 -17.38 -119.26
C GLU DA 93 -7.36 -16.99 -120.43
N LEU DA 94 -7.95 -15.79 -120.37
CA LEU DA 94 -8.84 -15.33 -121.42
C LEU DA 94 -8.07 -15.09 -122.72
N THR DA 95 -6.91 -14.44 -122.64
CA THR DA 95 -6.18 -14.18 -123.89
C THR DA 95 -5.55 -15.46 -124.43
N ALA DA 96 -5.23 -16.43 -123.57
CA ALA DA 96 -4.73 -17.71 -124.05
C ALA DA 96 -5.82 -18.48 -124.77
N ARG DA 97 -7.03 -18.46 -124.23
CA ARG DA 97 -8.17 -19.11 -124.88
C ARG DA 97 -8.48 -18.45 -126.21
N ILE DA 98 -8.38 -17.12 -126.26
CA ILE DA 98 -8.63 -16.38 -127.49
C ILE DA 98 -7.59 -16.71 -128.55
N ALA DA 99 -6.32 -16.78 -128.16
CA ALA DA 99 -5.25 -17.11 -129.12
C ALA DA 99 -5.37 -18.54 -129.61
N LYS DA 100 -5.73 -19.47 -128.72
CA LYS DA 100 -5.88 -20.87 -129.10
C LYS DA 100 -7.06 -21.07 -130.05
N ALA DA 101 -8.16 -20.35 -129.81
CA ALA DA 101 -9.28 -20.38 -130.76
C ALA DA 101 -8.90 -19.71 -132.08
N ALA DA 102 -8.08 -18.67 -132.02
CA ALA DA 102 -7.63 -17.98 -133.23
C ALA DA 102 -6.61 -18.78 -134.01
N HIS DA 103 -6.03 -19.82 -133.40
CA HIS DA 103 -4.93 -20.61 -133.96
C HIS DA 103 -3.75 -19.72 -134.31
N PHE DA 104 -3.49 -18.73 -133.45
CA PHE DA 104 -2.41 -17.79 -133.62
C PHE DA 104 -1.39 -18.03 -132.53
N ARG DA 105 -0.14 -17.70 -132.83
CA ARG DA 105 0.90 -17.84 -131.83
C ARG DA 105 0.76 -16.76 -130.77
N PHE DA 106 1.19 -17.09 -129.56
CA PHE DA 106 0.98 -16.27 -128.38
C PHE DA 106 2.31 -15.73 -127.88
N ARG DA 107 2.31 -14.49 -127.40
CA ARG DA 107 3.53 -13.91 -126.87
C ARG DA 107 3.22 -12.99 -125.69
N VAL DA 108 4.01 -13.13 -124.64
CA VAL DA 108 4.03 -12.21 -123.52
C VAL DA 108 5.29 -11.38 -123.61
N LEU DA 109 5.20 -10.14 -123.15
CA LEU DA 109 6.36 -9.25 -123.10
C LEU DA 109 6.49 -8.71 -121.69
N GLY DA 110 7.73 -8.63 -121.22
CA GLY DA 110 7.95 -8.19 -119.86
C GLY DA 110 7.55 -9.28 -118.87
N LYS DA 111 7.15 -8.85 -117.68
CA LYS DA 111 6.73 -9.76 -116.63
C LYS DA 111 5.45 -9.26 -116.00
N SER DA 112 4.62 -10.20 -115.56
CA SER DA 112 3.43 -9.84 -114.82
C SER DA 112 3.81 -9.28 -113.46
N PRO DA 113 3.22 -8.18 -113.02
CA PRO DA 113 3.63 -7.54 -111.78
C PRO DA 113 3.04 -8.28 -110.57
N SER DA 114 3.45 -7.82 -109.39
CA SER DA 114 2.97 -8.40 -108.15
C SER DA 114 1.48 -8.15 -107.96
N VAL DA 115 1.02 -6.96 -108.27
CA VAL DA 115 -0.42 -6.69 -108.25
C VAL DA 115 -1.05 -7.39 -109.44
N PRO DA 116 -2.07 -8.22 -109.24
CA PRO DA 116 -2.71 -8.88 -110.37
C PRO DA 116 -3.53 -7.91 -111.20
N VAL DA 117 -3.67 -8.23 -112.48
CA VAL DA 117 -4.47 -7.44 -113.41
C VAL DA 117 -5.78 -8.18 -113.64
N LEU DA 118 -6.89 -7.51 -113.33
CA LEU DA 118 -8.20 -8.12 -113.41
C LEU DA 118 -9.09 -7.30 -114.32
N ILE DA 119 -9.79 -7.97 -115.23
CA ILE DA 119 -10.76 -7.35 -116.11
C ILE DA 119 -12.06 -8.14 -116.02
N SER DA 120 -13.17 -7.44 -115.85
CA SER DA 120 -14.49 -8.07 -115.86
C SER DA 120 -15.23 -7.63 -117.11
N ILE DA 121 -15.65 -8.59 -117.93
CA ILE DA 121 -16.39 -8.33 -119.16
C ILE DA 121 -17.55 -9.30 -119.23
N SER DA 122 -18.75 -8.76 -119.40
CA SER DA 122 -19.96 -9.56 -119.62
C SER DA 122 -20.62 -9.06 -120.89
N THR DA 123 -20.17 -9.58 -122.02
CA THR DA 123 -20.70 -9.21 -123.32
C THR DA 123 -21.32 -10.44 -123.97
N LYS DA 124 -21.80 -10.25 -125.20
CA LYS DA 124 -22.51 -11.33 -125.88
C LYS DA 124 -22.41 -11.14 -127.38
N ASP DA 125 -21.73 -12.07 -128.06
CA ASP DA 125 -21.77 -12.27 -129.51
C ASP DA 125 -21.31 -11.04 -130.29
N GLU DA 126 -20.01 -10.76 -130.18
CA GLU DA 126 -19.36 -9.82 -131.09
C GLU DA 126 -18.04 -10.41 -131.56
N SER DA 127 -17.39 -9.70 -132.47
CA SER DA 127 -16.18 -10.22 -133.09
C SER DA 127 -14.99 -10.15 -132.15
N LEU DA 128 -14.04 -11.06 -132.38
CA LEU DA 128 -12.90 -11.20 -131.49
C LEU DA 128 -11.96 -10.00 -131.56
N ALA DA 129 -11.86 -9.37 -132.74
CA ALA DA 129 -11.01 -8.19 -132.85
C ALA DA 129 -11.53 -7.05 -132.00
N GLU DA 130 -12.84 -6.82 -132.02
CA GLU DA 130 -13.42 -5.78 -131.18
C GLU DA 130 -13.37 -6.18 -129.71
N ILE DA 131 -13.46 -7.49 -129.43
CA ILE DA 131 -13.26 -7.99 -128.07
C ILE DA 131 -11.87 -7.63 -127.56
N LEU DA 132 -10.86 -7.83 -128.40
CA LEU DA 132 -9.49 -7.47 -128.04
C LEU DA 132 -9.33 -5.97 -127.88
N ARG DA 133 -10.02 -5.20 -128.72
CA ARG DA 133 -9.91 -3.74 -128.64
C ARG DA 133 -10.53 -3.21 -127.36
N ASP DA 134 -11.69 -3.74 -126.95
CA ASP DA 134 -12.27 -3.26 -125.70
C ASP DA 134 -11.52 -3.81 -124.50
N ILE DA 135 -10.87 -4.97 -124.64
CA ILE DA 135 -10.01 -5.47 -123.58
C ILE DA 135 -8.79 -4.56 -123.42
N ASP DA 136 -8.27 -4.04 -124.53
CA ASP DA 136 -7.14 -3.12 -124.45
C ASP DA 136 -7.56 -1.78 -123.86
N TYR DA 137 -8.78 -1.35 -124.19
CA TYR DA 137 -9.33 -0.14 -123.59
C TYR DA 137 -9.54 -0.30 -122.10
N GLN DA 138 -10.03 -1.47 -121.67
CA GLN DA 138 -10.24 -1.70 -120.25
C GLN DA 138 -8.93 -1.87 -119.50
N ALA DA 139 -7.91 -2.39 -120.18
CA ALA DA 139 -6.58 -2.45 -119.58
C ALA DA 139 -6.01 -1.05 -119.39
N GLY DA 140 -6.12 -0.21 -120.42
CA GLY DA 140 -5.66 1.16 -120.29
C GLY DA 140 -4.15 1.24 -120.25
N LYS DA 141 -3.62 1.92 -119.23
CA LYS DA 141 -2.20 2.15 -119.11
C LYS DA 141 -1.43 0.94 -118.61
N LYS DA 142 -2.11 -0.06 -118.04
CA LYS DA 142 -1.40 -1.17 -117.43
C LYS DA 142 -0.81 -2.12 -118.47
N ALA DA 143 -1.47 -2.27 -119.61
CA ALA DA 143 -1.00 -3.23 -120.59
C ALA DA 143 -1.37 -2.75 -121.99
N SER DA 144 -0.76 -3.39 -122.97
CA SER DA 144 -1.05 -3.11 -124.37
C SER DA 144 -1.00 -4.40 -125.17
N ILE DA 145 -1.63 -4.37 -126.34
CA ILE DA 145 -1.72 -5.52 -127.24
C ILE DA 145 -1.14 -5.11 -128.59
N HIS DA 146 -0.23 -5.93 -129.11
CA HIS DA 146 0.29 -5.76 -130.46
C HIS DA 146 0.12 -7.08 -131.21
N VAL DA 147 -0.50 -7.00 -132.38
CA VAL DA 147 -0.90 -8.16 -133.16
C VAL DA 147 -0.35 -8.02 -134.56
N TYR DA 148 0.33 -9.06 -135.04
CA TYR DA 148 0.84 -9.08 -136.41
C TYR DA 148 0.18 -10.21 -137.17
N PRO DA 149 -0.79 -9.90 -138.03
CA PRO DA 149 -1.57 -10.97 -138.66
C PRO DA 149 -0.85 -11.67 -139.80
N ASN DA 150 0.10 -11.01 -140.44
CA ASN DA 150 0.90 -11.65 -141.47
C ASN DA 150 1.74 -12.77 -140.88
N SER DA 151 2.25 -12.57 -139.67
CA SER DA 151 2.93 -13.62 -138.93
C SER DA 151 1.99 -14.43 -138.07
N GLN DA 152 0.72 -14.02 -137.99
CA GLN DA 152 -0.32 -14.68 -137.19
C GLN DA 152 0.07 -14.79 -135.71
N VAL DA 153 0.58 -13.70 -135.17
CA VAL DA 153 1.01 -13.68 -133.78
C VAL DA 153 0.27 -12.59 -133.03
N VAL DA 154 0.01 -12.86 -131.76
CA VAL DA 154 -0.53 -11.86 -130.85
C VAL DA 154 0.43 -11.73 -129.68
N GLU DA 155 0.44 -10.54 -129.07
CA GLU DA 155 1.39 -10.29 -128.00
C GLU DA 155 0.79 -9.28 -127.04
N LEU DA 156 0.88 -9.58 -125.75
CA LEU DA 156 0.54 -8.60 -124.72
C LEU DA 156 1.83 -8.10 -124.09
N ARG DA 157 1.76 -6.88 -123.55
CA ARG DA 157 2.91 -6.27 -122.91
C ARG DA 157 2.46 -5.51 -121.67
N TYR DA 158 3.20 -5.68 -120.58
CA TYR DA 158 2.91 -5.03 -119.32
C TYR DA 158 3.55 -3.64 -119.29
N ALA DA 159 3.15 -2.84 -118.30
CA ALA DA 159 3.68 -1.49 -118.17
C ALA DA 159 5.15 -1.49 -117.77
N LYS DA 160 5.92 -0.62 -118.40
CA LYS DA 160 7.36 -0.51 -118.14
C LYS DA 160 7.59 0.43 -116.96
N ILE DA 161 7.17 -0.04 -115.79
CA ILE DA 161 7.23 0.75 -114.56
C ILE DA 161 7.14 -0.24 -113.41
N TYR DA 162 7.67 0.16 -112.25
CA TYR DA 162 7.81 -0.63 -111.03
C TYR DA 162 8.61 -1.91 -111.27
N ARG EA 207 13.79 60.64 -96.13
CA ARG EA 207 14.79 59.66 -95.76
C ARG EA 207 14.56 59.17 -94.34
N ILE EA 208 15.09 57.99 -94.02
CA ILE EA 208 14.94 57.43 -92.68
C ILE EA 208 15.81 58.22 -91.72
N ILE EA 209 15.20 58.84 -90.73
CA ILE EA 209 15.89 59.77 -89.86
C ILE EA 209 16.30 59.04 -88.58
N TYR EA 210 17.59 59.12 -88.27
CA TYR EA 210 18.15 58.49 -87.08
C TYR EA 210 18.30 59.51 -85.98
N TYR EA 211 17.93 59.12 -84.76
CA TYR EA 211 18.03 59.98 -83.60
C TYR EA 211 19.05 59.40 -82.63
N ILE EA 212 19.82 60.28 -82.00
CA ILE EA 212 20.87 59.85 -81.09
C ILE EA 212 20.21 59.41 -79.78
N GLN EA 213 20.08 58.09 -79.60
CA GLN EA 213 19.57 57.60 -78.33
C GLN EA 213 20.65 57.65 -77.25
N ALA EA 214 21.90 57.38 -77.63
CA ALA EA 214 23.01 57.42 -76.69
C ALA EA 214 24.28 57.76 -77.43
N VAL EA 215 25.09 58.63 -76.84
CA VAL EA 215 26.38 59.02 -77.42
C VAL EA 215 27.41 59.06 -76.30
N ILE EA 216 28.53 58.37 -76.52
CA ILE EA 216 29.66 58.42 -75.59
C ILE EA 216 30.87 58.86 -76.40
N PRO EA 217 32.01 59.18 -75.78
CA PRO EA 217 33.25 59.18 -76.55
C PRO EA 217 33.56 57.79 -77.07
N GLY EA 218 33.81 57.69 -78.36
CA GLY EA 218 34.04 56.40 -79.01
C GLY EA 218 32.86 55.76 -79.73
N ARG EA 219 31.70 55.70 -79.09
CA ARG EA 219 30.54 55.02 -79.66
C ARG EA 219 29.33 55.95 -79.67
N ALA EA 220 28.37 55.62 -80.52
CA ALA EA 220 27.09 56.33 -80.54
C ALA EA 220 26.00 55.34 -80.84
N TRP EA 221 24.78 55.68 -80.44
CA TRP EA 221 23.62 54.81 -80.61
C TRP EA 221 22.52 55.55 -81.36
N LEU EA 222 22.07 54.97 -82.46
CA LEU EA 222 21.08 55.59 -83.33
C LEU EA 222 19.88 54.68 -83.48
N ILE EA 223 18.69 55.26 -83.32
CA ILE EA 223 17.43 54.60 -83.62
C ILE EA 223 16.80 55.31 -84.81
N GLY EA 224 16.46 54.55 -85.83
CA GLY EA 224 15.93 55.12 -87.05
C GLY EA 224 14.50 55.60 -86.91
N SER EA 225 13.95 56.03 -88.05
CA SER EA 225 12.56 56.49 -88.08
C SER EA 225 11.59 55.35 -87.82
N ASN EA 226 11.88 54.17 -88.37
CA ASN EA 226 11.05 53.00 -88.21
C ASN EA 226 11.47 52.12 -87.03
N GLY EA 227 12.47 52.54 -86.27
CA GLY EA 227 12.94 51.77 -85.13
C GLY EA 227 14.20 50.98 -85.37
N SER EA 228 14.96 51.27 -86.42
CA SER EA 228 16.20 50.56 -86.70
C SER EA 228 17.26 50.98 -85.69
N THR EA 229 17.53 50.11 -84.71
CA THR EA 229 18.42 50.42 -83.61
C THR EA 229 19.80 49.85 -83.88
N LEU EA 230 20.83 50.67 -83.74
CA LEU EA 230 22.19 50.25 -84.00
C LEU EA 230 23.17 51.10 -83.22
N THR EA 231 24.40 50.61 -83.13
CA THR EA 231 25.49 51.36 -82.50
C THR EA 231 26.64 51.47 -83.49
N VAL EA 232 27.18 52.68 -83.61
CA VAL EA 232 28.19 53.01 -84.61
C VAL EA 232 29.45 53.50 -83.90
N ARG EA 233 30.61 53.11 -84.41
CA ARG EA 233 31.88 53.67 -83.99
C ARG EA 233 32.22 54.85 -84.91
N GLU EA 234 33.44 55.38 -84.80
CA GLU EA 234 33.82 56.56 -85.58
C GLU EA 234 34.01 56.22 -87.06
N GLY EA 235 34.70 55.12 -87.35
CA GLY EA 235 34.96 54.76 -88.73
C GLY EA 235 33.98 53.74 -89.28
N SER EA 236 32.96 54.20 -89.99
CA SER EA 236 31.95 53.34 -90.57
C SER EA 236 31.27 54.07 -91.72
N LYS EA 237 30.21 53.46 -92.25
CA LYS EA 237 29.44 54.01 -93.35
C LYS EA 237 27.98 54.11 -92.96
N ILE EA 238 27.26 55.03 -93.61
CA ILE EA 238 25.84 55.20 -93.35
C ILE EA 238 25.13 55.49 -94.65
N PRO EA 239 24.12 54.70 -95.03
CA PRO EA 239 23.34 55.00 -96.24
C PRO EA 239 22.51 56.25 -96.07
N GLY EA 240 22.52 57.09 -97.09
CA GLY EA 240 21.87 58.38 -97.04
C GLY EA 240 22.69 59.47 -96.41
N TYR EA 241 23.84 59.14 -95.84
CA TYR EA 241 24.77 60.12 -95.31
C TYR EA 241 26.21 59.82 -95.69
N GLY EA 242 26.50 58.67 -96.24
CA GLY EA 242 27.81 58.35 -96.77
C GLY EA 242 28.72 57.76 -95.71
N MET EA 243 29.88 58.38 -95.50
CA MET EA 243 30.86 57.92 -94.53
C MET EA 243 30.67 58.64 -93.21
N VAL EA 244 31.16 58.02 -92.15
CA VAL EA 244 31.19 58.63 -90.82
C VAL EA 244 32.58 59.17 -90.59
N LYS EA 245 32.68 60.49 -90.43
CA LYS EA 245 33.97 61.17 -90.38
C LYS EA 245 34.27 61.78 -89.02
N LEU EA 246 33.30 62.45 -88.40
CA LEU EA 246 33.53 63.08 -87.10
C LEU EA 246 32.30 62.89 -86.22
N ILE EA 247 32.51 62.31 -85.04
CA ILE EA 247 31.45 62.13 -84.05
C ILE EA 247 31.84 62.95 -82.83
N ASP EA 248 30.97 63.86 -82.42
CA ASP EA 248 31.22 64.75 -81.29
C ASP EA 248 30.43 64.24 -80.10
N SER EA 249 31.15 63.76 -79.07
CA SER EA 249 30.47 63.32 -77.85
C SER EA 249 29.87 64.49 -77.10
N LEU EA 250 30.57 65.62 -77.07
CA LEU EA 250 29.96 66.84 -76.60
C LEU EA 250 29.03 67.41 -77.66
N GLN EA 251 28.08 68.24 -77.21
CA GLN EA 251 27.10 69.00 -77.99
C GLN EA 251 26.11 68.13 -78.75
N GLY EA 252 26.17 66.80 -78.65
CA GLY EA 252 25.16 65.92 -79.20
C GLY EA 252 25.03 65.93 -80.71
N ARG EA 253 26.15 65.96 -81.42
CA ARG EA 253 26.11 66.05 -82.87
C ARG EA 253 27.08 65.05 -83.50
N ILE EA 254 26.64 64.43 -84.59
CA ILE EA 254 27.44 63.49 -85.36
C ILE EA 254 27.54 64.04 -86.78
N LEU EA 255 28.75 64.27 -87.25
CA LEU EA 255 28.99 64.84 -88.56
C LEU EA 255 29.30 63.72 -89.55
N THR EA 256 28.62 63.72 -90.69
CA THR EA 256 28.82 62.70 -91.70
C THR EA 256 29.56 63.27 -92.90
N SER EA 257 29.80 62.40 -93.88
CA SER EA 257 30.49 62.80 -95.10
C SER EA 257 29.61 63.57 -96.07
N SER EA 258 28.29 63.50 -95.92
CA SER EA 258 27.37 64.23 -96.79
C SER EA 258 27.09 65.64 -96.27
N GLY EA 259 27.96 66.18 -95.42
CA GLY EA 259 27.79 67.53 -94.90
C GLY EA 259 26.65 67.68 -93.93
N GLN EA 260 26.19 66.60 -93.32
CA GLN EA 260 25.01 66.63 -92.47
C GLN EA 260 25.38 66.29 -91.03
N VAL EA 261 24.48 66.67 -90.13
CA VAL EA 261 24.68 66.52 -88.69
C VAL EA 261 23.47 65.82 -88.11
N ILE EA 262 23.70 64.71 -87.43
CA ILE EA 262 22.67 64.04 -86.65
C ILE EA 262 22.70 64.64 -85.25
N LYS EA 263 21.53 65.04 -84.76
CA LYS EA 263 21.43 65.76 -83.50
C LYS EA 263 20.24 65.23 -82.72
N PHE EA 264 20.25 65.50 -81.41
CA PHE EA 264 19.07 65.29 -80.58
C PHE EA 264 17.94 66.19 -81.04
N SER EA 265 16.73 65.65 -81.07
CA SER EA 265 15.57 66.45 -81.44
C SER EA 265 15.10 67.26 -80.24
N GLN EA 266 14.10 68.13 -80.48
CA GLN EA 266 13.61 69.01 -79.44
C GLN EA 266 12.86 68.24 -78.36
N GLU EA 267 11.92 67.38 -78.77
CA GLU EA 267 11.21 66.54 -77.81
C GLU EA 267 11.91 65.22 -77.57
N ASP EA 268 12.87 64.84 -78.41
CA ASP EA 268 13.72 63.69 -78.13
C ASP EA 268 14.97 64.18 -77.41
N SER EA 269 14.75 64.67 -76.19
CA SER EA 269 15.80 65.30 -75.40
C SER EA 269 15.48 65.22 -73.91
N GLN FA 791 54.00 94.41 -53.88
CA GLN FA 791 53.33 93.59 -54.87
C GLN FA 791 53.25 92.14 -54.39
N GLN FA 792 53.48 91.93 -53.10
CA GLN FA 792 53.41 90.61 -52.49
C GLN FA 792 52.01 90.26 -52.01
N GLU FA 793 51.03 91.15 -52.20
CA GLU FA 793 49.67 90.94 -51.74
C GLU FA 793 48.91 89.90 -52.56
N ILE FA 794 49.47 89.46 -53.68
CA ILE FA 794 48.78 88.51 -54.54
C ILE FA 794 48.70 87.14 -53.88
N GLN FA 795 49.75 86.75 -53.16
CA GLN FA 795 49.83 85.39 -52.62
C GLN FA 795 48.88 85.19 -51.46
N GLN FA 796 48.77 86.20 -50.58
CA GLN FA 796 47.76 86.13 -49.52
C GLN FA 796 46.35 86.21 -50.08
N ARG FA 797 46.18 86.92 -51.21
CA ARG FA 797 44.95 86.80 -51.96
C ARG FA 797 44.84 85.41 -52.59
N THR FA 798 45.96 84.80 -52.96
CA THR FA 798 45.90 83.47 -53.56
C THR FA 798 45.66 82.39 -52.52
N SER FA 799 46.19 82.57 -51.31
CA SER FA 799 46.24 81.49 -50.34
C SER FA 799 44.87 81.20 -49.72
N ASP FA 800 44.14 82.25 -49.35
CA ASP FA 800 42.93 82.07 -48.53
C ASP FA 800 41.80 81.46 -49.33
N MET FA 801 41.63 81.85 -50.59
CA MET FA 801 40.57 81.28 -51.41
C MET FA 801 40.87 79.87 -51.85
N LEU FA 802 42.14 79.45 -51.76
CA LEU FA 802 42.52 78.10 -52.18
C LEU FA 802 41.87 77.05 -51.30
N THR FA 803 42.03 77.17 -49.99
CA THR FA 803 41.37 76.24 -49.07
C THR FA 803 39.87 76.48 -49.03
N ALA FA 804 39.44 77.71 -49.31
CA ALA FA 804 38.02 78.00 -49.43
C ALA FA 804 37.42 77.26 -50.63
N ALA FA 805 38.13 77.27 -51.77
CA ALA FA 805 37.67 76.52 -52.93
C ALA FA 805 37.81 75.01 -52.68
N THR FA 806 38.84 74.61 -51.95
CA THR FA 806 39.01 73.20 -51.63
C THR FA 806 37.92 72.69 -50.69
N GLN FA 807 37.36 73.58 -49.87
CA GLN FA 807 36.27 73.19 -48.98
C GLN FA 807 35.03 72.83 -49.77
N LEU FA 808 34.59 73.70 -50.68
CA LEU FA 808 33.34 73.48 -51.37
C LEU FA 808 33.45 72.48 -52.50
N VAL FA 809 34.66 72.19 -52.98
CA VAL FA 809 34.81 71.22 -54.05
C VAL FA 809 34.60 69.80 -53.54
N GLN FA 810 34.70 69.59 -52.23
CA GLN FA 810 34.32 68.31 -51.65
C GLN FA 810 32.81 68.13 -51.61
N ASP FA 811 32.07 69.24 -51.63
CA ASP FA 811 30.61 69.18 -51.49
C ASP FA 811 29.92 68.71 -52.75
N TRP FA 812 30.61 68.67 -53.88
CA TRP FA 812 30.06 68.09 -55.10
C TRP FA 812 30.37 66.61 -55.23
N LYS FA 813 30.98 66.01 -54.21
CA LYS FA 813 31.44 64.64 -54.30
C LYS FA 813 30.54 63.64 -53.61
N GLN FA 814 29.85 64.04 -52.54
CA GLN FA 814 29.10 63.08 -51.75
C GLN FA 814 27.81 62.66 -52.47
N VAL FA 815 27.39 61.43 -52.19
CA VAL FA 815 26.19 60.86 -52.78
C VAL FA 815 25.62 59.86 -51.78
N GLU FA 816 24.34 60.01 -51.47
CA GLU FA 816 23.68 59.18 -50.46
C GLU FA 816 22.69 58.24 -51.12
N THR FA 817 22.62 57.04 -50.59
CA THR FA 817 21.66 56.05 -51.06
C THR FA 817 20.25 56.46 -50.64
N GLN FA 818 19.30 56.25 -51.53
CA GLN FA 818 17.91 56.57 -51.27
C GLN FA 818 17.31 55.59 -50.26
N VAL FA 819 16.19 56.00 -49.67
CA VAL FA 819 15.51 55.19 -48.65
C VAL FA 819 14.31 54.53 -49.31
N TYR FA 820 14.31 53.19 -49.32
CA TYR FA 820 13.25 52.41 -49.92
C TYR FA 820 12.69 51.44 -48.90
N THR FA 821 11.37 51.35 -48.84
CA THR FA 821 10.68 50.52 -47.86
C THR FA 821 9.38 50.01 -48.45
N GLU FA 822 8.60 49.35 -47.59
CA GLU FA 822 7.26 48.88 -47.92
C GLU FA 822 6.28 49.44 -46.90
N GLY FA 823 5.04 48.98 -46.98
CA GLY FA 823 4.03 49.36 -46.01
C GLY FA 823 2.83 48.44 -46.08
N THR FA 824 2.14 48.32 -44.95
CA THR FA 824 0.92 47.52 -44.87
C THR FA 824 -0.03 48.10 -43.82
N ALA GA 104 30.34 116.03 -16.90
CA ALA GA 104 29.92 115.31 -15.70
C ALA GA 104 28.68 114.47 -15.97
N GLU GA 105 28.03 114.74 -17.10
CA GLU GA 105 26.80 114.04 -17.46
C GLU GA 105 26.86 113.53 -18.89
N VAL GA 106 27.62 114.21 -19.74
CA VAL GA 106 27.70 113.83 -21.15
C VAL GA 106 28.50 112.54 -21.35
N ILE GA 107 29.35 112.20 -20.38
CA ILE GA 107 30.17 110.98 -20.46
C ILE GA 107 29.27 109.76 -20.42
N ASP GA 108 28.18 109.83 -19.65
CA ASP GA 108 27.22 108.73 -19.58
C ASP GA 108 26.54 108.49 -20.93
N LYS GA 109 26.15 109.56 -21.62
CA LYS GA 109 25.52 109.42 -22.93
C LYS GA 109 26.49 108.92 -23.97
N LYS GA 110 27.72 109.44 -23.95
CA LYS GA 110 28.75 109.00 -24.90
C LYS GA 110 29.11 107.54 -24.69
N ALA GA 111 29.22 107.12 -23.43
CA ALA GA 111 29.48 105.73 -23.12
C ALA GA 111 28.30 104.84 -23.48
N PHE GA 112 27.08 105.35 -23.33
CA PHE GA 112 25.89 104.59 -23.70
C PHE GA 112 25.84 104.33 -25.20
N LYS GA 113 26.09 105.36 -26.01
CA LYS GA 113 26.03 105.17 -27.45
C LYS GA 113 27.21 104.38 -27.96
N ASP GA 114 28.40 104.56 -27.38
CA ASP GA 114 29.56 103.81 -27.85
C ASP GA 114 29.50 102.35 -27.39
N MET GA 115 28.88 102.09 -26.23
CA MET GA 115 28.69 100.71 -25.82
C MET GA 115 27.59 100.06 -26.64
N THR GA 116 26.60 100.84 -27.08
CA THR GA 116 25.58 100.33 -27.97
C THR GA 116 26.18 99.91 -29.31
N ARG GA 117 27.04 100.74 -29.88
CA ARG GA 117 27.68 100.36 -31.14
C ARG GA 117 28.75 99.29 -30.94
N ASN GA 118 29.33 99.17 -29.74
CA ASN GA 118 30.24 98.06 -29.48
C ASN GA 118 29.50 96.74 -29.39
N LEU GA 119 28.31 96.75 -28.75
CA LEU GA 119 27.51 95.54 -28.68
C LEU GA 119 26.96 95.17 -30.06
N TYR GA 120 26.54 96.16 -30.83
CA TYR GA 120 26.02 95.91 -32.17
C TYR GA 120 26.73 96.80 -33.18
N PRO GA 121 27.91 96.38 -33.68
CA PRO GA 121 28.51 97.08 -34.81
C PRO GA 121 27.78 96.83 -36.12
N LEU GA 122 26.93 95.81 -36.18
CA LEU GA 122 26.21 95.45 -37.40
C LEU GA 122 24.91 96.23 -37.46
N ASN GA 123 24.73 97.02 -38.51
CA ASN GA 123 23.46 97.66 -38.74
C ASN GA 123 22.42 96.63 -39.18
N PRO GA 124 21.13 96.90 -38.93
CA PRO GA 124 20.08 96.03 -39.49
C PRO GA 124 20.12 95.91 -40.99
N GLU GA 125 20.40 97.02 -41.68
CA GLU GA 125 20.56 96.99 -43.13
C GLU GA 125 21.78 96.17 -43.54
N GLN GA 126 22.85 96.24 -42.75
CA GLN GA 126 24.04 95.43 -43.00
C GLN GA 126 23.75 93.94 -42.83
N VAL GA 127 22.96 93.61 -41.81
CA VAL GA 127 22.53 92.22 -41.60
C VAL GA 127 21.68 91.73 -42.76
N VAL GA 128 20.78 92.58 -43.24
CA VAL GA 128 19.93 92.24 -44.39
C VAL GA 128 20.76 92.03 -45.65
N LYS GA 129 21.74 92.91 -45.88
CA LYS GA 129 22.62 92.78 -47.04
C LYS GA 129 23.48 91.52 -46.96
N LEU GA 130 23.97 91.18 -45.77
CA LEU GA 130 24.72 89.94 -45.61
C LEU GA 130 23.84 88.72 -45.81
N LYS GA 131 22.57 88.81 -45.42
CA LYS GA 131 21.63 87.73 -45.69
C LYS GA 131 21.40 87.55 -47.18
N GLN GA 132 21.31 88.65 -47.92
CA GLN GA 132 21.17 88.57 -49.37
C GLN GA 132 22.44 88.01 -50.01
N ILE GA 133 23.60 88.36 -49.47
CA ILE GA 133 24.88 87.82 -49.95
C ILE GA 133 24.93 86.32 -49.72
N TYR GA 134 24.48 85.87 -48.55
CA TYR GA 134 24.42 84.45 -48.24
C TYR GA 134 23.46 83.71 -49.18
N GLU GA 135 22.31 84.34 -49.47
CA GLU GA 135 21.35 83.73 -50.39
C GLU GA 135 21.93 83.59 -51.80
N THR GA 136 22.63 84.64 -52.26
CA THR GA 136 23.26 84.60 -53.58
C THR GA 136 24.37 83.55 -53.63
N SER GA 137 25.16 83.46 -52.55
CA SER GA 137 26.24 82.48 -52.47
C SER GA 137 25.69 81.06 -52.46
N GLU GA 138 24.59 80.83 -51.73
CA GLU GA 138 24.00 79.50 -51.71
C GLU GA 138 23.36 79.15 -53.04
N TYR GA 139 22.80 80.14 -53.75
CA TYR GA 139 22.25 79.83 -55.07
C TYR GA 139 23.33 79.55 -56.09
N ALA GA 140 24.47 80.26 -55.98
CA ALA GA 140 25.61 79.97 -56.83
C ALA GA 140 26.20 78.60 -56.52
N LYS GA 141 26.17 78.21 -55.24
CA LYS GA 141 26.58 76.86 -54.86
C LYS GA 141 25.61 75.82 -55.41
N ALA GA 142 24.32 76.12 -55.40
CA ALA GA 142 23.31 75.21 -55.88
C ALA GA 142 23.12 75.26 -57.40
N ALA GA 143 23.87 76.11 -58.09
CA ALA GA 143 23.84 76.15 -59.54
C ALA GA 143 24.36 74.84 -60.13
N THR GA 144 23.76 74.44 -61.27
CA THR GA 144 24.04 73.15 -61.89
C THR GA 144 24.91 73.32 -63.13
N PRO GA 145 25.84 72.40 -63.38
CA PRO GA 145 26.67 72.49 -64.58
C PRO GA 145 25.96 71.90 -65.79
N GLY GA 146 26.09 72.59 -66.92
CA GLY GA 146 25.61 72.06 -68.18
C GLY GA 146 24.10 72.12 -68.32
N THR GA 147 23.64 71.65 -69.46
CA THR GA 147 22.22 71.67 -69.77
C THR GA 147 21.48 70.65 -68.91
N PRO GA 148 20.37 71.02 -68.29
CA PRO GA 148 19.56 70.05 -67.55
C PRO GA 148 18.84 69.14 -68.51
N PRO GA 149 19.08 67.83 -68.42
CA PRO GA 149 18.42 66.89 -69.33
C PRO GA 149 16.95 66.71 -68.97
N LYS GA 150 16.13 66.58 -70.00
CA LYS GA 150 14.70 66.43 -69.80
C LYS GA 150 14.37 65.02 -69.33
N PRO GA 151 13.61 64.86 -68.25
CA PRO GA 151 13.20 63.52 -67.82
C PRO GA 151 12.23 62.90 -68.80
N THR GA 152 12.50 61.65 -69.18
CA THR GA 152 11.71 60.94 -70.18
C THR GA 152 11.17 59.64 -69.58
N ALA GA 153 9.86 59.47 -69.68
CA ALA GA 153 9.17 58.26 -69.22
C ALA GA 153 8.62 57.56 -70.46
N THR GA 154 9.43 56.72 -71.08
CA THR GA 154 9.09 56.07 -72.33
C THR GA 154 9.11 54.56 -72.19
N SER GA 155 8.71 53.89 -73.27
CA SER GA 155 8.72 52.44 -73.35
C SER GA 155 9.63 52.02 -74.49
N GLN GA 156 10.47 51.02 -74.22
CA GLN GA 156 11.39 50.48 -75.21
C GLN GA 156 11.25 48.96 -75.22
N PHE GA 157 11.38 48.38 -76.42
CA PHE GA 157 11.24 46.95 -76.59
C PHE GA 157 12.61 46.30 -76.70
N VAL GA 158 12.75 45.13 -76.06
CA VAL GA 158 13.98 44.36 -76.07
C VAL GA 158 13.74 43.09 -76.86
N ASN GA 159 14.58 42.85 -77.86
CA ASN GA 159 14.52 41.64 -78.66
C ASN GA 159 15.73 40.77 -78.38
N LEU GA 160 15.51 39.45 -78.43
CA LEU GA 160 16.56 38.47 -78.18
C LEU GA 160 17.19 37.96 -79.46
N SER GA 161 17.24 38.79 -80.50
CA SER GA 161 17.93 38.40 -81.71
C SER GA 161 19.44 38.40 -81.46
N PRO GA 162 20.18 37.48 -82.08
CA PRO GA 162 21.64 37.57 -82.02
C PRO GA 162 22.20 38.81 -82.67
N GLY GA 163 21.54 39.31 -83.71
CA GLY GA 163 21.94 40.57 -84.29
C GLY GA 163 21.48 41.80 -83.52
N SER GA 164 20.60 41.62 -82.54
CA SER GA 164 20.08 42.76 -81.78
C SER GA 164 21.11 43.19 -80.74
N THR GA 165 21.50 44.46 -80.80
CA THR GA 165 22.38 45.02 -79.80
C THR GA 165 21.63 45.20 -78.48
N PRO GA 166 22.32 45.12 -77.34
CA PRO GA 166 21.65 45.30 -76.04
C PRO GA 166 21.16 46.72 -75.87
N PRO GA 167 19.96 46.90 -75.30
CA PRO GA 167 19.41 48.25 -75.14
C PRO GA 167 20.15 49.06 -74.10
N VAL GA 168 20.17 50.37 -74.32
CA VAL GA 168 20.95 51.34 -73.56
C VAL GA 168 20.00 52.23 -72.80
N ILE GA 169 20.25 52.42 -71.51
CA ILE GA 169 19.41 53.26 -70.66
C ILE GA 169 20.24 54.43 -70.15
N ARG GA 170 19.76 55.65 -70.40
CA ARG GA 170 20.40 56.84 -69.89
C ARG GA 170 19.98 57.08 -68.44
N LEU GA 171 20.93 57.53 -67.62
CA LEU GA 171 20.69 57.73 -66.20
C LEU GA 171 21.17 59.11 -65.78
N SER GA 172 20.79 59.49 -64.56
CA SER GA 172 21.21 60.71 -63.92
C SER GA 172 21.74 60.40 -62.52
N GLN GA 173 22.75 61.15 -62.10
CA GLN GA 173 23.43 60.86 -60.84
C GLN GA 173 22.56 61.24 -59.66
N GLY GA 174 22.27 60.26 -58.82
CA GLY GA 174 21.44 60.47 -57.65
C GLY GA 174 19.96 60.54 -57.91
N PHE GA 175 19.54 60.45 -59.17
CA PHE GA 175 18.14 60.54 -59.52
C PHE GA 175 17.56 59.16 -59.75
N VAL GA 176 16.35 58.96 -59.25
CA VAL GA 176 15.71 57.64 -59.28
C VAL GA 176 15.25 57.34 -60.69
N SER GA 177 15.59 56.17 -61.20
CA SER GA 177 15.14 55.69 -62.49
C SER GA 177 14.38 54.39 -62.27
N SER GA 178 13.17 54.32 -62.78
CA SER GA 178 12.30 53.17 -62.60
C SER GA 178 12.25 52.37 -63.90
N LEU GA 179 12.57 51.08 -63.79
CA LEU GA 179 12.59 50.17 -64.94
C LEU GA 179 11.58 49.05 -64.68
N VAL GA 180 10.52 49.00 -65.48
CA VAL GA 180 9.39 48.11 -65.22
C VAL GA 180 9.27 47.12 -66.38
N PHE GA 181 9.24 45.83 -66.06
CA PHE GA 181 9.25 44.76 -67.06
C PHE GA 181 7.83 44.33 -67.40
N LEU GA 182 7.47 44.39 -68.68
CA LEU GA 182 6.22 43.86 -69.18
C LEU GA 182 6.51 43.01 -70.41
N ASP GA 183 5.76 41.91 -70.56
CA ASP GA 183 6.01 40.98 -71.66
C ASP GA 183 5.36 41.49 -72.94
N SER GA 184 5.30 40.62 -73.96
CA SER GA 184 4.61 40.99 -75.19
C SER GA 184 3.11 41.15 -74.98
N THR GA 185 2.54 40.39 -74.05
CA THR GA 185 1.15 40.61 -73.62
C THR GA 185 1.01 41.84 -72.74
N GLY GA 186 2.12 42.43 -72.30
CA GLY GA 186 2.08 43.56 -71.40
C GLY GA 186 1.93 43.19 -69.94
N ALA GA 187 1.83 41.91 -69.63
CA ALA GA 187 1.72 41.48 -68.24
C ALA GA 187 3.07 41.68 -67.54
N PRO GA 188 3.06 42.09 -66.27
CA PRO GA 188 4.33 42.25 -65.56
C PRO GA 188 4.99 40.92 -65.25
N TRP GA 189 6.07 40.61 -65.97
CA TRP GA 189 6.83 39.41 -65.71
C TRP GA 189 7.71 39.65 -64.49
N PRO GA 190 7.54 38.89 -63.41
CA PRO GA 190 8.32 39.14 -62.19
C PRO GA 190 9.77 38.75 -62.33
N ILE GA 191 10.61 39.41 -61.54
CA ILE GA 191 12.07 39.32 -61.65
C ILE GA 191 12.57 38.34 -60.60
N ALA GA 192 13.26 37.28 -61.04
CA ALA GA 192 13.80 36.32 -60.09
C ALA GA 192 15.11 36.80 -59.48
N ALA GA 193 16.13 37.00 -60.30
CA ALA GA 193 17.45 37.32 -59.80
C ALA GA 193 18.12 38.33 -60.72
N TYR GA 194 19.14 39.01 -60.20
CA TYR GA 194 19.91 39.93 -61.02
C TYR GA 194 21.36 39.98 -60.57
N ASP GA 195 22.26 40.07 -61.54
CA ASP GA 195 23.67 40.26 -61.31
C ASP GA 195 24.04 41.67 -61.76
N LEU GA 196 24.63 42.43 -60.85
CA LEU GA 196 24.98 43.83 -61.07
C LEU GA 196 26.49 43.99 -60.98
N GLY GA 197 27.06 44.71 -61.92
CA GLY GA 197 28.42 45.18 -61.81
C GLY GA 197 28.45 46.65 -61.42
N ASP GA 198 29.62 47.09 -60.94
CA ASP GA 198 29.91 48.45 -60.48
C ASP GA 198 28.91 48.96 -59.45
N PRO GA 199 28.99 48.51 -58.19
CA PRO GA 199 28.24 49.21 -57.13
C PRO GA 199 28.67 50.65 -56.92
N SER GA 200 29.90 51.02 -57.29
CA SER GA 200 30.37 52.39 -57.18
C SER GA 200 29.70 53.33 -58.18
N SER GA 201 29.01 52.80 -59.18
CA SER GA 201 28.19 53.63 -60.05
C SER GA 201 26.72 53.35 -59.95
N PHE GA 202 26.32 52.15 -59.54
CA PHE GA 202 24.91 51.76 -59.57
C PHE GA 202 24.47 51.22 -58.21
N ASN GA 203 23.27 51.61 -57.80
CA ASN GA 203 22.63 51.06 -56.62
C ASN GA 203 21.23 50.59 -57.00
N ILE GA 204 20.85 49.43 -56.50
CA ILE GA 204 19.59 48.79 -56.87
C ILE GA 204 18.74 48.59 -55.62
N GLN GA 205 17.53 49.12 -55.65
CA GLN GA 205 16.51 48.84 -54.64
C GLN GA 205 15.52 47.85 -55.23
N TRP GA 206 15.27 46.75 -54.53
CA TRP GA 206 14.49 45.67 -55.11
C TRP GA 206 13.82 44.86 -54.01
N ASP GA 207 12.51 44.97 -53.90
CA ASP GA 207 11.78 43.97 -53.15
C ASP GA 207 11.70 42.69 -53.98
N LYS GA 208 11.47 41.58 -53.28
CA LYS GA 208 11.68 40.24 -53.83
C LYS GA 208 10.74 39.89 -54.97
N THR GA 209 9.58 40.53 -55.06
CA THR GA 209 8.57 40.16 -56.03
C THR GA 209 8.34 41.20 -57.10
N SER GA 210 9.15 42.26 -57.15
CA SER GA 210 8.87 43.35 -58.05
C SER GA 210 9.43 43.09 -59.45
N ASN GA 211 8.68 43.53 -60.45
CA ASN GA 211 9.16 43.60 -61.82
C ASN GA 211 9.73 44.98 -62.15
N THR GA 212 9.84 45.85 -61.15
CA THR GA 212 10.29 47.22 -61.35
C THR GA 212 11.47 47.51 -60.43
N LEU GA 213 12.54 48.04 -61.01
CA LEU GA 213 13.75 48.38 -60.29
C LEU GA 213 13.88 49.89 -60.15
N MET GA 214 14.39 50.31 -58.98
CA MET GA 214 14.71 51.70 -58.71
C MET GA 214 16.22 51.83 -58.65
N ILE GA 215 16.80 52.53 -59.62
CA ILE GA 215 18.25 52.64 -59.75
C ILE GA 215 18.64 54.09 -59.59
N GLN GA 216 19.76 54.33 -58.90
CA GLN GA 216 20.38 55.64 -58.86
C GLN GA 216 21.81 55.52 -59.34
N ALA GA 217 22.25 56.48 -60.14
CA ALA GA 217 23.62 56.52 -60.62
C ALA GA 217 24.49 57.13 -59.54
N THR GA 218 25.49 56.37 -59.07
CA THR GA 218 26.28 56.84 -57.97
C THR GA 218 27.36 57.82 -58.42
N LYS GA 219 28.01 57.54 -59.54
CA LYS GA 219 29.03 58.44 -60.07
C LYS GA 219 28.44 59.28 -61.20
N LEU GA 220 29.31 60.06 -61.85
CA LEU GA 220 28.85 61.05 -62.82
C LEU GA 220 28.43 60.41 -64.14
N TYR GA 221 29.39 59.83 -64.87
CA TYR GA 221 29.02 59.27 -66.17
C TYR GA 221 29.68 57.93 -66.47
N ASN GA 222 30.25 57.25 -65.47
CA ASN GA 222 30.83 55.94 -65.70
C ASN GA 222 29.73 54.90 -65.93
N TYR GA 223 29.94 54.06 -66.94
CA TYR GA 223 28.89 53.23 -67.51
C TYR GA 223 29.12 51.76 -67.17
N GLY GA 224 28.05 50.97 -67.31
CA GLY GA 224 28.10 49.58 -66.95
C GLY GA 224 27.03 48.75 -67.62
N ASN GA 225 26.83 47.54 -67.08
CA ASN GA 225 25.82 46.62 -67.60
C ASN GA 225 25.11 45.93 -66.45
N LEU GA 226 24.08 45.16 -66.79
CA LEU GA 226 23.28 44.46 -65.82
C LEU GA 226 22.68 43.21 -66.44
N ALA GA 227 22.62 42.12 -65.68
CA ALA GA 227 21.96 40.90 -66.13
C ALA GA 227 20.79 40.60 -65.21
N VAL GA 228 19.63 40.30 -65.80
CA VAL GA 228 18.41 40.05 -65.03
C VAL GA 228 17.77 38.76 -65.53
N ARG GA 229 17.63 37.78 -64.66
CA ARG GA 229 16.92 36.55 -64.95
C ARG GA 229 15.53 36.62 -64.34
N LEU GA 230 14.50 36.43 -65.17
CA LEU GA 230 13.12 36.47 -64.73
C LEU GA 230 12.74 35.14 -64.08
N ARG GA 231 11.52 35.08 -63.55
CA ARG GA 231 11.06 33.87 -62.88
C ARG GA 231 10.83 32.73 -63.87
N GLY GA 232 10.16 33.01 -64.98
CA GLY GA 232 9.85 31.97 -65.94
C GLY GA 232 10.78 31.92 -67.12
N LEU GA 233 11.67 32.92 -67.24
CA LEU GA 233 12.55 32.98 -68.40
C LEU GA 233 13.80 32.16 -68.16
N ASN GA 234 14.21 31.42 -69.18
CA ASN GA 234 15.48 30.70 -69.13
C ASN GA 234 16.65 31.64 -69.41
N THR GA 235 16.65 32.26 -70.58
CA THR GA 235 17.73 33.17 -70.94
C THR GA 235 17.51 34.51 -70.24
N PRO GA 236 18.46 34.97 -69.42
CA PRO GA 236 18.32 36.28 -68.81
C PRO GA 236 18.52 37.40 -69.83
N VAL GA 237 17.98 38.55 -69.51
CA VAL GA 237 18.21 39.74 -70.30
C VAL GA 237 19.47 40.43 -69.81
N MET GA 238 20.08 41.23 -70.68
CA MET GA 238 21.27 41.99 -70.33
C MET GA 238 21.16 43.38 -70.95
N LEU GA 239 21.52 44.38 -70.16
CA LEU GA 239 21.20 45.77 -70.47
C LEU GA 239 22.43 46.64 -70.22
N THR GA 240 22.61 47.68 -71.05
CA THR GA 240 23.70 48.62 -70.86
C THR GA 240 23.16 49.90 -70.22
N LEU GA 241 23.94 50.46 -69.32
CA LEU GA 241 23.55 51.61 -68.52
C LEU GA 241 24.59 52.69 -68.69
N ILE GA 242 24.19 53.84 -69.24
CA ILE GA 242 25.06 54.99 -69.42
C ILE GA 242 24.41 56.15 -68.68
N PRO GA 243 25.07 56.75 -67.70
CA PRO GA 243 24.50 57.93 -67.06
C PRO GA 243 25.02 59.24 -67.64
N GLY GA 244 24.41 60.35 -67.24
CA GLY GA 244 24.87 61.67 -67.59
C GLY GA 244 24.80 62.05 -69.05
N GLN GA 245 23.68 61.76 -69.71
CA GLN GA 245 23.49 62.11 -71.11
C GLN GA 245 22.76 63.44 -71.22
N LYS GA 246 22.42 63.82 -72.45
CA LYS GA 246 21.59 64.99 -72.70
C LYS GA 246 20.12 64.73 -72.42
N ALA GA 247 19.73 63.48 -72.23
CA ALA GA 247 18.40 63.11 -71.79
C ALA GA 247 18.52 62.14 -70.62
N VAL GA 248 17.56 62.21 -69.71
CA VAL GA 248 17.50 61.30 -68.57
C VAL GA 248 16.24 60.46 -68.71
N ASP GA 249 16.40 59.14 -68.69
CA ASP GA 249 15.26 58.23 -68.74
C ASP GA 249 14.60 58.23 -67.38
N TYR GA 250 13.51 59.00 -67.26
CA TYR GA 250 12.77 59.07 -66.01
C TYR GA 250 12.09 57.75 -65.70
N ARG GA 251 11.57 57.08 -66.73
CA ARG GA 251 10.98 55.75 -66.55
C ARG GA 251 11.15 54.98 -67.85
N VAL GA 252 11.54 53.72 -67.72
CA VAL GA 252 11.68 52.85 -68.88
C VAL GA 252 10.74 51.67 -68.69
N ASP GA 253 9.80 51.51 -69.62
CA ASP GA 253 8.93 50.33 -69.67
C ASP GA 253 9.54 49.36 -70.67
N LEU GA 254 10.07 48.25 -70.15
CA LEU GA 254 10.80 47.29 -70.96
C LEU GA 254 9.83 46.23 -71.47
N ARG GA 255 9.63 46.21 -72.80
CA ARG GA 255 8.79 45.23 -73.45
C ARG GA 255 9.61 44.00 -73.79
N VAL GA 256 9.09 42.83 -73.44
CA VAL GA 256 9.79 41.56 -73.60
C VAL GA 256 9.15 40.79 -74.74
N GLN GA 257 9.99 40.18 -75.59
CA GLN GA 257 9.51 39.47 -76.77
C GLN GA 257 8.73 38.19 -76.46
N GLY GA 258 8.75 37.71 -75.22
CA GLY GA 258 8.09 36.49 -74.85
C GLY GA 258 6.80 36.71 -74.05
N TYR GA 259 6.36 35.63 -73.41
CA TYR GA 259 5.19 35.62 -72.54
C TYR GA 259 5.51 34.85 -71.28
N GLY GA 260 5.12 35.40 -70.13
CA GLY GA 260 5.55 34.88 -68.86
C GLY GA 260 4.55 34.00 -68.15
N PRO GA 261 4.85 33.67 -66.89
CA PRO GA 261 3.86 32.96 -66.06
C PRO GA 261 2.62 33.78 -65.81
N ASN GA 262 2.73 35.11 -65.81
CA ASN GA 262 1.55 35.94 -65.89
C ASN GA 262 1.00 35.83 -67.30
N ALA GA 263 0.19 34.81 -67.53
CA ALA GA 263 -0.27 34.41 -68.85
C ALA GA 263 -1.79 34.38 -68.83
N LYS GA 264 -2.37 35.50 -68.36
CA LYS GA 264 -3.81 35.57 -68.06
C LYS GA 264 -4.68 35.29 -69.27
N SER GA 265 -4.36 35.89 -70.41
CA SER GA 265 -5.15 35.67 -71.61
C SER GA 265 -4.33 36.03 -72.84
N MET GA 266 -4.53 35.25 -73.89
CA MET GA 266 -4.25 35.73 -75.24
C MET GA 266 -5.25 36.84 -75.57
N PRO GA 267 -4.85 37.83 -76.37
CA PRO GA 267 -5.74 38.96 -76.66
C PRO GA 267 -6.98 38.56 -77.47
N THR GA 268 -8.11 39.18 -77.12
CA THR GA 268 -9.39 38.87 -77.73
C THR GA 268 -9.61 39.74 -78.96
N GLU GA 269 -10.07 39.13 -80.06
CA GLU GA 269 -10.26 39.83 -81.32
C GLU GA 269 -11.70 39.66 -81.77
N GLU GA 270 -12.04 40.36 -82.86
CA GLU GA 270 -13.36 40.23 -83.47
C GLU GA 270 -13.45 38.91 -84.22
N GLY GA 271 -14.28 38.01 -83.73
CA GLY GA 271 -14.37 36.68 -84.31
C GLY GA 271 -15.25 36.62 -85.53
N ILE GA 272 -14.68 36.19 -86.65
CA ILE GA 272 -15.49 35.84 -87.82
C ILE GA 272 -16.31 34.60 -87.49
N PRO GA 273 -17.62 34.61 -87.70
CA PRO GA 273 -18.46 33.46 -87.38
C PRO GA 273 -18.12 32.27 -88.26
N PRO GA 274 -18.35 31.05 -87.78
CA PRO GA 274 -18.03 29.86 -88.58
C PRO GA 274 -18.95 29.72 -89.79
N SER GA 275 -18.44 29.03 -90.81
CA SER GA 275 -19.12 28.91 -92.08
C SER GA 275 -20.33 27.97 -92.00
N ALA GA 276 -20.09 26.71 -91.68
CA ALA GA 276 -21.14 25.70 -91.68
C ALA GA 276 -20.66 24.52 -90.85
N ASN GA 277 -21.35 23.39 -90.98
CA ASN GA 277 -20.93 22.13 -90.40
C ASN GA 277 -20.59 21.16 -91.52
N ASP GA 278 -19.53 20.37 -91.29
CA ASP GA 278 -19.19 19.33 -92.24
C ASP GA 278 -20.15 18.15 -92.17
N LEU GA 279 -20.91 18.04 -91.09
CA LEU GA 279 -21.93 17.02 -90.96
C LEU GA 279 -23.07 17.21 -91.96
N LEU GA 280 -23.26 18.44 -92.43
CA LEU GA 280 -24.31 18.76 -93.40
C LEU GA 280 -24.11 18.00 -94.71
N LEU GA 281 -22.86 17.76 -95.10
CA LEU GA 281 -22.59 17.01 -96.32
C LEU GA 281 -23.04 15.56 -96.19
N HIS GA 282 -22.75 14.93 -95.05
CA HIS GA 282 -23.18 13.55 -94.83
C HIS GA 282 -24.69 13.46 -94.71
N VAL GA 283 -25.32 14.47 -94.12
CA VAL GA 283 -26.78 14.52 -94.07
C VAL GA 283 -27.37 14.65 -95.48
N LEU GA 284 -26.76 15.50 -96.30
CA LEU GA 284 -27.21 15.67 -97.68
C LEU GA 284 -27.00 14.42 -98.51
N GLU GA 285 -25.99 13.63 -98.19
CA GLU GA 285 -25.79 12.38 -98.90
C GLU GA 285 -26.44 11.19 -98.20
N GLY GA 286 -27.16 11.43 -97.12
CA GLY GA 286 -27.84 10.35 -96.45
C GLY GA 286 -26.97 9.52 -95.53
N VAL GA 287 -25.70 9.86 -95.40
CA VAL GA 287 -24.84 9.19 -94.43
C VAL GA 287 -25.25 9.63 -93.03
N PRO GA 288 -25.53 8.70 -92.12
CA PRO GA 288 -25.93 9.07 -90.77
C PRO GA 288 -24.79 9.71 -90.02
N PRO GA 289 -25.08 10.73 -89.21
CA PRO GA 289 -24.05 11.27 -88.33
C PRO GA 289 -23.70 10.26 -87.25
N PRO GA 290 -22.44 10.22 -86.82
CA PRO GA 290 -22.05 9.25 -85.79
C PRO GA 290 -22.63 9.62 -84.44
N GLY GA 291 -22.96 8.60 -83.67
CA GLY GA 291 -23.57 8.77 -82.36
C GLY GA 291 -24.95 9.40 -82.42
N SER GA 292 -25.81 8.90 -83.30
CA SER GA 292 -27.12 9.48 -83.51
C SER GA 292 -28.17 8.39 -83.52
N ARG GA 293 -29.39 8.76 -83.13
CA ARG GA 293 -30.52 7.85 -83.10
C ARG GA 293 -31.44 8.13 -84.28
N ARG GA 294 -31.96 7.08 -84.88
CA ARG GA 294 -32.94 7.24 -85.96
C ARG GA 294 -34.22 7.81 -85.40
N LEU GA 295 -34.87 8.65 -86.20
CA LEU GA 295 -36.08 9.34 -85.76
C LEU GA 295 -37.24 8.94 -86.66
N VAL GA 296 -38.34 8.56 -86.05
CA VAL GA 296 -39.53 8.16 -86.79
C VAL GA 296 -40.21 9.42 -87.34
N VAL GA 297 -40.27 9.53 -88.66
CA VAL GA 297 -40.89 10.65 -89.33
C VAL GA 297 -42.02 10.12 -90.18
N SER GA 298 -43.21 10.68 -90.00
CA SER GA 298 -44.39 10.27 -90.74
C SER GA 298 -44.98 11.46 -91.48
N GLY GA 299 -45.42 11.22 -92.71
CA GLY GA 299 -46.13 12.21 -93.48
C GLY GA 299 -45.41 12.74 -94.71
N GLY GA 300 -44.19 12.30 -94.96
CA GLY GA 300 -43.48 12.80 -96.14
C GLY GA 300 -42.19 12.04 -96.34
N ASP GA 301 -41.49 12.40 -97.41
CA ASP GA 301 -40.25 11.74 -97.80
C ASP GA 301 -39.08 12.53 -97.23
N ALA GA 302 -38.80 12.29 -95.95
CA ALA GA 302 -37.71 12.98 -95.28
C ALA GA 302 -37.13 12.06 -94.22
N ARG GA 303 -35.86 12.27 -93.92
CA ARG GA 303 -35.17 11.49 -92.90
C ARG GA 303 -34.60 12.44 -91.86
N ALA GA 304 -34.41 11.94 -90.65
CA ALA GA 304 -34.04 12.78 -89.54
C ALA GA 304 -32.99 12.11 -88.66
N TRP GA 305 -32.28 12.94 -87.91
CA TRP GA 305 -31.24 12.48 -87.00
C TRP GA 305 -31.12 13.44 -85.84
N LEU GA 306 -30.60 12.92 -84.74
CA LEU GA 306 -30.40 13.67 -83.50
C LEU GA 306 -29.07 13.23 -82.91
N SER GA 307 -28.08 14.12 -82.94
CA SER GA 307 -26.73 13.81 -82.48
C SER GA 307 -26.34 14.60 -81.24
N ASN GA 308 -26.56 15.91 -81.26
CA ASN GA 308 -26.23 16.76 -80.12
C ASN GA 308 -27.49 17.50 -79.73
N GLU GA 309 -28.57 16.73 -79.55
CA GLU GA 309 -29.98 17.16 -79.46
C GLU GA 309 -30.29 18.30 -80.44
N LYS GA 310 -29.88 18.11 -81.69
CA LYS GA 310 -30.15 19.02 -82.78
C LYS GA 310 -30.72 18.23 -83.94
N MET GA 311 -31.80 18.73 -84.51
CA MET GA 311 -32.49 18.00 -85.57
C MET GA 311 -31.78 18.19 -86.90
N TYR GA 312 -31.50 17.08 -87.56
CA TYR GA 312 -30.99 17.08 -88.92
C TYR GA 312 -32.06 16.42 -89.79
N VAL GA 313 -32.51 17.14 -90.80
CA VAL GA 313 -33.56 16.62 -91.68
C VAL GA 313 -33.07 16.71 -93.12
N ARG GA 314 -33.11 15.57 -93.81
CA ARG GA 314 -32.82 15.48 -95.23
C ARG GA 314 -34.13 15.32 -95.98
N THR GA 315 -34.36 16.20 -96.96
CA THR GA 315 -35.58 16.18 -97.75
C THR GA 315 -35.30 16.90 -99.07
N ASN GA 316 -36.35 17.25 -99.80
CA ASN GA 316 -36.22 18.13 -100.94
C ASN GA 316 -37.27 19.22 -100.93
N LEU GA 317 -38.03 19.34 -99.85
CA LEU GA 317 -39.10 20.31 -99.75
C LEU GA 317 -38.56 21.61 -99.13
N THR GA 318 -39.45 22.50 -98.71
CA THR GA 318 -39.07 23.74 -98.07
C THR GA 318 -39.76 23.83 -96.72
N ILE GA 319 -38.97 23.75 -95.66
CA ILE GA 319 -39.50 23.83 -94.30
C ILE GA 319 -39.83 25.28 -93.99
N LEU GA 320 -40.93 25.51 -93.28
CA LEU GA 320 -41.44 26.86 -93.07
C LEU GA 320 -41.42 27.32 -91.63
N SER GA 321 -42.06 26.58 -90.71
CA SER GA 321 -42.36 27.12 -89.39
C SER GA 321 -41.17 27.30 -88.44
N PRO GA 322 -40.45 26.26 -88.01
CA PRO GA 322 -39.64 26.41 -86.80
C PRO GA 322 -38.28 27.06 -87.02
N GLY GA 323 -37.94 27.45 -88.24
CA GLY GA 323 -36.64 28.04 -88.51
C GLY GA 323 -35.53 27.01 -88.49
N TRP GA 324 -34.34 27.48 -88.83
CA TRP GA 324 -33.17 26.60 -88.82
C TRP GA 324 -31.92 27.45 -88.68
N LEU GA 325 -30.83 26.80 -88.32
CA LEU GA 325 -29.53 27.45 -88.29
C LEU GA 325 -28.66 27.10 -89.48
N ALA GA 326 -28.81 25.91 -90.06
CA ALA GA 326 -27.98 25.53 -91.18
C ALA GA 326 -28.84 24.99 -92.32
N SER GA 327 -28.56 25.44 -93.53
CA SER GA 327 -29.23 24.95 -94.73
C SER GA 327 -28.19 24.61 -95.78
N MET GA 328 -28.41 23.51 -96.49
CA MET GA 328 -27.50 23.12 -97.54
C MET GA 328 -28.27 22.51 -98.71
N THR GA 329 -27.80 22.81 -99.91
CA THR GA 329 -28.46 22.38 -101.14
C THR GA 329 -27.49 21.58 -101.99
N SER GA 330 -28.02 20.53 -102.61
CA SER GA 330 -27.22 19.61 -103.42
C SER GA 330 -27.01 20.18 -104.81
N ALA GA 331 -26.49 19.35 -105.72
CA ALA GA 331 -26.44 19.72 -107.12
C ALA GA 331 -27.81 19.64 -107.76
N ASP GA 332 -28.66 18.72 -107.30
CA ASP GA 332 -29.99 18.54 -107.87
C ASP GA 332 -31.08 19.27 -107.11
N GLY GA 333 -30.75 19.94 -106.01
CA GLY GA 333 -31.74 20.61 -105.21
C GLY GA 333 -32.22 19.87 -103.99
N THR GA 334 -31.57 18.77 -103.62
CA THR GA 334 -31.86 18.11 -102.36
C THR GA 334 -31.43 19.03 -101.21
N HIS GA 335 -32.25 19.11 -100.18
CA HIS GA 335 -32.04 20.06 -99.10
C HIS GA 335 -31.76 19.34 -97.79
N ALA GA 336 -30.87 19.92 -97.00
CA ALA GA 336 -30.54 19.44 -95.67
C ALA GA 336 -30.66 20.61 -94.70
N TYR GA 337 -31.40 20.41 -93.61
CA TYR GA 337 -31.64 21.45 -92.63
C TYR GA 337 -31.18 20.98 -91.26
N GLU GA 338 -30.45 21.85 -90.57
CA GLU GA 338 -30.07 21.63 -89.18
C GLU GA 338 -30.72 22.71 -88.33
N MET GA 339 -31.47 22.28 -87.31
CA MET GA 339 -32.32 23.17 -86.53
C MET GA 339 -32.50 22.60 -85.13
N GLN GA 340 -33.40 23.23 -84.36
CA GLN GA 340 -33.71 22.80 -83.02
C GLN GA 340 -34.64 21.59 -83.05
N LYS GA 341 -34.99 21.09 -81.87
CA LYS GA 341 -35.90 19.97 -81.76
C LYS GA 341 -37.33 20.47 -81.62
N SER GA 342 -38.23 19.87 -82.40
CA SER GA 342 -39.65 20.18 -82.38
C SER GA 342 -40.42 19.04 -83.01
N PRO GA 343 -41.49 18.56 -82.38
CA PRO GA 343 -42.23 17.41 -82.93
C PRO GA 343 -43.08 17.73 -84.15
N VAL GA 344 -43.17 18.99 -84.53
CA VAL GA 344 -44.07 19.44 -85.58
C VAL GA 344 -43.25 20.16 -86.65
N LEU GA 345 -43.43 19.76 -87.90
CA LEU GA 345 -42.85 20.47 -89.03
C LEU GA 345 -43.97 20.93 -89.95
N LEU GA 346 -43.63 21.83 -90.86
CA LEU GA 346 -44.63 22.38 -91.77
C LEU GA 346 -43.94 22.81 -93.05
N VAL GA 347 -44.34 22.22 -94.18
CA VAL GA 347 -43.74 22.51 -95.48
C VAL GA 347 -44.83 22.91 -96.45
N SER GA 348 -44.39 23.36 -97.63
CA SER GA 348 -45.26 23.60 -98.77
C SER GA 348 -44.91 22.61 -99.86
N TRP GA 349 -45.90 21.87 -100.33
CA TRP GA 349 -45.65 20.84 -101.33
C TRP GA 349 -45.57 21.44 -102.73
N HIS GA 350 -46.66 22.04 -103.18
CA HIS GA 350 -46.69 22.73 -104.47
C HIS GA 350 -47.49 24.02 -104.31
N GLY GA 351 -47.19 24.76 -103.26
CA GLY GA 351 -48.01 25.88 -102.87
C GLY GA 351 -49.11 25.54 -101.89
N LYS GA 352 -49.27 24.27 -101.55
CA LYS GA 352 -50.23 23.81 -100.57
C LYS GA 352 -49.49 23.35 -99.33
N VAL GA 353 -49.96 23.79 -98.17
CA VAL GA 353 -49.21 23.63 -96.92
C VAL GA 353 -49.60 22.32 -96.25
N MET GA 354 -48.63 21.66 -95.63
CA MET GA 354 -48.85 20.43 -94.91
C MET GA 354 -47.97 20.40 -93.67
N GLN GA 355 -48.39 19.61 -92.69
CA GLN GA 355 -47.65 19.44 -91.44
C GLN GA 355 -47.13 18.01 -91.32
N LEU GA 356 -46.05 17.88 -90.57
CA LEU GA 356 -45.32 16.62 -90.42
C LEU GA 356 -45.18 16.29 -88.94
N LYS GA 357 -45.51 15.05 -88.60
CA LYS GA 357 -45.47 14.56 -87.23
C LYS GA 357 -44.16 13.82 -86.99
N VAL GA 358 -43.47 14.19 -85.91
CA VAL GA 358 -42.12 13.68 -85.63
C VAL GA 358 -42.15 12.98 -84.27
N GLU GA 359 -41.62 11.75 -84.24
CA GLU GA 359 -41.49 10.96 -83.03
C GLU GA 359 -40.04 10.94 -82.57
N GLY GA 360 -39.77 10.15 -81.55
CA GLY GA 360 -38.42 9.96 -81.06
C GLY GA 360 -37.91 11.04 -80.13
N LEU GA 361 -38.73 12.03 -79.80
CA LEU GA 361 -38.31 13.07 -78.88
C LEU GA 361 -38.64 12.67 -77.44
N VAL HA 38 -21.36 -29.01 -93.02
CA VAL HA 38 -21.29 -30.22 -93.84
C VAL HA 38 -22.67 -30.71 -94.35
N PRO HA 39 -23.76 -30.67 -93.55
CA PRO HA 39 -25.09 -30.79 -94.20
C PRO HA 39 -25.41 -29.60 -95.08
N LYS HA 40 -24.86 -28.42 -94.77
CA LYS HA 40 -24.97 -27.29 -95.66
C LYS HA 40 -24.19 -27.53 -96.95
N LEU HA 41 -23.09 -28.27 -96.87
CA LEU HA 41 -22.39 -28.67 -98.07
C LEU HA 41 -23.22 -29.71 -98.82
N PRO HA 42 -23.51 -29.49 -100.11
CA PRO HA 42 -24.28 -30.47 -100.88
C PRO HA 42 -23.40 -31.68 -101.19
N CYS HA 43 -24.00 -32.87 -101.06
CA CYS HA 43 -23.26 -34.10 -101.33
C CYS HA 43 -22.93 -34.23 -102.81
N ARG HA 44 -23.92 -34.03 -103.66
CA ARG HA 44 -23.73 -33.95 -105.10
C ARG HA 44 -23.84 -32.50 -105.53
N VAL HA 45 -23.47 -32.24 -106.78
CA VAL HA 45 -23.70 -30.91 -107.34
C VAL HA 45 -25.21 -30.75 -107.58
N ASP HA 46 -25.66 -29.50 -107.62
CA ASP HA 46 -27.08 -29.21 -107.72
C ASP HA 46 -27.59 -29.53 -109.13
N GLY HA 47 -28.80 -30.09 -109.18
CA GLY HA 47 -29.47 -30.38 -110.43
C GLY HA 47 -28.79 -31.43 -111.29
N ALA HA 48 -28.41 -32.55 -110.69
CA ALA HA 48 -27.73 -33.59 -111.45
C ALA HA 48 -28.08 -34.97 -110.92
N CYS HA 49 -28.15 -35.93 -111.82
CA CYS HA 49 -28.24 -37.35 -111.48
C CYS HA 49 -27.69 -38.13 -112.67
N ASP HA 50 -26.73 -39.01 -112.39
CA ASP HA 50 -26.02 -39.73 -113.44
C ASP HA 50 -26.95 -40.66 -114.22
N ALA HA 51 -27.93 -41.25 -113.53
CA ALA HA 51 -28.91 -42.10 -114.19
C ALA HA 51 -29.77 -41.30 -115.16
N THR HA 52 -30.17 -40.09 -114.75
CA THR HA 52 -30.93 -39.23 -115.65
C THR HA 52 -30.08 -38.80 -116.85
N ILE HA 53 -28.80 -38.52 -116.61
CA ILE HA 53 -27.89 -38.09 -117.67
C ILE HA 53 -27.73 -39.19 -118.71
N ILE HA 54 -27.43 -40.41 -118.25
CA ILE HA 54 -27.22 -41.52 -119.18
C ILE HA 54 -28.53 -41.92 -119.85
N LYS HA 55 -29.67 -41.73 -119.16
CA LYS HA 55 -30.96 -42.07 -119.74
C LYS HA 55 -31.31 -41.13 -120.89
N MET HA 56 -31.17 -39.82 -120.67
CA MET HA 56 -31.49 -38.88 -121.74
C MET HA 56 -30.45 -38.93 -122.86
N MET HA 57 -29.20 -39.30 -122.53
CA MET HA 57 -28.19 -39.48 -123.58
C MET HA 57 -28.53 -40.67 -124.47
N THR HA 58 -28.97 -41.77 -123.86
CA THR HA 58 -29.39 -42.94 -124.62
C THR HA 58 -30.62 -42.63 -125.45
N ASP HA 59 -31.55 -41.85 -124.89
CA ASP HA 59 -32.75 -41.47 -125.63
C ASP HA 59 -32.41 -40.60 -126.83
N LEU HA 60 -31.45 -39.69 -126.68
CA LEU HA 60 -31.07 -38.84 -127.81
C LEU HA 60 -30.30 -39.61 -128.86
N ASN HA 61 -29.49 -40.59 -128.44
CA ASN HA 61 -28.80 -41.43 -129.42
C ASN HA 61 -29.78 -42.31 -130.18
N LYS HA 62 -30.83 -42.77 -129.51
CA LYS HA 62 -31.89 -43.48 -130.23
C LYS HA 62 -32.70 -42.53 -131.09
N LYS HA 63 -32.79 -41.27 -130.69
CA LYS HA 63 -33.45 -40.27 -131.50
C LYS HA 63 -32.68 -40.00 -132.79
N GLY HA 64 -31.37 -40.14 -132.75
CA GLY HA 64 -30.61 -40.21 -133.98
C GLY HA 64 -29.56 -39.14 -134.16
N ILE HA 65 -28.99 -38.66 -133.07
CA ILE HA 65 -27.94 -37.66 -133.13
C ILE HA 65 -26.69 -38.21 -132.46
N LYS HA 66 -25.55 -37.75 -132.93
CA LYS HA 66 -24.28 -38.35 -132.56
C LYS HA 66 -23.79 -37.80 -131.24
N VAL HA 67 -23.51 -38.69 -130.29
CA VAL HA 67 -22.99 -38.35 -128.98
C VAL HA 67 -21.67 -39.09 -128.82
N ALA HA 68 -20.60 -38.35 -128.51
CA ALA HA 68 -19.29 -38.97 -128.39
C ALA HA 68 -18.60 -38.52 -127.11
N SER HA 69 -18.04 -39.48 -126.40
CA SER HA 69 -17.30 -39.26 -125.16
C SER HA 69 -15.87 -39.74 -125.34
N VAL HA 70 -14.90 -38.87 -125.03
CA VAL HA 70 -13.50 -39.21 -125.17
C VAL HA 70 -12.75 -38.54 -124.01
N GLY HA 71 -12.20 -39.36 -123.11
CA GLY HA 71 -11.61 -38.85 -121.90
C GLY HA 71 -12.66 -38.19 -121.03
N GLN HA 72 -12.62 -36.86 -120.98
CA GLN HA 72 -13.68 -36.06 -120.38
C GLN HA 72 -14.26 -35.07 -121.38
N ASN HA 73 -14.02 -35.28 -122.67
CA ASN HA 73 -14.48 -34.38 -123.71
C ASN HA 73 -15.68 -35.01 -124.40
N TYR HA 74 -16.73 -34.22 -124.57
CA TYR HA 74 -17.96 -34.66 -125.20
C TYR HA 74 -18.25 -33.80 -126.42
N LEU HA 75 -18.69 -34.45 -127.49
CA LEU HA 75 -19.08 -33.73 -128.70
C LEU HA 75 -20.38 -34.31 -129.25
N ILE HA 76 -21.26 -33.41 -129.67
CA ILE HA 76 -22.59 -33.76 -130.16
C ILE HA 76 -22.74 -33.24 -131.58
N SER HA 77 -23.24 -34.10 -132.46
CA SER HA 77 -23.50 -33.75 -133.85
C SER HA 77 -24.97 -33.94 -134.16
N ILE HA 78 -25.56 -32.97 -134.85
CA ILE HA 78 -26.96 -32.98 -135.22
C ILE HA 78 -27.04 -32.84 -136.74
N PRO HA 79 -27.85 -33.64 -137.42
CA PRO HA 79 -28.12 -33.37 -138.84
C PRO HA 79 -28.99 -32.13 -139.00
N ALA HA 80 -28.58 -31.26 -139.92
CA ALA HA 80 -29.24 -29.98 -140.11
C ALA HA 80 -30.58 -30.10 -140.82
N SER HA 81 -30.88 -31.24 -141.45
CA SER HA 81 -32.17 -31.42 -142.09
C SER HA 81 -33.29 -31.52 -141.06
N ALA HA 82 -32.96 -31.95 -139.85
CA ALA HA 82 -33.93 -31.95 -138.76
C ALA HA 82 -34.03 -30.59 -138.08
N LEU HA 83 -33.25 -29.61 -138.51
CA LEU HA 83 -33.19 -28.34 -137.80
C LEU HA 83 -33.61 -27.15 -138.64
N PHE HA 84 -33.21 -27.09 -139.90
CA PHE HA 84 -33.50 -25.93 -140.73
C PHE HA 84 -34.30 -26.33 -141.95
N ALA HA 85 -34.59 -25.34 -142.79
CA ALA HA 85 -35.16 -25.57 -144.09
C ALA HA 85 -34.04 -25.70 -145.12
N ASP HA 86 -34.40 -25.69 -146.40
CA ASP HA 86 -33.47 -25.99 -147.48
C ASP HA 86 -32.55 -24.80 -147.73
N GLN HA 87 -31.32 -24.90 -147.20
CA GLN HA 87 -30.23 -23.94 -147.41
C GLN HA 87 -30.59 -22.53 -146.96
N SER HA 88 -31.45 -22.43 -145.95
CA SER HA 88 -31.92 -21.16 -145.45
C SER HA 88 -31.83 -21.13 -143.94
N PRO HA 89 -31.53 -19.98 -143.34
CA PRO HA 89 -31.40 -19.88 -141.88
C PRO HA 89 -32.73 -19.62 -141.17
N ARG HA 90 -33.77 -20.35 -141.57
CA ARG HA 90 -35.07 -20.25 -140.94
C ARG HA 90 -35.31 -21.52 -140.14
N LEU HA 91 -35.95 -21.38 -138.99
CA LEU HA 91 -36.05 -22.45 -138.02
C LEU HA 91 -37.42 -23.10 -138.06
N ASN HA 92 -37.42 -24.43 -138.02
CA ASN HA 92 -38.66 -25.16 -137.80
C ASN HA 92 -39.15 -24.88 -136.38
N TRP HA 93 -40.45 -24.60 -136.26
CA TRP HA 93 -40.96 -24.14 -134.98
C TRP HA 93 -41.02 -25.25 -133.95
N ALA HA 94 -41.23 -26.49 -134.39
CA ALA HA 94 -41.34 -27.61 -133.46
C ALA HA 94 -39.97 -28.06 -132.93
N SER HA 95 -38.89 -27.64 -133.58
CA SER HA 95 -37.56 -28.08 -133.19
C SER HA 95 -37.07 -27.43 -131.89
N TYR HA 96 -37.77 -26.41 -131.39
CA TYR HA 96 -37.38 -25.80 -130.13
C TYR HA 96 -37.60 -26.73 -128.95
N SER HA 97 -38.48 -27.73 -129.08
CA SER HA 97 -38.59 -28.77 -128.06
C SER HA 97 -37.30 -29.58 -127.97
N LEU HA 98 -36.73 -29.94 -129.12
CA LEU HA 98 -35.45 -30.64 -129.15
C LEU HA 98 -34.33 -29.74 -128.66
N LEU HA 99 -34.42 -28.43 -128.96
CA LEU HA 99 -33.46 -27.48 -128.42
C LEU HA 99 -33.55 -27.39 -126.91
N ASN HA 100 -34.76 -27.43 -126.36
CA ASN HA 100 -34.93 -27.44 -124.93
C ASN HA 100 -34.42 -28.73 -124.31
N GLU HA 101 -34.56 -29.85 -125.03
CA GLU HA 101 -34.03 -31.12 -124.56
C GLU HA 101 -32.51 -31.11 -124.50
N ILE HA 102 -31.86 -30.57 -125.54
CA ILE HA 102 -30.40 -30.54 -125.51
C ILE HA 102 -29.91 -29.48 -124.53
N ALA HA 103 -30.72 -28.45 -124.27
CA ALA HA 103 -30.38 -27.50 -123.22
C ALA HA 103 -30.45 -28.15 -121.84
N ALA HA 104 -31.48 -28.97 -121.61
CA ALA HA 104 -31.60 -29.68 -120.34
C ALA HA 104 -30.50 -30.71 -120.15
N PHE HA 105 -30.05 -31.33 -121.24
CA PHE HA 105 -28.89 -32.23 -121.15
C PHE HA 105 -27.62 -31.46 -120.84
N LEU HA 106 -27.44 -30.29 -121.46
CA LEU HA 106 -26.24 -29.51 -121.21
C LEU HA 106 -26.25 -28.84 -119.84
N LYS HA 107 -27.42 -28.70 -119.23
CA LYS HA 107 -27.52 -28.14 -117.88
C LYS HA 107 -26.87 -29.03 -116.82
N GLN HA 108 -26.67 -30.31 -117.11
CA GLN HA 108 -26.17 -31.25 -116.12
C GLN HA 108 -24.65 -31.23 -115.99
N PHE HA 109 -23.95 -30.46 -116.79
CA PHE HA 109 -22.49 -30.50 -116.81
C PHE HA 109 -21.92 -29.13 -116.46
N ARG HA 110 -20.68 -29.15 -116.00
CA ARG HA 110 -19.95 -27.94 -115.64
C ARG HA 110 -18.82 -27.73 -116.64
N LYS HA 111 -18.76 -26.54 -117.24
CA LYS HA 111 -17.81 -26.29 -118.30
C LYS HA 111 -17.53 -24.79 -118.39
N ILE HA 112 -16.59 -24.43 -119.25
CA ILE HA 112 -16.22 -23.05 -119.47
C ILE HA 112 -16.39 -22.63 -120.93
N ALA HA 113 -15.99 -23.49 -121.87
CA ALA HA 113 -15.97 -23.14 -123.27
C ALA HA 113 -16.63 -24.24 -124.10
N ILE HA 114 -17.52 -23.82 -125.01
CA ILE HA 114 -18.18 -24.72 -125.95
C ILE HA 114 -17.89 -24.22 -127.35
N THR HA 115 -17.45 -25.11 -128.23
CA THR HA 115 -17.25 -24.79 -129.63
C THR HA 115 -18.48 -25.22 -130.41
N VAL HA 116 -19.12 -24.26 -131.07
CA VAL HA 116 -20.31 -24.50 -131.88
C VAL HA 116 -19.94 -24.21 -133.32
N THR HA 117 -19.98 -25.24 -134.17
CA THR HA 117 -19.66 -25.07 -135.58
C THR HA 117 -20.71 -25.79 -136.43
N SER HA 118 -20.62 -25.56 -137.73
CA SER HA 118 -21.56 -26.16 -138.66
C SER HA 118 -20.84 -26.53 -139.96
N TYR HA 119 -21.44 -27.48 -140.66
CA TYR HA 119 -20.95 -27.96 -141.95
C TYR HA 119 -22.14 -28.07 -142.89
N SER HA 120 -21.88 -27.97 -144.19
CA SER HA 120 -22.94 -27.99 -145.18
C SER HA 120 -22.39 -28.46 -146.51
N SER HA 121 -23.24 -28.48 -147.51
CA SER HA 121 -22.88 -28.81 -148.88
C SER HA 121 -22.62 -27.54 -149.68
N LYS HA 122 -21.99 -27.72 -150.83
CA LYS HA 122 -21.72 -26.61 -151.73
C LYS HA 122 -22.92 -26.40 -152.66
N TYR HA 123 -23.42 -25.17 -152.70
CA TYR HA 123 -24.60 -24.85 -153.51
C TYR HA 123 -24.28 -23.94 -154.67
N VAL HA 124 -23.73 -22.75 -154.41
CA VAL HA 124 -23.46 -21.80 -155.49
C VAL HA 124 -22.02 -21.32 -155.39
N SER HA 125 -21.60 -20.95 -154.19
CA SER HA 125 -20.36 -20.23 -153.97
C SER HA 125 -19.64 -20.96 -152.86
N VAL HA 126 -18.66 -20.29 -152.25
CA VAL HA 126 -18.13 -20.69 -150.96
C VAL HA 126 -18.64 -19.78 -149.85
N LYS HA 127 -18.75 -18.49 -150.16
CA LYS HA 127 -19.14 -17.48 -149.18
C LYS HA 127 -20.57 -17.65 -148.74
N ARG HA 128 -21.43 -18.20 -149.60
CA ARG HA 128 -22.83 -18.40 -149.25
C ARG HA 128 -22.98 -19.37 -148.10
N GLU HA 129 -22.37 -20.55 -148.21
CA GLU HA 129 -22.50 -21.51 -147.14
C GLU HA 129 -21.64 -21.15 -145.94
N ARG HA 130 -20.56 -20.39 -146.15
CA ARG HA 130 -19.79 -19.90 -145.01
C ARG HA 130 -20.62 -18.95 -144.16
N ALA HA 131 -21.30 -18.00 -144.81
CA ALA HA 131 -22.18 -17.08 -144.11
C ALA HA 131 -23.39 -17.80 -143.53
N LEU HA 132 -23.91 -18.81 -144.24
CA LEU HA 132 -25.08 -19.54 -143.76
C LEU HA 132 -24.76 -20.34 -142.49
N THR HA 133 -23.64 -21.05 -142.49
CA THR HA 133 -23.22 -21.79 -141.31
C THR HA 133 -22.90 -20.85 -140.16
N LEU HA 134 -22.26 -19.73 -140.46
CA LEU HA 134 -21.94 -18.74 -139.43
C LEU HA 134 -23.21 -18.17 -138.81
N ALA HA 135 -24.21 -17.86 -139.63
CA ALA HA 135 -25.45 -17.29 -139.12
C ALA HA 135 -26.26 -18.31 -138.34
N ARG HA 136 -26.29 -19.55 -138.80
CA ARG HA 136 -27.00 -20.60 -138.07
C ARG HA 136 -26.34 -20.87 -136.73
N SER HA 137 -25.01 -20.85 -136.70
CA SER HA 137 -24.28 -20.97 -135.43
C SER HA 137 -24.60 -19.80 -134.52
N ARG HA 138 -24.70 -18.60 -135.08
CA ARG HA 138 -25.08 -17.42 -134.30
C ARG HA 138 -26.46 -17.58 -133.70
N VAL HA 139 -27.41 -18.11 -134.48
CA VAL HA 139 -28.78 -18.26 -134.02
C VAL HA 139 -28.87 -19.26 -132.89
N VAL HA 140 -28.26 -20.45 -133.08
CA VAL HA 140 -28.37 -21.49 -132.07
C VAL HA 140 -27.57 -21.10 -130.83
N SER HA 141 -26.47 -20.37 -130.99
CA SER HA 141 -25.70 -19.93 -129.84
C SER HA 141 -26.44 -18.84 -129.07
N GLU HA 142 -27.14 -17.96 -129.77
CA GLU HA 142 -27.90 -16.91 -129.11
C GLU HA 142 -29.04 -17.49 -128.31
N TYR HA 143 -29.76 -18.47 -128.87
CA TYR HA 143 -30.83 -19.10 -128.10
C TYR HA 143 -30.26 -19.90 -126.93
N LEU HA 144 -29.11 -20.53 -127.11
CA LEU HA 144 -28.51 -21.29 -126.02
C LEU HA 144 -28.01 -20.35 -124.91
N TRP HA 145 -27.52 -19.18 -125.29
CA TRP HA 145 -27.10 -18.20 -124.29
C TRP HA 145 -28.29 -17.60 -123.57
N SER HA 146 -29.42 -17.47 -124.27
CA SER HA 146 -30.66 -17.10 -123.59
C SER HA 146 -31.08 -18.18 -122.61
N GLN HA 147 -30.90 -19.43 -122.98
CA GLN HA 147 -31.20 -20.53 -122.07
C GLN HA 147 -30.08 -20.70 -121.05
N GLY HA 148 -30.25 -21.66 -120.16
CA GLY HA 148 -29.39 -21.80 -119.01
C GLY HA 148 -28.04 -22.44 -119.27
N VAL HA 149 -27.15 -21.72 -119.90
CA VAL HA 149 -25.76 -22.15 -120.02
C VAL HA 149 -25.01 -21.67 -118.78
N ASP HA 150 -24.22 -22.56 -118.21
CA ASP HA 150 -23.39 -22.23 -117.06
C ASP HA 150 -21.94 -21.98 -117.44
N SER HA 151 -21.63 -21.93 -118.73
CA SER HA 151 -20.26 -21.76 -119.18
C SER HA 151 -19.88 -20.29 -119.11
N ARG HA 152 -18.71 -19.96 -119.65
CA ARG HA 152 -18.26 -18.59 -119.73
C ARG HA 152 -18.05 -18.12 -121.15
N ILE HA 153 -17.74 -19.01 -122.08
CA ILE HA 153 -17.37 -18.65 -123.44
C ILE HA 153 -18.16 -19.51 -124.41
N ILE HA 154 -18.85 -18.88 -125.36
CA ILE HA 154 -19.48 -19.56 -126.48
C ILE HA 154 -18.78 -19.10 -127.75
N PHE HA 155 -18.25 -20.06 -128.51
CA PHE HA 155 -17.53 -19.80 -129.75
C PHE HA 155 -18.43 -20.10 -130.94
N THR HA 156 -18.49 -19.18 -131.89
CA THR HA 156 -19.29 -19.32 -133.10
C THR HA 156 -18.37 -19.22 -134.31
N GLN HA 157 -18.26 -20.32 -135.06
CA GLN HA 157 -17.57 -20.36 -136.34
C GLN HA 157 -18.46 -21.05 -137.36
N GLY HA 158 -18.24 -20.73 -138.63
CA GLY HA 158 -18.96 -21.37 -139.71
C GLY HA 158 -18.09 -21.54 -140.95
N LEU HA 159 -17.96 -22.76 -141.45
CA LEU HA 159 -17.09 -23.02 -142.58
C LEU HA 159 -17.80 -23.56 -143.81
N GLY HA 160 -18.93 -24.24 -143.65
CA GLY HA 160 -19.71 -24.66 -144.80
C GLY HA 160 -19.33 -26.01 -145.39
N SER HA 161 -18.60 -25.99 -146.50
CA SER HA 161 -18.26 -27.22 -147.20
C SER HA 161 -16.76 -27.34 -147.38
N ASP HA 162 -16.01 -27.11 -146.30
CA ASP HA 162 -14.56 -27.15 -146.35
C ASP HA 162 -13.98 -28.47 -145.89
N LYS HA 163 -14.65 -29.17 -144.96
CA LYS HA 163 -14.19 -30.46 -144.46
C LYS HA 163 -15.32 -31.48 -144.58
N PRO HA 164 -15.50 -32.06 -145.76
CA PRO HA 164 -16.51 -33.12 -145.90
C PRO HA 164 -16.05 -34.39 -145.21
N ILE HA 165 -17.02 -35.12 -144.65
CA ILE HA 165 -16.74 -36.34 -143.91
C ILE HA 165 -17.41 -37.54 -144.53
N THR HA 166 -17.95 -37.40 -145.74
CA THR HA 166 -18.71 -38.48 -146.36
C THR HA 166 -18.28 -38.64 -147.81
N SER HA 167 -18.05 -39.89 -148.21
CA SER HA 167 -17.82 -40.18 -149.62
C SER HA 167 -19.09 -39.98 -150.43
N TYR HA 168 -20.24 -40.32 -149.84
CA TYR HA 168 -21.53 -40.08 -150.47
C TYR HA 168 -21.77 -38.57 -150.57
N THR HA 169 -22.14 -38.10 -151.76
CA THR HA 169 -22.29 -36.67 -152.00
C THR HA 169 -23.52 -36.35 -152.84
N LEU HA 170 -24.47 -37.27 -152.97
CA LEU HA 170 -25.64 -37.00 -153.78
C LEU HA 170 -26.64 -36.09 -153.08
N GLY HA 171 -26.77 -36.21 -151.77
CA GLY HA 171 -27.65 -35.34 -151.03
C GLY HA 171 -27.10 -33.94 -150.91
N GLY HA 172 -28.01 -32.98 -150.73
CA GLY HA 172 -27.63 -31.61 -150.51
C GLY HA 172 -27.71 -31.29 -149.04
N ASP HA 173 -28.81 -30.66 -148.63
CA ASP HA 173 -29.11 -30.57 -147.21
C ASP HA 173 -29.52 -31.93 -146.65
N ARG HA 174 -30.03 -32.81 -147.51
CA ARG HA 174 -30.35 -34.17 -147.08
C ARG HA 174 -29.12 -35.04 -146.92
N SER HA 175 -27.95 -34.59 -147.37
CA SER HA 175 -26.71 -35.25 -147.02
C SER HA 175 -26.47 -35.10 -145.52
N PRO HA 176 -25.83 -36.10 -144.89
CA PRO HA 176 -25.46 -35.96 -143.47
C PRO HA 176 -24.42 -34.89 -143.21
N ASN HA 177 -23.69 -34.44 -144.23
CA ASN HA 177 -22.69 -33.39 -144.05
C ASN HA 177 -23.33 -32.04 -143.73
N ALA HA 178 -24.58 -31.82 -144.11
CA ALA HA 178 -25.33 -30.68 -143.59
C ALA HA 178 -25.63 -30.97 -142.13
N ARG HA 179 -24.87 -30.33 -141.24
CA ARG HA 179 -24.88 -30.72 -139.84
C ARG HA 179 -24.39 -29.55 -138.99
N VAL HA 180 -24.64 -29.66 -137.69
CA VAL HA 180 -24.04 -28.78 -136.70
C VAL HA 180 -23.41 -29.65 -135.63
N GLU HA 181 -22.45 -29.08 -134.91
CA GLU HA 181 -21.76 -29.84 -133.90
C GLU HA 181 -21.27 -28.92 -132.79
N ILE HA 182 -21.08 -29.52 -131.63
CA ILE HA 182 -20.71 -28.81 -130.41
C ILE HA 182 -19.74 -29.67 -129.62
N THR HA 183 -18.58 -29.11 -129.29
CA THR HA 183 -17.55 -29.82 -128.56
C THR HA 183 -17.23 -29.08 -127.27
N PHE HA 184 -16.96 -29.84 -126.21
CA PHE HA 184 -16.48 -29.25 -124.96
C PHE HA 184 -15.75 -30.33 -124.17
N ARG HA 185 -15.15 -29.89 -123.07
CA ARG HA 185 -14.52 -30.78 -122.11
C ARG HA 185 -15.21 -30.62 -120.76
N ARG HA 186 -15.62 -31.74 -120.17
CA ARG HA 186 -16.14 -31.72 -118.81
C ARG HA 186 -14.98 -31.50 -117.86
N ALA HA 187 -14.89 -30.30 -117.30
CA ALA HA 187 -13.76 -29.91 -116.48
C ALA HA 187 -14.10 -30.08 -115.01
N VAL HA 188 -13.36 -30.94 -114.34
CA VAL HA 188 -13.40 -31.16 -112.88
C VAL HA 188 -14.79 -31.50 -112.36
N CYS IA 42 -52.82 -26.48 -141.34
CA CYS IA 42 -53.87 -25.69 -140.73
C CYS IA 42 -53.37 -24.30 -140.34
N PHE IA 43 -52.28 -24.25 -139.58
CA PHE IA 43 -51.73 -22.98 -139.13
C PHE IA 43 -50.25 -23.17 -138.79
N HIS IA 44 -49.48 -22.11 -139.00
CA HIS IA 44 -48.08 -22.11 -138.65
C HIS IA 44 -47.80 -21.05 -137.59
N PRO IA 45 -47.14 -21.40 -136.49
CA PRO IA 45 -46.90 -20.45 -135.39
C PRO IA 45 -46.06 -19.24 -135.77
N PRO IA 46 -45.04 -19.35 -136.70
CA PRO IA 46 -44.48 -18.04 -137.09
C PRO IA 46 -45.32 -17.29 -138.12
N TYR IA 47 -46.41 -16.71 -137.63
CA TYR IA 47 -47.30 -15.78 -138.34
C TYR IA 47 -47.93 -16.38 -139.59
N ASN IA 48 -48.00 -17.72 -139.64
CA ASN IA 48 -48.54 -18.49 -140.77
C ASN IA 48 -47.87 -18.15 -142.09
N ASN IA 49 -46.56 -17.85 -142.03
CA ASN IA 49 -45.72 -17.50 -143.18
C ASN IA 49 -46.30 -16.33 -143.97
N PHE IA 50 -46.84 -15.35 -143.25
CA PHE IA 50 -47.46 -14.14 -143.80
C PHE IA 50 -48.60 -14.47 -144.76
N GLN IA 51 -49.39 -15.47 -144.41
CA GLN IA 51 -50.60 -15.79 -145.14
C GLN IA 51 -51.81 -15.55 -144.26
N PRO IA 52 -52.94 -15.16 -144.83
CA PRO IA 52 -54.15 -14.95 -144.01
C PRO IA 52 -54.64 -16.24 -143.38
N ASP IA 53 -55.14 -16.14 -142.15
CA ASP IA 53 -55.54 -17.30 -141.39
C ASP IA 53 -56.87 -17.85 -141.89
N ARG IA 54 -56.94 -19.17 -142.01
CA ARG IA 54 -58.16 -19.84 -142.45
C ARG IA 54 -58.93 -20.34 -141.24
N ARG IA 55 -59.32 -19.39 -140.40
CA ARG IA 55 -59.93 -19.73 -139.12
C ARG IA 55 -61.40 -20.11 -139.26
N ALA IA 56 -62.15 -19.36 -140.06
CA ALA IA 56 -63.60 -19.54 -140.14
C ALA IA 56 -63.97 -20.87 -140.78
N VAL IA 57 -63.21 -21.29 -141.79
CA VAL IA 57 -63.49 -22.57 -142.45
C VAL IA 57 -63.18 -23.73 -141.51
N LYS IA 58 -62.13 -23.62 -140.71
CA LYS IA 58 -61.84 -24.66 -139.71
C LYS IA 58 -62.89 -24.67 -138.62
N ARG IA 59 -63.39 -23.49 -138.24
CA ARG IA 59 -64.45 -23.41 -137.23
C ARG IA 59 -65.74 -24.05 -137.72
N VAL IA 60 -66.13 -23.78 -138.97
CA VAL IA 60 -67.36 -24.38 -139.46
C VAL IA 60 -67.15 -25.86 -139.77
N GLY IA 61 -65.91 -26.27 -140.07
CA GLY IA 61 -65.63 -27.69 -140.23
C GLY IA 61 -65.76 -28.47 -138.93
N VAL IA 62 -65.19 -27.93 -137.84
CA VAL IA 62 -65.33 -28.61 -136.56
C VAL IA 62 -66.72 -28.44 -135.97
N ASP IA 63 -67.49 -27.44 -136.43
CA ASP IA 63 -68.89 -27.36 -136.05
C ASP IA 63 -69.74 -28.37 -136.79
N THR IA 64 -69.43 -28.63 -138.07
CA THR IA 64 -70.12 -29.70 -138.78
C THR IA 64 -69.71 -31.06 -138.27
N GLY IA 65 -68.50 -31.18 -137.73
CA GLY IA 65 -68.05 -32.45 -137.16
C GLY IA 65 -68.74 -32.82 -135.87
N GLY IA 88 -72.93 -28.62 -137.13
CA GLY IA 88 -73.90 -28.15 -138.10
C GLY IA 88 -73.51 -26.85 -138.79
N GLY IA 89 -74.11 -26.64 -139.96
CA GLY IA 89 -73.89 -25.38 -140.67
C GLY IA 89 -74.46 -24.19 -139.93
N THR IA 90 -75.57 -24.39 -139.23
CA THR IA 90 -76.19 -23.32 -138.45
C THR IA 90 -75.30 -22.90 -137.28
N VAL IA 91 -74.77 -23.89 -136.55
CA VAL IA 91 -73.91 -23.55 -135.42
C VAL IA 91 -72.57 -23.00 -135.90
N GLY IA 92 -72.10 -23.45 -137.07
CA GLY IA 92 -70.92 -22.83 -137.66
C GLY IA 92 -71.16 -21.38 -138.05
N LEU IA 93 -72.34 -21.08 -138.59
CA LEU IA 93 -72.68 -19.71 -138.96
C LEU IA 93 -72.81 -18.82 -137.73
N VAL IA 94 -73.44 -19.32 -136.66
CA VAL IA 94 -73.57 -18.47 -135.48
C VAL IA 94 -72.24 -18.29 -134.77
N ALA IA 95 -71.35 -19.30 -134.84
CA ALA IA 95 -70.01 -19.14 -134.30
C ALA IA 95 -69.21 -18.11 -135.09
N SER IA 96 -69.36 -18.13 -136.42
CA SER IA 96 -68.68 -17.16 -137.27
C SER IA 96 -69.18 -15.74 -137.00
N ILE IA 97 -70.49 -15.56 -136.91
CA ILE IA 97 -71.03 -14.22 -136.72
C ILE IA 97 -70.87 -13.73 -135.27
N TYR IA 98 -70.64 -14.64 -134.32
CA TYR IA 98 -70.28 -14.20 -132.98
C TYR IA 98 -68.81 -13.82 -132.90
N ARG IA 99 -67.94 -14.55 -133.62
CA ARG IA 99 -66.50 -14.33 -133.46
C ARG IA 99 -65.96 -13.25 -134.37
N ASP IA 100 -66.64 -12.92 -135.46
CA ASP IA 100 -66.06 -11.99 -136.42
C ASP IA 100 -66.26 -10.52 -136.05
N SER IA 101 -66.96 -10.24 -134.95
CA SER IA 101 -67.31 -8.87 -134.61
C SER IA 101 -66.06 -8.08 -134.18
N LYS IA 102 -66.08 -6.80 -134.52
CA LYS IA 102 -64.94 -5.93 -134.23
C LYS IA 102 -64.78 -5.69 -132.73
N ARG IA 103 -65.90 -5.64 -132.02
CA ARG IA 103 -65.86 -5.45 -130.57
C ARG IA 103 -65.22 -6.65 -129.87
N LYS IA 104 -65.39 -7.85 -130.43
CA LYS IA 104 -64.72 -9.02 -129.87
C LYS IA 104 -63.21 -8.92 -130.04
N ILE IA 105 -62.76 -8.36 -131.17
CA ILE IA 105 -61.34 -8.13 -131.38
C ILE IA 105 -60.81 -7.11 -130.38
N ILE IA 106 -61.58 -6.04 -130.15
CA ILE IA 106 -61.18 -5.01 -129.20
C ILE IA 106 -61.12 -5.58 -127.79
N ARG IA 107 -62.09 -6.41 -127.42
CA ARG IA 107 -62.11 -7.02 -126.09
C ARG IA 107 -60.97 -8.02 -125.93
N ASP IA 108 -60.59 -8.72 -127.00
CA ASP IA 108 -59.43 -9.59 -126.93
C ASP IA 108 -58.15 -8.80 -126.77
N LEU IA 109 -58.06 -7.64 -127.42
CA LEU IA 109 -56.87 -6.80 -127.26
C LEU IA 109 -56.79 -6.21 -125.86
N GLN IA 110 -57.94 -5.89 -125.24
CA GLN IA 110 -57.92 -5.44 -123.86
C GLN IA 110 -57.70 -6.59 -122.89
N LYS IA 111 -58.07 -7.81 -123.29
CA LYS IA 111 -57.67 -8.99 -122.54
C LYS IA 111 -56.17 -9.17 -122.57
N GLN IA 112 -55.55 -8.85 -123.71
CA GLN IA 112 -54.10 -8.75 -123.79
C GLN IA 112 -53.67 -7.37 -123.31
N ASP IA 113 -52.41 -7.02 -123.52
CA ASP IA 113 -51.82 -5.86 -122.88
C ASP IA 113 -51.83 -4.62 -123.77
N ILE IA 114 -52.65 -4.61 -124.81
CA ILE IA 114 -52.65 -3.53 -125.80
C ILE IA 114 -53.84 -2.62 -125.51
N GLN IA 115 -53.61 -1.32 -125.54
CA GLN IA 115 -54.62 -0.34 -125.18
C GLN IA 115 -55.15 0.34 -126.43
N TYR IA 116 -56.48 0.36 -126.57
CA TYR IA 116 -57.14 0.90 -127.76
C TYR IA 116 -57.92 2.16 -127.40
N VAL IA 117 -57.78 3.18 -128.23
CA VAL IA 117 -58.49 4.44 -128.03
C VAL IA 117 -59.16 4.83 -129.34
N GLU IA 118 -60.47 5.06 -129.29
CA GLU IA 118 -61.21 5.68 -130.38
C GLU IA 118 -61.71 7.04 -129.92
N TYR IA 119 -61.32 8.08 -130.64
CA TYR IA 119 -61.80 9.43 -130.33
C TYR IA 119 -61.70 10.26 -131.60
N GLY IA 120 -62.81 10.87 -131.98
CA GLY IA 120 -62.83 11.56 -133.24
C GLY IA 120 -62.85 10.57 -134.41
N ASP IA 121 -62.31 11.02 -135.54
CA ASP IA 121 -62.29 10.22 -136.75
C ASP IA 121 -61.00 9.42 -136.93
N THR IA 122 -60.10 9.47 -135.96
CA THR IA 122 -58.87 8.71 -135.99
C THR IA 122 -58.80 7.83 -134.76
N ARG IA 123 -58.01 6.76 -134.85
CA ARG IA 123 -57.94 5.82 -133.73
C ARG IA 123 -56.50 5.41 -133.47
N THR IA 124 -56.22 5.09 -132.20
CA THR IA 124 -54.86 4.85 -131.74
C THR IA 124 -54.75 3.56 -130.94
N LEU IA 125 -53.57 2.96 -131.00
CA LEU IA 125 -53.20 1.75 -130.27
C LEU IA 125 -51.90 1.99 -129.52
N ILE IA 126 -51.84 1.50 -128.29
CA ILE IA 126 -50.69 1.66 -127.42
C ILE IA 126 -50.17 0.28 -127.05
N ILE IA 127 -48.89 0.06 -127.25
CA ILE IA 127 -48.28 -1.26 -127.19
C ILE IA 127 -47.12 -1.21 -126.20
N PRO IA 128 -47.07 -2.13 -125.23
CA PRO IA 128 -45.89 -2.22 -124.35
C PRO IA 128 -44.70 -2.86 -125.04
N THR IA 129 -43.71 -2.03 -125.36
CA THR IA 129 -42.54 -2.49 -126.10
C THR IA 129 -41.69 -3.46 -125.30
N ASP IA 130 -41.69 -3.32 -123.97
CA ASP IA 130 -40.91 -4.20 -123.13
C ASP IA 130 -41.50 -5.61 -123.12
N LYS IA 131 -42.80 -5.71 -122.93
CA LYS IA 131 -43.44 -7.02 -122.94
C LYS IA 131 -43.63 -7.58 -124.34
N TYR IA 132 -43.47 -6.76 -125.38
CA TYR IA 132 -43.60 -7.26 -126.74
C TYR IA 132 -42.28 -7.29 -127.50
N PHE IA 133 -41.18 -7.07 -126.80
CA PHE IA 133 -39.85 -7.21 -127.37
C PHE IA 133 -38.99 -7.97 -126.37
N MET IA 134 -37.72 -8.16 -126.72
CA MET IA 134 -36.73 -8.51 -125.71
C MET IA 134 -36.12 -7.25 -125.14
N PHE IA 135 -35.47 -7.39 -123.99
CA PHE IA 135 -34.99 -6.24 -123.24
C PHE IA 135 -33.82 -5.58 -123.94
N SER IA 136 -33.90 -4.25 -124.07
CA SER IA 136 -32.82 -3.38 -124.54
C SER IA 136 -32.34 -3.78 -125.94
N SER IA 137 -33.28 -4.18 -126.79
CA SER IA 137 -32.93 -4.77 -128.07
C SER IA 137 -33.98 -4.38 -129.10
N PRO IA 138 -33.61 -4.33 -130.38
CA PRO IA 138 -34.60 -4.22 -131.44
C PRO IA 138 -35.23 -5.53 -131.86
N ARG IA 139 -35.01 -6.61 -131.11
CA ARG IA 139 -35.48 -7.93 -131.50
C ARG IA 139 -36.91 -8.12 -131.04
N LEU IA 140 -37.80 -8.40 -131.98
CA LEU IA 140 -39.21 -8.58 -131.67
C LEU IA 140 -39.44 -9.89 -130.93
N ASN IA 141 -40.22 -9.84 -129.85
CA ASN IA 141 -40.59 -11.03 -129.11
C ASN IA 141 -41.47 -11.93 -129.95
N GLU IA 142 -41.23 -13.24 -129.86
CA GLU IA 142 -41.92 -14.23 -130.66
C GLU IA 142 -43.02 -14.97 -129.90
N ILE IA 143 -43.47 -14.43 -128.77
CA ILE IA 143 -44.46 -15.13 -127.97
C ILE IA 143 -45.83 -14.46 -128.12
N CYS IA 144 -45.83 -13.14 -128.34
CA CYS IA 144 -47.06 -12.36 -128.39
C CYS IA 144 -47.70 -12.37 -129.78
N TYR IA 145 -47.40 -13.38 -130.59
CA TYR IA 145 -48.03 -13.49 -131.91
C TYR IA 145 -49.56 -13.62 -131.92
N PRO IA 146 -50.28 -14.15 -130.90
CA PRO IA 146 -51.75 -13.99 -130.97
C PRO IA 146 -52.20 -12.55 -130.91
N GLY IA 147 -51.55 -11.74 -130.07
CA GLY IA 147 -51.83 -10.31 -130.06
C GLY IA 147 -51.46 -9.65 -131.38
N LEU IA 148 -50.35 -10.08 -131.99
CA LEU IA 148 -49.96 -9.54 -133.28
C LEU IA 148 -50.96 -9.88 -134.38
N ASN IA 149 -51.46 -11.12 -134.38
CA ASN IA 149 -52.44 -11.52 -135.39
C ASN IA 149 -53.77 -10.80 -135.18
N ASN IA 150 -54.14 -10.56 -133.92
CA ASN IA 150 -55.31 -9.75 -133.63
C ASN IA 150 -55.13 -8.33 -134.14
N VAL IA 151 -53.92 -7.78 -133.99
CA VAL IA 151 -53.61 -6.44 -134.47
C VAL IA 151 -53.77 -6.36 -135.98
N ILE IA 152 -53.26 -7.34 -136.71
CA ILE IA 152 -53.34 -7.31 -138.17
C ILE IA 152 -54.79 -7.51 -138.63
N ARG IA 153 -55.53 -8.40 -137.96
CA ARG IA 153 -56.93 -8.62 -138.29
C ARG IA 153 -57.77 -7.37 -138.04
N LEU IA 154 -57.47 -6.63 -136.97
CA LEU IA 154 -58.19 -5.39 -136.72
C LEU IA 154 -57.78 -4.31 -137.72
N LEU IA 155 -56.50 -4.28 -138.09
CA LEU IA 155 -56.03 -3.25 -139.02
C LEU IA 155 -56.49 -3.50 -140.44
N ASN IA 156 -56.96 -4.71 -140.75
CA ASN IA 156 -57.44 -5.02 -142.09
C ASN IA 156 -58.71 -4.26 -142.47
N PHE IA 157 -59.42 -3.68 -141.51
CA PHE IA 157 -60.71 -3.06 -141.80
C PHE IA 157 -60.61 -1.70 -142.47
N TYR IA 158 -59.43 -1.12 -142.57
CA TYR IA 158 -59.28 0.27 -143.01
C TYR IA 158 -58.24 0.35 -144.12
N PRO IA 159 -58.64 0.06 -145.37
CA PRO IA 159 -57.67 0.02 -146.47
C PRO IA 159 -57.36 1.36 -147.10
N GLN IA 160 -57.71 2.48 -146.48
CA GLN IA 160 -57.39 3.79 -147.05
C GLN IA 160 -56.77 4.75 -146.05
N SER IA 161 -56.67 4.37 -144.79
CA SER IA 161 -56.19 5.29 -143.76
C SER IA 161 -54.68 5.48 -143.86
N THR IA 162 -54.24 6.70 -143.56
CA THR IA 162 -52.82 6.99 -143.42
C THR IA 162 -52.39 6.70 -141.99
N ILE IA 163 -51.17 6.16 -141.85
CA ILE IA 163 -50.72 5.58 -140.60
C ILE IA 163 -49.48 6.33 -140.12
N TYR IA 164 -49.50 6.72 -138.85
CA TYR IA 164 -48.31 7.19 -138.16
C TYR IA 164 -48.00 6.22 -137.03
N VAL IA 165 -46.73 5.92 -136.85
CA VAL IA 165 -46.28 5.11 -135.72
C VAL IA 165 -45.15 5.84 -135.04
N ALA IA 166 -45.11 5.74 -133.71
CA ALA IA 166 -44.14 6.46 -132.91
C ALA IA 166 -43.68 5.60 -131.74
N GLY IA 167 -42.44 5.81 -131.35
CA GLY IA 167 -41.85 5.10 -130.24
C GLY IA 167 -41.48 6.07 -129.13
N PHE IA 168 -41.57 5.58 -127.89
CA PHE IA 168 -41.24 6.40 -126.73
C PHE IA 168 -40.47 5.58 -125.73
N THR IA 169 -39.56 6.25 -125.03
CA THR IA 169 -38.70 5.59 -124.05
C THR IA 169 -38.74 6.33 -122.72
N ASP IA 170 -37.89 5.94 -121.79
CA ASP IA 170 -37.76 6.61 -120.51
C ASP IA 170 -36.73 7.72 -120.62
N ASN IA 171 -36.31 8.27 -119.48
CA ASN IA 171 -35.45 9.44 -119.46
C ASN IA 171 -33.98 9.12 -119.24
N VAL IA 172 -33.65 7.90 -118.85
CA VAL IA 172 -32.30 7.56 -118.42
C VAL IA 172 -31.47 7.18 -119.64
N GLY IA 173 -30.32 7.81 -119.79
CA GLY IA 173 -29.36 7.45 -120.82
C GLY IA 173 -28.97 8.64 -121.67
N SER IA 174 -28.23 8.35 -122.72
CA SER IA 174 -27.88 9.37 -123.70
C SER IA 174 -29.09 9.76 -124.52
N ARG IA 175 -29.17 11.05 -124.85
CA ARG IA 175 -30.21 11.55 -125.74
C ARG IA 175 -30.12 10.87 -127.11
N SER IA 176 -28.90 10.80 -127.65
CA SER IA 176 -28.69 10.17 -128.95
C SER IA 176 -28.99 8.68 -128.91
N HIS IA 177 -28.59 8.00 -127.84
CA HIS IA 177 -28.82 6.56 -127.74
C HIS IA 177 -30.30 6.25 -127.59
N LYS IA 178 -31.02 7.03 -126.77
CA LYS IA 178 -32.46 6.81 -126.62
C LYS IA 178 -33.21 7.12 -127.90
N ARG IA 179 -32.79 8.18 -128.61
CA ARG IA 179 -33.40 8.53 -129.88
C ARG IA 179 -33.18 7.45 -130.92
N LYS IA 180 -31.97 6.89 -130.96
CA LYS IA 180 -31.66 5.80 -131.89
C LYS IA 180 -32.46 4.55 -131.56
N LEU IA 181 -32.62 4.24 -130.27
CA LEU IA 181 -33.40 3.08 -129.89
C LEU IA 181 -34.87 3.24 -130.25
N SER IA 182 -35.42 4.44 -130.03
CA SER IA 182 -36.82 4.70 -130.37
C SER IA 182 -37.04 4.64 -131.88
N GLN IA 183 -36.09 5.21 -132.65
CA GLN IA 183 -36.19 5.17 -134.11
C GLN IA 183 -36.10 3.75 -134.62
N ALA IA 184 -35.23 2.93 -134.01
CA ALA IA 184 -35.10 1.54 -134.38
C ALA IA 184 -36.37 0.75 -134.09
N GLN IA 185 -36.99 1.01 -132.94
CA GLN IA 185 -38.23 0.31 -132.58
C GLN IA 185 -39.37 0.68 -133.52
N ALA IA 186 -39.53 1.97 -133.81
CA ALA IA 186 -40.57 2.39 -134.75
C ALA IA 186 -40.29 1.85 -136.14
N GLU IA 187 -39.01 1.78 -136.52
CA GLU IA 187 -38.63 1.27 -137.83
C GLU IA 187 -38.94 -0.22 -137.95
N THR IA 188 -38.61 -1.02 -136.93
CA THR IA 188 -38.87 -2.44 -137.06
C THR IA 188 -40.35 -2.75 -137.00
N MET IA 189 -41.12 -1.95 -136.26
CA MET IA 189 -42.57 -2.11 -136.25
C MET IA 189 -43.16 -1.80 -137.62
N MET IA 190 -42.74 -0.69 -138.22
CA MET IA 190 -43.32 -0.31 -139.51
C MET IA 190 -42.84 -1.21 -140.63
N THR IA 191 -41.65 -1.79 -140.52
CA THR IA 191 -41.24 -2.74 -141.54
C THR IA 191 -41.94 -4.07 -141.40
N PHE IA 192 -42.27 -4.48 -140.16
CA PHE IA 192 -43.14 -5.63 -139.97
C PHE IA 192 -44.50 -5.37 -140.59
N LEU IA 193 -45.03 -4.17 -140.41
CA LEU IA 193 -46.33 -3.83 -141.00
C LEU IA 193 -46.27 -3.78 -142.52
N TRP IA 194 -45.15 -3.30 -143.07
CA TRP IA 194 -44.97 -3.30 -144.52
C TRP IA 194 -44.88 -4.73 -145.06
N ALA IA 195 -44.22 -5.61 -144.31
CA ALA IA 195 -44.20 -7.02 -144.67
C ALA IA 195 -45.55 -7.68 -144.53
N ASN IA 196 -46.43 -7.13 -143.70
CA ASN IA 196 -47.78 -7.67 -143.60
C ASN IA 196 -48.60 -7.42 -144.86
N GLY IA 197 -48.20 -6.50 -145.73
CA GLY IA 197 -48.82 -6.39 -147.03
C GLY IA 197 -49.57 -5.11 -147.29
N ILE IA 198 -49.11 -4.01 -146.71
CA ILE IA 198 -49.76 -2.72 -146.89
C ILE IA 198 -48.83 -1.81 -147.69
N ALA IA 199 -49.41 -0.72 -148.20
CA ALA IA 199 -48.72 0.16 -149.14
C ALA IA 199 -47.60 0.93 -148.45
N ALA IA 200 -46.59 1.26 -149.25
CA ALA IA 200 -45.40 1.91 -148.70
C ALA IA 200 -45.67 3.35 -148.32
N LYS IA 201 -46.40 4.08 -149.16
CA LYS IA 201 -46.60 5.51 -148.96
C LYS IA 201 -47.73 5.81 -148.00
N ARG IA 202 -48.40 4.81 -147.46
CA ARG IA 202 -49.42 5.02 -146.44
C ARG IA 202 -48.84 5.05 -145.04
N LEU IA 203 -47.51 5.03 -144.91
CA LEU IA 203 -46.84 4.81 -143.63
C LEU IA 203 -45.94 5.98 -143.28
N LYS IA 204 -45.83 6.24 -141.98
CA LYS IA 204 -44.83 7.18 -141.48
C LYS IA 204 -44.40 6.72 -140.09
N ALA IA 205 -43.09 6.75 -139.85
CA ALA IA 205 -42.51 6.27 -138.60
C ALA IA 205 -41.70 7.35 -137.92
N GLU IA 206 -41.71 7.34 -136.59
CA GLU IA 206 -41.01 8.34 -135.80
C GLU IA 206 -40.75 7.80 -134.41
N GLY IA 207 -39.52 7.93 -133.93
CA GLY IA 207 -39.23 7.60 -132.55
C GLY IA 207 -38.80 8.79 -131.73
N TYR IA 208 -39.67 9.25 -130.84
CA TYR IA 208 -39.30 10.33 -129.94
C TYR IA 208 -38.67 9.74 -128.67
N GLY IA 209 -38.03 10.62 -127.91
CA GLY IA 209 -37.51 10.20 -126.63
C GLY IA 209 -38.54 10.41 -125.55
N ASP IA 210 -38.30 11.36 -124.67
CA ASP IA 210 -39.26 11.80 -123.67
C ASP IA 210 -39.87 13.14 -124.03
N LYS IA 211 -40.18 13.35 -125.32
CA LYS IA 211 -40.72 14.61 -125.78
C LYS IA 211 -42.11 14.88 -125.20
N ASN IA 212 -42.94 13.84 -125.13
CA ASN IA 212 -44.26 13.95 -124.53
C ASN IA 212 -44.47 12.67 -123.73
N ALA IA 213 -44.00 12.69 -122.49
CA ALA IA 213 -44.17 11.56 -121.61
C ALA IA 213 -45.54 11.63 -120.96
N ILE IA 214 -46.30 10.54 -121.03
CA ILE IA 214 -47.60 10.49 -120.37
C ILE IA 214 -47.47 10.25 -118.87
N SER IA 215 -46.26 10.01 -118.38
CA SER IA 215 -46.03 9.76 -116.97
C SER IA 215 -44.73 10.42 -116.56
N ASP IA 216 -44.62 10.72 -115.28
CA ASP IA 216 -43.34 11.16 -114.74
C ASP IA 216 -42.38 9.97 -114.66
N ASN IA 217 -41.14 10.20 -115.07
CA ASN IA 217 -40.15 9.12 -115.10
C ASN IA 217 -39.43 8.94 -113.77
N ALA IA 218 -39.74 9.72 -112.76
CA ALA IA 218 -39.17 9.53 -111.44
C ALA IA 218 -39.93 8.50 -110.61
N ILE IA 219 -40.97 7.90 -111.16
CA ILE IA 219 -41.68 6.79 -110.54
C ILE IA 219 -41.35 5.54 -111.33
N ILE IA 220 -41.24 4.41 -110.63
CA ILE IA 220 -40.94 3.14 -111.28
C ILE IA 220 -42.06 2.74 -112.23
N HIS IA 221 -43.29 2.80 -111.76
CA HIS IA 221 -44.41 2.45 -112.62
C HIS IA 221 -44.63 3.50 -113.69
N GLY IA 222 -44.31 4.76 -113.40
CA GLY IA 222 -44.38 5.79 -114.42
C GLY IA 222 -43.40 5.57 -115.55
N SER IA 223 -42.17 5.18 -115.20
CA SER IA 223 -41.18 4.83 -116.22
C SER IA 223 -41.57 3.56 -116.97
N ALA IA 224 -42.27 2.64 -116.30
CA ALA IA 224 -42.84 1.50 -117.00
C ALA IA 224 -43.91 1.94 -118.00
N GLN IA 225 -44.70 2.96 -117.64
CA GLN IA 225 -45.72 3.45 -118.54
C GLN IA 225 -45.13 4.25 -119.69
N ASN IA 226 -43.96 4.87 -119.48
CA ASN IA 226 -43.45 5.84 -120.45
C ASN IA 226 -42.94 5.19 -121.73
N ARG IA 227 -42.19 4.11 -121.61
CA ARG IA 227 -41.68 3.44 -122.81
C ARG IA 227 -42.82 2.67 -123.48
N ARG IA 228 -43.16 3.07 -124.70
CA ARG IA 228 -44.41 2.65 -125.31
C ARG IA 228 -44.33 2.76 -126.82
N ILE IA 229 -45.31 2.18 -127.48
CA ILE IA 229 -45.48 2.30 -128.93
C ILE IA 229 -46.85 2.87 -129.21
N GLU IA 230 -46.89 3.99 -129.93
CA GLU IA 230 -48.12 4.67 -130.30
C GLU IA 230 -48.38 4.43 -131.78
N ILE IA 231 -49.61 4.06 -132.13
CA ILE IA 231 -50.01 3.89 -133.51
C ILE IA 231 -51.29 4.68 -133.74
N GLN IA 232 -51.22 5.68 -134.61
CA GLN IA 232 -52.38 6.47 -134.98
C GLN IA 232 -52.74 6.14 -136.42
N TRP IA 233 -54.03 5.98 -136.69
CA TRP IA 233 -54.48 5.84 -138.06
C TRP IA 233 -55.66 6.76 -138.31
N PHE IA 234 -55.60 7.43 -139.47
CA PHE IA 234 -56.56 8.46 -139.85
C PHE IA 234 -57.80 7.83 -140.47
N THR IA 235 -58.54 8.62 -141.23
CA THR IA 235 -59.65 8.10 -142.02
C THR IA 235 -59.67 8.62 -143.44
N SER IA 236 -59.38 9.90 -143.65
CA SER IA 236 -59.46 10.48 -144.98
C SER IA 236 -58.54 11.70 -145.12
N LEU JA 113 -37.43 17.61 -185.79
CA LEU JA 113 -36.20 17.29 -185.07
C LEU JA 113 -36.52 16.75 -183.67
N ASN JA 114 -37.67 16.08 -183.54
CA ASN JA 114 -38.16 15.64 -182.23
C ASN JA 114 -38.67 14.21 -182.19
N ARG JA 115 -38.78 13.52 -183.32
CA ARG JA 115 -39.37 12.19 -183.34
C ARG JA 115 -38.53 11.27 -184.22
N PHE JA 116 -38.47 9.99 -183.82
CA PHE JA 116 -37.81 8.98 -184.65
C PHE JA 116 -38.37 7.60 -184.35
N ARG JA 117 -38.80 6.91 -185.40
CA ARG JA 117 -39.18 5.50 -185.34
C ARG JA 117 -38.29 4.74 -186.32
N TYR JA 118 -37.64 3.69 -185.84
CA TYR JA 118 -36.79 2.88 -186.69
C TYR JA 118 -37.23 1.42 -186.64
N GLU JA 119 -37.48 0.87 -187.83
CA GLU JA 119 -37.88 -0.52 -188.02
C GLU JA 119 -37.14 -1.05 -189.23
N GLY JA 120 -37.32 -2.35 -189.48
CA GLY JA 120 -36.85 -2.94 -190.72
C GLY JA 120 -35.43 -3.47 -190.67
N ALA JA 121 -34.91 -3.63 -189.45
CA ALA JA 121 -33.64 -4.30 -189.15
C ALA JA 121 -32.46 -3.64 -189.86
N GLY JA 122 -32.19 -2.39 -189.46
CA GLY JA 122 -31.07 -1.65 -189.99
C GLY JA 122 -30.16 -1.17 -188.87
N VAL JA 123 -29.05 -0.56 -189.27
CA VAL JA 123 -28.02 -0.09 -188.34
C VAL JA 123 -27.97 1.43 -188.45
N VAL JA 124 -28.16 2.11 -187.33
CA VAL JA 124 -28.12 3.56 -187.25
C VAL JA 124 -26.99 3.97 -186.31
N THR JA 125 -26.25 5.00 -186.69
CA THR JA 125 -25.22 5.57 -185.85
C THR JA 125 -25.35 7.09 -185.88
N GLY JA 126 -25.46 7.70 -184.70
CA GLY JA 126 -25.55 9.14 -184.61
C GLY JA 126 -24.72 9.69 -183.46
N ASN JA 127 -23.89 10.68 -183.75
CA ASN JA 127 -22.98 11.23 -182.76
C ASN JA 127 -23.18 12.72 -182.64
N ASN JA 128 -22.93 13.23 -181.43
CA ASN JA 128 -22.83 14.66 -181.11
C ASN JA 128 -24.13 15.41 -181.43
N LEU JA 129 -25.21 14.98 -180.78
CA LEU JA 129 -26.51 15.59 -180.97
C LEU JA 129 -26.92 16.30 -179.69
N ARG JA 130 -27.30 17.57 -179.82
CA ARG JA 130 -27.72 18.39 -178.69
C ARG JA 130 -29.21 18.67 -178.82
N THR JA 131 -29.98 18.24 -177.83
CA THR JA 131 -31.44 18.32 -177.91
C THR JA 131 -32.02 18.44 -176.52
N SER JA 132 -33.26 18.93 -176.47
CA SER JA 132 -34.02 19.02 -175.22
C SER JA 132 -34.83 17.76 -174.98
N TYR JA 133 -35.73 17.44 -175.91
CA TYR JA 133 -36.57 16.26 -175.78
C TYR JA 133 -36.90 15.72 -177.16
N LEU JA 134 -36.84 14.40 -177.30
CA LEU JA 134 -37.26 13.73 -178.51
C LEU JA 134 -37.77 12.34 -178.13
N ASP JA 135 -38.55 11.75 -179.02
CA ASP JA 135 -39.13 10.43 -178.79
C ASP JA 135 -38.55 9.42 -179.76
N LEU JA 136 -38.34 8.20 -179.27
CA LEU JA 136 -37.70 7.14 -180.02
C LEU JA 136 -38.50 5.86 -179.88
N TYR JA 137 -38.75 5.20 -181.02
CA TYR JA 137 -39.39 3.89 -181.03
C TYR JA 137 -38.61 2.96 -181.95
N LEU JA 138 -37.97 1.95 -181.36
CA LEU JA 138 -37.13 1.01 -182.09
C LEU JA 138 -37.79 -0.35 -182.12
N ALA JA 139 -37.75 -1.01 -183.28
CA ALA JA 139 -38.35 -2.33 -183.41
C ALA JA 139 -37.49 -3.24 -184.25
N ASN JA 140 -37.25 -4.46 -183.75
CA ASN JA 140 -36.71 -5.60 -184.49
C ASN JA 140 -35.32 -5.30 -185.07
N GLU JA 141 -34.36 -5.23 -184.16
CA GLU JA 141 -32.93 -5.07 -184.46
C GLU JA 141 -32.67 -3.73 -185.16
N GLY JA 142 -33.03 -2.66 -184.47
CA GLY JA 142 -32.49 -1.37 -184.84
C GLY JA 142 -31.18 -1.18 -184.11
N THR JA 143 -30.08 -1.55 -184.78
CA THR JA 143 -28.78 -1.54 -184.14
C THR JA 143 -28.28 -0.10 -184.14
N THR JA 144 -28.59 0.62 -183.06
CA THR JA 144 -28.41 2.07 -183.03
C THR JA 144 -27.38 2.44 -181.98
N ARG JA 145 -26.41 3.25 -182.38
CA ARG JA 145 -25.40 3.80 -181.50
C ARG JA 145 -25.62 5.30 -181.38
N LEU JA 146 -25.63 5.81 -180.14
CA LEU JA 146 -25.82 7.22 -179.88
C LEU JA 146 -24.61 7.75 -179.10
N ALA JA 147 -24.04 8.86 -179.57
CA ALA JA 147 -22.82 9.42 -179.01
C ALA JA 147 -22.93 10.94 -178.87
N GLY JA 148 -24.02 11.42 -178.28
CA GLY JA 148 -24.20 12.83 -178.06
C GLY JA 148 -24.92 13.11 -176.75
N ASN JA 149 -24.80 14.36 -176.30
CA ASN JA 149 -25.50 14.79 -175.10
C ASN JA 149 -26.97 14.97 -175.42
N ILE JA 150 -27.72 13.87 -175.35
CA ILE JA 150 -29.07 13.78 -175.89
C ILE JA 150 -30.05 13.71 -174.73
N GLY JA 151 -30.96 14.67 -174.68
CA GLY JA 151 -31.98 14.71 -173.65
C GLY JA 151 -33.31 14.22 -174.20
N LEU JA 152 -33.96 13.34 -173.43
CA LEU JA 152 -35.24 12.78 -173.82
C LEU JA 152 -35.93 12.24 -172.58
N GLN JA 153 -37.22 11.95 -172.72
CA GLN JA 153 -38.02 11.35 -171.66
C GLN JA 153 -38.69 10.06 -172.10
N LYS JA 154 -39.20 10.00 -173.32
CA LYS JA 154 -39.96 8.86 -173.79
C LYS JA 154 -39.11 8.05 -174.77
N LEU JA 155 -38.90 6.79 -174.46
CA LEU JA 155 -38.23 5.86 -175.34
C LEU JA 155 -38.95 4.53 -175.26
N GLU JA 156 -38.97 3.81 -176.38
CA GLU JA 156 -39.56 2.47 -176.42
C GLU JA 156 -38.80 1.61 -177.41
N ALA JA 157 -38.46 0.40 -176.99
CA ALA JA 157 -37.81 -0.58 -177.85
C ALA JA 157 -38.54 -1.91 -177.69
N VAL JA 158 -38.78 -2.58 -178.83
CA VAL JA 158 -39.51 -3.84 -178.82
C VAL JA 158 -38.68 -4.93 -178.16
N GLY JA 159 -37.42 -5.07 -178.57
CA GLY JA 159 -36.54 -6.08 -178.03
C GLY JA 159 -35.81 -6.77 -179.15
N ASN JA 160 -35.14 -7.88 -178.79
CA ASN JA 160 -34.34 -8.71 -179.70
C ASN JA 160 -33.26 -7.90 -180.38
N GLY JA 161 -32.66 -6.96 -179.65
CA GLY JA 161 -31.67 -6.09 -180.22
C GLY JA 161 -30.92 -5.35 -179.13
N VAL JA 162 -29.76 -4.81 -179.52
CA VAL JA 162 -28.87 -4.12 -178.60
C VAL JA 162 -28.90 -2.63 -178.91
N THR JA 163 -28.57 -1.85 -177.89
CA THR JA 163 -28.57 -0.39 -178.00
C THR JA 163 -27.50 0.17 -177.06
N GLN JA 164 -26.61 1.00 -177.61
CA GLN JA 164 -25.58 1.68 -176.86
C GLN JA 164 -25.83 3.18 -176.95
N ILE JA 165 -26.01 3.83 -175.80
CA ILE JA 165 -26.22 5.27 -175.73
C ILE JA 165 -25.16 5.83 -174.79
N ASN JA 166 -24.45 6.86 -175.25
CA ASN JA 166 -23.36 7.47 -174.50
C ASN JA 166 -23.79 8.88 -174.10
N GLY JA 167 -24.30 9.01 -172.88
CA GLY JA 167 -24.57 10.31 -172.32
C GLY JA 167 -26.00 10.78 -172.50
N VAL JA 168 -26.77 10.77 -171.42
CA VAL JA 168 -28.11 11.34 -171.39
C VAL JA 168 -28.17 12.32 -170.23
N SER JA 169 -28.58 13.55 -170.52
CA SER JA 169 -28.73 14.59 -169.49
C SER JA 169 -30.14 15.14 -169.61
N SER JA 170 -31.05 14.61 -168.82
CA SER JA 170 -32.45 15.00 -168.90
C SER JA 170 -33.04 15.08 -167.50
N ARG JA 171 -34.13 15.84 -167.40
CA ARG JA 171 -34.84 15.96 -166.13
C ARG JA 171 -35.53 14.65 -165.75
N ASN JA 172 -36.03 13.92 -166.75
CA ASN JA 172 -36.77 12.70 -166.49
C ASN JA 172 -36.62 11.79 -167.69
N LEU JA 173 -36.87 10.49 -167.46
CA LEU JA 173 -36.95 9.52 -168.53
C LEU JA 173 -37.77 8.34 -168.03
N GLN JA 174 -38.63 7.81 -168.89
CA GLN JA 174 -39.44 6.66 -168.55
C GLN JA 174 -39.48 5.68 -169.72
N ILE JA 175 -39.32 4.40 -169.41
CA ILE JA 175 -39.27 3.34 -170.41
C ILE JA 175 -39.81 2.06 -169.77
N VAL JA 176 -40.71 1.38 -170.46
CA VAL JA 176 -41.23 0.09 -170.04
C VAL JA 176 -40.85 -0.94 -171.09
N LEU JA 177 -40.23 -2.03 -170.66
CA LEU JA 177 -39.75 -3.07 -171.57
C LEU JA 177 -40.81 -4.16 -171.74
N LYS JA 178 -40.82 -4.74 -172.93
CA LYS JA 178 -41.83 -5.74 -173.30
C LYS JA 178 -41.23 -7.03 -173.84
N GLY JA 179 -40.14 -6.96 -174.60
CA GLY JA 179 -39.57 -8.15 -175.19
C GLY JA 179 -38.26 -8.57 -174.54
N ASP JA 180 -37.22 -8.75 -175.35
CA ASP JA 180 -35.88 -9.07 -174.86
C ASP JA 180 -34.86 -8.11 -175.45
N PRO JA 181 -34.76 -6.89 -174.93
CA PRO JA 181 -33.74 -5.96 -175.42
C PRO JA 181 -32.48 -6.01 -174.56
N LYS JA 182 -31.43 -5.35 -175.09
CA LYS JA 182 -30.14 -5.27 -174.41
C LYS JA 182 -29.66 -3.83 -174.52
N VAL JA 183 -29.79 -3.07 -173.44
CA VAL JA 183 -29.57 -1.63 -173.48
C VAL JA 183 -28.48 -1.24 -172.48
N LEU JA 184 -27.57 -0.37 -172.94
CA LEU JA 184 -26.48 0.12 -172.11
C LEU JA 184 -26.40 1.64 -172.30
N ILE JA 185 -26.69 2.39 -171.25
CA ILE JA 185 -26.86 3.83 -171.32
C ILE JA 185 -25.92 4.51 -170.33
N SER JA 186 -25.24 5.56 -170.80
CA SER JA 186 -24.39 6.40 -169.97
C SER JA 186 -25.13 7.69 -169.62
N GLY JA 187 -24.46 8.54 -168.84
CA GLY JA 187 -25.00 9.82 -168.46
C GLY JA 187 -25.61 9.82 -167.07
N PHE JA 188 -26.39 10.87 -166.81
CA PHE JA 188 -27.08 11.03 -165.53
C PHE JA 188 -28.57 11.13 -165.80
N VAL JA 189 -29.32 10.13 -165.33
CA VAL JA 189 -30.76 10.06 -165.57
C VAL JA 189 -31.48 10.12 -164.23
N ASN JA 190 -32.45 11.00 -164.13
CA ASN JA 190 -33.35 11.05 -162.99
C ASN JA 190 -34.60 10.25 -163.38
N LEU JA 191 -34.61 8.98 -163.03
CA LEU JA 191 -35.68 8.09 -163.41
C LEU JA 191 -36.76 8.05 -162.33
N ARG JA 192 -37.89 7.42 -162.66
CA ARG JA 192 -39.00 7.30 -161.72
C ARG JA 192 -39.42 5.87 -161.44
N GLN JA 193 -39.60 5.05 -162.47
CA GLN JA 193 -40.19 3.73 -162.30
C GLN JA 193 -39.76 2.83 -163.44
N LEU JA 194 -39.55 1.54 -163.14
CA LEU JA 194 -39.19 0.56 -164.16
C LEU JA 194 -40.00 -0.71 -163.98
N ASP JA 195 -40.56 -1.21 -165.10
CA ASP JA 195 -41.32 -2.45 -165.13
C ASP JA 195 -40.77 -3.33 -166.24
N MET JA 196 -40.51 -4.60 -165.90
CA MET JA 196 -39.98 -5.58 -166.84
C MET JA 196 -40.87 -6.82 -166.82
N TYR JA 197 -41.27 -7.26 -168.00
CA TYR JA 197 -42.12 -8.44 -168.16
C TYR JA 197 -41.58 -9.43 -169.19
N GLY JA 198 -40.35 -9.25 -169.64
CA GLY JA 198 -39.81 -10.11 -170.68
C GLY JA 198 -38.50 -10.80 -170.34
N LYS JA 199 -37.51 -10.62 -171.20
CA LYS JA 199 -36.20 -11.24 -171.08
C LYS JA 199 -35.11 -10.20 -171.31
N GLY JA 200 -35.20 -9.09 -170.59
CA GLY JA 200 -34.42 -7.91 -170.90
C GLY JA 200 -33.20 -7.71 -170.02
N THR JA 201 -32.16 -7.13 -170.62
CA THR JA 201 -30.95 -6.75 -169.90
C THR JA 201 -30.73 -5.26 -170.07
N LEU JA 202 -30.59 -4.57 -168.94
CA LEU JA 202 -30.47 -3.11 -168.90
C LEU JA 202 -29.30 -2.74 -168.01
N SER JA 203 -28.54 -1.74 -168.42
CA SER JA 203 -27.42 -1.25 -167.61
C SER JA 203 -27.32 0.27 -167.75
N LEU JA 204 -27.19 0.94 -166.60
CA LEU JA 204 -27.08 2.39 -166.55
C LEU JA 204 -25.79 2.79 -165.85
N TYR JA 205 -25.18 3.87 -166.31
CA TYR JA 205 -23.94 4.30 -165.66
C TYR JA 205 -24.22 5.05 -164.36
N TRP JA 206 -24.91 6.18 -164.44
CA TRP JA 206 -25.18 7.00 -163.26
C TRP JA 206 -26.65 7.39 -163.24
N ILE JA 207 -27.25 7.33 -162.05
CA ILE JA 207 -28.63 7.74 -161.86
C ILE JA 207 -28.76 8.50 -160.55
N LYS JA 208 -29.48 9.62 -160.58
CA LYS JA 208 -29.76 10.42 -159.39
C LYS JA 208 -31.27 10.59 -159.30
N SER JA 209 -31.91 9.76 -158.49
CA SER JA 209 -33.34 9.82 -158.29
C SER JA 209 -33.66 9.71 -156.81
N ASP JA 210 -34.88 10.11 -156.47
CA ASP JA 210 -35.36 10.07 -155.09
C ASP JA 210 -36.19 8.84 -154.81
N THR JA 211 -37.24 8.60 -155.58
CA THR JA 211 -38.15 7.48 -155.36
C THR JA 211 -38.19 6.63 -156.61
N LEU JA 212 -37.94 5.34 -156.45
CA LEU JA 212 -37.93 4.40 -157.55
C LEU JA 212 -38.76 3.17 -157.21
N THR JA 213 -39.54 2.70 -158.18
CA THR JA 213 -40.33 1.48 -158.04
C THR JA 213 -39.94 0.51 -159.14
N ILE JA 214 -39.61 -0.71 -158.75
CA ILE JA 214 -39.15 -1.75 -159.66
C ILE JA 214 -40.18 -2.88 -159.64
N ARG JA 215 -40.60 -3.31 -160.83
CA ARG JA 215 -41.55 -4.42 -160.96
C ARG JA 215 -41.02 -5.42 -161.97
N ALA JA 216 -40.39 -6.49 -161.50
CA ALA JA 216 -39.76 -7.46 -162.39
C ALA JA 216 -40.51 -8.79 -162.36
N LYS JA 217 -40.85 -9.30 -163.55
CA LYS JA 217 -41.73 -10.46 -163.67
C LYS JA 217 -41.00 -11.71 -164.13
N LYS JA 218 -40.31 -11.69 -165.28
CA LYS JA 218 -39.83 -12.94 -165.87
C LYS JA 218 -38.31 -13.03 -165.92
N ALA JA 219 -37.62 -12.10 -166.59
CA ALA JA 219 -36.16 -12.17 -166.68
C ALA JA 219 -35.64 -10.76 -166.84
N ALA JA 220 -35.05 -10.23 -165.77
CA ALA JA 220 -34.54 -8.86 -165.74
C ALA JA 220 -33.10 -8.89 -165.25
N LYS JA 221 -32.18 -8.48 -166.11
CA LYS JA 221 -30.77 -8.42 -165.76
C LYS JA 221 -30.40 -6.95 -165.74
N ILE JA 222 -30.54 -6.33 -164.58
CA ILE JA 222 -30.46 -4.88 -164.43
C ILE JA 222 -29.21 -4.53 -163.64
N GLN JA 223 -28.40 -3.63 -164.18
CA GLN JA 223 -27.13 -3.22 -163.59
C GLN JA 223 -27.18 -1.70 -163.40
N LEU JA 224 -27.44 -1.28 -162.17
CA LEU JA 224 -27.66 0.11 -161.83
C LEU JA 224 -26.62 0.59 -160.83
N ALA JA 225 -26.14 1.80 -161.01
CA ALA JA 225 -25.22 2.42 -160.07
C ALA JA 225 -25.55 3.89 -159.96
N GLY JA 226 -25.69 4.38 -158.73
CA GLY JA 226 -26.06 5.76 -158.52
C GLY JA 226 -26.55 5.97 -157.10
N ILE JA 227 -27.23 7.11 -156.91
CA ILE JA 227 -27.66 7.57 -155.60
C ILE JA 227 -29.18 7.50 -155.56
N VAL JA 228 -29.72 6.74 -154.61
CA VAL JA 228 -31.15 6.60 -154.42
C VAL JA 228 -31.51 7.07 -153.02
N ASN JA 229 -32.64 7.77 -152.91
CA ASN JA 229 -33.15 8.12 -151.60
C ASN JA 229 -34.18 7.10 -151.11
N ARG JA 230 -35.05 6.63 -152.00
CA ARG JA 230 -36.06 5.65 -151.64
C ARG JA 230 -36.26 4.70 -152.81
N LEU JA 231 -36.23 3.39 -152.52
CA LEU JA 231 -36.31 2.38 -153.55
C LEU JA 231 -37.16 1.22 -153.06
N ASP JA 232 -38.17 0.86 -153.84
CA ASP JA 232 -39.03 -0.28 -153.55
C ASP JA 232 -39.03 -1.21 -154.75
N VAL JA 233 -38.72 -2.48 -154.50
CA VAL JA 233 -38.53 -3.48 -155.53
C VAL JA 233 -39.48 -4.64 -155.28
N GLU JA 234 -40.17 -5.09 -156.33
CA GLU JA 234 -40.97 -6.29 -156.31
C GLU JA 234 -40.41 -7.25 -157.35
N LEU JA 235 -40.06 -8.46 -156.91
CA LEU JA 235 -39.57 -9.51 -157.78
C LEU JA 235 -40.54 -10.67 -157.76
N TRP JA 236 -40.92 -11.16 -158.93
CA TRP JA 236 -41.87 -12.27 -158.96
C TRP JA 236 -41.20 -13.63 -159.06
N ASP JA 237 -40.49 -13.89 -160.17
CA ASP JA 237 -39.80 -15.16 -160.34
C ASP JA 237 -38.73 -15.01 -161.40
N PHE JA 238 -37.58 -15.64 -161.17
CA PHE JA 238 -36.42 -15.63 -162.06
C PHE JA 238 -35.94 -14.22 -162.37
N ALA JA 239 -36.07 -13.33 -161.39
CA ALA JA 239 -35.63 -11.95 -161.52
C ALA JA 239 -34.33 -11.81 -160.75
N GLN JA 240 -33.26 -11.46 -161.46
CA GLN JA 240 -31.91 -11.42 -160.90
C GLN JA 240 -31.43 -9.98 -161.00
N PHE JA 241 -31.70 -9.19 -159.96
CA PHE JA 241 -31.34 -7.79 -159.93
C PHE JA 241 -30.20 -7.58 -158.96
N LYS JA 242 -29.15 -6.90 -159.42
CA LYS JA 242 -27.94 -6.67 -158.63
C LYS JA 242 -27.73 -5.17 -158.52
N GLY JA 243 -28.20 -4.57 -157.42
CA GLY JA 243 -27.95 -3.16 -157.19
C GLY JA 243 -26.66 -2.90 -156.45
N LYS JA 244 -25.58 -3.57 -156.86
CA LYS JA 244 -24.25 -3.20 -156.43
C LYS JA 244 -23.93 -1.81 -156.96
N TYR JA 245 -23.16 -1.06 -156.17
CA TYR JA 245 -22.78 0.35 -156.41
C TYR JA 245 -23.98 1.27 -156.52
N LEU JA 246 -25.13 0.88 -155.98
CA LEU JA 246 -26.37 1.63 -156.08
C LEU JA 246 -26.82 1.91 -154.65
N ARG JA 247 -26.32 2.99 -154.09
CA ARG JA 247 -26.54 3.28 -152.68
C ARG JA 247 -27.93 3.88 -152.46
N ALA JA 248 -28.68 3.29 -151.55
CA ALA JA 248 -30.05 3.70 -151.28
C ALA JA 248 -30.24 3.90 -149.77
N GLN JA 249 -30.96 4.95 -149.41
CA GLN JA 249 -31.20 5.22 -148.00
C GLN JA 249 -32.35 4.39 -147.47
N ARG JA 250 -33.50 4.43 -148.14
CA ARG JA 250 -34.66 3.65 -147.76
C ARG JA 250 -34.81 2.53 -148.78
N SER JA 251 -34.77 1.29 -148.32
CA SER JA 251 -34.84 0.15 -149.21
C SER JA 251 -35.95 -0.78 -148.77
N PHE JA 252 -36.82 -1.15 -149.69
CA PHE JA 252 -37.97 -2.00 -149.40
C PHE JA 252 -38.06 -3.05 -150.50
N VAL JA 253 -37.84 -4.31 -150.13
CA VAL JA 253 -37.75 -5.40 -151.10
C VAL JA 253 -38.80 -6.44 -150.76
N LYS JA 254 -39.61 -6.80 -151.75
CA LYS JA 254 -40.55 -7.90 -151.64
C LYS JA 254 -40.25 -8.90 -152.76
N THR JA 255 -39.92 -10.12 -152.38
CA THR JA 255 -39.51 -11.14 -153.35
C THR JA 255 -40.38 -12.37 -153.20
N HIS JA 256 -40.92 -12.84 -154.31
CA HIS JA 256 -41.67 -14.09 -154.36
C HIS JA 256 -40.70 -15.20 -154.76
N ASP JA 257 -41.24 -16.35 -155.16
CA ASP JA 257 -40.46 -17.57 -155.38
C ASP JA 257 -39.42 -17.42 -156.48
N LYS JA 258 -38.21 -17.91 -156.20
CA LYS JA 258 -37.08 -17.99 -157.13
C LYS JA 258 -36.68 -16.59 -157.65
N SER JA 259 -36.18 -15.79 -156.74
CA SER JA 259 -35.71 -14.45 -157.06
C SER JA 259 -34.36 -14.21 -156.43
N VAL JA 260 -33.58 -13.33 -157.05
CA VAL JA 260 -32.22 -13.01 -156.62
C VAL JA 260 -32.07 -11.49 -156.62
N ALA JA 261 -31.64 -10.93 -155.48
CA ALA JA 261 -31.43 -9.50 -155.40
C ALA JA 261 -30.21 -9.18 -154.57
N GLU JA 262 -29.39 -8.27 -155.06
CA GLU JA 262 -28.23 -7.74 -154.35
C GLU JA 262 -28.51 -6.30 -153.95
N ILE JA 263 -28.27 -5.98 -152.68
CA ILE JA 263 -28.75 -4.76 -152.04
C ILE JA 263 -27.55 -3.94 -151.59
N SER JA 264 -27.64 -2.62 -151.76
CA SER JA 264 -26.63 -1.68 -151.29
C SER JA 264 -27.27 -0.60 -150.43
N ALA JA 265 -28.02 -1.02 -149.43
CA ALA JA 265 -28.70 -0.09 -148.53
C ALA JA 265 -27.71 0.69 -147.67
N VAL JA 266 -28.14 1.86 -147.22
CA VAL JA 266 -27.33 2.77 -146.41
C VAL JA 266 -27.94 3.01 -145.04
N ASN JA 267 -29.21 3.39 -145.00
CA ASN JA 267 -29.83 3.85 -143.77
C ASN JA 267 -30.85 2.88 -143.22
N HIS JA 268 -31.88 2.52 -143.99
CA HIS JA 268 -32.96 1.68 -143.49
C HIS JA 268 -33.28 0.60 -144.51
N GLN JA 269 -33.36 -0.65 -144.04
CA GLN JA 269 -33.47 -1.80 -144.91
C GLN JA 269 -34.64 -2.68 -144.46
N SER JA 270 -35.53 -2.98 -145.41
CA SER JA 270 -36.61 -3.93 -145.20
C SER JA 270 -36.59 -4.94 -146.33
N SER JA 271 -36.54 -6.23 -145.98
CA SER JA 271 -36.52 -7.28 -146.98
C SER JA 271 -37.46 -8.40 -146.54
N LEU JA 272 -38.37 -8.78 -147.43
CA LEU JA 272 -39.29 -9.88 -147.19
C LEU JA 272 -39.18 -10.85 -148.36
N ALA JA 273 -39.00 -12.14 -148.04
CA ALA JA 273 -38.88 -13.18 -149.04
C ALA JA 273 -39.92 -14.26 -148.76
N THR JA 274 -40.54 -14.78 -149.81
CA THR JA 274 -41.51 -15.86 -149.60
C THR JA 274 -40.82 -17.21 -149.49
N ASP JA 275 -40.19 -17.65 -150.57
CA ASP JA 275 -39.54 -18.95 -150.61
C ASP JA 275 -38.48 -18.93 -151.68
N ALA JA 276 -37.30 -19.48 -151.35
CA ALA JA 276 -36.17 -19.66 -152.27
C ALA JA 276 -35.71 -18.35 -152.90
N SER JA 277 -35.84 -17.25 -152.16
CA SER JA 277 -35.48 -15.93 -152.64
C SER JA 277 -34.21 -15.50 -151.91
N ASP JA 278 -33.17 -15.22 -152.68
CA ASP JA 278 -31.85 -14.93 -152.13
C ASP JA 278 -31.62 -13.43 -152.19
N ILE JA 279 -31.61 -12.80 -151.03
CA ILE JA 279 -31.36 -11.37 -150.89
C ILE JA 279 -30.01 -11.23 -150.23
N TYR JA 280 -29.06 -10.71 -150.97
CA TYR JA 280 -27.69 -10.56 -150.51
C TYR JA 280 -27.43 -9.07 -150.38
N TYR JA 281 -27.29 -8.59 -149.15
CA TYR JA 281 -26.91 -7.20 -149.01
C TYR JA 281 -25.41 -7.07 -149.16
N TYR JA 282 -24.92 -5.84 -149.15
CA TYR JA 282 -23.49 -5.62 -149.19
C TYR JA 282 -23.02 -4.51 -148.26
N ASN JA 283 -23.92 -3.90 -147.49
CA ASN JA 283 -23.54 -2.86 -146.55
C ASN JA 283 -24.50 -2.90 -145.38
N LEU JA 284 -23.95 -2.87 -144.17
CA LEU JA 284 -24.78 -2.89 -142.97
C LEU JA 284 -25.46 -1.53 -142.81
N SER JA 285 -26.77 -1.50 -143.00
CA SER JA 285 -27.51 -0.26 -142.83
C SER JA 285 -27.66 0.07 -141.34
N LYS JA 286 -28.06 1.30 -141.06
CA LYS JA 286 -28.31 1.72 -139.69
C LYS JA 286 -29.53 1.05 -139.09
N THR JA 287 -30.43 0.54 -139.93
CA THR JA 287 -31.55 -0.27 -139.49
C THR JA 287 -31.75 -1.41 -140.48
N ARG JA 288 -31.93 -2.62 -139.97
CA ARG JA 288 -32.04 -3.82 -140.80
C ARG JA 288 -33.23 -4.64 -140.34
N ALA JA 289 -34.06 -5.09 -141.28
CA ALA JA 289 -35.14 -6.01 -140.98
C ALA JA 289 -35.27 -6.99 -142.14
N ASP JA 290 -35.15 -8.28 -141.84
CA ASP JA 290 -35.18 -9.34 -142.85
C ASP JA 290 -36.12 -10.43 -142.38
N PHE JA 291 -37.01 -10.88 -143.28
CA PHE JA 291 -37.98 -11.89 -142.91
C PHE JA 291 -38.18 -12.87 -144.06
N MET JA 292 -38.24 -14.15 -143.70
CA MET JA 292 -38.46 -15.24 -144.64
C MET JA 292 -39.76 -15.94 -144.29
N ALA JA 293 -40.54 -16.29 -145.32
CA ALA JA 293 -41.81 -16.96 -145.09
C ALA JA 293 -41.65 -18.48 -145.14
N PHE JA 294 -41.12 -19.01 -146.24
CA PHE JA 294 -40.94 -20.44 -146.37
C PHE JA 294 -39.47 -20.81 -146.50
N ASN JA 295 -38.75 -20.25 -147.47
CA ASN JA 295 -37.36 -20.64 -147.73
C ASN JA 295 -36.51 -19.46 -148.13
N GLY JA 296 -36.86 -18.26 -147.68
CA GLY JA 296 -36.09 -17.09 -148.03
C GLY JA 296 -34.76 -17.04 -147.32
N SER JA 297 -33.81 -16.31 -147.91
CA SER JA 297 -32.46 -16.22 -147.38
C SER JA 297 -31.95 -14.81 -147.54
N VAL JA 298 -31.28 -14.31 -146.51
CA VAL JA 298 -30.65 -12.99 -146.51
C VAL JA 298 -29.22 -13.15 -146.04
N LEU JA 299 -28.26 -12.73 -146.86
CA LEU JA 299 -26.85 -13.00 -146.59
C LEU JA 299 -26.01 -11.75 -146.79
N ASP JA 300 -24.77 -11.84 -146.31
CA ASP JA 300 -23.88 -10.70 -146.10
C ASP JA 300 -22.95 -10.43 -147.27
N MET JA 301 -22.29 -11.47 -147.78
CA MET JA 301 -21.48 -11.42 -149.03
C MET JA 301 -20.34 -10.41 -148.97
N ARG JA 302 -19.72 -10.26 -147.82
CA ARG JA 302 -18.51 -9.46 -147.71
C ARG JA 302 -17.29 -10.37 -147.64
N GLU JA 303 -16.12 -9.77 -147.78
CA GLU JA 303 -14.89 -10.53 -148.00
C GLU JA 303 -14.30 -11.10 -146.73
N TRP JA 304 -14.75 -10.64 -145.56
CA TRP JA 304 -14.29 -11.05 -144.23
C TRP JA 304 -12.80 -10.79 -144.01
N GLY JA 305 -12.20 -9.89 -144.78
CA GLY JA 305 -10.77 -9.66 -144.70
C GLY JA 305 -10.46 -8.20 -144.83
N GLN JA 306 -11.48 -7.36 -144.70
CA GLN JA 306 -11.29 -5.93 -144.74
C GLN JA 306 -10.60 -5.48 -143.46
N SER JA 307 -9.59 -4.63 -143.61
CA SER JA 307 -8.80 -4.17 -142.48
C SER JA 307 -9.57 -3.21 -141.58
N ASP JA 308 -10.57 -2.52 -142.11
CA ASP JA 308 -11.27 -1.50 -141.34
C ASP JA 308 -12.78 -1.63 -141.54
N LEU JA 309 -13.27 -2.86 -141.59
CA LEU JA 309 -14.70 -3.09 -141.70
C LEU JA 309 -15.36 -2.86 -140.35
N LYS JA 310 -16.46 -2.11 -140.35
CA LYS JA 310 -17.21 -1.89 -139.13
C LYS JA 310 -17.93 -3.17 -138.71
N ASP JA 311 -18.34 -3.21 -137.45
CA ASP JA 311 -18.92 -4.39 -136.84
C ASP JA 311 -20.38 -4.14 -136.52
N PHE JA 312 -21.03 -5.16 -135.95
CA PHE JA 312 -22.39 -5.02 -135.48
C PHE JA 312 -22.47 -4.09 -134.28
N ASP JA 313 -23.59 -3.40 -134.17
CA ASP JA 313 -23.87 -2.50 -133.06
C ASP JA 313 -25.06 -3.05 -132.29
N ARG JA 314 -25.49 -2.29 -131.27
CA ARG JA 314 -26.67 -2.68 -130.51
C ARG JA 314 -27.92 -2.64 -131.38
N TYR JA 315 -28.04 -1.62 -132.22
CA TYR JA 315 -29.24 -1.49 -133.04
C TYR JA 315 -29.23 -2.46 -134.21
N ASN JA 316 -28.06 -2.73 -134.78
CA ASN JA 316 -28.00 -3.55 -135.97
C ASN JA 316 -27.98 -5.04 -135.68
N LYS JA 317 -27.83 -5.44 -134.42
CA LYS JA 317 -27.70 -6.85 -134.06
C LYS JA 317 -29.07 -7.51 -134.11
N GLN JA 318 -29.51 -7.81 -135.32
CA GLN JA 318 -30.79 -8.47 -135.54
C GLN JA 318 -30.53 -9.85 -136.14
N PHE JA 319 -31.29 -10.82 -135.68
CA PHE JA 319 -30.96 -12.17 -136.06
C PHE JA 319 -32.06 -12.78 -136.93
N PRO JA 320 -31.69 -13.63 -137.90
CA PRO JA 320 -32.67 -14.36 -138.69
C PRO JA 320 -33.34 -15.46 -137.88
N ASP KA 39 -27.84 -39.80 -102.43
CA ASP KA 39 -27.60 -41.14 -101.92
C ASP KA 39 -27.01 -42.05 -102.99
N GLY KA 40 -27.59 -42.02 -104.18
CA GLY KA 40 -27.07 -42.78 -105.30
C GLY KA 40 -26.24 -41.94 -106.23
N CYS KA 41 -24.92 -42.07 -106.13
CA CYS KA 41 -24.03 -41.25 -106.96
C CYS KA 41 -23.73 -41.93 -108.29
N CYS KA 42 -23.14 -43.11 -108.25
CA CYS KA 42 -22.98 -43.91 -109.47
C CYS KA 42 -24.13 -44.89 -109.62
N SER KA 43 -25.35 -44.40 -109.48
CA SER KA 43 -26.53 -45.25 -109.59
C SER KA 43 -26.86 -45.53 -111.04
N LYS KA 44 -27.48 -46.69 -111.28
CA LYS KA 44 -27.74 -47.25 -112.60
C LYS KA 44 -26.46 -47.36 -113.42
N MET KA 45 -25.36 -47.67 -112.74
CA MET KA 45 -24.04 -47.72 -113.34
C MET KA 45 -23.32 -48.93 -112.75
N GLY KA 46 -21.99 -48.98 -112.91
CA GLY KA 46 -21.23 -50.03 -112.26
C GLY KA 46 -21.13 -49.87 -110.76
N GLY KA 47 -21.35 -48.66 -110.26
CA GLY KA 47 -21.24 -48.41 -108.84
C GLY KA 47 -19.99 -47.63 -108.50
N ILE KA 48 -19.76 -47.50 -107.20
CA ILE KA 48 -18.59 -46.78 -106.70
C ILE KA 48 -17.35 -47.63 -106.94
N ASN KA 49 -16.33 -47.02 -107.55
CA ASN KA 49 -15.02 -47.64 -107.51
C ASN KA 49 -14.22 -47.10 -106.33
N TYR KA 50 -13.98 -45.79 -106.31
CA TYR KA 50 -13.26 -45.17 -105.21
C TYR KA 50 -13.58 -43.68 -105.19
N CYS KA 51 -12.84 -42.93 -104.38
CA CYS KA 51 -12.88 -41.48 -104.38
C CYS KA 51 -11.48 -40.96 -104.66
N ASP KA 52 -11.34 -40.16 -105.71
CA ASP KA 52 -10.08 -39.50 -106.00
C ASP KA 52 -10.06 -38.18 -105.26
N SER KA 53 -9.13 -38.06 -104.31
CA SER KA 53 -8.93 -36.80 -103.61
C SER KA 53 -8.13 -35.80 -104.44
N SER KA 54 -7.46 -36.25 -105.50
CA SER KA 54 -6.94 -35.32 -106.49
C SER KA 54 -8.08 -34.58 -107.16
N ALA KA 55 -9.18 -35.26 -107.41
CA ALA KA 55 -10.40 -34.62 -107.89
C ALA KA 55 -11.36 -34.26 -106.78
N GLY KA 56 -11.25 -34.90 -105.62
CA GLY KA 56 -12.27 -34.76 -104.59
C GLY KA 56 -13.61 -35.29 -105.02
N ARG KA 57 -13.60 -36.34 -105.85
CA ARG KA 57 -14.79 -36.80 -106.55
C ARG KA 57 -14.90 -38.30 -106.48
N LEU KA 58 -16.13 -38.79 -106.55
CA LEU KA 58 -16.39 -40.22 -106.55
C LEU KA 58 -16.14 -40.76 -107.96
N VAL KA 59 -15.05 -41.50 -108.13
CA VAL KA 59 -14.76 -42.17 -109.38
C VAL KA 59 -15.54 -43.47 -109.40
N CYS KA 60 -16.46 -43.58 -110.35
CA CYS KA 60 -17.37 -44.70 -110.46
C CYS KA 60 -16.65 -45.94 -110.99
N ASN KA 61 -17.35 -47.08 -110.91
CA ASN KA 61 -16.85 -48.28 -111.59
C ASN KA 61 -16.85 -48.10 -113.10
N ASN KA 62 -17.87 -47.44 -113.63
CA ASN KA 62 -17.77 -46.96 -115.00
C ASN KA 62 -16.81 -45.78 -115.05
N GLY KA 63 -16.19 -45.60 -116.21
CA GLY KA 63 -15.12 -44.62 -116.33
C GLY KA 63 -15.56 -43.18 -116.45
N PHE KA 64 -16.37 -42.70 -115.51
CA PHE KA 64 -16.76 -41.30 -115.45
C PHE KA 64 -16.82 -40.86 -114.00
N TYR KA 65 -16.49 -39.61 -113.76
CA TYR KA 65 -16.58 -39.06 -112.42
C TYR KA 65 -18.04 -38.82 -112.08
N SER KA 66 -18.41 -39.10 -110.84
CA SER KA 66 -19.75 -38.78 -110.40
C SER KA 66 -19.86 -37.30 -110.09
N THR KA 67 -21.09 -36.84 -109.96
CA THR KA 67 -21.34 -35.47 -109.54
C THR KA 67 -21.18 -35.28 -108.04
N CYS KA 68 -21.04 -36.36 -107.28
CA CYS KA 68 -20.86 -36.27 -105.84
C CYS KA 68 -19.41 -36.01 -105.50
N TYR KA 69 -19.20 -35.13 -104.52
CA TYR KA 69 -17.86 -34.94 -103.97
C TYR KA 69 -17.66 -35.87 -102.77
N CYS KA 70 -16.41 -36.07 -102.41
CA CYS KA 70 -16.08 -36.77 -101.17
C CYS KA 70 -15.29 -35.91 -100.20
N THR KA 71 -14.20 -35.29 -100.65
CA THR KA 71 -13.42 -34.46 -99.76
C THR KA 71 -14.01 -33.06 -99.69
N ARG KA 72 -13.66 -32.34 -98.63
CA ARG KA 72 -14.00 -30.93 -98.56
C ARG KA 72 -13.09 -30.09 -99.44
N HIS KA 73 -11.95 -30.62 -99.85
CA HIS KA 73 -11.04 -29.91 -100.75
C HIS KA 73 -11.42 -30.16 -102.21
N ALA KA 74 -12.67 -29.88 -102.56
CA ALA KA 74 -13.15 -30.02 -103.93
C ALA KA 74 -13.74 -28.68 -104.37
N VAL KA 75 -14.16 -28.62 -105.62
CA VAL KA 75 -14.64 -27.36 -106.20
C VAL KA 75 -16.15 -27.34 -105.98
N MET KA 76 -16.56 -26.80 -104.83
CA MET KA 76 -17.95 -26.49 -104.56
C MET KA 76 -18.16 -25.01 -104.83
N ASP KA 77 -19.02 -24.70 -105.80
CA ASP KA 77 -19.28 -23.31 -106.14
C ASP KA 77 -20.17 -22.71 -105.06
N LEU KA 78 -19.59 -21.81 -104.26
CA LEU KA 78 -20.28 -21.25 -103.11
C LEU KA 78 -20.81 -19.87 -103.48
N GLN KA 79 -22.12 -19.71 -103.44
CA GLN KA 79 -22.76 -18.44 -103.79
C GLN KA 79 -23.61 -17.85 -102.68
N PHE KA 80 -23.79 -18.57 -101.58
CA PHE KA 80 -24.52 -18.04 -100.43
C PHE KA 80 -23.99 -18.75 -99.18
N LEU KA 81 -23.86 -18.00 -98.09
CA LEU KA 81 -23.23 -18.52 -96.89
C LEU KA 81 -24.01 -18.05 -95.67
N MET KA 82 -23.43 -18.28 -94.50
CA MET KA 82 -24.00 -17.97 -93.20
C MET KA 82 -23.02 -17.11 -92.42
N GLY KA 83 -23.26 -16.96 -91.12
CA GLY KA 83 -22.29 -16.33 -90.24
C GLY KA 83 -22.56 -14.87 -89.95
N CYS KA 84 -22.41 -14.48 -88.70
CA CYS KA 84 -22.51 -13.08 -88.32
C CYS KA 84 -21.13 -12.43 -88.35
N CYS KA 85 -21.14 -11.08 -88.28
CA CYS KA 85 -19.94 -10.24 -88.32
C CYS KA 85 -19.08 -10.50 -89.56
N LEU KA 86 -19.74 -10.68 -90.69
CA LEU KA 86 -19.03 -10.96 -91.92
C LEU KA 86 -18.37 -9.70 -92.46
N TRP KA 87 -17.38 -9.91 -93.33
CA TRP KA 87 -16.52 -8.86 -93.90
C TRP KA 87 -15.86 -8.03 -92.80
N HIS KA 88 -15.44 -8.72 -91.75
CA HIS KA 88 -14.84 -8.13 -90.57
C HIS KA 88 -13.82 -9.13 -90.07
N GLY KA 89 -13.37 -8.95 -88.82
CA GLY KA 89 -12.55 -9.97 -88.22
C GLY KA 89 -13.31 -11.08 -87.55
N GLY KA 90 -14.62 -11.18 -87.81
CA GLY KA 90 -15.47 -12.07 -87.07
C GLY KA 90 -15.98 -11.39 -85.82
N VAL KA 91 -16.85 -12.11 -85.10
CA VAL KA 91 -17.45 -11.59 -83.88
C VAL KA 91 -16.38 -11.48 -82.80
N TYR KA 92 -16.32 -10.32 -82.15
CA TYR KA 92 -15.38 -10.13 -81.05
C TYR KA 92 -15.74 -11.04 -79.90
N PRO KA 93 -14.78 -11.77 -79.32
CA PRO KA 93 -15.14 -12.87 -78.44
C PRO KA 93 -15.36 -12.49 -76.99
N GLN KA 94 -15.50 -11.19 -76.69
CA GLN KA 94 -15.76 -10.80 -75.32
C GLN KA 94 -17.21 -11.12 -74.96
N LEU KA 95 -17.45 -11.29 -73.67
CA LEU KA 95 -18.78 -11.61 -73.15
C LEU KA 95 -19.41 -10.31 -72.65
N ASN KA 96 -20.03 -9.58 -73.57
CA ASN KA 96 -20.66 -8.32 -73.24
C ASN KA 96 -21.91 -8.57 -72.40
N SER KA 97 -22.04 -7.83 -71.30
CA SER KA 97 -23.21 -7.97 -70.44
C SER KA 97 -24.47 -7.47 -71.13
N SER KA 98 -24.36 -6.36 -71.87
CA SER KA 98 -25.48 -5.88 -72.64
C SER KA 98 -25.65 -6.71 -73.91
N GLY KA 99 -26.81 -6.57 -74.54
CA GLY KA 99 -27.06 -7.27 -75.79
C GLY KA 99 -26.40 -6.68 -77.00
N LEU KA 100 -25.76 -5.53 -76.85
CA LEU KA 100 -25.02 -4.92 -77.95
C LEU KA 100 -23.78 -5.75 -78.27
N VAL KA 101 -23.59 -6.04 -79.55
CA VAL KA 101 -22.49 -6.87 -79.99
C VAL KA 101 -21.64 -6.09 -80.99
N VAL KA 102 -20.39 -6.50 -81.12
CA VAL KA 102 -19.43 -5.86 -82.00
C VAL KA 102 -18.59 -6.95 -82.65
N CYS KA 103 -17.93 -6.59 -83.74
CA CYS KA 103 -17.06 -7.52 -84.45
C CYS KA 103 -15.60 -7.27 -84.07
N ASN KA 104 -14.73 -8.17 -84.54
CA ASN KA 104 -13.32 -8.06 -84.20
C ASN KA 104 -12.63 -6.90 -84.88
N ASP KA 105 -13.16 -6.41 -86.00
CA ASP KA 105 -12.60 -5.22 -86.62
C ASP KA 105 -13.03 -3.95 -85.91
N GLY KA 106 -13.99 -4.03 -85.00
CA GLY KA 106 -14.54 -2.87 -84.32
C GLY KA 106 -15.89 -2.43 -84.84
N TYR KA 107 -16.36 -2.97 -85.95
CA TYR KA 107 -17.65 -2.58 -86.49
C TYR KA 107 -18.78 -3.23 -85.68
N VAL KA 108 -19.84 -2.46 -85.47
CA VAL KA 108 -20.96 -2.90 -84.65
C VAL KA 108 -21.97 -3.62 -85.53
N SER KA 109 -22.23 -4.89 -85.23
CA SER KA 109 -23.25 -5.66 -85.94
C SER KA 109 -24.54 -5.67 -85.13
N GLU KA 110 -25.19 -4.51 -85.09
CA GLU KA 110 -26.41 -4.35 -84.32
C GLU KA 110 -27.59 -5.09 -84.94
N GLU KA 111 -27.52 -5.42 -86.24
CA GLU KA 111 -28.54 -6.24 -86.86
C GLU KA 111 -28.49 -7.67 -86.34
N CYS KA 112 -27.29 -8.23 -86.24
CA CYS KA 112 -27.12 -9.55 -85.63
C CYS KA 112 -27.40 -9.49 -84.14
N SER KA 113 -27.11 -8.36 -83.51
CA SER KA 113 -27.43 -8.18 -82.10
C SER KA 113 -28.94 -8.05 -81.92
N LEU KA 114 -29.39 -8.40 -80.73
CA LEU KA 114 -30.79 -8.19 -80.37
C LEU KA 114 -31.08 -6.71 -80.21
N GLN KA 115 -32.31 -6.33 -80.51
CA GLN KA 115 -32.69 -4.92 -80.55
C GLN KA 115 -33.27 -4.47 -79.21
N LYS KA 116 -33.24 -3.15 -79.00
CA LYS KA 116 -33.87 -2.50 -77.86
C LYS KA 116 -34.12 -1.04 -78.21
N UNK LA 1 -10.55 -26.99 -128.88
CA UNK LA 1 -10.68 -28.43 -129.15
C UNK LA 1 -11.22 -28.65 -130.56
N UNK LA 2 -12.56 -28.79 -130.63
CA UNK LA 2 -13.32 -28.91 -131.87
C UNK LA 2 -12.90 -30.11 -132.72
N UNK LA 3 -12.51 -31.20 -132.09
CA UNK LA 3 -12.14 -32.41 -132.82
C UNK LA 3 -12.31 -33.62 -131.92
N UNK LA 4 -12.47 -34.77 -132.56
CA UNK LA 4 -12.38 -36.06 -131.86
C UNK LA 4 -11.29 -36.94 -132.45
N UNK LA 5 -11.32 -37.18 -133.75
CA UNK LA 5 -10.38 -38.10 -134.40
C UNK LA 5 -9.09 -37.33 -134.73
N UNK LA 6 -7.96 -37.97 -134.49
CA UNK LA 6 -6.66 -37.41 -134.83
C UNK LA 6 -6.20 -38.02 -136.13
N UNK LA 7 -6.69 -37.46 -137.24
CA UNK LA 7 -6.35 -37.98 -138.56
C UNK LA 7 -4.88 -37.71 -138.89
N UNK LA 8 -4.34 -38.51 -139.79
CA UNK LA 8 -2.93 -38.47 -140.14
C UNK LA 8 -2.75 -38.49 -141.65
N UNK LA 9 -1.64 -37.91 -142.09
CA UNK LA 9 -1.24 -37.75 -143.50
C UNK LA 9 -2.33 -37.09 -144.35
N UNK MA 1 15.74 93.58 -63.07
CA UNK MA 1 16.68 94.49 -62.41
C UNK MA 1 18.07 94.38 -63.05
N UNK MA 2 18.29 93.30 -63.81
CA UNK MA 2 19.54 93.09 -64.49
C UNK MA 2 19.53 93.72 -65.88
N UNK MA 3 20.60 93.50 -66.63
CA UNK MA 3 20.75 94.04 -67.98
C UNK MA 3 20.74 92.88 -68.96
N UNK MA 4 19.55 92.60 -69.52
CA UNK MA 4 19.39 91.46 -70.43
C UNK MA 4 20.11 91.67 -71.75
N UNK MA 5 20.12 92.91 -72.28
CA UNK MA 5 20.79 93.16 -73.55
C UNK MA 5 22.31 93.11 -73.40
N UNK MA 6 22.83 93.61 -72.27
CA UNK MA 6 24.25 93.47 -72.00
C UNK MA 6 24.63 92.02 -71.79
N UNK MA 7 23.75 91.24 -71.15
CA UNK MA 7 23.99 89.81 -70.98
C UNK MA 7 24.01 89.08 -72.32
N UNK MA 8 23.09 89.44 -73.23
CA UNK MA 8 23.03 88.81 -74.54
C UNK MA 8 24.24 89.19 -75.39
N UNK MA 9 24.70 90.44 -75.27
CA UNK MA 9 25.91 90.86 -75.97
C UNK MA 9 27.14 90.14 -75.42
N UNK MA 10 27.21 89.94 -74.11
CA UNK MA 10 28.31 89.19 -73.50
C UNK MA 10 28.28 87.73 -73.94
N UNK MA 11 27.08 87.14 -74.04
CA UNK MA 11 26.96 85.76 -74.49
C UNK MA 11 27.36 85.61 -75.96
N UNK MA 12 26.97 86.57 -76.80
CA UNK MA 12 27.35 86.54 -78.21
C UNK MA 12 28.86 86.71 -78.38
N UNK MA 13 29.47 87.62 -77.63
CA UNK MA 13 30.92 87.82 -77.75
C UNK MA 13 31.70 86.67 -77.12
N UNK MA 14 31.13 85.98 -76.13
CA UNK MA 14 31.78 84.80 -75.57
C UNK MA 14 31.68 83.61 -76.52
N UNK MA 15 30.54 83.49 -77.23
CA UNK MA 15 30.42 82.47 -78.27
C UNK MA 15 31.35 82.77 -79.43
N UNK MA 16 31.55 84.05 -79.74
CA UNK MA 16 32.54 84.46 -80.74
C UNK MA 16 33.87 84.76 -80.03
N UNK MA 17 34.39 83.73 -79.36
CA UNK MA 17 35.67 83.89 -78.67
C UNK MA 17 36.84 83.88 -79.64
N UNK MA 18 36.62 83.31 -80.84
CA UNK MA 18 37.57 83.33 -81.97
C UNK MA 18 38.91 82.67 -81.62
N UNK MA 19 38.88 81.61 -80.81
CA UNK MA 19 40.11 80.91 -80.44
C UNK MA 19 39.77 79.43 -80.30
N UNK MA 20 40.00 78.67 -81.36
CA UNK MA 20 39.74 77.24 -81.38
C UNK MA 20 41.08 76.52 -81.54
N UNK MA 21 41.78 76.35 -80.43
CA UNK MA 21 43.09 75.69 -80.41
C UNK MA 21 42.89 74.25 -79.95
N UNK MA 22 43.24 73.31 -80.82
CA UNK MA 22 43.03 71.89 -80.53
C UNK MA 22 44.22 71.08 -81.03
N UNK MA 23 44.44 69.95 -80.36
CA UNK MA 23 45.45 68.99 -80.76
C UNK MA 23 44.91 67.59 -80.58
N UNK MA 24 44.95 66.80 -81.65
CA UNK MA 24 44.49 65.42 -81.62
C UNK MA 24 45.63 64.50 -81.22
N UNK MA 25 45.31 63.22 -81.06
CA UNK MA 25 46.29 62.22 -80.64
C UNK MA 25 46.15 60.97 -81.50
N UNK MA 26 47.20 60.17 -81.49
CA UNK MA 26 47.26 58.88 -82.18
C UNK MA 26 47.24 57.75 -81.16
N UNK MA 27 47.35 56.52 -81.67
CA UNK MA 27 47.26 55.34 -80.83
C UNK MA 27 48.49 55.17 -79.94
N UNK MA 28 49.65 55.62 -80.39
CA UNK MA 28 50.90 55.50 -79.64
C UNK MA 28 51.32 56.82 -79.01
N UNK MA 29 50.33 57.60 -78.53
CA UNK MA 29 50.52 58.88 -77.84
C UNK MA 29 51.31 59.88 -78.68
N UNK MA 30 51.00 59.93 -79.98
CA UNK MA 30 51.61 60.91 -80.88
C UNK MA 30 50.66 62.08 -81.03
N UNK MA 31 51.14 63.28 -80.71
CA UNK MA 31 50.30 64.46 -80.77
C UNK MA 31 50.17 64.94 -82.22
N UNK MA 32 49.14 65.76 -82.45
CA UNK MA 32 48.95 66.39 -83.75
C UNK MA 32 48.27 67.74 -83.50
N UNK MA 33 49.08 68.79 -83.43
CA UNK MA 33 48.59 70.15 -83.20
C UNK MA 33 48.70 70.92 -84.50
N UNK MA 34 47.57 71.24 -85.11
CA UNK MA 34 47.53 71.93 -86.38
C UNK MA 34 47.21 73.41 -86.15
N UNK MA 35 47.02 74.14 -87.24
CA UNK MA 35 46.68 75.56 -87.14
C UNK MA 35 45.25 75.73 -86.65
N UNK MA 36 45.04 76.76 -85.83
CA UNK MA 36 43.77 76.98 -85.18
C UNK MA 36 42.75 77.55 -86.17
N UNK MA 37 41.49 77.55 -85.74
CA UNK MA 37 40.38 78.14 -86.48
C UNK MA 37 39.65 79.15 -85.58
N UNK MA 38 38.61 79.77 -86.16
CA UNK MA 38 37.82 80.84 -85.55
C UNK MA 38 38.66 82.01 -85.04
N UNK MA 39 41.95 58.56 -77.62
CA UNK MA 39 43.25 58.25 -78.20
C UNK MA 39 43.30 58.68 -79.67
N UNK MA 40 42.15 59.07 -80.22
CA UNK MA 40 42.07 59.51 -81.60
C UNK MA 40 41.67 60.98 -81.69
N UNK MA 41 40.51 61.36 -81.15
CA UNK MA 41 40.04 62.72 -81.18
C UNK MA 41 39.50 63.06 -79.80
N UNK MA 42 40.24 63.87 -79.06
CA UNK MA 42 39.86 64.17 -77.69
C UNK MA 42 38.69 65.14 -77.66
N UNK MA 43 37.67 64.80 -76.87
CA UNK MA 43 36.56 65.72 -76.62
C UNK MA 43 37.01 66.94 -75.84
N UNK MA 44 38.10 66.84 -75.09
CA UNK MA 44 38.73 68.00 -74.47
C UNK MA 44 39.71 68.70 -75.39
N UNK MA 45 39.86 68.24 -76.63
CA UNK MA 45 40.79 68.87 -77.56
C UNK MA 45 40.31 70.27 -77.96
N UNK MA 46 39.04 70.39 -78.33
CA UNK MA 46 38.50 71.66 -78.78
C UNK MA 46 38.35 72.63 -77.60
N UNK MA 47 38.71 73.89 -77.83
CA UNK MA 47 38.68 74.90 -76.79
C UNK MA 47 38.11 76.19 -77.36
N UNK MA 48 37.60 77.04 -76.48
CA UNK MA 48 37.08 78.34 -76.86
C UNK MA 48 38.00 79.45 -76.36
N LYS NA 24 -42.91 -28.45 -128.73
CA LYS NA 24 -43.98 -27.60 -129.25
C LYS NA 24 -44.10 -26.33 -128.43
N PHE NA 25 -42.98 -25.84 -127.91
CA PHE NA 25 -42.96 -24.63 -127.11
C PHE NA 25 -41.73 -23.82 -127.43
N LYS NA 26 -41.77 -22.55 -127.06
CA LYS NA 26 -40.59 -21.69 -127.05
C LYS NA 26 -40.52 -21.04 -125.69
N LYS NA 27 -39.36 -21.10 -125.06
CA LYS NA 27 -39.28 -20.55 -123.73
C LYS NA 27 -38.55 -19.22 -123.73
N PRO NA 28 -38.93 -18.31 -122.83
CA PRO NA 28 -38.16 -17.07 -122.65
C PRO NA 28 -36.82 -17.36 -121.98
N PRO NA 29 -35.90 -16.38 -121.95
CA PRO NA 29 -34.65 -16.59 -121.22
C PRO NA 29 -34.86 -16.83 -119.74
N ILE NA 30 -33.97 -17.64 -119.16
CA ILE NA 30 -34.08 -18.01 -117.75
C ILE NA 30 -33.83 -16.81 -116.86
N ASN NA 31 -32.77 -16.06 -117.12
CA ASN NA 31 -32.52 -14.83 -116.37
C ASN NA 31 -33.12 -13.63 -117.09
N ASN NA 32 -34.39 -13.74 -117.45
CA ASN NA 32 -35.06 -12.65 -118.13
C ASN NA 32 -35.49 -11.60 -117.12
N PRO NA 33 -35.11 -10.35 -117.30
CA PRO NA 33 -35.59 -9.30 -116.40
C PRO NA 33 -37.04 -8.98 -116.66
N SER NA 34 -37.94 -9.78 -116.08
CA SER NA 34 -39.36 -9.55 -116.29
C SER NA 34 -39.92 -8.42 -115.44
N ASP NA 35 -39.12 -7.87 -114.53
CA ASP NA 35 -39.62 -6.90 -113.57
C ASP NA 35 -39.28 -5.48 -114.00
N ASP NA 36 -40.21 -4.56 -113.71
CA ASP NA 36 -40.11 -3.17 -114.14
C ASP NA 36 -38.94 -2.46 -113.47
N ALA NA 37 -38.65 -2.77 -112.22
CA ALA NA 37 -37.46 -2.22 -111.60
C ALA NA 37 -36.20 -2.84 -112.21
N THR NA 38 -36.28 -4.12 -112.57
CA THR NA 38 -35.09 -4.84 -113.00
C THR NA 38 -34.65 -4.41 -114.39
N ILE NA 39 -35.59 -4.11 -115.28
CA ILE NA 39 -35.20 -3.64 -116.61
C ILE NA 39 -34.55 -2.27 -116.52
N LYS NA 40 -35.05 -1.41 -115.63
CA LYS NA 40 -34.43 -0.12 -115.39
C LYS NA 40 -33.03 -0.30 -114.81
N LEU NA 41 -32.87 -1.28 -113.91
CA LEU NA 41 -31.59 -1.55 -113.28
C LEU NA 41 -30.56 -2.02 -114.29
N ALA NA 42 -30.95 -2.97 -115.14
CA ALA NA 42 -30.03 -3.51 -116.13
C ALA NA 42 -29.75 -2.50 -117.24
N GLU NA 43 -30.73 -1.67 -117.59
CA GLU NA 43 -30.52 -0.61 -118.56
C GLU NA 43 -29.54 0.43 -118.01
N ALA NA 44 -29.65 0.74 -116.72
CA ALA NA 44 -28.70 1.62 -116.06
C ALA NA 44 -27.31 1.01 -116.06
N ALA NA 45 -27.24 -0.32 -115.87
CA ALA NA 45 -25.96 -1.01 -115.93
C ALA NA 45 -25.33 -0.90 -117.31
N VAL NA 46 -26.15 -1.05 -118.36
CA VAL NA 46 -25.68 -0.89 -119.73
C VAL NA 46 -25.15 0.52 -119.96
N SER NA 47 -25.88 1.51 -119.46
CA SER NA 47 -25.50 2.91 -119.65
C SER NA 47 -24.18 3.23 -118.95
N VAL NA 48 -24.04 2.78 -117.71
CA VAL NA 48 -22.82 3.11 -116.96
C VAL NA 48 -21.63 2.33 -117.51
N SER NA 49 -21.86 1.12 -118.02
CA SER NA 49 -20.79 0.36 -118.64
C SER NA 49 -20.30 1.04 -119.91
N ASP NA 50 -21.24 1.54 -120.73
CA ASP NA 50 -20.85 2.24 -121.94
C ASP NA 50 -20.15 3.56 -121.64
N SER NA 51 -20.60 4.24 -120.57
CA SER NA 51 -19.99 5.50 -120.19
C SER NA 51 -18.55 5.30 -119.71
N MET NA 52 -18.32 4.28 -118.87
CA MET NA 52 -16.96 3.98 -118.46
C MET NA 52 -16.11 3.50 -119.62
N LEU NA 53 -16.72 2.79 -120.57
CA LEU NA 53 -16.01 2.33 -121.77
C LEU NA 53 -15.50 3.51 -122.59
N GLU NA 54 -16.35 4.50 -122.85
CA GLU NA 54 -15.91 5.63 -123.65
C GLU NA 54 -14.98 6.55 -122.87
N MET NA 55 -15.13 6.59 -121.54
CA MET NA 55 -14.19 7.37 -120.73
C MET NA 55 -12.79 6.79 -120.77
N ALA NA 56 -12.68 5.47 -120.61
CA ALA NA 56 -11.38 4.82 -120.71
C ALA NA 56 -10.83 4.88 -122.14
N LYS NA 57 -11.73 4.86 -123.13
CA LYS NA 57 -11.32 4.97 -124.51
C LYS NA 57 -10.69 6.33 -124.81
N VAL NA 58 -11.31 7.40 -124.31
CA VAL NA 58 -10.75 8.71 -124.61
C VAL NA 58 -9.50 8.98 -123.76
N GLU NA 59 -9.45 8.49 -122.53
CA GLU NA 59 -8.28 8.81 -121.72
C GLU NA 59 -7.12 7.84 -121.94
N LYS NA 60 -7.33 6.76 -122.67
CA LYS NA 60 -6.24 5.85 -122.98
C LYS NA 60 -5.33 6.45 -124.05
N VAL NA 61 -4.02 6.23 -123.89
CA VAL NA 61 -3.05 6.61 -124.91
C VAL NA 61 -2.50 5.34 -125.53
N ILE NA 62 -2.01 5.49 -126.76
CA ILE NA 62 -1.41 4.38 -127.50
C ILE NA 62 -0.26 4.90 -128.35
N THR NA 63 0.37 4.00 -129.09
CA THR NA 63 1.48 4.31 -129.98
C THR NA 63 1.20 3.75 -131.36
N PRO NA 64 1.66 4.42 -132.42
CA PRO NA 64 1.45 3.89 -133.76
C PRO NA 64 2.31 2.65 -133.99
N PRO NA 65 1.80 1.67 -134.74
CA PRO NA 65 2.59 0.46 -135.00
C PRO NA 65 3.75 0.69 -135.93
N SER NA 66 3.72 1.75 -136.73
CA SER NA 66 4.87 2.09 -137.57
C SER NA 66 6.04 2.60 -136.72
N LYS NA 67 5.74 3.37 -135.68
CA LYS NA 67 6.77 3.98 -134.85
C LYS NA 67 7.02 3.19 -133.56
N ASP NA 68 6.85 1.87 -133.61
CA ASP NA 68 7.17 1.06 -132.44
C ASP NA 68 8.68 0.95 -132.30
N ASN NA 69 9.19 1.33 -131.13
CA ASN NA 69 10.63 1.30 -130.87
C ASN NA 69 11.03 -0.03 -130.23
N THR NA 70 10.71 -1.10 -130.93
CA THR NA 70 11.11 -2.45 -130.54
C THR NA 70 11.85 -3.07 -131.71
N LEU NA 71 13.00 -3.68 -131.42
CA LEU NA 71 13.79 -4.30 -132.47
C LEU NA 71 13.10 -5.57 -132.94
N THR NA 72 12.89 -5.66 -134.26
CA THR NA 72 12.17 -6.78 -134.83
C THR NA 72 13.13 -7.94 -135.11
N ILE NA 73 12.59 -8.97 -135.74
CA ILE NA 73 13.31 -10.22 -135.98
C ILE NA 73 14.00 -10.17 -137.34
N PRO NA 74 15.34 -10.28 -137.38
CA PRO NA 74 16.04 -10.29 -138.68
C PRO NA 74 15.95 -11.62 -139.42
N ASN NA 75 15.37 -12.65 -138.81
CA ASN NA 75 15.12 -14.00 -139.31
C ASN NA 75 16.27 -14.64 -140.08
N ALA NA 76 17.50 -14.43 -139.62
CA ALA NA 76 18.60 -15.25 -140.09
C ALA NA 76 18.46 -16.66 -139.52
N TYR NA 77 19.04 -17.64 -140.23
CA TYR NA 77 18.79 -19.04 -139.91
C TYR NA 77 19.44 -19.47 -138.61
N ASN NA 78 20.44 -18.74 -138.14
CA ASN NA 78 21.00 -19.04 -136.82
C ASN NA 78 20.08 -18.61 -135.69
N LEU NA 79 19.01 -17.89 -135.97
CA LEU NA 79 18.11 -17.37 -134.97
C LEU NA 79 16.84 -18.20 -134.83
N GLN NA 80 16.80 -19.39 -135.43
CA GLN NA 80 15.59 -20.20 -135.47
C GLN NA 80 15.61 -21.34 -134.46
N ALA NA 81 16.53 -21.32 -133.52
CA ALA NA 81 16.65 -22.40 -132.55
C ALA NA 81 15.73 -22.16 -131.35
N ARG NA 82 15.49 -23.23 -130.61
CA ARG NA 82 14.62 -23.23 -129.45
C ARG NA 82 15.45 -23.43 -128.18
N ALA NA 83 14.93 -22.92 -127.06
CA ALA NA 83 15.62 -23.04 -125.79
C ALA NA 83 14.60 -23.02 -124.66
N SER NA 84 15.02 -23.58 -123.52
CA SER NA 84 14.25 -23.53 -122.27
C SER NA 84 15.18 -22.89 -121.24
N VAL NA 85 15.03 -21.58 -121.04
CA VAL NA 85 16.01 -20.80 -120.29
C VAL NA 85 15.28 -20.00 -119.21
N ASP NA 86 15.75 -20.12 -117.97
CA ASP NA 86 15.36 -19.23 -116.90
C ASP NA 86 16.60 -18.52 -116.38
N TRP NA 87 16.49 -17.21 -116.21
CA TRP NA 87 17.62 -16.40 -115.75
C TRP NA 87 17.10 -15.22 -114.96
N SER NA 88 17.83 -14.84 -113.92
CA SER NA 88 17.61 -13.59 -113.23
C SER NA 88 18.94 -12.87 -113.08
N GLY NA 89 18.93 -11.56 -113.23
CA GLY NA 89 20.11 -10.77 -112.96
C GLY NA 89 20.50 -9.84 -114.09
N PRO NA 90 21.81 -9.62 -114.25
CA PRO NA 90 22.29 -8.66 -115.26
C PRO NA 90 22.14 -9.12 -116.69
N ILE NA 91 22.68 -8.31 -117.60
CA ILE NA 91 22.41 -8.47 -119.03
C ILE NA 91 23.63 -8.97 -119.81
N GLU NA 92 24.84 -8.74 -119.31
CA GLU NA 92 26.05 -8.94 -120.12
C GLU NA 92 26.34 -10.42 -120.31
N GLU NA 93 26.23 -11.21 -119.24
CA GLU NA 93 26.43 -12.65 -119.36
C GLU NA 93 25.36 -13.29 -120.22
N LEU NA 94 24.12 -12.79 -120.13
CA LEU NA 94 23.03 -13.31 -120.96
C LEU NA 94 23.29 -13.05 -122.43
N THR NA 95 23.68 -11.82 -122.78
CA THR NA 95 23.88 -11.52 -124.19
C THR NA 95 25.14 -12.18 -124.73
N ALA NA 96 26.18 -12.34 -123.90
CA ALA NA 96 27.38 -13.04 -124.35
C ALA NA 96 27.10 -14.52 -124.54
N ARG NA 97 26.31 -15.12 -123.65
CA ARG NA 97 26.01 -16.54 -123.77
C ARG NA 97 25.10 -16.81 -124.95
N ILE NA 98 24.13 -15.92 -125.20
CA ILE NA 98 23.28 -16.12 -126.36
C ILE NA 98 24.04 -15.81 -127.65
N ALA NA 99 25.06 -14.95 -127.57
CA ALA NA 99 25.92 -14.72 -128.73
C ALA NA 99 26.76 -15.94 -129.05
N LYS NA 100 27.30 -16.59 -128.01
CA LYS NA 100 28.07 -17.80 -128.24
C LYS NA 100 27.19 -18.95 -128.70
N ALA NA 101 25.94 -18.99 -128.23
CA ALA NA 101 24.99 -19.96 -128.77
C ALA NA 101 24.65 -19.67 -130.22
N ALA NA 102 24.59 -18.40 -130.60
CA ALA NA 102 24.31 -18.01 -131.97
C ALA NA 102 25.54 -18.07 -132.86
N HIS NA 103 26.73 -18.33 -132.28
CA HIS NA 103 28.02 -18.34 -132.98
C HIS NA 103 28.28 -17.02 -133.69
N PHE NA 104 27.96 -15.93 -133.01
CA PHE NA 104 28.11 -14.57 -133.50
C PHE NA 104 29.31 -13.90 -132.84
N ARG NA 105 29.81 -12.86 -133.49
CA ARG NA 105 30.72 -11.96 -132.80
C ARG NA 105 29.92 -11.00 -131.92
N PHE NA 106 30.61 -10.35 -131.00
CA PHE NA 106 29.96 -9.54 -129.98
C PHE NA 106 30.67 -8.21 -129.83
N ARG NA 107 29.90 -7.16 -129.54
CA ARG NA 107 30.49 -5.87 -129.22
C ARG NA 107 29.56 -5.06 -128.34
N VAL NA 108 30.13 -4.05 -127.69
CA VAL NA 108 29.42 -3.20 -126.75
C VAL NA 108 29.81 -1.75 -126.98
N LEU NA 109 28.82 -0.87 -126.91
CA LEU NA 109 29.03 0.57 -126.93
C LEU NA 109 28.45 1.18 -125.67
N GLY NA 110 29.17 2.14 -125.10
CA GLY NA 110 28.78 2.69 -123.83
C GLY NA 110 29.41 1.93 -122.68
N LYS NA 111 29.00 2.29 -121.48
CA LYS NA 111 29.57 1.73 -120.27
C LYS NA 111 28.49 1.19 -119.35
N SER NA 112 28.83 0.14 -118.64
CA SER NA 112 27.95 -0.36 -117.58
C SER NA 112 28.08 0.53 -116.36
N PRO NA 113 26.97 1.04 -115.83
CA PRO NA 113 27.04 1.83 -114.58
C PRO NA 113 27.25 0.95 -113.35
N SER NA 114 27.21 1.58 -112.17
CA SER NA 114 27.36 0.84 -110.92
C SER NA 114 26.19 -0.11 -110.71
N VAL NA 115 24.98 0.33 -111.07
CA VAL NA 115 23.79 -0.51 -111.02
C VAL NA 115 23.59 -1.10 -112.40
N PRO NA 116 23.70 -2.41 -112.57
CA PRO NA 116 23.55 -3.00 -113.91
C PRO NA 116 22.09 -3.10 -114.32
N VAL NA 117 21.89 -3.67 -115.50
CA VAL NA 117 20.55 -3.87 -116.05
C VAL NA 117 20.00 -5.17 -115.50
N LEU NA 118 19.34 -5.11 -114.35
CA LEU NA 118 18.84 -6.29 -113.68
C LEU NA 118 17.53 -6.72 -114.31
N ILE NA 119 17.48 -7.96 -114.81
CA ILE NA 119 16.33 -8.48 -115.52
C ILE NA 119 16.19 -9.97 -115.21
N SER NA 120 15.05 -10.53 -115.58
CA SER NA 120 14.74 -11.93 -115.27
C SER NA 120 13.72 -12.43 -116.26
N ILE NA 121 14.07 -13.48 -117.01
CA ILE NA 121 13.19 -14.08 -118.00
C ILE NA 121 13.23 -15.59 -117.82
N SER NA 122 12.06 -16.21 -117.70
CA SER NA 122 11.93 -17.65 -117.69
C SER NA 122 11.01 -18.07 -118.83
N THR NA 123 11.45 -19.07 -119.61
CA THR NA 123 10.69 -19.53 -120.75
C THR NA 123 11.07 -20.97 -121.06
N LYS NA 124 10.19 -21.64 -121.81
CA LYS NA 124 10.32 -23.05 -122.10
C LYS NA 124 10.55 -23.37 -123.56
N ASP NA 125 9.85 -22.71 -124.47
CA ASP NA 125 10.03 -23.00 -125.90
C ASP NA 125 9.64 -21.77 -126.70
N GLU NA 126 10.63 -21.11 -127.28
CA GLU NA 126 10.41 -19.96 -128.15
C GLU NA 126 11.66 -19.74 -128.99
N SER NA 127 11.70 -18.61 -129.68
CA SER NA 127 12.86 -18.23 -130.48
C SER NA 127 13.83 -17.41 -129.65
N LEU NA 128 15.11 -17.56 -129.98
CA LEU NA 128 16.11 -16.68 -129.39
C LEU NA 128 15.97 -15.25 -129.91
N ALA NA 129 15.41 -15.08 -131.11
CA ALA NA 129 15.10 -13.74 -131.60
C ALA NA 129 14.02 -13.08 -130.76
N GLU NA 130 12.98 -13.84 -130.42
CA GLU NA 130 11.95 -13.31 -129.53
C GLU NA 130 12.48 -13.11 -128.12
N ILE NA 131 13.45 -13.93 -127.71
CA ILE NA 131 14.15 -13.73 -126.45
C ILE NA 131 14.88 -12.39 -126.47
N LEU NA 132 15.55 -12.08 -127.58
CA LEU NA 132 16.28 -10.82 -127.69
C LEU NA 132 15.32 -9.64 -127.76
N ARG NA 133 14.17 -9.83 -128.40
CA ARG NA 133 13.16 -8.77 -128.46
C ARG NA 133 12.58 -8.48 -127.08
N ASP NA 134 12.30 -9.52 -126.30
CA ASP NA 134 11.84 -9.33 -124.94
C ASP NA 134 12.94 -8.76 -124.05
N ILE NA 135 14.20 -9.09 -124.36
CA ILE NA 135 15.33 -8.51 -123.66
C ILE NA 135 15.39 -7.01 -123.89
N ASP NA 136 15.15 -6.59 -125.14
CA ASP NA 136 15.10 -5.17 -125.46
C ASP NA 136 13.92 -4.49 -124.77
N TYR NA 137 12.77 -5.18 -124.74
CA TYR NA 137 11.59 -4.61 -124.11
C TYR NA 137 11.78 -4.42 -122.61
N GLN NA 138 12.42 -5.38 -121.96
CA GLN NA 138 12.74 -5.21 -120.54
C GLN NA 138 13.92 -4.29 -120.32
N ALA NA 139 14.72 -4.04 -121.35
CA ALA NA 139 15.77 -3.04 -121.24
C ALA NA 139 15.20 -1.64 -121.33
N GLY NA 140 14.11 -1.47 -122.05
CA GLY NA 140 13.45 -0.18 -122.15
C GLY NA 140 14.26 0.82 -122.95
N LYS NA 141 14.75 1.86 -122.29
CA LYS NA 141 15.49 2.91 -122.96
C LYS NA 141 16.93 3.06 -122.49
N LYS NA 142 17.30 2.44 -121.37
CA LYS NA 142 18.67 2.55 -120.90
C LYS NA 142 19.61 1.70 -121.74
N ALA NA 143 19.11 0.63 -122.34
CA ALA NA 143 19.92 -0.24 -123.17
C ALA NA 143 19.23 -0.44 -124.52
N SER NA 144 20.04 -0.80 -125.51
CA SER NA 144 19.57 -1.08 -126.85
C SER NA 144 20.43 -2.16 -127.46
N ILE NA 145 19.92 -2.77 -128.52
CA ILE NA 145 20.54 -3.94 -129.12
C ILE NA 145 20.52 -3.79 -130.63
N HIS NA 146 21.66 -4.00 -131.26
CA HIS NA 146 21.74 -4.05 -132.71
C HIS NA 146 22.25 -5.42 -133.15
N VAL NA 147 21.78 -5.85 -134.32
CA VAL NA 147 22.08 -7.18 -134.83
C VAL NA 147 22.41 -7.05 -136.31
N TYR NA 148 23.54 -7.61 -136.72
CA TYR NA 148 23.88 -7.68 -138.13
C TYR NA 148 23.98 -9.14 -138.53
N PRO NA 149 23.09 -9.63 -139.39
CA PRO NA 149 23.15 -11.03 -139.81
C PRO NA 149 24.05 -11.24 -141.02
N ASN NA 150 24.34 -10.15 -141.73
CA ASN NA 150 25.26 -10.24 -142.87
C ASN NA 150 26.68 -10.46 -142.39
N SER NA 151 27.23 -9.51 -141.65
CA SER NA 151 28.45 -9.71 -140.87
C SER NA 151 27.99 -10.07 -139.47
N GLN NA 152 28.08 -11.36 -139.13
CA GLN NA 152 27.29 -11.95 -138.06
C GLN NA 152 27.73 -11.48 -136.68
N VAL NA 153 27.12 -10.41 -136.21
CA VAL NA 153 27.55 -9.75 -134.99
C VAL NA 153 26.31 -9.26 -134.22
N VAL NA 154 26.45 -9.19 -132.90
CA VAL NA 154 25.47 -8.57 -132.03
C VAL NA 154 26.16 -7.47 -131.24
N GLU NA 155 25.37 -6.46 -130.86
CA GLU NA 155 25.90 -5.27 -130.24
C GLU NA 155 24.96 -4.82 -129.14
N LEU NA 156 25.52 -4.55 -127.98
CA LEU NA 156 24.78 -4.02 -126.84
C LEU NA 156 25.21 -2.59 -126.59
N ARG NA 157 24.25 -1.68 -126.55
CA ARG NA 157 24.51 -0.25 -126.48
C ARG NA 157 23.85 0.34 -125.25
N TYR NA 158 24.56 1.25 -124.59
CA TYR NA 158 24.02 1.96 -123.44
C TYR NA 158 23.49 3.33 -123.86
N ALA NA 159 22.68 3.90 -122.98
CA ALA NA 159 22.19 5.27 -123.14
C ALA NA 159 23.13 6.23 -122.42
N LYS NA 160 22.68 7.46 -122.23
CA LYS NA 160 23.48 8.46 -121.52
C LYS NA 160 22.74 8.99 -120.31
N ILE OA 208 -9.14 21.14 -150.06
CA ILE OA 208 -10.49 20.65 -149.90
C ILE OA 208 -10.51 19.13 -149.99
N ILE OA 209 -11.48 18.51 -149.32
CA ILE OA 209 -11.57 17.06 -149.26
C ILE OA 209 -12.57 16.59 -150.30
N TYR OA 210 -12.53 15.28 -150.59
CA TYR OA 210 -13.41 14.69 -151.60
C TYR OA 210 -13.98 13.39 -151.07
N TYR OA 211 -15.21 13.09 -151.51
CA TYR OA 211 -15.94 11.92 -151.03
C TYR OA 211 -16.54 11.16 -152.19
N ILE OA 212 -16.55 9.84 -152.09
CA ILE OA 212 -17.05 8.98 -153.15
C ILE OA 212 -18.56 8.87 -153.06
N GLN OA 213 -19.23 8.85 -154.21
CA GLN OA 213 -20.66 8.66 -154.28
C GLN OA 213 -21.05 7.41 -155.04
N ALA OA 214 -20.54 7.25 -156.26
CA ALA OA 214 -20.78 6.05 -157.06
C ALA OA 214 -19.44 5.57 -157.61
N VAL OA 215 -19.19 4.27 -157.49
CA VAL OA 215 -17.91 3.68 -157.84
C VAL OA 215 -18.14 2.59 -158.87
N ILE OA 216 -17.41 2.68 -159.99
CA ILE OA 216 -17.44 1.64 -161.02
C ILE OA 216 -16.00 1.29 -161.34
N PRO OA 217 -15.75 0.09 -161.88
CA PRO OA 217 -14.43 -0.16 -162.46
C PRO OA 217 -14.17 0.74 -163.64
N GLY OA 218 -13.25 1.69 -163.47
CA GLY OA 218 -12.92 2.62 -164.52
C GLY OA 218 -13.22 4.07 -164.19
N ARG OA 219 -14.38 4.33 -163.58
CA ARG OA 219 -14.85 5.68 -163.34
C ARG OA 219 -15.34 5.81 -161.90
N ALA OA 220 -15.35 7.04 -161.41
CA ALA OA 220 -15.77 7.30 -160.04
C ALA OA 220 -16.39 8.68 -159.93
N TRP OA 221 -17.16 8.87 -158.87
CA TRP OA 221 -17.87 10.11 -158.60
C TRP OA 221 -17.35 10.73 -157.32
N LEU OA 222 -17.04 12.03 -157.36
CA LEU OA 222 -16.47 12.73 -156.21
C LEU OA 222 -17.23 14.02 -155.96
N ILE OA 223 -17.39 14.34 -154.68
CA ILE OA 223 -17.97 15.61 -154.25
C ILE OA 223 -16.94 16.31 -153.37
N GLY OA 224 -16.63 17.56 -153.71
CA GLY OA 224 -15.65 18.33 -152.97
C GLY OA 224 -16.19 18.84 -151.65
N SER OA 225 -15.32 19.57 -150.93
CA SER OA 225 -15.74 20.21 -149.68
C SER OA 225 -16.72 21.33 -149.94
N ASN OA 226 -16.61 22.00 -151.09
CA ASN OA 226 -17.57 23.01 -151.51
C ASN OA 226 -18.76 22.40 -152.23
N GLY OA 227 -18.79 21.08 -152.41
CA GLY OA 227 -19.88 20.42 -153.08
C GLY OA 227 -19.72 20.28 -154.58
N SER OA 228 -18.52 20.49 -155.10
CA SER OA 228 -18.30 20.42 -156.54
C SER OA 228 -18.31 18.98 -157.01
N THR OA 229 -19.11 18.70 -158.05
CA THR OA 229 -19.16 17.37 -158.62
C THR OA 229 -17.96 17.12 -159.52
N LEU OA 230 -17.51 15.88 -159.55
CA LEU OA 230 -16.35 15.49 -160.36
C LEU OA 230 -16.48 14.02 -160.71
N THR OA 231 -16.85 13.72 -161.95
CA THR OA 231 -16.93 12.35 -162.43
C THR OA 231 -15.66 12.08 -163.23
N VAL OA 232 -14.76 11.30 -162.64
CA VAL OA 232 -13.41 11.15 -163.18
C VAL OA 232 -13.15 9.70 -163.56
N ARG OA 233 -12.00 9.49 -164.21
CA ARG OA 233 -11.53 8.19 -164.65
C ARG OA 233 -10.44 7.70 -163.71
N GLU OA 234 -9.95 6.48 -163.98
CA GLU OA 234 -8.67 6.06 -163.42
C GLU OA 234 -7.56 6.96 -163.94
N GLY OA 235 -7.58 7.29 -165.22
CA GLY OA 235 -6.68 8.28 -165.75
C GLY OA 235 -7.25 9.68 -165.58
N SER OA 236 -6.86 10.34 -164.49
CA SER OA 236 -7.40 11.65 -164.15
C SER OA 236 -6.47 12.32 -163.14
N LYS OA 237 -6.41 13.64 -163.21
CA LYS OA 237 -5.53 14.44 -162.36
C LYS OA 237 -6.39 15.32 -161.45
N ILE OA 238 -6.05 15.35 -160.17
CA ILE OA 238 -6.76 16.21 -159.22
C ILE OA 238 -5.74 17.08 -158.47
N PRO OA 239 -6.07 18.32 -158.13
CA PRO OA 239 -5.09 19.18 -157.47
C PRO OA 239 -4.85 18.77 -156.03
N GLY OA 240 -3.59 18.84 -155.61
CA GLY OA 240 -3.18 18.44 -154.28
C GLY OA 240 -2.95 16.96 -154.11
N TYR OA 241 -3.36 16.14 -155.07
CA TYR OA 241 -3.25 14.70 -154.97
C TYR OA 241 -2.62 14.13 -156.23
N GLY OA 242 -2.76 14.85 -157.34
CA GLY OA 242 -2.11 14.47 -158.57
C GLY OA 242 -2.92 13.43 -159.34
N MET OA 243 -2.21 12.45 -159.88
CA MET OA 243 -2.83 11.38 -160.66
C MET OA 243 -3.16 10.22 -159.74
N VAL OA 244 -4.40 9.75 -159.80
CA VAL OA 244 -4.79 8.57 -159.04
C VAL OA 244 -4.17 7.35 -159.70
N LYS OA 245 -3.37 6.60 -158.93
CA LYS OA 245 -2.67 5.46 -159.49
C LYS OA 245 -3.49 4.19 -159.49
N LEU OA 246 -4.53 4.12 -158.64
CA LEU OA 246 -5.31 2.89 -158.51
C LEU OA 246 -6.66 3.21 -157.91
N ILE OA 247 -7.72 2.73 -158.56
CA ILE OA 247 -9.07 2.81 -158.03
C ILE OA 247 -9.52 1.41 -157.62
N ASP OA 248 -10.38 1.36 -156.62
CA ASP OA 248 -10.89 0.10 -156.10
C ASP OA 248 -12.40 0.07 -156.27
N SER OA 249 -12.92 -1.04 -156.79
CA SER OA 249 -14.36 -1.19 -156.95
C SER OA 249 -14.98 -1.94 -155.77
N LEU OA 250 -14.33 -3.01 -155.31
CA LEU OA 250 -14.86 -3.77 -154.19
C LEU OA 250 -14.63 -3.06 -152.86
N GLN OA 251 -13.59 -2.24 -152.76
CA GLN OA 251 -13.32 -1.48 -151.57
C GLN OA 251 -13.41 0.01 -151.88
N GLY OA 252 -13.59 0.80 -150.83
CA GLY OA 252 -13.81 2.22 -151.01
C GLY OA 252 -12.56 3.07 -150.95
N ARG OA 253 -11.40 2.47 -151.22
CA ARG OA 253 -10.13 3.16 -151.11
C ARG OA 253 -9.67 3.59 -152.50
N ILE OA 254 -9.54 4.90 -152.69
CA ILE OA 254 -8.99 5.43 -153.94
C ILE OA 254 -7.67 6.11 -153.62
N LEU OA 255 -6.57 5.56 -154.11
CA LEU OA 255 -5.23 5.98 -153.73
C LEU OA 255 -4.60 6.79 -154.86
N THR OA 256 -4.01 7.94 -154.52
CA THR OA 256 -3.41 8.81 -155.50
C THR OA 256 -1.89 8.70 -155.47
N SER OA 257 -1.24 9.47 -156.36
CA SER OA 257 0.22 9.49 -156.42
C SER OA 257 0.85 10.18 -155.22
N SER OA 258 0.11 11.03 -154.53
CA SER OA 258 0.65 11.77 -153.39
C SER OA 258 0.52 11.01 -152.08
N GLY OA 259 0.05 9.76 -152.12
CA GLY OA 259 -0.14 9.01 -150.90
C GLY OA 259 -1.39 9.36 -150.13
N GLN OA 260 -2.43 9.83 -150.81
CA GLN OA 260 -3.69 10.18 -150.18
C GLN OA 260 -4.79 9.23 -150.64
N VAL OA 261 -5.62 8.79 -149.70
CA VAL OA 261 -6.68 7.82 -149.95
C VAL OA 261 -8.02 8.50 -149.74
N ILE OA 262 -8.92 8.33 -150.70
CA ILE OA 262 -10.26 8.91 -150.67
C ILE OA 262 -11.25 7.79 -150.40
N LYS OA 263 -12.14 8.02 -149.42
CA LYS OA 263 -13.19 7.09 -149.02
C LYS OA 263 -14.54 7.80 -149.07
N PHE OA 264 -15.56 7.17 -148.50
CA PHE OA 264 -16.87 7.82 -148.38
C PHE OA 264 -16.87 8.79 -147.21
N SER OA 265 -18.00 9.50 -147.07
CA SER OA 265 -18.21 10.36 -145.92
C SER OA 265 -18.46 9.52 -144.67
N GLN OA 266 -18.20 10.12 -143.53
CA GLN OA 266 -18.48 9.45 -142.26
C GLN OA 266 -18.79 10.45 -141.15
N MET PA 23 -25.29 -51.27 -125.81
CA MET PA 23 -25.48 -49.83 -125.91
C MET PA 23 -25.04 -49.13 -124.64
N LYS PA 24 -24.60 -49.91 -123.66
CA LYS PA 24 -24.15 -49.34 -122.40
C LYS PA 24 -22.81 -48.65 -122.60
N PHE PA 25 -22.72 -47.41 -122.14
CA PHE PA 25 -21.52 -46.63 -122.30
C PHE PA 25 -20.44 -47.09 -121.31
N LYS PA 26 -19.20 -46.76 -121.64
CA LYS PA 26 -18.05 -47.16 -120.83
C LYS PA 26 -16.87 -46.25 -121.19
N LYS PA 27 -15.84 -46.33 -120.35
CA LYS PA 27 -14.54 -45.78 -120.68
C LYS PA 27 -13.49 -46.83 -120.37
N PRO PA 28 -12.48 -46.98 -121.22
CA PRO PA 28 -11.60 -48.17 -121.20
C PRO PA 28 -10.78 -48.32 -119.91
N PRO PA 29 -9.91 -47.34 -119.50
CA PRO PA 29 -8.88 -47.69 -118.52
C PRO PA 29 -9.46 -47.78 -117.12
N ILE PA 30 -9.65 -49.00 -116.64
CA ILE PA 30 -10.20 -49.26 -115.32
C ILE PA 30 -9.27 -50.23 -114.59
N ASN PA 31 -9.06 -49.98 -113.31
CA ASN PA 31 -8.10 -50.74 -112.53
C ASN PA 31 -8.70 -51.06 -111.17
N ASN PA 32 -7.86 -51.56 -110.28
CA ASN PA 32 -8.18 -51.62 -108.88
C ASN PA 32 -8.26 -50.21 -108.31
N PRO PA 33 -9.09 -49.99 -107.28
CA PRO PA 33 -9.12 -48.67 -106.64
C PRO PA 33 -7.81 -48.35 -105.94
N SER PA 34 -7.44 -47.07 -105.97
CA SER PA 34 -6.15 -46.62 -105.49
C SER PA 34 -6.26 -46.17 -104.03
N ASP PA 35 -5.23 -45.47 -103.54
CA ASP PA 35 -5.22 -44.96 -102.18
C ASP PA 35 -4.66 -43.54 -102.15
N ASP PA 36 -5.23 -42.73 -101.24
CA ASP PA 36 -4.93 -41.31 -101.17
C ASP PA 36 -3.48 -41.03 -100.81
N ALA PA 37 -2.86 -41.88 -99.99
CA ALA PA 37 -1.46 -41.67 -99.65
C ALA PA 37 -0.58 -41.89 -100.87
N THR PA 38 -0.91 -42.89 -101.69
CA THR PA 38 -0.23 -43.08 -102.96
C THR PA 38 -0.49 -41.92 -103.91
N ILE PA 39 -1.69 -41.34 -103.84
CA ILE PA 39 -2.02 -40.17 -104.66
C ILE PA 39 -1.12 -39.00 -104.30
N LYS PA 40 -0.97 -38.74 -103.00
CA LYS PA 40 -0.13 -37.64 -102.55
C LYS PA 40 1.34 -37.92 -102.81
N LEU PA 41 1.73 -39.19 -102.74
CA LEU PA 41 3.09 -39.57 -103.11
C LEU PA 41 3.36 -39.29 -104.58
N ALA PA 42 2.38 -39.59 -105.44
CA ALA PA 42 2.54 -39.30 -106.86
C ALA PA 42 2.58 -37.80 -107.13
N GLU PA 43 1.74 -37.04 -106.43
CA GLU PA 43 1.71 -35.60 -106.64
C GLU PA 43 2.95 -34.91 -106.10
N ALA PA 44 3.67 -35.54 -105.17
CA ALA PA 44 4.98 -35.01 -104.81
C ALA PA 44 6.04 -35.45 -105.81
N ALA PA 45 5.95 -36.72 -106.24
CA ALA PA 45 7.00 -37.31 -107.06
C ALA PA 45 7.05 -36.71 -108.45
N VAL PA 46 5.92 -36.20 -108.95
CA VAL PA 46 5.94 -35.57 -110.27
C VAL PA 46 6.77 -34.29 -110.25
N SER PA 47 6.64 -33.48 -109.19
CA SER PA 47 7.43 -32.27 -109.08
C SER PA 47 8.88 -32.58 -108.79
N VAL PA 48 9.13 -33.64 -108.01
CA VAL PA 48 10.51 -34.07 -107.75
C VAL PA 48 11.20 -34.50 -109.04
N SER PA 49 10.49 -35.27 -109.86
CA SER PA 49 11.04 -35.73 -111.14
C SER PA 49 11.22 -34.57 -112.11
N ASP PA 50 10.31 -33.61 -112.09
CA ASP PA 50 10.45 -32.42 -112.93
C ASP PA 50 11.69 -31.61 -112.53
N SER PA 51 11.90 -31.44 -111.22
CA SER PA 51 13.07 -30.73 -110.73
C SER PA 51 14.35 -31.46 -111.11
N MET PA 52 14.34 -32.79 -111.01
CA MET PA 52 15.49 -33.57 -111.39
C MET PA 52 15.77 -33.45 -112.89
N LEU PA 53 14.71 -33.42 -113.70
CA LEU PA 53 14.86 -33.32 -115.15
C LEU PA 53 15.48 -31.97 -115.54
N GLU PA 54 14.99 -30.88 -114.95
CA GLU PA 54 15.54 -29.58 -115.32
C GLU PA 54 16.95 -29.40 -114.77
N MET PA 55 17.24 -29.94 -113.57
CA MET PA 55 18.59 -29.77 -113.05
C MET PA 55 19.59 -30.62 -113.83
N ALA PA 56 19.18 -31.79 -114.31
CA ALA PA 56 20.07 -32.60 -115.13
C ALA PA 56 20.32 -31.94 -116.48
N LYS PA 57 19.27 -31.33 -117.06
CA LYS PA 57 19.45 -30.61 -118.32
C LYS PA 57 20.38 -29.42 -118.16
N VAL PA 58 20.21 -28.66 -117.08
CA VAL PA 58 21.04 -27.47 -116.91
C VAL PA 58 22.47 -27.87 -116.53
N GLU PA 59 22.66 -29.02 -115.88
CA GLU PA 59 24.01 -29.48 -115.61
C GLU PA 59 24.71 -29.96 -116.87
N LYS PA 60 23.97 -30.66 -117.74
CA LYS PA 60 24.51 -31.11 -119.00
C LYS PA 60 24.91 -29.94 -119.89
N VAL PA 61 24.11 -28.87 -119.88
CA VAL PA 61 24.48 -27.68 -120.64
C VAL PA 61 25.68 -27.00 -120.00
N ILE PA 62 25.67 -26.84 -118.67
CA ILE PA 62 26.68 -26.03 -118.01
C ILE PA 62 28.04 -26.72 -117.98
N THR PA 63 28.10 -28.03 -118.22
CA THR PA 63 29.42 -28.63 -118.40
C THR PA 63 29.39 -29.65 -119.52
N PRO PA 64 30.21 -29.48 -120.55
CA PRO PA 64 30.26 -30.47 -121.63
C PRO PA 64 31.15 -31.64 -121.25
N PRO PA 65 30.64 -32.86 -121.37
CA PRO PA 65 31.47 -34.04 -121.10
C PRO PA 65 32.44 -34.31 -122.24
N SER PA 66 33.48 -35.07 -121.92
CA SER PA 66 34.50 -35.37 -122.91
C SER PA 66 34.80 -36.85 -123.03
N LYS PA 67 34.80 -37.60 -121.92
CA LYS PA 67 35.23 -38.99 -121.93
C LYS PA 67 34.21 -39.86 -121.22
N ASP PA 68 34.27 -41.15 -121.52
CA ASP PA 68 33.39 -42.14 -120.92
C ASP PA 68 34.22 -43.29 -120.39
N ASN PA 69 33.60 -44.09 -119.51
CA ASN PA 69 34.26 -45.24 -118.92
C ASN PA 69 34.29 -46.45 -119.83
N THR PA 70 33.95 -46.30 -121.10
CA THR PA 70 34.12 -47.37 -122.07
C THR PA 70 35.60 -47.69 -122.27
N LEU PA 71 36.45 -46.67 -122.27
CA LEU PA 71 37.88 -46.90 -122.42
C LEU PA 71 38.48 -47.57 -121.19
N THR PA 72 38.09 -47.11 -119.99
CA THR PA 72 38.63 -47.70 -118.77
C THR PA 72 38.09 -49.10 -118.55
N ILE PA 73 36.85 -49.35 -118.94
CA ILE PA 73 36.24 -50.67 -118.84
C ILE PA 73 35.87 -51.12 -120.23
N PRO PA 74 36.78 -51.75 -120.98
CA PRO PA 74 36.41 -52.26 -122.30
C PRO PA 74 35.79 -53.64 -122.18
N ASN PA 75 34.84 -53.91 -123.06
CA ASN PA 75 34.20 -55.23 -123.09
C ASN PA 75 35.17 -56.27 -123.63
N ALA PA 76 34.90 -57.52 -123.27
CA ALA PA 76 35.68 -58.65 -123.75
C ALA PA 76 34.76 -59.86 -123.78
N TYR PA 77 35.34 -61.04 -124.00
CA TYR PA 77 34.55 -62.24 -123.95
C TYR PA 77 34.25 -62.61 -122.48
N ASN PA 78 33.37 -63.60 -122.32
CA ASN PA 78 32.74 -64.08 -121.09
C ASN PA 78 32.28 -62.96 -120.18
N LEU PA 79 31.75 -61.90 -120.77
CA LEU PA 79 31.02 -60.87 -120.05
C LEU PA 79 29.56 -60.84 -120.46
N GLN PA 80 29.14 -61.81 -121.27
CA GLN PA 80 27.80 -61.81 -121.82
C GLN PA 80 26.79 -62.54 -120.95
N ALA PA 81 27.24 -63.16 -119.86
CA ALA PA 81 26.33 -63.81 -118.95
C ALA PA 81 25.52 -62.76 -118.21
N ARG PA 82 24.20 -62.81 -118.37
CA ARG PA 82 23.41 -61.70 -117.91
C ARG PA 82 23.11 -61.82 -116.42
N ALA PA 83 22.73 -60.69 -115.83
CA ALA PA 83 22.45 -60.66 -114.40
C ALA PA 83 21.38 -59.62 -114.11
N SER PA 84 20.43 -59.99 -113.26
CA SER PA 84 19.43 -59.06 -112.74
C SER PA 84 19.59 -59.00 -111.22
N VAL PA 85 19.67 -57.79 -110.68
CA VAL PA 85 20.12 -57.59 -109.31
C VAL PA 85 19.16 -56.70 -108.54
N ASP PA 86 19.22 -56.85 -107.22
CA ASP PA 86 18.67 -55.87 -106.28
C ASP PA 86 19.58 -55.92 -105.05
N TRP PA 87 20.55 -55.03 -105.02
CA TRP PA 87 21.57 -54.99 -103.97
C TRP PA 87 21.45 -53.66 -103.23
N SER PA 88 21.63 -53.70 -101.91
CA SER PA 88 21.58 -52.47 -101.13
C SER PA 88 22.59 -52.51 -100.00
N GLY PA 89 23.82 -52.92 -100.30
CA GLY PA 89 24.84 -52.98 -99.29
C GLY PA 89 26.15 -52.33 -99.72
N PRO PA 90 27.25 -52.75 -99.10
CA PRO PA 90 28.57 -52.25 -99.51
C PRO PA 90 28.99 -52.84 -100.85
N ILE PA 91 30.09 -52.29 -101.36
CA ILE PA 91 30.54 -52.61 -102.71
C ILE PA 91 31.18 -54.00 -102.76
N GLU PA 92 31.92 -54.36 -101.71
CA GLU PA 92 32.96 -55.37 -101.84
C GLU PA 92 32.39 -56.78 -101.95
N GLU PA 93 31.35 -57.07 -101.18
CA GLU PA 93 30.68 -58.37 -101.27
C GLU PA 93 30.05 -58.57 -102.65
N LEU PA 94 29.43 -57.51 -103.17
CA LEU PA 94 28.83 -57.58 -104.49
C LEU PA 94 29.87 -57.78 -105.58
N THR PA 95 30.98 -57.06 -105.50
CA THR PA 95 32.04 -57.22 -106.50
C THR PA 95 32.72 -58.57 -106.38
N ALA PA 96 32.79 -59.12 -105.17
CA ALA PA 96 33.32 -60.47 -104.99
C ALA PA 96 32.41 -61.50 -105.66
N ARG PA 97 31.10 -61.35 -105.52
CA ARG PA 97 30.17 -62.23 -106.22
C ARG PA 97 30.28 -62.08 -107.73
N ILE PA 98 30.49 -60.85 -108.19
CA ILE PA 98 30.65 -60.58 -109.63
C ILE PA 98 31.90 -61.26 -110.17
N ALA PA 99 33.01 -61.13 -109.44
CA ALA PA 99 34.27 -61.75 -109.88
C ALA PA 99 34.20 -63.26 -109.79
N LYS PA 100 33.47 -63.80 -108.82
CA LYS PA 100 33.26 -65.24 -108.73
C LYS PA 100 32.47 -65.76 -109.93
N ALA PA 101 31.42 -65.05 -110.32
CA ALA PA 101 30.66 -65.47 -111.50
C ALA PA 101 31.44 -65.22 -112.78
N ALA PA 102 32.36 -64.26 -112.77
CA ALA PA 102 33.11 -63.90 -113.96
C ALA PA 102 34.42 -64.64 -114.10
N HIS PA 103 34.79 -65.45 -113.11
CA HIS PA 103 36.01 -66.27 -113.10
C HIS PA 103 37.27 -65.43 -113.24
N PHE PA 104 37.24 -64.21 -112.70
CA PHE PA 104 38.34 -63.28 -112.84
C PHE PA 104 38.95 -62.98 -111.48
N ARG PA 105 40.23 -62.64 -111.48
CA ARG PA 105 40.93 -62.40 -110.23
C ARG PA 105 40.56 -61.03 -109.67
N PHE PA 106 40.59 -60.95 -108.35
CA PHE PA 106 40.11 -59.80 -107.59
C PHE PA 106 41.29 -58.99 -107.09
N ARG PA 107 41.22 -57.67 -107.23
CA ARG PA 107 42.30 -56.83 -106.74
C ARG PA 107 41.74 -55.58 -106.09
N VAL PA 108 42.33 -55.23 -104.94
CA VAL PA 108 41.90 -54.09 -104.13
C VAL PA 108 43.11 -53.19 -103.91
N LEU PA 109 42.89 -51.88 -104.11
CA LEU PA 109 43.96 -50.89 -103.96
C LEU PA 109 43.49 -49.78 -103.04
N GLY PA 110 44.42 -49.24 -102.29
CA GLY PA 110 44.10 -48.24 -101.30
C GLY PA 110 43.56 -48.88 -100.03
N LYS PA 111 43.09 -48.03 -99.14
CA LYS PA 111 42.57 -48.47 -97.85
C LYS PA 111 41.12 -48.09 -97.72
N SER PA 112 40.36 -48.95 -97.06
CA SER PA 112 38.92 -48.73 -96.90
C SER PA 112 38.67 -47.58 -95.95
N PRO PA 113 37.79 -46.66 -96.28
CA PRO PA 113 37.51 -45.52 -95.40
C PRO PA 113 36.64 -45.93 -94.22
N SER PA 114 36.55 -45.02 -93.25
CA SER PA 114 35.74 -45.27 -92.07
C SER PA 114 34.25 -45.34 -92.41
N VAL PA 115 33.75 -44.34 -93.13
CA VAL PA 115 32.37 -44.37 -93.58
C VAL PA 115 32.30 -45.31 -94.77
N PRO PA 116 31.45 -46.33 -94.72
CA PRO PA 116 31.33 -47.25 -95.85
C PRO PA 116 30.62 -46.59 -97.03
N VAL PA 117 30.82 -47.19 -98.20
CA VAL PA 117 30.21 -46.73 -99.44
C VAL PA 117 29.10 -47.71 -99.79
N LEU PA 118 27.88 -47.20 -99.91
CA LEU PA 118 26.68 -48.02 -100.06
C LEU PA 118 25.96 -47.64 -101.33
N ILE PA 119 25.67 -48.63 -102.17
CA ILE PA 119 25.04 -48.41 -103.47
C ILE PA 119 23.79 -49.27 -103.54
N SER PA 120 22.69 -48.67 -103.99
CA SER PA 120 21.46 -49.40 -104.28
C SER PA 120 21.27 -49.48 -105.79
N ILE PA 121 21.20 -50.70 -106.31
CA ILE PA 121 21.08 -50.94 -107.75
C ILE PA 121 19.88 -51.84 -108.01
N SER PA 122 18.99 -51.40 -108.88
CA SER PA 122 17.81 -52.17 -109.29
C SER PA 122 17.71 -52.11 -110.81
N THR PA 123 18.31 -53.09 -111.47
CA THR PA 123 18.35 -53.15 -112.92
C THR PA 123 17.66 -54.42 -113.40
N LYS PA 124 17.79 -54.70 -114.70
CA LYS PA 124 17.13 -55.86 -115.29
C LYS PA 124 17.94 -56.34 -116.49
N ASP PA 125 18.77 -57.36 -116.26
CA ASP PA 125 19.35 -58.21 -117.30
C ASP PA 125 20.21 -57.43 -118.29
N GLU PA 126 21.32 -56.90 -117.79
CA GLU PA 126 22.20 -56.06 -118.58
C GLU PA 126 23.54 -56.78 -118.73
N SER PA 127 24.45 -56.14 -119.47
CA SER PA 127 25.79 -56.65 -119.58
C SER PA 127 26.54 -56.45 -118.28
N LEU PA 128 27.51 -57.32 -118.03
CA LEU PA 128 28.37 -57.18 -116.86
C LEU PA 128 29.23 -55.92 -116.96
N ALA PA 129 29.67 -55.60 -118.18
CA ALA PA 129 30.42 -54.37 -118.40
C ALA PA 129 29.57 -53.14 -118.11
N GLU PA 130 28.30 -53.17 -118.51
CA GLU PA 130 27.43 -52.03 -118.24
C GLU PA 130 27.08 -51.93 -116.77
N ILE PA 131 26.95 -53.08 -116.10
CA ILE PA 131 26.74 -53.09 -114.66
C ILE PA 131 27.96 -52.49 -113.94
N LEU PA 132 29.16 -52.85 -114.39
CA LEU PA 132 30.38 -52.32 -113.80
C LEU PA 132 30.53 -50.82 -114.06
N ARG PA 133 30.15 -50.38 -115.27
CA ARG PA 133 30.20 -48.95 -115.58
C ARG PA 133 29.18 -48.18 -114.76
N ASP PA 134 28.01 -48.78 -114.54
CA ASP PA 134 27.01 -48.19 -113.64
C ASP PA 134 27.56 -48.10 -112.23
N ILE PA 135 28.31 -49.11 -111.80
CA ILE PA 135 28.85 -49.14 -110.45
C ILE PA 135 29.91 -48.05 -110.26
N ASP PA 136 30.81 -47.90 -111.23
CA ASP PA 136 31.83 -46.86 -111.06
C ASP PA 136 31.25 -45.46 -111.23
N TYR PA 137 30.21 -45.32 -112.05
CA TYR PA 137 29.49 -44.06 -112.10
C TYR PA 137 28.82 -43.77 -110.77
N GLN PA 138 28.29 -44.79 -110.12
CA GLN PA 138 27.74 -44.63 -108.78
C GLN PA 138 28.81 -44.27 -107.76
N ALA PA 139 30.02 -44.79 -107.93
CA ALA PA 139 31.11 -44.45 -107.03
C ALA PA 139 31.53 -43.01 -107.19
N GLY PA 140 31.60 -42.53 -108.43
CA GLY PA 140 31.94 -41.14 -108.66
C GLY PA 140 33.39 -40.83 -108.41
N LYS PA 141 33.68 -40.13 -107.31
CA LYS PA 141 35.04 -39.71 -106.98
C LYS PA 141 35.48 -40.30 -105.65
N LYS PA 142 35.04 -41.51 -105.36
CA LYS PA 142 35.48 -42.22 -104.16
C LYS PA 142 36.21 -43.51 -104.47
N ALA PA 143 35.73 -44.27 -105.45
CA ALA PA 143 36.40 -45.49 -105.88
C ALA PA 143 36.42 -45.52 -107.39
N SER PA 144 37.37 -46.26 -107.93
CA SER PA 144 37.48 -46.41 -109.38
C SER PA 144 37.70 -47.87 -109.74
N ILE PA 145 37.27 -48.22 -110.95
CA ILE PA 145 37.27 -49.59 -111.43
C ILE PA 145 38.14 -49.67 -112.67
N HIS PA 146 39.01 -50.67 -112.72
CA HIS PA 146 39.79 -50.98 -113.91
C HIS PA 146 39.75 -52.48 -114.15
N VAL PA 147 39.86 -52.87 -115.42
CA VAL PA 147 39.83 -54.27 -115.79
C VAL PA 147 41.01 -54.54 -116.72
N TYR PA 148 41.77 -55.58 -116.42
CA TYR PA 148 42.84 -55.99 -117.33
C TYR PA 148 42.49 -57.36 -117.89
N PRO PA 149 41.96 -57.43 -119.11
CA PRO PA 149 41.67 -58.73 -119.72
C PRO PA 149 42.91 -59.47 -120.16
N ASN PA 150 44.05 -58.80 -120.25
CA ASN PA 150 45.31 -59.51 -120.50
C ASN PA 150 45.69 -60.38 -119.31
N SER PA 151 45.35 -59.95 -118.11
CA SER PA 151 45.62 -60.70 -116.90
C SER PA 151 44.37 -61.35 -116.32
N GLN PA 152 43.19 -61.11 -116.93
CA GLN PA 152 41.89 -61.58 -116.45
C GLN PA 152 41.62 -61.11 -115.02
N VAL PA 153 41.96 -59.86 -114.73
CA VAL PA 153 41.78 -59.33 -113.38
C VAL PA 153 40.85 -58.13 -113.43
N VAL PA 154 40.23 -57.86 -112.29
CA VAL PA 154 39.46 -56.65 -112.07
C VAL PA 154 39.94 -56.02 -110.77
N GLU PA 155 40.26 -54.73 -110.83
CA GLU PA 155 40.83 -54.00 -109.72
C GLU PA 155 39.91 -52.84 -109.36
N LEU PA 156 39.66 -52.68 -108.07
CA LEU PA 156 39.03 -51.48 -107.55
C LEU PA 156 40.06 -50.72 -106.72
N ARG PA 157 39.91 -49.41 -106.69
CA ARG PA 157 40.84 -48.55 -105.96
C ARG PA 157 40.08 -47.50 -105.19
N TYR PA 158 40.39 -47.40 -103.88
CA TYR PA 158 39.94 -46.29 -103.07
C TYR PA 158 40.76 -45.06 -103.40
N ALA PA 159 40.11 -43.90 -103.46
CA ALA PA 159 40.79 -42.68 -103.85
C ALA PA 159 41.61 -42.12 -102.69
N LYS PA 160 42.70 -41.44 -103.04
CA LYS PA 160 43.36 -40.56 -102.08
C LYS PA 160 42.41 -39.44 -101.73
N ILE PA 161 42.28 -39.15 -100.44
CA ILE PA 161 41.23 -38.27 -99.96
C ILE PA 161 41.69 -37.65 -98.65
N TYR PA 162 41.24 -36.41 -98.41
CA TYR PA 162 41.58 -35.58 -97.24
C TYR PA 162 43.08 -35.33 -97.13
N GLY QA 26 25.54 -93.90 25.49
CA GLY QA 26 25.98 -92.54 25.74
C GLY QA 26 27.02 -92.06 24.75
N ASP QA 27 27.72 -90.99 25.11
CA ASP QA 27 28.75 -90.42 24.24
C ASP QA 27 30.11 -91.07 24.44
N THR QA 28 30.23 -92.03 25.36
CA THR QA 28 31.46 -92.80 25.49
C THR QA 28 31.57 -93.81 24.35
N GLY QA 29 30.63 -94.76 24.31
CA GLY QA 29 30.44 -95.58 23.13
C GLY QA 29 29.52 -94.82 22.19
N SER QA 30 30.04 -93.75 21.59
CA SER QA 30 29.20 -92.75 20.97
C SER QA 30 28.58 -93.23 19.68
N LEU QA 31 29.14 -94.26 19.04
CA LEU QA 31 28.49 -94.85 17.88
C LEU QA 31 27.14 -95.45 18.26
N ALA QA 32 27.15 -96.31 19.28
CA ALA QA 32 25.90 -96.90 19.77
C ALA QA 32 25.01 -95.86 20.43
N GLY QA 33 25.61 -94.84 21.07
CA GLY QA 33 24.81 -93.79 21.67
C GLY QA 33 24.07 -92.96 20.65
N LEU QA 34 24.72 -92.61 19.54
CA LEU QA 34 24.05 -91.87 18.48
C LEU QA 34 23.06 -92.75 17.75
N GLN QA 35 23.38 -94.04 17.57
CA GLN QA 35 22.42 -94.95 16.95
C GLN QA 35 21.17 -95.13 17.80
N ALA QA 36 21.30 -95.10 19.12
CA ALA QA 36 20.14 -95.09 19.99
C ALA QA 36 19.41 -93.75 19.95
N MET QA 37 20.16 -92.65 19.81
CA MET QA 37 19.54 -91.33 19.69
C MET QA 37 18.81 -91.15 18.37
N ALA QA 38 19.16 -91.94 17.35
CA ALA QA 38 18.45 -91.91 16.08
C ALA QA 38 17.03 -92.46 16.20
N ASP QA 39 16.75 -93.26 17.22
CA ASP QA 39 15.40 -93.74 17.46
C ASP QA 39 14.50 -92.61 17.93
N SER QA 40 13.22 -92.69 17.56
CA SER QA 40 12.24 -91.68 17.91
C SER QA 40 11.82 -91.73 19.37
N LYS QA 41 12.10 -92.83 20.08
CA LYS QA 41 11.69 -92.92 21.47
C LYS QA 41 12.55 -92.03 22.37
N TYR QA 42 13.82 -91.83 22.02
CA TYR QA 42 14.62 -90.87 22.79
C TYR QA 42 14.33 -89.43 22.41
N THR QA 43 13.80 -89.21 21.21
CA THR QA 43 13.37 -87.86 20.83
C THR QA 43 12.17 -87.41 21.65
N ARG QA 44 11.31 -88.35 22.07
CA ARG QA 44 10.26 -88.03 23.01
C ARG QA 44 10.65 -88.33 24.46
N ALA QA 45 11.83 -88.92 24.69
CA ALA QA 45 12.35 -89.03 26.04
C ALA QA 45 13.13 -87.80 26.47
N GLN QA 46 13.62 -87.02 25.52
CA GLN QA 46 14.20 -85.73 25.88
C GLN QA 46 13.14 -84.67 26.16
N LYS QA 47 11.90 -84.88 25.67
CA LYS QA 47 10.85 -83.89 25.93
C LYS QA 47 10.35 -83.94 27.36
N LYS QA 48 10.59 -85.04 28.08
CA LYS QA 48 10.26 -85.10 29.50
C LYS QA 48 11.45 -84.76 30.38
N GLN QA 49 12.67 -84.81 29.85
CA GLN QA 49 13.82 -84.26 30.56
C GLN QA 49 13.96 -82.76 30.34
N LYS QA 50 13.24 -82.21 29.35
CA LYS QA 50 13.22 -80.77 29.13
C LYS QA 50 12.67 -80.02 30.34
N MET QA 51 11.54 -80.48 30.88
CA MET QA 51 10.97 -79.83 32.07
C MET QA 51 11.82 -80.07 33.30
N GLY QA 52 12.50 -81.23 33.37
CA GLY QA 52 13.40 -81.49 34.48
C GLY QA 52 14.62 -80.58 34.47
N LYS QA 53 15.21 -80.35 33.30
CA LYS QA 53 16.34 -79.43 33.22
C LYS QA 53 15.92 -77.97 33.24
N ILE QA 54 14.64 -77.68 33.01
CA ILE QA 54 14.17 -76.30 33.07
C ILE QA 54 13.78 -75.91 34.50
N ARG QA 55 13.14 -76.81 35.25
CA ARG QA 55 12.70 -76.50 36.60
C ARG QA 55 13.71 -76.95 37.65
N GLU QA 56 15.00 -76.82 37.36
CA GLU QA 56 16.05 -77.36 38.22
C GLU QA 56 16.83 -76.30 38.96
N MET QA 57 17.30 -75.25 38.27
CA MET QA 57 18.36 -74.40 38.81
C MET QA 57 17.88 -73.46 39.91
N ALA QA 58 16.57 -73.28 40.08
CA ALA QA 58 16.09 -72.31 41.07
C ALA QA 58 16.23 -72.83 42.49
N LEU QA 59 16.01 -74.14 42.70
CA LEU QA 59 16.01 -74.69 44.05
C LEU QA 59 17.40 -74.78 44.63
N LYS QA 60 18.40 -75.08 43.80
CA LYS QA 60 19.74 -75.36 44.28
C LYS QA 60 20.40 -74.12 44.86
N GLU QA 61 20.19 -72.96 44.24
CA GLU QA 61 20.80 -71.72 44.72
C GLU QA 61 20.25 -71.33 46.09
N THR QA 62 18.93 -71.43 46.26
CA THR QA 62 18.32 -71.10 47.55
C THR QA 62 18.73 -72.10 48.62
N ALA QA 63 18.77 -73.39 48.27
CA ALA QA 63 19.18 -74.41 49.24
C ALA QA 63 20.63 -74.23 49.66
N LEU QA 64 21.51 -73.90 48.70
CA LEU QA 64 22.91 -73.66 49.01
C LEU QA 64 23.08 -72.41 49.86
N SER QA 65 22.28 -71.38 49.60
CA SER QA 65 22.38 -70.13 50.37
C SER QA 65 21.96 -70.36 51.81
N VAL QA 66 20.81 -71.00 52.03
CA VAL QA 66 20.35 -71.20 53.40
C VAL QA 66 21.23 -72.22 54.12
N GLY QA 67 21.80 -73.18 53.37
CA GLY QA 67 22.76 -74.09 53.98
C GLY QA 67 24.04 -73.39 54.39
N ALA QA 68 24.51 -72.46 53.57
CA ALA QA 68 25.71 -71.69 53.91
C ALA QA 68 25.48 -70.86 55.16
N GLN QA 69 24.30 -70.24 55.26
CA GLN QA 69 23.97 -69.45 56.45
C GLN QA 69 23.90 -70.33 57.70
N ALA QA 70 23.21 -71.47 57.61
CA ALA QA 70 23.05 -72.35 58.76
C ALA QA 70 24.37 -72.98 59.19
N GLY QA 71 25.19 -73.42 58.22
CA GLY QA 71 26.46 -74.02 58.55
C GLY QA 71 27.43 -73.03 59.14
N LEU QA 72 27.47 -71.80 58.60
CA LEU QA 72 28.34 -70.77 59.14
C LEU QA 72 27.93 -70.41 60.56
N ALA QA 73 26.62 -70.24 60.81
CA ALA QA 73 26.16 -69.87 62.14
C ALA QA 73 26.41 -70.98 63.16
N TRP QA 74 26.13 -72.23 62.78
CA TRP QA 74 26.30 -73.33 63.71
C TRP QA 74 27.77 -73.59 64.01
N ARG QA 75 28.63 -73.57 62.99
CA ARG QA 75 30.05 -73.77 63.21
C ARG QA 75 30.66 -72.62 64.01
N ALA QA 76 30.19 -71.39 63.78
CA ALA QA 76 30.67 -70.25 64.55
C ALA QA 76 30.29 -70.36 66.02
N LYS QA 77 29.05 -70.76 66.30
CA LYS QA 77 28.64 -70.90 67.69
C LYS QA 77 29.38 -72.03 68.39
N ILE QA 78 29.57 -73.15 67.70
CA ILE QA 78 30.30 -74.27 68.27
C ILE QA 78 31.77 -73.90 68.53
N ILE QA 79 32.38 -73.19 67.59
CA ILE QA 79 33.79 -72.86 67.73
C ILE QA 79 34.00 -71.77 68.79
N ASP QA 80 33.03 -70.87 68.97
CA ASP QA 80 33.11 -69.91 70.05
C ASP QA 80 32.92 -70.58 71.40
N GLU QA 81 32.05 -71.60 71.44
CA GLU QA 81 31.87 -72.38 72.66
C GLU QA 81 33.14 -73.11 73.05
N GLN QA 82 33.84 -73.70 72.07
CA GLN QA 82 35.10 -74.39 72.35
C GLN QA 82 36.18 -73.41 72.78
N LEU QA 83 36.21 -72.23 72.16
CA LEU QA 83 37.20 -71.21 72.52
C LEU QA 83 37.00 -70.73 73.94
N ASN QA 84 35.75 -70.46 74.33
CA ASN QA 84 35.46 -70.05 75.69
C ASN QA 84 35.66 -71.20 76.66
N LYS QA 85 35.49 -72.43 76.19
CA LYS QA 85 35.77 -73.61 77.03
C LYS QA 85 37.24 -73.69 77.39
N GLN QA 86 38.12 -73.46 76.42
CA GLN QA 86 39.55 -73.53 76.68
C GLN QA 86 40.21 -72.16 76.62
N ALA QA 87 39.51 -71.16 77.15
CA ALA QA 87 40.00 -69.79 77.13
C ALA QA 87 41.19 -69.54 78.05
N ARG QA 88 41.43 -70.40 79.04
CA ARG QA 88 42.41 -70.08 80.07
C ARG QA 88 43.84 -70.23 79.55
N ASN QA 89 44.10 -71.28 78.77
CA ASN QA 89 45.46 -71.53 78.33
C ASN QA 89 45.91 -70.54 77.26
N LEU QA 90 44.98 -69.89 76.58
CA LEU QA 90 45.35 -68.81 75.66
C LEU QA 90 45.95 -67.64 76.43
N ASP QA 91 45.32 -67.26 77.54
CA ASP QA 91 45.89 -66.25 78.42
C ASP QA 91 47.19 -66.71 79.03
N ALA QA 92 47.31 -68.02 79.28
CA ALA QA 92 48.56 -68.56 79.79
C ALA QA 92 49.69 -68.43 78.76
N ILE QA 93 49.41 -68.72 77.49
CA ILE QA 93 50.49 -68.73 76.51
C ILE QA 93 50.77 -67.32 76.01
N TYR QA 94 49.84 -66.39 76.17
CA TYR QA 94 50.05 -65.05 75.62
C TYR QA 94 50.15 -64.04 76.76
N ASP QA 95 51.38 -63.73 77.13
CA ASP QA 95 51.65 -62.68 78.11
C ASP QA 95 52.33 -61.53 77.38
N PHE QA 96 51.51 -60.62 76.85
CA PHE QA 96 52.04 -59.41 76.25
C PHE QA 96 52.61 -58.46 77.28
N ASN QA 97 52.17 -58.61 78.54
CA ASN QA 97 52.66 -57.77 79.61
C ASN QA 97 54.14 -58.02 79.88
N SER QA 98 54.58 -59.27 79.67
CA SER QA 98 56.02 -59.55 79.72
C SER QA 98 56.76 -58.83 78.60
N LEU QA 99 56.19 -58.79 77.40
CA LEU QA 99 56.88 -58.21 76.27
C LEU QA 99 56.86 -56.70 76.25
N VAL QA 100 55.94 -56.08 76.99
CA VAL QA 100 55.88 -54.63 77.05
C VAL QA 100 57.11 -54.10 77.80
N LEU QA 101 57.79 -53.13 77.21
CA LEU QA 101 58.99 -52.56 77.77
C LEU QA 101 58.65 -51.63 78.94
N GLU QA 102 59.69 -51.10 79.57
CA GLU QA 102 59.55 -50.50 80.89
C GLU QA 102 58.87 -49.13 80.85
N HIS QA 103 58.80 -48.48 79.70
CA HIS QA 103 58.13 -47.19 79.58
C HIS QA 103 56.76 -47.34 78.92
N ASN QA 104 56.12 -48.49 79.19
CA ASN QA 104 54.75 -48.81 78.74
C ASN QA 104 54.61 -48.73 77.22
N ILE QA 105 55.62 -49.23 76.53
CA ILE QA 105 55.70 -49.13 75.07
C ILE QA 105 55.61 -50.51 74.49
N LEU QA 106 54.69 -50.70 73.56
CA LEU QA 106 54.60 -51.95 72.82
C LEU QA 106 55.83 -52.10 71.93
N PRO QA 107 56.52 -53.24 71.96
CA PRO QA 107 57.67 -53.43 71.08
C PRO QA 107 57.22 -53.54 69.64
N PRO QA 108 58.06 -53.14 68.69
CA PRO QA 108 57.67 -53.19 67.28
C PRO QA 108 57.68 -54.61 66.74
N VAL QA 109 57.11 -54.76 65.56
CA VAL QA 109 56.91 -56.06 64.92
C VAL QA 109 57.93 -56.21 63.80
N LEU QA 110 58.62 -57.35 63.78
CA LEU QA 110 59.72 -57.58 62.86
C LEU QA 110 59.48 -58.86 62.05
N LEU QA 111 59.92 -58.83 60.79
CA LEU QA 111 59.83 -59.98 59.91
C LEU QA 111 61.20 -60.31 59.37
N GLU QA 112 61.40 -61.60 59.08
CA GLU QA 112 62.68 -62.08 58.58
C GLU QA 112 62.45 -62.99 57.38
N GLY QA 113 63.49 -63.14 56.57
CA GLY QA 113 63.46 -64.02 55.42
C GLY QA 113 64.82 -64.60 55.11
N ARG QA 114 64.88 -65.87 54.73
CA ARG QA 114 66.14 -66.58 54.54
C ARG QA 114 66.29 -67.09 53.11
N ASN QA 115 67.52 -66.97 52.60
CA ASN QA 115 67.92 -67.44 51.27
C ASN QA 115 67.05 -66.84 50.18
N THR QA 116 67.10 -65.52 50.11
CA THR QA 116 66.24 -64.76 49.24
C THR QA 116 66.77 -64.75 47.83
N LEU QA 117 65.86 -64.71 46.85
CA LEU QA 117 66.25 -64.55 45.46
C LEU QA 117 65.16 -63.79 44.73
N ASN QA 118 65.54 -63.17 43.62
CA ASN QA 118 64.62 -62.44 42.79
C ASN QA 118 65.10 -62.53 41.34
N LEU QA 119 64.24 -63.06 40.49
CA LEU QA 119 64.48 -63.11 39.05
C LEU QA 119 63.47 -62.17 38.41
N ALA QA 120 63.88 -60.91 38.22
CA ALA QA 120 62.99 -59.92 37.64
C ALA QA 120 62.73 -60.22 36.16
N ASP QA 121 63.77 -60.58 35.43
CA ASP QA 121 63.66 -60.91 34.02
C ASP QA 121 64.87 -61.76 33.65
N ALA QA 122 65.09 -61.94 32.36
CA ALA QA 122 66.30 -62.61 31.90
C ALA QA 122 67.51 -61.72 32.14
N GLN QA 123 68.69 -62.36 32.13
CA GLN QA 123 70.01 -61.74 32.28
C GLN QA 123 70.19 -61.00 33.60
N SER QA 124 69.36 -61.26 34.62
CA SER QA 124 69.35 -60.41 35.80
C SER QA 124 68.78 -61.20 36.98
N ILE QA 125 69.67 -61.65 37.86
CA ILE QA 125 69.29 -62.33 39.09
C ILE QA 125 69.85 -61.54 40.27
N ARG QA 126 69.09 -61.45 41.35
CA ARG QA 126 69.53 -60.78 42.57
C ARG QA 126 69.16 -61.63 43.76
N ILE QA 127 70.16 -62.21 44.42
CA ILE QA 127 69.92 -63.07 45.58
C ILE QA 127 70.62 -62.46 46.79
N SER QA 128 70.20 -62.92 47.97
CA SER QA 128 70.75 -62.45 49.23
C SER QA 128 70.55 -63.52 50.31
N ASP QA 129 71.26 -63.34 51.42
CA ASP QA 129 71.18 -64.32 52.51
C ASP QA 129 69.90 -64.17 53.31
N ARG QA 130 69.74 -63.06 54.00
CA ARG QA 130 68.58 -62.85 54.85
C ARG QA 130 68.11 -61.41 54.72
N THR QA 131 66.84 -61.21 55.04
CA THR QA 131 66.21 -59.90 55.00
C THR QA 131 65.43 -59.68 56.28
N TYR QA 132 65.32 -58.42 56.69
CA TYR QA 132 64.55 -58.04 57.86
C TYR QA 132 63.72 -56.82 57.54
N LYS QA 133 62.47 -56.82 58.01
CA LYS QA 133 61.53 -55.76 57.68
C LYS QA 133 60.71 -55.39 58.92
N VAL QA 134 60.71 -54.12 59.26
CA VAL QA 134 59.87 -53.63 60.35
C VAL QA 134 58.46 -53.42 59.81
N ALA QA 135 57.50 -54.14 60.39
CA ALA QA 135 56.12 -54.02 59.93
C ALA QA 135 55.38 -52.93 60.67
N LYS QA 136 55.28 -53.04 61.99
CA LYS QA 136 54.57 -52.07 62.81
C LYS QA 136 55.57 -51.36 63.72
N GLN QA 137 55.52 -50.04 63.73
CA GLN QA 137 56.39 -49.24 64.57
C GLN QA 137 55.94 -49.34 66.02
N ALA QA 138 56.92 -49.26 66.93
CA ALA QA 138 56.64 -49.18 68.36
C ALA QA 138 55.91 -47.89 68.69
N HIS QA 139 55.07 -47.95 69.73
CA HIS QA 139 54.29 -46.80 70.15
C HIS QA 139 53.88 -46.98 71.61
N PHE QA 140 53.16 -46.00 72.13
CA PHE QA 140 52.63 -46.10 73.48
C PHE QA 140 51.45 -47.06 73.53
N ILE QA 141 51.05 -47.42 74.75
CA ILE QA 141 49.95 -48.32 74.97
C ILE QA 141 49.43 -48.08 76.38
N THR QA 142 48.17 -48.48 76.63
CA THR QA 142 47.58 -48.42 77.97
C THR QA 142 47.31 -49.79 78.56
N THR QA 143 46.82 -50.73 77.76
CA THR QA 143 46.56 -52.08 78.21
C THR QA 143 47.17 -53.06 77.22
N PRO QA 144 47.66 -54.21 77.70
CA PRO QA 144 48.18 -55.21 76.77
C PRO QA 144 47.06 -55.80 75.94
N PRO QA 145 47.37 -56.26 74.72
CA PRO QA 145 46.34 -56.89 73.89
C PRO QA 145 45.95 -58.24 74.44
N THR QA 146 44.84 -58.77 73.92
CA THR QA 146 44.40 -60.10 74.25
C THR QA 146 44.05 -60.85 72.98
N TRP QA 147 43.97 -62.17 73.11
CA TRP QA 147 43.60 -63.03 72.00
C TRP QA 147 42.14 -62.85 71.59
N ARG QA 148 41.31 -62.28 72.46
CA ARG QA 148 39.91 -62.08 72.14
C ARG QA 148 39.71 -61.03 71.06
N GLN QA 149 40.70 -60.15 70.85
CA GLN QA 149 40.64 -59.15 69.80
C GLN QA 149 40.83 -59.74 68.40
N TYR QA 150 41.31 -60.97 68.31
CA TYR QA 150 41.61 -61.57 67.02
C TYR QA 150 40.88 -62.88 66.80
N LEU QA 151 40.76 -63.69 67.84
CA LEU QA 151 40.28 -65.05 67.68
C LEU QA 151 38.80 -65.21 67.96
N TRP QA 152 38.18 -64.26 68.66
CA TRP QA 152 36.75 -64.33 68.86
C TRP QA 152 36.02 -64.10 67.55
N MET QA 153 34.95 -64.86 67.34
CA MET QA 153 34.14 -64.72 66.14
C MET QA 153 32.75 -64.25 66.53
N ASP QA 154 32.14 -63.43 65.68
CA ASP QA 154 30.83 -62.87 65.97
C ASP QA 154 29.76 -63.90 65.71
N TYR QA 155 28.88 -64.09 66.69
CA TYR QA 155 27.77 -65.02 66.57
C TYR QA 155 26.47 -64.26 66.73
N VAL QA 156 25.66 -64.26 65.69
CA VAL QA 156 24.26 -63.86 65.76
C VAL QA 156 23.44 -65.00 65.19
N LYS QA 157 22.46 -65.47 65.96
CA LYS QA 157 21.59 -66.52 65.45
C LYS QA 157 20.75 -65.99 64.30
N PRO QA 158 20.57 -66.77 63.24
CA PRO QA 158 19.63 -66.38 62.20
C PRO QA 158 18.22 -66.80 62.56
N GLU QA 159 17.27 -65.90 62.31
CA GLU QA 159 15.87 -66.17 62.63
C GLU QA 159 14.95 -65.91 61.44
N ALA QA 160 15.48 -65.82 60.22
CA ALA QA 160 14.67 -65.48 59.05
C ALA QA 160 14.83 -66.57 57.99
N PRO QA 161 14.08 -67.67 58.09
CA PRO QA 161 14.04 -68.65 57.01
C PRO QA 161 13.10 -68.19 55.92
N ASN QA 162 13.65 -67.81 54.78
CA ASN QA 162 12.86 -67.34 53.65
C ASN QA 162 12.71 -68.45 52.62
N VAL QA 163 11.49 -68.63 52.13
CA VAL QA 163 11.20 -69.60 51.08
C VAL QA 163 10.76 -68.83 49.85
N THR QA 164 11.49 -69.02 48.75
CA THR QA 164 11.05 -68.46 47.48
C THR QA 164 10.10 -69.41 46.77
N LEU QA 165 10.45 -70.70 46.74
CA LEU QA 165 9.59 -71.73 46.16
C LEU QA 165 9.65 -72.98 47.01
N LEU QA 166 8.53 -73.70 47.08
CA LEU QA 166 8.40 -74.96 47.79
C LEU QA 166 8.80 -76.11 46.88
N PRO QA 167 9.70 -76.99 47.30
CA PRO QA 167 9.96 -78.21 46.51
C PRO QA 167 8.77 -79.15 46.57
N LYS QA 168 8.11 -79.31 45.41
CA LYS QA 168 6.83 -80.02 45.33
C LYS QA 168 7.00 -81.53 45.43
N THR QA 169 7.76 -82.12 44.52
CA THR QA 169 7.93 -83.56 44.53
C THR QA 169 8.91 -83.99 45.61
N LYS QA 170 8.86 -85.28 45.92
CA LYS QA 170 9.77 -85.88 46.89
C LYS QA 170 11.22 -85.81 46.41
N ALA QA 171 11.42 -85.97 45.10
CA ALA QA 171 12.76 -85.90 44.53
C ALA QA 171 13.37 -84.52 44.67
N GLU QA 172 12.58 -83.47 44.38
CA GLU QA 172 13.12 -82.12 44.51
C GLU QA 172 13.26 -81.70 45.96
N LYS QA 173 12.40 -82.24 46.85
CA LYS QA 173 12.62 -82.07 48.29
C LYS QA 173 13.94 -82.69 48.73
N GLU QA 174 14.25 -83.89 48.22
CA GLU QA 174 15.48 -84.57 48.60
C GLU QA 174 16.71 -83.83 48.07
N ILE QA 175 16.65 -83.34 46.83
CA ILE QA 175 17.80 -82.62 46.31
C ILE QA 175 17.94 -81.27 47.00
N TRP QA 176 16.83 -80.66 47.43
CA TRP QA 176 16.88 -79.46 48.26
C TRP QA 176 17.59 -79.75 49.58
N CYS QA 177 17.26 -80.90 50.20
CA CYS QA 177 17.90 -81.29 51.45
C CYS QA 177 19.40 -81.51 51.28
N ILE QA 178 19.80 -82.21 50.22
CA ILE QA 178 21.22 -82.53 50.08
C ILE QA 178 22.01 -81.29 49.65
N TYR QA 179 21.38 -80.36 48.93
CA TYR QA 179 22.09 -79.13 48.58
C TYR QA 179 22.21 -78.22 49.79
N THR QA 180 21.22 -78.24 50.69
CA THR QA 180 21.34 -77.55 51.96
C THR QA 180 22.46 -78.15 52.81
N GLU QA 181 22.61 -79.48 52.75
CA GLU QA 181 23.70 -80.15 53.46
C GLU QA 181 25.06 -79.74 52.92
N ARG QA 182 25.17 -79.65 51.59
CA ARG QA 182 26.42 -79.23 50.98
C ARG QA 182 26.75 -77.78 51.33
N GLY QA 183 25.72 -76.93 51.37
CA GLY QA 183 25.93 -75.56 51.83
C GLY QA 183 26.35 -75.50 53.30
N TRP QA 184 25.80 -76.39 54.12
CA TRP QA 184 26.20 -76.51 55.52
C TRP QA 184 27.68 -76.83 55.64
N LYS QA 185 28.14 -77.78 54.82
CA LYS QA 185 29.56 -78.13 54.79
C LYS QA 185 30.42 -76.95 54.34
N ASN QA 186 29.97 -76.23 53.30
CA ASN QA 186 30.74 -75.11 52.77
C ASN QA 186 30.85 -73.97 53.78
N GLY QA 187 29.76 -73.69 54.50
CA GLY QA 187 29.80 -72.67 55.54
C GLY QA 187 30.71 -73.05 56.69
N ILE QA 188 30.73 -74.33 57.04
CA ILE QA 188 31.67 -74.82 58.04
C ILE QA 188 33.12 -74.62 57.59
N ASP QA 189 33.39 -74.91 56.32
CA ASP QA 189 34.74 -74.76 55.78
C ASP QA 189 35.18 -73.31 55.75
N GLN QA 190 34.26 -72.41 55.40
CA GLN QA 190 34.62 -70.99 55.35
C GLN QA 190 34.85 -70.43 56.75
N ALA QA 191 34.08 -70.91 57.74
CA ALA QA 191 34.34 -70.53 59.12
C ALA QA 191 35.72 -71.00 59.58
N ASN QA 192 36.10 -72.22 59.18
CA ASN QA 192 37.43 -72.73 59.49
C ASN QA 192 38.52 -71.88 58.84
N THR QA 193 38.27 -71.43 57.61
CA THR QA 193 39.23 -70.59 56.91
C THR QA 193 39.42 -69.25 57.61
N ILE QA 194 38.33 -68.63 58.04
CA ILE QA 194 38.41 -67.33 58.73
C ILE QA 194 39.14 -67.48 60.06
N LEU QA 195 38.82 -68.54 60.81
CA LEU QA 195 39.50 -68.80 62.09
C LEU QA 195 40.99 -69.05 61.87
N GLU QA 196 41.33 -69.79 60.81
CA GLU QA 196 42.74 -70.06 60.49
C GLU QA 196 43.49 -68.78 60.14
N GLU QA 197 42.84 -67.87 59.41
CA GLU QA 197 43.46 -66.59 59.09
C GLU QA 197 43.71 -65.76 60.35
N ASN QA 198 42.75 -65.78 61.28
CA ASN QA 198 42.94 -65.08 62.55
C ASN QA 198 44.10 -65.68 63.34
N ILE QA 199 44.21 -67.01 63.34
CA ILE QA 199 45.28 -67.71 64.02
C ILE QA 199 46.63 -67.32 63.44
N ALA QA 200 46.72 -67.29 62.10
CA ALA QA 200 47.96 -66.91 61.44
C ALA QA 200 48.31 -65.45 61.73
N ARG QA 201 47.29 -64.60 61.84
CA ARG QA 201 47.53 -63.19 62.13
C ARG QA 201 48.13 -62.99 63.53
N ILE QA 202 47.54 -63.64 64.54
CA ILE QA 202 48.05 -63.44 65.89
C ILE QA 202 49.40 -64.15 66.08
N LYS QA 203 49.62 -65.26 65.37
CA LYS QA 203 50.92 -65.92 65.42
C LYS QA 203 51.98 -65.05 64.76
N GLU QA 204 51.61 -64.35 63.68
CA GLU QA 204 52.51 -63.38 63.04
C GLU QA 204 52.90 -62.28 64.01
N ASP QA 205 51.91 -61.74 64.73
CA ASP QA 205 52.16 -60.65 65.66
C ASP QA 205 53.11 -61.08 66.78
N PHE QA 206 52.84 -62.24 67.38
CA PHE QA 206 53.68 -62.69 68.49
C PHE QA 206 55.06 -63.11 68.02
N GLY QA 207 55.15 -63.66 66.80
CA GLY QA 207 56.46 -63.97 66.25
C GLY QA 207 57.29 -62.73 65.99
N GLY QA 208 56.63 -61.65 65.55
CA GLY QA 208 57.33 -60.40 65.38
C GLY QA 208 57.84 -59.82 66.68
N MET QA 209 57.02 -59.93 67.74
CA MET QA 209 57.44 -59.48 69.07
C MET QA 209 58.64 -60.27 69.58
N ILE QA 210 58.57 -61.60 69.45
CA ILE QA 210 59.63 -62.42 70.02
C ILE QA 210 60.91 -62.30 69.19
N LEU QA 211 60.78 -62.03 67.89
CA LEU QA 211 61.96 -61.80 67.07
C LEU QA 211 62.59 -60.46 67.38
N TYR QA 212 61.79 -59.44 67.70
CA TYR QA 212 62.37 -58.18 68.14
C TYR QA 212 63.11 -58.34 69.47
N ARG QA 213 62.56 -59.13 70.39
CA ARG QA 213 63.24 -59.39 71.65
C ARG QA 213 64.56 -60.11 71.42
N LYS QA 214 64.55 -61.12 70.56
CA LYS QA 214 65.76 -61.86 70.23
C LYS QA 214 66.79 -60.97 69.54
N LEU QA 215 66.32 -60.04 68.71
CA LEU QA 215 67.25 -59.19 67.98
C LEU QA 215 67.87 -58.13 68.89
N LEU QA 216 67.10 -57.59 69.84
CA LEU QA 216 67.67 -56.66 70.78
C LEU QA 216 68.61 -57.37 71.75
N ALA QA 217 68.36 -58.64 72.03
CA ALA QA 217 69.36 -59.46 72.70
C ALA QA 217 70.60 -59.61 71.82
N MET QA 218 70.40 -59.79 70.51
CA MET QA 218 71.47 -60.01 69.56
C MET QA 218 72.25 -58.74 69.23
N ASN QA 219 71.78 -57.58 69.69
CA ASN QA 219 72.38 -56.28 69.42
C ASN QA 219 72.46 -56.00 67.92
N MET QA 220 71.35 -56.27 67.24
CA MET QA 220 71.21 -55.93 65.84
C MET QA 220 70.23 -54.79 65.61
N VAL QA 221 69.43 -54.45 66.61
CA VAL QA 221 68.51 -53.33 66.53
C VAL QA 221 68.80 -52.38 67.68
N SER QA 222 68.69 -51.09 67.43
CA SER QA 222 68.85 -50.11 68.48
C SER QA 222 67.66 -50.15 69.42
N PRO QA 223 67.87 -49.91 70.71
CA PRO QA 223 66.76 -49.75 71.63
C PRO QA 223 66.04 -48.43 71.36
N PRO QA 224 64.76 -48.34 71.72
CA PRO QA 224 64.08 -47.04 71.65
C PRO QA 224 64.59 -46.10 72.72
N TYR QA 225 64.33 -44.81 72.51
CA TYR QA 225 64.62 -43.81 73.52
C TYR QA 225 63.39 -42.95 73.76
N VAL QA 226 63.12 -42.69 75.03
CA VAL QA 226 61.96 -41.92 75.47
C VAL QA 226 62.39 -40.94 76.56
N SER QA 227 62.02 -39.68 76.40
CA SER QA 227 62.38 -38.62 77.32
C SER QA 227 61.25 -38.33 78.29
N HIS QA 228 61.65 -37.91 79.50
CA HIS QA 228 60.70 -37.43 80.51
C HIS QA 228 60.99 -35.96 80.80
N THR QA 229 59.93 -35.16 80.82
CA THR QA 229 60.00 -33.76 81.16
C THR QA 229 59.22 -33.55 82.45
N ASP QA 230 59.82 -32.81 83.37
CA ASP QA 230 59.27 -32.62 84.71
C ASP QA 230 59.02 -31.14 84.97
N LEU QA 231 57.86 -30.83 85.50
CA LEU QA 231 57.53 -29.50 85.95
C LEU QA 231 56.76 -29.62 87.26
N GLY QA 232 56.91 -28.61 88.10
CA GLY QA 232 56.23 -28.62 89.38
C GLY QA 232 54.78 -28.23 89.26
N VAL QA 233 54.32 -27.38 90.18
CA VAL QA 233 52.95 -26.92 90.12
C VAL QA 233 52.79 -25.92 88.98
N THR QA 234 51.60 -25.90 88.39
CA THR QA 234 51.34 -25.02 87.27
C THR QA 234 49.84 -24.75 87.20
N GLY QA 235 49.47 -23.70 86.48
CA GLY QA 235 48.10 -23.32 86.30
C GLY QA 235 47.79 -21.99 86.98
N ASP QA 236 46.55 -21.56 86.82
CA ASP QA 236 46.11 -20.26 87.30
C ASP QA 236 45.53 -20.39 88.71
N GLY QA 237 44.89 -19.33 89.18
CA GLY QA 237 44.21 -19.37 90.47
C GLY QA 237 42.91 -20.14 90.47
N SER QA 238 42.44 -20.58 89.32
CA SER QA 238 41.25 -21.42 89.23
C SER QA 238 41.56 -22.87 88.94
N GLU QA 239 42.57 -23.16 88.11
CA GLU QA 239 42.96 -24.52 87.78
C GLU QA 239 44.42 -24.71 88.15
N ILE QA 240 44.72 -25.79 88.86
CA ILE QA 240 46.11 -26.14 89.13
C ILE QA 240 46.31 -27.65 88.98
N HIS QA 241 47.55 -28.02 88.67
CA HIS QA 241 48.00 -29.39 88.63
C HIS QA 241 49.28 -29.49 89.46
N ILE QA 242 49.46 -30.62 90.14
CA ILE QA 242 50.53 -30.72 91.13
C ILE QA 242 51.86 -31.02 90.47
N ASP QA 243 51.96 -32.15 89.78
CA ASP QA 243 53.22 -32.61 89.22
C ASP QA 243 53.04 -32.83 87.73
N ASP QA 244 53.45 -31.85 86.93
CA ASP QA 244 53.25 -31.89 85.49
C ASP QA 244 54.36 -32.73 84.86
N ARG QA 245 54.05 -33.96 84.48
CA ARG QA 245 55.04 -34.84 83.88
C ARG QA 245 54.63 -35.18 82.46
N VAL QA 246 55.58 -35.07 81.54
CA VAL QA 246 55.35 -35.36 80.13
C VAL QA 246 56.33 -36.44 79.71
N LEU QA 247 55.81 -37.54 79.19
CA LEU QA 247 56.65 -38.62 78.67
C LEU QA 247 56.46 -38.71 77.17
N ARG QA 248 57.58 -38.67 76.44
CA ARG QA 248 57.54 -38.59 74.98
C ARG QA 248 58.59 -39.50 74.39
N ILE QA 249 58.18 -40.42 73.52
CA ILE QA 249 59.12 -41.31 72.87
C ILE QA 249 59.80 -40.55 71.74
N THR QA 250 61.10 -40.31 71.87
CA THR QA 250 61.82 -39.46 70.94
C THR QA 250 62.50 -40.24 69.82
N ALA QA 251 63.04 -41.42 70.11
CA ALA QA 251 63.80 -42.17 69.12
C ALA QA 251 63.20 -43.55 68.96
N LEU QA 252 62.72 -43.84 67.75
CA LEU QA 252 62.16 -45.13 67.45
C LEU QA 252 63.27 -46.18 67.31
N PRO QA 253 63.00 -47.44 67.62
CA PRO QA 253 63.97 -48.50 67.32
C PRO QA 253 64.07 -48.71 65.82
N GLU QA 254 65.26 -49.15 65.40
CA GLU QA 254 65.50 -49.46 64.00
C GLU QA 254 66.70 -50.38 63.89
N LEU QA 255 66.84 -50.99 62.71
CA LEU QA 255 67.99 -51.81 62.42
C LEU QA 255 69.24 -50.95 62.28
N ASN QA 256 70.37 -51.47 62.73
CA ASN QA 256 71.65 -50.80 62.58
C ASN QA 256 72.54 -51.58 61.62
N VAL QA 257 73.28 -50.83 60.79
CA VAL QA 257 74.12 -51.44 59.77
C VAL QA 257 75.54 -51.70 60.25
N ASN QA 258 75.88 -51.27 61.47
CA ASN QA 258 77.23 -51.38 61.98
C ASN QA 258 77.54 -52.83 62.31
N SER QA 259 78.17 -53.51 61.35
CA SER QA 259 78.31 -54.96 61.44
C SER QA 259 79.34 -55.39 62.47
N ALA QA 260 80.35 -54.55 62.72
CA ALA QA 260 81.39 -54.92 63.67
C ALA QA 260 80.91 -54.89 65.12
N GLU QA 261 79.76 -54.27 65.37
CA GLU QA 261 79.23 -54.10 66.71
C GLU QA 261 78.17 -55.14 67.04
N TRP QA 262 78.29 -56.33 66.47
CA TRP QA 262 77.31 -57.38 66.64
C TRP QA 262 77.95 -58.55 67.39
N ARG QA 263 77.34 -58.94 68.49
CA ARG QA 263 77.89 -60.01 69.32
C ARG QA 263 77.32 -61.35 68.87
N ALA QA 264 78.20 -62.30 68.63
CA ALA QA 264 77.78 -63.64 68.24
C ALA QA 264 77.36 -64.43 69.48
N ALA QA 265 76.74 -65.57 69.25
CA ALA QA 265 76.24 -66.40 70.33
C ALA QA 265 76.98 -67.73 70.36
N VAL QA 266 76.62 -68.55 71.35
CA VAL QA 266 77.20 -69.87 71.55
C VAL QA 266 76.15 -70.73 72.25
N ALA QA 267 76.38 -72.03 72.31
CA ALA QA 267 75.46 -72.93 72.97
C ALA QA 267 76.23 -74.10 73.57
N LYS QA 268 75.59 -74.79 74.52
CA LYS QA 268 76.19 -75.95 75.16
C LYS QA 268 75.26 -77.15 75.11
N ARG RA 207 34.93 33.03 -103.09
CA ARG RA 207 35.61 31.99 -102.33
C ARG RA 207 35.02 31.92 -100.92
N ILE RA 208 35.82 32.18 -99.91
CA ILE RA 208 35.40 32.11 -98.52
C ILE RA 208 35.92 33.32 -97.77
N ILE RA 209 35.02 34.04 -97.11
CA ILE RA 209 35.38 35.21 -96.32
C ILE RA 209 35.74 34.76 -94.91
N TYR RA 210 36.93 35.16 -94.46
CA TYR RA 210 37.37 34.88 -93.10
C TYR RA 210 37.28 36.14 -92.27
N TYR RA 211 36.78 36.00 -91.05
CA TYR RA 211 36.69 37.08 -90.08
C TYR RA 211 37.59 36.78 -88.90
N ILE RA 212 38.33 37.79 -88.46
CA ILE RA 212 39.11 37.64 -87.24
C ILE RA 212 38.15 37.67 -86.06
N GLN RA 213 38.20 36.64 -85.22
CA GLN RA 213 37.42 36.62 -84.00
C GLN RA 213 38.27 36.98 -82.78
N ALA RA 214 39.46 36.42 -82.69
CA ALA RA 214 40.39 36.73 -81.62
C ALA RA 214 41.77 36.94 -82.20
N VAL RA 215 42.53 37.83 -81.57
CA VAL RA 215 43.89 38.11 -82.02
C VAL RA 215 44.77 38.50 -80.84
N ILE RA 216 45.86 37.77 -80.66
CA ILE RA 216 46.87 38.08 -79.65
C ILE RA 216 48.17 38.34 -80.42
N PRO RA 217 49.23 38.83 -79.78
CA PRO RA 217 50.55 38.73 -80.41
C PRO RA 217 50.95 37.27 -80.62
N GLY RA 218 51.37 36.96 -81.83
CA GLY RA 218 51.73 35.59 -82.18
C GLY RA 218 50.62 34.80 -82.85
N ARG RA 219 49.50 34.62 -82.17
CA ARG RA 219 48.43 33.77 -82.65
C ARG RA 219 47.22 34.59 -83.09
N ALA RA 220 46.47 34.06 -84.06
CA ALA RA 220 45.27 34.70 -84.57
C ALA RA 220 44.17 33.66 -84.68
N TRP RA 221 42.93 34.12 -84.66
CA TRP RA 221 41.77 33.23 -84.71
C TRP RA 221 40.82 33.70 -85.80
N LEU RA 222 40.44 32.77 -86.68
CA LEU RA 222 39.62 33.08 -87.83
C LEU RA 222 38.36 32.22 -87.85
N ILE RA 223 37.31 32.76 -88.45
CA ILE RA 223 36.10 32.01 -88.73
C ILE RA 223 35.71 32.27 -90.19
N GLY RA 224 35.52 31.19 -90.94
CA GLY RA 224 35.23 31.29 -92.36
C GLY RA 224 33.77 31.59 -92.63
N SER RA 225 33.40 31.43 -93.90
CA SER RA 225 32.04 31.74 -94.31
C SER RA 225 31.05 30.67 -93.86
N ASN RA 226 31.47 29.41 -93.84
CA ASN RA 226 30.60 28.28 -93.57
C ASN RA 226 30.60 27.85 -92.11
N GLY RA 227 30.82 28.76 -91.18
CA GLY RA 227 30.79 28.43 -89.77
C GLY RA 227 31.98 27.64 -89.27
N SER RA 228 33.12 27.72 -89.95
CA SER RA 228 34.31 26.97 -89.56
C SER RA 228 35.24 27.85 -88.73
N THR RA 229 35.62 27.36 -87.56
CA THR RA 229 36.53 28.07 -86.67
C THR RA 229 37.93 27.48 -86.76
N LEU RA 230 38.93 28.34 -86.63
CA LEU RA 230 40.31 27.92 -86.78
C LEU RA 230 41.22 28.90 -86.06
N THR RA 231 42.44 28.45 -85.78
CA THR RA 231 43.49 29.29 -85.23
C THR RA 231 44.75 29.12 -86.06
N VAL RA 232 45.57 30.17 -86.06
CA VAL RA 232 46.74 30.23 -86.94
C VAL RA 232 47.85 30.97 -86.19
N ARG RA 233 49.07 30.81 -86.68
CA ARG RA 233 50.25 31.48 -86.17
C ARG RA 233 50.81 32.39 -87.26
N GLU RA 234 51.98 32.96 -87.01
CA GLU RA 234 52.61 33.80 -88.03
C GLU RA 234 53.13 32.97 -89.20
N GLY RA 235 53.87 31.91 -88.91
CA GLY RA 235 54.39 31.06 -89.96
C GLY RA 235 53.48 29.89 -90.25
N SER RA 236 52.61 30.03 -91.24
CA SER RA 236 51.65 29.00 -91.59
C SER RA 236 51.15 29.24 -93.00
N LYS RA 237 50.50 28.22 -93.56
CA LYS RA 237 49.93 28.28 -94.90
C LYS RA 237 48.42 28.16 -94.80
N ILE RA 238 47.72 29.06 -95.46
CA ILE RA 238 46.26 29.15 -95.43
C ILE RA 238 45.74 28.85 -96.82
N PRO RA 239 44.80 27.91 -96.98
CA PRO RA 239 44.28 27.58 -98.31
C PRO RA 239 43.48 28.72 -98.90
N GLY RA 240 43.71 28.98 -100.19
CA GLY RA 240 43.09 30.09 -100.89
C GLY RA 240 43.76 31.43 -100.69
N TYR RA 241 44.69 31.53 -99.74
CA TYR RA 241 45.38 32.78 -99.45
C TYR RA 241 46.88 32.66 -99.47
N GLY RA 242 47.43 31.46 -99.30
CA GLY RA 242 48.86 31.23 -99.45
C GLY RA 242 49.60 31.32 -98.11
N MET RA 243 50.54 32.25 -98.03
CA MET RA 243 51.43 32.38 -96.88
C MET RA 243 51.08 33.64 -96.09
N VAL RA 244 50.89 33.48 -94.79
CA VAL RA 244 50.68 34.62 -93.91
C VAL RA 244 52.02 35.31 -93.75
N LYS RA 245 52.19 36.47 -94.40
CA LYS RA 245 53.45 37.19 -94.36
C LYS RA 245 53.69 37.81 -92.99
N LEU RA 246 52.78 38.69 -92.56
CA LEU RA 246 52.89 39.35 -91.26
C LEU RA 246 51.51 39.45 -90.64
N ILE RA 247 51.51 39.59 -89.30
CA ILE RA 247 50.30 39.75 -88.52
C ILE RA 247 50.37 41.07 -87.80
N ASP RA 248 49.36 41.92 -88.00
CA ASP RA 248 49.27 43.22 -87.33
C ASP RA 248 48.12 43.14 -86.34
N SER RA 249 48.46 42.88 -85.07
CA SER RA 249 47.45 42.83 -84.02
C SER RA 249 46.84 44.20 -83.76
N LEU RA 250 47.59 45.26 -84.05
CA LEU RA 250 47.03 46.61 -84.04
C LEU RA 250 46.05 46.75 -85.20
N GLN RA 251 44.85 47.25 -84.88
CA GLN RA 251 43.76 47.55 -85.82
C GLN RA 251 43.26 46.30 -86.55
N GLY RA 252 43.53 45.11 -86.01
CA GLY RA 252 42.97 43.84 -86.50
C GLY RA 252 43.31 43.47 -87.93
N ARG RA 253 44.58 43.59 -88.31
CA ARG RA 253 44.98 43.52 -89.71
C ARG RA 253 45.84 42.29 -89.95
N ILE RA 254 45.48 41.49 -90.96
CA ILE RA 254 46.26 40.31 -91.32
C ILE RA 254 46.58 40.35 -92.80
N LEU RA 255 47.86 40.23 -93.16
CA LEU RA 255 48.26 40.15 -94.56
C LEU RA 255 48.59 38.71 -94.92
N THR RA 256 48.20 38.30 -96.12
CA THR RA 256 48.62 37.02 -96.67
C THR RA 256 49.41 37.23 -97.95
N SER RA 257 49.92 36.12 -98.50
CA SER RA 257 50.76 36.20 -99.68
C SER RA 257 49.97 36.50 -100.95
N SER RA 258 48.66 36.26 -100.94
CA SER RA 258 47.82 36.58 -102.08
C SER RA 258 47.33 38.03 -102.07
N GLY RA 259 48.01 38.91 -101.34
CA GLY RA 259 47.67 40.31 -101.32
C GLY RA 259 46.42 40.68 -100.58
N GLN RA 260 45.92 39.79 -99.72
CA GLN RA 260 44.64 40.01 -99.06
C GLN RA 260 44.85 40.30 -97.58
N VAL RA 261 43.93 41.10 -97.03
CA VAL RA 261 43.96 41.51 -95.64
C VAL RA 261 42.69 40.99 -94.96
N ILE RA 262 42.87 40.24 -93.90
CA ILE RA 262 41.80 39.75 -93.05
C ILE RA 262 41.61 40.73 -91.91
N LYS RA 263 40.34 40.99 -91.58
CA LYS RA 263 39.95 41.94 -90.56
C LYS RA 263 38.73 41.39 -89.84
N PHE RA 264 38.26 42.13 -88.83
CA PHE RA 264 36.93 41.90 -88.31
C PHE RA 264 35.88 42.35 -89.33
N SER RA 265 34.65 41.92 -89.14
CA SER RA 265 33.58 42.38 -90.00
C SER RA 265 33.26 43.85 -89.71
N GLN RA 266 32.65 44.51 -90.69
CA GLN RA 266 32.29 45.92 -90.53
C GLN RA 266 31.16 46.08 -89.53
N GLU RA 267 30.10 45.29 -89.67
CA GLU RA 267 29.02 45.32 -88.68
C GLU RA 267 29.39 44.56 -87.42
N ASP RA 268 30.18 43.50 -87.54
CA ASP RA 268 30.63 42.71 -86.40
C ASP RA 268 32.08 43.13 -86.13
N SER RA 269 32.22 44.22 -85.39
CA SER RA 269 33.53 44.82 -85.16
C SER RA 269 33.79 44.99 -83.67
N GLN SA 791 64.51 80.03 -64.14
CA GLN SA 791 64.69 78.72 -64.77
C GLN SA 791 64.61 77.63 -63.71
N GLN SA 792 64.62 78.05 -62.45
CA GLN SA 792 64.55 77.15 -61.31
C GLN SA 792 63.13 76.93 -60.82
N GLU SA 793 62.13 77.48 -61.52
CA GLU SA 793 60.74 77.29 -61.17
C GLU SA 793 60.17 75.98 -61.70
N ILE SA 794 60.96 75.22 -62.46
CA ILE SA 794 60.50 73.93 -62.98
C ILE SA 794 60.30 72.95 -61.84
N GLN SA 795 61.19 73.00 -60.84
CA GLN SA 795 61.18 72.02 -59.76
C GLN SA 795 59.96 72.19 -58.87
N GLN SA 796 59.45 73.42 -58.76
CA GLN SA 796 58.15 73.62 -58.15
C GLN SA 796 57.05 72.95 -58.95
N ARG SA 797 57.07 73.11 -60.27
CA ARG SA 797 56.10 72.47 -61.13
C ARG SA 797 56.44 71.01 -61.41
N THR SA 798 57.61 70.55 -61.01
CA THR SA 798 57.92 69.12 -61.10
C THR SA 798 57.29 68.33 -59.98
N SER SA 799 57.21 68.91 -58.78
CA SER SA 799 56.80 68.14 -57.60
C SER SA 799 55.30 67.85 -57.60
N ASP SA 800 54.49 68.86 -57.95
CA ASP SA 800 53.06 68.77 -57.73
C ASP SA 800 52.38 67.80 -58.70
N MET SA 801 52.86 67.74 -59.94
CA MET SA 801 52.27 66.83 -60.91
C MET SA 801 52.57 65.37 -60.57
N LEU SA 802 53.70 65.10 -59.94
CA LEU SA 802 54.02 63.75 -59.48
C LEU SA 802 53.01 63.27 -58.46
N THR SA 803 52.64 64.15 -57.53
CA THR SA 803 51.54 63.87 -56.61
C THR SA 803 50.24 63.75 -57.38
N ALA SA 804 50.05 64.61 -58.39
CA ALA SA 804 48.84 64.54 -59.21
C ALA SA 804 48.82 63.29 -60.07
N ALA SA 805 49.98 62.83 -60.55
CA ALA SA 805 50.00 61.61 -61.36
C ALA SA 805 49.73 60.38 -60.50
N THR SA 806 50.25 60.36 -59.28
CA THR SA 806 50.15 59.16 -58.45
C THR SA 806 48.75 58.97 -57.90
N GLN SA 807 48.04 60.07 -57.59
CA GLN SA 807 46.79 59.97 -56.86
C GLN SA 807 45.66 59.39 -57.68
N LEU SA 808 45.75 59.44 -59.01
CA LEU SA 808 44.73 58.86 -59.86
C LEU SA 808 45.17 57.55 -60.51
N VAL SA 809 46.48 57.31 -60.60
CA VAL SA 809 46.96 56.07 -61.18
C VAL SA 809 46.73 54.91 -60.23
N GLN SA 810 46.57 55.18 -58.94
CA GLN SA 810 46.15 54.14 -58.02
C GLN SA 810 44.68 53.79 -58.20
N ASP SA 811 43.88 54.75 -58.64
CA ASP SA 811 42.46 54.52 -58.88
C ASP SA 811 42.24 53.61 -60.08
N TRP SA 812 43.13 53.66 -61.07
CA TRP SA 812 43.01 52.84 -62.26
C TRP SA 812 43.68 51.47 -62.10
N LYS SA 813 43.78 50.98 -60.87
CA LYS SA 813 44.25 49.64 -60.60
C LYS SA 813 43.16 48.75 -60.04
N GLN SA 814 42.41 49.22 -59.05
CA GLN SA 814 41.38 48.39 -58.44
C GLN SA 814 40.13 48.35 -59.31
N VAL SA 815 39.35 47.30 -59.11
CA VAL SA 815 38.08 47.11 -59.81
C VAL SA 815 37.19 46.26 -58.91
N GLU SA 816 35.97 46.75 -58.67
CA GLU SA 816 35.07 46.05 -57.78
C GLU SA 816 34.53 44.78 -58.42
N THR SA 817 34.19 43.81 -57.58
CA THR SA 817 33.59 42.56 -58.01
C THR SA 817 32.14 42.81 -58.40
N GLN SA 818 31.68 42.07 -59.41
CA GLN SA 818 30.26 42.00 -59.69
C GLN SA 818 29.54 41.36 -58.51
N VAL SA 819 28.32 41.80 -58.26
CA VAL SA 819 27.52 41.31 -57.14
C VAL SA 819 26.24 40.70 -57.68
N TYR SA 820 26.01 39.44 -57.37
CA TYR SA 820 24.83 38.72 -57.79
C TYR SA 820 23.80 38.75 -56.68
N THR SA 821 22.56 39.06 -57.03
CA THR SA 821 21.47 39.14 -56.07
C THR SA 821 20.46 38.03 -56.35
N GLU SA 822 20.10 37.29 -55.31
CA GLU SA 822 19.18 36.17 -55.42
C GLU SA 822 17.99 36.41 -54.49
N GLY SA 823 16.79 36.22 -55.02
CA GLY SA 823 15.60 36.24 -54.20
C GLY SA 823 14.53 35.37 -54.82
N THR SA 824 13.67 34.82 -53.98
CA THR SA 824 12.60 33.93 -54.43
C THR SA 824 11.48 34.65 -55.17
N ALA TA 104 32.87 108.79 -39.70
CA ALA TA 104 32.25 107.64 -39.07
C ALA TA 104 31.44 106.83 -40.07
N GLU TA 105 30.68 107.54 -40.91
CA GLU TA 105 29.89 106.87 -41.95
C GLU TA 105 30.78 106.23 -43.00
N VAL TA 106 31.85 106.92 -43.41
CA VAL TA 106 32.81 106.34 -44.34
C VAL TA 106 33.56 105.19 -43.70
N ILE TA 107 33.79 105.27 -42.38
CA ILE TA 107 34.39 104.17 -41.63
C ILE TA 107 33.49 102.94 -41.69
N ASP TA 108 32.18 103.14 -41.53
CA ASP TA 108 31.23 102.03 -41.63
C ASP TA 108 31.11 101.52 -43.06
N LYS TA 109 31.28 102.40 -44.04
CA LYS TA 109 31.29 101.95 -45.44
C LYS TA 109 32.47 101.04 -45.72
N LYS TA 110 33.67 101.45 -45.29
CA LYS TA 110 34.85 100.61 -45.42
C LYS TA 110 34.72 99.35 -44.57
N ALA TA 111 34.00 99.44 -43.45
CA ALA TA 111 33.75 98.30 -42.57
C ALA TA 111 32.97 97.22 -43.27
N PHE TA 112 31.83 97.59 -43.87
CA PHE TA 112 31.06 96.59 -44.61
C PHE TA 112 31.78 96.15 -45.87
N LYS TA 113 32.64 97.01 -46.44
CA LYS TA 113 33.45 96.62 -47.59
C LYS TA 113 34.42 95.50 -47.24
N ASP TA 114 35.17 95.66 -46.14
CA ASP TA 114 36.10 94.60 -45.75
C ASP TA 114 35.36 93.37 -45.22
N MET TA 115 34.17 93.58 -44.65
CA MET TA 115 33.35 92.46 -44.19
C MET TA 115 32.93 91.57 -45.35
N THR TA 116 32.38 92.18 -46.40
CA THR TA 116 32.00 91.42 -47.59
C THR TA 116 33.21 90.91 -48.36
N ARG TA 117 34.36 91.58 -48.23
CA ARG TA 117 35.60 91.07 -48.81
C ARG TA 117 36.01 89.77 -48.16
N ASN TA 118 36.14 89.76 -46.83
CA ASN TA 118 36.72 88.63 -46.13
C ASN TA 118 35.68 87.57 -45.75
N LEU TA 119 34.39 87.84 -45.94
CA LEU TA 119 33.40 86.80 -45.70
C LEU TA 119 33.48 85.71 -46.77
N TYR TA 120 33.56 86.11 -48.02
CA TYR TA 120 33.77 85.17 -49.12
C TYR TA 120 34.69 85.79 -50.15
N PRO TA 121 35.92 85.29 -50.29
CA PRO TA 121 36.82 85.78 -51.35
C PRO TA 121 36.55 85.21 -52.73
N LEU TA 122 35.42 84.52 -52.93
CA LEU TA 122 35.10 83.89 -54.20
C LEU TA 122 33.81 84.48 -54.76
N ASN TA 123 33.86 84.91 -56.02
CA ASN TA 123 32.68 85.42 -56.69
C ASN TA 123 31.72 84.29 -57.03
N PRO TA 124 30.42 84.58 -57.16
CA PRO TA 124 29.49 83.56 -57.66
C PRO TA 124 29.82 83.07 -59.06
N GLU TA 125 30.30 83.96 -59.93
CA GLU TA 125 30.77 83.53 -61.24
C GLU TA 125 32.02 82.68 -61.12
N GLN TA 126 32.87 82.96 -60.14
CA GLN TA 126 34.02 82.10 -59.87
C GLN TA 126 33.58 80.74 -59.35
N VAL TA 127 32.47 80.68 -58.59
CA VAL TA 127 31.91 79.40 -58.16
C VAL TA 127 31.40 78.61 -59.36
N VAL TA 128 30.73 79.29 -60.29
CA VAL TA 128 30.22 78.64 -61.50
C VAL TA 128 31.38 78.13 -62.35
N LYS TA 129 32.41 78.95 -62.53
CA LYS TA 129 33.57 78.55 -63.30
C LYS TA 129 34.34 77.43 -62.62
N LEU TA 130 34.37 77.42 -61.27
CA LEU TA 130 35.00 76.34 -60.54
C LEU TA 130 34.23 75.04 -60.70
N LYS TA 131 32.90 75.12 -60.75
CA LYS TA 131 32.10 73.92 -61.01
C LYS TA 131 32.32 73.41 -62.42
N GLN TA 132 32.52 74.33 -63.38
CA GLN TA 132 32.87 73.91 -64.73
C GLN TA 132 34.25 73.24 -64.78
N ILE TA 133 35.20 73.79 -64.03
CA ILE TA 133 36.53 73.19 -63.95
C ILE TA 133 36.47 71.81 -63.28
N TYR TA 134 35.63 71.67 -62.26
CA TYR TA 134 35.40 70.38 -61.62
C TYR TA 134 34.76 69.38 -62.57
N GLU TA 135 33.82 69.85 -63.39
CA GLU TA 135 33.20 68.99 -64.40
C GLU TA 135 34.23 68.54 -65.44
N THR TA 136 35.13 69.45 -65.83
CA THR TA 136 36.21 69.08 -66.74
C THR TA 136 37.16 68.09 -66.10
N SER TA 137 37.41 68.25 -64.80
CA SER TA 137 38.31 67.38 -64.08
C SER TA 137 37.75 65.97 -63.96
N GLU TA 138 36.46 65.85 -63.60
CA GLU TA 138 35.86 64.52 -63.52
C GLU TA 138 35.70 63.89 -64.89
N TYR TA 139 35.49 64.71 -65.93
CA TYR TA 139 35.42 64.16 -67.27
C TYR TA 139 36.77 63.64 -67.74
N ALA TA 140 37.84 64.34 -67.37
CA ALA TA 140 39.19 63.86 -67.65
C ALA TA 140 39.49 62.58 -66.87
N LYS TA 141 39.03 62.50 -65.63
CA LYS TA 141 39.30 61.33 -64.80
C LYS TA 141 38.56 60.10 -65.33
N ALA TA 142 37.27 60.23 -65.60
CA ALA TA 142 36.48 59.08 -66.03
C ALA TA 142 36.51 58.86 -67.53
N ALA TA 143 37.19 59.72 -68.29
CA ALA TA 143 37.42 59.47 -69.69
C ALA TA 143 38.34 58.27 -69.87
N THR TA 144 38.14 57.53 -70.95
CA THR TA 144 38.85 56.29 -71.20
C THR TA 144 39.59 56.35 -72.53
N PRO TA 145 40.77 55.76 -72.62
CA PRO TA 145 41.48 55.72 -73.90
C PRO TA 145 40.83 54.76 -74.88
N GLY TA 146 41.16 54.96 -76.16
CA GLY TA 146 40.72 54.06 -77.21
C GLY TA 146 39.23 54.18 -77.49
N THR TA 147 38.66 53.08 -77.96
CA THR TA 147 37.24 52.99 -78.25
C THR TA 147 36.65 51.76 -77.58
N PRO TA 148 35.40 51.84 -77.15
CA PRO TA 148 34.75 50.65 -76.58
C PRO TA 148 34.49 49.61 -77.66
N PRO TA 149 34.52 48.33 -77.31
CA PRO TA 149 34.22 47.28 -78.28
C PRO TA 149 32.73 47.18 -78.58
N LYS TA 150 32.39 46.33 -79.54
CA LYS TA 150 31.02 46.20 -80.03
C LYS TA 150 30.22 45.28 -79.13
N PRO TA 151 29.13 45.75 -78.51
CA PRO TA 151 28.30 44.88 -77.67
C PRO TA 151 27.35 44.04 -78.50
N THR TA 152 27.59 42.72 -78.51
CA THR TA 152 26.78 41.80 -79.29
C THR TA 152 26.62 40.48 -78.54
N ALA TA 153 25.52 39.79 -78.83
CA ALA TA 153 25.27 38.45 -78.32
C ALA TA 153 25.45 37.46 -79.46
N THR TA 154 26.36 36.51 -79.29
CA THR TA 154 26.73 35.57 -80.33
C THR TA 154 26.31 34.16 -79.93
N SER TA 155 25.96 33.36 -80.93
CA SER TA 155 25.62 31.96 -80.73
C SER TA 155 26.42 31.12 -81.70
N GLN TA 156 27.10 30.10 -81.17
CA GLN TA 156 27.90 29.19 -81.97
C GLN TA 156 27.56 27.76 -81.58
N PHE TA 157 28.29 26.81 -82.17
CA PHE TA 157 28.15 25.40 -81.88
C PHE TA 157 29.49 24.87 -81.39
N VAL TA 158 29.45 24.08 -80.33
CA VAL TA 158 30.66 23.49 -79.76
C VAL TA 158 30.99 22.21 -80.52
N ASN TA 159 32.17 22.18 -81.13
CA ASN TA 159 32.64 20.99 -81.82
C ASN TA 159 33.29 20.06 -80.80
N LEU TA 160 32.75 18.85 -80.67
CA LEU TA 160 33.25 17.88 -79.71
C LEU TA 160 34.13 16.83 -80.37
N SER TA 161 34.77 17.18 -81.49
CA SER TA 161 35.66 16.25 -82.16
C SER TA 161 36.94 16.06 -81.35
N PRO TA 162 37.60 14.91 -81.48
CA PRO TA 162 38.96 14.79 -80.94
C PRO TA 162 39.95 15.75 -81.58
N GLY TA 163 39.76 16.07 -82.85
CA GLY TA 163 40.59 17.05 -83.52
C GLY TA 163 39.92 18.41 -83.62
N SER TA 164 38.97 18.68 -82.74
CA SER TA 164 38.26 19.95 -82.76
C SER TA 164 39.15 21.07 -82.26
N THR TA 165 38.72 22.30 -82.55
CA THR TA 165 39.31 23.54 -82.11
C THR TA 165 38.57 24.06 -80.89
N PRO TA 166 39.26 24.66 -79.93
CA PRO TA 166 38.61 25.10 -78.68
C PRO TA 166 37.72 26.31 -78.93
N PRO TA 167 36.52 26.33 -78.35
CA PRO TA 167 35.70 27.54 -78.40
C PRO TA 167 36.26 28.64 -77.49
N VAL TA 168 36.49 29.80 -78.09
CA VAL TA 168 37.10 30.94 -77.42
C VAL TA 168 36.03 32.02 -77.27
N ILE TA 169 35.98 32.62 -76.08
CA ILE TA 169 34.92 33.55 -75.72
C ILE TA 169 35.54 34.92 -75.46
N ARG TA 170 35.06 35.93 -76.16
CA ARG TA 170 35.49 37.30 -75.94
C ARG TA 170 34.87 37.84 -74.66
N LEU TA 171 35.66 38.62 -73.91
CA LEU TA 171 35.23 39.15 -72.62
C LEU TA 171 35.54 40.65 -72.57
N SER TA 172 34.99 41.28 -71.52
CA SER TA 172 35.24 42.68 -71.21
C SER TA 172 35.52 42.83 -69.73
N GLN TA 173 36.43 43.75 -69.41
CA GLN TA 173 36.84 43.95 -68.03
C GLN TA 173 35.74 44.67 -67.25
N GLY TA 174 35.28 44.05 -66.17
CA GLY TA 174 34.24 44.61 -65.36
C GLY TA 174 32.83 44.43 -65.88
N PHE TA 175 32.67 43.79 -67.03
CA PHE TA 175 31.36 43.60 -67.63
C PHE TA 175 31.00 42.12 -67.60
N VAL TA 176 29.73 41.85 -67.29
CA VAL TA 176 29.29 40.50 -67.03
C VAL TA 176 29.22 39.71 -68.33
N SER TA 177 29.84 38.54 -68.33
CA SER TA 177 29.80 37.61 -69.45
C SER TA 177 28.85 36.49 -69.08
N SER TA 178 27.82 36.30 -69.91
CA SER TA 178 26.77 35.31 -69.69
C SER TA 178 26.87 34.24 -70.75
N LEU TA 179 27.02 32.99 -70.31
CA LEU TA 179 27.16 31.84 -71.19
C LEU TA 179 25.99 30.90 -70.96
N VAL TA 180 25.26 30.59 -72.02
CA VAL TA 180 24.08 29.73 -71.96
C VAL TA 180 24.28 28.58 -72.95
N PHE TA 181 24.08 27.36 -72.46
CA PHE TA 181 24.41 26.16 -73.22
C PHE TA 181 23.13 25.39 -73.51
N LEU TA 182 22.84 25.20 -74.79
CA LEU TA 182 21.67 24.46 -75.25
C LEU TA 182 22.14 23.19 -75.95
N ASP TA 183 21.43 22.09 -75.70
CA ASP TA 183 21.81 20.78 -76.23
C ASP TA 183 21.41 20.61 -77.70
N SER TA 184 21.36 19.35 -78.14
CA SER TA 184 20.85 19.04 -79.48
C SER TA 184 19.39 19.47 -79.62
N THR TA 185 18.60 19.27 -78.57
CA THR TA 185 17.20 19.70 -78.58
C THR TA 185 17.04 21.19 -78.32
N GLY TA 186 18.11 21.89 -77.98
CA GLY TA 186 18.01 23.29 -77.63
C GLY TA 186 17.62 23.55 -76.19
N ALA TA 187 17.39 22.51 -75.40
CA ALA TA 187 17.05 22.69 -73.99
C ALA TA 187 18.28 23.20 -73.23
N PRO TA 188 18.09 24.08 -72.24
CA PRO TA 188 19.24 24.62 -71.50
C PRO TA 188 19.86 23.55 -70.62
N TRP TA 189 21.12 23.24 -70.91
CA TRP TA 189 21.83 22.21 -70.16
C TRP TA 189 22.20 22.76 -68.79
N PRO TA 190 21.73 22.14 -67.70
CA PRO TA 190 22.11 22.63 -66.37
C PRO TA 190 23.56 22.31 -66.06
N ILE TA 191 24.17 23.17 -65.28
CA ILE TA 191 25.59 23.07 -64.96
C ILE TA 191 25.76 22.43 -63.60
N ALA TA 192 26.53 21.35 -63.54
CA ALA TA 192 26.80 20.66 -62.29
C ALA TA 192 28.09 21.17 -61.64
N ALA TA 193 29.20 21.07 -62.35
CA ALA TA 193 30.50 21.44 -61.78
C ALA TA 193 31.35 22.14 -62.82
N TYR TA 194 32.28 22.96 -62.34
CA TYR TA 194 33.26 23.57 -63.23
C TYR TA 194 34.55 23.83 -62.47
N ASP TA 195 35.66 23.62 -63.16
CA ASP TA 195 36.99 23.89 -62.62
C ASP TA 195 37.65 24.93 -63.49
N LEU TA 196 38.26 25.93 -62.86
CA LEU TA 196 38.69 27.14 -63.54
C LEU TA 196 40.18 27.39 -63.32
N GLY TA 197 40.88 27.80 -64.39
CA GLY TA 197 42.24 28.26 -64.26
C GLY TA 197 42.29 29.77 -64.03
N ASP TA 198 43.17 30.18 -63.11
CA ASP TA 198 43.39 31.56 -62.66
C ASP TA 198 42.10 32.26 -62.21
N PRO TA 199 41.60 31.99 -61.00
CA PRO TA 199 40.48 32.78 -60.47
C PRO TA 199 40.78 34.25 -60.27
N SER TA 200 42.05 34.67 -60.20
CA SER TA 200 42.37 36.08 -60.03
C SER TA 200 42.01 36.93 -61.23
N SER TA 201 41.84 36.32 -62.41
CA SER TA 201 41.42 37.04 -63.59
C SER TA 201 39.93 36.91 -63.87
N PHE TA 202 39.28 35.87 -63.34
CA PHE TA 202 37.88 35.59 -63.65
C PHE TA 202 37.13 35.32 -62.36
N ASN TA 203 36.19 36.18 -62.02
CA ASN TA 203 35.26 35.94 -60.93
C ASN TA 203 33.96 35.41 -61.52
N ILE TA 204 33.62 34.16 -61.18
CA ILE TA 204 32.42 33.51 -61.69
C ILE TA 204 31.45 33.37 -60.53
N GLN TA 205 30.26 33.94 -60.69
CA GLN TA 205 29.19 33.85 -59.70
C GLN TA 205 28.15 32.89 -60.27
N TRP TA 206 28.16 31.66 -59.78
CA TRP TA 206 27.41 30.57 -60.36
C TRP TA 206 26.42 30.03 -59.35
N ASP TA 207 25.14 30.09 -59.68
CA ASP TA 207 24.12 29.47 -58.84
C ASP TA 207 24.22 27.96 -58.93
N LYS TA 208 24.00 27.30 -57.79
CA LYS TA 208 24.34 25.89 -57.61
C LYS TA 208 23.56 24.96 -58.53
N THR TA 209 22.37 25.37 -58.98
CA THR TA 209 21.56 24.56 -59.87
C THR TA 209 21.37 25.23 -61.22
N SER TA 210 22.17 26.24 -61.54
CA SER TA 210 21.92 27.04 -62.73
C SER TA 210 22.39 26.34 -63.99
N ASN TA 211 21.85 26.81 -65.12
CA ASN TA 211 22.27 26.40 -66.45
C ASN TA 211 23.11 27.47 -67.13
N THR TA 212 23.57 28.47 -66.37
CA THR TA 212 24.17 29.67 -66.94
C THR TA 212 25.47 29.97 -66.23
N LEU TA 213 26.39 30.58 -66.96
CA LEU TA 213 27.66 31.06 -66.40
C LEU TA 213 27.67 32.58 -66.40
N MET TA 214 27.95 33.17 -65.23
CA MET TA 214 28.02 34.62 -65.07
C MET TA 214 29.42 34.97 -64.55
N ILE TA 215 30.30 35.38 -65.46
CA ILE TA 215 31.69 35.64 -65.13
C ILE TA 215 31.97 37.13 -65.36
N GLN TA 216 33.15 37.57 -64.91
CA GLN TA 216 33.66 38.88 -65.27
C GLN TA 216 35.17 38.77 -65.46
N ALA TA 217 35.72 39.73 -66.19
CA ALA TA 217 37.15 39.81 -66.44
C ALA TA 217 37.77 40.81 -65.48
N THR TA 218 38.76 40.35 -64.71
CA THR TA 218 39.41 41.25 -63.76
C THR TA 218 40.39 42.18 -64.46
N LYS TA 219 41.23 41.62 -65.32
CA LYS TA 219 42.25 42.39 -66.02
C LYS TA 219 41.78 42.67 -67.45
N LEU TA 220 42.69 43.16 -68.28
CA LEU TA 220 42.31 43.63 -69.61
C LEU TA 220 42.43 42.57 -70.70
N TYR TA 221 43.48 41.74 -70.66
CA TYR TA 221 43.75 40.84 -71.79
C TYR TA 221 44.24 39.46 -71.37
N ASN TA 222 44.13 39.09 -70.10
CA ASN TA 222 44.74 37.85 -69.63
C ASN TA 222 43.90 36.66 -70.04
N TYR TA 223 44.49 35.76 -70.82
CA TYR TA 223 43.80 34.57 -71.30
C TYR TA 223 43.56 33.59 -70.17
N GLY TA 224 42.55 32.76 -70.35
CA GLY TA 224 42.28 31.73 -69.34
C GLY TA 224 41.44 30.64 -69.94
N ASN TA 225 41.13 29.64 -69.11
CA ASN TA 225 40.35 28.51 -69.57
C ASN TA 225 39.65 27.86 -68.38
N LEU TA 226 38.66 27.03 -68.72
CA LEU TA 226 37.94 26.28 -67.71
C LEU TA 226 37.42 25.00 -68.33
N ALA TA 227 36.99 24.08 -67.45
CA ALA TA 227 36.34 22.86 -67.86
C ALA TA 227 35.03 22.73 -67.08
N VAL TA 228 33.98 22.28 -67.76
CA VAL TA 228 32.65 22.16 -67.17
C VAL TA 228 32.23 20.70 -67.27
N ARG TA 229 31.90 20.12 -66.12
CA ARG TA 229 31.26 18.83 -66.03
C ARG TA 229 29.76 19.10 -65.90
N LEU TA 230 29.01 18.78 -66.95
CA LEU TA 230 27.58 19.02 -66.94
C LEU TA 230 26.86 17.89 -66.22
N ARG TA 231 25.55 18.10 -65.98
CA ARG TA 231 24.76 17.10 -65.28
C ARG TA 231 24.52 15.86 -66.14
N GLY TA 232 24.29 16.05 -67.43
CA GLY TA 232 24.07 14.96 -68.33
C GLY TA 232 25.25 14.54 -69.17
N LEU TA 233 26.40 15.21 -69.03
CA LEU TA 233 27.55 14.96 -69.87
C LEU TA 233 28.59 14.14 -69.12
N ASN TA 234 28.92 12.97 -69.67
CA ASN TA 234 30.03 12.19 -69.14
C ASN TA 234 31.35 12.88 -69.39
N THR TA 235 31.55 13.38 -70.60
CA THR TA 235 32.81 14.02 -70.95
C THR TA 235 32.72 15.52 -70.67
N PRO TA 236 33.60 16.07 -69.84
CA PRO TA 236 33.57 17.51 -69.60
C PRO TA 236 34.05 18.30 -70.81
N VAL TA 237 33.67 19.56 -70.84
CA VAL TA 237 33.95 20.44 -71.97
C VAL TA 237 34.78 21.62 -71.51
N MET TA 238 35.91 21.86 -72.16
CA MET TA 238 36.84 22.91 -71.76
C MET TA 238 36.81 24.03 -72.78
N LEU TA 239 36.65 25.25 -72.29
CA LEU TA 239 36.48 26.44 -73.11
C LEU TA 239 37.52 27.47 -72.71
N THR TA 240 37.96 28.27 -73.69
CA THR TA 240 38.96 29.30 -73.43
C THR TA 240 38.32 30.67 -73.49
N LEU TA 241 38.90 31.60 -72.73
CA LEU TA 241 38.36 32.94 -72.55
C LEU TA 241 39.47 33.96 -72.76
N ILE TA 242 39.14 35.04 -73.46
CA ILE TA 242 40.09 36.13 -73.68
C ILE TA 242 39.35 37.46 -73.63
N PRO TA 243 39.77 38.38 -72.78
CA PRO TA 243 39.20 39.73 -72.82
C PRO TA 243 40.01 40.68 -73.69
N GLY TA 244 39.52 41.91 -73.86
CA GLY TA 244 40.26 42.92 -74.59
C GLY TA 244 40.36 42.71 -76.09
N GLN TA 245 39.25 42.38 -76.73
CA GLN TA 245 39.20 42.27 -78.17
C GLN TA 245 38.36 43.41 -78.75
N LYS TA 246 38.18 43.38 -80.06
CA LYS TA 246 37.48 44.46 -80.74
C LYS TA 246 35.96 44.39 -80.55
N ALA TA 247 35.44 43.25 -80.10
CA ALA TA 247 34.03 43.11 -79.80
C ALA TA 247 33.88 42.43 -78.44
N VAL TA 248 32.86 42.84 -77.69
CA VAL TA 248 32.54 42.25 -76.39
C VAL TA 248 31.35 41.33 -76.59
N ASP TA 249 31.50 40.06 -76.20
CA ASP TA 249 30.39 39.13 -76.22
C ASP TA 249 29.45 39.45 -75.06
N TYR TA 250 28.31 40.06 -75.38
CA TYR TA 250 27.31 40.32 -74.35
C TYR TA 250 26.67 39.04 -73.86
N ARG TA 251 26.56 38.04 -74.73
CA ARG TA 251 26.10 36.72 -74.35
C ARG TA 251 26.70 35.73 -75.33
N VAL TA 252 27.04 34.54 -74.86
CA VAL TA 252 27.49 33.46 -75.72
C VAL TA 252 26.55 32.28 -75.53
N ASP TA 253 25.86 31.92 -76.61
CA ASP TA 253 25.00 30.75 -76.64
C ASP TA 253 25.74 29.63 -77.36
N LEU TA 254 25.64 28.42 -76.82
CA LEU TA 254 26.46 27.31 -77.28
C LEU TA 254 25.60 26.09 -77.57
N ARG TA 255 25.53 25.71 -78.85
CA ARG TA 255 24.86 24.48 -79.24
C ARG TA 255 25.74 23.28 -78.95
N VAL TA 256 25.12 22.21 -78.46
CA VAL TA 256 25.82 20.99 -78.08
C VAL TA 256 25.32 19.87 -78.97
N GLN TA 257 26.26 19.10 -79.53
CA GLN TA 257 25.90 17.92 -80.31
C GLN TA 257 25.34 16.81 -79.44
N GLY TA 258 25.70 16.77 -78.16
CA GLY TA 258 25.13 15.79 -77.27
C GLY TA 258 23.73 16.18 -76.81
N TYR TA 259 23.04 15.21 -76.22
CA TYR TA 259 21.70 15.40 -75.70
C TYR TA 259 21.77 15.64 -74.19
N GLY TA 260 21.14 16.71 -73.73
CA GLY TA 260 21.09 17.02 -72.32
C GLY TA 260 20.17 16.11 -71.56
N PRO TA 261 20.25 16.15 -70.23
CA PRO TA 261 19.31 15.37 -69.42
C PRO TA 261 17.90 15.92 -69.46
N ASN TA 262 17.73 17.17 -69.88
CA ASN TA 262 16.42 17.81 -70.04
C ASN TA 262 15.96 17.77 -71.48
N ALA TA 263 16.30 16.70 -72.21
CA ALA TA 263 15.92 16.54 -73.61
C ALA TA 263 14.41 16.34 -73.70
N LYS TA 264 13.72 17.38 -74.15
CA LYS TA 264 12.25 17.39 -74.11
C LYS TA 264 11.64 16.49 -75.18
N SER TA 265 12.20 16.51 -76.39
CA SER TA 265 11.64 15.78 -77.52
C SER TA 265 12.77 15.15 -78.31
N MET TA 266 12.40 14.30 -79.27
CA MET TA 266 13.36 13.59 -80.08
C MET TA 266 13.13 13.87 -81.55
N PRO TA 267 14.18 13.86 -82.37
CA PRO TA 267 13.99 13.97 -83.82
C PRO TA 267 13.32 12.73 -84.40
N THR TA 268 12.61 12.93 -85.50
CA THR TA 268 11.85 11.85 -86.12
C THR TA 268 12.78 10.88 -86.85
N GLU TA 269 12.39 9.60 -86.83
CA GLU TA 269 13.14 8.54 -87.48
C GLU TA 269 12.22 7.74 -88.39
N GLU TA 270 12.80 7.13 -89.41
CA GLU TA 270 12.12 6.16 -90.25
C GLU TA 270 13.15 5.18 -90.79
N GLY TA 271 12.76 4.39 -91.76
CA GLY TA 271 13.69 3.46 -92.37
C GLY TA 271 13.01 2.69 -93.48
N ILE TA 272 13.78 1.75 -94.04
CA ILE TA 272 13.24 0.88 -95.08
C ILE TA 272 12.27 -0.11 -94.44
N PRO TA 273 11.09 -0.33 -95.01
CA PRO TA 273 10.18 -1.37 -94.52
C PRO TA 273 10.78 -2.75 -94.76
N PRO TA 274 10.35 -3.76 -94.00
CA PRO TA 274 10.87 -5.12 -94.22
C PRO TA 274 10.40 -5.70 -95.54
N SER TA 275 11.19 -6.64 -96.03
CA SER TA 275 10.92 -7.23 -97.35
C SER TA 275 9.73 -8.18 -97.31
N ALA TA 276 9.85 -9.26 -96.56
CA ALA TA 276 8.80 -10.27 -96.45
C ALA TA 276 9.02 -11.04 -95.15
N ASN TA 277 8.37 -12.20 -95.05
CA ASN TA 277 8.57 -13.09 -93.92
C ASN TA 277 8.99 -14.47 -94.41
N ASP TA 278 9.94 -15.07 -93.70
CA ASP TA 278 10.35 -16.44 -93.98
C ASP TA 278 9.25 -17.43 -93.66
N LEU TA 279 8.36 -17.08 -92.73
CA LEU TA 279 7.17 -17.89 -92.49
C LEU TA 279 6.29 -17.95 -93.73
N LEU TA 280 6.19 -16.84 -94.47
CA LEU TA 280 5.43 -16.85 -95.72
C LEU TA 280 6.11 -17.73 -96.77
N LEU TA 281 7.45 -17.76 -96.79
CA LEU TA 281 8.16 -18.63 -97.72
C LEU TA 281 7.95 -20.10 -97.37
N HIS TA 282 7.95 -20.42 -96.07
CA HIS TA 282 7.64 -21.77 -95.64
C HIS TA 282 6.21 -22.16 -95.97
N VAL TA 283 5.29 -21.19 -95.90
CA VAL TA 283 3.91 -21.43 -96.32
C VAL TA 283 3.86 -21.71 -97.82
N LEU TA 284 4.59 -20.92 -98.61
CA LEU TA 284 4.61 -21.08 -100.06
C LEU TA 284 5.18 -22.42 -100.47
N GLU TA 285 6.18 -22.91 -99.74
CA GLU TA 285 6.59 -24.30 -99.89
C GLU TA 285 5.49 -25.25 -99.48
N GLY TA 286 4.85 -24.99 -98.34
CA GLY TA 286 3.96 -25.94 -97.71
C GLY TA 286 4.35 -26.30 -96.30
N VAL TA 287 5.45 -25.77 -95.78
CA VAL TA 287 5.81 -26.00 -94.38
C VAL TA 287 4.89 -25.19 -93.49
N PRO TA 288 4.22 -25.81 -92.51
CA PRO TA 288 3.45 -25.03 -91.55
C PRO TA 288 4.36 -24.22 -90.66
N PRO TA 289 3.93 -23.04 -90.22
CA PRO TA 289 4.73 -22.30 -89.25
C PRO TA 289 4.71 -22.99 -87.90
N PRO TA 290 5.79 -22.91 -87.15
CA PRO TA 290 5.80 -23.50 -85.80
C PRO TA 290 4.88 -22.72 -84.86
N GLY TA 291 4.29 -23.44 -83.93
CA GLY TA 291 3.40 -22.84 -82.97
C GLY TA 291 2.03 -22.49 -83.48
N SER TA 292 1.68 -22.93 -84.70
CA SER TA 292 0.39 -22.60 -85.26
C SER TA 292 -0.64 -23.68 -84.93
N ARG TA 293 -1.80 -23.57 -85.54
CA ARG TA 293 -2.85 -24.57 -85.42
C ARG TA 293 -3.59 -24.68 -86.74
N ARG TA 294 -4.17 -25.85 -86.98
CA ARG TA 294 -4.80 -26.12 -88.25
C ARG TA 294 -6.12 -25.37 -88.37
N LEU TA 295 -6.41 -24.90 -89.57
CA LEU TA 295 -7.64 -24.18 -89.88
C LEU TA 295 -8.39 -24.94 -90.96
N VAL TA 296 -9.71 -24.98 -90.85
CA VAL TA 296 -10.53 -25.77 -91.75
C VAL TA 296 -10.92 -24.92 -92.95
N VAL TA 297 -10.56 -25.37 -94.15
CA VAL TA 297 -10.90 -24.70 -95.39
C VAL TA 297 -11.83 -25.62 -96.17
N SER TA 298 -12.96 -25.10 -96.60
CA SER TA 298 -13.94 -25.90 -97.32
C SER TA 298 -14.46 -25.14 -98.53
N GLY TA 299 -14.93 -25.90 -99.52
CA GLY TA 299 -15.52 -25.35 -100.72
C GLY TA 299 -14.57 -25.19 -101.89
N GLY TA 300 -13.27 -25.16 -101.64
CA GLY TA 300 -12.31 -24.94 -102.70
C GLY TA 300 -11.08 -25.80 -102.55
N ASP TA 301 -9.90 -25.20 -102.71
CA ASP TA 301 -8.63 -25.92 -102.53
C ASP TA 301 -7.59 -24.93 -102.01
N ALA TA 302 -7.42 -24.90 -100.69
CA ALA TA 302 -6.43 -24.05 -100.06
C ALA TA 302 -6.13 -24.61 -98.68
N ARG TA 303 -4.98 -24.23 -98.15
CA ARG TA 303 -4.61 -24.57 -96.79
C ARG TA 303 -4.28 -23.29 -96.04
N ALA TA 304 -4.54 -23.29 -94.74
CA ALA TA 304 -4.44 -22.05 -93.97
C ALA TA 304 -3.81 -22.33 -92.61
N TRP TA 305 -3.17 -21.29 -92.09
CA TRP TA 305 -2.50 -21.39 -90.79
C TRP TA 305 -2.58 -20.05 -90.08
N LEU TA 306 -2.42 -20.11 -88.76
CA LEU TA 306 -2.36 -18.91 -87.93
C LEU TA 306 -1.43 -19.19 -86.76
N SER TA 307 -0.35 -18.42 -86.68
CA SER TA 307 0.62 -18.57 -85.61
C SER TA 307 0.87 -17.29 -84.84
N ASN TA 308 0.78 -16.14 -85.50
CA ASN TA 308 1.00 -14.86 -84.83
C ASN TA 308 -0.20 -13.98 -85.04
N GLU TA 309 -1.39 -14.53 -84.74
CA GLU TA 309 -2.74 -14.01 -84.98
C GLU TA 309 -2.89 -13.34 -86.34
N LYS TA 310 -2.31 -13.96 -87.36
CA LYS TA 310 -2.44 -13.54 -88.74
C LYS TA 310 -2.72 -14.76 -89.60
N MET TA 311 -3.43 -14.57 -90.70
CA MET TA 311 -3.76 -15.69 -91.57
C MET TA 311 -2.71 -15.86 -92.64
N TYR TA 312 -2.36 -17.12 -92.91
CA TYR TA 312 -1.41 -17.49 -93.95
C TYR TA 312 -2.06 -18.55 -94.80
N VAL TA 313 -2.28 -18.25 -96.07
CA VAL TA 313 -3.02 -19.13 -96.97
C VAL TA 313 -2.13 -19.54 -98.12
N ARG TA 314 -2.04 -20.84 -98.35
CA ARG TA 314 -1.36 -21.41 -99.50
C ARG TA 314 -2.39 -22.00 -100.44
N THR TA 315 -2.35 -21.57 -101.71
CA THR TA 315 -3.25 -22.08 -102.73
C THR TA 315 -2.62 -21.82 -104.08
N ASN TA 316 -3.43 -21.94 -105.14
CA ASN TA 316 -3.05 -21.52 -106.47
C ASN TA 316 -3.94 -20.42 -107.03
N LEU TA 317 -5.00 -20.05 -106.33
CA LEU TA 317 -5.96 -19.09 -106.84
C LEU TA 317 -5.57 -17.68 -106.42
N THR TA 318 -6.46 -16.72 -106.63
CA THR TA 318 -6.20 -15.32 -106.33
C THR TA 318 -7.35 -14.75 -105.51
N ILE TA 319 -7.03 -14.17 -104.36
CA ILE TA 319 -8.07 -13.65 -103.47
C ILE TA 319 -8.55 -12.31 -103.99
N LEU TA 320 -9.80 -11.98 -103.67
CA LEU TA 320 -10.41 -10.75 -104.14
C LEU TA 320 -10.82 -9.81 -103.02
N SER TA 321 -11.54 -10.31 -102.03
CA SER TA 321 -12.20 -9.40 -101.08
C SER TA 321 -11.27 -8.70 -100.08
N PRO TA 322 -10.54 -9.40 -99.19
CA PRO TA 322 -10.05 -8.68 -97.99
C PRO TA 322 -8.80 -7.83 -98.21
N GLY TA 323 -7.95 -8.16 -99.17
CA GLY TA 323 -6.68 -7.47 -99.32
C GLY TA 323 -5.65 -8.02 -98.37
N TRP TA 324 -4.46 -8.34 -98.88
CA TRP TA 324 -3.45 -8.97 -98.07
C TRP TA 324 -2.22 -8.08 -97.94
N LEU TA 325 -1.53 -8.22 -96.83
CA LEU TA 325 -0.33 -7.43 -96.59
C LEU TA 325 0.83 -7.93 -97.45
N ALA TA 326 0.95 -9.24 -97.64
CA ALA TA 326 2.04 -9.74 -98.45
C ALA TA 326 1.63 -11.00 -99.19
N SER TA 327 2.30 -11.25 -100.31
CA SER TA 327 2.05 -12.45 -101.08
C SER TA 327 3.32 -12.89 -101.78
N MET TA 328 3.38 -14.18 -102.07
CA MET TA 328 4.53 -14.82 -102.68
C MET TA 328 4.09 -15.74 -103.80
N THR TA 329 4.90 -15.79 -104.85
CA THR TA 329 4.62 -16.59 -106.04
C THR TA 329 5.68 -17.66 -106.18
N SER TA 330 5.26 -18.90 -106.37
CA SER TA 330 6.17 -20.01 -106.54
C SER TA 330 6.67 -20.07 -107.99
N ALA TA 331 7.42 -21.13 -108.29
CA ALA TA 331 7.81 -21.39 -109.66
C ALA TA 331 6.65 -21.92 -110.49
N ASP TA 332 5.63 -22.49 -109.85
CA ASP TA 332 4.50 -23.09 -110.53
C ASP TA 332 3.27 -22.19 -110.55
N GLY TA 333 3.41 -20.95 -110.12
CA GLY TA 333 2.28 -20.05 -110.05
C GLY TA 333 1.42 -20.21 -108.83
N THR TA 334 1.76 -21.11 -107.92
CA THR TA 334 1.04 -21.21 -106.67
C THR TA 334 1.37 -20.01 -105.79
N HIS TA 335 0.36 -19.52 -105.08
CA HIS TA 335 0.47 -18.30 -104.31
C HIS TA 335 0.35 -18.57 -102.82
N ALA TA 336 1.04 -17.74 -102.04
CA ALA TA 336 0.92 -17.72 -100.60
C ALA TA 336 0.60 -16.29 -100.17
N TYR TA 337 -0.25 -16.14 -99.17
CA TYR TA 337 -0.72 -14.84 -98.73
C TYR TA 337 -0.61 -14.74 -97.22
N GLU TA 338 -0.04 -13.64 -96.76
CA GLU TA 338 -0.01 -13.29 -95.34
C GLU TA 338 -0.85 -12.05 -95.14
N MET TA 339 -1.82 -12.13 -94.23
CA MET TA 339 -2.82 -11.09 -94.10
C MET TA 339 -3.48 -11.16 -92.73
N GLN TA 340 -4.49 -10.31 -92.55
CA GLN TA 340 -5.36 -10.27 -91.39
C GLN TA 340 -6.36 -11.43 -91.46
N LYS TA 341 -6.88 -11.80 -90.28
CA LYS TA 341 -7.84 -12.89 -90.20
C LYS TA 341 -9.19 -12.50 -90.79
N SER TA 342 -9.96 -13.51 -91.14
CA SER TA 342 -11.27 -13.36 -91.77
C SER TA 342 -12.00 -14.69 -91.68
N PRO TA 343 -13.32 -14.68 -91.50
CA PRO TA 343 -14.07 -15.94 -91.60
C PRO TA 343 -14.34 -16.38 -93.02
N VAL TA 344 -14.24 -15.48 -94.00
CA VAL TA 344 -14.57 -15.81 -95.38
C VAL TA 344 -13.49 -15.26 -96.31
N LEU TA 345 -13.46 -15.82 -97.51
CA LEU TA 345 -12.60 -15.35 -98.58
C LEU TA 345 -13.40 -15.32 -99.87
N LEU TA 346 -12.97 -14.48 -100.80
CA LEU TA 346 -13.53 -14.46 -102.15
C LEU TA 346 -12.41 -14.62 -103.15
N VAL TA 347 -12.59 -15.53 -104.11
CA VAL TA 347 -11.59 -15.81 -105.11
C VAL TA 347 -12.24 -15.86 -106.48
N SER TA 348 -11.40 -15.80 -107.51
CA SER TA 348 -11.81 -16.12 -108.88
C SER TA 348 -11.10 -17.40 -109.28
N TRP TA 349 -11.87 -18.43 -109.61
CA TRP TA 349 -11.27 -19.73 -109.89
C TRP TA 349 -10.87 -19.87 -111.35
N HIS TA 350 -11.85 -19.80 -112.24
CA HIS TA 350 -11.63 -19.93 -113.69
C HIS TA 350 -12.40 -18.85 -114.41
N GLY TA 351 -12.22 -17.61 -113.96
CA GLY TA 351 -13.06 -16.52 -114.42
C GLY TA 351 -14.40 -16.45 -113.74
N LYS TA 352 -14.65 -17.32 -112.77
CA LYS TA 352 -15.91 -17.35 -112.03
C LYS TA 352 -15.61 -17.05 -110.57
N VAL TA 353 -16.42 -16.19 -109.97
CA VAL TA 353 -16.24 -15.77 -108.59
C VAL TA 353 -16.75 -16.86 -107.67
N MET TA 354 -16.10 -17.02 -106.51
CA MET TA 354 -16.50 -18.04 -105.56
C MET TA 354 -16.19 -17.58 -104.14
N GLN TA 355 -17.01 -18.06 -103.21
CA GLN TA 355 -16.86 -17.83 -101.78
C GLN TA 355 -16.15 -19.00 -101.13
N LEU TA 356 -15.46 -18.72 -100.03
CA LEU TA 356 -14.76 -19.73 -99.25
C LEU TA 356 -14.97 -19.45 -97.77
N LYS TA 357 -15.19 -20.49 -96.99
CA LYS TA 357 -15.52 -20.37 -95.57
C LYS TA 357 -14.46 -21.05 -94.73
N VAL TA 358 -13.97 -20.34 -93.70
CA VAL TA 358 -13.04 -20.89 -92.74
C VAL TA 358 -13.57 -20.58 -91.35
N GLU TA 359 -13.80 -21.61 -90.55
CA GLU TA 359 -14.27 -21.46 -89.19
C GLU TA 359 -13.17 -21.86 -88.21
N GLY TA 360 -13.45 -21.69 -86.92
CA GLY TA 360 -12.48 -21.96 -85.89
C GLY TA 360 -11.30 -21.02 -85.91
N LEU TA 361 -11.54 -19.73 -86.05
CA LEU TA 361 -10.47 -18.73 -86.11
C LEU TA 361 -9.80 -18.56 -84.75
N VAL UA 38 7.71 -63.03 -77.46
CA VAL UA 38 7.72 -64.29 -78.20
C VAL UA 38 6.47 -64.50 -79.11
N PRO UA 39 5.23 -64.17 -78.68
CA PRO UA 39 4.15 -64.09 -79.69
C PRO UA 39 4.32 -62.93 -80.64
N LYS UA 40 5.00 -61.86 -80.22
CA LYS UA 40 5.29 -60.75 -81.12
C LYS UA 40 6.43 -61.08 -82.07
N LEU UA 41 7.15 -62.14 -81.83
CA LEU UA 41 8.17 -62.67 -82.73
C LEU UA 41 7.59 -63.81 -83.55
N PRO UA 42 8.10 -64.02 -84.76
CA PRO UA 42 7.66 -65.17 -85.55
C PRO UA 42 8.21 -66.47 -84.98
N CYS UA 43 7.33 -67.46 -84.83
CA CYS UA 43 7.77 -68.79 -84.41
C CYS UA 43 8.56 -69.46 -85.52
N ARG UA 44 8.13 -69.28 -86.76
CA ARG UA 44 8.81 -69.84 -87.92
C ARG UA 44 8.70 -68.84 -89.06
N VAL UA 45 9.58 -69.00 -90.05
CA VAL UA 45 9.53 -68.14 -91.23
C VAL UA 45 8.28 -68.49 -92.03
N ASP UA 46 7.53 -67.45 -92.41
CA ASP UA 46 6.25 -67.65 -93.09
C ASP UA 46 6.45 -68.22 -94.48
N GLY UA 47 5.47 -69.00 -94.92
CA GLY UA 47 5.58 -69.73 -96.17
C GLY UA 47 6.62 -70.83 -96.14
N ALA UA 48 6.68 -71.59 -95.05
CA ALA UA 48 7.70 -72.62 -94.92
C ALA UA 48 7.14 -73.78 -94.10
N CYS UA 49 7.18 -74.98 -94.67
CA CYS UA 49 6.71 -76.19 -94.00
C CYS UA 49 7.45 -77.38 -94.61
N ASP UA 50 8.25 -78.06 -93.77
CA ASP UA 50 9.16 -79.09 -94.26
C ASP UA 50 8.44 -80.29 -94.83
N ALA UA 51 7.24 -80.58 -94.32
CA ALA UA 51 6.41 -81.64 -94.90
C ALA UA 51 6.03 -81.30 -96.33
N THR UA 52 5.65 -80.04 -96.58
CA THR UA 52 5.38 -79.60 -97.93
C THR UA 52 6.65 -79.59 -98.77
N ILE UA 53 7.79 -79.29 -98.16
CA ILE UA 53 9.07 -79.27 -98.87
C ILE UA 53 9.40 -80.65 -99.41
N ILE UA 54 9.36 -81.65 -98.54
CA ILE UA 54 9.66 -83.01 -98.98
C ILE UA 54 8.55 -83.57 -99.84
N LYS UA 55 7.32 -83.05 -99.69
CA LYS UA 55 6.22 -83.48 -100.54
C LYS UA 55 6.44 -83.06 -101.98
N MET UA 56 6.75 -81.77 -102.20
CA MET UA 56 6.99 -81.32 -103.56
C MET UA 56 8.32 -81.84 -104.09
N MET UA 57 9.28 -82.12 -103.21
CA MET UA 57 10.52 -82.77 -103.62
C MET UA 57 10.25 -84.16 -104.16
N THR UA 58 9.41 -84.94 -103.47
CA THR UA 58 9.05 -86.27 -103.92
C THR UA 58 8.21 -86.21 -105.19
N ASP UA 59 7.36 -85.21 -105.31
CA ASP UA 59 6.56 -85.03 -106.53
C ASP UA 59 7.45 -84.73 -107.73
N LEU UA 60 8.46 -83.88 -107.56
CA LEU UA 60 9.39 -83.61 -108.65
C LEU UA 60 10.24 -84.82 -108.99
N ASN UA 61 10.60 -85.62 -107.97
CA ASN UA 61 11.35 -86.84 -108.21
C ASN UA 61 10.54 -87.85 -109.00
N LYS UA 62 9.26 -88.01 -108.66
CA LYS UA 62 8.42 -88.93 -109.42
C LYS UA 62 8.03 -88.34 -110.76
N LYS UA 63 8.13 -87.01 -110.92
CA LYS UA 63 7.92 -86.40 -112.21
C LYS UA 63 9.09 -86.68 -113.15
N GLY UA 64 10.30 -86.61 -112.62
CA GLY UA 64 11.49 -86.90 -113.39
C GLY UA 64 12.52 -85.79 -113.41
N ILE UA 65 12.16 -84.58 -112.95
CA ILE UA 65 13.13 -83.51 -112.85
C ILE UA 65 14.01 -83.77 -111.64
N LYS UA 66 15.32 -83.80 -111.85
CA LYS UA 66 16.22 -84.26 -110.81
C LYS UA 66 16.55 -83.14 -109.84
N VAL UA 67 16.50 -83.47 -108.55
CA VAL UA 67 16.83 -82.53 -107.48
C VAL UA 67 17.99 -83.13 -106.70
N ALA UA 68 19.10 -82.42 -106.66
CA ALA UA 68 20.32 -82.88 -106.00
C ALA UA 68 20.59 -81.99 -104.80
N SER UA 69 20.77 -82.61 -103.63
CA SER UA 69 21.03 -81.91 -102.39
C SER UA 69 22.30 -82.47 -101.78
N VAL UA 70 23.28 -81.61 -101.54
CA VAL UA 70 24.54 -82.02 -100.93
C VAL UA 70 25.10 -80.84 -100.17
N GLY UA 71 25.39 -81.06 -98.88
CA GLY UA 71 25.77 -79.98 -98.01
C GLY UA 71 24.59 -79.04 -97.80
N GLN UA 72 24.67 -77.87 -98.40
CA GLN UA 72 23.53 -76.97 -98.48
C GLN UA 72 23.31 -76.42 -99.88
N ASN UA 73 24.24 -76.62 -100.80
CA ASN UA 73 24.05 -76.19 -102.17
C ASN UA 73 23.22 -77.21 -102.92
N TYR UA 74 22.17 -76.74 -103.58
CA TYR UA 74 21.20 -77.58 -104.22
C TYR UA 74 21.13 -77.26 -105.71
N LEU UA 75 20.93 -78.31 -106.51
CA LEU UA 75 20.89 -78.24 -107.96
C LEU UA 75 19.59 -78.84 -108.47
N ILE UA 76 18.99 -78.18 -109.46
CA ILE UA 76 17.82 -78.72 -110.14
C ILE UA 76 18.18 -78.92 -111.62
N SER UA 77 18.00 -80.14 -112.11
CA SER UA 77 18.27 -80.47 -113.51
C SER UA 77 16.96 -80.82 -114.21
N ILE UA 78 16.70 -80.13 -115.31
CA ILE UA 78 15.44 -80.24 -116.04
C ILE UA 78 15.76 -80.58 -117.49
N PRO UA 79 15.08 -81.55 -118.10
CA PRO UA 79 15.19 -81.72 -119.55
C PRO UA 79 14.50 -80.57 -120.28
N ALA UA 80 15.02 -80.24 -121.46
CA ALA UA 80 14.52 -79.13 -122.24
C ALA UA 80 13.33 -79.49 -123.13
N SER UA 81 13.06 -80.79 -123.32
CA SER UA 81 12.01 -81.22 -124.23
C SER UA 81 10.63 -80.90 -123.68
N ALA UA 82 10.46 -80.96 -122.37
CA ALA UA 82 9.18 -80.60 -121.77
C ALA UA 82 8.99 -79.09 -121.65
N LEU UA 83 10.02 -78.31 -121.95
CA LEU UA 83 9.98 -76.86 -121.82
C LEU UA 83 9.85 -76.12 -123.14
N PHE UA 84 10.59 -76.53 -124.15
CA PHE UA 84 10.60 -75.81 -125.42
C PHE UA 84 10.17 -76.73 -126.54
N ALA UA 85 10.04 -76.15 -127.73
CA ALA UA 85 9.86 -76.91 -128.95
C ALA UA 85 11.22 -77.28 -129.50
N ASP UA 86 11.25 -77.78 -130.74
CA ASP UA 86 12.46 -78.33 -131.34
C ASP UA 86 13.45 -77.22 -131.65
N GLN UA 87 14.53 -77.15 -130.85
CA GLN UA 87 15.66 -76.25 -131.04
C GLN UA 87 15.25 -74.78 -131.10
N SER UA 88 14.24 -74.42 -130.31
CA SER UA 88 13.66 -73.11 -130.42
C SER UA 88 13.68 -72.39 -129.09
N PRO UA 89 13.93 -71.09 -129.08
CA PRO UA 89 13.86 -70.30 -127.85
C PRO UA 89 12.45 -69.76 -127.59
N ARG UA 90 11.45 -70.63 -127.74
CA ARG UA 90 10.07 -70.27 -127.53
C ARG UA 90 9.42 -71.34 -126.66
N LEU UA 91 8.74 -70.92 -125.60
CA LEU UA 91 8.21 -71.84 -124.62
C LEU UA 91 6.95 -72.54 -125.13
N ASN UA 92 6.47 -73.48 -124.32
CA ASN UA 92 5.21 -74.15 -124.55
C ASN UA 92 4.21 -73.68 -123.51
N TRP UA 93 2.92 -73.75 -123.88
CA TRP UA 93 1.89 -73.24 -122.98
C TRP UA 93 1.69 -74.14 -121.77
N ALA UA 94 1.84 -75.46 -121.96
CA ALA UA 94 1.64 -76.40 -120.87
C ALA UA 94 2.76 -76.36 -119.84
N SER UA 95 3.90 -75.80 -120.20
CA SER UA 95 5.05 -75.72 -119.29
C SER UA 95 4.91 -74.62 -118.24
N TYR UA 96 3.87 -73.80 -118.33
CA TYR UA 96 3.73 -72.69 -117.40
C TYR UA 96 3.40 -73.16 -115.99
N SER UA 97 2.59 -74.23 -115.86
CA SER UA 97 2.32 -74.79 -114.54
C SER UA 97 3.58 -75.44 -113.96
N LEU UA 98 4.41 -76.04 -114.82
CA LEU UA 98 5.68 -76.58 -114.39
C LEU UA 98 6.60 -75.48 -113.86
N LEU UA 99 6.66 -74.36 -114.57
CA LEU UA 99 7.42 -73.21 -114.08
C LEU UA 99 6.82 -72.64 -112.80
N ASN UA 100 5.50 -72.70 -112.68
CA ASN UA 100 4.81 -72.20 -111.49
C ASN UA 100 5.18 -73.02 -110.26
N GLU UA 101 5.19 -74.35 -110.39
CA GLU UA 101 5.57 -75.16 -109.23
C GLU UA 101 7.06 -75.13 -108.99
N ILE UA 102 7.86 -74.85 -110.02
CA ILE UA 102 9.28 -74.60 -109.83
C ILE UA 102 9.49 -73.36 -108.98
N ALA UA 103 8.76 -72.29 -109.28
CA ALA UA 103 8.85 -71.07 -108.47
C ALA UA 103 8.27 -71.27 -107.08
N ALA UA 104 7.28 -72.15 -106.95
CA ALA UA 104 6.74 -72.50 -105.63
C ALA UA 104 7.80 -73.19 -104.79
N PHE UA 105 8.59 -74.07 -105.42
CA PHE UA 105 9.73 -74.66 -104.73
C PHE UA 105 10.78 -73.60 -104.41
N LEU UA 106 10.96 -72.63 -105.30
CA LEU UA 106 12.07 -71.70 -105.17
C LEU UA 106 11.82 -70.67 -104.08
N LYS UA 107 10.59 -70.16 -103.97
CA LYS UA 107 10.26 -69.19 -102.94
C LYS UA 107 10.28 -69.78 -101.54
N GLN UA 108 10.30 -71.11 -101.43
CA GLN UA 108 10.32 -71.77 -100.13
C GLN UA 108 11.60 -71.46 -99.37
N PHE UA 109 12.74 -71.47 -100.03
CA PHE UA 109 14.01 -71.36 -99.35
C PHE UA 109 14.49 -69.91 -99.29
N ARG UA 110 15.64 -69.71 -98.67
CA ARG UA 110 16.34 -68.44 -98.62
C ARG UA 110 17.66 -68.55 -99.36
N LYS UA 111 18.08 -67.45 -99.96
CA LYS UA 111 19.18 -67.46 -100.91
C LYS UA 111 19.84 -66.09 -100.90
N ILE UA 112 20.89 -65.94 -101.70
CA ILE UA 112 21.38 -64.63 -102.12
C ILE UA 112 21.46 -64.54 -103.64
N ALA UA 113 21.98 -65.56 -104.29
CA ALA UA 113 22.16 -65.57 -105.74
C ALA UA 113 21.72 -66.92 -106.30
N ILE UA 114 21.05 -66.87 -107.45
CA ILE UA 114 20.63 -68.06 -108.17
C ILE UA 114 21.32 -68.05 -109.53
N THR UA 115 21.93 -69.17 -109.90
CA THR UA 115 22.60 -69.28 -111.18
C THR UA 115 21.88 -70.29 -112.06
N VAL UA 116 21.52 -69.89 -113.27
CA VAL UA 116 20.88 -70.80 -114.21
C VAL UA 116 21.75 -70.90 -115.46
N THR UA 117 21.93 -72.14 -115.92
CA THR UA 117 22.73 -72.41 -117.10
C THR UA 117 21.97 -73.37 -117.99
N SER UA 118 22.20 -73.22 -119.29
CA SER UA 118 21.51 -74.03 -120.28
C SER UA 118 22.51 -74.85 -121.07
N TYR UA 119 22.06 -76.01 -121.56
CA TYR UA 119 22.89 -76.95 -122.29
C TYR UA 119 22.10 -77.53 -123.44
N SER UA 120 22.77 -77.75 -124.57
CA SER UA 120 22.12 -78.25 -125.76
C SER UA 120 22.99 -79.35 -126.37
N SER UA 121 22.64 -79.74 -127.59
CA SER UA 121 23.39 -80.69 -128.39
C SER UA 121 24.00 -79.98 -129.59
N LYS UA 122 24.99 -80.63 -130.18
CA LYS UA 122 25.62 -80.10 -131.38
C LYS UA 122 24.67 -80.26 -132.55
N TYR UA 123 24.26 -79.16 -133.17
CA TYR UA 123 23.31 -79.19 -134.26
C TYR UA 123 23.89 -78.66 -135.56
N VAL UA 124 24.34 -77.41 -135.61
CA VAL UA 124 24.85 -76.85 -136.85
C VAL UA 124 26.23 -76.26 -136.62
N SER UA 125 26.37 -75.51 -135.54
CA SER UA 125 27.55 -74.68 -135.33
C SER UA 125 27.85 -74.64 -133.84
N VAL UA 126 28.59 -73.65 -133.41
CA VAL UA 126 28.72 -73.33 -132.00
C VAL UA 126 27.91 -72.09 -131.63
N LYS UA 127 27.89 -71.11 -132.53
CA LYS UA 127 27.32 -69.79 -132.22
C LYS UA 127 25.80 -69.85 -132.11
N ARG UA 128 25.15 -70.58 -133.04
CA ARG UA 128 23.70 -70.70 -133.02
C ARG UA 128 23.22 -71.40 -131.76
N GLU UA 129 23.95 -72.44 -131.34
CA GLU UA 129 23.56 -73.21 -130.17
C GLU UA 129 23.82 -72.42 -128.90
N ARG UA 130 24.93 -71.68 -128.85
CA ARG UA 130 25.20 -70.82 -127.71
C ARG UA 130 24.16 -69.71 -127.59
N ALA UA 131 23.74 -69.14 -128.72
CA ALA UA 131 22.71 -68.12 -128.71
C ALA UA 131 21.36 -68.70 -128.27
N LEU UA 132 21.07 -69.94 -128.69
CA LEU UA 132 19.83 -70.60 -128.28
C LEU UA 132 19.79 -70.83 -126.79
N THR UA 133 20.89 -71.34 -126.23
CA THR UA 133 20.97 -71.56 -124.78
C THR UA 133 20.92 -70.24 -124.02
N LEU UA 134 21.55 -69.20 -124.57
CA LEU UA 134 21.52 -67.88 -123.94
C LEU UA 134 20.12 -67.31 -123.91
N ALA UA 135 19.38 -67.47 -125.00
CA ALA UA 135 18.01 -66.97 -125.06
C ALA UA 135 17.10 -67.74 -124.11
N ARG UA 136 17.27 -69.06 -124.02
CA ARG UA 136 16.46 -69.86 -123.11
C ARG UA 136 16.74 -69.49 -121.66
N SER UA 137 18.01 -69.28 -121.32
CA SER UA 137 18.38 -68.85 -119.98
C SER UA 137 17.84 -67.47 -119.65
N ARG UA 138 17.87 -66.56 -120.64
CA ARG UA 138 17.32 -65.22 -120.44
C ARG UA 138 15.82 -65.26 -120.19
N VAL UA 139 15.10 -66.09 -120.96
CA VAL UA 139 13.65 -66.18 -120.82
C VAL UA 139 13.27 -66.76 -119.46
N VAL UA 140 13.95 -67.84 -119.06
CA VAL UA 140 13.58 -68.46 -117.78
C VAL UA 140 13.97 -67.57 -116.60
N SER UA 141 15.07 -66.82 -116.72
CA SER UA 141 15.45 -65.91 -115.66
C SER UA 141 14.48 -64.73 -115.56
N GLU UA 142 14.02 -64.23 -116.71
CA GLU UA 142 13.06 -63.13 -116.70
C GLU UA 142 11.73 -63.55 -116.11
N TYR UA 143 11.23 -64.73 -116.48
CA TYR UA 143 9.98 -65.19 -115.90
C TYR UA 143 10.13 -65.51 -114.42
N LEU UA 144 11.30 -65.98 -114.00
CA LEU UA 144 11.50 -66.26 -112.58
C LEU UA 144 11.57 -64.97 -111.77
N TRP UA 145 12.19 -63.93 -112.32
CA TRP UA 145 12.17 -62.63 -111.66
C TRP UA 145 10.77 -62.04 -111.64
N SER UA 146 9.97 -62.31 -112.68
CA SER UA 146 8.58 -61.90 -112.67
C SER UA 146 7.82 -62.60 -111.54
N GLN UA 147 8.14 -63.87 -111.31
CA GLN UA 147 7.64 -64.54 -110.14
C GLN UA 147 8.30 -63.98 -108.88
N GLY UA 148 7.68 -64.23 -107.74
CA GLY UA 148 8.07 -63.55 -106.53
C GLY UA 148 9.18 -64.18 -105.72
N VAL UA 149 10.26 -64.62 -106.37
CA VAL UA 149 11.38 -65.15 -105.63
C VAL UA 149 12.16 -64.01 -104.98
N ASP UA 150 12.56 -64.22 -103.74
CA ASP UA 150 13.32 -63.19 -103.02
C ASP UA 150 14.82 -63.42 -103.15
N SER UA 151 15.28 -63.58 -104.38
CA SER UA 151 16.71 -63.58 -104.60
C SER UA 151 17.21 -62.15 -104.73
N ARG UA 152 18.50 -61.97 -104.46
CA ARG UA 152 19.12 -60.68 -104.69
C ARG UA 152 19.83 -60.64 -106.03
N ILE UA 153 20.47 -61.73 -106.43
CA ILE UA 153 21.19 -61.79 -107.70
C ILE UA 153 20.67 -62.96 -108.51
N ILE UA 154 20.45 -62.72 -109.80
CA ILE UA 154 20.15 -63.78 -110.76
C ILE UA 154 21.20 -63.73 -111.85
N PHE UA 155 21.92 -64.83 -112.02
CA PHE UA 155 22.86 -65.01 -113.12
C PHE UA 155 22.27 -65.98 -114.13
N THR UA 156 22.34 -65.62 -115.40
CA THR UA 156 21.80 -66.45 -116.48
C THR UA 156 22.83 -66.62 -117.57
N GLN UA 157 23.09 -67.87 -117.95
CA GLN UA 157 23.94 -68.16 -119.11
C GLN UA 157 23.68 -69.57 -119.63
N GLY UA 158 24.17 -69.80 -120.84
CA GLY UA 158 24.13 -71.12 -121.43
C GLY UA 158 25.46 -71.43 -122.11
N LEU UA 159 25.66 -72.71 -122.39
CA LEU UA 159 26.89 -73.16 -123.00
C LEU UA 159 26.67 -73.87 -124.33
N GLY UA 160 25.58 -74.58 -124.50
CA GLY UA 160 25.35 -75.36 -125.72
C GLY UA 160 25.73 -76.81 -125.51
N SER UA 161 26.67 -77.30 -126.30
CA SER UA 161 27.10 -78.69 -126.20
C SER UA 161 28.58 -78.77 -125.83
N ASP UA 162 28.98 -77.98 -124.85
CA ASP UA 162 30.38 -77.92 -124.45
C ASP UA 162 30.74 -78.97 -123.42
N LYS UA 163 29.88 -79.20 -122.43
CA LYS UA 163 30.15 -80.14 -121.34
C LYS UA 163 29.01 -81.15 -121.28
N PRO UA 164 29.02 -82.15 -122.15
CA PRO UA 164 27.95 -83.16 -122.11
C PRO UA 164 28.09 -84.06 -120.89
N ILE UA 165 26.94 -84.48 -120.38
CA ILE UA 165 26.92 -85.38 -119.23
C ILE UA 165 27.02 -86.83 -119.64
N THR UA 166 27.11 -87.12 -120.94
CA THR UA 166 27.24 -88.48 -121.45
C THR UA 166 27.87 -88.42 -122.83
N SER UA 167 28.36 -89.57 -123.28
CA SER UA 167 28.81 -89.74 -124.64
C SER UA 167 27.71 -90.29 -125.55
N TYR UA 168 26.49 -90.41 -125.03
CA TYR UA 168 25.35 -90.92 -125.78
C TYR UA 168 24.80 -89.82 -126.65
N THR UA 169 25.42 -89.61 -127.81
CA THR UA 169 25.09 -88.51 -128.70
C THR UA 169 24.04 -88.90 -129.74
N LEU UA 170 23.17 -89.85 -129.41
CA LEU UA 170 22.20 -90.33 -130.39
C LEU UA 170 21.09 -89.32 -130.62
N GLY UA 171 20.57 -88.73 -129.56
CA GLY UA 171 19.49 -87.78 -129.69
C GLY UA 171 19.97 -86.34 -129.81
N GLY UA 172 19.07 -85.50 -130.27
CA GLY UA 172 19.29 -84.06 -130.31
C GLY UA 172 18.56 -83.41 -129.16
N ASP UA 173 17.36 -82.90 -129.44
CA ASP UA 173 16.48 -82.45 -128.37
C ASP UA 173 15.83 -83.59 -127.61
N ARG UA 174 15.95 -84.82 -128.10
CA ARG UA 174 15.50 -85.99 -127.36
C ARG UA 174 16.56 -86.54 -126.42
N SER UA 175 17.80 -86.07 -126.54
CA SER UA 175 18.88 -86.55 -125.68
C SER UA 175 18.74 -85.96 -124.28
N PRO UA 176 19.07 -86.72 -123.23
CA PRO UA 176 18.98 -86.17 -121.88
C PRO UA 176 20.03 -85.12 -121.56
N ASN UA 177 21.11 -85.01 -122.35
CA ASN UA 177 22.11 -84.00 -122.08
C ASN UA 177 21.66 -82.60 -122.46
N ALA UA 178 20.66 -82.48 -123.33
CA ALA UA 178 20.06 -81.17 -123.62
C ALA UA 178 19.13 -80.82 -122.47
N ARG UA 179 19.50 -79.79 -121.71
CA ARG UA 179 18.97 -79.65 -120.36
C ARG UA 179 19.13 -78.21 -119.89
N VAL UA 180 18.60 -77.93 -118.72
CA VAL UA 180 18.81 -76.67 -118.01
C VAL UA 180 19.03 -76.99 -116.54
N GLU UA 181 20.06 -76.40 -115.95
CA GLU UA 181 20.40 -76.66 -114.56
C GLU UA 181 20.43 -75.34 -113.79
N ILE UA 182 19.76 -75.34 -112.65
CA ILE UA 182 19.79 -74.21 -111.73
C ILE UA 182 20.58 -74.66 -110.50
N THR UA 183 21.26 -73.69 -109.89
CA THR UA 183 22.17 -73.93 -108.78
C THR UA 183 22.03 -72.80 -107.78
N PHE UA 184 21.99 -73.17 -106.50
CA PHE UA 184 21.99 -72.17 -105.43
C PHE UA 184 22.45 -72.83 -104.14
N ARG UA 185 22.48 -72.03 -103.07
CA ARG UA 185 22.85 -72.49 -101.74
C ARG UA 185 21.87 -71.94 -100.73
N ARG UA 186 21.36 -72.81 -99.86
CA ARG UA 186 20.54 -72.37 -98.75
C ARG UA 186 21.40 -71.63 -97.74
N ALA UA 187 20.98 -70.43 -97.34
CA ALA UA 187 21.77 -69.57 -96.47
C ALA UA 187 21.20 -69.58 -95.06
N VAL UA 188 22.10 -69.57 -94.09
CA VAL UA 188 21.80 -69.51 -92.65
C VAL UA 188 20.89 -70.64 -92.18
N CYS VA 42 -7.05 -78.68 -131.78
CA CYS VA 42 -7.50 -77.96 -130.59
C CYS VA 42 -7.28 -76.47 -130.75
N PHE VA 43 -6.91 -75.81 -129.65
CA PHE VA 43 -6.63 -74.38 -129.66
C PHE VA 43 -5.36 -74.11 -128.88
N HIS VA 44 -4.68 -73.03 -129.25
CA HIS VA 44 -3.46 -72.60 -128.57
C HIS VA 44 -3.62 -71.18 -128.08
N PRO VA 45 -3.48 -70.93 -126.78
CA PRO VA 45 -3.56 -69.56 -126.24
C PRO VA 45 -2.49 -68.63 -126.80
N PRO VA 46 -1.29 -69.11 -127.23
CA PRO VA 46 -0.50 -68.25 -128.13
C PRO VA 46 -1.10 -68.10 -129.51
N TYR VA 47 -2.20 -67.35 -129.61
CA TYR VA 47 -2.81 -66.84 -130.85
C TYR VA 47 -3.22 -67.94 -131.83
N ASN VA 48 -3.32 -69.19 -131.35
CA ASN VA 48 -3.49 -70.40 -132.16
C ASN VA 48 -2.46 -70.50 -133.28
N ASN VA 49 -1.23 -70.05 -132.98
CA ASN VA 49 -0.09 -70.04 -133.89
C ASN VA 49 -0.38 -69.29 -135.19
N PHE VA 50 -1.11 -68.17 -135.06
CA PHE VA 50 -1.46 -67.28 -136.17
C PHE VA 50 -2.22 -68.00 -137.28
N GLN VA 51 -3.07 -68.94 -136.89
CA GLN VA 51 -3.83 -69.70 -137.85
C GLN VA 51 -5.29 -69.26 -137.85
N PRO VA 52 -5.94 -69.27 -139.02
CA PRO VA 52 -7.34 -68.83 -139.08
C PRO VA 52 -8.28 -69.81 -138.37
N ASP VA 53 -8.86 -69.34 -137.27
CA ASP VA 53 -9.65 -70.20 -136.40
C ASP VA 53 -10.98 -70.56 -137.05
N ARG VA 54 -11.32 -71.85 -137.01
CA ARG VA 54 -12.61 -72.33 -137.48
C ARG VA 54 -13.51 -72.48 -136.26
N ARG VA 55 -14.17 -71.38 -135.90
CA ARG VA 55 -14.98 -71.36 -134.70
C ARG VA 55 -16.28 -72.13 -134.87
N ALA VA 56 -16.76 -72.22 -136.11
CA ALA VA 56 -18.10 -72.76 -136.35
C ALA VA 56 -18.16 -74.27 -136.21
N VAL VA 57 -17.10 -74.99 -136.61
CA VAL VA 57 -17.16 -76.44 -136.72
C VAL VA 57 -17.25 -77.09 -135.34
N LYS VA 58 -16.50 -76.56 -134.37
CA LYS VA 58 -16.53 -77.11 -133.02
C LYS VA 58 -17.88 -76.85 -132.36
N ARG VA 59 -18.45 -75.67 -132.59
CA ARG VA 59 -19.76 -75.33 -132.04
C ARG VA 59 -20.85 -76.19 -132.64
N VAL VA 60 -20.82 -76.42 -133.97
CA VAL VA 60 -21.88 -77.24 -134.55
C VAL VA 60 -21.68 -78.71 -134.19
N GLY VA 61 -20.44 -79.14 -133.95
CA GLY VA 61 -20.22 -80.50 -133.47
C GLY VA 61 -20.77 -80.72 -132.07
N VAL VA 62 -20.48 -79.79 -131.15
CA VAL VA 62 -20.96 -79.95 -129.78
C VAL VA 62 -22.45 -79.66 -129.67
N ASP VA 63 -23.04 -78.97 -130.65
CA ASP VA 63 -24.47 -78.78 -130.65
C ASP VA 63 -25.23 -79.94 -131.31
N THR VA 64 -24.61 -80.60 -132.29
CA THR VA 64 -25.20 -81.79 -132.89
C THR VA 64 -24.95 -83.05 -132.07
N GLY VA 65 -24.03 -83.01 -131.12
CA GLY VA 65 -23.81 -84.15 -130.25
C GLY VA 65 -24.95 -84.48 -129.29
N GLY VA 88 -28.37 -79.21 -131.89
CA GLY VA 88 -28.92 -79.32 -133.24
C GLY VA 88 -28.14 -78.53 -134.26
N GLY VA 89 -28.27 -78.92 -135.52
CA GLY VA 89 -27.56 -78.24 -136.59
C GLY VA 89 -28.03 -76.81 -136.81
N THR VA 90 -29.36 -76.59 -136.76
CA THR VA 90 -29.91 -75.26 -136.98
C THR VA 90 -29.57 -74.32 -135.84
N VAL VA 91 -29.67 -74.80 -134.59
CA VAL VA 91 -29.32 -73.95 -133.47
C VAL VA 91 -27.81 -73.72 -133.42
N GLY VA 92 -27.02 -74.69 -133.88
CA GLY VA 92 -25.59 -74.47 -134.02
C GLY VA 92 -25.26 -73.43 -135.07
N LEU VA 93 -26.00 -73.43 -136.18
CA LEU VA 93 -25.78 -72.44 -137.23
C LEU VA 93 -26.17 -71.04 -136.77
N VAL VA 94 -27.29 -70.91 -136.06
CA VAL VA 94 -27.68 -69.58 -135.61
C VAL VA 94 -26.79 -69.11 -134.47
N ALA VA 95 -26.23 -70.04 -133.68
CA ALA VA 95 -25.25 -69.66 -132.67
C ALA VA 95 -23.94 -69.21 -133.31
N SER VA 96 -23.55 -69.86 -134.41
CA SER VA 96 -22.34 -69.46 -135.12
C SER VA 96 -22.50 -68.09 -135.77
N ILE VA 97 -23.66 -67.82 -136.38
CA ILE VA 97 -23.85 -66.50 -136.96
C ILE VA 97 -24.06 -65.45 -135.88
N TYR VA 98 -24.54 -65.85 -134.70
CA TYR VA 98 -24.60 -64.92 -133.58
C TYR VA 98 -23.21 -64.60 -133.05
N ARG VA 99 -22.31 -65.59 -133.06
CA ARG VA 99 -20.95 -65.37 -132.59
C ARG VA 99 -20.17 -64.50 -133.57
N ASP VA 100 -20.26 -64.80 -134.86
CA ASP VA 100 -19.51 -64.01 -135.83
C ASP VA 100 -20.23 -62.73 -136.22
N SER VA 101 -21.46 -62.54 -135.74
CA SER VA 101 -22.19 -61.29 -135.96
C SER VA 101 -21.45 -60.12 -135.32
N LYS VA 102 -21.38 -59.02 -136.07
CA LYS VA 102 -20.49 -57.92 -135.72
C LYS VA 102 -20.93 -57.21 -134.45
N ARG VA 103 -22.24 -57.14 -134.21
CA ARG VA 103 -22.74 -56.44 -133.03
C ARG VA 103 -22.41 -57.19 -131.75
N LYS VA 104 -22.41 -58.52 -131.79
CA LYS VA 104 -21.98 -59.29 -130.63
C LYS VA 104 -20.48 -59.13 -130.38
N ILE VA 105 -19.69 -58.99 -131.45
CA ILE VA 105 -18.27 -58.71 -131.31
C ILE VA 105 -18.05 -57.35 -130.68
N ILE VA 106 -18.84 -56.36 -131.09
CA ILE VA 106 -18.74 -55.02 -130.52
C ILE VA 106 -19.15 -55.03 -129.06
N ARG VA 107 -20.18 -55.79 -128.71
CA ARG VA 107 -20.58 -55.91 -127.31
C ARG VA 107 -19.55 -56.67 -126.49
N ASP VA 108 -18.86 -57.65 -127.09
CA ASP VA 108 -17.75 -58.30 -126.41
C ASP VA 108 -16.60 -57.33 -126.17
N LEU VA 109 -16.30 -56.48 -127.15
CA LEU VA 109 -15.28 -55.46 -126.96
C LEU VA 109 -15.70 -54.39 -125.98
N GLN VA 110 -17.01 -54.20 -125.79
CA GLN VA 110 -17.50 -53.31 -124.74
C GLN VA 110 -17.41 -53.97 -123.37
N LYS VA 111 -17.61 -55.29 -123.32
CA LYS VA 111 -17.36 -56.05 -122.09
C LYS VA 111 -15.89 -55.96 -121.71
N GLN VA 112 -15.03 -56.05 -122.71
CA GLN VA 112 -13.62 -55.76 -122.51
C GLN VA 112 -13.41 -54.24 -122.45
N ASP VA 113 -12.19 -53.85 -122.12
CA ASP VA 113 -11.87 -52.44 -121.93
C ASP VA 113 -11.28 -51.80 -123.17
N ILE VA 114 -11.93 -51.94 -124.32
CA ILE VA 114 -11.42 -51.41 -125.58
C ILE VA 114 -12.55 -50.67 -126.28
N GLN VA 115 -12.29 -49.44 -126.73
CA GLN VA 115 -13.35 -48.56 -127.20
C GLN VA 115 -13.36 -48.50 -128.73
N TYR VA 116 -14.51 -48.81 -129.33
CA TYR VA 116 -14.68 -48.74 -130.77
C TYR VA 116 -15.71 -47.68 -131.12
N VAL VA 117 -15.35 -46.79 -132.05
CA VAL VA 117 -16.20 -45.69 -132.47
C VAL VA 117 -16.34 -45.75 -133.99
N GLU VA 118 -17.57 -45.62 -134.48
CA GLU VA 118 -17.82 -45.42 -135.90
C GLU VA 118 -18.64 -44.17 -136.10
N TYR VA 119 -18.12 -43.24 -136.90
CA TYR VA 119 -18.82 -41.99 -137.21
C TYR VA 119 -18.23 -41.44 -138.50
N GLY VA 120 -19.09 -41.14 -139.47
CA GLY VA 120 -18.60 -40.66 -140.75
C GLY VA 120 -17.95 -41.80 -141.53
N ASP VA 121 -16.95 -41.43 -142.33
CA ASP VA 121 -16.21 -42.40 -143.11
C ASP VA 121 -15.06 -43.03 -142.35
N THR VA 122 -14.84 -42.63 -141.11
CA THR VA 122 -13.71 -43.09 -140.33
C THR VA 122 -14.19 -43.96 -139.17
N ARG VA 123 -13.41 -45.00 -138.87
CA ARG VA 123 -13.68 -45.87 -137.73
C ARG VA 123 -12.42 -46.01 -136.90
N THR VA 124 -12.57 -45.90 -135.58
CA THR VA 124 -11.46 -45.74 -134.66
C THR VA 124 -11.56 -46.73 -133.50
N LEU VA 125 -10.39 -47.09 -132.99
CA LEU VA 125 -10.24 -48.01 -131.87
C LEU VA 125 -9.27 -47.41 -130.86
N ILE VA 126 -9.62 -47.54 -129.58
CA ILE VA 126 -8.81 -47.02 -128.48
C ILE VA 126 -8.47 -48.18 -127.56
N ILE VA 127 -7.18 -48.39 -127.33
CA ILE VA 127 -6.65 -49.55 -126.63
C ILE VA 127 -5.85 -49.06 -125.43
N PRO VA 128 -6.07 -49.60 -124.23
CA PRO VA 128 -5.32 -49.16 -123.05
C PRO VA 128 -3.96 -49.84 -122.93
N THR VA 129 -2.92 -49.02 -122.89
CA THR VA 129 -1.55 -49.53 -122.84
C THR VA 129 -1.26 -50.26 -121.54
N ASP VA 130 -1.87 -49.80 -120.45
CA ASP VA 130 -1.62 -50.42 -119.15
C ASP VA 130 -2.21 -51.83 -119.07
N LYS VA 131 -3.44 -51.99 -119.55
CA LYS VA 131 -4.05 -53.31 -119.52
C LYS VA 131 -3.65 -54.17 -120.70
N TYR VA 132 -2.90 -53.65 -121.66
CA TYR VA 132 -2.49 -54.46 -122.79
C TYR VA 132 -0.99 -54.65 -122.91
N PHE VA 133 -0.18 -54.07 -122.02
CA PHE VA 133 1.25 -54.24 -122.10
C PHE VA 133 1.82 -54.40 -120.70
N MET VA 134 3.04 -54.93 -120.64
CA MET VA 134 3.82 -54.78 -119.43
C MET VA 134 4.36 -53.35 -119.35
N PHE VA 135 4.65 -52.93 -118.12
CA PHE VA 135 5.01 -51.54 -117.88
C PHE VA 135 6.40 -51.22 -118.43
N SER VA 136 6.51 -50.06 -119.08
CA SER VA 136 7.76 -49.48 -119.55
C SER VA 136 8.48 -50.40 -120.53
N SER VA 137 7.71 -51.08 -121.36
CA SER VA 137 8.28 -52.06 -122.24
C SER VA 137 7.43 -52.15 -123.50
N PRO VA 138 8.04 -52.37 -124.66
CA PRO VA 138 7.26 -52.67 -125.86
C PRO VA 138 6.72 -54.09 -125.91
N ARG VA 139 7.05 -54.92 -124.93
CA ARG VA 139 6.48 -56.26 -124.86
C ARG VA 139 5.00 -56.18 -124.50
N LEU VA 140 4.28 -57.24 -124.84
CA LEU VA 140 2.83 -57.25 -124.78
C LEU VA 140 2.34 -58.14 -123.66
N ASN VA 141 1.24 -57.74 -123.04
CA ASN VA 141 0.56 -58.59 -122.08
C ASN VA 141 0.01 -59.83 -122.77
N GLU VA 142 0.17 -60.98 -122.13
CA GLU VA 142 -0.23 -62.26 -122.72
C GLU VA 142 -1.56 -62.77 -122.19
N ILE VA 143 -2.41 -61.89 -121.68
CA ILE VA 143 -3.67 -62.28 -121.08
C ILE VA 143 -4.86 -61.86 -121.93
N CYS VA 144 -4.80 -60.67 -122.53
CA CYS VA 144 -5.91 -60.12 -123.29
C CYS VA 144 -5.91 -60.57 -124.75
N TYR VA 145 -5.25 -61.69 -125.04
CA TYR VA 145 -5.29 -62.32 -126.35
C TYR VA 145 -6.69 -62.73 -126.84
N PRO VA 146 -7.73 -63.00 -126.01
CA PRO VA 146 -9.08 -63.02 -126.60
C PRO VA 146 -9.48 -61.68 -127.20
N GLY VA 147 -9.07 -60.59 -126.55
CA GLY VA 147 -9.27 -59.27 -127.14
C GLY VA 147 -8.51 -59.10 -128.43
N LEU VA 148 -7.29 -59.62 -128.50
CA LEU VA 148 -6.52 -59.55 -129.74
C LEU VA 148 -7.16 -60.36 -130.86
N ASN VA 149 -7.66 -61.56 -130.54
CA ASN VA 149 -8.32 -62.40 -131.54
C ASN VA 149 -9.60 -61.74 -132.04
N ASN VA 150 -10.36 -61.11 -131.15
CA ASN VA 150 -11.55 -60.39 -131.58
C ASN VA 150 -11.18 -59.14 -132.38
N VAL VA 151 -10.04 -58.52 -132.08
CA VAL VA 151 -9.57 -57.36 -132.85
C VAL VA 151 -9.29 -57.77 -134.30
N ILE VA 152 -8.59 -58.88 -134.48
CA ILE VA 152 -8.26 -59.31 -135.83
C ILE VA 152 -9.49 -59.86 -136.53
N ARG VA 153 -10.41 -60.47 -135.77
CA ARG VA 153 -11.67 -60.96 -136.32
C ARG VA 153 -12.52 -59.81 -136.84
N LEU VA 154 -12.57 -58.70 -136.11
CA LEU VA 154 -13.33 -57.54 -136.56
C LEU VA 154 -12.63 -56.85 -137.73
N LEU VA 155 -11.30 -56.75 -137.67
CA LEU VA 155 -10.58 -56.05 -138.72
C LEU VA 155 -10.48 -56.87 -140.00
N ASN VA 156 -10.82 -58.16 -139.97
CA ASN VA 156 -10.89 -58.94 -141.19
C ASN VA 156 -12.05 -58.53 -142.10
N PHE VA 157 -13.02 -57.78 -141.59
CA PHE VA 157 -14.18 -57.41 -142.38
C PHE VA 157 -13.90 -56.33 -143.42
N TYR VA 158 -12.81 -55.58 -143.28
CA TYR VA 158 -12.56 -54.40 -144.10
C TYR VA 158 -11.18 -54.49 -144.73
N PRO VA 159 -11.05 -55.24 -145.83
CA PRO VA 159 -9.72 -55.53 -146.37
C PRO VA 159 -9.19 -54.51 -147.36
N GLN VA 160 -9.77 -53.31 -147.42
CA GLN VA 160 -9.28 -52.30 -148.35
C GLN VA 160 -8.96 -50.96 -147.73
N SER VA 161 -9.35 -50.71 -146.48
CA SER VA 161 -9.07 -49.43 -145.87
C SER VA 161 -7.60 -49.31 -145.51
N THR VA 162 -7.06 -48.10 -145.66
CA THR VA 162 -5.73 -47.80 -145.14
C THR VA 162 -5.80 -47.65 -143.63
N ILE VA 163 -4.75 -48.11 -142.95
CA ILE VA 163 -4.75 -48.22 -141.50
C ILE VA 163 -3.70 -47.27 -140.94
N TYR VA 164 -4.09 -46.51 -139.91
CA TYR VA 164 -3.17 -45.70 -139.14
C TYR VA 164 -3.21 -46.17 -137.69
N VAL VA 165 -2.04 -46.27 -137.07
CA VAL VA 165 -1.93 -46.58 -135.65
C VAL VA 165 -1.02 -45.56 -135.00
N ALA VA 166 -1.38 -45.14 -133.79
CA ALA VA 166 -0.64 -44.14 -133.06
C ALA VA 166 -0.59 -44.50 -131.59
N GLY VA 167 0.48 -44.07 -130.94
CA GLY VA 167 0.64 -44.25 -129.51
C GLY VA 167 0.66 -42.90 -128.81
N PHE VA 168 0.19 -42.89 -127.57
CA PHE VA 168 0.19 -41.67 -126.76
C PHE VA 168 0.53 -42.00 -125.32
N THR VA 169 1.25 -41.10 -124.68
CA THR VA 169 1.65 -41.23 -123.30
C THR VA 169 1.41 -39.92 -122.56
N ASP VA 170 1.65 -39.94 -121.25
CA ASP VA 170 1.34 -38.82 -120.38
C ASP VA 170 2.45 -37.77 -120.42
N ASN VA 171 2.41 -36.84 -119.48
CA ASN VA 171 3.21 -35.64 -119.53
C ASN VA 171 4.54 -35.76 -118.82
N VAL VA 172 4.82 -36.86 -118.13
CA VAL VA 172 5.92 -36.93 -117.19
C VAL VA 172 7.02 -37.82 -117.75
N GLY VA 173 8.24 -37.29 -117.79
CA GLY VA 173 9.41 -38.00 -118.27
C GLY VA 173 10.22 -37.15 -119.21
N SER VA 174 11.28 -37.75 -119.74
CA SER VA 174 12.03 -37.12 -120.82
C SER VA 174 11.19 -37.10 -122.09
N ARG VA 175 11.27 -35.98 -122.81
CA ARG VA 175 10.50 -35.81 -124.04
C ARG VA 175 10.91 -36.83 -125.09
N SER VA 176 12.21 -37.05 -125.25
CA SER VA 176 12.71 -38.06 -126.16
C SER VA 176 12.29 -39.45 -125.73
N HIS VA 177 12.27 -39.70 -124.40
CA HIS VA 177 11.81 -40.98 -123.88
C HIS VA 177 10.35 -41.23 -124.20
N LYS VA 178 9.52 -40.20 -124.05
CA LYS VA 178 8.09 -40.32 -124.36
C LYS VA 178 7.89 -40.62 -125.85
N ARG VA 179 8.61 -39.89 -126.69
CA ARG VA 179 8.48 -40.07 -128.14
C ARG VA 179 8.95 -41.45 -128.56
N LYS VA 180 10.08 -41.92 -128.02
CA LYS VA 180 10.59 -43.23 -128.37
C LYS VA 180 9.69 -44.35 -127.86
N LEU VA 181 9.15 -44.18 -126.65
CA LEU VA 181 8.26 -45.19 -126.07
C LEU VA 181 6.99 -45.32 -126.89
N SER VA 182 6.39 -44.19 -127.28
CA SER VA 182 5.18 -44.23 -128.08
C SER VA 182 5.45 -44.79 -129.47
N GLN VA 183 6.61 -44.44 -130.07
CA GLN VA 183 6.96 -44.97 -131.38
C GLN VA 183 7.17 -46.48 -131.33
N ALA VA 184 7.81 -46.98 -130.27
CA ALA VA 184 8.03 -48.41 -130.13
C ALA VA 184 6.72 -49.14 -129.92
N GLN VA 185 5.81 -48.58 -129.12
CA GLN VA 185 4.52 -49.22 -128.90
C GLN VA 185 3.69 -49.28 -130.18
N ALA VA 186 3.67 -48.20 -130.93
CA ALA VA 186 2.96 -48.19 -132.20
C ALA VA 186 3.58 -49.16 -133.19
N GLU VA 187 4.91 -49.26 -133.19
CA GLU VA 187 5.58 -50.13 -134.14
C GLU VA 187 5.35 -51.60 -133.80
N THR VA 188 5.33 -51.96 -132.52
CA THR VA 188 5.08 -53.36 -132.21
C THR VA 188 3.61 -53.72 -132.40
N MET VA 189 2.69 -52.76 -132.22
CA MET VA 189 1.29 -53.03 -132.49
C MET VA 189 1.05 -53.25 -133.98
N MET VA 190 1.63 -52.39 -134.83
CA MET VA 190 1.48 -52.57 -136.27
C MET VA 190 2.26 -53.78 -136.76
N THR VA 191 3.31 -54.17 -136.04
CA THR VA 191 4.02 -55.40 -136.37
C THR VA 191 3.13 -56.62 -136.12
N PHE VA 192 2.41 -56.62 -135.00
CA PHE VA 192 1.47 -57.70 -134.73
C PHE VA 192 0.36 -57.73 -135.76
N LEU VA 193 -0.14 -56.56 -136.17
CA LEU VA 193 -1.18 -56.51 -137.19
C LEU VA 193 -0.67 -57.00 -138.54
N TRP VA 194 0.58 -56.66 -138.88
CA TRP VA 194 1.20 -57.15 -140.11
C TRP VA 194 1.39 -58.65 -140.07
N ALA VA 195 1.74 -59.18 -138.90
CA ALA VA 195 1.91 -60.62 -138.76
C ALA VA 195 0.57 -61.34 -138.83
N ASN VA 196 -0.53 -60.65 -138.49
CA ASN VA 196 -1.83 -61.28 -138.63
C ASN VA 196 -2.24 -61.49 -140.08
N GLY VA 197 -1.63 -60.79 -141.02
CA GLY VA 197 -1.83 -61.12 -142.42
C GLY VA 197 -1.90 -59.96 -143.39
N ILE VA 198 -2.15 -58.76 -142.90
CA ILE VA 198 -2.30 -57.62 -143.77
C ILE VA 198 -0.93 -57.12 -144.20
N ALA VA 199 -0.79 -56.78 -145.49
CA ALA VA 199 0.47 -56.34 -146.04
C ALA VA 199 0.81 -54.93 -145.53
N ALA VA 200 2.07 -54.56 -145.73
CA ALA VA 200 2.62 -53.35 -145.13
C ALA VA 200 2.27 -52.08 -145.89
N LYS VA 201 1.66 -52.18 -147.07
CA LYS VA 201 1.37 -50.99 -147.85
C LYS VA 201 0.20 -50.19 -147.30
N ARG VA 202 -0.55 -50.76 -146.37
CA ARG VA 202 -1.72 -50.11 -145.79
C ARG VA 202 -1.47 -49.60 -144.38
N LEU VA 203 -0.22 -49.58 -143.93
CA LEU VA 203 0.11 -49.42 -142.53
C LEU VA 203 0.94 -48.16 -142.31
N LYS VA 204 0.56 -47.37 -141.31
CA LYS VA 204 1.33 -46.22 -140.87
C LYS VA 204 1.30 -46.16 -139.36
N ALA VA 205 2.47 -46.17 -138.74
CA ALA VA 205 2.60 -46.14 -137.29
C ALA VA 205 3.27 -44.85 -136.86
N GLU VA 206 2.66 -44.17 -135.90
CA GLU VA 206 3.18 -42.92 -135.37
C GLU VA 206 3.04 -42.93 -133.86
N GLY VA 207 4.10 -42.49 -133.18
CA GLY VA 207 4.04 -42.43 -131.75
C GLY VA 207 4.25 -41.02 -131.22
N TYR VA 208 3.19 -40.42 -130.68
CA TYR VA 208 3.25 -39.08 -130.17
C TYR VA 208 3.29 -39.12 -128.65
N GLY VA 209 3.91 -38.10 -128.06
CA GLY VA 209 3.95 -38.00 -126.62
C GLY VA 209 2.75 -37.24 -126.09
N ASP VA 210 3.02 -36.08 -125.50
CA ASP VA 210 1.99 -35.23 -124.90
C ASP VA 210 1.59 -34.09 -125.80
N LYS VA 211 1.54 -34.33 -127.11
CA LYS VA 211 1.22 -33.27 -128.06
C LYS VA 211 -0.25 -32.88 -127.97
N ASN VA 212 -1.15 -33.86 -127.95
CA ASN VA 212 -2.58 -33.62 -127.92
C ASN VA 212 -3.18 -34.57 -126.88
N ALA VA 213 -3.60 -34.00 -125.76
CA ALA VA 213 -4.09 -34.80 -124.64
C ALA VA 213 -5.59 -35.01 -124.76
N ILE VA 214 -6.01 -36.28 -124.73
CA ILE VA 214 -7.43 -36.60 -124.69
C ILE VA 214 -8.02 -36.45 -123.30
N SER VA 215 -7.17 -36.28 -122.29
CA SER VA 215 -7.60 -36.14 -120.91
C SER VA 215 -6.70 -35.09 -120.26
N ASP VA 216 -6.66 -35.07 -118.93
CA ASP VA 216 -5.88 -34.09 -118.19
C ASP VA 216 -4.90 -34.79 -117.25
N ASN VA 217 -3.73 -34.18 -117.08
CA ASN VA 217 -2.66 -34.78 -116.28
C ASN VA 217 -2.66 -34.34 -114.82
N ALA VA 218 -3.41 -33.29 -114.46
CA ALA VA 218 -3.44 -32.88 -113.07
C ALA VA 218 -4.39 -33.71 -112.23
N ILE VA 219 -5.15 -34.60 -112.85
CA ILE VA 219 -5.98 -35.58 -112.15
C ILE VA 219 -5.40 -36.95 -112.44
N ILE VA 220 -5.36 -37.78 -111.39
CA ILE VA 220 -4.72 -39.08 -111.49
C ILE VA 220 -5.48 -40.00 -112.44
N HIS VA 221 -6.82 -40.00 -112.33
CA HIS VA 221 -7.64 -40.84 -113.20
C HIS VA 221 -7.57 -40.37 -114.65
N GLY VA 222 -7.54 -39.07 -114.88
CA GLY VA 222 -7.37 -38.56 -116.22
C GLY VA 222 -6.01 -38.88 -116.80
N SER VA 223 -4.97 -38.80 -115.97
CA SER VA 223 -3.63 -39.16 -116.44
C SER VA 223 -3.55 -40.66 -116.73
N ALA VA 224 -4.29 -41.47 -115.98
CA ALA VA 224 -4.41 -42.88 -116.30
C ALA VA 224 -5.12 -43.08 -117.63
N GLN VA 225 -6.13 -42.25 -117.91
CA GLN VA 225 -6.82 -42.33 -119.19
C GLN VA 225 -6.01 -41.80 -120.35
N ASN VA 226 -4.96 -41.01 -120.07
CA ASN VA 226 -4.29 -40.25 -121.11
C ASN VA 226 -3.51 -41.14 -122.08
N ARG VA 227 -2.70 -42.07 -121.57
CA ARG VA 227 -1.90 -42.91 -122.45
C ARG VA 227 -2.79 -43.94 -123.13
N ARG VA 228 -2.59 -44.10 -124.44
CA ARG VA 228 -3.59 -44.81 -125.25
C ARG VA 228 -2.96 -45.27 -126.56
N ILE VA 229 -3.68 -46.17 -127.23
CA ILE VA 229 -3.36 -46.58 -128.59
C ILE VA 229 -4.55 -46.26 -129.47
N GLU VA 230 -4.30 -45.49 -130.53
CA GLU VA 230 -5.33 -45.05 -131.47
C GLU VA 230 -5.17 -45.84 -132.77
N ILE VA 231 -6.29 -46.38 -133.26
CA ILE VA 231 -6.35 -47.02 -134.57
C ILE VA 231 -7.41 -46.31 -135.38
N GLN VA 232 -7.04 -45.85 -136.58
CA GLN VA 232 -7.96 -45.18 -137.47
C GLN VA 232 -7.96 -45.90 -138.82
N TRP VA 233 -9.14 -46.04 -139.42
CA TRP VA 233 -9.17 -46.43 -140.82
C TRP VA 233 -10.37 -45.81 -141.52
N PHE VA 234 -10.17 -45.46 -142.77
CA PHE VA 234 -11.20 -44.83 -143.61
C PHE VA 234 -12.12 -45.91 -144.16
N THR VA 235 -12.90 -45.54 -145.17
CA THR VA 235 -13.71 -46.51 -145.90
C THR VA 235 -13.04 -46.97 -147.19
N SER VA 236 -12.62 -46.03 -148.04
CA SER VA 236 -11.96 -46.38 -149.29
C SER VA 236 -10.65 -45.63 -149.44
N LEU WA 113 24.94 -51.00 -179.07
CA LEU WA 113 23.69 -51.24 -179.78
C LEU WA 113 22.48 -51.11 -178.85
N ASN WA 114 21.41 -51.82 -179.19
CA ASN WA 114 20.15 -51.70 -178.45
C ASN WA 114 19.57 -53.02 -177.98
N ARG WA 115 19.89 -54.15 -178.63
CA ARG WA 115 19.35 -55.43 -178.22
C ARG WA 115 20.37 -56.52 -178.53
N PHE WA 116 20.65 -57.37 -177.55
CA PHE WA 116 21.47 -58.56 -177.76
C PHE WA 116 20.74 -59.76 -177.20
N ARG WA 117 20.41 -60.71 -178.08
CA ARG WA 117 19.78 -61.97 -177.69
C ARG WA 117 20.62 -63.10 -178.22
N TYR WA 118 21.20 -63.90 -177.32
CA TYR WA 118 22.04 -65.02 -177.70
C TYR WA 118 21.46 -66.33 -177.18
N GLU WA 119 21.53 -67.37 -178.00
CA GLU WA 119 20.95 -68.67 -177.69
C GLU WA 119 21.95 -69.76 -178.03
N GLY WA 120 22.00 -70.79 -177.20
CA GLY WA 120 22.62 -72.05 -177.58
C GLY WA 120 24.14 -72.18 -177.53
N ALA WA 121 24.70 -72.12 -176.31
CA ALA WA 121 26.09 -72.47 -175.99
C ALA WA 121 27.09 -71.62 -176.79
N GLY WA 122 27.07 -70.33 -176.48
CA GLY WA 122 27.95 -69.40 -177.14
C GLY WA 122 28.63 -68.48 -176.15
N VAL WA 123 29.87 -68.12 -176.49
CA VAL WA 123 30.69 -67.27 -175.64
C VAL WA 123 30.73 -65.88 -176.26
N VAL WA 124 30.30 -64.89 -175.48
CA VAL WA 124 30.31 -63.48 -175.87
C VAL WA 124 31.16 -62.72 -174.87
N THR WA 125 31.96 -61.77 -175.35
CA THR WA 125 32.77 -60.93 -174.49
C THR WA 125 32.84 -59.53 -175.06
N GLY WA 126 32.49 -58.55 -174.24
CA GLY WA 126 32.53 -57.16 -174.65
C GLY WA 126 33.04 -56.27 -173.53
N ASN WA 127 33.71 -55.18 -173.92
CA ASN WA 127 34.27 -54.24 -172.98
C ASN WA 127 34.19 -52.83 -173.54
N ASN WA 128 34.05 -51.86 -172.63
CA ASN WA 128 34.03 -50.42 -172.91
C ASN WA 128 32.89 -50.05 -173.87
N LEU WA 129 31.67 -50.35 -173.44
CA LEU WA 129 30.46 -50.01 -174.17
C LEU WA 129 29.59 -49.12 -173.31
N ARG WA 130 29.24 -47.95 -173.83
CA ARG WA 130 28.42 -46.98 -173.11
C ARG WA 130 27.01 -46.98 -173.71
N THR WA 131 26.01 -47.09 -172.84
CA THR WA 131 24.63 -47.18 -173.29
C THR WA 131 23.70 -46.53 -172.28
N SER WA 132 22.63 -45.93 -172.79
CA SER WA 132 21.53 -45.46 -171.94
C SER WA 132 20.58 -46.58 -171.60
N TYR WA 133 20.21 -47.40 -172.59
CA TYR WA 133 19.41 -48.59 -172.37
C TYR WA 133 19.67 -49.57 -173.50
N LEU WA 134 19.78 -50.85 -173.15
CA LEU WA 134 19.70 -51.93 -174.12
C LEU WA 134 19.02 -53.11 -173.47
N ASP WA 135 18.49 -54.01 -174.30
CA ASP WA 135 17.75 -55.17 -173.84
C ASP WA 135 18.58 -56.43 -174.07
N LEU WA 136 18.78 -57.20 -173.01
CA LEU WA 136 19.63 -58.38 -173.05
C LEU WA 136 18.79 -59.64 -172.82
N TYR WA 137 19.01 -60.65 -173.66
CA TYR WA 137 18.41 -61.95 -173.47
C TYR WA 137 19.47 -63.03 -173.68
N LEU WA 138 19.57 -63.93 -172.71
CA LEU WA 138 20.48 -65.05 -172.75
C LEU WA 138 19.69 -66.35 -172.72
N ALA WA 139 20.19 -67.35 -173.42
CA ALA WA 139 19.57 -68.67 -173.38
C ALA WA 139 20.64 -69.73 -173.63
N ASN WA 140 20.60 -70.79 -172.81
CA ASN WA 140 21.28 -72.06 -173.08
C ASN WA 140 22.80 -71.88 -173.19
N GLU WA 141 23.41 -71.56 -172.04
CA GLU WA 141 24.86 -71.38 -171.86
C GLU WA 141 25.37 -70.22 -172.73
N GLY WA 142 24.91 -69.03 -172.35
CA GLY WA 142 25.55 -67.82 -172.82
C GLY WA 142 26.69 -67.45 -171.90
N THR WA 143 27.90 -67.88 -172.26
CA THR WA 143 29.10 -67.60 -171.48
C THR WA 143 29.52 -66.18 -171.81
N THR WA 144 29.09 -65.23 -170.97
CA THR WA 144 29.13 -63.82 -171.33
C THR WA 144 30.00 -63.04 -170.35
N ARG WA 145 30.88 -62.20 -170.90
CA ARG WA 145 31.77 -61.33 -170.14
C ARG WA 145 31.51 -59.88 -170.54
N LEU WA 146 31.36 -59.02 -169.53
CA LEU WA 146 31.10 -57.61 -169.73
C LEU WA 146 32.06 -56.81 -168.87
N ALA WA 147 32.89 -55.99 -169.51
CA ALA WA 147 33.87 -55.15 -168.84
C ALA WA 147 33.73 -53.71 -169.29
N GLY WA 148 32.50 -53.20 -169.27
CA GLY WA 148 32.23 -51.83 -169.66
C GLY WA 148 31.35 -51.10 -168.67
N ASN WA 149 30.82 -49.95 -169.07
CA ASN WA 149 29.91 -49.17 -168.25
C ASN WA 149 28.52 -49.30 -168.87
N ILE WA 150 27.80 -50.33 -168.46
CA ILE WA 150 26.55 -50.72 -169.10
C ILE WA 150 25.39 -50.09 -168.34
N GLY WA 151 24.47 -49.47 -169.08
CA GLY WA 151 23.22 -49.02 -168.53
C GLY WA 151 22.06 -49.70 -169.22
N LEU WA 152 21.16 -50.30 -168.46
CA LEU WA 152 20.06 -51.06 -169.03
C LEU WA 152 18.94 -51.16 -167.99
N GLN WA 153 17.83 -51.73 -168.41
CA GLN WA 153 16.72 -52.06 -167.52
C GLN WA 153 16.31 -53.52 -167.65
N LYS WA 154 16.35 -54.08 -168.84
CA LYS WA 154 15.79 -55.41 -169.07
C LYS WA 154 16.90 -56.40 -169.40
N LEU WA 155 17.17 -57.29 -168.46
CA LEU WA 155 18.01 -58.45 -168.65
C LEU WA 155 17.17 -59.68 -168.37
N GLU WA 156 17.18 -60.64 -169.30
CA GLU WA 156 16.41 -61.86 -169.11
C GLU WA 156 17.21 -63.05 -169.64
N ALA WA 157 17.41 -64.03 -168.78
CA ALA WA 157 18.16 -65.23 -169.14
C ALA WA 157 17.30 -66.45 -168.84
N VAL WA 158 17.50 -67.49 -169.65
CA VAL WA 158 16.81 -68.75 -169.41
C VAL WA 158 17.32 -69.40 -168.13
N GLY WA 159 18.64 -69.50 -168.00
CA GLY WA 159 19.23 -70.09 -166.81
C GLY WA 159 20.32 -71.09 -167.11
N ASN WA 160 20.88 -71.69 -166.05
CA ASN WA 160 21.90 -72.74 -166.12
C ASN WA 160 23.16 -72.26 -166.86
N GLY WA 161 23.52 -70.99 -166.66
CA GLY WA 161 24.68 -70.42 -167.31
C GLY WA 161 25.41 -69.46 -166.40
N VAL WA 162 26.57 -69.03 -166.85
CA VAL WA 162 27.41 -68.10 -166.10
C VAL WA 162 27.38 -66.75 -166.78
N THR WA 163 27.60 -65.70 -165.99
CA THR WA 163 27.54 -64.33 -166.50
C THR WA 163 28.43 -63.46 -165.62
N GLN WA 164 29.40 -62.79 -166.24
CA GLN WA 164 30.25 -61.82 -165.56
C GLN WA 164 29.94 -60.45 -166.12
N ILE WA 165 29.51 -59.52 -165.27
CA ILE WA 165 29.26 -58.14 -165.66
C ILE WA 165 29.92 -57.25 -164.62
N ASN WA 166 30.83 -56.37 -165.06
CA ASN WA 166 31.51 -55.46 -164.16
C ASN WA 166 31.36 -54.03 -164.67
N GLY WA 167 30.57 -53.24 -163.96
CA GLY WA 167 30.35 -51.84 -164.28
C GLY WA 167 28.96 -51.56 -164.81
N VAL WA 168 28.07 -51.15 -163.93
CA VAL WA 168 26.66 -50.95 -164.27
C VAL WA 168 26.23 -49.60 -163.71
N SER WA 169 25.71 -48.74 -164.59
CA SER WA 169 25.09 -47.49 -164.19
C SER WA 169 23.63 -47.56 -164.63
N SER WA 170 22.80 -48.15 -163.78
CA SER WA 170 21.39 -48.37 -164.08
C SER WA 170 20.56 -47.92 -162.89
N ARG WA 171 19.69 -46.95 -163.12
CA ARG WA 171 18.76 -46.51 -162.09
C ARG WA 171 17.50 -47.35 -162.06
N ASN WA 172 17.37 -48.33 -162.95
CA ASN WA 172 16.18 -49.16 -163.00
C ASN WA 172 16.55 -50.50 -163.59
N LEU WA 173 16.11 -51.58 -162.94
CA LEU WA 173 16.35 -52.94 -163.42
C LEU WA 173 15.21 -53.83 -162.94
N GLN WA 174 14.89 -54.84 -163.75
CA GLN WA 174 13.83 -55.79 -163.40
C GLN WA 174 14.13 -57.10 -164.14
N ILE WA 175 14.59 -58.10 -163.39
CA ILE WA 175 15.08 -59.35 -163.96
C ILE WA 175 14.35 -60.50 -163.26
N VAL WA 176 13.80 -61.42 -164.05
CA VAL WA 176 13.23 -62.65 -163.51
C VAL WA 176 14.03 -63.82 -164.07
N LEU WA 177 13.95 -64.95 -163.38
CA LEU WA 177 14.67 -66.15 -163.77
C LEU WA 177 13.78 -67.38 -163.65
N LYS WA 178 14.05 -68.36 -164.50
CA LYS WA 178 13.37 -69.65 -164.48
C LYS WA 178 14.31 -70.82 -164.32
N GLY WA 179 15.49 -70.77 -164.92
CA GLY WA 179 16.50 -71.80 -164.74
C GLY WA 179 17.35 -71.52 -163.53
N ASP WA 180 18.54 -72.12 -163.52
CA ASP WA 180 19.41 -72.08 -162.35
C ASP WA 180 20.79 -71.56 -162.77
N PRO WA 181 20.91 -70.26 -163.04
CA PRO WA 181 22.19 -69.73 -163.52
C PRO WA 181 23.09 -69.31 -162.37
N LYS WA 182 24.25 -68.74 -162.73
CA LYS WA 182 25.20 -68.19 -161.75
C LYS WA 182 25.50 -66.78 -162.23
N VAL WA 183 24.87 -65.78 -161.62
CA VAL WA 183 25.01 -64.41 -162.06
C VAL WA 183 25.66 -63.57 -160.98
N LEU WA 184 26.67 -62.81 -161.37
CA LEU WA 184 27.44 -62.01 -160.44
C LEU WA 184 27.71 -60.66 -161.10
N ILE WA 185 26.93 -59.66 -160.73
CA ILE WA 185 26.93 -58.37 -161.42
C ILE WA 185 27.24 -57.28 -160.40
N SER WA 186 28.18 -56.41 -160.74
CA SER WA 186 28.51 -55.26 -159.91
C SER WA 186 28.04 -53.98 -160.57
N GLY WA 187 27.77 -52.97 -159.75
CA GLY WA 187 27.35 -51.67 -160.27
C GLY WA 187 26.65 -50.86 -159.19
N PHE WA 188 25.76 -49.98 -159.64
CA PHE WA 188 24.94 -49.15 -158.77
C PHE WA 188 23.51 -49.19 -159.29
N VAL WA 189 22.64 -49.88 -158.55
CA VAL WA 189 21.33 -50.28 -159.04
C VAL WA 189 20.25 -49.79 -158.08
N ASN WA 190 19.23 -49.13 -158.61
CA ASN WA 190 17.99 -48.87 -157.89
C ASN WA 190 16.96 -49.85 -158.44
N LEU WA 191 16.81 -50.99 -157.77
CA LEU WA 191 15.89 -52.02 -158.21
C LEU WA 191 14.52 -51.81 -157.57
N ARG WA 192 13.54 -52.59 -158.02
CA ARG WA 192 12.17 -52.49 -157.54
C ARG WA 192 11.66 -53.77 -156.92
N GLN WA 193 11.81 -54.91 -157.60
CA GLN WA 193 11.17 -56.15 -157.17
C GLN WA 193 11.93 -57.33 -157.76
N LEU WA 194 12.01 -58.42 -157.00
CA LEU WA 194 12.72 -59.61 -157.44
C LEU WA 194 11.98 -60.86 -157.00
N ASP WA 195 11.87 -61.82 -157.92
CA ASP WA 195 11.14 -63.06 -157.69
C ASP WA 195 11.97 -64.25 -158.17
N MET WA 196 12.12 -65.25 -157.30
CA MET WA 196 12.92 -66.43 -157.60
C MET WA 196 12.09 -67.68 -157.38
N TYR WA 197 12.11 -68.58 -158.37
CA TYR WA 197 11.33 -69.81 -158.32
C TYR WA 197 12.12 -71.04 -158.72
N GLY WA 198 13.42 -70.91 -159.03
CA GLY WA 198 14.22 -72.06 -159.39
C GLY WA 198 15.30 -72.38 -158.38
N LYS WA 199 16.55 -72.32 -158.83
CA LYS WA 199 17.73 -72.54 -157.99
C LYS WA 199 18.72 -71.43 -158.22
N GLY WA 200 18.23 -70.20 -158.07
CA GLY WA 200 18.99 -69.04 -158.50
C GLY WA 200 20.15 -68.71 -157.58
N THR WA 201 21.23 -68.23 -158.20
CA THR WA 201 22.45 -67.83 -157.51
C THR WA 201 22.88 -66.49 -158.07
N LEU WA 202 22.71 -65.43 -157.28
CA LEU WA 202 22.92 -64.06 -157.75
C LEU WA 202 23.76 -63.31 -156.72
N SER WA 203 24.60 -62.40 -157.22
CA SER WA 203 25.44 -61.61 -156.33
C SER WA 203 25.58 -60.20 -156.88
N LEU WA 204 25.14 -59.22 -156.10
CA LEU WA 204 25.24 -57.80 -156.46
C LEU WA 204 26.13 -57.10 -155.45
N TYR WA 205 27.08 -56.31 -155.96
CA TYR WA 205 28.04 -55.67 -155.07
C TYR WA 205 27.42 -54.50 -154.32
N TRP WA 206 27.00 -53.47 -155.04
CA TRP WA 206 26.41 -52.28 -154.43
C TRP WA 206 25.03 -52.05 -155.02
N ILE WA 207 24.07 -51.81 -154.15
CA ILE WA 207 22.73 -51.42 -154.55
C ILE WA 207 22.28 -50.28 -153.65
N LYS WA 208 21.89 -49.17 -154.26
CA LYS WA 208 21.45 -47.98 -153.52
C LYS WA 208 20.02 -47.69 -153.95
N SER WA 209 19.08 -48.34 -153.26
CA SER WA 209 17.67 -48.25 -153.58
C SER WA 209 16.89 -47.85 -152.33
N ASP WA 210 15.58 -47.76 -152.47
CA ASP WA 210 14.71 -47.30 -151.41
C ASP WA 210 13.79 -48.40 -150.89
N THR WA 211 12.97 -48.97 -151.78
CA THR WA 211 12.00 -49.98 -151.38
C THR WA 211 12.15 -51.19 -152.29
N LEU WA 212 12.35 -52.36 -151.68
CA LEU WA 212 12.56 -53.60 -152.39
C LEU WA 212 11.62 -54.67 -151.88
N THR WA 213 11.21 -55.56 -152.78
CA THR WA 213 10.32 -56.66 -152.46
C THR WA 213 10.89 -57.93 -153.06
N ILE WA 214 11.25 -58.88 -152.21
CA ILE WA 214 11.89 -60.11 -152.60
C ILE WA 214 10.97 -61.28 -152.27
N ARG WA 215 10.68 -62.11 -153.27
CA ARG WA 215 9.92 -63.32 -153.05
C ARG WA 215 10.73 -64.51 -153.53
N ALA WA 216 10.86 -65.53 -152.68
CA ALA WA 216 11.65 -66.71 -153.01
C ALA WA 216 10.86 -67.96 -152.68
N LYS WA 217 10.81 -68.89 -153.63
CA LYS WA 217 9.98 -70.08 -153.51
C LYS WA 217 10.77 -71.37 -153.34
N LYS WA 218 11.72 -71.65 -154.23
CA LYS WA 218 12.29 -73.00 -154.32
C LYS WA 218 13.72 -73.07 -153.82
N ALA WA 219 14.64 -72.30 -154.40
CA ALA WA 219 16.03 -72.29 -153.93
C ALA WA 219 16.67 -70.99 -154.39
N ALA WA 220 17.12 -70.17 -153.45
CA ALA WA 220 17.66 -68.87 -153.79
C ALA WA 220 18.89 -68.59 -152.96
N LYS WA 221 19.93 -68.06 -153.60
CA LYS WA 221 21.19 -67.72 -152.96
C LYS WA 221 21.56 -66.33 -153.48
N ILE WA 222 21.15 -65.31 -152.75
CA ILE WA 222 21.29 -63.92 -153.19
C ILE WA 222 22.23 -63.21 -152.24
N GLN WA 223 23.31 -62.66 -152.78
CA GLN WA 223 24.33 -61.96 -152.01
C GLN WA 223 24.22 -60.47 -152.32
N LEU WA 224 23.61 -59.72 -151.40
CA LEU WA 224 23.31 -58.32 -151.61
C LEU WA 224 23.96 -57.46 -150.52
N ALA WA 225 24.37 -56.25 -150.91
CA ALA WA 225 25.00 -55.34 -149.97
C ALA WA 225 24.79 -53.91 -150.46
N GLY WA 226 24.46 -53.02 -149.53
CA GLY WA 226 24.23 -51.63 -149.90
C GLY WA 226 23.33 -50.94 -148.87
N ILE WA 227 22.59 -49.95 -149.35
CA ILE WA 227 21.71 -49.14 -148.52
C ILE WA 227 20.28 -49.28 -149.05
N VAL WA 228 19.35 -49.63 -148.16
CA VAL WA 228 17.95 -49.82 -148.51
C VAL WA 228 17.10 -49.14 -147.45
N ASN WA 229 16.17 -48.28 -147.86
CA ASN WA 229 15.29 -47.65 -146.89
C ASN WA 229 14.20 -48.59 -146.41
N ARG WA 230 13.69 -49.46 -147.29
CA ARG WA 230 12.56 -50.29 -146.92
C ARG WA 230 12.61 -51.57 -147.73
N LEU WA 231 12.43 -52.71 -147.06
CA LEU WA 231 12.55 -54.00 -147.72
C LEU WA 231 11.57 -55.00 -147.12
N ASP WA 232 10.92 -55.76 -147.99
CA ASP WA 232 10.12 -56.91 -147.58
C ASP WA 232 10.67 -58.17 -148.22
N VAL WA 233 10.72 -59.24 -147.42
CA VAL WA 233 11.26 -60.53 -147.84
C VAL WA 233 10.24 -61.60 -147.51
N GLU WA 234 9.94 -62.44 -148.50
CA GLU WA 234 9.12 -63.64 -148.31
C GLU WA 234 9.94 -64.85 -148.71
N LEU WA 235 10.08 -65.81 -147.79
CA LEU WA 235 10.79 -67.05 -148.06
C LEU WA 235 9.84 -68.22 -147.86
N TRP WA 236 9.75 -69.09 -148.86
CA TRP WA 236 8.83 -70.22 -148.80
C TRP WA 236 9.50 -71.50 -148.30
N ASP WA 237 10.50 -72.01 -149.02
CA ASP WA 237 11.18 -73.22 -148.62
C ASP WA 237 12.53 -73.29 -149.33
N PHE WA 238 13.56 -73.72 -148.58
CA PHE WA 238 14.93 -73.91 -149.07
C PHE WA 238 15.51 -72.63 -149.67
N ALA WA 239 15.10 -71.49 -149.15
CA ALA WA 239 15.56 -70.19 -149.61
C ALA WA 239 16.48 -69.61 -148.56
N GLN WA 240 17.70 -69.31 -148.95
CA GLN WA 240 18.73 -68.80 -148.04
C GLN WA 240 19.14 -67.43 -148.54
N PHE WA 241 18.60 -66.40 -147.93
CA PHE WA 241 18.93 -65.02 -148.29
C PHE WA 241 19.71 -64.36 -147.18
N LYS WA 242 20.81 -63.70 -147.55
CA LYS WA 242 21.72 -63.08 -146.60
C LYS WA 242 21.93 -61.63 -147.00
N GLY WA 243 21.28 -60.70 -146.29
CA GLY WA 243 21.50 -59.29 -146.50
C GLY WA 243 22.53 -58.74 -145.54
N LYS WA 244 23.60 -59.49 -145.32
CA LYS WA 244 24.75 -58.95 -144.62
C LYS WA 244 25.41 -57.88 -145.48
N TYR WA 245 25.96 -56.87 -144.80
CA TYR WA 245 26.48 -55.62 -145.38
C TYR WA 245 25.42 -54.86 -146.18
N LEU WA 246 24.15 -55.10 -145.90
CA LEU WA 246 23.03 -54.46 -146.56
C LEU WA 246 22.15 -53.87 -145.46
N ARG WA 247 22.27 -52.57 -145.25
CA ARG WA 247 21.64 -51.93 -144.11
C ARG WA 247 20.23 -51.48 -144.47
N ALA WA 248 19.27 -51.80 -143.60
CA ALA WA 248 17.86 -51.53 -143.85
C ALA WA 248 17.30 -50.63 -142.76
N GLN WA 249 16.69 -49.52 -143.17
CA GLN WA 249 15.95 -48.70 -142.22
C GLN WA 249 14.65 -49.40 -141.82
N ARG WA 250 13.93 -49.95 -142.78
CA ARG WA 250 12.72 -50.69 -142.54
C ARG WA 250 12.91 -52.10 -143.09
N SER WA 251 12.74 -53.11 -142.24
CA SER WA 251 12.85 -54.49 -142.69
C SER WA 251 11.64 -55.28 -142.24
N PHE WA 252 11.05 -56.03 -143.17
CA PHE WA 252 9.93 -56.92 -142.89
C PHE WA 252 10.25 -58.28 -143.48
N VAL WA 253 10.25 -59.31 -142.64
CA VAL WA 253 10.65 -60.66 -143.03
C VAL WA 253 9.55 -61.64 -142.67
N LYS WA 254 9.11 -62.43 -143.65
CA LYS WA 254 8.20 -63.55 -143.40
C LYS WA 254 8.81 -64.82 -143.95
N THR WA 255 8.90 -65.84 -143.09
CA THR WA 255 9.59 -67.08 -143.43
C THR WA 255 8.72 -68.28 -143.08
N HIS WA 256 8.52 -69.15 -144.06
CA HIS WA 256 7.82 -70.41 -143.89
C HIS WA 256 8.82 -71.52 -143.58
N ASP WA 257 8.40 -72.77 -143.76
CA ASP WA 257 9.23 -73.94 -143.43
C ASP WA 257 10.50 -73.99 -144.25
N LYS WA 258 11.61 -74.31 -143.57
CA LYS WA 258 12.94 -74.51 -144.16
C LYS WA 258 13.40 -73.26 -144.91
N SER WA 259 13.59 -72.19 -144.14
CA SER WA 259 14.01 -70.92 -144.69
C SER WA 259 15.12 -70.34 -143.84
N VAL WA 260 16.09 -69.70 -144.48
CA VAL WA 260 17.26 -69.15 -143.82
C VAL WA 260 17.38 -67.69 -144.24
N ALA WA 261 17.41 -66.79 -143.26
CA ALA WA 261 17.49 -65.37 -143.52
C ALA WA 261 18.52 -64.71 -142.62
N GLU WA 262 19.30 -63.81 -143.19
CA GLU WA 262 20.28 -63.01 -142.46
C GLU WA 262 19.98 -61.55 -142.71
N ILE WA 263 19.93 -60.76 -141.64
CA ILE WA 263 19.37 -59.42 -141.68
C ILE WA 263 20.36 -58.44 -141.06
N SER WA 264 20.53 -57.28 -141.68
CA SER WA 264 21.35 -56.21 -141.13
C SER WA 264 20.54 -54.94 -140.95
N ALA WA 265 19.37 -55.05 -140.31
CA ALA WA 265 18.48 -53.91 -140.13
C ALA WA 265 19.06 -52.89 -139.16
N VAL WA 266 18.65 -51.62 -139.34
CA VAL WA 266 19.22 -50.53 -138.56
C VAL WA 266 18.18 -49.88 -137.68
N ASN WA 267 17.09 -49.40 -138.26
CA ASN WA 267 16.11 -48.62 -137.52
C ASN WA 267 14.94 -49.46 -137.03
N HIS WA 268 14.21 -50.10 -137.94
CA HIS WA 268 12.98 -50.78 -137.57
C HIS WA 268 12.94 -52.15 -138.23
N GLN WA 269 12.58 -53.16 -137.45
CA GLN WA 269 12.78 -54.54 -137.84
C GLN WA 269 11.60 -55.38 -137.38
N SER WA 270 10.99 -56.09 -138.33
CA SER WA 270 9.86 -56.96 -138.07
C SER WA 270 10.13 -58.33 -138.68
N SER WA 271 9.93 -59.39 -137.91
CA SER WA 271 10.29 -60.72 -138.36
C SER WA 271 9.26 -61.74 -137.89
N LEU WA 272 8.86 -62.62 -138.80
CA LEU WA 272 7.92 -63.70 -138.50
C LEU WA 272 8.45 -64.99 -139.12
N ALA WA 273 8.45 -66.06 -138.31
CA ALA WA 273 8.87 -67.37 -138.76
C ALA WA 273 7.85 -68.41 -138.31
N THR WA 274 7.44 -69.28 -139.22
CA THR WA 274 6.42 -70.26 -138.88
C THR WA 274 7.01 -71.44 -138.10
N ASP WA 275 7.88 -72.21 -138.75
CA ASP WA 275 8.51 -73.38 -138.16
C ASP WA 275 9.67 -73.76 -139.04
N ALA WA 276 10.72 -74.31 -138.41
CA ALA WA 276 11.96 -74.75 -139.07
C ALA WA 276 12.60 -73.61 -139.88
N SER WA 277 12.50 -72.40 -139.36
CA SER WA 277 12.98 -71.21 -140.04
C SER WA 277 13.98 -70.50 -139.15
N ASP WA 278 15.08 -70.06 -139.74
CA ASP WA 278 16.16 -69.41 -139.01
C ASP WA 278 16.32 -67.98 -139.52
N ILE WA 279 16.38 -67.05 -138.58
CA ILE WA 279 16.59 -65.64 -138.87
C ILE WA 279 17.74 -65.18 -137.99
N TYR WA 280 18.78 -64.64 -138.61
CA TYR WA 280 19.99 -64.21 -137.91
C TYR WA 280 20.14 -62.73 -138.18
N TYR WA 281 19.81 -61.91 -137.20
CA TYR WA 281 20.06 -60.49 -137.38
C TYR WA 281 21.49 -60.19 -136.94
N TYR WA 282 21.99 -59.04 -137.36
CA TYR WA 282 23.39 -58.71 -137.14
C TYR WA 282 23.60 -57.37 -136.47
N ASN WA 283 22.66 -56.45 -136.55
CA ASN WA 283 22.80 -55.15 -135.91
C ASN WA 283 21.68 -54.98 -134.89
N LEU WA 284 22.03 -54.44 -133.73
CA LEU WA 284 21.05 -54.19 -132.69
C LEU WA 284 20.18 -53.02 -133.13
N SER WA 285 19.01 -53.33 -133.66
CA SER WA 285 18.14 -52.31 -134.24
C SER WA 285 17.52 -51.45 -133.15
N LYS WA 286 17.07 -50.27 -133.57
CA LYS WA 286 16.36 -49.38 -132.65
C LYS WA 286 15.01 -49.94 -132.27
N THR WA 287 14.35 -50.63 -133.20
CA THR WA 287 13.10 -51.31 -132.93
C THR WA 287 13.21 -52.73 -133.48
N ARG WA 288 13.13 -53.71 -132.58
CA ARG WA 288 13.23 -55.11 -132.95
C ARG WA 288 11.94 -55.82 -132.54
N ALA WA 289 11.31 -56.50 -133.48
CA ALA WA 289 10.12 -57.27 -133.16
C ALA WA 289 10.19 -58.62 -133.87
N ASP WA 290 10.04 -59.69 -133.10
CA ASP WA 290 10.26 -61.05 -133.58
C ASP WA 290 9.08 -61.93 -133.19
N PHE WA 291 8.72 -62.87 -134.06
CA PHE WA 291 7.65 -63.81 -133.76
C PHE WA 291 7.94 -65.17 -134.36
N MET WA 292 7.72 -66.21 -133.56
CA MET WA 292 7.80 -67.60 -134.01
C MET WA 292 6.48 -68.30 -133.73
N ALA WA 293 6.04 -69.11 -134.69
CA ALA WA 293 4.78 -69.85 -134.51
C ALA WA 293 5.03 -71.21 -133.86
N PHE WA 294 5.79 -72.08 -134.53
CA PHE WA 294 6.07 -73.40 -134.00
C PHE WA 294 7.54 -73.61 -133.71
N ASN WA 295 8.42 -73.46 -134.71
CA ASN WA 295 9.83 -73.77 -134.56
C ASN WA 295 10.71 -72.67 -135.14
N GLY WA 296 10.19 -71.44 -135.17
CA GLY WA 296 10.99 -70.34 -135.67
C GLY WA 296 12.08 -69.94 -134.69
N SER WA 297 13.16 -69.38 -135.24
CA SER WA 297 14.29 -68.98 -134.42
C SER WA 297 14.85 -67.66 -134.92
N VAL WA 298 15.14 -66.76 -133.98
CA VAL WA 298 15.69 -65.44 -134.27
C VAL WA 298 16.89 -65.23 -133.36
N LEU WA 299 18.05 -64.95 -133.96
CA LEU WA 299 19.31 -64.99 -133.23
C LEU WA 299 20.13 -63.74 -133.48
N ASP WA 300 20.75 -63.24 -132.40
CA ASP WA 300 21.61 -62.07 -132.49
C ASP WA 300 22.95 -62.42 -133.11
N MET WA 301 23.52 -63.58 -132.73
CA MET WA 301 24.76 -64.21 -133.24
C MET WA 301 25.89 -63.23 -133.54
N ARG WA 302 26.15 -62.34 -132.58
CA ARG WA 302 27.25 -61.40 -132.73
C ARG WA 302 28.53 -61.99 -132.12
N GLU WA 303 29.63 -61.26 -132.28
CA GLU WA 303 30.95 -61.81 -132.02
C GLU WA 303 31.28 -61.90 -130.52
N TRP WA 304 30.75 -60.95 -129.73
CA TRP WA 304 30.84 -60.83 -128.26
C TRP WA 304 32.23 -60.47 -127.74
N GLY WA 305 33.24 -60.43 -128.60
CA GLY WA 305 34.58 -60.23 -128.13
C GLY WA 305 35.15 -58.89 -128.53
N GLN WA 306 34.39 -58.14 -129.32
CA GLN WA 306 34.87 -56.85 -129.78
C GLN WA 306 34.81 -55.82 -128.66
N SER WA 307 35.49 -54.71 -128.88
CA SER WA 307 35.63 -53.65 -127.89
C SER WA 307 34.56 -52.58 -128.03
N ASP WA 308 33.56 -52.80 -128.89
CA ASP WA 308 32.60 -51.74 -129.19
C ASP WA 308 31.18 -52.29 -129.29
N LEU WA 309 30.91 -53.42 -128.66
CA LEU WA 309 29.57 -53.99 -128.67
C LEU WA 309 28.73 -53.40 -127.55
N LYS WA 310 27.49 -53.07 -127.87
CA LYS WA 310 26.58 -52.46 -126.91
C LYS WA 310 25.43 -53.40 -126.62
N ASP WA 311 24.87 -53.25 -125.42
CA ASP WA 311 23.73 -54.05 -124.99
C ASP WA 311 22.45 -53.36 -125.43
N PHE WA 312 21.30 -53.88 -125.00
CA PHE WA 312 20.04 -53.24 -125.29
C PHE WA 312 19.83 -52.04 -124.39
N ASP WA 313 18.86 -51.22 -124.75
CA ASP WA 313 18.34 -50.18 -123.89
C ASP WA 313 16.98 -50.62 -123.37
N ARG WA 314 16.30 -49.72 -122.65
CA ARG WA 314 14.98 -50.00 -122.12
C ARG WA 314 13.96 -50.25 -123.23
N TYR WA 315 14.14 -49.57 -124.36
CA TYR WA 315 13.30 -49.84 -125.52
C TYR WA 315 13.65 -51.18 -126.16
N ASN WA 316 14.94 -51.47 -126.32
CA ASN WA 316 15.35 -52.63 -127.08
C ASN WA 316 15.26 -53.93 -126.28
N LYS WA 317 15.03 -53.85 -124.98
CA LYS WA 317 14.98 -55.04 -124.13
C LYS WA 317 13.64 -55.74 -124.34
N GLN WA 318 13.55 -56.46 -125.46
CA GLN WA 318 12.40 -57.28 -125.79
C GLN WA 318 12.85 -58.73 -125.66
N PHE WA 319 12.37 -59.39 -124.62
CA PHE WA 319 12.76 -60.78 -124.39
C PHE WA 319 12.03 -61.69 -125.37
N PRO WA 320 12.76 -62.52 -126.12
CA PRO WA 320 12.15 -63.51 -127.02
C PRO WA 320 11.67 -64.76 -126.28
N ASP XA 39 3.55 -74.93 -84.51
CA ASP XA 39 3.97 -75.82 -83.44
C ASP XA 39 4.95 -76.87 -83.94
N GLY XA 40 4.44 -77.83 -84.72
CA GLY XA 40 5.27 -78.91 -85.22
C GLY XA 40 6.28 -78.45 -86.25
N CYS XA 41 7.54 -78.46 -85.89
CA CYS XA 41 8.58 -77.96 -86.78
C CYS XA 41 9.18 -79.07 -87.63
N CYS XA 42 9.68 -80.13 -87.01
CA CYS XA 42 10.30 -81.24 -87.74
C CYS XA 42 9.31 -82.35 -88.03
N SER XA 43 8.16 -81.99 -88.60
CA SER XA 43 7.16 -82.98 -88.97
C SER XA 43 7.56 -83.70 -90.25
N LYS XA 44 7.02 -84.92 -90.40
CA LYS XA 44 7.31 -85.82 -91.54
C LYS XA 44 8.81 -86.06 -91.69
N MET XA 45 9.49 -86.19 -90.56
CA MET XA 45 10.94 -86.34 -90.54
C MET XA 45 11.28 -87.29 -89.40
N GLY XA 46 12.54 -87.30 -88.99
CA GLY XA 46 12.92 -88.07 -87.83
C GLY XA 46 12.64 -87.41 -86.52
N GLY XA 47 11.99 -86.26 -86.52
CA GLY XA 47 11.84 -85.45 -85.34
C GLY XA 47 12.98 -84.45 -85.19
N ILE XA 48 12.83 -83.58 -84.21
CA ILE XA 48 13.86 -82.58 -83.92
C ILE XA 48 15.04 -83.26 -83.25
N ASN XA 49 16.23 -83.05 -83.80
CA ASN XA 49 17.42 -83.54 -83.11
C ASN XA 49 17.85 -82.57 -82.01
N TYR XA 50 18.21 -81.35 -82.39
CA TYR XA 50 18.75 -80.42 -81.41
C TYR XA 50 18.72 -79.00 -81.96
N CYS XA 51 18.87 -78.03 -81.07
CA CYS XA 51 18.96 -76.63 -81.46
C CYS XA 51 20.42 -76.23 -81.58
N ASP XA 52 20.82 -75.81 -82.77
CA ASP XA 52 22.17 -75.29 -83.01
C ASP XA 52 22.10 -73.77 -82.85
N SER XA 53 22.77 -73.26 -81.83
CA SER XA 53 22.73 -71.84 -81.50
C SER XA 53 23.70 -71.01 -82.34
N SER XA 54 24.62 -71.65 -83.07
CA SER XA 54 25.47 -70.91 -84.00
C SER XA 54 24.63 -70.33 -85.13
N ALA XA 55 23.67 -71.10 -85.62
CA ALA XA 55 22.65 -70.56 -86.50
C ALA XA 55 21.43 -70.07 -85.73
N GLY XA 56 21.29 -70.48 -84.47
CA GLY XA 56 20.10 -70.16 -83.71
C GLY XA 56 18.87 -70.90 -84.15
N ARG XA 57 19.04 -72.00 -84.86
CA ARG XA 57 17.94 -72.70 -85.51
C ARG XA 57 17.87 -74.13 -85.02
N LEU XA 58 16.69 -74.73 -85.20
CA LEU XA 58 16.54 -76.14 -84.95
C LEU XA 58 17.18 -76.95 -86.06
N VAL XA 59 17.60 -78.16 -85.72
CA VAL XA 59 18.09 -79.15 -86.68
C VAL XA 59 17.36 -80.45 -86.37
N CYS XA 60 16.69 -81.00 -87.38
CA CYS XA 60 15.89 -82.19 -87.22
C CYS XA 60 16.78 -83.44 -87.21
N ASN XA 61 16.16 -84.59 -87.04
CA ASN XA 61 16.91 -85.85 -87.01
C ASN XA 61 17.33 -86.34 -88.39
N ASN XA 62 16.86 -85.70 -89.46
CA ASN XA 62 17.47 -85.91 -90.77
C ASN XA 62 18.69 -85.01 -90.87
N GLY XA 63 19.30 -84.96 -92.04
CA GLY XA 63 20.51 -84.18 -92.16
C GLY XA 63 20.33 -82.71 -92.46
N PHE XA 64 19.10 -82.19 -92.46
CA PHE XA 64 18.84 -80.86 -92.96
C PHE XA 64 18.50 -79.89 -91.84
N TYR XA 65 18.74 -78.62 -92.11
CA TYR XA 65 18.31 -77.56 -91.21
C TYR XA 65 16.80 -77.40 -91.25
N SER XA 66 16.23 -77.01 -90.13
CA SER XA 66 14.79 -76.89 -89.99
C SER XA 66 14.33 -75.51 -90.46
N THR XA 67 13.06 -75.22 -90.18
CA THR XA 67 12.42 -73.95 -90.50
C THR XA 67 12.34 -73.05 -89.28
N CYS XA 68 11.93 -73.60 -88.15
CA CYS XA 68 11.81 -72.83 -86.92
C CYS XA 68 13.18 -72.49 -86.36
N TYR XA 69 13.19 -71.59 -85.39
CA TYR XA 69 14.41 -71.19 -84.71
C TYR XA 69 14.27 -71.43 -83.22
N CYS XA 70 15.38 -71.25 -82.50
CA CYS XA 70 15.38 -71.40 -81.06
C CYS XA 70 15.92 -70.18 -80.31
N THR XA 71 16.74 -69.35 -80.92
CA THR XA 71 17.27 -68.17 -80.28
C THR XA 71 16.72 -66.91 -80.93
N ARG XA 72 16.83 -65.80 -80.22
CA ARG XA 72 16.46 -64.50 -80.78
C ARG XA 72 17.62 -63.82 -81.50
N HIS XA 73 18.81 -64.41 -81.46
CA HIS XA 73 19.96 -63.85 -82.19
C HIS XA 73 20.09 -64.46 -83.58
N ALA XA 74 18.99 -64.46 -84.35
CA ALA XA 74 18.99 -65.07 -85.66
C ALA XA 74 18.50 -64.05 -86.69
N VAL XA 75 18.38 -64.48 -87.93
CA VAL XA 75 18.04 -63.60 -89.04
C VAL XA 75 16.55 -63.80 -89.30
N MET XA 76 15.72 -62.98 -88.66
CA MET XA 76 14.31 -62.87 -88.99
C MET XA 76 14.08 -61.51 -89.65
N ASP XA 77 13.21 -61.49 -90.66
CA ASP XA 77 12.99 -60.27 -91.44
C ASP XA 77 11.86 -59.48 -90.79
N LEU XA 78 12.19 -58.81 -89.69
CA LEU XA 78 11.20 -58.03 -88.94
C LEU XA 78 10.96 -56.72 -89.67
N GLN XA 79 9.79 -56.59 -90.29
CA GLN XA 79 9.46 -55.39 -91.05
C GLN XA 79 8.16 -54.73 -90.60
N PHE XA 80 7.63 -55.11 -89.44
CA PHE XA 80 6.47 -54.43 -88.87
C PHE XA 80 6.73 -54.22 -87.39
N LEU XA 81 6.53 -52.99 -86.93
CA LEU XA 81 6.86 -52.62 -85.56
C LEU XA 81 5.67 -51.91 -84.93
N MET XA 82 5.73 -51.79 -83.60
CA MET XA 82 4.74 -51.06 -82.82
C MET XA 82 5.44 -49.97 -82.03
N GLY XA 83 4.73 -49.39 -81.08
CA GLY XA 83 5.28 -48.36 -80.22
C GLY XA 83 5.22 -46.99 -80.84
N CYS XA 84 5.57 -45.99 -80.04
CA CYS XA 84 5.57 -44.61 -80.52
C CYS XA 84 6.88 -43.94 -80.13
N CYS XA 85 7.01 -42.68 -80.57
CA CYS XA 85 8.25 -41.89 -80.54
C CYS XA 85 9.41 -42.61 -81.22
N LEU XA 86 9.12 -43.36 -82.28
CA LEU XA 86 10.15 -44.02 -83.05
C LEU XA 86 10.82 -43.02 -83.98
N TRP XA 87 12.01 -43.40 -84.45
CA TRP XA 87 12.92 -42.53 -85.22
C TRP XA 87 13.22 -41.24 -84.47
N HIS XA 88 13.32 -41.37 -83.15
CA HIS XA 88 13.56 -40.27 -82.23
C HIS XA 88 14.36 -40.84 -81.07
N GLY XA 89 14.39 -40.12 -79.96
CA GLY XA 89 15.08 -40.65 -78.80
C GLY XA 89 14.30 -41.67 -78.00
N GLY XA 90 13.15 -42.11 -78.49
CA GLY XA 90 12.29 -42.97 -77.73
C GLY XA 90 11.28 -42.18 -76.93
N VAL XA 91 10.42 -42.91 -76.22
CA VAL XA 91 9.41 -42.26 -75.41
C VAL XA 91 10.06 -41.62 -74.19
N TYR XA 92 9.42 -40.60 -73.66
CA TYR XA 92 9.98 -39.93 -72.51
C TYR XA 92 9.66 -40.71 -71.24
N PRO XA 93 10.66 -41.08 -70.45
CA PRO XA 93 10.39 -41.93 -69.28
C PRO XA 93 9.71 -41.19 -68.14
N GLN XA 94 10.01 -39.89 -67.98
CA GLN XA 94 9.34 -39.12 -66.95
C GLN XA 94 7.90 -38.86 -67.35
N LEU XA 95 6.98 -39.10 -66.43
CA LEU XA 95 5.56 -38.95 -66.73
C LEU XA 95 5.22 -37.47 -66.89
N ASN XA 96 4.20 -37.21 -67.69
CA ASN XA 96 3.73 -35.86 -67.95
C ASN XA 96 2.52 -35.57 -67.08
N SER XA 97 2.50 -34.36 -66.52
CA SER XA 97 1.34 -33.92 -65.77
C SER XA 97 0.12 -33.77 -66.69
N SER XA 98 0.33 -33.24 -67.89
CA SER XA 98 -0.74 -33.07 -68.86
C SER XA 98 -0.91 -34.37 -69.65
N GLY XA 99 -1.77 -34.32 -70.67
CA GLY XA 99 -2.03 -35.49 -71.50
C GLY XA 99 -1.10 -35.69 -72.67
N LEU XA 100 -0.21 -34.73 -72.94
CA LEU XA 100 0.67 -34.85 -74.09
C LEU XA 100 1.85 -35.77 -73.77
N VAL XA 101 2.50 -36.25 -74.81
CA VAL XA 101 3.67 -37.11 -74.68
C VAL XA 101 4.76 -36.59 -75.62
N VAL XA 102 5.95 -36.36 -75.08
CA VAL XA 102 7.08 -35.88 -75.84
C VAL XA 102 8.06 -37.04 -76.03
N CYS XA 103 8.93 -36.89 -77.01
CA CYS XA 103 10.01 -37.84 -77.22
C CYS XA 103 11.29 -37.34 -76.58
N ASN XA 104 12.25 -38.26 -76.41
CA ASN XA 104 13.54 -37.89 -75.85
C ASN XA 104 14.33 -37.02 -76.81
N ASP XA 105 14.08 -37.15 -78.11
CA ASP XA 105 14.59 -36.20 -79.08
C ASP XA 105 13.98 -34.81 -78.85
N GLY XA 106 12.73 -34.76 -78.40
CA GLY XA 106 12.00 -33.52 -78.24
C GLY XA 106 10.80 -33.44 -79.15
N TYR XA 107 10.62 -34.41 -80.03
CA TYR XA 107 9.46 -34.44 -80.91
C TYR XA 107 8.21 -34.80 -80.12
N VAL XA 108 7.06 -34.48 -80.70
CA VAL XA 108 5.77 -34.78 -80.10
C VAL XA 108 5.09 -35.84 -80.96
N SER XA 109 4.71 -36.95 -80.34
CA SER XA 109 4.03 -38.03 -81.05
C SER XA 109 2.53 -37.77 -80.94
N GLU XA 110 1.95 -37.23 -82.00
CA GLU XA 110 0.55 -36.80 -81.96
C GLU XA 110 -0.39 -37.99 -81.91
N GLU XA 111 -0.05 -39.07 -82.62
CA GLU XA 111 -0.88 -40.26 -82.56
C GLU XA 111 -0.74 -40.99 -81.23
N CYS XA 112 0.38 -40.81 -80.52
CA CYS XA 112 0.49 -41.32 -79.17
C CYS XA 112 -0.09 -40.35 -78.15
N SER XA 113 -0.44 -39.14 -78.57
CA SER XA 113 -1.02 -38.14 -77.69
C SER XA 113 -2.53 -38.18 -77.81
N LEU XA 114 -3.21 -38.12 -76.66
CA LEU XA 114 -4.66 -38.10 -76.62
C LEU XA 114 -5.18 -36.67 -76.45
N GLN XA 115 -6.36 -36.42 -77.00
CA GLN XA 115 -6.93 -35.08 -77.03
C GLN XA 115 -8.43 -35.20 -77.28
N LYS XA 116 -9.12 -34.07 -77.10
CA LYS XA 116 -10.52 -33.97 -77.47
C LYS XA 116 -10.74 -32.74 -78.35
N UNK YA 1 27.91 -70.99 -106.47
CA UNK YA 1 28.84 -72.10 -106.61
C UNK YA 1 29.16 -72.37 -108.07
N UNK YA 2 28.13 -72.24 -108.92
CA UNK YA 2 28.18 -72.45 -110.37
C UNK YA 2 28.64 -73.86 -110.75
N UNK YA 3 28.40 -74.82 -109.87
CA UNK YA 3 28.75 -76.22 -110.10
C UNK YA 3 27.94 -77.07 -109.14
N UNK YA 4 27.68 -78.32 -109.56
CA UNK YA 4 26.97 -79.27 -108.72
C UNK YA 4 27.93 -80.27 -108.08
N UNK YA 5 28.69 -80.99 -108.90
CA UNK YA 5 29.64 -81.98 -108.42
C UNK YA 5 30.99 -81.69 -109.08
N UNK YA 6 31.95 -81.27 -108.28
CA UNK YA 6 33.29 -81.02 -108.79
C UNK YA 6 33.97 -82.33 -109.14
N UNK YA 7 34.50 -82.42 -110.35
CA UNK YA 7 35.15 -83.63 -110.83
C UNK YA 7 36.62 -83.60 -110.46
N UNK YA 8 37.04 -84.58 -109.67
CA UNK YA 8 38.46 -84.72 -109.32
C UNK YA 8 39.12 -85.53 -110.42
N UNK YA 9 39.57 -84.83 -111.45
CA UNK YA 9 40.25 -85.37 -112.63
C UNK YA 9 39.46 -86.48 -113.34
N UNK ZA 1 33.55 79.99 -80.99
CA UNK ZA 1 34.08 79.34 -79.82
C UNK ZA 1 34.96 78.14 -80.20
N UNK ZA 2 34.35 76.96 -80.25
CA UNK ZA 2 35.05 75.72 -80.61
C UNK ZA 2 34.72 75.40 -82.07
N UNK ZA 3 35.58 75.86 -82.97
CA UNK ZA 3 35.39 75.64 -84.40
C UNK ZA 3 35.92 74.27 -84.79
N UNK ZA 4 35.21 73.61 -85.70
CA UNK ZA 4 35.56 72.26 -86.13
C UNK ZA 4 36.59 72.22 -87.24
N UNK ZA 5 36.94 73.37 -87.83
CA UNK ZA 5 37.94 73.38 -88.90
C UNK ZA 5 39.33 73.03 -88.37
N UNK ZA 6 39.70 73.58 -87.21
CA UNK ZA 6 40.97 73.22 -86.59
C UNK ZA 6 40.96 71.77 -86.11
N UNK ZA 7 39.80 71.27 -85.68
CA UNK ZA 7 39.67 69.86 -85.31
C UNK ZA 7 39.87 68.95 -86.51
N UNK ZA 8 39.32 69.32 -87.66
CA UNK ZA 8 39.53 68.55 -88.88
C UNK ZA 8 40.98 68.62 -89.34
N UNK ZA 9 41.61 69.80 -89.20
CA UNK ZA 9 43.02 69.94 -89.55
C UNK ZA 9 43.92 69.09 -88.64
N UNK ZA 10 43.63 69.08 -87.34
CA UNK ZA 10 44.40 68.24 -86.43
C UNK ZA 10 44.12 66.76 -86.65
N UNK ZA 11 42.90 66.40 -87.06
CA UNK ZA 11 42.60 65.02 -87.43
C UNK ZA 11 43.35 64.61 -88.67
N UNK ZA 12 43.48 65.51 -89.65
CA UNK ZA 12 44.28 65.25 -90.84
C UNK ZA 12 45.76 65.11 -90.49
N UNK ZA 13 46.23 65.92 -89.54
CA UNK ZA 13 47.62 65.81 -89.09
C UNK ZA 13 47.87 64.50 -88.34
N UNK ZA 14 46.87 64.04 -87.58
CA UNK ZA 14 46.98 62.74 -86.92
C UNK ZA 14 46.93 61.60 -87.92
N UNK ZA 15 46.16 61.78 -89.01
CA UNK ZA 15 46.13 60.77 -90.06
C UNK ZA 15 47.46 60.70 -90.80
N UNK ZA 16 48.02 61.86 -91.16
CA UNK ZA 16 49.31 61.93 -91.84
C UNK ZA 16 50.20 62.94 -91.10
N UNK ZA 17 50.85 62.46 -90.04
CA UNK ZA 17 51.89 63.21 -89.36
C UNK ZA 17 53.29 62.81 -89.81
N UNK ZA 18 53.37 61.84 -90.73
CA UNK ZA 18 54.62 61.38 -91.36
C UNK ZA 18 55.63 60.85 -90.33
N UNK ZA 19 55.20 59.84 -89.58
CA UNK ZA 19 56.05 59.25 -88.55
C UNK ZA 19 55.58 57.84 -88.27
N UNK ZA 20 56.40 56.84 -88.61
CA UNK ZA 20 56.13 55.43 -88.30
C UNK ZA 20 57.44 54.67 -88.39
N UNK ZA 21 57.93 54.16 -87.28
CA UNK ZA 21 59.16 53.39 -87.27
C UNK ZA 21 59.12 52.36 -86.16
N UNK ZA 22 59.55 51.13 -86.46
CA UNK ZA 22 59.49 50.03 -85.52
C UNK ZA 22 60.88 49.43 -85.31
N UNK ZA 23 61.05 48.78 -84.17
CA UNK ZA 23 62.28 48.10 -83.81
C UNK ZA 23 62.03 46.61 -83.75
N UNK ZA 24 62.90 45.83 -84.37
CA UNK ZA 24 62.78 44.38 -84.39
C UNK ZA 24 63.76 43.75 -83.42
N UNK ZA 25 63.51 42.48 -83.11
CA UNK ZA 25 64.27 41.76 -82.12
C UNK ZA 25 64.94 40.54 -82.77
N UNK ZA 26 66.04 40.11 -82.17
CA UNK ZA 26 66.73 38.91 -82.63
C UNK ZA 26 66.16 37.70 -81.87
N UNK ZA 27 66.85 36.56 -81.99
CA UNK ZA 27 66.45 35.37 -81.25
C UNK ZA 27 66.65 35.56 -79.75
N UNK ZA 28 67.72 36.26 -79.35
CA UNK ZA 28 67.90 36.69 -77.98
C UNK ZA 28 67.38 38.12 -77.76
N UNK ZA 29 66.47 38.57 -78.64
CA UNK ZA 29 65.84 39.90 -78.59
C UNK ZA 29 66.85 41.04 -78.62
N UNK ZA 30 67.87 40.91 -79.46
CA UNK ZA 30 68.83 42.00 -79.64
C UNK ZA 30 68.23 43.11 -80.49
N UNK ZA 31 68.73 44.33 -80.28
CA UNK ZA 31 68.16 45.50 -80.93
C UNK ZA 31 68.52 45.55 -82.41
N UNK ZA 32 67.50 45.77 -83.24
CA UNK ZA 32 67.68 45.96 -84.67
C UNK ZA 32 66.51 46.77 -85.19
N UNK ZA 33 66.72 48.07 -85.39
CA UNK ZA 33 65.69 48.98 -85.88
C UNK ZA 33 66.16 49.59 -87.20
N UNK ZA 34 65.25 49.63 -88.17
CA UNK ZA 34 65.56 50.17 -89.48
C UNK ZA 34 65.32 51.68 -89.49
N UNK ZA 35 65.41 52.29 -90.67
CA UNK ZA 35 65.20 53.71 -90.80
C UNK ZA 35 63.71 54.05 -90.72
N UNK ZA 36 63.42 55.34 -90.53
CA UNK ZA 36 62.05 55.79 -90.44
C UNK ZA 36 61.37 55.76 -91.81
N UNK ZA 37 60.08 55.42 -91.81
CA UNK ZA 37 59.30 55.33 -93.04
C UNK ZA 37 58.01 56.11 -92.88
N UNK ZA 38 57.53 56.66 -94.00
CA UNK ZA 38 56.30 57.47 -94.12
C UNK ZA 38 56.25 58.65 -93.14
N UNK ZA 39 57.55 38.02 -81.58
CA UNK ZA 39 58.65 38.01 -80.62
C UNK ZA 39 59.89 38.69 -81.21
N UNK ZA 40 60.14 38.44 -82.50
CA UNK ZA 40 61.25 39.06 -83.20
C UNK ZA 40 60.96 40.47 -83.67
N UNK ZA 41 59.73 40.97 -83.46
CA UNK ZA 41 59.37 42.35 -83.76
C UNK ZA 41 58.33 42.78 -82.74
N UNK ZA 42 58.71 43.70 -81.86
CA UNK ZA 42 57.81 44.14 -80.80
C UNK ZA 42 56.74 45.05 -81.37
N UNK ZA 43 55.49 44.74 -81.04
CA UNK ZA 43 54.38 45.58 -81.47
C UNK ZA 43 54.40 46.93 -80.77
N UNK ZA 44 54.92 46.98 -79.55
CA UNK ZA 44 55.10 48.25 -78.87
C UNK ZA 44 56.23 49.08 -79.47
N UNK ZA 45 57.13 48.46 -80.23
CA UNK ZA 45 58.26 49.18 -80.80
C UNK ZA 45 57.89 50.05 -81.99
N UNK ZA 46 56.71 49.87 -82.56
CA UNK ZA 46 56.24 50.76 -83.61
C UNK ZA 46 55.81 52.07 -82.98
N UNK ZA 47 56.44 53.17 -83.41
CA UNK ZA 47 56.26 54.48 -82.81
C UNK ZA 47 56.06 55.53 -83.89
N UNK ZA 48 55.37 56.60 -83.51
CA UNK ZA 48 55.05 57.70 -84.43
C UNK ZA 48 55.67 59.00 -83.94
N LYS AB 24 -0.66 -74.41 -118.61
CA LYS AB 24 -2.06 -74.05 -118.79
C LYS AB 24 -2.32 -72.63 -118.34
N PHE AB 25 -1.86 -72.30 -117.13
CA PHE AB 25 -2.08 -70.99 -116.55
C PHE AB 25 -0.77 -70.22 -116.48
N LYS AB 26 -0.74 -69.04 -117.08
CA LYS AB 26 0.38 -68.13 -116.98
C LYS AB 26 -0.01 -67.01 -116.02
N LYS AB 27 0.66 -66.95 -114.88
CA LYS AB 27 0.29 -66.02 -113.83
C LYS AB 27 0.75 -64.60 -114.14
N PRO AB 28 0.04 -63.59 -113.63
CA PRO AB 28 0.55 -62.22 -113.71
C PRO AB 28 1.70 -62.03 -112.74
N PRO AB 29 2.50 -60.98 -112.90
CA PRO AB 29 3.52 -60.67 -111.88
C PRO AB 29 2.88 -60.34 -110.54
N ILE AB 30 3.55 -60.76 -109.47
CA ILE AB 30 2.93 -60.75 -108.15
C ILE AB 30 2.88 -59.34 -107.58
N ASN AB 31 4.04 -58.71 -107.41
CA ASN AB 31 4.08 -57.33 -106.94
C ASN AB 31 4.14 -56.35 -108.11
N ASN AB 32 3.23 -56.53 -109.04
CA ASN AB 32 3.21 -55.74 -110.25
C ASN AB 32 2.61 -54.38 -109.97
N PRO AB 33 3.07 -53.34 -110.66
CA PRO AB 33 2.39 -52.05 -110.59
C PRO AB 33 1.06 -52.10 -111.32
N SER AB 34 0.03 -52.61 -110.65
CA SER AB 34 -1.29 -52.73 -111.25
C SER AB 34 -2.17 -51.51 -110.99
N ASP AB 35 -1.63 -50.49 -110.32
CA ASP AB 35 -2.40 -49.33 -109.93
C ASP AB 35 -1.86 -48.08 -110.63
N ASP AB 36 -2.79 -47.16 -110.89
CA ASP AB 36 -2.46 -45.93 -111.61
C ASP AB 36 -1.47 -45.06 -110.86
N ALA AB 37 -1.53 -45.08 -109.53
CA ALA AB 37 -0.54 -44.36 -108.76
C ALA AB 37 0.81 -45.08 -108.81
N THR AB 38 0.77 -46.42 -108.79
CA THR AB 38 2.01 -47.20 -108.72
C THR AB 38 2.81 -47.10 -110.01
N ILE AB 39 2.12 -47.08 -111.16
CA ILE AB 39 2.84 -46.95 -112.43
C ILE AB 39 3.47 -45.57 -112.54
N LYS AB 40 2.78 -44.54 -112.02
CA LYS AB 40 3.32 -43.19 -112.02
C LYS AB 40 4.55 -43.10 -111.12
N LEU AB 41 4.49 -43.74 -109.96
CA LEU AB 41 5.65 -43.78 -109.06
C LEU AB 41 6.81 -44.53 -109.70
N ALA AB 42 6.51 -45.59 -110.44
CA ALA AB 42 7.55 -46.38 -111.07
C ALA AB 42 8.25 -45.60 -112.19
N GLU AB 43 7.47 -44.92 -113.05
CA GLU AB 43 8.11 -44.15 -114.10
C GLU AB 43 8.80 -42.91 -113.55
N ALA AB 44 8.31 -42.36 -112.43
CA ALA AB 44 9.03 -41.30 -111.76
C ALA AB 44 10.36 -41.79 -111.21
N ALA AB 45 10.38 -43.02 -110.69
CA ALA AB 45 11.62 -43.61 -110.22
C ALA AB 45 12.60 -43.82 -111.37
N VAL AB 46 12.09 -44.25 -112.53
CA VAL AB 46 12.92 -44.40 -113.71
C VAL AB 46 13.51 -43.06 -114.13
N SER AB 47 12.69 -42.01 -114.06
CA SER AB 47 13.13 -40.67 -114.45
C SER AB 47 14.24 -40.15 -113.54
N VAL AB 48 14.04 -40.27 -112.22
CA VAL AB 48 15.04 -39.74 -111.29
C VAL AB 48 16.32 -40.57 -111.34
N SER AB 49 16.20 -41.89 -111.54
CA SER AB 49 17.37 -42.73 -111.67
C SER AB 49 18.16 -42.39 -112.93
N ASP AB 50 17.46 -42.14 -114.04
CA ASP AB 50 18.14 -41.79 -115.28
C ASP AB 50 18.81 -40.43 -115.17
N SER AB 51 18.15 -39.48 -114.50
CA SER AB 51 18.72 -38.16 -114.30
C SER AB 51 19.99 -38.23 -113.47
N MET AB 52 19.96 -38.98 -112.36
CA MET AB 52 21.15 -39.08 -111.53
C MET AB 52 22.23 -39.90 -112.21
N LEU AB 53 21.86 -40.86 -113.05
CA LEU AB 53 22.83 -41.63 -113.81
C LEU AB 53 23.60 -40.74 -114.79
N GLU AB 54 22.88 -39.91 -115.54
CA GLU AB 54 23.59 -39.05 -116.48
C GLU AB 54 24.31 -37.90 -115.78
N MET AB 55 23.85 -37.50 -114.59
CA MET AB 55 24.63 -36.59 -113.77
C MET AB 55 25.97 -37.20 -113.37
N ALA AB 56 25.94 -38.47 -112.95
CA ALA AB 56 27.18 -39.15 -112.59
C ALA AB 56 28.07 -39.37 -113.81
N LYS AB 57 27.46 -39.62 -114.97
CA LYS AB 57 28.20 -39.80 -116.20
C LYS AB 57 28.90 -38.51 -116.61
N VAL AB 58 28.21 -37.38 -116.54
CA VAL AB 58 28.83 -36.12 -116.92
C VAL AB 58 29.78 -35.61 -115.85
N GLU AB 59 29.67 -36.09 -114.62
CA GLU AB 59 30.53 -35.56 -113.58
C GLU AB 59 31.76 -36.40 -113.29
N LYS AB 60 31.73 -37.70 -113.58
CA LYS AB 60 32.89 -38.54 -113.28
C LYS AB 60 34.03 -38.23 -114.23
N VAL AB 61 35.24 -38.07 -113.68
CA VAL AB 61 36.43 -37.71 -114.43
C VAL AB 61 37.42 -38.85 -114.30
N ILE AB 62 37.91 -39.33 -115.44
CA ILE AB 62 38.87 -40.42 -115.49
C ILE AB 62 40.06 -39.99 -116.33
N THR AB 63 41.00 -40.93 -116.49
CA THR AB 63 42.20 -40.78 -117.30
C THR AB 63 42.32 -42.01 -118.18
N PRO AB 64 42.93 -41.87 -119.36
CA PRO AB 64 43.18 -43.06 -120.18
C PRO AB 64 44.18 -43.99 -119.52
N PRO AB 65 44.10 -45.30 -119.79
CA PRO AB 65 45.05 -46.25 -119.20
C PRO AB 65 46.43 -46.24 -119.84
N SER AB 66 46.72 -45.29 -120.72
CA SER AB 66 48.08 -45.01 -121.14
C SER AB 66 48.70 -43.84 -120.39
N LYS AB 67 47.88 -42.92 -119.88
CA LYS AB 67 48.37 -41.76 -119.16
C LYS AB 67 48.40 -41.99 -117.66
N ASP AB 68 48.14 -43.21 -117.20
CA ASP AB 68 48.18 -43.50 -115.78
C ASP AB 68 49.62 -43.58 -115.29
N ASN AB 69 49.90 -42.88 -114.21
CA ASN AB 69 51.25 -42.85 -113.63
C ASN AB 69 51.35 -43.82 -112.46
N THR AB 70 51.22 -45.10 -112.79
CA THR AB 70 51.32 -46.18 -111.82
C THR AB 70 52.46 -47.11 -112.22
N LEU AB 71 53.06 -47.75 -111.22
CA LEU AB 71 54.17 -48.67 -111.50
C LEU AB 71 53.65 -49.94 -112.14
N THR AB 72 54.32 -50.38 -113.20
CA THR AB 72 53.93 -51.58 -113.91
C THR AB 72 54.49 -52.83 -113.23
N ILE AB 73 54.28 -53.98 -113.86
CA ILE AB 73 54.66 -55.26 -113.29
C ILE AB 73 55.85 -55.79 -114.08
N PRO AB 74 57.04 -55.87 -113.49
CA PRO AB 74 58.17 -56.48 -114.21
C PRO AB 74 58.07 -57.99 -114.36
N ASN AB 75 57.22 -58.64 -113.55
CA ASN AB 75 56.86 -60.08 -113.60
C ASN AB 75 58.08 -61.01 -113.69
N ALA AB 76 59.15 -60.65 -112.99
CA ALA AB 76 60.29 -61.55 -112.88
C ALA AB 76 59.97 -62.67 -111.89
N TYR AB 77 60.80 -63.71 -111.92
CA TYR AB 77 60.51 -64.91 -111.14
C TYR AB 77 60.68 -64.68 -109.64
N ASN AB 78 61.48 -63.70 -109.24
CA ASN AB 78 61.68 -63.44 -107.82
C ASN AB 78 60.46 -62.81 -107.18
N LEU AB 79 59.56 -62.21 -107.96
CA LEU AB 79 58.39 -61.55 -107.42
C LEU AB 79 57.20 -62.49 -107.23
N GLN AB 80 57.35 -63.75 -107.60
CA GLN AB 80 56.23 -64.69 -107.60
C GLN AB 80 56.03 -65.38 -106.26
N ALA AB 81 56.81 -65.02 -105.25
CA ALA AB 81 56.62 -65.60 -103.92
C ALA AB 81 55.36 -65.03 -103.27
N ARG AB 82 54.83 -65.77 -102.32
CA ARG AB 82 53.56 -65.45 -101.68
C ARG AB 82 53.76 -65.27 -100.18
N ALA AB 83 52.89 -64.46 -99.58
CA ALA AB 83 53.04 -64.13 -98.17
C ALA AB 83 51.69 -63.71 -97.59
N SER AB 84 51.63 -63.73 -96.26
CA SER AB 84 50.56 -63.11 -95.50
C SER AB 84 51.20 -61.99 -94.68
N VAL AB 85 50.93 -60.74 -95.07
CA VAL AB 85 51.64 -59.60 -94.49
C VAL AB 85 50.61 -58.62 -93.93
N ASP AB 86 50.71 -58.35 -92.64
CA ASP AB 86 49.98 -57.26 -92.01
C ASP AB 86 50.99 -56.30 -91.39
N TRP AB 87 50.81 -55.02 -91.66
CA TRP AB 87 51.76 -54.00 -91.25
C TRP AB 87 51.03 -52.67 -91.20
N SER AB 88 51.49 -51.78 -90.32
CA SER AB 88 51.00 -50.41 -90.31
C SER AB 88 52.14 -49.53 -89.81
N GLY AB 89 52.84 -48.89 -90.73
CA GLY AB 89 53.97 -48.06 -90.37
C GLY AB 89 54.72 -47.55 -91.58
N PRO AB 90 56.01 -47.26 -91.42
CA PRO AB 90 56.80 -46.70 -92.53
C PRO AB 90 57.04 -47.67 -93.68
N ILE AB 91 57.75 -47.17 -94.69
CA ILE AB 91 57.82 -47.83 -95.98
C ILE AB 91 59.24 -48.28 -96.34
N GLU AB 92 60.27 -47.62 -95.81
CA GLU AB 92 61.63 -47.85 -96.25
C GLU AB 92 62.15 -49.19 -95.78
N GLU AB 93 61.97 -49.49 -94.49
CA GLU AB 93 62.35 -50.80 -93.98
C GLU AB 93 61.47 -51.89 -94.57
N LEU AB 94 60.22 -51.56 -94.90
CA LEU AB 94 59.30 -52.52 -95.48
C LEU AB 94 59.78 -52.98 -96.85
N THR AB 95 60.09 -52.02 -97.73
CA THR AB 95 60.60 -52.39 -99.04
C THR AB 95 62.01 -52.93 -98.97
N ALA AB 96 62.78 -52.59 -97.93
CA ALA AB 96 64.08 -53.23 -97.74
C ALA AB 96 63.92 -54.71 -97.43
N ARG AB 97 62.96 -55.06 -96.57
CA ARG AB 97 62.69 -56.47 -96.28
C ARG AB 97 62.16 -57.18 -97.52
N ILE AB 98 61.35 -56.49 -98.33
CA ILE AB 98 60.83 -57.08 -99.56
C ILE AB 98 61.95 -57.34 -100.55
N ALA AB 99 62.89 -56.41 -100.68
CA ALA AB 99 64.01 -56.59 -101.59
C ALA AB 99 64.94 -57.70 -101.12
N LYS AB 100 65.14 -57.82 -99.80
CA LYS AB 100 65.93 -58.92 -99.27
C LYS AB 100 65.23 -60.26 -99.50
N ALA AB 101 63.90 -60.29 -99.39
CA ALA AB 101 63.15 -61.50 -99.68
C ALA AB 101 63.19 -61.87 -101.16
N ALA AB 102 63.26 -60.86 -102.02
CA ALA AB 102 63.34 -61.09 -103.46
C ALA AB 102 64.76 -61.25 -103.96
N HIS AB 103 65.75 -61.13 -103.07
CA HIS AB 103 67.19 -61.15 -103.39
C HIS AB 103 67.54 -60.04 -104.37
N PHE AB 104 66.91 -58.88 -104.19
CA PHE AB 104 67.18 -57.70 -104.99
C PHE AB 104 67.92 -56.68 -104.13
N ARG AB 105 68.89 -56.00 -104.73
CA ARG AB 105 69.51 -54.89 -104.05
C ARG AB 105 68.53 -53.73 -103.95
N PHE AB 106 68.69 -52.91 -102.93
CA PHE AB 106 67.76 -51.83 -102.67
C PHE AB 106 68.53 -50.55 -102.36
N ARG AB 107 68.03 -49.44 -102.90
CA ARG AB 107 68.60 -48.13 -102.58
C ARG AB 107 67.50 -47.09 -102.61
N VAL AB 108 67.83 -45.91 -102.07
CA VAL AB 108 66.91 -44.79 -102.02
C VAL AB 108 67.45 -43.69 -102.91
N LEU AB 109 66.61 -42.67 -103.11
CA LEU AB 109 66.97 -41.54 -103.97
C LEU AB 109 66.16 -40.35 -103.46
N GLY AB 110 66.80 -39.47 -102.71
CA GLY AB 110 66.20 -38.30 -102.13
C GLY AB 110 66.53 -38.21 -100.66
N LYS AB 111 65.79 -37.35 -99.96
CA LYS AB 111 65.97 -37.13 -98.54
C LYS AB 111 64.66 -37.35 -97.82
N SER AB 112 64.73 -37.95 -96.64
CA SER AB 112 63.52 -38.28 -95.90
C SER AB 112 62.89 -37.03 -95.32
N PRO AB 113 61.56 -36.90 -95.38
CA PRO AB 113 60.89 -35.78 -94.73
C PRO AB 113 60.84 -35.99 -93.22
N SER AB 114 60.39 -34.94 -92.53
CA SER AB 114 60.29 -35.01 -91.08
C SER AB 114 59.21 -35.99 -90.65
N VAL AB 115 58.02 -35.87 -91.22
CA VAL AB 115 56.94 -36.84 -90.99
C VAL AB 115 57.02 -37.89 -92.09
N PRO AB 116 57.27 -39.14 -91.78
CA PRO AB 116 57.31 -40.18 -92.81
C PRO AB 116 55.91 -40.49 -93.32
N VAL AB 117 55.87 -41.20 -94.44
CA VAL AB 117 54.61 -41.64 -95.03
C VAL AB 117 54.32 -43.03 -94.49
N LEU AB 118 53.19 -43.17 -93.82
CA LEU AB 118 52.83 -44.41 -93.16
C LEU AB 118 51.76 -45.12 -93.98
N ILE AB 119 52.02 -46.38 -94.30
CA ILE AB 119 51.16 -47.17 -95.18
C ILE AB 119 50.71 -48.41 -94.43
N SER AB 120 49.41 -48.64 -94.41
CA SER AB 120 48.85 -49.85 -93.81
C SER AB 120 48.66 -50.91 -94.88
N ILE AB 121 49.04 -52.14 -94.56
CA ILE AB 121 48.98 -53.27 -95.48
C ILE AB 121 48.32 -54.41 -94.73
N SER AB 122 47.32 -55.04 -95.35
CA SER AB 122 46.71 -56.24 -94.78
C SER AB 122 46.40 -57.20 -95.91
N THR AB 123 47.20 -58.25 -96.04
CA THR AB 123 46.94 -59.27 -97.05
C THR AB 123 47.19 -60.64 -96.47
N LYS AB 124 46.41 -61.60 -96.94
CA LYS AB 124 46.56 -63.00 -96.56
C LYS AB 124 47.34 -63.81 -97.58
N ASP AB 125 47.19 -63.49 -98.86
CA ASP AB 125 47.94 -64.19 -99.90
C ASP AB 125 48.08 -63.23 -101.08
N GLU AB 126 49.30 -62.82 -101.37
CA GLU AB 126 49.55 -61.88 -102.45
C GLU AB 126 50.97 -62.07 -102.95
N SER AB 127 51.22 -61.64 -104.17
CA SER AB 127 52.56 -61.67 -104.72
C SER AB 127 53.19 -60.29 -104.72
N LEU AB 128 54.51 -60.29 -104.87
CA LEU AB 128 55.32 -59.15 -104.49
C LEU AB 128 55.19 -57.99 -105.46
N ALA AB 129 54.92 -58.28 -106.74
CA ALA AB 129 54.81 -57.22 -107.74
C ALA AB 129 53.57 -56.35 -107.50
N GLU AB 130 52.42 -56.99 -107.29
CA GLU AB 130 51.22 -56.22 -106.98
C GLU AB 130 51.25 -55.67 -105.57
N ILE AB 131 52.01 -56.31 -104.66
CA ILE AB 131 52.31 -55.68 -103.37
C ILE AB 131 53.01 -54.34 -103.58
N LEU AB 132 53.99 -54.32 -104.48
CA LEU AB 132 54.71 -53.10 -104.80
C LEU AB 132 53.81 -52.09 -105.51
N ARG AB 133 52.91 -52.59 -106.35
CA ARG AB 133 51.98 -51.70 -107.07
C ARG AB 133 51.04 -50.99 -106.10
N ASP AB 134 50.49 -51.72 -105.12
CA ASP AB 134 49.64 -51.06 -104.14
C ASP AB 134 50.46 -50.20 -103.17
N ILE AB 135 51.73 -50.55 -102.97
CA ILE AB 135 52.63 -49.68 -102.20
C ILE AB 135 52.82 -48.36 -102.92
N ASP AB 136 53.02 -48.40 -104.24
CA ASP AB 136 53.15 -47.19 -105.04
C ASP AB 136 51.86 -46.39 -105.05
N TYR AB 137 50.73 -47.08 -105.12
CA TYR AB 137 49.42 -46.43 -105.11
C TYR AB 137 49.16 -45.74 -103.78
N GLN AB 138 49.58 -46.35 -102.68
CA GLN AB 138 49.46 -45.70 -101.38
C GLN AB 138 50.46 -44.57 -101.22
N ALA AB 139 51.61 -44.68 -101.86
CA ALA AB 139 52.60 -43.61 -101.79
C ALA AB 139 52.11 -42.35 -102.50
N GLY AB 140 51.57 -42.52 -103.70
CA GLY AB 140 51.00 -41.40 -104.42
C GLY AB 140 52.01 -40.43 -104.97
N LYS AB 141 51.92 -39.16 -104.56
CA LYS AB 141 52.75 -38.11 -105.16
C LYS AB 141 54.03 -37.86 -104.40
N LYS AB 142 54.08 -38.17 -103.10
CA LYS AB 142 55.23 -37.78 -102.30
C LYS AB 142 56.45 -38.65 -102.60
N ALA AB 143 56.22 -39.89 -103.01
CA ALA AB 143 57.30 -40.79 -103.37
C ALA AB 143 56.76 -41.85 -104.31
N SER AB 144 57.68 -42.58 -104.94
CA SER AB 144 57.35 -43.71 -105.76
C SER AB 144 58.51 -44.70 -105.71
N ILE AB 145 58.37 -45.78 -106.44
CA ILE AB 145 59.40 -46.83 -106.47
C ILE AB 145 59.68 -47.20 -107.92
N HIS AB 146 60.95 -47.38 -108.22
CA HIS AB 146 61.37 -47.94 -109.50
C HIS AB 146 62.03 -49.28 -109.25
N VAL AB 147 61.81 -50.21 -110.17
CA VAL AB 147 62.37 -51.55 -110.08
C VAL AB 147 63.04 -51.87 -111.41
N TYR AB 148 64.31 -52.25 -111.35
CA TYR AB 148 65.08 -52.55 -112.55
C TYR AB 148 65.51 -54.01 -112.51
N PRO AB 149 65.04 -54.83 -113.45
CA PRO AB 149 65.40 -56.26 -113.47
C PRO AB 149 66.58 -56.63 -114.36
N ASN AB 150 67.22 -55.66 -115.01
CA ASN AB 150 68.46 -55.95 -115.72
C ASN AB 150 69.57 -56.27 -114.72
N SER AB 151 69.91 -55.32 -113.88
CA SER AB 151 70.66 -55.56 -112.65
C SER AB 151 69.66 -55.43 -111.52
N GLN AB 152 69.50 -56.51 -110.74
CA GLN AB 152 68.30 -56.71 -109.93
C GLN AB 152 68.25 -55.75 -108.75
N VAL AB 153 67.72 -54.55 -108.99
CA VAL AB 153 67.74 -53.49 -108.00
C VAL AB 153 66.38 -52.83 -107.92
N VAL AB 154 66.12 -52.20 -106.79
CA VAL AB 154 64.95 -51.35 -106.59
C VAL AB 154 65.43 -50.06 -105.96
N GLU AB 155 64.71 -48.98 -106.24
CA GLU AB 155 65.00 -47.70 -105.63
C GLU AB 155 63.71 -47.05 -105.20
N LEU AB 156 63.81 -46.30 -104.10
CA LEU AB 156 62.70 -45.53 -103.57
C LEU AB 156 62.98 -44.06 -103.86
N ARG AB 157 62.21 -43.47 -104.76
CA ARG AB 157 62.45 -42.10 -105.20
C ARG AB 157 61.49 -41.16 -104.49
N TYR AB 158 62.05 -40.16 -103.80
CA TYR AB 158 61.24 -39.15 -103.15
C TYR AB 158 60.77 -38.10 -104.15
N ALA AB 159 60.01 -37.13 -103.66
CA ALA AB 159 59.61 -35.98 -104.45
C ALA AB 159 60.47 -34.77 -104.07
N LYS AB 160 60.13 -33.62 -104.63
CA LYS AB 160 60.88 -32.39 -104.37
C LYS AB 160 59.98 -31.30 -103.82
N ILE BB 208 38.55 -32.58 -142.33
CA ILE BB 208 37.29 -33.10 -142.84
C ILE BB 208 37.09 -34.52 -142.28
N ILE BB 209 35.84 -34.89 -142.03
CA ILE BB 209 35.48 -36.15 -141.41
C ILE BB 209 34.69 -36.98 -142.41
N TYR BB 210 35.06 -38.24 -142.57
CA TYR BB 210 34.39 -39.14 -143.49
C TYR BB 210 33.51 -40.11 -142.70
N TYR BB 211 32.75 -40.93 -143.43
CA TYR BB 211 31.92 -41.93 -142.79
C TYR BB 211 31.75 -43.12 -143.71
N ILE BB 212 31.32 -44.24 -143.13
CA ILE BB 212 31.27 -45.53 -143.78
C ILE BB 212 29.83 -45.86 -144.13
N GLN BB 213 29.58 -46.18 -145.39
CA GLN BB 213 28.25 -46.59 -145.84
C GLN BB 213 28.10 -48.10 -145.82
N ALA BB 214 28.92 -48.82 -146.60
CA ALA BB 214 28.83 -50.26 -146.68
C ALA BB 214 30.18 -50.83 -147.09
N VAL BB 215 30.51 -52.01 -146.55
CA VAL BB 215 31.81 -52.64 -146.75
C VAL BB 215 31.58 -54.07 -147.21
N ILE BB 216 32.14 -54.43 -148.36
CA ILE BB 216 32.20 -55.81 -148.84
C ILE BB 216 33.60 -56.29 -148.51
N PRO BB 217 33.90 -57.61 -148.49
CA PRO BB 217 35.30 -58.03 -148.44
C PRO BB 217 36.06 -57.58 -149.68
N GLY BB 218 36.95 -56.59 -149.48
CA GLY BB 218 37.73 -56.04 -150.58
C GLY BB 218 37.40 -54.60 -150.92
N ARG BB 219 36.12 -54.25 -150.96
CA ARG BB 219 35.68 -52.92 -151.34
C ARG BB 219 34.81 -52.32 -150.24
N ALA BB 220 34.92 -51.01 -150.07
CA ALA BB 220 34.14 -50.31 -149.07
C ALA BB 220 33.50 -49.07 -149.69
N TRP BB 221 32.35 -48.69 -149.16
CA TRP BB 221 31.72 -47.43 -149.54
C TRP BB 221 31.98 -46.41 -148.43
N LEU BB 222 32.53 -45.28 -148.82
CA LEU BB 222 32.81 -44.18 -147.92
C LEU BB 222 32.01 -42.96 -148.35
N ILE BB 223 31.45 -42.26 -147.37
CA ILE BB 223 30.90 -40.94 -147.60
C ILE BB 223 31.75 -39.96 -146.80
N GLY BB 224 31.69 -38.69 -147.18
CA GLY BB 224 32.42 -37.64 -146.52
C GLY BB 224 31.51 -36.68 -145.78
N SER BB 225 32.14 -35.65 -145.21
CA SER BB 225 31.38 -34.55 -144.61
C SER BB 225 30.62 -33.77 -145.68
N ASN BB 226 31.22 -33.61 -146.86
CA ASN BB 226 30.58 -32.97 -148.00
C ASN BB 226 29.80 -33.95 -148.86
N GLY BB 227 29.67 -35.20 -148.43
CA GLY BB 227 28.91 -36.18 -149.17
C GLY BB 227 29.63 -36.79 -150.35
N SER BB 228 30.96 -36.83 -150.31
CA SER BB 228 31.75 -37.38 -151.40
C SER BB 228 31.71 -38.91 -151.33
N THR BB 229 31.12 -39.54 -152.34
CA THR BB 229 31.11 -40.99 -152.42
C THR BB 229 32.49 -41.51 -152.80
N LEU BB 230 32.83 -42.69 -152.29
CA LEU BB 230 34.12 -43.29 -152.58
C LEU BB 230 34.02 -44.80 -152.51
N THR BB 231 34.37 -45.47 -153.60
CA THR BB 231 34.51 -46.93 -153.62
C THR BB 231 35.99 -47.24 -153.41
N VAL BB 232 36.31 -47.77 -152.24
CA VAL BB 232 37.68 -47.83 -151.75
C VAL BB 232 38.15 -49.28 -151.73
N ARG BB 233 39.35 -49.51 -152.25
CA ARG BB 233 40.03 -50.78 -152.16
C ARG BB 233 41.11 -50.70 -151.08
N GLU BB 234 41.91 -51.77 -150.97
CA GLU BB 234 42.94 -51.80 -149.93
C GLU BB 234 44.11 -50.89 -150.25
N GLY BB 235 44.57 -50.88 -151.50
CA GLY BB 235 45.64 -49.98 -151.87
C GLY BB 235 45.13 -48.69 -152.48
N SER BB 236 44.99 -47.65 -151.66
CA SER BB 236 44.51 -46.35 -152.13
C SER BB 236 44.91 -45.28 -151.14
N LYS BB 237 44.84 -44.04 -151.59
CA LYS BB 237 45.19 -42.88 -150.79
C LYS BB 237 43.91 -42.19 -150.32
N ILE BB 238 43.85 -41.91 -149.02
CA ILE BB 238 42.71 -41.22 -148.42
C ILE BB 238 43.16 -39.81 -148.03
N PRO BB 239 42.46 -38.77 -148.45
CA PRO BB 239 42.90 -37.39 -148.15
C PRO BB 239 42.72 -37.07 -146.68
N GLY BB 240 43.80 -36.62 -146.05
CA GLY BB 240 43.81 -36.35 -144.63
C GLY BB 240 43.98 -37.57 -143.76
N TYR BB 241 44.12 -38.75 -144.35
CA TYR BB 241 44.26 -39.98 -143.59
C TYR BB 241 45.45 -40.77 -144.11
N GLY BB 242 45.77 -40.59 -145.39
CA GLY BB 242 46.90 -41.27 -145.99
C GLY BB 242 46.54 -42.57 -146.68
N MET BB 243 47.48 -43.49 -146.74
CA MET BB 243 47.19 -44.82 -147.27
C MET BB 243 46.32 -45.58 -146.27
N VAL BB 244 45.27 -46.22 -146.78
CA VAL BB 244 44.44 -47.07 -145.92
C VAL BB 244 45.26 -48.31 -145.56
N LYS BB 245 45.39 -48.56 -144.25
CA LYS BB 245 46.26 -49.61 -143.76
C LYS BB 245 45.64 -50.98 -144.01
N LEU BB 246 44.47 -51.23 -143.44
CA LEU BB 246 43.77 -52.49 -143.62
C LEU BB 246 42.27 -52.22 -143.53
N ILE BB 247 41.50 -53.17 -144.07
CA ILE BB 247 40.06 -53.13 -143.97
C ILE BB 247 39.60 -54.27 -143.06
N ASP BB 248 38.32 -54.22 -142.69
CA ASP BB 248 37.72 -55.24 -141.84
C ASP BB 248 36.31 -55.47 -142.34
N SER BB 249 36.09 -56.61 -143.00
CA SER BB 249 34.73 -56.96 -143.42
C SER BB 249 33.86 -57.36 -142.24
N LEU BB 250 34.48 -57.84 -141.16
CA LEU BB 250 33.71 -58.31 -140.01
C LEU BB 250 33.10 -57.14 -139.25
N GLN BB 251 33.94 -56.28 -138.67
CA GLN BB 251 33.48 -55.14 -137.90
C GLN BB 251 33.73 -53.87 -138.69
N GLY BB 252 32.85 -52.90 -138.53
CA GLY BB 252 32.96 -51.66 -139.28
C GLY BB 252 34.05 -50.75 -138.77
N ARG BB 253 35.30 -51.15 -138.98
CA ARG BB 253 36.46 -50.40 -138.49
C ARG BB 253 37.55 -50.47 -139.56
N ILE BB 254 37.84 -49.33 -140.18
CA ILE BB 254 38.82 -49.28 -141.27
C ILE BB 254 39.97 -48.37 -140.85
N LEU BB 255 41.19 -48.87 -140.90
CA LEU BB 255 42.36 -48.17 -140.38
C LEU BB 255 43.26 -47.69 -141.51
N THR BB 256 43.88 -46.54 -141.29
CA THR BB 256 44.73 -45.92 -142.31
C THR BB 256 46.17 -45.83 -141.81
N SER BB 257 47.02 -45.16 -142.61
CA SER BB 257 48.42 -44.99 -142.25
C SER BB 257 48.64 -43.98 -141.15
N SER BB 258 47.70 -43.06 -140.93
CA SER BB 258 47.84 -42.05 -139.89
C SER BB 258 47.35 -42.55 -138.54
N GLY BB 259 47.05 -43.84 -138.41
CA GLY BB 259 46.54 -44.38 -137.18
C GLY BB 259 45.06 -44.18 -136.96
N GLN BB 260 44.38 -43.52 -137.88
CA GLN BB 260 42.95 -43.28 -137.71
C GLN BB 260 42.16 -44.50 -138.16
N VAL BB 261 41.15 -44.85 -137.37
CA VAL BB 261 40.19 -45.89 -137.73
C VAL BB 261 38.82 -45.24 -137.84
N ILE BB 262 38.21 -45.36 -139.00
CA ILE BB 262 36.90 -44.82 -139.28
C ILE BB 262 35.86 -45.92 -139.02
N LYS BB 263 34.73 -45.52 -138.45
CA LYS BB 263 33.63 -46.40 -138.09
C LYS BB 263 32.36 -45.99 -138.85
N PHE BB 264 31.25 -46.59 -138.47
CA PHE BB 264 29.94 -46.23 -139.02
C PHE BB 264 29.44 -44.92 -138.41
N SER BB 265 28.39 -44.39 -139.02
CA SER BB 265 27.77 -43.17 -138.54
C SER BB 265 26.85 -43.48 -137.36
N GLN BB 266 26.43 -42.41 -136.67
CA GLN BB 266 25.54 -42.55 -135.53
C GLN BB 266 24.26 -41.74 -135.72
N ILE CB 862 -20.47 -10.72 -64.70
CA ILE CB 862 -21.59 -9.92 -64.24
C ILE CB 862 -22.87 -10.75 -64.30
N ILE CB 863 -23.49 -10.97 -63.14
CA ILE CB 863 -24.75 -11.70 -63.02
C ILE CB 863 -25.73 -10.85 -62.24
N LYS CB 864 -26.93 -10.68 -62.79
CA LYS CB 864 -27.98 -9.88 -62.17
C LYS CB 864 -28.43 -10.52 -60.86
N THR CB 865 -28.82 -9.68 -59.91
CA THR CB 865 -29.26 -10.17 -58.60
C THR CB 865 -30.63 -10.80 -58.73
N GLY CB 866 -30.67 -12.09 -59.07
CA GLY CB 866 -31.89 -12.87 -59.08
C GLY CB 866 -32.41 -13.33 -60.43
N ASP CB 867 -31.52 -13.53 -61.40
CA ASP CB 867 -31.95 -13.97 -62.73
C ASP CB 867 -32.08 -15.50 -62.76
N ILE CB 868 -32.45 -16.03 -63.94
CA ILE CB 868 -32.82 -17.43 -64.10
C ILE CB 868 -31.88 -18.07 -65.12
N MET CB 869 -31.49 -19.32 -64.87
CA MET CB 869 -30.65 -20.12 -65.75
C MET CB 869 -31.16 -21.55 -65.76
N PHE CB 870 -30.57 -22.38 -66.62
CA PHE CB 870 -30.92 -23.80 -66.71
C PHE CB 870 -29.65 -24.62 -66.65
N ALA CB 871 -29.73 -25.77 -65.97
CA ALA CB 871 -28.55 -26.59 -65.73
C ALA CB 871 -28.91 -28.06 -65.94
N VAL CB 872 -27.88 -28.88 -66.15
CA VAL CB 872 -28.04 -30.30 -66.43
C VAL CB 872 -27.67 -31.06 -65.17
N LEU CB 873 -28.62 -31.79 -64.62
CA LEU CB 873 -28.40 -32.65 -63.47
C LEU CB 873 -28.49 -34.11 -63.90
N ASP CB 874 -27.47 -34.89 -63.54
CA ASP CB 874 -27.30 -36.22 -64.08
C ASP CB 874 -27.20 -37.29 -62.99
N THR CB 875 -26.96 -36.87 -61.76
CA THR CB 875 -26.79 -37.82 -60.67
C THR CB 875 -27.95 -37.70 -59.67
N SER CB 876 -28.46 -38.85 -59.22
CA SER CB 876 -29.60 -38.88 -58.31
C SER CB 876 -29.17 -39.11 -56.87
N VAL CB 877 -30.05 -38.74 -55.94
CA VAL CB 877 -29.80 -38.92 -54.51
C VAL CB 877 -31.15 -38.93 -53.79
N ASN CB 878 -31.29 -39.86 -52.84
CA ASN CB 878 -32.45 -39.92 -51.96
C ASN CB 878 -32.20 -39.01 -50.75
N SER CB 879 -33.29 -38.58 -50.12
CA SER CB 879 -33.18 -37.73 -48.95
C SER CB 879 -32.90 -38.56 -47.70
N ASP CB 880 -31.74 -39.20 -47.64
CA ASP CB 880 -31.36 -40.01 -46.48
C ASP CB 880 -29.98 -39.67 -45.93
N GLU CB 881 -29.00 -39.40 -46.79
CA GLU CB 881 -27.64 -39.11 -46.36
C GLU CB 881 -27.15 -37.85 -47.05
N PRO CB 882 -26.64 -36.86 -46.31
CA PRO CB 882 -26.13 -35.64 -46.96
C PRO CB 882 -24.84 -35.90 -47.70
N GLY CB 883 -24.63 -35.13 -48.77
CA GLY CB 883 -23.42 -35.23 -49.54
C GLY CB 883 -23.36 -34.23 -50.68
N PRO CB 884 -22.16 -34.06 -51.26
CA PRO CB 884 -22.03 -33.18 -52.42
C PRO CB 884 -22.67 -33.74 -53.68
N ILE CB 885 -23.31 -32.87 -54.43
CA ILE CB 885 -24.00 -33.22 -55.67
C ILE CB 885 -23.70 -32.14 -56.70
N LEU CB 886 -23.65 -32.52 -57.98
CA LEU CB 886 -23.24 -31.63 -59.05
C LEU CB 886 -24.33 -31.49 -60.11
N ALA CB 887 -24.39 -30.32 -60.71
CA ALA CB 887 -25.16 -30.03 -61.92
C ALA CB 887 -24.24 -29.36 -62.94
N THR CB 888 -24.75 -29.12 -64.14
CA THR CB 888 -23.94 -28.50 -65.19
C THR CB 888 -24.78 -27.49 -65.96
N ILE CB 889 -24.46 -26.22 -65.80
CA ILE CB 889 -25.07 -25.17 -66.62
C ILE CB 889 -24.55 -25.30 -68.04
N VAL CB 890 -25.46 -25.35 -69.01
CA VAL CB 890 -25.10 -25.59 -70.40
C VAL CB 890 -25.49 -24.44 -71.32
N THR CB 891 -26.21 -23.44 -70.83
CA THR CB 891 -26.59 -22.32 -71.68
C THR CB 891 -26.13 -21.01 -71.08
N GLY CB 892 -26.53 -19.89 -71.69
CA GLY CB 892 -26.24 -18.59 -71.11
C GLY CB 892 -24.80 -18.16 -71.33
N LYS CB 893 -24.37 -17.23 -70.47
CA LYS CB 893 -23.04 -16.66 -70.59
C LYS CB 893 -21.96 -17.66 -70.18
N LEU CB 894 -22.17 -18.40 -69.10
CA LEU CB 894 -21.18 -19.35 -68.62
C LEU CB 894 -21.49 -20.74 -69.18
N LYS CB 895 -20.54 -21.30 -69.91
CA LYS CB 895 -20.74 -22.55 -70.64
C LYS CB 895 -19.73 -23.58 -70.15
N GLY CB 896 -20.19 -24.83 -70.01
CA GLY CB 896 -19.33 -25.89 -69.52
C GLY CB 896 -19.15 -25.86 -68.02
N SER CB 897 -19.87 -24.99 -67.33
CA SER CB 897 -19.68 -24.81 -65.90
C SER CB 897 -20.46 -25.87 -65.13
N LYS CB 898 -19.87 -26.37 -64.06
CA LYS CB 898 -20.51 -27.35 -63.21
C LYS CB 898 -20.49 -26.88 -61.76
N LEU CB 899 -21.51 -27.29 -61.01
CA LEU CB 899 -21.84 -26.67 -59.73
C LEU CB 899 -22.14 -27.75 -58.71
N ILE CB 900 -21.36 -27.79 -57.63
CA ILE CB 900 -21.56 -28.72 -56.54
C ILE CB 900 -22.21 -28.01 -55.36
N GLY CB 901 -22.93 -28.79 -54.57
CA GLY CB 901 -23.61 -28.31 -53.38
C GLY CB 901 -24.24 -29.48 -52.67
N SER CB 902 -25.39 -29.28 -52.04
CA SER CB 902 -26.04 -30.36 -51.30
C SER CB 902 -27.55 -30.16 -51.39
N PHE CB 903 -28.29 -30.84 -50.53
CA PHE CB 903 -29.73 -30.74 -50.48
C PHE CB 903 -30.17 -30.35 -49.08
N ASN CB 904 -31.48 -30.39 -48.84
CA ASN CB 904 -32.04 -30.14 -47.52
C ASN CB 904 -33.04 -31.24 -47.19
N LEU CB 905 -33.23 -31.46 -45.90
CA LEU CB 905 -34.26 -32.37 -45.44
C LEU CB 905 -35.44 -31.59 -44.91
N PRO CB 906 -36.57 -31.59 -45.60
CA PRO CB 906 -37.73 -30.80 -45.13
C PRO CB 906 -38.57 -31.54 -44.12
N SER CB 907 -39.23 -30.75 -43.26
CA SER CB 907 -40.16 -31.30 -42.29
C SER CB 907 -41.37 -31.94 -42.96
N ASN CB 908 -41.91 -31.30 -43.98
CA ASN CB 908 -42.97 -31.86 -44.80
C ASN CB 908 -42.42 -32.12 -46.19
N ALA CB 909 -42.77 -33.27 -46.76
CA ALA CB 909 -42.20 -33.73 -48.03
C ALA CB 909 -42.98 -33.25 -49.24
N ASP CB 910 -43.67 -32.11 -49.12
CA ASP CB 910 -44.40 -31.53 -50.24
C ASP CB 910 -43.51 -30.75 -51.20
N LYS CB 911 -42.23 -30.57 -50.85
CA LYS CB 911 -41.26 -29.97 -51.77
C LYS CB 911 -39.88 -30.47 -51.37
N MET CB 912 -38.94 -30.30 -52.30
CA MET CB 912 -37.55 -30.67 -52.08
C MET CB 912 -36.68 -29.82 -53.01
N VAL CB 913 -35.67 -29.19 -52.43
CA VAL CB 913 -34.83 -28.24 -53.16
C VAL CB 913 -33.38 -28.64 -52.98
N ILE CB 914 -32.53 -28.10 -53.85
CA ILE CB 914 -31.11 -28.43 -53.89
C ILE CB 914 -30.31 -27.19 -53.56
N THR CB 915 -29.48 -27.27 -52.54
CA THR CB 915 -28.63 -26.16 -52.11
C THR CB 915 -27.36 -26.18 -52.95
N PHE CB 916 -27.20 -25.19 -53.81
CA PHE CB 916 -26.09 -25.14 -54.75
C PHE CB 916 -25.28 -23.89 -54.51
N ASN CB 917 -24.01 -24.06 -54.13
CA ASN CB 917 -23.20 -22.93 -53.70
C ASN CB 917 -21.84 -22.85 -54.38
N THR CB 918 -21.28 -23.97 -54.82
CA THR CB 918 -19.88 -23.99 -55.26
C THR CB 918 -19.82 -24.20 -56.77
N MET CB 919 -19.53 -23.11 -57.50
CA MET CB 919 -19.55 -23.09 -58.96
C MET CB 919 -18.13 -23.19 -59.48
N SER CB 920 -17.94 -23.92 -60.58
CA SER CB 920 -16.67 -23.94 -61.32
C SER CB 920 -16.96 -23.70 -62.80
N ILE CB 921 -16.32 -22.67 -63.35
CA ILE CB 921 -16.40 -22.32 -64.76
C ILE CB 921 -15.11 -22.77 -65.42
N PRO CB 922 -15.16 -23.46 -66.57
CA PRO CB 922 -13.92 -23.89 -67.22
C PRO CB 922 -13.19 -22.74 -67.90
N GLY CB 923 -12.02 -23.03 -68.44
CA GLY CB 923 -11.17 -21.98 -69.00
C GLY CB 923 -10.18 -21.46 -67.99
N ALA CB 924 -10.68 -20.91 -66.88
CA ALA CB 924 -9.83 -20.37 -65.83
C ALA CB 924 -9.91 -21.23 -64.58
N GLU CB 925 -8.85 -21.16 -63.78
CA GLU CB 925 -8.78 -21.88 -62.51
C GLU CB 925 -9.37 -20.99 -61.42
N LYS CB 926 -10.70 -20.90 -61.41
CA LYS CB 926 -11.40 -20.11 -60.40
C LYS CB 926 -12.58 -20.90 -59.86
N THR CB 927 -12.99 -20.54 -58.65
CA THR CB 927 -14.16 -21.16 -58.00
C THR CB 927 -14.92 -20.03 -57.32
N ILE CB 928 -15.91 -19.47 -58.02
CA ILE CB 928 -16.69 -18.37 -57.48
C ILE CB 928 -17.78 -18.91 -56.57
N SER CB 929 -18.44 -18.02 -55.84
CA SER CB 929 -19.25 -18.44 -54.70
C SER CB 929 -20.69 -17.94 -54.79
N ILE CB 930 -21.36 -18.14 -55.92
CA ILE CB 930 -22.80 -17.86 -55.99
C ILE CB 930 -23.55 -19.02 -55.34
N SER CB 931 -24.36 -18.70 -54.34
CA SER CB 931 -25.25 -19.67 -53.73
C SER CB 931 -26.57 -19.60 -54.48
N ALA CB 932 -26.98 -20.72 -55.06
CA ALA CB 932 -28.10 -20.71 -55.99
C ALA CB 932 -29.05 -21.85 -55.62
N TYR CB 933 -30.33 -21.67 -55.90
CA TYR CB 933 -31.37 -22.63 -55.55
C TYR CB 933 -32.08 -23.14 -56.81
N ALA CB 934 -33.03 -24.04 -56.60
CA ALA CB 934 -33.61 -24.85 -57.66
C ALA CB 934 -35.11 -24.62 -57.79
N ILE CB 935 -35.60 -24.69 -59.03
CA ILE CB 935 -37.02 -24.79 -59.32
C ILE CB 935 -37.21 -25.88 -60.36
N ASP CB 936 -38.36 -26.53 -60.33
CA ASP CB 936 -38.64 -27.60 -61.29
C ASP CB 936 -38.88 -26.99 -62.67
N PRO CB 937 -38.13 -27.40 -63.68
CA PRO CB 937 -38.40 -26.91 -65.05
C PRO CB 937 -39.73 -27.41 -65.58
N ASN CB 938 -40.32 -26.59 -66.45
CA ASN CB 938 -41.64 -26.74 -67.05
C ASN CB 938 -42.78 -26.76 -66.03
N THR CB 939 -42.56 -26.25 -64.82
CA THR CB 939 -43.61 -26.17 -63.82
C THR CB 939 -43.66 -24.75 -63.25
N ALA CB 940 -42.49 -24.12 -63.17
CA ALA CB 940 -42.24 -22.84 -62.50
C ALA CB 940 -42.69 -22.89 -61.05
N ARG CB 941 -42.46 -24.05 -60.43
CA ARG CB 941 -42.85 -24.30 -59.05
C ARG CB 941 -41.66 -24.92 -58.31
N THR CB 942 -41.84 -25.16 -57.02
CA THR CB 942 -40.78 -25.67 -56.17
C THR CB 942 -40.94 -27.15 -55.81
N ALA CB 943 -41.97 -27.82 -56.31
CA ALA CB 943 -42.21 -29.20 -55.94
C ALA CB 943 -41.21 -30.13 -56.61
N LEU CB 944 -40.98 -31.28 -55.96
CA LEU CB 944 -40.11 -32.31 -56.51
C LEU CB 944 -40.96 -33.40 -57.12
N ALA CB 945 -40.63 -33.77 -58.36
CA ALA CB 945 -41.37 -34.79 -59.10
C ALA CB 945 -40.86 -36.16 -58.67
N SER CB 946 -41.45 -36.68 -57.60
CA SER CB 946 -41.12 -38.00 -57.08
C SER CB 946 -42.32 -38.52 -56.32
N ARG CB 947 -42.10 -39.59 -55.55
CA ARG CB 947 -43.14 -40.21 -54.74
C ARG CB 947 -43.05 -39.72 -53.30
N THR CB 948 -44.21 -39.65 -52.66
CA THR CB 948 -44.30 -39.26 -51.25
C THR CB 948 -45.02 -40.27 -50.39
N ASN CB 949 -45.55 -41.35 -50.97
CA ASN CB 949 -46.30 -42.37 -50.23
C ASN CB 949 -45.43 -43.59 -49.94
N HIS CB 950 -44.13 -43.38 -49.68
CA HIS CB 950 -43.17 -44.48 -49.63
C HIS CB 950 -43.35 -45.39 -48.43
N HIS CB 951 -43.49 -44.83 -47.23
CA HIS CB 951 -43.42 -45.61 -46.01
C HIS CB 951 -44.57 -45.26 -45.07
N TYR CB 952 -45.78 -45.25 -45.61
CA TYR CB 952 -46.99 -45.19 -44.79
C TYR CB 952 -47.61 -46.55 -44.57
N LEU CB 953 -47.89 -47.26 -45.66
CA LEU CB 953 -48.77 -48.42 -45.63
C LEU CB 953 -48.12 -49.63 -44.97
N MET CB 954 -46.80 -49.77 -45.10
CA MET CB 954 -46.11 -50.92 -44.50
C MET CB 954 -46.19 -50.87 -42.98
N ARG CB 955 -45.81 -49.73 -42.39
CA ARG CB 955 -45.88 -49.61 -40.94
C ARG CB 955 -47.32 -49.54 -40.44
N TYR CB 956 -48.24 -48.98 -41.26
CA TYR CB 956 -49.66 -49.01 -40.93
C TYR CB 956 -50.17 -50.45 -40.79
N GLY CB 957 -49.91 -51.28 -41.81
CA GLY CB 957 -50.35 -52.65 -41.78
C GLY CB 957 -49.68 -53.48 -40.70
N SER CB 958 -48.39 -53.21 -40.44
CA SER CB 958 -47.69 -53.92 -39.38
C SER CB 958 -48.28 -53.60 -38.01
N LEU CB 959 -48.56 -52.33 -37.75
CA LEU CB 959 -49.19 -51.93 -36.49
C LEU CB 959 -50.58 -52.54 -36.35
N PHE CB 960 -51.36 -52.50 -37.43
CA PHE CB 960 -52.72 -53.03 -37.38
C PHE CB 960 -52.74 -54.54 -37.19
N ALA CB 961 -51.77 -55.25 -37.78
CA ALA CB 961 -51.70 -56.69 -37.62
C ALA CB 961 -51.26 -57.06 -36.20
N SER CB 962 -50.31 -56.32 -35.63
CA SER CB 962 -49.89 -56.56 -34.24
C SER CB 962 -51.05 -56.34 -33.27
N SER CB 963 -51.81 -55.25 -33.50
CA SER CB 963 -53.01 -54.98 -32.72
C SER CB 963 -54.00 -56.13 -32.84
N PHE CB 964 -54.35 -56.52 -34.06
CA PHE CB 964 -55.35 -57.55 -34.32
C PHE CB 964 -54.96 -58.89 -33.69
N LEU CB 965 -53.65 -59.17 -33.63
CA LEU CB 965 -53.17 -60.37 -32.93
C LEU CB 965 -53.44 -60.27 -31.42
N GLN CB 966 -53.09 -59.13 -30.82
CA GLN CB 966 -53.35 -58.92 -29.38
C GLN CB 966 -54.83 -59.06 -29.07
N GLY CB 967 -55.67 -58.45 -29.89
CA GLY CB 967 -57.11 -58.52 -29.68
C GLY CB 967 -57.66 -59.91 -29.84
N PHE CB 968 -57.10 -60.69 -30.79
CA PHE CB 968 -57.60 -62.04 -31.04
C PHE CB 968 -57.35 -62.93 -29.85
N GLY CB 969 -56.12 -62.88 -29.34
CA GLY CB 969 -55.81 -63.68 -28.18
C GLY CB 969 -56.61 -63.28 -26.95
N ASN CB 970 -56.71 -61.97 -26.67
CA ASN CB 970 -57.38 -61.60 -25.43
C ASN CB 970 -58.89 -61.82 -25.48
N ALA CB 971 -59.55 -61.47 -26.59
CA ALA CB 971 -61.01 -61.60 -26.61
C ALA CB 971 -61.43 -63.07 -26.74
N PHE CB 972 -60.72 -63.86 -27.54
CA PHE CB 972 -61.12 -65.25 -27.59
C PHE CB 972 -60.56 -66.06 -26.43
N GLN CB 973 -59.69 -65.48 -25.60
CA GLN CB 973 -59.44 -66.06 -24.29
C GLN CB 973 -60.54 -65.69 -23.31
N SER CB 974 -61.06 -64.47 -23.41
CA SER CB 974 -62.05 -64.01 -22.45
C SER CB 974 -63.41 -64.67 -22.66
N ALA CB 975 -63.76 -64.97 -23.92
CA ALA CB 975 -65.07 -65.51 -24.23
C ALA CB 975 -65.13 -67.04 -24.11
N ASN CB 976 -64.24 -67.65 -23.33
CA ASN CB 976 -64.19 -69.11 -23.23
C ASN CB 976 -65.36 -69.69 -22.44
N THR CB 977 -65.71 -69.09 -21.31
CA THR CB 977 -66.75 -69.66 -20.47
C THR CB 977 -68.14 -69.41 -21.06
N THR CB 978 -68.32 -68.30 -21.78
CA THR CB 978 -69.59 -68.03 -22.43
C THR CB 978 -69.42 -67.93 -23.94
N SER CB 999 -58.45 -77.90 -28.87
CA SER CB 999 -57.18 -77.37 -28.40
C SER CB 999 -56.59 -76.40 -29.41
N THR CB 1000 -56.97 -76.60 -30.68
CA THR CB 1000 -56.41 -75.81 -31.77
C THR CB 1000 -56.79 -74.34 -31.69
N LEU CB 1001 -58.06 -74.06 -31.36
CA LEU CB 1001 -58.47 -72.67 -31.19
C LEU CB 1001 -57.80 -72.04 -29.98
N GLU CB 1002 -57.54 -72.85 -28.95
CA GLU CB 1002 -56.77 -72.38 -27.80
C GLU CB 1002 -55.34 -72.01 -28.21
N ASN CB 1003 -54.73 -72.80 -29.10
CA ASN CB 1003 -53.40 -72.48 -29.56
C ASN CB 1003 -53.38 -71.26 -30.47
N ALA CB 1004 -54.48 -71.03 -31.20
CA ALA CB 1004 -54.61 -69.78 -31.95
C ALA CB 1004 -54.68 -68.57 -31.01
N VAL CB 1005 -55.47 -68.70 -29.94
CA VAL CB 1005 -55.53 -67.69 -28.88
C VAL CB 1005 -54.15 -67.46 -28.30
N ILE CB 1006 -53.41 -68.55 -28.08
CA ILE CB 1006 -52.05 -68.53 -27.54
C ILE CB 1006 -51.12 -67.69 -28.42
N GLY CB 1007 -51.14 -67.99 -29.74
CA GLY CB 1007 -50.14 -67.42 -30.61
C GLY CB 1007 -50.39 -65.94 -30.81
N LEU CB 1008 -51.65 -65.59 -31.07
CA LEU CB 1008 -51.96 -64.19 -31.32
C LEU CB 1008 -51.87 -63.38 -30.02
N ALA CB 1009 -52.30 -63.99 -28.89
CA ALA CB 1009 -52.23 -63.38 -27.56
C ALA CB 1009 -50.84 -63.00 -27.15
N THR CB 1010 -49.85 -63.76 -27.57
CA THR CB 1010 -48.53 -63.40 -27.11
C THR CB 1010 -47.68 -62.70 -28.15
N VAL CB 1011 -47.86 -62.95 -29.45
CA VAL CB 1011 -47.06 -62.23 -30.42
C VAL CB 1011 -47.64 -60.89 -30.80
N GLY CB 1012 -48.86 -60.57 -30.35
CA GLY CB 1012 -49.39 -59.24 -30.61
C GLY CB 1012 -48.65 -58.14 -29.86
N LYS CB 1013 -48.31 -58.39 -28.59
CA LYS CB 1013 -47.88 -57.30 -27.69
C LYS CB 1013 -46.49 -56.78 -28.04
N ALA CB 1014 -45.52 -57.68 -28.24
CA ALA CB 1014 -44.16 -57.27 -28.55
C ALA CB 1014 -44.10 -56.60 -29.92
N TRP CB 1015 -44.83 -57.13 -30.90
CA TRP CB 1015 -44.90 -56.49 -32.20
C TRP CB 1015 -45.63 -55.14 -32.11
N SER CB 1016 -46.59 -55.00 -31.20
CA SER CB 1016 -47.28 -53.72 -31.04
C SER CB 1016 -46.35 -52.65 -30.49
N GLN CB 1017 -45.57 -52.98 -29.44
CA GLN CB 1017 -44.67 -51.97 -28.90
C GLN CB 1017 -43.51 -51.68 -29.86
N GLN CB 1018 -43.03 -52.70 -30.58
CA GLN CB 1018 -41.97 -52.44 -31.56
C GLN CB 1018 -42.48 -51.64 -32.76
N ALA CB 1019 -43.74 -51.86 -33.15
CA ALA CB 1019 -44.32 -51.09 -34.25
C ALA CB 1019 -44.57 -49.65 -33.85
N GLN CB 1020 -44.97 -49.42 -32.60
CA GLN CB 1020 -45.05 -48.05 -32.10
C GLN CB 1020 -43.67 -47.42 -31.98
N GLN CB 1021 -42.65 -48.24 -31.73
CA GLN CB 1021 -41.28 -47.74 -31.71
C GLN CB 1021 -40.82 -47.28 -33.09
N LEU CB 1022 -41.00 -48.12 -34.11
CA LEU CB 1022 -40.47 -47.81 -35.44
C LEU CB 1022 -41.49 -47.11 -36.34
N PHE CB 1023 -42.65 -46.74 -35.81
CA PHE CB 1023 -43.71 -46.18 -36.64
C PHE CB 1023 -43.41 -44.73 -37.05
N ASN CB 1024 -42.46 -44.10 -36.40
CA ASN CB 1024 -42.21 -42.67 -36.54
C ASN CB 1024 -41.37 -42.30 -37.76
N THR CB 1025 -41.00 -43.25 -38.60
CA THR CB 1025 -40.10 -42.95 -39.72
C THR CB 1025 -40.86 -42.22 -40.83
N PRO CB 1026 -40.41 -41.04 -41.24
CA PRO CB 1026 -41.13 -40.27 -42.26
C PRO CB 1026 -40.83 -40.80 -43.66
N THR CB 1027 -41.56 -40.28 -44.64
CA THR CB 1027 -41.41 -40.66 -46.04
C THR CB 1027 -40.35 -39.76 -46.68
N THR CB 1028 -39.32 -40.40 -47.23
CA THR CB 1028 -38.22 -39.69 -47.87
C THR CB 1028 -38.59 -39.31 -49.31
N VAL CB 1029 -37.75 -38.47 -49.91
CA VAL CB 1029 -37.90 -38.07 -51.31
C VAL CB 1029 -36.58 -38.34 -52.02
N GLU CB 1030 -36.63 -38.34 -53.35
CA GLU CB 1030 -35.46 -38.68 -54.15
C GLU CB 1030 -35.54 -37.98 -55.51
N VAL CB 1031 -34.51 -37.22 -55.84
CA VAL CB 1031 -34.40 -36.65 -57.18
C VAL CB 1031 -33.92 -37.72 -58.15
N TYR CB 1032 -34.02 -37.41 -59.45
CA TYR CB 1032 -33.71 -38.40 -60.47
C TYR CB 1032 -32.40 -38.09 -61.18
N SER CB 1033 -31.85 -39.11 -61.84
CA SER CB 1033 -30.55 -39.04 -62.49
C SER CB 1033 -30.63 -38.77 -63.99
N GLY CB 1034 -31.74 -38.24 -64.48
CA GLY CB 1034 -31.83 -37.97 -65.91
C GLY CB 1034 -32.57 -36.69 -66.24
N THR CB 1035 -32.76 -35.84 -65.25
CA THR CB 1035 -33.51 -34.61 -65.41
C THR CB 1035 -32.66 -33.44 -64.92
N GLY CB 1036 -32.57 -32.39 -65.74
CA GLY CB 1036 -31.92 -31.17 -65.32
C GLY CB 1036 -32.83 -30.33 -64.44
N LEU CB 1037 -32.48 -29.06 -64.32
CA LEU CB 1037 -33.17 -28.21 -63.36
C LEU CB 1037 -33.08 -26.76 -63.81
N GLY CB 1038 -33.96 -25.94 -63.21
CA GLY CB 1038 -33.88 -24.50 -63.34
C GLY CB 1038 -33.29 -23.90 -62.08
N ILE CB 1039 -32.46 -22.88 -62.28
CA ILE CB 1039 -31.68 -22.29 -61.20
C ILE CB 1039 -31.95 -20.79 -61.15
N LEU CB 1040 -32.45 -20.33 -60.01
CA LEU CB 1040 -32.57 -18.89 -59.77
C LEU CB 1040 -31.38 -18.44 -58.93
N PHE CB 1041 -30.87 -17.26 -59.25
CA PHE CB 1041 -29.67 -16.74 -58.61
C PHE CB 1041 -30.03 -15.89 -57.39
N THR CB 1042 -29.04 -15.67 -56.54
CA THR CB 1042 -29.19 -14.87 -55.34
C THR CB 1042 -28.26 -13.67 -55.33
N GLN CB 1043 -26.98 -13.86 -55.65
CA GLN CB 1043 -26.00 -12.79 -55.59
C GLN CB 1043 -25.35 -12.61 -56.96
N ASP CB 1044 -24.43 -11.65 -57.03
CA ASP CB 1044 -23.72 -11.31 -58.25
C ASP CB 1044 -22.31 -11.88 -58.19
N VAL CB 1045 -21.75 -12.20 -59.35
CA VAL CB 1045 -20.37 -12.68 -59.47
C VAL CB 1045 -19.70 -11.92 -60.62
N THR CB 1046 -18.37 -11.99 -60.64
CA THR CB 1046 -17.57 -11.35 -61.67
C THR CB 1046 -17.36 -12.27 -62.86
N GLN DB 791 79.30 71.95 55.04
CA GLN DB 791 78.15 72.77 55.39
C GLN DB 791 77.08 72.65 54.30
N GLN DB 792 77.50 72.21 53.11
CA GLN DB 792 76.60 71.93 52.01
C GLN DB 792 76.05 70.52 52.05
N GLU DB 793 76.41 69.75 53.06
CA GLU DB 793 76.01 68.36 53.17
C GLU DB 793 74.65 68.18 53.82
N ILE DB 794 73.99 69.27 54.22
CA ILE DB 794 72.66 69.17 54.80
C ILE DB 794 71.64 68.73 53.75
N GLN DB 795 71.75 69.29 52.55
CA GLN DB 795 70.69 69.15 51.56
C GLN DB 795 70.70 67.77 50.93
N GLN DB 796 71.89 67.18 50.77
CA GLN DB 796 71.96 65.82 50.23
C GLN DB 796 71.40 64.80 51.21
N ARG DB 797 71.62 65.03 52.51
CA ARG DB 797 70.94 64.22 53.52
C ARG DB 797 69.47 64.55 53.57
N THR DB 798 69.09 65.78 53.23
CA THR DB 798 67.69 66.12 53.09
C THR DB 798 67.08 65.53 51.83
N SER DB 799 67.91 65.32 50.79
CA SER DB 799 67.39 64.90 49.50
C SER DB 799 66.86 63.47 49.52
N ASP DB 800 67.66 62.54 50.04
CA ASP DB 800 67.19 61.15 50.09
C ASP DB 800 66.22 60.94 51.25
N MET DB 801 66.19 61.87 52.20
CA MET DB 801 65.17 61.82 53.24
C MET DB 801 63.78 62.08 52.69
N LEU DB 802 63.70 62.88 51.61
CA LEU DB 802 62.44 63.05 50.90
C LEU DB 802 61.97 61.73 50.30
N THR DB 803 62.90 60.98 49.70
CA THR DB 803 62.56 59.72 49.07
C THR DB 803 62.09 58.70 50.10
N ALA DB 804 62.74 58.67 51.26
CA ALA DB 804 62.27 57.82 52.34
C ALA DB 804 60.94 58.30 52.91
N ALA DB 805 60.73 59.61 52.96
CA ALA DB 805 59.48 60.11 53.49
C ALA DB 805 58.31 59.91 52.53
N THR DB 806 58.57 60.01 51.23
CA THR DB 806 57.49 59.93 50.25
C THR DB 806 56.90 58.54 50.13
N GLN DB 807 57.69 57.50 50.37
CA GLN DB 807 57.15 56.15 50.19
C GLN DB 807 56.23 55.76 51.33
N LEU DB 808 56.56 56.15 52.56
CA LEU DB 808 55.88 55.59 53.72
C LEU DB 808 54.49 56.13 53.91
N VAL DB 809 54.24 57.38 53.51
CA VAL DB 809 52.88 57.92 53.54
C VAL DB 809 52.01 57.20 52.52
N GLN DB 810 52.59 56.86 51.35
CA GLN DB 810 51.91 56.01 50.39
C GLN DB 810 51.72 54.60 50.94
N ASP DB 811 52.59 54.16 51.84
CA ASP DB 811 52.42 52.87 52.48
C ASP DB 811 51.34 52.92 53.57
N TRP DB 812 50.87 54.11 53.94
CA TRP DB 812 49.85 54.23 54.98
C TRP DB 812 48.49 54.60 54.43
N LYS DB 813 48.43 55.17 53.22
CA LYS DB 813 47.16 55.66 52.70
C LYS DB 813 46.22 54.54 52.30
N GLN DB 814 46.76 53.44 51.78
CA GLN DB 814 45.91 52.37 51.29
C GLN DB 814 45.30 51.59 52.44
N VAL DB 815 44.16 50.95 52.15
CA VAL DB 815 43.49 50.08 53.11
C VAL DB 815 42.73 49.03 52.31
N GLU DB 816 43.00 47.77 52.61
CA GLU DB 816 42.30 46.69 51.92
C GLU DB 816 40.91 46.52 52.50
N THR DB 817 39.98 46.18 51.61
CA THR DB 817 38.60 45.94 52.03
C THR DB 817 38.51 44.62 52.79
N GLN DB 818 37.66 44.62 53.82
CA GLN DB 818 37.36 43.39 54.53
C GLN DB 818 36.61 42.43 53.60
N VAL DB 819 36.77 41.14 53.87
CA VAL DB 819 36.24 40.08 53.01
C VAL DB 819 35.27 39.25 53.83
N TYR DB 820 34.01 39.24 53.41
CA TYR DB 820 33.00 38.40 54.01
C TYR DB 820 32.94 37.09 53.24
N THR DB 821 33.16 35.99 53.94
CA THR DB 821 33.21 34.67 53.32
C THR DB 821 31.99 33.87 53.74
N GLU DB 822 31.37 33.19 52.78
CA GLU DB 822 30.15 32.44 53.03
C GLU DB 822 30.47 31.00 53.41
N GLY DB 823 29.42 30.25 53.79
CA GLY DB 823 29.57 28.85 54.10
C GLY DB 823 28.25 28.14 54.31
N THR DB 824 28.06 27.00 53.65
CA THR DB 824 26.87 26.18 53.85
C THR DB 824 27.20 24.70 53.65
N MET EB 23 13.55 -92.85 -100.86
CA MET EB 23 12.44 -91.94 -100.63
C MET EB 23 12.71 -91.03 -99.45
N LYS EB 24 13.62 -91.46 -98.58
CA LYS EB 24 14.00 -90.71 -97.40
C LYS EB 24 15.47 -90.35 -97.48
N PHE EB 25 15.79 -89.08 -97.21
CA PHE EB 25 17.12 -88.54 -97.45
C PHE EB 25 17.61 -87.80 -96.21
N LYS EB 26 18.93 -87.75 -96.07
CA LYS EB 26 19.56 -87.08 -94.94
C LYS EB 26 20.99 -86.73 -95.35
N LYS EB 27 21.81 -86.39 -94.36
CA LYS EB 27 23.21 -86.06 -94.57
C LYS EB 27 24.08 -86.95 -93.69
N PRO EB 28 25.32 -87.22 -94.12
CA PRO EB 28 26.18 -88.18 -93.38
C PRO EB 28 26.51 -87.77 -91.95
N PRO EB 29 26.69 -86.45 -91.58
CA PRO EB 29 26.84 -86.18 -90.15
C PRO EB 29 25.53 -86.34 -89.38
N ILE EB 30 25.41 -87.46 -88.68
CA ILE EB 30 24.32 -87.74 -87.74
C ILE EB 30 24.99 -88.12 -86.44
N ASN EB 31 24.94 -87.23 -85.45
CA ASN EB 31 25.69 -87.42 -84.22
C ASN EB 31 24.76 -87.28 -83.03
N ASN EB 32 25.34 -87.47 -81.85
CA ASN EB 32 24.66 -87.16 -80.62
C ASN EB 32 24.46 -85.65 -80.51
N PRO EB 33 23.41 -85.20 -79.83
CA PRO EB 33 23.14 -83.75 -79.76
C PRO EB 33 24.21 -83.00 -79.00
N SER EB 34 24.46 -81.78 -79.44
CA SER EB 34 25.55 -80.96 -78.94
C SER EB 34 25.04 -80.09 -77.79
N ASP EB 35 25.89 -79.16 -77.33
CA ASP EB 35 25.50 -78.21 -76.30
C ASP EB 35 26.06 -76.84 -76.64
N ASP EB 36 25.22 -75.83 -76.40
CA ASP EB 36 25.50 -74.45 -76.80
C ASP EB 36 26.73 -73.88 -76.11
N ALA EB 37 26.97 -74.27 -74.87
CA ALA EB 37 28.17 -73.82 -74.16
C ALA EB 37 29.42 -74.34 -74.84
N THR EB 38 29.40 -75.61 -75.26
CA THR EB 38 30.49 -76.18 -76.02
C THR EB 38 30.63 -75.51 -77.39
N ILE EB 39 29.50 -75.11 -77.97
CA ILE EB 39 29.52 -74.39 -79.25
C ILE EB 39 30.26 -73.06 -79.11
N LYS EB 40 29.93 -72.33 -78.05
CA LYS EB 40 30.60 -71.05 -77.80
C LYS EB 40 32.06 -71.24 -77.41
N LEU EB 41 32.36 -72.36 -76.75
CA LEU EB 41 33.75 -72.71 -76.47
C LEU EB 41 34.53 -72.93 -77.76
N ALA EB 42 33.93 -73.64 -78.72
CA ALA EB 42 34.56 -73.82 -80.02
C ALA EB 42 34.71 -72.50 -80.76
N GLU EB 43 33.71 -71.62 -80.61
CA GLU EB 43 33.73 -70.30 -81.22
C GLU EB 43 34.90 -69.47 -80.72
N ALA EB 44 35.17 -69.52 -79.42
CA ALA EB 44 36.36 -68.85 -78.90
C ALA EB 44 37.63 -69.55 -79.35
N ALA EB 45 37.61 -70.89 -79.36
CA ALA EB 45 38.81 -71.67 -79.54
C ALA EB 45 39.36 -71.58 -80.94
N VAL EB 46 38.50 -71.45 -81.95
CA VAL EB 46 39.00 -71.35 -83.31
C VAL EB 46 39.75 -70.04 -83.53
N SER EB 47 39.26 -68.96 -82.94
CA SER EB 47 39.94 -67.68 -83.06
C SER EB 47 41.24 -67.68 -82.27
N VAL EB 48 41.24 -68.34 -81.10
CA VAL EB 48 42.47 -68.50 -80.33
C VAL EB 48 43.52 -69.28 -81.12
N SER EB 49 43.08 -70.36 -81.77
CA SER EB 49 44.00 -71.19 -82.55
C SER EB 49 44.55 -70.44 -83.75
N ASP EB 50 43.70 -69.65 -84.42
CA ASP EB 50 44.17 -68.87 -85.56
C ASP EB 50 45.15 -67.80 -85.14
N SER EB 51 44.90 -67.15 -84.00
CA SER EB 51 45.82 -66.13 -83.50
C SER EB 51 47.17 -66.74 -83.13
N MET EB 52 47.14 -67.90 -82.49
CA MET EB 52 48.39 -68.59 -82.18
C MET EB 52 49.09 -69.07 -83.43
N LEU EB 53 48.34 -69.44 -84.46
CA LEU EB 53 48.92 -69.90 -85.72
C LEU EB 53 49.65 -68.76 -86.43
N GLU EB 54 49.03 -67.59 -86.51
CA GLU EB 54 49.72 -66.47 -87.15
C GLU EB 54 50.87 -65.95 -86.29
N MET EB 55 50.74 -66.05 -84.96
CA MET EB 55 51.85 -65.67 -84.09
C MET EB 55 53.06 -66.58 -84.30
N ALA EB 56 52.83 -67.89 -84.40
CA ALA EB 56 53.92 -68.81 -84.64
C ALA EB 56 54.53 -68.61 -86.02
N LYS EB 57 53.68 -68.34 -87.01
CA LYS EB 57 54.17 -68.09 -88.36
C LYS EB 57 55.03 -66.84 -88.42
N VAL EB 58 54.59 -65.76 -87.77
CA VAL EB 58 55.37 -64.53 -87.81
C VAL EB 58 56.61 -64.67 -86.93
N GLU EB 59 56.59 -65.54 -85.91
CA GLU EB 59 57.80 -65.74 -85.12
C GLU EB 59 58.85 -66.52 -85.91
N LYS EB 60 58.40 -67.50 -86.69
CA LYS EB 60 59.30 -68.23 -87.59
C LYS EB 60 59.87 -67.30 -88.66
N VAL EB 61 59.03 -66.37 -89.16
CA VAL EB 61 59.52 -65.37 -90.10
C VAL EB 61 60.53 -64.45 -89.42
N ILE EB 62 60.29 -64.10 -88.16
CA ILE EB 62 61.13 -63.15 -87.44
C ILE EB 62 62.52 -63.74 -87.18
N THR EB 63 62.57 -64.99 -86.73
CA THR EB 63 63.89 -65.52 -86.45
C THR EB 63 64.05 -66.93 -87.01
N PRO EB 64 65.23 -67.24 -87.56
CA PRO EB 64 65.50 -68.61 -88.01
C PRO EB 64 66.12 -69.43 -86.89
N PRO EB 65 65.55 -70.60 -86.59
CA PRO EB 65 66.22 -71.51 -85.66
C PRO EB 65 67.43 -72.15 -86.33
N SER EB 66 68.40 -72.53 -85.50
CA SER EB 66 69.65 -73.05 -86.04
C SER EB 66 70.05 -74.38 -85.43
N LYS EB 67 69.65 -74.62 -84.19
CA LYS EB 67 70.13 -75.76 -83.43
C LYS EB 67 69.00 -76.73 -83.14
N ASP EB 68 69.38 -77.97 -82.84
CA ASP EB 68 68.44 -79.00 -82.45
C ASP EB 68 68.98 -79.75 -81.25
N ASN EB 69 68.07 -80.24 -80.42
CA ASN EB 69 68.44 -80.95 -79.20
C ASN EB 69 69.09 -82.31 -79.48
N THR EB 70 68.96 -82.84 -80.70
CA THR EB 70 69.59 -84.10 -81.03
C THR EB 70 71.11 -84.00 -81.00
N LEU EB 71 71.65 -82.82 -81.28
CA LEU EB 71 73.09 -82.61 -81.19
C LEU EB 71 73.57 -82.69 -79.75
N THR EB 72 72.92 -81.96 -78.84
CA THR EB 72 73.40 -81.92 -77.46
C THR EB 72 73.03 -83.16 -76.68
N ILE EB 73 72.03 -83.92 -77.12
CA ILE EB 73 71.78 -85.24 -76.53
C ILE EB 73 71.31 -86.18 -77.65
N PRO EB 74 72.05 -87.24 -77.93
CA PRO EB 74 71.63 -88.19 -78.96
C PRO EB 74 70.67 -89.24 -78.43
N ASN EB 75 70.40 -90.26 -79.23
CA ASN EB 75 69.61 -91.39 -78.82
C ASN EB 75 70.41 -92.68 -79.05
N ALA EB 76 70.06 -93.71 -78.29
CA ALA EB 76 70.76 -94.98 -78.35
C ALA EB 76 69.76 -96.09 -78.07
N TYR EB 77 70.26 -97.28 -77.76
CA TYR EB 77 69.41 -98.44 -77.53
C TYR EB 77 68.67 -98.29 -76.19
N ASN EB 78 67.71 -99.20 -75.99
CA ASN EB 78 66.72 -99.27 -74.91
C ASN EB 78 66.09 -97.92 -74.59
N LEU EB 79 65.85 -97.11 -75.62
CA LEU EB 79 65.07 -95.91 -75.51
C LEU EB 79 63.82 -95.97 -76.35
N GLN EB 80 63.62 -97.08 -77.06
CA GLN EB 80 62.51 -97.22 -77.99
C GLN EB 80 61.29 -97.85 -77.35
N ALA EB 81 61.32 -98.10 -76.05
CA ALA EB 81 60.15 -98.55 -75.33
C ALA EB 81 59.09 -97.47 -75.36
N ARG EB 82 57.83 -97.90 -75.41
CA ARG EB 82 56.74 -96.96 -75.58
C ARG EB 82 56.27 -96.43 -74.24
N ALA EB 83 55.77 -95.20 -74.26
CA ALA EB 83 55.31 -94.55 -73.04
C ALA EB 83 54.18 -93.60 -73.40
N SER EB 84 52.97 -93.92 -72.95
CA SER EB 84 51.83 -93.03 -73.13
C SER EB 84 51.45 -92.48 -71.76
N VAL EB 85 51.51 -91.16 -71.61
CA VAL EB 85 51.35 -90.55 -70.30
C VAL EB 85 50.41 -89.35 -70.38
N ASP EB 86 49.77 -89.08 -69.24
CA ASP EB 86 49.22 -87.77 -68.94
C ASP EB 86 49.76 -87.37 -67.57
N TRP EB 87 50.10 -86.09 -67.42
CA TRP EB 87 50.86 -85.63 -66.27
C TRP EB 87 50.82 -84.11 -66.25
N SER EB 88 50.64 -83.53 -65.07
CA SER EB 88 50.62 -82.08 -64.94
C SER EB 88 51.32 -81.65 -63.65
N GLY EB 89 52.43 -82.29 -63.32
CA GLY EB 89 53.10 -82.01 -62.08
C GLY EB 89 54.49 -81.45 -62.25
N PRO EB 90 55.26 -81.43 -61.17
CA PRO EB 90 56.68 -81.09 -61.27
C PRO EB 90 57.44 -82.15 -62.05
N ILE EB 91 58.53 -81.71 -62.69
CA ILE EB 91 59.20 -82.54 -63.67
C ILE EB 91 60.14 -83.57 -63.06
N GLU EB 92 60.54 -83.38 -61.81
CA GLU EB 92 61.65 -84.15 -61.25
C GLU EB 92 61.26 -85.60 -60.99
N GLU EB 93 60.07 -85.79 -60.40
CA GLU EB 93 59.58 -87.14 -60.14
C GLU EB 93 59.22 -87.87 -61.43
N LEU EB 94 58.74 -87.13 -62.43
CA LEU EB 94 58.46 -87.74 -63.73
C LEU EB 94 59.73 -88.21 -64.40
N THR EB 95 60.78 -87.39 -64.35
CA THR EB 95 62.06 -87.81 -64.89
C THR EB 95 62.68 -88.95 -64.09
N ALA EB 96 62.41 -89.01 -62.79
CA ALA EB 96 62.86 -90.14 -61.98
C ALA EB 96 62.18 -91.43 -62.40
N ARG EB 97 60.87 -91.36 -62.68
CA ARG EB 97 60.16 -92.52 -63.22
C ARG EB 97 60.72 -92.93 -64.57
N ILE EB 98 61.06 -91.95 -65.40
CA ILE EB 98 61.64 -92.21 -66.72
C ILE EB 98 63.00 -92.91 -66.60
N ALA EB 99 63.84 -92.42 -65.69
CA ALA EB 99 65.16 -93.01 -65.50
C ALA EB 99 65.08 -94.40 -64.89
N LYS EB 100 64.10 -94.62 -64.00
CA LYS EB 100 63.88 -95.95 -63.46
C LYS EB 100 63.42 -96.93 -64.54
N ALA EB 101 62.58 -96.47 -65.46
CA ALA EB 101 62.21 -97.29 -66.61
C ALA EB 101 63.42 -97.56 -67.50
N ALA EB 102 64.28 -96.56 -67.67
CA ALA EB 102 65.44 -96.68 -68.53
C ALA EB 102 66.57 -97.46 -67.90
N HIS EB 103 66.48 -97.76 -66.59
CA HIS EB 103 67.55 -98.36 -65.80
C HIS EB 103 68.82 -97.53 -65.89
N PHE EB 104 68.65 -96.21 -65.88
CA PHE EB 104 69.75 -95.27 -66.03
C PHE EB 104 69.90 -94.47 -64.76
N ARG EB 105 71.14 -94.06 -64.47
CA ARG EB 105 71.38 -93.33 -63.24
C ARG EB 105 70.89 -91.90 -63.38
N PHE EB 106 70.48 -91.33 -62.25
CA PHE EB 106 69.85 -90.01 -62.20
C PHE EB 106 70.82 -89.02 -61.58
N ARG EB 107 70.85 -87.80 -62.12
CA ARG EB 107 71.75 -86.78 -61.64
C ARG EB 107 71.08 -85.42 -61.74
N VAL EB 108 71.31 -84.59 -60.74
CA VAL EB 108 70.78 -83.23 -60.73
C VAL EB 108 71.92 -82.25 -60.49
N LEU EB 109 71.81 -81.09 -61.12
CA LEU EB 109 72.83 -80.05 -61.07
C LEU EB 109 72.15 -78.74 -60.72
N GLY EB 110 72.69 -78.03 -59.75
CA GLY EB 110 72.08 -76.81 -59.29
C GLY EB 110 70.94 -77.08 -58.33
N LYS EB 111 70.18 -76.02 -58.06
CA LYS EB 111 69.09 -76.08 -57.09
C LYS EB 111 67.80 -75.57 -57.71
N SER EB 112 66.72 -76.28 -57.44
CA SER EB 112 65.40 -75.79 -57.82
C SER EB 112 65.06 -74.53 -57.03
N PRO EB 113 64.43 -73.54 -57.64
CA PRO EB 113 64.03 -72.33 -56.93
C PRO EB 113 62.76 -72.57 -56.13
N SER EB 114 62.37 -71.54 -55.39
CA SER EB 114 61.15 -71.61 -54.58
C SER EB 114 59.91 -71.71 -55.45
N VAL EB 115 59.89 -71.01 -56.57
CA VAL EB 115 58.82 -71.18 -57.54
C VAL EB 115 59.04 -72.52 -58.22
N PRO EB 116 58.05 -73.41 -58.21
CA PRO EB 116 58.22 -74.72 -58.83
C PRO EB 116 58.10 -74.62 -60.35
N VAL EB 117 58.44 -75.73 -61.00
CA VAL EB 117 58.35 -75.86 -62.45
C VAL EB 117 57.21 -76.81 -62.75
N LEU EB 118 56.24 -76.35 -63.54
CA LEU EB 118 55.03 -77.11 -63.82
C LEU EB 118 54.95 -77.37 -65.32
N ILE EB 119 54.75 -78.63 -65.68
CA ILE EB 119 54.63 -79.05 -67.08
C ILE EB 119 53.43 -79.96 -67.21
N SER EB 120 52.53 -79.61 -68.13
CA SER EB 120 51.40 -80.46 -68.47
C SER EB 120 51.70 -81.23 -69.73
N ILE EB 121 51.35 -82.51 -69.74
CA ILE EB 121 51.70 -83.40 -70.84
C ILE EB 121 50.46 -84.18 -71.29
N SER EB 122 50.17 -84.11 -72.58
CA SER EB 122 49.18 -84.99 -73.21
C SER EB 122 49.83 -85.57 -74.47
N THR EB 123 50.05 -86.88 -74.47
CA THR EB 123 50.75 -87.52 -75.57
C THR EB 123 50.28 -88.97 -75.69
N LYS EB 124 50.85 -89.68 -76.66
CA LYS EB 124 50.33 -91.01 -76.98
C LYS EB 124 51.47 -91.88 -77.54
N ASP EB 125 52.10 -92.65 -76.65
CA ASP EB 125 53.11 -93.71 -76.92
C ASP EB 125 54.18 -93.30 -77.93
N GLU EB 126 55.07 -92.44 -77.50
CA GLU EB 126 56.22 -92.06 -78.31
C GLU EB 126 57.49 -92.73 -77.79
N SER EB 127 58.63 -92.32 -78.34
CA SER EB 127 59.91 -92.73 -77.80
C SER EB 127 60.22 -91.95 -76.53
N LEU EB 128 60.98 -92.60 -75.64
CA LEU EB 128 61.38 -91.97 -74.39
C LEU EB 128 62.26 -90.76 -74.64
N ALA EB 129 63.18 -90.87 -75.60
CA ALA EB 129 64.11 -89.80 -75.92
C ALA EB 129 63.39 -88.57 -76.45
N GLU EB 130 62.45 -88.78 -77.37
CA GLU EB 130 61.74 -87.64 -77.93
C GLU EB 130 60.73 -87.07 -76.94
N ILE EB 131 60.19 -87.91 -76.05
CA ILE EB 131 59.32 -87.42 -75.00
C ILE EB 131 60.09 -86.51 -74.04
N LEU EB 132 61.28 -86.93 -73.63
CA LEU EB 132 62.06 -86.08 -72.74
C LEU EB 132 62.62 -84.87 -73.47
N ARG EB 133 62.84 -84.99 -74.79
CA ARG EB 133 63.22 -83.82 -75.58
C ARG EB 133 62.10 -82.80 -75.64
N ASP EB 134 60.85 -83.27 -75.76
CA ASP EB 134 59.71 -82.36 -75.70
C ASP EB 134 59.54 -81.77 -74.31
N ILE EB 135 59.88 -82.54 -73.26
CA ILE EB 135 59.90 -82.02 -71.90
C ILE EB 135 60.91 -80.89 -71.78
N ASP EB 136 62.10 -81.10 -72.34
CA ASP EB 136 63.16 -80.10 -72.31
C ASP EB 136 62.77 -78.86 -73.11
N TYR EB 137 62.08 -79.06 -74.23
CA TYR EB 137 61.59 -77.93 -75.01
C TYR EB 137 60.50 -77.16 -74.27
N GLN EB 138 59.62 -77.86 -73.58
CA GLN EB 138 58.59 -77.21 -72.78
C GLN EB 138 59.17 -76.52 -71.55
N ALA EB 139 60.34 -76.95 -71.10
CA ALA EB 139 60.99 -76.32 -69.96
C ALA EB 139 61.39 -74.89 -70.26
N GLY EB 140 61.82 -74.62 -71.49
CA GLY EB 140 62.31 -73.29 -71.80
C GLY EB 140 63.64 -73.06 -71.14
N LYS EB 141 63.79 -71.90 -70.49
CA LYS EB 141 65.06 -71.51 -69.89
C LYS EB 141 65.12 -71.82 -68.40
N LYS EB 142 64.15 -72.58 -67.87
CA LYS EB 142 64.20 -72.92 -66.46
C LYS EB 142 65.26 -73.98 -66.18
N ALA EB 143 65.37 -74.98 -67.05
CA ALA EB 143 66.29 -76.08 -66.84
C ALA EB 143 66.69 -76.68 -68.17
N SER EB 144 67.55 -77.69 -68.11
CA SER EB 144 67.99 -78.40 -69.29
C SER EB 144 68.26 -79.86 -68.92
N ILE EB 145 68.13 -80.73 -69.93
CA ILE EB 145 68.30 -82.17 -69.75
C ILE EB 145 69.40 -82.63 -70.70
N HIS EB 146 70.32 -83.43 -70.18
CA HIS EB 146 71.29 -84.11 -71.03
C HIS EB 146 71.32 -85.58 -70.65
N VAL EB 147 71.75 -86.41 -71.59
CA VAL EB 147 71.90 -87.84 -71.37
C VAL EB 147 73.27 -88.27 -71.86
N TYR EB 148 74.04 -88.92 -71.01
CA TYR EB 148 75.30 -89.50 -71.45
C TYR EB 148 75.12 -91.00 -71.51
N PRO EB 149 75.02 -91.58 -72.72
CA PRO EB 149 74.75 -93.01 -72.83
C PRO EB 149 75.96 -93.88 -72.60
N ASN EB 150 77.17 -93.35 -72.75
CA ASN EB 150 78.36 -94.09 -72.36
C ASN EB 150 78.39 -94.29 -70.85
N SER EB 151 77.97 -93.28 -70.09
CA SER EB 151 77.85 -93.40 -68.65
C SER EB 151 76.45 -93.84 -68.22
N GLN EB 152 75.49 -93.87 -69.16
CA GLN EB 152 74.11 -94.29 -68.92
C GLN EB 152 73.44 -93.46 -67.84
N VAL EB 153 73.64 -92.15 -67.93
CA VAL EB 153 73.15 -91.22 -66.92
C VAL EB 153 72.27 -90.17 -67.57
N VAL EB 154 71.31 -89.66 -66.81
CA VAL EB 154 70.46 -88.55 -67.20
C VAL EB 154 70.66 -87.45 -66.20
N GLU EB 155 71.04 -86.27 -66.68
CA GLU EB 155 71.36 -85.14 -65.82
C GLU EB 155 70.38 -84.00 -66.09
N LEU EB 156 69.80 -83.49 -65.01
CA LEU EB 156 68.88 -82.36 -65.04
C LEU EB 156 69.60 -81.19 -64.39
N ARG EB 157 69.94 -80.18 -65.20
CA ARG EB 157 70.64 -79.00 -64.70
C ARG EB 157 69.67 -77.84 -64.64
N TYR EB 158 69.66 -77.14 -63.51
CA TYR EB 158 68.74 -76.02 -63.32
C TYR EB 158 69.30 -74.77 -64.00
N ALA EB 159 68.56 -73.67 -63.88
CA ALA EB 159 69.02 -72.39 -64.39
C ALA EB 159 69.78 -71.66 -63.30
N LYS EB 160 71.06 -71.40 -63.55
CA LYS EB 160 71.83 -70.50 -62.70
C LYS EB 160 71.34 -69.11 -63.02
N ILE EB 161 70.32 -68.68 -62.30
CA ILE EB 161 69.57 -67.48 -62.63
C ILE EB 161 69.82 -66.43 -61.56
N TYR EB 162 69.78 -65.16 -61.98
CA TYR EB 162 70.12 -63.97 -61.18
C TYR EB 162 71.52 -64.08 -60.60
N ARG FB 207 81.40 -12.60 -79.58
CA ARG FB 207 80.61 -13.80 -79.33
C ARG FB 207 79.21 -13.44 -78.87
N ILE FB 208 78.81 -13.94 -77.70
CA ILE FB 208 77.49 -13.62 -77.14
C ILE FB 208 77.50 -12.18 -76.68
N ILE FB 209 76.51 -11.42 -77.13
CA ILE FB 209 76.46 -9.98 -76.87
C ILE FB 209 76.08 -9.76 -75.42
N TYR FB 210 76.90 -9.01 -74.70
CA TYR FB 210 76.63 -8.62 -73.33
C TYR FB 210 76.42 -7.11 -73.28
N TYR FB 211 75.37 -6.68 -72.61
CA TYR FB 211 75.05 -5.27 -72.45
C TYR FB 211 75.23 -4.87 -71.00
N ILE FB 212 75.70 -3.64 -70.79
CA ILE FB 212 75.88 -3.14 -69.44
C ILE FB 212 74.53 -2.82 -68.84
N GLN FB 213 74.25 -3.39 -67.67
CA GLN FB 213 73.00 -3.14 -66.97
C GLN FB 213 73.15 -2.05 -65.91
N ALA FB 214 74.21 -2.11 -65.10
CA ALA FB 214 74.50 -1.08 -64.11
C ALA FB 214 76.00 -0.87 -64.04
N VAL FB 215 76.41 0.39 -63.97
CA VAL FB 215 77.81 0.76 -63.87
C VAL FB 215 77.98 1.69 -62.67
N ILE FB 216 78.80 1.28 -61.72
CA ILE FB 216 79.15 2.10 -60.56
C ILE FB 216 80.66 2.23 -60.58
N PRO FB 217 81.27 3.13 -59.80
CA PRO FB 217 82.71 3.02 -59.57
C PRO FB 217 83.03 1.75 -58.77
N GLY FB 218 84.02 1.00 -59.27
CA GLY FB 218 84.39 -0.25 -58.66
C GLY FB 218 83.80 -1.50 -59.28
N ARG FB 219 82.47 -1.62 -59.28
CA ARG FB 219 81.79 -2.80 -59.81
C ARG FB 219 81.07 -2.47 -61.09
N ALA FB 220 80.69 -3.52 -61.83
CA ALA FB 220 79.97 -3.33 -63.08
C ALA FB 220 79.02 -4.50 -63.31
N TRP FB 221 77.85 -4.19 -63.84
CA TRP FB 221 76.80 -5.18 -64.08
C TRP FB 221 76.58 -5.32 -65.57
N LEU FB 222 76.66 -6.55 -66.07
CA LEU FB 222 76.49 -6.87 -67.47
C LEU FB 222 75.38 -7.89 -67.63
N ILE FB 223 74.52 -7.69 -68.63
CA ILE FB 223 73.49 -8.66 -68.98
C ILE FB 223 73.75 -9.12 -70.41
N GLY FB 224 73.82 -10.45 -70.58
CA GLY FB 224 74.13 -11.03 -71.87
C GLY FB 224 72.92 -11.10 -72.78
N SER FB 225 73.07 -11.92 -73.83
CA SER FB 225 72.02 -12.06 -74.83
C SER FB 225 70.79 -12.77 -74.26
N ASN FB 226 71.01 -13.80 -73.47
CA ASN FB 226 69.93 -14.58 -72.88
C ASN FB 226 69.50 -14.06 -71.52
N GLY FB 227 70.05 -12.93 -71.09
CA GLY FB 227 69.73 -12.40 -69.77
C GLY FB 227 70.70 -12.76 -68.68
N SER FB 228 71.92 -13.15 -69.02
CA SER FB 228 72.93 -13.57 -68.04
C SER FB 228 73.45 -12.35 -67.32
N THR FB 229 72.95 -12.10 -66.12
CA THR FB 229 73.30 -10.93 -65.34
C THR FB 229 74.45 -11.28 -64.40
N LEU FB 230 75.53 -10.50 -64.49
CA LEU FB 230 76.69 -10.69 -63.64
C LEU FB 230 77.22 -9.33 -63.21
N THR FB 231 78.02 -9.33 -62.15
CA THR FB 231 78.75 -8.15 -61.74
C THR FB 231 80.21 -8.53 -61.52
N VAL FB 232 81.11 -7.74 -62.10
CA VAL FB 232 82.54 -7.99 -62.07
C VAL FB 232 83.24 -6.74 -61.56
N ARG FB 233 84.53 -6.88 -61.32
CA ARG FB 233 85.41 -5.82 -60.86
C ARG FB 233 86.30 -5.38 -62.01
N GLU FB 234 87.26 -4.51 -61.70
CA GLU FB 234 88.16 -3.99 -62.72
C GLU FB 234 89.08 -5.07 -63.28
N GLY FB 235 89.65 -5.90 -62.42
CA GLY FB 235 90.39 -7.05 -62.91
C GLY FB 235 89.63 -8.33 -62.71
N SER FB 236 88.98 -8.84 -63.76
CA SER FB 236 88.14 -10.03 -63.64
C SER FB 236 88.29 -10.89 -64.89
N LYS FB 237 88.03 -12.18 -64.71
CA LYS FB 237 88.11 -13.18 -65.78
C LYS FB 237 86.71 -13.54 -66.23
N ILE FB 238 86.48 -13.49 -67.54
CA ILE FB 238 85.14 -13.70 -68.09
C ILE FB 238 85.19 -14.65 -69.28
N PRO FB 239 84.17 -15.49 -69.47
CA PRO FB 239 84.11 -16.31 -70.68
C PRO FB 239 83.66 -15.48 -71.88
N GLY FB 240 84.27 -15.76 -73.03
CA GLY FB 240 83.91 -15.12 -74.28
C GLY FB 240 84.52 -13.76 -74.50
N TYR FB 241 85.23 -13.22 -73.52
CA TYR FB 241 85.86 -11.91 -73.66
C TYR FB 241 87.28 -11.85 -73.13
N GLY FB 242 87.72 -12.84 -72.36
CA GLY FB 242 89.07 -12.86 -71.82
C GLY FB 242 89.15 -12.23 -70.43
N MET FB 243 89.77 -11.06 -70.35
CA MET FB 243 89.96 -10.34 -69.11
C MET FB 243 89.38 -8.94 -69.24
N VAL FB 244 89.06 -8.33 -68.10
CA VAL FB 244 88.46 -7.00 -68.06
C VAL FB 244 89.59 -5.98 -68.13
N LYS FB 245 89.80 -5.40 -69.31
CA LYS FB 245 90.87 -4.42 -69.47
C LYS FB 245 90.54 -3.10 -68.79
N LEU FB 246 89.32 -2.59 -68.99
CA LEU FB 246 88.97 -1.28 -68.47
C LEU FB 246 87.47 -1.18 -68.29
N ILE FB 247 87.05 -0.54 -67.20
CA ILE FB 247 85.65 -0.20 -66.96
C ILE FB 247 85.58 1.32 -66.81
N ASP FB 248 84.79 1.96 -67.67
CA ASP FB 248 84.63 3.41 -67.65
C ASP FB 248 83.33 3.74 -66.92
N SER FB 249 83.45 4.56 -65.86
CA SER FB 249 82.26 4.99 -65.12
C SER FB 249 81.37 5.87 -65.98
N LEU FB 250 81.96 6.79 -66.73
CA LEU FB 250 81.21 7.59 -67.69
C LEU FB 250 80.95 6.78 -68.95
N GLN FB 251 79.85 7.13 -69.63
CA GLN FB 251 79.46 6.69 -70.97
C GLN FB 251 79.10 5.21 -71.10
N GLY FB 252 79.25 4.44 -70.02
CA GLY FB 252 78.86 3.04 -70.01
C GLY FB 252 79.59 2.14 -71.00
N ARG FB 253 80.92 2.14 -70.98
CA ARG FB 253 81.70 1.38 -71.94
C ARG FB 253 82.79 0.61 -71.21
N ILE FB 254 82.97 -0.66 -71.58
CA ILE FB 254 83.93 -1.55 -70.95
C ILE FB 254 84.75 -2.23 -72.05
N LEU FB 255 86.07 -2.11 -71.97
CA LEU FB 255 86.97 -2.77 -72.91
C LEU FB 255 87.43 -4.10 -72.33
N THR FB 256 87.38 -5.15 -73.14
CA THR FB 256 87.87 -6.45 -72.74
C THR FB 256 89.30 -6.65 -73.20
N SER FB 257 89.93 -7.73 -72.71
CA SER FB 257 91.27 -8.07 -73.16
C SER FB 257 91.29 -8.59 -74.59
N SER FB 258 90.14 -9.03 -75.11
CA SER FB 258 90.00 -9.43 -76.50
C SER FB 258 89.79 -8.25 -77.45
N GLY FB 259 89.77 -7.02 -76.93
CA GLY FB 259 89.46 -5.86 -77.73
C GLY FB 259 87.99 -5.58 -77.88
N GLN FB 260 87.13 -6.38 -77.27
CA GLN FB 260 85.69 -6.22 -77.40
C GLN FB 260 85.18 -5.07 -76.55
N VAL FB 261 84.08 -4.48 -76.99
CA VAL FB 261 83.49 -3.30 -76.37
C VAL FB 261 82.12 -3.68 -75.82
N ILE FB 262 81.90 -3.38 -74.54
CA ILE FB 262 80.65 -3.66 -73.85
C ILE FB 262 79.97 -2.33 -73.57
N LYS FB 263 78.72 -2.19 -73.99
CA LYS FB 263 78.03 -0.91 -73.93
C LYS FB 263 76.58 -1.20 -73.54
N PHE FB 264 75.71 -0.23 -73.75
CA PHE FB 264 74.28 -0.39 -73.55
C PHE FB 264 73.59 -0.73 -74.87
N SER FB 265 72.32 -1.10 -74.77
CA SER FB 265 71.51 -1.32 -75.97
C SER FB 265 71.18 0.01 -76.62
N GLN FB 266 70.74 -0.05 -77.88
CA GLN FB 266 70.37 1.16 -78.61
C GLN FB 266 69.09 1.77 -78.04
N GLU FB 267 68.06 0.95 -77.85
CA GLU FB 267 66.86 1.44 -77.18
C GLU FB 267 67.10 1.59 -75.69
N ASP FB 268 67.78 0.61 -75.08
CA ASP FB 268 68.01 0.60 -73.64
C ASP FB 268 69.41 1.16 -73.38
N SER FB 269 69.50 2.48 -73.34
CA SER FB 269 70.76 3.17 -73.10
C SER FB 269 70.63 4.15 -71.95
N GLN GB 791 91.57 47.76 -61.93
CA GLN GB 791 92.31 46.66 -61.32
C GLN GB 791 91.64 46.24 -60.01
N GLN GB 792 90.89 47.16 -59.42
CA GLN GB 792 90.15 46.91 -58.18
C GLN GB 792 88.69 46.56 -58.43
N GLU GB 793 88.29 46.41 -59.69
CA GLU GB 793 86.92 46.08 -60.03
C GLU GB 793 86.62 44.60 -59.92
N ILE GB 794 87.63 43.77 -59.63
CA ILE GB 794 87.45 42.33 -59.59
C ILE GB 794 86.64 41.91 -58.37
N GLN GB 795 86.78 42.65 -57.27
CA GLN GB 795 86.24 42.22 -55.99
C GLN GB 795 84.72 42.34 -55.93
N GLN GB 796 84.18 43.46 -56.40
CA GLN GB 796 82.73 43.61 -56.44
C GLN GB 796 82.11 42.75 -57.53
N ARG GB 797 82.87 42.46 -58.58
CA ARG GB 797 82.40 41.51 -59.58
C ARG GB 797 82.47 40.08 -59.06
N THR GB 798 83.28 39.83 -58.04
CA THR GB 798 83.26 38.54 -57.36
C THR GB 798 82.07 38.43 -56.44
N SER GB 799 81.74 39.52 -55.73
CA SER GB 799 80.84 39.48 -54.59
C SER GB 799 79.40 39.17 -55.01
N ASP GB 800 78.95 39.79 -56.10
CA ASP GB 800 77.60 39.51 -56.59
C ASP GB 800 77.51 38.10 -57.16
N MET GB 801 78.61 37.60 -57.73
CA MET GB 801 78.66 36.21 -58.17
C MET GB 801 78.63 35.27 -56.97
N LEU GB 802 79.23 35.69 -55.85
CA LEU GB 802 79.18 34.89 -54.63
C LEU GB 802 77.76 34.81 -54.10
N THR GB 803 77.03 35.92 -54.09
CA THR GB 803 75.69 35.94 -53.56
C THR GB 803 74.71 35.19 -54.46
N ALA GB 804 74.92 35.28 -55.77
CA ALA GB 804 74.01 34.61 -56.70
C ALA GB 804 74.20 33.10 -56.66
N ALA GB 805 75.45 32.65 -56.66
CA ALA GB 805 75.72 31.21 -56.70
C ALA GB 805 75.34 30.52 -55.40
N THR GB 806 75.52 31.20 -54.27
CA THR GB 806 75.04 30.67 -53.00
C THR GB 806 73.53 30.58 -52.97
N GLN GB 807 72.86 31.52 -53.65
CA GLN GB 807 71.42 31.43 -53.80
C GLN GB 807 71.03 30.24 -54.68
N LEU GB 808 71.85 29.93 -55.68
CA LEU GB 808 71.55 28.80 -56.55
C LEU GB 808 71.78 27.48 -55.83
N VAL GB 809 72.90 27.38 -55.11
CA VAL GB 809 73.31 26.11 -54.52
C VAL GB 809 72.42 25.71 -53.36
N GLN GB 810 71.71 26.67 -52.77
CA GLN GB 810 70.68 26.33 -51.79
C GLN GB 810 69.52 25.61 -52.47
N ASP GB 811 69.17 26.05 -53.69
CA ASP GB 811 68.03 25.47 -54.37
C ASP GB 811 68.38 24.21 -55.15
N TRP GB 812 69.67 23.94 -55.38
CA TRP GB 812 70.05 22.71 -56.04
C TRP GB 812 69.91 21.51 -55.13
N LYS GB 813 69.87 21.72 -53.82
CA LYS GB 813 69.94 20.58 -52.90
C LYS GB 813 68.58 19.92 -52.71
N GLN GB 814 67.56 20.70 -52.35
CA GLN GB 814 66.30 20.10 -51.96
C GLN GB 814 65.50 19.64 -53.16
N VAL GB 815 64.67 18.63 -52.91
CA VAL GB 815 63.67 18.15 -53.85
C VAL GB 815 62.54 17.54 -53.02
N GLU GB 816 61.32 18.00 -53.25
CA GLU GB 816 60.23 17.64 -52.36
C GLU GB 816 59.74 16.21 -52.62
N THR GB 817 59.02 15.68 -51.65
CA THR GB 817 58.54 14.30 -51.71
C THR GB 817 57.39 14.18 -52.70
N GLN GB 818 57.13 12.94 -53.11
CA GLN GB 818 55.96 12.64 -53.91
C GLN GB 818 54.72 12.59 -53.01
N VAL GB 819 53.56 12.48 -53.66
CA VAL GB 819 52.28 12.46 -52.96
C VAL GB 819 51.52 11.22 -53.41
N TYR GB 820 50.55 10.83 -52.58
CA TYR GB 820 49.66 9.72 -52.90
C TYR GB 820 48.25 10.06 -52.43
N THR GB 821 47.27 9.69 -53.24
CA THR GB 821 45.88 9.94 -52.91
C THR GB 821 45.06 8.70 -53.24
N GLU GB 822 44.23 8.28 -52.28
CA GLU GB 822 43.42 7.09 -52.42
C GLU GB 822 42.07 7.43 -53.03
N GLY GB 823 41.13 6.48 -52.92
CA GLY GB 823 39.78 6.66 -53.41
C GLY GB 823 39.04 5.34 -53.46
N THR GB 824 37.72 5.40 -53.65
CA THR GB 824 36.91 4.18 -53.68
C THR GB 824 35.76 4.32 -54.66
N ALA HB 104 57.05 80.66 -70.95
CA ALA HB 104 55.71 81.05 -70.51
C ALA HB 104 54.82 79.82 -70.37
N GLU HB 105 54.59 79.14 -71.49
CA GLU HB 105 53.76 77.95 -71.51
C GLU HB 105 54.54 76.68 -71.79
N VAL HB 106 55.83 76.80 -72.13
CA VAL HB 106 56.65 75.62 -72.39
C VAL HB 106 56.99 74.89 -71.09
N ILE HB 107 56.82 75.54 -69.94
CA ILE HB 107 57.04 74.93 -68.64
C ILE HB 107 56.04 73.80 -68.40
N ASP HB 108 54.82 73.95 -68.90
CA ASP HB 108 53.81 72.88 -68.79
C ASP HB 108 54.22 71.66 -69.61
N LYS HB 109 54.76 71.89 -70.81
CA LYS HB 109 55.26 70.78 -71.63
C LYS HB 109 56.45 70.10 -70.97
N LYS HB 110 57.32 70.90 -70.35
CA LYS HB 110 58.45 70.35 -69.60
C LYS HB 110 57.96 69.52 -68.42
N ALA HB 111 56.91 69.97 -67.76
CA ALA HB 111 56.33 69.23 -66.65
C ALA HB 111 55.72 67.91 -67.12
N PHE HB 112 55.05 67.91 -68.26
CA PHE HB 112 54.51 66.66 -68.80
C PHE HB 112 55.62 65.70 -69.19
N LYS HB 113 56.69 66.23 -69.80
CA LYS HB 113 57.84 65.41 -70.16
C LYS HB 113 58.51 64.81 -68.94
N ASP HB 114 58.67 65.60 -67.87
CA ASP HB 114 59.30 65.09 -66.67
C ASP HB 114 58.39 64.13 -65.91
N MET HB 115 57.06 64.31 -66.02
CA MET HB 115 56.12 63.36 -65.45
C MET HB 115 56.25 61.99 -66.10
N THR HB 116 56.27 61.98 -67.44
CA THR HB 116 56.44 60.72 -68.15
C THR HB 116 57.85 60.15 -67.94
N ARG HB 117 58.83 61.03 -67.73
CA ARG HB 117 60.20 60.60 -67.46
C ARG HB 117 60.31 59.91 -66.10
N ASN HB 118 59.64 60.44 -65.08
CA ASN HB 118 59.79 59.94 -63.73
C ASN HB 118 58.86 58.79 -63.41
N LEU HB 119 57.63 58.80 -63.93
CA LEU HB 119 56.66 57.78 -63.54
C LEU HB 119 57.03 56.42 -64.15
N TYR HB 120 57.38 56.41 -65.43
CA TYR HB 120 57.83 55.18 -66.07
C TYR HB 120 59.27 55.33 -66.52
N PRO HB 121 60.23 54.87 -65.74
CA PRO HB 121 61.63 54.94 -66.17
C PRO HB 121 62.01 53.92 -67.23
N LEU HB 122 61.14 52.93 -67.49
CA LEU HB 122 61.47 51.82 -68.38
C LEU HB 122 60.69 51.93 -69.68
N ASN HB 123 61.37 51.68 -70.79
CA ASN HB 123 60.70 51.62 -72.07
C ASN HB 123 59.86 50.34 -72.15
N PRO HB 124 58.75 50.39 -72.89
CA PRO HB 124 57.89 49.19 -73.02
C PRO HB 124 58.59 48.00 -73.67
N GLU HB 125 59.25 48.22 -74.80
CA GLU HB 125 60.00 47.14 -75.45
C GLU HB 125 61.22 46.74 -74.65
N GLN HB 126 61.78 47.66 -73.85
CA GLN HB 126 62.82 47.29 -72.90
C GLN HB 126 62.30 46.33 -71.85
N VAL HB 127 61.08 46.56 -71.36
CA VAL HB 127 60.44 45.64 -70.42
C VAL HB 127 60.20 44.29 -71.08
N VAL HB 128 59.79 44.31 -72.34
CA VAL HB 128 59.59 43.07 -73.10
C VAL HB 128 60.89 42.30 -73.25
N LYS HB 129 61.98 42.99 -73.55
CA LYS HB 129 63.29 42.34 -73.68
C LYS HB 129 63.79 41.81 -72.33
N LEU HB 130 63.53 42.54 -71.25
CA LEU HB 130 63.90 42.06 -69.92
C LEU HB 130 63.12 40.81 -69.55
N LYS HB 131 61.84 40.78 -69.89
CA LYS HB 131 61.02 39.59 -69.68
C LYS HB 131 61.55 38.41 -70.50
N GLN HB 132 61.95 38.68 -71.74
CA GLN HB 132 62.49 37.64 -72.62
C GLN HB 132 63.79 37.07 -72.07
N ILE HB 133 64.70 37.93 -71.61
CA ILE HB 133 65.96 37.41 -71.09
C ILE HB 133 65.79 36.80 -69.71
N TYR HB 134 64.76 37.20 -68.95
CA TYR HB 134 64.43 36.49 -67.72
C TYR HB 134 63.94 35.09 -68.02
N GLU HB 135 63.11 34.93 -69.05
CA GLU HB 135 62.68 33.61 -69.48
C GLU HB 135 63.84 32.77 -69.96
N THR HB 136 64.79 33.41 -70.67
CA THR HB 136 66.01 32.72 -71.08
C THR HB 136 66.84 32.30 -69.88
N SER HB 137 66.92 33.15 -68.87
CA SER HB 137 67.70 32.86 -67.68
C SER HB 137 67.10 31.70 -66.88
N GLU HB 138 65.77 31.67 -66.73
CA GLU HB 138 65.17 30.57 -65.99
C GLU HB 138 65.20 29.27 -66.81
N TYR HB 139 65.15 29.38 -68.15
CA TYR HB 139 65.34 28.19 -68.97
C TYR HB 139 66.75 27.62 -68.81
N ALA HB 140 67.75 28.50 -68.79
CA ALA HB 140 69.13 28.06 -68.57
C ALA HB 140 69.32 27.51 -67.17
N LYS HB 141 68.59 28.04 -66.19
CA LYS HB 141 68.66 27.51 -64.84
C LYS HB 141 68.04 26.12 -64.76
N ALA HB 142 66.84 25.95 -65.31
CA ALA HB 142 66.12 24.69 -65.18
C ALA HB 142 66.68 23.60 -66.09
N ALA HB 143 67.41 23.96 -67.13
CA ALA HB 143 68.00 22.96 -68.01
C ALA HB 143 69.10 22.20 -67.29
N THR HB 144 69.16 20.88 -67.54
CA THR HB 144 70.10 20.00 -66.87
C THR HB 144 71.15 19.51 -67.85
N PRO HB 145 72.43 19.54 -67.50
CA PRO HB 145 73.47 19.08 -68.43
C PRO HB 145 73.63 17.57 -68.42
N GLY HB 146 74.67 17.08 -69.08
CA GLY HB 146 74.89 15.66 -69.20
C GLY HB 146 73.94 15.06 -70.21
N THR HB 147 73.21 14.01 -69.81
CA THR HB 147 72.23 13.42 -70.67
C THR HB 147 71.09 12.83 -69.83
N PRO HB 148 69.85 13.07 -70.22
CA PRO HB 148 68.72 12.48 -69.50
C PRO HB 148 68.58 11.00 -69.85
N PRO HB 149 68.12 10.18 -68.91
CA PRO HB 149 67.99 8.75 -69.19
C PRO HB 149 66.80 8.46 -70.07
N LYS HB 150 66.81 7.26 -70.64
CA LYS HB 150 65.72 6.81 -71.47
C LYS HB 150 64.53 6.45 -70.59
N PRO HB 151 63.37 7.07 -70.79
CA PRO HB 151 62.19 6.70 -69.99
C PRO HB 151 61.66 5.33 -70.37
N THR HB 152 61.91 4.34 -69.53
CA THR HB 152 61.73 2.95 -69.88
C THR HB 152 60.90 2.23 -68.83
N ALA HB 153 60.27 1.15 -69.26
CA ALA HB 153 59.60 0.20 -68.38
C ALA HB 153 59.95 -1.19 -68.87
N THR HB 154 60.30 -2.09 -67.95
CA THR HB 154 60.86 -3.38 -68.31
C THR HB 154 60.32 -4.47 -67.41
N SER HB 155 60.69 -5.71 -67.72
CA SER HB 155 60.34 -6.87 -66.92
C SER HB 155 61.60 -7.64 -66.58
N GLN HB 156 61.68 -8.14 -65.36
CA GLN HB 156 62.80 -8.97 -64.95
C GLN HB 156 62.29 -10.18 -64.18
N PHE HB 157 63.02 -11.27 -64.30
CA PHE HB 157 62.72 -12.52 -63.62
C PHE HB 157 63.64 -12.65 -62.41
N VAL HB 158 63.09 -13.17 -61.32
CA VAL HB 158 63.84 -13.35 -60.08
C VAL HB 158 64.22 -14.81 -59.95
N ASN HB 159 65.53 -15.06 -59.89
CA ASN HB 159 66.05 -16.40 -59.66
C ASN HB 159 66.23 -16.63 -58.17
N LEU HB 160 65.68 -17.74 -57.68
CA LEU HB 160 65.74 -18.06 -56.25
C LEU HB 160 67.00 -18.85 -55.89
N SER HB 161 67.93 -19.01 -56.83
CA SER HB 161 69.17 -19.70 -56.54
C SER HB 161 70.06 -18.82 -55.67
N PRO HB 162 70.77 -19.40 -54.69
CA PRO HB 162 71.64 -18.58 -53.84
C PRO HB 162 72.89 -18.08 -54.56
N GLY HB 163 73.36 -18.80 -55.57
CA GLY HB 163 74.55 -18.39 -56.29
C GLY HB 163 74.32 -17.32 -57.34
N SER HB 164 73.07 -16.94 -57.58
CA SER HB 164 72.76 -15.96 -58.60
C SER HB 164 73.12 -14.55 -58.14
N THR HB 165 73.38 -13.69 -59.11
CA THR HB 165 73.64 -12.28 -58.83
C THR HB 165 72.35 -11.60 -58.39
N PRO HB 166 72.41 -10.64 -57.46
CA PRO HB 166 71.18 -10.05 -56.93
C PRO HB 166 70.50 -9.16 -57.96
N PRO HB 167 69.17 -9.05 -57.91
CA PRO HB 167 68.46 -8.19 -58.86
C PRO HB 167 68.68 -6.72 -58.55
N VAL HB 168 69.12 -5.98 -59.57
CA VAL HB 168 69.47 -4.58 -59.46
C VAL HB 168 68.36 -3.75 -60.10
N ILE HB 169 67.88 -2.76 -59.36
CA ILE HB 169 66.74 -1.95 -59.78
C ILE HB 169 67.25 -0.54 -60.09
N ARG HB 170 67.06 -0.12 -61.33
CA ARG HB 170 67.58 1.14 -61.83
C ARG HB 170 66.57 2.25 -61.58
N LEU HB 171 67.02 3.34 -60.93
CA LEU HB 171 66.12 4.38 -60.46
C LEU HB 171 66.57 5.74 -60.97
N SER HB 172 65.81 6.78 -60.61
CA SER HB 172 66.12 8.15 -60.98
C SER HB 172 65.42 9.09 -60.01
N GLN HB 173 65.90 10.33 -59.97
CA GLN HB 173 65.39 11.31 -59.01
C GLN HB 173 63.99 11.76 -59.36
N GLY HB 174 63.11 11.78 -58.36
CA GLY HB 174 61.79 12.35 -58.51
C GLY HB 174 60.85 11.57 -59.41
N PHE HB 175 61.18 10.33 -59.72
CA PHE HB 175 60.38 9.53 -60.64
C PHE HB 175 59.84 8.30 -59.93
N VAL HB 176 58.57 8.00 -60.20
CA VAL HB 176 57.88 6.90 -59.52
C VAL HB 176 58.39 5.58 -60.10
N SER HB 177 58.87 4.71 -59.22
CA SER HB 177 59.24 3.36 -59.58
C SER HB 177 58.12 2.43 -59.12
N SER HB 178 57.48 1.76 -60.07
CA SER HB 178 56.33 0.91 -59.81
C SER HB 178 56.73 -0.54 -60.07
N LEU HB 179 56.80 -1.33 -59.00
CA LEU HB 179 57.10 -2.75 -59.08
C LEU HB 179 55.78 -3.51 -59.07
N VAL HB 180 55.53 -4.28 -60.12
CA VAL HB 180 54.30 -5.06 -60.24
C VAL HB 180 54.67 -6.55 -60.17
N PHE HB 181 54.07 -7.24 -59.21
CA PHE HB 181 54.41 -8.63 -58.91
C PHE HB 181 53.61 -9.57 -59.80
N LEU HB 182 54.31 -10.48 -60.47
CA LEU HB 182 53.68 -11.53 -61.26
C LEU HB 182 54.40 -12.83 -60.95
N ASP HB 183 53.65 -13.85 -60.53
CA ASP HB 183 54.25 -15.15 -60.33
C ASP HB 183 54.39 -15.86 -61.68
N SER HB 184 54.79 -17.14 -61.62
CA SER HB 184 54.98 -17.91 -62.85
C SER HB 184 53.66 -18.17 -63.57
N THR HB 185 52.56 -18.23 -62.84
CA THR HB 185 51.25 -18.21 -63.48
C THR HB 185 50.95 -16.82 -64.04
N GLY HB 186 51.41 -15.78 -63.35
CA GLY HB 186 51.12 -14.40 -63.73
C GLY HB 186 50.25 -13.66 -62.75
N ALA HB 187 49.80 -14.29 -61.67
CA ALA HB 187 48.93 -13.65 -60.70
C ALA HB 187 49.69 -12.62 -59.86
N PRO HB 188 49.02 -11.59 -59.38
CA PRO HB 188 49.66 -10.66 -58.44
C PRO HB 188 49.96 -11.34 -57.12
N TRP HB 189 51.07 -10.93 -56.51
CA TRP HB 189 51.53 -11.52 -55.25
C TRP HB 189 51.51 -10.45 -54.17
N PRO HB 190 50.56 -10.51 -53.24
CA PRO HB 190 50.58 -9.58 -52.10
C PRO HB 190 51.79 -9.82 -51.20
N ILE HB 191 52.22 -8.75 -50.54
CA ILE HB 191 53.44 -8.74 -49.75
C ILE HB 191 53.06 -8.69 -48.27
N ALA HB 192 53.58 -9.63 -47.50
CA ALA HB 192 53.31 -9.62 -46.05
C ALA HB 192 54.00 -8.44 -45.38
N ALA HB 193 55.29 -8.25 -45.64
CA ALA HB 193 56.03 -7.19 -44.97
C ALA HB 193 57.26 -6.84 -45.79
N TYR HB 194 57.88 -5.71 -45.44
CA TYR HB 194 59.13 -5.32 -46.08
C TYR HB 194 59.92 -4.41 -45.16
N ASP HB 195 61.18 -4.20 -45.53
CA ASP HB 195 62.06 -3.26 -44.84
C ASP HB 195 63.16 -2.85 -45.81
N LEU HB 196 63.40 -1.56 -45.90
CA LEU HB 196 64.47 -1.02 -46.73
C LEU HB 196 65.59 -0.50 -45.85
N GLY HB 197 66.81 -0.56 -46.37
CA GLY HB 197 67.94 0.04 -45.69
C GLY HB 197 68.08 1.50 -46.09
N ASP HB 198 68.35 2.33 -45.07
CA ASP HB 198 68.52 3.79 -45.17
C ASP HB 198 67.33 4.46 -45.86
N PRO HB 199 66.20 4.66 -45.17
CA PRO HB 199 65.03 5.28 -45.81
C PRO HB 199 65.18 6.76 -46.16
N SER HB 200 66.29 7.42 -45.81
CA SER HB 200 66.51 8.78 -46.30
C SER HB 200 66.87 8.82 -47.78
N SER HB 201 67.23 7.69 -48.38
CA SER HB 201 67.54 7.64 -49.79
C SER HB 201 66.36 7.26 -50.66
N PHE HB 202 65.37 6.56 -50.09
CA PHE HB 202 64.25 6.05 -50.88
C PHE HB 202 62.96 6.27 -50.11
N ASN HB 203 61.94 6.79 -50.79
CA ASN HB 203 60.61 6.96 -50.22
C ASN HB 203 59.71 5.83 -50.72
N ILE HB 204 59.12 5.10 -49.78
CA ILE HB 204 58.26 3.96 -50.10
C ILE HB 204 56.87 4.29 -49.59
N GLN HB 205 55.99 4.72 -50.49
CA GLN HB 205 54.59 4.98 -50.15
C GLN HB 205 53.79 3.74 -50.57
N TRP HB 206 53.49 2.90 -49.60
CA TRP HB 206 52.90 1.59 -49.85
C TRP HB 206 51.56 1.49 -49.12
N ASP HB 207 50.49 1.30 -49.87
CA ASP HB 207 49.19 1.10 -49.28
C ASP HB 207 49.11 -0.29 -48.66
N LYS HB 208 48.15 -0.45 -47.74
CA LYS HB 208 48.15 -1.58 -46.80
C LYS HB 208 47.98 -2.92 -47.50
N THR HB 209 47.28 -2.95 -48.63
CA THR HB 209 47.14 -4.18 -49.41
C THR HB 209 47.72 -4.06 -50.80
N SER HB 210 48.47 -3.00 -51.09
CA SER HB 210 49.00 -2.79 -52.43
C SER HB 210 50.17 -3.72 -52.68
N ASN HB 211 49.96 -4.70 -53.56
CA ASN HB 211 51.05 -5.56 -53.99
C ASN HB 211 51.99 -4.86 -54.96
N THR HB 212 51.54 -3.76 -55.56
CA THR HB 212 52.39 -2.90 -56.36
C THR HB 212 53.17 -1.97 -55.45
N LEU HB 213 54.49 -1.95 -55.63
CA LEU HB 213 55.38 -1.17 -54.77
C LEU HB 213 55.71 0.15 -55.45
N MET HB 214 55.59 1.24 -54.71
CA MET HB 214 55.79 2.59 -55.23
C MET HB 214 56.98 3.21 -54.54
N ILE HB 215 57.97 3.63 -55.33
CA ILE HB 215 59.26 4.09 -54.83
C ILE HB 215 59.54 5.47 -55.37
N GLN HB 216 59.99 6.37 -54.51
CA GLN HB 216 60.60 7.63 -54.92
C GLN HB 216 62.06 7.63 -54.48
N ALA HB 217 62.96 7.95 -55.39
CA ALA HB 217 64.38 8.03 -55.07
C ALA HB 217 64.71 9.42 -54.55
N THR HB 218 65.36 9.49 -53.40
CA THR HB 218 65.72 10.75 -52.77
C THR HB 218 67.18 11.12 -52.98
N LYS HB 219 68.09 10.22 -52.63
CA LYS HB 219 69.50 10.48 -52.87
C LYS HB 219 69.85 10.20 -54.33
N LEU HB 220 70.83 10.95 -54.82
CA LEU HB 220 71.11 10.99 -56.25
C LEU HB 220 71.98 9.82 -56.70
N TYR HB 221 73.03 9.49 -55.97
CA TYR HB 221 73.95 8.45 -56.38
C TYR HB 221 74.19 7.41 -55.29
N ASN HB 222 73.19 7.13 -54.46
CA ASN HB 222 73.33 6.24 -53.33
C ASN HB 222 72.39 5.05 -53.46
N TYR HB 223 72.93 3.85 -53.30
CA TYR HB 223 72.16 2.62 -53.43
C TYR HB 223 71.61 2.19 -52.08
N GLY HB 224 70.87 1.09 -52.11
CA GLY HB 224 70.33 0.49 -50.90
C GLY HB 224 69.84 -0.91 -51.21
N ASN HB 225 69.42 -1.61 -50.15
CA ASN HB 225 68.85 -2.95 -50.31
C ASN HB 225 67.50 -3.03 -49.63
N LEU HB 226 66.56 -3.70 -50.29
CA LEU HB 226 65.20 -3.85 -49.82
C LEU HB 226 64.89 -5.33 -49.66
N ALA HB 227 64.40 -5.70 -48.47
CA ALA HB 227 63.96 -7.06 -48.20
C ALA HB 227 62.44 -7.08 -48.09
N VAL HB 228 61.84 -8.08 -48.72
CA VAL HB 228 60.40 -8.27 -48.74
C VAL HB 228 60.08 -9.70 -48.36
N ARG HB 229 59.20 -9.85 -47.37
CA ARG HB 229 58.59 -11.11 -47.02
C ARG HB 229 57.22 -11.20 -47.69
N LEU HB 230 57.05 -12.19 -48.57
CA LEU HB 230 55.82 -12.37 -49.31
C LEU HB 230 54.72 -12.95 -48.42
N ARG HB 231 53.52 -13.01 -48.98
CA ARG HB 231 52.34 -13.41 -48.21
C ARG HB 231 52.40 -14.88 -47.82
N GLY HB 232 52.97 -15.72 -48.67
CA GLY HB 232 53.08 -17.13 -48.37
C GLY HB 232 54.49 -17.68 -48.44
N LEU HB 233 55.36 -17.00 -49.18
CA LEU HB 233 56.71 -17.51 -49.42
C LEU HB 233 57.57 -17.33 -48.18
N ASN HB 234 58.20 -18.42 -47.75
CA ASN HB 234 59.07 -18.37 -46.58
C ASN HB 234 60.40 -17.69 -46.89
N THR HB 235 60.88 -17.79 -48.13
CA THR HB 235 62.18 -17.22 -48.48
C THR HB 235 62.08 -15.71 -48.63
N PRO HB 236 62.90 -14.93 -47.93
CA PRO HB 236 62.88 -13.47 -48.12
C PRO HB 236 63.53 -13.10 -49.44
N VAL HB 237 63.07 -12.01 -50.02
CA VAL HB 237 63.58 -11.52 -51.30
C VAL HB 237 64.30 -10.21 -51.05
N MET HB 238 65.51 -10.08 -51.59
CA MET HB 238 66.27 -8.85 -51.40
C MET HB 238 66.72 -8.31 -52.75
N LEU HB 239 66.49 -7.02 -52.96
CA LEU HB 239 66.82 -6.35 -54.22
C LEU HB 239 67.72 -5.17 -53.91
N THR HB 240 68.68 -4.91 -54.80
CA THR HB 240 69.57 -3.77 -54.62
C THR HB 240 69.14 -2.67 -55.58
N LEU HB 241 68.80 -1.51 -55.03
CA LEU HB 241 68.22 -0.41 -55.78
C LEU HB 241 69.23 0.72 -55.85
N ILE HB 242 69.38 1.31 -57.04
CA ILE HB 242 70.36 2.37 -57.23
C ILE HB 242 69.87 3.34 -58.30
N PRO HB 243 69.85 4.65 -58.01
CA PRO HB 243 69.59 5.65 -59.04
C PRO HB 243 70.89 6.18 -59.64
N GLY HB 244 70.72 7.02 -60.66
CA GLY HB 244 71.87 7.63 -61.30
C GLY HB 244 72.48 6.76 -62.37
N GLN HB 245 71.66 6.36 -63.35
CA GLN HB 245 72.11 5.54 -64.45
C GLN HB 245 71.36 5.96 -65.70
N LYS HB 246 71.80 5.45 -66.85
CA LYS HB 246 71.33 5.98 -68.12
C LYS HB 246 69.97 5.45 -68.55
N ALA HB 247 69.36 4.55 -67.79
CA ALA HB 247 68.03 4.05 -68.09
C ALA HB 247 67.19 4.04 -66.82
N VAL HB 248 66.10 4.80 -66.82
CA VAL HB 248 65.17 4.80 -65.71
C VAL HB 248 64.09 3.78 -66.00
N ASP HB 249 63.98 2.79 -65.14
CA ASP HB 249 62.99 1.73 -65.30
C ASP HB 249 61.75 2.15 -64.52
N TYR HB 250 60.77 2.70 -65.22
CA TYR HB 250 59.59 3.25 -64.56
C TYR HB 250 58.73 2.13 -63.96
N ARG HB 251 58.38 1.14 -64.77
CA ARG HB 251 57.53 0.05 -64.32
C ARG HB 251 58.29 -1.26 -64.51
N VAL HB 252 58.59 -1.92 -63.40
CA VAL HB 252 59.34 -3.16 -63.42
C VAL HB 252 58.38 -4.31 -63.12
N ASP HB 253 58.26 -5.23 -64.07
CA ASP HB 253 57.40 -6.40 -63.92
C ASP HB 253 58.26 -7.52 -63.34
N LEU HB 254 58.02 -7.84 -62.07
CA LEU HB 254 58.85 -8.79 -61.33
C LEU HB 254 58.24 -10.18 -61.42
N ARG HB 255 58.96 -11.10 -62.05
CA ARG HB 255 58.49 -12.48 -62.27
C ARG HB 255 59.04 -13.39 -61.20
N VAL HB 256 58.15 -14.16 -60.57
CA VAL HB 256 58.48 -15.01 -59.44
C VAL HB 256 58.48 -16.46 -59.89
N GLN HB 257 59.40 -17.25 -59.33
CA GLN HB 257 59.39 -18.69 -59.59
C GLN HB 257 58.19 -19.37 -58.93
N GLY HB 258 57.86 -18.96 -57.71
CA GLY HB 258 56.86 -19.65 -56.93
C GLY HB 258 55.44 -19.35 -57.37
N TYR HB 259 54.50 -19.96 -56.66
CA TYR HB 259 53.07 -19.78 -56.91
C TYR HB 259 52.44 -19.12 -55.70
N GLY HB 260 51.67 -18.05 -55.92
CA GLY HB 260 51.07 -17.31 -54.85
C GLY HB 260 49.78 -17.95 -54.36
N PRO HB 261 48.99 -17.21 -53.57
CA PRO HB 261 47.66 -17.71 -53.19
C PRO HB 261 46.73 -17.84 -54.38
N ASN HB 262 46.91 -17.04 -55.42
CA ASN HB 262 46.19 -17.21 -56.67
C ASN HB 262 47.00 -18.07 -57.64
N ALA HB 263 47.33 -19.28 -57.20
CA ALA HB 263 48.15 -20.20 -57.98
C ALA HB 263 47.41 -20.83 -59.16
N LYS HB 264 46.11 -20.61 -59.27
CA LYS HB 264 45.31 -21.18 -60.35
C LYS HB 264 45.70 -20.55 -61.68
N SER HB 265 46.05 -21.39 -62.66
CA SER HB 265 46.37 -20.95 -64.00
C SER HB 265 45.65 -21.84 -65.00
N MET HB 266 45.20 -21.24 -66.09
CA MET HB 266 44.53 -21.99 -67.13
C MET HB 266 45.53 -22.62 -68.08
N PRO HB 267 45.21 -23.80 -68.65
CA PRO HB 267 46.11 -24.40 -69.64
C PRO HB 267 45.91 -23.79 -71.02
N THR HB 268 46.59 -24.37 -72.02
CA THR HB 268 46.42 -23.91 -73.39
C THR HB 268 45.05 -24.34 -73.91
N GLU HB 269 44.32 -23.39 -74.50
CA GLU HB 269 42.96 -23.60 -74.96
C GLU HB 269 42.96 -23.79 -76.48
N GLU HB 270 41.77 -24.12 -76.99
CA GLU HB 270 41.51 -24.40 -78.42
C GLU HB 270 42.41 -25.53 -78.93
N GLY HB 271 42.24 -26.70 -78.32
CA GLY HB 271 43.07 -27.84 -78.63
C GLY HB 271 42.47 -28.75 -79.67
N ILE HB 272 43.15 -29.87 -79.89
CA ILE HB 272 42.64 -30.92 -80.78
C ILE HB 272 41.43 -31.58 -80.12
N PRO HB 273 40.37 -31.85 -80.88
CA PRO HB 273 39.24 -32.60 -80.32
C PRO HB 273 39.67 -34.01 -79.94
N PRO HB 274 38.99 -34.61 -78.98
CA PRO HB 274 39.45 -35.91 -78.44
C PRO HB 274 39.23 -37.05 -79.42
N SER HB 275 39.85 -38.18 -79.10
CA SER HB 275 39.70 -39.40 -79.87
C SER HB 275 38.55 -40.21 -79.28
N ALA HB 276 38.42 -41.47 -79.70
CA ALA HB 276 37.35 -42.33 -79.21
C ALA HB 276 37.69 -42.92 -77.84
N ASN HB 277 36.93 -43.92 -77.42
CA ASN HB 277 37.01 -44.45 -76.07
C ASN HB 277 37.79 -45.76 -76.04
N ASP HB 278 38.43 -46.02 -74.90
CA ASP HB 278 38.99 -47.34 -74.65
C ASP HB 278 37.89 -48.33 -74.29
N LEU HB 279 36.76 -47.82 -73.81
CA LEU HB 279 35.59 -48.66 -73.61
C LEU HB 279 35.06 -49.19 -74.93
N LEU HB 280 35.26 -48.41 -76.00
CA LEU HB 280 34.95 -48.91 -77.35
C LEU HB 280 35.83 -50.10 -77.70
N LEU HB 281 37.09 -50.07 -77.31
CA LEU HB 281 37.98 -51.20 -77.57
C LEU HB 281 37.60 -52.41 -76.72
N HIS HB 282 37.21 -52.15 -75.47
CA HIS HB 282 36.75 -53.22 -74.59
C HIS HB 282 35.52 -53.91 -75.14
N VAL HB 283 34.53 -53.14 -75.57
CA VAL HB 283 33.33 -53.73 -76.13
C VAL HB 283 33.59 -54.27 -77.54
N LEU HB 284 34.64 -53.79 -78.21
CA LEU HB 284 35.04 -54.34 -79.49
C LEU HB 284 35.54 -55.75 -79.33
N GLU HB 285 36.33 -56.00 -78.30
CA GLU HB 285 36.68 -57.37 -78.00
C GLU HB 285 35.56 -58.11 -77.26
N GLY HB 286 34.54 -57.41 -76.78
CA GLY HB 286 33.40 -58.04 -76.17
C GLY HB 286 33.28 -57.86 -74.68
N VAL HB 287 34.10 -57.01 -74.07
CA VAL HB 287 33.97 -56.75 -72.64
C VAL HB 287 32.74 -55.88 -72.41
N PRO HB 288 31.82 -56.27 -71.53
CA PRO HB 288 30.76 -55.37 -71.12
C PRO HB 288 31.32 -54.19 -70.36
N PRO HB 289 30.75 -53.00 -70.54
CA PRO HB 289 31.27 -51.82 -69.85
C PRO HB 289 30.97 -51.89 -68.37
N PRO HB 290 31.88 -51.38 -67.53
CA PRO HB 290 31.68 -51.50 -66.08
C PRO HB 290 30.62 -50.54 -65.59
N GLY HB 291 29.78 -51.04 -64.68
CA GLY HB 291 28.71 -50.24 -64.12
C GLY HB 291 27.52 -50.04 -65.01
N SER HB 292 27.49 -50.68 -66.18
CA SER HB 292 26.40 -50.50 -67.12
C SER HB 292 25.31 -51.53 -66.86
N ARG HB 293 24.38 -51.64 -67.79
CA ARG HB 293 23.32 -52.63 -67.69
C ARG HB 293 23.12 -53.29 -69.05
N ARG HB 294 22.67 -54.54 -69.01
CA ARG HB 294 22.38 -55.26 -70.23
C ARG HB 294 21.11 -54.72 -70.89
N LEU HB 295 21.01 -54.94 -72.19
CA LEU HB 295 19.87 -54.52 -72.98
C LEU HB 295 19.26 -55.72 -73.68
N VAL HB 296 17.93 -55.74 -73.75
CA VAL HB 296 17.22 -56.80 -74.47
C VAL HB 296 17.36 -56.52 -75.95
N VAL HB 297 18.09 -57.39 -76.65
CA VAL HB 297 18.36 -57.23 -78.08
C VAL HB 297 17.60 -58.32 -78.82
N SER HB 298 16.81 -57.91 -79.81
CA SER HB 298 16.02 -58.86 -80.58
C SER HB 298 16.19 -58.60 -82.06
N GLY HB 299 16.12 -59.67 -82.84
CA GLY HB 299 16.16 -59.59 -84.29
C GLY HB 299 17.47 -59.95 -84.94
N GLY HB 300 18.53 -60.15 -84.17
CA GLY HB 300 19.81 -60.46 -84.79
C GLY HB 300 20.87 -60.74 -83.75
N ASP HB 301 22.05 -61.09 -84.26
CA ASP HB 301 23.19 -61.46 -83.42
C ASP HB 301 24.06 -60.24 -83.14
N ALA HB 302 23.53 -59.37 -82.29
CA ALA HB 302 24.24 -58.19 -81.84
C ALA HB 302 24.08 -58.05 -80.33
N ARG HB 303 25.08 -57.44 -79.70
CA ARG HB 303 25.05 -57.24 -78.26
C ARG HB 303 25.09 -55.75 -77.97
N ALA HB 304 24.41 -55.33 -76.91
CA ALA HB 304 24.23 -53.92 -76.63
C ALA HB 304 24.33 -53.65 -75.14
N TRP HB 305 24.72 -52.43 -74.80
CA TRP HB 305 24.78 -51.99 -73.42
C TRP HB 305 24.44 -50.52 -73.34
N LEU HB 306 23.91 -50.11 -72.18
CA LEU HB 306 23.62 -48.72 -71.88
C LEU HB 306 24.42 -48.31 -70.66
N SER HB 307 25.28 -47.30 -70.81
CA SER HB 307 26.22 -46.98 -69.75
C SER HB 307 26.00 -45.61 -69.13
N ASN HB 308 26.08 -44.55 -69.93
CA ASN HB 308 26.10 -43.17 -69.49
C ASN HB 308 25.11 -42.37 -70.30
N GLU HB 309 23.86 -42.86 -70.29
CA GLU HB 309 22.77 -42.61 -71.24
C GLU HB 309 23.26 -42.65 -72.68
N LYS HB 310 24.17 -43.58 -72.96
CA LYS HB 310 24.67 -43.85 -74.30
C LYS HB 310 24.75 -45.36 -74.47
N MET HB 311 24.44 -45.81 -75.67
CA MET HB 311 24.45 -47.24 -75.98
C MET HB 311 25.69 -47.58 -76.78
N TYR HB 312 26.24 -48.75 -76.48
CA TYR HB 312 27.33 -49.35 -77.21
C TYR HB 312 26.85 -50.66 -77.80
N VAL HB 313 27.21 -50.91 -79.04
CA VAL HB 313 26.74 -52.09 -79.76
C VAL HB 313 27.92 -52.78 -80.42
N ARG HB 314 27.91 -54.12 -80.37
CA ARG HB 314 28.90 -54.94 -81.04
C ARG HB 314 28.19 -55.93 -81.94
N THR HB 315 28.59 -55.94 -83.21
CA THR HB 315 28.11 -56.89 -84.21
C THR HB 315 29.16 -56.96 -85.31
N ASN HB 316 28.79 -57.53 -86.47
CA ASN HB 316 29.63 -57.44 -87.65
C ASN HB 316 28.82 -57.06 -88.88
N LEU HB 317 27.70 -56.38 -88.69
CA LEU HB 317 26.83 -55.92 -89.76
C LEU HB 317 27.13 -54.46 -90.08
N THR HB 318 26.26 -53.84 -90.86
CA THR HB 318 26.38 -52.43 -91.22
C THR HB 318 25.14 -51.69 -90.76
N ILE HB 319 25.32 -50.70 -89.90
CA ILE HB 319 24.21 -49.93 -89.34
C ILE HB 319 23.86 -48.80 -90.30
N LEU HB 320 22.56 -48.53 -90.46
CA LEU HB 320 22.11 -47.56 -91.45
C LEU HB 320 21.46 -46.33 -90.86
N SER HB 321 20.39 -46.47 -90.07
CA SER HB 321 19.51 -45.33 -89.83
C SER HB 321 20.02 -44.23 -88.91
N PRO HB 322 20.22 -44.47 -87.60
CA PRO HB 322 20.13 -43.35 -86.66
C PRO HB 322 21.39 -42.51 -86.50
N GLY HB 323 22.48 -42.85 -87.17
CA GLY HB 323 23.75 -42.20 -86.89
C GLY HB 323 24.43 -42.77 -85.66
N TRP HB 324 25.70 -42.43 -85.51
CA TRP HB 324 26.44 -42.84 -84.34
C TRP HB 324 27.54 -41.83 -84.06
N LEU HB 325 28.02 -41.85 -82.82
CA LEU HB 325 29.05 -40.92 -82.41
C LEU HB 325 30.45 -41.53 -82.56
N ALA HB 326 30.61 -42.80 -82.23
CA ALA HB 326 31.92 -43.43 -82.33
C ALA HB 326 31.83 -44.76 -83.05
N SER HB 327 32.88 -45.09 -83.78
CA SER HB 327 32.93 -46.32 -84.56
C SER HB 327 34.31 -46.96 -84.42
N MET HB 328 34.33 -48.26 -84.15
CA MET HB 328 35.56 -49.02 -84.04
C MET HB 328 35.38 -50.35 -84.78
N THR HB 329 36.47 -50.84 -85.35
CA THR HB 329 36.43 -52.11 -86.05
C THR HB 329 37.63 -52.95 -85.64
N SER HB 330 37.38 -54.24 -85.42
CA SER HB 330 38.42 -55.20 -85.10
C SER HB 330 39.18 -55.59 -86.35
N ALA HB 331 40.14 -56.49 -86.18
CA ALA HB 331 40.85 -57.02 -87.33
C ALA HB 331 40.03 -58.04 -88.11
N ASP HB 332 38.92 -58.53 -87.54
CA ASP HB 332 38.12 -59.57 -88.16
C ASP HB 332 36.72 -59.10 -88.52
N GLY HB 333 36.60 -57.82 -88.91
CA GLY HB 333 35.34 -57.34 -89.43
C GLY HB 333 34.26 -57.11 -88.40
N THR HB 334 34.62 -57.06 -87.12
CA THR HB 334 33.66 -56.82 -86.06
C THR HB 334 33.54 -55.33 -85.83
N HIS HB 335 32.33 -54.80 -85.97
CA HIS HB 335 32.06 -53.38 -85.82
C HIS HB 335 31.39 -53.11 -84.48
N ALA HB 336 31.90 -52.11 -83.77
CA ALA HB 336 31.33 -51.63 -82.52
C ALA HB 336 31.05 -50.14 -82.65
N TYR HB 337 29.92 -49.71 -82.10
CA TYR HB 337 29.50 -48.33 -82.25
C TYR HB 337 29.01 -47.78 -80.92
N GLU HB 338 29.22 -46.48 -80.75
CA GLU HB 338 28.67 -45.71 -79.65
C GLU HB 338 27.71 -44.67 -80.21
N MET HB 339 26.48 -44.67 -79.67
CA MET HB 339 25.46 -43.73 -80.13
C MET HB 339 24.45 -43.52 -79.01
N GLN HB 340 23.34 -42.87 -79.35
CA GLN HB 340 22.29 -42.51 -78.42
C GLN HB 340 21.21 -43.59 -78.40
N LYS HB 341 20.37 -43.53 -77.38
CA LYS HB 341 19.34 -44.53 -77.19
C LYS HB 341 18.24 -44.38 -78.23
N SER HB 342 17.89 -45.47 -78.88
CA SER HB 342 16.82 -45.51 -79.87
C SER HB 342 16.36 -46.95 -80.00
N PRO HB 343 15.05 -47.20 -80.02
CA PRO HB 343 14.57 -48.58 -80.02
C PRO HB 343 14.79 -49.32 -81.33
N VAL HB 344 14.96 -48.62 -82.44
CA VAL HB 344 15.00 -49.29 -83.74
C VAL HB 344 16.34 -49.01 -84.41
N LEU HB 345 16.74 -49.95 -85.27
CA LEU HB 345 17.95 -49.83 -86.07
C LEU HB 345 17.66 -50.32 -87.46
N LEU HB 346 18.41 -49.82 -88.44
CA LEU HB 346 18.33 -50.33 -89.81
C LEU HB 346 19.67 -50.91 -90.19
N VAL HB 347 19.65 -52.12 -90.75
CA VAL HB 347 20.87 -52.83 -91.10
C VAL HB 347 20.68 -53.47 -92.47
N SER HB 348 21.62 -53.23 -93.37
CA SER HB 348 21.74 -54.05 -94.58
C SER HB 348 22.43 -55.35 -94.19
N TRP HB 349 21.69 -56.45 -94.26
CA TRP HB 349 22.23 -57.73 -93.82
C TRP HB 349 23.23 -58.28 -94.82
N HIS HB 350 22.76 -58.63 -96.01
CA HIS HB 350 23.63 -59.07 -97.10
C HIS HB 350 23.18 -58.40 -98.38
N GLY HB 351 23.06 -57.08 -98.34
CA GLY HB 351 22.51 -56.33 -99.44
C GLY HB 351 21.00 -56.19 -99.39
N LYS HB 352 20.35 -56.80 -98.39
CA LYS HB 352 18.92 -56.68 -98.20
C LYS HB 352 18.67 -55.96 -96.88
N VAL HB 353 17.76 -55.01 -96.89
CA VAL HB 353 17.53 -54.16 -95.73
C VAL HB 353 16.70 -54.91 -94.71
N MET HB 354 16.94 -54.61 -93.42
CA MET HB 354 16.21 -55.24 -92.34
C MET HB 354 16.22 -54.30 -91.14
N GLN HB 355 15.30 -54.54 -90.23
CA GLN HB 355 15.12 -53.71 -89.05
C GLN HB 355 15.45 -54.49 -87.79
N LEU HB 356 16.11 -53.83 -86.85
CA LEU HB 356 16.51 -54.43 -85.58
C LEU HB 356 15.78 -53.74 -84.44
N LYS HB 357 15.25 -54.55 -83.52
CA LYS HB 357 14.46 -54.07 -82.40
C LYS HB 357 15.30 -54.11 -81.13
N VAL HB 358 15.35 -52.99 -80.42
CA VAL HB 358 16.07 -52.87 -79.17
C VAL HB 358 15.06 -52.63 -78.06
N GLU HB 359 15.04 -53.50 -77.06
CA GLU HB 359 14.10 -53.44 -75.96
C GLU HB 359 14.87 -53.33 -74.65
N GLY HB 360 14.15 -53.44 -73.54
CA GLY HB 360 14.76 -53.36 -72.23
C GLY HB 360 15.21 -51.98 -71.84
N LEU HB 361 14.66 -50.95 -72.47
CA LEU HB 361 15.13 -49.60 -72.29
C LEU HB 361 14.33 -48.87 -71.22
N VAL IB 38 28.48 -84.27 -43.97
CA VAL IB 38 28.63 -85.73 -43.89
C VAL IB 38 28.12 -86.50 -45.13
N PRO IB 39 26.84 -86.36 -45.59
CA PRO IB 39 26.41 -87.20 -46.72
C PRO IB 39 26.98 -86.76 -48.06
N LYS IB 40 27.53 -85.55 -48.15
CA LYS IB 40 28.07 -85.08 -49.41
C LYS IB 40 29.40 -85.73 -49.73
N LEU IB 41 30.19 -86.04 -48.71
CA LEU IB 41 31.49 -86.66 -48.94
C LEU IB 41 31.32 -88.12 -49.35
N PRO IB 42 32.20 -88.63 -50.20
CA PRO IB 42 32.10 -90.04 -50.62
C PRO IB 42 32.51 -90.97 -49.49
N CYS IB 43 31.58 -91.83 -49.08
CA CYS IB 43 31.88 -92.81 -48.03
C CYS IB 43 32.87 -93.87 -48.51
N ARG IB 44 32.78 -94.26 -49.78
CA ARG IB 44 33.69 -95.22 -50.38
C ARG IB 44 34.14 -94.66 -51.72
N VAL IB 45 35.03 -95.39 -52.38
CA VAL IB 45 35.44 -95.00 -53.72
C VAL IB 45 34.35 -95.38 -54.71
N ASP IB 46 34.39 -94.72 -55.87
CA ASP IB 46 33.32 -94.86 -56.86
C ASP IB 46 33.40 -96.22 -57.56
N GLY IB 47 32.25 -96.88 -57.64
CA GLY IB 47 32.13 -98.15 -58.35
C GLY IB 47 32.92 -99.30 -57.76
N ALA IB 48 32.85 -99.49 -56.45
CA ALA IB 48 33.58 -100.55 -55.78
C ALA IB 48 32.61 -101.57 -55.20
N CYS IB 49 32.79 -102.83 -55.59
CA CYS IB 49 32.09 -103.97 -54.99
C CYS IB 49 33.14 -105.06 -54.87
N ASP IB 50 33.77 -105.13 -53.70
CA ASP IB 50 34.98 -105.94 -53.54
C ASP IB 50 34.67 -107.43 -53.57
N ALA IB 51 33.44 -107.82 -53.23
CA ALA IB 51 33.02 -109.20 -53.43
C ALA IB 51 33.03 -109.56 -54.91
N THR IB 52 32.54 -108.65 -55.75
CA THR IB 52 32.62 -108.88 -57.20
C THR IB 52 34.06 -108.79 -57.69
N ILE IB 53 34.90 -108.00 -57.02
CA ILE IB 53 36.29 -107.87 -57.42
C ILE IB 53 37.04 -109.18 -57.18
N ILE IB 54 36.89 -109.75 -55.99
CA ILE IB 54 37.52 -111.05 -55.72
C ILE IB 54 36.84 -112.15 -56.52
N LYS IB 55 35.55 -111.97 -56.87
CA LYS IB 55 34.86 -112.90 -57.75
C LYS IB 55 35.50 -112.93 -59.12
N MET IB 56 35.76 -111.76 -59.70
CA MET IB 56 36.35 -111.74 -61.03
C MET IB 56 37.82 -112.12 -60.99
N MET IB 57 38.48 -111.91 -59.85
CA MET IB 57 39.84 -112.43 -59.65
C MET IB 57 39.85 -113.96 -59.74
N THR IB 58 38.94 -114.60 -59.00
CA THR IB 58 38.83 -116.04 -59.02
C THR IB 58 38.41 -116.55 -60.39
N ASP IB 59 37.52 -115.81 -61.07
CA ASP IB 59 37.05 -116.21 -62.38
C ASP IB 59 38.16 -116.17 -63.41
N LEU IB 60 39.00 -115.13 -63.40
CA LEU IB 60 40.08 -115.08 -64.37
C LEU IB 60 41.19 -116.07 -64.04
N ASN IB 61 41.43 -116.33 -62.74
CA ASN IB 61 42.41 -117.33 -62.38
C ASN IB 61 41.96 -118.74 -62.79
N LYS IB 62 40.67 -119.04 -62.60
CA LYS IB 62 40.17 -120.34 -63.05
C LYS IB 62 39.95 -120.39 -64.56
N LYS IB 63 39.87 -119.23 -65.21
CA LYS IB 63 39.93 -119.21 -66.66
C LYS IB 63 41.31 -119.60 -67.15
N GLY IB 64 42.35 -119.13 -66.47
CA GLY IB 64 43.68 -119.57 -66.80
C GLY IB 64 44.70 -118.45 -66.83
N ILE IB 65 44.22 -117.23 -66.63
CA ILE IB 65 45.10 -116.08 -66.59
C ILE IB 65 45.79 -116.05 -65.23
N LYS IB 66 47.11 -115.94 -65.24
CA LYS IB 66 47.87 -116.01 -64.00
C LYS IB 66 47.73 -114.68 -63.26
N VAL IB 67 47.07 -114.73 -62.10
CA VAL IB 67 46.86 -113.54 -61.28
C VAL IB 67 47.64 -113.69 -59.98
N ALA IB 68 48.49 -112.72 -59.69
CA ALA IB 68 49.33 -112.78 -58.51
C ALA IB 68 49.27 -111.46 -57.75
N SER IB 69 49.04 -111.56 -56.45
CA SER IB 69 48.92 -110.39 -55.57
C SER IB 69 49.85 -110.60 -54.39
N VAL IB 70 50.93 -109.83 -54.34
CA VAL IB 70 51.92 -109.94 -53.29
C VAL IB 70 52.23 -108.54 -52.78
N GLY IB 71 52.04 -108.34 -51.48
CA GLY IB 71 52.26 -107.04 -50.86
C GLY IB 71 51.34 -105.96 -51.38
N GLN IB 72 51.92 -104.97 -52.04
CA GLN IB 72 51.16 -103.93 -52.70
C GLN IB 72 51.27 -104.00 -54.21
N ASN IB 73 52.07 -104.91 -54.75
CA ASN IB 73 52.26 -105.04 -56.17
C ASN IB 73 51.39 -106.18 -56.71
N TYR IB 74 51.02 -106.05 -57.98
CA TYR IB 74 50.11 -106.98 -58.62
C TYR IB 74 50.63 -107.31 -60.01
N LEU IB 75 50.51 -108.59 -60.38
CA LEU IB 75 50.98 -109.11 -61.65
C LEU IB 75 49.89 -109.96 -62.29
N ILE IB 76 49.81 -109.91 -63.62
CA ILE IB 76 48.90 -110.75 -64.38
C ILE IB 76 49.59 -111.17 -65.66
N SER IB 77 49.59 -112.48 -65.92
CA SER IB 77 50.25 -113.06 -67.07
C SER IB 77 49.22 -113.72 -67.97
N ILE IB 78 49.31 -113.44 -69.27
CA ILE IB 78 48.40 -113.97 -70.27
C ILE IB 78 49.23 -114.67 -71.34
N PRO IB 79 48.94 -115.92 -71.67
CA PRO IB 79 49.64 -116.56 -72.80
C PRO IB 79 49.27 -115.93 -74.12
N ALA IB 80 50.23 -115.91 -75.04
CA ALA IB 80 50.02 -115.25 -76.33
C ALA IB 80 49.14 -116.07 -77.26
N SER IB 81 48.97 -117.37 -76.99
CA SER IB 81 48.19 -118.22 -77.87
C SER IB 81 46.71 -117.89 -77.83
N ALA IB 82 46.23 -117.37 -76.71
CA ALA IB 82 44.84 -116.96 -76.60
C ALA IB 82 44.61 -115.57 -77.18
N LEU IB 83 45.64 -114.91 -77.67
CA LEU IB 83 45.54 -113.54 -78.13
C LEU IB 83 45.92 -113.33 -79.58
N PHE IB 84 46.86 -114.09 -80.11
CA PHE IB 84 47.35 -113.87 -81.46
C PHE IB 84 47.35 -115.18 -82.22
N ALA IB 85 47.74 -115.11 -83.49
CA ALA IB 85 47.99 -116.31 -84.28
C ALA IB 85 49.46 -116.67 -84.14
N ASP IB 86 49.94 -117.61 -84.96
CA ASP IB 86 51.27 -118.19 -84.79
C ASP IB 86 52.34 -117.17 -85.16
N GLN IB 87 52.91 -116.55 -84.11
CA GLN IB 87 54.04 -115.61 -84.21
C GLN IB 87 53.71 -114.40 -85.06
N SER IB 88 52.44 -113.98 -85.05
CA SER IB 88 51.97 -112.86 -85.85
C SER IB 88 51.19 -111.90 -84.98
N PRO IB 89 51.26 -110.59 -85.27
CA PRO IB 89 50.55 -109.60 -84.46
C PRO IB 89 49.13 -109.32 -84.95
N ARG IB 90 48.34 -110.36 -85.11
CA ARG IB 90 46.93 -110.24 -85.46
C ARG IB 90 46.08 -110.48 -84.22
N LEU IB 91 44.97 -109.77 -84.13
CA LEU IB 91 44.09 -109.85 -82.97
C LEU IB 91 42.90 -110.74 -83.26
N ASN IB 92 42.70 -111.75 -82.43
CA ASN IB 92 41.52 -112.58 -82.52
C ASN IB 92 40.31 -111.79 -82.02
N TRP IB 93 39.18 -111.96 -82.71
CA TRP IB 93 38.02 -111.12 -82.43
C TRP IB 93 37.34 -111.53 -81.13
N ALA IB 94 37.39 -112.81 -80.76
CA ALA IB 94 36.76 -113.23 -79.51
C ALA IB 94 37.55 -112.79 -78.29
N SER IB 95 38.82 -112.43 -78.46
CA SER IB 95 39.66 -111.97 -77.35
C SER IB 95 39.27 -110.59 -76.85
N TYR IB 96 38.46 -109.85 -77.61
CA TYR IB 96 38.09 -108.50 -77.19
C TYR IB 96 37.18 -108.53 -75.96
N SER IB 97 36.38 -109.59 -75.83
CA SER IB 97 35.62 -109.79 -74.60
C SER IB 97 36.52 -109.98 -73.40
N LEU IB 98 37.57 -110.78 -73.57
CA LEU IB 98 38.54 -111.01 -72.49
C LEU IB 98 39.28 -109.73 -72.13
N LEU IB 99 39.62 -108.94 -73.15
CA LEU IB 99 40.24 -107.64 -72.91
C LEU IB 99 39.28 -106.70 -72.21
N ASN IB 100 37.98 -106.78 -72.53
CA ASN IB 100 36.99 -105.99 -71.83
C ASN IB 100 36.89 -106.40 -70.36
N GLU IB 101 36.98 -107.69 -70.08
CA GLU IB 101 36.93 -108.18 -68.70
C GLU IB 101 38.14 -107.71 -67.90
N ILE IB 102 39.33 -107.82 -68.48
CA ILE IB 102 40.51 -107.38 -67.74
C ILE IB 102 40.55 -105.86 -67.62
N ALA IB 103 39.96 -105.15 -68.58
CA ALA IB 103 39.82 -103.70 -68.44
C ALA IB 103 38.84 -103.33 -67.35
N ALA IB 104 37.75 -104.09 -67.23
CA ALA IB 104 36.78 -103.85 -66.17
C ALA IB 104 37.37 -104.12 -64.80
N PHE IB 105 38.23 -105.14 -64.70
CA PHE IB 105 38.97 -105.34 -63.46
C PHE IB 105 39.94 -104.19 -63.21
N LEU IB 106 40.59 -103.70 -64.26
CA LEU IB 106 41.57 -102.64 -64.10
C LEU IB 106 40.94 -101.28 -63.82
N LYS IB 107 39.64 -101.13 -64.08
CA LYS IB 107 38.96 -99.89 -63.72
C LYS IB 107 38.83 -99.70 -62.22
N GLN IB 108 38.91 -100.79 -61.44
CA GLN IB 108 38.61 -100.71 -60.02
C GLN IB 108 39.69 -99.98 -59.24
N PHE IB 109 40.95 -100.31 -59.50
CA PHE IB 109 42.01 -99.87 -58.60
C PHE IB 109 42.43 -98.44 -58.89
N ARG IB 110 43.05 -97.83 -57.88
CA ARG IB 110 43.62 -96.49 -58.01
C ARG IB 110 45.11 -96.65 -58.23
N LYS IB 111 45.51 -96.60 -59.49
CA LYS IB 111 46.88 -96.89 -59.92
C LYS IB 111 47.55 -95.60 -60.39
N ILE IB 112 48.82 -95.74 -60.77
CA ILE IB 112 49.57 -94.60 -61.31
C ILE IB 112 50.23 -95.00 -62.64
N ALA IB 113 50.97 -96.11 -62.62
CA ALA IB 113 51.75 -96.54 -63.77
C ALA IB 113 51.48 -98.01 -64.05
N ILE IB 114 51.38 -98.35 -65.34
CA ILE IB 114 51.13 -99.71 -65.77
C ILE IB 114 52.31 -100.15 -66.63
N THR IB 115 52.94 -101.26 -66.23
CA THR IB 115 54.09 -101.78 -66.95
C THR IB 115 53.68 -103.03 -67.70
N VAL IB 116 53.82 -103.00 -69.02
CA VAL IB 116 53.45 -104.11 -69.88
C VAL IB 116 54.71 -104.57 -70.60
N THR IB 117 55.02 -105.85 -70.47
CA THR IB 117 56.11 -106.43 -71.23
C THR IB 117 55.60 -107.66 -71.96
N SER IB 118 56.24 -107.95 -73.08
CA SER IB 118 55.87 -109.10 -73.88
C SER IB 118 57.07 -110.00 -74.12
N TYR IB 119 56.82 -111.31 -74.13
CA TYR IB 119 57.85 -112.31 -74.33
C TYR IB 119 57.38 -113.34 -75.34
N SER IB 120 58.34 -113.91 -76.07
CA SER IB 120 58.04 -114.90 -77.08
C SER IB 120 58.99 -116.09 -76.98
N SER IB 121 58.98 -116.94 -77.99
CA SER IB 121 59.92 -118.06 -78.11
C SER IB 121 60.91 -117.78 -79.22
N LYS IB 122 62.01 -118.52 -79.21
CA LYS IB 122 63.06 -118.35 -80.22
C LYS IB 122 62.60 -119.02 -81.51
N TYR IB 123 62.42 -118.22 -82.57
CA TYR IB 123 61.88 -118.74 -83.81
C TYR IB 123 62.87 -118.66 -84.97
N VAL IB 124 63.28 -117.46 -85.38
CA VAL IB 124 64.22 -117.32 -86.48
C VAL IB 124 65.39 -116.44 -86.06
N SER IB 125 65.09 -115.27 -85.53
CA SER IB 125 66.08 -114.25 -85.25
C SER IB 125 66.05 -113.88 -83.78
N VAL IB 126 66.64 -112.75 -83.43
CA VAL IB 126 66.42 -112.12 -82.14
C VAL IB 126 65.58 -110.86 -82.29
N LYS IB 127 65.95 -110.00 -83.23
CA LYS IB 127 65.25 -108.73 -83.41
C LYS IB 127 63.87 -108.91 -84.01
N ARG IB 128 63.64 -110.01 -84.72
CA ARG IB 128 62.28 -110.33 -85.19
C ARG IB 128 61.34 -110.56 -84.01
N GLU IB 129 61.80 -111.34 -83.03
CA GLU IB 129 61.00 -111.60 -81.84
C GLU IB 129 60.86 -110.34 -81.00
N ARG IB 130 61.92 -109.53 -80.95
CA ARG IB 130 61.87 -108.24 -80.26
C ARG IB 130 60.80 -107.34 -80.87
N ALA IB 131 60.77 -107.25 -82.19
CA ALA IB 131 59.80 -106.42 -82.89
C ALA IB 131 58.39 -106.94 -82.71
N LEU IB 132 58.21 -108.26 -82.76
CA LEU IB 132 56.89 -108.85 -82.60
C LEU IB 132 56.33 -108.60 -81.21
N THR IB 133 57.16 -108.83 -80.19
CA THR IB 133 56.74 -108.59 -78.81
C THR IB 133 56.44 -107.12 -78.57
N LEU IB 134 57.28 -106.23 -79.11
CA LEU IB 134 57.08 -104.80 -78.92
C LEU IB 134 55.80 -104.32 -79.61
N ALA IB 135 55.53 -104.83 -80.82
CA ALA IB 135 54.32 -104.43 -81.54
C ALA IB 135 53.07 -104.94 -80.85
N ARG IB 136 53.08 -106.18 -80.35
CA ARG IB 136 51.93 -106.72 -79.64
C ARG IB 136 51.67 -105.95 -78.35
N SER IB 137 52.75 -105.60 -77.64
CA SER IB 137 52.62 -104.79 -76.43
C SER IB 137 52.06 -103.41 -76.75
N ARG IB 138 52.49 -102.82 -77.86
CA ARG IB 138 51.99 -101.51 -78.26
C ARG IB 138 50.51 -101.56 -78.61
N VAL IB 139 50.08 -102.64 -79.26
CA VAL IB 139 48.68 -102.79 -79.64
C VAL IB 139 47.79 -102.92 -78.41
N VAL IB 140 48.17 -103.80 -77.47
CA VAL IB 140 47.33 -103.97 -76.29
C VAL IB 140 47.39 -102.74 -75.39
N SER IB 141 48.52 -102.03 -75.39
CA SER IB 141 48.62 -100.80 -74.60
C SER IB 141 47.73 -99.70 -75.16
N GLU IB 142 47.70 -99.56 -76.49
CA GLU IB 142 46.90 -98.50 -77.07
C GLU IB 142 45.42 -98.82 -76.97
N TYR IB 143 45.05 -100.11 -77.00
CA TYR IB 143 43.64 -100.41 -76.74
C TYR IB 143 43.28 -100.14 -75.28
N LEU IB 144 44.20 -100.43 -74.36
CA LEU IB 144 43.92 -100.17 -72.96
C LEU IB 144 43.83 -98.68 -72.66
N TRP IB 145 44.62 -97.86 -73.37
CA TRP IB 145 44.49 -96.42 -73.20
C TRP IB 145 43.24 -95.90 -73.88
N SER IB 146 42.81 -96.54 -74.97
CA SER IB 146 41.55 -96.17 -75.61
C SER IB 146 40.38 -96.43 -74.68
N GLN IB 147 40.43 -97.53 -73.95
CA GLN IB 147 39.53 -97.72 -72.83
C GLN IB 147 39.85 -96.70 -71.73
N GLY IB 148 38.83 -96.28 -71.01
CA GLY IB 148 38.99 -95.21 -70.04
C GLY IB 148 39.67 -95.62 -68.75
N VAL IB 149 40.91 -96.06 -68.84
CA VAL IB 149 41.66 -96.44 -67.64
C VAL IB 149 42.09 -95.19 -66.91
N ASP IB 150 42.15 -95.28 -65.59
CA ASP IB 150 42.54 -94.15 -64.75
C ASP IB 150 43.99 -94.36 -64.34
N SER IB 151 44.90 -93.97 -65.22
CA SER IB 151 46.31 -94.10 -64.97
C SER IB 151 47.02 -92.88 -65.53
N ARG IB 152 48.23 -92.64 -65.02
CA ARG IB 152 49.05 -91.56 -65.53
C ARG IB 152 50.07 -92.04 -66.54
N ILE IB 153 50.67 -93.21 -66.31
CA ILE IB 153 51.80 -93.69 -67.10
C ILE IB 153 51.47 -95.09 -67.62
N ILE IB 154 51.74 -95.32 -68.89
CA ILE IB 154 51.85 -96.67 -69.43
C ILE IB 154 53.23 -96.82 -70.05
N PHE IB 155 54.01 -97.75 -69.51
CA PHE IB 155 55.29 -98.16 -70.09
C PHE IB 155 55.11 -99.51 -70.74
N THR IB 156 55.53 -99.62 -72.00
CA THR IB 156 55.41 -100.86 -72.77
C THR IB 156 56.76 -101.23 -73.35
N GLN IB 157 57.08 -102.53 -73.27
CA GLN IB 157 58.30 -103.05 -73.88
C GLN IB 157 58.12 -104.52 -74.24
N GLY IB 158 58.90 -104.96 -75.22
CA GLY IB 158 58.85 -106.33 -75.66
C GLY IB 158 60.23 -106.89 -75.87
N LEU IB 159 60.44 -108.15 -75.46
CA LEU IB 159 61.78 -108.73 -75.49
C LEU IB 159 61.89 -109.95 -76.39
N GLY IB 160 61.00 -110.92 -76.24
CA GLY IB 160 61.11 -112.15 -77.01
C GLY IB 160 61.44 -113.36 -76.17
N SER IB 161 62.42 -114.15 -76.62
CA SER IB 161 62.87 -115.31 -75.87
C SER IB 161 64.09 -115.00 -75.01
N ASP IB 162 64.20 -113.75 -74.55
CA ASP IB 162 65.41 -113.31 -73.85
C ASP IB 162 65.47 -113.85 -72.43
N LYS IB 163 64.33 -113.86 -71.73
CA LYS IB 163 64.26 -114.37 -70.36
C LYS IB 163 63.14 -115.40 -70.30
N PRO IB 164 63.42 -116.65 -70.66
CA PRO IB 164 62.41 -117.69 -70.58
C PRO IB 164 62.11 -118.06 -69.13
N ILE IB 165 60.95 -118.68 -68.94
CA ILE IB 165 60.50 -119.06 -67.62
C ILE IB 165 60.86 -120.50 -67.27
N THR IB 166 60.75 -121.40 -68.24
CA THR IB 166 60.98 -122.82 -68.02
C THR IB 166 61.78 -123.35 -69.19
N SER IB 167 62.67 -124.32 -68.91
CA SER IB 167 63.46 -124.94 -69.96
C SER IB 167 62.65 -125.86 -70.87
N TYR IB 168 61.40 -126.14 -70.53
CA TYR IB 168 60.53 -126.94 -71.38
C TYR IB 168 60.13 -126.16 -72.62
N THR IB 169 60.87 -126.35 -73.71
CA THR IB 169 60.62 -125.65 -74.97
C THR IB 169 60.00 -126.57 -76.02
N LEU IB 170 59.21 -127.54 -75.58
CA LEU IB 170 58.61 -128.49 -76.53
C LEU IB 170 57.55 -127.83 -77.39
N GLY IB 171 56.67 -127.05 -76.78
CA GLY IB 171 55.69 -126.33 -77.55
C GLY IB 171 56.30 -125.13 -78.27
N GLY IB 172 55.56 -124.62 -79.24
CA GLY IB 172 55.98 -123.43 -79.94
C GLY IB 172 55.36 -122.21 -79.31
N ASP IB 173 54.34 -121.65 -79.98
CA ASP IB 173 53.53 -120.63 -79.32
C ASP IB 173 52.59 -121.24 -78.29
N ARG IB 174 52.37 -122.54 -78.34
CA ARG IB 174 51.65 -123.22 -77.28
C ARG IB 174 52.42 -123.27 -75.97
N SER IB 175 53.75 -123.17 -76.03
CA SER IB 175 54.56 -123.18 -74.81
C SER IB 175 54.37 -121.89 -74.04
N PRO IB 176 54.24 -121.95 -72.71
CA PRO IB 176 53.80 -120.78 -71.94
C PRO IB 176 54.86 -119.71 -71.76
N ASN IB 177 56.06 -119.87 -72.31
CA ASN IB 177 57.07 -118.83 -72.24
C ASN IB 177 56.67 -117.61 -73.05
N ALA IB 178 55.97 -117.80 -74.16
CA ALA IB 178 55.41 -116.68 -74.91
C ALA IB 178 54.18 -116.17 -74.17
N ARG IB 179 54.25 -114.92 -73.72
CA ARG IB 179 53.23 -114.39 -72.82
C ARG IB 179 53.30 -112.87 -72.83
N VAL IB 180 52.35 -112.26 -72.14
CA VAL IB 180 52.38 -110.84 -71.83
C VAL IB 180 52.16 -110.67 -70.34
N GLU IB 181 53.01 -109.85 -69.71
CA GLU IB 181 52.97 -109.59 -68.29
C GLU IB 181 52.56 -108.16 -68.05
N ILE IB 182 51.58 -107.96 -67.17
CA ILE IB 182 51.08 -106.65 -66.79
C ILE IB 182 51.30 -106.50 -65.30
N THR IB 183 51.98 -105.43 -64.90
CA THR IB 183 52.34 -105.23 -63.51
C THR IB 183 52.03 -103.80 -63.09
N PHE IB 184 51.65 -103.65 -61.82
CA PHE IB 184 51.53 -102.34 -61.21
C PHE IB 184 51.64 -102.48 -59.70
N ARG IB 185 51.56 -101.34 -59.01
CA ARG IB 185 51.48 -101.29 -57.56
C ARG IB 185 50.33 -100.39 -57.17
N ARG IB 186 49.48 -100.87 -56.26
CA ARG IB 186 48.31 -100.09 -55.85
C ARG IB 186 48.74 -98.90 -55.02
N ALA IB 187 48.25 -97.71 -55.39
CA ALA IB 187 48.60 -96.49 -54.69
C ALA IB 187 47.81 -96.36 -53.41
N VAL IB 188 48.50 -95.94 -52.34
CA VAL IB 188 47.95 -95.69 -51.01
C VAL IB 188 47.23 -96.89 -50.42
N CYS JB 42 30.23 -119.61 -91.37
CA CYS JB 42 29.35 -118.56 -91.88
C CYS JB 42 30.16 -117.33 -92.31
N PHE JB 43 30.39 -116.42 -91.36
CA PHE JB 43 31.12 -115.20 -91.65
C PHE JB 43 32.05 -114.89 -90.49
N HIS JB 44 33.26 -114.44 -90.82
CA HIS JB 44 34.20 -114.00 -89.80
C HIS JB 44 34.15 -112.49 -89.69
N PRO JB 45 33.86 -111.95 -88.51
CA PRO JB 45 33.72 -110.49 -88.33
C PRO JB 45 34.96 -109.69 -88.67
N PRO JB 46 36.19 -110.27 -88.64
CA PRO JB 46 37.21 -109.52 -89.41
C PRO JB 46 37.12 -109.78 -90.91
N TYR JB 47 36.06 -109.23 -91.51
CA TYR JB 47 35.85 -109.06 -92.96
C TYR JB 47 35.92 -110.37 -93.73
N ASN JB 48 35.67 -111.48 -93.04
CA ASN JB 48 35.91 -112.86 -93.52
C ASN JB 48 37.34 -113.03 -94.04
N ASN JB 49 38.28 -112.31 -93.42
CA ASN JB 49 39.68 -112.23 -93.84
C ASN JB 49 39.81 -111.83 -95.31
N PHE JB 50 38.94 -110.91 -95.73
CA PHE JB 50 38.83 -110.42 -97.11
C PHE JB 50 38.62 -111.56 -98.10
N GLN JB 51 37.65 -112.43 -97.80
CA GLN JB 51 37.26 -113.47 -98.73
C GLN JB 51 35.83 -113.23 -99.19
N PRO JB 52 35.54 -113.52 -100.47
CA PRO JB 52 34.17 -113.31 -100.97
C PRO JB 52 33.20 -114.35 -100.43
N ASP JB 53 32.33 -113.92 -99.52
CA ASP JB 53 31.50 -114.87 -98.79
C ASP JB 53 30.27 -115.28 -99.59
N ARG JB 54 29.81 -116.50 -99.33
CA ARG JB 54 28.53 -117.00 -99.83
C ARG JB 54 27.47 -116.62 -98.80
N ARG JB 55 26.83 -115.47 -99.03
CA ARG JB 55 25.98 -114.86 -98.02
C ARG JB 55 24.68 -115.62 -97.84
N ALA JB 56 24.01 -115.96 -98.94
CA ALA JB 56 22.66 -116.49 -98.90
C ALA JB 56 22.60 -118.01 -98.98
N VAL JB 57 23.74 -118.69 -99.02
CA VAL JB 57 23.74 -120.15 -99.03
C VAL JB 57 23.21 -120.69 -97.71
N LYS JB 58 23.68 -120.13 -96.60
CA LYS JB 58 23.13 -120.51 -95.30
C LYS JB 58 21.69 -120.03 -95.15
N ARG JB 59 21.32 -118.93 -95.82
CA ARG JB 59 19.95 -118.44 -95.76
C ARG JB 59 18.99 -119.40 -96.45
N VAL JB 60 19.34 -119.86 -97.64
CA VAL JB 60 18.47 -120.82 -98.32
C VAL JB 60 18.56 -122.19 -97.66
N GLY JB 61 19.66 -122.49 -96.99
CA GLY JB 61 19.74 -123.73 -96.23
C GLY JB 61 18.79 -123.75 -95.03
N VAL JB 62 18.76 -122.65 -94.26
CA VAL JB 62 17.84 -122.60 -93.14
C VAL JB 62 16.40 -122.34 -93.60
N ASP JB 63 16.20 -121.83 -94.82
CA ASP JB 63 14.85 -121.74 -95.35
C ASP JB 63 14.34 -123.09 -95.82
N THR JB 64 15.21 -123.95 -96.37
CA THR JB 64 14.84 -125.34 -96.59
C THR JB 64 14.59 -126.04 -95.26
N GLY JB 65 15.39 -125.74 -94.25
CA GLY JB 65 15.18 -126.29 -92.92
C GLY JB 65 14.24 -125.45 -92.07
N GLY JB 88 11.39 -122.70 -97.31
CA GLY JB 88 11.51 -123.34 -98.60
C GLY JB 88 12.69 -122.83 -99.41
N GLY JB 89 13.18 -123.68 -100.31
CA GLY JB 89 14.28 -123.28 -101.18
C GLY JB 89 13.88 -122.20 -102.16
N THR JB 90 12.65 -122.28 -102.67
CA THR JB 90 12.17 -121.28 -103.63
C THR JB 90 11.99 -119.92 -102.97
N VAL JB 91 11.36 -119.90 -101.78
CA VAL JB 91 11.15 -118.64 -101.09
C VAL JB 91 12.48 -118.09 -100.58
N GLY JB 92 13.42 -118.98 -100.21
CA GLY JB 92 14.76 -118.53 -99.84
C GLY JB 92 15.51 -117.92 -101.01
N LEU JB 93 15.39 -118.53 -102.20
CA LEU JB 93 16.06 -118.00 -103.38
C LEU JB 93 15.47 -116.66 -103.81
N VAL JB 94 14.14 -116.52 -103.75
CA VAL JB 94 13.57 -115.25 -104.18
C VAL JB 94 13.81 -114.18 -103.13
N ALA JB 95 13.92 -114.55 -101.84
CA ALA JB 95 14.33 -113.58 -100.83
C ALA JB 95 15.79 -113.18 -101.01
N SER JB 96 16.62 -114.13 -101.43
CA SER JB 96 18.02 -113.83 -101.71
C SER JB 96 18.17 -112.86 -102.87
N ILE JB 97 17.46 -113.11 -103.97
CA ILE JB 97 17.56 -112.21 -105.11
C ILE JB 97 16.80 -110.91 -104.87
N TYR JB 98 15.86 -110.89 -103.92
CA TYR JB 98 15.27 -109.63 -103.51
C TYR JB 98 16.25 -108.80 -102.68
N ARG JB 99 17.07 -109.47 -101.88
CA ARG JB 99 18.01 -108.76 -101.02
C ARG JB 99 19.31 -108.38 -101.72
N ASP JB 100 19.72 -109.09 -102.78
CA ASP JB 100 20.94 -108.72 -103.47
C ASP JB 100 20.70 -107.69 -104.58
N SER JB 101 19.47 -107.18 -104.69
CA SER JB 101 19.16 -106.16 -105.67
C SER JB 101 19.91 -104.87 -105.35
N LYS JB 102 20.29 -104.15 -106.41
CA LYS JB 102 21.09 -102.94 -106.25
C LYS JB 102 20.35 -101.84 -105.51
N ARG JB 103 19.02 -101.78 -105.70
CA ARG JB 103 18.19 -100.83 -104.97
C ARG JB 103 18.21 -101.12 -103.47
N LYS JB 104 18.24 -102.40 -103.10
CA LYS JB 104 18.35 -102.77 -101.70
C LYS JB 104 19.70 -102.36 -101.12
N ILE JB 105 20.75 -102.45 -101.93
CA ILE JB 105 22.08 -102.02 -101.50
C ILE JB 105 22.10 -100.52 -101.25
N ILE JB 106 21.50 -99.75 -102.16
CA ILE JB 106 21.44 -98.29 -101.99
C ILE JB 106 20.58 -97.92 -100.79
N ARG JB 107 19.50 -98.67 -100.57
CA ARG JB 107 18.65 -98.40 -99.41
C ARG JB 107 19.38 -98.73 -98.11
N ASP JB 108 20.22 -99.76 -98.10
CA ASP JB 108 21.03 -100.01 -96.91
C ASP JB 108 22.13 -98.97 -96.74
N LEU JB 109 22.65 -98.44 -97.85
CA LEU JB 109 23.64 -97.37 -97.75
C LEU JB 109 23.01 -96.09 -97.20
N GLN JB 110 21.74 -95.86 -97.51
CA GLN JB 110 21.02 -94.74 -96.91
C GLN JB 110 20.60 -95.05 -95.49
N LYS JB 111 20.44 -96.34 -95.15
CA LYS JB 111 20.25 -96.72 -93.76
C LYS JB 111 21.49 -96.40 -92.93
N GLN JB 112 22.67 -96.62 -93.51
CA GLN JB 112 23.89 -96.08 -92.94
C GLN JB 112 24.02 -94.61 -93.30
N ASP JB 113 25.06 -93.97 -92.80
CA ASP JB 113 25.23 -92.53 -93.05
C ASP JB 113 26.06 -92.27 -94.30
N ILE JB 114 25.73 -92.89 -95.42
CA ILE JB 114 26.50 -92.76 -96.64
C ILE JB 114 25.61 -92.14 -97.71
N GLN JB 115 26.14 -91.13 -98.41
CA GLN JB 115 25.36 -90.42 -99.41
C GLN JB 115 25.72 -90.94 -100.80
N TYR JB 116 24.72 -91.26 -101.61
CA TYR JB 116 24.92 -91.81 -102.94
C TYR JB 116 24.26 -90.91 -103.97
N VAL JB 117 24.99 -90.59 -105.04
CA VAL JB 117 24.46 -89.78 -106.14
C VAL JB 117 24.77 -90.48 -107.46
N GLU JB 118 23.73 -90.76 -108.24
CA GLU JB 118 23.89 -91.28 -109.60
C GLU JB 118 23.27 -90.29 -110.56
N TYR JB 119 24.07 -89.79 -111.49
CA TYR JB 119 23.62 -88.74 -112.41
C TYR JB 119 24.52 -88.74 -113.63
N GLY JB 120 23.91 -88.67 -114.81
CA GLY JB 120 24.67 -88.69 -116.06
C GLY JB 120 25.34 -90.02 -116.29
N ASP JB 121 26.67 -90.00 -116.45
CA ASP JB 121 27.45 -91.23 -116.52
C ASP JB 121 28.35 -91.43 -115.31
N THR JB 122 28.43 -90.46 -114.40
CA THR JB 122 29.30 -90.51 -113.25
C THR JB 122 28.51 -90.93 -112.02
N ARG JB 123 29.15 -91.67 -111.12
CA ARG JB 123 28.50 -92.07 -109.88
C ARG JB 123 29.40 -91.75 -108.70
N THR JB 124 28.80 -91.21 -107.64
CA THR JB 124 29.56 -90.65 -106.52
C THR JB 124 29.03 -91.14 -105.19
N LEU JB 125 29.96 -91.30 -104.24
CA LEU JB 125 29.70 -91.68 -102.87
C LEU JB 125 30.33 -90.67 -101.94
N ILE JB 126 29.64 -90.38 -100.83
CA ILE JB 126 30.10 -89.43 -99.84
C ILE JB 126 30.10 -90.12 -98.48
N ILE JB 127 31.24 -90.08 -97.80
CA ILE JB 127 31.50 -90.85 -96.59
C ILE JB 127 31.88 -89.88 -95.48
N PRO JB 128 31.30 -90.01 -94.28
CA PRO JB 128 31.68 -89.14 -93.16
C PRO JB 128 32.96 -89.63 -92.49
N THR JB 129 33.98 -88.76 -92.50
CA THR JB 129 35.28 -89.10 -91.93
C THR JB 129 35.19 -89.31 -90.43
N ASP JB 130 34.33 -88.54 -89.76
CA ASP JB 130 34.23 -88.56 -88.31
C ASP JB 130 33.66 -89.88 -87.82
N LYS JB 131 32.56 -90.33 -88.42
CA LYS JB 131 32.00 -91.61 -88.01
C LYS JB 131 32.75 -92.80 -88.59
N TYR JB 132 33.47 -92.63 -89.69
CA TYR JB 132 34.10 -93.77 -90.34
C TYR JB 132 35.61 -93.84 -90.11
N PHE JB 133 36.14 -93.00 -89.23
CA PHE JB 133 37.56 -93.05 -88.94
C PHE JB 133 37.78 -92.88 -87.44
N MET JB 134 38.94 -93.31 -86.98
CA MET JB 134 39.42 -92.85 -85.69
C MET JB 134 39.77 -91.37 -85.78
N PHE JB 135 39.54 -90.65 -84.68
CA PHE JB 135 39.65 -89.21 -84.70
C PHE JB 135 41.10 -88.76 -84.84
N SER JB 136 41.31 -87.77 -85.72
CA SER JB 136 42.59 -87.08 -85.92
C SER JB 136 43.70 -88.05 -86.31
N SER JB 137 43.33 -89.04 -87.13
CA SER JB 137 44.20 -90.18 -87.41
C SER JB 137 43.66 -90.89 -88.63
N PRO JB 138 44.51 -91.55 -89.41
CA PRO JB 138 44.02 -92.36 -90.53
C PRO JB 138 43.54 -93.76 -90.16
N ARG JB 139 43.35 -94.05 -88.88
CA ARG JB 139 42.84 -95.36 -88.50
C ARG JB 139 41.35 -95.44 -88.79
N LEU JB 140 40.92 -96.61 -89.24
CA LEU JB 140 39.54 -96.85 -89.63
C LEU JB 140 38.74 -97.33 -88.44
N ASN JB 141 37.47 -96.96 -88.41
CA ASN JB 141 36.57 -97.51 -87.40
C ASN JB 141 36.29 -98.97 -87.70
N GLU JB 142 36.38 -99.82 -86.68
CA GLU JB 142 36.16 -101.25 -86.84
C GLU JB 142 34.71 -101.64 -86.65
N ILE JB 143 33.84 -100.71 -86.33
CA ILE JB 143 32.44 -101.04 -86.05
C ILE JB 143 31.59 -100.96 -87.31
N CYS JB 144 31.83 -99.97 -88.17
CA CYS JB 144 30.96 -99.70 -89.31
C CYS JB 144 31.32 -100.52 -90.55
N TYR JB 145 32.00 -101.66 -90.36
CA TYR JB 145 32.33 -102.57 -91.46
C TYR JB 145 31.16 -103.14 -92.29
N PRO JB 146 29.90 -103.26 -91.81
CA PRO JB 146 28.82 -103.58 -92.76
C PRO JB 146 28.64 -102.56 -93.86
N GLY JB 147 28.90 -101.28 -93.58
CA GLY JB 147 28.89 -100.29 -94.65
C GLY JB 147 29.97 -100.54 -95.68
N LEU JB 148 31.16 -100.97 -95.24
CA LEU JB 148 32.23 -101.30 -96.16
C LEU JB 148 31.87 -102.51 -97.01
N ASN JB 149 31.23 -103.50 -96.40
CA ASN JB 149 30.80 -104.68 -97.16
C ASN JB 149 29.73 -104.31 -98.18
N ASN JB 150 28.82 -103.41 -97.81
CA ASN JB 150 27.84 -102.90 -98.75
C ASN JB 150 28.50 -102.12 -99.89
N VAL JB 151 29.56 -101.38 -99.57
CA VAL JB 151 30.29 -100.60 -100.56
C VAL JB 151 30.94 -101.53 -101.59
N ILE JB 152 31.57 -102.60 -101.11
CA ILE JB 152 32.24 -103.52 -102.01
C ILE JB 152 31.22 -104.30 -102.83
N ARG JB 153 30.10 -104.69 -102.22
CA ARG JB 153 29.03 -105.37 -102.96
C ARG JB 153 28.40 -104.47 -104.01
N LEU JB 154 28.32 -103.17 -103.74
CA LEU JB 154 27.79 -102.24 -104.73
C LEU JB 154 28.78 -102.06 -105.88
N LEU JB 155 30.06 -101.84 -105.56
CA LEU JB 155 31.04 -101.56 -106.59
C LEU JB 155 31.47 -102.81 -107.36
N ASN JB 156 31.06 -103.99 -106.90
CA ASN JB 156 31.27 -105.20 -107.68
C ASN JB 156 30.49 -105.19 -109.00
N PHE JB 157 29.41 -104.41 -109.08
CA PHE JB 157 28.63 -104.32 -110.31
C PHE JB 157 29.33 -103.53 -111.40
N TYR JB 158 30.41 -102.82 -111.09
CA TYR JB 158 31.11 -102.00 -112.08
C TYR JB 158 32.58 -102.40 -112.10
N PRO JB 159 32.91 -103.52 -112.74
CA PRO JB 159 34.28 -104.02 -112.70
C PRO JB 159 35.21 -103.48 -113.79
N GLN JB 160 34.82 -102.42 -114.50
CA GLN JB 160 35.69 -101.84 -115.52
C GLN JB 160 35.80 -100.32 -115.44
N SER JB 161 34.99 -99.66 -114.63
CA SER JB 161 34.97 -98.21 -114.59
C SER JB 161 36.24 -97.65 -113.97
N THR JB 162 36.51 -96.39 -114.28
CA THR JB 162 37.68 -95.69 -113.74
C THR JB 162 37.26 -94.88 -112.52
N ILE JB 163 38.02 -95.00 -111.44
CA ILE JB 163 37.63 -94.52 -110.13
C ILE JB 163 38.61 -93.45 -109.66
N TYR JB 164 38.07 -92.39 -109.07
CA TYR JB 164 38.82 -91.39 -108.33
C TYR JB 164 38.28 -91.32 -106.92
N VAL JB 165 39.18 -91.16 -105.95
CA VAL JB 165 38.79 -90.98 -104.56
C VAL JB 165 39.56 -89.79 -103.98
N ALA JB 166 38.86 -88.98 -103.21
CA ALA JB 166 39.44 -87.75 -102.67
C ALA JB 166 39.02 -87.59 -101.21
N GLY JB 167 39.87 -86.88 -100.46
CA GLY JB 167 39.61 -86.57 -99.07
C GLY JB 167 39.42 -85.08 -98.89
N PHE JB 168 38.54 -84.71 -97.95
CA PHE JB 168 38.28 -83.31 -97.67
C PHE JB 168 38.10 -83.09 -96.18
N THR JB 169 38.61 -81.97 -95.68
CA THR JB 169 38.43 -81.62 -94.28
C THR JB 169 38.00 -80.17 -94.13
N ASP JB 170 37.96 -79.69 -92.89
CA ASP JB 170 37.49 -78.35 -92.59
C ASP JB 170 38.60 -77.32 -92.84
N ASN JB 171 38.42 -76.11 -92.31
CA ASN JB 171 39.22 -74.96 -92.68
C ASN JB 171 40.17 -74.50 -91.58
N VAL JB 172 40.33 -75.26 -90.51
CA VAL JB 172 41.06 -74.81 -89.34
C VAL JB 172 42.34 -75.63 -89.21
N GLY JB 173 43.48 -74.94 -89.15
CA GLY JB 173 44.78 -75.55 -88.98
C GLY JB 173 45.75 -75.06 -90.03
N SER JB 174 46.93 -75.65 -90.03
CA SER JB 174 47.91 -75.35 -91.07
C SER JB 174 47.46 -75.92 -92.40
N ARG JB 175 47.74 -75.18 -93.48
CA ARG JB 175 47.39 -75.62 -94.82
C ARG JB 175 48.11 -76.91 -95.19
N SER JB 176 49.39 -76.98 -94.88
CA SER JB 176 50.18 -78.19 -95.10
C SER JB 176 49.66 -79.34 -94.27
N HIS JB 177 49.22 -79.05 -93.04
CA HIS JB 177 48.68 -80.07 -92.17
C HIS JB 177 47.39 -80.65 -92.72
N LYS JB 178 46.48 -79.79 -93.19
CA LYS JB 178 45.23 -80.25 -93.78
C LYS JB 178 45.48 -81.05 -95.05
N ARG JB 179 46.42 -80.59 -95.88
CA ARG JB 179 46.77 -81.29 -97.11
C ARG JB 179 47.33 -82.67 -96.82
N LYS JB 180 48.23 -82.78 -95.83
CA LYS JB 180 48.82 -84.06 -95.47
C LYS JB 180 47.77 -85.01 -94.90
N LEU JB 181 46.86 -84.49 -94.07
CA LEU JB 181 45.83 -85.34 -93.47
C LEU JB 181 44.87 -85.86 -94.53
N SER JB 182 44.47 -84.99 -95.48
CA SER JB 182 43.60 -85.42 -96.57
C SER JB 182 44.28 -86.45 -97.44
N GLN JB 183 45.58 -86.25 -97.74
CA GLN JB 183 46.33 -87.21 -98.54
C GLN JB 183 46.45 -88.55 -97.83
N ALA JB 184 46.68 -88.53 -96.52
CA ALA JB 184 46.78 -89.76 -95.75
C ALA JB 184 45.47 -90.51 -95.72
N GLN JB 185 44.36 -89.80 -95.52
CA GLN JB 185 43.04 -90.43 -95.49
C GLN JB 185 42.69 -91.04 -96.84
N ALA JB 186 42.96 -90.31 -97.92
CA ALA JB 186 42.67 -90.81 -99.26
C ALA JB 186 43.54 -92.02 -99.61
N GLU JB 187 44.81 -91.99 -99.23
CA GLU JB 187 45.70 -93.10 -99.56
C GLU JB 187 45.36 -94.35 -98.77
N THR JB 188 44.96 -94.19 -97.50
CA THR JB 188 44.51 -95.32 -96.72
C THR JB 188 43.23 -95.92 -97.29
N MET JB 189 42.29 -95.07 -97.70
CA MET JB 189 41.04 -95.57 -98.26
C MET JB 189 41.27 -96.28 -99.59
N MET JB 190 42.11 -95.73 -100.46
CA MET JB 190 42.35 -96.38 -101.74
C MET JB 190 43.19 -97.63 -101.58
N THR JB 191 44.03 -97.69 -100.55
CA THR JB 191 44.76 -98.91 -100.24
C THR JB 191 43.80 -100.03 -99.82
N PHE JB 192 42.86 -99.68 -98.94
CA PHE JB 192 41.86 -100.66 -98.49
C PHE JB 192 40.99 -101.12 -99.64
N LEU JB 193 40.61 -100.20 -100.53
CA LEU JB 193 39.77 -100.58 -101.66
C LEU JB 193 40.55 -101.41 -102.68
N TRP JB 194 41.85 -101.19 -102.82
CA TRP JB 194 42.67 -102.08 -103.64
C TRP JB 194 42.73 -103.47 -103.03
N ALA JB 195 42.94 -103.55 -101.71
CA ALA JB 195 43.04 -104.84 -101.04
C ALA JB 195 41.69 -105.55 -100.96
N ASN JB 196 40.60 -104.83 -101.20
CA ASN JB 196 39.29 -105.46 -101.29
C ASN JB 196 39.15 -106.38 -102.50
N GLY JB 197 40.01 -106.26 -103.50
CA GLY JB 197 40.00 -107.21 -104.59
C GLY JB 197 40.04 -106.62 -105.98
N ILE JB 198 40.33 -105.32 -106.09
CA ILE JB 198 40.39 -104.62 -107.36
C ILE JB 198 41.81 -104.12 -107.55
N ALA JB 199 42.39 -104.41 -108.72
CA ALA JB 199 43.77 -104.05 -109.03
C ALA JB 199 43.95 -102.54 -109.09
N ALA JB 200 45.14 -102.09 -108.67
CA ALA JB 200 45.42 -100.68 -108.40
C ALA JB 200 45.48 -99.82 -109.64
N LYS JB 201 45.46 -100.40 -110.84
CA LYS JB 201 45.49 -99.61 -112.07
C LYS JB 201 44.21 -98.81 -112.24
N ARG JB 202 43.10 -99.29 -111.69
CA ARG JB 202 41.81 -98.63 -111.80
C ARG JB 202 41.60 -97.54 -110.75
N LEU JB 203 42.58 -97.32 -109.87
CA LEU JB 203 42.39 -96.44 -108.74
C LEU JB 203 43.31 -95.22 -108.81
N LYS JB 204 42.80 -94.11 -108.29
CA LYS JB 204 43.57 -92.87 -108.21
C LYS JB 204 43.00 -92.04 -107.07
N ALA JB 205 43.88 -91.43 -106.28
CA ALA JB 205 43.47 -90.75 -105.06
C ALA JB 205 44.09 -89.36 -104.99
N GLU JB 206 43.37 -88.47 -104.30
CA GLU JB 206 43.86 -87.13 -104.02
C GLU JB 206 43.19 -86.60 -102.76
N GLY JB 207 43.84 -85.64 -102.14
CA GLY JB 207 43.31 -85.03 -100.92
C GLY JB 207 43.42 -83.53 -100.98
N TYR JB 208 42.39 -82.87 -100.45
CA TYR JB 208 42.35 -81.42 -100.37
C TYR JB 208 41.79 -81.03 -99.01
N GLY JB 209 42.14 -79.83 -98.58
CA GLY JB 209 41.66 -79.38 -97.28
C GLY JB 209 40.41 -78.54 -97.42
N ASP JB 210 40.57 -77.23 -97.27
CA ASP JB 210 39.52 -76.25 -97.54
C ASP JB 210 39.60 -75.68 -98.95
N LYS JB 211 40.11 -76.48 -99.89
CA LYS JB 211 40.29 -76.00 -101.26
C LYS JB 211 38.94 -75.76 -101.95
N ASN JB 212 37.99 -76.66 -101.75
CA ASN JB 212 36.68 -76.54 -102.39
C ASN JB 212 35.66 -77.13 -101.42
N ALA JB 213 34.89 -76.26 -100.78
CA ALA JB 213 33.98 -76.67 -99.72
C ALA JB 213 32.56 -76.69 -100.25
N ILE JB 214 31.86 -77.81 -100.01
CA ILE JB 214 30.42 -77.87 -100.22
C ILE JB 214 29.65 -77.31 -99.04
N SER JB 215 30.34 -76.94 -97.96
CA SER JB 215 29.68 -76.47 -96.76
C SER JB 215 30.55 -75.43 -96.08
N ASP JB 216 29.93 -74.34 -95.65
CA ASP JB 216 30.64 -73.27 -94.99
C ASP JB 216 31.01 -73.67 -93.56
N ASN JB 217 31.85 -72.87 -92.93
CA ASN JB 217 32.39 -73.19 -91.62
C ASN JB 217 31.98 -72.18 -90.54
N ALA JB 218 31.07 -71.25 -90.87
CA ALA JB 218 30.57 -70.35 -89.84
C ALA JB 218 29.63 -71.07 -88.89
N ILE JB 219 28.91 -72.08 -89.38
CA ILE JB 219 28.00 -72.87 -88.56
C ILE JB 219 28.70 -74.16 -88.20
N ILE JB 220 28.51 -74.62 -86.97
CA ILE JB 220 29.16 -75.83 -86.48
C ILE JB 220 28.66 -77.05 -87.23
N HIS JB 221 27.36 -77.12 -87.48
CA HIS JB 221 26.80 -78.26 -88.22
C HIS JB 221 27.28 -78.27 -89.67
N GLY JB 222 27.39 -77.09 -90.28
CA GLY JB 222 27.95 -77.01 -91.62
C GLY JB 222 29.43 -77.38 -91.64
N SER JB 223 30.16 -77.01 -90.59
CA SER JB 223 31.56 -77.39 -90.49
C SER JB 223 31.72 -78.90 -90.34
N ALA JB 224 30.77 -79.53 -89.63
CA ALA JB 224 30.73 -80.98 -89.57
C ALA JB 224 30.43 -81.58 -90.94
N GLN JB 225 29.52 -80.96 -91.68
CA GLN JB 225 29.15 -81.47 -92.99
C GLN JB 225 30.22 -81.23 -94.04
N ASN JB 226 31.17 -80.32 -93.77
CA ASN JB 226 32.18 -79.99 -94.77
C ASN JB 226 33.16 -81.14 -95.00
N ARG JB 227 33.68 -81.73 -93.93
CA ARG JB 227 34.69 -82.78 -94.08
C ARG JB 227 34.06 -84.07 -94.59
N ARG JB 228 34.71 -84.70 -95.57
CA ARG JB 228 34.06 -85.78 -96.30
C ARG JB 228 35.09 -86.65 -97.00
N ILE JB 229 34.63 -87.78 -97.49
CA ILE JB 229 35.36 -88.62 -98.43
C ILE JB 229 34.52 -88.73 -99.68
N GLU JB 230 35.11 -88.34 -100.81
CA GLU JB 230 34.43 -88.30 -102.10
C GLU JB 230 34.91 -89.46 -102.95
N ILE JB 231 33.96 -90.16 -103.58
CA ILE JB 231 34.26 -91.21 -104.55
C ILE JB 231 33.53 -90.88 -105.84
N GLN JB 232 34.28 -90.64 -106.91
CA GLN JB 232 33.71 -90.53 -108.24
C GLN JB 232 34.13 -91.75 -109.04
N TRP JB 233 33.25 -92.20 -109.93
CA TRP JB 233 33.72 -93.13 -110.95
C TRP JB 233 32.95 -92.90 -112.23
N PHE JB 234 33.68 -93.03 -113.34
CA PHE JB 234 33.19 -92.75 -114.68
C PHE JB 234 32.50 -94.00 -115.23
N THR JB 235 32.29 -94.01 -116.54
CA THR JB 235 31.72 -95.16 -117.22
C THR JB 235 32.71 -95.78 -118.20
N SER JB 236 33.21 -95.02 -119.16
CA SER JB 236 34.11 -95.55 -120.16
C SER JB 236 35.48 -94.87 -120.10
N LEU KB 113 76.34 -109.11 -135.75
CA LEU KB 113 76.47 -109.02 -134.31
C LEU KB 113 75.16 -108.60 -133.66
N ASN KB 114 74.04 -109.12 -134.16
CA ASN KB 114 72.73 -108.79 -133.64
C ASN KB 114 72.08 -109.93 -132.87
N ARG KB 115 72.61 -111.15 -132.99
CA ARG KB 115 71.98 -112.29 -132.34
C ARG KB 115 73.04 -113.31 -131.97
N PHE KB 116 72.89 -113.90 -130.78
CA PHE KB 116 73.77 -114.97 -130.37
C PHE KB 116 72.96 -116.04 -129.65
N ARG KB 117 73.22 -117.29 -130.00
CA ARG KB 117 72.63 -118.44 -129.34
C ARG KB 117 73.74 -119.41 -128.98
N TYR KB 118 73.74 -119.90 -127.74
CA TYR KB 118 74.71 -120.92 -127.37
C TYR KB 118 74.04 -122.05 -126.62
N GLU KB 119 74.51 -123.26 -126.90
CA GLU KB 119 74.15 -124.47 -126.18
C GLU KB 119 75.39 -125.33 -126.01
N GLY KB 120 75.37 -126.18 -124.97
CA GLY KB 120 76.28 -127.30 -124.90
C GLY KB 120 77.57 -127.16 -124.11
N ALA KB 121 77.46 -126.72 -122.84
CA ALA KB 121 78.50 -126.83 -121.81
C ALA KB 121 79.80 -126.13 -122.23
N GLY KB 122 79.70 -124.81 -122.38
CA GLY KB 122 80.81 -124.05 -122.92
C GLY KB 122 81.11 -122.81 -122.12
N VAL KB 123 82.28 -122.26 -122.38
CA VAL KB 123 82.77 -121.04 -121.74
C VAL KB 123 82.93 -119.98 -122.82
N VAL KB 124 82.18 -118.89 -122.70
CA VAL KB 124 82.21 -117.80 -123.67
C VAL KB 124 82.55 -116.51 -122.94
N THR KB 125 83.55 -115.78 -123.45
CA THR KB 125 83.97 -114.51 -122.88
C THR KB 125 84.04 -113.48 -123.99
N GLY KB 126 83.40 -112.33 -123.77
CA GLY KB 126 83.43 -111.25 -124.72
C GLY KB 126 83.72 -109.93 -124.03
N ASN KB 127 84.39 -109.05 -124.76
CA ASN KB 127 84.81 -107.77 -124.20
C ASN KB 127 84.95 -106.75 -125.31
N ASN KB 128 84.88 -105.47 -124.91
CA ASN KB 128 85.02 -104.30 -125.79
C ASN KB 128 83.98 -104.31 -126.92
N LEU KB 129 82.76 -104.73 -126.62
CA LEU KB 129 81.69 -104.81 -127.60
C LEU KB 129 80.75 -103.63 -127.41
N ARG KB 130 80.38 -103.00 -128.52
CA ARG KB 130 79.44 -101.88 -128.53
C ARG KB 130 78.31 -102.22 -129.50
N THR KB 131 77.08 -101.99 -129.07
CA THR KB 131 75.93 -102.39 -129.87
C THR KB 131 74.74 -101.49 -129.57
N SER KB 132 73.83 -101.40 -130.55
CA SER KB 132 72.54 -100.79 -130.31
C SER KB 132 71.61 -101.77 -129.62
N TYR KB 133 71.34 -102.89 -130.27
CA TYR KB 133 70.55 -103.96 -129.67
C TYR KB 133 70.98 -105.28 -130.26
N LEU KB 134 71.14 -106.28 -129.39
CA LEU KB 134 71.32 -107.65 -129.81
C LEU KB 134 70.53 -108.56 -128.88
N ASP KB 135 70.14 -109.71 -129.41
CA ASP KB 135 69.33 -110.68 -128.67
C ASP KB 135 70.15 -111.93 -128.37
N LEU KB 136 69.88 -112.54 -127.22
CA LEU KB 136 70.64 -113.67 -126.71
C LEU KB 136 69.72 -114.81 -126.34
N TYR KB 137 70.13 -116.03 -126.71
CA TYR KB 137 69.48 -117.25 -126.25
C TYR KB 137 70.56 -118.20 -125.74
N LEU KB 138 70.60 -118.37 -124.42
CA LEU KB 138 71.63 -119.17 -123.78
C LEU KB 138 71.01 -120.42 -123.17
N ALA KB 139 71.74 -121.53 -123.26
CA ALA KB 139 71.27 -122.78 -122.69
C ALA KB 139 72.46 -123.67 -122.37
N ASN KB 140 72.23 -124.61 -121.45
CA ASN KB 140 73.08 -125.77 -121.19
C ASN KB 140 74.48 -125.38 -120.77
N GLU KB 141 74.57 -124.66 -119.66
CA GLU KB 141 75.81 -124.24 -118.99
C GLU KB 141 76.69 -123.43 -119.94
N GLY KB 142 76.15 -122.27 -120.32
CA GLY KB 142 76.96 -121.29 -121.01
C GLY KB 142 77.55 -120.33 -120.01
N THR KB 143 78.78 -120.60 -119.57
CA THR KB 143 79.48 -119.71 -118.65
C THR KB 143 79.92 -118.48 -119.43
N THR KB 144 79.10 -117.43 -119.37
CA THR KB 144 79.22 -116.29 -120.27
C THR KB 144 79.66 -115.07 -119.47
N ARG KB 145 80.75 -114.46 -119.90
CA ARG KB 145 81.30 -113.28 -119.25
C ARG KB 145 81.36 -112.15 -120.26
N LEU KB 146 80.99 -110.94 -119.81
CA LEU KB 146 80.97 -109.76 -120.66
C LEU KB 146 81.72 -108.63 -119.96
N ALA KB 147 82.60 -107.96 -120.70
CA ALA KB 147 83.38 -106.84 -120.20
C ALA KB 147 83.31 -105.67 -121.17
N GLY KB 148 82.10 -105.35 -121.61
CA GLY KB 148 81.91 -104.26 -122.55
C GLY KB 148 80.74 -103.36 -122.23
N ASN KB 149 80.35 -102.52 -123.19
CA ASN KB 149 79.26 -101.57 -123.06
C ASN KB 149 78.19 -101.97 -124.08
N ILE KB 150 77.20 -102.70 -123.62
CA ILE KB 150 76.26 -103.40 -124.49
C ILE KB 150 74.85 -102.89 -124.23
N GLY KB 151 74.17 -102.47 -125.30
CA GLY KB 151 72.76 -102.16 -125.24
C GLY KB 151 71.97 -103.35 -125.77
N LEU KB 152 70.97 -103.76 -125.00
CA LEU KB 152 70.13 -104.89 -125.36
C LEU KB 152 68.77 -104.75 -124.68
N GLN KB 153 67.82 -105.54 -125.13
CA GLN KB 153 66.48 -105.55 -124.56
C GLN KB 153 66.03 -106.93 -124.14
N LYS KB 154 66.32 -107.95 -124.93
CA LYS KB 154 65.77 -109.29 -124.73
C LYS KB 154 66.88 -110.31 -124.49
N LEU KB 155 66.59 -111.28 -123.63
CA LEU KB 155 67.51 -112.38 -123.35
C LEU KB 155 66.70 -113.55 -122.82
N GLU KB 156 66.85 -114.71 -123.47
CA GLU KB 156 66.14 -115.92 -123.07
C GLU KB 156 67.17 -116.99 -122.75
N ALA KB 157 67.07 -117.55 -121.55
CA ALA KB 157 67.97 -118.61 -121.10
C ALA KB 157 67.15 -119.79 -120.60
N VAL KB 158 67.60 -120.99 -120.96
CA VAL KB 158 67.00 -122.21 -120.41
C VAL KB 158 67.25 -122.27 -118.91
N GLY KB 159 68.47 -121.99 -118.49
CA GLY KB 159 68.80 -121.92 -117.08
C GLY KB 159 69.82 -122.95 -116.69
N ASN KB 160 69.87 -123.22 -115.38
CA ASN KB 160 70.78 -124.20 -114.75
C ASN KB 160 72.24 -123.88 -115.05
N GLY KB 161 72.57 -122.59 -115.05
CA GLY KB 161 73.91 -122.14 -115.37
C GLY KB 161 74.21 -120.83 -114.67
N VAL KB 162 75.40 -120.31 -114.94
CA VAL KB 162 75.87 -119.06 -114.35
C VAL KB 162 76.23 -118.10 -115.47
N THR KB 163 75.81 -116.84 -115.32
CA THR KB 163 76.07 -115.83 -116.33
C THR KB 163 76.31 -114.49 -115.64
N GLN KB 164 77.43 -113.85 -115.97
CA GLN KB 164 77.77 -112.54 -115.46
C GLN KB 164 77.88 -111.56 -116.61
N ILE KB 165 77.18 -110.44 -116.50
CA ILE KB 165 77.22 -109.37 -117.49
C ILE KB 165 77.64 -108.09 -116.79
N ASN KB 166 78.77 -107.53 -117.20
CA ASN KB 166 79.31 -106.31 -116.61
C ASN KB 166 79.25 -105.21 -117.66
N GLY KB 167 78.44 -104.19 -117.42
CA GLY KB 167 78.33 -103.06 -118.31
C GLY KB 167 77.12 -103.15 -119.20
N VAL KB 168 76.02 -102.52 -118.78
CA VAL KB 168 74.78 -102.50 -119.53
C VAL KB 168 74.31 -101.06 -119.63
N SER KB 169 74.15 -100.57 -120.86
CA SER KB 169 73.67 -99.21 -121.11
C SER KB 169 72.61 -99.30 -122.21
N SER KB 170 71.36 -99.46 -121.80
CA SER KB 170 70.27 -99.56 -122.76
C SER KB 170 69.04 -98.86 -122.19
N ARG KB 171 68.28 -98.22 -123.10
CA ARG KB 171 67.12 -97.48 -122.67
C ARG KB 171 65.98 -98.39 -122.25
N ASN KB 172 65.83 -99.54 -122.92
CA ASN KB 172 64.78 -100.49 -122.60
C ASN KB 172 65.38 -101.87 -122.42
N LEU KB 173 64.83 -102.63 -121.47
CA LEU KB 173 65.19 -104.02 -121.27
C LEU KB 173 63.94 -104.78 -120.82
N GLN KB 174 63.92 -106.08 -121.12
CA GLN KB 174 62.82 -106.94 -120.68
C GLN KB 174 63.34 -108.37 -120.68
N ILE KB 175 63.47 -108.97 -119.50
CA ILE KB 175 64.02 -110.31 -119.35
C ILE KB 175 62.94 -111.21 -118.76
N VAL KB 176 62.73 -112.36 -119.41
CA VAL KB 176 61.81 -113.37 -118.93
C VAL KB 176 62.53 -114.71 -118.90
N LEU KB 177 62.50 -115.38 -117.77
CA LEU KB 177 63.19 -116.65 -117.60
C LEU KB 177 62.20 -117.74 -117.21
N LYS KB 178 62.49 -118.96 -117.66
CA LYS KB 178 61.60 -120.10 -117.43
C LYS KB 178 62.18 -121.16 -116.52
N GLY KB 179 63.50 -121.36 -116.55
CA GLY KB 179 64.15 -122.36 -115.74
C GLY KB 179 64.73 -121.79 -114.48
N ASP KB 180 65.88 -122.32 -114.07
CA ASP KB 180 66.53 -121.93 -112.81
C ASP KB 180 67.98 -121.52 -113.08
N PRO KB 181 68.20 -120.31 -113.61
CA PRO KB 181 69.58 -119.86 -113.83
C PRO KB 181 70.14 -119.17 -112.60
N LYS KB 182 71.41 -118.77 -112.69
CA LYS KB 182 72.08 -118.03 -111.63
C LYS KB 182 72.75 -116.85 -112.32
N VAL KB 183 72.01 -115.77 -112.50
CA VAL KB 183 72.44 -114.66 -113.32
C VAL KB 183 72.77 -113.47 -112.43
N LEU KB 184 73.63 -112.60 -112.95
CA LEU KB 184 74.11 -111.44 -112.20
C LEU KB 184 74.56 -110.39 -113.20
N ILE KB 185 73.82 -109.29 -113.27
CA ILE KB 185 73.98 -108.29 -114.32
C ILE KB 185 74.32 -106.95 -113.69
N SER KB 186 75.27 -106.24 -114.29
CA SER KB 186 75.66 -104.90 -113.87
C SER KB 186 75.39 -103.91 -114.98
N GLY KB 187 74.87 -102.75 -114.63
CA GLY KB 187 74.58 -101.70 -115.59
C GLY KB 187 73.39 -100.86 -115.13
N PHE KB 188 72.82 -100.13 -116.08
CA PHE KB 188 71.61 -99.33 -115.86
C PHE KB 188 70.49 -99.91 -116.70
N VAL KB 189 69.36 -100.23 -116.05
CA VAL KB 189 68.25 -100.92 -116.69
C VAL KB 189 66.95 -100.18 -116.38
N ASN KB 190 66.17 -99.89 -117.41
CA ASN KB 190 64.79 -99.44 -117.25
C ASN KB 190 63.90 -100.63 -117.57
N LEU KB 191 63.55 -101.40 -116.55
CA LEU KB 191 62.70 -102.57 -116.74
C LEU KB 191 61.23 -102.17 -116.61
N ARG KB 192 60.34 -103.07 -117.07
CA ARG KB 192 58.91 -102.86 -117.00
C ARG KB 192 58.19 -103.94 -116.20
N GLN KB 193 58.48 -105.21 -116.48
CA GLN KB 193 57.78 -106.31 -115.84
C GLN KB 193 58.73 -107.50 -115.72
N LEU KB 194 58.43 -108.37 -114.77
CA LEU KB 194 59.18 -109.61 -114.59
C LEU KB 194 58.28 -110.68 -114.01
N ASP KB 195 58.36 -111.87 -114.58
CA ASP KB 195 57.58 -113.03 -114.14
C ASP KB 195 58.53 -114.21 -113.96
N MET KB 196 58.39 -114.92 -112.85
CA MET KB 196 59.26 -116.05 -112.54
C MET KB 196 58.45 -117.18 -111.93
N TYR KB 197 58.76 -118.40 -112.38
CA TYR KB 197 58.01 -119.59 -111.98
C TYR KB 197 58.91 -120.75 -111.57
N GLY KB 198 60.22 -120.59 -111.65
CA GLY KB 198 61.13 -121.67 -111.32
C GLY KB 198 61.88 -121.49 -110.02
N LYS KB 199 63.20 -121.59 -110.06
CA LYS KB 199 64.07 -121.49 -108.90
C LYS KB 199 65.23 -120.56 -109.19
N GLY KB 200 64.91 -119.36 -109.62
CA GLY KB 200 65.90 -118.45 -110.16
C GLY KB 200 66.54 -117.51 -109.14
N THR KB 201 67.82 -117.21 -109.39
CA THR KB 201 68.57 -116.20 -108.65
C THR KB 201 69.01 -115.11 -109.62
N LEU KB 202 69.06 -113.88 -109.14
CA LEU KB 202 69.22 -112.73 -110.01
C LEU KB 202 69.67 -111.53 -109.17
N SER KB 203 70.58 -110.74 -109.73
CA SER KB 203 71.07 -109.54 -109.05
C SER KB 203 71.32 -108.46 -110.09
N LEU KB 204 70.66 -107.32 -109.93
CA LEU KB 204 70.86 -106.17 -110.79
C LEU KB 204 71.47 -105.04 -109.96
N TYR KB 205 72.46 -104.38 -110.55
CA TYR KB 205 73.19 -103.36 -109.79
C TYR KB 205 72.39 -102.07 -109.69
N TRP KB 206 72.10 -101.44 -110.82
CA TRP KB 206 71.44 -100.15 -110.83
C TRP KB 206 70.26 -100.19 -111.80
N ILE KB 207 69.13 -99.64 -111.35
CA ILE KB 207 67.91 -99.65 -112.16
C ILE KB 207 67.23 -98.30 -112.03
N LYS KB 208 66.96 -97.67 -113.16
CA LYS KB 208 66.27 -96.38 -113.20
C LYS KB 208 64.99 -96.58 -114.00
N SER KB 209 63.90 -96.87 -113.31
CA SER KB 209 62.60 -97.10 -113.91
C SER KB 209 61.55 -96.29 -113.16
N ASP KB 210 60.31 -96.44 -113.56
CA ASP KB 210 59.20 -95.77 -112.90
C ASP KB 210 58.11 -96.74 -112.50
N THR KB 211 57.85 -97.76 -113.31
CA THR KB 211 56.75 -98.69 -113.08
C THR KB 211 57.27 -100.11 -113.24
N LEU KB 212 57.15 -100.90 -112.19
CA LEU KB 212 57.58 -102.28 -112.20
C LEU KB 212 56.46 -103.18 -111.71
N THR KB 213 56.38 -104.37 -112.30
CA THR KB 213 55.40 -105.37 -111.92
C THR KB 213 56.10 -106.71 -111.81
N ILE KB 214 56.06 -107.31 -110.62
CA ILE KB 214 56.81 -108.51 -110.31
C ILE KB 214 55.82 -109.61 -109.96
N ARG KB 215 55.98 -110.78 -110.60
CA ARG KB 215 55.15 -111.95 -110.33
C ARG KB 215 56.06 -113.13 -109.99
N ALA KB 216 56.26 -113.41 -108.71
CA ALA KB 216 57.13 -114.51 -108.30
C ALA KB 216 56.26 -115.67 -107.81
N LYS KB 217 56.53 -116.86 -108.35
CA LYS KB 217 55.67 -118.02 -108.16
C LYS KB 217 56.27 -119.07 -107.23
N LYS KB 218 57.47 -119.58 -107.54
CA LYS KB 218 57.99 -120.74 -106.84
C LYS KB 218 59.22 -120.43 -106.01
N ALA KB 219 60.29 -119.90 -106.62
CA ALA KB 219 61.49 -119.57 -105.86
C ALA KB 219 62.25 -118.50 -106.63
N ALA KB 220 62.32 -117.29 -106.08
CA ALA KB 220 63.02 -116.19 -106.73
C ALA KB 220 63.87 -115.47 -105.70
N LYS KB 221 65.15 -115.34 -106.00
CA LYS KB 221 66.10 -114.59 -105.18
C LYS KB 221 66.51 -113.39 -106.01
N ILE KB 222 66.07 -112.20 -105.59
CA ILE KB 222 66.24 -110.99 -106.38
C ILE KB 222 66.99 -109.97 -105.55
N GLN KB 223 68.11 -109.48 -106.07
CA GLN KB 223 68.96 -108.52 -105.38
C GLN KB 223 68.99 -107.25 -106.21
N LEU KB 224 68.24 -106.23 -105.79
CA LEU KB 224 68.03 -105.03 -106.58
C LEU KB 224 68.44 -103.78 -105.81
N ALA KB 225 68.75 -102.73 -106.57
CA ALA KB 225 69.10 -101.43 -106.01
C ALA KB 225 68.83 -100.36 -107.05
N GLY KB 226 67.88 -99.48 -106.78
CA GLY KB 226 67.56 -98.44 -107.75
C GLY KB 226 66.30 -97.68 -107.34
N ILE KB 227 65.74 -96.97 -108.31
CA ILE KB 227 64.59 -96.11 -108.09
C ILE KB 227 63.47 -96.53 -109.03
N VAL KB 228 62.30 -96.80 -108.48
CA VAL KB 228 61.08 -97.06 -109.25
C VAL KB 228 59.97 -96.26 -108.60
N ASN KB 229 59.24 -95.47 -109.40
CA ASN KB 229 58.19 -94.63 -108.84
C ASN KB 229 57.00 -95.45 -108.36
N ARG KB 230 56.53 -96.37 -109.21
CA ARG KB 230 55.37 -97.20 -108.88
C ARG KB 230 55.76 -98.66 -109.05
N LEU KB 231 55.78 -99.39 -107.94
CA LEU KB 231 56.26 -100.76 -107.93
C LEU KB 231 55.17 -101.66 -107.36
N ASP KB 232 54.91 -102.78 -108.05
CA ASP KB 232 54.00 -103.81 -107.59
C ASP KB 232 54.76 -105.12 -107.48
N VAL KB 233 54.63 -105.78 -106.34
CA VAL KB 233 55.23 -107.08 -106.09
C VAL KB 233 54.13 -108.06 -105.72
N GLU KB 234 54.14 -109.22 -106.37
CA GLU KB 234 53.22 -110.31 -106.07
C GLU KB 234 54.04 -111.55 -105.78
N LEU KB 235 53.81 -112.14 -104.61
CA LEU KB 235 54.52 -113.34 -104.19
C LEU KB 235 53.52 -114.44 -103.89
N TRP KB 236 53.72 -115.61 -104.50
CA TRP KB 236 52.78 -116.71 -104.34
C TRP KB 236 53.20 -117.68 -103.24
N ASP KB 237 54.36 -118.31 -103.38
CA ASP KB 237 54.80 -119.31 -102.41
C ASP KB 237 56.31 -119.49 -102.50
N PHE KB 238 56.95 -119.58 -101.34
CA PHE KB 238 58.37 -119.87 -101.18
C PHE KB 238 59.26 -118.87 -101.94
N ALA KB 239 58.84 -117.61 -101.94
CA ALA KB 239 59.53 -116.56 -102.65
C ALA KB 239 60.17 -115.61 -101.65
N GLN KB 240 61.48 -115.42 -101.79
CA GLN KB 240 62.25 -114.53 -100.95
C GLN KB 240 62.54 -113.27 -101.76
N PHE KB 241 61.64 -112.30 -101.71
CA PHE KB 241 61.83 -111.06 -102.46
C PHE KB 241 62.59 -110.07 -101.60
N LYS KB 242 63.65 -109.50 -102.16
CA LYS KB 242 64.51 -108.54 -101.47
C LYS KB 242 64.59 -107.27 -102.31
N GLY KB 243 63.69 -106.32 -102.07
CA GLY KB 243 63.79 -105.02 -102.68
C GLY KB 243 64.54 -104.05 -101.79
N LYS KB 244 65.25 -104.58 -100.81
CA LYS KB 244 66.11 -103.78 -99.96
C LYS KB 244 67.25 -103.19 -100.77
N TYR KB 245 67.75 -102.04 -100.29
CA TYR KB 245 68.70 -101.14 -100.94
C TYR KB 245 68.14 -100.51 -102.22
N LEU KB 246 66.83 -100.58 -102.43
CA LEU KB 246 66.15 -99.96 -103.56
C LEU KB 246 65.00 -99.14 -103.02
N ARG KB 247 64.89 -97.90 -103.47
CA ARG KB 247 63.93 -96.95 -102.92
C ARG KB 247 62.77 -96.77 -103.89
N ALA KB 248 61.54 -96.85 -103.38
CA ALA KB 248 60.34 -96.77 -104.17
C ALA KB 248 59.36 -95.79 -103.54
N GLN KB 249 58.58 -95.10 -104.39
CA GLN KB 249 57.67 -94.07 -103.92
C GLN KB 249 56.27 -94.63 -103.70
N ARG KB 250 55.68 -95.20 -104.74
CA ARG KB 250 54.43 -95.93 -104.63
C ARG KB 250 54.75 -97.42 -104.55
N SER KB 251 54.34 -98.07 -103.48
CA SER KB 251 54.63 -99.48 -103.26
C SER KB 251 53.33 -100.23 -103.09
N PHE KB 252 53.21 -101.36 -103.78
CA PHE KB 252 52.10 -102.29 -103.59
C PHE KB 252 52.67 -103.69 -103.43
N VAL KB 253 52.31 -104.35 -102.34
CA VAL KB 253 52.81 -105.68 -102.02
C VAL KB 253 51.63 -106.60 -101.79
N LYS KB 254 51.61 -107.72 -102.50
CA LYS KB 254 50.64 -108.78 -102.24
C LYS KB 254 51.40 -110.07 -101.94
N THR KB 255 51.07 -110.69 -100.81
CA THR KB 255 51.79 -111.86 -100.33
C THR KB 255 50.82 -112.97 -99.99
N HIS KB 256 50.99 -114.10 -100.65
CA HIS KB 256 50.23 -115.30 -100.40
C HIS KB 256 51.03 -116.21 -99.48
N ASP KB 257 50.60 -117.46 -99.36
CA ASP KB 257 51.10 -118.37 -98.33
C ASP KB 257 52.59 -118.68 -98.50
N LYS KB 258 53.33 -118.56 -97.40
CA LYS KB 258 54.78 -118.83 -97.32
C LYS KB 258 55.56 -117.94 -98.28
N SER KB 259 55.51 -116.64 -98.01
CA SER KB 259 56.19 -115.65 -98.84
C SER KB 259 56.90 -114.65 -97.95
N VAL KB 260 58.18 -114.39 -98.24
CA VAL KB 260 59.02 -113.52 -97.43
C VAL KB 260 59.39 -112.32 -98.29
N ALA KB 261 59.20 -111.11 -97.73
CA ALA KB 261 59.46 -109.90 -98.48
C ALA KB 261 60.19 -108.87 -97.64
N GLU KB 262 61.17 -108.22 -98.28
CA GLU KB 262 61.94 -107.12 -97.69
C GLU KB 262 61.76 -105.88 -98.53
N ILE KB 263 61.30 -104.79 -97.92
CA ILE KB 263 60.88 -103.59 -98.64
C ILE KB 263 61.67 -102.39 -98.11
N SER KB 264 61.80 -101.36 -98.94
CA SER KB 264 62.46 -100.11 -98.56
C SER KB 264 61.71 -98.90 -99.13
N ALA KB 265 60.41 -98.83 -98.88
CA ALA KB 265 59.56 -97.78 -99.44
C ALA KB 265 59.89 -96.39 -98.88
N VAL KB 266 59.48 -95.36 -99.62
CA VAL KB 266 59.84 -93.98 -99.29
C VAL KB 266 58.61 -93.13 -98.98
N ASN KB 267 57.66 -93.08 -99.91
CA ASN KB 267 56.56 -92.13 -99.78
C ASN KB 267 55.26 -92.81 -99.36
N HIS KB 268 54.77 -93.76 -100.15
CA HIS KB 268 53.42 -94.29 -99.96
C HIS KB 268 53.47 -95.79 -100.11
N GLN KB 269 53.04 -96.51 -99.08
CA GLN KB 269 53.21 -97.95 -99.01
C GLN KB 269 51.88 -98.63 -98.76
N SER KB 270 51.57 -99.62 -99.59
CA SER KB 270 50.39 -100.46 -99.46
C SER KB 270 50.84 -101.91 -99.40
N SER KB 271 50.47 -102.61 -98.34
CA SER KB 271 50.96 -103.96 -98.13
C SER KB 271 49.83 -104.88 -97.72
N LEU KB 272 49.84 -106.11 -98.25
CA LEU KB 272 48.79 -107.07 -97.97
C LEU KB 272 49.39 -108.47 -97.89
N ALA KB 273 48.98 -109.21 -96.86
CA ALA KB 273 49.41 -110.60 -96.67
C ALA KB 273 48.23 -111.41 -96.19
N THR KB 274 48.04 -112.60 -96.75
CA THR KB 274 46.89 -113.38 -96.27
C THR KB 274 47.24 -114.27 -95.09
N ASP KB 275 48.14 -115.23 -95.29
CA ASP KB 275 48.50 -116.16 -94.23
C ASP KB 275 49.91 -116.65 -94.48
N ALA KB 276 50.62 -116.93 -93.39
CA ALA KB 276 51.98 -117.48 -93.38
C ALA KB 276 52.97 -116.60 -94.15
N SER KB 277 52.68 -115.31 -94.25
CA SER KB 277 53.42 -114.40 -95.09
C SER KB 277 54.05 -113.33 -94.21
N ASP KB 278 55.31 -113.01 -94.48
CA ASP KB 278 56.09 -112.15 -93.60
C ASP KB 278 56.74 -111.05 -94.42
N ILE KB 279 56.30 -109.82 -94.18
CA ILE KB 279 56.78 -108.64 -94.89
C ILE KB 279 57.47 -107.76 -93.87
N TYR KB 280 58.68 -107.32 -94.17
CA TYR KB 280 59.39 -106.39 -93.31
C TYR KB 280 59.92 -105.25 -94.15
N TYR KB 281 59.77 -104.03 -93.66
CA TYR KB 281 60.36 -102.90 -94.35
C TYR KB 281 61.69 -102.55 -93.71
N TYR KB 282 62.34 -101.53 -94.26
CA TYR KB 282 63.59 -101.05 -93.69
C TYR KB 282 63.71 -99.53 -93.76
N ASN KB 283 62.61 -98.82 -93.98
CA ASN KB 283 62.65 -97.37 -93.98
C ASN KB 283 61.30 -96.82 -93.54
N LEU KB 284 61.34 -95.82 -92.68
CA LEU KB 284 60.13 -95.17 -92.17
C LEU KB 284 59.60 -94.28 -93.28
N SER KB 285 58.52 -94.72 -93.92
CA SER KB 285 57.97 -93.98 -95.05
C SER KB 285 57.13 -92.80 -94.57
N LYS KB 286 56.65 -92.02 -95.53
CA LYS KB 286 55.72 -90.94 -95.20
C LYS KB 286 54.35 -91.48 -94.88
N THR KB 287 53.93 -92.54 -95.57
CA THR KB 287 52.61 -93.12 -95.39
C THR KB 287 52.69 -94.63 -95.49
N ARG KB 288 52.16 -95.32 -94.49
CA ARG KB 288 52.21 -96.77 -94.40
C ARG KB 288 50.80 -97.29 -94.21
N ALA KB 289 50.42 -98.33 -94.98
CA ALA KB 289 49.15 -98.99 -94.78
C ALA KB 289 49.30 -100.48 -95.01
N ASP KB 290 48.86 -101.28 -94.04
CA ASP KB 290 49.11 -102.71 -94.01
C ASP KB 290 47.84 -103.48 -93.68
N PHE KB 291 47.73 -104.68 -94.26
CA PHE KB 291 46.63 -105.58 -93.96
C PHE KB 291 47.10 -107.03 -93.98
N MET KB 292 46.71 -107.78 -92.95
CA MET KB 292 47.00 -109.21 -92.86
C MET KB 292 45.73 -109.96 -92.50
N ALA KB 293 45.51 -111.09 -93.16
CA ALA KB 293 44.23 -111.80 -93.06
C ALA KB 293 44.23 -112.87 -91.97
N PHE KB 294 45.06 -113.91 -92.12
CA PHE KB 294 45.06 -115.00 -91.15
C PHE KB 294 46.34 -115.01 -90.33
N ASN KB 295 47.49 -115.13 -90.99
CA ASN KB 295 48.77 -115.28 -90.31
C ASN KB 295 49.83 -114.39 -90.95
N GLY KB 296 49.41 -113.37 -91.67
CA GLY KB 296 50.35 -112.42 -92.22
C GLY KB 296 50.93 -111.53 -91.14
N SER KB 297 52.12 -111.00 -91.44
CA SER KB 297 52.83 -110.18 -90.47
C SER KB 297 53.60 -109.08 -91.18
N VAL KB 298 53.56 -107.89 -90.60
CA VAL KB 298 54.24 -106.71 -91.14
C VAL KB 298 55.18 -106.18 -90.04
N LEU KB 299 56.44 -106.02 -90.39
CA LEU KB 299 57.49 -105.80 -89.40
C LEU KB 299 58.37 -104.61 -89.78
N ASP KB 300 58.89 -103.97 -88.74
CA ASP KB 300 59.68 -102.76 -88.91
C ASP KB 300 61.13 -103.06 -89.23
N MET KB 301 61.76 -103.96 -88.46
CA MET KB 301 63.08 -104.52 -88.73
C MET KB 301 64.19 -103.47 -88.80
N ARG KB 302 64.10 -102.41 -88.01
CA ARG KB 302 65.15 -101.41 -87.97
C ARG KB 302 66.13 -101.75 -86.85
N GLU KB 303 66.98 -100.79 -86.49
CA GLU KB 303 68.10 -101.06 -85.60
C GLU KB 303 67.82 -100.73 -84.14
N TRP KB 304 66.94 -99.76 -83.87
CA TRP KB 304 66.52 -99.29 -82.54
C TRP KB 304 67.65 -98.67 -81.72
N GLY KB 305 68.80 -98.39 -82.32
CA GLY KB 305 69.89 -97.83 -81.55
C GLY KB 305 70.69 -96.81 -82.33
N GLN KB 306 70.10 -96.32 -83.41
CA GLN KB 306 70.80 -95.41 -84.29
C GLN KB 306 71.00 -94.06 -83.63
N SER KB 307 71.99 -93.33 -84.14
CA SER KB 307 72.20 -91.95 -83.73
C SER KB 307 71.33 -90.97 -84.49
N ASP KB 308 70.52 -91.44 -85.43
CA ASP KB 308 69.75 -90.55 -86.30
C ASP KB 308 68.38 -91.11 -86.65
N LEU KB 309 67.88 -92.10 -85.92
CA LEU KB 309 66.63 -92.75 -86.28
C LEU KB 309 65.44 -91.88 -85.91
N LYS KB 310 64.47 -91.80 -86.82
CA LYS KB 310 63.29 -90.99 -86.63
C LYS KB 310 62.12 -91.86 -86.18
N ASP KB 311 61.18 -91.23 -85.49
CA ASP KB 311 59.98 -91.89 -84.98
C ASP KB 311 58.76 -91.41 -85.76
N PHE KB 312 57.60 -91.94 -85.39
CA PHE KB 312 56.37 -91.67 -86.10
C PHE KB 312 55.88 -90.26 -85.81
N ASP KB 313 55.00 -89.78 -86.67
CA ASP KB 313 54.34 -88.49 -86.54
C ASP KB 313 52.84 -88.73 -86.41
N ARG KB 314 52.06 -87.65 -86.50
CA ARG KB 314 50.62 -87.75 -86.39
C ARG KB 314 49.98 -88.50 -87.56
N TYR KB 315 50.68 -88.62 -88.68
CA TYR KB 315 50.08 -89.16 -89.90
C TYR KB 315 50.40 -90.64 -90.11
N ASN KB 316 51.65 -91.03 -89.94
CA ASN KB 316 52.07 -92.39 -90.22
C ASN KB 316 51.92 -93.32 -89.03
N LYS KB 317 51.39 -92.84 -87.91
CA LYS KB 317 51.28 -93.64 -86.70
C LYS KB 317 50.08 -94.57 -86.84
N GLN KB 318 50.30 -95.71 -87.48
CA GLN KB 318 49.26 -96.72 -87.63
C GLN KB 318 49.62 -97.93 -86.78
N PHE KB 319 48.72 -98.31 -85.89
CA PHE KB 319 48.90 -99.51 -85.08
C PHE KB 319 48.56 -100.74 -85.91
N PRO KB 320 49.47 -101.71 -86.03
CA PRO KB 320 49.18 -102.96 -86.73
C PRO KB 320 48.36 -103.91 -85.89
N ASP LB 39 26.67 -101.12 -47.49
CA ASP LB 39 27.83 -100.56 -46.82
C ASP LB 39 28.80 -101.65 -46.39
N GLY LB 40 28.66 -102.83 -46.97
CA GLY LB 40 29.56 -103.91 -46.64
C GLY LB 40 30.90 -103.75 -47.34
N CYS LB 41 31.87 -103.19 -46.63
CA CYS LB 41 33.16 -102.90 -47.25
C CYS LB 41 34.02 -104.14 -47.40
N CYS LB 42 34.04 -105.00 -46.39
CA CYS LB 42 34.74 -106.28 -46.49
C CYS LB 42 33.79 -107.41 -46.88
N SER LB 43 33.04 -107.20 -47.96
CA SER LB 43 32.14 -108.23 -48.44
C SER LB 43 32.94 -109.33 -49.12
N LYS LB 44 32.50 -110.58 -48.88
CA LYS LB 44 33.23 -111.80 -49.24
C LYS LB 44 34.66 -111.78 -48.69
N MET LB 45 34.80 -111.26 -47.47
CA MET LB 45 36.09 -111.21 -46.80
C MET LB 45 35.90 -111.62 -45.35
N GLY LB 46 36.93 -111.44 -44.53
CA GLY LB 46 36.82 -111.84 -43.15
C GLY LB 46 36.14 -110.85 -42.25
N GLY LB 47 35.63 -109.76 -42.80
CA GLY LB 47 35.10 -108.67 -42.00
C GLY LB 47 36.14 -107.59 -41.78
N ILE LB 48 35.69 -106.51 -41.16
CA ILE LB 48 36.55 -105.36 -40.94
C ILE LB 48 37.50 -105.68 -39.78
N ASN LB 49 38.79 -105.40 -40.00
CA ASN LB 49 39.74 -105.53 -38.89
C ASN LB 49 39.94 -104.21 -38.18
N TYR LB 50 40.45 -103.19 -38.89
CA TYR LB 50 40.73 -101.90 -38.26
C TYR LB 50 40.91 -100.83 -39.32
N CYS LB 51 40.82 -99.57 -38.89
CA CYS LB 51 41.05 -98.44 -39.76
C CYS LB 51 42.46 -97.88 -39.52
N ASP LB 52 43.19 -97.65 -40.59
CA ASP LB 52 44.46 -96.94 -40.52
C ASP LB 52 44.19 -95.48 -40.79
N SER LB 53 44.49 -94.62 -39.79
CA SER LB 53 44.30 -93.19 -39.94
C SER LB 53 45.40 -92.56 -40.78
N SER LB 54 46.62 -93.08 -40.70
CA SER LB 54 47.68 -92.60 -41.58
C SER LB 54 47.38 -92.95 -43.03
N ALA LB 55 46.83 -94.14 -43.28
CA ALA LB 55 46.32 -94.45 -44.59
C ALA LB 55 44.94 -93.88 -44.83
N GLY LB 56 44.19 -93.60 -43.77
CA GLY LB 56 42.84 -93.10 -43.91
C GLY LB 56 41.88 -94.08 -44.54
N ARG LB 57 42.06 -95.36 -44.28
CA ARG LB 57 41.31 -96.39 -44.99
C ARG LB 57 41.07 -97.58 -44.09
N LEU LB 58 40.01 -98.31 -44.41
CA LEU LB 58 39.70 -99.53 -43.68
C LEU LB 58 40.58 -100.67 -44.17
N VAL LB 59 40.92 -101.57 -43.24
CA VAL LB 59 41.69 -102.77 -43.52
C VAL LB 59 40.90 -103.94 -42.96
N CYS LB 60 40.64 -104.92 -43.83
CA CYS LB 60 39.82 -106.06 -43.48
C CYS LB 60 40.66 -107.14 -42.80
N ASN LB 61 40.02 -108.28 -42.52
CA ASN LB 61 40.71 -109.38 -41.87
C ASN LB 61 41.73 -110.03 -42.80
N ASN LB 62 41.39 -110.19 -44.07
CA ASN LB 62 42.42 -110.43 -45.06
C ASN LB 62 43.24 -109.16 -45.24
N GLY LB 63 44.52 -109.33 -45.52
CA GLY LB 63 45.43 -108.21 -45.52
C GLY LB 63 45.38 -107.34 -46.76
N PHE LB 64 44.20 -106.83 -47.10
CA PHE LB 64 44.03 -106.03 -48.31
C PHE LB 64 43.28 -104.76 -47.98
N TYR LB 65 43.67 -103.68 -48.65
CA TYR LB 65 43.10 -102.37 -48.36
C TYR LB 65 41.70 -102.26 -48.93
N SER LB 66 40.73 -102.00 -48.06
CA SER LB 66 39.37 -101.81 -48.50
C SER LB 66 39.21 -100.46 -49.19
N THR LB 67 38.11 -100.32 -49.92
CA THR LB 67 37.83 -99.11 -50.67
C THR LB 67 37.09 -98.05 -49.87
N CYS LB 68 36.84 -98.30 -48.58
CA CYS LB 68 36.09 -97.38 -47.75
C CYS LB 68 37.04 -96.58 -46.85
N TYR LB 69 36.94 -95.26 -46.93
CA TYR LB 69 37.77 -94.39 -46.12
C TYR LB 69 37.28 -94.38 -44.67
N CYS LB 70 38.09 -93.83 -43.78
CA CYS LB 70 37.64 -93.61 -42.42
C CYS LB 70 37.94 -92.22 -41.86
N THR LB 71 38.73 -91.40 -42.55
CA THR LB 71 39.02 -90.05 -42.07
C THR LB 71 38.83 -89.06 -43.20
N ARG LB 72 38.79 -87.78 -42.82
CA ARG LB 72 38.70 -86.72 -43.81
C ARG LB 72 40.06 -86.32 -44.37
N HIS LB 73 41.15 -86.81 -43.78
CA HIS LB 73 42.48 -86.59 -44.35
C HIS LB 73 42.88 -87.72 -45.29
N ALA LB 74 42.00 -88.02 -46.24
CA ALA LB 74 42.21 -89.12 -47.17
C ALA LB 74 42.22 -88.59 -48.59
N VAL LB 75 42.63 -89.45 -49.51
CA VAL LB 75 42.79 -89.07 -50.91
C VAL LB 75 41.50 -89.39 -51.64
N MET LB 76 40.73 -88.36 -51.97
CA MET LB 76 39.53 -88.49 -52.79
C MET LB 76 39.67 -87.61 -54.01
N ASP LB 77 38.92 -87.95 -55.06
CA ASP LB 77 38.94 -87.19 -56.31
C ASP LB 77 37.59 -86.52 -56.48
N LEU LB 78 37.55 -85.20 -56.25
CA LEU LB 78 36.31 -84.44 -56.30
C LEU LB 78 36.44 -83.27 -57.26
N GLN LB 79 35.39 -83.05 -58.05
CA GLN LB 79 35.35 -81.93 -58.98
C GLN LB 79 34.21 -80.96 -58.72
N PHE LB 80 33.10 -81.41 -58.16
CA PHE LB 80 31.91 -80.59 -57.97
C PHE LB 80 31.71 -80.34 -56.48
N LEU LB 81 31.41 -79.09 -56.15
CA LEU LB 81 31.19 -78.70 -54.76
C LEU LB 81 30.39 -77.41 -54.74
N MET LB 82 29.68 -77.19 -53.63
CA MET LB 82 28.81 -76.04 -53.50
C MET LB 82 29.61 -74.85 -52.98
N GLY LB 83 28.93 -73.73 -52.76
CA GLY LB 83 29.56 -72.57 -52.17
C GLY LB 83 29.50 -71.34 -53.04
N CYS LB 84 28.85 -70.29 -52.55
CA CYS LB 84 28.89 -69.01 -53.23
C CYS LB 84 30.21 -68.32 -52.99
N CYS LB 85 30.56 -67.41 -53.90
CA CYS LB 85 31.88 -66.77 -53.98
C CYS LB 85 33.01 -67.78 -54.06
N LEU LB 86 32.73 -68.91 -54.72
CA LEU LB 86 33.72 -69.94 -54.92
C LEU LB 86 34.78 -69.44 -55.89
N TRP LB 87 36.04 -69.82 -55.62
CA TRP LB 87 37.20 -69.39 -56.39
C TRP LB 87 37.30 -67.87 -56.46
N HIS LB 88 37.07 -67.24 -55.32
CA HIS LB 88 37.12 -65.79 -55.15
C HIS LB 88 37.55 -65.54 -53.71
N GLY LB 89 37.28 -64.32 -53.23
CA GLY LB 89 37.67 -63.96 -51.89
C GLY LB 89 36.84 -64.54 -50.76
N GLY LB 90 35.83 -65.35 -51.06
CA GLY LB 90 34.97 -65.91 -50.05
C GLY LB 90 33.71 -65.07 -49.85
N VAL LB 91 32.73 -65.69 -49.20
CA VAL LB 91 31.45 -65.03 -48.98
C VAL LB 91 31.63 -63.96 -47.90
N TYR LB 92 31.22 -62.74 -48.22
CA TYR LB 92 31.30 -61.67 -47.24
C TYR LB 92 30.26 -61.89 -46.15
N PRO LB 93 30.62 -61.73 -44.88
CA PRO LB 93 29.72 -62.14 -43.79
C PRO LB 93 28.67 -61.12 -43.39
N GLN LB 94 28.58 -59.96 -44.02
CA GLN LB 94 27.57 -59.00 -43.61
C GLN LB 94 26.20 -59.40 -44.14
N LEU LB 95 25.16 -58.81 -43.57
CA LEU LB 95 23.78 -59.07 -43.97
C LEU LB 95 23.18 -57.78 -44.52
N ASN LB 96 22.71 -57.85 -45.77
CA ASN LB 96 22.21 -56.69 -46.47
C ASN LB 96 20.68 -56.68 -46.47
N SER LB 97 20.11 -55.48 -46.56
CA SER LB 97 18.68 -55.35 -46.77
C SER LB 97 18.27 -55.91 -48.13
N SER LB 98 19.06 -55.64 -49.16
CA SER LB 98 18.79 -56.19 -50.48
C SER LB 98 19.31 -57.63 -50.56
N GLY LB 99 18.95 -58.29 -51.65
CA GLY LB 99 19.34 -59.66 -51.87
C GLY LB 99 20.68 -59.87 -52.54
N LEU LB 100 21.43 -58.79 -52.79
CA LEU LB 100 22.74 -58.93 -53.40
C LEU LB 100 23.74 -59.48 -52.40
N VAL LB 101 24.51 -60.48 -52.83
CA VAL LB 101 25.56 -61.07 -52.02
C VAL LB 101 26.90 -60.73 -52.66
N VAL LB 102 27.79 -60.13 -51.89
CA VAL LB 102 29.08 -59.68 -52.37
C VAL LB 102 30.16 -60.60 -51.79
N CYS LB 103 31.33 -60.56 -52.40
CA CYS LB 103 32.47 -61.33 -51.93
C CYS LB 103 33.52 -60.37 -51.36
N ASN LB 104 34.51 -60.96 -50.68
CA ASN LB 104 35.52 -60.17 -49.98
C ASN LB 104 36.45 -59.43 -50.92
N ASP LB 105 36.60 -59.90 -52.16
CA ASP LB 105 37.44 -59.23 -53.13
C ASP LB 105 36.68 -58.18 -53.93
N GLY LB 106 35.43 -57.89 -53.54
CA GLY LB 106 34.61 -56.91 -54.23
C GLY LB 106 33.70 -57.48 -55.29
N TYR LB 107 33.86 -58.75 -55.64
CA TYR LB 107 32.98 -59.37 -56.62
C TYR LB 107 31.63 -59.68 -55.99
N VAL LB 108 30.59 -59.70 -56.83
CA VAL LB 108 29.23 -59.95 -56.36
C VAL LB 108 28.76 -61.28 -56.95
N SER LB 109 28.33 -62.19 -56.09
CA SER LB 109 27.82 -63.50 -56.51
C SER LB 109 26.39 -63.30 -56.99
N GLU LB 110 26.26 -62.84 -58.23
CA GLU LB 110 24.95 -62.56 -58.80
C GLU LB 110 24.16 -63.82 -59.09
N GLU LB 111 24.82 -64.97 -59.23
CA GLU LB 111 24.10 -66.22 -59.44
C GLU LB 111 23.47 -66.72 -58.14
N CYS LB 112 24.05 -66.35 -57.00
CA CYS LB 112 23.42 -66.67 -55.72
C CYS LB 112 22.47 -65.58 -55.27
N SER LB 113 22.68 -64.35 -55.72
CA SER LB 113 21.75 -63.27 -55.40
C SER LB 113 20.44 -63.45 -56.17
N LEU LB 114 19.34 -63.16 -55.50
CA LEU LB 114 18.03 -63.28 -56.13
C LEU LB 114 17.80 -62.12 -57.10
N GLN LB 115 16.77 -62.29 -57.93
CA GLN LB 115 16.49 -61.35 -59.01
C GLN LB 115 15.01 -61.06 -59.07
N LYS LB 116 14.66 -59.97 -59.73
CA LYS LB 116 13.27 -59.63 -60.00
C LYS LB 116 13.12 -58.78 -61.25
N UNK MB 1 57.63 -100.76 -61.41
CA UNK MB 1 58.38 -101.87 -60.84
C UNK MB 1 58.77 -102.86 -61.94
N UNK MB 2 57.76 -103.33 -62.67
CA UNK MB 2 57.81 -104.16 -63.88
C UNK MB 2 58.30 -105.58 -63.65
N UNK MB 3 58.71 -105.94 -62.43
CA UNK MB 3 59.10 -107.32 -62.13
C UNK MB 3 58.94 -107.52 -60.62
N UNK MB 4 57.83 -108.13 -60.21
CA UNK MB 4 57.57 -108.36 -58.80
C UNK MB 4 57.89 -109.79 -58.38
N UNK MB 5 58.54 -110.57 -59.23
CA UNK MB 5 59.08 -111.86 -58.86
C UNK MB 5 60.60 -111.67 -58.79
N UNK MB 6 61.07 -111.22 -57.64
CA UNK MB 6 62.48 -110.89 -57.51
C UNK MB 6 63.31 -112.17 -57.41
N UNK MB 7 64.30 -112.30 -58.29
CA UNK MB 7 65.14 -113.48 -58.34
C UNK MB 7 66.31 -113.27 -57.39
N UNK MB 8 66.23 -113.85 -56.21
CA UNK MB 8 67.29 -113.74 -55.23
C UNK MB 8 68.40 -114.72 -55.61
N UNK MB 9 69.28 -114.24 -56.51
CA UNK MB 9 70.46 -114.97 -57.00
C UNK MB 9 70.16 -116.34 -57.61
N UNK NB 1 68.79 34.45 -86.24
CA UNK NB 1 68.66 33.47 -85.18
C UNK NB 1 70.01 32.93 -84.76
N UNK NB 2 70.02 31.70 -84.25
CA UNK NB 2 71.27 31.06 -83.84
C UNK NB 2 72.07 30.61 -85.06
N UNK NB 3 73.37 30.46 -84.86
CA UNK NB 3 74.27 30.01 -85.92
C UNK NB 3 74.34 28.49 -85.90
N UNK NB 4 73.68 27.84 -86.86
CA UNK NB 4 73.61 26.38 -86.87
C UNK NB 4 74.94 25.75 -87.26
N UNK NB 5 75.60 26.29 -88.29
CA UNK NB 5 76.89 25.74 -88.72
C UNK NB 5 77.97 25.96 -87.68
N UNK NB 6 77.99 27.15 -87.07
CA UNK NB 6 78.95 27.41 -85.99
C UNK NB 6 78.65 26.57 -84.76
N UNK NB 7 77.36 26.30 -84.48
CA UNK NB 7 77.00 25.44 -83.37
C UNK NB 7 77.44 24.00 -83.60
N UNK NB 8 77.27 23.50 -84.81
CA UNK NB 8 77.72 22.15 -85.14
C UNK NB 8 79.24 22.05 -85.12
N UNK NB 9 79.93 23.09 -85.60
CA UNK NB 9 81.39 23.11 -85.54
C UNK NB 9 81.89 23.19 -84.10
N UNK NB 10 81.20 23.95 -83.24
CA UNK NB 10 81.58 24.03 -81.84
C UNK NB 10 81.31 22.70 -81.13
N UNK NB 11 80.25 22.00 -81.52
CA UNK NB 11 80.00 20.66 -80.99
C UNK NB 11 81.09 19.69 -81.41
N UNK NB 12 81.54 19.79 -82.66
CA UNK NB 12 82.63 18.92 -83.14
C UNK NB 12 83.95 19.24 -82.43
N UNK NB 13 84.24 20.53 -82.21
CA UNK NB 13 85.47 20.90 -81.52
C UNK NB 13 85.42 20.55 -80.04
N UNK NB 14 84.23 20.58 -79.43
CA UNK NB 14 84.09 20.13 -78.05
C UNK NB 14 84.19 18.62 -77.95
N UNK NB 15 83.75 17.90 -78.99
CA UNK NB 15 83.91 16.45 -79.00
C UNK NB 15 85.38 16.06 -79.15
N UNK NB 16 86.09 16.69 -80.09
CA UNK NB 16 87.52 16.42 -80.29
C UNK NB 16 88.26 17.75 -80.38
N UNK NB 17 88.59 18.32 -79.23
CA UNK NB 17 89.52 19.44 -79.13
C UNK NB 17 90.83 19.06 -78.47
N UNK NB 18 91.05 17.74 -78.27
CA UNK NB 18 92.26 17.15 -77.71
C UNK NB 18 92.56 17.69 -76.31
N UNK NB 19 91.68 17.36 -75.37
CA UNK NB 19 91.85 17.79 -73.98
C UNK NB 19 91.27 16.70 -73.07
N UNK NB 20 92.12 15.78 -72.64
CA UNK NB 20 91.69 14.68 -71.77
C UNK NB 20 92.90 14.16 -71.01
N UNK NB 21 92.93 14.41 -69.70
CA UNK NB 21 94.04 14.00 -68.86
C UNK NB 21 93.52 13.48 -67.53
N UNK NB 22 94.13 12.42 -67.02
CA UNK NB 22 93.65 11.73 -65.83
C UNK NB 22 94.79 11.48 -64.87
N UNK NB 23 94.43 11.13 -63.64
CA UNK NB 23 95.39 10.78 -62.60
C UNK NB 23 94.92 9.54 -61.86
N UNK NB 24 95.88 8.77 -61.35
CA UNK NB 24 95.60 7.54 -60.63
C UNK NB 24 96.47 7.46 -59.39
N UNK NB 25 96.03 6.65 -58.43
CA UNK NB 25 96.70 6.54 -57.14
C UNK NB 25 96.69 5.08 -56.69
N UNK NB 26 97.59 4.78 -55.75
CA UNK NB 26 97.74 3.43 -55.24
C UNK NB 26 96.84 3.25 -54.00
N UNK NB 27 97.00 2.11 -53.32
CA UNK NB 27 96.26 1.87 -52.09
C UNK NB 27 96.70 2.79 -50.97
N UNK NB 28 97.96 3.22 -50.99
CA UNK NB 28 98.45 4.27 -50.12
C UNK NB 28 98.41 5.64 -50.79
N UNK NB 29 97.71 5.74 -51.92
CA UNK NB 29 97.54 6.97 -52.71
C UNK NB 29 98.89 7.54 -53.15
N UNK NB 30 99.63 6.75 -53.91
CA UNK NB 30 100.93 7.19 -54.42
C UNK NB 30 100.74 8.24 -55.50
N UNK NB 31 101.71 9.15 -55.58
CA UNK NB 31 101.62 10.25 -56.55
C UNK NB 31 101.91 9.73 -57.95
N UNK NB 32 100.96 9.94 -58.86
CA UNK NB 32 101.09 9.46 -60.23
C UNK NB 32 100.21 10.34 -61.11
N UNK NB 33 100.83 11.25 -61.84
CA UNK NB 33 100.14 12.13 -62.78
C UNK NB 33 100.50 11.73 -64.20
N UNK NB 34 99.48 11.57 -65.04
CA UNK NB 34 99.66 11.16 -66.43
C UNK NB 34 99.65 12.37 -67.36
N UNK NB 35 100.05 12.12 -68.59
CA UNK NB 35 100.09 13.15 -69.61
C UNK NB 35 98.72 13.31 -70.26
N UNK NB 36 98.60 14.36 -71.09
CA UNK NB 36 97.34 14.61 -71.78
C UNK NB 36 97.13 13.62 -72.91
N UNK NB 37 95.89 13.20 -73.10
CA UNK NB 37 95.50 12.30 -74.17
C UNK NB 37 94.39 12.95 -75.00
N UNK NB 38 93.85 12.16 -75.94
CA UNK NB 38 92.88 12.58 -76.96
C UNK NB 38 93.35 13.78 -77.77
N UNK NB 39 91.27 6.06 -55.89
CA UNK NB 39 92.68 5.75 -56.06
C UNK NB 39 93.02 5.51 -57.52
N UNK NB 40 93.08 4.23 -57.91
CA UNK NB 40 93.41 3.89 -59.29
C UNK NB 40 92.24 4.15 -60.23
N UNK NB 41 91.01 4.11 -59.71
CA UNK NB 41 89.81 4.30 -60.52
C UNK NB 41 89.06 5.52 -59.98
N UNK NB 42 89.40 6.69 -60.51
CA UNK NB 42 88.75 7.94 -60.12
C UNK NB 42 87.86 8.42 -61.27
N UNK NB 43 86.57 8.62 -60.97
CA UNK NB 43 85.66 9.15 -61.98
C UNK NB 43 85.95 10.61 -62.27
N UNK NB 44 86.49 11.34 -61.31
CA UNK NB 44 86.87 12.74 -61.49
C UNK NB 44 88.33 12.90 -61.90
N UNK NB 45 88.96 11.83 -62.39
CA UNK NB 45 90.34 11.93 -62.85
C UNK NB 45 90.43 12.71 -64.15
N UNK NB 46 89.50 12.47 -65.07
CA UNK NB 46 89.58 13.04 -66.42
C UNK NB 46 89.20 14.51 -66.40
N UNK NB 47 89.99 15.33 -67.08
CA UNK NB 47 89.77 16.76 -67.18
C UNK NB 47 90.34 17.27 -68.48
N UNK NB 48 89.95 18.48 -68.86
CA UNK NB 48 90.42 19.08 -70.10
C UNK NB 48 91.87 19.56 -69.97
N LYS OB 24 33.87 -110.92 -79.54
CA LYS OB 24 32.64 -110.57 -80.24
C LYS OB 24 32.52 -109.06 -80.44
N PHE OB 25 32.56 -108.32 -79.35
CA PHE OB 25 32.33 -106.88 -79.37
C PHE OB 25 33.57 -106.15 -78.88
N LYS OB 26 34.06 -105.22 -79.67
CA LYS OB 26 35.12 -104.32 -79.27
C LYS OB 26 34.48 -102.97 -78.91
N LYS OB 27 34.76 -102.50 -77.70
CA LYS OB 27 34.13 -101.28 -77.25
C LYS OB 27 34.73 -100.06 -77.93
N PRO OB 28 33.94 -99.04 -78.22
CA PRO OB 28 34.50 -97.75 -78.63
C PRO OB 28 35.13 -97.06 -77.44
N PRO OB 29 35.96 -96.02 -77.66
CA PRO OB 29 36.49 -95.26 -76.54
C PRO OB 29 35.40 -94.59 -75.73
N ILE OB 30 35.52 -94.69 -74.40
CA ILE OB 30 34.51 -94.14 -73.51
C ILE OB 30 34.54 -92.62 -73.54
N ASN OB 31 35.73 -92.04 -73.43
CA ASN OB 31 35.90 -90.60 -73.52
C ASN OB 31 36.23 -90.20 -74.97
N ASN OB 32 35.35 -90.61 -75.87
CA ASN OB 32 35.57 -90.28 -77.27
C ASN OB 32 34.80 -89.02 -77.64
N PRO OB 33 35.37 -88.16 -78.46
CA PRO OB 33 34.64 -87.00 -78.94
C PRO OB 33 33.59 -87.35 -79.97
N SER OB 34 32.39 -87.73 -79.53
CA SER OB 34 31.30 -88.09 -80.42
C SER OB 34 30.45 -86.90 -80.83
N ASP OB 35 31.01 -85.69 -80.81
CA ASP OB 35 30.26 -84.50 -81.15
C ASP OB 35 31.14 -83.56 -81.97
N ASP OB 36 30.49 -82.78 -82.84
CA ASP OB 36 31.21 -81.88 -83.73
C ASP OB 36 31.93 -80.78 -82.96
N ALA OB 37 31.29 -80.26 -81.91
CA ALA OB 37 31.94 -79.27 -81.07
C ALA OB 37 33.14 -79.86 -80.36
N THR OB 38 33.02 -81.11 -79.91
CA THR OB 38 34.12 -81.77 -79.21
C THR OB 38 35.30 -82.03 -80.14
N ILE OB 39 35.04 -82.47 -81.37
CA ILE OB 39 36.15 -82.73 -82.27
C ILE OB 39 36.78 -81.42 -82.72
N LYS OB 40 36.00 -80.35 -82.86
CA LYS OB 40 36.58 -79.05 -83.20
C LYS OB 40 37.44 -78.53 -82.06
N LEU OB 41 36.98 -78.70 -80.82
CA LEU OB 41 37.77 -78.34 -79.65
C LEU OB 41 39.07 -79.12 -79.58
N ALA OB 42 39.00 -80.42 -79.88
CA ALA OB 42 40.19 -81.27 -79.76
C ALA OB 42 41.21 -80.95 -80.84
N GLU OB 43 40.75 -80.71 -82.08
CA GLU OB 43 41.72 -80.34 -83.11
C GLU OB 43 42.26 -78.93 -82.88
N ALA OB 44 41.48 -78.05 -82.26
CA ALA OB 44 42.00 -76.76 -81.85
C ALA OB 44 43.09 -76.91 -80.79
N ALA OB 45 42.89 -77.85 -79.86
CA ALA OB 45 43.90 -78.14 -78.86
C ALA OB 45 45.18 -78.68 -79.49
N VAL OB 46 45.02 -79.54 -80.50
CA VAL OB 46 46.18 -80.07 -81.23
C VAL OB 46 46.92 -78.94 -81.94
N SER OB 47 46.17 -78.03 -82.56
CA SER OB 47 46.76 -76.92 -83.29
C SER OB 47 47.52 -75.96 -82.36
N VAL OB 48 46.93 -75.65 -81.21
CA VAL OB 48 47.59 -74.72 -80.31
C VAL OB 48 48.78 -75.39 -79.63
N SER OB 49 48.73 -76.72 -79.45
CA SER OB 49 49.89 -77.43 -78.93
C SER OB 49 51.04 -77.39 -79.92
N ASP OB 50 50.73 -77.58 -81.20
CA ASP OB 50 51.77 -77.52 -82.22
C ASP OB 50 52.33 -76.12 -82.36
N SER OB 51 51.47 -75.11 -82.23
CA SER OB 51 51.92 -73.72 -82.29
C SER OB 51 52.83 -73.38 -81.12
N MET OB 52 52.46 -73.81 -79.91
CA MET OB 52 53.28 -73.51 -78.73
C MET OB 52 54.60 -74.28 -78.78
N LEU OB 53 54.56 -75.51 -79.28
CA LEU OB 53 55.79 -76.28 -79.46
C LEU OB 53 56.70 -75.63 -80.49
N GLU OB 54 56.11 -75.09 -81.57
CA GLU OB 54 56.89 -74.38 -82.57
C GLU OB 54 57.54 -73.14 -81.98
N MET OB 55 56.79 -72.40 -81.15
CA MET OB 55 57.32 -71.22 -80.49
C MET OB 55 58.46 -71.57 -79.55
N ALA OB 56 58.31 -72.65 -78.79
CA ALA OB 56 59.37 -73.09 -77.89
C ALA OB 56 60.60 -73.57 -78.67
N LYS OB 57 60.39 -74.25 -79.79
CA LYS OB 57 61.49 -74.74 -80.61
C LYS OB 57 62.28 -73.59 -81.22
N VAL OB 58 61.59 -72.58 -81.72
CA VAL OB 58 62.29 -71.44 -82.29
C VAL OB 58 62.85 -70.53 -81.21
N GLU OB 59 62.35 -70.64 -79.97
CA GLU OB 59 62.77 -69.73 -78.92
C GLU OB 59 63.90 -70.26 -78.06
N LYS OB 60 64.03 -71.58 -77.92
CA LYS OB 60 64.98 -72.14 -76.98
C LYS OB 60 66.40 -72.01 -77.51
N VAL OB 61 67.33 -71.70 -76.60
CA VAL OB 61 68.75 -71.62 -76.90
C VAL OB 61 69.44 -72.75 -76.14
N ILE OB 62 70.19 -73.57 -76.87
CA ILE OB 62 70.90 -74.68 -76.27
C ILE OB 62 72.40 -74.47 -76.45
N THR OB 63 73.19 -75.39 -75.91
CA THR OB 63 74.63 -75.33 -76.04
C THR OB 63 75.16 -76.62 -76.65
N PRO OB 64 76.19 -76.55 -77.50
CA PRO OB 64 76.78 -77.78 -78.02
C PRO OB 64 77.52 -78.51 -76.93
N PRO OB 65 77.58 -79.85 -77.00
CA PRO OB 65 78.29 -80.62 -75.97
C PRO OB 65 79.80 -80.57 -76.11
N SER OB 66 80.33 -80.03 -77.22
CA SER OB 66 81.77 -80.01 -77.42
C SER OB 66 82.44 -78.97 -76.54
N LYS OB 67 81.86 -77.77 -76.44
CA LYS OB 67 82.51 -76.64 -75.78
C LYS OB 67 81.79 -76.23 -74.50
N ASP OB 68 80.98 -77.11 -73.93
CA ASP OB 68 80.26 -76.78 -72.71
C ASP OB 68 81.22 -76.71 -71.52
N ASN OB 69 80.90 -75.84 -70.57
CA ASN OB 69 81.71 -75.68 -69.37
C ASN OB 69 81.16 -76.59 -68.29
N THR OB 70 81.57 -77.85 -68.35
CA THR OB 70 81.17 -78.84 -67.35
C THR OB 70 82.36 -79.77 -67.12
N LEU OB 71 82.83 -79.84 -65.88
CA LEU OB 71 83.96 -80.69 -65.57
C LEU OB 71 83.54 -82.15 -65.60
N THR OB 72 84.31 -82.97 -66.31
CA THR OB 72 84.01 -84.37 -66.44
C THR OB 72 84.46 -85.13 -65.20
N ILE OB 73 84.15 -86.42 -65.17
CA ILE OB 73 84.53 -87.31 -64.08
C ILE OB 73 86.02 -87.60 -64.20
N PRO OB 74 86.83 -87.31 -63.18
CA PRO OB 74 88.26 -87.60 -63.27
C PRO OB 74 88.59 -89.08 -63.14
N ASN OB 75 87.64 -89.90 -62.68
CA ASN OB 75 87.65 -91.38 -62.66
C ASN OB 75 88.91 -91.99 -62.02
N ALA OB 76 89.57 -91.26 -61.12
CA ALA OB 76 90.61 -91.87 -60.32
C ALA OB 76 89.98 -92.80 -59.28
N TYR OB 77 90.76 -93.79 -58.85
CA TYR OB 77 90.22 -94.82 -57.97
C TYR OB 77 89.90 -94.27 -56.59
N ASN OB 78 90.58 -93.22 -56.15
CA ASN OB 78 90.30 -92.62 -54.86
C ASN OB 78 89.01 -91.81 -54.84
N LEU OB 79 88.44 -91.52 -56.01
CA LEU OB 79 87.25 -90.69 -56.10
C LEU OB 79 85.99 -91.51 -56.35
N GLN OB 80 86.05 -92.82 -56.14
CA GLN OB 80 84.91 -93.70 -56.38
C GLN OB 80 84.08 -93.94 -55.14
N ALA OB 81 84.41 -93.31 -54.01
CA ALA OB 81 83.72 -93.58 -52.77
C ALA OB 81 82.39 -92.84 -52.71
N ARG OB 82 81.57 -93.23 -51.75
CA ARG OB 82 80.27 -92.61 -51.52
C ARG OB 82 80.29 -91.88 -50.18
N ALA OB 83 79.33 -90.98 -50.00
CA ALA OB 83 79.34 -90.12 -48.83
C ALA OB 83 77.91 -89.69 -48.52
N SER OB 84 77.79 -88.79 -47.53
CA SER OB 84 76.53 -88.15 -47.20
C SER OB 84 76.88 -86.77 -46.66
N VAL OB 85 76.64 -85.72 -47.43
CA VAL OB 85 77.16 -84.40 -47.12
C VAL OB 85 76.02 -83.39 -47.18
N ASP OB 86 75.84 -82.64 -46.10
CA ASP OB 86 74.87 -81.55 -46.04
C ASP OB 86 75.59 -80.25 -45.70
N TRP OB 87 75.35 -79.21 -46.50
CA TRP OB 87 75.97 -77.91 -46.29
C TRP OB 87 75.17 -76.85 -47.02
N SER OB 88 75.17 -75.65 -46.45
CA SER OB 88 74.73 -74.45 -47.15
C SER OB 88 75.66 -73.31 -46.78
N GLY OB 89 76.44 -72.83 -47.74
CA GLY OB 89 77.30 -71.70 -47.49
C GLY OB 89 78.57 -71.70 -48.31
N PRO OB 90 79.71 -71.37 -47.66
CA PRO OB 90 80.97 -71.16 -48.39
C PRO OB 90 81.58 -72.41 -49.00
N ILE OB 91 82.69 -72.23 -49.71
CA ILE OB 91 83.18 -73.20 -50.68
C ILE OB 91 84.57 -73.73 -50.32
N GLU OB 92 85.47 -72.85 -49.87
CA GLU OB 92 86.88 -73.19 -49.75
C GLU OB 92 87.13 -74.21 -48.65
N GLU OB 93 86.46 -74.04 -47.51
CA GLU OB 93 86.57 -75.01 -46.43
C GLU OB 93 85.97 -76.35 -46.84
N LEU OB 94 84.90 -76.32 -47.63
CA LEU OB 94 84.29 -77.55 -48.13
C LEU OB 94 85.23 -78.32 -49.02
N THR OB 95 85.87 -77.65 -49.98
CA THR OB 95 86.74 -78.39 -50.88
C THR OB 95 88.07 -78.76 -50.23
N ALA OB 96 88.52 -77.99 -49.23
CA ALA OB 96 89.66 -78.42 -48.44
C ALA OB 96 89.35 -79.70 -47.68
N ARG OB 97 88.16 -79.77 -47.08
CA ARG OB 97 87.73 -80.99 -46.40
C ARG OB 97 87.54 -82.14 -47.39
N ILE OB 98 87.09 -81.82 -48.61
CA ILE OB 98 86.90 -82.84 -49.64
C ILE OB 98 88.23 -83.44 -50.05
N ALA OB 99 89.23 -82.60 -50.28
CA ALA OB 99 90.56 -83.10 -50.65
C ALA OB 99 91.21 -83.83 -49.48
N LYS OB 100 90.94 -83.40 -48.25
CA LYS OB 100 91.43 -84.12 -47.08
C LYS OB 100 90.83 -85.51 -46.99
N ALA OB 101 89.53 -85.63 -47.25
CA ALA OB 101 88.87 -86.94 -47.23
C ALA OB 101 89.31 -87.79 -48.40
N ALA OB 102 89.63 -87.18 -49.53
CA ALA OB 102 90.06 -87.88 -50.72
C ALA OB 102 91.56 -88.09 -50.77
N HIS OB 103 92.28 -87.67 -49.72
CA HIS OB 103 93.74 -87.79 -49.60
C HIS OB 103 94.44 -87.06 -50.74
N PHE OB 104 94.07 -85.80 -50.92
CA PHE OB 104 94.56 -85.01 -52.04
C PHE OB 104 95.09 -83.68 -51.55
N ARG OB 105 96.17 -83.22 -52.18
CA ARG OB 105 96.69 -81.89 -51.93
C ARG OB 105 95.74 -80.87 -52.53
N PHE OB 106 95.55 -79.76 -51.82
CA PHE OB 106 94.56 -78.75 -52.20
C PHE OB 106 95.20 -77.38 -52.19
N ARG OB 107 94.90 -76.58 -53.21
CA ARG OB 107 95.41 -75.21 -53.25
C ARG OB 107 94.45 -74.31 -54.02
N VAL OB 108 94.68 -73.00 -53.87
CA VAL OB 108 93.83 -71.99 -54.45
C VAL OB 108 94.70 -71.02 -55.26
N LEU OB 109 94.06 -70.37 -56.24
CA LEU OB 109 94.70 -69.35 -57.06
C LEU OB 109 93.65 -68.27 -57.30
N GLY OB 110 93.78 -67.17 -56.58
CA GLY OB 110 92.85 -66.06 -56.71
C GLY OB 110 92.75 -65.31 -55.41
N LYS OB 111 91.84 -64.33 -55.41
CA LYS OB 111 91.61 -63.49 -54.25
C LYS OB 111 90.15 -63.64 -53.82
N SER OB 112 89.95 -63.86 -52.53
CA SER OB 112 88.60 -64.03 -52.02
C SER OB 112 87.89 -62.69 -51.97
N PRO OB 113 86.70 -62.56 -52.58
CA PRO OB 113 85.97 -61.30 -52.48
C PRO OB 113 85.38 -61.11 -51.09
N SER OB 114 84.99 -59.86 -50.82
CA SER OB 114 84.31 -59.54 -49.56
C SER OB 114 82.98 -60.25 -49.47
N VAL OB 115 82.24 -60.31 -50.57
CA VAL OB 115 81.08 -61.19 -50.66
C VAL OB 115 81.62 -62.60 -50.80
N PRO OB 116 81.24 -63.52 -49.91
CA PRO OB 116 81.72 -64.89 -50.03
C PRO OB 116 81.00 -65.63 -51.15
N VAL OB 117 81.73 -66.55 -51.77
CA VAL OB 117 81.13 -67.43 -52.76
C VAL OB 117 80.36 -68.50 -52.02
N LEU OB 118 79.05 -68.54 -52.22
CA LEU OB 118 78.17 -69.37 -51.40
C LEU OB 118 77.44 -70.37 -52.26
N ILE OB 119 77.30 -71.60 -51.73
CA ILE OB 119 76.59 -72.68 -52.39
C ILE OB 119 75.75 -73.40 -51.34
N SER OB 120 75.06 -74.45 -51.79
CA SER OB 120 74.20 -75.24 -50.90
C SER OB 120 74.03 -76.63 -51.52
N ILE OB 121 74.64 -77.64 -50.92
CA ILE OB 121 74.58 -79.01 -51.41
C ILE OB 121 74.25 -79.92 -50.24
N SER OB 122 73.17 -80.71 -50.38
CA SER OB 122 72.81 -81.70 -49.36
C SER OB 122 72.41 -82.97 -50.09
N THR OB 123 73.29 -83.97 -50.07
CA THR OB 123 73.02 -85.24 -50.72
C THR OB 123 73.22 -86.38 -49.74
N LYS OB 124 72.23 -87.28 -49.71
CA LYS OB 124 72.30 -88.48 -48.89
C LYS OB 124 73.35 -89.45 -49.41
N ASP OB 125 73.49 -89.54 -50.73
CA ASP OB 125 74.45 -90.48 -51.30
C ASP OB 125 74.93 -89.96 -52.63
N GLU OB 126 76.24 -89.72 -52.74
CA GLU OB 126 76.82 -89.25 -53.97
C GLU OB 126 78.28 -89.66 -54.02
N SER OB 127 78.82 -89.73 -55.22
CA SER OB 127 80.24 -89.99 -55.40
C SER OB 127 80.96 -88.69 -55.72
N LEU OB 128 82.26 -88.67 -55.39
CA LEU OB 128 83.00 -87.43 -55.27
C LEU OB 128 83.21 -86.72 -56.60
N ALA OB 129 83.23 -87.48 -57.70
CA ALA OB 129 83.43 -86.87 -59.02
C ALA OB 129 82.25 -85.99 -59.41
N GLU OB 130 81.04 -86.53 -59.32
CA GLU OB 130 79.88 -85.70 -59.63
C GLU OB 130 79.58 -84.72 -58.51
N ILE OB 131 80.09 -84.97 -57.29
CA ILE OB 131 80.06 -83.96 -56.24
C ILE OB 131 80.82 -82.72 -56.68
N LEU OB 132 82.06 -82.91 -57.17
CA LEU OB 132 82.86 -81.79 -57.65
C LEU OB 132 82.25 -81.17 -58.90
N ARG OB 133 81.61 -81.99 -59.74
CA ARG OB 133 80.94 -81.48 -60.94
C ARG OB 133 79.81 -80.53 -60.57
N ASP OB 134 78.97 -80.93 -59.61
CA ASP OB 134 77.90 -80.05 -59.17
C ASP OB 134 78.43 -78.87 -58.38
N ILE OB 135 79.58 -79.04 -57.73
CA ILE OB 135 80.23 -77.93 -57.03
C ILE OB 135 80.64 -76.85 -58.02
N ASP OB 136 81.26 -77.26 -59.14
CA ASP OB 136 81.65 -76.28 -60.13
C ASP OB 136 80.46 -75.70 -60.86
N TYR OB 137 79.41 -76.51 -61.06
CA TYR OB 137 78.20 -76.00 -61.69
C TYR OB 137 77.52 -74.95 -60.83
N GLN OB 138 77.42 -75.20 -59.52
CA GLN OB 138 76.83 -74.23 -58.61
C GLN OB 138 77.76 -73.05 -58.39
N ALA OB 139 79.07 -73.23 -58.56
CA ALA OB 139 79.98 -72.11 -58.58
C ALA OB 139 79.74 -71.23 -59.80
N GLY OB 140 79.40 -71.84 -60.93
CA GLY OB 140 79.08 -71.08 -62.11
C GLY OB 140 80.30 -70.52 -62.80
N LYS OB 141 80.44 -69.20 -62.79
CA LYS OB 141 81.48 -68.54 -63.56
C LYS OB 141 82.46 -67.73 -62.73
N LYS OB 142 82.19 -67.52 -61.45
CA LYS OB 142 83.11 -66.77 -60.61
C LYS OB 142 84.32 -67.58 -60.20
N ALA OB 143 84.24 -68.90 -60.27
CA ALA OB 143 85.37 -69.76 -59.90
C ALA OB 143 85.21 -71.08 -60.62
N SER OB 144 86.31 -71.85 -60.63
CA SER OB 144 86.33 -73.18 -61.21
C SER OB 144 87.32 -74.04 -60.46
N ILE OB 145 87.24 -75.34 -60.67
CA ILE OB 145 88.09 -76.30 -59.97
C ILE OB 145 88.78 -77.18 -61.00
N HIS OB 146 90.09 -77.32 -60.88
CA HIS OB 146 90.84 -78.25 -61.69
C HIS OB 146 91.43 -79.37 -60.83
N VAL OB 147 91.48 -80.56 -61.42
CA VAL OB 147 91.97 -81.76 -60.74
C VAL OB 147 93.12 -82.32 -61.56
N TYR OB 148 94.25 -82.60 -60.90
CA TYR OB 148 95.40 -83.18 -61.57
C TYR OB 148 95.78 -84.46 -60.85
N PRO OB 149 95.68 -85.62 -61.51
CA PRO OB 149 96.06 -86.89 -60.88
C PRO OB 149 97.49 -87.33 -61.16
N ASN OB 150 98.28 -86.52 -61.87
CA ASN OB 150 99.70 -86.81 -61.99
C ASN OB 150 100.38 -86.63 -60.64
N SER OB 151 100.35 -85.40 -60.12
CA SER OB 151 100.63 -85.11 -58.72
C SER OB 151 99.30 -84.74 -58.10
N GLN OB 152 98.88 -85.49 -57.08
CA GLN OB 152 97.47 -85.63 -56.69
C GLN OB 152 96.98 -84.34 -56.04
N VAL OB 153 96.58 -83.40 -56.88
CA VAL OB 153 96.27 -82.04 -56.42
C VAL OB 153 94.95 -81.59 -57.02
N VAL OB 154 94.29 -80.66 -56.33
CA VAL OB 154 93.11 -79.97 -56.81
C VAL OB 154 93.26 -78.49 -56.51
N GLU OB 155 92.94 -77.66 -57.48
CA GLU OB 155 93.11 -76.22 -57.36
C GLU OB 155 91.79 -75.50 -57.61
N LEU OB 156 91.62 -74.39 -56.91
CA LEU OB 156 90.47 -73.51 -57.08
C LEU OB 156 90.92 -72.25 -57.82
N ARG OB 157 90.54 -72.14 -59.08
CA ARG OB 157 90.89 -70.99 -59.90
C ARG OB 157 89.77 -69.97 -59.82
N TYR OB 158 90.07 -68.80 -59.24
CA TYR OB 158 89.09 -67.75 -59.10
C TYR OB 158 88.88 -67.00 -60.42
N ALA OB 159 88.02 -66.01 -60.39
CA ALA OB 159 87.88 -65.07 -61.49
C ALA OB 159 88.60 -63.76 -61.15
N LYS OB 160 88.45 -62.75 -61.99
CA LYS OB 160 89.10 -61.47 -61.78
C LYS OB 160 88.09 -60.32 -61.75
N GLY PB 26 -62.91 14.34 76.03
CA GLY PB 26 -62.09 15.31 75.33
C GLY PB 26 -60.81 15.66 76.05
N ASP PB 27 -60.01 16.54 75.44
CA ASP PB 27 -58.77 16.98 76.04
C ASP PB 27 -58.95 18.06 77.10
N THR PB 28 -60.10 18.74 77.11
CA THR PB 28 -60.39 19.68 78.18
C THR PB 28 -60.66 18.96 79.48
N GLY PB 29 -61.68 18.10 79.49
CA GLY PB 29 -61.85 17.13 80.57
C GLY PB 29 -60.93 15.96 80.32
N SER PB 30 -59.64 16.15 80.60
CA SER PB 30 -58.58 15.40 79.93
C SER PB 30 -58.55 13.94 80.35
N LEU PB 31 -58.59 13.67 81.66
CA LEU PB 31 -58.39 12.30 82.12
C LEU PB 31 -59.61 11.43 81.82
N ALA PB 32 -60.81 11.99 81.98
CA ALA PB 32 -62.03 11.30 81.60
C ALA PB 32 -62.09 11.10 80.09
N GLY PB 33 -61.59 12.07 79.32
CA GLY PB 33 -61.49 11.89 77.89
C GLY PB 33 -60.51 10.80 77.49
N LEU PB 34 -59.39 10.69 78.22
CA LEU PB 34 -58.45 9.61 77.97
C LEU PB 34 -59.08 8.25 78.27
N GLN PB 35 -59.78 8.15 79.39
CA GLN PB 35 -60.42 6.89 79.74
C GLN PB 35 -61.58 6.55 78.82
N ALA PB 36 -62.24 7.55 78.24
CA ALA PB 36 -63.26 7.29 77.23
C ALA PB 36 -62.63 6.84 75.91
N MET PB 37 -61.57 7.52 75.48
CA MET PB 37 -60.93 7.21 74.21
C MET PB 37 -60.08 5.96 74.26
N ALA PB 38 -59.82 5.42 75.45
CA ALA PB 38 -59.11 4.15 75.54
C ALA PB 38 -59.94 3.01 74.97
N ASP PB 39 -61.26 3.05 75.15
CA ASP PB 39 -62.15 2.05 74.59
C ASP PB 39 -62.25 2.22 73.07
N SER PB 40 -62.61 1.13 72.40
CA SER PB 40 -62.73 1.14 70.95
C SER PB 40 -64.05 1.74 70.46
N LYS PB 41 -64.92 2.21 71.37
CA LYS PB 41 -66.17 2.83 70.96
C LYS PB 41 -65.94 4.16 70.26
N TYR PB 42 -64.88 4.87 70.64
CA TYR PB 42 -64.54 6.10 69.93
C TYR PB 42 -63.90 5.82 68.58
N THR PB 43 -63.23 4.66 68.45
CA THR PB 43 -62.58 4.30 67.20
C THR PB 43 -63.60 4.06 66.09
N ARG PB 44 -64.71 3.40 66.42
CA ARG PB 44 -65.81 3.30 65.48
C ARG PB 44 -66.65 4.58 65.42
N ALA PB 45 -66.42 5.51 66.34
CA ALA PB 45 -67.03 6.83 66.25
C ALA PB 45 -66.17 7.82 65.47
N GLN PB 46 -64.85 7.70 65.57
CA GLN PB 46 -63.96 8.63 64.86
C GLN PB 46 -63.80 8.28 63.40
N LYS PB 47 -64.26 7.10 62.98
CA LYS PB 47 -64.02 6.69 61.60
C LYS PB 47 -64.93 7.42 60.61
N LYS PB 48 -66.11 7.86 61.05
CA LYS PB 48 -67.06 8.49 60.16
C LYS PB 48 -67.02 10.01 60.20
N GLN PB 49 -66.11 10.60 60.98
CA GLN PB 49 -66.08 12.04 61.15
C GLN PB 49 -64.94 12.72 60.38
N LYS PB 50 -63.86 11.99 60.07
CA LYS PB 50 -62.72 12.60 59.41
C LYS PB 50 -63.03 12.90 57.94
N MET PB 51 -63.59 11.91 57.23
CA MET PB 51 -63.95 12.12 55.84
C MET PB 51 -65.11 13.10 55.70
N GLY PB 52 -65.96 13.20 56.73
CA GLY PB 52 -67.03 14.17 56.71
C GLY PB 52 -66.53 15.60 56.66
N LYS PB 53 -65.57 15.94 57.52
CA LYS PB 53 -64.99 17.28 57.46
C LYS PB 53 -64.03 17.45 56.30
N ILE PB 54 -63.44 16.37 55.80
CA ILE PB 54 -62.60 16.46 54.60
C ILE PB 54 -63.46 16.86 53.40
N ARG PB 55 -64.61 16.23 53.23
CA ARG PB 55 -65.52 16.61 52.17
C ARG PB 55 -66.19 17.95 52.45
N GLU PB 56 -66.48 18.24 53.71
CA GLU PB 56 -67.23 19.42 54.09
C GLU PB 56 -66.46 20.71 53.86
N MET PB 57 -65.14 20.67 54.12
CA MET PB 57 -64.33 21.89 54.09
C MET PB 57 -64.19 22.48 52.70
N ALA PB 58 -64.50 21.72 51.65
CA ALA PB 58 -64.54 22.29 50.31
C ALA PB 58 -65.70 23.26 50.16
N LEU PB 59 -66.85 22.94 50.76
CA LEU PB 59 -68.06 23.74 50.55
C LEU PB 59 -68.04 25.06 51.30
N LYS PB 60 -67.32 25.12 52.43
CA LYS PB 60 -67.38 26.27 53.31
C LYS PB 60 -66.79 27.52 52.66
N GLU PB 61 -65.66 27.35 51.96
CA GLU PB 61 -65.01 28.48 51.31
C GLU PB 61 -65.86 29.01 50.16
N THR PB 62 -66.51 28.12 49.43
CA THR PB 62 -67.42 28.53 48.37
C THR PB 62 -68.60 29.29 48.92
N ALA PB 63 -69.18 28.80 50.02
CA ALA PB 63 -70.31 29.47 50.65
C ALA PB 63 -69.92 30.85 51.16
N LEU PB 64 -68.74 30.94 51.80
CA LEU PB 64 -68.25 32.22 52.30
C LEU PB 64 -67.96 33.20 51.16
N SER PB 65 -67.41 32.72 50.05
CA SER PB 65 -67.07 33.60 48.95
C SER PB 65 -68.32 34.13 48.25
N VAL PB 66 -69.30 33.27 47.99
CA VAL PB 66 -70.52 33.76 47.35
C VAL PB 66 -71.32 34.64 48.30
N GLY PB 67 -71.24 34.37 49.61
CA GLY PB 67 -71.85 35.28 50.56
C GLY PB 67 -71.17 36.63 50.59
N ALA PB 68 -69.84 36.63 50.45
CA ALA PB 68 -69.09 37.88 50.39
C ALA PB 68 -69.48 38.71 49.19
N GLN PB 69 -69.59 38.06 48.03
CA GLN PB 69 -69.99 38.76 46.81
C GLN PB 69 -71.42 39.28 46.90
N ALA PB 70 -72.35 38.45 47.40
CA ALA PB 70 -73.75 38.84 47.46
C ALA PB 70 -73.96 39.97 48.47
N GLY PB 71 -73.36 39.85 49.65
CA GLY PB 71 -73.49 40.91 50.64
C GLY PB 71 -72.81 42.19 50.22
N LEU PB 72 -71.67 42.09 49.53
CA LEU PB 72 -70.97 43.27 49.03
C LEU PB 72 -71.80 44.01 48.00
N ALA PB 73 -72.39 43.27 47.05
CA ALA PB 73 -73.24 43.89 46.04
C ALA PB 73 -74.49 44.51 46.65
N TRP PB 74 -75.12 43.79 47.58
CA TRP PB 74 -76.35 44.28 48.22
C TRP PB 74 -76.09 45.53 49.04
N ARG PB 75 -75.02 45.51 49.84
CA ARG PB 75 -74.67 46.66 50.65
C ARG PB 75 -74.24 47.85 49.80
N ALA PB 76 -73.56 47.58 48.68
CA ALA PB 76 -73.16 48.65 47.78
C ALA PB 76 -74.38 49.31 47.15
N LYS PB 77 -75.37 48.52 46.77
CA LYS PB 77 -76.61 49.07 46.24
C LYS PB 77 -77.34 49.90 47.28
N ILE PB 78 -77.37 49.41 48.53
CA ILE PB 78 -78.03 50.11 49.63
C ILE PB 78 -77.36 51.46 49.89
N ILE PB 79 -76.04 51.45 49.95
CA ILE PB 79 -75.32 52.66 50.31
C ILE PB 79 -75.33 53.67 49.17
N ASP PB 80 -75.34 53.21 47.92
CA ASP PB 80 -75.44 54.15 46.80
C ASP PB 80 -76.83 54.73 46.73
N GLU PB 81 -77.84 53.93 47.07
CA GLU PB 81 -79.21 54.42 47.15
C GLU PB 81 -79.34 55.51 48.20
N GLN PB 82 -78.76 55.29 49.38
CA GLN PB 82 -78.86 56.28 50.43
C GLN PB 82 -78.04 57.53 50.12
N LEU PB 83 -76.88 57.35 49.49
CA LEU PB 83 -76.03 58.49 49.14
C LEU PB 83 -76.69 59.36 48.09
N ASN PB 84 -77.33 58.75 47.09
CA ASN PB 84 -78.06 59.54 46.12
C ASN PB 84 -79.33 60.13 46.70
N LYS PB 85 -79.88 59.50 47.75
CA LYS PB 85 -81.03 60.07 48.45
C LYS PB 85 -80.65 61.36 49.15
N GLN PB 86 -79.56 61.36 49.91
CA GLN PB 86 -79.27 62.47 50.80
C GLN PB 86 -78.19 63.40 50.25
N ALA PB 87 -78.21 63.67 48.95
CA ALA PB 87 -77.16 64.45 48.33
C ALA PB 87 -77.22 65.94 48.67
N ARG PB 88 -78.38 66.44 49.09
CA ARG PB 88 -78.59 67.88 49.19
C ARG PB 88 -77.75 68.49 50.31
N ASN PB 89 -77.70 67.84 51.46
CA ASN PB 89 -76.89 68.36 52.55
C ASN PB 89 -75.41 68.16 52.28
N LEU PB 90 -75.05 67.16 51.48
CA LEU PB 90 -73.66 67.03 51.03
C LEU PB 90 -73.25 68.22 50.19
N ASP PB 91 -74.10 68.62 49.26
CA ASP PB 91 -73.82 69.81 48.46
C ASP PB 91 -73.85 71.07 49.31
N ALA PB 92 -74.66 71.07 50.37
CA ALA PB 92 -74.69 72.19 51.29
C ALA PB 92 -73.38 72.32 52.05
N ILE PB 93 -72.81 71.20 52.49
CA ILE PB 93 -71.62 71.29 53.31
C ILE PB 93 -70.34 71.38 52.49
N TYR PB 94 -70.30 70.78 51.31
CA TYR PB 94 -69.06 70.73 50.54
C TYR PB 94 -69.07 71.74 49.40
N ASP PB 95 -69.09 73.02 49.80
CA ASP PB 95 -69.03 74.12 48.85
C ASP PB 95 -67.56 74.51 48.69
N PHE PB 96 -66.88 73.81 47.78
CA PHE PB 96 -65.53 74.19 47.40
C PHE PB 96 -65.52 75.51 46.64
N ASN PB 97 -66.63 75.82 45.95
CA ASN PB 97 -66.74 77.03 45.17
C ASN PB 97 -66.70 78.28 46.05
N SER PB 98 -67.16 78.16 47.30
CA SER PB 98 -66.99 79.26 48.24
C SER PB 98 -65.53 79.49 48.60
N LEU PB 99 -64.72 78.44 48.63
CA LEU PB 99 -63.32 78.58 48.98
C LEU PB 99 -62.42 78.70 47.76
N VAL PB 100 -62.98 78.70 46.55
CA VAL PB 100 -62.19 78.97 45.36
C VAL PB 100 -61.65 80.38 45.42
N LEU PB 101 -60.34 80.52 45.17
CA LEU PB 101 -59.70 81.82 45.28
C LEU PB 101 -60.11 82.73 44.12
N GLU PB 102 -59.66 83.99 44.21
CA GLU PB 102 -60.11 85.04 43.31
C GLU PB 102 -59.56 84.91 41.90
N HIS PB 103 -58.56 84.05 41.68
CA HIS PB 103 -58.01 83.83 40.35
C HIS PB 103 -58.28 82.41 39.85
N ASN PB 104 -59.37 81.79 40.35
CA ASN PB 104 -59.82 80.45 39.97
C ASN PB 104 -58.74 79.41 40.22
N ILE PB 105 -58.01 79.57 41.32
CA ILE PB 105 -56.89 78.72 41.68
C ILE PB 105 -57.26 77.96 42.95
N LEU PB 106 -57.07 76.65 42.91
CA LEU PB 106 -57.37 75.81 44.07
C LEU PB 106 -56.39 76.12 45.21
N PRO PB 107 -56.88 76.45 46.40
CA PRO PB 107 -55.98 76.64 47.54
C PRO PB 107 -55.35 75.33 47.96
N PRO PB 108 -54.16 75.36 48.54
CA PRO PB 108 -53.43 74.12 48.83
C PRO PB 108 -53.96 73.44 50.09
N VAL PB 109 -53.28 72.35 50.47
CA VAL PB 109 -53.67 71.53 51.60
C VAL PB 109 -52.56 71.61 52.65
N LEU PB 110 -52.93 71.93 53.88
CA LEU PB 110 -51.98 72.07 54.97
C LEU PB 110 -52.33 71.13 56.11
N LEU PB 111 -51.31 70.50 56.70
CA LEU PB 111 -51.50 69.59 57.81
C LEU PB 111 -50.61 70.01 58.96
N GLU PB 112 -51.03 69.65 60.18
CA GLU PB 112 -50.29 70.05 61.36
C GLU PB 112 -50.51 69.05 62.47
N GLY PB 113 -49.60 69.05 63.43
CA GLY PB 113 -49.67 68.14 64.55
C GLY PB 113 -49.15 68.78 65.81
N ARG PB 114 -49.70 68.34 66.94
CA ARG PB 114 -49.36 68.88 68.25
C ARG PB 114 -48.70 67.80 69.10
N ASN PB 115 -47.81 68.25 69.98
CA ASN PB 115 -47.10 67.42 70.96
C ASN PB 115 -46.33 66.29 70.29
N THR PB 116 -45.37 66.69 69.46
CA THR PB 116 -44.60 65.75 68.68
C THR PB 116 -43.54 65.10 69.54
N LEU PB 117 -43.50 63.78 69.54
CA LEU PB 117 -42.48 63.03 70.26
C LEU PB 117 -41.89 61.95 69.35
N ASN PB 118 -40.57 61.84 69.34
CA ASN PB 118 -39.92 60.72 68.68
C ASN PB 118 -38.76 60.22 69.52
N LEU PB 119 -38.62 58.90 69.57
CA LEU PB 119 -37.50 58.25 70.21
C LEU PB 119 -36.71 57.55 69.10
N ALA PB 120 -35.51 58.06 68.82
CA ALA PB 120 -34.66 57.39 67.83
C ALA PB 120 -34.09 56.10 68.40
N ASP PB 121 -33.30 56.23 69.46
CA ASP PB 121 -32.70 55.11 70.17
C ASP PB 121 -32.31 55.62 71.55
N ALA PB 122 -31.36 54.93 72.19
CA ALA PB 122 -30.74 55.47 73.39
C ALA PB 122 -29.99 56.75 73.05
N GLN PB 123 -29.80 57.59 74.08
CA GLN PB 123 -29.20 58.92 74.01
C GLN PB 123 -29.89 59.86 73.03
N SER PB 124 -31.18 59.64 72.72
CA SER PB 124 -31.81 60.39 71.64
C SER PB 124 -33.31 60.44 71.84
N ILE PB 125 -33.82 61.57 72.31
CA ILE PB 125 -35.25 61.87 72.31
C ILE PB 125 -35.43 63.24 71.67
N ARG PB 126 -36.26 63.33 70.64
CA ARG PB 126 -36.50 64.60 69.97
C ARG PB 126 -37.99 64.91 70.03
N ILE PB 127 -38.33 66.05 70.65
CA ILE PB 127 -39.72 66.45 70.80
C ILE PB 127 -39.87 67.89 70.35
N SER PB 128 -41.12 68.24 70.03
CA SER PB 128 -41.45 69.61 69.67
C SER PB 128 -42.93 69.85 69.95
N ASP PB 129 -43.32 71.11 69.91
CA ASP PB 129 -44.69 71.49 70.26
C ASP PB 129 -45.65 71.20 69.10
N ARG PB 130 -45.46 71.89 67.98
CA ARG PB 130 -46.31 71.68 66.81
C ARG PB 130 -45.45 71.62 65.56
N THR PB 131 -45.98 70.96 64.55
CA THR PB 131 -45.34 70.88 63.25
C THR PB 131 -46.38 71.12 62.18
N TYR PB 132 -45.96 71.75 61.09
CA TYR PB 132 -46.84 72.04 59.96
C TYR PB 132 -46.16 71.57 58.68
N LYS PB 133 -46.96 71.18 57.69
CA LYS PB 133 -46.43 70.58 56.48
C LYS PB 133 -47.44 70.73 55.35
N VAL PB 134 -46.97 71.16 54.19
CA VAL PB 134 -47.81 71.26 53.00
C VAL PB 134 -48.03 69.86 52.44
N ALA PB 135 -49.28 69.42 52.40
CA ALA PB 135 -49.58 68.11 51.83
C ALA PB 135 -49.65 68.18 50.31
N LYS PB 136 -50.58 68.97 49.78
CA LYS PB 136 -50.76 69.12 48.35
C LYS PB 136 -50.58 70.58 47.97
N GLN PB 137 -49.70 70.83 47.00
CA GLN PB 137 -49.45 72.18 46.52
C GLN PB 137 -50.65 72.71 45.74
N ALA PB 138 -50.88 74.01 45.88
CA ALA PB 138 -51.93 74.71 45.14
C ALA PB 138 -51.68 74.63 43.64
N HIS PB 139 -52.77 74.54 42.87
CA HIS PB 139 -52.67 74.49 41.42
C HIS PB 139 -53.93 75.09 40.82
N PHE PB 140 -53.89 75.31 39.51
CA PHE PB 140 -55.02 75.88 38.81
C PHE PB 140 -56.15 74.86 38.69
N ILE PB 141 -57.35 75.37 38.41
CA ILE PB 141 -58.55 74.55 38.35
C ILE PB 141 -59.52 75.15 37.34
N THR PB 142 -60.44 74.33 36.87
CA THR PB 142 -61.51 74.77 35.98
C THR PB 142 -62.86 74.77 36.65
N THR PB 143 -63.16 73.75 37.44
CA THR PB 143 -64.42 73.64 38.16
C THR PB 143 -64.12 73.17 39.57
N PRO PB 144 -64.90 73.62 40.55
CA PRO PB 144 -64.77 73.08 41.90
C PRO PB 144 -65.20 71.63 41.94
N PRO PB 145 -64.51 70.79 42.70
CA PRO PB 145 -64.91 69.38 42.80
C PRO PB 145 -66.14 69.24 43.68
N THR PB 146 -66.68 68.04 43.68
CA THR PB 146 -67.82 67.69 44.52
C THR PB 146 -67.44 66.56 45.45
N TRP PB 147 -68.43 66.07 46.18
CA TRP PB 147 -68.25 64.90 47.00
C TRP PB 147 -68.22 63.61 46.18
N ARG PB 148 -68.74 63.67 44.95
CA ARG PB 148 -69.01 62.47 44.17
C ARG PB 148 -67.75 61.76 43.70
N GLN PB 149 -66.64 62.47 43.60
CA GLN PB 149 -65.37 61.82 43.29
C GLN PB 149 -64.71 61.23 44.52
N TYR PB 150 -65.32 61.37 45.69
CA TYR PB 150 -64.75 60.87 46.92
C TYR PB 150 -65.60 59.79 47.55
N LEU PB 151 -66.91 60.01 47.65
CA LEU PB 151 -67.76 59.16 48.47
C LEU PB 151 -68.57 58.15 47.67
N TRP PB 152 -68.60 58.26 46.36
CA TRP PB 152 -69.40 57.32 45.58
C TRP PB 152 -68.71 55.97 45.50
N MET PB 153 -69.50 54.91 45.66
CA MET PB 153 -69.02 53.55 45.52
C MET PB 153 -69.53 52.98 44.21
N ASP PB 154 -68.66 52.31 43.48
CA ASP PB 154 -69.06 51.75 42.20
C ASP PB 154 -69.96 50.54 42.40
N TYR PB 155 -70.75 50.24 41.37
CA TYR PB 155 -71.65 49.10 41.42
C TYR PB 155 -71.71 48.44 40.05
N VAL PB 156 -71.41 47.15 40.00
CA VAL PB 156 -71.75 46.31 38.87
C VAL PB 156 -72.40 45.06 39.45
N LYS PB 157 -73.57 44.73 38.94
CA LYS PB 157 -74.35 43.64 39.49
C LYS PB 157 -73.76 42.30 39.09
N PRO PB 158 -73.51 41.39 40.04
CA PRO PB 158 -73.29 39.98 39.67
C PRO PB 158 -74.62 39.24 39.68
N GLU PB 159 -74.77 38.33 38.73
CA GLU PB 159 -76.06 37.68 38.50
C GLU PB 159 -76.02 36.17 38.53
N ALA PB 160 -74.90 35.54 38.23
CA ALA PB 160 -74.81 34.09 38.13
C ALA PB 160 -73.76 33.59 39.12
N PRO PB 161 -74.16 33.22 40.33
CA PRO PB 161 -73.21 32.62 41.27
C PRO PB 161 -72.82 31.22 40.82
N ASN PB 162 -71.57 31.06 40.43
CA ASN PB 162 -71.12 29.78 39.89
C ASN PB 162 -71.01 28.74 41.00
N VAL PB 163 -71.60 27.57 40.77
CA VAL PB 163 -71.61 26.49 41.73
C VAL PB 163 -70.72 25.38 41.18
N THR PB 164 -69.63 25.11 41.89
CA THR PB 164 -68.74 24.03 41.49
C THR PB 164 -69.23 22.70 42.04
N LEU PB 165 -69.39 22.60 43.36
CA LEU PB 165 -69.85 21.40 44.02
C LEU PB 165 -71.11 21.69 44.80
N LEU PB 166 -71.90 20.64 45.05
CA LEU PB 166 -73.19 20.79 45.66
C LEU PB 166 -73.24 20.11 47.02
N PRO PB 167 -73.85 20.74 48.02
CA PRO PB 167 -74.15 20.02 49.26
C PRO PB 167 -75.27 19.02 49.04
N LYS PB 168 -75.11 17.84 49.66
CA LYS PB 168 -76.07 16.75 49.52
C LYS PB 168 -76.96 16.60 50.75
N THR PB 169 -76.39 16.62 51.94
CA THR PB 169 -77.18 16.46 53.14
C THR PB 169 -77.70 17.81 53.63
N LYS PB 170 -78.72 17.73 54.48
CA LYS PB 170 -79.33 18.93 55.05
C LYS PB 170 -78.38 19.68 55.97
N ALA PB 171 -77.49 18.94 56.66
CA ALA PB 171 -76.53 19.59 57.55
C ALA PB 171 -75.52 20.42 56.76
N GLU PB 172 -74.96 19.86 55.69
CA GLU PB 172 -74.02 20.63 54.88
C GLU PB 172 -74.74 21.73 54.12
N LYS PB 173 -76.01 21.52 53.77
CA LYS PB 173 -76.81 22.60 53.17
C LYS PB 173 -77.00 23.76 54.15
N GLU PB 174 -77.28 23.45 55.41
CA GLU PB 174 -77.54 24.53 56.37
C GLU PB 174 -76.24 25.22 56.78
N ILE PB 175 -75.13 24.49 56.84
CA ILE PB 175 -73.88 25.19 57.13
C ILE PB 175 -73.43 25.98 55.91
N TRP PB 176 -73.81 25.55 54.70
CA TRP PB 176 -73.62 26.37 53.51
C TRP PB 176 -74.41 27.67 53.62
N CYS PB 177 -75.64 27.58 54.14
CA CYS PB 177 -76.45 28.78 54.38
C CYS PB 177 -75.80 29.72 55.40
N ILE PB 178 -75.30 29.15 56.50
CA ILE PB 178 -74.78 30.05 57.54
C ILE PB 178 -73.41 30.60 57.16
N TYR PB 179 -72.63 29.89 56.34
CA TYR PB 179 -71.36 30.48 55.90
C TYR PB 179 -71.61 31.52 54.81
N THR PB 180 -72.68 31.35 54.04
CA THR PB 180 -73.15 32.42 53.17
C THR PB 180 -73.55 33.65 53.99
N GLU PB 181 -74.20 33.43 55.13
CA GLU PB 181 -74.58 34.53 56.02
C GLU PB 181 -73.36 35.23 56.59
N ARG PB 182 -72.35 34.46 56.98
CA ARG PB 182 -71.11 35.05 57.51
C ARG PB 182 -70.39 35.86 56.45
N GLY PB 183 -70.34 35.35 55.21
CA GLY PB 183 -69.78 36.13 54.12
C GLY PB 183 -70.58 37.39 53.82
N TRP PB 184 -71.90 37.31 53.98
CA TRP PB 184 -72.77 38.48 53.82
C TRP PB 184 -72.41 39.56 54.83
N LYS PB 185 -72.19 39.15 56.09
CA LYS PB 185 -71.73 40.07 57.13
C LYS PB 185 -70.37 40.67 56.79
N ASN PB 186 -69.45 39.83 56.30
CA ASN PB 186 -68.10 40.29 55.99
C ASN PB 186 -68.11 41.30 54.84
N GLY PB 187 -68.92 41.06 53.82
CA GLY PB 187 -69.02 42.00 52.72
C GLY PB 187 -69.64 43.32 53.15
N ILE PB 188 -70.64 43.26 54.03
CA ILE PB 188 -71.25 44.46 54.57
C ILE PB 188 -70.23 45.30 55.33
N ASP PB 189 -69.46 44.65 56.20
CA ASP PB 189 -68.47 45.38 56.99
C ASP PB 189 -67.32 45.90 56.13
N GLN PB 190 -66.95 45.15 55.09
CA GLN PB 190 -65.90 45.59 54.18
C GLN PB 190 -66.32 46.85 53.42
N ALA PB 191 -67.56 46.86 52.93
CA ALA PB 191 -68.06 48.06 52.26
C ALA PB 191 -68.16 49.25 53.22
N ASN PB 192 -68.54 48.98 54.47
CA ASN PB 192 -68.58 50.04 55.48
C ASN PB 192 -67.21 50.64 55.74
N THR PB 193 -66.19 49.79 55.82
CA THR PB 193 -64.83 50.27 56.04
C THR PB 193 -64.33 51.08 54.85
N ILE PB 194 -64.69 50.66 53.63
CA ILE PB 194 -64.30 51.39 52.44
C ILE PB 194 -64.93 52.78 52.44
N LEU PB 195 -66.22 52.86 52.78
CA LEU PB 195 -66.91 54.14 52.87
C LEU PB 195 -66.28 55.03 53.93
N GLU PB 196 -65.92 54.44 55.08
CA GLU PB 196 -65.32 55.20 56.16
C GLU PB 196 -63.96 55.75 55.75
N GLU PB 197 -63.19 54.97 54.99
CA GLU PB 197 -61.92 55.46 54.47
C GLU PB 197 -62.11 56.62 53.52
N ASN PB 198 -63.14 56.54 52.66
CA ASN PB 198 -63.45 57.64 51.75
C ASN PB 198 -63.84 58.90 52.51
N ILE PB 199 -64.64 58.73 53.57
CA ILE PB 199 -65.06 59.83 54.44
C ILE PB 199 -63.85 60.48 55.07
N ALA PB 200 -62.92 59.67 55.57
CA ALA PB 200 -61.70 60.20 56.18
C ALA PB 200 -60.86 60.98 55.18
N ARG PB 201 -60.79 60.48 53.95
CA ARG PB 201 -60.01 61.16 52.90
C ARG PB 201 -60.58 62.53 52.58
N ILE PB 202 -61.89 62.60 52.32
CA ILE PB 202 -62.47 63.89 51.92
C ILE PB 202 -62.50 64.86 53.11
N LYS PB 203 -62.69 64.35 54.32
CA LYS PB 203 -62.67 65.18 55.52
C LYS PB 203 -61.28 65.75 55.74
N GLU PB 204 -60.24 64.95 55.51
CA GLU PB 204 -58.87 65.44 55.62
C GLU PB 204 -58.58 66.51 54.59
N ASP PB 205 -59.06 66.32 53.35
CA ASP PB 205 -58.84 67.32 52.31
C ASP PB 205 -59.51 68.65 52.65
N PHE PB 206 -60.77 68.59 53.08
CA PHE PB 206 -61.50 69.81 53.42
C PHE PB 206 -60.91 70.50 54.64
N GLY PB 207 -60.47 69.71 55.62
CA GLY PB 207 -59.83 70.27 56.79
C GLY PB 207 -58.50 70.94 56.47
N GLY PB 208 -57.74 70.36 55.54
CA GLY PB 208 -56.51 70.99 55.10
C GLY PB 208 -56.73 72.31 54.39
N MET PB 209 -57.77 72.36 53.55
CA MET PB 209 -58.09 73.62 52.87
C MET PB 209 -58.53 74.69 53.85
N ILE PB 210 -59.39 74.33 54.81
CA ILE PB 210 -59.88 75.36 55.72
C ILE PB 210 -58.79 75.75 56.71
N LEU PB 211 -57.84 74.85 56.99
CA LEU PB 211 -56.71 75.21 57.82
C LEU PB 211 -55.77 76.16 57.09
N TYR PB 212 -55.64 75.98 55.77
CA TYR PB 212 -54.89 76.95 54.97
C TYR PB 212 -55.55 78.33 55.00
N ARG PB 213 -56.88 78.35 54.89
CA ARG PB 213 -57.60 79.62 54.97
C ARG PB 213 -57.41 80.30 56.32
N LYS PB 214 -57.48 79.50 57.40
CA LYS PB 214 -57.27 80.01 58.75
C LYS PB 214 -55.85 80.55 58.92
N LEU PB 215 -54.86 79.85 58.39
CA LEU PB 215 -53.48 80.29 58.55
C LEU PB 215 -53.19 81.54 57.72
N LEU PB 216 -53.81 81.64 56.54
CA LEU PB 216 -53.68 82.84 55.74
C LEU PB 216 -54.34 84.03 56.41
N ALA PB 217 -55.45 83.79 57.12
CA ALA PB 217 -56.01 84.83 57.97
C ALA PB 217 -55.07 85.17 59.12
N MET PB 218 -54.38 84.18 59.66
CA MET PB 218 -53.52 84.37 60.81
C MET PB 218 -52.15 84.94 60.45
N ASN PB 219 -51.88 85.11 59.15
CA ASN PB 219 -50.63 85.66 58.62
C ASN PB 219 -49.44 84.80 59.03
N MET PB 220 -49.50 83.54 58.62
CA MET PB 220 -48.41 82.59 58.80
C MET PB 220 -47.89 82.08 57.47
N VAL PB 221 -48.61 82.34 56.38
CA VAL PB 221 -48.21 81.92 55.04
C VAL PB 221 -48.32 83.12 54.11
N SER PB 222 -47.89 82.91 52.89
CA SER PB 222 -47.92 83.91 51.84
C SER PB 222 -49.04 83.61 50.86
N PRO PB 223 -49.78 84.64 50.42
CA PRO PB 223 -50.70 84.44 49.31
C PRO PB 223 -49.92 84.20 48.03
N PRO PB 224 -50.47 83.44 47.08
CA PRO PB 224 -49.77 83.18 45.83
C PRO PB 224 -49.63 84.43 44.97
N TYR PB 225 -48.57 84.46 44.19
CA TYR PB 225 -48.25 85.61 43.34
C TYR PB 225 -48.34 85.19 41.88
N VAL PB 226 -49.10 85.95 41.09
CA VAL PB 226 -49.44 85.58 39.73
C VAL PB 226 -49.50 86.83 38.87
N SER PB 227 -48.85 86.78 37.71
CA SER PB 227 -48.88 87.88 36.77
C SER PB 227 -49.76 87.55 35.57
N HIS PB 228 -50.17 88.61 34.87
CA HIS PB 228 -50.88 88.50 33.60
C HIS PB 228 -50.16 89.34 32.56
N THR PB 229 -49.84 88.74 31.43
CA THR PB 229 -49.22 89.43 30.31
C THR PB 229 -50.20 89.42 29.14
N ASP PB 230 -50.53 90.60 28.64
CA ASP PB 230 -51.56 90.74 27.63
C ASP PB 230 -50.94 91.19 26.31
N LEU PB 231 -51.58 90.79 25.22
CA LEU PB 231 -51.14 91.09 23.88
C LEU PB 231 -52.36 91.48 23.04
N GLY PB 232 -52.13 92.34 22.06
CA GLY PB 232 -53.18 92.78 21.17
C GLY PB 232 -53.50 91.77 20.11
N VAL PB 233 -53.66 92.22 18.86
CA VAL PB 233 -53.93 91.32 17.77
C VAL PB 233 -52.66 90.53 17.44
N THR PB 234 -52.80 89.21 17.37
CA THR PB 234 -51.67 88.32 17.17
C THR PB 234 -51.99 87.31 16.08
N GLY PB 235 -50.96 86.86 15.39
CA GLY PB 235 -51.09 85.88 14.34
C GLY PB 235 -50.89 86.49 12.96
N ASP PB 236 -51.14 85.67 11.96
CA ASP PB 236 -50.93 86.03 10.57
C ASP PB 236 -52.21 86.64 10.00
N GLY PB 237 -52.26 86.77 8.67
CA GLY PB 237 -53.44 87.22 7.98
C GLY PB 237 -54.51 86.18 7.81
N SER PB 238 -54.31 84.97 8.33
CA SER PB 238 -55.33 83.92 8.32
C SER PB 238 -55.84 83.55 9.69
N GLU PB 239 -54.99 83.62 10.71
CA GLU PB 239 -55.36 83.27 12.07
C GLU PB 239 -55.12 84.47 12.96
N ILE PB 240 -56.16 84.92 13.67
CA ILE PB 240 -56.00 86.08 14.54
C ILE PB 240 -56.76 85.90 15.84
N HIS PB 241 -56.21 86.47 16.90
CA HIS PB 241 -56.83 86.55 18.20
C HIS PB 241 -56.85 88.02 18.62
N ILE PB 242 -57.98 88.47 19.15
CA ILE PB 242 -58.18 89.90 19.37
C ILE PB 242 -57.40 90.38 20.59
N ASP PB 243 -57.73 89.85 21.76
CA ASP PB 243 -56.99 90.12 22.98
C ASP PB 243 -56.49 88.78 23.49
N ASP PB 244 -55.18 88.63 23.56
CA ASP PB 244 -54.58 87.37 23.99
C ASP PB 244 -53.82 87.62 25.28
N ARG PB 245 -54.39 87.21 26.41
CA ARG PB 245 -53.76 87.40 27.70
C ARG PB 245 -53.34 86.03 28.23
N VAL PB 246 -52.22 86.01 28.95
CA VAL PB 246 -51.70 84.78 29.55
C VAL PB 246 -51.52 85.03 31.04
N LEU PB 247 -52.15 84.17 31.83
CA LEU PB 247 -52.00 84.21 33.28
C LEU PB 247 -50.99 83.16 33.69
N ARG PB 248 -49.96 83.60 34.41
CA ARG PB 248 -48.88 82.73 34.85
C ARG PB 248 -48.61 82.98 36.31
N ILE PB 249 -48.66 81.93 37.12
CA ILE PB 249 -48.44 82.05 38.55
C ILE PB 249 -46.98 81.79 38.85
N THR PB 250 -46.29 82.78 39.42
CA THR PB 250 -44.86 82.67 39.63
C THR PB 250 -44.51 82.07 40.98
N ALA PB 251 -45.31 82.33 42.01
CA ALA PB 251 -44.96 81.96 43.38
C ALA PB 251 -46.06 81.11 43.99
N LEU PB 252 -45.67 79.94 44.48
CA LEU PB 252 -46.58 79.11 45.26
C LEU PB 252 -46.72 79.67 46.67
N PRO PB 253 -47.86 79.42 47.31
CA PRO PB 253 -47.98 79.78 48.74
C PRO PB 253 -47.05 78.93 49.59
N GLU PB 254 -46.51 79.55 50.64
CA GLU PB 254 -45.62 78.85 51.55
C GLU PB 254 -45.64 79.55 52.90
N LEU PB 255 -45.21 78.83 53.93
CA LEU PB 255 -45.16 79.37 55.27
C LEU PB 255 -44.01 80.37 55.40
N ASN PB 256 -44.14 81.29 56.35
CA ASN PB 256 -43.05 82.19 56.66
C ASN PB 256 -42.23 81.61 57.81
N VAL PB 257 -40.99 82.09 57.92
CA VAL PB 257 -40.12 81.71 59.02
C VAL PB 257 -39.83 82.86 59.95
N ASN PB 258 -40.22 84.08 59.61
CA ASN PB 258 -40.04 85.23 60.48
C ASN PB 258 -41.25 85.33 61.40
N SER PB 259 -41.07 84.93 62.66
CA SER PB 259 -42.20 84.82 63.58
C SER PB 259 -42.72 86.16 64.06
N ALA PB 260 -41.94 87.24 63.91
CA ALA PB 260 -42.37 88.53 64.40
C ALA PB 260 -43.48 89.13 63.54
N GLU PB 261 -43.70 88.61 62.34
CA GLU PB 261 -44.75 89.09 61.46
C GLU PB 261 -46.03 88.29 61.61
N TRP PB 262 -46.31 87.79 62.80
CA TRP PB 262 -47.49 86.99 63.08
C TRP PB 262 -48.42 87.78 63.97
N ARG PB 263 -49.66 87.96 63.53
CA ARG PB 263 -50.65 88.68 64.31
C ARG PB 263 -51.47 87.70 65.14
N ALA PB 264 -51.50 87.93 66.45
CA ALA PB 264 -52.21 87.04 67.35
C ALA PB 264 -53.71 87.31 67.29
N ALA PB 265 -54.48 86.44 67.95
CA ALA PB 265 -55.92 86.54 67.98
C ALA PB 265 -56.40 86.67 69.41
N VAL PB 266 -57.69 86.95 69.56
CA VAL PB 266 -58.34 87.10 70.86
C VAL PB 266 -59.81 86.74 70.67
N ALA PB 267 -60.55 86.59 71.76
CA ALA PB 267 -61.98 86.33 71.67
C ALA PB 267 -62.67 86.95 72.87
N LYS PB 268 -64.00 86.99 72.81
CA LYS PB 268 -64.81 87.50 73.90
C LYS PB 268 -65.93 86.54 74.26
N ILE QB 208 77.68 -76.48 -103.54
CA ILE QB 208 77.54 -77.76 -104.22
C ILE QB 208 77.63 -78.90 -103.21
N ILE QB 209 76.60 -79.74 -103.18
CA ILE QB 209 76.54 -80.88 -102.28
C ILE QB 209 76.01 -82.09 -103.05
N TYR QB 210 76.13 -83.25 -102.42
CA TYR QB 210 75.77 -84.52 -103.03
C TYR QB 210 74.87 -85.31 -102.09
N TYR QB 211 74.13 -86.24 -102.69
CA TYR QB 211 73.23 -87.11 -101.94
C TYR QB 211 73.27 -88.50 -102.54
N ILE QB 212 72.88 -89.50 -101.77
CA ILE QB 212 73.01 -90.89 -102.17
C ILE QB 212 71.71 -91.37 -102.80
N GLN QB 213 71.85 -92.29 -103.76
CA GLN QB 213 70.71 -92.93 -104.41
C GLN QB 213 70.51 -94.35 -103.91
N ALA QB 214 71.51 -95.20 -104.04
CA ALA QB 214 71.43 -96.58 -103.60
C ALA QB 214 72.74 -96.98 -102.95
N VAL QB 215 72.68 -97.99 -102.09
CA VAL QB 215 73.82 -98.39 -101.28
C VAL QB 215 74.08 -99.87 -101.52
N ILE QB 216 75.33 -100.18 -101.89
CA ILE QB 216 75.81 -101.56 -101.89
C ILE QB 216 77.12 -101.51 -101.11
N PRO QB 217 77.56 -102.60 -100.49
CA PRO QB 217 78.87 -102.58 -99.83
C PRO QB 217 79.99 -102.44 -100.86
N GLY QB 218 80.74 -101.35 -100.74
CA GLY QB 218 81.88 -101.10 -101.60
C GLY QB 218 81.61 -100.26 -102.83
N ARG QB 219 80.37 -99.83 -103.05
CA ARG QB 219 80.04 -99.02 -104.22
C ARG QB 219 78.77 -98.25 -103.92
N ALA QB 220 78.75 -96.97 -104.30
CA ALA QB 220 77.61 -96.12 -103.99
C ALA QB 220 77.33 -95.19 -105.16
N TRP QB 221 76.14 -94.60 -105.13
CA TRP QB 221 75.66 -93.69 -106.17
C TRP QB 221 75.36 -92.34 -105.55
N LEU QB 222 75.93 -91.30 -106.13
CA LEU QB 222 75.83 -89.93 -105.65
C LEU QB 222 75.23 -89.06 -106.74
N ILE QB 223 74.45 -88.06 -106.32
CA ILE QB 223 73.90 -87.05 -107.21
C ILE QB 223 74.30 -85.68 -106.66
N GLY QB 224 74.81 -84.82 -107.53
CA GLY QB 224 75.30 -83.52 -107.13
C GLY QB 224 74.23 -82.45 -107.17
N SER QB 225 74.62 -81.25 -106.72
CA SER QB 225 73.76 -80.08 -106.82
C SER QB 225 73.59 -79.65 -108.27
N ASN QB 226 74.58 -79.94 -109.10
CA ASN QB 226 74.52 -79.63 -110.53
C ASN QB 226 73.77 -80.67 -111.34
N GLY QB 227 73.25 -81.72 -110.68
CA GLY QB 227 72.56 -82.77 -111.42
C GLY QB 227 73.48 -83.78 -112.05
N SER QB 228 74.67 -83.98 -111.49
CA SER QB 228 75.65 -84.93 -112.02
C SER QB 228 75.62 -86.21 -111.21
N THR QB 229 75.59 -87.34 -111.90
CA THR QB 229 75.64 -88.63 -111.23
C THR QB 229 77.09 -89.07 -111.01
N LEU QB 230 77.27 -89.97 -110.06
CA LEU QB 230 78.60 -90.47 -109.73
C LEU QB 230 78.49 -91.85 -109.12
N THR QB 231 79.26 -92.79 -109.64
CA THR QB 231 79.36 -94.12 -109.05
C THR QB 231 80.75 -94.27 -108.47
N VAL QB 232 80.83 -94.63 -107.19
CA VAL QB 232 82.09 -94.59 -106.45
C VAL QB 232 82.35 -95.94 -105.79
N ARG QB 233 83.61 -96.37 -105.88
CA ARG QB 233 84.11 -97.47 -105.06
C ARG QB 233 84.52 -96.92 -103.69
N GLU QB 234 84.93 -97.84 -102.80
CA GLU QB 234 85.51 -97.42 -101.53
C GLU QB 234 86.80 -96.64 -101.74
N GLY QB 235 87.65 -97.11 -102.64
CA GLY QB 235 88.78 -96.32 -103.04
C GLY QB 235 88.43 -95.45 -104.23
N SER QB 236 88.02 -94.21 -103.96
CA SER QB 236 87.62 -93.30 -105.00
C SER QB 236 87.71 -91.87 -104.47
N LYS QB 237 88.10 -90.96 -105.35
CA LYS QB 237 88.28 -89.55 -104.99
C LYS QB 237 86.97 -88.81 -105.23
N ILE QB 238 86.40 -88.27 -104.16
CA ILE QB 238 85.21 -87.42 -104.28
C ILE QB 238 85.69 -86.00 -104.56
N PRO QB 239 85.17 -85.36 -105.61
CA PRO QB 239 85.52 -83.95 -105.86
C PRO QB 239 85.01 -83.03 -104.75
N GLY QB 240 85.86 -82.10 -104.35
CA GLY QB 240 85.52 -81.09 -103.39
C GLY QB 240 85.67 -81.48 -101.94
N TYR QB 241 85.84 -82.77 -101.63
CA TYR QB 241 85.92 -83.20 -100.25
C TYR QB 241 87.13 -84.09 -99.99
N GLY QB 242 87.54 -84.89 -100.98
CA GLY QB 242 88.72 -85.72 -100.82
C GLY QB 242 88.56 -87.16 -101.23
N MET QB 243 88.70 -88.09 -100.28
CA MET QB 243 88.65 -89.52 -100.55
C MET QB 243 87.76 -90.19 -99.52
N VAL QB 244 86.86 -91.06 -99.98
CA VAL QB 244 85.90 -91.71 -99.10
C VAL QB 244 86.61 -92.80 -98.30
N LYS QB 245 86.47 -92.74 -96.98
CA LYS QB 245 87.17 -93.67 -96.09
C LYS QB 245 86.39 -94.94 -95.79
N LEU QB 246 85.09 -94.85 -95.59
CA LEU QB 246 84.31 -96.02 -95.21
C LEU QB 246 82.88 -95.88 -95.70
N ILE QB 247 82.26 -97.01 -96.01
CA ILE QB 247 80.89 -97.07 -96.51
C ILE QB 247 80.06 -97.87 -95.53
N ASP QB 248 78.98 -97.26 -95.03
CA ASP QB 248 77.99 -98.00 -94.26
C ASP QB 248 77.02 -98.67 -95.21
N SER QB 249 76.86 -99.97 -95.09
CA SER QB 249 75.87 -100.68 -95.88
C SER QB 249 74.49 -100.61 -95.24
N LEU QB 250 74.42 -100.77 -93.92
CA LEU QB 250 73.13 -100.81 -93.24
C LEU QB 250 72.53 -99.42 -93.14
N GLN QB 251 73.35 -98.39 -93.01
CA GLN QB 251 72.87 -97.02 -92.85
C GLN QB 251 73.35 -96.18 -94.03
N GLY QB 252 72.64 -95.07 -94.25
CA GLY QB 252 72.96 -94.20 -95.35
C GLY QB 252 73.99 -93.14 -95.00
N ARG QB 253 75.08 -93.55 -94.38
CA ARG QB 253 76.14 -92.64 -93.97
C ARG QB 253 77.43 -93.05 -94.69
N ILE QB 254 78.11 -92.07 -95.29
CA ILE QB 254 79.40 -92.31 -95.92
C ILE QB 254 80.36 -91.23 -95.47
N LEU QB 255 81.52 -91.64 -94.99
CA LEU QB 255 82.53 -90.72 -94.47
C LEU QB 255 83.66 -90.59 -95.46
N THR QB 256 84.04 -89.35 -95.76
CA THR QB 256 85.17 -89.07 -96.62
C THR QB 256 86.35 -88.59 -95.77
N SER QB 257 87.43 -88.24 -96.46
CA SER QB 257 88.63 -87.76 -95.77
C SER QB 257 88.43 -86.41 -95.10
N SER QB 258 87.42 -85.64 -95.53
CA SER QB 258 87.04 -84.45 -94.78
C SER QB 258 86.11 -84.78 -93.61
N GLY QB 259 85.75 -86.06 -93.44
CA GLY QB 259 85.06 -86.50 -92.24
C GLY QB 259 83.60 -86.16 -92.17
N GLN QB 260 82.95 -85.87 -93.29
CA GLN QB 260 81.54 -85.52 -93.30
C GLN QB 260 80.71 -86.70 -93.82
N VAL QB 261 79.42 -86.64 -93.52
CA VAL QB 261 78.49 -87.74 -93.78
C VAL QB 261 77.46 -87.27 -94.80
N ILE QB 262 77.28 -88.05 -95.86
CA ILE QB 262 76.30 -87.77 -96.90
C ILE QB 262 75.16 -88.75 -96.75
N LYS QB 263 73.96 -88.22 -96.58
CA LYS QB 263 72.74 -89.03 -96.46
C LYS QB 263 71.80 -88.70 -97.61
N PHE QB 264 70.59 -89.22 -97.53
CA PHE QB 264 69.55 -88.88 -98.49
C PHE QB 264 69.05 -87.47 -98.22
N SER QB 265 68.65 -86.78 -99.29
CA SER QB 265 68.11 -85.44 -99.14
C SER QB 265 66.66 -85.50 -98.67
N GLN QB 266 66.18 -84.38 -98.14
CA GLN QB 266 64.81 -84.29 -97.66
C GLN QB 266 64.09 -83.07 -98.24
N MET RB 23 40.89 -121.57 -52.41
CA MET RB 23 40.49 -120.68 -53.50
C MET RB 23 40.54 -119.22 -53.05
N LYS RB 24 40.44 -118.99 -51.75
CA LYS RB 24 40.53 -117.66 -51.19
C LYS RB 24 41.99 -117.25 -51.02
N PHE RB 25 42.20 -115.95 -50.79
CA PHE RB 25 43.54 -115.40 -50.68
C PHE RB 25 43.66 -114.55 -49.42
N LYS RB 26 44.87 -114.49 -48.88
CA LYS RB 26 45.16 -113.69 -47.71
C LYS RB 26 46.60 -113.20 -47.78
N LYS RB 27 46.86 -112.18 -47.04
CA LYS RB 27 48.22 -111.72 -46.85
C LYS RB 27 48.75 -112.20 -45.51
N PRO RB 28 50.06 -112.48 -45.41
CA PRO RB 28 50.60 -113.16 -44.22
C PRO RB 28 50.57 -112.33 -42.94
N PRO RB 29 51.00 -111.00 -42.91
CA PRO RB 29 51.01 -110.34 -41.60
C PRO RB 29 49.64 -109.99 -41.07
N ILE RB 30 49.21 -110.69 -40.03
CA ILE RB 30 47.92 -110.50 -39.40
C ILE RB 30 48.15 -110.12 -37.94
N ASN RB 31 47.48 -109.07 -37.49
CA ASN RB 31 47.77 -108.52 -36.17
C ASN RB 31 46.47 -108.12 -35.47
N ASN RB 32 46.57 -107.95 -34.16
CA ASN RB 32 45.50 -107.33 -33.39
C ASN RB 32 45.33 -105.86 -33.83
N PRO RB 33 44.12 -105.32 -33.74
CA PRO RB 33 43.88 -103.95 -34.23
C PRO RB 33 44.62 -102.91 -33.43
N SER RB 34 44.95 -101.81 -34.12
CA SER RB 34 45.87 -100.81 -33.62
C SER RB 34 45.14 -99.52 -33.26
N ASP RB 35 45.93 -98.49 -32.92
CA ASP RB 35 45.41 -97.21 -32.48
C ASP RB 35 46.14 -96.06 -33.18
N ASP RB 36 45.34 -95.07 -33.60
CA ASP RB 36 45.86 -93.93 -34.36
C ASP RB 36 46.83 -93.09 -33.56
N ALA RB 37 46.67 -93.04 -32.23
CA ALA RB 37 47.61 -92.29 -31.41
C ALA RB 37 48.98 -92.93 -31.41
N THR RB 38 49.03 -94.27 -31.30
CA THR RB 38 50.30 -94.98 -31.45
C THR RB 38 50.86 -94.85 -32.85
N ILE RB 39 49.98 -94.75 -33.85
CA ILE RB 39 50.42 -94.50 -35.22
C ILE RB 39 51.14 -93.15 -35.32
N LYS RB 40 50.54 -92.12 -34.70
CA LYS RB 40 51.14 -90.79 -34.68
C LYS RB 40 52.45 -90.78 -33.91
N LEU RB 41 52.51 -91.54 -32.82
CA LEU RB 41 53.73 -91.65 -32.03
C LEU RB 41 54.84 -92.30 -32.83
N ALA RB 42 54.52 -93.35 -33.60
CA ALA RB 42 55.50 -93.99 -34.47
C ALA RB 42 55.96 -93.05 -35.57
N GLU RB 43 55.03 -92.26 -36.13
CA GLU RB 43 55.37 -91.33 -37.19
C GLU RB 43 56.27 -90.21 -36.68
N ALA RB 44 56.09 -89.79 -35.43
CA ALA RB 44 57.04 -88.85 -34.85
C ALA RB 44 58.37 -89.52 -34.56
N ALA RB 45 58.32 -90.79 -34.14
CA ALA RB 45 59.50 -91.49 -33.67
C ALA RB 45 60.47 -91.77 -34.80
N VAL RB 46 59.95 -92.08 -36.00
CA VAL RB 46 60.85 -92.37 -37.11
C VAL RB 46 61.61 -91.12 -37.53
N SER RB 47 60.95 -89.97 -37.48
CA SER RB 47 61.61 -88.71 -37.83
C SER RB 47 62.66 -88.33 -36.82
N VAL RB 48 62.34 -88.46 -35.52
CA VAL RB 48 63.33 -88.09 -34.52
C VAL RB 48 64.48 -89.09 -34.50
N SER RB 49 64.21 -90.35 -34.87
CA SER RB 49 65.28 -91.33 -35.00
C SER RB 49 66.20 -91.01 -36.16
N ASP RB 50 65.62 -90.55 -37.28
CA ASP RB 50 66.44 -90.14 -38.41
C ASP RB 50 67.32 -88.95 -38.06
N SER RB 51 66.75 -87.98 -37.35
CA SER RB 51 67.52 -86.81 -36.93
C SER RB 51 68.64 -87.20 -35.98
N MET RB 52 68.36 -88.12 -35.06
CA MET RB 52 69.37 -88.59 -34.11
C MET RB 52 70.49 -89.36 -34.81
N LEU RB 53 70.12 -90.19 -35.80
CA LEU RB 53 71.13 -90.91 -36.57
C LEU RB 53 71.99 -89.96 -37.38
N GLU RB 54 71.37 -88.92 -37.94
CA GLU RB 54 72.10 -87.92 -38.71
C GLU RB 54 73.12 -87.17 -37.85
N MET RB 55 72.68 -86.72 -36.66
CA MET RB 55 73.61 -85.98 -35.83
C MET RB 55 74.68 -86.89 -35.24
N ALA RB 56 74.34 -88.16 -35.00
CA ALA RB 56 75.34 -89.11 -34.53
C ALA RB 56 76.41 -89.36 -35.58
N LYS RB 57 76.00 -89.51 -36.84
CA LYS RB 57 76.98 -89.71 -37.91
C LYS RB 57 77.86 -88.49 -38.10
N VAL RB 58 77.26 -87.29 -38.06
CA VAL RB 58 78.06 -86.10 -38.29
C VAL RB 58 78.95 -85.82 -37.08
N GLU RB 59 78.56 -86.25 -35.88
CA GLU RB 59 79.40 -86.10 -34.71
C GLU RB 59 80.58 -87.05 -34.77
N LYS RB 60 80.33 -88.30 -35.18
CA LYS RB 60 81.39 -89.29 -35.32
C LYS RB 60 82.41 -88.85 -36.36
N VAL RB 61 81.95 -88.26 -37.45
CA VAL RB 61 82.88 -87.72 -38.44
C VAL RB 61 83.63 -86.52 -37.88
N ILE RB 62 82.92 -85.60 -37.24
CA ILE RB 62 83.52 -84.31 -36.90
C ILE RB 62 84.47 -84.39 -35.71
N THR RB 63 84.38 -85.44 -34.88
CA THR RB 63 85.43 -85.61 -33.88
C THR RB 63 85.80 -87.08 -33.80
N PRO RB 64 87.09 -87.40 -33.83
CA PRO RB 64 87.51 -88.79 -33.72
C PRO RB 64 87.69 -89.18 -32.27
N PRO RB 65 87.04 -90.26 -31.83
CA PRO RB 65 87.38 -90.82 -30.51
C PRO RB 65 88.76 -91.44 -30.54
N SER RB 66 89.38 -91.51 -29.36
CA SER RB 66 90.73 -92.02 -29.25
C SER RB 66 90.95 -93.04 -28.13
N LYS RB 67 90.02 -93.18 -27.19
CA LYS RB 67 90.23 -94.06 -26.06
C LYS RB 67 88.94 -94.79 -25.71
N ASP RB 68 89.09 -95.89 -24.99
CA ASP RB 68 87.99 -96.68 -24.49
C ASP RB 68 88.19 -96.89 -22.99
N ASN RB 69 87.09 -97.02 -22.25
CA ASN RB 69 87.15 -97.18 -20.81
C ASN RB 69 87.45 -98.62 -20.38
N THR RB 70 87.73 -99.50 -21.34
CA THR RB 70 87.98 -100.90 -21.04
C THR RB 70 89.21 -101.08 -20.15
N LEU RB 71 90.29 -100.35 -20.46
CA LEU RB 71 91.46 -100.42 -19.59
C LEU RB 71 91.26 -99.68 -18.29
N THR RB 72 90.31 -98.75 -18.23
CA THR RB 72 90.02 -98.07 -16.98
C THR RB 72 89.28 -99.00 -16.02
N ILE RB 73 88.34 -99.78 -16.53
CA ILE RB 73 87.68 -100.77 -15.68
C ILE RB 73 87.76 -102.14 -16.34
N PRO RB 74 88.89 -102.83 -16.25
CA PRO RB 74 89.00 -104.16 -16.86
C PRO RB 74 88.23 -105.20 -16.07
N ASN RB 75 87.76 -106.21 -16.79
CA ASN RB 75 87.05 -107.30 -16.16
C ASN RB 75 88.02 -108.25 -15.48
N ALA RB 76 87.46 -109.09 -14.61
CA ALA RB 76 88.20 -110.13 -13.93
C ALA RB 76 87.24 -111.26 -13.65
N TYR RB 77 87.61 -112.15 -12.73
CA TYR RB 77 86.71 -113.22 -12.38
C TYR RB 77 85.57 -112.70 -11.52
N ASN RB 78 84.56 -113.57 -11.32
CA ASN RB 78 83.25 -113.32 -10.68
C ASN RB 78 82.59 -112.03 -11.17
N LEU RB 79 82.79 -111.70 -12.45
CA LEU RB 79 82.13 -110.60 -13.08
C LEU RB 79 81.23 -111.05 -14.23
N GLN RB 80 81.31 -112.30 -14.63
CA GLN RB 80 80.51 -112.83 -15.73
C GLN RB 80 79.14 -113.30 -15.27
N ALA RB 81 78.86 -113.27 -13.97
CA ALA RB 81 77.52 -113.53 -13.47
C ALA RB 81 76.57 -112.48 -14.02
N ARG RB 82 75.43 -112.94 -14.53
CA ARG RB 82 74.67 -112.05 -15.40
C ARG RB 82 73.56 -111.37 -14.63
N ALA RB 83 72.94 -110.39 -15.29
CA ALA RB 83 71.94 -109.55 -14.65
C ALA RB 83 71.04 -108.95 -15.72
N SER RB 84 69.76 -108.84 -15.39
CA SER RB 84 68.80 -108.11 -16.21
C SER RB 84 68.17 -107.05 -15.34
N VAL RB 85 68.25 -105.79 -15.78
CA VAL RB 85 67.98 -104.65 -14.91
C VAL RB 85 67.02 -103.68 -15.55
N ASP RB 86 66.29 -102.99 -14.68
CA ASP RB 86 65.44 -101.87 -15.08
C ASP RB 86 65.41 -100.91 -13.88
N TRP RB 87 66.22 -99.87 -13.96
CA TRP RB 87 66.40 -98.91 -12.87
C TRP RB 87 66.27 -97.50 -13.43
N SER RB 88 65.61 -96.64 -12.67
CA SER RB 88 65.44 -95.25 -13.08
C SER RB 88 65.53 -94.31 -11.89
N GLY RB 89 66.54 -94.50 -11.05
CA GLY RB 89 66.70 -93.66 -9.89
C GLY RB 89 68.08 -93.05 -9.78
N PRO RB 90 68.50 -92.74 -8.55
CA PRO RB 90 69.85 -92.21 -8.34
C PRO RB 90 70.91 -93.28 -8.53
N ILE RB 91 72.13 -92.80 -8.76
CA ILE RB 91 73.21 -93.67 -9.19
C ILE RB 91 73.74 -94.52 -8.04
N GLU RB 92 73.96 -93.92 -6.87
CA GLU RB 92 74.80 -94.51 -5.85
C GLU RB 92 74.15 -95.72 -5.18
N GLU RB 93 72.83 -95.70 -5.02
CA GLU RB 93 72.12 -96.87 -4.49
C GLU RB 93 72.26 -98.06 -5.41
N LEU RB 94 72.14 -97.82 -6.72
CA LEU RB 94 72.29 -98.88 -7.70
C LEU RB 94 73.72 -99.42 -7.72
N THR RB 95 74.71 -98.53 -7.62
CA THR RB 95 76.10 -98.98 -7.60
C THR RB 95 76.43 -99.74 -6.33
N ALA RB 96 75.83 -99.36 -5.20
CA ALA RB 96 76.03 -100.10 -3.97
C ALA RB 96 75.41 -101.49 -4.05
N ARG RB 97 74.24 -101.60 -4.68
CA ARG RB 97 73.64 -102.91 -4.94
C ARG RB 97 74.53 -103.77 -5.81
N ILE RB 98 75.14 -103.16 -6.84
CA ILE RB 98 76.04 -103.88 -7.73
C ILE RB 98 77.29 -104.34 -6.98
N ALA RB 99 77.84 -103.48 -6.13
CA ALA RB 99 79.03 -103.85 -5.36
C ALA RB 99 78.75 -104.96 -4.37
N LYS RB 100 77.58 -104.92 -3.72
CA LYS RB 100 77.17 -106.00 -2.82
C LYS RB 100 76.97 -107.31 -3.58
N ALA RB 101 76.45 -107.23 -4.80
CA ALA RB 101 76.37 -108.42 -5.64
C ALA RB 101 77.74 -108.91 -6.07
N ALA RB 102 78.69 -108.00 -6.23
CA ALA RB 102 80.01 -108.32 -6.75
C ALA RB 102 81.00 -108.69 -5.66
N HIS RB 103 80.60 -108.64 -4.39
CA HIS RB 103 81.43 -108.98 -3.23
C HIS RB 103 82.67 -108.11 -3.13
N PHE RB 104 82.57 -106.87 -3.60
CA PHE RB 104 83.70 -105.95 -3.61
C PHE RB 104 83.42 -104.81 -2.66
N ARG RB 105 84.50 -104.23 -2.13
CA ARG RB 105 84.34 -103.07 -1.27
C ARG RB 105 83.98 -101.85 -2.12
N PHE RB 106 83.24 -100.93 -1.51
CA PHE RB 106 82.74 -99.76 -2.20
C PHE RB 106 83.38 -98.50 -1.63
N ARG RB 107 83.70 -97.55 -2.50
CA ARG RB 107 84.37 -96.33 -2.08
C ARG RB 107 83.77 -95.14 -2.81
N VAL RB 108 83.61 -94.04 -2.08
CA VAL RB 108 83.01 -92.81 -2.59
C VAL RB 108 84.07 -91.72 -2.57
N LEU RB 109 84.21 -91.01 -3.67
CA LEU RB 109 85.18 -89.93 -3.81
C LEU RB 109 84.44 -88.65 -4.19
N GLY RB 110 84.66 -87.59 -3.43
CA GLY RB 110 84.04 -86.32 -3.69
C GLY RB 110 82.66 -86.20 -3.06
N LYS RB 111 82.23 -84.95 -2.92
CA LYS RB 111 80.91 -84.67 -2.37
C LYS RB 111 79.84 -84.97 -3.42
N SER RB 112 78.71 -85.46 -2.94
CA SER RB 112 77.54 -85.58 -3.81
C SER RB 112 77.01 -84.19 -4.13
N PRO RB 113 76.72 -83.89 -5.39
CA PRO RB 113 76.21 -82.56 -5.73
C PRO RB 113 74.78 -82.38 -5.26
N SER RB 114 74.38 -81.11 -5.19
CA SER RB 114 73.02 -80.77 -4.81
C SER RB 114 72.02 -81.27 -5.86
N VAL RB 115 72.36 -81.12 -7.13
CA VAL RB 115 71.50 -81.69 -8.17
C VAL RB 115 71.72 -83.20 -8.21
N PRO RB 116 70.66 -84.00 -8.10
CA PRO RB 116 70.83 -85.46 -8.12
C PRO RB 116 71.18 -85.96 -9.50
N VAL RB 117 71.88 -87.08 -9.54
CA VAL RB 117 72.27 -87.73 -10.78
C VAL RB 117 71.38 -88.95 -10.97
N LEU RB 118 70.58 -88.92 -12.02
CA LEU RB 118 69.57 -89.94 -12.26
C LEU RB 118 69.91 -90.70 -13.53
N ILE RB 119 69.91 -92.02 -13.43
CA ILE RB 119 70.35 -92.91 -14.50
C ILE RB 119 69.19 -93.82 -14.87
N SER RB 120 68.87 -93.88 -16.16
CA SER RB 120 67.81 -94.74 -16.67
C SER RB 120 68.45 -95.87 -17.46
N ILE RB 121 68.32 -97.10 -16.95
CA ILE RB 121 68.86 -98.28 -17.60
C ILE RB 121 67.76 -99.32 -17.69
N SER RB 122 67.52 -99.82 -18.90
CA SER RB 122 66.56 -100.90 -19.12
C SER RB 122 67.19 -101.88 -20.09
N THR RB 123 67.69 -102.99 -19.58
CA THR RB 123 68.33 -103.98 -20.45
C THR RB 123 68.21 -105.36 -19.83
N LYS RB 124 68.47 -106.38 -20.64
CA LYS RB 124 68.24 -107.75 -20.25
C LYS RB 124 69.44 -108.61 -20.55
N ASP RB 125 69.91 -109.34 -19.52
CA ASP RB 125 70.94 -110.39 -19.62
C ASP RB 125 72.27 -109.83 -20.14
N GLU RB 126 72.88 -108.99 -19.31
CA GLU RB 126 74.22 -108.50 -19.57
C GLU RB 126 75.15 -108.91 -18.43
N SER RB 127 76.43 -108.67 -18.63
CA SER RB 127 77.43 -108.91 -17.60
C SER RB 127 77.84 -107.60 -16.94
N LEU RB 128 78.39 -107.74 -15.74
CA LEU RB 128 78.53 -106.61 -14.83
C LEU RB 128 79.55 -105.60 -15.32
N ALA RB 129 80.60 -106.06 -16.00
CA ALA RB 129 81.66 -105.16 -16.43
C ALA RB 129 81.17 -104.18 -17.49
N GLU RB 130 80.53 -104.67 -18.53
CA GLU RB 130 80.00 -103.76 -19.53
C GLU RB 130 78.75 -103.04 -19.03
N ILE RB 131 78.06 -103.60 -18.03
CA ILE RB 131 76.98 -102.85 -17.37
C ILE RB 131 77.53 -101.60 -16.71
N LEU RB 132 78.66 -101.73 -16.00
CA LEU RB 132 79.27 -100.58 -15.37
C LEU RB 132 79.90 -99.64 -16.40
N ARG RB 133 80.38 -100.19 -17.52
CA ARG RB 133 80.87 -99.35 -18.61
C ARG RB 133 79.76 -98.47 -19.16
N ASP RB 134 78.58 -99.05 -19.40
CA ASP RB 134 77.43 -98.27 -19.85
C ASP RB 134 76.95 -97.31 -18.79
N ILE RB 135 77.09 -97.67 -17.52
CA ILE RB 135 76.74 -96.78 -16.42
C ILE RB 135 77.61 -95.53 -16.45
N ASP RB 136 78.92 -95.72 -16.61
CA ASP RB 136 79.83 -94.59 -16.67
C ASP RB 136 79.64 -93.77 -17.94
N TYR RB 137 79.26 -94.43 -19.04
CA TYR RB 137 79.00 -93.67 -20.27
C TYR RB 137 77.72 -92.86 -20.18
N GLN RB 138 76.70 -93.38 -19.49
CA GLN RB 138 75.51 -92.59 -19.24
C GLN RB 138 75.81 -91.45 -18.28
N ALA RB 139 76.70 -91.67 -17.30
CA ALA RB 139 77.09 -90.60 -16.39
C ALA RB 139 77.84 -89.50 -17.12
N GLY RB 140 78.72 -89.86 -18.04
CA GLY RB 140 79.43 -88.88 -18.85
C GLY RB 140 80.39 -88.04 -18.04
N LYS RB 141 80.19 -86.72 -18.08
CA LYS RB 141 81.04 -85.80 -17.34
C LYS RB 141 80.67 -85.69 -15.87
N LYS RB 142 79.59 -86.33 -15.44
CA LYS RB 142 79.16 -86.18 -14.06
C LYS RB 142 80.05 -86.96 -13.09
N ALA RB 143 80.41 -88.18 -13.44
CA ALA RB 143 81.11 -89.05 -12.49
C ALA RB 143 81.97 -90.05 -13.27
N SER RB 144 82.71 -90.86 -12.51
CA SER RB 144 83.58 -91.86 -13.12
C SER RB 144 83.70 -93.06 -12.18
N ILE RB 145 84.05 -94.20 -12.78
CA ILE RB 145 84.13 -95.49 -12.10
C ILE RB 145 85.53 -96.03 -12.26
N HIS RB 146 86.10 -96.54 -11.18
CA HIS RB 146 87.36 -97.27 -11.23
C HIS RB 146 87.20 -98.58 -10.49
N VAL RB 147 87.74 -99.65 -11.06
CA VAL RB 147 87.64 -100.98 -10.47
C VAL RB 147 89.04 -101.54 -10.32
N TYR RB 148 89.38 -101.92 -9.09
CA TYR RB 148 90.66 -102.60 -8.85
C TYR RB 148 90.34 -103.98 -8.31
N PRO RB 149 90.32 -105.00 -9.17
CA PRO RB 149 89.99 -106.35 -8.71
C PRO RB 149 91.13 -107.02 -7.98
N ASN RB 150 92.36 -106.57 -8.21
CA ASN RB 150 93.48 -106.96 -7.35
C ASN RB 150 93.24 -106.50 -5.92
N SER RB 151 92.66 -105.32 -5.77
CA SER RB 151 92.26 -104.83 -4.46
C SER RB 151 90.80 -105.12 -4.14
N GLN RB 152 90.04 -105.65 -5.10
CA GLN RB 152 88.63 -106.04 -4.94
C GLN RB 152 87.76 -104.87 -4.50
N VAL RB 153 88.02 -103.70 -5.10
CA VAL RB 153 87.32 -102.47 -4.71
C VAL RB 153 86.76 -101.79 -5.95
N VAL RB 154 85.70 -101.01 -5.72
CA VAL RB 154 85.07 -100.19 -6.74
C VAL RB 154 84.97 -98.77 -6.19
N GLU RB 155 85.62 -97.83 -6.86
CA GLU RB 155 85.57 -96.42 -6.49
C GLU RB 155 84.65 -95.68 -7.45
N LEU RB 156 83.66 -95.01 -6.90
CA LEU RB 156 82.86 -94.04 -7.64
C LEU RB 156 83.34 -92.66 -7.26
N ARG RB 157 83.74 -91.87 -8.25
CA ARG RB 157 84.23 -90.52 -8.02
C ARG RB 157 83.32 -89.53 -8.71
N TYR RB 158 82.91 -88.50 -7.99
CA TYR RB 158 82.14 -87.43 -8.61
C TYR RB 158 83.06 -86.55 -9.45
N ALA RB 159 82.47 -85.61 -10.17
CA ALA RB 159 83.27 -84.66 -10.93
C ALA RB 159 83.74 -83.53 -10.03
N LYS RB 160 85.05 -83.28 -10.06
CA LYS RB 160 85.66 -82.18 -9.31
C LYS RB 160 85.34 -80.90 -10.06
N ILE RB 161 84.22 -80.27 -9.70
CA ILE RB 161 83.70 -79.14 -10.45
C ILE RB 161 82.79 -78.36 -9.50
N TYR RB 162 82.69 -77.04 -9.73
CA TYR RB 162 81.98 -76.07 -8.88
C TYR RB 162 82.51 -76.11 -7.45
N ARG SB 207 92.79 -32.81 -54.87
CA ARG SB 207 93.28 -32.27 -53.61
C ARG SB 207 92.33 -31.19 -53.11
N ILE SB 208 92.27 -31.03 -51.78
CA ILE SB 208 91.42 -30.01 -51.18
C ILE SB 208 92.04 -28.64 -51.42
N ILE SB 209 91.24 -27.73 -51.97
CA ILE SB 209 91.68 -26.37 -52.29
C ILE SB 209 90.95 -25.41 -51.37
N TYR SB 210 91.69 -24.60 -50.64
CA TYR SB 210 91.11 -23.66 -49.70
C TYR SB 210 90.68 -22.38 -50.40
N TYR SB 211 89.61 -21.79 -49.89
CA TYR SB 211 89.18 -20.45 -50.26
C TYR SB 211 89.03 -19.62 -48.99
N ILE SB 212 89.34 -18.34 -49.08
CA ILE SB 212 89.27 -17.47 -47.91
C ILE SB 212 87.83 -17.11 -47.65
N GLN SB 213 87.42 -17.19 -46.37
CA GLN SB 213 86.09 -16.78 -45.95
C GLN SB 213 86.10 -15.41 -45.28
N ALA SB 214 87.04 -15.17 -44.37
CA ALA SB 214 87.15 -13.89 -43.69
C ALA SB 214 88.62 -13.55 -43.46
N VAL SB 215 88.98 -12.29 -43.72
CA VAL SB 215 90.35 -11.80 -43.55
C VAL SB 215 90.32 -10.60 -42.62
N ILE SB 216 91.06 -10.68 -41.52
CA ILE SB 216 91.24 -9.58 -40.56
C ILE SB 216 92.72 -9.51 -40.26
N PRO SB 217 93.23 -8.45 -39.63
CA PRO SB 217 94.52 -8.55 -38.96
C PRO SB 217 94.50 -9.60 -37.87
N GLY SB 218 95.59 -10.35 -37.76
CA GLY SB 218 95.68 -11.40 -36.76
C GLY SB 218 95.21 -12.76 -37.22
N ARG SB 219 93.90 -12.93 -37.38
CA ARG SB 219 93.33 -14.22 -37.77
C ARG SB 219 92.93 -14.21 -39.24
N ALA SB 220 92.52 -15.38 -39.72
CA ALA SB 220 91.98 -15.52 -41.06
C ALA SB 220 91.09 -16.75 -41.09
N TRP SB 221 90.07 -16.71 -41.95
CA TRP SB 221 89.12 -17.80 -42.07
C TRP SB 221 89.17 -18.37 -43.48
N LEU SB 222 89.44 -19.66 -43.58
CA LEU SB 222 89.64 -20.34 -44.85
C LEU SB 222 88.71 -21.55 -44.92
N ILE SB 223 88.00 -21.69 -46.04
CA ILE SB 223 87.14 -22.83 -46.28
C ILE SB 223 87.72 -23.64 -47.44
N GLY SB 224 87.93 -24.93 -47.22
CA GLY SB 224 88.47 -25.81 -48.23
C GLY SB 224 87.43 -26.17 -49.28
N SER SB 225 87.89 -26.92 -50.29
CA SER SB 225 87.01 -27.36 -51.36
C SER SB 225 86.00 -28.40 -50.89
N ASN SB 226 86.30 -29.10 -49.79
CA ASN SB 226 85.32 -29.97 -49.15
C ASN SB 226 84.47 -29.23 -48.13
N GLY SB 227 84.66 -27.92 -47.99
CA GLY SB 227 83.90 -27.15 -47.02
C GLY SB 227 84.56 -26.99 -45.68
N SER SB 228 85.86 -27.27 -45.57
CA SER SB 228 86.57 -27.24 -44.29
C SER SB 228 86.81 -25.79 -43.89
N THR SB 229 85.79 -25.19 -43.29
CA THR SB 229 85.84 -23.78 -42.88
C THR SB 229 86.46 -23.70 -41.50
N LEU SB 230 87.73 -23.30 -41.45
CA LEU SB 230 88.48 -23.16 -40.21
C LEU SB 230 89.08 -21.76 -40.16
N THR SB 231 89.82 -21.51 -39.09
CA THR SB 231 90.54 -20.25 -38.91
C THR SB 231 91.97 -20.54 -38.51
N VAL SB 232 92.85 -19.61 -38.88
CA VAL SB 232 94.29 -19.73 -38.62
C VAL SB 232 94.80 -18.38 -38.14
N ARG SB 233 96.00 -18.42 -37.56
CA ARG SB 233 96.74 -17.24 -37.15
C ARG SB 233 98.06 -17.19 -37.94
N GLU SB 234 98.94 -16.28 -37.51
CA GLU SB 234 100.19 -16.05 -38.25
C GLU SB 234 101.11 -17.26 -38.20
N GLY SB 235 101.40 -17.77 -37.02
CA GLY SB 235 102.18 -18.99 -36.93
C GLY SB 235 101.26 -20.19 -36.81
N SER SB 236 100.99 -20.87 -37.92
CA SER SB 236 100.05 -21.98 -37.89
C SER SB 236 100.47 -23.03 -38.91
N LYS SB 237 100.34 -24.29 -38.53
CA LYS SB 237 100.69 -25.41 -39.40
C LYS SB 237 99.43 -25.90 -40.10
N ILE SB 238 99.47 -25.96 -41.43
CA ILE SB 238 98.31 -26.27 -42.24
C ILE SB 238 98.58 -27.56 -43.02
N PRO SB 239 97.75 -28.59 -42.87
CA PRO SB 239 97.87 -29.76 -43.75
C PRO SB 239 97.44 -29.42 -45.17
N GLY SB 240 98.22 -29.91 -46.14
CA GLY SB 240 98.02 -29.57 -47.52
C GLY SB 240 98.76 -28.33 -47.98
N TYR SB 241 99.27 -27.52 -47.06
CA TYR SB 241 100.08 -26.37 -47.41
C TYR SB 241 101.31 -26.18 -46.54
N GLY SB 242 101.44 -26.90 -45.43
CA GLY SB 242 102.63 -26.78 -44.60
C GLY SB 242 102.43 -25.88 -43.40
N MET SB 243 103.02 -24.68 -43.44
CA MET SB 243 102.99 -23.74 -42.34
C MET SB 243 102.62 -22.37 -42.88
N VAL SB 244 101.78 -21.64 -42.13
CA VAL SB 244 101.32 -20.32 -42.57
C VAL SB 244 102.50 -19.35 -42.53
N LYS SB 245 102.93 -18.90 -43.71
CA LYS SB 245 104.09 -18.02 -43.80
C LYS SB 245 103.77 -16.63 -43.29
N LEU SB 246 102.63 -16.07 -43.71
CA LEU SB 246 102.22 -14.72 -43.33
C LEU SB 246 100.74 -14.54 -43.66
N ILE SB 247 100.05 -13.73 -42.85
CA ILE SB 247 98.69 -13.30 -43.12
C ILE SB 247 98.71 -11.78 -43.23
N ASP SB 248 98.24 -11.26 -44.37
CA ASP SB 248 98.20 -9.83 -44.62
C ASP SB 248 96.78 -9.41 -44.99
N SER SB 249 96.28 -8.37 -44.33
CA SER SB 249 94.98 -7.81 -44.68
C SER SB 249 95.04 -6.98 -45.95
N LEU SB 250 96.22 -6.52 -46.36
CA LEU SB 250 96.36 -5.80 -47.61
C LEU SB 250 96.21 -6.78 -48.77
N GLN SB 251 95.16 -6.57 -49.57
CA GLN SB 251 94.79 -7.34 -50.76
C GLN SB 251 94.42 -8.79 -50.46
N GLY SB 252 94.31 -9.17 -49.19
CA GLY SB 252 93.83 -10.50 -48.79
C GLY SB 252 94.71 -11.65 -49.22
N ARG SB 253 96.03 -11.50 -49.12
CA ARG SB 253 96.96 -12.52 -49.57
C ARG SB 253 97.59 -13.19 -48.36
N ILE SB 254 97.44 -14.51 -48.28
CA ILE SB 254 97.98 -15.32 -47.19
C ILE SB 254 98.98 -16.30 -47.79
N LEU SB 255 100.18 -16.30 -47.24
CA LEU SB 255 101.27 -17.11 -47.77
C LEU SB 255 101.48 -18.34 -46.90
N THR SB 256 101.86 -19.45 -47.52
CA THR SB 256 102.19 -20.67 -46.81
C THR SB 256 103.68 -20.96 -46.92
N SER SB 257 104.12 -21.99 -46.20
CA SER SB 257 105.54 -22.33 -46.17
C SER SB 257 106.04 -22.86 -47.51
N SER SB 258 105.15 -23.43 -48.31
CA SER SB 258 105.49 -23.90 -49.65
C SER SB 258 105.46 -22.77 -50.68
N GLY SB 259 105.10 -21.55 -50.27
CA GLY SB 259 105.18 -20.40 -51.14
C GLY SB 259 103.91 -20.07 -51.91
N GLN SB 260 102.85 -20.86 -51.77
CA GLN SB 260 101.59 -20.53 -52.44
C GLN SB 260 100.89 -19.39 -51.72
N VAL SB 261 100.05 -18.69 -52.47
CA VAL SB 261 99.32 -17.53 -51.98
C VAL SB 261 97.86 -17.91 -51.85
N ILE SB 262 97.36 -17.93 -50.62
CA ILE SB 262 95.94 -18.22 -50.40
C ILE SB 262 95.12 -17.03 -50.83
N LYS SB 263 94.13 -17.26 -51.67
CA LYS SB 263 93.47 -16.19 -52.41
C LYS SB 263 91.97 -16.46 -52.49
N PHE SB 264 91.20 -15.39 -52.51
CA PHE SB 264 89.77 -15.49 -52.81
C PHE SB 264 89.56 -15.94 -54.25
N SER SB 265 88.40 -16.53 -54.49
CA SER SB 265 88.05 -17.01 -55.82
C SER SB 265 87.62 -15.86 -56.73
N GLN SB 266 87.40 -16.18 -58.00
CA GLN SB 266 86.80 -15.22 -58.93
C GLN SB 266 85.36 -14.92 -58.54
N GLU SB 267 84.60 -15.94 -58.16
CA GLU SB 267 83.21 -15.77 -57.79
C GLU SB 267 83.03 -15.16 -56.41
N ASP SB 268 84.10 -15.04 -55.62
CA ASP SB 268 84.08 -14.36 -54.34
C ASP SB 268 85.04 -13.18 -54.43
N SER SB 269 84.54 -12.05 -54.92
CA SER SB 269 85.34 -10.85 -55.07
C SER SB 269 84.47 -9.60 -55.05
N GLN TB 791 103.20 34.26 -51.73
CA GLN TB 791 104.17 33.75 -50.76
C GLN TB 791 103.50 33.43 -49.43
N GLN TB 792 103.04 34.47 -48.75
CA GLN TB 792 102.39 34.33 -47.44
C GLN TB 792 100.88 34.18 -47.55
N GLU TB 793 100.40 33.54 -48.61
CA GLU TB 793 98.97 33.39 -48.87
C GLU TB 793 98.50 31.95 -48.69
N ILE TB 794 99.21 31.15 -47.89
CA ILE TB 794 98.84 29.75 -47.76
C ILE TB 794 97.86 29.53 -46.62
N GLN TB 795 97.91 30.41 -45.60
CA GLN TB 795 97.16 30.20 -44.38
C GLN TB 795 95.66 30.36 -44.59
N GLN TB 796 95.26 31.43 -45.29
CA GLN TB 796 93.86 31.57 -45.64
C GLN TB 796 93.46 30.61 -46.76
N ARG TB 797 94.44 30.09 -47.50
CA ARG TB 797 94.16 28.97 -48.41
C ARG TB 797 94.20 27.65 -47.67
N THR TB 798 94.61 27.64 -46.41
CA THR TB 798 94.50 26.42 -45.61
C THR TB 798 93.18 26.37 -44.85
N SER TB 799 92.74 27.52 -44.35
CA SER TB 799 91.60 27.54 -43.43
C SER TB 799 90.28 27.31 -44.14
N ASP TB 800 90.15 27.82 -45.38
CA ASP TB 800 88.91 27.60 -46.14
C ASP TB 800 88.74 26.13 -46.49
N MET TB 801 89.84 25.46 -46.85
CA MET TB 801 89.78 24.03 -47.09
C MET TB 801 89.59 23.25 -45.79
N LEU TB 802 90.05 23.81 -44.67
CA LEU TB 802 89.78 23.21 -43.37
C LEU TB 802 88.29 23.23 -43.05
N THR TB 803 87.63 24.35 -43.34
CA THR TB 803 86.24 24.51 -42.98
C THR TB 803 85.33 23.63 -43.83
N ALA TB 804 85.68 23.44 -45.10
CA ALA TB 804 84.86 22.59 -45.96
C ALA TB 804 84.99 21.13 -45.59
N ALA TB 805 86.22 20.66 -45.35
CA ALA TB 805 86.44 19.25 -45.10
C ALA TB 805 85.91 18.83 -43.73
N THR TB 806 86.00 19.73 -42.74
CA THR TB 806 85.45 19.43 -41.42
C THR TB 806 83.93 19.35 -41.45
N GLN TB 807 83.29 20.04 -42.39
CA GLN TB 807 81.85 19.96 -42.51
C GLN TB 807 81.41 18.58 -43.00
N LEU TB 808 82.12 18.02 -43.98
CA LEU TB 808 81.64 16.80 -44.61
C LEU TB 808 82.08 15.54 -43.89
N VAL TB 809 83.11 15.61 -43.04
CA VAL TB 809 83.60 14.40 -42.40
C VAL TB 809 82.61 13.91 -41.34
N GLN TB 810 81.94 14.83 -40.64
CA GLN TB 810 80.90 14.40 -39.71
C GLN TB 810 79.66 13.94 -40.46
N ASP TB 811 79.41 14.49 -41.64
CA ASP TB 811 78.37 13.92 -42.49
C ASP TB 811 78.79 12.55 -43.02
N TRP TB 812 80.07 12.36 -43.28
CA TRP TB 812 80.56 11.04 -43.64
C TRP TB 812 80.54 10.09 -42.45
N LYS TB 813 80.55 10.64 -41.23
CA LYS TB 813 80.55 9.80 -40.05
C LYS TB 813 79.21 9.12 -39.84
N GLN TB 814 78.11 9.86 -39.97
CA GLN TB 814 76.82 9.34 -39.54
C GLN TB 814 76.13 8.58 -40.67
N VAL TB 815 75.26 7.65 -40.26
CA VAL TB 815 74.40 6.90 -41.16
C VAL TB 815 73.15 6.51 -40.38
N GLU TB 816 71.99 6.85 -40.91
CA GLU TB 816 70.76 6.62 -40.18
C GLU TB 816 70.32 5.16 -40.28
N THR TB 817 69.31 4.82 -39.48
CA THR TB 817 68.93 3.43 -39.23
C THR TB 817 67.65 3.06 -39.97
N GLN TB 818 67.53 1.78 -40.31
CA GLN TB 818 66.38 1.27 -41.05
C GLN TB 818 65.14 1.25 -40.17
N VAL TB 819 63.99 1.05 -40.80
CA VAL TB 819 62.72 0.84 -40.10
C VAL TB 819 61.98 -0.30 -40.80
N TYR TB 820 61.49 -1.23 -40.00
CA TYR TB 820 60.68 -2.31 -40.55
C TYR TB 820 59.30 -1.79 -40.89
N THR TB 821 58.69 -2.38 -41.91
CA THR TB 821 57.33 -2.04 -42.32
C THR TB 821 56.48 -3.29 -42.32
N GLU TB 822 55.30 -3.18 -41.72
CA GLU TB 822 54.35 -4.28 -41.62
C GLU TB 822 53.11 -3.96 -42.44
N GLY TB 823 52.10 -4.81 -42.31
CA GLY TB 823 50.84 -4.59 -42.99
C GLY TB 823 49.98 -5.83 -42.89
N THR TB 824 48.75 -5.69 -43.36
CA THR TB 824 47.82 -6.81 -43.41
C THR TB 824 46.82 -6.63 -44.55
N ALA UB 104 72.24 62.02 -73.98
CA ALA UB 104 70.92 62.55 -73.68
C ALA UB 104 69.85 61.50 -74.01
N GLU UB 105 70.06 60.78 -75.11
CA GLU UB 105 69.10 59.80 -75.58
C GLU UB 105 69.59 58.36 -75.45
N VAL UB 106 70.91 58.14 -75.50
CA VAL UB 106 71.46 56.80 -75.30
C VAL UB 106 71.71 56.49 -73.84
N ILE UB 107 71.36 57.42 -72.95
CA ILE UB 107 71.55 57.23 -71.51
C ILE UB 107 70.69 56.09 -71.01
N ASP UB 108 69.46 55.98 -71.55
CA ASP UB 108 68.55 54.91 -71.17
C ASP UB 108 69.10 53.55 -71.60
N LYS UB 109 69.72 53.49 -72.77
CA LYS UB 109 70.30 52.23 -73.24
C LYS UB 109 71.55 51.86 -72.45
N LYS UB 110 72.36 52.86 -72.08
CA LYS UB 110 73.54 52.61 -71.25
C LYS UB 110 73.13 52.10 -69.87
N ALA UB 111 72.13 52.73 -69.26
CA ALA UB 111 71.62 52.26 -67.98
C ALA UB 111 70.93 50.92 -68.11
N PHE UB 112 70.35 50.64 -69.28
CA PHE UB 112 69.75 49.33 -69.56
C PHE UB 112 70.82 48.24 -69.59
N LYS UB 113 71.95 48.51 -70.24
CA LYS UB 113 73.05 47.55 -70.27
C LYS UB 113 73.63 47.35 -68.87
N ASP UB 114 73.78 48.44 -68.11
CA ASP UB 114 74.32 48.34 -66.76
C ASP UB 114 73.37 47.58 -65.83
N MET UB 115 72.06 47.81 -65.93
CA MET UB 115 71.14 47.09 -65.08
C MET UB 115 70.98 45.64 -65.52
N THR UB 116 71.20 45.36 -66.82
CA THR UB 116 71.23 43.98 -67.28
C THR UB 116 72.43 43.24 -66.71
N ARG UB 117 73.56 43.94 -66.61
CA ARG UB 117 74.73 43.38 -65.93
C ARG UB 117 74.45 43.19 -64.44
N ASN UB 118 73.74 44.14 -63.82
CA ASN UB 118 73.57 44.13 -62.37
C ASN UB 118 72.59 43.06 -61.91
N LEU UB 119 71.47 42.89 -62.64
CA LEU UB 119 70.39 42.04 -62.16
C LEU UB 119 70.78 40.57 -62.17
N TYR UB 120 71.43 40.12 -63.24
CA TYR UB 120 71.94 38.74 -63.34
C TYR UB 120 73.44 38.83 -63.56
N PRO UB 121 74.23 38.70 -62.49
CA PRO UB 121 75.70 38.67 -62.67
C PRO UB 121 76.20 37.46 -63.43
N LEU UB 122 75.47 36.35 -63.38
CA LEU UB 122 75.92 35.11 -63.99
C LEU UB 122 75.43 35.00 -65.42
N ASN UB 123 76.34 34.60 -66.32
CA ASN UB 123 75.95 34.26 -67.67
C ASN UB 123 75.20 32.93 -67.67
N PRO UB 124 74.32 32.69 -68.66
CA PRO UB 124 73.69 31.36 -68.77
C PRO UB 124 74.69 30.23 -68.98
N GLU UB 125 75.75 30.50 -69.73
CA GLU UB 125 76.82 29.52 -69.89
C GLU UB 125 77.53 29.27 -68.57
N GLN UB 126 77.69 30.31 -67.75
CA GLN UB 126 78.24 30.14 -66.41
C GLN UB 126 77.31 29.33 -65.52
N VAL UB 127 76.00 29.52 -65.70
CA VAL UB 127 75.01 28.74 -64.96
C VAL UB 127 75.14 27.25 -65.31
N VAL UB 128 75.26 26.96 -66.60
CA VAL UB 128 75.40 25.57 -67.05
C VAL UB 128 76.72 24.97 -66.56
N LYS UB 129 77.81 25.75 -66.63
CA LYS UB 129 79.11 25.26 -66.19
C LYS UB 129 79.15 25.01 -64.69
N LEU UB 130 78.54 25.90 -63.90
CA LEU UB 130 78.51 25.68 -62.47
C LEU UB 130 77.58 24.56 -62.07
N LYS UB 131 76.51 24.34 -62.85
CA LYS UB 131 75.66 23.18 -62.62
C LYS UB 131 76.40 21.89 -62.90
N GLN UB 132 77.22 21.88 -63.95
CA GLN UB 132 78.09 20.74 -64.24
C GLN UB 132 79.12 20.53 -63.13
N ILE UB 133 79.69 21.62 -62.62
CA ILE UB 133 80.66 21.56 -61.52
C ILE UB 133 80.02 20.99 -60.27
N TYR UB 134 78.80 21.44 -59.97
CA TYR UB 134 78.06 20.92 -58.82
C TYR UB 134 77.71 19.45 -58.98
N GLU UB 135 77.35 19.04 -60.21
CA GLU UB 135 77.04 17.63 -60.46
C GLU UB 135 78.27 16.75 -60.29
N THR UB 136 79.43 17.20 -60.77
CA THR UB 136 80.67 16.46 -60.55
C THR UB 136 81.04 16.44 -59.07
N SER UB 137 80.79 17.56 -58.38
CA SER UB 137 81.10 17.65 -56.96
C SER UB 137 80.24 16.68 -56.15
N GLU UB 138 78.95 16.61 -56.45
CA GLU UB 138 78.09 15.68 -55.72
C GLU UB 138 78.32 14.23 -56.14
N TYR UB 139 78.78 14.00 -57.37
CA TYR UB 139 79.16 12.65 -57.76
C TYR UB 139 80.39 12.18 -57.00
N ALA UB 140 81.38 13.06 -56.84
CA ALA UB 140 82.52 12.74 -56.01
C ALA UB 140 82.14 12.65 -54.53
N LYS UB 141 81.13 13.42 -54.12
CA LYS UB 141 80.66 13.41 -52.74
C LYS UB 141 80.02 12.07 -52.40
N ALA UB 142 79.12 11.60 -53.24
CA ALA UB 142 78.51 10.28 -53.06
C ALA UB 142 79.44 9.15 -53.46
N ALA UB 143 80.55 9.45 -54.13
CA ALA UB 143 81.51 8.43 -54.49
C ALA UB 143 82.25 7.92 -53.25
N THR UB 144 82.47 6.60 -53.22
CA THR UB 144 83.18 5.95 -52.15
C THR UB 144 84.47 5.34 -52.67
N PRO UB 145 85.58 5.48 -51.95
CA PRO UB 145 86.85 4.91 -52.41
C PRO UB 145 86.84 3.39 -52.34
N GLY UB 146 87.61 2.79 -53.23
CA GLY UB 146 87.74 1.35 -53.29
C GLY UB 146 86.59 0.69 -54.05
N THR UB 147 86.85 -0.53 -54.51
CA THR UB 147 85.77 -1.28 -55.14
C THR UB 147 84.82 -1.81 -54.08
N PRO UB 148 83.52 -1.72 -54.32
CA PRO UB 148 82.56 -2.24 -53.35
C PRO UB 148 82.61 -3.75 -53.29
N PRO UB 149 82.27 -4.35 -52.15
CA PRO UB 149 82.18 -5.80 -52.06
C PRO UB 149 81.06 -6.35 -52.92
N LYS UB 150 81.24 -7.57 -53.39
CA LYS UB 150 80.23 -8.22 -54.20
C LYS UB 150 79.15 -8.81 -53.29
N PRO UB 151 77.90 -8.40 -53.42
CA PRO UB 151 76.84 -9.01 -52.62
C PRO UB 151 76.49 -10.40 -53.15
N THR UB 152 76.31 -11.34 -52.24
CA THR UB 152 76.02 -12.71 -52.63
C THR UB 152 75.25 -13.40 -51.52
N ALA UB 153 74.40 -14.33 -51.91
CA ALA UB 153 73.62 -15.11 -50.94
C ALA UB 153 74.35 -16.41 -50.64
N THR UB 154 74.46 -16.73 -49.36
CA THR UB 154 75.20 -17.90 -48.91
C THR UB 154 74.30 -18.78 -48.06
N SER UB 155 74.47 -20.10 -48.18
CA SER UB 155 73.76 -21.06 -47.35
C SER UB 155 74.79 -21.99 -46.71
N GLN UB 156 74.79 -22.05 -45.39
CA GLN UB 156 75.76 -22.82 -44.63
C GLN UB 156 75.05 -23.81 -43.73
N PHE UB 157 75.81 -24.78 -43.25
CA PHE UB 157 75.37 -25.74 -42.25
C PHE UB 157 76.12 -25.48 -40.95
N VAL UB 158 75.41 -25.57 -39.83
CA VAL UB 158 75.99 -25.30 -38.52
C VAL UB 158 76.47 -26.60 -37.90
N ASN UB 159 77.74 -26.61 -37.48
CA ASN UB 159 78.31 -27.75 -36.77
C ASN UB 159 78.33 -27.45 -35.29
N LEU UB 160 77.70 -28.32 -34.49
CA LEU UB 160 77.60 -28.14 -33.05
C LEU UB 160 78.61 -28.97 -32.28
N SER UB 161 79.66 -29.43 -32.96
CA SER UB 161 80.72 -30.18 -32.30
C SER UB 161 81.51 -29.26 -31.37
N PRO UB 162 82.14 -29.81 -30.32
CA PRO UB 162 83.03 -28.98 -29.48
C PRO UB 162 84.35 -28.62 -30.15
N GLY UB 163 84.64 -29.15 -31.33
CA GLY UB 163 85.82 -28.72 -32.06
C GLY UB 163 85.46 -27.84 -33.24
N SER UB 164 84.23 -27.36 -33.27
CA SER UB 164 83.75 -26.57 -34.39
C SER UB 164 84.29 -25.14 -34.33
N THR UB 165 84.24 -24.48 -35.47
CA THR UB 165 84.45 -23.05 -35.60
C THR UB 165 83.12 -22.36 -35.89
N PRO UB 166 82.84 -21.22 -35.24
CA PRO UB 166 81.52 -20.60 -35.39
C PRO UB 166 81.33 -19.99 -36.77
N PRO UB 167 80.11 -19.99 -37.29
CA PRO UB 167 79.87 -19.44 -38.62
C PRO UB 167 79.97 -17.92 -38.65
N VAL UB 168 80.41 -17.42 -39.80
CA VAL UB 168 80.79 -16.03 -40.00
C VAL UB 168 79.77 -15.37 -40.91
N ILE UB 169 79.26 -14.22 -40.50
CA ILE UB 169 78.30 -13.45 -41.29
C ILE UB 169 79.01 -12.20 -41.79
N ARG UB 170 79.09 -12.05 -43.12
CA ARG UB 170 79.70 -10.87 -43.72
C ARG UB 170 78.70 -9.72 -43.72
N LEU UB 171 79.18 -8.54 -43.35
CA LEU UB 171 78.36 -7.34 -43.24
C LEU UB 171 79.04 -6.18 -43.95
N SER UB 172 78.29 -5.09 -44.10
CA SER UB 172 78.81 -3.88 -44.74
C SER UB 172 78.00 -2.68 -44.29
N GLN UB 173 78.59 -1.50 -44.50
CA GLN UB 173 77.90 -0.26 -44.21
C GLN UB 173 76.86 0.04 -45.29
N GLY UB 174 75.68 0.46 -44.86
CA GLY UB 174 74.62 0.80 -45.78
C GLY UB 174 73.77 -0.36 -46.24
N PHE UB 175 74.12 -1.60 -45.86
CA PHE UB 175 73.35 -2.77 -46.24
C PHE UB 175 72.89 -3.51 -44.99
N VAL UB 176 71.72 -4.13 -45.10
CA VAL UB 176 71.14 -4.95 -44.05
C VAL UB 176 70.98 -6.37 -44.59
N SER UB 177 71.55 -7.33 -43.87
CA SER UB 177 71.46 -8.74 -44.24
C SER UB 177 70.25 -9.39 -43.59
N SER UB 178 69.82 -10.49 -44.18
CA SER UB 178 68.69 -11.28 -43.70
C SER UB 178 69.15 -12.70 -43.43
N LEU UB 179 68.75 -13.23 -42.28
CA LEU UB 179 69.12 -14.55 -41.81
C LEU UB 179 67.88 -15.42 -41.75
N VAL UB 180 67.91 -16.56 -42.42
CA VAL UB 180 66.80 -17.51 -42.47
C VAL UB 180 67.31 -18.86 -42.00
N PHE UB 181 66.57 -19.48 -41.09
CA PHE UB 181 67.02 -20.69 -40.38
C PHE UB 181 66.09 -21.85 -40.68
N LEU UB 182 66.66 -22.93 -41.23
CA LEU UB 182 65.96 -24.16 -41.51
C LEU UB 182 66.66 -25.30 -40.79
N ASP UB 183 65.90 -26.35 -40.47
CA ASP UB 183 66.44 -27.46 -39.71
C ASP UB 183 67.19 -28.43 -40.64
N SER UB 184 67.46 -29.64 -40.14
CA SER UB 184 68.03 -30.69 -40.98
C SER UB 184 67.09 -31.10 -42.10
N THR UB 185 65.78 -31.04 -41.85
CA THR UB 185 64.80 -31.34 -42.88
C THR UB 185 64.51 -30.15 -43.78
N GLY UB 186 65.07 -28.99 -43.50
CA GLY UB 186 64.80 -27.80 -44.28
C GLY UB 186 63.58 -27.02 -43.84
N ALA UB 187 62.82 -27.52 -42.87
CA ALA UB 187 61.68 -26.79 -42.36
C ALA UB 187 62.15 -25.58 -41.57
N PRO UB 188 61.51 -24.42 -41.74
CA PRO UB 188 61.95 -23.22 -41.03
C PRO UB 188 61.64 -23.31 -39.55
N TRP UB 189 62.65 -23.07 -38.72
CA TRP UB 189 62.48 -23.14 -37.29
C TRP UB 189 62.35 -21.71 -36.74
N PRO UB 190 61.23 -21.37 -36.12
CA PRO UB 190 61.08 -20.03 -35.54
C PRO UB 190 61.97 -19.85 -34.32
N ILE UB 191 62.10 -18.59 -33.92
CA ILE UB 191 63.04 -18.18 -32.88
C ILE UB 191 62.26 -17.73 -31.65
N ALA UB 192 62.73 -18.15 -30.48
CA ALA UB 192 62.13 -17.72 -29.22
C ALA UB 192 62.82 -16.49 -28.64
N ALA UB 193 64.15 -16.44 -28.70
CA ALA UB 193 64.89 -15.37 -28.07
C ALA UB 193 66.23 -15.18 -28.75
N TYR UB 194 66.80 -13.99 -28.57
CA TYR UB 194 68.11 -13.67 -29.12
C TYR UB 194 68.85 -12.78 -28.15
N ASP UB 195 70.16 -12.71 -28.33
CA ASP UB 195 70.99 -11.78 -27.58
C ASP UB 195 72.19 -11.44 -28.43
N LEU UB 196 72.36 -10.15 -28.72
CA LEU UB 196 73.41 -9.66 -29.60
C LEU UB 196 74.43 -8.90 -28.77
N GLY UB 197 75.69 -9.33 -28.82
CA GLY UB 197 76.74 -8.56 -28.18
C GLY UB 197 77.00 -7.28 -28.94
N ASP UB 198 77.05 -6.16 -28.21
CA ASP UB 198 77.16 -4.79 -28.69
C ASP UB 198 76.11 -4.44 -29.74
N PRO UB 199 74.87 -4.14 -29.34
CA PRO UB 199 73.87 -3.71 -30.33
C PRO UB 199 74.13 -2.33 -30.93
N SER UB 200 75.09 -1.57 -30.43
CA SER UB 200 75.38 -0.24 -30.99
C SER UB 200 75.98 -0.32 -32.38
N SER UB 201 76.64 -1.41 -32.73
CA SER UB 201 77.24 -1.56 -34.05
C SER UB 201 76.35 -2.33 -35.02
N PHE UB 202 75.31 -2.99 -34.53
CA PHE UB 202 74.46 -3.83 -35.36
C PHE UB 202 73.01 -3.54 -35.03
N ASN UB 203 72.29 -2.93 -35.97
CA ASN UB 203 70.86 -2.71 -35.81
C ASN UB 203 70.14 -4.03 -36.00
N ILE UB 204 69.32 -4.41 -35.01
CA ILE UB 204 68.49 -5.61 -35.10
C ILE UB 204 67.03 -5.17 -35.06
N GLN UB 205 66.29 -5.54 -36.10
CA GLN UB 205 64.83 -5.45 -36.11
C GLN UB 205 64.30 -6.83 -36.42
N TRP UB 206 63.28 -7.26 -35.69
CA TRP UB 206 62.81 -8.63 -35.82
C TRP UB 206 61.35 -8.72 -35.46
N ASP UB 207 60.54 -9.27 -36.37
CA ASP UB 207 59.16 -9.60 -36.04
C ASP UB 207 59.16 -10.75 -35.05
N LYS UB 208 58.44 -10.56 -33.94
CA LYS UB 208 58.59 -11.40 -32.75
C LYS UB 208 58.23 -12.85 -32.97
N THR UB 209 57.39 -13.15 -33.95
CA THR UB 209 57.03 -14.52 -34.27
C THR UB 209 57.70 -15.03 -35.54
N SER UB 210 58.61 -14.27 -36.12
CA SER UB 210 59.28 -14.66 -37.35
C SER UB 210 60.62 -15.31 -37.06
N ASN UB 211 61.07 -16.14 -38.01
CA ASN UB 211 62.39 -16.73 -37.95
C ASN UB 211 63.42 -15.94 -38.74
N THR UB 212 63.02 -14.85 -39.38
CA THR UB 212 63.91 -14.07 -40.22
C THR UB 212 64.52 -12.94 -39.41
N LEU UB 213 65.84 -12.83 -39.47
CA LEU UB 213 66.56 -11.82 -38.69
C LEU UB 213 67.16 -10.78 -39.64
N MET UB 214 66.78 -9.53 -39.46
CA MET UB 214 67.28 -8.44 -40.26
C MET UB 214 68.33 -7.68 -39.46
N ILE UB 215 69.56 -7.65 -39.97
CA ILE UB 215 70.69 -7.06 -39.26
C ILE UB 215 71.29 -5.97 -40.13
N GLN UB 216 71.28 -4.73 -39.63
CA GLN UB 216 71.91 -3.60 -40.30
C GLN UB 216 73.16 -3.21 -39.52
N ALA UB 217 74.29 -3.13 -40.23
CA ALA UB 217 75.56 -2.79 -39.60
C ALA UB 217 75.66 -1.28 -39.40
N THR UB 218 75.93 -0.86 -38.16
CA THR UB 218 76.06 0.56 -37.84
C THR UB 218 77.52 1.01 -37.92
N LYS UB 219 78.39 0.35 -37.17
CA LYS UB 219 79.79 0.70 -37.21
C LYS UB 219 80.47 0.05 -38.42
N LEU UB 220 81.58 0.63 -38.83
CA LEU UB 220 82.17 0.33 -40.13
C LEU UB 220 82.89 -1.02 -40.14
N TYR UB 221 83.85 -1.19 -39.24
CA TYR UB 221 84.72 -2.35 -39.30
C TYR UB 221 84.72 -3.20 -38.03
N ASN UB 222 84.12 -2.73 -36.95
CA ASN UB 222 84.16 -3.47 -35.70
C ASN UB 222 83.13 -4.58 -35.71
N TYR UB 223 83.52 -5.75 -35.20
CA TYR UB 223 82.75 -6.97 -35.34
C TYR UB 223 82.08 -7.33 -34.03
N GLY UB 224 81.27 -8.39 -34.07
CA GLY UB 224 80.56 -8.82 -32.89
C GLY UB 224 80.12 -10.26 -32.97
N ASN UB 225 79.28 -10.66 -32.02
CA ASN UB 225 78.75 -12.01 -31.96
C ASN UB 225 77.30 -11.99 -31.52
N LEU UB 226 76.62 -13.11 -31.79
CA LEU UB 226 75.19 -13.21 -31.50
C LEU UB 226 74.86 -14.62 -31.07
N ALA UB 227 73.95 -14.73 -30.09
CA ALA UB 227 73.44 -16.00 -29.62
C ALA UB 227 71.95 -16.06 -29.86
N VAL UB 228 71.46 -17.21 -30.31
CA VAL UB 228 70.09 -17.39 -30.74
C VAL UB 228 69.54 -18.64 -30.05
N ARG UB 229 68.37 -18.51 -29.43
CA ARG UB 229 67.61 -19.64 -28.93
C ARG UB 229 66.31 -19.73 -29.70
N LEU UB 230 66.06 -20.88 -30.31
CA LEU UB 230 64.82 -21.12 -31.03
C LEU UB 230 63.72 -21.53 -30.05
N ARG UB 231 62.55 -21.84 -30.60
CA ARG UB 231 61.40 -22.19 -29.78
C ARG UB 231 61.61 -23.54 -29.08
N GLY UB 232 62.02 -24.55 -29.84
CA GLY UB 232 62.34 -25.84 -29.30
C GLY UB 232 63.81 -26.13 -29.11
N LEU UB 233 64.65 -25.10 -29.15
CA LEU UB 233 66.09 -25.30 -29.05
C LEU UB 233 66.49 -25.71 -27.64
N ASN UB 234 67.49 -26.57 -27.54
CA ASN UB 234 68.05 -26.95 -26.25
C ASN UB 234 69.32 -26.18 -25.93
N THR UB 235 70.30 -26.20 -26.82
CA THR UB 235 71.52 -25.42 -26.66
C THR UB 235 71.50 -24.26 -27.63
N PRO UB 236 71.84 -23.05 -27.20
CA PRO UB 236 71.80 -21.90 -28.09
C PRO UB 236 72.88 -21.98 -29.15
N VAL UB 237 72.62 -21.32 -30.27
CA VAL UB 237 73.52 -21.30 -31.41
C VAL UB 237 74.09 -19.90 -31.55
N MET UB 238 75.42 -19.79 -31.56
CA MET UB 238 76.08 -18.50 -31.61
C MET UB 238 76.90 -18.39 -32.89
N LEU UB 239 76.85 -17.20 -33.50
CA LEU UB 239 77.60 -16.90 -34.70
C LEU UB 239 78.40 -15.63 -34.49
N THR UB 240 79.40 -15.42 -35.34
CA THR UB 240 80.15 -14.18 -35.34
C THR UB 240 79.80 -13.37 -36.57
N LEU UB 241 79.87 -12.05 -36.46
CA LEU UB 241 79.42 -11.14 -37.50
C LEU UB 241 80.52 -10.11 -37.73
N ILE UB 242 81.10 -10.14 -38.92
CA ILE UB 242 82.24 -9.30 -39.27
C ILE UB 242 81.79 -8.38 -40.39
N PRO UB 243 81.94 -7.07 -40.24
CA PRO UB 243 81.73 -6.17 -41.38
C PRO UB 243 83.04 -5.89 -42.12
N GLY UB 244 82.90 -5.21 -43.26
CA GLY UB 244 84.05 -4.74 -43.99
C GLY UB 244 84.87 -5.81 -44.68
N GLN UB 245 84.31 -6.44 -45.70
CA GLN UB 245 85.01 -7.43 -46.50
C GLN UB 245 84.91 -7.04 -47.97
N LYS UB 246 85.55 -7.83 -48.83
CA LYS UB 246 85.43 -7.66 -50.27
C LYS UB 246 84.34 -8.53 -50.87
N ALA UB 247 83.65 -9.30 -50.04
CA ALA UB 247 82.46 -10.04 -50.45
C ALA UB 247 81.53 -10.08 -49.25
N VAL UB 248 80.27 -9.75 -49.48
CA VAL UB 248 79.32 -9.55 -48.38
C VAL UB 248 78.12 -10.47 -48.55
N ASP UB 249 77.66 -11.01 -47.43
CA ASP UB 249 76.52 -11.92 -47.41
C ASP UB 249 75.25 -11.14 -47.67
N TYR UB 250 74.62 -11.37 -48.83
CA TYR UB 250 73.36 -10.71 -49.10
C TYR UB 250 72.21 -11.37 -48.34
N ARG UB 251 72.23 -12.69 -48.23
CA ARG UB 251 71.20 -13.43 -47.50
C ARG UB 251 71.80 -14.75 -47.03
N VAL UB 252 71.70 -15.02 -45.72
CA VAL UB 252 72.34 -16.18 -45.13
C VAL UB 252 71.27 -17.19 -44.74
N ASP UB 253 71.32 -18.36 -45.36
CA ASP UB 253 70.49 -19.50 -45.00
C ASP UB 253 71.30 -20.44 -44.11
N LEU UB 254 70.68 -20.92 -43.04
CA LEU UB 254 71.40 -21.66 -42.01
C LEU UB 254 70.70 -22.99 -41.75
N ARG UB 255 71.44 -24.08 -41.92
CA ARG UB 255 70.91 -25.42 -41.67
C ARG UB 255 71.35 -25.88 -40.30
N VAL UB 256 70.38 -26.19 -39.45
CA VAL UB 256 70.66 -26.63 -38.09
C VAL UB 256 70.66 -28.15 -38.05
N GLN UB 257 71.37 -28.71 -37.07
CA GLN UB 257 71.39 -30.16 -36.88
C GLN UB 257 70.07 -30.70 -36.32
N GLY UB 258 69.23 -29.84 -35.76
CA GLY UB 258 68.00 -30.28 -35.14
C GLY UB 258 66.87 -30.47 -36.13
N TYR UB 259 65.67 -30.68 -35.58
CA TYR UB 259 64.45 -30.85 -36.34
C TYR UB 259 63.45 -29.78 -35.92
N GLY UB 260 62.81 -29.15 -36.91
CA GLY UB 260 61.84 -28.11 -36.63
C GLY UB 260 60.50 -28.70 -36.20
N PRO UB 261 59.54 -27.81 -35.94
CA PRO UB 261 58.18 -28.26 -35.64
C PRO UB 261 57.52 -29.03 -36.78
N ASN UB 262 57.83 -28.70 -38.02
CA ASN UB 262 57.33 -29.49 -39.15
C ASN UB 262 58.12 -30.78 -39.31
N ALA UB 263 59.44 -30.65 -39.58
CA ALA UB 263 60.40 -31.75 -39.69
C ALA UB 263 59.98 -32.78 -40.73
N LYS UB 264 59.77 -32.33 -41.97
CA LYS UB 264 59.38 -33.24 -43.05
C LYS UB 264 60.62 -33.98 -43.53
N SER UB 265 60.74 -35.25 -43.14
CA SER UB 265 61.75 -36.15 -43.66
C SER UB 265 61.06 -37.15 -44.55
N MET UB 266 61.18 -36.97 -45.86
CA MET UB 266 60.47 -37.80 -46.81
C MET UB 266 61.06 -39.20 -46.87
N PRO UB 267 60.23 -40.22 -47.17
CA PRO UB 267 60.78 -41.56 -47.39
C PRO UB 267 61.54 -41.65 -48.71
N THR UB 268 62.80 -41.21 -48.69
CA THR UB 268 63.62 -41.24 -49.90
C THR UB 268 63.93 -42.67 -50.33
N GLU UB 269 64.15 -43.56 -49.37
CA GLU UB 269 64.41 -44.97 -49.63
C GLU UB 269 63.35 -45.82 -48.94
N GLU UB 270 62.71 -46.70 -49.71
CA GLU UB 270 61.73 -47.62 -49.14
C GLU UB 270 62.39 -48.72 -48.31
N GLY UB 271 63.67 -48.99 -48.54
CA GLY UB 271 64.40 -49.93 -47.71
C GLY UB 271 64.31 -51.35 -48.21
N ILE UB 272 64.85 -52.23 -47.40
CA ILE UB 272 64.81 -53.66 -47.71
C ILE UB 272 63.39 -54.17 -47.46
N PRO UB 273 62.85 -55.02 -48.34
CA PRO UB 273 61.59 -55.69 -48.05
C PRO UB 273 61.76 -56.65 -46.88
N PRO UB 274 60.68 -56.99 -46.17
CA PRO UB 274 60.80 -57.92 -45.05
C PRO UB 274 61.22 -59.31 -45.50
N SER UB 275 61.95 -60.00 -44.62
CA SER UB 275 62.54 -61.29 -44.97
C SER UB 275 61.48 -62.37 -45.09
N ALA UB 276 60.82 -62.69 -43.99
CA ALA UB 276 59.75 -63.67 -43.97
C ALA UB 276 58.92 -63.44 -42.71
N ASN UB 277 57.74 -64.03 -42.69
CA ASN UB 277 56.96 -64.05 -41.47
C ASN UB 277 57.48 -65.16 -40.57
N ASP UB 278 57.89 -64.81 -39.37
CA ASP UB 278 58.55 -65.76 -38.49
C ASP UB 278 57.57 -66.76 -37.86
N LEU UB 279 56.27 -66.54 -38.03
CA LEU UB 279 55.29 -67.55 -37.63
C LEU UB 279 55.38 -68.79 -38.51
N LEU UB 280 55.89 -68.63 -39.74
CA LEU UB 280 55.88 -69.71 -40.72
C LEU UB 280 56.81 -70.86 -40.33
N LEU UB 281 57.81 -70.62 -39.49
CA LEU UB 281 58.61 -71.74 -38.99
C LEU UB 281 57.80 -72.61 -38.05
N HIS UB 282 57.02 -71.98 -37.17
CA HIS UB 282 56.09 -72.73 -36.32
C HIS UB 282 55.06 -73.47 -37.15
N VAL UB 283 54.58 -72.82 -38.22
CA VAL UB 283 53.61 -73.44 -39.12
C VAL UB 283 54.22 -74.67 -39.81
N LEU UB 284 55.47 -74.54 -40.25
CA LEU UB 284 56.16 -75.65 -40.91
C LEU UB 284 56.39 -76.81 -39.96
N GLU UB 285 56.77 -76.52 -38.72
CA GLU UB 285 56.94 -77.60 -37.78
C GLU UB 285 55.63 -78.15 -37.25
N GLY UB 286 54.53 -77.45 -37.48
CA GLY UB 286 53.25 -77.90 -36.99
C GLY UB 286 52.79 -77.22 -35.72
N VAL UB 287 53.55 -76.26 -35.21
CA VAL UB 287 53.13 -75.48 -34.07
C VAL UB 287 52.03 -74.54 -34.54
N PRO UB 288 50.84 -74.61 -33.95
CA PRO UB 288 49.76 -73.71 -34.36
C PRO UB 288 50.08 -72.28 -33.97
N PRO UB 289 49.59 -71.30 -34.74
CA PRO UB 289 49.82 -69.91 -34.37
C PRO UB 289 49.05 -69.56 -33.12
N PRO UB 290 49.59 -68.67 -32.28
CA PRO UB 290 48.84 -68.22 -31.11
C PRO UB 290 47.69 -67.32 -31.53
N GLY UB 291 46.59 -67.43 -30.79
CA GLY UB 291 45.45 -66.57 -31.04
C GLY UB 291 44.62 -66.93 -32.24
N SER UB 292 44.88 -68.06 -32.89
CA SER UB 292 44.10 -68.48 -34.03
C SER UB 292 43.17 -69.62 -33.65
N ARG UB 293 42.45 -70.14 -34.63
CA ARG UB 293 41.58 -71.28 -34.43
C ARG UB 293 41.79 -72.27 -35.56
N ARG UB 294 41.50 -73.53 -35.27
CA ARG UB 294 41.66 -74.59 -36.25
C ARG UB 294 40.58 -74.50 -37.32
N LEU UB 295 40.90 -75.02 -38.50
CA LEU UB 295 40.00 -74.95 -39.64
C LEU UB 295 39.65 -76.36 -40.11
N VAL UB 296 38.44 -76.50 -40.63
CA VAL UB 296 37.99 -77.79 -41.15
C VAL UB 296 38.66 -78.03 -42.49
N VAL UB 297 39.48 -79.06 -42.56
CA VAL UB 297 40.23 -79.39 -43.77
C VAL UB 297 39.67 -80.69 -44.32
N SER UB 298 39.33 -80.70 -45.60
CA SER UB 298 38.82 -81.88 -46.27
C SER UB 298 39.56 -82.11 -47.57
N GLY UB 299 39.87 -83.37 -47.85
CA GLY UB 299 40.46 -83.77 -49.11
C GLY UB 299 41.85 -84.34 -49.03
N GLY UB 300 42.51 -84.32 -47.88
CA GLY UB 300 43.85 -84.88 -47.80
C GLY UB 300 44.53 -84.46 -46.51
N ASP UB 301 45.82 -84.78 -46.43
CA ASP UB 301 46.62 -84.48 -45.25
C ASP UB 301 47.18 -83.07 -45.38
N ALA UB 302 46.50 -82.12 -44.75
CA ALA UB 302 46.96 -80.74 -44.71
C ALA UB 302 46.38 -80.10 -43.47
N ARG UB 303 47.13 -79.16 -42.90
CA ARG UB 303 46.71 -78.50 -41.68
C ARG UB 303 46.65 -77.00 -41.90
N ALA UB 304 45.58 -76.36 -41.43
CA ALA UB 304 45.32 -74.97 -41.76
C ALA UB 304 44.91 -74.20 -40.53
N TRP UB 305 45.27 -72.92 -40.52
CA TRP UB 305 44.88 -72.01 -39.46
C TRP UB 305 44.65 -70.63 -40.05
N LEU UB 306 43.89 -69.82 -39.31
CA LEU UB 306 43.57 -68.45 -39.70
C LEU UB 306 43.72 -67.55 -38.49
N SER UB 307 44.64 -66.60 -38.55
CA SER UB 307 44.98 -65.79 -37.40
C SER UB 307 44.63 -64.31 -37.59
N ASN UB 308 45.21 -63.65 -38.58
CA ASN UB 308 45.05 -62.22 -38.78
C ASN UB 308 44.56 -61.95 -40.18
N GLU UB 309 43.49 -62.67 -40.55
CA GLU UB 309 42.89 -62.67 -41.87
C GLU UB 309 43.90 -63.12 -42.94
N LYS UB 310 44.82 -63.99 -42.52
CA LYS UB 310 45.80 -64.59 -43.40
C LYS UB 310 45.84 -66.08 -43.11
N MET UB 311 45.72 -66.89 -44.15
CA MET UB 311 45.62 -68.33 -43.99
C MET UB 311 47.00 -68.96 -44.04
N TYR UB 312 47.26 -69.88 -43.11
CA TYR UB 312 48.53 -70.57 -43.01
C TYR UB 312 48.28 -72.06 -43.12
N VAL UB 313 49.01 -72.72 -44.01
CA VAL UB 313 48.75 -74.12 -44.32
C VAL UB 313 50.08 -74.88 -44.40
N ARG UB 314 50.17 -75.98 -43.67
CA ARG UB 314 51.30 -76.89 -43.73
C ARG UB 314 50.85 -78.19 -44.39
N THR UB 315 51.58 -78.62 -45.43
CA THR UB 315 51.21 -79.84 -46.12
C THR UB 315 52.41 -80.42 -46.84
N ASN UB 316 52.30 -81.70 -47.19
CA ASN UB 316 53.24 -82.38 -48.06
C ASN UB 316 52.78 -82.37 -49.52
N LEU UB 317 51.96 -81.40 -49.89
CA LEU UB 317 51.42 -81.31 -51.25
C LEU UB 317 51.85 -79.99 -51.87
N THR UB 318 51.31 -79.69 -53.05
CA THR UB 318 51.69 -78.49 -53.79
C THR UB 318 50.44 -77.84 -54.36
N ILE UB 319 50.11 -76.65 -53.85
CA ILE UB 319 48.97 -75.90 -54.35
C ILE UB 319 49.28 -75.32 -55.71
N LEU UB 320 48.24 -75.05 -56.49
CA LEU UB 320 48.42 -74.56 -57.85
C LEU UB 320 47.87 -73.16 -58.06
N SER UB 321 46.59 -72.94 -57.83
CA SER UB 321 45.95 -71.73 -58.35
C SER UB 321 46.19 -70.43 -57.59
N PRO UB 322 45.79 -70.30 -56.31
CA PRO UB 322 45.50 -68.95 -55.81
C PRO UB 322 46.71 -68.12 -55.42
N GLY UB 323 47.91 -68.68 -55.43
CA GLY UB 323 49.09 -67.95 -55.04
C GLY UB 323 49.24 -67.83 -53.53
N TRP UB 324 50.43 -67.45 -53.11
CA TRP UB 324 50.69 -67.34 -51.69
C TRP UB 324 51.69 -66.23 -51.42
N LEU UB 325 51.53 -65.60 -50.27
CA LEU UB 325 52.43 -64.54 -49.86
C LEU UB 325 53.81 -65.08 -49.53
N ALA UB 326 53.87 -66.25 -48.88
CA ALA UB 326 55.16 -66.82 -48.55
C ALA UB 326 55.08 -68.33 -48.51
N SER UB 327 56.23 -68.97 -48.69
CA SER UB 327 56.32 -70.42 -48.64
C SER UB 327 57.68 -70.83 -48.07
N MET UB 328 57.67 -71.92 -47.31
CA MET UB 328 58.86 -72.42 -46.65
C MET UB 328 58.98 -73.92 -46.83
N THR UB 329 60.23 -74.38 -46.86
CA THR UB 329 60.59 -75.75 -47.18
C THR UB 329 61.20 -76.42 -45.96
N SER UB 330 60.73 -77.63 -45.65
CA SER UB 330 61.24 -78.40 -44.52
C SER UB 330 62.49 -79.16 -44.93
N ALA UB 331 62.92 -80.07 -44.06
CA ALA UB 331 63.94 -81.04 -44.44
C ALA UB 331 63.33 -82.25 -45.13
N ASP UB 332 62.01 -82.45 -45.00
CA ASP UB 332 61.34 -83.61 -45.54
C ASP UB 332 60.45 -83.26 -46.73
N GLY UB 333 60.62 -82.08 -47.32
CA GLY UB 333 59.77 -81.69 -48.42
C GLY UB 333 58.41 -81.16 -48.02
N THR UB 334 58.16 -81.00 -46.73
CA THR UB 334 56.93 -80.37 -46.30
C THR UB 334 56.98 -78.88 -46.61
N HIS UB 335 55.90 -78.36 -47.15
CA HIS UB 335 55.82 -76.96 -47.52
C HIS UB 335 54.79 -76.27 -46.66
N ALA UB 336 55.12 -75.05 -46.25
CA ALA UB 336 54.20 -74.21 -45.50
C ALA UB 336 53.95 -72.93 -46.28
N TYR UB 337 52.68 -72.55 -46.37
CA TYR UB 337 52.27 -71.41 -47.16
C TYR UB 337 51.48 -70.43 -46.32
N GLU UB 338 51.77 -69.14 -46.52
CA GLU UB 338 50.94 -68.06 -46.02
C GLU UB 338 50.33 -67.36 -47.23
N MET UB 339 48.99 -67.29 -47.24
CA MET UB 339 48.24 -66.73 -48.35
C MET UB 339 46.97 -66.10 -47.80
N GLN UB 340 46.02 -65.81 -48.68
CA GLN UB 340 44.75 -65.24 -48.29
C GLN UB 340 43.71 -66.31 -48.06
N LYS UB 341 42.62 -65.92 -47.42
CA LYS UB 341 41.52 -66.85 -47.17
C LYS UB 341 40.78 -67.15 -48.46
N SER UB 342 40.47 -68.43 -48.65
CA SER UB 342 39.70 -68.91 -49.79
C SER UB 342 39.17 -70.28 -49.42
N PRO UB 343 37.92 -70.60 -49.74
CA PRO UB 343 37.33 -71.86 -49.27
C PRO UB 343 37.77 -73.09 -50.03
N VAL UB 344 38.56 -72.96 -51.09
CA VAL UB 344 38.88 -74.11 -51.93
C VAL UB 344 40.21 -73.86 -52.62
N LEU UB 345 41.07 -74.87 -52.61
CA LEU UB 345 42.39 -74.82 -53.22
C LEU UB 345 42.51 -75.88 -54.32
N LEU UB 346 43.53 -75.73 -55.15
CA LEU UB 346 43.81 -76.64 -56.24
C LEU UB 346 45.23 -77.16 -56.11
N VAL UB 347 45.39 -78.47 -56.09
CA VAL UB 347 46.65 -79.11 -55.73
C VAL UB 347 47.01 -80.16 -56.77
N SER UB 348 48.23 -80.11 -57.29
CA SER UB 348 48.76 -81.21 -58.07
C SER UB 348 49.34 -82.25 -57.12
N TRP UB 349 48.83 -83.48 -57.20
CA TRP UB 349 49.24 -84.50 -56.25
C TRP UB 349 50.36 -85.38 -56.79
N HIS UB 350 50.08 -86.11 -57.85
CA HIS UB 350 51.04 -87.03 -58.45
C HIS UB 350 51.03 -86.85 -59.96
N GLY UB 351 51.19 -85.60 -60.40
CA GLY UB 351 50.96 -85.25 -61.77
C GLY UB 351 49.50 -85.10 -62.14
N LYS UB 352 48.60 -85.20 -61.18
CA LYS UB 352 47.16 -85.15 -61.41
C LYS UB 352 46.55 -84.09 -60.51
N VAL UB 353 45.54 -83.40 -61.03
CA VAL UB 353 44.96 -82.26 -60.33
C VAL UB 353 43.95 -82.76 -59.30
N MET UB 354 43.73 -81.93 -58.27
CA MET UB 354 42.77 -82.24 -57.21
C MET UB 354 42.28 -80.93 -56.62
N GLN UB 355 41.12 -80.99 -55.97
CA GLN UB 355 40.52 -79.84 -55.33
C GLN UB 355 40.35 -80.11 -53.84
N LEU UB 356 40.55 -79.07 -53.04
CA LEU UB 356 40.49 -79.15 -51.58
C LEU UB 356 39.47 -78.15 -51.06
N LYS UB 357 38.60 -78.61 -50.17
CA LYS UB 357 37.52 -77.81 -49.62
C LYS UB 357 37.75 -77.56 -48.15
N VAL UB 358 37.68 -76.29 -47.74
CA VAL UB 358 37.87 -75.87 -46.37
C VAL UB 358 36.61 -75.14 -45.93
N GLU UB 359 36.02 -75.59 -44.82
CA GLU UB 359 34.84 -74.97 -44.25
C GLU UB 359 35.24 -74.01 -43.13
N GLY UB 360 34.24 -73.53 -42.40
CA GLY UB 360 34.48 -72.75 -41.20
C GLY UB 360 34.83 -71.29 -41.41
N LEU UB 361 34.84 -70.81 -42.64
CA LEU UB 361 35.16 -69.41 -42.89
C LEU UB 361 33.98 -68.50 -42.57
N VAL VB 38 38.25 -92.17 -1.06
CA VAL VB 38 38.83 -93.26 -0.26
C VAL VB 38 38.57 -94.68 -0.85
N PRO VB 39 37.37 -95.02 -1.33
CA PRO VB 39 37.27 -96.26 -2.12
C PRO VB 39 37.94 -96.13 -3.48
N LYS VB 40 38.07 -94.91 -4.01
CA LYS VB 40 38.86 -94.70 -5.21
C LYS VB 40 40.34 -94.93 -4.93
N LEU VB 41 40.78 -94.65 -3.70
CA LEU VB 41 42.10 -95.06 -3.28
C LEU VB 41 42.12 -96.59 -3.12
N PRO VB 42 43.26 -97.23 -3.40
CA PRO VB 42 43.32 -98.70 -3.32
C PRO VB 42 43.25 -99.18 -1.88
N CYS VB 43 42.23 -100.00 -1.59
CA CYS VB 43 42.09 -100.55 -0.24
C CYS VB 43 43.15 -101.62 0.02
N ARG VB 44 43.42 -102.46 -0.98
CA ARG VB 44 44.38 -103.54 -0.84
C ARG VB 44 45.28 -103.54 -2.05
N VAL VB 45 46.42 -104.22 -1.93
CA VAL VB 45 47.33 -104.33 -3.07
C VAL VB 45 46.73 -105.28 -4.10
N ASP VB 46 46.92 -104.95 -5.37
CA ASP VB 46 46.21 -105.61 -6.46
C ASP VB 46 46.74 -107.02 -6.69
N GLY VB 47 45.82 -107.92 -7.05
CA GLY VB 47 46.15 -109.29 -7.40
C GLY VB 47 46.72 -110.11 -6.27
N ALA VB 48 46.25 -109.88 -5.04
CA ALA VB 48 46.80 -110.56 -3.88
C ALA VB 48 45.67 -111.10 -3.03
N CYS VB 49 45.59 -112.43 -2.94
CA CYS VB 49 44.72 -113.10 -1.98
C CYS VB 49 45.58 -114.08 -1.20
N ASP VB 50 45.65 -113.85 0.11
CA ASP VB 50 46.60 -114.59 0.93
C ASP VB 50 46.17 -116.04 1.10
N ALA VB 51 44.87 -116.32 1.02
CA ALA VB 51 44.39 -117.69 0.99
C ALA VB 51 44.90 -118.42 -0.24
N THR VB 52 44.89 -117.76 -1.40
CA THR VB 52 45.45 -118.35 -2.61
C THR VB 52 46.96 -118.50 -2.48
N ILE VB 53 47.62 -117.55 -1.82
CA ILE VB 53 49.07 -117.60 -1.62
C ILE VB 53 49.46 -118.82 -0.80
N ILE VB 54 48.78 -119.03 0.33
CA ILE VB 54 49.11 -120.17 1.17
C ILE VB 54 48.63 -121.46 0.55
N LYS VB 55 47.60 -121.41 -0.31
CA LYS VB 55 47.16 -122.61 -1.00
C LYS VB 55 48.20 -123.09 -2.00
N MET VB 56 48.73 -122.17 -2.81
CA MET VB 56 49.76 -122.59 -3.77
C MET VB 56 51.08 -122.88 -3.07
N MET VB 57 51.33 -122.25 -1.91
CA MET VB 57 52.49 -122.59 -1.11
C MET VB 57 52.41 -124.03 -0.59
N THR VB 58 51.23 -124.39 -0.08
CA THR VB 58 51.01 -125.75 0.43
C THR VB 58 51.06 -126.77 -0.70
N ASP VB 59 50.52 -126.41 -1.86
CA ASP VB 59 50.53 -127.32 -3.01
C ASP VB 59 51.95 -127.52 -3.54
N LEU VB 60 52.76 -126.46 -3.53
CA LEU VB 60 54.15 -126.61 -3.94
C LEU VB 60 54.93 -127.46 -2.94
N ASN VB 61 54.63 -127.30 -1.65
CA ASN VB 61 55.28 -128.13 -0.63
C ASN VB 61 54.90 -129.60 -0.78
N LYS VB 62 53.62 -129.88 -1.03
CA LYS VB 62 53.22 -131.28 -1.18
C LYS VB 62 53.59 -131.86 -2.53
N LYS VB 63 53.87 -131.01 -3.52
CA LYS VB 63 54.35 -131.50 -4.81
C LYS VB 63 55.86 -131.60 -4.87
N GLY VB 64 56.57 -131.04 -3.89
CA GLY VB 64 57.99 -131.33 -3.79
C GLY VB 64 58.90 -130.15 -4.11
N ILE VB 65 58.46 -128.95 -3.78
CA ILE VB 65 59.24 -127.73 -4.01
C ILE VB 65 59.52 -127.10 -2.66
N LYS VB 66 60.80 -126.85 -2.38
CA LYS VB 66 61.18 -126.37 -1.06
C LYS VB 66 60.91 -124.88 -0.95
N VAL VB 67 60.11 -124.50 0.03
CA VAL VB 67 59.71 -123.11 0.25
C VAL VB 67 60.19 -122.69 1.64
N ALA VB 68 60.88 -121.56 1.72
CA ALA VB 68 61.50 -121.10 2.96
C ALA VB 68 61.14 -119.65 3.21
N SER VB 69 60.72 -119.35 4.44
CA SER VB 69 60.31 -118.01 4.86
C SER VB 69 61.05 -117.65 6.13
N VAL VB 70 62.10 -116.86 6.01
CA VAL VB 70 62.92 -116.45 7.15
C VAL VB 70 62.77 -114.94 7.29
N GLY VB 71 61.82 -114.52 8.11
CA GLY VB 71 61.60 -113.10 8.35
C GLY VB 71 61.08 -112.38 7.12
N GLN VB 72 61.92 -111.52 6.54
CA GLN VB 72 61.57 -110.81 5.32
C GLN VB 72 62.03 -111.51 4.05
N ASN VB 73 62.79 -112.59 4.16
CA ASN VB 73 63.40 -113.22 3.00
C ASN VB 73 62.71 -114.55 2.68
N TYR VB 74 62.61 -114.83 1.39
CA TYR VB 74 61.94 -116.02 0.89
C TYR VB 74 62.85 -116.73 -0.11
N LEU VB 75 62.83 -118.06 -0.04
CA LEU VB 75 63.73 -118.90 -0.80
C LEU VB 75 62.98 -120.08 -1.39
N ILE VB 76 63.16 -120.32 -2.69
CA ILE VB 76 62.53 -121.43 -3.37
C ILE VB 76 63.62 -122.32 -3.96
N SER VB 77 63.53 -123.62 -3.68
CA SER VB 77 64.49 -124.60 -4.16
C SER VB 77 63.77 -125.67 -4.96
N ILE VB 78 64.31 -125.99 -6.13
CA ILE VB 78 63.72 -126.96 -7.05
C ILE VB 78 64.78 -127.95 -7.51
N PRO VB 79 64.54 -129.26 -7.41
CA PRO VB 79 65.49 -130.22 -8.00
C PRO VB 79 65.43 -130.19 -9.52
N ALA VB 80 66.59 -130.43 -10.14
CA ALA VB 80 66.71 -130.32 -11.58
C ALA VB 80 66.21 -131.56 -12.33
N SER VB 81 66.00 -132.67 -11.62
CA SER VB 81 65.56 -133.90 -12.28
C SER VB 81 64.15 -133.78 -12.83
N ALA VB 82 63.31 -132.99 -12.17
CA ALA VB 82 61.98 -132.70 -12.68
C ALA VB 82 61.98 -131.51 -13.63
N LEU VB 83 63.13 -130.92 -13.92
CA LEU VB 83 63.21 -129.71 -14.71
C LEU VB 83 63.85 -129.95 -16.07
N PHE VB 84 65.06 -130.47 -16.10
CA PHE VB 84 65.81 -130.55 -17.34
C PHE VB 84 65.89 -131.97 -17.84
N ALA VB 85 66.70 -132.18 -18.86
CA ALA VB 85 67.08 -133.51 -19.30
C ALA VB 85 68.35 -133.92 -18.55
N ASP VB 86 68.96 -135.03 -18.96
CA ASP VB 86 70.11 -135.57 -18.25
C ASP VB 86 71.34 -134.77 -18.60
N GLN VB 87 71.88 -134.05 -17.60
CA GLN VB 87 73.14 -133.32 -17.67
C GLN VB 87 73.18 -132.26 -18.77
N SER VB 88 72.01 -131.77 -19.19
CA SER VB 88 71.90 -130.94 -20.38
C SER VB 88 70.92 -129.81 -20.13
N PRO VB 89 71.11 -128.65 -20.78
CA PRO VB 89 70.17 -127.53 -20.64
C PRO VB 89 69.02 -127.59 -21.63
N ARG VB 90 68.39 -128.75 -21.76
CA ARG VB 90 67.18 -128.91 -22.55
C ARG VB 90 65.98 -128.89 -21.61
N LEU VB 91 64.87 -128.34 -22.09
CA LEU VB 91 63.72 -128.06 -21.25
C LEU VB 91 62.57 -128.99 -21.60
N ASN VB 92 62.00 -129.62 -20.58
CA ASN VB 92 60.80 -130.41 -20.77
C ASN VB 92 59.61 -129.50 -21.06
N TRP VB 93 58.65 -130.03 -21.81
CA TRP VB 93 57.47 -129.24 -22.15
C TRP VB 93 56.57 -129.03 -20.93
N ALA VB 94 56.42 -130.05 -20.09
CA ALA VB 94 55.55 -129.96 -18.94
C ALA VB 94 56.10 -129.06 -17.83
N SER VB 95 57.39 -128.73 -17.88
CA SER VB 95 57.99 -127.86 -16.89
C SER VB 95 57.50 -126.41 -16.99
N TYR VB 96 56.94 -126.04 -18.14
CA TYR VB 96 56.39 -124.70 -18.30
C TYR VB 96 55.20 -124.47 -17.39
N SER VB 97 54.43 -125.52 -17.06
CA SER VB 97 53.33 -125.38 -16.11
C SER VB 97 53.85 -125.04 -14.72
N LEU VB 98 54.92 -125.72 -14.29
CA LEU VB 98 55.53 -125.41 -13.00
C LEU VB 98 56.13 -124.02 -12.99
N LEU VB 99 56.72 -123.62 -14.11
CA LEU VB 99 57.25 -122.26 -14.22
C LEU VB 99 56.14 -121.21 -14.18
N ASN VB 100 54.98 -121.52 -14.74
CA ASN VB 100 53.85 -120.60 -14.67
C ASN VB 100 53.32 -120.51 -13.25
N GLU VB 101 53.34 -121.62 -12.51
CA GLU VB 101 53.00 -121.56 -11.09
C GLU VB 101 54.01 -120.73 -10.32
N ILE VB 102 55.29 -120.82 -10.70
CA ILE VB 102 56.34 -120.02 -10.09
C ILE VB 102 56.09 -118.54 -10.32
N ALA VB 103 55.76 -118.18 -11.56
CA ALA VB 103 55.46 -116.79 -11.88
C ALA VB 103 54.17 -116.31 -11.20
N ALA VB 104 53.20 -117.21 -11.04
CA ALA VB 104 51.97 -116.86 -10.35
C ALA VB 104 52.23 -116.56 -8.88
N PHE VB 105 53.10 -117.32 -8.25
CA PHE VB 105 53.48 -116.99 -6.88
C PHE VB 105 54.34 -115.74 -6.83
N LEU VB 106 55.17 -115.52 -7.84
CA LEU VB 106 56.06 -114.36 -7.83
C LEU VB 106 55.34 -113.06 -8.17
N LYS VB 107 54.12 -113.15 -8.70
CA LYS VB 107 53.30 -111.96 -8.88
C LYS VB 107 52.85 -111.34 -7.55
N GLN VB 108 52.90 -112.10 -6.46
CA GLN VB 108 52.25 -111.70 -5.23
C GLN VB 108 53.03 -110.69 -4.40
N PHE VB 109 54.29 -110.41 -4.74
CA PHE VB 109 55.13 -109.61 -3.87
C PHE VB 109 55.73 -108.43 -4.61
N ARG VB 110 55.76 -107.28 -3.94
CA ARG VB 110 56.52 -106.14 -4.42
C ARG VB 110 58.00 -106.42 -4.17
N LYS VB 111 58.77 -106.54 -5.24
CA LYS VB 111 60.12 -107.06 -5.16
C LYS VB 111 61.12 -106.04 -5.70
N ILE VB 112 62.38 -106.22 -5.29
CA ILE VB 112 63.48 -105.37 -5.71
C ILE VB 112 64.47 -106.13 -6.58
N ALA VB 113 65.13 -107.13 -6.01
CA ALA VB 113 66.13 -107.91 -6.72
C ALA VB 113 65.89 -109.38 -6.43
N ILE VB 114 65.99 -110.20 -7.46
CA ILE VB 114 65.83 -111.65 -7.33
C ILE VB 114 67.16 -112.30 -7.68
N THR VB 115 67.63 -113.17 -6.80
CA THR VB 115 68.90 -113.85 -6.98
C THR VB 115 68.63 -115.29 -7.38
N VAL VB 116 69.25 -115.72 -8.48
CA VAL VB 116 69.11 -117.07 -9.01
C VAL VB 116 70.48 -117.73 -8.97
N THR VB 117 70.55 -118.90 -8.37
CA THR VB 117 71.76 -119.69 -8.38
C THR VB 117 71.43 -121.13 -8.79
N SER VB 118 72.40 -121.77 -9.40
CA SER VB 118 72.25 -123.15 -9.82
C SER VB 118 73.38 -124.00 -9.29
N TYR VB 119 73.07 -125.27 -9.01
CA TYR VB 119 74.03 -126.23 -8.49
C TYR VB 119 73.83 -127.56 -9.21
N SER VB 120 74.89 -128.34 -9.28
CA SER VB 120 74.86 -129.63 -9.97
C SER VB 120 75.72 -130.61 -9.19
N SER VB 121 76.05 -131.74 -9.82
CA SER VB 121 76.94 -132.74 -9.28
C SER VB 121 78.12 -132.94 -10.22
N LYS VB 122 79.15 -133.63 -9.72
CA LYS VB 122 80.37 -133.82 -10.48
C LYS VB 122 80.14 -134.81 -11.62
N TYR VB 123 80.33 -134.33 -12.85
CA TYR VB 123 80.12 -135.16 -14.04
C TYR VB 123 81.39 -135.34 -14.85
N VAL VB 124 82.04 -134.27 -15.29
CA VAL VB 124 83.25 -134.39 -16.11
C VAL VB 124 84.36 -133.56 -15.50
N SER VB 125 84.10 -132.27 -15.28
CA SER VB 125 85.14 -131.34 -14.87
C SER VB 125 84.50 -130.33 -13.91
N VAL VB 126 85.16 -129.20 -13.71
CA VAL VB 126 84.59 -128.12 -12.93
C VAL VB 126 83.97 -127.06 -13.83
N LYS VB 127 84.68 -126.69 -14.89
CA LYS VB 127 84.21 -125.62 -15.78
C LYS VB 127 83.00 -126.07 -16.58
N ARG VB 128 82.91 -127.36 -16.89
CA ARG VB 128 81.73 -127.90 -17.56
C ARG VB 128 80.49 -127.73 -16.71
N GLU VB 129 80.59 -128.07 -15.43
CA GLU VB 129 79.45 -127.93 -14.53
C GLU VB 129 79.13 -126.47 -14.26
N ARG VB 130 80.17 -125.63 -14.16
CA ARG VB 130 79.95 -124.20 -13.99
C ARG VB 130 79.21 -123.60 -15.18
N ALA VB 131 79.62 -123.97 -16.39
CA ALA VB 131 78.97 -123.47 -17.59
C ALA VB 131 77.55 -123.99 -17.72
N LEU VB 132 77.32 -125.25 -17.36
CA LEU VB 132 75.98 -125.82 -17.43
C LEU VB 132 75.03 -125.13 -16.46
N THR VB 133 75.48 -124.94 -15.22
CA THR VB 133 74.66 -124.25 -14.22
C THR VB 133 74.40 -122.80 -14.62
N LEU VB 134 75.42 -122.12 -15.15
CA LEU VB 134 75.27 -120.74 -15.57
C LEU VB 134 74.30 -120.60 -16.72
N ALA VB 135 74.36 -121.53 -17.69
CA ALA VB 135 73.44 -121.48 -18.82
C ALA VB 135 72.02 -121.78 -18.40
N ARG VB 136 71.82 -122.75 -17.50
CA ARG VB 136 70.48 -123.06 -17.02
C ARG VB 136 69.88 -121.89 -16.26
N SER VB 137 70.70 -121.23 -15.44
CA SER VB 137 70.26 -120.04 -14.73
C SER VB 137 69.93 -118.91 -15.70
N ARG VB 138 70.73 -118.76 -16.75
CA ARG VB 138 70.48 -117.75 -17.78
C ARG VB 138 69.15 -117.97 -18.46
N VAL VB 139 68.85 -119.22 -18.83
CA VAL VB 139 67.62 -119.52 -19.55
C VAL VB 139 66.40 -119.31 -18.67
N VAL VB 140 66.45 -119.80 -17.42
CA VAL VB 140 65.29 -119.65 -16.56
C VAL VB 140 65.09 -118.19 -16.15
N SER VB 141 66.18 -117.44 -16.01
CA SER VB 141 66.07 -116.02 -15.71
C SER VB 141 65.50 -115.25 -16.88
N GLU VB 142 65.88 -115.63 -18.10
CA GLU VB 142 65.34 -114.98 -19.29
C GLU VB 142 63.85 -115.23 -19.43
N TYR VB 143 63.40 -116.46 -19.18
CA TYR VB 143 61.97 -116.73 -19.26
C TYR VB 143 61.21 -116.02 -18.15
N LEU VB 144 61.79 -115.93 -16.95
CA LEU VB 144 61.10 -115.26 -15.87
C LEU VB 144 61.04 -113.75 -16.11
N TRP VB 145 62.08 -113.17 -16.70
CA TRP VB 145 62.04 -111.76 -17.05
C TRP VB 145 61.08 -111.50 -18.20
N SER VB 146 60.93 -112.47 -19.10
CA SER VB 146 59.88 -112.39 -20.11
C SER VB 146 58.51 -112.40 -19.46
N GLN VB 147 58.34 -113.19 -18.41
CA GLN VB 147 57.13 -113.12 -17.62
C GLN VB 147 57.11 -111.82 -16.82
N GLY VB 148 55.91 -111.44 -16.38
CA GLY VB 148 55.72 -110.11 -15.87
C GLY VB 148 56.01 -109.89 -14.40
N VAL VB 149 57.15 -110.35 -13.92
CA VAL VB 149 57.53 -110.08 -12.53
C VAL VB 149 57.96 -108.63 -12.41
N ASP VB 150 57.54 -107.98 -11.34
CA ASP VB 150 57.87 -106.57 -11.13
C ASP VB 150 59.13 -106.42 -10.29
N SER VB 151 60.20 -107.06 -10.73
CA SER VB 151 61.51 -106.92 -10.08
C SER VB 151 62.36 -105.99 -10.92
N ARG VB 152 63.01 -105.03 -10.25
CA ARG VB 152 63.94 -104.16 -10.96
C ARG VB 152 65.19 -104.90 -11.37
N ILE VB 153 65.73 -105.74 -10.49
CA ILE VB 153 67.05 -106.36 -10.70
C ILE VB 153 66.91 -107.86 -10.64
N ILE VB 154 67.52 -108.55 -11.61
CA ILE VB 154 67.68 -110.00 -11.57
C ILE VB 154 69.16 -110.31 -11.69
N PHE VB 155 69.68 -111.09 -10.74
CA PHE VB 155 71.03 -111.62 -10.79
C PHE VB 155 70.99 -113.13 -11.00
N THR VB 156 71.92 -113.64 -11.83
CA THR VB 156 71.98 -115.05 -12.12
C THR VB 156 73.42 -115.56 -12.05
N GLN VB 157 73.59 -116.71 -11.39
CA GLN VB 157 74.88 -117.36 -11.28
C GLN VB 157 74.70 -118.86 -11.07
N GLY VB 158 75.74 -119.60 -11.42
CA GLY VB 158 75.73 -121.04 -11.23
C GLY VB 158 77.10 -121.51 -10.79
N LEU VB 159 77.10 -122.57 -10.00
CA LEU VB 159 78.35 -123.03 -9.42
C LEU VB 159 78.65 -124.49 -9.71
N GLY VB 160 77.66 -125.36 -9.63
CA GLY VB 160 77.87 -126.78 -9.84
C GLY VB 160 77.89 -127.55 -8.53
N SER VB 161 78.90 -128.39 -8.36
CA SER VB 161 79.02 -129.22 -7.17
C SER VB 161 79.95 -128.60 -6.13
N ASP VB 162 79.99 -127.27 -6.06
CA ASP VB 162 80.92 -126.59 -5.18
C ASP VB 162 80.50 -126.67 -3.72
N LYS VB 163 79.23 -126.42 -3.43
CA LYS VB 163 78.71 -126.50 -2.06
C LYS VB 163 77.44 -127.33 -2.05
N PRO VB 164 77.57 -128.65 -2.01
CA PRO VB 164 76.39 -129.48 -1.85
C PRO VB 164 75.85 -129.39 -0.43
N ILE VB 165 74.55 -129.65 -0.30
CA ILE VB 165 73.90 -129.63 1.00
C ILE VB 165 73.88 -131.00 1.65
N THR VB 166 74.39 -132.02 0.96
CA THR VB 166 74.46 -133.37 1.50
C THR VB 166 75.79 -133.99 1.11
N SER VB 167 76.34 -134.83 1.99
CA SER VB 167 77.51 -135.64 1.65
C SER VB 167 77.13 -136.89 0.88
N TYR VB 168 75.84 -137.18 0.76
CA TYR VB 168 75.36 -138.36 0.03
C TYR VB 168 75.53 -138.12 -1.46
N THR VB 169 76.57 -138.72 -2.03
CA THR VB 169 76.95 -138.49 -3.42
C THR VB 169 76.77 -139.75 -4.26
N LEU VB 170 75.64 -140.43 -4.09
CA LEU VB 170 75.39 -141.66 -4.84
C LEU VB 170 75.05 -141.35 -6.29
N GLY VB 171 73.95 -140.63 -6.52
CA GLY VB 171 73.46 -140.43 -7.86
C GLY VB 171 74.16 -139.30 -8.58
N GLY VB 172 73.72 -139.07 -9.81
CA GLY VB 172 74.17 -137.96 -10.60
C GLY VB 172 73.15 -136.85 -10.60
N ASP VB 173 72.33 -136.79 -11.66
CA ASP VB 173 71.24 -135.82 -11.70
C ASP VB 173 70.10 -136.18 -10.75
N ARG VB 174 70.02 -137.44 -10.31
CA ARG VB 174 69.01 -137.81 -9.32
C ARG VB 174 69.37 -137.33 -7.93
N SER VB 175 70.62 -136.92 -7.70
CA SER VB 175 71.03 -136.44 -6.40
C SER VB 175 70.39 -135.08 -6.11
N PRO VB 176 69.92 -134.86 -4.88
CA PRO VB 176 69.14 -133.65 -4.60
C PRO VB 176 69.95 -132.38 -4.55
N ASN VB 177 71.27 -132.45 -4.35
CA ASN VB 177 72.09 -131.25 -4.32
C ASN VB 177 72.21 -130.61 -5.70
N ALA VB 178 72.03 -131.38 -6.77
CA ALA VB 178 71.80 -130.79 -8.08
C ALA VB 178 70.44 -130.11 -8.06
N ARG VB 179 70.43 -128.78 -8.14
CA ARG VB 179 69.24 -128.02 -7.82
C ARG VB 179 69.33 -126.64 -8.46
N VAL VB 180 68.21 -125.94 -8.42
CA VAL VB 180 68.17 -124.54 -8.79
C VAL VB 180 67.41 -123.80 -7.70
N GLU VB 181 67.99 -122.73 -7.20
CA GLU VB 181 67.43 -121.99 -6.09
C GLU VB 181 67.28 -120.52 -6.47
N ILE VB 182 66.19 -119.92 -6.04
CA ILE VB 182 65.96 -118.49 -6.19
C ILE VB 182 65.63 -117.93 -4.83
N THR VB 183 65.97 -116.66 -4.64
CA THR VB 183 65.76 -116.03 -3.34
C THR VB 183 65.52 -114.54 -3.52
N PHE VB 184 64.81 -113.96 -2.55
CA PHE VB 184 64.55 -112.53 -2.55
C PHE VB 184 64.15 -112.11 -1.15
N ARG VB 185 63.92 -110.80 -0.98
CA ARG VB 185 63.37 -110.26 0.24
C ARG VB 185 62.19 -109.38 -0.11
N ARG VB 186 61.02 -109.69 0.45
CA ARG VB 186 59.87 -108.81 0.31
C ARG VB 186 60.08 -107.58 1.17
N ALA VB 187 60.15 -106.42 0.53
CA ALA VB 187 60.43 -105.17 1.22
C ALA VB 187 59.15 -104.37 1.37
N VAL VB 188 58.91 -103.86 2.58
CA VAL VB 188 57.79 -103.00 2.95
C VAL VB 188 56.41 -103.60 2.61
N CYS WB 42 53.92 -140.29 -28.07
CA CYS WB 42 53.31 -140.12 -29.37
C CYS WB 42 54.02 -139.03 -30.18
N PHE WB 43 54.25 -137.89 -29.55
CA PHE WB 43 54.82 -136.75 -30.23
C PHE WB 43 55.45 -135.82 -29.20
N HIS WB 44 56.53 -135.15 -29.61
CA HIS WB 44 57.15 -134.14 -28.77
C HIS WB 44 56.99 -132.78 -29.40
N PRO WB 45 56.44 -131.80 -28.67
CA PRO WB 45 56.25 -130.44 -29.20
C PRO WB 45 57.54 -129.75 -29.61
N PRO WB 46 58.71 -130.01 -28.95
CA PRO WB 46 59.90 -129.50 -29.65
C PRO WB 46 60.33 -130.39 -30.81
N TYR WB 47 59.60 -130.27 -31.92
CA TYR WB 47 59.94 -130.77 -33.26
C TYR WB 47 60.09 -132.28 -33.31
N ASN WB 48 59.52 -132.98 -32.32
CA ASN WB 48 59.61 -134.43 -32.15
C ASN WB 48 61.05 -134.92 -32.12
N ASN WB 49 61.94 -134.10 -31.56
CA ASN WB 49 63.39 -134.34 -31.48
C ASN WB 49 64.00 -134.61 -32.85
N PHE WB 50 63.48 -133.89 -33.87
CA PHE WB 50 63.88 -134.03 -35.28
C PHE WB 50 63.74 -135.47 -35.78
N GLN WB 51 62.65 -136.11 -35.40
CA GLN WB 51 62.44 -137.47 -35.85
C GLN WB 51 61.34 -137.51 -36.89
N PRO WB 52 61.48 -138.35 -37.93
CA PRO WB 52 60.36 -138.53 -38.88
C PRO WB 52 59.20 -139.27 -38.23
N ASP WB 53 58.12 -138.54 -37.97
CA ASP WB 53 56.99 -139.10 -37.24
C ASP WB 53 56.08 -139.89 -38.18
N ARG WB 54 55.33 -140.82 -37.59
CA ARG WB 54 54.36 -141.63 -38.32
C ARG WB 54 52.99 -141.38 -37.68
N ARG WB 55 52.12 -140.70 -38.42
CA ARG WB 55 50.78 -140.38 -37.92
C ARG WB 55 49.69 -141.20 -38.59
N ALA WB 56 50.00 -141.89 -39.69
CA ALA WB 56 49.02 -142.79 -40.30
C ALA WB 56 48.69 -143.96 -39.38
N VAL WB 57 49.66 -144.44 -38.61
CA VAL WB 57 49.41 -145.48 -37.63
C VAL WB 57 48.51 -144.96 -36.52
N LYS WB 58 48.70 -143.70 -36.12
CA LYS WB 58 47.81 -143.08 -35.14
C LYS WB 58 46.39 -142.95 -35.68
N ARG WB 59 46.27 -142.57 -36.96
CA ARG WB 59 44.96 -142.44 -37.59
C ARG WB 59 44.25 -143.78 -37.69
N VAL WB 60 44.96 -144.83 -38.08
CA VAL WB 60 44.29 -146.13 -38.17
C VAL WB 60 44.03 -146.71 -36.79
N GLY WB 61 44.82 -146.35 -35.77
CA GLY WB 61 44.50 -146.75 -34.42
C GLY WB 61 43.23 -146.10 -33.89
N VAL WB 62 43.10 -144.78 -34.09
CA VAL WB 62 41.91 -144.09 -33.62
C VAL WB 62 40.70 -144.33 -34.50
N ASP WB 63 40.89 -144.90 -35.70
CA ASP WB 63 39.74 -145.31 -36.50
C ASP WB 63 39.35 -146.76 -36.25
N THR WB 64 40.29 -147.63 -35.90
CA THR WB 64 39.93 -148.96 -35.44
C THR WB 64 39.32 -148.94 -34.05
N GLY WB 65 39.65 -147.95 -33.24
CA GLY WB 65 39.05 -147.81 -31.92
C GLY WB 65 37.58 -147.42 -31.96
N GLY WB 88 37.81 -150.56 -39.96
CA GLY WB 88 38.27 -149.21 -39.69
C GLY WB 88 39.63 -148.91 -40.30
N GLY WB 89 40.35 -149.97 -40.68
CA GLY WB 89 41.63 -149.79 -41.33
C GLY WB 89 41.50 -149.15 -42.70
N THR WB 90 40.43 -149.49 -43.42
CA THR WB 90 40.21 -148.93 -44.75
C THR WB 90 39.90 -147.44 -44.68
N VAL WB 91 39.02 -147.02 -43.76
CA VAL WB 91 38.71 -145.61 -43.63
C VAL WB 91 39.88 -144.85 -43.04
N GLY WB 92 40.69 -145.49 -42.19
CA GLY WB 92 41.92 -144.87 -41.72
C GLY WB 92 42.92 -144.65 -42.84
N LEU WB 93 43.05 -145.64 -43.74
CA LEU WB 93 43.93 -145.49 -44.89
C LEU WB 93 43.45 -144.40 -45.84
N VAL WB 94 42.13 -144.32 -46.06
CA VAL WB 94 41.64 -143.32 -47.00
C VAL WB 94 41.73 -141.92 -46.38
N ALA WB 95 41.59 -141.80 -45.06
CA ALA WB 95 41.80 -140.50 -44.43
C ALA WB 95 43.27 -140.11 -44.44
N SER WB 96 44.15 -141.10 -44.27
CA SER WB 96 45.59 -140.83 -44.32
C SER WB 96 46.02 -140.38 -45.70
N ILE WB 97 45.52 -141.03 -46.75
CA ILE WB 97 45.90 -140.61 -48.10
C ILE WB 97 45.15 -139.36 -48.53
N TYR WB 98 44.04 -139.01 -47.88
CA TYR WB 98 43.42 -137.73 -48.17
C TYR WB 98 44.17 -136.59 -47.51
N ARG WB 99 44.68 -136.81 -46.29
CA ARG WB 99 45.37 -135.75 -45.57
C ARG WB 99 46.85 -135.65 -45.92
N ASP WB 100 47.44 -136.68 -46.54
CA ASP WB 100 48.83 -136.58 -46.94
C ASP WB 100 49.00 -135.87 -48.28
N SER WB 101 47.91 -135.72 -49.04
CA SER WB 101 47.95 -135.07 -50.33
C SER WB 101 48.28 -133.59 -50.20
N LYS WB 102 48.95 -133.06 -51.22
CA LYS WB 102 49.56 -131.73 -51.15
C LYS WB 102 48.53 -130.62 -51.05
N ARG WB 103 47.31 -130.86 -51.52
CA ARG WB 103 46.25 -129.85 -51.42
C ARG WB 103 45.88 -129.59 -49.97
N LYS WB 104 45.81 -130.64 -49.15
CA LYS WB 104 45.59 -130.45 -47.72
C LYS WB 104 46.76 -129.72 -47.07
N ILE WB 105 47.98 -129.97 -47.54
CA ILE WB 105 49.15 -129.33 -46.95
C ILE WB 105 49.16 -127.84 -47.26
N ILE WB 106 48.85 -127.48 -48.50
CA ILE WB 106 48.79 -126.07 -48.87
C ILE WB 106 47.60 -125.38 -48.22
N ARG WB 107 46.48 -126.09 -48.06
CA ARG WB 107 45.32 -125.52 -47.38
C ARG WB 107 45.62 -125.25 -45.91
N ASP WB 108 46.35 -126.15 -45.25
CA ASP WB 108 46.78 -125.88 -43.88
C ASP WB 108 47.84 -124.79 -43.84
N LEU WB 109 48.68 -124.69 -44.87
CA LEU WB 109 49.69 -123.66 -44.92
C LEU WB 109 49.08 -122.28 -45.05
N GLN WB 110 47.97 -122.17 -45.80
CA GLN WB 110 47.26 -120.90 -45.88
C GLN WB 110 46.29 -120.69 -44.73
N LYS WB 111 45.91 -121.77 -44.02
CA LYS WB 111 45.30 -121.59 -42.71
C LYS WB 111 46.27 -120.93 -41.76
N GLN WB 112 47.53 -121.35 -41.81
CA GLN WB 112 48.61 -120.60 -41.18
C GLN WB 112 48.87 -119.33 -41.97
N ASP WB 113 49.64 -118.43 -41.37
CA ASP WB 113 49.87 -117.13 -42.00
C ASP WB 113 51.11 -117.15 -42.89
N ILE WB 114 51.22 -118.15 -43.76
CA ILE WB 114 52.38 -118.35 -44.61
C ILE WB 114 51.92 -118.43 -46.05
N GLN WB 115 52.55 -117.68 -46.94
CA GLN WB 115 52.11 -117.56 -48.32
C GLN WB 115 52.90 -118.50 -49.23
N TYR WB 116 52.19 -119.25 -50.07
CA TYR WB 116 52.81 -120.13 -51.05
C TYR WB 116 52.50 -119.62 -52.45
N VAL WB 117 53.54 -119.44 -53.26
CA VAL WB 117 53.41 -118.93 -54.62
C VAL WB 117 54.02 -119.95 -55.57
N GLU WB 118 53.21 -120.38 -56.54
CA GLU WB 118 53.67 -121.25 -57.62
C GLU WB 118 53.40 -120.56 -58.95
N TYR WB 119 54.42 -120.48 -59.79
CA TYR WB 119 54.28 -119.81 -61.08
C TYR WB 119 55.29 -120.38 -62.05
N GLY WB 120 54.80 -120.93 -63.15
CA GLY WB 120 55.69 -121.51 -64.14
C GLY WB 120 56.32 -122.80 -63.64
N ASP WB 121 57.60 -122.72 -63.27
CA ASP WB 121 58.32 -123.86 -62.72
C ASP WB 121 58.91 -123.58 -61.35
N THR WB 122 59.37 -122.37 -61.09
CA THR WB 122 59.92 -122.03 -59.79
C THR WB 122 58.80 -121.84 -58.77
N ARG WB 123 59.14 -121.98 -57.50
CA ARG WB 123 58.18 -121.79 -56.43
C ARG WB 123 58.81 -120.98 -55.31
N THR WB 124 57.96 -120.33 -54.53
CA THR WB 124 58.39 -119.42 -53.48
C THR WB 124 57.50 -119.53 -52.26
N LEU WB 125 58.12 -119.29 -51.10
CA LEU WB 125 57.45 -119.28 -49.81
C LEU WB 125 57.71 -117.94 -49.14
N ILE WB 126 56.67 -117.38 -48.52
CA ILE WB 126 56.75 -116.08 -47.87
C ILE WB 126 56.36 -116.25 -46.42
N ILE WB 127 57.26 -115.89 -45.52
CA ILE WB 127 57.07 -116.06 -44.08
C ILE WB 127 57.21 -114.69 -43.41
N PRO WB 128 56.18 -114.18 -42.75
CA PRO WB 128 56.35 -112.96 -41.97
C PRO WB 128 57.16 -113.21 -40.73
N THR WB 129 57.83 -112.16 -40.26
CA THR WB 129 58.81 -112.30 -39.20
C THR WB 129 58.17 -112.47 -37.82
N ASP WB 130 56.99 -111.88 -37.62
CA ASP WB 130 56.51 -111.61 -36.26
C ASP WB 130 56.03 -112.88 -35.56
N LYS WB 131 55.02 -113.55 -36.11
CA LYS WB 131 54.44 -114.69 -35.41
C LYS WB 131 55.33 -115.92 -35.44
N TYR WB 132 56.36 -115.95 -36.26
CA TYR WB 132 57.24 -117.10 -36.35
C TYR WB 132 58.64 -116.82 -35.84
N PHE WB 133 58.93 -115.59 -35.45
CA PHE WB 133 60.26 -115.22 -35.01
C PHE WB 133 60.18 -114.45 -33.71
N MET WB 134 61.18 -114.64 -32.87
CA MET WB 134 61.26 -113.84 -31.66
C MET WB 134 61.61 -112.39 -31.99
N PHE WB 135 61.06 -111.47 -31.22
CA PHE WB 135 61.12 -110.05 -31.55
C PHE WB 135 62.52 -109.50 -31.34
N SER WB 136 63.01 -108.77 -32.36
CA SER WB 136 64.24 -107.98 -32.31
C SER WB 136 65.47 -108.83 -31.99
N SER WB 137 65.41 -110.11 -32.34
CA SER WB 137 66.39 -111.08 -31.86
C SER WB 137 66.40 -112.24 -32.83
N PRO WB 138 67.54 -112.91 -33.02
CA PRO WB 138 67.60 -113.98 -34.02
C PRO WB 138 66.96 -115.29 -33.60
N ARG WB 139 66.25 -115.31 -32.47
CA ARG WB 139 65.59 -116.53 -32.04
C ARG WB 139 64.26 -116.71 -32.77
N LEU WB 140 63.52 -117.74 -32.38
CA LEU WB 140 62.34 -118.18 -33.11
C LEU WB 140 61.17 -118.34 -32.15
N ASN WB 141 59.97 -118.04 -32.64
CA ASN WB 141 58.76 -118.32 -31.89
C ASN WB 141 58.55 -119.83 -31.80
N GLU WB 142 58.45 -120.34 -30.57
CA GLU WB 142 58.23 -121.76 -30.37
C GLU WB 142 56.80 -122.18 -30.68
N ILE WB 143 55.84 -121.26 -30.57
CA ILE WB 143 54.43 -121.61 -30.61
C ILE WB 143 54.01 -122.07 -32.00
N CYS WB 144 54.55 -121.45 -33.05
CA CYS WB 144 54.11 -121.73 -34.42
C CYS WB 144 54.89 -122.87 -35.07
N TYR WB 145 55.33 -123.84 -34.27
CA TYR WB 145 55.96 -125.04 -34.83
C TYR WB 145 55.12 -125.90 -35.79
N PRO WB 146 53.76 -125.92 -35.77
CA PRO WB 146 53.07 -126.63 -36.87
C PRO WB 146 53.37 -126.08 -38.26
N GLY WB 147 53.54 -124.77 -38.39
CA GLY WB 147 53.93 -124.21 -39.68
C GLY WB 147 55.31 -124.64 -40.11
N LEU WB 148 56.24 -124.76 -39.15
CA LEU WB 148 57.57 -125.24 -39.45
C LEU WB 148 57.55 -126.70 -39.88
N ASN WB 149 56.74 -127.52 -39.22
CA ASN WB 149 56.60 -128.91 -39.63
C ASN WB 149 55.94 -129.04 -40.99
N ASN WB 150 55.01 -128.14 -41.31
CA ASN WB 150 54.44 -128.09 -42.65
C ASN WB 150 55.49 -127.71 -43.69
N VAL WB 151 56.38 -126.79 -43.31
CA VAL WB 151 57.49 -126.38 -44.19
C VAL WB 151 58.39 -127.57 -44.48
N ILE WB 152 58.69 -128.36 -43.45
CA ILE WB 152 59.51 -129.55 -43.64
C ILE WB 152 58.78 -130.59 -44.50
N ARG WB 153 57.47 -130.74 -44.29
CA ARG WB 153 56.68 -131.68 -45.08
C ARG WB 153 56.64 -131.30 -46.55
N LEU WB 154 56.51 -130.00 -46.84
CA LEU WB 154 56.50 -129.58 -48.24
C LEU WB 154 57.90 -129.64 -48.85
N LEU WB 155 58.93 -129.37 -48.06
CA LEU WB 155 60.29 -129.45 -48.58
C LEU WB 155 60.74 -130.88 -48.78
N ASN WB 156 60.03 -131.84 -48.17
CA ASN WB 156 60.26 -133.24 -48.47
C ASN WB 156 59.94 -133.57 -49.93
N PHE WB 157 58.98 -132.86 -50.53
CA PHE WB 157 58.44 -133.24 -51.84
C PHE WB 157 59.44 -133.02 -52.97
N TYR WB 158 60.30 -132.02 -52.86
CA TYR WB 158 61.21 -131.64 -53.95
C TYR WB 158 62.63 -131.69 -53.42
N PRO WB 159 63.23 -132.86 -53.35
CA PRO WB 159 64.54 -133.00 -52.71
C PRO WB 159 65.72 -132.77 -53.64
N GLN WB 160 65.48 -132.15 -54.79
CA GLN WB 160 66.53 -132.03 -55.81
C GLN WB 160 67.05 -130.61 -56.00
N SER WB 161 66.17 -129.66 -56.26
CA SER WB 161 66.60 -128.31 -56.61
C SER WB 161 67.13 -127.56 -55.40
N THR WB 162 68.12 -126.72 -55.63
CA THR WB 162 68.71 -125.93 -54.56
C THR WB 162 67.77 -124.81 -54.13
N ILE WB 163 68.04 -124.26 -52.95
CA ILE WB 163 67.17 -123.28 -52.32
C ILE WB 163 67.98 -122.01 -52.06
N TYR WB 164 67.39 -120.87 -52.42
CA TYR WB 164 67.83 -119.58 -51.93
C TYR WB 164 66.83 -119.12 -50.88
N VAL WB 165 67.34 -118.54 -49.79
CA VAL WB 165 66.49 -117.87 -48.82
C VAL WB 165 67.03 -116.46 -48.62
N ALA WB 166 66.12 -115.51 -48.44
CA ALA WB 166 66.53 -114.12 -48.30
C ALA WB 166 65.62 -113.41 -47.31
N GLY WB 167 66.19 -112.42 -46.65
CA GLY WB 167 65.50 -111.68 -45.61
C GLY WB 167 65.30 -110.21 -45.91
N PHE WB 168 64.07 -109.73 -45.74
CA PHE WB 168 63.72 -108.34 -45.97
C PHE WB 168 63.14 -107.75 -44.69
N THR WB 169 63.43 -106.47 -44.47
CA THR WB 169 62.95 -105.76 -43.28
C THR WB 169 62.47 -104.38 -43.71
N ASP WB 170 62.23 -103.54 -42.70
CA ASP WB 170 61.75 -102.18 -42.92
C ASP WB 170 62.95 -101.25 -43.12
N ASN WB 171 62.70 -99.94 -43.05
CA ASN WB 171 63.71 -98.94 -43.36
C ASN WB 171 64.34 -98.31 -42.12
N VAL WB 172 63.73 -98.44 -40.96
CA VAL WB 172 64.15 -97.69 -39.79
C VAL WB 172 65.41 -98.33 -39.21
N GLY WB 173 66.45 -97.53 -39.03
CA GLY WB 173 67.67 -97.94 -38.38
C GLY WB 173 68.89 -97.77 -39.26
N SER WB 174 70.03 -98.19 -38.72
CA SER WB 174 71.26 -98.20 -39.51
C SER WB 174 71.20 -99.29 -40.57
N ARG WB 175 71.77 -98.99 -41.73
CA ARG WB 175 71.81 -99.97 -42.81
C ARG WB 175 72.66 -101.17 -42.44
N SER WB 176 73.79 -100.92 -41.77
CA SER WB 176 74.63 -102.00 -41.27
C SER WB 176 73.91 -102.83 -40.23
N HIS WB 177 73.14 -102.18 -39.35
CA HIS WB 177 72.38 -102.88 -38.33
C HIS WB 177 71.30 -103.77 -38.95
N LYS WB 178 70.59 -103.24 -39.94
CA LYS WB 178 69.55 -104.02 -40.58
C LYS WB 178 70.14 -105.16 -41.40
N ARG WB 179 71.31 -104.94 -42.00
CA ARG WB 179 72.00 -106.00 -42.71
C ARG WB 179 72.44 -107.12 -41.76
N LYS WB 180 72.92 -106.75 -40.57
CA LYS WB 180 73.29 -107.75 -39.57
C LYS WB 180 72.08 -108.54 -39.10
N LEU WB 181 70.96 -107.85 -38.87
CA LEU WB 181 69.73 -108.53 -38.44
C LEU WB 181 69.22 -109.48 -39.52
N SER WB 182 69.28 -109.04 -40.78
CA SER WB 182 68.83 -109.87 -41.88
C SER WB 182 69.71 -111.10 -42.06
N GLN WB 183 71.04 -110.92 -41.93
CA GLN WB 183 71.95 -112.05 -42.05
C GLN WB 183 71.75 -113.04 -40.91
N ALA WB 184 71.48 -112.52 -39.70
CA ALA WB 184 71.21 -113.41 -38.56
C ALA WB 184 69.95 -114.21 -38.78
N GLN WB 185 68.90 -113.57 -39.28
CA GLN WB 185 67.65 -114.29 -39.55
C GLN WB 185 67.82 -115.33 -40.65
N ALA WB 186 68.59 -114.99 -41.69
CA ALA WB 186 68.84 -115.93 -42.78
C ALA WB 186 69.64 -117.13 -42.30
N GLU WB 187 70.64 -116.90 -41.45
CA GLU WB 187 71.41 -118.01 -40.89
C GLU WB 187 70.55 -118.87 -39.98
N THR WB 188 69.62 -118.26 -39.25
CA THR WB 188 68.70 -119.01 -38.41
C THR WB 188 67.82 -119.93 -39.25
N MET WB 189 67.30 -119.40 -40.35
CA MET WB 189 66.45 -120.20 -41.23
C MET WB 189 67.24 -121.32 -41.89
N MET WB 190 68.46 -121.04 -42.30
CA MET WB 190 69.32 -122.05 -42.93
C MET WB 190 69.67 -123.15 -41.95
N THR WB 191 69.97 -122.78 -40.70
CA THR WB 191 70.27 -123.77 -39.66
C THR WB 191 69.08 -124.66 -39.39
N PHE WB 192 67.89 -124.07 -39.27
CA PHE WB 192 66.69 -124.86 -39.03
C PHE WB 192 66.38 -125.78 -40.20
N LEU WB 193 66.65 -125.33 -41.43
CA LEU WB 193 66.45 -126.20 -42.58
C LEU WB 193 67.44 -127.36 -42.60
N TRP WB 194 68.70 -127.09 -42.25
CA TRP WB 194 69.69 -128.15 -42.22
C TRP WB 194 69.44 -129.14 -41.10
N ALA WB 195 68.78 -128.69 -40.02
CA ALA WB 195 68.54 -129.54 -38.87
C ALA WB 195 67.50 -130.63 -39.12
N ASN WB 196 66.79 -130.58 -40.24
CA ASN WB 196 65.71 -131.54 -40.51
C ASN WB 196 66.06 -132.51 -41.62
N GLY WB 197 67.33 -132.86 -41.77
CA GLY WB 197 67.73 -133.89 -42.70
C GLY WB 197 68.15 -133.40 -44.06
N ILE WB 198 67.87 -132.15 -44.40
CA ILE WB 198 68.32 -131.60 -45.68
C ILE WB 198 69.81 -131.33 -45.57
N ALA WB 199 70.59 -131.96 -46.46
CA ALA WB 199 72.03 -131.74 -46.48
C ALA WB 199 72.34 -130.32 -46.93
N ALA WB 200 73.44 -129.79 -46.41
CA ALA WB 200 73.77 -128.38 -46.57
C ALA WB 200 74.36 -128.03 -47.94
N LYS WB 201 74.38 -128.97 -48.89
CA LYS WB 201 74.95 -128.67 -50.19
C LYS WB 201 74.03 -127.84 -51.07
N ARG WB 202 72.76 -127.68 -50.71
CA ARG WB 202 71.79 -127.03 -51.58
C ARG WB 202 71.19 -125.78 -50.96
N LEU WB 203 71.95 -125.07 -50.12
CA LEU WB 203 71.40 -123.95 -49.38
C LEU WB 203 72.22 -122.69 -49.62
N LYS WB 204 71.54 -121.60 -49.95
CA LYS WB 204 72.16 -120.29 -49.97
C LYS WB 204 71.31 -119.36 -49.11
N ALA WB 205 71.98 -118.64 -48.21
CA ALA WB 205 71.31 -117.74 -47.28
C ALA WB 205 71.75 -116.32 -47.56
N GLU WB 206 70.80 -115.39 -47.57
CA GLU WB 206 71.11 -114.01 -47.85
C GLU WB 206 70.07 -113.11 -47.22
N GLY WB 207 70.52 -111.98 -46.70
CA GLY WB 207 69.61 -111.02 -46.12
C GLY WB 207 69.98 -109.60 -46.47
N TYR WB 208 69.03 -108.82 -46.93
CA TYR WB 208 69.29 -107.44 -47.32
C TYR WB 208 68.59 -106.50 -46.36
N GLY WB 209 68.73 -105.21 -46.61
CA GLY WB 209 68.08 -104.22 -45.78
C GLY WB 209 66.72 -103.88 -46.33
N ASP WB 210 66.62 -102.74 -46.99
CA ASP WB 210 65.38 -102.29 -47.60
C ASP WB 210 65.60 -101.88 -49.04
N LYS WB 211 66.43 -102.65 -49.75
CA LYS WB 211 66.73 -102.34 -51.14
C LYS WB 211 65.61 -102.75 -52.10
N ASN WB 212 64.64 -103.53 -51.63
CA ASN WB 212 63.51 -103.94 -52.47
C ASN WB 212 62.35 -104.31 -51.56
N ALA WB 213 61.18 -103.73 -51.83
CA ALA WB 213 60.01 -103.96 -51.00
C ALA WB 213 58.81 -104.24 -51.88
N ILE WB 214 57.99 -105.20 -51.45
CA ILE WB 214 56.70 -105.46 -52.11
C ILE WB 214 55.63 -104.50 -51.67
N SER WB 215 55.95 -103.59 -50.74
CA SER WB 215 55.01 -102.64 -50.19
C SER WB 215 55.80 -101.37 -49.90
N ASP WB 216 55.24 -100.50 -49.06
CA ASP WB 216 55.87 -99.23 -48.74
C ASP WB 216 55.99 -99.06 -47.24
N ASN WB 217 57.16 -98.63 -46.79
CA ASN WB 217 57.40 -98.39 -45.38
C ASN WB 217 56.81 -97.07 -44.89
N ALA WB 218 56.37 -96.21 -45.81
CA ALA WB 218 55.78 -94.94 -45.41
C ALA WB 218 54.40 -95.08 -44.80
N ILE WB 219 53.76 -96.25 -44.95
CA ILE WB 219 52.47 -96.50 -44.35
C ILE WB 219 52.60 -97.65 -43.36
N ILE WB 220 51.66 -97.71 -42.42
CA ILE WB 220 51.83 -98.56 -41.25
C ILE WB 220 51.64 -100.03 -41.61
N HIS WB 221 50.52 -100.35 -42.24
CA HIS WB 221 50.25 -101.74 -42.59
C HIS WB 221 51.19 -102.24 -43.68
N GLY WB 222 51.58 -101.35 -44.59
CA GLY WB 222 52.57 -101.71 -45.59
C GLY WB 222 53.95 -101.96 -44.99
N SER WB 223 54.34 -101.16 -44.01
CA SER WB 223 55.59 -101.40 -43.32
C SER WB 223 55.54 -102.67 -42.49
N ALA WB 224 54.36 -103.02 -41.98
CA ALA WB 224 54.19 -104.31 -41.32
C ALA WB 224 54.31 -105.45 -42.31
N GLN WB 225 53.80 -105.25 -43.52
CA GLN WB 225 53.87 -106.28 -44.55
C GLN WB 225 55.24 -106.35 -45.22
N ASN WB 226 56.08 -105.34 -45.04
CA ASN WB 226 57.38 -105.32 -45.69
C ASN WB 226 58.32 -106.38 -45.13
N ARG WB 227 58.34 -106.55 -43.80
CA ARG WB 227 59.29 -107.44 -43.16
C ARG WB 227 58.90 -108.90 -43.42
N ARG WB 228 59.80 -109.65 -44.07
CA ARG WB 228 59.43 -110.97 -44.56
C ARG WB 228 60.69 -111.79 -44.82
N ILE WB 229 60.46 -113.09 -45.03
CA ILE WB 229 61.47 -114.03 -45.50
C ILE WB 229 60.94 -114.65 -46.77
N GLU WB 230 61.73 -114.57 -47.84
CA GLU WB 230 61.39 -115.22 -49.10
C GLU WB 230 62.24 -116.48 -49.27
N ILE WB 231 61.63 -117.51 -49.83
CA ILE WB 231 62.26 -118.81 -50.02
C ILE WB 231 62.01 -119.22 -51.46
N GLN WB 232 63.03 -119.15 -52.29
CA GLN WB 232 62.91 -119.47 -53.71
C GLN WB 232 63.57 -120.80 -53.98
N TRP WB 233 62.90 -121.66 -54.76
CA TRP WB 233 63.59 -122.84 -55.27
C TRP WB 233 62.98 -123.25 -56.61
N PHE WB 234 63.83 -123.80 -57.46
CA PHE WB 234 63.46 -124.16 -58.81
C PHE WB 234 62.77 -125.52 -58.82
N THR WB 235 62.55 -126.06 -60.02
CA THR WB 235 62.09 -127.44 -60.16
C THR WB 235 63.28 -128.38 -60.35
N SER WB 236 64.05 -128.17 -61.41
CA SER WB 236 65.25 -128.97 -61.65
C SER WB 236 66.43 -128.42 -60.87
N LEU XB 113 110.97 -144.34 -58.83
CA LEU XB 113 110.42 -144.91 -57.60
C LEU XB 113 109.44 -143.94 -56.93
N ASN XB 114 108.31 -143.72 -57.60
CA ASN XB 114 107.27 -142.82 -57.11
C ASN XB 114 106.11 -143.56 -56.47
N ARG XB 115 106.26 -144.83 -56.14
CA ARG XB 115 105.19 -145.57 -55.48
C ARG XB 115 105.82 -146.58 -54.55
N PHE XB 116 105.72 -146.32 -53.24
CA PHE XB 116 106.33 -147.19 -52.24
C PHE XB 116 105.23 -147.92 -51.49
N ARG XB 117 105.26 -149.25 -51.57
CA ARG XB 117 104.31 -150.12 -50.88
C ARG XB 117 105.11 -151.06 -49.99
N TYR XB 118 105.02 -150.87 -48.69
CA TYR XB 118 105.74 -151.72 -47.75
C TYR XB 118 104.78 -152.57 -46.92
N GLU XB 119 105.16 -153.84 -46.75
CA GLU XB 119 104.56 -154.72 -45.77
C GLU XB 119 105.69 -155.47 -45.06
N GLY XB 120 105.48 -155.82 -43.80
CA GLY XB 120 106.37 -156.74 -43.15
C GLY XB 120 107.38 -156.23 -42.13
N ALA XB 121 106.94 -155.37 -41.20
CA ALA XB 121 107.65 -155.06 -39.95
C ALA XB 121 109.01 -154.43 -40.19
N GLY XB 122 108.97 -153.20 -40.72
CA GLY XB 122 110.19 -152.51 -41.11
C GLY XB 122 110.24 -151.10 -40.58
N VAL XB 123 111.48 -150.62 -40.45
CA VAL XB 123 111.78 -149.25 -40.07
C VAL XB 123 112.46 -148.58 -41.25
N VAL XB 124 111.84 -147.55 -41.80
CA VAL XB 124 112.38 -146.82 -42.94
C VAL XB 124 112.57 -145.36 -42.53
N THR XB 125 113.78 -144.86 -42.70
CA THR XB 125 114.11 -143.47 -42.39
C THR XB 125 114.77 -142.83 -43.60
N GLY XB 126 114.22 -141.72 -44.05
CA GLY XB 126 114.76 -141.00 -45.18
C GLY XB 126 114.69 -139.51 -44.95
N ASN XB 127 115.68 -138.80 -45.50
CA ASN XB 127 115.79 -137.37 -45.30
C ASN XB 127 116.16 -136.71 -46.62
N ASN XB 128 115.75 -135.44 -46.74
CA ASN XB 128 116.09 -134.55 -47.86
C ASN XB 128 115.62 -135.10 -49.21
N LEU XB 129 114.31 -135.23 -49.35
CA LEU XB 129 113.69 -135.73 -50.58
C LEU XB 129 112.78 -134.65 -51.16
N ARG XB 130 112.82 -134.50 -52.47
CA ARG XB 130 111.96 -133.55 -53.18
C ARG XB 130 111.19 -134.28 -54.27
N THR XB 131 109.86 -134.12 -54.25
CA THR XB 131 109.01 -134.70 -55.27
C THR XB 131 107.70 -133.93 -55.31
N SER XB 132 107.14 -133.78 -56.51
CA SER XB 132 105.81 -133.22 -56.65
C SER XB 132 104.73 -134.20 -56.24
N TYR XB 133 104.93 -135.48 -56.51
CA TYR XB 133 103.96 -136.50 -56.17
C TYR XB 133 104.65 -137.85 -56.01
N LEU XB 134 104.22 -138.60 -55.00
CA LEU XB 134 104.42 -140.04 -54.96
C LEU XB 134 103.26 -140.67 -54.21
N ASP XB 135 103.11 -141.98 -54.36
CA ASP XB 135 102.05 -142.71 -53.68
C ASP XB 135 102.65 -143.61 -52.61
N LEU XB 136 101.97 -143.66 -51.47
CA LEU XB 136 102.42 -144.44 -50.32
C LEU XB 136 101.36 -145.47 -49.93
N TYR XB 137 101.78 -146.71 -49.73
CA TYR XB 137 100.92 -147.77 -49.20
C TYR XB 137 101.73 -148.50 -48.13
N LEU XB 138 101.58 -148.07 -46.89
CA LEU XB 138 102.32 -148.61 -45.76
C LEU XB 138 101.44 -149.59 -45.00
N ALA XB 139 102.04 -150.70 -44.58
CA ALA XB 139 101.30 -151.72 -43.87
C ALA XB 139 102.25 -152.51 -42.98
N ASN XB 140 101.66 -153.13 -41.95
CA ASN XB 140 102.28 -154.17 -41.13
C ASN XB 140 103.56 -153.67 -40.44
N GLU XB 141 103.33 -152.73 -39.51
CA GLU XB 141 104.37 -152.18 -38.63
C GLU XB 141 105.48 -151.49 -39.43
N GLY XB 142 105.09 -150.42 -40.12
CA GLY XB 142 106.05 -149.57 -40.78
C GLY XB 142 106.37 -148.35 -39.95
N THR XB 143 107.51 -148.39 -39.25
CA THR XB 143 107.98 -147.24 -38.50
C THR XB 143 108.70 -146.31 -39.46
N THR XB 144 108.08 -145.17 -39.77
CA THR XB 144 108.48 -144.33 -40.88
C THR XB 144 108.96 -142.97 -40.40
N ARG XB 145 110.12 -142.55 -40.88
CA ARG XB 145 110.68 -141.24 -40.61
C ARG XB 145 111.00 -140.55 -41.92
N LEU XB 146 110.46 -139.35 -42.11
CA LEU XB 146 110.70 -138.54 -43.30
C LEU XB 146 111.12 -137.15 -42.88
N ALA XB 147 112.25 -136.69 -43.41
CA ALA XB 147 112.81 -135.39 -43.07
C ALA XB 147 113.15 -134.60 -44.33
N GLY XB 148 112.20 -134.55 -45.27
CA GLY XB 148 112.38 -133.79 -46.49
C GLY XB 148 111.09 -133.08 -46.86
N ASN XB 149 111.22 -132.15 -47.82
CA ASN XB 149 110.07 -131.40 -48.32
C ASN XB 149 109.44 -132.23 -49.43
N ILE XB 150 108.53 -133.11 -49.04
CA ILE XB 150 107.92 -134.07 -49.95
C ILE XB 150 106.48 -133.63 -50.23
N GLY XB 151 106.18 -133.41 -51.50
CA GLY XB 151 104.81 -133.19 -51.94
C GLY XB 151 104.28 -134.45 -52.59
N LEU XB 152 103.01 -134.73 -52.35
CA LEU XB 152 102.37 -135.94 -52.85
C LEU XB 152 100.87 -135.75 -52.84
N GLN XB 153 100.16 -136.77 -53.27
CA GLN XB 153 98.70 -136.72 -53.29
C GLN XB 153 98.05 -137.88 -52.55
N LYS XB 154 98.60 -139.08 -52.63
CA LYS XB 154 97.95 -140.25 -52.06
C LYS XB 154 98.88 -140.97 -51.09
N LEU XB 155 98.51 -140.94 -49.82
CA LEU XB 155 99.13 -141.75 -48.78
C LEU XB 155 98.07 -142.66 -48.21
N GLU XB 156 98.47 -143.88 -47.85
CA GLU XB 156 97.57 -144.86 -47.26
C GLU XB 156 98.34 -145.69 -46.25
N ALA XB 157 97.72 -145.94 -45.11
CA ALA XB 157 98.26 -146.84 -44.09
C ALA XB 157 97.19 -147.86 -43.74
N VAL XB 158 97.58 -149.13 -43.73
CA VAL XB 158 96.63 -150.18 -43.37
C VAL XB 158 96.29 -150.09 -41.90
N GLY XB 159 97.30 -149.92 -41.05
CA GLY XB 159 97.06 -149.72 -39.63
C GLY XB 159 98.22 -150.17 -38.81
N ASN XB 160 98.19 -149.75 -37.54
CA ASN XB 160 99.14 -150.15 -36.48
C ASN XB 160 100.58 -149.80 -36.84
N GLY XB 161 100.82 -148.49 -36.96
CA GLY XB 161 102.15 -148.01 -37.30
C GLY XB 161 102.37 -146.61 -36.77
N VAL XB 162 103.63 -146.21 -36.78
CA VAL XB 162 104.06 -144.89 -36.34
C VAL XB 162 104.80 -144.22 -37.49
N THR XB 163 104.43 -142.97 -37.78
CA THR XB 163 105.00 -142.28 -38.93
C THR XB 163 105.16 -140.80 -38.60
N GLN XB 164 106.39 -140.30 -38.70
CA GLN XB 164 106.69 -138.89 -38.57
C GLN XB 164 107.17 -138.39 -39.92
N ILE XB 165 106.51 -137.36 -40.44
CA ILE XB 165 106.91 -136.71 -41.68
C ILE XB 165 107.04 -135.22 -41.41
N ASN XB 166 108.21 -134.66 -41.68
CA ASN XB 166 108.53 -133.27 -41.37
C ASN XB 166 108.53 -132.47 -42.66
N GLY XB 167 107.50 -131.64 -42.86
CA GLY XB 167 107.47 -130.72 -43.97
C GLY XB 167 106.84 -131.32 -45.20
N VAL XB 168 105.64 -130.88 -45.55
CA VAL XB 168 104.94 -131.35 -46.73
C VAL XB 168 104.47 -130.14 -47.52
N SER XB 169 104.90 -130.04 -48.77
CA SER XB 169 104.48 -128.95 -49.65
C SER XB 169 103.67 -129.59 -50.78
N SER XB 170 102.37 -129.77 -50.53
CA SER XB 170 101.47 -130.36 -51.50
C SER XB 170 100.29 -129.43 -51.70
N ARG XB 171 99.96 -129.16 -52.97
CA ARG XB 171 98.79 -128.36 -53.27
C ARG XB 171 97.51 -129.11 -52.96
N ASN XB 172 97.51 -130.43 -53.14
CA ASN XB 172 96.37 -131.25 -52.81
C ASN XB 172 96.86 -132.62 -52.36
N LEU XB 173 96.12 -133.23 -51.44
CA LEU XB 173 96.46 -134.55 -50.96
C LEU XB 173 95.19 -135.27 -50.53
N GLN XB 174 95.21 -136.60 -50.61
CA GLN XB 174 94.11 -137.44 -50.18
C GLN XB 174 94.65 -138.58 -49.35
N ILE XB 175 93.99 -138.86 -48.22
CA ILE XB 175 94.44 -139.86 -47.26
C ILE XB 175 93.22 -140.38 -46.52
N VAL XB 176 93.10 -141.71 -46.43
CA VAL XB 176 92.11 -142.36 -45.59
C VAL XB 176 92.82 -143.42 -44.76
N LEU XB 177 92.16 -143.84 -43.68
CA LEU XB 177 92.73 -144.83 -42.78
C LEU XB 177 91.75 -145.99 -42.60
N LYS XB 178 92.29 -147.14 -42.26
CA LYS XB 178 91.52 -148.37 -42.08
C LYS XB 178 91.76 -149.05 -40.75
N GLY XB 179 92.99 -149.05 -40.25
CA GLY XB 179 93.31 -149.54 -38.93
C GLY XB 179 93.53 -148.41 -37.95
N ASP XB 180 94.45 -148.63 -37.02
CA ASP XB 180 94.75 -147.64 -35.98
C ASP XB 180 96.24 -147.33 -35.99
N PRO XB 181 96.70 -146.47 -36.91
CA PRO XB 181 98.09 -146.04 -36.87
C PRO XB 181 98.27 -144.76 -36.08
N LYS XB 182 99.50 -144.27 -35.98
CA LYS XB 182 99.79 -143.01 -35.32
C LYS XB 182 100.54 -142.12 -36.28
N VAL XB 183 99.99 -140.94 -36.56
CA VAL XB 183 100.55 -140.01 -37.54
C VAL XB 183 100.60 -138.61 -36.94
N LEU XB 184 101.69 -137.91 -37.24
CA LEU XB 184 101.82 -136.50 -36.88
C LEU XB 184 102.74 -135.85 -37.92
N ILE XB 185 102.14 -135.09 -38.83
CA ILE XB 185 102.84 -134.56 -40.00
C ILE XB 185 102.67 -133.06 -40.02
N SER XB 186 103.78 -132.34 -40.16
CA SER XB 186 103.78 -130.91 -40.40
C SER XB 186 103.87 -130.63 -41.89
N GLY XB 187 103.26 -129.54 -42.32
CA GLY XB 187 103.27 -129.16 -43.71
C GLY XB 187 102.07 -128.29 -44.04
N PHE XB 188 101.80 -128.16 -45.33
CA PHE XB 188 100.70 -127.34 -45.84
C PHE XB 188 99.93 -128.17 -46.86
N VAL XB 189 98.74 -128.61 -46.49
CA VAL XB 189 97.91 -129.47 -47.32
C VAL XB 189 96.52 -128.85 -47.46
N ASN XB 190 96.08 -128.62 -48.68
CA ASN XB 190 94.70 -128.24 -48.96
C ASN XB 190 93.93 -129.53 -49.15
N LEU XB 191 93.39 -130.06 -48.06
CA LEU XB 191 92.73 -131.35 -48.09
C LEU XB 191 91.34 -131.23 -48.69
N ARG XB 192 90.71 -132.38 -48.88
CA ARG XB 192 89.36 -132.45 -49.44
C ARG XB 192 88.37 -133.06 -48.46
N GLN XB 193 88.61 -134.27 -47.98
CA GLN XB 193 87.63 -135.02 -47.23
C GLN XB 193 88.33 -136.12 -46.45
N LEU XB 194 87.93 -136.32 -45.20
CA LEU XB 194 88.54 -137.31 -44.33
C LEU XB 194 87.48 -138.24 -43.75
N ASP XB 195 87.80 -139.52 -43.69
CA ASP XB 195 86.88 -140.56 -43.25
C ASP XB 195 87.59 -141.51 -42.29
N MET XB 196 86.97 -141.75 -41.13
CA MET XB 196 87.52 -142.64 -40.12
C MET XB 196 86.45 -143.63 -39.68
N TYR XB 197 86.81 -144.92 -39.66
CA TYR XB 197 85.88 -145.98 -39.29
C TYR XB 197 86.49 -146.99 -38.31
N GLY XB 198 87.71 -146.74 -37.84
CA GLY XB 198 88.34 -147.67 -36.92
C GLY XB 198 88.60 -147.06 -35.56
N LYS XB 199 89.86 -147.05 -35.13
CA LYS XB 199 90.30 -146.41 -33.90
C LYS XB 199 91.43 -145.45 -34.21
N GLY XB 200 91.18 -144.57 -35.18
CA GLY XB 200 92.26 -143.79 -35.77
C GLY XB 200 92.72 -142.66 -34.86
N THR XB 201 94.03 -142.41 -34.90
CA THR XB 201 94.67 -141.28 -34.25
C THR XB 201 95.34 -140.44 -35.32
N LEU XB 202 95.06 -139.13 -35.32
CA LEU XB 202 95.53 -138.29 -36.42
C LEU XB 202 95.65 -136.86 -35.93
N SER XB 203 96.77 -136.23 -36.25
CA SER XB 203 97.05 -134.86 -35.82
C SER XB 203 97.94 -134.21 -36.85
N LEU XB 204 97.58 -132.99 -37.25
CA LEU XB 204 98.34 -132.24 -38.24
C LEU XB 204 98.60 -130.84 -37.74
N TYR XB 205 99.67 -130.23 -38.26
CA TYR XB 205 100.09 -128.92 -37.80
C TYR XB 205 99.32 -127.80 -38.49
N TRP XB 206 99.45 -127.71 -39.82
CA TRP XB 206 98.87 -126.60 -40.57
C TRP XB 206 98.12 -127.13 -41.77
N ILE XB 207 96.92 -126.58 -41.98
CA ILE XB 207 96.13 -126.84 -43.18
C ILE XB 207 95.48 -125.54 -43.63
N LYS XB 208 95.64 -125.22 -44.90
CA LYS XB 208 95.07 -124.01 -45.49
C LYS XB 208 94.17 -124.43 -46.63
N SER XB 209 92.93 -124.79 -46.30
CA SER XB 209 91.95 -125.19 -47.29
C SER XB 209 90.72 -124.31 -47.16
N ASP XB 210 89.78 -124.51 -48.06
CA ASP XB 210 88.52 -123.79 -48.04
C ASP XB 210 87.37 -124.64 -47.51
N THR XB 211 87.20 -125.85 -48.04
CA THR XB 211 86.08 -126.71 -47.70
C THR XB 211 86.61 -128.06 -47.28
N LEU XB 212 86.24 -128.49 -46.08
CA LEU XB 212 86.61 -129.82 -45.59
C LEU XB 212 85.37 -130.54 -45.11
N THR XB 213 85.32 -131.84 -45.35
CA THR XB 213 84.22 -132.71 -44.93
C THR XB 213 84.79 -133.85 -44.11
N ILE XB 214 84.33 -133.99 -42.88
CA ILE XB 214 84.86 -134.97 -41.94
C ILE XB 214 83.76 -135.95 -41.59
N ARG XB 215 84.05 -137.24 -41.73
CA ARG XB 215 83.15 -138.31 -41.32
C ARG XB 215 83.90 -139.18 -40.33
N ALA XB 216 83.36 -139.29 -39.11
CA ALA XB 216 83.95 -140.16 -38.09
C ALA XB 216 82.88 -141.09 -37.57
N LYS XB 217 83.16 -142.39 -37.60
CA LYS XB 217 82.16 -143.41 -37.31
C LYS XB 217 82.40 -144.14 -36.00
N LYS XB 218 83.57 -144.73 -35.81
CA LYS XB 218 83.78 -145.66 -34.71
C LYS XB 218 84.61 -145.07 -33.58
N ALA XB 219 85.83 -144.62 -33.88
CA ALA XB 219 86.69 -144.01 -32.88
C ALA XB 219 87.73 -143.18 -33.60
N ALA XB 220 87.73 -141.88 -33.36
CA ALA XB 220 88.72 -140.98 -33.95
C ALA XB 220 89.28 -140.08 -32.87
N LYS XB 221 90.56 -139.75 -33.01
CA LYS XB 221 91.25 -138.80 -32.13
C LYS XB 221 91.93 -137.81 -33.08
N ILE XB 222 91.25 -136.71 -33.36
CA ILE XB 222 91.64 -135.79 -34.42
C ILE XB 222 92.08 -134.48 -33.79
N GLN XB 223 93.30 -134.06 -34.11
CA GLN XB 223 93.91 -132.85 -33.56
C GLN XB 223 94.52 -132.06 -34.72
N LEU XB 224 93.81 -131.03 -35.19
CA LEU XB 224 94.24 -130.24 -36.33
C LEU XB 224 94.25 -128.76 -35.97
N ALA XB 225 94.88 -127.97 -36.84
CA ALA XB 225 94.92 -126.52 -36.70
C ALA XB 225 95.20 -125.91 -38.06
N GLY XB 226 94.60 -124.77 -38.34
CA GLY XB 226 94.79 -124.12 -39.62
C GLY XB 226 93.70 -123.10 -39.90
N ILE XB 227 93.50 -122.83 -41.18
CA ILE XB 227 92.56 -121.81 -41.65
C ILE XB 227 91.61 -122.47 -42.64
N VAL XB 228 90.32 -122.48 -42.30
CA VAL XB 228 89.28 -123.08 -43.14
C VAL XB 228 88.27 -122.00 -43.49
N ASN XB 229 87.73 -122.06 -44.70
CA ASN XB 229 86.61 -121.21 -45.07
C ASN XB 229 85.27 -121.88 -44.83
N ARG XB 230 85.21 -123.21 -44.88
CA ARG XB 230 83.94 -123.92 -44.80
C ARG XB 230 84.22 -125.34 -44.31
N LEU XB 231 83.59 -125.72 -43.20
CA LEU XB 231 83.85 -127.01 -42.58
C LEU XB 231 82.54 -127.72 -42.27
N ASP XB 232 82.45 -128.99 -42.65
CA ASP XB 232 81.32 -129.85 -42.32
C ASP XB 232 81.86 -131.03 -41.53
N VAL XB 233 81.27 -131.27 -40.36
CA VAL XB 233 81.71 -132.32 -39.45
C VAL XB 233 80.53 -133.25 -39.18
N GLU XB 234 80.76 -134.56 -39.30
CA GLU XB 234 79.80 -135.58 -38.90
C GLU XB 234 80.51 -136.53 -37.95
N LEU XB 235 79.96 -136.67 -36.74
CA LEU XB 235 80.47 -137.62 -35.76
C LEU XB 235 79.36 -138.58 -35.38
N TRP XB 236 79.71 -139.86 -35.29
CA TRP XB 236 78.72 -140.88 -34.94
C TRP XB 236 78.82 -141.34 -33.48
N ASP XB 237 79.97 -141.87 -33.07
CA ASP XB 237 80.13 -142.32 -31.70
C ASP XB 237 81.62 -142.41 -31.38
N PHE XB 238 81.97 -142.07 -30.14
CA PHE XB 238 83.33 -142.19 -29.59
C PHE XB 238 84.36 -141.42 -30.41
N ALA XB 239 83.96 -140.25 -30.87
CA ALA XB 239 84.85 -139.37 -31.62
C ALA XB 239 85.36 -138.27 -30.71
N GLN XB 240 86.63 -137.92 -30.86
CA GLN XB 240 87.26 -136.83 -30.15
C GLN XB 240 87.86 -135.92 -31.21
N PHE XB 241 87.06 -134.99 -31.69
CA PHE XB 241 87.48 -134.09 -32.77
C PHE XB 241 87.74 -132.73 -32.15
N LYS XB 242 89.01 -132.37 -31.98
CA LYS XB 242 89.38 -131.16 -31.28
C LYS XB 242 90.01 -130.20 -32.29
N GLY XB 243 89.17 -129.40 -32.93
CA GLY XB 243 89.67 -128.43 -33.89
C GLY XB 243 90.03 -127.11 -33.25
N LYS XB 244 90.81 -127.15 -32.17
CA LYS XB 244 91.35 -125.94 -31.59
C LYS XB 244 92.40 -125.36 -32.53
N TYR XB 245 92.49 -124.02 -32.53
CA TYR XB 245 93.33 -123.23 -33.43
C TYR XB 245 93.01 -123.51 -34.90
N LEU XB 246 91.75 -123.78 -35.21
CA LEU XB 246 91.29 -124.04 -36.56
C LEU XB 246 90.18 -123.03 -36.84
N ARG XB 247 90.56 -121.84 -37.28
CA ARG XB 247 89.62 -120.74 -37.44
C ARG XB 247 88.81 -120.95 -38.72
N ALA XB 248 87.51 -121.20 -38.56
CA ALA XB 248 86.63 -121.53 -39.67
C ALA XB 248 85.54 -120.48 -39.78
N GLN XB 249 85.34 -119.98 -41.00
CA GLN XB 249 84.31 -118.97 -41.22
C GLN XB 249 82.92 -119.56 -41.14
N ARG XB 250 82.71 -120.71 -41.77
CA ARG XB 250 81.44 -121.41 -41.76
C ARG XB 250 81.64 -122.78 -41.13
N SER XB 251 80.84 -123.11 -40.13
CA SER XB 251 80.92 -124.41 -39.48
C SER XB 251 79.55 -125.07 -39.45
N PHE XB 252 79.48 -126.32 -39.87
CA PHE XB 252 78.26 -127.11 -39.84
C PHE XB 252 78.58 -128.43 -39.16
N VAL XB 253 78.11 -128.60 -37.93
CA VAL XB 253 78.52 -129.70 -37.07
C VAL XB 253 77.30 -130.56 -36.75
N LYS XB 254 77.42 -131.87 -36.99
CA LYS XB 254 76.41 -132.82 -36.58
C LYS XB 254 77.07 -133.89 -35.73
N THR XB 255 76.51 -134.13 -34.54
CA THR XB 255 77.04 -135.11 -33.61
C THR XB 255 75.93 -136.05 -33.15
N HIS XB 256 76.16 -137.34 -33.31
CA HIS XB 256 75.28 -138.36 -32.79
C HIS XB 256 75.75 -138.75 -31.38
N ASP XB 257 75.26 -139.88 -30.89
CA ASP XB 257 75.43 -140.27 -29.49
C ASP XB 257 76.89 -140.51 -29.12
N LYS XB 258 77.31 -139.91 -28.01
CA LYS XB 258 78.63 -140.06 -27.39
C LYS XB 258 79.76 -139.66 -28.34
N SER XB 259 79.78 -138.37 -28.64
CA SER XB 259 80.84 -137.77 -29.42
C SER XB 259 81.20 -136.42 -28.80
N VAL XB 260 82.48 -136.07 -28.90
CA VAL XB 260 83.01 -134.82 -28.35
C VAL XB 260 83.68 -134.05 -29.47
N ALA XB 261 83.28 -132.78 -29.64
CA ALA XB 261 83.85 -131.92 -30.66
C ALA XB 261 84.14 -130.55 -30.07
N GLU XB 262 85.36 -130.07 -30.28
CA GLU XB 262 85.79 -128.74 -29.87
C GLU XB 262 85.90 -127.87 -31.11
N ILE XB 263 85.13 -126.79 -31.14
CA ILE XB 263 84.89 -126.00 -32.33
C ILE XB 263 85.51 -124.63 -32.15
N SER XB 264 86.04 -124.09 -33.25
CA SER XB 264 86.72 -122.80 -33.28
C SER XB 264 86.13 -121.91 -34.38
N ALA XB 265 84.80 -121.77 -34.37
CA ALA XB 265 84.11 -120.99 -35.39
C ALA XB 265 84.41 -119.50 -35.27
N VAL XB 266 84.32 -118.79 -36.39
CA VAL XB 266 84.68 -117.39 -36.49
C VAL XB 266 83.46 -116.52 -36.78
N ASN XB 267 82.67 -116.89 -37.77
CA ASN XB 267 81.60 -116.03 -38.24
C ASN XB 267 80.23 -116.68 -38.14
N HIS XB 268 80.07 -117.90 -38.63
CA HIS XB 268 78.77 -118.55 -38.69
C HIS XB 268 78.91 -119.98 -38.19
N GLN XB 269 78.17 -120.31 -37.13
CA GLN XB 269 78.24 -121.63 -36.53
C GLN XB 269 76.86 -122.23 -36.45
N SER XB 270 76.71 -123.44 -37.02
CA SER XB 270 75.47 -124.21 -36.93
C SER XB 270 75.84 -125.57 -36.35
N SER XB 271 75.18 -125.94 -35.26
CA SER XB 271 75.55 -127.14 -34.53
C SER XB 271 74.32 -127.93 -34.13
N LEU XB 272 74.42 -129.25 -34.24
CA LEU XB 272 73.33 -130.15 -33.90
C LEU XB 272 73.90 -131.34 -33.14
N ALA XB 273 73.26 -131.68 -32.03
CA ALA XB 273 73.70 -132.78 -31.17
C ALA XB 273 72.50 -133.62 -30.77
N THR XB 274 72.61 -134.93 -30.90
CA THR XB 274 71.44 -135.78 -30.62
C THR XB 274 71.28 -136.03 -29.13
N ASP XB 275 72.24 -136.73 -28.52
CA ASP XB 275 72.16 -137.10 -27.11
C ASP XB 275 73.55 -137.46 -26.61
N ALA XB 276 73.88 -136.97 -25.41
CA ALA XB 276 75.14 -137.23 -24.72
C ALA XB 276 76.35 -136.84 -25.57
N SER XB 277 76.21 -135.77 -26.35
CA SER XB 277 77.24 -135.34 -27.29
C SER XB 277 77.61 -133.90 -26.96
N ASP XB 278 78.90 -133.63 -26.86
CA ASP XB 278 79.41 -132.35 -26.38
C ASP XB 278 79.99 -131.56 -27.53
N ILE XB 279 79.58 -130.30 -27.63
CA ILE XB 279 80.08 -129.35 -28.61
C ILE XB 279 80.57 -128.14 -27.83
N TYR XB 280 81.87 -127.89 -27.90
CA TYR XB 280 82.49 -126.84 -27.08
C TYR XB 280 83.00 -125.75 -28.00
N TYR XB 281 82.28 -124.63 -28.04
CA TYR XB 281 82.70 -123.52 -28.88
C TYR XB 281 83.71 -122.67 -28.13
N TYR XB 282 84.84 -122.40 -28.77
CA TYR XB 282 85.93 -121.72 -28.09
C TYR XB 282 86.12 -120.28 -28.52
N ASN XB 283 85.70 -119.92 -29.72
CA ASN XB 283 85.67 -118.53 -30.15
C ASN XB 283 84.22 -118.14 -30.38
N LEU XB 284 83.84 -116.98 -29.85
CA LEU XB 284 82.48 -116.49 -30.02
C LEU XB 284 82.33 -115.98 -31.45
N SER XB 285 81.50 -116.66 -32.23
CA SER XB 285 81.31 -116.26 -33.62
C SER XB 285 80.34 -115.08 -33.70
N LYS XB 286 80.21 -114.54 -34.90
CA LYS XB 286 79.25 -113.47 -35.12
C LYS XB 286 77.83 -113.99 -35.25
N THR XB 287 77.65 -115.29 -35.43
CA THR XB 287 76.34 -115.90 -35.53
C THR XB 287 76.41 -117.29 -34.95
N ARG XB 288 75.57 -117.57 -33.96
CA ARG XB 288 75.58 -118.84 -33.24
C ARG XB 288 74.20 -119.48 -33.36
N ALA XB 289 74.17 -120.77 -33.71
CA ALA XB 289 72.90 -121.49 -33.76
C ALA XB 289 73.15 -122.94 -33.36
N ASP XB 290 72.48 -123.38 -32.30
CA ASP XB 290 72.71 -124.69 -31.71
C ASP XB 290 71.38 -125.38 -31.44
N PHE XB 291 71.38 -126.71 -31.58
CA PHE XB 291 70.19 -127.50 -31.27
C PHE XB 291 70.59 -128.85 -30.69
N MET XB 292 69.84 -129.28 -29.68
CA MET XB 292 70.01 -130.59 -29.08
C MET XB 292 68.69 -131.35 -29.14
N ALA XB 293 68.80 -132.67 -29.34
CA ALA XB 293 67.63 -133.52 -29.50
C ALA XB 293 67.19 -134.13 -28.19
N PHE XB 294 68.07 -134.87 -27.52
CA PHE XB 294 67.75 -135.46 -26.23
C PHE XB 294 68.68 -135.00 -25.12
N ASN XB 295 69.98 -135.24 -25.26
CA ASN XB 295 70.93 -134.90 -24.22
C ASN XB 295 72.19 -134.27 -24.78
N GLY XB 296 72.07 -133.62 -25.94
CA GLY XB 296 73.19 -132.88 -26.48
C GLY XB 296 73.50 -131.66 -25.64
N SER XB 297 74.76 -131.28 -25.64
CA SER XB 297 75.24 -130.19 -24.80
C SER XB 297 76.19 -129.32 -25.60
N VAL XB 298 75.97 -128.01 -25.54
CA VAL XB 298 76.81 -127.03 -26.23
C VAL XB 298 77.28 -126.03 -25.19
N LEU XB 299 78.59 -125.95 -25.00
CA LEU XB 299 79.16 -125.17 -23.91
C LEU XB 299 80.34 -124.34 -24.40
N ASP XB 300 80.60 -123.26 -23.66
CA ASP XB 300 81.68 -122.35 -24.02
C ASP XB 300 83.03 -122.86 -23.53
N MET XB 301 83.11 -123.19 -22.23
CA MET XB 301 84.33 -123.66 -21.57
C MET XB 301 85.49 -122.67 -21.74
N ARG XB 302 85.19 -121.38 -21.60
CA ARG XB 302 86.23 -120.37 -21.73
C ARG XB 302 86.71 -119.92 -20.36
N GLU XB 303 87.87 -119.26 -20.35
CA GLU XB 303 88.65 -119.08 -19.14
C GLU XB 303 88.08 -118.02 -18.21
N TRP XB 304 87.19 -117.15 -18.70
CA TRP XB 304 86.47 -116.14 -17.93
C TRP XB 304 87.38 -115.13 -17.22
N GLY XB 305 88.62 -114.97 -17.69
CA GLY XB 305 89.55 -114.15 -16.97
C GLY XB 305 90.37 -113.24 -17.86
N GLN XB 306 90.08 -113.28 -19.15
CA GLN XB 306 90.79 -112.43 -20.09
C GLN XB 306 90.38 -110.98 -19.93
N SER XB 307 91.31 -110.08 -20.21
CA SER XB 307 91.09 -108.66 -20.06
C SER XB 307 90.36 -108.04 -21.23
N ASP XB 308 90.04 -108.83 -22.26
CA ASP XB 308 89.46 -108.28 -23.48
C ASP XB 308 88.37 -109.16 -24.06
N LEU XB 309 87.75 -110.03 -23.25
CA LEU XB 309 86.72 -110.91 -23.76
C LEU XB 309 85.43 -110.15 -23.98
N LYS XB 310 84.93 -110.18 -25.21
CA LYS XB 310 83.74 -109.44 -25.57
C LYS XB 310 82.49 -110.22 -25.19
N ASP XB 311 81.39 -109.49 -25.03
CA ASP XB 311 80.11 -110.07 -24.69
C ASP XB 311 79.22 -110.11 -25.94
N PHE XB 312 77.96 -110.48 -25.74
CA PHE XB 312 77.03 -110.67 -26.83
C PHE XB 312 76.38 -109.34 -27.22
N ASP XB 313 76.21 -109.15 -28.52
CA ASP XB 313 75.43 -108.06 -29.07
C ASP XB 313 73.99 -108.54 -29.25
N ARG XB 314 73.17 -107.75 -29.95
CA ARG XB 314 71.80 -108.13 -30.21
C ARG XB 314 71.68 -109.29 -31.20
N TYR XB 315 72.71 -109.52 -31.99
CA TYR XB 315 72.63 -110.51 -33.05
C TYR XB 315 73.17 -111.87 -32.66
N ASN XB 316 73.91 -111.97 -31.57
CA ASN XB 316 74.47 -113.24 -31.10
C ASN XB 316 73.88 -113.70 -29.78
N LYS XB 317 72.99 -112.92 -29.17
CA LYS XB 317 72.47 -113.21 -27.84
C LYS XB 317 71.42 -114.32 -27.92
N GLN XB 318 71.92 -115.52 -28.18
CA GLN XB 318 71.09 -116.71 -28.31
C GLN XB 318 71.03 -117.46 -27.00
N PHE XB 319 69.90 -118.12 -26.78
CA PHE XB 319 69.61 -118.78 -25.51
C PHE XB 319 69.50 -120.28 -25.72
N PRO XB 320 70.55 -121.05 -25.41
CA PRO XB 320 70.48 -122.51 -25.48
C PRO XB 320 69.77 -123.13 -24.29
N ASP YB 39 35.84 -109.06 2.64
CA ASP YB 39 36.77 -108.03 3.11
C ASP YB 39 37.83 -108.64 4.00
N GLY YB 40 38.07 -109.94 3.84
CA GLY YB 40 39.01 -110.63 4.68
C GLY YB 40 40.44 -110.33 4.30
N CYS YB 41 41.12 -109.52 5.10
CA CYS YB 41 42.51 -109.16 4.79
C CYS YB 41 43.46 -110.26 5.26
N CYS YB 42 43.38 -110.62 6.54
CA CYS YB 42 44.10 -111.80 7.03
C CYS YB 42 43.20 -113.03 7.03
N SER YB 43 42.53 -113.27 5.90
CA SER YB 43 41.65 -114.40 5.76
C SER YB 43 42.45 -115.69 5.61
N LYS YB 44 41.80 -116.80 5.99
CA LYS YB 44 42.41 -118.14 6.03
C LYS YB 44 43.66 -118.17 6.90
N MET YB 45 43.68 -117.37 7.94
CA MET YB 45 44.89 -117.14 8.73
C MET YB 45 44.47 -116.80 10.16
N GLY YB 46 45.38 -116.22 10.92
CA GLY YB 46 45.10 -115.89 12.30
C GLY YB 46 44.22 -114.69 12.53
N GLY YB 47 43.87 -113.95 11.47
CA GLY YB 47 43.10 -112.75 11.62
C GLY YB 47 43.97 -111.55 11.90
N ILE YB 48 43.32 -110.38 11.90
CA ILE YB 48 44.03 -109.12 12.04
C ILE YB 48 44.55 -108.97 13.46
N ASN YB 49 45.80 -108.55 13.59
CA ASN YB 49 46.30 -108.16 14.91
C ASN YB 49 46.16 -106.66 15.12
N TYR YB 50 46.83 -105.86 14.31
CA TYR YB 50 46.73 -104.41 14.36
C TYR YB 50 47.24 -103.83 13.04
N CYS YB 51 47.40 -102.52 13.02
CA CYS YB 51 47.95 -101.80 11.86
C CYS YB 51 49.25 -101.14 12.30
N ASP YB 52 50.36 -101.66 11.79
CA ASP YB 52 51.65 -101.01 12.01
C ASP YB 52 51.70 -99.72 11.21
N SER YB 53 51.86 -98.60 11.93
CA SER YB 53 51.91 -97.30 11.29
C SER YB 53 53.28 -96.96 10.72
N SER YB 54 54.31 -97.71 11.10
CA SER YB 54 55.63 -97.50 10.51
C SER YB 54 55.61 -97.86 9.03
N ALA YB 55 54.93 -98.95 8.69
CA ALA YB 55 54.73 -99.31 7.30
C ALA YB 55 53.35 -98.94 6.79
N GLY YB 56 52.42 -98.59 7.68
CA GLY YB 56 51.06 -98.35 7.27
C GLY YB 56 50.37 -99.60 6.78
N ARG YB 57 50.66 -100.73 7.40
CA ARG YB 57 50.18 -102.02 6.92
C ARG YB 57 49.59 -102.84 8.06
N LEU YB 58 48.55 -103.58 7.74
CA LEU YB 58 47.98 -104.51 8.72
C LEU YB 58 48.90 -105.70 8.92
N VAL YB 59 48.87 -106.26 10.12
CA VAL YB 59 49.64 -107.47 10.43
C VAL YB 59 48.69 -108.53 10.94
N CYS YB 60 48.88 -109.76 10.46
CA CYS YB 60 48.03 -110.86 10.89
C CYS YB 60 48.49 -111.38 12.24
N ASN YB 61 47.68 -112.25 12.83
CA ASN YB 61 48.07 -112.91 14.07
C ASN YB 61 49.22 -113.88 13.83
N ASN YB 62 49.15 -114.64 12.74
CA ASN YB 62 50.36 -115.24 12.20
C ASN YB 62 51.27 -114.15 11.67
N GLY YB 63 52.57 -114.36 11.80
CA GLY YB 63 53.50 -113.26 11.56
C GLY YB 63 53.74 -112.90 10.11
N PHE YB 64 52.69 -112.61 9.35
CA PHE YB 64 52.82 -112.23 7.96
C PHE YB 64 52.01 -110.97 7.69
N TYR YB 65 52.56 -110.11 6.85
CA TYR YB 65 51.93 -108.83 6.56
C TYR YB 65 50.73 -109.03 5.66
N SER YB 66 49.67 -108.28 5.92
CA SER YB 66 48.41 -108.47 5.22
C SER YB 66 48.47 -107.90 3.82
N THR YB 67 47.45 -108.24 3.03
CA THR YB 67 47.32 -107.66 1.70
C THR YB 67 46.87 -106.20 1.78
N CYS YB 68 45.90 -105.91 2.65
CA CYS YB 68 45.29 -104.60 2.70
C CYS YB 68 46.21 -103.57 3.36
N TYR YB 69 45.92 -102.31 3.11
CA TYR YB 69 46.57 -101.19 3.77
C TYR YB 69 45.68 -100.68 4.91
N CYS YB 70 46.23 -99.77 5.70
CA CYS YB 70 45.39 -99.10 6.70
C CYS YB 70 45.57 -97.59 6.68
N THR YB 71 46.77 -97.11 6.34
CA THR YB 71 47.04 -95.69 6.31
C THR YB 71 47.30 -95.22 4.89
N ARG YB 72 47.06 -93.93 4.66
CA ARG YB 72 47.36 -93.35 3.36
C ARG YB 72 48.85 -93.19 3.13
N HIS YB 73 49.65 -93.10 4.20
CA HIS YB 73 51.10 -93.01 4.07
C HIS YB 73 51.67 -94.42 3.89
N ALA YB 74 51.52 -94.93 2.67
CA ALA YB 74 52.00 -96.24 2.32
C ALA YB 74 52.62 -96.18 0.93
N VAL YB 75 53.19 -97.30 0.50
CA VAL YB 75 53.77 -97.38 -0.85
C VAL YB 75 52.62 -97.79 -1.77
N MET YB 76 51.84 -96.78 -2.18
CA MET YB 76 50.66 -96.98 -3.00
C MET YB 76 51.06 -96.78 -4.45
N ASP YB 77 51.13 -97.89 -5.19
CA ASP YB 77 51.62 -97.85 -6.58
C ASP YB 77 50.54 -97.21 -7.46
N LEU YB 78 50.53 -95.89 -7.47
CA LEU YB 78 49.55 -95.10 -8.20
C LEU YB 78 50.19 -94.58 -9.48
N GLN YB 79 49.66 -95.02 -10.63
CA GLN YB 79 50.11 -94.53 -11.92
C GLN YB 79 49.01 -93.94 -12.78
N PHE YB 80 47.75 -94.26 -12.52
CA PHE YB 80 46.62 -93.70 -13.24
C PHE YB 80 45.77 -92.90 -12.27
N LEU YB 81 45.35 -91.71 -12.68
CA LEU YB 81 44.61 -90.83 -11.79
C LEU YB 81 43.83 -89.82 -12.61
N MET YB 82 42.82 -89.23 -11.97
CA MET YB 82 41.95 -88.26 -12.61
C MET YB 82 42.44 -86.85 -12.32
N GLY YB 83 41.60 -85.86 -12.60
CA GLY YB 83 41.92 -84.46 -12.37
C GLY YB 83 42.28 -83.74 -13.65
N CYS YB 84 41.99 -82.45 -13.69
CA CYS YB 84 42.30 -81.63 -14.84
C CYS YB 84 43.10 -80.41 -14.42
N CYS YB 85 43.61 -79.69 -15.43
CA CYS YB 85 44.62 -78.64 -15.27
C CYS YB 85 45.84 -79.13 -14.50
N LEU YB 86 46.26 -80.35 -14.81
CA LEU YB 86 47.37 -80.98 -14.12
C LEU YB 86 48.69 -80.53 -14.70
N TRP YB 87 49.76 -80.71 -13.90
CA TRP YB 87 51.10 -80.20 -14.17
C TRP YB 87 51.07 -78.70 -14.45
N HIS YB 88 50.25 -77.99 -13.69
CA HIS YB 88 49.99 -76.58 -13.89
C HIS YB 88 49.70 -75.96 -12.54
N GLY YB 89 49.07 -74.79 -12.53
CA GLY YB 89 48.57 -74.23 -11.31
C GLY YB 89 47.26 -74.82 -10.83
N GLY YB 90 46.74 -75.82 -11.53
CA GLY YB 90 45.50 -76.44 -11.14
C GLY YB 90 44.32 -75.61 -11.60
N VAL YB 91 43.22 -75.77 -10.88
CA VAL YB 91 42.01 -75.00 -11.16
C VAL YB 91 42.17 -73.60 -10.57
N TYR YB 92 41.93 -72.59 -11.39
CA TYR YB 92 41.94 -71.22 -10.91
C TYR YB 92 40.76 -71.00 -9.96
N PRO YB 93 40.98 -70.32 -8.83
CA PRO YB 93 39.93 -70.27 -7.79
C PRO YB 93 38.67 -69.50 -8.17
N GLN YB 94 38.78 -68.43 -8.94
CA GLN YB 94 37.58 -67.67 -9.28
C GLN YB 94 36.78 -68.40 -10.35
N LEU YB 95 35.50 -68.08 -10.44
CA LEU YB 95 34.61 -68.70 -11.41
C LEU YB 95 34.54 -67.85 -12.66
N ASN YB 96 34.77 -68.48 -13.80
CA ASN YB 96 34.80 -67.77 -15.08
C ASN YB 96 33.40 -67.33 -15.49
N SER YB 97 33.34 -66.31 -16.33
CA SER YB 97 32.07 -65.85 -16.89
C SER YB 97 31.44 -66.92 -17.77
N SER YB 98 32.26 -67.58 -18.58
CA SER YB 98 31.79 -68.63 -19.47
C SER YB 98 32.13 -69.99 -18.86
N GLY YB 99 31.94 -71.06 -19.64
CA GLY YB 99 32.35 -72.39 -19.25
C GLY YB 99 33.81 -72.69 -19.45
N LEU YB 100 34.58 -71.73 -19.94
CA LEU YB 100 36.02 -71.89 -20.11
C LEU YB 100 36.70 -71.98 -18.75
N VAL YB 101 37.70 -72.86 -18.65
CA VAL YB 101 38.52 -72.94 -17.45
C VAL YB 101 39.98 -72.86 -17.87
N VAL YB 102 40.73 -71.98 -17.22
CA VAL YB 102 42.13 -71.72 -17.53
C VAL YB 102 42.95 -71.99 -16.28
N CYS YB 103 44.02 -72.78 -16.42
CA CYS YB 103 44.85 -73.10 -15.29
C CYS YB 103 45.66 -71.88 -14.86
N ASN YB 104 46.14 -71.91 -13.62
CA ASN YB 104 46.77 -70.75 -13.01
C ASN YB 104 48.14 -70.40 -13.60
N ASP YB 105 48.72 -71.28 -14.40
CA ASP YB 105 49.96 -70.97 -15.09
C ASP YB 105 49.73 -70.28 -16.43
N GLY YB 106 48.48 -70.02 -16.79
CA GLY YB 106 48.13 -69.38 -18.03
C GLY YB 106 47.59 -70.32 -19.10
N TYR YB 107 47.77 -71.62 -18.93
CA TYR YB 107 47.25 -72.59 -19.89
C TYR YB 107 45.75 -72.76 -19.70
N VAL YB 108 45.04 -72.95 -20.81
CA VAL YB 108 43.59 -73.09 -20.81
C VAL YB 108 43.23 -74.54 -21.10
N SER YB 109 42.42 -75.13 -20.23
CA SER YB 109 42.01 -76.52 -20.37
C SER YB 109 40.61 -76.55 -20.97
N GLU YB 110 40.55 -76.51 -22.30
CA GLU YB 110 39.27 -76.54 -23.00
C GLU YB 110 38.60 -77.91 -22.90
N GLU YB 111 39.36 -78.96 -22.62
CA GLU YB 111 38.79 -80.29 -22.46
C GLU YB 111 38.04 -80.41 -21.15
N CYS YB 112 38.61 -79.84 -20.07
CA CYS YB 112 37.87 -79.72 -18.83
C CYS YB 112 36.75 -78.69 -18.97
N SER YB 113 36.92 -77.72 -19.86
CA SER YB 113 35.88 -76.73 -20.10
C SER YB 113 34.73 -77.33 -20.90
N LEU YB 114 33.63 -76.58 -20.94
CA LEU YB 114 32.45 -76.98 -21.68
C LEU YB 114 32.49 -76.37 -23.08
N GLN YB 115 32.20 -77.20 -24.08
CA GLN YB 115 32.20 -76.77 -25.47
C GLN YB 115 30.90 -76.04 -25.81
N LYS YB 116 30.76 -75.67 -27.08
CA LYS YB 116 29.55 -74.99 -27.54
C LYS YB 116 29.13 -75.52 -28.90
N UNK ZB 1 71.69 -111.14 -0.89
CA UNK ZB 1 71.02 -112.21 -0.17
C UNK ZB 1 71.74 -113.54 -0.38
N UNK ZB 2 71.11 -114.41 -1.17
CA UNK ZB 2 71.65 -115.72 -1.59
C UNK ZB 2 71.98 -116.63 -0.41
N UNK ZB 3 71.25 -116.49 0.69
CA UNK ZB 3 71.50 -117.29 1.89
C UNK ZB 3 70.23 -117.31 2.72
N UNK ZB 4 69.63 -118.48 2.88
CA UNK ZB 4 68.50 -118.65 3.78
C UNK ZB 4 68.92 -119.21 5.13
N UNK ZB 5 70.21 -119.37 5.38
CA UNK ZB 5 70.69 -119.91 6.64
C UNK ZB 5 72.08 -119.36 6.90
N UNK ZB 6 72.28 -118.79 8.09
CA UNK ZB 6 73.59 -118.29 8.47
C UNK ZB 6 74.51 -119.47 8.78
N UNK ZB 7 75.56 -119.63 7.98
CA UNK ZB 7 76.50 -120.70 8.20
C UNK ZB 7 77.46 -120.31 9.32
N UNK ZB 8 77.41 -121.06 10.42
CA UNK ZB 8 78.29 -120.83 11.57
C UNK ZB 8 79.38 -121.90 11.53
N UNK ZB 9 80.53 -121.53 10.99
CA UNK ZB 9 81.70 -122.40 10.79
C UNK ZB 9 81.39 -123.68 10.04
N UNK AC 1 88.06 15.91 -74.82
CA UNK AC 1 87.08 15.72 -73.74
C UNK AC 1 87.52 14.58 -72.83
N UNK AC 2 87.25 13.36 -73.26
CA UNK AC 2 87.58 12.17 -72.49
C UNK AC 2 88.38 11.21 -73.35
N UNK AC 3 89.22 10.41 -72.71
CA UNK AC 3 90.04 9.42 -73.40
C UNK AC 3 90.34 8.25 -72.47
N UNK AC 4 90.38 7.06 -73.05
CA UNK AC 4 90.88 5.89 -72.34
C UNK AC 4 92.41 5.79 -72.40
N UNK AC 5 93.06 6.54 -73.29
CA UNK AC 5 94.52 6.57 -73.33
C UNK AC 5 95.09 7.22 -72.08
N UNK AC 6 94.43 8.26 -71.58
CA UNK AC 6 94.82 8.88 -70.32
C UNK AC 6 94.63 7.92 -69.16
N UNK AC 7 93.56 7.11 -69.19
CA UNK AC 7 93.32 6.12 -68.15
C UNK AC 7 94.38 5.02 -68.17
N UNK AC 8 94.76 4.56 -69.37
CA UNK AC 8 95.82 3.56 -69.48
C UNK AC 8 97.17 4.11 -69.03
N UNK AC 9 97.47 5.37 -69.41
CA UNK AC 9 98.71 6.00 -68.98
C UNK AC 9 98.75 6.21 -67.47
N UNK AC 10 97.62 6.59 -66.88
CA UNK AC 10 97.54 6.78 -65.43
C UNK AC 10 97.65 5.46 -64.69
N UNK AC 11 97.04 4.40 -65.22
CA UNK AC 11 97.16 3.07 -64.61
C UNK AC 11 98.59 2.56 -64.68
N UNK AC 12 99.26 2.77 -65.81
CA UNK AC 12 100.66 2.38 -65.94
C UNK AC 12 101.56 3.19 -65.01
N UNK AC 13 101.30 4.50 -64.86
CA UNK AC 13 102.12 5.33 -64.00
C UNK AC 13 101.90 4.99 -62.53
N UNK AC 14 100.66 4.67 -62.14
CA UNK AC 14 100.39 4.26 -60.77
C UNK AC 14 100.97 2.88 -60.48
N UNK AC 15 101.03 2.00 -61.49
CA UNK AC 15 101.74 0.74 -61.33
C UNK AC 15 103.25 0.97 -61.21
N UNK AC 16 103.76 1.98 -61.92
CA UNK AC 16 105.17 2.33 -61.85
C UNK AC 16 105.40 3.38 -60.76
N UNK AC 17 105.12 2.95 -59.52
CA UNK AC 17 105.40 3.78 -58.36
C UNK AC 17 106.83 3.59 -57.86
N UNK AC 18 107.24 2.32 -57.76
CA UNK AC 18 108.59 1.90 -57.36
C UNK AC 18 108.99 2.47 -55.99
N UNK AC 19 108.03 2.50 -55.06
CA UNK AC 19 108.29 3.02 -53.73
C UNK AC 19 107.33 2.34 -52.76
N UNK AC 20 107.88 1.51 -51.88
CA UNK AC 20 107.07 0.82 -50.87
C UNK AC 20 107.97 0.46 -49.70
N UNK AC 21 107.88 1.26 -48.62
CA UNK AC 21 108.68 1.04 -47.43
C UNK AC 21 107.78 0.50 -46.32
N UNK AC 22 108.19 -0.59 -45.70
CA UNK AC 22 107.41 -1.26 -44.67
C UNK AC 22 108.09 -1.12 -43.32
N UNK AC 23 107.29 -0.77 -42.30
CA UNK AC 23 107.77 -0.63 -40.92
C UNK AC 23 106.80 -1.39 -40.01
N UNK AC 24 107.01 -2.70 -39.91
CA UNK AC 24 106.21 -3.52 -39.01
C UNK AC 24 106.63 -3.28 -37.57
N UNK AC 25 105.76 -3.68 -36.65
CA UNK AC 25 105.99 -3.47 -35.23
C UNK AC 25 106.09 -4.80 -34.51
N UNK AC 26 106.70 -4.75 -33.32
CA UNK AC 26 106.78 -5.88 -32.41
C UNK AC 26 105.96 -5.58 -31.17
N UNK AC 27 106.01 -6.50 -30.21
CA UNK AC 27 105.24 -6.33 -28.98
C UNK AC 27 105.82 -5.26 -28.07
N UNK AC 28 107.14 -5.11 -28.05
CA UNK AC 28 107.82 -4.15 -27.20
C UNK AC 28 108.17 -2.87 -27.94
N UNK AC 29 107.33 -2.47 -28.90
CA UNK AC 29 107.46 -1.26 -29.72
C UNK AC 29 108.80 -1.22 -30.46
N UNK AC 30 109.29 -2.37 -30.90
CA UNK AC 30 110.52 -2.45 -31.68
C UNK AC 30 110.17 -2.14 -33.13
N UNK AC 31 110.53 -0.93 -33.57
CA UNK AC 31 110.18 -0.47 -34.91
C UNK AC 31 111.24 -0.94 -35.89
N UNK AC 32 110.86 -1.88 -36.75
CA UNK AC 32 111.76 -2.45 -37.75
C UNK AC 32 111.36 -1.91 -39.11
N UNK AC 33 112.00 -0.82 -39.53
CA UNK AC 33 111.78 -0.24 -40.86
C UNK AC 33 112.94 -0.68 -41.75
N UNK AC 34 112.71 -1.72 -42.52
CA UNK AC 34 113.76 -2.30 -43.36
C UNK AC 34 113.83 -1.54 -44.69
N UNK AC 35 114.48 -2.16 -45.67
CA UNK AC 35 114.66 -1.52 -46.97
C UNK AC 35 113.34 -1.44 -47.73
N UNK AC 36 113.16 -0.32 -48.41
CA UNK AC 36 111.97 -0.13 -49.24
C UNK AC 36 112.09 -0.97 -50.50
N UNK AC 37 111.34 -2.08 -50.55
CA UNK AC 37 111.32 -2.94 -51.71
C UNK AC 37 110.28 -2.44 -52.70
N UNK AC 38 110.51 -2.75 -53.98
CA UNK AC 38 109.68 -2.31 -55.11
C UNK AC 38 109.51 -0.79 -55.16
N UNK AC 39 100.32 -6.51 -31.77
CA UNK AC 39 101.06 -5.43 -32.39
C UNK AC 39 101.95 -5.95 -33.53
N UNK AC 40 101.49 -6.99 -34.21
CA UNK AC 40 102.22 -7.61 -35.30
C UNK AC 40 101.60 -7.37 -36.67
N UNK AC 41 100.29 -7.49 -36.79
CA UNK AC 41 99.59 -7.32 -38.07
C UNK AC 41 99.31 -5.83 -38.24
N UNK AC 42 100.35 -5.06 -38.51
CA UNK AC 42 100.24 -3.62 -38.72
C UNK AC 42 100.02 -3.40 -40.21
N UNK AC 43 98.75 -3.23 -40.59
CA UNK AC 43 98.40 -3.06 -41.99
C UNK AC 43 98.91 -1.73 -42.54
N UNK AC 44 99.05 -0.72 -41.69
CA UNK AC 44 99.66 0.54 -42.08
C UNK AC 44 101.18 0.51 -41.96
N UNK AC 45 101.76 -0.68 -41.79
CA UNK AC 45 103.21 -0.82 -41.71
C UNK AC 45 103.89 -0.42 -43.01
N UNK AC 46 103.30 -0.83 -44.14
CA UNK AC 46 103.84 -0.48 -45.44
C UNK AC 46 103.38 0.91 -45.85
N UNK AC 47 104.27 1.66 -46.49
CA UNK AC 47 103.96 2.98 -47.02
C UNK AC 47 104.86 3.25 -48.20
N UNK AC 48 104.44 4.20 -49.04
CA UNK AC 48 105.20 4.53 -50.24
C UNK AC 48 106.47 5.31 -49.90
N LYS BC 24 52.34 -127.92 -19.72
CA LYS BC 24 52.17 -128.31 -21.12
C LYS BC 24 51.90 -127.10 -22.00
N PHE BC 25 51.83 -125.92 -21.38
CA PHE BC 25 51.55 -124.69 -22.11
C PHE BC 25 52.68 -123.70 -21.85
N LYS BC 26 53.36 -123.30 -22.91
CA LYS BC 26 54.38 -122.26 -22.84
C LYS BC 26 53.69 -120.93 -23.10
N LYS BC 27 53.66 -120.09 -22.08
CA LYS BC 27 52.93 -118.84 -22.19
C LYS BC 27 53.69 -117.84 -23.05
N PRO BC 28 52.97 -116.99 -23.79
CA PRO BC 28 53.61 -115.89 -24.49
C PRO BC 28 54.07 -114.83 -23.52
N PRO BC 29 55.01 -113.98 -23.91
CA PRO BC 29 55.38 -112.83 -23.07
C PRO BC 29 54.20 -111.89 -22.89
N ILE BC 30 54.09 -111.32 -21.69
CA ILE BC 30 52.93 -110.53 -21.33
C ILE BC 30 52.99 -109.16 -21.97
N ASN BC 31 54.08 -108.43 -21.76
CA ASN BC 31 54.27 -107.14 -22.42
C ASN BC 31 55.04 -107.30 -23.72
N ASN BC 32 54.57 -108.20 -24.56
CA ASN BC 32 55.22 -108.45 -25.83
C ASN BC 32 54.84 -107.38 -26.85
N PRO BC 33 55.75 -107.01 -27.73
CA PRO BC 33 55.37 -106.13 -28.84
C PRO BC 33 54.53 -106.88 -29.87
N SER BC 34 53.22 -106.93 -29.64
CA SER BC 34 52.31 -107.70 -30.46
C SER BC 34 51.40 -106.81 -31.30
N ASP BC 35 51.91 -105.66 -31.75
CA ASP BC 35 51.13 -104.80 -32.62
C ASP BC 35 52.07 -104.06 -33.56
N ASP BC 36 51.52 -103.68 -34.72
CA ASP BC 36 52.31 -103.11 -35.80
C ASP BC 36 52.84 -101.73 -35.45
N ALA BC 37 52.04 -100.92 -34.76
CA ALA BC 37 52.55 -99.64 -34.28
C ALA BC 37 53.61 -99.85 -33.20
N THR BC 38 53.38 -100.82 -32.32
CA THR BC 38 54.26 -101.02 -31.18
C THR BC 38 55.62 -101.56 -31.59
N ILE BC 39 55.68 -102.40 -32.62
CA ILE BC 39 56.97 -102.95 -33.01
C ILE BC 39 57.84 -101.87 -33.67
N LYS BC 40 57.21 -100.97 -34.43
CA LYS BC 40 57.95 -99.84 -35.00
C LYS BC 40 58.38 -98.88 -33.90
N LEU BC 41 57.54 -98.68 -32.90
CA LEU BC 41 57.88 -97.80 -31.78
C LEU BC 41 59.05 -98.37 -30.98
N ALA BC 42 59.04 -99.68 -30.74
CA ALA BC 42 60.13 -100.31 -30.01
C ALA BC 42 61.41 -100.32 -30.82
N GLU BC 43 61.30 -100.50 -32.14
CA GLU BC 43 62.45 -100.42 -33.02
C GLU BC 43 63.07 -99.02 -33.00
N ALA BC 44 62.21 -98.00 -33.02
CA ALA BC 44 62.69 -96.62 -32.94
C ALA BC 44 63.34 -96.33 -31.60
N ALA BC 45 62.78 -96.88 -30.51
CA ALA BC 45 63.38 -96.71 -29.19
C ALA BC 45 64.75 -97.36 -29.10
N VAL BC 46 64.88 -98.55 -29.69
CA VAL BC 46 66.17 -99.25 -29.74
C VAL BC 46 67.18 -98.43 -30.54
N SER BC 47 66.73 -97.86 -31.66
CA SER BC 47 67.60 -97.07 -32.52
C SER BC 47 68.10 -95.81 -31.81
N VAL BC 48 67.20 -95.09 -31.14
CA VAL BC 48 67.61 -93.85 -30.49
C VAL BC 48 68.43 -94.14 -29.24
N SER BC 49 68.21 -95.28 -28.59
CA SER BC 49 69.06 -95.66 -27.48
C SER BC 49 70.48 -95.95 -27.94
N ASP BC 50 70.61 -96.67 -29.07
CA ASP BC 50 71.94 -96.95 -29.62
C ASP BC 50 72.63 -95.68 -30.07
N SER BC 51 71.88 -94.78 -30.69
CA SER BC 51 72.45 -93.52 -31.16
C SER BC 51 72.91 -92.64 -30.01
N MET BC 52 72.11 -92.59 -28.94
CA MET BC 52 72.48 -91.84 -27.76
C MET BC 52 73.69 -92.45 -27.07
N LEU BC 53 73.77 -93.78 -27.06
CA LEU BC 53 74.92 -94.45 -26.47
C LEU BC 53 76.20 -94.15 -27.22
N GLU BC 54 76.12 -94.16 -28.56
CA GLU BC 54 77.31 -93.81 -29.35
C GLU BC 54 77.66 -92.35 -29.21
N MET BC 55 76.66 -91.48 -29.03
CA MET BC 55 76.90 -90.07 -28.78
C MET BC 55 77.65 -89.87 -27.48
N ALA BC 56 77.21 -90.55 -26.42
CA ALA BC 56 77.93 -90.49 -25.16
C ALA BC 56 79.30 -91.15 -25.26
N LYS BC 57 79.43 -92.16 -26.11
CA LYS BC 57 80.69 -92.86 -26.30
C LYS BC 57 81.74 -91.94 -26.89
N VAL BC 58 81.37 -91.18 -27.93
CA VAL BC 58 82.32 -90.22 -28.47
C VAL BC 58 82.45 -88.99 -27.58
N GLU BC 59 81.43 -88.70 -26.76
CA GLU BC 59 81.45 -87.46 -26.02
C GLU BC 59 82.24 -87.57 -24.73
N LYS BC 60 82.35 -88.77 -24.16
CA LYS BC 60 83.04 -88.92 -22.89
C LYS BC 60 84.54 -88.77 -23.07
N VAL BC 61 85.17 -88.08 -22.13
CA VAL BC 61 86.62 -87.91 -22.08
C VAL BC 61 87.12 -88.60 -20.82
N ILE BC 62 88.09 -89.49 -20.98
CA ILE BC 62 88.57 -90.31 -19.87
C ILE BC 62 90.06 -90.08 -19.66
N THR BC 63 90.63 -90.79 -18.70
CA THR BC 63 92.04 -90.71 -18.37
C THR BC 63 92.63 -92.11 -18.28
N PRO BC 64 93.90 -92.28 -18.67
CA PRO BC 64 94.56 -93.57 -18.44
C PRO BC 64 94.85 -93.76 -16.97
N PRO BC 65 94.92 -95.02 -16.50
CA PRO BC 65 95.27 -95.26 -15.09
C PRO BC 65 96.72 -94.97 -14.76
N SER BC 66 97.58 -94.79 -15.76
CA SER BC 66 98.95 -94.39 -15.51
C SER BC 66 99.05 -92.90 -15.18
N LYS BC 67 98.20 -92.08 -15.80
CA LYS BC 67 98.35 -90.63 -15.75
C LYS BC 67 97.26 -89.97 -14.90
N ASP BC 68 96.92 -90.58 -13.77
CA ASP BC 68 96.07 -89.95 -12.78
C ASP BC 68 96.94 -89.41 -11.64
N ASN BC 69 96.58 -88.24 -11.14
CA ASN BC 69 97.32 -87.64 -10.03
C ASN BC 69 96.57 -87.92 -8.72
N THR BC 70 96.60 -89.19 -8.35
CA THR BC 70 95.94 -89.67 -7.14
C THR BC 70 96.99 -90.14 -6.14
N LEU BC 71 96.68 -89.96 -4.86
CA LEU BC 71 97.57 -90.42 -3.80
C LEU BC 71 97.50 -91.94 -3.71
N THR BC 72 98.64 -92.59 -3.88
CA THR BC 72 98.70 -94.04 -3.75
C THR BC 72 98.67 -94.45 -2.27
N ILE BC 73 98.17 -95.65 -2.03
CA ILE BC 73 98.03 -96.14 -0.66
C ILE BC 73 99.41 -96.53 -0.12
N PRO BC 74 99.83 -96.00 1.03
CA PRO BC 74 101.19 -96.29 1.52
C PRO BC 74 101.35 -97.66 2.17
N ASN BC 75 100.24 -98.40 2.38
CA ASN BC 75 100.12 -99.74 2.96
C ASN BC 75 100.97 -99.98 4.22
N ALA BC 76 101.11 -98.98 5.07
CA ALA BC 76 101.73 -99.20 6.36
C ALA BC 76 100.69 -99.70 7.36
N TYR BC 77 101.17 -100.25 8.47
CA TYR BC 77 100.27 -100.93 9.40
C TYR BC 77 99.45 -99.96 10.23
N ASN BC 78 100.00 -98.78 10.53
CA ASN BC 78 99.28 -97.82 11.37
C ASN BC 78 98.11 -97.18 10.65
N LEU BC 79 98.07 -97.26 9.33
CA LEU BC 79 96.99 -96.66 8.55
C LEU BC 79 95.85 -97.65 8.32
N GLN BC 80 95.93 -98.84 8.88
CA GLN BC 80 94.89 -99.84 8.71
C GLN BC 80 93.78 -99.72 9.75
N ALA BC 81 93.90 -98.78 10.68
CA ALA BC 81 92.91 -98.67 11.75
C ALA BC 81 91.62 -98.04 11.23
N ARG BC 82 90.51 -98.39 11.89
CA ARG BC 82 89.20 -97.88 11.52
C ARG BC 82 88.93 -96.56 12.20
N ALA BC 83 88.11 -95.73 11.56
CA ALA BC 83 87.82 -94.40 12.08
C ALA BC 83 86.43 -93.96 11.66
N SER BC 84 85.89 -92.99 12.41
CA SER BC 84 84.56 -92.42 12.16
C SER BC 84 84.68 -90.92 12.37
N VAL BC 85 84.77 -90.17 11.27
CA VAL BC 85 85.03 -88.75 11.34
C VAL BC 85 83.95 -88.01 10.55
N ASP BC 86 83.31 -87.04 11.20
CA ASP BC 86 82.53 -86.01 10.53
C ASP BC 86 83.30 -84.72 10.62
N TRP BC 87 83.48 -84.06 9.48
CA TRP BC 87 84.21 -82.80 9.45
C TRP BC 87 83.70 -81.97 8.28
N SER BC 88 83.60 -80.66 8.48
CA SER BC 88 83.28 -79.74 7.40
C SER BC 88 84.02 -78.44 7.66
N GLY BC 89 85.21 -78.30 7.08
CA GLY BC 89 85.98 -77.10 7.24
C GLY BC 89 87.38 -77.19 6.71
N PRO BC 90 88.33 -76.48 7.36
CA PRO BC 90 89.72 -76.46 6.89
C PRO BC 90 90.44 -77.80 6.96
N ILE BC 91 91.68 -77.80 6.48
CA ILE BC 91 92.36 -79.03 6.10
C ILE BC 91 93.57 -79.26 7.00
N GLU BC 92 94.20 -78.17 7.43
CA GLU BC 92 95.50 -78.28 8.08
C GLU BC 92 95.39 -78.86 9.48
N GLU BC 93 94.41 -78.40 10.26
CA GLU BC 93 94.20 -78.99 11.57
C GLU BC 93 93.68 -80.42 11.46
N LEU BC 94 92.95 -80.73 10.38
CA LEU BC 94 92.47 -82.09 10.17
C LEU BC 94 93.62 -83.05 9.91
N THR BC 95 94.54 -82.67 9.03
CA THR BC 95 95.66 -83.57 8.77
C THR BC 95 96.65 -83.58 9.92
N ALA BC 96 96.72 -82.51 10.70
CA ALA BC 96 97.51 -82.54 11.93
C ALA BC 96 96.91 -83.53 12.93
N ARG BC 97 95.57 -83.55 13.04
CA ARG BC 97 94.89 -84.53 13.89
C ARG BC 97 95.11 -85.94 13.38
N ILE BC 98 95.11 -86.11 12.06
CA ILE BC 98 95.36 -87.42 11.46
C ILE BC 98 96.76 -87.91 11.77
N ALA BC 99 97.75 -87.01 11.64
CA ALA BC 99 99.13 -87.37 11.94
C ALA BC 99 99.32 -87.66 13.43
N LYS BC 100 98.60 -86.93 14.29
CA LYS BC 100 98.62 -87.21 15.72
C LYS BC 100 98.03 -88.58 16.03
N ALA BC 101 96.92 -88.93 15.38
CA ALA BC 101 96.31 -90.24 15.61
C ALA BC 101 97.17 -91.36 15.05
N ALA BC 102 97.91 -91.10 13.98
CA ALA BC 102 98.76 -92.11 13.37
C ALA BC 102 100.18 -92.10 13.91
N HIS BC 103 100.48 -91.21 14.88
CA HIS BC 103 101.80 -91.06 15.50
C HIS BC 103 102.87 -90.76 14.45
N PHE BC 104 102.54 -89.90 13.49
CA PHE BC 104 103.46 -89.51 12.44
C PHE BC 104 103.77 -88.02 12.56
N ARG BC 105 105.00 -87.66 12.23
CA ARG BC 105 105.36 -86.26 12.14
C ARG BC 105 104.65 -85.62 10.96
N PHE BC 106 104.44 -84.31 11.06
CA PHE BC 106 103.75 -83.56 10.03
C PHE BC 106 104.67 -82.45 9.52
N ARG BC 107 104.63 -82.21 8.22
CA ARG BC 107 105.41 -81.12 7.66
C ARG BC 107 104.67 -80.54 6.46
N VAL BC 108 104.62 -79.22 6.39
CA VAL BC 108 103.90 -78.50 5.36
C VAL BC 108 104.90 -77.69 4.56
N LEU BC 109 104.91 -77.89 3.24
CA LEU BC 109 105.72 -77.12 2.32
C LEU BC 109 104.81 -76.15 1.60
N GLY BC 110 105.18 -74.87 1.61
CA GLY BC 110 104.37 -73.86 0.99
C GLY BC 110 104.01 -72.73 1.93
N LYS BC 111 102.92 -72.02 1.64
CA LYS BC 111 102.48 -70.88 2.42
C LYS BC 111 100.97 -70.96 2.60
N SER BC 112 100.49 -70.28 3.64
CA SER BC 112 99.06 -70.25 3.89
C SER BC 112 98.37 -69.37 2.87
N PRO BC 113 97.23 -69.78 2.32
CA PRO BC 113 96.51 -68.94 1.36
C PRO BC 113 95.77 -67.81 2.08
N SER BC 114 95.30 -66.86 1.27
CA SER BC 114 94.45 -65.79 1.80
C SER BC 114 93.12 -66.35 2.27
N VAL BC 115 92.45 -67.11 1.42
CA VAL BC 115 91.27 -67.88 1.79
C VAL BC 115 91.66 -69.35 1.84
N PRO BC 116 91.50 -70.04 2.96
CA PRO BC 116 91.91 -71.43 3.04
C PRO BC 116 90.98 -72.34 2.28
N VAL BC 117 91.54 -73.44 1.76
CA VAL BC 117 90.76 -74.43 1.06
C VAL BC 117 90.04 -75.30 2.08
N LEU BC 118 88.73 -75.46 1.90
CA LEU BC 118 87.90 -76.14 2.87
C LEU BC 118 87.31 -77.41 2.25
N ILE BC 119 87.03 -78.39 3.09
CA ILE BC 119 86.53 -79.69 2.67
C ILE BC 119 85.52 -80.19 3.69
N SER BC 120 84.79 -81.23 3.31
CA SER BC 120 83.78 -81.81 4.19
C SER BC 120 83.67 -83.30 3.89
N ILE BC 121 83.94 -84.12 4.90
CA ILE BC 121 83.84 -85.58 4.80
C ILE BC 121 83.12 -86.09 6.03
N SER BC 122 82.05 -86.85 5.84
CA SER BC 122 81.31 -87.46 6.93
C SER BC 122 81.23 -88.96 6.70
N THR BC 123 82.04 -89.72 7.42
CA THR BC 123 82.08 -91.16 7.27
C THR BC 123 82.10 -91.81 8.65
N LYS BC 124 81.49 -92.99 8.75
CA LYS BC 124 81.32 -93.68 10.02
C LYS BC 124 82.19 -94.91 10.18
N ASP BC 125 82.79 -95.41 9.11
CA ASP BC 125 83.75 -96.51 9.22
C ASP BC 125 84.69 -96.41 8.03
N GLU BC 126 85.92 -96.00 8.28
CA GLU BC 126 86.89 -95.83 7.20
C GLU BC 126 88.29 -96.00 7.76
N SER BC 127 89.22 -96.30 6.88
CA SER BC 127 90.62 -96.35 7.26
C SER BC 127 91.37 -95.15 6.70
N LEU BC 128 92.49 -94.85 7.36
CA LEU BC 128 93.15 -93.57 7.17
C LEU BC 128 93.78 -93.44 5.80
N ALA BC 129 94.15 -94.56 5.17
CA ALA BC 129 94.77 -94.51 3.85
C ALA BC 129 93.79 -94.00 2.80
N GLU BC 130 92.60 -94.60 2.74
CA GLU BC 130 91.61 -94.09 1.79
C GLU BC 130 91.01 -92.78 2.25
N ILE BC 131 91.08 -92.48 3.55
CA ILE BC 131 90.70 -91.15 4.03
C ILE BC 131 91.62 -90.10 3.41
N LEU BC 132 92.92 -90.33 3.45
CA LEU BC 132 93.86 -89.38 2.87
C LEU BC 132 93.80 -89.41 1.35
N ARG BC 133 93.42 -90.55 0.76
CA ARG BC 133 93.18 -90.61 -0.67
C ARG BC 133 92.03 -89.70 -1.09
N ASP BC 134 90.95 -89.72 -0.31
CA ASP BC 134 89.83 -88.82 -0.55
C ASP BC 134 90.23 -87.36 -0.30
N ILE BC 135 91.10 -87.15 0.68
CA ILE BC 135 91.60 -85.81 0.97
C ILE BC 135 92.38 -85.26 -0.22
N ASP BC 136 93.27 -86.07 -0.79
CA ASP BC 136 94.06 -85.63 -1.93
C ASP BC 136 93.20 -85.47 -3.18
N TYR BC 137 92.15 -86.28 -3.32
CA TYR BC 137 91.24 -86.08 -4.44
C TYR BC 137 90.47 -84.78 -4.32
N GLN BC 138 89.99 -84.45 -3.12
CA GLN BC 138 89.24 -83.22 -2.95
C GLN BC 138 90.15 -82.00 -2.82
N ALA BC 139 91.45 -82.19 -2.66
CA ALA BC 139 92.35 -81.06 -2.51
C ALA BC 139 92.50 -80.27 -3.81
N GLY BC 140 92.31 -80.93 -4.95
CA GLY BC 140 92.43 -80.22 -6.21
C GLY BC 140 93.87 -79.88 -6.54
N LYS BC 141 94.01 -78.90 -7.43
CA LYS BC 141 95.32 -78.48 -7.91
C LYS BC 141 96.06 -77.58 -6.93
N LYS BC 142 95.36 -77.02 -5.94
CA LYS BC 142 95.99 -76.07 -5.04
C LYS BC 142 96.90 -76.73 -4.02
N ALA BC 143 96.68 -78.01 -3.70
CA ALA BC 143 97.52 -78.69 -2.74
C ALA BC 143 97.55 -80.17 -3.05
N SER BC 144 98.56 -80.84 -2.50
CA SER BC 144 98.69 -82.29 -2.60
C SER BC 144 99.34 -82.78 -1.32
N ILE BC 145 99.37 -84.10 -1.15
CA ILE BC 145 99.96 -84.70 0.03
C ILE BC 145 100.84 -85.87 -0.36
N HIS BC 146 101.83 -86.14 0.50
CA HIS BC 146 102.70 -87.30 0.35
C HIS BC 146 102.89 -87.95 1.70
N VAL BC 147 103.14 -89.26 1.67
CA VAL BC 147 103.36 -90.05 2.88
C VAL BC 147 104.76 -90.68 2.78
N TYR BC 148 105.56 -90.48 3.80
CA TYR BC 148 106.88 -91.10 3.86
C TYR BC 148 106.96 -92.03 5.05
N PRO BC 149 107.06 -93.34 4.84
CA PRO BC 149 107.28 -94.28 5.94
C PRO BC 149 108.74 -94.60 6.20
N ASN BC 150 109.68 -93.96 5.50
CA ASN BC 150 111.09 -94.10 5.86
C ASN BC 150 111.40 -93.33 7.13
N SER BC 151 111.23 -92.01 7.09
CA SER BC 151 111.08 -91.19 8.28
C SER BC 151 109.59 -90.86 8.38
N GLN BC 152 108.97 -91.26 9.49
CA GLN BC 152 107.52 -91.40 9.55
C GLN BC 152 106.84 -90.04 9.54
N VAL BC 153 106.61 -89.51 8.33
CA VAL BC 153 106.17 -88.14 8.17
C VAL BC 153 105.11 -88.06 7.08
N VAL BC 154 104.30 -87.01 7.15
CA VAL BC 154 103.37 -86.65 6.09
C VAL BC 154 103.72 -85.25 5.62
N GLU BC 155 103.47 -85.00 4.34
CA GLU BC 155 103.85 -83.75 3.70
C GLU BC 155 102.63 -83.15 3.02
N LEU BC 156 102.37 -81.88 3.33
CA LEU BC 156 101.32 -81.12 2.66
C LEU BC 156 101.98 -80.09 1.77
N ARG BC 157 101.93 -80.32 0.46
CA ARG BC 157 102.58 -79.47 -0.53
C ARG BC 157 101.58 -78.50 -1.11
N TYR BC 158 101.88 -77.22 -1.04
CA TYR BC 158 101.03 -76.18 -1.59
C TYR BC 158 101.34 -75.94 -3.07
N ALA BC 159 100.54 -75.09 -3.69
CA ALA BC 159 100.80 -74.59 -5.02
C ALA BC 159 101.27 -73.14 -4.94
N LYS BC 160 101.41 -72.51 -6.11
CA LYS BC 160 101.84 -71.13 -6.18
C LYS BC 160 100.71 -70.20 -6.61
N ILE CC 208 104.20 -101.36 -40.20
CA ILE CC 208 103.62 -102.58 -40.75
C ILE CC 208 102.75 -103.23 -39.67
N ILE CC 209 101.85 -104.11 -40.08
CA ILE CC 209 100.95 -104.81 -39.17
C ILE CC 209 101.23 -106.30 -39.27
N TYR CC 210 101.50 -106.93 -38.13
CA TYR CC 210 101.73 -108.36 -38.06
C TYR CC 210 100.71 -108.97 -37.11
N TYR CC 211 100.00 -109.99 -37.59
CA TYR CC 211 98.91 -110.59 -36.85
C TYR CC 211 99.08 -112.10 -36.77
N ILE CC 212 98.56 -112.68 -35.73
CA ILE CC 212 98.58 -114.11 -35.54
C ILE CC 212 97.33 -114.71 -36.18
N GLN CC 213 97.43 -115.95 -36.64
CA GLN CC 213 96.25 -116.66 -37.12
C GLN CC 213 96.04 -117.99 -36.41
N ALA CC 214 97.06 -118.83 -36.29
CA ALA CC 214 96.91 -120.15 -35.69
C ALA CC 214 98.14 -120.46 -34.86
N VAL CC 215 97.92 -120.77 -33.58
CA VAL CC 215 99.00 -120.93 -32.61
C VAL CC 215 98.91 -122.33 -32.01
N ILE CC 216 99.83 -123.21 -32.42
CA ILE CC 216 100.01 -124.46 -31.71
C ILE CC 216 100.82 -124.12 -30.46
N PRO CC 217 100.78 -124.92 -29.39
CA PRO CC 217 101.69 -124.67 -28.28
C PRO CC 217 103.13 -124.93 -28.68
N GLY CC 218 103.89 -123.84 -28.86
CA GLY CC 218 105.25 -123.88 -29.35
C GLY CC 218 105.45 -123.14 -30.65
N ARG CC 219 104.49 -123.21 -31.55
CA ARG CC 219 104.64 -122.67 -32.89
C ARG CC 219 103.37 -121.95 -33.32
N ALA CC 220 103.55 -120.78 -33.91
CA ALA CC 220 102.45 -119.93 -34.33
C ALA CC 220 102.64 -119.50 -35.78
N TRP CC 221 101.55 -119.07 -36.39
CA TRP CC 221 101.55 -118.61 -37.77
C TRP CC 221 101.17 -117.15 -37.81
N LEU CC 222 101.92 -116.37 -38.57
CA LEU CC 222 101.77 -114.93 -38.62
C LEU CC 222 101.56 -114.48 -40.06
N ILE CC 223 100.62 -113.55 -40.25
CA ILE CC 223 100.44 -112.88 -41.52
C ILE CC 223 100.79 -111.41 -41.33
N GLY CC 224 101.13 -110.76 -42.44
CA GLY CC 224 101.45 -109.35 -42.46
C GLY CC 224 100.37 -108.54 -43.16
N SER CC 225 100.45 -107.22 -43.00
CA SER CC 225 99.56 -106.33 -43.72
C SER CC 225 99.87 -106.32 -45.21
N ASN CC 226 101.11 -106.60 -45.57
CA ASN CC 226 101.51 -106.76 -46.96
C ASN CC 226 101.37 -108.20 -47.44
N GLY CC 227 100.71 -109.06 -46.66
CA GLY CC 227 100.55 -110.45 -47.05
C GLY CC 227 101.75 -111.32 -46.79
N SER CC 228 102.71 -110.85 -46.00
CA SER CC 228 103.92 -111.61 -45.71
C SER CC 228 103.58 -112.76 -44.76
N THR CC 229 104.02 -113.96 -45.13
CA THR CC 229 103.79 -115.13 -44.28
C THR CC 229 104.97 -115.34 -43.34
N LEU CC 230 104.69 -115.92 -42.17
CA LEU CC 230 105.75 -116.16 -41.20
C LEU CC 230 105.37 -117.33 -40.29
N THR CC 231 106.37 -118.10 -39.90
CA THR CC 231 106.24 -119.16 -38.91
C THR CC 231 107.13 -118.80 -37.73
N VAL CC 232 106.55 -118.73 -36.54
CA VAL CC 232 107.21 -118.17 -35.36
C VAL CC 232 107.24 -119.22 -34.26
N ARG CC 233 108.43 -119.51 -33.75
CA ARG CC 233 108.59 -120.40 -32.63
C ARG CC 233 108.67 -119.59 -31.34
N GLU CC 234 108.89 -120.27 -30.21
CA GLU CC 234 109.18 -119.54 -28.98
C GLU CC 234 110.54 -118.86 -29.07
N GLY CC 235 111.56 -119.59 -29.51
CA GLY CC 235 112.83 -118.97 -29.80
C GLY CC 235 112.85 -118.46 -31.21
N SER CC 236 112.56 -117.17 -31.38
CA SER CC 236 112.44 -116.60 -32.71
C SER CC 236 112.63 -115.10 -32.64
N LYS CC 237 113.17 -114.54 -33.72
CA LYS CC 237 113.42 -113.12 -33.84
C LYS CC 237 112.40 -112.50 -34.78
N ILE CC 238 111.80 -111.40 -34.36
CA ILE CC 238 110.80 -110.68 -35.14
C ILE CC 238 111.41 -109.38 -35.61
N PRO CC 239 111.37 -109.08 -36.92
CA PRO CC 239 111.99 -107.83 -37.41
C PRO CC 239 111.19 -106.62 -36.98
N GLY CC 240 111.88 -105.65 -36.38
CA GLY CC 240 111.25 -104.48 -35.81
C GLY CC 240 110.63 -104.71 -34.45
N TYR CC 241 110.70 -105.92 -33.91
CA TYR CC 241 110.12 -106.24 -32.62
C TYR CC 241 111.03 -107.08 -31.74
N GLY CC 242 112.24 -107.41 -32.20
CA GLY CC 242 113.17 -108.15 -31.38
C GLY CC 242 112.79 -109.62 -31.25
N MET CC 243 113.41 -110.26 -30.27
CA MET CC 243 113.20 -111.68 -30.02
C MET CC 243 111.83 -111.92 -29.37
N VAL CC 244 111.32 -113.13 -29.54
CA VAL CC 244 110.10 -113.53 -28.86
C VAL CC 244 110.46 -113.93 -27.43
N LYS CC 245 109.89 -113.22 -26.45
CA LYS CC 245 110.12 -113.60 -25.06
C LYS CC 245 109.13 -114.62 -24.56
N LEU CC 246 107.91 -114.65 -25.11
CA LEU CC 246 106.91 -115.61 -24.69
C LEU CC 246 105.87 -115.75 -25.80
N ILE CC 247 105.17 -116.87 -25.78
CA ILE CC 247 103.96 -117.06 -26.57
C ILE CC 247 102.87 -117.56 -25.63
N ASP CC 248 101.63 -117.45 -26.10
CA ASP CC 248 100.49 -118.08 -25.46
C ASP CC 248 99.67 -118.73 -26.55
N SER CC 249 99.32 -120.00 -26.36
CA SER CC 249 98.51 -120.71 -27.33
C SER CC 249 97.03 -120.71 -26.97
N LEU CC 250 96.70 -120.85 -25.68
CA LEU CC 250 95.30 -120.81 -25.27
C LEU CC 250 94.73 -119.41 -25.39
N GLN CC 251 95.55 -118.40 -25.13
CA GLN CC 251 95.14 -117.01 -25.24
C GLN CC 251 95.86 -116.36 -26.42
N GLY CC 252 95.13 -115.58 -27.20
CA GLY CC 252 95.72 -114.96 -28.37
C GLY CC 252 96.58 -113.75 -28.05
N ARG CC 253 97.73 -113.98 -27.41
CA ARG CC 253 98.61 -112.89 -27.02
C ARG CC 253 100.05 -113.39 -27.08
N ILE CC 254 100.81 -112.86 -28.03
CA ILE CC 254 102.21 -113.21 -28.22
C ILE CC 254 103.03 -111.97 -27.94
N LEU CC 255 103.87 -112.03 -26.92
CA LEU CC 255 104.67 -110.88 -26.50
C LEU CC 255 106.12 -111.08 -26.92
N THR CC 256 106.68 -110.08 -27.57
CA THR CC 256 108.08 -110.08 -27.98
C THR CC 256 108.92 -109.31 -26.98
N SER CC 257 110.21 -109.19 -27.28
CA SER CC 257 111.11 -108.45 -26.41
C SER CC 257 110.89 -106.94 -26.50
N SER CC 258 110.24 -106.46 -27.56
CA SER CC 258 110.03 -105.02 -27.72
C SER CC 258 108.99 -104.47 -26.76
N GLY CC 259 108.13 -105.33 -26.21
CA GLY CC 259 107.14 -104.90 -25.24
C GLY CC 259 105.75 -104.72 -25.78
N GLN CC 260 105.51 -105.00 -27.06
CA GLN CC 260 104.18 -104.95 -27.64
C GLN CC 260 103.72 -106.36 -27.99
N VAL CC 261 102.42 -106.59 -27.86
CA VAL CC 261 101.83 -107.91 -27.99
C VAL CC 261 100.91 -107.92 -29.19
N ILE CC 262 101.12 -108.87 -30.10
CA ILE CC 262 100.30 -108.98 -31.29
C ILE CC 262 99.04 -109.77 -30.99
N LYS CC 263 98.07 -109.68 -31.89
CA LYS CC 263 96.76 -110.26 -31.67
C LYS CC 263 96.17 -110.67 -33.02
N PHE CC 264 94.86 -110.89 -33.05
CA PHE CC 264 94.17 -111.28 -34.27
C PHE CC 264 93.59 -110.05 -34.98
N SER CC 265 93.25 -110.24 -36.25
CA SER CC 265 92.62 -109.19 -37.03
C SER CC 265 91.15 -109.08 -36.69
N GLN CC 266 90.66 -107.85 -36.58
CA GLN CC 266 89.25 -107.61 -36.28
C GLN CC 266 88.58 -106.84 -37.40
N ILE DC 862 -4.54 -29.08 -62.47
CA ILE DC 862 -5.78 -28.42 -62.06
C ILE DC 862 -6.96 -29.34 -62.32
N ILE DC 863 -7.69 -29.66 -61.25
CA ILE DC 863 -8.95 -30.38 -61.34
C ILE DC 863 -10.05 -29.44 -60.85
N LYS DC 864 -11.08 -29.26 -61.67
CA LYS DC 864 -12.08 -28.24 -61.42
C LYS DC 864 -12.95 -28.60 -60.23
N THR DC 865 -13.62 -27.59 -59.68
CA THR DC 865 -14.40 -27.77 -58.46
C THR DC 865 -15.70 -28.50 -58.77
N GLY DC 866 -15.71 -29.82 -58.59
CA GLY DC 866 -16.90 -30.61 -58.80
C GLY DC 866 -17.06 -31.21 -60.18
N ASP DC 867 -16.04 -31.93 -60.66
CA ASP DC 867 -16.13 -32.66 -61.92
C ASP DC 867 -16.11 -34.16 -61.63
N ILE DC 868 -16.07 -34.94 -62.71
CA ILE DC 868 -16.38 -36.37 -62.69
C ILE DC 868 -15.12 -37.17 -62.99
N MET DC 869 -14.97 -38.31 -62.31
CA MET DC 869 -13.89 -39.26 -62.56
C MET DC 869 -14.41 -40.66 -62.22
N PHE DC 870 -13.61 -41.67 -62.55
CA PHE DC 870 -14.01 -43.06 -62.36
C PHE DC 870 -12.94 -43.81 -61.58
N ALA DC 871 -13.36 -44.86 -60.89
CA ALA DC 871 -12.45 -45.75 -60.21
C ALA DC 871 -13.08 -47.15 -60.17
N VAL DC 872 -12.29 -48.12 -59.74
CA VAL DC 872 -12.72 -49.51 -59.65
C VAL DC 872 -12.51 -49.99 -58.23
N LEU DC 873 -13.55 -50.57 -57.63
CA LEU DC 873 -13.45 -51.20 -56.33
C LEU DC 873 -13.34 -52.71 -56.51
N ASP DC 874 -12.34 -53.29 -55.84
CA ASP DC 874 -12.00 -54.69 -56.07
C ASP DC 874 -11.81 -55.46 -54.77
N THR DC 875 -11.66 -54.76 -53.65
CA THR DC 875 -11.55 -55.42 -52.36
C THR DC 875 -12.76 -55.09 -51.49
N SER DC 876 -13.53 -56.12 -51.13
CA SER DC 876 -14.83 -55.94 -50.48
C SER DC 876 -14.69 -55.80 -48.98
N VAL DC 877 -15.73 -55.22 -48.37
CA VAL DC 877 -15.82 -55.09 -46.91
C VAL DC 877 -17.31 -55.05 -46.55
N ASN DC 878 -17.62 -55.49 -45.34
CA ASN DC 878 -18.93 -55.29 -44.76
C ASN DC 878 -18.91 -54.05 -43.86
N SER DC 879 -20.06 -53.39 -43.77
CA SER DC 879 -20.14 -52.12 -43.04
C SER DC 879 -20.25 -52.37 -41.54
N ASP DC 880 -19.20 -52.89 -40.94
CA ASP DC 880 -19.18 -53.16 -39.51
C ASP DC 880 -18.09 -52.42 -38.76
N GLU DC 881 -16.85 -52.48 -39.25
CA GLU DC 881 -15.72 -51.84 -38.58
C GLU DC 881 -15.07 -50.89 -39.59
N PRO DC 882 -14.90 -49.62 -39.26
CA PRO DC 882 -14.26 -48.69 -40.19
C PRO DC 882 -12.78 -48.98 -40.38
N GLY DC 883 -12.28 -48.63 -41.56
CA GLY DC 883 -10.91 -48.87 -41.91
C GLY DC 883 -10.57 -48.36 -43.28
N PRO DC 884 -9.29 -48.47 -43.67
CA PRO DC 884 -8.88 -48.04 -45.01
C PRO DC 884 -9.42 -48.95 -46.10
N ILE DC 885 -9.87 -48.34 -47.19
CA ILE DC 885 -10.34 -49.05 -48.38
C ILE DC 885 -9.73 -48.38 -49.60
N LEU DC 886 -9.28 -49.18 -50.58
CA LEU DC 886 -8.53 -48.68 -51.72
C LEU DC 886 -9.31 -48.88 -53.01
N ALA DC 887 -9.25 -47.88 -53.87
CA ALA DC 887 -9.72 -47.94 -55.25
C ALA DC 887 -8.60 -47.44 -56.17
N THR DC 888 -8.77 -47.68 -57.47
CA THR DC 888 -7.77 -47.27 -58.45
C THR DC 888 -8.46 -46.47 -59.54
N ILE DC 889 -8.02 -45.23 -59.74
CA ILE DC 889 -8.57 -44.38 -60.79
C ILE DC 889 -8.19 -44.96 -62.14
N VAL DC 890 -9.16 -45.06 -63.04
CA VAL DC 890 -8.99 -45.83 -64.26
C VAL DC 890 -8.85 -44.98 -65.51
N THR DC 891 -9.36 -43.75 -65.51
CA THR DC 891 -9.24 -42.93 -66.71
C THR DC 891 -8.97 -41.46 -66.36
N GLY DC 892 -8.84 -40.62 -67.37
CA GLY DC 892 -8.67 -39.19 -67.15
C GLY DC 892 -7.21 -38.77 -67.06
N LYS DC 893 -6.99 -37.69 -66.31
CA LYS DC 893 -5.67 -37.09 -66.19
C LYS DC 893 -4.72 -37.97 -65.38
N LEU DC 894 -5.16 -38.45 -64.24
CA LEU DC 894 -4.31 -39.21 -63.34
C LEU DC 894 -4.45 -40.69 -63.63
N LYS DC 895 -3.36 -41.31 -64.09
CA LYS DC 895 -3.36 -42.71 -64.50
C LYS DC 895 -2.53 -43.51 -63.52
N GLY DC 896 -3.03 -44.69 -63.14
CA GLY DC 896 -2.33 -45.52 -62.17
C GLY DC 896 -2.48 -45.07 -60.74
N SER DC 897 -3.39 -44.13 -60.48
CA SER DC 897 -3.51 -43.53 -59.17
C SER DC 897 -4.34 -44.40 -58.24
N LYS DC 898 -3.98 -44.40 -56.96
CA LYS DC 898 -4.66 -45.20 -55.94
C LYS DC 898 -5.20 -44.30 -54.84
N LEU DC 899 -6.38 -44.64 -54.33
CA LEU DC 899 -7.06 -43.77 -53.37
C LEU DC 899 -7.53 -44.63 -52.20
N ILE DC 900 -7.07 -44.30 -51.00
CA ILE DC 900 -7.51 -44.96 -49.78
C ILE DC 900 -8.41 -44.01 -49.00
N GLY DC 901 -9.45 -44.57 -48.41
CA GLY DC 901 -10.40 -43.81 -47.63
C GLY DC 901 -11.17 -44.72 -46.69
N SER DC 902 -12.41 -44.38 -46.40
CA SER DC 902 -13.18 -45.14 -45.42
C SER DC 902 -14.65 -45.10 -45.82
N PHE DC 903 -15.53 -45.46 -44.89
CA PHE DC 903 -16.97 -45.40 -45.10
C PHE DC 903 -17.63 -44.78 -43.89
N ASN DC 904 -18.95 -44.63 -43.98
CA ASN DC 904 -19.76 -44.13 -42.88
C ASN DC 904 -20.90 -45.11 -42.64
N LEU DC 905 -21.42 -45.10 -41.43
CA LEU DC 905 -22.54 -45.97 -41.10
C LEU DC 905 -23.84 -45.19 -41.10
N PRO DC 906 -24.75 -45.49 -42.01
CA PRO DC 906 -26.09 -44.90 -41.95
C PRO DC 906 -26.99 -45.66 -40.98
N SER DC 907 -27.83 -44.89 -40.29
CA SER DC 907 -28.82 -45.49 -39.39
C SER DC 907 -29.96 -46.12 -40.16
N ASN DC 908 -30.26 -45.63 -41.35
CA ASN DC 908 -31.30 -46.18 -42.21
C ASN DC 908 -30.66 -46.97 -43.34
N ALA DC 909 -31.37 -48.02 -43.79
CA ALA DC 909 -30.84 -48.98 -44.73
C ALA DC 909 -31.19 -48.65 -46.19
N ASP DC 910 -31.30 -47.37 -46.54
CA ASP DC 910 -31.69 -46.98 -47.88
C ASP DC 910 -30.50 -46.77 -48.82
N LYS DC 911 -29.31 -46.46 -48.30
CA LYS DC 911 -28.13 -46.28 -49.14
C LYS DC 911 -26.88 -46.46 -48.32
N MET DC 912 -25.74 -46.46 -49.01
CA MET DC 912 -24.42 -46.61 -48.39
C MET DC 912 -23.39 -45.96 -49.28
N VAL DC 913 -22.52 -45.13 -48.68
CA VAL DC 913 -21.60 -44.29 -49.43
C VAL DC 913 -20.20 -44.41 -48.83
N ILE DC 914 -19.20 -43.99 -49.61
CA ILE DC 914 -17.80 -44.23 -49.33
C ILE DC 914 -17.08 -42.89 -49.16
N THR DC 915 -16.36 -42.74 -48.05
CA THR DC 915 -15.56 -41.55 -47.79
C THR DC 915 -14.13 -41.79 -48.28
N PHE DC 916 -13.76 -41.16 -49.39
CA PHE DC 916 -12.44 -41.34 -50.00
C PHE DC 916 -11.65 -40.05 -49.84
N ASN DC 917 -10.48 -40.14 -49.19
CA ASN DC 917 -9.79 -38.89 -48.87
C ASN DC 917 -8.33 -38.85 -49.30
N THR DC 918 -7.61 -39.97 -49.25
CA THR DC 918 -6.15 -39.93 -49.37
C THR DC 918 -5.75 -40.47 -50.74
N MET DC 919 -5.28 -39.56 -51.61
CA MET DC 919 -4.98 -39.87 -53.01
C MET DC 919 -3.46 -40.00 -53.17
N SER DC 920 -3.05 -40.92 -54.04
CA SER DC 920 -1.65 -41.09 -54.40
C SER DC 920 -1.53 -41.22 -55.92
N ILE DC 921 -0.67 -40.41 -56.51
CA ILE DC 921 -0.40 -40.39 -57.94
C ILE DC 921 0.96 -41.05 -58.17
N PRO DC 922 1.08 -42.01 -59.09
CA PRO DC 922 2.39 -42.61 -59.34
C PRO DC 922 3.29 -41.71 -60.17
N GLY DC 923 4.54 -42.10 -60.35
CA GLY DC 923 5.51 -41.27 -61.03
C GLY DC 923 6.24 -40.38 -60.05
N ALA DC 924 5.53 -39.43 -59.45
CA ALA DC 924 6.07 -38.60 -58.40
C ALA DC 924 5.53 -39.06 -57.05
N GLU DC 925 6.45 -39.27 -56.11
CA GLU DC 925 6.11 -39.84 -54.80
C GLU DC 925 5.51 -38.74 -53.92
N LYS DC 926 4.22 -38.46 -54.16
CA LYS DC 926 3.50 -37.43 -53.44
C LYS DC 926 2.22 -38.03 -52.89
N THR DC 927 1.61 -37.32 -51.93
CA THR DC 927 0.35 -37.74 -51.36
C THR DC 927 -0.47 -36.49 -51.08
N ILE DC 928 -1.38 -36.15 -52.00
CA ILE DC 928 -2.36 -35.09 -51.78
C ILE DC 928 -3.58 -35.72 -51.13
N SER DC 929 -4.44 -34.90 -50.53
CA SER DC 929 -5.58 -35.45 -49.81
C SER DC 929 -6.90 -34.83 -50.27
N ILE DC 930 -7.14 -34.83 -51.58
CA ILE DC 930 -8.43 -34.42 -52.14
C ILE DC 930 -9.48 -35.43 -51.71
N SER DC 931 -10.55 -34.94 -51.09
CA SER DC 931 -11.60 -35.80 -50.54
C SER DC 931 -12.77 -35.84 -51.51
N ALA DC 932 -13.31 -37.04 -51.71
CA ALA DC 932 -14.42 -37.21 -52.64
C ALA DC 932 -15.24 -38.42 -52.18
N TYR DC 933 -16.47 -38.52 -52.68
CA TYR DC 933 -17.40 -39.58 -52.32
C TYR DC 933 -17.72 -40.44 -53.54
N ALA DC 934 -18.66 -41.36 -53.38
CA ALA DC 934 -18.97 -42.35 -54.40
C ALA DC 934 -20.42 -42.24 -54.85
N ILE DC 935 -20.66 -42.61 -56.10
CA ILE DC 935 -22.00 -42.77 -56.65
C ILE DC 935 -22.07 -44.13 -57.33
N ASP DC 936 -23.26 -44.70 -57.40
CA ASP DC 936 -23.43 -46.02 -57.98
C ASP DC 936 -23.30 -45.97 -59.49
N PRO DC 937 -22.45 -46.81 -60.09
CA PRO DC 937 -22.27 -46.77 -61.55
C PRO DC 937 -23.50 -47.29 -62.29
N ASN DC 938 -23.75 -46.68 -63.45
CA ASN DC 938 -24.84 -46.95 -64.39
C ASN DC 938 -26.23 -46.80 -63.78
N THR DC 939 -26.36 -46.12 -62.65
CA THR DC 939 -27.65 -45.73 -62.09
C THR DC 939 -27.56 -44.26 -61.75
N ALA DC 940 -26.32 -43.79 -61.54
CA ALA DC 940 -25.98 -42.43 -61.12
C ALA DC 940 -26.74 -42.03 -59.85
N ARG DC 941 -26.73 -42.94 -58.89
CA ARG DC 941 -27.36 -42.72 -57.61
C ARG DC 941 -26.35 -42.98 -56.51
N THR DC 942 -26.78 -42.73 -55.28
CA THR DC 942 -25.90 -42.83 -54.12
C THR DC 942 -26.00 -44.17 -53.41
N ALA DC 943 -26.87 -45.06 -53.86
CA ALA DC 943 -27.12 -46.30 -53.14
C ALA DC 943 -26.04 -47.34 -53.40
N LEU DC 944 -25.97 -48.33 -52.52
CA LEU DC 944 -25.10 -49.48 -52.67
C LEU DC 944 -25.93 -50.68 -53.13
N ALA DC 945 -25.43 -51.41 -54.13
CA ALA DC 945 -26.09 -52.60 -54.62
C ALA DC 945 -25.76 -53.77 -53.68
N SER DC 946 -26.62 -53.98 -52.71
CA SER DC 946 -26.47 -55.05 -51.74
C SER DC 946 -27.84 -55.39 -51.17
N ARG DC 947 -27.84 -56.26 -50.16
CA ARG DC 947 -29.07 -56.69 -49.51
C ARG DC 947 -29.31 -55.91 -48.23
N THR DC 948 -30.57 -55.57 -47.99
CA THR DC 948 -30.97 -54.86 -46.79
C THR DC 948 -31.85 -55.70 -45.88
N ASN DC 949 -32.10 -56.96 -46.20
CA ASN DC 949 -32.91 -57.86 -45.38
C ASN DC 949 -32.04 -58.87 -44.64
N HIS DC 950 -30.89 -58.42 -44.12
CA HIS DC 950 -29.92 -59.31 -43.51
C HIS DC 950 -30.42 -59.93 -42.20
N HIS DC 951 -31.02 -59.12 -41.32
CA HIS DC 951 -31.36 -59.58 -39.99
C HIS DC 951 -32.75 -59.09 -39.58
N TYR DC 952 -33.75 -59.27 -40.44
CA TYR DC 952 -35.13 -59.03 -40.06
C TYR DC 952 -35.79 -60.28 -39.49
N LEU DC 953 -35.86 -61.33 -40.31
CA LEU DC 953 -36.70 -62.47 -40.00
C LEU DC 953 -36.11 -63.33 -38.90
N MET DC 954 -34.78 -63.27 -38.70
CA MET DC 954 -34.15 -64.04 -37.62
C MET DC 954 -34.62 -63.56 -36.25
N ARG DC 955 -34.53 -62.26 -36.00
CA ARG DC 955 -34.98 -61.72 -34.72
C ARG DC 955 -36.51 -61.71 -34.63
N TYR DC 956 -37.20 -61.52 -35.77
CA TYR DC 956 -38.66 -61.61 -35.79
C TYR DC 956 -39.15 -62.98 -35.34
N GLY DC 957 -38.61 -64.04 -35.95
CA GLY DC 957 -39.01 -65.38 -35.61
C GLY DC 957 -38.60 -65.79 -34.21
N SER DC 958 -37.42 -65.34 -33.76
CA SER DC 958 -36.98 -65.65 -32.40
C SER DC 958 -37.90 -65.03 -31.36
N LEU DC 959 -38.22 -63.74 -31.52
CA LEU DC 959 -39.10 -63.06 -30.57
C LEU DC 959 -40.51 -63.64 -30.59
N PHE DC 960 -41.04 -63.91 -31.80
CA PHE DC 960 -42.40 -64.43 -31.89
C PHE DC 960 -42.50 -65.86 -31.37
N ALA DC 961 -41.45 -66.66 -31.56
CA ALA DC 961 -41.43 -68.01 -31.01
C ALA DC 961 -41.35 -67.99 -29.49
N SER DC 962 -40.55 -67.08 -28.92
CA SER DC 962 -40.47 -66.95 -27.47
C SER DC 962 -41.81 -66.53 -26.88
N SER DC 963 -42.48 -65.57 -27.52
CA SER DC 963 -43.80 -65.15 -27.09
C SER DC 963 -44.81 -66.28 -27.14
N PHE DC 964 -44.91 -66.96 -28.30
CA PHE DC 964 -45.88 -68.04 -28.49
C PHE DC 964 -45.62 -69.20 -27.52
N LEU DC 965 -44.36 -69.43 -27.16
CA LEU DC 965 -44.03 -70.40 -26.11
C LEU DC 965 -44.62 -69.99 -24.77
N GLN DC 966 -44.39 -68.73 -24.36
CA GLN DC 966 -44.92 -68.24 -23.09
C GLN DC 966 -46.44 -68.30 -23.06
N GLY DC 967 -47.06 -67.91 -24.16
CA GLY DC 967 -48.52 -67.95 -24.25
C GLY DC 967 -49.07 -69.36 -24.19
N PHE DC 968 -48.36 -70.32 -24.79
CA PHE DC 968 -48.80 -71.71 -24.77
C PHE DC 968 -48.83 -72.25 -23.37
N GLY DC 969 -47.74 -72.01 -22.63
CA GLY DC 969 -47.69 -72.51 -21.28
C GLY DC 969 -48.72 -71.88 -20.37
N ASN DC 970 -48.87 -70.54 -20.43
CA ASN DC 970 -49.79 -69.91 -19.50
C ASN DC 970 -51.26 -70.17 -19.85
N ALA DC 971 -51.63 -70.14 -21.13
CA ALA DC 971 -53.03 -70.33 -21.45
C ALA DC 971 -53.45 -71.79 -21.34
N PHE DC 972 -52.57 -72.73 -21.69
CA PHE DC 972 -52.94 -74.11 -21.44
C PHE DC 972 -52.79 -74.49 -19.98
N GLN DC 973 -52.13 -73.66 -19.16
CA GLN DC 973 -52.28 -73.78 -17.73
C GLN DC 973 -53.65 -73.29 -17.28
N SER DC 974 -54.10 -72.17 -17.83
CA SER DC 974 -55.37 -71.57 -17.42
C SER DC 974 -56.56 -72.41 -17.87
N ALA DC 975 -56.37 -73.22 -18.92
CA ALA DC 975 -57.43 -74.07 -19.43
C ALA DC 975 -57.56 -75.39 -18.67
N ASN DC 976 -56.79 -75.57 -17.59
CA ASN DC 976 -56.83 -76.82 -16.85
C ASN DC 976 -58.13 -77.01 -16.07
N THR DC 977 -58.69 -75.91 -15.54
CA THR DC 977 -59.90 -76.04 -14.73
C THR DC 977 -61.12 -76.30 -15.60
N THR DC 978 -61.23 -75.59 -16.72
CA THR DC 978 -62.43 -75.69 -17.55
C THR DC 978 -62.12 -76.24 -18.94
N SER DC 999 -50.92 -85.90 -18.10
CA SER DC 999 -49.58 -85.59 -17.62
C SER DC 999 -48.72 -85.00 -18.72
N THR DC 1000 -48.87 -85.54 -19.94
CA THR DC 1000 -48.08 -85.09 -21.08
C THR DC 1000 -48.41 -83.65 -21.47
N LEU DC 1001 -49.69 -83.29 -21.50
CA LEU DC 1001 -50.07 -81.92 -21.79
C LEU DC 1001 -49.66 -80.99 -20.65
N GLU DC 1002 -49.64 -81.50 -19.42
CA GLU DC 1002 -49.13 -80.74 -18.29
C GLU DC 1002 -47.64 -80.45 -18.45
N ASN DC 1003 -46.88 -81.42 -18.95
CA ASN DC 1003 -45.46 -81.20 -19.20
C ASN DC 1003 -45.24 -80.24 -20.38
N ALA DC 1004 -46.16 -80.26 -21.34
CA ALA DC 1004 -46.14 -79.24 -22.39
C ALA DC 1004 -46.36 -77.85 -21.82
N VAL DC 1005 -47.33 -77.72 -20.90
CA VAL DC 1005 -47.59 -76.47 -20.17
C VAL DC 1005 -46.33 -76.03 -19.44
N ILE DC 1006 -45.65 -76.99 -18.82
CA ILE DC 1006 -44.41 -76.76 -18.07
C ILE DC 1006 -43.34 -76.15 -18.96
N GLY DC 1007 -43.06 -76.81 -20.10
CA GLY DC 1007 -41.94 -76.40 -20.92
C GLY DC 1007 -42.20 -75.09 -21.60
N LEU DC 1008 -43.41 -74.91 -22.12
CA LEU DC 1008 -43.77 -73.68 -22.80
C LEU DC 1008 -43.83 -72.50 -21.83
N ALA DC 1009 -44.43 -72.71 -20.65
CA ALA DC 1009 -44.60 -71.67 -19.65
C ALA DC 1009 -43.29 -71.18 -19.09
N THR DC 1010 -42.27 -72.03 -19.06
CA THR DC 1010 -41.05 -71.51 -18.49
C THR DC 1010 -39.97 -71.15 -19.49
N VAL DC 1011 -39.97 -71.70 -20.70
CA VAL DC 1011 -38.98 -71.25 -21.68
C VAL DC 1011 -39.48 -70.09 -22.53
N GLY DC 1012 -40.76 -69.70 -22.39
CA GLY DC 1012 -41.19 -68.49 -23.08
C GLY DC 1012 -40.56 -67.22 -22.54
N LYS DC 1013 -40.48 -67.09 -21.21
CA LYS DC 1013 -40.23 -65.79 -20.58
C LYS DC 1013 -38.78 -65.33 -20.75
N ALA DC 1014 -37.83 -66.22 -20.47
CA ALA DC 1014 -36.42 -65.86 -20.56
C ALA DC 1014 -36.01 -65.57 -21.99
N TRP DC 1015 -36.49 -66.38 -22.93
CA TRP DC 1015 -36.23 -66.12 -24.34
C TRP DC 1015 -36.94 -64.85 -24.81
N SER DC 1016 -38.09 -64.51 -24.20
CA SER DC 1016 -38.78 -63.26 -24.54
C SER DC 1016 -37.97 -62.05 -24.13
N GLN DC 1017 -37.47 -62.03 -22.89
CA GLN DC 1017 -36.67 -60.88 -22.47
C GLN DC 1017 -35.32 -60.83 -23.16
N GLN DC 1018 -34.72 -61.98 -23.47
CA GLN DC 1018 -33.46 -61.95 -24.21
C GLN DC 1018 -33.66 -61.55 -25.67
N ALA DC 1019 -34.80 -61.89 -26.26
CA ALA DC 1019 -35.08 -61.45 -27.62
C ALA DC 1019 -35.36 -59.96 -27.67
N GLN DC 1020 -36.02 -59.43 -26.64
CA GLN DC 1020 -36.19 -57.97 -26.55
C GLN DC 1020 -34.84 -57.29 -26.30
N GLN DC 1021 -33.93 -57.99 -25.64
CA GLN DC 1021 -32.57 -57.48 -25.51
C GLN DC 1021 -31.84 -57.41 -26.85
N LEU DC 1022 -31.87 -58.50 -27.62
CA LEU DC 1022 -31.08 -58.57 -28.84
C LEU DC 1022 -31.84 -58.07 -30.07
N PHE DC 1023 -33.03 -57.50 -29.87
CA PHE DC 1023 -33.86 -57.13 -31.01
C PHE DC 1023 -33.37 -55.87 -31.72
N ASN DC 1024 -32.41 -55.17 -31.13
CA ASN DC 1024 -32.01 -53.83 -31.57
C ASN DC 1024 -30.96 -53.81 -32.67
N THR DC 1025 -30.37 -54.94 -33.04
CA THR DC 1025 -29.27 -54.90 -34.01
C THR DC 1025 -29.83 -54.85 -35.42
N PRO DC 1026 -29.48 -53.84 -36.22
CA PRO DC 1026 -30.12 -53.65 -37.53
C PRO DC 1026 -29.48 -54.54 -38.59
N THR DC 1027 -29.99 -54.42 -39.82
CA THR DC 1027 -29.49 -55.17 -40.96
C THR DC 1027 -28.28 -54.43 -41.52
N THR DC 1028 -27.20 -55.18 -41.77
CA THR DC 1028 -25.98 -54.58 -42.28
C THR DC 1028 -26.00 -54.55 -43.81
N VAL DC 1029 -25.12 -53.70 -44.37
CA VAL DC 1029 -24.90 -53.64 -45.82
C VAL DC 1029 -23.43 -53.96 -46.06
N GLU DC 1030 -23.12 -54.37 -47.28
CA GLU DC 1030 -21.79 -54.86 -47.61
C GLU DC 1030 -21.47 -54.62 -49.07
N VAL DC 1031 -20.31 -54.01 -49.33
CA VAL DC 1031 -19.92 -53.77 -50.72
C VAL DC 1031 -19.37 -55.05 -51.34
N TYR DC 1032 -19.23 -55.02 -52.66
CA TYR DC 1032 -18.74 -56.17 -53.40
C TYR DC 1032 -17.27 -56.00 -53.76
N SER DC 1033 -16.65 -57.09 -54.19
CA SER DC 1033 -15.26 -57.08 -54.61
C SER DC 1033 -15.08 -56.99 -56.11
N GLY DC 1034 -16.14 -56.65 -56.86
CA GLY DC 1034 -16.04 -56.58 -58.29
C GLY DC 1034 -16.85 -55.50 -58.98
N THR DC 1035 -17.06 -54.36 -58.33
CA THR DC 1035 -17.91 -53.30 -58.85
C THR DC 1035 -17.10 -52.01 -58.95
N GLY DC 1036 -17.24 -51.31 -60.07
CA GLY DC 1036 -16.66 -49.99 -60.22
C GLY DC 1036 -17.45 -48.95 -59.46
N LEU DC 1037 -16.94 -47.72 -59.51
CA LEU DC 1037 -17.60 -46.61 -58.83
C LEU DC 1037 -17.22 -45.30 -59.51
N GLY DC 1038 -18.05 -44.27 -59.27
CA GLY DC 1038 -17.80 -42.95 -59.78
C GLY DC 1038 -17.42 -42.00 -58.65
N ILE DC 1039 -16.51 -41.09 -58.96
CA ILE DC 1039 -15.91 -40.21 -57.97
C ILE DC 1039 -16.08 -38.77 -58.45
N LEU DC 1040 -16.83 -37.98 -57.68
CA LEU DC 1040 -17.03 -36.57 -58.00
C LEU DC 1040 -16.22 -35.71 -57.05
N PHE DC 1041 -15.49 -34.77 -57.61
CA PHE DC 1041 -14.55 -33.96 -56.86
C PHE DC 1041 -15.26 -32.92 -56.01
N THR DC 1042 -14.55 -32.42 -55.01
CA THR DC 1042 -15.06 -31.38 -54.11
C THR DC 1042 -14.18 -30.14 -54.09
N GLN DC 1043 -12.86 -30.30 -54.12
CA GLN DC 1043 -11.94 -29.18 -54.15
C GLN DC 1043 -10.95 -29.34 -55.30
N ASP DC 1044 -10.18 -28.29 -55.53
CA ASP DC 1044 -9.18 -28.27 -56.58
C ASP DC 1044 -7.82 -28.67 -56.03
N VAL DC 1045 -6.98 -29.28 -56.89
CA VAL DC 1045 -5.65 -29.74 -56.52
C VAL DC 1045 -4.69 -29.40 -57.64
N THR DC 1046 -3.42 -29.74 -57.44
CA THR DC 1046 -2.37 -29.50 -58.41
C THR DC 1046 -1.32 -30.60 -58.38
N ALA EC 104 116.56 20.92 29.89
CA ALA EC 104 116.04 20.87 28.53
C ALA EC 104 114.92 19.85 28.43
N GLU EC 105 114.68 19.10 29.51
CA GLU EC 105 113.66 18.07 29.52
C GLU EC 105 112.67 18.28 30.65
N VAL EC 106 113.16 18.71 31.82
CA VAL EC 106 112.29 18.99 32.95
C VAL EC 106 111.61 20.34 32.86
N ILE EC 107 111.91 21.12 31.82
CA ILE EC 107 111.11 22.30 31.50
C ILE EC 107 109.68 21.89 31.18
N ASP EC 108 109.51 20.74 30.52
CA ASP EC 108 108.19 20.15 30.33
C ASP EC 108 107.54 19.80 31.67
N LYS EC 109 108.34 19.31 32.62
CA LYS EC 109 107.79 18.95 33.93
C LYS EC 109 107.34 20.16 34.72
N LYS EC 110 108.12 21.25 34.69
CA LYS EC 110 107.71 22.45 35.40
C LYS EC 110 106.56 23.16 34.69
N ALA EC 111 106.48 23.03 33.36
CA ALA EC 111 105.32 23.48 32.62
C ALA EC 111 104.08 22.69 33.01
N PHE EC 112 104.25 21.39 33.23
CA PHE EC 112 103.17 20.54 33.72
C PHE EC 112 102.74 20.97 35.12
N LYS EC 113 103.71 21.37 35.95
CA LYS EC 113 103.39 21.82 37.30
C LYS EC 113 102.59 23.12 37.29
N ASP EC 114 103.02 24.11 36.50
CA ASP EC 114 102.26 25.35 36.46
C ASP EC 114 100.94 25.20 35.70
N MET EC 115 100.87 24.23 34.78
CA MET EC 115 99.61 23.88 34.15
C MET EC 115 98.63 23.31 35.16
N THR EC 116 99.12 22.45 36.05
CA THR EC 116 98.30 21.92 37.13
C THR EC 116 97.86 23.03 38.07
N ARG EC 117 98.76 23.99 38.32
CA ARG EC 117 98.42 25.16 39.14
C ARG EC 117 97.31 25.99 38.51
N ASN EC 118 97.39 26.23 37.21
CA ASN EC 118 96.38 27.02 36.53
C ASN EC 118 95.07 26.27 36.40
N LEU EC 119 95.14 24.94 36.30
CA LEU EC 119 93.93 24.13 36.28
C LEU EC 119 93.21 24.20 37.63
N TYR EC 120 93.95 23.98 38.70
CA TYR EC 120 93.38 23.96 40.04
C TYR EC 120 94.07 25.03 40.88
N PRO EC 121 93.54 26.25 40.91
CA PRO EC 121 94.14 27.31 41.72
C PRO EC 121 93.85 27.20 43.20
N LEU EC 122 93.03 26.23 43.61
CA LEU EC 122 92.46 26.18 44.95
C LEU EC 122 93.01 24.96 45.70
N ASN EC 123 93.50 25.20 46.91
CA ASN EC 123 93.90 24.10 47.77
C ASN EC 123 92.66 23.36 48.27
N PRO EC 124 92.77 22.04 48.45
CA PRO EC 124 91.63 21.28 48.99
C PRO EC 124 91.23 21.70 50.40
N GLU EC 125 92.21 22.06 51.23
CA GLU EC 125 91.89 22.57 52.56
C GLU EC 125 91.28 23.96 52.47
N GLN EC 126 91.66 24.74 51.46
CA GLN EC 126 91.00 26.01 51.22
C GLN EC 126 89.56 25.81 50.78
N VAL EC 127 89.30 24.76 50.02
CA VAL EC 127 87.92 24.39 49.66
C VAL EC 127 87.13 24.01 50.91
N VAL EC 128 87.78 23.28 51.81
CA VAL EC 128 87.16 22.89 53.08
C VAL EC 128 86.82 24.13 53.92
N LYS EC 129 87.75 25.08 53.99
CA LYS EC 129 87.52 26.30 54.74
C LYS EC 129 86.46 27.19 54.08
N LEU EC 130 86.39 27.17 52.75
CA LEU EC 130 85.34 27.90 52.05
C LEU EC 130 83.97 27.28 52.31
N LYS EC 131 83.90 25.95 52.39
CA LYS EC 131 82.65 25.29 52.74
C LYS EC 131 82.25 25.62 54.18
N GLN EC 132 83.24 25.68 55.08
CA GLN EC 132 82.96 26.03 56.46
C GLN EC 132 82.46 27.47 56.59
N ILE EC 133 83.08 28.42 55.87
CA ILE EC 133 82.63 29.79 55.95
C ILE EC 133 81.30 29.99 55.21
N TYR EC 134 81.02 29.14 54.21
CA TYR EC 134 79.70 29.15 53.59
C TYR EC 134 78.63 28.70 54.56
N GLU EC 135 78.90 27.63 55.32
CA GLU EC 135 77.98 27.18 56.35
C GLU EC 135 77.80 28.22 57.44
N THR EC 136 78.88 28.93 57.78
CA THR EC 136 78.81 30.01 58.75
C THR EC 136 77.92 31.14 58.26
N SER EC 137 78.06 31.53 56.99
CA SER EC 137 77.23 32.58 56.41
C SER EC 137 75.77 32.14 56.34
N GLU EC 138 75.53 30.87 55.97
CA GLU EC 138 74.18 30.34 55.90
C GLU EC 138 73.51 30.34 57.27
N TYR EC 139 74.24 29.92 58.31
CA TYR EC 139 73.69 29.94 59.66
C TYR EC 139 73.54 31.37 60.17
N ALA EC 140 74.40 32.28 59.71
CA ALA EC 140 74.33 33.68 60.11
C ALA EC 140 73.06 34.33 59.60
N LYS EC 141 72.73 34.10 58.33
CA LYS EC 141 71.46 34.62 57.84
C LYS EC 141 70.28 33.77 58.28
N ALA EC 142 70.54 32.55 58.76
CA ALA EC 142 69.47 31.73 59.33
C ALA EC 142 69.05 32.23 60.71
N ALA EC 143 69.98 32.81 61.45
CA ALA EC 143 69.69 33.25 62.81
C ALA EC 143 68.73 34.43 62.82
N THR EC 144 67.79 34.39 63.76
CA THR EC 144 66.81 35.45 63.95
C THR EC 144 67.06 36.17 65.28
N PRO EC 145 66.97 37.50 65.30
CA PRO EC 145 67.30 38.24 66.52
C PRO EC 145 66.23 38.09 67.59
N GLY EC 146 66.63 38.43 68.82
CA GLY EC 146 65.72 38.37 69.94
C GLY EC 146 65.44 36.94 70.37
N THR EC 147 64.34 36.79 71.10
CA THR EC 147 63.92 35.49 71.58
C THR EC 147 62.79 34.94 70.73
N PRO EC 148 62.86 33.69 70.30
CA PRO EC 148 61.72 33.07 69.64
C PRO EC 148 60.60 32.84 70.64
N PRO EC 149 59.35 32.83 70.20
CA PRO EC 149 58.25 32.67 71.14
C PRO EC 149 58.15 31.25 71.67
N LYS EC 150 57.41 31.11 72.76
CA LYS EC 150 57.25 29.83 73.42
C LYS EC 150 56.04 29.10 72.85
N PRO EC 151 56.20 27.92 72.26
CA PRO EC 151 55.05 27.21 71.68
C PRO EC 151 54.12 26.62 72.75
N THR EC 152 52.95 27.24 72.91
CA THR EC 152 51.98 26.80 73.90
C THR EC 152 50.58 26.83 73.31
N ALA EC 153 49.77 25.85 73.70
CA ALA EC 153 48.37 25.78 73.32
C ALA EC 153 47.51 26.12 74.53
N THR EC 154 46.48 26.93 74.31
CA THR EC 154 45.62 27.44 75.37
C THR EC 154 44.17 27.07 75.09
N SER EC 155 43.37 27.06 76.16
CA SER EC 155 41.94 26.83 76.07
C SER EC 155 41.24 27.89 76.91
N GLN EC 156 40.36 28.67 76.28
CA GLN EC 156 39.67 29.75 76.95
C GLN EC 156 38.17 29.63 76.75
N PHE EC 157 37.44 30.40 77.54
CA PHE EC 157 35.99 30.48 77.46
C PHE EC 157 35.60 31.87 76.97
N VAL EC 158 34.86 31.92 75.86
CA VAL EC 158 34.44 33.18 75.28
C VAL EC 158 33.27 33.73 76.08
N ASN EC 159 33.39 34.97 76.52
CA ASN EC 159 32.31 35.67 77.20
C ASN EC 159 31.82 36.81 76.32
N LEU EC 160 30.52 36.81 76.01
CA LEU EC 160 29.91 37.83 75.18
C LEU EC 160 29.24 38.92 76.00
N SER EC 161 29.66 39.11 77.25
CA SER EC 161 29.05 40.11 78.10
C SER EC 161 29.42 41.52 77.63
N PRO EC 162 28.51 42.48 77.76
CA PRO EC 162 28.85 43.87 77.42
C PRO EC 162 29.94 44.46 78.28
N GLY EC 163 30.03 44.06 79.55
CA GLY EC 163 31.12 44.52 80.39
C GLY EC 163 32.41 43.75 80.20
N SER EC 164 32.40 42.69 79.41
CA SER EC 164 33.57 41.87 79.20
C SER EC 164 34.44 42.42 78.08
N THR EC 165 35.62 41.84 77.92
CA THR EC 165 36.57 42.16 76.86
C THR EC 165 36.61 41.05 75.83
N PRO EC 166 36.75 41.39 74.56
CA PRO EC 166 36.80 40.36 73.50
C PRO EC 166 38.08 39.55 73.57
N PRO EC 167 38.07 38.33 73.05
CA PRO EC 167 39.27 37.47 73.13
C PRO EC 167 40.41 37.99 72.24
N VAL EC 168 41.62 37.76 72.73
CA VAL EC 168 42.86 38.20 72.10
C VAL EC 168 43.68 36.97 71.73
N ILE EC 169 44.16 36.92 70.49
CA ILE EC 169 44.94 35.79 69.99
C ILE EC 169 46.27 36.33 69.47
N ARG EC 170 47.37 35.80 70.00
CA ARG EC 170 48.72 36.25 69.66
C ARG EC 170 49.38 35.22 68.75
N LEU EC 171 49.93 35.68 67.64
CA LEU EC 171 50.40 34.81 66.57
C LEU EC 171 51.82 35.20 66.15
N SER EC 172 52.38 34.41 65.25
CA SER EC 172 53.73 34.62 64.72
C SER EC 172 53.73 34.52 63.19
N GLN EC 173 54.92 34.43 62.60
CA GLN EC 173 55.06 34.58 61.15
C GLN EC 173 54.82 33.25 60.45
N GLY EC 174 53.71 33.16 59.73
CA GLY EC 174 53.45 32.00 58.90
C GLY EC 174 53.09 30.74 59.65
N PHE EC 175 52.87 30.83 60.96
CA PHE EC 175 52.59 29.64 61.76
C PHE EC 175 51.11 29.34 61.77
N VAL EC 176 50.79 28.05 61.87
CA VAL EC 176 49.41 27.58 61.82
C VAL EC 176 48.68 28.01 63.07
N SER EC 177 47.49 28.59 62.88
CA SER EC 177 46.62 28.97 63.98
C SER EC 177 45.35 28.15 63.81
N SER EC 178 45.17 27.14 64.68
CA SER EC 178 44.02 26.26 64.63
C SER EC 178 43.04 26.67 65.72
N LEU EC 179 41.81 26.94 65.33
CA LEU EC 179 40.76 27.40 66.24
C LEU EC 179 39.62 26.41 66.21
N VAL EC 180 39.26 25.87 67.38
CA VAL EC 180 38.21 24.88 67.51
C VAL EC 180 37.19 25.39 68.53
N PHE EC 181 35.93 25.44 68.12
CA PHE EC 181 34.85 25.97 68.94
C PHE EC 181 34.02 24.82 69.48
N LEU EC 182 33.98 24.69 70.80
CA LEU EC 182 33.09 23.76 71.48
C LEU EC 182 32.21 24.57 72.42
N ASP EC 183 30.96 24.16 72.57
CA ASP EC 183 30.01 24.93 73.37
C ASP EC 183 30.27 24.70 74.86
N SER EC 184 29.35 25.20 75.70
CA SER EC 184 29.47 24.99 77.14
C SER EC 184 29.34 23.52 77.51
N THR EC 185 28.62 22.75 76.70
CA THR EC 185 28.61 21.30 76.82
C THR EC 185 29.79 20.64 76.12
N GLY EC 186 30.54 21.39 75.32
CA GLY EC 186 31.70 20.83 74.63
C GLY EC 186 31.44 20.24 73.27
N ALA EC 187 30.19 20.25 72.80
CA ALA EC 187 29.91 19.75 71.46
C ALA EC 187 30.47 20.72 70.42
N PRO EC 188 30.98 20.21 69.30
CA PRO EC 188 31.54 21.09 68.26
C PRO EC 188 30.45 21.90 67.58
N TRP EC 189 30.57 23.22 67.67
CA TRP EC 189 29.60 24.12 67.09
C TRP EC 189 30.03 24.46 65.68
N PRO EC 190 29.27 24.10 64.65
CA PRO EC 190 29.64 24.44 63.28
C PRO EC 190 29.56 25.93 63.02
N ILE EC 191 30.41 26.39 62.11
CA ILE EC 191 30.57 27.80 61.81
C ILE EC 191 29.80 28.14 60.55
N ALA EC 192 29.03 29.23 60.61
CA ALA EC 192 28.30 29.66 59.42
C ALA EC 192 29.19 30.48 58.49
N ALA EC 193 29.74 31.58 59.00
CA ALA EC 193 30.45 32.52 58.14
C ALA EC 193 31.45 33.31 58.97
N TYR EC 194 32.30 34.07 58.28
CA TYR EC 194 33.24 34.95 58.95
C TYR EC 194 33.53 36.16 58.08
N ASP EC 195 34.03 37.20 58.74
CA ASP EC 195 34.52 38.39 58.08
C ASP EC 195 35.90 38.71 58.65
N LEU EC 196 36.86 38.91 57.76
CA LEU EC 196 38.24 39.18 58.13
C LEU EC 196 38.66 40.53 57.58
N GLY EC 197 39.18 41.39 58.46
CA GLY EC 197 39.87 42.58 58.03
C GLY EC 197 41.35 42.33 57.90
N ASP EC 198 41.98 43.07 56.98
CA ASP EC 198 43.39 42.98 56.60
C ASP EC 198 43.81 41.56 56.23
N PRO EC 199 43.46 41.06 55.04
CA PRO EC 199 43.99 39.76 54.61
C PRO EC 199 45.50 39.75 54.40
N SER EC 200 46.13 40.91 54.23
CA SER EC 200 47.58 40.96 54.07
C SER EC 200 48.30 40.58 55.36
N SER EC 201 47.73 40.92 56.51
CA SER EC 201 48.34 40.52 57.77
C SER EC 201 48.21 39.02 57.99
N PHE EC 202 47.02 38.48 57.79
CA PHE EC 202 46.78 37.07 58.04
C PHE EC 202 45.90 36.50 56.95
N ASN EC 203 46.22 35.30 56.51
CA ASN EC 203 45.37 34.55 55.60
C ASN EC 203 44.69 33.42 56.36
N ILE EC 204 43.39 33.25 56.14
CA ILE EC 204 42.62 32.19 56.77
C ILE EC 204 42.13 31.25 55.68
N GLN EC 205 42.44 29.97 55.84
CA GLN EC 205 41.96 28.92 54.95
C GLN EC 205 41.01 28.02 55.71
N TRP EC 206 39.81 27.82 55.18
CA TRP EC 206 38.77 27.10 55.90
C TRP EC 206 37.87 26.37 54.92
N ASP EC 207 37.87 25.05 55.01
CA ASP EC 207 36.88 24.27 54.29
C ASP EC 207 35.50 24.54 54.88
N LYS EC 208 34.52 24.77 54.01
CA LYS EC 208 33.27 25.41 54.40
C LYS EC 208 32.36 24.52 55.23
N THR EC 209 32.68 23.23 55.37
CA THR EC 209 31.89 22.35 56.22
C THR EC 209 32.42 22.26 57.65
N SER EC 210 33.72 22.50 57.85
CA SER EC 210 34.33 22.25 59.14
C SER EC 210 34.01 23.37 60.11
N ASN EC 211 34.28 23.10 61.39
CA ASN EC 211 34.17 24.09 62.45
C ASN EC 211 35.52 24.49 63.01
N THR EC 212 36.61 24.16 62.30
CA THR EC 212 37.95 24.48 62.71
C THR EC 212 38.54 25.48 61.73
N LEU EC 213 39.12 26.55 62.27
CA LEU EC 213 39.73 27.59 61.46
C LEU EC 213 41.24 27.43 61.43
N MET EC 214 41.81 27.53 60.23
CA MET EC 214 43.24 27.41 60.01
C MET EC 214 43.74 28.73 59.45
N ILE EC 215 44.53 29.46 60.22
CA ILE EC 215 44.97 30.80 59.88
C ILE EC 215 46.48 30.78 59.69
N GLN EC 216 46.95 31.55 58.72
CA GLN EC 216 48.39 31.81 58.56
C GLN EC 216 48.59 33.32 58.55
N ALA EC 217 49.43 33.80 59.45
CA ALA EC 217 49.70 35.22 59.60
C ALA EC 217 50.96 35.59 58.83
N THR EC 218 50.85 36.62 57.99
CA THR EC 218 51.93 36.98 57.08
C THR EC 218 52.71 38.21 57.53
N LYS EC 219 52.02 39.31 57.84
CA LYS EC 219 52.72 40.52 58.26
C LYS EC 219 53.28 40.37 59.66
N LEU EC 220 54.31 41.16 59.94
CA LEU EC 220 55.12 40.94 61.15
C LEU EC 220 54.42 41.47 62.40
N TYR EC 221 54.14 42.77 62.46
CA TYR EC 221 53.72 43.42 63.69
C TYR EC 221 52.53 44.35 63.45
N ASN EC 222 51.50 43.85 62.77
CA ASN EC 222 50.30 44.62 62.52
C ASN EC 222 49.08 43.80 62.94
N TYR EC 223 48.25 44.39 63.80
CA TYR EC 223 47.11 43.69 64.38
C TYR EC 223 45.89 43.74 63.45
N GLY EC 224 44.93 42.86 63.70
CA GLY EC 224 43.71 42.84 62.94
C GLY EC 224 42.51 42.39 63.77
N ASN EC 225 41.34 42.43 63.13
CA ASN EC 225 40.07 42.06 63.73
C ASN EC 225 39.53 40.79 63.08
N LEU EC 226 38.50 40.20 63.71
CA LEU EC 226 37.82 39.06 63.10
C LEU EC 226 36.42 38.97 63.66
N ALA EC 227 35.45 38.64 62.79
CA ALA EC 227 34.07 38.42 63.20
C ALA EC 227 33.63 37.04 62.72
N VAL EC 228 33.01 36.27 63.62
CA VAL EC 228 32.64 34.88 63.36
C VAL EC 228 31.17 34.68 63.69
N ARG EC 229 30.42 34.09 62.76
CA ARG EC 229 29.04 33.69 62.99
C ARG EC 229 28.94 32.18 62.86
N LEU EC 230 28.29 31.54 63.83
CA LEU EC 230 28.10 30.10 63.84
C LEU EC 230 26.71 29.74 63.30
N ARG EC 231 26.53 28.46 63.00
CA ARG EC 231 25.31 28.02 62.34
C ARG EC 231 24.12 28.02 63.29
N GLY EC 232 24.30 27.50 64.50
CA GLY EC 232 23.24 27.57 65.48
C GLY EC 232 23.15 28.89 66.22
N LEU EC 233 24.11 29.78 66.01
CA LEU EC 233 24.16 31.04 66.72
C LEU EC 233 23.25 32.08 66.05
N ASN EC 234 23.01 33.16 66.78
CA ASN EC 234 22.36 34.34 66.24
C ASN EC 234 23.26 35.57 66.34
N THR EC 235 23.88 35.81 67.49
CA THR EC 235 24.77 36.94 67.66
C THR EC 235 26.20 36.51 67.34
N PRO EC 236 26.87 37.17 66.40
CA PRO EC 236 28.26 36.80 66.09
C PRO EC 236 29.21 37.25 67.19
N VAL EC 237 30.41 36.69 67.14
CA VAL EC 237 31.45 36.98 68.11
C VAL EC 237 32.61 37.67 67.41
N MET EC 238 33.41 38.38 68.19
CA MET EC 238 34.49 39.21 67.67
C MET EC 238 35.78 38.93 68.43
N LEU EC 239 36.87 38.87 67.68
CA LEU EC 239 38.18 38.55 68.23
C LEU EC 239 39.21 39.52 67.68
N THR EC 240 40.28 39.75 68.44
CA THR EC 240 41.39 40.55 67.96
C THR EC 240 42.64 39.69 67.84
N LEU EC 241 43.44 39.98 66.81
CA LEU EC 241 44.62 39.20 66.46
C LEU EC 241 45.83 40.09 66.53
N ILE EC 242 46.77 39.75 67.42
CA ILE EC 242 48.00 40.50 67.61
C ILE EC 242 49.16 39.59 67.20
N PRO EC 243 50.00 39.98 66.26
CA PRO EC 243 51.17 39.17 65.93
C PRO EC 243 52.41 39.59 66.70
N GLY EC 244 53.38 38.68 66.76
CA GLY EC 244 54.69 38.99 67.27
C GLY EC 244 54.81 39.26 68.76
N GLN EC 245 54.67 38.23 69.58
CA GLN EC 245 54.84 38.38 71.03
C GLN EC 245 55.83 37.32 71.53
N LYS EC 246 56.13 37.39 72.82
CA LYS EC 246 57.14 36.54 73.43
C LYS EC 246 56.70 35.09 73.59
N ALA EC 247 55.42 34.79 73.39
CA ALA EC 247 54.94 33.41 73.31
C ALA EC 247 53.95 33.34 72.16
N VAL EC 248 53.77 32.14 71.61
CA VAL EC 248 52.84 31.92 70.51
C VAL EC 248 51.68 31.07 71.01
N ASP EC 249 50.47 31.56 70.82
CA ASP EC 249 49.29 30.75 71.01
C ASP EC 249 49.22 29.75 69.86
N TYR EC 250 49.77 28.55 70.10
CA TYR EC 250 49.89 27.56 69.03
C TYR EC 250 48.52 27.02 68.62
N ARG EC 251 47.63 26.82 69.59
CA ARG EC 251 46.25 26.44 69.31
C ARG EC 251 45.37 26.87 70.46
N VAL EC 252 44.31 27.62 70.15
CA VAL EC 252 43.38 28.10 71.17
C VAL EC 252 42.05 27.37 70.97
N ASP EC 253 41.61 26.67 72.01
CA ASP EC 253 40.32 25.98 72.01
C ASP EC 253 39.33 26.82 72.79
N LEU EC 254 38.20 27.15 72.15
CA LEU EC 254 37.26 28.11 72.73
C LEU EC 254 35.98 27.43 73.18
N ARG EC 255 35.44 27.91 74.29
CA ARG EC 255 34.18 27.43 74.85
C ARG EC 255 33.10 28.49 74.68
N VAL EC 256 31.99 28.09 74.13
CA VAL EC 256 30.88 29.01 73.85
C VAL EC 256 29.93 29.01 75.03
N GLN EC 257 29.31 30.17 75.27
CA GLN EC 257 28.28 30.27 76.32
C GLN EC 257 27.07 29.42 75.99
N GLY EC 258 26.63 29.44 74.73
CA GLY EC 258 25.43 28.74 74.33
C GLY EC 258 25.65 27.26 74.12
N TYR EC 259 24.68 26.64 73.46
CA TYR EC 259 24.70 25.23 73.16
C TYR EC 259 24.59 25.03 71.66
N GLY EC 260 25.47 24.20 71.10
CA GLY EC 260 25.53 24.00 69.68
C GLY EC 260 24.50 23.01 69.18
N PRO EC 261 24.92 22.12 68.27
CA PRO EC 261 23.98 21.12 67.74
C PRO EC 261 23.60 20.04 68.75
N ASN EC 262 24.41 19.81 69.78
CA ASN EC 262 24.14 18.79 70.77
C ASN EC 262 24.59 19.28 72.15
N ALA EC 263 24.14 18.56 73.17
CA ALA EC 263 24.51 18.82 74.55
C ALA EC 263 25.12 17.56 75.16
N LYS EC 264 25.81 17.74 76.28
CA LYS EC 264 26.56 16.66 76.92
C LYS EC 264 26.33 16.72 78.44
N SER EC 265 26.59 15.59 79.08
CA SER EC 265 26.52 15.47 80.53
C SER EC 265 27.47 14.37 80.97
N MET EC 266 27.35 13.93 82.23
CA MET EC 266 28.17 12.84 82.76
C MET EC 266 27.24 11.75 83.27
N PRO EC 267 26.83 10.83 82.40
CA PRO EC 267 25.88 9.79 82.81
C PRO EC 267 26.51 8.53 83.37
N THR EC 268 27.79 8.57 83.76
CA THR EC 268 28.52 7.34 84.09
C THR EC 268 28.02 6.67 85.37
N GLU EC 269 28.30 7.31 86.52
CA GLU EC 269 27.76 6.95 87.84
C GLU EC 269 27.97 5.48 88.19
N GLU EC 270 29.15 4.96 87.87
CA GLU EC 270 29.38 3.51 87.91
C GLU EC 270 29.52 2.98 89.33
N GLY EC 271 30.11 3.75 90.24
CA GLY EC 271 30.45 3.23 91.54
C GLY EC 271 29.30 3.11 92.52
N ILE EC 272 28.11 3.54 92.15
CA ILE EC 272 26.98 3.58 93.07
C ILE EC 272 25.94 2.56 92.59
N PRO EC 273 25.62 1.55 93.38
CA PRO EC 273 24.48 0.68 93.07
C PRO EC 273 23.17 1.41 93.30
N PRO EC 274 22.09 0.99 92.65
CA PRO EC 274 20.78 1.61 92.91
C PRO EC 274 20.29 1.29 94.31
N SER EC 275 19.44 2.17 94.83
CA SER EC 275 19.03 2.06 96.23
C SER EC 275 17.99 0.96 96.43
N ALA EC 276 16.79 1.16 95.89
CA ALA EC 276 15.64 0.27 96.09
C ALA EC 276 14.52 0.72 95.18
N ASN EC 277 13.43 -0.04 95.18
CA ASN EC 277 12.18 0.39 94.59
C ASN EC 277 11.50 1.38 95.53
N ASP EC 278 10.54 2.13 94.99
CA ASP EC 278 9.66 2.94 95.81
C ASP EC 278 8.34 2.25 96.11
N LEU EC 279 7.96 1.26 95.30
CA LEU EC 279 6.64 0.64 95.44
C LEU EC 279 6.55 -0.27 96.67
N LEU EC 280 7.68 -0.65 97.24
CA LEU EC 280 7.69 -1.54 98.39
C LEU EC 280 7.08 -0.89 99.63
N LEU EC 281 7.09 0.43 99.73
CA LEU EC 281 6.42 1.10 100.84
C LEU EC 281 4.92 0.96 100.73
N HIS EC 282 4.36 1.15 99.52
CA HIS EC 282 2.95 0.90 99.29
C HIS EC 282 2.62 -0.57 99.48
N VAL EC 283 3.56 -1.45 99.13
CA VAL EC 283 3.40 -2.88 99.35
C VAL EC 283 3.29 -3.17 100.85
N LEU EC 284 4.16 -2.56 101.65
CA LEU EC 284 4.14 -2.76 103.09
C LEU EC 284 2.87 -2.21 103.72
N GLU EC 285 2.38 -1.08 103.20
CA GLU EC 285 1.12 -0.56 103.72
C GLU EC 285 -0.09 -1.27 103.14
N GLY EC 286 0.09 -2.10 102.12
CA GLY EC 286 -1.01 -2.84 101.54
C GLY EC 286 -1.57 -2.26 100.26
N VAL EC 287 -0.98 -1.18 99.75
CA VAL EC 287 -1.43 -0.60 98.49
C VAL EC 287 -0.76 -1.38 97.36
N PRO EC 288 -1.52 -2.06 96.50
CA PRO EC 288 -0.92 -2.73 95.36
C PRO EC 288 -0.46 -1.72 94.33
N PRO EC 289 0.57 -2.04 93.54
CA PRO EC 289 0.98 -1.12 92.49
C PRO EC 289 -0.04 -1.13 91.36
N PRO EC 290 -0.18 -0.02 90.64
CA PRO EC 290 -1.04 -0.02 89.47
C PRO EC 290 -0.49 -0.91 88.37
N GLY EC 291 -1.40 -1.48 87.59
CA GLY EC 291 -1.01 -2.39 86.53
C GLY EC 291 -0.70 -3.80 86.98
N SER EC 292 -0.80 -4.08 88.27
CA SER EC 292 -0.55 -5.41 88.78
C SER EC 292 -1.83 -6.23 88.72
N ARG EC 293 -1.80 -7.43 89.28
CA ARG EC 293 -3.01 -8.22 89.46
C ARG EC 293 -2.83 -9.10 90.69
N ARG EC 294 -3.95 -9.53 91.24
CA ARG EC 294 -3.91 -10.29 92.48
C ARG EC 294 -3.62 -11.75 92.22
N LEU EC 295 -2.92 -12.36 93.17
CA LEU EC 295 -2.54 -13.77 93.09
C LEU EC 295 -3.17 -14.50 94.27
N VAL EC 296 -3.85 -15.60 93.98
CA VAL EC 296 -4.53 -16.36 95.01
C VAL EC 296 -3.49 -17.20 95.75
N VAL EC 297 -3.46 -17.05 97.07
CA VAL EC 297 -2.49 -17.73 97.94
C VAL EC 297 -3.26 -18.43 99.04
N SER EC 298 -2.98 -19.72 99.25
CA SER EC 298 -3.60 -20.47 100.32
C SER EC 298 -2.52 -21.08 101.21
N GLY EC 299 -2.91 -21.39 102.44
CA GLY EC 299 -2.04 -22.02 103.41
C GLY EC 299 -1.68 -21.17 104.61
N GLY EC 300 -1.78 -19.85 104.49
CA GLY EC 300 -1.38 -18.99 105.58
C GLY EC 300 -1.82 -17.56 105.36
N ASP EC 301 -1.18 -16.66 106.10
CA ASP EC 301 -1.51 -15.24 106.06
C ASP EC 301 -0.42 -14.51 105.28
N ALA EC 302 -0.73 -14.18 104.03
CA ALA EC 302 0.12 -13.34 103.19
C ALA EC 302 -0.73 -12.77 102.07
N ARG EC 303 -0.27 -11.68 101.48
CA ARG EC 303 -0.92 -11.09 100.32
C ARG EC 303 0.12 -10.92 99.21
N ALA EC 304 -0.31 -11.15 97.98
CA ALA EC 304 0.62 -11.24 96.86
C ALA EC 304 0.10 -10.46 95.67
N TRP EC 305 1.04 -9.96 94.86
CA TRP EC 305 0.71 -9.27 93.62
C TRP EC 305 1.81 -9.53 92.60
N LEU EC 306 1.46 -9.33 91.33
CA LEU EC 306 2.39 -9.50 90.23
C LEU EC 306 2.14 -8.41 89.20
N SER EC 307 3.17 -7.59 88.94
CA SER EC 307 3.07 -6.51 87.97
C SER EC 307 4.05 -6.65 86.83
N ASN EC 308 5.34 -6.78 87.14
CA ASN EC 308 6.41 -6.63 86.16
C ASN EC 308 7.30 -7.85 86.17
N GLU EC 309 6.66 -9.02 86.00
CA GLU EC 309 7.18 -10.38 86.13
C GLU EC 309 8.06 -10.59 87.36
N LYS EC 310 7.76 -9.86 88.42
CA LYS EC 310 8.41 -10.01 89.72
C LYS EC 310 7.29 -10.02 90.76
N MET EC 311 7.31 -11.01 91.63
CA MET EC 311 6.23 -11.10 92.61
C MET EC 311 6.54 -10.24 93.82
N TYR EC 312 5.46 -9.69 94.39
CA TYR EC 312 5.51 -8.86 95.57
C TYR EC 312 4.64 -9.51 96.63
N VAL EC 313 5.14 -9.58 97.86
CA VAL EC 313 4.43 -10.28 98.93
C VAL EC 313 4.56 -9.48 100.22
N ARG EC 314 3.45 -9.41 100.96
CA ARG EC 314 3.41 -8.78 102.27
C ARG EC 314 2.87 -9.78 103.27
N THR EC 315 3.58 -9.95 104.38
CA THR EC 315 3.21 -10.94 105.38
C THR EC 315 3.84 -10.54 106.71
N ASN EC 316 3.85 -11.48 107.65
CA ASN EC 316 4.56 -11.31 108.92
C ASN EC 316 5.48 -12.47 109.21
N LEU EC 317 5.69 -13.37 108.26
CA LEU EC 317 6.57 -14.51 108.42
C LEU EC 317 7.90 -14.24 107.73
N THR EC 318 8.74 -15.27 107.63
CA THR EC 318 10.06 -15.14 107.03
C THR EC 318 10.23 -16.16 105.93
N ILE EC 319 10.39 -15.69 104.70
CA ILE EC 319 10.53 -16.56 103.54
C ILE EC 319 11.89 -17.27 103.59
N LEU EC 320 11.92 -18.53 103.20
CA LEU EC 320 13.13 -19.34 103.31
C LEU EC 320 13.72 -19.73 101.96
N SER EC 321 12.96 -20.40 101.09
CA SER EC 321 13.63 -21.08 99.98
C SER EC 321 14.14 -20.19 98.83
N PRO EC 322 13.30 -19.50 98.07
CA PRO EC 322 13.70 -19.13 96.70
C PRO EC 322 14.53 -17.87 96.59
N GLY EC 323 14.94 -17.24 97.68
CA GLY EC 323 15.69 -16.01 97.61
C GLY EC 323 14.82 -14.81 97.33
N TRP EC 324 15.41 -13.64 97.43
CA TRP EC 324 14.69 -12.41 97.15
C TRP EC 324 15.67 -11.32 96.75
N LEU EC 325 15.12 -10.23 96.22
CA LEU EC 325 15.92 -9.09 95.84
C LEU EC 325 15.61 -7.84 96.63
N ALA EC 326 14.38 -7.67 97.11
CA ALA EC 326 14.02 -6.51 97.91
C ALA EC 326 13.31 -6.95 99.18
N SER EC 327 13.70 -6.36 100.31
CA SER EC 327 13.14 -6.72 101.60
C SER EC 327 12.95 -5.47 102.45
N MET EC 328 11.85 -5.42 103.19
CA MET EC 328 11.63 -4.31 104.11
C MET EC 328 10.78 -4.76 105.28
N THR EC 329 11.21 -4.43 106.49
CA THR EC 329 10.45 -4.70 107.70
C THR EC 329 9.93 -3.39 108.25
N SER EC 330 8.66 -3.37 108.61
CA SER EC 330 7.97 -2.15 109.00
C SER EC 330 8.36 -1.73 110.42
N ALA EC 331 7.82 -0.59 110.85
CA ALA EC 331 7.90 -0.21 112.25
C ALA EC 331 7.09 -1.16 113.12
N ASP EC 332 6.00 -1.71 112.57
CA ASP EC 332 5.20 -2.69 113.30
C ASP EC 332 5.96 -4.01 113.46
N GLY EC 333 6.52 -4.53 112.37
CA GLY EC 333 7.16 -5.82 112.41
C GLY EC 333 6.76 -6.72 111.25
N THR EC 334 5.84 -6.24 110.42
CA THR EC 334 5.49 -6.96 109.22
C THR EC 334 6.61 -6.85 108.19
N HIS EC 335 6.58 -7.73 107.20
CA HIS EC 335 7.64 -7.85 106.23
C HIS EC 335 7.08 -7.80 104.83
N ALA EC 336 7.87 -7.23 103.91
CA ALA EC 336 7.54 -7.14 102.50
C ALA EC 336 8.73 -7.60 101.69
N TYR EC 337 8.46 -8.42 100.68
CA TYR EC 337 9.49 -8.97 99.82
C TYR EC 337 9.11 -8.77 98.35
N GLU EC 338 10.11 -8.52 97.53
CA GLU EC 338 9.98 -8.52 96.08
C GLU EC 338 11.04 -9.45 95.51
N MET EC 339 10.60 -10.40 94.70
CA MET EC 339 11.50 -11.47 94.26
C MET EC 339 11.02 -12.02 92.92
N GLN EC 340 11.71 -13.06 92.47
CA GLN EC 340 11.34 -13.75 91.24
C GLN EC 340 10.14 -14.65 91.45
N LYS EC 341 9.42 -14.88 90.36
CA LYS EC 341 8.16 -15.63 90.42
C LYS EC 341 8.43 -17.11 90.66
N SER EC 342 7.66 -17.70 91.58
CA SER EC 342 7.76 -19.10 91.95
C SER EC 342 6.50 -19.48 92.70
N PRO EC 343 5.89 -20.63 92.40
CA PRO EC 343 4.65 -20.99 93.08
C PRO EC 343 4.84 -21.55 94.47
N VAL EC 344 6.07 -21.76 94.91
CA VAL EC 344 6.36 -22.44 96.17
C VAL EC 344 7.09 -21.48 97.08
N LEU EC 345 6.58 -21.31 98.30
CA LEU EC 345 7.21 -20.48 99.31
C LEU EC 345 7.49 -21.33 100.54
N LEU EC 346 8.63 -21.06 101.18
CA LEU EC 346 9.01 -21.77 102.40
C LEU EC 346 9.15 -20.76 103.52
N VAL EC 347 8.52 -21.05 104.67
CA VAL EC 347 8.56 -20.15 105.81
C VAL EC 347 8.82 -20.95 107.07
N SER EC 348 9.26 -20.24 108.09
CA SER EC 348 9.38 -20.77 109.45
C SER EC 348 8.36 -20.06 110.32
N TRP EC 349 7.51 -20.83 110.99
CA TRP EC 349 6.42 -20.22 111.75
C TRP EC 349 6.82 -19.95 113.19
N HIS EC 350 7.14 -20.99 113.93
CA HIS EC 350 7.62 -20.88 115.30
C HIS EC 350 8.73 -21.89 115.53
N GLY EC 351 9.74 -21.84 114.67
CA GLY EC 351 10.72 -22.90 114.61
C GLY EC 351 10.27 -24.12 113.85
N LYS EC 352 9.08 -24.09 113.28
CA LYS EC 352 8.51 -25.19 112.53
C LYS EC 352 8.39 -24.79 111.07
N VAL EC 353 8.87 -25.66 110.19
CA VAL EC 353 8.93 -25.38 108.76
C VAL EC 353 7.55 -25.59 108.15
N MET EC 354 7.09 -24.61 107.38
CA MET EC 354 5.82 -24.66 106.70
C MET EC 354 6.04 -24.15 105.27
N GLN EC 355 5.17 -24.56 104.36
CA GLN EC 355 5.30 -24.18 102.95
C GLN EC 355 3.95 -23.79 102.40
N LEU EC 356 3.97 -22.84 101.46
CA LEU EC 356 2.78 -22.28 100.86
C LEU EC 356 2.81 -22.42 99.35
N LYS EC 357 1.64 -22.63 98.77
CA LYS EC 357 1.48 -22.66 97.33
C LYS EC 357 0.91 -21.34 96.86
N VAL EC 358 1.44 -20.84 95.75
CA VAL EC 358 0.98 -19.61 95.13
C VAL EC 358 0.14 -20.01 93.94
N GLU EC 359 -1.17 -20.11 94.14
CA GLU EC 359 -2.07 -20.51 93.08
C GLU EC 359 -2.17 -19.44 92.00
N GLY EC 360 -2.21 -19.88 90.75
CA GLY EC 360 -2.43 -18.97 89.63
C GLY EC 360 -1.29 -18.01 89.37
N LEU EC 361 -0.16 -18.53 88.90
CA LEU EC 361 0.99 -17.69 88.59
C LEU EC 361 0.85 -17.10 87.19
N MET FC 23 51.42 -128.16 8.72
CA MET FC 23 51.49 -127.52 7.42
C MET FC 23 51.27 -126.02 7.55
N LYS FC 24 50.72 -125.61 8.69
CA LYS FC 24 50.43 -124.21 8.93
C LYS FC 24 51.72 -123.47 9.29
N PHE FC 25 51.85 -122.26 8.75
CA PHE FC 25 53.08 -121.49 8.88
C PHE FC 25 52.92 -120.40 9.93
N LYS FC 26 54.04 -119.95 10.47
CA LYS FC 26 54.04 -118.99 11.56
C LYS FC 26 55.38 -118.26 11.57
N LYS FC 27 55.40 -117.16 12.31
CA LYS FC 27 56.62 -116.44 12.63
C LYS FC 27 56.68 -116.25 14.14
N PRO FC 28 57.89 -116.28 14.72
CA PRO FC 28 58.01 -116.40 16.19
C PRO FC 28 57.47 -115.21 16.99
N PRO FC 29 57.91 -113.92 16.74
CA PRO FC 29 57.58 -112.88 17.72
C PRO FC 29 56.12 -112.46 17.64
N ILE FC 30 55.32 -112.98 18.56
CA ILE FC 30 53.90 -112.66 18.67
C ILE FC 30 53.65 -112.15 20.07
N ASN FC 31 53.05 -110.98 20.19
CA ASN FC 31 52.81 -110.37 21.49
C ASN FC 31 51.56 -109.51 21.40
N ASN FC 32 51.41 -108.62 22.37
CA ASN FC 32 50.26 -107.72 22.38
C ASN FC 32 50.40 -106.68 21.28
N PRO FC 33 49.29 -106.18 20.75
CA PRO FC 33 49.35 -105.07 19.81
C PRO FC 33 49.82 -103.79 20.49
N SER FC 34 50.44 -102.93 19.69
CA SER FC 34 51.00 -101.68 20.18
C SER FC 34 50.12 -100.51 19.77
N ASP FC 35 50.64 -99.30 19.98
CA ASP FC 35 49.93 -98.06 19.67
C ASP FC 35 50.81 -97.16 18.82
N ASP FC 36 50.18 -96.45 17.88
CA ASP FC 36 50.90 -95.61 16.93
C ASP FC 36 51.64 -94.46 17.62
N ALA FC 37 51.09 -93.95 18.72
CA ALA FC 37 51.80 -92.91 19.47
C ALA FC 37 53.09 -93.45 20.07
N THR FC 38 53.05 -94.66 20.61
CA THR FC 38 54.27 -95.30 21.09
C THR FC 38 55.22 -95.61 19.94
N ILE FC 39 54.68 -95.92 18.76
CA ILE FC 39 55.50 -96.15 17.58
C ILE FC 39 56.29 -94.90 17.22
N LYS FC 40 55.60 -93.76 17.18
CA LYS FC 40 56.24 -92.49 16.88
C LYS FC 40 57.23 -92.10 17.97
N LEU FC 41 56.87 -92.38 19.23
CA LEU FC 41 57.74 -92.05 20.35
C LEU FC 41 59.06 -92.81 20.28
N ALA FC 42 58.98 -94.12 20.01
CA ALA FC 42 60.20 -94.92 19.87
C ALA FC 42 60.99 -94.53 18.63
N GLU FC 43 60.29 -94.15 17.55
CA GLU FC 43 60.95 -93.71 16.33
C GLU FC 43 61.77 -92.45 16.58
N ALA FC 44 61.22 -91.50 17.32
CA ALA FC 44 62.00 -90.32 17.69
C ALA FC 44 63.12 -90.71 18.65
N ALA FC 45 62.83 -91.62 19.58
CA ALA FC 45 63.75 -91.93 20.66
C ALA FC 45 65.01 -92.62 20.17
N VAL FC 46 64.91 -93.47 19.15
CA VAL FC 46 66.10 -94.16 18.68
C VAL FC 46 67.05 -93.18 18.00
N SER FC 47 66.50 -92.19 17.29
CA SER FC 47 67.33 -91.15 16.72
C SER FC 47 67.96 -90.28 17.79
N VAL FC 48 67.20 -90.02 18.87
CA VAL FC 48 67.73 -89.28 20.01
C VAL FC 48 68.89 -90.04 20.64
N SER FC 49 68.73 -91.35 20.80
CA SER FC 49 69.77 -92.20 21.38
C SER FC 49 71.01 -92.24 20.49
N ASP FC 50 70.80 -92.28 19.16
CA ASP FC 50 71.91 -92.23 18.23
C ASP FC 50 72.70 -90.93 18.36
N SER FC 51 71.97 -89.80 18.47
CA SER FC 51 72.62 -88.51 18.62
C SER FC 51 73.40 -88.44 19.93
N MET FC 52 72.83 -88.96 21.00
CA MET FC 52 73.53 -88.99 22.28
C MET FC 52 74.77 -89.87 22.23
N LEU FC 53 74.68 -91.00 21.52
CA LEU FC 53 75.80 -91.90 21.40
C LEU FC 53 76.95 -91.26 20.65
N GLU FC 54 76.66 -90.59 19.53
CA GLU FC 54 77.74 -90.00 18.77
C GLU FC 54 78.33 -88.78 19.47
N MET FC 55 77.51 -87.99 20.18
CA MET FC 55 78.09 -86.86 20.89
C MET FC 55 78.91 -87.32 22.09
N ALA FC 56 78.51 -88.41 22.74
CA ALA FC 56 79.31 -88.96 23.82
C ALA FC 56 80.64 -89.50 23.29
N LYS FC 57 80.61 -90.13 22.11
CA LYS FC 57 81.83 -90.63 21.50
C LYS FC 57 82.78 -89.49 21.15
N VAL FC 58 82.25 -88.41 20.57
CA VAL FC 58 83.14 -87.33 20.17
C VAL FC 58 83.61 -86.54 21.39
N GLU FC 59 82.83 -86.52 22.47
CA GLU FC 59 83.28 -85.88 23.70
C GLU FC 59 84.39 -86.69 24.36
N LYS FC 60 84.24 -88.02 24.36
CA LYS FC 60 85.27 -88.90 24.91
C LYS FC 60 86.56 -88.78 24.12
N VAL FC 61 86.46 -88.71 22.79
CA VAL FC 61 87.67 -88.62 21.99
C VAL FC 61 88.27 -87.21 22.02
N ILE FC 62 87.49 -86.18 22.37
CA ILE FC 62 88.06 -84.84 22.42
C ILE FC 62 88.61 -84.51 23.79
N THR FC 63 88.20 -85.23 24.83
CA THR FC 63 88.76 -85.04 26.17
C THR FC 63 89.06 -86.40 26.77
N PRO FC 64 90.32 -86.77 26.92
CA PRO FC 64 90.65 -88.03 27.57
C PRO FC 64 90.64 -87.88 29.08
N PRO FC 65 89.79 -88.62 29.78
CA PRO FC 65 89.82 -88.58 31.24
C PRO FC 65 91.02 -89.35 31.78
N SER FC 66 91.53 -88.88 32.91
CA SER FC 66 92.70 -89.50 33.52
C SER FC 66 92.53 -89.57 35.04
N LYS FC 67 91.29 -89.75 35.49
CA LYS FC 67 90.99 -89.60 36.90
C LYS FC 67 89.71 -90.38 37.23
N ASP FC 68 89.58 -90.78 38.49
CA ASP FC 68 88.42 -91.50 38.98
C ASP FC 68 87.94 -90.89 40.28
N ASN FC 69 86.64 -91.04 40.55
CA ASN FC 69 86.03 -90.55 41.78
C ASN FC 69 86.09 -91.54 42.92
N THR FC 70 86.48 -92.79 42.66
CA THR FC 70 86.49 -93.83 43.68
C THR FC 70 87.62 -93.65 44.69
N LEU FC 71 88.57 -92.74 44.43
CA LEU FC 71 89.56 -92.41 45.44
C LEU FC 71 88.93 -91.71 46.63
N THR FC 72 88.14 -90.67 46.37
CA THR FC 72 87.41 -90.01 47.45
C THR FC 72 86.10 -90.72 47.77
N ILE FC 73 85.69 -91.70 46.97
CA ILE FC 73 84.55 -92.53 47.34
C ILE FC 73 85.02 -93.98 47.39
N PRO FC 74 85.65 -94.41 48.47
CA PRO FC 74 86.07 -95.81 48.55
C PRO FC 74 84.97 -96.67 49.13
N ASN FC 75 85.26 -97.95 49.36
CA ASN FC 75 84.32 -98.86 49.99
C ASN FC 75 85.02 -99.62 51.10
N ALA FC 76 84.23 -100.09 52.05
CA ALA FC 76 84.74 -100.82 53.20
C ALA FC 76 83.70 -101.86 53.59
N TYR FC 77 83.82 -102.39 54.81
CA TYR FC 77 82.83 -103.34 55.28
C TYR FC 77 81.53 -102.63 55.59
N ASN FC 78 80.43 -103.40 55.53
CA ASN FC 78 79.02 -102.96 55.57
C ASN FC 78 78.73 -101.78 54.63
N LEU FC 79 79.47 -101.69 53.54
CA LEU FC 79 79.11 -100.85 52.41
C LEU FC 79 78.40 -101.65 51.34
N GLN FC 80 78.14 -102.93 51.61
CA GLN FC 80 77.72 -103.87 50.58
C GLN FC 80 76.27 -104.28 50.73
N ALA FC 81 75.50 -103.58 51.57
CA ALA FC 81 74.07 -103.80 51.63
C ALA FC 81 73.45 -103.38 50.31
N ARG FC 82 72.79 -104.31 49.64
CA ARG FC 82 72.33 -104.01 48.29
C ARG FC 82 71.03 -103.23 48.35
N ALA FC 83 70.78 -102.46 47.29
CA ALA FC 83 69.63 -101.57 47.33
C ALA FC 83 69.12 -101.32 45.92
N SER FC 84 67.84 -101.00 45.82
CA SER FC 84 67.24 -100.60 44.57
C SER FC 84 66.35 -99.38 44.81
N VAL FC 85 66.44 -98.40 43.91
CA VAL FC 85 65.79 -97.11 44.10
C VAL FC 85 65.04 -96.70 42.84
N ASP FC 86 63.91 -96.03 43.05
CA ASP FC 86 63.17 -95.31 42.01
C ASP FC 86 62.91 -93.91 42.58
N TRP FC 87 63.88 -93.02 42.42
CA TRP FC 87 63.82 -91.70 43.02
C TRP FC 87 63.73 -90.64 41.95
N SER FC 88 62.92 -89.61 42.21
CA SER FC 88 62.73 -88.53 41.25
C SER FC 88 62.61 -87.17 41.91
N GLY FC 89 63.25 -86.99 43.07
CA GLY FC 89 63.10 -85.76 43.81
C GLY FC 89 64.41 -85.02 44.04
N PRO FC 90 64.50 -84.32 45.16
CA PRO FC 90 65.75 -83.64 45.51
C PRO FC 90 66.80 -84.58 46.07
N ILE FC 91 67.85 -84.01 46.62
CA ILE FC 91 69.07 -84.75 46.97
C ILE FC 91 69.11 -85.12 48.44
N GLU FC 92 68.82 -84.16 49.31
CA GLU FC 92 69.31 -84.19 50.68
C GLU FC 92 68.55 -85.19 51.54
N GLU FC 93 67.24 -85.28 51.36
CA GLU FC 93 66.45 -86.27 52.11
C GLU FC 93 66.84 -87.68 51.70
N LEU FC 94 67.11 -87.89 50.41
CA LEU FC 94 67.50 -89.20 49.90
C LEU FC 94 68.83 -89.64 50.47
N THR FC 95 69.83 -88.76 50.44
CA THR FC 95 71.12 -89.16 51.01
C THR FC 95 71.09 -89.22 52.53
N ALA FC 96 70.15 -88.51 53.18
CA ALA FC 96 69.95 -88.67 54.61
C ALA FC 96 69.42 -90.07 54.94
N ARG FC 97 68.47 -90.56 54.15
CA ARG FC 97 68.00 -91.94 54.33
C ARG FC 97 69.11 -92.94 54.06
N ILE FC 98 69.98 -92.62 53.09
CA ILE FC 98 71.14 -93.45 52.78
C ILE FC 98 72.08 -93.55 53.98
N ALA FC 99 72.36 -92.41 54.60
CA ALA FC 99 73.27 -92.39 55.75
C ALA FC 99 72.64 -93.06 56.96
N LYS FC 100 71.32 -92.91 57.14
CA LYS FC 100 70.62 -93.60 58.22
C LYS FC 100 70.70 -95.12 58.05
N ALA FC 101 70.55 -95.60 56.82
CA ALA FC 101 70.77 -97.02 56.57
C ALA FC 101 72.22 -97.42 56.76
N ALA FC 102 73.16 -96.53 56.45
CA ALA FC 102 74.58 -96.86 56.50
C ALA FC 102 75.19 -96.72 57.88
N HIS FC 103 74.45 -96.19 58.85
CA HIS FC 103 74.92 -95.95 60.23
C HIS FC 103 76.15 -95.06 60.26
N PHE FC 104 76.18 -94.05 59.40
CA PHE FC 104 77.26 -93.09 59.35
C PHE FC 104 76.76 -91.71 59.74
N ARG FC 105 77.67 -90.89 60.24
CA ARG FC 105 77.33 -89.53 60.59
C ARG FC 105 77.16 -88.70 59.33
N PHE FC 106 75.97 -88.13 59.17
CA PHE FC 106 75.63 -87.31 58.01
C PHE FC 106 76.10 -85.89 58.29
N ARG FC 107 77.14 -85.45 57.59
CA ARG FC 107 77.67 -84.11 57.76
C ARG FC 107 77.52 -83.33 56.46
N VAL FC 108 77.02 -82.10 56.57
CA VAL FC 108 76.90 -81.23 55.42
C VAL FC 108 78.00 -80.19 55.48
N LEU FC 109 78.23 -79.54 54.35
CA LEU FC 109 79.30 -78.55 54.25
C LEU FC 109 78.86 -77.50 53.24
N GLY FC 110 78.74 -76.26 53.71
CA GLY FC 110 78.24 -75.20 52.85
C GLY FC 110 76.74 -75.06 52.94
N LYS FC 111 76.27 -73.83 52.70
CA LYS FC 111 74.85 -73.56 52.73
C LYS FC 111 74.18 -74.04 51.45
N SER FC 112 72.91 -74.40 51.58
CA SER FC 112 72.13 -74.74 50.40
C SER FC 112 71.82 -73.49 49.59
N PRO FC 113 71.90 -73.56 48.27
CA PRO FC 113 71.57 -72.40 47.44
C PRO FC 113 70.05 -72.25 47.31
N SER FC 114 69.66 -71.11 46.74
CA SER FC 114 68.24 -70.85 46.51
C SER FC 114 67.68 -71.80 45.47
N VAL FC 115 68.45 -72.12 44.45
CA VAL FC 115 68.05 -73.11 43.46
C VAL FC 115 68.17 -74.50 44.09
N PRO FC 116 67.08 -75.26 44.14
CA PRO FC 116 67.18 -76.64 44.64
C PRO FC 116 67.89 -77.53 43.64
N VAL FC 117 68.50 -78.59 44.15
CA VAL FC 117 69.21 -79.56 43.33
C VAL FC 117 68.34 -80.81 43.23
N LEU FC 118 68.02 -81.20 42.01
CA LEU FC 118 67.07 -82.28 41.76
C LEU FC 118 67.75 -83.40 41.02
N ILE FC 119 67.61 -84.62 41.53
CA ILE FC 119 68.26 -85.78 40.96
C ILE FC 119 67.22 -86.88 40.79
N SER FC 120 67.08 -87.39 39.57
CA SER FC 120 66.21 -88.51 39.29
C SER FC 120 67.07 -89.75 39.03
N ILE FC 121 66.92 -90.76 39.89
CA ILE FC 121 67.65 -92.02 39.74
C ILE FC 121 66.66 -93.16 39.92
N SER FC 122 66.58 -94.04 38.91
CA SER FC 122 65.72 -95.21 38.93
C SER FC 122 66.56 -96.41 38.50
N THR FC 123 67.23 -97.05 39.46
CA THR FC 123 68.12 -98.17 39.18
C THR FC 123 67.61 -99.43 39.88
N LYS FC 124 68.44 -100.46 39.89
CA LYS FC 124 68.01 -101.76 40.40
C LYS FC 124 69.22 -102.56 40.83
N ASP FC 125 69.28 -102.89 42.13
CA ASP FC 125 70.22 -103.85 42.73
C ASP FC 125 71.68 -103.44 42.52
N GLU FC 126 72.03 -102.34 43.18
CA GLU FC 126 73.40 -101.86 43.19
C GLU FC 126 73.97 -101.93 44.60
N SER FC 127 75.25 -101.59 44.72
CA SER FC 127 75.89 -101.43 46.01
C SER FC 127 75.75 -99.98 46.46
N LEU FC 128 76.01 -99.77 47.76
CA LEU FC 128 75.94 -98.43 48.32
C LEU FC 128 76.99 -97.52 47.73
N ALA FC 129 78.21 -98.04 47.55
CA ALA FC 129 79.29 -97.24 47.00
C ALA FC 129 79.02 -96.86 45.54
N GLU FC 130 78.48 -97.79 44.76
CA GLU FC 130 78.19 -97.47 43.37
C GLU FC 130 76.98 -96.55 43.25
N ILE FC 131 76.01 -96.69 44.16
CA ILE FC 131 74.89 -95.74 44.21
C ILE FC 131 75.41 -94.34 44.52
N LEU FC 132 76.34 -94.24 45.47
CA LEU FC 132 76.92 -92.94 45.82
C LEU FC 132 77.74 -92.36 44.69
N ARG FC 133 78.50 -93.20 43.98
CA ARG FC 133 79.30 -92.72 42.85
C ARG FC 133 78.41 -92.26 41.70
N ASP FC 134 77.31 -92.97 41.45
CA ASP FC 134 76.37 -92.54 40.42
C ASP FC 134 75.64 -91.27 40.81
N ILE FC 135 75.35 -91.10 42.10
CA ILE FC 135 74.76 -89.86 42.59
C ILE FC 135 75.72 -88.70 42.40
N ASP FC 136 77.00 -88.94 42.72
CA ASP FC 136 78.03 -87.92 42.54
C ASP FC 136 78.20 -87.53 41.08
N TYR FC 137 78.17 -88.52 40.18
CA TYR FC 137 78.30 -88.22 38.76
C TYR FC 137 77.06 -87.53 38.22
N GLN FC 138 75.87 -87.93 38.69
CA GLN FC 138 74.64 -87.29 38.25
C GLN FC 138 74.47 -85.91 38.82
N ALA FC 139 75.17 -85.60 39.92
CA ALA FC 139 75.06 -84.28 40.52
C ALA FC 139 75.80 -83.23 39.72
N GLY FC 140 76.79 -83.64 38.92
CA GLY FC 140 77.54 -82.67 38.17
C GLY FC 140 78.47 -81.88 39.07
N LYS FC 141 78.68 -80.63 38.72
CA LYS FC 141 79.62 -79.77 39.43
C LYS FC 141 78.96 -79.03 40.59
N LYS FC 142 77.71 -79.35 40.92
CA LYS FC 142 77.01 -78.62 41.96
C LYS FC 142 77.49 -78.98 43.36
N ALA FC 143 77.84 -80.24 43.59
CA ALA FC 143 78.21 -80.69 44.91
C ALA FC 143 79.24 -81.81 44.80
N SER FC 144 79.72 -82.27 45.95
CA SER FC 144 80.70 -83.35 46.00
C SER FC 144 80.48 -84.15 47.28
N ILE FC 145 80.91 -85.41 47.23
CA ILE FC 145 80.68 -86.37 48.30
C ILE FC 145 82.03 -86.91 48.75
N HIS FC 146 82.26 -86.92 50.07
CA HIS FC 146 83.44 -87.52 50.64
C HIS FC 146 83.04 -88.59 51.66
N VAL FC 147 83.80 -89.68 51.68
CA VAL FC 147 83.56 -90.79 52.59
C VAL FC 147 84.75 -90.91 53.52
N TYR FC 148 84.49 -91.05 54.81
CA TYR FC 148 85.52 -91.31 55.81
C TYR FC 148 85.03 -92.50 56.61
N PRO FC 149 85.24 -93.72 56.11
CA PRO FC 149 84.66 -94.90 56.78
C PRO FC 149 85.38 -95.25 58.06
N ASN FC 150 86.67 -94.94 58.15
CA ASN FC 150 87.37 -95.05 59.42
C ASN FC 150 86.82 -94.05 60.44
N SER FC 151 86.44 -92.87 59.97
CA SER FC 151 85.74 -91.91 60.80
C SER FC 151 84.23 -92.11 60.80
N GLN FC 152 83.73 -92.98 59.90
CA GLN FC 152 82.31 -93.32 59.77
C GLN FC 152 81.46 -92.09 59.48
N VAL FC 153 81.98 -91.20 58.65
CA VAL FC 153 81.35 -89.93 58.33
C VAL FC 153 81.13 -89.82 56.83
N VAL FC 154 79.89 -89.56 56.44
CA VAL FC 154 79.58 -89.23 55.05
C VAL FC 154 79.38 -87.73 54.96
N GLU FC 155 80.17 -87.08 54.12
CA GLU FC 155 80.23 -85.63 54.03
C GLU FC 155 79.72 -85.18 52.68
N LEU FC 156 78.79 -84.23 52.70
CA LEU FC 156 78.19 -83.67 51.50
C LEU FC 156 78.57 -82.20 51.43
N ARG FC 157 79.50 -81.85 50.54
CA ARG FC 157 79.94 -80.48 50.41
C ARG FC 157 79.31 -79.86 49.17
N TYR FC 158 78.94 -78.58 49.28
CA TYR FC 158 78.38 -77.87 48.15
C TYR FC 158 79.50 -77.35 47.25
N ALA FC 159 79.12 -76.62 46.21
CA ALA FC 159 80.08 -75.88 45.40
C ALA FC 159 79.95 -74.40 45.70
N LYS FC 160 81.07 -73.76 46.02
CA LYS FC 160 81.07 -72.32 46.23
C LYS FC 160 81.11 -71.62 44.88
N ILE FC 161 80.00 -71.01 44.51
CA ILE FC 161 79.86 -70.24 43.28
C ILE FC 161 78.76 -69.22 43.54
N TYR FC 162 78.62 -68.27 42.60
CA TYR FC 162 77.70 -67.11 42.67
C TYR FC 162 78.03 -66.25 43.88
N ARG GC 207 105.00 -39.29 -24.07
CA ARG GC 207 104.84 -38.96 -22.66
C ARG GC 207 103.49 -38.31 -22.41
N ILE GC 208 103.40 -37.46 -21.39
CA ILE GC 208 102.16 -36.78 -21.04
C ILE GC 208 102.39 -35.28 -21.23
N ILE GC 209 101.48 -34.64 -21.95
CA ILE GC 209 101.60 -33.24 -22.32
C ILE GC 209 100.56 -32.44 -21.54
N TYR GC 210 101.01 -31.36 -20.90
CA TYR GC 210 100.13 -30.45 -20.19
C TYR GC 210 99.98 -29.16 -20.99
N TYR GC 211 98.77 -28.62 -20.98
CA TYR GC 211 98.43 -27.41 -21.72
C TYR GC 211 98.00 -26.32 -20.75
N ILE GC 212 98.37 -25.09 -21.09
CA ILE GC 212 97.98 -23.94 -20.30
C ILE GC 212 96.51 -23.63 -20.54
N GLN GC 213 95.75 -23.43 -19.47
CA GLN GC 213 94.36 -23.01 -19.55
C GLN GC 213 94.23 -21.51 -19.31
N ALA GC 214 94.71 -21.04 -18.16
CA ALA GC 214 94.71 -19.62 -17.83
C ALA GC 214 96.06 -19.26 -17.24
N VAL GC 215 96.67 -18.19 -17.77
CA VAL GC 215 98.00 -17.75 -17.34
C VAL GC 215 97.87 -16.34 -16.81
N ILE GC 216 98.27 -16.15 -15.55
CA ILE GC 216 98.34 -14.83 -14.91
C ILE GC 216 99.69 -14.78 -14.21
N PRO GC 217 100.18 -13.60 -13.81
CA PRO GC 217 101.32 -13.58 -12.88
C PRO GC 217 100.95 -14.24 -11.57
N GLY GC 218 101.85 -15.08 -11.06
CA GLY GC 218 101.63 -15.78 -9.81
C GLY GC 218 101.03 -17.16 -9.95
N ARG GC 219 99.80 -17.24 -10.42
CA ARG GC 219 99.10 -18.52 -10.54
C ARG GC 219 99.08 -19.00 -11.99
N ALA GC 220 98.77 -20.27 -12.16
CA ALA GC 220 98.68 -20.86 -13.50
C ALA GC 220 97.72 -22.04 -13.45
N TRP GC 221 97.17 -22.39 -14.60
CA TRP GC 221 96.27 -23.52 -14.73
C TRP GC 221 96.77 -24.44 -15.85
N LEU GC 222 96.91 -25.72 -15.55
CA LEU GC 222 97.43 -26.70 -16.49
C LEU GC 222 96.53 -27.91 -16.55
N ILE GC 223 96.31 -28.42 -17.76
CA ILE GC 223 95.49 -29.61 -17.96
C ILE GC 223 96.30 -30.64 -18.73
N GLY GC 224 96.38 -31.86 -18.19
CA GLY GC 224 97.13 -32.92 -18.82
C GLY GC 224 96.42 -33.52 -20.01
N SER GC 225 97.07 -34.53 -20.60
CA SER GC 225 96.50 -35.23 -21.74
C SER GC 225 95.33 -36.11 -21.36
N ASN GC 226 95.18 -36.44 -20.08
CA ASN GC 226 94.05 -37.22 -19.59
C ASN GC 226 92.86 -36.36 -19.21
N GLY GC 227 92.93 -35.06 -19.42
CA GLY GC 227 91.85 -34.16 -19.08
C GLY GC 227 91.88 -33.61 -17.67
N SER GC 228 92.84 -34.02 -16.85
CA SER GC 228 92.91 -33.55 -15.47
C SER GC 228 93.50 -32.15 -15.45
N THR GC 229 92.74 -31.21 -14.86
CA THR GC 229 93.13 -29.80 -14.81
C THR GC 229 93.41 -29.40 -13.36
N LEU GC 230 94.39 -28.53 -13.18
CA LEU GC 230 94.84 -28.15 -11.85
C LEU GC 230 95.39 -26.72 -11.92
N THR GC 231 95.54 -26.11 -10.74
CA THR GC 231 96.16 -24.80 -10.61
C THR GC 231 97.45 -24.93 -9.81
N VAL GC 232 98.51 -24.30 -10.32
CA VAL GC 232 99.86 -24.47 -9.82
C VAL GC 232 100.52 -23.10 -9.76
N ARG GC 233 101.64 -23.03 -9.03
CA ARG GC 233 102.42 -21.80 -8.90
C ARG GC 233 103.86 -22.05 -9.32
N GLU GC 234 104.75 -21.08 -9.06
CA GLU GC 234 106.15 -21.20 -9.45
C GLU GC 234 106.86 -22.28 -8.64
N GLY GC 235 106.71 -22.26 -7.32
CA GLY GC 235 107.42 -23.26 -6.54
C GLY GC 235 106.57 -24.48 -6.27
N SER GC 236 106.72 -25.51 -7.11
CA SER GC 236 105.93 -26.73 -6.97
C SER GC 236 106.60 -27.83 -7.77
N LYS GC 237 106.20 -29.07 -7.46
CA LYS GC 237 106.62 -30.25 -8.19
C LYS GC 237 105.42 -30.88 -8.89
N ILE GC 238 105.55 -31.09 -10.19
CA ILE GC 238 104.53 -31.74 -11.00
C ILE GC 238 105.15 -32.98 -11.62
N PRO GC 239 104.54 -34.15 -11.46
CA PRO GC 239 105.05 -35.35 -12.16
C PRO GC 239 104.93 -35.21 -13.66
N GLY GC 240 106.00 -35.61 -14.36
CA GLY GC 240 106.11 -35.40 -15.78
C GLY GC 240 106.89 -34.17 -16.18
N TYR GC 241 107.06 -33.22 -15.27
CA TYR GC 241 107.80 -32.00 -15.57
C TYR GC 241 108.79 -31.59 -14.49
N GLY GC 242 108.66 -32.09 -13.26
CA GLY GC 242 109.59 -31.73 -12.21
C GLY GC 242 109.21 -30.41 -11.57
N MET GC 243 110.20 -29.55 -11.35
CA MET GC 243 109.99 -28.26 -10.72
C MET GC 243 109.63 -27.23 -11.80
N VAL GC 244 108.61 -26.41 -11.51
CA VAL GC 244 108.28 -25.32 -12.41
C VAL GC 244 109.36 -24.26 -12.31
N LYS GC 245 110.24 -24.22 -13.31
CA LYS GC 245 111.40 -23.33 -13.23
C LYS GC 245 111.00 -21.86 -13.44
N LEU GC 246 110.14 -21.59 -14.41
CA LEU GC 246 109.79 -20.20 -14.71
C LEU GC 246 108.43 -20.16 -15.40
N ILE GC 247 107.68 -19.10 -15.11
CA ILE GC 247 106.37 -18.86 -15.72
C ILE GC 247 106.41 -17.48 -16.37
N ASP GC 248 106.07 -17.42 -17.66
CA ASP GC 248 106.01 -16.16 -18.39
C ASP GC 248 104.56 -15.84 -18.73
N SER GC 249 104.12 -14.63 -18.37
CA SER GC 249 102.78 -14.20 -18.71
C SER GC 249 102.62 -13.96 -20.20
N LEU GC 250 103.69 -13.51 -20.87
CA LEU GC 250 103.64 -13.26 -22.30
C LEU GC 250 104.16 -14.45 -23.07
N GLN GC 251 103.64 -14.60 -24.29
CA GLN GC 251 104.05 -15.57 -25.32
C GLN GC 251 103.83 -17.02 -24.93
N GLY GC 252 103.06 -17.29 -23.87
CA GLY GC 252 102.57 -18.62 -23.54
C GLY GC 252 103.61 -19.67 -23.20
N ARG GC 253 104.67 -19.29 -22.49
CA ARG GC 253 105.79 -20.18 -22.20
C ARG GC 253 105.92 -20.37 -20.70
N ILE GC 254 106.00 -21.63 -20.26
CA ILE GC 254 106.30 -21.94 -18.87
C ILE GC 254 107.48 -22.89 -18.83
N LEU GC 255 108.58 -22.44 -18.23
CA LEU GC 255 109.78 -23.27 -18.14
C LEU GC 255 109.68 -24.20 -16.94
N THR GC 256 110.06 -25.46 -17.14
CA THR GC 256 110.13 -26.42 -16.05
C THR GC 256 111.57 -26.85 -15.80
N SER GC 257 111.76 -27.68 -14.77
CA SER GC 257 113.11 -28.11 -14.40
C SER GC 257 113.69 -29.10 -15.41
N SER GC 258 112.83 -29.83 -16.11
CA SER GC 258 113.28 -30.85 -17.05
C SER GC 258 113.54 -30.30 -18.45
N GLY GC 259 113.82 -29.00 -18.57
CA GLY GC 259 114.19 -28.41 -19.84
C GLY GC 259 113.06 -28.23 -20.82
N GLN GC 260 111.82 -28.34 -20.38
CA GLN GC 260 110.69 -28.22 -21.27
C GLN GC 260 109.96 -26.90 -21.05
N VAL GC 261 109.23 -26.50 -22.10
CA VAL GC 261 108.37 -25.34 -22.05
C VAL GC 261 106.93 -25.83 -22.27
N ILE GC 262 106.09 -25.57 -21.28
CA ILE GC 262 104.66 -25.81 -21.40
C ILE GC 262 104.06 -24.66 -22.19
N LYS GC 263 103.27 -25.00 -23.20
CA LYS GC 263 102.85 -24.09 -24.25
C LYS GC 263 101.48 -24.56 -24.75
N PHE GC 264 100.64 -23.60 -25.14
CA PHE GC 264 99.34 -23.91 -25.73
C PHE GC 264 99.50 -24.70 -27.02
N SER GC 265 98.45 -25.46 -27.37
CA SER GC 265 98.43 -26.16 -28.64
C SER GC 265 98.29 -25.17 -29.78
N GLN GC 266 98.71 -25.60 -30.98
CA GLN GC 266 98.69 -24.71 -32.14
C GLN GC 266 97.26 -24.40 -32.58
N GLU GC 267 96.43 -25.42 -32.77
CA GLU GC 267 95.03 -25.17 -33.08
C GLU GC 267 94.26 -24.72 -31.85
N ASP GC 268 94.58 -25.29 -30.69
CA ASP GC 268 93.97 -24.86 -29.43
C ASP GC 268 94.84 -23.75 -28.82
N SER GC 269 94.80 -22.60 -29.48
CA SER GC 269 95.54 -21.42 -29.02
C SER GC 269 94.60 -20.23 -28.84
N GLN HC 791 113.42 24.99 -33.01
CA GLN HC 791 113.10 24.10 -31.90
C GLN HC 791 112.10 24.76 -30.95
N GLN HC 792 111.49 25.85 -31.40
CA GLN HC 792 110.44 26.52 -30.65
C GLN HC 792 109.05 26.20 -31.17
N GLU HC 793 108.95 25.57 -32.34
CA GLU HC 793 107.67 25.15 -32.91
C GLU HC 793 107.28 23.74 -32.50
N ILE HC 794 108.06 23.10 -31.62
CA ILE HC 794 107.74 21.75 -31.19
C ILE HC 794 106.58 21.75 -30.19
N GLN HC 795 106.27 22.91 -29.62
CA GLN HC 795 105.34 22.97 -28.49
C GLN HC 795 103.90 22.77 -28.94
N GLN HC 796 103.45 23.57 -29.92
CA GLN HC 796 102.10 23.39 -30.44
C GLN HC 796 101.98 22.15 -31.32
N ARG HC 797 103.11 21.65 -31.83
CA ARG HC 797 103.09 20.39 -32.58
C ARG HC 797 102.99 19.18 -31.66
N THR HC 798 103.22 19.37 -30.37
CA THR HC 798 103.03 18.33 -29.37
C THR HC 798 101.66 18.40 -28.75
N SER HC 799 101.27 19.58 -28.26
CA SER HC 799 100.08 19.77 -27.44
C SER HC 799 98.78 19.57 -28.21
N ASP HC 800 98.81 19.55 -29.54
CA ASP HC 800 97.59 19.37 -30.33
C ASP HC 800 97.04 17.96 -30.20
N MET HC 801 97.91 16.97 -30.03
CA MET HC 801 97.46 15.57 -30.04
C MET HC 801 96.91 15.11 -28.72
N LEU HC 802 96.94 15.95 -27.68
CA LEU HC 802 96.32 15.62 -26.41
C LEU HC 802 94.81 15.45 -26.57
N THR HC 803 94.19 16.29 -27.39
CA THR HC 803 92.77 16.21 -27.65
C THR HC 803 92.41 14.92 -28.38
N ALA HC 804 93.21 14.56 -29.38
CA ALA HC 804 92.93 13.36 -30.15
C ALA HC 804 93.18 12.10 -29.34
N ALA HC 805 94.23 12.11 -28.52
CA ALA HC 805 94.56 10.94 -27.70
C ALA HC 805 93.51 10.71 -26.62
N THR HC 806 93.01 11.80 -26.02
CA THR HC 806 92.01 11.66 -24.96
C THR HC 806 90.68 11.19 -25.53
N GLN HC 807 90.28 11.71 -26.69
CA GLN HC 807 88.99 11.33 -27.24
C GLN HC 807 88.99 9.90 -27.74
N LEU HC 808 90.10 9.48 -28.36
CA LEU HC 808 90.19 8.12 -28.88
C LEU HC 808 90.24 7.09 -27.75
N VAL HC 809 90.92 7.43 -26.66
CA VAL HC 809 90.89 6.53 -25.51
C VAL HC 809 89.55 6.64 -24.78
N GLN HC 810 88.84 7.76 -24.93
CA GLN HC 810 87.49 7.84 -24.41
C GLN HC 810 86.55 6.93 -25.18
N ASP HC 811 86.82 6.75 -26.47
CA ASP HC 811 86.09 5.76 -27.24
C ASP HC 811 86.46 4.34 -26.80
N TRP HC 812 87.71 4.13 -26.41
CA TRP HC 812 88.11 2.80 -25.98
C TRP HC 812 87.69 2.53 -24.55
N LYS HC 813 87.35 3.57 -23.78
CA LYS HC 813 87.03 3.38 -22.37
C LYS HC 813 85.67 2.71 -22.20
N GLN HC 814 84.65 3.19 -22.91
CA GLN HC 814 83.30 2.71 -22.63
C GLN HC 814 83.04 1.38 -23.32
N VAL HC 815 82.16 0.59 -22.71
CA VAL HC 815 81.70 -0.68 -23.25
C VAL HC 815 80.24 -0.81 -22.86
N GLU HC 816 79.34 -0.77 -23.84
CA GLU HC 816 77.92 -0.84 -23.56
C GLU HC 816 77.50 -2.25 -23.20
N THR HC 817 76.41 -2.34 -22.43
CA THR HC 817 75.85 -3.61 -22.02
C THR HC 817 74.88 -4.11 -23.08
N GLN HC 818 74.98 -5.38 -23.43
CA GLN HC 818 74.04 -5.96 -24.39
C GLN HC 818 72.68 -6.17 -23.74
N VAL HC 819 71.67 -6.36 -24.60
CA VAL HC 819 70.29 -6.48 -24.16
C VAL HC 819 69.74 -7.82 -24.67
N TYR HC 820 69.23 -8.62 -23.76
CA TYR HC 820 68.61 -9.90 -24.08
C TYR HC 820 67.10 -9.71 -24.18
N THR HC 821 66.51 -10.29 -25.21
CA THR HC 821 65.08 -10.13 -25.49
C THR HC 821 64.45 -11.48 -25.75
N GLU HC 822 63.23 -11.67 -25.26
CA GLU HC 822 62.45 -12.90 -25.44
C GLU HC 822 61.40 -12.69 -26.52
N GLY HC 823 60.51 -13.66 -26.64
CA GLY HC 823 59.41 -13.55 -27.59
C GLY HC 823 58.43 -14.69 -27.41
N THR HC 824 57.26 -14.51 -28.00
CA THR HC 824 56.22 -15.54 -27.99
C THR HC 824 55.43 -15.51 -29.30
N ALA IC 104 88.29 44.57 -70.28
CA ALA IC 104 87.06 45.09 -70.87
C ALA IC 104 85.87 44.23 -70.46
N GLU IC 105 85.69 43.11 -71.15
CA GLU IC 105 84.64 42.16 -70.81
C GLU IC 105 85.18 40.87 -70.19
N VAL IC 106 86.51 40.71 -70.11
CA VAL IC 106 87.11 39.54 -69.48
C VAL IC 106 87.06 39.60 -67.97
N ILE IC 107 86.60 40.72 -67.41
CA ILE IC 107 86.39 40.86 -65.97
C ILE IC 107 85.36 39.84 -65.49
N ASP IC 108 84.33 39.57 -66.31
CA ASP IC 108 83.33 38.56 -65.98
C ASP IC 108 83.95 37.17 -65.90
N LYS IC 109 84.84 36.83 -66.84
CA LYS IC 109 85.48 35.53 -66.84
C LYS IC 109 86.44 35.37 -65.66
N LYS IC 110 87.20 36.43 -65.36
CA LYS IC 110 88.12 36.40 -64.22
C LYS IC 110 87.36 36.26 -62.91
N ALA IC 111 86.25 37.00 -62.75
CA ALA IC 111 85.43 36.90 -61.55
C ALA IC 111 84.75 35.55 -61.45
N PHE IC 112 84.38 34.96 -62.59
CA PHE IC 112 83.85 33.60 -62.60
C PHE IC 112 84.89 32.61 -62.10
N LYS IC 113 86.14 32.76 -62.55
CA LYS IC 113 87.22 31.88 -62.14
C LYS IC 113 87.51 31.99 -60.65
N ASP IC 114 87.66 33.22 -60.15
CA ASP IC 114 88.01 33.37 -58.74
C ASP IC 114 86.83 33.05 -57.83
N MET IC 115 85.59 33.27 -58.30
CA MET IC 115 84.43 32.88 -57.52
C MET IC 115 84.30 31.38 -57.44
N THR IC 116 84.62 30.68 -58.54
CA THR IC 116 84.61 29.22 -58.51
C THR IC 116 85.68 28.68 -57.57
N ARG IC 117 86.88 29.28 -57.59
CA ARG IC 117 87.95 28.85 -56.70
C ARG IC 117 87.63 29.14 -55.24
N ASN IC 118 87.01 30.28 -54.96
CA ASN IC 118 86.66 30.61 -53.58
C ASN IC 118 85.48 29.79 -53.10
N LEU IC 119 84.58 29.39 -54.00
CA LEU IC 119 83.50 28.50 -53.62
C LEU IC 119 84.03 27.12 -53.30
N TYR IC 120 84.89 26.57 -54.16
CA TYR IC 120 85.45 25.24 -53.96
C TYR IC 120 86.96 25.30 -54.15
N PRO IC 121 87.72 25.54 -53.08
CA PRO IC 121 89.18 25.45 -53.17
C PRO IC 121 89.69 24.02 -53.35
N LEU IC 122 88.87 23.02 -53.07
CA LEU IC 122 89.28 21.62 -53.10
C LEU IC 122 88.82 20.96 -54.38
N ASN IC 123 89.72 20.20 -55.01
CA ASN IC 123 89.33 19.43 -56.18
C ASN IC 123 88.47 18.23 -55.75
N PRO IC 124 87.57 17.78 -56.62
CA PRO IC 124 86.86 16.52 -56.34
C PRO IC 124 87.77 15.32 -56.23
N GLU IC 125 88.87 15.29 -56.99
CA GLU IC 125 89.85 14.23 -56.82
C GLU IC 125 90.57 14.35 -55.49
N GLN IC 126 90.80 15.58 -55.03
CA GLN IC 126 91.32 15.78 -53.67
C GLN IC 126 90.32 15.29 -52.62
N VAL IC 127 89.03 15.50 -52.89
CA VAL IC 127 87.97 15.02 -51.99
C VAL IC 127 87.99 13.50 -51.90
N VAL IC 128 88.14 12.83 -53.05
CA VAL IC 128 88.23 11.37 -53.07
C VAL IC 128 89.48 10.89 -52.34
N LYS IC 129 90.61 11.59 -52.54
CA LYS IC 129 91.85 11.22 -51.86
C LYS IC 129 91.74 11.38 -50.36
N LEU IC 130 91.14 12.48 -49.89
CA LEU IC 130 91.00 12.66 -48.46
C LEU IC 130 89.95 11.73 -47.87
N LYS IC 131 88.96 11.32 -48.65
CA LYS IC 131 88.02 10.30 -48.20
C LYS IC 131 88.72 8.96 -48.03
N GLN IC 132 89.64 8.65 -48.94
CA GLN IC 132 90.46 7.45 -48.82
C GLN IC 132 91.34 7.51 -47.58
N ILE IC 133 91.95 8.67 -47.32
CA ILE IC 133 92.79 8.84 -46.12
C ILE IC 133 91.93 8.73 -44.86
N TYR IC 134 90.73 9.28 -44.90
CA TYR IC 134 89.81 9.26 -43.77
C TYR IC 134 89.34 7.85 -43.44
N GLU IC 135 88.98 7.08 -44.46
CA GLU IC 135 88.60 5.69 -44.19
C GLU IC 135 89.80 4.81 -43.86
N THR IC 136 91.00 5.19 -44.30
CA THR IC 136 92.21 4.49 -43.88
C THR IC 136 92.49 4.69 -42.40
N SER IC 137 92.35 5.94 -41.94
CA SER IC 137 92.49 6.24 -40.52
C SER IC 137 91.40 5.55 -39.71
N GLU IC 138 90.18 5.49 -40.25
CA GLU IC 138 89.09 4.78 -39.60
C GLU IC 138 89.38 3.28 -39.49
N TYR IC 139 89.94 2.69 -40.54
CA TYR IC 139 90.23 1.26 -40.52
C TYR IC 139 91.35 0.93 -39.55
N ALA IC 140 92.40 1.76 -39.53
CA ALA IC 140 93.48 1.51 -38.58
C ALA IC 140 93.06 1.80 -37.15
N LYS IC 141 92.12 2.72 -36.96
CA LYS IC 141 91.56 2.94 -35.63
C LYS IC 141 90.72 1.75 -35.18
N ALA IC 142 89.86 1.25 -36.07
CA ALA IC 142 88.98 0.14 -35.74
C ALA IC 142 89.74 -1.17 -35.61
N ALA IC 143 90.93 -1.27 -36.19
CA ALA IC 143 91.79 -2.42 -35.98
C ALA IC 143 92.21 -2.48 -34.52
N THR IC 144 92.30 -3.71 -34.00
CA THR IC 144 92.59 -3.91 -32.60
C THR IC 144 93.98 -4.51 -32.42
N PRO IC 145 94.81 -3.95 -31.54
CA PRO IC 145 96.17 -4.47 -31.37
C PRO IC 145 96.22 -5.78 -30.60
N GLY IC 146 97.43 -6.27 -30.35
CA GLY IC 146 97.58 -7.58 -29.74
C GLY IC 146 97.31 -8.66 -30.75
N THR IC 147 96.36 -9.53 -30.45
CA THR IC 147 95.96 -10.58 -31.37
C THR IC 147 94.52 -11.00 -31.05
N PRO IC 148 93.72 -11.32 -32.07
CA PRO IC 148 92.37 -11.82 -31.80
C PRO IC 148 92.43 -13.20 -31.16
N PRO IC 149 91.46 -13.54 -30.31
CA PRO IC 149 91.51 -14.83 -29.62
C PRO IC 149 91.00 -15.96 -30.52
N LYS IC 150 91.04 -17.17 -29.95
CA LYS IC 150 90.54 -18.35 -30.63
C LYS IC 150 89.08 -18.57 -30.26
N PRO IC 151 88.15 -18.52 -31.21
CA PRO IC 151 86.73 -18.79 -30.91
C PRO IC 151 86.51 -20.28 -30.69
N THR IC 152 85.99 -20.63 -29.52
CA THR IC 152 85.86 -22.02 -29.13
C THR IC 152 84.62 -22.22 -28.28
N ALA IC 153 84.00 -23.40 -28.42
CA ALA IC 153 82.89 -23.83 -27.58
C ALA IC 153 83.21 -25.22 -27.05
N THR IC 154 83.12 -25.39 -25.74
CA THR IC 154 83.59 -26.61 -25.09
C THR IC 154 82.52 -27.20 -24.19
N SER IC 155 82.69 -28.48 -23.88
CA SER IC 155 81.82 -29.20 -22.96
C SER IC 155 82.68 -29.91 -21.94
N GLN IC 156 82.42 -29.66 -20.66
CA GLN IC 156 83.19 -30.25 -19.57
C GLN IC 156 82.26 -30.67 -18.43
N PHE IC 157 82.83 -31.44 -17.51
CA PHE IC 157 82.10 -32.01 -16.39
C PHE IC 157 82.79 -31.60 -15.08
N VAL IC 158 81.99 -31.37 -14.05
CA VAL IC 158 82.47 -30.88 -12.77
C VAL IC 158 82.33 -31.97 -11.73
N ASN IC 159 83.40 -32.19 -10.97
CA ASN IC 159 83.36 -33.02 -9.77
C ASN IC 159 83.14 -32.12 -8.57
N LEU IC 160 82.17 -32.47 -7.73
CA LEU IC 160 81.78 -31.66 -6.60
C LEU IC 160 82.55 -31.98 -5.33
N SER IC 161 83.66 -32.71 -5.46
CA SER IC 161 84.48 -33.02 -4.30
C SER IC 161 85.19 -31.76 -3.80
N PRO IC 162 85.41 -31.65 -2.48
CA PRO IC 162 86.24 -30.54 -1.97
C PRO IC 162 87.67 -30.59 -2.47
N GLY IC 163 88.22 -31.78 -2.67
CA GLY IC 163 89.57 -31.88 -3.21
C GLY IC 163 89.69 -31.61 -4.69
N SER IC 164 88.56 -31.50 -5.40
CA SER IC 164 88.58 -31.25 -6.82
C SER IC 164 88.95 -29.79 -7.11
N THR IC 165 89.24 -29.52 -8.37
CA THR IC 165 89.56 -28.17 -8.79
C THR IC 165 88.36 -27.56 -9.50
N PRO IC 166 87.98 -26.32 -9.16
CA PRO IC 166 86.82 -25.72 -9.81
C PRO IC 166 87.13 -25.31 -11.23
N PRO IC 167 86.14 -25.32 -12.11
CA PRO IC 167 86.40 -24.97 -13.51
C PRO IC 167 86.60 -23.48 -13.74
N VAL IC 168 87.36 -23.19 -14.79
CA VAL IC 168 87.73 -21.84 -15.20
C VAL IC 168 87.12 -21.58 -16.56
N ILE IC 169 86.51 -20.41 -16.74
CA ILE IC 169 85.87 -20.02 -17.99
C ILE IC 169 86.52 -18.74 -18.48
N ARG IC 170 87.01 -18.77 -19.73
CA ARG IC 170 87.53 -17.57 -20.36
C ARG IC 170 86.41 -16.76 -20.99
N LEU IC 171 86.50 -15.44 -20.87
CA LEU IC 171 85.50 -14.52 -21.41
C LEU IC 171 86.20 -13.37 -22.11
N SER IC 172 85.40 -12.45 -22.65
CA SER IC 172 85.91 -11.28 -23.36
C SER IC 172 84.97 -10.11 -23.15
N GLN IC 173 85.50 -8.91 -23.37
CA GLN IC 173 84.74 -7.68 -23.20
C GLN IC 173 83.64 -7.60 -24.25
N GLY IC 174 82.39 -7.56 -23.80
CA GLY IC 174 81.27 -7.42 -24.71
C GLY IC 174 80.94 -8.67 -25.49
N PHE IC 175 81.44 -9.83 -25.08
CA PHE IC 175 81.20 -11.08 -25.79
C PHE IC 175 80.31 -11.98 -24.96
N VAL IC 176 79.32 -12.58 -25.63
CA VAL IC 176 78.34 -13.42 -24.96
C VAL IC 176 78.96 -14.78 -24.66
N SER IC 177 78.80 -15.24 -23.43
CA SER IC 177 79.15 -16.60 -23.05
C SER IC 177 77.86 -17.31 -22.65
N SER IC 178 77.60 -18.45 -23.28
CA SER IC 178 76.39 -19.22 -23.03
C SER IC 178 76.77 -20.46 -22.25
N LEU IC 179 76.41 -20.48 -20.97
CA LEU IC 179 76.69 -21.61 -20.09
C LEU IC 179 75.40 -22.40 -19.94
N VAL IC 180 75.38 -23.62 -20.46
CA VAL IC 180 74.22 -24.48 -20.43
C VAL IC 180 74.52 -25.64 -19.49
N PHE IC 181 73.67 -25.84 -18.50
CA PHE IC 181 73.94 -26.73 -17.38
C PHE IC 181 73.10 -28.00 -17.49
N LEU IC 182 73.77 -29.14 -17.50
CA LEU IC 182 73.14 -30.44 -17.64
C LEU IC 182 73.65 -31.37 -16.56
N ASP IC 183 72.97 -32.51 -16.40
CA ASP IC 183 73.38 -33.55 -15.47
C ASP IC 183 74.48 -34.43 -16.05
N SER IC 184 74.66 -35.60 -15.44
CA SER IC 184 75.69 -36.54 -15.89
C SER IC 184 75.45 -37.00 -17.32
N THR IC 185 74.18 -37.24 -17.68
CA THR IC 185 73.89 -37.64 -19.05
C THR IC 185 73.61 -36.46 -19.97
N GLY IC 186 72.85 -35.47 -19.50
CA GLY IC 186 72.55 -34.35 -20.37
C GLY IC 186 71.16 -33.75 -20.31
N ALA IC 187 70.31 -34.18 -19.37
CA ALA IC 187 69.03 -33.53 -19.21
C ALA IC 187 69.21 -32.14 -18.61
N PRO IC 188 68.33 -31.18 -18.93
CA PRO IC 188 68.46 -29.84 -18.35
C PRO IC 188 68.11 -29.84 -16.86
N TRP IC 189 68.73 -28.89 -16.16
CA TRP IC 189 68.54 -28.73 -14.72
C TRP IC 189 68.40 -27.24 -14.45
N PRO IC 190 67.21 -26.77 -14.05
CA PRO IC 190 67.00 -25.33 -13.87
C PRO IC 190 67.74 -24.78 -12.66
N ILE IC 191 67.99 -23.48 -12.70
CA ILE IC 191 68.80 -22.80 -11.70
C ILE IC 191 67.91 -22.13 -10.68
N ALA IC 192 68.10 -22.47 -9.40
CA ALA IC 192 67.32 -21.86 -8.35
C ALA IC 192 67.79 -20.44 -8.04
N ALA IC 193 69.10 -20.24 -7.88
CA ALA IC 193 69.63 -18.95 -7.48
C ALA IC 193 71.09 -18.85 -7.92
N TYR IC 194 71.63 -17.64 -7.86
CA TYR IC 194 73.01 -17.41 -8.17
C TYR IC 194 73.51 -16.17 -7.46
N ASP IC 195 74.83 -16.03 -7.43
CA ASP IC 195 75.48 -14.86 -6.87
C ASP IC 195 76.73 -14.55 -7.68
N LEU IC 196 76.93 -13.27 -7.94
CA LEU IC 196 78.03 -12.77 -8.74
C LEU IC 196 78.81 -11.73 -7.94
N GLY IC 197 80.12 -11.88 -7.90
CA GLY IC 197 81.00 -10.85 -7.40
C GLY IC 197 81.53 -10.00 -8.53
N ASP IC 198 81.91 -8.75 -8.19
CA ASP IC 198 82.36 -7.70 -9.10
C ASP IC 198 81.37 -7.48 -10.25
N PRO IC 199 80.21 -6.85 -10.00
CA PRO IC 199 79.28 -6.59 -11.12
C PRO IC 199 79.80 -5.62 -12.17
N SER IC 200 80.83 -4.82 -11.87
CA SER IC 200 81.35 -3.89 -12.85
C SER IC 200 82.08 -4.59 -14.00
N SER IC 201 82.53 -5.82 -13.80
CA SER IC 201 83.24 -6.54 -14.84
C SER IC 201 82.39 -7.58 -15.54
N PHE IC 202 81.19 -7.88 -15.03
CA PHE IC 202 80.37 -8.94 -15.59
C PHE IC 202 78.93 -8.48 -15.70
N ASN IC 203 78.33 -8.72 -16.86
CA ASN IC 203 76.91 -8.46 -17.10
C ASN IC 203 76.21 -9.78 -17.37
N ILE IC 204 75.08 -10.00 -16.71
CA ILE IC 204 74.39 -11.28 -16.74
C ILE IC 204 73.03 -11.09 -17.37
N GLN IC 205 72.79 -11.81 -18.47
CA GLN IC 205 71.49 -11.83 -19.14
C GLN IC 205 70.86 -13.18 -18.85
N TRP IC 206 69.88 -13.20 -17.94
CA TRP IC 206 69.35 -14.47 -17.47
C TRP IC 206 67.95 -14.25 -16.92
N ASP IC 207 66.96 -14.89 -17.56
CA ASP IC 207 65.62 -14.88 -17.00
C ASP IC 207 65.48 -15.98 -15.96
N LYS IC 208 64.42 -15.87 -15.15
CA LYS IC 208 64.34 -16.57 -13.87
C LYS IC 208 64.22 -18.08 -14.02
N THR IC 209 63.44 -18.56 -14.98
CA THR IC 209 63.22 -19.99 -15.15
C THR IC 209 64.22 -20.62 -16.12
N SER IC 210 65.21 -19.86 -16.57
CA SER IC 210 66.18 -20.35 -17.54
C SER IC 210 67.35 -21.01 -16.84
N ASN IC 211 67.74 -22.18 -17.33
CA ASN IC 211 68.92 -22.88 -16.84
C ASN IC 211 70.19 -22.46 -17.57
N THR IC 212 70.08 -21.57 -18.55
CA THR IC 212 71.21 -21.19 -19.39
C THR IC 212 71.57 -19.74 -19.10
N LEU IC 213 72.87 -19.49 -18.91
CA LEU IC 213 73.38 -18.19 -18.53
C LEU IC 213 74.03 -17.53 -19.73
N MET IC 214 73.57 -16.33 -20.08
CA MET IC 214 74.22 -15.48 -21.07
C MET IC 214 74.97 -14.39 -20.32
N ILE IC 215 76.28 -14.47 -20.31
CA ILE IC 215 77.12 -13.60 -19.50
C ILE IC 215 77.92 -12.70 -20.43
N GLN IC 216 77.95 -11.40 -20.12
CA GLN IC 216 78.71 -10.42 -20.88
C GLN IC 216 79.78 -9.85 -19.96
N ALA IC 217 81.03 -10.28 -20.16
CA ALA IC 217 82.13 -9.71 -19.39
C ALA IC 217 82.39 -8.28 -19.85
N THR IC 218 82.82 -7.44 -18.90
CA THR IC 218 82.94 -6.02 -19.15
C THR IC 218 84.36 -5.48 -19.03
N LYS IC 219 85.22 -6.13 -18.26
CA LYS IC 219 86.59 -5.65 -18.10
C LYS IC 219 87.59 -6.61 -18.74
N LEU IC 220 88.80 -6.09 -18.99
CA LEU IC 220 89.76 -6.80 -19.81
C LEU IC 220 90.42 -7.96 -19.07
N TYR IC 221 90.72 -7.79 -17.80
CA TYR IC 221 91.66 -8.65 -17.09
C TYR IC 221 91.20 -9.13 -15.73
N ASN IC 222 90.30 -8.43 -15.05
CA ASN IC 222 90.02 -8.73 -13.66
C ASN IC 222 89.11 -9.96 -13.56
N TYR IC 223 89.54 -10.93 -12.78
CA TYR IC 223 88.86 -12.20 -12.64
C TYR IC 223 87.67 -12.07 -11.70
N GLY IC 224 86.93 -13.17 -11.56
CA GLY IC 224 85.80 -13.18 -10.66
C GLY IC 224 85.38 -14.60 -10.33
N ASN IC 225 84.46 -14.69 -9.38
CA ASN IC 225 83.91 -15.97 -8.94
C ASN IC 225 82.39 -15.89 -9.00
N LEU IC 226 81.76 -17.01 -9.33
CA LEU IC 226 80.31 -17.08 -9.40
C LEU IC 226 79.82 -18.30 -8.64
N ALA IC 227 78.70 -18.15 -7.94
CA ALA IC 227 78.08 -19.25 -7.22
C ALA IC 227 76.71 -19.53 -7.83
N VAL IC 228 76.40 -20.79 -8.05
CA VAL IC 228 75.13 -21.21 -8.66
C VAL IC 228 74.50 -22.26 -7.76
N ARG IC 229 73.27 -22.01 -7.33
CA ARG IC 229 72.47 -22.97 -6.58
C ARG IC 229 71.39 -23.50 -7.52
N LEU IC 230 71.33 -24.82 -7.67
CA LEU IC 230 70.32 -25.44 -8.48
C LEU IC 230 69.11 -25.84 -7.63
N ARG IC 231 67.99 -26.13 -8.32
CA ARG IC 231 66.75 -26.39 -7.61
C ARG IC 231 66.78 -27.76 -6.94
N GLY IC 232 67.26 -28.79 -7.63
CA GLY IC 232 67.34 -30.11 -7.05
C GLY IC 232 68.59 -30.38 -6.24
N LEU IC 233 69.55 -29.48 -6.28
CA LEU IC 233 70.86 -29.72 -5.65
C LEU IC 233 70.92 -29.06 -4.28
N ASN IC 234 71.52 -29.76 -3.33
CA ASN IC 234 71.65 -29.24 -1.98
C ASN IC 234 72.90 -28.42 -1.76
N THR IC 235 73.81 -28.38 -2.74
CA THR IC 235 75.08 -27.69 -2.57
C THR IC 235 75.39 -26.85 -3.79
N PRO IC 236 75.71 -25.57 -3.64
CA PRO IC 236 76.01 -24.73 -4.80
C PRO IC 236 77.36 -25.06 -5.43
N VAL IC 237 77.55 -24.55 -6.64
CA VAL IC 237 78.74 -24.78 -7.44
C VAL IC 237 79.41 -23.44 -7.73
N MET IC 238 80.72 -23.38 -7.56
CA MET IC 238 81.48 -22.15 -7.74
C MET IC 238 82.38 -22.26 -8.96
N LEU IC 239 82.37 -21.22 -9.78
CA LEU IC 239 83.12 -21.17 -11.03
C LEU IC 239 84.04 -19.96 -11.03
N THR IC 240 85.21 -20.11 -11.63
CA THR IC 240 86.17 -19.03 -11.72
C THR IC 240 86.20 -18.50 -13.15
N LEU IC 241 86.02 -17.20 -13.31
CA LEU IC 241 85.84 -16.58 -14.61
C LEU IC 241 86.98 -15.60 -14.85
N ILE IC 242 87.68 -15.78 -15.95
CA ILE IC 242 88.84 -14.95 -16.29
C ILE IC 242 88.64 -14.36 -17.68
N PRO IC 243 88.77 -13.05 -17.84
CA PRO IC 243 88.75 -12.45 -19.18
C PRO IC 243 90.16 -12.29 -19.74
N GLY IC 244 90.21 -11.96 -21.04
CA GLY IC 244 91.44 -11.51 -21.66
C GLY IC 244 92.52 -12.56 -21.85
N GLN IC 245 92.30 -13.50 -22.78
CA GLN IC 245 93.32 -14.48 -23.11
C GLN IC 245 93.33 -14.67 -24.62
N LYS IC 246 94.07 -15.68 -25.08
CA LYS IC 246 94.18 -15.97 -26.50
C LYS IC 246 93.07 -16.86 -27.02
N ALA IC 247 92.07 -17.17 -26.19
CA ALA IC 247 90.92 -17.94 -26.63
C ALA IC 247 89.69 -17.46 -25.88
N VAL IC 248 88.53 -17.74 -26.44
CA VAL IC 248 87.25 -17.32 -25.86
C VAL IC 248 86.27 -18.48 -25.87
N ASP IC 249 85.56 -18.64 -24.77
CA ASP IC 249 84.59 -19.73 -24.60
C ASP IC 249 83.24 -19.24 -25.12
N TYR IC 250 82.81 -19.76 -26.27
CA TYR IC 250 81.54 -19.33 -26.83
C TYR IC 250 80.36 -20.04 -26.19
N ARG IC 251 80.38 -21.37 -26.14
CA ARG IC 251 79.31 -22.15 -25.52
C ARG IC 251 79.93 -23.19 -24.63
N VAL IC 252 79.63 -23.12 -23.34
CA VAL IC 252 80.16 -24.06 -22.36
C VAL IC 252 79.02 -24.95 -21.90
N ASP IC 253 79.11 -26.23 -22.24
CA ASP IC 253 78.17 -27.23 -21.75
C ASP IC 253 78.76 -27.85 -20.50
N LEU IC 254 78.18 -27.49 -19.35
CA LEU IC 254 78.69 -27.91 -18.06
C LEU IC 254 77.83 -29.04 -17.52
N ARG IC 255 78.46 -30.16 -17.19
CA ARG IC 255 77.77 -31.34 -16.68
C ARG IC 255 78.05 -31.51 -15.20
N VAL IC 256 77.03 -31.93 -14.46
CA VAL IC 256 77.13 -32.14 -13.02
C VAL IC 256 76.91 -33.62 -12.73
N GLN IC 257 77.46 -34.07 -11.59
CA GLN IC 257 77.36 -35.48 -11.21
C GLN IC 257 75.93 -35.85 -10.83
N GLY IC 258 75.25 -34.99 -10.08
CA GLY IC 258 73.86 -35.22 -9.76
C GLY IC 258 72.94 -34.86 -10.91
N TYR IC 259 71.64 -34.99 -10.67
CA TYR IC 259 70.65 -34.69 -11.69
C TYR IC 259 69.49 -33.89 -11.10
N GLY IC 260 68.71 -33.30 -12.00
CA GLY IC 260 67.55 -32.52 -11.62
C GLY IC 260 66.31 -33.37 -11.50
N PRO IC 261 65.29 -33.07 -12.31
CA PRO IC 261 64.12 -33.96 -12.38
C PRO IC 261 64.46 -35.35 -12.89
N ASN IC 262 65.44 -35.45 -13.78
CA ASN IC 262 65.94 -36.71 -14.32
C ASN IC 262 67.29 -36.42 -14.95
N ALA IC 263 68.04 -37.48 -15.25
CA ALA IC 263 69.16 -37.36 -16.16
C ALA IC 263 68.91 -38.14 -17.45
N LYS IC 264 68.77 -39.45 -17.37
CA LYS IC 264 68.11 -40.18 -18.44
C LYS IC 264 67.23 -41.33 -17.97
N SER IC 265 67.52 -41.93 -16.82
CA SER IC 265 66.87 -43.15 -16.33
C SER IC 265 67.37 -43.39 -14.92
N MET IC 266 66.99 -44.52 -14.36
CA MET IC 266 67.60 -44.98 -13.13
C MET IC 266 68.54 -46.13 -13.42
N PRO IC 267 69.79 -46.08 -12.95
CA PRO IC 267 70.73 -47.17 -13.24
C PRO IC 267 70.37 -48.43 -12.47
N THR IC 268 70.76 -49.56 -13.04
CA THR IC 268 70.41 -50.86 -12.45
C THR IC 268 71.30 -51.14 -11.26
N GLU IC 269 70.67 -51.44 -10.13
CA GLU IC 269 71.37 -51.79 -8.90
C GLU IC 269 71.16 -53.28 -8.67
N GLU IC 270 72.22 -54.06 -8.87
CA GLU IC 270 72.14 -55.50 -8.66
C GLU IC 270 73.42 -55.98 -8.01
N GLY IC 271 73.32 -57.07 -7.26
CA GLY IC 271 74.45 -57.57 -6.51
C GLY IC 271 74.41 -59.04 -6.20
N ILE IC 272 74.71 -59.38 -4.95
CA ILE IC 272 74.79 -60.78 -4.53
C ILE IC 272 73.40 -61.39 -4.48
N PRO IC 273 73.18 -62.53 -5.13
CA PRO IC 273 71.89 -63.21 -4.99
C PRO IC 273 71.70 -63.72 -3.58
N PRO IC 274 70.46 -63.82 -3.11
CA PRO IC 274 70.23 -64.26 -1.73
C PRO IC 274 70.47 -65.74 -1.56
N SER IC 275 70.63 -66.13 -0.30
CA SER IC 275 70.87 -67.53 0.05
C SER IC 275 69.52 -68.25 0.17
N ALA IC 276 69.57 -69.49 0.66
CA ALA IC 276 68.34 -70.24 0.87
C ALA IC 276 67.56 -69.68 2.07
N ASN IC 277 66.27 -69.96 2.08
CA ASN IC 277 65.41 -69.48 3.14
C ASN IC 277 65.69 -70.24 4.44
N ASP IC 278 65.67 -69.51 5.56
CA ASP IC 278 65.89 -70.10 6.87
C ASP IC 278 64.73 -70.97 7.31
N LEU IC 279 63.57 -70.84 6.68
CA LEU IC 279 62.42 -71.69 6.99
C LEU IC 279 62.67 -73.15 6.62
N LEU IC 280 63.63 -73.40 5.73
CA LEU IC 280 64.00 -74.76 5.34
C LEU IC 280 64.49 -75.57 6.51
N LEU IC 281 65.06 -74.94 7.53
CA LEU IC 281 65.49 -75.65 8.73
C LEU IC 281 64.30 -76.21 9.50
N HIS IC 282 63.26 -75.39 9.66
CA HIS IC 282 62.05 -75.85 10.32
C HIS IC 282 61.36 -76.93 9.51
N VAL IC 283 61.37 -76.79 8.19
CA VAL IC 283 60.77 -77.81 7.33
C VAL IC 283 61.57 -79.11 7.42
N LEU IC 284 62.89 -79.03 7.53
CA LEU IC 284 63.73 -80.21 7.71
C LEU IC 284 63.44 -80.89 9.03
N GLU IC 285 63.27 -80.11 10.08
CA GLU IC 285 62.98 -80.69 11.38
C GLU IC 285 61.53 -81.15 11.51
N GLY IC 286 60.65 -80.75 10.61
CA GLY IC 286 59.27 -81.16 10.67
C GLY IC 286 58.37 -80.25 11.46
N VAL IC 287 58.91 -79.24 12.12
CA VAL IC 287 58.06 -78.22 12.73
C VAL IC 287 57.47 -77.35 11.63
N PRO IC 288 56.14 -77.20 11.57
CA PRO IC 288 55.54 -76.43 10.48
C PRO IC 288 55.83 -74.96 10.64
N PRO IC 289 55.85 -74.20 9.54
CA PRO IC 289 56.06 -72.75 9.65
C PRO IC 289 54.83 -72.09 10.23
N PRO IC 290 54.99 -70.96 10.91
CA PRO IC 290 53.82 -70.27 11.49
C PRO IC 290 52.94 -69.66 10.43
N GLY IC 291 51.64 -69.65 10.72
CA GLY IC 291 50.66 -69.07 9.83
C GLY IC 291 50.28 -69.93 8.64
N SER IC 292 50.89 -71.10 8.50
CA SER IC 292 50.63 -71.95 7.35
C SER IC 292 49.45 -72.87 7.66
N ARG IC 293 49.24 -73.85 6.79
CA ARG IC 293 48.23 -74.87 7.03
C ARG IC 293 48.69 -76.17 6.38
N ARG IC 294 48.16 -77.27 6.88
CA ARG IC 294 48.60 -78.58 6.44
C ARG IC 294 48.03 -78.91 5.07
N LEU IC 295 48.78 -79.71 4.32
CA LEU IC 295 48.36 -80.19 3.02
C LEU IC 295 48.32 -81.71 3.07
N VAL IC 296 47.20 -82.29 2.64
CA VAL IC 296 47.02 -83.73 2.72
C VAL IC 296 47.83 -84.41 1.62
N VAL IC 297 48.69 -85.33 2.02
CA VAL IC 297 49.52 -86.09 1.10
C VAL IC 297 49.04 -87.53 1.12
N SER IC 298 48.80 -88.09 -0.05
CA SER IC 298 48.33 -89.47 -0.17
C SER IC 298 49.25 -90.26 -1.09
N GLY IC 299 49.48 -91.51 -0.72
CA GLY IC 299 50.28 -92.41 -1.52
C GLY IC 299 51.75 -92.52 -1.16
N GLY IC 300 52.17 -91.92 -0.06
CA GLY IC 300 53.58 -91.97 0.30
C GLY IC 300 53.81 -91.32 1.65
N ASP IC 301 55.07 -91.29 2.05
CA ASP IC 301 55.48 -90.80 3.35
C ASP IC 301 56.12 -89.43 3.17
N ALA IC 302 55.29 -88.39 3.14
CA ALA IC 302 55.77 -87.02 3.00
C ALA IC 302 54.75 -86.10 3.63
N ARG IC 303 55.23 -84.95 4.09
CA ARG IC 303 54.36 -83.95 4.70
C ARG IC 303 54.52 -82.63 3.95
N ALA IC 304 53.47 -81.82 3.97
CA ALA IC 304 53.48 -80.60 3.17
C ALA IC 304 52.73 -79.48 3.89
N TRP IC 305 53.13 -78.26 3.57
CA TRP IC 305 52.51 -77.04 4.09
C TRP IC 305 52.57 -75.95 3.04
N LEU IC 306 51.71 -74.95 3.22
CA LEU IC 306 51.69 -73.77 2.36
C LEU IC 306 51.54 -72.53 3.23
N SER IC 307 52.51 -71.63 3.13
CA SER IC 307 52.51 -70.40 3.90
C SER IC 307 52.44 -69.16 3.03
N ASN IC 308 53.32 -69.02 2.05
CA ASN IC 308 53.36 -67.83 1.22
C ASN IC 308 52.95 -68.16 -0.20
N GLU IC 309 51.87 -68.95 -0.32
CA GLU IC 309 51.35 -69.48 -1.58
C GLU IC 309 52.41 -70.30 -2.30
N LYS IC 310 53.24 -71.00 -1.52
CA LYS IC 310 54.29 -71.87 -2.04
C LYS IC 310 54.27 -73.16 -1.24
N MET IC 311 54.69 -74.24 -1.88
CA MET IC 311 54.64 -75.55 -1.25
C MET IC 311 55.96 -75.89 -0.59
N TYR IC 312 55.88 -76.33 0.66
CA TYR IC 312 57.00 -76.87 1.40
C TYR IC 312 56.70 -78.33 1.69
N VAL IC 313 57.65 -79.20 1.39
CA VAL IC 313 57.43 -80.64 1.55
C VAL IC 313 58.67 -81.27 2.20
N ARG IC 314 58.43 -82.05 3.24
CA ARG IC 314 59.47 -82.84 3.90
C ARG IC 314 59.24 -84.31 3.58
N THR IC 315 60.31 -84.97 3.14
CA THR IC 315 60.26 -86.40 2.80
C THR IC 315 61.66 -86.97 2.92
N ASN IC 316 61.82 -88.19 2.45
CA ASN IC 316 63.12 -88.84 2.33
C ASN IC 316 63.28 -89.47 0.96
N LEU IC 317 62.66 -88.88 -0.05
CA LEU IC 317 62.63 -89.40 -1.40
C LEU IC 317 63.22 -88.38 -2.37
N THR IC 318 63.04 -88.62 -3.67
CA THR IC 318 63.56 -87.75 -4.71
C THR IC 318 62.47 -87.42 -5.71
N ILE IC 319 61.97 -86.18 -5.66
CA ILE IC 319 60.88 -85.76 -6.53
C ILE IC 319 61.38 -85.57 -7.96
N LEU IC 320 60.45 -85.65 -8.90
CA LEU IC 320 60.82 -85.63 -10.31
C LEU IC 320 60.20 -84.49 -11.10
N SER IC 321 58.86 -84.33 -11.04
CA SER IC 321 58.19 -83.58 -12.12
C SER IC 321 58.41 -82.07 -12.06
N PRO IC 322 57.95 -81.33 -11.04
CA PRO IC 322 57.81 -79.87 -11.25
C PRO IC 322 59.10 -79.08 -11.14
N GLY IC 323 60.11 -79.57 -10.42
CA GLY IC 323 61.32 -78.80 -10.24
C GLY IC 323 61.19 -77.85 -9.08
N TRP IC 324 62.08 -77.94 -8.11
CA TRP IC 324 61.92 -77.19 -6.86
C TRP IC 324 62.72 -75.89 -6.89
N LEU IC 325 62.21 -74.90 -6.19
CA LEU IC 325 62.91 -73.63 -6.08
C LEU IC 325 64.09 -73.75 -5.13
N ALA IC 326 63.93 -74.45 -4.02
CA ALA IC 326 65.03 -74.59 -3.08
C ALA IC 326 64.93 -75.93 -2.38
N SER IC 327 66.09 -76.48 -2.01
CA SER IC 327 66.14 -77.75 -1.33
C SER IC 327 67.10 -77.69 -0.14
N MET IC 328 66.75 -78.45 0.90
CA MET IC 328 67.56 -78.58 2.09
C MET IC 328 67.67 -80.06 2.43
N THR IC 329 68.81 -80.44 3.01
CA THR IC 329 69.08 -81.83 3.31
C THR IC 329 69.61 -81.95 4.72
N SER IC 330 69.09 -82.92 5.47
CA SER IC 330 69.62 -83.27 6.77
C SER IC 330 70.89 -84.10 6.61
N ALA IC 331 71.47 -84.49 7.73
CA ALA IC 331 72.57 -85.45 7.70
C ALA IC 331 72.09 -86.87 7.47
N ASP IC 332 70.79 -87.13 7.62
CA ASP IC 332 70.23 -88.47 7.50
C ASP IC 332 69.60 -88.72 6.15
N GLY IC 333 69.83 -87.83 5.18
CA GLY IC 333 69.19 -87.98 3.89
C GLY IC 333 67.77 -87.50 3.82
N THR IC 334 67.26 -86.91 4.89
CA THR IC 334 65.94 -86.31 4.86
C THR IC 334 65.97 -85.06 4.00
N HIS IC 335 65.11 -85.01 2.99
CA HIS IC 335 65.09 -83.92 2.05
C HIS IC 335 63.87 -83.04 2.30
N ALA IC 336 64.03 -81.76 2.00
CA ALA IC 336 62.95 -80.80 2.09
C ALA IC 336 63.01 -79.91 0.86
N TYR IC 337 61.85 -79.58 0.32
CA TYR IC 337 61.77 -78.81 -0.91
C TYR IC 337 60.75 -77.70 -0.79
N GLU IC 338 61.10 -76.54 -1.32
CA GLU IC 338 60.16 -75.46 -1.55
C GLU IC 338 60.03 -75.26 -3.06
N MET IC 339 58.78 -75.26 -3.52
CA MET IC 339 58.48 -75.04 -4.93
C MET IC 339 57.13 -74.35 -5.01
N GLN IC 340 56.58 -74.28 -6.22
CA GLN IC 340 55.24 -73.72 -6.40
C GLN IC 340 54.19 -74.76 -6.03
N LYS IC 341 52.93 -74.35 -6.09
CA LYS IC 341 51.83 -75.26 -5.84
C LYS IC 341 51.56 -76.14 -7.06
N SER IC 342 51.27 -77.41 -6.79
CA SER IC 342 51.01 -78.37 -7.85
C SER IC 342 50.13 -79.46 -7.27
N PRO IC 343 49.10 -79.92 -8.01
CA PRO IC 343 48.24 -80.98 -7.49
C PRO IC 343 48.87 -82.36 -7.55
N VAL IC 344 49.97 -82.52 -8.28
CA VAL IC 344 50.58 -83.83 -8.50
C VAL IC 344 52.07 -83.74 -8.21
N LEU IC 345 52.66 -84.89 -7.96
CA LEU IC 345 54.10 -85.04 -7.81
C LEU IC 345 54.55 -86.33 -8.46
N LEU IC 346 55.76 -86.33 -8.99
CA LEU IC 346 56.37 -87.54 -9.50
C LEU IC 346 57.61 -87.84 -8.66
N VAL IC 347 57.79 -89.10 -8.32
CA VAL IC 347 58.86 -89.51 -7.43
C VAL IC 347 59.47 -90.81 -7.96
N SER IC 348 60.69 -91.10 -7.51
CA SER IC 348 61.34 -92.37 -7.77
C SER IC 348 61.59 -93.06 -6.44
N TRP IC 349 61.16 -94.31 -6.33
CA TRP IC 349 61.24 -95.02 -5.06
C TRP IC 349 62.53 -95.84 -4.96
N HIS IC 350 62.67 -96.83 -5.83
CA HIS IC 350 63.86 -97.68 -5.87
C HIS IC 350 64.19 -97.99 -7.32
N GLY IC 351 64.22 -96.96 -8.15
CA GLY IC 351 64.30 -97.14 -9.59
C GLY IC 351 62.95 -97.30 -10.24
N LYS IC 352 61.87 -97.30 -9.46
CA LYS IC 352 60.51 -97.39 -9.96
C LYS IC 352 59.82 -96.06 -9.76
N VAL IC 353 59.10 -95.61 -10.77
CA VAL IC 353 58.53 -94.27 -10.78
C VAL IC 353 57.10 -94.32 -10.24
N MET IC 354 56.79 -93.44 -9.31
CA MET IC 354 55.50 -93.40 -8.63
C MET IC 354 54.95 -91.98 -8.68
N GLN IC 355 53.64 -91.88 -8.51
CA GLN IC 355 52.94 -90.60 -8.51
C GLN IC 355 52.33 -90.34 -7.14
N LEU IC 356 52.26 -89.06 -6.78
CA LEU IC 356 51.67 -88.62 -5.52
C LEU IC 356 50.60 -87.58 -5.81
N LYS IC 357 49.44 -87.76 -5.19
CA LYS IC 357 48.33 -86.82 -5.32
C LYS IC 357 48.38 -85.84 -4.17
N VAL IC 358 48.45 -84.55 -4.49
CA VAL IC 358 48.50 -83.51 -3.48
C VAL IC 358 47.08 -83.05 -3.21
N GLU IC 359 46.67 -83.11 -1.94
CA GLU IC 359 45.32 -82.77 -1.55
C GLU IC 359 45.35 -81.62 -0.54
N GLY IC 360 44.39 -80.71 -0.67
CA GLY IC 360 44.31 -79.57 0.22
C GLY IC 360 44.16 -78.30 -0.58
N LEU IC 361 44.24 -78.42 -1.89
CA LEU IC 361 44.09 -77.28 -2.78
C LEU IC 361 42.63 -77.07 -3.11
N VAL JC 38 34.00 -83.61 44.13
CA VAL JC 38 33.66 -84.70 45.04
C VAL JC 38 33.08 -85.97 44.34
N PRO JC 39 32.16 -85.86 43.36
CA PRO JC 39 31.85 -87.08 42.57
C PRO JC 39 33.01 -87.49 41.67
N LYS JC 40 33.87 -86.56 41.28
CA LYS JC 40 35.06 -86.86 40.52
C LYS JC 40 36.31 -86.91 41.38
N LEU JC 41 36.32 -86.20 42.50
CA LEU JC 41 37.44 -86.29 43.42
C LEU JC 41 37.42 -87.65 44.13
N PRO JC 42 38.58 -88.23 44.41
CA PRO JC 42 38.61 -89.53 45.08
C PRO JC 42 38.18 -89.44 46.53
N CYS JC 43 37.68 -90.56 47.04
CA CYS JC 43 37.22 -90.67 48.43
C CYS JC 43 38.22 -91.39 49.32
N ARG JC 44 38.87 -92.43 48.80
CA ARG JC 44 39.83 -93.22 49.56
C ARG JC 44 41.02 -93.53 48.65
N VAL JC 45 42.03 -94.18 49.21
CA VAL JC 45 43.11 -94.70 48.37
C VAL JC 45 42.60 -95.90 47.59
N ASP JC 46 43.15 -96.08 46.40
CA ASP JC 46 42.63 -97.09 45.48
C ASP JC 46 43.00 -98.50 45.91
N GLY JC 47 42.05 -99.42 45.75
CA GLY JC 47 42.25 -100.81 46.11
C GLY JC 47 42.44 -101.03 47.59
N ALA JC 48 41.59 -100.40 48.41
CA ALA JC 48 41.76 -100.44 49.86
C ALA JC 48 40.47 -100.90 50.52
N CYS JC 49 40.60 -101.85 51.44
CA CYS JC 49 39.48 -102.32 52.25
C CYS JC 49 40.03 -102.87 53.55
N ASP JC 50 39.67 -102.21 54.66
CA ASP JC 50 40.22 -102.58 55.95
C ASP JC 50 39.71 -103.94 56.43
N ALA JC 51 38.53 -104.33 55.95
CA ALA JC 51 38.05 -105.70 56.20
C ALA JC 51 38.96 -106.72 55.55
N THR JC 52 39.41 -106.45 54.33
CA THR JC 52 40.39 -107.33 53.69
C THR JC 52 41.73 -107.27 54.39
N ILE JC 53 42.09 -106.10 54.93
CA ILE JC 53 43.35 -105.94 55.66
C ILE JC 53 43.38 -106.86 56.88
N ILE JC 54 42.33 -106.77 57.71
CA ILE JC 54 42.29 -107.60 58.91
C ILE JC 54 42.03 -109.05 58.55
N LYS JC 55 41.39 -109.31 57.40
CA LYS JC 55 41.20 -110.66 56.91
C LYS JC 55 42.53 -111.34 56.62
N MET JC 56 43.38 -110.68 55.84
CA MET JC 56 44.64 -111.32 55.47
C MET JC 56 45.63 -111.32 56.62
N MET JC 57 45.53 -110.36 57.55
CA MET JC 57 46.35 -110.44 58.75
C MET JC 57 45.95 -111.64 59.60
N THR JC 58 44.64 -111.87 59.76
CA THR JC 58 44.16 -113.02 60.52
C THR JC 58 44.53 -114.34 59.83
N ASP JC 59 44.43 -114.38 58.50
CA ASP JC 59 44.76 -115.59 57.77
C ASP JC 59 46.26 -115.88 57.83
N LEU JC 60 47.09 -114.85 57.79
CA LEU JC 60 48.53 -115.05 57.92
C LEU JC 60 48.90 -115.53 59.31
N ASN JC 61 48.25 -114.98 60.34
CA ASN JC 61 48.49 -115.46 61.69
C ASN JC 61 47.99 -116.89 61.88
N LYS JC 62 46.92 -117.28 61.18
CA LYS JC 62 46.50 -118.67 61.21
C LYS JC 62 47.47 -119.57 60.45
N LYS JC 63 48.09 -119.06 59.38
CA LYS JC 63 49.10 -119.82 58.68
C LYS JC 63 50.40 -119.91 59.47
N GLY JC 64 50.60 -119.03 60.44
CA GLY JC 64 51.76 -119.08 61.29
C GLY JC 64 52.87 -118.14 60.90
N ILE JC 65 52.81 -117.62 59.67
CA ILE JC 65 53.69 -116.52 59.28
C ILE JC 65 53.28 -115.30 60.11
N LYS JC 66 54.24 -114.74 60.84
CA LYS JC 66 53.89 -113.78 61.87
C LYS JC 66 53.81 -112.39 61.29
N VAL JC 67 52.74 -111.68 61.61
CA VAL JC 67 52.56 -110.29 61.23
C VAL JC 67 52.34 -109.50 62.52
N ALA JC 68 53.15 -108.45 62.72
CA ALA JC 68 53.06 -107.62 63.91
C ALA JC 68 53.13 -106.16 63.53
N SER JC 69 52.45 -105.33 64.30
CA SER JC 69 52.48 -103.90 64.09
C SER JC 69 52.30 -103.19 65.43
N VAL JC 70 53.18 -102.24 65.71
CA VAL JC 70 53.09 -101.40 66.89
C VAL JC 70 53.25 -99.96 66.45
N GLY JC 71 52.30 -99.11 66.83
CA GLY JC 71 52.29 -97.73 66.41
C GLY JC 71 52.16 -97.56 64.93
N GLN JC 72 53.22 -97.05 64.29
CA GLN JC 72 53.24 -96.84 62.85
C GLN JC 72 54.30 -97.69 62.16
N ASN JC 73 54.80 -98.72 62.83
CA ASN JC 73 55.79 -99.61 62.25
C ASN JC 73 55.18 -100.98 62.03
N TYR JC 74 55.55 -101.62 60.93
CA TYR JC 74 55.00 -102.92 60.55
C TYR JC 74 56.16 -103.87 60.30
N LEU JC 75 56.09 -105.05 60.91
CA LEU JC 75 57.10 -106.08 60.77
C LEU JC 75 56.45 -107.42 60.50
N ILE JC 76 57.13 -108.24 59.72
CA ILE JC 76 56.61 -109.56 59.35
C ILE JC 76 57.76 -110.55 59.37
N SER JC 77 57.50 -111.71 59.95
CA SER JC 77 58.49 -112.76 60.16
C SER JC 77 58.05 -114.03 59.45
N ILE JC 78 58.96 -114.63 58.71
CA ILE JC 78 58.72 -115.88 58.00
C ILE JC 78 59.84 -116.86 58.33
N PRO JC 79 59.51 -118.06 58.82
CA PRO JC 79 60.55 -119.10 58.98
C PRO JC 79 61.02 -119.60 57.62
N ALA JC 80 62.33 -119.71 57.47
CA ALA JC 80 62.95 -120.05 56.20
C ALA JC 80 62.74 -121.50 55.79
N SER JC 81 62.34 -122.36 56.72
CA SER JC 81 62.08 -123.76 56.38
C SER JC 81 60.87 -123.90 55.47
N ALA JC 82 59.91 -122.98 55.56
CA ALA JC 82 58.79 -122.94 54.66
C ALA JC 82 59.09 -122.19 53.37
N LEU JC 83 60.32 -121.67 53.23
CA LEU JC 83 60.67 -120.84 52.09
C LEU JC 83 61.78 -121.39 51.22
N PHE JC 84 62.63 -122.27 51.73
CA PHE JC 84 63.75 -122.79 50.95
C PHE JC 84 63.93 -124.26 51.26
N ALA JC 85 64.92 -124.87 50.60
CA ALA JC 85 65.48 -126.12 51.06
C ALA JC 85 66.54 -125.81 52.10
N ASP JC 86 67.21 -126.84 52.61
CA ASP JC 86 68.17 -126.66 53.70
C ASP JC 86 69.45 -126.03 53.16
N GLN JC 87 69.86 -124.93 53.80
CA GLN JC 87 71.15 -124.27 53.57
C GLN JC 87 71.33 -123.82 52.13
N SER JC 88 70.24 -123.45 51.45
CA SER JC 88 70.29 -123.21 50.03
C SER JC 88 69.46 -122.02 49.60
N PRO JC 89 69.95 -121.22 48.67
CA PRO JC 89 69.19 -120.06 48.15
C PRO JC 89 68.34 -120.43 46.93
N ARG JC 90 67.44 -121.39 47.10
CA ARG JC 90 66.60 -121.85 46.01
C ARG JC 90 65.14 -121.84 46.46
N LEU JC 91 64.27 -121.37 45.57
CA LEU JC 91 62.86 -121.14 45.88
C LEU JC 91 62.03 -122.34 45.47
N ASN JC 92 61.19 -122.81 46.38
CA ASN JC 92 60.24 -123.84 46.02
C ASN JC 92 59.15 -123.27 45.12
N TRP JC 93 58.58 -124.14 44.29
CA TRP JC 93 57.55 -123.70 43.36
C TRP JC 93 56.24 -123.38 44.08
N ALA JC 94 56.01 -124.00 45.23
CA ALA JC 94 54.79 -123.74 46.01
C ALA JC 94 54.87 -122.44 46.79
N SER JC 95 56.03 -121.80 46.87
CA SER JC 95 56.18 -120.56 47.61
C SER JC 95 55.52 -119.37 46.95
N TYR JC 96 55.17 -119.48 45.67
CA TYR JC 96 54.68 -118.32 44.91
C TYR JC 96 53.31 -117.90 45.36
N SER JC 97 52.50 -118.82 45.88
CA SER JC 97 51.22 -118.44 46.48
C SER JC 97 51.43 -117.55 47.71
N LEU JC 98 52.38 -117.93 48.55
CA LEU JC 98 52.70 -117.13 49.73
C LEU JC 98 53.30 -115.78 49.34
N LEU JC 99 54.15 -115.78 48.32
CA LEU JC 99 54.74 -114.53 47.84
C LEU JC 99 53.70 -113.61 47.24
N ASN JC 100 52.73 -114.19 46.53
CA ASN JC 100 51.63 -113.42 45.98
C ASN JC 100 50.75 -112.86 47.09
N GLU JC 101 50.57 -113.63 48.17
CA GLU JC 101 49.83 -113.14 49.32
C GLU JC 101 50.56 -111.98 49.99
N ILE JC 102 51.89 -112.07 50.06
CA ILE JC 102 52.71 -111.01 50.63
C ILE JC 102 52.60 -109.74 49.80
N ALA JC 103 52.64 -109.89 48.47
CA ALA JC 103 52.48 -108.74 47.59
C ALA JC 103 51.09 -108.13 47.70
N ALA JC 104 50.07 -108.98 47.84
CA ALA JC 104 48.70 -108.51 47.99
C ALA JC 104 48.52 -107.73 49.29
N PHE JC 105 49.20 -108.15 50.35
CA PHE JC 105 49.17 -107.37 51.58
C PHE JC 105 49.93 -106.06 51.43
N LEU JC 106 51.09 -106.10 50.78
CA LEU JC 106 51.95 -104.93 50.74
C LEU JC 106 51.44 -103.86 49.78
N LYS JC 107 50.58 -104.23 48.84
CA LYS JC 107 50.08 -103.24 47.88
C LYS JC 107 49.08 -102.26 48.48
N GLN JC 108 48.68 -102.43 49.73
CA GLN JC 108 47.58 -101.65 50.29
C GLN JC 108 48.03 -100.39 51.02
N PHE JC 109 49.32 -100.09 51.06
CA PHE JC 109 49.81 -98.97 51.84
C PHE JC 109 50.70 -98.08 50.99
N ARG JC 110 50.93 -96.87 51.47
CA ARG JC 110 51.94 -95.99 50.91
C ARG JC 110 53.10 -95.88 51.90
N LYS JC 111 54.31 -95.94 51.36
CA LYS JC 111 55.50 -95.95 52.19
C LYS JC 111 56.66 -95.38 51.39
N ILE JC 112 57.83 -95.35 52.02
CA ILE JC 112 59.05 -94.84 51.42
C ILE JC 112 60.09 -95.93 51.26
N ALA JC 113 60.41 -96.63 52.35
CA ALA JC 113 61.52 -97.56 52.39
C ALA JC 113 61.05 -98.93 52.86
N ILE JC 114 61.74 -99.96 52.40
CA ILE JC 114 61.50 -101.34 52.80
C ILE JC 114 62.83 -101.91 53.29
N THR JC 115 62.82 -102.54 54.46
CA THR JC 115 64.03 -103.16 54.98
C THR JC 115 63.84 -104.67 55.08
N VAL JC 116 64.80 -105.41 54.57
CA VAL JC 116 64.76 -106.87 54.48
C VAL JC 116 65.98 -107.43 55.20
N THR JC 117 65.76 -108.32 56.15
CA THR JC 117 66.85 -108.97 56.86
C THR JC 117 66.62 -110.47 56.94
N SER JC 118 67.71 -111.21 57.06
CA SER JC 118 67.65 -112.66 57.14
C SER JC 118 68.57 -113.15 58.26
N TYR JC 119 68.17 -114.25 58.87
CA TYR JC 119 68.93 -114.87 59.95
C TYR JC 119 68.92 -116.37 59.75
N SER JC 120 69.98 -117.01 60.25
CA SER JC 120 70.14 -118.45 60.07
C SER JC 120 70.91 -118.99 61.26
N SER JC 121 71.46 -120.19 61.13
CA SER JC 121 72.26 -120.83 62.15
C SER JC 121 73.71 -120.93 61.68
N LYS JC 122 74.59 -121.22 62.64
CA LYS JC 122 76.00 -121.42 62.34
C LYS JC 122 76.16 -122.78 61.67
N TYR JC 123 76.70 -122.78 60.45
CA TYR JC 123 76.70 -123.99 59.64
C TYR JC 123 78.11 -124.48 59.31
N VAL JC 124 78.92 -123.70 58.61
CA VAL JC 124 80.26 -124.12 58.24
C VAL JC 124 81.25 -123.02 58.62
N SER JC 125 80.92 -121.80 58.23
CA SER JC 125 81.81 -120.65 58.36
C SER JC 125 80.97 -119.55 58.99
N VAL JC 126 81.43 -118.31 58.87
CA VAL JC 126 80.58 -117.16 59.04
C VAL JC 126 80.17 -116.57 57.68
N LYS JC 127 81.14 -116.49 56.78
CA LYS JC 127 80.92 -115.90 55.46
C LYS JC 127 79.93 -116.71 54.64
N ARG JC 128 79.86 -118.03 54.88
CA ARG JC 128 78.98 -118.90 54.12
C ARG JC 128 77.51 -118.54 54.34
N GLU JC 129 77.08 -118.46 55.59
CA GLU JC 129 75.70 -118.09 55.85
C GLU JC 129 75.47 -116.60 55.69
N ARG JC 130 76.51 -115.76 55.81
CA ARG JC 130 76.34 -114.36 55.46
C ARG JC 130 76.01 -114.20 53.99
N ALA JC 131 76.70 -114.95 53.13
CA ALA JC 131 76.42 -114.93 51.70
C ALA JC 131 75.07 -115.56 51.40
N LEU JC 132 74.69 -116.60 52.15
CA LEU JC 132 73.38 -117.22 51.96
C LEU JC 132 72.26 -116.25 52.27
N THR JC 133 72.38 -115.53 53.39
CA THR JC 133 71.38 -114.53 53.76
C THR JC 133 71.35 -113.39 52.77
N LEU JC 134 72.52 -112.97 52.28
CA LEU JC 134 72.59 -111.93 51.25
C LEU JC 134 71.90 -112.37 49.98
N ALA JC 135 72.09 -113.62 49.58
CA ALA JC 135 71.47 -114.14 48.36
C ALA JC 135 69.97 -114.25 48.50
N ARG JC 136 69.50 -114.72 49.66
CA ARG JC 136 68.06 -114.85 49.87
C ARG JC 136 67.37 -113.49 49.90
N SER JC 137 68.01 -112.52 50.56
CA SER JC 137 67.51 -111.15 50.54
C SER JC 137 67.50 -110.57 49.13
N ARG JC 138 68.55 -110.85 48.36
CA ARG JC 138 68.65 -110.34 47.00
C ARG JC 138 67.56 -110.90 46.10
N VAL JC 139 67.30 -112.20 46.20
CA VAL JC 139 66.31 -112.80 45.32
C VAL JC 139 64.90 -112.40 45.74
N VAL JC 140 64.63 -112.24 47.04
CA VAL JC 140 63.29 -111.83 47.43
C VAL JC 140 63.06 -110.36 47.07
N SER JC 141 64.11 -109.53 47.13
CA SER JC 141 63.98 -108.14 46.71
C SER JC 141 63.76 -108.03 45.21
N GLU JC 142 64.45 -108.88 44.43
CA GLU JC 142 64.29 -108.85 42.98
C GLU JC 142 62.89 -109.27 42.58
N TYR JC 143 62.35 -110.32 43.19
CA TYR JC 143 60.99 -110.73 42.84
C TYR JC 143 59.96 -109.70 43.31
N LEU JC 144 60.17 -109.10 44.47
CA LEU JC 144 59.21 -108.12 44.95
C LEU JC 144 59.25 -106.82 44.15
N TRP JC 145 60.44 -106.44 43.66
CA TRP JC 145 60.52 -105.29 42.77
C TRP JC 145 59.90 -105.60 41.42
N SER JC 146 60.03 -106.83 40.95
CA SER JC 146 59.35 -107.25 39.72
C SER JC 146 57.84 -107.18 39.89
N GLN JC 147 57.35 -107.60 41.06
CA GLN JC 147 55.95 -107.43 41.35
C GLN JC 147 55.62 -105.96 41.61
N GLY JC 148 54.33 -105.66 41.57
CA GLY JC 148 53.87 -104.29 41.61
C GLY JC 148 53.75 -103.69 43.00
N VAL JC 149 54.86 -103.66 43.73
CA VAL JC 149 54.88 -102.94 44.99
C VAL JC 149 55.07 -101.45 44.72
N ASP JC 150 54.73 -100.63 45.70
CA ASP JC 150 54.87 -99.19 45.58
C ASP JC 150 55.73 -98.68 46.73
N SER JC 151 57.02 -98.53 46.46
CA SER JC 151 57.92 -97.86 47.37
C SER JC 151 58.94 -97.10 46.52
N ARG JC 152 59.93 -96.52 47.19
CA ARG JC 152 61.01 -95.86 46.50
C ARG JC 152 62.34 -96.60 46.67
N ILE JC 153 62.66 -97.00 47.89
CA ILE JC 153 63.93 -97.63 48.21
C ILE JC 153 63.67 -98.98 48.82
N ILE JC 154 64.37 -100.01 48.34
CA ILE JC 154 64.38 -101.31 48.99
C ILE JC 154 65.82 -101.62 49.37
N PHE JC 155 66.02 -101.87 50.66
CA PHE JC 155 67.30 -102.25 51.23
C PHE JC 155 67.37 -103.74 51.43
N THR JC 156 68.58 -104.29 51.37
CA THR JC 156 68.79 -105.72 51.55
C THR JC 156 70.11 -105.94 52.25
N GLN JC 157 70.04 -106.65 53.37
CA GLN JC 157 71.21 -107.08 54.13
C GLN JC 157 70.82 -108.33 54.87
N GLY JC 158 71.81 -109.15 55.18
CA GLY JC 158 71.55 -110.39 55.86
C GLY JC 158 72.76 -110.89 56.61
N LEU JC 159 72.58 -111.23 57.89
CA LEU JC 159 73.71 -111.53 58.75
C LEU JC 159 73.80 -112.97 59.19
N GLY JC 160 72.68 -113.66 59.34
CA GLY JC 160 72.70 -115.07 59.71
C GLY JC 160 72.65 -115.33 61.19
N SER JC 161 73.66 -116.01 61.72
CA SER JC 161 73.68 -116.44 63.11
C SER JC 161 74.44 -115.47 64.00
N ASP JC 162 74.41 -114.19 63.67
CA ASP JC 162 75.14 -113.19 64.42
C ASP JC 162 74.32 -112.58 65.55
N LYS JC 163 73.04 -112.31 65.30
CA LYS JC 163 72.15 -111.72 66.30
C LYS JC 163 70.88 -112.57 66.38
N PRO JC 164 70.95 -113.70 67.07
CA PRO JC 164 69.77 -114.57 67.17
C PRO JC 164 68.79 -114.02 68.20
N ILE JC 165 67.63 -114.64 68.24
CA ILE JC 165 66.57 -114.22 69.16
C ILE JC 165 66.16 -115.31 70.14
N THR JC 166 66.59 -116.55 69.93
CA THR JC 166 66.17 -117.65 70.78
C THR JC 166 67.40 -118.43 71.20
N SER JC 167 67.52 -118.70 72.51
CA SER JC 167 68.62 -119.51 73.01
C SER JC 167 68.45 -120.99 72.66
N TYR JC 168 67.24 -121.41 72.31
CA TYR JC 168 67.00 -122.82 71.99
C TYR JC 168 67.59 -123.16 70.62
N THR JC 169 68.81 -123.68 70.61
CA THR JC 169 69.55 -123.92 69.37
C THR JC 169 69.68 -125.41 69.09
N LEU JC 170 68.63 -126.17 69.35
CA LEU JC 170 68.64 -127.59 69.01
C LEU JC 170 68.60 -127.78 67.50
N GLY JC 171 67.68 -127.12 66.81
CA GLY JC 171 67.52 -127.32 65.39
C GLY JC 171 68.54 -126.59 64.56
N GLY JC 172 68.60 -126.95 63.28
CA GLY JC 172 69.47 -126.27 62.34
C GLY JC 172 68.69 -125.27 61.50
N ASP JC 173 68.39 -125.63 60.26
CA ASP JC 173 67.50 -124.80 59.47
C ASP JC 173 66.04 -124.95 59.88
N ARG JC 174 65.71 -126.02 60.60
CA ARG JC 174 64.39 -126.16 61.20
C ARG JC 174 64.21 -125.28 62.42
N SER JC 175 65.30 -124.75 62.99
CA SER JC 175 65.20 -123.86 64.13
C SER JC 175 64.57 -122.53 63.71
N PRO JC 176 63.80 -121.89 64.60
CA PRO JC 176 63.08 -120.67 64.22
C PRO JC 176 63.96 -119.47 63.96
N ASN JC 177 65.24 -119.51 64.35
CA ASN JC 177 66.14 -118.42 64.01
C ASN JC 177 66.47 -118.40 62.52
N ALA JC 178 66.29 -119.52 61.82
CA ALA JC 178 66.33 -119.52 60.36
C ALA JC 178 65.07 -118.82 59.88
N ARG JC 179 65.21 -117.53 59.55
CA ARG JC 179 64.04 -116.68 59.41
C ARG JC 179 64.38 -115.50 58.50
N VAL JC 180 63.33 -114.83 58.05
CA VAL JC 180 63.45 -113.58 57.32
C VAL JC 180 62.43 -112.60 57.89
N GLU JC 181 62.86 -111.36 58.06
CA GLU JC 181 62.02 -110.30 58.60
C GLU JC 181 61.98 -109.13 57.64
N ILE JC 182 60.78 -108.63 57.38
CA ILE JC 182 60.57 -107.45 56.56
C ILE JC 182 59.95 -106.38 57.43
N THR JC 183 60.41 -105.15 57.27
CA THR JC 183 59.90 -104.06 58.09
C THR JC 183 59.75 -102.80 57.27
N PHE JC 184 58.77 -101.99 57.65
CA PHE JC 184 58.59 -100.65 57.09
C PHE JC 184 57.79 -99.80 58.06
N ARG JC 185 57.57 -98.54 57.67
CA ARG JC 185 56.73 -97.62 58.40
C ARG JC 185 55.76 -96.97 57.44
N ARG JC 186 54.47 -97.05 57.75
CA ARG JC 186 53.46 -96.38 56.95
C ARG JC 186 53.54 -94.87 57.18
N ALA JC 187 53.60 -94.11 56.08
CA ALA JC 187 53.80 -92.67 56.16
C ALA JC 187 52.59 -91.97 55.56
N VAL JC 188 51.77 -91.37 56.44
CA VAL JC 188 50.59 -90.58 56.11
C VAL JC 188 49.59 -91.34 55.24
N CYS KC 42 55.10 -137.73 40.34
CA CYS KC 42 54.96 -136.28 40.42
C CYS KC 42 55.85 -135.59 39.39
N PHE KC 43 55.87 -134.26 39.42
CA PHE KC 43 56.68 -133.49 38.50
C PHE KC 43 57.01 -132.14 39.11
N HIS KC 44 58.21 -131.64 38.82
CA HIS KC 44 58.57 -130.29 39.21
C HIS KC 44 58.63 -129.40 37.98
N PRO KC 45 57.77 -128.39 37.89
CA PRO KC 45 57.85 -127.40 36.81
C PRO KC 45 59.18 -126.67 36.76
N PRO KC 46 59.88 -126.44 37.91
CA PRO KC 46 61.29 -126.04 37.65
C PRO KC 46 62.18 -127.21 37.24
N TYR KC 47 62.11 -127.55 35.95
CA TYR KC 47 63.02 -128.43 35.22
C TYR KC 47 63.06 -129.89 35.69
N ASN KC 48 62.24 -130.23 36.70
CA ASN KC 48 62.24 -131.52 37.38
C ASN KC 48 63.64 -131.90 37.89
N ASN KC 49 64.36 -130.88 38.38
CA ASN KC 49 65.71 -131.00 38.95
C ASN KC 49 66.69 -131.63 37.97
N PHE KC 50 66.53 -131.29 36.69
CA PHE KC 50 67.37 -131.77 35.58
C PHE KC 50 67.39 -133.28 35.48
N GLN KC 51 66.26 -133.90 35.75
CA GLN KC 51 66.19 -135.35 35.65
C GLN KC 51 65.29 -135.74 34.50
N PRO KC 52 65.81 -136.46 33.51
CA PRO KC 52 64.95 -136.95 32.42
C PRO KC 52 64.00 -138.04 32.90
N ASP KC 53 62.73 -137.69 33.02
CA ASP KC 53 61.75 -138.56 33.66
C ASP KC 53 60.99 -139.37 32.61
N ARG KC 54 60.01 -140.13 33.09
CA ARG KC 54 59.05 -140.84 32.25
C ARG KC 54 57.68 -140.25 32.48
N ARG KC 55 57.00 -139.88 31.39
CA ARG KC 55 55.76 -139.13 31.46
C ARG KC 55 54.53 -139.94 31.08
N ALA KC 56 54.64 -140.80 30.06
CA ALA KC 56 53.49 -141.58 29.61
C ALA KC 56 53.13 -142.73 30.53
N VAL KC 57 53.97 -143.03 31.52
CA VAL KC 57 53.69 -144.13 32.44
C VAL KC 57 52.48 -143.81 33.32
N LYS KC 58 52.34 -142.53 33.72
CA LYS KC 58 51.16 -142.12 34.48
C LYS KC 58 49.91 -142.21 33.63
N ARG KC 59 50.02 -141.90 32.33
CA ARG KC 59 48.87 -141.97 31.45
C ARG KC 59 48.47 -143.42 31.18
N VAL KC 60 49.43 -144.32 31.01
CA VAL KC 60 49.05 -145.72 30.81
C VAL KC 60 48.53 -146.34 32.10
N GLY KC 61 49.00 -145.87 33.26
CA GLY KC 61 48.43 -146.32 34.53
C GLY KC 61 47.00 -145.86 34.71
N VAL KC 62 46.72 -144.58 34.40
CA VAL KC 62 45.37 -144.07 34.55
C VAL KC 62 44.44 -144.59 33.45
N ASP KC 63 44.99 -145.07 32.33
CA ASP KC 63 44.15 -145.71 31.33
C ASP KC 63 43.87 -147.16 31.68
N THR KC 64 44.81 -147.85 32.31
CA THR KC 64 44.51 -149.19 32.82
C THR KC 64 43.54 -149.13 34.00
N GLY KC 65 43.58 -148.05 34.77
CA GLY KC 65 42.63 -147.87 35.85
C GLY KC 65 41.26 -147.44 35.37
N GLY KC 88 42.34 -148.19 29.01
CA GLY KC 88 42.93 -149.45 28.58
C GLY KC 88 44.42 -149.38 28.36
N GLY KC 89 45.08 -150.52 28.56
CA GLY KC 89 46.51 -150.59 28.31
C GLY KC 89 46.87 -150.36 26.85
N THR KC 90 46.03 -150.87 25.95
CA THR KC 90 46.27 -150.69 24.52
C THR KC 90 46.09 -149.24 24.09
N VAL KC 91 45.03 -148.59 24.57
CA VAL KC 91 44.81 -147.19 24.18
C VAL KC 91 45.85 -146.29 24.84
N GLY KC 92 46.31 -146.64 26.04
CA GLY KC 92 47.42 -145.91 26.64
C GLY KC 92 48.72 -146.09 25.89
N LEU KC 93 48.98 -147.30 25.40
CA LEU KC 93 50.20 -147.56 24.64
C LEU KC 93 50.19 -146.84 23.29
N VAL KC 94 49.04 -146.83 22.61
CA VAL KC 94 49.00 -146.13 21.33
C VAL KC 94 49.00 -144.62 21.54
N ALA KC 95 48.47 -144.13 22.67
CA ALA KC 95 48.59 -142.73 23.00
C ALA KC 95 50.04 -142.36 23.29
N SER KC 96 50.78 -143.25 23.95
CA SER KC 96 52.20 -143.01 24.22
C SER KC 96 53.00 -142.97 22.93
N ILE KC 97 52.80 -143.95 22.04
CA ILE KC 97 53.57 -143.98 20.80
C ILE KC 97 53.11 -142.93 19.81
N TYR KC 98 51.91 -142.35 19.99
CA TYR KC 98 51.50 -141.25 19.16
C TYR KC 98 51.93 -139.90 19.73
N ARG KC 99 52.09 -139.81 21.05
CA ARG KC 99 52.49 -138.55 21.68
C ARG KC 99 54.00 -138.36 21.61
N ASP KC 100 54.77 -139.43 21.76
CA ASP KC 100 56.22 -139.28 21.68
C ASP KC 100 56.73 -139.26 20.25
N SER KC 101 55.85 -139.44 19.27
CA SER KC 101 56.23 -139.39 17.86
C SER KC 101 56.71 -137.99 17.49
N LYS KC 102 57.72 -137.95 16.61
CA LYS KC 102 58.39 -136.69 16.29
C LYS KC 102 57.47 -135.74 15.53
N ARG KC 103 56.51 -136.27 14.76
CA ARG KC 103 55.52 -135.42 14.11
C ARG KC 103 54.65 -134.71 15.14
N LYS KC 104 54.27 -135.43 16.20
CA LYS KC 104 53.48 -134.84 17.27
C LYS KC 104 54.25 -133.74 17.99
N ILE KC 105 55.52 -133.98 18.30
CA ILE KC 105 56.34 -133.00 18.97
C ILE KC 105 56.60 -131.79 18.06
N ILE KC 106 56.71 -132.03 16.75
CA ILE KC 106 56.87 -130.94 15.80
C ILE KC 106 55.61 -130.07 15.77
N ARG KC 107 54.43 -130.70 15.77
CA ARG KC 107 53.18 -129.95 15.81
C ARG KC 107 53.04 -129.19 17.13
N ASP KC 108 53.47 -129.80 18.24
CA ASP KC 108 53.43 -129.13 19.53
C ASP KC 108 54.39 -127.95 19.58
N LEU KC 109 55.57 -128.10 18.97
CA LEU KC 109 56.52 -126.99 18.96
C LEU KC 109 56.09 -125.90 18.00
N GLN KC 110 55.32 -126.25 16.97
CA GLN KC 110 54.74 -125.23 16.11
C GLN KC 110 53.61 -124.49 16.82
N LYS KC 111 52.86 -125.19 17.67
CA LYS KC 111 51.94 -124.53 18.58
C LYS KC 111 52.71 -123.62 19.54
N GLN KC 112 53.87 -124.08 19.99
CA GLN KC 112 54.79 -123.25 20.74
C GLN KC 112 55.44 -122.21 19.82
N ASP KC 113 56.13 -121.28 20.44
CA ASP KC 113 56.71 -120.17 19.68
C ASP KC 113 58.16 -120.44 19.31
N ILE KC 114 58.44 -121.59 18.69
CA ILE KC 114 59.78 -121.93 18.23
C ILE KC 114 59.69 -122.29 16.75
N GLN KC 115 60.53 -121.67 15.94
CA GLN KC 115 60.52 -121.86 14.49
C GLN KC 115 61.54 -122.92 14.09
N TYR KC 116 61.11 -123.91 13.31
CA TYR KC 116 61.96 -125.02 12.94
C TYR KC 116 62.14 -125.09 11.43
N VAL KC 117 63.39 -125.26 10.99
CA VAL KC 117 63.71 -125.43 9.57
C VAL KC 117 64.54 -126.70 9.42
N GLU KC 118 64.10 -127.57 8.51
CA GLU KC 118 64.88 -128.73 8.10
C GLU KC 118 65.22 -128.56 6.63
N TYR KC 119 66.51 -128.53 6.31
CA TYR KC 119 66.94 -128.31 4.94
C TYR KC 119 68.19 -129.13 4.68
N GLY KC 120 68.13 -129.98 3.67
CA GLY KC 120 69.23 -130.89 3.37
C GLY KC 120 69.43 -131.88 4.48
N ASP KC 121 70.47 -131.68 5.26
CA ASP KC 121 70.68 -132.42 6.50
C ASP KC 121 70.86 -131.55 7.72
N THR KC 122 71.28 -130.29 7.55
CA THR KC 122 71.47 -129.40 8.67
C THR KC 122 70.12 -128.88 9.14
N ARG KC 123 69.86 -129.02 10.44
CA ARG KC 123 68.59 -128.58 11.00
C ARG KC 123 68.79 -127.38 11.91
N THR KC 124 67.89 -126.41 11.79
CA THR KC 124 68.05 -125.12 12.45
C THR KC 124 66.77 -124.75 13.19
N LEU KC 125 66.97 -124.01 14.29
CA LEU KC 125 65.90 -123.58 15.18
C LEU KC 125 66.04 -122.09 15.44
N ILE KC 126 64.90 -121.43 15.57
CA ILE KC 126 64.83 -120.00 15.79
C ILE KC 126 63.97 -119.73 17.02
N ILE KC 127 64.52 -118.98 17.96
CA ILE KC 127 63.86 -118.69 19.23
C ILE KC 127 63.75 -117.18 19.38
N PRO KC 128 62.57 -116.63 19.68
CA PRO KC 128 62.47 -115.21 20.04
C PRO KC 128 62.98 -114.98 21.45
N THR KC 129 64.07 -114.20 21.56
CA THR KC 129 64.71 -113.97 22.84
C THR KC 129 63.83 -113.16 23.78
N ASP KC 130 62.98 -112.30 23.24
CA ASP KC 130 62.11 -111.48 24.09
C ASP KC 130 61.05 -112.34 24.76
N LYS KC 131 60.48 -113.29 24.04
CA LYS KC 131 59.46 -114.14 24.63
C LYS KC 131 60.03 -115.37 25.31
N TYR KC 132 61.32 -115.63 25.19
CA TYR KC 132 61.95 -116.73 25.92
C TYR KC 132 63.13 -116.26 26.76
N PHE KC 133 63.10 -115.01 27.21
CA PHE KC 133 64.15 -114.48 28.04
C PHE KC 133 63.58 -113.38 28.93
N MET KC 134 64.22 -113.15 30.06
CA MET KC 134 63.98 -111.91 30.78
C MET KC 134 64.65 -110.77 30.03
N PHE KC 135 64.01 -109.60 30.07
CA PHE KC 135 64.42 -108.50 29.21
C PHE KC 135 65.76 -107.91 29.63
N SER KC 136 66.62 -107.67 28.62
CA SER KC 136 67.89 -106.95 28.77
C SER KC 136 68.82 -107.63 29.76
N SER KC 137 68.79 -108.96 29.78
CA SER KC 137 69.44 -109.69 30.86
C SER KC 137 69.70 -111.11 30.38
N PRO KC 138 70.71 -111.79 30.94
CA PRO KC 138 70.87 -113.22 30.67
C PRO KC 138 69.86 -114.09 31.40
N ARG KC 139 69.05 -113.53 32.28
CA ARG KC 139 68.04 -114.28 32.99
C ARG KC 139 66.95 -114.77 32.04
N LEU KC 140 66.36 -115.91 32.39
CA LEU KC 140 65.39 -116.59 31.56
C LEU KC 140 64.00 -116.48 32.17
N ASN KC 141 63.00 -116.41 31.30
CA ASN KC 141 61.61 -116.49 31.76
C ASN KC 141 61.32 -117.88 32.27
N GLU KC 142 60.66 -117.97 33.42
CA GLU KC 142 60.37 -119.25 34.04
C GLU KC 142 59.02 -119.82 33.63
N ILE KC 143 58.31 -119.17 32.73
CA ILE KC 143 56.99 -119.64 32.34
C ILE KC 143 57.05 -120.51 31.09
N CYS KC 144 57.96 -120.21 30.17
CA CYS KC 144 58.04 -120.91 28.89
C CYS KC 144 58.90 -122.16 28.95
N TYR KC 145 59.03 -122.76 30.13
CA TYR KC 145 59.73 -124.04 30.26
C TYR KC 145 59.19 -125.25 29.49
N PRO KC 146 57.88 -125.40 29.16
CA PRO KC 146 57.52 -126.58 28.34
C PRO KC 146 58.14 -126.59 26.96
N GLY KC 147 58.37 -125.43 26.36
CA GLY KC 147 59.09 -125.37 25.10
C GLY KC 147 60.52 -125.88 25.24
N LEU KC 148 61.16 -125.57 26.37
CA LEU KC 148 62.51 -126.07 26.61
C LEU KC 148 62.52 -127.57 26.85
N ASN KC 149 61.47 -128.09 27.49
CA ASN KC 149 61.32 -129.52 27.64
C ASN KC 149 61.17 -130.21 26.28
N ASN KC 150 60.38 -129.59 25.39
CA ASN KC 150 60.27 -130.09 24.03
C ASN KC 150 61.59 -130.00 23.28
N VAL KC 151 62.38 -128.96 23.56
CA VAL KC 151 63.68 -128.78 22.91
C VAL KC 151 64.61 -129.92 23.29
N ILE KC 152 64.65 -130.26 24.57
CA ILE KC 152 65.54 -131.31 25.02
C ILE KC 152 65.05 -132.68 24.54
N ARG KC 153 63.73 -132.89 24.53
CA ARG KC 153 63.19 -134.13 23.98
C ARG KC 153 63.46 -134.25 22.48
N LEU KC 154 63.48 -133.15 21.75
CA LEU KC 154 63.80 -133.22 20.32
C LEU KC 154 65.29 -133.43 20.12
N LEU KC 155 66.11 -132.84 20.99
CA LEU KC 155 67.55 -133.02 20.90
C LEU KC 155 67.99 -134.40 21.33
N ASN KC 156 67.12 -135.13 22.03
CA ASN KC 156 67.39 -136.54 22.34
C ASN KC 156 67.49 -137.38 21.07
N PHE KC 157 66.79 -136.99 20.00
CA PHE KC 157 66.73 -137.79 18.79
C PHE KC 157 68.05 -137.85 18.03
N TYR KC 158 68.91 -136.85 18.18
CA TYR KC 158 70.18 -136.79 17.47
C TYR KC 158 71.31 -136.64 18.47
N PRO KC 159 71.74 -137.74 19.08
CA PRO KC 159 72.71 -137.64 20.18
C PRO KC 159 74.17 -137.66 19.74
N GLN KC 160 74.46 -137.43 18.46
CA GLN KC 160 75.84 -137.44 18.00
C GLN KC 160 76.26 -136.21 17.21
N SER KC 161 75.35 -135.28 16.94
CA SER KC 161 75.68 -134.16 16.09
C SER KC 161 76.46 -133.09 16.84
N THR KC 162 77.16 -132.25 16.07
CA THR KC 162 77.79 -131.06 16.61
C THR KC 162 76.79 -129.91 16.62
N ILE KC 163 76.96 -129.02 17.59
CA ILE KC 163 75.96 -128.00 17.91
C ILE KC 163 76.58 -126.62 17.74
N TYR KC 164 75.89 -125.74 17.02
CA TYR KC 164 76.23 -124.34 16.96
C TYR KC 164 75.03 -123.52 17.41
N VAL KC 165 75.28 -122.50 18.23
CA VAL KC 165 74.22 -121.60 18.69
C VAL KC 165 74.72 -120.17 18.60
N ALA KC 166 73.84 -119.27 18.19
CA ALA KC 166 74.18 -117.88 17.99
C ALA KC 166 73.06 -116.99 18.51
N GLY KC 167 73.45 -115.79 18.92
CA GLY KC 167 72.51 -114.78 19.40
C GLY KC 167 72.46 -113.61 18.45
N PHE KC 168 71.33 -112.90 18.43
CA PHE KC 168 71.17 -111.75 17.55
C PHE KC 168 70.31 -110.69 18.23
N THR KC 169 70.65 -109.42 17.98
CA THR KC 169 69.94 -108.29 18.54
C THR KC 169 69.71 -107.24 17.46
N ASP KC 170 68.97 -106.21 17.83
CA ASP KC 170 68.66 -105.10 16.93
C ASP KC 170 69.70 -103.98 17.11
N ASN KC 171 69.41 -102.81 16.57
CA ASN KC 171 70.40 -101.75 16.40
C ASN KC 171 70.26 -100.60 17.39
N VAL KC 172 70.04 -100.88 18.68
CA VAL KC 172 69.96 -99.82 19.68
C VAL KC 172 71.15 -99.94 20.63
N GLY KC 173 71.88 -98.84 20.78
CA GLY KC 173 72.95 -98.77 21.76
C GLY KC 173 74.33 -98.92 21.17
N SER KC 174 75.30 -99.11 22.07
CA SER KC 174 76.67 -99.35 21.66
C SER KC 174 76.79 -100.71 20.99
N ARG KC 175 77.60 -100.75 19.92
CA ARG KC 175 77.85 -102.01 19.22
C ARG KC 175 78.57 -103.00 20.13
N SER KC 176 79.50 -102.49 20.94
CA SER KC 176 80.16 -103.33 21.93
C SER KC 176 79.17 -103.85 22.96
N HIS KC 177 78.20 -103.02 23.34
CA HIS KC 177 77.16 -103.46 24.28
C HIS KC 177 76.31 -104.56 23.68
N LYS KC 178 75.93 -104.41 22.40
CA LYS KC 178 75.15 -105.45 21.72
C LYS KC 178 75.91 -106.75 21.62
N ARG KC 179 77.22 -106.66 21.31
CA ARG KC 179 78.06 -107.85 21.21
C ARG KC 179 78.19 -108.53 22.57
N LYS KC 180 78.34 -107.75 23.64
CA LYS KC 180 78.43 -108.32 24.97
C LYS KC 180 77.14 -109.02 25.37
N LEU KC 181 75.99 -108.39 25.10
CA LEU KC 181 74.72 -109.01 25.47
C LEU KC 181 74.45 -110.27 24.64
N SER KC 182 74.81 -110.23 23.36
CA SER KC 182 74.62 -111.39 22.50
C SER KC 182 75.49 -112.55 22.94
N GLN KC 183 76.75 -112.28 23.29
CA GLN KC 183 77.63 -113.34 23.78
C GLN KC 183 77.18 -113.86 25.14
N ALA KC 184 76.63 -112.99 25.98
CA ALA KC 184 76.12 -113.44 27.27
C ALA KC 184 74.91 -114.35 27.12
N GLN KC 185 74.01 -114.01 26.19
CA GLN KC 185 72.84 -114.86 25.97
C GLN KC 185 73.25 -116.18 25.33
N ALA KC 186 74.25 -116.15 24.45
CA ALA KC 186 74.80 -117.39 23.91
C ALA KC 186 75.43 -118.24 25.00
N GLU KC 187 76.12 -117.60 25.94
CA GLU KC 187 76.75 -118.32 27.03
C GLU KC 187 75.72 -118.97 27.95
N THR KC 188 74.63 -118.26 28.28
CA THR KC 188 73.67 -118.85 29.20
C THR KC 188 72.84 -119.94 28.52
N MET KC 189 72.58 -119.80 27.21
CA MET KC 189 71.96 -120.89 26.48
C MET KC 189 72.88 -122.11 26.43
N MET KC 190 74.17 -121.87 26.23
CA MET KC 190 75.16 -122.93 26.16
C MET KC 190 75.25 -123.69 27.46
N THR KC 191 75.30 -122.98 28.59
CA THR KC 191 75.39 -123.71 29.85
C THR KC 191 74.06 -124.34 30.25
N PHE KC 192 72.93 -123.81 29.78
CA PHE KC 192 71.67 -124.50 30.02
C PHE KC 192 71.64 -125.84 29.30
N LEU KC 193 72.02 -125.86 28.03
CA LEU KC 193 72.02 -127.13 27.31
C LEU KC 193 73.13 -128.05 27.77
N TRP KC 194 74.21 -127.51 28.35
CA TRP KC 194 75.22 -128.37 28.96
C TRP KC 194 74.67 -129.05 30.21
N ALA KC 195 73.99 -128.28 31.06
CA ALA KC 195 73.39 -128.83 32.26
C ALA KC 195 72.23 -129.77 31.94
N ASN KC 196 71.65 -129.64 30.75
CA ASN KC 196 70.69 -130.64 30.29
C ASN KC 196 71.33 -132.00 30.05
N GLY KC 197 72.65 -132.05 29.87
CA GLY KC 197 73.30 -133.35 29.87
C GLY KC 197 74.12 -133.68 28.64
N ILE KC 198 74.64 -132.68 27.95
CA ILE KC 198 75.44 -132.88 26.76
C ILE KC 198 76.88 -132.50 27.07
N ALA KC 199 77.82 -133.36 26.65
CA ALA KC 199 79.24 -133.09 26.83
C ALA KC 199 79.69 -131.93 25.98
N ALA KC 200 80.73 -131.24 26.44
CA ALA KC 200 81.12 -129.95 25.88
C ALA KC 200 81.82 -130.06 24.54
N LYS KC 201 82.24 -131.26 24.13
CA LYS KC 201 83.05 -131.37 22.91
C LYS KC 201 82.24 -131.24 21.63
N ARG KC 202 80.92 -131.20 21.71
CA ARG KC 202 80.07 -131.03 20.53
C ARG KC 202 79.42 -129.66 20.47
N LEU KC 203 79.84 -128.72 21.32
CA LEU KC 203 79.10 -127.50 21.57
C LEU KC 203 79.95 -126.28 21.26
N LYS KC 204 79.32 -125.26 20.67
CA LYS KC 204 80.00 -124.00 20.36
C LYS KC 204 78.95 -122.91 20.29
N ALA KC 205 79.22 -121.77 20.95
CA ALA KC 205 78.28 -120.67 21.02
C ALA KC 205 78.94 -119.37 20.56
N GLU KC 206 78.11 -118.49 20.01
CA GLU KC 206 78.56 -117.18 19.56
C GLU KC 206 77.36 -116.25 19.49
N GLY KC 207 77.59 -114.98 19.77
CA GLY KC 207 76.52 -114.01 19.64
C GLY KC 207 76.90 -112.85 18.74
N TYR KC 208 76.24 -112.75 17.61
CA TYR KC 208 76.43 -111.59 16.73
C TYR KC 208 75.46 -110.49 17.11
N GLY KC 209 75.72 -109.30 16.59
CA GLY KC 209 74.86 -108.19 16.87
C GLY KC 209 73.80 -108.03 15.80
N ASP KC 210 74.01 -107.08 14.91
CA ASP KC 210 73.13 -106.82 13.79
C ASP KC 210 73.89 -106.90 12.47
N LYS KC 211 74.70 -107.96 12.33
CA LYS KC 211 75.52 -108.11 11.13
C LYS KC 211 74.69 -108.51 9.92
N ASN KC 212 73.73 -109.41 10.11
CA ASN KC 212 72.96 -109.93 8.98
C ASN KC 212 71.57 -110.24 9.50
N ALA KC 213 70.68 -109.27 9.41
CA ALA KC 213 69.33 -109.42 9.93
C ALA KC 213 68.42 -110.06 8.89
N ILE KC 214 67.45 -110.84 9.37
CA ILE KC 214 66.48 -111.48 8.49
C ILE KC 214 65.39 -110.53 8.04
N SER KC 215 65.37 -109.30 8.58
CA SER KC 215 64.38 -108.31 8.19
C SER KC 215 65.00 -106.94 8.38
N ASP KC 216 64.41 -105.94 7.73
CA ASP KC 216 64.86 -104.57 7.90
C ASP KC 216 64.49 -104.06 9.28
N ASN KC 217 65.44 -103.38 9.94
CA ASN KC 217 65.19 -102.92 11.28
C ASN KC 217 64.38 -101.64 11.34
N ALA KC 218 64.19 -100.94 10.23
CA ALA KC 218 63.47 -99.68 10.25
C ALA KC 218 61.96 -99.87 10.42
N ILE KC 219 61.43 -101.05 10.16
CA ILE KC 219 60.06 -101.39 10.49
C ILE KC 219 60.05 -101.95 11.91
N ILE KC 220 59.02 -101.62 12.67
CA ILE KC 220 58.96 -101.99 14.09
C ILE KC 220 58.82 -103.50 14.25
N HIS KC 221 57.92 -104.11 13.48
CA HIS KC 221 57.72 -105.55 13.59
C HIS KC 221 58.93 -106.32 13.07
N GLY KC 222 59.57 -105.82 12.01
CA GLY KC 222 60.78 -106.47 11.52
C GLY KC 222 61.93 -106.35 12.50
N SER KC 223 62.04 -105.21 13.18
CA SER KC 223 63.03 -105.07 14.24
C SER KC 223 62.73 -106.00 15.41
N ALA KC 224 61.45 -106.26 15.66
CA ALA KC 224 61.10 -107.28 16.64
C ALA KC 224 61.51 -108.67 16.16
N GLN KC 225 61.42 -108.91 14.85
CA GLN KC 225 61.82 -110.18 14.29
C GLN KC 225 63.32 -110.41 14.37
N ASN KC 226 64.10 -109.32 14.28
CA ASN KC 226 65.55 -109.43 14.07
C ASN KC 226 66.27 -110.06 15.27
N ARG KC 227 65.94 -109.63 16.48
CA ARG KC 227 66.62 -110.16 17.66
C ARG KC 227 66.14 -111.59 17.93
N ARG KC 228 67.07 -112.53 17.92
CA ARG KC 228 66.68 -113.93 17.82
C ARG KC 228 67.79 -114.82 18.37
N ILE KC 229 67.48 -116.12 18.42
CA ILE KC 229 68.44 -117.15 18.79
C ILE KC 229 68.43 -118.21 17.69
N GLU KC 230 69.60 -118.48 17.12
CA GLU KC 230 69.77 -119.39 16.01
C GLU KC 230 70.47 -120.65 16.49
N ILE KC 231 69.94 -121.81 16.12
CA ILE KC 231 70.51 -123.11 16.50
C ILE KC 231 70.73 -123.91 15.23
N GLN KC 232 71.93 -124.42 15.04
CA GLN KC 232 72.27 -125.26 13.90
C GLN KC 232 72.85 -126.58 14.39
N TRP KC 233 72.48 -127.66 13.71
CA TRP KC 233 73.26 -128.89 13.88
C TRP KC 233 73.38 -129.63 12.56
N PHE KC 234 74.50 -130.35 12.44
CA PHE KC 234 74.83 -131.21 11.31
C PHE KC 234 74.31 -132.62 11.55
N THR KC 235 74.78 -133.57 10.75
CA THR KC 235 74.55 -134.99 11.00
C THR KC 235 75.85 -135.75 11.20
N SER KC 236 76.81 -135.62 10.30
CA SER KC 236 78.10 -136.27 10.45
C SER KC 236 79.25 -135.27 10.39
N LEU LC 113 119.18 -141.43 33.62
CA LEU LC 113 118.24 -142.53 33.85
C LEU LC 113 117.04 -142.44 32.92
N ASN LC 114 116.35 -143.57 32.74
CA ASN LC 114 115.21 -143.62 31.85
C ASN LC 114 113.99 -144.21 32.54
N ARG LC 115 114.22 -145.15 33.45
CA ARG LC 115 113.12 -145.83 34.15
C ARG LC 115 113.52 -146.07 35.59
N PHE LC 116 112.60 -145.79 36.51
CA PHE LC 116 112.85 -146.03 37.93
C PHE LC 116 111.63 -146.70 38.54
N ARG LC 117 111.80 -147.93 39.01
CA ARG LC 117 110.77 -148.65 39.75
C ARG LC 117 111.24 -148.83 41.18
N TYR LC 118 110.37 -148.51 42.14
CA TYR LC 118 110.70 -148.67 43.55
C TYR LC 118 109.55 -149.33 44.30
N GLU LC 119 109.89 -150.36 45.08
CA GLU LC 119 108.96 -151.04 45.96
C GLU LC 119 109.73 -151.46 47.20
N GLY LC 120 109.00 -151.68 48.29
CA GLY LC 120 109.55 -152.33 49.45
C GLY LC 120 109.81 -151.47 50.67
N ALA LC 121 109.01 -150.40 50.87
CA ALA LC 121 109.00 -149.57 52.08
C ALA LC 121 110.37 -148.93 52.34
N GLY LC 122 110.77 -148.05 51.43
CA GLY LC 122 112.10 -147.46 51.49
C GLY LC 122 112.08 -145.98 51.19
N VAL LC 123 113.23 -145.35 51.39
CA VAL LC 123 113.40 -143.92 51.20
C VAL LC 123 114.50 -143.69 50.19
N VAL LC 124 114.18 -142.93 49.12
CA VAL LC 124 115.11 -142.64 48.04
C VAL LC 124 115.32 -141.14 47.98
N THR LC 125 116.58 -140.73 47.80
CA THR LC 125 116.94 -139.33 47.68
C THR LC 125 117.79 -139.14 46.43
N GLY LC 126 117.46 -138.12 45.65
CA GLY LC 126 118.22 -137.80 44.46
C GLY LC 126 118.34 -136.31 44.25
N ASN LC 127 119.55 -135.83 43.96
CA ASN LC 127 119.80 -134.40 43.82
C ASN LC 127 120.45 -134.12 42.47
N ASN LC 128 120.08 -132.95 41.91
CA ASN LC 128 120.63 -132.41 40.66
C ASN LC 128 120.46 -133.38 39.50
N LEU LC 129 119.29 -134.00 39.41
CA LEU LC 129 119.03 -134.98 38.37
C LEU LC 129 118.71 -134.28 37.06
N ARG LC 130 119.43 -134.66 36.00
CA ARG LC 130 119.29 -134.05 34.69
C ARG LC 130 118.80 -135.11 33.71
N THR LC 131 117.69 -134.80 33.02
CA THR LC 131 117.08 -135.76 32.11
C THR LC 131 116.24 -135.01 31.09
N SER LC 132 115.88 -135.71 30.02
CA SER LC 132 114.89 -135.23 29.08
C SER LC 132 113.50 -135.75 29.43
N TYR LC 133 113.35 -137.08 29.43
CA TYR LC 133 112.10 -137.73 29.82
C TYR LC 133 112.43 -139.06 30.45
N LEU LC 134 111.71 -139.40 31.52
CA LEU LC 134 111.85 -140.70 32.17
C LEU LC 134 110.49 -141.15 32.68
N ASP LC 135 110.44 -142.43 33.07
CA ASP LC 135 109.20 -143.05 33.54
C ASP LC 135 109.41 -143.58 34.96
N LEU LC 136 108.42 -143.36 35.81
CA LEU LC 136 108.51 -143.66 37.24
C LEU LC 136 107.37 -144.57 37.65
N TYR LC 137 107.69 -145.63 38.39
CA TYR LC 137 106.71 -146.52 38.99
C TYR LC 137 107.08 -146.69 40.46
N LEU LC 138 106.29 -146.10 41.34
CA LEU LC 138 106.52 -146.15 42.78
C LEU LC 138 105.38 -146.88 43.47
N ALA LC 139 105.72 -147.69 44.46
CA ALA LC 139 104.69 -148.41 45.20
C ALA LC 139 105.18 -148.71 46.61
N ASN LC 140 104.23 -148.72 47.55
CA ASN LC 140 104.39 -149.21 48.92
C ASN LC 140 105.49 -148.46 49.67
N GLU LC 141 105.18 -147.18 49.93
CA GLU LC 141 105.96 -146.29 50.80
C GLU LC 141 107.38 -146.07 50.26
N GLY LC 142 107.44 -145.48 49.07
CA GLY LC 142 108.68 -144.93 48.58
C GLY LC 142 108.77 -143.46 48.94
N THR LC 143 109.43 -143.17 50.06
CA THR LC 143 109.61 -141.79 50.51
C THR LC 143 110.73 -141.20 49.67
N THR LC 144 110.37 -140.51 48.60
CA THR LC 144 111.32 -140.14 47.56
C THR LC 144 111.42 -138.62 47.46
N ARG LC 145 112.64 -138.11 47.44
CA ARG LC 145 112.90 -136.68 47.27
C ARG LC 145 113.77 -136.46 46.05
N LEU LC 146 113.46 -135.42 45.28
CA LEU LC 146 114.22 -135.07 44.09
C LEU LC 146 114.53 -133.58 44.11
N ALA LC 147 115.75 -133.24 43.67
CA ALA LC 147 116.27 -131.88 43.74
C ALA LC 147 116.94 -131.48 42.43
N GLY LC 148 116.25 -131.67 41.31
CA GLY LC 148 116.80 -131.29 40.03
C GLY LC 148 115.71 -130.98 39.02
N ASN LC 149 116.13 -130.34 37.93
CA ASN LC 149 115.23 -130.06 36.80
C ASN LC 149 115.00 -131.36 36.04
N ILE LC 150 113.83 -131.94 36.20
CA ILE LC 150 113.54 -133.30 35.76
C ILE LC 150 112.32 -133.27 34.86
N GLY LC 151 112.45 -133.85 33.66
CA GLY LC 151 111.33 -133.95 32.73
C GLY LC 151 110.77 -135.36 32.73
N LEU LC 152 109.43 -135.44 32.73
CA LEU LC 152 108.74 -136.72 32.64
C LEU LC 152 107.32 -136.48 32.16
N GLN LC 153 106.71 -137.54 31.66
CA GLN LC 153 105.31 -137.50 31.25
C GLN LC 153 104.47 -138.58 31.92
N LYS LC 154 104.97 -139.80 32.02
CA LYS LC 154 104.20 -140.91 32.58
C LYS LC 154 104.76 -141.26 33.95
N LEU LC 155 103.86 -141.41 34.91
CA LEU LC 155 104.21 -141.77 36.28
C LEU LC 155 103.07 -142.60 36.84
N GLU LC 156 103.41 -143.56 37.70
CA GLU LC 156 102.41 -144.37 38.38
C GLU LC 156 102.87 -144.63 39.81
N ALA LC 157 102.22 -143.97 40.76
CA ALA LC 157 102.41 -144.25 42.19
C ALA LC 157 101.17 -144.97 42.69
N VAL LC 158 101.38 -146.10 43.37
CA VAL LC 158 100.25 -146.91 43.84
C VAL LC 158 99.50 -146.19 44.96
N GLY LC 159 100.22 -145.67 45.94
CA GLY LC 159 99.58 -144.94 47.00
C GLY LC 159 100.12 -145.28 48.38
N ASN LC 160 99.46 -144.75 49.41
CA ASN LC 160 99.82 -144.93 50.82
C ASN LC 160 101.26 -144.50 51.09
N GLY LC 161 101.68 -143.39 50.47
CA GLY LC 161 103.03 -142.90 50.63
C GLY LC 161 103.13 -141.45 50.22
N VAL LC 162 104.21 -140.83 50.66
CA VAL LC 162 104.45 -139.41 50.41
C VAL LC 162 105.47 -139.27 49.29
N THR LC 163 105.41 -138.13 48.59
CA THR LC 163 106.37 -137.81 47.54
C THR LC 163 106.43 -136.30 47.38
N GLN LC 164 107.61 -135.73 47.61
CA GLN LC 164 107.86 -134.31 47.42
C GLN LC 164 108.89 -134.15 46.32
N ILE LC 165 108.52 -133.43 45.26
CA ILE LC 165 109.38 -133.18 44.11
C ILE LC 165 109.45 -131.69 43.87
N ASN LC 166 110.65 -131.15 43.77
CA ASN LC 166 110.86 -129.72 43.60
C ASN LC 166 111.43 -129.46 42.20
N GLY LC 167 110.56 -129.10 41.27
CA GLY LC 167 110.99 -128.64 39.96
C GLY LC 167 110.87 -129.69 38.87
N VAL LC 168 109.80 -129.63 38.10
CA VAL LC 168 109.59 -130.52 36.95
C VAL LC 168 109.08 -129.69 35.78
N SER LC 169 109.77 -129.79 34.64
CA SER LC 169 109.37 -129.10 33.43
C SER LC 169 109.17 -130.12 32.33
N SER LC 170 108.01 -130.08 31.67
CA SER LC 170 107.73 -131.00 30.58
C SER LC 170 106.67 -130.40 29.68
N ARG LC 171 106.60 -130.93 28.46
CA ARG LC 171 105.53 -130.59 27.53
C ARG LC 171 104.27 -131.39 27.77
N ASN LC 172 104.32 -132.43 28.59
CA ASN LC 172 103.18 -133.28 28.85
C ASN LC 172 103.41 -134.01 30.16
N LEU LC 173 102.31 -134.35 30.82
CA LEU LC 173 102.35 -135.15 32.04
C LEU LC 173 100.98 -135.79 32.25
N GLN LC 174 100.98 -137.06 32.65
CA GLN LC 174 99.74 -137.78 32.89
C GLN LC 174 99.98 -138.77 34.03
N ILE LC 175 99.03 -138.84 34.95
CA ILE LC 175 99.19 -139.63 36.18
C ILE LC 175 97.81 -140.11 36.63
N VAL LC 176 97.71 -141.40 36.94
CA VAL LC 176 96.52 -141.94 37.57
C VAL LC 176 96.94 -142.61 38.87
N LEU LC 177 95.98 -142.74 39.79
CA LEU LC 177 96.23 -143.22 41.14
C LEU LC 177 95.21 -144.29 41.49
N LYS LC 178 95.56 -145.10 42.48
CA LYS LC 178 94.68 -146.16 42.96
C LYS LC 178 94.47 -146.12 44.46
N GLY LC 179 95.49 -145.77 45.23
CA GLY LC 179 95.42 -145.85 46.68
C GLY LC 179 95.16 -144.49 47.32
N ASP LC 180 95.97 -144.17 48.33
CA ASP LC 180 95.89 -142.90 49.05
C ASP LC 180 97.27 -142.25 49.07
N PRO LC 181 97.70 -141.66 47.98
CA PRO LC 181 99.04 -141.03 47.94
C PRO LC 181 98.98 -139.58 48.41
N LYS LC 182 100.18 -139.05 48.67
CA LYS LC 182 100.35 -137.65 49.11
C LYS LC 182 101.47 -137.07 48.27
N VAL LC 183 101.13 -136.31 47.24
CA VAL LC 183 102.11 -135.82 46.27
C VAL LC 183 102.14 -134.30 46.29
N LEU LC 184 103.35 -133.74 46.37
CA LEU LC 184 103.55 -132.29 46.35
C LEU LC 184 104.64 -131.99 45.34
N ILE LC 185 104.27 -131.39 44.22
CA ILE LC 185 105.18 -131.21 43.08
C ILE LC 185 105.30 -129.73 42.73
N SER LC 186 106.53 -129.32 42.43
CA SER LC 186 106.84 -128.00 41.92
C SER LC 186 107.32 -128.11 40.47
N GLY LC 187 107.26 -126.98 39.75
CA GLY LC 187 107.77 -126.89 38.40
C GLY LC 187 106.70 -126.34 37.46
N PHE LC 188 106.83 -126.68 36.19
CA PHE LC 188 105.88 -126.26 35.17
C PHE LC 188 105.36 -127.50 34.44
N VAL LC 189 104.04 -127.69 34.46
CA VAL LC 189 103.40 -128.89 33.94
C VAL LC 189 102.36 -128.50 32.91
N ASN LC 190 102.42 -129.11 31.73
CA ASN LC 190 101.31 -129.11 30.79
C ASN LC 190 100.54 -130.40 31.06
N LEU LC 191 99.53 -130.29 31.93
CA LEU LC 191 98.72 -131.45 32.28
C LEU LC 191 97.72 -131.76 31.17
N ARG LC 192 97.24 -133.00 31.15
CA ARG LC 192 96.28 -133.45 30.16
C ARG LC 192 94.96 -133.90 30.78
N GLN LC 193 95.00 -134.81 31.75
CA GLN LC 193 93.77 -135.32 32.35
C GLN LC 193 94.08 -135.84 33.75
N LEU LC 194 93.07 -135.83 34.61
CA LEU LC 194 93.23 -136.29 35.99
C LEU LC 194 91.97 -136.99 36.46
N ASP LC 195 92.15 -138.21 36.97
CA ASP LC 195 91.03 -139.02 37.45
C ASP LC 195 91.42 -139.65 38.78
N MET LC 196 90.56 -139.50 39.78
CA MET LC 196 90.79 -140.01 41.12
C MET LC 196 89.63 -140.89 41.55
N TYR LC 197 89.96 -142.08 42.04
CA TYR LC 197 88.96 -143.02 42.53
C TYR LC 197 89.30 -143.57 43.91
N GLY LC 198 90.40 -143.12 44.53
CA GLY LC 198 90.80 -143.61 45.82
C GLY LC 198 90.67 -142.58 46.93
N LYS LC 199 91.77 -142.31 47.62
CA LYS LC 199 91.79 -141.40 48.77
C LYS LC 199 92.99 -140.46 48.65
N GLY LC 200 93.12 -139.82 47.50
CA GLY LC 200 94.35 -139.11 47.16
C GLY LC 200 94.44 -137.67 47.65
N THR LC 201 95.68 -137.21 47.81
CA THR LC 201 95.99 -135.82 48.12
C THR LC 201 97.11 -135.36 47.20
N LEU LC 202 96.83 -134.34 46.39
CA LEU LC 202 97.77 -133.89 45.38
C LEU LC 202 97.84 -132.37 45.38
N SER LC 203 99.04 -131.84 45.22
CA SER LC 203 99.27 -130.40 45.21
C SER LC 203 100.36 -130.07 44.21
N LEU LC 204 100.10 -129.09 43.34
CA LEU LC 204 101.06 -128.66 42.34
C LEU LC 204 101.31 -127.17 42.48
N TYR LC 205 102.52 -126.74 42.12
CA TYR LC 205 102.84 -125.32 42.22
C TYR LC 205 102.31 -124.53 41.03
N TRP LC 206 102.79 -124.85 39.83
CA TRP LC 206 102.39 -124.11 38.63
C TRP LC 206 102.00 -125.09 37.54
N ILE LC 207 100.95 -124.74 36.79
CA ILE LC 207 100.50 -125.53 35.66
C ILE LC 207 100.30 -124.60 34.46
N LYS LC 208 100.90 -124.96 33.33
CA LYS LC 208 100.78 -124.21 32.08
C LYS LC 208 100.21 -125.17 31.05
N SER LC 209 98.89 -125.28 31.01
CA SER LC 209 98.22 -126.19 30.10
C SER LC 209 96.97 -125.51 29.54
N ASP LC 210 96.26 -126.22 28.67
CA ASP LC 210 95.12 -125.65 27.96
C ASP LC 210 93.79 -126.30 28.35
N THR LC 211 93.67 -127.61 28.18
CA THR LC 211 92.42 -128.31 28.40
C THR LC 211 92.63 -129.35 29.49
N LEU LC 212 91.88 -129.22 30.58
CA LEU LC 212 92.00 -130.14 31.70
C LEU LC 212 90.64 -130.74 32.01
N THR LC 213 90.62 -132.06 32.15
CA THR LC 213 89.43 -132.81 32.53
C THR LC 213 89.74 -133.54 33.83
N ILE LC 214 88.98 -133.25 34.87
CA ILE LC 214 89.24 -133.80 36.20
C ILE LC 214 87.97 -134.48 36.67
N ARG LC 215 88.08 -135.76 37.00
CA ARG LC 215 86.97 -136.52 37.54
C ARG LC 215 87.37 -137.09 38.89
N ALA LC 216 86.51 -136.94 39.88
CA ALA LC 216 86.79 -137.42 41.23
C ALA LC 216 85.61 -138.24 41.74
N LYS LC 217 85.91 -139.40 42.32
CA LYS LC 217 84.90 -140.38 42.69
C LYS LC 217 84.75 -140.54 44.20
N LYS LC 218 85.82 -140.89 44.91
CA LYS LC 218 85.68 -141.35 46.28
C LYS LC 218 86.23 -140.36 47.31
N ALA LC 219 87.51 -140.02 47.25
CA ALA LC 219 88.07 -139.07 48.21
C ALA LC 219 89.28 -138.42 47.57
N ALA LC 220 89.16 -137.14 47.28
CA ALA LC 220 90.22 -136.40 46.62
C ALA LC 220 90.43 -135.07 47.31
N LYS LC 221 91.69 -134.68 47.46
CA LYS LC 221 92.06 -133.32 47.88
C LYS LC 221 93.01 -132.80 46.83
N ILE LC 222 92.59 -131.77 46.11
CA ILE LC 222 93.36 -131.26 44.97
C ILE LC 222 93.69 -129.79 45.21
N GLN LC 223 94.99 -129.46 45.12
CA GLN LC 223 95.48 -128.10 45.26
C GLN LC 223 96.26 -127.71 44.00
N LEU LC 224 95.75 -126.71 43.27
CA LEU LC 224 96.33 -126.30 42.00
C LEU LC 224 96.41 -124.78 41.92
N ALA LC 225 97.34 -124.31 41.11
CA ALA LC 225 97.49 -122.90 40.79
C ALA LC 225 98.24 -122.78 39.48
N GLY LC 226 97.74 -121.94 38.57
CA GLY LC 226 98.41 -121.80 37.29
C GLY LC 226 97.49 -121.20 36.23
N ILE LC 227 97.71 -121.61 34.99
CA ILE LC 227 96.98 -121.08 33.84
C ILE LC 227 96.35 -122.24 33.10
N VAL LC 228 95.02 -122.25 33.01
CA VAL LC 228 94.27 -123.23 32.25
C VAL LC 228 93.18 -122.50 31.49
N ASN LC 229 93.11 -122.74 30.18
CA ASN LC 229 92.06 -122.10 29.38
C ASN LC 229 90.73 -122.82 29.54
N ARG LC 230 90.68 -124.10 29.20
CA ARG LC 230 89.46 -124.88 29.23
C ARG LC 230 89.53 -125.86 30.39
N LEU LC 231 88.57 -125.78 31.30
CA LEU LC 231 88.59 -126.59 32.51
C LEU LC 231 87.23 -127.26 32.70
N ASP LC 232 87.25 -128.58 32.91
CA ASP LC 232 86.03 -129.33 33.20
C ASP LC 232 86.27 -130.22 34.40
N VAL LC 233 85.32 -130.21 35.34
CA VAL LC 233 85.45 -130.95 36.59
C VAL LC 233 84.12 -131.64 36.88
N GLU LC 234 84.19 -132.93 37.16
CA GLU LC 234 83.07 -133.71 37.69
C GLU LC 234 83.45 -134.27 39.05
N LEU LC 235 82.59 -134.02 40.03
CA LEU LC 235 82.76 -134.54 41.39
C LEU LC 235 81.56 -135.40 41.74
N TRP LC 236 81.81 -136.60 42.27
CA TRP LC 236 80.74 -137.52 42.60
C TRP LC 236 80.37 -137.51 44.09
N ASP LC 237 81.32 -137.81 44.97
CA ASP LC 237 81.06 -137.82 46.39
C ASP LC 237 82.35 -137.67 47.17
N PHE LC 238 82.30 -136.86 48.23
CA PHE LC 238 83.40 -136.65 49.19
C PHE LC 238 84.68 -136.19 48.50
N ALA LC 239 84.53 -135.30 47.53
CA ALA LC 239 85.65 -134.76 46.76
C ALA LC 239 85.84 -133.29 47.13
N GLN LC 240 87.10 -132.86 47.10
CA GLN LC 240 87.45 -131.49 47.48
C GLN LC 240 88.52 -130.98 46.52
N PHE LC 241 88.14 -130.03 45.68
CA PHE LC 241 89.04 -129.43 44.70
C PHE LC 241 89.12 -127.94 44.99
N LYS LC 242 90.26 -127.51 45.52
CA LYS LC 242 90.45 -126.12 45.90
C LYS LC 242 91.24 -125.39 44.82
N GLY LC 243 90.58 -125.17 43.67
CA GLY LC 243 91.23 -124.48 42.58
C GLY LC 243 91.22 -122.97 42.69
N LYS LC 244 91.35 -122.45 43.91
CA LYS LC 244 91.62 -121.03 44.10
C LYS LC 244 93.04 -120.73 43.62
N TYR LC 245 93.27 -119.44 43.32
CA TYR LC 245 94.52 -118.92 42.75
C TYR LC 245 94.85 -119.59 41.43
N LEU LC 246 93.81 -119.91 40.66
CA LEU LC 246 93.94 -120.62 39.39
C LEU LC 246 92.91 -119.98 38.45
N ARG LC 247 93.38 -119.12 37.56
CA ARG LC 247 92.51 -118.26 36.77
C ARG LC 247 92.14 -118.99 35.48
N ALA LC 248 90.86 -119.29 35.32
CA ALA LC 248 90.35 -120.03 34.17
C ALA LC 248 89.28 -119.23 33.47
N GLN LC 249 89.42 -119.09 32.15
CA GLN LC 249 88.43 -118.37 31.35
C GLN LC 249 87.17 -119.19 31.15
N ARG LC 250 87.30 -120.48 30.85
CA ARG LC 250 86.18 -121.34 30.56
C ARG LC 250 86.13 -122.45 31.60
N SER LC 251 85.05 -122.47 32.39
CA SER LC 251 84.92 -123.45 33.45
C SER LC 251 83.57 -124.16 33.38
N PHE LC 252 83.61 -125.50 33.47
CA PHE LC 252 82.42 -126.33 33.54
C PHE LC 252 82.52 -127.20 34.78
N VAL LC 253 81.60 -127.01 35.73
CA VAL LC 253 81.62 -127.70 37.01
C VAL LC 253 80.33 -128.49 37.15
N LYS LC 254 80.45 -129.79 37.44
CA LYS LC 254 79.29 -130.62 37.75
C LYS LC 254 79.56 -131.38 39.04
N THR LC 255 78.81 -131.06 40.08
CA THR LC 255 79.02 -131.60 41.41
C THR LC 255 77.78 -132.34 41.88
N HIS LC 256 77.96 -133.59 42.30
CA HIS LC 256 76.91 -134.40 42.88
C HIS LC 256 76.95 -134.24 44.40
N ASP LC 257 76.31 -135.18 45.12
CA ASP LC 257 76.16 -135.08 46.57
C ASP LC 257 77.49 -135.09 47.31
N LYS LC 258 77.64 -134.15 48.26
CA LYS LC 258 78.79 -134.00 49.14
C LYS LC 258 80.08 -133.75 48.34
N SER LC 259 80.12 -132.59 47.70
CA SER LC 259 81.25 -132.19 46.88
C SER LC 259 81.61 -130.74 47.15
N VAL LC 260 82.91 -130.44 47.14
CA VAL LC 260 83.44 -129.12 47.45
C VAL LC 260 84.30 -128.68 46.28
N ALA LC 261 83.96 -127.53 45.70
CA ALA LC 261 84.71 -126.98 44.58
C ALA LC 261 84.95 -125.49 44.82
N GLU LC 262 86.19 -125.05 44.61
CA GLU LC 262 86.60 -123.66 44.81
C GLU LC 262 87.17 -123.15 43.51
N ILE LC 263 86.48 -122.18 42.88
CA ILE LC 263 86.74 -121.76 41.52
C ILE LC 263 87.23 -120.31 41.53
N SER LC 264 87.95 -119.94 40.48
CA SER LC 264 88.43 -118.57 40.29
C SER LC 264 88.22 -118.15 38.84
N ALA LC 265 87.00 -118.34 38.34
CA ALA LC 265 86.68 -118.06 36.94
C ALA LC 265 86.73 -116.56 36.64
N VAL LC 266 87.14 -116.24 35.41
CA VAL LC 266 87.35 -114.86 35.00
C VAL LC 266 86.45 -114.48 33.82
N ASN LC 267 86.19 -115.40 32.91
CA ASN LC 267 85.43 -115.08 31.71
C ASN LC 267 84.08 -115.78 31.66
N HIS LC 268 84.05 -117.11 31.69
CA HIS LC 268 82.82 -117.84 31.44
C HIS LC 268 82.71 -119.00 32.42
N GLN LC 269 81.63 -119.02 33.19
CA GLN LC 269 81.45 -119.96 34.28
C GLN LC 269 80.13 -120.70 34.13
N SER LC 270 80.19 -122.03 34.20
CA SER LC 270 79.05 -122.90 33.99
C SER LC 270 79.02 -123.89 35.15
N SER LC 271 78.22 -123.60 36.17
CA SER LC 271 78.25 -124.37 37.40
C SER LC 271 76.94 -125.09 37.65
N LEU LC 272 77.03 -126.36 38.03
CA LEU LC 272 75.87 -127.19 38.30
C LEU LC 272 76.11 -128.01 39.56
N ALA LC 273 75.13 -128.01 40.46
CA ALA LC 273 75.17 -128.78 41.69
C ALA LC 273 73.86 -129.52 41.88
N THR LC 274 73.93 -130.80 42.27
CA THR LC 274 72.72 -131.60 42.43
C THR LC 274 72.10 -131.39 43.81
N ASP LC 275 72.81 -131.76 44.87
CA ASP LC 275 72.29 -131.64 46.22
C ASP LC 275 73.47 -131.58 47.18
N ALA LC 276 73.42 -130.63 48.12
CA ALA LC 276 74.42 -130.46 49.19
C ALA LC 276 75.84 -130.29 48.65
N SER LC 277 75.96 -129.66 47.48
CA SER LC 277 77.23 -129.52 46.79
C SER LC 277 77.59 -128.04 46.77
N ASP LC 278 78.77 -127.70 47.27
CA ASP LC 278 79.16 -126.32 47.44
C ASP LC 278 80.19 -125.94 46.38
N ILE LC 279 79.84 -124.94 45.58
CA ILE LC 279 80.72 -124.35 44.59
C ILE LC 279 80.95 -122.90 45.00
N TYR LC 280 82.19 -122.57 45.29
CA TYR LC 280 82.55 -121.27 45.86
C TYR LC 280 83.44 -120.56 44.86
N TYR LC 281 82.90 -119.57 44.16
CA TYR LC 281 83.79 -118.83 43.27
C TYR LC 281 84.54 -117.78 44.06
N TYR LC 282 85.58 -117.22 43.44
CA TYR LC 282 86.36 -116.20 44.12
C TYR LC 282 86.74 -115.05 43.19
N ASN LC 283 86.03 -114.88 42.09
CA ASN LC 283 86.27 -113.77 41.19
C ASN LC 283 84.99 -113.50 40.41
N LEU LC 284 84.66 -112.23 40.23
CA LEU LC 284 83.53 -111.86 39.38
C LEU LC 284 83.90 -112.10 37.93
N SER LC 285 83.34 -113.15 37.34
CA SER LC 285 83.60 -113.44 35.95
C SER LC 285 82.80 -112.49 35.06
N LYS LC 286 83.15 -112.46 33.78
CA LYS LC 286 82.39 -111.66 32.84
C LYS LC 286 81.02 -112.25 32.57
N THR LC 287 80.87 -113.56 32.69
CA THR LC 287 79.57 -114.21 32.56
C THR LC 287 79.57 -115.49 33.38
N ARG LC 288 78.64 -115.58 34.33
CA ARG LC 288 78.55 -116.72 35.23
C ARG LC 288 77.11 -117.19 35.27
N ALA LC 289 76.90 -118.50 35.16
CA ALA LC 289 75.57 -119.05 35.35
C ALA LC 289 75.66 -120.31 36.21
N ASP LC 290 74.74 -120.40 37.18
CA ASP LC 290 74.75 -121.44 38.19
C ASP LC 290 73.39 -122.11 38.23
N PHE LC 291 73.39 -123.40 38.59
CA PHE LC 291 72.15 -124.14 38.67
C PHE LC 291 72.23 -125.16 39.80
N MET LC 292 71.14 -125.25 40.57
CA MET LC 292 71.01 -126.20 41.66
C MET LC 292 69.80 -127.08 41.41
N ALA LC 293 69.94 -128.37 41.69
CA ALA LC 293 68.85 -129.31 41.50
C ALA LC 293 68.03 -129.47 42.78
N PHE LC 294 68.66 -129.94 43.86
CA PHE LC 294 67.94 -130.18 45.11
C PHE LC 294 68.43 -129.28 46.23
N ASN LC 295 69.72 -129.38 46.60
CA ASN LC 295 70.23 -128.63 47.73
C ASN LC 295 71.58 -127.99 47.44
N GLY LC 296 72.00 -127.93 46.18
CA GLY LC 296 73.31 -127.39 45.85
C GLY LC 296 73.35 -125.88 46.01
N SER LC 297 74.57 -125.37 46.13
CA SER LC 297 74.75 -123.96 46.45
C SER LC 297 76.02 -123.44 45.78
N VAL LC 298 75.91 -122.24 45.20
CA VAL LC 298 77.04 -121.53 44.63
C VAL LC 298 77.13 -120.18 45.34
N LEU LC 299 78.29 -119.89 45.91
CA LEU LC 299 78.46 -118.70 46.72
C LEU LC 299 79.73 -117.96 46.38
N ASP LC 300 79.83 -116.75 46.94
CA ASP LC 300 80.76 -115.71 46.53
C ASP LC 300 81.98 -115.62 47.44
N MET LC 301 81.73 -115.55 48.75
CA MET LC 301 82.72 -115.38 49.85
C MET LC 301 83.90 -114.47 49.50
N ARG LC 302 83.58 -113.28 49.04
CA ARG LC 302 84.58 -112.25 48.90
C ARG LC 302 84.74 -111.53 50.24
N GLU LC 303 85.71 -110.63 50.30
CA GLU LC 303 86.08 -110.03 51.58
C GLU LC 303 85.10 -108.98 52.06
N TRP LC 304 84.36 -108.35 51.15
CA TRP LC 304 83.49 -107.19 51.40
C TRP LC 304 84.23 -106.00 52.02
N GLY LC 305 85.55 -105.93 51.87
CA GLY LC 305 86.30 -104.87 52.52
C GLY LC 305 87.45 -104.36 51.68
N GLN LC 306 87.47 -104.76 50.41
CA GLN LC 306 88.52 -104.32 49.51
C GLN LC 306 88.32 -102.88 49.08
N SER LC 307 89.42 -102.15 48.93
CA SER LC 307 89.35 -100.78 48.46
C SER LC 307 89.00 -100.69 46.98
N ASP LC 308 89.20 -101.75 46.20
CA ASP LC 308 89.01 -101.69 44.76
C ASP LC 308 88.22 -102.87 44.23
N LEU LC 309 87.38 -103.50 45.05
CA LEU LC 309 86.54 -104.58 44.56
C LEU LC 309 85.42 -104.03 43.70
N LYS LC 310 85.20 -104.63 42.54
CA LYS LC 310 84.18 -104.16 41.62
C LYS LC 310 82.84 -104.81 41.91
N ASP LC 311 81.79 -104.18 41.41
CA ASP LC 311 80.42 -104.65 41.60
C ASP LC 311 79.99 -105.45 40.38
N PHE LC 312 78.70 -105.78 40.33
CA PHE LC 312 78.14 -106.45 39.17
C PHE LC 312 77.94 -105.48 38.02
N ASP LC 313 77.68 -106.04 36.85
CA ASP LC 313 77.23 -105.30 35.68
C ASP LC 313 75.92 -105.92 35.22
N ARG LC 314 75.34 -105.31 34.18
CA ARG LC 314 74.08 -105.80 33.63
C ARG LC 314 74.26 -107.17 32.99
N TYR LC 315 75.43 -107.41 32.41
CA TYR LC 315 75.65 -108.65 31.67
C TYR LC 315 75.83 -109.83 32.60
N ASN LC 316 76.48 -109.64 33.75
CA ASN LC 316 76.77 -110.73 34.67
C ASN LC 316 75.95 -110.63 35.95
N LYS LC 317 74.77 -110.01 35.87
CA LYS LC 317 73.88 -109.94 37.03
C LYS LC 317 73.02 -111.21 37.05
N GLN LC 318 73.64 -112.30 37.49
CA GLN LC 318 72.98 -113.59 37.58
C GLN LC 318 72.43 -113.80 38.99
N PHE LC 319 71.22 -114.32 39.07
CA PHE LC 319 70.52 -114.44 40.35
C PHE LC 319 70.20 -115.89 40.64
N PRO LC 320 70.68 -116.45 41.75
CA PRO LC 320 70.35 -117.81 42.17
C PRO LC 320 68.90 -117.93 42.63
N ASP MC 39 32.37 -97.68 50.95
CA ASP MC 39 31.61 -96.73 51.74
C ASP MC 39 32.07 -96.73 53.20
N GLY MC 40 32.07 -97.89 53.82
CA GLY MC 40 32.50 -98.02 55.19
C GLY MC 40 34.01 -97.89 55.32
N CYS MC 41 34.45 -96.78 55.91
CA CYS MC 41 35.88 -96.51 56.00
C CYS MC 41 36.52 -97.32 57.12
N CYS MC 42 36.02 -97.17 58.34
CA CYS MC 42 36.43 -98.05 59.43
C CYS MC 42 35.47 -99.23 59.57
N SER MC 43 35.21 -99.90 58.45
CA SER MC 43 34.30 -101.04 58.43
C SER MC 43 34.99 -102.26 59.01
N LYS MC 44 34.18 -103.11 59.66
CA LYS MC 44 34.63 -104.26 60.45
C LYS MC 44 35.66 -103.84 61.51
N MET MC 45 35.44 -102.67 62.08
CA MET MC 45 36.30 -102.12 63.11
C MET MC 45 35.39 -101.51 64.17
N GLY MC 46 35.97 -100.73 65.08
CA GLY MC 46 35.18 -100.12 66.12
C GLY MC 46 34.31 -98.97 65.66
N GLY MC 47 34.47 -98.52 64.42
CA GLY MC 47 33.76 -97.37 63.91
C GLY MC 47 34.70 -96.21 63.66
N ILE MC 48 34.12 -95.10 63.22
CA ILE MC 48 34.86 -93.91 62.86
C ILE MC 48 34.80 -92.95 64.04
N ASN MC 49 35.97 -92.56 64.54
CA ASN MC 49 35.98 -91.64 65.67
C ASN MC 49 35.88 -90.18 65.20
N TYR MC 50 36.91 -89.71 64.50
CA TYR MC 50 36.93 -88.32 64.05
C TYR MC 50 37.97 -88.17 62.94
N CYS MC 51 37.94 -87.01 62.30
CA CYS MC 51 38.80 -86.68 61.17
C CYS MC 51 40.01 -85.90 61.67
N ASP MC 52 41.16 -86.56 61.75
CA ASP MC 52 42.42 -85.87 62.05
C ASP MC 52 42.76 -85.01 60.85
N SER MC 53 42.52 -83.71 61.00
CA SER MC 53 42.76 -82.75 59.92
C SER MC 53 44.22 -82.38 59.78
N SER MC 54 45.06 -82.72 60.76
CA SER MC 54 46.49 -82.61 60.56
C SER MC 54 46.95 -83.57 59.47
N ALA MC 55 46.38 -84.78 59.45
CA ALA MC 55 46.64 -85.73 58.39
C ALA MC 55 45.57 -85.72 57.31
N GLY MC 56 44.43 -85.08 57.56
CA GLY MC 56 43.33 -85.15 56.61
C GLY MC 56 42.72 -86.53 56.50
N ARG MC 57 42.86 -87.34 57.55
CA ARG MC 57 42.50 -88.74 57.48
C ARG MC 57 41.62 -89.10 58.67
N LEU MC 58 40.71 -90.04 58.44
CA LEU MC 58 39.85 -90.50 59.52
C LEU MC 58 40.63 -91.38 60.49
N VAL MC 59 40.19 -91.37 61.75
CA VAL MC 59 40.78 -92.19 62.79
C VAL MC 59 39.71 -93.17 63.24
N CYS MC 60 40.02 -94.46 63.19
CA CYS MC 60 39.06 -95.45 63.62
C CYS MC 60 39.00 -95.50 65.14
N ASN MC 61 37.97 -96.17 65.66
CA ASN MC 61 37.82 -96.32 67.10
C ASN MC 61 38.91 -97.20 67.69
N ASN MC 62 39.26 -98.29 67.00
CA ASN MC 62 40.54 -98.92 67.24
C ASN MC 62 41.63 -98.04 66.64
N GLY MC 63 42.81 -98.07 67.26
CA GLY MC 63 43.82 -97.05 67.01
C GLY MC 63 44.50 -97.07 65.65
N PHE MC 64 43.73 -97.01 64.57
CA PHE MC 64 44.29 -97.09 63.23
C PHE MC 64 43.67 -96.02 62.35
N TYR MC 65 44.46 -95.52 61.41
CA TYR MC 65 43.95 -94.58 60.43
C TYR MC 65 43.14 -95.30 59.37
N SER MC 66 42.02 -94.71 58.99
CA SER MC 66 41.22 -95.25 57.91
C SER MC 66 41.92 -95.06 56.57
N THR MC 67 41.49 -95.84 55.60
CA THR MC 67 41.98 -95.67 54.24
C THR MC 67 41.28 -94.53 53.51
N CYS MC 68 40.18 -94.01 54.04
CA CYS MC 68 39.55 -92.84 53.45
C CYS MC 68 40.26 -91.57 53.90
N TYR MC 69 40.12 -90.53 53.10
CA TYR MC 69 40.48 -89.19 53.52
C TYR MC 69 39.23 -88.44 53.95
N CYS MC 70 39.44 -87.30 54.58
CA CYS MC 70 38.32 -86.47 55.00
C CYS MC 70 38.58 -84.97 54.85
N THR MC 71 39.72 -84.57 54.29
CA THR MC 71 39.99 -83.16 54.08
C THR MC 71 40.63 -83.00 52.71
N ARG MC 72 40.27 -81.90 52.03
CA ARG MC 72 40.83 -81.65 50.71
C ARG MC 72 42.30 -81.26 50.74
N HIS MC 73 42.85 -80.91 51.90
CA HIS MC 73 44.29 -80.64 52.01
C HIS MC 73 45.05 -81.90 52.38
N ALA MC 74 44.83 -82.98 51.63
CA ALA MC 74 45.46 -84.26 51.91
C ALA MC 74 46.13 -84.77 50.64
N VAL MC 75 46.74 -85.96 50.75
CA VAL MC 75 47.44 -86.56 49.62
C VAL MC 75 46.44 -87.38 48.84
N MET MC 76 45.90 -86.80 47.78
CA MET MC 76 45.14 -87.54 46.78
C MET MC 76 46.02 -87.65 45.55
N ASP MC 77 46.55 -88.84 45.31
CA ASP MC 77 47.51 -89.05 44.22
C ASP MC 77 46.73 -89.28 42.95
N LEU MC 78 46.49 -88.19 42.22
CA LEU MC 78 45.78 -88.21 40.95
C LEU MC 78 46.76 -87.87 39.83
N GLN MC 79 46.62 -88.55 38.69
CA GLN MC 79 47.48 -88.32 37.55
C GLN MC 79 46.73 -87.88 36.31
N PHE MC 80 45.42 -87.74 36.39
CA PHE MC 80 44.60 -87.36 35.25
C PHE MC 80 43.85 -86.08 35.60
N LEU MC 81 43.77 -85.17 34.63
CA LEU MC 81 43.11 -83.89 34.82
C LEU MC 81 42.13 -83.65 33.69
N MET MC 82 41.39 -82.55 33.80
CA MET MC 82 40.39 -82.15 32.83
C MET MC 82 40.72 -80.77 32.28
N GLY MC 83 39.86 -80.28 31.40
CA GLY MC 83 39.99 -78.95 30.86
C GLY MC 83 41.07 -78.85 29.80
N CYS MC 84 41.15 -77.66 29.21
CA CYS MC 84 42.17 -77.41 28.20
C CYS MC 84 42.94 -76.14 28.52
N CYS MC 85 43.79 -75.70 27.56
CA CYS MC 85 44.79 -74.65 27.76
C CYS MC 85 45.70 -74.98 28.93
N LEU MC 86 46.05 -76.25 29.06
CA LEU MC 86 46.84 -76.73 30.17
C LEU MC 86 48.32 -76.46 29.93
N TRP MC 87 49.07 -76.36 31.03
CA TRP MC 87 50.49 -75.96 31.06
C TRP MC 87 50.70 -74.63 30.34
N HIS MC 88 49.77 -73.71 30.54
CA HIS MC 88 49.77 -72.42 29.88
C HIS MC 88 49.13 -71.43 30.84
N GLY MC 89 48.70 -70.29 30.31
CA GLY MC 89 48.06 -69.29 31.14
C GLY MC 89 46.61 -69.56 31.49
N GLY MC 90 46.09 -70.74 31.16
CA GLY MC 90 44.69 -71.02 31.36
C GLY MC 90 43.87 -70.63 30.16
N VAL MC 91 42.58 -70.93 30.25
CA VAL MC 91 41.66 -70.57 29.19
C VAL MC 91 41.38 -69.07 29.28
N TYR MC 92 41.58 -68.36 28.18
CA TYR MC 92 41.31 -66.93 28.16
C TYR MC 92 39.81 -66.69 28.21
N PRO MC 93 39.31 -65.94 29.18
CA PRO MC 93 37.87 -65.73 29.30
C PRO MC 93 37.29 -64.64 28.40
N GLN MC 94 38.06 -64.16 27.42
CA GLN MC 94 37.51 -63.16 26.51
C GLN MC 94 36.54 -63.81 25.54
N LEU MC 95 35.74 -62.97 24.89
CA LEU MC 95 34.67 -63.43 24.02
C LEU MC 95 35.13 -63.38 22.57
N ASN MC 96 35.09 -64.54 21.91
CA ASN MC 96 35.46 -64.67 20.50
C ASN MC 96 34.22 -64.98 19.68
N SER MC 97 34.12 -64.35 18.51
CA SER MC 97 32.99 -64.59 17.61
C SER MC 97 32.99 -66.01 17.06
N SER MC 98 34.16 -66.56 16.81
CA SER MC 98 34.29 -67.93 16.33
C SER MC 98 34.37 -68.89 17.50
N GLY MC 99 34.68 -70.15 17.21
CA GLY MC 99 34.99 -71.13 18.22
C GLY MC 99 36.46 -71.21 18.59
N LEU MC 100 37.26 -70.27 18.10
CA LEU MC 100 38.69 -70.27 18.39
C LEU MC 100 38.93 -69.84 19.83
N VAL MC 101 39.51 -70.74 20.63
CA VAL MC 101 39.87 -70.44 22.00
C VAL MC 101 41.37 -70.22 22.05
N VAL MC 102 41.78 -69.06 22.50
CA VAL MC 102 43.17 -68.78 22.76
C VAL MC 102 43.40 -69.00 24.25
N CYS MC 103 44.64 -69.26 24.61
CA CYS MC 103 45.03 -69.34 26.01
C CYS MC 103 45.72 -68.04 26.42
N ASN MC 104 45.90 -67.87 27.73
CA ASN MC 104 46.48 -66.63 28.22
C ASN MC 104 47.97 -66.51 27.96
N ASP MC 105 48.63 -67.59 27.53
CA ASP MC 105 49.99 -67.49 27.05
C ASP MC 105 50.08 -67.21 25.56
N GLY MC 106 48.93 -67.04 24.89
CA GLY MC 106 48.89 -66.83 23.47
C GLY MC 106 48.68 -68.08 22.64
N TYR MC 107 48.78 -69.26 23.24
CA TYR MC 107 48.58 -70.50 22.52
C TYR MC 107 47.10 -70.73 22.27
N VAL MC 108 46.79 -71.54 21.25
CA VAL MC 108 45.43 -71.87 20.87
C VAL MC 108 45.25 -73.37 20.99
N SER MC 109 44.22 -73.79 21.73
CA SER MC 109 43.91 -75.20 21.90
C SER MC 109 42.96 -75.62 20.80
N GLU MC 110 43.49 -76.36 19.82
CA GLU MC 110 42.72 -76.69 18.63
C GLU MC 110 41.66 -77.74 18.95
N GLU MC 111 42.05 -78.79 19.67
CA GLU MC 111 41.11 -79.85 20.01
C GLU MC 111 40.06 -79.40 21.01
N CYS MC 112 40.34 -78.33 21.76
CA CYS MC 112 39.30 -77.72 22.60
C CYS MC 112 38.45 -76.73 21.81
N SER MC 113 38.90 -76.33 20.62
CA SER MC 113 38.19 -75.34 19.84
C SER MC 113 37.12 -76.01 18.99
N LEU MC 114 36.14 -75.19 18.58
CA LEU MC 114 35.12 -75.66 17.66
C LEU MC 114 35.71 -75.85 16.28
N GLN MC 115 35.59 -77.07 15.75
CA GLN MC 115 36.18 -77.41 14.47
C GLN MC 115 35.19 -77.10 13.35
N LYS MC 116 35.53 -77.54 12.14
CA LYS MC 116 34.69 -77.33 10.98
C LYS MC 116 34.67 -78.56 10.08
N UNK NC 1 63.80 -98.01 59.54
CA UNK NC 1 63.47 -98.49 60.88
C UNK NC 1 64.38 -99.66 61.27
N UNK NC 2 64.09 -100.82 60.67
CA UNK NC 2 64.88 -102.06 60.84
C UNK NC 2 64.97 -102.49 62.31
N UNK NC 3 63.85 -102.37 63.03
CA UNK NC 3 63.83 -102.75 64.44
C UNK NC 3 62.43 -103.15 64.84
N UNK NC 4 62.34 -103.97 65.88
CA UNK NC 4 61.08 -104.38 66.47
C UNK NC 4 60.94 -103.92 67.92
N UNK NC 5 61.98 -104.11 68.73
CA UNK NC 5 61.95 -103.70 70.12
C UNK NC 5 63.31 -103.11 70.48
N UNK NC 6 63.28 -101.98 71.18
CA UNK NC 6 64.49 -101.34 71.67
C UNK NC 6 64.91 -102.04 72.95
N UNK NC 7 65.64 -103.13 72.77
CA UNK NC 7 66.13 -103.91 73.91
C UNK NC 7 67.25 -103.15 74.63
N UNK NC 8 67.39 -103.43 75.91
CA UNK NC 8 68.36 -102.75 76.77
C UNK NC 8 69.31 -103.75 77.42
N UNK NC 9 70.58 -103.37 77.46
CA UNK NC 9 71.68 -104.10 78.15
C UNK NC 9 71.80 -105.57 77.75
N UNK OC 1 103.19 0.96 -54.48
CA UNK OC 1 102.13 0.38 -53.66
C UNK OC 1 102.68 -0.07 -52.31
N UNK OC 2 102.37 -1.32 -51.95
CA UNK OC 2 102.90 -1.95 -50.74
C UNK OC 2 103.62 -3.21 -51.17
N UNK OC 3 104.86 -3.37 -50.72
CA UNK OC 3 105.68 -4.51 -51.11
C UNK OC 3 105.67 -5.58 -50.03
N UNK OC 4 105.25 -6.79 -50.40
CA UNK OC 4 105.36 -7.92 -49.51
C UNK OC 4 106.81 -8.30 -49.24
N UNK OC 5 107.71 -8.02 -50.18
CA UNK OC 5 109.14 -8.20 -49.93
C UNK OC 5 109.63 -7.24 -48.85
N UNK OC 6 109.18 -5.99 -48.88
CA UNK OC 6 109.53 -5.04 -47.83
C UNK OC 6 108.90 -5.44 -46.51
N UNK OC 7 107.68 -5.99 -46.55
CA UNK OC 7 107.03 -6.47 -45.33
C UNK OC 7 107.78 -7.65 -44.72
N UNK OC 8 108.24 -8.58 -45.55
CA UNK OC 8 109.01 -9.72 -45.05
C UNK OC 8 110.38 -9.28 -44.55
N UNK OC 9 110.99 -8.28 -45.20
CA UNK OC 9 112.26 -7.75 -44.73
C UNK OC 9 112.10 -7.04 -43.38
N UNK OC 10 111.00 -6.30 -43.20
CA UNK OC 10 110.72 -5.67 -41.92
C UNK OC 10 110.43 -6.72 -40.86
N UNK OC 11 109.74 -7.81 -41.23
CA UNK OC 11 109.49 -8.90 -40.29
C UNK OC 11 110.79 -9.58 -39.88
N UNK OC 12 111.73 -9.76 -40.83
CA UNK OC 12 113.01 -10.34 -40.50
C UNK OC 12 113.85 -9.40 -39.64
N UNK OC 13 113.73 -8.09 -39.86
CA UNK OC 13 114.41 -7.13 -39.00
C UNK OC 13 113.81 -7.10 -37.60
N UNK OC 14 112.50 -7.32 -37.48
CA UNK OC 14 111.86 -7.38 -36.17
C UNK OC 14 112.14 -8.70 -35.47
N UNK OC 15 112.38 -9.78 -36.22
CA UNK OC 15 112.62 -11.08 -35.61
C UNK OC 15 113.93 -11.15 -34.86
N UNK OC 16 114.87 -10.26 -35.16
CA UNK OC 16 116.12 -10.11 -34.39
C UNK OC 16 116.06 -8.74 -33.73
N UNK OC 17 115.42 -8.68 -32.56
CA UNK OC 17 115.37 -7.43 -31.83
C UNK OC 17 116.71 -7.13 -31.17
N UNK OC 18 117.35 -8.17 -30.61
CA UNK OC 18 118.69 -8.13 -30.02
C UNK OC 18 118.81 -7.13 -28.87
N UNK OC 19 117.71 -6.89 -28.16
CA UNK OC 19 117.71 -5.96 -27.02
C UNK OC 19 116.57 -6.35 -26.10
N UNK OC 20 116.91 -6.91 -24.94
CA UNK OC 20 115.89 -7.35 -23.98
C UNK OC 20 116.56 -7.39 -22.60
N UNK OC 21 116.33 -6.34 -21.81
CA UNK OC 21 116.87 -6.24 -20.47
C UNK OC 21 115.75 -6.32 -19.43
N UNK OC 22 116.08 -6.84 -18.25
CA UNK OC 22 115.10 -7.04 -17.19
C UNK OC 22 115.57 -6.39 -15.91
N UNK OC 23 114.62 -5.89 -15.14
CA UNK OC 23 114.88 -5.24 -13.85
C UNK OC 23 113.79 -5.68 -12.88
N UNK OC 24 114.08 -6.73 -12.11
CA UNK OC 24 113.07 -7.29 -11.22
C UNK OC 24 113.22 -6.71 -9.82
N UNK OC 25 112.17 -6.89 -9.02
CA UNK OC 25 112.15 -6.39 -7.65
C UNK OC 25 111.19 -7.23 -6.83
N UNK OC 26 111.36 -7.17 -5.52
CA UNK OC 26 110.51 -7.90 -4.58
C UNK OC 26 109.56 -6.92 -3.89
N UNK OC 27 108.83 -7.44 -2.91
CA UNK OC 27 107.92 -6.62 -2.13
C UNK OC 27 108.57 -5.98 -0.91
N UNK OC 28 109.86 -6.25 -0.67
CA UNK OC 28 110.56 -5.73 0.51
C UNK OC 28 111.65 -4.73 0.14
N UNK OC 29 111.40 -3.89 -0.88
CA UNK OC 29 112.30 -2.82 -1.33
C UNK OC 29 113.68 -3.35 -1.72
N UNK OC 30 113.71 -4.50 -2.39
CA UNK OC 30 114.94 -5.10 -2.91
C UNK OC 30 114.78 -5.27 -4.41
N UNK OC 31 115.62 -4.57 -5.17
CA UNK OC 31 115.55 -4.58 -6.62
C UNK OC 31 116.91 -4.94 -7.21
N UNK OC 32 116.88 -5.61 -8.36
CA UNK OC 32 118.10 -5.95 -9.07
C UNK OC 32 117.77 -6.11 -10.55
N UNK OC 33 118.68 -5.64 -11.40
CA UNK OC 33 118.53 -5.72 -12.85
C UNK OC 33 119.63 -6.60 -13.42
N UNK OC 34 119.30 -7.30 -14.50
CA UNK OC 34 120.28 -8.16 -15.17
C UNK OC 34 120.69 -7.55 -16.51
N UNK OC 35 121.74 -8.12 -17.10
CA UNK OC 35 122.22 -7.68 -18.40
C UNK OC 35 121.25 -8.09 -19.50
N UNK OC 36 121.30 -7.37 -20.61
CA UNK OC 36 120.42 -7.65 -21.73
C UNK OC 36 120.82 -8.96 -22.42
N UNK OC 37 119.82 -9.65 -22.95
CA UNK OC 37 120.03 -10.92 -23.63
C UNK OC 37 119.04 -11.03 -24.78
N UNK OC 38 119.11 -12.18 -25.46
CA UNK OC 38 118.27 -12.53 -26.62
C UNK OC 38 118.30 -11.48 -27.73
N UNK OC 39 106.54 -12.46 -6.98
CA UNK OC 39 107.45 -11.49 -6.41
C UNK OC 39 108.24 -10.75 -7.49
N UNK OC 40 109.26 -11.41 -8.02
CA UNK OC 40 110.11 -10.81 -9.05
C UNK OC 40 109.52 -10.90 -10.45
N UNK OC 41 108.40 -11.60 -10.62
CA UNK OC 41 107.82 -11.81 -11.95
C UNK OC 41 107.00 -10.59 -12.34
N UNK OC 42 107.71 -9.57 -12.82
CA UNK OC 42 107.09 -8.35 -13.32
C UNK OC 42 107.02 -8.41 -14.83
N UNK OC 43 105.80 -8.38 -15.38
CA UNK OC 43 105.64 -8.38 -16.82
C UNK OC 43 105.98 -7.03 -17.43
N UNK OC 44 106.08 -5.98 -16.62
CA UNK OC 44 106.48 -4.66 -17.09
C UNK OC 44 107.98 -4.42 -16.99
N UNK OC 45 108.75 -5.39 -16.48
CA UNK OC 45 110.17 -5.21 -16.29
C UNK OC 45 110.98 -5.32 -17.58
N UNK OC 46 110.36 -5.74 -18.68
CA UNK OC 46 111.08 -5.90 -19.92
C UNK OC 46 111.36 -4.55 -20.57
N UNK OC 47 112.57 -4.39 -21.09
CA UNK OC 47 112.96 -3.20 -21.83
C UNK OC 47 113.64 -3.62 -23.12
N UNK OC 48 113.21 -3.05 -24.23
CA UNK OC 48 113.77 -3.39 -25.53
C UNK OC 48 114.26 -2.14 -26.26
N LYS PC 24 52.83 -122.31 43.56
CA LYS PC 24 52.25 -123.08 42.46
C LYS PC 24 52.19 -122.26 41.18
N PHE PC 25 51.58 -121.08 41.27
CA PHE PC 25 51.43 -120.19 40.13
C PHE PC 25 52.46 -119.07 40.24
N LYS PC 26 53.47 -119.11 39.38
CA LYS PC 26 54.47 -118.05 39.34
C LYS PC 26 53.86 -116.85 38.63
N LYS PC 27 53.64 -115.78 39.38
CA LYS PC 27 53.07 -114.58 38.79
C LYS PC 27 54.11 -113.88 37.95
N PRO PC 28 53.80 -113.49 36.72
CA PRO PC 28 54.70 -112.65 35.95
C PRO PC 28 54.75 -111.25 36.53
N PRO PC 29 55.79 -110.48 36.20
CA PRO PC 29 55.82 -109.07 36.62
C PRO PC 29 54.69 -108.28 35.99
N ILE PC 30 54.24 -107.25 36.71
CA ILE PC 30 53.12 -106.44 36.24
C ILE PC 30 53.55 -105.59 35.04
N ASN PC 31 54.72 -104.96 35.14
CA ASN PC 31 55.21 -104.12 34.05
C ASN PC 31 56.09 -104.91 33.09
N ASN PC 32 55.58 -106.03 32.60
CA ASN PC 32 56.27 -106.76 31.55
C ASN PC 32 56.07 -106.05 30.22
N PRO PC 33 57.13 -105.62 29.55
CA PRO PC 33 56.98 -104.87 28.29
C PRO PC 33 56.66 -105.79 27.11
N SER PC 34 55.37 -106.02 26.89
CA SER PC 34 54.92 -106.94 25.85
C SER PC 34 54.64 -106.25 24.51
N ASP PC 35 55.28 -105.11 24.26
CA ASP PC 35 55.06 -104.37 23.03
C ASP PC 35 56.39 -103.92 22.44
N ASP PC 36 56.43 -103.88 21.11
CA ASP PC 36 57.68 -103.67 20.39
C ASP PC 36 58.17 -102.23 20.53
N ALA PC 37 57.25 -101.27 20.42
CA ALA PC 37 57.60 -99.88 20.66
C ALA PC 37 58.03 -99.67 22.10
N THR PC 38 57.40 -100.39 23.03
CA THR PC 38 57.76 -100.29 24.44
C THR PC 38 59.16 -100.81 24.71
N ILE PC 39 59.52 -101.96 24.13
CA ILE PC 39 60.84 -102.51 24.39
C ILE PC 39 61.91 -101.69 23.68
N LYS PC 40 61.59 -101.16 22.49
CA LYS PC 40 62.53 -100.28 21.81
C LYS PC 40 62.75 -99.00 22.59
N LEU PC 41 61.68 -98.47 23.19
CA LEU PC 41 61.78 -97.28 24.01
C LEU PC 41 62.59 -97.54 25.28
N ALA PC 42 62.40 -98.71 25.89
CA ALA PC 42 63.15 -99.05 27.10
C ALA PC 42 64.64 -99.22 26.81
N GLU PC 43 64.96 -99.86 25.68
CA GLU PC 43 66.36 -99.98 25.27
C GLU PC 43 66.96 -98.61 24.95
N ALA PC 44 66.17 -97.73 24.34
CA ALA PC 44 66.63 -96.36 24.09
C ALA PC 44 66.88 -95.63 25.39
N ALA PC 45 66.04 -95.85 26.40
CA ALA PC 45 66.23 -95.21 27.70
C ALA PC 45 67.48 -95.73 28.38
N VAL PC 46 67.76 -97.04 28.23
CA VAL PC 46 68.99 -97.61 28.76
C VAL PC 46 70.20 -96.97 28.10
N SER PC 47 70.14 -96.80 26.78
CA SER PC 47 71.23 -96.15 26.06
C SER PC 47 71.39 -94.69 26.47
N VAL PC 48 70.28 -94.00 26.72
CA VAL PC 48 70.31 -92.61 27.14
C VAL PC 48 70.97 -92.47 28.49
N SER PC 49 70.62 -93.37 29.42
CA SER PC 49 71.23 -93.37 30.74
C SER PC 49 72.72 -93.66 30.67
N ASP PC 50 73.11 -94.60 29.80
CA ASP PC 50 74.52 -94.91 29.62
C ASP PC 50 75.28 -93.73 29.04
N SER PC 51 74.67 -93.04 28.07
CA SER PC 51 75.32 -91.88 27.45
C SER PC 51 75.50 -90.74 28.45
N MET PC 52 74.49 -90.52 29.29
CA MET PC 52 74.62 -89.49 30.32
C MET PC 52 75.65 -89.87 31.36
N LEU PC 53 75.74 -91.17 31.69
CA LEU PC 53 76.77 -91.65 32.60
C LEU PC 53 78.16 -91.42 32.04
N GLU PC 54 78.34 -91.69 30.76
CA GLU PC 54 79.66 -91.49 30.14
C GLU PC 54 80.02 -90.02 30.05
N MET PC 55 79.04 -89.17 29.74
CA MET PC 55 79.28 -87.74 29.71
C MET PC 55 79.66 -87.20 31.08
N ALA PC 56 78.97 -87.67 32.12
CA ALA PC 56 79.29 -87.25 33.48
C ALA PC 56 80.67 -87.75 33.90
N LYS PC 57 81.02 -88.98 33.54
CA LYS PC 57 82.32 -89.53 33.93
C LYS PC 57 83.45 -88.86 33.16
N VAL PC 58 83.20 -88.42 31.93
CA VAL PC 58 84.25 -87.78 31.16
C VAL PC 58 84.34 -86.29 31.47
N GLU PC 59 83.31 -85.69 32.05
CA GLU PC 59 83.35 -84.26 32.34
C GLU PC 59 83.61 -83.96 33.81
N LYS PC 60 83.45 -84.94 34.70
CA LYS PC 60 83.59 -84.70 36.12
C LYS PC 60 85.05 -84.50 36.51
N VAL PC 61 85.29 -83.50 37.35
CA VAL PC 61 86.63 -83.15 37.80
C VAL PC 61 86.59 -82.99 39.32
N ILE PC 62 87.46 -83.73 40.03
CA ILE PC 62 87.60 -83.62 41.47
C ILE PC 62 89.07 -83.39 41.80
N THR PC 63 89.31 -83.00 43.05
CA THR PC 63 90.65 -83.00 43.61
C THR PC 63 90.85 -84.24 44.47
N PRO PC 64 92.04 -84.83 44.49
CA PRO PC 64 92.29 -85.96 45.37
C PRO PC 64 92.40 -85.50 46.82
N PRO PC 65 92.10 -86.37 47.78
CA PRO PC 65 92.29 -86.01 49.20
C PRO PC 65 93.74 -85.96 49.64
N SER PC 66 94.69 -86.30 48.76
CA SER PC 66 96.09 -86.14 49.09
C SER PC 66 96.54 -84.68 49.06
N LYS PC 67 95.79 -83.81 48.37
CA LYS PC 67 96.22 -82.43 48.24
C LYS PC 67 95.09 -81.42 48.34
N ASP PC 68 93.90 -81.84 48.78
CA ASP PC 68 92.80 -80.91 48.94
C ASP PC 68 93.05 -79.97 50.11
N ASN PC 69 92.62 -78.72 49.96
CA ASN PC 69 92.87 -77.69 50.98
C ASN PC 69 91.68 -77.60 51.94
N THR PC 70 91.46 -78.71 52.65
CA THR PC 70 90.44 -78.79 53.68
C THR PC 70 91.14 -79.03 55.01
N LEU PC 71 90.84 -78.18 55.99
CA LEU PC 71 91.46 -78.31 57.30
C LEU PC 71 90.94 -79.55 58.01
N THR PC 72 91.87 -80.35 58.53
CA THR PC 72 91.50 -81.60 59.17
C THR PC 72 91.02 -81.36 60.59
N ILE PC 73 90.54 -82.43 61.20
CA ILE PC 73 90.10 -82.38 62.60
C ILE PC 73 91.33 -82.32 63.51
N PRO PC 74 91.42 -81.33 64.41
CA PRO PC 74 92.61 -81.23 65.27
C PRO PC 74 92.65 -82.21 66.41
N ASN PC 75 91.58 -83.00 66.60
CA ASN PC 75 91.45 -84.12 67.56
C ASN PC 75 91.85 -83.77 69.00
N ALA PC 76 91.66 -82.51 69.39
CA ALA PC 76 91.89 -82.12 70.77
C ALA PC 76 90.70 -82.55 71.63
N TYR PC 77 90.95 -82.64 72.93
CA TYR PC 77 89.91 -83.11 73.85
C TYR PC 77 88.83 -82.06 74.07
N ASN PC 78 89.23 -80.79 74.19
CA ASN PC 78 88.32 -79.73 74.59
C ASN PC 78 87.50 -79.19 73.43
N LEU PC 79 87.42 -79.91 72.31
CA LEU PC 79 86.69 -79.47 71.14
C LEU PC 79 85.53 -80.41 70.79
N GLN PC 80 85.11 -81.24 71.74
CA GLN PC 80 84.02 -82.18 71.51
C GLN PC 80 82.72 -81.70 72.12
N ALA PC 81 82.64 -80.44 72.54
CA ALA PC 81 81.40 -79.90 73.09
C ALA PC 81 80.40 -79.62 71.98
N ARG PC 82 79.13 -79.91 72.25
CA ARG PC 82 78.07 -79.77 71.27
C ARG PC 82 77.40 -78.41 71.42
N ALA PC 83 76.81 -77.93 70.32
CA ALA PC 83 76.19 -76.61 70.30
C ALA PC 83 75.13 -76.54 69.22
N SER PC 84 74.26 -75.55 69.36
CA SER PC 84 73.28 -75.14 68.34
C SER PC 84 73.44 -73.64 68.17
N VAL PC 85 74.16 -73.22 67.14
CA VAL PC 85 74.48 -71.81 66.94
C VAL PC 85 74.00 -71.40 65.56
N ASP PC 86 73.22 -70.34 65.49
CA ASP PC 86 72.86 -69.70 64.23
C ASP PC 86 73.51 -68.32 64.19
N TRP PC 87 74.38 -68.12 63.20
CA TRP PC 87 75.00 -66.83 62.96
C TRP PC 87 74.92 -66.55 61.47
N SER PC 88 74.72 -65.29 61.11
CA SER PC 88 74.69 -64.87 59.72
C SER PC 88 75.34 -63.49 59.66
N GLY PC 89 76.62 -63.45 59.32
CA GLY PC 89 77.31 -62.18 59.19
C GLY PC 89 78.81 -62.31 59.23
N PRO PC 90 79.47 -61.34 59.90
CA PRO PC 90 80.94 -61.36 60.00
C PRO PC 90 81.50 -62.54 60.77
N ILE PC 91 82.84 -62.65 60.77
CA ILE PC 91 83.52 -63.89 61.10
C ILE PC 91 84.37 -63.77 62.36
N GLU PC 92 84.95 -62.59 62.62
CA GLU PC 92 86.03 -62.47 63.60
C GLU PC 92 85.52 -62.63 65.03
N GLU PC 93 84.43 -61.95 65.36
CA GLU PC 93 83.85 -62.09 66.69
C GLU PC 93 83.25 -63.48 66.90
N LEU PC 94 82.79 -64.13 65.82
CA LEU PC 94 82.31 -65.50 65.91
C LEU PC 94 83.45 -66.45 66.25
N THR PC 95 84.61 -66.25 65.63
CA THR PC 95 85.78 -67.04 65.96
C THR PC 95 86.26 -66.76 67.38
N ALA PC 96 86.13 -65.50 67.82
CA ALA PC 96 86.48 -65.16 69.19
C ALA PC 96 85.56 -65.87 70.18
N ARG PC 97 84.27 -65.94 69.87
CA ARG PC 97 83.32 -66.66 70.74
C ARG PC 97 83.61 -68.15 70.76
N ILE PC 98 83.97 -68.72 69.61
CA ILE PC 98 84.33 -70.14 69.55
C ILE PC 98 85.58 -70.42 70.37
N ALA PC 99 86.58 -69.53 70.26
CA ALA PC 99 87.80 -69.68 71.03
C ALA PC 99 87.54 -69.53 72.53
N LYS PC 100 86.64 -68.63 72.89
CA LYS PC 100 86.31 -68.44 74.31
C LYS PC 100 85.55 -69.64 74.86
N ALA PC 101 84.64 -70.21 74.06
CA ALA PC 101 83.94 -71.40 74.50
C ALA PC 101 84.86 -72.60 74.60
N ALA PC 102 85.85 -72.68 73.73
CA ALA PC 102 86.86 -73.73 73.82
C ALA PC 102 87.96 -73.42 74.81
N HIS PC 103 87.93 -72.21 75.42
CA HIS PC 103 88.95 -71.72 76.34
C HIS PC 103 90.33 -71.72 75.70
N PHE PC 104 90.37 -71.29 74.45
CA PHE PC 104 91.59 -71.20 73.67
C PHE PC 104 91.85 -69.74 73.33
N ARG PC 105 93.13 -69.38 73.23
CA ARG PC 105 93.45 -68.03 72.83
C ARG PC 105 93.32 -67.89 71.31
N PHE PC 106 93.11 -66.67 70.86
CA PHE PC 106 92.81 -66.40 69.46
C PHE PC 106 93.62 -65.21 68.96
N ARG PC 107 94.14 -65.35 67.74
CA ARG PC 107 94.97 -64.31 67.15
C ARG PC 107 94.68 -64.22 65.65
N VAL PC 108 95.04 -63.07 65.08
CA VAL PC 108 94.77 -62.76 63.68
C VAL PC 108 96.06 -62.34 63.01
N LEU PC 109 96.40 -62.99 61.91
CA LEU PC 109 97.47 -62.56 61.01
C LEU PC 109 96.86 -62.25 59.65
N GLY PC 110 97.20 -61.09 59.11
CA GLY PC 110 96.65 -60.65 57.85
C GLY PC 110 95.95 -59.32 58.01
N LYS PC 111 95.27 -58.91 56.93
CA LYS PC 111 94.63 -57.61 56.87
C LYS PC 111 93.14 -57.79 56.66
N SER PC 112 92.34 -57.17 57.52
CA SER PC 112 90.90 -57.22 57.38
C SER PC 112 90.47 -56.27 56.26
N PRO PC 113 89.75 -56.74 55.25
CA PRO PC 113 89.36 -55.85 54.15
C PRO PC 113 88.26 -54.89 54.58
N SER PC 114 88.11 -53.84 53.78
CA SER PC 114 87.01 -52.90 53.99
C SER PC 114 85.67 -53.56 53.75
N VAL PC 115 85.55 -54.33 52.69
CA VAL PC 115 84.39 -55.21 52.52
C VAL PC 115 84.51 -56.37 53.50
N PRO PC 116 83.49 -56.65 54.30
CA PRO PC 116 83.63 -57.68 55.33
C PRO PC 116 83.65 -59.09 54.76
N VAL PC 117 83.99 -60.03 55.62
CA VAL PC 117 83.94 -61.45 55.31
C VAL PC 117 82.69 -62.02 55.93
N LEU PC 118 81.75 -62.48 55.10
CA LEU PC 118 80.41 -62.80 55.55
C LEU PC 118 80.16 -64.30 55.43
N ILE PC 119 79.60 -64.88 56.49
CA ILE PC 119 79.28 -66.29 56.54
C ILE PC 119 77.90 -66.46 57.16
N SER PC 120 77.35 -67.66 57.00
CA SER PC 120 76.04 -67.98 57.54
C SER PC 120 75.94 -69.47 57.76
N ILE PC 121 75.52 -69.88 58.96
CA ILE PC 121 75.43 -71.28 59.33
C ILE PC 121 74.46 -71.41 60.50
N SER PC 122 73.60 -72.43 60.43
CA SER PC 122 72.71 -72.74 61.55
C SER PC 122 72.71 -74.25 61.73
N THR PC 123 73.08 -74.70 62.93
CA THR PC 123 73.11 -76.11 63.25
C THR PC 123 72.28 -76.38 64.49
N LYS PC 124 72.13 -77.66 64.81
CA LYS PC 124 71.43 -78.07 66.02
C LYS PC 124 72.29 -78.90 66.96
N ASP PC 125 73.01 -79.90 66.45
CA ASP PC 125 73.79 -80.75 67.35
C ASP PC 125 75.03 -81.23 66.61
N GLU PC 126 76.14 -80.51 66.77
CA GLU PC 126 77.44 -80.94 66.31
C GLU PC 126 78.49 -80.20 67.12
N SER PC 127 79.75 -80.56 66.90
CA SER PC 127 80.82 -80.03 67.73
C SER PC 127 81.56 -78.89 67.05
N LEU PC 128 82.28 -78.14 67.88
CA LEU PC 128 82.89 -76.89 67.47
C LEU PC 128 84.02 -77.11 66.48
N ALA PC 129 84.66 -78.27 66.51
CA ALA PC 129 85.75 -78.56 65.58
C ALA PC 129 85.25 -78.63 64.15
N GLU PC 130 84.20 -79.42 63.91
CA GLU PC 130 83.64 -79.47 62.56
C GLU PC 130 82.87 -78.20 62.22
N ILE PC 131 82.40 -77.46 63.23
CA ILE PC 131 81.85 -76.13 62.98
C ILE PC 131 82.92 -75.22 62.40
N LEU PC 132 84.11 -75.22 62.99
CA LEU PC 132 85.24 -74.45 62.48
C LEU PC 132 85.69 -74.95 61.12
N ARG PC 133 85.59 -76.26 60.89
CA ARG PC 133 85.88 -76.82 59.58
C ARG PC 133 84.94 -76.27 58.53
N ASP PC 134 83.65 -76.17 58.86
CA ASP PC 134 82.67 -75.56 57.96
C ASP PC 134 82.95 -74.08 57.75
N ILE PC 135 83.43 -73.39 58.80
CA ILE PC 135 83.79 -71.98 58.69
C ILE PC 135 84.93 -71.79 57.71
N ASP PC 136 85.96 -72.63 57.83
CA ASP PC 136 87.09 -72.55 56.91
C ASP PC 136 86.70 -72.95 55.49
N TYR PC 137 85.73 -73.86 55.35
CA TYR PC 137 85.21 -74.17 54.03
C TYR PC 137 84.51 -72.98 53.41
N GLN PC 138 83.68 -72.27 54.18
CA GLN PC 138 83.00 -71.10 53.67
C GLN PC 138 83.95 -69.92 53.46
N ALA PC 139 85.12 -69.96 54.09
CA ALA PC 139 86.11 -68.91 53.90
C ALA PC 139 86.62 -68.87 52.47
N GLY PC 140 86.82 -70.04 51.87
CA GLY PC 140 87.37 -70.05 50.53
C GLY PC 140 88.85 -69.71 50.53
N LYS PC 141 89.27 -69.02 49.48
CA LYS PC 141 90.65 -68.60 49.34
C LYS PC 141 90.92 -67.23 49.94
N LYS PC 142 89.90 -66.56 50.47
CA LYS PC 142 90.10 -65.24 51.04
C LYS PC 142 90.76 -65.31 52.41
N ALA PC 143 90.52 -66.39 53.17
CA ALA PC 143 91.11 -66.54 54.49
C ALA PC 143 91.18 -68.01 54.85
N SER PC 144 91.90 -68.30 55.92
CA SER PC 144 92.07 -69.66 56.42
C SER PC 144 92.19 -69.62 57.94
N ILE PC 145 92.19 -70.80 58.54
CA ILE PC 145 92.25 -70.94 59.99
C ILE PC 145 93.37 -71.91 60.34
N HIS PC 146 94.28 -71.50 61.22
CA HIS PC 146 95.31 -72.37 61.74
C HIS PC 146 95.02 -72.69 63.19
N VAL PC 147 95.04 -73.98 63.53
CA VAL PC 147 94.72 -74.47 64.86
C VAL PC 147 95.97 -75.10 65.45
N TYR PC 148 96.32 -74.70 66.68
CA TYR PC 148 97.49 -75.23 67.34
C TYR PC 148 97.08 -75.74 68.72
N PRO PC 149 97.30 -77.02 69.02
CA PRO PC 149 97.11 -77.53 70.39
C PRO PC 149 98.37 -77.60 71.24
N ASN PC 150 99.53 -77.15 70.73
CA ASN PC 150 100.70 -77.05 71.61
C ASN PC 150 100.56 -75.85 72.54
N SER PC 151 100.53 -74.66 71.97
CA SER PC 151 99.96 -73.49 72.62
C SER PC 151 98.54 -73.38 72.13
N GLN PC 152 97.58 -73.39 73.05
CA GLN PC 152 96.18 -73.68 72.74
C GLN PC 152 95.56 -72.47 72.03
N VAL PC 153 95.87 -72.34 70.75
CA VAL PC 153 95.58 -71.11 70.03
C VAL PC 153 94.88 -71.44 68.72
N VAL PC 154 94.06 -70.50 68.26
CA VAL PC 154 93.48 -70.50 66.93
C VAL PC 154 93.81 -69.17 66.29
N GLU PC 155 94.01 -69.19 64.97
CA GLU PC 155 94.51 -68.01 64.27
C GLU PC 155 93.79 -67.87 62.94
N LEU PC 156 93.35 -66.64 62.65
CA LEU PC 156 92.72 -66.31 61.38
C LEU PC 156 93.79 -65.72 60.46
N ARG PC 157 93.96 -66.32 59.29
CA ARG PC 157 94.96 -65.89 58.32
C ARG PC 157 94.24 -65.31 57.12
N TYR PC 158 94.39 -64.00 56.92
CA TYR PC 158 93.81 -63.37 55.74
C TYR PC 158 94.64 -63.68 54.50
N ALA PC 159 94.12 -63.26 53.35
CA ALA PC 159 94.87 -63.25 52.11
C ALA PC 159 95.38 -61.84 51.84
N LYS PC 160 96.03 -61.67 50.70
CA LYS PC 160 96.55 -60.36 50.33
C LYS PC 160 95.49 -59.55 49.58
N ILE QC 208 108.73 -100.38 31.81
CA ILE QC 208 108.13 -101.71 31.67
C ILE QC 208 107.31 -102.04 32.91
N ILE QC 209 106.08 -102.47 32.68
CA ILE QC 209 105.12 -102.76 33.75
C ILE QC 209 105.07 -104.26 33.96
N TYR QC 210 105.00 -104.67 35.22
CA TYR QC 210 104.93 -106.08 35.58
C TYR QC 210 103.51 -106.41 36.03
N TYR QC 211 103.11 -107.66 35.83
CA TYR QC 211 101.78 -108.11 36.22
C TYR QC 211 101.87 -109.51 36.81
N ILE QC 212 100.91 -109.82 37.66
CA ILE QC 212 100.85 -111.11 38.32
C ILE QC 212 100.10 -112.09 37.43
N GLN QC 213 100.45 -113.37 37.53
CA GLN QC 213 99.70 -114.41 36.83
C GLN QC 213 99.10 -115.45 37.76
N ALA QC 214 99.92 -116.09 38.58
CA ALA QC 214 99.47 -117.16 39.45
C ALA QC 214 99.95 -116.92 40.87
N VAL QC 215 99.12 -117.29 41.84
CA VAL QC 215 99.29 -116.90 43.22
C VAL QC 215 99.55 -118.14 44.07
N ILE QC 216 100.46 -118.02 45.03
CA ILE QC 216 100.70 -119.05 46.04
C ILE QC 216 101.17 -118.31 47.29
N PRO QC 217 101.00 -118.87 48.49
CA PRO QC 217 101.63 -118.25 49.66
C PRO QC 217 103.14 -118.38 49.64
N GLY QC 218 103.83 -117.27 49.43
CA GLY QC 218 105.29 -117.28 49.47
C GLY QC 218 105.94 -116.81 48.19
N ARG QC 219 105.38 -117.21 47.04
CA ARG QC 219 105.92 -116.86 45.73
C ARG QC 219 104.78 -116.52 44.80
N ALA QC 220 105.12 -116.06 43.60
CA ALA QC 220 104.09 -115.72 42.62
C ALA QC 220 104.68 -115.82 41.23
N TRP QC 221 103.79 -115.94 40.24
CA TRP QC 221 104.18 -115.86 38.84
C TRP QC 221 104.05 -114.42 38.38
N LEU QC 222 104.99 -113.99 37.54
CA LEU QC 222 105.00 -112.63 37.05
C LEU QC 222 105.34 -112.63 35.56
N ILE QC 223 104.65 -111.77 34.80
CA ILE QC 223 104.98 -111.52 33.40
C ILE QC 223 105.03 -110.00 33.21
N GLY QC 224 106.14 -109.53 32.64
CA GLY QC 224 106.30 -108.11 32.38
C GLY QC 224 105.61 -107.67 31.11
N SER QC 225 105.97 -106.46 30.68
CA SER QC 225 105.39 -105.89 29.47
C SER QC 225 105.86 -106.62 28.22
N ASN QC 226 107.13 -107.03 28.18
CA ASN QC 226 107.66 -107.74 27.02
C ASN QC 226 107.18 -109.18 26.95
N GLY QC 227 106.81 -109.79 28.08
CA GLY QC 227 106.41 -111.18 28.10
C GLY QC 227 107.38 -112.13 28.78
N SER QC 228 108.39 -111.62 29.47
CA SER QC 228 109.33 -112.49 30.18
C SER QC 228 108.68 -113.10 31.42
N THR QC 229 109.02 -114.34 31.71
CA THR QC 229 108.43 -115.09 32.81
C THR QC 229 109.32 -115.01 34.04
N LEU QC 230 108.71 -114.75 35.20
CA LEU QC 230 109.42 -114.62 36.46
C LEU QC 230 108.66 -115.37 37.54
N THR QC 231 109.40 -115.88 38.51
CA THR QC 231 108.83 -116.37 39.76
C THR QC 231 109.45 -115.57 40.89
N VAL QC 232 108.61 -114.95 41.71
CA VAL QC 232 109.03 -113.92 42.63
C VAL QC 232 108.76 -114.38 44.06
N ARG QC 233 109.77 -114.30 44.92
CA ARG QC 233 109.66 -114.67 46.32
C ARG QC 233 109.16 -113.47 47.12
N GLU QC 234 109.17 -113.59 48.45
CA GLU QC 234 108.75 -112.47 49.29
C GLU QC 234 109.78 -111.36 49.27
N GLY QC 235 111.05 -111.70 49.43
CA GLY QC 235 112.10 -110.70 49.34
C GLY QC 235 112.96 -110.94 48.11
N SER QC 236 112.78 -110.10 47.10
CA SER QC 236 113.53 -110.21 45.86
C SER QC 236 113.48 -108.87 45.15
N LYS QC 237 114.50 -108.60 44.35
CA LYS QC 237 114.60 -107.34 43.64
C LYS QC 237 114.25 -107.54 42.17
N ILE QC 238 113.54 -106.57 41.62
CA ILE QC 238 113.20 -106.54 40.20
C ILE QC 238 113.51 -105.14 39.68
N PRO QC 239 113.96 -105.01 38.43
CA PRO QC 239 114.21 -103.67 37.88
C PRO QC 239 112.93 -102.92 37.63
N GLY QC 240 112.95 -101.62 37.93
CA GLY QC 240 111.80 -100.77 37.77
C GLY QC 240 110.86 -100.76 38.97
N TYR QC 241 110.99 -101.71 39.89
CA TYR QC 241 110.19 -101.73 41.10
C TYR QC 241 111.01 -101.83 42.38
N GLY QC 242 112.25 -102.25 42.32
CA GLY QC 242 113.06 -102.35 43.51
C GLY QC 242 112.87 -103.66 44.24
N MET QC 243 112.93 -103.62 45.57
CA MET QC 243 112.78 -104.82 46.39
C MET QC 243 111.34 -104.98 46.81
N VAL QC 244 110.77 -106.15 46.52
CA VAL QC 244 109.40 -106.42 46.95
C VAL QC 244 109.42 -106.83 48.42
N LYS QC 245 108.40 -106.41 49.15
CA LYS QC 245 108.30 -106.71 50.56
C LYS QC 245 107.05 -107.48 50.91
N LEU QC 246 105.91 -107.11 50.34
CA LEU QC 246 104.62 -107.69 50.70
C LEU QC 246 104.11 -108.52 49.54
N ILE QC 247 103.81 -109.79 49.80
CA ILE QC 247 103.13 -110.65 48.86
C ILE QC 247 101.78 -111.01 49.48
N ASP QC 248 100.70 -110.73 48.73
CA ASP QC 248 99.35 -111.06 49.16
C ASP QC 248 98.88 -112.28 48.39
N SER QC 249 98.26 -113.22 49.11
CA SER QC 249 97.64 -114.37 48.48
C SER QC 249 96.13 -114.22 48.36
N LEU QC 250 95.48 -113.62 49.35
CA LEU QC 250 94.04 -113.42 49.25
C LEU QC 250 93.71 -112.30 48.29
N GLN QC 251 94.63 -111.34 48.10
CA GLN QC 251 94.45 -110.28 47.14
C GLN QC 251 95.59 -110.31 46.13
N GLY QC 252 95.34 -109.69 44.97
CA GLY QC 252 96.35 -109.59 43.95
C GLY QC 252 97.13 -108.29 44.03
N ARG QC 253 97.75 -108.03 45.16
CA ARG QC 253 98.50 -106.79 45.37
C ARG QC 253 99.91 -107.13 45.84
N ILE QC 254 100.91 -106.56 45.18
CA ILE QC 254 102.31 -106.75 45.56
C ILE QC 254 102.92 -105.38 45.82
N LEU QC 255 103.39 -105.17 47.04
CA LEU QC 255 103.95 -103.88 47.43
C LEU QC 255 105.46 -103.88 47.21
N THR QC 256 105.96 -102.82 46.57
CA THR QC 256 107.37 -102.74 46.25
C THR QC 256 108.03 -101.62 47.04
N SER QC 257 109.37 -101.59 46.99
CA SER QC 257 110.13 -100.55 47.67
C SER QC 257 110.03 -99.21 46.96
N SER QC 258 109.73 -99.19 45.66
CA SER QC 258 109.65 -97.94 44.92
C SER QC 258 108.30 -97.25 45.09
N GLY QC 259 107.39 -97.81 45.87
CA GLY QC 259 106.13 -97.17 46.17
C GLY QC 259 104.96 -97.58 45.31
N GLN QC 260 105.08 -98.65 44.54
CA GLN QC 260 104.01 -99.09 43.67
C GLN QC 260 103.62 -100.53 43.98
N VAL QC 261 102.43 -100.90 43.51
CA VAL QC 261 101.86 -102.22 43.76
C VAL QC 261 101.59 -102.88 42.41
N ILE QC 262 102.17 -104.06 42.23
CA ILE QC 262 101.89 -104.89 41.06
C ILE QC 262 100.56 -105.59 41.27
N LYS QC 263 99.67 -105.48 40.28
CA LYS QC 263 98.37 -106.13 40.34
C LYS QC 263 98.15 -106.98 39.09
N PHE QC 264 96.93 -107.49 38.92
CA PHE QC 264 96.55 -108.21 37.72
C PHE QC 264 96.03 -107.24 36.67
N SER QC 265 96.21 -107.60 35.41
CA SER QC 265 95.71 -106.80 34.31
C SER QC 265 94.26 -107.18 34.00
N GLN QC 266 93.66 -106.42 33.09
CA GLN QC 266 92.28 -106.66 32.71
C GLN QC 266 92.18 -107.10 31.26
N MET RC 23 42.06 -112.28 68.80
CA MET RC 23 42.66 -112.20 67.47
C MET RC 23 42.56 -110.79 66.92
N LYS RC 24 41.67 -109.99 67.50
CA LYS RC 24 41.51 -108.62 67.05
C LYS RC 24 42.68 -107.76 67.51
N PHE RC 25 43.06 -106.81 66.66
CA PHE RC 25 44.21 -105.94 66.92
C PHE RC 25 43.75 -104.58 67.39
N LYS RC 26 44.66 -103.86 68.03
CA LYS RC 26 44.35 -102.55 68.57
C LYS RC 26 45.66 -101.78 68.76
N LYS RC 27 45.51 -100.48 69.01
CA LYS RC 27 46.59 -99.60 69.41
C LYS RC 27 46.15 -98.85 70.67
N PRO RC 28 47.07 -98.57 71.60
CA PRO RC 28 46.67 -98.18 72.98
C PRO RC 28 45.92 -96.84 73.07
N PRO RC 29 46.51 -95.68 72.66
CA PRO RC 29 45.99 -94.43 73.19
C PRO RC 29 44.73 -93.95 72.48
N ILE RC 30 43.57 -94.47 72.89
CA ILE RC 30 42.30 -94.11 72.29
C ILE RC 30 41.57 -93.15 73.24
N ASN RC 31 41.01 -92.09 72.68
CA ASN RC 31 40.42 -91.01 73.46
C ASN RC 31 39.02 -90.69 72.95
N ASN RC 32 38.44 -89.65 73.54
CA ASN RC 32 37.25 -89.02 73.04
C ASN RC 32 37.55 -88.28 71.74
N PRO RC 33 36.54 -88.03 70.90
CA PRO RC 33 36.79 -87.28 69.65
C PRO RC 33 37.25 -85.86 69.91
N SER RC 34 38.04 -85.35 68.95
CA SER RC 34 38.79 -84.11 69.10
C SER RC 34 38.12 -82.97 68.35
N ASP RC 35 38.80 -81.82 68.28
CA ASP RC 35 38.34 -80.66 67.55
C ASP RC 35 39.48 -80.08 66.73
N ASP RC 36 39.19 -79.82 65.45
CA ASP RC 36 40.18 -79.35 64.49
C ASP RC 36 40.72 -77.96 64.84
N ALA RC 37 39.88 -77.11 65.44
CA ALA RC 37 40.36 -75.80 65.84
C ALA RC 37 41.40 -75.90 66.95
N THR RC 38 41.18 -76.79 67.90
CA THR RC 38 42.19 -77.06 68.92
C THR RC 38 43.43 -77.71 68.32
N ILE RC 39 43.26 -78.51 67.26
CA ILE RC 39 44.41 -79.09 66.57
C ILE RC 39 45.27 -77.98 65.98
N LYS RC 40 44.62 -77.01 65.32
CA LYS RC 40 45.33 -75.89 64.73
C LYS RC 40 45.99 -75.02 65.79
N LEU RC 41 45.30 -74.82 66.91
CA LEU RC 41 45.88 -74.05 68.01
C LEU RC 41 47.09 -74.74 68.60
N ALA RC 42 47.03 -76.08 68.73
CA ALA RC 42 48.15 -76.84 69.25
C ALA RC 42 49.35 -76.77 68.31
N GLU RC 43 49.11 -76.89 67.00
CA GLU RC 43 50.25 -76.88 66.09
C GLU RC 43 50.83 -75.48 65.91
N ALA RC 44 50.04 -74.43 66.15
CA ALA RC 44 50.62 -73.10 66.20
C ALA RC 44 51.45 -72.91 67.47
N ALA RC 45 50.89 -73.32 68.61
CA ALA RC 45 51.54 -73.10 69.89
C ALA RC 45 52.79 -73.95 70.07
N VAL RC 46 52.89 -75.07 69.35
CA VAL RC 46 54.12 -75.86 69.37
C VAL RC 46 55.28 -75.05 68.82
N SER RC 47 55.07 -74.40 67.68
CA SER RC 47 56.10 -73.56 67.09
C SER RC 47 56.37 -72.34 67.96
N VAL RC 48 55.31 -71.78 68.56
CA VAL RC 48 55.45 -70.63 69.46
C VAL RC 48 56.32 -70.98 70.66
N SER RC 49 56.04 -72.14 71.27
CA SER RC 49 56.77 -72.57 72.44
C SER RC 49 58.20 -72.95 72.10
N ASP RC 50 58.42 -73.53 70.92
CA ASP RC 50 59.78 -73.85 70.49
C ASP RC 50 60.61 -72.60 70.30
N SER RC 51 60.01 -71.57 69.67
CA SER RC 51 60.70 -70.29 69.50
C SER RC 51 61.00 -69.65 70.85
N MET RC 52 60.05 -69.73 71.78
CA MET RC 52 60.26 -69.20 73.13
C MET RC 52 61.37 -69.96 73.84
N LEU RC 53 61.43 -71.27 73.64
CA LEU RC 53 62.46 -72.09 74.27
C LEU RC 53 63.84 -71.74 73.76
N GLU RC 54 63.99 -71.59 72.45
CA GLU RC 54 65.33 -71.29 71.93
C GLU RC 54 65.75 -69.86 72.25
N MET RC 55 64.81 -68.91 72.26
CA MET RC 55 65.21 -67.55 72.62
C MET RC 55 65.55 -67.46 74.10
N ALA RC 56 64.87 -68.24 74.95
CA ALA RC 56 65.23 -68.30 76.36
C ALA RC 56 66.60 -68.92 76.55
N LYS RC 57 66.92 -69.95 75.75
CA LYS RC 57 68.22 -70.59 75.81
C LYS RC 57 69.33 -69.61 75.44
N VAL RC 58 69.17 -68.91 74.32
CA VAL RC 58 70.23 -68.01 73.87
C VAL RC 58 70.31 -66.79 74.79
N GLU RC 59 69.19 -66.38 75.38
CA GLU RC 59 69.21 -65.26 76.33
C GLU RC 59 69.94 -65.64 77.61
N LYS RC 60 69.68 -66.85 78.11
CA LYS RC 60 70.36 -67.32 79.32
C LYS RC 60 71.85 -67.51 79.07
N VAL RC 61 72.21 -67.96 77.87
CA VAL RC 61 73.62 -68.11 77.53
C VAL RC 61 74.30 -66.75 77.46
N ILE RC 62 73.66 -65.78 76.80
CA ILE RC 62 74.27 -64.47 76.59
C ILE RC 62 74.38 -63.71 77.90
N THR RC 63 73.32 -63.67 78.69
CA THR RC 63 73.35 -62.87 79.91
C THR RC 63 73.99 -63.66 81.05
N PRO RC 64 75.01 -63.11 81.69
CA PRO RC 64 75.58 -63.78 82.87
C PRO RC 64 74.76 -63.47 84.11
N PRO RC 65 74.26 -64.49 84.79
CA PRO RC 65 73.59 -64.25 86.08
C PRO RC 65 74.57 -63.82 87.15
N SER RC 66 74.06 -63.05 88.11
CA SER RC 66 74.90 -62.51 89.18
C SER RC 66 74.50 -63.02 90.55
N LYS RC 67 73.23 -62.91 90.93
CA LYS RC 67 72.81 -63.25 92.28
C LYS RC 67 71.35 -63.66 92.28
N ASP RC 68 70.93 -64.30 93.37
CA ASP RC 68 69.58 -64.80 93.55
C ASP RC 68 68.87 -63.98 94.63
N ASN RC 69 67.55 -63.91 94.52
CA ASN RC 69 66.72 -63.10 95.40
C ASN RC 69 66.33 -63.81 96.68
N THR RC 70 66.81 -65.03 96.89
CA THR RC 70 66.45 -65.80 98.07
C THR RC 70 67.03 -65.21 99.35
N LEU RC 71 68.14 -64.49 99.27
CA LEU RC 71 68.65 -63.81 100.45
C LEU RC 71 67.76 -62.64 100.85
N THR RC 72 67.23 -61.91 99.86
CA THR RC 72 66.29 -60.83 100.15
C THR RC 72 64.95 -61.38 100.58
N ILE RC 73 64.58 -62.56 100.09
CA ILE RC 73 63.31 -63.19 100.43
C ILE RC 73 63.59 -64.52 101.10
N PRO RC 74 63.92 -64.55 102.38
CA PRO RC 74 64.25 -65.83 103.02
C PRO RC 74 63.00 -66.57 103.47
N ASN RC 75 63.20 -67.71 104.09
CA ASN RC 75 62.11 -68.54 104.58
C ASN RC 75 62.29 -68.80 106.06
N ALA RC 76 61.18 -68.89 106.77
CA ALA RC 76 61.20 -69.05 108.22
C ALA RC 76 59.94 -69.79 108.64
N TYR RC 77 59.71 -69.85 109.95
CA TYR RC 77 58.49 -70.48 110.44
C TYR RC 77 57.30 -69.56 110.19
N ASN RC 78 56.11 -70.14 110.37
CA ASN RC 78 54.78 -69.67 109.93
C ASN RC 78 54.81 -69.06 108.52
N LEU RC 79 55.59 -69.70 107.63
CA LEU RC 79 55.69 -69.31 106.24
C LEU RC 79 55.58 -70.52 105.33
N GLN RC 80 55.50 -71.71 105.89
CA GLN RC 80 55.43 -72.94 105.12
C GLN RC 80 54.03 -73.48 105.00
N ALA RC 81 53.03 -72.74 105.50
CA ALA RC 81 51.64 -73.10 105.26
C ALA RC 81 51.34 -72.92 103.78
N ARG RC 82 50.68 -73.89 103.19
CA ARG RC 82 50.66 -73.98 101.74
C ARG RC 82 49.44 -73.31 101.15
N ALA RC 83 49.46 -73.15 99.83
CA ALA RC 83 48.38 -72.48 99.14
C ALA RC 83 48.33 -72.96 97.70
N SER RC 84 47.11 -73.00 97.16
CA SER RC 84 46.88 -73.21 95.74
C SER RC 84 46.09 -72.02 95.22
N VAL RC 85 46.63 -71.33 94.22
CA VAL RC 85 46.16 -69.99 93.87
C VAL RC 85 46.06 -69.86 92.36
N ASP RC 86 44.90 -69.39 91.89
CA ASP RC 86 44.76 -68.81 90.57
C ASP RC 86 44.38 -67.35 90.72
N TRP RC 87 45.15 -66.47 90.10
CA TRP RC 87 44.90 -65.04 90.17
C TRP RC 87 45.39 -64.41 88.88
N SER RC 88 44.59 -63.51 88.33
CA SER RC 88 44.97 -62.79 87.12
C SER RC 88 44.52 -61.34 87.19
N GLY RC 89 44.74 -60.70 88.32
CA GLY RC 89 44.34 -59.32 88.49
C GLY RC 89 45.46 -58.43 88.97
N PRO RC 90 45.11 -57.33 89.63
CA PRO RC 90 46.13 -56.46 90.20
C PRO RC 90 46.84 -57.09 91.37
N ILE RC 91 48.02 -56.54 91.66
CA ILE RC 91 48.93 -57.14 92.63
C ILE RC 91 48.42 -56.96 94.06
N GLU RC 92 47.90 -55.76 94.36
CA GLU RC 92 47.78 -55.28 95.74
C GLU RC 92 46.79 -56.09 96.56
N GLU RC 93 45.66 -56.46 95.97
CA GLU RC 93 44.67 -57.28 96.66
C GLU RC 93 45.23 -58.66 96.99
N LEU RC 94 45.96 -59.25 96.06
CA LEU RC 94 46.56 -60.57 96.26
C LEU RC 94 47.64 -60.54 97.33
N THR RC 95 48.51 -59.53 97.30
CA THR RC 95 49.58 -59.51 98.30
C THR RC 95 49.05 -59.08 99.67
N ALA RC 96 47.96 -58.32 99.73
CA ALA RC 96 47.34 -58.06 101.02
C ALA RC 96 46.69 -59.33 101.58
N ARG RC 97 46.11 -60.16 100.70
CA ARG RC 97 45.57 -61.43 101.11
C ARG RC 97 46.65 -62.35 101.68
N ILE RC 98 47.80 -62.40 101.00
CA ILE RC 98 48.87 -63.27 101.50
C ILE RC 98 49.54 -62.66 102.72
N ALA RC 99 49.46 -61.33 102.91
CA ALA RC 99 49.93 -60.74 104.16
C ALA RC 99 49.03 -61.11 105.32
N LYS RC 100 47.71 -61.12 105.07
CA LYS RC 100 46.76 -61.58 106.08
C LYS RC 100 46.98 -63.05 106.43
N ALA RC 101 47.31 -63.85 105.41
CA ALA RC 101 47.69 -65.24 105.67
C ALA RC 101 48.97 -65.33 106.50
N ALA RC 102 49.94 -64.47 106.20
CA ALA RC 102 51.23 -64.49 106.89
C ALA RC 102 51.18 -63.87 108.27
N HIS RC 103 50.07 -63.21 108.62
CA HIS RC 103 49.90 -62.45 109.87
C HIS RC 103 51.01 -61.42 110.03
N PHE RC 104 51.38 -60.78 108.93
CA PHE RC 104 52.49 -59.84 108.93
C PHE RC 104 51.98 -58.45 108.56
N ARG RC 105 52.72 -57.44 109.00
CA ARG RC 105 52.40 -56.08 108.64
C ARG RC 105 52.70 -55.83 107.18
N PHE RC 106 52.03 -54.83 106.62
CA PHE RC 106 52.19 -54.46 105.21
C PHE RC 106 52.77 -53.05 105.13
N ARG RC 107 53.71 -52.86 104.21
CA ARG RC 107 54.29 -51.55 103.99
C ARG RC 107 54.35 -51.25 102.50
N VAL RC 108 54.00 -50.03 102.15
CA VAL RC 108 53.95 -49.58 100.76
C VAL RC 108 54.94 -48.43 100.59
N LEU RC 109 55.77 -48.53 99.55
CA LEU RC 109 56.74 -47.49 99.25
C LEU RC 109 56.57 -47.05 97.81
N GLY RC 110 56.58 -45.74 97.61
CA GLY RC 110 56.42 -45.18 96.29
C GLY RC 110 54.97 -44.94 95.92
N LYS RC 111 54.77 -44.05 94.95
CA LYS RC 111 53.43 -43.78 94.44
C LYS RC 111 53.02 -44.91 93.50
N SER RC 112 51.75 -45.27 93.55
CA SER RC 112 51.23 -46.21 92.57
C SER RC 112 51.15 -45.53 91.21
N PRO RC 113 51.70 -46.13 90.16
CA PRO RC 113 51.64 -45.50 88.84
C PRO RC 113 50.24 -45.53 88.27
N SER RC 114 50.00 -44.60 87.34
CA SER RC 114 48.71 -44.55 86.66
C SER RC 114 48.47 -45.77 85.80
N VAL RC 115 49.52 -46.30 85.18
CA VAL RC 115 49.42 -47.58 84.49
C VAL RC 115 49.36 -48.67 85.55
N PRO RC 116 48.33 -49.51 85.54
CA PRO RC 116 48.29 -50.61 86.51
C PRO RC 116 49.29 -51.70 86.16
N VAL RC 117 49.67 -52.44 87.19
CA VAL RC 117 50.60 -53.56 87.06
C VAL RC 117 49.81 -54.84 87.30
N LEU RC 118 49.81 -55.73 86.32
CA LEU RC 118 48.96 -56.91 86.32
C LEU RC 118 49.81 -58.16 86.17
N ILE RC 119 49.53 -59.16 86.99
CA ILE RC 119 50.24 -60.43 86.94
C ILE RC 119 49.23 -61.57 87.01
N SER RC 120 49.30 -62.48 86.05
CA SER RC 120 48.48 -63.68 86.05
C SER RC 120 49.26 -64.85 86.62
N ILE RC 121 48.65 -65.57 87.55
CA ILE RC 121 49.30 -66.68 88.25
C ILE RC 121 48.39 -67.89 88.17
N SER RC 122 48.93 -69.00 87.68
CA SER RC 122 48.27 -70.30 87.72
C SER RC 122 49.28 -71.28 88.30
N THR RC 123 49.02 -71.75 89.53
CA THR RC 123 49.97 -72.55 90.27
C THR RC 123 49.25 -73.65 91.04
N LYS RC 124 50.03 -74.49 91.72
CA LYS RC 124 49.48 -75.62 92.47
C LYS RC 124 50.47 -76.05 93.53
N ASP RC 125 50.06 -75.93 94.80
CA ASP RC 125 50.79 -76.44 95.97
C ASP RC 125 52.20 -75.83 96.07
N GLU RC 126 52.23 -74.52 96.28
CA GLU RC 126 53.47 -73.79 96.40
C GLU RC 126 53.50 -73.04 97.73
N SER RC 127 54.66 -73.01 98.35
CA SER RC 127 54.78 -72.26 99.57
C SER RC 127 54.95 -70.77 99.29
N LEU RC 128 54.80 -69.99 100.35
CA LEU RC 128 54.63 -68.55 100.23
C LEU RC 128 55.90 -67.88 99.76
N ALA RC 129 57.06 -68.43 100.12
CA ALA RC 129 58.34 -67.81 99.75
C ALA RC 129 58.58 -67.85 98.25
N GLU RC 130 58.43 -69.02 97.64
CA GLU RC 130 58.61 -69.10 96.20
C GLU RC 130 57.43 -68.48 95.46
N ILE RC 131 56.25 -68.43 96.09
CA ILE RC 131 55.13 -67.69 95.50
C ILE RC 131 55.49 -66.22 95.38
N LEU RC 132 56.06 -65.65 96.44
CA LEU RC 132 56.48 -64.26 96.43
C LEU RC 132 57.63 -64.03 95.48
N ARG RC 133 58.54 -65.01 95.38
CA ARG RC 133 59.64 -64.91 94.43
C ARG RC 133 59.14 -64.87 92.99
N ASP RC 134 58.18 -65.73 92.65
CA ASP RC 134 57.61 -65.74 91.31
C ASP RC 134 56.84 -64.46 91.03
N ILE RC 135 56.15 -63.94 92.05
CA ILE RC 135 55.45 -62.66 91.92
C ILE RC 135 56.43 -61.54 91.62
N ASP RC 136 57.53 -61.51 92.37
CA ASP RC 136 58.53 -60.46 92.21
C ASP RC 136 59.25 -60.58 90.87
N TYR RC 137 59.54 -61.81 90.43
CA TYR RC 137 60.16 -62.03 89.13
C TYR RC 137 59.23 -61.61 87.99
N GLN RC 138 57.94 -61.93 88.11
CA GLN RC 138 57.01 -61.57 87.06
C GLN RC 138 56.73 -60.07 87.05
N ALA RC 139 56.81 -59.42 88.21
CA ALA RC 139 56.70 -57.97 88.25
C ALA RC 139 57.92 -57.32 87.60
N GLY RC 140 59.10 -57.84 87.89
CA GLY RC 140 60.32 -57.36 87.26
C GLY RC 140 60.72 -55.94 87.64
N LYS RC 141 60.88 -55.10 86.62
CA LYS RC 141 61.37 -53.74 86.83
C LYS RC 141 60.37 -52.85 87.56
N LYS RC 142 59.10 -53.21 87.55
CA LYS RC 142 58.06 -52.29 88.01
C LYS RC 142 58.04 -52.15 89.53
N ALA RC 143 58.34 -53.23 90.26
CA ALA RC 143 58.28 -53.17 91.71
C ALA RC 143 59.27 -54.17 92.30
N SER RC 144 59.47 -54.05 93.60
CA SER RC 144 60.30 -54.97 94.36
C SER RC 144 59.63 -55.33 95.67
N ILE RC 145 59.96 -56.51 96.17
CA ILE RC 145 59.38 -57.05 97.39
C ILE RC 145 60.51 -57.30 98.37
N HIS RC 146 60.29 -56.95 99.64
CA HIS RC 146 61.20 -57.34 100.71
C HIS RC 146 60.37 -57.83 101.89
N VAL RC 147 60.97 -58.70 102.69
CA VAL RC 147 60.32 -59.24 103.88
C VAL RC 147 61.31 -59.20 105.03
N TYR RC 148 60.92 -58.58 106.13
CA TYR RC 148 61.74 -58.58 107.34
C TYR RC 148 61.02 -59.42 108.38
N PRO RC 149 61.44 -60.66 108.60
CA PRO RC 149 60.69 -61.56 109.49
C PRO RC 149 60.91 -61.23 110.95
N ASN RC 150 62.07 -60.65 111.27
CA ASN RC 150 62.33 -60.19 112.62
C ASN RC 150 61.41 -59.05 113.00
N SER RC 151 61.13 -58.15 112.07
CA SER RC 151 60.14 -57.11 112.28
C SER RC 151 58.74 -57.56 111.87
N GLN RC 152 58.62 -58.75 111.27
CA GLN RC 152 57.34 -59.35 110.85
C GLN RC 152 56.60 -58.46 109.85
N VAL RC 153 57.34 -57.84 108.95
CA VAL RC 153 56.75 -56.94 107.96
C VAL RC 153 57.06 -57.46 106.56
N VAL RC 154 56.18 -57.12 105.63
CA VAL RC 154 56.40 -57.33 104.21
C VAL RC 154 56.18 -55.98 103.54
N GLU RC 155 57.20 -55.51 102.83
CA GLU RC 155 57.13 -54.22 102.15
C GLU RC 155 57.22 -54.43 100.65
N LEU RC 156 56.45 -53.63 99.91
CA LEU RC 156 56.56 -53.56 98.47
C LEU RC 156 56.93 -52.14 98.11
N ARG RC 157 57.73 -52.00 97.06
CA ARG RC 157 58.23 -50.69 96.65
C ARG RC 157 58.09 -50.55 95.14
N TYR RC 158 57.43 -49.47 94.72
CA TYR RC 158 57.28 -49.18 93.30
C TYR RC 158 58.61 -48.72 92.71
N ALA RC 159 58.67 -48.68 91.39
CA ALA RC 159 59.88 -48.21 90.72
C ALA RC 159 60.02 -46.70 90.85
N LYS RC 160 61.20 -46.26 91.27
CA LYS RC 160 61.54 -44.83 91.29
C LYS RC 160 61.98 -44.41 89.89
N ILE RC 161 60.98 -44.31 89.02
CA ILE RC 161 61.20 -44.12 87.60
C ILE RC 161 60.28 -42.99 87.14
N TYR RC 162 60.56 -42.49 85.94
CA TYR RC 162 59.85 -41.39 85.27
C TYR RC 162 59.94 -40.10 86.08
N ARG SC 207 101.71 -28.83 45.19
CA ARG SC 207 100.76 -27.92 45.82
C ARG SC 207 99.71 -27.48 44.80
N ILE SC 208 98.61 -26.90 45.29
CA ILE SC 208 97.56 -26.42 44.40
C ILE SC 208 98.05 -25.19 43.65
N ILE SC 209 97.97 -25.25 42.32
CA ILE SC 209 98.48 -24.20 41.46
C ILE SC 209 97.34 -23.25 41.11
N TYR SC 210 97.53 -21.97 41.39
CA TYR SC 210 96.58 -20.93 41.04
C TYR SC 210 97.01 -20.27 39.75
N TYR SC 211 96.08 -20.16 38.81
CA TYR SC 211 96.26 -19.40 37.59
C TYR SC 211 95.48 -18.10 37.70
N ILE SC 212 95.76 -17.20 36.77
CA ILE SC 212 95.01 -15.96 36.68
C ILE SC 212 93.87 -16.15 35.70
N GLN SC 213 92.67 -15.72 36.10
CA GLN SC 213 91.52 -15.70 35.21
C GLN SC 213 91.39 -14.35 34.51
N ALA SC 214 91.45 -13.27 35.27
CA ALA SC 214 91.39 -11.91 34.73
C ALA SC 214 92.04 -10.97 35.72
N VAL SC 215 93.06 -10.24 35.28
CA VAL SC 215 93.79 -9.30 36.14
C VAL SC 215 93.58 -7.90 35.61
N ILE SC 216 93.07 -7.01 36.47
CA ILE SC 216 93.01 -5.59 36.17
C ILE SC 216 94.06 -4.96 37.08
N PRO SC 217 94.46 -3.70 36.86
CA PRO SC 217 95.29 -3.03 37.86
C PRO SC 217 94.55 -2.88 39.18
N GLY SC 218 95.27 -3.13 40.28
CA GLY SC 218 94.70 -3.07 41.60
C GLY SC 218 94.22 -4.39 42.15
N ARG SC 219 93.25 -5.02 41.48
CA ARG SC 219 92.68 -6.27 41.94
C ARG SC 219 92.88 -7.36 40.90
N ALA SC 220 93.10 -8.58 41.38
CA ALA SC 220 93.36 -9.72 40.51
C ALA SC 220 92.37 -10.84 40.82
N TRP SC 221 92.01 -11.60 39.80
CA TRP SC 221 91.09 -12.72 39.94
C TRP SC 221 91.82 -13.99 39.56
N LEU SC 222 91.85 -14.95 40.48
CA LEU SC 222 92.61 -16.17 40.31
C LEU SC 222 91.70 -17.37 40.48
N ILE SC 223 92.13 -18.49 39.91
CA ILE SC 223 91.42 -19.76 39.98
C ILE SC 223 92.41 -20.85 40.34
N GLY SC 224 92.09 -21.63 41.37
CA GLY SC 224 92.94 -22.70 41.82
C GLY SC 224 92.85 -23.93 40.94
N SER SC 225 93.55 -24.99 41.38
CA SER SC 225 93.56 -26.23 40.61
C SER SC 225 92.22 -26.94 40.66
N ASN SC 226 91.45 -26.73 41.73
CA ASN SC 226 90.12 -27.31 41.84
C ASN SC 226 89.06 -26.49 41.13
N GLY SC 227 89.43 -25.37 40.52
CA GLY SC 227 88.47 -24.48 39.90
C GLY SC 227 87.88 -23.44 40.81
N SER SC 228 88.36 -23.34 42.05
CA SER SC 228 87.85 -22.34 42.97
C SER SC 228 88.34 -20.95 42.56
N THR SC 229 87.43 -20.00 42.50
CA THR SC 229 87.74 -18.64 42.07
C THR SC 229 87.77 -17.70 43.27
N LEU SC 230 88.66 -16.72 43.20
CA LEU SC 230 88.77 -15.71 44.24
C LEU SC 230 89.37 -14.44 43.64
N THR SC 231 89.27 -13.35 44.40
CA THR SC 231 89.89 -12.08 44.03
C THR SC 231 90.78 -11.61 45.16
N VAL SC 232 91.99 -11.20 44.82
CA VAL SC 232 93.00 -10.77 45.78
C VAL SC 232 93.57 -9.43 45.36
N ARG SC 233 94.30 -8.82 46.29
CA ARG SC 233 95.10 -7.63 46.06
C ARG SC 233 96.56 -7.96 46.37
N GLU SC 234 97.39 -6.93 46.44
CA GLU SC 234 98.80 -7.11 46.82
C GLU SC 234 98.92 -7.65 48.24
N GLY SC 235 98.12 -7.13 49.16
CA GLY SC 235 98.10 -7.69 50.50
C GLY SC 235 97.11 -8.83 50.62
N SER SC 236 97.57 -10.07 50.47
CA SER SC 236 96.70 -11.23 50.55
C SER SC 236 97.46 -12.43 51.06
N LYS SC 237 96.78 -13.23 51.86
CA LYS SC 237 97.34 -14.46 52.42
C LYS SC 237 96.60 -15.64 51.82
N ILE SC 238 97.35 -16.56 51.22
CA ILE SC 238 96.77 -17.64 50.45
C ILE SC 238 97.44 -18.96 50.81
N PRO SC 239 96.70 -20.07 50.86
CA PRO SC 239 97.32 -21.35 51.24
C PRO SC 239 98.18 -21.91 50.13
N GLY SC 240 99.37 -22.37 50.50
CA GLY SC 240 100.33 -22.88 49.55
C GLY SC 240 101.11 -21.82 48.79
N TYR SC 241 100.83 -20.55 49.05
CA TYR SC 241 101.48 -19.45 48.35
C TYR SC 241 102.07 -18.46 49.34
N GLY SC 242 101.43 -18.33 50.49
CA GLY SC 242 101.92 -17.47 51.54
C GLY SC 242 101.47 -16.03 51.41
N MET SC 243 102.35 -15.19 50.87
CA MET SC 243 102.10 -13.75 50.77
C MET SC 243 102.42 -13.29 49.36
N VAL SC 244 101.57 -12.43 48.82
CA VAL SC 244 101.84 -11.81 47.53
C VAL SC 244 102.82 -10.67 47.72
N LYS SC 245 103.88 -10.65 46.91
CA LYS SC 245 104.94 -9.66 47.03
C LYS SC 245 104.81 -8.50 46.04
N LEU SC 246 104.43 -8.79 44.80
CA LEU SC 246 104.34 -7.76 43.77
C LEU SC 246 103.32 -8.17 42.73
N ILE SC 247 102.48 -7.21 42.33
CA ILE SC 247 101.44 -7.44 41.33
C ILE SC 247 101.67 -6.50 40.16
N ASP SC 248 101.78 -7.06 38.96
CA ASP SC 248 101.83 -6.30 37.73
C ASP SC 248 100.78 -6.85 36.77
N SER SC 249 99.83 -5.99 36.37
CA SER SC 249 98.85 -6.39 35.37
C SER SC 249 99.48 -6.56 34.00
N LEU SC 250 100.57 -5.84 33.74
CA LEU SC 250 101.38 -6.09 32.56
C LEU SC 250 102.07 -7.44 32.67
N GLN SC 251 102.10 -8.17 31.55
CA GLN SC 251 102.75 -9.46 31.33
C GLN SC 251 102.11 -10.61 32.10
N GLY SC 252 101.05 -10.37 32.88
CA GLY SC 252 100.29 -11.41 33.55
C GLY SC 252 101.04 -12.21 34.60
N ARG SC 253 101.90 -11.54 35.37
CA ARG SC 253 102.74 -12.22 36.34
C ARG SC 253 102.46 -11.66 37.74
N ILE SC 254 102.21 -12.57 38.69
CA ILE SC 254 102.05 -12.20 40.09
C ILE SC 254 103.11 -12.96 40.89
N LEU SC 255 103.89 -12.24 41.68
CA LEU SC 255 104.96 -12.85 42.46
C LEU SC 255 104.46 -13.22 43.84
N THR SC 256 105.00 -14.31 44.39
CA THR SC 256 104.60 -14.77 45.72
C THR SC 256 105.80 -14.99 46.62
N SER SC 257 105.53 -14.97 47.93
CA SER SC 257 106.55 -15.22 48.96
C SER SC 257 107.01 -16.66 48.95
N SER SC 258 106.24 -17.57 48.36
CA SER SC 258 106.68 -18.93 48.12
C SER SC 258 107.58 -19.05 46.90
N GLY SC 259 107.90 -17.94 46.24
CA GLY SC 259 108.62 -17.95 44.99
C GLY SC 259 107.76 -18.26 43.79
N GLN SC 260 106.46 -18.43 43.98
CA GLN SC 260 105.59 -18.86 42.91
C GLN SC 260 105.22 -17.68 42.01
N VAL SC 261 104.99 -17.98 40.75
CA VAL SC 261 104.58 -17.01 39.75
C VAL SC 261 103.17 -17.39 39.30
N ILE SC 262 102.18 -16.67 39.82
CA ILE SC 262 100.82 -16.84 39.35
C ILE SC 262 100.72 -16.26 37.96
N LYS SC 263 100.22 -17.09 37.03
CA LYS SC 263 100.27 -16.79 35.60
C LYS SC 263 99.19 -17.63 34.93
N PHE SC 264 98.84 -17.25 33.70
CA PHE SC 264 97.94 -18.03 32.89
C PHE SC 264 98.60 -19.34 32.47
N SER SC 265 97.78 -20.27 32.00
CA SER SC 265 98.30 -21.57 31.57
C SER SC 265 98.88 -21.47 30.15
N GLN SC 266 99.69 -22.47 29.81
CA GLN SC 266 100.20 -22.59 28.45
C GLN SC 266 99.08 -22.91 27.46
N GLU SC 267 98.17 -23.80 27.85
CA GLU SC 267 97.10 -24.21 26.94
C GLU SC 267 96.06 -23.11 26.76
N ASP SC 268 95.88 -22.27 27.77
CA ASP SC 268 94.93 -21.15 27.66
C ASP SC 268 95.66 -19.88 27.23
N SER SC 269 96.32 -19.98 26.08
CA SER SC 269 97.10 -18.86 25.55
C SER SC 269 97.26 -18.97 24.04
N GLN TC 791 118.22 25.33 10.44
CA GLN TC 791 117.56 24.04 10.32
C GLN TC 791 116.11 24.24 9.92
N GLN TC 792 115.90 24.68 8.68
CA GLN TC 792 114.59 25.01 8.16
C GLN TC 792 113.84 23.83 7.58
N GLU TC 793 114.45 22.65 7.55
CA GLU TC 793 113.85 21.49 6.90
C GLU TC 793 112.87 20.75 7.80
N ILE TC 794 112.70 21.18 9.05
CA ILE TC 794 111.96 20.39 10.02
C ILE TC 794 110.46 20.52 9.82
N GLN TC 795 109.98 21.74 9.58
CA GLN TC 795 108.56 22.04 9.70
C GLN TC 795 107.73 21.43 8.58
N GLN TC 796 108.32 21.24 7.39
CA GLN TC 796 107.59 20.62 6.30
C GLN TC 796 107.36 19.14 6.57
N ARG TC 797 108.36 18.44 7.12
CA ARG TC 797 108.16 17.07 7.54
C ARG TC 797 107.28 17.00 8.79
N THR TC 798 107.33 18.06 9.60
CA THR TC 798 106.44 18.16 10.76
C THR TC 798 104.98 18.27 10.33
N SER TC 799 104.73 19.04 9.26
CA SER TC 799 103.36 19.42 8.93
C SER TC 799 102.56 18.24 8.34
N ASP TC 800 103.12 17.57 7.34
CA ASP TC 800 102.36 16.56 6.62
C ASP TC 800 102.19 15.30 7.45
N MET TC 801 103.19 14.95 8.25
CA MET TC 801 103.10 13.79 9.12
C MET TC 801 102.04 13.99 10.20
N LEU TC 802 102.00 15.19 10.79
CA LEU TC 802 100.92 15.51 11.73
C LEU TC 802 99.58 15.56 11.03
N THR TC 803 99.56 16.03 9.79
CA THR TC 803 98.33 16.02 9.00
C THR TC 803 97.88 14.59 8.73
N ALA TC 804 98.83 13.69 8.45
CA ALA TC 804 98.49 12.29 8.29
C ALA TC 804 98.08 11.65 9.61
N ALA TC 805 98.76 12.02 10.70
CA ALA TC 805 98.48 11.39 11.99
C ALA TC 805 97.16 11.85 12.59
N THR TC 806 96.60 12.96 12.13
CA THR TC 806 95.39 13.50 12.74
C THR TC 806 94.16 12.67 12.41
N GLN TC 807 94.15 11.99 11.27
CA GLN TC 807 92.94 11.31 10.82
C GLN TC 807 92.92 9.83 11.15
N LEU TC 808 94.07 9.18 11.27
CA LEU TC 808 94.08 7.74 11.47
C LEU TC 808 93.71 7.35 12.89
N VAL TC 809 93.87 8.26 13.85
CA VAL TC 809 93.53 7.95 15.24
C VAL TC 809 92.02 7.80 15.40
N GLN TC 810 91.27 8.76 14.89
CA GLN TC 810 89.81 8.63 14.90
C GLN TC 810 89.33 7.58 13.92
N ASP TC 811 90.12 7.30 12.88
CA ASP TC 811 89.87 6.14 12.05
C ASP TC 811 90.02 4.84 12.85
N TRP TC 812 90.97 4.82 13.79
CA TRP TC 812 91.05 3.70 14.71
C TRP TC 812 90.01 3.75 15.81
N LYS TC 813 89.42 4.92 16.06
CA LYS TC 813 88.56 5.06 17.23
C LYS TC 813 87.20 4.38 17.03
N GLN TC 814 86.59 4.54 15.87
CA GLN TC 814 85.19 4.16 15.71
C GLN TC 814 85.03 2.65 15.58
N VAL TC 815 83.86 2.19 16.01
CA VAL TC 815 83.46 0.79 15.94
C VAL TC 815 81.97 0.74 15.69
N GLU TC 816 81.52 -0.26 14.95
CA GLU TC 816 80.12 -0.37 14.59
C GLU TC 816 79.47 -1.55 15.30
N THR TC 817 78.16 -1.42 15.49
CA THR TC 817 77.37 -2.44 16.15
C THR TC 817 77.26 -3.68 15.25
N GLN TC 818 77.26 -4.86 15.88
CA GLN TC 818 76.97 -6.09 15.15
C GLN TC 818 75.55 -6.08 14.63
N VAL TC 819 75.34 -6.80 13.53
CA VAL TC 819 74.01 -7.04 13.02
C VAL TC 819 73.64 -8.48 13.31
N TYR TC 820 72.33 -8.73 13.37
CA TYR TC 820 71.82 -10.05 13.72
C TYR TC 820 70.40 -10.17 13.19
N THR TC 821 70.15 -11.19 12.38
CA THR TC 821 68.87 -11.36 11.73
C THR TC 821 68.34 -12.76 12.00
N GLU TC 822 67.02 -12.90 11.90
CA GLU TC 822 66.33 -14.12 12.28
C GLU TC 822 66.06 -14.96 11.04
N GLY TC 823 65.21 -15.97 11.20
CA GLY TC 823 64.87 -16.83 10.08
C GLY TC 823 63.57 -17.56 10.34
N THR TC 824 63.11 -18.26 9.30
CA THR TC 824 61.92 -19.09 9.40
C THR TC 824 62.01 -20.26 8.43
N ALA UC 104 112.92 17.52 -41.01
CA ALA UC 104 111.62 18.16 -41.16
C ALA UC 104 110.52 17.27 -40.58
N GLU UC 105 110.77 15.97 -40.56
CA GLU UC 105 109.80 14.99 -40.10
C GLU UC 105 110.10 14.43 -38.72
N VAL UC 106 111.34 14.59 -38.22
CA VAL UC 106 111.68 14.10 -36.89
C VAL UC 106 111.04 14.94 -35.80
N ILE UC 107 110.56 16.15 -36.14
CA ILE UC 107 109.78 16.95 -35.21
C ILE UC 107 108.48 16.23 -34.86
N ASP UC 108 107.89 15.53 -35.83
CA ASP UC 108 106.70 14.72 -35.56
C ASP UC 108 107.01 13.56 -34.62
N LYS UC 109 108.18 12.92 -34.81
CA LYS UC 109 108.60 11.84 -33.91
C LYS UC 109 108.81 12.34 -32.49
N LYS UC 110 109.49 13.49 -32.36
CA LYS UC 110 109.72 14.08 -31.04
C LYS UC 110 108.42 14.55 -30.40
N ALA UC 111 107.47 15.04 -31.20
CA ALA UC 111 106.18 15.45 -30.69
C ALA UC 111 105.37 14.26 -30.21
N PHE UC 112 105.45 13.13 -30.92
CA PHE UC 112 104.78 11.91 -30.46
C PHE UC 112 105.44 11.36 -29.19
N LYS UC 113 106.77 11.48 -29.10
CA LYS UC 113 107.48 11.07 -27.90
C LYS UC 113 107.09 11.92 -26.69
N ASP UC 114 106.99 13.24 -26.90
CA ASP UC 114 106.56 14.13 -25.83
C ASP UC 114 105.10 13.90 -25.47
N MET UC 115 104.28 13.56 -26.46
CA MET UC 115 102.90 13.19 -26.21
C MET UC 115 102.80 11.95 -25.34
N THR UC 116 103.63 10.94 -25.63
CA THR UC 116 103.64 9.73 -24.83
C THR UC 116 104.10 9.99 -23.41
N ARG UC 117 105.22 10.70 -23.25
CA ARG UC 117 105.74 10.95 -21.92
C ARG UC 117 104.95 12.00 -21.14
N ASN UC 118 104.09 12.76 -21.81
CA ASN UC 118 103.19 13.67 -21.12
C ASN UC 118 101.89 13.00 -20.74
N LEU UC 119 101.39 12.11 -21.60
CA LEU UC 119 100.20 11.34 -21.25
C LEU UC 119 100.49 10.37 -20.11
N TYR UC 120 101.65 9.74 -20.13
CA TYR UC 120 102.06 8.87 -19.02
C TYR UC 120 103.48 9.19 -18.59
N PRO UC 121 103.67 10.19 -17.72
CA PRO UC 121 104.94 10.30 -17.00
C PRO UC 121 105.21 9.12 -16.08
N LEU UC 122 104.16 8.49 -15.58
CA LEU UC 122 104.30 7.36 -14.66
C LEU UC 122 104.73 6.12 -15.42
N ASN UC 123 105.79 5.47 -14.93
CA ASN UC 123 106.22 4.19 -15.47
C ASN UC 123 105.39 3.06 -14.86
N PRO UC 124 105.08 2.01 -15.64
CA PRO UC 124 104.35 0.87 -15.07
C PRO UC 124 105.10 0.11 -13.98
N GLU UC 125 106.43 0.07 -14.04
CA GLU UC 125 107.21 -0.49 -12.94
C GLU UC 125 107.00 0.33 -11.66
N GLN UC 126 106.97 1.65 -11.80
CA GLN UC 126 106.63 2.52 -10.69
C GLN UC 126 105.21 2.31 -10.22
N VAL UC 127 104.29 2.00 -11.15
CA VAL UC 127 102.90 1.70 -10.80
C VAL UC 127 102.84 0.44 -9.93
N VAL UC 128 103.58 -0.59 -10.31
CA VAL UC 128 103.63 -1.83 -9.54
C VAL UC 128 104.28 -1.59 -8.18
N LYS UC 129 105.32 -0.75 -8.13
CA LYS UC 129 105.98 -0.46 -6.86
C LYS UC 129 105.08 0.33 -5.91
N LEU UC 130 104.32 1.28 -6.43
CA LEU UC 130 103.37 2.01 -5.59
C LEU UC 130 102.22 1.12 -5.16
N LYS UC 131 101.84 0.16 -6.01
CA LYS UC 131 100.85 -0.84 -5.59
C LYS UC 131 101.39 -1.71 -4.46
N GLN UC 132 102.70 -2.03 -4.52
CA GLN UC 132 103.35 -2.79 -3.45
C GLN UC 132 103.33 -2.03 -2.14
N ILE UC 133 103.71 -0.75 -2.16
CA ILE UC 133 103.72 0.02 -0.92
C ILE UC 133 102.30 0.32 -0.45
N TYR UC 134 101.34 0.36 -1.38
CA TYR UC 134 99.93 0.53 -1.00
C TYR UC 134 99.42 -0.67 -0.22
N GLU UC 135 99.62 -1.87 -0.76
CA GLU UC 135 99.13 -3.06 -0.05
C GLU UC 135 99.94 -3.33 1.21
N THR UC 136 101.21 -2.93 1.23
CA THR UC 136 102.01 -3.10 2.44
C THR UC 136 101.56 -2.16 3.55
N SER UC 137 101.28 -0.90 3.22
CA SER UC 137 100.77 0.02 4.22
C SER UC 137 99.35 -0.34 4.64
N GLU UC 138 98.58 -0.93 3.72
CA GLU UC 138 97.26 -1.44 4.08
C GLU UC 138 97.36 -2.58 5.08
N TYR UC 139 98.32 -3.49 4.87
CA TYR UC 139 98.54 -4.56 5.84
C TYR UC 139 99.06 -4.04 7.17
N ALA UC 140 99.89 -2.98 7.13
CA ALA UC 140 100.36 -2.37 8.37
C ALA UC 140 99.23 -1.70 9.14
N LYS UC 141 98.32 -1.04 8.43
CA LYS UC 141 97.15 -0.44 9.07
C LYS UC 141 96.23 -1.52 9.63
N ALA UC 142 96.09 -2.64 8.91
CA ALA UC 142 95.27 -3.74 9.42
C ALA UC 142 95.96 -4.50 10.54
N ALA UC 143 97.27 -4.34 10.69
CA ALA UC 143 98.00 -5.02 11.75
C ALA UC 143 97.67 -4.42 13.11
N THR UC 144 97.64 -5.27 14.13
CA THR UC 144 97.36 -4.87 15.49
C THR UC 144 98.58 -5.14 16.37
N PRO UC 145 99.11 -4.14 17.07
CA PRO UC 145 100.22 -4.39 17.99
C PRO UC 145 99.77 -5.23 19.19
N GLY UC 146 100.71 -6.01 19.70
CA GLY UC 146 100.41 -6.96 20.76
C GLY UC 146 99.82 -8.24 20.22
N THR UC 147 99.85 -9.28 21.06
CA THR UC 147 99.29 -10.52 20.53
C THR UC 147 97.77 -10.52 20.69
N PRO UC 148 97.05 -11.06 19.71
CA PRO UC 148 95.62 -11.22 19.86
C PRO UC 148 95.30 -12.23 20.94
N PRO UC 149 94.15 -12.10 21.60
CA PRO UC 149 93.74 -13.12 22.57
C PRO UC 149 93.44 -14.44 21.89
N LYS UC 150 93.61 -15.52 22.65
CA LYS UC 150 93.35 -16.84 22.11
C LYS UC 150 91.85 -17.03 21.95
N PRO UC 151 91.37 -17.42 20.76
CA PRO UC 151 89.94 -17.70 20.60
C PRO UC 151 89.53 -18.95 21.34
N THR UC 152 88.84 -18.77 22.45
CA THR UC 152 88.57 -19.86 23.38
C THR UC 152 87.08 -20.09 23.53
N ALA UC 153 86.75 -21.26 24.05
CA ALA UC 153 85.40 -21.58 24.48
C ALA UC 153 85.47 -22.04 25.93
N THR UC 154 84.49 -21.65 26.73
CA THR UC 154 84.55 -21.89 28.16
C THR UC 154 83.23 -22.47 28.65
N SER UC 155 83.34 -23.27 29.71
CA SER UC 155 82.19 -23.89 30.37
C SER UC 155 82.37 -23.74 31.87
N GLN UC 156 81.42 -23.07 32.52
CA GLN UC 156 81.55 -22.76 33.94
C GLN UC 156 80.26 -23.06 34.68
N PHE UC 157 80.42 -23.27 35.99
CA PHE UC 157 79.31 -23.39 36.91
C PHE UC 157 79.22 -22.12 37.74
N VAL UC 158 78.00 -21.73 38.09
CA VAL UC 158 77.72 -20.52 38.82
C VAL UC 158 77.11 -20.92 40.16
N ASN UC 159 77.65 -20.35 41.24
CA ASN UC 159 77.16 -20.60 42.59
C ASN UC 159 76.32 -19.41 43.04
N LEU UC 160 75.14 -19.70 43.57
CA LEU UC 160 74.23 -18.68 44.07
C LEU UC 160 74.25 -18.59 45.60
N SER UC 161 75.24 -19.20 46.23
CA SER UC 161 75.39 -19.04 47.67
C SER UC 161 75.85 -17.62 47.98
N PRO UC 162 75.44 -17.07 49.13
CA PRO UC 162 75.77 -15.66 49.43
C PRO UC 162 77.16 -15.45 49.99
N GLY UC 163 78.07 -16.41 49.77
CA GLY UC 163 79.45 -16.23 50.17
C GLY UC 163 80.39 -16.12 48.99
N SER UC 164 79.97 -16.61 47.83
CA SER UC 164 80.86 -16.70 46.68
C SER UC 164 81.00 -15.33 45.99
N THR UC 165 82.04 -15.23 45.15
CA THR UC 165 82.28 -14.06 44.31
C THR UC 165 81.46 -14.16 43.04
N PRO UC 166 81.01 -13.03 42.49
CA PRO UC 166 80.25 -13.07 41.24
C PRO UC 166 81.14 -13.48 40.08
N PRO UC 167 80.58 -14.15 39.06
CA PRO UC 167 81.41 -14.66 37.97
C PRO UC 167 81.94 -13.56 37.07
N VAL UC 168 83.08 -13.87 36.43
CA VAL UC 168 83.85 -12.95 35.61
C VAL UC 168 83.82 -13.47 34.19
N ILE UC 169 83.60 -12.57 33.23
CA ILE UC 169 83.50 -12.93 31.82
C ILE UC 169 84.61 -12.22 31.07
N ARG UC 170 85.50 -13.01 30.45
CA ARG UC 170 86.63 -12.48 29.71
C ARG UC 170 86.18 -12.10 28.31
N LEU UC 171 86.49 -10.88 27.88
CA LEU UC 171 85.98 -10.33 26.64
C LEU UC 171 87.10 -9.67 25.86
N SER UC 172 86.87 -9.51 24.56
CA SER UC 172 87.73 -8.71 23.70
C SER UC 172 86.87 -7.67 23.00
N GLN UC 173 87.50 -6.55 22.65
CA GLN UC 173 86.75 -5.40 22.14
C GLN UC 173 86.24 -5.67 20.72
N GLY UC 174 84.96 -5.41 20.50
CA GLY UC 174 84.38 -5.53 19.18
C GLY UC 174 84.10 -6.94 18.72
N PHE UC 175 84.21 -7.92 19.59
CA PHE UC 175 84.00 -9.32 19.21
C PHE UC 175 82.87 -9.93 20.02
N VAL UC 176 82.04 -10.69 19.33
CA VAL UC 176 80.77 -11.17 19.87
C VAL UC 176 81.02 -12.39 20.74
N SER UC 177 80.57 -12.33 21.99
CA SER UC 177 80.56 -13.44 22.92
C SER UC 177 79.12 -13.83 23.21
N SER UC 178 78.84 -15.13 23.17
CA SER UC 178 77.52 -15.65 23.48
C SER UC 178 77.60 -16.48 24.76
N LEU UC 179 76.76 -16.13 25.73
CA LEU UC 179 76.68 -16.83 27.01
C LEU UC 179 75.36 -17.57 27.02
N VAL UC 180 75.43 -18.89 26.98
CA VAL UC 180 74.24 -19.73 26.97
C VAL UC 180 74.02 -20.25 28.40
N PHE UC 181 72.86 -19.96 28.96
CA PHE UC 181 72.58 -20.23 30.36
C PHE UC 181 71.67 -21.44 30.49
N LEU UC 182 72.13 -22.44 31.25
CA LEU UC 182 71.37 -23.64 31.54
C LEU UC 182 71.43 -23.92 33.03
N ASP UC 183 70.63 -24.89 33.46
CA ASP UC 183 70.59 -25.29 34.86
C ASP UC 183 71.72 -26.25 35.19
N SER UC 184 71.60 -26.93 36.33
CA SER UC 184 72.54 -28.00 36.68
C SER UC 184 72.46 -29.15 35.69
N THR UC 185 71.25 -29.52 35.27
CA THR UC 185 71.08 -30.65 34.37
C THR UC 185 71.40 -30.30 32.92
N GLY UC 186 71.50 -29.02 32.58
CA GLY UC 186 71.79 -28.61 31.22
C GLY UC 186 70.60 -28.14 30.42
N ALA UC 187 69.40 -28.15 30.99
CA ALA UC 187 68.26 -27.55 30.30
C ALA UC 187 68.41 -26.03 30.30
N PRO UC 188 68.38 -25.41 29.12
CA PRO UC 188 68.65 -23.96 29.04
C PRO UC 188 67.51 -23.14 29.63
N TRP UC 189 67.86 -22.15 30.45
CA TRP UC 189 66.89 -21.40 31.23
C TRP UC 189 66.49 -20.14 30.48
N PRO UC 190 65.19 -19.86 30.33
CA PRO UC 190 64.78 -18.66 29.60
C PRO UC 190 65.02 -17.40 30.42
N ILE UC 191 65.18 -16.29 29.71
CA ILE UC 191 65.57 -15.01 30.30
C ILE UC 191 64.35 -14.10 30.34
N ALA UC 192 64.06 -13.56 31.51
CA ALA UC 192 62.92 -12.65 31.67
C ALA UC 192 63.32 -11.20 31.40
N ALA UC 193 64.27 -10.67 32.16
CA ALA UC 193 64.66 -9.29 32.00
C ALA UC 193 66.11 -9.11 32.45
N TYR UC 194 66.75 -8.05 31.95
CA TYR UC 194 68.12 -7.78 32.33
C TYR UC 194 68.33 -6.27 32.41
N ASP UC 195 69.55 -5.90 32.82
CA ASP UC 195 69.94 -4.50 33.00
C ASP UC 195 71.45 -4.42 32.98
N LEU UC 196 71.98 -3.54 32.14
CA LEU UC 196 73.42 -3.36 31.98
C LEU UC 196 73.78 -1.91 32.28
N GLY UC 197 74.68 -1.71 33.24
CA GLY UC 197 75.26 -0.40 33.44
C GLY UC 197 76.19 -0.05 32.30
N ASP UC 198 76.08 1.21 31.84
CA ASP UC 198 76.73 1.75 30.64
C ASP UC 198 76.48 0.89 29.41
N PRO UC 199 75.29 0.92 28.81
CA PRO UC 199 75.07 0.17 27.56
C PRO UC 199 75.88 0.67 26.36
N SER UC 200 76.50 1.84 26.43
CA SER UC 200 77.41 2.24 25.36
C SER UC 200 78.67 1.39 25.33
N SER UC 201 79.05 0.80 26.46
CA SER UC 201 80.22 -0.07 26.48
C SER UC 201 79.96 -1.41 25.82
N PHE UC 202 78.77 -1.98 25.99
CA PHE UC 202 78.48 -3.31 25.48
C PHE UC 202 77.12 -3.31 24.81
N ASN UC 203 77.06 -3.82 23.57
CA ASN UC 203 75.80 -3.93 22.85
C ASN UC 203 75.19 -5.29 23.09
N ILE UC 204 73.92 -5.30 23.50
CA ILE UC 204 73.19 -6.51 23.81
C ILE UC 204 72.09 -6.70 22.77
N GLN UC 205 72.02 -7.88 22.18
CA GLN UC 205 70.91 -8.27 21.34
C GLN UC 205 70.27 -9.51 21.94
N TRP UC 206 68.95 -9.45 22.16
CA TRP UC 206 68.25 -10.43 22.96
C TRP UC 206 66.98 -10.88 22.23
N ASP UC 207 66.92 -12.15 21.88
CA ASP UC 207 65.71 -12.69 21.30
C ASP UC 207 64.68 -12.95 22.38
N LYS UC 208 63.42 -13.10 21.95
CA LYS UC 208 62.27 -12.98 22.85
C LYS UC 208 62.23 -14.11 23.87
N THR UC 209 62.47 -15.34 23.44
CA THR UC 209 62.57 -16.48 24.34
C THR UC 209 63.96 -17.07 24.31
N SER UC 210 64.97 -16.20 24.19
CA SER UC 210 66.35 -16.66 24.14
C SER UC 210 66.81 -17.12 25.52
N ASN UC 211 67.62 -18.18 25.51
CA ASN UC 211 68.33 -18.64 26.69
C ASN UC 211 69.82 -18.37 26.59
N THR UC 212 70.18 -17.41 25.74
CA THR UC 212 71.57 -17.07 25.45
C THR UC 212 71.64 -15.57 25.24
N LEU UC 213 72.55 -14.92 25.97
CA LEU UC 213 72.79 -13.49 25.79
C LEU UC 213 73.98 -13.29 24.87
N MET UC 214 73.80 -12.44 23.87
CA MET UC 214 74.79 -12.21 22.83
C MET UC 214 75.28 -10.78 22.97
N ILE UC 215 76.51 -10.61 23.47
CA ILE UC 215 77.06 -9.30 23.75
C ILE UC 215 78.33 -9.14 22.94
N GLN UC 216 78.82 -7.91 22.85
CA GLN UC 216 80.17 -7.63 22.39
C GLN UC 216 80.62 -6.34 23.03
N ALA UC 217 81.93 -6.17 23.13
CA ALA UC 217 82.52 -5.02 23.80
C ALA UC 217 82.72 -3.90 22.80
N THR UC 218 81.89 -2.86 22.89
CA THR UC 218 82.03 -1.71 22.01
C THR UC 218 83.28 -0.91 22.36
N LYS UC 219 83.50 -0.66 23.65
CA LYS UC 219 84.67 0.09 24.08
C LYS UC 219 85.83 -0.87 24.37
N LEU UC 220 87.02 -0.30 24.51
CA LEU UC 220 88.24 -1.10 24.60
C LEU UC 220 88.45 -1.66 26.01
N TYR UC 221 88.64 -0.78 26.98
CA TYR UC 221 89.14 -1.17 28.31
C TYR UC 221 88.28 -0.59 29.42
N ASN UC 222 86.97 -0.72 29.30
CA ASN UC 222 86.05 -0.34 30.35
C ASN UC 222 85.38 -1.59 30.89
N TYR UC 223 85.75 -1.97 32.11
CA TYR UC 223 85.11 -3.10 32.75
C TYR UC 223 83.69 -2.73 33.17
N GLY UC 224 82.82 -3.74 33.23
CA GLY UC 224 81.43 -3.48 33.50
C GLY UC 224 80.82 -4.56 34.35
N ASN UC 225 79.53 -4.39 34.63
CA ASN UC 225 78.78 -5.43 35.33
C ASN UC 225 77.36 -5.44 34.79
N LEU UC 226 76.73 -6.60 34.90
CA LEU UC 226 75.39 -6.81 34.36
C LEU UC 226 74.58 -7.59 35.38
N ALA UC 227 73.27 -7.33 35.40
CA ALA UC 227 72.35 -8.08 36.24
C ALA UC 227 71.19 -8.59 35.38
N VAL UC 228 70.64 -9.73 35.76
CA VAL UC 228 69.54 -10.33 35.00
C VAL UC 228 68.61 -11.03 35.97
N ARG UC 229 67.32 -10.68 35.91
CA ARG UC 229 66.29 -11.42 36.60
C ARG UC 229 65.69 -12.43 35.64
N LEU UC 230 65.67 -13.69 36.06
CA LEU UC 230 65.32 -14.80 35.19
C LEU UC 230 63.82 -15.08 35.30
N ARG UC 231 63.36 -16.05 34.52
CA ARG UC 231 61.93 -16.29 34.33
C ARG UC 231 61.27 -16.85 35.58
N GLY UC 232 61.67 -18.04 35.99
CA GLY UC 232 61.16 -18.62 37.22
C GLY UC 232 62.07 -18.46 38.41
N LEU UC 233 63.11 -17.64 38.30
CA LEU UC 233 64.06 -17.43 39.38
C LEU UC 233 63.79 -16.08 40.03
N ASN UC 234 63.82 -16.06 41.35
CA ASN UC 234 63.61 -14.83 42.11
C ASN UC 234 64.91 -14.04 42.27
N THR UC 235 65.94 -14.67 42.82
CA THR UC 235 67.22 -14.00 42.97
C THR UC 235 67.87 -13.78 41.61
N PRO UC 236 68.45 -12.61 41.37
CA PRO UC 236 69.03 -12.34 40.05
C PRO UC 236 70.37 -13.02 39.83
N VAL UC 237 71.02 -12.69 38.72
CA VAL UC 237 72.38 -13.10 38.45
C VAL UC 237 73.18 -11.86 38.09
N MET UC 238 74.30 -11.65 38.77
CA MET UC 238 75.15 -10.48 38.57
C MET UC 238 76.53 -10.95 38.15
N LEU UC 239 77.04 -10.38 37.05
CA LEU UC 239 78.32 -10.77 36.50
C LEU UC 239 79.16 -9.54 36.24
N THR UC 240 80.48 -9.73 36.23
CA THR UC 240 81.38 -8.67 35.81
C THR UC 240 82.02 -9.05 34.47
N LEU UC 241 82.28 -8.02 33.67
CA LEU UC 241 82.75 -8.17 32.30
C LEU UC 241 84.07 -7.45 32.17
N ILE UC 242 85.10 -8.18 31.77
CA ILE UC 242 86.43 -7.61 31.61
C ILE UC 242 86.83 -7.65 30.14
N PRO UC 243 86.75 -6.53 29.43
CA PRO UC 243 87.17 -6.53 28.02
C PRO UC 243 88.68 -6.52 27.87
N GLY UC 244 89.12 -6.96 26.70
CA GLY UC 244 90.54 -6.99 26.39
C GLY UC 244 91.38 -7.96 27.19
N GLN UC 245 90.89 -9.17 27.40
CA GLN UC 245 91.67 -10.21 28.06
C GLN UC 245 92.57 -10.90 27.04
N LYS UC 246 93.32 -11.90 27.50
CA LYS UC 246 94.22 -12.66 26.64
C LYS UC 246 93.62 -13.96 26.15
N ALA UC 247 92.35 -14.21 26.44
CA ALA UC 247 91.65 -15.38 25.90
C ALA UC 247 90.19 -15.01 25.76
N VAL UC 248 89.75 -14.77 24.52
CA VAL UC 248 88.38 -14.35 24.26
C VAL UC 248 87.49 -15.60 24.23
N ASP UC 249 86.45 -15.59 25.05
CA ASP UC 249 85.58 -16.75 25.22
C ASP UC 249 84.29 -16.50 24.46
N TYR UC 250 84.22 -17.04 23.24
CA TYR UC 250 83.07 -16.79 22.38
C TYR UC 250 81.84 -17.57 22.86
N ARG UC 251 82.02 -18.83 23.18
CA ARG UC 251 80.92 -19.69 23.62
C ARG UC 251 81.14 -19.97 25.10
N VAL UC 252 80.36 -19.32 25.96
CA VAL UC 252 80.46 -19.51 27.40
C VAL UC 252 79.19 -20.21 27.85
N ASP UC 253 79.35 -21.45 28.29
CA ASP UC 253 78.23 -22.30 28.71
C ASP UC 253 78.15 -22.27 30.23
N LEU UC 254 77.11 -21.65 30.76
CA LEU UC 254 76.97 -21.45 32.20
C LEU UC 254 75.92 -22.40 32.76
N ARG UC 255 76.23 -22.99 33.91
CA ARG UC 255 75.32 -23.90 34.60
C ARG UC 255 74.99 -23.34 35.97
N VAL UC 256 73.70 -23.12 36.22
CA VAL UC 256 73.25 -22.60 37.50
C VAL UC 256 72.80 -23.76 38.37
N GLN UC 257 72.66 -23.51 39.67
CA GLN UC 257 72.36 -24.55 40.64
C GLN UC 257 70.91 -25.00 40.63
N GLY UC 258 70.04 -24.33 39.89
CA GLY UC 258 68.64 -24.71 39.85
C GLY UC 258 68.38 -25.85 38.89
N TYR UC 259 67.09 -26.04 38.59
CA TYR UC 259 66.65 -27.04 37.62
C TYR UC 259 65.96 -26.33 36.46
N GLY UC 260 66.04 -26.93 35.28
CA GLY UC 260 65.68 -26.27 34.05
C GLY UC 260 64.21 -26.37 33.76
N PRO UC 261 63.79 -25.70 32.67
CA PRO UC 261 62.36 -25.64 32.37
C PRO UC 261 61.84 -26.88 31.65
N ASN UC 262 62.74 -27.72 31.14
CA ASN UC 262 62.37 -28.90 30.38
C ASN UC 262 63.14 -30.10 30.91
N ALA UC 263 62.46 -31.25 30.96
CA ALA UC 263 63.00 -32.53 31.42
C ALA UC 263 63.57 -32.41 32.84
N LYS UC 264 62.68 -32.11 33.79
CA LYS UC 264 63.07 -31.93 35.18
C LYS UC 264 63.39 -33.24 35.89
N SER UC 265 63.10 -34.39 35.28
CA SER UC 265 63.54 -35.69 35.77
C SER UC 265 64.68 -36.24 34.93
N MET UC 266 65.61 -35.36 34.54
CA MET UC 266 66.68 -35.72 33.61
C MET UC 266 67.66 -36.80 34.10
N PRO UC 267 68.19 -36.81 35.38
CA PRO UC 267 69.14 -37.88 35.72
C PRO UC 267 68.50 -39.26 35.83
N THR UC 268 68.75 -40.09 34.82
CA THR UC 268 68.23 -41.45 34.75
C THR UC 268 69.29 -42.34 34.11
N GLU UC 269 69.67 -43.41 34.80
CA GLU UC 269 70.70 -44.32 34.30
C GLU UC 269 70.22 -45.77 34.33
N GLU UC 270 71.12 -46.72 34.10
CA GLU UC 270 70.79 -48.13 34.12
C GLU UC 270 70.48 -48.58 35.53
N GLY UC 271 69.27 -49.08 35.74
CA GLY UC 271 68.80 -49.33 37.10
C GLY UC 271 69.41 -50.58 37.70
N ILE UC 272 69.68 -50.50 38.99
CA ILE UC 272 70.00 -51.69 39.78
C ILE UC 272 68.77 -52.59 39.83
N PRO UC 273 68.91 -53.90 39.63
CA PRO UC 273 67.75 -54.80 39.70
C PRO UC 273 67.13 -54.79 41.09
N PRO UC 274 65.81 -54.85 41.18
CA PRO UC 274 65.15 -54.81 42.48
C PRO UC 274 65.24 -56.15 43.20
N SER UC 275 64.92 -56.12 44.48
CA SER UC 275 64.91 -57.31 45.31
C SER UC 275 63.56 -58.01 45.17
N ALA UC 276 63.31 -59.01 46.02
CA ALA UC 276 62.03 -59.68 46.04
C ALA UC 276 60.95 -58.77 46.63
N ASN UC 277 59.70 -59.15 46.40
CA ASN UC 277 58.59 -58.35 46.90
C ASN UC 277 58.45 -58.52 48.41
N ASP UC 278 58.03 -57.44 49.06
CA ASP UC 278 57.90 -57.44 50.51
C ASP UC 278 56.67 -58.20 50.99
N LEU UC 279 55.71 -58.47 50.10
CA LEU UC 279 54.56 -59.26 50.49
C LEU UC 279 54.89 -60.72 50.67
N LEU UC 280 56.05 -61.15 50.14
CA LEU UC 280 56.47 -62.54 50.26
C LEU UC 280 56.72 -62.93 51.72
N LEU UC 281 57.08 -61.97 52.56
CA LEU UC 281 57.27 -62.27 53.98
C LEU UC 281 55.94 -62.56 54.66
N HIS UC 282 54.91 -61.76 54.35
CA HIS UC 282 53.56 -62.04 54.86
C HIS UC 282 53.05 -63.37 54.33
N VAL UC 283 53.37 -63.68 53.08
CA VAL UC 283 52.97 -64.96 52.49
C VAL UC 283 53.65 -66.12 53.21
N LEU UC 284 54.96 -66.00 53.45
CA LEU UC 284 55.71 -67.07 54.09
C LEU UC 284 55.28 -67.27 55.54
N GLU UC 285 54.89 -66.19 56.21
CA GLU UC 285 54.28 -66.37 57.53
C GLU UC 285 52.93 -67.06 57.41
N GLY UC 286 52.10 -66.63 56.46
CA GLY UC 286 50.79 -67.24 56.32
C GLY UC 286 49.68 -66.20 56.33
N VAL UC 287 50.03 -64.96 56.62
CA VAL UC 287 49.04 -63.87 56.56
C VAL UC 287 48.75 -63.56 55.10
N PRO UC 288 47.49 -63.59 54.67
CA PRO UC 288 47.19 -63.22 53.28
C PRO UC 288 47.45 -61.74 53.05
N PRO UC 289 47.87 -61.36 51.85
CA PRO UC 289 48.10 -59.95 51.57
C PRO UC 289 46.77 -59.21 51.48
N PRO UC 290 46.75 -57.92 51.82
CA PRO UC 290 45.49 -57.17 51.74
C PRO UC 290 45.04 -56.97 50.31
N GLY UC 291 43.73 -57.01 50.11
CA GLY UC 291 43.15 -56.86 48.80
C GLY UC 291 43.14 -58.11 47.95
N SER UC 292 43.70 -59.21 48.44
CA SER UC 292 43.75 -60.45 47.67
C SER UC 292 42.44 -61.23 47.85
N ARG UC 293 42.35 -62.38 47.19
CA ARG UC 293 41.22 -63.27 47.38
C ARG UC 293 41.72 -64.70 47.38
N ARG UC 294 40.97 -65.56 48.07
CA ARG UC 294 41.38 -66.94 48.26
C ARG UC 294 41.27 -67.74 46.97
N LEU UC 295 42.02 -68.83 46.92
CA LEU UC 295 42.03 -69.72 45.78
C LEU UC 295 41.74 -71.15 46.26
N VAL UC 296 41.12 -71.93 45.40
CA VAL UC 296 40.82 -73.32 45.71
C VAL UC 296 42.04 -74.16 45.38
N VAL UC 297 42.59 -74.83 46.39
CA VAL UC 297 43.76 -75.68 46.22
C VAL UC 297 43.35 -77.11 46.57
N SER UC 298 43.70 -78.05 45.71
CA SER UC 298 43.40 -79.45 45.98
C SER UC 298 44.59 -80.32 45.57
N GLY UC 299 44.73 -81.46 46.24
CA GLY UC 299 45.78 -82.41 45.98
C GLY UC 299 46.84 -82.49 47.05
N GLY UC 300 46.94 -81.49 47.92
CA GLY UC 300 47.98 -81.49 48.92
C GLY UC 300 47.78 -80.36 49.91
N ASP UC 301 48.77 -80.19 50.78
CA ASP UC 301 48.75 -79.15 51.80
C ASP UC 301 49.44 -77.91 51.22
N ALA UC 302 48.65 -77.08 50.55
CA ALA UC 302 49.16 -75.83 50.00
C ALA UC 302 48.05 -74.80 50.05
N ARG UC 303 48.43 -73.55 50.29
CA ARG UC 303 47.48 -72.45 50.30
C ARG UC 303 47.89 -71.46 49.23
N ALA UC 304 46.91 -70.78 48.64
CA ALA UC 304 47.18 -69.90 47.53
C ALA UC 304 46.30 -68.66 47.60
N TRP UC 305 46.79 -67.59 46.99
CA TRP UC 305 46.09 -66.32 46.96
C TRP UC 305 46.35 -65.62 45.64
N LEU UC 306 45.42 -64.72 45.29
CA LEU UC 306 45.51 -63.94 44.07
C LEU UC 306 45.19 -62.49 44.40
N SER UC 307 46.16 -61.60 44.16
CA SER UC 307 45.98 -60.19 44.45
C SER UC 307 46.09 -59.32 43.21
N ASN UC 308 47.18 -59.45 42.46
CA ASN UC 308 47.51 -58.55 41.36
C ASN UC 308 47.74 -59.37 40.10
N GLU UC 309 46.76 -60.24 39.80
CA GLU UC 309 46.72 -61.27 38.77
C GLU UC 309 48.01 -62.09 38.67
N LYS UC 310 48.68 -62.28 39.80
CA LYS UC 310 49.83 -63.18 39.92
C LYS UC 310 49.64 -63.95 41.21
N MET UC 311 49.82 -65.26 41.15
CA MET UC 311 49.40 -66.07 42.27
C MET UC 311 50.55 -66.30 43.26
N TYR UC 312 50.15 -66.56 44.49
CA TYR UC 312 51.07 -66.76 45.61
C TYR UC 312 50.72 -68.07 46.28
N VAL UC 313 51.73 -68.86 46.62
CA VAL UC 313 51.52 -70.20 47.14
C VAL UC 313 52.44 -70.44 48.31
N ARG UC 314 51.86 -70.90 49.43
CA ARG UC 314 52.58 -71.28 50.63
C ARG UC 314 52.39 -72.77 50.88
N THR UC 315 53.50 -73.49 51.01
CA THR UC 315 53.47 -74.93 51.27
C THR UC 315 54.80 -75.33 51.91
N ASN UC 316 55.06 -76.64 51.93
CA ASN UC 316 56.32 -77.18 52.40
C ASN UC 316 56.91 -78.15 51.38
N LEU UC 317 56.59 -77.95 50.10
CA LEU UC 317 57.03 -78.82 49.03
C LEU UC 317 57.89 -78.02 48.05
N THR UC 318 58.23 -78.65 46.92
CA THR UC 318 59.05 -78.04 45.89
C THR UC 318 58.31 -78.10 44.57
N ILE UC 319 57.94 -76.95 44.03
CA ILE UC 319 57.24 -76.88 42.76
C ILE UC 319 58.24 -77.04 41.63
N LEU UC 320 57.84 -77.76 40.58
CA LEU UC 320 58.76 -78.15 39.52
C LEU UC 320 58.45 -77.50 38.18
N SER UC 321 57.24 -77.71 37.64
CA SER UC 321 57.06 -77.43 36.21
C SER UC 321 56.96 -75.95 35.82
N PRO UC 322 56.01 -75.13 36.34
CA PRO UC 322 55.70 -73.88 35.61
C PRO UC 322 56.72 -72.78 35.78
N GLY UC 323 57.59 -72.83 36.78
CA GLY UC 323 58.61 -71.81 36.96
C GLY UC 323 58.05 -70.58 37.64
N TRP UC 324 58.71 -70.13 38.70
CA TRP UC 324 58.16 -69.03 39.49
C TRP UC 324 59.03 -67.78 39.35
N LEU UC 325 58.43 -66.66 39.74
CA LEU UC 325 59.12 -65.39 39.70
C LEU UC 325 59.99 -65.19 40.93
N ALA UC 326 59.42 -65.36 42.11
CA ALA UC 326 60.18 -65.14 43.34
C ALA UC 326 59.88 -66.26 44.32
N SER UC 327 60.81 -66.48 45.25
CA SER UC 327 60.61 -67.53 46.23
C SER UC 327 61.33 -67.19 47.52
N MET UC 328 60.88 -67.81 48.61
CA MET UC 328 61.45 -67.63 49.93
C MET UC 328 61.27 -68.92 50.72
N THR UC 329 62.25 -69.21 51.57
CA THR UC 329 62.17 -70.35 52.47
C THR UC 329 62.51 -69.90 53.88
N SER UC 330 61.67 -70.27 54.83
CA SER UC 330 61.83 -69.88 56.21
C SER UC 330 62.95 -70.70 56.87
N ALA UC 331 63.20 -70.42 58.15
CA ALA UC 331 64.10 -71.24 58.93
C ALA UC 331 63.49 -72.58 59.29
N ASP UC 332 62.17 -72.73 59.17
CA ASP UC 332 61.48 -73.96 59.49
C ASP UC 332 61.21 -74.82 58.27
N GLY UC 333 61.74 -74.44 57.11
CA GLY UC 333 61.56 -75.21 55.90
C GLY UC 333 60.29 -74.93 55.13
N THR UC 334 59.49 -73.96 55.57
CA THR UC 334 58.32 -73.56 54.81
C THR UC 334 58.74 -72.82 53.55
N HIS UC 335 58.08 -73.10 52.44
CA HIS UC 335 58.38 -72.49 51.17
C HIS UC 335 57.22 -71.63 50.70
N ALA UC 336 57.54 -70.48 50.14
CA ALA UC 336 56.55 -69.58 49.56
C ALA UC 336 57.05 -69.13 48.19
N TYR UC 337 56.13 -69.08 47.23
CA TYR UC 337 56.48 -68.76 45.86
C TYR UC 337 55.48 -67.76 45.30
N GLU UC 338 55.97 -66.87 44.45
CA GLU UC 338 55.15 -65.96 43.67
C GLU UC 338 55.40 -66.24 42.19
N MET UC 339 54.33 -66.49 41.45
CA MET UC 339 54.45 -66.88 40.06
C MET UC 339 53.23 -66.39 39.29
N GLN UC 340 53.20 -66.72 38.00
CA GLN UC 340 52.05 -66.42 37.18
C GLN UC 340 50.89 -67.35 37.52
N LYS UC 341 49.69 -66.91 37.14
CA LYS UC 341 48.50 -67.70 37.37
C LYS UC 341 48.50 -68.95 36.49
N SER UC 342 48.10 -70.07 37.08
CA SER UC 342 48.01 -71.33 36.36
C SER UC 342 47.02 -72.23 37.07
N PRO UC 343 46.19 -72.99 36.34
CA PRO UC 343 45.24 -73.89 37.00
C PRO UC 343 45.88 -75.13 37.58
N VAL UC 344 47.13 -75.44 37.24
CA VAL UC 344 47.75 -76.66 37.70
C VAL UC 344 49.17 -76.36 38.18
N LEU UC 345 49.68 -77.24 39.03
CA LEU UC 345 51.05 -77.16 39.52
C LEU UC 345 51.64 -78.57 39.55
N LEU UC 346 52.97 -78.63 39.62
CA LEU UC 346 53.66 -79.91 39.70
C LEU UC 346 54.69 -79.86 40.83
N VAL UC 347 54.64 -80.84 41.72
CA VAL UC 347 55.56 -80.95 42.83
C VAL UC 347 56.13 -82.36 42.88
N SER UC 348 57.16 -82.53 43.71
CA SER UC 348 57.73 -83.82 44.04
C SER UC 348 57.59 -84.01 45.54
N TRP UC 349 56.87 -85.06 45.95
CA TRP UC 349 56.59 -85.21 47.36
C TRP UC 349 57.75 -85.86 48.10
N HIS UC 350 58.04 -87.11 47.79
CA HIS UC 350 59.15 -87.83 48.40
C HIS UC 350 59.89 -88.61 47.33
N GLY UC 351 60.32 -87.92 46.27
CA GLY UC 351 60.82 -88.59 45.10
C GLY UC 351 59.73 -89.10 44.19
N LYS UC 352 58.47 -88.84 44.51
CA LYS UC 352 57.32 -89.27 43.74
C LYS UC 352 56.64 -88.04 43.16
N VAL UC 353 56.30 -88.09 41.89
CA VAL UC 353 55.78 -86.93 41.18
C VAL UC 353 54.31 -86.74 41.54
N MET UC 354 53.87 -85.49 41.60
CA MET UC 354 52.52 -85.18 42.02
C MET UC 354 52.11 -83.87 41.36
N GLN UC 355 50.80 -83.69 41.16
CA GLN UC 355 50.30 -82.49 40.52
C GLN UC 355 49.11 -81.95 41.30
N LEU UC 356 48.97 -80.64 41.32
CA LEU UC 356 48.00 -79.95 42.16
C LEU UC 356 47.00 -79.19 41.32
N LYS UC 357 45.73 -79.34 41.66
CA LYS UC 357 44.63 -78.71 40.96
C LYS UC 357 44.27 -77.39 41.64
N VAL UC 358 44.33 -76.31 40.88
CA VAL UC 358 44.05 -74.97 41.39
C VAL UC 358 42.88 -74.40 40.61
N GLU UC 359 41.86 -73.95 41.32
CA GLU UC 359 40.66 -73.38 40.71
C GLU UC 359 40.50 -71.94 41.18
N GLY UC 360 39.37 -71.35 40.81
CA GLY UC 360 39.10 -69.98 41.20
C GLY UC 360 39.81 -68.93 40.39
N LEU UC 361 40.35 -69.29 39.23
CA LEU UC 361 41.01 -68.32 38.38
C LEU UC 361 39.99 -67.47 37.64
N VAL VC 38 16.01 -59.24 79.19
CA VAL VC 38 15.95 -59.67 80.58
C VAL VC 38 15.81 -61.21 80.76
N PRO VC 39 15.03 -61.94 79.93
CA PRO VC 39 15.22 -63.40 79.91
C PRO VC 39 16.60 -63.83 79.43
N LYS VC 40 17.20 -63.07 78.51
CA LYS VC 40 18.58 -63.35 78.12
C LYS VC 40 19.55 -63.06 79.26
N LEU VC 41 19.23 -62.08 80.10
CA LEU VC 41 19.98 -61.88 81.32
C LEU VC 41 19.68 -63.04 82.29
N PRO VC 42 20.65 -63.43 83.10
CA PRO VC 42 20.41 -64.50 84.07
C PRO VC 42 19.46 -64.05 85.18
N CYS VC 43 18.61 -64.98 85.63
CA CYS VC 43 17.71 -64.70 86.74
C CYS VC 43 18.36 -65.03 88.08
N ARG VC 44 19.06 -66.15 88.15
CA ARG VC 44 19.75 -66.58 89.35
C ARG VC 44 21.13 -67.07 88.95
N VAL VC 45 21.92 -67.47 89.95
CA VAL VC 45 23.20 -68.12 89.67
C VAL VC 45 22.93 -69.51 89.10
N ASP VC 46 23.78 -69.95 88.18
CA ASP VC 46 23.60 -71.22 87.49
C ASP VC 46 23.80 -72.38 88.44
N GLY VC 47 22.88 -73.34 88.41
CA GLY VC 47 22.92 -74.49 89.29
C GLY VC 47 22.73 -74.16 90.75
N ALA VC 48 21.75 -73.30 91.07
CA ALA VC 48 21.55 -72.85 92.45
C ALA VC 48 20.11 -73.10 92.85
N CYS VC 49 19.93 -73.70 94.02
CA CYS VC 49 18.61 -73.78 94.65
C CYS VC 49 18.83 -73.78 96.16
N ASP VC 50 18.36 -72.73 96.81
CA ASP VC 50 18.64 -72.53 98.23
C ASP VC 50 17.95 -73.58 99.08
N ALA VC 51 16.80 -74.08 98.63
CA ALA VC 51 16.14 -75.19 99.30
C ALA VC 51 17.00 -76.44 99.29
N THR VC 52 17.64 -76.72 98.15
CA THR VC 52 18.56 -77.86 98.09
C THR VC 52 19.79 -77.62 98.97
N ILE VC 53 20.25 -76.37 99.02
CA ILE VC 53 21.41 -76.02 99.84
C ILE VC 53 21.12 -76.28 101.32
N ILE VC 54 19.98 -75.78 101.80
CA ILE VC 54 19.65 -75.96 103.20
C ILE VC 54 19.25 -77.40 103.47
N LYS VC 55 18.76 -78.12 102.45
CA LYS VC 55 18.43 -79.53 102.62
C LYS VC 55 19.67 -80.37 102.84
N MET VC 56 20.69 -80.19 101.98
CA MET VC 56 21.90 -80.97 102.17
C MET VC 56 22.69 -80.51 103.38
N MET VC 57 22.53 -79.24 103.78
CA MET VC 57 23.10 -78.77 105.03
C MET VC 57 22.45 -79.48 106.22
N THR VC 58 21.13 -79.61 106.18
CA THR VC 58 20.40 -80.33 107.23
C THR VC 58 20.80 -81.79 107.26
N ASP VC 59 20.99 -82.40 106.09
CA ASP VC 59 21.39 -83.79 106.02
C ASP VC 59 22.80 -83.99 106.56
N LEU VC 60 23.71 -83.05 106.30
CA LEU VC 60 25.05 -83.16 106.84
C LEU VC 60 25.08 -83.00 108.35
N ASN VC 61 24.31 -82.05 108.88
CA ASN VC 61 24.27 -81.91 110.32
C ASN VC 61 23.53 -83.07 110.99
N LYS VC 62 22.61 -83.70 110.26
CA LYS VC 62 21.98 -84.91 110.77
C LYS VC 62 22.95 -86.08 110.77
N LYS VC 63 23.81 -86.16 109.75
CA LYS VC 63 24.83 -87.21 109.70
C LYS VC 63 25.86 -87.03 110.80
N GLY VC 64 26.26 -85.80 111.07
CA GLY VC 64 27.21 -85.55 112.13
C GLY VC 64 28.27 -84.54 111.74
N ILE VC 65 28.12 -83.98 110.55
CA ILE VC 65 29.03 -82.97 110.05
C ILE VC 65 28.65 -81.63 110.65
N LYS VC 66 29.60 -80.97 111.31
CA LYS VC 66 29.27 -79.73 112.00
C LYS VC 66 29.24 -78.58 111.00
N VAL VC 67 28.09 -77.91 110.91
CA VAL VC 67 27.90 -76.78 110.01
C VAL VC 67 27.69 -75.53 110.85
N ALA VC 68 28.45 -74.49 110.55
CA ALA VC 68 28.47 -73.28 111.37
C ALA VC 68 28.32 -72.06 110.46
N SER VC 69 27.36 -71.20 110.80
CA SER VC 69 27.06 -70.02 110.02
C SER VC 69 27.05 -68.79 110.91
N VAL VC 70 27.75 -67.75 110.49
CA VAL VC 70 27.69 -66.45 111.14
C VAL VC 70 27.92 -65.37 110.10
N GLY VC 71 26.95 -64.49 109.94
CA GLY VC 71 26.98 -63.53 108.84
C GLY VC 71 26.94 -64.25 107.52
N GLN VC 72 27.90 -63.93 106.65
CA GLN VC 72 28.18 -64.72 105.45
C GLN VC 72 29.45 -65.54 105.61
N ASN VC 73 29.94 -65.67 106.84
CA ASN VC 73 31.12 -66.47 107.11
C ASN VC 73 30.68 -67.84 107.57
N TYR VC 74 31.23 -68.87 106.93
CA TYR VC 74 30.79 -70.24 107.16
C TYR VC 74 31.97 -71.15 107.44
N LEU VC 75 31.76 -72.08 108.37
CA LEU VC 75 32.74 -73.10 108.70
C LEU VC 75 32.05 -74.44 108.76
N ILE VC 76 32.78 -75.49 108.39
CA ILE VC 76 32.30 -76.85 108.56
C ILE VC 76 33.42 -77.68 109.17
N SER VC 77 33.08 -78.42 110.22
CA SER VC 77 34.01 -79.27 110.94
C SER VC 77 33.70 -80.73 110.65
N ILE VC 78 34.76 -81.49 110.35
CA ILE VC 78 34.66 -82.90 110.02
C ILE VC 78 35.50 -83.67 111.03
N PRO VC 79 34.98 -84.76 111.60
CA PRO VC 79 35.82 -85.62 112.45
C PRO VC 79 36.84 -86.37 111.60
N ALA VC 80 38.10 -86.34 112.05
CA ALA VC 80 39.18 -86.93 111.28
C ALA VC 80 39.13 -88.45 111.25
N SER VC 81 38.48 -89.07 112.23
CA SER VC 81 38.36 -90.52 112.25
C SER VC 81 37.42 -91.04 111.16
N ALA VC 82 36.49 -90.20 110.70
CA ALA VC 82 35.60 -90.59 109.62
C ALA VC 82 36.26 -90.50 108.26
N LEU VC 83 37.48 -89.95 108.18
CA LEU VC 83 38.18 -89.77 106.93
C LEU VC 83 39.45 -90.60 106.84
N PHE VC 84 40.32 -90.50 107.84
CA PHE VC 84 41.62 -91.13 107.77
C PHE VC 84 41.68 -92.35 108.67
N ALA VC 85 42.78 -93.07 108.57
CA ALA VC 85 43.09 -94.13 109.51
C ALA VC 85 43.76 -93.51 110.74
N ASP VC 86 44.16 -94.37 111.67
CA ASP VC 86 44.71 -93.89 112.93
C ASP VC 86 46.12 -93.34 112.71
N GLN VC 87 46.30 -92.05 113.05
CA GLN VC 87 47.51 -91.24 112.96
C GLN VC 87 48.33 -91.44 111.69
N SER VC 88 47.64 -91.63 110.57
CA SER VC 88 48.27 -91.90 109.29
C SER VC 88 47.52 -91.16 108.20
N PRO VC 89 48.22 -90.68 107.17
CA PRO VC 89 47.54 -89.93 106.10
C PRO VC 89 47.08 -90.79 104.93
N ARG VC 90 46.14 -91.69 105.20
CA ARG VC 90 45.58 -92.56 104.18
C ARG VC 90 44.06 -92.50 104.25
N LEU VC 91 43.42 -92.56 103.08
CA LEU VC 91 41.98 -92.35 102.99
C LEU VC 91 41.25 -93.67 102.76
N ASN VC 92 40.03 -93.72 103.28
CA ASN VC 92 39.15 -94.85 103.00
C ASN VC 92 38.59 -94.74 101.59
N TRP VC 93 38.22 -95.89 101.04
CA TRP VC 93 37.63 -95.90 99.70
C TRP VC 93 36.21 -95.35 99.73
N ALA VC 94 35.52 -95.46 100.86
CA ALA VC 94 34.20 -94.89 101.00
C ALA VC 94 34.22 -93.41 101.36
N SER VC 95 35.40 -92.85 101.64
CA SER VC 95 35.51 -91.45 101.98
C SER VC 95 35.24 -90.54 100.78
N TYR VC 96 35.40 -91.07 99.57
CA TYR VC 96 35.16 -90.28 98.37
C TYR VC 96 33.70 -89.90 98.22
N SER VC 97 32.78 -90.66 98.79
CA SER VC 97 31.37 -90.29 98.80
C SER VC 97 31.15 -89.01 99.60
N LEU VC 98 31.73 -88.95 100.79
CA LEU VC 98 31.60 -87.75 101.62
C LEU VC 98 32.33 -86.57 100.99
N LEU VC 99 33.48 -86.83 100.37
CA LEU VC 99 34.20 -85.76 99.69
C LEU VC 99 33.41 -85.22 98.50
N ASN VC 100 32.76 -86.12 97.75
CA ASN VC 100 31.92 -85.71 96.63
C ASN VC 100 30.73 -84.90 97.12
N GLU VC 101 30.14 -85.31 98.24
CA GLU VC 101 29.03 -84.56 98.81
C GLU VC 101 29.47 -83.19 99.28
N ILE VC 102 30.67 -83.11 99.87
CA ILE VC 102 31.24 -81.85 100.32
C ILE VC 102 31.48 -80.91 99.16
N ALA VC 103 32.03 -81.43 98.06
CA ALA VC 103 32.27 -80.62 96.87
C ALA VC 103 30.97 -80.19 96.23
N ALA VC 104 29.96 -81.06 96.26
CA ALA VC 104 28.64 -80.71 95.73
C ALA VC 104 28.01 -79.57 96.53
N PHE VC 105 28.18 -79.60 97.86
CA PHE VC 105 27.69 -78.48 98.66
C PHE VC 105 28.50 -77.22 98.41
N LEU VC 106 29.83 -77.35 98.28
CA LEU VC 106 30.69 -76.19 98.13
C LEU VC 106 30.56 -75.55 96.75
N LYS VC 107 30.05 -76.28 95.77
CA LYS VC 107 29.82 -75.68 94.46
C LYS VC 107 28.71 -74.64 94.47
N GLN VC 108 27.84 -74.66 95.47
CA GLN VC 108 26.65 -73.83 95.49
C GLN VC 108 26.92 -72.37 95.85
N PHE VC 109 28.13 -72.03 96.27
CA PHE VC 109 28.40 -70.67 96.72
C PHE VC 109 29.43 -70.00 95.83
N ARG VC 110 29.49 -68.68 95.94
CA ARG VC 110 30.50 -67.86 95.27
C ARG VC 110 31.52 -67.42 96.30
N LYS VC 111 32.79 -67.64 95.99
CA LYS VC 111 33.84 -67.61 96.99
C LYS VC 111 35.08 -66.93 96.42
N ILE VC 112 36.02 -66.61 97.31
CA ILE VC 112 37.30 -66.04 96.91
C ILE VC 112 38.43 -66.86 97.50
N ALA VC 113 38.41 -67.02 98.82
CA ALA VC 113 39.47 -67.70 99.55
C ALA VC 113 38.86 -68.73 100.49
N ILE VC 114 39.39 -69.95 100.44
CA ILE VC 114 38.96 -71.03 101.31
C ILE VC 114 40.16 -71.47 102.13
N THR VC 115 39.95 -71.70 103.42
CA THR VC 115 41.02 -72.12 104.31
C THR VC 115 40.68 -73.44 104.96
N VAL VC 116 41.67 -74.33 105.02
CA VAL VC 116 41.53 -75.62 105.69
C VAL VC 116 42.60 -75.73 106.76
N THR VC 117 42.18 -76.11 107.95
CA THR VC 117 43.12 -76.37 109.04
C THR VC 117 42.84 -77.74 109.62
N SER VC 118 43.91 -78.38 110.09
CA SER VC 118 43.82 -79.74 110.59
C SER VC 118 44.32 -79.82 112.03
N TYR VC 119 43.63 -80.62 112.84
CA TYR VC 119 43.95 -80.78 114.25
C TYR VC 119 43.91 -82.25 114.61
N SER VC 120 44.85 -82.68 115.47
CA SER VC 120 44.98 -84.08 115.83
C SER VC 120 45.20 -84.17 117.34
N SER VC 121 45.55 -85.37 117.79
CA SER VC 121 45.84 -85.64 119.19
C SER VC 121 47.32 -85.89 119.40
N LYS VC 122 47.80 -85.64 120.61
CA LYS VC 122 49.21 -85.72 120.92
C LYS VC 122 49.65 -87.17 121.02
N TYR VC 123 50.56 -87.58 120.13
CA TYR VC 123 51.02 -88.97 120.08
C TYR VC 123 52.51 -89.12 120.33
N VAL VC 124 53.37 -88.48 119.53
CA VAL VC 124 54.79 -88.76 119.58
C VAL VC 124 55.58 -87.50 119.92
N SER VC 125 55.45 -86.49 119.08
CA SER VC 125 56.17 -85.24 119.28
C SER VC 125 55.28 -84.11 118.76
N VAL VC 126 55.83 -82.91 118.72
CA VAL VC 126 55.13 -81.82 118.08
C VAL VC 126 55.27 -81.92 116.57
N LYS VC 127 56.49 -82.27 116.12
CA LYS VC 127 56.82 -82.28 114.69
C LYS VC 127 56.01 -83.31 113.92
N ARG VC 128 55.84 -84.50 114.51
CA ARG VC 128 55.14 -85.58 113.82
C ARG VC 128 53.66 -85.26 113.64
N GLU VC 129 53.03 -84.72 114.67
CA GLU VC 129 51.62 -84.36 114.57
C GLU VC 129 51.41 -83.19 113.63
N ARG VC 130 52.31 -82.21 113.66
CA ARG VC 130 52.22 -81.08 112.74
C ARG VC 130 52.40 -81.53 111.30
N ALA VC 131 53.34 -82.44 111.06
CA ALA VC 131 53.56 -82.96 109.71
C ALA VC 131 52.39 -83.79 109.23
N LEU VC 132 51.78 -84.58 110.12
CA LEU VC 132 50.62 -85.39 109.76
C LEU VC 132 49.44 -84.51 109.39
N THR VC 133 49.17 -83.48 110.20
CA THR VC 133 48.06 -82.56 109.93
C THR VC 133 48.29 -81.78 108.64
N LEU VC 134 49.53 -81.35 108.40
CA LEU VC 134 49.86 -80.64 107.18
C LEU VC 134 49.67 -81.53 105.95
N ALA VC 135 50.08 -82.80 106.06
CA ALA VC 135 49.92 -83.73 104.94
C ALA VC 135 48.46 -84.02 104.66
N ARG VC 136 47.65 -84.20 105.71
CA ARG VC 136 46.23 -84.46 105.53
C ARG VC 136 45.53 -83.26 104.90
N SER VC 137 45.90 -82.05 105.34
CA SER VC 137 45.35 -80.83 104.75
C SER VC 137 45.75 -80.69 103.29
N ARG VC 138 47.00 -81.05 102.97
CA ARG VC 138 47.47 -80.98 101.59
C ARG VC 138 46.71 -81.94 100.68
N VAL VC 139 46.47 -83.16 101.17
CA VAL VC 139 45.76 -84.15 100.36
C VAL VC 139 44.31 -83.74 100.13
N VAL VC 140 43.62 -83.29 101.18
CA VAL VC 140 42.23 -82.91 101.00
C VAL VC 140 42.10 -81.64 100.16
N SER VC 141 43.08 -80.73 100.26
CA SER VC 141 43.06 -79.53 99.43
C SER VC 141 43.33 -79.85 97.97
N GLU VC 142 44.22 -80.82 97.73
CA GLU VC 142 44.49 -81.26 96.36
C GLU VC 142 43.26 -81.87 95.73
N TYR VC 143 42.53 -82.70 96.49
CA TYR VC 143 41.31 -83.28 95.94
C TYR VC 143 40.24 -82.23 95.72
N LEU VC 144 40.16 -81.25 96.61
CA LEU VC 144 39.14 -80.22 96.46
C LEU VC 144 39.45 -79.28 95.30
N TRP VC 145 40.72 -79.03 95.01
CA TRP VC 145 41.04 -78.28 93.80
C TRP VC 145 40.84 -79.13 92.56
N SER VC 146 41.08 -80.44 92.66
CA SER VC 146 40.85 -81.34 91.54
C SER VC 146 39.39 -81.36 91.14
N GLN VC 147 38.50 -81.33 92.12
CA GLN VC 147 37.11 -81.06 91.82
C GLN VC 147 36.95 -79.60 91.43
N GLY VC 148 36.08 -79.35 90.45
CA GLY VC 148 36.00 -78.03 89.86
C GLY VC 148 35.26 -76.99 90.68
N VAL VC 149 35.75 -76.67 91.87
CA VAL VC 149 35.16 -75.60 92.66
C VAL VC 149 35.75 -74.27 92.22
N ASP VC 150 34.92 -73.24 92.16
CA ASP VC 150 35.34 -71.96 91.60
C ASP VC 150 35.78 -71.02 92.72
N SER VC 151 36.94 -71.32 93.28
CA SER VC 151 37.60 -70.41 94.19
C SER VC 151 38.85 -69.84 93.54
N ARG VC 152 39.45 -68.87 94.21
CA ARG VC 152 40.69 -68.28 93.74
C ARG VC 152 41.89 -68.75 94.54
N ILE VC 153 41.83 -68.61 95.87
CA ILE VC 153 42.97 -68.93 96.72
C ILE VC 153 42.52 -69.93 97.78
N ILE VC 154 43.30 -71.00 97.95
CA ILE VC 154 43.10 -71.96 99.02
C ILE VC 154 44.34 -71.96 99.89
N PHE VC 155 44.14 -71.78 101.19
CA PHE VC 155 45.21 -71.89 102.17
C PHE VC 155 45.02 -73.16 102.98
N THR VC 156 46.12 -73.88 103.19
CA THR VC 156 46.09 -75.15 103.91
C THR VC 156 47.14 -75.15 105.01
N GLN VC 157 46.73 -75.61 106.20
CA GLN VC 157 47.63 -75.65 107.34
C GLN VC 157 47.12 -76.65 108.37
N GLY VC 158 48.03 -77.08 109.25
CA GLY VC 158 47.69 -77.97 110.33
C GLY VC 158 48.47 -77.60 111.58
N LEU VC 159 47.97 -78.05 112.72
CA LEU VC 159 48.56 -77.70 114.00
C LEU VC 159 48.83 -78.87 114.92
N GLY VC 160 48.41 -80.07 114.58
CA GLY VC 160 48.60 -81.20 115.47
C GLY VC 160 47.67 -81.18 116.66
N SER VC 161 48.23 -81.21 117.86
CA SER VC 161 47.48 -81.13 119.09
C SER VC 161 47.70 -79.78 119.77
N ASP VC 162 47.85 -78.73 118.96
CA ASP VC 162 48.18 -77.42 119.51
C ASP VC 162 46.98 -76.78 120.19
N LYS VC 163 45.80 -76.86 119.59
CA LYS VC 163 44.62 -76.18 120.10
C LYS VC 163 43.54 -77.18 120.45
N PRO VC 164 43.45 -77.61 121.71
CA PRO VC 164 42.35 -78.49 122.11
C PRO VC 164 41.04 -77.73 122.16
N ILE VC 165 39.96 -78.47 121.94
CA ILE VC 165 38.62 -77.92 122.05
C ILE VC 165 37.87 -78.50 123.24
N THR VC 166 38.56 -79.29 124.07
CA THR VC 166 37.97 -79.85 125.27
C THR VC 166 39.06 -79.95 126.33
N SER VC 167 38.63 -79.99 127.59
CA SER VC 167 39.52 -80.46 128.65
C SER VC 167 39.66 -81.98 128.62
N TYR VC 168 38.73 -82.67 127.98
CA TYR VC 168 38.79 -84.12 127.83
C TYR VC 168 39.84 -84.47 126.78
N THR VC 169 40.95 -85.05 127.21
CA THR VC 169 42.03 -85.47 126.32
C THR VC 169 42.41 -86.92 126.61
N LEU VC 170 41.41 -87.79 126.72
CA LEU VC 170 41.66 -89.18 127.05
C LEU VC 170 41.50 -90.12 125.87
N GLY VC 171 40.66 -89.78 124.90
CA GLY VC 171 40.51 -90.62 123.73
C GLY VC 171 41.70 -90.52 122.79
N GLY VC 172 41.77 -91.46 121.86
CA GLY VC 172 42.85 -91.49 120.91
C GLY VC 172 42.55 -90.63 119.71
N ASP VC 173 42.53 -91.22 118.52
CA ASP VC 173 42.10 -90.49 117.34
C ASP VC 173 40.59 -90.42 117.21
N ARG VC 174 39.86 -91.16 118.04
CA ARG VC 174 38.40 -91.07 118.06
C ARG VC 174 37.88 -89.90 118.88
N SER VC 175 38.76 -89.19 119.58
CA SER VC 175 38.36 -88.04 120.37
C SER VC 175 37.91 -86.90 119.46
N PRO VC 176 36.96 -86.08 119.92
CA PRO VC 176 36.46 -84.98 119.07
C PRO VC 176 37.46 -83.88 118.77
N ASN VC 177 38.60 -83.82 119.46
CA ASN VC 177 39.61 -82.82 119.13
C ASN VC 177 40.24 -83.08 117.76
N ALA VC 178 40.30 -84.35 117.34
CA ALA VC 178 40.81 -84.69 116.02
C ALA VC 178 39.78 -84.26 114.98
N ARG VC 179 40.16 -83.31 114.14
CA ARG VC 179 39.17 -82.64 113.30
C ARG VC 179 39.85 -81.98 112.12
N VAL VC 180 39.04 -81.61 111.13
CA VAL VC 180 39.46 -80.76 110.03
C VAL VC 180 38.39 -79.71 109.82
N GLU VC 181 38.82 -78.45 109.73
CA GLU VC 181 37.92 -77.31 109.67
C GLU VC 181 38.09 -76.59 108.34
N ILE VC 182 36.96 -76.29 107.71
CA ILE VC 182 36.91 -75.55 106.45
C ILE VC 182 36.22 -74.23 106.73
N THR VC 183 36.86 -73.14 106.34
CA THR VC 183 36.32 -71.81 106.66
C THR VC 183 36.42 -70.90 105.45
N PHE VC 184 35.39 -70.07 105.27
CA PHE VC 184 35.40 -69.06 104.23
C PHE VC 184 34.38 -67.98 104.56
N ARG VC 185 34.37 -66.94 103.72
CA ARG VC 185 33.36 -65.90 103.76
C ARG VC 185 32.67 -65.87 102.40
N ARG VC 186 31.34 -65.95 102.42
CA ARG VC 186 30.57 -65.93 101.18
C ARG VC 186 30.64 -64.56 100.54
N ALA VC 187 30.95 -64.53 99.25
CA ALA VC 187 31.00 -63.27 98.51
C ALA VC 187 29.59 -62.82 98.19
N VAL VC 188 29.28 -61.56 98.54
CA VAL VC 188 27.99 -60.90 98.28
C VAL VC 188 26.80 -61.66 98.84
N CYS WC 42 36.63 -109.95 102.01
CA CYS WC 42 36.23 -109.08 100.93
C CYS WC 42 37.46 -108.53 100.20
N PHE WC 43 37.29 -107.41 99.49
CA PHE WC 43 38.36 -106.85 98.67
C PHE WC 43 38.47 -105.36 98.93
N HIS WC 44 39.71 -104.86 98.87
CA HIS WC 44 39.97 -103.43 99.00
C HIS WC 44 40.42 -102.88 97.66
N PRO WC 45 39.66 -101.94 97.09
CA PRO WC 45 40.03 -101.32 95.81
C PRO WC 45 41.37 -100.60 95.83
N PRO WC 46 41.86 -100.08 96.99
CA PRO WC 46 43.30 -99.80 97.05
C PRO WC 46 44.17 -101.04 97.15
N TYR WC 47 44.24 -101.81 96.06
CA TYR WC 47 45.23 -102.86 95.80
C TYR WC 47 45.20 -103.98 96.83
N ASN WC 48 44.05 -104.13 97.51
CA ASN WC 48 43.84 -105.07 98.61
C ASN WC 48 44.92 -104.92 99.68
N ASN WC 49 45.27 -103.67 99.97
CA ASN WC 49 46.34 -103.28 100.88
C ASN WC 49 47.66 -103.94 100.51
N PHE WC 50 47.92 -104.03 99.20
CA PHE WC 50 49.14 -104.62 98.62
C PHE WC 50 49.35 -106.05 99.08
N GLN WC 51 48.28 -106.77 99.22
CA GLN WC 51 48.38 -108.16 99.59
C GLN WC 51 47.94 -109.02 98.41
N PRO WC 52 48.64 -110.12 98.14
CA PRO WC 52 48.21 -111.03 97.07
C PRO WC 52 46.91 -111.74 97.44
N ASP WC 53 45.82 -111.32 96.79
CA ASP WC 53 44.50 -111.75 97.18
C ASP WC 53 44.23 -113.18 96.74
N ARG WC 54 43.13 -113.73 97.25
CA ARG WC 54 42.63 -115.03 96.83
C ARG WC 54 41.32 -114.76 96.09
N ARG WC 55 41.33 -114.96 94.78
CA ARG WC 55 40.28 -114.43 93.90
C ARG WC 55 39.18 -115.45 93.64
N ALA WC 56 39.54 -116.61 93.10
CA ALA WC 56 38.55 -117.59 92.64
C ALA WC 56 37.82 -118.29 93.79
N VAL WC 57 38.30 -118.15 95.02
CA VAL WC 57 37.59 -118.71 96.15
C VAL WC 57 36.25 -118.03 96.34
N LYS WC 58 36.17 -116.72 96.05
CA LYS WC 58 34.91 -116.00 96.11
C LYS WC 58 33.94 -116.50 95.04
N ARG WC 59 34.45 -116.75 93.83
CA ARG WC 59 33.60 -117.25 92.75
C ARG WC 59 33.09 -118.64 93.04
N VAL WC 60 33.95 -119.53 93.56
CA VAL WC 60 33.45 -120.88 93.86
C VAL WC 60 32.55 -120.86 95.09
N GLY WC 61 32.74 -119.93 96.01
CA GLY WC 61 31.83 -119.79 97.14
C GLY WC 61 30.44 -119.33 96.71
N VAL WC 62 30.37 -118.33 95.84
CA VAL WC 62 29.06 -117.87 95.37
C VAL WC 62 28.45 -118.84 94.36
N ASP WC 63 29.26 -119.69 93.72
CA ASP WC 63 28.70 -120.73 92.87
C ASP WC 63 28.13 -121.88 93.68
N THR WC 64 28.79 -122.24 94.79
CA THR WC 64 28.22 -123.24 95.69
C THR WC 64 26.98 -122.70 96.40
N GLY WC 65 26.99 -121.42 96.76
CA GLY WC 65 25.84 -120.81 97.40
C GLY WC 65 24.70 -120.54 96.43
N GLY WC 88 27.32 -126.07 93.90
CA GLY WC 88 27.85 -125.61 92.64
C GLY WC 88 29.36 -125.64 92.58
N GLY WC 89 29.94 -126.64 93.23
CA GLY WC 89 31.40 -126.78 93.23
C GLY WC 89 31.96 -127.10 91.87
N THR WC 90 31.26 -127.91 91.09
CA THR WC 90 31.74 -128.31 89.77
C THR WC 90 31.73 -127.15 88.79
N VAL WC 91 30.61 -126.41 88.76
CA VAL WC 91 30.52 -125.24 87.88
C VAL WC 91 31.44 -124.13 88.37
N GLY WC 92 31.66 -124.03 89.68
CA GLY WC 92 32.63 -123.07 90.20
C GLY WC 92 34.05 -123.42 89.80
N LEU WC 93 34.39 -124.72 89.82
CA LEU WC 93 35.72 -125.15 89.41
C LEU WC 93 35.95 -124.92 87.92
N VAL WC 94 34.94 -125.21 87.10
CA VAL WC 94 35.13 -125.00 85.66
C VAL WC 94 35.14 -123.51 85.33
N ALA WC 95 34.43 -122.68 86.11
CA ALA WC 95 34.52 -121.24 85.92
C ALA WC 95 35.87 -120.71 86.36
N SER WC 96 36.45 -121.28 87.42
CA SER WC 96 37.77 -120.87 87.87
C SER WC 96 38.85 -121.25 86.86
N ILE WC 97 38.75 -122.45 86.29
CA ILE WC 97 39.76 -122.85 85.32
C ILE WC 97 39.53 -122.16 83.98
N TYR WC 98 38.33 -121.64 83.72
CA TYR WC 98 38.17 -120.75 82.58
C TYR WC 98 38.75 -119.37 82.86
N ARG WC 99 38.62 -118.90 84.10
CA ARG WC 99 39.03 -117.54 84.44
C ARG WC 99 40.54 -117.41 84.50
N ASP WC 100 41.22 -118.35 85.15
CA ASP WC 100 42.64 -118.15 85.48
C ASP WC 100 43.57 -118.35 84.29
N SER WC 101 43.05 -118.79 83.15
CA SER WC 101 43.87 -119.10 82.00
C SER WC 101 44.52 -117.85 81.43
N LYS WC 102 45.73 -118.03 80.90
CA LYS WC 102 46.52 -116.91 80.38
C LYS WC 102 45.85 -116.26 79.17
N ARG WC 103 45.12 -117.05 78.39
CA ARG WC 103 44.39 -116.51 77.25
C ARG WC 103 43.30 -115.54 77.69
N LYS WC 104 42.64 -115.84 78.82
CA LYS WC 104 41.63 -114.94 79.36
C LYS WC 104 42.24 -113.64 79.84
N ILE WC 105 43.42 -113.71 80.45
CA ILE WC 105 44.11 -112.51 80.92
C ILE WC 105 44.56 -111.68 79.72
N ILE WC 106 45.01 -112.34 78.67
CA ILE WC 106 45.43 -111.64 77.45
C ILE WC 106 44.24 -110.97 76.78
N ARG WC 107 43.09 -111.66 76.72
CA ARG WC 107 41.90 -111.08 76.12
C ARG WC 107 41.36 -109.92 76.95
N ASP WC 108 41.43 -110.02 78.27
CA ASP WC 108 41.01 -108.90 79.12
C ASP WC 108 41.98 -107.73 79.00
N LEU WC 109 43.26 -108.02 78.84
CA LEU WC 109 44.25 -106.97 78.62
C LEU WC 109 44.04 -106.29 77.29
N GLN WC 110 43.62 -107.04 76.27
CA GLN WC 110 43.28 -106.46 74.98
C GLN WC 110 42.00 -105.66 75.04
N LYS WC 111 41.06 -106.08 75.90
CA LYS WC 111 39.89 -105.26 76.18
C LYS WC 111 40.30 -103.96 76.87
N GLN WC 112 41.33 -104.04 77.71
CA GLN WC 112 41.96 -102.85 78.24
C GLN WC 112 42.89 -102.24 77.18
N ASP WC 113 43.54 -101.13 77.54
CA ASP WC 113 44.29 -100.35 76.56
C ASP WC 113 45.78 -100.68 76.57
N ILE WC 114 46.14 -101.91 76.92
CA ILE WC 114 47.54 -102.30 77.06
C ILE WC 114 47.91 -103.20 75.90
N GLN WC 115 49.05 -102.90 75.26
CA GLN WC 115 49.49 -103.60 74.07
C GLN WC 115 50.50 -104.67 74.46
N TYR WC 116 50.24 -105.92 74.07
CA TYR WC 116 51.12 -107.03 74.40
C TYR WC 116 51.77 -107.58 73.16
N VAL WC 117 53.08 -107.84 73.23
CA VAL WC 117 53.82 -108.44 72.12
C VAL WC 117 54.68 -109.57 72.67
N GLU WC 118 54.50 -110.77 72.14
CA GLU WC 118 55.38 -111.89 72.41
C GLU WC 118 56.08 -112.27 71.11
N TYR WC 119 57.41 -112.35 71.17
CA TYR WC 119 58.20 -112.67 69.98
C TYR WC 119 59.43 -113.44 70.43
N GLY WC 120 59.58 -114.66 69.91
CA GLY WC 120 60.69 -115.50 70.31
C GLY WC 120 60.54 -115.94 71.75
N ASP WC 121 61.33 -115.31 72.63
CA ASP WC 121 61.18 -115.50 74.06
C ASP WC 121 61.14 -114.17 74.81
N THR WC 122 60.91 -113.07 74.08
CA THR WC 122 60.86 -111.74 74.66
C THR WC 122 59.40 -111.34 74.80
N ARG WC 123 58.98 -110.99 76.02
CA ARG WC 123 57.61 -110.60 76.26
C ARG WC 123 57.57 -109.15 76.71
N THR WC 124 56.76 -108.35 76.00
CA THR WC 124 56.79 -106.90 76.12
C THR WC 124 55.37 -106.34 76.25
N LEU WC 125 55.27 -105.28 77.02
CA LEU WC 125 54.02 -104.58 77.29
C LEU WC 125 54.17 -103.08 77.05
N ILE WC 126 53.16 -102.49 76.44
CA ILE WC 126 53.12 -101.06 76.14
C ILE WC 126 51.89 -100.47 76.83
N ILE WC 127 52.12 -99.41 77.60
CA ILE WC 127 51.12 -98.86 78.51
C ILE WC 127 50.93 -97.39 78.16
N PRO WC 128 49.69 -96.93 77.94
CA PRO WC 128 49.45 -95.51 77.62
C PRO WC 128 49.58 -94.63 78.84
N THR WC 129 50.56 -93.73 78.80
CA THR WC 129 50.89 -92.87 79.92
C THR WC 129 49.75 -91.90 80.24
N ASP WC 130 49.12 -91.35 79.21
CA ASP WC 130 48.10 -90.34 79.41
C ASP WC 130 46.84 -90.94 80.02
N LYS WC 131 46.46 -92.13 79.58
CA LYS WC 131 45.29 -92.78 80.14
C LYS WC 131 45.58 -93.47 81.46
N TYR WC 132 46.85 -93.69 81.80
CA TYR WC 132 47.18 -94.41 83.02
C TYR WC 132 47.94 -93.57 84.04
N PHE WC 133 48.00 -92.25 83.85
CA PHE WC 133 48.68 -91.41 84.81
C PHE WC 133 47.86 -90.14 85.03
N MET WC 134 48.08 -89.52 86.19
CA MET WC 134 47.63 -88.16 86.37
C MET WC 134 48.43 -87.25 85.46
N PHE WC 135 47.76 -86.24 84.91
CA PHE WC 135 48.32 -85.46 83.82
C PHE WC 135 49.47 -84.58 84.29
N SER WC 136 50.57 -84.59 83.51
CA SER WC 136 51.76 -83.76 83.72
C SER WC 136 52.39 -83.98 85.09
N SER WC 137 52.29 -85.21 85.59
CA SER WC 137 52.75 -85.52 86.93
C SER WC 137 53.01 -87.01 87.02
N PRO WC 138 53.89 -87.45 87.90
CA PRO WC 138 54.08 -88.89 88.08
C PRO WC 138 53.10 -89.50 89.07
N ARG WC 139 52.02 -88.79 89.38
CA ARG WC 139 50.98 -89.35 90.23
C ARG WC 139 50.19 -90.39 89.45
N LEU WC 140 49.95 -91.53 90.08
CA LEU WC 140 49.29 -92.63 89.41
C LEU WC 140 47.79 -92.41 89.33
N ASN WC 141 47.20 -92.79 88.21
CA ASN WC 141 45.75 -92.82 88.09
C ASN WC 141 45.18 -93.98 88.91
N GLU WC 142 44.06 -93.73 89.59
CA GLU WC 142 43.42 -94.73 90.43
C GLU WC 142 42.17 -95.32 89.81
N ILE WC 143 42.03 -95.24 88.49
CA ILE WC 143 40.87 -95.79 87.82
C ILE WC 143 41.18 -97.16 87.20
N CYS WC 144 42.36 -97.31 86.62
CA CYS WC 144 42.72 -98.52 85.89
C CYS WC 144 43.34 -99.59 86.80
N TYR WC 145 43.08 -99.53 88.10
CA TYR WC 145 43.58 -100.55 89.00
C TYR WC 145 43.06 -101.98 88.76
N PRO WC 146 41.87 -102.24 88.17
CA PRO WC 146 41.64 -103.62 87.69
C PRO WC 146 42.64 -104.06 86.65
N GLY WC 147 43.04 -103.16 85.74
CA GLY WC 147 44.08 -103.48 84.80
C GLY WC 147 45.43 -103.68 85.47
N LEU WC 148 45.70 -102.91 86.53
CA LEU WC 148 46.95 -103.07 87.27
C LEU WC 148 47.00 -104.41 88.00
N ASN WC 149 45.88 -104.84 88.57
CA ASN WC 149 45.82 -106.15 89.17
C ASN WC 149 45.94 -107.26 88.13
N ASN WC 150 45.41 -107.03 86.94
CA ASN WC 150 45.63 -107.96 85.84
C ASN WC 150 47.10 -108.03 85.46
N VAL WC 151 47.80 -106.90 85.50
CA VAL WC 151 49.23 -106.86 85.21
C VAL WC 151 49.98 -107.68 86.24
N ILE WC 152 49.61 -107.54 87.51
CA ILE WC 152 50.27 -108.30 88.57
C ILE WC 152 49.98 -109.80 88.43
N ARG WC 153 48.73 -110.14 88.09
CA ARG WC 153 48.36 -111.54 87.88
C ARG WC 153 49.08 -112.14 86.69
N LEU WC 154 49.34 -111.34 85.67
CA LEU WC 154 50.07 -111.84 84.51
C LEU WC 154 51.54 -112.00 84.83
N LEU WC 155 52.14 -111.02 85.50
CA LEU WC 155 53.57 -111.06 85.75
C LEU WC 155 53.95 -111.98 86.89
N ASN WC 156 52.98 -112.52 87.62
CA ASN WC 156 53.30 -113.55 88.60
C ASN WC 156 53.64 -114.89 87.96
N PHE WC 157 53.45 -115.06 86.64
CA PHE WC 157 53.68 -116.34 86.01
C PHE WC 157 55.15 -116.69 85.88
N TYR WC 158 56.01 -115.69 85.67
CA TYR WC 158 57.43 -115.93 85.36
C TYR WC 158 58.29 -115.23 86.41
N PRO WC 159 58.55 -115.88 87.54
CA PRO WC 159 59.24 -115.19 88.63
C PRO WC 159 60.76 -115.26 88.55
N GLN WC 160 61.32 -115.59 87.39
CA GLN WC 160 62.76 -115.69 87.26
C GLN WC 160 63.36 -114.76 86.23
N SER WC 161 62.57 -114.22 85.31
CA SER WC 161 63.09 -113.35 84.28
C SER WC 161 63.41 -111.97 84.84
N THR WC 162 64.54 -111.41 84.41
CA THR WC 162 64.86 -110.04 84.76
C THR WC 162 63.97 -109.08 83.97
N ILE WC 163 63.76 -107.90 84.53
CA ILE WC 163 62.78 -106.96 84.02
C ILE WC 163 63.48 -105.69 83.57
N TYR WC 164 63.17 -105.25 82.37
CA TYR WC 164 63.53 -103.92 81.90
C TYR WC 164 62.26 -103.10 81.76
N VAL WC 165 62.29 -101.86 82.24
CA VAL WC 165 61.17 -100.95 82.12
C VAL WC 165 61.68 -99.61 81.63
N ALA WC 166 60.98 -99.01 80.67
CA ALA WC 166 61.39 -97.77 80.06
C ALA WC 166 60.18 -96.88 79.83
N GLY WC 167 60.41 -95.58 79.86
CA GLY WC 167 59.38 -94.60 79.62
C GLY WC 167 59.70 -93.78 78.39
N PHE WC 168 58.66 -93.36 77.66
CA PHE WC 168 58.83 -92.59 76.45
C PHE WC 168 57.80 -91.47 76.39
N THR WC 169 58.22 -90.32 75.89
CA THR WC 169 57.33 -89.17 75.78
C THR WC 169 57.41 -88.52 74.40
N ASP WC 170 56.80 -87.36 74.26
CA ASP WC 170 56.70 -86.65 72.99
C ASP WC 170 57.98 -85.86 72.71
N ASN WC 171 57.90 -84.96 71.75
CA ASN WC 171 59.07 -84.22 71.28
C ASN WC 171 59.12 -82.77 71.75
N VAL WC 172 58.08 -82.26 72.37
CA VAL WC 172 57.96 -80.84 72.65
C VAL WC 172 58.38 -80.57 74.09
N GLY WC 173 59.34 -79.66 74.25
CA GLY WC 173 59.85 -79.26 75.54
C GLY WC 173 61.35 -79.27 75.57
N SER WC 174 61.90 -78.97 76.75
CA SER WC 174 63.33 -79.09 76.94
C SER WC 174 63.75 -80.55 76.97
N ARG WC 175 64.98 -80.79 76.51
CA ARG WC 175 65.55 -82.14 76.51
C ARG WC 175 65.70 -82.66 77.93
N SER WC 176 66.24 -81.83 78.82
CA SER WC 176 66.39 -82.18 80.23
C SER WC 176 65.04 -82.39 80.89
N HIS WC 177 64.06 -81.55 80.54
CA HIS WC 177 62.73 -81.64 81.13
C HIS WC 177 62.03 -82.94 80.73
N LYS WC 178 62.10 -83.30 79.45
CA LYS WC 178 61.48 -84.54 79.00
C LYS WC 178 62.20 -85.76 79.58
N ARG WC 179 63.53 -85.69 79.67
CA ARG WC 179 64.31 -86.79 80.22
C ARG WC 179 64.00 -86.98 81.70
N LYS WC 180 63.87 -85.88 82.45
CA LYS WC 180 63.56 -85.99 83.88
C LYS WC 180 62.16 -86.52 84.10
N LEU WC 181 61.20 -86.08 83.28
CA LEU WC 181 59.84 -86.60 83.41
C LEU WC 181 59.77 -88.08 83.09
N SER WC 182 60.50 -88.50 82.05
CA SER WC 182 60.53 -89.92 81.68
C SER WC 182 61.17 -90.76 82.77
N GLN WC 183 62.26 -90.28 83.35
CA GLN WC 183 62.93 -91.02 84.41
C GLN WC 183 62.06 -91.11 85.66
N ALA WC 184 61.34 -90.03 86.00
CA ALA WC 184 60.47 -90.05 87.16
C ALA WC 184 59.31 -91.02 86.97
N GLN WC 185 58.73 -91.04 85.76
CA GLN WC 185 57.65 -91.98 85.47
C GLN WC 185 58.14 -93.42 85.54
N ALA WC 186 59.35 -93.66 85.01
CA ALA WC 186 59.91 -95.01 85.04
C ALA WC 186 60.20 -95.47 86.45
N GLU WC 187 60.73 -94.58 87.30
CA GLU WC 187 60.99 -94.95 88.68
C GLU WC 187 59.70 -95.17 89.46
N THR WC 188 58.64 -94.43 89.11
CA THR WC 188 57.34 -94.65 89.73
C THR WC 188 56.82 -96.05 89.43
N MET WC 189 56.87 -96.44 88.15
CA MET WC 189 56.38 -97.75 87.74
C MET WC 189 57.21 -98.88 88.35
N MET WC 190 58.53 -98.68 88.38
CA MET WC 190 59.43 -99.66 88.98
C MET WC 190 59.16 -99.80 90.47
N THR WC 191 58.88 -98.69 91.14
CA THR WC 191 58.60 -98.74 92.57
C THR WC 191 57.31 -99.48 92.86
N PHE WC 192 56.28 -99.23 92.05
CA PHE WC 192 55.03 -99.97 92.20
C PHE WC 192 55.23 -101.46 91.95
N LEU WC 193 56.04 -101.81 90.96
CA LEU WC 193 56.27 -103.22 90.69
C LEU WC 193 57.11 -103.89 91.78
N TRP WC 194 58.03 -103.15 92.38
CA TRP WC 194 58.75 -103.66 93.54
C TRP WC 194 57.82 -103.84 94.73
N ALA WC 195 56.88 -102.91 94.92
CA ALA WC 195 56.00 -102.95 96.07
C ALA WC 195 54.95 -104.05 95.96
N ASN WC 196 54.67 -104.53 94.74
CA ASN WC 196 53.76 -105.65 94.59
C ASN WC 196 54.38 -106.98 94.99
N GLY WC 197 55.69 -107.04 95.22
CA GLY WC 197 56.29 -108.29 95.66
C GLY WC 197 57.31 -108.85 94.71
N ILE WC 198 58.07 -107.98 94.06
CA ILE WC 198 59.16 -108.38 93.17
C ILE WC 198 60.45 -107.78 93.71
N ALA WC 199 61.50 -108.61 93.80
CA ALA WC 199 62.79 -108.15 94.31
C ALA WC 199 63.44 -107.17 93.34
N ALA WC 200 64.16 -106.21 93.92
CA ALA WC 200 64.76 -105.12 93.15
C ALA WC 200 66.01 -105.53 92.40
N LYS WC 201 66.49 -106.76 92.61
CA LYS WC 201 67.65 -107.24 91.86
C LYS WC 201 67.33 -107.44 90.39
N ARG WC 202 66.07 -107.70 90.07
CA ARG WC 202 65.65 -108.00 88.71
C ARG WC 202 65.12 -106.78 87.96
N LEU WC 203 65.18 -105.59 88.55
CA LEU WC 203 64.48 -104.42 88.03
C LEU WC 203 65.48 -103.35 87.65
N LYS WC 204 65.45 -102.93 86.39
CA LYS WC 204 66.24 -101.81 85.89
C LYS WC 204 65.34 -100.88 85.11
N ALA WC 205 65.34 -99.60 85.46
CA ALA WC 205 64.43 -98.63 84.89
C ALA WC 205 65.19 -97.58 84.09
N GLU WC 206 64.59 -97.15 82.99
CA GLU WC 206 65.20 -96.12 82.15
C GLU WC 206 64.12 -95.29 81.49
N GLY WC 207 64.42 -94.02 81.32
CA GLY WC 207 63.49 -93.10 80.68
C GLY WC 207 64.16 -92.41 79.52
N TYR WC 208 63.36 -92.11 78.49
CA TYR WC 208 63.87 -91.47 77.29
C TYR WC 208 62.87 -90.45 76.80
N GLY WC 209 63.38 -89.45 76.10
CA GLY WC 209 62.53 -88.41 75.54
C GLY WC 209 62.22 -88.71 74.09
N ASP WC 210 62.93 -88.04 73.18
CA ASP WC 210 62.81 -88.27 71.75
C ASP WC 210 63.93 -89.18 71.24
N LYS WC 211 64.32 -90.16 72.06
CA LYS WC 211 65.46 -91.01 71.72
C LYS WC 211 65.15 -91.91 70.53
N ASN WC 212 63.97 -92.55 70.55
CA ASN WC 212 63.57 -93.42 69.45
C ASN WC 212 62.04 -93.50 69.48
N ALA WC 213 61.40 -92.77 68.57
CA ALA WC 213 59.95 -92.79 68.51
C ALA WC 213 59.46 -94.05 67.81
N ILE WC 214 58.15 -94.22 67.81
CA ILE WC 214 57.49 -95.30 67.10
C ILE WC 214 56.66 -94.77 65.94
N SER WC 215 55.73 -93.87 66.23
CA SER WC 215 54.96 -93.23 65.19
C SER WC 215 55.68 -91.97 64.72
N ASP WC 216 54.99 -91.13 63.97
CA ASP WC 216 55.53 -89.84 63.52
C ASP WC 216 55.01 -88.74 64.43
N ASN WC 217 55.92 -87.88 64.89
CA ASN WC 217 55.54 -86.85 65.84
C ASN WC 217 54.96 -85.61 65.17
N ALA WC 218 54.91 -85.58 63.84
CA ALA WC 218 54.37 -84.41 63.15
C ALA WC 218 52.87 -84.31 63.26
N ILE WC 219 52.19 -85.43 63.52
CA ILE WC 219 50.73 -85.45 63.57
C ILE WC 219 50.32 -85.65 65.02
N ILE WC 220 49.16 -85.10 65.36
CA ILE WC 220 48.70 -85.09 66.76
C ILE WC 220 48.39 -86.50 67.25
N HIS WC 221 47.72 -87.29 66.43
CA HIS WC 221 47.37 -88.64 66.84
C HIS WC 221 48.60 -89.52 66.96
N GLY WC 222 49.55 -89.37 66.03
CA GLY WC 222 50.79 -90.12 66.14
C GLY WC 222 51.64 -89.69 67.32
N SER WC 223 51.61 -88.40 67.65
CA SER WC 223 52.28 -87.92 68.86
C SER WC 223 51.62 -88.49 70.12
N ALA WC 224 50.30 -88.71 70.07
CA ALA WC 224 49.64 -89.43 71.14
C ALA WC 224 50.06 -90.89 71.17
N GLN WC 225 50.34 -91.50 70.01
CA GLN WC 225 50.85 -92.87 69.99
C GLN WC 225 52.24 -92.95 70.60
N ASN WC 226 53.03 -91.89 70.47
CA ASN WC 226 54.47 -91.97 70.75
C ASN WC 226 54.76 -92.18 72.24
N ARG WC 227 54.09 -91.42 73.11
CA ARG WC 227 54.38 -91.53 74.54
C ARG WC 227 53.81 -92.82 75.11
N ARG WC 228 54.63 -93.55 75.88
CA ARG WC 228 54.29 -94.92 76.21
C ARG WC 228 55.16 -95.40 77.37
N ILE WC 229 54.81 -96.58 77.87
CA ILE WC 229 55.64 -97.33 78.82
C ILE WC 229 55.95 -98.68 78.19
N GLU WC 230 57.24 -98.99 78.09
CA GLU WC 230 57.72 -100.25 77.56
C GLU WC 230 58.19 -101.14 78.70
N ILE WC 231 57.76 -102.40 78.70
CA ILE WC 231 58.21 -103.39 79.67
C ILE WC 231 58.68 -104.61 78.90
N GLN WC 232 59.93 -105.01 79.13
CA GLN WC 232 60.52 -106.19 78.50
C GLN WC 232 60.91 -107.19 79.57
N TRP WC 233 60.66 -108.47 79.31
CA TRP WC 233 61.32 -109.51 80.09
C TRP WC 233 61.61 -110.72 79.23
N PHE WC 234 62.67 -111.43 79.61
CA PHE WC 234 63.19 -112.58 78.90
C PHE WC 234 62.49 -113.85 79.35
N THR WC 235 63.05 -115.00 79.00
CA THR WC 235 62.72 -116.27 79.62
C THR WC 235 63.82 -116.76 80.54
N SER WC 236 65.06 -116.70 80.10
CA SER WC 236 66.20 -117.01 80.94
C SER WC 236 66.55 -115.82 81.81
N LEU XC 113 99.61 -111.91 114.81
CA LEU XC 113 98.62 -112.93 115.17
C LEU XC 113 97.51 -113.02 114.13
N ASN XC 114 96.73 -114.09 114.17
CA ASN XC 114 95.74 -114.35 113.14
C ASN XC 114 94.33 -114.59 113.68
N ARG XC 115 94.19 -115.32 114.78
CA ARG XC 115 92.88 -115.69 115.30
C ARG XC 115 92.84 -115.40 116.79
N PHE XC 116 91.75 -114.79 117.25
CA PHE XC 116 91.56 -114.48 118.66
C PHE XC 116 90.13 -114.82 119.04
N ARG XC 117 89.95 -115.86 119.84
CA ARG XC 117 88.63 -116.31 120.27
C ARG XC 117 88.60 -116.22 121.79
N TYR XC 118 87.95 -115.19 122.31
CA TYR XC 118 87.92 -114.90 123.74
C TYR XC 118 86.57 -115.23 124.32
N GLU XC 119 86.57 -115.96 125.43
CA GLU XC 119 85.36 -116.36 126.13
C GLU XC 119 85.57 -116.22 127.62
N GLY XC 120 84.49 -115.99 128.35
CA GLY XC 120 84.49 -116.22 129.78
C GLY XC 120 84.84 -115.06 130.70
N ALA XC 121 84.13 -113.94 130.54
CA ALA XC 121 84.07 -112.83 131.51
C ALA XC 121 85.45 -112.22 131.77
N GLY XC 122 86.00 -111.62 130.72
CA GLY XC 122 87.34 -111.08 130.80
C GLY XC 122 87.41 -109.68 130.23
N VAL XC 123 88.40 -108.93 130.70
CA VAL XC 123 88.64 -107.56 130.26
C VAL XC 123 89.99 -107.51 129.58
N VAL XC 124 90.02 -107.15 128.30
CA VAL XC 124 91.24 -107.05 127.51
C VAL XC 124 91.30 -105.65 126.90
N THR XC 125 92.39 -104.94 127.14
CA THR XC 125 92.64 -103.65 126.53
C THR XC 125 93.98 -103.70 125.82
N GLY XC 126 93.97 -103.42 124.53
CA GLY XC 126 95.20 -103.48 123.74
C GLY XC 126 95.33 -102.25 122.86
N ASN XC 127 96.57 -101.90 122.58
CA ASN XC 127 96.89 -100.75 121.76
C ASN XC 127 97.94 -101.11 120.72
N ASN XC 128 97.94 -100.32 119.63
CA ASN XC 128 98.93 -100.40 118.55
C ASN XC 128 98.96 -101.77 117.88
N LEU XC 129 97.78 -102.38 117.73
CA LEU XC 129 97.66 -103.66 117.05
C LEU XC 129 97.47 -103.42 115.55
N ARG XC 130 98.25 -104.14 114.74
CA ARG XC 130 98.18 -104.04 113.30
C ARG XC 130 98.12 -105.43 112.70
N THR XC 131 97.31 -105.58 111.66
CA THR XC 131 97.18 -106.85 110.97
C THR XC 131 96.68 -106.61 109.55
N SER XC 132 96.84 -107.63 108.72
CA SER XC 132 96.15 -107.68 107.43
C SER XC 132 94.77 -108.28 107.57
N TYR XC 133 94.65 -109.34 108.36
CA TYR XC 133 93.37 -109.96 108.66
C TYR XC 133 93.48 -110.72 109.97
N LEU XC 134 92.49 -110.54 110.83
CA LEU XC 134 92.32 -111.39 112.00
C LEU XC 134 90.87 -111.84 112.10
N ASP XC 135 90.67 -113.02 112.67
CA ASP XC 135 89.34 -113.54 112.91
C ASP XC 135 89.07 -113.50 114.41
N LEU XC 136 88.02 -112.75 114.79
CA LEU XC 136 87.64 -112.55 116.17
C LEU XC 136 86.41 -113.38 116.50
N TYR XC 137 86.41 -113.99 117.68
CA TYR XC 137 85.24 -114.71 118.17
C TYR XC 137 85.03 -114.36 119.63
N LEU XC 138 84.04 -113.50 119.89
CA LEU XC 138 83.81 -112.98 121.23
C LEU XC 138 82.60 -113.67 121.86
N ALA XC 139 82.75 -114.07 123.12
CA ALA XC 139 81.65 -114.62 123.88
C ALA XC 139 81.78 -114.22 125.34
N ASN XC 140 80.64 -113.97 125.98
CA ASN XC 140 80.48 -113.94 127.45
C ASN XC 140 81.34 -112.85 128.10
N GLU XC 141 80.97 -111.60 127.80
CA GLU XC 141 81.46 -110.40 128.48
C GLU XC 141 82.98 -110.23 128.30
N GLY XC 142 83.35 -110.01 127.05
CA GLY XC 142 84.69 -109.56 126.76
C GLY XC 142 84.73 -108.05 126.70
N THR XC 143 85.08 -107.42 127.82
CA THR XC 143 85.25 -105.97 127.87
C THR XC 143 86.53 -105.61 127.14
N THR XC 144 86.41 -105.29 125.86
CA THR XC 144 87.55 -105.19 124.97
C THR XC 144 87.74 -103.77 124.48
N ARG XC 145 88.96 -103.26 124.60
CA ARG XC 145 89.32 -101.93 124.16
C ARG XC 145 90.43 -102.03 123.13
N LEU XC 146 90.25 -101.34 122.00
CA LEU XC 146 91.21 -101.37 120.90
C LEU XC 146 91.75 -99.97 120.66
N ALA XC 147 93.07 -99.85 120.56
CA ALA XC 147 93.73 -98.60 120.23
C ALA XC 147 94.84 -98.84 119.20
N GLY XC 148 94.49 -99.51 118.11
CA GLY XC 148 95.39 -99.73 117.00
C GLY XC 148 94.63 -99.76 115.70
N ASN XC 149 95.38 -99.81 114.60
CA ASN XC 149 94.80 -99.87 113.26
C ASN XC 149 94.71 -101.34 112.85
N ILE XC 150 93.51 -101.90 112.94
CA ILE XC 150 93.29 -103.33 112.71
C ILE XC 150 92.38 -103.48 111.50
N GLY XC 151 92.85 -104.21 110.50
CA GLY XC 151 92.02 -104.56 109.35
C GLY XC 151 91.60 -106.00 109.45
N LEU XC 152 90.28 -106.22 109.55
CA LEU XC 152 89.73 -107.56 109.66
C LEU XC 152 88.54 -107.70 108.74
N GLN XC 153 88.25 -108.93 108.37
CA GLN XC 153 87.16 -109.24 107.45
C GLN XC 153 86.05 -110.05 108.10
N LYS XC 154 86.37 -110.97 108.99
CA LYS XC 154 85.36 -111.83 109.60
C LYS XC 154 85.50 -111.78 111.11
N LEU XC 155 84.37 -111.59 111.80
CA LEU XC 155 84.31 -111.70 113.24
C LEU XC 155 82.91 -112.15 113.62
N GLU XC 156 82.81 -112.78 114.79
CA GLU XC 156 81.54 -113.26 115.30
C GLU XC 156 81.46 -112.99 116.80
N ALA XC 157 80.41 -112.30 117.21
CA ALA XC 157 80.15 -112.03 118.62
C ALA XC 157 78.85 -112.73 119.01
N VAL XC 158 78.87 -113.41 120.15
CA VAL XC 158 77.69 -114.16 120.57
C VAL XC 158 76.60 -113.22 121.05
N GLY XC 159 76.91 -112.40 122.06
CA GLY XC 159 75.94 -111.50 122.63
C GLY XC 159 76.14 -111.33 124.12
N ASN XC 160 75.29 -110.51 124.75
CA ASN XC 160 75.35 -110.18 126.18
C ASN XC 160 76.71 -109.61 126.58
N GLY XC 161 77.29 -108.80 125.72
CA GLY XC 161 78.57 -108.18 125.98
C GLY XC 161 78.65 -106.82 125.33
N VAL XC 162 79.54 -106.00 125.88
CA VAL XC 162 79.76 -104.64 125.42
C VAL XC 162 81.17 -104.55 124.83
N THR XC 163 81.26 -104.04 123.60
CA THR XC 163 82.52 -103.94 122.89
C THR XC 163 82.70 -102.53 122.36
N GLN XC 164 83.87 -101.95 122.61
CA GLN XC 164 84.27 -100.65 122.07
C GLN XC 164 85.56 -100.86 121.28
N ILE XC 165 85.47 -100.72 119.97
CA ILE XC 165 86.63 -100.84 119.08
C ILE XC 165 86.80 -99.51 118.37
N ASN XC 166 87.99 -98.94 118.45
CA ASN XC 166 88.27 -97.62 117.89
C ASN XC 166 89.24 -97.79 116.73
N GLY XC 167 88.72 -97.80 115.51
CA GLY XC 167 89.54 -97.83 114.32
C GLY XC 167 89.66 -99.19 113.67
N VAL XC 168 88.84 -99.44 112.66
CA VAL XC 168 88.92 -100.66 111.85
C VAL XC 168 88.87 -100.23 110.39
N SER XC 169 89.86 -100.65 109.61
CA SER XC 169 89.99 -100.24 108.21
C SER XC 169 90.14 -101.49 107.34
N SER XC 170 89.05 -101.84 106.63
CA SER XC 170 89.08 -102.97 105.72
C SER XC 170 88.03 -102.76 104.64
N ARG XC 171 88.17 -103.53 103.57
CA ARG XC 171 87.25 -103.44 102.44
C ARG XC 171 86.04 -104.35 102.57
N ASN XC 172 86.03 -105.23 103.56
CA ASN XC 172 84.91 -106.16 103.73
C ASN XC 172 84.79 -106.50 105.20
N LEU XC 173 83.55 -106.63 105.65
CA LEU XC 173 83.24 -107.10 107.00
C LEU XC 173 81.88 -107.75 106.98
N GLN XC 174 81.80 -108.94 107.57
CA GLN XC 174 80.55 -109.67 107.70
C GLN XC 174 80.40 -110.12 109.14
N ILE XC 175 79.23 -109.87 109.71
CA ILE XC 175 78.97 -110.18 111.12
C ILE XC 175 77.48 -110.45 111.30
N VAL XC 176 77.15 -111.55 111.95
CA VAL XC 176 75.77 -111.92 112.27
C VAL XC 176 75.66 -112.08 113.78
N LEU XC 177 74.70 -111.37 114.39
CA LEU XC 177 74.55 -111.33 115.83
C LEU XC 177 73.32 -112.10 116.25
N LYS XC 178 73.43 -112.82 117.37
CA LYS XC 178 72.38 -113.71 117.85
C LYS XC 178 71.94 -113.44 119.28
N GLY XC 179 72.81 -112.90 120.13
CA GLY XC 179 72.47 -112.55 121.49
C GLY XC 179 72.06 -111.10 121.62
N ASP XC 180 72.57 -110.44 122.66
CA ASP XC 180 72.28 -109.04 122.93
C ASP XC 180 73.57 -108.25 123.09
N PRO XC 181 74.24 -107.92 121.98
CA PRO XC 181 75.49 -107.18 122.08
C PRO XC 181 75.30 -105.67 122.02
N LYS XC 182 76.31 -104.97 122.54
CA LYS XC 182 76.37 -103.51 122.55
C LYS XC 182 77.72 -103.14 121.95
N VAL XC 183 77.75 -102.87 120.65
CA VAL XC 183 79.01 -102.69 119.94
C VAL XC 183 79.09 -101.27 119.41
N LEU XC 184 80.20 -100.60 119.68
CA LEU XC 184 80.55 -99.36 119.01
C LEU XC 184 81.89 -99.59 118.32
N ILE XC 185 81.93 -99.30 117.03
CA ILE XC 185 83.13 -99.54 116.22
C ILE XC 185 83.39 -98.32 115.37
N SER XC 186 84.58 -97.75 115.49
CA SER XC 186 85.04 -96.66 114.66
C SER XC 186 85.75 -97.20 113.43
N GLY XC 187 85.73 -96.41 112.36
CA GLY XC 187 86.40 -96.75 111.13
C GLY XC 187 85.49 -96.57 109.94
N PHE XC 188 85.98 -96.98 108.77
CA PHE XC 188 85.25 -96.86 107.51
C PHE XC 188 85.45 -98.14 106.72
N VAL XC 189 84.42 -98.99 106.66
CA VAL XC 189 84.50 -100.30 106.04
C VAL XC 189 83.35 -100.44 105.04
N ASN XC 190 83.67 -100.84 103.82
CA ASN XC 190 82.67 -101.29 102.85
C ASN XC 190 82.05 -102.58 103.38
N LEU XC 191 80.77 -102.54 103.70
CA LEU XC 191 80.04 -103.68 104.23
C LEU XC 191 79.03 -104.19 103.21
N ARG XC 192 78.64 -105.45 103.35
CA ARG XC 192 77.77 -106.09 102.39
C ARG XC 192 76.40 -106.45 102.95
N GLN XC 193 76.33 -107.19 104.05
CA GLN XC 193 75.08 -107.78 104.49
C GLN XC 193 74.99 -107.78 106.00
N LEU XC 194 73.82 -107.43 106.52
CA LEU XC 194 73.57 -107.50 107.95
C LEU XC 194 72.19 -108.10 108.19
N ASP XC 195 72.15 -109.12 109.05
CA ASP XC 195 70.90 -109.77 109.45
C ASP XC 195 70.88 -109.90 110.95
N MET XC 196 69.90 -109.27 111.59
CA MET XC 196 69.83 -109.21 113.04
C MET XC 196 68.51 -109.78 113.52
N TYR XC 197 68.59 -110.55 114.61
CA TYR XC 197 67.43 -111.28 115.10
C TYR XC 197 67.22 -111.14 116.61
N GLY XC 198 68.15 -110.53 117.34
CA GLY XC 198 68.03 -110.46 118.78
C GLY XC 198 67.66 -109.08 119.30
N LYS XC 199 68.52 -108.54 120.17
CA LYS XC 199 68.34 -107.23 120.80
C LYS XC 199 69.64 -106.44 120.68
N GLY XC 200 70.17 -106.37 119.47
CA GLY XC 200 71.51 -105.85 119.26
C GLY XC 200 71.53 -104.34 119.02
N THR XC 201 72.53 -103.69 119.62
CA THR XC 201 72.78 -102.27 119.40
C THR XC 201 74.17 -102.10 118.82
N LEU XC 202 74.27 -101.36 117.72
CA LEU XC 202 75.49 -101.22 116.96
C LEU XC 202 75.65 -99.77 116.52
N SER XC 203 76.85 -99.23 116.68
CA SER XC 203 77.14 -97.85 116.30
C SER XC 203 78.42 -97.80 115.49
N LEU XC 204 78.32 -97.47 114.20
CA LEU XC 204 79.45 -97.36 113.31
C LEU XC 204 79.56 -95.92 112.83
N TYR XC 205 80.79 -95.43 112.71
CA TYR XC 205 80.98 -94.02 112.40
C TYR XC 205 80.93 -93.77 110.90
N TRP XC 206 81.76 -94.45 110.14
CA TRP XC 206 81.84 -94.22 108.70
C TRP XC 206 81.65 -95.52 107.95
N ILE XC 207 81.04 -95.42 106.77
CA ILE XC 207 80.97 -96.52 105.82
C ILE XC 207 81.20 -95.96 104.43
N LYS XC 208 82.06 -96.61 103.66
CA LYS XC 208 82.34 -96.24 102.26
C LYS XC 208 81.96 -97.45 101.42
N SER XC 209 80.68 -97.56 101.10
CA SER XC 209 80.14 -98.76 100.49
C SER XC 209 79.25 -98.41 99.32
N ASP XC 210 78.82 -99.44 98.61
CA ASP XC 210 77.92 -99.31 97.47
C ASP XC 210 76.60 -100.04 97.68
N THR XC 211 76.66 -101.30 98.07
CA THR XC 211 75.49 -102.17 98.15
C THR XC 211 75.33 -102.65 99.60
N LEU XC 212 74.15 -102.42 100.16
CA LEU XC 212 73.84 -102.87 101.51
C LEU XC 212 72.50 -103.57 101.56
N THR XC 213 72.43 -104.65 102.34
CA THR XC 213 71.21 -105.41 102.54
C THR XC 213 71.05 -105.66 104.03
N ILE XC 214 70.02 -105.06 104.63
CA ILE XC 214 69.80 -105.14 106.06
C ILE XC 214 68.46 -105.83 106.30
N ARG XC 215 68.46 -106.83 107.17
CA ARG XC 215 67.23 -107.47 107.63
C ARG XC 215 67.22 -107.43 109.14
N ALA XC 216 66.11 -106.98 109.72
CA ALA XC 216 65.99 -106.86 111.16
C ALA XC 216 64.69 -107.48 111.63
N LYS XC 217 64.79 -108.36 112.64
CA LYS XC 217 63.66 -109.19 113.07
C LYS XC 217 63.04 -108.69 114.36
N LYS XC 218 63.81 -108.58 115.44
CA LYS XC 218 63.25 -108.37 116.76
C LYS XC 218 63.61 -107.00 117.35
N ALA XC 219 64.89 -106.70 117.52
CA ALA XC 219 65.27 -105.43 118.13
C ALA XC 219 66.69 -105.10 117.67
N ALA XC 220 66.80 -104.10 116.80
CA ALA XC 220 68.09 -103.66 116.30
C ALA XC 220 68.15 -102.15 116.39
N LYS XC 221 69.12 -101.65 117.12
CA LYS XC 221 69.39 -100.22 117.22
C LYS XC 221 70.67 -99.95 116.46
N ILE XC 222 70.60 -99.08 115.45
CA ILE XC 222 71.68 -98.91 114.49
C ILE XC 222 72.02 -97.43 114.41
N GLN XC 223 73.31 -97.11 114.57
CA GLN XC 223 73.83 -95.78 114.31
C GLN XC 223 74.77 -95.89 113.11
N LEU XC 224 74.46 -95.14 112.05
CA LEU XC 224 75.22 -95.22 110.81
C LEU XC 224 75.38 -93.85 110.18
N ALA XC 225 76.47 -93.69 109.45
CA ALA XC 225 76.75 -92.47 108.69
C ALA XC 225 77.74 -92.80 107.60
N GLY XC 226 77.45 -92.38 106.38
CA GLY XC 226 78.38 -92.63 105.29
C GLY XC 226 77.69 -92.48 103.93
N ILE XC 227 78.30 -93.11 102.94
CA ILE XC 227 77.80 -93.10 101.56
C ILE XC 227 77.55 -94.54 101.15
N VAL XC 228 76.33 -94.84 100.73
CA VAL XC 228 75.96 -96.12 100.16
C VAL XC 228 75.16 -95.85 98.89
N ASN XC 229 75.59 -96.44 97.78
CA ASN XC 229 74.92 -96.18 96.50
C ASN XC 229 73.57 -96.87 96.45
N ARG XC 230 73.52 -98.15 96.78
CA ARG XC 230 72.29 -98.94 96.70
C ARG XC 230 72.06 -99.62 98.03
N LEU XC 231 70.89 -99.40 98.62
CA LEU XC 231 70.63 -99.91 99.95
C LEU XC 231 69.22 -100.46 100.04
N ASP XC 232 69.07 -101.62 100.69
CA ASP XC 232 67.77 -102.21 100.94
C ASP XC 232 67.67 -102.57 102.42
N VAL XC 233 66.49 -102.31 102.99
CA VAL XC 233 66.22 -102.53 104.39
C VAL XC 233 64.86 -103.23 104.52
N GLU XC 234 64.84 -104.33 105.27
CA GLU XC 234 63.62 -105.04 105.63
C GLU XC 234 63.49 -105.03 107.15
N LEU XC 235 62.36 -104.56 107.66
CA LEU XC 235 62.10 -104.51 109.08
C LEU XC 235 60.84 -105.31 109.39
N TRP XC 236 60.91 -106.20 110.39
CA TRP XC 236 59.78 -107.06 110.72
C TRP XC 236 58.94 -106.52 111.87
N ASP XC 237 59.54 -106.36 113.06
CA ASP XC 237 58.78 -105.86 114.19
C ASP XC 237 59.74 -105.26 115.21
N PHE XC 238 59.32 -104.12 115.79
CA PHE XC 238 60.03 -103.42 116.87
C PHE XC 238 61.45 -103.06 116.46
N ALA XC 239 61.62 -102.61 115.23
CA ALA XC 239 62.93 -102.27 114.68
C ALA XC 239 63.02 -100.77 114.52
N GLN XC 240 64.02 -100.17 115.16
CA GLN XC 240 64.25 -98.73 115.09
C GLN XC 240 65.57 -98.49 114.38
N PHE XC 241 65.50 -97.95 113.17
CA PHE XC 241 66.67 -97.75 112.34
C PHE XC 241 66.91 -96.25 112.15
N LYS XC 242 68.11 -95.81 112.51
CA LYS XC 242 68.53 -94.43 112.31
C LYS XC 242 69.46 -94.38 111.10
N GLY XC 243 68.87 -94.34 109.91
CA GLY XC 243 69.66 -94.23 108.71
C GLY XC 243 69.95 -92.79 108.34
N LYS XC 244 69.67 -91.87 109.26
CA LYS XC 244 70.08 -90.49 109.08
C LYS XC 244 71.59 -90.39 109.16
N TYR XC 245 72.13 -89.31 108.57
CA TYR XC 245 73.54 -89.02 108.29
C TYR XC 245 74.17 -90.00 107.31
N LEU XC 246 73.38 -90.88 106.70
CA LEU XC 246 73.83 -91.81 105.68
C LEU XC 246 73.24 -91.34 104.36
N ARG XC 247 74.09 -90.81 103.49
CA ARG XC 247 73.63 -90.32 102.20
C ARG XC 247 73.51 -91.47 101.23
N ALA XC 248 72.29 -91.73 100.76
CA ALA XC 248 71.99 -92.89 99.93
C ALA XC 248 71.45 -92.43 98.58
N GLN XC 249 71.96 -93.05 97.52
CA GLN XC 249 71.44 -92.75 96.19
C GLN XC 249 70.18 -93.54 95.91
N ARG XC 250 70.19 -94.83 96.23
CA ARG XC 250 69.05 -95.71 96.05
C ARG XC 250 68.64 -96.26 97.40
N SER XC 251 67.40 -96.00 97.80
CA SER XC 251 66.88 -96.53 99.04
C SER XC 251 65.65 -97.39 98.75
N PHE XC 252 65.63 -98.60 99.31
CA PHE XC 252 64.49 -99.51 99.17
C PHE XC 252 64.11 -100.01 100.56
N VAL XC 253 63.03 -99.47 101.10
CA VAL XC 253 62.64 -99.71 102.49
C VAL XC 253 61.32 -100.48 102.50
N LYS XC 254 61.29 -101.59 103.23
CA LYS XC 254 60.10 -102.40 103.40
C LYS XC 254 59.90 -102.64 104.89
N THR XC 255 58.85 -102.06 105.46
CA THR XC 255 58.61 -102.10 106.90
C THR XC 255 57.29 -102.77 107.20
N HIS XC 256 57.33 -103.76 108.07
CA HIS XC 256 56.13 -104.45 108.55
C HIS XC 256 55.65 -103.77 109.82
N ASP XC 257 54.83 -104.47 110.59
CA ASP XC 257 54.14 -103.91 111.76
C ASP XC 257 55.10 -103.40 112.82
N LYS XC 258 54.88 -102.14 113.23
CA LYS XC 258 55.60 -101.45 114.31
C LYS XC 258 57.10 -101.39 114.07
N SER XC 259 57.47 -100.67 113.00
CA SER XC 259 58.86 -100.46 112.66
C SER XC 259 59.07 -98.99 112.29
N VAL XC 260 60.13 -98.40 112.82
CA VAL XC 260 60.44 -97.00 112.63
C VAL XC 260 61.78 -96.90 111.93
N ALA XC 261 61.84 -96.08 110.87
CA ALA XC 261 63.07 -95.85 110.15
C ALA XC 261 63.19 -94.37 109.81
N GLU XC 262 64.40 -93.83 109.97
CA GLU XC 262 64.68 -92.42 109.71
C GLU XC 262 65.71 -92.37 108.59
N ILE XC 263 65.24 -92.10 107.38
CA ILE XC 263 66.00 -92.22 106.14
C ILE XC 263 66.56 -90.87 105.75
N SER XC 264 67.74 -90.89 105.14
CA SER XC 264 68.43 -89.73 104.61
C SER XC 264 68.78 -89.94 103.13
N ALA XC 265 67.77 -90.28 102.34
CA ALA XC 265 67.96 -90.52 100.91
C ALA XC 265 68.30 -89.22 100.17
N VAL XC 266 68.98 -89.37 99.04
CA VAL XC 266 69.47 -88.24 98.26
C VAL XC 266 68.82 -88.18 96.88
N ASN XC 267 68.85 -89.30 96.16
CA ASN XC 267 68.46 -89.30 94.76
C ASN XC 267 67.15 -90.06 94.50
N HIS XC 268 67.08 -91.33 94.89
CA HIS XC 268 65.94 -92.16 94.51
C HIS XC 268 65.47 -92.94 95.72
N GLN XC 269 64.19 -92.79 96.05
CA GLN XC 269 63.63 -93.27 97.30
C GLN XC 269 62.38 -94.10 97.03
N SER XC 270 62.38 -95.33 97.55
CA SER XC 270 61.28 -96.27 97.36
C SER XC 270 60.91 -96.84 98.72
N SER XC 271 59.68 -96.58 99.17
CA SER XC 271 59.30 -96.96 100.52
C SER XC 271 57.95 -97.65 100.54
N LEU XC 272 57.85 -98.71 101.35
CA LEU XC 272 56.61 -99.42 101.57
C LEU XC 272 56.46 -99.72 103.05
N ALA XC 273 55.29 -99.42 103.60
CA ALA XC 273 54.95 -99.70 104.98
C ALA XC 273 53.64 -100.46 105.03
N THR XC 274 53.55 -101.44 105.93
CA THR XC 274 52.32 -102.22 106.03
C THR XC 274 51.32 -101.55 106.99
N ASP XC 275 51.70 -101.44 108.26
CA ASP XC 275 50.84 -100.90 109.29
C ASP XC 275 51.71 -100.54 110.49
N ALA XC 276 51.31 -99.47 111.19
CA ALA XC 276 51.97 -98.97 112.40
C ALA XC 276 53.44 -98.65 112.18
N SER XC 277 53.82 -98.33 110.95
CA SER XC 277 55.21 -98.16 110.57
C SER XC 277 55.45 -96.71 110.22
N ASP XC 278 56.61 -96.20 110.61
CA ASP XC 278 56.95 -94.79 110.43
C ASP XC 278 58.21 -94.66 109.61
N ILE XC 279 58.15 -93.85 108.56
CA ILE XC 279 59.30 -93.54 107.72
C ILE XC 279 59.52 -92.04 107.76
N TYR XC 280 60.74 -91.61 108.04
CA TYR XC 280 61.04 -90.21 108.23
C TYR XC 280 62.14 -89.78 107.26
N TYR XC 281 61.76 -89.16 106.16
CA TYR XC 281 62.72 -88.74 105.13
C TYR XC 281 63.24 -87.36 105.48
N TYR XC 282 64.51 -87.28 105.86
CA TYR XC 282 65.08 -86.03 106.36
C TYR XC 282 65.84 -85.25 105.30
N ASN XC 283 65.83 -85.73 104.06
CA ASN XC 283 66.41 -84.99 102.95
C ASN XC 283 65.53 -85.18 101.73
N LEU XC 284 65.34 -84.10 100.98
CA LEU XC 284 64.45 -84.16 99.82
C LEU XC 284 65.13 -84.90 98.68
N SER XC 285 64.58 -86.05 98.33
CA SER XC 285 65.11 -86.84 97.23
C SER XC 285 64.74 -86.22 95.89
N LYS XC 286 65.54 -86.55 94.87
CA LYS XC 286 65.17 -86.17 93.51
C LYS XC 286 63.93 -86.92 93.04
N THR XC 287 63.72 -88.13 93.55
CA THR XC 287 62.54 -88.91 93.25
C THR XC 287 62.12 -89.65 94.50
N ARG XC 288 60.86 -89.49 94.88
CA ARG XC 288 60.30 -90.12 96.06
C ARG XC 288 59.05 -90.88 95.66
N ALA XC 289 58.94 -92.13 96.11
CA ALA XC 289 57.71 -92.89 95.89
C ALA XC 289 57.43 -93.73 97.13
N ASP XC 290 56.24 -93.55 97.69
CA ASP XC 290 55.87 -94.11 98.98
C ASP XC 290 54.54 -94.83 98.86
N PHE XC 291 54.41 -95.93 99.60
CA PHE XC 291 53.16 -96.68 99.65
C PHE XC 291 52.94 -97.23 101.05
N MET XC 292 51.69 -97.19 101.50
CA MET XC 292 51.31 -97.66 102.82
C MET XC 292 50.05 -98.50 102.72
N ALA XC 293 50.04 -99.63 103.42
CA ALA XC 293 48.97 -100.62 103.25
C ALA XC 293 47.80 -100.38 104.20
N PHE XC 294 48.04 -100.43 105.50
CA PHE XC 294 46.97 -100.25 106.48
C PHE XC 294 47.16 -98.99 107.30
N ASN XC 295 48.28 -98.88 108.02
CA ASN XC 295 48.46 -97.78 108.97
C ASN XC 295 49.85 -97.17 108.86
N GLY XC 296 50.52 -97.31 107.72
CA GLY XC 296 51.85 -96.78 107.57
C GLY XC 296 51.84 -95.26 107.46
N SER XC 297 53.03 -94.68 107.62
CA SER XC 297 53.15 -93.23 107.64
C SER XC 297 54.49 -92.83 107.08
N VAL XC 298 54.49 -91.76 106.29
CA VAL XC 298 55.69 -91.21 105.66
C VAL XC 298 55.71 -89.71 105.92
N LEU XC 299 56.75 -89.25 106.60
CA LEU XC 299 56.81 -87.87 107.07
C LEU XC 299 58.19 -87.30 106.80
N ASP XC 300 58.25 -85.96 106.79
CA ASP XC 300 59.48 -85.24 106.44
C ASP XC 300 60.27 -84.84 107.67
N MET XC 301 59.63 -84.12 108.60
CA MET XC 301 60.23 -83.67 109.87
C MET XC 301 61.48 -82.83 109.68
N ARG XC 302 61.45 -81.89 108.74
CA ARG XC 302 62.60 -81.02 108.55
C ARG XC 302 62.45 -79.76 109.41
N GLU XC 303 63.33 -78.78 109.17
CA GLU XC 303 63.47 -77.67 110.09
C GLU XC 303 62.32 -76.67 109.98
N TRP XC 304 61.91 -76.34 108.74
CA TRP XC 304 60.95 -75.31 108.36
C TRP XC 304 61.38 -73.90 108.74
N GLY XC 305 62.64 -73.71 109.14
CA GLY XC 305 63.16 -72.42 109.50
C GLY XC 305 64.56 -72.29 108.97
N GLN XC 306 64.89 -73.21 108.07
CA GLN XC 306 66.17 -73.16 107.36
C GLN XC 306 66.21 -71.94 106.46
N SER XC 307 67.37 -71.28 106.43
CA SER XC 307 67.53 -70.12 105.57
C SER XC 307 67.62 -70.51 104.10
N ASP XC 308 67.91 -71.76 103.78
CA ASP XC 308 68.07 -72.19 102.40
C ASP XC 308 67.33 -73.50 102.16
N LEU XC 309 66.16 -73.66 102.76
CA LEU XC 309 65.32 -74.80 102.45
C LEU XC 309 64.66 -74.60 101.10
N LYS XC 310 64.75 -75.61 100.25
CA LYS XC 310 64.15 -75.54 98.93
C LYS XC 310 62.73 -76.13 98.96
N ASP XC 311 62.08 -76.13 97.81
CA ASP XC 311 60.82 -76.80 97.62
C ASP XC 311 60.96 -77.82 96.49
N PHE XC 312 60.12 -78.84 96.54
CA PHE XC 312 60.11 -79.85 95.50
C PHE XC 312 59.49 -79.28 94.23
N ASP XC 313 59.68 -80.01 93.13
CA ASP XC 313 59.23 -79.58 91.81
C ASP XC 313 58.20 -80.57 91.27
N ARG XC 314 57.89 -80.40 89.99
CA ARG XC 314 56.79 -81.13 89.35
C ARG XC 314 57.07 -82.64 89.32
N TYR XC 315 58.33 -83.02 89.11
CA TYR XC 315 58.67 -84.43 89.21
C TYR XC 315 58.57 -84.92 90.65
N ASN XC 316 59.00 -84.10 91.60
CA ASN XC 316 59.15 -84.55 92.97
C ASN XC 316 57.91 -84.34 93.82
N LYS XC 317 56.89 -83.63 93.31
CA LYS XC 317 55.70 -83.37 94.11
C LYS XC 317 54.84 -84.63 94.10
N GLN XC 318 55.14 -85.53 95.02
CA GLN XC 318 54.34 -86.73 95.22
C GLN XC 318 53.46 -86.52 96.45
N PHE XC 319 52.15 -86.42 96.22
CA PHE XC 319 51.23 -86.18 97.31
C PHE XC 319 51.06 -87.46 98.12
N PRO XC 320 51.31 -87.44 99.43
CA PRO XC 320 51.15 -88.62 100.28
C PRO XC 320 49.70 -88.86 100.68
N ASP YC 39 11.03 -69.27 90.05
CA ASP YC 39 9.75 -69.14 90.73
C ASP YC 39 9.95 -68.76 92.20
N GLY YC 40 10.21 -69.77 93.04
CA GLY YC 40 10.47 -69.53 94.44
C GLY YC 40 11.94 -69.36 94.73
N CYS YC 41 12.39 -68.11 94.83
CA CYS YC 41 13.80 -67.86 95.10
C CYS YC 41 14.16 -68.19 96.54
N CYS YC 42 13.32 -67.78 97.50
CA CYS YC 42 13.47 -68.20 98.89
C CYS YC 42 12.60 -69.41 99.20
N SER YC 43 12.69 -70.44 98.37
CA SER YC 43 11.86 -71.62 98.51
C SER YC 43 12.33 -72.47 99.68
N LYS YC 44 11.35 -73.07 100.37
CA LYS YC 44 11.55 -73.84 101.62
C LYS YC 44 12.28 -73.01 102.68
N MET YC 45 11.95 -71.73 102.72
CA MET YC 45 12.57 -70.79 103.65
C MET YC 45 11.46 -69.86 104.13
N GLY YC 46 11.83 -68.72 104.69
CA GLY YC 46 10.84 -67.78 105.14
C GLY YC 46 10.10 -67.02 104.06
N GLY YC 47 10.49 -67.18 102.80
CA GLY YC 47 9.98 -66.37 101.73
C GLY YC 47 10.78 -65.10 101.59
N ILE YC 48 10.48 -64.35 100.52
CA ILE YC 48 11.25 -63.16 100.21
C ILE YC 48 10.86 -62.04 101.16
N ASN YC 49 11.86 -61.42 101.79
CA ASN YC 49 11.59 -60.17 102.50
C ASN YC 49 11.59 -59.01 101.52
N TYR YC 50 12.75 -58.69 100.95
CA TYR YC 50 12.87 -57.60 99.96
C TYR YC 50 14.24 -57.70 99.31
N CYS YC 51 14.42 -56.93 98.24
CA CYS YC 51 15.65 -56.94 97.46
C CYS YC 51 16.46 -55.69 97.76
N ASP YC 52 17.73 -55.88 98.10
CA ASP YC 52 18.67 -54.79 98.23
C ASP YC 52 19.32 -54.49 96.89
N SER YC 53 19.24 -53.23 96.48
CA SER YC 53 19.85 -52.81 95.23
C SER YC 53 21.32 -52.45 95.37
N SER YC 54 21.83 -52.34 96.60
CA SER YC 54 23.26 -52.11 96.77
C SER YC 54 24.05 -53.35 96.38
N ALA YC 55 23.52 -54.53 96.65
CA ALA YC 55 24.12 -55.76 96.17
C ALA YC 55 23.39 -56.35 94.97
N GLY YC 56 22.20 -55.87 94.66
CA GLY YC 56 21.38 -56.50 93.64
C GLY YC 56 20.93 -57.88 94.04
N ARG YC 57 20.66 -58.09 95.32
CA ARG YC 57 20.38 -59.41 95.84
C ARG YC 57 19.13 -59.38 96.72
N LEU YC 58 18.39 -60.46 96.68
CA LEU YC 58 17.12 -60.54 97.41
C LEU YC 58 17.34 -61.20 98.75
N VAL YC 59 17.11 -60.45 99.83
CA VAL YC 59 17.19 -60.95 101.18
C VAL YC 59 15.83 -61.54 101.53
N CYS YC 60 15.85 -62.77 102.02
CA CYS YC 60 14.64 -63.52 102.34
C CYS YC 60 14.11 -63.12 103.72
N ASN YC 61 12.95 -63.65 104.08
CA ASN YC 61 12.40 -63.39 105.41
C ASN YC 61 13.20 -64.07 106.50
N ASN YC 62 13.78 -65.22 106.21
CA ASN YC 62 14.82 -65.75 107.06
C ASN YC 62 16.12 -65.04 106.74
N GLY YC 63 17.08 -65.14 107.65
CA GLY YC 63 18.32 -64.40 107.51
C GLY YC 63 19.24 -64.99 106.47
N PHE YC 64 18.92 -64.81 105.19
CA PHE YC 64 19.71 -65.41 104.13
C PHE YC 64 19.66 -64.58 102.87
N TYR YC 65 20.64 -64.81 102.01
CA TYR YC 65 20.71 -64.21 100.69
C TYR YC 65 20.24 -65.22 99.66
N SER YC 66 19.19 -64.88 98.92
CA SER YC 66 18.76 -65.74 97.83
C SER YC 66 19.74 -65.67 96.67
N THR YC 67 19.76 -66.72 95.87
CA THR YC 67 20.63 -66.78 94.72
C THR YC 67 20.06 -66.08 93.50
N CYS YC 68 18.83 -65.57 93.58
CA CYS YC 68 18.28 -64.86 92.44
C CYS YC 68 18.83 -63.45 92.36
N TYR YC 69 18.62 -62.82 91.21
CA TYR YC 69 19.04 -61.46 90.97
C TYR YC 69 17.81 -60.56 90.91
N CYS YC 70 17.98 -59.30 91.31
CA CYS YC 70 16.85 -58.39 91.19
C CYS YC 70 17.17 -57.13 90.42
N THR YC 71 18.38 -56.59 90.53
CA THR YC 71 18.76 -55.40 89.81
C THR YC 71 19.79 -55.75 88.75
N ARG YC 72 19.74 -55.03 87.63
CA ARG YC 72 20.67 -55.28 86.54
C ARG YC 72 22.07 -54.74 86.80
N HIS YC 73 22.26 -53.95 87.84
CA HIS YC 73 23.60 -53.53 88.24
C HIS YC 73 24.20 -54.48 89.27
N ALA YC 74 24.16 -55.79 88.99
CA ALA YC 74 24.62 -56.78 89.94
C ALA YC 74 25.64 -57.68 89.27
N VAL YC 75 26.37 -58.44 90.09
CA VAL YC 75 27.49 -59.24 89.61
C VAL YC 75 26.95 -60.47 88.90
N MET YC 76 27.09 -60.50 87.60
CA MET YC 76 26.78 -61.66 86.79
C MET YC 76 28.05 -62.44 86.52
N ASP YC 77 27.96 -63.42 85.62
CA ASP YC 77 29.14 -64.09 85.08
C ASP YC 77 28.89 -64.26 83.59
N LEU YC 78 29.31 -63.25 82.82
CA LEU YC 78 29.06 -63.19 81.38
C LEU YC 78 30.39 -63.30 80.66
N GLN YC 79 30.66 -64.46 80.10
CA GLN YC 79 31.84 -64.67 79.29
C GLN YC 79 31.50 -64.99 77.85
N PHE YC 80 30.22 -64.95 77.48
CA PHE YC 80 29.79 -65.18 76.11
C PHE YC 80 28.74 -64.14 75.75
N LEU YC 81 28.88 -63.54 74.57
CA LEU YC 81 27.93 -62.54 74.10
C LEU YC 81 27.65 -62.77 72.61
N MET YC 82 26.54 -62.19 72.16
CA MET YC 82 26.20 -62.18 70.75
C MET YC 82 26.62 -60.86 70.13
N GLY YC 83 26.16 -60.60 68.92
CA GLY YC 83 26.39 -59.34 68.26
C GLY YC 83 27.58 -59.39 67.31
N CYS YC 84 27.47 -58.64 66.22
CA CYS YC 84 28.56 -58.54 65.27
C CYS YC 84 29.50 -57.41 65.69
N CYS YC 85 30.68 -57.39 65.06
CA CYS YC 85 31.68 -56.33 65.19
C CYS YC 85 32.16 -56.14 66.64
N LEU YC 86 32.28 -57.26 67.35
CA LEU YC 86 32.80 -57.21 68.70
C LEU YC 86 34.32 -57.05 68.68
N TRP YC 87 34.85 -56.49 69.76
CA TRP YC 87 36.26 -56.09 69.90
C TRP YC 87 36.70 -55.18 68.76
N HIS YC 88 35.82 -54.26 68.38
CA HIS YC 88 36.07 -53.33 67.29
C HIS YC 88 35.31 -52.05 67.61
N GLY YC 89 35.12 -51.21 66.59
CA GLY YC 89 34.36 -49.99 66.76
C GLY YC 89 32.86 -50.15 66.83
N GLY YC 90 32.37 -51.39 66.80
CA GLY YC 90 30.95 -51.64 66.79
C GLY YC 90 30.41 -51.71 65.38
N VAL YC 91 29.15 -52.10 65.28
CA VAL YC 91 28.48 -52.20 63.99
C VAL YC 91 28.19 -50.80 63.49
N TYR YC 92 28.52 -50.54 62.23
CA TYR YC 92 28.26 -49.23 61.66
C TYR YC 92 26.75 -49.04 61.51
N PRO YC 93 26.19 -47.96 62.05
CA PRO YC 93 24.75 -47.74 61.93
C PRO YC 93 24.29 -47.11 60.62
N GLN YC 94 25.12 -47.09 59.59
CA GLN YC 94 24.67 -46.64 58.28
C GLN YC 94 23.74 -47.69 57.66
N LEU YC 95 22.97 -47.25 56.68
CA LEU YC 95 22.13 -48.16 55.89
C LEU YC 95 22.86 -48.39 54.57
N ASN YC 96 23.66 -49.46 54.55
CA ASN YC 96 24.31 -49.85 53.32
C ASN YC 96 23.29 -50.46 52.37
N SER YC 97 23.47 -50.21 51.07
CA SER YC 97 22.59 -50.82 50.08
C SER YC 97 22.80 -52.33 50.01
N SER YC 98 24.04 -52.79 50.12
CA SER YC 98 24.35 -54.20 49.99
C SER YC 98 24.27 -54.88 51.37
N GLY YC 99 24.42 -56.20 51.36
CA GLY YC 99 24.48 -56.97 52.57
C GLY YC 99 25.83 -56.98 53.24
N LEU YC 100 26.83 -56.33 52.63
CA LEU YC 100 28.14 -56.23 53.24
C LEU YC 100 28.08 -55.32 54.45
N VAL YC 101 28.62 -55.79 55.57
CA VAL YC 101 28.63 -55.04 56.82
C VAL YC 101 30.08 -54.85 57.26
N VAL YC 102 30.45 -53.60 57.52
CA VAL YC 102 31.80 -53.22 57.91
C VAL YC 102 31.70 -52.48 59.23
N CYS YC 103 32.56 -52.84 60.18
CA CYS YC 103 32.54 -52.22 61.49
C CYS YC 103 33.04 -50.78 61.43
N ASN YC 104 32.81 -50.04 62.51
CA ASN YC 104 33.11 -48.61 62.56
C ASN YC 104 34.60 -48.32 62.52
N ASP YC 105 35.45 -49.27 62.90
CA ASP YC 105 36.89 -49.09 62.80
C ASP YC 105 37.46 -49.61 61.49
N GLY YC 106 36.62 -49.76 60.46
CA GLY YC 106 37.07 -50.17 59.15
C GLY YC 106 37.14 -51.67 58.95
N TYR YC 107 36.93 -52.46 59.99
CA TYR YC 107 36.98 -53.91 59.84
C TYR YC 107 35.70 -54.42 59.21
N VAL YC 108 35.84 -55.40 58.31
CA VAL YC 108 34.72 -55.95 57.56
C VAL YC 108 34.19 -57.18 58.28
N SER YC 109 32.87 -57.24 58.44
CA SER YC 109 32.22 -58.31 59.18
C SER YC 109 31.68 -59.32 58.17
N GLU YC 110 32.58 -60.13 57.63
CA GLU YC 110 32.19 -61.13 56.65
C GLU YC 110 31.40 -62.26 57.29
N GLU YC 111 31.64 -62.55 58.56
CA GLU YC 111 30.92 -63.61 59.26
C GLU YC 111 29.47 -63.24 59.52
N CYS YC 112 29.12 -61.95 59.48
CA CYS YC 112 27.74 -61.52 59.49
C CYS YC 112 27.26 -61.05 58.13
N SER YC 113 28.16 -60.96 57.14
CA SER YC 113 27.77 -60.52 55.81
C SER YC 113 27.02 -61.64 55.07
N LEU YC 114 26.37 -61.25 53.97
CA LEU YC 114 25.65 -62.20 53.15
C LEU YC 114 26.56 -62.78 52.08
N GLN YC 115 26.41 -64.08 51.82
CA GLN YC 115 27.22 -64.79 50.85
C GLN YC 115 26.40 -65.10 49.60
N LYS YC 116 27.01 -65.84 48.69
CA LYS YC 116 26.34 -66.28 47.48
C LYS YC 116 26.70 -67.72 47.16
N UNK ZC 1 40.02 -65.63 106.73
CA UNK ZC 1 39.33 -65.52 108.02
C UNK ZC 1 39.98 -66.41 109.06
N UNK ZC 2 39.86 -67.73 108.83
CA UNK ZC 2 40.44 -68.79 109.67
C UNK ZC 2 39.96 -68.72 111.12
N UNK ZC 3 38.73 -68.24 111.33
CA UNK ZC 3 38.17 -68.11 112.66
C UNK ZC 3 36.65 -68.04 112.53
N UNK ZC 4 35.95 -69.06 113.02
CA UNK ZC 4 34.50 -68.99 113.10
C UNK ZC 4 34.01 -68.49 114.45
N UNK ZC 5 34.89 -68.33 115.43
CA UNK ZC 5 34.48 -67.86 116.75
C UNK ZC 5 35.69 -67.16 117.36
N UNK ZC 6 35.65 -65.83 117.41
CA UNK ZC 6 36.72 -65.04 117.99
C UNK ZC 6 36.56 -65.06 119.51
N UNK ZC 7 37.39 -65.85 120.18
CA UNK ZC 7 37.34 -65.93 121.63
C UNK ZC 7 37.95 -64.66 122.24
N UNK ZC 8 37.24 -64.09 123.20
CA UNK ZC 8 37.70 -62.88 123.89
C UNK ZC 8 38.14 -63.27 125.29
N UNK ZC 9 39.45 -63.17 125.54
CA UNK ZC 9 40.11 -63.44 126.83
C UNK ZC 9 39.82 -64.84 127.38
N UNK AD 1 116.99 -8.86 0.57
CA UNK AD 1 115.71 -9.27 1.14
C UNK AD 1 115.80 -9.35 2.66
N UNK AD 2 114.66 -9.65 3.30
CA UNK AD 2 114.63 -9.78 4.75
C UNK AD 2 115.37 -11.04 5.19
N UNK AD 3 116.07 -10.94 6.32
CA UNK AD 3 116.86 -12.04 6.86
C UNK AD 3 116.28 -12.48 8.20
N UNK AD 4 116.05 -13.79 8.34
CA UNK AD 4 115.55 -14.34 9.60
C UNK AD 4 116.59 -14.22 10.70
N UNK AD 5 117.88 -14.34 10.35
CA UNK AD 5 118.95 -14.11 11.32
C UNK AD 5 118.96 -12.66 11.79
N UNK AD 6 118.72 -11.72 10.88
CA UNK AD 6 118.63 -10.31 11.26
C UNK AD 6 117.40 -10.05 12.12
N UNK AD 7 116.30 -10.75 11.86
CA UNK AD 7 115.12 -10.63 12.71
C UNK AD 7 115.38 -11.18 14.11
N UNK AD 8 116.09 -12.30 14.20
CA UNK AD 8 116.45 -12.85 15.50
C UNK AD 8 117.43 -11.94 16.24
N UNK AD 9 118.36 -11.32 15.50
CA UNK AD 9 119.30 -10.39 16.11
C UNK AD 9 118.61 -9.12 16.60
N UNK AD 10 117.62 -8.64 15.85
CA UNK AD 10 116.84 -7.48 16.29
C UNK AD 10 116.00 -7.82 17.52
N UNK AD 11 115.44 -9.03 17.55
CA UNK AD 11 114.71 -9.50 18.73
C UNK AD 11 115.62 -9.62 19.94
N UNK AD 12 116.84 -10.10 19.73
CA UNK AD 12 117.82 -10.19 20.82
C UNK AD 12 118.25 -8.82 21.31
N UNK AD 13 118.44 -7.87 20.40
CA UNK AD 13 118.82 -6.52 20.80
C UNK AD 13 117.69 -5.80 21.52
N UNK AD 14 116.44 -6.06 21.13
CA UNK AD 14 115.31 -5.50 21.86
C UNK AD 14 115.14 -6.14 23.22
N UNK AD 15 115.40 -7.45 23.32
CA UNK AD 15 115.32 -8.14 24.61
C UNK AD 15 116.43 -7.69 25.55
N UNK AD 16 117.61 -7.42 25.02
CA UNK AD 16 118.72 -6.90 25.82
C UNK AD 16 118.75 -5.38 25.71
N UNK AD 17 117.65 -4.77 26.16
CA UNK AD 17 117.58 -3.32 26.21
C UNK AD 17 118.53 -2.76 27.27
N UNK AD 18 118.47 -3.33 28.49
CA UNK AD 18 119.37 -3.06 29.61
C UNK AD 18 119.39 -1.60 30.04
N UNK AD 19 118.31 -0.84 29.77
CA UNK AD 19 118.24 0.56 30.16
C UNK AD 19 116.77 0.92 30.31
N UNK AD 20 116.30 0.98 31.55
CA UNK AD 20 114.89 1.25 31.84
C UNK AD 20 114.79 2.34 32.90
N UNK AD 21 113.83 3.24 32.69
CA UNK AD 21 113.53 4.31 33.64
C UNK AD 21 112.15 4.05 34.25
N UNK AD 22 112.08 4.07 35.57
CA UNK AD 22 110.85 3.79 36.30
C UNK AD 22 110.60 4.85 37.36
N UNK AD 23 109.32 5.15 37.58
CA UNK AD 23 108.90 6.10 38.59
C UNK AD 23 107.61 5.62 39.24
N UNK AD 24 107.37 6.10 40.46
CA UNK AD 24 106.21 5.70 41.23
C UNK AD 24 105.54 6.94 41.82
N UNK AD 25 104.24 6.81 42.08
CA UNK AD 25 103.45 7.91 42.60
C UNK AD 25 102.73 7.47 43.86
N UNK AD 26 102.72 8.36 44.86
CA UNK AD 26 102.01 8.10 46.09
C UNK AD 26 100.55 8.56 45.95
N UNK AD 27 99.78 8.35 47.02
CA UNK AD 27 98.39 8.79 47.02
C UNK AD 27 98.27 10.30 47.24
N UNK AD 28 99.31 10.94 47.75
CA UNK AD 28 99.32 12.37 48.04
C UNK AD 28 100.06 13.17 46.99
N UNK AD 29 100.04 12.69 45.74
CA UNK AD 29 100.71 13.31 44.58
C UNK AD 29 102.20 13.52 44.81
N UNK AD 30 102.84 12.54 45.43
CA UNK AD 30 104.27 12.58 45.70
C UNK AD 30 105.00 11.68 44.70
N UNK AD 31 106.00 12.24 44.03
CA UNK AD 31 106.76 11.52 43.04
C UNK AD 31 107.91 10.76 43.70
N UNK AD 32 108.28 9.64 43.10
CA UNK AD 32 109.37 8.81 43.61
C UNK AD 32 110.16 8.30 42.41
N UNK AD 33 111.42 8.71 42.31
CA UNK AD 33 112.32 8.27 41.25
C UNK AD 33 113.63 7.84 41.90
N UNK AD 34 113.84 6.54 41.98
CA UNK AD 34 115.08 5.99 42.51
C UNK AD 34 116.07 5.80 41.36
N UNK AD 35 117.17 5.10 41.62
CA UNK AD 35 118.16 4.83 40.59
C UNK AD 35 117.61 3.82 39.57
N UNK AD 36 117.95 4.05 38.31
CA UNK AD 36 117.45 3.22 37.23
C UNK AD 36 118.10 1.85 37.25
N UNK AD 37 117.31 0.81 36.94
CA UNK AD 37 117.78 -0.57 36.99
C UNK AD 37 117.23 -1.34 35.80
N UNK AD 38 118.00 -2.36 35.40
CA UNK AD 38 117.66 -3.33 34.34
C UNK AD 38 117.27 -2.71 33.00
N UNK AD 39 97.75 1.28 40.25
CA UNK AD 39 97.90 2.22 41.35
C UNK AD 39 99.30 2.81 41.36
N UNK AD 40 100.13 2.38 42.32
CA UNK AD 40 101.51 2.83 42.39
C UNK AD 40 102.36 2.25 41.26
N UNK AD 41 101.91 1.15 40.66
CA UNK AD 41 102.59 0.53 39.52
C UNK AD 41 101.79 0.87 38.26
N UNK AD 42 102.15 1.99 37.63
CA UNK AD 42 101.53 2.37 36.37
C UNK AD 42 102.03 1.45 35.26
N UNK AD 43 101.22 1.31 34.22
CA UNK AD 43 101.56 0.42 33.11
C UNK AD 43 102.74 0.95 32.31
N UNK AD 44 102.86 2.27 32.19
CA UNK AD 44 103.96 2.89 31.48
C UNK AD 44 105.03 3.47 32.41
N UNK AD 45 105.04 3.03 33.67
CA UNK AD 45 106.00 3.57 34.63
C UNK AD 45 107.42 3.16 34.30
N UNK AD 46 107.65 1.86 34.09
CA UNK AD 46 108.98 1.33 33.79
C UNK AD 46 109.12 1.18 32.28
N UNK AD 47 109.73 2.17 31.64
CA UNK AD 47 109.91 2.19 30.20
C UNK AD 47 111.36 1.84 29.88
N UNK AD 48 111.56 0.84 29.03
CA UNK AD 48 112.90 0.40 28.67
C UNK AD 48 113.24 0.74 27.22
N LYS BD 24 33.69 -95.80 97.71
CA LYS BD 24 32.87 -96.51 96.74
C LYS BD 24 32.89 -95.80 95.40
N PHE BD 25 32.09 -94.74 95.29
CA PHE BD 25 32.05 -93.93 94.08
C PHE BD 25 33.16 -92.89 94.15
N LYS BD 26 34.05 -92.93 93.17
CA LYS BD 26 35.13 -91.96 93.05
C LYS BD 26 35.08 -91.37 91.65
N LYS BD 27 35.13 -90.06 91.56
CA LYS BD 27 35.07 -89.42 90.27
C LYS BD 27 36.43 -88.88 89.87
N PRO BD 28 36.72 -88.81 88.58
CA PRO BD 28 37.93 -88.13 88.12
C PRO BD 28 37.75 -86.62 88.22
N PRO BD 29 38.84 -85.85 88.15
CA PRO BD 29 38.68 -84.39 88.01
C PRO BD 29 37.96 -84.03 86.72
N ILE BD 30 37.15 -82.98 86.80
CA ILE BD 30 36.21 -82.69 85.74
C ILE BD 30 36.92 -82.08 84.53
N ASN BD 31 37.78 -81.10 84.76
CA ASN BD 31 38.44 -80.41 83.66
C ASN BD 31 39.79 -81.02 83.33
N ASN BD 32 39.79 -82.32 83.10
CA ASN BD 32 41.01 -83.00 82.72
C ASN BD 32 41.26 -82.86 81.21
N PRO BD 33 42.51 -82.84 80.79
CA PRO BD 33 42.79 -82.82 79.36
C PRO BD 33 42.57 -84.20 78.75
N SER BD 34 41.32 -84.52 78.43
CA SER BD 34 41.02 -85.83 77.89
C SER BD 34 41.36 -85.97 76.41
N ASP BD 35 41.73 -84.88 75.75
CA ASP BD 35 42.13 -84.91 74.36
C ASP BD 35 43.61 -84.58 74.22
N ASP BD 36 44.25 -85.23 73.25
CA ASP BD 36 45.69 -85.08 73.04
C ASP BD 36 46.07 -83.66 72.67
N ALA BD 37 45.20 -82.98 71.91
CA ALA BD 37 45.45 -81.58 71.57
C ALA BD 37 45.42 -80.71 72.81
N THR BD 38 44.47 -80.98 73.72
CA THR BD 38 44.40 -80.26 74.97
C THR BD 38 45.62 -80.54 75.84
N ILE BD 39 46.11 -81.79 75.79
CA ILE BD 39 47.33 -82.17 76.49
C ILE BD 39 48.52 -81.37 75.97
N LYS BD 40 48.62 -81.28 74.65
CA LYS BD 40 49.71 -80.55 74.01
C LYS BD 40 49.63 -79.06 74.32
N LEU BD 41 48.43 -78.51 74.33
CA LEU BD 41 48.24 -77.10 74.66
C LEU BD 41 48.63 -76.80 76.09
N ALA BD 42 48.26 -77.69 77.01
CA ALA BD 42 48.57 -77.46 78.42
C ALA BD 42 50.06 -77.57 78.69
N GLU BD 43 50.73 -78.55 78.09
CA GLU BD 43 52.17 -78.65 78.30
C GLU BD 43 52.92 -77.53 77.58
N ALA BD 44 52.37 -77.04 76.47
CA ALA BD 44 52.94 -75.87 75.81
C ALA BD 44 52.83 -74.64 76.70
N ALA BD 45 51.70 -74.50 77.39
CA ALA BD 45 51.55 -73.42 78.35
C ALA BD 45 52.54 -73.55 79.50
N VAL BD 46 52.77 -74.77 79.96
CA VAL BD 46 53.76 -75.03 81.00
C VAL BD 46 55.16 -74.62 80.54
N SER BD 47 55.50 -75.01 79.31
CA SER BD 47 56.82 -74.72 78.76
C SER BD 47 57.03 -73.23 78.57
N VAL BD 48 56.02 -72.53 78.05
CA VAL BD 48 56.19 -71.09 77.82
C VAL BD 48 56.17 -70.33 79.14
N SER BD 49 55.47 -70.85 80.16
CA SER BD 49 55.54 -70.25 81.48
C SER BD 49 56.93 -70.41 82.07
N ASP BD 50 57.52 -71.58 81.90
CA ASP BD 50 58.88 -71.83 82.37
C ASP BD 50 59.88 -70.94 81.65
N SER BD 51 59.69 -70.75 80.34
CA SER BD 51 60.56 -69.90 79.55
C SER BD 51 60.46 -68.45 79.99
N MET BD 52 59.24 -67.96 80.21
CA MET BD 52 59.06 -66.58 80.64
C MET BD 52 59.60 -66.35 82.04
N LEU BD 53 59.42 -67.34 82.93
CA LEU BD 53 60.00 -67.26 84.27
C LEU BD 53 61.52 -67.20 84.21
N GLU BD 54 62.12 -68.02 83.35
CA GLU BD 54 63.57 -68.03 83.17
C GLU BD 54 64.06 -66.70 82.62
N MET BD 55 63.34 -66.14 81.64
CA MET BD 55 63.74 -64.88 81.04
C MET BD 55 63.64 -63.73 82.03
N ALA BD 56 62.55 -63.68 82.81
CA ALA BD 56 62.41 -62.62 83.80
C ALA BD 56 63.42 -62.75 84.93
N LYS BD 57 63.73 -64.00 85.33
CA LYS BD 57 64.72 -64.21 86.37
C LYS BD 57 66.11 -63.81 85.90
N VAL BD 58 66.48 -64.16 84.68
CA VAL BD 58 67.78 -63.78 84.16
C VAL BD 58 67.83 -62.32 83.73
N GLU BD 59 66.68 -61.66 83.62
CA GLU BD 59 66.67 -60.27 83.23
C GLU BD 59 66.69 -59.31 84.42
N LYS BD 60 65.92 -59.62 85.46
CA LYS BD 60 65.69 -58.66 86.52
C LYS BD 60 66.92 -58.49 87.41
N VAL BD 61 67.33 -57.24 87.59
CA VAL BD 61 68.45 -56.90 88.46
C VAL BD 61 67.90 -56.64 89.86
N ILE BD 62 68.50 -57.28 90.86
CA ILE BD 62 68.05 -57.19 92.24
C ILE BD 62 69.06 -56.37 93.05
N THR BD 63 68.65 -56.04 94.29
CA THR BD 63 69.37 -55.14 95.19
C THR BD 63 70.20 -55.93 96.20
N PRO BD 64 71.36 -55.40 96.59
CA PRO BD 64 72.13 -56.04 97.66
C PRO BD 64 71.46 -55.81 99.00
N PRO BD 65 71.11 -56.87 99.72
CA PRO BD 65 70.48 -56.70 101.04
C PRO BD 65 71.43 -56.18 102.09
N SER BD 66 72.74 -56.38 101.92
CA SER BD 66 73.70 -55.73 102.81
C SER BD 66 73.86 -54.25 102.48
N LYS BD 67 73.91 -53.92 101.20
CA LYS BD 67 74.16 -52.55 100.75
C LYS BD 67 72.92 -51.93 100.13
N ASP BD 68 71.75 -52.23 100.69
CA ASP BD 68 70.55 -51.52 100.32
C ASP BD 68 70.59 -50.12 100.88
N ASN BD 69 70.29 -49.13 100.04
CA ASN BD 69 70.38 -47.74 100.45
C ASN BD 69 68.99 -47.20 100.79
N THR BD 70 68.52 -47.60 101.98
CA THR BD 70 67.30 -47.08 102.54
C THR BD 70 67.57 -46.60 103.96
N LEU BD 71 66.81 -45.62 104.41
CA LEU BD 71 66.91 -45.19 105.80
C LEU BD 71 66.26 -46.24 106.70
N THR BD 72 66.95 -46.61 107.76
CA THR BD 72 66.45 -47.64 108.65
C THR BD 72 65.51 -47.02 109.69
N ILE BD 73 65.09 -47.85 110.63
CA ILE BD 73 64.16 -47.44 111.68
C ILE BD 73 64.97 -46.92 112.87
N PRO BD 74 64.76 -45.68 113.30
CA PRO BD 74 65.52 -45.17 114.45
C PRO BD 74 65.06 -45.71 115.79
N ASN BD 75 63.86 -46.33 115.84
CA ASN BD 75 63.19 -46.94 116.99
C ASN BD 75 63.25 -46.14 118.29
N ALA BD 76 63.15 -44.81 118.19
CA ALA BD 76 63.06 -43.99 119.39
C ALA BD 76 61.65 -44.07 119.97
N TYR BD 77 61.52 -43.62 121.22
CA TYR BD 77 60.25 -43.75 121.93
C TYR BD 77 59.19 -42.82 121.37
N ASN BD 78 59.59 -41.64 120.90
CA ASN BD 78 58.61 -40.68 120.39
C ASN BD 78 58.08 -41.10 119.02
N LEU BD 79 58.81 -41.95 118.30
CA LEU BD 79 58.41 -42.35 116.96
C LEU BD 79 57.38 -43.46 116.96
N GLN BD 80 56.99 -43.96 118.12
CA GLN BD 80 56.04 -45.05 118.22
C GLN BD 80 54.59 -44.59 118.08
N ALA BD 81 54.37 -43.28 117.97
CA ALA BD 81 53.02 -42.75 117.88
C ALA BD 81 52.40 -43.03 116.52
N ARG BD 82 51.10 -42.77 116.42
CA ARG BD 82 50.34 -42.99 115.20
C ARG BD 82 49.75 -41.67 114.73
N ALA BD 83 49.52 -41.58 113.42
CA ALA BD 83 49.04 -40.34 112.85
C ALA BD 83 48.23 -40.62 111.60
N SER BD 84 47.39 -39.65 111.23
CA SER BD 84 46.63 -39.66 109.99
C SER BD 84 47.10 -38.47 109.16
N VAL BD 85 47.89 -38.72 108.13
CA VAL BD 85 48.58 -37.64 107.42
C VAL BD 85 48.18 -37.67 105.96
N ASP BD 86 47.62 -36.56 105.50
CA ASP BD 86 47.38 -36.33 104.08
C ASP BD 86 48.18 -35.12 103.67
N TRP BD 87 49.03 -35.29 102.65
CA TRP BD 87 49.87 -34.21 102.17
C TRP BD 87 50.22 -34.47 100.72
N SER BD 88 50.27 -33.39 99.94
CA SER BD 88 50.76 -33.48 98.57
C SER BD 88 51.47 -32.16 98.28
N GLY BD 89 52.78 -32.16 98.47
CA GLY BD 89 53.55 -30.96 98.25
C GLY BD 89 55.01 -31.11 98.62
N PRO BD 90 55.66 -29.98 98.89
CA PRO BD 90 57.10 -29.99 99.17
C PRO BD 90 57.43 -30.69 100.48
N ILE BD 91 58.66 -31.21 100.54
CA ILE BD 91 59.06 -32.06 101.64
C ILE BD 91 59.51 -31.24 102.85
N GLU BD 92 59.88 -29.97 102.66
CA GLU BD 92 60.51 -29.18 103.72
C GLU BD 92 59.53 -28.84 104.84
N GLU BD 93 58.35 -28.34 104.46
CA GLU BD 93 57.35 -28.00 105.46
C GLU BD 93 56.81 -29.24 106.14
N LEU BD 94 56.70 -30.35 105.40
CA LEU BD 94 56.23 -31.59 105.98
C LEU BD 94 57.21 -32.14 107.02
N THR BD 95 58.51 -32.10 106.72
CA THR BD 95 59.46 -32.62 107.70
C THR BD 95 59.62 -31.68 108.88
N ALA BD 96 59.46 -30.37 108.66
CA ALA BD 96 59.46 -29.44 109.79
C ALA BD 96 58.26 -29.69 110.71
N ARG BD 97 57.08 -29.94 110.12
CA ARG BD 97 55.90 -30.19 110.92
C ARG BD 97 55.97 -31.53 111.63
N ILE BD 98 56.56 -32.54 110.99
CA ILE BD 98 56.65 -33.82 111.69
C ILE BD 98 57.74 -33.77 112.77
N ALA BD 99 58.75 -32.92 112.61
CA ALA BD 99 59.70 -32.69 113.69
C ALA BD 99 59.05 -31.97 114.85
N LYS BD 100 58.17 -31.01 114.54
CA LYS BD 100 57.38 -30.33 115.56
C LYS BD 100 56.47 -31.31 116.29
N ALA BD 101 55.91 -32.27 115.56
CA ALA BD 101 55.09 -33.29 116.19
C ALA BD 101 55.90 -34.22 117.07
N ALA BD 102 57.08 -34.62 116.61
CA ALA BD 102 57.89 -35.59 117.31
C ALA BD 102 58.80 -34.99 118.38
N HIS BD 103 58.78 -33.66 118.54
CA HIS BD 103 59.60 -32.92 119.52
C HIS BD 103 61.08 -33.15 119.27
N PHE BD 104 61.50 -32.90 118.04
CA PHE BD 104 62.88 -33.07 117.62
C PHE BD 104 63.40 -31.80 116.99
N ARG BD 105 64.66 -31.49 117.24
CA ARG BD 105 65.31 -30.39 116.54
C ARG BD 105 65.56 -30.78 115.10
N PHE BD 106 65.57 -29.80 114.22
CA PHE BD 106 65.72 -30.08 112.80
C PHE BD 106 66.71 -29.12 112.17
N ARG BD 107 67.50 -29.64 111.23
CA ARG BD 107 68.45 -28.82 110.49
C ARG BD 107 68.51 -29.31 109.05
N VAL BD 108 69.03 -28.45 108.19
CA VAL BD 108 69.14 -28.72 106.76
C VAL BD 108 70.61 -28.64 106.37
N LEU BD 109 71.02 -29.51 105.46
CA LEU BD 109 72.38 -29.52 104.92
C LEU BD 109 72.29 -29.27 103.44
N GLY BD 110 72.86 -28.16 102.99
CA GLY BD 110 72.91 -27.83 101.59
C GLY BD 110 71.99 -26.66 101.27
N LYS BD 111 71.72 -26.50 99.97
CA LYS BD 111 70.88 -25.43 99.47
C LYS BD 111 69.71 -26.04 98.71
N SER BD 112 68.53 -25.54 98.98
CA SER BD 112 67.35 -26.03 98.29
C SER BD 112 67.33 -25.48 96.87
N PRO BD 113 67.15 -26.32 95.84
CA PRO BD 113 67.12 -25.83 94.47
C PRO BD 113 65.86 -25.05 94.14
N SER BD 114 65.81 -24.50 92.92
CA SER BD 114 64.67 -23.69 92.50
C SER BD 114 63.41 -24.52 92.36
N VAL BD 115 63.53 -25.70 91.77
CA VAL BD 115 62.42 -26.65 91.68
C VAL BD 115 62.45 -27.51 92.95
N PRO BD 116 61.43 -27.45 93.78
CA PRO BD 116 61.42 -28.30 94.98
C PRO BD 116 61.12 -29.74 94.62
N VAL BD 117 61.48 -30.63 95.54
CA VAL BD 117 61.15 -32.05 95.42
C VAL BD 117 59.83 -32.24 96.16
N LEU BD 118 58.75 -32.35 95.40
CA LEU BD 118 57.42 -32.42 95.98
C LEU BD 118 56.99 -33.88 96.08
N ILE BD 119 56.45 -34.24 97.23
CA ILE BD 119 55.99 -35.60 97.48
C ILE BD 119 54.51 -35.58 97.81
N SER BD 120 53.92 -36.75 97.98
CA SER BD 120 52.50 -36.86 98.31
C SER BD 120 52.30 -38.15 99.10
N ILE BD 121 52.03 -38.01 100.39
CA ILE BD 121 51.79 -39.14 101.27
C ILE BD 121 50.43 -38.96 101.91
N SER BD 122 49.56 -39.95 101.74
CA SER BD 122 48.22 -39.93 102.33
C SER BD 122 47.97 -41.28 102.99
N THR BD 123 48.05 -41.32 104.31
CA THR BD 123 47.85 -42.54 105.07
C THR BD 123 46.90 -42.28 106.23
N LYS BD 124 45.96 -43.20 106.41
CA LYS BD 124 44.95 -43.08 107.46
C LYS BD 124 45.52 -43.39 108.84
N ASP BD 125 46.47 -44.31 108.94
CA ASP BD 125 47.04 -44.68 110.22
C ASP BD 125 48.44 -45.23 109.96
N GLU BD 126 49.46 -44.55 110.47
CA GLU BD 126 50.83 -44.98 110.25
C GLU BD 126 51.70 -44.50 111.40
N SER BD 127 52.81 -45.20 111.60
CA SER BD 127 53.78 -44.82 112.62
C SER BD 127 54.94 -44.06 111.98
N LEU BD 128 55.54 -43.18 112.79
CA LEU BD 128 56.39 -42.12 112.27
C LEU BD 128 57.67 -42.64 111.66
N ALA BD 129 58.15 -43.79 112.12
CA ALA BD 129 59.40 -44.35 111.59
C ALA BD 129 59.25 -44.78 110.14
N GLU BD 130 58.21 -45.56 109.83
CA GLU BD 130 57.99 -45.94 108.44
C GLU BD 130 57.44 -44.78 107.63
N ILE BD 131 56.81 -43.79 108.28
CA ILE BD 131 56.45 -42.55 107.60
C ILE BD 131 57.71 -41.87 107.06
N LEU BD 132 58.72 -41.72 107.92
CA LEU BD 132 59.97 -41.10 107.52
C LEU BD 132 60.74 -41.95 106.52
N ARG BD 133 60.61 -43.28 106.65
CA ARG BD 133 61.27 -44.18 105.71
C ARG BD 133 60.69 -44.04 104.31
N ASP BD 134 59.35 -43.97 104.22
CA ASP BD 134 58.73 -43.75 102.92
C ASP BD 134 59.01 -42.35 102.40
N ILE BD 135 59.19 -41.39 103.30
CA ILE BD 135 59.57 -40.03 102.91
C ILE BD 135 60.94 -40.04 102.25
N ASP BD 136 61.89 -40.76 102.84
CA ASP BD 136 63.22 -40.85 102.22
C ASP BD 136 63.19 -41.65 100.92
N TYR BD 137 62.30 -42.64 100.84
CA TYR BD 137 62.12 -43.38 99.59
C TYR BD 137 61.58 -42.47 98.50
N GLN BD 138 60.67 -41.56 98.84
CA GLN BD 138 60.19 -40.59 97.87
C GLN BD 138 61.26 -39.57 97.54
N ALA BD 139 62.15 -39.29 98.50
CA ALA BD 139 63.27 -38.38 98.24
C ALA BD 139 64.21 -38.97 97.19
N GLY BD 140 64.60 -40.23 97.38
CA GLY BD 140 65.37 -40.92 96.37
C GLY BD 140 66.77 -40.42 96.14
N LYS BD 141 67.02 -39.80 94.99
CA LYS BD 141 68.36 -39.47 94.56
C LYS BD 141 68.59 -37.97 94.45
N LYS BD 142 67.96 -37.20 95.33
CA LYS BD 142 68.19 -35.76 95.35
C LYS BD 142 68.52 -35.31 96.76
N ALA BD 143 67.98 -36.00 97.76
CA ALA BD 143 68.19 -35.64 99.15
C ALA BD 143 68.03 -36.87 100.02
N SER BD 144 68.54 -36.77 101.24
CA SER BD 144 68.44 -37.83 102.23
C SER BD 144 68.23 -37.19 103.59
N ILE BD 145 67.99 -38.02 104.59
CA ILE BD 145 67.70 -37.55 105.94
C ILE BD 145 68.43 -38.42 106.94
N HIS BD 146 68.93 -37.80 108.00
CA HIS BD 146 69.59 -38.53 109.07
C HIS BD 146 68.97 -38.16 110.41
N VAL BD 147 69.01 -39.12 111.32
CA VAL BD 147 68.40 -39.00 112.63
C VAL BD 147 69.47 -39.31 113.68
N TYR BD 148 69.61 -38.42 114.65
CA TYR BD 148 70.58 -38.61 115.72
C TYR BD 148 69.84 -38.61 117.05
N PRO BD 149 69.92 -39.71 117.80
CA PRO BD 149 69.20 -39.82 119.09
C PRO BD 149 70.03 -39.46 120.32
N ASN BD 150 71.29 -39.10 120.16
CA ASN BD 150 72.06 -38.57 121.30
C ASN BD 150 71.50 -37.23 121.74
N SER BD 151 71.58 -36.23 120.88
CA SER BD 151 70.78 -35.03 120.97
C SER BD 151 69.71 -35.13 119.89
N GLN BD 152 68.45 -35.00 120.28
CA GLN BD 152 67.33 -35.45 119.46
C GLN BD 152 67.15 -34.58 118.23
N VAL BD 153 67.89 -34.89 117.18
CA VAL BD 153 67.94 -34.01 116.02
C VAL BD 153 67.75 -34.84 114.76
N VAL BD 154 67.24 -34.18 113.72
CA VAL BD 154 67.13 -34.76 112.38
C VAL BD 154 67.61 -33.72 111.38
N GLU BD 155 68.26 -34.18 110.33
CA GLU BD 155 68.80 -33.31 109.30
C GLU BD 155 68.36 -33.77 107.93
N LEU BD 156 68.20 -32.79 107.05
CA LEU BD 156 67.96 -33.01 105.63
C LEU BD 156 69.19 -32.60 104.86
N ARG BD 157 69.69 -33.49 104.00
CA ARG BD 157 70.91 -33.26 103.26
C ARG BD 157 70.60 -33.33 101.76
N TYR BD 158 70.94 -32.27 101.04
CA TYR BD 158 70.74 -32.27 99.59
C TYR BD 158 71.96 -32.81 98.87
N ALA BD 159 71.81 -33.06 97.58
CA ALA BD 159 72.93 -33.42 96.73
C ALA BD 159 73.56 -32.15 96.17
N LYS BD 160 74.51 -32.30 95.25
CA LYS BD 160 75.19 -31.14 94.65
C LYS BD 160 75.21 -31.22 93.13
N ILE CD 208 91.20 -73.43 96.87
CA ILE CD 208 90.74 -74.80 96.76
C ILE CD 208 89.28 -74.86 97.19
N ILE CD 209 88.57 -75.93 96.81
CA ILE CD 209 87.13 -76.05 96.99
C ILE CD 209 86.84 -77.41 97.63
N TYR CD 210 86.09 -77.39 98.73
CA TYR CD 210 85.74 -78.60 99.46
C TYR CD 210 84.23 -78.68 99.67
N TYR CD 211 83.76 -79.90 99.96
CA TYR CD 211 82.39 -80.14 100.34
C TYR CD 211 82.38 -81.19 101.43
N ILE CD 212 81.23 -81.37 102.07
CA ILE CD 212 81.10 -82.32 103.16
C ILE CD 212 80.62 -83.67 102.61
N GLN CD 213 81.35 -84.73 102.97
CA GLN CD 213 80.89 -86.09 102.66
C GLN CD 213 79.79 -86.52 103.62
N ALA CD 214 80.01 -86.38 104.93
CA ALA CD 214 79.03 -86.81 105.92
C ALA CD 214 79.21 -86.01 107.20
N VAL CD 215 78.21 -86.08 108.07
CA VAL CD 215 78.12 -85.24 109.25
C VAL CD 215 77.84 -86.12 110.47
N ILE CD 216 78.64 -85.95 111.53
CA ILE CD 216 78.31 -86.51 112.83
C ILE CD 216 78.42 -85.36 113.83
N PRO CD 217 77.72 -85.40 114.96
CA PRO CD 217 77.99 -84.41 116.02
C PRO CD 217 79.38 -84.60 116.60
N GLY CD 218 80.27 -83.65 116.34
CA GLY CD 218 81.61 -83.70 116.87
C GLY CD 218 82.69 -83.64 115.81
N ARG CD 219 82.51 -84.37 114.71
CA ARG CD 219 83.48 -84.36 113.64
C ARG CD 219 82.76 -84.46 112.32
N ALA CD 220 83.42 -83.97 111.26
CA ALA CD 220 82.81 -83.93 109.94
C ALA CD 220 83.84 -84.38 108.90
N TRP CD 221 83.32 -84.92 107.80
CA TRP CD 221 84.14 -85.40 106.70
C TRP CD 221 84.08 -84.43 105.53
N LEU CD 222 85.25 -84.16 104.96
CA LEU CD 222 85.37 -83.29 103.81
C LEU CD 222 85.98 -84.04 102.63
N ILE CD 223 85.45 -83.79 101.44
CA ILE CD 223 86.01 -84.25 100.19
C ILE CD 223 86.22 -83.02 99.30
N GLY CD 224 87.43 -82.86 98.77
CA GLY CD 224 87.77 -81.70 97.97
C GLY CD 224 87.71 -81.97 96.48
N SER CD 225 87.98 -80.91 95.72
CA SER CD 225 88.06 -81.02 94.27
C SER CD 225 89.34 -81.70 93.81
N ASN CD 226 90.34 -81.76 94.68
CA ASN CD 226 91.61 -82.42 94.38
C ASN CD 226 91.60 -83.90 94.73
N GLY CD 227 90.46 -84.44 95.17
CA GLY CD 227 90.38 -85.83 95.55
C GLY CD 227 90.89 -86.13 96.94
N SER CD 228 91.15 -85.10 97.76
CA SER CD 228 91.64 -85.29 99.11
C SER CD 228 90.48 -85.28 100.10
N THR CD 229 90.56 -86.16 101.08
CA THR CD 229 89.52 -86.32 102.08
C THR CD 229 90.07 -86.08 103.48
N LEU CD 230 89.24 -85.53 104.34
CA LEU CD 230 89.63 -85.19 105.69
C LEU CD 230 88.50 -85.49 106.67
N THR CD 231 88.88 -85.64 107.93
CA THR CD 231 87.93 -85.66 109.04
C THR CD 231 88.42 -84.65 110.07
N VAL CD 232 87.56 -83.74 110.48
CA VAL CD 232 87.95 -82.65 111.37
C VAL CD 232 86.99 -82.59 112.55
N ARG CD 233 87.53 -82.24 113.71
CA ARG CD 233 86.74 -82.11 114.92
C ARG CD 233 86.05 -80.74 114.96
N GLU CD 234 85.49 -80.39 116.11
CA GLU CD 234 84.78 -79.12 116.26
C GLU CD 234 85.72 -77.94 116.15
N GLY CD 235 86.81 -77.97 116.91
CA GLY CD 235 87.83 -76.95 116.79
C GLY CD 235 89.12 -77.51 116.23
N SER CD 236 89.42 -77.17 114.98
CA SER CD 236 90.63 -77.66 114.32
C SER CD 236 90.96 -76.69 113.19
N LYS CD 237 91.91 -77.08 112.35
CA LYS CD 237 92.41 -76.22 111.29
C LYS CD 237 92.09 -76.82 109.93
N ILE CD 238 91.90 -75.94 108.96
CA ILE CD 238 91.64 -76.32 107.57
C ILE CD 238 92.26 -75.25 106.67
N PRO CD 239 93.03 -75.63 105.65
CA PRO CD 239 93.72 -74.64 104.82
C PRO CD 239 92.74 -73.85 103.96
N GLY CD 240 93.00 -72.55 103.87
CA GLY CD 240 92.12 -71.64 103.16
C GLY CD 240 90.90 -71.20 103.95
N TYR CD 241 90.71 -71.74 105.16
CA TYR CD 241 89.57 -71.40 105.98
C TYR CD 241 89.93 -71.16 107.43
N GLY CD 242 91.15 -71.44 107.86
CA GLY CD 242 91.58 -71.13 109.20
C GLY CD 242 91.17 -72.16 110.23
N MET CD 243 90.44 -71.74 111.25
CA MET CD 243 90.01 -72.62 112.33
C MET CD 243 88.50 -72.78 112.28
N VAL CD 244 88.04 -74.03 112.26
CA VAL CD 244 86.62 -74.29 112.33
C VAL CD 244 86.16 -74.05 113.77
N LYS CD 245 85.13 -73.24 113.92
CA LYS CD 245 84.60 -72.94 115.25
C LYS CD 245 83.44 -73.83 115.65
N LEU CD 246 82.60 -74.23 114.70
CA LEU CD 246 81.41 -74.99 115.04
C LEU CD 246 80.97 -75.78 113.82
N ILE CD 247 80.48 -76.99 114.07
CA ILE CD 247 79.76 -77.76 113.07
C ILE CD 247 78.33 -77.93 113.56
N ASP CD 248 77.44 -78.29 112.65
CA ASP CD 248 76.05 -78.53 112.97
C ASP CD 248 75.66 -79.93 112.53
N SER CD 249 74.84 -80.59 113.35
CA SER CD 249 74.39 -81.94 113.04
C SER CD 249 73.16 -81.94 112.16
N LEU CD 250 72.20 -81.06 112.44
CA LEU CD 250 70.96 -81.06 111.68
C LEU CD 250 71.13 -80.44 110.30
N GLN CD 251 71.96 -79.41 110.17
CA GLN CD 251 72.22 -78.80 108.88
C GLN CD 251 73.71 -78.87 108.58
N GLY CD 252 74.03 -78.75 107.30
CA GLY CD 252 75.38 -78.85 106.82
C GLY CD 252 76.16 -77.56 106.75
N ARG CD 253 75.64 -76.46 107.29
CA ARG CD 253 76.31 -75.17 107.20
C ARG CD 253 77.51 -75.16 108.13
N ILE CD 254 78.67 -75.52 107.59
CA ILE CD 254 79.89 -75.60 108.36
C ILE CD 254 80.59 -74.25 108.27
N LEU CD 255 80.82 -73.63 109.41
CA LEU CD 255 81.45 -72.32 109.46
C LEU CD 255 82.80 -72.41 110.18
N THR CD 256 83.67 -71.48 109.82
CA THR CD 256 85.06 -71.47 110.29
C THR CD 256 85.44 -70.09 110.78
N SER CD 257 86.71 -69.89 111.10
CA SER CD 257 87.21 -68.56 111.42
C SER CD 257 87.20 -67.64 110.20
N SER CD 258 87.32 -68.20 108.99
CA SER CD 258 87.21 -67.39 107.79
C SER CD 258 85.77 -66.96 107.52
N GLY CD 259 84.80 -67.68 108.06
CA GLY CD 259 83.40 -67.31 107.94
C GLY CD 259 82.72 -67.76 106.67
N GLN CD 260 83.46 -68.32 105.71
CA GLN CD 260 82.88 -68.81 104.48
C GLN CD 260 82.30 -70.20 104.71
N VAL CD 261 81.03 -70.37 104.39
CA VAL CD 261 80.31 -71.59 104.73
C VAL CD 261 80.60 -72.65 103.67
N ILE CD 262 80.35 -73.90 104.02
CA ILE CD 262 80.59 -75.03 103.12
C ILE CD 262 79.54 -76.10 103.39
N LYS CD 263 78.82 -76.49 102.34
CA LYS CD 263 77.80 -77.52 102.44
C LYS CD 263 77.97 -78.60 101.38
N PHE CD 264 76.96 -79.46 101.22
CA PHE CD 264 77.02 -80.55 100.28
C PHE CD 264 77.02 -80.04 98.84
N SER CD 265 77.68 -80.79 97.96
CA SER CD 265 77.82 -80.37 96.58
C SER CD 265 76.54 -80.67 95.80
N GLN CD 266 76.39 -79.97 94.67
CA GLN CD 266 75.24 -80.14 93.80
C GLN CD 266 75.67 -80.63 92.42
N VAL DD 38 -40.81 5.61 93.12
CA VAL DD 38 -41.79 5.95 94.16
C VAL DD 38 -41.92 4.84 95.25
N PRO DD 39 -41.86 3.53 94.90
CA PRO DD 39 -41.50 2.58 95.96
C PRO DD 39 -40.06 2.74 96.41
N LYS DD 40 -39.18 3.21 95.52
CA LYS DD 40 -37.81 3.49 95.92
C LYS DD 40 -37.73 4.75 96.78
N LEU DD 41 -38.41 5.80 96.37
CA LEU DD 41 -38.36 7.06 97.09
C LEU DD 41 -39.22 7.00 98.34
N PRO DD 42 -38.82 7.68 99.41
CA PRO DD 42 -39.64 7.69 100.63
C PRO DD 42 -40.89 8.52 100.46
N CYS DD 43 -42.06 7.86 100.42
CA CYS DD 43 -43.32 8.60 100.35
C CYS DD 43 -43.71 9.20 101.68
N ARG DD 44 -43.29 8.58 102.78
CA ARG DD 44 -43.69 8.98 104.12
C ARG DD 44 -42.48 8.86 105.03
N VAL DD 45 -42.67 9.20 106.30
CA VAL DD 45 -41.65 8.92 107.30
C VAL DD 45 -41.82 7.46 107.71
N ASP DD 46 -40.83 6.92 108.39
CA ASP DD 46 -40.78 5.49 108.64
C ASP DD 46 -41.61 5.11 109.87
N GLY DD 47 -42.56 4.20 109.66
CA GLY DD 47 -43.23 3.51 110.74
C GLY DD 47 -44.13 4.36 111.62
N ALA DD 48 -44.52 5.54 111.17
CA ALA DD 48 -45.34 6.43 111.97
C ALA DD 48 -46.68 6.65 111.30
N CYS DD 49 -47.75 6.50 112.06
CA CYS DD 49 -49.09 6.70 111.56
C CYS DD 49 -49.82 7.65 112.50
N ASP DD 50 -50.59 8.56 111.90
CA ASP DD 50 -51.29 9.58 112.67
C ASP DD 50 -52.38 8.96 113.53
N ALA DD 51 -52.98 7.87 113.06
CA ALA DD 51 -53.94 7.11 113.87
C ALA DD 51 -53.28 6.55 115.12
N THR DD 52 -52.06 6.01 114.96
CA THR DD 52 -51.34 5.52 116.12
C THR DD 52 -50.95 6.66 117.06
N ILE DD 53 -50.65 7.83 116.48
CA ILE DD 53 -50.28 9.01 117.28
C ILE DD 53 -51.45 9.46 118.13
N ILE DD 54 -52.63 9.57 117.52
CA ILE DD 54 -53.79 10.03 118.29
C ILE DD 54 -54.25 8.95 119.26
N LYS DD 55 -54.03 7.67 118.92
CA LYS DD 55 -54.32 6.57 119.83
C LYS DD 55 -53.47 6.66 121.09
N MET DD 56 -52.16 6.82 120.91
CA MET DD 56 -51.28 6.81 122.07
C MET DD 56 -51.42 8.08 122.89
N MET DD 57 -51.73 9.21 122.27
CA MET DD 57 -51.96 10.41 123.07
C MET DD 57 -53.29 10.34 123.81
N THR DD 58 -54.28 9.67 123.23
CA THR DD 58 -55.54 9.44 123.93
C THR DD 58 -55.33 8.54 125.14
N ASP DD 59 -54.52 7.48 124.98
CA ASP DD 59 -54.24 6.58 126.08
C ASP DD 59 -53.44 7.26 127.18
N LEU DD 60 -52.49 8.12 126.80
CA LEU DD 60 -51.69 8.81 127.81
C LEU DD 60 -52.51 9.85 128.57
N ASN DD 61 -53.36 10.60 127.87
CA ASN DD 61 -54.19 11.59 128.54
C ASN DD 61 -55.26 10.94 129.39
N LYS DD 62 -55.80 9.79 128.98
CA LYS DD 62 -56.74 9.10 129.85
C LYS DD 62 -56.04 8.38 131.00
N LYS DD 63 -54.75 8.07 130.87
CA LYS DD 63 -54.01 7.56 132.01
C LYS DD 63 -53.67 8.67 132.99
N GLY DD 64 -53.58 9.91 132.53
CA GLY DD 64 -53.43 11.02 133.44
C GLY DD 64 -52.26 11.91 133.12
N ILE DD 65 -51.40 11.44 132.22
CA ILE DD 65 -50.26 12.23 131.77
C ILE DD 65 -50.79 13.29 130.81
N LYS DD 66 -50.50 14.56 131.11
CA LYS DD 66 -51.09 15.63 130.33
C LYS DD 66 -50.27 15.87 129.06
N VAL DD 67 -50.95 15.89 127.92
CA VAL DD 67 -50.33 16.16 126.64
C VAL DD 67 -50.92 17.44 126.07
N ALA DD 68 -50.05 18.36 125.66
CA ALA DD 68 -50.48 19.64 125.13
C ALA DD 68 -49.73 19.93 123.84
N SER DD 69 -50.46 20.45 122.87
CA SER DD 69 -49.91 20.76 121.55
C SER DD 69 -50.40 22.14 121.13
N VAL DD 70 -49.47 23.07 120.96
CA VAL DD 70 -49.81 24.41 120.49
C VAL DD 70 -48.82 24.77 119.40
N GLY DD 71 -49.34 25.14 118.23
CA GLY DD 71 -48.48 25.32 117.06
C GLY DD 71 -47.88 24.00 116.67
N GLN DD 72 -46.56 23.99 116.48
CA GLN DD 72 -45.80 22.76 116.36
C GLN DD 72 -45.01 22.45 117.62
N ASN DD 73 -45.39 23.06 118.74
CA ASN DD 73 -44.72 22.85 120.01
C ASN DD 73 -45.55 21.93 120.89
N TYR DD 74 -44.85 21.09 121.65
CA TYR DD 74 -45.47 20.04 122.43
C TYR DD 74 -44.90 20.03 123.83
N LEU DD 75 -45.80 19.88 124.80
CA LEU DD 75 -45.49 19.73 126.21
C LEU DD 75 -46.13 18.46 126.73
N ILE DD 76 -45.34 17.65 127.44
CA ILE DD 76 -45.86 16.47 128.13
C ILE DD 76 -45.52 16.63 129.61
N SER DD 77 -46.55 16.54 130.45
CA SER DD 77 -46.41 16.76 131.89
C SER DD 77 -46.78 15.48 132.61
N ILE DD 78 -45.94 15.10 133.57
CA ILE DD 78 -46.10 13.85 134.31
C ILE DD 78 -46.05 14.16 135.81
N PRO DD 79 -47.05 13.78 136.59
CA PRO DD 79 -46.91 13.84 138.05
C PRO DD 79 -45.97 12.74 138.52
N ALA DD 80 -45.02 13.10 139.38
CA ALA DD 80 -43.98 12.17 139.77
C ALA DD 80 -44.42 11.17 140.84
N SER DD 81 -45.62 11.33 141.40
CA SER DD 81 -46.05 10.46 142.49
C SER DD 81 -46.34 9.05 142.01
N ALA DD 82 -46.77 8.89 140.77
CA ALA DD 82 -46.95 7.57 140.17
C ALA DD 82 -45.69 7.08 139.46
N LEU DD 83 -44.59 7.81 139.61
CA LEU DD 83 -43.38 7.52 138.85
C LEU DD 83 -42.19 7.19 139.72
N PHE DD 84 -41.88 8.02 140.70
CA PHE DD 84 -40.63 7.95 141.44
C PHE DD 84 -40.85 7.35 142.82
N ALA DD 85 -39.77 7.34 143.60
CA ALA DD 85 -39.85 7.07 145.01
C ALA DD 85 -40.10 8.37 145.77
N ASP DD 86 -40.63 8.24 146.99
CA ASP DD 86 -41.00 9.40 147.77
C ASP DD 86 -39.74 10.07 148.32
N GLN DD 87 -39.55 11.34 147.93
CA GLN DD 87 -38.43 12.18 148.36
C GLN DD 87 -37.07 11.56 148.05
N SER DD 88 -37.00 10.88 146.90
CA SER DD 88 -35.79 10.16 146.56
C SER DD 88 -35.68 10.03 145.04
N PRO DD 89 -34.48 10.15 144.49
CA PRO DD 89 -34.30 9.99 143.04
C PRO DD 89 -34.05 8.53 142.64
N ARG DD 90 -35.00 7.67 143.00
CA ARG DD 90 -34.93 6.25 142.62
C ARG DD 90 -36.26 5.86 141.99
N LEU DD 91 -36.18 5.09 140.91
CA LEU DD 91 -37.34 4.78 140.10
C LEU DD 91 -37.87 3.39 140.40
N ASN DD 92 -39.19 3.27 140.42
CA ASN DD 92 -39.83 1.99 140.63
C ASN DD 92 -39.74 1.14 139.37
N TRP DD 93 -39.99 -0.17 139.53
CA TRP DD 93 -39.86 -1.07 138.41
C TRP DD 93 -41.02 -0.93 137.43
N ALA DD 94 -42.17 -0.47 137.89
CA ALA DD 94 -43.32 -0.30 137.02
C ALA DD 94 -43.22 0.94 136.14
N SER DD 95 -42.25 1.81 136.39
CA SER DD 95 -42.12 3.05 135.64
C SER DD 95 -41.65 2.84 134.20
N TYR DD 96 -41.03 1.71 133.91
CA TYR DD 96 -40.46 1.52 132.58
C TYR DD 96 -41.50 1.23 131.52
N SER DD 97 -42.71 0.81 131.91
CA SER DD 97 -43.80 0.74 130.95
C SER DD 97 -44.19 2.13 130.47
N LEU DD 98 -44.29 3.09 131.40
CA LEU DD 98 -44.59 4.47 131.05
C LEU DD 98 -43.45 5.08 130.25
N LEU DD 99 -42.21 4.77 130.62
CA LEU DD 99 -41.05 5.25 129.87
C LEU DD 99 -41.02 4.65 128.46
N ASN DD 100 -41.46 3.40 128.32
CA ASN DD 100 -41.56 2.77 127.02
C ASN DD 100 -42.63 3.43 126.17
N GLU DD 101 -43.74 3.83 126.79
CA GLU DD 101 -44.76 4.57 126.06
C GLU DD 101 -44.25 5.95 125.64
N ILE DD 102 -43.45 6.59 126.50
CA ILE DD 102 -42.85 7.87 126.18
C ILE DD 102 -41.91 7.73 124.98
N ALA DD 103 -41.09 6.67 124.98
CA ALA DD 103 -40.20 6.42 123.86
C ALA DD 103 -40.97 6.06 122.59
N ALA DD 104 -42.09 5.35 122.73
CA ALA DD 104 -42.93 5.04 121.58
C ALA DD 104 -43.54 6.29 120.98
N PHE DD 105 -43.90 7.26 121.82
CA PHE DD 105 -44.38 8.53 121.30
C PHE DD 105 -43.25 9.34 120.66
N LEU DD 106 -42.06 9.30 121.27
CA LEU DD 106 -40.96 10.10 120.76
C LEU DD 106 -40.37 9.54 119.48
N LYS DD 107 -40.53 8.24 119.23
CA LYS DD 107 -40.16 7.67 117.94
C LYS DD 107 -41.04 8.22 116.81
N GLN DD 108 -42.28 8.57 117.12
CA GLN DD 108 -43.23 9.00 116.11
C GLN DD 108 -42.94 10.40 115.58
N PHE DD 109 -42.03 11.15 116.19
CA PHE DD 109 -41.81 12.53 115.81
C PHE DD 109 -40.40 12.74 115.29
N ARG DD 110 -40.22 13.86 114.60
CA ARG DD 110 -38.91 14.32 114.15
C ARG DD 110 -38.60 15.63 114.88
N LYS DD 111 -37.42 15.69 115.50
CA LYS DD 111 -37.10 16.79 116.39
C LYS DD 111 -35.60 17.05 116.35
N ILE DD 112 -35.18 18.08 117.07
CA ILE DD 112 -33.76 18.43 117.18
C ILE DD 112 -33.37 18.51 118.65
N ALA DD 113 -34.13 19.28 119.43
CA ALA DD 113 -33.78 19.60 120.81
C ALA DD 113 -34.94 19.28 121.73
N ILE DD 114 -34.62 18.72 122.89
CA ILE DD 114 -35.58 18.34 123.92
C ILE DD 114 -35.17 19.06 125.20
N THR DD 115 -36.15 19.58 125.94
CA THR DD 115 -35.88 20.16 127.25
C THR DD 115 -36.73 19.48 128.30
N VAL DD 116 -36.07 18.97 129.34
CA VAL DD 116 -36.76 18.32 130.44
C VAL DD 116 -36.48 19.06 131.73
N THR DD 117 -37.54 19.36 132.47
CA THR DD 117 -37.46 20.12 133.71
C THR DD 117 -38.20 19.36 134.81
N SER DD 118 -37.60 19.34 135.99
CA SER DD 118 -38.18 18.62 137.11
C SER DD 118 -38.60 19.60 138.20
N TYR DD 119 -39.68 19.24 138.91
CA TYR DD 119 -40.24 20.10 139.94
C TYR DD 119 -40.71 19.25 141.10
N SER DD 120 -40.58 19.79 142.31
CA SER DD 120 -40.88 19.06 143.53
C SER DD 120 -41.66 19.96 144.48
N SER DD 121 -41.96 19.42 145.66
CA SER DD 121 -42.52 20.18 146.76
C SER DD 121 -41.38 20.79 147.57
N LYS DD 122 -41.70 21.35 148.73
CA LYS DD 122 -40.69 21.91 149.63
C LYS DD 122 -40.56 21.01 150.85
N TYR DD 123 -39.38 20.43 151.04
CA TYR DD 123 -39.20 19.42 152.07
C TYR DD 123 -38.23 19.84 153.17
N VAL DD 124 -36.97 20.14 152.84
CA VAL DD 124 -36.03 20.59 153.86
C VAL DD 124 -35.39 21.91 153.42
N SER DD 125 -34.69 21.89 152.30
CA SER DD 125 -33.96 23.05 151.82
C SER DD 125 -34.19 23.19 150.33
N VAL DD 126 -34.16 24.44 149.88
CA VAL DD 126 -34.29 24.74 148.45
C VAL DD 126 -33.11 24.15 147.69
N LYS DD 127 -31.93 24.18 148.31
CA LYS DD 127 -30.73 23.56 147.74
C LYS DD 127 -30.91 22.05 147.60
N ARG DD 128 -31.46 21.41 148.63
CA ARG DD 128 -31.71 19.98 148.61
C ARG DD 128 -32.72 19.59 147.54
N GLU DD 129 -33.81 20.36 147.44
CA GLU DD 129 -34.83 20.04 146.44
C GLU DD 129 -34.35 20.31 145.03
N ARG DD 130 -33.51 21.34 144.85
CA ARG DD 130 -32.90 21.60 143.56
C ARG DD 130 -31.98 20.45 143.14
N ALA DD 131 -31.20 19.95 144.09
CA ALA DD 131 -30.31 18.82 143.79
C ALA DD 131 -31.10 17.55 143.47
N LEU DD 132 -32.20 17.31 144.20
CA LEU DD 132 -33.03 16.14 143.94
C LEU DD 132 -33.68 16.19 142.57
N THR DD 133 -34.24 17.35 142.21
CA THR DD 133 -34.87 17.48 140.90
C THR DD 133 -33.83 17.41 139.78
N LEU DD 134 -32.63 17.93 140.02
CA LEU DD 134 -31.54 17.80 139.07
C LEU DD 134 -31.16 16.35 138.83
N ALA DD 135 -31.07 15.57 139.91
CA ALA DD 135 -30.73 14.16 139.77
C ALA DD 135 -31.81 13.38 139.06
N ARG DD 136 -33.08 13.66 139.37
CA ARG DD 136 -34.19 12.97 138.71
C ARG DD 136 -34.23 13.29 137.21
N SER DD 137 -34.02 14.56 136.86
CA SER DD 137 -33.99 14.95 135.45
C SER DD 137 -32.82 14.30 134.73
N ARG DD 138 -31.66 14.22 135.41
CA ARG DD 138 -30.49 13.60 134.81
C ARG DD 138 -30.71 12.13 134.52
N VAL DD 139 -31.28 11.39 135.47
CA VAL DD 139 -31.42 9.95 135.26
C VAL DD 139 -32.50 9.66 134.22
N VAL DD 140 -33.59 10.45 134.19
CA VAL DD 140 -34.61 10.18 133.18
C VAL DD 140 -34.12 10.59 131.79
N SER DD 141 -33.27 11.62 131.71
CA SER DD 141 -32.68 11.99 130.42
C SER DD 141 -31.71 10.92 129.95
N GLU DD 142 -30.96 10.32 130.88
CA GLU DD 142 -30.03 9.26 130.54
C GLU DD 142 -30.77 8.05 129.98
N TYR DD 143 -31.86 7.65 130.63
CA TYR DD 143 -32.62 6.51 130.10
C TYR DD 143 -33.29 6.85 128.77
N LEU DD 144 -33.70 8.11 128.59
CA LEU DD 144 -34.33 8.49 127.34
C LEU DD 144 -33.34 8.48 126.19
N TRP DD 145 -32.10 8.91 126.43
CA TRP DD 145 -31.07 8.81 125.40
C TRP DD 145 -30.69 7.36 125.16
N SER DD 146 -30.72 6.53 126.20
CA SER DD 146 -30.45 5.11 126.04
C SER DD 146 -31.47 4.45 125.12
N GLN DD 147 -32.73 4.81 125.28
CA GLN DD 147 -33.72 4.39 124.31
C GLN DD 147 -33.55 5.18 123.01
N GLY DD 148 -34.09 4.63 121.94
CA GLY DD 148 -33.86 5.20 120.63
C GLY DD 148 -34.70 6.42 120.31
N VAL DD 149 -34.54 7.49 121.09
CA VAL DD 149 -35.20 8.74 120.75
C VAL DD 149 -34.44 9.39 119.59
N ASP DD 150 -35.16 10.04 118.70
CA ASP DD 150 -34.54 10.66 117.53
C ASP DD 150 -34.33 12.16 117.77
N SER DD 151 -33.46 12.45 118.73
CA SER DD 151 -33.09 13.83 119.01
C SER DD 151 -31.58 13.98 118.93
N ARG DD 152 -31.16 15.23 118.94
CA ARG DD 152 -29.75 15.59 118.87
C ARG DD 152 -29.25 16.28 120.11
N ILE DD 153 -30.02 17.24 120.63
CA ILE DD 153 -29.65 17.99 121.82
C ILE DD 153 -30.72 17.76 122.86
N ILE DD 154 -30.30 17.46 124.08
CA ILE DD 154 -31.23 17.35 125.20
C ILE DD 154 -30.66 18.14 126.36
N PHE DD 155 -31.43 19.13 126.82
CA PHE DD 155 -31.12 19.89 128.02
C PHE DD 155 -31.98 19.37 129.17
N THR DD 156 -31.34 19.14 130.31
CA THR DD 156 -32.02 18.64 131.49
C THR DD 156 -31.73 19.54 132.67
N GLN DD 157 -32.78 19.90 133.42
CA GLN DD 157 -32.60 20.62 134.67
C GLN DD 157 -33.80 20.42 135.57
N GLY DD 158 -33.60 20.72 136.84
CA GLY DD 158 -34.68 20.68 137.81
C GLY DD 158 -34.63 21.92 138.67
N LEU DD 159 -35.80 22.33 139.15
CA LEU DD 159 -35.94 23.57 139.89
C LEU DD 159 -36.51 23.39 141.29
N GLY DD 160 -36.81 22.17 141.71
CA GLY DD 160 -37.33 21.95 143.05
C GLY DD 160 -38.74 22.46 143.23
N SER DD 161 -38.94 23.40 144.14
CA SER DD 161 -40.24 24.01 144.38
C SER DD 161 -40.19 25.51 144.13
N ASP DD 162 -39.15 25.97 143.42
CA ASP DD 162 -38.94 27.40 143.24
C ASP DD 162 -39.92 28.03 142.27
N LYS DD 163 -40.57 27.23 141.42
CA LYS DD 163 -41.61 27.72 140.52
C LYS DD 163 -42.85 26.85 140.69
N PRO DD 164 -43.66 27.11 141.71
CA PRO DD 164 -44.89 26.35 141.89
C PRO DD 164 -45.94 26.73 140.87
N ILE DD 165 -46.91 25.84 140.71
CA ILE DD 165 -48.03 26.08 139.81
C ILE DD 165 -49.37 26.06 140.52
N THR DD 166 -49.41 25.66 141.79
CA THR DD 166 -50.67 25.60 142.52
C THR DD 166 -50.41 26.01 143.96
N SER DD 167 -51.24 26.91 144.48
CA SER DD 167 -51.14 27.34 145.87
C SER DD 167 -51.66 26.30 146.85
N TYR DD 168 -52.38 25.29 146.37
CA TYR DD 168 -52.88 24.21 147.23
C TYR DD 168 -51.72 23.27 147.53
N THR DD 169 -51.18 23.36 148.73
CA THR DD 169 -49.97 22.63 149.11
C THR DD 169 -50.21 21.74 150.33
N LEU DD 170 -51.36 21.08 150.36
CA LEU DD 170 -51.69 20.22 151.49
C LEU DD 170 -50.84 18.95 151.50
N GLY DD 171 -50.72 18.29 150.35
CA GLY DD 171 -49.96 17.06 150.27
C GLY DD 171 -48.46 17.30 150.21
N GLY DD 172 -47.72 16.21 150.23
CA GLY DD 172 -46.27 16.29 150.12
C GLY DD 172 -45.81 16.06 148.71
N ASP DD 173 -45.21 14.90 148.45
CA ASP DD 173 -44.91 14.52 147.07
C ASP DD 173 -46.16 14.08 146.31
N ARG DD 174 -47.26 13.81 146.99
CA ARG DD 174 -48.53 13.57 146.34
C ARG DD 174 -49.19 14.84 145.82
N SER DD 175 -48.66 16.00 146.20
CA SER DD 175 -49.19 17.26 145.68
C SER DD 175 -48.91 17.38 144.19
N PRO DD 176 -49.87 17.87 143.41
CA PRO DD 176 -49.73 17.80 141.94
C PRO DD 176 -48.71 18.76 141.35
N ASN DD 177 -48.23 19.75 142.11
CA ASN DD 177 -47.23 20.66 141.56
C ASN DD 177 -45.88 19.98 141.36
N ALA DD 178 -45.59 18.92 142.11
CA ALA DD 178 -44.42 18.12 141.83
C ALA DD 178 -44.63 17.35 140.54
N ARG DD 179 -43.70 17.50 139.61
CA ARG DD 179 -43.95 17.09 138.24
C ARG DD 179 -42.65 16.97 137.48
N VAL DD 180 -42.76 16.49 136.25
CA VAL DD 180 -41.67 16.51 135.28
C VAL DD 180 -42.24 16.89 133.93
N GLU DD 181 -41.56 17.79 133.24
CA GLU DD 181 -42.07 18.41 132.02
C GLU DD 181 -41.09 18.18 130.88
N ILE DD 182 -41.63 17.81 129.73
CA ILE DD 182 -40.88 17.63 128.50
C ILE DD 182 -41.42 18.62 127.48
N THR DD 183 -40.54 19.41 126.90
CA THR DD 183 -40.92 20.42 125.91
C THR DD 183 -40.06 20.28 124.67
N PHE DD 184 -40.71 20.41 123.51
CA PHE DD 184 -39.98 20.50 122.24
C PHE DD 184 -40.86 21.17 121.21
N ARG DD 185 -40.29 21.40 120.02
CA ARG DD 185 -41.02 21.91 118.88
C ARG DD 185 -40.79 20.97 117.71
N ARG DD 186 -41.86 20.61 117.00
CA ARG DD 186 -41.76 19.72 115.86
C ARG DD 186 -41.03 20.43 114.72
N ALA DD 187 -40.02 19.76 114.18
CA ALA DD 187 -39.16 20.35 113.14
C ALA DD 187 -39.66 19.89 111.79
N VAL DD 188 -40.61 20.64 111.24
CA VAL DD 188 -41.18 20.47 109.90
C VAL DD 188 -41.75 19.08 109.66
N ILE ED 862 10.73 -45.72 -50.23
CA ILE ED 862 9.49 -45.03 -50.57
C ILE ED 862 8.38 -46.02 -50.86
N ILE ED 863 7.28 -45.91 -50.12
CA ILE ED 863 6.09 -46.71 -50.34
C ILE ED 863 4.94 -45.77 -50.67
N LYS ED 864 4.30 -46.00 -51.82
CA LYS ED 864 3.19 -45.17 -52.26
C LYS ED 864 1.98 -45.37 -51.35
N THR ED 865 1.14 -44.35 -51.28
CA THR ED 865 0.03 -44.33 -50.35
C THR ED 865 -1.10 -45.23 -50.86
N GLY ED 866 -1.30 -46.37 -50.19
CA GLY ED 866 -2.40 -47.25 -50.52
C GLY ED 866 -2.15 -48.30 -51.58
N ASP ED 867 -1.13 -49.14 -51.37
CA ASP ED 867 -0.87 -50.30 -52.22
C ASP ED 867 -0.99 -51.58 -51.38
N ILE ED 868 -0.75 -52.72 -52.02
CA ILE ED 868 -1.01 -54.03 -51.42
C ILE ED 868 0.29 -54.79 -51.29
N MET ED 869 0.43 -55.55 -50.20
CA MET ED 869 1.59 -56.39 -49.93
C MET ED 869 1.09 -57.75 -49.42
N PHE ED 870 1.93 -58.78 -49.59
CA PHE ED 870 1.65 -60.10 -49.06
C PHE ED 870 2.43 -60.29 -47.76
N ALA ED 871 1.91 -61.16 -46.90
CA ALA ED 871 2.57 -61.48 -45.65
C ALA ED 871 2.11 -62.87 -45.21
N VAL ED 872 2.88 -63.47 -44.30
CA VAL ED 872 2.60 -64.81 -43.80
C VAL ED 872 2.46 -64.73 -42.29
N LEU ED 873 1.34 -65.23 -41.77
CA LEU ED 873 1.14 -65.36 -40.34
C LEU ED 873 1.29 -66.81 -39.94
N ASP ED 874 2.10 -67.04 -38.91
CA ASP ED 874 2.49 -68.39 -38.51
C ASP ED 874 2.12 -68.65 -37.05
N THR ED 875 1.60 -67.64 -36.36
CA THR ED 875 1.24 -67.76 -34.96
C THR ED 875 -0.28 -67.57 -34.80
N SER ED 876 -0.90 -68.43 -33.98
CA SER ED 876 -2.33 -68.33 -33.69
C SER ED 876 -2.57 -67.81 -32.28
N VAL ED 877 -3.77 -67.27 -32.06
CA VAL ED 877 -4.21 -66.77 -30.77
C VAL ED 877 -5.74 -66.72 -30.79
N ASN ED 878 -6.34 -66.97 -29.64
CA ASN ED 878 -7.77 -66.73 -29.48
C ASN ED 878 -8.01 -65.25 -29.23
N SER ED 879 -9.16 -64.76 -29.67
CA SER ED 879 -9.48 -63.35 -29.51
C SER ED 879 -10.06 -63.06 -28.14
N ASP ED 880 -9.26 -63.25 -27.09
CA ASP ED 880 -9.69 -63.00 -25.72
C ASP ED 880 -8.81 -61.99 -25.00
N GLU ED 881 -7.50 -62.05 -25.19
CA GLU ED 881 -6.58 -61.04 -24.66
C GLU ED 881 -5.68 -60.59 -25.81
N PRO ED 882 -5.71 -59.32 -26.19
CA PRO ED 882 -4.75 -58.82 -27.18
C PRO ED 882 -3.33 -58.86 -26.66
N GLY ED 883 -2.40 -59.07 -27.59
CA GLY ED 883 -1.01 -59.23 -27.26
C GLY ED 883 -0.13 -59.10 -28.48
N PRO ED 884 1.18 -59.23 -28.29
CA PRO ED 884 2.10 -59.09 -29.43
C PRO ED 884 2.01 -60.25 -30.40
N ILE ED 885 1.82 -59.94 -31.68
CA ILE ED 885 1.77 -60.94 -32.74
C ILE ED 885 2.61 -60.45 -33.90
N LEU ED 886 3.30 -61.38 -34.57
CA LEU ED 886 4.22 -61.07 -35.65
C LEU ED 886 3.80 -61.80 -36.92
N ALA ED 887 3.98 -61.14 -38.06
CA ALA ED 887 3.83 -61.72 -39.39
C ALA ED 887 5.13 -61.54 -40.16
N THR ED 888 5.30 -62.34 -41.22
CA THR ED 888 6.51 -62.33 -42.03
C THR ED 888 6.15 -61.88 -43.43
N ILE ED 889 6.67 -60.71 -43.83
CA ILE ED 889 6.49 -60.26 -45.20
C ILE ED 889 7.39 -61.08 -46.10
N VAL ED 890 6.81 -61.67 -47.14
CA VAL ED 890 7.53 -62.62 -47.98
C VAL ED 890 7.93 -62.04 -49.33
N THR ED 891 7.34 -60.91 -49.75
CA THR ED 891 7.68 -60.33 -51.04
C THR ED 891 7.88 -58.83 -50.94
N GLY ED 892 7.94 -58.16 -52.10
CA GLY ED 892 8.13 -56.73 -52.10
C GLY ED 892 9.59 -56.36 -51.96
N LYS ED 893 9.84 -55.05 -51.82
CA LYS ED 893 11.20 -54.57 -51.66
C LYS ED 893 11.75 -54.90 -50.27
N LEU ED 894 10.86 -55.13 -49.31
CA LEU ED 894 11.26 -55.52 -47.97
C LEU ED 894 11.24 -57.05 -47.85
N LYS ED 895 12.40 -57.65 -47.63
CA LYS ED 895 12.54 -59.10 -47.56
C LYS ED 895 13.16 -59.49 -46.23
N GLY ED 896 12.64 -60.58 -45.64
CA GLY ED 896 13.02 -60.96 -44.30
C GLY ED 896 12.34 -60.16 -43.23
N SER ED 897 11.38 -59.31 -43.60
CA SER ED 897 10.81 -58.34 -42.68
C SER ED 897 9.73 -59.00 -41.82
N LYS ED 898 9.65 -58.56 -40.57
CA LYS ED 898 8.68 -59.08 -39.61
C LYS ED 898 7.98 -57.94 -38.90
N LEU ED 899 6.67 -58.10 -38.70
CA LEU ED 899 5.83 -56.99 -38.25
C LEU ED 899 5.02 -57.44 -37.05
N ILE ED 900 5.12 -56.70 -35.93
CA ILE ED 900 4.38 -56.99 -34.71
C ILE ED 900 3.28 -55.96 -34.52
N GLY ED 901 2.23 -56.41 -33.85
CA GLY ED 901 1.09 -55.60 -33.48
C GLY ED 901 0.20 -56.37 -32.55
N SER ED 902 -1.10 -56.11 -32.59
CA SER ED 902 -2.06 -56.79 -31.73
C SER ED 902 -3.36 -56.92 -32.52
N PHE ED 903 -4.44 -57.26 -31.83
CA PHE ED 903 -5.75 -57.28 -32.46
C PHE ED 903 -6.75 -56.44 -31.67
N ASN ED 904 -7.99 -56.51 -32.11
CA ASN ED 904 -9.10 -55.79 -31.49
C ASN ED 904 -10.32 -56.69 -31.47
N LEU ED 905 -11.24 -56.39 -30.56
CA LEU ED 905 -12.49 -57.12 -30.50
C LEU ED 905 -13.62 -56.29 -31.07
N PRO ED 906 -14.26 -56.71 -32.15
CA PRO ED 906 -15.42 -55.99 -32.67
C PRO ED 906 -16.66 -56.21 -31.81
N SER ED 907 -17.62 -55.30 -31.97
CA SER ED 907 -18.87 -55.37 -31.23
C SER ED 907 -19.72 -56.56 -31.66
N ASN ED 908 -19.81 -56.82 -32.95
CA ASN ED 908 -20.56 -57.95 -33.49
C ASN ED 908 -19.59 -58.98 -34.05
N ALA ED 909 -20.11 -60.16 -34.38
CA ALA ED 909 -19.29 -61.27 -34.86
C ALA ED 909 -19.20 -61.33 -36.39
N ASP ED 910 -19.30 -60.19 -37.07
CA ASP ED 910 -19.30 -60.19 -38.53
C ASP ED 910 -17.92 -60.40 -39.14
N LYS ED 911 -16.84 -60.00 -38.47
CA LYS ED 911 -15.50 -60.18 -39.00
C LYS ED 911 -14.50 -60.09 -37.85
N MET ED 912 -13.23 -60.26 -38.20
CA MET ED 912 -12.13 -60.16 -37.24
C MET ED 912 -10.88 -59.76 -37.99
N VAL ED 913 -10.17 -58.75 -37.47
CA VAL ED 913 -9.04 -58.15 -38.16
C VAL ED 913 -7.89 -57.99 -37.18
N ILE ED 914 -6.69 -57.77 -37.75
CA ILE ED 914 -5.46 -57.63 -36.99
C ILE ED 914 -4.90 -56.23 -37.21
N THR ED 915 -4.54 -55.55 -36.12
CA THR ED 915 -3.94 -54.22 -36.19
C THR ED 915 -2.43 -54.36 -36.09
N PHE ED 916 -1.74 -54.14 -37.21
CA PHE ED 916 -0.30 -54.36 -37.31
C PHE ED 916 0.39 -53.02 -37.55
N ASN ED 917 1.33 -52.66 -36.66
CA ASN ED 917 1.88 -51.31 -36.69
C ASN ED 917 3.41 -51.24 -36.67
N THR ED 918 4.08 -52.14 -35.97
CA THR ED 918 5.51 -51.97 -35.69
C THR ED 918 6.31 -52.93 -36.55
N MET ED 919 7.05 -52.37 -37.53
CA MET ED 919 7.75 -53.15 -38.54
C MET ED 919 9.25 -53.19 -38.24
N SER ED 920 9.84 -54.38 -38.34
CA SER ED 920 11.28 -54.57 -38.21
C SER ED 920 11.82 -55.16 -39.51
N ILE ED 921 12.84 -54.52 -40.06
CA ILE ED 921 13.44 -54.90 -41.34
C ILE ED 921 14.86 -55.37 -41.06
N PRO ED 922 15.30 -56.51 -41.61
CA PRO ED 922 16.68 -56.94 -41.39
C PRO ED 922 17.66 -56.16 -42.28
N GLY ED 923 18.95 -56.46 -42.14
CA GLY ED 923 19.97 -55.70 -42.83
C GLY ED 923 20.49 -54.55 -42.00
N ALA ED 924 19.65 -53.56 -41.74
CA ALA ED 924 19.97 -52.44 -40.87
C ALA ED 924 19.06 -52.45 -39.65
N GLU ED 925 19.63 -52.06 -38.51
CA GLU ED 925 18.90 -52.11 -37.24
C GLU ED 925 18.02 -50.87 -37.10
N LYS ED 926 16.87 -50.92 -37.76
CA LYS ED 926 15.88 -49.86 -37.68
C LYS ED 926 14.50 -50.47 -37.48
N THR ED 927 13.58 -49.64 -37.00
CA THR ED 927 12.22 -50.10 -36.70
C THR ED 927 11.25 -49.01 -37.15
N ILE ED 928 10.71 -49.15 -38.37
CA ILE ED 928 9.74 -48.21 -38.88
C ILE ED 928 8.37 -48.58 -38.32
N SER ED 929 7.40 -47.67 -38.44
CA SER ED 929 6.12 -47.84 -37.78
C SER ED 929 4.96 -47.67 -38.74
N ILE ED 930 5.00 -48.33 -39.89
CA ILE ED 930 3.89 -48.29 -40.83
C ILE ED 930 2.76 -49.16 -40.29
N SER ED 931 1.60 -48.57 -40.10
CA SER ED 931 0.46 -49.26 -39.48
C SER ED 931 -0.59 -49.54 -40.55
N ALA ED 932 -1.09 -50.78 -40.55
CA ALA ED 932 -2.01 -51.22 -41.59
C ALA ED 932 -2.86 -52.35 -41.03
N TYR ED 933 -3.79 -52.84 -41.85
CA TYR ED 933 -4.74 -53.87 -41.47
C TYR ED 933 -4.53 -55.13 -42.33
N ALA ED 934 -5.41 -56.11 -42.15
CA ALA ED 934 -5.32 -57.40 -42.81
C ALA ED 934 -6.59 -57.68 -43.60
N ILE ED 935 -6.40 -58.26 -44.80
CA ILE ED 935 -7.50 -58.68 -45.66
C ILE ED 935 -7.27 -60.13 -46.07
N ASP ED 936 -8.35 -60.82 -46.41
CA ASP ED 936 -8.22 -62.21 -46.87
C ASP ED 936 -7.79 -62.23 -48.34
N PRO ED 937 -6.63 -62.78 -48.66
CA PRO ED 937 -6.18 -62.79 -50.06
C PRO ED 937 -6.98 -63.76 -50.90
N ASN ED 938 -7.18 -63.39 -52.17
CA ASN ED 938 -8.03 -64.04 -53.18
C ASN ED 938 -9.49 -64.17 -52.74
N THR ED 939 -9.92 -63.41 -51.73
CA THR ED 939 -11.30 -63.32 -51.27
C THR ED 939 -11.65 -61.85 -51.24
N ALA ED 940 -10.61 -61.03 -51.06
CA ALA ED 940 -10.64 -59.57 -51.09
C ALA ED 940 -11.60 -59.01 -50.05
N ARG ED 941 -11.60 -59.63 -48.87
CA ARG ED 941 -12.47 -59.24 -47.78
C ARG ED 941 -11.68 -59.19 -46.48
N THR ED 942 -12.27 -58.57 -45.47
CA THR ED 942 -11.59 -58.28 -44.22
C THR ED 942 -11.86 -59.30 -43.12
N ALA ED 943 -12.65 -60.34 -43.39
CA ALA ED 943 -13.06 -61.27 -42.34
C ALA ED 943 -11.96 -62.27 -42.01
N LEU ED 944 -12.17 -62.99 -40.92
CA LEU ED 944 -11.28 -64.05 -40.47
C LEU ED 944 -11.94 -65.41 -40.65
N ALA ED 945 -11.15 -66.40 -41.05
CA ALA ED 945 -11.60 -67.79 -41.09
C ALA ED 945 -11.63 -68.32 -39.65
N SER ED 946 -12.79 -68.14 -39.01
CA SER ED 946 -12.97 -68.57 -37.64
C SER ED 946 -14.41 -69.07 -37.48
N ARG ED 947 -14.72 -69.59 -36.30
CA ARG ED 947 -16.04 -70.09 -35.97
C ARG ED 947 -16.82 -69.02 -35.19
N THR ED 948 -18.15 -69.08 -35.32
CA THR ED 948 -19.01 -68.06 -34.71
C THR ED 948 -20.14 -68.61 -33.86
N ASN ED 949 -20.37 -69.92 -33.87
CA ASN ED 949 -21.46 -70.53 -33.09
C ASN ED 949 -20.92 -71.28 -31.87
N HIS ED 950 -19.90 -70.72 -31.20
CA HIS ED 950 -19.24 -71.42 -30.11
C HIS ED 950 -20.10 -71.49 -28.85
N HIS ED 951 -20.75 -70.39 -28.49
CA HIS ED 951 -21.43 -70.30 -27.20
C HIS ED 951 -22.84 -69.74 -27.36
N TYR ED 952 -23.60 -70.31 -28.29
CA TYR ED 952 -25.04 -70.12 -28.32
C TYR ED 952 -25.77 -71.27 -27.64
N LEU ED 953 -25.48 -72.49 -28.07
CA LEU ED 953 -26.26 -73.65 -27.64
C LEU ED 953 -25.97 -74.03 -26.19
N MET ED 954 -24.77 -73.75 -25.70
CA MET ED 954 -24.41 -74.07 -24.32
C MET ED 954 -25.26 -73.26 -23.33
N ARG ED 955 -25.28 -71.94 -23.51
CA ARG ED 955 -26.06 -71.09 -22.63
C ARG ED 955 -27.56 -71.25 -22.87
N TYR ED 956 -27.96 -71.52 -24.12
CA TYR ED 956 -29.36 -71.81 -24.43
C TYR ED 956 -29.84 -73.04 -23.68
N GLY ED 957 -29.07 -74.13 -23.74
CA GLY ED 957 -29.46 -75.36 -23.08
C GLY ED 957 -29.46 -75.25 -21.58
N SER ED 958 -28.47 -74.56 -21.01
CA SER ED 958 -28.43 -74.39 -19.56
C SER ED 958 -29.60 -73.55 -19.06
N LEU ED 959 -29.90 -72.44 -19.75
CA LEU ED 959 -31.01 -71.57 -19.36
C LEU ED 959 -32.34 -72.29 -19.49
N PHE ED 960 -32.57 -72.95 -20.62
CA PHE ED 960 -33.85 -73.58 -20.86
C PHE ED 960 -34.05 -74.79 -19.96
N ALA ED 961 -32.96 -75.48 -19.59
CA ALA ED 961 -33.06 -76.57 -18.64
C ALA ED 961 -33.43 -76.06 -17.25
N SER ED 962 -32.78 -74.98 -16.78
CA SER ED 962 -33.11 -74.43 -15.47
C SER ED 962 -34.55 -73.92 -15.42
N SER ED 963 -34.98 -73.27 -16.50
CA SER ED 963 -36.37 -72.80 -16.58
C SER ED 963 -37.35 -73.97 -16.57
N PHE ED 964 -37.11 -75.00 -17.39
CA PHE ED 964 -38.00 -76.16 -17.45
C PHE ED 964 -38.09 -76.90 -16.12
N LEU ED 965 -36.98 -76.90 -15.37
CA LEU ED 965 -37.01 -77.42 -14.00
C LEU ED 965 -37.96 -76.62 -13.11
N GLN ED 966 -37.84 -75.28 -13.17
CA GLN ED 966 -38.74 -74.41 -12.39
C GLN ED 966 -40.20 -74.66 -12.75
N GLY ED 967 -40.48 -74.76 -14.05
CA GLY ED 967 -41.84 -74.95 -14.52
C GLY ED 967 -42.41 -76.30 -14.11
N PHE ED 968 -41.58 -77.35 -14.13
CA PHE ED 968 -42.06 -78.68 -13.77
C PHE ED 968 -42.41 -78.73 -12.31
N GLY ED 969 -41.56 -78.15 -11.47
CA GLY ED 969 -41.86 -78.15 -10.05
C GLY ED 969 -43.11 -77.36 -9.72
N ASN ED 970 -43.25 -76.14 -10.26
CA ASN ED 970 -44.42 -75.34 -9.88
C ASN ED 970 -45.72 -75.88 -10.45
N ALA ED 971 -45.74 -76.28 -11.73
CA ALA ED 971 -46.99 -76.71 -12.32
C ALA ED 971 -47.40 -78.09 -11.83
N PHE ED 972 -46.44 -79.00 -11.63
CA PHE ED 972 -46.86 -80.29 -11.11
C PHE ED 972 -47.03 -80.28 -9.59
N GLN ED 973 -46.65 -79.19 -8.91
CA GLN ED 973 -47.17 -78.99 -7.57
C GLN ED 973 -48.58 -78.45 -7.60
N SER ED 974 -48.87 -77.54 -8.52
CA SER ED 974 -50.21 -76.96 -8.61
C SER ED 974 -51.24 -77.98 -9.06
N ALA ED 975 -50.81 -78.98 -9.82
CA ALA ED 975 -51.69 -80.04 -10.29
C ALA ED 975 -51.84 -81.18 -9.29
N ASN ED 976 -51.48 -80.96 -8.03
CA ASN ED 976 -51.59 -82.03 -7.03
C ASN ED 976 -53.04 -82.30 -6.62
N THR ED 977 -53.95 -81.35 -6.86
CA THR ED 977 -55.31 -81.51 -6.35
C THR ED 977 -56.16 -82.38 -7.28
N THR ED 978 -56.26 -82.01 -8.55
CA THR ED 978 -57.14 -82.72 -9.48
C THR ED 978 -56.42 -83.91 -10.13
N SER ED 999 -45.84 -90.04 -4.23
CA SER ED 999 -44.62 -89.83 -3.46
C SER ED 999 -43.44 -89.52 -4.36
N THR ED 1000 -43.14 -90.45 -5.28
CA THR ED 1000 -42.01 -90.29 -6.19
C THR ED 1000 -42.20 -89.13 -7.15
N LEU ED 1001 -43.43 -88.96 -7.66
CA LEU ED 1001 -43.73 -87.81 -8.51
C LEU ED 1001 -43.66 -86.52 -7.71
N GLU ED 1002 -44.03 -86.58 -6.43
CA GLU ED 1002 -43.89 -85.42 -5.55
C GLU ED 1002 -42.42 -85.07 -5.33
N ASN ED 1003 -41.55 -86.07 -5.24
CA ASN ED 1003 -40.12 -85.80 -5.10
C ASN ED 1003 -39.53 -85.26 -6.40
N ALA ED 1004 -40.08 -85.68 -7.54
CA ALA ED 1004 -39.73 -85.04 -8.81
C ALA ED 1004 -40.11 -83.57 -8.81
N VAL ED 1005 -41.33 -83.27 -8.33
CA VAL ED 1005 -41.79 -81.88 -8.16
C VAL ED 1005 -40.84 -81.11 -7.27
N ILE ED 1006 -40.38 -81.76 -6.20
CA ILE ED 1006 -39.44 -81.17 -5.24
C ILE ED 1006 -38.14 -80.77 -5.92
N GLY ED 1007 -37.53 -81.71 -6.67
CA GLY ED 1007 -36.21 -81.47 -7.19
C GLY ED 1007 -36.24 -80.43 -8.28
N LEU ED 1008 -37.22 -80.52 -9.16
CA LEU ED 1008 -37.36 -79.56 -10.25
C LEU ED 1008 -37.68 -78.16 -9.70
N ALA ED 1009 -38.62 -78.09 -8.73
CA ALA ED 1009 -39.05 -76.83 -8.12
C ALA ED 1009 -37.95 -76.10 -7.41
N THR ED 1010 -36.98 -76.82 -6.86
CA THR ED 1010 -36.00 -76.08 -6.11
C THR ED 1010 -34.66 -75.90 -6.81
N VAL ED 1011 -34.26 -76.81 -7.70
CA VAL ED 1011 -33.01 -76.58 -8.41
C VAL ED 1011 -33.21 -75.81 -9.69
N GLY ED 1012 -34.45 -75.52 -10.10
CA GLY ED 1012 -34.64 -74.65 -11.24
C GLY ED 1012 -34.23 -73.21 -10.98
N LYS ED 1013 -34.51 -72.69 -9.78
CA LYS ED 1013 -34.49 -71.25 -9.54
C LYS ED 1013 -33.08 -70.69 -9.46
N ALA ED 1014 -32.22 -71.31 -8.65
CA ALA ED 1014 -30.86 -70.84 -8.48
C ALA ED 1014 -30.07 -71.00 -9.78
N TRP ED 1015 -30.26 -72.12 -10.47
CA TRP ED 1015 -29.64 -72.28 -11.78
C TRP ED 1015 -30.22 -71.32 -12.81
N SER ED 1016 -31.48 -70.90 -12.65
CA SER ED 1016 -32.06 -69.94 -13.57
C SER ED 1016 -31.45 -68.57 -13.41
N GLN ED 1017 -31.29 -68.10 -12.17
CA GLN ED 1017 -30.66 -66.80 -11.97
C GLN ED 1017 -29.17 -66.85 -12.31
N GLN ED 1018 -28.52 -68.00 -12.09
CA GLN ED 1018 -27.13 -68.13 -12.51
C GLN ED 1018 -26.99 -68.19 -14.02
N ALA ED 1019 -27.97 -68.77 -14.71
CA ALA ED 1019 -27.93 -68.80 -16.16
C ALA ED 1019 -28.18 -67.43 -16.76
N GLN ED 1020 -29.05 -66.63 -16.14
CA GLN ED 1020 -29.21 -65.25 -16.56
C GLN ED 1020 -27.97 -64.43 -16.21
N GLN ED 1021 -27.25 -64.84 -15.16
CA GLN ED 1021 -25.96 -64.23 -14.88
C GLN ED 1021 -24.93 -64.54 -15.97
N LEU ED 1022 -24.87 -65.80 -16.43
CA LEU ED 1022 -23.81 -66.23 -17.34
C LEU ED 1022 -24.21 -66.15 -18.81
N PHE ED 1023 -25.41 -65.70 -19.13
CA PHE ED 1023 -25.87 -65.75 -20.52
C PHE ED 1023 -25.16 -64.73 -21.39
N ASN ED 1024 -24.53 -63.73 -20.77
CA ASN ED 1024 -23.86 -62.64 -21.48
C ASN ED 1024 -22.48 -63.02 -22.03
N THR ED 1025 -22.07 -64.28 -21.91
CA THR ED 1025 -20.76 -64.67 -22.41
C THR ED 1025 -20.82 -64.86 -23.92
N PRO ED 1026 -20.01 -64.13 -24.69
CA PRO ED 1026 -20.15 -64.14 -26.16
C PRO ED 1026 -19.51 -65.38 -26.78
N THR ED 1027 -19.68 -65.50 -28.10
CA THR ED 1027 -19.07 -66.56 -28.89
C THR ED 1027 -17.77 -66.03 -29.49
N THR ED 1028 -16.69 -66.77 -29.31
CA THR ED 1028 -15.36 -66.28 -29.65
C THR ED 1028 -15.04 -66.55 -31.12
N VAL ED 1029 -14.05 -65.82 -31.63
CA VAL ED 1029 -13.42 -66.11 -32.92
C VAL ED 1029 -11.92 -66.29 -32.65
N GLU ED 1030 -11.24 -66.95 -33.58
CA GLU ED 1030 -9.86 -67.35 -33.34
C GLU ED 1030 -9.09 -67.46 -34.65
N VAL ED 1031 -7.92 -66.82 -34.69
CA VAL ED 1031 -7.03 -66.96 -35.84
C VAL ED 1031 -6.26 -68.27 -35.74
N TYR ED 1032 -5.73 -68.71 -36.87
CA TYR ED 1032 -4.97 -69.95 -36.94
C TYR ED 1032 -3.51 -69.69 -37.32
N SER ED 1033 -2.67 -70.69 -37.06
CA SER ED 1033 -1.22 -70.52 -37.10
C SER ED 1033 -0.59 -70.87 -38.44
N GLY ED 1034 -1.36 -70.92 -39.52
CA GLY ED 1034 -0.79 -71.19 -40.82
C GLY ED 1034 -1.44 -70.44 -41.96
N THR ED 1035 -2.06 -69.30 -41.67
CA THR ED 1035 -2.85 -68.56 -42.65
C THR ED 1035 -2.07 -67.34 -43.10
N GLY ED 1036 -1.96 -67.17 -44.42
CA GLY ED 1036 -1.38 -65.97 -44.97
C GLY ED 1036 -2.34 -64.80 -44.89
N LEU ED 1037 -1.81 -63.62 -45.22
CA LEU ED 1037 -2.62 -62.41 -45.14
C LEU ED 1037 -2.12 -61.38 -46.15
N GLY ED 1038 -2.99 -60.42 -46.45
CA GLY ED 1038 -2.66 -59.29 -47.27
C GLY ED 1038 -2.71 -58.02 -46.44
N ILE ED 1039 -1.84 -57.08 -46.80
CA ILE ED 1039 -1.68 -55.84 -46.06
C ILE ED 1039 -1.88 -54.68 -47.02
N LEU ED 1040 -2.85 -53.82 -46.72
CA LEU ED 1040 -3.11 -52.64 -47.53
C LEU ED 1040 -2.59 -51.41 -46.80
N PHE ED 1041 -1.78 -50.62 -47.50
CA PHE ED 1041 -0.99 -49.57 -46.87
C PHE ED 1041 -1.82 -48.33 -46.58
N THR ED 1042 -1.33 -47.54 -45.62
CA THR ED 1042 -2.00 -46.36 -45.13
C THR ED 1042 -1.17 -45.09 -45.33
N GLN ED 1043 0.12 -45.13 -45.00
CA GLN ED 1043 0.98 -43.96 -45.10
C GLN ED 1043 2.28 -44.32 -45.82
N ASP ED 1044 3.10 -43.30 -46.04
CA ASP ED 1044 4.36 -43.45 -46.77
C ASP ED 1044 5.54 -43.51 -45.80
N VAL ED 1045 6.61 -44.19 -46.23
CA VAL ED 1045 7.88 -44.24 -45.53
C VAL ED 1045 8.99 -43.94 -46.53
N THR ED 1046 10.24 -44.10 -46.09
CA THR ED 1046 11.38 -43.90 -46.98
C THR ED 1046 12.14 -45.21 -47.21
N MET FD 23 15.26 -77.37 113.89
CA MET FD 23 16.55 -77.42 113.20
C MET FD 23 16.64 -76.34 112.14
N LYS FD 24 15.83 -75.30 112.29
CA LYS FD 24 15.82 -74.19 111.35
C LYS FD 24 16.94 -73.22 111.68
N PHE FD 25 17.58 -72.69 110.64
CA PHE FD 25 18.70 -71.78 110.79
C PHE FD 25 18.26 -70.37 110.40
N LYS FD 26 18.47 -69.43 111.31
CA LYS FD 26 18.06 -68.05 111.10
C LYS FD 26 19.13 -67.11 111.63
N LYS FD 27 19.04 -65.86 111.21
CA LYS FD 27 19.90 -64.79 111.67
C LYS FD 27 19.09 -63.80 112.50
N PRO FD 28 19.73 -63.11 113.45
CA PRO FD 28 18.98 -62.21 114.35
C PRO FD 28 18.37 -60.99 113.66
N PRO FD 29 19.12 -60.16 112.85
CA PRO FD 29 18.46 -58.95 112.35
C PRO FD 29 17.57 -59.26 111.16
N ILE FD 30 16.26 -59.23 111.40
CA ILE FD 30 15.27 -59.42 110.35
C ILE FD 30 14.16 -58.40 110.60
N ASN FD 31 14.12 -57.36 109.77
CA ASN FD 31 13.29 -56.21 110.08
C ASN FD 31 12.35 -55.83 108.95
N ASN FD 32 11.71 -54.68 109.08
CA ASN FD 32 10.86 -54.13 108.03
C ASN FD 32 11.69 -53.75 106.82
N PRO FD 33 11.13 -53.86 105.61
CA PRO FD 33 11.92 -53.56 104.41
C PRO FD 33 12.29 -52.10 104.27
N SER FD 34 13.41 -51.87 103.59
CA SER FD 34 13.97 -50.55 103.39
C SER FD 34 13.55 -50.01 102.03
N ASP FD 35 14.18 -48.91 101.62
CA ASP FD 35 13.99 -48.36 100.29
C ASP FD 35 15.32 -47.97 99.68
N ASP FD 36 15.40 -48.13 98.35
CA ASP FD 36 16.62 -47.89 97.61
C ASP FD 36 17.04 -46.43 97.66
N ALA FD 37 16.08 -45.51 97.72
CA ALA FD 37 16.42 -44.09 97.86
C ALA FD 37 17.08 -43.83 99.20
N THR FD 38 16.59 -44.49 100.26
CA THR FD 38 17.23 -44.39 101.56
C THR FD 38 18.61 -45.03 101.54
N ILE FD 39 18.77 -46.09 100.76
CA ILE FD 39 20.07 -46.74 100.61
C ILE FD 39 21.07 -45.78 99.99
N LYS FD 40 20.66 -45.11 98.91
CA LYS FD 40 21.53 -44.14 98.26
C LYS FD 40 21.76 -42.92 99.15
N LEU FD 41 20.78 -42.58 99.97
CA LEU FD 41 20.94 -41.52 100.96
C LEU FD 41 22.02 -41.88 101.96
N ALA FD 42 22.05 -43.15 102.41
CA ALA FD 42 23.12 -43.61 103.28
C ALA FD 42 24.46 -43.59 102.57
N GLU FD 43 24.46 -43.93 101.26
CA GLU FD 43 25.68 -43.91 100.47
C GLU FD 43 26.29 -42.52 100.40
N ALA FD 44 25.44 -41.51 100.22
CA ALA FD 44 25.94 -40.14 100.26
C ALA FD 44 26.34 -39.73 101.67
N ALA FD 45 25.57 -40.21 102.66
CA ALA FD 45 25.72 -39.76 104.04
C ALA FD 45 27.05 -40.22 104.64
N VAL FD 46 27.46 -41.45 104.32
CA VAL FD 46 28.72 -41.98 104.84
C VAL FD 46 29.89 -41.16 104.33
N SER FD 47 29.88 -40.82 103.04
CA SER FD 47 30.95 -40.04 102.44
C SER FD 47 31.01 -38.64 103.00
N VAL FD 48 29.85 -37.97 103.14
CA VAL FD 48 29.88 -36.60 103.64
C VAL FD 48 30.21 -36.58 105.13
N SER FD 49 29.82 -37.63 105.88
CA SER FD 49 30.17 -37.72 107.28
C SER FD 49 31.65 -37.92 107.48
N ASP FD 50 32.27 -38.78 106.66
CA ASP FD 50 33.71 -38.99 106.75
C ASP FD 50 34.48 -37.76 106.33
N SER FD 51 33.97 -37.03 105.33
CA SER FD 51 34.64 -35.80 104.90
C SER FD 51 34.59 -34.73 105.98
N MET FD 52 33.43 -34.57 106.62
CA MET FD 52 33.32 -33.65 107.74
C MET FD 52 34.21 -34.06 108.90
N LEU FD 53 34.30 -35.37 109.13
CA LEU FD 53 35.14 -35.91 110.20
C LEU FD 53 36.61 -35.59 109.98
N GLU FD 54 37.11 -35.85 108.77
CA GLU FD 54 38.52 -35.59 108.52
C GLU FD 54 38.82 -34.10 108.48
N MET FD 55 37.87 -33.29 107.99
CA MET FD 55 38.11 -31.85 107.93
C MET FD 55 38.14 -31.24 109.32
N ALA FD 56 37.21 -31.65 110.19
CA ALA FD 56 37.25 -31.20 111.57
C ALA FD 56 38.49 -31.72 112.28
N LYS FD 57 38.93 -32.93 111.93
CA LYS FD 57 40.15 -33.50 112.49
C LYS FD 57 41.37 -32.65 112.15
N VAL FD 58 41.56 -32.34 110.87
CA VAL FD 58 42.75 -31.61 110.46
C VAL FD 58 42.68 -30.15 110.92
N GLU FD 59 41.47 -29.57 110.97
CA GLU FD 59 41.34 -28.21 111.43
C GLU FD 59 41.58 -28.11 112.93
N LYS FD 60 41.12 -29.11 113.68
CA LYS FD 60 41.38 -29.16 115.12
C LYS FD 60 42.86 -29.34 115.39
N VAL FD 61 43.53 -30.22 114.65
CA VAL FD 61 44.95 -30.45 114.92
C VAL FD 61 45.82 -29.30 114.41
N ILE FD 62 45.30 -28.44 113.55
CA ILE FD 62 46.08 -27.28 113.12
C ILE FD 62 45.71 -26.01 113.90
N THR FD 63 44.57 -25.99 114.58
CA THR FD 63 44.17 -24.80 115.33
C THR FD 63 44.21 -25.07 116.82
N PRO FD 64 45.01 -24.35 117.59
CA PRO FD 64 45.05 -24.55 119.04
C PRO FD 64 43.85 -23.90 119.71
N PRO FD 65 43.04 -24.67 120.43
CA PRO FD 65 41.92 -24.08 121.17
C PRO FD 65 42.41 -23.31 122.38
N SER FD 66 41.62 -22.31 122.78
CA SER FD 66 42.02 -21.44 123.88
C SER FD 66 41.00 -21.35 125.00
N LYS FD 67 39.70 -21.25 124.69
CA LYS FD 67 38.73 -20.85 125.69
C LYS FD 67 37.44 -21.63 125.55
N ASP FD 68 36.63 -21.56 126.59
CA ASP FD 68 35.35 -22.24 126.69
C ASP FD 68 34.31 -21.26 127.22
N ASN FD 69 33.09 -21.34 126.68
CA ASN FD 69 32.04 -20.39 127.00
C ASN FD 69 31.34 -20.69 128.33
N THR FD 70 31.81 -21.70 129.08
CA THR FD 70 31.29 -21.95 130.41
C THR FD 70 31.58 -20.78 131.35
N LEU FD 71 32.71 -20.11 131.14
CA LEU FD 71 33.00 -18.88 131.87
C LEU FD 71 31.99 -17.79 131.52
N THR FD 72 31.63 -17.68 130.24
CA THR FD 72 30.68 -16.67 129.81
C THR FD 72 29.30 -16.92 130.37
N ILE FD 73 28.85 -18.16 130.35
CA ILE FD 73 27.54 -18.49 130.91
C ILE FD 73 27.67 -19.62 131.92
N PRO FD 74 28.08 -19.33 133.15
CA PRO FD 74 28.08 -20.38 134.18
C PRO FD 74 26.67 -20.68 134.66
N ASN FD 75 26.51 -21.89 135.19
CA ASN FD 75 25.22 -22.31 135.71
C ASN FD 75 25.03 -21.79 137.13
N ALA FD 76 23.80 -21.93 137.62
CA ALA FD 76 23.46 -21.53 138.97
C ALA FD 76 22.27 -22.37 139.42
N TYR FD 77 21.68 -21.99 140.55
CA TYR FD 77 20.38 -22.57 140.89
C TYR FD 77 19.31 -21.91 140.03
N ASN FD 78 18.11 -22.52 140.04
CA ASN FD 78 16.99 -22.36 139.11
C ASN FD 78 17.49 -22.24 137.68
N LEU FD 79 18.41 -23.13 137.32
CA LEU FD 79 19.00 -23.17 136.00
C LEU FD 79 19.19 -24.61 135.54
N GLN FD 80 18.67 -25.58 136.28
CA GLN FD 80 18.84 -26.99 135.96
C GLN FD 80 17.54 -27.65 135.56
N ALA FD 81 16.47 -26.88 135.40
CA ALA FD 81 15.22 -27.42 134.88
C ALA FD 81 15.41 -27.85 133.44
N ARG FD 82 14.80 -28.95 133.05
CA ARG FD 82 15.20 -29.58 131.80
C ARG FD 82 14.20 -29.27 130.69
N ALA FD 83 14.62 -29.56 129.46
CA ALA FD 83 13.82 -29.24 128.30
C ALA FD 83 14.21 -30.14 127.15
N SER FD 84 13.23 -30.51 126.34
CA SER FD 84 13.48 -31.12 125.04
C SER FD 84 12.90 -30.21 123.98
N VAL FD 85 13.71 -29.85 122.99
CA VAL FD 85 13.34 -28.80 122.05
C VAL FD 85 13.68 -29.21 120.64
N ASP FD 86 12.99 -28.58 119.70
CA ASP FD 86 13.28 -28.69 118.28
C ASP FD 86 12.85 -27.37 117.62
N TRP FD 87 13.81 -26.69 117.00
CA TRP FD 87 13.56 -25.37 116.46
C TRP FD 87 14.27 -25.25 115.12
N SER FD 88 13.62 -24.60 114.16
CA SER FD 88 14.19 -24.44 112.83
C SER FD 88 13.87 -23.05 112.29
N GLY FD 89 14.09 -22.02 113.10
CA GLY FD 89 13.81 -20.67 112.68
C GLY FD 89 14.78 -19.65 113.24
N PRO FD 90 14.28 -18.45 113.52
CA PRO FD 90 15.15 -17.39 114.06
C PRO FD 90 15.50 -17.58 115.53
N ILE FD 91 16.17 -16.59 116.10
CA ILE FD 91 16.83 -16.73 117.40
C ILE FD 91 16.02 -16.09 118.52
N GLU FD 92 15.53 -14.87 118.28
CA GLU FD 92 15.07 -14.01 119.36
C GLU FD 92 13.80 -14.51 120.03
N GLU FD 93 12.89 -15.12 119.27
CA GLU FD 93 11.68 -15.69 119.86
C GLU FD 93 12.02 -16.85 120.79
N LEU FD 94 12.96 -17.70 120.38
CA LEU FD 94 13.37 -18.82 121.21
C LEU FD 94 14.10 -18.34 122.47
N THR FD 95 14.94 -17.31 122.34
CA THR FD 95 15.63 -16.78 123.50
C THR FD 95 14.67 -16.10 124.47
N ALA FD 96 13.64 -15.42 123.95
CA ALA FD 96 12.63 -14.84 124.82
C ALA FD 96 11.82 -15.91 125.52
N ARG FD 97 11.53 -17.02 124.81
CA ARG FD 97 10.81 -18.14 125.43
C ARG FD 97 11.59 -18.73 126.58
N ILE FD 98 12.88 -18.98 126.38
CA ILE FD 98 13.64 -19.57 127.48
C ILE FD 98 13.95 -18.56 128.57
N ALA FD 99 13.98 -17.26 128.27
CA ALA FD 99 14.12 -16.26 129.32
C ALA FD 99 12.87 -16.20 130.18
N LYS FD 100 11.70 -16.31 129.56
CA LYS FD 100 10.45 -16.38 130.31
C LYS FD 100 10.39 -17.66 131.13
N ALA FD 101 10.95 -18.74 130.62
CA ALA FD 101 11.05 -19.98 131.39
C ALA FD 101 11.96 -19.80 132.60
N ALA FD 102 13.08 -19.12 132.42
CA ALA FD 102 14.05 -18.96 133.49
C ALA FD 102 13.70 -17.84 134.46
N HIS FD 103 12.64 -17.07 134.17
CA HIS FD 103 12.24 -15.88 134.93
C HIS FD 103 13.38 -14.87 135.00
N PHE FD 104 14.07 -14.71 133.88
CA PHE FD 104 15.22 -13.83 133.81
C PHE FD 104 14.92 -12.67 132.87
N ARG FD 105 15.47 -11.51 133.20
CA ARG FD 105 15.31 -10.34 132.36
C ARG FD 105 16.10 -10.53 131.05
N PHE FD 106 15.56 -9.98 129.98
CA PHE FD 106 16.07 -10.22 128.64
C PHE FD 106 16.58 -8.92 128.05
N ARG FD 107 17.78 -8.96 127.49
CA ARG FD 107 18.40 -7.77 126.91
C ARG FD 107 18.97 -8.07 125.53
N VAL FD 108 18.83 -7.10 124.64
CA VAL FD 108 19.37 -7.17 123.29
C VAL FD 108 20.27 -5.96 123.06
N LEU FD 109 21.44 -6.20 122.48
CA LEU FD 109 22.40 -5.14 122.21
C LEU FD 109 22.71 -5.09 120.73
N GLY FD 110 22.74 -3.88 120.19
CA GLY FD 110 23.04 -3.67 118.79
C GLY FD 110 21.83 -3.87 117.90
N LYS FD 111 21.98 -3.41 116.66
CA LYS FD 111 20.92 -3.55 115.67
C LYS FD 111 20.85 -4.98 115.16
N SER FD 112 19.63 -5.45 114.94
CA SER FD 112 19.46 -6.70 114.23
C SER FD 112 19.81 -6.50 112.77
N PRO FD 113 20.52 -7.44 112.14
CA PRO FD 113 20.79 -7.31 110.71
C PRO FD 113 19.54 -7.54 109.90
N SER FD 114 19.54 -6.97 108.69
CA SER FD 114 18.41 -7.12 107.79
C SER FD 114 18.25 -8.57 107.36
N VAL FD 115 19.34 -9.24 107.06
CA VAL FD 115 19.27 -10.69 106.86
C VAL FD 115 19.05 -11.36 108.20
N PRO FD 116 18.02 -12.19 108.35
CA PRO FD 116 17.78 -12.83 109.65
C PRO FD 116 18.81 -13.91 109.94
N VAL FD 117 18.97 -14.19 111.22
CA VAL FD 117 19.88 -15.23 111.70
C VAL FD 117 19.04 -16.43 112.09
N LEU FD 118 19.37 -17.58 111.51
CA LEU FD 118 18.54 -18.77 111.61
C LEU FD 118 19.20 -19.81 112.49
N ILE FD 119 18.40 -20.46 113.33
CA ILE FD 119 18.86 -21.49 114.25
C ILE FD 119 18.12 -22.78 113.92
N SER FD 120 18.87 -23.87 113.75
CA SER FD 120 18.30 -25.18 113.52
C SER FD 120 18.91 -26.12 114.56
N ILE FD 121 18.21 -26.33 115.67
CA ILE FD 121 18.69 -27.18 116.76
C ILE FD 121 17.60 -28.17 117.12
N SER FD 122 17.94 -29.45 117.09
CA SER FD 122 17.03 -30.53 117.47
C SER FD 122 17.73 -31.40 118.52
N THR FD 123 17.44 -31.15 119.78
CA THR FD 123 18.04 -31.89 120.88
C THR FD 123 16.94 -32.60 121.67
N LYS FD 124 17.31 -33.20 122.79
CA LYS FD 124 16.37 -34.03 123.54
C LYS FD 124 16.80 -34.11 124.99
N ASP FD 125 15.88 -33.72 125.90
CA ASP FD 125 15.97 -33.71 127.36
C ASP FD 125 17.31 -33.22 127.94
N GLU FD 126 17.87 -32.16 127.35
CA GLU FD 126 19.03 -31.53 127.96
C GLU FD 126 18.58 -30.51 129.01
N SER FD 127 19.54 -29.77 129.55
CA SER FD 127 19.27 -28.70 130.49
C SER FD 127 19.79 -27.37 129.95
N LEU FD 128 19.57 -26.33 130.74
CA LEU FD 128 19.60 -24.96 130.24
C LEU FD 128 21.01 -24.52 129.89
N ALA FD 129 22.00 -24.92 130.69
CA ALA FD 129 23.36 -24.45 130.48
C ALA FD 129 23.96 -25.03 129.20
N GLU FD 130 23.84 -26.35 129.02
CA GLU FD 130 24.35 -26.96 127.81
C GLU FD 130 23.53 -26.57 126.59
N ILE FD 131 22.23 -26.33 126.76
CA ILE FD 131 21.41 -25.85 125.66
C ILE FD 131 21.87 -24.45 125.23
N LEU FD 132 22.17 -23.58 126.19
CA LEU FD 132 22.63 -22.24 125.88
C LEU FD 132 24.00 -22.26 125.22
N ARG FD 133 24.89 -23.15 125.68
CA ARG FD 133 26.21 -23.24 125.06
C ARG FD 133 26.11 -23.79 123.64
N ASP FD 134 25.19 -24.74 123.42
CA ASP FD 134 24.95 -25.24 122.07
C ASP FD 134 24.40 -24.15 121.16
N ILE FD 135 23.49 -23.33 121.67
CA ILE FD 135 22.94 -22.22 120.90
C ILE FD 135 24.03 -21.19 120.58
N ASP FD 136 24.91 -20.94 121.55
CA ASP FD 136 25.99 -19.99 121.37
C ASP FD 136 26.97 -20.45 120.30
N TYR FD 137 27.34 -21.73 120.34
CA TYR FD 137 28.25 -22.24 119.32
C TYR FD 137 27.56 -22.39 117.97
N GLN FD 138 26.24 -22.58 117.97
CA GLN FD 138 25.49 -22.55 116.72
C GLN FD 138 25.52 -21.17 116.10
N ALA FD 139 25.37 -20.13 116.92
CA ALA FD 139 25.42 -18.76 116.41
C ALA FD 139 26.80 -18.40 115.91
N GLY FD 140 27.82 -18.66 116.72
CA GLY FD 140 29.19 -18.45 116.31
C GLY FD 140 29.58 -17.00 116.10
N LYS FD 141 29.78 -16.62 114.84
CA LYS FD 141 30.29 -15.29 114.52
C LYS FD 141 29.23 -14.21 114.67
N LYS FD 142 27.95 -14.56 114.53
CA LYS FD 142 26.92 -13.55 114.32
C LYS FD 142 26.57 -12.81 115.61
N ALA FD 143 26.57 -13.50 116.74
CA ALA FD 143 26.10 -12.89 117.97
C ALA FD 143 26.81 -13.53 119.16
N SER FD 144 26.65 -12.89 120.31
CA SER FD 144 27.21 -13.40 121.56
C SER FD 144 26.14 -13.38 122.63
N ILE FD 145 26.23 -14.33 123.55
CA ILE FD 145 25.27 -14.52 124.62
C ILE FD 145 26.03 -14.44 125.94
N HIS FD 146 25.54 -13.60 126.86
CA HIS FD 146 26.16 -13.42 128.16
C HIS FD 146 25.09 -13.47 129.23
N VAL FD 147 25.50 -13.86 130.44
CA VAL FD 147 24.59 -13.94 131.56
C VAL FD 147 25.17 -13.13 132.70
N TYR FD 148 24.28 -12.61 133.54
CA TYR FD 148 24.65 -12.01 134.82
C TYR FD 148 23.63 -12.52 135.82
N PRO FD 149 23.99 -13.58 136.57
CA PRO FD 149 23.04 -14.14 137.54
C PRO FD 149 22.86 -13.28 138.76
N ASN FD 150 23.80 -12.36 139.02
CA ASN FD 150 23.60 -11.38 140.08
C ASN FD 150 22.43 -10.47 139.77
N SER FD 151 22.31 -10.05 138.51
CA SER FD 151 21.17 -9.27 138.06
C SER FD 151 20.09 -10.11 137.41
N GLN FD 152 20.35 -11.42 137.22
CA GLN FD 152 19.41 -12.38 136.62
C GLN FD 152 19.01 -11.95 135.22
N VAL FD 153 20.00 -11.58 134.42
CA VAL FD 153 19.79 -11.01 133.10
C VAL FD 153 20.53 -11.86 132.08
N VAL FD 154 19.81 -12.28 131.04
CA VAL FD 154 20.41 -12.89 129.85
C VAL FD 154 20.42 -11.84 128.75
N GLU FD 155 21.56 -11.65 128.12
CA GLU FD 155 21.73 -10.61 127.10
C GLU FD 155 22.35 -11.23 125.86
N LEU FD 156 21.79 -10.92 124.70
CA LEU FD 156 22.45 -11.25 123.44
C LEU FD 156 22.81 -9.98 122.69
N ARG FD 157 24.02 -9.97 122.13
CA ARG FD 157 24.54 -8.82 121.42
C ARG FD 157 24.86 -9.22 119.99
N TYR FD 158 24.39 -8.42 119.04
CA TYR FD 158 24.71 -8.64 117.64
C TYR FD 158 26.16 -8.24 117.36
N ALA FD 159 26.72 -8.80 116.30
CA ALA FD 159 28.10 -8.51 115.94
C ALA FD 159 28.22 -7.15 115.28
N LYS FD 160 29.28 -6.44 115.64
CA LYS FD 160 29.68 -5.25 114.89
C LYS FD 160 30.35 -5.70 113.59
N ILE FD 161 29.82 -5.23 112.47
CA ILE FD 161 30.25 -5.71 111.16
C ILE FD 161 29.95 -4.60 110.16
N TYR FD 162 30.58 -4.70 108.99
CA TYR FD 162 30.48 -3.76 107.86
C TYR FD 162 30.98 -2.37 108.28
N ARG GD 207 87.93 -13.08 70.42
CA ARG GD 207 86.74 -12.43 70.98
C ARG GD 207 85.94 -11.76 69.87
N ILE GD 208 85.04 -10.85 70.25
CA ILE GD 208 84.18 -10.18 69.27
C ILE GD 208 84.98 -9.12 68.54
N ILE GD 209 84.96 -9.18 67.21
CA ILE GD 209 85.77 -8.31 66.36
C ILE GD 209 84.85 -7.31 65.69
N TYR GD 210 85.17 -6.02 65.84
CA TYR GD 210 84.48 -4.96 65.12
C TYR GD 210 85.35 -4.52 63.96
N TYR GD 211 84.80 -4.58 62.75
CA TYR GD 211 85.49 -4.18 61.54
C TYR GD 211 84.74 -3.04 60.87
N ILE GD 212 85.43 -2.36 59.96
CA ILE GD 212 84.85 -1.20 59.28
C ILE GD 212 83.82 -1.69 58.27
N GLN GD 213 82.59 -1.18 58.39
CA GLN GD 213 81.58 -1.38 57.37
C GLN GD 213 81.42 -0.14 56.48
N ALA GD 214 81.37 1.04 57.09
CA ALA GD 214 81.28 2.28 56.33
C ALA GD 214 82.01 3.37 57.09
N VAL GD 215 82.85 4.12 56.39
CA VAL GD 215 83.62 5.20 56.99
C VAL GD 215 83.42 6.47 56.17
N ILE GD 216 82.88 7.50 56.81
CA ILE GD 216 82.77 8.83 56.23
C ILE GD 216 83.52 9.75 57.19
N PRO GD 217 83.79 11.02 56.83
CA PRO GD 217 84.19 11.98 57.86
C PRO GD 217 83.10 12.16 58.90
N GLY GD 218 83.50 12.14 60.17
CA GLY GD 218 82.55 12.30 61.25
C GLY GD 218 82.01 11.00 61.82
N ARG GD 219 81.36 10.19 60.98
CA ARG GD 219 80.71 8.97 61.43
C ARG GD 219 81.45 7.75 60.92
N ALA GD 220 81.44 6.68 61.72
CA ALA GD 220 82.09 5.43 61.34
C ALA GD 220 81.17 4.27 61.67
N TRP GD 221 80.88 3.42 60.70
CA TRP GD 221 80.02 2.27 60.90
C TRP GD 221 80.87 1.03 61.10
N LEU GD 222 80.67 0.36 62.24
CA LEU GD 222 81.42 -0.82 62.62
C LEU GD 222 80.49 -1.99 62.82
N ILE GD 223 80.87 -3.14 62.27
CA ILE GD 223 80.10 -4.38 62.35
C ILE GD 223 80.84 -5.32 63.29
N GLY GD 224 80.14 -5.79 64.32
CA GLY GD 224 80.72 -6.71 65.27
C GLY GD 224 80.76 -8.13 64.74
N SER GD 225 81.34 -9.02 65.55
CA SER GD 225 81.38 -10.43 65.20
C SER GD 225 79.99 -11.05 65.29
N ASN GD 226 79.17 -10.61 66.23
CA ASN GD 226 77.84 -11.13 66.44
C ASN GD 226 76.77 -10.44 65.60
N GLY GD 227 77.15 -9.46 64.78
CA GLY GD 227 76.20 -8.68 64.03
C GLY GD 227 75.93 -7.29 64.58
N SER GD 228 76.65 -6.88 65.61
CA SER GD 228 76.46 -5.56 66.20
C SER GD 228 77.09 -4.51 65.29
N THR GD 229 76.24 -3.74 64.61
CA THR GD 229 76.69 -2.67 63.72
C THR GD 229 76.19 -1.34 64.26
N LEU GD 230 77.09 -0.37 64.35
CA LEU GD 230 76.70 0.94 64.83
C LEU GD 230 77.60 2.01 64.22
N THR GD 231 77.09 3.24 64.19
CA THR GD 231 77.85 4.40 63.79
C THR GD 231 78.31 5.16 65.02
N VAL GD 232 79.57 5.60 64.98
CA VAL GD 232 80.20 6.27 66.12
C VAL GD 232 80.90 7.53 65.64
N ARG GD 233 81.25 8.37 66.61
CA ARG GD 233 82.00 9.60 66.43
C ARG GD 233 83.32 9.48 67.18
N GLU GD 234 84.06 10.59 67.25
CA GLU GD 234 85.31 10.62 68.00
C GLU GD 234 85.09 10.42 69.49
N GLY GD 235 84.07 11.06 70.06
CA GLY GD 235 83.79 10.86 71.46
C GLY GD 235 82.76 9.77 71.70
N SER GD 236 83.23 8.55 71.99
CA SER GD 236 82.34 7.42 72.21
C SER GD 236 83.09 6.35 72.98
N LYS GD 237 82.31 5.44 73.58
CA LYS GD 237 82.83 4.28 74.30
C LYS GD 237 82.45 3.02 73.52
N ILE GD 238 83.42 2.13 73.35
CA ILE GD 238 83.25 0.94 72.52
C ILE GD 238 83.57 -0.30 73.33
N PRO GD 239 82.66 -1.28 73.42
CA PRO GD 239 83.02 -2.56 74.05
C PRO GD 239 83.98 -3.35 73.18
N GLY GD 240 84.95 -4.00 73.85
CA GLY GD 240 85.99 -4.72 73.17
C GLY GD 240 87.17 -3.87 72.75
N TYR GD 241 87.03 -2.54 72.80
CA TYR GD 241 88.11 -1.63 72.46
C TYR GD 241 88.25 -0.47 73.43
N GLY GD 242 87.31 -0.30 74.35
CA GLY GD 242 87.40 0.77 75.35
C GLY GD 242 86.78 2.07 74.84
N MET GD 243 87.63 3.00 74.42
CA MET GD 243 87.20 4.33 74.01
C MET GD 243 87.70 4.62 72.61
N VAL GD 244 87.05 5.59 71.97
CA VAL GD 244 87.39 5.98 70.60
C VAL GD 244 88.40 7.11 70.64
N LYS GD 245 89.57 6.89 70.04
CA LYS GD 245 90.66 7.86 70.09
C LYS GD 245 90.91 8.57 68.77
N LEU GD 246 90.83 7.89 67.64
CA LEU GD 246 91.12 8.53 66.36
C LEU GD 246 90.42 7.77 65.23
N ILE GD 247 89.61 8.48 64.45
CA ILE GD 247 88.94 7.94 63.28
C ILE GD 247 89.43 8.69 62.06
N ASP GD 248 89.99 7.95 61.10
CA ASP GD 248 90.46 8.53 59.84
C ASP GD 248 89.67 7.91 58.70
N SER GD 249 89.16 8.77 57.80
CA SER GD 249 88.39 8.28 56.67
C SER GD 249 89.26 7.52 55.68
N LEU GD 250 90.39 8.11 55.29
CA LEU GD 250 91.26 7.47 54.34
C LEU GD 250 92.07 6.36 55.01
N GLN GD 251 92.50 5.40 54.20
CA GLN GD 251 93.38 4.27 54.53
C GLN GD 251 92.75 3.28 55.51
N GLY GD 252 91.48 3.45 55.86
CA GLY GD 252 90.78 2.51 56.73
C GLY GD 252 91.31 2.44 58.14
N ARG GD 253 91.99 3.47 58.61
CA ARG GD 253 92.66 3.44 59.90
C ARG GD 253 91.77 4.09 60.96
N ILE GD 254 91.38 3.30 61.96
CA ILE GD 254 90.64 3.78 63.11
C ILE GD 254 91.41 3.39 64.35
N LEU GD 255 91.77 4.37 65.16
CA LEU GD 255 92.60 4.15 66.34
C LEU GD 255 91.75 4.38 67.58
N THR GD 256 91.67 3.38 68.44
CA THR GD 256 90.85 3.40 69.63
C THR GD 256 91.73 3.58 70.87
N SER GD 257 91.12 3.46 72.04
CA SER GD 257 91.88 3.48 73.28
C SER GD 257 92.77 2.24 73.41
N SER GD 258 92.26 1.09 72.98
CA SER GD 258 93.04 -0.15 73.04
C SER GD 258 94.08 -0.23 71.95
N GLY GD 259 94.04 0.65 70.94
CA GLY GD 259 95.03 0.63 69.88
C GLY GD 259 94.89 -0.50 68.89
N GLN GD 260 93.76 -1.19 68.88
CA GLN GD 260 93.57 -2.34 68.00
C GLN GD 260 93.09 -1.88 66.63
N VAL GD 261 93.48 -2.63 65.60
CA VAL GD 261 93.23 -2.25 64.22
C VAL GD 261 91.77 -2.55 63.88
N ILE GD 262 91.06 -1.55 63.40
CA ILE GD 262 89.72 -1.71 62.85
C ILE GD 262 89.75 -1.24 61.40
N LYS GD 263 89.50 -2.15 60.48
CA LYS GD 263 89.57 -1.86 59.05
C LYS GD 263 88.72 -2.89 58.32
N PHE GD 264 88.95 -3.03 57.03
CA PHE GD 264 88.36 -4.13 56.27
C PHE GD 264 89.10 -5.43 56.59
N SER GD 265 88.43 -6.54 56.35
CA SER GD 265 89.06 -7.83 56.56
C SER GD 265 89.99 -8.16 55.40
N GLN GD 266 90.75 -9.24 55.55
CA GLN GD 266 91.55 -9.74 54.44
C GLN GD 266 90.67 -10.35 53.36
N GLU GD 267 89.71 -11.20 53.75
CA GLU GD 267 88.79 -11.78 52.80
C GLU GD 267 87.63 -10.86 52.48
N ASP GD 268 87.41 -9.82 53.29
CA ASP GD 268 86.36 -8.83 53.07
C ASP GD 268 87.05 -7.48 52.99
N SER GD 269 87.50 -7.12 51.79
CA SER GD 269 88.22 -5.88 51.58
C SER GD 269 87.69 -5.13 50.37
N GLN HD 791 112.95 28.68 28.04
CA GLN HD 791 112.23 29.52 29.00
C GLN HD 791 110.85 29.93 28.47
N GLN HD 792 110.82 30.40 27.22
CA GLN HD 792 109.58 30.83 26.60
C GLN HD 792 108.71 29.69 26.13
N GLU HD 793 109.22 28.45 26.20
CA GLU HD 793 108.50 27.27 25.71
C GLU HD 793 107.46 26.77 26.70
N ILE HD 794 107.35 27.41 27.87
CA ILE HD 794 106.40 26.97 28.89
C ILE HD 794 104.96 27.13 28.41
N GLN HD 795 104.61 28.32 27.91
CA GLN HD 795 103.23 28.67 27.63
C GLN HD 795 102.65 27.86 26.48
N GLN HD 796 103.45 27.65 25.43
CA GLN HD 796 103.02 26.78 24.34
C GLN HD 796 102.93 25.32 24.78
N ARG HD 797 103.68 24.94 25.80
CA ARG HD 797 103.52 23.62 26.40
C ARG HD 797 102.50 23.61 27.53
N THR HD 798 102.02 24.77 27.95
CA THR HD 798 101.01 24.84 29.01
C THR HD 798 99.60 24.86 28.46
N SER HD 799 99.38 25.65 27.40
CA SER HD 799 98.04 25.89 26.89
C SER HD 799 97.45 24.63 26.26
N ASP HD 800 98.24 23.93 25.44
CA ASP HD 800 97.77 22.69 24.84
C ASP HD 800 97.60 21.59 25.87
N MET HD 801 98.43 21.60 26.91
CA MET HD 801 98.27 20.65 28.00
C MET HD 801 97.01 20.94 28.81
N LEU HD 802 96.70 22.23 28.99
CA LEU HD 802 95.51 22.61 29.74
C LEU HD 802 94.24 22.24 29.02
N THR HD 803 94.21 22.45 27.69
CA THR HD 803 93.02 22.11 26.91
C THR HD 803 92.81 20.62 26.84
N ALA HD 804 93.90 19.85 26.73
CA ALA HD 804 93.79 18.40 26.72
C ALA HD 804 93.33 17.86 28.06
N ALA HD 805 93.74 18.53 29.14
CA ALA HD 805 93.29 18.13 30.47
C ALA HD 805 91.80 18.36 30.65
N THR HD 806 91.29 19.49 30.14
CA THR HD 806 89.85 19.70 30.08
C THR HD 806 89.20 18.69 29.16
N GLN HD 807 89.86 18.39 28.03
CA GLN HD 807 89.38 17.37 27.11
C GLN HD 807 89.36 16.00 27.78
N LEU HD 808 90.37 15.72 28.60
CA LEU HD 808 90.37 14.48 29.38
C LEU HD 808 89.26 14.48 30.42
N VAL HD 809 89.06 15.59 31.12
CA VAL HD 809 88.05 15.63 32.17
C VAL HD 809 86.66 15.80 31.59
N GLN HD 810 86.55 16.19 30.32
CA GLN HD 810 85.25 16.25 29.67
C GLN HD 810 84.62 14.88 29.58
N ASP HD 811 85.42 13.86 29.31
CA ASP HD 811 84.91 12.50 29.23
C ASP HD 811 84.71 11.86 30.59
N TRP HD 812 85.26 12.45 31.66
CA TRP HD 812 85.08 11.91 32.99
C TRP HD 812 83.97 12.59 33.77
N LYS HD 813 83.39 13.67 33.22
CA LYS HD 813 82.29 14.32 33.91
C LYS HD 813 81.00 13.53 33.79
N GLN HD 814 80.73 12.97 32.61
CA GLN HD 814 79.44 12.34 32.37
C GLN HD 814 79.46 10.87 32.75
N VAL HD 815 78.26 10.32 32.96
CA VAL HD 815 78.04 8.90 33.11
C VAL HD 815 76.63 8.60 32.60
N GLU HD 816 76.52 7.68 31.66
CA GLU HD 816 75.21 7.42 31.09
C GLU HD 816 74.38 6.51 32.00
N THR HD 817 73.08 6.51 31.75
CA THR HD 817 72.17 5.70 32.54
C THR HD 817 72.18 4.27 32.05
N GLN HD 818 72.05 3.33 32.98
CA GLN HD 818 71.75 1.96 32.62
C GLN HD 818 70.34 1.88 32.02
N VAL HD 819 70.16 0.93 31.11
CA VAL HD 819 68.85 0.71 30.52
C VAL HD 819 68.28 -0.59 31.07
N TYR HD 820 66.96 -0.70 31.02
CA TYR HD 820 66.25 -1.86 31.53
C TYR HD 820 65.42 -2.47 30.42
N THR HD 821 65.41 -3.80 30.36
CA THR HD 821 64.71 -4.54 29.32
C THR HD 821 63.61 -5.39 29.94
N GLU HD 822 62.82 -6.01 29.09
CA GLU HD 822 61.65 -6.76 29.56
C GLU HD 822 61.38 -7.94 28.63
N GLY HD 823 60.59 -8.88 29.13
CA GLY HD 823 60.22 -10.05 28.37
C GLY HD 823 58.78 -10.46 28.57
N THR HD 824 58.44 -11.69 28.22
CA THR HD 824 57.08 -12.20 28.35
C THR HD 824 57.08 -13.68 28.70
N ALA ID 104 117.84 11.81 -19.33
CA ALA ID 104 116.41 12.05 -19.36
C ALA ID 104 115.66 10.97 -18.59
N GLU ID 105 116.39 10.27 -17.72
CA GLU ID 105 115.86 9.11 -17.03
C GLU ID 105 116.01 9.27 -15.51
N VAL ID 106 117.13 9.87 -15.10
CA VAL ID 106 117.41 10.04 -13.68
C VAL ID 106 116.45 11.05 -13.06
N ILE ID 107 115.96 11.99 -13.85
CA ILE ID 107 114.98 12.96 -13.36
C ILE ID 107 113.66 12.27 -13.04
N ASP ID 108 113.22 11.37 -13.91
CA ASP ID 108 111.99 10.62 -13.67
C ASP ID 108 112.17 9.64 -12.50
N LYS ID 109 113.36 9.06 -12.37
CA LYS ID 109 113.65 8.17 -11.24
C LYS ID 109 113.62 8.93 -9.92
N LYS ID 110 114.23 10.12 -9.88
CA LYS ID 110 114.22 10.92 -8.65
C LYS ID 110 112.83 11.44 -8.34
N ALA ID 111 112.04 11.77 -9.37
CA ALA ID 111 110.67 12.21 -9.15
C ALA ID 111 109.81 11.07 -8.60
N PHE ID 112 110.03 9.84 -9.06
CA PHE ID 112 109.33 8.71 -8.47
C PHE ID 112 109.78 8.45 -7.05
N LYS ID 113 111.07 8.69 -6.76
CA LYS ID 113 111.55 8.56 -5.39
C LYS ID 113 110.88 9.57 -4.46
N ASP ID 114 110.72 10.80 -4.95
CA ASP ID 114 109.97 11.82 -4.22
C ASP ID 114 108.51 11.41 -4.05
N MET ID 115 107.96 10.76 -5.07
CA MET ID 115 106.58 10.27 -5.00
C MET ID 115 106.41 9.21 -3.92
N THR ID 116 107.37 8.27 -3.87
CA THR ID 116 107.30 7.19 -2.90
C THR ID 116 107.48 7.72 -1.48
N ARG ID 117 108.33 8.74 -1.31
CA ARG ID 117 108.48 9.30 0.03
C ARG ID 117 107.41 10.34 0.38
N ASN ID 118 106.62 10.79 -0.59
CA ASN ID 118 105.63 11.83 -0.30
C ASN ID 118 104.20 11.34 -0.22
N LEU ID 119 103.81 10.34 -1.02
CA LEU ID 119 102.43 9.87 -0.98
C LEU ID 119 102.14 9.14 0.32
N TYR ID 120 103.11 8.37 0.81
CA TYR ID 120 103.06 7.80 2.16
C TYR ID 120 104.18 8.44 2.96
N PRO ID 121 103.91 9.54 3.67
CA PRO ID 121 104.95 10.16 4.49
C PRO ID 121 105.26 9.41 5.77
N LEU ID 122 104.49 8.38 6.11
CA LEU ID 122 104.68 7.63 7.34
C LEU ID 122 105.06 6.19 7.00
N ASN ID 123 106.14 5.70 7.61
CA ASN ID 123 106.55 4.33 7.44
C ASN ID 123 105.65 3.40 8.25
N PRO ID 124 105.53 2.13 7.82
CA PRO ID 124 104.74 1.16 8.61
C PRO ID 124 105.24 0.94 10.02
N GLU ID 125 106.55 1.04 10.25
CA GLU ID 125 107.08 0.97 11.60
C GLU ID 125 106.60 2.15 12.45
N GLN ID 126 106.53 3.34 11.85
CA GLN ID 126 105.98 4.50 12.53
C GLN ID 126 104.48 4.32 12.80
N VAL ID 127 103.78 3.66 11.87
CA VAL ID 127 102.37 3.35 12.06
C VAL ID 127 102.18 2.41 13.25
N VAL ID 128 103.02 1.38 13.34
CA VAL ID 128 102.94 0.42 14.44
C VAL ID 128 103.28 1.09 15.78
N LYS ID 129 104.32 1.94 15.80
CA LYS ID 129 104.70 2.63 17.02
C LYS ID 129 103.63 3.62 17.46
N LEU ID 130 103.01 4.33 16.51
CA LEU ID 130 101.96 5.26 16.87
C LEU ID 130 100.71 4.53 17.33
N LYS ID 131 100.41 3.36 16.76
CA LYS ID 131 99.30 2.56 17.26
C LYS ID 131 99.58 2.07 18.67
N GLN ID 132 100.84 1.71 18.95
CA GLN ID 132 101.22 1.28 20.29
C GLN ID 132 101.07 2.40 21.31
N ILE ID 133 101.54 3.59 20.97
CA ILE ID 133 101.48 4.68 21.94
C ILE ID 133 100.05 5.19 22.09
N TYR ID 134 99.23 5.09 21.03
CA TYR ID 134 97.81 5.41 21.17
C TYR ID 134 97.10 4.42 22.07
N GLU ID 135 97.42 3.12 21.92
CA GLU ID 135 96.83 2.10 22.79
C GLU ID 135 97.23 2.32 24.24
N THR ID 136 98.50 2.67 24.48
CA THR ID 136 98.96 2.97 25.83
C THR ID 136 98.25 4.21 26.40
N SER ID 137 98.02 5.21 25.55
CA SER ID 137 97.33 6.42 25.99
C SER ID 137 95.89 6.15 26.39
N GLU ID 138 95.16 5.37 25.58
CA GLU ID 138 93.79 5.05 25.98
C GLU ID 138 93.73 4.04 27.12
N TYR ID 139 94.77 3.21 27.30
CA TYR ID 139 94.83 2.36 28.48
C TYR ID 139 95.01 3.18 29.75
N ALA ID 140 95.87 4.20 29.68
CA ALA ID 140 96.02 5.12 30.81
C ALA ID 140 94.75 5.95 31.03
N LYS ID 141 94.04 6.25 29.96
CA LYS ID 141 92.77 6.95 30.08
C LYS ID 141 91.71 6.09 30.76
N ALA ID 142 91.65 4.81 30.39
CA ALA ID 142 90.62 3.90 30.88
C ALA ID 142 91.05 3.13 32.13
N ALA ID 143 92.24 3.40 32.66
CA ALA ID 143 92.69 2.72 33.87
C ALA ID 143 91.88 3.18 35.08
N THR ID 144 91.58 2.22 35.97
CA THR ID 144 90.84 2.49 37.20
C THR ID 144 91.81 2.92 38.31
N PRO ID 145 91.57 4.05 38.96
CA PRO ID 145 92.52 4.53 39.96
C PRO ID 145 92.34 3.84 41.31
N GLY ID 146 93.47 3.69 42.01
CA GLY ID 146 93.46 3.17 43.36
C GLY ID 146 93.07 1.71 43.43
N THR ID 147 92.46 1.34 44.55
CA THR ID 147 92.02 -0.03 44.75
C THR ID 147 90.60 -0.20 44.22
N PRO ID 148 90.36 -1.14 43.30
CA PRO ID 148 88.99 -1.51 42.96
C PRO ID 148 88.30 -2.14 44.14
N PRO ID 149 87.02 -1.84 44.36
CA PRO ID 149 86.32 -2.41 45.50
C PRO ID 149 86.01 -3.88 45.29
N LYS ID 150 85.93 -4.60 46.40
CA LYS ID 150 85.65 -6.03 46.32
C LYS ID 150 84.15 -6.25 46.13
N PRO ID 151 83.75 -6.94 45.07
CA PRO ID 151 82.31 -7.20 44.85
C PRO ID 151 81.79 -8.22 45.86
N THR ID 152 80.84 -7.78 46.69
CA THR ID 152 80.28 -8.62 47.74
C THR ID 152 78.81 -8.86 47.46
N ALA ID 153 78.42 -10.12 47.37
CA ALA ID 153 77.02 -10.52 47.20
C ALA ID 153 76.62 -11.36 48.40
N THR ID 154 75.82 -10.78 49.28
CA THR ID 154 75.54 -11.39 50.57
C THR ID 154 74.07 -11.26 50.94
N SER ID 155 73.68 -12.04 51.94
CA SER ID 155 72.34 -12.01 52.52
C SER ID 155 72.45 -11.62 53.99
N GLN ID 156 71.68 -10.62 54.39
CA GLN ID 156 71.66 -10.12 55.75
C GLN ID 156 70.21 -9.93 56.18
N PHE ID 157 69.99 -9.97 57.49
CA PHE ID 157 68.69 -9.71 58.06
C PHE ID 157 68.60 -8.25 58.45
N VAL ID 158 67.55 -7.58 58.01
CA VAL ID 158 67.29 -6.21 58.42
C VAL ID 158 66.51 -6.24 59.72
N ASN ID 159 67.09 -5.67 60.78
CA ASN ID 159 66.40 -5.55 62.05
C ASN ID 159 65.24 -4.58 61.93
N LEU ID 160 64.09 -4.97 62.45
CA LEU ID 160 62.89 -4.17 62.38
C LEU ID 160 62.63 -3.41 63.68
N SER ID 161 63.61 -3.38 64.57
CA SER ID 161 63.44 -2.71 65.85
C SER ID 161 63.42 -1.20 65.65
N PRO ID 162 62.57 -0.49 66.40
CA PRO ID 162 62.53 0.98 66.26
C PRO ID 162 63.54 1.69 67.13
N GLY ID 163 64.58 0.99 67.58
CA GLY ID 163 65.64 1.60 68.35
C GLY ID 163 67.03 1.21 67.88
N SER ID 164 67.10 0.69 66.66
CA SER ID 164 68.35 0.19 66.11
C SER ID 164 68.87 1.11 65.01
N THR ID 165 70.06 0.78 64.50
CA THR ID 165 70.78 1.46 63.43
C THR ID 165 70.19 1.10 62.07
N PRO ID 166 70.14 2.06 61.14
CA PRO ID 166 69.55 1.78 59.82
C PRO ID 166 70.49 0.93 58.97
N PRO ID 167 69.96 0.23 57.98
CA PRO ID 167 70.83 -0.56 57.08
C PRO ID 167 71.61 0.33 56.14
N VAL ID 168 72.93 0.17 56.15
CA VAL ID 168 73.85 0.91 55.32
C VAL ID 168 74.32 0.00 54.19
N ILE ID 169 74.17 0.46 52.95
CA ILE ID 169 74.54 -0.33 51.78
C ILE ID 169 75.61 0.41 51.00
N ARG ID 170 76.74 -0.27 50.75
CA ARG ID 170 77.80 0.30 49.94
C ARG ID 170 77.52 0.07 48.46
N LEU ID 171 77.74 1.11 47.66
CA LEU ID 171 77.48 1.07 46.23
C LEU ID 171 78.72 1.52 45.47
N SER ID 172 78.66 1.38 44.15
CA SER ID 172 79.68 1.89 43.24
C SER ID 172 79.02 2.79 42.21
N GLN ID 173 79.74 3.83 41.80
CA GLN ID 173 79.21 4.78 40.84
C GLN ID 173 79.12 4.15 39.46
N GLY ID 174 77.94 4.26 38.84
CA GLY ID 174 77.71 3.66 37.55
C GLY ID 174 77.63 2.16 37.53
N PHE ID 175 77.35 1.53 38.67
CA PHE ID 175 77.31 0.08 38.74
C PHE ID 175 75.99 -0.40 39.34
N VAL ID 176 75.57 -1.57 38.86
CA VAL ID 176 74.28 -2.14 39.24
C VAL ID 176 74.34 -2.64 40.68
N SER ID 177 73.29 -2.36 41.44
CA SER ID 177 73.10 -2.92 42.77
C SER ID 177 71.73 -3.56 42.79
N SER ID 178 71.69 -4.87 42.98
CA SER ID 178 70.45 -5.63 43.06
C SER ID 178 70.16 -5.90 44.53
N LEU ID 179 69.01 -5.45 44.99
CA LEU ID 179 68.61 -5.59 46.39
C LEU ID 179 67.27 -6.31 46.42
N VAL ID 180 67.29 -7.55 46.89
CA VAL ID 180 66.07 -8.33 47.02
C VAL ID 180 65.66 -8.32 48.48
N PHE ID 181 64.36 -8.47 48.73
CA PHE ID 181 63.80 -8.30 50.06
C PHE ID 181 62.89 -9.47 50.37
N LEU ID 182 63.22 -10.20 51.43
CA LEU ID 182 62.57 -11.45 51.79
C LEU ID 182 62.06 -11.37 53.22
N ASP ID 183 61.13 -12.26 53.54
CA ASP ID 183 60.63 -12.39 54.90
C ASP ID 183 61.50 -13.40 55.66
N SER ID 184 61.01 -13.86 56.81
CA SER ID 184 61.76 -14.82 57.62
C SER ID 184 61.91 -16.16 56.91
N THR ID 185 60.92 -16.56 56.13
CA THR ID 185 61.01 -17.79 55.36
C THR ID 185 61.71 -17.60 54.02
N GLY ID 186 62.22 -16.40 53.74
CA GLY ID 186 62.91 -16.16 52.50
C GLY ID 186 62.02 -15.88 51.31
N ALA ID 187 60.70 -15.83 51.50
CA ALA ID 187 59.80 -15.54 50.40
C ALA ID 187 59.93 -14.07 50.00
N PRO ID 188 60.14 -13.76 48.72
CA PRO ID 188 60.38 -12.38 48.33
C PRO ID 188 59.11 -11.53 48.41
N TRP ID 189 59.24 -10.37 49.02
CA TRP ID 189 58.11 -9.45 49.15
C TRP ID 189 58.11 -8.50 47.97
N PRO ID 190 57.07 -8.51 47.13
CA PRO ID 190 57.00 -7.55 46.03
C PRO ID 190 56.85 -6.12 46.53
N ILE ID 191 57.37 -5.19 45.76
CA ILE ID 191 57.43 -3.79 46.16
C ILE ID 191 56.17 -3.09 45.70
N ALA ID 192 55.52 -2.38 46.62
CA ALA ID 192 54.31 -1.64 46.31
C ALA ID 192 54.60 -0.19 45.94
N ALA ID 193 55.33 0.52 46.79
CA ALA ID 193 55.68 1.90 46.51
C ALA ID 193 57.01 2.23 47.16
N TYR ID 194 57.66 3.27 46.65
CA TYR ID 194 58.88 3.73 47.28
C TYR ID 194 59.02 5.24 47.13
N ASP ID 195 60.08 5.78 47.72
CA ASP ID 195 60.32 7.21 47.78
C ASP ID 195 61.82 7.41 47.84
N LEU ID 196 62.33 8.19 46.90
CA LEU ID 196 63.76 8.45 46.76
C LEU ID 196 64.01 9.95 46.90
N GLY ID 197 64.89 10.31 47.82
CA GLY ID 197 65.36 11.69 47.95
C GLY ID 197 66.67 11.86 47.21
N ASP ID 198 66.84 13.05 46.62
CA ASP ID 198 67.97 13.44 45.78
C ASP ID 198 68.18 12.46 44.62
N PRO ID 199 67.33 12.50 43.59
CA PRO ID 199 67.39 11.47 42.54
C PRO ID 199 68.59 11.58 41.60
N SER ID 200 69.34 12.69 41.61
CA SER ID 200 70.50 12.78 40.73
C SER ID 200 71.66 11.94 41.24
N SER ID 201 71.65 11.56 42.52
CA SER ID 201 72.70 10.68 43.03
C SER ID 201 72.55 9.27 42.51
N PHE ID 202 71.32 8.76 42.46
CA PHE ID 202 71.10 7.37 42.12
C PHE ID 202 69.95 7.23 41.14
N ASN ID 203 70.16 6.42 40.11
CA ASN ID 203 69.09 6.01 39.21
C ASN ID 203 68.60 4.64 39.62
N ILE ID 204 67.28 4.50 39.74
CA ILE ID 204 66.65 3.27 40.22
C ILE ID 204 65.82 2.68 39.10
N GLN ID 205 66.14 1.44 38.72
CA GLN ID 205 65.32 0.68 37.79
C GLN ID 205 64.37 -0.18 38.60
N TRP ID 206 63.07 0.03 38.43
CA TRP ID 206 62.08 -0.68 39.21
C TRP ID 206 60.93 -1.14 38.32
N ASP ID 207 60.55 -2.41 38.45
CA ASP ID 207 59.31 -2.91 37.90
C ASP ID 207 58.24 -2.83 38.96
N LYS ID 208 57.05 -2.37 38.57
CA LYS ID 208 56.05 -1.89 39.51
C LYS ID 208 55.49 -2.98 40.41
N THR ID 209 55.64 -4.25 40.06
CA THR ID 209 55.24 -5.36 40.92
C THR ID 209 56.41 -6.26 41.30
N SER ID 210 57.64 -5.83 41.06
CA SER ID 210 58.80 -6.66 41.34
C SER ID 210 59.12 -6.66 42.83
N ASN ID 211 59.97 -7.60 43.22
CA ASN ID 211 60.45 -7.74 44.59
C ASN ID 211 61.91 -7.37 44.75
N THR ID 212 62.52 -6.82 43.70
CA THR ID 212 63.94 -6.53 43.69
C THR ID 212 64.16 -5.12 43.15
N LEU ID 213 65.16 -4.44 43.70
CA LEU ID 213 65.51 -3.08 43.30
C LEU ID 213 66.83 -3.08 42.55
N MET ID 214 66.85 -2.40 41.41
CA MET ID 214 68.01 -2.31 40.53
C MET ID 214 68.46 -0.86 40.51
N ILE ID 215 69.48 -0.54 41.30
CA ILE ID 215 69.89 0.84 41.54
C ILE ID 215 71.33 1.02 41.11
N GLN ID 216 71.59 2.04 40.30
CA GLN ID 216 72.96 2.46 40.01
C GLN ID 216 73.22 3.79 40.70
N ALA ID 217 74.50 4.10 40.88
CA ALA ID 217 74.91 5.35 41.52
C ALA ID 217 75.51 6.27 40.47
N THR ID 218 75.13 7.54 40.50
CA THR ID 218 75.66 8.53 39.60
C THR ID 218 76.70 9.43 40.26
N LYS ID 219 77.00 9.20 41.53
CA LYS ID 219 77.95 10.01 42.27
C LYS ID 219 78.96 9.10 42.97
N LEU ID 220 80.19 9.61 43.13
CA LEU ID 220 81.28 8.78 43.62
C LEU ID 220 81.22 8.54 45.13
N TYR ID 221 80.78 9.54 45.89
CA TYR ID 221 80.87 9.46 47.34
C TYR ID 221 79.63 9.97 48.06
N ASN ID 222 78.72 10.67 47.39
CA ASN ID 222 77.62 11.34 48.06
C ASN ID 222 76.53 10.34 48.42
N TYR ID 223 76.12 10.36 49.68
CA TYR ID 223 75.20 9.37 50.23
C TYR ID 223 73.75 9.76 49.96
N GLY ID 224 72.86 8.82 50.25
CA GLY ID 224 71.43 9.03 50.05
C GLY ID 224 70.65 8.06 50.91
N ASN ID 225 69.32 8.12 50.74
CA ASN ID 225 68.43 7.28 51.53
C ASN ID 225 67.19 6.93 50.72
N LEU ID 226 66.56 5.83 51.10
CA LEU ID 226 65.38 5.31 50.42
C LEU ID 226 64.34 4.88 51.43
N ALA ID 227 63.06 5.04 51.05
CA ALA ID 227 61.95 4.54 51.85
C ALA ID 227 61.04 3.68 50.98
N VAL ID 228 60.55 2.58 51.54
CA VAL ID 228 59.80 1.57 50.81
C VAL ID 228 58.55 1.21 51.60
N ARG ID 229 57.39 1.24 50.96
CA ARG ID 229 56.14 0.77 51.56
C ARG ID 229 55.64 -0.43 50.78
N LEU ID 230 55.23 -1.46 51.50
CA LEU ID 230 54.74 -2.70 50.89
C LEU ID 230 53.24 -2.86 51.08
N ARG ID 231 52.70 -3.90 50.45
CA ARG ID 231 51.26 -4.15 50.52
C ARG ID 231 50.84 -4.62 51.89
N GLY ID 232 51.65 -5.47 52.54
CA GLY ID 232 51.36 -5.89 53.89
C GLY ID 232 52.13 -5.16 54.97
N LEU ID 233 53.09 -4.32 54.61
CA LEU ID 233 53.91 -3.61 55.58
C LEU ID 233 53.41 -2.19 55.75
N ASN ID 234 52.76 -1.93 56.87
CA ASN ID 234 52.41 -0.56 57.26
C ASN ID 234 53.66 0.22 57.64
N THR ID 235 54.60 -0.42 58.32
CA THR ID 235 55.85 0.24 58.70
C THR ID 235 56.74 0.41 57.49
N PRO ID 236 57.23 1.62 57.22
CA PRO ID 236 58.14 1.81 56.08
C PRO ID 236 59.50 1.18 56.34
N VAL ID 237 60.12 0.76 55.25
CA VAL ID 237 61.46 0.19 55.27
C VAL ID 237 62.41 1.24 54.70
N MET ID 238 63.29 1.76 55.54
CA MET ID 238 64.12 2.90 55.18
C MET ID 238 65.59 2.51 55.31
N LEU ID 239 66.35 2.78 54.27
CA LEU ID 239 67.75 2.37 54.20
C LEU ID 239 68.60 3.55 53.73
N THR ID 240 69.90 3.45 53.95
CA THR ID 240 70.81 4.49 53.48
C THR ID 240 71.90 3.87 52.62
N LEU ID 241 72.33 4.65 51.64
CA LEU ID 241 73.22 4.19 50.57
C LEU ID 241 74.45 5.08 50.54
N ILE ID 242 75.62 4.46 50.60
CA ILE ID 242 76.89 5.17 50.59
C ILE ID 242 77.74 4.60 49.46
N PRO ID 243 78.18 5.41 48.51
CA PRO ID 243 79.18 4.95 47.54
C PRO ID 243 80.59 5.31 47.99
N GLY ID 244 81.56 4.77 47.27
CA GLY ID 244 82.95 5.07 47.55
C GLY ID 244 83.48 4.38 48.79
N GLN ID 245 83.57 3.06 48.76
CA GLN ID 245 84.14 2.28 49.83
C GLN ID 245 85.14 1.27 49.25
N LYS ID 246 85.84 0.58 50.14
CA LYS ID 246 86.83 -0.41 49.73
C LYS ID 246 86.20 -1.70 49.24
N ALA ID 247 84.91 -1.89 49.45
CA ALA ID 247 84.19 -3.03 48.90
C ALA ID 247 82.77 -2.59 48.59
N VAL ID 248 82.12 -3.34 47.71
CA VAL ID 248 80.81 -2.94 47.19
C VAL ID 248 79.81 -4.07 47.38
N ASP ID 249 78.61 -3.71 47.81
CA ASP ID 249 77.50 -4.66 47.96
C ASP ID 249 76.88 -4.85 46.59
N TYR ID 250 77.32 -5.90 45.90
CA TYR ID 250 76.78 -6.21 44.58
C TYR ID 250 75.33 -6.64 44.68
N ARG ID 251 75.08 -7.76 45.34
CA ARG ID 251 73.73 -8.22 45.61
C ARG ID 251 73.51 -8.20 47.11
N VAL ID 252 72.44 -7.54 47.53
CA VAL ID 252 72.07 -7.49 48.94
C VAL ID 252 70.70 -8.15 49.09
N ASP ID 253 70.66 -9.25 49.83
CA ASP ID 253 69.39 -9.85 50.21
C ASP ID 253 69.06 -9.38 51.62
N LEU ID 254 67.85 -8.88 51.81
CA LEU ID 254 67.47 -8.22 53.05
C LEU ID 254 66.26 -8.93 53.65
N ARG ID 255 66.46 -9.53 54.83
CA ARG ID 255 65.40 -10.29 55.48
C ARG ID 255 64.67 -9.42 56.49
N VAL ID 256 63.37 -9.69 56.63
CA VAL ID 256 62.53 -9.04 57.63
C VAL ID 256 61.82 -10.11 58.44
N GLN ID 257 61.41 -9.72 59.65
CA GLN ID 257 60.69 -10.64 60.53
C GLN ID 257 59.30 -10.96 59.98
N GLY ID 258 58.55 -9.91 59.62
CA GLY ID 258 57.18 -10.11 59.20
C GLY ID 258 57.08 -10.77 57.85
N TYR ID 259 56.02 -11.55 57.69
CA TYR ID 259 55.84 -12.42 56.53
C TYR ID 259 55.02 -11.73 55.46
N GLY ID 260 55.45 -11.88 54.21
CA GLY ID 260 54.70 -11.38 53.08
C GLY ID 260 53.53 -12.29 52.77
N PRO ID 261 52.65 -11.84 51.86
CA PRO ID 261 51.54 -12.70 51.43
C PRO ID 261 51.98 -13.95 50.67
N ASN ID 262 53.18 -13.92 50.06
CA ASN ID 262 53.72 -15.08 49.39
C ASN ID 262 54.40 -16.05 50.35
N ALA ID 263 54.53 -15.69 51.62
CA ALA ID 263 55.17 -16.56 52.61
C ALA ID 263 54.17 -17.62 53.06
N LYS ID 264 53.94 -18.59 52.18
CA LYS ID 264 53.13 -19.75 52.54
C LYS ID 264 53.86 -20.66 53.53
N SER ID 265 55.19 -20.65 53.48
CA SER ID 265 55.99 -21.46 54.39
C SER ID 265 55.89 -20.92 55.81
N MET ID 266 55.68 -21.84 56.76
CA MET ID 266 55.64 -21.51 58.16
C MET ID 266 56.46 -22.54 58.93
N PRO ID 267 57.26 -22.10 59.90
CA PRO ID 267 57.92 -23.06 60.79
C PRO ID 267 56.89 -23.66 61.75
N THR ID 268 57.01 -24.97 61.96
CA THR ID 268 56.03 -25.70 62.76
C THR ID 268 56.51 -25.80 64.21
N GLU ID 269 55.60 -25.49 65.13
CA GLU ID 269 55.91 -25.48 66.55
C GLU ID 269 55.12 -26.58 67.25
N GLU ID 270 55.75 -27.20 68.24
CA GLU ID 270 55.04 -28.07 69.17
C GLU ID 270 55.32 -27.61 70.59
N GLY ID 271 54.25 -27.40 71.35
CA GLY ID 271 54.36 -27.07 72.75
C GLY ID 271 53.97 -28.26 73.60
N ILE ID 272 53.51 -27.99 74.81
CA ILE ID 272 53.16 -29.07 75.75
C ILE ID 272 51.87 -29.74 75.28
N PRO ID 273 51.77 -31.07 75.38
CA PRO ID 273 50.47 -31.70 75.18
C PRO ID 273 49.50 -31.27 76.29
N PRO ID 274 48.20 -31.32 76.02
CA PRO ID 274 47.23 -30.93 77.04
C PRO ID 274 47.20 -31.90 78.21
N SER ID 275 46.74 -31.39 79.35
CA SER ID 275 46.81 -32.11 80.62
C SER ID 275 45.82 -33.27 80.68
N ALA ID 276 44.54 -32.95 80.57
CA ALA ID 276 43.48 -33.93 80.74
C ALA ID 276 42.21 -33.33 80.14
N ASN ID 277 41.07 -33.93 80.49
CA ASN ID 277 39.77 -33.37 80.16
C ASN ID 277 39.02 -33.06 81.44
N ASP ID 278 38.55 -31.81 81.56
CA ASP ID 278 37.87 -31.36 82.76
C ASP ID 278 36.48 -31.97 82.92
N LEU ID 279 35.92 -32.58 81.87
CA LEU ID 279 34.65 -33.26 82.01
C LEU ID 279 34.79 -34.52 82.85
N LEU ID 280 35.98 -35.14 82.81
CA LEU ID 280 36.21 -36.37 83.56
C LEU ID 280 36.19 -36.13 85.07
N LEU ID 281 36.41 -34.90 85.52
CA LEU ID 281 36.21 -34.56 86.92
C LEU ID 281 34.75 -34.76 87.33
N HIS ID 282 33.83 -34.23 86.51
CA HIS ID 282 32.40 -34.39 86.79
C HIS ID 282 31.97 -35.84 86.62
N VAL ID 283 32.57 -36.53 85.65
CA VAL ID 283 32.25 -37.94 85.41
C VAL ID 283 32.66 -38.79 86.61
N LEU ID 284 33.89 -38.57 87.10
CA LEU ID 284 34.39 -39.28 88.27
C LEU ID 284 33.60 -38.91 89.52
N GLU ID 285 33.08 -37.68 89.57
CA GLU ID 285 32.15 -37.32 90.61
C GLU ID 285 30.86 -38.13 90.51
N GLY ID 286 30.31 -38.25 89.32
CA GLY ID 286 29.06 -38.97 89.15
C GLY ID 286 28.01 -38.18 88.40
N VAL ID 287 28.27 -36.91 88.16
CA VAL ID 287 27.35 -36.06 87.41
C VAL ID 287 27.73 -36.14 85.93
N PRO ID 288 26.82 -36.54 85.04
CA PRO ID 288 27.15 -36.59 83.62
C PRO ID 288 27.33 -35.20 83.06
N PRO ID 289 28.15 -35.03 82.02
CA PRO ID 289 28.29 -33.73 81.40
C PRO ID 289 27.01 -33.35 80.68
N PRO ID 290 26.75 -32.06 80.48
CA PRO ID 290 25.51 -31.64 79.83
C PRO ID 290 25.49 -32.02 78.36
N GLY ID 291 24.34 -32.51 77.92
CA GLY ID 291 24.18 -33.00 76.57
C GLY ID 291 24.56 -34.45 76.38
N SER ID 292 25.13 -35.09 77.40
CA SER ID 292 25.47 -36.50 77.29
C SER ID 292 24.21 -37.35 77.34
N ARG ID 293 24.32 -38.56 76.79
CA ARG ID 293 23.20 -39.48 76.73
C ARG ID 293 23.37 -40.61 77.72
N ARG ID 294 22.25 -41.16 78.15
CA ARG ID 294 22.26 -42.31 79.05
C ARG ID 294 22.76 -43.55 78.34
N LEU ID 295 23.30 -44.48 79.12
CA LEU ID 295 23.76 -45.76 78.61
C LEU ID 295 23.30 -46.85 79.55
N VAL ID 296 23.21 -48.07 79.02
CA VAL ID 296 22.79 -49.23 79.79
C VAL ID 296 24.02 -50.07 80.11
N VAL ID 297 24.20 -50.35 81.40
CA VAL ID 297 25.35 -51.10 81.90
C VAL ID 297 24.83 -52.43 82.43
N SER ID 298 25.38 -53.52 81.92
CA SER ID 298 24.94 -54.85 82.32
C SER ID 298 26.14 -55.66 82.82
N GLY ID 299 25.86 -56.57 83.75
CA GLY ID 299 26.85 -57.46 84.28
C GLY ID 299 27.53 -57.01 85.54
N GLY ID 300 27.42 -55.74 85.89
CA GLY ID 300 28.09 -55.24 87.07
C GLY ID 300 27.57 -53.87 87.46
N ASP ID 301 28.19 -53.31 88.49
CA ASP ID 301 27.80 -52.01 89.02
C ASP ID 301 28.73 -50.95 88.43
N ALA ID 302 28.24 -50.26 87.40
CA ALA ID 302 29.00 -49.20 86.75
C ALA ID 302 28.03 -48.28 86.06
N ARG ID 303 28.50 -47.08 85.72
CA ARG ID 303 27.71 -46.10 85.00
C ARG ID 303 28.50 -45.63 83.79
N ALA ID 304 27.78 -45.22 82.76
CA ALA ID 304 28.43 -44.79 81.52
C ALA ID 304 27.56 -43.77 80.81
N TRP ID 305 28.22 -42.94 80.00
CA TRP ID 305 27.55 -41.90 79.25
C TRP ID 305 28.25 -41.69 77.92
N LEU ID 306 27.53 -41.07 76.99
CA LEU ID 306 28.03 -40.75 75.67
C LEU ID 306 27.78 -39.27 75.41
N SER ID 307 28.85 -38.48 75.35
CA SER ID 307 28.76 -37.03 75.23
C SER ID 307 29.24 -36.52 73.89
N ASN ID 308 30.45 -36.88 73.48
CA ASN ID 308 30.99 -36.44 72.21
C ASN ID 308 31.39 -37.66 71.41
N GLU ID 309 30.43 -38.60 71.28
CA GLU ID 309 30.56 -39.99 70.82
C GLU ID 309 31.81 -40.66 71.35
N LYS ID 310 32.10 -40.44 72.63
CA LYS ID 310 33.15 -41.12 73.35
C LYS ID 310 32.56 -41.63 74.65
N MET ID 311 32.88 -42.87 74.99
CA MET ID 311 32.28 -43.49 76.17
C MET ID 311 33.01 -43.03 77.42
N TYR ID 312 32.27 -42.49 78.37
CA TYR ID 312 32.79 -42.10 79.67
C TYR ID 312 32.19 -43.04 80.70
N VAL ID 313 33.05 -43.67 81.50
CA VAL ID 313 32.62 -44.74 82.38
C VAL ID 313 33.13 -44.46 83.80
N ARG ID 314 32.21 -44.52 84.76
CA ARG ID 314 32.54 -44.40 86.18
C ARG ID 314 32.24 -45.75 86.84
N THR ID 315 33.24 -46.31 87.51
CA THR ID 315 33.11 -47.62 88.12
C THR ID 315 34.10 -47.73 89.27
N ASN ID 316 34.31 -48.96 89.74
CA ASN ID 316 35.29 -49.24 90.77
C ASN ID 316 36.10 -50.48 90.43
N LEU ID 317 36.40 -50.67 89.14
CA LEU ID 317 37.14 -51.84 88.69
C LEU ID 317 38.30 -51.45 87.76
N THR ID 318 38.91 -52.43 87.13
CA THR ID 318 40.06 -52.22 86.25
C THR ID 318 39.70 -52.58 84.82
N ILE ID 319 39.75 -51.59 83.94
CA ILE ID 319 39.37 -51.80 82.54
C ILE ID 319 40.46 -52.59 81.84
N LEU ID 320 40.06 -53.57 81.03
CA LEU ID 320 41.02 -54.47 80.39
C LEU ID 320 41.02 -54.40 78.88
N SER ID 321 39.87 -54.62 78.22
CA SER ID 321 39.93 -54.99 76.81
C SER ID 321 40.23 -53.86 75.83
N PRO ID 322 39.39 -52.82 75.67
CA PRO ID 322 39.43 -52.08 74.40
C PRO ID 322 40.50 -51.00 74.31
N GLY ID 323 41.16 -50.62 75.39
CA GLY ID 323 42.05 -49.49 75.36
C GLY ID 323 41.32 -48.20 75.65
N TRP ID 324 41.74 -47.49 76.70
CA TRP ID 324 41.08 -46.26 77.10
C TRP ID 324 41.94 -45.07 76.69
N LEU ID 325 41.27 -43.92 76.55
CA LEU ID 325 41.98 -42.72 76.13
C LEU ID 325 42.41 -41.86 77.31
N ALA ID 326 41.54 -41.66 78.30
CA ALA ID 326 41.88 -40.87 79.46
C ALA ID 326 41.38 -41.56 80.72
N SER ID 327 42.02 -41.26 81.85
CA SER ID 327 41.67 -41.95 83.08
C SER ID 327 41.94 -41.08 84.29
N MET ID 328 41.22 -41.37 85.37
CA MET ID 328 41.46 -40.74 86.66
C MET ID 328 40.91 -41.65 87.75
N THR ID 329 41.39 -41.41 88.97
CA THR ID 329 40.97 -42.18 90.14
C THR ID 329 40.59 -41.23 91.26
N SER ID 330 39.57 -41.61 92.02
CA SER ID 330 39.09 -40.80 93.13
C SER ID 330 39.92 -41.07 94.37
N ALA ID 331 39.56 -40.39 95.47
CA ALA ID 331 40.17 -40.67 96.76
C ALA ID 331 39.59 -41.91 97.42
N ASP ID 332 38.48 -42.43 96.91
CA ASP ID 332 37.85 -43.64 97.45
C ASP ID 332 38.15 -44.87 96.61
N GLY ID 333 39.07 -44.77 95.66
CA GLY ID 333 39.41 -45.93 94.86
C GLY ID 333 38.49 -46.19 93.69
N THR ID 334 37.52 -45.33 93.43
CA THR ID 334 36.66 -45.48 92.27
C THR ID 334 37.32 -44.86 91.06
N HIS ID 335 37.28 -45.58 89.95
CA HIS ID 335 37.98 -45.17 88.74
C HIS ID 335 36.99 -44.60 87.72
N ALA ID 336 37.53 -43.77 86.83
CA ALA ID 336 36.75 -43.24 85.73
C ALA ID 336 37.63 -43.20 84.49
N TYR ID 337 37.06 -43.58 83.36
CA TYR ID 337 37.81 -43.68 82.12
C TYR ID 337 37.01 -43.06 80.99
N GLU ID 338 37.73 -42.71 79.93
CA GLU ID 338 37.16 -42.21 78.69
C GLU ID 338 37.83 -42.95 77.54
N MET ID 339 37.02 -43.47 76.63
CA MET ID 339 37.53 -44.22 75.48
C MET ID 339 36.59 -44.01 74.30
N GLN ID 340 36.87 -44.71 73.20
CA GLN ID 340 36.00 -44.69 72.04
C GLN ID 340 34.84 -45.65 72.25
N LYS ID 341 33.99 -45.76 71.24
CA LYS ID 341 32.80 -46.60 71.35
C LYS ID 341 33.16 -48.06 71.18
N SER ID 342 32.65 -48.90 72.09
CA SER ID 342 32.81 -50.32 71.99
C SER ID 342 31.62 -50.91 72.72
N PRO ID 343 30.93 -51.89 72.13
CA PRO ID 343 29.79 -52.48 72.83
C PRO ID 343 30.16 -53.40 73.96
N VAL ID 344 31.43 -53.83 74.04
CA VAL ID 344 31.84 -54.82 75.01
C VAL ID 344 33.02 -54.27 75.80
N LEU ID 345 33.24 -54.85 76.97
CA LEU ID 345 34.25 -54.38 77.90
C LEU ID 345 34.73 -55.57 78.72
N LEU ID 346 35.93 -55.46 79.26
CA LEU ID 346 36.46 -56.51 80.12
C LEU ID 346 37.00 -55.89 81.41
N VAL ID 347 36.71 -56.54 82.53
CA VAL ID 347 37.24 -56.15 83.82
C VAL ID 347 37.69 -57.41 84.56
N SER ID 348 38.48 -57.21 85.61
CA SER ID 348 38.73 -58.23 86.60
C SER ID 348 38.11 -57.74 87.90
N TRP ID 349 37.16 -58.51 88.42
CA TRP ID 349 36.44 -58.06 89.59
C TRP ID 349 37.27 -58.24 90.85
N HIS ID 350 37.58 -59.47 91.20
CA HIS ID 350 38.36 -59.78 92.39
C HIS ID 350 39.41 -60.83 92.02
N GLY ID 351 40.15 -60.56 90.97
CA GLY ID 351 41.07 -61.52 90.40
C GLY ID 351 40.44 -62.44 89.39
N LYS ID 352 39.13 -62.37 89.20
CA LYS ID 352 38.40 -63.18 88.25
C LYS ID 352 37.88 -62.28 87.14
N VAL ID 353 38.08 -62.71 85.89
CA VAL ID 353 37.76 -61.87 84.76
C VAL ID 353 36.26 -61.95 84.45
N MET ID 354 35.76 -60.89 83.82
CA MET ID 354 34.32 -60.77 83.55
C MET ID 354 34.11 -59.73 82.46
N GLN ID 355 33.28 -60.07 81.48
CA GLN ID 355 32.94 -59.16 80.38
C GLN ID 355 31.66 -58.41 80.71
N LEU ID 356 31.59 -57.18 80.26
CA LEU ID 356 30.42 -56.31 80.42
C LEU ID 356 29.94 -55.84 79.06
N LYS ID 357 28.63 -55.65 78.94
CA LYS ID 357 28.03 -55.25 77.68
C LYS ID 357 27.32 -53.91 77.84
N VAL ID 358 27.19 -53.20 76.73
CA VAL ID 358 26.46 -51.95 76.67
C VAL ID 358 25.56 -52.00 75.44
N GLU ID 359 24.26 -51.88 75.65
CA GLU ID 359 23.32 -51.83 74.53
C GLU ID 359 23.09 -50.38 74.12
N GLY ID 360 22.29 -50.20 73.09
CA GLY ID 360 21.90 -48.86 72.68
C GLY ID 360 22.96 -48.05 71.98
N LEU ID 361 24.09 -48.65 71.61
CA LEU ID 361 25.14 -47.94 70.90
C LEU ID 361 24.74 -47.69 69.45
N VAL JD 38 -11.26 -27.82 99.21
CA VAL JD 38 -11.86 -29.13 99.45
C VAL JD 38 -11.25 -30.28 98.61
N PRO JD 39 -11.11 -30.18 97.25
CA PRO JD 39 -10.53 -31.34 96.54
C PRO JD 39 -9.03 -31.47 96.72
N LYS JD 40 -8.35 -30.36 96.97
CA LYS JD 40 -6.92 -30.34 97.21
C LYS JD 40 -6.54 -29.68 98.53
N LEU JD 41 -7.26 -28.67 98.93
CA LEU JD 41 -6.99 -27.96 100.16
C LEU JD 41 -7.46 -28.77 101.36
N PRO JD 42 -6.76 -28.67 102.49
CA PRO JD 42 -7.22 -29.35 103.71
C PRO JD 42 -8.43 -28.66 104.30
N CYS JD 43 -9.53 -29.40 104.41
CA CYS JD 43 -10.76 -28.81 104.95
C CYS JD 43 -10.68 -28.62 106.46
N ARG JD 44 -10.12 -29.60 107.16
CA ARG JD 44 -9.93 -29.51 108.59
C ARG JD 44 -8.57 -30.11 108.93
N VAL JD 45 -8.18 -30.01 110.21
CA VAL JD 45 -6.95 -30.65 110.64
C VAL JD 45 -7.15 -32.16 110.69
N ASP JD 46 -6.04 -32.89 110.66
CA ASP JD 46 -6.09 -34.35 110.61
C ASP JD 46 -6.55 -34.91 111.95
N GLY JD 47 -7.48 -35.87 111.89
CA GLY JD 47 -8.01 -36.52 113.07
C GLY JD 47 -8.82 -35.61 113.98
N ALA JD 48 -9.58 -34.69 113.39
CA ALA JD 48 -10.34 -33.71 114.17
C ALA JD 48 -11.71 -34.29 114.48
N CYS JD 49 -11.87 -34.84 115.68
CA CYS JD 49 -13.13 -35.41 116.14
C CYS JD 49 -13.42 -34.79 117.51
N ASP JD 50 -13.98 -33.59 117.49
CA ASP JD 50 -14.09 -32.78 118.70
C ASP JD 50 -15.17 -33.29 119.64
N ALA JD 51 -16.18 -33.97 119.10
CA ALA JD 51 -17.14 -34.65 119.95
C ALA JD 51 -16.46 -35.76 120.75
N THR JD 52 -15.56 -36.49 120.12
CA THR JD 52 -14.77 -37.47 120.86
C THR JD 52 -13.79 -36.79 121.81
N ILE JD 53 -13.34 -35.58 121.49
CA ILE JD 53 -12.44 -34.85 122.38
C ILE JD 53 -13.15 -34.46 123.67
N ILE JD 54 -14.35 -33.91 123.56
CA ILE JD 54 -15.09 -33.56 124.76
C ILE JD 54 -15.59 -34.82 125.47
N LYS JD 55 -15.81 -35.91 124.72
CA LYS JD 55 -16.17 -37.18 125.32
C LYS JD 55 -15.05 -37.73 126.18
N MET JD 56 -13.83 -37.72 125.66
CA MET JD 56 -12.72 -38.25 126.43
C MET JD 56 -12.32 -37.31 127.55
N MET JD 57 -12.56 -36.00 127.40
CA MET JD 57 -12.38 -35.09 128.52
C MET JD 57 -13.34 -35.41 129.65
N THR JD 58 -14.61 -35.67 129.30
CA THR JD 58 -15.60 -36.08 130.27
C THR JD 58 -15.23 -37.40 130.92
N ASP JD 59 -14.71 -38.34 130.13
CA ASP JD 59 -14.33 -39.64 130.65
C ASP JD 59 -13.16 -39.55 131.60
N LEU JD 60 -12.19 -38.69 131.31
CA LEU JD 60 -11.04 -38.53 132.19
C LEU JD 60 -11.42 -37.85 133.49
N ASN JD 61 -12.26 -36.81 133.42
CA ASN JD 61 -12.68 -36.16 134.65
C ASN JD 61 -13.62 -37.04 135.47
N LYS JD 62 -14.40 -37.89 134.81
CA LYS JD 62 -15.22 -38.85 135.53
C LYS JD 62 -14.37 -39.96 136.11
N LYS JD 63 -13.24 -40.28 135.47
CA LYS JD 63 -12.31 -41.24 136.03
C LYS JD 63 -11.62 -40.66 137.27
N GLY JD 64 -11.33 -39.37 137.25
CA GLY JD 64 -10.88 -38.73 138.47
C GLY JD 64 -9.76 -37.74 138.30
N ILE JD 65 -8.94 -37.91 137.27
CA ILE JD 65 -7.85 -36.97 137.05
C ILE JD 65 -8.41 -35.68 136.49
N LYS JD 66 -7.87 -34.56 136.98
CA LYS JD 66 -8.50 -33.27 136.75
C LYS JD 66 -8.09 -32.71 135.39
N VAL JD 67 -9.05 -32.28 134.60
CA VAL JD 67 -8.81 -31.58 133.35
C VAL JD 67 -9.58 -30.26 133.40
N ALA JD 68 -8.88 -29.16 133.19
CA ALA JD 68 -9.47 -27.84 133.25
C ALA JD 68 -9.01 -27.00 132.07
N SER JD 69 -9.87 -26.08 131.64
CA SER JD 69 -9.62 -25.22 130.49
C SER JD 69 -10.16 -23.83 130.79
N VAL JD 70 -9.29 -22.82 130.75
CA VAL JD 70 -9.73 -21.44 130.99
C VAL JD 70 -9.07 -20.57 129.93
N GLY JD 71 -9.89 -19.83 129.18
CA GLY JD 71 -9.37 -18.95 128.15
C GLY JD 71 -8.68 -19.73 127.05
N GLN JD 72 -7.36 -19.61 127.00
CA GLN JD 72 -6.55 -20.41 126.10
C GLN JD 72 -5.70 -21.43 126.83
N ASN JD 73 -5.59 -21.36 128.16
CA ASN JD 73 -4.68 -22.20 128.91
C ASN JD 73 -5.40 -23.43 129.42
N TYR JD 74 -4.79 -24.59 129.21
CA TYR JD 74 -5.34 -25.87 129.60
C TYR JD 74 -4.41 -26.55 130.59
N LEU JD 75 -4.99 -27.10 131.66
CA LEU JD 75 -4.26 -27.76 132.72
C LEU JD 75 -4.80 -29.16 132.93
N ILE JD 76 -3.89 -30.10 133.22
CA ILE JD 76 -4.30 -31.44 133.63
C ILE JD 76 -3.51 -31.85 134.86
N SER JD 77 -4.22 -32.16 135.93
CA SER JD 77 -3.62 -32.54 137.21
C SER JD 77 -3.82 -34.02 137.45
N ILE JD 78 -2.73 -34.70 137.82
CA ILE JD 78 -2.71 -36.14 138.08
C ILE JD 78 -2.20 -36.37 139.49
N PRO JD 79 -2.80 -37.27 140.26
CA PRO JD 79 -2.19 -37.69 141.53
C PRO JD 79 -0.98 -38.58 141.28
N ALA JD 80 -0.13 -38.70 142.31
CA ALA JD 80 1.09 -39.49 142.21
C ALA JD 80 0.91 -40.94 142.64
N SER JD 81 -0.09 -41.22 143.49
CA SER JD 81 -0.32 -42.57 143.95
C SER JD 81 -0.87 -43.47 142.86
N ALA JD 82 -1.49 -42.89 141.83
CA ALA JD 82 -1.93 -43.67 140.68
C ALA JD 82 -0.83 -43.93 139.67
N LEU JD 83 0.36 -43.36 139.89
CA LEU JD 83 1.44 -43.46 138.93
C LEU JD 83 2.66 -44.18 139.48
N PHE JD 84 3.18 -43.76 140.62
CA PHE JD 84 4.41 -44.29 141.16
C PHE JD 84 4.13 -45.10 142.42
N ALA JD 85 5.19 -45.62 143.01
CA ALA JD 85 5.10 -46.26 144.31
C ALA JD 85 5.37 -45.20 145.38
N ASP JD 86 5.59 -45.64 146.62
CA ASP JD 86 5.72 -44.74 147.76
C ASP JD 86 7.02 -43.96 147.70
N GLN JD 87 6.94 -42.75 147.14
CA GLN JD 87 8.05 -41.79 147.05
C GLN JD 87 9.25 -42.36 146.32
N SER JD 88 8.99 -43.09 145.24
CA SER JD 88 10.04 -43.72 144.46
C SER JD 88 9.87 -43.37 143.00
N PRO JD 89 10.96 -43.24 142.25
CA PRO JD 89 10.87 -42.94 140.81
C PRO JD 89 10.73 -44.20 139.96
N ARG JD 90 9.72 -45.01 140.27
CA ARG JD 90 9.49 -46.25 139.56
C ARG JD 90 8.11 -46.22 138.91
N LEU JD 91 8.06 -46.66 137.66
CA LEU JD 91 6.86 -46.57 136.85
C LEU JD 91 6.00 -47.82 137.05
N ASN JD 92 4.75 -47.62 137.43
CA ASN JD 92 3.80 -48.72 137.45
C ASN JD 92 3.47 -49.14 136.04
N TRP JD 93 3.38 -50.46 135.82
CA TRP JD 93 3.07 -50.98 134.49
C TRP JD 93 1.67 -50.60 134.04
N ALA JD 94 0.69 -50.66 134.95
CA ALA JD 94 -0.70 -50.43 134.57
C ALA JD 94 -0.98 -48.98 134.23
N SER JD 95 -0.10 -48.06 134.63
CA SER JD 95 -0.28 -46.65 134.31
C SER JD 95 -0.03 -46.33 132.84
N TYR JD 96 0.55 -47.27 132.08
CA TYR JD 96 0.88 -46.98 130.69
C TYR JD 96 -0.35 -46.84 129.81
N SER JD 97 -1.44 -47.52 130.16
CA SER JD 97 -2.69 -47.36 129.40
C SER JD 97 -3.26 -45.97 129.57
N LEU JD 98 -3.31 -45.48 130.81
CA LEU JD 98 -3.78 -44.12 131.05
C LEU JD 98 -2.81 -43.10 130.48
N LEU JD 99 -1.51 -43.42 130.46
CA LEU JD 99 -0.53 -42.57 129.78
C LEU JD 99 -0.81 -42.48 128.29
N ASN JD 100 -1.16 -43.61 127.67
CA ASN JD 100 -1.51 -43.61 126.26
C ASN JD 100 -2.78 -42.83 126.01
N GLU JD 101 -3.74 -42.88 126.94
CA GLU JD 101 -4.95 -42.08 126.80
C GLU JD 101 -4.65 -40.59 126.90
N ILE JD 102 -3.74 -40.21 127.80
CA ILE JD 102 -3.31 -38.81 127.92
C ILE JD 102 -2.63 -38.36 126.64
N ALA JD 103 -1.78 -39.23 126.06
CA ALA JD 103 -1.12 -38.90 124.81
C ALA JD 103 -2.10 -38.78 123.65
N ALA JD 104 -3.12 -39.65 123.61
CA ALA JD 104 -4.13 -39.58 122.57
C ALA JD 104 -4.97 -38.32 122.68
N PHE JD 105 -5.27 -37.89 123.91
CA PHE JD 105 -5.94 -36.62 124.09
C PHE JD 105 -5.04 -35.44 123.74
N LEU JD 106 -3.74 -35.58 123.98
CA LEU JD 106 -2.82 -34.49 123.72
C LEU JD 106 -2.52 -34.30 122.23
N LYS JD 107 -2.52 -35.38 121.47
CA LYS JD 107 -2.13 -35.31 120.05
C LYS JD 107 -3.10 -34.51 119.20
N GLN JD 108 -4.35 -34.37 119.64
CA GLN JD 108 -5.34 -33.65 118.85
C GLN JD 108 -5.04 -32.15 118.81
N PHE JD 109 -4.71 -31.56 119.95
CA PHE JD 109 -4.56 -30.12 120.02
C PHE JD 109 -3.23 -29.65 119.43
N ARG JD 110 -3.30 -28.56 118.69
CA ARG JD 110 -2.08 -27.95 118.17
C ARG JD 110 -1.32 -27.27 119.30
N LYS JD 111 -0.04 -27.57 119.40
CA LYS JD 111 0.75 -27.20 120.56
C LYS JD 111 2.08 -26.62 120.12
N ILE JD 112 2.67 -25.81 121.01
CA ILE JD 112 3.97 -25.19 120.79
C ILE JD 112 4.92 -25.51 121.93
N ALA JD 113 4.48 -25.32 123.17
CA ALA JD 113 5.30 -25.60 124.34
C ALA JD 113 4.43 -26.19 125.44
N ILE JD 114 4.89 -27.31 125.99
CA ILE JD 114 4.19 -27.99 127.09
C ILE JD 114 5.11 -27.97 128.30
N THR JD 115 4.54 -27.70 129.47
CA THR JD 115 5.32 -27.67 130.69
C THR JD 115 4.76 -28.68 131.67
N VAL JD 116 5.64 -29.46 132.29
CA VAL JD 116 5.24 -30.42 133.31
C VAL JD 116 5.93 -30.05 134.61
N THR JD 117 5.14 -30.03 135.68
CA THR JD 117 5.62 -29.73 137.02
C THR JD 117 5.26 -30.86 137.95
N SER JD 118 6.14 -31.13 138.91
CA SER JD 118 5.91 -32.21 139.87
C SER JD 118 6.06 -31.69 141.29
N TYR JD 119 5.20 -32.18 142.18
CA TYR JD 119 5.22 -31.78 143.57
C TYR JD 119 4.90 -32.99 144.44
N SER JD 120 5.34 -32.95 145.70
CA SER JD 120 5.20 -34.10 146.59
C SER JD 120 5.09 -33.62 148.02
N SER JD 121 5.14 -34.57 148.95
CA SER JD 121 5.01 -34.32 150.38
C SER JD 121 6.33 -34.56 151.10
N LYS JD 122 6.46 -33.93 152.27
CA LYS JD 122 7.72 -33.90 152.99
C LYS JD 122 8.02 -35.27 153.59
N TYR JD 123 9.16 -35.85 153.22
CA TYR JD 123 9.55 -37.16 153.74
C TYR JD 123 10.85 -37.12 154.52
N VAL JD 124 11.98 -36.76 153.92
CA VAL JD 124 13.25 -36.74 154.64
C VAL JD 124 13.94 -35.40 154.43
N SER JD 125 14.15 -35.03 153.17
CA SER JD 125 14.83 -33.79 152.83
C SER JD 125 14.10 -33.11 151.70
N VAL JD 126 14.13 -31.77 151.72
CA VAL JD 126 13.56 -31.00 150.63
C VAL JD 126 14.35 -31.23 149.35
N LYS JD 127 15.67 -31.41 149.47
CA LYS JD 127 16.48 -31.77 148.32
C LYS JD 127 16.11 -33.15 147.79
N ARG JD 128 15.78 -34.08 148.69
CA ARG JD 128 15.35 -35.41 148.29
C ARG JD 128 14.02 -35.35 147.54
N GLU JD 129 13.08 -34.55 148.05
CA GLU JD 129 11.79 -34.39 147.37
C GLU JD 129 11.95 -33.71 146.03
N ARG JD 130 12.84 -32.71 145.96
CA ARG JD 130 13.12 -32.03 144.69
C ARG JD 130 13.74 -32.97 143.68
N ALA JD 131 14.67 -33.83 144.13
CA ALA JD 131 15.29 -34.81 143.25
C ALA JD 131 14.28 -35.83 142.75
N LEU JD 132 13.38 -36.29 143.64
CA LEU JD 132 12.35 -37.24 143.24
C LEU JD 132 11.41 -36.65 142.22
N THR JD 133 10.95 -35.42 142.47
CA THR JD 133 10.02 -34.77 141.55
C THR JD 133 10.69 -34.46 140.21
N LEU JD 134 11.97 -34.08 140.25
CA LEU JD 134 12.72 -33.81 139.02
C LEU JD 134 12.89 -35.08 138.20
N ALA JD 135 13.20 -36.20 138.85
CA ALA JD 135 13.35 -37.46 138.14
C ALA JD 135 12.03 -37.94 137.56
N ARG JD 136 10.93 -37.78 138.31
CA ARG JD 136 9.63 -38.19 137.82
C ARG JD 136 9.20 -37.34 136.63
N SER JD 137 9.43 -36.03 136.69
CA SER JD 137 9.11 -35.15 135.58
C SER JD 137 9.98 -35.47 134.37
N ARG JD 138 11.25 -35.82 134.61
CA ARG JD 138 12.14 -36.26 133.53
C ARG JD 138 11.61 -37.51 132.85
N VAL JD 139 11.16 -38.48 133.65
CA VAL JD 139 10.68 -39.75 133.10
C VAL JD 139 9.43 -39.56 132.27
N VAL JD 140 8.48 -38.77 132.78
CA VAL JD 140 7.23 -38.58 132.04
C VAL JD 140 7.47 -37.71 130.81
N SER JD 141 8.41 -36.77 130.86
CA SER JD 141 8.71 -35.95 129.70
C SER JD 141 9.41 -36.78 128.62
N GLU JD 142 10.31 -37.68 129.02
CA GLU JD 142 11.00 -38.53 128.05
C GLU JD 142 10.03 -39.50 127.38
N TYR JD 143 9.11 -40.09 128.17
CA TYR JD 143 8.11 -40.98 127.57
C TYR JD 143 7.17 -40.21 126.65
N LEU JD 144 6.80 -38.99 127.03
CA LEU JD 144 5.90 -38.22 126.19
C LEU JD 144 6.56 -37.78 124.90
N TRP JD 145 7.85 -37.44 124.96
CA TRP JD 145 8.59 -37.13 123.75
C TRP JD 145 8.77 -38.36 122.87
N SER JD 146 8.90 -39.53 123.48
CA SER JD 146 8.90 -40.77 122.72
C SER JD 146 7.56 -40.98 122.03
N GLN JD 147 6.48 -40.60 122.69
CA GLN JD 147 5.18 -40.65 122.07
C GLN JD 147 5.01 -39.47 121.11
N GLY JD 148 3.93 -39.52 120.34
CA GLY JD 148 3.70 -38.60 119.25
C GLY JD 148 3.06 -37.28 119.63
N VAL JD 149 3.85 -36.36 120.19
CA VAL JD 149 3.38 -35.01 120.47
C VAL JD 149 4.05 -34.05 119.50
N ASP JD 150 3.27 -33.15 118.94
CA ASP JD 150 3.81 -32.16 118.00
C ASP JD 150 4.15 -30.85 118.69
N SER JD 151 4.87 -30.93 119.81
CA SER JD 151 5.35 -29.75 120.48
C SER JD 151 6.76 -29.44 120.03
N ARG JD 152 7.10 -28.16 120.01
CA ARG JD 152 8.48 -27.79 119.74
C ARG JD 152 9.30 -27.63 121.00
N ILE JD 153 8.65 -27.31 122.12
CA ILE JD 153 9.34 -27.14 123.40
C ILE JD 153 8.56 -27.92 124.45
N ILE JD 154 9.27 -28.73 125.23
CA ILE JD 154 8.71 -29.22 126.49
C ILE JD 154 9.68 -28.88 127.62
N PHE JD 155 9.14 -28.27 128.66
CA PHE JD 155 9.87 -27.95 129.88
C PHE JD 155 9.45 -28.90 130.98
N THR JD 156 10.41 -29.32 131.80
CA THR JD 156 10.15 -30.21 132.93
C THR JD 156 10.80 -29.65 134.18
N GLN JD 157 10.02 -29.60 135.27
CA GLN JD 157 10.53 -29.17 136.56
C GLN JD 157 9.68 -29.77 137.68
N GLY JD 158 10.31 -29.91 138.84
CA GLY JD 158 9.61 -30.38 140.02
C GLY JD 158 10.25 -29.78 141.25
N LEU JD 159 9.44 -29.60 142.30
CA LEU JD 159 9.92 -28.96 143.51
C LEU JD 159 9.51 -29.66 144.80
N GLY JD 160 8.63 -30.64 144.74
CA GLY JD 160 8.29 -31.38 145.94
C GLY JD 160 7.32 -30.68 146.87
N SER JD 161 7.76 -30.39 148.08
CA SER JD 161 6.92 -29.78 149.10
C SER JD 161 7.15 -28.27 149.17
N ASP JD 162 7.48 -27.66 148.03
CA ASP JD 162 7.70 -26.23 147.98
C ASP JD 162 6.47 -25.46 147.54
N LYS JD 163 5.42 -26.13 147.08
CA LYS JD 163 4.17 -25.48 146.69
C LYS JD 163 3.01 -26.23 147.33
N PRO JD 164 2.72 -25.96 148.60
CA PRO JD 164 1.57 -26.62 149.24
C PRO JD 164 0.27 -25.96 148.80
N ILE JD 165 -0.68 -26.79 148.35
CA ILE JD 165 -1.96 -26.29 147.86
C ILE JD 165 -3.13 -26.83 148.67
N THR JD 166 -2.85 -27.54 149.76
CA THR JD 166 -3.90 -28.17 150.55
C THR JD 166 -3.70 -27.86 152.02
N SER JD 167 -4.80 -27.50 152.70
CA SER JD 167 -4.75 -27.37 154.15
C SER JD 167 -4.52 -28.72 154.82
N TYR JD 168 -5.17 -29.75 154.31
CA TYR JD 168 -5.03 -31.10 154.87
C TYR JD 168 -3.67 -31.66 154.47
N THR JD 169 -2.72 -31.65 155.41
CA THR JD 169 -1.38 -32.15 155.17
C THR JD 169 -1.11 -33.46 155.89
N LEU JD 170 -2.11 -34.03 156.56
CA LEU JD 170 -1.89 -35.25 157.34
C LEU JD 170 -1.73 -36.46 156.44
N GLY JD 171 -2.37 -36.47 155.28
CA GLY JD 171 -2.25 -37.59 154.38
C GLY JD 171 -0.86 -37.68 153.77
N GLY JD 172 -0.48 -38.89 153.40
CA GLY JD 172 0.86 -39.12 152.87
C GLY JD 172 0.90 -38.95 151.38
N ASP JD 173 1.16 -40.03 150.66
CA ASP JD 173 1.18 -39.94 149.21
C ASP JD 173 -0.22 -39.91 148.61
N ARG JD 174 -1.24 -40.22 149.39
CA ARG JD 174 -2.61 -40.04 148.93
C ARG JD 174 -3.07 -38.61 149.03
N SER JD 175 -2.35 -37.76 149.76
CA SER JD 175 -2.66 -36.35 149.83
C SER JD 175 -2.39 -35.69 148.48
N PRO JD 176 -3.21 -34.71 148.07
CA PRO JD 176 -3.09 -34.15 146.71
C PRO JD 176 -1.88 -33.26 146.50
N ASN JD 177 -1.04 -33.03 147.52
CA ASN JD 177 0.21 -32.33 147.30
C ASN JD 177 1.14 -33.14 146.40
N ALA JD 178 1.10 -34.47 146.54
CA ALA JD 178 1.79 -35.36 145.62
C ALA JD 178 1.04 -35.34 144.30
N ARG JD 179 1.53 -34.55 143.35
CA ARG JD 179 0.77 -34.22 142.16
C ARG JD 179 1.72 -33.96 141.00
N VAL JD 180 1.17 -34.04 139.80
CA VAL JD 180 1.88 -33.66 138.58
C VAL JD 180 0.92 -32.89 137.69
N GLU JD 181 1.41 -31.80 137.14
CA GLU JD 181 0.59 -30.85 136.39
C GLU JD 181 1.15 -30.66 135.00
N ILE JD 182 0.26 -30.75 134.01
CA ILE JD 182 0.60 -30.61 132.60
C ILE JD 182 -0.09 -29.35 132.09
N THR JD 183 0.70 -28.34 131.74
CA THR JD 183 0.19 -27.03 131.36
C THR JD 183 0.53 -26.74 129.91
N PHE JD 184 -0.42 -26.16 129.19
CA PHE JD 184 -0.11 -25.52 127.92
C PHE JD 184 -1.12 -24.43 127.62
N ARG JD 185 -0.89 -23.74 126.50
CA ARG JD 185 -1.85 -22.81 125.94
C ARG JD 185 -2.11 -23.22 124.49
N ARG JD 186 -3.38 -23.47 124.17
CA ARG JD 186 -3.74 -23.72 122.79
C ARG JD 186 -3.73 -22.40 122.03
N ALA JD 187 -3.06 -22.37 120.89
CA ALA JD 187 -2.99 -21.18 120.06
C ALA JD 187 -3.45 -21.52 118.66
N VAL JD 188 -4.35 -20.70 118.12
CA VAL JD 188 -4.90 -20.79 116.76
C VAL JD 188 -5.51 -22.15 116.46
N CYS KD 42 1.45 -65.52 139.64
CA CYS KD 42 1.32 -64.35 138.78
C CYS KD 42 2.66 -63.95 138.19
N PHE KD 43 2.71 -62.75 137.61
CA PHE KD 43 3.92 -62.28 136.94
C PHE KD 43 3.89 -60.76 136.85
N HIS KD 44 5.03 -60.13 137.06
CA HIS KD 44 5.16 -58.71 136.82
C HIS KD 44 5.97 -58.49 135.54
N PRO KD 45 5.45 -57.72 134.59
CA PRO KD 45 6.17 -57.47 133.32
C PRO KD 45 7.51 -56.77 133.52
N PRO KD 46 7.68 -55.84 134.51
CA PRO KD 46 9.10 -55.45 134.70
C PRO KD 46 9.90 -56.46 135.51
N TYR KD 47 10.38 -57.48 134.78
CA TYR KD 47 11.38 -58.48 135.23
C TYR KD 47 10.89 -59.35 136.39
N ASN KD 48 9.61 -59.24 136.77
CA ASN KD 48 9.00 -59.90 137.93
C ASN KD 48 9.77 -59.61 139.22
N ASN KD 49 10.30 -58.39 139.31
CA ASN KD 49 11.00 -57.86 140.48
C ASN KD 49 12.20 -58.70 140.89
N PHE KD 50 12.86 -59.29 139.87
CA PHE KD 50 14.05 -60.15 140.03
C PHE KD 50 13.78 -61.32 140.96
N GLN KD 51 12.63 -61.93 140.81
CA GLN KD 51 12.29 -63.01 141.71
C GLN KD 51 12.26 -64.35 140.97
N PRO KD 52 12.47 -65.46 141.68
CA PRO KD 52 12.17 -66.77 141.10
C PRO KD 52 10.70 -66.89 140.75
N ASP KD 53 10.42 -67.13 139.48
CA ASP KD 53 9.06 -67.04 138.96
C ASP KD 53 8.20 -68.21 139.44
N ARG KD 54 6.94 -67.91 139.69
CA ARG KD 54 5.96 -68.94 140.05
C ARG KD 54 5.28 -69.49 138.80
N ARG KD 55 6.10 -70.10 137.95
CA ARG KD 55 5.66 -70.48 136.62
C ARG KD 55 5.08 -71.89 136.60
N ALA KD 56 5.82 -72.87 137.10
CA ALA KD 56 5.38 -74.27 137.03
C ALA KD 56 4.16 -74.52 137.91
N VAL KD 57 4.09 -73.85 139.06
CA VAL KD 57 2.91 -73.94 139.92
C VAL KD 57 1.69 -73.35 139.21
N LYS KD 58 1.87 -72.25 138.47
CA LYS KD 58 0.80 -71.69 137.67
C LYS KD 58 0.36 -72.64 136.56
N ARG KD 59 1.34 -73.30 135.91
CA ARG KD 59 1.02 -74.24 134.85
C ARG KD 59 0.23 -75.43 135.36
N VAL KD 60 0.65 -76.00 136.50
CA VAL KD 60 -0.07 -77.17 137.01
C VAL KD 60 -1.41 -76.76 137.62
N GLY KD 61 -1.52 -75.52 138.12
CA GLY KD 61 -2.80 -75.04 138.60
C GLY KD 61 -3.81 -74.86 137.48
N VAL KD 62 -3.40 -74.27 136.36
CA VAL KD 62 -4.34 -74.12 135.26
C VAL KD 62 -4.55 -75.44 134.53
N ASP KD 63 -3.64 -76.40 134.67
CA ASP KD 63 -3.90 -77.72 134.09
C ASP KD 63 -4.88 -78.51 134.95
N THR KD 64 -4.80 -78.38 136.28
CA THR KD 64 -5.77 -79.04 137.14
C THR KD 64 -7.13 -78.34 137.13
N GLY KD 65 -7.16 -77.03 136.86
CA GLY KD 65 -8.41 -76.30 136.81
C GLY KD 65 -9.16 -76.50 135.51
N GLY KD 88 -5.76 -84.22 136.36
CA GLY KD 88 -4.76 -83.97 135.34
C GLY KD 88 -3.46 -83.41 135.88
N GLY KD 89 -3.13 -83.80 137.12
CA GLY KD 89 -1.87 -83.38 137.71
C GLY KD 89 -0.66 -83.96 137.02
N THR KD 90 -0.76 -85.23 136.58
CA THR KD 90 0.31 -85.85 135.81
C THR KD 90 0.45 -85.19 134.44
N VAL KD 91 -0.68 -84.79 133.85
CA VAL KD 91 -0.66 -84.07 132.57
C VAL KD 91 0.02 -82.72 132.74
N GLY KD 92 -0.28 -82.04 133.85
CA GLY KD 92 0.41 -80.80 134.16
C GLY KD 92 1.89 -80.99 134.40
N LEU KD 93 2.26 -82.12 135.02
CA LEU KD 93 3.66 -82.41 135.28
C LEU KD 93 4.43 -82.66 133.98
N VAL KD 94 3.87 -83.46 133.08
CA VAL KD 94 4.57 -83.75 131.83
C VAL KD 94 4.59 -82.52 130.93
N ALA KD 95 3.53 -81.70 130.96
CA ALA KD 95 3.53 -80.45 130.20
C ALA KD 95 4.56 -79.47 130.76
N SER KD 96 4.70 -79.42 132.08
CA SER KD 96 5.69 -78.54 132.70
C SER KD 96 7.10 -78.97 132.36
N ILE KD 97 7.40 -80.27 132.45
CA ILE KD 97 8.77 -80.70 132.19
C ILE KD 97 9.11 -80.62 130.71
N TYR KD 98 8.11 -80.81 129.83
CA TYR KD 98 8.36 -80.58 128.41
C TYR KD 98 8.51 -79.10 128.11
N ARG KD 99 7.87 -78.24 128.92
CA ARG KD 99 8.06 -76.80 128.77
C ARG KD 99 9.45 -76.38 129.20
N ASP KD 100 9.95 -76.92 130.30
CA ASP KD 100 11.26 -76.54 130.80
C ASP KD 100 12.38 -77.39 130.22
N SER KD 101 12.06 -78.31 129.31
CA SER KD 101 13.09 -79.05 128.59
C SER KD 101 13.94 -78.09 127.77
N LYS KD 102 15.25 -78.36 127.73
CA LYS KD 102 16.21 -77.43 127.12
C LYS KD 102 16.00 -77.29 125.63
N ARG KD 103 15.56 -78.37 124.96
CA ARG KD 103 15.23 -78.29 123.54
C ARG KD 103 14.07 -77.35 123.28
N LYS KD 104 13.09 -77.32 124.22
CA LYS KD 104 11.97 -76.40 124.09
C LYS KD 104 12.41 -74.95 124.20
N ILE KD 105 13.31 -74.66 125.14
CA ILE KD 105 13.84 -73.30 125.28
C ILE KD 105 14.68 -72.92 124.08
N ILE KD 106 15.40 -73.90 123.51
CA ILE KD 106 16.19 -73.65 122.31
C ILE KD 106 15.29 -73.30 121.14
N ARG KD 107 14.17 -74.04 120.97
CA ARG KD 107 13.22 -73.71 119.92
C ARG KD 107 12.52 -72.37 120.18
N ASP KD 108 12.31 -72.02 121.45
CA ASP KD 108 11.73 -70.73 121.78
C ASP KD 108 12.69 -69.59 121.44
N LEU KD 109 13.98 -69.76 121.70
CA LEU KD 109 14.94 -68.75 121.28
C LEU KD 109 15.14 -68.74 119.78
N GLN KD 110 14.88 -69.86 119.10
CA GLN KD 110 14.85 -69.87 117.65
C GLN KD 110 13.69 -69.04 117.12
N LYS KD 111 12.54 -69.14 117.77
CA LYS KD 111 11.42 -68.24 117.48
C LYS KD 111 11.79 -66.80 117.77
N GLN KD 112 12.53 -66.59 118.85
CA GLN KD 112 13.11 -65.29 119.13
C GLN KD 112 14.22 -64.97 118.15
N ASP KD 113 14.68 -63.73 118.18
CA ASP KD 113 15.72 -63.28 117.26
C ASP KD 113 17.10 -63.48 117.86
N ILE KD 114 17.35 -64.67 118.40
CA ILE KD 114 18.56 -64.95 119.16
C ILE KD 114 19.22 -66.19 118.57
N GLN KD 115 20.51 -66.11 118.31
CA GLN KD 115 21.21 -67.23 117.69
C GLN KD 115 22.05 -67.95 118.74
N TYR KD 116 21.92 -69.28 118.79
CA TYR KD 116 22.59 -70.11 119.77
C TYR KD 116 23.60 -71.02 119.08
N VAL KD 117 24.83 -71.05 119.59
CA VAL KD 117 25.91 -71.81 118.99
C VAL KD 117 26.57 -72.67 120.07
N GLU KD 118 26.71 -73.95 119.78
CA GLU KD 118 27.46 -74.88 120.62
C GLU KD 118 28.59 -75.49 119.82
N TYR KD 119 29.78 -75.55 120.43
CA TYR KD 119 30.95 -76.08 119.74
C TYR KD 119 31.92 -76.57 120.81
N GLY KD 120 31.97 -77.88 121.00
CA GLY KD 120 32.83 -78.45 122.03
C GLY KD 120 32.33 -78.09 123.41
N ASP KD 121 33.22 -77.56 124.24
CA ASP KD 121 32.90 -77.18 125.60
C ASP KD 121 32.46 -75.73 125.72
N THR KD 122 32.45 -74.98 124.63
CA THR KD 122 32.16 -73.56 124.65
C THR KD 122 30.79 -73.30 124.07
N ARG KD 123 30.02 -72.45 124.72
CA ARG KD 123 28.69 -72.09 124.22
C ARG KD 123 28.59 -70.58 124.06
N THR KD 124 27.95 -70.16 122.97
CA THR KD 124 27.89 -68.76 122.59
C THR KD 124 26.47 -68.37 122.16
N LEU KD 125 26.17 -67.09 122.38
CA LEU KD 125 24.88 -66.50 122.05
C LEU KD 125 25.10 -65.21 121.28
N ILE KD 126 24.23 -64.98 120.29
CA ILE KD 126 24.27 -63.80 119.45
C ILE KD 126 22.97 -63.05 119.61
N ILE KD 127 23.07 -61.78 119.99
CA ILE KD 127 21.94 -60.92 120.36
C ILE KD 127 21.95 -59.67 119.47
N PRO KD 128 20.80 -59.22 118.95
CA PRO KD 128 20.76 -57.97 118.19
C PRO KD 128 20.56 -56.72 119.03
N THR KD 129 21.52 -55.81 118.94
CA THR KD 129 21.47 -54.56 119.69
C THR KD 129 20.32 -53.68 119.23
N ASP KD 130 20.08 -53.64 117.91
CA ASP KD 130 19.06 -52.78 117.34
C ASP KD 130 17.66 -53.23 117.68
N LYS KD 131 17.48 -54.50 118.05
CA LYS KD 131 16.19 -55.01 118.47
C LYS KD 131 16.09 -55.20 119.97
N TYR KD 132 17.18 -55.03 120.71
CA TYR KD 132 17.12 -55.18 122.15
C TYR KD 132 17.46 -53.92 122.92
N PHE KD 133 17.74 -52.81 122.24
CA PHE KD 133 17.89 -51.52 122.91
C PHE KD 133 17.03 -50.49 122.21
N MET KD 134 17.22 -49.22 122.55
CA MET KD 134 16.74 -48.13 121.72
C MET KD 134 17.84 -47.73 120.75
N PHE KD 135 17.57 -46.72 119.93
CA PHE KD 135 18.55 -46.30 118.93
C PHE KD 135 19.69 -45.57 119.59
N SER KD 136 20.88 -46.16 119.49
CA SER KD 136 22.16 -45.53 119.86
C SER KD 136 22.18 -45.09 121.32
N SER KD 137 21.56 -45.90 122.19
CA SER KD 137 21.46 -45.56 123.58
C SER KD 137 21.92 -46.73 124.43
N PRO KD 138 22.50 -46.46 125.61
CA PRO KD 138 22.76 -47.54 126.56
C PRO KD 138 21.52 -48.11 127.20
N ARG KD 139 20.36 -47.47 127.04
CA ARG KD 139 19.13 -47.93 127.65
C ARG KD 139 18.62 -49.20 126.97
N LEU KD 140 18.13 -50.12 127.79
CA LEU KD 140 17.64 -51.41 127.32
C LEU KD 140 16.18 -51.29 126.89
N ASN KD 141 15.85 -51.85 125.74
CA ASN KD 141 14.46 -51.92 125.31
C ASN KD 141 13.67 -52.86 126.20
N GLU KD 142 12.47 -52.43 126.57
CA GLU KD 142 11.64 -53.21 127.49
C GLU KD 142 10.69 -54.15 126.78
N ILE KD 143 10.70 -54.21 125.45
CA ILE KD 143 9.73 -55.05 124.75
C ILE KD 143 10.14 -56.52 124.79
N CYS KD 144 11.45 -56.79 124.75
CA CYS KD 144 11.95 -58.16 124.59
C CYS KD 144 12.17 -58.85 125.92
N TYR KD 145 11.43 -58.45 126.95
CA TYR KD 145 11.50 -59.13 128.24
C TYR KD 145 11.16 -60.63 128.24
N PRO KD 146 10.26 -61.20 127.41
CA PRO KD 146 10.19 -62.67 127.39
C PRO KD 146 11.46 -63.30 126.88
N GLY KD 147 12.13 -62.67 125.92
CA GLY KD 147 13.42 -63.16 125.47
C GLY KD 147 14.48 -63.08 126.55
N LEU KD 148 14.47 -62.00 127.33
CA LEU KD 148 15.43 -61.87 128.43
C LEU KD 148 15.16 -62.91 129.52
N ASN KD 149 13.89 -63.17 129.83
CA ASN KD 149 13.57 -64.19 130.83
C ASN KD 149 13.94 -65.58 130.34
N ASN KD 150 13.76 -65.83 129.04
CA ASN KD 150 14.21 -67.10 128.46
C ASN KD 150 15.73 -67.21 128.53
N VAL KD 151 16.42 -66.09 128.33
CA VAL KD 151 17.88 -66.05 128.45
C VAL KD 151 18.30 -66.42 129.87
N ILE KD 152 17.61 -65.87 130.87
CA ILE KD 152 17.94 -66.17 132.25
C ILE KD 152 17.63 -67.62 132.58
N ARG KD 153 16.51 -68.13 132.09
CA ARG KD 153 16.11 -69.51 132.36
C ARG KD 153 17.09 -70.51 131.74
N LEU KD 154 17.52 -70.27 130.50
CA LEU KD 154 18.49 -71.18 129.90
C LEU KD 154 19.88 -70.97 130.49
N LEU KD 155 20.20 -69.75 130.91
CA LEU KD 155 21.50 -69.45 131.48
C LEU KD 155 21.65 -69.99 132.88
N ASN KD 156 20.54 -70.28 133.56
CA ASN KD 156 20.60 -70.83 134.91
C ASN KD 156 21.13 -72.25 134.96
N PHE KD 157 21.19 -72.95 133.82
CA PHE KD 157 21.58 -74.35 133.81
C PHE KD 157 23.08 -74.58 134.04
N TYR KD 158 23.90 -73.54 133.91
CA TYR KD 158 25.35 -73.69 133.97
C TYR KD 158 25.89 -72.76 135.05
N PRO KD 159 25.78 -73.16 136.31
CA PRO KD 159 26.08 -72.23 137.40
C PRO KD 159 27.54 -72.21 137.83
N GLN KD 160 28.45 -72.76 137.02
CA GLN KD 160 29.86 -72.78 137.38
C GLN KD 160 30.78 -72.17 136.35
N SER KD 161 30.38 -72.08 135.09
CA SER KD 161 31.28 -71.59 134.05
C SER KD 161 31.43 -70.08 134.15
N THR KD 162 32.65 -69.60 133.94
CA THR KD 162 32.90 -68.17 133.86
C THR KD 162 32.33 -67.62 132.55
N ILE KD 163 31.98 -66.34 132.57
CA ILE KD 163 31.25 -65.72 131.48
C ILE KD 163 32.10 -64.63 130.86
N TYR KD 164 32.25 -64.68 129.54
CA TYR KD 164 32.76 -63.56 128.77
C TYR KD 164 31.62 -62.98 127.95
N VAL KD 165 31.54 -61.66 127.89
CA VAL KD 165 30.52 -60.99 127.09
C VAL KD 165 31.19 -59.87 126.32
N ALA KD 166 30.80 -59.73 125.05
CA ALA KD 166 31.39 -58.74 124.17
C ALA KD 166 30.30 -58.00 123.42
N GLY KD 167 30.59 -56.74 123.13
CA GLY KD 167 29.72 -55.91 122.31
C GLY KD 167 30.43 -55.55 121.02
N PHE KD 168 29.66 -55.39 119.95
CA PHE KD 168 30.21 -55.02 118.65
C PHE KD 168 29.26 -54.08 117.94
N THR KD 169 29.83 -53.20 117.13
CA THR KD 169 29.06 -52.27 116.30
C THR KD 169 29.73 -52.12 114.95
N ASP KD 170 29.08 -51.35 114.08
CA ASP KD 170 29.54 -51.17 112.70
C ASP KD 170 30.68 -50.14 112.64
N ASN KD 171 30.98 -49.68 111.44
CA ASN KD 171 32.19 -48.89 111.20
C ASN KD 171 31.97 -47.39 111.23
N VAL KD 172 30.74 -46.94 111.09
CA VAL KD 172 30.45 -45.53 110.86
C VAL KD 172 30.46 -44.79 112.18
N GLY KD 173 31.19 -43.67 112.22
CA GLY KD 173 31.27 -42.82 113.39
C GLY KD 173 32.71 -42.60 113.82
N SER KD 174 32.85 -41.83 114.89
CA SER KD 174 34.16 -41.67 115.52
C SER KD 174 34.58 -42.97 116.17
N ARG KD 175 35.88 -43.27 116.08
CA ARG KD 175 36.43 -44.49 116.67
C ARG KD 175 36.26 -44.49 118.18
N SER KD 176 36.57 -43.35 118.82
CA SER KD 176 36.42 -43.22 120.25
C SER KD 176 34.95 -43.32 120.67
N HIS KD 177 34.06 -42.73 119.87
CA HIS KD 177 32.64 -42.76 120.19
C HIS KD 177 32.07 -44.16 120.06
N LYS KD 178 32.51 -44.91 119.06
CA LYS KD 178 32.06 -46.29 118.90
C LYS KD 178 32.59 -47.17 120.02
N ARG KD 179 33.84 -46.92 120.44
CA ARG KD 179 34.40 -47.62 121.59
C ARG KD 179 33.62 -47.30 122.86
N LYS KD 180 33.22 -46.03 123.03
CA LYS KD 180 32.46 -45.63 124.20
C LYS KD 180 31.08 -46.29 124.23
N LEU KD 181 30.39 -46.32 123.09
CA LEU KD 181 29.06 -46.91 123.07
C LEU KD 181 29.12 -48.42 123.26
N SER KD 182 30.14 -49.07 122.70
CA SER KD 182 30.31 -50.50 122.89
C SER KD 182 30.61 -50.83 124.35
N GLN KD 183 31.47 -50.03 124.99
CA GLN KD 183 31.77 -50.24 126.40
C GLN KD 183 30.56 -49.97 127.26
N ALA KD 184 29.74 -48.98 126.89
CA ALA KD 184 28.51 -48.70 127.62
C ALA KD 184 27.52 -49.84 127.51
N GLN KD 185 27.39 -50.41 126.31
CA GLN KD 185 26.49 -51.55 126.12
C GLN KD 185 26.96 -52.76 126.90
N ALA KD 186 28.27 -52.99 126.92
CA ALA KD 186 28.83 -54.08 127.72
C ALA KD 186 28.59 -53.85 129.21
N GLU KD 187 28.73 -52.61 129.67
CA GLU KD 187 28.51 -52.29 131.07
C GLU KD 187 27.05 -52.49 131.46
N THR KD 188 26.12 -52.09 130.59
CA THR KD 188 24.70 -52.25 130.90
C THR KD 188 24.30 -53.73 130.92
N MET KD 189 24.77 -54.52 129.96
CA MET KD 189 24.43 -55.93 129.94
C MET KD 189 25.04 -56.67 131.13
N MET KD 190 26.29 -56.34 131.47
CA MET KD 190 26.95 -56.95 132.61
C MET KD 190 26.25 -56.58 133.91
N THR KD 191 25.82 -55.32 134.03
CA THR KD 191 25.09 -54.87 135.21
C THR KD 191 23.76 -55.59 135.33
N PHE KD 192 23.08 -55.78 134.20
CA PHE KD 192 21.81 -56.52 134.21
C PHE KD 192 22.02 -57.96 134.65
N LEU KD 193 23.07 -58.61 134.15
CA LEU KD 193 23.33 -59.99 134.54
C LEU KD 193 23.74 -60.10 136.01
N TRP KD 194 24.45 -59.10 136.52
CA TRP KD 194 24.80 -59.09 137.94
C TRP KD 194 23.56 -58.89 138.79
N ALA KD 195 22.64 -58.03 138.34
CA ALA KD 195 21.42 -57.80 139.09
C ALA KD 195 20.44 -58.95 138.96
N ASN KD 196 20.62 -59.81 137.96
CA ASN KD 196 19.80 -61.02 137.86
C ASN KD 196 20.02 -61.95 139.03
N GLY KD 197 21.23 -61.96 139.58
CA GLY KD 197 21.50 -62.79 140.74
C GLY KD 197 22.88 -63.41 140.69
N ILE KD 198 23.56 -63.28 139.55
CA ILE KD 198 24.92 -63.80 139.43
C ILE KD 198 25.89 -62.84 140.10
N ALA KD 199 26.74 -63.38 140.96
CA ALA KD 199 27.72 -62.56 141.67
C ALA KD 199 28.78 -62.03 140.71
N ALA KD 200 29.40 -60.92 141.11
CA ALA KD 200 30.34 -60.20 140.27
C ALA KD 200 31.65 -60.94 140.06
N LYS KD 201 31.89 -62.03 140.79
CA LYS KD 201 33.02 -62.89 140.51
C LYS KD 201 32.91 -63.51 139.12
N ARG KD 202 31.71 -63.89 138.72
CA ARG KD 202 31.49 -64.71 137.53
C ARG KD 202 31.21 -63.88 136.27
N LEU KD 203 31.71 -62.66 136.17
CA LEU KD 203 31.47 -61.86 134.98
C LEU KD 203 32.73 -61.14 134.54
N LYS KD 204 32.85 -60.97 133.22
CA LYS KD 204 33.90 -60.16 132.61
C LYS KD 204 33.42 -59.73 131.24
N ALA KD 205 33.47 -58.43 130.98
CA ALA KD 205 32.84 -57.85 129.80
C ALA KD 205 33.83 -57.01 129.02
N GLU KD 206 33.54 -56.85 127.73
CA GLU KD 206 34.32 -55.99 126.86
C GLU KD 206 33.45 -55.56 125.68
N GLY KD 207 33.57 -54.29 125.30
CA GLY KD 207 32.88 -53.83 124.13
C GLY KD 207 33.83 -53.28 123.08
N TYR KD 208 33.97 -53.99 121.97
CA TYR KD 208 34.78 -53.54 120.87
C TYR KD 208 33.89 -52.89 119.82
N GLY KD 209 34.52 -52.15 118.92
CA GLY KD 209 33.74 -51.49 117.90
C GLY KD 209 33.51 -52.41 116.73
N ASP KD 210 34.15 -52.10 115.61
CA ASP KD 210 34.11 -52.93 114.42
C ASP KD 210 35.42 -53.70 114.24
N LYS KD 211 36.03 -54.13 115.34
CA LYS KD 211 37.38 -54.68 115.31
C LYS KD 211 37.45 -56.06 114.64
N ASN KD 212 36.31 -56.72 114.47
CA ASN KD 212 36.28 -58.03 113.82
C ASN KD 212 34.92 -58.15 113.16
N ALA KD 213 34.87 -57.85 111.87
CA ALA KD 213 33.61 -57.79 111.16
C ALA KD 213 33.21 -59.20 110.73
N ILE KD 214 32.02 -59.63 111.18
CA ILE KD 214 31.45 -60.88 110.67
C ILE KD 214 30.77 -60.69 109.33
N SER KD 215 30.68 -59.45 108.85
CA SER KD 215 30.02 -59.15 107.59
C SER KD 215 30.67 -57.92 106.99
N ASP KD 216 30.51 -57.78 105.68
CA ASP KD 216 31.10 -56.67 104.95
C ASP KD 216 30.22 -55.43 105.08
N ASN KD 217 30.82 -54.34 105.55
CA ASN KD 217 30.04 -53.18 105.96
C ASN KD 217 29.48 -52.40 104.79
N ALA KD 218 30.01 -52.58 103.57
CA ALA KD 218 29.47 -51.89 102.41
C ALA KD 218 28.12 -52.44 101.98
N ILE KD 219 27.81 -53.67 102.34
CA ILE KD 219 26.50 -54.24 102.09
C ILE KD 219 25.59 -53.83 103.23
N ILE KD 220 24.37 -53.41 102.90
CA ILE KD 220 23.48 -52.81 103.89
C ILE KD 220 22.99 -53.85 104.89
N HIS KD 221 22.59 -55.03 104.41
CA HIS KD 221 22.07 -56.06 105.31
C HIS KD 221 23.17 -56.62 106.19
N GLY KD 222 24.37 -56.82 105.63
CA GLY KD 222 25.50 -57.25 106.45
C GLY KD 222 25.93 -56.19 107.45
N SER KD 223 25.85 -54.92 107.07
CA SER KD 223 26.14 -53.84 108.00
C SER KD 223 25.12 -53.79 109.13
N ALA KD 224 23.87 -54.12 108.83
CA ALA KD 224 22.88 -54.30 109.87
C ALA KD 224 23.22 -55.51 110.75
N GLN KD 225 23.75 -56.58 110.14
CA GLN KD 225 24.11 -57.78 110.87
C GLN KD 225 25.30 -57.58 111.78
N ASN KD 226 26.15 -56.60 111.48
CA ASN KD 226 27.45 -56.50 112.14
C ASN KD 226 27.34 -56.13 113.62
N ARG KD 227 26.49 -55.16 113.96
CA ARG KD 227 26.37 -54.76 115.35
C ARG KD 227 25.62 -55.83 116.14
N ARG KD 228 26.20 -56.26 117.26
CA ARG KD 228 25.76 -57.50 117.89
C ARG KD 228 26.26 -57.55 119.33
N ILE KD 229 25.73 -58.51 120.07
CA ILE KD 229 26.19 -58.85 121.41
C ILE KD 229 26.57 -60.32 121.40
N GLU KD 230 27.80 -60.61 121.79
CA GLU KD 230 28.34 -61.95 121.87
C GLU KD 230 28.41 -62.38 123.33
N ILE KD 231 27.99 -63.63 123.58
CA ILE KD 231 28.05 -64.23 124.92
C ILE KD 231 28.79 -65.55 124.81
N GLN KD 232 29.91 -65.68 125.52
CA GLN KD 232 30.69 -66.90 125.52
C GLN KD 232 30.80 -67.45 126.94
N TRP KD 233 30.76 -68.77 127.06
CA TRP KD 233 31.19 -69.38 128.32
C TRP KD 233 31.81 -70.74 128.07
N PHE KD 234 32.76 -71.07 128.95
CA PHE KD 234 33.50 -72.33 128.92
C PHE KD 234 32.67 -73.42 129.60
N THR KD 235 33.33 -74.51 129.99
CA THR KD 235 32.71 -75.53 130.82
C THR KD 235 33.42 -75.70 132.15
N SER KD 236 34.70 -76.03 132.13
CA SER KD 236 35.46 -76.27 133.36
C SER KD 236 36.75 -75.45 133.38
N LEU LD 113 54.95 -57.56 172.42
CA LEU LD 113 55.04 -56.69 171.25
C LEU LD 113 54.44 -57.37 170.02
N ASN LD 114 53.78 -58.51 170.22
CA ASN LD 114 53.24 -59.28 169.09
C ASN LD 114 51.80 -59.73 169.31
N ARG LD 115 51.38 -59.89 170.55
CA ARG LD 115 50.04 -60.42 170.83
C ARG LD 115 49.54 -59.89 172.15
N PHE LD 116 48.34 -59.31 172.15
CA PHE LD 116 47.74 -58.86 173.40
C PHE LD 116 46.23 -59.00 173.36
N ARG LD 117 45.67 -59.53 174.44
CA ARG LD 117 44.24 -59.59 174.66
C ARG LD 117 43.94 -58.92 176.00
N TYR LD 118 43.05 -57.94 176.01
CA TYR LD 118 42.76 -57.17 177.21
C TYR LD 118 41.38 -57.55 177.73
N GLU LD 119 41.32 -57.80 179.03
CA GLU LD 119 40.09 -58.07 179.76
C GLU LD 119 40.18 -57.37 181.11
N GLY LD 120 39.03 -57.26 181.77
CA GLY LD 120 38.98 -56.71 183.11
C GLY LD 120 38.53 -55.26 183.22
N ALA LD 121 38.09 -54.65 182.13
CA ALA LD 121 37.47 -53.32 182.08
C ALA LD 121 38.41 -52.23 182.61
N GLY LD 122 39.49 -52.00 181.84
CA GLY LD 122 40.47 -51.01 182.18
C GLY LD 122 40.67 -49.98 181.08
N VAL LD 123 41.44 -48.95 181.41
CA VAL LD 123 41.80 -47.89 180.46
C VAL LD 123 43.31 -47.99 180.23
N VAL LD 124 43.69 -48.30 179.00
CA VAL LD 124 45.09 -48.45 178.62
C VAL LD 124 45.43 -47.42 177.55
N THR LD 125 46.49 -46.65 177.77
CA THR LD 125 46.97 -45.68 176.82
C THR LD 125 48.44 -45.96 176.52
N GLY LD 126 48.76 -46.14 175.24
CA GLY LD 126 50.13 -46.37 174.82
C GLY LD 126 50.53 -45.44 173.70
N ASN LD 127 51.65 -44.74 173.89
CA ASN LD 127 52.12 -43.77 172.90
C ASN LD 127 53.58 -44.02 172.60
N ASN LD 128 53.97 -43.67 171.37
CA ASN LD 128 55.35 -43.74 170.85
C ASN LD 128 55.91 -45.16 170.94
N LEU LD 129 55.23 -46.07 170.26
CA LEU LD 129 55.70 -47.44 170.07
C LEU LD 129 55.76 -47.72 168.57
N ARG LD 130 56.81 -48.41 168.15
CA ARG LD 130 57.03 -48.70 166.74
C ARG LD 130 57.25 -50.21 166.57
N THR LD 131 56.45 -50.82 165.71
CA THR LD 131 56.55 -52.25 165.46
C THR LD 131 56.06 -52.51 164.04
N SER LD 132 55.89 -53.79 163.71
CA SER LD 132 55.51 -54.20 162.36
C SER LD 132 54.13 -54.82 162.30
N TYR LD 133 53.87 -55.87 163.06
CA TYR LD 133 52.57 -56.52 163.06
C TYR LD 133 52.33 -57.15 164.42
N LEU LD 134 51.12 -56.96 164.95
CA LEU LD 134 50.72 -57.60 166.19
C LEU LD 134 49.22 -57.85 166.14
N ASP LD 135 48.77 -58.79 166.96
CA ASP LD 135 47.36 -59.16 167.05
C ASP LD 135 46.79 -58.65 168.37
N LEU LD 136 45.59 -58.08 168.30
CA LEU LD 136 44.92 -57.47 169.43
C LEU LD 136 43.52 -58.03 169.59
N TYR LD 137 43.13 -58.27 170.83
CA TYR LD 137 41.76 -58.62 171.16
C TYR LD 137 41.32 -57.79 172.36
N LEU LD 138 40.08 -57.30 172.30
CA LEU LD 138 39.53 -56.46 173.36
C LEU LD 138 38.23 -57.05 173.88
N ALA LD 139 38.10 -57.13 175.21
CA ALA LD 139 36.89 -57.58 175.85
C ALA LD 139 36.64 -56.74 177.09
N ASN LD 140 35.43 -56.90 177.63
CA ASN LD 140 34.96 -56.25 178.87
C ASN LD 140 34.96 -54.72 178.77
N GLU LD 141 34.81 -54.20 177.55
CA GLU LD 141 34.53 -52.79 177.26
C GLU LD 141 35.62 -51.86 177.81
N GLY LD 142 36.85 -52.13 177.38
CA GLY LD 142 37.97 -51.29 177.79
C GLY LD 142 38.02 -49.98 177.03
N THR LD 143 38.79 -49.03 177.56
CA THR LD 143 39.01 -47.74 176.93
C THR LD 143 40.48 -47.66 176.52
N THR LD 144 40.74 -47.60 175.22
CA THR LD 144 42.08 -47.79 174.71
C THR LD 144 42.51 -46.62 173.83
N ARG LD 145 43.72 -46.12 174.06
CA ARG LD 145 44.32 -45.05 173.28
C ARG LD 145 45.65 -45.53 172.71
N LEU LD 146 45.86 -45.31 171.42
CA LEU LD 146 47.10 -45.67 170.75
C LEU LD 146 47.63 -44.46 169.99
N ALA LD 147 48.89 -44.12 170.23
CA ALA LD 147 49.52 -42.97 169.59
C ALA LD 147 50.92 -43.34 169.10
N GLY LD 148 51.01 -44.46 168.39
CA GLY LD 148 52.27 -44.87 167.79
C GLY LD 148 52.04 -45.43 166.40
N ASN LD 149 53.05 -45.25 165.55
CA ASN LD 149 53.00 -45.74 164.17
C ASN LD 149 53.13 -47.26 164.23
N ILE LD 150 52.00 -47.94 164.26
CA ILE LD 150 51.94 -49.37 164.52
C ILE LD 150 51.09 -50.02 163.43
N GLY LD 151 51.68 -50.98 162.72
CA GLY LD 151 50.96 -51.75 161.72
C GLY LD 151 50.46 -53.07 162.29
N LEU LD 152 49.40 -53.60 161.68
CA LEU LD 152 48.80 -54.85 162.11
C LEU LD 152 47.96 -55.41 160.96
N GLN LD 153 47.51 -56.63 161.15
CA GLN LD 153 46.62 -57.30 160.21
C GLN LD 153 45.37 -57.84 160.87
N LYS LD 154 45.47 -58.32 162.11
CA LYS LD 154 44.38 -58.99 162.78
C LYS LD 154 44.02 -58.26 164.07
N LEU LD 155 42.73 -58.06 164.29
CA LEU LD 155 42.21 -57.41 165.49
C LEU LD 155 40.78 -57.87 165.71
N GLU LD 156 40.41 -58.02 166.98
CA GLU LD 156 39.04 -58.37 167.32
C GLU LD 156 38.64 -57.69 168.63
N ALA LD 157 37.33 -57.46 168.77
CA ALA LD 157 36.79 -56.87 169.99
C ALA LD 157 35.35 -57.34 170.16
N VAL LD 158 34.87 -57.27 171.41
CA VAL LD 158 33.50 -57.67 171.68
C VAL LD 158 32.50 -56.63 171.17
N GLY LD 159 32.55 -55.43 171.73
CA GLY LD 159 31.59 -54.40 171.39
C GLY LD 159 31.45 -53.41 172.54
N ASN LD 160 30.81 -52.28 172.22
CA ASN LD 160 30.55 -51.17 173.14
C ASN LD 160 31.83 -50.60 173.75
N GLY LD 161 32.94 -50.70 173.02
CA GLY LD 161 34.24 -50.27 173.50
C GLY LD 161 34.72 -49.06 172.72
N VAL LD 162 35.56 -48.26 173.36
CA VAL LD 162 36.12 -47.05 172.76
C VAL LD 162 37.62 -47.27 172.58
N THR LD 163 38.07 -47.13 171.34
CA THR LD 163 39.48 -47.31 171.00
C THR LD 163 39.86 -46.28 169.95
N GLN LD 164 40.73 -45.36 170.32
CA GLN LD 164 41.19 -44.31 169.42
C GLN LD 164 42.65 -44.57 169.08
N ILE LD 165 42.92 -44.84 167.81
CA ILE LD 165 44.25 -45.16 167.34
C ILE LD 165 44.65 -44.10 166.31
N ASN LD 166 45.81 -43.48 166.51
CA ASN LD 166 46.32 -42.44 165.63
C ASN LD 166 47.58 -42.95 164.96
N GLY LD 167 47.47 -43.32 163.69
CA GLY LD 167 48.64 -43.71 162.91
C GLY LD 167 48.84 -45.20 162.81
N VAL LD 168 48.49 -45.78 161.67
CA VAL LD 168 48.73 -47.20 161.39
C VAL LD 168 49.37 -47.30 160.01
N SER LD 169 50.53 -47.93 159.94
CA SER LD 169 51.22 -48.19 158.69
C SER LD 169 51.14 -49.69 158.43
N SER LD 170 50.06 -50.12 157.78
CA SER LD 170 49.80 -51.52 157.55
C SER LD 170 49.65 -51.78 156.06
N ARG LD 171 49.93 -53.02 155.66
CA ARG LD 171 49.82 -53.43 154.27
C ARG LD 171 48.69 -54.41 154.02
N ASN LD 172 48.04 -54.93 155.07
CA ASN LD 172 46.91 -55.83 154.94
C ASN LD 172 46.12 -55.80 156.24
N LEU LD 173 44.86 -56.19 156.15
CA LEU LD 173 44.00 -56.26 157.32
C LEU LD 173 42.84 -57.19 157.06
N GLN LD 174 42.32 -57.79 158.12
CA GLN LD 174 41.07 -58.54 158.08
C GLN LD 174 40.39 -58.42 159.44
N ILE LD 175 39.10 -58.09 159.42
CA ILE LD 175 38.38 -57.75 160.65
C ILE LD 175 36.94 -58.21 160.51
N VAL LD 176 36.42 -58.84 161.58
CA VAL LD 176 35.03 -59.23 161.66
C VAL LD 176 34.44 -58.61 162.92
N LEU LD 177 33.11 -58.46 162.93
CA LEU LD 177 32.44 -57.85 164.07
C LEU LD 177 31.24 -58.67 164.48
N LYS LD 178 31.04 -58.77 165.79
CA LYS LD 178 29.99 -59.57 166.40
C LYS LD 178 29.03 -58.77 167.26
N GLY LD 179 29.53 -57.83 168.04
CA GLY LD 179 28.74 -56.94 168.86
C GLY LD 179 28.60 -55.56 168.26
N ASP LD 180 28.55 -54.55 169.12
CA ASP LD 180 28.34 -53.17 168.70
C ASP LD 180 29.46 -52.27 169.23
N PRO LD 181 30.64 -52.32 168.63
CA PRO LD 181 31.73 -51.45 169.08
C PRO LD 181 31.63 -50.06 168.46
N LYS LD 182 32.39 -49.13 169.04
CA LYS LD 182 32.41 -47.74 168.61
C LYS LD 182 33.88 -47.36 168.49
N VAL LD 183 34.46 -47.61 167.31
CA VAL LD 183 35.89 -47.49 167.11
C VAL LD 183 36.15 -46.68 165.84
N LEU LD 184 37.35 -46.12 165.76
CA LEU LD 184 37.82 -45.47 164.56
C LEU LD 184 39.34 -45.53 164.53
N ILE LD 185 39.90 -45.78 163.34
CA ILE LD 185 41.33 -45.94 163.15
C ILE LD 185 41.78 -44.97 162.07
N SER LD 186 42.89 -44.29 162.31
CA SER LD 186 43.53 -43.42 161.33
C SER LD 186 44.85 -44.03 160.89
N GLY LD 187 45.08 -44.03 159.58
CA GLY LD 187 46.32 -44.55 159.03
C GLY LD 187 46.13 -44.94 157.58
N PHE LD 188 47.03 -45.80 157.09
CA PHE LD 188 46.96 -46.36 155.74
C PHE LD 188 46.76 -47.85 155.87
N VAL LD 189 45.54 -48.32 155.59
CA VAL LD 189 45.16 -49.70 155.86
C VAL LD 189 44.59 -50.31 154.58
N ASN LD 190 45.12 -51.46 154.19
CA ASN LD 190 44.59 -52.26 153.10
C ASN LD 190 43.61 -53.27 153.69
N LEU LD 191 42.34 -53.14 153.33
CA LEU LD 191 41.31 -54.06 153.79
C LEU LD 191 40.91 -54.99 152.65
N ARG LD 192 40.73 -56.27 152.96
CA ARG LD 192 40.27 -57.25 151.99
C ARG LD 192 38.76 -57.43 152.04
N GLN LD 193 38.21 -57.66 153.23
CA GLN LD 193 36.81 -58.01 153.37
C GLN LD 193 36.33 -57.61 154.76
N LEU LD 194 35.12 -57.03 154.83
CA LEU LD 194 34.56 -56.61 156.11
C LEU LD 194 33.11 -57.07 156.21
N ASP LD 195 32.79 -57.68 157.35
CA ASP LD 195 31.43 -58.12 157.66
C ASP LD 195 31.04 -57.57 159.02
N MET LD 196 29.86 -56.97 159.10
CA MET LD 196 29.35 -56.42 160.35
C MET LD 196 27.91 -56.90 160.55
N TYR LD 197 27.63 -57.35 161.78
CA TYR LD 197 26.33 -57.94 162.10
C TYR LD 197 25.67 -57.34 163.33
N GLY LD 198 26.35 -56.52 164.10
CA GLY LD 198 25.80 -55.92 165.31
C GLY LD 198 25.26 -54.53 165.06
N LYS LD 199 25.59 -53.62 165.97
CA LYS LD 199 25.17 -52.22 165.85
C LYS LD 199 26.38 -51.33 165.91
N GLY LD 200 27.36 -51.64 165.08
CA GLY LD 200 28.68 -51.04 165.21
C GLY LD 200 28.86 -49.80 164.35
N THR LD 201 29.72 -48.92 164.87
CA THR LD 201 30.13 -47.70 164.19
C THR LD 201 31.63 -47.76 163.95
N LEU LD 202 32.06 -47.32 162.78
CA LEU LD 202 33.45 -47.46 162.38
C LEU LD 202 33.79 -46.33 161.42
N SER LD 203 35.04 -45.87 161.47
CA SER LD 203 35.47 -44.80 160.59
C SER LD 203 36.96 -44.89 160.34
N LEU LD 204 37.33 -44.94 159.06
CA LEU LD 204 38.72 -44.91 158.64
C LEU LD 204 38.93 -43.72 157.72
N TYR LD 205 40.19 -43.31 157.59
CA TYR LD 205 40.49 -42.09 156.86
C TYR LD 205 41.09 -42.33 155.49
N TRP LD 206 42.08 -43.22 155.39
CA TRP LD 206 42.75 -43.48 154.13
C TRP LD 206 42.94 -44.97 153.96
N ILE LD 207 42.38 -45.53 152.89
CA ILE LD 207 42.50 -46.95 152.59
C ILE LD 207 43.01 -47.12 151.18
N LYS LD 208 43.84 -48.13 150.98
CA LYS LD 208 44.50 -48.38 149.70
C LYS LD 208 44.30 -49.86 149.35
N SER LD 209 43.41 -50.12 148.41
CA SER LD 209 43.12 -51.48 147.99
C SER LD 209 42.54 -51.44 146.58
N ASP LD 210 42.48 -52.61 145.97
CA ASP LD 210 41.84 -52.78 144.67
C ASP LD 210 40.41 -53.26 144.80
N THR LD 211 40.18 -54.28 145.62
CA THR LD 211 38.88 -54.92 145.73
C THR LD 211 38.43 -54.92 147.18
N LEU LD 212 37.19 -54.50 147.40
CA LEU LD 212 36.57 -54.50 148.72
C LEU LD 212 35.26 -55.26 148.67
N THR LD 213 34.97 -55.99 149.75
CA THR LD 213 33.74 -56.76 149.87
C THR LD 213 33.15 -56.49 151.24
N ILE LD 214 31.98 -55.85 151.27
CA ILE LD 214 31.35 -55.40 152.52
C ILE LD 214 30.02 -56.12 152.66
N ARG LD 215 29.78 -56.70 153.83
CA ARG LD 215 28.52 -57.35 154.16
C ARG LD 215 27.98 -56.76 155.46
N ALA LD 216 26.90 -55.97 155.37
CA ALA LD 216 26.33 -55.31 156.55
C ALA LD 216 24.93 -55.83 156.81
N LYS LD 217 24.68 -56.18 158.08
CA LYS LD 217 23.48 -56.92 158.44
C LYS LD 217 22.46 -56.08 159.22
N LYS LD 218 22.84 -55.52 160.38
CA LYS LD 218 21.87 -54.92 161.29
C LYS LD 218 22.06 -53.42 161.44
N ALA LD 219 23.24 -52.96 161.85
CA ALA LD 219 23.52 -51.53 161.88
C ALA LD 219 25.02 -51.34 161.72
N ALA LD 220 25.43 -50.85 160.56
CA ALA LD 220 26.84 -50.60 160.26
C ALA LD 220 26.95 -49.14 159.88
N LYS LD 221 27.56 -48.35 160.75
CA LYS LD 221 27.65 -46.90 160.55
C LYS LD 221 29.12 -46.62 160.22
N ILE LD 222 29.45 -46.65 158.93
CA ILE LD 222 30.84 -46.67 158.48
C ILE LD 222 31.14 -45.40 157.70
N GLN LD 223 32.19 -44.71 158.11
CA GLN LD 223 32.68 -43.50 157.46
C GLN LD 223 34.06 -43.84 156.87
N LEU LD 224 34.10 -44.04 155.56
CA LEU LD 224 35.31 -44.50 154.88
C LEU LD 224 35.71 -43.53 153.79
N ALA LD 225 37.00 -43.50 153.50
CA ALA LD 225 37.55 -42.66 152.45
C ALA LD 225 38.85 -43.28 151.95
N GLY LD 226 39.04 -43.28 150.64
CA GLY LD 226 40.25 -43.83 150.08
C GLY LD 226 40.07 -44.19 148.62
N ILE LD 227 40.96 -45.05 148.13
CA ILE LD 227 41.01 -45.44 146.73
C ILE LD 227 40.73 -46.93 146.64
N VAL LD 228 39.67 -47.30 145.92
CA VAL LD 228 39.32 -48.70 145.68
C VAL LD 228 39.04 -48.86 144.20
N ASN LD 229 39.72 -49.80 143.56
CA ASN LD 229 39.46 -50.04 142.14
C ASN LD 229 38.12 -50.74 141.93
N ARG LD 230 37.84 -51.77 142.72
CA ARG LD 230 36.65 -52.59 142.52
C ARG LD 230 35.99 -52.82 143.87
N LEU LD 231 34.72 -52.44 143.99
CA LEU LD 231 34.03 -52.40 145.27
C LEU LD 231 32.70 -53.11 145.17
N ASP LD 232 32.40 -53.95 146.16
CA ASP LD 232 31.11 -54.62 146.26
C ASP LD 232 30.57 -54.46 147.68
N VAL LD 233 29.33 -53.99 147.79
CA VAL LD 233 28.71 -53.72 149.09
C VAL LD 233 27.31 -54.31 149.10
N GLU LD 234 27.03 -55.16 150.09
CA GLU LD 234 25.71 -55.73 150.32
C GLU LD 234 25.16 -55.23 151.64
N LEU LD 235 23.95 -54.67 151.61
CA LEU LD 235 23.27 -54.16 152.78
C LEU LD 235 21.96 -54.92 152.98
N TRP LD 236 21.71 -55.35 154.22
CA TRP LD 236 20.51 -56.15 154.48
C TRP LD 236 19.37 -55.32 155.08
N ASP LD 237 19.59 -54.70 156.24
CA ASP LD 237 18.53 -53.93 156.90
C ASP LD 237 19.15 -52.96 157.88
N PHE LD 238 18.71 -51.70 157.81
CA PHE LD 238 19.16 -50.61 158.70
C PHE LD 238 20.67 -50.42 158.64
N ALA LD 239 21.23 -50.61 157.46
CA ALA LD 239 22.65 -50.44 157.21
C ALA LD 239 22.81 -49.17 156.41
N GLN LD 240 23.60 -48.24 156.94
CA GLN LD 240 23.79 -46.92 156.36
C GLN LD 240 25.27 -46.75 156.07
N PHE LD 241 25.67 -46.99 154.82
CA PHE LD 241 27.06 -46.82 154.41
C PHE LD 241 27.23 -45.42 153.85
N LYS LD 242 28.03 -44.61 154.52
CA LYS LD 242 28.38 -43.28 154.05
C LYS LD 242 29.77 -43.32 153.41
N GLY LD 243 29.83 -43.93 152.23
CA GLY LD 243 31.07 -43.95 151.48
C GLY LD 243 31.31 -42.71 150.64
N LYS LD 244 30.96 -41.55 151.18
CA LYS LD 244 31.37 -40.28 150.60
C LYS LD 244 32.88 -40.14 150.76
N TYR LD 245 33.48 -39.39 149.81
CA TYR LD 245 34.93 -39.19 149.68
C TYR LD 245 35.67 -40.52 149.50
N LEU LD 246 34.99 -41.51 148.94
CA LEU LD 246 35.58 -42.80 148.59
C LEU LD 246 35.42 -42.94 147.09
N ARG LD 247 36.51 -42.72 146.36
CA ARG LD 247 36.46 -42.70 144.91
C ARG LD 247 36.70 -44.12 144.41
N ALA LD 248 35.66 -44.72 143.85
CA ALA LD 248 35.69 -46.12 143.42
C ALA LD 248 35.48 -46.21 141.92
N GLN LD 249 36.37 -46.95 141.26
CA GLN LD 249 36.29 -47.08 139.82
C GLN LD 249 35.16 -48.01 139.41
N ARG LD 250 35.00 -49.11 140.14
CA ARG LD 250 33.91 -50.05 139.93
C ARG LD 250 33.08 -50.13 141.19
N SER LD 251 31.77 -49.93 141.06
CA SER LD 251 30.84 -50.03 142.19
C SER LD 251 29.78 -51.07 141.89
N PHE LD 252 29.56 -51.97 142.85
CA PHE LD 252 28.50 -52.98 142.76
C PHE LD 252 27.79 -53.01 144.10
N VAL LD 253 26.57 -52.47 144.13
CA VAL LD 253 25.83 -52.31 145.38
C VAL LD 253 24.54 -53.10 145.28
N LYS LD 254 24.32 -53.97 146.28
CA LYS LD 254 23.08 -54.72 146.39
C LYS LD 254 22.46 -54.42 147.74
N THR LD 255 21.25 -53.87 147.74
CA THR LD 255 20.61 -53.36 148.94
C THR LD 255 19.22 -53.95 149.09
N HIS LD 256 18.96 -54.52 150.26
CA HIS LD 256 17.64 -55.03 150.61
C HIS LD 256 16.87 -53.94 151.34
N ASP LD 257 15.80 -54.34 152.05
CA ASP LD 257 14.88 -53.41 152.68
C ASP LD 257 15.56 -52.55 153.73
N LYS LD 258 15.25 -51.24 153.69
CA LYS LD 258 15.71 -50.23 154.64
C LYS LD 258 17.24 -50.14 154.66
N SER LD 259 17.78 -49.71 153.52
CA SER LD 259 19.20 -49.58 153.32
C SER LD 259 19.53 -48.18 152.83
N VAL LD 260 20.69 -47.67 153.24
CA VAL LD 260 21.12 -46.32 152.89
C VAL LD 260 22.52 -46.41 152.28
N ALA LD 261 22.68 -45.91 151.07
CA ALA LD 261 23.97 -45.92 150.39
C ALA LD 261 24.35 -44.50 149.97
N GLU LD 262 25.57 -44.10 150.31
CA GLU LD 262 26.14 -42.80 149.94
C GLU LD 262 27.42 -43.08 149.18
N ILE LD 263 27.38 -42.98 147.84
CA ILE LD 263 28.47 -43.44 147.00
C ILE LD 263 29.08 -42.27 146.25
N SER LD 264 30.33 -42.47 145.82
CA SER LD 264 31.12 -41.49 145.08
C SER LD 264 31.83 -42.16 143.91
N ALA LD 265 31.04 -42.85 143.07
CA ALA LD 265 31.56 -43.66 141.97
C ALA LD 265 32.25 -42.80 140.91
N VAL LD 266 33.23 -43.41 140.24
CA VAL LD 266 34.13 -42.70 139.33
C VAL LD 266 33.90 -43.08 137.88
N ASN LD 267 33.99 -44.37 137.57
CA ASN LD 267 33.89 -44.84 136.20
C ASN LD 267 32.63 -45.62 135.92
N HIS LD 268 32.34 -46.63 136.73
CA HIS LD 268 31.25 -47.56 136.45
C HIS LD 268 30.47 -47.83 137.72
N GLN LD 269 29.16 -47.61 137.65
CA GLN LD 269 28.27 -47.69 138.79
C GLN LD 269 27.19 -48.72 138.49
N SER LD 270 27.04 -49.69 139.40
CA SER LD 270 26.05 -50.75 139.27
C SER LD 270 25.28 -50.85 140.57
N SER LD 271 23.97 -50.60 140.51
CA SER LD 271 23.17 -50.45 141.72
C SER LD 271 21.88 -51.27 141.64
N LEU LD 272 21.54 -51.91 142.75
CA LEU LD 272 20.30 -52.66 142.85
C LEU LD 272 19.69 -52.46 144.24
N ALA LD 273 18.40 -52.13 144.27
CA ALA LD 273 17.67 -51.93 145.52
C ALA LD 273 16.34 -52.66 145.46
N THR LD 274 15.99 -53.34 146.54
CA THR LD 274 14.73 -54.09 146.54
C THR LD 274 13.55 -53.17 146.81
N ASP LD 275 13.50 -52.61 148.01
CA ASP LD 275 12.40 -51.74 148.44
C ASP LD 275 12.86 -50.97 149.65
N ALA LD 276 12.26 -49.79 149.86
CA ALA LD 276 12.45 -48.94 151.04
C ALA LD 276 13.90 -48.56 151.27
N SER LD 277 14.71 -48.53 150.21
CA SER LD 277 16.14 -48.28 150.31
C SER LD 277 16.52 -47.18 149.34
N ASP LD 278 17.52 -46.40 149.74
CA ASP LD 278 17.94 -45.22 149.00
C ASP LD 278 19.40 -45.36 148.61
N ILE LD 279 19.69 -45.05 147.36
CA ILE LD 279 21.05 -45.13 146.80
C ILE LD 279 21.36 -43.76 146.22
N TYR LD 280 22.30 -43.04 146.83
CA TYR LD 280 22.62 -41.68 146.42
C TYR LD 280 24.03 -41.65 145.86
N TYR LD 281 24.17 -41.30 144.59
CA TYR LD 281 25.48 -41.17 143.97
C TYR LD 281 25.83 -39.68 143.87
N TYR LD 282 26.99 -39.32 144.41
CA TYR LD 282 27.35 -37.92 144.53
C TYR LD 282 28.41 -37.50 143.53
N ASN LD 283 28.84 -38.40 142.66
CA ASN LD 283 29.69 -38.04 141.54
C ASN LD 283 29.25 -38.87 140.35
N LEU LD 284 29.22 -38.24 139.18
CA LEU LD 284 28.71 -38.90 137.98
C LEU LD 284 29.78 -39.82 137.41
N SER LD 285 29.54 -41.12 137.51
CA SER LD 285 30.39 -42.08 136.80
C SER LD 285 30.10 -42.02 135.31
N LYS LD 286 31.07 -42.47 134.51
CA LYS LD 286 30.90 -42.43 133.07
C LYS LD 286 29.88 -43.45 132.58
N THR LD 287 29.66 -44.52 133.34
CA THR LD 287 28.54 -45.42 133.09
C THR LD 287 27.80 -45.61 134.41
N ARG LD 288 26.49 -45.43 134.37
CA ARG LD 288 25.63 -45.56 135.55
C ARG LD 288 24.47 -46.47 135.20
N ALA LD 289 24.22 -47.48 136.03
CA ALA LD 289 23.08 -48.35 135.81
C ALA LD 289 22.53 -48.82 137.14
N ASP LD 290 21.20 -48.86 137.24
CA ASP LD 290 20.54 -49.06 138.51
C ASP LD 290 19.17 -49.69 138.29
N PHE LD 291 18.75 -50.48 139.27
CA PHE LD 291 17.44 -51.13 139.21
C PHE LD 291 16.82 -51.18 140.60
N MET LD 292 15.49 -51.14 140.63
CA MET LD 292 14.73 -51.20 141.86
C MET LD 292 13.60 -52.19 141.69
N ALA LD 293 13.30 -52.92 142.77
CA ALA LD 293 12.31 -53.99 142.67
C ALA LD 293 10.90 -53.51 143.03
N PHE LD 294 10.72 -53.02 144.26
CA PHE LD 294 9.42 -52.51 144.68
C PHE LD 294 9.46 -51.02 145.01
N ASN LD 295 10.28 -50.63 145.99
CA ASN LD 295 10.26 -49.26 146.50
C ASN LD 295 11.66 -48.67 146.58
N GLY LD 296 12.64 -49.27 145.92
CA GLY LD 296 13.97 -48.72 145.92
C GLY LD 296 14.05 -47.43 145.13
N SER LD 297 14.98 -46.57 145.53
CA SER LD 297 15.10 -45.27 144.90
C SER LD 297 16.57 -44.93 144.70
N VAL LD 298 16.89 -44.36 143.54
CA VAL LD 298 18.25 -44.00 143.17
C VAL LD 298 18.25 -42.51 142.85
N LEU LD 299 19.08 -41.75 143.55
CA LEU LD 299 19.08 -40.30 143.45
C LEU LD 299 20.49 -39.77 143.37
N ASP LD 300 20.59 -38.53 142.89
CA ASP LD 300 21.83 -37.78 142.76
C ASP LD 300 22.14 -36.99 144.03
N MET LD 301 21.19 -36.17 144.47
CA MET LD 301 21.33 -35.27 145.63
C MET LD 301 22.53 -34.34 145.48
N ARG LD 302 22.75 -33.82 144.28
CA ARG LD 302 23.88 -32.95 144.05
C ARG LD 302 23.55 -31.52 144.47
N GLU LD 303 24.51 -30.62 144.26
CA GLU LD 303 24.42 -29.28 144.84
C GLU LD 303 23.47 -28.37 144.08
N TRP LD 304 23.38 -28.52 142.76
CA TRP LD 304 22.52 -27.76 141.84
C TRP LD 304 22.84 -26.26 141.81
N GLY LD 305 23.94 -25.83 142.41
CA GLY LD 305 24.31 -24.43 142.43
C GLY LD 305 25.81 -24.32 142.30
N GLN LD 306 26.43 -25.44 141.91
CA GLN LD 306 27.86 -25.50 141.71
C GLN LD 306 28.26 -24.66 140.51
N SER LD 307 29.36 -23.91 140.68
CA SER LD 307 29.81 -22.98 139.64
C SER LD 307 30.30 -23.72 138.41
N ASP LD 308 30.99 -24.84 138.60
CA ASP LD 308 31.55 -25.58 137.48
C ASP LD 308 31.04 -27.02 137.50
N LEU LD 309 29.74 -27.18 137.67
CA LEU LD 309 29.13 -28.51 137.70
C LEU LD 309 29.16 -29.15 136.33
N LYS LD 310 29.43 -30.46 136.30
CA LYS LD 310 29.34 -31.22 135.07
C LYS LD 310 27.87 -31.43 134.70
N ASP LD 311 27.66 -31.93 133.49
CA ASP LD 311 26.32 -32.09 132.96
C ASP LD 311 26.10 -33.54 132.54
N PHE LD 312 24.95 -33.78 131.93
CA PHE LD 312 24.66 -35.09 131.38
C PHE LD 312 25.46 -35.35 130.12
N ASP LD 313 25.72 -36.63 129.86
CA ASP LD 313 26.38 -37.08 128.65
C ASP LD 313 25.48 -38.07 127.91
N ARG LD 314 25.81 -38.28 126.63
CA ARG LD 314 25.07 -39.23 125.81
C ARG LD 314 25.24 -40.65 126.32
N TYR LD 315 26.40 -40.95 126.90
CA TYR LD 315 26.67 -42.24 127.49
C TYR LD 315 26.24 -42.32 128.95
N ASN LD 316 25.59 -41.28 129.46
CA ASN LD 316 25.14 -41.26 130.83
C ASN LD 316 23.66 -40.95 130.97
N LYS LD 317 22.96 -40.67 129.87
CA LYS LD 317 21.54 -40.30 129.93
C LYS LD 317 20.68 -41.56 130.05
N GLN LD 318 20.78 -42.20 131.21
CA GLN LD 318 19.96 -43.36 131.54
C GLN LD 318 18.86 -42.91 132.49
N PHE LD 319 17.62 -43.24 132.16
CA PHE LD 319 16.49 -42.64 132.82
C PHE LD 319 15.83 -43.66 133.72
N PRO LD 320 15.91 -43.52 135.05
CA PRO LD 320 15.27 -44.44 135.97
C PRO LD 320 13.75 -44.29 135.99
N ASP MD 39 -17.90 -33.06 108.01
CA ASP MD 39 -18.47 -31.73 107.89
C ASP MD 39 -19.05 -31.25 109.20
N GLY MD 40 -19.38 -32.18 110.08
CA GLY MD 40 -19.88 -31.84 111.40
C GLY MD 40 -18.77 -31.30 112.28
N CYS MD 41 -18.78 -29.99 112.52
CA CYS MD 41 -17.68 -29.33 113.22
C CYS MD 41 -17.94 -29.23 114.72
N CYS MD 42 -19.01 -28.56 115.12
CA CYS MD 42 -19.37 -28.51 116.54
C CYS MD 42 -20.34 -29.64 116.90
N SER MD 43 -19.95 -30.87 116.57
CA SER MD 43 -20.78 -32.02 116.85
C SER MD 43 -20.77 -32.33 118.34
N LYS MD 44 -21.93 -32.76 118.84
CA LYS MD 44 -22.23 -32.92 120.26
C LYS MD 44 -21.97 -31.63 121.03
N MET MD 45 -22.26 -30.51 120.39
CA MET MD 45 -22.08 -29.20 120.96
C MET MD 45 -23.25 -28.33 120.50
N GLY MD 46 -23.18 -27.03 120.78
CA GLY MD 46 -24.27 -26.15 120.42
C GLY MD 46 -24.44 -25.96 118.93
N GLY MD 47 -23.33 -25.82 118.20
CA GLY MD 47 -23.36 -25.57 116.78
C GLY MD 47 -22.47 -24.40 116.40
N ILE MD 48 -22.47 -24.10 115.10
CA ILE MD 48 -21.60 -23.06 114.57
C ILE MD 48 -22.11 -21.70 114.98
N ASN MD 49 -21.24 -20.89 115.58
CA ASN MD 49 -21.60 -19.50 115.83
C ASN MD 49 -21.35 -18.66 114.59
N TYR MD 50 -20.09 -18.51 114.20
CA TYR MD 50 -19.68 -17.78 113.00
C TYR MD 50 -18.21 -18.09 112.76
N CYS MD 51 -17.68 -17.49 111.69
CA CYS MD 51 -16.28 -17.65 111.32
C CYS MD 51 -15.52 -16.36 111.60
N ASP MD 52 -14.39 -16.48 112.31
CA ASP MD 52 -13.43 -15.40 112.36
C ASP MD 52 -12.40 -15.67 111.28
N SER MD 53 -12.39 -14.81 110.26
CA SER MD 53 -11.40 -14.93 109.20
C SER MD 53 -10.03 -14.49 109.69
N SER MD 54 -9.98 -13.60 110.69
CA SER MD 54 -8.70 -13.26 111.31
C SER MD 54 -8.13 -14.47 112.04
N ALA MD 55 -8.98 -15.24 112.69
CA ALA MD 55 -8.55 -16.54 113.19
C ALA MD 55 -8.54 -17.60 112.11
N GLY MD 56 -9.32 -17.42 111.05
CA GLY MD 56 -9.48 -18.46 110.05
C GLY MD 56 -10.19 -19.69 110.57
N ARG MD 57 -11.06 -19.51 111.56
CA ARG MD 57 -11.61 -20.64 112.30
C ARG MD 57 -13.07 -20.40 112.63
N LEU MD 58 -13.80 -21.50 112.81
CA LEU MD 58 -15.18 -21.43 113.24
C LEU MD 58 -15.26 -21.28 114.74
N VAL MD 59 -16.44 -20.85 115.20
CA VAL MD 59 -16.74 -20.69 116.62
C VAL MD 59 -17.90 -21.60 116.95
N CYS MD 60 -17.71 -22.45 117.96
CA CYS MD 60 -18.83 -23.24 118.45
C CYS MD 60 -19.67 -22.41 119.41
N ASN MD 61 -20.88 -22.90 119.71
CA ASN MD 61 -21.73 -22.18 120.64
C ASN MD 61 -21.23 -22.27 122.07
N ASN MD 62 -20.59 -23.38 122.43
CA ASN MD 62 -19.66 -23.35 123.54
C ASN MD 62 -18.41 -22.60 123.11
N GLY MD 63 -17.87 -21.79 124.01
CA GLY MD 63 -16.83 -20.85 123.63
C GLY MD 63 -15.47 -21.44 123.32
N PHE MD 64 -15.42 -22.38 122.38
CA PHE MD 64 -14.19 -23.07 122.05
C PHE MD 64 -13.97 -23.02 120.56
N TYR MD 65 -12.70 -22.92 120.16
CA TYR MD 65 -12.37 -22.82 118.75
C TYR MD 65 -12.58 -24.15 118.06
N SER MD 66 -13.47 -24.16 117.07
CA SER MD 66 -13.69 -25.36 116.27
C SER MD 66 -12.47 -25.65 115.40
N THR MD 67 -12.21 -26.94 115.20
CA THR MD 67 -11.07 -27.33 114.38
C THR MD 67 -11.30 -27.12 112.90
N CYS MD 68 -12.55 -26.90 112.49
CA CYS MD 68 -12.84 -26.65 111.09
C CYS MD 68 -12.33 -25.28 110.65
N TYR MD 69 -11.76 -25.23 109.46
CA TYR MD 69 -11.28 -23.99 108.88
C TYR MD 69 -12.40 -23.34 108.08
N CYS MD 70 -12.53 -22.02 108.21
CA CYS MD 70 -13.53 -21.31 107.43
C CYS MD 70 -12.96 -20.55 106.25
N THR MD 71 -11.82 -19.89 106.42
CA THR MD 71 -11.19 -19.21 105.30
C THR MD 71 -9.81 -19.80 105.06
N ARG MD 72 -9.27 -19.52 103.87
CA ARG MD 72 -8.00 -20.07 103.45
C ARG MD 72 -6.82 -19.39 104.13
N HIS MD 73 -7.01 -18.21 104.71
CA HIS MD 73 -5.90 -17.47 105.31
C HIS MD 73 -5.75 -17.82 106.79
N ALA MD 74 -5.48 -19.10 107.04
CA ALA MD 74 -5.30 -19.60 108.38
C ALA MD 74 -4.06 -20.48 108.43
N VAL MD 75 -3.68 -20.89 109.64
CA VAL MD 75 -2.49 -21.70 109.83
C VAL MD 75 -2.79 -23.11 109.34
N MET MD 76 -2.21 -23.49 108.22
CA MET MD 76 -2.29 -24.84 107.71
C MET MD 76 -1.04 -25.61 108.07
N ASP MD 77 -1.11 -26.92 107.87
CA ASP MD 77 0.06 -27.77 108.10
C ASP MD 77 0.00 -28.89 107.07
N LEU MD 78 0.63 -28.66 105.92
CA LEU MD 78 0.72 -29.64 104.86
C LEU MD 78 2.15 -29.63 104.33
N GLN MD 79 2.61 -30.80 103.89
CA GLN MD 79 3.97 -30.95 103.44
C GLN MD 79 4.09 -31.51 102.03
N PHE MD 80 3.03 -32.06 101.47
CA PHE MD 80 3.06 -32.62 100.13
C PHE MD 80 2.43 -31.66 99.15
N LEU MD 81 3.07 -31.47 98.00
CA LEU MD 81 2.52 -30.63 96.94
C LEU MD 81 2.68 -31.34 95.61
N MET MD 82 1.82 -30.95 94.68
CA MET MD 82 1.76 -31.52 93.35
C MET MD 82 2.25 -30.51 92.34
N GLY MD 83 2.10 -30.82 91.06
CA GLY MD 83 2.44 -29.88 90.01
C GLY MD 83 3.76 -30.19 89.34
N CYS MD 84 4.18 -29.25 88.50
CA CYS MD 84 5.40 -29.41 87.71
C CYS MD 84 6.12 -28.07 87.64
N CYS MD 85 7.41 -28.15 87.26
CA CYS MD 85 8.35 -27.03 87.24
C CYS MD 85 8.46 -26.35 88.59
N LEU MD 86 8.41 -27.14 89.65
CA LEU MD 86 8.53 -26.61 91.00
C LEU MD 86 10.01 -26.40 91.32
N TRP MD 87 10.25 -25.50 92.29
CA TRP MD 87 11.58 -25.02 92.68
C TRP MD 87 12.33 -24.46 91.48
N HIS MD 88 11.60 -23.82 90.59
CA HIS MD 88 12.16 -23.20 89.39
C HIS MD 88 11.31 -21.97 89.11
N GLY MD 89 11.43 -21.44 87.90
CA GLY MD 89 10.68 -20.24 87.56
C GLY MD 89 9.23 -20.46 87.23
N GLY MD 90 8.74 -21.68 87.32
CA GLY MD 90 7.38 -22.00 86.94
C GLY MD 90 7.30 -22.59 85.56
N VAL MD 91 6.09 -22.93 85.16
CA VAL MD 91 5.86 -23.55 83.88
C VAL MD 91 5.86 -22.49 82.79
N TYR MD 92 6.61 -22.72 81.73
CA TYR MD 92 6.57 -21.84 80.58
C TYR MD 92 5.24 -22.06 79.86
N PRO MD 93 4.37 -21.04 79.74
CA PRO MD 93 2.99 -21.29 79.30
C PRO MD 93 2.82 -21.49 77.80
N GLN MD 94 3.83 -21.21 76.98
CA GLN MD 94 3.65 -21.40 75.56
C GLN MD 94 3.70 -22.88 75.20
N LEU MD 95 3.20 -23.20 74.02
CA LEU MD 95 3.00 -24.58 73.60
C LEU MD 95 3.97 -24.95 72.48
N ASN MD 96 4.24 -26.25 72.39
CA ASN MD 96 5.13 -26.80 71.39
C ASN MD 96 4.47 -28.02 70.76
N SER MD 97 4.84 -28.31 69.51
CA SER MD 97 4.32 -29.49 68.84
C SER MD 97 4.84 -30.77 69.49
N SER MD 98 6.11 -30.80 69.85
CA SER MD 98 6.66 -31.95 70.55
C SER MD 98 6.19 -31.96 72.00
N GLY MD 99 6.36 -33.11 72.65
CA GLY MD 99 5.96 -33.27 74.03
C GLY MD 99 6.91 -32.73 75.06
N LEU MD 100 8.02 -32.13 74.62
CA LEU MD 100 8.99 -31.54 75.53
C LEU MD 100 8.43 -30.29 76.18
N VAL MD 101 8.68 -30.15 77.49
CA VAL MD 101 8.31 -28.96 78.23
C VAL MD 101 9.56 -28.41 78.90
N VAL MD 102 9.51 -27.13 79.27
CA VAL MD 102 10.62 -26.48 79.92
C VAL MD 102 10.06 -25.55 81.00
N CYS MD 103 10.91 -25.19 81.95
CA CYS MD 103 10.55 -24.24 82.99
C CYS MD 103 11.16 -22.88 82.67
N ASN MD 104 10.77 -21.88 83.46
CA ASN MD 104 11.20 -20.51 83.21
C ASN MD 104 12.66 -20.27 83.57
N ASP MD 105 13.29 -21.16 84.33
CA ASP MD 105 14.69 -21.05 84.62
C ASP MD 105 15.57 -21.69 83.54
N GLY MD 106 14.95 -22.23 82.50
CA GLY MD 106 15.67 -22.93 81.48
C GLY MD 106 15.82 -24.42 81.71
N TYR MD 107 15.51 -24.90 82.91
CA TYR MD 107 15.57 -26.33 83.18
C TYR MD 107 14.40 -27.04 82.50
N VAL MD 108 14.71 -28.16 81.85
CA VAL MD 108 13.70 -28.97 81.17
C VAL MD 108 13.43 -30.21 82.02
N SER MD 109 12.18 -30.41 82.39
CA SER MD 109 11.78 -31.54 83.23
C SER MD 109 11.24 -32.64 82.33
N GLU MD 110 11.95 -33.77 82.28
CA GLU MD 110 11.58 -34.85 81.38
C GLU MD 110 10.30 -35.54 81.82
N GLU MD 111 10.10 -35.69 83.14
CA GLU MD 111 8.90 -36.36 83.63
C GLU MD 111 7.69 -35.45 83.50
N CYS MD 112 7.89 -34.14 83.52
CA CYS MD 112 6.81 -33.23 83.17
C CYS MD 112 6.57 -33.23 81.66
N SER MD 113 7.60 -33.52 80.88
CA SER MD 113 7.43 -33.74 79.46
C SER MD 113 6.90 -35.15 79.19
N LEU MD 114 6.65 -35.42 77.92
CA LEU MD 114 6.28 -36.78 77.50
C LEU MD 114 7.53 -37.60 77.24
N GLN MD 115 7.34 -38.79 76.71
CA GLN MD 115 8.44 -39.73 76.52
C GLN MD 115 8.13 -40.64 75.33
N LYS MD 116 9.18 -41.23 74.79
CA LYS MD 116 9.07 -42.26 73.76
C LYS MD 116 10.33 -43.12 73.75
N UNK ND 1 3.64 -20.36 131.31
CA UNK ND 1 2.55 -19.98 132.20
C UNK ND 1 2.64 -20.74 133.51
N UNK ND 2 2.48 -22.07 133.42
CA UNK ND 2 2.66 -23.07 134.48
C UNK ND 2 1.64 -22.98 135.61
N UNK ND 3 0.72 -22.02 135.59
CA UNK ND 3 -0.27 -21.90 136.66
C UNK ND 3 -1.46 -21.10 136.11
N UNK ND 4 -2.55 -21.79 135.79
CA UNK ND 4 -3.74 -21.07 135.37
C UNK ND 4 -4.42 -20.39 136.55
N UNK ND 5 -4.22 -20.91 137.75
CA UNK ND 5 -4.78 -20.28 138.96
C UNK ND 5 -3.93 -19.05 139.26
N UNK ND 6 -4.29 -17.93 138.65
CA UNK ND 6 -3.60 -16.68 138.92
C UNK ND 6 -3.95 -16.18 140.30
N UNK ND 7 -3.14 -16.58 141.29
CA UNK ND 7 -3.44 -16.25 142.68
C UNK ND 7 -3.17 -14.77 142.94
N UNK ND 8 -4.14 -14.10 143.53
CA UNK ND 8 -4.02 -12.70 143.91
C UNK ND 8 -3.90 -12.64 145.42
N UNK ND 9 -2.67 -12.74 145.92
CA UNK ND 9 -2.30 -12.70 147.35
C UNK ND 9 -3.05 -13.70 148.21
N UNK OD 1 110.61 -5.56 28.98
CA UNK OD 1 110.86 -4.13 29.15
C UNK OD 1 110.41 -3.65 30.52
N UNK OD 2 109.45 -4.37 31.10
CA UNK OD 2 108.97 -4.08 32.45
C UNK OD 2 110.05 -4.51 33.44
N UNK OD 3 110.88 -3.56 33.86
CA UNK OD 3 112.02 -3.86 34.71
C UNK OD 3 111.57 -4.09 36.14
N UNK OD 4 111.74 -5.33 36.63
CA UNK OD 4 111.32 -5.68 37.98
C UNK OD 4 112.18 -4.98 39.03
N UNK OD 5 113.49 -4.88 38.79
CA UNK OD 5 114.38 -4.23 39.77
C UNK OD 5 114.13 -2.73 39.85
N UNK OD 6 113.92 -2.08 38.70
CA UNK OD 6 113.62 -0.65 38.70
C UNK OD 6 112.24 -0.39 39.30
N UNK OD 7 111.28 -1.29 39.05
CA UNK OD 7 109.96 -1.16 39.67
C UNK OD 7 110.04 -1.33 41.18
N UNK OD 8 110.89 -2.26 41.65
CA UNK OD 8 111.08 -2.45 43.08
C UNK OD 8 111.76 -1.23 43.72
N UNK OD 9 112.72 -0.63 43.01
CA UNK OD 9 113.37 0.58 43.51
C UNK OD 9 112.39 1.74 43.57
N UNK OD 10 111.54 1.89 42.56
CA UNK OD 10 110.53 2.95 42.55
C UNK OD 10 109.49 2.74 43.65
N UNK OD 11 109.06 1.49 43.86
CA UNK OD 11 108.12 1.20 44.94
C UNK OD 11 108.74 1.40 46.31
N UNK OD 12 110.03 1.10 46.46
CA UNK OD 12 110.73 1.37 47.72
C UNK OD 12 110.84 2.87 47.98
N UNK OD 13 111.13 3.66 46.93
CA UNK OD 13 111.20 5.11 47.10
C UNK OD 13 109.81 5.71 47.35
N UNK OD 14 108.76 5.08 46.83
CA UNK OD 14 107.41 5.54 47.13
C UNK OD 14 107.00 5.19 48.56
N UNK OD 15 107.38 4.00 49.03
CA UNK OD 15 107.05 3.59 50.39
C UNK OD 15 107.88 4.34 51.42
N UNK OD 16 109.07 4.80 51.05
CA UNK OD 16 109.94 5.56 51.93
C UNK OD 16 110.14 6.95 51.33
N UNK OD 17 109.22 7.86 51.62
CA UNK OD 17 109.36 9.27 51.27
C UNK OD 17 109.65 10.15 52.47
N UNK OD 18 109.03 9.84 53.62
CA UNK OD 18 109.31 10.46 54.92
C UNK OD 18 109.06 11.97 54.90
N UNK OD 19 107.86 12.37 54.50
CA UNK OD 19 107.51 13.78 54.42
C UNK OD 19 106.00 13.91 54.61
N UNK OD 20 105.60 14.58 55.70
CA UNK OD 20 104.18 14.81 55.95
C UNK OD 20 104.05 16.05 56.83
N UNK OD 21 103.68 17.17 56.22
CA UNK OD 21 103.43 18.42 56.95
C UNK OD 21 101.94 18.71 56.90
N UNK OD 22 101.32 18.87 58.06
CA UNK OD 22 99.87 18.98 58.16
C UNK OD 22 99.47 20.26 58.87
N UNK OD 23 98.28 20.75 58.52
CA UNK OD 23 97.69 21.91 59.18
C UNK OD 23 96.25 21.56 59.55
N UNK OD 24 95.87 21.85 60.78
CA UNK OD 24 94.53 21.54 61.26
C UNK OD 24 93.65 22.79 61.27
N UNK OD 25 92.38 22.57 61.60
CA UNK OD 25 91.38 23.63 61.66
C UNK OD 25 90.78 23.65 63.05
N UNK OD 26 90.47 24.84 63.54
CA UNK OD 26 89.74 25.00 64.79
C UNK OD 26 88.24 25.03 64.49
N UNK OD 27 87.44 25.42 65.48
CA UNK OD 27 86.00 25.55 65.28
C UNK OD 27 85.67 26.67 64.30
N UNK OD 28 86.45 27.74 64.29
CA UNK OD 28 86.37 28.77 63.28
C UNK OD 28 87.42 28.60 62.19
N UNK OD 29 87.89 27.35 62.02
CA UNK OD 29 88.88 26.94 60.99
C UNK OD 29 90.19 27.70 61.11
N UNK OD 30 90.59 28.01 62.35
CA UNK OD 30 91.88 28.63 62.59
C UNK OD 30 92.99 27.61 62.37
N UNK OD 31 94.10 28.06 61.80
CA UNK OD 31 95.16 27.16 61.39
C UNK OD 31 95.90 26.58 62.60
N UNK OD 32 96.23 25.30 62.52
CA UNK OD 32 96.98 24.59 63.56
C UNK OD 32 97.93 23.64 62.85
N UNK OD 33 99.15 24.12 62.60
CA UNK OD 33 100.15 23.38 61.85
C UNK OD 33 101.39 23.18 62.72
N UNK OD 34 101.93 21.96 62.69
CA UNK OD 34 103.14 21.61 63.40
C UNK OD 34 104.24 21.31 62.38
N UNK OD 35 105.39 20.85 62.89
CA UNK OD 35 106.51 20.50 62.03
C UNK OD 35 106.19 19.23 61.23
N UNK OD 36 106.95 19.04 60.14
CA UNK OD 36 106.69 17.94 59.23
C UNK OD 36 107.11 16.61 59.85
N UNK OD 37 106.21 15.63 59.80
CA UNK OD 37 106.45 14.32 60.37
C UNK OD 37 107.00 13.38 59.30
N UNK OD 38 107.07 12.08 59.65
CA UNK OD 38 107.64 11.00 58.84
C UNK OD 38 109.07 11.30 58.37
N UNK OD 39 85.41 16.78 61.26
CA UNK OD 39 85.07 18.18 61.42
C UNK OD 39 86.28 18.99 61.90
N UNK OD 40 86.85 18.58 63.03
CA UNK OD 40 88.02 19.28 63.56
C UNK OD 40 89.28 19.02 62.75
N UNK OD 41 89.38 17.85 62.11
CA UNK OD 41 90.55 17.53 61.31
C UNK OD 41 90.07 16.97 59.99
N UNK OD 42 90.35 17.68 58.90
CA UNK OD 42 89.91 17.24 57.59
C UNK OD 42 90.73 16.05 57.12
N UNK OD 43 90.16 15.32 56.16
CA UNK OD 43 90.89 14.21 55.55
C UNK OD 43 92.08 14.70 54.73
N UNK OD 44 91.98 15.90 54.16
CA UNK OD 44 93.06 16.48 53.37
C UNK OD 44 93.87 17.49 54.16
N UNK OD 45 94.05 17.27 55.46
CA UNK OD 45 94.74 18.23 56.30
C UNK OD 45 96.26 18.19 56.13
N UNK OD 46 96.80 17.14 55.50
CA UNK OD 46 98.24 16.98 55.36
C UNK OD 46 98.70 17.25 53.94
N UNK OD 47 100.02 17.31 53.77
CA UNK OD 47 100.67 17.49 52.48
C UNK OD 47 102.06 16.89 52.55
N UNK OD 48 102.68 16.70 51.40
CA UNK OD 48 104.02 16.13 51.35
C UNK OD 48 104.93 16.93 50.41
N LYS PD 24 -1.02 -52.71 130.98
CA LYS PD 24 -1.06 -53.84 130.06
C LYS PD 24 -0.02 -53.70 128.96
N PHE PD 25 -0.17 -52.67 128.14
CA PHE PD 25 0.67 -52.46 126.97
C PHE PD 25 1.32 -51.08 127.07
N LYS PD 26 2.63 -51.05 126.88
CA LYS PD 26 3.37 -49.81 126.69
C LYS PD 26 3.78 -49.73 125.22
N LYS PD 27 3.50 -48.60 124.60
CA LYS PD 27 3.66 -48.50 123.17
C LYS PD 27 5.13 -48.34 122.76
N PRO PD 28 5.50 -48.83 121.59
CA PRO PD 28 6.80 -48.50 121.02
C PRO PD 28 6.77 -47.07 120.51
N PRO PD 29 7.94 -46.46 120.21
CA PRO PD 29 7.95 -45.13 119.60
C PRO PD 29 7.25 -45.13 118.25
N ILE PD 30 6.44 -44.08 118.03
CA ILE PD 30 5.65 -44.00 116.81
C ILE PD 30 6.56 -43.74 115.61
N ASN PD 31 7.44 -42.76 115.72
CA ASN PD 31 8.44 -42.53 114.69
C ASN PD 31 9.75 -43.24 115.06
N ASN PD 32 9.65 -44.53 115.33
CA ASN PD 32 10.85 -45.28 115.69
C ASN PD 32 11.67 -45.59 114.44
N PRO PD 33 12.98 -45.46 114.53
CA PRO PD 33 13.83 -45.95 113.44
C PRO PD 33 13.90 -47.47 113.43
N SER PD 34 12.92 -48.12 112.80
CA SER PD 34 12.85 -49.57 112.75
C SER PD 34 13.39 -50.14 111.45
N ASP PD 35 14.41 -49.52 110.88
CA ASP PD 35 14.98 -49.98 109.63
C ASP PD 35 16.47 -49.69 109.61
N ASP PD 36 17.22 -50.56 108.93
CA ASP PD 36 18.68 -50.43 108.89
C ASP PD 36 19.12 -49.16 108.18
N ALA PD 37 18.48 -48.82 107.07
CA ALA PD 37 18.81 -47.58 106.38
C ALA PD 37 18.42 -46.38 107.23
N THR PD 38 17.32 -46.49 107.96
CA THR PD 38 16.86 -45.41 108.83
C THR PD 38 17.86 -45.17 109.97
N ILE PD 39 18.32 -46.24 110.61
CA ILE PD 39 19.25 -46.06 111.72
C ILE PD 39 20.61 -45.62 111.21
N LYS PD 40 21.01 -46.06 110.00
CA LYS PD 40 22.28 -45.60 109.43
C LYS PD 40 22.23 -44.12 109.11
N LEU PD 41 21.12 -43.65 108.54
CA LEU PD 41 20.93 -42.23 108.28
C LEU PD 41 20.92 -41.43 109.58
N ALA PD 42 20.28 -41.96 110.61
CA ALA PD 42 20.18 -41.23 111.87
C ALA PD 42 21.52 -41.14 112.59
N GLU PD 43 22.31 -42.22 112.59
CA GLU PD 43 23.63 -42.13 113.21
C GLU PD 43 24.58 -41.28 112.37
N ALA PD 44 24.41 -41.28 111.05
CA ALA PD 44 25.19 -40.38 110.21
C ALA PD 44 24.86 -38.93 110.51
N ALA PD 45 23.58 -38.64 110.73
CA ALA PD 45 23.16 -37.30 111.10
C ALA PD 45 23.72 -36.89 112.45
N VAL PD 46 23.74 -37.81 113.42
CA VAL PD 46 24.31 -37.53 114.73
C VAL PD 46 25.79 -37.25 114.63
N SER PD 47 26.50 -38.06 113.84
CA SER PD 47 27.94 -37.89 113.66
C SER PD 47 28.27 -36.57 112.97
N VAL PD 48 27.50 -36.21 111.94
CA VAL PD 48 27.83 -34.98 111.23
C VAL PD 48 27.42 -33.76 112.04
N SER PD 49 26.40 -33.90 112.91
CA SER PD 49 26.07 -32.82 113.83
C SER PD 49 27.17 -32.63 114.85
N ASP PD 50 27.73 -33.73 115.33
CA ASP PD 50 28.86 -33.67 116.26
C ASP PD 50 30.07 -33.03 115.60
N SER PD 51 30.31 -33.36 114.34
CA SER PD 51 31.45 -32.79 113.61
C SER PD 51 31.28 -31.30 113.38
N MET PD 52 30.06 -30.87 113.01
CA MET PD 52 29.78 -29.45 112.82
C MET PD 52 29.90 -28.68 114.13
N LEU PD 53 29.40 -29.27 115.21
CA LEU PD 53 29.50 -28.65 116.52
C LEU PD 53 30.94 -28.51 116.97
N GLU PD 54 31.76 -29.53 116.70
CA GLU PD 54 33.17 -29.49 117.06
C GLU PD 54 33.91 -28.43 116.26
N MET PD 55 33.59 -28.31 114.96
CA MET PD 55 34.21 -27.29 114.13
C MET PD 55 33.82 -25.89 114.60
N ALA PD 56 32.56 -25.71 114.97
CA ALA PD 56 32.12 -24.41 115.48
C ALA PD 56 32.79 -24.08 116.81
N LYS PD 57 32.97 -25.10 117.67
CA LYS PD 57 33.63 -24.90 118.95
C LYS PD 57 35.08 -24.49 118.77
N VAL PD 58 35.78 -25.15 117.84
CA VAL PD 58 37.19 -24.84 117.68
C VAL PD 58 37.39 -23.54 116.89
N GLU PD 59 36.42 -23.13 116.07
CA GLU PD 59 36.63 -21.94 115.28
C GLU PD 59 36.11 -20.68 115.95
N LYS PD 60 35.12 -20.79 116.83
CA LYS PD 60 34.56 -19.61 117.47
C LYS PD 60 35.51 -19.05 118.52
N VAL PD 61 35.64 -17.72 118.52
CA VAL PD 61 36.49 -17.02 119.47
C VAL PD 61 35.60 -16.22 120.41
N ILE PD 62 35.79 -16.40 121.71
CA ILE PD 62 34.97 -15.74 122.71
C ILE PD 62 35.81 -14.75 123.51
N THR PD 63 35.17 -14.03 124.43
CA THR PD 63 35.86 -13.09 125.29
C THR PD 63 35.40 -13.28 126.73
N PRO PD 64 36.33 -13.26 127.68
CA PRO PD 64 35.95 -13.28 129.09
C PRO PD 64 35.36 -11.95 129.51
N PRO PD 65 34.55 -11.93 130.57
CA PRO PD 65 34.06 -10.66 131.11
C PRO PD 65 35.06 -9.93 132.01
N SER PD 66 36.31 -10.38 132.05
CA SER PD 66 37.33 -9.71 132.85
C SER PD 66 37.69 -8.35 132.27
N LYS PD 67 37.82 -8.26 130.95
CA LYS PD 67 38.25 -7.04 130.29
C LYS PD 67 37.41 -6.76 129.05
N ASP PD 68 36.11 -7.05 129.13
CA ASP PD 68 35.22 -6.73 128.02
C ASP PD 68 34.99 -5.22 127.97
N ASN PD 69 35.10 -4.65 126.77
CA ASN PD 69 35.02 -3.20 126.60
C ASN PD 69 33.57 -2.74 126.46
N THR PD 70 32.80 -3.01 127.50
CA THR PD 70 31.41 -2.56 127.61
C THR PD 70 31.27 -1.76 128.89
N LEU PD 71 30.49 -0.68 128.82
CA LEU PD 71 30.23 0.11 129.99
C LEU PD 71 29.30 -0.65 130.94
N THR PD 72 29.72 -0.79 132.19
CA THR PD 72 28.89 -1.44 133.18
C THR PD 72 27.73 -0.55 133.57
N ILE PD 73 26.70 -1.17 134.15
CA ILE PD 73 25.53 -0.44 134.60
C ILE PD 73 25.88 0.31 135.89
N PRO PD 74 25.76 1.63 135.92
CA PRO PD 74 26.22 2.41 137.07
C PRO PD 74 25.32 2.34 138.28
N ASN PD 75 24.10 1.80 138.13
CA ASN PD 75 23.07 1.57 139.17
C ASN PD 75 22.84 2.78 140.09
N ALA PD 76 22.94 3.99 139.55
CA ALA PD 76 22.60 5.17 140.32
C ALA PD 76 21.08 5.32 140.39
N TYR PD 77 20.63 6.17 141.31
CA TYR PD 77 19.21 6.26 141.60
C TYR PD 77 18.44 6.96 140.47
N ASN PD 78 19.06 7.98 139.86
CA ASN PD 78 18.35 8.75 138.85
C ASN PD 78 18.17 7.99 137.55
N LEU PD 79 19.04 7.02 137.26
CA LEU PD 79 18.96 6.29 136.01
C LEU PD 79 17.96 5.15 136.05
N GLN PD 80 17.29 4.95 137.18
CA GLN PD 80 16.30 3.89 137.28
C GLN PD 80 14.98 4.24 136.61
N ALA PD 81 14.83 5.48 136.14
CA ALA PD 81 13.61 5.88 135.45
C ALA PD 81 13.50 5.19 134.10
N ARG PD 82 12.28 5.13 133.59
CA ARG PD 82 11.96 4.40 132.37
C ARG PD 82 11.37 5.36 131.35
N ALA PD 83 11.57 5.04 130.07
CA ALA PD 83 11.07 5.89 128.99
C ALA PD 83 10.89 5.06 127.73
N SER PD 84 10.14 5.62 126.79
CA SER PD 84 10.06 5.12 125.43
C SER PD 84 10.87 6.06 124.54
N VAL PD 85 11.84 5.51 123.83
CA VAL PD 85 12.76 6.31 123.03
C VAL PD 85 12.82 5.74 121.62
N ASP PD 86 12.56 6.58 120.63
CA ASP PD 86 12.81 6.24 119.24
C ASP PD 86 13.67 7.33 118.61
N TRP PD 87 14.75 6.91 117.98
CA TRP PD 87 15.70 7.83 117.37
C TRP PD 87 16.43 7.09 116.26
N SER PD 88 16.80 7.84 115.21
CA SER PD 88 17.61 7.28 114.13
C SER PD 88 18.55 8.39 113.66
N GLY PD 89 19.82 8.27 114.04
CA GLY PD 89 20.82 9.19 113.55
C GLY PD 89 21.83 9.63 114.59
N PRO PD 90 21.98 10.95 114.76
CA PRO PD 90 23.07 11.49 115.59
C PRO PD 90 22.93 11.15 117.06
N ILE PD 91 24.00 11.46 117.79
CA ILE PD 91 24.25 10.91 119.11
C ILE PD 91 24.29 11.97 120.20
N GLU PD 92 24.94 13.10 119.93
CA GLU PD 92 25.27 14.07 120.97
C GLU PD 92 24.03 14.79 121.48
N GLU PD 93 23.13 15.20 120.59
CA GLU PD 93 21.89 15.85 121.02
C GLU PD 93 21.01 14.86 121.77
N LEU PD 94 21.02 13.60 121.35
CA LEU PD 94 20.23 12.57 122.03
C LEU PD 94 20.73 12.33 123.45
N THR PD 95 22.04 12.21 123.62
CA THR PD 95 22.54 11.98 124.98
C THR PD 95 22.50 13.23 125.83
N ALA PD 96 22.54 14.42 125.22
CA ALA PD 96 22.28 15.64 125.98
C ALA PD 96 20.85 15.68 126.48
N ARG PD 97 19.90 15.24 125.66
CA ARG PD 97 18.51 15.13 126.08
C ARG PD 97 18.35 14.11 127.20
N ILE PD 98 19.08 13.00 127.10
CA ILE PD 98 19.03 11.97 128.14
C ILE PD 98 19.60 12.50 129.46
N ALA PD 99 20.70 13.25 129.38
CA ALA PD 99 21.29 13.85 130.58
C ALA PD 99 20.37 14.90 131.19
N LYS PD 100 19.68 15.67 130.34
CA LYS PD 100 18.70 16.63 130.84
C LYS PD 100 17.54 15.94 131.54
N ALA PD 101 17.08 14.82 130.98
CA ALA PD 101 16.03 14.04 131.64
C ALA PD 101 16.52 13.42 132.94
N ALA PD 102 17.79 13.07 133.02
CA ALA PD 102 18.37 12.48 134.21
C ALA PD 102 18.91 13.51 135.19
N HIS PD 103 18.75 14.80 134.87
CA HIS PD 103 19.24 15.93 135.70
C HIS PD 103 20.75 15.85 135.90
N PHE PD 104 21.45 15.45 134.85
CA PHE PD 104 22.90 15.32 134.85
C PHE PD 104 23.50 16.37 133.93
N ARG PD 105 24.62 16.94 134.35
CA ARG PD 105 25.38 17.78 133.46
C ARG PD 105 26.04 16.92 132.39
N PHE PD 106 26.13 17.47 131.18
CA PHE PD 106 26.60 16.73 130.03
C PHE PD 106 27.79 17.46 129.40
N ARG PD 107 28.80 16.71 128.99
CA ARG PD 107 29.95 17.31 128.33
C ARG PD 107 30.53 16.35 127.30
N VAL PD 108 31.27 16.93 126.37
CA VAL PD 108 31.86 16.21 125.25
C VAL PD 108 33.35 16.54 125.21
N LEU PD 109 34.18 15.50 125.16
CA LEU PD 109 35.63 15.63 125.10
C LEU PD 109 36.12 15.00 123.80
N GLY PD 110 36.62 15.84 122.90
CA GLY PD 110 37.16 15.37 121.64
C GLY PD 110 36.72 16.27 120.50
N LYS PD 111 36.95 15.80 119.29
CA LYS PD 111 36.63 16.54 118.07
C LYS PD 111 35.55 15.82 117.30
N SER PD 112 34.48 16.53 116.99
CA SER PD 112 33.41 15.95 116.18
C SER PD 112 33.84 15.93 114.72
N PRO PD 113 33.81 14.77 114.06
CA PRO PD 113 34.23 14.71 112.65
C PRO PD 113 33.22 15.28 111.70
N SER PD 114 33.49 15.17 110.40
CA SER PD 114 32.55 15.63 109.39
C SER PD 114 31.28 14.78 109.40
N VAL PD 115 31.43 13.47 109.51
CA VAL PD 115 30.30 12.55 109.57
C VAL PD 115 30.18 12.06 111.01
N PRO PD 116 29.07 12.34 111.69
CA PRO PD 116 28.90 11.86 113.05
C PRO PD 116 28.59 10.38 113.10
N VAL PD 117 28.75 9.81 114.28
CA VAL PD 117 28.38 8.41 114.48
C VAL PD 117 26.87 8.32 114.56
N LEU PD 118 26.28 7.53 113.67
CA LEU PD 118 24.84 7.48 113.51
C LEU PD 118 24.29 6.15 114.03
N ILE PD 119 23.29 6.24 114.89
CA ILE PD 119 22.70 5.08 115.56
C ILE PD 119 21.18 5.23 115.52
N SER PD 120 20.50 4.20 116.03
CA SER PD 120 19.05 4.19 116.05
C SER PD 120 18.58 3.26 117.17
N ILE PD 121 17.69 3.77 118.02
CA ILE PD 121 17.16 3.00 119.14
C ILE PD 121 15.65 3.20 119.18
N SER PD 122 14.90 2.10 119.20
CA SER PD 122 13.45 2.14 119.35
C SER PD 122 13.07 1.16 120.44
N THR PD 123 12.74 1.68 121.62
CA THR PD 123 12.38 0.83 122.76
C THR PD 123 11.25 1.48 123.53
N LYS PD 124 10.20 0.70 123.76
CA LYS PD 124 9.03 1.22 124.46
C LYS PD 124 9.29 1.39 125.95
N ASP PD 125 10.16 0.55 126.53
CA ASP PD 125 10.41 0.65 127.97
C ASP PD 125 11.79 0.10 128.27
N GLU PD 126 12.68 0.96 128.76
CA GLU PD 126 13.98 0.53 129.27
C GLU PD 126 14.46 1.56 130.28
N SER PD 127 15.38 1.13 131.13
CA SER PD 127 15.98 2.04 132.09
C SER PD 127 17.26 2.61 131.52
N LEU PD 128 17.62 3.79 132.03
CA LEU PD 128 18.62 4.64 131.36
C LEU PD 128 20.02 4.04 131.43
N ALA PD 129 20.29 3.21 132.43
CA ALA PD 129 21.60 2.58 132.55
C ALA PD 129 21.87 1.62 131.40
N GLU PD 130 20.95 0.69 131.15
CA GLU PD 130 21.14 -0.21 130.02
C GLU PD 130 20.88 0.48 128.71
N ILE PD 131 20.12 1.59 128.71
CA ILE PD 131 20.00 2.42 127.53
C ILE PD 131 21.37 2.97 127.11
N LEU PD 132 22.10 3.55 128.07
CA LEU PD 132 23.41 4.08 127.76
C LEU PD 132 24.43 2.97 127.49
N ARG PD 133 24.24 1.80 128.11
CA ARG PD 133 25.08 0.66 127.81
C ARG PD 133 24.94 0.23 126.35
N ASP PD 134 23.71 0.17 125.85
CA ASP PD 134 23.53 -0.14 124.44
C ASP PD 134 23.95 1.02 123.54
N ILE PD 135 23.90 2.25 124.05
CA ILE PD 135 24.39 3.41 123.31
C ILE PD 135 25.88 3.28 123.06
N ASP PD 136 26.65 3.01 124.12
CA ASP PD 136 28.09 2.88 123.94
C ASP PD 136 28.45 1.55 123.27
N TYR PD 137 27.56 0.56 123.32
CA TYR PD 137 27.80 -0.64 122.53
C TYR PD 137 27.65 -0.36 121.04
N GLN PD 138 26.62 0.39 120.65
CA GLN PD 138 26.42 0.73 119.25
C GLN PD 138 27.36 1.81 118.77
N ALA PD 139 28.00 2.54 119.69
CA ALA PD 139 28.94 3.58 119.29
C ALA PD 139 30.18 3.00 118.61
N GLY PD 140 30.54 1.76 118.92
CA GLY PD 140 31.71 1.19 118.33
C GLY PD 140 32.98 1.76 118.94
N LYS PD 141 34.06 1.72 118.17
CA LYS PD 141 35.35 2.17 118.64
C LYS PD 141 35.62 3.63 118.32
N LYS PD 142 34.69 4.31 117.65
CA LYS PD 142 34.89 5.72 117.33
C LYS PD 142 34.70 6.63 118.54
N ALA PD 143 33.94 6.21 119.54
CA ALA PD 143 33.70 7.03 120.72
C ALA PD 143 33.33 6.13 121.89
N SER PD 144 33.39 6.73 123.08
CA SER PD 144 32.98 6.07 124.31
C SER PD 144 32.37 7.11 125.23
N ILE PD 145 31.81 6.66 126.35
CA ILE PD 145 31.23 7.55 127.34
C ILE PD 145 31.68 7.14 128.73
N HIS PD 146 31.62 8.08 129.66
CA HIS PD 146 31.84 7.80 131.06
C HIS PD 146 30.81 8.58 131.88
N VAL PD 147 30.50 8.04 133.06
CA VAL PD 147 29.49 8.62 133.93
C VAL PD 147 30.10 8.78 135.31
N TYR PD 148 30.03 10.00 135.85
CA TYR PD 148 30.52 10.28 137.18
C TYR PD 148 29.35 10.58 138.09
N PRO PD 149 29.11 9.75 139.10
CA PRO PD 149 28.00 9.99 140.05
C PRO PD 149 28.40 10.74 141.30
N ASN PD 150 29.68 11.09 141.47
CA ASN PD 150 30.06 11.95 142.57
C ASN PD 150 29.57 13.38 142.32
N SER PD 151 30.04 14.00 141.24
CA SER PD 151 29.43 15.18 140.68
C SER PD 151 28.69 14.73 139.43
N GLN PD 152 27.37 14.97 139.41
CA GLN PD 152 26.45 14.23 138.54
C GLN PD 152 26.65 14.65 137.08
N VAL PD 153 27.66 14.03 136.46
CA VAL PD 153 28.06 14.44 135.11
C VAL PD 153 28.20 13.20 134.24
N VAL PD 154 28.08 13.43 132.93
CA VAL PD 154 28.35 12.41 131.92
C VAL PD 154 29.19 13.05 130.83
N GLU PD 155 30.09 12.26 130.27
CA GLU PD 155 30.99 12.76 129.24
C GLU PD 155 31.02 11.79 128.07
N LEU PD 156 31.12 12.35 126.87
CA LEU PD 156 31.28 11.59 125.65
C LEU PD 156 32.67 11.89 125.08
N ARG PD 157 33.55 10.91 125.12
CA ARG PD 157 34.89 11.06 124.58
C ARG PD 157 34.95 10.50 123.17
N TYR PD 158 35.61 11.23 122.28
CA TYR PD 158 35.80 10.76 120.91
C TYR PD 158 37.02 9.84 120.84
N ALA PD 159 37.36 9.41 119.63
CA ALA PD 159 38.56 8.62 119.39
C ALA PD 159 39.30 9.15 118.18
N LYS PD 160 40.58 8.86 118.11
CA LYS PD 160 41.44 9.35 117.04
C LYS PD 160 42.02 8.22 116.21
N ILE QD 208 55.05 -27.54 141.03
CA ILE QD 208 54.67 -28.17 139.77
C ILE QD 208 53.17 -28.39 139.71
N ILE QD 209 52.74 -29.44 139.03
CA ILE QD 209 51.33 -29.73 138.82
C ILE QD 209 50.89 -30.79 139.83
N TYR QD 210 49.79 -30.53 140.52
CA TYR QD 210 49.32 -31.38 141.60
C TYR QD 210 47.84 -31.72 141.40
N TYR QD 211 47.43 -32.82 142.02
CA TYR QD 211 46.04 -33.24 141.98
C TYR QD 211 45.65 -33.86 143.31
N ILE QD 212 44.41 -33.62 143.72
CA ILE QD 212 43.91 -34.12 144.99
C ILE QD 212 43.45 -35.56 144.82
N GLN QD 213 43.94 -36.44 145.69
CA GLN QD 213 43.53 -37.84 145.66
C GLN QD 213 42.22 -38.06 146.41
N ALA QD 214 42.18 -37.65 147.68
CA ALA QD 214 40.97 -37.78 148.47
C ALA QD 214 40.94 -36.65 149.49
N VAL QD 215 39.75 -36.36 150.00
CA VAL QD 215 39.55 -35.23 150.89
C VAL QD 215 38.70 -35.68 152.08
N ILE QD 216 38.76 -34.88 153.14
CA ILE QD 216 37.90 -35.04 154.31
C ILE QD 216 37.65 -33.61 154.79
N PRO QD 217 36.62 -33.36 155.60
CA PRO QD 217 36.61 -32.08 156.32
C PRO QD 217 37.78 -31.96 157.27
N GLY QD 218 38.73 -31.10 156.94
CA GLY QD 218 39.90 -30.87 157.77
C GLY QD 218 41.23 -31.21 157.13
N ARG QD 219 41.29 -32.33 156.41
CA ARG QD 219 42.52 -32.80 155.81
C ARG QD 219 42.22 -33.31 154.40
N ALA QD 220 43.29 -33.60 153.66
CA ALA QD 220 43.15 -34.02 152.27
C ALA QD 220 44.35 -34.85 151.88
N TRP QD 221 44.21 -35.55 150.75
CA TRP QD 221 45.30 -36.29 150.14
C TRP QD 221 45.53 -35.75 148.75
N LEU QD 222 46.79 -35.45 148.43
CA LEU QD 222 47.14 -34.79 147.19
C LEU QD 222 48.28 -35.53 146.51
N ILE QD 223 48.18 -35.68 145.19
CA ILE QD 223 49.23 -36.30 144.41
C ILE QD 223 49.87 -35.22 143.55
N GLY QD 224 51.10 -35.48 143.11
CA GLY QD 224 51.83 -34.52 142.31
C GLY QD 224 52.14 -35.01 140.92
N SER QD 225 53.01 -34.28 140.22
CA SER QD 225 53.41 -34.68 138.87
C SER QD 225 54.29 -35.92 138.91
N ASN QD 226 55.19 -36.01 139.89
CA ASN QD 226 56.09 -37.14 140.01
C ASN QD 226 55.43 -38.35 140.67
N GLY QD 227 54.27 -38.18 141.28
CA GLY QD 227 53.68 -39.23 142.08
C GLY QD 227 54.03 -39.16 143.55
N SER QD 228 54.17 -37.95 144.10
CA SER QD 228 54.52 -37.76 145.49
C SER QD 228 53.24 -37.50 146.29
N THR QD 229 53.08 -38.23 147.39
CA THR QD 229 51.89 -38.11 148.22
C THR QD 229 52.04 -37.03 149.26
N LEU QD 230 51.01 -36.20 149.42
CA LEU QD 230 51.01 -35.13 150.39
C LEU QD 230 49.74 -35.20 151.21
N THR QD 231 49.88 -35.19 152.53
CA THR QD 231 48.75 -35.15 153.43
C THR QD 231 48.57 -33.71 153.90
N VAL QD 232 47.40 -33.14 153.64
CA VAL QD 232 47.19 -31.70 153.69
C VAL QD 232 46.31 -31.37 154.89
N ARG QD 233 46.86 -30.62 155.84
CA ARG QD 233 46.06 -29.93 156.84
C ARG QD 233 45.43 -28.70 156.21
N GLU QD 234 44.39 -28.17 156.86
CA GLU QD 234 43.80 -26.90 156.43
C GLU QD 234 44.82 -25.77 156.53
N GLY QD 235 45.52 -25.67 157.66
CA GLY QD 235 46.63 -24.75 157.74
C GLY QD 235 47.93 -25.44 157.40
N SER QD 236 48.39 -25.29 156.16
CA SER QD 236 49.59 -25.99 155.72
C SER QD 236 50.22 -25.23 154.57
N LYS QD 237 51.50 -25.51 154.35
CA LYS QD 237 52.27 -24.87 153.29
C LYS QD 237 52.55 -25.87 152.17
N ILE QD 238 52.27 -25.48 150.94
CA ILE QD 238 52.43 -26.32 149.77
C ILE QD 238 53.40 -25.61 148.83
N PRO QD 239 54.44 -26.28 148.32
CA PRO QD 239 55.36 -25.64 147.38
C PRO QD 239 54.67 -25.26 146.09
N GLY QD 240 54.98 -24.07 145.59
CA GLY QD 240 54.34 -23.53 144.41
C GLY QD 240 53.03 -22.81 144.66
N TYR QD 241 52.10 -23.47 145.36
CA TYR QD 241 50.79 -22.91 145.61
C TYR QD 241 50.74 -22.07 146.88
N GLY QD 242 51.68 -22.28 147.80
CA GLY QD 242 51.77 -21.45 148.99
C GLY QD 242 51.02 -22.08 150.16
N MET QD 243 50.20 -21.27 150.83
CA MET QD 243 49.43 -21.70 151.98
C MET QD 243 47.96 -21.81 151.59
N VAL QD 244 47.36 -22.94 151.92
CA VAL QD 244 45.96 -23.17 151.57
C VAL QD 244 45.09 -22.33 152.50
N LYS QD 245 44.45 -21.31 151.94
CA LYS QD 245 43.60 -20.44 152.76
C LYS QD 245 42.34 -21.16 153.22
N LEU QD 246 41.76 -22.00 152.37
CA LEU QD 246 40.61 -22.81 152.78
C LEU QD 246 40.52 -24.05 151.89
N ILE QD 247 39.99 -25.12 152.48
CA ILE QD 247 39.66 -26.31 151.74
C ILE QD 247 38.13 -26.39 151.59
N ASP QD 248 37.67 -27.28 150.72
CA ASP QD 248 36.24 -27.46 150.51
C ASP QD 248 35.95 -28.95 150.49
N SER QD 249 34.87 -29.35 151.18
CA SER QD 249 34.50 -30.75 151.30
C SER QD 249 33.36 -31.14 150.37
N LEU QD 250 32.35 -30.28 150.21
CA LEU QD 250 31.27 -30.59 149.28
C LEU QD 250 31.75 -30.45 147.84
N GLN QD 251 32.59 -29.47 147.58
CA GLN QD 251 33.13 -29.21 146.24
C GLN QD 251 34.61 -29.59 146.23
N GLY QD 252 35.07 -30.10 145.09
CA GLY QD 252 36.45 -30.53 144.98
C GLY QD 252 37.41 -29.43 144.62
N ARG QD 253 37.37 -28.32 145.35
CA ARG QD 253 38.19 -27.16 145.08
C ARG QD 253 39.05 -26.85 146.29
N ILE QD 254 40.32 -26.56 146.04
CA ILE QD 254 41.28 -26.21 147.08
C ILE QD 254 41.85 -24.85 146.74
N LEU QD 255 41.50 -23.85 147.54
CA LEU QD 255 41.94 -22.48 147.29
C LEU QD 255 43.09 -22.15 148.23
N THR QD 256 44.14 -21.56 147.68
CA THR QD 256 45.38 -21.33 148.40
C THR QD 256 45.75 -19.84 148.39
N SER QD 257 46.94 -19.55 148.90
CA SER QD 257 47.41 -18.16 148.96
C SER QD 257 47.71 -17.62 147.57
N SER QD 258 48.21 -18.47 146.67
CA SER QD 258 48.51 -18.01 145.31
C SER QD 258 47.25 -17.80 144.48
N GLY QD 259 46.11 -18.30 144.93
CA GLY QD 259 44.88 -18.17 144.18
C GLY QD 259 44.61 -19.30 143.21
N GLN QD 260 45.54 -20.23 143.05
CA GLN QD 260 45.29 -21.40 142.24
C GLN QD 260 44.29 -22.32 142.91
N VAL QD 261 43.48 -22.97 142.09
CA VAL QD 261 42.55 -23.97 142.60
C VAL QD 261 43.08 -25.35 142.21
N ILE QD 262 42.65 -26.36 142.96
CA ILE QD 262 43.08 -27.74 142.73
C ILE QD 262 41.83 -28.58 142.56
N LYS QD 263 41.71 -29.22 141.40
CA LYS QD 263 40.59 -30.06 141.05
C LYS QD 263 41.07 -31.50 140.85
N PHE QD 264 40.18 -32.34 140.34
CA PHE QD 264 40.52 -33.71 140.03
C PHE QD 264 40.83 -33.85 138.55
N SER QD 265 41.53 -34.94 138.21
CA SER QD 265 41.86 -35.23 136.83
C SER QD 265 40.62 -35.72 136.09
N GLN QD 266 40.70 -35.67 134.77
CA GLN QD 266 39.58 -36.08 133.92
C GLN QD 266 39.94 -37.30 133.08
N ARG RD 207 -14.50 101.64 47.62
CA ARG RD 207 -13.36 101.73 46.71
C ARG RD 207 -12.71 100.36 46.50
N ILE RD 208 -12.10 100.18 45.34
CA ILE RD 208 -11.43 98.93 45.00
C ILE RD 208 -9.93 99.19 44.94
N ILE RD 209 -9.17 98.43 45.73
CA ILE RD 209 -7.72 98.61 45.81
C ILE RD 209 -7.06 97.67 44.81
N TYR RD 210 -6.15 98.21 44.01
CA TYR RD 210 -5.51 97.47 42.92
C TYR RD 210 -4.08 97.12 43.31
N TYR RD 211 -3.71 95.87 43.11
CA TYR RD 211 -2.36 95.39 43.37
C TYR RD 211 -1.73 94.87 42.10
N ILE RD 212 -0.41 94.92 42.04
CA ILE RD 212 0.33 94.55 40.84
C ILE RD 212 0.33 93.05 40.66
N GLN RD 213 -0.50 92.56 39.73
CA GLN RD 213 -0.45 91.14 39.39
C GLN RD 213 0.78 90.81 38.57
N ALA RD 214 1.13 91.69 37.63
CA ALA RD 214 2.32 91.50 36.80
C ALA RD 214 2.89 92.85 36.43
N VAL RD 215 4.22 92.97 36.53
CA VAL RD 215 4.91 94.22 36.23
C VAL RD 215 5.90 93.95 35.12
N ILE RD 216 5.81 94.74 34.04
CA ILE RD 216 6.74 94.67 32.93
C ILE RD 216 7.08 96.11 32.56
N PRO RD 217 8.17 96.36 31.83
CA PRO RD 217 8.34 97.67 31.20
C PRO RD 217 7.24 97.92 30.18
N GLY RD 218 6.79 99.16 30.10
CA GLY RD 218 5.74 99.53 29.17
C GLY RD 218 4.34 99.31 29.70
N ARG RD 219 3.92 98.06 29.82
CA ARG RD 219 2.58 97.71 30.26
C ARG RD 219 2.60 97.30 31.73
N ALA RD 220 1.41 97.01 32.26
CA ALA RD 220 1.26 96.50 33.61
C ALA RD 220 -0.04 95.72 33.69
N TRP RD 221 -0.13 94.86 34.70
CA TRP RD 221 -1.31 94.04 34.94
C TRP RD 221 -1.65 94.19 36.41
N LEU RD 222 -2.76 94.87 36.69
CA LEU RD 222 -3.16 95.22 38.04
C LEU RD 222 -4.47 94.51 38.38
N ILE RD 223 -4.49 93.85 39.54
CA ILE RD 223 -5.66 93.10 39.98
C ILE RD 223 -6.31 93.86 41.13
N GLY RD 224 -7.61 94.03 41.06
CA GLY RD 224 -8.35 94.76 42.08
C GLY RD 224 -8.61 93.91 43.31
N SER RD 225 -9.47 94.45 44.17
CA SER RD 225 -9.75 93.80 45.45
C SER RD 225 -10.62 92.56 45.27
N ASN RD 226 -11.59 92.60 44.36
CA ASN RD 226 -12.53 91.51 44.17
C ASN RD 226 -12.16 90.62 43.00
N GLY RD 227 -10.87 90.52 42.65
CA GLY RD 227 -10.41 89.62 41.63
C GLY RD 227 -10.44 90.16 40.22
N SER RD 228 -10.97 91.37 40.02
CA SER RD 228 -10.93 91.98 38.70
C SER RD 228 -9.53 92.50 38.40
N THR RD 229 -9.03 92.18 37.21
CA THR RD 229 -7.71 92.61 36.79
C THR RD 229 -7.78 93.27 35.42
N LEU RD 230 -6.77 94.08 35.13
CA LEU RD 230 -6.73 94.84 33.89
C LEU RD 230 -5.29 95.07 33.48
N THR RD 231 -5.08 95.19 32.18
CA THR RD 231 -3.79 95.55 31.62
C THR RD 231 -3.81 97.02 31.22
N VAL RD 232 -2.76 97.74 31.63
CA VAL RD 232 -2.72 99.19 31.49
C VAL RD 232 -1.38 99.61 30.92
N ARG RD 233 -1.36 100.81 30.35
CA ARG RD 233 -0.15 101.48 29.90
C ARG RD 233 -0.04 102.81 30.65
N GLU RD 234 0.90 103.64 30.22
CA GLU RD 234 1.07 104.96 30.84
C GLU RD 234 -0.15 105.85 30.60
N GLY RD 235 -0.73 105.77 29.41
CA GLY RD 235 -1.98 106.47 29.16
C GLY RD 235 -3.18 105.60 29.44
N SER RD 236 -3.74 105.72 30.64
CA SER RD 236 -4.85 104.86 31.03
C SER RD 236 -5.70 105.56 32.08
N LYS RD 237 -7.01 105.37 31.98
CA LYS RD 237 -7.97 105.97 32.90
C LYS RD 237 -8.62 104.88 33.73
N ILE RD 238 -8.72 105.11 35.04
CA ILE RD 238 -9.23 104.10 35.97
C ILE RD 238 -10.12 104.76 37.01
N PRO RD 239 -11.17 104.09 37.48
CA PRO RD 239 -12.04 104.68 38.49
C PRO RD 239 -11.38 104.69 39.86
N GLY RD 240 -11.48 105.85 40.52
CA GLY RD 240 -10.92 106.03 41.85
C GLY RD 240 -9.44 106.31 41.88
N TYR RD 241 -8.77 106.32 40.73
CA TYR RD 241 -7.33 106.56 40.68
C TYR RD 241 -7.04 107.61 39.61
N GLY RD 242 -7.96 107.75 38.67
CA GLY RD 242 -7.91 108.84 37.70
C GLY RD 242 -6.99 108.50 36.52
N MET RD 243 -5.87 109.21 36.44
CA MET RD 243 -4.93 109.08 35.34
C MET RD 243 -3.59 108.59 35.86
N VAL RD 244 -2.98 107.65 35.14
CA VAL RD 244 -1.64 107.19 35.51
C VAL RD 244 -0.63 108.30 35.26
N LYS RD 245 0.13 108.64 36.29
CA LYS RD 245 1.14 109.67 36.15
C LYS RD 245 2.48 109.12 35.71
N LEU RD 246 2.94 108.04 36.34
CA LEU RD 246 4.20 107.42 35.96
C LEU RD 246 4.17 105.95 36.37
N ILE RD 247 4.74 105.10 35.52
CA ILE RD 247 4.88 103.67 35.78
C ILE RD 247 6.35 103.40 36.05
N ASP RD 248 6.64 102.86 37.24
CA ASP RD 248 8.00 102.54 37.65
C ASP RD 248 8.08 101.03 37.87
N SER RD 249 8.66 100.32 36.91
CA SER RD 249 8.79 98.86 37.03
C SER RD 249 9.79 98.48 38.13
N LEU RD 250 10.76 99.35 38.40
CA LEU RD 250 11.62 99.16 39.55
C LEU RD 250 10.84 99.42 40.83
N GLN RD 251 11.01 98.51 41.80
CA GLN RD 251 10.50 98.63 43.17
C GLN RD 251 8.97 98.66 43.26
N GLY RD 252 8.29 98.21 42.20
CA GLY RD 252 6.85 97.95 42.20
C GLY RD 252 5.95 99.12 42.51
N ARG RD 253 6.18 100.27 41.88
CA ARG RD 253 5.44 101.48 42.19
C ARG RD 253 4.79 102.06 40.94
N ILE RD 254 3.49 102.37 41.02
CA ILE RD 254 2.78 103.03 39.93
C ILE RD 254 2.16 104.31 40.46
N LEU RD 255 2.44 105.43 39.81
CA LEU RD 255 1.99 106.75 40.27
C LEU RD 255 0.75 107.18 39.50
N THR RD 256 -0.26 107.65 40.23
CA THR RD 256 -1.52 108.05 39.63
C THR RD 256 -1.77 109.55 39.81
N SER RD 257 -2.89 110.02 39.22
CA SER RD 257 -3.24 111.44 39.21
C SER RD 257 -3.53 111.96 40.61
N SER RD 258 -4.03 111.11 41.49
CA SER RD 258 -4.26 111.46 42.88
C SER RD 258 -3.02 111.29 43.73
N GLY RD 259 -1.88 110.95 43.13
CA GLY RD 259 -0.68 110.67 43.87
C GLY RD 259 -0.63 109.28 44.45
N GLN RD 260 -1.62 108.44 44.16
CA GLN RD 260 -1.66 107.09 44.70
C GLN RD 260 -0.62 106.21 44.03
N VAL RD 261 -0.03 105.31 44.82
CA VAL RD 261 1.02 104.42 44.35
C VAL RD 261 0.47 102.99 44.41
N ILE RD 262 0.21 102.43 43.24
CA ILE RD 262 -0.15 101.03 43.14
C ILE RD 262 1.09 100.19 43.39
N LYS RD 263 0.98 99.25 44.33
CA LYS RD 263 2.07 98.39 44.74
C LYS RD 263 1.67 96.92 44.66
N PHE RD 264 2.52 96.04 45.15
CA PHE RD 264 2.17 94.63 45.28
C PHE RD 264 1.34 94.42 46.54
N SER RD 265 0.77 93.22 46.66
CA SER RD 265 0.09 92.83 47.88
C SER RD 265 1.10 92.60 48.99
N GLN RD 266 0.71 92.96 50.22
CA GLN RD 266 1.59 92.74 51.36
C GLN RD 266 1.68 91.25 51.69
N GLU RD 267 0.54 90.57 51.75
CA GLU RD 267 0.52 89.15 52.09
C GLU RD 267 0.84 88.24 50.91
N ASP RD 268 0.91 88.79 49.70
CA ASP RD 268 1.39 88.06 48.54
C ASP RD 268 2.64 88.78 48.08
N SER RD 269 3.77 88.43 48.68
CA SER RD 269 5.02 89.13 48.44
C SER RD 269 6.23 88.26 48.77
N GLN SD 791 53.75 99.87 36.06
CA GLN SD 791 52.44 99.67 36.63
C GLN SD 791 51.85 98.35 36.15
N GLN SD 792 52.75 97.43 35.80
CA GLN SD 792 52.41 96.11 35.25
C GLN SD 792 51.75 95.19 36.26
N GLU SD 793 51.76 95.55 37.55
CA GLU SD 793 50.95 94.85 38.54
C GLU SD 793 49.48 94.95 38.20
N ILE SD 794 49.04 96.12 37.72
CA ILE SD 794 47.67 96.30 37.24
C ILE SD 794 47.41 95.40 36.06
N GLN SD 795 48.40 95.22 35.18
CA GLN SD 795 48.22 94.36 34.00
C GLN SD 795 48.10 92.90 34.39
N GLN SD 796 48.94 92.42 35.31
CA GLN SD 796 48.86 91.01 35.68
C GLN SD 796 47.62 90.74 36.53
N ARG SD 797 47.20 91.69 37.36
CA ARG SD 797 45.94 91.54 38.06
C ARG SD 797 44.76 91.64 37.10
N THR SD 798 44.91 92.40 36.02
CA THR SD 798 43.92 92.45 34.97
C THR SD 798 43.77 91.11 34.27
N SER SD 799 44.89 90.46 33.97
CA SER SD 799 44.83 89.14 33.36
C SER SD 799 44.22 88.10 34.30
N ASP SD 800 44.59 88.17 35.59
CA ASP SD 800 44.06 87.26 36.59
C ASP SD 800 42.56 87.46 36.78
N MET SD 801 42.11 88.70 36.85
CA MET SD 801 40.69 88.96 36.99
C MET SD 801 39.94 88.71 35.69
N LEU SD 802 40.63 88.72 34.55
CA LEU SD 802 39.97 88.42 33.29
C LEU SD 802 39.68 86.93 33.16
N THR SD 803 40.65 86.08 33.52
CA THR SD 803 40.35 84.65 33.51
C THR SD 803 39.39 84.28 34.64
N ALA SD 804 39.43 85.03 35.75
CA ALA SD 804 38.41 84.90 36.78
C ALA SD 804 37.04 85.27 36.25
N ALA SD 805 36.96 86.32 35.44
CA ALA SD 805 35.71 86.76 34.85
C ALA SD 805 35.15 85.72 33.90
N THR SD 806 36.01 85.13 33.07
CA THR SD 806 35.56 84.11 32.13
C THR SD 806 35.08 82.87 32.86
N GLN SD 807 35.79 82.44 33.90
CA GLN SD 807 35.36 81.24 34.60
C GLN SD 807 34.09 81.49 35.42
N LEU SD 808 33.92 82.69 35.98
CA LEU SD 808 32.68 82.95 36.71
C LEU SD 808 31.50 83.09 35.75
N VAL SD 809 31.72 83.66 34.57
CA VAL SD 809 30.58 83.83 33.68
C VAL SD 809 30.20 82.51 33.04
N GLN SD 810 31.15 81.60 32.82
CA GLN SD 810 30.71 80.27 32.39
C GLN SD 810 30.12 79.47 33.55
N ASP SD 811 30.51 79.77 34.79
CA ASP SD 811 29.86 79.13 35.92
C ASP SD 811 28.45 79.66 36.17
N TRP SD 812 28.13 80.85 35.67
CA TRP SD 812 26.82 81.43 35.92
C TRP SD 812 25.91 81.47 34.70
N LYS SD 813 26.43 81.18 33.50
CA LYS SD 813 25.57 81.22 32.33
C LYS SD 813 24.67 79.99 32.23
N GLN SD 814 25.16 78.83 32.65
CA GLN SD 814 24.43 77.60 32.40
C GLN SD 814 23.26 77.44 33.37
N VAL SD 815 22.27 76.68 32.93
CA VAL SD 815 21.12 76.31 33.74
C VAL SD 815 20.56 75.00 33.19
N GLU SD 816 20.37 74.02 34.06
CA GLU SD 816 19.87 72.72 33.66
C GLU SD 816 18.34 72.73 33.65
N THR SD 817 17.74 71.56 33.47
CA THR SD 817 16.29 71.46 33.38
C THR SD 817 15.78 70.43 34.38
N GLN SD 818 14.45 70.39 34.51
CA GLN SD 818 13.77 69.54 35.47
C GLN SD 818 13.89 68.07 35.08
N VAL SD 819 13.65 67.19 36.06
CA VAL SD 819 13.56 65.76 35.79
C VAL SD 819 12.28 65.23 36.40
N TYR SD 820 11.72 64.19 35.79
CA TYR SD 820 10.45 63.62 36.20
C TYR SD 820 10.57 62.10 36.23
N THR SD 821 10.14 61.50 37.33
CA THR SD 821 10.14 60.05 37.47
C THR SD 821 8.75 59.59 37.86
N GLU SD 822 8.20 58.70 37.04
CA GLU SD 822 6.89 58.11 37.25
C GLU SD 822 7.07 56.66 37.69
N GLY SD 823 6.34 56.25 38.72
CA GLY SD 823 6.44 54.92 39.28
C GLY SD 823 5.16 54.12 39.15
N THR SD 824 5.26 52.85 39.52
CA THR SD 824 4.12 51.93 39.55
C THR SD 824 4.35 50.81 40.54
N ALA TD 104 79.26 68.40 64.25
CA ALA TD 104 79.53 67.35 63.29
C ALA TD 104 78.49 66.25 63.39
N GLU TD 105 77.40 66.53 64.11
CA GLU TD 105 76.34 65.55 64.32
C GLU TD 105 74.93 66.10 64.19
N VAL TD 106 74.74 67.43 64.19
CA VAL TD 106 73.40 67.99 64.07
C VAL TD 106 72.95 68.12 62.61
N ILE TD 107 73.76 67.64 61.67
CA ILE TD 107 73.45 67.73 60.24
C ILE TD 107 72.20 66.91 59.92
N ASP TD 108 72.10 65.72 60.51
CA ASP TD 108 70.92 64.87 60.32
C ASP TD 108 69.66 65.51 60.90
N LYS TD 109 69.79 66.19 62.05
CA LYS TD 109 68.65 66.86 62.65
C LYS TD 109 68.19 68.03 61.80
N LYS TD 110 69.13 68.80 61.27
CA LYS TD 110 68.80 69.90 60.35
C LYS TD 110 68.12 69.38 59.09
N ALA TD 111 68.64 68.27 58.54
CA ALA TD 111 68.05 67.69 57.34
C ALA TD 111 66.65 67.16 57.61
N PHE TD 112 66.43 66.56 58.78
CA PHE TD 112 65.10 66.03 59.12
C PHE TD 112 64.08 67.14 59.31
N LYS TD 113 64.46 68.23 60.01
CA LYS TD 113 63.50 69.32 60.19
C LYS TD 113 63.26 70.07 58.89
N ASP TD 114 64.27 70.21 58.04
CA ASP TD 114 64.06 70.88 56.76
C ASP TD 114 63.22 70.01 55.81
N MET TD 115 63.40 68.69 55.88
CA MET TD 115 62.56 67.81 55.08
C MET TD 115 61.11 67.81 55.57
N THR TD 116 60.91 67.93 56.89
CA THR TD 116 59.56 68.07 57.40
C THR TD 116 58.93 69.37 56.93
N ARG TD 117 59.71 70.46 56.93
CA ARG TD 117 59.23 71.74 56.43
C ARG TD 117 58.90 71.68 54.94
N ASN TD 118 59.72 70.98 54.15
CA ASN TD 118 59.48 70.90 52.72
C ASN TD 118 58.33 69.96 52.38
N LEU TD 119 58.13 68.91 53.17
CA LEU TD 119 56.97 68.04 52.97
C LEU TD 119 55.68 68.79 53.31
N TYR TD 120 55.64 69.43 54.48
CA TYR TD 120 54.46 70.18 54.91
C TYR TD 120 54.88 71.61 55.17
N PRO TD 121 54.90 72.46 54.14
CA PRO TD 121 55.04 73.90 54.38
C PRO TD 121 53.73 74.57 54.76
N LEU TD 122 52.61 73.84 54.66
CA LEU TD 122 51.32 74.35 55.06
C LEU TD 122 51.14 74.13 56.56
N ASN TD 123 51.06 75.22 57.30
CA ASN TD 123 50.77 75.11 58.73
C ASN TD 123 49.32 74.67 58.92
N PRO TD 124 49.02 73.89 59.95
CA PRO TD 124 47.64 73.43 60.18
C PRO TD 124 46.64 74.54 60.42
N GLU TD 125 47.05 75.61 61.10
CA GLU TD 125 46.18 76.77 61.28
C GLU TD 125 45.89 77.43 59.93
N GLN TD 126 46.90 77.49 59.06
CA GLN TD 126 46.71 77.98 57.71
C GLN TD 126 45.78 77.06 56.91
N VAL TD 127 45.86 75.76 57.16
CA VAL TD 127 44.97 74.80 56.49
C VAL TD 127 43.51 75.06 56.88
N VAL TD 128 43.27 75.24 58.19
CA VAL TD 128 41.92 75.50 58.68
C VAL TD 128 41.41 76.84 58.17
N LYS TD 129 42.26 77.87 58.18
CA LYS TD 129 41.86 79.18 57.71
C LYS TD 129 41.59 79.19 56.21
N LEU TD 130 42.40 78.47 55.43
CA LEU TD 130 42.16 78.41 53.99
C LEU TD 130 40.92 77.60 53.66
N LYS TD 131 40.63 76.55 54.43
CA LYS TD 131 39.38 75.83 54.24
C LYS TD 131 38.18 76.70 54.57
N GLN TD 132 38.30 77.51 55.62
CA GLN TD 132 37.25 78.46 55.97
C GLN TD 132 37.05 79.52 54.88
N ILE TD 133 38.14 80.02 54.33
CA ILE TD 133 38.08 80.99 53.24
C ILE TD 133 37.47 80.37 51.99
N TYR TD 134 37.80 79.09 51.75
CA TYR TD 134 37.25 78.37 50.61
C TYR TD 134 35.74 78.19 50.71
N GLU TD 135 35.26 77.78 51.88
CA GLU TD 135 33.82 77.58 52.03
C GLU TD 135 33.08 78.92 52.09
N THR TD 136 33.74 79.97 52.59
CA THR TD 136 33.14 81.30 52.55
C THR TD 136 33.02 81.81 51.12
N SER TD 137 34.04 81.56 50.30
CA SER TD 137 33.97 81.91 48.88
C SER TD 137 32.94 81.05 48.16
N GLU TD 138 32.75 79.81 48.62
CA GLU TD 138 31.67 78.98 48.09
C GLU TD 138 30.31 79.58 48.38
N TYR TD 139 30.12 80.10 49.60
CA TYR TD 139 28.89 80.79 49.92
C TYR TD 139 28.73 82.09 49.14
N ALA TD 140 29.85 82.75 48.84
CA ALA TD 140 29.82 83.93 47.99
C ALA TD 140 29.38 83.59 46.57
N LYS TD 141 29.89 82.49 46.03
CA LYS TD 141 29.50 82.05 44.69
C LYS TD 141 28.05 81.63 44.65
N ALA TD 142 27.58 80.94 45.69
CA ALA TD 142 26.19 80.52 45.75
C ALA TD 142 25.26 81.61 46.24
N ALA TD 143 25.79 82.78 46.60
CA ALA TD 143 24.95 83.88 47.02
C ALA TD 143 24.16 84.43 45.83
N THR TD 144 22.84 84.51 45.98
CA THR TD 144 21.96 84.93 44.91
C THR TD 144 21.54 86.38 45.14
N PRO TD 145 21.96 87.33 44.32
CA PRO TD 145 21.59 88.73 44.54
C PRO TD 145 20.13 88.97 44.19
N GLY TD 146 19.63 90.11 44.67
CA GLY TD 146 18.24 90.47 44.49
C GLY TD 146 17.34 89.82 45.52
N THR TD 147 16.09 90.27 45.54
CA THR TD 147 15.11 89.73 46.46
C THR TD 147 14.58 88.40 45.93
N PRO TD 148 14.70 87.31 46.69
CA PRO TD 148 14.13 86.03 46.25
C PRO TD 148 12.62 86.08 46.31
N PRO TD 149 11.94 85.39 45.40
CA PRO TD 149 10.48 85.38 45.42
C PRO TD 149 9.93 84.51 46.53
N LYS TD 150 8.73 84.85 46.96
CA LYS TD 150 8.01 84.02 47.93
C LYS TD 150 7.28 82.91 47.21
N PRO TD 151 7.54 81.64 47.53
CA PRO TD 151 6.72 80.55 46.98
C PRO TD 151 5.37 80.49 47.66
N THR TD 152 4.32 80.36 46.87
CA THR TD 152 2.95 80.37 47.36
C THR TD 152 2.13 79.43 46.50
N ALA TD 153 0.81 79.47 46.70
CA ALA TD 153 -0.13 78.77 45.86
C ALA TD 153 -1.24 79.74 45.47
N THR TD 154 -1.86 79.49 44.32
CA THR TD 154 -2.91 80.37 43.81
C THR TD 154 -4.10 79.56 43.37
N SER TD 155 -5.28 80.18 43.45
CA SER TD 155 -6.53 79.56 43.01
C SER TD 155 -7.34 80.64 42.30
N GLN TD 156 -7.33 80.60 40.97
CA GLN TD 156 -7.92 81.62 40.13
C GLN TD 156 -9.12 81.05 39.38
N PHE TD 157 -9.80 81.93 38.64
CA PHE TD 157 -10.98 81.57 37.87
C PHE TD 157 -10.74 81.94 36.41
N VAL TD 158 -10.83 80.94 35.53
CA VAL TD 158 -10.63 81.21 34.12
C VAL TD 158 -11.87 81.88 33.54
N ASN TD 159 -11.68 82.60 32.45
CA ASN TD 159 -12.78 83.34 31.85
C ASN TD 159 -12.69 83.22 30.33
N LEU TD 160 -13.81 82.81 29.73
CA LEU TD 160 -13.94 82.73 28.28
C LEU TD 160 -14.65 83.94 27.70
N SER TD 161 -14.63 85.08 28.40
CA SER TD 161 -15.30 86.26 27.91
C SER TD 161 -14.53 86.83 26.71
N PRO TD 162 -15.23 87.38 25.72
CA PRO TD 162 -14.56 87.94 24.54
C PRO TD 162 -14.00 89.33 24.73
N GLY TD 163 -13.87 89.83 25.96
CA GLY TD 163 -13.22 91.09 26.21
C GLY TD 163 -12.30 91.02 27.42
N SER TD 164 -12.28 89.86 28.05
CA SER TD 164 -11.53 89.68 29.28
C SER TD 164 -10.03 89.64 29.01
N THR TD 165 -9.27 90.12 29.99
CA THR TD 165 -7.82 90.02 29.92
C THR TD 165 -7.38 88.57 30.15
N PRO TD 166 -6.36 88.10 29.44
CA PRO TD 166 -5.94 86.70 29.58
C PRO TD 166 -5.23 86.47 30.90
N PRO TD 167 -5.27 85.24 31.42
CA PRO TD 167 -4.58 84.96 32.69
C PRO TD 167 -3.06 85.00 32.56
N VAL TD 168 -2.42 85.42 33.64
CA VAL TD 168 -0.99 85.64 33.72
C VAL TD 168 -0.42 84.73 34.79
N ILE TD 169 0.69 84.06 34.49
CA ILE TD 169 1.32 83.11 35.40
C ILE TD 169 2.73 83.59 35.72
N ARG TD 170 3.00 83.79 37.00
CA ARG TD 170 4.33 84.16 37.47
C ARG TD 170 5.22 82.92 37.55
N LEU TD 171 6.45 83.03 37.08
CA LEU TD 171 7.37 81.90 37.02
C LEU TD 171 8.75 82.31 37.52
N SER TD 172 9.57 81.30 37.81
CA SER TD 172 10.94 81.49 38.26
C SER TD 172 11.87 80.56 37.49
N GLN TD 173 13.11 81.02 37.31
CA GLN TD 173 14.10 80.24 36.59
C GLN TD 173 14.57 79.06 37.44
N GLY TD 174 14.49 77.86 36.86
CA GLY TD 174 15.00 76.68 37.52
C GLY TD 174 14.08 76.05 38.54
N PHE TD 175 12.84 76.49 38.62
CA PHE TD 175 11.88 75.94 39.57
C PHE TD 175 10.58 75.61 38.85
N VAL TD 176 9.90 74.57 39.31
CA VAL TD 176 8.79 73.96 38.58
C VAL TD 176 7.48 74.36 39.24
N SER TD 177 6.58 74.91 38.44
CA SER TD 177 5.21 75.18 38.86
C SER TD 177 4.30 74.06 38.38
N SER TD 178 3.20 73.87 39.11
CA SER TD 178 2.20 72.87 38.77
C SER TD 178 0.87 73.55 38.49
N LEU TD 179 0.17 73.03 37.48
CA LEU TD 179 -1.10 73.59 37.05
C LEU TD 179 -2.16 72.49 37.12
N VAL TD 180 -3.24 72.77 37.84
CA VAL TD 180 -4.36 71.84 38.01
C VAL TD 180 -5.65 72.61 37.78
N PHE TD 181 -6.56 72.04 36.99
CA PHE TD 181 -7.76 72.74 36.54
C PHE TD 181 -8.99 71.95 36.96
N LEU TD 182 -9.95 72.64 37.56
CA LEU TD 182 -11.20 72.06 38.01
C LEU TD 182 -12.36 72.76 37.30
N ASP TD 183 -13.41 72.02 37.01
CA ASP TD 183 -14.54 72.55 36.25
C ASP TD 183 -15.46 73.33 37.19
N SER TD 184 -16.64 73.70 36.69
CA SER TD 184 -17.63 74.41 37.50
C SER TD 184 -18.15 73.54 38.64
N THR TD 185 -18.13 72.21 38.48
CA THR TD 185 -18.43 71.32 39.58
C THR TD 185 -17.21 71.03 40.44
N GLY TD 186 -16.03 71.49 40.04
CA GLY TD 186 -14.81 71.25 40.77
C GLY TD 186 -14.09 69.97 40.42
N ALA TD 187 -14.66 69.15 39.55
CA ALA TD 187 -13.97 67.94 39.11
C ALA TD 187 -12.82 68.30 38.17
N PRO TD 188 -11.70 67.59 38.24
CA PRO TD 188 -10.58 67.90 37.34
C PRO TD 188 -10.91 67.59 35.88
N TRP TD 189 -10.36 68.40 35.00
CA TRP TD 189 -10.60 68.28 33.57
C TRP TD 189 -9.30 67.95 32.87
N PRO TD 190 -9.14 66.73 32.33
CA PRO TD 190 -7.92 66.37 31.63
C PRO TD 190 -7.76 67.12 30.32
N ILE TD 191 -6.52 67.14 29.85
CA ILE TD 191 -6.10 67.99 28.74
C ILE TD 191 -5.97 67.14 27.49
N ALA TD 192 -6.57 67.61 26.40
CA ALA TD 192 -6.45 66.89 25.13
C ALA TD 192 -5.12 67.20 24.46
N ALA TD 193 -4.79 68.48 24.30
CA ALA TD 193 -3.62 68.88 23.52
C ALA TD 193 -3.14 70.24 23.98
N TYR TD 194 -1.94 70.60 23.53
CA TYR TD 194 -1.34 71.86 23.94
C TYR TD 194 -0.40 72.36 22.86
N ASP TD 195 -0.29 73.69 22.80
CA ASP TD 195 0.66 74.37 21.93
C ASP TD 195 1.53 75.25 22.80
N LEU TD 196 2.84 75.08 22.69
CA LEU TD 196 3.82 75.83 23.47
C LEU TD 196 4.77 76.53 22.51
N GLY TD 197 4.66 77.85 22.42
CA GLY TD 197 5.65 78.63 21.73
C GLY TD 197 6.87 78.85 22.59
N ASP TD 198 8.00 79.17 21.92
CA ASP TD 198 9.32 79.35 22.52
C ASP TD 198 9.70 78.14 23.37
N PRO TD 199 10.15 77.04 22.76
CA PRO TD 199 10.61 75.90 23.56
C PRO TD 199 11.86 76.18 24.38
N SER TD 200 12.62 77.22 24.03
CA SER TD 200 13.86 77.52 24.74
C SER TD 200 13.65 78.08 26.14
N SER TD 201 12.46 78.59 26.44
CA SER TD 201 12.22 79.19 27.73
C SER TD 201 11.45 78.29 28.68
N PHE TD 202 10.73 77.30 28.18
CA PHE TD 202 9.84 76.49 29.01
C PHE TD 202 10.00 75.03 28.67
N ASN TD 203 9.81 74.18 29.67
CA ASN TD 203 9.77 72.74 29.48
C ASN TD 203 8.62 72.15 30.27
N ILE TD 204 7.97 71.14 29.71
CA ILE TD 204 6.75 70.57 30.26
C ILE TD 204 6.95 69.06 30.42
N GLN TD 205 6.68 68.57 31.62
CA GLN TD 205 6.56 67.13 31.86
C GLN TD 205 5.07 66.81 32.02
N TRP TD 206 4.54 65.98 31.12
CA TRP TD 206 3.11 65.68 31.14
C TRP TD 206 2.87 64.31 30.54
N ASP TD 207 2.39 63.38 31.35
CA ASP TD 207 1.75 62.19 30.82
C ASP TD 207 0.46 62.60 30.12
N LYS TD 208 0.19 61.99 28.96
CA LYS TD 208 -0.74 62.56 28.00
C LYS TD 208 -2.20 62.44 28.41
N THR TD 209 -2.51 61.85 29.56
CA THR TD 209 -3.88 61.73 30.03
C THR TD 209 -4.20 62.61 31.22
N SER TD 210 -3.20 63.06 31.97
CA SER TD 210 -3.46 63.77 33.22
C SER TD 210 -3.82 65.23 32.96
N ASN TD 211 -4.48 65.82 33.95
CA ASN TD 211 -4.79 67.25 33.93
C ASN TD 211 -3.71 68.11 34.56
N THR TD 212 -2.69 67.50 35.15
CA THR TD 212 -1.69 68.24 35.89
C THR TD 212 -0.50 68.54 34.99
N LEU TD 213 -0.08 69.80 34.97
CA LEU TD 213 1.05 70.24 34.17
C LEU TD 213 2.21 70.63 35.06
N MET TD 214 3.40 70.11 34.75
CA MET TD 214 4.64 70.44 35.45
C MET TD 214 5.49 71.27 34.51
N ILE TD 215 5.56 72.57 34.75
CA ILE TD 215 6.20 73.51 33.84
C ILE TD 215 7.36 74.18 34.54
N GLN TD 216 8.53 74.17 33.91
CA GLN TD 216 9.72 74.83 34.42
C GLN TD 216 10.15 75.92 33.46
N ALA TD 217 10.46 77.09 33.99
CA ALA TD 217 11.04 78.15 33.18
C ALA TD 217 12.53 77.86 32.97
N THR TD 218 13.01 78.12 31.76
CA THR TD 218 14.39 77.87 31.41
C THR TD 218 15.22 79.14 31.21
N LYS TD 219 14.59 80.24 30.84
CA LYS TD 219 15.29 81.51 30.71
C LYS TD 219 15.11 82.33 31.97
N LEU TD 220 15.50 83.61 31.91
CA LEU TD 220 15.50 84.48 33.08
C LEU TD 220 14.40 85.54 33.03
N TYR TD 221 14.29 86.28 31.93
CA TYR TD 221 13.33 87.37 31.84
C TYR TD 221 12.43 87.29 30.61
N ASN TD 222 12.51 86.23 29.83
CA ASN TD 222 11.77 86.13 28.58
C ASN TD 222 10.40 85.48 28.82
N TYR TD 223 9.35 86.20 28.45
CA TYR TD 223 7.98 85.76 28.64
C TYR TD 223 7.56 84.81 27.53
N GLY TD 224 6.34 84.29 27.65
CA GLY TD 224 5.82 83.39 26.64
C GLY TD 224 4.32 83.27 26.74
N ASN TD 225 3.77 82.45 25.85
CA ASN TD 225 2.34 82.23 25.75
C ASN TD 225 2.08 80.75 25.58
N LEU TD 226 0.85 80.33 25.91
CA LEU TD 226 0.51 78.92 25.90
C LEU TD 226 -0.94 78.74 25.49
N ALA TD 227 -1.18 77.73 24.64
CA ALA TD 227 -2.53 77.36 24.22
C ALA TD 227 -2.86 75.98 24.76
N VAL TD 228 -4.03 75.87 25.40
CA VAL TD 228 -4.44 74.66 26.11
C VAL TD 228 -5.77 74.20 25.53
N ARG TD 229 -5.91 72.91 25.28
CA ARG TD 229 -7.17 72.31 24.83
C ARG TD 229 -7.48 71.12 25.73
N LEU TD 230 -8.55 71.23 26.52
CA LEU TD 230 -8.97 70.14 27.38
C LEU TD 230 -9.67 69.06 26.57
N ARG TD 231 -9.92 67.93 27.24
CA ARG TD 231 -10.49 66.76 26.56
C ARG TD 231 -11.92 67.02 26.09
N GLY TD 232 -12.73 67.69 26.91
CA GLY TD 232 -14.10 67.96 26.52
C GLY TD 232 -14.34 69.38 26.07
N LEU TD 233 -13.34 70.25 26.25
CA LEU TD 233 -13.51 71.66 25.97
C LEU TD 233 -13.11 71.97 24.53
N ASN TD 234 -14.05 72.52 23.77
CA ASN TD 234 -13.75 72.93 22.40
C ASN TD 234 -12.92 74.21 22.36
N THR TD 235 -13.26 75.18 23.21
CA THR TD 235 -12.63 76.49 23.12
C THR TD 235 -11.22 76.45 23.67
N PRO TD 236 -10.24 77.00 22.96
CA PRO TD 236 -8.87 77.00 23.47
C PRO TD 236 -8.69 77.99 24.60
N VAL TD 237 -7.67 77.75 25.41
CA VAL TD 237 -7.34 78.58 26.56
C VAL TD 237 -5.97 79.19 26.33
N MET TD 238 -5.89 80.51 26.33
CA MET TD 238 -4.64 81.22 26.13
C MET TD 238 -4.16 81.75 27.48
N LEU TD 239 -2.91 81.46 27.81
CA LEU TD 239 -2.29 81.95 29.02
C LEU TD 239 -0.99 82.65 28.65
N THR TD 240 -0.60 83.64 29.45
CA THR TD 240 0.71 84.23 29.30
C THR TD 240 1.53 83.92 30.54
N LEU TD 241 2.84 83.75 30.34
CA LEU TD 241 3.74 83.30 31.39
C LEU TD 241 4.91 84.26 31.45
N ILE TD 242 5.19 84.79 32.64
CA ILE TD 242 6.24 85.79 32.80
C ILE TD 242 7.19 85.35 33.90
N PRO TD 243 8.49 85.25 33.62
CA PRO TD 243 9.47 85.01 34.68
C PRO TD 243 9.97 86.31 35.30
N GLY TD 244 10.51 86.18 36.50
CA GLY TD 244 11.09 87.33 37.17
C GLY TD 244 10.11 88.15 37.98
N GLN TD 245 9.46 87.53 38.96
CA GLN TD 245 8.56 88.23 39.86
C GLN TD 245 8.95 87.96 41.30
N LYS TD 246 8.49 88.82 42.20
CA LYS TD 246 8.81 88.71 43.61
C LYS TD 246 7.96 87.67 44.33
N ALA TD 247 6.90 87.18 43.71
CA ALA TD 247 6.11 86.09 44.25
C ALA TD 247 5.93 85.04 43.16
N VAL TD 248 6.16 83.77 43.51
CA VAL TD 248 6.01 82.68 42.57
C VAL TD 248 4.99 81.69 43.12
N ASP TD 249 4.40 80.93 42.20
CA ASP TD 249 3.29 80.04 42.51
C ASP TD 249 3.71 78.61 42.19
N TYR TD 250 3.88 77.79 43.23
CA TYR TD 250 4.16 76.38 43.01
C TYR TD 250 2.94 75.68 42.41
N ARG TD 251 1.77 75.85 43.01
CA ARG TD 251 0.55 75.22 42.53
C ARG TD 251 -0.46 76.30 42.14
N VAL TD 252 -1.06 76.15 40.97
CA VAL TD 252 -2.10 77.04 40.48
C VAL TD 252 -3.32 76.18 40.18
N ASP TD 253 -4.40 76.43 40.92
CA ASP TD 253 -5.70 75.84 40.63
C ASP TD 253 -6.50 76.80 39.77
N LEU TD 254 -7.16 76.26 38.75
CA LEU TD 254 -7.89 77.09 37.80
C LEU TD 254 -9.33 76.61 37.69
N ARG TD 255 -10.26 77.47 38.08
CA ARG TD 255 -11.68 77.16 37.99
C ARG TD 255 -12.15 77.33 36.55
N VAL TD 256 -12.54 76.24 35.92
CA VAL TD 256 -13.05 76.29 34.55
C VAL TD 256 -14.48 76.79 34.59
N GLN TD 257 -14.78 77.78 33.74
CA GLN TD 257 -16.10 78.38 33.69
C GLN TD 257 -17.16 77.40 33.18
N GLY TD 258 -16.80 76.52 32.24
CA GLY TD 258 -17.74 75.59 31.68
C GLY TD 258 -17.95 74.36 32.55
N TYR TD 259 -18.77 73.45 32.03
CA TYR TD 259 -19.12 72.21 32.72
C TYR TD 259 -18.23 71.08 32.22
N GLY TD 260 -17.54 70.42 33.15
CA GLY TD 260 -16.64 69.36 32.80
C GLY TD 260 -17.35 68.05 32.58
N PRO TD 261 -16.55 67.00 32.30
CA PRO TD 261 -17.15 65.67 32.08
C PRO TD 261 -17.71 65.03 33.33
N ASN TD 262 -17.34 65.50 34.52
CA ASN TD 262 -17.78 64.90 35.77
C ASN TD 262 -18.45 65.95 36.64
N ALA TD 263 -19.62 65.62 37.17
CA ALA TD 263 -20.38 66.53 38.01
C ALA TD 263 -19.97 66.39 39.47
N ASP TD 278 -16.89 67.48 56.28
CA ASP TD 278 -16.87 68.89 55.91
C ASP TD 278 -15.83 69.66 56.71
N LEU TD 279 -16.18 70.89 57.10
CA LEU TD 279 -15.28 71.76 57.85
C LEU TD 279 -15.03 71.25 59.27
N LEU TD 280 -15.92 70.41 59.78
CA LEU TD 280 -15.75 69.84 61.12
C LEU TD 280 -14.54 68.93 61.19
N LEU TD 281 -14.24 68.21 60.09
CA LEU TD 281 -13.02 67.43 60.02
C LEU TD 281 -11.78 68.31 60.06
N HIS TD 282 -11.83 69.47 59.42
CA HIS TD 282 -10.70 70.41 59.45
C HIS TD 282 -10.50 70.97 60.85
N VAL TD 283 -11.60 71.31 61.53
CA VAL TD 283 -11.51 71.80 62.91
C VAL TD 283 -10.97 70.71 63.83
N LEU TD 284 -11.36 69.46 63.58
CA LEU TD 284 -10.81 68.34 64.35
C LEU TD 284 -9.32 68.17 64.09
N GLU TD 285 -8.89 68.27 62.82
CA GLU TD 285 -7.48 68.09 62.51
C GLU TD 285 -6.63 69.28 62.92
N GLY TD 286 -7.24 70.43 63.21
CA GLY TD 286 -6.51 71.50 63.83
C GLY TD 286 -6.71 72.87 63.22
N VAL TD 287 -6.93 72.92 61.91
CA VAL TD 287 -7.02 74.20 61.23
C VAL TD 287 -8.36 74.85 61.53
N PRO TD 288 -8.37 76.06 62.07
CA PRO TD 288 -9.63 76.77 62.32
C PRO TD 288 -10.26 77.21 61.01
N PRO TD 289 -11.57 77.44 61.00
CA PRO TD 289 -12.19 78.02 59.81
C PRO TD 289 -11.73 79.45 59.60
N PRO TD 290 -11.59 79.89 58.35
CA PRO TD 290 -11.18 81.27 58.09
C PRO TD 290 -12.27 82.26 58.49
N GLY TD 291 -11.83 83.43 58.93
CA GLY TD 291 -12.73 84.43 59.45
C GLY TD 291 -13.13 84.25 60.89
N SER TD 292 -12.69 83.18 61.53
CA SER TD 292 -13.02 82.95 62.93
C SER TD 292 -12.13 83.80 63.84
N ARG TD 293 -12.64 84.11 65.02
CA ARG TD 293 -11.91 84.87 66.02
C ARG TD 293 -11.50 83.95 67.15
N ARG TD 294 -10.22 84.00 67.51
CA ARG TD 294 -9.70 83.11 68.54
C ARG TD 294 -10.12 83.59 69.92
N LEU TD 295 -10.57 82.66 70.75
CA LEU TD 295 -10.98 82.95 72.11
C LEU TD 295 -10.08 82.21 73.09
N VAL TD 296 -9.86 82.81 74.25
CA VAL TD 296 -9.04 82.20 75.29
C VAL TD 296 -9.95 81.51 76.28
N VAL TD 297 -9.61 80.27 76.63
CA VAL TD 297 -10.39 79.47 77.56
C VAL TD 297 -9.46 78.99 78.66
N SER TD 298 -9.83 79.27 79.91
CA SER TD 298 -8.99 78.99 81.07
C SER TD 298 -9.55 77.83 81.88
N GLY TD 299 -8.66 76.97 82.35
CA GLY TD 299 -9.04 75.85 83.16
C GLY TD 299 -9.23 74.53 82.43
N GLY TD 300 -8.88 74.46 81.15
CA GLY TD 300 -9.07 73.24 80.40
C GLY TD 300 -8.23 73.20 79.14
N ASP TD 301 -8.07 71.98 78.61
CA ASP TD 301 -7.27 71.75 77.41
C ASP TD 301 -8.18 71.70 76.18
N ALA TD 302 -8.74 72.86 75.86
CA ALA TD 302 -9.63 73.00 74.73
C ALA TD 302 -9.19 74.18 73.87
N ARG TD 303 -9.48 74.09 72.57
CA ARG TD 303 -9.22 75.20 71.66
C ARG TD 303 -10.50 75.46 70.87
N ALA TD 304 -11.05 76.66 71.01
CA ALA TD 304 -12.32 77.01 70.42
C ALA TD 304 -12.20 78.29 69.61
N TRP TD 305 -13.05 78.40 68.60
CA TRP TD 305 -13.10 79.57 67.75
C TRP TD 305 -14.56 79.92 67.46
N LEU TD 306 -14.75 81.14 66.98
CA LEU TD 306 -16.08 81.66 66.68
C LEU TD 306 -16.02 82.39 65.33
N SER TD 307 -16.72 81.85 64.34
CA SER TD 307 -16.80 82.47 63.02
C SER TD 307 -18.18 83.01 62.70
N ASN TD 308 -19.21 82.22 62.93
CA ASN TD 308 -20.60 82.59 62.69
C ASN TD 308 -21.40 82.44 63.97
N GLU TD 309 -20.88 83.05 65.05
CA GLU TD 309 -21.49 83.10 66.39
C GLU TD 309 -21.68 81.71 66.98
N LYS TD 310 -20.85 80.76 66.57
CA LYS TD 310 -20.91 79.38 67.03
C LYS TD 310 -19.55 78.99 67.59
N MET TD 311 -19.55 78.37 68.76
CA MET TD 311 -18.32 77.84 69.31
C MET TD 311 -17.96 76.55 68.57
N TYR TD 312 -16.74 76.51 68.05
CA TYR TD 312 -16.15 75.32 67.47
C TYR TD 312 -14.96 74.96 68.35
N VAL TD 313 -15.08 73.88 69.11
CA VAL TD 313 -14.10 73.54 70.15
C VAL TD 313 -13.58 72.13 69.88
N ARG TD 314 -12.27 72.00 69.78
CA ARG TD 314 -11.63 70.69 69.77
C ARG TD 314 -10.88 70.50 71.08
N THR TD 315 -11.01 69.30 71.64
CA THR TD 315 -10.46 68.96 72.94
C THR TD 315 -10.43 67.45 73.06
N ASN TD 316 -10.23 66.96 74.29
CA ASN TD 316 -10.34 65.55 74.60
C ASN TD 316 -11.35 65.28 75.70
N LEU TD 317 -11.99 66.30 76.24
CA LEU TD 317 -12.88 66.15 77.38
C LEU TD 317 -14.29 65.83 76.92
N THR TD 318 -15.25 65.86 77.85
CA THR TD 318 -16.63 65.50 77.59
C THR TD 318 -17.53 66.61 78.13
N ILE TD 319 -18.19 67.34 77.23
CA ILE TD 319 -19.10 68.39 77.64
C ILE TD 319 -20.38 67.76 78.16
N LEU TD 320 -20.93 68.33 79.25
CA LEU TD 320 -22.09 67.73 79.89
C LEU TD 320 -23.31 68.61 79.87
N SER TD 321 -23.22 69.85 80.36
CA SER TD 321 -24.43 70.64 80.56
C SER TD 321 -25.02 71.26 79.28
N PRO TD 322 -24.29 72.09 78.47
CA PRO TD 322 -25.00 72.86 77.44
C PRO TD 322 -25.40 72.05 76.21
N GLY TD 323 -24.57 71.09 75.82
CA GLY TD 323 -24.81 70.32 74.63
C GLY TD 323 -24.12 70.90 73.40
N TRP TD 324 -24.20 70.15 72.31
CA TRP TD 324 -23.51 70.49 71.07
C TRP TD 324 -24.48 70.50 69.91
N LEU TD 325 -24.25 71.42 68.97
CA LEU TD 325 -24.98 71.35 67.71
C LEU TD 325 -24.48 70.22 66.84
N ALA TD 326 -23.17 69.93 66.87
CA ALA TD 326 -22.62 68.81 66.13
C ALA TD 326 -21.36 68.32 66.84
N SER TD 327 -20.99 67.08 66.56
CA SER TD 327 -19.82 66.49 67.22
C SER TD 327 -19.20 65.41 66.35
N MET TD 328 -17.88 65.37 66.33
CA MET TD 328 -17.10 64.30 65.73
C MET TD 328 -15.96 63.93 66.67
N THR TD 329 -15.25 62.87 66.31
CA THR TD 329 -14.07 62.49 67.08
C THR TD 329 -13.03 61.87 66.15
N SER TD 330 -11.80 61.84 66.63
CA SER TD 330 -10.66 61.39 65.85
C SER TD 330 -10.41 59.90 66.08
N ALA TD 331 -9.33 59.39 65.48
CA ALA TD 331 -8.98 57.98 65.62
C ALA TD 331 -8.48 57.69 67.03
N ASP TD 332 -7.75 58.61 67.64
CA ASP TD 332 -7.29 58.44 69.01
C ASP TD 332 -8.32 58.89 70.03
N GLY TD 333 -9.45 59.44 69.58
CA GLY TD 333 -10.56 59.75 70.45
C GLY TD 333 -10.70 61.19 70.86
N THR TD 334 -9.87 62.09 70.34
CA THR TD 334 -10.04 63.51 70.63
C THR TD 334 -11.29 64.02 69.93
N HIS TD 335 -12.11 64.76 70.66
CA HIS TD 335 -13.42 65.16 70.18
C HIS TD 335 -13.38 66.58 69.63
N ALA TD 336 -14.31 66.86 68.72
CA ALA TD 336 -14.48 68.19 68.15
C ALA TD 336 -15.98 68.46 68.11
N TYR TD 337 -16.43 69.37 68.96
CA TYR TD 337 -17.83 69.75 69.07
C TYR TD 337 -18.03 71.15 68.50
N GLU TD 338 -19.29 71.47 68.23
CA GLU TD 338 -19.68 72.83 67.92
C GLU TD 338 -21.10 73.06 68.42
N MET TD 339 -21.35 74.26 68.90
CA MET TD 339 -22.66 74.63 69.44
C MET TD 339 -22.78 76.15 69.36
N GLN TD 340 -23.84 76.69 69.97
CA GLN TD 340 -24.02 78.13 70.05
C GLN TD 340 -23.19 78.71 71.21
N LYS TD 341 -23.16 80.03 71.28
CA LYS TD 341 -22.28 80.72 72.22
C LYS TD 341 -22.81 80.65 73.64
N SER TD 342 -21.87 80.40 74.58
CA SER TD 342 -22.13 80.38 76.01
C SER TD 342 -20.80 80.54 76.71
N PRO TD 343 -20.70 81.34 77.77
CA PRO TD 343 -19.39 81.64 78.37
C PRO TD 343 -18.91 80.61 79.38
N VAL TD 344 -19.83 79.84 79.96
CA VAL TD 344 -19.50 78.90 81.02
C VAL TD 344 -19.94 77.51 80.58
N LEU TD 345 -19.04 76.54 80.67
CA LEU TD 345 -19.31 75.15 80.30
C LEU TD 345 -19.05 74.25 81.49
N LEU TD 346 -19.60 73.04 81.42
CA LEU TD 346 -19.33 72.02 82.42
C LEU TD 346 -18.83 70.77 81.72
N VAL TD 347 -17.73 70.20 82.21
CA VAL TD 347 -17.12 69.05 81.58
C VAL TD 347 -16.87 67.95 82.61
N SER TD 348 -16.80 66.72 82.11
CA SER TD 348 -16.53 65.54 82.91
C SER TD 348 -15.26 64.90 82.40
N TRP TD 349 -14.28 64.76 83.29
CA TRP TD 349 -12.98 64.18 82.96
C TRP TD 349 -12.70 63.06 83.96
N HIS TD 350 -12.56 61.84 83.43
CA HIS TD 350 -12.08 60.65 84.15
C HIS TD 350 -12.92 60.34 85.39
N GLY TD 351 -14.21 60.61 85.34
CA GLY TD 351 -15.11 60.35 86.43
C GLY TD 351 -15.43 61.53 87.32
N LYS TD 352 -14.66 62.62 87.23
CA LYS TD 352 -14.91 63.78 88.08
C LYS TD 352 -15.29 64.98 87.21
N VAL TD 353 -16.13 65.85 87.77
CA VAL TD 353 -16.75 66.93 87.02
C VAL TD 353 -16.09 68.25 87.40
N MET TD 354 -15.70 69.03 86.41
CA MET TD 354 -15.19 70.37 86.64
C MET TD 354 -15.90 71.36 85.72
N GLN TD 355 -15.68 72.63 85.99
CA GLN TD 355 -16.28 73.72 85.25
C GLN TD 355 -15.23 74.38 84.37
N LEU TD 356 -15.69 75.12 83.37
CA LEU TD 356 -14.81 75.69 82.37
C LEU TD 356 -15.29 77.09 82.00
N LYS TD 357 -14.34 78.02 81.90
CA LYS TD 357 -14.62 79.39 81.51
C LYS TD 357 -13.81 79.75 80.27
N VAL TD 358 -14.45 80.44 79.33
CA VAL TD 358 -13.80 80.93 78.12
C VAL TD 358 -13.98 82.43 78.07
N GLU TD 359 -12.87 83.15 77.92
CA GLU TD 359 -12.90 84.60 77.80
C GLU TD 359 -12.95 85.00 76.34
N GLY TD 360 -13.82 85.97 76.03
CA GLY TD 360 -13.98 86.45 74.68
C GLY TD 360 -15.17 87.36 74.51
N UNK UD 1 33.16 89.90 65.72
CA UNK UD 1 32.69 89.29 64.48
C UNK UD 1 32.01 90.32 63.59
N UNK UD 2 30.73 90.12 63.31
CA UNK UD 2 29.97 91.04 62.48
C UNK UD 2 29.63 92.30 63.28
N UNK UD 3 29.89 93.46 62.68
CA UNK UD 3 29.60 94.74 63.31
C UNK UD 3 28.21 95.21 62.87
N UNK UD 4 27.24 95.09 63.78
CA UNK UD 4 25.87 95.48 63.46
C UNK UD 4 25.74 96.99 63.28
N UNK UD 5 26.51 97.77 64.06
CA UNK UD 5 26.50 99.22 63.91
C UNK UD 5 27.06 99.65 62.57
N UNK UD 6 28.17 99.03 62.14
CA UNK UD 6 28.74 99.34 60.83
C UNK UD 6 27.84 98.87 59.70
N UNK UD 7 27.16 97.73 59.89
CA UNK UD 7 26.22 97.25 58.88
C UNK UD 7 25.02 98.17 58.74
N UNK UD 8 24.49 98.66 59.85
CA UNK UD 8 23.36 99.60 59.80
C UNK UD 8 23.78 100.94 59.22
N UNK UD 9 25.01 101.40 59.53
CA UNK UD 9 25.53 102.62 58.95
C UNK UD 9 25.73 102.48 57.44
N UNK UD 10 26.22 101.32 56.99
CA UNK UD 10 26.36 101.07 55.56
C UNK UD 10 25.01 100.98 54.87
N UNK UD 11 24.01 100.39 55.53
CA UNK UD 11 22.67 100.33 54.97
C UNK UD 11 22.06 101.71 54.84
N UNK UD 12 22.26 102.57 55.85
CA UNK UD 12 21.77 103.94 55.78
C UNK UD 12 22.49 104.73 54.70
N UNK UD 13 23.80 104.50 54.54
CA UNK UD 13 24.56 105.18 53.49
C UNK UD 13 24.15 104.72 52.10
N UNK UD 14 23.84 103.44 51.95
CA UNK UD 14 23.35 102.94 50.66
C UNK UD 14 21.95 103.42 50.36
N UNK UD 15 21.11 103.58 51.40
CA UNK UD 15 19.77 104.12 51.19
C UNK UD 15 19.83 105.59 50.79
N UNK UD 16 20.55 106.42 51.56
CA UNK UD 16 20.71 107.84 51.27
C UNK UD 16 22.18 108.21 51.40
N UNK UD 17 22.93 108.02 50.32
CA UNK UD 17 24.28 108.55 50.21
C UNK UD 17 24.33 109.84 49.40
N UNK UD 18 23.17 110.42 49.10
CA UNK UD 18 23.01 111.60 48.22
C UNK UD 18 23.64 111.35 46.85
N UNK UD 19 23.31 110.21 46.25
CA UNK UD 19 23.87 109.84 44.95
C UNK UD 19 22.82 109.03 44.20
N UNK UD 20 22.11 109.69 43.28
CA UNK UD 20 21.15 109.03 42.40
C UNK UD 20 21.02 109.86 41.13
N UNK UD 21 20.76 109.19 40.02
CA UNK UD 21 20.72 109.85 38.72
C UNK UD 21 19.77 109.12 37.80
N UNK UD 22 19.33 109.83 36.76
CA UNK UD 22 18.46 109.26 35.73
C UNK UD 22 18.55 110.10 34.47
N UNK UD 23 18.45 109.44 33.32
CA UNK UD 23 18.39 110.12 32.03
C UNK UD 23 17.49 109.32 31.09
N UNK UD 24 16.48 109.98 30.55
CA UNK UD 24 15.46 109.31 29.76
C UNK UD 24 15.87 109.28 28.29
N UNK UD 25 15.18 108.42 27.53
CA UNK UD 25 15.46 108.20 26.12
C UNK UD 25 14.23 108.57 25.30
N UNK UD 26 14.31 108.25 24.01
CA UNK UD 26 13.23 108.51 23.07
C UNK UD 26 12.99 107.28 22.20
N UNK UD 27 12.02 107.40 21.29
CA UNK UD 27 11.75 106.33 20.33
C UNK UD 27 12.84 106.26 19.26
N UNK UD 28 13.33 107.43 18.82
CA UNK UD 28 14.42 107.50 17.86
C UNK UD 28 15.78 107.67 18.52
N UNK UD 29 15.90 107.19 19.77
CA UNK UD 29 17.14 107.19 20.57
C UNK UD 29 17.71 108.61 20.75
N UNK UD 30 16.83 109.58 20.91
CA UNK UD 30 17.25 110.94 21.26
C UNK UD 30 17.42 111.02 22.76
N UNK UD 31 18.66 111.26 23.21
CA UNK UD 31 19.00 111.19 24.62
C UNK UD 31 18.54 112.44 25.34
N UNK UD 32 17.79 112.26 26.42
CA UNK UD 32 17.34 113.36 27.26
C UNK UD 32 18.17 113.33 28.54
N UNK UD 33 19.00 114.34 28.72
CA UNK UD 33 19.89 114.43 29.87
C UNK UD 33 19.37 115.50 30.83
N UNK UD 34 19.24 115.13 32.10
CA UNK UD 34 18.79 116.04 33.14
C UNK UD 34 19.78 116.00 34.29
N UNK UD 35 19.64 116.96 35.20
CA UNK UD 35 20.49 117.02 36.37
C UNK UD 35 20.13 115.91 37.36
N UNK UD 36 21.11 115.50 38.15
CA UNK UD 36 20.89 114.43 39.12
C UNK UD 36 20.08 114.93 40.31
N UNK UD 37 19.16 114.09 40.78
CA UNK UD 37 18.30 114.43 41.90
C UNK UD 37 18.13 113.20 42.79
N UNK UD 38 17.38 113.39 43.88
CA UNK UD 38 17.07 112.37 44.91
C UNK UD 38 18.32 111.67 45.47
N UNK UD 39 10.14 102.45 27.14
CA UNK UD 39 10.73 102.89 25.89
C UNK UD 39 11.42 104.24 26.05
N UNK UD 40 10.65 105.25 26.49
CA UNK UD 40 11.23 106.57 26.72
C UNK UD 40 12.05 106.60 28.00
N UNK UD 41 11.72 105.74 28.96
CA UNK UD 41 12.44 105.66 30.23
C UNK UD 41 12.77 104.21 30.51
N UNK UD 42 14.02 103.81 30.27
CA UNK UD 42 14.46 102.47 30.59
C UNK UD 42 14.57 102.30 32.10
N UNK UD 43 14.42 101.04 32.54
CA UNK UD 43 14.64 100.73 33.95
C UNK UD 43 16.10 100.90 34.33
N UNK UD 44 17.01 100.70 33.38
CA UNK UD 44 18.41 101.04 33.55
C UNK UD 44 18.71 102.49 33.17
N UNK UD 45 17.68 103.25 32.79
CA UNK UD 45 17.84 104.68 32.59
C UNK UD 45 18.22 105.39 33.88
N UNK UD 46 17.59 104.99 34.98
CA UNK UD 46 17.97 105.50 36.29
C UNK UD 46 19.31 104.91 36.73
N UNK UD 47 19.96 105.59 37.66
CA UNK UD 47 21.25 105.15 38.16
C UNK UD 47 21.46 105.68 39.57
N UNK UD 48 22.63 105.38 40.12
CA UNK UD 48 23.00 105.85 41.45
C UNK UD 48 24.51 106.00 41.57
N ARG VD 207 -5.72 82.13 -78.90
CA ARG VD 207 -4.40 81.51 -78.91
C ARG VD 207 -4.11 80.83 -77.58
N ILE VD 208 -2.85 80.49 -77.35
CA ILE VD 208 -2.44 79.77 -76.15
C ILE VD 208 -1.41 80.60 -75.40
N ILE VD 209 -1.64 80.80 -74.11
CA ILE VD 209 -0.67 81.45 -73.24
C ILE VD 209 -0.10 80.41 -72.29
N TYR VD 210 0.90 80.83 -71.52
CA TYR VD 210 1.58 79.93 -70.59
C TYR VD 210 1.84 80.67 -69.28
N TYR VD 211 1.97 79.89 -68.22
CA TYR VD 211 2.35 80.38 -66.91
C TYR VD 211 3.62 79.68 -66.46
N ILE VD 212 4.52 80.42 -65.84
CA ILE VD 212 5.77 79.85 -65.38
C ILE VD 212 5.48 78.98 -64.17
N GLN VD 213 5.53 77.66 -64.36
CA GLN VD 213 5.28 76.70 -63.30
C GLN VD 213 6.55 76.42 -62.51
N ALA VD 214 7.59 75.94 -63.20
CA ALA VD 214 8.89 75.72 -62.60
C ALA VD 214 9.94 76.32 -63.52
N VAL VD 215 10.88 77.06 -62.94
CA VAL VD 215 11.97 77.66 -63.70
C VAL VD 215 13.29 77.31 -63.02
N ILE VD 216 14.20 76.70 -63.76
CA ILE VD 216 15.55 76.46 -63.30
C ILE VD 216 16.46 77.19 -64.29
N PRO VD 217 17.75 77.38 -63.99
CA PRO VD 217 18.69 77.70 -65.07
C PRO VD 217 18.74 76.55 -66.06
N GLY VD 218 18.67 76.88 -67.34
CA GLY VD 218 18.60 75.87 -68.38
C GLY VD 218 17.21 75.56 -68.88
N ARG VD 219 16.39 74.87 -68.10
CA ARG VD 219 15.07 74.44 -68.53
C ARG VD 219 13.99 75.32 -67.93
N ALA VD 220 12.78 75.18 -68.47
CA ALA VD 220 11.63 75.90 -67.95
C ALA VD 220 10.39 75.01 -68.05
N TRP VD 221 9.44 75.25 -67.17
CA TRP VD 221 8.17 74.52 -67.16
C TRP VD 221 7.03 75.51 -67.32
N LEU VD 222 6.19 75.27 -68.33
CA LEU VD 222 5.10 76.16 -68.66
C LEU VD 222 3.80 75.38 -68.72
N ILE VD 223 2.78 75.90 -68.04
CA ILE VD 223 1.44 75.33 -68.05
C ILE VD 223 0.58 76.18 -68.98
N GLY VD 224 -0.01 75.54 -69.99
CA GLY VD 224 -0.77 76.26 -70.98
C GLY VD 224 -2.14 76.70 -70.49
N SER VD 225 -2.78 77.53 -71.31
CA SER VD 225 -4.12 78.00 -70.98
C SER VD 225 -5.16 76.88 -71.13
N ASN VD 226 -4.94 75.96 -72.06
CA ASN VD 226 -5.86 74.87 -72.32
C ASN VD 226 -5.54 73.61 -71.53
N GLY VD 227 -4.58 73.69 -70.61
CA GLY VD 227 -4.12 72.53 -69.90
C GLY VD 227 -2.86 71.89 -70.44
N SER VD 228 -2.09 72.60 -71.25
CA SER VD 228 -0.87 72.06 -71.85
C SER VD 228 0.30 72.39 -70.91
N THR VD 229 0.59 71.45 -70.02
CA THR VD 229 1.75 71.56 -69.14
C THR VD 229 2.93 70.85 -69.79
N LEU VD 230 4.07 71.52 -69.84
CA LEU VD 230 5.22 71.02 -70.56
C LEU VD 230 6.48 71.64 -70.01
N THR VD 231 7.61 71.17 -70.51
CA THR VD 231 8.90 71.76 -70.23
C THR VD 231 9.62 72.05 -71.55
N VAL VD 232 10.56 72.98 -71.49
CA VAL VD 232 11.17 73.54 -72.69
C VAL VD 232 12.60 73.94 -72.36
N ARG VD 233 13.41 74.09 -73.40
CA ARG VD 233 14.80 74.52 -73.27
C ARG VD 233 14.99 75.85 -74.00
N GLU VD 234 16.24 76.31 -74.06
CA GLU VD 234 16.56 77.57 -74.71
C GLU VD 234 16.33 77.50 -76.21
N GLY VD 235 16.88 76.48 -76.86
CA GLY VD 235 16.67 76.33 -78.29
C GLY VD 235 15.39 75.57 -78.58
N SER VD 236 14.33 76.30 -78.91
CA SER VD 236 13.03 75.68 -79.09
C SER VD 236 12.22 76.46 -80.10
N LYS VD 237 11.26 75.77 -80.70
CA LYS VD 237 10.32 76.37 -81.66
C LYS VD 237 8.94 76.25 -81.03
N ILE VD 238 8.59 77.22 -80.19
CA ILE VD 238 7.32 77.23 -79.48
C ILE VD 238 6.25 77.76 -80.43
N PRO VD 239 5.17 77.01 -80.69
CA PRO VD 239 4.09 77.54 -81.52
C PRO VD 239 3.39 78.70 -80.85
N GLY VD 240 3.06 79.72 -81.64
CA GLY VD 240 2.46 80.93 -81.15
C GLY VD 240 3.43 81.93 -80.58
N TYR VD 241 4.70 81.56 -80.42
CA TYR VD 241 5.69 82.45 -79.84
C TYR VD 241 6.98 82.41 -80.64
N GLY VD 242 7.18 81.33 -81.40
CA GLY VD 242 8.30 81.28 -82.32
C GLY VD 242 9.59 80.78 -81.71
N MET VD 243 10.57 81.67 -81.60
CA MET VD 243 11.92 81.31 -81.16
C MET VD 243 12.24 82.05 -79.88
N VAL VD 244 12.78 81.34 -78.90
CA VAL VD 244 13.23 81.94 -77.66
C VAL VD 244 14.68 82.40 -77.85
N LYS VD 245 14.90 83.70 -77.69
CA LYS VD 245 16.26 84.24 -77.78
C LYS VD 245 17.02 84.12 -76.48
N LEU VD 246 16.32 84.15 -75.34
CA LEU VD 246 16.97 84.05 -74.04
C LEU VD 246 15.95 83.56 -73.02
N ILE VD 247 16.42 82.76 -72.06
CA ILE VD 247 15.63 82.34 -70.91
C ILE VD 247 16.31 82.91 -69.67
N ASP VD 248 15.56 83.68 -68.89
CA ASP VD 248 16.09 84.34 -67.71
C ASP VD 248 15.30 83.89 -66.48
N SER VD 249 16.00 83.26 -65.54
CA SER VD 249 15.39 82.92 -64.26
C SER VD 249 15.23 84.13 -63.36
N LEU VD 250 15.98 85.21 -63.62
CA LEU VD 250 15.82 86.44 -62.88
C LEU VD 250 14.50 87.10 -63.28
N GLN VD 251 13.70 87.44 -62.26
CA GLN VD 251 12.41 88.14 -62.36
C GLN VD 251 11.36 87.39 -63.18
N GLY VD 252 11.60 86.12 -63.50
CA GLY VD 252 10.62 85.29 -64.18
C GLY VD 252 10.21 85.73 -65.57
N ARG VD 253 11.18 85.97 -66.45
CA ARG VD 253 10.89 86.45 -67.79
C ARG VD 253 11.34 85.43 -68.83
N ILE VD 254 10.46 85.15 -69.79
CA ILE VD 254 10.80 84.31 -70.94
C ILE VD 254 10.56 85.14 -72.19
N LEU VD 255 11.62 85.47 -72.91
CA LEU VD 255 11.51 86.34 -74.08
C LEU VD 255 11.46 85.50 -75.36
N THR VD 256 10.64 85.96 -76.31
CA THR VD 256 10.47 85.25 -77.57
C THR VD 256 10.80 86.19 -78.72
N SER VD 257 11.00 85.58 -79.90
CA SER VD 257 11.29 86.36 -81.10
C SER VD 257 10.06 87.05 -81.66
N SER VD 258 8.87 86.66 -81.21
CA SER VD 258 7.62 87.29 -81.63
C SER VD 258 7.24 88.47 -80.75
N GLY VD 259 8.19 89.02 -79.99
CA GLY VD 259 7.92 90.16 -79.14
C GLY VD 259 7.07 89.85 -77.92
N GLN VD 260 7.04 88.60 -77.48
CA GLN VD 260 6.18 88.16 -76.39
C GLN VD 260 7.02 87.62 -75.25
N VAL VD 261 6.59 87.92 -74.03
CA VAL VD 261 7.31 87.54 -72.83
C VAL VD 261 6.35 86.81 -71.89
N ILE VD 262 6.75 85.63 -71.45
CA ILE VD 262 5.95 84.79 -70.57
C ILE VD 262 6.46 84.95 -69.15
N LYS VD 263 5.53 85.14 -68.21
CA LYS VD 263 5.86 85.35 -66.80
C LYS VD 263 4.80 84.68 -65.95
N PHE VD 264 4.85 84.95 -64.64
CA PHE VD 264 3.87 84.42 -63.70
C PHE VD 264 2.55 85.18 -63.84
N SER VD 265 1.50 84.61 -63.26
CA SER VD 265 0.24 85.33 -63.18
C SER VD 265 0.32 86.40 -62.10
N GLN VD 266 -0.50 87.44 -62.26
CA GLN VD 266 -0.52 88.53 -61.28
C GLN VD 266 -1.15 88.06 -59.97
N GLU VD 267 -2.31 87.41 -60.03
CA GLU VD 267 -2.97 86.95 -58.82
C GLU VD 267 -2.35 85.68 -58.27
N ASP VD 268 -1.57 84.96 -59.08
CA ASP VD 268 -0.86 83.76 -58.67
C ASP VD 268 0.62 84.13 -58.67
N SER VD 269 1.06 84.75 -57.58
CA SER VD 269 2.41 85.31 -57.51
C SER VD 269 2.92 85.37 -56.09
N GLN WD 791 45.10 103.52 -37.69
CA GLN WD 791 43.90 103.03 -38.35
C GLN WD 791 43.66 101.56 -37.98
N GLN WD 792 44.19 101.17 -36.81
CA GLN WD 792 44.02 99.81 -36.32
C GLN WD 792 42.61 99.53 -35.83
N GLU WD 793 41.83 100.58 -35.58
CA GLU WD 793 40.44 100.44 -35.20
C GLU WD 793 39.63 99.77 -36.31
N ILE WD 794 40.01 100.03 -37.56
CA ILE WD 794 39.35 99.42 -38.72
C ILE WD 794 39.54 97.91 -38.70
N GLN WD 795 40.76 97.44 -38.46
CA GLN WD 795 41.00 96.01 -38.52
C GLN WD 795 40.50 95.29 -37.27
N GLN WD 796 40.54 95.91 -36.08
CA GLN WD 796 39.98 95.22 -34.93
C GLN WD 796 38.45 95.17 -35.02
N ARG WD 797 37.83 96.23 -35.52
CA ARG WD 797 36.39 96.19 -35.76
C ARG WD 797 36.06 95.25 -36.92
N THR WD 798 36.98 95.08 -37.86
CA THR WD 798 36.83 94.10 -38.93
C THR WD 798 36.77 92.69 -38.38
N SER WD 799 37.68 92.37 -37.47
CA SER WD 799 37.67 91.05 -36.83
C SER WD 799 36.43 90.86 -35.98
N ASP WD 800 35.99 91.92 -35.29
CA ASP WD 800 34.80 91.82 -34.44
C ASP WD 800 33.53 91.58 -35.27
N MET WD 801 33.37 92.30 -36.38
CA MET WD 801 32.18 92.08 -37.19
C MET WD 801 32.30 90.80 -38.01
N LEU WD 802 33.53 90.35 -38.28
CA LEU WD 802 33.74 89.06 -38.90
C LEU WD 802 33.26 87.94 -38.00
N THR WD 803 33.61 88.01 -36.71
CA THR WD 803 33.16 87.01 -35.75
C THR WD 803 31.65 87.05 -35.57
N ALA WD 804 31.07 88.27 -35.48
CA ALA WD 804 29.63 88.39 -35.30
C ALA WD 804 28.86 87.88 -36.51
N ALA WD 805 29.35 88.17 -37.72
CA ALA WD 805 28.72 87.65 -38.92
C ALA WD 805 28.91 86.16 -39.06
N THR WD 806 30.02 85.63 -38.53
CA THR WD 806 30.21 84.17 -38.50
C THR WD 806 29.18 83.50 -37.62
N GLN WD 807 28.91 84.09 -36.44
CA GLN WD 807 27.86 83.57 -35.57
C GLN WD 807 26.50 83.66 -36.23
N LEU WD 808 26.23 84.76 -36.94
CA LEU WD 808 24.94 84.92 -37.60
C LEU WD 808 24.77 83.93 -38.75
N VAL WD 809 25.83 83.65 -39.49
CA VAL WD 809 25.69 82.75 -40.62
C VAL WD 809 25.62 81.29 -40.15
N GLN WD 810 26.28 80.93 -39.05
CA GLN WD 810 26.09 79.58 -38.55
C GLN WD 810 24.73 79.42 -37.91
N ASP WD 811 24.16 80.51 -37.39
CA ASP WD 811 22.76 80.46 -36.97
C ASP WD 811 21.83 80.26 -38.17
N TRP WD 812 22.09 80.97 -39.26
CA TRP WD 812 21.23 80.89 -40.44
C TRP WD 812 21.35 79.55 -41.16
N LYS WD 813 22.49 78.88 -41.05
CA LYS WD 813 22.64 77.55 -41.64
C LYS WD 813 21.80 76.49 -40.93
N GLN WD 814 21.38 76.76 -39.70
CA GLN WD 814 20.69 75.75 -38.91
C GLN WD 814 19.24 75.60 -39.36
N VAL WD 815 18.83 74.34 -39.56
CA VAL WD 815 17.45 73.97 -39.83
C VAL WD 815 17.16 72.68 -39.07
N GLU WD 816 15.92 72.21 -39.14
CA GLU WD 816 15.53 71.02 -38.40
C GLU WD 816 14.46 70.26 -39.18
N THR WD 817 13.76 69.36 -38.49
CA THR WD 817 12.88 68.38 -39.11
C THR WD 817 11.43 68.59 -38.67
N GLN WD 818 10.52 68.20 -39.56
CA GLN WD 818 9.11 68.11 -39.21
C GLN WD 818 8.86 67.00 -38.21
N VAL WD 819 7.77 67.13 -37.46
CA VAL WD 819 7.33 66.09 -36.51
C VAL WD 819 5.87 65.78 -36.79
N TYR WD 820 5.58 64.55 -37.18
CA TYR WD 820 4.23 64.13 -37.51
C TYR WD 820 3.84 62.92 -36.67
N THR WD 821 2.73 63.03 -35.97
CA THR WD 821 2.26 61.96 -35.08
C THR WD 821 0.74 61.86 -35.19
N GLU WD 822 0.17 60.97 -34.36
CA GLU WD 822 -1.25 60.66 -34.42
C GLU WD 822 -1.88 60.81 -33.04
N GLY WD 823 -3.11 60.32 -32.89
CA GLY WD 823 -3.76 60.37 -31.60
C GLY WD 823 -4.81 59.29 -31.40
N THR WD 824 -4.72 58.58 -30.28
CA THR WD 824 -5.71 57.55 -29.96
C THR WD 824 -6.18 57.68 -28.52
N ALA XD 104 30.23 117.56 6.14
CA ALA XD 104 30.33 116.72 7.34
C ALA XD 104 29.17 115.75 7.40
N GLU XD 105 28.12 116.02 6.64
CA GLU XD 105 26.93 115.18 6.66
C GLU XD 105 26.52 114.75 5.24
N VAL XD 106 26.85 115.58 4.24
CA VAL XD 106 26.51 115.26 2.85
C VAL XD 106 27.43 114.20 2.25
N ILE XD 107 28.44 113.76 3.01
CA ILE XD 107 29.26 112.63 2.61
C ILE XD 107 28.40 111.38 2.42
N ASP XD 108 27.42 111.19 3.31
CA ASP XD 108 26.47 110.07 3.17
C ASP XD 108 25.59 110.19 1.94
N LYS XD 109 25.20 111.41 1.56
CA LYS XD 109 24.35 111.57 0.39
C LYS XD 109 25.13 111.37 -0.91
N LYS XD 110 26.38 111.88 -0.95
CA LYS XD 110 27.27 111.59 -2.06
C LYS XD 110 27.56 110.10 -2.15
N ALA XD 111 27.70 109.46 -0.98
CA ALA XD 111 27.87 108.01 -0.91
C ALA XD 111 26.67 107.29 -1.49
N PHE XD 112 25.46 107.75 -1.16
CA PHE XD 112 24.25 107.11 -1.64
C PHE XD 112 24.08 107.27 -3.14
N LYS XD 113 24.42 108.46 -3.67
CA LYS XD 113 24.28 108.66 -5.11
C LYS XD 113 25.36 107.89 -5.88
N ASP XD 114 26.56 107.75 -5.33
CA ASP XD 114 27.57 106.92 -5.99
C ASP XD 114 27.21 105.44 -5.89
N MET XD 115 26.55 105.05 -4.79
CA MET XD 115 26.01 103.70 -4.67
C MET XD 115 24.95 103.44 -5.72
N THR XD 116 24.10 104.43 -5.96
CA THR XD 116 23.09 104.32 -7.01
C THR XD 116 23.73 104.20 -8.38
N ARG XD 117 24.78 104.98 -8.63
CA ARG XD 117 25.50 104.92 -9.90
C ARG XD 117 26.15 103.56 -10.11
N ASN XD 118 26.78 103.01 -9.06
CA ASN XD 118 27.48 101.75 -9.22
C ASN XD 118 26.52 100.56 -9.28
N LEU XD 119 25.41 100.63 -8.54
CA LEU XD 119 24.44 99.54 -8.58
C LEU XD 119 23.68 99.53 -9.90
N TYR XD 120 23.16 100.69 -10.32
CA TYR XD 120 22.38 100.80 -11.54
C TYR XD 120 23.02 101.87 -12.41
N PRO XD 121 24.02 101.51 -13.22
CA PRO XD 121 24.64 102.51 -14.11
C PRO XD 121 23.76 102.91 -15.27
N LEU XD 122 22.73 102.15 -15.60
CA LEU XD 122 21.86 102.44 -16.72
C LEU XD 122 20.58 103.11 -16.26
N ASN XD 123 20.16 104.13 -17.01
CA ASN XD 123 18.89 104.77 -16.77
C ASN XD 123 17.75 103.81 -17.11
N PRO XD 124 16.58 103.97 -16.48
CA PRO XD 124 15.39 103.24 -16.95
C PRO XD 124 15.02 103.57 -18.39
N GLU XD 125 15.19 104.84 -18.77
CA GLU XD 125 15.01 105.25 -20.15
C GLU XD 125 16.03 104.58 -21.05
N GLN XD 126 17.26 104.45 -20.57
CA GLN XD 126 18.30 103.74 -21.31
C GLN XD 126 17.96 102.26 -21.45
N VAL XD 127 17.34 101.68 -20.42
CA VAL XD 127 16.90 100.29 -20.44
C VAL XD 127 15.82 100.10 -21.50
N VAL XD 128 14.85 101.02 -21.56
CA VAL XD 128 13.80 100.97 -22.57
C VAL XD 128 14.39 101.11 -23.97
N LYS XD 129 15.35 102.03 -24.13
CA LYS XD 129 15.98 102.24 -25.42
C LYS XD 129 16.78 101.03 -25.88
N LEU XD 130 17.53 100.40 -24.97
CA LEU XD 130 18.33 99.24 -25.36
C LEU XD 130 17.45 98.03 -25.60
N LYS XD 131 16.32 97.91 -24.88
CA LYS XD 131 15.40 96.83 -25.16
C LYS XD 131 14.74 97.01 -26.52
N GLN XD 132 14.45 98.27 -26.89
CA GLN XD 132 13.94 98.55 -28.22
C GLN XD 132 14.97 98.23 -29.28
N ILE XD 133 16.25 98.55 -29.00
CA ILE XD 133 17.34 98.22 -29.91
C ILE XD 133 17.48 96.71 -30.05
N TYR XD 134 17.31 95.99 -28.94
CA TYR XD 134 17.37 94.53 -28.95
C TYR XD 134 16.26 93.92 -29.78
N GLU XD 135 15.03 94.44 -29.63
CA GLU XD 135 13.91 93.95 -30.43
C GLU XD 135 14.09 94.28 -31.91
N THR XD 136 14.66 95.46 -32.19
CA THR XD 136 14.99 95.83 -33.56
C THR XD 136 16.04 94.90 -34.15
N SER XD 137 17.02 94.49 -33.33
CA SER XD 137 18.05 93.55 -33.78
C SER XD 137 17.46 92.18 -34.05
N GLU XD 138 16.51 91.75 -33.21
CA GLU XD 138 15.85 90.48 -33.43
C GLU XD 138 15.01 90.51 -34.71
N TYR XD 139 14.34 91.63 -34.97
CA TYR XD 139 13.61 91.77 -36.23
C TYR XD 139 14.57 91.84 -37.42
N ALA XD 140 15.77 92.40 -37.21
CA ALA XD 140 16.76 92.48 -38.27
C ALA XD 140 17.29 91.11 -38.65
N LYS XD 141 17.61 90.29 -37.66
CA LYS XD 141 18.11 88.95 -37.96
C LYS XD 141 16.99 88.05 -38.45
N ALA XD 142 15.75 88.32 -38.05
CA ALA XD 142 14.60 87.56 -38.53
C ALA XD 142 14.04 88.09 -39.84
N ALA XD 143 14.61 89.17 -40.38
CA ALA XD 143 14.19 89.68 -41.67
C ALA XD 143 14.54 88.69 -42.77
N THR XD 144 13.67 88.58 -43.77
CA THR XD 144 13.81 87.59 -44.83
C THR XD 144 14.16 88.28 -46.15
N PRO XD 145 15.21 87.85 -46.83
CA PRO XD 145 15.56 88.47 -48.12
C PRO XD 145 14.55 88.13 -49.20
N GLY XD 146 14.24 89.13 -50.03
CA GLY XD 146 13.34 88.93 -51.15
C GLY XD 146 11.89 88.78 -50.71
N THR XD 147 11.04 88.51 -51.70
CA THR XD 147 9.65 88.27 -51.34
C THR XD 147 9.42 86.80 -51.05
N PRO XD 148 8.63 86.49 -50.02
CA PRO XD 148 8.30 85.10 -49.75
C PRO XD 148 7.40 84.54 -50.83
N PRO XD 149 7.47 83.24 -51.10
CA PRO XD 149 6.59 82.63 -52.10
C PRO XD 149 5.15 82.58 -51.63
N LYS XD 150 4.25 82.58 -52.59
CA LYS XD 150 2.83 82.63 -52.29
C LYS XD 150 2.33 81.25 -51.87
N PRO XD 151 1.68 81.12 -50.72
CA PRO XD 151 1.10 79.84 -50.31
C PRO XD 151 -0.07 79.47 -51.20
N THR XD 152 0.04 78.31 -51.85
CA THR XD 152 -0.95 77.86 -52.82
C THR XD 152 -1.43 76.45 -52.50
N ALA XD 153 -2.62 76.13 -52.97
CA ALA XD 153 -3.16 74.77 -52.93
C ALA XD 153 -3.55 74.40 -54.36
N THR XD 154 -2.98 73.30 -54.86
CA THR XD 154 -3.02 72.99 -56.28
C THR XD 154 -3.62 71.60 -56.52
N SER XD 155 -4.27 71.46 -57.67
CA SER XD 155 -4.84 70.20 -58.12
C SER XD 155 -4.33 69.90 -59.53
N GLN XD 156 -4.10 68.62 -59.82
CA GLN XD 156 -3.56 68.23 -61.10
C GLN XD 156 -4.00 66.80 -61.42
N PHE XD 157 -4.01 66.48 -62.71
CA PHE XD 157 -4.38 65.15 -63.19
C PHE XD 157 -3.14 64.46 -63.72
N VAL XD 158 -2.83 63.29 -63.16
CA VAL XD 158 -1.65 62.52 -63.55
C VAL XD 158 -1.96 61.74 -64.83
N ASN XD 159 -1.09 61.90 -65.82
CA ASN XD 159 -1.19 61.19 -67.09
C ASN XD 159 -0.24 59.99 -67.07
N LEU XD 160 -0.74 58.83 -67.49
CA LEU XD 160 0.04 57.60 -67.53
C LEU XD 160 0.49 57.25 -68.94
N SER XD 161 0.41 58.19 -69.87
CA SER XD 161 0.89 57.95 -71.22
C SER XD 161 2.42 57.93 -71.24
N PRO XD 162 3.04 57.25 -72.20
CA PRO XD 162 4.50 57.26 -72.33
C PRO XD 162 5.06 58.53 -72.96
N GLY XD 163 4.26 59.58 -73.13
CA GLY XD 163 4.77 60.88 -73.51
C GLY XD 163 4.52 61.91 -72.43
N SER XD 164 3.99 61.45 -71.30
CA SER XD 164 3.61 62.36 -70.22
C SER XD 164 4.84 62.92 -69.52
N THR XD 165 4.71 64.14 -69.04
CA THR XD 165 5.66 64.92 -68.27
C THR XD 165 5.37 64.78 -66.78
N PRO XD 166 6.39 64.76 -65.92
CA PRO XD 166 6.17 64.51 -64.50
C PRO XD 166 5.54 65.71 -63.81
N PRO XD 167 4.67 65.47 -62.83
CA PRO XD 167 4.16 66.58 -62.02
C PRO XD 167 5.24 67.16 -61.12
N VAL XD 168 5.25 68.49 -61.05
CA VAL XD 168 6.26 69.25 -60.35
C VAL XD 168 5.66 69.81 -59.08
N ILE XD 169 6.37 69.68 -57.97
CA ILE XD 169 5.92 70.17 -56.68
C ILE XD 169 6.85 71.31 -56.27
N ARG XD 170 6.28 72.48 -56.09
CA ARG XD 170 7.04 73.68 -55.73
C ARG XD 170 7.15 73.77 -54.22
N LEU XD 171 8.37 73.84 -53.72
CA LEU XD 171 8.65 73.71 -52.31
C LEU XD 171 9.28 74.98 -51.74
N SER XD 172 9.17 75.13 -50.43
CA SER XD 172 9.90 76.13 -49.68
C SER XD 172 10.65 75.43 -48.56
N GLN XD 173 11.79 76.01 -48.16
CA GLN XD 173 12.74 75.34 -47.28
C GLN XD 173 12.16 75.18 -45.88
N GLY XD 174 12.01 73.94 -45.44
CA GLY XD 174 11.50 73.66 -44.11
C GLY XD 174 10.03 73.91 -43.92
N PHE XD 175 9.20 73.51 -44.88
CA PHE XD 175 7.76 73.66 -44.73
C PHE XD 175 7.04 72.39 -45.17
N VAL XD 176 6.01 72.04 -44.41
CA VAL XD 176 5.29 70.78 -44.61
C VAL XD 176 4.38 70.92 -45.82
N SER XD 177 4.54 70.00 -46.78
CA SER XD 177 3.65 69.87 -47.91
C SER XD 177 2.97 68.51 -47.85
N SER XD 178 1.75 68.46 -48.38
CA SER XD 178 0.95 67.24 -48.37
C SER XD 178 0.55 66.89 -49.80
N LEU XD 179 0.60 65.60 -50.11
CA LEU XD 179 0.26 65.09 -51.43
C LEU XD 179 -0.86 64.08 -51.27
N VAL XD 180 -2.05 64.43 -51.75
CA VAL XD 180 -3.24 63.59 -51.63
C VAL XD 180 -3.58 63.04 -53.00
N PHE XD 181 -3.71 61.73 -53.09
CA PHE XD 181 -3.87 61.03 -54.36
C PHE XD 181 -5.27 60.45 -54.43
N LEU XD 182 -6.08 60.96 -55.36
CA LEU XD 182 -7.42 60.46 -55.61
C LEU XD 182 -7.45 59.79 -56.97
N ASP XD 183 -8.18 58.69 -57.06
CA ASP XD 183 -8.17 57.92 -58.31
C ASP XD 183 -9.06 58.51 -59.39
N SER XD 184 -9.38 57.71 -60.41
CA SER XD 184 -10.33 58.14 -61.44
C SER XD 184 -11.71 58.39 -60.85
N THR XD 185 -12.11 57.59 -59.87
CA THR XD 185 -13.36 57.85 -59.14
C THR XD 185 -13.20 58.90 -58.05
N GLY XD 186 -11.97 59.40 -57.83
CA GLY XD 186 -11.74 60.37 -56.80
C GLY XD 186 -11.53 59.79 -55.41
N ALA XD 187 -11.55 58.48 -55.27
CA ALA XD 187 -11.32 57.88 -53.96
C ALA XD 187 -9.83 57.93 -53.61
N PRO XD 188 -9.50 58.16 -52.34
CA PRO XD 188 -8.08 58.13 -51.94
C PRO XD 188 -7.49 56.74 -52.05
N TRP XD 189 -6.23 56.69 -52.45
CA TRP XD 189 -5.55 55.45 -52.78
C TRP XD 189 -4.43 55.20 -51.80
N PRO XD 190 -4.48 54.11 -51.03
CA PRO XD 190 -3.34 53.77 -50.16
C PRO XD 190 -2.13 53.34 -50.98
N ILE XD 191 -0.96 53.53 -50.38
CA ILE XD 191 0.32 53.41 -51.07
C ILE XD 191 1.01 52.13 -50.62
N ALA XD 192 1.36 51.29 -51.58
CA ALA XD 192 2.04 50.03 -51.25
C ALA XD 192 3.47 50.30 -50.79
N ALA XD 193 4.20 51.13 -51.52
CA ALA XD 193 5.60 51.38 -51.19
C ALA XD 193 6.01 52.74 -51.75
N TYR XD 194 7.11 53.28 -51.22
CA TYR XD 194 7.65 54.53 -51.71
C TYR XD 194 9.17 54.49 -51.66
N ASP XD 195 9.78 55.39 -52.42
CA ASP XD 195 11.23 55.45 -52.52
C ASP XD 195 11.62 56.92 -52.68
N LEU XD 196 12.35 57.45 -51.70
CA LEU XD 196 12.72 58.86 -51.67
C LEU XD 196 14.18 59.00 -52.05
N GLY XD 197 14.44 59.48 -53.26
CA GLY XD 197 15.79 59.85 -53.63
C GLY XD 197 16.25 61.08 -52.88
N ASP XD 198 17.56 61.10 -52.56
CA ASP XD 198 18.24 62.08 -51.72
C ASP XD 198 17.52 62.25 -50.38
N PRO XD 199 17.74 61.33 -49.43
CA PRO XD 199 17.06 61.45 -48.12
C PRO XD 199 17.46 62.68 -47.30
N SER XD 200 18.55 63.38 -47.64
CA SER XD 200 18.91 64.57 -46.87
C SER XD 200 18.02 65.76 -47.19
N SER XD 201 17.70 65.98 -48.47
CA SER XD 201 16.94 67.16 -48.85
C SER XD 201 15.47 67.05 -48.50
N PHE XD 202 14.96 65.84 -48.31
CA PHE XD 202 13.53 65.62 -48.17
C PHE XD 202 13.28 64.69 -46.99
N ASN XD 203 12.20 64.94 -46.27
CA ASN XD 203 11.84 64.16 -45.08
C ASN XD 203 10.41 63.68 -45.22
N ILE XD 204 10.23 62.38 -45.37
CA ILE XD 204 8.91 61.77 -45.54
C ILE XD 204 8.45 61.25 -44.19
N GLN XD 205 7.29 61.70 -43.74
CA GLN XD 205 6.57 61.05 -42.64
C GLN XD 205 5.36 60.36 -43.25
N TRP XD 206 5.22 59.07 -43.00
CA TRP XD 206 4.23 58.26 -43.72
C TRP XD 206 3.74 57.13 -42.82
N ASP XD 207 2.48 57.20 -42.39
CA ASP XD 207 1.86 56.06 -41.75
C ASP XD 207 1.64 54.95 -42.75
N LYS XD 208 1.70 53.70 -42.27
CA LYS XD 208 1.61 52.53 -43.13
C LYS XD 208 0.24 52.44 -43.82
N THR XD 209 -0.81 52.89 -43.15
CA THR XD 209 -2.15 52.89 -43.71
C THR XD 209 -2.52 54.21 -44.36
N SER XD 210 -1.61 55.19 -44.36
CA SER XD 210 -1.94 56.52 -44.87
C SER XD 210 -1.96 56.53 -46.39
N ASN XD 211 -2.91 57.29 -46.94
CA ASN XD 211 -3.03 57.52 -48.37
C ASN XD 211 -2.54 58.90 -48.78
N THR XD 212 -1.92 59.64 -47.85
CA THR XD 212 -1.48 61.00 -48.10
C THR XD 212 -0.03 61.13 -47.64
N LEU XD 213 0.80 61.73 -48.49
CA LEU XD 213 2.23 61.84 -48.22
C LEU XD 213 2.55 63.19 -47.59
N MET XD 214 3.27 63.14 -46.48
CA MET XD 214 3.74 64.34 -45.79
C MET XD 214 5.24 64.50 -46.02
N ILE XD 215 5.64 65.67 -46.49
CA ILE XD 215 7.00 65.90 -46.95
C ILE XD 215 7.46 67.26 -46.44
N GLN XD 216 8.76 67.39 -46.20
CA GLN XD 216 9.38 68.68 -45.93
C GLN XD 216 10.56 68.88 -46.86
N ALA XD 217 10.83 70.13 -47.21
CA ALA XD 217 11.99 70.49 -48.03
C ALA XD 217 13.08 70.96 -47.08
N THR XD 218 14.07 70.10 -46.86
CA THR XD 218 15.10 70.40 -45.87
C THR XD 218 16.11 71.42 -46.38
N LYS XD 219 16.33 71.50 -47.68
CA LYS XD 219 17.36 72.35 -48.25
C LYS XD 219 16.75 73.49 -49.05
N LEU XD 220 17.62 74.36 -49.56
CA LEU XD 220 17.18 75.60 -50.18
C LEU XD 220 16.77 75.40 -51.64
N TYR XD 221 17.71 74.94 -52.48
CA TYR XD 221 17.46 74.82 -53.91
C TYR XD 221 17.72 73.42 -54.45
N ASN XD 222 17.95 72.44 -53.58
CA ASN XD 222 18.26 71.10 -54.04
C ASN XD 222 17.01 70.39 -54.51
N TYR XD 223 17.03 69.92 -55.74
CA TYR XD 223 15.90 69.28 -56.38
C TYR XD 223 15.84 67.79 -56.06
N GLY XD 224 14.77 67.15 -56.48
CA GLY XD 224 14.70 65.71 -56.31
C GLY XD 224 13.55 65.10 -57.07
N ASN XD 225 13.42 63.79 -56.93
CA ASN XD 225 12.29 63.04 -57.48
C ASN XD 225 11.93 61.92 -56.52
N LEU XD 226 10.68 61.50 -56.60
CA LEU XD 226 10.11 60.56 -55.65
C LEU XD 226 9.33 59.48 -56.38
N ALA XD 227 9.52 58.22 -55.98
CA ALA XD 227 8.85 57.10 -56.60
C ALA XD 227 7.78 56.55 -55.67
N VAL XD 228 6.59 56.30 -56.22
CA VAL XD 228 5.42 55.85 -55.45
C VAL XD 228 4.82 54.64 -56.15
N ARG XD 229 4.60 53.56 -55.40
CA ARG XD 229 3.85 52.40 -55.86
C ARG XD 229 2.59 52.27 -55.02
N LEU XD 230 1.44 52.32 -55.66
CA LEU XD 230 0.16 52.22 -54.97
C LEU XD 230 -0.22 50.76 -54.76
N ARG XD 231 -1.28 50.55 -53.98
CA ARG XD 231 -1.72 49.18 -53.66
C ARG XD 231 -2.29 48.47 -54.87
N GLY XD 232 -3.21 49.12 -55.58
CA GLY XD 232 -3.80 48.50 -56.74
C GLY XD 232 -3.09 48.77 -58.05
N LEU XD 233 -1.94 49.45 -58.00
CA LEU XD 233 -1.25 49.90 -59.20
C LEU XD 233 0.08 49.18 -59.32
N ASN XD 234 0.38 48.71 -60.54
CA ASN XD 234 1.64 48.03 -60.81
C ASN XD 234 2.74 49.02 -61.18
N THR XD 235 2.50 49.84 -62.21
CA THR XD 235 3.53 50.75 -62.71
C THR XD 235 3.67 51.95 -61.78
N PRO XD 236 4.87 52.23 -61.26
CA PRO XD 236 5.03 53.31 -60.29
C PRO XD 236 5.01 54.68 -60.96
N VAL XD 237 4.90 55.70 -60.11
CA VAL XD 237 4.81 57.09 -60.53
C VAL XD 237 5.86 57.89 -59.79
N MET XD 238 6.67 58.65 -60.51
CA MET XD 238 7.69 59.50 -59.91
C MET XD 238 7.34 60.96 -60.14
N LEU XD 239 7.39 61.74 -59.08
CA LEU XD 239 7.14 63.17 -59.10
C LEU XD 239 8.46 63.90 -58.98
N THR XD 240 8.54 65.11 -59.55
CA THR XD 240 9.74 65.93 -59.40
C THR XD 240 9.45 67.07 -58.44
N LEU XD 241 10.38 67.30 -57.52
CA LEU XD 241 10.23 68.28 -56.45
C LEU XD 241 11.29 69.35 -56.62
N ILE XD 242 10.86 70.59 -56.79
CA ILE XD 242 11.75 71.72 -56.99
C ILE XD 242 11.46 72.73 -55.89
N PRO XD 243 12.43 73.10 -55.07
CA PRO XD 243 12.20 74.17 -54.10
C PRO XD 243 12.61 75.53 -54.63
N GLY XD 244 12.34 76.58 -53.87
CA GLY XD 244 12.76 77.93 -54.24
C GLY XD 244 12.02 78.54 -55.41
N GLN XD 245 10.70 78.47 -55.39
CA GLN XD 245 9.88 79.14 -56.39
C GLN XD 245 9.25 80.40 -55.80
N LYS XD 246 8.47 81.09 -56.63
CA LYS XD 246 7.70 82.23 -56.17
C LYS XD 246 6.34 81.85 -55.62
N ALA XD 247 6.04 80.56 -55.58
CA ALA XD 247 4.79 80.07 -55.00
C ALA XD 247 5.06 78.72 -54.36
N VAL XD 248 4.50 78.51 -53.17
CA VAL XD 248 4.70 77.28 -52.41
C VAL XD 248 3.36 76.54 -52.36
N ASP XD 249 3.39 75.28 -52.78
CA ASP XD 249 2.19 74.45 -52.81
C ASP XD 249 1.98 73.85 -51.42
N TYR XD 250 0.94 74.33 -50.71
CA TYR XD 250 0.65 73.78 -49.40
C TYR XD 250 -0.01 72.42 -49.49
N ARG XD 251 -0.75 72.15 -50.58
CA ARG XD 251 -1.36 70.85 -50.80
C ARG XD 251 -1.38 70.59 -52.29
N VAL XD 252 -1.12 69.34 -52.68
CA VAL XD 252 -1.18 68.94 -54.08
C VAL XD 252 -2.10 67.74 -54.19
N ASP XD 253 -3.17 67.88 -54.95
CA ASP XD 253 -4.09 66.78 -55.24
C ASP XD 253 -3.75 66.19 -56.60
N LEU XD 254 -3.76 64.87 -56.69
CA LEU XD 254 -3.38 64.15 -57.90
C LEU XD 254 -4.49 63.20 -58.31
N ARG XD 255 -5.07 63.43 -59.49
CA ARG XD 255 -6.11 62.57 -60.04
C ARG XD 255 -5.47 61.49 -60.89
N VAL XD 256 -5.65 60.23 -60.50
CA VAL XD 256 -5.05 59.12 -61.21
C VAL XD 256 -5.84 58.85 -62.48
N GLN XD 257 -5.13 58.68 -63.60
CA GLN XD 257 -5.77 58.24 -64.83
C GLN XD 257 -6.35 56.84 -64.68
N GLY XD 258 -5.62 55.94 -64.02
CA GLY XD 258 -6.16 54.64 -63.71
C GLY XD 258 -7.13 54.68 -62.54
N TYR XD 259 -7.82 53.55 -62.35
CA TYR XD 259 -8.81 53.40 -61.29
C TYR XD 259 -8.17 52.79 -60.06
N GLY XD 260 -8.60 53.24 -58.89
CA GLY XD 260 -8.01 52.84 -57.63
C GLY XD 260 -8.77 51.73 -56.93
N PRO XD 261 -8.64 51.69 -55.61
CA PRO XD 261 -9.24 50.57 -54.85
C PRO XD 261 -10.74 50.65 -54.71
N ASN XD 262 -11.34 51.82 -54.91
CA ASN XD 262 -12.76 52.01 -54.70
C ASN XD 262 -13.40 52.60 -55.95
N ALA XD 263 -14.71 52.38 -56.08
CA ALA XD 263 -15.45 52.89 -57.22
C ALA XD 263 -16.53 53.87 -56.78
N ASP XD 278 -23.76 66.41 -55.60
CA ASP XD 278 -22.79 66.83 -56.60
C ASP XD 278 -22.47 68.31 -56.45
N LEU XD 279 -22.45 69.02 -57.59
CA LEU XD 279 -22.20 70.45 -57.56
C LEU XD 279 -23.34 71.20 -56.91
N LEU XD 280 -24.56 70.65 -56.95
CA LEU XD 280 -25.66 71.23 -56.18
C LEU XD 280 -25.41 71.08 -54.68
N LEU XD 281 -24.78 69.98 -54.25
CA LEU XD 281 -24.41 69.85 -52.85
C LEU XD 281 -23.30 70.81 -52.48
N HIS XD 282 -22.35 71.04 -53.40
CA HIS XD 282 -21.30 72.02 -53.15
C HIS XD 282 -21.87 73.44 -53.11
N VAL XD 283 -22.91 73.72 -53.90
CA VAL XD 283 -23.58 75.02 -53.85
C VAL XD 283 -24.35 75.16 -52.53
N LEU XD 284 -25.00 74.08 -52.09
CA LEU XD 284 -25.71 74.08 -50.82
C LEU XD 284 -24.75 74.31 -49.64
N GLU XD 285 -23.55 73.76 -49.74
CA GLU XD 285 -22.50 74.10 -48.79
C GLU XD 285 -22.07 75.56 -48.92
N GLY XD 286 -21.94 76.05 -50.15
CA GLY XD 286 -21.57 77.44 -50.38
C GLY XD 286 -20.57 77.63 -51.49
N VAL XD 287 -20.06 76.53 -52.03
CA VAL XD 287 -19.06 76.59 -53.09
C VAL XD 287 -19.73 76.91 -54.41
N PRO XD 288 -19.30 77.98 -55.11
CA PRO XD 288 -19.84 78.23 -56.45
C PRO XD 288 -19.38 77.19 -57.43
N PRO XD 289 -20.15 76.93 -58.49
CA PRO XD 289 -19.71 75.95 -59.48
C PRO XD 289 -18.55 76.48 -60.31
N PRO XD 290 -17.62 75.62 -60.72
CA PRO XD 290 -16.51 76.08 -61.55
C PRO XD 290 -16.96 76.43 -62.95
N GLY XD 291 -16.27 77.41 -63.55
CA GLY XD 291 -16.61 77.86 -64.88
C GLY XD 291 -17.82 78.75 -64.98
N SER XD 292 -18.35 79.21 -63.85
CA SER XD 292 -19.56 80.01 -63.83
C SER XD 292 -19.21 81.50 -63.75
N ARG XD 293 -20.24 82.32 -63.62
CA ARG XD 293 -20.08 83.77 -63.62
C ARG XD 293 -21.19 84.41 -62.80
N ARG XD 294 -20.82 85.33 -61.92
CA ARG XD 294 -21.83 86.03 -61.12
C ARG XD 294 -22.57 87.05 -61.99
N LEU XD 295 -23.83 87.25 -61.66
CA LEU XD 295 -24.70 88.12 -62.44
C LEU XD 295 -25.06 89.34 -61.60
N VAL XD 296 -25.95 90.18 -62.13
CA VAL XD 296 -26.42 91.37 -61.43
C VAL XD 296 -27.51 90.94 -60.46
N VAL XD 297 -27.26 91.12 -59.18
CA VAL XD 297 -28.21 90.75 -58.12
C VAL XD 297 -28.80 92.03 -57.56
N SER XD 298 -30.13 92.18 -57.70
CA SER XD 298 -30.84 93.35 -57.22
C SER XD 298 -32.27 92.96 -56.91
N GLY XD 299 -32.79 93.49 -55.81
CA GLY XD 299 -34.12 93.14 -55.36
C GLY XD 299 -34.24 91.84 -54.62
N GLY XD 300 -33.13 91.16 -54.35
CA GLY XD 300 -33.17 89.90 -53.64
C GLY XD 300 -31.81 89.56 -53.07
N ASP XD 301 -31.81 88.84 -51.97
CA ASP XD 301 -30.58 88.45 -51.28
C ASP XD 301 -30.26 87.00 -51.64
N ALA XD 302 -29.80 86.81 -52.88
CA ALA XD 302 -29.49 85.49 -53.39
C ALA XD 302 -28.15 85.50 -54.10
N ARG XD 303 -27.50 84.35 -54.12
CA ARG XD 303 -26.26 84.13 -54.85
C ARG XD 303 -26.60 83.42 -56.15
N ALA XD 304 -26.35 84.07 -57.27
CA ALA XD 304 -26.79 83.57 -58.57
C ALA XD 304 -25.59 83.20 -59.43
N TRP XD 305 -25.73 82.12 -60.19
CA TRP XD 305 -24.71 81.73 -61.15
C TRP XD 305 -25.37 81.08 -62.35
N LEU XD 306 -24.67 81.14 -63.49
CA LEU XD 306 -25.13 80.58 -64.75
C LEU XD 306 -23.92 80.16 -65.56
N SER XD 307 -23.78 78.86 -65.81
CA SER XD 307 -22.62 78.33 -66.51
C SER XD 307 -23.03 77.47 -67.69
N ASN XD 308 -24.15 76.78 -67.57
CA ASN XD 308 -24.61 75.85 -68.60
C ASN XD 308 -26.03 76.23 -69.03
N GLU XD 309 -26.22 77.51 -69.36
CA GLU XD 309 -27.47 78.22 -69.65
C GLU XD 309 -28.60 77.86 -68.67
N LYS XD 310 -28.24 77.65 -67.40
CA LYS XD 310 -29.17 77.30 -66.35
C LYS XD 310 -28.80 78.09 -65.11
N MET XD 311 -29.81 78.45 -64.33
CA MET XD 311 -29.60 79.26 -63.14
C MET XD 311 -29.42 78.36 -61.92
N TYR XD 312 -28.39 78.66 -61.12
CA TYR XD 312 -28.17 77.99 -59.85
C TYR XD 312 -28.08 79.08 -58.79
N VAL XD 313 -28.98 79.03 -57.82
CA VAL XD 313 -29.15 80.13 -56.87
C VAL XD 313 -29.14 79.60 -55.44
N ARG XD 314 -28.46 80.30 -54.57
CA ARG XD 314 -28.34 79.98 -53.16
C ARG XD 314 -29.04 81.07 -52.36
N THR XD 315 -30.00 80.68 -51.53
CA THR XD 315 -30.79 81.64 -50.77
C THR XD 315 -31.10 81.03 -49.40
N ASN XD 316 -31.82 81.80 -48.59
CA ASN XD 316 -32.45 81.30 -47.39
C ASN XD 316 -33.97 81.37 -47.45
N LEU XD 317 -34.53 81.85 -48.57
CA LEU XD 317 -35.95 81.98 -48.76
C LEU XD 317 -36.43 80.89 -49.71
N THR XD 318 -37.69 80.98 -50.12
CA THR XD 318 -38.29 80.01 -51.03
C THR XD 318 -38.65 80.67 -52.36
N ILE XD 319 -38.40 79.96 -53.45
CA ILE XD 319 -38.71 80.43 -54.79
C ILE XD 319 -40.03 79.81 -55.23
N LEU XD 320 -40.91 80.63 -55.81
CA LEU XD 320 -42.32 80.29 -55.99
C LEU XD 320 -42.73 80.10 -57.44
N SER XD 321 -42.35 81.03 -58.32
CA SER XD 321 -43.04 81.14 -59.61
C SER XD 321 -42.70 80.03 -60.61
N PRO XD 322 -41.46 79.85 -61.08
CA PRO XD 322 -41.28 79.09 -62.33
C PRO XD 322 -41.28 77.57 -62.18
N GLY XD 323 -41.05 77.04 -60.99
CA GLY XD 323 -40.81 75.60 -60.90
C GLY XD 323 -39.34 75.27 -60.99
N TRP XD 324 -38.98 74.18 -60.30
CA TRP XD 324 -37.57 73.86 -60.07
C TRP XD 324 -37.24 72.50 -60.65
N LEU XD 325 -36.16 72.45 -61.44
CA LEU XD 325 -35.62 71.17 -61.88
C LEU XD 325 -35.00 70.41 -60.71
N ALA XD 326 -34.30 71.12 -59.83
CA ALA XD 326 -33.71 70.51 -58.66
C ALA XD 326 -33.76 71.49 -57.49
N SER XD 327 -34.01 70.97 -56.29
CA SER XD 327 -34.02 71.79 -55.09
C SER XD 327 -33.38 71.03 -53.94
N MET XD 328 -32.57 71.75 -53.17
CA MET XD 328 -31.98 71.24 -51.96
C MET XD 328 -32.24 72.21 -50.82
N THR XD 329 -32.62 71.69 -49.66
CA THR XD 329 -32.77 72.52 -48.48
C THR XD 329 -32.14 71.80 -47.30
N SER XD 330 -31.16 72.44 -46.68
CA SER XD 330 -30.44 71.83 -45.56
C SER XD 330 -31.17 72.13 -44.26
N ALA XD 331 -30.60 71.65 -43.15
CA ALA XD 331 -31.25 71.80 -41.85
C ALA XD 331 -31.16 73.21 -41.30
N ASP XD 332 -30.28 74.05 -41.85
CA ASP XD 332 -30.13 75.43 -41.40
C ASP XD 332 -30.98 76.41 -42.20
N GLY XD 333 -31.84 75.92 -43.09
CA GLY XD 333 -32.65 76.78 -43.92
C GLY XD 333 -31.97 77.28 -45.18
N THR XD 334 -30.76 76.80 -45.46
CA THR XD 334 -30.09 77.16 -46.71
C THR XD 334 -30.71 76.37 -47.86
N HIS XD 335 -31.06 77.07 -48.92
CA HIS XD 335 -31.73 76.50 -50.08
C HIS XD 335 -30.89 76.72 -51.33
N ALA XD 336 -30.75 75.66 -52.12
CA ALA XD 336 -30.05 75.71 -53.40
C ALA XD 336 -31.00 75.25 -54.48
N TYR XD 337 -31.37 76.16 -55.38
CA TYR XD 337 -32.29 75.88 -56.47
C TYR XD 337 -31.51 75.81 -57.77
N GLU XD 338 -31.75 74.76 -58.54
CA GLU XD 338 -31.20 74.62 -59.89
C GLU XD 338 -32.38 74.59 -60.84
N MET XD 339 -32.53 75.67 -61.62
CA MET XD 339 -33.60 75.81 -62.59
C MET XD 339 -33.01 76.21 -63.94
N GLN XD 340 -33.88 76.39 -64.92
CA GLN XD 340 -33.48 77.04 -66.15
C GLN XD 340 -33.46 78.56 -65.96
N LYS XD 341 -33.06 79.26 -67.02
CA LYS XD 341 -32.90 80.72 -66.94
C LYS XD 341 -34.26 81.41 -66.89
N SER XD 342 -34.39 82.36 -65.97
CA SER XD 342 -35.60 83.15 -65.81
C SER XD 342 -35.24 84.51 -65.22
N PRO XD 343 -35.55 85.62 -65.91
CA PRO XD 343 -35.19 86.94 -65.38
C PRO XD 343 -36.03 87.38 -64.19
N VAL XD 344 -37.19 86.77 -63.98
CA VAL XD 344 -38.16 87.20 -62.97
C VAL XD 344 -38.30 86.08 -61.95
N LEU XD 345 -38.15 86.41 -60.67
CA LEU XD 345 -38.35 85.43 -59.61
C LEU XD 345 -39.30 86.00 -58.57
N LEU XD 346 -40.18 85.14 -58.06
CA LEU XD 346 -41.14 85.51 -57.03
C LEU XD 346 -40.82 84.75 -55.75
N VAL XD 347 -40.77 85.47 -54.63
CA VAL XD 347 -40.49 84.88 -53.33
C VAL XD 347 -41.63 85.25 -52.40
N SER XD 348 -42.26 84.23 -51.82
CA SER XD 348 -43.28 84.43 -50.79
C SER XD 348 -42.60 84.21 -49.44
N TRP XD 349 -42.09 85.27 -48.85
CA TRP XD 349 -41.34 85.21 -47.60
C TRP XD 349 -42.34 85.29 -46.45
N HIS XD 350 -42.71 84.11 -45.93
CA HIS XD 350 -43.56 83.82 -44.77
C HIS XD 350 -44.77 84.74 -44.59
N GLY XD 351 -45.43 85.10 -45.69
CA GLY XD 351 -46.59 85.95 -45.64
C GLY XD 351 -46.50 87.23 -46.43
N LYS XD 352 -45.34 87.62 -46.96
CA LYS XD 352 -45.29 88.76 -47.86
C LYS XD 352 -44.64 88.35 -49.17
N VAL XD 353 -45.27 88.73 -50.27
CA VAL XD 353 -44.81 88.34 -51.61
C VAL XD 353 -43.98 89.48 -52.18
N MET XD 354 -42.75 89.16 -52.59
CA MET XD 354 -41.88 90.10 -53.26
C MET XD 354 -41.36 89.50 -54.55
N GLN XD 355 -40.83 90.36 -55.40
CA GLN XD 355 -40.31 89.96 -56.69
C GLN XD 355 -38.88 90.48 -56.82
N LEU XD 356 -38.02 89.69 -57.46
CA LEU XD 356 -36.67 90.13 -57.79
C LEU XD 356 -36.42 89.92 -59.28
N LYS XD 357 -35.60 90.80 -59.84
CA LYS XD 357 -35.23 90.75 -61.24
C LYS XD 357 -33.73 90.50 -61.35
N VAL XD 358 -33.34 89.83 -62.42
CA VAL XD 358 -31.93 89.51 -62.65
C VAL XD 358 -31.56 90.00 -64.03
N GLU XD 359 -30.25 90.22 -64.22
CA GLU XD 359 -29.70 90.64 -65.49
C GLU XD 359 -28.60 89.67 -65.90
N GLY XD 360 -28.63 89.25 -67.16
CA GLY XD 360 -27.64 88.33 -67.68
C GLY XD 360 -27.68 88.18 -69.20
N UNK YD 1 7.40 109.87 -37.62
CA UNK YD 1 7.65 108.51 -38.06
C UNK YD 1 8.57 108.51 -39.29
N UNK YD 2 8.44 107.48 -40.12
CA UNK YD 2 9.21 107.42 -41.35
C UNK YD 2 8.67 108.42 -42.37
N UNK YD 3 9.53 108.79 -43.31
CA UNK YD 3 9.17 109.74 -44.36
C UNK YD 3 8.69 108.98 -45.58
N UNK YD 4 7.42 109.17 -45.92
CA UNK YD 4 6.85 108.48 -47.07
C UNK YD 4 7.47 108.97 -48.38
N UNK YD 5 7.72 110.28 -48.48
CA UNK YD 5 8.31 110.84 -49.69
C UNK YD 5 9.75 110.36 -49.89
N UNK YD 6 10.53 110.34 -48.81
CA UNK YD 6 11.91 109.84 -48.90
C UNK YD 6 11.95 108.35 -49.16
N UNK YD 7 11.01 107.60 -48.57
CA UNK YD 7 10.92 106.16 -48.83
C UNK YD 7 10.55 105.87 -50.28
N UNK YD 8 9.60 106.62 -50.84
CA UNK YD 8 9.23 106.44 -52.23
C UNK YD 8 10.33 106.89 -53.17
N UNK YD 9 11.07 107.95 -52.81
CA UNK YD 9 12.20 108.39 -53.63
C UNK YD 9 13.33 107.37 -53.64
N UNK YD 10 13.65 106.78 -52.48
CA UNK YD 10 14.66 105.73 -52.42
C UNK YD 10 14.20 104.48 -53.16
N UNK YD 11 12.91 104.15 -53.07
CA UNK YD 11 12.36 103.01 -53.79
C UNK YD 11 12.41 103.23 -55.30
N UNK YD 12 12.08 104.43 -55.76
CA UNK YD 12 12.13 104.73 -57.19
C UNK YD 12 13.57 104.77 -57.70
N UNK YD 13 14.49 105.27 -56.88
CA UNK YD 13 15.90 105.28 -57.27
C UNK YD 13 16.48 103.87 -57.31
N UNK YD 14 16.05 103.00 -56.39
CA UNK YD 14 16.46 101.60 -56.46
C UNK YD 14 15.82 100.88 -57.64
N UNK YD 15 14.60 101.28 -58.00
CA UNK YD 15 13.92 100.68 -59.15
C UNK YD 15 14.60 101.07 -60.45
N UNK YD 16 14.86 102.36 -60.63
CA UNK YD 16 15.62 102.84 -61.79
C UNK YD 16 16.83 103.60 -61.27
N UNK YD 17 17.89 102.85 -60.93
CA UNK YD 17 19.19 103.44 -60.66
C UNK YD 17 20.06 103.52 -61.90
N UNK YD 18 19.58 102.96 -63.02
CA UNK YD 18 20.29 102.92 -64.31
C UNK YD 18 21.67 102.28 -64.19
N UNK YD 19 21.73 101.15 -63.48
CA UNK YD 19 23.00 100.47 -63.26
C UNK YD 19 22.74 98.97 -63.18
N UNK YD 20 23.11 98.25 -64.23
CA UNK YD 20 23.04 96.80 -64.25
C UNK YD 20 24.01 96.29 -65.30
N UNK YD 21 24.72 95.20 -64.98
CA UNK YD 21 25.69 94.64 -65.90
C UNK YD 21 25.86 93.15 -65.62
N UNK YD 22 25.74 92.33 -66.66
CA UNK YD 22 25.83 90.88 -66.51
C UNK YD 22 26.90 90.35 -67.44
N UNK YD 23 27.44 89.18 -67.07
CA UNK YD 23 28.53 88.56 -67.82
C UNK YD 23 28.11 87.18 -68.32
N UNK YD 24 29.00 86.58 -69.09
CA UNK YD 24 28.82 85.23 -69.60
C UNK YD 24 30.19 84.58 -69.80
N UNK YD 25 30.19 83.26 -69.80
CA UNK YD 25 31.41 82.48 -69.98
C UNK YD 25 31.08 81.16 -70.66
N UNK YD 26 32.11 80.51 -71.19
CA UNK YD 26 31.98 79.23 -71.85
C UNK YD 26 32.28 78.09 -70.87
N UNK YD 27 32.32 76.87 -71.39
CA UNK YD 27 32.67 75.71 -70.56
C UNK YD 27 34.12 75.75 -70.11
N UNK YD 28 35.01 76.24 -70.98
CA UNK YD 28 36.38 76.56 -70.63
C UNK YD 28 36.54 78.00 -70.20
N UNK YD 29 35.42 78.67 -69.85
CA UNK YD 29 35.36 80.03 -69.31
C UNK YD 29 35.98 81.08 -70.24
N UNK YD 30 35.78 80.91 -71.55
CA UNK YD 30 36.15 81.96 -72.49
C UNK YD 30 35.13 83.09 -72.37
N UNK YD 31 35.36 83.99 -71.42
CA UNK YD 31 34.40 85.00 -71.04
C UNK YD 31 34.58 86.26 -71.87
N UNK YD 32 33.57 87.12 -71.82
CA UNK YD 32 33.59 88.35 -72.61
C UNK YD 32 32.74 89.41 -71.90
N UNK YD 33 33.29 90.61 -71.79
CA UNK YD 33 32.58 91.76 -71.24
C UNK YD 33 32.26 92.71 -72.39
N UNK YD 34 30.97 93.00 -72.57
CA UNK YD 34 30.53 93.77 -73.73
C UNK YD 34 29.85 95.06 -73.30
N UNK YD 35 29.21 95.73 -74.27
CA UNK YD 35 28.53 97.00 -74.00
C UNK YD 35 27.38 96.82 -73.03
N UNK YD 36 27.27 97.74 -72.07
CA UNK YD 36 26.28 97.64 -71.02
C UNK YD 36 24.91 98.09 -71.53
N UNK YD 37 23.88 97.73 -70.75
CA UNK YD 37 22.51 98.15 -71.02
C UNK YD 37 21.82 98.40 -69.70
N UNK YD 38 20.59 98.92 -69.78
CA UNK YD 38 19.71 99.22 -68.65
C UNK YD 38 20.33 100.14 -67.60
N UNK YD 39 23.44 75.06 -69.46
CA UNK YD 39 23.78 76.18 -68.58
C UNK YD 39 24.66 77.18 -69.31
N UNK YD 40 24.20 77.64 -70.46
CA UNK YD 40 24.94 78.64 -71.23
C UNK YD 40 24.66 80.07 -70.76
N UNK YD 41 23.76 80.25 -69.79
CA UNK YD 41 23.40 81.56 -69.27
C UNK YD 41 23.82 81.64 -67.80
N UNK YD 42 24.82 82.46 -67.52
CA UNK YD 42 25.30 82.65 -66.15
C UNK YD 42 24.34 83.58 -65.44
N UNK YD 43 23.42 83.01 -64.66
CA UNK YD 43 22.41 83.81 -63.98
C UNK YD 43 23.01 84.61 -62.83
N UNK YD 44 24.09 84.11 -62.23
CA UNK YD 44 24.73 84.79 -61.11
C UNK YD 44 25.71 85.88 -61.54
N UNK YD 45 25.90 86.08 -62.85
CA UNK YD 45 26.88 87.04 -63.33
C UNK YD 45 26.35 88.47 -63.37
N UNK YD 46 25.09 88.69 -63.00
CA UNK YD 46 24.52 90.02 -63.00
C UNK YD 46 24.89 90.76 -61.72
N UNK YD 47 25.24 92.04 -61.87
CA UNK YD 47 25.58 92.92 -60.77
C UNK YD 47 24.91 94.27 -60.99
N UNK YD 48 24.38 94.83 -59.91
CA UNK YD 48 23.65 96.10 -59.99
C UNK YD 48 23.88 96.94 -58.74
N ARG ZD 207 56.55 7.19 -98.31
CA ARG ZD 207 57.31 6.30 -97.44
C ARG ZD 207 56.72 6.34 -96.03
N ILE ZD 208 57.47 6.93 -95.09
CA ILE ZD 208 56.99 7.10 -93.71
C ILE ZD 208 57.64 8.35 -93.14
N ILE ZD 209 56.82 9.27 -92.63
CA ILE ZD 209 57.26 10.59 -92.19
C ILE ZD 209 57.02 10.72 -90.69
N TYR ZD 210 58.05 11.13 -89.96
CA TYR ZD 210 57.99 11.34 -88.53
C TYR ZD 210 57.79 12.83 -88.21
N TYR ZD 211 57.31 13.08 -87.00
CA TYR ZD 211 57.12 14.42 -86.47
C TYR ZD 211 57.64 14.47 -85.04
N ILE ZD 212 58.01 15.67 -84.61
CA ILE ZD 212 58.47 15.88 -83.24
C ILE ZD 212 57.26 16.22 -82.38
N GLN ZD 213 57.00 15.39 -81.37
CA GLN ZD 213 55.93 15.66 -80.43
C GLN ZD 213 56.42 16.51 -79.25
N ALA ZD 214 57.46 16.06 -78.57
CA ALA ZD 214 58.05 16.77 -77.45
C ALA ZD 214 59.54 16.89 -77.65
N VAL ZD 215 60.08 18.06 -77.34
CA VAL ZD 215 61.51 18.34 -77.53
C VAL ZD 215 62.03 19.01 -76.26
N ILE ZD 216 63.07 18.43 -75.67
CA ILE ZD 216 63.83 19.03 -74.59
C ILE ZD 216 65.29 18.90 -75.00
N PRO ZD 217 66.24 19.59 -74.35
CA PRO ZD 217 67.64 19.22 -74.51
C PRO ZD 217 67.89 17.79 -74.04
N GLY ZD 218 68.63 17.03 -74.84
CA GLY ZD 218 68.99 15.67 -74.52
C GLY ZD 218 68.05 14.58 -75.01
N ARG ZD 219 66.75 14.85 -75.01
CA ARG ZD 219 65.77 13.85 -75.43
C ARG ZD 219 64.90 14.41 -76.55
N ALA ZD 220 64.58 13.55 -77.50
CA ALA ZD 220 63.68 13.89 -78.59
C ALA ZD 220 62.57 12.87 -78.67
N TRP ZD 221 61.34 13.33 -78.85
CA TRP ZD 221 60.18 12.46 -78.97
C TRP ZD 221 59.63 12.55 -80.38
N LEU ZD 222 59.59 11.42 -81.08
CA LEU ZD 222 59.14 11.36 -82.45
C LEU ZD 222 57.95 10.43 -82.56
N ILE ZD 223 57.08 10.74 -83.53
CA ILE ZD 223 55.94 9.90 -83.86
C ILE ZD 223 55.86 9.80 -85.38
N GLY ZD 224 55.86 8.58 -85.91
CA GLY ZD 224 55.85 8.40 -87.35
C GLY ZD 224 54.47 8.60 -87.95
N SER ZD 225 54.43 8.42 -89.27
CA SER ZD 225 53.13 8.43 -89.97
C SER ZD 225 52.33 7.17 -89.69
N ASN ZD 226 52.98 6.11 -89.22
CA ASN ZD 226 52.31 4.86 -88.86
C ASN ZD 226 51.63 4.93 -87.50
N GLY ZD 227 51.83 6.00 -86.75
CA GLY ZD 227 51.27 6.13 -85.42
C GLY ZD 227 52.15 5.62 -84.31
N SER ZD 228 53.27 4.99 -84.63
CA SER ZD 228 54.20 4.52 -83.62
C SER ZD 228 55.12 5.66 -83.18
N THR ZD 229 55.32 5.79 -81.88
CA THR ZD 229 56.12 6.87 -81.32
C THR ZD 229 57.26 6.28 -80.48
N LEU ZD 230 58.27 7.11 -80.25
CA LEU ZD 230 59.48 6.71 -79.55
C LEU ZD 230 60.20 7.95 -79.04
N THR ZD 231 61.19 7.72 -78.19
CA THR ZD 231 62.11 8.75 -77.73
C THR ZD 231 63.54 8.31 -78.00
N VAL ZD 232 64.37 9.25 -78.43
CA VAL ZD 232 65.74 8.95 -78.85
C VAL ZD 232 66.66 10.11 -78.46
N ARG ZD 233 67.95 9.86 -78.65
CA ARG ZD 233 69.03 10.79 -78.36
C ARG ZD 233 69.62 11.29 -79.68
N GLU ZD 234 70.73 12.03 -79.57
CA GLU ZD 234 71.42 12.53 -80.76
C GLU ZD 234 72.00 11.40 -81.59
N GLY ZD 235 72.65 10.42 -80.95
CA GLY ZD 235 73.20 9.31 -81.69
C GLY ZD 235 72.26 8.13 -81.74
N SER ZD 236 71.50 8.01 -82.84
CA SER ZD 236 70.54 6.92 -82.96
C SER ZD 236 70.32 6.59 -84.42
N LYS ZD 237 69.78 5.39 -84.66
CA LYS ZD 237 69.48 4.90 -85.99
C LYS ZD 237 67.99 4.72 -86.13
N ILE ZD 238 67.41 5.27 -87.19
CA ILE ZD 238 65.97 5.22 -87.40
C ILE ZD 238 65.70 4.82 -88.84
N PRO ZD 239 64.82 3.84 -89.07
CA PRO ZD 239 64.45 3.48 -90.45
C PRO ZD 239 63.70 4.60 -91.15
N GLY ZD 240 64.04 4.82 -92.41
CA GLY ZD 240 63.50 5.90 -93.19
C GLY ZD 240 64.26 7.21 -93.10
N TYR ZD 241 65.13 7.35 -92.12
CA TYR ZD 241 65.90 8.57 -91.95
C TYR ZD 241 67.40 8.30 -91.85
N GLY ZD 242 67.79 7.19 -91.22
CA GLY ZD 242 69.20 6.86 -91.11
C GLY ZD 242 69.81 7.27 -89.80
N MET ZD 243 70.85 8.10 -89.85
CA MET ZD 243 71.58 8.55 -88.68
C MET ZD 243 71.19 9.98 -88.35
N VAL ZD 244 70.85 10.23 -87.08
CA VAL ZD 244 70.47 11.56 -86.64
C VAL ZD 244 71.74 12.39 -86.49
N LYS ZD 245 71.98 13.29 -87.45
CA LYS ZD 245 73.18 14.13 -87.39
C LYS ZD 245 73.07 15.19 -86.31
N LEU ZD 246 71.92 15.87 -86.25
CA LEU ZD 246 71.76 17.03 -85.40
C LEU ZD 246 70.37 17.05 -84.78
N ILE ZD 247 70.32 17.29 -83.46
CA ILE ZD 247 69.08 17.60 -82.76
C ILE ZD 247 69.21 19.03 -82.25
N ASP ZD 248 68.31 19.90 -82.66
CA ASP ZD 248 68.32 21.30 -82.26
C ASP ZD 248 67.21 21.52 -81.23
N SER ZD 249 67.59 22.06 -80.07
CA SER ZD 249 66.60 22.33 -79.03
C SER ZD 249 65.69 23.47 -79.43
N LEU ZD 250 66.23 24.49 -80.09
CA LEU ZD 250 65.42 25.63 -80.51
C LEU ZD 250 64.72 25.31 -81.81
N GLN ZD 251 63.47 25.78 -81.91
CA GLN ZD 251 62.58 25.76 -83.08
C GLN ZD 251 62.14 24.36 -83.52
N GLY ZD 252 62.55 23.31 -82.83
CA GLY ZD 252 62.06 21.96 -83.10
C GLY ZD 252 62.40 21.39 -84.44
N ARG ZD 253 63.66 21.49 -84.86
CA ARG ZD 253 64.13 20.97 -86.13
C ARG ZD 253 65.21 19.94 -85.88
N ILE ZD 254 65.07 18.76 -86.48
CA ILE ZD 254 66.05 17.69 -86.32
C ILE ZD 254 66.45 17.17 -87.68
N LEU ZD 255 67.73 17.24 -88.00
CA LEU ZD 255 68.23 16.73 -89.27
C LEU ZD 255 68.63 15.26 -89.13
N THR ZD 256 68.60 14.55 -90.25
CA THR ZD 256 69.09 13.17 -90.28
C THR ZD 256 70.12 13.02 -91.40
N SER ZD 257 70.70 11.82 -91.49
CA SER ZD 257 71.74 11.55 -92.48
C SER ZD 257 71.22 11.52 -93.90
N SER ZD 258 69.93 11.25 -94.10
CA SER ZD 258 69.35 11.23 -95.43
C SER ZD 258 68.85 12.59 -95.88
N GLY ZD 259 69.25 13.66 -95.22
CA GLY ZD 259 68.87 15.00 -95.60
C GLY ZD 259 67.49 15.41 -95.18
N GLN ZD 260 66.79 14.60 -94.40
CA GLN ZD 260 65.43 14.92 -94.00
C GLN ZD 260 65.43 15.70 -92.69
N VAL ZD 261 64.43 16.57 -92.56
CA VAL ZD 261 64.23 17.39 -91.38
C VAL ZD 261 62.92 17.00 -90.73
N ILE ZD 262 62.98 16.67 -89.45
CA ILE ZD 262 61.81 16.33 -88.65
C ILE ZD 262 61.43 17.57 -87.86
N LYS ZD 263 60.13 17.82 -87.78
CA LYS ZD 263 59.61 19.07 -87.26
C LYS ZD 263 58.20 18.81 -86.75
N PHE ZD 264 57.62 19.83 -86.11
CA PHE ZD 264 56.21 19.82 -85.77
C PHE ZD 264 55.36 19.83 -87.03
N SER ZD 265 54.12 19.35 -86.89
CA SER ZD 265 53.17 19.45 -87.99
C SER ZD 265 52.66 20.88 -88.14
N GLN ZD 266 52.07 21.16 -89.31
CA GLN ZD 266 51.41 22.44 -89.51
C GLN ZD 266 50.20 22.56 -88.60
N GLU ZD 267 49.40 21.51 -88.50
CA GLU ZD 267 48.28 21.51 -87.57
C GLU ZD 267 48.72 21.36 -86.13
N ASP ZD 268 49.76 20.54 -85.89
CA ASP ZD 268 50.29 20.36 -84.54
C ASP ZD 268 51.44 21.34 -84.35
N SER ZD 269 51.07 22.58 -84.07
CA SER ZD 269 52.07 23.63 -83.87
C SER ZD 269 51.77 24.43 -82.61
N GLN AE 791 79.00 62.40 -63.81
CA GLN AE 791 78.16 61.51 -64.60
C GLN AE 791 77.49 60.47 -63.71
N GLN AE 792 77.04 60.91 -62.54
CA GLN AE 792 76.34 60.05 -61.58
C GLN AE 792 74.86 59.87 -61.91
N GLU AE 793 74.34 60.67 -62.84
CA GLU AE 793 72.94 60.55 -63.23
C GLU AE 793 72.69 59.24 -63.96
N ILE AE 794 73.70 58.67 -64.60
CA ILE AE 794 73.55 57.37 -65.23
C ILE AE 794 73.35 56.29 -64.17
N GLN AE 795 74.10 56.38 -63.06
CA GLN AE 795 73.92 55.45 -61.96
C GLN AE 795 72.58 55.65 -61.28
N GLN AE 796 72.13 56.90 -61.16
CA GLN AE 796 70.81 57.18 -60.61
C GLN AE 796 69.71 56.58 -61.48
N ARG AE 797 69.85 56.74 -62.80
CA ARG AE 797 68.91 56.17 -63.77
C ARG AE 797 68.90 54.65 -63.68
N THR AE 798 70.09 54.05 -63.57
CA THR AE 798 70.20 52.60 -63.45
C THR AE 798 69.58 52.13 -62.14
N SER AE 799 69.70 52.91 -61.08
CA SER AE 799 69.13 52.54 -59.80
C SER AE 799 67.61 52.54 -59.84
N ASP AE 800 67.01 53.61 -60.39
CA ASP AE 800 65.55 53.66 -60.40
C ASP AE 800 64.97 52.63 -61.37
N MET AE 801 65.62 52.42 -62.51
CA MET AE 801 65.15 51.39 -63.42
C MET AE 801 65.38 49.99 -62.84
N LEU AE 802 66.40 49.82 -62.00
CA LEU AE 802 66.62 48.54 -61.34
C LEU AE 802 65.52 48.27 -60.31
N THR AE 803 65.10 49.30 -59.58
CA THR AE 803 63.98 49.14 -58.65
C THR AE 803 62.70 48.78 -59.39
N ALA AE 804 62.47 49.44 -60.53
CA ALA AE 804 61.30 49.12 -61.37
C ALA AE 804 61.40 47.69 -61.91
N ALA AE 805 62.61 47.25 -62.28
CA ALA AE 805 62.78 45.91 -62.82
C ALA AE 805 62.60 44.84 -61.75
N THR AE 806 63.04 45.12 -60.53
CA THR AE 806 62.79 44.19 -59.43
C THR AE 806 61.31 44.11 -59.12
N GLN AE 807 60.61 45.25 -59.20
CA GLN AE 807 59.16 45.26 -59.06
C GLN AE 807 58.49 44.41 -60.14
N LEU AE 808 58.95 44.54 -61.39
CA LEU AE 808 58.32 43.79 -62.47
C LEU AE 808 58.62 42.30 -62.36
N VAL AE 809 59.84 41.93 -61.98
CA VAL AE 809 60.15 40.51 -61.90
C VAL AE 809 59.47 39.87 -60.68
N GLN AE 810 59.27 40.62 -59.60
CA GLN AE 810 58.53 40.06 -58.49
C GLN AE 810 57.03 40.05 -58.76
N ASP AE 811 56.55 40.86 -59.70
CA ASP AE 811 55.17 40.75 -60.16
C ASP AE 811 55.00 39.65 -61.20
N TRP AE 812 56.08 39.22 -61.83
CA TRP AE 812 56.01 38.10 -62.76
C TRP AE 812 56.23 36.76 -62.10
N LYS AE 813 56.91 36.74 -60.94
CA LYS AE 813 57.30 35.48 -60.32
C LYS AE 813 56.11 34.66 -59.84
N GLN AE 814 55.11 35.30 -59.24
CA GLN AE 814 54.04 34.57 -58.58
C GLN AE 814 53.07 33.97 -59.61
N VAL AE 815 52.44 32.88 -59.21
CA VAL AE 815 51.41 32.21 -60.00
C VAL AE 815 50.50 31.47 -59.03
N GLU AE 816 49.20 31.74 -59.11
CA GLU AE 816 48.25 31.11 -58.20
C GLU AE 816 47.79 29.77 -58.79
N THR AE 817 46.81 29.15 -58.15
CA THR AE 817 46.42 27.79 -58.49
C THR AE 817 45.06 27.76 -59.18
N GLN AE 818 44.72 26.58 -59.69
CA GLN AE 818 43.40 26.31 -60.25
C GLN AE 818 42.37 26.18 -59.13
N VAL AE 819 41.10 26.22 -59.50
CA VAL AE 819 40.04 26.11 -58.52
C VAL AE 819 39.00 25.09 -59.00
N TYR AE 820 38.32 24.50 -58.02
CA TYR AE 820 37.26 23.52 -58.22
C TYR AE 820 35.95 24.14 -57.76
N THR AE 821 34.86 23.83 -58.45
CA THR AE 821 33.53 24.24 -57.99
C THR AE 821 32.57 23.09 -58.26
N GLU AE 822 32.06 22.48 -57.20
CA GLU AE 822 31.14 21.37 -57.29
C GLU AE 822 29.79 21.78 -56.70
N GLY AE 823 28.73 21.48 -57.43
CA GLY AE 823 27.39 21.73 -56.94
C GLY AE 823 26.44 20.67 -57.47
N THR AE 824 25.33 20.48 -56.77
CA THR AE 824 24.32 19.52 -57.18
C THR AE 824 22.99 20.23 -57.43
N ALA BE 104 44.20 95.93 -58.65
CA ALA BE 104 43.28 96.20 -57.56
C ALA BE 104 42.08 95.25 -57.62
N GLU BE 105 41.69 94.89 -58.83
CA GLU BE 105 40.57 93.98 -59.02
C GLU BE 105 40.89 92.75 -59.87
N VAL BE 106 41.87 92.82 -60.76
CA VAL BE 106 42.28 91.64 -61.53
C VAL BE 106 43.09 90.66 -60.69
N ILE BE 107 43.47 91.05 -59.48
CA ILE BE 107 44.21 90.19 -58.57
C ILE BE 107 43.38 88.97 -58.19
N ASP BE 108 42.07 89.13 -58.06
CA ASP BE 108 41.19 88.01 -57.77
C ASP BE 108 41.17 87.00 -58.91
N LYS BE 109 41.15 87.48 -60.16
CA LYS BE 109 41.17 86.57 -61.31
C LYS BE 109 42.52 85.88 -61.43
N LYS BE 110 43.60 86.62 -61.15
CA LYS BE 110 44.93 86.02 -61.13
C LYS BE 110 45.05 84.94 -60.06
N ALA BE 111 44.48 85.22 -58.88
CA ALA BE 111 44.45 84.23 -57.81
C ALA BE 111 43.61 83.02 -58.20
N PHE BE 112 42.51 83.25 -58.92
CA PHE BE 112 41.66 82.14 -59.35
C PHE BE 112 42.38 81.24 -60.35
N LYS BE 113 43.07 81.83 -61.33
CA LYS BE 113 43.74 81.00 -62.33
C LYS BE 113 44.99 80.31 -61.76
N ASP BE 114 45.71 81.00 -60.87
CA ASP BE 114 46.86 80.37 -60.22
C ASP BE 114 46.42 79.25 -59.30
N MET BE 115 45.30 79.44 -58.59
CA MET BE 115 44.77 78.39 -57.73
C MET BE 115 44.28 77.21 -58.53
N THR BE 116 43.67 77.47 -59.70
CA THR BE 116 43.23 76.39 -60.57
C THR BE 116 44.40 75.58 -61.10
N ARG BE 117 45.47 76.27 -61.52
CA ARG BE 117 46.66 75.56 -61.99
C ARG BE 117 47.37 74.81 -60.88
N ASN BE 118 47.35 75.34 -59.66
CA ASN BE 118 47.97 74.64 -58.54
C ASN BE 118 47.15 73.44 -58.11
N LEU BE 119 45.82 73.54 -58.17
CA LEU BE 119 44.96 72.42 -57.82
C LEU BE 119 45.07 71.32 -58.87
N TYR BE 120 45.00 71.68 -60.15
CA TYR BE 120 45.14 70.72 -61.24
C TYR BE 120 46.38 71.10 -62.04
N PRO BE 121 47.52 70.42 -61.83
CA PRO BE 121 48.72 70.74 -62.61
C PRO BE 121 48.71 70.21 -64.03
N LEU BE 122 47.67 69.51 -64.45
CA LEU BE 122 47.62 68.85 -65.75
C LEU BE 122 46.40 69.31 -66.54
N ASN BE 123 46.56 69.37 -67.85
CA ASN BE 123 45.43 69.56 -68.74
C ASN BE 123 44.63 68.26 -68.82
N PRO BE 124 43.31 68.35 -69.08
CA PRO BE 124 42.53 67.12 -69.34
C PRO BE 124 43.02 66.31 -70.52
N GLU BE 125 43.49 66.97 -71.57
CA GLU BE 125 44.08 66.26 -72.70
C GLU BE 125 45.35 65.54 -72.28
N GLN BE 126 46.14 66.19 -71.40
CA GLN BE 126 47.32 65.54 -70.83
C GLN BE 126 46.93 64.34 -69.98
N VAL BE 127 45.80 64.44 -69.28
CA VAL BE 127 45.31 63.35 -68.43
C VAL BE 127 44.94 62.14 -69.28
N VAL BE 128 44.19 62.37 -70.36
CA VAL BE 128 43.82 61.27 -71.24
C VAL BE 128 45.04 60.71 -71.98
N LYS BE 129 46.01 61.57 -72.31
CA LYS BE 129 47.24 61.13 -72.95
C LYS BE 129 48.05 60.22 -72.04
N LEU BE 130 48.22 60.60 -70.77
CA LEU BE 130 48.96 59.75 -69.86
C LEU BE 130 48.17 58.51 -69.49
N LYS BE 131 46.84 58.57 -69.57
CA LYS BE 131 46.04 57.36 -69.37
C LYS BE 131 46.26 56.37 -70.50
N GLN BE 132 46.34 56.87 -71.74
CA GLN BE 132 46.65 55.99 -72.87
C GLN BE 132 48.07 55.45 -72.76
N ILE BE 133 49.00 56.28 -72.26
CA ILE BE 133 50.37 55.86 -72.00
C ILE BE 133 50.40 54.74 -70.97
N TYR BE 134 49.59 54.88 -69.91
CA TYR BE 134 49.49 53.85 -68.89
C TYR BE 134 48.89 52.56 -69.44
N GLU BE 135 47.89 52.68 -70.32
CA GLU BE 135 47.30 51.50 -70.95
C GLU BE 135 48.32 50.77 -71.82
N THR BE 136 49.09 51.51 -72.62
CA THR BE 136 50.12 50.92 -73.46
C THR BE 136 51.23 50.29 -72.63
N SER BE 137 51.62 50.96 -71.54
CA SER BE 137 52.65 50.43 -70.65
C SER BE 137 52.20 49.16 -69.97
N GLU BE 138 50.93 49.12 -69.55
CA GLU BE 138 50.36 47.91 -68.97
C GLU BE 138 50.33 46.78 -69.99
N TYR BE 139 49.93 47.09 -71.23
CA TYR BE 139 49.83 46.08 -72.28
C TYR BE 139 51.19 45.48 -72.59
N ALA BE 140 52.22 46.32 -72.64
CA ALA BE 140 53.56 45.81 -72.94
C ALA BE 140 54.14 45.08 -71.74
N LYS BE 141 53.91 45.55 -70.52
CA LYS BE 141 54.51 44.93 -69.35
C LYS BE 141 53.82 43.63 -68.96
N ALA BE 142 52.59 43.41 -69.41
CA ALA BE 142 51.96 42.10 -69.26
C ALA BE 142 51.77 41.40 -70.60
N ALA BE 143 52.48 41.85 -71.63
CA ALA BE 143 52.56 41.10 -72.87
C ALA BE 143 53.38 39.83 -72.66
N THR BE 144 53.09 38.81 -73.47
CA THR BE 144 53.74 37.52 -73.34
C THR BE 144 54.82 37.38 -74.40
N PRO BE 145 56.09 37.33 -74.02
CA PRO BE 145 57.15 37.12 -75.02
C PRO BE 145 57.14 35.71 -75.58
N GLY BE 146 57.72 35.57 -76.75
CA GLY BE 146 57.81 34.28 -77.41
C GLY BE 146 56.52 33.92 -78.15
N THR BE 147 56.63 32.91 -79.00
CA THR BE 147 55.48 32.45 -79.76
C THR BE 147 54.54 31.66 -78.85
N PRO BE 148 53.27 32.03 -78.78
CA PRO BE 148 52.35 31.27 -77.92
C PRO BE 148 52.06 29.91 -78.51
N PRO BE 149 51.81 28.90 -77.68
CA PRO BE 149 51.47 27.58 -78.21
C PRO BE 149 50.05 27.52 -78.72
N LYS BE 150 49.81 26.53 -79.57
CA LYS BE 150 48.51 26.34 -80.18
C LYS BE 150 47.64 25.48 -79.27
N PRO BE 151 46.47 25.96 -78.84
CA PRO BE 151 45.58 25.12 -78.04
C PRO BE 151 44.97 24.01 -78.89
N THR BE 152 45.07 22.77 -78.40
CA THR BE 152 44.66 21.61 -79.16
C THR BE 152 43.85 20.67 -78.28
N ALA BE 153 43.47 19.53 -78.87
CA ALA BE 153 42.84 18.43 -78.16
C ALA BE 153 43.37 17.15 -78.77
N THR BE 154 43.71 16.17 -77.92
CA THR BE 154 44.42 14.98 -78.37
C THR BE 154 43.73 13.72 -77.88
N SER BE 155 43.91 12.64 -78.65
CA SER BE 155 43.44 11.31 -78.26
C SER BE 155 44.50 10.30 -78.64
N GLN BE 156 44.91 9.48 -77.69
CA GLN BE 156 45.95 8.49 -77.90
C GLN BE 156 45.57 7.17 -77.26
N PHE BE 157 46.40 6.15 -77.51
CA PHE BE 157 46.23 4.84 -76.94
C PHE BE 157 47.34 4.57 -75.92
N VAL BE 158 47.02 3.74 -74.95
CA VAL BE 158 47.92 3.38 -73.87
C VAL BE 158 48.53 2.04 -74.20
N ASN BE 159 49.84 2.02 -74.41
CA ASN BE 159 50.55 0.82 -74.83
C ASN BE 159 51.05 0.09 -73.58
N LEU BE 160 50.48 -1.09 -73.33
CA LEU BE 160 50.76 -1.86 -72.13
C LEU BE 160 51.76 -2.98 -72.37
N SER BE 161 52.43 -2.97 -73.52
CA SER BE 161 53.50 -3.91 -73.77
C SER BE 161 54.69 -3.58 -72.87
N PRO BE 162 55.52 -4.59 -72.52
CA PRO BE 162 56.64 -4.33 -71.59
C PRO BE 162 57.86 -3.69 -72.23
N GLY BE 163 57.73 -3.14 -73.44
CA GLY BE 163 58.85 -2.48 -74.08
C GLY BE 163 58.48 -1.20 -74.79
N SER BE 164 57.32 -0.64 -74.45
CA SER BE 164 56.83 0.55 -75.13
C SER BE 164 57.36 1.82 -74.50
N THR BE 165 57.37 2.89 -75.28
CA THR BE 165 57.69 4.21 -74.76
C THR BE 165 56.45 4.83 -74.12
N PRO BE 166 56.55 5.29 -72.86
CA PRO BE 166 55.38 5.85 -72.20
C PRO BE 166 55.02 7.21 -72.78
N PRO BE 167 53.75 7.58 -72.75
CA PRO BE 167 53.33 8.86 -73.36
C PRO BE 167 53.65 10.07 -72.49
N VAL BE 168 53.92 11.17 -73.19
CA VAL BE 168 54.31 12.45 -72.61
C VAL BE 168 53.23 13.47 -72.91
N ILE BE 169 52.89 14.27 -71.90
CA ILE BE 169 51.78 15.21 -71.98
C ILE BE 169 52.33 16.62 -71.96
N ARG BE 170 51.96 17.41 -72.97
CA ARG BE 170 52.40 18.80 -73.07
C ARG BE 170 51.54 19.68 -72.17
N LEU BE 171 52.20 20.54 -71.39
CA LEU BE 171 51.50 21.37 -70.42
C LEU BE 171 51.80 22.84 -70.65
N SER BE 172 51.02 23.68 -69.96
CA SER BE 172 51.14 25.13 -70.04
C SER BE 172 51.09 25.74 -68.66
N GLN BE 173 51.67 26.93 -68.53
CA GLN BE 173 51.74 27.62 -67.25
C GLN BE 173 50.39 28.20 -66.89
N GLY BE 174 49.84 27.76 -65.77
CA GLY BE 174 48.57 28.28 -65.28
C GLY BE 174 47.37 27.90 -66.10
N PHE BE 175 47.45 26.82 -66.87
CA PHE BE 175 46.37 26.42 -67.75
C PHE BE 175 45.92 25.00 -67.44
N VAL BE 176 44.69 24.71 -67.84
CA VAL BE 176 44.04 23.44 -67.55
C VAL BE 176 44.63 22.36 -68.44
N SER BE 177 44.97 21.22 -67.86
CA SER BE 177 45.30 20.01 -68.61
C SER BE 177 44.36 18.92 -68.11
N SER BE 178 43.35 18.60 -68.89
CA SER BE 178 42.33 17.63 -68.50
C SER BE 178 42.57 16.31 -69.21
N LEU BE 179 42.53 15.23 -68.45
CA LEU BE 179 42.74 13.88 -68.95
C LEU BE 179 41.50 13.05 -68.68
N VAL BE 180 41.05 12.32 -69.69
CA VAL BE 180 39.91 11.43 -69.60
C VAL BE 180 40.33 10.03 -70.05
N PHE BE 181 40.06 9.04 -69.20
CA PHE BE 181 40.56 7.68 -69.38
C PHE BE 181 39.42 6.78 -69.80
N LEU BE 182 39.59 6.11 -70.94
CA LEU BE 182 38.62 5.16 -71.47
C LEU BE 182 39.32 3.85 -71.76
N ASP BE 183 38.53 2.78 -71.88
CA ASP BE 183 39.07 1.48 -72.20
C ASP BE 183 39.13 1.30 -73.72
N SER BE 184 39.35 0.06 -74.17
CA SER BE 184 39.37 -0.21 -75.60
C SER BE 184 37.99 -0.11 -76.22
N THR BE 185 36.93 -0.30 -75.43
CA THR BE 185 35.58 -0.08 -75.94
C THR BE 185 35.18 1.39 -75.91
N GLY BE 186 36.01 2.26 -75.34
CA GLY BE 186 35.67 3.66 -75.22
C GLY BE 186 34.82 4.02 -74.02
N ALA BE 187 34.43 3.02 -73.22
CA ALA BE 187 33.62 3.28 -72.04
C ALA BE 187 34.47 3.98 -70.98
N PRO BE 188 33.87 4.89 -70.21
CA PRO BE 188 34.64 5.61 -69.18
C PRO BE 188 35.05 4.70 -68.04
N TRP BE 189 36.36 4.61 -67.83
CA TRP BE 189 36.92 3.81 -66.75
C TRP BE 189 37.38 4.74 -65.64
N PRO BE 190 36.65 4.84 -64.53
CA PRO BE 190 37.00 5.82 -63.50
C PRO BE 190 38.23 5.42 -62.71
N ILE BE 191 38.72 6.37 -61.93
CA ILE BE 191 40.00 6.28 -61.25
C ILE BE 191 39.79 5.92 -59.80
N ALA BE 192 40.46 4.86 -59.33
CA ALA BE 192 40.46 4.55 -57.90
C ALA BE 192 41.46 5.42 -57.15
N ALA BE 193 42.76 5.26 -57.42
CA ALA BE 193 43.78 5.99 -56.68
C ALA BE 193 44.86 6.44 -57.65
N TYR BE 194 45.70 7.37 -57.19
CA TYR BE 194 46.73 7.94 -58.04
C TYR BE 194 47.87 8.46 -57.18
N ASP BE 195 48.95 8.84 -57.87
CA ASP BE 195 50.13 9.41 -57.24
C ASP BE 195 50.88 10.23 -58.28
N LEU BE 196 51.52 11.30 -57.81
CA LEU BE 196 52.27 12.21 -58.66
C LEU BE 196 53.62 12.51 -58.01
N GLY BE 197 54.69 12.44 -58.79
CA GLY BE 197 55.98 12.89 -58.32
C GLY BE 197 56.12 14.40 -58.49
N ASP BE 198 56.69 15.04 -57.45
CA ASP BE 198 56.91 16.48 -57.34
C ASP BE 198 55.64 17.30 -57.56
N PRO BE 199 54.72 17.38 -56.60
CA PRO BE 199 53.55 18.24 -56.76
C PRO BE 199 53.81 19.73 -56.60
N SER BE 200 55.07 20.16 -56.43
CA SER BE 200 55.35 21.59 -56.36
C SER BE 200 55.17 22.30 -57.70
N SER BE 201 55.16 21.55 -58.80
CA SER BE 201 54.85 22.12 -60.10
C SER BE 201 53.44 21.82 -60.57
N PHE BE 202 52.80 20.78 -60.03
CA PHE BE 202 51.54 20.30 -60.57
C PHE BE 202 50.51 20.12 -59.47
N ASN BE 203 49.37 20.74 -59.65
CA ASN BE 203 48.22 20.57 -58.77
C ASN BE 203 47.22 19.65 -59.45
N ILE BE 204 46.60 18.77 -58.67
CA ILE BE 204 45.67 17.79 -59.20
C ILE BE 204 44.29 18.05 -58.61
N GLN BE 205 43.31 18.26 -59.48
CA GLN BE 205 41.90 18.35 -59.10
C GLN BE 205 41.23 17.06 -59.54
N TRP BE 206 40.83 16.24 -58.57
CA TRP BE 206 40.33 14.91 -58.84
C TRP BE 206 39.02 14.68 -58.10
N ASP BE 207 37.93 14.55 -58.85
CA ASP BE 207 36.70 14.05 -58.28
C ASP BE 207 36.89 12.60 -57.87
N LYS BE 208 36.28 12.21 -56.75
CA LYS BE 208 36.47 10.89 -56.17
C LYS BE 208 35.99 9.78 -57.09
N THR BE 209 34.87 10.00 -57.79
CA THR BE 209 34.27 8.96 -58.61
C THR BE 209 34.56 9.12 -60.10
N SER BE 210 35.39 10.07 -60.51
CA SER BE 210 35.58 10.36 -61.92
C SER BE 210 36.92 9.86 -62.42
N ASN BE 211 37.01 9.72 -63.75
CA ASN BE 211 38.27 9.55 -64.44
C ASN BE 211 38.87 10.89 -64.87
N THR BE 212 38.18 11.98 -64.59
CA THR BE 212 38.64 13.30 -65.02
C THR BE 212 39.80 13.76 -64.16
N LEU BE 213 40.86 14.22 -64.81
CA LEU BE 213 42.00 14.79 -64.10
C LEU BE 213 42.30 16.19 -64.61
N MET BE 214 42.57 17.11 -63.69
CA MET BE 214 42.90 18.49 -64.02
C MET BE 214 44.27 18.81 -63.44
N ILE BE 215 45.20 19.21 -64.32
CA ILE BE 215 46.58 19.49 -63.95
C ILE BE 215 46.90 20.93 -64.32
N GLN BE 216 47.63 21.62 -63.44
CA GLN BE 216 48.16 22.94 -63.74
C GLN BE 216 49.66 22.93 -63.53
N ALA BE 217 50.41 23.32 -64.56
CA ALA BE 217 51.86 23.41 -64.46
C ALA BE 217 52.23 24.72 -63.80
N THR BE 218 52.68 24.65 -62.53
CA THR BE 218 53.01 25.85 -61.78
C THR BE 218 54.43 26.31 -62.07
N LYS BE 219 55.39 25.40 -62.02
CA LYS BE 219 56.76 25.75 -62.35
C LYS BE 219 56.95 25.81 -63.86
N LEU BE 220 57.93 26.60 -64.30
CA LEU BE 220 58.04 26.97 -65.69
C LEU BE 220 58.59 25.84 -66.55
N TYR BE 221 59.80 25.37 -66.23
CA TYR BE 221 60.51 24.42 -67.07
C TYR BE 221 60.95 23.20 -66.26
N ASN BE 222 60.02 22.63 -65.51
CA ASN BE 222 60.28 21.43 -64.72
C ASN BE 222 59.23 20.39 -65.04
N TYR BE 223 59.68 19.20 -65.41
CA TYR BE 223 58.82 18.14 -65.92
C TYR BE 223 58.66 17.03 -64.89
N GLY BE 224 57.54 16.32 -64.97
CA GLY BE 224 57.21 15.36 -63.94
C GLY BE 224 56.60 14.06 -64.42
N ASN BE 225 56.10 13.26 -63.48
CA ASN BE 225 55.68 11.90 -63.78
C ASN BE 225 54.57 11.49 -62.81
N LEU BE 226 53.76 10.52 -63.25
CA LEU BE 226 52.55 10.20 -62.50
C LEU BE 226 52.12 8.78 -62.77
N ALA BE 227 51.53 8.14 -61.74
CA ALA BE 227 50.96 6.80 -61.87
C ALA BE 227 49.53 6.80 -61.35
N VAL BE 228 48.70 5.93 -61.92
CA VAL BE 228 47.27 5.85 -61.58
C VAL BE 228 46.89 4.38 -61.51
N ARG BE 229 46.23 3.98 -60.42
CA ARG BE 229 45.58 2.69 -60.33
C ARG BE 229 44.08 2.87 -60.50
N LEU BE 230 43.51 2.20 -61.48
CA LEU BE 230 42.07 2.27 -61.70
C LEU BE 230 41.36 1.29 -60.76
N ARG BE 231 40.03 1.23 -60.87
CA ARG BE 231 39.26 0.44 -59.93
C ARG BE 231 39.37 -1.05 -60.20
N GLY BE 232 39.54 -1.43 -61.47
CA GLY BE 232 39.66 -2.83 -61.81
C GLY BE 232 40.97 -3.18 -62.49
N LEU BE 233 41.77 -2.16 -62.80
CA LEU BE 233 43.02 -2.40 -63.53
C LEU BE 233 44.05 -3.02 -62.61
N ASN BE 234 44.64 -4.13 -63.06
CA ASN BE 234 45.71 -4.77 -62.31
C ASN BE 234 47.01 -3.98 -62.42
N THR BE 235 47.50 -3.80 -63.62
CA THR BE 235 48.72 -3.03 -63.83
C THR BE 235 48.40 -1.54 -63.77
N PRO BE 236 49.08 -0.76 -62.95
CA PRO BE 236 48.86 0.68 -62.95
C PRO BE 236 49.35 1.33 -64.22
N VAL BE 237 48.68 2.43 -64.60
CA VAL BE 237 48.94 3.14 -65.84
C VAL BE 237 49.67 4.44 -65.49
N MET BE 238 50.80 4.67 -66.15
CA MET BE 238 51.64 5.82 -65.82
C MET BE 238 51.81 6.72 -67.03
N LEU BE 239 52.11 7.98 -66.74
CA LEU BE 239 52.37 9.00 -67.76
C LEU BE 239 53.56 9.83 -67.33
N THR BE 240 54.20 10.48 -68.31
CA THR BE 240 55.17 11.53 -68.04
C THR BE 240 54.68 12.82 -68.69
N LEU BE 241 54.95 13.96 -68.02
CA LEU BE 241 54.44 15.24 -68.46
C LEU BE 241 55.58 16.25 -68.51
N ILE BE 242 55.49 17.17 -69.45
CA ILE BE 242 56.47 18.24 -69.62
C ILE BE 242 55.74 19.53 -69.99
N PRO BE 243 55.99 20.64 -69.31
CA PRO BE 243 55.36 21.90 -69.69
C PRO BE 243 56.21 22.69 -70.67
N GLY BE 244 55.63 23.80 -71.15
CA GLY BE 244 56.32 24.70 -72.04
C GLY BE 244 56.66 24.16 -73.41
N GLN BE 245 55.72 23.48 -74.05
CA GLN BE 245 55.91 22.97 -75.40
C GLN BE 245 55.23 23.88 -76.41
N LYS BE 246 55.54 23.64 -77.69
CA LYS BE 246 55.02 24.45 -78.79
C LYS BE 246 53.54 24.23 -79.05
N ALA BE 247 52.96 23.14 -78.54
CA ALA BE 247 51.53 22.90 -78.66
C ALA BE 247 50.99 22.50 -77.30
N VAL BE 248 49.76 22.90 -77.02
CA VAL BE 248 49.13 22.63 -75.73
C VAL BE 248 47.77 21.99 -75.98
N ASP BE 249 47.42 21.03 -75.13
CA ASP BE 249 46.22 20.23 -75.30
C ASP BE 249 45.22 20.56 -74.19
N TYR BE 250 43.96 20.71 -74.57
CA TYR BE 250 42.93 20.94 -73.57
C TYR BE 250 42.36 19.62 -73.04
N ARG BE 251 41.86 18.77 -73.91
CA ARG BE 251 41.33 17.46 -73.53
C ARG BE 251 42.22 16.38 -74.11
N VAL BE 252 42.75 15.52 -73.25
CA VAL BE 252 43.56 14.39 -73.68
C VAL BE 252 42.80 13.12 -73.33
N ASP BE 253 42.42 12.38 -74.36
CA ASP BE 253 41.69 11.12 -74.23
C ASP BE 253 42.69 9.98 -74.32
N LEU BE 254 42.58 9.02 -73.41
CA LEU BE 254 43.52 7.90 -73.37
C LEU BE 254 42.75 6.58 -73.39
N ARG BE 255 42.90 5.83 -74.47
CA ARG BE 255 42.22 4.56 -74.65
C ARG BE 255 43.17 3.44 -74.27
N VAL BE 256 42.79 2.62 -73.29
CA VAL BE 256 43.67 1.60 -72.76
C VAL BE 256 43.39 0.27 -73.47
N GLN BE 257 44.34 -0.67 -73.35
CA GLN BE 257 44.20 -1.97 -74.00
C GLN BE 257 43.14 -2.83 -73.34
N GLY BE 258 43.08 -2.83 -72.01
CA GLY BE 258 42.19 -3.73 -71.31
C GLY BE 258 40.74 -3.30 -71.37
N TYR BE 259 39.84 -4.27 -71.24
CA TYR BE 259 38.42 -3.98 -71.18
C TYR BE 259 38.06 -3.34 -69.86
N GLY BE 260 37.18 -2.34 -69.91
CA GLY BE 260 36.72 -1.68 -68.71
C GLY BE 260 35.62 -2.47 -68.04
N PRO BE 261 35.31 -2.07 -66.80
CA PRO BE 261 34.13 -2.65 -66.13
C PRO BE 261 32.83 -2.33 -66.84
N ASN BE 262 32.75 -1.17 -67.49
CA ASN BE 262 31.64 -0.84 -68.36
C ASN BE 262 32.03 -1.10 -69.81
N ALA BE 263 31.03 -1.35 -70.65
CA ALA BE 263 31.25 -1.63 -72.06
C ALA BE 263 30.07 -1.17 -72.89
N ASP BE 278 23.15 7.65 -85.52
CA ASP BE 278 24.27 7.63 -86.42
C ASP BE 278 24.80 9.04 -86.68
N LEU BE 279 25.51 9.20 -87.80
CA LEU BE 279 26.01 10.51 -88.19
C LEU BE 279 24.90 11.44 -88.68
N LEU BE 280 23.73 10.89 -89.01
CA LEU BE 280 22.64 11.70 -89.53
C LEU BE 280 22.04 12.61 -88.46
N LEU BE 281 22.14 12.23 -87.18
CA LEU BE 281 21.72 13.11 -86.09
C LEU BE 281 22.60 14.35 -86.01
N HIS BE 282 23.92 14.18 -86.14
CA HIS BE 282 24.81 15.33 -86.13
C HIS BE 282 24.71 16.13 -87.43
N VAL BE 283 24.32 15.47 -88.53
CA VAL BE 283 24.03 16.19 -89.77
C VAL BE 283 22.80 17.08 -89.58
N LEU BE 284 21.75 16.54 -88.96
CA LEU BE 284 20.54 17.31 -88.67
C LEU BE 284 20.82 18.44 -87.68
N GLU BE 285 21.75 18.22 -86.75
CA GLU BE 285 22.20 19.31 -85.89
C GLU BE 285 22.96 20.37 -86.70
N GLY BE 286 23.73 19.94 -87.70
CA GLY BE 286 24.39 20.88 -88.58
C GLY BE 286 25.80 20.52 -89.02
N VAL BE 287 26.36 19.45 -88.46
CA VAL BE 287 27.72 19.04 -88.78
C VAL BE 287 27.74 18.30 -90.11
N PRO BE 288 28.48 18.78 -91.12
CA PRO BE 288 28.60 18.02 -92.35
C PRO BE 288 29.42 16.76 -92.13
N PRO BE 289 29.11 15.68 -92.86
CA PRO BE 289 29.92 14.47 -92.73
C PRO BE 289 31.28 14.66 -93.36
N PRO BE 290 32.31 13.97 -92.87
CA PRO BE 290 33.65 14.13 -93.42
C PRO BE 290 33.80 13.45 -94.77
N GLY BE 291 34.93 13.74 -95.41
CA GLY BE 291 35.18 13.23 -96.74
C GLY BE 291 34.29 13.81 -97.81
N SER BE 292 34.01 15.11 -97.73
CA SER BE 292 33.10 15.77 -98.65
C SER BE 292 33.69 17.10 -99.10
N ARG BE 293 33.04 17.71 -100.09
CA ARG BE 293 33.41 19.01 -100.60
C ARG BE 293 32.15 19.83 -100.82
N ARG BE 294 32.29 21.15 -100.77
CA ARG BE 294 31.15 22.03 -100.95
C ARG BE 294 30.75 22.08 -102.42
N LEU BE 295 29.44 22.05 -102.66
CA LEU BE 295 28.87 21.97 -104.00
C LEU BE 295 28.01 23.19 -104.23
N VAL BE 296 28.22 23.85 -105.37
CA VAL BE 296 27.46 25.04 -105.72
C VAL BE 296 26.16 24.63 -106.39
N VAL BE 297 25.08 25.32 -106.05
CA VAL BE 297 23.75 25.04 -106.57
C VAL BE 297 23.14 26.36 -107.02
N SER BE 298 22.11 26.27 -107.85
CA SER BE 298 21.39 27.44 -108.36
C SER BE 298 19.95 27.39 -107.85
N GLY BE 299 19.54 28.44 -107.16
CA GLY BE 299 18.15 28.57 -106.72
C GLY BE 299 17.75 27.63 -105.61
N GLY BE 300 18.69 27.18 -104.78
CA GLY BE 300 18.35 26.24 -103.73
C GLY BE 300 18.84 26.64 -102.35
N ASP BE 301 17.93 26.67 -101.39
CA ASP BE 301 18.27 26.96 -100.00
C ASP BE 301 18.59 25.65 -99.27
N ALA BE 302 19.66 25.01 -99.73
CA ALA BE 302 20.02 23.68 -99.28
C ALA BE 302 21.51 23.49 -99.44
N ARG BE 303 22.02 22.43 -98.84
CA ARG BE 303 23.40 22.04 -99.06
C ARG BE 303 23.46 20.53 -99.31
N ALA BE 304 24.45 20.12 -100.11
CA ALA BE 304 24.64 18.72 -100.45
C ALA BE 304 26.09 18.33 -100.21
N TRP BE 305 26.29 17.07 -99.86
CA TRP BE 305 27.63 16.54 -99.62
C TRP BE 305 27.72 15.11 -100.13
N LEU BE 306 28.83 14.83 -100.81
CA LEU BE 306 29.15 13.49 -101.31
C LEU BE 306 30.26 12.95 -100.43
N SER BE 307 29.98 11.86 -99.72
CA SER BE 307 30.93 11.29 -98.77
C SER BE 307 31.51 9.97 -99.26
N ASN BE 308 30.66 8.98 -99.49
CA ASN BE 308 31.08 7.66 -99.93
C ASN BE 308 30.18 7.17 -101.05
N GLU BE 309 30.09 7.99 -102.10
CA GLU BE 309 29.16 7.82 -103.23
C GLU BE 309 27.72 7.75 -102.75
N LYS BE 310 27.40 8.59 -101.76
CA LYS BE 310 26.05 8.71 -101.21
C LYS BE 310 25.77 10.18 -100.96
N MET BE 311 24.71 10.70 -101.56
CA MET BE 311 24.36 12.11 -101.41
C MET BE 311 23.63 12.33 -100.10
N TYR BE 312 24.17 13.22 -99.26
CA TYR BE 312 23.49 13.69 -98.07
C TYR BE 312 23.13 15.15 -98.30
N VAL BE 313 21.84 15.46 -98.34
CA VAL BE 313 21.38 16.81 -98.63
C VAL BE 313 20.56 17.31 -97.45
N ARG BE 314 20.94 18.45 -96.91
CA ARG BE 314 20.24 19.09 -95.81
C ARG BE 314 19.47 20.29 -96.35
N THR BE 315 18.21 20.43 -95.93
CA THR BE 315 17.34 21.49 -96.38
C THR BE 315 16.24 21.71 -95.34
N ASN BE 316 15.21 22.45 -95.73
CA ASN BE 316 13.94 22.47 -94.99
C ASN BE 316 12.77 22.20 -95.93
N LEU BE 317 13.06 21.69 -97.13
CA LEU BE 317 12.06 21.48 -98.17
C LEU BE 317 11.73 19.99 -98.27
N THR BE 318 10.95 19.62 -99.29
CA THR BE 318 10.56 18.24 -99.50
C THR BE 318 10.76 17.87 -100.96
N ILE BE 319 11.58 16.84 -101.21
CA ILE BE 319 11.87 16.36 -102.56
C ILE BE 319 10.80 15.36 -102.95
N LEU BE 320 10.57 15.23 -104.26
CA LEU BE 320 9.51 14.37 -104.76
C LEU BE 320 9.98 13.28 -105.70
N SER BE 321 10.81 13.61 -106.69
CA SER BE 321 11.00 12.68 -107.81
C SER BE 321 11.91 11.48 -107.54
N PRO BE 322 13.20 11.62 -107.17
CA PRO BE 322 14.08 10.44 -107.26
C PRO BE 322 14.02 9.50 -106.06
N GLY BE 323 13.33 9.88 -104.99
CA GLY BE 323 13.29 9.07 -103.80
C GLY BE 323 14.51 9.25 -102.92
N TRP BE 324 14.46 8.63 -101.74
CA TRP BE 324 15.56 8.69 -100.78
C TRP BE 324 15.81 7.30 -100.22
N LEU BE 325 17.05 7.07 -99.78
CA LEU BE 325 17.33 5.89 -98.98
C LEU BE 325 16.84 6.07 -97.55
N ALA BE 326 17.08 7.24 -96.97
CA ALA BE 326 16.66 7.52 -95.61
C ALA BE 326 16.35 9.00 -95.48
N SER BE 327 15.56 9.33 -94.45
CA SER BE 327 15.18 10.71 -94.20
C SER BE 327 15.05 10.91 -92.70
N MET BE 328 15.46 12.07 -92.23
CA MET BE 328 15.35 12.43 -90.82
C MET BE 328 14.90 13.88 -90.74
N THR BE 329 13.78 14.12 -90.06
CA THR BE 329 13.21 15.45 -89.91
C THR BE 329 13.31 15.90 -88.46
N SER BE 330 13.46 17.20 -88.28
CA SER BE 330 13.57 17.80 -86.95
C SER BE 330 12.27 18.48 -86.56
N ALA BE 331 12.25 19.04 -85.36
CA ALA BE 331 11.04 19.70 -84.86
C ALA BE 331 10.85 21.08 -85.49
N ASP BE 332 11.99 21.83 -85.68
CA ASP BE 332 11.90 23.19 -86.19
C ASP BE 332 11.71 23.28 -87.69
N GLY BE 333 11.77 22.15 -88.40
CA GLY BE 333 11.44 22.12 -89.82
C GLY BE 333 12.56 21.77 -90.76
N THR BE 334 13.73 21.35 -90.27
CA THR BE 334 14.83 20.98 -91.14
C THR BE 334 14.77 19.49 -91.47
N HIS BE 335 15.06 19.16 -92.73
CA HIS BE 335 15.06 17.80 -93.23
C HIS BE 335 16.46 17.43 -93.72
N ALA BE 336 16.78 16.14 -93.60
CA ALA BE 336 18.02 15.58 -94.13
C ALA BE 336 17.67 14.35 -94.95
N TYR BE 337 18.17 14.28 -96.18
CA TYR BE 337 17.86 13.20 -97.10
C TYR BE 337 19.14 12.48 -97.50
N GLU BE 338 19.08 11.15 -97.48
CA GLU BE 338 20.16 10.29 -97.97
C GLU BE 338 19.69 9.63 -99.26
N MET BE 339 20.49 9.73 -100.31
CA MET BE 339 20.06 9.24 -101.61
C MET BE 339 21.26 8.89 -102.48
N GLN BE 340 20.96 8.41 -103.68
CA GLN BE 340 21.95 8.05 -104.70
C GLN BE 340 22.30 9.28 -105.52
N LYS BE 341 22.93 9.06 -106.67
CA LYS BE 341 23.28 10.15 -107.58
C LYS BE 341 22.08 10.59 -108.40
N SER BE 342 21.84 11.89 -108.42
CA SER BE 342 20.77 12.47 -109.24
C SER BE 342 21.09 13.93 -109.52
N PRO BE 343 21.36 14.30 -110.77
CA PRO BE 343 21.64 15.71 -111.08
C PRO BE 343 20.40 16.60 -111.06
N VAL BE 344 19.20 16.03 -111.09
CA VAL BE 344 17.96 16.80 -111.18
C VAL BE 344 17.10 16.51 -109.96
N LEU BE 345 16.45 17.55 -109.45
CA LEU BE 345 15.58 17.42 -108.28
C LEU BE 345 14.29 18.17 -108.49
N LEU BE 346 13.18 17.58 -108.03
CA LEU BE 346 11.87 18.22 -107.99
C LEU BE 346 11.49 18.43 -106.53
N VAL BE 347 11.18 19.67 -106.17
CA VAL BE 347 10.91 20.04 -104.78
C VAL BE 347 9.51 20.65 -104.70
N SER BE 348 8.69 20.11 -103.80
CA SER BE 348 7.36 20.65 -103.54
C SER BE 348 7.46 21.63 -102.38
N TRP BE 349 7.26 22.92 -102.66
CA TRP BE 349 7.26 23.97 -101.66
C TRP BE 349 5.96 24.74 -101.79
N HIS BE 350 5.20 24.80 -100.68
CA HIS BE 350 3.97 25.60 -100.55
C HIS BE 350 2.94 25.28 -101.62
N GLY BE 351 2.88 24.02 -102.04
CA GLY BE 351 1.93 23.58 -103.04
C GLY BE 351 2.40 23.70 -104.47
N LYS BE 352 3.57 24.28 -104.74
CA LYS BE 352 4.07 24.39 -106.11
C LYS BE 352 5.39 23.66 -106.24
N VAL BE 353 5.64 23.14 -107.44
CA VAL BE 353 6.79 22.31 -107.72
C VAL BE 353 7.85 23.15 -108.42
N MET BE 354 9.09 23.07 -107.94
CA MET BE 354 10.22 23.72 -108.58
C MET BE 354 11.29 22.68 -108.90
N GLN BE 355 11.84 22.76 -110.10
CA GLN BE 355 12.94 21.90 -110.52
C GLN BE 355 14.25 22.63 -110.32
N LEU BE 356 15.25 21.90 -109.83
CA LEU BE 356 16.59 22.46 -109.69
C LEU BE 356 17.61 21.43 -110.14
N LYS BE 357 18.78 21.92 -110.51
CA LYS BE 357 19.89 21.09 -110.95
C LYS BE 357 21.04 21.20 -109.95
N VAL BE 358 21.86 20.15 -109.90
CA VAL BE 358 23.06 20.14 -109.07
C VAL BE 358 24.10 19.27 -109.78
N GLU BE 359 25.36 19.55 -109.49
CA GLU BE 359 26.48 18.87 -110.14
C GLU BE 359 27.27 18.09 -109.10
N GLY BE 360 27.82 16.96 -109.52
CA GLY BE 360 28.59 16.11 -108.62
C GLY BE 360 29.92 16.71 -108.23
N UNK CE 1 50.34 56.93 -89.12
CA UNK CE 1 51.22 57.00 -87.96
C UNK CE 1 51.74 55.61 -87.60
N UNK CE 2 51.05 54.58 -88.08
CA UNK CE 2 51.40 53.18 -87.83
C UNK CE 2 51.47 52.47 -89.17
N UNK CE 3 52.64 52.54 -89.82
CA UNK CE 3 52.85 51.93 -91.12
C UNK CE 3 53.68 50.66 -90.95
N UNK CE 4 53.21 49.57 -91.55
CA UNK CE 4 53.85 48.26 -91.42
C UNK CE 4 55.05 48.10 -92.33
N UNK CE 5 55.32 49.06 -93.23
CA UNK CE 5 56.48 48.97 -94.10
C UNK CE 5 57.77 49.05 -93.29
N UNK CE 6 57.82 49.93 -92.30
CA UNK CE 6 58.98 50.01 -91.42
C UNK CE 6 59.14 48.75 -90.59
N UNK CE 7 58.01 48.16 -90.16
CA UNK CE 7 58.05 46.90 -89.41
C UNK CE 7 58.60 45.76 -90.26
N UNK CE 8 58.18 45.68 -91.52
CA UNK CE 8 58.68 44.66 -92.43
C UNK CE 8 60.16 44.87 -92.74
N UNK CE 9 60.58 46.12 -92.91
CA UNK CE 9 61.99 46.42 -93.15
C UNK CE 9 62.85 46.07 -91.93
N UNK CE 10 62.37 46.37 -90.72
CA UNK CE 10 63.10 46.02 -89.52
C UNK CE 10 63.17 44.51 -89.32
N UNK CE 11 62.08 43.80 -89.65
CA UNK CE 11 62.07 42.35 -89.54
C UNK CE 11 63.03 41.71 -90.53
N UNK CE 12 63.08 42.23 -91.76
CA UNK CE 12 64.04 41.73 -92.75
C UNK CE 12 65.47 42.06 -92.36
N UNK CE 13 65.69 43.21 -91.71
CA UNK CE 13 67.03 43.56 -91.25
C UNK CE 13 67.48 42.67 -90.10
N UNK CE 14 66.57 42.39 -89.16
CA UNK CE 14 66.91 41.53 -88.04
C UNK CE 14 66.94 40.05 -88.41
N UNK CE 15 66.35 39.67 -89.54
CA UNK CE 15 66.42 38.29 -89.98
C UNK CE 15 67.85 37.87 -90.34
N UNK CE 16 68.56 38.73 -91.06
CA UNK CE 16 69.96 38.48 -91.43
C UNK CE 16 70.78 39.66 -90.94
N UNK CE 17 71.19 39.61 -89.69
CA UNK CE 17 72.06 40.63 -89.12
C UNK CE 17 73.53 40.34 -89.35
N UNK CE 18 73.86 39.15 -89.87
CA UNK CE 18 75.23 38.66 -90.07
C UNK CE 18 76.06 38.70 -88.79
N UNK CE 19 75.40 38.45 -87.65
CA UNK CE 19 76.06 38.52 -86.34
C UNK CE 19 75.40 37.48 -85.44
N UNK CE 20 75.96 36.27 -85.44
CA UNK CE 20 75.50 35.19 -84.57
C UNK CE 20 76.74 34.38 -84.19
N UNK CE 21 77.32 34.71 -83.04
CA UNK CE 21 78.49 34.02 -82.54
C UNK CE 21 78.05 32.84 -81.69
N UNK CE 22 78.55 31.65 -82.05
CA UNK CE 22 78.22 30.42 -81.33
C UNK CE 22 79.50 29.81 -80.80
N UNK CE 23 79.56 29.62 -79.48
CA UNK CE 23 80.70 28.98 -78.83
C UNK CE 23 80.18 28.03 -77.77
N UNK CE 24 80.58 26.77 -77.86
CA UNK CE 24 80.18 25.75 -76.91
C UNK CE 24 81.35 25.37 -76.02
N UNK CE 25 81.02 24.69 -74.92
CA UNK CE 25 82.00 24.17 -73.99
C UNK CE 25 81.92 22.65 -73.98
N UNK CE 26 82.64 22.03 -73.06
CA UNK CE 26 82.63 20.58 -72.92
C UNK CE 26 82.22 20.24 -71.48
N UNK CE 27 82.16 18.94 -71.20
CA UNK CE 27 81.84 18.49 -69.85
C UNK CE 27 82.97 18.76 -68.86
N UNK CE 28 84.21 18.85 -69.35
CA UNK CE 28 85.34 19.24 -68.52
C UNK CE 28 85.79 20.67 -68.77
N UNK CE 29 84.87 21.51 -69.27
CA UNK CE 29 85.09 22.93 -69.54
C UNK CE 29 86.23 23.16 -70.54
N UNK CE 30 86.17 22.44 -71.66
CA UNK CE 30 87.08 22.65 -72.77
C UNK CE 30 86.42 23.59 -73.76
N UNK CE 31 87.12 24.66 -74.11
CA UNK CE 31 86.55 25.68 -74.99
C UNK CE 31 86.46 25.16 -76.43
N UNK CE 32 85.43 25.63 -77.13
CA UNK CE 32 85.19 25.22 -78.51
C UNK CE 32 84.41 26.34 -79.20
N UNK CE 33 85.12 27.15 -79.98
CA UNK CE 33 84.51 28.29 -80.67
C UNK CE 33 84.90 28.26 -82.14
N UNK CE 34 83.95 28.56 -83.01
CA UNK CE 34 84.16 28.66 -84.43
C UNK CE 34 83.86 30.09 -84.90
N UNK CE 35 83.95 30.31 -86.20
CA UNK CE 35 83.58 31.59 -86.78
C UNK CE 35 82.07 31.77 -86.73
N UNK CE 36 81.65 33.03 -86.57
CA UNK CE 36 80.24 33.36 -86.36
C UNK CE 36 79.45 33.14 -87.64
N UNK CE 37 78.73 32.02 -87.71
CA UNK CE 37 77.90 31.71 -88.85
C UNK CE 37 76.55 32.43 -88.74
N UNK CE 38 75.69 32.19 -89.74
CA UNK CE 38 74.36 32.78 -89.88
C UNK CE 38 74.35 34.32 -89.81
N UNK CE 39 78.47 18.98 -70.39
CA UNK CE 39 77.89 20.03 -71.23
C UNK CE 39 78.70 20.21 -72.50
N UNK CE 40 78.58 19.24 -73.41
CA UNK CE 40 79.34 19.27 -74.66
C UNK CE 40 78.82 20.32 -75.64
N UNK CE 41 77.65 20.89 -75.38
CA UNK CE 41 77.10 21.94 -76.24
C UNK CE 41 76.17 22.80 -75.41
N UNK CE 42 76.50 24.08 -75.28
CA UNK CE 42 75.60 25.01 -74.60
C UNK CE 42 74.40 25.31 -75.47
N UNK CE 43 73.20 25.17 -74.88
CA UNK CE 43 71.97 25.49 -75.60
C UNK CE 43 71.79 26.99 -75.77
N UNK CE 44 72.46 27.80 -74.93
CA UNK CE 44 72.45 29.25 -75.04
C UNK CE 44 73.75 29.78 -75.62
N UNK CE 45 74.33 29.07 -76.60
CA UNK CE 45 75.61 29.47 -77.15
C UNK CE 45 75.50 30.67 -78.08
N UNK CE 46 74.31 30.99 -78.57
CA UNK CE 46 74.15 32.05 -79.55
C UNK CE 46 74.24 33.42 -78.90
N UNK CE 47 75.00 34.32 -79.53
CA UNK CE 47 75.10 35.70 -79.10
C UNK CE 47 75.05 36.61 -80.32
N UNK CE 48 74.54 37.82 -80.14
CA UNK CE 48 74.42 38.78 -81.24
C UNK CE 48 75.78 39.34 -81.64
N ARG DE 207 107.09 -39.06 11.70
CA ARG DE 207 106.35 -38.51 12.83
C ARG DE 207 105.10 -37.76 12.38
N ILE DE 208 104.76 -36.69 13.09
CA ILE DE 208 103.55 -35.91 12.83
C ILE DE 208 103.97 -34.57 12.23
N ILE DE 209 103.38 -34.23 11.09
CA ILE DE 209 103.79 -33.08 10.31
C ILE DE 209 102.69 -32.03 10.34
N TYR DE 210 103.04 -30.82 10.73
CA TYR DE 210 102.11 -29.71 10.82
C TYR DE 210 102.23 -28.80 9.60
N TYR DE 211 101.13 -28.15 9.25
CA TYR DE 211 101.07 -27.21 8.15
C TYR DE 211 100.39 -25.93 8.62
N ILE DE 212 100.85 -24.81 8.09
CA ILE DE 212 100.26 -23.52 8.44
C ILE DE 212 98.91 -23.40 7.77
N GLN DE 213 97.88 -23.07 8.56
CA GLN DE 213 96.57 -22.73 8.03
C GLN DE 213 96.30 -21.23 8.06
N ALA DE 214 96.71 -20.56 9.11
CA ALA DE 214 96.57 -19.11 9.22
C ALA DE 214 97.69 -18.57 10.10
N VAL DE 215 98.18 -17.39 9.76
CA VAL DE 215 99.22 -16.76 10.56
C VAL DE 215 99.11 -15.23 10.49
N ILE DE 216 99.00 -14.61 11.65
CA ILE DE 216 99.06 -13.15 11.79
C ILE DE 216 100.18 -12.90 12.80
N PRO DE 217 100.64 -11.66 13.00
CA PRO DE 217 101.49 -11.40 14.16
C PRO DE 217 100.75 -11.67 15.45
N GLY DE 218 101.44 -12.29 16.39
CA GLY DE 218 100.87 -12.67 17.67
C GLY DE 218 100.32 -14.08 17.77
N ARG DE 219 99.47 -14.47 16.83
CA ARG DE 219 98.83 -15.78 16.86
C ARG DE 219 99.04 -16.50 15.53
N ALA DE 220 99.29 -17.81 15.60
CA ALA DE 220 99.48 -18.62 14.40
C ALA DE 220 98.63 -19.88 14.51
N TRP DE 221 98.21 -20.40 13.35
CA TRP DE 221 97.32 -21.55 13.29
C TRP DE 221 97.95 -22.67 12.47
N LEU DE 222 98.00 -23.86 13.06
CA LEU DE 222 98.59 -25.03 12.44
C LEU DE 222 97.59 -26.17 12.43
N ILE DE 223 97.79 -27.10 11.48
CA ILE DE 223 97.03 -28.33 11.41
C ILE DE 223 98.02 -29.47 11.20
N GLY DE 224 97.99 -30.46 12.09
CA GLY DE 224 98.94 -31.55 12.05
C GLY DE 224 98.59 -32.61 11.03
N SER DE 225 99.39 -33.68 11.04
CA SER DE 225 99.14 -34.81 10.14
C SER DE 225 97.87 -35.55 10.51
N ASN DE 226 97.48 -35.51 11.78
CA ASN DE 226 96.23 -36.08 12.25
C ASN DE 226 95.07 -35.11 12.15
N GLY DE 227 95.28 -33.94 11.56
CA GLY DE 227 94.25 -32.92 11.53
C GLY DE 227 94.15 -32.08 12.78
N SER DE 228 95.19 -32.07 13.61
CA SER DE 228 95.17 -31.31 14.86
C SER DE 228 95.29 -29.83 14.54
N THR DE 229 94.18 -29.11 14.71
CA THR DE 229 94.13 -27.67 14.45
C THR DE 229 94.32 -26.92 15.76
N LEU DE 230 95.26 -25.99 15.76
CA LEU DE 230 95.61 -25.29 16.99
C LEU DE 230 96.13 -23.91 16.67
N THR DE 231 96.11 -23.03 17.68
CA THR DE 231 96.69 -21.71 17.59
C THR DE 231 97.72 -21.55 18.70
N VAL DE 232 98.86 -20.96 18.35
CA VAL DE 232 100.00 -20.81 19.24
C VAL DE 232 100.52 -19.39 19.17
N ARG DE 233 101.28 -19.01 20.19
CA ARG DE 233 102.00 -17.76 20.21
C ARG DE 233 103.45 -17.99 19.84
N GLU DE 234 104.26 -16.92 19.94
CA GLU DE 234 105.68 -17.03 19.59
C GLU DE 234 106.45 -17.88 20.59
N GLY DE 235 106.26 -17.63 21.88
CA GLY DE 235 106.88 -18.49 22.87
C GLY DE 235 105.94 -19.63 23.22
N SER DE 236 106.11 -20.77 22.55
CA SER DE 236 105.15 -21.86 22.65
C SER DE 236 105.88 -23.19 22.62
N LYS DE 237 105.15 -24.23 23.01
CA LYS DE 237 105.67 -25.59 23.10
C LYS DE 237 104.86 -26.51 22.21
N ILE DE 238 105.54 -27.39 21.49
CA ILE DE 238 104.88 -28.35 20.61
C ILE DE 238 105.63 -29.68 20.71
N PRO DE 239 104.95 -30.78 21.02
CA PRO DE 239 105.61 -32.09 21.03
C PRO DE 239 106.06 -32.52 19.65
N GLY DE 240 107.22 -33.18 19.60
CA GLY DE 240 107.85 -33.54 18.35
C GLY DE 240 108.65 -32.43 17.72
N TYR DE 241 108.56 -31.21 18.23
CA TYR DE 241 109.23 -30.05 17.66
C TYR DE 241 109.89 -29.18 18.71
N GLY DE 242 109.73 -29.46 20.00
CA GLY DE 242 110.37 -28.66 21.02
C GLY DE 242 109.66 -27.35 21.24
N MET DE 243 110.43 -26.31 21.50
CA MET DE 243 109.90 -24.97 21.70
C MET DE 243 109.76 -24.28 20.35
N VAL DE 244 109.17 -23.09 20.37
CA VAL DE 244 109.05 -22.28 19.17
C VAL DE 244 109.98 -21.08 19.28
N LYS DE 245 110.83 -20.90 18.27
CA LYS DE 245 111.82 -19.84 18.27
C LYS DE 245 111.48 -18.65 17.38
N LEU DE 246 110.78 -18.87 16.26
CA LEU DE 246 110.52 -17.79 15.33
C LEU DE 246 109.26 -18.09 14.53
N ILE DE 247 108.34 -17.13 14.48
CA ILE DE 247 107.13 -17.19 13.67
C ILE DE 247 107.11 -15.97 12.75
N ASP DE 248 106.93 -16.22 11.44
CA ASP DE 248 106.90 -15.15 10.45
C ASP DE 248 105.52 -15.09 9.81
N SER DE 249 104.91 -13.91 9.82
CA SER DE 249 103.59 -13.73 9.22
C SER DE 249 103.68 -13.75 7.70
N LEU DE 250 104.64 -13.05 7.13
CA LEU DE 250 104.82 -13.05 5.68
C LEU DE 250 105.48 -14.34 5.23
N GLN DE 251 105.02 -14.86 4.10
CA GLN DE 251 105.56 -16.02 3.36
C GLN DE 251 105.46 -17.34 4.12
N GLY DE 252 104.86 -17.35 5.31
CA GLY DE 252 104.53 -18.57 6.04
C GLY DE 252 105.69 -19.47 6.43
N ARG DE 253 106.57 -19.00 7.31
CA ARG DE 253 107.64 -19.83 7.85
C ARG DE 253 107.63 -19.73 9.37
N ILE DE 254 107.52 -20.87 10.04
CA ILE DE 254 107.56 -20.93 11.50
C ILE DE 254 108.70 -21.87 11.89
N LEU DE 255 109.63 -21.37 12.70
CA LEU DE 255 110.77 -22.15 13.12
C LEU DE 255 110.55 -22.67 14.53
N THR DE 256 110.86 -23.94 14.75
CA THR DE 256 110.75 -24.54 16.07
C THR DE 256 112.14 -24.83 16.63
N SER DE 257 112.19 -25.21 17.90
CA SER DE 257 113.47 -25.41 18.57
C SER DE 257 114.09 -26.76 18.26
N SER DE 258 113.41 -27.65 17.54
CA SER DE 258 114.02 -28.87 17.07
C SER DE 258 114.70 -28.70 15.72
N GLY DE 259 114.78 -27.46 15.23
CA GLY DE 259 115.41 -27.21 13.96
C GLY DE 259 114.53 -27.45 12.76
N GLN DE 260 113.21 -27.38 12.92
CA GLN DE 260 112.29 -27.69 11.84
C GLN DE 260 111.46 -26.46 11.48
N VAL DE 261 111.05 -26.42 10.21
CA VAL DE 261 110.29 -25.30 9.66
C VAL DE 261 108.91 -25.80 9.26
N ILE DE 262 107.88 -25.08 9.70
CA ILE DE 262 106.51 -25.36 9.34
C ILE DE 262 106.05 -24.28 8.37
N LYS DE 263 105.44 -24.69 7.27
CA LYS DE 263 104.96 -23.79 6.24
C LYS DE 263 103.55 -24.21 5.87
N PHE DE 264 103.06 -23.68 4.76
CA PHE DE 264 101.79 -24.14 4.20
C PHE DE 264 102.01 -25.46 3.44
N SER DE 265 100.91 -26.09 3.08
CA SER DE 265 100.98 -27.29 2.25
C SER DE 265 101.45 -26.94 0.85
N GLN DE 266 102.26 -27.81 0.27
CA GLN DE 266 102.80 -27.55 -1.07
C GLN DE 266 101.71 -27.65 -2.13
N GLU DE 267 100.97 -28.76 -2.15
CA GLU DE 267 99.92 -28.93 -3.14
C GLU DE 267 98.68 -28.13 -2.79
N ASP DE 268 98.46 -27.84 -1.51
CA ASP DE 268 97.34 -27.03 -1.05
C ASP DE 268 97.92 -25.70 -0.59
N SER DE 269 98.12 -24.80 -1.55
CA SER DE 269 98.79 -23.54 -1.28
C SER DE 269 98.04 -22.37 -1.89
N CYS EE 42 -43.88 -11.94 148.65
CA CYS EE 42 -43.71 -12.41 147.28
C CYS EE 42 -42.28 -12.17 146.80
N PHE EE 43 -42.11 -11.34 145.78
CA PHE EE 43 -40.81 -10.99 145.26
C PHE EE 43 -40.82 -9.54 144.80
N HIS EE 44 -39.66 -8.90 144.87
CA HIS EE 44 -39.47 -7.56 144.34
C HIS EE 44 -38.30 -7.58 143.36
N PRO EE 45 -38.55 -7.34 142.07
CA PRO EE 45 -37.49 -7.50 141.03
C PRO EE 45 -36.32 -6.54 141.19
N PRO EE 46 -36.46 -5.37 141.87
CA PRO EE 46 -35.24 -4.74 142.39
C PRO EE 46 -34.66 -5.43 143.62
N TYR EE 47 -34.19 -6.66 143.43
CA TYR EE 47 -33.31 -7.40 144.35
C TYR EE 47 -33.94 -7.61 145.72
N ASN EE 48 -35.27 -7.61 145.75
CA ASN EE 48 -36.08 -7.69 146.98
C ASN EE 48 -35.73 -6.61 148.00
N ASN EE 49 -35.26 -5.46 147.49
CA ASN EE 49 -34.66 -4.39 148.29
C ASN EE 49 -33.57 -4.90 149.22
N PHE EE 50 -32.74 -5.80 148.68
CA PHE EE 50 -31.61 -6.44 149.36
C PHE EE 50 -32.06 -7.18 150.62
N GLN EE 51 -32.95 -8.14 150.42
CA GLN EE 51 -33.45 -8.99 151.49
C GLN EE 51 -33.40 -10.45 151.06
N PRO EE 52 -33.23 -11.37 152.00
CA PRO EE 52 -33.21 -12.79 151.65
C PRO EE 52 -34.56 -13.29 151.14
N ASP EE 53 -34.50 -14.23 150.21
CA ASP EE 53 -35.68 -14.73 149.52
C ASP EE 53 -36.31 -15.89 150.28
N ARG EE 54 -37.63 -15.93 150.27
CA ARG EE 54 -38.41 -17.03 150.82
C ARG EE 54 -39.17 -17.67 149.66
N ARG EE 55 -38.53 -18.64 149.00
CA ARG EE 55 -39.10 -19.26 147.81
C ARG EE 55 -39.77 -20.60 148.11
N ALA EE 56 -39.35 -21.28 149.18
CA ALA EE 56 -39.94 -22.57 149.52
C ALA EE 56 -41.40 -22.44 149.95
N VAL EE 57 -41.74 -21.33 150.61
CA VAL EE 57 -43.13 -21.09 150.98
C VAL EE 57 -43.98 -20.85 149.74
N LYS EE 58 -43.42 -20.17 148.74
CA LYS EE 58 -44.11 -19.99 147.46
C LYS EE 58 -44.31 -21.32 146.76
N ARG EE 59 -43.30 -22.19 146.81
CA ARG EE 59 -43.38 -23.50 146.18
C ARG EE 59 -44.45 -24.37 146.84
N VAL EE 60 -44.48 -24.39 148.18
CA VAL EE 60 -45.46 -25.24 148.85
C VAL EE 60 -46.86 -24.63 148.75
N GLY EE 61 -46.97 -23.31 148.64
CA GLY EE 61 -48.26 -22.70 148.39
C GLY EE 61 -48.81 -23.03 147.02
N VAL EE 62 -47.93 -23.06 146.00
CA VAL EE 62 -48.35 -23.49 144.67
C VAL EE 62 -48.74 -24.96 144.69
N ASP EE 63 -47.96 -25.80 145.37
CA ASP EE 63 -48.19 -27.24 145.32
C ASP EE 63 -49.42 -27.66 146.11
N THR EE 64 -49.72 -26.99 147.23
CA THR EE 64 -50.94 -27.29 147.97
C THR EE 64 -52.10 -26.39 147.59
N GLY EE 65 -51.91 -25.48 146.64
CA GLY EE 65 -53.02 -24.69 146.13
C GLY EE 65 -53.93 -25.48 145.22
N GLY EE 88 -49.11 -30.84 146.72
CA GLY EE 88 -48.43 -31.72 147.64
C GLY EE 88 -47.37 -31.02 148.46
N GLY EE 89 -47.59 -30.97 149.78
CA GLY EE 89 -46.61 -30.34 150.66
C GLY EE 89 -45.31 -31.11 150.73
N THR EE 90 -45.40 -32.45 150.73
CA THR EE 90 -44.20 -33.27 150.79
C THR EE 90 -43.37 -33.18 149.51
N VAL EE 91 -44.03 -33.21 148.36
CA VAL EE 91 -43.30 -33.09 147.10
C VAL EE 91 -42.75 -31.67 146.94
N GLY EE 92 -43.46 -30.66 147.47
CA GLY EE 92 -42.92 -29.32 147.46
C GLY EE 92 -41.70 -29.16 148.34
N LEU EE 93 -41.72 -29.79 149.53
CA LEU EE 93 -40.57 -29.75 150.42
C LEU EE 93 -39.37 -30.46 149.83
N VAL EE 94 -39.57 -31.65 149.24
CA VAL EE 94 -38.43 -32.36 148.69
C VAL EE 94 -37.93 -31.70 147.41
N ALA EE 95 -38.83 -31.03 146.66
CA ALA EE 95 -38.39 -30.27 145.50
C ALA EE 95 -37.58 -29.05 145.92
N SER EE 96 -37.97 -28.40 147.01
CA SER EE 96 -37.21 -27.26 147.52
C SER EE 96 -35.84 -27.68 148.02
N ILE EE 97 -35.77 -28.78 148.78
CA ILE EE 97 -34.46 -29.22 149.26
C ILE EE 97 -33.65 -29.87 148.15
N TYR EE 98 -34.27 -30.24 147.03
CA TYR EE 98 -33.51 -30.65 145.86
C TYR EE 98 -32.94 -29.45 145.13
N ARG EE 99 -33.77 -28.43 144.90
CA ARG EE 99 -33.34 -27.30 144.10
C ARG EE 99 -32.42 -26.35 144.85
N ASP EE 100 -32.43 -26.37 146.19
CA ASP EE 100 -31.50 -25.52 146.91
C ASP EE 100 -30.13 -26.17 147.06
N SER EE 101 -29.99 -27.43 146.67
CA SER EE 101 -28.71 -28.09 146.69
C SER EE 101 -27.77 -27.45 145.68
N LYS EE 102 -26.47 -27.51 145.99
CA LYS EE 102 -25.46 -26.72 145.30
C LYS EE 102 -25.25 -27.14 143.86
N ARG EE 103 -25.56 -28.40 143.52
CA ARG EE 103 -25.45 -28.86 142.15
C ARG EE 103 -26.40 -28.12 141.23
N LYS EE 104 -27.64 -27.92 141.70
CA LYS EE 104 -28.63 -27.16 140.92
C LYS EE 104 -28.20 -25.72 140.74
N ILE EE 105 -27.62 -25.12 141.78
CA ILE EE 105 -27.19 -23.73 141.72
C ILE EE 105 -26.01 -23.57 140.75
N ILE EE 106 -25.06 -24.49 140.81
CA ILE EE 106 -23.92 -24.45 139.91
C ILE EE 106 -24.36 -24.71 138.48
N ARG EE 107 -25.34 -25.61 138.28
CA ARG EE 107 -25.84 -25.88 136.95
C ARG EE 107 -26.59 -24.69 136.37
N ASP EE 108 -27.34 -23.97 137.21
CA ASP EE 108 -27.99 -22.76 136.73
C ASP EE 108 -26.99 -21.66 136.45
N LEU EE 109 -25.94 -21.58 137.27
CA LEU EE 109 -24.89 -20.59 137.02
C LEU EE 109 -24.07 -20.93 135.79
N GLN EE 110 -24.04 -22.21 135.39
CA GLN EE 110 -23.40 -22.59 134.14
C GLN EE 110 -24.33 -22.41 132.95
N LYS EE 111 -25.64 -22.47 133.18
CA LYS EE 111 -26.57 -21.99 132.17
C LYS EE 111 -26.39 -20.49 131.95
N GLN EE 112 -26.14 -19.76 133.03
CA GLN EE 112 -25.64 -18.41 132.91
C GLN EE 112 -24.19 -18.44 132.43
N ASP EE 113 -23.71 -17.29 131.97
CA ASP EE 113 -22.39 -17.25 131.33
C ASP EE 113 -21.30 -16.97 132.35
N ILE EE 114 -21.21 -17.84 133.35
CA ILE EE 114 -20.29 -17.66 134.47
C ILE EE 114 -19.41 -18.90 134.55
N GLN EE 115 -18.09 -18.69 134.70
CA GLN EE 115 -17.17 -19.81 134.81
C GLN EE 115 -16.83 -20.07 136.26
N TYR EE 116 -16.87 -21.32 136.68
CA TYR EE 116 -16.59 -21.71 138.06
C TYR EE 116 -15.48 -22.75 138.09
N VAL EE 117 -14.51 -22.55 138.98
CA VAL EE 117 -13.42 -23.49 139.16
C VAL EE 117 -13.28 -23.82 140.64
N GLU EE 118 -13.27 -25.12 140.95
CA GLU EE 118 -12.87 -25.60 142.26
C GLU EE 118 -11.65 -26.50 142.11
N TYR EE 119 -10.59 -26.18 142.85
CA TYR EE 119 -9.36 -26.95 142.78
C TYR EE 119 -8.59 -26.73 144.07
N GLY EE 120 -8.32 -27.82 144.79
CA GLY EE 120 -7.64 -27.67 146.07
C GLY EE 120 -8.55 -27.06 147.11
N ASP EE 121 -8.00 -26.16 147.92
CA ASP EE 121 -8.75 -25.45 148.93
C ASP EE 121 -9.25 -24.09 148.44
N THR EE 122 -8.97 -23.74 147.19
CA THR EE 122 -9.30 -22.43 146.64
C THR EE 122 -10.40 -22.57 145.60
N ARG EE 123 -11.32 -21.63 145.60
CA ARG EE 123 -12.42 -21.63 144.64
C ARG EE 123 -12.51 -20.27 143.96
N THR EE 124 -12.68 -20.28 142.64
CA THR EE 124 -12.64 -19.08 141.83
C THR EE 124 -13.85 -19.00 140.90
N LEU EE 125 -14.25 -17.76 140.61
CA LEU EE 125 -15.36 -17.44 139.74
C LEU EE 125 -14.91 -16.42 138.70
N ILE EE 126 -15.46 -16.54 137.50
CA ILE EE 126 -15.09 -15.69 136.38
C ILE EE 126 -16.37 -15.11 135.78
N ILE EE 127 -16.43 -13.78 135.72
CA ILE EE 127 -17.59 -13.02 135.27
C ILE EE 127 -17.22 -12.23 134.01
N PRO EE 128 -18.06 -12.22 132.98
CA PRO EE 128 -17.75 -11.41 131.79
C PRO EE 128 -18.25 -9.96 131.89
N THR EE 129 -17.29 -9.04 131.69
CA THR EE 129 -17.58 -7.61 131.83
C THR EE 129 -18.56 -7.14 130.77
N ASP EE 130 -18.40 -7.63 129.55
CA ASP EE 130 -19.18 -7.13 128.42
C ASP EE 130 -20.63 -7.55 128.53
N LYS EE 131 -20.89 -8.74 129.04
CA LYS EE 131 -22.25 -9.20 129.23
C LYS EE 131 -22.79 -8.91 130.61
N TYR EE 132 -21.99 -8.34 131.51
CA TYR EE 132 -22.47 -8.06 132.85
C TYR EE 132 -22.40 -6.59 133.25
N PHE EE 133 -21.98 -5.70 132.36
CA PHE EE 133 -21.93 -4.29 132.70
C PHE EE 133 -22.33 -3.45 131.50
N MET EE 134 -22.73 -2.21 131.78
CA MET EE 134 -22.86 -1.23 130.73
C MET EE 134 -21.48 -0.91 130.16
N PHE EE 135 -21.46 -0.57 128.88
CA PHE EE 135 -20.21 -0.46 128.15
C PHE EE 135 -19.40 0.74 128.61
N SER EE 136 -18.10 0.50 128.85
CA SER EE 136 -17.10 1.52 129.17
C SER EE 136 -17.45 2.30 130.43
N SER EE 137 -18.12 1.65 131.38
CA SER EE 137 -18.59 2.34 132.55
C SER EE 137 -18.74 1.35 133.68
N PRO EE 138 -18.37 1.74 134.91
CA PRO EE 138 -18.59 0.85 136.06
C PRO EE 138 -20.03 0.81 136.55
N ARG EE 139 -20.94 1.54 135.90
CA ARG EE 139 -22.35 1.42 136.22
C ARG EE 139 -22.86 0.04 135.81
N LEU EE 140 -23.57 -0.61 136.72
CA LEU EE 140 -23.96 -2.00 136.55
C LEU EE 140 -25.13 -2.13 135.59
N ASN EE 141 -25.02 -3.07 134.66
CA ASN EE 141 -26.19 -3.47 133.87
C ASN EE 141 -27.16 -4.25 134.75
N GLU EE 142 -28.44 -3.89 134.68
CA GLU EE 142 -29.42 -4.41 135.62
C GLU EE 142 -29.95 -5.79 135.25
N ILE EE 143 -29.75 -6.24 134.01
CA ILE EE 143 -30.51 -7.38 133.51
C ILE EE 143 -30.02 -8.72 134.05
N CYS EE 144 -28.84 -8.77 134.66
CA CYS EE 144 -28.25 -10.02 135.11
C CYS EE 144 -28.61 -10.34 136.55
N TYR EE 145 -29.68 -9.75 137.07
CA TYR EE 145 -30.06 -9.97 138.46
C TYR EE 145 -30.43 -11.41 138.84
N PRO EE 146 -30.90 -12.31 137.94
CA PRO EE 146 -30.85 -13.73 138.32
C PRO EE 146 -29.45 -14.24 138.59
N GLY EE 147 -28.46 -13.76 137.81
CA GLY EE 147 -27.08 -14.13 138.07
C GLY EE 147 -26.58 -13.58 139.39
N LEU EE 148 -26.98 -12.35 139.73
CA LEU EE 148 -26.58 -11.77 141.00
C LEU EE 148 -27.22 -12.51 142.19
N ASN EE 149 -28.49 -12.92 142.04
CA ASN EE 149 -29.14 -13.70 143.09
C ASN EE 149 -28.48 -15.07 143.24
N ASN EE 150 -28.11 -15.68 142.12
CA ASN EE 150 -27.42 -16.97 142.17
C ASN EE 150 -26.06 -16.86 142.83
N VAL EE 151 -25.31 -15.79 142.53
CA VAL EE 151 -23.97 -15.70 143.11
C VAL EE 151 -24.04 -15.32 144.58
N ILE EE 152 -25.10 -14.60 144.99
CA ILE EE 152 -25.27 -14.31 146.41
C ILE EE 152 -25.64 -15.59 147.17
N ARG EE 153 -26.55 -16.39 146.61
CA ARG EE 153 -26.91 -17.66 147.22
C ARG EE 153 -25.73 -18.62 147.27
N LEU EE 154 -24.86 -18.59 146.25
CA LEU EE 154 -23.68 -19.44 146.28
C LEU EE 154 -22.66 -18.96 147.31
N LEU EE 155 -22.43 -17.65 147.38
CA LEU EE 155 -21.42 -17.14 148.29
C LEU EE 155 -21.90 -17.07 149.73
N ASN EE 156 -23.18 -17.38 149.98
CA ASN EE 156 -23.63 -17.58 151.36
C ASN EE 156 -22.87 -18.71 152.06
N PHE EE 157 -22.50 -19.75 151.32
CA PHE EE 157 -22.07 -21.01 151.93
C PHE EE 157 -20.69 -20.98 152.57
N TYR EE 158 -19.90 -19.92 152.39
CA TYR EE 158 -18.55 -19.86 152.95
C TYR EE 158 -18.38 -18.57 153.76
N PRO EE 159 -18.95 -18.50 154.96
CA PRO EE 159 -18.92 -17.26 155.74
C PRO EE 159 -17.64 -17.00 156.52
N GLN EE 160 -16.52 -17.65 156.20
CA GLN EE 160 -15.30 -17.47 156.98
C GLN EE 160 -14.16 -16.86 156.19
N SER EE 161 -13.84 -17.42 155.02
CA SER EE 161 -12.61 -17.06 154.33
C SER EE 161 -12.70 -15.68 153.70
N THR EE 162 -11.54 -15.07 153.50
CA THR EE 162 -11.44 -13.76 152.87
C THR EE 162 -11.77 -13.87 151.39
N ILE EE 163 -12.11 -12.72 150.80
CA ILE EE 163 -12.51 -12.64 149.41
C ILE EE 163 -11.54 -11.74 148.67
N TYR EE 164 -10.99 -12.25 147.57
CA TYR EE 164 -10.22 -11.44 146.64
C TYR EE 164 -11.06 -11.22 145.39
N VAL EE 165 -11.15 -9.97 144.95
CA VAL EE 165 -11.81 -9.65 143.69
C VAL EE 165 -10.86 -8.83 142.84
N ALA EE 166 -10.72 -9.20 141.57
CA ALA EE 166 -9.78 -8.56 140.66
C ALA EE 166 -10.44 -8.34 139.31
N GLY EE 167 -9.98 -7.31 138.63
CA GLY EE 167 -10.53 -6.93 137.34
C GLY EE 167 -9.47 -6.99 136.26
N PHE EE 168 -9.87 -7.40 135.06
CA PHE EE 168 -8.94 -7.52 133.96
C PHE EE 168 -9.59 -7.02 132.68
N THR EE 169 -8.77 -6.41 131.82
CA THR EE 169 -9.26 -5.77 130.61
C THR EE 169 -8.47 -6.22 129.39
N ASP EE 170 -8.69 -5.58 128.25
CA ASP EE 170 -7.93 -5.80 127.05
C ASP EE 170 -6.81 -4.77 126.95
N ASN EE 171 -6.09 -4.78 125.84
CA ASN EE 171 -4.81 -4.09 125.70
C ASN EE 171 -4.89 -2.84 124.83
N VAL EE 172 -5.99 -2.11 124.93
CA VAL EE 172 -6.23 -0.96 124.05
C VAL EE 172 -6.50 0.27 124.91
N GLY EE 173 -5.80 1.36 124.61
CA GLY EE 173 -5.95 2.60 125.34
C GLY EE 173 -4.72 2.90 126.20
N SER EE 174 -4.84 3.96 126.99
CA SER EE 174 -3.80 4.33 127.93
C SER EE 174 -3.71 3.31 129.06
N ARG EE 175 -2.47 3.09 129.52
CA ARG EE 175 -2.24 2.19 130.65
C ARG EE 175 -2.93 2.71 131.90
N SER EE 176 -2.83 4.03 132.14
CA SER EE 176 -3.52 4.66 133.24
C SER EE 176 -5.03 4.52 133.11
N HIS EE 177 -5.53 4.65 131.88
CA HIS EE 177 -6.98 4.52 131.64
C HIS EE 177 -7.47 3.11 131.93
N LYS EE 178 -6.72 2.10 131.48
CA LYS EE 178 -7.08 0.71 131.76
C LYS EE 178 -7.05 0.43 133.25
N ARG EE 179 -6.03 0.94 133.94
CA ARG EE 179 -5.93 0.74 135.39
C ARG EE 179 -7.09 1.40 136.13
N LYS EE 180 -7.46 2.61 135.70
CA LYS EE 180 -8.58 3.32 136.33
C LYS EE 180 -9.90 2.59 136.11
N LEU EE 181 -10.14 2.12 134.88
CA LEU EE 181 -11.38 1.41 134.59
C LEU EE 181 -11.46 0.09 135.34
N SER EE 182 -10.31 -0.61 135.44
CA SER EE 182 -10.26 -1.87 136.17
C SER EE 182 -10.52 -1.65 137.65
N GLN EE 183 -9.94 -0.59 138.22
CA GLN EE 183 -10.17 -0.29 139.62
C GLN EE 183 -11.61 0.10 139.88
N ALA EE 184 -12.23 0.82 138.93
CA ALA EE 184 -13.63 1.20 139.07
C ALA EE 184 -14.54 -0.02 139.04
N GLN EE 185 -14.28 -0.97 138.13
CA GLN EE 185 -15.08 -2.19 138.07
C GLN EE 185 -14.90 -3.02 139.33
N ALA EE 186 -13.67 -3.09 139.84
CA ALA EE 186 -13.42 -3.81 141.09
C ALA EE 186 -14.11 -3.16 142.27
N GLU EE 187 -14.11 -1.82 142.31
CA GLU EE 187 -14.77 -1.09 143.39
C GLU EE 187 -16.27 -1.32 143.37
N THR EE 188 -16.87 -1.33 142.18
CA THR EE 188 -18.31 -1.60 142.08
C THR EE 188 -18.63 -3.04 142.48
N MET EE 189 -17.77 -3.99 142.10
CA MET EE 189 -18.01 -5.38 142.47
C MET EE 189 -17.90 -5.60 143.97
N MET EE 190 -16.89 -5.02 144.61
CA MET EE 190 -16.78 -5.15 146.05
C MET EE 190 -17.85 -4.35 146.77
N THR EE 191 -18.36 -3.29 146.15
CA THR EE 191 -19.51 -2.58 146.70
C THR EE 191 -20.75 -3.48 146.71
N PHE EE 192 -20.99 -4.18 145.61
CA PHE EE 192 -22.13 -5.10 145.58
C PHE EE 192 -21.94 -6.27 146.52
N LEU EE 193 -20.69 -6.69 146.74
CA LEU EE 193 -20.42 -7.73 147.73
C LEU EE 193 -20.71 -7.23 149.14
N TRP EE 194 -20.34 -5.99 149.44
CA TRP EE 194 -20.63 -5.42 150.75
C TRP EE 194 -22.12 -5.15 150.92
N ALA EE 195 -22.83 -4.95 149.82
CA ALA EE 195 -24.26 -4.60 149.88
C ALA EE 195 -25.13 -5.70 150.44
N ASN EE 196 -24.66 -6.94 150.44
CA ASN EE 196 -25.42 -8.04 150.99
C ASN EE 196 -24.95 -8.44 152.38
N GLY EE 197 -24.20 -7.56 153.05
CA GLY EE 197 -23.88 -7.77 154.44
C GLY EE 197 -22.52 -8.35 154.73
N ILE EE 198 -21.67 -8.54 153.72
CA ILE EE 198 -20.34 -9.07 153.96
C ILE EE 198 -19.49 -7.99 154.61
N ALA EE 199 -18.79 -8.35 155.68
CA ALA EE 199 -17.99 -7.40 156.44
C ALA EE 199 -16.80 -6.91 155.62
N ALA EE 200 -16.44 -5.64 155.83
CA ALA EE 200 -15.41 -4.99 155.06
C ALA EE 200 -14.01 -5.52 155.37
N LYS EE 201 -13.83 -6.22 156.48
CA LYS EE 201 -12.55 -6.83 156.78
C LYS EE 201 -12.32 -8.11 155.97
N ARG EE 202 -13.34 -8.62 155.29
CA ARG EE 202 -13.21 -9.81 154.46
C ARG EE 202 -12.97 -9.49 153.00
N LEU EE 203 -12.69 -8.24 152.68
CA LEU EE 203 -12.66 -7.78 151.30
C LEU EE 203 -11.28 -7.35 150.86
N LYS EE 204 -10.99 -7.55 149.58
CA LYS EE 204 -9.79 -7.03 148.94
C LYS EE 204 -10.08 -6.89 147.46
N ALA EE 205 -10.07 -5.65 146.98
CA ALA EE 205 -10.39 -5.35 145.60
C ALA EE 205 -9.15 -4.84 144.87
N GLU EE 206 -8.96 -5.31 143.65
CA GLU EE 206 -7.81 -4.92 142.85
C GLU EE 206 -8.15 -5.03 141.37
N GLY EE 207 -7.95 -3.94 140.64
CA GLY EE 207 -8.13 -3.99 139.21
C GLY EE 207 -6.81 -3.97 138.46
N TYR EE 208 -6.36 -5.11 137.97
CA TYR EE 208 -5.13 -5.15 137.22
C TYR EE 208 -5.38 -4.70 135.78
N GLY EE 209 -4.29 -4.43 135.08
CA GLY EE 209 -4.37 -4.08 133.68
C GLY EE 209 -4.28 -5.32 132.83
N ASP EE 210 -3.15 -5.53 132.16
CA ASP EE 210 -2.97 -6.65 131.26
C ASP EE 210 -1.69 -7.41 131.56
N LYS EE 211 -1.27 -7.45 132.82
CA LYS EE 211 -0.03 -8.14 133.16
C LYS EE 211 -0.20 -9.65 133.23
N ASN EE 212 -1.42 -10.16 133.21
CA ASN EE 212 -1.67 -11.61 133.20
C ASN EE 212 -2.87 -11.85 132.29
N ALA EE 213 -2.58 -12.09 131.02
CA ALA EE 213 -3.62 -12.32 130.02
C ALA EE 213 -3.79 -13.83 129.87
N ILE EE 214 -4.90 -14.35 130.39
CA ILE EE 214 -5.19 -15.77 130.25
C ILE EE 214 -5.49 -16.10 128.79
N SER EE 215 -6.33 -15.31 128.16
CA SER EE 215 -6.54 -15.42 126.74
C SER EE 215 -5.53 -14.54 126.02
N ASP EE 216 -5.61 -14.51 124.69
CA ASP EE 216 -4.66 -13.79 123.86
C ASP EE 216 -5.37 -12.66 123.14
N ASN EE 217 -4.80 -11.45 123.24
CA ASN EE 217 -5.41 -10.27 122.65
C ASN EE 217 -5.11 -10.09 121.18
N ALA EE 218 -4.28 -10.95 120.59
CA ALA EE 218 -3.96 -10.85 119.18
C ALA EE 218 -5.11 -11.28 118.29
N ILE EE 219 -6.12 -11.95 118.83
CA ILE EE 219 -7.28 -12.37 118.07
C ILE EE 219 -8.53 -11.83 118.76
N ILE EE 220 -9.63 -11.77 118.00
CA ILE EE 220 -10.82 -11.07 118.45
C ILE EE 220 -11.52 -11.83 119.57
N HIS EE 221 -11.67 -13.15 119.41
CA HIS EE 221 -12.40 -13.93 120.40
C HIS EE 221 -11.61 -14.04 121.70
N GLY EE 222 -10.30 -14.22 121.59
CA GLY EE 222 -9.46 -14.16 122.78
C GLY EE 222 -9.44 -12.79 123.42
N SER EE 223 -9.54 -11.74 122.60
CA SER EE 223 -9.63 -10.39 123.14
C SER EE 223 -10.92 -10.20 123.93
N ALA EE 224 -12.01 -10.77 123.43
CA ALA EE 224 -13.28 -10.74 124.17
C ALA EE 224 -13.18 -11.55 125.45
N GLN EE 225 -12.53 -12.71 125.39
CA GLN EE 225 -12.44 -13.58 126.55
C GLN EE 225 -11.44 -13.09 127.58
N ASN EE 226 -10.53 -12.19 127.21
CA ASN EE 226 -9.49 -11.79 128.14
C ASN EE 226 -10.03 -10.90 129.25
N ARG EE 227 -10.89 -9.94 128.90
CA ARG EE 227 -11.44 -9.05 129.92
C ARG EE 227 -12.44 -9.80 130.79
N ARG EE 228 -12.28 -9.69 132.10
CA ARG EE 228 -12.95 -10.60 133.02
C ARG EE 228 -12.96 -10.01 134.41
N ILE EE 229 -13.77 -10.63 135.26
CA ILE EE 229 -13.77 -10.36 136.70
C ILE EE 229 -13.44 -11.68 137.40
N GLU EE 230 -12.38 -11.65 138.20
CA GLU EE 230 -11.86 -12.82 138.90
C GLU EE 230 -12.24 -12.74 140.37
N ILE EE 231 -12.81 -13.84 140.89
CA ILE EE 231 -13.21 -13.95 142.28
C ILE EE 231 -12.44 -15.13 142.86
N GLN EE 232 -11.70 -14.89 143.94
CA GLN EE 232 -10.95 -15.94 144.62
C GLN EE 232 -11.40 -16.01 146.07
N TRP EE 233 -11.54 -17.23 146.58
CA TRP EE 233 -11.61 -17.38 148.03
C TRP EE 233 -10.88 -18.64 148.47
N PHE EE 234 -10.34 -18.57 149.68
CA PHE EE 234 -9.59 -19.64 150.30
C PHE EE 234 -10.55 -20.51 151.11
N THR EE 235 -10.00 -21.37 151.97
CA THR EE 235 -10.80 -22.16 152.90
C THR EE 235 -10.55 -21.78 154.34
N SER EE 236 -9.30 -21.78 154.79
CA SER EE 236 -8.97 -21.44 156.16
C SER EE 236 -7.63 -20.72 156.26
N ILE FE 862 22.30 -57.29 -30.37
CA ILE FE 862 21.15 -56.67 -31.03
C ILE FE 862 20.09 -57.73 -31.33
N ILE FE 863 18.88 -57.48 -30.85
CA ILE FE 863 17.72 -58.32 -31.13
C ILE FE 863 16.67 -57.47 -31.80
N LYS FE 864 16.16 -57.94 -32.95
CA LYS FE 864 15.23 -57.18 -33.76
C LYS FE 864 13.89 -57.01 -33.07
N THR FE 865 13.10 -56.06 -33.55
CA THR FE 865 11.84 -55.71 -32.92
C THR FE 865 10.79 -56.78 -33.22
N GLY FE 866 10.63 -57.72 -32.29
CA GLY FE 866 9.59 -58.73 -32.39
C GLY FE 866 9.86 -59.96 -33.20
N ASP FE 867 10.87 -60.74 -32.81
CA ASP FE 867 11.11 -62.06 -33.37
C ASP FE 867 11.00 -63.10 -32.25
N ILE FE 868 11.33 -64.35 -32.60
CA ILE FE 868 10.99 -65.51 -31.78
C ILE FE 868 12.26 -66.16 -31.26
N MET FE 869 12.24 -66.61 -30.01
CA MET FE 869 13.27 -67.42 -29.38
C MET FE 869 12.58 -68.48 -28.53
N PHE FE 870 13.33 -69.49 -28.10
CA PHE FE 870 12.79 -70.58 -27.27
C PHE FE 870 13.28 -70.42 -25.84
N ALA FE 871 12.60 -71.08 -24.92
CA ALA FE 871 13.02 -71.10 -23.52
C ALA FE 871 12.49 -72.38 -22.87
N VAL FE 872 13.11 -72.76 -21.76
CA VAL FE 872 12.77 -73.99 -21.04
C VAL FE 872 12.33 -73.61 -19.64
N LEU FE 873 11.15 -74.08 -19.24
CA LEU FE 873 10.56 -73.76 -17.95
C LEU FE 873 10.60 -74.99 -17.04
N ASP FE 874 10.96 -74.75 -15.78
CA ASP FE 874 11.25 -75.83 -14.86
C ASP FE 874 10.48 -75.72 -13.55
N THR FE 875 9.99 -74.51 -13.22
CA THR FE 875 9.31 -74.30 -11.95
C THR FE 875 7.89 -73.80 -12.18
N SER FE 876 6.90 -74.58 -11.75
CA SER FE 876 5.50 -74.29 -12.01
C SER FE 876 4.89 -73.39 -10.94
N VAL FE 877 3.68 -72.91 -11.21
CA VAL FE 877 2.95 -72.04 -10.29
C VAL FE 877 1.46 -72.18 -10.61
N ASN FE 878 0.64 -72.22 -9.57
CA ASN FE 878 -0.80 -72.19 -9.72
C ASN FE 878 -1.26 -70.74 -9.85
N SER FE 879 -2.41 -70.56 -10.51
CA SER FE 879 -2.92 -69.21 -10.75
C SER FE 879 -3.73 -68.70 -9.56
N ASP FE 880 -3.11 -68.63 -8.40
CA ASP FE 880 -3.81 -68.19 -7.20
C ASP FE 880 -3.13 -67.04 -6.47
N GLU FE 881 -1.82 -67.07 -6.35
CA GLU FE 881 -1.08 -65.99 -5.69
C GLU FE 881 0.06 -65.57 -6.61
N PRO FE 882 0.16 -64.29 -6.96
CA PRO FE 882 1.26 -63.83 -7.81
C PRO FE 882 2.60 -63.97 -7.12
N GLY FE 883 3.62 -64.29 -7.91
CA GLY FE 883 4.93 -64.52 -7.38
C GLY FE 883 6.00 -64.59 -8.45
N PRO FE 884 7.26 -64.55 -8.02
CA PRO FE 884 8.37 -64.63 -8.99
C PRO FE 884 8.50 -66.01 -9.58
N ILE FE 885 8.67 -66.06 -10.89
CA ILE FE 885 8.91 -67.31 -11.61
C ILE FE 885 9.99 -67.04 -12.65
N LEU FE 886 10.90 -68.00 -12.83
CA LEU FE 886 12.03 -67.84 -13.73
C LEU FE 886 11.94 -68.87 -14.86
N ALA FE 887 12.30 -68.44 -16.06
CA ALA FE 887 12.46 -69.29 -17.23
C ALA FE 887 13.92 -69.22 -17.68
N THR FE 888 14.33 -70.25 -18.43
CA THR FE 888 15.73 -70.41 -18.83
C THR FE 888 15.81 -70.37 -20.34
N ILE FE 889 16.41 -69.30 -20.88
CA ILE FE 889 16.66 -69.24 -22.32
C ILE FE 889 17.79 -70.20 -22.64
N VAL FE 890 17.52 -71.16 -23.52
CA VAL FE 890 18.46 -72.23 -23.79
C VAL FE 890 19.14 -72.08 -25.15
N THR FE 891 18.62 -71.25 -26.03
CA THR FE 891 19.19 -71.13 -27.37
C THR FE 891 19.48 -69.67 -27.72
N GLY FE 892 19.84 -69.42 -28.98
CA GLY FE 892 20.20 -68.09 -29.39
C GLY FE 892 21.61 -67.73 -28.94
N LYS FE 893 21.95 -66.45 -29.04
CA LYS FE 893 23.23 -65.98 -28.56
C LYS FE 893 23.32 -66.02 -27.04
N LEU FE 894 22.20 -65.75 -26.37
CA LEU FE 894 22.17 -65.74 -24.91
C LEU FE 894 22.04 -67.17 -24.39
N LYS FE 895 23.08 -67.66 -23.72
CA LYS FE 895 23.11 -69.01 -23.18
C LYS FE 895 23.28 -68.94 -21.68
N GLY FE 896 22.52 -69.74 -20.95
CA GLY FE 896 22.53 -69.66 -19.50
C GLY FE 896 21.74 -68.50 -18.96
N SER FE 897 20.91 -67.86 -19.78
CA SER FE 897 20.20 -66.66 -19.36
C SER FE 897 18.91 -67.01 -18.64
N LYS FE 898 18.58 -66.22 -17.63
CA LYS FE 898 17.38 -66.45 -16.84
C LYS FE 898 16.45 -65.25 -16.93
N LEU FE 899 15.17 -65.48 -16.64
CA LEU FE 899 14.17 -64.42 -16.83
C LEU FE 899 13.05 -64.61 -15.81
N ILE FE 900 12.94 -63.68 -14.86
CA ILE FE 900 11.92 -63.72 -13.83
C ILE FE 900 10.79 -62.79 -14.18
N GLY FE 901 9.60 -63.15 -13.73
CA GLY FE 901 8.40 -62.35 -13.85
C GLY FE 901 7.29 -62.93 -12.99
N SER FE 902 6.05 -62.72 -13.39
CA SER FE 902 4.88 -63.20 -12.67
C SER FE 902 3.81 -63.55 -13.69
N PHE FE 903 2.56 -63.62 -13.26
CA PHE FE 903 1.46 -63.98 -14.15
C PHE FE 903 0.28 -63.03 -13.98
N ASN FE 904 -0.76 -63.28 -14.77
CA ASN FE 904 -1.99 -62.50 -14.74
C ASN FE 904 -3.18 -63.45 -14.67
N LEU FE 905 -4.28 -62.94 -14.13
CA LEU FE 905 -5.48 -63.74 -13.96
C LEU FE 905 -6.57 -63.30 -14.91
N PRO FE 906 -6.95 -64.14 -15.87
CA PRO FE 906 -8.06 -63.79 -16.77
C PRO FE 906 -9.41 -64.06 -16.13
N SER FE 907 -10.43 -63.41 -16.69
CA SER FE 907 -11.79 -63.61 -16.21
C SER FE 907 -12.33 -64.99 -16.54
N ASN FE 908 -12.06 -65.48 -17.75
CA ASN FE 908 -12.41 -66.83 -18.15
C ASN FE 908 -11.14 -67.60 -18.49
N ALA FE 909 -11.21 -68.92 -18.39
CA ALA FE 909 -10.04 -69.78 -18.47
C ALA FE 909 -9.69 -70.19 -19.90
N ASP FE 910 -10.02 -69.37 -20.89
CA ASP FE 910 -9.75 -69.67 -22.29
C ASP FE 910 -8.27 -69.56 -22.65
N LYS FE 911 -7.49 -68.82 -21.87
CA LYS FE 911 -6.05 -68.72 -22.07
C LYS FE 911 -5.41 -68.33 -20.75
N MET FE 912 -4.10 -68.56 -20.65
CA MET FE 912 -3.34 -68.18 -19.47
C MET FE 912 -1.90 -67.93 -19.88
N VAL FE 913 -1.38 -66.76 -19.52
CA VAL FE 913 -0.09 -66.29 -20.00
C VAL FE 913 0.75 -65.86 -18.81
N ILE FE 914 2.05 -65.77 -19.03
CA ILE FE 914 3.03 -65.47 -17.99
C ILE FE 914 3.75 -64.18 -18.36
N THR FE 915 3.85 -63.26 -17.41
CA THR FE 915 4.59 -62.02 -17.60
C THR FE 915 6.07 -62.32 -17.37
N PHE FE 916 6.92 -61.88 -18.30
CA PHE FE 916 8.35 -62.13 -18.21
C PHE FE 916 9.11 -60.89 -18.64
N ASN FE 917 9.68 -60.18 -17.67
CA ASN FE 917 10.35 -58.92 -17.97
C ASN FE 917 11.76 -58.83 -17.42
N THR FE 918 12.02 -59.37 -16.23
CA THR FE 918 13.30 -59.13 -15.56
C THR FE 918 14.31 -60.14 -16.08
N MET FE 919 15.14 -59.70 -17.02
CA MET FE 919 16.08 -60.56 -17.74
C MET FE 919 17.46 -60.44 -17.11
N SER FE 920 18.04 -61.58 -16.74
CA SER FE 920 19.43 -61.64 -16.27
C SER FE 920 20.26 -62.41 -17.29
N ILE FE 921 21.31 -61.78 -17.77
CA ILE FE 921 22.27 -62.37 -18.70
C ILE FE 921 23.54 -62.70 -17.91
N PRO FE 922 24.07 -63.91 -17.99
CA PRO FE 922 25.35 -64.21 -17.33
C PRO FE 922 26.53 -63.61 -18.08
N GLY FE 923 27.74 -63.88 -17.59
CA GLY FE 923 28.92 -63.28 -18.18
C GLY FE 923 29.23 -61.94 -17.53
N ALA FE 924 28.39 -60.95 -17.80
CA ALA FE 924 28.45 -59.67 -17.12
C ALA FE 924 27.26 -59.57 -16.17
N GLU FE 925 27.51 -58.99 -15.00
CA GLU FE 925 26.48 -58.84 -13.98
C GLU FE 925 25.53 -57.71 -14.38
N LYS FE 926 24.59 -58.04 -15.25
CA LYS FE 926 23.63 -57.08 -15.77
C LYS FE 926 22.22 -57.61 -15.56
N THR FE 927 21.27 -56.69 -15.53
CA THR FE 927 19.85 -57.08 -15.44
C THR FE 927 19.07 -56.13 -16.34
N ILE FE 928 18.88 -56.53 -17.60
CA ILE FE 928 18.06 -55.75 -18.53
C ILE FE 928 16.60 -56.12 -18.30
N SER FE 929 15.69 -55.33 -18.88
CA SER FE 929 14.27 -55.53 -18.58
C SER FE 929 13.41 -55.63 -19.82
N ILE FE 930 13.78 -56.47 -20.76
CA ILE FE 930 12.95 -56.74 -21.94
C ILE FE 930 11.75 -57.56 -21.50
N SER FE 931 10.56 -57.07 -21.81
CA SER FE 931 9.31 -57.70 -21.40
C SER FE 931 8.87 -58.66 -22.50
N ALA FE 932 8.40 -59.84 -22.10
CA ALA FE 932 8.00 -60.86 -23.05
C ALA FE 932 6.98 -61.78 -22.40
N TYR FE 933 6.33 -62.61 -23.21
CA TYR FE 933 5.29 -63.54 -22.79
C TYR FE 933 5.61 -64.95 -23.27
N ALA FE 934 4.64 -65.85 -23.13
CA ALA FE 934 4.79 -67.25 -23.47
C ALA FE 934 3.66 -67.74 -24.38
N ILE FE 935 4.01 -68.63 -25.31
CA ILE FE 935 3.03 -69.33 -26.14
C ILE FE 935 3.33 -70.83 -26.07
N ASP FE 936 2.39 -71.63 -26.53
CA ASP FE 936 2.52 -73.09 -26.52
C ASP FE 936 3.52 -73.53 -27.58
N PRO FE 937 4.60 -74.23 -27.22
CA PRO FE 937 5.55 -74.71 -28.22
C PRO FE 937 4.96 -75.80 -29.11
N ASN FE 938 5.38 -75.78 -30.37
CA ASN FE 938 4.91 -76.63 -31.48
C ASN FE 938 3.40 -76.55 -31.70
N THR FE 939 2.76 -75.47 -31.26
CA THR FE 939 1.33 -75.27 -31.43
C THR FE 939 1.10 -73.90 -32.04
N ALA FE 940 1.99 -72.96 -31.69
CA ALA FE 940 1.93 -71.54 -32.03
C ALA FE 940 0.59 -70.94 -31.62
N ARG FE 941 0.12 -71.34 -30.44
CA ARG FE 941 -1.14 -70.87 -29.89
C ARG FE 941 -0.90 -70.45 -28.45
N THR FE 942 -1.85 -69.69 -27.91
CA THR FE 942 -1.72 -69.13 -26.57
C THR FE 942 -2.43 -69.95 -25.49
N ALA FE 943 -2.98 -71.11 -25.84
CA ALA FE 943 -3.66 -71.95 -24.86
C ALA FE 943 -2.66 -72.55 -23.88
N LEU FE 944 -3.07 -72.61 -22.61
CA LEU FE 944 -2.22 -73.09 -21.54
C LEU FE 944 -2.55 -74.55 -21.22
N ALA FE 945 -1.51 -75.31 -20.86
CA ALA FE 945 -1.64 -76.74 -20.59
C ALA FE 945 -2.05 -76.96 -19.14
N SER FE 946 -3.35 -77.16 -18.94
CA SER FE 946 -3.92 -77.55 -17.65
C SER FE 946 -5.29 -78.16 -17.90
N ARG FE 947 -5.99 -78.44 -16.82
CA ARG FE 947 -7.39 -78.85 -16.86
C ARG FE 947 -8.28 -77.63 -16.75
N THR FE 948 -9.55 -77.81 -17.08
CA THR FE 948 -10.49 -76.70 -17.05
C THR FE 948 -11.64 -76.90 -16.08
N ASN FE 949 -11.94 -78.13 -15.68
CA ASN FE 949 -13.18 -78.47 -14.96
C ASN FE 949 -12.98 -78.61 -13.46
N HIS FE 950 -12.16 -77.75 -12.85
CA HIS FE 950 -11.73 -77.92 -11.47
C HIS FE 950 -12.87 -77.74 -10.47
N HIS FE 951 -13.63 -76.65 -10.55
CA HIS FE 951 -14.60 -76.34 -9.51
C HIS FE 951 -15.92 -75.86 -10.12
N TYR FE 952 -16.45 -76.61 -11.08
CA TYR FE 952 -17.83 -76.45 -11.49
C TYR FE 952 -18.75 -77.38 -10.71
N LEU FE 953 -18.46 -78.67 -10.77
CA LEU FE 953 -19.38 -79.69 -10.29
C LEU FE 953 -19.48 -79.69 -8.77
N MET FE 954 -18.43 -79.25 -8.08
CA MET FE 954 -18.45 -79.19 -6.62
C MET FE 954 -19.51 -78.19 -6.11
N ARG FE 955 -19.45 -76.97 -6.61
CA ARG FE 955 -20.44 -75.97 -6.19
C ARG FE 955 -21.80 -76.24 -6.81
N TYR FE 956 -21.85 -76.80 -8.02
CA TYR FE 956 -23.11 -77.20 -8.63
C TYR FE 956 -23.83 -78.25 -7.80
N GLY FE 957 -23.10 -79.28 -7.37
CA GLY FE 957 -23.71 -80.34 -6.57
C GLY FE 957 -24.11 -79.88 -5.19
N SER FE 958 -23.30 -79.02 -4.56
CA SER FE 958 -23.67 -78.47 -3.25
C SER FE 958 -24.94 -77.63 -3.34
N LEU FE 959 -25.03 -76.79 -4.37
CA LEU FE 959 -26.23 -75.95 -4.57
C LEU FE 959 -27.46 -76.80 -4.87
N PHE FE 960 -27.30 -77.80 -5.73
CA PHE FE 960 -28.43 -78.68 -6.08
C PHE FE 960 -28.91 -79.47 -4.89
N ALA FE 961 -27.99 -79.98 -4.06
CA ALA FE 961 -28.37 -80.75 -2.89
C ALA FE 961 -29.10 -79.88 -1.86
N SER FE 962 -28.59 -78.66 -1.62
CA SER FE 962 -29.24 -77.76 -0.68
C SER FE 962 -30.63 -77.37 -1.16
N SER FE 963 -30.76 -77.11 -2.47
CA SER FE 963 -32.06 -76.79 -3.06
C SER FE 963 -33.04 -77.95 -2.89
N PHE FE 964 -32.65 -79.15 -3.30
CA PHE FE 964 -33.51 -80.33 -3.25
C PHE FE 964 -33.95 -80.64 -1.82
N LEU FE 965 -33.05 -80.40 -0.85
CA LEU FE 965 -33.41 -80.56 0.55
C LEU FE 965 -34.49 -79.56 0.96
N GLN FE 966 -34.31 -78.28 0.61
CA GLN FE 966 -35.29 -77.26 0.98
C GLN FE 966 -36.66 -77.53 0.34
N GLY FE 967 -36.64 -77.93 -0.93
CA GLY FE 967 -37.87 -78.26 -1.62
C GLY FE 967 -38.56 -79.48 -1.06
N PHE FE 968 -37.78 -80.47 -0.61
CA PHE FE 968 -38.38 -81.67 -0.05
C PHE FE 968 -39.09 -81.37 1.25
N GLY FE 969 -38.45 -80.57 2.09
CA GLY FE 969 -39.08 -80.23 3.33
C GLY FE 969 -40.35 -79.41 3.16
N ASN FE 970 -40.31 -78.38 2.31
CA ASN FE 970 -41.51 -77.55 2.18
C ASN FE 970 -42.64 -78.28 1.46
N ALA FE 971 -42.35 -79.00 0.37
CA ALA FE 971 -43.44 -79.64 -0.37
C ALA FE 971 -43.99 -80.87 0.36
N PHE FE 972 -43.13 -81.64 1.03
CA PHE FE 972 -43.65 -82.76 1.80
C PHE FE 972 -44.21 -82.33 3.15
N GLN FE 973 -44.00 -81.09 3.56
CA GLN FE 973 -44.85 -80.50 4.59
C GLN FE 973 -46.21 -80.11 4.02
N SER FE 974 -46.23 -79.57 2.79
CA SER FE 974 -47.48 -79.10 2.20
C SER FE 974 -48.41 -80.25 1.84
N ALA FE 975 -47.85 -81.43 1.52
CA ALA FE 975 -48.64 -82.56 1.09
C ALA FE 975 -49.18 -83.38 2.26
N ASN FE 976 -49.20 -82.83 3.48
CA ASN FE 976 -49.67 -83.58 4.63
C ASN FE 976 -51.19 -83.70 4.68
N THR FE 977 -51.91 -82.72 4.15
CA THR FE 977 -53.37 -82.74 4.24
C THR FE 977 -53.96 -83.79 3.31
N THR FE 978 -53.49 -83.87 2.08
CA THR FE 978 -54.04 -84.80 1.11
C THR FE 978 -53.03 -85.88 0.75
N SER FE 999 -44.59 -90.42 11.57
CA SER FE 999 -43.51 -90.05 12.45
C SER FE 999 -42.22 -89.87 11.68
N THR FE 1000 -41.75 -90.97 11.07
CA THR FE 1000 -40.48 -90.97 10.36
C THR FE 1000 -40.51 -90.07 9.14
N LEU FE 1001 -41.61 -90.09 8.38
CA LEU FE 1001 -41.75 -89.21 7.24
C LEU FE 1001 -41.79 -87.75 7.67
N GLU FE 1002 -42.43 -87.49 8.82
CA GLU FE 1002 -42.49 -86.15 9.38
C GLU FE 1002 -41.10 -85.65 9.79
N ASN FE 1003 -40.28 -86.55 10.35
CA ASN FE 1003 -38.90 -86.19 10.70
C ASN FE 1003 -38.05 -85.95 9.46
N ALA FE 1004 -38.32 -86.70 8.38
CA ALA FE 1004 -37.68 -86.41 7.10
C ALA FE 1004 -38.04 -85.03 6.59
N VAL FE 1005 -39.33 -84.67 6.68
CA VAL FE 1005 -39.81 -83.34 6.33
C VAL FE 1005 -39.08 -82.27 7.14
N ILE FE 1006 -38.90 -82.55 8.43
CA ILE FE 1006 -38.18 -81.68 9.35
C ILE FE 1006 -36.74 -81.41 8.87
N GLY FE 1007 -36.02 -82.51 8.58
CA GLY FE 1007 -34.61 -82.38 8.29
C GLY FE 1007 -34.38 -81.67 6.98
N LEU FE 1008 -35.19 -82.03 5.98
CA LEU FE 1008 -35.08 -81.40 4.67
C LEU FE 1008 -35.48 -79.93 4.73
N ALA FE 1009 -36.57 -79.62 5.45
CA ALA FE 1009 -37.12 -78.27 5.55
C ALA FE 1009 -36.18 -77.32 6.23
N THR FE 1010 -35.31 -77.80 7.10
CA THR FE 1010 -34.45 -76.83 7.72
C THR FE 1010 -33.00 -76.88 7.27
N VAL FE 1011 -32.47 -78.02 6.82
CA VAL FE 1011 -31.10 -78.00 6.34
C VAL FE 1011 -31.02 -77.62 4.87
N GLY FE 1012 -32.14 -77.49 4.17
CA GLY FE 1012 -32.08 -76.93 2.83
C GLY FE 1012 -31.71 -75.45 2.81
N LYS FE 1013 -32.29 -74.66 3.72
CA LYS FE 1013 -32.28 -73.21 3.58
C LYS FE 1013 -30.92 -72.58 3.88
N ALA FE 1014 -30.34 -72.94 5.03
CA ALA FE 1014 -29.05 -72.37 5.43
C ALA FE 1014 -27.94 -72.80 4.48
N TRP FE 1015 -27.96 -74.06 4.08
CA TRP FE 1015 -27.01 -74.54 3.09
C TRP FE 1015 -27.24 -73.88 1.74
N SER FE 1016 -28.49 -73.56 1.40
CA SER FE 1016 -28.79 -72.88 0.15
C SER FE 1016 -28.22 -71.47 0.12
N GLN FE 1017 -28.41 -70.71 1.20
CA GLN FE 1017 -27.87 -69.36 1.22
C GLN FE 1017 -26.35 -69.37 1.32
N GLN FE 1018 -25.76 -70.37 1.99
CA GLN FE 1018 -24.30 -70.47 2.01
C GLN FE 1018 -23.73 -70.83 0.64
N ALA FE 1019 -24.41 -71.71 -0.10
CA ALA FE 1019 -23.97 -72.03 -1.45
C ALA FE 1019 -24.15 -70.84 -2.39
N GLN FE 1020 -25.22 -70.06 -2.19
CA GLN FE 1020 -25.38 -68.82 -2.94
C GLN FE 1020 -24.29 -67.82 -2.59
N GLN FE 1021 -23.80 -67.87 -1.35
CA GLN FE 1021 -22.67 -67.03 -0.97
C GLN FE 1021 -21.38 -67.46 -1.67
N LEU FE 1022 -21.07 -68.76 -1.65
CA LEU FE 1022 -19.76 -69.23 -2.09
C LEU FE 1022 -19.73 -69.69 -3.55
N PHE FE 1023 -20.83 -69.52 -4.29
CA PHE FE 1023 -20.91 -70.11 -5.62
C PHE FE 1023 -20.04 -69.38 -6.64
N ASN FE 1024 -19.61 -68.17 -6.34
CA ASN FE 1024 -18.96 -67.31 -7.32
C ASN FE 1024 -17.46 -67.60 -7.50
N THR FE 1025 -16.92 -68.62 -6.83
CA THR FE 1025 -15.48 -68.85 -6.88
C THR FE 1025 -15.07 -69.47 -8.22
N PRO FE 1026 -14.12 -68.87 -8.94
CA PRO FE 1026 -13.75 -69.37 -10.27
C PRO FE 1026 -12.89 -70.61 -10.20
N THR FE 1027 -12.70 -71.24 -11.36
CA THR FE 1027 -11.88 -72.43 -11.51
C THR FE 1027 -10.44 -72.00 -11.79
N THR FE 1028 -9.50 -72.57 -11.05
CA THR FE 1028 -8.10 -72.19 -11.19
C THR FE 1028 -7.42 -73.01 -12.28
N VAL FE 1029 -6.37 -72.42 -12.87
CA VAL FE 1029 -5.52 -73.09 -13.84
C VAL FE 1029 -4.11 -73.13 -13.28
N GLU FE 1030 -3.24 -73.90 -13.94
CA GLU FE 1030 -1.88 -74.07 -13.45
C GLU FE 1030 -0.94 -74.42 -14.58
N VAL FE 1031 0.18 -73.69 -14.67
CA VAL FE 1031 1.24 -74.07 -15.61
C VAL FE 1031 1.99 -75.28 -15.07
N TYR FE 1032 2.77 -75.90 -15.94
CA TYR FE 1032 3.45 -77.14 -15.59
C TYR FE 1032 4.96 -76.92 -15.48
N SER FE 1033 5.60 -77.73 -14.64
CA SER FE 1033 7.01 -77.55 -14.31
C SER FE 1033 7.95 -78.25 -15.27
N GLY FE 1034 7.47 -78.72 -16.41
CA GLY FE 1034 8.33 -79.40 -17.36
C GLY FE 1034 8.02 -79.15 -18.82
N THR FE 1035 7.45 -77.98 -19.12
CA THR FE 1035 7.04 -77.65 -20.48
C THR FE 1035 7.89 -76.49 -20.98
N GLY FE 1036 8.35 -76.59 -22.21
CA GLY FE 1036 9.04 -75.49 -22.85
C GLY FE 1036 8.08 -74.38 -23.23
N LEU FE 1037 8.65 -73.31 -23.75
CA LEU FE 1037 7.85 -72.14 -24.10
C LEU FE 1037 8.56 -71.36 -25.20
N GLY FE 1038 7.78 -70.51 -25.88
CA GLY FE 1038 8.32 -69.59 -26.85
C GLY FE 1038 8.22 -68.16 -26.34
N ILE FE 1039 9.28 -67.40 -26.60
CA ILE FE 1039 9.41 -66.03 -26.14
C ILE FE 1039 9.58 -65.14 -27.37
N LEU FE 1040 8.60 -64.28 -27.61
CA LEU FE 1040 8.72 -63.30 -28.67
C LEU FE 1040 9.07 -61.96 -28.04
N PHE FE 1041 9.90 -61.20 -28.74
CA PHE FE 1041 10.43 -59.97 -28.20
C PHE FE 1041 9.45 -58.82 -28.42
N THR FE 1042 9.59 -57.78 -27.61
CA THR FE 1042 8.72 -56.62 -27.67
C THR FE 1042 9.48 -55.34 -28.00
N GLN FE 1043 10.61 -55.10 -27.33
CA GLN FE 1043 11.47 -53.96 -27.64
C GLN FE 1043 12.88 -54.48 -27.93
N ASP FE 1044 13.69 -53.63 -28.55
CA ASP FE 1044 15.05 -54.00 -28.88
C ASP FE 1044 15.92 -53.94 -27.63
N VAL FE 1045 17.00 -54.72 -27.63
CA VAL FE 1045 17.97 -54.74 -26.55
C VAL FE 1045 19.37 -54.61 -27.15
N THR FE 1046 20.37 -54.78 -26.30
CA THR FE 1046 21.76 -54.63 -26.73
C THR FE 1046 22.61 -55.82 -26.30
N GLN GE 791 116.02 21.76 -12.97
CA GLN GE 791 115.68 21.39 -11.59
C GLN GE 791 114.19 21.52 -11.38
N GLN GE 792 113.56 22.46 -12.07
CA GLN GE 792 112.11 22.60 -12.06
C GLN GE 792 111.42 21.49 -12.85
N GLU GE 793 112.17 20.78 -13.69
CA GLU GE 793 111.64 19.60 -14.37
C GLU GE 793 111.26 18.52 -13.37
N ILE GE 794 112.05 18.40 -12.30
CA ILE GE 794 111.74 17.50 -11.18
C ILE GE 794 110.39 17.87 -10.58
N GLN GE 795 110.17 19.17 -10.34
CA GLN GE 795 108.95 19.63 -9.70
C GLN GE 795 107.73 19.41 -10.57
N GLN GE 796 107.84 19.68 -11.88
CA GLN GE 796 106.67 19.52 -12.74
C GLN GE 796 106.36 18.05 -13.01
N ARG GE 797 107.39 17.21 -13.14
CA ARG GE 797 107.17 15.78 -13.27
C ARG GE 797 106.61 15.20 -11.98
N THR GE 798 107.04 15.75 -10.84
CA THR GE 798 106.47 15.37 -9.55
C THR GE 798 105.01 15.77 -9.45
N SER GE 799 104.64 16.95 -9.96
CA SER GE 799 103.24 17.36 -9.95
C SER GE 799 102.38 16.45 -10.81
N ASP GE 800 102.86 16.12 -12.01
CA ASP GE 800 102.10 15.27 -12.92
C ASP GE 800 101.95 13.86 -12.35
N MET GE 801 103.05 13.27 -11.88
CA MET GE 801 103.00 11.96 -11.27
C MET GE 801 102.25 11.97 -9.95
N LEU GE 802 102.19 13.11 -9.27
CA LEU GE 802 101.41 13.21 -8.04
C LEU GE 802 99.93 13.15 -8.34
N THR GE 803 99.49 13.87 -9.38
CA THR GE 803 98.11 13.80 -9.82
C THR GE 803 97.75 12.39 -10.26
N ALA GE 804 98.63 11.76 -11.04
CA ALA GE 804 98.39 10.40 -11.53
C ALA GE 804 98.35 9.39 -10.39
N ALA GE 805 99.26 9.53 -9.42
CA ALA GE 805 99.33 8.60 -8.30
C ALA GE 805 98.13 8.76 -7.39
N THR GE 806 97.69 10.00 -7.17
CA THR GE 806 96.52 10.22 -6.33
C THR GE 806 95.25 9.67 -6.96
N GLN GE 807 95.07 9.90 -8.27
CA GLN GE 807 93.86 9.37 -8.91
C GLN GE 807 93.92 7.86 -9.03
N LEU GE 808 95.11 7.28 -9.17
CA LEU GE 808 95.24 5.83 -9.22
C LEU GE 808 94.97 5.20 -7.86
N VAL GE 809 95.45 5.82 -6.78
CA VAL GE 809 95.23 5.22 -5.47
C VAL GE 809 93.79 5.39 -5.03
N GLN GE 810 93.13 6.50 -5.39
CA GLN GE 810 91.71 6.59 -5.05
C GLN GE 810 90.86 5.70 -5.95
N ASP GE 811 91.33 5.38 -7.15
CA ASP GE 811 90.67 4.36 -7.94
C ASP GE 811 90.92 2.97 -7.36
N TRP GE 812 92.04 2.79 -6.69
CA TRP GE 812 92.38 1.49 -6.11
C TRP GE 812 91.80 1.27 -4.74
N LYS GE 813 91.30 2.33 -4.09
CA LYS GE 813 90.74 2.18 -2.75
C LYS GE 813 89.45 1.37 -2.76
N GLN GE 814 88.51 1.71 -3.63
CA GLN GE 814 87.14 1.26 -3.49
C GLN GE 814 86.93 -0.13 -4.09
N VAL GE 815 85.87 -0.78 -3.60
CA VAL GE 815 85.32 -2.02 -4.15
C VAL GE 815 83.82 -1.86 -4.24
N GLU GE 816 83.12 -2.94 -4.57
CA GLU GE 816 81.68 -2.91 -4.63
C GLU GE 816 81.14 -4.20 -4.02
N THR GE 817 79.83 -4.40 -4.15
CA THR GE 817 79.11 -5.44 -3.44
C THR GE 817 78.73 -6.57 -4.39
N GLN GE 818 78.66 -7.77 -3.84
CA GLN GE 818 78.12 -8.92 -4.54
C GLN GE 818 76.64 -8.73 -4.82
N VAL GE 819 76.14 -9.48 -5.80
CA VAL GE 819 74.72 -9.48 -6.13
C VAL GE 819 74.22 -10.92 -6.09
N TYR GE 820 73.22 -11.17 -5.26
CA TYR GE 820 72.60 -12.48 -5.13
C TYR GE 820 71.17 -12.39 -5.63
N THR GE 821 70.84 -13.18 -6.63
CA THR GE 821 69.53 -13.14 -7.25
C THR GE 821 69.00 -14.56 -7.41
N GLU GE 822 67.72 -14.74 -7.05
CA GLU GE 822 67.10 -16.05 -7.10
C GLU GE 822 66.51 -16.29 -8.48
N GLY GE 823 65.68 -17.33 -8.60
CA GLY GE 823 65.01 -17.62 -9.85
C GLY GE 823 63.68 -18.32 -9.64
N THR GE 824 62.62 -17.78 -10.22
CA THR GE 824 61.31 -18.41 -10.15
C THR GE 824 60.53 -18.15 -11.42
N ALA HE 104 101.88 29.65 -60.20
CA ALA HE 104 100.71 29.80 -59.35
C ALA HE 104 99.76 28.63 -59.52
N GLU HE 105 100.32 27.44 -59.62
CA GLU HE 105 99.54 26.23 -59.86
C GLU HE 105 99.64 25.22 -58.72
N VAL HE 106 100.86 24.87 -58.29
CA VAL HE 106 101.02 23.88 -57.22
C VAL HE 106 100.86 24.49 -55.84
N ILE HE 107 100.60 25.79 -55.74
CA ILE HE 107 100.33 26.43 -54.46
C ILE HE 107 99.05 25.86 -53.85
N ASP HE 108 98.04 25.62 -54.69
CA ASP HE 108 96.81 25.00 -54.21
C ASP HE 108 97.05 23.57 -53.73
N LYS HE 109 97.94 22.84 -54.43
CA LYS HE 109 98.24 21.47 -54.04
C LYS HE 109 99.00 21.41 -52.72
N LYS HE 110 99.97 22.31 -52.54
CA LYS HE 110 100.68 22.31 -51.26
C LYS HE 110 99.81 22.84 -50.13
N ALA HE 111 98.86 23.73 -50.43
CA ALA HE 111 97.88 24.15 -49.45
C ALA HE 111 96.97 22.99 -49.04
N PHE HE 112 96.57 22.18 -50.02
CA PHE HE 112 95.76 20.99 -49.73
C PHE HE 112 96.53 19.98 -48.89
N LYS HE 113 97.82 19.81 -49.19
CA LYS HE 113 98.66 18.89 -48.42
C LYS HE 113 98.82 19.35 -46.98
N ASP HE 114 99.07 20.65 -46.78
CA ASP HE 114 99.20 21.19 -45.43
C ASP HE 114 97.87 21.15 -44.69
N MET HE 115 96.76 21.37 -45.40
CA MET HE 115 95.44 21.30 -44.78
C MET HE 115 95.10 19.89 -44.35
N THR HE 116 95.48 18.90 -45.17
CA THR HE 116 95.27 17.50 -44.79
C THR HE 116 96.13 17.13 -43.60
N ARG HE 117 97.37 17.64 -43.57
CA ARG HE 117 98.26 17.39 -42.45
C ARG HE 117 97.72 17.99 -41.16
N ASN HE 118 97.15 19.20 -41.24
CA ASN HE 118 96.56 19.80 -40.05
C ASN HE 118 95.24 19.17 -39.68
N LEU HE 119 94.52 18.64 -40.66
CA LEU HE 119 93.23 17.99 -40.37
C LEU HE 119 93.44 16.67 -39.64
N TYR HE 120 94.42 15.89 -40.06
CA TYR HE 120 94.80 14.66 -39.36
C TYR HE 120 96.25 14.79 -38.94
N PRO HE 121 96.52 15.36 -37.77
CA PRO HE 121 97.91 15.49 -37.32
C PRO HE 121 98.38 14.28 -36.51
N LEU HE 122 97.67 13.17 -36.58
CA LEU HE 122 98.06 11.94 -35.92
C LEU HE 122 98.23 10.82 -36.94
N ASN HE 123 99.35 10.13 -36.87
CA ASN HE 123 99.57 8.98 -37.73
C ASN HE 123 98.72 7.81 -37.26
N PRO HE 124 98.09 7.08 -38.18
CA PRO HE 124 97.38 5.84 -37.80
C PRO HE 124 98.30 4.78 -37.21
N GLU HE 125 99.55 4.73 -37.66
CA GLU HE 125 100.54 3.86 -37.03
C GLU HE 125 100.79 4.26 -35.59
N GLN HE 126 100.87 5.56 -35.33
CA GLN HE 126 100.97 6.05 -33.97
C GLN HE 126 99.71 5.75 -33.17
N VAL HE 127 98.56 5.75 -33.83
CA VAL HE 127 97.28 5.44 -33.18
C VAL HE 127 97.28 4.00 -32.69
N VAL HE 128 97.66 3.07 -33.56
CA VAL HE 128 97.73 1.66 -33.18
C VAL HE 128 98.81 1.44 -32.13
N LYS HE 129 99.93 2.16 -32.25
CA LYS HE 129 101.02 2.06 -31.27
C LYS HE 129 100.57 2.51 -29.89
N LEU HE 130 99.91 3.65 -29.80
CA LEU HE 130 99.44 4.13 -28.51
C LEU HE 130 98.26 3.32 -27.99
N LYS HE 131 97.49 2.68 -28.88
CA LYS HE 131 96.45 1.76 -28.41
C LYS HE 131 97.07 0.53 -27.75
N GLN HE 132 98.12 -0.02 -28.35
CA GLN HE 132 98.83 -1.13 -27.74
C GLN HE 132 99.53 -0.71 -26.46
N ILE HE 133 100.04 0.53 -26.43
CA ILE HE 133 100.63 1.10 -25.22
C ILE HE 133 99.59 1.23 -24.12
N TYR HE 134 98.38 1.65 -24.49
CA TYR HE 134 97.26 1.75 -23.55
C TYR HE 134 96.88 0.39 -23.00
N GLU HE 135 96.84 -0.63 -23.86
CA GLU HE 135 96.53 -1.99 -23.41
C GLU HE 135 97.59 -2.51 -22.44
N THR HE 136 98.86 -2.30 -22.78
CA THR HE 136 99.96 -2.76 -21.95
C THR HE 136 99.98 -2.03 -20.61
N SER HE 137 99.69 -0.73 -20.62
CA SER HE 137 99.62 0.05 -19.40
C SER HE 137 98.45 -0.40 -18.53
N GLU HE 138 97.32 -0.75 -19.17
CA GLU HE 138 96.16 -1.22 -18.41
C GLU HE 138 96.46 -2.55 -17.72
N TYR HE 139 97.09 -3.48 -18.45
CA TYR HE 139 97.40 -4.78 -17.84
C TYR HE 139 98.48 -4.65 -16.78
N ALA HE 140 99.46 -3.77 -16.99
CA ALA HE 140 100.50 -3.56 -15.98
C ALA HE 140 99.96 -2.85 -14.75
N LYS HE 141 98.98 -1.96 -14.93
CA LYS HE 141 98.29 -1.34 -13.81
C LYS HE 141 97.47 -2.37 -13.04
N ALA HE 142 96.86 -3.30 -13.76
CA ALA HE 142 96.07 -4.34 -13.13
C ALA HE 142 96.91 -5.48 -12.56
N ALA HE 143 98.20 -5.50 -12.85
CA ALA HE 143 99.08 -6.57 -12.41
C ALA HE 143 99.24 -6.54 -10.89
N THR HE 144 98.70 -7.54 -10.22
CA THR HE 144 98.77 -7.63 -8.76
C THR HE 144 100.16 -8.13 -8.34
N PRO HE 145 100.82 -7.45 -7.39
CA PRO HE 145 102.13 -7.92 -6.94
C PRO HE 145 102.02 -9.20 -6.13
N GLY HE 146 103.09 -9.99 -6.18
CA GLY HE 146 103.09 -11.28 -5.52
C GLY HE 146 102.23 -12.29 -6.25
N THR HE 147 101.89 -13.35 -5.53
CA THR HE 147 101.03 -14.32 -6.18
C THR HE 147 99.61 -14.23 -5.63
N PRO HE 148 98.61 -14.44 -6.49
CA PRO HE 148 97.24 -14.48 -6.01
C PRO HE 148 97.02 -15.73 -5.17
N PRO HE 149 96.04 -15.71 -4.27
CA PRO HE 149 95.74 -16.91 -3.50
C PRO HE 149 95.13 -18.01 -4.36
N LYS HE 150 95.42 -19.24 -3.99
CA LYS HE 150 94.92 -20.38 -4.73
C LYS HE 150 93.47 -20.66 -4.32
N PRO HE 151 92.53 -20.68 -5.26
CA PRO HE 151 91.16 -21.07 -4.90
C PRO HE 151 91.07 -22.56 -4.62
N THR HE 152 90.28 -22.89 -3.60
CA THR HE 152 90.19 -24.27 -3.13
C THR HE 152 88.82 -24.49 -2.49
N ALA HE 153 88.56 -25.75 -2.14
CA ALA HE 153 87.36 -26.13 -1.41
C ALA HE 153 87.74 -27.11 -0.33
N THR HE 154 86.93 -27.17 0.72
CA THR HE 154 87.27 -27.97 1.89
C THR HE 154 86.00 -28.52 2.54
N SER HE 155 86.18 -29.57 3.32
CA SER HE 155 85.12 -30.14 4.14
C SER HE 155 85.70 -30.56 5.48
N GLN HE 156 85.08 -30.10 6.56
CA GLN HE 156 85.59 -30.34 7.91
C GLN HE 156 84.48 -30.81 8.83
N PHE HE 157 84.88 -31.15 10.05
CA PHE HE 157 83.99 -31.60 11.10
C PHE HE 157 83.97 -30.60 12.24
N VAL HE 158 82.83 -30.51 12.92
CA VAL HE 158 82.56 -29.50 13.93
C VAL HE 158 82.48 -30.17 15.29
N ASN HE 159 83.16 -29.60 16.28
CA ASN HE 159 83.12 -30.07 17.65
C ASN HE 159 82.56 -28.98 18.55
N LEU HE 160 81.59 -29.34 19.38
CA LEU HE 160 81.00 -28.42 20.34
C LEU HE 160 81.53 -28.61 21.75
N SER HE 161 82.62 -29.35 21.89
CA SER HE 161 83.23 -29.53 23.21
C SER HE 161 83.87 -28.22 23.65
N PRO HE 162 83.80 -27.90 24.96
CA PRO HE 162 84.28 -26.58 25.42
C PRO HE 162 85.79 -26.47 25.61
N GLY HE 163 86.56 -27.37 25.00
CA GLY HE 163 88.00 -27.24 24.99
C GLY HE 163 88.56 -27.22 23.57
N SER HE 164 87.67 -27.33 22.59
CA SER HE 164 88.09 -27.43 21.20
C SER HE 164 88.47 -26.07 20.64
N THR HE 165 89.12 -26.09 19.48
CA THR HE 165 89.51 -24.88 18.76
C THR HE 165 88.44 -24.50 17.75
N PRO HE 166 88.12 -23.20 17.64
CA PRO HE 166 87.09 -22.79 16.69
C PRO HE 166 87.60 -22.83 15.26
N PRO HE 167 86.74 -23.16 14.30
CA PRO HE 167 87.18 -23.28 12.91
C PRO HE 167 87.46 -21.93 12.24
N VAL HE 168 88.37 -22.00 11.26
CA VAL HE 168 88.93 -20.84 10.59
C VAL HE 168 88.52 -20.86 9.13
N ILE HE 169 88.14 -19.70 8.60
CA ILE HE 169 87.76 -19.56 7.20
C ILE HE 169 88.64 -18.50 6.56
N ARG HE 170 89.38 -18.89 5.52
CA ARG HE 170 90.14 -17.94 4.74
C ARG HE 170 89.26 -17.27 3.70
N LEU HE 171 89.45 -15.96 3.54
CA LEU HE 171 88.57 -15.14 2.73
C LEU HE 171 89.39 -14.25 1.80
N SER HE 172 88.70 -13.47 0.99
CA SER HE 172 89.34 -12.54 0.06
C SER HE 172 88.39 -11.40 -0.27
N GLN HE 173 88.97 -10.22 -0.47
CA GLN HE 173 88.20 -9.07 -0.89
C GLN HE 173 87.68 -9.27 -2.31
N GLY HE 174 86.40 -9.00 -2.51
CA GLY HE 174 85.78 -9.24 -3.79
C GLY HE 174 85.44 -10.69 -4.07
N PHE HE 175 85.62 -11.58 -3.11
CA PHE HE 175 85.32 -12.99 -3.27
C PHE HE 175 84.38 -13.43 -2.16
N VAL HE 176 83.42 -14.28 -2.51
CA VAL HE 176 82.40 -14.72 -1.58
C VAL HE 176 82.53 -16.22 -1.40
N SER HE 177 82.62 -16.65 -0.16
CA SER HE 177 82.70 -18.06 0.19
C SER HE 177 81.33 -18.57 0.61
N SER HE 178 81.10 -19.85 0.29
CA SER HE 178 79.85 -20.53 0.61
C SER HE 178 80.13 -21.60 1.67
N LEU HE 179 79.37 -21.55 2.76
CA LEU HE 179 79.56 -22.47 3.88
C LEU HE 179 78.26 -23.24 4.05
N VAL HE 180 78.32 -24.55 3.80
CA VAL HE 180 77.14 -25.42 3.88
C VAL HE 180 77.32 -26.38 5.03
N PHE HE 181 76.33 -26.44 5.92
CA PHE HE 181 76.40 -27.23 7.14
C PHE HE 181 75.41 -28.38 7.09
N LEU HE 182 75.91 -29.57 7.34
CA LEU HE 182 75.10 -30.77 7.49
C LEU HE 182 75.33 -31.34 8.89
N ASP HE 183 74.50 -32.30 9.26
CA ASP HE 183 74.62 -32.96 10.55
C ASP HE 183 75.55 -34.16 10.41
N SER HE 184 75.56 -35.04 11.42
CA SER HE 184 76.31 -36.29 11.34
C SER HE 184 75.77 -37.19 10.23
N THR HE 185 74.45 -37.22 10.06
CA THR HE 185 73.84 -38.02 9.00
C THR HE 185 73.90 -37.34 7.64
N GLY HE 186 74.37 -36.10 7.57
CA GLY HE 186 74.45 -35.40 6.31
C GLY HE 186 73.19 -34.71 5.86
N ALA HE 187 72.17 -34.65 6.71
CA ALA HE 187 70.93 -33.99 6.36
C ALA HE 187 71.14 -32.48 6.26
N PRO HE 188 70.41 -31.81 5.36
CA PRO HE 188 70.48 -30.34 5.30
C PRO HE 188 69.88 -29.72 6.54
N TRP HE 189 70.69 -28.97 7.27
CA TRP HE 189 70.29 -28.37 8.54
C TRP HE 189 70.17 -26.87 8.36
N PRO HE 190 68.96 -26.33 8.23
CA PRO HE 190 68.81 -24.91 7.93
C PRO HE 190 69.19 -24.02 9.11
N ILE HE 191 69.51 -22.78 8.79
CA ILE HE 191 70.07 -21.84 9.75
C ILE HE 191 68.94 -21.02 10.36
N ALA HE 192 68.81 -21.10 11.69
CA ALA HE 192 67.77 -20.34 12.37
C ALA HE 192 68.11 -18.85 12.39
N ALA HE 193 69.35 -18.52 12.75
CA ALA HE 193 69.72 -17.12 12.87
C ALA HE 193 71.23 -16.97 12.72
N TYR HE 194 71.65 -15.79 12.29
CA TYR HE 194 73.06 -15.50 12.09
C TYR HE 194 73.37 -14.11 12.63
N ASP HE 195 74.59 -13.96 13.15
CA ASP HE 195 75.07 -12.68 13.67
C ASP HE 195 76.49 -12.44 13.17
N LEU HE 196 76.71 -11.23 12.64
CA LEU HE 196 78.01 -10.80 12.17
C LEU HE 196 78.38 -9.49 12.83
N GLY HE 197 79.50 -9.48 13.55
CA GLY HE 197 80.09 -8.22 13.94
C GLY HE 197 80.92 -7.64 12.82
N ASP HE 198 80.93 -6.31 12.74
CA ASP HE 198 81.57 -5.50 11.70
C ASP HE 198 81.17 -5.90 10.28
N PRO HE 199 79.96 -5.54 9.81
CA PRO HE 199 79.64 -5.75 8.39
C PRO HE 199 80.43 -4.89 7.42
N SER HE 200 81.19 -3.90 7.90
CA SER HE 200 82.07 -3.16 7.00
C SER HE 200 83.24 -4.00 6.52
N SER HE 201 83.59 -5.06 7.24
CA SER HE 201 84.65 -5.96 6.81
C SER HE 201 84.15 -7.12 5.98
N PHE HE 202 82.90 -7.56 6.19
CA PHE HE 202 82.36 -8.71 5.49
C PHE HE 202 80.91 -8.45 5.11
N ASN HE 203 80.54 -8.84 3.89
CA ASN HE 203 79.19 -8.69 3.39
C ASN HE 203 78.51 -10.05 3.36
N ILE HE 204 77.27 -10.10 3.84
CA ILE HE 204 76.50 -11.33 3.91
C ILE HE 204 75.27 -11.18 3.01
N GLN HE 205 75.11 -12.11 2.07
CA GLN HE 205 73.85 -12.30 1.36
C GLN HE 205 73.35 -13.70 1.65
N TRP HE 206 72.11 -13.80 2.12
CA TRP HE 206 71.62 -15.06 2.67
C TRP HE 206 70.10 -15.09 2.58
N ASP HE 207 69.57 -16.01 1.79
CA ASP HE 207 68.14 -16.28 1.79
C ASP HE 207 67.75 -16.97 3.08
N LYS HE 208 66.49 -16.79 3.48
CA LYS HE 208 66.04 -17.12 4.83
C LYS HE 208 66.03 -18.62 5.10
N THR HE 209 65.66 -19.43 4.12
CA THR HE 209 65.46 -20.85 4.34
C THR HE 209 66.68 -21.70 4.05
N SER HE 210 67.80 -21.11 3.63
CA SER HE 210 68.96 -21.87 3.21
C SER HE 210 69.71 -22.44 4.41
N ASN HE 211 70.28 -23.63 4.22
CA ASN HE 211 71.23 -24.18 5.15
C ASN HE 211 72.65 -23.71 4.86
N THR HE 212 72.83 -22.94 3.79
CA THR HE 212 74.13 -22.51 3.33
C THR HE 212 74.24 -21.00 3.46
N LEU HE 213 75.30 -20.54 4.12
CA LEU HE 213 75.62 -19.13 4.17
C LEU HE 213 76.54 -18.75 3.02
N MET HE 214 76.50 -17.47 2.65
CA MET HE 214 77.18 -16.98 1.46
C MET HE 214 77.74 -15.60 1.76
N ILE HE 215 79.01 -15.53 2.17
CA ILE HE 215 79.57 -14.31 2.76
C ILE HE 215 80.72 -13.82 1.89
N GLN HE 216 80.69 -12.54 1.56
CA GLN HE 216 81.77 -11.88 0.83
C GLN HE 216 82.57 -11.01 1.78
N ALA HE 217 83.89 -11.17 1.78
CA ALA HE 217 84.75 -10.31 2.57
C ALA HE 217 84.90 -8.97 1.88
N THR HE 218 84.70 -7.89 2.64
CA THR HE 218 84.74 -6.55 2.06
C THR HE 218 86.14 -5.94 2.13
N LYS HE 219 86.83 -6.10 3.24
CA LYS HE 219 88.14 -5.52 3.43
C LYS HE 219 89.22 -6.51 3.00
N LEU HE 220 90.48 -6.16 3.25
CA LEU HE 220 91.62 -6.90 2.74
C LEU HE 220 92.30 -7.79 3.77
N TYR HE 221 92.54 -7.31 4.98
CA TYR HE 221 93.23 -8.12 5.98
C TYR HE 221 92.55 -8.07 7.33
N ASN HE 222 91.35 -7.51 7.42
CA ASN HE 222 90.68 -7.32 8.70
C ASN HE 222 89.85 -8.56 9.01
N TYR HE 223 90.09 -9.15 10.17
CA TYR HE 223 89.49 -10.41 10.54
C TYR HE 223 88.29 -10.20 11.46
N GLY HE 224 87.48 -11.24 11.61
CA GLY HE 224 86.28 -11.12 12.42
C GLY HE 224 85.79 -12.46 12.91
N ASN HE 225 84.66 -12.40 13.62
CA ASN HE 225 84.01 -13.59 14.17
C ASN HE 225 82.56 -13.64 13.72
N LEU HE 226 81.99 -14.84 13.72
CA LEU HE 226 80.65 -15.07 13.22
C LEU HE 226 79.91 -16.04 14.13
N ALA HE 227 78.66 -15.70 14.45
CA ALA HE 227 77.82 -16.53 15.29
C ALA HE 227 76.69 -17.12 14.45
N VAL HE 228 76.51 -18.44 14.53
CA VAL HE 228 75.46 -19.14 13.81
C VAL HE 228 74.64 -19.94 14.81
N ARG HE 229 73.32 -19.82 14.75
CA ARG HE 229 72.42 -20.65 15.55
C ARG HE 229 71.50 -21.42 14.62
N LEU HE 230 71.43 -22.73 14.83
CA LEU HE 230 70.66 -23.62 13.96
C LEU HE 230 69.30 -23.93 14.57
N ARG HE 231 68.38 -24.36 13.70
CA ARG HE 231 67.00 -24.59 14.11
C ARG HE 231 66.88 -25.77 15.06
N GLY HE 232 67.61 -26.84 14.80
CA GLY HE 232 67.64 -27.95 15.73
C GLY HE 232 68.60 -27.77 16.88
N LEU HE 233 69.31 -26.65 16.92
CA LEU HE 233 70.30 -26.39 17.96
C LEU HE 233 69.79 -25.40 18.99
N ASN HE 234 70.40 -25.46 20.16
CA ASN HE 234 70.21 -24.46 21.21
C ASN HE 234 71.48 -23.73 21.58
N THR HE 235 72.65 -24.33 21.32
CA THR HE 235 73.93 -23.70 21.54
C THR HE 235 74.54 -23.28 20.21
N PRO HE 236 74.94 -22.02 20.05
CA PRO HE 236 75.43 -21.54 18.76
C PRO HE 236 76.86 -22.01 18.50
N VAL HE 237 77.36 -21.64 17.32
CA VAL HE 237 78.70 -21.98 16.87
C VAL HE 237 79.38 -20.72 16.38
N MET HE 238 80.61 -20.49 16.84
CA MET HE 238 81.42 -19.35 16.44
C MET HE 238 82.46 -19.81 15.43
N LEU HE 239 82.59 -19.06 14.34
CA LEU HE 239 83.65 -19.26 13.36
C LEU HE 239 84.51 -18.01 13.31
N THR HE 240 85.79 -18.18 12.98
CA THR HE 240 86.65 -17.01 12.77
C THR HE 240 86.96 -16.88 11.29
N LEU HE 241 87.05 -15.64 10.83
CA LEU HE 241 87.12 -15.31 9.41
C LEU HE 241 88.31 -14.41 9.19
N ILE HE 242 89.27 -14.87 8.38
CA ILE HE 242 90.51 -14.16 8.13
C ILE HE 242 90.71 -14.04 6.63
N PRO HE 243 90.84 -12.85 6.07
CA PRO HE 243 91.31 -12.71 4.70
C PRO HE 243 92.81 -12.51 4.63
N GLY HE 244 93.36 -12.80 3.45
CA GLY HE 244 94.77 -12.51 3.21
C GLY HE 244 95.74 -13.66 3.41
N GLN HE 245 95.49 -14.79 2.77
CA GLN HE 245 96.43 -15.90 2.71
C GLN HE 245 96.69 -16.25 1.24
N LYS HE 246 97.41 -17.35 1.02
CA LYS HE 246 97.67 -17.82 -0.33
C LYS HE 246 96.74 -18.96 -0.74
N ALA HE 247 95.80 -19.34 0.11
CA ALA HE 247 94.79 -20.32 -0.24
C ALA HE 247 93.44 -19.80 0.21
N VAL HE 248 92.53 -19.62 -0.74
CA VAL HE 248 91.19 -19.12 -0.45
C VAL HE 248 90.19 -20.24 -0.67
N ASP HE 249 89.33 -20.46 0.32
CA ASP HE 249 88.39 -21.55 0.31
C ASP HE 249 87.10 -21.07 -0.35
N TYR HE 250 86.78 -21.63 -1.53
CA TYR HE 250 85.55 -21.25 -2.20
C TYR HE 250 84.33 -21.85 -1.52
N ARG HE 251 84.39 -23.13 -1.18
CA ARG HE 251 83.24 -23.85 -0.67
C ARG HE 251 83.68 -24.72 0.49
N VAL HE 252 83.09 -24.49 1.67
CA VAL HE 252 83.41 -25.24 2.87
C VAL HE 252 82.17 -26.01 3.32
N ASP HE 253 82.32 -27.32 3.48
CA ASP HE 253 81.24 -28.22 3.88
C ASP HE 253 81.53 -28.70 5.31
N LEU HE 254 80.72 -28.25 6.25
CA LEU HE 254 80.93 -28.57 7.66
C LEU HE 254 79.91 -29.59 8.12
N ARG HE 255 80.39 -30.70 8.68
CA ARG HE 255 79.53 -31.71 9.29
C ARG HE 255 79.59 -31.53 10.80
N VAL HE 256 78.45 -31.26 11.40
CA VAL HE 256 78.37 -31.08 12.84
C VAL HE 256 78.05 -32.43 13.48
N GLN HE 257 78.46 -32.58 14.75
CA GLN HE 257 78.20 -33.81 15.48
C GLN HE 257 76.75 -33.95 15.93
N GLY HE 258 75.92 -32.93 15.76
CA GLY HE 258 74.52 -33.01 16.08
C GLY HE 258 73.72 -33.71 15.00
N TYR HE 259 72.40 -33.68 15.18
CA TYR HE 259 71.46 -34.29 14.25
C TYR HE 259 70.44 -33.24 13.82
N GLY HE 260 70.23 -33.13 12.51
CA GLY HE 260 69.36 -32.12 11.97
C GLY HE 260 67.89 -32.51 12.01
N PRO HE 261 67.06 -31.80 11.24
CA PRO HE 261 65.65 -32.16 11.16
C PRO HE 261 65.40 -33.48 10.46
N ASN HE 262 66.32 -33.92 9.61
CA ASN HE 262 66.20 -35.18 8.89
C ASN HE 262 67.35 -36.11 9.28
N ALA HE 263 67.33 -37.30 8.72
CA ALA HE 263 68.38 -38.29 8.96
C ALA HE 263 69.13 -38.60 7.68
N ASP HE 278 76.62 -45.38 -4.38
CA ASP HE 278 77.72 -45.56 -3.45
C ASP HE 278 79.08 -45.49 -4.17
N LEU HE 279 79.98 -46.43 -3.82
CA LEU HE 279 81.32 -46.45 -4.37
C LEU HE 279 81.31 -46.72 -5.88
N LEU HE 280 80.48 -47.67 -6.32
CA LEU HE 280 80.38 -47.94 -7.74
C LEU HE 280 79.67 -46.82 -8.48
N LEU HE 281 78.74 -46.13 -7.82
CA LEU HE 281 78.14 -44.95 -8.42
C LEU HE 281 79.14 -43.82 -8.59
N HIS HE 282 80.09 -43.71 -7.65
CA HIS HE 282 81.18 -42.75 -7.81
C HIS HE 282 82.09 -43.14 -8.97
N VAL HE 283 82.49 -44.42 -9.03
CA VAL HE 283 83.45 -44.83 -10.05
C VAL HE 283 82.81 -45.02 -11.42
N LEU HE 284 81.48 -45.00 -11.51
CA LEU HE 284 80.79 -45.22 -12.77
C LEU HE 284 81.06 -44.11 -13.77
N GLU HE 285 81.04 -42.86 -13.33
CA GLU HE 285 81.33 -41.76 -14.24
C GLU HE 285 82.82 -41.68 -14.55
N GLY HE 286 83.68 -42.07 -13.62
CA GLY HE 286 85.09 -42.11 -13.91
C GLY HE 286 85.99 -41.44 -12.89
N VAL HE 287 85.41 -40.71 -11.95
CA VAL HE 287 86.23 -40.07 -10.91
C VAL HE 287 86.72 -41.13 -9.94
N PRO HE 288 87.95 -41.01 -9.42
CA PRO HE 288 88.54 -42.12 -8.67
C PRO HE 288 87.92 -42.25 -7.29
N PRO HE 289 87.78 -43.46 -6.78
CA PRO HE 289 87.36 -43.65 -5.40
C PRO HE 289 88.47 -43.29 -4.43
N PRO HE 290 88.14 -42.97 -3.17
CA PRO HE 290 89.20 -42.66 -2.21
C PRO HE 290 90.03 -43.88 -1.84
N GLY HE 291 91.32 -43.66 -1.63
CA GLY HE 291 92.24 -44.73 -1.28
C GLY HE 291 92.66 -45.61 -2.42
N SER HE 292 92.28 -45.28 -3.65
CA SER HE 292 92.48 -46.18 -4.78
C SER HE 292 93.93 -46.19 -5.24
N ARG HE 293 94.35 -47.34 -5.79
CA ARG HE 293 95.67 -47.51 -6.39
C ARG HE 293 95.46 -47.76 -7.88
N ARG HE 294 95.78 -46.75 -8.69
CA ARG HE 294 95.66 -46.89 -10.13
C ARG HE 294 96.73 -47.81 -10.68
N LEU HE 295 96.37 -48.55 -11.73
CA LEU HE 295 97.28 -49.49 -12.35
C LEU HE 295 97.06 -49.49 -13.85
N VAL HE 296 98.07 -49.93 -14.58
CA VAL HE 296 98.03 -49.96 -16.04
C VAL HE 296 97.23 -51.16 -16.49
N VAL HE 297 96.28 -50.94 -17.39
CA VAL HE 297 95.49 -51.99 -18.01
C VAL HE 297 96.18 -52.41 -19.29
N SER HE 298 96.67 -53.65 -19.33
CA SER HE 298 97.37 -54.18 -20.49
C SER HE 298 96.48 -55.20 -21.17
N GLY HE 299 96.17 -54.98 -22.45
CA GLY HE 299 95.31 -55.85 -23.19
C GLY HE 299 93.89 -55.38 -23.36
N GLY HE 300 93.56 -54.16 -22.95
CA GLY HE 300 92.21 -53.67 -23.09
C GLY HE 300 92.12 -52.19 -22.80
N ASP HE 301 91.01 -51.60 -23.23
CA ASP HE 301 90.72 -50.19 -22.99
C ASP HE 301 89.74 -50.08 -21.83
N ALA HE 302 90.30 -49.95 -20.62
CA ALA HE 302 89.50 -49.90 -19.41
C ALA HE 302 90.32 -49.21 -18.33
N ARG HE 303 89.72 -49.05 -17.16
CA ARG HE 303 90.44 -48.57 -16.00
C ARG HE 303 90.06 -49.43 -14.80
N ALA HE 304 90.97 -49.52 -13.84
CA ALA HE 304 90.69 -50.29 -12.64
C ALA HE 304 91.48 -49.69 -11.48
N TRP HE 305 90.99 -49.96 -10.28
CA TRP HE 305 91.55 -49.36 -9.08
C TRP HE 305 91.52 -50.36 -7.93
N LEU HE 306 92.39 -50.12 -6.95
CA LEU HE 306 92.56 -50.97 -5.79
C LEU HE 306 92.60 -50.08 -4.56
N SER HE 307 91.55 -50.14 -3.74
CA SER HE 307 91.50 -49.32 -2.54
C SER HE 307 91.40 -50.13 -1.26
N ASN HE 308 90.56 -51.17 -1.23
CA ASN HE 308 90.45 -52.04 -0.08
C ASN HE 308 90.96 -53.42 -0.46
N GLU HE 309 92.11 -53.44 -1.15
CA GLU HE 309 92.68 -54.56 -1.92
C GLU HE 309 91.59 -55.35 -2.67
N LYS HE 310 90.74 -54.59 -3.37
CA LYS HE 310 89.69 -55.13 -4.20
C LYS HE 310 89.73 -54.39 -5.53
N MET HE 311 89.48 -55.09 -6.62
CA MET HE 311 89.55 -54.47 -7.93
C MET HE 311 88.20 -53.87 -8.29
N TYR HE 312 88.22 -52.59 -8.66
CA TYR HE 312 87.05 -51.86 -9.15
C TYR HE 312 87.36 -51.43 -10.58
N VAL HE 313 86.61 -51.98 -11.54
CA VAL HE 313 86.93 -51.85 -12.95
C VAL HE 313 85.80 -51.08 -13.63
N ARG HE 314 86.17 -49.99 -14.31
CA ARG HE 314 85.26 -49.23 -15.14
C ARG HE 314 85.62 -49.46 -16.60
N THR HE 315 84.62 -49.85 -17.39
CA THR HE 315 84.83 -50.21 -18.79
C THR HE 315 83.52 -50.07 -19.54
N ASN HE 316 83.46 -50.66 -20.72
CA ASN HE 316 82.24 -50.78 -21.49
C ASN HE 316 81.92 -52.22 -21.87
N LEU HE 317 82.82 -53.16 -21.61
CA LEU HE 317 82.65 -54.54 -22.02
C LEU HE 317 81.97 -55.35 -20.91
N THR HE 318 81.91 -56.66 -21.09
CA THR HE 318 81.35 -57.57 -20.10
C THR HE 318 82.41 -58.56 -19.67
N ILE HE 319 82.60 -58.69 -18.35
CA ILE HE 319 83.63 -59.55 -17.80
C ILE HE 319 83.22 -61.01 -17.96
N LEU HE 320 84.17 -61.87 -18.33
CA LEU HE 320 83.88 -63.28 -18.52
C LEU HE 320 84.34 -64.16 -17.36
N SER HE 321 85.65 -64.18 -17.09
CA SER HE 321 86.22 -65.30 -16.33
C SER HE 321 86.00 -65.27 -14.82
N PRO HE 322 86.47 -64.29 -14.05
CA PRO HE 322 86.50 -64.47 -12.60
C PRO HE 322 85.22 -64.06 -11.86
N GLY HE 323 84.19 -63.61 -12.57
CA GLY HE 323 82.98 -63.15 -11.91
C GLY HE 323 83.12 -61.79 -11.30
N TRP HE 324 82.10 -61.41 -10.53
CA TRP HE 324 82.08 -60.12 -9.88
C TRP HE 324 81.46 -60.25 -8.50
N LEU HE 325 81.78 -59.28 -7.63
CA LEU HE 325 81.08 -59.12 -6.37
C LEU HE 325 80.01 -58.05 -6.44
N ALA HE 326 80.17 -57.06 -7.31
CA ALA HE 326 79.13 -56.06 -7.54
C ALA HE 326 79.22 -55.61 -8.99
N SER HE 327 78.09 -55.14 -9.53
CA SER HE 327 78.06 -54.70 -10.92
C SER HE 327 76.97 -53.65 -11.11
N MET HE 328 77.36 -52.48 -11.62
CA MET HE 328 76.43 -51.44 -12.00
C MET HE 328 76.67 -51.07 -13.45
N THR HE 329 75.63 -50.50 -14.08
CA THR HE 329 75.73 -50.03 -15.45
C THR HE 329 75.08 -48.66 -15.56
N SER HE 330 75.46 -47.94 -16.62
CA SER HE 330 74.92 -46.63 -16.91
C SER HE 330 73.87 -46.74 -18.01
N ALA HE 331 73.36 -45.59 -18.46
CA ALA HE 331 72.38 -45.58 -19.53
C ALA HE 331 73.02 -45.83 -20.89
N ASP HE 332 74.22 -45.28 -21.11
CA ASP HE 332 74.86 -45.38 -22.41
C ASP HE 332 75.43 -46.75 -22.70
N GLY HE 333 75.71 -47.54 -21.66
CA GLY HE 333 76.32 -48.85 -21.83
C GLY HE 333 77.64 -49.04 -21.12
N THR HE 334 78.16 -48.03 -20.43
CA THR HE 334 79.36 -48.23 -19.63
C THR HE 334 79.01 -49.00 -18.35
N HIS HE 335 80.00 -49.71 -17.82
CA HIS HE 335 79.81 -50.61 -16.71
C HIS HE 335 80.91 -50.42 -15.68
N ALA HE 336 80.58 -50.73 -14.43
CA ALA HE 336 81.54 -50.75 -13.33
C ALA HE 336 81.33 -52.03 -12.55
N TYR HE 337 82.37 -52.86 -12.49
CA TYR HE 337 82.32 -54.13 -11.78
C TYR HE 337 83.29 -54.07 -10.60
N GLU HE 338 83.02 -54.86 -9.58
CA GLU HE 338 83.86 -54.94 -8.39
C GLU HE 338 84.04 -56.40 -8.02
N MET HE 339 85.30 -56.82 -7.86
CA MET HE 339 85.60 -58.20 -7.48
C MET HE 339 86.92 -58.21 -6.72
N GLN HE 340 87.44 -59.40 -6.47
CA GLN HE 340 88.72 -59.56 -5.78
C GLN HE 340 89.86 -59.36 -6.77
N LYS HE 341 91.09 -59.57 -6.30
CA LYS HE 341 92.26 -59.42 -7.15
C LYS HE 341 92.40 -60.62 -8.09
N SER HE 342 92.65 -60.35 -9.37
CA SER HE 342 92.90 -61.39 -10.35
C SER HE 342 93.82 -60.82 -11.42
N PRO HE 343 94.89 -61.52 -11.78
CA PRO HE 343 95.83 -60.98 -12.77
C PRO HE 343 95.32 -61.08 -14.20
N VAL HE 344 94.40 -62.00 -14.46
CA VAL HE 344 93.94 -62.31 -15.82
C VAL HE 344 92.45 -62.02 -15.91
N LEU HE 345 92.04 -61.37 -17.01
CA LEU HE 345 90.65 -61.04 -17.24
C LEU HE 345 90.27 -61.40 -18.67
N LEU HE 346 89.02 -61.82 -18.84
CA LEU HE 346 88.49 -62.17 -20.15
C LEU HE 346 87.24 -61.35 -20.41
N VAL HE 347 87.09 -60.86 -21.65
CA VAL HE 347 85.94 -60.09 -22.07
C VAL HE 347 85.54 -60.54 -23.46
N SER HE 348 84.38 -60.06 -23.92
CA SER HE 348 83.89 -60.35 -25.25
C SER HE 348 83.65 -59.05 -25.99
N TRP HE 349 83.97 -59.05 -27.28
CA TRP HE 349 83.84 -57.88 -28.15
C TRP HE 349 83.16 -58.33 -29.43
N HIS HE 350 81.83 -58.16 -29.50
CA HIS HE 350 81.01 -58.29 -30.71
C HIS HE 350 81.13 -59.66 -31.34
N GLY HE 351 81.31 -60.70 -30.53
CA GLY HE 351 81.47 -62.06 -31.00
C GLY HE 351 82.85 -62.63 -30.83
N LYS HE 352 83.87 -61.80 -30.61
CA LYS HE 352 85.21 -62.32 -30.40
C LYS HE 352 85.55 -62.29 -28.91
N VAL HE 353 86.55 -63.07 -28.53
CA VAL HE 353 86.95 -63.23 -27.14
C VAL HE 353 88.31 -62.59 -26.97
N MET HE 354 88.42 -61.65 -26.03
CA MET HE 354 89.67 -60.96 -25.76
C MET HE 354 90.11 -61.20 -24.32
N GLN HE 355 91.42 -61.15 -24.11
CA GLN HE 355 92.01 -61.34 -22.80
C GLN HE 355 92.89 -60.13 -22.49
N LEU HE 356 92.90 -59.74 -21.22
CA LEU HE 356 93.77 -58.67 -20.74
C LEU HE 356 94.46 -59.10 -19.46
N LYS HE 357 95.62 -58.51 -19.22
CA LYS HE 357 96.45 -58.81 -18.06
C LYS HE 357 96.66 -57.54 -17.24
N VAL HE 358 96.35 -57.61 -15.95
CA VAL HE 358 96.61 -56.50 -15.07
C VAL HE 358 97.99 -56.68 -14.44
N GLU HE 359 98.55 -55.58 -13.96
CA GLU HE 359 99.87 -55.59 -13.33
C GLU HE 359 99.80 -54.87 -12.00
N GLY HE 360 100.62 -55.31 -11.07
CA GLY HE 360 100.63 -54.76 -9.72
C GLY HE 360 99.90 -55.65 -8.73
N LYS IE 60 1.71 -66.53 -57.42
CA LYS IE 60 2.02 -66.14 -58.79
C LYS IE 60 3.48 -65.75 -58.93
N GLU IE 61 3.80 -64.57 -58.41
CA GLU IE 61 5.15 -64.05 -58.49
C GLU IE 61 6.11 -64.83 -57.63
N THR IE 62 5.62 -65.45 -56.56
CA THR IE 62 6.41 -66.40 -55.79
C THR IE 62 6.81 -67.59 -56.66
N ALA IE 63 5.87 -68.11 -57.45
CA ALA IE 63 6.16 -69.21 -58.36
C ALA IE 63 7.14 -68.79 -59.43
N LEU IE 64 7.01 -67.56 -59.93
CA LEU IE 64 7.95 -67.02 -60.91
C LEU IE 64 9.36 -66.93 -60.35
N SER IE 65 9.51 -66.43 -59.12
CA SER IE 65 10.83 -66.27 -58.53
C SER IE 65 11.47 -67.61 -58.22
N VAL IE 66 10.70 -68.56 -57.68
CA VAL IE 66 11.30 -69.85 -57.36
C VAL IE 66 11.57 -70.65 -58.63
N GLY IE 67 10.79 -70.43 -59.70
CA GLY IE 67 11.11 -71.05 -60.96
C GLY IE 67 12.37 -70.48 -61.57
N ALA IE 68 12.59 -69.18 -61.38
CA ALA IE 68 13.83 -68.54 -61.82
C ALA IE 68 15.03 -69.12 -61.09
N GLN IE 69 14.90 -69.28 -59.76
CA GLN IE 69 15.98 -69.86 -58.97
C GLN IE 69 16.25 -71.30 -59.35
N ALA IE 70 15.18 -72.09 -59.56
CA ALA IE 70 15.34 -73.50 -59.90
C ALA IE 70 15.96 -73.69 -61.27
N GLY IE 71 15.50 -72.92 -62.26
CA GLY IE 71 16.08 -73.01 -63.59
C GLY IE 71 17.52 -72.56 -63.64
N LEU IE 72 17.83 -71.48 -62.92
CA LEU IE 72 19.20 -70.99 -62.85
C LEU IE 72 20.12 -72.02 -62.21
N ALA IE 73 19.68 -72.61 -61.09
CA ALA IE 73 20.49 -73.62 -60.40
C ALA IE 73 20.67 -74.87 -61.26
N TRP IE 74 19.61 -75.31 -61.93
CA TRP IE 74 19.69 -76.52 -62.73
C TRP IE 74 20.60 -76.33 -63.94
N ARG IE 75 20.47 -75.20 -64.64
CA ARG IE 75 21.35 -74.95 -65.78
C ARG IE 75 22.78 -74.72 -65.35
N ALA IE 76 22.98 -74.11 -64.18
CA ALA IE 76 24.32 -73.96 -63.62
C ALA IE 76 24.95 -75.31 -63.35
N LYS IE 77 24.17 -76.24 -62.79
CA LYS IE 77 24.65 -77.60 -62.54
C LYS IE 77 25.02 -78.30 -63.83
N ILE IE 78 24.18 -78.15 -64.86
CA ILE IE 78 24.43 -78.81 -66.15
C ILE IE 78 25.69 -78.28 -66.80
N ILE IE 79 25.86 -76.95 -66.83
CA ILE IE 79 27.02 -76.41 -67.53
C ILE IE 79 28.30 -76.60 -66.73
N ASP IE 80 28.22 -76.63 -65.40
CA ASP IE 80 29.39 -76.97 -64.62
C ASP IE 80 29.76 -78.43 -64.80
N GLU IE 81 28.77 -79.30 -64.98
CA GLU IE 81 29.01 -80.70 -65.28
C GLU IE 81 29.73 -80.87 -66.61
N GLN IE 82 29.29 -80.13 -67.63
CA GLN IE 82 30.00 -80.16 -68.92
C GLN IE 82 31.40 -79.59 -68.81
N LEU IE 83 31.58 -78.58 -67.94
CA LEU IE 83 32.90 -78.00 -67.72
C LEU IE 83 33.85 -79.01 -67.09
N ASN IE 84 33.40 -79.75 -66.08
CA ASN IE 84 34.29 -80.76 -65.52
C ASN IE 84 34.47 -81.95 -66.45
N LYS IE 85 33.51 -82.18 -67.35
CA LYS IE 85 33.70 -83.20 -68.38
C LYS IE 85 34.82 -82.80 -69.34
N GLN IE 86 34.89 -81.53 -69.69
CA GLN IE 86 35.89 -81.04 -70.63
C GLN IE 86 36.93 -80.21 -69.85
N ALA IE 87 37.95 -80.90 -69.34
CA ALA IE 87 38.95 -80.24 -68.51
C ALA IE 87 40.36 -80.32 -69.11
N ARG IE 88 40.82 -81.52 -69.46
CA ARG IE 88 42.18 -81.66 -69.99
C ARG IE 88 42.31 -81.01 -71.35
N ASN IE 89 41.29 -81.13 -72.19
CA ASN IE 89 41.26 -80.37 -73.43
C ASN IE 89 41.17 -78.87 -73.15
N LEU IE 90 40.42 -78.49 -72.12
CA LEU IE 90 40.34 -77.09 -71.72
C LEU IE 90 41.68 -76.57 -71.22
N ASP IE 91 42.37 -77.36 -70.42
CA ASP IE 91 43.70 -76.94 -69.99
C ASP IE 91 44.71 -76.97 -71.13
N ALA IE 92 44.48 -77.81 -72.13
CA ALA IE 92 45.30 -77.77 -73.33
C ALA IE 92 45.06 -76.48 -74.11
N ILE IE 93 43.81 -76.07 -74.22
CA ILE IE 93 43.51 -74.88 -75.03
C ILE IE 93 43.88 -73.62 -74.27
N TYR IE 94 43.99 -73.69 -72.95
CA TYR IE 94 44.31 -72.51 -72.15
C TYR IE 94 45.60 -72.75 -71.39
N ASP IE 95 46.69 -72.22 -71.94
CA ASP IE 95 47.97 -72.23 -71.24
C ASP IE 95 48.20 -70.87 -70.60
N PHE IE 96 49.04 -70.85 -69.60
CA PHE IE 96 49.53 -69.60 -69.04
C PHE IE 96 51.03 -69.58 -68.86
N ASN IE 97 51.63 -70.72 -68.50
CA ASN IE 97 53.01 -70.74 -68.03
C ASN IE 97 54.00 -70.46 -69.15
N SER IE 98 53.74 -70.99 -70.34
CA SER IE 98 54.59 -70.69 -71.49
C SER IE 98 54.50 -69.23 -71.89
N LEU IE 99 53.35 -68.61 -71.71
CA LEU IE 99 53.20 -67.18 -71.95
C LEU IE 99 53.86 -66.34 -70.86
N VAL IE 100 53.98 -66.88 -69.65
CA VAL IE 100 54.67 -66.18 -68.58
C VAL IE 100 56.15 -66.04 -68.93
N LEU IE 101 56.68 -64.84 -68.74
CA LEU IE 101 58.08 -64.56 -69.04
C LEU IE 101 59.00 -65.26 -68.05
N GLU IE 102 60.31 -65.15 -68.32
CA GLU IE 102 61.29 -66.05 -67.72
C GLU IE 102 61.56 -65.77 -66.24
N HIS IE 103 61.22 -64.59 -65.73
CA HIS IE 103 61.49 -64.25 -64.34
C HIS IE 103 60.23 -64.30 -63.50
N ASN IE 104 59.35 -65.27 -63.81
CA ASN IE 104 58.07 -65.49 -63.12
C ASN IE 104 57.21 -64.24 -63.15
N ILE IE 105 57.20 -63.56 -64.30
CA ILE IE 105 56.52 -62.30 -64.48
C ILE IE 105 55.33 -62.52 -65.40
N LEU IE 106 54.16 -62.11 -64.96
CA LEU IE 106 52.99 -62.12 -65.81
C LEU IE 106 53.15 -61.07 -66.90
N PRO IE 107 53.01 -61.43 -68.17
CA PRO IE 107 53.05 -60.44 -69.25
C PRO IE 107 51.85 -59.51 -69.17
N PRO IE 108 51.96 -58.29 -69.67
CA PRO IE 108 50.85 -57.34 -69.58
C PRO IE 108 49.80 -57.62 -70.65
N VAL IE 109 48.79 -56.74 -70.70
CA VAL IE 109 47.63 -56.90 -71.57
C VAL IE 109 47.62 -55.77 -72.57
N LEU IE 110 47.46 -56.10 -73.85
CA LEU IE 110 47.49 -55.12 -74.92
C LEU IE 110 46.18 -55.14 -75.68
N LEU IE 111 45.77 -53.97 -76.18
CA LEU IE 111 44.52 -53.80 -76.90
C LEU IE 111 44.80 -53.10 -78.23
N GLU IE 112 44.15 -53.55 -79.28
CA GLU IE 112 44.32 -52.99 -80.61
C GLU IE 112 42.98 -52.56 -81.18
N GLY IE 113 42.92 -51.35 -81.71
CA GLY IE 113 41.76 -50.88 -82.46
C GLY IE 113 42.18 -50.42 -83.84
N ARG IE 114 41.35 -50.70 -84.83
CA ARG IE 114 41.66 -50.37 -86.21
C ARG IE 114 40.57 -49.48 -86.79
N ASN IE 115 40.99 -48.43 -87.51
CA ASN IE 115 40.13 -47.49 -88.22
C ASN IE 115 39.14 -46.80 -87.27
N THR IE 116 39.69 -45.98 -86.39
CA THR IE 116 38.89 -45.25 -85.43
C THR IE 116 38.52 -43.88 -85.98
N LEU IE 117 37.26 -43.51 -85.80
CA LEU IE 117 36.80 -42.18 -86.15
C LEU IE 117 35.90 -41.67 -85.04
N ASN IE 118 36.22 -40.48 -84.53
CA ASN IE 118 35.36 -39.76 -83.61
C ASN IE 118 34.99 -38.43 -84.23
N LEU IE 119 33.70 -38.16 -84.30
CA LEU IE 119 33.21 -36.84 -84.64
C LEU IE 119 33.09 -36.03 -83.37
N ALA IE 120 33.69 -34.85 -83.34
CA ALA IE 120 33.47 -33.98 -82.18
C ALA IE 120 32.15 -33.25 -82.33
N ASP IE 121 32.00 -32.49 -83.41
CA ASP IE 121 30.79 -31.78 -83.76
C ASP IE 121 30.85 -31.51 -85.25
N ALA IE 122 30.01 -30.59 -85.72
CA ALA IE 122 30.14 -30.11 -87.08
C ALA IE 122 31.49 -29.43 -87.28
N GLN IE 123 32.04 -29.61 -88.50
CA GLN IE 123 33.35 -29.09 -88.90
C GLN IE 123 34.49 -29.63 -88.04
N SER IE 124 34.34 -30.85 -87.51
CA SER IE 124 35.34 -31.40 -86.59
C SER IE 124 35.23 -32.92 -86.57
N ILE IE 125 36.12 -33.60 -87.30
CA ILE IE 125 36.23 -35.04 -87.19
C ILE IE 125 37.69 -35.43 -87.04
N ARG IE 126 37.91 -36.62 -86.48
CA ARG IE 126 39.26 -37.08 -86.17
C ARG IE 126 39.30 -38.59 -86.34
N ILE IE 127 40.12 -39.05 -87.28
CA ILE IE 127 40.21 -40.46 -87.61
C ILE IE 127 41.66 -40.91 -87.54
N SER IE 128 41.92 -41.94 -86.75
CA SER IE 128 43.22 -42.59 -86.73
C SER IE 128 43.10 -43.98 -87.35
N ASP IE 129 44.23 -44.48 -87.83
CA ASP IE 129 44.23 -45.76 -88.52
C ASP IE 129 44.24 -46.94 -87.55
N ARG IE 130 45.20 -46.96 -86.63
CA ARG IE 130 45.29 -47.99 -85.61
C ARG IE 130 45.69 -47.34 -84.30
N THR IE 131 45.22 -47.93 -83.21
CA THR IE 131 45.57 -47.48 -81.87
C THR IE 131 45.89 -48.70 -81.01
N TYR IE 132 46.83 -48.52 -80.10
CA TYR IE 132 47.20 -49.57 -79.17
C TYR IE 132 47.20 -49.04 -77.75
N LYS IE 133 46.65 -49.84 -76.85
CA LYS IE 133 46.38 -49.48 -75.47
C LYS IE 133 47.02 -50.51 -74.55
N VAL IE 134 47.70 -50.05 -73.52
CA VAL IE 134 48.21 -50.92 -72.47
C VAL IE 134 47.13 -51.00 -71.40
N ALA IE 135 46.48 -52.15 -71.29
CA ALA IE 135 45.35 -52.28 -70.38
C ALA IE 135 45.81 -52.41 -68.93
N LYS IE 136 46.57 -53.46 -68.63
CA LYS IE 136 47.01 -53.71 -67.26
C LYS IE 136 48.53 -53.86 -67.24
N GLN IE 137 49.14 -53.24 -66.24
CA GLN IE 137 50.60 -53.29 -66.10
C GLN IE 137 51.05 -54.68 -65.70
N ALA IE 138 52.14 -55.13 -66.32
CA ALA IE 138 52.79 -56.39 -65.94
C ALA IE 138 53.31 -56.32 -64.52
N HIS IE 139 53.31 -57.46 -63.84
CA HIS IE 139 53.74 -57.52 -62.45
C HIS IE 139 54.41 -58.87 -62.19
N PHE IE 140 54.86 -59.03 -60.96
CA PHE IE 140 55.34 -60.33 -60.50
C PHE IE 140 54.16 -61.27 -60.29
N ILE IE 141 54.47 -62.57 -60.21
CA ILE IE 141 53.46 -63.59 -59.95
C ILE IE 141 54.15 -64.76 -59.27
N THR IE 142 53.36 -65.59 -58.59
CA THR IE 142 53.87 -66.79 -57.96
C THR IE 142 53.44 -68.07 -58.66
N THR IE 143 52.36 -68.03 -59.43
CA THR IE 143 51.86 -69.22 -60.10
C THR IE 143 51.04 -68.77 -61.30
N PRO IE 144 51.03 -69.54 -62.39
CA PRO IE 144 50.15 -69.23 -63.51
C PRO IE 144 48.69 -69.40 -63.12
N PRO IE 145 47.80 -68.58 -63.65
CA PRO IE 145 46.37 -68.72 -63.34
C PRO IE 145 45.73 -69.86 -64.12
N THR IE 146 44.40 -69.94 -64.06
CA THR IE 146 43.66 -70.96 -64.79
C THR IE 146 42.31 -70.37 -65.21
N TRP IE 147 41.43 -71.24 -65.70
CA TRP IE 147 40.05 -70.89 -66.00
C TRP IE 147 39.18 -70.84 -64.77
N ARG IE 148 39.73 -71.21 -63.61
CA ARG IE 148 38.95 -71.30 -62.37
C ARG IE 148 38.41 -69.94 -61.95
N GLN IE 149 39.11 -68.86 -62.29
CA GLN IE 149 38.71 -67.52 -61.92
C GLN IE 149 38.10 -66.77 -63.09
N TYR IE 150 37.76 -67.49 -64.17
CA TYR IE 150 37.19 -66.86 -65.34
C TYR IE 150 35.98 -67.57 -65.92
N LEU IE 151 35.72 -68.81 -65.56
CA LEU IE 151 34.60 -69.49 -66.19
C LEU IE 151 33.62 -70.10 -65.22
N TRP IE 152 34.09 -70.62 -64.10
CA TRP IE 152 33.25 -71.37 -63.20
C TRP IE 152 32.31 -70.45 -62.44
N MET IE 153 31.16 -71.00 -62.04
CA MET IE 153 30.12 -70.24 -61.39
C MET IE 153 29.64 -70.97 -60.15
N ASP IE 154 29.13 -70.22 -59.18
CA ASP IE 154 28.68 -70.78 -57.93
C ASP IE 154 27.38 -71.56 -58.11
N TYR IE 155 27.07 -72.40 -57.13
CA TYR IE 155 25.84 -73.18 -57.16
C TYR IE 155 25.41 -73.49 -55.74
N VAL IE 156 24.22 -73.01 -55.38
CA VAL IE 156 23.50 -73.46 -54.20
C VAL IE 156 22.06 -73.72 -54.64
N LYS IE 157 21.60 -74.95 -54.46
CA LYS IE 157 20.24 -75.28 -54.86
C LYS IE 157 19.25 -74.72 -53.85
N PRO IE 158 18.30 -73.89 -54.27
CA PRO IE 158 17.27 -73.43 -53.34
C PRO IE 158 16.13 -74.44 -53.23
N GLU IE 159 15.93 -75.00 -52.05
CA GLU IE 159 14.93 -76.04 -51.85
C GLU IE 159 14.12 -75.77 -50.59
N ALA IE 160 13.76 -74.52 -50.35
CA ALA IE 160 12.94 -74.16 -49.19
C ALA IE 160 11.75 -73.29 -49.61
N PRO IE 161 10.74 -73.88 -50.28
CA PRO IE 161 9.51 -73.13 -50.53
C PRO IE 161 8.52 -73.24 -49.38
N ASN IE 162 8.32 -72.17 -48.63
CA ASN IE 162 7.23 -72.10 -47.66
C ASN IE 162 6.03 -71.57 -48.44
N VAL IE 163 5.09 -72.47 -48.71
CA VAL IE 163 4.06 -72.22 -49.71
C VAL IE 163 3.04 -71.23 -49.16
N THR IE 164 2.90 -70.09 -49.82
CA THR IE 164 1.91 -69.08 -49.49
C THR IE 164 0.70 -69.18 -50.42
N LEU IE 165 0.93 -69.00 -51.72
CA LEU IE 165 -0.11 -69.25 -52.72
C LEU IE 165 -0.15 -70.74 -52.98
N LEU IE 166 -0.93 -71.44 -52.17
CA LEU IE 166 -1.03 -72.89 -52.23
C LEU IE 166 -1.72 -73.31 -53.51
N PRO IE 167 -1.10 -74.13 -54.36
CA PRO IE 167 -1.75 -74.56 -55.60
C PRO IE 167 -2.82 -75.59 -55.33
N LYS IE 168 -4.08 -75.16 -55.34
CA LYS IE 168 -5.21 -76.04 -55.04
C LYS IE 168 -6.19 -76.15 -56.20
N THR IE 169 -6.68 -75.04 -56.71
CA THR IE 169 -7.57 -75.13 -57.85
C THR IE 169 -6.75 -75.32 -59.13
N LYS IE 170 -7.46 -75.74 -60.19
CA LYS IE 170 -6.78 -76.12 -61.42
C LYS IE 170 -6.19 -74.91 -62.14
N ALA IE 171 -6.86 -73.76 -62.06
CA ALA IE 171 -6.33 -72.55 -62.68
C ALA IE 171 -5.07 -72.07 -61.95
N GLU IE 172 -5.06 -72.14 -60.62
CA GLU IE 172 -3.88 -71.69 -59.90
C GLU IE 172 -2.74 -72.69 -60.01
N LYS IE 173 -3.05 -73.98 -60.15
CA LYS IE 173 -2.00 -74.95 -60.47
C LYS IE 173 -1.46 -74.72 -61.88
N GLU IE 174 -2.33 -74.33 -62.80
CA GLU IE 174 -1.92 -74.06 -64.17
C GLU IE 174 -1.01 -72.85 -64.25
N ILE IE 175 -1.36 -71.77 -63.52
CA ILE IE 175 -0.49 -70.60 -63.55
C ILE IE 175 0.77 -70.87 -62.76
N TRP IE 176 0.71 -71.76 -61.75
CA TRP IE 176 1.90 -72.19 -61.04
C TRP IE 176 2.86 -72.92 -61.97
N CYS IE 177 2.32 -73.81 -62.80
CA CYS IE 177 3.13 -74.57 -63.74
C CYS IE 177 3.73 -73.68 -64.82
N ILE IE 178 2.91 -72.79 -65.39
CA ILE IE 178 3.45 -71.97 -66.49
C ILE IE 178 4.38 -70.88 -65.96
N TYR IE 179 4.19 -70.43 -64.72
CA TYR IE 179 5.12 -69.46 -64.15
C TYR IE 179 6.43 -70.14 -63.78
N THR IE 180 6.36 -71.39 -63.35
CA THR IE 180 7.57 -72.17 -63.13
C THR IE 180 8.31 -72.41 -64.44
N GLU IE 181 7.56 -72.64 -65.53
CA GLU IE 181 8.18 -72.79 -66.84
C GLU IE 181 8.85 -71.50 -67.29
N ARG IE 182 8.18 -70.36 -67.05
CA ARG IE 182 8.75 -69.07 -67.40
C ARG IE 182 10.03 -68.80 -66.61
N GLY IE 183 10.02 -69.11 -65.32
CA GLY IE 183 11.22 -68.96 -64.52
C GLY IE 183 12.33 -69.90 -64.93
N TRP IE 184 11.96 -71.13 -65.34
CA TRP IE 184 12.93 -72.08 -65.88
C TRP IE 184 13.63 -71.51 -67.10
N LYS IE 185 12.85 -70.93 -68.02
CA LYS IE 185 13.40 -70.31 -69.21
C LYS IE 185 14.28 -69.11 -68.87
N ASN IE 186 13.84 -68.28 -67.92
CA ASN IE 186 14.60 -67.09 -67.56
C ASN IE 186 15.92 -67.44 -66.89
N GLY IE 187 15.92 -68.47 -66.04
CA GLY IE 187 17.15 -68.92 -65.43
C GLY IE 187 18.13 -69.48 -66.45
N ILE IE 188 17.60 -70.22 -67.45
CA ILE IE 188 18.43 -70.74 -68.52
C ILE IE 188 19.08 -69.60 -69.31
N ASP IE 189 18.28 -68.59 -69.67
CA ASP IE 189 18.79 -67.47 -70.46
C ASP IE 189 19.81 -66.65 -69.69
N GLN IE 190 19.56 -66.41 -68.40
CA GLN IE 190 20.48 -65.63 -67.58
C GLN IE 190 21.79 -66.38 -67.39
N ALA IE 191 21.73 -67.70 -67.21
CA ALA IE 191 22.95 -68.49 -67.08
C ALA IE 191 23.77 -68.46 -68.36
N ASN IE 192 23.10 -68.53 -69.51
CA ASN IE 192 23.81 -68.44 -70.78
C ASN IE 192 24.45 -67.08 -70.98
N THR IE 193 23.76 -66.03 -70.52
CA THR IE 193 24.33 -64.68 -70.60
C THR IE 193 25.57 -64.55 -69.73
N ILE IE 194 25.52 -65.12 -68.52
CA ILE IE 194 26.66 -65.09 -67.60
C ILE IE 194 27.85 -65.82 -68.20
N LEU IE 195 27.61 -66.99 -68.79
CA LEU IE 195 28.68 -67.76 -69.41
C LEU IE 195 29.24 -67.04 -70.64
N GLU IE 196 28.39 -66.33 -71.38
CA GLU IE 196 28.84 -65.53 -72.51
C GLU IE 196 29.79 -64.43 -72.05
N GLU IE 197 29.43 -63.73 -70.98
CA GLU IE 197 30.30 -62.67 -70.45
C GLU IE 197 31.61 -63.23 -69.93
N ASN IE 198 31.56 -64.39 -69.28
CA ASN IE 198 32.77 -65.02 -68.75
C ASN IE 198 33.72 -65.44 -69.87
N ILE IE 199 33.18 -66.05 -70.92
CA ILE IE 199 34.04 -66.51 -72.00
C ILE IE 199 34.59 -65.33 -72.80
N ALA IE 200 33.82 -64.24 -72.88
CA ALA IE 200 34.35 -63.02 -73.49
C ALA IE 200 35.49 -62.44 -72.67
N ARG IE 201 35.37 -62.49 -71.33
CA ARG IE 201 36.42 -61.96 -70.46
C ARG IE 201 37.72 -62.73 -70.62
N ILE IE 202 37.65 -64.07 -70.59
CA ILE IE 202 38.87 -64.85 -70.70
C ILE IE 202 39.45 -64.77 -72.11
N LYS IE 203 38.59 -64.60 -73.12
CA LYS IE 203 39.05 -64.36 -74.48
C LYS IE 203 39.84 -63.07 -74.58
N GLU IE 204 39.36 -62.01 -73.93
CA GLU IE 204 40.07 -60.74 -73.97
C GLU IE 204 41.41 -60.83 -73.23
N ASP IE 205 41.48 -61.62 -72.16
CA ASP IE 205 42.73 -61.72 -71.42
C ASP IE 205 43.78 -62.47 -72.22
N PHE IE 206 43.40 -63.61 -72.81
CA PHE IE 206 44.35 -64.36 -73.61
C PHE IE 206 44.74 -63.59 -74.88
N GLY IE 207 43.79 -62.84 -75.45
CA GLY IE 207 44.11 -62.01 -76.59
C GLY IE 207 45.10 -60.91 -76.26
N GLY IE 208 44.97 -60.32 -75.07
CA GLY IE 208 45.93 -59.31 -74.63
C GLY IE 208 47.32 -59.88 -74.45
N MET IE 209 47.41 -61.10 -73.89
CA MET IE 209 48.71 -61.74 -73.74
C MET IE 209 49.34 -62.06 -75.09
N ILE IE 210 48.55 -62.57 -76.03
CA ILE IE 210 49.08 -62.90 -77.35
C ILE IE 210 49.50 -61.64 -78.10
N LEU IE 211 48.75 -60.55 -77.92
CA LEU IE 211 49.12 -59.27 -78.53
C LEU IE 211 50.42 -58.75 -77.95
N TYR IE 212 50.64 -58.92 -76.65
CA TYR IE 212 51.92 -58.54 -76.06
C TYR IE 212 53.06 -59.36 -76.63
N ARG IE 213 52.83 -60.67 -76.79
CA ARG IE 213 53.87 -61.53 -77.37
C ARG IE 213 54.20 -61.12 -78.80
N LYS IE 214 53.16 -60.81 -79.59
CA LYS IE 214 53.37 -60.43 -80.98
C LYS IE 214 54.11 -59.11 -81.11
N LEU IE 215 53.73 -58.10 -80.31
CA LEU IE 215 54.42 -56.81 -80.43
C LEU IE 215 55.82 -56.86 -79.84
N LEU IE 216 56.02 -57.68 -78.80
CA LEU IE 216 57.35 -57.86 -78.24
C LEU IE 216 58.27 -58.53 -79.24
N ALA IE 217 57.73 -59.48 -80.01
CA ALA IE 217 58.48 -60.01 -81.14
C ALA IE 217 58.65 -58.97 -82.23
N MET IE 218 57.68 -58.08 -82.38
CA MET IE 218 57.67 -57.09 -83.45
C MET IE 218 58.54 -55.87 -83.15
N ASN IE 219 59.16 -55.84 -81.95
CA ASN IE 219 59.98 -54.73 -81.47
C ASN IE 219 59.13 -53.45 -81.40
N MET IE 220 58.03 -53.57 -80.66
CA MET IE 220 57.11 -52.46 -80.44
C MET IE 220 57.06 -52.01 -79.00
N VAL IE 221 57.50 -52.84 -78.05
CA VAL IE 221 57.47 -52.49 -76.64
C VAL IE 221 58.84 -52.72 -76.04
N SER IE 222 59.08 -52.07 -74.93
CA SER IE 222 60.27 -52.33 -74.16
C SER IE 222 60.12 -53.63 -73.41
N PRO IE 223 61.09 -54.54 -73.49
CA PRO IE 223 61.11 -55.69 -72.59
C PRO IE 223 61.37 -55.22 -71.17
N PRO IE 224 60.84 -55.92 -70.17
CA PRO IE 224 61.05 -55.49 -68.78
C PRO IE 224 62.48 -55.70 -68.31
N TYR IE 225 62.89 -54.89 -67.35
CA TYR IE 225 64.24 -54.91 -66.81
C TYR IE 225 64.23 -55.30 -65.34
N VAL IE 226 65.08 -56.27 -64.99
CA VAL IE 226 65.14 -56.81 -63.64
C VAL IE 226 66.52 -56.53 -63.08
N SER IE 227 66.58 -55.97 -61.87
CA SER IE 227 67.81 -55.74 -61.14
C SER IE 227 67.92 -56.73 -59.99
N HIS IE 228 69.06 -57.41 -59.90
CA HIS IE 228 69.35 -58.33 -58.82
C HIS IE 228 70.40 -57.70 -57.91
N THR IE 229 70.07 -57.54 -56.64
CA THR IE 229 71.04 -57.19 -55.63
C THR IE 229 71.12 -58.33 -54.62
N ASP IE 230 72.24 -58.42 -53.93
CA ASP IE 230 72.41 -59.51 -52.98
C ASP IE 230 73.27 -59.08 -51.80
N LEU IE 231 73.02 -59.74 -50.68
CA LEU IE 231 73.77 -59.59 -49.45
C LEU IE 231 74.17 -60.98 -48.97
N GLY IE 232 75.29 -61.05 -48.26
CA GLY IE 232 75.76 -62.32 -47.77
C GLY IE 232 75.05 -62.76 -46.50
N VAL IE 233 75.82 -63.18 -45.50
CA VAL IE 233 75.26 -63.59 -44.23
C VAL IE 233 74.84 -62.35 -43.45
N THR IE 234 73.55 -62.25 -43.15
CA THR IE 234 72.99 -61.07 -42.52
C THR IE 234 72.28 -61.45 -41.23
N GLY IE 235 72.29 -60.53 -40.28
CA GLY IE 235 71.51 -60.66 -39.06
C GLY IE 235 72.37 -60.64 -37.81
N ASP IE 236 71.70 -60.82 -36.68
CA ASP IE 236 72.34 -60.82 -35.38
C ASP IE 236 72.71 -62.24 -34.97
N GLY IE 237 73.07 -62.43 -33.70
CA GLY IE 237 73.35 -63.76 -33.19
C GLY IE 237 72.13 -64.61 -32.91
N SER IE 238 70.93 -64.06 -33.04
CA SER IE 238 69.70 -64.82 -32.87
C SER IE 238 69.02 -65.12 -34.20
N GLU IE 239 69.09 -64.20 -35.15
CA GLU IE 239 68.52 -64.39 -36.48
C GLU IE 239 69.64 -64.29 -37.50
N ILE IE 240 69.76 -65.30 -38.36
CA ILE IE 240 70.73 -65.23 -39.44
C ILE IE 240 70.08 -65.70 -40.73
N HIS IE 241 70.52 -65.14 -41.84
CA HIS IE 241 70.06 -65.52 -43.16
C HIS IE 241 71.28 -65.74 -44.04
N ILE IE 242 71.24 -66.77 -44.87
CA ILE IE 242 72.45 -67.21 -45.56
C ILE IE 242 72.79 -66.28 -46.71
N ASP IE 243 71.88 -66.11 -47.65
CA ASP IE 243 72.17 -65.40 -48.89
C ASP IE 243 70.95 -64.55 -49.27
N ASP IE 244 70.92 -63.32 -48.79
CA ASP IE 244 69.80 -62.46 -49.11
C ASP IE 244 69.90 -62.00 -50.55
N ARG IE 245 68.78 -62.00 -51.25
CA ARG IE 245 68.78 -61.58 -52.65
C ARG IE 245 67.48 -60.88 -52.94
N VAL IE 246 67.58 -59.65 -53.46
CA VAL IE 246 66.43 -58.81 -53.75
C VAL IE 246 66.35 -58.65 -55.25
N LEU IE 247 65.20 -58.99 -55.82
CA LEU IE 247 64.89 -58.79 -57.22
C LEU IE 247 63.88 -57.66 -57.33
N ARG IE 248 64.28 -56.60 -58.04
CA ARG IE 248 63.41 -55.47 -58.31
C ARG IE 248 63.23 -55.37 -59.82
N ILE IE 249 62.13 -54.75 -60.23
CA ILE IE 249 61.88 -54.52 -61.65
C ILE IE 249 61.87 -53.02 -61.89
N THR IE 250 62.74 -52.56 -62.78
CA THR IE 250 62.92 -51.13 -63.02
C THR IE 250 62.02 -50.65 -64.16
N ALA IE 251 62.21 -51.22 -65.35
CA ALA IE 251 61.53 -50.74 -66.55
C ALA IE 251 60.26 -51.55 -66.75
N LEU IE 252 59.11 -50.89 -66.62
CA LEU IE 252 57.87 -51.51 -67.03
C LEU IE 252 57.82 -51.61 -68.55
N PRO IE 253 57.14 -52.62 -69.08
CA PRO IE 253 56.95 -52.68 -70.53
C PRO IE 253 56.02 -51.56 -70.99
N GLU IE 254 56.44 -50.85 -72.04
CA GLU IE 254 55.64 -49.77 -72.61
C GLU IE 254 56.00 -49.61 -74.07
N LEU IE 255 55.12 -48.94 -74.80
CA LEU IE 255 55.36 -48.67 -76.21
C LEU IE 255 56.44 -47.60 -76.38
N ASN IE 256 57.15 -47.68 -77.50
CA ASN IE 256 58.13 -46.67 -77.88
C ASN IE 256 57.54 -45.77 -78.95
N VAL IE 257 57.82 -44.47 -78.85
CA VAL IE 257 57.17 -43.48 -79.70
C VAL IE 257 57.87 -43.28 -81.04
N ASN IE 258 58.87 -44.10 -81.36
CA ASN IE 258 59.60 -43.96 -82.60
C ASN IE 258 59.39 -45.20 -83.46
N SER IE 259 59.32 -44.98 -84.77
CA SER IE 259 59.09 -46.05 -85.72
C SER IE 259 60.38 -46.54 -86.37
N ALA IE 260 61.52 -45.94 -86.03
CA ALA IE 260 62.78 -46.31 -86.67
C ALA IE 260 63.27 -47.67 -86.20
N GLU IE 261 62.85 -48.10 -85.02
CA GLU IE 261 63.27 -49.37 -84.45
C GLU IE 261 62.33 -50.52 -84.78
N TRP IE 262 61.50 -50.36 -85.81
CA TRP IE 262 60.48 -51.34 -86.11
C TRP IE 262 60.88 -52.15 -87.34
N ARG IE 263 60.94 -53.46 -87.17
CA ARG IE 263 61.25 -54.37 -88.28
C ARG IE 263 59.96 -55.01 -88.79
N ALA IE 264 59.71 -54.87 -90.08
CA ALA IE 264 58.55 -55.50 -90.68
C ALA IE 264 58.84 -56.98 -90.97
N ALA IE 265 57.79 -57.71 -91.29
CA ALA IE 265 57.91 -59.15 -91.53
C ALA IE 265 57.11 -59.53 -92.76
N VAL IE 266 57.63 -60.50 -93.51
CA VAL IE 266 57.00 -60.98 -94.72
C VAL IE 266 57.07 -62.50 -94.74
N ALA IE 267 55.92 -63.13 -94.94
CA ALA IE 267 55.87 -64.59 -94.94
C ALA IE 267 56.45 -65.16 -96.23
N LYS IE 268 56.51 -66.48 -96.30
CA LYS IE 268 56.95 -67.16 -97.51
C LYS IE 268 56.03 -68.32 -97.85
N UNK JE 1 113.31 -7.72 -27.45
CA UNK JE 1 111.96 -7.88 -26.93
C UNK JE 1 111.99 -8.32 -25.46
N UNK JE 2 111.86 -9.62 -25.24
CA UNK JE 2 111.92 -10.19 -23.90
C UNK JE 2 112.92 -11.34 -23.88
N UNK JE 3 113.70 -11.44 -22.81
CA UNK JE 3 114.71 -12.48 -22.66
C UNK JE 3 114.42 -13.27 -21.38
N UNK JE 4 114.15 -14.57 -21.54
CA UNK JE 4 113.83 -15.42 -20.40
C UNK JE 4 115.04 -15.63 -19.50
N UNK JE 5 116.22 -15.80 -20.09
CA UNK JE 5 117.44 -16.00 -19.29
C UNK JE 5 117.80 -14.74 -18.52
N UNK JE 6 117.66 -13.57 -19.15
CA UNK JE 6 117.92 -12.32 -18.46
C UNK JE 6 116.90 -12.06 -17.36
N UNK JE 7 115.64 -12.43 -17.60
CA UNK JE 7 114.62 -12.30 -16.57
C UNK JE 7 114.90 -13.22 -15.38
N UNK JE 8 115.34 -14.44 -15.65
CA UNK JE 8 115.71 -15.37 -14.57
C UNK JE 8 116.94 -14.88 -13.82
N UNK JE 9 117.90 -14.29 -14.53
CA UNK JE 9 119.08 -13.73 -13.87
C UNK JE 9 118.72 -12.54 -12.98
N UNK JE 10 117.82 -11.68 -13.46
CA UNK JE 10 117.35 -10.56 -12.64
C UNK JE 10 116.58 -11.04 -11.41
N UNK JE 11 115.75 -12.08 -11.58
CA UNK JE 11 115.01 -12.65 -10.45
C UNK JE 11 115.95 -13.30 -9.44
N UNK JE 12 117.00 -13.98 -9.91
CA UNK JE 12 117.98 -14.60 -9.01
C UNK JE 12 118.77 -13.54 -8.27
N UNK JE 13 119.13 -12.44 -8.94
CA UNK JE 13 119.87 -11.36 -8.28
C UNK JE 13 119.00 -10.62 -7.29
N UNK JE 14 117.70 -10.45 -7.59
CA UNK JE 14 116.78 -9.83 -6.65
C UNK JE 14 116.54 -10.72 -5.44
N UNK JE 15 116.50 -12.05 -5.65
CA UNK JE 15 116.39 -12.97 -4.53
C UNK JE 15 117.64 -12.95 -3.65
N UNK JE 16 118.81 -13.07 -4.27
CA UNK JE 16 120.07 -12.92 -3.55
C UNK JE 16 120.62 -11.50 -3.72
N UNK JE 17 119.78 -10.53 -3.37
CA UNK JE 17 120.21 -9.14 -3.35
C UNK JE 17 121.20 -8.85 -2.24
N UNK JE 18 121.17 -9.65 -1.17
CA UNK JE 18 122.08 -9.55 -0.01
C UNK JE 18 122.02 -8.18 0.65
N UNK JE 19 120.82 -7.61 0.74
CA UNK JE 19 120.62 -6.32 1.39
C UNK JE 19 119.54 -6.49 2.45
N UNK JE 20 119.86 -6.12 3.69
CA UNK JE 20 118.91 -6.24 4.79
C UNK JE 20 119.26 -5.26 5.89
N UNK JE 21 118.22 -4.71 6.52
CA UNK JE 21 118.36 -3.84 7.69
C UNK JE 21 117.04 -3.88 8.44
N UNK JE 22 117.08 -4.40 9.66
CA UNK JE 22 115.86 -4.61 10.44
C UNK JE 22 115.98 -3.94 11.80
N UNK JE 23 114.84 -3.52 12.34
CA UNK JE 23 114.78 -2.91 13.65
C UNK JE 23 113.56 -3.44 14.39
N UNK JE 24 113.76 -3.90 15.62
CA UNK JE 24 112.67 -4.35 16.48
C UNK JE 24 112.37 -3.30 17.54
N UNK JE 25 111.31 -3.55 18.31
CA UNK JE 25 110.88 -2.63 19.34
C UNK JE 25 110.66 -3.38 20.65
N UNK JE 26 110.87 -2.68 21.75
CA UNK JE 26 110.55 -3.19 23.06
C UNK JE 26 109.07 -2.89 23.36
N UNK JE 27 108.64 -3.16 24.59
CA UNK JE 27 107.25 -2.91 24.95
C UNK JE 27 106.95 -1.43 25.15
N UNK JE 28 107.97 -0.60 25.34
CA UNK JE 28 107.81 0.84 25.49
C UNK JE 28 108.28 1.59 24.24
N UNK JE 29 108.16 0.93 23.07
CA UNK JE 29 108.55 1.46 21.76
C UNK JE 29 110.02 1.88 21.71
N UNK JE 30 110.87 1.09 22.37
CA UNK JE 30 112.32 1.33 22.32
C UNK JE 30 112.89 0.58 21.14
N UNK JE 31 113.45 1.32 20.18
CA UNK JE 31 113.94 0.74 18.94
C UNK JE 31 115.32 0.14 19.12
N UNK JE 32 115.52 -1.06 18.57
CA UNK JE 32 116.80 -1.74 18.60
C UNK JE 32 117.07 -2.34 17.22
N UNK JE 33 118.13 -1.86 16.57
CA UNK JE 33 118.58 -2.41 15.29
C UNK JE 33 119.99 -2.92 15.47
N UNK JE 34 120.20 -4.21 15.22
CA UNK JE 34 121.48 -4.85 15.45
C UNK JE 34 122.37 -4.72 14.21
N UNK JE 35 123.41 -5.53 14.15
CA UNK JE 35 124.27 -5.58 12.97
C UNK JE 35 123.54 -6.21 11.80
N UNK JE 36 123.85 -5.72 10.60
CA UNK JE 36 123.18 -6.19 9.39
C UNK JE 36 123.59 -7.62 9.06
N UNK JE 37 122.62 -8.40 8.61
CA UNK JE 37 122.83 -9.78 8.20
C UNK JE 37 122.42 -9.95 6.75
N UNK JE 38 122.90 -11.05 6.14
CA UNK JE 38 122.63 -11.45 4.76
C UNK JE 38 122.94 -10.36 3.71
N UNK JE 39 103.93 -7.05 19.97
CA UNK JE 39 104.48 -5.73 19.62
C UNK JE 39 105.98 -5.69 19.84
N UNK JE 40 106.68 -6.72 19.34
CA UNK JE 40 108.13 -6.78 19.43
C UNK JE 40 108.80 -6.42 18.11
N UNK JE 41 108.48 -7.13 17.04
CA UNK JE 41 109.09 -6.87 15.74
C UNK JE 41 108.07 -7.16 14.67
N UNK JE 42 107.64 -6.12 13.96
CA UNK JE 42 106.82 -6.31 12.78
C UNK JE 42 107.63 -7.01 11.70
N UNK JE 43 107.01 -7.98 11.03
CA UNK JE 43 107.69 -8.72 9.98
C UNK JE 43 108.00 -7.85 8.77
N UNK JE 44 107.24 -6.77 8.56
CA UNK JE 44 107.56 -5.80 7.54
C UNK JE 44 108.57 -4.77 8.00
N UNK JE 45 109.00 -4.82 9.27
CA UNK JE 45 110.02 -3.91 9.76
C UNK JE 45 111.38 -4.16 9.15
N UNK JE 46 111.65 -5.37 8.69
CA UNK JE 46 112.88 -5.69 7.99
C UNK JE 46 112.83 -5.09 6.58
N UNK JE 47 113.90 -4.42 6.18
CA UNK JE 47 113.98 -3.79 4.87
C UNK JE 47 115.37 -3.98 4.30
N UNK JE 48 115.45 -3.94 2.97
CA UNK JE 48 116.73 -4.12 2.29
C UNK JE 48 117.60 -2.87 2.37
N ARG KE 207 66.73 10.78 90.49
CA ARG KE 207 66.11 11.98 89.97
C ARG KE 207 65.91 11.87 88.47
N ILE KE 208 65.58 12.99 87.82
CA ILE KE 208 65.32 13.04 86.39
C ILE KE 208 66.38 13.92 85.74
N ILE KE 209 67.15 13.35 84.82
CA ILE KE 209 68.19 14.07 84.12
C ILE KE 209 67.66 14.46 82.75
N TYR KE 210 67.63 15.75 82.47
CA TYR KE 210 67.16 16.23 81.19
C TYR KE 210 68.27 16.15 80.15
N TYR KE 211 67.88 15.78 78.93
CA TYR KE 211 68.81 15.59 77.85
C TYR KE 211 68.50 16.56 76.71
N ILE KE 212 69.53 16.92 75.96
CA ILE KE 212 69.38 17.84 74.84
C ILE KE 212 68.67 17.12 73.71
N GLN KE 213 67.53 17.66 73.29
CA GLN KE 213 66.78 17.16 72.15
C GLN KE 213 66.74 18.16 71.00
N ALA KE 214 66.45 19.42 71.30
CA ALA KE 214 66.40 20.47 70.29
C ALA KE 214 66.90 21.76 70.91
N VAL KE 215 68.01 22.28 70.39
CA VAL KE 215 68.59 23.53 70.87
C VAL KE 215 68.74 24.46 69.67
N ILE KE 216 68.07 25.61 69.75
CA ILE KE 216 68.21 26.68 68.78
C ILE KE 216 68.80 27.86 69.54
N PRO KE 217 69.24 28.93 68.87
CA PRO KE 217 69.48 30.18 69.60
C PRO KE 217 68.19 30.72 70.17
N GLY KE 218 68.21 31.07 71.44
CA GLY KE 218 67.03 31.60 72.12
C GLY KE 218 66.15 30.61 72.88
N ARG KE 219 65.81 29.49 72.26
CA ARG KE 219 64.95 28.50 72.87
C ARG KE 219 65.66 27.15 72.93
N ALA KE 220 65.20 26.31 73.85
CA ALA KE 220 65.72 24.96 73.96
C ALA KE 220 64.59 24.01 74.28
N TRP KE 221 64.73 22.77 73.83
CA TRP KE 221 63.76 21.71 74.12
C TRP KE 221 64.52 20.55 74.76
N LEU KE 222 64.16 20.24 76.00
CA LEU KE 222 64.86 19.23 76.79
C LEU KE 222 63.93 18.08 77.08
N ILE KE 223 64.43 16.86 76.88
CA ILE KE 223 63.68 15.64 77.18
C ILE KE 223 64.17 15.10 78.51
N GLY KE 224 63.24 14.81 79.41
CA GLY KE 224 63.58 14.28 80.71
C GLY KE 224 63.88 12.80 80.66
N SER KE 225 64.10 12.23 81.85
CA SER KE 225 64.32 10.79 81.98
C SER KE 225 63.06 10.01 81.63
N ASN KE 226 61.89 10.52 82.00
CA ASN KE 226 60.62 9.92 81.63
C ASN KE 226 60.07 10.46 80.33
N GLY KE 227 60.91 11.14 79.54
CA GLY KE 227 60.47 11.67 78.27
C GLY KE 227 59.79 13.02 78.34
N SER KE 228 59.95 13.75 79.43
CA SER KE 228 59.32 15.06 79.58
C SER KE 228 60.08 16.07 78.74
N THR KE 229 59.59 16.33 77.53
CA THR KE 229 60.19 17.34 76.66
C THR KE 229 59.49 18.67 76.90
N LEU KE 230 60.26 19.65 77.37
CA LEU KE 230 59.77 20.97 77.67
C LEU KE 230 60.63 22.02 76.99
N THR KE 231 60.01 23.15 76.68
CA THR KE 231 60.70 24.28 76.08
C THR KE 231 61.09 25.27 77.16
N VAL KE 232 62.33 25.75 77.09
CA VAL KE 232 62.88 26.67 78.07
C VAL KE 232 63.64 27.77 77.34
N ARG KE 233 63.84 28.88 78.04
CA ARG KE 233 64.58 30.04 77.55
C ARG KE 233 65.77 30.28 78.45
N GLU KE 234 66.45 31.42 78.23
CA GLU KE 234 67.61 31.77 79.03
C GLU KE 234 67.22 32.06 80.48
N GLY KE 235 66.18 32.86 80.68
CA GLY KE 235 65.67 33.04 82.02
C GLY KE 235 64.61 31.99 82.31
N SER KE 236 65.01 30.91 82.95
CA SER KE 236 64.09 29.81 83.22
C SER KE 236 64.39 29.24 84.60
N LYS KE 237 63.33 28.75 85.24
CA LYS KE 237 63.41 28.14 86.56
C LYS KE 237 63.11 26.66 86.44
N ILE KE 238 63.97 25.83 87.03
CA ILE KE 238 63.80 24.39 86.94
C ILE KE 238 64.32 23.72 88.22
N PRO KE 239 63.49 22.96 88.92
CA PRO KE 239 64.00 22.16 90.04
C PRO KE 239 64.89 21.03 89.56
N GLY KE 240 65.89 20.70 90.37
CA GLY KE 240 66.89 19.73 90.00
C GLY KE 240 68.06 20.31 89.23
N TYR KE 241 67.98 21.57 88.83
CA TYR KE 241 69.08 22.26 88.19
C TYR KE 241 69.30 23.67 88.73
N GLY KE 242 68.37 24.18 89.53
CA GLY KE 242 68.46 25.54 90.05
C GLY KE 242 67.89 26.55 89.04
N MET KE 243 68.76 27.29 88.38
CA MET KE 243 68.36 28.29 87.41
C MET KE 243 69.26 28.18 86.19
N VAL KE 244 68.76 28.64 85.04
CA VAL KE 244 69.49 28.55 83.79
C VAL KE 244 70.42 29.75 83.71
N LYS KE 245 71.70 29.52 84.07
CA LYS KE 245 72.68 30.61 84.07
C LYS KE 245 73.02 31.04 82.66
N LEU KE 246 73.16 30.10 81.73
CA LEU KE 246 73.57 30.41 80.37
C LEU KE 246 73.14 29.29 79.44
N ILE KE 247 72.89 29.65 78.19
CA ILE KE 247 72.58 28.69 77.13
C ILE KE 247 73.61 28.86 76.03
N ASP KE 248 74.30 27.77 75.68
CA ASP KE 248 75.26 27.78 74.58
C ASP KE 248 74.88 26.71 73.57
N SER KE 249 74.51 27.14 72.36
CA SER KE 249 74.26 26.20 71.28
C SER KE 249 75.55 25.59 70.76
N LEU KE 250 76.68 26.27 70.97
CA LEU KE 250 77.97 25.74 70.57
C LEU KE 250 78.34 24.56 71.46
N GLN KE 251 78.67 23.44 70.83
CA GLN KE 251 79.16 22.21 71.45
C GLN KE 251 78.16 21.57 72.43
N GLY KE 252 76.89 21.95 72.34
CA GLY KE 252 75.81 21.33 73.11
C GLY KE 252 75.90 21.48 74.61
N ARG KE 253 76.18 22.68 75.10
CA ARG KE 253 76.41 22.92 76.52
C ARG KE 253 75.32 23.83 77.07
N ILE KE 254 74.45 23.29 77.90
CA ILE KE 254 73.42 24.08 78.58
C ILE KE 254 73.82 24.20 80.05
N LEU KE 255 74.01 25.44 80.51
CA LEU KE 255 74.61 25.68 81.81
C LEU KE 255 73.53 26.05 82.82
N THR KE 256 73.52 25.33 83.94
CA THR KE 256 72.58 25.60 85.02
C THR KE 256 73.30 26.24 86.20
N SER KE 257 72.51 26.75 87.15
CA SER KE 257 73.08 27.38 88.33
C SER KE 257 73.59 26.38 89.35
N SER KE 258 73.26 25.10 89.20
CA SER KE 258 73.80 24.06 90.05
C SER KE 258 75.10 23.47 89.50
N GLY KE 259 75.73 24.17 88.55
CA GLY KE 259 76.97 23.68 87.96
C GLY KE 259 76.80 22.54 86.99
N GLN KE 260 75.60 22.36 86.42
CA GLN KE 260 75.32 21.23 85.54
C GLN KE 260 75.36 21.67 84.08
N VAL KE 261 76.04 20.87 83.27
CA VAL KE 261 76.17 21.11 81.83
C VAL KE 261 75.37 20.03 81.13
N ILE KE 262 74.16 20.37 80.71
CA ILE KE 262 73.33 19.46 79.93
C ILE KE 262 73.89 19.34 78.53
N LYS KE 263 74.05 18.10 78.07
CA LYS KE 263 74.59 17.78 76.76
C LYS KE 263 73.60 16.86 76.05
N PHE KE 264 73.94 16.49 74.81
CA PHE KE 264 73.17 15.48 74.10
C PHE KE 264 73.44 14.10 74.71
N SER KE 265 72.58 13.15 74.37
CA SER KE 265 72.80 11.77 74.77
C SER KE 265 74.02 11.20 74.04
N GLN KE 266 74.74 10.31 74.74
CA GLN KE 266 75.98 9.78 74.18
C GLN KE 266 75.68 8.79 73.04
N GLU KE 267 74.72 7.90 73.24
CA GLU KE 267 74.42 6.90 72.23
C GLU KE 267 73.72 7.49 71.01
N ASP KE 268 73.11 8.67 71.16
CA ASP KE 268 72.55 9.43 70.03
C ASP KE 268 73.34 10.73 69.93
N SER KE 269 74.51 10.64 69.29
CA SER KE 269 75.37 11.81 69.12
C SER KE 269 76.18 11.70 67.84
N GLN LE 791 103.68 42.19 40.92
CA GLN LE 791 102.76 42.50 42.01
C GLN LE 791 101.34 42.10 41.65
N GLN LE 792 101.01 42.19 40.37
CA GLN LE 792 99.69 41.91 39.83
C GLN LE 792 99.31 40.43 39.87
N GLU LE 793 100.28 39.56 40.20
CA GLU LE 793 100.02 38.13 40.34
C GLU LE 793 99.02 37.86 41.46
N ILE LE 794 99.06 38.67 42.53
CA ILE LE 794 98.11 38.54 43.63
C ILE LE 794 96.69 38.82 43.13
N GLN LE 795 96.54 39.90 42.37
CA GLN LE 795 95.22 40.30 41.88
C GLN LE 795 94.67 39.30 40.88
N GLN LE 796 95.51 38.80 39.96
CA GLN LE 796 94.99 37.86 38.98
C GLN LE 796 94.71 36.49 39.59
N ARG LE 797 95.53 36.05 40.56
CA ARG LE 797 95.26 34.81 41.26
C ARG LE 797 93.98 34.91 42.07
N THR LE 798 93.79 36.05 42.75
CA THR LE 798 92.58 36.30 43.51
C THR LE 798 91.36 36.32 42.61
N SER LE 799 91.48 36.94 41.43
CA SER LE 799 90.34 37.06 40.52
C SER LE 799 89.94 35.70 39.94
N ASP LE 800 90.91 34.95 39.40
CA ASP LE 800 90.52 33.71 38.74
C ASP LE 800 90.13 32.62 39.74
N MET LE 801 90.79 32.57 40.90
CA MET LE 801 90.37 31.65 41.93
C MET LE 801 89.06 32.09 42.57
N LEU LE 802 88.75 33.39 42.54
CA LEU LE 802 87.45 33.87 42.97
C LEU LE 802 86.35 33.43 42.02
N THR LE 803 86.63 33.46 40.71
CA THR LE 803 85.66 32.97 39.73
C THR LE 803 85.39 31.48 39.93
N ALA LE 804 86.46 30.70 40.18
CA ALA LE 804 86.30 29.28 40.48
C ALA LE 804 85.51 29.07 41.77
N ALA LE 805 85.74 29.92 42.76
CA ALA LE 805 85.00 29.83 44.02
C ALA LE 805 83.53 30.17 43.83
N THR LE 806 83.22 31.13 42.96
CA THR LE 806 81.83 31.46 42.68
C THR LE 806 81.14 30.33 41.94
N GLN LE 807 81.88 29.63 41.05
CA GLN LE 807 81.35 28.42 40.43
C GLN LE 807 81.05 27.35 41.46
N LEU LE 808 81.95 27.20 42.43
CA LEU LE 808 81.77 26.21 43.48
C LEU LE 808 80.56 26.53 44.35
N VAL LE 809 80.39 27.80 44.71
CA VAL LE 809 79.25 28.14 45.56
C VAL LE 809 77.94 28.14 44.77
N GLN LE 810 77.97 28.42 43.47
CA GLN LE 810 76.74 28.35 42.71
C GLN LE 810 76.36 26.92 42.37
N ASP LE 811 77.32 25.99 42.42
CA ASP LE 811 76.97 24.58 42.46
C ASP LE 811 76.56 24.13 43.86
N TRP LE 812 76.96 24.86 44.89
CA TRP LE 812 76.49 24.57 46.24
C TRP LE 812 75.09 25.08 46.50
N LYS LE 813 74.59 26.00 45.67
CA LYS LE 813 73.30 26.63 45.91
C LYS LE 813 72.15 25.63 45.88
N GLN LE 814 72.15 24.74 44.88
CA GLN LE 814 70.94 24.00 44.57
C GLN LE 814 70.79 22.75 45.43
N VAL LE 815 69.52 22.38 45.66
CA VAL LE 815 69.16 21.13 46.30
C VAL LE 815 67.82 20.68 45.70
N GLU LE 816 67.79 19.48 45.13
CA GLU LE 816 66.66 19.05 44.32
C GLU LE 816 65.55 18.48 45.19
N THR LE 817 64.57 17.87 44.55
CA THR LE 817 63.34 17.45 45.19
C THR LE 817 63.21 15.93 45.14
N GLN LE 818 62.68 15.35 46.21
CA GLN LE 818 62.43 13.92 46.26
C GLN LE 818 61.30 13.53 45.32
N VAL LE 819 61.26 12.26 44.97
CA VAL LE 819 60.19 11.70 44.16
C VAL LE 819 59.64 10.47 44.88
N TYR LE 820 58.34 10.48 45.15
CA TYR LE 820 57.63 9.32 45.66
C TYR LE 820 56.86 8.70 44.50
N THR LE 821 56.99 7.38 44.34
CA THR LE 821 56.36 6.66 43.26
C THR LE 821 55.58 5.49 43.82
N GLU LE 822 54.42 5.23 43.22
CA GLU LE 822 53.51 4.17 43.64
C GLU LE 822 53.31 3.20 42.47
N GLY LE 823 53.40 1.91 42.76
CA GLY LE 823 53.21 0.91 41.72
C GLY LE 823 52.12 -0.09 42.04
N THR LE 824 51.17 -0.25 41.11
CA THR LE 824 50.12 -1.24 41.27
C THR LE 824 50.22 -2.27 40.16
N ALA ME 104 121.38 11.40 6.51
CA ALA ME 104 120.80 12.48 5.72
C ALA ME 104 119.29 12.45 5.81
N GLU ME 105 118.77 11.63 6.74
CA GLU ME 105 117.33 11.46 6.89
C GLU ME 105 116.87 11.31 8.33
N VAL ME 106 117.74 11.53 9.33
CA VAL ME 106 117.33 11.44 10.73
C VAL ME 106 116.53 12.66 11.17
N ILE ME 107 116.51 13.72 10.36
CA ILE ME 107 115.68 14.88 10.62
C ILE ME 107 114.21 14.49 10.63
N ASP ME 108 113.82 13.58 9.73
CA ASP ME 108 112.45 13.09 9.67
C ASP ME 108 112.08 12.29 10.92
N LYS ME 109 113.01 11.47 11.42
CA LYS ME 109 112.76 10.71 12.65
C LYS ME 109 112.65 11.64 13.86
N LYS ME 110 113.53 12.64 13.93
CA LYS ME 110 113.47 13.58 15.05
C LYS ME 110 112.19 14.41 15.03
N ALA ME 111 111.76 14.85 13.84
CA ALA ME 111 110.49 15.56 13.72
C ALA ME 111 109.31 14.66 14.03
N PHE ME 112 109.41 13.38 13.68
CA PHE ME 112 108.39 12.40 14.05
C PHE ME 112 108.27 12.28 15.56
N LYS ME 113 109.42 12.23 16.26
CA LYS ME 113 109.41 12.11 17.71
C LYS ME 113 108.83 13.36 18.38
N ASP ME 114 109.30 14.55 17.97
CA ASP ME 114 108.86 15.76 18.65
C ASP ME 114 107.41 16.09 18.32
N MET ME 115 106.94 15.72 17.13
CA MET ME 115 105.54 15.95 16.83
C MET ME 115 104.64 14.87 17.39
N THR ME 116 105.17 13.68 17.67
CA THR ME 116 104.43 12.73 18.49
C THR ME 116 104.24 13.27 19.90
N ARG ME 117 105.30 13.89 20.44
CA ARG ME 117 105.19 14.57 21.74
C ARG ME 117 104.21 15.73 21.68
N ASN ME 118 104.18 16.44 20.55
CA ASN ME 118 103.23 17.53 20.36
C ASN ME 118 101.80 17.01 20.32
N LEU ME 119 101.59 15.88 19.64
CA LEU ME 119 100.26 15.28 19.55
C LEU ME 119 99.78 14.80 20.91
N TYR ME 120 100.67 14.17 21.68
CA TYR ME 120 100.34 13.73 23.04
C TYR ME 120 101.28 14.42 24.01
N PRO ME 121 100.91 15.61 24.49
CA PRO ME 121 101.75 16.30 25.48
C PRO ME 121 101.72 15.68 26.86
N LEU ME 122 100.79 14.77 27.13
CA LEU ME 122 100.61 14.20 28.45
C LEU ME 122 101.14 12.76 28.48
N ASN ME 123 102.01 12.48 29.44
CA ASN ME 123 102.48 11.13 29.67
C ASN ME 123 101.35 10.28 30.26
N PRO ME 124 101.40 8.96 30.07
CA PRO ME 124 100.42 8.09 30.76
C PRO ME 124 100.46 8.19 32.27
N GLU ME 125 101.67 8.35 32.84
CA GLU ME 125 101.80 8.60 34.27
C GLU ME 125 101.16 9.92 34.65
N GLN ME 126 101.30 10.93 33.79
CA GLN ME 126 100.63 12.20 34.02
C GLN ME 126 99.11 12.08 33.93
N VAL ME 127 98.63 11.20 33.06
CA VAL ME 127 97.20 10.96 32.92
C VAL ME 127 96.64 10.33 34.19
N VAL ME 128 97.35 9.32 34.72
CA VAL ME 128 96.91 8.66 35.95
C VAL ME 128 97.01 9.62 37.13
N LYS ME 129 98.06 10.46 37.15
CA LYS ME 129 98.18 11.48 38.19
C LYS ME 129 97.06 12.49 38.11
N LEU ME 130 96.67 12.87 36.90
CA LEU ME 130 95.56 13.80 36.72
C LEU ME 130 94.24 13.20 37.16
N LYS ME 131 94.04 11.91 36.90
CA LYS ME 131 92.85 11.22 37.38
C LYS ME 131 92.82 11.15 38.90
N GLN ME 132 93.99 10.89 39.50
CA GLN ME 132 94.07 10.78 40.96
C GLN ME 132 93.82 12.13 41.63
N ILE ME 133 94.42 13.20 41.11
CA ILE ME 133 94.16 14.51 41.69
C ILE ME 133 92.76 14.99 41.32
N TYR ME 134 92.18 14.47 40.24
CA TYR ME 134 90.80 14.79 39.91
C TYR ME 134 89.85 14.21 40.95
N GLU ME 135 90.00 12.92 41.27
CA GLU ME 135 89.08 12.33 42.24
C GLU ME 135 89.36 12.82 43.65
N THR ME 136 90.61 13.18 43.95
CA THR ME 136 90.93 13.82 45.23
C THR ME 136 90.27 15.19 45.32
N SER ME 137 90.31 15.96 44.23
CA SER ME 137 89.64 17.25 44.18
C SER ME 137 88.13 17.09 44.31
N GLU ME 138 87.58 16.03 43.71
CA GLU ME 138 86.15 15.76 43.82
C GLU ME 138 85.76 15.46 45.25
N TYR ME 139 86.52 14.59 45.92
CA TYR ME 139 86.20 14.22 47.30
C TYR ME 139 86.35 15.40 48.24
N ALA ME 140 87.45 16.16 48.11
CA ALA ME 140 87.66 17.31 48.97
C ALA ME 140 86.77 18.49 48.59
N LYS ME 141 86.16 18.46 47.41
CA LYS ME 141 85.23 19.49 47.00
C LYS ME 141 83.85 19.24 47.57
N ALA ME 142 83.33 18.01 47.42
CA ALA ME 142 82.00 17.69 47.88
C ALA ME 142 82.04 16.81 49.13
N ALA ME 143 83.04 17.01 49.98
CA ALA ME 143 83.04 16.40 51.31
C ALA ME 143 81.94 17.03 52.18
N THR ME 144 81.54 16.27 53.20
CA THR ME 144 80.47 16.72 54.08
C THR ME 144 80.97 17.80 55.01
N PRO ME 145 80.26 18.93 55.15
CA PRO ME 145 80.71 19.98 56.08
C PRO ME 145 80.43 19.58 57.51
N GLY ME 146 81.48 19.59 58.33
CA GLY ME 146 81.34 19.27 59.73
C GLY ME 146 81.07 17.79 59.96
N THR ME 147 80.59 17.49 61.16
CA THR ME 147 80.25 16.13 61.53
C THR ME 147 78.78 15.85 61.22
N PRO ME 148 78.46 14.75 60.56
CA PRO ME 148 77.08 14.47 60.17
C PRO ME 148 76.25 14.01 61.38
N PRO ME 149 74.93 14.22 61.34
CA PRO ME 149 74.08 13.70 62.42
C PRO ME 149 73.99 12.19 62.38
N LYS ME 150 73.82 11.60 63.55
CA LYS ME 150 73.69 10.15 63.66
C LYS ME 150 72.28 9.72 63.27
N PRO ME 151 72.14 8.77 62.34
CA PRO ME 151 70.80 8.30 61.96
C PRO ME 151 70.19 7.43 63.05
N THR ME 152 69.01 7.84 63.53
CA THR ME 152 68.29 7.13 64.57
C THR ME 152 66.81 7.05 64.22
N ALA ME 153 66.13 6.08 64.80
CA ALA ME 153 64.69 5.95 64.67
C ALA ME 153 64.07 5.96 66.05
N THR ME 154 62.90 6.57 66.18
CA THR ME 154 62.22 6.71 67.46
C THR ME 154 60.75 6.35 67.32
N SER ME 155 60.20 5.76 68.38
CA SER ME 155 58.78 5.50 68.50
C SER ME 155 58.27 6.37 69.65
N GLN ME 156 57.54 7.43 69.31
CA GLN ME 156 57.17 8.46 70.28
C GLN ME 156 55.65 8.47 70.45
N PHE ME 157 55.22 8.57 71.70
CA PHE ME 157 53.80 8.61 72.05
C PHE ME 157 53.43 10.06 72.32
N VAL ME 158 52.48 10.58 71.54
CA VAL ME 158 52.08 11.97 71.68
C VAL ME 158 51.06 12.10 72.81
N ASN ME 159 50.82 13.32 73.25
CA ASN ME 159 49.89 13.59 74.34
C ASN ME 159 48.70 14.39 73.82
N LEU ME 160 47.58 14.28 74.54
CA LEU ME 160 46.37 15.04 74.25
C LEU ME 160 46.12 16.14 75.27
N SER ME 161 47.15 16.52 76.03
CA SER ME 161 46.98 17.49 77.09
C SER ME 161 46.81 18.89 76.52
N PRO ME 162 45.81 19.65 76.96
CA PRO ME 162 45.49 20.94 76.32
C PRO ME 162 46.45 22.07 76.68
N GLY ME 163 47.45 21.84 77.52
CA GLY ME 163 48.38 22.89 77.89
C GLY ME 163 49.82 22.42 77.92
N SER ME 164 50.08 21.27 77.31
CA SER ME 164 51.41 20.68 77.34
C SER ME 164 52.25 21.21 76.18
N THR ME 165 53.51 20.78 76.15
CA THR ME 165 54.41 21.17 75.07
C THR ME 165 54.06 20.40 73.80
N PRO ME 166 54.13 21.06 72.63
CA PRO ME 166 53.88 20.34 71.39
C PRO ME 166 55.06 19.46 71.02
N PRO ME 167 54.83 18.35 70.34
CA PRO ME 167 55.94 17.52 69.88
C PRO ME 167 56.73 18.18 68.75
N VAL ME 168 58.06 18.12 68.89
CA VAL ME 168 58.99 18.70 67.94
C VAL ME 168 59.77 17.57 67.28
N ILE ME 169 59.95 17.68 65.96
CA ILE ME 169 60.58 16.63 65.16
C ILE ME 169 61.80 17.24 64.48
N ARG ME 170 62.96 16.62 64.69
CA ARG ME 170 64.18 17.06 64.02
C ARG ME 170 64.29 16.40 62.65
N LEU ME 171 64.88 17.15 61.72
CA LEU ME 171 64.86 16.77 60.30
C LEU ME 171 66.28 16.68 59.74
N SER ME 172 66.39 16.55 58.42
CA SER ME 172 67.68 16.54 57.74
C SER ME 172 67.51 17.05 56.33
N GLN ME 173 68.45 17.89 55.89
CA GLN ME 173 68.43 18.37 54.52
C GLN ME 173 68.88 17.27 53.58
N GLY ME 174 68.06 16.99 52.56
CA GLY ME 174 68.36 15.93 51.62
C GLY ME 174 67.94 14.55 52.07
N PHE ME 175 67.47 14.39 53.31
CA PHE ME 175 67.01 13.12 53.81
C PHE ME 175 65.56 13.24 54.22
N VAL ME 176 64.77 12.25 53.84
CA VAL ME 176 63.32 12.29 54.04
C VAL ME 176 63.00 11.78 55.45
N SER ME 177 62.05 12.44 56.10
CA SER ME 177 61.55 12.03 57.40
C SER ME 177 60.18 11.39 57.24
N SER ME 178 60.04 10.18 57.78
CA SER ME 178 58.80 9.41 57.69
C SER ME 178 58.17 9.35 59.07
N LEU ME 179 56.97 9.90 59.20
CA LEU ME 179 56.23 9.92 60.47
C LEU ME 179 54.96 9.10 60.26
N VAL ME 180 54.85 7.99 60.98
CA VAL ME 180 53.75 7.06 60.79
C VAL ME 180 52.82 7.12 62.00
N PHE ME 181 51.53 7.34 61.74
CA PHE ME 181 50.57 7.63 62.78
C PHE ME 181 49.91 6.34 63.25
N LEU ME 182 49.96 6.09 64.55
CA LEU ME 182 49.36 4.93 65.19
C LEU ME 182 48.60 5.42 66.42
N ASP ME 183 47.56 4.68 66.81
CA ASP ME 183 46.78 5.07 67.98
C ASP ME 183 47.41 4.48 69.24
N SER ME 184 46.66 4.49 70.34
CA SER ME 184 47.14 3.90 71.59
C SER ME 184 47.24 2.38 71.50
N THR ME 185 46.39 1.76 70.68
CA THR ME 185 46.40 0.31 70.52
C THR ME 185 47.52 -0.17 69.60
N GLY ME 186 48.24 0.73 68.95
CA GLY ME 186 49.21 0.35 67.95
C GLY ME 186 48.66 0.18 66.56
N ALA ME 187 47.34 0.25 66.40
CA ALA ME 187 46.73 0.20 65.09
C ALA ME 187 47.03 1.50 64.34
N PRO ME 188 47.20 1.43 63.01
CA PRO ME 188 47.53 2.65 62.25
C PRO ME 188 46.36 3.61 62.19
N TRP ME 189 46.66 4.91 62.27
CA TRP ME 189 45.65 5.94 62.19
C TRP ME 189 45.81 6.69 60.87
N PRO ME 190 44.91 6.51 59.92
CA PRO ME 190 45.08 7.12 58.59
C PRO ME 190 44.85 8.63 58.63
N ILE ME 191 45.25 9.27 57.53
CA ILE ME 191 45.32 10.72 57.45
C ILE ME 191 44.21 11.20 56.51
N ALA ME 192 43.44 12.18 56.98
CA ALA ME 192 42.38 12.78 56.17
C ALA ME 192 42.83 14.06 55.48
N ALA ME 193 43.48 14.94 56.21
CA ALA ME 193 43.83 16.25 55.66
C ALA ME 193 45.05 16.78 56.40
N TYR ME 194 45.76 17.72 55.76
CA TYR ME 194 46.90 18.35 56.40
C TYR ME 194 47.12 19.74 55.85
N ASP ME 195 47.64 20.61 56.72
CA ASP ME 195 48.08 21.95 56.37
C ASP ME 195 49.53 22.10 56.81
N LEU ME 196 50.39 22.41 55.86
CA LEU ME 196 51.84 22.41 56.07
C LEU ME 196 52.35 23.83 55.94
N GLY ME 197 53.17 24.27 56.89
CA GLY ME 197 53.76 25.60 56.84
C GLY ME 197 55.08 25.57 56.07
N ASP ME 198 55.32 26.65 55.32
CA ASP ME 198 56.45 26.87 54.42
C ASP ME 198 56.61 25.71 53.43
N PRO ME 199 55.76 25.63 52.40
CA PRO ME 199 55.94 24.60 51.37
C PRO ME 199 57.23 24.73 50.59
N SER ME 200 57.82 25.92 50.53
CA SER ME 200 59.11 26.10 49.88
C SER ME 200 60.22 25.38 50.64
N SER ME 201 60.22 25.46 51.97
CA SER ME 201 61.26 24.84 52.76
C SER ME 201 60.93 23.41 53.16
N PHE ME 202 59.68 22.98 53.04
CA PHE ME 202 59.32 21.60 53.38
C PHE ME 202 58.38 21.07 52.31
N ASN ME 203 58.79 20.00 51.64
CA ASN ME 203 57.94 19.31 50.68
C ASN ME 203 57.44 18.03 51.31
N ILE ME 204 56.13 17.79 51.21
CA ILE ME 204 55.50 16.61 51.77
C ILE ME 204 54.92 15.80 50.63
N GLN ME 205 55.41 14.57 50.48
CA GLN ME 205 54.85 13.62 49.53
C GLN ME 205 53.95 12.66 50.31
N TRP ME 206 52.65 12.72 50.05
CA TRP ME 206 51.70 11.98 50.87
C TRP ME 206 50.53 11.53 49.99
N ASP ME 207 50.44 10.23 49.76
CA ASP ME 207 49.24 9.67 49.16
C ASP ME 207 48.08 9.78 50.14
N LYS ME 208 46.88 9.92 49.58
CA LYS ME 208 45.73 10.37 50.36
C LYS ME 208 45.23 9.32 51.35
N THR ME 209 45.31 8.04 51.01
CA THR ME 209 44.72 6.98 51.83
C THR ME 209 45.77 6.29 52.70
N SER ME 210 46.74 7.04 53.20
CA SER ME 210 47.82 6.48 54.01
C SER ME 210 47.78 7.01 55.43
N ASN ME 211 48.71 6.50 56.25
CA ASN ME 211 48.88 6.93 57.62
C ASN ME 211 50.28 7.47 57.89
N THR ME 212 51.06 7.69 56.84
CA THR ME 212 52.45 8.08 56.99
C THR ME 212 52.75 9.32 56.16
N LEU ME 213 53.50 10.25 56.75
CA LEU ME 213 53.93 11.46 56.08
C LEU ME 213 55.42 11.36 55.76
N MET ME 214 55.78 11.55 54.50
CA MET ME 214 57.15 11.53 54.04
C MET ME 214 57.53 12.93 53.61
N ILE ME 215 58.44 13.55 54.35
CA ILE ME 215 58.70 14.99 54.24
C ILE ME 215 60.16 15.21 53.88
N GLN ME 216 60.40 16.02 52.86
CA GLN ME 216 61.74 16.46 52.50
C GLN ME 216 61.97 17.86 53.05
N ALA ME 217 63.04 18.03 53.82
CA ALA ME 217 63.37 19.31 54.41
C ALA ME 217 64.43 19.99 53.57
N THR ME 218 64.14 21.22 53.11
CA THR ME 218 65.03 21.88 52.17
C THR ME 218 66.29 22.42 52.82
N LYS ME 219 66.17 23.05 53.98
CA LYS ME 219 67.29 23.77 54.58
C LYS ME 219 67.72 23.13 55.90
N LEU ME 220 68.95 23.45 56.29
CA LEU ME 220 69.54 22.88 57.51
C LEU ME 220 68.99 23.50 58.78
N TYR ME 221 68.33 24.65 58.68
CA TYR ME 221 68.08 25.51 59.82
C TYR ME 221 66.67 26.06 59.91
N ASN ME 222 65.98 26.27 58.80
CA ASN ME 222 64.70 26.96 58.83
C ASN ME 222 63.60 26.00 59.25
N TYR ME 223 62.79 26.43 60.21
CA TYR ME 223 61.83 25.57 60.90
C TYR ME 223 60.40 25.90 60.51
N GLY ME 224 59.50 24.98 60.83
CA GLY ME 224 58.10 25.15 60.48
C GLY ME 224 57.20 24.34 61.38
N ASN ME 225 55.96 24.16 60.92
CA ASN ME 225 54.99 23.40 61.68
C ASN ME 225 53.93 22.80 60.76
N LEU ME 226 53.19 21.85 61.31
CA LEU ME 226 52.22 21.05 60.58
C LEU ME 226 50.95 20.94 61.39
N ALA ME 227 49.82 20.78 60.69
CA ALA ME 227 48.53 20.51 61.32
C ALA ME 227 47.84 19.40 60.56
N VAL ME 228 47.69 18.25 61.18
CA VAL ME 228 47.17 17.05 60.53
C VAL ME 228 45.82 16.71 61.14
N ARG ME 229 44.79 16.69 60.31
CA ARG ME 229 43.46 16.27 60.72
C ARG ME 229 43.28 14.82 60.27
N LEU ME 230 43.05 13.93 61.21
CA LEU ME 230 42.94 12.52 60.90
C LEU ME 230 41.50 12.16 60.54
N ARG ME 231 41.34 10.99 59.92
CA ARG ME 231 40.02 10.53 59.51
C ARG ME 231 39.18 10.13 60.72
N GLY ME 232 39.79 9.44 61.68
CA GLY ME 232 39.10 9.09 62.90
C GLY ME 232 39.12 10.15 63.99
N LEU ME 233 39.83 11.25 63.78
CA LEU ME 233 39.99 12.27 64.80
C LEU ME 233 39.25 13.55 64.39
N ASN ME 234 38.39 14.04 65.28
CA ASN ME 234 37.77 15.35 65.06
C ASN ME 234 38.79 16.47 65.26
N THR ME 235 39.65 16.33 66.27
CA THR ME 235 40.61 17.38 66.60
C THR ME 235 41.92 17.14 65.87
N PRO ME 236 42.37 18.07 65.03
CA PRO ME 236 43.68 17.92 64.38
C PRO ME 236 44.82 18.08 65.37
N VAL ME 237 45.94 17.47 65.01
CA VAL ME 237 47.16 17.48 65.82
C VAL ME 237 48.19 18.34 65.10
N MET ME 238 48.75 19.31 65.82
CA MET ME 238 49.72 20.24 65.26
C MET ME 238 51.09 19.97 65.89
N LEU ME 239 52.09 19.81 65.04
CA LEU ME 239 53.45 19.48 65.45
C LEU ME 239 54.40 20.56 64.96
N THR ME 240 55.56 20.68 65.61
CA THR ME 240 56.58 21.62 65.16
C THR ME 240 57.80 20.86 64.66
N LEU ME 241 58.42 21.37 63.60
CA LEU ME 241 59.49 20.68 62.90
C LEU ME 241 60.72 21.59 62.82
N ILE ME 242 61.87 21.05 63.24
CA ILE ME 242 63.13 21.79 63.22
C ILE ME 242 64.18 20.93 62.51
N PRO ME 243 64.95 21.48 61.61
CA PRO ME 243 66.06 20.70 61.04
C PRO ME 243 67.36 20.95 61.77
N GLY ME 244 68.40 20.18 61.43
CA GLY ME 244 69.73 20.44 61.92
C GLY ME 244 70.02 20.15 63.38
N GLN ME 245 70.10 18.87 63.74
CA GLN ME 245 70.59 18.46 65.04
C GLN ME 245 71.78 17.53 64.87
N LYS ME 246 72.37 17.12 66.01
CA LYS ME 246 73.49 16.20 65.99
C LYS ME 246 73.07 14.75 65.77
N ALA ME 247 71.76 14.48 65.75
CA ALA ME 247 71.21 13.22 65.31
C ALA ME 247 70.07 13.53 64.37
N VAL ME 248 69.60 12.51 63.65
CA VAL ME 248 68.48 12.66 62.74
C VAL ME 248 67.50 11.53 62.97
N ASP ME 249 66.24 11.88 63.22
CA ASP ME 249 65.16 10.92 63.33
C ASP ME 249 64.84 10.37 61.95
N TYR ME 250 65.34 9.16 61.66
CA TYR ME 250 65.06 8.54 60.36
C TYR ME 250 63.60 8.15 60.24
N ARG ME 251 63.01 7.63 61.31
CA ARG ME 251 61.58 7.38 61.34
C ARG ME 251 61.04 7.81 62.70
N VAL ME 252 59.86 8.45 62.68
CA VAL ME 252 59.15 8.78 63.90
C VAL ME 252 57.83 8.02 63.86
N ASP ME 253 57.68 7.08 64.80
CA ASP ME 253 56.48 6.28 64.93
C ASP ME 253 55.60 6.99 65.95
N LEU ME 254 54.72 7.86 65.47
CA LEU ME 254 53.86 8.63 66.36
C LEU ME 254 52.72 7.76 66.85
N ARG ME 255 52.39 7.90 68.14
CA ARG ME 255 51.27 7.19 68.74
C ARG ME 255 50.42 8.17 69.53
N VAL ME 256 49.12 8.09 69.35
CA VAL ME 256 48.17 9.06 69.87
C VAL ME 256 47.47 8.49 71.09
N GLN ME 257 47.05 9.37 71.99
CA GLN ME 257 46.25 8.96 73.15
C GLN ME 257 44.87 8.47 72.73
N GLY ME 258 44.37 8.92 71.58
CA GLY ME 258 43.09 8.47 71.09
C GLY ME 258 43.17 7.11 70.42
N TYR ME 259 42.06 6.71 69.82
CA TYR ME 259 41.95 5.42 69.15
C TYR ME 259 41.48 5.66 67.73
N GLY ME 260 42.10 4.95 66.79
CA GLY ME 260 41.79 5.14 65.39
C GLY ME 260 40.56 4.37 64.96
N PRO ME 261 40.38 4.23 63.65
CA PRO ME 261 39.32 3.33 63.15
C PRO ME 261 39.57 1.87 63.46
N ASN ME 262 40.80 1.47 63.74
CA ASN ME 262 41.13 0.14 64.18
C ASN ME 262 41.68 0.19 65.60
N ALA ME 263 41.49 -0.90 66.34
CA ALA ME 263 41.98 -0.97 67.71
C ALA ME 263 42.48 -2.37 68.03
N ASP ME 278 57.32 -15.02 66.94
CA ASP ME 278 57.70 -14.81 68.33
C ASP ME 278 59.22 -14.81 68.49
N LEU ME 279 59.67 -14.97 69.74
CA LEU ME 279 61.10 -15.10 70.01
C LEU ME 279 61.67 -16.38 69.44
N LEU ME 280 60.88 -17.46 69.43
CA LEU ME 280 61.31 -18.69 68.76
C LEU ME 280 61.42 -18.49 67.26
N LEU ME 281 60.51 -17.70 66.67
CA LEU ME 281 60.61 -17.36 65.26
C LEU ME 281 61.85 -16.52 64.98
N HIS ME 282 62.18 -15.60 65.89
CA HIS ME 282 63.40 -14.81 65.74
C HIS ME 282 64.65 -15.67 65.84
N VAL ME 283 64.70 -16.62 66.77
CA VAL ME 283 65.88 -17.45 66.91
C VAL ME 283 65.94 -18.58 65.90
N LEU ME 284 64.86 -18.85 65.16
CA LEU ME 284 65.01 -19.73 64.01
C LEU ME 284 65.36 -18.94 62.75
N GLU ME 285 64.96 -17.66 62.67
CA GLU ME 285 65.42 -16.81 61.58
C GLU ME 285 66.90 -16.46 61.75
N GLY ME 286 67.40 -16.44 62.99
CA GLY ME 286 68.78 -16.12 63.28
C GLY ME 286 68.96 -14.96 64.23
N VAL ME 287 67.88 -14.32 64.67
CA VAL ME 287 67.99 -13.17 65.57
C VAL ME 287 68.19 -13.69 66.99
N PRO ME 288 69.22 -13.22 67.70
CA PRO ME 288 69.30 -13.50 69.14
C PRO ME 288 68.17 -12.80 69.88
N PRO ME 289 67.71 -13.37 71.00
CA PRO ME 289 66.69 -12.68 71.78
C PRO ME 289 67.27 -11.45 72.46
N PRO ME 290 66.46 -10.42 72.71
CA PRO ME 290 66.96 -9.24 73.41
C PRO ME 290 67.28 -9.54 74.87
N GLY ME 291 68.32 -8.86 75.36
CA GLY ME 291 68.74 -9.07 76.74
C GLY ME 291 69.43 -10.39 76.99
N SER ME 292 70.02 -11.00 75.97
CA SER ME 292 70.71 -12.27 76.11
C SER ME 292 72.22 -12.06 76.21
N ARG ME 293 72.90 -13.07 76.74
CA ARG ME 293 74.35 -13.05 76.88
C ARG ME 293 74.94 -14.30 76.26
N ARG ME 294 76.17 -14.17 75.76
CA ARG ME 294 76.88 -15.33 75.23
C ARG ME 294 77.30 -16.27 76.36
N LEU ME 295 77.28 -17.56 76.08
CA LEU ME 295 77.70 -18.57 77.03
C LEU ME 295 78.78 -19.44 76.39
N VAL ME 296 79.66 -19.98 77.23
CA VAL ME 296 80.77 -20.78 76.76
C VAL ME 296 80.23 -22.15 76.35
N VAL ME 297 79.98 -22.32 75.05
CA VAL ME 297 79.42 -23.55 74.51
C VAL ME 297 80.51 -24.23 73.67
N SER ME 298 80.81 -25.48 74.00
CA SER ME 298 81.83 -26.24 73.28
C SER ME 298 81.32 -27.64 73.03
N GLY ME 299 81.81 -28.24 71.95
CA GLY ME 299 81.44 -29.58 71.58
C GLY ME 299 80.24 -29.70 70.66
N GLY ME 300 79.55 -28.60 70.38
CA GLY ME 300 78.36 -28.67 69.56
C GLY ME 300 78.21 -27.47 68.64
N ASP ME 301 77.61 -27.73 67.49
CA ASP ME 301 77.32 -26.71 66.48
C ASP ME 301 75.96 -26.12 66.80
N ALA ME 302 75.95 -25.09 67.65
CA ALA ME 302 74.72 -24.48 68.09
C ALA ME 302 74.97 -23.03 68.49
N ARG ME 303 73.90 -22.26 68.58
CA ARG ME 303 73.94 -20.93 69.19
C ARG ME 303 72.96 -20.92 70.33
N ALA ME 304 73.45 -20.72 71.54
CA ALA ME 304 72.64 -20.73 72.75
C ALA ME 304 72.59 -19.33 73.33
N TRP ME 305 71.40 -18.93 73.79
CA TRP ME 305 71.23 -17.64 74.43
C TRP ME 305 70.49 -17.81 75.74
N LEU ME 306 70.92 -17.05 76.75
CA LEU ME 306 70.36 -17.14 78.10
C LEU ME 306 69.93 -15.74 78.52
N SER ME 307 68.64 -15.58 78.81
CA SER ME 307 68.10 -14.30 79.22
C SER ME 307 67.41 -14.36 80.58
N ASN ME 308 66.55 -15.34 80.80
CA ASN ME 308 65.67 -15.39 81.97
C ASN ME 308 65.70 -16.78 82.61
N GLU ME 309 66.93 -17.25 82.88
CA GLU ME 309 67.24 -18.51 83.58
C GLU ME 309 66.80 -19.74 82.80
N LYS ME 310 66.50 -19.60 81.52
CA LYS ME 310 66.20 -20.72 80.63
C LYS ME 310 66.92 -20.46 79.31
N MET ME 311 67.45 -21.52 78.72
CA MET ME 311 68.29 -21.40 77.53
C MET ME 311 67.47 -21.64 76.28
N TYR ME 312 67.63 -20.75 75.30
CA TYR ME 312 67.02 -20.89 73.99
C TYR ME 312 68.13 -21.24 73.02
N VAL ME 313 68.05 -22.42 72.41
CA VAL ME 313 69.13 -22.96 71.60
C VAL ME 313 68.65 -23.15 70.17
N ARG ME 314 69.39 -22.58 69.21
CA ARG ME 314 69.16 -22.89 67.81
C ARG ME 314 70.25 -23.84 67.33
N THR ME 315 69.82 -24.91 66.66
CA THR ME 315 70.69 -26.03 66.31
C THR ME 315 70.25 -26.59 64.97
N ASN ME 316 71.14 -27.38 64.36
CA ASN ME 316 70.76 -28.30 63.31
C ASN ME 316 70.55 -29.71 63.84
N LEU ME 317 70.81 -29.94 65.12
CA LEU ME 317 70.71 -31.24 65.76
C LEU ME 317 69.41 -31.31 66.57
N THR ME 318 69.25 -32.38 67.34
CA THR ME 318 68.08 -32.57 68.18
C THR ME 318 68.53 -33.01 69.58
N ILE ME 319 67.66 -32.72 70.56
CA ILE ME 319 67.91 -33.08 71.95
C ILE ME 319 67.09 -34.34 72.26
N LEU ME 320 67.67 -35.23 73.07
CA LEU ME 320 67.09 -36.55 73.26
C LEU ME 320 66.66 -36.81 74.70
N SER ME 321 67.56 -36.64 75.68
CA SER ME 321 67.33 -37.11 77.04
C SER ME 321 66.42 -36.26 77.94
N PRO ME 322 66.73 -34.99 78.25
CA PRO ME 322 66.17 -34.40 79.49
C PRO ME 322 64.75 -33.87 79.39
N GLY ME 323 64.17 -33.80 78.20
CA GLY ME 323 62.85 -33.22 78.10
C GLY ME 323 62.85 -31.88 77.40
N TRP ME 324 61.68 -31.50 76.89
CA TRP ME 324 61.55 -30.29 76.08
C TRP ME 324 60.25 -29.57 76.46
N LEU ME 325 60.24 -28.27 76.22
CA LEU ME 325 59.06 -27.45 76.45
C LEU ME 325 58.50 -26.83 75.19
N ALA ME 326 59.31 -26.11 74.43
CA ALA ME 326 58.89 -25.54 73.15
C ALA ME 326 59.86 -26.01 72.08
N SER ME 327 59.31 -26.60 71.02
CA SER ME 327 60.10 -27.20 69.94
C SER ME 327 59.64 -26.60 68.62
N MET ME 328 60.38 -25.62 68.12
CA MET ME 328 60.13 -25.04 66.82
C MET ME 328 61.07 -25.70 65.81
N THR ME 329 60.56 -25.95 64.60
CA THR ME 329 61.40 -26.51 63.55
C THR ME 329 60.98 -25.93 62.21
N SER ME 330 61.98 -25.58 61.40
CA SER ME 330 61.73 -25.02 60.08
C SER ME 330 61.88 -26.11 59.03
N ALA ME 331 61.70 -25.71 57.77
CA ALA ME 331 61.79 -26.66 56.67
C ALA ME 331 63.24 -27.04 56.37
N ASP ME 332 64.18 -26.11 56.56
CA ASP ME 332 65.57 -26.36 56.19
C ASP ME 332 66.35 -27.13 57.25
N GLY ME 333 65.72 -27.48 58.37
CA GLY ME 333 66.37 -28.23 59.41
C GLY ME 333 66.85 -27.42 60.60
N THR ME 334 66.62 -26.12 60.61
CA THR ME 334 66.95 -25.31 61.78
C THR ME 334 65.89 -25.53 62.85
N HIS ME 335 66.34 -25.88 64.05
CA HIS ME 335 65.46 -26.25 65.15
C HIS ME 335 65.75 -25.34 66.34
N ALA ME 336 64.69 -24.80 66.92
CA ALA ME 336 64.77 -23.97 68.13
C ALA ME 336 64.19 -24.75 69.29
N TYR ME 337 64.98 -24.87 70.36
CA TYR ME 337 64.59 -25.63 71.54
C TYR ME 337 64.61 -24.72 72.75
N GLU ME 338 63.52 -24.76 73.52
CA GLU ME 338 63.45 -24.10 74.82
C GLU ME 338 63.81 -25.12 75.90
N MET ME 339 64.83 -24.82 76.69
CA MET ME 339 65.36 -25.78 77.65
C MET ME 339 65.53 -25.11 79.00
N GLN ME 340 65.24 -25.85 80.08
CA GLN ME 340 65.50 -25.36 81.42
C GLN ME 340 67.00 -25.40 81.71
N LYS ME 341 67.39 -24.81 82.84
CA LYS ME 341 68.79 -24.62 83.19
C LYS ME 341 69.41 -25.97 83.53
N SER ME 342 70.20 -26.52 82.59
CA SER ME 342 70.85 -27.81 82.74
C SER ME 342 72.20 -27.72 82.05
N PRO ME 343 73.28 -28.15 82.70
CA PRO ME 343 74.61 -28.02 82.09
C PRO ME 343 75.01 -29.19 81.21
N VAL ME 344 74.35 -30.33 81.35
CA VAL ME 344 74.72 -31.56 80.66
C VAL ME 344 73.59 -31.95 79.71
N LEU ME 345 73.94 -32.25 78.46
CA LEU ME 345 72.97 -32.62 77.44
C LEU ME 345 73.51 -33.81 76.66
N LEU ME 346 72.60 -34.55 76.03
CA LEU ME 346 72.96 -35.68 75.18
C LEU ME 346 72.34 -35.50 73.80
N VAL ME 347 73.16 -35.60 72.76
CA VAL ME 347 72.74 -35.39 71.39
C VAL ME 347 72.93 -36.68 70.62
N SER ME 348 71.88 -37.11 69.91
CA SER ME 348 71.89 -38.34 69.12
C SER ME 348 72.20 -37.97 67.66
N TRP ME 349 73.48 -37.84 67.35
CA TRP ME 349 73.93 -37.53 65.99
C TRP ME 349 73.86 -38.80 65.16
N HIS ME 350 72.85 -38.88 64.29
CA HIS ME 350 72.71 -39.90 63.23
C HIS ME 350 72.72 -41.33 63.76
N GLY ME 351 72.34 -41.52 65.02
CA GLY ME 351 72.36 -42.83 65.66
C GLY ME 351 73.25 -42.90 66.89
N LYS ME 352 74.41 -42.24 66.85
CA LYS ME 352 75.36 -42.32 67.95
C LYS ME 352 75.20 -41.10 68.84
N VAL ME 353 75.15 -41.33 70.15
CA VAL ME 353 74.81 -40.31 71.14
C VAL ME 353 76.08 -39.88 71.86
N MET ME 354 76.33 -38.58 71.90
CA MET ME 354 77.45 -38.03 72.64
C MET ME 354 76.96 -36.95 73.60
N GLN ME 355 77.75 -36.72 74.65
CA GLN ME 355 77.36 -35.81 75.72
C GLN ME 355 78.13 -34.50 75.62
N LEU ME 356 77.44 -33.41 75.94
CA LEU ME 356 77.99 -32.07 75.89
C LEU ME 356 77.76 -31.40 77.24
N LYS ME 357 78.78 -30.68 77.72
CA LYS ME 357 78.71 -29.99 79.00
C LYS ME 357 79.07 -28.53 78.78
N VAL ME 358 78.20 -27.63 79.26
CA VAL ME 358 78.36 -26.20 79.07
C VAL ME 358 78.30 -25.51 80.42
N GLU ME 359 79.31 -24.70 80.71
CA GLU ME 359 79.40 -23.94 81.95
C GLU ME 359 79.43 -22.45 81.65
N GLY ME 360 79.29 -21.65 82.69
CA GLY ME 360 79.32 -20.21 82.56
C GLY ME 360 80.63 -19.60 83.00
N UNK NE 1 104.43 8.06 53.02
CA UNK NE 1 103.21 8.80 52.72
C UNK NE 1 102.90 9.81 53.81
N UNK NE 2 101.63 10.21 53.91
CA UNK NE 2 101.19 11.14 54.95
C UNK NE 2 101.05 10.36 56.25
N UNK NE 3 102.02 10.54 57.15
CA UNK NE 3 102.01 9.83 58.42
C UNK NE 3 100.99 10.44 59.38
N UNK NE 4 100.51 9.61 60.30
CA UNK NE 4 99.53 10.04 61.30
C UNK NE 4 100.15 10.84 62.44
N UNK NE 5 101.48 10.90 62.53
CA UNK NE 5 102.13 11.72 63.54
C UNK NE 5 101.87 13.20 63.29
N UNK NE 6 101.90 13.62 62.02
CA UNK NE 6 101.54 14.98 61.66
C UNK NE 6 100.10 15.29 62.00
N UNK NE 7 99.20 14.33 61.77
CA UNK NE 7 97.78 14.51 62.11
C UNK NE 7 97.57 14.60 63.62
N UNK NE 8 98.30 13.79 64.39
CA UNK NE 8 98.19 13.83 65.84
C UNK NE 8 98.72 15.14 66.40
N UNK NE 9 99.85 15.62 65.87
CA UNK NE 9 100.41 16.91 66.29
C UNK NE 9 99.48 18.06 65.91
N UNK NE 10 98.88 17.98 64.71
CA UNK NE 10 97.94 19.02 64.28
C UNK NE 10 96.67 19.01 65.13
N UNK NE 11 96.18 17.81 65.50
CA UNK NE 11 95.00 17.72 66.35
C UNK NE 11 95.29 18.24 67.75
N UNK NE 12 96.49 17.98 68.26
CA UNK NE 12 96.91 18.54 69.55
C UNK NE 12 97.00 20.07 69.48
N UNK NE 13 97.52 20.60 68.37
CA UNK NE 13 97.61 22.05 68.20
C UNK NE 13 96.23 22.68 68.08
N UNK NE 14 95.29 21.99 67.41
CA UNK NE 14 93.93 22.50 67.29
C UNK NE 14 93.19 22.42 68.62
N UNK NE 15 93.48 21.41 69.43
CA UNK NE 15 92.90 21.35 70.77
C UNK NE 15 93.45 22.44 71.66
N UNK NE 16 94.78 22.64 71.63
CA UNK NE 16 95.42 23.72 72.39
C UNK NE 16 95.55 24.95 71.51
N UNK NE 17 94.38 25.49 71.13
CA UNK NE 17 94.35 26.69 70.30
C UNK NE 17 94.74 27.92 71.11
N UNK NE 18 94.27 27.99 72.37
CA UNK NE 18 94.51 29.10 73.30
C UNK NE 18 94.08 30.45 72.71
N UNK NE 19 92.94 30.44 72.01
CA UNK NE 19 92.46 31.66 71.35
C UNK NE 19 90.95 31.56 71.21
N UNK NE 20 90.23 32.41 71.93
CA UNK NE 20 88.77 32.43 71.87
C UNK NE 20 88.27 33.78 72.37
N UNK NE 21 87.53 34.50 71.52
CA UNK NE 21 86.96 35.78 71.93
C UNK NE 21 85.64 35.99 71.22
N UNK NE 22 84.54 36.04 71.97
CA UNK NE 22 83.21 36.24 71.41
C UNK NE 22 82.66 37.59 71.86
N UNK NE 23 81.95 38.26 70.96
CA UNK NE 23 81.42 39.59 71.21
C UNK NE 23 79.91 39.52 71.36
N UNK NE 24 79.38 40.25 72.33
CA UNK NE 24 77.96 40.34 72.59
C UNK NE 24 77.49 41.76 72.40
N UNK NE 25 76.17 41.96 72.51
CA UNK NE 25 75.57 43.26 72.33
C UNK NE 25 74.25 43.31 73.07
N UNK NE 26 73.73 44.52 73.24
CA UNK NE 26 72.42 44.72 73.86
C UNK NE 26 71.34 44.64 72.77
N UNK NE 27 70.10 45.01 73.12
CA UNK NE 27 69.00 44.97 72.18
C UNK NE 27 69.06 46.09 71.15
N UNK NE 28 69.80 47.17 71.43
CA UNK NE 28 69.92 48.31 70.52
C UNK NE 28 71.19 48.22 69.69
N UNK NE 29 71.76 47.02 69.54
CA UNK NE 29 72.95 46.73 68.73
C UNK NE 29 74.17 47.56 69.15
N UNK NE 30 74.34 47.75 70.46
CA UNK NE 30 75.54 48.35 71.01
C UNK NE 30 76.46 47.23 71.47
N UNK NE 31 77.55 47.03 70.75
CA UNK NE 31 78.40 45.86 70.96
C UNK NE 31 79.16 45.95 72.28
N UNK NE 32 79.45 44.78 72.84
CA UNK NE 32 80.20 44.66 74.08
C UNK NE 32 81.23 43.56 73.92
N UNK NE 33 82.49 43.89 74.22
CA UNK NE 33 83.57 42.92 74.12
C UNK NE 33 84.59 43.19 75.22
N UNK NE 34 85.31 42.13 75.59
CA UNK NE 34 86.34 42.21 76.61
C UNK NE 34 87.62 41.55 76.14
N UNK NE 35 88.57 41.36 77.04
CA UNK NE 35 89.76 40.58 76.72
C UNK NE 35 89.39 39.12 76.51
N UNK NE 36 90.20 38.44 75.71
CA UNK NE 36 89.92 37.07 75.30
C UNK NE 36 90.13 36.09 76.44
N UNK NE 37 89.56 34.89 76.27
CA UNK NE 37 89.67 33.82 77.25
C UNK NE 37 90.14 32.55 76.56
N UNK NE 38 90.77 31.67 77.34
CA UNK NE 38 91.29 30.36 76.92
C UNK NE 38 92.25 30.44 75.74
N UNK NE 39 70.00 38.38 70.15
CA UNK NE 39 70.73 39.63 69.99
C UNK NE 39 71.56 39.93 71.24
N UNK NE 40 71.30 39.20 72.31
CA UNK NE 40 71.99 39.43 73.56
C UNK NE 40 73.44 38.95 73.52
N UNK NE 41 73.73 37.94 72.71
CA UNK NE 41 75.09 37.40 72.63
C UNK NE 41 75.26 36.78 71.25
N UNK NE 42 76.24 37.28 70.49
CA UNK NE 42 76.55 36.72 69.18
C UNK NE 42 77.56 35.60 69.36
N UNK NE 43 77.08 34.36 69.33
CA UNK NE 43 77.97 33.22 69.38
C UNK NE 43 78.78 33.07 68.10
N UNK NE 44 78.32 33.65 67.01
CA UNK NE 44 79.08 33.68 65.76
C UNK NE 44 80.17 34.74 65.76
N UNK NE 45 80.26 35.57 66.80
CA UNK NE 45 81.30 36.58 66.92
C UNK NE 45 82.59 36.04 67.51
N UNK NE 46 82.66 34.74 67.78
CA UNK NE 46 83.86 34.15 68.35
C UNK NE 46 84.96 34.08 67.31
N UNK NE 47 86.15 34.54 67.69
CA UNK NE 47 87.34 34.50 66.85
C UNK NE 47 88.45 33.79 67.61
N UNK NE 48 89.28 33.08 66.85
CA UNK NE 48 90.35 32.28 67.42
C UNK NE 48 91.71 32.71 66.87
N LEU OE 113 -1.35 9.30 191.05
CA LEU OE 113 -1.90 10.25 190.09
C LEU OE 113 -2.27 9.53 188.80
N ASN OE 114 -3.19 8.57 188.89
CA ASN OE 114 -3.51 7.70 187.77
C ASN OE 114 -5.00 7.69 187.45
N ARG OE 115 -5.83 7.95 188.45
CA ARG OE 115 -7.27 7.81 188.29
C ARG OE 115 -7.99 8.98 188.93
N PHE OE 116 -9.02 9.47 188.25
CA PHE OE 116 -9.85 10.55 188.78
C PHE OE 116 -11.30 10.22 188.47
N ARG OE 117 -12.04 9.82 189.50
CA ARG OE 117 -13.46 9.51 189.38
C ARG OE 117 -14.24 10.47 190.28
N TYR OE 118 -15.17 11.19 189.69
CA TYR OE 118 -16.01 12.11 190.46
C TYR OE 118 -17.49 11.80 190.26
N GLU OE 119 -18.21 11.88 191.37
CA GLU OE 119 -19.67 11.80 191.41
C GLU OE 119 -20.16 12.88 192.36
N GLY OE 120 -21.31 13.48 192.06
CA GLY OE 120 -21.95 14.33 193.03
C GLY OE 120 -21.87 15.83 192.88
N ALA OE 121 -22.09 16.33 191.65
CA ALA OE 121 -22.42 17.74 191.35
C ALA OE 121 -21.32 18.69 191.80
N GLY OE 122 -20.17 18.60 191.13
CA GLY OE 122 -19.03 19.41 191.49
C GLY OE 122 -18.37 20.01 190.27
N VAL OE 123 -17.64 21.10 190.52
CA VAL OE 123 -16.93 21.84 189.48
C VAL OE 123 -15.44 21.73 189.78
N VAL OE 124 -14.69 21.22 188.82
CA VAL OE 124 -13.23 21.08 188.94
C VAL OE 124 -12.59 21.69 187.69
N THR OE 125 -11.67 22.64 187.91
CA THR OE 125 -10.93 23.28 186.84
C THR OE 125 -9.44 23.04 187.06
N GLY OE 126 -8.78 22.49 186.05
CA GLY OE 126 -7.35 22.24 186.13
C GLY OE 126 -6.67 22.62 184.83
N ASN OE 127 -5.46 23.14 184.95
CA ASN OE 127 -4.69 23.57 183.79
C ASN OE 127 -3.25 23.09 183.94
N ASN OE 128 -2.58 22.98 182.78
CA ASN OE 128 -1.16 22.62 182.65
C ASN OE 128 -0.87 21.26 183.27
N LEU OE 129 -1.77 20.31 183.07
CA LEU OE 129 -1.59 18.95 183.57
C LEU OE 129 -0.81 18.13 182.55
N ARG OE 130 0.24 17.46 183.02
CA ARG OE 130 1.09 16.62 182.18
C ARG OE 130 0.98 15.18 182.65
N THR OE 131 0.72 14.27 181.72
CA THR OE 131 0.54 12.87 182.07
C THR OE 131 0.86 12.03 180.84
N SER OE 132 1.04 10.73 181.09
CA SER OE 132 1.20 9.74 180.04
C SER OE 132 -0.07 8.93 179.83
N TYR OE 133 -0.65 8.41 180.91
CA TYR OE 133 -1.95 7.76 180.84
C TYR OE 133 -2.66 7.94 182.17
N LEU OE 134 -3.94 8.29 182.12
CA LEU OE 134 -4.79 8.30 183.29
C LEU OE 134 -6.20 7.91 182.87
N ASP OE 135 -7.01 7.53 183.86
CA ASP OE 135 -8.39 7.15 183.62
C ASP OE 135 -9.31 8.10 184.36
N LEU OE 136 -10.31 8.61 183.65
CA LEU OE 136 -11.26 9.58 184.18
C LEU OE 136 -12.66 9.01 184.14
N TYR OE 137 -13.43 9.30 185.19
CA TYR OE 137 -14.78 8.77 185.34
C TYR OE 137 -15.70 9.88 185.83
N LEU OE 138 -16.55 10.39 184.95
CA LEU OE 138 -17.43 11.50 185.26
C LEU OE 138 -18.84 11.00 185.50
N ALA OE 139 -19.47 11.46 186.59
CA ALA OE 139 -20.87 11.16 186.82
C ALA OE 139 -21.53 12.29 187.60
N ASN OE 140 -22.78 12.58 187.22
CA ASN OE 140 -23.69 13.48 187.95
C ASN OE 140 -23.09 14.89 188.07
N GLU OE 141 -23.00 15.55 186.92
CA GLU OE 141 -22.62 16.97 186.80
C GLU OE 141 -21.22 17.23 187.37
N GLY OE 142 -20.24 16.63 186.72
CA GLY OE 142 -18.89 17.05 186.93
C GLY OE 142 -18.54 18.11 185.91
N THR OE 143 -18.70 19.38 186.30
CA THR OE 143 -18.34 20.50 185.45
C THR OE 143 -16.82 20.63 185.51
N THR OE 144 -16.15 19.94 184.58
CA THR OE 144 -14.71 19.82 184.61
C THR OE 144 -14.12 20.52 183.40
N ARG OE 145 -13.17 21.42 183.66
CA ARG OE 145 -12.46 22.13 182.60
C ARG OE 145 -11.00 21.75 182.66
N LEU OE 146 -10.45 21.36 181.52
CA LEU OE 146 -9.07 20.88 181.45
C LEU OE 146 -8.29 21.71 180.45
N ALA OE 147 -7.14 22.22 180.87
CA ALA OE 147 -6.28 23.06 180.03
C ALA OE 147 -4.83 22.62 180.18
N GLY OE 148 -4.59 21.33 180.01
CA GLY OE 148 -3.24 20.80 179.99
C GLY OE 148 -3.03 19.87 178.81
N ASN OE 149 -1.81 19.41 178.65
CA ASN OE 149 -1.47 18.44 177.61
C ASN OE 149 -1.58 17.04 178.23
N ILE OE 150 -2.67 16.35 177.91
CA ILE OE 150 -3.05 15.11 178.60
C ILE OE 150 -3.03 13.97 177.59
N GLY OE 151 -2.26 12.94 177.88
CA GLY OE 151 -2.34 11.69 177.16
C GLY OE 151 -3.09 10.67 178.00
N LEU OE 152 -4.08 10.03 177.37
CA LEU OE 152 -4.88 9.02 178.05
C LEU OE 152 -5.54 8.12 177.01
N GLN OE 153 -6.02 6.98 177.46
CA GLN OE 153 -6.71 6.01 176.61
C GLN OE 153 -8.14 5.79 177.03
N LYS OE 154 -8.42 5.75 178.33
CA LYS OE 154 -9.73 5.37 178.83
C LYS OE 154 -10.39 6.55 179.52
N LEU OE 155 -11.61 6.87 179.09
CA LEU OE 155 -12.48 7.78 179.79
C LEU OE 155 -13.87 7.15 179.82
N GLU OE 156 -14.59 7.39 180.91
CA GLU OE 156 -15.97 6.93 181.04
C GLU OE 156 -16.79 8.00 181.74
N ALA OE 157 -18.05 8.11 181.36
CA ALA OE 157 -18.94 9.09 181.97
C ALA OE 157 -20.37 8.60 181.85
N VAL OE 158 -21.21 9.10 182.74
CA VAL OE 158 -22.63 8.77 182.67
C VAL OE 158 -23.33 9.63 181.62
N GLY OE 159 -23.17 10.95 181.72
CA GLY OE 159 -23.85 11.90 180.88
C GLY OE 159 -24.46 12.97 181.74
N ASN OE 160 -25.41 13.69 181.12
CA ASN OE 160 -26.19 14.76 181.76
C ASN OE 160 -25.28 15.85 182.33
N GLY OE 161 -24.23 16.16 181.58
CA GLY OE 161 -23.27 17.17 182.00
C GLY OE 161 -22.36 17.52 180.85
N VAL OE 162 -21.59 18.57 181.05
CA VAL OE 162 -20.71 19.12 180.02
C VAL OE 162 -19.26 18.88 180.42
N THR OE 163 -18.39 18.89 179.41
CA THR OE 163 -16.96 18.67 179.60
C THR OE 163 -16.21 19.43 178.51
N GLN OE 164 -15.22 20.21 178.91
CA GLN OE 164 -14.32 20.89 177.98
C GLN OE 164 -12.88 20.53 178.30
N ILE OE 165 -12.17 20.03 177.29
CA ILE OE 165 -10.76 19.70 177.39
C ILE OE 165 -10.03 20.40 176.25
N ASN OE 166 -8.92 21.05 176.56
CA ASN OE 166 -8.10 21.72 175.54
C ASN OE 166 -6.76 21.00 175.46
N GLY OE 167 -6.61 20.13 174.47
CA GLY OE 167 -5.34 19.50 174.18
C GLY OE 167 -5.20 18.10 174.71
N VAL OE 168 -5.42 17.10 173.85
CA VAL OE 168 -5.21 15.71 174.18
C VAL OE 168 -4.37 15.07 173.09
N SER OE 169 -3.25 14.46 173.46
CA SER OE 169 -2.38 13.78 172.51
C SER OE 169 -2.04 12.41 173.08
N SER OE 170 -2.55 11.36 172.44
CA SER OE 170 -2.25 10.01 172.86
C SER OE 170 -2.35 9.08 171.66
N ARG OE 171 -1.65 7.95 171.76
CA ARG OE 171 -1.60 7.02 170.64
C ARG OE 171 -2.87 6.20 170.52
N ASN OE 172 -3.68 6.13 171.58
CA ASN OE 172 -4.93 5.38 171.53
C ASN OE 172 -5.93 6.04 172.46
N LEU OE 173 -7.20 5.77 172.20
CA LEU OE 173 -8.29 6.31 173.00
C LEU OE 173 -9.50 5.39 172.87
N GLN OE 174 -10.06 4.98 174.00
CA GLN OE 174 -11.30 4.21 174.03
C GLN OE 174 -12.31 4.94 174.90
N ILE OE 175 -13.49 5.20 174.34
CA ILE OE 175 -14.51 6.01 175.01
C ILE OE 175 -15.88 5.62 174.47
N VAL OE 176 -16.83 5.39 175.38
CA VAL OE 176 -18.20 5.03 175.01
C VAL OE 176 -19.11 5.46 176.15
N LEU OE 177 -20.19 6.16 175.82
CA LEU OE 177 -21.11 6.70 176.82
C LEU OE 177 -22.48 6.05 176.69
N LYS OE 178 -23.34 6.38 177.65
CA LYS OE 178 -24.65 5.76 177.77
C LYS OE 178 -25.80 6.77 177.88
N GLY OE 179 -25.59 7.90 178.55
CA GLY OE 179 -26.67 8.83 178.79
C GLY OE 179 -26.75 9.96 177.79
N ASP OE 180 -26.76 11.20 178.29
CA ASP OE 180 -26.82 12.40 177.45
C ASP OE 180 -25.68 13.34 177.82
N PRO OE 181 -24.45 13.07 177.39
CA PRO OE 181 -23.34 13.97 177.71
C PRO OE 181 -23.11 15.02 176.63
N LYS OE 182 -22.33 16.03 177.00
CA LYS OE 182 -21.98 17.14 176.12
C LYS OE 182 -20.47 17.35 176.26
N VAL OE 183 -19.70 16.85 175.30
CA VAL OE 183 -18.24 16.82 175.43
C VAL OE 183 -17.61 17.58 174.27
N LEU OE 184 -16.58 18.37 174.58
CA LEU OE 184 -15.77 19.08 173.59
C LEU OE 184 -14.31 18.89 173.93
N ILE OE 185 -13.54 18.39 172.97
CA ILE OE 185 -12.14 18.01 173.19
C ILE OE 185 -11.29 18.59 172.08
N SER OE 186 -10.20 19.27 172.45
CA SER OE 186 -9.20 19.76 171.51
C SER OE 186 -7.94 18.89 171.60
N GLY OE 187 -6.99 19.19 170.73
CA GLY OE 187 -5.74 18.46 170.65
C GLY OE 187 -5.69 17.56 169.43
N PHE OE 188 -4.61 16.78 169.36
CA PHE OE 188 -4.37 15.85 168.25
C PHE OE 188 -4.57 14.44 168.79
N VAL OE 189 -5.73 13.85 168.52
CA VAL OE 189 -6.17 12.63 169.17
C VAL OE 189 -6.14 11.49 168.15
N ASN OE 190 -5.62 10.33 168.57
CA ASN OE 190 -5.67 9.11 167.78
C ASN OE 190 -6.76 8.22 168.35
N LEU OE 191 -7.74 7.86 167.53
CA LEU OE 191 -8.89 7.09 167.94
C LEU OE 191 -8.80 5.66 167.43
N ARG OE 192 -9.43 4.74 168.16
CA ARG OE 192 -9.56 3.37 167.73
C ARG OE 192 -11.01 2.93 167.59
N GLN OE 193 -11.84 3.23 168.58
CA GLN OE 193 -13.24 2.83 168.53
C GLN OE 193 -14.07 3.77 169.39
N LEU OE 194 -15.33 3.95 169.01
CA LEU OE 194 -16.25 4.80 169.74
C LEU OE 194 -17.67 4.31 169.51
N ASP OE 195 -18.47 4.33 170.56
CA ASP OE 195 -19.86 3.91 170.47
C ASP OE 195 -20.74 4.81 171.34
N MET OE 196 -21.99 4.95 170.92
CA MET OE 196 -22.99 5.73 171.64
C MET OE 196 -24.31 4.98 171.65
N TYR OE 197 -25.08 5.17 172.72
CA TYR OE 197 -26.38 4.52 172.82
C TYR OE 197 -27.49 5.40 173.38
N GLY OE 198 -27.19 6.63 173.75
CA GLY OE 198 -28.21 7.50 174.31
C GLY OE 198 -28.51 8.72 173.46
N LYS OE 199 -28.17 9.91 173.98
CA LYS OE 199 -28.43 11.19 173.33
C LYS OE 199 -27.17 12.05 173.39
N GLY OE 200 -26.06 11.49 172.95
CA GLY OE 200 -24.77 12.13 173.14
C GLY OE 200 -24.53 13.28 172.18
N THR OE 201 -23.74 14.24 172.65
CA THR OE 201 -23.27 15.35 171.82
C THR OE 201 -21.76 15.46 172.01
N LEU OE 202 -21.02 15.30 170.92
CA LEU OE 202 -19.57 15.16 170.97
C LEU OE 202 -18.94 16.06 169.91
N SER OE 203 -17.89 16.76 170.31
CA SER OE 203 -17.10 17.56 169.39
C SER OE 203 -15.63 17.30 169.62
N LEU OE 204 -14.92 17.01 168.54
CA LEU OE 204 -13.48 16.81 168.55
C LEU OE 204 -12.83 17.78 167.58
N TYR OE 205 -11.70 18.34 167.97
CA TYR OE 205 -11.04 19.30 167.10
C TYR OE 205 -10.24 18.59 166.01
N TRP OE 206 -9.22 17.81 166.40
CA TRP OE 206 -8.32 17.20 165.43
C TRP OE 206 -8.07 15.75 165.80
N ILE OE 207 -8.41 14.86 164.88
CA ILE OE 207 -8.21 13.43 165.06
C ILE OE 207 -7.40 12.91 163.88
N LYS OE 208 -6.35 12.16 164.19
CA LYS OE 208 -5.48 11.55 163.17
C LYS OE 208 -5.41 10.07 163.43
N SER OE 209 -6.40 9.34 162.89
CA SER OE 209 -6.42 7.89 162.93
C SER OE 209 -6.52 7.37 161.50
N ASP OE 210 -6.35 6.07 161.36
CA ASP OE 210 -6.39 5.43 160.04
C ASP OE 210 -7.68 4.67 159.78
N THR OE 211 -8.23 4.00 160.78
CA THR OE 211 -9.39 3.14 160.58
C THR OE 211 -10.31 3.28 161.77
N LEU OE 212 -11.52 3.75 161.51
CA LEU OE 212 -12.51 3.93 162.57
C LEU OE 212 -13.79 3.20 162.23
N THR OE 213 -14.37 2.56 163.24
CA THR OE 213 -15.67 1.92 163.16
C THR OE 213 -16.63 2.71 164.02
N ILE OE 214 -17.70 3.22 163.42
CA ILE OE 214 -18.69 4.02 164.11
C ILE OE 214 -20.02 3.28 164.04
N ARG OE 215 -20.61 3.01 165.20
CA ARG OE 215 -21.89 2.32 165.29
C ARG OE 215 -22.80 3.17 166.15
N ALA OE 216 -23.91 3.63 165.57
CA ALA OE 216 -24.80 4.56 166.25
C ALA OE 216 -26.21 3.97 166.36
N LYS OE 217 -26.78 4.08 167.56
CA LYS OE 217 -28.01 3.41 167.91
C LYS OE 217 -29.18 4.37 168.08
N LYS OE 218 -29.09 5.35 168.97
CA LYS OE 218 -30.24 6.17 169.32
C LYS OE 218 -30.10 7.62 168.91
N ALA OE 219 -29.13 8.35 169.44
CA ALA OE 219 -28.97 9.77 169.12
C ALA OE 219 -27.55 10.18 169.41
N ALA OE 220 -26.80 10.52 168.36
CA ALA OE 220 -25.45 11.03 168.51
C ALA OE 220 -25.29 12.23 167.60
N LYS OE 221 -24.82 13.33 168.16
CA LYS OE 221 -24.58 14.56 167.41
C LYS OE 221 -23.09 14.84 167.45
N ILE OE 222 -22.42 14.59 166.32
CA ILE OE 222 -20.98 14.43 166.30
C ILE OE 222 -20.39 15.49 165.37
N GLN OE 223 -19.34 16.17 165.86
CA GLN OE 223 -18.64 17.20 165.09
C GLN OE 223 -17.16 16.87 165.10
N LEU OE 224 -16.65 16.37 163.96
CA LEU OE 224 -15.28 15.91 163.86
C LEU OE 224 -14.54 16.64 162.74
N ALA OE 225 -13.22 16.64 162.84
CA ALA OE 225 -12.36 17.20 161.79
C ALA OE 225 -11.00 16.53 161.87
N GLY OE 226 -10.48 16.13 160.73
CA GLY OE 226 -9.22 15.42 160.69
C GLY OE 226 -9.12 14.56 159.44
N ILE OE 227 -8.12 13.68 159.45
CA ILE OE 227 -7.79 12.83 158.32
C ILE OE 227 -7.93 11.37 158.74
N VAL OE 228 -8.71 10.61 157.99
CA VAL OE 228 -8.96 9.20 158.25
C VAL OE 228 -8.64 8.41 156.99
N ASN OE 229 -7.86 7.34 157.14
CA ASN OE 229 -7.58 6.52 155.97
C ASN OE 229 -8.73 5.57 155.63
N ARG OE 230 -9.45 5.07 156.64
CA ARG OE 230 -10.52 4.13 156.38
C ARG OE 230 -11.57 4.26 157.46
N LEU OE 231 -12.83 4.39 157.04
CA LEU OE 231 -13.90 4.66 157.99
C LEU OE 231 -15.15 3.87 157.59
N ASP OE 232 -15.76 3.22 158.57
CA ASP OE 232 -17.06 2.61 158.41
C ASP OE 232 -18.02 3.28 159.37
N VAL OE 233 -19.18 3.69 158.86
CA VAL OE 233 -20.22 4.34 159.65
C VAL OE 233 -21.52 3.57 159.47
N GLU OE 234 -22.15 3.23 160.59
CA GLU OE 234 -23.37 2.43 160.59
C GLU OE 234 -24.38 3.12 161.51
N LEU OE 235 -25.55 3.44 160.98
CA LEU OE 235 -26.55 4.24 161.69
C LEU OE 235 -27.86 3.49 161.76
N TRP OE 236 -28.48 3.45 162.94
CA TRP OE 236 -29.77 2.78 163.06
C TRP OE 236 -30.95 3.72 162.82
N ASP OE 237 -31.15 4.68 163.72
CA ASP OE 237 -32.30 5.57 163.62
C ASP OE 237 -32.04 6.80 164.46
N PHE OE 238 -32.48 7.96 163.94
CA PHE OE 238 -32.28 9.28 164.54
C PHE OE 238 -30.79 9.56 164.80
N ALA OE 239 -29.94 9.05 163.92
CA ALA OE 239 -28.51 9.24 164.02
C ALA OE 239 -28.12 10.34 163.05
N GLN OE 240 -27.68 11.46 163.59
CA GLN OE 240 -27.40 12.66 162.81
C GLN OE 240 -25.89 12.91 162.89
N PHE OE 241 -25.18 12.40 161.89
CA PHE OE 241 -23.72 12.36 161.91
C PHE OE 241 -23.16 13.34 160.88
N LYS OE 242 -22.20 14.15 161.33
CA LYS OE 242 -21.59 15.20 160.51
C LYS OE 242 -20.10 14.91 160.38
N GLY OE 243 -19.73 14.09 159.40
CA GLY OE 243 -18.34 13.89 159.08
C GLY OE 243 -17.90 14.80 157.94
N LYS OE 244 -18.63 15.90 157.78
CA LYS OE 244 -18.14 16.98 156.93
C LYS OE 244 -16.88 17.56 157.53
N TYR OE 245 -16.01 18.09 156.65
CA TYR OE 245 -14.66 18.55 156.98
C TYR OE 245 -13.83 17.46 157.66
N LEU OE 246 -13.99 16.23 157.18
CA LEU OE 246 -13.25 15.08 157.69
C LEU OE 246 -12.94 14.19 156.49
N ARG OE 247 -11.73 14.33 155.95
CA ARG OE 247 -11.39 13.66 154.71
C ARG OE 247 -11.13 12.19 154.95
N ALA OE 248 -11.82 11.34 154.19
CA ALA OE 248 -11.71 9.89 154.34
C ALA OE 248 -11.37 9.26 153.00
N GLN OE 249 -10.31 8.46 152.98
CA GLN OE 249 -9.92 7.78 151.74
C GLN OE 249 -10.90 6.65 151.41
N ARG OE 250 -11.26 5.85 152.41
CA ARG OE 250 -12.19 4.74 152.24
C ARG OE 250 -13.41 4.97 153.11
N SER OE 251 -14.60 4.85 152.54
CA SER OE 251 -15.83 5.04 153.29
C SER OE 251 -16.79 3.89 153.06
N PHE OE 252 -17.32 3.34 154.15
CA PHE OE 252 -18.36 2.31 154.09
C PHE OE 252 -19.53 2.76 154.95
N VAL OE 253 -20.63 3.15 154.32
CA VAL OE 253 -21.75 3.76 155.02
C VAL OE 253 -22.97 2.87 154.89
N LYS OE 254 -23.56 2.50 156.02
CA LYS OE 254 -24.86 1.83 156.04
C LYS OE 254 -25.78 2.62 156.95
N THR OE 255 -26.95 3.01 156.42
CA THR OE 255 -27.93 3.75 157.18
C THR OE 255 -29.27 3.05 157.10
N HIS OE 256 -29.87 2.82 158.27
CA HIS OE 256 -31.20 2.27 158.35
C HIS OE 256 -32.20 3.43 158.41
N ASP OE 257 -33.43 3.13 158.84
CA ASP OE 257 -34.53 4.10 158.75
C ASP OE 257 -34.29 5.35 159.59
N LYS OE 258 -34.54 6.51 158.97
CA LYS OE 258 -34.47 7.83 159.58
C LYS OE 258 -33.09 8.12 160.18
N SER OE 259 -32.10 8.19 159.29
CA SER OE 259 -30.73 8.46 159.69
C SER OE 259 -30.10 9.39 158.66
N VAL OE 260 -29.35 10.39 159.16
CA VAL OE 260 -28.77 11.42 158.33
C VAL OE 260 -27.26 11.41 158.52
N ALA OE 261 -26.52 11.36 157.42
CA ALA OE 261 -25.07 11.36 157.48
C ALA OE 261 -24.52 12.28 156.40
N GLU OE 262 -23.59 13.15 156.80
CA GLU OE 262 -22.88 14.03 155.88
C GLU OE 262 -21.44 13.58 155.79
N ILE OE 263 -20.98 13.35 154.57
CA ILE OE 263 -19.74 12.62 154.30
C ILE OE 263 -18.77 13.55 153.58
N SER OE 264 -17.47 13.28 153.75
CA SER OE 264 -16.40 13.98 153.07
C SER OE 264 -15.36 13.01 152.53
N ALA OE 265 -15.82 12.02 151.76
CA ALA OE 265 -14.92 11.08 151.12
C ALA OE 265 -14.14 11.76 150.01
N VAL OE 266 -12.90 11.30 149.80
CA VAL OE 266 -12.01 11.89 148.81
C VAL OE 266 -11.66 10.92 147.69
N ASN OE 267 -11.51 9.64 148.00
CA ASN OE 267 -11.04 8.68 147.01
C ASN OE 267 -12.07 7.60 146.70
N HIS OE 268 -12.54 6.86 147.71
CA HIS OE 268 -13.36 5.67 147.50
C HIS OE 268 -14.46 5.62 148.54
N GLN OE 269 -15.70 5.46 148.07
CA GLN OE 269 -16.81 5.41 149.00
C GLN OE 269 -17.91 4.50 148.48
N SER OE 270 -18.48 3.73 149.40
CA SER OE 270 -19.60 2.85 149.15
C SER OE 270 -20.65 3.09 150.23
N SER OE 271 -21.91 3.18 149.82
CA SER OE 271 -22.96 3.60 150.74
C SER OE 271 -24.28 2.93 150.39
N LEU OE 272 -25.06 2.64 151.43
CA LEU OE 272 -26.38 2.05 151.29
C LEU OE 272 -27.33 2.67 152.30
N ALA OE 273 -28.52 3.01 151.85
CA ALA OE 273 -29.58 3.54 152.70
C ALA OE 273 -30.84 2.71 152.54
N THR OE 274 -31.50 2.41 153.65
CA THR OE 274 -32.70 1.57 153.55
C THR OE 274 -33.93 2.39 153.17
N ASP OE 275 -34.36 3.29 154.05
CA ASP OE 275 -35.59 4.04 153.82
C ASP OE 275 -35.54 5.34 154.59
N ALA OE 276 -35.92 6.44 153.91
CA ALA OE 276 -35.99 7.80 154.48
C ALA OE 276 -34.67 8.23 155.11
N SER OE 277 -33.57 7.77 154.54
CA SER OE 277 -32.25 7.98 155.12
C SER OE 277 -31.43 8.81 154.15
N ASP OE 278 -30.85 9.90 154.67
CA ASP OE 278 -30.19 10.88 153.83
C ASP OE 278 -28.68 10.79 153.96
N ILE OE 279 -28.01 10.72 152.83
CA ILE OE 279 -26.56 10.78 152.74
C ILE OE 279 -26.21 12.00 151.92
N TYR OE 280 -25.32 12.84 152.43
CA TYR OE 280 -24.94 14.07 151.73
C TYR OE 280 -23.42 14.11 151.62
N TYR OE 281 -22.90 13.81 150.43
CA TYR OE 281 -21.47 13.82 150.22
C TYR OE 281 -21.04 15.20 149.76
N TYR OE 282 -19.99 15.75 150.37
CA TYR OE 282 -19.57 17.10 150.08
C TYR OE 282 -18.22 17.15 149.39
N ASN OE 283 -17.90 16.10 148.63
CA ASN OE 283 -16.75 16.10 147.74
C ASN OE 283 -17.02 15.09 146.63
N LEU OE 284 -16.35 15.28 145.51
CA LEU OE 284 -16.43 14.35 144.39
C LEU OE 284 -15.27 13.38 144.51
N SER OE 285 -15.54 12.19 145.05
CA SER OE 285 -14.51 11.17 145.13
C SER OE 285 -14.26 10.58 143.76
N LYS OE 286 -13.12 9.88 143.64
CA LYS OE 286 -12.79 9.23 142.38
C LYS OE 286 -13.73 8.06 142.11
N THR OE 287 -14.08 7.30 143.14
CA THR OE 287 -14.95 6.14 143.00
C THR OE 287 -16.07 6.26 144.03
N ARG OE 288 -17.29 6.44 143.54
CA ARG OE 288 -18.48 6.63 144.37
C ARG OE 288 -19.50 5.58 143.98
N ALA OE 289 -20.02 4.86 144.97
CA ALA OE 289 -21.06 3.88 144.69
C ALA OE 289 -22.09 3.88 145.80
N ASP OE 290 -23.34 4.10 145.43
CA ASP OE 290 -24.43 4.30 146.37
C ASP OE 290 -25.64 3.47 145.97
N PHE OE 291 -26.41 3.04 146.97
CA PHE OE 291 -27.64 2.30 146.73
C PHE OE 291 -28.69 2.68 147.77
N MET OE 292 -29.96 2.60 147.37
CA MET OE 292 -31.10 2.78 148.25
C MET OE 292 -32.00 1.56 148.17
N ALA OE 293 -32.78 1.34 149.22
CA ALA OE 293 -33.64 0.17 149.29
C ALA OE 293 -35.12 0.52 149.16
N PHE OE 294 -35.64 1.36 150.04
CA PHE OE 294 -37.04 1.75 149.95
C PHE OE 294 -37.21 3.24 149.68
N ASN OE 295 -36.67 4.09 150.55
CA ASN OE 295 -36.79 5.53 150.35
C ASN OE 295 -35.53 6.29 150.73
N GLY OE 296 -34.37 5.65 150.76
CA GLY OE 296 -33.14 6.36 151.03
C GLY OE 296 -32.71 7.22 149.86
N SER OE 297 -31.81 8.16 150.13
CA SER OE 297 -31.37 9.10 149.11
C SER OE 297 -29.97 9.58 149.43
N VAL OE 298 -29.15 9.67 148.38
CA VAL OE 298 -27.77 10.16 148.47
C VAL OE 298 -27.64 11.33 147.50
N LEU OE 299 -27.14 12.46 148.00
CA LEU OE 299 -27.09 13.69 147.23
C LEU OE 299 -25.81 14.45 147.52
N ASP OE 300 -25.46 15.33 146.58
CA ASP OE 300 -24.24 16.12 146.67
C ASP OE 300 -24.45 17.37 147.51
N MET OE 301 -25.55 18.08 147.25
CA MET OE 301 -25.88 19.43 147.76
C MET OE 301 -24.67 20.36 147.86
N ARG OE 302 -24.04 20.57 146.70
CA ARG OE 302 -23.03 21.59 146.56
C ARG OE 302 -23.61 22.83 145.90
N GLU OE 303 -22.91 23.96 146.06
CA GLU OE 303 -23.50 25.26 145.78
C GLU OE 303 -23.64 25.58 144.29
N TRP OE 304 -22.99 24.80 143.42
CA TRP OE 304 -23.01 24.96 141.96
C TRP OE 304 -22.49 26.32 141.51
N GLY OE 305 -21.67 26.97 142.32
CA GLY OE 305 -21.20 28.29 142.00
C GLY OE 305 -19.77 28.53 142.40
N GLN OE 306 -19.11 27.48 142.90
CA GLN OE 306 -17.71 27.59 143.29
C GLN OE 306 -16.84 27.76 142.05
N SER OE 307 -15.84 28.63 142.15
CA SER OE 307 -15.04 29.02 141.00
C SER OE 307 -14.07 27.94 140.54
N ASP OE 308 -13.86 26.91 141.35
CA ASP OE 308 -12.87 25.87 141.06
C ASP OE 308 -13.48 24.49 141.18
N LEU OE 309 -14.66 24.30 140.60
CA LEU OE 309 -15.35 23.02 140.68
C LEU OE 309 -14.79 22.05 139.64
N LYS OE 310 -15.26 20.81 139.72
CA LYS OE 310 -14.91 19.77 138.75
C LYS OE 310 -16.16 18.94 138.47
N ASP OE 311 -16.05 18.05 137.49
CA ASP OE 311 -17.19 17.27 137.05
C ASP OE 311 -16.81 15.79 137.02
N PHE OE 312 -17.80 14.95 136.71
CA PHE OE 312 -17.60 13.52 136.65
C PHE OE 312 -16.79 13.13 135.41
N ASP OE 313 -16.34 11.88 135.41
CA ASP OE 313 -15.76 11.23 134.25
C ASP OE 313 -16.59 10.00 133.93
N ARG OE 314 -16.09 9.19 133.00
CA ARG OE 314 -16.70 7.88 132.74
C ARG OE 314 -16.57 6.97 133.96
N TYR OE 315 -15.53 7.17 134.76
CA TYR OE 315 -15.35 6.45 136.01
C TYR OE 315 -16.22 7.01 137.14
N ASN OE 316 -16.87 8.15 136.94
CA ASN OE 316 -17.64 8.79 137.99
C ASN OE 316 -19.10 9.01 137.64
N LYS OE 317 -19.50 8.81 136.39
CA LYS OE 317 -20.89 9.03 135.98
C LYS OE 317 -21.69 7.78 136.30
N GLN OE 318 -22.20 7.70 137.53
CA GLN OE 318 -23.05 6.62 137.96
C GLN OE 318 -24.33 7.21 138.55
N PHE OE 319 -25.42 6.46 138.45
CA PHE OE 319 -26.69 7.11 138.67
C PHE OE 319 -27.49 6.42 139.76
N PRO OE 320 -28.19 7.19 140.60
CA PRO OE 320 -29.04 6.63 141.65
C PRO OE 320 -30.31 6.00 141.09
N ASP PE 39 -52.32 3.68 102.57
CA ASP PE 39 -51.56 4.90 102.38
C ASP PE 39 -52.35 6.11 102.85
N GLY PE 40 -53.36 5.86 103.68
CA GLY PE 40 -54.16 6.94 104.21
C GLY PE 40 -53.37 7.79 105.19
N CYS PE 41 -52.94 8.97 104.72
CA CYS PE 41 -52.07 9.80 105.53
C CYS PE 41 -52.84 10.48 106.66
N CYS PE 42 -53.92 11.15 106.33
CA CYS PE 42 -54.80 11.71 107.36
C CYS PE 42 -55.95 10.75 107.66
N SER PE 43 -55.60 9.50 107.94
CA SER PE 43 -56.59 8.50 108.29
C SER PE 43 -57.10 8.75 109.72
N LYS PE 44 -58.40 8.49 109.91
CA LYS PE 44 -59.25 8.91 111.04
C LYS PE 44 -58.94 10.32 111.51
N MET PE 45 -58.76 11.22 110.55
CA MET PE 45 -58.47 12.62 110.77
C MET PE 45 -59.44 13.46 109.95
N GLY PE 46 -59.15 14.75 109.80
CA GLY PE 46 -60.02 15.59 109.00
C GLY PE 46 -59.92 15.36 107.50
N GLY PE 47 -58.98 14.54 107.06
CA GLY PE 47 -58.76 14.31 105.64
C GLY PE 47 -57.70 15.25 105.11
N ILE PE 48 -57.44 15.11 103.81
CA ILE PE 48 -56.41 15.90 103.14
C ILE PE 48 -56.93 17.31 102.94
N ASN PE 49 -56.23 18.30 103.52
CA ASN PE 49 -56.57 19.68 103.22
C ASN PE 49 -55.94 20.12 101.90
N TYR PE 50 -54.61 20.16 101.86
CA TYR PE 50 -53.86 20.43 100.64
C TYR PE 50 -52.42 19.98 100.88
N CYS PE 51 -51.52 20.42 100.01
CA CYS PE 51 -50.09 20.22 100.14
C CYS PE 51 -49.39 21.56 100.08
N ASP PE 52 -48.49 21.81 101.02
CA ASP PE 52 -47.68 23.02 101.02
C ASP PE 52 -46.32 22.70 100.42
N SER PE 53 -45.99 23.38 99.32
CA SER PE 53 -44.67 23.29 98.72
C SER PE 53 -43.62 24.06 99.51
N SER PE 54 -44.04 25.08 100.27
CA SER PE 54 -43.13 25.72 101.20
C SER PE 54 -42.72 24.75 102.29
N ALA PE 55 -43.62 23.87 102.69
CA ALA PE 55 -43.26 22.77 103.58
C ALA PE 55 -42.86 21.52 102.82
N GLY PE 56 -43.33 21.35 101.59
CA GLY PE 56 -43.18 20.08 100.93
C GLY PE 56 -43.96 18.96 101.58
N ARG PE 57 -45.02 19.31 102.30
CA ARG PE 57 -45.74 18.36 103.14
C ARG PE 57 -47.23 18.53 102.97
N LEU PE 58 -47.96 17.43 103.07
CA LEU PE 58 -49.41 17.52 103.11
C LEU PE 58 -49.86 18.06 104.46
N VAL PE 59 -51.04 18.66 104.48
CA VAL PE 59 -51.64 19.12 105.71
C VAL PE 59 -52.99 18.43 105.87
N CYS PE 60 -53.23 17.90 107.07
CA CYS PE 60 -54.55 17.36 107.35
C CYS PE 60 -55.50 18.50 107.65
N ASN PE 61 -56.80 18.20 107.63
CA ASN PE 61 -57.78 19.21 107.98
C ASN PE 61 -57.80 19.48 109.48
N ASN PE 62 -57.32 18.54 110.29
CA ASN PE 62 -56.87 18.88 111.63
C ASN PE 62 -55.49 19.52 111.52
N GLY PE 63 -55.23 20.51 112.35
CA GLY PE 63 -54.04 21.33 112.18
C GLY PE 63 -52.73 20.68 112.55
N PHE PE 64 -52.36 19.61 111.84
CA PHE PE 64 -51.09 18.94 112.07
C PHE PE 64 -50.47 18.58 110.74
N TYR PE 65 -49.14 18.60 110.70
CA TYR PE 65 -48.43 18.18 109.52
C TYR PE 65 -48.44 16.66 109.40
N SER PE 66 -48.70 16.18 108.18
CA SER PE 66 -48.78 14.75 107.96
C SER PE 66 -47.39 14.13 107.88
N THR PE 67 -47.35 12.81 108.06
CA THR PE 67 -46.11 12.06 107.86
C THR PE 67 -45.76 11.92 106.39
N CYS PE 68 -46.75 11.98 105.51
CA CYS PE 68 -46.49 11.86 104.08
C CYS PE 68 -45.98 13.17 103.53
N TYR PE 69 -45.02 13.09 102.61
CA TYR PE 69 -44.56 14.26 101.88
C TYR PE 69 -45.27 14.32 100.53
N CYS PE 70 -45.43 15.55 100.03
CA CYS PE 70 -46.05 15.74 98.72
C CYS PE 70 -45.09 16.24 97.66
N THR PE 71 -43.98 16.85 98.06
CA THR PE 71 -43.05 17.46 97.13
C THR PE 71 -41.67 16.84 97.33
N ARG PE 72 -40.96 16.61 96.23
CA ARG PE 72 -39.58 16.17 96.35
C ARG PE 72 -38.66 17.30 96.81
N HIS PE 73 -39.13 18.53 96.80
CA HIS PE 73 -38.43 19.65 97.42
C HIS PE 73 -38.79 19.72 98.91
N ALA PE 74 -38.40 18.68 99.63
CA ALA PE 74 -38.66 18.59 101.07
C ALA PE 74 -37.60 17.70 101.69
N VAL PE 75 -37.49 17.80 103.01
CA VAL PE 75 -36.42 17.13 103.75
C VAL PE 75 -36.76 15.65 103.85
N MET PE 76 -35.99 14.83 103.14
CA MET PE 76 -36.12 13.39 103.23
C MET PE 76 -35.19 12.87 104.31
N ASP PE 77 -34.97 11.56 104.33
CA ASP PE 77 -33.96 10.94 105.19
C ASP PE 77 -33.15 10.01 104.29
N LEU PE 78 -32.12 10.56 103.65
CA LEU PE 78 -31.32 9.80 102.69
C LEU PE 78 -29.98 9.46 103.33
N GLN PE 79 -29.83 8.20 103.70
CA GLN PE 79 -28.54 7.64 104.09
C GLN PE 79 -28.12 6.47 103.21
N PHE PE 80 -29.07 5.71 102.69
CA PHE PE 80 -28.82 4.61 101.78
C PHE PE 80 -29.31 4.99 100.39
N LEU PE 81 -28.52 4.64 99.38
CA LEU PE 81 -28.85 5.00 98.01
C LEU PE 81 -28.31 3.93 97.07
N MET PE 82 -28.47 4.19 95.77
CA MET PE 82 -28.11 3.24 94.73
C MET PE 82 -27.49 3.99 93.56
N GLY PE 83 -26.38 3.49 93.07
CA GLY PE 83 -25.72 4.07 91.92
C GLY PE 83 -24.33 3.50 91.72
N CYS PE 84 -23.74 3.89 90.60
CA CYS PE 84 -22.42 3.41 90.22
C CYS PE 84 -21.53 4.60 89.89
N CYS PE 85 -20.22 4.40 90.09
CA CYS PE 85 -19.18 5.44 89.99
C CYS PE 85 -19.50 6.64 90.87
N LEU PE 86 -20.01 6.36 92.05
CA LEU PE 86 -20.37 7.40 93.00
C LEU PE 86 -19.11 7.92 93.70
N TRP PE 87 -19.20 9.16 94.17
CA TRP PE 87 -18.07 9.92 94.72
C TRP PE 87 -16.91 9.98 93.73
N HIS PE 88 -17.25 10.08 92.45
CA HIS PE 88 -16.30 10.11 91.36
C HIS PE 88 -16.94 10.91 90.24
N GLY PE 89 -16.43 10.74 89.02
CA GLY PE 89 -17.01 11.45 87.89
C GLY PE 89 -18.33 10.92 87.40
N GLY PE 90 -18.89 9.88 88.02
CA GLY PE 90 -20.14 9.31 87.56
C GLY PE 90 -19.91 8.38 86.40
N VAL PE 91 -21.02 7.85 85.88
CA VAL PE 91 -20.95 6.90 84.77
C VAL PE 91 -20.52 7.65 83.51
N TYR PE 92 -19.55 7.10 82.80
CA TYR PE 92 -19.04 7.75 81.60
C TYR PE 92 -20.08 7.69 80.49
N PRO PE 93 -20.46 8.82 79.92
CA PRO PE 93 -21.44 8.80 78.82
C PRO PE 93 -20.91 8.12 77.57
N GLN PE 94 -19.63 8.24 77.28
CA GLN PE 94 -19.02 7.42 76.25
C GLN PE 94 -18.91 5.99 76.78
N LEU PE 95 -19.34 5.04 75.97
CA LEU PE 95 -19.41 3.65 76.37
C LEU PE 95 -18.30 2.87 75.69
N ASN PE 96 -17.99 1.72 76.27
CA ASN PE 96 -17.13 0.73 75.63
C ASN PE 96 -17.96 -0.51 75.36
N SER PE 97 -17.68 -1.16 74.23
CA SER PE 97 -18.37 -2.41 73.91
C SER PE 97 -17.85 -3.55 74.76
N SER PE 98 -16.65 -3.41 75.34
CA SER PE 98 -16.23 -4.31 76.38
C SER PE 98 -16.96 -3.98 77.68
N GLY PE 99 -16.84 -4.88 78.65
CA GLY PE 99 -17.60 -4.76 79.87
C GLY PE 99 -17.08 -3.78 80.89
N LEU PE 100 -15.96 -3.12 80.62
CA LEU PE 100 -15.37 -2.22 81.59
C LEU PE 100 -16.10 -0.90 81.64
N VAL PE 101 -16.24 -0.34 82.84
CA VAL PE 101 -16.77 1.00 83.03
C VAL PE 101 -15.74 1.83 83.78
N VAL PE 102 -15.63 3.09 83.40
CA VAL PE 102 -14.68 4.02 83.99
C VAL PE 102 -15.46 5.23 84.48
N CYS PE 103 -15.17 5.67 85.70
CA CYS PE 103 -15.72 6.94 86.14
C CYS PE 103 -15.01 8.09 85.43
N ASN PE 104 -15.71 9.22 85.34
CA ASN PE 104 -15.23 10.33 84.54
C ASN PE 104 -14.03 11.06 85.13
N ASP PE 105 -13.68 10.77 86.38
CA ASP PE 105 -12.41 11.23 86.93
C ASP PE 105 -11.26 10.29 86.62
N GLY PE 106 -11.53 9.22 85.87
CA GLY PE 106 -10.52 8.28 85.46
C GLY PE 106 -10.49 6.97 86.22
N TYR PE 107 -11.14 6.92 87.38
CA TYR PE 107 -11.16 5.69 88.15
C TYR PE 107 -12.09 4.67 87.52
N VAL PE 108 -11.70 3.40 87.59
CA VAL PE 108 -12.53 2.32 87.07
C VAL PE 108 -13.21 1.63 88.24
N SER PE 109 -14.32 0.96 87.95
CA SER PE 109 -15.07 0.21 88.95
C SER PE 109 -15.36 -1.17 88.38
N GLU PE 110 -14.69 -2.18 88.92
CA GLU PE 110 -14.85 -3.53 88.41
C GLU PE 110 -16.20 -4.12 88.82
N GLU PE 111 -16.67 -3.79 90.02
CA GLU PE 111 -17.95 -4.35 90.46
C GLU PE 111 -19.12 -3.71 89.74
N CYS PE 112 -18.97 -2.46 89.29
CA CYS PE 112 -19.94 -1.90 88.36
C CYS PE 112 -19.72 -2.45 86.96
N SER PE 113 -18.49 -2.83 86.64
CA SER PE 113 -18.15 -3.38 85.34
C SER PE 113 -18.54 -4.84 85.25
N LEU PE 114 -18.25 -5.44 84.10
CA LEU PE 114 -18.55 -6.84 83.85
C LEU PE 114 -17.32 -7.69 84.13
N GLN PE 115 -17.50 -8.76 84.88
CA GLN PE 115 -16.42 -9.64 85.28
C GLN PE 115 -16.19 -10.71 84.21
N LYS PE 116 -15.40 -11.72 84.55
CA LYS PE 116 -15.05 -12.78 83.61
C LYS PE 116 -15.20 -14.15 84.26
N UNK QE 1 -37.59 26.03 124.27
CA UNK QE 1 -38.76 26.83 124.57
C UNK QE 1 -39.09 26.78 126.05
N UNK QE 2 -39.26 25.55 126.55
CA UNK QE 2 -39.51 25.24 127.96
C UNK QE 2 -40.77 25.90 128.51
N UNK QE 3 -41.78 26.09 127.64
CA UNK QE 3 -43.05 26.63 128.07
C UNK QE 3 -44.13 26.20 127.09
N UNK QE 4 -45.37 26.22 127.57
CA UNK QE 4 -46.53 26.07 126.70
C UNK QE 4 -47.63 27.07 126.98
N UNK QE 5 -47.62 27.73 128.14
CA UNK QE 5 -48.53 28.82 128.45
C UNK QE 5 -47.68 29.98 128.95
N UNK QE 6 -47.19 30.79 128.03
CA UNK QE 6 -46.35 31.94 128.39
C UNK QE 6 -47.23 33.00 129.01
N UNK QE 7 -47.22 33.07 130.34
CA UNK QE 7 -48.07 34.01 131.05
C UNK QE 7 -47.52 35.43 130.94
N UNK QE 8 -48.44 36.39 130.98
CA UNK QE 8 -48.10 37.80 130.92
C UNK QE 8 -48.38 38.44 132.28
N UNK QE 9 -47.37 39.10 132.84
CA UNK QE 9 -47.41 39.82 134.13
C UNK QE 9 -47.89 38.95 135.29
N UNK RE 1 89.82 25.99 70.83
CA UNK RE 1 88.56 26.26 70.13
C UNK RE 1 87.95 27.58 70.62
N UNK RE 2 86.63 27.68 70.53
CA UNK RE 2 85.89 28.85 70.99
C UNK RE 2 85.22 28.52 72.31
N UNK RE 3 85.49 29.32 73.34
CA UNK RE 3 85.03 29.05 74.69
C UNK RE 3 83.74 29.82 74.98
N UNK RE 4 83.35 29.82 76.26
CA UNK RE 4 82.16 30.51 76.71
C UNK RE 4 82.43 31.58 77.77
N UNK RE 5 83.64 31.64 78.32
CA UNK RE 5 83.94 32.57 79.40
C UNK RE 5 83.96 34.02 78.91
N UNK RE 6 84.63 34.26 77.78
CA UNK RE 6 84.65 35.61 77.22
C UNK RE 6 83.28 36.02 76.68
N UNK RE 7 82.51 35.04 76.18
CA UNK RE 7 81.13 35.32 75.76
C UNK RE 7 80.26 35.72 76.95
N UNK RE 8 80.43 35.04 78.09
CA UNK RE 8 79.69 35.40 79.29
C UNK RE 8 80.12 36.77 79.82
N UNK RE 9 81.42 37.09 79.74
CA UNK RE 9 81.89 38.41 80.15
C UNK RE 9 81.34 39.50 79.24
N UNK RE 10 81.31 39.26 77.93
CA UNK RE 10 80.76 40.24 77.00
C UNK RE 10 79.26 40.39 77.17
N UNK RE 11 78.56 39.30 77.50
CA UNK RE 11 77.13 39.38 77.76
C UNK RE 11 76.84 40.14 79.05
N UNK RE 12 77.67 39.96 80.07
CA UNK RE 12 77.52 40.74 81.30
C UNK RE 12 77.80 42.21 81.06
N UNK RE 13 78.78 42.52 80.20
CA UNK RE 13 79.05 43.90 79.83
C UNK RE 13 77.90 44.51 79.04
N UNK RE 14 77.29 43.72 78.14
CA UNK RE 14 76.12 44.21 77.41
C UNK RE 14 74.91 44.38 78.31
N UNK RE 15 74.80 43.56 79.36
CA UNK RE 15 73.73 43.71 80.32
C UNK RE 15 73.91 44.96 81.17
N UNK RE 16 75.12 45.17 81.69
CA UNK RE 16 75.44 46.35 82.49
C UNK RE 16 76.72 46.98 81.94
N UNK RE 17 76.55 47.79 80.90
CA UNK RE 17 77.63 48.64 80.39
C UNK RE 17 77.57 50.05 80.94
N UNK RE 18 76.52 50.38 81.69
CA UNK RE 18 76.23 51.73 82.22
C UNK RE 18 76.22 52.78 81.12
N UNK RE 19 75.59 52.44 80.00
CA UNK RE 19 75.55 53.35 78.84
C UNK RE 19 74.16 53.26 78.21
N UNK RE 20 73.26 54.13 78.68
CA UNK RE 20 71.92 54.25 78.13
C UNK RE 20 71.34 55.60 78.55
N UNK RE 21 70.64 56.25 77.63
CA UNK RE 21 70.00 57.54 77.90
C UNK RE 21 68.71 57.62 77.11
N UNK RE 22 67.79 58.47 77.55
CA UNK RE 22 66.46 58.51 76.98
C UNK RE 22 66.04 59.93 76.65
N UNK RE 23 65.09 60.05 75.72
CA UNK RE 23 64.51 61.33 75.32
C UNK RE 23 63.07 61.07 74.90
N UNK RE 24 62.13 61.38 75.79
CA UNK RE 24 60.73 61.21 75.48
C UNK RE 24 60.25 62.37 74.60
N UNK RE 25 59.05 62.20 74.05
CA UNK RE 25 58.46 63.21 73.20
C UNK RE 25 56.99 63.39 73.58
N UNK RE 26 56.48 64.59 73.31
CA UNK RE 26 55.09 64.90 73.63
C UNK RE 26 54.20 64.62 72.43
N UNK RE 27 52.91 64.91 72.58
CA UNK RE 27 51.97 64.76 71.47
C UNK RE 27 52.15 65.87 70.43
N UNK RE 28 52.68 67.02 70.84
CA UNK RE 28 52.97 68.13 69.94
C UNK RE 28 54.40 68.07 69.41
N UNK RE 29 55.02 66.89 69.40
CA UNK RE 29 56.37 66.64 68.90
C UNK RE 29 57.41 67.51 69.61
N UNK RE 30 57.24 67.70 70.92
CA UNK RE 30 58.19 68.42 71.73
C UNK RE 30 59.08 67.42 72.46
N UNK RE 31 60.38 67.56 72.28
CA UNK RE 31 61.31 66.66 72.93
C UNK RE 31 61.44 66.99 74.42
N UNK RE 32 61.83 65.99 75.20
CA UNK RE 32 62.04 66.16 76.63
C UNK RE 32 63.05 65.09 77.04
N UNK RE 33 64.27 65.53 77.33
CA UNK RE 33 65.37 64.62 77.61
C UNK RE 33 65.96 64.93 78.98
N UNK RE 34 66.37 63.89 79.69
CA UNK RE 34 67.02 64.02 80.98
C UNK RE 34 68.53 63.85 80.80
N UNK RE 35 69.25 63.80 81.91
CA UNK RE 35 70.67 63.56 81.85
C UNK RE 35 70.96 62.09 81.56
N UNK RE 36 72.19 61.80 81.19
CA UNK RE 36 72.61 60.42 80.96
C UNK RE 36 72.73 59.69 82.28
N UNK RE 37 71.71 58.92 82.64
CA UNK RE 37 71.67 58.15 83.87
C UNK RE 37 71.20 56.73 83.56
N UNK RE 38 71.43 55.84 84.52
CA UNK RE 38 71.12 54.40 84.45
C UNK RE 38 71.72 53.72 83.21
N UNK RE 39 53.22 58.02 71.60
CA UNK RE 39 52.87 59.44 71.53
C UNK RE 39 53.55 60.22 72.65
N UNK RE 40 53.02 60.08 73.87
CA UNK RE 40 53.61 60.76 75.01
C UNK RE 40 54.88 60.07 75.50
N UNK RE 41 55.12 58.82 75.11
CA UNK RE 41 56.32 58.10 75.50
C UNK RE 41 56.74 57.21 74.33
N UNK RE 42 57.83 57.58 73.66
CA UNK RE 42 58.33 56.80 72.53
C UNK RE 42 59.00 55.53 73.03
N UNK RE 43 58.64 54.40 72.42
CA UNK RE 43 59.28 53.13 72.73
C UNK RE 43 60.75 53.15 72.32
N UNK RE 44 61.09 53.90 71.28
CA UNK RE 44 62.47 54.17 70.91
C UNK RE 44 63.02 55.43 71.57
N UNK RE 45 62.43 55.85 72.69
CA UNK RE 45 62.90 57.04 73.39
C UNK RE 45 64.27 56.82 74.01
N UNK RE 46 64.53 55.62 74.52
CA UNK RE 46 65.80 55.31 75.16
C UNK RE 46 66.82 54.85 74.13
N UNK RE 47 68.05 55.34 74.27
CA UNK RE 47 69.15 54.97 73.39
C UNK RE 47 70.39 54.63 74.20
N UNK RE 48 71.06 53.54 73.82
CA UNK RE 48 72.26 53.11 74.52
C UNK RE 48 73.48 53.85 73.98
N LYS SE 24 -42.31 -2.89 134.87
CA LYS SE 24 -42.51 -4.28 134.45
C LYS SE 24 -41.27 -4.82 133.76
N PHE SE 25 -40.94 -4.27 132.59
CA PHE SE 25 -39.81 -4.74 131.81
C PHE SE 25 -38.84 -3.59 131.58
N LYS SE 26 -37.58 -3.82 131.95
CA LYS SE 26 -36.51 -2.86 131.72
C LYS SE 26 -35.88 -3.19 130.37
N LYS SE 27 -36.11 -2.34 129.39
CA LYS SE 27 -35.55 -2.58 128.08
C LYS SE 27 -34.06 -2.25 128.05
N PRO SE 28 -33.27 -3.00 127.30
CA PRO SE 28 -31.89 -2.59 127.03
C PRO SE 28 -31.87 -1.43 126.07
N PRO SE 29 -30.76 -0.69 125.99
CA PRO SE 29 -30.65 0.38 124.99
C PRO SE 29 -30.74 -0.15 123.57
N ILE SE 30 -31.29 0.69 122.69
CA ILE SE 30 -31.62 0.24 121.33
C ILE SE 30 -30.35 0.03 120.52
N ASN SE 31 -29.45 1.01 120.55
CA ASN SE 31 -28.20 0.89 119.80
C ASN SE 31 -27.08 0.43 120.73
N ASN SE 32 -27.28 -0.75 121.30
CA ASN SE 32 -26.30 -1.31 122.22
C ASN SE 32 -25.06 -1.77 121.47
N PRO SE 33 -23.87 -1.53 122.00
CA PRO SE 33 -22.68 -2.22 121.50
C PRO SE 33 -22.72 -3.67 121.94
N SER SE 34 -23.45 -4.50 121.21
CA SER SE 34 -23.71 -5.88 121.61
C SER SE 34 -22.84 -6.88 120.86
N ASP SE 35 -21.72 -6.43 120.29
CA ASP SE 35 -20.84 -7.32 119.56
C ASP SE 35 -19.40 -7.06 119.97
N ASP SE 36 -18.61 -8.14 119.97
CA ASP SE 36 -17.22 -8.10 120.41
C ASP SE 36 -16.35 -7.23 119.50
N ALA SE 37 -16.64 -7.19 118.21
CA ALA SE 37 -15.92 -6.26 117.34
C ALA SE 37 -16.34 -4.83 117.62
N THR SE 38 -17.65 -4.62 117.81
CA THR SE 38 -18.19 -3.28 117.94
C THR SE 38 -17.75 -2.60 119.22
N ILE SE 39 -17.61 -3.37 120.31
CA ILE SE 39 -17.16 -2.77 121.56
C ILE SE 39 -15.70 -2.33 121.44
N LYS SE 40 -14.89 -3.12 120.71
CA LYS SE 40 -13.51 -2.75 120.45
C LYS SE 40 -13.43 -1.49 119.60
N LEU SE 41 -14.30 -1.40 118.59
CA LEU SE 41 -14.36 -0.21 117.75
C LEU SE 41 -14.75 1.03 118.55
N ALA SE 42 -15.73 0.88 119.44
CA ALA SE 42 -16.22 2.01 120.22
C ALA SE 42 -15.17 2.49 121.22
N GLU SE 43 -14.50 1.57 121.91
CA GLU SE 43 -13.47 2.00 122.86
C GLU SE 43 -12.26 2.57 122.14
N ALA SE 44 -11.94 2.06 120.94
CA ALA SE 44 -10.87 2.64 120.15
C ALA SE 44 -11.23 4.06 119.73
N ALA SE 45 -12.51 4.29 119.37
CA ALA SE 45 -12.96 5.61 119.02
C ALA SE 45 -12.86 6.57 120.20
N VAL SE 46 -13.23 6.11 121.39
CA VAL SE 46 -13.14 6.92 122.59
C VAL SE 46 -11.69 7.29 122.88
N SER SE 47 -10.79 6.30 122.77
CA SER SE 47 -9.38 6.54 123.03
C SER SE 47 -8.78 7.52 122.03
N VAL SE 48 -9.11 7.36 120.75
CA VAL SE 48 -8.51 8.25 119.76
C VAL SE 48 -9.13 9.64 119.83
N SER SE 49 -10.39 9.74 120.28
CA SER SE 49 -11.00 11.05 120.48
C SER SE 49 -10.32 11.79 121.62
N ASP SE 50 -10.05 11.08 122.72
CA ASP SE 50 -9.34 11.69 123.84
C ASP SE 50 -7.91 12.06 123.45
N SER SE 51 -7.27 11.23 122.62
CA SER SE 51 -5.92 11.52 122.16
C SER SE 51 -5.88 12.77 121.30
N MET SE 52 -6.84 12.92 120.38
CA MET SE 52 -6.88 14.11 119.55
C MET SE 52 -7.26 15.34 120.35
N LEU SE 53 -8.11 15.17 121.37
CA LEU SE 53 -8.42 16.26 122.28
C LEU SE 53 -7.18 16.72 123.03
N GLU SE 54 -6.36 15.77 123.48
CA GLU SE 54 -5.13 16.12 124.19
C GLU SE 54 -4.14 16.81 123.27
N MET SE 55 -4.07 16.37 122.01
CA MET SE 55 -3.22 17.02 121.03
C MET SE 55 -3.65 18.46 120.80
N ALA SE 56 -4.95 18.69 120.67
CA ALA SE 56 -5.46 20.04 120.47
C ALA SE 56 -5.23 20.91 121.71
N LYS SE 57 -5.38 20.33 122.90
CA LYS SE 57 -5.19 21.08 124.12
C LYS SE 57 -3.74 21.47 124.32
N VAL SE 58 -2.81 20.57 124.00
CA VAL SE 58 -1.40 20.92 124.13
C VAL SE 58 -0.94 21.79 122.98
N GLU SE 59 -1.70 21.85 121.88
CA GLU SE 59 -1.28 22.67 120.76
C GLU SE 59 -1.88 24.08 120.79
N LYS SE 60 -3.03 24.26 121.42
CA LYS SE 60 -3.73 25.53 121.34
C LYS SE 60 -3.05 26.60 122.20
N VAL SE 61 -2.82 27.76 121.60
CA VAL SE 61 -2.26 28.90 122.31
C VAL SE 61 -3.41 29.73 122.87
N ILE SE 62 -3.36 30.00 124.17
CA ILE SE 62 -4.39 30.76 124.86
C ILE SE 62 -3.75 31.99 125.48
N THR SE 63 -4.61 32.90 125.94
CA THR SE 63 -4.15 34.13 126.54
C THR SE 63 -4.92 34.39 127.83
N PRO SE 64 -4.26 34.96 128.85
CA PRO SE 64 -4.98 35.35 130.05
C PRO SE 64 -5.87 36.56 129.77
N PRO SE 65 -7.01 36.68 130.44
CA PRO SE 65 -7.92 37.80 130.17
C PRO SE 65 -7.54 39.10 130.84
N SER SE 66 -6.38 39.16 131.50
CA SER SE 66 -5.93 40.40 132.12
C SER SE 66 -5.38 41.38 131.09
N LYS SE 67 -4.70 40.88 130.06
CA LYS SE 67 -3.95 41.72 129.14
C LYS SE 67 -4.58 41.78 127.76
N ASP SE 68 -5.90 41.59 127.68
CA ASP SE 68 -6.59 41.69 126.40
C ASP SE 68 -6.70 43.16 125.98
N ASN SE 69 -6.25 43.47 124.77
CA ASN SE 69 -6.25 44.84 124.28
C ASN SE 69 -7.53 45.15 123.50
N THR SE 70 -8.66 44.87 124.15
CA THR SE 70 -9.97 45.14 123.58
C THR SE 70 -10.69 46.12 124.48
N LEU SE 71 -11.05 47.28 123.92
CA LEU SE 71 -11.73 48.31 124.71
C LEU SE 71 -13.18 47.89 124.95
N THR SE 72 -13.58 47.92 126.22
CA THR SE 72 -14.92 47.50 126.60
C THR SE 72 -15.87 48.69 126.53
N ILE SE 73 -17.04 48.55 127.11
CA ILE SE 73 -18.02 49.64 127.17
C ILE SE 73 -17.48 50.72 128.11
N PRO SE 74 -17.42 51.99 127.68
CA PRO SE 74 -16.92 53.06 128.55
C PRO SE 74 -17.94 53.61 129.53
N ASN SE 75 -19.12 52.98 129.62
CA ASN SE 75 -20.16 53.27 130.59
C ASN SE 75 -20.67 54.72 130.48
N ALA SE 76 -21.32 55.00 129.35
CA ALA SE 76 -22.02 56.25 129.14
C ALA SE 76 -23.48 55.97 128.82
N TYR SE 77 -24.33 56.96 129.05
CA TYR SE 77 -25.76 56.75 128.91
C TYR SE 77 -26.17 56.64 127.44
N ASN SE 78 -25.58 57.46 126.57
CA ASN SE 78 -26.02 57.52 125.18
C ASN SE 78 -25.61 56.30 124.36
N LEU SE 79 -24.79 55.42 124.92
CA LEU SE 79 -24.29 54.26 124.21
C LEU SE 79 -25.26 53.09 124.18
N GLN SE 80 -26.43 53.24 124.80
CA GLN SE 80 -27.40 52.16 124.90
C GLN SE 80 -28.37 52.10 123.73
N ALA SE 81 -28.20 52.97 122.74
CA ALA SE 81 -29.13 52.99 121.62
C ALA SE 81 -28.94 51.79 120.71
N ARG SE 82 -30.04 51.29 120.16
CA ARG SE 82 -30.05 50.13 119.30
C ARG SE 82 -30.27 50.56 117.87
N ALA SE 83 -29.43 50.07 116.96
CA ALA SE 83 -29.42 50.57 115.59
C ALA SE 83 -29.05 49.45 114.64
N SER SE 84 -29.40 49.65 113.38
CA SER SE 84 -29.00 48.77 112.28
C SER SE 84 -28.07 49.53 111.36
N VAL SE 85 -26.93 48.94 111.04
CA VAL SE 85 -25.94 49.59 110.18
C VAL SE 85 -25.32 48.57 109.26
N ASP SE 86 -24.81 49.06 108.13
CA ASP SE 86 -24.00 48.27 107.22
C ASP SE 86 -22.94 49.16 106.62
N TRP SE 87 -21.72 48.63 106.54
CA TRP SE 87 -20.62 49.40 105.99
C TRP SE 87 -19.58 48.42 105.44
N SER SE 88 -18.92 48.84 104.37
CA SER SE 88 -17.86 48.04 103.78
C SER SE 88 -16.82 49.02 103.21
N GLY SE 89 -15.83 49.35 104.02
CA GLY SE 89 -14.77 50.22 103.57
C GLY SE 89 -14.04 50.95 104.66
N PRO SE 90 -13.80 52.24 104.45
CA PRO SE 90 -12.97 53.02 105.38
C PRO SE 90 -13.66 53.24 106.72
N ILE SE 91 -12.87 53.70 107.67
CA ILE SE 91 -13.31 53.82 109.06
C ILE SE 91 -13.61 55.25 109.46
N GLU SE 92 -13.11 56.25 108.73
CA GLU SE 92 -13.10 57.62 109.22
C GLU SE 92 -14.49 58.24 109.20
N GLU SE 93 -15.15 58.18 108.04
CA GLU SE 93 -16.50 58.75 107.91
C GLU SE 93 -17.50 57.98 108.77
N LEU SE 94 -17.30 56.66 108.88
CA LEU SE 94 -18.16 55.84 109.72
C LEU SE 94 -18.06 56.24 111.18
N THR SE 95 -16.83 56.36 111.70
CA THR SE 95 -16.64 56.77 113.09
C THR SE 95 -17.08 58.20 113.32
N ALA SE 96 -16.92 59.07 112.32
CA ALA SE 96 -17.36 60.45 112.43
C ALA SE 96 -18.88 60.53 112.58
N ARG SE 97 -19.61 59.78 111.75
CA ARG SE 97 -21.06 59.82 111.88
C ARG SE 97 -21.55 59.04 113.10
N ILE SE 98 -20.76 58.08 113.59
CA ILE SE 98 -21.12 57.39 114.82
C ILE SE 98 -21.01 58.34 116.01
N ALA SE 99 -19.91 59.10 116.08
CA ALA SE 99 -19.77 60.11 117.11
C ALA SE 99 -20.78 61.24 116.95
N LYS SE 100 -21.16 61.53 115.71
CA LYS SE 100 -22.21 62.51 115.44
C LYS SE 100 -23.55 62.05 116.00
N ALA SE 101 -23.88 60.78 115.81
CA ALA SE 101 -25.12 60.25 116.38
C ALA SE 101 -25.03 60.15 117.89
N ALA SE 102 -23.84 59.91 118.43
CA ALA SE 102 -23.68 59.82 119.87
C ALA SE 102 -23.54 61.17 120.54
N HIS SE 103 -23.45 62.26 119.75
CA HIS SE 103 -23.24 63.63 120.21
C HIS SE 103 -21.96 63.75 121.03
N PHE SE 104 -20.94 63.03 120.60
CA PHE SE 104 -19.60 63.11 121.15
C PHE SE 104 -18.70 63.74 120.12
N ARG SE 105 -17.75 64.55 120.58
CA ARG SE 105 -16.74 65.07 119.67
C ARG SE 105 -15.80 63.94 119.27
N PHE SE 106 -15.21 64.06 118.08
CA PHE SE 106 -14.29 63.05 117.58
C PHE SE 106 -13.05 63.72 117.03
N ARG SE 107 -11.89 63.14 117.35
CA ARG SE 107 -10.63 63.62 116.82
C ARG SE 107 -9.78 62.44 116.36
N VAL SE 108 -8.87 62.73 115.44
CA VAL SE 108 -7.95 61.73 114.93
C VAL SE 108 -6.56 62.03 115.49
N LEU SE 109 -5.71 61.02 115.45
CA LEU SE 109 -4.33 61.17 115.93
C LEU SE 109 -3.49 60.13 115.21
N GLY SE 110 -2.62 60.60 114.33
CA GLY SE 110 -1.81 59.74 113.51
C GLY SE 110 -1.98 60.09 112.06
N LYS SE 111 -1.61 59.14 111.20
CA LYS SE 111 -1.65 59.32 109.76
C LYS SE 111 -2.56 58.27 109.15
N SER SE 112 -3.48 58.70 108.32
CA SER SE 112 -4.24 57.75 107.53
C SER SE 112 -3.32 57.13 106.50
N PRO SE 113 -3.31 55.80 106.37
CA PRO SE 113 -2.39 55.16 105.41
C PRO SE 113 -2.83 55.41 103.99
N SER SE 114 -1.88 55.24 103.07
CA SER SE 114 -2.15 55.40 101.65
C SER SE 114 -3.16 54.35 101.16
N VAL SE 115 -2.98 53.11 101.61
CA VAL SE 115 -4.00 52.09 101.45
C VAL SE 115 -4.91 52.16 102.68
N PRO SE 116 -6.20 52.48 102.51
CA PRO SE 116 -7.06 52.71 103.66
C PRO SE 116 -7.42 51.41 104.36
N VAL SE 117 -8.02 51.56 105.54
CA VAL SE 117 -8.40 50.43 106.36
C VAL SE 117 -9.81 50.00 105.94
N LEU SE 118 -9.90 48.86 105.26
CA LEU SE 118 -11.18 48.38 104.75
C LEU SE 118 -11.88 47.60 105.85
N ILE SE 119 -12.97 48.16 106.38
CA ILE SE 119 -13.73 47.56 107.46
C ILE SE 119 -15.17 47.37 107.00
N SER SE 120 -15.67 46.14 107.11
CA SER SE 120 -17.04 45.82 106.76
C SER SE 120 -17.74 45.25 107.98
N ILE SE 121 -18.78 45.93 108.44
CA ILE SE 121 -19.62 45.45 109.54
C ILE SE 121 -21.07 45.63 109.13
N SER SE 122 -21.85 44.56 109.24
CA SER SE 122 -23.28 44.59 108.95
C SER SE 122 -24.01 43.99 110.14
N THR SE 123 -24.90 44.77 110.75
CA THR SE 123 -25.64 44.29 111.90
C THR SE 123 -26.98 45.01 111.97
N LYS SE 124 -27.91 44.39 112.71
CA LYS SE 124 -29.29 44.86 112.77
C LYS SE 124 -29.66 45.47 114.12
N ASP SE 125 -29.16 44.94 115.22
CA ASP SE 125 -29.44 45.53 116.53
C ASP SE 125 -28.27 45.29 117.45
N GLU SE 126 -27.69 46.39 117.96
CA GLU SE 126 -26.60 46.33 118.91
C GLU SE 126 -26.51 47.66 119.61
N SER SE 127 -25.80 47.67 120.73
CA SER SE 127 -25.41 48.93 121.33
C SER SE 127 -24.10 49.39 120.70
N LEU SE 128 -23.97 50.71 120.62
CA LEU SE 128 -22.84 51.31 119.95
C LEU SE 128 -21.53 51.08 120.68
N ALA SE 129 -21.59 50.74 121.97
CA ALA SE 129 -20.39 50.40 122.72
C ALA SE 129 -19.74 49.13 122.19
N GLU SE 130 -20.51 48.04 122.05
CA GLU SE 130 -19.94 46.85 121.47
C GLU SE 130 -19.74 46.98 119.97
N ILE SE 131 -20.46 47.91 119.32
CA ILE SE 131 -20.15 48.23 117.92
C ILE SE 131 -18.73 48.77 117.81
N LEU SE 132 -18.39 49.72 118.69
CA LEU SE 132 -17.03 50.26 118.71
C LEU SE 132 -16.01 49.22 119.15
N ARG SE 133 -16.41 48.32 120.05
CA ARG SE 133 -15.52 47.24 120.48
C ARG SE 133 -15.16 46.31 119.32
N ASP SE 134 -16.15 45.96 118.51
CA ASP SE 134 -15.86 45.14 117.33
C ASP SE 134 -15.13 45.95 116.27
N ILE SE 135 -15.34 47.27 116.23
CA ILE SE 135 -14.59 48.13 115.33
C ILE SE 135 -13.11 48.10 115.67
N ASP SE 136 -12.78 48.21 116.96
CA ASP SE 136 -11.38 48.16 117.37
C ASP SE 136 -10.80 46.76 117.21
N TYR SE 137 -11.63 45.72 117.38
CA TYR SE 137 -11.14 44.36 117.15
C TYR SE 137 -10.86 44.12 115.67
N GLN SE 138 -11.70 44.68 114.79
CA GLN SE 138 -11.42 44.60 113.35
C GLN SE 138 -10.20 45.41 112.98
N ALA SE 139 -9.97 46.53 113.66
CA ALA SE 139 -8.77 47.32 113.42
C ALA SE 139 -7.52 46.55 113.83
N GLY SE 140 -7.57 45.89 114.98
CA GLY SE 140 -6.48 45.04 115.43
C GLY SE 140 -5.22 45.79 115.77
N LYS SE 141 -4.20 45.64 114.92
CA LYS SE 141 -2.90 46.23 115.18
C LYS SE 141 -2.74 47.61 114.56
N LYS SE 142 -3.46 47.89 113.49
CA LYS SE 142 -3.19 49.08 112.69
C LYS SE 142 -3.70 50.35 113.35
N ALA SE 143 -4.79 50.28 114.09
CA ALA SE 143 -5.32 51.44 114.75
C ALA SE 143 -6.10 51.03 115.98
N SER SE 144 -6.39 52.00 116.83
CA SER SE 144 -7.16 51.80 118.04
C SER SE 144 -8.07 53.00 118.23
N ILE SE 145 -8.89 52.94 119.28
CA ILE SE 145 -9.78 54.05 119.60
C ILE SE 145 -9.75 54.27 121.11
N HIS SE 146 -10.02 55.51 121.51
CA HIS SE 146 -10.09 55.85 122.92
C HIS SE 146 -11.28 56.75 123.19
N VAL SE 147 -12.01 56.44 124.25
CA VAL SE 147 -13.24 57.15 124.61
C VAL SE 147 -13.03 57.83 125.95
N TYR SE 148 -13.35 59.12 126.01
CA TYR SE 148 -13.20 59.88 127.24
C TYR SE 148 -14.53 60.49 127.64
N PRO SE 149 -15.04 60.18 128.84
CA PRO SE 149 -16.34 60.70 129.28
C PRO SE 149 -16.28 61.97 130.13
N ASN SE 150 -15.09 62.49 130.43
CA ASN SE 150 -15.01 63.77 131.12
C ASN SE 150 -15.49 64.88 130.22
N SER SE 151 -14.77 65.14 129.13
CA SER SE 151 -15.29 65.86 127.99
C SER SE 151 -15.59 64.82 126.92
N GLN SE 152 -16.84 64.82 126.44
CA GLN SE 152 -17.38 63.66 125.74
C GLN SE 152 -16.75 63.51 124.37
N VAL SE 153 -15.67 62.72 124.30
CA VAL SE 153 -14.86 62.68 123.09
C VAL SE 153 -14.45 61.25 122.78
N VAL SE 154 -14.16 61.02 121.51
CA VAL SE 154 -13.56 59.79 121.03
C VAL SE 154 -12.40 60.15 120.11
N GLU SE 155 -11.43 59.23 120.03
CA GLU SE 155 -10.21 59.48 119.29
C GLU SE 155 -9.85 58.23 118.51
N LEU SE 156 -9.57 58.42 117.22
CA LEU SE 156 -8.89 57.40 116.44
C LEU SE 156 -7.39 57.54 116.63
N ARG SE 157 -6.71 56.41 116.79
CA ARG SE 157 -5.29 56.38 117.09
C ARG SE 157 -4.61 55.46 116.08
N TYR SE 158 -3.89 56.04 115.14
CA TYR SE 158 -3.21 55.24 114.15
C TYR SE 158 -1.95 54.59 114.73
N ALA SE 159 -1.38 53.67 113.97
CA ALA SE 159 -0.10 53.07 114.33
C ALA SE 159 0.93 53.34 113.23
N LYS SE 160 2.20 53.35 113.62
CA LYS SE 160 3.28 53.55 112.67
C LYS SE 160 3.56 52.29 111.88
N ILE TE 208 8.15 27.72 150.49
CA ILE TE 208 7.92 26.56 149.65
C ILE TE 208 6.43 26.20 149.63
N ILE TE 209 6.12 24.98 149.22
CA ILE TE 209 4.75 24.56 148.95
C ILE TE 209 4.07 24.19 150.25
N TYR TE 210 2.93 24.82 150.51
CA TYR TE 210 2.12 24.54 151.70
C TYR TE 210 0.69 24.32 151.27
N TYR TE 211 0.08 23.26 151.79
CA TYR TE 211 -1.29 22.91 151.47
C TYR TE 211 -2.13 22.86 152.73
N ILE TE 212 -3.38 23.31 152.61
CA ILE TE 212 -4.34 23.09 153.68
C ILE TE 212 -4.67 21.60 153.74
N GLN TE 213 -4.95 21.13 154.95
CA GLN TE 213 -5.18 19.71 155.19
C GLN TE 213 -6.55 19.44 155.77
N ALA TE 214 -6.93 20.15 156.82
CA ALA TE 214 -8.28 20.09 157.36
C ALA TE 214 -8.69 21.51 157.72
N VAL TE 215 -10.01 21.74 157.73
CA VAL TE 215 -10.53 23.09 157.87
C VAL TE 215 -11.75 23.08 158.79
N ILE TE 216 -12.01 24.24 159.38
CA ILE TE 216 -13.16 24.53 160.24
C ILE TE 216 -13.25 26.06 160.21
N PRO TE 217 -14.37 26.69 160.57
CA PRO TE 217 -14.37 28.15 160.70
C PRO TE 217 -13.43 28.66 161.78
N GLY TE 218 -12.37 29.34 161.39
CA GLY TE 218 -11.46 29.94 162.35
C GLY TE 218 -10.17 29.17 162.53
N ARG TE 219 -10.24 27.84 162.52
CA ARG TE 219 -9.10 26.99 162.73
C ARG TE 219 -8.91 26.08 161.53
N ALA TE 220 -7.66 25.74 161.23
CA ALA TE 220 -7.40 24.85 160.10
C ALA TE 220 -6.10 24.11 160.34
N TRP TE 221 -5.88 23.09 159.51
CA TRP TE 221 -4.63 22.34 159.52
C TRP TE 221 -3.80 22.75 158.31
N LEU TE 222 -2.52 23.00 158.53
CA LEU TE 222 -1.60 23.33 157.46
C LEU TE 222 -0.50 22.28 157.41
N ILE TE 223 -0.22 21.77 156.20
CA ILE TE 223 0.90 20.88 155.98
C ILE TE 223 1.82 21.56 154.97
N GLY TE 224 3.09 21.18 155.01
CA GLY TE 224 4.08 21.71 154.09
C GLY TE 224 4.65 20.60 153.24
N SER TE 225 5.32 21.02 152.16
CA SER TE 225 6.04 20.09 151.31
C SER TE 225 7.28 19.54 151.98
N ASN TE 226 7.78 20.21 153.02
CA ASN TE 226 8.87 19.71 153.85
C ASN TE 226 8.39 18.87 155.01
N GLY TE 227 7.08 18.62 155.11
CA GLY TE 227 6.54 17.88 156.23
C GLY TE 227 6.26 18.72 157.45
N SER TE 228 6.37 20.04 157.36
CA SER TE 228 6.07 20.91 158.48
C SER TE 228 4.57 20.93 158.76
N THR TE 229 4.22 20.97 160.05
CA THR TE 229 2.84 20.88 160.50
C THR TE 229 2.49 22.15 161.25
N LEU TE 230 1.34 22.75 160.91
CA LEU TE 230 0.95 24.02 161.49
C LEU TE 230 -0.54 24.01 161.81
N THR TE 231 -0.91 24.78 162.84
CA THR TE 231 -2.28 25.02 163.21
C THR TE 231 -2.63 26.45 162.83
N VAL TE 232 -3.76 26.64 162.15
CA VAL TE 232 -4.11 27.91 161.53
C VAL TE 232 -5.21 28.55 162.35
N ARG TE 233 -4.91 29.72 162.90
CA ARG TE 233 -5.93 30.61 163.45
C ARG TE 233 -6.25 31.68 162.41
N GLU TE 234 -7.33 32.41 162.64
CA GLU TE 234 -7.69 33.55 161.79
C GLU TE 234 -6.60 34.63 161.83
N GLY TE 235 -6.15 34.97 163.04
CA GLY TE 235 -4.98 35.82 163.15
C GLY TE 235 -3.75 34.96 163.32
N SER TE 236 -3.08 34.67 162.22
CA SER TE 236 -1.92 33.78 162.24
C SER TE 236 -1.03 34.12 161.05
N LYS TE 237 0.28 33.98 161.26
CA LYS TE 237 1.28 34.36 160.28
C LYS TE 237 2.01 33.13 159.79
N ILE TE 238 2.05 32.95 158.47
CA ILE TE 238 2.80 31.86 157.85
C ILE TE 238 4.04 32.45 157.19
N PRO TE 239 5.24 32.01 157.58
CA PRO TE 239 6.44 32.46 156.87
C PRO TE 239 6.48 31.92 155.45
N GLY TE 240 7.01 32.73 154.54
CA GLY TE 240 7.04 32.40 153.13
C GLY TE 240 5.79 32.74 152.37
N TYR TE 241 4.71 33.07 153.05
CA TYR TE 241 3.47 33.47 152.38
C TYR TE 241 2.93 34.80 152.88
N GLY TE 242 3.08 35.08 154.18
CA GLY TE 242 2.64 36.35 154.69
C GLY TE 242 1.52 36.26 155.72
N MET TE 243 0.67 37.27 155.76
CA MET TE 243 -0.36 37.37 156.78
C MET TE 243 -1.69 36.87 156.22
N VAL TE 244 -2.40 36.08 157.02
CA VAL TE 244 -3.70 35.52 156.65
C VAL TE 244 -4.77 36.34 157.34
N LYS TE 245 -5.72 36.83 156.56
CA LYS TE 245 -6.76 37.72 157.05
C LYS TE 245 -8.16 37.14 156.91
N LEU TE 246 -8.28 35.91 156.42
CA LEU TE 246 -9.59 35.27 156.27
C LEU TE 246 -9.40 33.76 156.21
N ILE TE 247 -10.35 33.04 156.81
CA ILE TE 247 -10.39 31.58 156.71
C ILE TE 247 -11.83 31.18 156.41
N ASP TE 248 -12.03 30.42 155.34
CA ASP TE 248 -13.33 29.90 154.97
C ASP TE 248 -13.30 28.38 155.03
N SER TE 249 -14.40 27.80 155.50
CA SER TE 249 -14.50 26.35 155.64
C SER TE 249 -15.14 25.69 154.43
N LEU TE 250 -16.14 26.33 153.82
CA LEU TE 250 -16.83 25.71 152.69
C LEU TE 250 -15.98 25.73 151.42
N GLN TE 251 -15.19 26.78 151.21
CA GLN TE 251 -14.27 26.84 150.09
C GLN TE 251 -12.84 26.79 150.63
N GLY TE 252 -12.04 25.88 150.08
CA GLY TE 252 -10.69 25.70 150.55
C GLY TE 252 -9.72 26.76 150.09
N ARG TE 253 -9.91 27.99 150.58
CA ARG TE 253 -9.07 29.11 150.23
C ARG TE 253 -8.48 29.71 151.50
N ILE TE 254 -7.23 30.15 151.39
CA ILE TE 254 -6.56 30.90 152.44
C ILE TE 254 -5.77 32.02 151.76
N LEU TE 255 -6.11 33.27 152.06
CA LEU TE 255 -5.49 34.41 151.39
C LEU TE 255 -4.27 34.89 152.16
N THR TE 256 -3.29 35.40 151.43
CA THR TE 256 -2.03 35.87 151.99
C THR TE 256 -1.87 37.37 151.75
N SER TE 257 -0.99 37.98 152.56
CA SER TE 257 -0.63 39.36 152.33
C SER TE 257 0.29 39.53 151.13
N SER TE 258 0.96 38.46 150.70
CA SER TE 258 1.71 38.52 149.46
C SER TE 258 0.80 38.58 148.24
N GLY TE 259 -0.36 37.92 148.31
CA GLY TE 259 -1.30 37.97 147.20
C GLY TE 259 -1.48 36.65 146.49
N GLN TE 260 -1.36 35.55 147.22
CA GLN TE 260 -1.63 34.22 146.68
C GLN TE 260 -2.60 33.51 147.60
N VAL TE 261 -3.35 32.57 147.02
CA VAL TE 261 -4.41 31.89 147.74
C VAL TE 261 -4.00 30.44 147.97
N ILE TE 262 -4.02 30.01 149.24
CA ILE TE 262 -3.63 28.64 149.56
C ILE TE 262 -4.83 27.73 149.36
N LYS TE 263 -4.64 26.69 148.56
CA LYS TE 263 -5.69 25.75 148.21
C LYS TE 263 -5.32 24.35 148.73
N PHE TE 264 -6.16 23.38 148.38
CA PHE TE 264 -5.95 22.00 148.78
C PHE TE 264 -4.95 21.33 147.85
N SER TE 265 -4.88 20.00 147.91
CA SER TE 265 -4.02 19.26 147.00
C SER TE 265 -4.73 19.08 145.65
N GLN TE 266 -4.04 18.41 144.74
CA GLN TE 266 -4.58 18.14 143.41
C GLN TE 266 -5.68 17.09 143.46
N MET UE 23 -63.52 13.78 121.68
CA MET UE 23 -62.42 14.60 122.18
C MET UE 23 -61.30 14.70 121.16
N LYS UE 24 -61.66 15.07 119.94
CA LYS UE 24 -60.66 15.21 118.89
C LYS UE 24 -59.88 16.51 119.06
N PHE UE 25 -58.70 16.55 118.45
CA PHE UE 25 -57.78 17.66 118.60
C PHE UE 25 -57.57 18.33 117.25
N LYS UE 26 -57.72 19.66 117.22
CA LYS UE 26 -57.51 20.44 116.01
C LYS UE 26 -56.81 21.73 116.38
N LYS UE 27 -56.64 22.60 115.38
CA LYS UE 27 -56.03 23.90 115.53
C LYS UE 27 -56.94 24.95 114.94
N PRO UE 28 -56.94 26.16 115.49
CA PRO UE 28 -57.92 27.19 115.06
C PRO UE 28 -57.75 27.66 113.61
N PRO UE 29 -56.50 27.90 113.06
CA PRO UE 29 -56.48 28.38 111.67
C PRO UE 29 -56.79 27.29 110.66
N ILE UE 30 -57.98 27.35 110.07
CA ILE UE 30 -58.39 26.43 109.02
C ILE UE 30 -59.26 27.21 108.03
N ASN UE 31 -58.88 27.16 106.76
CA ASN UE 31 -59.59 27.90 105.73
C ASN UE 31 -59.48 27.13 104.42
N ASN UE 32 -59.76 27.81 103.31
CA ASN UE 32 -59.73 27.19 102.00
C ASN UE 32 -58.29 26.85 101.60
N PRO UE 33 -58.09 25.78 100.84
CA PRO UE 33 -56.74 25.41 100.43
C PRO UE 33 -56.13 26.41 99.46
N SER UE 34 -54.81 26.51 99.51
CA SER UE 34 -54.06 27.53 98.80
C SER UE 34 -53.56 27.00 97.46
N ASP UE 35 -52.66 27.76 96.84
CA ASP UE 35 -52.02 27.36 95.59
C ASP UE 35 -50.53 27.67 95.67
N ASP UE 36 -49.72 26.75 95.16
CA ASP UE 36 -48.27 26.84 95.25
C ASP UE 36 -47.72 28.05 94.52
N ALA UE 37 -48.38 28.48 93.44
CA ALA UE 37 -47.96 29.68 92.74
C ALA UE 37 -48.13 30.91 93.63
N THR UE 38 -49.25 30.99 94.35
CA THR UE 38 -49.44 32.07 95.32
C THR UE 38 -48.45 31.96 96.48
N ILE UE 39 -48.04 30.74 96.83
CA ILE UE 39 -47.01 30.56 97.84
C ILE UE 39 -45.69 31.17 97.37
N LYS UE 40 -45.32 30.90 96.12
CA LYS UE 40 -44.10 31.48 95.56
C LYS UE 40 -44.21 32.99 95.42
N LEU UE 41 -45.41 33.48 95.13
CA LEU UE 41 -45.64 34.93 95.10
C LEU UE 41 -45.43 35.55 96.47
N ALA UE 42 -45.89 34.87 97.52
CA ALA UE 42 -45.64 35.34 98.88
C ALA UE 42 -44.17 35.31 99.22
N GLU UE 43 -43.45 34.30 98.72
CA GLU UE 43 -42.01 34.20 98.92
C GLU UE 43 -41.29 35.38 98.30
N ALA UE 44 -41.70 35.78 97.10
CA ALA UE 44 -41.12 36.97 96.50
C ALA UE 44 -41.51 38.23 97.26
N ALA UE 45 -42.77 38.29 97.70
CA ALA UE 45 -43.33 39.52 98.27
C ALA UE 45 -42.71 39.85 99.61
N VAL UE 46 -42.47 38.83 100.44
CA VAL UE 46 -41.85 39.05 101.75
C VAL UE 46 -40.45 39.62 101.59
N SER UE 47 -39.67 39.05 100.66
CA SER UE 47 -38.30 39.49 100.41
C SER UE 47 -38.27 40.92 99.89
N VAL UE 48 -39.13 41.23 98.91
CA VAL UE 48 -39.09 42.58 98.36
C VAL UE 48 -39.67 43.58 99.37
N SER UE 49 -40.53 43.11 100.28
CA SER UE 49 -41.08 44.00 101.31
C SER UE 49 -40.01 44.39 102.32
N ASP UE 50 -39.21 43.42 102.78
CA ASP UE 50 -38.15 43.79 103.72
C ASP UE 50 -37.06 44.60 103.03
N SER UE 51 -36.82 44.35 101.74
CA SER UE 51 -35.88 45.16 100.99
C SER UE 51 -36.34 46.62 100.91
N MET UE 52 -37.62 46.82 100.62
CA MET UE 52 -38.17 48.17 100.55
C MET UE 52 -38.18 48.85 101.92
N LEU UE 53 -38.46 48.08 102.97
CA LEU UE 53 -38.45 48.63 104.32
C LEU UE 53 -37.06 49.10 104.72
N GLU UE 54 -36.05 48.28 104.44
CA GLU UE 54 -34.67 48.64 104.76
C GLU UE 54 -34.23 49.86 103.96
N MET UE 55 -34.60 49.90 102.67
CA MET UE 55 -34.26 51.05 101.83
C MET UE 55 -34.92 52.32 102.32
N ALA UE 56 -36.19 52.23 102.72
CA ALA UE 56 -36.91 53.40 103.22
C ALA UE 56 -36.32 53.90 104.51
N LYS UE 57 -35.92 52.97 105.39
CA LYS UE 57 -35.32 53.36 106.66
C LYS UE 57 -33.99 54.09 106.45
N VAL UE 58 -33.13 53.53 105.59
CA VAL UE 58 -31.83 54.17 105.38
C VAL UE 58 -31.99 55.49 104.61
N GLU UE 59 -33.00 55.58 103.74
CA GLU UE 59 -33.28 56.84 103.05
C GLU UE 59 -33.74 57.92 104.01
N LYS UE 60 -34.65 57.56 104.93
CA LYS UE 60 -35.16 58.50 105.92
C LYS UE 60 -34.05 58.96 106.85
N VAL UE 61 -33.14 58.06 107.21
CA VAL UE 61 -32.02 58.45 108.06
C VAL UE 61 -31.10 59.40 107.32
N ILE UE 62 -30.72 59.07 106.08
CA ILE UE 62 -29.71 59.86 105.39
C ILE UE 62 -30.26 61.20 104.91
N THR UE 63 -31.57 61.34 104.80
CA THR UE 63 -32.15 62.64 104.46
C THR UE 63 -33.34 62.92 105.38
N PRO UE 64 -33.22 63.86 106.31
CA PRO UE 64 -34.35 64.21 107.16
C PRO UE 64 -35.33 65.12 106.42
N PRO UE 65 -36.63 64.86 106.55
CA PRO UE 65 -37.61 65.73 105.90
C PRO UE 65 -37.73 67.08 106.61
N SER UE 66 -38.32 68.04 105.91
CA SER UE 66 -38.41 69.40 106.43
C SER UE 66 -39.82 69.95 106.49
N LYS UE 67 -40.66 69.66 105.49
CA LYS UE 67 -41.98 70.28 105.43
C LYS UE 67 -42.92 69.39 104.65
N ASP UE 68 -44.19 69.38 105.05
CA ASP UE 68 -45.21 68.58 104.40
C ASP UE 68 -46.17 69.47 103.60
N ASN UE 69 -46.93 68.84 102.72
CA ASN UE 69 -47.79 69.58 101.81
C ASN UE 69 -49.09 70.04 102.44
N THR UE 70 -49.31 69.76 103.73
CA THR UE 70 -50.46 70.31 104.44
C THR UE 70 -50.37 71.82 104.54
N LEU UE 71 -49.16 72.36 104.65
CA LEU UE 71 -48.98 73.81 104.63
C LEU UE 71 -49.37 74.39 103.28
N THR UE 72 -48.99 73.72 102.19
CA THR UE 72 -49.34 74.19 100.86
C THR UE 72 -50.83 74.04 100.60
N ILE UE 73 -51.43 72.96 101.11
CA ILE UE 73 -52.84 72.67 100.86
C ILE UE 73 -53.57 72.67 102.20
N PRO UE 74 -54.14 73.78 102.63
CA PRO UE 74 -55.02 73.75 103.79
C PRO UE 74 -56.37 73.16 103.44
N ASN UE 75 -57.07 72.72 104.46
CA ASN UE 75 -58.38 72.11 104.29
C ASN UE 75 -59.45 73.05 104.86
N ALA UE 76 -60.62 73.02 104.23
CA ALA UE 76 -61.71 73.92 104.60
C ALA UE 76 -63.02 73.13 104.56
N TYR UE 77 -64.13 73.86 104.60
CA TYR UE 77 -65.42 73.22 104.59
C TYR UE 77 -65.73 72.63 103.22
N ASN UE 78 -66.77 71.78 103.17
CA ASN UE 78 -67.17 70.86 102.11
C ASN UE 78 -65.98 70.16 101.46
N LEU UE 79 -65.00 69.78 102.30
CA LEU UE 79 -63.89 68.95 101.92
C LEU UE 79 -63.86 67.68 102.75
N GLN UE 80 -64.71 67.56 103.74
CA GLN UE 80 -64.72 66.44 104.66
C GLN UE 80 -65.56 65.28 104.15
N ALA UE 81 -66.12 65.39 102.96
CA ALA UE 81 -66.82 64.28 102.33
C ALA UE 81 -65.83 63.17 101.99
N ARG UE 82 -66.34 61.95 101.88
CA ARG UE 82 -65.45 60.82 101.75
C ARG UE 82 -65.51 60.25 100.34
N ALA UE 83 -64.47 59.52 99.96
CA ALA UE 83 -64.34 59.02 98.61
C ALA UE 83 -63.45 57.79 98.58
N SER UE 84 -63.93 56.75 97.91
CA SER UE 84 -63.17 55.53 97.68
C SER UE 84 -62.81 55.45 96.20
N VAL UE 85 -61.57 55.03 95.92
CA VAL UE 85 -60.95 55.24 94.63
C VAL UE 85 -60.37 53.92 94.13
N ASP UE 86 -60.69 53.57 92.88
CA ASP UE 86 -59.97 52.54 92.12
C ASP UE 86 -59.65 53.18 90.77
N TRP UE 87 -58.53 53.88 90.69
CA TRP UE 87 -58.11 54.56 89.49
C TRP UE 87 -56.67 54.17 89.19
N SER UE 88 -56.37 53.91 87.93
CA SER UE 88 -55.02 53.54 87.51
C SER UE 88 -54.68 54.12 86.15
N GLY UE 89 -54.94 55.40 85.95
CA GLY UE 89 -54.69 56.02 84.66
C GLY UE 89 -54.13 57.42 84.76
N PRO UE 90 -54.38 58.24 83.73
CA PRO UE 90 -53.96 59.64 83.78
C PRO UE 90 -54.77 60.43 84.81
N ILE UE 91 -54.21 61.57 85.18
CA ILE UE 91 -54.66 62.27 86.37
C ILE UE 91 -55.71 63.34 86.12
N GLU UE 92 -55.88 63.79 84.88
CA GLU UE 92 -56.65 65.00 84.61
C GLU UE 92 -58.14 64.76 84.78
N GLU UE 93 -58.63 63.61 84.30
CA GLU UE 93 -60.04 63.26 84.48
C GLU UE 93 -60.36 63.07 85.96
N LEU UE 94 -59.43 62.48 86.70
CA LEU UE 94 -59.61 62.28 88.14
C LEU UE 94 -59.70 63.61 88.88
N THR UE 95 -58.81 64.54 88.54
CA THR UE 95 -58.82 65.85 89.19
C THR UE 95 -60.05 66.66 88.81
N ALA UE 96 -60.49 66.55 87.56
CA ALA UE 96 -61.70 67.26 87.13
C ALA UE 96 -62.93 66.70 87.80
N ARG UE 97 -63.00 65.36 87.96
CA ARG UE 97 -64.11 64.75 88.67
C ARG UE 97 -64.12 65.17 90.15
N ILE UE 98 -62.94 65.26 90.75
CA ILE UE 98 -62.83 65.71 92.14
C ILE UE 98 -63.29 67.15 92.29
N ALA UE 99 -62.89 68.03 91.37
CA ALA UE 99 -63.34 69.42 91.42
C ALA UE 99 -64.83 69.55 91.15
N LYS UE 100 -65.37 68.68 90.30
CA LYS UE 100 -66.82 68.64 90.06
C LYS UE 100 -67.57 68.24 91.32
N ALA UE 101 -67.03 67.29 92.08
CA ALA UE 101 -67.61 66.95 93.37
C ALA UE 101 -67.49 68.10 94.37
N ALA UE 102 -66.36 68.80 94.35
CA ALA UE 102 -66.07 69.81 95.36
C ALA UE 102 -66.61 71.18 95.03
N HIS UE 103 -67.26 71.33 93.86
CA HIS UE 103 -67.75 72.63 93.35
C HIS UE 103 -66.61 73.65 93.26
N PHE UE 104 -65.45 73.19 92.82
CA PHE UE 104 -64.27 74.04 92.71
C PHE UE 104 -63.89 74.23 91.25
N ARG UE 105 -63.23 75.35 90.98
CA ARG UE 105 -62.73 75.62 89.65
C ARG UE 105 -61.41 74.89 89.46
N PHE UE 106 -61.36 74.01 88.47
CA PHE UE 106 -60.16 73.25 88.16
C PHE UE 106 -59.36 74.00 87.09
N ARG UE 107 -58.07 74.18 87.35
CA ARG UE 107 -57.22 75.00 86.49
C ARG UE 107 -55.96 74.23 86.13
N VAL UE 108 -55.43 74.54 84.94
CA VAL UE 108 -54.25 73.90 84.40
C VAL UE 108 -53.21 74.97 84.13
N LEU UE 109 -51.99 74.76 84.63
CA LEU UE 109 -50.89 75.68 84.44
C LEU UE 109 -49.74 74.93 83.77
N GLY UE 110 -49.14 75.56 82.78
CA GLY UE 110 -48.08 74.93 82.03
C GLY UE 110 -48.62 73.98 80.98
N LYS UE 111 -47.71 73.22 80.38
CA LYS UE 111 -48.03 72.32 79.29
C LYS UE 111 -47.93 70.88 79.76
N SER UE 112 -48.94 70.09 79.42
CA SER UE 112 -48.89 68.65 79.66
C SER UE 112 -47.84 68.02 78.75
N PRO UE 113 -46.92 67.24 79.28
CA PRO UE 113 -45.87 66.65 78.45
C PRO UE 113 -46.40 65.47 77.64
N SER UE 114 -45.56 65.04 76.70
CA SER UE 114 -45.89 63.89 75.88
C SER UE 114 -45.94 62.61 76.69
N VAL UE 115 -45.03 62.46 77.64
CA VAL UE 115 -45.10 61.33 78.56
C VAL UE 115 -46.26 61.55 79.53
N PRO UE 116 -47.19 60.61 79.66
CA PRO UE 116 -48.32 60.81 80.56
C PRO UE 116 -47.91 60.65 82.02
N VAL UE 117 -48.78 61.14 82.90
CA VAL UE 117 -48.61 61.01 84.33
C VAL UE 117 -49.67 60.00 84.79
N LEU UE 118 -49.23 58.78 85.08
CA LEU UE 118 -50.14 57.70 85.44
C LEU UE 118 -50.01 57.39 86.92
N ILE UE 119 -51.13 57.40 87.62
CA ILE UE 119 -51.18 57.14 89.05
C ILE UE 119 -52.18 56.02 89.30
N SER UE 120 -51.72 54.97 89.96
CA SER UE 120 -52.58 53.86 90.35
C SER UE 120 -52.81 53.93 91.85
N ILE UE 121 -54.06 54.19 92.25
CA ILE UE 121 -54.42 54.30 93.66
C ILE UE 121 -55.67 53.48 93.91
N SER UE 122 -55.60 52.60 94.91
CA SER UE 122 -56.75 51.80 95.34
C SER UE 122 -56.80 51.86 96.86
N THR UE 123 -57.49 52.88 97.39
CA THR UE 123 -57.62 53.00 98.84
C THR UE 123 -59.09 53.13 99.22
N LYS UE 124 -59.36 53.40 100.50
CA LYS UE 124 -60.71 53.33 101.02
C LYS UE 124 -61.08 54.61 101.76
N ASP UE 125 -62.15 55.25 101.29
CA ASP UE 125 -63.04 56.23 101.97
C ASP UE 125 -62.33 57.15 102.95
N GLU UE 126 -61.45 57.97 102.42
CA GLU UE 126 -60.71 58.94 103.20
C GLU UE 126 -61.11 60.36 102.79
N SER UE 127 -60.41 61.34 103.33
CA SER UE 127 -60.70 62.73 103.03
C SER UE 127 -60.17 63.13 101.66
N LEU UE 128 -60.86 64.10 101.06
CA LEU UE 128 -60.44 64.63 99.77
C LEU UE 128 -59.12 65.37 99.88
N ALA UE 129 -58.90 66.07 101.00
CA ALA UE 129 -57.62 66.72 101.23
C ALA UE 129 -56.49 65.71 101.34
N GLU UE 130 -56.77 64.57 102.00
CA GLU UE 130 -55.82 63.46 102.04
C GLU UE 130 -55.53 62.93 100.65
N ILE UE 131 -56.58 62.81 99.83
CA ILE UE 131 -56.43 62.32 98.47
C ILE UE 131 -55.54 63.24 97.65
N LEU UE 132 -55.78 64.55 97.75
CA LEU UE 132 -55.02 65.50 96.96
C LEU UE 132 -53.58 65.60 97.44
N ARG UE 133 -53.36 65.52 98.75
CA ARG UE 133 -51.98 65.58 99.25
C ARG UE 133 -51.20 64.33 98.87
N ASP UE 134 -51.85 63.16 98.88
CA ASP UE 134 -51.18 61.96 98.41
C ASP UE 134 -50.91 62.01 96.91
N ILE UE 135 -51.82 62.61 96.16
CA ILE UE 135 -51.62 62.77 94.71
C ILE UE 135 -50.43 63.68 94.43
N ASP UE 136 -50.33 64.79 95.16
CA ASP UE 136 -49.20 65.69 94.95
C ASP UE 136 -47.89 65.09 95.46
N TYR UE 137 -47.97 64.20 96.45
CA TYR UE 137 -46.78 63.45 96.82
C TYR UE 137 -46.37 62.48 95.73
N GLN UE 138 -47.33 61.78 95.14
CA GLN UE 138 -47.02 60.79 94.13
C GLN UE 138 -46.69 61.40 92.77
N ALA UE 139 -46.96 62.70 92.60
CA ALA UE 139 -46.57 63.38 91.38
C ALA UE 139 -45.06 63.44 91.23
N GLY UE 140 -44.36 63.64 92.34
CA GLY UE 140 -42.92 63.69 92.31
C GLY UE 140 -42.38 64.92 91.63
N LYS UE 141 -41.58 64.72 90.59
CA LYS UE 141 -40.98 65.82 89.84
C LYS UE 141 -41.73 66.12 88.56
N LYS UE 142 -43.03 65.91 88.54
CA LYS UE 142 -43.83 66.14 87.35
C LYS UE 142 -44.83 67.27 87.49
N ALA UE 143 -45.55 67.35 88.60
CA ALA UE 143 -46.58 68.38 88.74
C ALA UE 143 -46.72 68.76 90.21
N SER UE 144 -47.36 69.90 90.42
CA SER UE 144 -47.64 70.41 91.76
C SER UE 144 -49.08 70.88 91.82
N ILE UE 145 -49.65 70.83 93.02
CA ILE UE 145 -51.06 71.16 93.24
C ILE UE 145 -51.12 72.33 94.21
N HIS UE 146 -51.92 73.34 93.87
CA HIS UE 146 -52.18 74.47 94.75
C HIS UE 146 -53.68 74.59 94.96
N VAL UE 147 -54.09 74.84 96.20
CA VAL UE 147 -55.50 74.91 96.56
C VAL UE 147 -55.74 76.24 97.25
N TYR UE 148 -56.69 77.00 96.73
CA TYR UE 148 -57.08 78.26 97.36
C TYR UE 148 -58.54 78.16 97.77
N PRO UE 149 -58.83 78.05 99.06
CA PRO UE 149 -60.21 77.78 99.49
C PRO UE 149 -61.11 79.01 99.38
N ASN UE 150 -60.57 80.19 99.68
CA ASN UE 150 -61.31 81.42 99.48
C ASN UE 150 -61.61 81.66 98.00
N SER UE 151 -60.69 81.26 97.14
CA SER UE 151 -60.91 81.35 95.71
C SER UE 151 -61.63 80.13 95.14
N GLN UE 152 -61.81 79.08 95.94
CA GLN UE 152 -62.46 77.82 95.56
C GLN UE 152 -61.80 77.20 94.34
N VAL UE 153 -60.47 77.17 94.35
CA VAL UE 153 -59.68 76.91 93.15
C VAL UE 153 -58.71 75.76 93.43
N VAL UE 154 -58.67 74.79 92.51
CA VAL UE 154 -57.65 73.75 92.48
C VAL UE 154 -56.84 73.95 91.21
N GLU UE 155 -55.56 74.29 91.36
CA GLU UE 155 -54.68 74.57 90.24
C GLU UE 155 -53.61 73.50 90.15
N LEU UE 156 -53.47 72.89 88.98
CA LEU UE 156 -52.46 71.86 88.73
C LEU UE 156 -51.41 72.47 87.81
N ARG UE 157 -50.19 72.65 88.31
CA ARG UE 157 -49.12 73.22 87.52
C ARG UE 157 -48.13 72.12 87.13
N TYR UE 158 -47.82 72.03 85.85
CA TYR UE 158 -46.84 71.07 85.37
C TYR UE 158 -45.43 71.58 85.68
N ALA UE 159 -44.43 70.73 85.46
CA ALA UE 159 -43.05 71.09 85.69
C ALA UE 159 -42.40 71.55 84.40
N LYS UE 160 -41.95 72.80 84.38
CA LYS UE 160 -41.12 73.26 83.28
C LYS UE 160 -39.76 72.60 83.43
N ILE UE 161 -39.53 71.55 82.66
CA ILE UE 161 -38.36 70.71 82.81
C ILE UE 161 -37.82 70.43 81.40
N TYR UE 162 -36.63 69.83 81.36
CA TYR UE 162 -35.88 69.48 80.15
C TYR UE 162 -35.54 70.73 79.36
N ARG VE 207 24.52 62.97 91.82
CA ARG VE 207 23.80 63.57 90.70
C ARG VE 207 23.93 62.70 89.45
N ILE VE 208 23.26 63.11 88.38
CA ILE VE 208 23.38 62.39 87.11
C ILE VE 208 24.75 62.67 86.51
N ILE VE 209 25.50 61.61 86.25
CA ILE VE 209 26.89 61.73 85.81
C ILE VE 209 26.94 61.56 84.31
N TYR VE 210 27.50 62.54 83.62
CA TYR VE 210 27.61 62.52 82.17
C TYR VE 210 28.97 61.98 81.75
N TYR VE 211 28.96 61.17 80.70
CA TYR VE 211 30.17 60.71 80.06
C TYR VE 211 30.13 61.09 78.60
N ILE VE 212 31.31 61.13 77.98
CA ILE VE 212 31.42 61.51 76.58
C ILE VE 212 31.05 60.31 75.72
N GLN VE 213 30.03 60.47 74.87
CA GLN VE 213 29.69 59.43 73.92
C GLN VE 213 30.38 59.65 72.58
N ALA VE 214 30.45 60.89 72.11
CA ALA VE 214 31.20 61.22 70.91
C ALA VE 214 31.64 62.68 71.00
N VAL VE 215 32.72 62.99 70.32
CA VAL VE 215 33.29 64.34 70.36
C VAL VE 215 33.96 64.70 69.04
N ILE VE 216 33.51 65.79 68.44
CA ILE VE 216 34.17 66.39 67.27
C ILE VE 216 34.50 67.83 67.66
N PRO VE 217 35.32 68.55 66.91
CA PRO VE 217 35.35 70.01 67.07
C PRO VE 217 34.00 70.61 66.71
N GLY VE 218 33.51 71.50 67.56
CA GLY VE 218 32.21 72.11 67.36
C GLY VE 218 31.07 71.44 68.11
N ARG VE 219 30.91 70.13 67.98
CA ARG VE 219 29.78 69.42 68.57
C ARG VE 219 30.25 68.33 69.51
N ALA VE 220 29.44 68.10 70.55
CA ALA VE 220 29.73 67.09 71.56
C ALA VE 220 28.51 66.21 71.74
N TRP VE 221 28.76 64.97 72.16
CA TRP VE 221 27.71 63.98 72.42
C TRP VE 221 27.95 63.42 73.80
N LEU VE 222 27.02 63.68 74.71
CA LEU VE 222 27.18 63.26 76.10
C LEU VE 222 26.06 62.32 76.49
N ILE VE 223 26.36 61.39 77.38
CA ILE VE 223 25.39 60.43 77.87
C ILE VE 223 25.39 60.48 79.39
N GLY VE 224 24.23 60.75 79.97
CA GLY VE 224 24.12 60.78 81.42
C GLY VE 224 24.13 59.39 82.02
N SER VE 225 24.22 59.36 83.35
CA SER VE 225 24.22 58.10 84.07
C SER VE 225 22.85 57.43 84.05
N ASN VE 226 21.79 58.18 83.79
CA ASN VE 226 20.44 57.63 83.71
C ASN VE 226 20.14 57.01 82.34
N GLY VE 227 21.03 57.14 81.38
CA GLY VE 227 20.77 56.69 80.02
C GLY VE 227 20.33 57.79 79.07
N SER VE 228 20.32 59.04 79.51
CA SER VE 228 19.93 60.16 78.66
C SER VE 228 21.13 60.64 77.86
N THR VE 229 20.99 60.67 76.54
CA THR VE 229 22.05 61.08 75.63
C THR VE 229 21.63 62.33 74.87
N LEU VE 230 22.45 63.36 74.94
CA LEU VE 230 22.19 64.63 74.28
C LEU VE 230 23.33 64.99 73.34
N THR VE 231 22.95 65.49 72.16
CA THR VE 231 23.88 66.08 71.22
C THR VE 231 23.84 67.59 71.40
N VAL VE 232 24.97 68.18 71.76
CA VAL VE 232 25.05 69.58 72.12
C VAL VE 232 26.22 70.21 71.38
N ARG VE 233 26.34 71.52 71.55
CA ARG VE 233 27.47 72.30 71.06
C ARG VE 233 28.11 73.01 72.24
N GLU VE 234 29.03 73.93 71.94
CA GLU VE 234 29.61 74.75 72.99
C GLU VE 234 28.57 75.66 73.64
N GLY VE 235 27.69 76.26 72.84
CA GLY VE 235 26.64 77.06 73.42
C GLY VE 235 25.46 76.19 73.80
N SER VE 236 25.42 75.77 75.06
CA SER VE 236 24.40 74.85 75.52
C SER VE 236 24.15 75.05 77.00
N LYS VE 237 22.94 74.70 77.43
CA LYS VE 237 22.53 74.81 78.82
C LYS VE 237 22.18 73.43 79.33
N ILE VE 238 22.76 73.05 80.48
CA ILE VE 238 22.53 71.76 81.09
C ILE VE 238 22.21 71.98 82.56
N PRO VE 239 21.07 71.51 83.06
CA PRO VE 239 20.82 71.57 84.51
C PRO VE 239 21.72 70.62 85.27
N GLY VE 240 22.18 71.07 86.43
CA GLY VE 240 23.16 70.34 87.20
C GLY VE 240 24.60 70.64 86.84
N TYR VE 241 24.82 71.27 85.69
CA TYR VE 241 26.17 71.64 85.25
C TYR VE 241 26.26 73.06 84.70
N GLY VE 242 25.14 73.67 84.31
CA GLY VE 242 25.13 75.06 83.90
C GLY VE 242 25.31 75.27 82.40
N MET VE 243 26.39 75.95 82.02
CA MET VE 243 26.69 76.24 80.63
C MET VE 243 28.01 75.57 80.27
N VAL VE 244 28.12 75.17 79.00
CA VAL VE 244 29.34 74.51 78.53
C VAL VE 244 30.35 75.61 78.20
N LYS VE 245 31.28 75.86 79.12
CA LYS VE 245 32.25 76.92 78.91
C LYS VE 245 33.28 76.55 77.85
N LEU VE 246 33.80 75.32 77.90
CA LEU VE 246 34.84 74.91 76.97
C LEU VE 246 34.62 73.46 76.55
N ILE VE 247 34.72 73.21 75.25
CA ILE VE 247 34.73 71.86 74.69
C ILE VE 247 36.12 71.63 74.13
N ASP VE 248 36.78 70.58 74.63
CA ASP VE 248 38.12 70.20 74.15
C ASP VE 248 37.96 68.98 73.25
N SER VE 249 38.24 69.16 71.95
CA SER VE 249 38.13 68.06 71.01
C SER VE 249 39.22 67.01 71.25
N LEU VE 250 40.38 67.44 71.73
CA LEU VE 250 41.42 66.52 72.13
C LEU VE 250 41.29 66.18 73.61
N GLN VE 251 41.87 65.05 73.99
CA GLN VE 251 42.06 64.57 75.37
C GLN VE 251 40.76 64.27 76.11
N GLY VE 252 39.61 64.29 75.42
CA GLY VE 252 38.34 63.88 75.99
C GLY VE 252 37.84 64.66 77.17
N ARG VE 253 37.84 65.99 77.09
CA ARG VE 253 37.48 66.85 78.22
C ARG VE 253 36.35 67.77 77.83
N ILE VE 254 35.31 67.83 78.67
CA ILE VE 254 34.23 68.80 78.53
C ILE VE 254 34.17 69.64 79.80
N LEU VE 255 34.19 70.96 79.64
CA LEU VE 255 34.18 71.88 80.78
C LEU VE 255 32.81 72.53 80.91
N THR VE 256 32.28 72.54 82.14
CA THR VE 256 31.01 73.18 82.44
C THR VE 256 31.22 74.52 83.13
N SER VE 257 30.12 75.27 83.29
CA SER VE 257 30.18 76.56 83.99
C SER VE 257 30.43 76.39 85.48
N SER VE 258 30.10 75.23 86.04
CA SER VE 258 30.42 74.93 87.43
C SER VE 258 31.85 74.42 87.60
N GLY VE 259 32.61 74.31 86.52
CA GLY VE 259 33.96 73.79 86.58
C GLY VE 259 34.05 72.29 86.46
N GLN VE 260 32.93 71.59 86.35
CA GLN VE 260 32.94 70.15 86.26
C GLN VE 260 33.40 69.69 84.88
N VAL VE 261 34.10 68.57 84.85
CA VAL VE 261 34.68 68.02 83.63
C VAL VE 261 34.01 66.70 83.32
N ILE VE 262 33.54 66.56 82.08
CA ILE VE 262 32.94 65.34 81.58
C ILE VE 262 33.96 64.61 80.71
N LYS VE 263 34.17 63.34 81.00
CA LYS VE 263 35.22 62.53 80.38
C LYS VE 263 34.60 61.27 79.81
N PHE VE 264 35.42 60.31 79.42
CA PHE VE 264 34.97 58.99 79.04
C PHE VE 264 34.87 58.11 80.28
N SER VE 265 34.54 56.83 80.06
CA SER VE 265 34.61 55.87 81.15
C SER VE 265 36.06 55.60 81.54
N GLN VE 266 36.28 55.35 82.83
CA GLN VE 266 37.64 55.19 83.34
C GLN VE 266 38.28 53.89 82.87
N GLU VE 267 37.54 52.79 82.98
CA GLU VE 267 38.05 51.48 82.55
C GLU VE 267 37.59 51.10 81.15
N ASP VE 268 36.70 51.87 80.55
CA ASP VE 268 36.22 51.60 79.19
C ASP VE 268 36.57 52.81 78.34
N SER VE 269 37.80 52.83 77.82
CA SER VE 269 38.30 53.94 77.02
C SER VE 269 39.48 53.49 76.16
N ALA WE 104 106.92 32.28 48.09
CA ALA WE 104 106.67 31.57 46.85
C ALA WE 104 105.37 30.79 46.92
N GLU WE 105 104.79 30.74 48.12
CA GLU WE 105 103.56 29.99 48.35
C GLU WE 105 102.52 30.75 49.15
N VAL WE 106 102.87 31.90 49.74
CA VAL WE 106 101.91 32.70 50.49
C VAL WE 106 100.96 33.47 49.59
N ILE WE 107 101.25 33.51 48.29
CA ILE WE 107 100.40 34.20 47.31
C ILE WE 107 99.03 33.55 47.26
N ASP WE 108 98.98 32.21 47.25
CA ASP WE 108 97.69 31.51 47.21
C ASP WE 108 96.91 31.73 48.50
N LYS WE 109 97.59 31.78 49.65
CA LYS WE 109 96.91 32.00 50.92
C LYS WE 109 96.33 33.40 51.02
N LYS WE 110 97.10 34.41 50.63
CA LYS WE 110 96.58 35.77 50.68
C LYS WE 110 95.49 35.99 49.63
N ALA WE 111 95.60 35.32 48.47
CA ALA WE 111 94.55 35.40 47.47
C ALA WE 111 93.28 34.74 47.97
N PHE WE 112 93.40 33.62 48.68
CA PHE WE 112 92.24 32.93 49.24
C PHE WE 112 91.55 33.76 50.31
N LYS WE 113 92.32 34.40 51.19
CA LYS WE 113 91.68 35.21 52.23
C LYS WE 113 91.09 36.49 51.66
N ASP WE 114 91.70 37.04 50.59
CA ASP WE 114 91.09 38.18 49.90
C ASP WE 114 89.79 37.77 49.21
N MET WE 115 89.75 36.57 48.63
CA MET WE 115 88.55 36.05 48.01
C MET WE 115 87.44 35.86 49.03
N THR WE 116 87.77 35.34 50.21
CA THR WE 116 86.76 35.17 51.24
C THR WE 116 86.26 36.51 51.74
N ARG WE 117 87.17 37.44 52.03
CA ARG WE 117 86.78 38.73 52.59
C ARG WE 117 86.15 39.65 51.55
N ASN WE 118 86.20 39.32 50.27
CA ASN WE 118 85.48 40.09 49.26
C ASN WE 118 84.24 39.39 48.75
N LEU WE 119 84.20 38.05 48.82
CA LEU WE 119 82.98 37.33 48.48
C LEU WE 119 81.93 37.50 49.56
N TYR WE 120 82.35 37.45 50.83
CA TYR WE 120 81.48 37.81 51.94
C TYR WE 120 82.20 38.83 52.79
N PRO WE 121 82.10 40.11 52.47
CA PRO WE 121 82.68 41.16 53.32
C PRO WE 121 81.87 41.51 54.56
N LEU WE 122 80.89 40.70 54.94
CA LEU WE 122 80.11 40.91 56.15
C LEU WE 122 80.51 39.88 57.19
N ASN WE 123 80.69 40.33 58.42
CA ASN WE 123 80.81 39.40 59.53
C ASN WE 123 79.44 38.76 59.80
N PRO WE 124 79.43 37.52 60.30
CA PRO WE 124 78.16 36.93 60.76
C PRO WE 124 77.49 37.73 61.86
N GLU WE 125 78.29 38.26 62.78
CA GLU WE 125 77.78 39.15 63.81
C GLU WE 125 77.29 40.46 63.22
N GLN WE 126 77.94 40.94 62.15
CA GLN WE 126 77.46 42.11 61.44
C GLN WE 126 76.11 41.85 60.78
N VAL WE 127 75.93 40.63 60.24
CA VAL WE 127 74.66 40.22 59.67
C VAL WE 127 73.56 40.20 60.73
N VAL WE 128 73.90 39.68 61.92
CA VAL WE 128 72.96 39.65 63.03
C VAL WE 128 72.59 41.06 63.48
N LYS WE 129 73.58 41.96 63.53
CA LYS WE 129 73.33 43.34 63.93
C LYS WE 129 72.46 44.09 62.92
N LEU WE 130 72.71 43.88 61.63
CA LEU WE 130 71.89 44.58 60.64
C LEU WE 130 70.50 43.97 60.55
N LYS WE 131 70.36 42.68 60.85
CA LYS WE 131 69.02 42.10 60.98
C LYS WE 131 68.31 42.68 62.20
N GLN WE 132 69.05 42.93 63.28
CA GLN WE 132 68.48 43.56 64.47
C GLN WE 132 68.01 44.99 64.16
N ILE WE 133 68.80 45.75 63.41
CA ILE WE 133 68.36 47.11 63.09
C ILE WE 133 67.26 47.10 62.03
N TYR WE 134 67.19 46.05 61.20
CA TYR WE 134 66.04 45.89 60.31
C TYR WE 134 64.78 45.60 61.11
N GLU WE 135 64.90 44.78 62.15
CA GLU WE 135 63.78 44.55 63.06
C GLU WE 135 63.37 45.84 63.76
N THR WE 136 64.35 46.64 64.19
CA THR WE 136 64.08 47.90 64.86
C THR WE 136 63.38 48.90 63.94
N SER WE 137 63.83 48.99 62.69
CA SER WE 137 63.17 49.84 61.71
C SER WE 137 61.77 49.34 61.40
N GLU WE 138 61.56 48.02 61.40
CA GLU WE 138 60.21 47.49 61.21
C GLU WE 138 59.31 47.83 62.40
N TYR WE 139 59.88 47.82 63.62
CA TYR WE 139 59.11 48.25 64.78
C TYR WE 139 58.74 49.71 64.69
N ALA WE 140 59.67 50.54 64.19
CA ALA WE 140 59.38 51.96 63.97
C ALA WE 140 58.29 52.16 62.94
N LYS WE 141 58.31 51.35 61.87
CA LYS WE 141 57.26 51.44 60.86
C LYS WE 141 55.93 50.97 61.41
N ALA WE 142 55.91 49.88 62.17
CA ALA WE 142 54.68 49.33 62.71
C ALA WE 142 54.18 50.08 63.93
N ALA WE 143 54.97 51.02 64.45
CA ALA WE 143 54.58 51.77 65.63
C ALA WE 143 53.46 52.74 65.30
N THR WE 144 52.36 52.63 66.02
CA THR WE 144 51.20 53.50 65.81
C THR WE 144 51.13 54.52 66.92
N PRO WE 145 51.38 55.79 66.65
CA PRO WE 145 51.29 56.82 67.70
C PRO WE 145 49.86 57.05 68.17
N GLY WE 146 49.75 57.50 69.41
CA GLY WE 146 48.47 57.74 70.04
C GLY WE 146 47.98 56.54 70.84
N THR WE 147 47.01 56.80 71.70
CA THR WE 147 46.44 55.75 72.52
C THR WE 147 45.53 54.85 71.67
N PRO WE 148 45.69 53.54 71.74
CA PRO WE 148 44.77 52.65 71.05
C PRO WE 148 43.41 52.65 71.71
N PRO WE 149 42.33 52.68 70.93
CA PRO WE 149 40.99 52.61 71.50
C PRO WE 149 40.69 51.23 72.05
N LYS WE 150 39.73 51.20 72.98
CA LYS WE 150 39.33 49.95 73.61
C LYS WE 150 38.16 49.34 72.86
N PRO WE 151 38.27 48.10 72.38
CA PRO WE 151 37.11 47.42 71.81
C PRO WE 151 36.07 47.09 72.88
N THR WE 152 34.81 47.19 72.50
CA THR WE 152 33.73 46.96 73.46
C THR WE 152 32.48 46.48 72.74
N ALA WE 153 31.61 45.84 73.52
CA ALA WE 153 30.30 45.39 73.06
C ALA WE 153 29.23 46.16 73.82
N THR WE 154 28.30 46.76 73.09
CA THR WE 154 27.27 47.61 73.66
C THR WE 154 25.91 47.20 73.13
N SER WE 155 24.94 47.04 74.03
CA SER WE 155 23.55 46.83 73.68
C SER WE 155 22.79 48.09 74.03
N GLN WE 156 22.09 48.66 73.05
CA GLN WE 156 21.43 49.94 73.22
C GLN WE 156 20.00 49.85 72.71
N PHE WE 157 19.11 50.60 73.36
CA PHE WE 157 17.69 50.57 73.08
C PHE WE 157 17.33 51.73 72.16
N VAL WE 158 16.62 51.42 71.07
CA VAL WE 158 16.27 52.40 70.05
C VAL WE 158 14.75 52.55 70.02
N ASN WE 159 14.28 53.76 70.26
CA ASN WE 159 12.87 54.10 70.20
C ASN WE 159 12.64 55.04 69.03
N LEU WE 160 11.41 54.99 68.49
CA LEU WE 160 11.04 55.82 67.34
C LEU WE 160 10.33 57.10 67.76
N SER WE 161 10.80 57.70 68.85
CA SER WE 161 10.24 58.96 69.31
C SER WE 161 10.51 60.07 68.30
N PRO WE 162 9.51 60.90 67.97
CA PRO WE 162 9.69 61.93 66.94
C PRO WE 162 10.41 63.19 67.41
N GLY WE 163 11.12 63.14 68.53
CA GLY WE 163 11.99 64.23 68.95
C GLY WE 163 13.27 63.67 69.51
N SER WE 164 13.48 62.36 69.35
CA SER WE 164 14.61 61.68 69.95
C SER WE 164 15.92 62.03 69.24
N THR WE 165 17.00 61.98 69.99
CA THR WE 165 18.31 62.22 69.44
C THR WE 165 18.72 61.06 68.52
N PRO WE 166 19.46 61.32 67.45
CA PRO WE 166 19.87 60.24 66.54
C PRO WE 166 20.93 59.36 67.18
N PRO WE 167 20.86 58.04 66.95
CA PRO WE 167 21.88 57.14 67.50
C PRO WE 167 23.22 57.29 66.80
N VAL WE 168 24.24 57.59 67.59
CA VAL WE 168 25.61 57.81 67.12
C VAL WE 168 26.45 56.64 67.59
N ILE WE 169 27.23 56.07 66.66
CA ILE WE 169 28.05 54.90 66.96
C ILE WE 169 29.50 55.22 66.65
N ARG WE 170 30.37 55.03 67.64
CA ARG WE 170 31.81 55.17 67.42
C ARG WE 170 32.34 53.97 66.64
N LEU WE 171 33.23 54.27 65.69
CA LEU WE 171 33.82 53.24 64.85
C LEU WE 171 35.33 53.38 64.80
N SER WE 172 35.98 52.63 63.92
CA SER WE 172 37.42 52.74 63.73
C SER WE 172 37.77 52.40 62.29
N GLN WE 173 38.94 52.85 61.87
CA GLN WE 173 39.31 52.89 60.45
C GLN WE 173 39.66 51.49 59.96
N GLY WE 174 38.80 50.92 59.12
CA GLY WE 174 39.08 49.65 58.51
C GLY WE 174 38.93 48.46 59.44
N PHE WE 175 38.18 48.60 60.52
CA PHE WE 175 38.00 47.54 61.48
C PHE WE 175 36.54 47.12 61.52
N VAL WE 176 36.33 45.88 61.95
CA VAL WE 176 35.02 45.24 61.85
C VAL WE 176 34.12 45.78 62.96
N SER WE 177 32.93 46.24 62.58
CA SER WE 177 31.88 46.62 63.52
C SER WE 177 30.64 45.82 63.18
N SER WE 178 30.16 45.04 64.15
CA SER WE 178 29.00 44.18 63.96
C SER WE 178 27.78 44.88 64.55
N LEU WE 179 26.87 45.30 63.69
CA LEU WE 179 25.63 45.95 64.10
C LEU WE 179 24.51 44.94 63.93
N VAL WE 180 23.93 44.49 65.04
CA VAL WE 180 22.92 43.43 65.05
C VAL WE 180 21.64 43.99 65.63
N PHE WE 181 20.53 43.80 64.91
CA PHE WE 181 19.25 44.39 65.27
C PHE WE 181 18.31 43.33 65.81
N LEU WE 182 17.81 43.54 67.02
CA LEU WE 182 16.73 42.77 67.59
C LEU WE 182 15.60 43.71 67.94
N ASP WE 183 14.45 43.15 68.26
CA ASP WE 183 13.33 43.95 68.75
C ASP WE 183 13.49 44.14 70.26
N SER WE 184 12.47 44.70 70.91
CA SER WE 184 12.47 44.74 72.36
C SER WE 184 12.29 43.36 72.98
N THR WE 185 11.69 42.43 72.23
CA THR WE 185 11.59 41.05 72.70
C THR WE 185 12.95 40.37 72.68
N GLY WE 186 13.77 40.65 71.67
CA GLY WE 186 15.00 39.92 71.45
C GLY WE 186 14.95 39.01 70.25
N ALA WE 187 13.81 38.94 69.56
CA ALA WE 187 13.72 38.13 68.35
C ALA WE 187 14.49 38.81 67.22
N PRO WE 188 15.16 38.03 66.37
CA PRO WE 188 15.92 38.64 65.27
C PRO WE 188 15.01 39.20 64.18
N TRP WE 189 14.97 40.53 64.09
CA TRP WE 189 14.13 41.21 63.11
C TRP WE 189 14.92 41.34 61.81
N PRO WE 190 14.47 40.72 60.72
CA PRO WE 190 15.24 40.77 59.47
C PRO WE 190 15.21 42.15 58.83
N ILE WE 191 16.25 42.42 58.04
CA ILE WE 191 16.47 43.73 57.44
C ILE WE 191 16.04 43.69 55.99
N ALA WE 192 15.16 44.62 55.60
CA ALA WE 192 14.75 44.69 54.19
C ALA WE 192 15.87 45.27 53.33
N ALA WE 193 16.27 46.51 53.61
CA ALA WE 193 17.27 47.16 52.77
C ALA WE 193 17.95 48.26 53.57
N TYR WE 194 18.86 48.97 52.92
CA TYR WE 194 19.50 50.13 53.52
C TYR WE 194 19.97 51.08 52.42
N ASP WE 195 20.02 52.35 52.79
CA ASP WE 195 20.61 53.39 51.96
C ASP WE 195 21.74 54.02 52.76
N LEU WE 196 22.96 53.91 52.24
CA LEU WE 196 24.15 54.36 52.96
C LEU WE 196 24.79 55.51 52.22
N GLY WE 197 24.92 56.67 52.90
CA GLY WE 197 25.68 57.74 52.34
C GLY WE 197 27.17 57.50 52.49
N ASP WE 198 27.94 58.14 51.60
CA ASP WE 198 29.39 57.99 51.45
C ASP WE 198 29.78 56.52 51.31
N PRO WE 199 29.58 55.91 50.14
CA PRO WE 199 30.13 54.57 49.93
C PRO WE 199 31.64 54.55 49.81
N SER WE 200 32.26 55.70 49.57
CA SER WE 200 33.71 55.76 49.45
C SER WE 200 34.39 55.55 50.81
N SER WE 201 33.91 56.21 51.84
CA SER WE 201 34.57 56.15 53.14
C SER WE 201 34.11 55.00 53.99
N PHE WE 202 33.08 54.26 53.58
CA PHE WE 202 32.53 53.20 54.42
C PHE WE 202 32.21 51.98 53.57
N ASN WE 203 32.53 50.81 54.08
CA ASN WE 203 32.25 49.55 53.41
C ASN WE 203 31.39 48.68 54.32
N ILE WE 204 30.35 48.09 53.75
CA ILE WE 204 29.42 47.25 54.49
C ILE WE 204 29.36 45.88 53.82
N GLN WE 205 29.65 44.84 54.59
CA GLN WE 205 29.30 43.48 54.23
C GLN WE 205 27.95 43.15 54.85
N TRP WE 206 27.10 42.51 54.04
CA TRP WE 206 25.70 42.31 54.41
C TRP WE 206 25.26 40.96 53.88
N ASP WE 207 24.95 40.03 54.78
CA ASP WE 207 24.35 38.78 54.38
C ASP WE 207 22.92 39.03 53.94
N LYS WE 208 22.38 38.11 53.14
CA LYS WE 208 21.15 38.36 52.38
C LYS WE 208 19.94 38.55 53.28
N THR WE 209 19.81 37.74 54.32
CA THR WE 209 18.66 37.83 55.21
C THR WE 209 19.04 38.09 56.66
N SER WE 210 20.28 38.51 56.92
CA SER WE 210 20.72 38.69 58.29
C SER WE 210 20.16 39.97 58.89
N ASN WE 211 20.18 40.04 60.21
CA ASN WE 211 19.93 41.27 60.95
C ASN WE 211 21.22 41.93 61.41
N THR WE 212 22.36 41.46 60.91
CA THR WE 212 23.67 41.94 61.34
C THR WE 212 24.46 42.40 60.14
N LEU WE 213 25.12 43.55 60.28
CA LEU WE 213 25.92 44.17 59.23
C LEU WE 213 27.36 44.33 59.73
N MET WE 214 28.32 44.04 58.85
CA MET WE 214 29.72 44.21 59.17
C MET WE 214 30.20 45.49 58.49
N ILE WE 215 30.60 46.48 59.27
CA ILE WE 215 30.96 47.79 58.76
C ILE WE 215 32.44 48.03 59.01
N GLN WE 216 33.12 48.60 58.02
CA GLN WE 216 34.47 49.11 58.22
C GLN WE 216 34.57 50.51 57.62
N ALA WE 217 35.49 51.28 58.16
CA ALA WE 217 35.72 52.66 57.73
C ALA WE 217 36.95 52.67 56.84
N THR WE 218 36.71 52.82 55.53
CA THR WE 218 37.80 52.94 54.57
C THR WE 218 38.60 54.22 54.83
N LYS WE 219 37.92 55.31 55.14
CA LYS WE 219 38.61 56.51 55.57
C LYS WE 219 38.72 56.50 57.09
N LEU WE 220 39.27 57.58 57.66
CA LEU WE 220 39.82 57.53 59.00
C LEU WE 220 38.79 57.79 60.10
N TYR WE 221 38.18 58.97 60.11
CA TYR WE 221 37.32 59.38 61.21
C TYR WE 221 36.03 60.05 60.77
N ASN WE 222 35.79 60.22 59.47
CA ASN WE 222 34.76 61.13 59.01
C ASN WE 222 33.37 60.56 59.22
N TYR WE 223 32.40 61.47 59.32
CA TYR WE 223 31.02 61.16 59.64
C TYR WE 223 30.34 60.35 58.55
N GLY WE 224 29.35 59.57 58.95
CA GLY WE 224 28.60 58.77 58.01
C GLY WE 224 27.14 58.68 58.40
N ASN WE 225 26.29 58.49 57.40
CA ASN WE 225 24.84 58.46 57.59
C ASN WE 225 24.26 57.21 56.95
N LEU WE 226 23.32 56.59 57.66
CA LEU WE 226 22.73 55.35 57.16
C LEU WE 226 21.25 55.31 57.48
N ALA WE 227 20.46 54.82 56.54
CA ALA WE 227 19.04 54.54 56.77
C ALA WE 227 18.81 53.05 56.57
N VAL WE 228 18.21 52.42 57.56
CA VAL WE 228 17.99 50.98 57.56
C VAL WE 228 16.48 50.72 57.57
N ARG WE 229 16.01 49.91 56.63
CA ARG WE 229 14.61 49.56 56.53
C ARG WE 229 14.44 48.07 56.80
N LEU WE 230 13.50 47.74 57.68
CA LEU WE 230 13.19 46.36 58.05
C LEU WE 230 11.95 45.88 57.30
N ARG WE 231 11.73 44.57 57.36
CA ARG WE 231 10.55 44.00 56.70
C ARG WE 231 9.28 44.29 57.49
N GLY WE 232 9.34 44.20 58.81
CA GLY WE 232 8.14 44.31 59.60
C GLY WE 232 7.64 45.71 59.87
N LEU WE 233 8.34 46.74 59.41
CA LEU WE 233 7.94 48.11 59.67
C LEU WE 233 8.10 48.96 58.43
N ASN WE 234 7.23 49.96 58.32
CA ASN WE 234 7.37 50.99 57.29
C ASN WE 234 8.39 52.05 57.68
N THR WE 235 8.82 52.07 58.94
CA THR WE 235 9.64 53.14 59.45
C THR WE 235 11.11 52.78 59.32
N PRO WE 236 11.90 53.57 58.60
CA PRO WE 236 13.35 53.35 58.57
C PRO WE 236 14.03 53.99 59.78
N VAL WE 237 15.26 53.55 60.02
CA VAL WE 237 16.07 53.98 61.15
C VAL WE 237 17.23 54.80 60.63
N MET WE 238 17.44 55.98 61.21
CA MET WE 238 18.52 56.88 60.84
C MET WE 238 19.66 56.75 61.85
N LEU WE 239 20.86 56.48 61.35
CA LEU WE 239 22.02 56.20 62.18
C LEU WE 239 23.18 57.08 61.74
N THR WE 240 23.91 57.61 62.72
CA THR WE 240 25.11 58.39 62.47
C THR WE 240 26.31 57.64 62.99
N LEU WE 241 27.37 57.60 62.19
CA LEU WE 241 28.55 56.79 62.48
C LEU WE 241 29.77 57.71 62.51
N ILE WE 242 30.47 57.74 63.63
CA ILE WE 242 31.67 58.54 63.80
C ILE WE 242 32.83 57.60 64.11
N PRO WE 243 33.66 57.29 63.13
CA PRO WE 243 34.93 56.64 63.41
C PRO WE 243 35.95 57.62 63.98
N GLY WE 244 37.08 57.08 64.40
CA GLY WE 244 38.14 57.91 64.95
C GLY WE 244 37.84 58.38 66.36
N GLN WE 245 37.74 57.44 67.30
CA GLN WE 245 37.49 57.76 68.69
C GLN WE 245 38.36 56.89 69.57
N LYS WE 246 38.53 57.31 70.83
CA LYS WE 246 39.42 56.61 71.76
C LYS WE 246 38.76 55.40 72.41
N ALA WE 247 37.57 55.01 71.96
CA ALA WE 247 36.98 53.74 72.33
C ALA WE 247 36.16 53.25 71.15
N VAL WE 248 36.50 52.07 70.64
CA VAL WE 248 35.89 51.54 69.43
C VAL WE 248 34.80 50.56 69.83
N ASP WE 249 33.60 50.76 69.29
CA ASP WE 249 32.51 49.82 69.49
C ASP WE 249 32.77 48.59 68.65
N TYR WE 250 33.23 47.51 69.29
CA TYR WE 250 33.45 46.27 68.56
C TYR WE 250 32.12 45.64 68.15
N ARG WE 251 31.17 45.56 69.08
CA ARG WE 251 29.84 45.05 68.79
C ARG WE 251 28.80 46.07 69.22
N VAL WE 252 27.80 46.31 68.37
CA VAL WE 252 26.64 47.08 68.76
C VAL WE 252 25.39 46.28 68.43
N ASP WE 253 24.59 46.00 69.45
CA ASP WE 253 23.25 45.47 69.26
C ASP WE 253 22.24 46.56 69.56
N LEU WE 254 21.24 46.67 68.71
CA LEU WE 254 20.18 47.65 68.89
C LEU WE 254 18.85 46.93 69.06
N ARG WE 255 18.19 47.20 70.18
CA ARG WE 255 16.87 46.65 70.49
C ARG WE 255 15.82 47.71 70.14
N VAL WE 256 15.09 47.48 69.05
CA VAL WE 256 14.04 48.41 68.66
C VAL WE 256 12.85 48.26 69.60
N GLN WE 257 12.15 49.37 69.84
CA GLN WE 257 10.97 49.35 70.69
C GLN WE 257 9.83 48.53 70.11
N GLY WE 258 9.79 48.33 68.79
CA GLY WE 258 8.74 47.58 68.16
C GLY WE 258 8.88 46.09 68.37
N TYR WE 259 7.95 45.35 67.77
CA TYR WE 259 7.88 43.91 67.89
C TYR WE 259 8.15 43.27 66.54
N GLY WE 260 9.11 42.34 66.50
CA GLY WE 260 9.47 41.68 65.27
C GLY WE 260 8.43 40.69 64.80
N PRO WE 261 8.56 40.22 63.56
CA PRO WE 261 7.62 39.22 63.05
C PRO WE 261 7.73 37.89 63.75
N ASN WE 262 8.90 37.56 64.28
CA ASN WE 262 9.06 36.38 65.14
C ASN WE 262 8.40 36.71 66.48
N ALA WE 263 7.18 36.22 66.68
CA ALA WE 263 6.38 36.58 67.83
C ALA WE 263 6.90 35.89 69.09
N LYS WE 264 7.69 36.60 69.89
CA LYS WE 264 8.22 36.02 71.11
C LYS WE 264 7.16 35.99 72.22
N SER WE 265 6.12 36.83 72.10
CA SER WE 265 4.97 36.90 73.01
C SER WE 265 5.42 37.21 74.45
N MET WE 266 5.92 38.43 74.61
CA MET WE 266 6.48 38.86 75.91
C MET WE 266 5.50 38.80 77.08
N PRO WE 267 4.24 39.34 77.02
CA PRO WE 267 3.50 39.36 78.30
C PRO WE 267 2.81 38.05 78.64
N THR WE 268 3.60 37.02 78.93
CA THR WE 268 3.08 35.71 79.35
C THR WE 268 3.79 35.37 80.66
N GLU WE 269 3.27 35.92 81.77
CA GLU WE 269 3.85 35.73 83.09
C GLU WE 269 2.73 35.47 84.09
N GLU WE 270 3.11 35.15 85.32
CA GLU WE 270 2.14 35.01 86.38
C GLU WE 270 1.56 36.36 86.76
N GLY WE 271 0.29 36.35 87.11
CA GLY WE 271 -0.41 37.58 87.46
C GLY WE 271 -1.50 37.29 88.45
N ILE WE 272 -2.52 38.12 88.44
CA ILE WE 272 -3.65 37.94 89.37
C ILE WE 272 -4.48 36.73 88.92
N PRO WE 273 -4.77 35.79 89.81
CA PRO WE 273 -5.68 34.71 89.46
C PRO WE 273 -7.09 35.26 89.26
N PRO WE 274 -7.91 34.59 88.46
CA PRO WE 274 -9.26 35.10 88.20
C PRO WE 274 -10.15 35.04 89.44
N SER WE 275 -11.11 35.95 89.48
CA SER WE 275 -12.13 35.95 90.51
C SER WE 275 -13.23 34.98 90.11
N ALA WE 276 -14.30 34.91 90.89
CA ALA WE 276 -15.41 34.04 90.56
C ALA WE 276 -16.18 34.56 89.35
N ASN WE 277 -16.86 33.65 88.67
CA ASN WE 277 -17.65 34.02 87.51
C ASN WE 277 -18.88 34.80 87.93
N ASP WE 278 -19.28 35.74 87.08
CA ASP WE 278 -20.39 36.62 87.40
C ASP WE 278 -21.74 35.92 87.28
N LEU WE 279 -21.82 34.82 86.52
CA LEU WE 279 -23.07 34.09 86.44
C LEU WE 279 -23.38 33.34 87.72
N LEU WE 280 -22.40 33.18 88.60
CA LEU WE 280 -22.67 32.72 89.95
C LEU WE 280 -23.58 33.68 90.70
N LEU WE 281 -23.50 34.98 90.41
CA LEU WE 281 -24.42 35.92 91.01
C LEU WE 281 -25.84 35.74 90.46
N HIS WE 282 -25.97 35.47 89.16
CA HIS WE 282 -27.27 35.20 88.58
C HIS WE 282 -27.90 33.96 89.19
N VAL WE 283 -27.11 32.90 89.35
CA VAL WE 283 -27.63 31.70 89.96
C VAL WE 283 -27.78 31.85 91.47
N LEU WE 284 -27.12 32.84 92.08
CA LEU WE 284 -27.38 33.14 93.48
C LEU WE 284 -28.74 33.78 93.63
N GLU WE 285 -29.08 34.68 92.71
CA GLU WE 285 -30.41 35.28 92.70
C GLU WE 285 -31.48 34.23 92.40
N GLY WE 286 -31.22 33.36 91.43
CA GLY WE 286 -32.18 32.33 91.09
C GLY WE 286 -32.36 32.14 89.61
N VAL WE 287 -32.03 33.15 88.82
CA VAL WE 287 -32.13 33.04 87.36
C VAL WE 287 -30.98 32.18 86.84
N PRO WE 288 -31.25 31.16 86.03
CA PRO WE 288 -30.17 30.35 85.49
C PRO WE 288 -29.35 31.12 84.49
N PRO WE 289 -28.08 30.77 84.29
CA PRO WE 289 -27.30 31.38 83.23
C PRO WE 289 -27.82 30.95 81.87
N PRO WE 290 -27.68 31.77 80.84
CA PRO WE 290 -28.17 31.41 79.52
C PRO WE 290 -27.35 30.30 78.88
N GLY WE 291 -28.00 29.58 77.97
CA GLY WE 291 -27.35 28.46 77.31
C GLY WE 291 -27.16 27.25 78.18
N SER WE 292 -27.87 27.16 79.29
CA SER WE 292 -27.73 26.05 80.24
C SER WE 292 -29.03 25.26 80.29
N ARG WE 293 -28.99 24.17 81.04
CA ARG WE 293 -30.17 23.32 81.17
C ARG WE 293 -30.32 22.89 82.62
N ARG WE 294 -31.56 22.54 82.97
CA ARG WE 294 -31.93 22.26 84.35
C ARG WE 294 -31.37 20.91 84.79
N LEU WE 295 -31.42 20.69 86.10
CA LEU WE 295 -30.98 19.44 86.70
C LEU WE 295 -32.03 18.95 87.68
N VAL WE 296 -32.15 17.63 87.80
CA VAL WE 296 -33.11 17.00 88.68
C VAL WE 296 -32.51 16.92 90.08
N VAL WE 297 -33.18 17.57 91.03
CA VAL WE 297 -32.75 17.58 92.43
C VAL WE 297 -33.81 16.88 93.24
N SER WE 298 -33.38 15.89 94.03
CA SER WE 298 -34.31 15.09 94.83
C SER WE 298 -33.74 14.93 96.23
N GLY WE 299 -34.58 15.22 97.23
CA GLY WE 299 -34.22 15.03 98.62
C GLY WE 299 -34.21 16.30 99.45
N GLY WE 300 -34.32 17.48 98.85
CA GLY WE 300 -34.26 18.70 99.62
C GLY WE 300 -34.62 19.89 98.77
N ASP WE 301 -34.36 21.07 99.33
CA ASP WE 301 -34.73 22.35 98.72
C ASP WE 301 -33.47 23.01 98.17
N ALA WE 302 -33.13 22.67 96.93
CA ALA WE 302 -31.97 23.24 96.27
C ALA WE 302 -32.21 23.21 94.77
N ARG WE 303 -31.51 24.09 94.06
CA ARG WE 303 -31.60 24.15 92.61
C ARG WE 303 -30.20 24.03 92.02
N ALA WE 304 -30.14 23.45 90.83
CA ALA WE 304 -28.84 23.22 90.21
C ALA WE 304 -28.98 23.34 88.70
N TRP WE 305 -27.85 23.64 88.06
CA TRP WE 305 -27.83 23.81 86.61
C TRP WE 305 -26.49 23.38 86.07
N LEU WE 306 -26.49 23.05 84.78
CA LEU WE 306 -25.30 22.61 84.06
C LEU WE 306 -25.16 23.45 82.79
N SER WE 307 -24.02 24.10 82.64
CA SER WE 307 -23.77 24.93 81.46
C SER WE 307 -22.59 24.42 80.63
N ASN WE 308 -21.40 24.32 81.23
CA ASN WE 308 -20.18 24.01 80.51
C ASN WE 308 -19.44 22.88 81.20
N GLU WE 309 -20.19 21.82 81.51
CA GLU WE 309 -19.76 20.68 82.32
C GLU WE 309 -19.27 21.13 83.69
N LYS WE 310 -19.89 22.19 84.20
CA LYS WE 310 -19.61 22.75 85.51
C LYS WE 310 -20.95 22.93 86.21
N MET WE 311 -21.11 22.32 87.37
CA MET WE 311 -22.38 22.39 88.07
C MET WE 311 -22.45 23.66 88.89
N TYR WE 312 -23.64 24.26 88.91
CA TYR WE 312 -23.92 25.43 89.73
C TYR WE 312 -25.10 25.13 90.62
N VAL WE 313 -24.96 25.39 91.92
CA VAL WE 313 -25.96 24.97 92.89
C VAL WE 313 -26.30 26.13 93.81
N ARG WE 314 -27.60 26.42 93.93
CA ARG WE 314 -28.13 27.41 94.84
C ARG WE 314 -28.94 26.70 95.92
N THR WE 315 -28.63 26.98 97.18
CA THR WE 315 -29.34 26.40 98.30
C THR WE 315 -29.20 27.34 99.49
N ASN WE 316 -29.48 26.83 100.68
CA ASN WE 316 -29.21 27.57 101.91
C ASN WE 316 -28.45 26.74 102.93
N LEU WE 317 -28.06 25.53 102.61
CA LEU WE 317 -27.32 24.68 103.51
C LEU WE 317 -25.82 24.81 103.23
N THR WE 318 -25.04 23.91 103.81
CA THR WE 318 -23.60 23.87 103.60
C THR WE 318 -23.24 22.50 103.04
N ILE WE 319 -22.62 22.48 101.86
CA ILE WE 319 -22.25 21.23 101.23
C ILE WE 319 -21.02 20.65 101.92
N LEU WE 320 -20.93 19.33 101.94
CA LEU WE 320 -19.86 18.67 102.68
C LEU WE 320 -18.93 17.85 101.80
N SER WE 321 -19.45 16.89 101.04
CA SER WE 321 -18.60 15.88 100.44
C SER WE 321 -17.73 16.35 99.26
N PRO WE 322 -18.28 16.76 98.12
CA PRO WE 322 -17.48 16.70 96.89
C PRO WE 322 -16.55 17.90 96.68
N GLY WE 323 -16.58 18.90 97.54
CA GLY WE 323 -15.78 20.09 97.32
C GLY WE 323 -16.39 20.98 96.26
N TRP WE 324 -15.74 22.11 96.02
CA TRP WE 324 -16.25 23.10 95.08
C TRP WE 324 -15.10 23.98 94.63
N LEU WE 325 -15.35 24.74 93.57
CA LEU WE 325 -14.36 25.67 93.04
C LEU WE 325 -14.62 27.11 93.45
N ALA WE 326 -15.87 27.56 93.40
CA ALA WE 326 -16.17 28.94 93.74
C ALA WE 326 -17.39 29.01 94.65
N SER WE 327 -17.41 30.01 95.52
CA SER WE 327 -18.50 30.17 96.47
C SER WE 327 -18.93 31.63 96.59
N MET WE 328 -20.24 31.82 96.61
CA MET WE 328 -20.88 33.11 96.76
C MET WE 328 -21.91 33.03 97.87
N THR WE 329 -22.06 34.12 98.61
CA THR WE 329 -23.00 34.20 99.71
C THR WE 329 -23.92 35.40 99.50
N SER WE 330 -25.20 35.20 99.79
CA SER WE 330 -26.15 36.30 99.69
C SER WE 330 -26.16 37.11 100.97
N ALA WE 331 -26.96 38.18 100.97
CA ALA WE 331 -27.21 38.91 102.20
C ALA WE 331 -28.05 38.10 103.16
N ASP WE 332 -28.97 37.30 102.64
CA ASP WE 332 -29.94 36.57 103.44
C ASP WE 332 -29.48 35.15 103.79
N GLY WE 333 -28.27 34.78 103.42
CA GLY WE 333 -27.78 33.45 103.74
C GLY WE 333 -27.97 32.41 102.66
N THR WE 334 -28.33 32.81 101.45
CA THR WE 334 -28.40 31.87 100.34
C THR WE 334 -26.98 31.56 99.89
N HIS WE 335 -26.66 30.26 99.79
CA HIS WE 335 -25.35 29.78 99.41
C HIS WE 335 -25.37 29.39 97.94
N ALA WE 336 -24.34 29.81 97.20
CA ALA WE 336 -24.19 29.45 95.81
C ALA WE 336 -22.79 28.89 95.58
N TYR WE 337 -22.71 27.81 94.81
CA TYR WE 337 -21.42 27.17 94.57
C TYR WE 337 -21.28 26.77 93.12
N GLU WE 338 -20.03 26.84 92.65
CA GLU WE 338 -19.63 26.31 91.35
C GLU WE 338 -18.62 25.19 91.59
N MET WE 339 -18.91 24.03 91.01
CA MET WE 339 -18.11 22.83 91.25
C MET WE 339 -18.14 21.96 90.00
N GLN WE 340 -17.54 20.78 90.09
CA GLN WE 340 -17.49 19.81 89.01
C GLN WE 340 -18.76 18.96 89.02
N LYS WE 341 -18.78 17.92 88.20
CA LYS WE 341 -19.97 17.11 88.00
C LYS WE 341 -19.95 15.89 88.91
N SER WE 342 -21.02 15.70 89.68
CA SER WE 342 -21.21 14.53 90.51
C SER WE 342 -22.69 14.42 90.82
N PRO WE 343 -23.28 13.22 90.77
CA PRO WE 343 -24.70 13.07 91.07
C PRO WE 343 -25.03 12.93 92.54
N VAL WE 344 -24.04 12.95 93.43
CA VAL WE 344 -24.24 12.71 94.85
C VAL WE 344 -23.79 13.94 95.60
N LEU WE 345 -24.62 14.42 96.51
CA LEU WE 345 -24.25 15.56 97.34
C LEU WE 345 -24.46 15.21 98.82
N LEU WE 346 -23.75 15.94 99.68
CA LEU WE 346 -23.88 15.74 101.11
C LEU WE 346 -23.88 17.08 101.81
N VAL WE 347 -24.88 17.30 102.67
CA VAL WE 347 -25.00 18.51 103.45
C VAL WE 347 -25.24 18.15 104.91
N SER WE 348 -25.20 19.16 105.77
CA SER WE 348 -25.54 19.04 107.17
C SER WE 348 -26.69 19.99 107.45
N TRP WE 349 -27.89 19.44 107.63
CA TRP WE 349 -29.04 20.28 107.93
C TRP WE 349 -28.96 20.82 109.35
N HIS WE 350 -29.01 19.94 110.33
CA HIS WE 350 -28.82 20.31 111.72
C HIS WE 350 -27.93 19.26 112.39
N GLY WE 351 -26.80 18.99 111.75
CA GLY WE 351 -25.89 17.97 112.18
C GLY WE 351 -26.11 16.62 111.53
N LYS WE 352 -27.28 16.39 110.97
CA LYS WE 352 -27.54 15.15 110.25
C LYS WE 352 -26.83 15.18 108.90
N VAL WE 353 -26.13 14.10 108.60
CA VAL WE 353 -25.44 13.99 107.31
C VAL WE 353 -26.48 13.60 106.27
N MET WE 354 -27.08 14.60 105.64
CA MET WE 354 -28.19 14.37 104.72
C MET WE 354 -27.66 14.32 103.30
N GLN WE 355 -28.03 13.27 102.59
CA GLN WE 355 -27.57 13.03 101.22
C GLN WE 355 -28.58 13.57 100.22
N LEU WE 356 -28.07 14.07 99.11
CA LEU WE 356 -28.89 14.65 98.05
C LEU WE 356 -28.65 13.88 96.76
N LYS WE 357 -29.75 13.47 96.14
CA LYS WE 357 -29.74 12.70 94.90
C LYS WE 357 -29.92 13.63 93.71
N VAL WE 358 -29.01 13.54 92.76
CA VAL WE 358 -29.06 14.32 91.53
C VAL WE 358 -29.19 13.36 90.37
N GLU WE 359 -30.24 13.52 89.57
CA GLU WE 359 -30.51 12.64 88.45
C GLU WE 359 -30.43 13.40 87.15
N GLY WE 360 -30.23 12.65 86.06
CA GLY WE 360 -30.17 13.24 84.74
C GLY WE 360 -28.82 13.79 84.34
N LEU WE 361 -27.83 13.73 85.22
CA LEU WE 361 -26.49 14.21 84.90
C LEU WE 361 -25.78 13.23 83.97
N VAL XE 38 -65.20 34.58 65.60
CA VAL XE 38 -66.46 35.24 65.92
C VAL XE 38 -67.03 34.94 67.34
N PRO XE 39 -67.31 33.69 67.73
CA PRO XE 39 -68.04 33.50 68.99
C PRO XE 39 -67.19 33.60 70.24
N LYS XE 40 -65.89 33.85 70.10
CA LYS XE 40 -65.03 34.04 71.26
C LYS XE 40 -65.36 35.33 71.99
N LEU XE 41 -65.82 36.33 71.27
CA LEU XE 41 -66.33 37.53 71.91
C LEU XE 41 -67.69 37.25 72.51
N PRO XE 42 -67.89 37.54 73.80
CA PRO XE 42 -69.24 37.43 74.37
C PRO XE 42 -70.15 38.49 73.79
N CYS XE 43 -71.39 38.09 73.49
CA CYS XE 43 -72.33 38.98 72.82
C CYS XE 43 -72.86 40.08 73.73
N ARG XE 44 -72.67 39.96 75.04
CA ARG XE 44 -73.19 40.93 75.99
C ARG XE 44 -72.24 41.00 77.18
N VAL XE 45 -72.54 41.89 78.12
CA VAL XE 45 -71.78 41.94 79.36
C VAL XE 45 -72.21 40.79 80.24
N ASP XE 46 -71.31 40.36 81.13
CA ASP XE 46 -71.55 39.18 81.93
C ASP XE 46 -72.62 39.42 83.00
N GLY XE 47 -73.47 38.41 83.19
CA GLY XE 47 -74.53 38.49 84.17
C GLY XE 47 -75.67 39.41 83.81
N ALA XE 48 -75.83 39.72 82.52
CA ALA XE 48 -76.81 40.71 82.09
C ALA XE 48 -78.08 40.01 81.62
N CYS XE 49 -79.21 40.45 82.19
CA CYS XE 49 -80.52 40.00 81.73
C CYS XE 49 -81.49 41.15 81.95
N ASP XE 50 -81.84 41.81 80.84
CA ASP XE 50 -82.57 43.07 80.89
C ASP XE 50 -83.99 42.87 81.39
N ALA XE 51 -84.58 41.71 81.10
CA ALA XE 51 -85.89 41.37 81.62
C ALA XE 51 -85.86 41.28 83.15
N THR XE 52 -84.82 40.65 83.69
CA THR XE 52 -84.66 40.60 85.14
C THR XE 52 -84.42 41.98 85.71
N ILE XE 53 -83.71 42.83 84.97
CA ILE XE 53 -83.45 44.19 85.42
C ILE XE 53 -84.73 45.00 85.53
N ILE XE 54 -85.58 44.93 84.50
CA ILE XE 54 -86.79 45.73 84.55
C ILE XE 54 -87.79 45.16 85.55
N LYS XE 55 -87.86 43.83 85.69
CA LYS XE 55 -88.76 43.29 86.70
C LYS XE 55 -88.26 43.55 88.11
N MET XE 56 -86.94 43.62 88.31
CA MET XE 56 -86.45 43.88 89.65
C MET XE 56 -86.58 45.34 90.02
N MET XE 57 -86.45 46.26 89.06
CA MET XE 57 -86.69 47.65 89.41
C MET XE 57 -88.17 47.93 89.60
N THR XE 58 -89.04 47.19 88.88
CA THR XE 58 -90.47 47.28 89.15
C THR XE 58 -90.80 46.75 90.54
N ASP XE 59 -90.14 45.66 90.95
CA ASP XE 59 -90.34 45.11 92.28
C ASP XE 59 -89.85 46.07 93.36
N LEU XE 60 -88.75 46.78 93.10
CA LEU XE 60 -88.26 47.74 94.09
C LEU XE 60 -89.19 48.94 94.19
N ASN XE 61 -89.72 49.42 93.06
CA ASN XE 61 -90.65 50.54 93.10
C ASN XE 61 -91.95 50.15 93.78
N LYS XE 62 -92.43 48.93 93.55
CA LYS XE 62 -93.63 48.50 94.26
C LYS XE 62 -93.33 48.10 95.70
N LYS XE 63 -92.07 47.86 96.03
CA LYS XE 63 -91.70 47.67 97.43
C LYS XE 63 -91.69 48.99 98.18
N GLY XE 64 -91.34 50.07 97.51
CA GLY XE 64 -91.49 51.37 98.12
C GLY XE 64 -90.34 52.32 97.88
N ILE XE 65 -89.15 51.79 97.64
CA ILE XE 65 -88.03 52.64 97.29
C ILE XE 65 -88.19 53.13 95.85
N LYS XE 66 -87.53 54.24 95.55
CA LYS XE 66 -87.75 54.93 94.28
C LYS XE 66 -86.57 54.68 93.35
N VAL XE 67 -86.87 54.31 92.12
CA VAL XE 67 -85.88 54.18 91.06
C VAL XE 67 -86.29 55.08 89.91
N ALA XE 68 -85.40 55.97 89.48
CA ALA XE 68 -85.68 56.93 88.43
C ALA XE 68 -84.63 56.80 87.34
N SER XE 69 -85.09 56.73 86.09
CA SER XE 69 -84.24 56.54 84.93
C SER XE 69 -84.55 57.62 83.90
N VAL XE 70 -83.73 58.65 83.85
CA VAL XE 70 -83.88 59.71 82.86
C VAL XE 70 -82.51 59.97 82.24
N GLY XE 71 -82.42 59.86 80.91
CA GLY XE 71 -81.15 59.98 80.24
C GLY XE 71 -80.24 58.81 80.60
N GLN XE 72 -78.95 59.09 80.65
CA GLN XE 72 -77.99 58.09 81.11
C GLN XE 72 -77.88 58.07 82.62
N ASN XE 73 -78.63 58.90 83.31
CA ASN XE 73 -78.46 59.13 84.74
C ASN XE 73 -79.55 58.42 85.52
N TYR XE 74 -79.15 57.65 86.52
CA TYR XE 74 -80.08 56.90 87.34
C TYR XE 74 -80.01 57.38 88.79
N LEU XE 75 -81.18 57.35 89.44
CA LEU XE 75 -81.33 57.80 90.82
C LEU XE 75 -82.07 56.72 91.60
N ILE XE 76 -81.65 56.53 92.85
CA ILE XE 76 -82.27 55.57 93.76
C ILE XE 76 -82.49 56.26 95.10
N SER XE 77 -83.74 56.27 95.56
CA SER XE 77 -84.13 56.93 96.80
C SER XE 77 -84.59 55.88 97.81
N ILE XE 78 -84.03 55.95 99.01
CA ILE XE 78 -84.37 55.03 100.10
C ILE XE 78 -84.87 55.87 101.26
N PRO XE 79 -86.03 55.55 101.85
CA PRO XE 79 -86.40 56.14 103.13
C PRO XE 79 -85.50 55.62 104.24
N ALA XE 80 -85.20 56.51 105.19
CA ALA XE 80 -84.27 56.17 106.26
C ALA XE 80 -84.90 55.30 107.34
N SER XE 81 -86.22 55.37 107.49
CA SER XE 81 -86.90 54.65 108.55
C SER XE 81 -86.95 53.15 108.29
N ALA XE 82 -86.78 52.73 107.04
CA ALA XE 82 -86.73 51.31 106.72
C ALA XE 82 -85.35 50.73 106.90
N LEU XE 83 -84.36 51.52 107.30
CA LEU XE 83 -83.00 51.04 107.40
C LEU XE 83 -82.38 51.29 108.77
N PHE XE 84 -82.73 52.40 109.41
CA PHE XE 84 -82.08 52.77 110.66
C PHE XE 84 -83.09 52.81 111.80
N ALA XE 85 -82.58 53.11 112.99
CA ALA XE 85 -83.41 53.28 114.17
C ALA XE 85 -83.76 54.76 114.31
N ASP XE 86 -84.36 55.10 115.45
CA ASP XE 86 -84.85 56.46 115.71
C ASP XE 86 -83.68 57.40 115.92
N GLN XE 87 -83.39 58.21 114.88
CA GLN XE 87 -82.29 59.17 114.85
C GLN XE 87 -80.93 58.53 115.12
N SER XE 88 -80.77 57.28 114.66
CA SER XE 88 -79.64 56.50 115.09
C SER XE 88 -78.86 55.95 113.90
N PRO XE 89 -77.52 55.97 113.98
CA PRO XE 89 -76.69 55.43 112.89
C PRO XE 89 -76.39 53.94 113.04
N ARG XE 90 -77.41 53.15 113.34
CA ARG XE 90 -77.23 51.72 113.50
C ARG XE 90 -78.19 50.99 112.57
N LEU XE 91 -77.75 49.86 112.07
CA LEU XE 91 -78.47 49.12 111.05
C LEU XE 91 -79.22 47.95 111.68
N ASN XE 92 -80.52 47.90 111.44
CA ASN XE 92 -81.31 46.76 111.86
C ASN XE 92 -80.95 45.54 111.00
N TRP XE 93 -81.16 44.36 111.56
CA TRP XE 93 -80.64 43.14 110.93
C TRP XE 93 -81.42 42.78 109.67
N ALA XE 94 -82.70 43.11 109.61
CA ALA XE 94 -83.50 42.81 108.42
C ALA XE 94 -83.15 43.73 107.25
N SER XE 95 -82.45 44.83 107.50
CA SER XE 95 -82.08 45.76 106.44
C SER XE 95 -81.02 45.19 105.51
N TYR XE 96 -80.30 44.15 105.93
CA TYR XE 96 -79.21 43.64 105.11
C TYR XE 96 -79.73 42.90 103.89
N SER XE 97 -80.92 42.31 103.96
CA SER XE 97 -81.52 41.70 102.78
C SER XE 97 -81.84 42.75 101.72
N LEU XE 98 -82.40 43.88 102.15
CA LEU XE 98 -82.68 45.00 101.24
C LEU XE 98 -81.40 45.56 100.67
N LEU XE 99 -80.37 45.70 101.50
CA LEU XE 99 -79.09 46.25 101.03
C LEU XE 99 -78.41 45.29 100.06
N ASN XE 100 -78.52 43.99 100.32
CA ASN XE 100 -77.94 42.99 99.43
C ASN XE 100 -78.66 42.96 98.09
N GLU XE 101 -79.99 43.11 98.09
CA GLU XE 101 -80.68 43.05 96.81
C GLU XE 101 -80.54 44.36 96.04
N ILE XE 102 -80.41 45.49 96.72
CA ILE XE 102 -80.16 46.72 95.96
C ILE XE 102 -78.73 46.72 95.43
N ALA XE 103 -77.79 46.07 96.13
CA ALA XE 103 -76.46 45.91 95.57
C ALA XE 103 -76.47 44.94 94.39
N ALA XE 104 -77.32 43.92 94.45
CA ALA XE 104 -77.45 42.97 93.35
C ALA XE 104 -78.01 43.64 92.11
N PHE XE 105 -78.99 44.54 92.29
CA PHE XE 105 -79.45 45.35 91.18
C PHE XE 105 -78.36 46.30 90.69
N LEU XE 106 -77.62 46.90 91.62
CA LEU XE 106 -76.69 47.97 91.27
C LEU XE 106 -75.49 47.44 90.48
N LYS XE 107 -75.00 46.26 90.83
CA LYS XE 107 -73.79 45.75 90.19
C LYS XE 107 -74.02 45.20 88.79
N GLN XE 108 -75.23 45.33 88.24
CA GLN XE 108 -75.47 44.86 86.88
C GLN XE 108 -74.82 45.77 85.85
N PHE XE 109 -74.95 47.08 86.00
CA PHE XE 109 -74.55 48.03 84.98
C PHE XE 109 -73.04 48.21 84.95
N ARG XE 110 -72.58 49.05 84.02
CA ARG XE 110 -71.19 49.48 83.95
C ARG XE 110 -71.15 50.96 84.26
N LYS XE 111 -70.35 51.34 85.24
CA LYS XE 111 -70.41 52.68 85.79
C LYS XE 111 -69.05 53.10 86.30
N ILE XE 112 -68.87 54.42 86.43
CA ILE XE 112 -67.60 55.00 86.85
C ILE XE 112 -67.69 55.58 88.25
N ALA XE 113 -68.54 56.58 88.44
CA ALA XE 113 -68.62 57.30 89.70
C ALA XE 113 -70.05 57.27 90.23
N ILE XE 114 -70.18 56.94 91.51
CA ILE XE 114 -71.47 56.92 92.19
C ILE XE 114 -71.41 57.92 93.33
N THR XE 115 -72.54 58.58 93.59
CA THR XE 115 -72.63 59.54 94.67
C THR XE 115 -73.77 59.14 95.60
N VAL XE 116 -73.50 59.20 96.91
CA VAL XE 116 -74.48 58.89 97.94
C VAL XE 116 -74.58 60.11 98.85
N THR XE 117 -75.80 60.59 99.07
CA THR XE 117 -76.04 61.76 99.90
C THR XE 117 -77.18 61.47 100.86
N SER XE 118 -76.97 61.80 102.13
CA SER XE 118 -77.94 61.51 103.18
C SER XE 118 -78.62 62.79 103.66
N TYR XE 119 -79.91 62.69 103.98
CA TYR XE 119 -80.69 63.79 104.51
C TYR XE 119 -81.54 63.30 105.66
N SER XE 120 -81.88 64.20 106.58
CA SER XE 120 -82.62 63.85 107.77
C SER XE 120 -83.64 64.95 108.06
N SER XE 121 -84.21 64.90 109.26
CA SER XE 121 -85.13 65.91 109.75
C SER XE 121 -84.37 66.88 110.66
N LYS XE 122 -85.10 67.77 111.31
CA LYS XE 122 -84.55 68.67 112.31
C LYS XE 122 -84.85 68.09 113.68
N TYR XE 123 -83.81 67.75 114.43
CA TYR XE 123 -84.00 67.08 115.72
C TYR XE 123 -83.48 67.91 116.89
N VAL XE 124 -82.19 68.24 116.91
CA VAL XE 124 -81.63 68.94 118.06
C VAL XE 124 -80.87 70.18 117.60
N SER XE 125 -79.98 70.01 116.63
CA SER XE 125 -78.94 70.98 116.35
C SER XE 125 -78.72 71.00 114.84
N VAL XE 126 -77.56 71.47 114.42
CA VAL XE 126 -77.12 71.34 113.05
C VAL XE 126 -75.98 70.33 112.92
N LYS XE 127 -75.03 70.38 113.84
CA LYS XE 127 -73.82 69.55 113.75
C LYS XE 127 -74.15 68.08 113.96
N ARG XE 128 -75.05 67.79 114.90
CA ARG XE 128 -75.44 66.41 115.17
C ARG XE 128 -76.13 65.79 113.96
N GLU XE 129 -76.97 66.56 113.29
CA GLU XE 129 -77.71 66.05 112.15
C GLU XE 129 -76.79 65.87 110.94
N ARG XE 130 -75.86 66.82 110.75
CA ARG XE 130 -74.86 66.68 109.70
C ARG XE 130 -73.99 65.45 109.92
N ALA XE 131 -73.55 65.25 111.16
CA ALA XE 131 -72.69 64.10 111.47
C ALA XE 131 -73.45 62.79 111.37
N LEU XE 132 -74.74 62.78 111.73
CA LEU XE 132 -75.55 61.59 111.59
C LEU XE 132 -75.72 61.19 110.13
N THR XE 133 -76.01 62.19 109.28
CA THR XE 133 -76.11 61.91 107.84
C THR XE 133 -74.80 61.44 107.26
N LEU XE 134 -73.70 62.07 107.68
CA LEU XE 134 -72.38 61.68 107.18
C LEU XE 134 -72.01 60.27 107.64
N ALA XE 135 -72.36 59.91 108.87
CA ALA XE 135 -72.06 58.57 109.36
C ALA XE 135 -72.89 57.51 108.66
N ARG XE 136 -74.16 57.81 108.38
CA ARG XE 136 -75.00 56.86 107.65
C ARG XE 136 -74.49 56.65 106.23
N SER XE 137 -74.08 57.75 105.58
CA SER XE 137 -73.47 57.63 104.27
C SER XE 137 -72.18 56.84 104.33
N ARG XE 138 -71.40 57.02 105.41
CA ARG XE 138 -70.14 56.31 105.57
C ARG XE 138 -70.36 54.80 105.69
N VAL XE 139 -71.32 54.39 106.52
CA VAL XE 139 -71.50 52.96 106.74
C VAL XE 139 -72.13 52.29 105.51
N VAL XE 140 -73.06 52.99 104.83
CA VAL XE 140 -73.65 52.37 103.65
C VAL XE 140 -72.64 52.32 102.50
N SER XE 141 -71.74 53.31 102.43
CA SER XE 141 -70.69 53.27 101.43
C SER XE 141 -69.68 52.18 101.73
N GLU XE 142 -69.41 51.94 103.02
CA GLU XE 142 -68.46 50.90 103.39
C GLU XE 142 -69.00 49.52 103.05
N TYR XE 143 -70.26 49.24 103.36
CA TYR XE 143 -70.80 47.94 102.99
C TYR XE 143 -70.96 47.81 101.48
N LEU XE 144 -71.30 48.89 100.78
CA LEU XE 144 -71.43 48.79 99.34
C LEU XE 144 -70.09 48.63 98.66
N TRP XE 145 -69.02 49.18 99.25
CA TRP XE 145 -67.69 48.93 98.73
C TRP XE 145 -67.22 47.53 99.06
N SER XE 146 -67.67 46.99 100.19
CA SER XE 146 -67.42 45.57 100.48
C SER XE 146 -68.10 44.68 99.47
N GLN XE 147 -69.30 45.07 99.04
CA GLN XE 147 -69.92 44.40 97.91
C GLN XE 147 -69.14 44.74 96.64
N GLY XE 148 -69.14 43.79 95.70
CA GLY XE 148 -68.32 43.94 94.52
C GLY XE 148 -69.00 44.64 93.37
N VAL XE 149 -69.65 45.75 93.63
CA VAL XE 149 -70.27 46.52 92.57
C VAL XE 149 -69.17 47.33 91.87
N ASP XE 150 -69.05 47.14 90.56
CA ASP XE 150 -67.89 47.64 89.82
C ASP XE 150 -68.08 49.12 89.54
N SER XE 151 -67.45 49.95 90.36
CA SER XE 151 -67.33 51.37 90.08
C SER XE 151 -65.95 51.82 90.51
N ARG XE 152 -65.49 52.92 89.94
CA ARG XE 152 -64.17 53.40 90.29
C ARG XE 152 -64.20 54.43 91.40
N ILE XE 153 -65.17 55.32 91.39
CA ILE XE 153 -65.23 56.42 92.35
C ILE XE 153 -66.51 56.28 93.16
N ILE XE 154 -66.38 56.29 94.48
CA ILE XE 154 -67.52 56.32 95.39
C ILE XE 154 -67.44 57.58 96.21
N PHE XE 155 -68.47 58.42 96.12
CA PHE XE 155 -68.56 59.68 96.83
C PHE XE 155 -69.61 59.58 97.91
N THR XE 156 -69.25 59.96 99.13
CA THR XE 156 -70.13 59.89 100.29
C THR XE 156 -70.27 61.28 100.90
N GLN XE 157 -71.51 61.72 101.10
CA GLN XE 157 -71.77 62.99 101.74
C GLN XE 157 -73.14 62.98 102.41
N GLY XE 158 -73.26 63.81 103.44
CA GLY XE 158 -74.52 63.98 104.12
C GLY XE 158 -74.73 65.43 104.49
N LEU XE 159 -76.00 65.82 104.60
CA LEU XE 159 -76.32 67.23 104.80
C LEU XE 159 -77.15 67.51 106.05
N GLY XE 160 -78.10 66.66 106.40
CA GLY XE 160 -78.98 66.95 107.51
C GLY XE 160 -80.38 67.29 107.06
N SER XE 161 -80.84 68.49 107.38
CA SER XE 161 -82.18 68.94 107.00
C SER XE 161 -82.09 70.23 106.22
N ASP XE 162 -80.99 70.40 105.48
CA ASP XE 162 -80.72 71.68 104.83
C ASP XE 162 -81.61 71.90 103.61
N LYS XE 163 -81.78 70.90 102.76
CA LYS XE 163 -82.64 71.02 101.60
C LYS XE 163 -83.83 70.08 101.76
N PRO XE 164 -84.99 70.57 102.17
CA PRO XE 164 -86.15 69.71 102.37
C PRO XE 164 -86.82 69.41 101.03
N ILE XE 165 -87.79 68.51 101.09
CA ILE XE 165 -88.65 68.20 99.96
C ILE XE 165 -90.04 68.77 100.16
N THR XE 166 -90.67 68.44 101.27
CA THR XE 166 -92.04 68.81 101.55
C THR XE 166 -92.09 69.89 102.63
N SER XE 167 -92.94 70.90 102.42
CA SER XE 167 -93.19 71.87 103.46
C SER XE 167 -93.96 71.25 104.62
N TYR XE 168 -94.71 70.20 104.36
CA TYR XE 168 -95.32 69.40 105.42
C TYR XE 168 -94.22 68.69 106.19
N THR XE 169 -94.12 68.99 107.48
CA THR XE 169 -93.02 68.49 108.31
C THR XE 169 -93.55 68.01 109.65
N LEU XE 170 -94.61 67.21 109.63
CA LEU XE 170 -95.19 66.70 110.87
C LEU XE 170 -94.29 65.65 111.51
N GLY XE 171 -93.84 64.67 110.74
CA GLY XE 171 -93.08 63.58 111.29
C GLY XE 171 -91.63 63.93 111.53
N GLY XE 172 -90.94 63.02 112.22
CA GLY XE 172 -89.51 63.15 112.43
C GLY XE 172 -88.76 62.24 111.49
N ASP XE 173 -88.34 61.08 111.99
CA ASP XE 173 -87.88 60.03 111.10
C ASP XE 173 -89.03 59.39 110.33
N ARG XE 174 -90.26 59.51 110.83
CA ARG XE 174 -91.43 59.10 110.08
C ARG XE 174 -91.68 59.97 108.87
N SER XE 175 -91.15 61.19 108.86
CA SER XE 175 -91.29 62.07 107.71
C SER XE 175 -90.50 61.54 106.52
N PRO XE 176 -91.00 61.75 105.30
CA PRO XE 176 -90.23 61.34 104.11
C PRO XE 176 -89.05 62.24 103.79
N ASN XE 177 -88.85 63.33 104.55
CA ASN XE 177 -87.70 64.19 104.31
C ASN XE 177 -86.40 63.51 104.66
N ALA XE 178 -86.40 62.67 105.70
CA ALA XE 178 -85.24 61.85 106.00
C ALA XE 178 -85.11 60.75 104.95
N ARG XE 179 -83.96 60.67 104.31
CA ARG XE 179 -83.81 59.85 103.11
C ARG XE 179 -82.33 59.66 102.82
N VAL XE 180 -82.06 58.76 101.87
CA VAL XE 180 -80.73 58.60 101.31
C VAL XE 180 -80.85 58.47 99.80
N GLU XE 181 -79.95 59.12 99.08
CA GLU XE 181 -80.02 59.23 97.64
C GLU XE 181 -78.75 58.69 97.01
N ILE XE 182 -78.93 57.93 95.92
CA ILE XE 182 -77.85 57.43 95.10
C ILE XE 182 -78.04 57.99 93.71
N THR XE 183 -77.04 58.71 93.22
CA THR XE 183 -77.08 59.27 91.87
C THR XE 183 -75.84 58.85 91.11
N PHE XE 184 -76.02 58.45 89.86
CA PHE XE 184 -74.89 58.19 88.98
C PHE XE 184 -75.34 58.33 87.55
N ARG XE 185 -74.39 58.19 86.62
CA ARG XE 185 -74.67 58.17 85.20
C ARG XE 185 -74.16 56.87 84.62
N ARG XE 186 -75.02 56.19 83.86
CA ARG XE 186 -74.59 55.02 83.11
C ARG XE 186 -73.64 55.43 82.01
N ALA XE 187 -72.48 54.78 81.97
CA ALA XE 187 -71.45 55.06 80.97
C ALA XE 187 -71.54 54.00 79.87
N VAL XE 188 -71.99 54.44 78.70
CA VAL XE 188 -72.15 53.60 77.50
C VAL XE 188 -73.02 52.38 77.73
N CYS YE 42 -87.51 36.88 121.15
CA CYS YE 42 -86.68 35.71 120.93
C CYS YE 42 -85.20 36.03 121.07
N PHE YE 43 -84.57 36.41 119.95
CA PHE YE 43 -83.15 36.69 119.93
C PHE YE 43 -82.88 37.76 118.87
N HIS YE 44 -81.81 38.53 119.08
CA HIS YE 44 -81.37 39.52 118.12
C HIS YE 44 -79.94 39.21 117.68
N PRO YE 45 -79.70 39.00 116.40
CA PRO YE 45 -78.34 38.73 115.89
C PRO YE 45 -77.34 39.85 116.16
N PRO YE 46 -77.75 41.15 116.30
CA PRO YE 46 -76.79 42.09 116.91
C PRO YE 46 -76.60 41.90 118.41
N TYR YE 47 -76.00 40.76 118.79
CA TYR YE 47 -75.55 40.43 120.15
C TYR YE 47 -76.67 40.48 121.19
N ASN YE 48 -77.92 40.38 120.74
CA ASN YE 48 -79.12 40.56 121.55
C ASN YE 48 -79.11 41.88 122.32
N ASN YE 49 -78.53 42.91 121.68
CA ASN YE 49 -78.38 44.26 122.23
C ASN YE 49 -77.64 44.25 123.57
N PHE YE 50 -76.62 43.38 123.66
CA PHE YE 50 -75.78 43.19 124.85
C PHE YE 50 -76.63 42.87 126.09
N GLN YE 51 -77.63 42.02 125.91
CA GLN YE 51 -78.49 41.59 126.99
C GLN YE 51 -78.36 40.08 127.14
N PRO YE 52 -78.21 39.57 128.36
CA PRO YE 52 -78.10 38.11 128.54
C PRO YE 52 -79.43 37.43 128.22
N ASP YE 53 -79.38 36.49 127.28
CA ASP YE 53 -80.60 35.90 126.77
C ASP YE 53 -81.20 34.92 127.77
N ARG YE 54 -82.51 34.75 127.67
CA ARG YE 54 -83.23 33.73 128.43
C ARG YE 54 -83.30 32.50 127.53
N ARG YE 55 -82.43 31.52 127.80
CA ARG YE 55 -82.24 30.40 126.89
C ARG YE 55 -83.05 29.16 127.27
N ALA YE 56 -83.14 28.85 128.57
CA ALA YE 56 -83.85 27.65 129.01
C ALA YE 56 -85.35 27.76 128.82
N VAL YE 57 -85.88 28.98 128.76
CA VAL YE 57 -87.31 29.15 128.53
C VAL YE 57 -87.69 28.71 127.12
N LYS YE 58 -86.76 28.85 126.16
CA LYS YE 58 -86.98 28.35 124.81
C LYS YE 58 -87.08 26.83 124.80
N ARG YE 59 -86.20 26.16 125.54
CA ARG YE 59 -86.21 24.71 125.59
C ARG YE 59 -87.45 24.17 126.30
N VAL YE 60 -87.86 24.81 127.40
CA VAL YE 60 -89.05 24.31 128.09
C VAL YE 60 -90.31 24.63 127.29
N GLY YE 61 -90.33 25.73 126.52
CA GLY YE 61 -91.45 25.98 125.63
C GLY YE 61 -91.54 24.98 124.49
N VAL YE 62 -90.40 24.66 123.88
CA VAL YE 62 -90.40 23.72 122.78
C VAL YE 62 -90.58 22.28 123.27
N ASP YE 63 -90.38 22.03 124.56
CA ASP YE 63 -90.67 20.72 125.11
C ASP YE 63 -92.11 20.59 125.62
N THR YE 64 -92.73 21.70 126.04
CA THR YE 64 -94.16 21.65 126.33
C THR YE 64 -94.98 21.57 125.06
N GLY YE 65 -94.57 22.30 124.02
CA GLY YE 65 -95.28 22.27 122.76
C GLY YE 65 -94.99 21.03 121.93
N GLY YE 88 -93.71 18.83 128.73
CA GLY YE 88 -92.50 18.06 129.02
C GLY YE 88 -91.50 18.82 129.87
N GLY YE 89 -91.85 18.99 131.14
CA GLY YE 89 -90.98 19.75 132.04
C GLY YE 89 -89.67 19.05 132.34
N THR YE 90 -89.71 17.74 132.53
CA THR YE 90 -88.50 16.99 132.85
C THR YE 90 -87.54 16.93 131.67
N VAL YE 91 -88.06 16.65 130.47
CA VAL YE 91 -87.21 16.60 129.28
C VAL YE 91 -86.71 18.01 128.93
N GLY YE 92 -87.54 19.03 129.16
CA GLY YE 92 -87.08 20.40 128.96
C GLY YE 92 -85.96 20.80 129.90
N LEU YE 93 -86.07 20.41 131.17
CA LEU YE 93 -85.03 20.74 132.14
C LEU YE 93 -83.76 19.95 131.89
N VAL YE 94 -83.88 18.68 131.48
CA VAL YE 94 -82.66 17.92 131.22
C VAL YE 94 -82.00 18.39 129.93
N ALA YE 95 -82.78 18.87 128.96
CA ALA YE 95 -82.18 19.47 127.77
C ALA YE 95 -81.53 20.80 128.08
N SER YE 96 -82.13 21.57 129.01
CA SER YE 96 -81.55 22.83 129.45
C SER YE 96 -80.22 22.61 130.16
N ILE YE 97 -80.17 21.66 131.09
CA ILE YE 97 -78.93 21.43 131.81
C ILE YE 97 -77.90 20.69 130.96
N TYR YE 98 -78.33 19.96 129.93
CA TYR YE 98 -77.34 19.37 129.02
C TYR YE 98 -76.79 20.40 128.07
N ARG YE 99 -77.59 21.38 127.66
CA ARG YE 99 -77.09 22.46 126.84
C ARG YE 99 -76.21 23.41 127.64
N ASP YE 100 -76.52 23.61 128.92
CA ASP YE 100 -75.71 24.47 129.78
C ASP YE 100 -74.64 23.71 130.55
N SER YE 101 -74.52 22.41 130.32
CA SER YE 101 -73.42 21.65 130.89
C SER YE 101 -72.11 22.11 130.28
N LYS YE 102 -71.11 22.34 131.15
CA LYS YE 102 -69.85 22.96 130.73
C LYS YE 102 -69.06 22.07 129.78
N ARG YE 103 -69.20 20.75 129.90
CA ARG YE 103 -68.57 19.84 128.97
C ARG YE 103 -69.11 20.01 127.57
N LYS YE 104 -70.43 20.15 127.44
CA LYS YE 104 -71.02 20.40 126.13
C LYS YE 104 -70.67 21.78 125.60
N ILE YE 105 -70.49 22.75 126.49
CA ILE YE 105 -70.10 24.09 126.09
C ILE YE 105 -68.68 24.08 125.51
N ILE YE 106 -67.77 23.38 126.19
CA ILE YE 106 -66.38 23.30 125.73
C ILE YE 106 -66.29 22.45 124.46
N ARG YE 107 -67.09 21.39 124.37
CA ARG YE 107 -67.12 20.57 123.16
C ARG YE 107 -67.65 21.36 121.96
N ASP YE 108 -68.66 22.20 122.20
CA ASP YE 108 -69.12 23.12 121.16
C ASP YE 108 -68.07 24.18 120.85
N LEU YE 109 -67.29 24.58 121.85
CA LEU YE 109 -66.22 25.54 121.63
C LEU YE 109 -65.13 24.98 120.73
N GLN YE 110 -64.82 23.69 120.89
CA GLN YE 110 -63.86 23.04 120.04
C GLN YE 110 -64.46 22.63 118.69
N LYS YE 111 -65.78 22.46 118.63
CA LYS YE 111 -66.47 22.39 117.34
C LYS YE 111 -66.29 23.70 116.59
N GLN YE 112 -66.38 24.81 117.31
CA GLN YE 112 -65.95 26.08 116.77
C GLN YE 112 -64.43 26.11 116.68
N ASP YE 113 -63.92 27.07 115.92
CA ASP YE 113 -62.49 27.12 115.63
C ASP YE 113 -61.72 27.88 116.72
N ILE YE 114 -61.93 27.50 117.97
CA ILE YE 114 -61.39 28.20 119.14
C ILE YE 114 -60.68 27.18 120.01
N GLN YE 115 -59.46 27.48 120.46
CA GLN YE 115 -58.67 26.52 121.21
C GLN YE 115 -58.79 26.78 122.71
N TYR YE 116 -59.15 25.75 123.47
CA TYR YE 116 -59.30 25.85 124.91
C TYR YE 116 -58.25 25.00 125.61
N VAL YE 117 -57.66 25.55 126.67
CA VAL YE 117 -56.64 24.84 127.45
C VAL YE 117 -56.91 25.07 128.92
N GLU YE 118 -56.95 23.98 129.70
CA GLU YE 118 -56.94 24.06 131.15
C GLU YE 118 -55.80 23.21 131.68
N TYR YE 119 -54.98 23.79 132.55
CA TYR YE 119 -53.87 23.06 133.17
C TYR YE 119 -53.51 23.77 134.46
N GLY YE 120 -53.60 23.06 135.57
CA GLY YE 120 -53.25 23.66 136.85
C GLY YE 120 -54.28 24.68 137.28
N ASP YE 121 -53.80 25.84 137.73
CA ASP YE 121 -54.65 26.92 138.21
C ASP YE 121 -54.98 27.93 137.13
N THR YE 122 -54.54 27.71 135.90
CA THR YE 122 -54.68 28.67 134.83
C THR YE 122 -55.55 28.10 133.73
N ARG YE 123 -56.43 28.92 133.17
CA ARG YE 123 -57.20 28.56 132.00
C ARG YE 123 -56.99 29.57 130.89
N THR YE 124 -56.80 29.08 129.67
CA THR YE 124 -56.44 29.93 128.54
C THR YE 124 -57.28 29.60 127.32
N LEU YE 125 -57.52 30.63 126.52
CA LEU YE 125 -58.29 30.57 125.29
C LEU YE 125 -57.49 31.19 124.17
N ILE YE 126 -57.56 30.56 122.99
CA ILE YE 126 -56.80 30.98 121.82
C ILE YE 126 -57.78 31.24 120.68
N ILE YE 127 -57.65 32.42 120.09
CA ILE YE 127 -58.62 32.95 119.14
C ILE YE 127 -57.89 33.25 117.83
N PRO YE 128 -58.36 32.73 116.70
CA PRO YE 128 -57.80 33.11 115.39
C PRO YE 128 -58.27 34.48 114.96
N THR YE 129 -57.33 35.41 114.84
CA THR YE 129 -57.65 36.80 114.50
C THR YE 129 -58.17 36.91 113.08
N ASP YE 130 -57.68 36.07 112.17
CA ASP YE 130 -58.13 36.10 110.79
C ASP YE 130 -59.60 35.71 110.67
N LYS YE 131 -60.02 34.70 111.43
CA LYS YE 131 -61.42 34.31 111.39
C LYS YE 131 -62.29 35.30 112.15
N TYR YE 132 -61.84 35.75 113.32
CA TYR YE 132 -62.69 36.58 114.17
C TYR YE 132 -62.29 38.04 114.13
N PHE YE 133 -61.81 38.50 112.98
CA PHE YE 133 -61.56 39.91 112.76
C PHE YE 133 -61.73 40.21 111.29
N MET YE 134 -62.16 41.42 110.99
CA MET YE 134 -62.04 41.91 109.63
C MET YE 134 -60.57 42.18 109.33
N PHE YE 135 -60.20 42.02 108.06
CA PHE YE 135 -58.79 42.00 107.69
C PHE YE 135 -58.15 43.38 107.82
N SER YE 136 -56.94 43.39 108.41
CA SER YE 136 -56.08 44.56 108.53
C SER YE 136 -56.74 45.70 109.28
N SER YE 137 -57.56 45.36 110.27
CA SER YE 137 -58.44 46.34 110.88
C SER YE 137 -58.84 45.86 112.25
N PRO YE 138 -59.16 46.77 113.17
CA PRO YE 138 -59.78 46.36 114.45
C PRO YE 138 -61.26 46.10 114.37
N ARG YE 139 -61.84 46.03 113.17
CA ARG YE 139 -63.26 45.78 113.02
C ARG YE 139 -63.56 44.32 113.31
N LEU YE 140 -64.53 44.08 114.18
CA LEU YE 140 -64.95 42.73 114.49
C LEU YE 140 -65.74 42.13 113.34
N ASN YE 141 -65.50 40.86 113.05
CA ASN YE 141 -66.34 40.15 112.09
C ASN YE 141 -67.66 39.78 112.76
N GLU YE 142 -68.76 40.23 112.17
CA GLU YE 142 -70.07 40.06 112.78
C GLU YE 142 -70.72 38.71 112.50
N ILE YE 143 -70.15 37.90 111.61
CA ILE YE 143 -70.80 36.66 111.24
C ILE YE 143 -70.64 35.60 112.32
N CYS YE 144 -69.63 35.71 113.16
CA CYS YE 144 -69.28 34.67 114.12
C CYS YE 144 -69.83 34.97 115.51
N TYR YE 145 -71.03 35.55 115.58
CA TYR YE 145 -71.65 35.85 116.86
C TYR YE 145 -71.93 34.66 117.81
N PRO YE 146 -72.41 33.46 117.37
CA PRO YE 146 -72.81 32.48 118.40
C PRO YE 146 -71.65 31.89 119.16
N GLY YE 147 -70.46 31.81 118.54
CA GLY YE 147 -69.28 31.43 119.29
C GLY YE 147 -68.93 32.43 120.37
N LEU YE 148 -69.12 33.72 120.08
CA LEU YE 148 -68.90 34.75 121.09
C LEU YE 148 -69.92 34.66 122.21
N ASN YE 149 -71.17 34.33 121.87
CA ASN YE 149 -72.21 34.15 122.89
C ASN YE 149 -71.87 32.98 123.79
N ASN YE 150 -71.39 31.89 123.21
CA ASN YE 150 -70.92 30.76 124.00
C ASN YE 150 -69.70 31.13 124.84
N VAL YE 151 -68.85 32.01 124.32
CA VAL YE 151 -67.67 32.48 125.05
C VAL YE 151 -68.09 33.25 126.30
N ILE YE 152 -69.09 34.11 126.15
CA ILE YE 152 -69.58 34.87 127.31
C ILE YE 152 -70.25 33.94 128.31
N ARG YE 153 -71.05 32.98 127.82
CA ARG YE 153 -71.71 32.04 128.73
C ARG YE 153 -70.71 31.13 129.45
N LEU YE 154 -69.61 30.80 128.80
CA LEU YE 154 -68.58 30.00 129.45
C LEU YE 154 -67.78 30.83 130.46
N LEU YE 155 -67.43 32.07 130.10
CA LEU YE 155 -66.69 32.92 131.03
C LEU YE 155 -67.52 33.44 132.18
N ASN YE 156 -68.85 33.25 132.14
CA ASN YE 156 -69.69 33.55 133.29
C ASN YE 156 -69.35 32.71 134.53
N PHE YE 157 -68.73 31.54 134.35
CA PHE YE 157 -68.47 30.62 135.45
C PHE YE 157 -67.37 31.10 136.40
N TYR YE 158 -66.61 32.13 136.04
CA TYR YE 158 -65.50 32.61 136.87
C TYR YE 158 -65.69 34.10 137.16
N PRO YE 159 -66.58 34.45 138.09
CA PRO YE 159 -66.89 35.86 138.30
C PRO YE 159 -65.96 36.54 139.29
N GLN YE 160 -64.81 35.94 139.59
CA GLN YE 160 -63.86 36.56 140.51
C GLN YE 160 -62.44 36.65 140.00
N SER YE 161 -62.07 35.86 138.98
CA SER YE 161 -60.70 35.86 138.51
C SER YE 161 -60.39 37.10 137.68
N THR YE 162 -59.13 37.53 137.74
CA THR YE 162 -58.65 38.59 136.89
C THR YE 162 -58.21 38.03 135.55
N ILE YE 163 -58.28 38.87 134.52
CA ILE YE 163 -58.12 38.43 133.14
C ILE YE 163 -56.92 39.13 132.52
N TYR YE 164 -56.12 38.37 131.80
CA TYR YE 164 -55.09 38.91 130.92
C TYR YE 164 -55.47 38.60 129.47
N VAL YE 165 -55.19 39.54 128.58
CA VAL YE 165 -55.46 39.38 127.16
C VAL YE 165 -54.29 39.95 126.38
N ALA YE 166 -53.91 39.25 125.30
CA ALA YE 166 -52.73 39.60 124.53
C ALA YE 166 -52.96 39.34 123.05
N GLY YE 167 -52.25 40.11 122.24
CA GLY YE 167 -52.36 40.03 120.78
C GLY YE 167 -51.04 39.69 120.13
N PHE YE 168 -51.09 38.92 119.05
CA PHE YE 168 -49.89 38.45 118.35
C PHE YE 168 -50.10 38.51 116.85
N THR YE 169 -49.02 38.82 116.14
CA THR YE 169 -49.04 38.98 114.69
C THR YE 169 -47.82 38.31 114.08
N ASP YE 170 -47.67 38.48 112.76
CA ASP YE 170 -46.58 37.88 112.00
C ASP YE 170 -45.42 38.88 111.90
N ASN YE 171 -44.46 38.60 111.00
CA ASN YE 171 -43.19 39.31 110.94
C ASN YE 171 -43.05 40.22 109.73
N VAL YE 172 -44.15 40.76 109.22
CA VAL YE 172 -44.13 41.59 108.02
C VAL YE 172 -44.60 42.99 108.39
N GLY YE 173 -43.79 43.99 108.06
CA GLY YE 173 -44.15 45.38 108.25
C GLY YE 173 -43.27 46.05 109.28
N SER YE 174 -43.62 47.29 109.61
CA SER YE 174 -42.94 47.99 110.69
C SER YE 174 -43.26 47.35 112.03
N ARG YE 175 -42.25 47.26 112.89
CA ARG YE 175 -42.41 46.72 114.23
C ARG YE 175 -43.39 47.56 115.04
N SER YE 176 -43.30 48.88 114.90
CA SER YE 176 -44.26 49.78 115.52
C SER YE 176 -45.66 49.55 114.99
N HIS YE 177 -45.78 49.31 113.68
CA HIS YE 177 -47.07 49.02 113.07
C HIS YE 177 -47.67 47.73 113.61
N LYS YE 178 -46.83 46.71 113.80
CA LYS YE 178 -47.30 45.43 114.33
C LYS YE 178 -47.78 45.56 115.76
N ARG YE 179 -47.00 46.25 116.60
CA ARG YE 179 -47.40 46.36 118.00
C ARG YE 179 -48.62 47.24 118.17
N LYS YE 180 -48.78 48.28 117.34
CA LYS YE 180 -49.99 49.09 117.49
C LYS YE 180 -51.21 48.39 116.91
N LEU YE 181 -51.04 47.55 115.89
CA LEU YE 181 -52.16 46.74 115.41
C LEU YE 181 -52.61 45.75 116.47
N SER YE 182 -51.65 45.10 117.13
CA SER YE 182 -51.97 44.16 118.20
C SER YE 182 -52.63 44.87 119.37
N GLN YE 183 -52.15 46.08 119.70
CA GLN YE 183 -52.75 46.89 120.74
C GLN YE 183 -54.18 47.24 120.41
N ALA YE 184 -54.44 47.60 119.15
CA ALA YE 184 -55.79 47.96 118.73
C ALA YE 184 -56.74 46.77 118.82
N GLN YE 185 -56.29 45.59 118.37
CA GLN YE 185 -57.16 44.42 118.39
C GLN YE 185 -57.45 43.96 119.81
N ALA YE 186 -56.42 43.95 120.67
CA ALA YE 186 -56.64 43.58 122.07
C ALA YE 186 -57.50 44.61 122.78
N GLU YE 187 -57.36 45.88 122.43
CA GLU YE 187 -58.13 46.94 123.06
C GLU YE 187 -59.60 46.85 122.69
N THR YE 188 -59.91 46.59 121.42
CA THR YE 188 -61.32 46.48 121.07
C THR YE 188 -61.91 45.17 121.60
N MET YE 189 -61.10 44.12 121.74
CA MET YE 189 -61.59 42.89 122.34
C MET YE 189 -61.94 43.07 123.81
N MET YE 190 -61.06 43.74 124.56
CA MET YE 190 -61.34 43.95 125.98
C MET YE 190 -62.45 44.97 126.17
N THR YE 191 -62.61 45.90 125.21
CA THR YE 191 -63.75 46.80 125.24
C THR YE 191 -65.05 46.03 125.08
N PHE YE 192 -65.06 45.06 124.16
CA PHE YE 192 -66.20 44.19 124.00
C PHE YE 192 -66.50 43.40 125.27
N LEU YE 193 -65.45 42.92 125.93
CA LEU YE 193 -65.62 42.19 127.19
C LEU YE 193 -66.16 43.10 128.31
N TRP YE 194 -65.73 44.35 128.34
CA TRP YE 194 -66.27 45.31 129.30
C TRP YE 194 -67.73 45.64 129.01
N ALA YE 195 -68.10 45.63 127.73
CA ALA YE 195 -69.49 45.79 127.33
C ALA YE 195 -70.29 44.53 127.54
N ASN YE 196 -69.65 43.43 127.89
CA ASN YE 196 -70.34 42.19 128.23
C ASN YE 196 -70.54 42.09 129.72
N GLY YE 197 -70.70 43.22 130.40
CA GLY YE 197 -71.09 43.19 131.80
C GLY YE 197 -70.01 42.78 132.78
N ILE YE 198 -68.75 42.98 132.43
CA ILE YE 198 -67.63 42.66 133.29
C ILE YE 198 -66.92 43.97 133.65
N ALA YE 199 -66.62 44.14 134.94
CA ALA YE 199 -66.00 45.38 135.41
C ALA YE 199 -64.57 45.49 134.91
N ALA YE 200 -64.15 46.73 134.70
CA ALA YE 200 -62.84 47.03 134.12
C ALA YE 200 -61.69 46.86 135.11
N LYS YE 201 -61.98 46.70 136.39
CA LYS YE 201 -60.94 46.47 137.39
C LYS YE 201 -60.27 45.12 137.24
N ARG YE 202 -60.95 44.15 136.62
CA ARG YE 202 -60.42 42.80 136.45
C ARG YE 202 -59.68 42.64 135.13
N LEU YE 203 -59.07 43.70 134.61
CA LEU YE 203 -58.59 43.68 133.24
C LEU YE 203 -57.25 44.38 133.12
N LYS YE 204 -56.41 43.82 132.23
CA LYS YE 204 -55.26 44.51 131.66
C LYS YE 204 -54.95 43.84 130.33
N ALA YE 205 -54.76 44.64 129.30
CA ALA YE 205 -54.58 44.13 127.95
C ALA YE 205 -53.20 44.50 127.42
N GLU YE 206 -52.69 43.66 126.51
CA GLU YE 206 -51.41 43.95 125.86
C GLU YE 206 -51.36 43.22 124.52
N GLY YE 207 -50.68 43.86 123.57
CA GLY YE 207 -50.45 43.23 122.29
C GLY YE 207 -49.02 43.39 121.86
N TYR YE 208 -48.31 42.30 121.67
CA TYR YE 208 -46.94 42.37 121.23
C TYR YE 208 -46.86 42.06 119.75
N GLY YE 209 -45.66 42.02 119.20
CA GLY YE 209 -45.50 41.79 117.80
C GLY YE 209 -45.43 40.30 117.52
N ASP YE 210 -44.22 39.81 117.22
CA ASP YE 210 -44.01 38.40 116.98
C ASP YE 210 -42.82 37.89 117.76
N LYS YE 211 -42.52 38.52 118.89
CA LYS YE 211 -41.31 38.18 119.65
C LYS YE 211 -41.45 36.87 120.42
N ASN YE 212 -42.63 36.28 120.48
CA ASN YE 212 -42.84 34.99 121.13
C ASN YE 212 -43.84 34.24 120.28
N ALA YE 213 -43.34 33.43 119.35
CA ALA YE 213 -44.16 32.72 118.41
C ALA YE 213 -44.29 31.26 118.80
N ILE YE 214 -45.41 30.65 118.38
CA ILE YE 214 -45.61 29.22 118.56
C ILE YE 214 -45.24 28.44 117.32
N SER YE 215 -44.68 29.10 116.33
CA SER YE 215 -44.43 28.48 115.03
C SER YE 215 -43.27 29.21 114.36
N ASP YE 216 -43.13 29.00 113.06
CA ASP YE 216 -42.12 29.67 112.25
C ASP YE 216 -42.81 30.40 111.10
N ASN YE 217 -42.36 31.63 110.83
CA ASN YE 217 -42.96 32.45 109.80
C ASN YE 217 -42.38 32.20 108.41
N ALA YE 218 -41.41 31.30 108.28
CA ALA YE 218 -40.90 30.94 106.97
C ALA YE 218 -41.74 29.87 106.28
N ILE YE 219 -42.69 29.27 106.99
CA ILE YE 219 -43.64 28.33 106.42
C ILE YE 219 -45.03 28.95 106.52
N ILE YE 220 -45.85 28.73 105.50
CA ILE YE 220 -47.12 29.43 105.35
C ILE YE 220 -48.10 29.05 106.44
N HIS YE 221 -48.17 27.76 106.79
CA HIS YE 221 -49.12 27.33 107.80
C HIS YE 221 -48.72 27.83 109.18
N GLY YE 222 -47.42 27.80 109.47
CA GLY YE 222 -46.96 28.37 110.73
C GLY YE 222 -47.16 29.87 110.81
N SER YE 223 -46.99 30.57 109.68
CA SER YE 223 -47.27 31.99 109.64
C SER YE 223 -48.75 32.28 109.84
N ALA YE 224 -49.62 31.41 109.33
CA ALA YE 224 -51.05 31.55 109.59
C ALA YE 224 -51.37 31.33 111.06
N GLN YE 225 -50.72 30.34 111.67
CA GLN YE 225 -50.96 30.06 113.08
C GLN YE 225 -50.31 31.05 114.03
N ASN YE 226 -49.37 31.87 113.53
CA ASN YE 226 -48.62 32.77 114.41
C ASN YE 226 -49.49 33.89 114.97
N ARG YE 227 -50.26 34.57 114.13
CA ARG YE 227 -51.09 35.66 114.59
C ARG YE 227 -52.29 35.10 115.35
N ARG YE 228 -52.53 35.63 116.56
CA ARG YE 228 -53.50 35.01 117.45
C ARG YE 228 -53.90 35.99 118.54
N ILE YE 229 -54.93 35.60 119.29
CA ILE YE 229 -55.36 36.30 120.48
C ILE YE 229 -55.33 35.33 121.64
N GLU YE 230 -54.63 35.71 122.72
CA GLU YE 230 -54.42 34.87 123.88
C GLU YE 230 -55.19 35.44 125.07
N ILE YE 231 -55.97 34.59 125.74
CA ILE YE 231 -56.73 34.98 126.93
C ILE YE 231 -56.33 34.06 128.06
N GLN YE 232 -55.90 34.64 129.18
CA GLN YE 232 -55.49 33.88 130.35
C GLN YE 232 -56.29 34.34 131.55
N TRP YE 233 -56.66 33.41 132.43
CA TRP YE 233 -57.12 33.82 133.75
C TRP YE 233 -56.82 32.74 134.77
N PHE YE 234 -56.53 33.20 135.99
CA PHE YE 234 -56.15 32.36 137.10
C PHE YE 234 -57.41 31.79 137.76
N THR YE 235 -57.23 31.15 138.92
CA THR YE 235 -58.35 30.68 139.70
C THR YE 235 -58.78 31.69 140.75
N SER YE 236 -57.81 32.29 141.45
CA SER YE 236 -58.12 33.26 142.48
C SER YE 236 -57.11 34.42 142.46
N LEU ZE 113 -60.65 74.77 163.94
CA LEU ZE 113 -60.95 74.43 162.55
C LEU ZE 113 -60.95 72.93 162.33
N ASN ZE 114 -61.98 72.25 162.84
CA ASN ZE 114 -62.14 70.82 162.63
C ASN ZE 114 -63.36 70.50 161.77
N ARG ZE 115 -64.55 70.85 162.23
CA ARG ZE 115 -65.79 70.50 161.55
C ARG ZE 115 -66.76 71.65 161.70
N PHE ZE 116 -67.04 72.34 160.60
CA PHE ZE 116 -67.99 73.44 160.58
C PHE ZE 116 -69.26 72.95 159.88
N ARG ZE 117 -70.38 73.04 160.59
CA ARG ZE 117 -71.68 72.64 160.05
C ARG ZE 117 -72.63 73.82 160.15
N TYR ZE 118 -73.16 74.26 159.01
CA TYR ZE 118 -74.10 75.36 158.97
C TYR ZE 118 -75.44 74.87 158.46
N GLU ZE 119 -76.50 75.19 159.20
CA GLU ZE 119 -77.87 74.86 158.87
C GLU ZE 119 -78.73 76.09 159.10
N GLY ZE 120 -79.62 76.38 158.16
CA GLY ZE 120 -80.64 77.38 158.42
C GLY ZE 120 -80.33 78.82 158.00
N ALA ZE 121 -80.06 79.02 156.71
CA ALA ZE 121 -80.03 80.33 156.05
C ALA ZE 121 -78.99 81.26 156.67
N GLY ZE 122 -77.72 80.87 156.49
CA GLY ZE 122 -76.61 81.65 156.99
C GLY ZE 122 -75.72 82.13 155.87
N VAL ZE 123 -74.91 83.14 156.20
CA VAL ZE 123 -73.99 83.77 155.26
C VAL ZE 123 -72.58 83.65 155.82
N VAL ZE 124 -71.68 83.08 155.02
CA VAL ZE 124 -70.28 82.92 155.40
C VAL ZE 124 -69.42 83.63 154.37
N THR ZE 125 -68.51 84.48 154.83
CA THR ZE 125 -67.54 85.14 153.97
C THR ZE 125 -66.14 84.88 154.53
N GLY ZE 126 -65.28 84.31 153.71
CA GLY ZE 126 -63.92 84.04 154.11
C GLY ZE 126 -62.92 84.41 153.04
N ASN ZE 127 -61.80 84.99 153.44
CA ASN ZE 127 -60.78 85.41 152.49
C ASN ZE 127 -59.44 85.49 153.21
N ASN ZE 128 -58.37 85.20 152.46
CA ASN ZE 128 -57.00 85.09 152.96
C ASN ZE 128 -56.89 84.09 154.10
N LEU ZE 129 -57.53 82.93 153.91
CA LEU ZE 129 -57.55 81.86 154.89
C LEU ZE 129 -56.55 80.78 154.52
N ARG ZE 130 -55.92 80.19 155.54
CA ARG ZE 130 -55.01 79.07 155.36
C ARG ZE 130 -55.39 77.97 156.34
N THR ZE 131 -55.38 76.72 155.87
CA THR ZE 131 -55.75 75.60 156.71
C THR ZE 131 -55.09 74.33 156.20
N SER ZE 132 -55.05 73.33 157.08
CA SER ZE 132 -54.55 72.00 156.75
C SER ZE 132 -55.66 71.02 156.40
N TYR ZE 133 -56.64 70.87 157.29
CA TYR ZE 133 -57.81 70.05 156.99
C TYR ZE 133 -58.98 70.53 157.84
N LEU ZE 134 -60.14 70.65 157.20
CA LEU ZE 134 -61.39 70.93 157.89
C LEU ZE 134 -62.52 70.27 157.10
N ASP ZE 135 -63.64 70.04 157.77
CA ASP ZE 135 -64.79 69.42 157.12
C ASP ZE 135 -65.97 70.38 157.15
N LEU ZE 136 -66.51 70.69 155.98
CA LEU ZE 136 -67.68 71.53 155.83
C LEU ZE 136 -68.92 70.65 155.65
N TYR ZE 137 -69.98 70.96 156.38
CA TYR ZE 137 -71.27 70.33 156.19
C TYR ZE 137 -72.31 71.46 156.14
N LEU ZE 138 -72.78 71.75 154.94
CA LEU ZE 138 -73.68 72.88 154.71
C LEU ZE 138 -75.06 72.37 154.33
N ALA ZE 139 -76.08 73.07 154.80
CA ALA ZE 139 -77.46 72.79 154.44
C ALA ZE 139 -78.28 74.05 154.61
N ASN ZE 140 -79.34 74.15 153.81
CA ASN ZE 140 -80.42 75.13 153.95
C ASN ZE 140 -79.91 76.56 153.87
N GLU ZE 141 -79.52 76.95 152.64
CA GLU ZE 141 -79.06 78.29 152.27
C GLU ZE 141 -77.82 78.69 153.08
N GLY ZE 142 -76.76 77.94 152.85
CA GLY ZE 142 -75.46 78.40 153.28
C GLY ZE 142 -74.81 79.18 152.17
N THR ZE 143 -75.02 80.50 152.15
CA THR ZE 143 -74.44 81.36 151.13
C THR ZE 143 -73.01 81.65 151.54
N THR ZE 144 -72.06 80.95 150.94
CA THR ZE 144 -70.67 80.98 151.36
C THR ZE 144 -69.78 81.45 150.22
N ARG ZE 145 -69.02 82.51 150.47
CA ARG ZE 145 -68.07 83.04 149.51
C ARG ZE 145 -66.66 82.92 150.09
N LEU ZE 146 -65.74 82.38 149.29
CA LEU ZE 146 -64.38 82.13 149.74
C LEU ZE 146 -63.39 82.70 148.74
N ALA ZE 147 -62.33 83.31 149.27
CA ALA ZE 147 -61.27 83.90 148.45
C ALA ZE 147 -59.90 83.60 149.05
N GLY ZE 148 -59.69 82.36 149.49
CA GLY ZE 148 -58.42 81.97 150.06
C GLY ZE 148 -58.06 80.55 149.67
N ASN ZE 149 -56.81 80.20 149.91
CA ASN ZE 149 -56.29 78.87 149.58
C ASN ZE 149 -56.56 77.94 150.76
N ILE ZE 150 -57.48 76.99 150.56
CA ILE ZE 150 -57.95 76.12 151.63
C ILE ZE 150 -57.56 74.69 151.31
N GLY ZE 151 -56.91 74.03 152.28
CA GLY ZE 151 -56.62 72.61 152.17
C GLY ZE 151 -57.57 71.81 153.04
N LEU ZE 152 -58.22 70.82 152.42
CA LEU ZE 152 -59.18 69.97 153.09
C LEU ZE 152 -59.43 68.74 152.25
N GLN ZE 153 -60.17 67.78 152.82
CA GLN ZE 153 -60.51 66.54 152.14
C GLN ZE 153 -62.00 66.28 152.05
N LYS ZE 154 -62.76 66.53 153.11
CA LYS ZE 154 -64.16 66.16 153.15
C LYS ZE 154 -65.05 67.37 152.93
N LEU ZE 155 -65.98 67.26 151.99
CA LEU ZE 155 -67.02 68.25 151.77
C LEU ZE 155 -68.37 67.58 151.84
N GLU ZE 156 -69.36 68.32 152.34
CA GLU ZE 156 -70.73 67.85 152.34
C GLU ZE 156 -71.65 69.04 152.17
N ALA ZE 157 -72.46 69.02 151.11
CA ALA ZE 157 -73.54 69.97 150.92
C ALA ZE 157 -74.81 69.18 150.70
N VAL ZE 158 -75.86 69.52 151.43
CA VAL ZE 158 -77.11 68.76 151.33
C VAL ZE 158 -77.86 69.13 150.06
N GLY ZE 159 -78.19 70.40 149.91
CA GLY ZE 159 -78.92 70.86 148.74
C GLY ZE 159 -79.53 72.22 148.96
N ASN ZE 160 -79.99 72.80 147.86
CA ASN ZE 160 -80.58 74.16 147.81
C ASN ZE 160 -79.62 75.21 148.36
N GLY ZE 161 -78.34 75.05 148.05
CA GLY ZE 161 -77.33 75.97 148.50
C GLY ZE 161 -76.31 76.27 147.42
N VAL ZE 162 -75.86 77.51 147.35
CA VAL ZE 162 -74.86 77.94 146.40
C VAL ZE 162 -73.52 78.08 147.10
N THR ZE 163 -72.43 77.83 146.36
CA THR ZE 163 -71.10 77.86 146.95
C THR ZE 163 -70.08 78.22 145.88
N GLN ZE 164 -69.31 79.28 146.13
CA GLN ZE 164 -68.13 79.61 145.37
C GLN ZE 164 -66.92 79.53 146.29
N ILE ZE 165 -65.93 78.74 145.90
CA ILE ZE 165 -64.65 78.67 146.62
C ILE ZE 165 -63.55 78.89 145.61
N ASN ZE 166 -62.67 79.84 145.89
CA ASN ZE 166 -61.58 80.18 144.98
C ASN ZE 166 -60.26 79.79 145.62
N GLY ZE 167 -59.73 78.64 145.22
CA GLY ZE 167 -58.40 78.22 145.62
C GLY ZE 167 -58.38 77.08 146.62
N VAL ZE 168 -58.22 75.85 146.11
CA VAL ZE 168 -58.06 74.67 146.96
C VAL ZE 168 -56.95 73.83 146.36
N SER ZE 169 -55.93 73.53 147.14
CA SER ZE 169 -54.88 72.60 146.76
C SER ZE 169 -55.04 71.38 147.66
N SER ZE 170 -55.88 70.44 147.24
CA SER ZE 170 -56.21 69.25 148.01
C SER ZE 170 -55.51 68.04 147.39
N ARG ZE 171 -54.86 67.25 148.24
CA ARG ZE 171 -54.32 65.97 147.78
C ARG ZE 171 -55.40 64.91 147.64
N ASN ZE 172 -56.59 65.17 148.16
CA ASN ZE 172 -57.75 64.32 147.95
C ASN ZE 172 -58.99 65.12 148.30
N LEU ZE 173 -60.09 64.81 147.61
CA LEU ZE 173 -61.41 65.31 147.96
C LEU ZE 173 -62.41 64.18 147.84
N GLN ZE 174 -63.51 64.30 148.58
CA GLN ZE 174 -64.60 63.33 148.52
C GLN ZE 174 -65.89 64.03 148.92
N ILE ZE 175 -66.87 64.06 148.03
CA ILE ZE 175 -68.09 64.82 148.22
C ILE ZE 175 -69.25 64.06 147.61
N VAL ZE 176 -70.32 63.89 148.39
CA VAL ZE 176 -71.57 63.29 147.93
C VAL ZE 176 -72.69 64.26 148.27
N LEU ZE 177 -73.81 64.11 147.56
CA LEU ZE 177 -74.99 64.95 147.80
C LEU ZE 177 -76.22 64.24 147.28
N LYS ZE 178 -77.38 64.71 147.75
CA LYS ZE 178 -78.66 64.18 147.31
C LYS ZE 178 -79.69 65.24 146.96
N GLY ZE 179 -79.46 66.50 147.32
CA GLY ZE 179 -80.41 67.56 147.01
C GLY ZE 179 -80.04 68.31 145.74
N ASP ZE 180 -80.08 69.64 145.80
CA ASP ZE 180 -79.80 70.50 144.65
C ASP ZE 180 -78.77 71.56 145.00
N PRO ZE 181 -77.48 71.21 145.05
CA PRO ZE 181 -76.46 72.23 145.27
C PRO ZE 181 -76.00 72.86 143.98
N LYS ZE 182 -75.43 74.07 144.12
CA LYS ZE 182 -74.91 74.86 143.00
C LYS ZE 182 -73.51 75.29 143.43
N VAL ZE 183 -72.51 74.46 143.12
CA VAL ZE 183 -71.21 74.59 143.75
C VAL ZE 183 -70.12 74.73 142.69
N LEU ZE 184 -69.07 75.46 143.06
CA LEU ZE 184 -67.95 75.65 142.16
C LEU ZE 184 -66.70 75.92 142.98
N ILE ZE 185 -65.64 75.17 142.70
CA ILE ZE 185 -64.38 75.26 143.45
C ILE ZE 185 -63.23 75.38 142.46
N SER ZE 186 -62.41 76.41 142.65
CA SER ZE 186 -61.19 76.64 141.89
C SER ZE 186 -60.02 75.92 142.55
N GLY ZE 187 -58.94 75.80 141.77
CA GLY ZE 187 -57.71 75.21 142.27
C GLY ZE 187 -57.40 73.87 141.64
N PHE ZE 188 -56.45 73.17 142.25
CA PHE ZE 188 -55.99 71.87 141.78
C PHE ZE 188 -56.34 70.82 142.81
N VAL ZE 189 -57.10 69.80 142.41
CA VAL ZE 189 -57.69 68.84 143.32
C VAL ZE 189 -57.53 67.44 142.75
N ASN ZE 190 -56.99 66.52 143.55
CA ASN ZE 190 -57.08 65.11 143.24
C ASN ZE 190 -58.45 64.58 143.65
N LEU ZE 191 -59.09 63.83 142.77
CA LEU ZE 191 -60.41 63.29 143.02
C LEU ZE 191 -60.39 61.77 142.98
N ARG ZE 192 -61.33 61.17 143.69
CA ARG ZE 192 -61.41 59.71 143.77
C ARG ZE 192 -62.73 59.15 143.24
N GLN ZE 193 -63.86 59.61 143.77
CA GLN ZE 193 -65.14 59.00 143.46
C GLN ZE 193 -66.24 60.02 143.64
N LEU ZE 194 -67.15 60.09 142.66
CA LEU ZE 194 -68.29 60.98 142.74
C LEU ZE 194 -69.57 60.21 142.42
N ASP ZE 195 -70.58 60.38 143.29
CA ASP ZE 195 -71.86 59.73 143.13
C ASP ZE 195 -72.95 60.78 143.31
N MET ZE 196 -73.79 60.95 142.29
CA MET ZE 196 -74.83 61.97 142.31
C MET ZE 196 -76.17 61.31 142.09
N TYR ZE 197 -77.15 61.67 142.94
CA TYR ZE 197 -78.50 61.14 142.85
C TYR ZE 197 -79.56 62.23 142.88
N GLY ZE 198 -79.17 63.50 143.04
CA GLY ZE 198 -80.13 64.57 143.09
C GLY ZE 198 -80.17 65.39 141.83
N LYS ZE 199 -80.09 66.71 141.98
CA LYS ZE 199 -80.22 67.67 140.88
C LYS ZE 199 -79.12 68.71 140.96
N GLY ZE 200 -77.89 68.23 141.09
CA GLY ZE 200 -76.78 69.09 141.44
C GLY ZE 200 -76.01 69.64 140.24
N THR ZE 201 -75.48 70.85 140.43
CA THR ZE 201 -74.62 71.51 139.45
C THR ZE 201 -73.30 71.86 140.10
N LEU ZE 202 -72.20 71.55 139.42
CA LEU ZE 202 -70.87 71.75 139.99
C LEU ZE 202 -69.89 72.15 138.89
N SER ZE 203 -68.92 72.97 139.27
CA SER ZE 203 -67.91 73.44 138.34
C SER ZE 203 -66.55 73.51 139.02
N LEU ZE 204 -65.56 72.85 138.41
CA LEU ZE 204 -64.19 72.88 138.88
C LEU ZE 204 -63.28 73.39 137.77
N TYR ZE 205 -62.22 74.09 138.17
CA TYR ZE 205 -61.27 74.60 137.18
C TYR ZE 205 -60.28 73.54 136.75
N TRP ZE 206 -59.51 73.01 137.70
CA TRP ZE 206 -58.44 72.08 137.40
C TRP ZE 206 -58.53 70.87 138.31
N ILE ZE 207 -58.16 69.71 137.78
CA ILE ZE 207 -58.16 68.46 138.53
C ILE ZE 207 -56.92 67.66 138.15
N LYS ZE 208 -56.15 67.25 139.17
CA LYS ZE 208 -54.92 66.50 138.97
C LYS ZE 208 -55.09 65.15 139.65
N SER ZE 209 -55.70 64.21 138.96
CA SER ZE 209 -55.92 62.88 139.49
C SER ZE 209 -55.63 61.87 138.38
N ASP ZE 210 -55.71 60.60 138.73
CA ASP ZE 210 -55.46 59.53 137.77
C ASP ZE 210 -56.65 58.62 137.52
N THR ZE 211 -57.46 58.35 138.54
CA THR ZE 211 -58.55 57.38 138.43
C THR ZE 211 -59.81 57.98 139.02
N LEU ZE 212 -60.83 58.09 138.21
CA LEU ZE 212 -62.11 58.67 138.62
C LEU ZE 212 -63.25 57.72 138.33
N THR ZE 213 -64.18 57.66 139.28
CA THR ZE 213 -65.37 56.83 139.20
C THR ZE 213 -66.57 57.76 139.36
N ILE ZE 214 -67.23 58.06 138.25
CA ILE ZE 214 -68.34 59.00 138.23
C ILE ZE 214 -69.61 58.20 137.99
N ARG ZE 215 -70.56 58.31 138.91
CA ARG ZE 215 -71.85 57.65 138.79
C ARG ZE 215 -72.93 58.71 138.95
N ALA ZE 216 -73.80 58.84 137.94
CA ALA ZE 216 -74.84 59.86 137.97
C ALA ZE 216 -76.19 59.21 137.71
N LYS ZE 217 -77.16 59.54 138.57
CA LYS ZE 217 -78.47 58.91 138.54
C LYS ZE 217 -79.56 59.81 137.97
N LYS ZE 218 -79.74 61.01 138.51
CA LYS ZE 218 -80.92 61.81 138.17
C LYS ZE 218 -80.58 63.10 137.42
N ALA ZE 219 -79.77 63.99 137.99
CA ALA ZE 219 -79.42 65.22 137.30
C ALA ZE 219 -78.11 65.74 137.87
N ALA ZE 220 -77.05 65.73 137.07
CA ALA ZE 220 -75.75 66.24 137.48
C ALA ZE 220 -75.17 67.04 136.33
N LYS ZE 221 -74.91 68.31 136.57
CA LYS ZE 221 -74.39 69.21 135.55
C LYS ZE 221 -72.97 69.57 135.95
N ILE ZE 222 -72.01 68.92 135.30
CA ILE ZE 222 -70.63 68.89 135.75
C ILE ZE 222 -69.78 69.66 134.74
N GLN ZE 223 -69.05 70.65 135.22
CA GLN ZE 223 -68.06 71.36 134.42
C GLN ZE 223 -66.69 70.97 134.94
N LEU ZE 224 -65.92 70.26 134.11
CA LEU ZE 224 -64.62 69.75 134.51
C LEU ZE 224 -63.60 70.03 133.43
N ALA ZE 225 -62.36 70.26 133.86
CA ALA ZE 225 -61.24 70.48 132.96
C ALA ZE 225 -59.97 70.03 133.65
N GLY ZE 226 -59.22 69.14 133.02
CA GLY ZE 226 -58.02 68.63 133.64
C GLY ZE 226 -57.59 67.33 133.00
N ILE ZE 227 -56.71 66.63 133.72
CA ILE ZE 227 -56.09 65.39 133.25
C ILE ZE 227 -56.42 64.28 134.23
N VAL ZE 228 -57.00 63.20 133.72
CA VAL ZE 228 -57.23 61.98 134.49
C VAL ZE 228 -56.75 60.81 133.64
N ASN ZE 229 -55.90 59.95 134.21
CA ASN ZE 229 -55.35 58.84 133.45
C ASN ZE 229 -56.41 57.79 133.16
N ARG ZE 230 -57.18 57.41 134.17
CA ARG ZE 230 -58.18 56.34 134.03
C ARG ZE 230 -59.51 56.86 134.55
N LEU ZE 231 -60.48 57.02 133.65
CA LEU ZE 231 -61.77 57.57 134.00
C LEU ZE 231 -62.87 56.60 133.60
N ASP ZE 232 -63.84 56.40 134.50
CA ASP ZE 232 -64.97 55.53 134.24
C ASP ZE 232 -66.24 56.24 134.66
N VAL ZE 233 -67.15 56.46 133.72
CA VAL ZE 233 -68.38 57.22 133.96
C VAL ZE 233 -69.58 56.36 133.61
N GLU ZE 234 -70.52 56.25 134.54
CA GLU ZE 234 -71.81 55.61 134.31
C GLU ZE 234 -72.92 56.64 134.48
N LEU ZE 235 -73.78 56.72 133.47
CA LEU ZE 235 -74.91 57.63 133.47
C LEU ZE 235 -76.21 56.83 133.39
N TRP ZE 236 -77.15 57.14 134.27
CA TRP ZE 236 -78.42 56.41 134.31
C TRP ZE 236 -79.52 57.09 133.52
N ASP ZE 237 -79.88 58.32 133.89
CA ASP ZE 237 -80.95 59.04 133.18
C ASP ZE 237 -80.85 60.53 133.48
N PHE ZE 238 -81.07 61.34 132.43
CA PHE ZE 238 -81.08 62.81 132.50
C PHE ZE 238 -79.78 63.37 133.07
N ALA ZE 239 -78.67 62.74 132.71
CA ALA ZE 239 -77.36 63.15 133.18
C ALA ZE 239 -76.56 63.69 132.01
N GLN ZE 240 -76.00 64.88 132.19
CA GLN ZE 240 -75.20 65.55 131.16
C GLN ZE 240 -73.79 65.70 131.67
N PHE ZE 241 -72.89 64.86 131.18
CA PHE ZE 241 -71.49 64.90 131.56
C PHE ZE 241 -70.74 65.73 130.54
N LYS ZE 242 -70.35 66.94 130.93
CA LYS ZE 242 -69.66 67.87 130.03
C LYS ZE 242 -68.16 67.81 130.30
N GLY ZE 243 -67.53 66.72 129.87
CA GLY ZE 243 -66.10 66.61 130.02
C GLY ZE 243 -65.34 67.20 128.84
N LYS ZE 244 -65.75 68.39 128.42
CA LYS ZE 244 -64.98 69.15 127.45
C LYS ZE 244 -63.75 69.72 128.13
N TYR ZE 245 -62.67 69.82 127.35
CA TYR ZE 245 -61.32 70.22 127.81
C TYR ZE 245 -60.84 69.34 128.96
N LEU ZE 246 -61.17 68.05 128.88
CA LEU ZE 246 -60.88 67.08 129.93
C LEU ZE 246 -60.19 65.88 129.28
N ARG ZE 247 -58.88 65.96 129.14
CA ARG ZE 247 -58.13 64.98 128.38
C ARG ZE 247 -57.87 63.73 129.21
N ALA ZE 248 -58.15 62.57 128.63
CA ALA ZE 248 -58.09 61.30 129.34
C ALA ZE 248 -57.20 60.32 128.59
N GLN ZE 249 -56.31 59.66 129.32
CA GLN ZE 249 -55.52 58.60 128.72
C GLN ZE 249 -56.36 57.36 128.47
N ARG ZE 250 -57.14 56.95 129.48
CA ARG ZE 250 -58.06 55.83 129.39
C ARG ZE 250 -59.44 56.33 129.75
N SER ZE 251 -60.41 56.13 128.87
CA SER ZE 251 -61.76 56.61 129.09
C SER ZE 251 -62.76 55.48 128.89
N PHE ZE 252 -63.69 55.36 129.83
CA PHE ZE 252 -64.75 54.36 129.77
C PHE ZE 252 -66.09 55.04 130.00
N VAL ZE 253 -67.02 54.85 129.07
CA VAL ZE 253 -68.34 55.46 129.13
C VAL ZE 253 -69.38 54.36 129.09
N LYS ZE 254 -70.30 54.37 130.05
CA LYS ZE 254 -71.43 53.46 130.07
C LYS ZE 254 -72.69 54.28 130.32
N THR ZE 255 -73.52 54.43 129.30
CA THR ZE 255 -74.65 55.33 129.35
C THR ZE 255 -75.95 54.58 129.08
N HIS ZE 256 -76.96 54.85 129.90
CA HIS ZE 256 -78.28 54.26 129.80
C HIS ZE 256 -79.25 55.27 129.19
N ASP ZE 257 -80.55 54.98 129.34
CA ASP ZE 257 -81.61 55.76 128.71
C ASP ZE 257 -81.58 57.22 129.11
N LYS ZE 258 -81.64 58.10 128.10
CA LYS ZE 258 -81.68 59.56 128.24
C LYS ZE 258 -80.45 60.08 129.01
N SER ZE 259 -79.30 59.90 128.38
CA SER ZE 259 -78.03 60.31 128.97
C SER ZE 259 -77.16 60.95 127.89
N VAL ZE 260 -76.59 62.12 128.20
CA VAL ZE 260 -75.77 62.86 127.26
C VAL ZE 260 -74.40 63.05 127.88
N ALA ZE 261 -73.35 62.72 127.12
CA ALA ZE 261 -72.00 62.91 127.63
C ALA ZE 261 -71.10 63.32 126.47
N GLU ZE 262 -70.31 64.38 126.68
CA GLU ZE 262 -69.27 64.79 125.74
C GLU ZE 262 -67.90 64.61 126.40
N ILE ZE 263 -66.97 64.07 125.61
CA ILE ZE 263 -65.77 63.41 126.09
C ILE ZE 263 -64.57 63.91 125.29
N SER ZE 264 -63.47 64.18 125.97
CA SER ZE 264 -62.27 64.69 125.32
C SER ZE 264 -61.14 63.67 125.34
N ALA ZE 265 -61.45 62.43 124.97
CA ALA ZE 265 -60.48 61.34 125.00
C ALA ZE 265 -59.36 61.54 123.97
N VAL ZE 266 -58.16 61.09 124.33
CA VAL ZE 266 -56.94 61.36 123.59
C VAL ZE 266 -56.29 60.07 123.08
N ASN ZE 267 -56.20 59.07 123.93
CA ASN ZE 267 -55.40 57.90 123.61
C ASN ZE 267 -56.20 56.60 123.55
N HIS ZE 268 -56.96 56.28 124.59
CA HIS ZE 268 -57.71 55.03 124.65
C HIS ZE 268 -59.16 55.33 125.01
N GLN ZE 269 -60.07 54.95 124.12
CA GLN ZE 269 -61.47 55.31 124.26
C GLN ZE 269 -62.35 54.07 124.16
N SER ZE 270 -63.19 53.87 125.17
CA SER ZE 270 -64.12 52.76 125.21
C SER ZE 270 -65.48 53.29 125.64
N SER ZE 271 -66.52 52.99 124.86
CA SER ZE 271 -67.81 53.59 125.14
C SER ZE 271 -68.96 52.70 124.70
N LEU ZE 272 -70.05 52.73 125.49
CA LEU ZE 272 -71.27 51.99 125.18
C LEU ZE 272 -72.48 52.78 125.62
N ALA ZE 273 -73.46 52.87 124.73
CA ALA ZE 273 -74.75 53.51 125.00
C ALA ZE 273 -75.87 52.51 124.74
N THR ZE 274 -76.82 52.45 125.67
CA THR ZE 274 -77.91 51.48 125.52
C THR ZE 274 -78.96 51.95 124.53
N ASP ZE 275 -79.65 53.04 124.88
CA ASP ZE 275 -80.71 53.59 124.06
C ASP ZE 275 -80.96 55.02 124.51
N ALA ZE 276 -81.47 55.83 123.58
CA ALA ZE 276 -81.82 57.25 123.79
C ALA ZE 276 -80.65 58.05 124.34
N SER ZE 277 -79.43 57.67 123.96
CA SER ZE 277 -78.24 58.14 124.64
C SER ZE 277 -77.26 58.70 123.61
N ASP ZE 278 -76.68 59.84 123.95
CA ASP ZE 278 -75.79 60.57 123.06
C ASP ZE 278 -74.40 60.63 123.69
N ILE ZE 279 -73.42 60.12 122.96
CA ILE ZE 279 -72.03 60.17 123.35
C ILE ZE 279 -71.28 60.93 122.27
N TYR ZE 280 -70.74 62.08 122.63
CA TYR ZE 280 -70.04 62.94 121.70
C TYR ZE 280 -68.57 62.96 122.09
N TYR ZE 281 -67.69 62.79 121.12
CA TYR ZE 281 -66.26 62.86 121.35
C TYR ZE 281 -65.73 64.09 120.63
N TYR ZE 282 -65.08 64.97 121.38
CA TYR ZE 282 -64.55 66.20 120.81
C TYR ZE 282 -63.07 66.10 120.49
N ASN ZE 283 -62.46 64.95 120.74
CA ASN ZE 283 -61.09 64.72 120.34
C ASN ZE 283 -60.96 63.29 119.85
N LEU ZE 284 -60.30 63.12 118.71
CA LEU ZE 284 -60.13 61.81 118.12
C LEU ZE 284 -59.05 61.04 118.86
N SER ZE 285 -59.41 59.88 119.40
CA SER ZE 285 -58.46 59.10 120.18
C SER ZE 285 -57.55 58.29 119.25
N LYS ZE 286 -56.41 57.86 119.82
CA LYS ZE 286 -55.52 56.98 119.08
C LYS ZE 286 -56.11 55.60 118.93
N THR ZE 287 -56.95 55.18 119.87
CA THR ZE 287 -57.72 53.95 119.74
C THR ZE 287 -59.13 54.20 120.23
N ARG ZE 288 -60.11 53.80 119.44
CA ARG ZE 288 -61.51 54.14 119.66
C ARG ZE 288 -62.35 52.89 119.50
N ALA ZE 289 -63.23 52.63 120.47
CA ALA ZE 289 -64.17 51.53 120.35
C ALA ZE 289 -65.50 51.94 120.96
N ASP ZE 290 -66.55 51.93 120.14
CA ASP ZE 290 -67.85 52.47 120.50
C ASP ZE 290 -68.94 51.45 120.17
N PHE ZE 291 -69.98 51.43 121.01
CA PHE ZE 291 -71.07 50.49 120.82
C PHE ZE 291 -72.42 51.10 121.20
N MET ZE 292 -73.45 50.75 120.44
CA MET ZE 292 -74.84 51.11 120.72
C MET ZE 292 -75.66 49.83 120.82
N ALA ZE 293 -76.60 49.81 121.77
CA ALA ZE 293 -77.42 48.62 122.01
C ALA ZE 293 -78.78 48.70 121.33
N PHE ZE 294 -79.58 49.71 121.66
CA PHE ZE 294 -80.85 49.92 120.97
C PHE ZE 294 -80.87 51.23 120.19
N ASN ZE 295 -80.69 52.37 120.88
CA ASN ZE 295 -80.84 53.67 120.25
C ASN ZE 295 -79.67 54.61 120.60
N GLY ZE 296 -78.54 54.07 121.03
CA GLY ZE 296 -77.40 54.90 121.33
C GLY ZE 296 -76.75 55.46 120.09
N SER ZE 297 -76.00 56.56 120.27
CA SER ZE 297 -75.36 57.20 119.14
C SER ZE 297 -74.09 57.91 119.59
N VAL ZE 298 -72.99 57.66 118.89
CA VAL ZE 298 -71.70 58.27 119.18
C VAL ZE 298 -71.28 59.12 117.99
N LEU ZE 299 -70.98 60.39 118.25
CA LEU ZE 299 -70.76 61.36 117.18
C LEU ZE 299 -69.59 62.27 117.54
N ASP ZE 300 -68.95 62.81 116.50
CA ASP ZE 300 -67.77 63.67 116.65
C ASP ZE 300 -68.15 65.13 116.85
N MET ZE 301 -68.91 65.69 115.91
CA MET ZE 301 -69.21 67.11 115.71
C MET ZE 301 -68.01 68.03 116.00
N ARG ZE 302 -66.92 67.78 115.28
CA ARG ZE 302 -65.84 68.75 115.25
C ARG ZE 302 -66.17 69.87 114.27
N GLU ZE 303 -65.25 70.82 114.13
CA GLU ZE 303 -65.57 72.05 113.43
C GLU ZE 303 -65.61 71.92 111.91
N TRP ZE 304 -64.97 70.89 111.35
CA TRP ZE 304 -64.91 70.60 109.90
C TRP ZE 304 -64.26 71.71 109.09
N GLY ZE 305 -63.54 72.63 109.73
CA GLY ZE 305 -62.93 73.74 109.05
C GLY ZE 305 -61.58 73.99 109.66
N GLN ZE 306 -61.09 73.00 110.39
CA GLN ZE 306 -59.79 73.10 111.02
C GLN ZE 306 -58.69 73.07 109.97
N SER ZE 307 -57.73 73.99 110.11
CA SER ZE 307 -56.62 74.06 109.18
C SER ZE 307 -55.66 72.88 109.33
N ASP ZE 308 -55.68 72.21 110.47
CA ASP ZE 308 -54.75 71.11 110.74
C ASP ZE 308 -55.47 69.97 111.44
N LEU ZE 309 -56.63 69.60 110.94
CA LEU ZE 309 -57.39 68.50 111.53
C LEU ZE 309 -56.73 67.16 111.23
N LYS ZE 310 -56.72 66.28 112.22
CA LYS ZE 310 -56.21 64.93 112.04
C LYS ZE 310 -57.29 64.06 111.41
N ASP ZE 311 -56.91 63.31 110.37
CA ASP ZE 311 -57.86 62.48 109.66
C ASP ZE 311 -57.92 61.10 110.30
N PHE ZE 312 -58.72 60.22 109.71
CA PHE ZE 312 -58.83 58.85 110.17
C PHE ZE 312 -57.57 58.07 109.83
N ASP ZE 313 -57.36 56.99 110.57
CA ASP ZE 313 -56.26 56.07 110.34
C ASP ZE 313 -56.82 54.67 110.14
N ARG ZE 314 -55.96 53.80 109.60
CA ARG ZE 314 -56.31 52.38 109.46
C ARG ZE 314 -56.54 51.75 110.84
N TYR ZE 315 -55.75 52.17 111.82
CA TYR ZE 315 -55.94 51.71 113.19
C TYR ZE 315 -57.12 52.38 113.88
N ASN ZE 316 -57.72 53.39 113.26
CA ASN ZE 316 -58.91 54.03 113.80
C ASN ZE 316 -60.07 54.07 112.81
N LYS ZE 317 -60.00 53.28 111.73
CA LYS ZE 317 -61.09 53.22 110.77
C LYS ZE 317 -62.18 52.32 111.34
N GLN ZE 318 -62.95 52.88 112.26
CA GLN ZE 318 -64.02 52.16 112.94
C GLN ZE 318 -65.35 52.80 112.59
N PHE ZE 319 -66.29 51.98 112.14
CA PHE ZE 319 -67.57 52.49 111.70
C PHE ZE 319 -68.65 52.11 112.67
N PRO ZE 320 -69.66 52.97 112.87
CA PRO ZE 320 -70.83 52.61 113.68
C PRO ZE 320 -71.71 51.59 112.98
N ASP AF 39 -80.41 35.38 75.07
CA ASP AF 39 -80.20 35.86 73.71
C ASP AF 39 -81.14 37.01 73.39
N GLY AF 40 -82.27 37.07 74.08
CA GLY AF 40 -83.24 38.11 73.83
C GLY AF 40 -82.79 39.44 74.39
N CYS AF 41 -82.27 40.30 73.51
CA CYS AF 41 -81.68 41.56 73.95
C CYS AF 41 -82.72 42.59 74.34
N CYS AF 42 -83.98 42.40 73.96
CA CYS AF 42 -85.08 43.24 74.38
C CYS AF 42 -86.19 42.37 74.96
N SER AF 43 -85.80 41.48 75.88
CA SER AF 43 -86.73 40.53 76.47
C SER AF 43 -87.73 41.25 77.36
N LYS AF 44 -89.02 40.93 77.14
CA LYS AF 44 -90.20 41.70 77.58
C LYS AF 44 -89.96 43.20 77.53
N MET AF 45 -89.47 43.65 76.38
CA MET AF 45 -89.34 45.05 76.04
C MET AF 45 -90.06 45.24 74.71
N GLY AF 46 -89.88 46.39 74.07
CA GLY AF 46 -90.59 46.61 72.82
C GLY AF 46 -90.05 45.87 71.62
N GLY AF 47 -88.91 45.21 71.75
CA GLY AF 47 -88.27 44.54 70.63
C GLY AF 47 -87.03 45.30 70.17
N ILE AF 48 -86.30 44.66 69.27
CA ILE AF 48 -85.05 45.22 68.74
C ILE AF 48 -85.40 46.33 67.75
N ASN AF 49 -84.96 47.56 68.04
CA ASN AF 49 -85.07 48.59 67.02
C ASN AF 49 -83.89 48.54 66.07
N TYR AF 50 -82.69 48.89 66.55
CA TYR AF 50 -81.49 48.87 65.70
C TYR AF 50 -80.26 48.90 66.59
N CYS AF 51 -79.10 49.17 65.99
CA CYS AF 51 -77.84 49.28 66.71
C CYS AF 51 -77.16 50.60 66.38
N ASP AF 52 -76.81 51.35 67.41
CA ASP AF 52 -75.94 52.51 67.25
C ASP AF 52 -74.52 52.00 67.04
N SER AF 53 -73.96 52.30 65.89
CA SER AF 53 -72.62 51.85 65.55
C SER AF 53 -71.54 52.67 66.26
N SER AF 54 -71.79 53.96 66.50
CA SER AF 54 -70.80 54.79 67.17
C SER AF 54 -70.67 54.44 68.64
N ALA AF 55 -71.73 53.87 69.22
CA ALA AF 55 -71.60 53.29 70.55
C ALA AF 55 -71.35 51.80 70.50
N GLY AF 56 -71.64 51.15 69.37
CA GLY AF 56 -71.56 49.71 69.29
C GLY AF 56 -72.56 49.02 70.18
N ARG AF 57 -73.76 49.59 70.29
CA ARG AF 57 -74.74 49.12 71.27
C ARG AF 57 -76.11 48.99 70.64
N LEU AF 58 -76.85 47.98 71.08
CA LEU AF 58 -78.22 47.77 70.60
C LEU AF 58 -79.16 48.74 71.31
N VAL AF 59 -80.02 49.39 70.53
CA VAL AF 59 -81.10 50.19 71.05
C VAL AF 59 -82.40 49.47 70.72
N CYS AF 60 -83.18 49.18 71.76
CA CYS AF 60 -84.46 48.50 71.64
C CYS AF 60 -85.54 49.48 71.19
N ASN AF 61 -86.77 48.99 71.14
CA ASN AF 61 -87.89 49.91 70.93
C ASN AF 61 -88.11 50.80 72.13
N ASN AF 62 -87.86 50.28 73.32
CA ASN AF 62 -87.69 51.14 74.47
C ASN AF 62 -86.42 51.94 74.34
N GLY AF 63 -86.42 53.16 74.87
CA GLY AF 63 -85.34 54.09 74.62
C GLY AF 63 -84.04 53.84 75.34
N PHE AF 64 -83.96 52.78 76.14
CA PHE AF 64 -82.78 52.52 76.93
C PHE AF 64 -81.72 51.80 76.09
N TYR AF 65 -80.59 51.49 76.72
CA TYR AF 65 -79.47 50.86 76.02
C TYR AF 65 -79.39 49.39 76.40
N SER AF 66 -79.41 48.53 75.40
CA SER AF 66 -79.31 47.11 75.65
C SER AF 66 -77.88 46.71 75.97
N THR AF 67 -77.75 45.56 76.62
CA THR AF 67 -76.44 45.03 76.99
C THR AF 67 -75.75 44.31 75.85
N CYS AF 68 -76.46 44.01 74.77
CA CYS AF 68 -75.87 43.26 73.67
C CYS AF 68 -74.98 44.16 72.82
N TYR AF 69 -73.86 43.60 72.36
CA TYR AF 69 -73.00 44.29 71.43
C TYR AF 69 -73.43 44.02 70.00
N CYS AF 70 -73.03 44.91 69.10
CA CYS AF 70 -73.27 44.67 67.68
C CYS AF 70 -71.98 44.78 66.87
N THR AF 71 -71.10 45.68 67.27
CA THR AF 71 -69.85 45.88 66.56
C THR AF 71 -68.67 45.41 67.40
N ARG AF 72 -67.59 45.04 66.71
CA ARG AF 72 -66.36 44.70 67.41
C ARG AF 72 -65.63 45.91 67.94
N HIS AF 73 -65.96 47.11 67.47
CA HIS AF 73 -65.31 48.32 67.95
C HIS AF 73 -66.09 48.96 69.08
N ALA AF 74 -66.47 48.16 70.06
CA ALA AF 74 -67.26 48.63 71.20
C ALA AF 74 -66.48 48.37 72.48
N VAL AF 75 -67.07 48.77 73.60
CA VAL AF 75 -66.40 48.67 74.90
C VAL AF 75 -66.93 47.44 75.60
N MET AF 76 -66.25 46.32 75.39
CA MET AF 76 -66.40 45.18 76.28
C MET AF 76 -65.32 45.28 77.36
N ASP AF 77 -65.11 44.21 78.12
CA ASP AF 77 -64.01 44.15 79.06
C ASP AF 77 -63.27 42.84 78.86
N LEU AF 78 -61.95 42.91 78.72
CA LEU AF 78 -61.12 41.77 78.37
C LEU AF 78 -60.10 41.53 79.47
N GLN AF 79 -60.10 40.32 80.02
CA GLN AF 79 -59.09 39.93 80.99
C GLN AF 79 -58.42 38.63 80.56
N PHE AF 80 -59.20 37.71 79.99
CA PHE AF 80 -58.71 36.39 79.62
C PHE AF 80 -58.71 36.24 78.11
N LEU AF 81 -57.64 35.66 77.58
CA LEU AF 81 -57.44 35.58 76.14
C LEU AF 81 -56.78 34.23 75.82
N MET AF 82 -56.39 34.07 74.56
CA MET AF 82 -55.68 32.88 74.11
C MET AF 82 -54.47 33.27 73.28
N GLY AF 83 -53.82 32.29 72.65
CA GLY AF 83 -52.71 32.55 71.75
C GLY AF 83 -51.39 32.09 72.32
N CYS AF 84 -50.33 32.45 71.60
CA CYS AF 84 -48.97 32.12 71.98
C CYS AF 84 -48.05 33.28 71.63
N CYS AF 85 -46.88 33.27 72.27
CA CYS AF 85 -45.89 34.36 72.21
C CYS AF 85 -46.51 35.71 72.56
N LEU AF 86 -47.31 35.73 73.61
CA LEU AF 86 -47.93 36.96 74.04
C LEU AF 86 -46.90 37.88 74.68
N TRP AF 87 -47.19 39.19 74.61
CA TRP AF 87 -46.29 40.28 75.00
C TRP AF 87 -44.94 40.18 74.29
N HIS AF 88 -44.95 39.68 73.06
CA HIS AF 88 -43.75 39.49 72.27
C HIS AF 88 -44.12 39.69 70.81
N GLY AF 89 -43.26 39.23 69.91
CA GLY AF 89 -43.47 39.40 68.50
C GLY AF 89 -44.39 38.40 67.85
N GLY AF 90 -45.10 37.60 68.63
CA GLY AF 90 -45.98 36.61 68.06
C GLY AF 90 -45.19 35.42 67.54
N VAL AF 91 -45.91 34.56 66.82
CA VAL AF 91 -45.30 33.37 66.24
C VAL AF 91 -44.42 33.78 65.07
N TYR AF 92 -43.19 33.28 65.06
CA TYR AF 92 -42.29 33.57 63.95
C TYR AF 92 -42.80 32.90 62.68
N PRO AF 93 -42.79 33.61 61.55
CA PRO AF 93 -43.40 33.06 60.33
C PRO AF 93 -42.64 31.92 59.69
N GLN AF 94 -41.34 31.77 59.95
CA GLN AF 94 -40.61 30.66 59.34
C GLN AF 94 -40.99 29.36 60.02
N LEU AF 95 -40.86 28.27 59.28
CA LEU AF 95 -41.28 26.95 59.75
C LEU AF 95 -40.08 26.14 60.20
N ASN AF 96 -40.25 25.38 61.28
CA ASN AF 96 -39.19 24.57 61.83
C ASN AF 96 -39.67 23.12 61.89
N SER AF 97 -38.79 22.20 61.48
CA SER AF 97 -39.08 20.78 61.62
C SER AF 97 -39.13 20.39 63.10
N SER AF 98 -38.20 20.91 63.89
CA SER AF 98 -38.22 20.67 65.32
C SER AF 98 -39.37 21.45 65.98
N GLY AF 99 -39.78 20.97 67.15
CA GLY AF 99 -40.97 21.48 67.80
C GLY AF 99 -40.82 22.79 68.52
N LEU AF 100 -39.64 23.39 68.54
CA LEU AF 100 -39.44 24.65 69.25
C LEU AF 100 -39.96 25.82 68.43
N VAL AF 101 -40.44 26.84 69.14
CA VAL AF 101 -40.93 28.07 68.55
C VAL AF 101 -40.28 29.24 69.28
N VAL AF 102 -39.74 30.18 68.51
CA VAL AF 102 -39.10 31.37 69.06
C VAL AF 102 -39.88 32.58 68.58
N CYS AF 103 -40.25 33.46 69.53
CA CYS AF 103 -41.00 34.65 69.17
C CYS AF 103 -40.11 35.62 68.41
N ASN AF 104 -40.75 36.56 67.70
CA ASN AF 104 -40.09 37.39 66.71
C ASN AF 104 -39.10 38.38 67.30
N ASP AF 105 -39.11 38.58 68.62
CA ASP AF 105 -38.08 39.36 69.28
C ASP AF 105 -36.86 38.53 69.67
N GLY AF 106 -36.81 37.27 69.23
CA GLY AF 106 -35.74 36.37 69.59
C GLY AF 106 -36.00 35.56 70.83
N TYR AF 107 -37.09 35.83 71.54
CA TYR AF 107 -37.41 35.09 72.75
C TYR AF 107 -38.03 33.74 72.37
N VAL AF 108 -37.59 32.69 73.04
CA VAL AF 108 -38.10 31.36 72.77
C VAL AF 108 -39.26 31.06 73.72
N SER AF 109 -40.14 30.17 73.29
CA SER AF 109 -41.31 29.78 74.07
C SER AF 109 -41.39 28.27 74.12
N GLU AF 110 -40.67 27.67 75.07
CA GLU AF 110 -40.68 26.22 75.21
C GLU AF 110 -42.03 25.72 75.73
N GLU AF 111 -42.70 26.52 76.54
CA GLU AF 111 -44.03 26.17 77.03
C GLU AF 111 -45.05 26.17 75.91
N CYS AF 112 -44.90 27.05 74.93
CA CYS AF 112 -45.70 27.00 73.72
C CYS AF 112 -45.22 25.94 72.76
N SER AF 113 -43.98 25.50 72.91
CA SER AF 113 -43.37 24.56 71.99
C SER AF 113 -43.84 23.13 72.26
N LEU AF 114 -43.35 22.21 71.44
CA LEU AF 114 -43.68 20.79 71.53
C LEU AF 114 -42.55 20.09 72.28
N GLN AF 115 -42.91 19.46 73.40
CA GLN AF 115 -41.92 18.81 74.24
C GLN AF 115 -41.57 17.42 73.72
N LYS AF 116 -40.58 16.81 74.35
CA LYS AF 116 -40.13 15.47 73.97
C LYS AF 116 -40.06 14.55 75.18
N UNK BF 1 -73.10 63.64 89.99
CA UNK BF 1 -73.88 64.82 89.63
C UNK BF 1 -74.72 65.31 90.80
N UNK BF 2 -74.88 64.42 91.78
CA UNK BF 2 -75.52 64.63 93.09
C UNK BF 2 -77.02 64.87 93.03
N UNK BF 3 -77.61 65.01 91.84
CA UNK BF 3 -79.04 65.21 91.64
C UNK BF 3 -79.32 65.02 90.17
N UNK BF 4 -80.59 64.94 89.82
CA UNK BF 4 -80.93 65.04 88.41
C UNK BF 4 -82.01 66.07 88.13
N UNK BF 5 -82.98 66.22 89.03
CA UNK BF 5 -84.06 67.19 88.83
C UNK BF 5 -83.51 68.58 89.10
N UNK BF 6 -82.87 69.14 88.07
CA UNK BF 6 -82.31 70.48 88.15
C UNK BF 6 -83.44 71.49 88.12
N UNK BF 7 -83.76 72.04 89.30
CA UNK BF 7 -84.90 72.92 89.44
C UNK BF 7 -84.62 74.27 88.80
N UNK BF 8 -85.54 74.72 87.95
CA UNK BF 8 -85.46 76.04 87.33
C UNK BF 8 -86.10 77.03 88.29
N UNK BF 9 -85.27 77.70 89.09
CA UNK BF 9 -85.66 78.71 90.08
C UNK BF 9 -86.72 78.24 91.08
N UNK CF 1 70.53 47.49 79.73
CA UNK CF 1 69.45 47.65 78.76
C UNK CF 1 69.09 49.12 78.60
N UNK CF 2 67.81 49.39 78.36
CA UNK CF 2 67.34 50.77 78.24
C UNK CF 2 67.36 51.45 79.60
N UNK CF 3 67.66 52.74 79.60
CA UNK CF 3 67.70 53.53 80.83
C UNK CF 3 66.28 53.76 81.32
N UNK CF 4 65.85 52.96 82.29
CA UNK CF 4 64.50 53.09 82.83
C UNK CF 4 64.36 54.35 83.67
N UNK CF 5 65.41 54.70 84.43
CA UNK CF 5 65.35 55.90 85.28
C UNK CF 5 65.35 57.17 84.43
N UNK CF 6 66.22 57.23 83.42
CA UNK CF 6 66.21 58.37 82.50
C UNK CF 6 64.93 58.39 81.66
N UNK CF 7 64.36 57.21 81.38
CA UNK CF 7 63.08 57.15 80.69
C UNK CF 7 61.96 57.74 81.53
N UNK CF 8 61.93 57.42 82.82
CA UNK CF 8 60.92 57.98 83.72
C UNK CF 8 61.12 59.47 83.92
N UNK CF 9 62.38 59.93 83.98
CA UNK CF 9 62.65 61.35 84.12
C UNK CF 9 62.29 62.12 82.85
N UNK CF 10 62.56 61.54 81.68
CA UNK CF 10 62.15 62.16 80.43
C UNK CF 10 60.63 62.16 80.28
N UNK CF 11 59.96 61.12 80.79
CA UNK CF 11 58.50 61.11 80.80
C UNK CF 11 57.93 62.18 81.73
N UNK CF 12 58.61 62.41 82.87
CA UNK CF 12 58.20 63.48 83.77
C UNK CF 12 58.40 64.85 83.13
N UNK CF 13 59.51 65.02 82.40
CA UNK CF 13 59.74 66.27 81.68
C UNK CF 13 58.72 66.47 80.55
N UNK CF 14 58.32 65.39 79.88
CA UNK CF 14 57.31 65.49 78.84
C UNK CF 14 55.93 65.77 79.42
N UNK CF 15 55.65 65.22 80.60
CA UNK CF 15 54.36 65.46 81.25
C UNK CF 15 54.27 66.88 81.77
N UNK CF 16 55.34 67.38 82.41
CA UNK CF 16 55.39 68.77 82.88
C UNK CF 16 56.69 69.39 82.39
N UNK CF 17 56.68 69.85 81.14
CA UNK CF 17 57.74 70.70 80.60
C UNK CF 17 57.34 72.16 80.56
N UNK CF 18 56.10 72.48 80.95
CA UNK CF 18 55.54 73.84 81.03
C UNK CF 18 55.62 74.55 79.67
N UNK CF 19 54.87 74.01 78.71
CA UNK CF 19 54.89 74.55 77.35
C UNK CF 19 53.52 74.35 76.71
N UNK CF 20 52.82 75.46 76.48
CA UNK CF 20 51.54 75.42 75.78
C UNK CF 20 51.29 76.79 75.17
N UNK CF 21 51.12 76.84 73.85
CA UNK CF 21 50.81 78.06 73.11
C UNK CF 21 49.64 77.77 72.19
N UNK CF 22 48.65 78.65 72.18
CA UNK CF 22 47.44 78.43 71.38
C UNK CF 22 47.04 79.72 70.68
N UNK CF 23 46.26 79.57 69.62
CA UNK CF 23 45.77 80.69 68.82
C UNK CF 23 44.28 80.52 68.60
N UNK CF 24 43.59 81.66 68.48
CA UNK CF 24 42.14 81.67 68.29
C UNK CF 24 41.80 82.21 66.90
N UNK CF 25 40.95 81.48 66.20
CA UNK CF 25 40.51 81.86 64.87
C UNK CF 25 38.99 81.95 64.82
N UNK CF 26 38.50 83.05 64.25
CA UNK CF 26 37.08 83.31 64.16
C UNK CF 26 36.51 82.72 62.88
N UNK CF 27 35.23 83.00 62.63
CA UNK CF 27 34.56 82.44 61.46
C UNK CF 27 34.94 83.15 60.18
N UNK CF 28 35.39 84.41 60.26
CA UNK CF 28 35.72 85.19 59.09
C UNK CF 28 37.23 85.28 58.86
N UNK CF 29 37.96 84.21 59.20
CA UNK CF 29 39.42 84.09 59.04
C UNK CF 29 40.18 85.20 59.78
N UNK CF 30 39.70 85.54 60.97
CA UNK CF 30 40.39 86.49 61.85
C UNK CF 30 41.13 85.69 62.92
N UNK CF 31 42.45 85.69 62.84
CA UNK CF 31 43.29 84.93 63.75
C UNK CF 31 43.97 85.85 64.76
N UNK CF 32 44.28 85.28 65.92
CA UNK CF 32 44.95 86.03 66.98
C UNK CF 32 45.76 85.06 67.82
N UNK CF 33 46.87 85.56 68.35
CA UNK CF 33 47.76 84.78 69.20
C UNK CF 33 48.17 85.60 70.41
N UNK CF 34 48.56 84.89 71.47
CA UNK CF 34 48.99 85.54 72.70
C UNK CF 34 50.30 84.95 73.19
N UNK CF 35 50.70 85.29 74.41
CA UNK CF 35 51.92 84.74 75.00
C UNK CF 35 51.70 83.29 75.44
N UNK CF 36 52.81 82.60 75.67
CA UNK CF 36 52.75 81.20 76.06
C UNK CF 36 52.29 81.08 77.50
N UNK CF 37 51.20 80.34 77.72
CA UNK CF 37 50.65 80.13 79.05
C UNK CF 37 50.50 78.64 79.31
N UNK CF 38 51.03 78.18 80.45
CA UNK CF 38 51.11 76.79 80.88
C UNK CF 38 51.75 75.87 79.85
N UNK CF 39 33.46 76.43 66.24
CA UNK CF 39 34.89 76.50 65.96
C UNK CF 39 35.46 77.85 66.38
N UNK CF 40 35.60 78.05 67.70
CA UNK CF 40 36.10 79.32 68.22
C UNK CF 40 37.61 79.47 68.07
N UNK CF 41 38.33 78.37 67.84
CA UNK CF 41 39.77 78.42 67.68
C UNK CF 41 40.21 77.22 66.86
N UNK CF 42 41.45 77.28 66.37
CA UNK CF 42 42.02 76.14 65.68
C UNK CF 42 42.31 75.04 66.68
N UNK CF 43 41.83 73.83 66.39
CA UNK CF 43 42.12 72.70 67.27
C UNK CF 43 43.58 72.31 67.22
N UNK CF 44 44.23 72.55 66.07
CA UNK CF 44 45.65 72.30 65.91
C UNK CF 44 46.49 73.56 66.14
N UNK CF 45 46.04 74.47 66.99
CA UNK CF 45 46.79 75.66 67.31
C UNK CF 45 47.78 75.46 68.45
N UNK CF 46 47.87 74.25 69.00
CA UNK CF 46 48.75 73.98 70.13
C UNK CF 46 50.20 73.89 69.68
N UNK CF 47 51.08 74.48 70.49
CA UNK CF 47 52.51 74.46 70.23
C UNK CF 47 53.25 74.46 71.56
N UNK CF 48 54.53 74.11 71.51
CA UNK CF 48 55.34 74.07 72.72
C UNK CF 48 56.54 75.01 72.63
N LYS DF 24 -81.83 39.86 107.82
CA LYS DF 24 -82.20 38.46 107.77
C LYS DF 24 -80.99 37.58 107.51
N PHE DF 25 -80.45 37.64 106.30
CA PHE DF 25 -79.24 36.93 105.94
C PHE DF 25 -78.16 37.94 105.62
N LYS DF 26 -77.04 37.85 106.34
CA LYS DF 26 -75.91 38.73 106.13
C LYS DF 26 -74.90 38.02 105.25
N LYS DF 27 -74.41 38.71 104.22
CA LYS DF 27 -73.54 38.06 103.27
C LYS DF 27 -72.10 38.51 103.46
N PRO DF 28 -71.14 37.61 103.33
CA PRO DF 28 -69.73 37.98 103.54
C PRO DF 28 -69.23 38.82 102.37
N PRO DF 29 -68.11 39.54 102.55
CA PRO DF 29 -67.50 40.24 101.42
C PRO DF 29 -67.04 39.26 100.35
N ILE DF 30 -67.16 39.70 99.10
CA ILE DF 30 -67.00 38.79 97.97
C ILE DF 30 -65.54 38.43 97.77
N ASN DF 31 -64.70 39.43 97.52
CA ASN DF 31 -63.28 39.18 97.30
C ASN DF 31 -62.49 39.37 98.58
N ASN DF 32 -62.95 38.72 99.62
CA ASN DF 32 -62.23 38.76 100.87
C ASN DF 32 -61.03 37.82 100.80
N PRO DF 33 -59.91 38.20 101.42
CA PRO DF 33 -58.74 37.32 101.39
C PRO DF 33 -58.93 36.15 102.34
N SER DF 34 -59.59 35.09 101.86
CA SER DF 34 -59.89 33.92 102.67
C SER DF 34 -58.78 32.87 102.62
N ASP DF 35 -57.55 33.29 102.33
CA ASP DF 35 -56.43 32.36 102.21
C ASP DF 35 -55.19 32.99 102.82
N ASP DF 36 -54.31 32.13 103.35
CA ASP DF 36 -53.10 32.59 104.00
C ASP DF 36 -52.16 33.27 103.02
N ALA DF 37 -52.05 32.74 101.80
CA ALA DF 37 -51.24 33.39 100.78
C ALA DF 37 -51.83 34.74 100.40
N THR DF 38 -53.17 34.84 100.35
CA THR DF 38 -53.80 36.10 100.00
C THR DF 38 -53.60 37.15 101.09
N ILE DF 39 -53.70 36.76 102.36
CA ILE DF 39 -53.52 37.75 103.42
C ILE DF 39 -52.05 38.15 103.52
N LYS DF 40 -51.14 37.22 103.21
CA LYS DF 40 -49.73 37.56 103.16
C LYS DF 40 -49.43 38.54 102.04
N LEU DF 41 -50.04 38.30 100.86
CA LEU DF 41 -49.85 39.20 99.72
C LEU DF 41 -50.44 40.57 99.99
N ALA DF 42 -51.61 40.63 100.61
CA ALA DF 42 -52.23 41.93 100.90
C ALA DF 42 -51.45 42.69 101.96
N GLU DF 43 -50.92 41.98 102.97
CA GLU DF 43 -50.07 42.62 103.96
C GLU DF 43 -48.80 43.16 103.33
N ALA DF 44 -48.22 42.39 102.40
CA ALA DF 44 -47.04 42.86 101.67
C ALA DF 44 -47.35 44.07 100.83
N ALA DF 45 -48.55 44.10 100.23
CA ALA DF 45 -48.97 45.25 99.43
C ALA DF 45 -49.11 46.49 100.29
N VAL DF 46 -49.70 46.34 101.48
CA VAL DF 46 -49.84 47.47 102.41
C VAL DF 46 -48.47 47.97 102.85
N SER DF 47 -47.55 47.03 103.14
CA SER DF 47 -46.21 47.41 103.57
C SER DF 47 -45.44 48.15 102.50
N VAL DF 48 -45.51 47.67 101.25
CA VAL DF 48 -44.75 48.32 100.20
C VAL DF 48 -45.41 49.64 99.81
N SER DF 49 -46.73 49.76 99.99
CA SER DF 49 -47.40 51.04 99.75
C SER DF 49 -46.96 52.08 100.77
N ASP DF 50 -46.84 51.68 102.04
CA ASP DF 50 -46.35 52.60 103.06
C ASP DF 50 -44.89 52.95 102.83
N SER DF 51 -44.10 51.97 102.35
CA SER DF 51 -42.70 52.23 102.05
C SER DF 51 -42.56 53.23 100.92
N MET DF 52 -43.37 53.11 99.87
CA MET DF 52 -43.31 54.08 98.78
C MET DF 52 -43.89 55.43 99.19
N LEU DF 53 -44.83 55.43 100.13
CA LEU DF 53 -45.31 56.69 100.68
C LEU DF 53 -44.19 57.41 101.42
N GLU DF 54 -43.40 56.67 102.20
CA GLU DF 54 -42.25 57.30 102.86
C GLU DF 54 -41.17 57.69 101.86
N MET DF 55 -41.07 56.96 100.76
CA MET DF 55 -40.17 57.34 99.67
C MET DF 55 -40.55 58.69 99.09
N ALA DF 56 -41.84 58.89 98.84
CA ALA DF 56 -42.32 60.18 98.36
C ALA DF 56 -42.19 61.27 99.41
N LYS DF 57 -42.36 60.90 100.69
CA LYS DF 57 -42.20 61.86 101.78
C LYS DF 57 -40.78 62.38 101.86
N VAL DF 58 -39.80 61.50 101.67
CA VAL DF 58 -38.42 61.93 101.58
C VAL DF 58 -38.21 62.76 100.31
N GLU DF 59 -38.76 62.30 99.19
CA GLU DF 59 -38.40 62.85 97.89
C GLU DF 59 -39.02 64.21 97.62
N LYS DF 60 -40.09 64.57 98.33
CA LYS DF 60 -40.85 65.76 97.97
C LYS DF 60 -40.11 67.03 98.38
N VAL DF 61 -40.01 67.96 97.44
CA VAL DF 61 -39.50 69.30 97.68
C VAL DF 61 -40.60 70.29 97.33
N ILE DF 62 -40.95 71.14 98.29
CA ILE DF 62 -42.02 72.11 98.10
C ILE DF 62 -41.59 73.45 98.69
N THR DF 63 -42.11 74.52 98.11
CA THR DF 63 -42.01 75.89 98.52
C THR DF 63 -43.28 76.30 99.27
N PRO DF 64 -43.17 77.15 100.29
CA PRO DF 64 -44.37 77.66 100.93
C PRO DF 64 -45.10 78.60 100.00
N PRO DF 65 -46.44 78.50 99.93
CA PRO DF 65 -47.21 79.46 99.14
C PRO DF 65 -47.29 80.85 99.77
N SER DF 66 -46.78 81.01 100.99
CA SER DF 66 -46.70 82.33 101.60
C SER DF 66 -45.68 83.21 100.89
N LYS DF 67 -44.61 82.62 100.34
CA LYS DF 67 -43.58 83.44 99.72
C LYS DF 67 -43.08 82.88 98.39
N ASP DF 68 -43.84 82.00 97.74
CA ASP DF 68 -43.43 81.47 96.45
C ASP DF 68 -43.52 82.55 95.38
N ASN DF 69 -42.64 82.46 94.40
CA ASN DF 69 -42.56 83.47 93.35
C ASN DF 69 -43.47 83.04 92.20
N THR DF 70 -44.67 83.64 92.16
CA THR DF 70 -45.59 83.45 91.06
C THR DF 70 -46.40 84.73 90.89
N LEU DF 71 -46.98 84.89 89.72
CA LEU DF 71 -47.79 86.07 89.43
C LEU DF 71 -49.14 85.93 90.11
N THR DF 72 -49.47 86.87 90.99
CA THR DF 72 -50.74 86.85 91.67
C THR DF 72 -51.83 87.43 90.78
N ILE DF 73 -53.06 87.37 91.29
CA ILE DF 73 -54.22 87.90 90.58
C ILE DF 73 -54.20 89.42 90.68
N PRO DF 74 -54.20 90.14 89.57
CA PRO DF 74 -54.15 91.61 89.64
C PRO DF 74 -55.45 92.24 90.11
N ASN DF 75 -56.59 91.62 89.81
CA ASN DF 75 -57.93 92.05 90.22
C ASN DF 75 -58.24 93.47 89.73
N ALA DF 76 -58.46 93.58 88.44
CA ALA DF 76 -58.97 94.79 87.82
C ALA DF 76 -60.31 94.49 87.16
N TYR DF 77 -61.16 95.53 87.08
CA TYR DF 77 -62.51 95.35 86.55
C TYR DF 77 -62.50 95.00 85.07
N ASN DF 78 -61.63 95.63 84.29
CA ASN DF 78 -61.57 95.37 82.86
C ASN DF 78 -61.00 93.99 82.55
N LEU DF 79 -60.28 93.38 83.48
CA LEU DF 79 -59.61 92.12 83.24
C LEU DF 79 -60.44 90.93 83.65
N GLN DF 80 -61.73 91.13 83.94
CA GLN DF 80 -62.63 90.05 84.27
C GLN DF 80 -63.34 89.47 83.06
N ALA DF 81 -62.99 89.93 81.86
CA ALA DF 81 -63.59 89.41 80.65
C ALA DF 81 -63.06 88.00 80.35
N ARG DF 82 -63.72 87.34 79.41
CA ARG DF 82 -63.40 85.97 79.05
C ARG DF 82 -62.96 85.91 77.61
N ALA DF 83 -62.20 84.86 77.28
CA ALA DF 83 -61.61 84.75 75.95
C ALA DF 83 -61.44 83.29 75.58
N SER DF 84 -61.34 83.06 74.27
CA SER DF 84 -61.06 81.75 73.68
C SER DF 84 -59.84 81.94 72.79
N VAL DF 85 -58.67 81.62 73.30
CA VAL DF 85 -57.41 82.00 72.68
C VAL DF 85 -56.52 80.77 72.51
N ASP DF 86 -56.04 80.55 71.30
CA ASP DF 86 -54.97 79.61 71.03
C ASP DF 86 -53.81 80.34 70.37
N TRP DF 87 -52.61 80.17 70.94
CA TRP DF 87 -51.39 80.70 70.38
C TRP DF 87 -50.26 79.73 70.69
N SER DF 88 -49.32 79.63 69.76
CA SER DF 88 -48.10 78.86 69.98
C SER DF 88 -46.98 79.59 69.25
N GLY DF 89 -46.17 80.34 70.01
CA GLY DF 89 -45.06 81.04 69.42
C GLY DF 89 -44.51 82.14 70.29
N PRO DF 90 -44.31 83.33 69.71
CA PRO DF 90 -43.73 84.44 70.46
C PRO DF 90 -44.63 85.02 71.53
N ILE DF 91 -44.14 86.08 72.17
CA ILE DF 91 -44.70 86.59 73.41
C ILE DF 91 -45.14 88.04 73.31
N GLU DF 92 -44.33 88.89 72.65
CA GLU DF 92 -44.52 90.33 72.69
C GLU DF 92 -45.75 90.77 71.93
N GLU DF 93 -46.00 90.18 70.76
CA GLU DF 93 -47.21 90.48 70.03
C GLU DF 93 -48.44 89.97 70.75
N LEU DF 94 -48.30 88.85 71.48
CA LEU DF 94 -49.42 88.29 72.23
C LEU DF 94 -49.82 89.20 73.37
N THR DF 95 -48.83 89.67 74.14
CA THR DF 95 -49.17 90.58 75.24
C THR DF 95 -49.55 91.96 74.73
N ALA DF 96 -49.09 92.35 73.54
CA ALA DF 96 -49.60 93.58 72.94
C ALA DF 96 -51.07 93.46 72.57
N ARG DF 97 -51.47 92.31 72.02
CA ARG DF 97 -52.88 92.07 71.73
C ARG DF 97 -53.71 92.01 73.01
N ILE DF 98 -53.15 91.41 74.06
CA ILE DF 98 -53.84 91.34 75.35
C ILE DF 98 -54.04 92.73 75.93
N ALA DF 99 -52.99 93.56 75.90
CA ALA DF 99 -53.09 94.91 76.41
C ALA DF 99 -54.01 95.77 75.56
N LYS DF 100 -54.06 95.51 74.25
CA LYS DF 100 -54.97 96.25 73.39
C LYS DF 100 -56.42 95.87 73.68
N ALA DF 101 -56.67 94.58 73.95
CA ALA DF 101 -58.01 94.16 74.33
C ALA DF 101 -58.39 94.70 75.70
N ALA DF 102 -57.42 94.84 76.60
CA ALA DF 102 -57.67 95.36 77.93
C ALA DF 102 -57.63 96.87 78.00
N HIS DF 103 -57.29 97.54 76.89
CA HIS DF 103 -57.16 99.00 76.78
C HIS DF 103 -56.13 99.54 77.78
N PHE DF 104 -55.06 98.79 77.98
CA PHE DF 104 -53.97 99.19 78.85
C PHE DF 104 -52.72 99.43 78.01
N ARG DF 105 -51.88 100.34 78.46
CA ARG DF 105 -50.64 100.55 77.73
C ARG DF 105 -49.64 99.46 78.08
N PHE DF 106 -48.69 99.26 77.16
CA PHE DF 106 -47.73 98.18 77.27
C PHE DF 106 -46.33 98.74 77.03
N ARG DF 107 -45.38 98.27 77.84
CA ARG DF 107 -43.99 98.67 77.66
C ARG DF 107 -43.08 97.48 77.92
N VAL DF 108 -41.83 97.63 77.50
CA VAL DF 108 -40.82 96.61 77.68
C VAL DF 108 -39.74 97.14 78.62
N LEU DF 109 -38.95 96.21 79.14
CA LEU DF 109 -37.80 96.53 79.98
C LEU DF 109 -36.71 95.52 79.60
N GLY DF 110 -35.87 95.91 78.67
CA GLY DF 110 -34.80 95.06 78.17
C GLY DF 110 -34.94 94.82 76.69
N LYS DF 111 -34.08 93.96 76.18
CA LYS DF 111 -34.02 93.64 74.76
C LYS DF 111 -34.27 92.15 74.56
N SER DF 112 -34.91 91.84 73.43
CA SER DF 112 -35.22 90.45 73.12
C SER DF 112 -33.93 89.69 72.77
N PRO DF 113 -33.88 88.40 73.10
CA PRO DF 113 -32.73 87.58 72.70
C PRO DF 113 -32.78 87.29 71.20
N SER DF 114 -31.67 86.73 70.71
CA SER DF 114 -31.59 86.33 69.32
C SER DF 114 -32.57 85.19 69.02
N VAL DF 115 -32.66 84.22 69.92
CA VAL DF 115 -33.69 83.20 69.85
C VAL DF 115 -34.88 83.66 70.69
N PRO DF 116 -36.06 83.82 70.12
CA PRO DF 116 -37.21 84.25 70.91
C PRO DF 116 -37.72 83.15 71.83
N VAL DF 117 -38.45 83.58 72.85
CA VAL DF 117 -39.02 82.67 73.83
C VAL DF 117 -40.36 82.19 73.33
N LEU DF 118 -40.53 80.87 73.31
CA LEU DF 118 -41.75 80.27 72.79
C LEU DF 118 -42.68 79.88 73.92
N ILE DF 119 -43.98 80.08 73.69
CA ILE DF 119 -45.02 79.75 74.65
C ILE DF 119 -46.18 79.12 73.89
N SER DF 120 -47.17 78.67 74.64
CA SER DF 120 -48.32 77.98 74.06
C SER DF 120 -49.50 78.09 75.01
N ILE DF 121 -50.56 78.75 74.58
CA ILE DF 121 -51.79 78.91 75.34
C ILE DF 121 -52.94 78.36 74.50
N SER DF 122 -53.76 77.51 75.10
CA SER DF 122 -54.91 76.95 74.38
C SER DF 122 -56.09 76.87 75.35
N THR DF 123 -56.96 77.87 75.28
CA THR DF 123 -58.15 77.93 76.15
C THR DF 123 -59.38 78.25 75.31
N LYS DF 124 -60.51 77.70 75.75
CA LYS DF 124 -61.81 78.00 75.14
C LYS DF 124 -62.65 78.97 75.94
N ASP DF 125 -62.39 79.10 77.25
CA ASP DF 125 -63.11 80.07 78.08
C ASP DF 125 -62.21 80.38 79.27
N GLU DF 126 -61.54 81.53 79.23
CA GLU DF 126 -60.61 81.85 80.30
C GLU DF 126 -60.54 83.35 80.53
N SER DF 127 -60.32 83.72 81.78
CA SER DF 127 -60.15 85.11 82.17
C SER DF 127 -58.70 85.54 81.99
N LEU DF 128 -58.53 86.82 81.64
CA LEU DF 128 -57.24 87.34 81.22
C LEU DF 128 -56.23 87.35 82.36
N ALA DF 129 -56.68 87.46 83.61
CA ALA DF 129 -55.77 87.45 84.74
C ALA DF 129 -55.08 86.11 84.89
N GLU DF 130 -55.84 85.02 84.83
CA GLU DF 130 -55.23 83.70 84.88
C GLU DF 130 -54.48 83.39 83.59
N ILE DF 131 -54.90 84.00 82.48
CA ILE DF 131 -54.15 83.87 81.23
C ILE DF 131 -52.75 84.46 81.38
N LEU DF 132 -52.66 85.65 81.97
CA LEU DF 132 -51.37 86.25 82.25
C LEU DF 132 -50.58 85.48 83.29
N ARG DF 133 -51.29 84.86 84.24
CA ARG DF 133 -50.64 84.03 85.24
C ARG DF 133 -49.96 82.82 84.60
N ASP DF 134 -50.65 82.15 83.67
CA ASP DF 134 -50.04 81.03 82.95
C ASP DF 134 -48.95 81.52 82.01
N ILE DF 135 -49.08 82.74 81.48
CA ILE DF 135 -48.05 83.33 80.64
C ILE DF 135 -46.76 83.51 81.45
N ASP DF 136 -46.87 84.07 82.65
CA ASP DF 136 -45.69 84.25 83.48
C ASP DF 136 -45.16 82.93 84.01
N TYR DF 137 -46.03 81.94 84.17
CA TYR DF 137 -45.57 80.62 84.59
C TYR DF 137 -44.73 79.96 83.49
N GLN DF 138 -45.21 80.01 82.25
CA GLN DF 138 -44.43 79.46 81.15
C GLN DF 138 -43.26 80.36 80.76
N ALA DF 139 -43.23 81.60 81.25
CA ALA DF 139 -42.10 82.48 80.98
C ALA DF 139 -40.83 81.96 81.63
N GLY DF 140 -40.94 81.32 82.79
CA GLY DF 140 -39.78 80.80 83.46
C GLY DF 140 -38.94 81.88 84.12
N LYS DF 141 -37.69 82.01 83.66
CA LYS DF 141 -36.74 82.91 84.31
C LYS DF 141 -36.22 84.01 83.41
N LYS DF 142 -36.28 83.84 82.09
CA LYS DF 142 -35.63 84.79 81.19
C LYS DF 142 -36.38 86.11 81.10
N ALA DF 143 -37.69 86.12 81.38
CA ALA DF 143 -38.46 87.34 81.35
C ALA DF 143 -39.65 87.19 82.30
N SER DF 144 -40.25 88.32 82.63
CA SER DF 144 -41.39 88.37 83.52
C SER DF 144 -42.27 89.55 83.14
N ILE DF 145 -43.35 89.74 83.90
CA ILE DF 145 -44.37 90.74 83.62
C ILE DF 145 -44.74 91.43 84.92
N HIS DF 146 -44.75 92.76 84.89
CA HIS DF 146 -45.26 93.56 86.00
C HIS DF 146 -46.51 94.30 85.56
N VAL DF 147 -47.52 94.29 86.41
CA VAL DF 147 -48.82 94.88 86.13
C VAL DF 147 -49.02 96.06 87.08
N TYR DF 148 -49.55 97.16 86.55
CA TYR DF 148 -49.85 98.34 87.36
C TYR DF 148 -51.25 98.82 87.03
N PRO DF 149 -52.17 98.82 87.99
CA PRO DF 149 -53.53 99.35 87.79
C PRO DF 149 -53.73 100.79 88.23
N ASN DF 150 -52.71 101.43 88.79
CA ASN DF 150 -52.77 102.88 89.03
C ASN DF 150 -52.57 103.63 87.71
N SER DF 151 -51.39 103.50 87.13
CA SER DF 151 -51.17 103.85 85.73
C SER DF 151 -51.29 102.54 84.95
N GLN DF 152 -52.31 102.44 84.11
CA GLN DF 152 -52.82 101.16 83.60
C GLN DF 152 -51.86 100.58 82.58
N VAL DF 153 -50.79 99.97 83.08
CA VAL DF 153 -49.70 99.55 82.22
C VAL DF 153 -49.32 98.11 82.54
N VAL DF 154 -48.89 97.38 81.50
CA VAL DF 154 -48.18 96.13 81.66
C VAL DF 154 -46.75 96.34 81.16
N GLU DF 155 -45.82 95.60 81.76
CA GLU DF 155 -44.42 95.78 81.44
C GLU DF 155 -43.74 94.42 81.37
N LEU DF 156 -43.21 94.10 80.19
CA LEU DF 156 -42.34 92.94 80.08
C LEU DF 156 -40.96 93.28 80.63
N ARG DF 157 -40.24 92.26 81.06
CA ARG DF 157 -38.98 92.49 81.76
C ARG DF 157 -38.03 91.33 81.46
N TYR DF 158 -37.01 91.58 80.64
CA TYR DF 158 -36.02 90.56 80.35
C TYR DF 158 -34.98 90.50 81.45
N ALA DF 159 -34.15 89.46 81.40
CA ALA DF 159 -33.03 89.29 82.30
C ALA DF 159 -31.72 89.40 81.53
N LYS DF 160 -30.61 89.12 82.22
CA LYS DF 160 -29.30 89.15 81.60
C LYS DF 160 -29.02 87.89 80.79
N ILE EF 208 -37.04 78.66 124.49
CA ILE EF 208 -37.84 77.96 125.48
C ILE EF 208 -39.26 77.79 124.95
N ILE EF 209 -39.82 76.58 125.09
CA ILE EF 209 -41.14 76.27 124.56
C ILE EF 209 -42.04 75.79 125.68
N TYR EF 210 -43.34 75.96 125.48
CA TYR EF 210 -44.36 75.58 126.45
C TYR EF 210 -45.46 74.82 125.71
N TYR EF 211 -46.35 74.21 126.49
CA TYR EF 211 -47.47 73.46 125.91
C TYR EF 211 -48.67 73.55 126.82
N ILE EF 212 -49.85 73.63 126.20
CA ILE EF 212 -51.10 73.80 126.92
C ILE EF 212 -51.64 72.43 127.31
N GLN EF 213 -52.37 72.39 128.43
CA GLN EF 213 -53.03 71.15 128.85
C GLN EF 213 -54.53 71.31 128.98
N ALA EF 214 -54.99 72.28 129.77
CA ALA EF 214 -56.41 72.49 130.02
C ALA EF 214 -56.78 73.93 129.68
N VAL EF 215 -57.95 74.11 129.10
CA VAL EF 215 -58.37 75.41 128.58
C VAL EF 215 -59.79 75.72 129.03
N ILE EF 216 -60.01 77.00 129.34
CA ILE EF 216 -61.33 77.52 129.66
C ILE EF 216 -61.50 78.83 128.90
N PRO EF 217 -62.75 79.28 128.68
CA PRO EF 217 -62.92 80.65 128.20
C PRO EF 217 -62.38 81.65 129.22
N GLY EF 218 -61.25 82.29 128.88
CA GLY EF 218 -60.66 83.29 129.74
C GLY EF 218 -59.27 82.95 130.26
N ARG EF 219 -59.05 81.70 130.63
CA ARG EF 219 -57.78 81.27 131.22
C ARG EF 219 -57.45 79.87 130.74
N ALA EF 220 -56.22 79.43 131.00
CA ALA EF 220 -55.85 78.09 130.60
C ALA EF 220 -54.79 77.54 131.54
N TRP EF 221 -54.53 76.24 131.40
CA TRP EF 221 -53.46 75.56 132.11
C TRP EF 221 -52.34 75.28 131.12
N LEU EF 222 -51.11 75.61 131.50
CA LEU EF 222 -49.95 75.54 130.63
C LEU EF 222 -48.85 74.76 131.31
N ILE EF 223 -48.13 73.97 130.53
CA ILE EF 223 -46.92 73.31 131.01
C ILE EF 223 -45.76 73.79 130.15
N GLY EF 224 -44.55 73.69 130.70
CA GLY EF 224 -43.35 74.04 129.98
C GLY EF 224 -42.65 72.83 129.39
N SER EF 225 -41.54 73.10 128.70
CA SER EF 225 -40.71 72.03 128.18
C SER EF 225 -40.04 71.26 129.32
N ASN EF 226 -39.51 71.98 130.30
CA ASN EF 226 -38.92 71.36 131.48
C ASN EF 226 -39.97 70.90 132.48
N GLY EF 227 -41.20 71.36 132.34
CA GLY EF 227 -42.24 71.01 133.29
C GLY EF 227 -42.62 72.16 134.19
N SER EF 228 -42.66 73.36 133.62
CA SER EF 228 -43.02 74.56 134.38
C SER EF 228 -44.54 74.73 134.32
N THR EF 229 -45.21 74.43 135.42
CA THR EF 229 -46.66 74.59 135.48
C THR EF 229 -47.03 76.08 135.56
N LEU EF 230 -48.13 76.44 134.91
CA LEU EF 230 -48.55 77.83 134.87
C LEU EF 230 -50.04 77.88 134.61
N THR EF 231 -50.70 78.90 135.14
CA THR EF 231 -52.08 79.22 134.79
C THR EF 231 -52.08 80.57 134.11
N VAL EF 232 -52.61 80.63 132.90
CA VAL EF 232 -52.41 81.78 132.01
C VAL EF 232 -53.73 82.53 131.88
N ARG EF 233 -53.67 83.82 132.19
CA ARG EF 233 -54.77 84.77 132.02
C ARG EF 233 -54.83 85.23 130.56
N GLU EF 234 -56.04 85.66 130.15
CA GLU EF 234 -56.20 86.34 128.86
C GLU EF 234 -55.26 87.51 128.72
N GLY EF 235 -55.17 88.36 129.74
CA GLY EF 235 -54.11 89.33 129.80
C GLY EF 235 -52.97 88.86 130.68
N SER EF 236 -51.92 88.32 130.07
CA SER EF 236 -50.81 87.78 130.84
C SER EF 236 -49.55 87.78 129.99
N LYS EF 237 -48.41 87.92 130.66
CA LYS EF 237 -47.10 87.92 130.03
C LYS EF 237 -46.38 86.62 130.35
N ILE EF 238 -45.89 85.95 129.31
CA ILE EF 238 -45.15 84.69 129.45
C ILE EF 238 -43.79 84.91 128.81
N PRO EF 239 -42.68 84.61 129.51
CA PRO EF 239 -41.36 84.85 128.94
C PRO EF 239 -41.05 83.91 127.79
N GLY EF 240 -40.18 84.36 126.90
CA GLY EF 240 -39.85 83.62 125.70
C GLY EF 240 -40.76 83.94 124.53
N TYR EF 241 -42.07 83.88 124.75
CA TYR EF 241 -43.05 84.22 123.73
C TYR EF 241 -43.50 85.67 123.86
N GLY EF 242 -44.03 86.04 125.03
CA GLY EF 242 -44.46 87.41 125.24
C GLY EF 242 -45.81 87.54 125.92
N MET EF 243 -46.54 88.58 125.57
CA MET EF 243 -47.83 88.87 126.17
C MET EF 243 -48.93 88.08 125.48
N VAL EF 244 -49.83 87.50 126.28
CA VAL EF 244 -50.97 86.80 125.72
C VAL EF 244 -51.97 87.83 125.20
N LYS EF 245 -52.31 87.73 123.92
CA LYS EF 245 -53.27 88.63 123.31
C LYS EF 245 -54.53 87.94 122.82
N LEU EF 246 -54.50 86.63 122.60
CA LEU EF 246 -55.69 85.91 122.15
C LEU EF 246 -55.62 84.48 122.64
N ILE EF 247 -56.66 84.06 123.37
CA ILE EF 247 -56.79 82.70 123.86
C ILE EF 247 -58.15 82.17 123.42
N ASP EF 248 -58.15 81.01 122.79
CA ASP EF 248 -59.37 80.31 122.45
C ASP EF 248 -59.43 79.02 123.26
N SER EF 249 -60.63 78.63 123.66
CA SER EF 249 -60.83 77.40 124.41
C SER EF 249 -61.25 76.24 123.50
N LEU EF 250 -62.25 76.47 122.65
CA LEU EF 250 -62.70 75.41 121.75
C LEU EF 250 -61.71 75.14 120.63
N GLN EF 251 -61.03 76.18 120.15
CA GLN EF 251 -59.96 76.02 119.17
C GLN EF 251 -58.63 75.96 119.91
N GLY EF 252 -57.83 74.94 119.63
CA GLY EF 252 -56.62 74.70 120.40
C GLY EF 252 -55.42 75.52 120.00
N ARG EF 253 -55.61 76.82 119.78
CA ARG EF 253 -54.55 77.73 119.39
C ARG EF 253 -54.63 78.98 120.24
N ILE EF 254 -53.49 79.41 120.80
CA ILE EF 254 -53.44 80.59 121.64
C ILE EF 254 -52.33 81.51 121.13
N LEU EF 255 -52.68 82.75 120.83
CA LEU EF 255 -51.75 83.69 120.20
C LEU EF 255 -50.87 84.37 121.23
N THR EF 256 -49.69 84.81 120.78
CA THR EF 256 -48.73 85.54 121.59
C THR EF 256 -48.58 86.96 121.08
N SER EF 257 -47.89 87.79 121.86
CA SER EF 257 -47.51 89.12 121.39
C SER EF 257 -46.39 89.07 120.36
N SER EF 258 -45.69 87.94 120.26
CA SER EF 258 -44.69 87.75 119.22
C SER EF 258 -45.28 87.39 117.87
N GLY EF 259 -46.61 87.27 117.78
CA GLY EF 259 -47.26 86.87 116.57
C GLY EF 259 -47.29 85.39 116.33
N GLN EF 260 -46.68 84.60 117.21
CA GLN EF 260 -46.70 83.15 117.07
C GLN EF 260 -47.86 82.58 117.87
N VAL EF 261 -48.05 81.27 117.74
CA VAL EF 261 -49.18 80.60 118.34
C VAL EF 261 -48.66 79.40 119.13
N ILE EF 262 -49.44 78.97 120.11
CA ILE EF 262 -49.08 77.84 120.96
C ILE EF 262 -50.26 76.88 121.01
N LYS EF 263 -49.93 75.58 120.97
CA LYS EF 263 -50.91 74.49 120.89
C LYS EF 263 -50.60 73.40 121.90
N PHE EF 264 -51.25 72.26 121.76
CA PHE EF 264 -51.00 71.12 122.63
C PHE EF 264 -49.67 70.45 122.28
N SER EF 265 -49.23 69.59 123.19
CA SER EF 265 -48.02 68.81 123.00
C SER EF 265 -48.28 67.59 122.12
N GLN EF 266 -47.22 67.04 121.56
CA GLN EF 266 -47.31 65.84 120.74
C GLN EF 266 -46.33 64.77 121.21
N LYS FF 60 17.56 -80.98 -28.59
CA LYS FF 60 18.49 -81.73 -29.43
C LYS FF 60 19.89 -81.13 -29.35
N GLU FF 61 19.94 -79.83 -29.09
CA GLU FF 61 21.22 -79.18 -28.82
C GLU FF 61 21.83 -79.69 -27.52
N THR FF 62 20.96 -80.01 -26.55
CA THR FF 62 21.40 -80.69 -25.34
C THR FF 62 22.00 -82.04 -25.65
N ALA FF 63 21.38 -82.77 -26.59
CA ALA FF 63 21.91 -84.06 -27.01
C ALA FF 63 23.26 -83.92 -27.68
N LEU FF 64 23.43 -82.89 -28.51
CA LEU FF 64 24.71 -82.63 -29.14
C LEU FF 64 25.78 -82.28 -28.11
N SER FF 65 25.41 -81.47 -27.12
CA SER FF 65 26.35 -81.08 -26.07
C SER FF 65 26.79 -82.27 -25.23
N VAL FF 66 25.84 -83.11 -24.83
CA VAL FF 66 26.21 -84.24 -23.99
C VAL FF 66 26.89 -85.33 -24.80
N GLY FF 67 26.60 -85.43 -26.10
CA GLY FF 67 27.33 -86.35 -26.94
C GLY FF 67 28.78 -85.92 -27.10
N ALA FF 68 29.00 -84.61 -27.26
CA ALA FF 68 30.36 -84.08 -27.30
C ALA FF 68 31.09 -84.32 -25.99
N GLN FF 69 30.39 -84.11 -24.86
CA GLN FF 69 31.01 -84.30 -23.55
C GLN FF 69 31.37 -85.76 -23.31
N ALA FF 70 30.44 -86.67 -23.60
CA ALA FF 70 30.66 -88.10 -23.36
C ALA FF 70 31.74 -88.65 -24.27
N GLY FF 71 31.71 -88.27 -25.56
CA GLY FF 71 32.75 -88.73 -26.48
C GLY FF 71 34.11 -88.17 -26.14
N LEU FF 72 34.17 -86.91 -25.72
CA LEU FF 72 35.44 -86.29 -25.35
C LEU FF 72 36.04 -86.96 -24.10
N ALA FF 73 35.20 -87.20 -23.08
CA ALA FF 73 35.70 -87.85 -21.87
C ALA FF 73 36.11 -89.29 -22.13
N TRP FF 74 35.33 -90.01 -22.95
CA TRP FF 74 35.63 -91.40 -23.26
C TRP FF 74 36.92 -91.52 -24.04
N ARG FF 75 37.10 -90.68 -25.06
CA ARG FF 75 38.31 -90.72 -25.86
C ARG FF 75 39.52 -90.25 -25.06
N ALA FF 76 39.35 -89.29 -24.16
CA ALA FF 76 40.44 -88.85 -23.32
C ALA FF 76 40.88 -89.95 -22.35
N LYS FF 77 39.91 -90.68 -21.79
CA LYS FF 77 40.24 -91.77 -20.88
C LYS FF 77 40.95 -92.91 -21.62
N ILE FF 78 40.47 -93.23 -22.83
CA ILE FF 78 41.13 -94.25 -23.66
C ILE FF 78 42.55 -93.81 -24.02
N ILE FF 79 42.72 -92.54 -24.37
CA ILE FF 79 44.02 -92.03 -24.79
C ILE FF 79 44.98 -92.01 -23.61
N ASP FF 80 44.49 -91.68 -22.42
CA ASP FF 80 45.36 -91.67 -21.25
C ASP FF 80 45.72 -93.08 -20.82
N GLU FF 81 44.79 -94.03 -20.99
CA GLU FF 81 45.09 -95.44 -20.72
C GLU FF 81 46.17 -95.95 -21.66
N GLN FF 82 46.04 -95.67 -22.95
CA GLN FF 82 47.04 -96.14 -23.90
C GLN FF 82 48.36 -95.41 -23.76
N LEU FF 83 48.32 -94.15 -23.32
CA LEU FF 83 49.54 -93.42 -23.02
C LEU FF 83 50.26 -94.03 -21.83
N ASN FF 84 49.50 -94.41 -20.79
CA ASN FF 84 50.10 -95.03 -19.62
C ASN FF 84 50.58 -96.45 -19.88
N LYS FF 85 50.04 -97.09 -20.92
CA LYS FF 85 50.47 -98.45 -21.25
C LYS FF 85 51.94 -98.50 -21.67
N GLN FF 86 52.38 -97.53 -22.46
CA GLN FF 86 53.71 -97.56 -23.05
C GLN FF 86 54.57 -96.41 -22.57
N ALA FF 87 54.53 -96.12 -21.27
CA ALA FF 87 55.22 -94.96 -20.74
C ALA FF 87 56.73 -95.15 -20.72
N ARG FF 88 57.20 -96.40 -20.65
CA ARG FF 88 58.64 -96.68 -20.63
C ARG FF 88 59.30 -96.26 -21.93
N ASN FF 89 58.61 -96.50 -23.04
CA ASN FF 89 59.12 -96.08 -24.34
C ASN FF 89 59.13 -94.58 -24.49
N LEU FF 90 58.22 -93.88 -23.81
CA LEU FF 90 58.24 -92.42 -23.82
C LEU FF 90 59.49 -91.86 -23.16
N ASP FF 91 59.89 -92.45 -22.04
CA ASP FF 91 61.14 -92.05 -21.40
C ASP FF 91 62.33 -92.49 -22.23
N ALA FF 92 62.19 -93.61 -22.95
CA ALA FF 92 63.24 -94.05 -23.85
C ALA FF 92 63.44 -93.05 -24.98
N ILE FF 93 62.35 -92.46 -25.47
CA ILE FF 93 62.46 -91.48 -26.55
C ILE FF 93 62.97 -90.15 -26.02
N TYR FF 94 62.23 -89.55 -25.09
CA TYR FF 94 62.52 -88.18 -24.67
C TYR FF 94 63.41 -88.16 -23.43
N ASP FF 95 64.62 -88.69 -23.59
CA ASP FF 95 65.61 -88.63 -22.52
C ASP FF 95 66.34 -87.30 -22.63
N PHE FF 96 65.77 -86.28 -21.99
CA PHE FF 96 66.43 -84.97 -21.96
C PHE FF 96 67.70 -85.00 -21.12
N ASN FF 97 67.79 -85.95 -20.18
CA ASN FF 97 68.94 -86.03 -19.27
C ASN FF 97 70.23 -86.32 -20.01
N SER FF 98 70.15 -87.05 -21.12
CA SER FF 98 71.30 -87.19 -21.99
C SER FF 98 71.69 -85.88 -22.66
N LEU FF 99 70.73 -85.03 -22.97
CA LEU FF 99 71.01 -83.74 -23.60
C LEU FF 99 71.29 -82.65 -22.59
N VAL FF 100 71.22 -82.96 -21.29
CA VAL FF 100 71.43 -81.96 -20.26
C VAL FF 100 72.89 -81.53 -20.26
N LEU FF 101 73.11 -80.21 -20.31
CA LEU FF 101 74.47 -79.67 -20.32
C LEU FF 101 75.12 -79.84 -18.96
N GLU FF 102 76.44 -79.77 -18.94
CA GLU FF 102 77.23 -80.16 -17.77
C GLU FF 102 77.08 -79.21 -16.59
N HIS FF 103 76.51 -78.02 -16.79
CA HIS FF 103 76.23 -77.11 -15.68
C HIS FF 103 74.75 -77.07 -15.34
N ASN FF 104 74.03 -78.15 -15.66
CA ASN FF 104 72.61 -78.34 -15.34
C ASN FF 104 71.73 -77.24 -15.94
N ILE FF 105 72.09 -76.81 -17.15
CA ILE FF 105 71.41 -75.74 -17.85
C ILE FF 105 70.75 -76.34 -19.08
N LEU FF 106 69.48 -76.02 -19.29
CA LEU FF 106 68.75 -76.52 -20.44
C LEU FF 106 69.33 -75.92 -21.72
N PRO FF 107 69.61 -76.74 -22.74
CA PRO FF 107 70.06 -76.20 -24.01
C PRO FF 107 68.95 -75.41 -24.69
N PRO FF 108 69.29 -74.41 -25.49
CA PRO FF 108 68.27 -73.57 -26.11
C PRO FF 108 67.61 -74.27 -27.29
N VAL FF 109 66.66 -73.58 -27.89
CA VAL FF 109 65.84 -74.12 -28.97
C VAL FF 109 66.13 -73.33 -30.24
N LEU FF 110 66.34 -74.03 -31.35
CA LEU FF 110 66.66 -73.40 -32.61
C LEU FF 110 65.67 -73.85 -33.68
N LEU FF 111 65.60 -73.06 -34.75
CA LEU FF 111 64.76 -73.37 -35.91
C LEU FF 111 65.52 -73.01 -37.19
N GLU FF 112 65.34 -73.85 -38.21
CA GLU FF 112 65.98 -73.67 -39.50
C GLU FF 112 64.92 -73.61 -40.59
N GLY FF 113 65.04 -72.63 -41.48
CA GLY FF 113 64.15 -72.52 -42.62
C GLY FF 113 64.93 -72.65 -43.92
N ARG FF 114 64.34 -73.36 -44.89
CA ARG FF 114 64.95 -73.60 -46.18
C ARG FF 114 64.11 -72.96 -47.28
N ASN FF 115 64.81 -72.47 -48.32
CA ASN FF 115 64.22 -71.96 -49.56
C ASN FF 115 63.23 -70.82 -49.30
N THR FF 116 63.71 -69.82 -48.57
CA THR FF 116 62.86 -68.71 -48.16
C THR FF 116 62.59 -67.80 -49.35
N LEU FF 117 61.31 -67.46 -49.55
CA LEU FF 117 60.95 -66.44 -50.52
C LEU FF 117 59.90 -65.54 -49.90
N ASN FF 118 59.79 -64.34 -50.46
CA ASN FF 118 58.84 -63.36 -49.97
C ASN FF 118 58.44 -62.47 -51.13
N LEU FF 119 57.18 -62.63 -51.55
CA LEU FF 119 56.49 -61.60 -52.33
C LEU FF 119 55.82 -60.70 -51.32
N ALA FF 120 56.59 -59.74 -50.82
CA ALA FF 120 56.06 -58.77 -49.86
C ALA FF 120 55.01 -57.89 -50.49
N ASP FF 121 55.23 -57.49 -51.74
CA ASP FF 121 54.25 -56.75 -52.54
C ASP FF 121 54.64 -56.94 -54.00
N ALA FF 122 54.05 -56.14 -54.87
CA ALA FF 122 54.52 -56.10 -56.24
C ALA FF 122 55.88 -55.41 -56.31
N GLN FF 123 56.58 -55.69 -57.41
CA GLN FF 123 57.84 -55.04 -57.80
C GLN FF 123 58.98 -55.30 -56.84
N SER FF 124 58.89 -56.32 -56.00
CA SER FF 124 59.94 -56.61 -55.02
C SER FF 124 59.82 -58.06 -54.59
N ILE FF 125 60.88 -58.84 -54.80
CA ILE FF 125 60.94 -60.22 -54.33
C ILE FF 125 62.20 -60.38 -53.50
N ARG FF 126 62.07 -60.96 -52.31
CA ARG FF 126 63.22 -61.19 -51.45
C ARG FF 126 63.36 -62.68 -51.18
N ILE FF 127 64.53 -63.24 -51.45
CA ILE FF 127 64.75 -64.67 -51.27
C ILE FF 127 66.04 -64.92 -50.50
N SER FF 128 66.10 -66.12 -49.93
CA SER FF 128 67.32 -66.66 -49.35
C SER FF 128 67.25 -68.17 -49.41
N ASP FF 129 68.41 -68.81 -49.35
CA ASP FF 129 68.41 -70.27 -49.34
C ASP FF 129 67.98 -70.81 -47.98
N ARG FF 130 68.61 -70.31 -46.91
CA ARG FF 130 68.34 -70.83 -45.58
C ARG FF 130 68.43 -69.70 -44.57
N THR FF 131 67.86 -69.96 -43.40
CA THR FF 131 67.89 -69.01 -42.30
C THR FF 131 67.75 -69.78 -40.99
N TYR FF 132 68.17 -69.14 -39.91
CA TYR FF 132 68.11 -69.74 -38.58
C TYR FF 132 67.61 -68.73 -37.57
N LYS FF 133 66.79 -69.22 -36.64
CA LYS FF 133 66.13 -68.42 -35.61
C LYS FF 133 66.31 -69.09 -34.26
N VAL FF 134 66.71 -68.31 -33.26
CA VAL FF 134 66.65 -68.77 -31.87
C VAL FF 134 65.21 -68.66 -31.40
N ALA FF 135 64.65 -69.78 -30.95
CA ALA FF 135 63.27 -69.79 -30.47
C ALA FF 135 63.19 -69.49 -28.98
N LYS FF 136 63.86 -70.31 -28.15
CA LYS FF 136 63.83 -70.14 -26.71
C LYS FF 136 65.26 -70.04 -26.19
N GLN FF 137 65.51 -69.02 -25.37
CA GLN FF 137 66.83 -68.83 -24.80
C GLN FF 137 67.12 -69.90 -23.76
N ALA FF 138 68.37 -70.34 -23.71
CA ALA FF 138 68.81 -71.34 -22.73
C ALA FF 138 68.69 -70.80 -21.32
N HIS FF 139 68.38 -71.71 -20.39
CA HIS FF 139 68.23 -71.34 -18.99
C HIS FF 139 68.55 -72.55 -18.13
N PHE FF 140 68.75 -72.29 -16.84
CA PHE FF 140 69.00 -73.36 -15.89
C PHE FF 140 67.78 -74.21 -15.70
N ILE FF 141 68.00 -75.46 -15.30
CA ILE FF 141 66.93 -76.38 -14.95
C ILE FF 141 67.30 -77.07 -13.65
N THR FF 142 66.36 -77.06 -12.70
CA THR FF 142 66.56 -77.81 -11.48
C THR FF 142 66.43 -79.30 -11.73
N THR FF 143 65.41 -79.69 -12.48
CA THR FF 143 65.17 -81.07 -12.85
C THR FF 143 65.07 -81.18 -14.36
N PRO FF 144 65.47 -82.31 -14.94
CA PRO FF 144 65.16 -82.57 -16.34
C PRO FF 144 63.66 -82.73 -16.51
N PRO FF 145 63.12 -82.33 -17.65
CA PRO FF 145 61.67 -82.40 -17.87
C PRO FF 145 61.22 -83.82 -18.15
N THR FF 146 59.93 -83.96 -18.41
CA THR FF 146 59.34 -85.24 -18.79
C THR FF 146 58.28 -85.02 -19.85
N TRP FF 147 57.87 -86.14 -20.45
CA TRP FF 147 56.85 -86.11 -21.48
C TRP FF 147 55.46 -85.79 -20.93
N ARG FF 148 55.25 -86.01 -19.62
CA ARG FF 148 53.93 -85.81 -19.05
C ARG FF 148 53.52 -84.34 -19.00
N GLN FF 149 54.49 -83.42 -19.02
CA GLN FF 149 54.18 -82.00 -19.07
C GLN FF 149 53.61 -81.59 -20.42
N TYR FF 150 53.83 -82.39 -21.45
CA TYR FF 150 53.37 -82.08 -22.79
C TYR FF 150 52.36 -83.08 -23.31
N LEU FF 151 52.16 -84.20 -22.62
CA LEU FF 151 51.46 -85.34 -23.20
C LEU FF 151 50.22 -85.76 -22.46
N TRP FF 152 50.21 -85.68 -21.13
CA TRP FF 152 49.09 -86.21 -20.38
C TRP FF 152 47.87 -85.33 -20.56
N MET FF 153 46.82 -85.90 -21.12
CA MET FF 153 45.58 -85.17 -21.30
C MET FF 153 44.83 -85.10 -19.98
N ASP FF 154 44.24 -83.94 -19.73
CA ASP FF 154 43.45 -83.73 -18.54
C ASP FF 154 42.21 -84.61 -18.55
N TYR FF 155 41.74 -84.97 -17.37
CA TYR FF 155 40.54 -85.78 -17.26
C TYR FF 155 39.46 -85.00 -16.50
N VAL FF 156 38.24 -85.13 -17.00
CA VAL FF 156 37.04 -84.69 -16.30
C VAL FF 156 36.03 -85.81 -16.46
N LYS FF 157 35.02 -85.81 -15.58
CA LYS FF 157 33.96 -86.81 -15.65
C LYS FF 157 32.61 -86.12 -15.49
N PRO FF 158 31.93 -85.81 -16.59
CA PRO FF 158 30.63 -85.14 -16.49
C PRO FF 158 29.55 -86.12 -16.07
N GLU FF 159 29.14 -86.04 -14.81
CA GLU FF 159 28.26 -87.04 -14.21
C GLU FF 159 26.84 -86.54 -14.01
N ALA FF 160 26.48 -85.39 -14.58
CA ALA FF 160 25.16 -84.80 -14.35
C ALA FF 160 24.45 -84.50 -15.67
N PRO FF 161 23.96 -85.53 -16.38
CA PRO FF 161 23.01 -85.25 -17.47
C PRO FF 161 21.59 -85.16 -16.96
N ASN FF 162 21.02 -83.96 -16.92
CA ASN FF 162 19.62 -83.79 -16.56
C ASN FF 162 18.81 -83.65 -17.84
N VAL FF 163 17.77 -84.46 -17.96
CA VAL FF 163 16.96 -84.50 -19.17
C VAL FF 163 16.00 -83.33 -19.14
N THR FF 164 16.07 -82.48 -20.16
CA THR FF 164 15.16 -81.36 -20.31
C THR FF 164 14.31 -81.49 -21.57
N LEU FF 165 14.92 -81.62 -22.73
CA LEU FF 165 14.19 -81.90 -23.97
C LEU FF 165 13.86 -83.38 -23.95
N LEU FF 166 12.74 -83.71 -23.31
CA LEU FF 166 12.41 -85.09 -22.98
C LEU FF 166 11.94 -85.85 -24.20
N PRO FF 167 12.59 -86.96 -24.57
CA PRO FF 167 12.06 -87.79 -25.65
C PRO FF 167 10.97 -88.70 -25.14
N LYS FF 168 9.85 -88.73 -25.87
CA LYS FF 168 8.71 -89.56 -25.52
C LYS FF 168 8.30 -90.54 -26.61
N THR FF 169 8.63 -90.27 -27.86
CA THR FF 169 8.29 -91.15 -28.96
C THR FF 169 9.55 -91.67 -29.62
N LYS FF 170 9.33 -92.60 -30.57
CA LYS FF 170 10.41 -93.28 -31.26
C LYS FF 170 11.24 -92.31 -32.10
N ALA FF 171 10.59 -91.33 -32.73
CA ALA FF 171 11.30 -90.41 -33.63
C ALA FF 171 12.22 -89.48 -32.85
N GLU FF 172 11.73 -88.90 -31.75
CA GLU FF 172 12.60 -88.04 -30.95
C GLU FF 172 13.67 -88.85 -30.24
N LYS FF 173 13.36 -90.09 -29.84
CA LYS FF 173 14.38 -90.96 -29.26
C LYS FF 173 15.47 -91.31 -30.26
N GLU FF 174 15.10 -91.59 -31.51
CA GLU FF 174 16.13 -91.98 -32.48
C GLU FF 174 16.92 -90.78 -32.99
N ILE FF 175 16.31 -89.59 -33.09
CA ILE FF 175 17.12 -88.43 -33.45
C ILE FF 175 18.01 -88.05 -32.27
N TRP FF 176 17.55 -88.30 -31.05
CA TRP FF 176 18.38 -88.14 -29.86
C TRP FF 176 19.60 -89.06 -29.90
N CYS FF 177 19.38 -90.30 -30.31
CA CYS FF 177 20.48 -91.27 -30.40
C CYS FF 177 21.47 -90.90 -31.51
N ILE FF 178 20.96 -90.47 -32.67
CA ILE FF 178 21.90 -90.15 -33.74
C ILE FF 178 22.62 -88.84 -33.48
N TYR FF 179 22.00 -87.92 -32.74
CA TYR FF 179 22.71 -86.70 -32.38
C TYR FF 179 23.75 -86.99 -31.31
N THR FF 180 23.47 -87.95 -30.44
CA THR FF 180 24.47 -88.45 -29.50
C THR FF 180 25.64 -89.08 -30.25
N GLU FF 181 25.35 -89.82 -31.32
CA GLU FF 181 26.40 -90.41 -32.15
C GLU FF 181 27.24 -89.35 -32.83
N ARG FF 182 26.60 -88.29 -33.34
CA ARG FF 182 27.33 -87.21 -33.99
C ARG FF 182 28.22 -86.47 -33.01
N GLY FF 183 27.70 -86.16 -31.82
CA GLY FF 183 28.53 -85.53 -30.80
C GLY FF 183 29.65 -86.42 -30.32
N TRP FF 184 29.40 -87.74 -30.29
CA TRP FF 184 30.43 -88.72 -29.96
C TRP FF 184 31.58 -88.65 -30.95
N LYS FF 185 31.26 -88.64 -32.24
CA LYS FF 185 32.28 -88.56 -33.27
C LYS FF 185 33.03 -87.23 -33.23
N ASN FF 186 32.31 -86.14 -32.98
CA ASN FF 186 32.95 -84.83 -32.92
C ASN FF 186 33.90 -84.72 -31.73
N GLY FF 187 33.51 -85.26 -30.58
CA GLY FF 187 34.39 -85.23 -29.42
C GLY FF 187 35.62 -86.10 -29.61
N ILE FF 188 35.44 -87.26 -30.25
CA ILE FF 188 36.58 -88.13 -30.53
C ILE FF 188 37.56 -87.44 -31.47
N ASP FF 189 37.04 -86.82 -32.52
CA ASP FF 189 37.88 -86.11 -33.48
C ASP FF 189 38.59 -84.93 -32.84
N GLN FF 190 37.90 -84.22 -31.94
CA GLN FF 190 38.52 -83.09 -31.26
C GLN FF 190 39.65 -83.54 -30.34
N ALA FF 191 39.43 -84.65 -29.64
CA ALA FF 191 40.48 -85.20 -28.78
C ALA FF 191 41.71 -85.62 -29.59
N ASN FF 192 41.49 -86.26 -30.73
CA ASN FF 192 42.61 -86.63 -31.59
C ASN FF 192 43.33 -85.42 -32.15
N THR FF 193 42.58 -84.35 -32.45
CA THR FF 193 43.18 -83.12 -32.94
C THR FF 193 44.10 -82.48 -31.90
N ILE FF 194 43.62 -82.42 -30.65
CA ILE FF 194 44.43 -81.82 -29.59
C ILE FF 194 45.65 -82.67 -29.29
N LEU FF 195 45.50 -83.99 -29.37
CA LEU FF 195 46.63 -84.89 -29.17
C LEU FF 195 47.67 -84.73 -30.27
N GLU FF 196 47.20 -84.53 -31.51
CA GLU FF 196 48.12 -84.27 -32.62
C GLU FF 196 48.89 -82.97 -32.40
N GLU FF 197 48.19 -81.94 -31.91
CA GLU FF 197 48.85 -80.67 -31.64
C GLU FF 197 49.92 -80.79 -30.56
N ASN FF 198 49.63 -81.51 -29.48
CA ASN FF 198 50.61 -81.64 -28.41
C ASN FF 198 51.79 -82.51 -28.82
N ILE FF 199 51.53 -83.56 -29.60
CA ILE FF 199 52.60 -84.43 -30.10
C ILE FF 199 53.52 -83.66 -31.03
N ALA FF 200 52.93 -82.86 -31.92
CA ALA FF 200 53.74 -82.01 -32.80
C ALA FF 200 54.52 -80.97 -32.01
N ARG FF 201 53.94 -80.48 -30.92
CA ARG FF 201 54.63 -79.50 -30.08
C ARG FF 201 55.87 -80.08 -29.44
N ILE FF 202 55.74 -81.26 -28.81
CA ILE FF 202 56.90 -81.84 -28.13
C ILE FF 202 57.92 -82.34 -29.14
N LYS FF 203 57.46 -82.74 -30.34
CA LYS FF 203 58.37 -83.06 -31.43
C LYS FF 203 59.19 -81.83 -31.84
N GLU FF 204 58.53 -80.67 -31.90
CA GLU FF 204 59.22 -79.43 -32.23
C GLU FF 204 60.25 -79.07 -31.18
N ASP FF 205 59.90 -79.27 -29.90
CA ASP FF 205 60.83 -78.96 -28.81
C ASP FF 205 62.09 -79.83 -28.88
N PHE FF 206 61.90 -81.14 -29.07
CA PHE FF 206 63.04 -82.03 -29.11
C PHE FF 206 63.87 -81.81 -30.37
N GLY FF 207 63.21 -81.46 -31.48
CA GLY FF 207 63.95 -81.14 -32.69
C GLY FF 207 64.77 -79.89 -32.56
N GLY FF 208 64.24 -78.88 -31.85
CA GLY FF 208 65.03 -77.68 -31.62
C GLY FF 208 66.23 -77.93 -30.73
N MET FF 209 66.06 -78.77 -29.71
CA MET FF 209 67.20 -79.09 -28.85
C MET FF 209 68.28 -79.89 -29.59
N ILE FF 210 67.87 -80.87 -30.40
CA ILE FF 210 68.87 -81.64 -31.12
C ILE FF 210 69.47 -80.82 -32.26
N LEU FF 211 68.73 -79.82 -32.75
CA LEU FF 211 69.30 -78.89 -33.71
C LEU FF 211 70.38 -78.04 -33.06
N TYR FF 212 70.17 -77.66 -31.80
CA TYR FF 212 71.21 -76.94 -31.07
C TYR FF 212 72.45 -77.80 -30.90
N ARG FF 213 72.26 -79.08 -30.55
CA ARG FF 213 73.41 -79.99 -30.42
C ARG FF 213 74.15 -80.14 -31.74
N LYS FF 214 73.40 -80.30 -32.83
CA LYS FF 214 73.98 -80.44 -34.16
C LYS FF 214 74.73 -79.17 -34.57
N LEU FF 215 74.17 -78.01 -34.28
CA LEU FF 215 74.83 -76.77 -34.70
C LEU FF 215 76.01 -76.43 -33.83
N LEU FF 216 75.97 -76.83 -32.55
CA LEU FF 216 77.13 -76.67 -31.69
C LEU FF 216 78.26 -77.56 -32.15
N ALA FF 217 77.93 -78.76 -32.64
CA ALA FF 217 78.92 -79.58 -33.33
C ALA FF 217 79.39 -78.90 -34.62
N MET FF 218 78.48 -78.22 -35.30
CA MET FF 218 78.77 -77.53 -36.55
C MET FF 218 79.60 -76.27 -36.35
N ASN FF 219 79.78 -75.84 -35.09
CA ASN FF 219 80.57 -74.67 -34.71
C ASN FF 219 79.99 -73.40 -35.34
N MET FF 220 78.75 -73.13 -34.97
CA MET FF 220 78.06 -71.91 -35.38
C MET FF 220 77.56 -71.10 -34.20
N VAL FF 221 77.07 -71.75 -33.16
CA VAL FF 221 76.65 -71.08 -31.94
C VAL FF 221 77.81 -71.09 -30.96
N SER FF 222 77.95 -69.99 -30.23
CA SER FF 222 78.82 -70.00 -29.07
C SER FF 222 78.19 -70.86 -27.97
N PRO FF 223 78.99 -71.63 -27.25
CA PRO FF 223 78.46 -72.33 -26.08
C PRO FF 223 78.13 -71.34 -24.98
N PRO FF 224 77.17 -71.66 -24.11
CA PRO FF 224 76.90 -70.79 -22.97
C PRO FF 224 78.07 -70.79 -22.00
N TYR FF 225 78.32 -69.65 -21.40
CA TYR FF 225 79.50 -69.47 -20.55
C TYR FF 225 79.09 -69.01 -19.15
N VAL FF 226 79.70 -69.63 -18.16
CA VAL FF 226 79.41 -69.38 -16.76
C VAL FF 226 80.62 -68.71 -16.11
N SER FF 227 80.38 -68.09 -14.96
CA SER FF 227 81.44 -67.70 -14.06
C SER FF 227 80.99 -67.95 -12.64
N HIS FF 228 81.96 -68.27 -11.79
CA HIS FF 228 81.71 -68.58 -10.39
C HIS FF 228 82.54 -67.66 -9.51
N THR FF 229 81.91 -67.16 -8.46
CA THR FF 229 82.59 -66.42 -7.40
C THR FF 229 82.51 -67.23 -6.13
N ASP FF 230 83.68 -67.45 -5.51
CA ASP FF 230 83.81 -68.35 -4.38
C ASP FF 230 84.32 -67.59 -3.18
N LEU FF 231 83.58 -67.66 -2.08
CA LEU FF 231 83.94 -67.07 -0.80
C LEU FF 231 83.96 -68.16 0.25
N GLY FF 232 84.77 -67.95 1.28
CA GLY FF 232 84.88 -68.92 2.34
C GLY FF 232 83.75 -68.84 3.34
N VAL FF 233 84.09 -68.86 4.62
CA VAL FF 233 83.08 -68.75 5.65
C VAL FF 233 82.58 -67.31 5.72
N THR FF 234 81.31 -67.16 6.07
CA THR FF 234 80.69 -65.85 6.04
C THR FF 234 79.52 -65.82 7.02
N GLY FF 235 79.17 -64.63 7.45
CA GLY FF 235 78.04 -64.41 8.32
C GLY FF 235 78.45 -63.83 9.67
N ASP FF 236 77.43 -63.53 10.46
CA ASP FF 236 77.60 -62.90 11.75
C ASP FF 236 77.78 -63.97 12.83
N GLY FF 237 77.72 -63.56 14.09
CA GLY FF 237 77.80 -64.51 15.19
C GLY FF 237 76.56 -65.35 15.40
N SER FF 238 75.45 -65.01 14.74
CA SER FF 238 74.23 -65.80 14.84
C SER FF 238 74.02 -66.74 13.65
N GLU FF 239 74.29 -66.26 12.44
CA GLU FF 239 74.16 -67.05 11.23
C GLU FF 239 75.52 -67.17 10.57
N ILE FF 240 75.91 -68.39 10.22
CA ILE FF 240 77.15 -68.60 9.47
C ILE FF 240 76.89 -69.56 8.33
N HIS FF 241 77.80 -69.51 7.36
CA HIS FF 241 77.86 -70.43 6.25
C HIS FF 241 79.30 -70.89 6.08
N ILE FF 242 79.48 -72.05 5.47
CA ILE FF 242 80.81 -72.63 5.35
C ILE FF 242 81.42 -72.24 4.01
N ASP FF 243 80.78 -72.65 2.92
CA ASP FF 243 81.26 -72.39 1.57
C ASP FF 243 80.19 -71.60 0.83
N ASP FF 244 80.56 -70.46 0.26
CA ASP FF 244 79.63 -69.64 -0.50
C ASP FF 244 80.10 -69.58 -1.94
N ARG FF 245 79.49 -70.38 -2.82
CA ARG FF 245 79.86 -70.35 -4.22
C ARG FF 245 78.65 -69.97 -5.04
N VAL FF 246 78.81 -68.92 -5.85
CA VAL FF 246 77.73 -68.35 -6.64
C VAL FF 246 78.09 -68.48 -8.11
N LEU FF 247 77.22 -69.11 -8.87
CA LEU FF 247 77.44 -69.36 -10.28
C LEU FF 247 76.41 -68.61 -11.11
N ARG FF 248 76.86 -68.06 -12.24
CA ARG FF 248 76.00 -67.21 -13.04
C ARG FF 248 76.48 -67.22 -14.47
N ILE FF 249 75.55 -67.34 -15.41
CA ILE FF 249 75.89 -67.33 -16.83
C ILE FF 249 76.15 -65.89 -17.25
N THR FF 250 77.34 -65.65 -17.81
CA THR FF 250 77.70 -64.34 -18.32
C THR FF 250 77.60 -64.25 -19.83
N ALA FF 251 77.19 -65.31 -20.51
CA ALA FF 251 77.15 -65.31 -21.97
C ALA FF 251 76.12 -66.31 -22.45
N LEU FF 252 75.04 -65.81 -23.03
CA LEU FF 252 74.04 -66.66 -23.66
C LEU FF 252 74.57 -67.20 -24.99
N PRO FF 253 74.10 -68.36 -25.43
CA PRO FF 253 74.48 -68.83 -26.77
C PRO FF 253 73.91 -67.93 -27.85
N GLU FF 254 74.69 -67.75 -28.92
CA GLU FF 254 74.29 -66.91 -30.03
C GLU FF 254 75.08 -67.31 -31.26
N LEU FF 255 74.60 -66.87 -32.42
CA LEU FF 255 75.23 -67.19 -33.69
C LEU FF 255 76.38 -66.25 -33.97
N ASN FF 256 76.98 -66.37 -35.15
CA ASN FF 256 78.06 -65.50 -35.58
C ASN FF 256 77.87 -65.17 -37.05
N VAL FF 257 78.44 -64.03 -37.47
CA VAL FF 257 78.32 -63.57 -38.84
C VAL FF 257 79.58 -63.80 -39.65
N ASN FF 258 80.71 -64.06 -39.00
CA ASN FF 258 81.93 -64.41 -39.72
C ASN FF 258 81.85 -65.88 -40.11
N SER FF 259 81.63 -66.15 -41.39
CA SER FF 259 81.49 -67.51 -41.84
C SER FF 259 82.83 -68.20 -42.08
N ALA FF 260 83.94 -67.50 -41.88
CA ALA FF 260 85.26 -68.08 -42.11
C ALA FF 260 85.62 -69.11 -41.04
N GLU FF 261 84.97 -69.06 -39.88
CA GLU FF 261 85.24 -70.04 -38.84
C GLU FF 261 84.49 -71.35 -39.06
N TRP FF 262 83.66 -71.42 -40.08
CA TRP FF 262 82.69 -72.51 -40.20
C TRP FF 262 83.40 -73.77 -40.68
N ARG FF 263 83.29 -74.83 -39.89
CA ARG FF 263 83.83 -76.13 -40.25
C ARG FF 263 82.72 -77.01 -40.82
N ALA FF 264 83.12 -78.03 -41.56
CA ALA FF 264 82.17 -78.93 -42.20
C ALA FF 264 82.67 -80.36 -42.10
N ALA FF 265 81.77 -81.29 -42.43
CA ALA FF 265 82.05 -82.71 -42.31
C ALA FF 265 81.65 -83.42 -43.59
N VAL FF 266 82.12 -84.65 -43.74
CA VAL FF 266 81.86 -85.45 -44.92
C VAL FF 266 81.84 -86.93 -44.51
N ALA FF 267 80.76 -87.63 -44.85
CA ALA FF 267 80.62 -89.03 -44.48
C ALA FF 267 81.47 -89.90 -45.40
N LYS FF 268 81.53 -91.19 -45.11
CA LYS FF 268 82.31 -92.12 -45.91
C LYS FF 268 81.48 -93.30 -46.40
N ILE GF 862 28.71 -62.68 -6.82
CA ILE GF 862 27.65 -61.97 -7.52
C ILE GF 862 26.50 -62.91 -7.82
N ILE GF 863 25.32 -62.59 -7.29
CA ILE GF 863 24.14 -63.42 -7.41
C ILE GF 863 23.23 -62.82 -8.47
N LYS GF 864 22.99 -63.59 -9.53
CA LYS GF 864 22.24 -63.10 -10.68
C LYS GF 864 20.76 -62.96 -10.35
N THR GF 865 20.05 -62.20 -11.19
CA THR GF 865 18.65 -61.88 -10.96
C THR GF 865 17.77 -63.07 -11.32
N GLY GF 866 17.26 -63.78 -10.32
CA GLY GF 866 16.34 -64.87 -10.55
C GLY GF 866 16.96 -66.23 -10.78
N ASP GF 867 17.76 -66.69 -9.82
CA ASP GF 867 18.33 -68.03 -9.84
C ASP GF 867 17.69 -68.87 -8.73
N ILE GF 868 18.16 -70.11 -8.60
CA ILE GF 868 17.56 -71.12 -7.73
C ILE GF 868 18.57 -71.49 -6.66
N MET GF 869 18.10 -71.61 -5.41
CA MET GF 869 18.91 -72.06 -4.29
C MET GF 869 18.03 -72.91 -3.37
N PHE GF 870 18.67 -73.72 -2.54
CA PHE GF 870 17.97 -74.59 -1.61
C PHE GF 870 18.29 -74.15 -0.19
N ALA GF 871 17.41 -74.50 0.75
CA ALA GF 871 17.64 -74.26 2.16
C ALA GF 871 16.84 -75.29 2.95
N VAL GF 872 17.10 -75.35 4.25
CA VAL GF 872 16.35 -76.23 5.14
C VAL GF 872 15.76 -75.39 6.25
N LEU GF 873 14.44 -75.46 6.42
CA LEU GF 873 13.77 -74.80 7.53
C LEU GF 873 13.50 -75.83 8.61
N ASP GF 874 13.58 -75.37 9.86
CA ASP GF 874 13.57 -76.26 11.00
C ASP GF 874 12.43 -75.93 11.97
N THR GF 875 11.81 -74.77 11.78
CA THR GF 875 10.78 -74.30 12.70
C THR GF 875 9.44 -74.22 11.97
N SER GF 876 8.38 -74.67 12.63
CA SER GF 876 7.02 -74.59 12.09
C SER GF 876 6.23 -73.49 12.76
N VAL GF 877 5.13 -73.09 12.10
CA VAL GF 877 4.24 -72.04 12.60
C VAL GF 877 2.89 -72.21 11.89
N ASN GF 878 1.82 -72.05 12.65
CA ASN GF 878 0.47 -72.05 12.08
C ASN GF 878 0.18 -70.69 11.47
N SER GF 879 -0.69 -70.69 10.46
CA SER GF 879 -1.06 -69.46 9.78
C SER GF 879 -2.18 -68.73 10.53
N ASP GF 880 -1.93 -68.36 11.77
CA ASP GF 880 -2.92 -67.69 12.59
C ASP GF 880 -2.42 -66.39 13.19
N GLU GF 881 -1.17 -66.34 13.67
CA GLU GF 881 -0.57 -65.12 14.18
C GLU GF 881 0.79 -64.99 13.51
N PRO GF 882 1.10 -63.85 12.90
CA PRO GF 882 2.43 -63.67 12.30
C PRO GF 882 3.52 -63.58 13.35
N GLY GF 883 4.73 -63.94 12.94
CA GLY GF 883 5.89 -63.87 13.80
C GLY GF 883 7.18 -64.11 13.04
N PRO GF 884 8.31 -63.85 13.69
CA PRO GF 884 9.61 -64.10 13.04
C PRO GF 884 9.89 -65.58 12.91
N ILE GF 885 10.40 -66.00 11.76
CA ILE GF 885 10.72 -67.39 11.49
C ILE GF 885 12.02 -67.44 10.67
N LEU GF 886 12.92 -68.34 11.04
CA LEU GF 886 14.24 -68.44 10.43
C LEU GF 886 14.43 -69.81 9.80
N ALA GF 887 15.25 -69.84 8.75
CA ALA GF 887 15.75 -71.05 8.10
C ALA GF 887 17.26 -70.91 7.94
N THR GF 888 17.90 -71.98 7.47
CA THR GF 888 19.35 -71.99 7.28
C THR GF 888 19.67 -72.43 5.87
N ILE GF 889 20.36 -71.57 5.12
CA ILE GF 889 20.88 -71.95 3.81
C ILE GF 889 22.03 -72.92 4.02
N VAL GF 890 21.99 -74.05 3.31
CA VAL GF 890 23.01 -75.08 3.48
C VAL GF 890 23.83 -75.29 2.22
N THR GF 891 23.45 -74.69 1.09
CA THR GF 891 24.16 -74.91 -0.17
C THR GF 891 24.63 -73.60 -0.80
N GLY GF 892 25.26 -73.70 -1.96
CA GLY GF 892 25.70 -72.53 -2.68
C GLY GF 892 26.96 -71.92 -2.10
N LYS GF 893 27.23 -70.68 -2.49
CA LYS GF 893 28.41 -69.97 -1.99
C LYS GF 893 28.22 -69.55 -0.54
N LEU GF 894 27.00 -69.16 -0.17
CA LEU GF 894 26.70 -68.73 1.19
C LEU GF 894 26.54 -69.96 2.08
N LYS GF 895 27.47 -70.14 3.02
CA LYS GF 895 27.49 -71.32 3.87
C LYS GF 895 27.33 -70.90 5.32
N GLY GF 896 26.48 -71.61 6.07
CA GLY GF 896 26.23 -71.29 7.46
C GLY GF 896 25.26 -70.15 7.66
N SER GF 897 24.70 -69.62 6.58
CA SER GF 897 23.87 -68.43 6.67
C SER GF 897 22.46 -68.77 7.12
N LYS GF 898 21.80 -67.83 7.79
CA LYS GF 898 20.44 -68.03 8.28
C LYS GF 898 19.57 -66.80 8.02
N LEU GF 899 18.27 -67.02 7.89
CA LEU GF 899 17.39 -66.01 7.31
C LEU GF 899 16.08 -65.98 8.09
N ILE GF 900 15.67 -64.77 8.50
CA ILE GF 900 14.42 -64.54 9.23
C ILE GF 900 13.45 -63.78 8.34
N GLY GF 901 12.16 -64.03 8.57
CA GLY GF 901 11.08 -63.31 7.90
C GLY GF 901 9.75 -63.61 8.59
N SER GF 902 8.66 -63.46 7.87
CA SER GF 902 7.33 -63.79 8.39
C SER GF 902 6.47 -64.26 7.22
N PHE GF 903 5.17 -64.37 7.43
CA PHE GF 903 4.30 -64.89 6.39
C PHE GF 903 3.14 -63.94 6.12
N ASN GF 904 2.33 -64.31 5.14
CA ASN GF 904 1.13 -63.57 4.76
C ASN GF 904 0.00 -64.58 4.58
N LEU GF 905 -1.23 -64.09 4.70
CA LEU GF 905 -2.39 -64.96 4.63
C LEU GF 905 -3.09 -64.81 3.31
N PRO GF 906 -3.08 -65.83 2.46
CA PRO GF 906 -3.88 -65.80 1.23
C PRO GF 906 -5.37 -65.95 1.53
N SER GF 907 -6.17 -65.47 0.59
CA SER GF 907 -7.62 -65.55 0.72
C SER GF 907 -8.14 -66.97 0.61
N ASN GF 908 -7.46 -67.81 -0.18
CA ASN GF 908 -7.83 -69.20 -0.34
C ASN GF 908 -6.67 -70.09 0.05
N ALA GF 909 -6.98 -71.33 0.45
CA ALA GF 909 -6.01 -72.26 0.99
C ALA GF 909 -5.39 -73.15 -0.08
N ASP GF 910 -5.30 -72.68 -1.32
CA ASP GF 910 -4.68 -73.43 -2.41
C ASP GF 910 -3.16 -73.47 -2.30
N LYS GF 911 -2.54 -72.48 -1.68
CA LYS GF 911 -1.11 -72.45 -1.42
C LYS GF 911 -0.88 -71.51 -0.25
N MET GF 912 0.31 -71.63 0.35
CA MET GF 912 0.67 -70.79 1.49
C MET GF 912 2.18 -70.54 1.43
N VAL GF 913 2.56 -69.27 1.55
CA VAL GF 913 3.92 -68.85 1.27
C VAL GF 913 4.45 -68.02 2.44
N ILE GF 914 5.78 -67.96 2.54
CA ILE GF 914 6.48 -67.28 3.61
C ILE GF 914 7.38 -66.21 3.00
N THR GF 915 7.35 -65.02 3.57
CA THR GF 915 8.15 -63.89 3.07
C THR GF 915 9.46 -63.83 3.84
N PHE GF 916 10.58 -63.96 3.13
CA PHE GF 916 11.90 -64.02 3.76
C PHE GF 916 12.71 -62.81 3.32
N ASN GF 917 13.16 -62.04 4.29
CA ASN GF 917 13.86 -60.80 3.94
C ASN GF 917 15.21 -60.65 4.61
N THR GF 918 15.34 -61.04 5.88
CA THR GF 918 16.49 -60.60 6.69
C THR GF 918 17.51 -61.72 6.77
N MET GF 919 18.62 -61.56 6.05
CA MET GF 919 19.64 -62.60 5.91
C MET GF 919 20.87 -62.24 6.73
N SER GF 920 21.50 -63.26 7.34
CA SER GF 920 22.75 -63.09 8.06
C SER GF 920 23.75 -64.16 7.62
N ILE GF 921 24.97 -63.73 7.36
CA ILE GF 921 26.07 -64.58 6.92
C ILE GF 921 27.06 -64.69 8.07
N PRO GF 922 27.57 -65.90 8.39
CA PRO GF 922 28.57 -65.99 9.47
C PRO GF 922 29.92 -65.44 9.05
N GLY GF 923 30.82 -65.25 10.02
CA GLY GF 923 32.10 -64.64 9.76
C GLY GF 923 32.12 -63.14 10.00
N ALA GF 924 31.45 -62.38 9.16
CA ALA GF 924 31.40 -60.93 9.28
C ALA GF 924 30.01 -60.48 9.71
N GLU GF 925 29.98 -59.46 10.57
CA GLU GF 925 28.74 -58.92 11.12
C GLU GF 925 28.06 -58.06 10.06
N LYS GF 926 27.34 -58.73 9.16
CA LYS GF 926 26.63 -58.08 8.08
C LYS GF 926 25.16 -58.47 8.17
N THR GF 927 24.31 -57.62 7.58
CA THR GF 927 22.88 -57.91 7.53
C THR GF 927 22.40 -57.47 6.15
N ILE GF 928 22.47 -58.37 5.17
CA ILE GF 928 21.94 -58.09 3.84
C ILE GF 928 20.46 -58.45 3.85
N SER GF 929 19.70 -57.85 2.94
CA SER GF 929 18.25 -57.96 2.99
C SER GF 929 17.65 -58.44 1.68
N ILE GF 930 18.12 -59.58 1.18
CA ILE GF 930 17.54 -60.18 -0.02
C ILE GF 930 16.12 -60.64 0.32
N SER GF 931 15.17 -60.18 -0.47
CA SER GF 931 13.76 -60.54 -0.31
C SER GF 931 13.45 -61.69 -1.24
N ALA GF 932 12.98 -62.79 -0.67
CA ALA GF 932 12.68 -63.98 -1.45
C ALA GF 932 11.61 -64.79 -0.72
N TYR GF 933 11.04 -65.75 -1.42
CA TYR GF 933 9.92 -66.55 -0.93
C TYR GF 933 10.29 -68.03 -0.97
N ALA GF 934 9.29 -68.88 -0.78
CA ALA GF 934 9.49 -70.33 -0.74
C ALA GF 934 8.73 -71.00 -1.89
N ILE GF 935 9.33 -72.06 -2.43
CA ILE GF 935 8.69 -72.95 -3.37
C ILE GF 935 8.87 -74.38 -2.88
N ASP GF 936 7.92 -75.25 -3.22
CA ASP GF 936 7.96 -76.61 -2.72
C ASP GF 936 9.02 -77.43 -3.46
N PRO GF 937 9.90 -78.12 -2.75
CA PRO GF 937 10.89 -78.98 -3.41
C PRO GF 937 10.24 -80.18 -4.07
N ASN GF 938 10.85 -80.62 -5.17
CA ASN GF 938 10.51 -81.77 -6.01
C ASN GF 938 9.17 -81.64 -6.72
N THR GF 939 8.47 -80.53 -6.58
CA THR GF 939 7.25 -80.29 -7.34
C THR GF 939 7.49 -79.05 -8.17
N ALA GF 940 8.39 -78.20 -7.66
CA ALA GF 940 8.76 -76.90 -8.23
C ALA GF 940 7.53 -76.02 -8.39
N ARG GF 941 6.67 -76.06 -7.38
CA ARG GF 941 5.41 -75.32 -7.37
C ARG GF 941 5.33 -74.51 -6.09
N THR GF 942 4.26 -73.73 -5.99
CA THR GF 942 4.09 -72.79 -4.90
C THR GF 942 3.22 -73.31 -3.77
N ALA GF 943 2.76 -74.55 -3.83
CA ALA GF 943 1.83 -75.06 -2.84
C ALA GF 943 2.53 -75.33 -1.52
N LEU GF 944 1.73 -75.39 -0.45
CA LEU GF 944 2.21 -75.71 0.88
C LEU GF 944 1.85 -77.15 1.22
N ALA GF 945 2.83 -77.90 1.70
CA ALA GF 945 2.65 -79.31 2.04
C ALA GF 945 2.03 -79.43 3.43
N SER GF 946 0.70 -79.36 3.47
CA SER GF 946 -0.06 -79.50 4.71
C SER GF 946 -1.48 -79.91 4.37
N ARG GF 947 -2.36 -79.76 5.37
CA ARG GF 947 -3.77 -80.08 5.25
C ARG GF 947 -4.59 -78.82 4.98
N THR GF 948 -5.82 -79.02 4.48
CA THR GF 948 -6.71 -77.92 4.19
C THR GF 948 -8.13 -78.13 4.71
N ASN GF 949 -8.47 -79.31 5.21
CA ASN GF 949 -9.83 -79.62 5.63
C ASN GF 949 -10.03 -79.47 7.13
N HIS GF 950 -9.43 -78.45 7.73
CA HIS GF 950 -9.36 -78.35 9.18
C HIS GF 950 -10.69 -77.98 9.83
N HIS GF 951 -11.40 -76.99 9.28
CA HIS GF 951 -12.56 -76.43 9.98
C HIS GF 951 -13.75 -76.29 9.05
N TYR GF 952 -14.02 -77.32 8.24
CA TYR GF 952 -15.25 -77.36 7.45
C TYR GF 952 -16.36 -78.10 8.17
N LEU GF 953 -16.07 -79.33 8.59
CA LEU GF 953 -17.10 -80.24 9.08
C LEU GF 953 -17.62 -79.81 10.45
N MET GF 954 -16.79 -79.12 11.24
CA MET GF 954 -17.21 -78.65 12.55
C MET GF 954 -18.35 -77.65 12.46
N ARG GF 955 -18.14 -76.59 11.66
CA ARG GF 955 -19.17 -75.58 11.50
C ARG GF 955 -20.35 -76.10 10.68
N TYR GF 956 -20.08 -76.98 9.71
CA TYR GF 956 -21.15 -77.58 8.91
C TYR GF 956 -22.10 -78.41 9.78
N GLY GF 957 -21.53 -79.26 10.64
CA GLY GF 957 -22.36 -80.09 11.49
C GLY GF 957 -23.09 -79.30 12.54
N SER GF 958 -22.44 -78.27 13.11
CA SER GF 958 -23.12 -77.44 14.10
C SER GF 958 -24.31 -76.69 13.50
N LEU GF 959 -24.11 -76.12 12.30
CA LEU GF 959 -25.18 -75.39 11.63
C LEU GF 959 -26.33 -76.32 11.25
N PHE GF 960 -26.01 -77.50 10.72
CA PHE GF 960 -27.05 -78.43 10.29
C PHE GF 960 -27.83 -78.99 11.48
N ALA GF 961 -27.15 -79.23 12.61
CA ALA GF 961 -27.85 -79.70 13.81
C ALA GF 961 -28.78 -78.63 14.36
N SER GF 962 -28.33 -77.37 14.38
CA SER GF 962 -29.19 -76.26 14.83
C SER GF 962 -30.41 -76.11 13.94
N SER GF 963 -30.20 -76.24 12.61
CA SER GF 963 -31.31 -76.22 11.67
C SER GF 963 -32.31 -77.32 11.96
N PHE GF 964 -31.83 -78.57 12.06
CA PHE GF 964 -32.71 -79.73 12.29
C PHE GF 964 -33.49 -79.59 13.59
N LEU GF 965 -32.89 -78.98 14.61
CA LEU GF 965 -33.60 -78.69 15.85
C LEU GF 965 -34.75 -77.71 15.61
N GLN GF 966 -34.46 -76.62 14.87
CA GLN GF 966 -35.51 -75.63 14.55
C GLN GF 966 -36.67 -76.27 13.80
N GLY GF 967 -36.33 -77.10 12.80
CA GLY GF 967 -37.35 -77.75 11.99
C GLY GF 967 -38.18 -78.75 12.77
N PHE GF 968 -37.55 -79.48 13.70
CA PHE GF 968 -38.29 -80.46 14.48
C PHE GF 968 -39.28 -79.80 15.39
N GLY GF 969 -38.85 -78.73 16.04
CA GLY GF 969 -39.76 -78.03 16.92
C GLY GF 969 -40.93 -77.41 16.19
N ASN GF 970 -40.67 -76.70 15.07
CA ASN GF 970 -41.77 -76.04 14.39
C ASN GF 970 -42.72 -77.03 13.69
N ALA GF 971 -42.18 -78.06 13.02
CA ALA GF 971 -43.07 -78.94 12.28
C ALA GF 971 -43.82 -79.89 13.19
N PHE GF 972 -43.19 -80.39 14.26
CA PHE GF 972 -43.96 -81.21 15.17
C PHE GF 972 -44.81 -80.38 16.12
N GLN GF 973 -44.62 -79.05 16.16
CA GLN GF 973 -45.64 -78.19 16.74
C GLN GF 973 -46.83 -78.04 15.80
N SER GF 974 -46.56 -77.91 14.50
CA SER GF 974 -47.63 -77.72 13.52
C SER GF 974 -48.45 -79.00 13.35
N ALA GF 975 -47.85 -80.15 13.59
CA ALA GF 975 -48.52 -81.43 13.40
C ALA GF 975 -49.32 -81.87 14.62
N ASN GF 976 -49.58 -80.96 15.57
CA ASN GF 976 -50.34 -81.31 16.77
C ASN GF 976 -51.80 -81.61 16.45
N THR GF 977 -52.47 -80.75 15.69
CA THR GF 977 -53.85 -81.04 15.30
C THR GF 977 -53.89 -82.11 14.22
N THR GF 978 -52.84 -82.21 13.42
CA THR GF 978 -52.78 -83.21 12.37
C THR GF 978 -51.89 -84.37 12.79
N SER GF 999 -47.18 -85.71 25.37
CA SER GF 999 -46.50 -85.14 26.52
C SER GF 999 -45.00 -85.02 26.26
N THR GF 1000 -44.32 -86.17 26.22
CA THR GF 1000 -42.88 -86.18 25.96
C THR GF 1000 -42.56 -85.75 24.54
N LEU GF 1001 -43.45 -86.07 23.59
CA LEU GF 1001 -43.29 -85.57 22.23
C LEU GF 1001 -43.43 -84.06 22.19
N GLU GF 1002 -44.35 -83.52 23.01
CA GLU GF 1002 -44.49 -82.08 23.13
C GLU GF 1002 -43.25 -81.45 23.77
N ASN GF 1003 -42.60 -82.17 24.70
CA ASN GF 1003 -41.36 -81.67 25.28
C ASN GF 1003 -40.22 -81.71 24.27
N ALA GF 1004 -40.24 -82.68 23.36
CA ALA GF 1004 -39.29 -82.67 22.24
C ALA GF 1004 -39.51 -81.47 21.33
N VAL GF 1005 -40.79 -81.16 21.05
CA VAL GF 1005 -41.17 -79.94 20.32
C VAL GF 1005 -40.60 -78.72 21.01
N ILE GF 1006 -40.74 -78.68 22.34
CA ILE GF 1006 -40.25 -77.58 23.18
C ILE GF 1006 -38.75 -77.39 23.00
N GLY GF 1007 -37.98 -78.48 23.18
CA GLY GF 1007 -36.55 -78.35 23.29
C GLY GF 1007 -35.94 -77.99 21.96
N LEU GF 1008 -36.38 -78.67 20.91
CA LEU GF 1008 -35.81 -78.43 19.60
C LEU GF 1008 -36.29 -77.09 19.03
N ALA GF 1009 -37.56 -76.73 19.29
CA ALA GF 1009 -38.16 -75.47 18.86
C ALA GF 1009 -37.43 -74.27 19.44
N THR GF 1010 -36.89 -74.39 20.64
CA THR GF 1010 -36.25 -73.20 21.15
C THR GF 1010 -34.73 -73.22 21.08
N VAL GF 1011 -34.07 -74.38 21.09
CA VAL GF 1011 -32.62 -74.37 20.96
C VAL GF 1011 -32.16 -74.40 19.51
N GLY GF 1012 -33.07 -74.57 18.54
CA GLY GF 1012 -32.66 -74.45 17.15
C GLY GF 1012 -32.26 -73.04 16.77
N LYS GF 1013 -33.03 -72.05 17.22
CA LYS GF 1013 -32.96 -70.71 16.63
C LYS GF 1013 -31.70 -69.96 17.06
N ALA GF 1014 -31.43 -69.93 18.37
CA ALA GF 1014 -30.26 -69.22 18.89
C ALA GF 1014 -28.98 -69.85 18.41
N TRP GF 1015 -28.92 -71.19 18.40
CA TRP GF 1015 -27.76 -71.88 17.87
C TRP GF 1015 -27.65 -71.68 16.36
N SER GF 1016 -28.77 -71.50 15.66
CA SER GF 1016 -28.72 -71.25 14.22
C SER GF 1016 -28.11 -69.88 13.90
N GLN GF 1017 -28.57 -68.84 14.61
CA GLN GF 1017 -28.00 -67.51 14.34
C GLN GF 1017 -26.56 -67.42 14.82
N GLN GF 1018 -26.20 -68.09 15.93
CA GLN GF 1018 -24.81 -68.08 16.35
C GLN GF 1018 -23.94 -68.93 15.44
N ALA GF 1019 -24.51 -69.97 14.81
CA ALA GF 1019 -23.74 -70.77 13.86
C ALA GF 1019 -23.49 -70.00 12.57
N GLN GF 1020 -24.48 -69.23 12.12
CA GLN GF 1020 -24.24 -68.33 10.99
C GLN GF 1020 -23.28 -67.22 11.37
N GLN GF 1021 -23.24 -66.84 12.64
CA GLN GF 1021 -22.24 -65.90 13.12
C GLN GF 1021 -20.83 -66.51 13.04
N LEU GF 1022 -20.67 -67.75 13.50
CA LEU GF 1022 -19.35 -68.37 13.58
C LEU GF 1022 -18.95 -69.06 12.28
N PHE GF 1023 -19.80 -69.02 11.26
CA PHE GF 1023 -19.56 -69.84 10.07
C PHE GF 1023 -18.46 -69.27 9.18
N ASN GF 1024 -17.99 -68.06 9.47
CA ASN GF 1024 -17.02 -67.37 8.63
C ASN GF 1024 -15.58 -67.72 8.94
N THR GF 1025 -15.32 -68.60 9.91
CA THR GF 1025 -13.93 -68.88 10.31
C THR GF 1025 -13.25 -69.76 9.28
N PRO GF 1026 -12.11 -69.33 8.73
CA PRO GF 1026 -11.44 -70.11 7.68
C PRO GF 1026 -10.72 -71.33 8.27
N THR GF 1027 -10.53 -72.33 7.42
CA THR GF 1027 -9.76 -73.52 7.76
C THR GF 1027 -8.28 -73.15 7.72
N THR GF 1028 -7.58 -73.39 8.81
CA THR GF 1028 -6.21 -72.93 8.91
C THR GF 1028 -5.23 -73.99 8.40
N VAL GF 1029 -4.06 -73.52 7.97
CA VAL GF 1029 -2.98 -74.36 7.48
C VAL GF 1029 -1.77 -74.15 8.37
N GLU GF 1030 -0.81 -75.07 8.29
CA GLU GF 1030 0.38 -74.98 9.13
C GLU GF 1030 1.54 -75.67 8.45
N VAL GF 1031 2.67 -74.96 8.32
CA VAL GF 1031 3.90 -75.55 7.81
C VAL GF 1031 4.46 -76.55 8.81
N TYR GF 1032 5.40 -77.37 8.35
CA TYR GF 1032 5.99 -78.37 9.23
C TYR GF 1032 7.42 -77.99 9.57
N SER GF 1033 7.93 -78.57 10.67
CA SER GF 1033 9.23 -78.19 11.20
C SER GF 1033 10.36 -79.13 10.77
N GLY GF 1034 10.14 -79.96 9.76
CA GLY GF 1034 11.16 -80.92 9.36
C GLY GF 1034 11.30 -81.08 7.87
N THR GF 1035 11.00 -80.02 7.12
CA THR GF 1035 11.03 -80.05 5.66
C THR GF 1035 11.97 -78.95 5.18
N GLY GF 1036 12.65 -79.20 4.07
CA GLY GF 1036 13.42 -78.17 3.40
C GLY GF 1036 12.52 -77.25 2.59
N LEU GF 1037 13.16 -76.26 1.98
CA LEU GF 1037 12.45 -75.32 1.13
C LEU GF 1037 13.39 -74.88 0.01
N GLY GF 1038 12.77 -74.34 -1.06
CA GLY GF 1038 13.50 -73.75 -2.15
C GLY GF 1038 13.32 -72.24 -2.16
N ILE GF 1039 14.41 -71.54 -2.44
CA ILE GF 1039 14.43 -70.09 -2.45
C ILE GF 1039 14.97 -69.64 -3.80
N LEU GF 1040 14.12 -68.95 -4.57
CA LEU GF 1040 14.57 -68.33 -5.80
C LEU GF 1040 14.85 -66.86 -5.53
N PHE GF 1041 15.95 -66.38 -6.07
CA PHE GF 1041 16.38 -65.01 -5.81
C PHE GF 1041 15.54 -64.03 -6.62
N THR GF 1042 15.51 -62.80 -6.15
CA THR GF 1042 14.80 -61.71 -6.80
C THR GF 1042 15.71 -60.54 -7.15
N GLN GF 1043 16.68 -60.24 -6.30
CA GLN GF 1043 17.63 -59.17 -6.53
C GLN GF 1043 19.05 -59.71 -6.39
N ASP GF 1044 20.02 -58.81 -6.57
CA ASP GF 1044 21.43 -59.15 -6.49
C ASP GF 1044 22.02 -58.68 -5.16
N VAL GF 1045 22.94 -59.48 -4.61
CA VAL GF 1045 23.72 -59.11 -3.42
C VAL GF 1045 25.17 -59.46 -3.68
N THR GF 1046 26.01 -59.23 -2.67
CA THR GF 1046 27.44 -59.49 -2.79
C THR GF 1046 27.96 -60.26 -1.58
N GLY HF 26 24.23 -95.90 -18.65
CA GLY HF 26 25.63 -96.00 -19.02
C GLY HF 26 26.22 -94.68 -19.47
N ASP HF 27 27.47 -94.43 -19.09
CA ASP HF 27 28.16 -93.20 -19.43
C ASP HF 27 29.42 -93.39 -20.26
N THR HF 28 30.05 -94.57 -20.22
CA THR HF 28 31.21 -94.83 -21.06
C THR HF 28 30.80 -95.36 -22.42
N GLY HF 29 29.90 -96.35 -22.44
CA GLY HF 29 29.19 -96.71 -23.64
C GLY HF 29 27.86 -95.97 -23.65
N SER HF 30 27.95 -94.64 -23.56
CA SER HF 30 26.77 -93.83 -23.33
C SER HF 30 25.88 -93.71 -24.55
N LEU HF 31 26.30 -94.22 -25.71
CA LEU HF 31 25.35 -94.39 -26.81
C LEU HF 31 24.24 -95.35 -26.40
N ALA HF 32 24.61 -96.54 -25.93
CA ALA HF 32 23.62 -97.46 -25.38
C ALA HF 32 23.09 -96.98 -24.04
N GLY HF 33 23.92 -96.25 -23.28
CA GLY HF 33 23.47 -95.71 -22.01
C GLY HF 33 22.34 -94.71 -22.16
N LEU HF 34 22.47 -93.78 -23.10
CA LEU HF 34 21.41 -92.84 -23.41
C LEU HF 34 20.30 -93.46 -24.23
N GLN HF 35 20.57 -94.56 -24.93
CA GLN HF 35 19.47 -95.36 -25.48
C GLN HF 35 18.59 -95.91 -24.37
N ALA HF 36 19.20 -96.32 -23.26
CA ALA HF 36 18.42 -96.69 -22.08
C ALA HF 36 17.78 -95.47 -21.42
N MET HF 37 18.53 -94.37 -21.33
CA MET HF 37 18.10 -93.18 -20.61
C MET HF 37 17.00 -92.41 -21.32
N ALA HF 38 16.81 -92.61 -22.63
CA ALA HF 38 15.74 -91.93 -23.34
C ALA HF 38 14.36 -92.44 -22.94
N ASP HF 39 14.27 -93.63 -22.36
CA ASP HF 39 13.01 -94.12 -21.84
C ASP HF 39 12.65 -93.35 -20.57
N SER HF 40 11.35 -93.11 -20.40
CA SER HF 40 10.85 -92.24 -19.34
C SER HF 40 10.80 -92.91 -17.97
N LYS HF 41 11.11 -94.22 -17.89
CA LYS HF 41 11.14 -94.91 -16.61
C LYS HF 41 12.22 -94.36 -15.69
N TYR HF 42 13.41 -94.07 -16.23
CA TYR HF 42 14.46 -93.48 -15.43
C TYR HF 42 14.13 -92.03 -15.05
N THR HF 43 13.45 -91.30 -15.93
CA THR HF 43 13.06 -89.93 -15.64
C THR HF 43 12.01 -89.87 -14.54
N ARG HF 44 11.08 -90.82 -14.53
CA ARG HF 44 10.11 -90.92 -13.45
C ARG HF 44 10.65 -91.69 -12.25
N ALA HF 45 11.85 -92.26 -12.35
CA ALA HF 45 12.52 -92.86 -11.21
C ALA HF 45 13.50 -91.93 -10.52
N GLN HF 46 13.90 -90.83 -11.17
CA GLN HF 46 14.77 -89.84 -10.53
C GLN HF 46 14.01 -88.83 -9.69
N LYS HF 47 12.67 -88.86 -9.70
CA LYS HF 47 11.89 -87.92 -8.93
C LYS HF 47 12.01 -88.15 -7.44
N LYS HF 48 12.36 -89.38 -7.04
CA LYS HF 48 12.58 -89.68 -5.64
C LYS HF 48 14.00 -89.38 -5.19
N GLN HF 49 14.91 -89.13 -6.13
CA GLN HF 49 16.29 -88.82 -5.78
C GLN HF 49 16.64 -87.35 -5.95
N LYS HF 50 15.82 -86.58 -6.67
CA LYS HF 50 16.06 -85.15 -6.81
C LYS HF 50 15.91 -84.42 -5.48
N MET HF 51 14.79 -84.65 -4.78
CA MET HF 51 14.66 -84.04 -3.46
C MET HF 51 15.54 -84.71 -2.43
N GLY HF 52 15.99 -85.94 -2.68
CA GLY HF 52 17.02 -86.52 -1.84
C GLY HF 52 18.34 -85.77 -1.93
N LYS HF 53 18.72 -85.39 -3.15
CA LYS HF 53 19.92 -84.55 -3.31
C LYS HF 53 19.68 -83.14 -2.78
N ILE HF 54 18.43 -82.68 -2.78
CA ILE HF 54 18.11 -81.41 -2.14
C ILE HF 54 18.29 -81.50 -0.63
N ARG HF 55 17.78 -82.57 -0.03
CA ARG HF 55 17.61 -82.65 1.42
C ARG HF 55 18.83 -83.23 2.14
N GLU HF 56 19.44 -84.27 1.59
CA GLU HF 56 20.41 -85.09 2.30
C GLU HF 56 21.71 -84.36 2.62
N MET HF 57 22.01 -83.27 1.90
CA MET HF 57 23.33 -82.66 1.91
C MET HF 57 23.69 -81.95 3.21
N ALA HF 58 22.75 -81.79 4.14
CA ALA HF 58 23.10 -81.20 5.42
C ALA HF 58 23.16 -82.24 6.54
N LEU HF 59 22.39 -83.33 6.40
CA LEU HF 59 22.45 -84.41 7.38
C LEU HF 59 23.81 -85.07 7.40
N LYS HF 60 24.46 -85.17 6.23
CA LYS HF 60 25.83 -85.66 6.18
C LYS HF 60 26.79 -84.72 6.90
N GLU HF 61 26.56 -83.41 6.81
CA GLU HF 61 27.39 -82.46 7.53
C GLU HF 61 27.22 -82.60 9.03
N THR HF 62 25.97 -82.80 9.48
CA THR HF 62 25.73 -83.02 10.91
C THR HF 62 26.37 -84.29 11.40
N ALA HF 63 26.27 -85.37 10.62
CA ALA HF 63 26.86 -86.64 10.98
C ALA HF 63 28.38 -86.56 11.04
N LEU HF 64 28.98 -85.86 10.06
CA LEU HF 64 30.43 -85.67 10.05
C LEU HF 64 30.88 -84.83 11.23
N SER HF 65 30.12 -83.79 11.59
CA SER HF 65 30.50 -82.94 12.72
C SER HF 65 30.44 -83.68 14.03
N VAL HF 66 29.35 -84.42 14.27
CA VAL HF 66 29.23 -85.12 15.54
C VAL HF 66 30.22 -86.29 15.61
N GLY HF 67 30.50 -86.93 14.47
CA GLY HF 67 31.51 -87.99 14.46
C GLY HF 67 32.90 -87.45 14.72
N ALA HF 68 33.21 -86.27 14.16
CA ALA HF 68 34.50 -85.64 14.40
C ALA HF 68 34.66 -85.29 15.87
N GLN HF 69 33.61 -84.74 16.48
CA GLN HF 69 33.65 -84.39 17.90
C GLN HF 69 33.86 -85.64 18.76
N ALA HF 70 33.06 -86.68 18.52
CA ALA HF 70 33.09 -87.87 19.36
C ALA HF 70 34.39 -88.64 19.21
N GLY HF 71 34.82 -88.85 17.96
CA GLY HF 71 36.07 -89.56 17.74
C GLY HF 71 37.29 -88.80 18.22
N LEU HF 72 37.27 -87.46 18.06
CA LEU HF 72 38.37 -86.65 18.53
C LEU HF 72 38.49 -86.69 20.05
N ALA HF 73 37.35 -86.55 20.74
CA ALA HF 73 37.38 -86.59 22.19
C ALA HF 73 37.77 -87.96 22.73
N TRP HF 74 37.23 -89.03 22.12
CA TRP HF 74 37.55 -90.38 22.55
C TRP HF 74 39.01 -90.70 22.34
N ARG HF 75 39.53 -90.35 21.16
CA ARG HF 75 40.93 -90.63 20.85
C ARG HF 75 41.87 -89.80 21.70
N ALA HF 76 41.49 -88.56 22.01
CA ALA HF 76 42.29 -87.72 22.91
C ALA HF 76 42.35 -88.32 24.30
N LYS HF 77 41.23 -88.83 24.81
CA LYS HF 77 41.24 -89.47 26.12
C LYS HF 77 42.09 -90.73 26.12
N ILE HF 78 42.00 -91.52 25.04
CA ILE HF 78 42.77 -92.75 24.92
C ILE HF 78 44.26 -92.46 24.89
N ILE HF 79 44.65 -91.45 24.11
CA ILE HF 79 46.07 -91.16 23.96
C ILE HF 79 46.62 -90.48 25.21
N ASP HF 80 45.79 -89.76 25.96
CA ASP HF 80 46.25 -89.21 27.22
C ASP HF 80 46.48 -90.30 28.25
N GLU HF 81 45.57 -91.29 28.31
CA GLU HF 81 45.76 -92.41 29.22
C GLU HF 81 46.99 -93.23 28.85
N GLN HF 82 47.19 -93.45 27.55
CA GLN HF 82 48.36 -94.21 27.10
C GLN HF 82 49.66 -93.45 27.35
N LEU HF 83 49.64 -92.12 27.23
CA LEU HF 83 50.82 -91.34 27.55
C LEU HF 83 51.13 -91.37 29.03
N ASN HF 84 50.09 -91.30 29.87
CA ASN HF 84 50.27 -91.38 31.32
C ASN HF 84 50.74 -92.76 31.75
N LYS HF 85 50.45 -93.79 30.96
CA LYS HF 85 50.86 -95.16 31.29
C LYS HF 85 52.38 -95.30 31.36
N GLN HF 86 53.10 -94.68 30.43
CA GLN HF 86 54.53 -94.91 30.36
C GLN HF 86 55.30 -93.63 30.64
N ALA HF 87 54.92 -92.93 31.70
CA ALA HF 87 55.49 -91.62 31.99
C ALA HF 87 56.95 -91.69 32.44
N ARG HF 88 57.40 -92.83 32.96
CA ARG HF 88 58.73 -92.91 33.56
C ARG HF 88 59.83 -92.79 32.50
N ASN HF 89 59.62 -93.41 31.34
CA ASN HF 89 60.64 -93.38 30.31
C ASN HF 89 60.77 -92.01 29.66
N LEU HF 90 59.72 -91.19 29.73
CA LEU HF 90 59.78 -89.84 29.17
C LEU HF 90 60.78 -88.98 29.92
N ASP HF 91 60.66 -88.93 31.25
CA ASP HF 91 61.64 -88.20 32.04
C ASP HF 91 62.98 -88.93 32.09
N ALA HF 92 62.98 -90.24 31.87
CA ALA HF 92 64.24 -90.98 31.77
C ALA HF 92 65.03 -90.54 30.55
N ILE HF 93 64.37 -90.30 29.43
CA ILE HF 93 65.12 -89.91 28.24
C ILE HF 93 65.31 -88.39 28.16
N TYR HF 94 64.44 -87.60 28.76
CA TYR HF 94 64.53 -86.15 28.62
C TYR HF 94 65.00 -85.52 29.93
N ASP HF 95 66.32 -85.48 30.09
CA ASP HF 95 66.93 -84.85 31.25
C ASP HF 95 67.46 -83.48 30.85
N PHE HF 96 66.56 -82.50 30.90
CA PHE HF 96 66.99 -81.11 30.76
C PHE HF 96 67.78 -80.66 31.98
N ASN HF 97 67.51 -81.26 33.14
CA ASN HF 97 68.19 -80.90 34.38
C ASN HF 97 69.67 -81.23 34.31
N SER HF 98 70.04 -82.29 33.58
CA SER HF 98 71.45 -82.50 33.29
C SER HF 98 71.98 -81.49 32.30
N LEU HF 99 71.12 -80.98 31.43
CA LEU HF 99 71.55 -80.02 30.41
C LEU HF 99 71.60 -78.59 30.93
N VAL HF 100 71.17 -78.36 32.16
CA VAL HF 100 71.26 -77.04 32.77
C VAL HF 100 72.73 -76.70 32.98
N LEU HF 101 73.12 -75.51 32.53
CA LEU HF 101 74.49 -75.05 32.67
C LEU HF 101 74.78 -74.64 34.10
N GLU HF 102 76.04 -74.28 34.37
CA GLU HF 102 76.53 -74.16 35.74
C GLU HF 102 76.00 -72.93 36.47
N HIS HF 103 75.46 -71.95 35.74
CA HIS HF 103 74.87 -70.77 36.37
C HIS HF 103 73.35 -70.79 36.29
N ASN HF 104 72.76 -72.00 36.21
CA ASN HF 104 71.32 -72.22 36.11
C ASN HF 104 70.73 -71.48 34.90
N ILE HF 105 71.38 -71.64 33.76
CA ILE HF 105 71.04 -70.92 32.55
C ILE HF 105 70.75 -71.92 31.44
N LEU HF 106 69.63 -71.73 30.75
CA LEU HF 106 69.24 -72.62 29.68
C LEU HF 106 70.20 -72.50 28.51
N PRO HF 107 70.76 -73.61 28.01
CA PRO HF 107 71.58 -73.54 26.81
C PRO HF 107 70.72 -73.19 25.60
N PRO HF 108 71.28 -72.51 24.61
CA PRO HF 108 70.49 -72.04 23.47
C PRO HF 108 70.19 -73.17 22.50
N VAL HF 109 69.51 -72.80 21.41
CA VAL HF 109 69.07 -73.75 20.39
C VAL HF 109 69.80 -73.43 19.10
N LEU HF 110 70.38 -74.46 18.49
CA LEU HF 110 71.16 -74.30 17.27
C LEU HF 110 70.55 -75.12 16.14
N LEU HF 111 70.70 -74.61 14.92
CA LEU HF 111 70.20 -75.25 13.72
C LEU HF 111 71.28 -75.29 12.66
N GLU HF 112 71.23 -76.31 11.82
CA GLU HF 112 72.21 -76.46 10.77
C GLU HF 112 71.54 -76.97 9.50
N GLY HF 113 72.25 -76.83 8.39
CA GLY HF 113 71.82 -77.33 7.11
C GLY HF 113 73.00 -77.80 6.28
N ARG HF 114 72.81 -78.86 5.51
CA ARG HF 114 73.86 -79.47 4.71
C ARG HF 114 73.45 -79.54 3.24
N ASN HF 115 74.36 -79.08 2.37
CA ASN HF 115 74.22 -79.11 0.90
C ASN HF 115 72.95 -78.37 0.46
N THR HF 116 72.96 -77.07 0.69
CA THR HF 116 71.85 -76.22 0.32
C THR HF 116 72.07 -75.66 -1.08
N LEU HF 117 71.00 -75.59 -1.86
CA LEU HF 117 71.03 -74.99 -3.18
C LEU HF 117 69.88 -74.01 -3.31
N ASN HF 118 70.19 -72.78 -3.69
CA ASN HF 118 69.19 -71.76 -3.93
C ASN HF 118 69.28 -71.28 -5.37
N LEU HF 119 68.14 -71.31 -6.05
CA LEU HF 119 67.98 -70.72 -7.37
C LEU HF 119 66.93 -69.64 -7.26
N ALA HF 120 67.36 -68.38 -7.27
CA ALA HF 120 66.38 -67.30 -7.30
C ALA HF 120 65.70 -67.23 -8.65
N ASP HF 121 66.49 -67.30 -9.72
CA ASP HF 121 65.99 -67.22 -11.09
C ASP HF 121 67.07 -67.81 -11.98
N ALA HF 122 66.97 -67.56 -13.29
CA ALA HF 122 68.07 -67.87 -14.17
C ALA HF 122 69.25 -66.95 -13.89
N GLN HF 123 70.43 -67.37 -14.37
CA GLN HF 123 71.71 -66.66 -14.20
C GLN HF 123 72.06 -66.42 -12.74
N SER HF 124 71.60 -67.28 -11.84
CA SER HF 124 71.78 -67.05 -10.41
C SER HF 124 71.66 -68.37 -9.67
N ILE HF 125 72.78 -68.89 -9.19
CA ILE HF 125 72.80 -70.09 -8.36
C ILE HF 125 73.69 -69.82 -7.17
N ARG HF 126 73.19 -70.14 -5.97
CA ARG HF 126 73.97 -70.01 -4.75
C ARG HF 126 73.99 -71.35 -4.03
N ILE HF 127 75.18 -71.88 -3.80
CA ILE HF 127 75.29 -73.16 -3.11
C ILE HF 127 75.85 -72.91 -1.72
N SER HF 128 75.68 -73.91 -0.87
CA SER HF 128 76.25 -73.88 0.47
C SER HF 128 76.54 -75.30 0.92
N ASP HF 129 77.75 -75.53 1.42
CA ASP HF 129 78.07 -76.83 1.99
C ASP HF 129 77.31 -77.06 3.28
N ARG HF 130 77.53 -76.21 4.28
CA ARG HF 130 76.81 -76.26 5.53
C ARG HF 130 76.55 -74.84 6.00
N THR HF 131 75.50 -74.70 6.80
CA THR HF 131 75.20 -73.41 7.40
C THR HF 131 74.59 -73.62 8.78
N TYR HF 132 74.75 -72.63 9.64
CA TYR HF 132 74.28 -72.72 11.02
C TYR HF 132 73.55 -71.45 11.41
N LYS HF 133 72.59 -71.61 12.31
CA LYS HF 133 71.68 -70.54 12.73
C LYS HF 133 71.40 -70.67 14.21
N VAL HF 134 71.52 -69.57 14.94
CA VAL HF 134 71.08 -69.51 16.32
C VAL HF 134 69.56 -69.35 16.30
N ALA HF 135 68.84 -70.40 16.70
CA ALA HF 135 67.38 -70.36 16.65
C ALA HF 135 66.82 -69.62 17.85
N LYS HF 136 67.10 -70.11 19.05
CA LYS HF 136 66.62 -69.49 20.29
C LYS HF 136 67.81 -69.08 21.14
N GLN HF 137 67.81 -67.83 21.58
CA GLN HF 137 68.89 -67.33 22.39
C GLN HF 137 68.83 -67.92 23.80
N ALA HF 138 70.00 -68.20 24.37
CA ALA HF 138 70.10 -68.68 25.74
C ALA HF 138 69.61 -67.63 26.73
N HIS HF 139 69.05 -68.12 27.84
CA HIS HF 139 68.59 -67.24 28.91
C HIS HF 139 68.61 -68.01 30.23
N PHE HF 140 68.32 -67.28 31.30
CA PHE HF 140 68.23 -67.89 32.62
C PHE HF 140 66.96 -68.69 32.77
N ILE HF 141 66.97 -69.62 33.72
CA ILE HF 141 65.83 -70.48 34.01
C ILE HF 141 65.72 -70.69 35.50
N THR HF 142 64.50 -70.61 36.01
CA THR HF 142 64.23 -71.07 37.36
C THR HF 142 64.32 -72.59 37.44
N THR HF 143 63.66 -73.28 36.52
CA THR HF 143 63.49 -74.72 36.57
C THR HF 143 63.71 -75.31 35.19
N PRO HF 144 64.13 -76.57 35.11
CA PRO HF 144 64.14 -77.25 33.83
C PRO HF 144 62.72 -77.49 33.35
N PRO HF 145 62.51 -77.60 32.04
CA PRO HF 145 61.17 -77.88 31.52
C PRO HF 145 60.80 -79.35 31.70
N THR HF 146 59.65 -79.71 31.15
CA THR HF 146 59.20 -81.09 31.15
C THR HF 146 58.52 -81.39 29.82
N TRP HF 147 58.34 -82.69 29.58
CA TRP HF 147 57.62 -83.15 28.41
C TRP HF 147 56.13 -82.85 28.50
N ARG HF 148 55.62 -82.56 29.69
CA ARG HF 148 54.20 -82.26 29.84
C ARG HF 148 53.85 -80.90 29.24
N GLN HF 149 54.81 -80.01 29.07
CA GLN HF 149 54.58 -78.74 28.40
C GLN HF 149 54.53 -78.87 26.88
N TYR HF 150 54.81 -80.02 26.36
CA TYR HF 150 54.91 -80.20 24.92
C TYR HF 150 54.02 -81.32 24.40
N LEU HF 151 53.85 -82.38 25.16
CA LEU HF 151 53.22 -83.59 24.66
C LEU HF 151 51.89 -83.89 25.32
N TRP HF 152 51.50 -83.16 26.35
CA TRP HF 152 50.24 -83.46 27.02
C TRP HF 152 49.08 -82.99 26.16
N MET HF 153 48.23 -83.93 25.75
CA MET HF 153 47.04 -83.59 25.00
C MET HF 153 46.01 -82.98 25.94
N ASP HF 154 45.41 -81.88 25.51
CA ASP HF 154 44.30 -81.31 26.26
C ASP HF 154 43.06 -82.18 26.07
N TYR HF 155 42.23 -82.21 27.10
CA TYR HF 155 41.05 -83.07 27.08
C TYR HF 155 39.95 -82.49 27.93
N VAL HF 156 38.76 -82.40 27.36
CA VAL HF 156 37.54 -82.06 28.09
C VAL HF 156 36.51 -83.11 27.70
N LYS HF 157 35.45 -83.20 28.48
CA LYS HF 157 34.36 -84.13 28.19
C LYS HF 157 33.13 -83.34 27.77
N PRO HF 158 32.86 -83.21 26.48
CA PRO HF 158 31.58 -82.62 26.07
C PRO HF 158 30.49 -83.67 25.96
N GLU HF 159 29.40 -83.50 26.69
CA GLU HF 159 28.29 -84.46 26.68
C GLU HF 159 27.01 -83.85 26.15
N ALA HF 160 27.11 -83.04 25.10
CA ALA HF 160 25.95 -82.33 24.55
C ALA HF 160 25.84 -82.63 23.08
N PRO HF 161 25.24 -83.77 22.71
CA PRO HF 161 24.94 -84.01 21.30
C PRO HF 161 23.70 -83.24 20.89
N ASN HF 162 23.91 -82.13 20.21
CA ASN HF 162 22.82 -81.25 19.83
C ASN HF 162 22.31 -81.67 18.45
N VAL HF 163 21.08 -82.14 18.39
CA VAL HF 163 20.51 -82.70 17.18
C VAL HF 163 19.45 -81.75 16.66
N THR HF 164 19.60 -81.34 15.40
CA THR HF 164 18.59 -80.55 14.71
C THR HF 164 17.94 -81.32 13.57
N LEU HF 165 18.70 -82.11 12.83
CA LEU HF 165 18.19 -82.85 11.69
C LEU HF 165 17.92 -84.29 12.11
N LEU HF 166 16.80 -84.83 11.65
CA LEU HF 166 16.36 -86.15 12.06
C LEU HF 166 16.13 -87.02 10.82
N PRO HF 167 16.85 -88.12 10.65
CA PRO HF 167 16.52 -89.06 9.58
C PRO HF 167 15.21 -89.77 9.86
N LYS HF 168 14.54 -90.18 8.79
CA LYS HF 168 13.21 -90.77 8.90
C LYS HF 168 13.22 -92.28 8.70
N THR HF 169 13.75 -92.74 7.57
CA THR HF 169 13.73 -94.15 7.21
C THR HF 169 15.13 -94.75 7.27
N LYS HF 170 15.20 -96.01 6.87
CA LYS HF 170 16.39 -96.83 7.12
C LYS HF 170 17.56 -96.40 6.25
N ALA HF 171 17.31 -95.94 5.02
CA ALA HF 171 18.38 -95.55 4.12
C ALA HF 171 19.12 -94.32 4.64
N GLU HF 172 18.36 -93.28 5.02
CA GLU HF 172 18.99 -92.07 5.54
C GLU HF 172 19.61 -92.32 6.90
N LYS HF 173 18.98 -93.17 7.73
CA LYS HF 173 19.58 -93.52 9.02
C LYS HF 173 20.91 -94.24 8.83
N GLU HF 174 20.98 -95.17 7.88
CA GLU HF 174 22.20 -95.96 7.69
C GLU HF 174 23.31 -95.12 7.06
N ILE HF 175 22.98 -94.26 6.10
CA ILE HF 175 24.03 -93.41 5.54
C ILE HF 175 24.47 -92.37 6.56
N TRP HF 176 23.57 -91.95 7.46
CA TRP HF 176 23.96 -91.09 8.56
C TRP HF 176 24.91 -91.81 9.51
N CYS HF 177 24.66 -93.10 9.76
CA CYS HF 177 25.55 -93.92 10.58
C CYS HF 177 26.95 -93.99 9.96
N ILE HF 178 27.03 -94.26 8.66
CA ILE HF 178 28.34 -94.45 8.07
C ILE HF 178 29.06 -93.12 7.91
N TYR HF 179 28.32 -92.01 7.75
CA TYR HF 179 28.97 -90.70 7.71
C TYR HF 179 29.50 -90.31 9.09
N THR HF 180 28.77 -90.69 10.14
CA THR HF 180 29.26 -90.46 11.50
C THR HF 180 30.52 -91.28 11.78
N GLU HF 181 30.56 -92.51 11.26
CA GLU HF 181 31.75 -93.35 11.40
C GLU HF 181 32.94 -92.75 10.66
N ARG HF 182 32.69 -92.19 9.48
CA ARG HF 182 33.75 -91.49 8.73
C ARG HF 182 34.27 -90.28 9.51
N GLY HF 183 33.37 -89.53 10.14
CA GLY HF 183 33.80 -88.42 10.97
C GLY HF 183 34.61 -88.85 12.18
N TRP HF 184 34.24 -90.00 12.76
CA TRP HF 184 35.03 -90.60 13.84
C TRP HF 184 36.45 -90.90 13.38
N LYS HF 185 36.59 -91.45 12.18
CA LYS HF 185 37.91 -91.73 11.62
C LYS HF 185 38.69 -90.44 11.40
N ASN HF 186 38.01 -89.40 10.90
CA ASN HF 186 38.66 -88.12 10.66
C ASN HF 186 39.15 -87.48 11.95
N GLY HF 187 38.36 -87.59 13.02
CA GLY HF 187 38.79 -87.06 14.30
C GLY HF 187 39.98 -87.79 14.88
N ILE HF 188 40.03 -89.11 14.68
CA ILE HF 188 41.20 -89.89 15.08
C ILE HF 188 42.44 -89.44 14.32
N ASP HF 189 42.28 -89.22 13.01
CA ASP HF 189 43.41 -88.74 12.20
C ASP HF 189 43.87 -87.36 12.64
N GLN HF 190 42.92 -86.51 13.01
CA GLN HF 190 43.25 -85.18 13.52
C GLN HF 190 44.05 -85.24 14.81
N ALA HF 191 43.65 -86.13 15.73
CA ALA HF 191 44.36 -86.28 16.99
C ALA HF 191 45.78 -86.79 16.78
N ASN HF 192 45.93 -87.78 15.87
CA ASN HF 192 47.27 -88.28 15.55
C ASN HF 192 48.13 -87.22 14.89
N THR HF 193 47.52 -86.35 14.09
CA THR HF 193 48.25 -85.25 13.46
C THR HF 193 48.77 -84.27 14.51
N ILE HF 194 47.93 -83.93 15.49
CA ILE HF 194 48.35 -82.99 16.54
C ILE HF 194 49.46 -83.59 17.39
N LEU HF 195 49.34 -84.89 17.70
CA LEU HF 195 50.40 -85.59 18.42
C LEU HF 195 51.71 -85.60 17.65
N GLU HF 196 51.62 -85.78 16.32
CA GLU HF 196 52.81 -85.76 15.47
C GLU HF 196 53.47 -84.39 15.48
N GLU HF 197 52.67 -83.32 15.45
CA GLU HF 197 53.21 -81.97 15.54
C GLU HF 197 53.94 -81.75 16.85
N ASN HF 198 53.35 -82.22 17.95
CA ASN HF 198 53.96 -82.04 19.26
C ASN HF 198 55.28 -82.79 19.39
N ILE HF 199 55.31 -84.04 18.91
CA ILE HF 199 56.54 -84.82 19.07
C ILE HF 199 57.63 -84.29 18.14
N ALA HF 200 57.27 -83.79 16.96
CA ALA HF 200 58.26 -83.18 16.09
C ALA HF 200 58.83 -81.91 16.69
N ARG HF 201 57.97 -81.13 17.35
CA ARG HF 201 58.41 -79.89 17.99
C ARG HF 201 59.38 -80.16 19.14
N ILE HF 202 59.06 -81.14 19.98
CA ILE HF 202 59.94 -81.39 21.12
C ILE HF 202 61.23 -82.09 20.67
N LYS HF 203 61.17 -82.85 19.57
CA LYS HF 203 62.36 -83.42 18.99
C LYS HF 203 63.27 -82.32 18.46
N GLU HF 204 62.68 -81.29 17.85
CA GLU HF 204 63.45 -80.13 17.40
C GLU HF 204 64.11 -79.43 18.57
N ASP HF 205 63.40 -79.28 19.68
CA ASP HF 205 63.95 -78.62 20.87
C ASP HF 205 65.16 -79.36 21.41
N PHE HF 206 65.01 -80.68 21.61
CA PHE HF 206 66.11 -81.44 22.18
C PHE HF 206 67.28 -81.56 21.21
N GLY HF 207 66.99 -81.61 19.91
CA GLY HF 207 68.06 -81.63 18.93
C GLY HF 207 68.84 -80.34 18.90
N GLY HF 208 68.17 -79.20 19.06
CA GLY HF 208 68.87 -77.93 19.14
C GLY HF 208 69.75 -77.83 20.38
N MET HF 209 69.25 -78.32 21.52
CA MET HF 209 70.05 -78.29 22.74
C MET HF 209 71.29 -79.18 22.64
N ILE HF 210 71.11 -80.40 22.12
CA ILE HF 210 72.25 -81.30 22.03
C ILE HF 210 73.21 -80.85 20.93
N LEU HF 211 72.70 -80.14 19.91
CA LEU HF 211 73.58 -79.61 18.89
C LEU HF 211 74.44 -78.48 19.44
N TYR HF 212 73.86 -77.65 20.32
CA TYR HF 212 74.67 -76.65 21.01
C TYR HF 212 75.75 -77.29 21.87
N ARG HF 213 75.39 -78.37 22.57
CA ARG HF 213 76.37 -79.07 23.40
C ARG HF 213 77.51 -79.64 22.57
N LYS HF 214 77.18 -80.27 21.44
CA LYS HF 214 78.21 -80.86 20.58
C LYS HF 214 79.07 -79.77 19.94
N LEU HF 215 78.47 -78.64 19.58
CA LEU HF 215 79.25 -77.57 18.98
C LEU HF 215 80.18 -76.90 19.99
N LEU HF 216 79.71 -76.74 21.23
CA LEU HF 216 80.56 -76.18 22.27
C LEU HF 216 81.69 -77.13 22.61
N ALA HF 217 81.44 -78.44 22.55
CA ALA HF 217 82.53 -79.40 22.67
C ALA HF 217 83.49 -79.30 21.50
N MET HF 218 82.95 -79.02 20.31
CA MET HF 218 83.77 -78.85 19.11
C MET HF 218 84.57 -77.56 19.14
N ASN HF 219 84.22 -76.62 20.03
CA ASN HF 219 84.79 -75.28 20.12
C ASN HF 219 84.61 -74.53 18.80
N MET HF 220 83.35 -74.30 18.47
CA MET HF 220 82.96 -73.47 17.35
C MET HF 220 82.04 -72.34 17.80
N VAL HF 221 81.79 -72.21 19.09
CA VAL HF 221 80.91 -71.16 19.61
C VAL HF 221 81.54 -70.58 20.87
N SER HF 222 81.24 -69.32 21.12
CA SER HF 222 81.66 -68.69 22.36
C SER HF 222 80.80 -69.19 23.51
N PRO HF 223 81.39 -69.34 24.70
CA PRO HF 223 80.59 -69.70 25.87
C PRO HF 223 79.78 -68.50 26.34
N PRO HF 224 78.67 -68.73 27.03
CA PRO HF 224 77.99 -67.62 27.71
C PRO HF 224 78.84 -67.11 28.86
N TYR HF 225 78.73 -65.81 29.11
CA TYR HF 225 79.52 -65.17 30.15
C TYR HF 225 78.63 -64.46 31.15
N VAL HF 226 78.96 -64.61 32.43
CA VAL HF 226 78.18 -64.04 33.52
C VAL HF 226 79.13 -63.32 34.47
N SER HF 227 78.80 -62.07 34.77
CA SER HF 227 79.52 -61.30 35.79
C SER HF 227 78.73 -61.37 37.10
N HIS HF 228 79.43 -61.63 38.19
CA HIS HF 228 78.84 -61.63 39.51
C HIS HF 228 79.52 -60.56 40.37
N THR HF 229 78.71 -59.77 41.05
CA THR HF 229 79.19 -58.74 41.97
C THR HF 229 78.55 -58.96 43.32
N ASP HF 230 79.35 -58.80 44.38
CA ASP HF 230 78.90 -59.01 45.74
C ASP HF 230 78.95 -57.69 46.50
N LEU HF 231 77.82 -57.32 47.08
CA LEU HF 231 77.72 -56.17 47.96
C LEU HF 231 77.25 -56.66 49.33
N GLY HF 232 77.62 -55.92 50.37
CA GLY HF 232 77.32 -56.36 51.72
C GLY HF 232 75.90 -56.11 52.15
N VAL HF 233 75.73 -55.73 53.41
CA VAL HF 233 74.40 -55.40 53.92
C VAL HF 233 73.92 -54.10 53.28
N THR HF 234 72.61 -53.99 53.12
CA THR HF 234 72.03 -52.83 52.48
C THR HF 234 70.61 -52.64 52.99
N GLY HF 235 70.15 -51.39 52.96
CA GLY HF 235 68.81 -51.04 53.37
C GLY HF 235 68.81 -49.98 54.44
N ASP HF 236 67.61 -49.59 54.85
CA ASP HF 236 67.42 -48.54 55.83
C ASP HF 236 67.32 -49.14 57.24
N GLY HF 237 66.92 -48.32 58.20
CA GLY HF 237 66.70 -48.82 59.54
C GLY HF 237 65.46 -49.68 59.71
N SER HF 238 64.53 -49.62 58.76
CA SER HF 238 63.31 -50.43 58.82
C SER HF 238 63.41 -51.72 58.02
N GLU HF 239 64.19 -51.74 56.95
CA GLU HF 239 64.40 -52.96 56.17
C GLU HF 239 65.87 -53.08 55.84
N ILE HF 240 66.43 -54.27 56.05
CA ILE HF 240 67.81 -54.56 55.70
C ILE HF 240 67.89 -55.87 54.93
N HIS HF 241 68.98 -56.00 54.19
CA HIS HF 241 69.42 -57.24 53.58
C HIS HF 241 70.77 -57.61 54.15
N ILE HF 242 71.16 -58.87 53.97
CA ILE HF 242 72.45 -59.32 54.47
C ILE HF 242 73.44 -59.35 53.31
N ASP HF 243 73.12 -60.10 52.28
CA ASP HF 243 73.97 -60.18 51.10
C ASP HF 243 73.38 -59.33 49.98
N ASP HF 244 74.16 -59.20 48.91
CA ASP HF 244 73.64 -58.71 47.65
C ASP HF 244 74.48 -59.34 46.54
N ARG HF 245 73.97 -60.40 45.93
CA ARG HF 245 74.67 -61.00 44.81
C ARG HF 245 73.92 -60.62 43.54
N VAL HF 246 74.63 -59.98 42.61
CA VAL HF 246 74.07 -59.55 41.35
C VAL HF 246 74.82 -60.29 40.26
N LEU HF 247 74.12 -61.17 39.55
CA LEU HF 247 74.71 -61.97 38.50
C LEU HF 247 73.98 -61.65 37.20
N ARG HF 248 74.73 -61.18 36.21
CA ARG HF 248 74.14 -60.78 34.94
C ARG HF 248 74.91 -61.39 33.80
N ILE HF 249 74.18 -61.70 32.72
CA ILE HF 249 74.81 -62.20 31.50
C ILE HF 249 75.40 -61.03 30.75
N THR HF 250 76.70 -61.09 30.48
CA THR HF 250 77.38 -60.06 29.73
C THR HF 250 77.58 -60.42 28.27
N ALA HF 251 77.79 -61.70 27.96
CA ALA HF 251 78.07 -62.11 26.59
C ALA HF 251 77.26 -63.36 26.27
N LEU HF 252 76.35 -63.23 25.30
CA LEU HF 252 75.61 -64.37 24.80
C LEU HF 252 76.53 -65.29 24.00
N PRO HF 253 76.21 -66.58 23.91
CA PRO HF 253 76.96 -67.45 23.00
C PRO HF 253 76.76 -67.04 21.55
N GLU HF 254 77.85 -67.13 20.78
CA GLU HF 254 77.78 -66.86 19.35
C GLU HF 254 78.91 -67.62 18.67
N LEU HF 255 78.74 -67.84 17.37
CA LEU HF 255 79.69 -68.61 16.59
C LEU HF 255 80.98 -67.82 16.39
N ASN HF 256 82.04 -68.55 16.04
CA ASN HF 256 83.29 -67.92 15.63
C ASN HF 256 83.45 -68.00 14.12
N VAL HF 257 83.76 -66.87 13.50
CA VAL HF 257 83.98 -66.84 12.06
C VAL HF 257 85.42 -67.15 11.70
N ASN HF 258 86.27 -67.37 12.69
CA ASN HF 258 87.69 -67.63 12.44
C ASN HF 258 87.89 -69.11 12.25
N SER HF 259 88.09 -69.52 10.99
CA SER HF 259 88.14 -70.94 10.65
C SER HF 259 89.40 -71.61 11.18
N ALA HF 260 90.53 -70.90 11.13
CA ALA HF 260 91.82 -71.47 11.47
C ALA HF 260 91.96 -71.79 12.95
N GLU HF 261 91.08 -71.29 13.80
CA GLU HF 261 91.12 -71.51 15.24
C GLU HF 261 90.16 -72.61 15.67
N TRP HF 262 90.03 -73.65 14.85
CA TRP HF 262 89.09 -74.72 15.10
C TRP HF 262 89.85 -76.04 15.28
N ARG HF 263 89.27 -76.93 16.08
CA ARG HF 263 89.86 -78.23 16.35
C ARG HF 263 88.98 -79.32 15.75
N ALA HF 264 89.60 -80.38 15.27
CA ALA HF 264 88.91 -81.43 14.54
C ALA HF 264 88.58 -82.61 15.45
N ALA HF 265 87.98 -83.65 14.87
CA ALA HF 265 87.56 -84.84 15.58
C ALA HF 265 88.12 -86.08 14.88
N VAL HF 266 88.20 -87.17 15.64
CA VAL HF 266 88.79 -88.42 15.17
C VAL HF 266 88.10 -89.56 15.90
N ALA HF 267 88.32 -90.79 15.43
CA ALA HF 267 87.80 -91.96 16.11
C ALA HF 267 88.72 -93.14 15.84
N LYS HF 268 88.60 -94.16 16.69
CA LYS HF 268 89.40 -95.37 16.53
C LYS HF 268 88.50 -96.59 16.37
N LYS IF 60 -1.90 -50.80 72.08
CA LYS IF 60 -0.65 -51.55 72.07
C LYS IF 60 0.47 -50.71 72.67
N GLU IF 61 1.17 -49.98 71.80
CA GLU IF 61 2.16 -49.02 72.26
C GLU IF 61 1.51 -47.86 72.99
N THR IF 62 0.23 -47.57 72.72
CA THR IF 62 -0.52 -46.63 73.53
C THR IF 62 -0.66 -47.13 74.96
N ALA IF 63 -0.95 -48.42 75.12
CA ALA IF 63 -1.00 -49.03 76.44
C ALA IF 63 0.36 -49.01 77.09
N LEU IF 64 1.42 -49.21 76.30
CA LEU IF 64 2.79 -49.14 76.83
C LEU IF 64 3.11 -47.74 77.35
N SER IF 65 2.73 -46.71 76.59
CA SER IF 65 3.03 -45.33 76.99
C SER IF 65 2.21 -44.92 78.21
N VAL IF 66 0.94 -45.30 78.27
CA VAL IF 66 0.14 -44.92 79.42
C VAL IF 66 0.55 -45.72 80.66
N GLY IF 67 1.02 -46.95 80.48
CA GLY IF 67 1.60 -47.67 81.60
C GLY IF 67 2.91 -47.08 82.07
N ALA IF 68 3.70 -46.53 81.13
CA ALA IF 68 4.92 -45.83 81.50
C ALA IF 68 4.62 -44.60 82.34
N GLN IF 69 3.64 -43.81 81.90
CA GLN IF 69 3.24 -42.62 82.65
C GLN IF 69 2.68 -42.97 84.02
N ALA IF 70 1.85 -44.02 84.08
CA ALA IF 70 1.22 -44.41 85.34
C ALA IF 70 2.26 -44.94 86.33
N GLY IF 71 3.16 -45.80 85.87
CA GLY IF 71 4.18 -46.35 86.76
C GLY IF 71 5.16 -45.30 87.24
N LEU IF 72 5.56 -44.39 86.33
CA LEU IF 72 6.45 -43.30 86.72
C LEU IF 72 5.79 -42.39 87.75
N ALA IF 73 4.53 -42.03 87.53
CA ALA IF 73 3.82 -41.16 88.45
C ALA IF 73 3.60 -41.83 89.80
N TRP IF 74 3.27 -43.12 89.80
CA TRP IF 74 3.06 -43.84 91.04
C TRP IF 74 4.34 -43.95 91.85
N ARG IF 75 5.44 -44.32 91.19
CA ARG IF 75 6.72 -44.44 91.89
C ARG IF 75 7.20 -43.09 92.40
N ALA IF 76 6.95 -42.03 91.61
CA ALA IF 76 7.28 -40.68 92.05
C ALA IF 76 6.50 -40.27 93.28
N LYS IF 77 5.21 -40.60 93.31
CA LYS IF 77 4.39 -40.29 94.48
C LYS IF 77 4.85 -41.06 95.71
N ILE IF 78 5.24 -42.33 95.51
CA ILE IF 78 5.71 -43.16 96.61
C ILE IF 78 7.01 -42.60 97.20
N ILE IF 79 7.96 -42.27 96.32
CA ILE IF 79 9.24 -41.78 96.82
C ILE IF 79 9.11 -40.38 97.40
N ASP IF 80 8.16 -39.58 96.89
CA ASP IF 80 7.95 -38.25 97.44
C ASP IF 80 7.30 -38.33 98.82
N GLU IF 81 6.34 -39.24 99.01
CA GLU IF 81 5.74 -39.41 100.32
C GLU IF 81 6.73 -39.96 101.32
N GLN IF 82 7.62 -40.87 100.88
CA GLN IF 82 8.64 -41.38 101.77
C GLN IF 82 9.65 -40.30 102.15
N LEU IF 83 10.01 -39.44 101.19
CA LEU IF 83 10.92 -38.35 101.47
C LEU IF 83 10.30 -37.32 102.42
N ASN IF 84 8.99 -37.09 102.28
CA ASN IF 84 8.30 -36.23 103.22
C ASN IF 84 8.21 -36.85 104.61
N LYS IF 85 8.03 -38.17 104.67
CA LYS IF 85 7.95 -38.86 105.95
C LYS IF 85 9.28 -38.80 106.69
N GLN IF 86 10.36 -39.14 106.01
CA GLN IF 86 11.69 -39.08 106.61
C GLN IF 86 12.37 -37.84 106.05
N ALA IF 87 12.26 -36.73 106.78
CA ALA IF 87 12.72 -35.45 106.26
C ALA IF 87 13.71 -34.75 107.16
N ARG IF 88 13.57 -34.88 108.48
CA ARG IF 88 14.30 -33.99 109.38
C ARG IF 88 15.78 -34.32 109.45
N ASN IF 89 16.14 -35.60 109.36
CA ASN IF 89 17.54 -35.97 109.36
C ASN IF 89 18.26 -35.48 108.10
N LEU IF 90 17.52 -35.34 107.01
CA LEU IF 90 18.11 -34.86 105.76
C LEU IF 90 18.56 -33.41 105.88
N ASP IF 91 17.68 -32.54 106.39
CA ASP IF 91 18.08 -31.16 106.59
C ASP IF 91 19.02 -31.00 107.76
N ALA IF 92 19.00 -31.94 108.71
CA ALA IF 92 20.02 -31.93 109.75
C ALA IF 92 21.40 -32.20 109.18
N ILE IF 93 21.48 -33.14 108.23
CA ILE IF 93 22.74 -33.43 107.56
C ILE IF 93 23.17 -32.26 106.69
N TYR IF 94 22.27 -31.74 105.88
CA TYR IF 94 22.60 -30.70 104.92
C TYR IF 94 22.32 -29.35 105.57
N ASP IF 95 23.38 -28.72 106.07
CA ASP IF 95 23.28 -27.45 106.79
C ASP IF 95 24.26 -26.48 106.14
N PHE IF 96 23.79 -25.71 105.17
CA PHE IF 96 24.64 -24.75 104.48
C PHE IF 96 24.97 -23.54 105.34
N ASN IF 97 24.15 -23.27 106.36
CA ASN IF 97 24.32 -22.05 107.15
C ASN IF 97 25.58 -22.08 107.99
N SER IF 98 26.02 -23.25 108.41
CA SER IF 98 27.33 -23.37 109.03
C SER IF 98 28.46 -23.09 108.05
N LEU IF 99 28.23 -23.32 106.76
CA LEU IF 99 29.23 -23.01 105.76
C LEU IF 99 29.14 -21.57 105.27
N VAL IF 100 28.04 -20.87 105.56
CA VAL IF 100 27.88 -19.50 105.11
C VAL IF 100 28.86 -18.61 105.85
N LEU IF 101 29.62 -17.82 105.10
CA LEU IF 101 30.63 -16.97 105.68
C LEU IF 101 30.01 -15.73 106.32
N GLU IF 102 30.86 -14.86 106.85
CA GLU IF 102 30.44 -13.80 107.76
C GLU IF 102 29.66 -12.67 107.08
N HIS IF 103 29.64 -12.60 105.76
CA HIS IF 103 28.93 -11.53 105.07
C HIS IF 103 27.85 -12.11 104.16
N ASN IF 104 27.21 -13.19 104.62
CA ASN IF 104 26.17 -13.94 103.88
C ASN IF 104 26.68 -14.40 102.53
N ILE IF 105 27.94 -14.83 102.49
CA ILE IF 105 28.60 -15.21 101.25
C ILE IF 105 28.49 -16.72 101.08
N LEU IF 106 28.07 -17.13 99.91
CA LEU IF 106 28.16 -18.54 99.56
C LEU IF 106 29.63 -18.88 99.33
N PRO IF 107 30.18 -19.86 100.04
CA PRO IF 107 31.54 -20.31 99.74
C PRO IF 107 31.59 -20.99 98.39
N PRO IF 108 32.70 -20.89 97.68
CA PRO IF 108 32.76 -21.40 96.31
C PRO IF 108 32.89 -22.92 96.28
N VAL IF 109 32.97 -23.47 95.08
CA VAL IF 109 32.94 -24.91 94.84
C VAL IF 109 34.28 -25.35 94.30
N LEU IF 110 34.84 -26.40 94.90
CA LEU IF 110 36.15 -26.91 94.51
C LEU IF 110 36.05 -28.37 94.08
N LEU IF 111 36.91 -28.76 93.15
CA LEU IF 111 37.01 -30.14 92.69
C LEU IF 111 38.46 -30.58 92.73
N GLU IF 112 38.68 -31.81 93.16
CA GLU IF 112 40.02 -32.39 93.27
C GLU IF 112 40.03 -33.77 92.67
N GLY IF 113 40.93 -33.98 91.70
CA GLY IF 113 41.12 -35.28 91.10
C GLY IF 113 42.53 -35.78 91.39
N ARG IF 114 42.68 -37.10 91.42
CA ARG IF 114 43.94 -37.74 91.75
C ARG IF 114 44.39 -38.63 90.60
N ASN IF 115 45.70 -38.58 90.32
CA ASN IF 115 46.38 -39.48 89.38
C ASN IF 115 45.78 -39.38 87.98
N THR IF 116 45.93 -38.20 87.39
CA THR IF 116 45.29 -37.87 86.12
C THR IF 116 46.26 -38.13 84.98
N LEU IF 117 46.02 -39.17 84.22
CA LEU IF 117 46.84 -39.50 83.06
C LEU IF 117 46.03 -39.36 81.79
N ASN IF 118 46.58 -38.66 80.81
CA ASN IF 118 46.01 -38.58 79.49
C ASN IF 118 47.06 -38.94 78.45
N LEU IF 119 46.59 -39.45 77.32
CA LEU IF 119 47.43 -39.69 76.16
C LEU IF 119 47.05 -38.66 75.11
N ALA IF 120 48.04 -37.88 74.65
CA ALA IF 120 47.76 -36.96 73.55
C ALA IF 120 47.65 -37.73 72.24
N ASP IF 121 48.74 -38.38 71.85
CA ASP IF 121 48.76 -39.28 70.70
C ASP IF 121 49.86 -40.30 70.98
N ALA IF 122 50.34 -40.95 69.93
CA ALA IF 122 51.54 -41.77 70.04
C ALA IF 122 52.72 -40.89 70.44
N GLN IF 123 53.60 -41.46 71.26
CA GLN IF 123 54.82 -40.82 71.78
C GLN IF 123 54.52 -39.55 72.58
N SER IF 124 53.37 -39.50 73.26
CA SER IF 124 52.98 -38.29 73.99
C SER IF 124 51.96 -38.67 75.07
N ILE IF 125 52.41 -38.71 76.32
CA ILE IF 125 51.48 -38.84 77.42
C ILE IF 125 51.81 -37.80 78.48
N ARG IF 126 50.79 -37.36 79.20
CA ARG IF 126 50.95 -36.35 80.24
C ARG IF 126 50.20 -36.80 81.49
N ILE IF 127 50.87 -36.71 82.62
CA ILE IF 127 50.33 -37.18 83.89
C ILE IF 127 50.51 -36.08 84.93
N SER IF 128 49.43 -35.78 85.65
CA SER IF 128 49.47 -34.94 86.83
C SER IF 128 49.13 -35.77 88.06
N ASP IF 129 49.73 -35.38 89.19
CA ASP IF 129 49.45 -36.09 90.44
C ASP IF 129 48.04 -35.78 90.93
N ARG IF 130 47.78 -34.51 91.22
CA ARG IF 130 46.44 -34.08 91.57
C ARG IF 130 46.10 -32.81 90.81
N THR IF 131 44.80 -32.61 90.60
CA THR IF 131 44.29 -31.44 89.89
C THR IF 131 43.19 -30.81 90.71
N TYR IF 132 43.16 -29.48 90.74
CA TYR IF 132 42.15 -28.73 91.48
C TYR IF 132 41.49 -27.72 90.56
N LYS IF 133 40.17 -27.74 90.54
CA LYS IF 133 39.32 -26.91 89.70
C LYS IF 133 38.40 -26.08 90.57
N VAL IF 134 38.29 -24.79 90.25
CA VAL IF 134 37.28 -23.94 90.87
C VAL IF 134 36.05 -24.01 90.00
N ALA IF 135 35.02 -24.71 90.48
CA ALA IF 135 33.83 -24.94 89.67
C ALA IF 135 32.94 -23.71 89.62
N LYS IF 136 32.44 -23.28 90.77
CA LYS IF 136 31.50 -22.16 90.85
C LYS IF 136 32.07 -21.07 91.73
N GLN IF 137 32.06 -19.84 91.24
CA GLN IF 137 32.64 -18.72 91.96
C GLN IF 137 31.78 -18.32 93.15
N ALA IF 138 32.44 -17.91 94.23
CA ALA IF 138 31.75 -17.45 95.42
C ALA IF 138 31.00 -16.15 95.17
N HIS IF 139 29.88 -15.99 95.87
CA HIS IF 139 29.10 -14.76 95.82
C HIS IF 139 28.26 -14.69 97.09
N PHE IF 140 27.59 -13.57 97.26
CA PHE IF 140 26.68 -13.41 98.39
C PHE IF 140 25.40 -14.18 98.13
N ILE IF 141 24.64 -14.40 99.21
CA ILE IF 141 23.35 -15.05 99.12
C ILE IF 141 22.38 -14.36 100.07
N THR IF 142 21.09 -14.52 99.77
CA THR IF 142 20.04 -13.95 100.60
C THR IF 142 19.45 -14.95 101.57
N THR IF 143 19.64 -16.25 101.31
CA THR IF 143 19.16 -17.31 102.17
C THR IF 143 20.00 -18.53 101.89
N PRO IF 144 20.28 -19.37 102.90
CA PRO IF 144 20.94 -20.65 102.62
C PRO IF 144 20.03 -21.56 101.82
N PRO IF 145 20.58 -22.30 100.87
CA PRO IF 145 19.77 -23.28 100.14
C PRO IF 145 19.39 -24.46 101.01
N THR IF 146 18.39 -25.20 100.56
CA THR IF 146 17.92 -26.39 101.23
C THR IF 146 18.30 -27.62 100.41
N TRP IF 147 17.78 -28.76 100.82
CA TRP IF 147 17.90 -29.97 100.03
C TRP IF 147 16.81 -30.08 98.96
N ARG IF 148 15.79 -29.24 99.02
CA ARG IF 148 14.60 -29.46 98.20
C ARG IF 148 14.85 -29.08 96.74
N GLN IF 149 15.59 -28.01 96.51
CA GLN IF 149 15.88 -27.60 95.13
C GLN IF 149 16.87 -28.52 94.44
N TYR IF 150 17.59 -29.33 95.20
CA TYR IF 150 18.46 -30.33 94.59
C TYR IF 150 17.90 -31.74 94.70
N LEU IF 151 16.80 -31.92 95.40
CA LEU IF 151 16.36 -33.29 95.65
C LEU IF 151 14.90 -33.54 95.35
N TRP IF 152 14.02 -32.60 95.64
CA TRP IF 152 12.59 -32.82 95.44
C TRP IF 152 12.27 -32.85 93.96
N MET IF 153 11.40 -33.76 93.56
CA MET IF 153 10.99 -33.90 92.19
C MET IF 153 9.48 -33.69 92.06
N ASP IF 154 9.06 -33.26 90.88
CA ASP IF 154 7.68 -32.86 90.64
C ASP IF 154 6.77 -34.08 90.57
N TYR IF 155 5.46 -33.82 90.67
CA TYR IF 155 4.47 -34.89 90.61
C TYR IF 155 3.18 -34.36 89.99
N VAL IF 156 2.70 -35.09 88.98
CA VAL IF 156 1.40 -34.82 88.37
C VAL IF 156 0.64 -36.13 88.34
N LYS IF 157 -0.68 -36.01 88.17
CA LYS IF 157 -1.53 -37.19 88.07
C LYS IF 157 -2.02 -37.32 86.63
N PRO IF 158 -1.54 -38.30 85.86
CA PRO IF 158 -2.07 -38.47 84.51
C PRO IF 158 -3.42 -39.15 84.55
N GLU IF 159 -4.48 -38.38 84.37
CA GLU IF 159 -5.84 -38.87 84.50
C GLU IF 159 -6.67 -38.57 83.25
N ALA IF 160 -6.03 -38.58 82.08
CA ALA IF 160 -6.73 -38.38 80.81
C ALA IF 160 -6.41 -39.54 79.88
N PRO IF 161 -6.99 -40.72 80.10
CA PRO IF 161 -6.84 -41.81 79.13
C PRO IF 161 -7.82 -41.63 77.98
N ASN IF 162 -7.31 -41.22 76.82
CA ASN IF 162 -8.11 -41.18 75.60
C ASN IF 162 -7.94 -42.48 74.82
N VAL IF 163 -8.14 -43.60 75.50
CA VAL IF 163 -7.87 -44.93 74.95
C VAL IF 163 -9.23 -45.58 74.72
N THR IF 164 -9.77 -45.40 73.52
CA THR IF 164 -10.95 -46.12 73.09
C THR IF 164 -10.59 -47.43 72.42
N LEU IF 165 -9.30 -47.78 72.37
CA LEU IF 165 -8.86 -49.12 71.98
C LEU IF 165 -9.02 -50.04 73.19
N LEU IF 166 -10.27 -50.37 73.47
CA LEU IF 166 -10.59 -51.23 74.59
C LEU IF 166 -10.16 -52.65 74.27
N PRO IF 167 -9.47 -53.32 75.19
CA PRO IF 167 -9.04 -54.69 74.90
C PRO IF 167 -10.21 -55.67 74.91
N LYS IF 168 -10.69 -56.03 73.72
CA LYS IF 168 -11.87 -56.87 73.61
C LYS IF 168 -11.51 -58.34 73.60
N THR IF 169 -10.46 -58.71 72.89
CA THR IF 169 -9.98 -60.08 72.96
C THR IF 169 -9.24 -60.30 74.26
N LYS IF 170 -9.19 -61.56 74.68
CA LYS IF 170 -8.52 -61.88 75.93
C LYS IF 170 -7.01 -61.77 75.79
N ALA IF 171 -6.47 -62.13 74.62
CA ALA IF 171 -5.07 -61.87 74.33
C ALA IF 171 -4.79 -60.37 74.19
N GLU IF 172 -5.79 -59.61 73.74
CA GLU IF 172 -5.67 -58.15 73.72
C GLU IF 172 -5.55 -57.60 75.14
N LYS IF 173 -6.35 -58.15 76.07
CA LYS IF 173 -6.20 -57.81 77.48
C LYS IF 173 -4.84 -58.25 78.02
N GLU IF 174 -4.36 -59.40 77.56
CA GLU IF 174 -3.07 -59.92 77.99
C GLU IF 174 -1.93 -59.01 77.57
N ILE IF 175 -1.91 -58.63 76.28
CA ILE IF 175 -0.83 -57.79 75.79
C ILE IF 175 -0.95 -56.39 76.36
N TRP IF 176 -2.18 -55.92 76.60
CA TRP IF 176 -2.39 -54.64 77.25
C TRP IF 176 -1.84 -54.64 78.68
N CYS IF 177 -2.10 -55.73 79.41
CA CYS IF 177 -1.60 -55.86 80.77
C CYS IF 177 -0.08 -55.95 80.80
N ILE IF 178 0.53 -56.74 79.91
CA ILE IF 178 1.97 -56.91 80.01
C ILE IF 178 2.72 -55.70 79.46
N TYR IF 179 2.14 -54.98 78.50
CA TYR IF 179 2.71 -53.71 78.08
C TYR IF 179 2.62 -52.68 79.20
N THR IF 180 1.51 -52.71 79.95
CA THR IF 180 1.37 -51.84 81.10
C THR IF 180 2.39 -52.18 82.19
N GLU IF 181 2.65 -53.47 82.40
CA GLU IF 181 3.65 -53.90 83.38
C GLU IF 181 5.05 -53.45 82.98
N ARG IF 182 5.39 -53.62 81.70
CA ARG IF 182 6.71 -53.22 81.25
C ARG IF 182 6.87 -51.71 81.25
N GLY IF 183 5.80 -50.96 80.94
CA GLY IF 183 5.85 -49.52 81.09
C GLY IF 183 6.00 -49.08 82.53
N TRP IF 184 5.33 -49.79 83.45
CA TRP IF 184 5.48 -49.54 84.88
C TRP IF 184 6.92 -49.73 85.32
N LYS IF 185 7.55 -50.81 84.84
CA LYS IF 185 8.96 -51.06 85.13
C LYS IF 185 9.86 -49.99 84.56
N ASN IF 186 9.57 -49.54 83.33
CA ASN IF 186 10.37 -48.49 82.71
C ASN IF 186 10.26 -47.18 83.47
N GLY IF 187 9.05 -46.84 83.92
CA GLY IF 187 8.87 -45.64 84.73
C GLY IF 187 9.59 -45.72 86.05
N ILE IF 188 9.61 -46.91 86.65
CA ILE IF 188 10.38 -47.15 87.87
C ILE IF 188 11.86 -46.91 87.61
N ASP IF 189 12.37 -47.43 86.49
CA ASP IF 189 13.79 -47.30 86.16
C ASP IF 189 14.20 -45.85 85.95
N GLN IF 190 13.38 -45.11 85.19
CA GLN IF 190 13.76 -43.72 84.94
C GLN IF 190 13.56 -42.85 86.17
N ALA IF 191 12.61 -43.20 87.04
CA ALA IF 191 12.47 -42.50 88.30
C ALA IF 191 13.70 -42.69 89.18
N ASN IF 192 14.20 -43.93 89.26
CA ASN IF 192 15.42 -44.19 90.01
C ASN IF 192 16.62 -43.49 89.39
N THR IF 193 16.65 -43.39 88.06
CA THR IF 193 17.72 -42.67 87.38
C THR IF 193 17.73 -41.19 87.73
N ILE IF 194 16.55 -40.57 87.74
CA ILE IF 194 16.45 -39.15 88.06
C ILE IF 194 16.79 -38.91 89.53
N LEU IF 195 16.36 -39.81 90.41
CA LEU IF 195 16.72 -39.72 91.82
C LEU IF 195 18.23 -39.82 92.02
N GLU IF 196 18.88 -40.72 91.27
CA GLU IF 196 20.33 -40.85 91.31
C GLU IF 196 21.01 -39.58 90.83
N GLU IF 197 20.48 -38.96 89.77
CA GLU IF 197 21.02 -37.71 89.26
C GLU IF 197 20.94 -36.59 90.28
N ASN IF 198 19.79 -36.48 90.95
CA ASN IF 198 19.59 -35.43 91.95
C ASN IF 198 20.51 -35.63 93.15
N ILE IF 199 20.64 -36.87 93.62
CA ILE IF 199 21.47 -37.08 94.80
C ILE IF 199 22.95 -36.92 94.46
N ALA IF 200 23.35 -37.22 93.23
CA ALA IF 200 24.72 -36.96 92.82
C ALA IF 200 25.00 -35.46 92.75
N ARG IF 201 24.02 -34.69 92.27
CA ARG IF 201 24.20 -33.24 92.18
C ARG IF 201 24.32 -32.60 93.55
N ILE IF 202 23.47 -33.00 94.50
CA ILE IF 202 23.60 -32.40 95.83
C ILE IF 202 24.86 -32.91 96.53
N LYS IF 203 25.32 -34.12 96.17
CA LYS IF 203 26.56 -34.66 96.69
C LYS IF 203 27.75 -33.80 96.26
N GLU IF 204 27.81 -33.44 94.98
CA GLU IF 204 28.96 -32.65 94.53
C GLU IF 204 28.87 -31.22 95.03
N ASP IF 205 27.66 -30.69 95.24
CA ASP IF 205 27.53 -29.35 95.82
C ASP IF 205 28.12 -29.30 97.23
N PHE IF 206 27.69 -30.24 98.08
CA PHE IF 206 28.20 -30.26 99.45
C PHE IF 206 29.68 -30.63 99.49
N GLY IF 207 30.12 -31.48 98.57
CA GLY IF 207 31.53 -31.85 98.52
C GLY IF 207 32.43 -30.69 98.12
N GLY IF 208 31.97 -29.86 97.18
CA GLY IF 208 32.72 -28.67 96.84
C GLY IF 208 32.78 -27.68 97.99
N MET IF 209 31.70 -27.58 98.76
CA MET IF 209 31.71 -26.73 99.94
C MET IF 209 32.72 -27.22 100.98
N ILE IF 210 32.71 -28.53 101.25
CA ILE IF 210 33.62 -29.11 102.24
C ILE IF 210 35.07 -28.99 101.77
N LEU IF 211 35.29 -29.17 100.47
CA LEU IF 211 36.64 -29.08 99.92
C LEU IF 211 37.17 -27.65 100.00
N TYR IF 212 36.31 -26.65 99.78
CA TYR IF 212 36.75 -25.27 99.94
C TYR IF 212 37.11 -24.97 101.38
N ARG IF 213 36.30 -25.45 102.33
CA ARG IF 213 36.60 -25.20 103.74
C ARG IF 213 37.91 -25.85 104.14
N LYS IF 214 38.14 -27.09 103.70
CA LYS IF 214 39.38 -27.79 104.06
C LYS IF 214 40.59 -27.17 103.37
N LEU IF 215 40.43 -26.67 102.15
CA LEU IF 215 41.57 -26.08 101.47
C LEU IF 215 41.93 -24.71 102.05
N LEU IF 216 40.91 -23.94 102.45
CA LEU IF 216 41.16 -22.67 103.12
C LEU IF 216 41.79 -22.89 104.48
N ALA IF 217 41.42 -23.97 105.16
CA ALA IF 217 42.15 -24.38 106.35
C ALA IF 217 43.58 -24.78 106.00
N MET IF 218 43.77 -25.39 104.83
CA MET IF 218 45.08 -25.82 104.37
C MET IF 218 45.94 -24.68 103.84
N ASN IF 219 45.38 -23.46 103.76
CA ASN IF 219 46.09 -22.24 103.35
C ASN IF 219 46.58 -22.38 101.90
N MET IF 220 45.65 -22.69 101.01
CA MET IF 220 45.96 -22.80 99.60
C MET IF 220 45.19 -21.82 98.74
N VAL IF 221 44.16 -21.17 99.27
CA VAL IF 221 43.34 -20.22 98.52
C VAL IF 221 43.28 -18.90 99.25
N SER IF 222 43.05 -17.85 98.50
CA SER IF 222 42.89 -16.53 99.07
C SER IF 222 41.54 -16.42 99.77
N PRO IF 223 41.47 -15.76 100.91
CA PRO IF 223 40.17 -15.46 101.49
C PRO IF 223 39.46 -14.39 100.68
N PRO IF 224 38.13 -14.35 100.71
CA PRO IF 224 37.42 -13.28 100.00
C PRO IF 224 37.54 -11.93 100.68
N TYR IF 225 38.34 -11.03 100.10
CA TYR IF 225 38.52 -9.70 100.66
C TYR IF 225 37.33 -8.82 100.35
N VAL IF 226 36.85 -8.10 101.36
CA VAL IF 226 35.60 -7.37 101.28
C VAL IF 226 35.79 -5.98 101.88
N SER IF 227 35.36 -4.95 101.15
CA SER IF 227 35.34 -3.59 101.62
C SER IF 227 33.89 -3.10 101.76
N HIS IF 228 33.75 -1.93 102.37
CA HIS IF 228 32.45 -1.30 102.50
C HIS IF 228 32.62 0.20 102.52
N THR IF 229 31.63 0.90 101.97
CA THR IF 229 31.62 2.35 101.90
C THR IF 229 30.36 2.87 102.58
N ASP IF 230 30.52 3.95 103.35
CA ASP IF 230 29.44 4.49 104.15
C ASP IF 230 29.21 5.95 103.79
N LEU IF 231 27.95 6.30 103.57
CA LEU IF 231 27.52 7.67 103.37
C LEU IF 231 26.43 7.97 104.40
N GLY IF 232 26.32 9.23 104.79
CA GLY IF 232 25.38 9.60 105.83
C GLY IF 232 23.97 9.78 105.34
N VAL IF 233 23.31 10.83 105.80
CA VAL IF 233 21.94 11.13 105.36
C VAL IF 233 22.00 11.69 103.95
N THR IF 234 21.41 10.97 103.00
CA THR IF 234 21.48 11.30 101.59
C THR IF 234 20.08 11.44 101.02
N GLY IF 235 19.99 12.18 99.93
CA GLY IF 235 18.75 12.35 99.19
C GLY IF 235 18.29 13.79 99.22
N ASP IF 236 17.17 14.02 98.54
CA ASP IF 236 16.60 15.35 98.40
C ASP IF 236 15.67 15.64 99.58
N GLY IF 237 14.91 16.72 99.48
CA GLY IF 237 13.93 17.06 100.50
C GLY IF 237 12.66 16.23 100.48
N SER IF 238 12.56 15.25 99.60
CA SER IF 238 11.43 14.32 99.56
C SER IF 238 11.83 12.89 99.85
N GLU IF 239 12.98 12.44 99.36
CA GLU IF 239 13.46 11.08 99.58
C GLU IF 239 14.69 11.15 100.46
N ILE IF 240 14.64 10.49 101.60
CA ILE IF 240 15.77 10.50 102.52
C ILE IF 240 16.03 9.11 103.06
N HIS IF 241 17.30 8.87 103.42
CA HIS IF 241 17.75 7.64 104.04
C HIS IF 241 18.67 8.01 105.19
N ILE IF 242 18.79 7.10 106.15
CA ILE IF 242 19.57 7.39 107.35
C ILE IF 242 21.05 7.26 107.07
N ASP IF 243 21.51 6.06 106.72
CA ASP IF 243 22.93 5.82 106.51
C ASP IF 243 23.09 4.82 105.37
N ASP IF 244 23.50 5.31 104.22
CA ASP IF 244 23.70 4.46 103.07
C ASP IF 244 24.99 3.68 103.24
N ARG IF 245 24.94 2.38 102.94
CA ARG IF 245 26.11 1.53 103.09
C ARG IF 245 26.17 0.57 101.92
N VAL IF 246 27.32 0.53 101.25
CA VAL IF 246 27.52 -0.31 100.07
C VAL IF 246 28.62 -1.31 100.38
N LEU IF 247 28.31 -2.59 100.19
CA LEU IF 247 29.26 -3.67 100.48
C LEU IF 247 29.82 -4.21 99.18
N ARG IF 248 31.14 -4.24 99.07
CA ARG IF 248 31.83 -4.69 97.86
C ARG IF 248 32.87 -5.74 98.22
N ILE IF 249 33.21 -6.57 97.24
CA ILE IF 249 34.39 -7.42 97.33
C ILE IF 249 35.27 -7.11 96.13
N THR IF 250 36.56 -7.29 96.32
CA THR IF 250 37.52 -7.10 95.24
C THR IF 250 38.31 -8.36 94.93
N ALA IF 251 38.83 -9.03 95.95
CA ALA IF 251 39.65 -10.21 95.77
C ALA IF 251 38.76 -11.43 95.95
N LEU IF 252 38.43 -12.08 94.85
CA LEU IF 252 37.70 -13.33 94.91
C LEU IF 252 38.63 -14.44 95.42
N PRO IF 253 38.08 -15.48 96.04
CA PRO IF 253 38.91 -16.62 96.42
C PRO IF 253 39.46 -17.33 95.20
N GLU IF 254 40.74 -17.69 95.28
CA GLU IF 254 41.43 -18.34 94.17
C GLU IF 254 42.64 -19.06 94.72
N LEU IF 255 43.11 -20.04 93.97
CA LEU IF 255 44.25 -20.84 94.40
C LEU IF 255 45.54 -20.03 94.29
N ASN IF 256 46.48 -20.36 95.17
CA ASN IF 256 47.81 -19.78 95.11
C ASN IF 256 48.74 -20.69 94.32
N VAL IF 257 49.94 -20.19 94.02
CA VAL IF 257 50.91 -20.98 93.29
C VAL IF 257 52.21 -21.18 94.06
N ASN IF 258 52.56 -20.31 95.00
CA ASN IF 258 53.84 -20.41 95.68
C ASN IF 258 53.73 -21.44 96.79
N SER IF 259 54.34 -22.59 96.58
CA SER IF 259 54.23 -23.71 97.52
C SER IF 259 55.04 -23.52 98.79
N ALA IF 260 55.95 -22.54 98.83
CA ALA IF 260 56.74 -22.33 100.03
C ALA IF 260 55.91 -21.75 101.17
N GLU IF 261 54.78 -21.13 100.87
CA GLU IF 261 53.87 -20.59 101.86
C GLU IF 261 52.77 -21.57 102.22
N TRP IF 262 52.87 -22.81 101.75
CA TRP IF 262 51.81 -23.77 101.98
C TRP IF 262 51.84 -24.28 103.41
N ARG IF 263 50.73 -24.87 103.82
CA ARG IF 263 50.54 -25.30 105.20
C ARG IF 263 50.26 -26.79 105.24
N ALA IF 264 50.87 -27.48 106.19
CA ALA IF 264 50.72 -28.91 106.38
C ALA IF 264 50.33 -29.20 107.83
N ALA IF 265 49.67 -30.34 108.01
CA ALA IF 265 49.22 -30.73 109.34
C ALA IF 265 49.30 -32.24 109.48
N VAL IF 266 49.44 -32.70 110.72
CA VAL IF 266 49.62 -34.10 111.03
C VAL IF 266 48.74 -34.44 112.23
N ALA IF 267 47.92 -35.48 112.11
CA ALA IF 267 47.00 -35.86 113.16
C ALA IF 267 47.72 -36.69 114.23
N LYS IF 268 46.97 -37.23 115.19
CA LYS IF 268 47.55 -38.07 116.23
C LYS IF 268 46.77 -39.37 116.37
N LYS JF 60 -24.27 -24.10 81.93
CA LYS JF 60 -22.82 -24.25 81.85
C LYS JF 60 -22.12 -23.07 82.51
N GLU JF 61 -21.27 -22.37 81.77
CA GLU JF 61 -20.49 -21.28 82.31
C GLU JF 61 -21.33 -20.05 82.59
N THR JF 62 -22.48 -19.91 81.92
CA THR JF 62 -23.40 -18.82 82.19
C THR JF 62 -23.95 -18.91 83.59
N ALA JF 63 -24.17 -20.12 84.10
CA ALA JF 63 -24.62 -20.31 85.47
C ALA JF 63 -23.59 -19.81 86.47
N LEU JF 64 -22.31 -20.12 86.21
CA LEU JF 64 -21.23 -19.59 87.07
C LEU JF 64 -21.14 -18.08 86.97
N SER JF 65 -21.37 -17.54 85.76
CA SER JF 65 -21.30 -16.10 85.55
C SER JF 65 -22.40 -15.38 86.32
N VAL JF 66 -23.64 -15.86 86.23
CA VAL JF 66 -24.72 -15.20 86.92
C VAL JF 66 -24.66 -15.46 88.42
N GLY JF 67 -24.06 -16.59 88.83
CA GLY JF 67 -23.83 -16.80 90.25
C GLY JF 67 -22.80 -15.82 90.81
N ALA JF 68 -21.76 -15.54 90.04
CA ALA JF 68 -20.79 -14.53 90.43
C ALA JF 68 -21.41 -13.15 90.50
N GLN JF 69 -22.30 -12.85 89.55
CA GLN JF 69 -23.02 -11.56 89.56
C GLN JF 69 -23.91 -11.44 90.79
N ALA JF 70 -24.64 -12.51 91.12
CA ALA JF 70 -25.52 -12.50 92.28
C ALA JF 70 -24.73 -12.41 93.58
N GLY JF 71 -23.60 -13.10 93.64
CA GLY JF 71 -22.76 -13.03 94.83
C GLY JF 71 -22.17 -11.64 95.04
N LEU JF 72 -21.68 -11.03 93.96
CA LEU JF 72 -21.14 -9.68 94.03
C LEU JF 72 -22.21 -8.68 94.46
N ALA JF 73 -23.40 -8.78 93.86
CA ALA JF 73 -24.46 -7.82 94.17
C ALA JF 73 -25.00 -8.00 95.58
N TRP JF 74 -25.23 -9.25 96.00
CA TRP JF 74 -25.77 -9.51 97.32
C TRP JF 74 -24.79 -9.13 98.41
N ARG JF 75 -23.52 -9.51 98.25
CA ARG JF 75 -22.53 -9.13 99.24
C ARG JF 75 -22.27 -7.64 99.24
N ALA JF 76 -22.42 -6.99 98.07
CA ALA JF 76 -22.31 -5.54 98.02
C ALA JF 76 -23.42 -4.87 98.81
N LYS JF 77 -24.65 -5.37 98.69
CA LYS JF 77 -25.77 -4.83 99.45
C LYS JF 77 -25.57 -5.03 100.95
N ILE JF 78 -25.11 -6.23 101.33
CA ILE JF 78 -24.89 -6.54 102.74
C ILE JF 78 -23.79 -5.67 103.33
N ILE JF 79 -22.68 -5.52 102.60
CA ILE JF 79 -21.56 -4.75 103.12
C ILE JF 79 -21.88 -3.26 103.10
N ASP JF 80 -22.75 -2.80 102.19
CA ASP JF 80 -23.11 -1.40 102.17
C ASP JF 80 -24.01 -1.04 103.33
N GLU JF 81 -25.01 -1.89 103.63
CA GLU JF 81 -25.87 -1.58 104.76
C GLU JF 81 -25.14 -1.79 106.08
N GLN JF 82 -24.18 -2.72 106.14
CA GLN JF 82 -23.41 -2.88 107.37
C GLN JF 82 -22.45 -1.72 107.57
N LEU JF 83 -21.89 -1.18 106.48
CA LEU JF 83 -21.07 0.02 106.58
C LEU JF 83 -21.90 1.22 107.00
N ASN JF 84 -23.12 1.33 106.48
CA ASN JF 84 -24.00 2.43 106.85
C ASN JF 84 -24.50 2.31 108.27
N LYS JF 85 -24.47 1.10 108.84
CA LYS JF 85 -24.84 0.93 110.25
C LYS JF 85 -23.89 1.68 111.17
N GLN JF 86 -22.59 1.59 110.94
CA GLN JF 86 -21.62 2.20 111.83
C GLN JF 86 -21.24 3.57 111.28
N ALA JF 87 -22.03 4.58 111.66
CA ALA JF 87 -21.88 5.91 111.07
C ALA JF 87 -21.01 6.83 111.92
N ARG JF 88 -21.44 7.12 113.15
CA ARG JF 88 -20.84 8.23 113.89
C ARG JF 88 -19.46 7.86 114.44
N ASN JF 89 -19.27 6.60 114.83
CA ASN JF 89 -17.96 6.18 115.30
C ASN JF 89 -16.96 6.15 114.16
N LEU JF 90 -17.43 5.94 112.92
CA LEU JF 90 -16.55 5.89 111.77
C LEU JF 90 -15.90 7.24 111.49
N ASP JF 91 -16.71 8.30 111.37
CA ASP JF 91 -16.13 9.62 111.19
C ASP JF 91 -15.55 10.18 112.47
N ALA JF 92 -15.93 9.63 113.63
CA ALA JF 92 -15.21 9.92 114.85
C ALA JF 92 -13.77 9.40 114.78
N ILE JF 93 -13.59 8.21 114.21
CA ILE JF 93 -12.26 7.67 113.98
C ILE JF 93 -11.51 8.53 112.98
N TYR JF 94 -12.15 8.85 111.86
CA TYR JF 94 -11.46 9.54 110.78
C TYR JF 94 -11.77 11.04 110.81
N ASP JF 95 -11.05 11.73 111.67
CA ASP JF 95 -11.09 13.18 111.70
C ASP JF 95 -10.03 13.74 110.75
N PHE JF 96 -10.38 14.80 110.05
CA PHE JF 96 -9.47 15.37 109.06
C PHE JF 96 -9.34 16.88 109.24
N ASN JF 97 -10.40 17.51 109.72
CA ASN JF 97 -10.42 18.97 109.85
C ASN JF 97 -9.47 19.45 110.94
N SER JF 98 -9.28 18.64 111.98
CA SER JF 98 -8.29 18.98 113.00
C SER JF 98 -6.87 18.91 112.45
N LEU JF 99 -6.62 17.94 111.57
CA LEU JF 99 -5.30 17.84 110.94
C LEU JF 99 -5.10 18.87 109.85
N VAL JF 100 -6.18 19.45 109.33
CA VAL JF 100 -6.07 20.55 108.39
C VAL JF 100 -5.41 21.74 109.07
N LEU JF 101 -4.40 22.30 108.41
CA LEU JF 101 -3.61 23.38 108.98
C LEU JF 101 -4.39 24.69 108.94
N GLU JF 102 -3.71 25.77 109.36
CA GLU JF 102 -4.39 27.01 109.71
C GLU JF 102 -4.87 27.80 108.51
N HIS JF 103 -4.46 27.45 107.30
CA HIS JF 103 -4.89 28.16 106.10
C HIS JF 103 -5.57 27.21 105.12
N ASN JF 104 -6.31 26.25 105.66
CA ASN JF 104 -7.13 25.29 104.90
C ASN JF 104 -6.30 24.49 103.90
N ILE JF 105 -5.10 24.11 104.32
CA ILE JF 105 -4.15 23.41 103.47
C ILE JF 105 -4.02 21.98 103.99
N LEU JF 106 -4.20 21.03 103.10
CA LEU JF 106 -4.05 19.62 103.47
C LEU JF 106 -2.58 19.32 103.72
N PRO JF 107 -2.22 18.79 104.89
CA PRO JF 107 -0.83 18.40 105.12
C PRO JF 107 -0.47 17.19 104.27
N PRO JF 108 0.80 17.05 103.90
CA PRO JF 108 1.18 15.98 102.96
C PRO JF 108 1.24 14.59 103.56
N VAL JF 109 1.70 13.63 102.76
CA VAL JF 109 1.68 12.21 103.10
C VAL JF 109 3.11 11.69 103.08
N LEU JF 110 3.50 10.98 104.13
CA LEU JF 110 4.86 10.47 104.26
C LEU JF 110 4.87 8.96 104.38
N LEU JF 111 5.88 8.33 103.80
CA LEU JF 111 6.05 6.89 103.84
C LEU JF 111 7.38 6.54 104.49
N GLU JF 112 7.36 5.53 105.35
CA GLU JF 112 8.52 5.12 106.13
C GLU JF 112 8.87 3.68 105.82
N GLY JF 113 10.15 3.42 105.61
CA GLY JF 113 10.66 2.06 105.56
C GLY JF 113 11.81 1.91 106.53
N ARG JF 114 11.91 0.72 107.12
CA ARG JF 114 12.93 0.44 108.13
C ARG JF 114 13.78 -0.76 107.71
N ASN JF 115 15.10 -0.60 107.91
CA ASN JF 115 16.11 -1.65 107.73
C ASN JF 115 16.10 -2.17 106.30
N THR JF 116 16.31 -1.27 105.36
CA THR JF 116 16.22 -1.62 103.96
C THR JF 116 17.52 -2.28 103.51
N LEU JF 117 17.39 -3.43 102.88
CA LEU JF 117 18.50 -4.11 102.23
C LEU JF 117 18.08 -4.47 100.82
N ASN JF 118 18.89 -4.07 99.85
CA ASN JF 118 18.66 -4.45 98.47
C ASN JF 118 19.92 -5.08 97.90
N LEU JF 119 19.77 -6.28 97.36
CA LEU JF 119 20.78 -6.89 96.52
C LEU JF 119 20.42 -6.55 95.08
N ALA JF 120 21.20 -5.67 94.46
CA ALA JF 120 20.94 -5.31 93.07
C ALA JF 120 21.26 -6.47 92.15
N ASP JF 121 22.43 -7.06 92.31
CA ASP JF 121 22.82 -8.33 91.72
C ASP JF 121 23.97 -8.86 92.56
N ALA JF 122 24.68 -9.86 92.03
CA ALA JF 122 25.93 -10.28 92.65
C ALA JF 122 26.94 -9.14 92.62
N GLN JF 123 27.69 -9.02 93.72
CA GLN JF 123 28.64 -7.93 93.98
C GLN JF 123 27.96 -6.55 93.94
N SER JF 124 26.74 -6.46 94.46
CA SER JF 124 26.07 -5.17 94.62
C SER JF 124 25.05 -5.29 95.75
N ILE JF 125 25.43 -4.85 96.94
CA ILE JF 125 24.55 -4.94 98.11
C ILE JF 125 24.54 -3.59 98.81
N ARG JF 126 23.34 -3.11 99.12
CA ARG JF 126 23.15 -1.77 99.66
C ARG JF 126 22.18 -1.84 100.83
N ILE JF 127 22.50 -1.12 101.90
CA ILE JF 127 21.76 -1.22 103.15
C ILE JF 127 21.63 0.16 103.76
N SER JF 128 20.41 0.51 104.19
CA SER JF 128 20.18 1.70 104.98
C SER JF 128 19.25 1.38 106.14
N ASP JF 129 19.21 2.28 107.11
CA ASP JF 129 18.38 2.04 108.30
C ASP JF 129 16.93 2.43 108.06
N ARG JF 130 16.66 3.71 107.81
CA ARG JF 130 15.29 4.12 107.55
C ARG JF 130 15.26 5.07 106.37
N THR JF 131 14.17 4.97 105.62
CA THR JF 131 13.93 5.81 104.46
C THR JF 131 12.56 6.44 104.58
N TYR JF 132 12.45 7.66 104.06
CA TYR JF 132 11.19 8.39 104.07
C TYR JF 132 10.95 9.00 102.70
N LYS JF 133 9.70 8.89 102.25
CA LYS JF 133 9.29 9.27 100.91
C LYS JF 133 8.06 10.16 100.99
N VAL JF 134 8.12 11.31 100.35
CA VAL JF 134 6.94 12.16 100.23
C VAL JF 134 6.05 11.60 99.13
N ALA JF 135 4.81 11.25 99.48
CA ALA JF 135 3.89 10.71 98.50
C ALA JF 135 3.30 11.82 97.64
N LYS JF 136 2.60 12.76 98.26
CA LYS JF 136 1.96 13.86 97.54
C LYS JF 136 2.34 15.18 98.19
N GLN JF 137 2.49 16.20 97.37
CA GLN JF 137 2.73 17.55 97.87
C GLN JF 137 1.48 18.09 98.56
N ALA JF 138 1.69 18.94 99.55
CA ALA JF 138 0.59 19.60 100.24
C ALA JF 138 -0.16 20.54 99.31
N HIS JF 139 -1.45 20.72 99.59
CA HIS JF 139 -2.30 21.58 98.78
C HIS JF 139 -3.47 22.05 99.63
N PHE JF 140 -4.16 23.07 99.13
CA PHE JF 140 -5.33 23.57 99.83
C PHE JF 140 -6.53 22.67 99.59
N ILE JF 141 -7.61 22.97 100.30
CA ILE JF 141 -8.83 22.17 100.22
C ILE JF 141 -9.99 23.05 100.63
N THR JF 142 -11.20 22.65 100.24
CA THR JF 142 -12.42 23.33 100.65
C THR JF 142 -13.16 22.60 101.75
N THR JF 143 -12.98 21.29 101.87
CA THR JF 143 -13.70 20.51 102.85
C THR JF 143 -12.82 19.35 103.29
N PRO JF 144 -12.91 18.94 104.56
CA PRO JF 144 -12.18 17.75 105.00
C PRO JF 144 -12.77 16.51 104.35
N PRO JF 145 -11.93 15.65 103.77
CA PRO JF 145 -12.45 14.46 103.10
C PRO JF 145 -12.96 13.44 104.10
N THR JF 146 -14.07 12.82 103.75
CA THR JF 146 -14.68 11.81 104.59
C THR JF 146 -14.26 10.44 104.09
N TRP JF 147 -14.92 9.42 104.63
CA TRP JF 147 -14.60 8.04 104.28
C TRP JF 147 -15.48 7.48 103.18
N ARG JF 148 -16.49 8.21 102.73
CA ARG JF 148 -17.42 7.68 101.74
C ARG JF 148 -16.75 7.50 100.39
N GLN JF 149 -15.87 8.42 100.02
CA GLN JF 149 -15.16 8.34 98.75
C GLN JF 149 -13.96 7.41 98.81
N TYR JF 150 -13.67 6.84 99.97
CA TYR JF 150 -12.65 5.81 100.07
C TYR JF 150 -13.21 4.43 100.40
N LEU JF 151 -14.44 4.35 100.89
CA LEU JF 151 -14.91 3.12 101.49
C LEU JF 151 -16.22 2.60 100.89
N TRP JF 152 -17.12 3.51 100.51
CA TRP JF 152 -18.42 3.10 100.01
C TRP JF 152 -18.23 2.52 98.63
N MET JF 153 -18.11 1.20 98.56
CA MET JF 153 -18.03 0.50 97.29
C MET JF 153 -19.35 0.62 96.55
N ASP JF 154 -19.28 0.59 95.23
CA ASP JF 154 -20.46 0.76 94.40
C ASP JF 154 -21.38 -0.44 94.50
N TYR JF 155 -22.68 -0.17 94.43
CA TYR JF 155 -23.71 -1.19 94.42
C TYR JF 155 -24.54 -1.05 93.15
N VAL JF 156 -24.77 -2.17 92.48
CA VAL JF 156 -25.67 -2.24 91.35
C VAL JF 156 -26.49 -3.50 91.52
N LYS JF 157 -27.63 -3.57 90.83
CA LYS JF 157 -28.54 -4.70 90.96
C LYS JF 157 -28.75 -5.37 89.60
N PRO JF 158 -27.88 -6.31 89.23
CA PRO JF 158 -28.10 -7.08 87.99
C PRO JF 158 -29.20 -8.10 88.20
N GLU JF 159 -30.30 -7.95 87.47
CA GLU JF 159 -31.43 -8.88 87.55
C GLU JF 159 -31.92 -9.19 86.14
N ALA JF 160 -30.99 -9.51 85.24
CA ALA JF 160 -31.33 -9.83 83.85
C ALA JF 160 -30.73 -11.17 83.45
N PRO JF 161 -31.33 -12.28 83.89
CA PRO JF 161 -30.91 -13.60 83.39
C PRO JF 161 -31.64 -13.93 82.10
N ASN JF 162 -30.90 -13.98 81.00
CA ASN JF 162 -31.51 -14.31 79.72
C ASN JF 162 -31.89 -15.78 79.67
N VAL JF 163 -32.99 -16.08 78.99
CA VAL JF 163 -33.45 -17.45 78.89
C VAL JF 163 -32.69 -18.14 77.77
N THR JF 164 -31.46 -18.56 78.05
CA THR JF 164 -30.62 -19.22 77.07
C THR JF 164 -30.32 -20.67 77.45
N LEU JF 165 -29.66 -20.89 78.59
CA LEU JF 165 -29.32 -22.23 79.05
C LEU JF 165 -30.28 -22.61 80.17
N LEU JF 166 -31.51 -22.93 79.78
CA LEU JF 166 -32.49 -23.39 80.77
C LEU JF 166 -32.34 -24.89 80.95
N PRO JF 167 -32.16 -25.38 82.17
CA PRO JF 167 -31.94 -26.82 82.39
C PRO JF 167 -33.21 -27.62 82.19
N LYS JF 168 -33.04 -28.81 81.62
CA LYS JF 168 -34.16 -29.71 81.33
C LYS JF 168 -34.20 -30.91 82.26
N THR JF 169 -33.05 -31.53 82.52
CA THR JF 169 -33.01 -32.65 83.44
C THR JF 169 -32.64 -32.17 84.84
N LYS JF 170 -32.97 -33.02 85.82
CA LYS JF 170 -32.76 -32.67 87.22
C LYS JF 170 -31.27 -32.63 87.56
N ALA JF 171 -30.46 -33.43 86.88
CA ALA JF 171 -29.02 -33.34 87.04
C ALA JF 171 -28.49 -32.01 86.51
N GLU JF 172 -29.06 -31.52 85.41
CA GLU JF 172 -28.70 -30.21 84.89
C GLU JF 172 -29.10 -29.11 85.86
N LYS JF 173 -30.27 -29.25 86.48
CA LYS JF 173 -30.70 -28.29 87.49
C LYS JF 173 -29.79 -28.33 88.71
N GLU JF 174 -29.35 -29.52 89.10
CA GLU JF 174 -28.46 -29.65 90.25
C GLU JF 174 -27.09 -29.02 89.96
N ILE JF 175 -26.52 -29.27 88.78
CA ILE JF 175 -25.21 -28.71 88.48
C ILE JF 175 -25.31 -27.20 88.27
N TRP JF 176 -26.43 -26.72 87.73
CA TRP JF 176 -26.61 -25.29 87.55
C TRP JF 176 -26.77 -24.58 88.90
N CYS JF 177 -27.47 -25.23 89.83
CA CYS JF 177 -27.61 -24.66 91.17
C CYS JF 177 -26.28 -24.64 91.92
N ILE JF 178 -25.49 -25.71 91.81
CA ILE JF 178 -24.24 -25.71 92.56
C ILE JF 178 -23.21 -24.78 91.92
N TYR JF 179 -23.28 -24.58 90.59
CA TYR JF 179 -22.43 -23.60 89.95
C TYR JF 179 -22.82 -22.19 90.37
N THR JF 180 -24.13 -21.96 90.53
CA THR JF 180 -24.61 -20.68 91.06
C THR JF 180 -24.12 -20.46 92.48
N GLU JF 181 -24.09 -21.52 93.30
CA GLU JF 181 -23.60 -21.42 94.66
C GLU JF 181 -22.11 -21.08 94.70
N ARG JF 182 -21.32 -21.73 93.82
CA ARG JF 182 -19.89 -21.43 93.77
C ARG JF 182 -19.64 -20.01 93.28
N GLY JF 183 -20.45 -19.53 92.35
CA GLY JF 183 -20.35 -18.13 91.95
C GLY JF 183 -20.74 -17.18 93.06
N TRP JF 184 -21.73 -17.57 93.87
CA TRP JF 184 -22.13 -16.78 95.04
C TRP JF 184 -20.95 -16.61 96.00
N LYS JF 185 -20.23 -17.72 96.25
CA LYS JF 185 -19.05 -17.69 97.09
C LYS JF 185 -17.96 -16.81 96.49
N ASN JF 186 -17.74 -16.92 95.18
CA ASN JF 186 -16.69 -16.15 94.51
C ASN JF 186 -16.97 -14.65 94.55
N GLY JF 187 -18.22 -14.26 94.32
CA GLY JF 187 -18.58 -12.85 94.40
C GLY JF 187 -18.44 -12.31 95.79
N ILE JF 188 -18.74 -13.13 96.80
CA ILE JF 188 -18.51 -12.74 98.20
C ILE JF 188 -17.03 -12.48 98.45
N ASP JF 189 -16.17 -13.38 97.96
CA ASP JF 189 -14.73 -13.24 98.16
C ASP JF 189 -14.17 -12.00 97.46
N GLN JF 190 -14.67 -11.72 96.26
CA GLN JF 190 -14.24 -10.54 95.53
C GLN JF 190 -14.63 -9.26 96.26
N ALA JF 191 -15.84 -9.24 96.83
CA ALA JF 191 -16.27 -8.09 97.63
C ALA JF 191 -15.38 -7.90 98.85
N ASN JF 192 -15.01 -9.01 99.50
CA ASN JF 192 -14.11 -8.95 100.66
C ASN JF 192 -12.75 -8.37 100.29
N THR JF 193 -12.22 -8.80 99.13
CA THR JF 193 -10.91 -8.33 98.69
C THR JF 193 -10.93 -6.85 98.36
N ILE JF 194 -11.99 -6.39 97.69
CA ILE JF 194 -12.11 -4.98 97.34
C ILE JF 194 -12.20 -4.12 98.59
N LEU JF 195 -13.01 -4.57 99.57
CA LEU JF 195 -13.13 -3.85 100.84
C LEU JF 195 -11.80 -3.78 101.56
N GLU JF 196 -11.05 -4.89 101.57
CA GLU JF 196 -9.75 -4.92 102.23
C GLU JF 196 -8.77 -3.96 101.57
N GLU JF 197 -8.78 -3.89 100.23
CA GLU JF 197 -7.90 -2.97 99.53
C GLU JF 197 -8.24 -1.51 99.84
N ASN JF 198 -9.54 -1.20 99.92
CA ASN JF 198 -9.95 0.15 100.28
C ASN JF 198 -9.54 0.50 101.70
N ILE JF 199 -9.65 -0.46 102.62
CA ILE JF 199 -9.27 -0.25 104.01
C ILE JF 199 -7.79 0.06 104.12
N ALA JF 200 -6.97 -0.72 103.40
CA ALA JF 200 -5.53 -0.50 103.41
C ALA JF 200 -5.16 0.84 102.80
N ARG JF 201 -5.89 1.26 101.76
CA ARG JF 201 -5.63 2.54 101.12
C ARG JF 201 -5.88 3.71 102.07
N ILE JF 202 -7.04 3.72 102.71
CA ILE JF 202 -7.37 4.85 103.57
C ILE JF 202 -6.52 4.82 104.84
N LYS JF 203 -6.14 3.63 105.31
CA LYS JF 203 -5.22 3.52 106.43
C LYS JF 203 -3.86 4.10 106.09
N GLU JF 204 -3.37 3.80 104.89
CA GLU JF 204 -2.09 4.34 104.43
C GLU JF 204 -2.13 5.86 104.34
N ASP JF 205 -3.26 6.40 103.86
CA ASP JF 205 -3.40 7.86 103.74
C ASP JF 205 -3.37 8.53 105.11
N PHE JF 206 -4.13 7.99 106.06
CA PHE JF 206 -4.18 8.59 107.40
C PHE JF 206 -2.84 8.45 108.13
N GLY JF 207 -2.16 7.32 107.92
CA GLY JF 207 -0.86 7.11 108.52
C GLY JF 207 0.18 8.07 107.96
N GLY JF 208 0.12 8.34 106.66
CA GLY JF 208 1.03 9.33 106.09
C GLY JF 208 0.76 10.72 106.62
N MET JF 209 -0.52 11.03 106.87
CA MET JF 209 -0.88 12.32 107.46
C MET JF 209 -0.28 12.50 108.85
N ILE JF 210 -0.51 11.52 109.73
CA ILE JF 210 0.00 11.66 111.10
C ILE JF 210 1.52 11.55 111.12
N LEU JF 211 2.09 10.83 110.15
CA LEU JF 211 3.54 10.74 110.02
C LEU JF 211 4.16 12.09 109.68
N TYR JF 212 3.54 12.84 108.74
CA TYR JF 212 4.01 14.19 108.45
C TYR JF 212 3.88 15.08 109.67
N ARG JF 213 2.74 15.02 110.35
CA ARG JF 213 2.48 15.91 111.49
C ARG JF 213 3.51 15.72 112.59
N LYS JF 214 3.82 14.48 112.92
CA LYS JF 214 4.73 14.29 114.02
C LYS JF 214 6.19 14.24 113.60
N LEU JF 215 6.49 14.08 112.31
CA LEU JF 215 7.85 14.32 111.87
C LEU JF 215 8.16 15.81 111.86
N LEU JF 216 7.17 16.63 111.49
CA LEU JF 216 7.30 18.08 111.63
C LEU JF 216 7.43 18.46 113.09
N ALA JF 217 6.72 17.77 113.97
CA ALA JF 217 6.92 17.95 115.40
C ALA JF 217 8.32 17.52 115.83
N MET JF 218 8.89 16.52 115.17
CA MET JF 218 10.24 16.06 115.47
C MET JF 218 11.31 16.89 114.79
N ASN JF 219 10.91 17.91 114.03
CA ASN JF 219 11.79 18.88 113.37
C ASN JF 219 12.68 18.19 112.35
N MET JF 220 12.02 17.52 111.40
CA MET JF 220 12.67 16.94 110.25
C MET JF 220 12.09 17.43 108.94
N VAL JF 221 10.91 18.03 108.96
CA VAL JF 221 10.25 18.54 107.76
C VAL JF 221 10.14 20.06 107.87
N SER JF 222 10.38 20.75 106.78
CA SER JF 222 10.16 22.19 106.75
C SER JF 222 8.66 22.48 106.73
N PRO JF 223 8.19 23.47 107.49
CA PRO JF 223 6.80 23.85 107.42
C PRO JF 223 6.51 24.59 106.13
N PRO JF 224 5.26 24.59 105.66
CA PRO JF 224 4.93 25.38 104.46
C PRO JF 224 4.92 26.86 104.75
N TYR JF 225 5.45 27.63 103.80
CA TYR JF 225 5.46 29.09 103.89
C TYR JF 225 4.44 29.65 102.91
N VAL JF 226 3.57 30.51 103.42
CA VAL JF 226 2.39 30.99 102.71
C VAL JF 226 2.36 32.51 102.78
N SER JF 227 2.21 33.16 101.63
CA SER JF 227 2.14 34.62 101.56
C SER JF 227 0.78 35.08 101.09
N HIS JF 228 0.44 36.30 101.50
CA HIS JF 228 -0.81 36.95 101.14
C HIS JF 228 -0.52 38.34 100.61
N THR JF 229 -1.24 38.72 99.55
CA THR JF 229 -1.22 40.08 99.04
C THR JF 229 -2.67 40.55 98.95
N ASP JF 230 -3.00 41.60 99.69
CA ASP JF 230 -4.35 42.14 99.67
C ASP JF 230 -4.33 43.52 99.05
N LEU JF 231 -5.21 43.73 98.09
CA LEU JF 231 -5.43 45.03 97.48
C LEU JF 231 -6.80 45.53 97.88
N GLY JF 232 -6.95 46.85 97.91
CA GLY JF 232 -8.19 47.47 98.35
C GLY JF 232 -9.24 47.49 97.27
N VAL JF 233 -9.82 48.66 97.02
CA VAL JF 233 -10.87 48.79 96.02
C VAL JF 233 -10.30 48.54 94.63
N THR JF 234 -10.99 47.71 93.86
CA THR JF 234 -10.51 47.27 92.56
C THR JF 234 -11.57 47.53 91.51
N GLY JF 235 -11.12 47.62 90.27
CA GLY JF 235 -12.00 47.60 89.12
C GLY JF 235 -12.35 48.98 88.61
N ASP JF 236 -13.21 48.97 87.60
CA ASP JF 236 -13.64 50.17 86.90
C ASP JF 236 -14.91 50.72 87.55
N GLY JF 237 -15.58 51.63 86.87
CA GLY JF 237 -16.85 52.15 87.33
C GLY JF 237 -18.03 51.23 87.10
N SER JF 238 -17.83 50.09 86.45
CA SER JF 238 -18.90 49.12 86.26
C SER JF 238 -18.73 47.86 87.09
N GLU JF 239 -17.50 47.39 87.28
CA GLU JF 239 -17.22 46.19 88.06
C GLU JF 239 -16.30 46.53 89.20
N ILE JF 240 -16.69 46.17 90.43
CA ILE JF 240 -15.86 46.46 91.60
C ILE JF 240 -15.86 45.28 92.55
N HIS JF 241 -14.72 45.09 93.20
CA HIS JF 241 -14.59 44.22 94.37
C HIS JF 241 -14.06 45.04 95.53
N ILE JF 242 -14.37 44.60 96.75
CA ILE JF 242 -14.05 45.40 97.92
C ILE JF 242 -12.59 45.23 98.32
N ASP JF 243 -12.16 43.97 98.53
CA ASP JF 243 -10.83 43.69 99.08
C ASP JF 243 -10.29 42.44 98.41
N ASP JF 244 -9.54 42.63 97.33
CA ASP JF 244 -9.06 41.49 96.56
C ASP JF 244 -7.85 40.93 97.30
N ARG JF 245 -8.07 39.87 98.06
CA ARG JF 245 -7.01 39.24 98.84
C ARG JF 245 -6.60 37.95 98.15
N VAL JF 246 -5.31 37.83 97.85
CA VAL JF 246 -4.76 36.73 97.08
C VAL JF 246 -3.79 35.97 97.96
N LEU JF 247 -3.99 34.66 98.05
CA LEU JF 247 -3.20 33.79 98.92
C LEU JF 247 -2.45 32.78 98.06
N ARG JF 248 -1.13 32.72 98.24
CA ARG JF 248 -0.31 31.71 97.60
C ARG JF 248 0.55 31.05 98.65
N ILE JF 249 1.05 29.86 98.34
CA ILE JF 249 2.08 29.22 99.16
C ILE JF 249 3.40 29.38 98.43
N THR JF 250 4.29 30.16 99.02
CA THR JF 250 5.61 30.37 98.44
C THR JF 250 6.47 29.11 98.53
N ALA JF 251 6.47 28.46 99.69
CA ALA JF 251 7.37 27.33 99.91
C ALA JF 251 6.58 26.11 100.34
N LEU JF 252 6.76 25.01 99.61
CA LEU JF 252 6.17 23.73 99.96
C LEU JF 252 6.89 23.13 101.15
N PRO JF 253 6.26 22.19 101.85
CA PRO JF 253 7.01 21.41 102.84
C PRO JF 253 8.00 20.46 102.17
N GLU JF 254 9.14 20.29 102.82
CA GLU JF 254 10.13 19.30 102.41
C GLU JF 254 11.01 18.95 103.61
N LEU JF 255 11.76 17.88 103.46
CA LEU JF 255 12.59 17.36 104.54
C LEU JF 255 13.95 18.06 104.56
N ASN JF 256 14.46 18.29 105.76
CA ASN JF 256 15.75 18.92 105.96
C ASN JF 256 16.76 17.84 106.34
N VAL JF 257 17.71 17.58 105.43
CA VAL JF 257 18.63 16.45 105.61
C VAL JF 257 19.80 16.79 106.52
N ASN JF 258 19.96 18.06 106.91
CA ASN JF 258 21.07 18.45 107.75
C ASN JF 258 20.83 18.02 109.18
N SER JF 259 21.82 17.36 109.77
CA SER JF 259 21.62 16.61 111.00
C SER JF 259 21.47 17.47 112.24
N ALA JF 260 22.15 18.63 112.28
CA ALA JF 260 22.25 19.39 113.52
C ALA JF 260 20.94 20.00 113.97
N GLU JF 261 19.97 20.16 113.08
CA GLU JF 261 18.71 20.80 113.38
C GLU JF 261 17.65 19.81 113.82
N TRP JF 262 18.06 18.69 114.40
CA TRP JF 262 17.15 17.61 114.75
C TRP JF 262 17.09 17.50 116.26
N ARG JF 263 15.89 17.39 116.79
CA ARG JF 263 15.68 17.34 118.23
C ARG JF 263 15.26 15.93 118.65
N ALA JF 264 15.52 15.62 119.92
CA ALA JF 264 15.18 14.34 120.50
C ALA JF 264 14.04 14.50 121.48
N ALA JF 265 13.63 13.39 122.08
CA ALA JF 265 12.56 13.39 123.08
C ALA JF 265 12.76 12.18 123.98
N VAL JF 266 12.14 12.25 125.16
CA VAL JF 266 12.30 11.20 126.16
C VAL JF 266 11.04 11.13 127.00
N ALA JF 267 10.45 9.93 127.09
CA ALA JF 267 9.21 9.74 127.81
C ALA JF 267 9.47 9.57 129.31
N LYS JF 268 8.44 9.16 130.04
CA LYS JF 268 8.58 8.88 131.46
C LYS JF 268 7.79 7.63 131.85
N LYS KF 60 -47.94 4.04 75.47
CA LYS KF 60 -46.78 3.78 76.33
C LYS KF 60 -45.98 5.07 76.51
N GLU KF 61 -44.90 5.18 75.74
CA GLU KF 61 -44.17 6.43 75.65
C GLU KF 61 -45.05 7.52 75.04
N THR KF 62 -45.91 7.13 74.10
CA THR KF 62 -46.92 8.03 73.57
C THR KF 62 -47.89 8.47 74.64
N ALA KF 63 -48.26 7.55 75.55
CA ALA KF 63 -49.13 7.88 76.66
C ALA KF 63 -48.46 8.88 77.60
N LEU KF 64 -47.17 8.70 77.84
CA LEU KF 64 -46.40 9.68 78.62
C LEU KF 64 -46.40 11.05 77.96
N SER KF 65 -46.21 11.08 76.63
CA SER KF 65 -46.14 12.35 75.91
C SER KF 65 -47.48 13.08 75.93
N VAL KF 66 -48.58 12.35 75.69
CA VAL KF 66 -49.88 13.01 75.66
C VAL KF 66 -50.32 13.41 77.07
N GLY KF 67 -49.90 12.66 78.10
CA GLY KF 67 -50.17 13.07 79.46
C GLY KF 67 -49.41 14.33 79.83
N ALA KF 68 -48.17 14.45 79.34
CA ALA KF 68 -47.39 15.68 79.54
C ALA KF 68 -48.06 16.87 78.87
N GLN KF 69 -48.56 16.66 77.64
CA GLN KF 69 -49.25 17.73 76.92
C GLN KF 69 -50.50 18.19 77.65
N ALA KF 70 -51.32 17.23 78.09
CA ALA KF 70 -52.59 17.56 78.74
C ALA KF 70 -52.35 18.22 80.10
N GLY KF 71 -51.41 17.69 80.88
CA GLY KF 71 -51.11 18.29 82.17
C GLY KF 71 -50.53 19.68 82.05
N LEU KF 72 -49.64 19.88 81.07
CA LEU KF 72 -49.06 21.21 80.86
C LEU KF 72 -50.11 22.21 80.44
N ALA KF 73 -51.02 21.83 79.53
CA ALA KF 73 -52.05 22.74 79.08
C ALA KF 73 -53.04 23.09 80.17
N TRP KF 74 -53.50 22.07 80.92
CA TRP KF 74 -54.47 22.31 81.98
C TRP KF 74 -53.88 23.15 83.10
N ARG KF 75 -52.64 22.84 83.50
CA ARG KF 75 -51.98 23.60 84.55
C ARG KF 75 -51.69 25.03 84.11
N ALA KF 76 -51.35 25.22 82.83
CA ALA KF 76 -51.14 26.57 82.30
C ALA KF 76 -52.41 27.39 82.34
N LYS KF 77 -53.55 26.77 81.97
CA LYS KF 77 -54.82 27.49 82.02
C LYS KF 77 -55.20 27.84 83.44
N ILE KF 78 -54.99 26.92 84.38
CA ILE KF 78 -55.30 27.15 85.78
C ILE KF 78 -54.45 28.26 86.36
N ILE KF 79 -53.14 28.24 86.06
CA ILE KF 79 -52.26 29.25 86.62
C ILE KF 79 -52.49 30.60 85.95
N ASP KF 80 -52.99 30.61 84.71
CA ASP KF 80 -53.28 31.89 84.06
C ASP KF 80 -54.52 32.54 84.65
N GLU KF 81 -55.57 31.76 84.90
CA GLU KF 81 -56.76 32.37 85.50
C GLU KF 81 -56.52 32.72 86.96
N GLN KF 82 -55.67 31.96 87.67
CA GLN KF 82 -55.34 32.37 89.03
C GLN KF 82 -54.41 33.57 89.05
N LEU KF 83 -53.61 33.74 88.01
CA LEU KF 83 -52.86 34.98 87.83
C LEU KF 83 -53.79 36.16 87.60
N ASN KF 84 -54.84 35.95 86.79
CA ASN KF 84 -55.83 36.98 86.54
C ASN KF 84 -56.69 37.27 87.75
N LYS KF 85 -56.73 36.34 88.72
CA LYS KF 85 -57.54 36.51 89.91
C LYS KF 85 -57.06 37.69 90.75
N GLN KF 86 -55.76 37.86 90.90
CA GLN KF 86 -55.23 38.81 91.86
C GLN KF 86 -54.42 39.91 91.20
N ALA KF 87 -54.93 40.45 90.09
CA ALA KF 87 -54.14 41.33 89.24
C ALA KF 87 -53.88 42.69 89.87
N ARG KF 88 -54.74 43.13 90.79
CA ARG KF 88 -54.55 44.44 91.42
C ARG KF 88 -53.35 44.43 92.34
N ASN KF 89 -53.15 43.33 93.07
CA ASN KF 89 -52.09 43.27 94.07
C ASN KF 89 -50.72 43.25 93.42
N LEU KF 90 -50.57 42.49 92.33
CA LEU KF 90 -49.28 42.38 91.66
C LEU KF 90 -48.85 43.71 91.05
N ASP KF 91 -49.79 44.40 90.40
CA ASP KF 91 -49.47 45.69 89.82
C ASP KF 91 -49.29 46.73 90.91
N ALA KF 92 -49.93 46.54 92.07
CA ALA KF 92 -49.69 47.40 93.21
C ALA KF 92 -48.27 47.24 93.72
N ILE KF 93 -47.80 46.00 93.85
CA ILE KF 93 -46.50 45.80 94.49
C ILE KF 93 -45.37 46.03 93.51
N TYR KF 94 -45.53 45.63 92.25
CA TYR KF 94 -44.47 45.80 91.26
C TYR KF 94 -44.74 47.02 90.41
N ASP KF 95 -44.63 48.18 91.04
CA ASP KF 95 -44.83 49.45 90.36
C ASP KF 95 -43.47 50.02 89.98
N PHE KF 96 -43.15 50.00 88.70
CA PHE KF 96 -41.98 50.73 88.21
C PHE KF 96 -42.24 52.23 88.13
N ASN KF 97 -43.51 52.63 88.17
CA ASN KF 97 -43.87 54.02 87.88
C ASN KF 97 -43.39 54.96 88.97
N SER KF 98 -43.56 54.58 90.23
CA SER KF 98 -42.95 55.33 91.32
C SER KF 98 -41.44 55.12 91.35
N LEU KF 99 -40.95 54.02 90.80
CA LEU KF 99 -39.53 53.74 90.79
C LEU KF 99 -38.79 54.50 89.70
N VAL KF 100 -39.50 55.12 88.76
CA VAL KF 100 -38.88 55.66 87.57
C VAL KF 100 -38.13 56.94 87.89
N LEU KF 101 -37.21 57.31 87.00
CA LEU KF 101 -36.48 58.55 87.11
C LEU KF 101 -37.24 59.65 86.39
N GLU KF 102 -36.97 60.89 86.80
CA GLU KF 102 -37.79 62.03 86.38
C GLU KF 102 -37.58 62.43 84.93
N HIS KF 103 -36.50 61.99 84.31
CA HIS KF 103 -36.26 62.27 82.90
C HIS KF 103 -36.71 61.12 82.01
N ASN KF 104 -37.65 60.30 82.51
CA ASN KF 104 -38.21 59.14 81.80
C ASN KF 104 -37.11 58.17 81.37
N ILE KF 105 -36.28 57.79 82.33
CA ILE KF 105 -35.15 56.90 82.12
C ILE KF 105 -35.36 55.66 82.95
N LEU KF 106 -35.16 54.50 82.36
CA LEU KF 106 -35.14 53.27 83.12
C LEU KF 106 -33.88 53.26 83.97
N PRO KF 107 -33.97 53.12 85.29
CA PRO KF 107 -32.77 53.04 86.11
C PRO KF 107 -32.03 51.75 85.84
N PRO KF 108 -30.70 51.74 86.01
CA PRO KF 108 -29.92 50.57 85.62
C PRO KF 108 -30.07 49.43 86.63
N VAL KF 109 -29.65 48.25 86.19
CA VAL KF 109 -29.77 47.03 86.97
C VAL KF 109 -28.42 46.74 87.62
N LEU KF 110 -28.43 46.49 88.92
CA LEU KF 110 -27.22 46.35 89.70
C LEU KF 110 -27.21 45.02 90.43
N LEU KF 111 -26.01 44.45 90.60
CA LEU KF 111 -25.82 43.17 91.25
C LEU KF 111 -24.81 43.31 92.36
N GLU KF 112 -25.05 42.60 93.45
CA GLU KF 112 -24.15 42.57 94.58
C GLU KF 112 -23.76 41.14 94.90
N GLY KF 113 -22.63 41.00 95.59
CA GLY KF 113 -22.18 39.69 96.02
C GLY KF 113 -21.41 39.80 97.32
N ARG KF 114 -21.60 38.83 98.22
CA ARG KF 114 -20.96 38.86 99.52
C ARG KF 114 -20.14 37.61 99.74
N ASN KF 115 -19.02 37.80 100.44
CA ASN KF 115 -18.15 36.72 100.94
C ASN KF 115 -17.63 35.85 99.80
N THR KF 116 -17.07 36.52 98.80
CA THR KF 116 -16.71 35.85 97.56
C THR KF 116 -15.43 35.06 97.75
N LEU KF 117 -15.44 33.79 97.35
CA LEU KF 117 -14.21 33.02 97.26
C LEU KF 117 -14.14 32.33 95.91
N ASN KF 118 -12.95 32.33 95.33
CA ASN KF 118 -12.66 31.52 94.16
C ASN KF 118 -11.32 30.85 94.36
N LEU KF 119 -11.30 29.53 94.22
CA LEU KF 119 -10.07 28.78 94.09
C LEU KF 119 -9.82 28.61 92.60
N ALA KF 120 -8.85 29.33 92.06
CA ALA KF 120 -8.45 29.12 90.68
C ALA KF 120 -7.79 27.75 90.52
N ASP KF 121 -6.85 27.44 91.38
CA ASP KF 121 -6.17 26.15 91.43
C ASP KF 121 -5.48 26.04 92.78
N ALA KF 122 -4.61 25.05 92.91
CA ALA KF 122 -3.72 25.00 94.06
C ALA KF 122 -2.74 26.17 94.02
N GLN KF 123 -2.25 26.52 95.20
CA GLN KF 123 -1.34 27.65 95.46
C GLN KF 123 -1.94 28.99 95.04
N SER KF 124 -3.26 29.11 95.01
CA SER KF 124 -3.90 30.33 94.50
C SER KF 124 -5.32 30.40 95.05
N ILE KF 125 -5.56 31.35 95.95
CA ILE KF 125 -6.89 31.61 96.48
C ILE KF 125 -7.17 33.09 96.28
N ARG KF 126 -8.36 33.43 95.79
CA ARG KF 126 -8.75 34.82 95.64
C ARG KF 126 -10.07 35.05 96.36
N ILE KF 127 -10.04 35.88 97.40
CA ILE KF 127 -11.24 36.16 98.18
C ILE KF 127 -11.51 37.66 98.13
N SER KF 128 -12.77 38.01 98.43
CA SER KF 128 -13.16 39.39 98.64
C SER KF 128 -14.38 39.42 99.54
N ASP KF 129 -14.59 40.57 100.18
CA ASP KF 129 -15.76 40.72 101.04
C ASP KF 129 -17.02 40.85 100.20
N ARG KF 130 -17.10 41.89 99.38
CA ARG KF 130 -18.26 42.12 98.55
C ARG KF 130 -17.81 42.52 97.15
N THR KF 131 -18.77 42.50 96.24
CA THR KF 131 -18.54 42.90 94.86
C THR KF 131 -19.83 43.45 94.29
N TYR KF 132 -19.69 44.27 93.24
CA TYR KF 132 -20.84 44.86 92.58
C TYR KF 132 -20.60 44.89 91.08
N LYS KF 133 -21.66 44.61 90.33
CA LYS KF 133 -21.63 44.50 88.88
C LYS KF 133 -22.80 45.25 88.29
N VAL KF 134 -22.54 46.06 87.27
CA VAL KF 134 -23.62 46.69 86.50
C VAL KF 134 -24.11 45.65 85.51
N ALA KF 135 -25.31 45.11 85.74
CA ALA KF 135 -25.86 44.11 84.84
C ALA KF 135 -26.39 44.75 83.57
N LYS KF 136 -27.36 45.65 83.70
CA LYS KF 136 -27.93 46.34 82.56
C LYS KF 136 -27.73 47.84 82.72
N GLN KF 137 -27.16 48.46 81.69
CA GLN KF 137 -26.97 49.90 81.69
C GLN KF 137 -28.32 50.61 81.55
N ALA KF 138 -28.41 51.78 82.18
CA ALA KF 138 -29.61 52.60 82.09
C ALA KF 138 -29.83 53.11 80.67
N HIS KF 139 -31.10 53.30 80.31
CA HIS KF 139 -31.45 53.79 78.99
C HIS KF 139 -32.77 54.53 79.06
N PHE KF 140 -33.09 55.22 77.96
CA PHE KF 140 -34.34 55.96 77.86
C PHE KF 140 -35.53 55.02 77.83
N ILE KF 141 -36.66 55.49 78.35
CA ILE KF 141 -37.88 54.70 78.41
C ILE KF 141 -39.01 55.56 77.87
N THR KF 142 -40.06 54.89 77.42
CA THR KF 142 -41.26 55.56 76.93
C THR KF 142 -42.48 55.23 77.77
N THR KF 143 -42.76 53.95 77.97
CA THR KF 143 -43.77 53.48 78.89
C THR KF 143 -43.11 52.71 80.01
N PRO KF 144 -43.61 52.81 81.25
CA PRO KF 144 -43.11 51.95 82.31
C PRO KF 144 -43.49 50.50 82.04
N PRO KF 145 -42.67 49.55 82.47
CA PRO KF 145 -42.97 48.14 82.18
C PRO KF 145 -44.10 47.59 83.00
N THR KF 146 -44.39 46.30 82.84
CA THR KF 146 -45.32 45.63 83.73
C THR KF 146 -44.96 44.16 83.82
N TRP KF 147 -45.46 43.54 84.89
CA TRP KF 147 -45.20 42.13 85.15
C TRP KF 147 -45.84 41.22 84.13
N ARG KF 148 -46.90 41.68 83.47
CA ARG KF 148 -47.61 40.84 82.50
C ARG KF 148 -46.79 40.55 81.26
N GLN KF 149 -45.71 41.29 81.04
CA GLN KF 149 -44.69 40.92 80.07
C GLN KF 149 -43.78 39.81 80.55
N TYR KF 150 -43.95 39.36 81.79
CA TYR KF 150 -43.04 38.40 82.39
C TYR KF 150 -43.72 37.15 82.91
N LEU KF 151 -44.94 37.27 83.46
CA LEU KF 151 -45.53 36.19 84.22
C LEU KF 151 -46.67 35.48 83.53
N TRP KF 152 -47.32 36.11 82.55
CA TRP KF 152 -48.43 35.47 81.85
C TRP KF 152 -47.93 34.31 81.00
N MET KF 153 -48.70 33.23 80.97
CA MET KF 153 -48.31 32.02 80.29
C MET KF 153 -49.03 31.91 78.96
N ASP KF 154 -48.33 31.37 77.96
CA ASP KF 154 -48.97 31.07 76.69
C ASP KF 154 -49.94 29.90 76.87
N TYR KF 155 -51.10 30.01 76.22
CA TYR KF 155 -52.13 28.99 76.35
C TYR KF 155 -52.63 28.61 74.96
N VAL KF 156 -52.23 27.42 74.52
CA VAL KF 156 -52.74 26.84 73.28
C VAL KF 156 -53.45 25.56 73.65
N LYS KF 157 -54.75 25.51 73.40
CA LYS KF 157 -55.51 24.31 73.71
C LYS KF 157 -55.19 23.23 72.69
N PRO KF 158 -54.81 22.02 73.13
CA PRO KF 158 -54.64 20.91 72.18
C PRO KF 158 -55.98 20.22 71.98
N GLU KF 159 -56.41 20.11 70.73
CA GLU KF 159 -57.67 19.46 70.40
C GLU KF 159 -57.47 18.24 69.52
N ALA KF 160 -56.24 17.85 69.23
CA ALA KF 160 -55.95 16.80 68.25
C ALA KF 160 -55.06 15.73 68.87
N PRO KF 161 -55.63 14.79 69.60
CA PRO KF 161 -54.90 13.56 69.94
C PRO KF 161 -54.96 12.61 68.75
N ASN KF 162 -53.85 12.50 68.03
CA ASN KF 162 -53.76 11.61 66.89
C ASN KF 162 -53.66 10.18 67.41
N VAL KF 163 -54.80 9.51 67.54
CA VAL KF 163 -54.86 8.18 68.14
C VAL KF 163 -54.32 7.18 67.13
N THR KF 164 -53.20 6.56 67.46
CA THR KF 164 -52.52 5.63 66.56
C THR KF 164 -52.73 4.18 66.99
N LEU KF 165 -52.32 3.83 68.21
CA LEU KF 165 -52.47 2.49 68.74
C LEU KF 165 -53.44 2.52 69.92
N LEU KF 166 -54.27 1.50 70.01
CA LEU KF 166 -55.12 1.40 71.16
C LEU KF 166 -54.69 0.23 72.02
N PRO KF 167 -54.79 0.36 73.35
CA PRO KF 167 -54.54 -0.80 74.21
C PRO KF 167 -55.65 -1.83 74.06
N LYS KF 168 -55.24 -3.09 73.92
CA LYS KF 168 -56.17 -4.16 73.60
C LYS KF 168 -56.93 -4.62 74.83
N THR KF 169 -56.20 -5.11 75.84
CA THR KF 169 -56.80 -5.73 77.00
C THR KF 169 -56.63 -4.83 78.23
N LYS KF 170 -57.02 -5.39 79.38
CA LYS KF 170 -57.12 -4.64 80.62
C LYS KF 170 -55.77 -4.15 81.11
N ALA KF 171 -54.73 -4.99 80.98
CA ALA KF 171 -53.42 -4.66 81.53
C ALA KF 171 -52.78 -3.51 80.77
N GLU KF 172 -52.81 -3.57 79.44
CA GLU KF 172 -52.27 -2.47 78.64
C GLU KF 172 -53.11 -1.22 78.78
N LYS KF 173 -54.44 -1.38 78.94
CA LYS KF 173 -55.29 -0.22 79.21
C LYS KF 173 -54.92 0.46 80.53
N GLU KF 174 -54.67 -0.32 81.57
CA GLU KF 174 -54.35 0.25 82.87
C GLU KF 174 -52.96 0.85 82.92
N ILE KF 175 -51.98 0.22 82.27
CA ILE KF 175 -50.65 0.83 82.25
C ILE KF 175 -50.65 2.07 81.38
N TRP KF 176 -51.49 2.10 80.35
CA TRP KF 176 -51.69 3.30 79.55
C TRP KF 176 -52.28 4.43 80.37
N CYS KF 177 -53.28 4.09 81.21
CA CYS KF 177 -53.93 5.09 82.06
C CYS KF 177 -52.95 5.65 83.10
N ILE KF 178 -52.17 4.79 83.74
CA ILE KF 178 -51.26 5.29 84.76
C ILE KF 178 -50.07 5.99 84.14
N TYR KF 179 -49.72 5.66 82.89
CA TYR KF 179 -48.64 6.39 82.23
C TYR KF 179 -49.09 7.77 81.83
N THR KF 180 -50.36 7.91 81.41
CA THR KF 180 -50.93 9.23 81.22
C THR KF 180 -51.02 9.99 82.54
N GLU KF 181 -51.25 9.27 83.65
CA GLU KF 181 -51.31 9.90 84.96
C GLU KF 181 -49.96 10.50 85.35
N ARG KF 182 -48.90 9.72 85.21
CA ARG KF 182 -47.59 10.24 85.60
C ARG KF 182 -47.10 11.30 84.62
N GLY KF 183 -47.48 11.21 83.34
CA GLY KF 183 -47.20 12.30 82.42
C GLY KF 183 -47.94 13.57 82.79
N TRP KF 184 -49.18 13.42 83.26
CA TRP KF 184 -49.96 14.56 83.77
C TRP KF 184 -49.26 15.23 84.95
N LYS KF 185 -48.74 14.41 85.86
CA LYS KF 185 -47.96 14.92 86.99
C LYS KF 185 -46.70 15.64 86.53
N ASN KF 186 -46.00 15.08 85.54
CA ASN KF 186 -44.76 15.69 85.06
C ASN KF 186 -45.02 17.00 84.34
N GLY KF 187 -46.11 17.10 83.59
CA GLY KF 187 -46.44 18.35 82.94
C GLY KF 187 -46.81 19.43 83.92
N ILE KF 188 -47.52 19.07 85.00
CA ILE KF 188 -47.81 20.01 86.08
C ILE KF 188 -46.51 20.49 86.72
N ASP KF 189 -45.59 19.55 86.97
CA ASP KF 189 -44.31 19.89 87.59
C ASP KF 189 -43.49 20.83 86.71
N GLN KF 190 -43.48 20.58 85.40
CA GLN KF 190 -42.75 21.41 84.47
C GLN KF 190 -43.32 22.82 84.42
N ALA KF 191 -44.65 22.93 84.43
CA ALA KF 191 -45.28 24.25 84.45
C ALA KF 191 -44.93 25.03 85.71
N ASN KF 192 -44.93 24.34 86.86
CA ASN KF 192 -44.58 25.00 88.12
C ASN KF 192 -43.13 25.46 88.12
N THR KF 193 -42.24 24.65 87.55
CA THR KF 193 -40.83 25.02 87.46
C THR KF 193 -40.62 26.23 86.56
N ILE KF 194 -41.37 26.29 85.45
CA ILE KF 194 -41.29 27.43 84.55
C ILE KF 194 -41.76 28.70 85.24
N LEU KF 195 -42.86 28.61 85.97
CA LEU KF 195 -43.37 29.75 86.74
C LEU KF 195 -42.37 30.22 87.79
N GLU KF 196 -41.67 29.26 88.42
CA GLU KF 196 -40.65 29.61 89.39
C GLU KF 196 -39.49 30.36 88.75
N GLU KF 197 -39.09 29.92 87.55
CA GLU KF 197 -38.01 30.61 86.83
C GLU KF 197 -38.42 32.03 86.45
N ASN KF 198 -39.67 32.21 86.02
CA ASN KF 198 -40.15 33.54 85.65
C ASN KF 198 -40.19 34.48 86.84
N ILE KF 199 -40.71 34.01 87.98
CA ILE KF 199 -40.82 34.89 89.13
C ILE KF 199 -39.43 35.18 89.71
N ALA KF 200 -38.49 34.25 89.56
CA ALA KF 200 -37.11 34.53 89.93
C ALA KF 200 -36.50 35.62 89.06
N ARG KF 201 -36.79 35.60 87.75
CA ARG KF 201 -36.27 36.63 86.86
C ARG KF 201 -36.83 38.01 87.20
N ILE KF 202 -38.13 38.08 87.47
CA ILE KF 202 -38.71 39.39 87.76
C ILE KF 202 -38.26 39.90 89.12
N LYS KF 203 -37.98 38.97 90.05
CA LYS KF 203 -37.36 39.34 91.32
C LYS KF 203 -35.97 39.91 91.11
N GLU KF 204 -35.21 39.31 90.18
CA GLU KF 204 -33.87 39.82 89.85
C GLU KF 204 -33.93 41.23 89.32
N ASP KF 205 -34.89 41.52 88.43
CA ASP KF 205 -35.00 42.86 87.85
C ASP KF 205 -35.36 43.90 88.91
N PHE KF 206 -36.36 43.58 89.75
CA PHE KF 206 -36.79 44.52 90.78
C PHE KF 206 -35.69 44.74 91.82
N GLY KF 207 -34.96 43.67 92.15
CA GLY KF 207 -33.85 43.80 93.08
C GLY KF 207 -32.73 44.64 92.54
N GLY KF 208 -32.46 44.53 91.23
CA GLY KF 208 -31.43 45.36 90.62
C GLY KF 208 -31.78 46.84 90.65
N MET KF 209 -33.04 47.17 90.36
CA MET KF 209 -33.45 48.57 90.42
C MET KF 209 -33.42 49.12 91.84
N ILE KF 210 -33.89 48.35 92.82
CA ILE KF 210 -33.91 48.88 94.19
C ILE KF 210 -32.50 48.94 94.76
N LEU KF 211 -31.59 48.07 94.30
CA LEU KF 211 -30.19 48.16 94.70
C LEU KF 211 -29.55 49.41 94.12
N TYR KF 212 -29.93 49.77 92.89
CA TYR KF 212 -29.45 51.03 92.32
C TYR KF 212 -29.91 52.22 93.12
N ARG KF 213 -31.18 52.21 93.55
CA ARG KF 213 -31.68 53.31 94.39
C ARG KF 213 -30.94 53.38 95.72
N LYS KF 214 -30.68 52.22 96.32
CA LYS KF 214 -29.96 52.18 97.59
C LYS KF 214 -28.55 52.73 97.47
N LEU KF 215 -27.83 52.35 96.41
CA LEU KF 215 -26.47 52.85 96.26
C LEU KF 215 -26.43 54.32 95.86
N LEU KF 216 -27.43 54.77 95.10
CA LEU KF 216 -27.52 56.18 94.77
C LEU KF 216 -27.76 57.01 96.02
N ALA KF 217 -28.55 56.48 96.95
CA ALA KF 217 -28.63 57.10 98.27
C ALA KF 217 -27.30 57.01 99.00
N MET KF 218 -26.58 55.90 98.84
CA MET KF 218 -25.32 55.67 99.53
C MET KF 218 -24.17 56.50 98.98
N ASN KF 219 -24.38 57.22 97.88
CA ASN KF 219 -23.36 57.97 97.15
C ASN KF 219 -22.26 57.02 96.68
N MET KF 220 -22.68 56.11 95.79
CA MET KF 220 -21.78 55.16 95.16
C MET KF 220 -21.80 55.21 93.65
N VAL KF 221 -22.82 55.80 93.05
CA VAL KF 221 -22.94 55.86 91.60
C VAL KF 221 -23.20 57.29 91.18
N SER KF 222 -22.68 57.62 90.00
CA SER KF 222 -22.94 58.94 89.43
C SER KF 222 -24.39 59.01 88.96
N PRO KF 223 -25.04 60.17 89.08
CA PRO KF 223 -26.34 60.34 88.46
C PRO KF 223 -26.21 60.41 86.96
N PRO KF 224 -27.21 59.97 86.22
CA PRO KF 224 -27.16 60.09 84.75
C PRO KF 224 -27.30 61.53 84.29
N TYR KF 225 -26.24 62.07 83.71
CA TYR KF 225 -26.26 63.45 83.26
C TYR KF 225 -26.93 63.56 81.90
N VAL KF 226 -27.74 64.61 81.74
CA VAL KF 226 -28.57 64.79 80.55
C VAL KF 226 -28.45 66.23 80.10
N SER KF 227 -28.17 66.43 78.82
CA SER KF 227 -28.21 67.75 78.21
C SER KF 227 -29.41 67.87 77.28
N HIS KF 228 -29.96 69.07 77.21
CA HIS KF 228 -31.00 69.40 76.25
C HIS KF 228 -30.64 70.70 75.56
N THR KF 229 -30.85 70.73 74.25
CA THR KF 229 -30.64 71.90 73.43
C THR KF 229 -31.94 72.27 72.75
N ASP KF 230 -32.11 73.56 72.48
CA ASP KF 230 -33.36 74.10 71.99
C ASP KF 230 -33.13 74.84 70.67
N LEU KF 231 -33.99 74.56 69.71
CA LEU KF 231 -34.03 75.28 68.44
C LEU KF 231 -35.42 75.88 68.30
N GLY KF 232 -35.47 77.09 67.74
CA GLY KF 232 -36.74 77.78 67.61
C GLY KF 232 -37.55 77.29 66.44
N VAL KF 233 -38.12 78.21 65.66
CA VAL KF 233 -38.86 77.82 64.48
C VAL KF 233 -37.87 77.29 63.44
N THR KF 234 -38.04 76.05 63.05
CA THR KF 234 -37.12 75.38 62.13
C THR KF 234 -37.92 74.71 61.03
N GLY KF 235 -37.35 74.69 59.84
CA GLY KF 235 -37.98 74.12 58.67
C GLY KF 235 -38.03 75.10 57.51
N ASP KF 236 -38.42 74.56 56.36
CA ASP KF 236 -38.48 75.33 55.13
C ASP KF 236 -39.87 75.92 54.95
N GLY KF 237 -40.15 76.44 53.76
CA GLY KF 237 -41.47 76.94 53.44
C GLY KF 237 -42.53 75.89 53.20
N SER KF 238 -42.13 74.61 53.13
CA SER KF 238 -43.08 73.52 53.01
C SER KF 238 -43.48 72.96 54.37
N GLU KF 239 -42.51 72.66 55.22
CA GLU KF 239 -42.77 72.15 56.55
C GLU KF 239 -41.97 72.94 57.57
N ILE KF 240 -42.55 73.09 58.76
CA ILE KF 240 -41.90 73.78 59.86
C ILE KF 240 -42.14 73.02 61.16
N HIS KF 241 -41.25 73.25 62.11
CA HIS KF 241 -41.38 72.78 63.48
C HIS KF 241 -41.30 73.99 64.40
N ILE KF 242 -42.15 74.01 65.43
CA ILE KF 242 -42.31 75.21 66.25
C ILE KF 242 -41.15 75.37 67.22
N ASP KF 243 -40.93 74.38 68.08
CA ASP KF 243 -39.93 74.46 69.14
C ASP KF 243 -39.23 73.12 69.26
N ASP KF 244 -38.16 72.94 68.48
CA ASP KF 244 -37.46 71.66 68.47
C ASP KF 244 -36.62 71.52 69.72
N ARG KF 245 -36.73 70.37 70.37
CA ARG KF 245 -35.96 70.07 71.57
C ARG KF 245 -35.16 68.80 71.32
N VAL KF 246 -33.85 68.85 71.61
CA VAL KF 246 -32.95 67.73 71.41
C VAL KF 246 -32.38 67.34 72.76
N LEU KF 247 -32.62 66.08 73.16
CA LEU KF 247 -32.22 65.60 74.47
C LEU KF 247 -31.26 64.44 74.31
N ARG KF 248 -30.07 64.58 74.87
CA ARG KF 248 -29.08 63.51 74.87
C ARG KF 248 -28.52 63.33 76.27
N ILE KF 249 -28.54 62.10 76.76
CA ILE KF 249 -27.81 61.79 77.98
C ILE KF 249 -26.35 61.58 77.64
N THR KF 250 -25.48 62.08 78.50
CA THR KF 250 -24.04 62.07 78.24
C THR KF 250 -23.27 61.14 79.16
N ALA KF 251 -23.42 61.32 80.48
CA ALA KF 251 -22.68 60.54 81.46
C ALA KF 251 -23.60 59.45 81.99
N LEU KF 252 -23.28 58.21 81.65
CA LEU KF 252 -24.03 57.07 82.17
C LEU KF 252 -23.74 56.89 83.66
N PRO KF 253 -24.68 56.33 84.42
CA PRO KF 253 -24.40 56.02 85.82
C PRO KF 253 -23.34 54.94 85.96
N GLU KF 254 -22.42 55.13 86.90
CA GLU KF 254 -21.35 54.18 87.13
C GLU KF 254 -20.89 54.29 88.58
N LEU KF 255 -20.18 53.27 89.03
CA LEU KF 255 -19.68 53.22 90.39
C LEU KF 255 -18.46 54.12 90.56
N ASN KF 256 -18.28 54.62 91.78
CA ASN KF 256 -17.09 55.38 92.12
C ASN KF 256 -16.05 54.46 92.75
N VAL KF 257 -14.78 54.70 92.41
CA VAL KF 257 -13.71 53.88 92.96
C VAL KF 257 -13.06 54.52 94.17
N ASN KF 258 -13.14 55.84 94.31
CA ASN KF 258 -12.68 56.47 95.54
C ASN KF 258 -13.72 56.26 96.63
N SER KF 259 -13.23 56.17 97.86
CA SER KF 259 -14.09 55.88 98.99
C SER KF 259 -14.07 56.96 100.05
N ALA KF 260 -13.30 58.04 99.86
CA ALA KF 260 -13.31 59.13 100.81
C ALA KF 260 -14.62 59.90 100.80
N GLU KF 261 -15.38 59.81 99.71
CA GLU KF 261 -16.66 60.48 99.57
C GLU KF 261 -17.84 59.59 99.95
N TRP KF 262 -17.59 58.35 100.35
CA TRP KF 262 -18.66 57.41 100.61
C TRP KF 262 -19.36 57.75 101.92
N ARG KF 263 -20.66 57.53 101.95
CA ARG KF 263 -21.50 57.94 103.07
C ARG KF 263 -22.08 56.71 103.77
N ALA KF 264 -22.01 56.70 105.09
CA ALA KF 264 -22.47 55.59 105.91
C ALA KF 264 -23.88 55.88 106.42
N ALA KF 265 -24.37 55.02 107.31
CA ALA KF 265 -25.72 55.10 107.83
C ALA KF 265 -25.71 54.94 109.34
N VAL KF 266 -26.88 55.17 109.94
CA VAL KF 266 -27.11 55.01 111.37
C VAL KF 266 -28.59 54.69 111.56
N ALA KF 267 -28.98 54.31 112.77
CA ALA KF 267 -30.39 54.10 113.07
C ALA KF 267 -30.63 54.44 114.54
N LYS KF 268 -31.88 54.24 114.97
CA LYS KF 268 -32.27 54.50 116.34
C LYS KF 268 -33.31 53.51 116.84
N LYS LF 60 -79.95 35.24 14.45
CA LYS LF 60 -79.67 36.25 15.46
C LYS LF 60 -78.98 37.46 14.83
N GLU LF 61 -77.66 37.34 14.72
CA GLU LF 61 -76.84 38.39 14.14
C GLU LF 61 -77.12 38.58 12.65
N THR LF 62 -77.51 37.51 11.95
CA THR LF 62 -77.88 37.62 10.55
C THR LF 62 -79.15 38.44 10.38
N ALA LF 63 -80.15 38.17 11.23
CA ALA LF 63 -81.37 38.97 11.23
C ALA LF 63 -81.10 40.40 11.64
N LEU LF 64 -80.17 40.60 12.58
CA LEU LF 64 -79.75 41.95 12.97
C LEU LF 64 -79.16 42.73 11.80
N SER LF 65 -78.27 42.07 11.05
CA SER LF 65 -77.60 42.72 9.94
C SER LF 65 -78.56 43.01 8.79
N VAL LF 66 -79.44 42.07 8.46
CA VAL LF 66 -80.36 42.32 7.36
C VAL LF 66 -81.43 43.33 7.76
N GLY LF 67 -81.80 43.37 9.04
CA GLY LF 67 -82.70 44.41 9.51
C GLY LF 67 -82.07 45.78 9.47
N ALA LF 68 -80.77 45.84 9.80
CA ALA LF 68 -80.04 47.10 9.68
C ALA LF 68 -79.97 47.56 8.24
N GLN LF 69 -79.70 46.64 7.32
CA GLN LF 69 -79.61 46.98 5.90
C GLN LF 69 -80.95 47.44 5.36
N ALA LF 70 -82.02 46.71 5.68
CA ALA LF 70 -83.35 47.04 5.17
C ALA LF 70 -83.85 48.36 5.76
N GLY LF 71 -83.67 48.57 7.06
CA GLY LF 71 -84.10 49.81 7.68
C GLY LF 71 -83.32 51.01 7.19
N LEU LF 72 -82.00 50.84 7.01
CA LEU LF 72 -81.17 51.92 6.49
C LEU LF 72 -81.59 52.31 5.08
N ALA LF 73 -81.82 51.31 4.23
CA ALA LF 73 -82.24 51.59 2.86
C ALA LF 73 -83.64 52.21 2.81
N TRP LF 74 -84.54 51.72 3.67
CA TRP LF 74 -85.92 52.20 3.66
C TRP LF 74 -85.99 53.64 4.13
N ARG LF 75 -85.34 53.96 5.25
CA ARG LF 75 -85.30 55.32 5.75
C ARG LF 75 -84.55 56.24 4.81
N ALA LF 76 -83.51 55.73 4.15
CA ALA LF 76 -82.78 56.50 3.16
C ALA LF 76 -83.66 56.87 1.98
N LYS LF 77 -84.47 55.93 1.50
CA LYS LF 77 -85.38 56.22 0.40
C LYS LF 77 -86.45 57.20 0.84
N ILE LF 78 -86.92 57.08 2.07
CA ILE LF 78 -87.94 57.99 2.61
C ILE LF 78 -87.41 59.42 2.67
N ILE LF 79 -86.22 59.61 3.22
CA ILE LF 79 -85.70 60.96 3.36
C ILE LF 79 -85.27 61.53 2.01
N ASP LF 80 -84.82 60.68 1.09
CA ASP LF 80 -84.47 61.15 -0.23
C ASP LF 80 -85.70 61.61 -1.01
N GLU LF 81 -86.79 60.85 -0.94
CA GLU LF 81 -87.99 61.28 -1.64
C GLU LF 81 -88.67 62.44 -0.95
N GLN LF 82 -88.47 62.62 0.37
CA GLN LF 82 -88.96 63.82 1.02
C GLN LF 82 -88.18 65.05 0.57
N LEU LF 83 -86.86 64.89 0.42
CA LEU LF 83 -86.03 65.99 -0.09
C LEU LF 83 -86.38 66.31 -1.54
N ASN LF 84 -86.76 65.29 -2.31
CA ASN LF 84 -87.23 65.54 -3.68
C ASN LF 84 -88.58 66.23 -3.68
N LYS LF 85 -89.46 65.85 -2.74
CA LYS LF 85 -90.79 66.44 -2.68
C LYS LF 85 -90.74 67.91 -2.31
N GLN LF 86 -90.01 68.26 -1.26
CA GLN LF 86 -89.74 69.66 -0.99
C GLN LF 86 -88.28 69.92 -1.38
N ALA LF 87 -88.10 70.32 -2.63
CA ALA LF 87 -86.80 70.70 -3.14
C ALA LF 87 -86.69 72.18 -3.48
N ARG LF 88 -87.82 72.82 -3.84
CA ARG LF 88 -87.75 74.18 -4.37
C ARG LF 88 -87.37 75.20 -3.31
N ASN LF 89 -87.95 75.08 -2.11
CA ASN LF 89 -87.62 76.04 -1.06
C ASN LF 89 -86.21 75.84 -0.55
N LEU LF 90 -85.68 74.62 -0.70
CA LEU LF 90 -84.31 74.30 -0.30
C LEU LF 90 -83.30 75.09 -1.12
N ASP LF 91 -83.41 75.01 -2.45
CA ASP LF 91 -82.51 75.80 -3.27
C ASP LF 91 -82.91 77.25 -3.30
N ALA LF 92 -84.16 77.57 -2.95
CA ALA LF 92 -84.56 78.96 -2.82
C ALA LF 92 -83.84 79.62 -1.67
N ILE LF 93 -83.69 78.93 -0.54
CA ILE LF 93 -82.97 79.55 0.56
C ILE LF 93 -81.47 79.43 0.35
N TYR LF 94 -80.99 78.37 -0.28
CA TYR LF 94 -79.54 78.18 -0.39
C TYR LF 94 -79.06 78.54 -1.80
N ASP LF 95 -79.16 79.83 -2.10
CA ASP LF 95 -78.50 80.36 -3.29
C ASP LF 95 -77.02 80.48 -3.02
N PHE LF 96 -76.21 80.18 -4.03
CA PHE LF 96 -74.79 80.45 -3.99
C PHE LF 96 -74.36 81.52 -4.99
N ASN LF 97 -75.06 81.61 -6.11
CA ASN LF 97 -74.60 82.42 -7.24
C ASN LF 97 -74.66 83.91 -6.98
N SER LF 98 -75.52 84.36 -6.06
CA SER LF 98 -75.56 85.77 -5.71
C SER LF 98 -74.38 86.19 -4.85
N LEU LF 99 -73.62 85.25 -4.30
CA LEU LF 99 -72.52 85.57 -3.42
C LEU LF 99 -71.17 85.59 -4.12
N VAL LF 100 -71.12 85.18 -5.38
CA VAL LF 100 -69.85 85.10 -6.10
C VAL LF 100 -69.39 86.51 -6.44
N LEU LF 101 -68.08 86.74 -6.37
CA LEU LF 101 -67.54 88.02 -6.76
C LEU LF 101 -67.59 88.19 -8.28
N GLU LF 102 -67.35 89.43 -8.72
CA GLU LF 102 -67.64 89.80 -10.10
C GLU LF 102 -66.70 89.16 -11.11
N HIS LF 103 -65.57 88.61 -10.67
CA HIS LF 103 -64.70 87.86 -11.56
C HIS LF 103 -64.95 86.36 -11.49
N ASN LF 104 -66.17 85.96 -11.08
CA ASN LF 104 -66.62 84.56 -11.02
C ASN LF 104 -65.71 83.72 -10.13
N ILE LF 105 -65.27 84.31 -9.03
CA ILE LF 105 -64.37 83.66 -8.09
C ILE LF 105 -65.16 83.39 -6.82
N LEU LF 106 -65.12 82.14 -6.36
CA LEU LF 106 -65.85 81.75 -5.16
C LEU LF 106 -65.25 82.43 -3.94
N PRO LF 107 -66.03 83.16 -3.16
CA PRO LF 107 -65.49 83.76 -1.94
C PRO LF 107 -65.13 82.69 -0.93
N PRO LF 108 -64.13 82.94 -0.09
CA PRO LF 108 -63.65 81.91 0.84
C PRO LF 108 -64.57 81.78 2.05
N VAL LF 109 -64.16 80.92 2.97
CA VAL LF 109 -64.97 80.56 4.14
C VAL LF 109 -64.13 80.81 5.38
N LEU LF 110 -64.72 81.47 6.37
CA LEU LF 110 -64.03 81.81 7.60
C LEU LF 110 -64.84 81.38 8.82
N LEU LF 111 -64.14 81.26 9.94
CA LEU LF 111 -64.72 80.87 11.20
C LEU LF 111 -64.37 81.90 12.27
N GLU LF 112 -65.36 82.24 13.10
CA GLU LF 112 -65.17 83.16 14.20
C GLU LF 112 -65.62 82.49 15.50
N GLY LF 113 -64.73 82.49 16.49
CA GLY LF 113 -65.11 82.09 17.83
C GLY LF 113 -64.89 83.23 18.79
N ARG LF 114 -65.53 83.17 19.96
CA ARG LF 114 -65.39 84.22 20.94
C ARG LF 114 -65.28 83.62 22.35
N ASN LF 115 -64.57 84.35 23.22
CA ASN LF 115 -64.50 84.12 24.66
C ASN LF 115 -63.97 82.72 24.98
N THR LF 116 -62.70 82.51 24.67
CA THR LF 116 -62.12 81.20 24.90
C THR LF 116 -60.92 81.32 25.84
N LEU LF 117 -60.57 80.17 26.41
CA LEU LF 117 -59.32 80.03 27.13
C LEU LF 117 -58.94 78.56 27.13
N ASN LF 118 -57.66 78.31 27.36
CA ASN LF 118 -57.19 76.94 27.57
C ASN LF 118 -56.20 76.94 28.72
N LEU LF 119 -56.03 75.77 29.31
CA LEU LF 119 -55.08 75.55 30.38
C LEU LF 119 -53.94 74.71 29.83
N ALA LF 120 -52.71 75.21 29.93
CA ALA LF 120 -51.57 74.38 29.56
C ALA LF 120 -51.31 73.35 30.65
N ASP LF 121 -50.95 73.84 31.83
CA ASP LF 121 -50.85 73.05 33.04
C ASP LF 121 -51.12 73.99 34.21
N ALA LF 122 -50.66 73.62 35.40
CA ALA LF 122 -50.63 74.56 36.50
C ALA LF 122 -49.67 75.70 36.18
N GLN LF 123 -49.95 76.86 36.79
CA GLN LF 123 -49.25 78.14 36.58
C GLN LF 123 -49.30 78.64 35.14
N SER LF 124 -50.27 78.18 34.34
CA SER LF 124 -50.24 78.49 32.90
C SER LF 124 -51.66 78.36 32.32
N ILE LF 125 -52.34 79.49 32.14
CA ILE LF 125 -53.56 79.50 31.33
C ILE LF 125 -53.48 80.67 30.36
N ARG LF 126 -54.24 80.56 29.28
CA ARG LF 126 -54.24 81.58 28.24
C ARG LF 126 -55.66 81.83 27.77
N ILE LF 127 -56.06 83.10 27.76
CA ILE LF 127 -57.42 83.52 27.46
C ILE LF 127 -57.40 84.41 26.22
N SER LF 128 -58.23 84.06 25.24
CA SER LF 128 -58.38 84.85 24.03
C SER LF 128 -59.79 85.39 23.92
N ASP LF 129 -59.88 86.62 23.41
CA ASP LF 129 -61.15 87.32 23.29
C ASP LF 129 -61.98 86.77 22.13
N ARG LF 130 -61.51 86.98 20.91
CA ARG LF 130 -62.16 86.44 19.72
C ARG LF 130 -61.10 85.94 18.76
N THR LF 131 -61.41 84.84 18.08
CA THR LF 131 -60.49 84.19 17.18
C THR LF 131 -61.12 84.09 15.79
N TYR LF 132 -60.30 84.28 14.77
CA TYR LF 132 -60.74 84.22 13.39
C TYR LF 132 -59.80 83.33 12.59
N LYS LF 133 -60.39 82.44 11.79
CA LYS LF 133 -59.69 81.40 11.07
C LYS LF 133 -60.17 81.40 9.63
N VAL LF 134 -59.25 81.18 8.69
CA VAL LF 134 -59.60 80.98 7.28
C VAL LF 134 -59.61 79.49 7.01
N ALA LF 135 -60.77 78.95 6.65
CA ALA LF 135 -60.89 77.50 6.48
C ALA LF 135 -60.39 77.06 5.11
N LYS LF 136 -61.05 77.49 4.04
CA LYS LF 136 -60.64 77.17 2.68
C LYS LF 136 -60.46 78.46 1.90
N GLN LF 137 -59.37 78.54 1.15
CA GLN LF 137 -59.05 79.74 0.41
C GLN LF 137 -59.96 79.90 -0.79
N ALA LF 138 -60.13 81.15 -1.22
CA ALA LF 138 -60.89 81.46 -2.42
C ALA LF 138 -60.20 80.91 -3.66
N HIS LF 139 -61.01 80.57 -4.66
CA HIS LF 139 -60.47 80.08 -5.92
C HIS LF 139 -61.46 80.36 -7.03
N PHE LF 140 -61.04 80.07 -8.25
CA PHE LF 140 -61.91 80.20 -9.41
C PHE LF 140 -62.99 79.13 -9.39
N ILE LF 141 -64.10 79.44 -10.07
CA ILE LF 141 -65.23 78.52 -10.15
C ILE LF 141 -66.01 78.86 -11.42
N THR LF 142 -66.48 77.81 -12.11
CA THR LF 142 -67.31 78.02 -13.29
C THR LF 142 -68.78 78.09 -12.93
N THR LF 143 -69.31 77.03 -12.34
CA THR LF 143 -70.70 77.01 -11.91
C THR LF 143 -70.79 76.85 -10.40
N PRO LF 144 -71.67 77.59 -9.74
CA PRO LF 144 -71.73 77.52 -8.28
C PRO LF 144 -72.35 76.21 -7.82
N PRO LF 145 -72.04 75.76 -6.61
CA PRO LF 145 -72.66 74.54 -6.10
C PRO LF 145 -74.10 74.72 -5.69
N THR LF 146 -74.70 73.68 -5.11
CA THR LF 146 -76.08 73.71 -4.68
C THR LF 146 -76.24 72.77 -3.50
N TRP LF 147 -77.47 72.35 -3.22
CA TRP LF 147 -77.72 71.31 -2.22
C TRP LF 147 -77.26 69.93 -2.66
N ARG LF 148 -76.90 69.78 -3.94
CA ARG LF 148 -76.64 68.47 -4.52
C ARG LF 148 -75.46 67.77 -3.89
N GLN LF 149 -74.38 68.51 -3.62
CA GLN LF 149 -73.17 67.91 -3.11
C GLN LF 149 -73.15 67.84 -1.59
N TYR LF 150 -74.21 68.28 -0.92
CA TYR LF 150 -74.26 68.26 0.52
C TYR LF 150 -75.40 67.41 1.07
N LEU LF 151 -76.63 67.69 0.66
CA LEU LF 151 -77.79 67.19 1.39
C LEU LF 151 -78.27 65.83 0.90
N TRP LF 152 -78.19 65.58 -0.40
CA TRP LF 152 -78.63 64.31 -0.94
C TRP LF 152 -77.70 63.20 -0.50
N MET LF 153 -78.28 62.02 -0.27
CA MET LF 153 -77.51 60.86 0.13
C MET LF 153 -77.90 59.68 -0.77
N ASP LF 154 -77.01 58.69 -0.82
CA ASP LF 154 -77.12 57.60 -1.78
C ASP LF 154 -78.30 56.70 -1.45
N TYR LF 155 -78.81 56.03 -2.48
CA TYR LF 155 -79.82 55.01 -2.30
C TYR LF 155 -79.62 53.89 -3.32
N VAL LF 156 -79.58 52.66 -2.81
CA VAL LF 156 -79.66 51.45 -3.62
C VAL LF 156 -80.63 50.51 -2.93
N LYS LF 157 -81.10 49.53 -3.67
CA LYS LF 157 -81.97 48.52 -3.08
C LYS LF 157 -81.16 47.28 -2.79
N PRO LF 158 -80.91 46.94 -1.53
CA PRO LF 158 -80.20 45.69 -1.22
C PRO LF 158 -81.10 44.51 -1.46
N GLU LF 159 -80.88 43.81 -2.56
CA GLU LF 159 -81.82 42.79 -3.01
C GLU LF 159 -81.16 41.43 -3.07
N ALA LF 160 -80.39 41.08 -2.04
CA ALA LF 160 -79.74 39.77 -1.94
C ALA LF 160 -80.09 39.12 -0.62
N PRO LF 161 -81.32 38.60 -0.48
CA PRO LF 161 -81.69 37.87 0.75
C PRO LF 161 -81.20 36.43 0.68
N ASN LF 162 -80.17 36.13 1.48
CA ASN LF 162 -79.61 34.79 1.55
C ASN LF 162 -79.72 34.29 2.98
N VAL LF 163 -80.23 33.07 3.14
CA VAL LF 163 -80.59 32.52 4.45
C VAL LF 163 -79.51 31.53 4.86
N THR LF 164 -78.84 31.83 5.98
CA THR LF 164 -77.87 30.93 6.58
C THR LF 164 -78.44 30.20 7.78
N LEU LF 165 -78.80 30.93 8.83
CA LEU LF 165 -79.52 30.37 9.96
C LEU LF 165 -80.99 30.40 9.56
N LEU LF 166 -81.46 29.27 9.01
CA LEU LF 166 -82.80 29.18 8.45
C LEU LF 166 -83.85 29.26 9.56
N PRO LF 167 -85.03 29.82 9.27
CA PRO LF 167 -86.08 29.92 10.29
C PRO LF 167 -86.61 28.54 10.65
N LYS LF 168 -86.20 28.05 11.83
CA LYS LF 168 -86.52 26.69 12.25
C LYS LF 168 -87.92 26.58 12.82
N THR LF 169 -88.20 27.32 13.89
CA THR LF 169 -89.47 27.23 14.58
C THR LF 169 -90.10 28.62 14.67
N LYS LF 170 -91.26 28.67 15.32
CA LYS LF 170 -91.99 29.92 15.49
C LYS LF 170 -91.27 30.86 16.43
N ALA LF 171 -90.62 30.32 17.46
CA ALA LF 171 -89.77 31.12 18.34
C ALA LF 171 -88.60 31.73 17.56
N GLU LF 172 -88.00 30.93 16.67
CA GLU LF 172 -86.95 31.43 15.79
C GLU LF 172 -87.47 32.51 14.87
N LYS LF 173 -88.70 32.36 14.37
CA LYS LF 173 -89.29 33.35 13.49
C LYS LF 173 -89.59 34.66 14.22
N GLU LF 174 -90.09 34.57 15.46
CA GLU LF 174 -90.38 35.82 16.16
C GLU LF 174 -89.11 36.51 16.65
N ILE LF 175 -88.07 35.77 17.05
CA ILE LF 175 -86.83 36.45 17.39
C ILE LF 175 -86.17 37.01 16.13
N TRP LF 176 -86.36 36.35 14.98
CA TRP LF 176 -85.91 36.88 13.71
C TRP LF 176 -86.61 38.19 13.37
N CYS LF 177 -87.91 38.25 13.63
CA CYS LF 177 -88.68 39.48 13.40
C CYS LF 177 -88.26 40.60 14.34
N ILE LF 178 -88.04 40.30 15.62
CA ILE LF 178 -87.70 41.38 16.55
C ILE LF 178 -86.28 41.88 16.29
N TYR LF 179 -85.38 40.98 15.86
CA TYR LF 179 -84.04 41.42 15.49
C TYR LF 179 -84.06 42.25 14.22
N THR LF 180 -84.94 41.88 13.29
CA THR LF 180 -85.11 42.66 12.06
C THR LF 180 -85.63 44.06 12.34
N GLU LF 181 -86.61 44.18 13.24
CA GLU LF 181 -87.14 45.52 13.49
C GLU LF 181 -86.20 46.35 14.37
N ARG LF 182 -85.43 45.73 15.26
CA ARG LF 182 -84.47 46.54 16.00
C ARG LF 182 -83.32 46.99 15.10
N GLY LF 183 -82.91 46.17 14.13
CA GLY LF 183 -81.98 46.64 13.12
C GLY LF 183 -82.58 47.72 12.24
N TRP LF 184 -83.89 47.61 11.97
CA TRP LF 184 -84.62 48.63 11.23
C TRP LF 184 -84.54 49.98 11.94
N LYS LF 185 -84.75 49.97 13.25
CA LYS LF 185 -84.62 51.18 14.05
C LYS LF 185 -83.19 51.71 14.06
N ASN LF 186 -82.21 50.80 14.14
CA ASN LF 186 -80.82 51.22 14.14
C ASN LF 186 -80.41 51.89 12.83
N GLY LF 187 -80.86 51.32 11.71
CA GLY LF 187 -80.60 51.94 10.42
C GLY LF 187 -81.30 53.27 10.25
N ILE LF 188 -82.50 53.41 10.83
CA ILE LF 188 -83.20 54.70 10.84
C ILE LF 188 -82.37 55.75 11.58
N ASP LF 189 -81.84 55.38 12.73
CA ASP LF 189 -81.00 56.30 13.50
C ASP LF 189 -79.71 56.65 12.76
N GLN LF 190 -79.15 55.66 12.05
CA GLN LF 190 -77.95 55.91 11.26
C GLN LF 190 -78.21 56.91 10.15
N ALA LF 191 -79.35 56.76 9.47
CA ALA LF 191 -79.71 57.71 8.41
C ALA LF 191 -79.94 59.10 8.96
N ASN LF 192 -80.55 59.18 10.15
CA ASN LF 192 -80.75 60.47 10.81
C ASN LF 192 -79.43 61.14 11.16
N THR LF 193 -78.46 60.34 11.65
CA THR LF 193 -77.16 60.88 12.00
C THR LF 193 -76.41 61.38 10.77
N ILE LF 194 -76.48 60.63 9.67
CA ILE LF 194 -75.84 61.03 8.42
C ILE LF 194 -76.43 62.34 7.91
N LEU LF 195 -77.75 62.43 7.94
CA LEU LF 195 -78.44 63.64 7.52
C LEU LF 195 -78.08 64.84 8.39
N GLU LF 196 -77.94 64.61 9.69
CA GLU LF 196 -77.55 65.67 10.61
C GLU LF 196 -76.14 66.17 10.32
N GLU LF 197 -75.21 65.25 10.02
CA GLU LF 197 -73.85 65.66 9.69
C GLU LF 197 -73.80 66.47 8.40
N ASN LF 198 -74.57 66.05 7.40
CA ASN LF 198 -74.58 66.77 6.13
C ASN LF 198 -75.19 68.16 6.27
N ILE LF 199 -76.29 68.28 7.03
CA ILE LF 199 -76.92 69.58 7.16
C ILE LF 199 -76.06 70.51 8.01
N ALA LF 200 -75.31 69.95 8.97
CA ALA LF 200 -74.37 70.77 9.72
C ALA LF 200 -73.25 71.29 8.84
N ARG LF 201 -72.74 70.44 7.94
CA ARG LF 201 -71.64 70.85 7.07
C ARG LF 201 -72.07 71.93 6.09
N ILE LF 202 -73.26 71.80 5.50
CA ILE LF 202 -73.70 72.82 4.56
C ILE LF 202 -74.03 74.12 5.30
N LYS LF 203 -74.54 74.01 6.54
CA LYS LF 203 -74.82 75.19 7.34
C LYS LF 203 -73.55 75.96 7.65
N GLU LF 204 -72.48 75.26 8.04
CA GLU LF 204 -71.27 75.99 8.40
C GLU LF 204 -70.57 76.56 7.19
N ASP LF 205 -70.66 75.89 6.03
CA ASP LF 205 -70.08 76.49 4.82
C ASP LF 205 -70.81 77.76 4.42
N PHE LF 206 -72.15 77.74 4.48
CA PHE LF 206 -72.91 78.94 4.17
C PHE LF 206 -72.61 80.06 5.16
N GLY LF 207 -72.51 79.73 6.45
CA GLY LF 207 -72.18 80.72 7.45
C GLY LF 207 -70.78 81.30 7.30
N GLY LF 208 -69.83 80.48 6.83
CA GLY LF 208 -68.50 80.99 6.56
C GLY LF 208 -68.49 81.96 5.40
N MET LF 209 -69.31 81.69 4.37
CA MET LF 209 -69.47 82.66 3.29
C MET LF 209 -70.07 83.96 3.79
N ILE LF 210 -71.06 83.85 4.69
CA ILE LF 210 -71.69 85.03 5.31
C ILE LF 210 -70.64 85.83 6.09
N LEU LF 211 -69.80 85.13 6.84
CA LEU LF 211 -68.78 85.76 7.64
C LEU LF 211 -67.75 86.48 6.79
N TYR LF 212 -67.35 85.87 5.66
CA TYR LF 212 -66.39 86.53 4.77
C TYR LF 212 -66.99 87.80 4.17
N ARG LF 213 -68.26 87.74 3.75
CA ARG LF 213 -68.89 88.92 3.18
C ARG LF 213 -69.00 90.05 4.21
N LYS LF 214 -69.31 89.70 5.46
CA LYS LF 214 -69.44 90.75 6.46
C LYS LF 214 -68.10 91.33 6.89
N LEU LF 215 -67.05 90.50 6.93
CA LEU LF 215 -65.73 91.03 7.25
C LEU LF 215 -65.21 91.91 6.12
N LEU LF 216 -65.50 91.51 4.87
CA LEU LF 216 -65.12 92.32 3.72
C LEU LF 216 -65.87 93.64 3.70
N ALA LF 217 -67.13 93.64 4.12
CA ALA LF 217 -67.88 94.88 4.24
C ALA LF 217 -67.33 95.75 5.37
N MET LF 218 -66.95 95.13 6.48
CA MET LF 218 -66.52 95.86 7.65
C MET LF 218 -65.03 96.20 7.63
N ASN LF 219 -64.34 95.87 6.54
CA ASN LF 219 -62.90 96.08 6.36
C ASN LF 219 -62.10 95.34 7.44
N MET LF 220 -62.24 94.02 7.40
CA MET LF 220 -61.39 93.14 8.18
C MET LF 220 -60.47 92.29 7.32
N VAL LF 221 -60.78 92.17 6.04
CA VAL LF 221 -59.95 91.43 5.09
C VAL LF 221 -59.67 92.33 3.90
N SER LF 222 -58.67 91.93 3.14
CA SER LF 222 -58.51 92.61 1.86
C SER LF 222 -59.26 91.85 0.78
N PRO LF 223 -59.94 92.57 -0.12
CA PRO LF 223 -60.53 91.91 -1.27
C PRO LF 223 -59.44 91.42 -2.22
N PRO LF 224 -59.70 90.37 -2.98
CA PRO LF 224 -58.66 89.81 -3.85
C PRO LF 224 -58.33 90.72 -5.03
N TYR LF 225 -57.15 90.50 -5.60
CA TYR LF 225 -56.64 91.29 -6.71
C TYR LF 225 -56.36 90.39 -7.91
N VAL LF 226 -56.77 90.84 -9.08
CA VAL LF 226 -56.78 90.02 -10.29
C VAL LF 226 -56.34 90.87 -11.47
N SER LF 227 -55.41 90.37 -12.26
CA SER LF 227 -54.93 91.06 -13.45
C SER LF 227 -55.33 90.29 -14.70
N HIS LF 228 -55.84 91.02 -15.70
CA HIS LF 228 -56.09 90.48 -17.03
C HIS LF 228 -55.05 91.04 -17.99
N THR LF 229 -54.44 90.16 -18.77
CA THR LF 229 -53.52 90.54 -19.82
C THR LF 229 -54.14 90.19 -21.16
N ASP LF 230 -54.28 91.18 -22.03
CA ASP LF 230 -54.97 91.02 -23.29
C ASP LF 230 -53.98 91.03 -24.44
N LEU LF 231 -54.24 90.18 -25.43
CA LEU LF 231 -53.43 90.14 -26.65
C LEU LF 231 -54.36 89.92 -27.84
N GLY LF 232 -53.89 90.34 -29.00
CA GLY LF 232 -54.66 90.18 -30.22
C GLY LF 232 -54.51 88.80 -30.82
N VAL LF 233 -54.19 88.74 -32.11
CA VAL LF 233 -54.06 87.46 -32.79
C VAL LF 233 -52.81 86.74 -32.32
N THR LF 234 -52.88 85.42 -32.29
CA THR LF 234 -51.75 84.60 -31.87
C THR LF 234 -51.85 83.25 -32.54
N GLY LF 235 -50.69 82.64 -32.76
CA GLY LF 235 -50.58 81.34 -33.40
C GLY LF 235 -49.90 81.44 -34.75
N ASP LF 236 -49.76 80.29 -35.38
CA ASP LF 236 -49.06 80.17 -36.65
C ASP LF 236 -50.05 80.37 -37.79
N GLY LF 237 -49.64 80.01 -39.01
CA GLY LF 237 -50.52 80.02 -40.15
C GLY LF 237 -51.45 78.84 -40.25
N SER LF 238 -51.38 77.91 -39.30
CA SER LF 238 -52.33 76.80 -39.23
C SER LF 238 -53.27 76.88 -38.05
N GLU LF 239 -52.90 77.57 -36.98
CA GLU LF 239 -53.73 77.73 -35.80
C GLU LF 239 -53.77 79.19 -35.42
N ILE LF 240 -54.96 79.73 -35.19
CA ILE LF 240 -55.11 81.11 -34.77
C ILE LF 240 -56.13 81.22 -33.65
N HIS LF 241 -55.84 82.12 -32.71
CA HIS LF 241 -56.81 82.63 -31.76
C HIS LF 241 -56.92 84.12 -31.98
N ILE LF 242 -58.15 84.60 -32.18
CA ILE LF 242 -58.38 85.95 -32.70
C ILE LF 242 -57.98 87.00 -31.68
N ASP LF 243 -58.46 86.85 -30.45
CA ASP LF 243 -57.97 87.67 -29.35
C ASP LF 243 -58.08 86.85 -28.08
N ASP LF 244 -57.06 86.98 -27.23
CA ASP LF 244 -56.93 86.13 -26.06
C ASP LF 244 -56.58 86.97 -24.85
N ARG LF 245 -57.33 86.80 -23.77
CA ARG LF 245 -57.02 87.45 -22.51
C ARG LF 245 -56.81 86.37 -21.45
N VAL LF 246 -55.75 86.54 -20.67
CA VAL LF 246 -55.40 85.62 -19.59
C VAL LF 246 -55.68 86.34 -18.28
N LEU LF 247 -56.51 85.72 -17.45
CA LEU LF 247 -56.87 86.26 -16.14
C LEU LF 247 -56.12 85.49 -15.08
N ARG LF 248 -55.28 86.18 -14.32
CA ARG LF 248 -54.59 85.60 -13.19
C ARG LF 248 -54.99 86.34 -11.93
N ILE LF 249 -54.95 85.63 -10.81
CA ILE LF 249 -55.27 86.21 -9.52
C ILE LF 249 -53.99 86.28 -8.71
N THR LF 250 -53.61 87.49 -8.30
CA THR LF 250 -52.38 87.66 -7.56
C THR LF 250 -52.60 87.53 -6.06
N ALA LF 251 -53.50 88.32 -5.50
CA ALA LF 251 -53.64 88.45 -4.06
C ALA LF 251 -54.84 87.62 -3.58
N LEU LF 252 -54.56 86.64 -2.73
CA LEU LF 252 -55.63 85.97 -2.01
C LEU LF 252 -56.19 86.92 -0.96
N PRO LF 253 -57.47 86.78 -0.62
CA PRO LF 253 -58.01 87.54 0.51
C PRO LF 253 -57.42 87.07 1.83
N GLU LF 254 -57.20 88.01 2.72
CA GLU LF 254 -56.61 87.70 4.03
C GLU LF 254 -57.00 88.78 5.02
N LEU LF 255 -56.95 88.43 6.30
CA LEU LF 255 -57.32 89.35 7.35
C LEU LF 255 -56.20 90.36 7.61
N ASN LF 256 -56.60 91.55 8.05
CA ASN LF 256 -55.66 92.60 8.37
C ASN LF 256 -55.42 92.68 9.87
N VAL LF 257 -54.19 93.04 10.25
CA VAL LF 257 -53.86 93.28 11.64
C VAL LF 257 -53.94 94.76 11.99
N ASN LF 258 -54.32 95.61 11.04
CA ASN LF 258 -54.41 97.05 11.27
C ASN LF 258 -55.70 97.32 12.01
N SER LF 259 -55.62 97.36 13.35
CA SER LF 259 -56.81 97.45 14.18
C SER LF 259 -57.49 98.80 14.07
N ALA LF 260 -56.71 99.89 13.98
CA ALA LF 260 -57.30 101.22 13.87
C ALA LF 260 -57.95 101.46 12.52
N GLU LF 261 -57.67 100.62 11.52
CA GLU LF 261 -58.23 100.74 10.19
C GLU LF 261 -59.52 99.93 10.04
N TRP LF 262 -60.23 99.72 11.13
CA TRP LF 262 -61.49 98.99 11.13
C TRP LF 262 -62.61 99.96 11.49
N ARG LF 263 -63.73 99.82 10.81
CA ARG LF 263 -64.89 100.67 11.01
C ARG LF 263 -66.02 99.86 11.61
N ALA LF 264 -66.63 100.38 12.66
CA ALA LF 264 -67.78 99.74 13.28
C ALA LF 264 -69.07 100.39 12.78
N ALA LF 265 -70.20 99.96 13.35
CA ALA LF 265 -71.50 100.35 12.84
C ALA LF 265 -72.50 100.40 13.99
N VAL LF 266 -73.57 101.19 13.79
CA VAL LF 266 -74.63 101.32 14.78
C VAL LF 266 -75.98 101.17 14.08
N ALA LF 267 -76.88 100.38 14.66
CA ALA LF 267 -78.19 100.16 14.08
C ALA LF 267 -79.12 101.32 14.40
N LYS LF 268 -80.40 101.16 14.09
CA LYS LF 268 -81.41 102.17 14.40
C LYS LF 268 -82.68 101.50 14.89
N LYS MF 60 -79.26 30.84 -24.86
CA LYS MF 60 -79.45 31.91 -23.89
C LYS MF 60 -78.64 33.14 -24.25
N GLU MF 61 -77.40 33.19 -23.75
CA GLU MF 61 -76.48 34.26 -24.13
C GLU MF 61 -76.09 34.13 -25.60
N THR MF 62 -75.97 32.89 -26.08
CA THR MF 62 -75.77 32.66 -27.50
C THR MF 62 -76.97 33.14 -28.32
N ALA MF 63 -78.18 32.96 -27.77
CA ALA MF 63 -79.37 33.48 -28.43
C ALA MF 63 -79.36 34.99 -28.47
N LEU MF 64 -78.88 35.63 -27.40
CA LEU MF 64 -78.72 37.08 -27.39
C LEU MF 64 -77.72 37.54 -28.44
N SER MF 65 -76.61 36.80 -28.57
CA SER MF 65 -75.58 37.16 -29.54
C SER MF 65 -76.09 37.03 -30.97
N VAL MF 66 -76.77 35.94 -31.29
CA VAL MF 66 -77.25 35.76 -32.66
C VAL MF 66 -78.42 36.68 -32.95
N GLY MF 67 -79.19 37.07 -31.91
CA GLY MF 67 -80.20 38.09 -32.11
C GLY MF 67 -79.59 39.44 -32.42
N ALA MF 68 -78.47 39.76 -31.76
CA ALA MF 68 -77.73 40.97 -32.08
C ALA MF 68 -77.21 40.94 -33.52
N GLN MF 69 -76.67 39.79 -33.94
CA GLN MF 69 -76.15 39.65 -35.30
C GLN MF 69 -77.25 39.81 -36.34
N ALA MF 70 -78.38 39.11 -36.13
CA ALA MF 70 -79.48 39.14 -37.09
C ALA MF 70 -80.13 40.52 -37.15
N GLY MF 71 -80.33 41.16 -36.00
CA GLY MF 71 -80.92 42.48 -35.99
C GLY MF 71 -80.05 43.53 -36.63
N LEU MF 72 -78.73 43.48 -36.34
CA LEU MF 72 -77.79 44.42 -36.95
C LEU MF 72 -77.75 44.26 -38.46
N ALA MF 73 -77.68 43.01 -38.93
CA ALA MF 73 -77.62 42.77 -40.37
C ALA MF 73 -78.92 43.17 -41.06
N TRP MF 74 -80.06 42.87 -40.45
CA TRP MF 74 -81.35 43.19 -41.05
C TRP MF 74 -81.55 44.69 -41.13
N ARG MF 75 -81.27 45.41 -40.04
CA ARG MF 75 -81.40 46.86 -40.03
C ARG MF 75 -80.44 47.51 -40.99
N ALA MF 76 -79.21 46.98 -41.09
CA ALA MF 76 -78.23 47.51 -42.02
C ALA MF 76 -78.67 47.33 -43.46
N LYS MF 77 -79.25 46.16 -43.77
CA LYS MF 77 -79.73 45.93 -45.13
C LYS MF 77 -80.89 46.86 -45.48
N ILE MF 78 -81.81 47.04 -44.53
CA ILE MF 78 -82.96 47.92 -44.75
C ILE MF 78 -82.52 49.37 -44.94
N ILE MF 79 -81.58 49.84 -44.11
CA ILE MF 79 -81.16 51.22 -44.22
C ILE MF 79 -80.29 51.41 -45.46
N ASP MF 80 -79.61 50.35 -45.92
CA ASP MF 80 -78.82 50.48 -47.14
C ASP MF 80 -79.69 50.52 -48.38
N GLU MF 81 -80.76 49.72 -48.41
CA GLU MF 81 -81.65 49.81 -49.56
C GLU MF 81 -82.45 51.10 -49.56
N GLN MF 82 -82.76 51.64 -48.37
CA GLN MF 82 -83.37 52.97 -48.29
C GLN MF 82 -82.41 54.04 -48.80
N LEU MF 83 -81.13 53.90 -48.43
CA LEU MF 83 -80.10 54.82 -48.91
C LEU MF 83 -79.96 54.76 -50.42
N ASN MF 84 -80.02 53.56 -50.99
CA ASN MF 84 -79.92 53.43 -52.44
C ASN MF 84 -81.18 53.92 -53.13
N LYS MF 85 -82.34 53.76 -52.49
CA LYS MF 85 -83.59 54.23 -53.08
C LYS MF 85 -83.63 55.75 -53.14
N GLN MF 86 -83.20 56.42 -52.08
CA GLN MF 86 -83.05 57.86 -52.16
C GLN MF 86 -81.68 58.14 -52.75
N ALA MF 87 -81.64 58.15 -54.09
CA ALA MF 87 -80.36 58.09 -54.78
C ALA MF 87 -79.80 59.46 -55.16
N ARG MF 88 -80.49 60.18 -56.04
CA ARG MF 88 -79.88 61.29 -56.76
C ARG MF 88 -79.66 62.53 -55.90
N ASN MF 89 -80.39 62.66 -54.81
CA ASN MF 89 -80.30 63.88 -54.02
C ASN MF 89 -79.02 63.96 -53.20
N LEU MF 90 -78.40 62.82 -52.89
CA LEU MF 90 -77.12 62.84 -52.18
C LEU MF 90 -76.04 63.46 -53.05
N ASP MF 91 -75.89 62.98 -54.28
CA ASP MF 91 -74.96 63.58 -55.22
C ASP MF 91 -75.40 64.98 -55.64
N ALA MF 92 -76.70 65.27 -55.57
CA ALA MF 92 -77.16 66.63 -55.82
C ALA MF 92 -76.66 67.59 -54.76
N ILE MF 93 -76.72 67.20 -53.50
CA ILE MF 93 -76.33 68.14 -52.46
C ILE MF 93 -74.81 68.14 -52.26
N TYR MF 94 -74.13 67.03 -52.55
CA TYR MF 94 -72.70 66.97 -52.31
C TYR MF 94 -71.93 67.11 -53.62
N ASP MF 95 -72.04 68.31 -54.20
CA ASP MF 95 -71.37 68.60 -55.46
C ASP MF 95 -69.93 68.98 -55.17
N PHE MF 96 -69.10 67.96 -54.96
CA PHE MF 96 -67.71 68.19 -54.55
C PHE MF 96 -66.87 68.79 -55.67
N ASN MF 97 -67.28 68.59 -56.93
CA ASN MF 97 -66.49 69.03 -58.07
C ASN MF 97 -66.40 70.54 -58.15
N SER MF 98 -67.40 71.26 -57.64
CA SER MF 98 -67.32 72.72 -57.60
C SER MF 98 -66.29 73.20 -56.60
N LEU MF 99 -66.03 72.41 -55.55
CA LEU MF 99 -65.10 72.85 -54.53
C LEU MF 99 -63.65 72.76 -54.99
N VAL MF 100 -63.36 71.96 -56.02
CA VAL MF 100 -61.99 71.74 -56.44
C VAL MF 100 -61.45 73.00 -57.09
N LEU MF 101 -60.15 73.23 -56.91
CA LEU MF 101 -59.50 74.42 -57.44
C LEU MF 101 -59.18 74.21 -58.92
N GLU MF 102 -58.45 75.16 -59.50
CA GLU MF 102 -58.19 75.12 -60.93
C GLU MF 102 -57.23 74.00 -61.29
N HIS MF 103 -56.21 73.76 -60.45
CA HIS MF 103 -55.18 72.78 -60.75
C HIS MF 103 -55.55 71.39 -60.26
N ASN MF 104 -56.84 71.11 -60.09
CA ASN MF 104 -57.38 69.81 -59.67
C ASN MF 104 -56.82 69.38 -58.32
N ILE MF 105 -56.84 70.30 -57.36
CA ILE MF 105 -56.25 70.11 -56.05
C ILE MF 105 -57.34 70.23 -55.00
N LEU MF 106 -57.39 69.27 -54.08
CA LEU MF 106 -58.41 69.25 -53.04
C LEU MF 106 -58.22 70.41 -52.07
N PRO MF 107 -59.23 71.26 -51.88
CA PRO MF 107 -59.13 72.30 -50.85
C PRO MF 107 -59.16 71.69 -49.47
N PRO MF 108 -58.55 72.33 -48.48
CA PRO MF 108 -58.43 71.72 -47.15
C PRO MF 108 -59.70 71.92 -46.34
N VAL MF 109 -59.68 71.41 -45.12
CA VAL MF 109 -60.81 71.43 -44.20
C VAL MF 109 -60.42 72.25 -42.98
N LEU MF 110 -61.26 73.22 -42.61
CA LEU MF 110 -60.94 74.21 -41.61
C LEU MF 110 -61.92 74.12 -40.45
N LEU MF 111 -61.40 74.15 -39.24
CA LEU MF 111 -62.18 74.06 -38.01
C LEU MF 111 -62.32 75.42 -37.37
N GLU MF 112 -63.50 75.69 -36.82
CA GLU MF 112 -63.83 76.96 -36.22
C GLU MF 112 -64.25 76.76 -34.77
N GLY MF 113 -64.15 77.84 -34.01
CA GLY MF 113 -64.65 77.85 -32.64
C GLY MF 113 -64.85 79.26 -32.18
N ARG MF 114 -65.75 79.44 -31.21
CA ARG MF 114 -66.07 80.77 -30.72
C ARG MF 114 -66.27 80.72 -29.21
N ASN MF 115 -65.77 81.76 -28.53
CA ASN MF 115 -65.92 81.99 -27.10
C ASN MF 115 -65.37 80.82 -26.28
N THR MF 116 -64.06 80.63 -26.38
CA THR MF 116 -63.42 79.51 -25.70
C THR MF 116 -62.76 79.98 -24.43
N LEU MF 117 -62.82 79.15 -23.40
CA LEU MF 117 -62.20 79.46 -22.12
C LEU MF 117 -61.63 78.17 -21.54
N ASN MF 118 -60.35 78.19 -21.22
CA ASN MF 118 -59.68 77.09 -20.57
C ASN MF 118 -59.17 77.56 -19.21
N LEU MF 119 -59.50 76.81 -18.17
CA LEU MF 119 -58.96 77.04 -16.84
C LEU MF 119 -57.72 76.18 -16.68
N ALA MF 120 -56.57 76.81 -16.41
CA ALA MF 120 -55.35 76.03 -16.22
C ALA MF 120 -55.37 75.35 -14.85
N ASP MF 121 -55.52 76.16 -13.81
CA ASP MF 121 -55.82 75.70 -12.48
C ASP MF 121 -56.62 76.81 -11.80
N ALA MF 122 -56.72 76.76 -10.49
CA ALA MF 122 -57.27 77.89 -9.75
C ALA MF 122 -56.39 79.11 -9.94
N GLN MF 123 -57.03 80.28 -9.93
CA GLN MF 123 -56.43 81.61 -10.06
C GLN MF 123 -55.79 81.86 -11.43
N SER MF 124 -56.10 81.05 -12.44
CA SER MF 124 -55.49 81.22 -13.77
C SER MF 124 -56.41 80.64 -14.82
N ILE MF 125 -57.03 81.51 -15.63
CA ILE MF 125 -57.86 81.10 -16.75
C ILE MF 125 -57.42 81.89 -17.98
N ARG MF 126 -57.86 81.41 -19.14
CA ARG MF 126 -57.49 82.03 -20.41
C ARG MF 126 -58.64 81.87 -21.40
N ILE MF 127 -59.09 82.99 -21.96
CA ILE MF 127 -60.27 83.00 -22.82
C ILE MF 127 -59.93 83.69 -24.13
N SER MF 128 -60.23 83.02 -25.24
CA SER MF 128 -60.16 83.61 -26.57
C SER MF 128 -61.56 83.80 -27.13
N ASP MF 129 -61.69 84.80 -27.99
CA ASP MF 129 -63.00 85.14 -28.55
C ASP MF 129 -63.41 84.15 -29.64
N ARG MF 130 -62.54 83.93 -30.62
CA ARG MF 130 -62.74 82.93 -31.66
C ARG MF 130 -61.41 82.28 -31.97
N THR MF 131 -61.47 81.07 -32.51
CA THR MF 131 -60.29 80.30 -32.88
C THR MF 131 -60.55 79.60 -34.20
N TYR MF 132 -59.48 79.39 -34.96
CA TYR MF 132 -59.56 78.61 -36.19
C TYR MF 132 -58.33 77.75 -36.32
N LYS MF 133 -58.49 76.61 -37.00
CA LYS MF 133 -57.43 75.62 -37.10
C LYS MF 133 -57.60 74.84 -38.38
N VAL MF 134 -56.54 74.14 -38.78
CA VAL MF 134 -56.55 73.31 -39.98
C VAL MF 134 -56.73 71.86 -39.55
N ALA MF 135 -57.74 71.20 -40.09
CA ALA MF 135 -57.93 69.78 -39.78
C ALA MF 135 -56.99 68.92 -40.63
N LYS MF 136 -57.18 68.95 -41.94
CA LYS MF 136 -56.31 68.22 -42.86
C LYS MF 136 -55.78 69.18 -43.91
N GLN MF 137 -54.51 69.00 -44.26
CA GLN MF 137 -53.86 69.86 -45.23
C GLN MF 137 -54.42 69.60 -46.63
N ALA MF 138 -54.50 70.66 -47.42
CA ALA MF 138 -54.85 70.56 -48.82
C ALA MF 138 -53.81 69.74 -49.58
N HIS MF 139 -54.28 68.97 -50.56
CA HIS MF 139 -53.40 68.16 -51.37
C HIS MF 139 -54.04 67.96 -52.73
N PHE MF 140 -53.31 67.25 -53.60
CA PHE MF 140 -53.78 66.97 -54.94
C PHE MF 140 -54.89 65.93 -54.90
N ILE MF 141 -55.59 65.82 -56.04
CA ILE MF 141 -56.66 64.84 -56.19
C ILE MF 141 -56.73 64.49 -57.67
N THR MF 142 -57.20 63.27 -57.95
CA THR MF 142 -57.39 62.80 -59.33
C THR MF 142 -58.87 62.71 -59.69
N THR MF 143 -59.68 62.11 -58.83
CA THR MF 143 -61.11 62.05 -59.03
C THR MF 143 -61.80 62.52 -57.75
N PRO MF 144 -62.94 63.20 -57.87
CA PRO MF 144 -63.61 63.72 -56.68
C PRO MF 144 -64.21 62.60 -55.85
N PRO MF 145 -64.39 62.80 -54.56
CA PRO MF 145 -65.03 61.76 -53.73
C PRO MF 145 -66.54 61.79 -53.85
N THR MF 146 -67.22 61.03 -53.01
CA THR MF 146 -68.67 60.99 -52.99
C THR MF 146 -69.14 60.63 -51.60
N TRP MF 147 -70.42 60.29 -51.49
CA TRP MF 147 -71.03 59.91 -50.23
C TRP MF 147 -70.92 58.43 -49.93
N ARG MF 148 -70.46 57.63 -50.89
CA ARG MF 148 -70.57 56.19 -50.77
C ARG MF 148 -69.57 55.63 -49.76
N GLN MF 149 -68.36 56.18 -49.72
CA GLN MF 149 -67.38 55.73 -48.74
C GLN MF 149 -67.69 56.25 -47.34
N TYR MF 150 -68.57 57.24 -47.21
CA TYR MF 150 -68.93 57.76 -45.91
C TYR MF 150 -70.14 57.04 -45.33
N LEU MF 151 -71.23 57.00 -46.08
CA LEU MF 151 -72.52 56.64 -45.48
C LEU MF 151 -72.89 55.19 -45.66
N TRP MF 152 -72.25 54.46 -46.58
CA TRP MF 152 -72.61 53.06 -46.76
C TRP MF 152 -72.04 52.21 -45.63
N MET MF 153 -72.79 51.19 -45.25
CA MET MF 153 -72.34 50.19 -44.30
C MET MF 153 -72.34 48.83 -44.97
N ASP MF 154 -71.28 48.06 -44.74
CA ASP MF 154 -71.11 46.78 -45.39
C ASP MF 154 -72.09 45.75 -44.84
N TYR MF 155 -72.57 44.88 -45.72
CA TYR MF 155 -73.59 43.92 -45.37
C TYR MF 155 -73.07 42.50 -45.56
N VAL MF 156 -73.23 41.67 -44.53
CA VAL MF 156 -73.02 40.24 -44.65
C VAL MF 156 -73.99 39.57 -43.68
N LYS MF 157 -74.85 38.71 -44.20
CA LYS MF 157 -75.82 38.09 -43.32
C LYS MF 157 -75.16 36.95 -42.56
N PRO MF 158 -75.43 36.82 -41.27
CA PRO MF 158 -74.97 35.62 -40.55
C PRO MF 158 -75.83 34.44 -40.92
N GLU MF 159 -75.33 33.59 -41.82
CA GLU MF 159 -76.05 32.42 -42.29
C GLU MF 159 -75.44 31.15 -41.75
N ALA MF 160 -74.77 31.23 -40.61
CA ALA MF 160 -74.20 30.06 -39.95
C ALA MF 160 -74.66 30.02 -38.50
N PRO MF 161 -75.93 29.65 -38.25
CA PRO MF 161 -76.33 29.39 -36.87
C PRO MF 161 -75.99 27.97 -36.45
N ASN MF 162 -74.93 27.79 -35.67
CA ASN MF 162 -74.58 26.46 -35.17
C ASN MF 162 -75.39 26.20 -33.90
N VAL MF 163 -76.68 25.98 -34.11
CA VAL MF 163 -77.60 25.81 -32.99
C VAL MF 163 -77.52 24.38 -32.51
N THR MF 164 -76.97 24.21 -31.31
CA THR MF 164 -77.02 22.95 -30.59
C THR MF 164 -77.83 23.09 -29.31
N LEU MF 165 -77.87 24.30 -28.74
CA LEU MF 165 -78.74 24.61 -27.61
C LEU MF 165 -80.14 24.90 -28.13
N LEU MF 166 -80.79 23.82 -28.58
CA LEU MF 166 -82.15 23.93 -29.09
C LEU MF 166 -83.11 24.12 -27.92
N PRO MF 167 -84.06 25.05 -28.00
CA PRO MF 167 -85.00 25.22 -26.89
C PRO MF 167 -86.01 24.08 -26.83
N LYS MF 168 -85.81 23.18 -25.88
CA LYS MF 168 -86.64 21.98 -25.80
C LYS MF 168 -87.95 22.27 -25.07
N THR MF 169 -87.89 23.06 -24.01
CA THR MF 169 -89.10 23.39 -23.27
C THR MF 169 -89.79 24.60 -23.90
N LYS MF 170 -91.06 24.75 -23.55
CA LYS MF 170 -91.85 25.86 -24.09
C LYS MF 170 -91.39 27.19 -23.49
N ALA MF 171 -91.09 27.20 -22.19
CA ALA MF 171 -90.51 28.38 -21.56
C ALA MF 171 -89.11 28.66 -22.09
N GLU MF 172 -88.38 27.60 -22.46
CA GLU MF 172 -87.09 27.77 -23.13
C GLU MF 172 -87.25 28.46 -24.47
N LYS MF 173 -88.29 28.07 -25.23
CA LYS MF 173 -88.59 28.75 -26.48
C LYS MF 173 -89.00 30.20 -26.25
N GLU MF 174 -89.75 30.45 -25.16
CA GLU MF 174 -90.17 31.81 -24.83
C GLU MF 174 -88.99 32.70 -24.50
N ILE MF 175 -88.07 32.22 -23.66
CA ILE MF 175 -86.92 33.04 -23.28
C ILE MF 175 -85.97 33.18 -24.45
N TRP MF 176 -85.88 32.17 -25.32
CA TRP MF 176 -85.13 32.29 -26.57
C TRP MF 176 -85.72 33.38 -27.46
N CYS MF 177 -87.05 33.43 -27.53
CA CYS MF 177 -87.73 34.45 -28.32
C CYS MF 177 -87.47 35.85 -27.78
N ILE MF 178 -87.56 36.03 -26.46
CA ILE MF 178 -87.41 37.38 -25.91
C ILE MF 178 -85.94 37.82 -25.97
N TYR MF 179 -84.99 36.88 -25.85
CA TYR MF 179 -83.58 37.24 -25.96
C TYR MF 179 -83.22 37.63 -27.38
N THR MF 180 -83.75 36.88 -28.37
CA THR MF 180 -83.52 37.24 -29.77
C THR MF 180 -84.19 38.57 -30.11
N GLU MF 181 -85.35 38.84 -29.52
CA GLU MF 181 -86.04 40.10 -29.77
C GLU MF 181 -85.26 41.30 -29.23
N ARG MF 182 -84.74 41.18 -28.01
CA ARG MF 182 -83.99 42.31 -27.47
C ARG MF 182 -82.63 42.45 -28.15
N GLY MF 183 -82.03 41.34 -28.61
CA GLY MF 183 -80.83 41.45 -29.42
C GLY MF 183 -81.09 42.10 -30.76
N TRP MF 184 -82.24 41.82 -31.36
CA TRP MF 184 -82.69 42.49 -32.57
C TRP MF 184 -82.77 44.00 -32.35
N LYS MF 185 -83.35 44.40 -31.22
CA LYS MF 185 -83.44 45.81 -30.87
C LYS MF 185 -82.06 46.44 -30.69
N ASN MF 186 -81.16 45.72 -30.00
CA ASN MF 186 -79.82 46.24 -29.74
C ASN MF 186 -79.02 46.42 -31.03
N GLY MF 187 -79.13 45.47 -31.95
CA GLY MF 187 -78.47 45.62 -33.24
C GLY MF 187 -79.02 46.79 -34.04
N ILE MF 188 -80.34 47.02 -33.92
CA ILE MF 188 -80.97 48.15 -34.61
C ILE MF 188 -80.40 49.48 -34.10
N ASP MF 189 -80.37 49.67 -32.78
CA ASP MF 189 -79.90 50.95 -32.27
C ASP MF 189 -78.39 51.12 -32.44
N GLN MF 190 -77.64 50.01 -32.42
CA GLN MF 190 -76.22 50.09 -32.72
C GLN MF 190 -75.97 50.55 -34.15
N ALA MF 191 -76.75 50.03 -35.10
CA ALA MF 191 -76.65 50.50 -36.48
C ALA MF 191 -77.02 51.97 -36.61
N ASN MF 192 -77.99 52.41 -35.82
CA ASN MF 192 -78.36 53.83 -35.80
C ASN MF 192 -77.20 54.69 -35.33
N THR MF 193 -76.48 54.24 -34.31
CA THR MF 193 -75.32 55.00 -33.83
C THR MF 193 -74.19 55.02 -34.87
N ILE MF 194 -74.00 53.91 -35.58
CA ILE MF 194 -72.97 53.86 -36.62
C ILE MF 194 -73.27 54.85 -37.73
N LEU MF 195 -74.54 54.88 -38.17
CA LEU MF 195 -74.96 55.85 -39.17
C LEU MF 195 -74.81 57.29 -38.66
N GLU MF 196 -75.08 57.50 -37.36
CA GLU MF 196 -74.90 58.81 -36.76
C GLU MF 196 -73.46 59.28 -36.83
N GLU MF 197 -72.51 58.38 -36.55
CA GLU MF 197 -71.10 58.74 -36.63
C GLU MF 197 -70.68 59.05 -38.06
N ASN MF 198 -71.18 58.27 -39.03
CA ASN MF 198 -70.88 58.54 -40.43
C ASN MF 198 -71.43 59.89 -40.87
N ILE MF 199 -72.65 60.21 -40.44
CA ILE MF 199 -73.30 61.47 -40.77
C ILE MF 199 -72.52 62.64 -40.20
N ALA MF 200 -72.05 62.50 -38.96
CA ALA MF 200 -71.25 63.54 -38.34
C ALA MF 200 -69.94 63.76 -39.09
N ARG MF 201 -69.31 62.67 -39.53
CA ARG MF 201 -68.04 62.76 -40.24
C ARG MF 201 -68.18 63.47 -41.58
N ILE MF 202 -69.20 63.09 -42.36
CA ILE MF 202 -69.36 63.72 -43.66
C ILE MF 202 -69.81 65.17 -43.50
N LYS MF 203 -70.59 65.46 -42.44
CA LYS MF 203 -71.00 66.83 -42.15
C LYS MF 203 -69.81 67.72 -41.86
N GLU MF 204 -68.89 67.25 -41.02
CA GLU MF 204 -67.77 68.12 -40.65
C GLU MF 204 -66.81 68.29 -41.81
N ASP MF 205 -66.65 67.27 -42.64
CA ASP MF 205 -65.76 67.43 -43.80
C ASP MF 205 -66.33 68.45 -44.79
N PHE MF 206 -67.63 68.35 -45.09
CA PHE MF 206 -68.26 69.30 -46.00
C PHE MF 206 -68.25 70.71 -45.42
N GLY MF 207 -68.49 70.83 -44.11
CA GLY MF 207 -68.44 72.14 -43.48
C GLY MF 207 -67.06 72.75 -43.50
N GLY MF 208 -66.02 71.92 -43.35
CA GLY MF 208 -64.66 72.44 -43.44
C GLY MF 208 -64.33 72.94 -44.83
N MET MF 209 -64.83 72.26 -45.86
CA MET MF 209 -64.66 72.75 -47.23
C MET MF 209 -65.35 74.10 -47.43
N ILE MF 210 -66.59 74.24 -46.93
CA ILE MF 210 -67.33 75.49 -47.06
C ILE MF 210 -66.62 76.61 -46.29
N LEU MF 211 -66.07 76.28 -45.12
CA LEU MF 211 -65.36 77.26 -44.31
C LEU MF 211 -64.08 77.72 -45.00
N TYR MF 212 -63.39 76.81 -45.67
CA TYR MF 212 -62.21 77.22 -46.44
C TYR MF 212 -62.58 78.17 -47.56
N ARG MF 213 -63.69 77.88 -48.25
CA ARG MF 213 -64.18 78.78 -49.30
C ARG MF 213 -64.50 80.16 -48.73
N LYS MF 214 -65.12 80.19 -47.55
CA LYS MF 214 -65.54 81.47 -47.00
C LYS MF 214 -64.37 82.29 -46.48
N LEU MF 215 -63.39 81.65 -45.84
CA LEU MF 215 -62.26 82.42 -45.35
C LEU MF 215 -61.34 82.87 -46.48
N LEU MF 216 -61.21 82.05 -47.53
CA LEU MF 216 -60.46 82.50 -48.70
C LEU MF 216 -61.16 83.64 -49.42
N ALA MF 217 -62.49 83.62 -49.45
CA ALA MF 217 -63.24 84.75 -49.97
C ALA MF 217 -63.07 85.98 -49.11
N MET MF 218 -63.02 85.79 -47.80
CA MET MF 218 -62.94 86.91 -46.86
C MET MF 218 -61.52 87.41 -46.66
N ASN MF 219 -60.53 86.77 -47.31
CA ASN MF 219 -59.12 87.15 -47.27
C ASN MF 219 -58.58 87.07 -45.83
N MET MF 220 -58.62 85.86 -45.30
CA MET MF 220 -57.97 85.54 -44.05
C MET MF 220 -56.98 84.41 -44.17
N VAL MF 221 -57.03 83.63 -45.26
CA VAL MF 221 -56.08 82.57 -45.52
C VAL MF 221 -55.32 82.93 -46.79
N SER MF 222 -54.23 82.23 -47.00
CA SER MF 222 -53.47 82.41 -48.23
C SER MF 222 -53.99 81.44 -49.29
N PRO MF 223 -54.26 81.91 -50.52
CA PRO MF 223 -54.51 80.97 -51.60
C PRO MF 223 -53.25 80.19 -51.92
N PRO MF 224 -53.37 78.92 -52.30
CA PRO MF 224 -52.19 78.11 -52.59
C PRO MF 224 -51.50 78.56 -53.87
N TYR MF 225 -50.20 78.31 -53.93
CA TYR MF 225 -49.42 78.64 -55.11
C TYR MF 225 -48.80 77.37 -55.68
N VAL MF 226 -48.90 77.22 -57.00
CA VAL MF 226 -48.51 76.02 -57.70
C VAL MF 226 -47.68 76.41 -58.92
N SER MF 227 -46.52 75.79 -59.08
CA SER MF 227 -45.67 76.03 -60.22
C SER MF 227 -45.70 74.83 -61.16
N HIS MF 228 -45.28 75.07 -62.40
CA HIS MF 228 -45.14 74.00 -63.36
C HIS MF 228 -43.94 74.26 -64.26
N THR MF 229 -43.24 73.18 -64.57
CA THR MF 229 -42.17 73.17 -65.55
C THR MF 229 -42.60 72.30 -66.72
N ASP MF 230 -41.95 72.51 -67.86
CA ASP MF 230 -42.24 71.69 -69.03
C ASP MF 230 -40.99 71.61 -69.89
N LEU MF 231 -40.67 70.41 -70.33
CA LEU MF 231 -39.51 70.13 -71.16
C LEU MF 231 -39.97 69.48 -72.45
N GLY MF 232 -39.14 69.57 -73.47
CA GLY MF 232 -39.46 69.05 -74.78
C GLY MF 232 -39.29 67.55 -74.88
N VAL MF 233 -38.65 67.10 -75.95
CA VAL MF 233 -38.47 65.66 -76.17
C VAL MF 233 -37.46 65.13 -75.16
N THR MF 234 -37.81 64.02 -74.53
CA THR MF 234 -36.99 63.45 -73.46
C THR MF 234 -36.83 61.95 -73.68
N GLY MF 235 -35.60 61.47 -73.54
CA GLY MF 235 -35.31 60.05 -73.59
C GLY MF 235 -34.23 59.73 -74.60
N ASP MF 236 -33.97 58.43 -74.74
CA ASP MF 236 -32.95 57.93 -75.64
C ASP MF 236 -33.60 57.60 -76.99
N GLY MF 237 -32.89 56.83 -77.83
CA GLY MF 237 -33.47 56.36 -79.07
C GLY MF 237 -34.43 55.20 -78.92
N SER MF 238 -34.62 54.68 -77.71
CA SER MF 238 -35.60 53.63 -77.44
C SER MF 238 -36.83 54.15 -76.72
N GLU MF 239 -36.65 55.11 -75.82
CA GLU MF 239 -37.75 55.70 -75.06
C GLU MF 239 -37.85 57.18 -75.42
N ILE MF 240 -39.06 57.63 -75.73
CA ILE MF 240 -39.26 59.04 -76.00
C ILE MF 240 -40.58 59.50 -75.40
N HIS MF 241 -40.63 60.79 -75.08
CA HIS MF 241 -41.82 61.45 -74.59
C HIS MF 241 -41.92 62.80 -75.28
N ILE MF 242 -43.15 63.29 -75.42
CA ILE MF 242 -43.35 64.52 -76.19
C ILE MF 242 -43.05 65.75 -75.36
N ASP MF 243 -43.78 65.95 -74.27
CA ASP MF 243 -43.70 67.19 -73.49
C ASP MF 243 -43.77 66.84 -72.01
N ASP MF 244 -42.60 66.69 -71.38
CA ASP MF 244 -42.55 66.28 -69.98
C ASP MF 244 -42.89 67.48 -69.12
N ARG MF 245 -44.12 67.53 -68.63
CA ARG MF 245 -44.58 68.63 -67.80
C ARG MF 245 -44.71 68.16 -66.37
N VAL MF 246 -44.19 68.96 -65.44
CA VAL MF 246 -44.18 68.64 -64.03
C VAL MF 246 -44.95 69.73 -63.29
N LEU MF 247 -45.95 69.33 -62.53
CA LEU MF 247 -46.75 70.22 -61.70
C LEU MF 247 -46.35 69.98 -60.26
N ARG MF 248 -45.91 71.05 -59.59
CA ARG MF 248 -45.52 70.98 -58.19
C ARG MF 248 -46.27 72.05 -57.41
N ILE MF 249 -46.50 71.78 -56.13
CA ILE MF 249 -47.20 72.71 -55.26
C ILE MF 249 -46.14 73.43 -54.42
N THR MF 250 -45.98 74.72 -54.64
CA THR MF 250 -44.90 75.44 -53.98
C THR MF 250 -45.31 76.06 -52.66
N ALA MF 251 -46.56 76.54 -52.55
CA ALA MF 251 -47.02 77.17 -51.32
C ALA MF 251 -48.36 76.58 -50.91
N LEU MF 252 -48.39 75.94 -49.76
CA LEU MF 252 -49.63 75.48 -49.17
C LEU MF 252 -50.45 76.67 -48.68
N PRO MF 253 -51.77 76.51 -48.58
CA PRO MF 253 -52.58 77.55 -47.93
C PRO MF 253 -52.27 77.63 -46.44
N GLU MF 254 -52.25 78.86 -45.93
CA GLU MF 254 -52.07 79.08 -44.50
C GLU MF 254 -52.73 80.40 -44.14
N LEU MF 255 -53.00 80.56 -42.84
CA LEU MF 255 -53.60 81.79 -42.35
C LEU MF 255 -52.59 82.93 -42.36
N ASN MF 256 -53.09 84.14 -42.56
CA ASN MF 256 -52.28 85.34 -42.45
C ASN MF 256 -52.62 86.04 -41.15
N VAL MF 257 -51.60 86.26 -40.31
CA VAL MF 257 -51.82 86.90 -39.02
C VAL MF 257 -51.94 88.41 -39.12
N ASN MF 258 -51.72 88.97 -40.30
CA ASN MF 258 -51.73 90.42 -40.47
C ASN MF 258 -53.18 90.90 -40.48
N SER MF 259 -53.51 91.76 -39.52
CA SER MF 259 -54.89 92.25 -39.39
C SER MF 259 -55.26 93.24 -40.48
N ALA MF 260 -54.27 93.94 -41.05
CA ALA MF 260 -54.57 95.00 -41.99
C ALA MF 260 -55.06 94.49 -43.34
N GLU MF 261 -54.80 93.23 -43.66
CA GLU MF 261 -55.19 92.64 -44.95
C GLU MF 261 -56.54 91.96 -44.90
N TRP MF 262 -57.45 92.44 -44.06
CA TRP MF 262 -58.69 91.74 -43.77
C TRP MF 262 -59.87 92.51 -44.34
N ARG MF 263 -60.84 91.79 -44.87
CA ARG MF 263 -62.01 92.37 -45.50
C ARG MF 263 -63.28 91.81 -44.86
N ALA MF 264 -64.30 92.64 -44.75
CA ALA MF 264 -65.58 92.27 -44.17
C ALA MF 264 -66.66 92.27 -45.25
N ALA MF 265 -67.88 91.90 -44.84
CA ALA MF 265 -68.98 91.76 -45.78
C ALA MF 265 -70.29 92.05 -45.05
N VAL MF 266 -71.13 92.90 -45.64
CA VAL MF 266 -72.41 93.24 -45.06
C VAL MF 266 -73.44 93.32 -46.18
N ALA MF 267 -74.71 93.11 -45.81
CA ALA MF 267 -75.78 93.03 -46.78
C ALA MF 267 -76.43 94.41 -46.98
N LYS MF 268 -77.55 94.43 -47.69
CA LYS MF 268 -78.31 95.65 -47.90
C LYS MF 268 -79.80 95.36 -47.85
N MET NF 23 -97.50 50.13 83.94
CA MET NF 23 -96.17 50.25 84.54
C MET NF 23 -95.09 50.06 83.48
N LYS NF 24 -95.44 50.29 82.22
CA LYS NF 24 -94.45 50.16 81.15
C LYS NF 24 -93.53 51.36 81.16
N PHE NF 25 -92.22 51.10 81.12
CA PHE NF 25 -91.21 52.14 81.25
C PHE NF 25 -90.59 52.42 79.89
N LYS NF 26 -90.53 53.70 79.52
CA LYS NF 26 -89.91 54.11 78.28
C LYS NF 26 -89.44 55.56 78.41
N LYS NF 27 -88.56 55.93 77.53
CA LYS NF 27 -87.96 57.23 77.33
C LYS NF 27 -88.61 57.92 76.14
N PRO NF 28 -88.65 59.26 76.13
CA PRO NF 28 -89.42 59.98 75.08
C PRO NF 28 -88.91 59.78 73.66
N PRO NF 29 -87.64 60.12 73.30
CA PRO NF 29 -87.36 60.30 71.87
C PRO NF 29 -87.19 58.99 71.11
N ILE NF 30 -88.19 58.64 70.32
CA ILE NF 30 -88.17 57.44 69.49
C ILE NF 30 -88.51 57.86 68.07
N ASN NF 31 -87.69 57.43 67.12
CA ASN NF 31 -87.88 57.79 65.72
C ASN NF 31 -87.60 56.56 64.88
N ASN NF 32 -87.44 56.77 63.57
CA ASN NF 32 -87.09 55.69 62.68
C ASN NF 32 -85.66 55.24 62.94
N PRO NF 33 -85.36 53.95 62.70
CA PRO NF 33 -84.01 53.45 62.94
C PRO NF 33 -83.00 54.09 61.99
N SER NF 34 -81.77 54.23 62.49
CA SER NF 34 -80.75 55.01 61.83
C SER NF 34 -79.84 54.11 60.98
N ASP NF 35 -78.77 54.70 60.46
CA ASP NF 35 -77.85 54.02 59.56
C ASP NF 35 -76.44 54.49 59.82
N ASP NF 36 -75.49 53.54 59.80
CA ASP NF 36 -74.12 53.80 60.22
C ASP NF 36 -73.41 54.79 59.30
N ALA NF 37 -73.77 54.79 58.01
CA ALA NF 37 -73.20 55.78 57.10
C ALA NF 37 -73.63 57.19 57.47
N THR NF 38 -74.90 57.36 57.82
CA THR NF 38 -75.38 58.64 58.29
C THR NF 38 -74.75 59.01 59.63
N ILE NF 39 -74.47 58.02 60.46
CA ILE NF 39 -73.81 58.27 61.75
C ILE NF 39 -72.42 58.83 61.53
N LYS NF 40 -71.65 58.21 60.65
CA LYS NF 40 -70.30 58.68 60.37
C LYS NF 40 -70.32 60.01 59.62
N LEU NF 41 -71.33 60.21 58.77
CA LEU NF 41 -71.53 61.49 58.12
C LEU NF 41 -71.75 62.60 59.13
N ALA NF 42 -72.59 62.34 60.14
CA ALA NF 42 -72.85 63.32 61.19
C ALA NF 42 -71.60 63.58 62.01
N GLU NF 43 -70.85 62.52 62.34
CA GLU NF 43 -69.69 62.71 63.18
C GLU NF 43 -68.54 63.40 62.45
N ALA NF 44 -68.51 63.32 61.12
CA ALA NF 44 -67.58 64.15 60.37
C ALA NF 44 -68.08 65.59 60.29
N ALA NF 45 -69.39 65.74 60.08
CA ALA NF 45 -69.96 67.05 59.81
C ALA NF 45 -69.92 67.95 61.03
N VAL NF 46 -70.03 67.37 62.23
CA VAL NF 46 -69.97 68.20 63.43
C VAL NF 46 -68.58 68.80 63.60
N SER NF 47 -67.55 68.03 63.28
CA SER NF 47 -66.18 68.53 63.34
C SER NF 47 -65.92 69.58 62.28
N VAL NF 48 -66.45 69.35 61.07
CA VAL NF 48 -66.26 70.32 59.98
C VAL NF 48 -66.98 71.63 60.30
N SER NF 49 -68.20 71.54 60.82
CA SER NF 49 -68.97 72.73 61.17
C SER NF 49 -68.33 73.49 62.32
N ASP NF 50 -67.78 72.77 63.31
CA ASP NF 50 -67.10 73.44 64.41
C ASP NF 50 -65.80 74.09 63.95
N SER NF 51 -65.10 73.47 62.99
CA SER NF 51 -63.87 74.05 62.47
C SER NF 51 -64.16 75.33 61.69
N MET NF 52 -65.20 75.31 60.86
CA MET NF 52 -65.61 76.53 60.16
C MET NF 52 -66.15 77.57 61.14
N LEU NF 53 -66.75 77.13 62.25
CA LEU NF 53 -67.26 78.04 63.25
C LEU NF 53 -66.13 78.81 63.94
N GLU NF 54 -65.11 78.09 64.40
CA GLU NF 54 -63.99 78.78 65.04
C GLU NF 54 -63.18 79.58 64.04
N MET NF 55 -63.11 79.12 62.79
CA MET NF 55 -62.48 79.90 61.73
C MET NF 55 -63.21 81.21 61.50
N ALA NF 56 -64.55 81.18 61.52
CA ALA NF 56 -65.32 82.40 61.36
C ALA NF 56 -65.17 83.34 62.54
N LYS NF 57 -65.07 82.78 63.75
CA LYS NF 57 -64.85 83.61 64.93
C LYS NF 57 -63.48 84.29 64.89
N VAL NF 58 -62.46 83.54 64.46
CA VAL NF 58 -61.11 84.10 64.33
C VAL NF 58 -61.08 85.18 63.28
N GLU NF 59 -61.74 84.96 62.14
CA GLU NF 59 -61.79 85.97 61.09
C GLU NF 59 -62.56 87.21 61.52
N LYS NF 60 -63.67 87.02 62.24
CA LYS NF 60 -64.48 88.12 62.72
C LYS NF 60 -63.70 88.99 63.70
N VAL NF 61 -62.92 88.35 64.57
CA VAL NF 61 -62.04 89.12 65.45
C VAL NF 61 -60.94 89.80 64.65
N ILE NF 62 -60.33 89.06 63.73
CA ILE NF 62 -59.08 89.51 63.12
C ILE NF 62 -59.30 90.59 62.07
N THR NF 63 -60.51 90.77 61.57
CA THR NF 63 -60.68 91.95 60.75
C THR NF 63 -61.92 92.71 61.18
N PRO NF 64 -61.87 94.04 61.14
CA PRO NF 64 -63.07 94.83 61.42
C PRO NF 64 -63.91 95.04 60.17
N PRO NF 65 -65.15 94.55 60.17
CA PRO NF 65 -66.07 94.92 59.10
C PRO NF 65 -66.51 96.37 59.26
N SER NF 66 -66.77 97.03 58.14
CA SER NF 66 -67.13 98.43 58.16
C SER NF 66 -68.50 98.71 57.56
N LYS NF 67 -68.77 98.20 56.36
CA LYS NF 67 -69.98 98.53 55.63
C LYS NF 67 -70.72 97.24 55.30
N ASP NF 68 -71.79 97.39 54.51
CA ASP NF 68 -72.54 96.26 54.02
C ASP NF 68 -73.08 96.60 52.64
N ASN NF 69 -73.78 95.64 52.03
CA ASN NF 69 -74.42 95.89 50.75
C ASN NF 69 -75.77 96.58 50.89
N THR NF 70 -76.18 96.89 52.13
CA THR NF 70 -77.42 97.64 52.36
C THR NF 70 -77.35 99.03 51.74
N LEU NF 71 -76.16 99.63 51.76
CA LEU NF 71 -75.98 100.97 51.20
C LEU NF 71 -76.17 100.98 49.69
N THR NF 72 -75.59 100.00 48.98
CA THR NF 72 -75.75 99.98 47.53
C THR NF 72 -77.04 99.29 47.08
N ILE NF 73 -77.69 98.55 47.96
CA ILE NF 73 -78.96 97.91 47.63
C ILE NF 73 -79.99 98.40 48.64
N PRO NF 74 -80.68 99.49 48.39
CA PRO NF 74 -81.75 99.93 49.29
C PRO NF 74 -83.01 99.11 49.02
N ASN NF 75 -84.02 99.33 49.85
CA ASN NF 75 -85.31 98.68 49.70
C ASN NF 75 -86.36 99.72 49.36
N ALA NF 76 -87.33 99.30 48.55
CA ALA NF 76 -88.39 100.19 48.12
C ALA NF 76 -89.68 99.38 48.01
N TYR NF 77 -90.69 99.98 47.40
CA TYR NF 77 -91.94 99.27 47.22
C TYR NF 77 -91.80 98.22 46.12
N ASN NF 78 -92.80 97.35 46.05
CA ASN NF 78 -92.97 96.17 45.18
C ASN NF 78 -91.99 95.05 45.53
N LEU NF 79 -91.08 95.26 46.48
CA LEU NF 79 -90.18 94.22 46.95
C LEU NF 79 -90.78 93.39 48.07
N GLN NF 80 -92.04 93.65 48.43
CA GLN NF 80 -92.71 92.93 49.49
C GLN NF 80 -93.07 91.50 49.10
N ALA NF 81 -93.06 91.18 47.81
CA ALA NF 81 -93.27 89.82 47.37
C ALA NF 81 -92.13 88.93 47.86
N ARG NF 82 -92.43 87.66 48.08
CA ARG NF 82 -91.45 86.78 48.69
C ARG NF 82 -91.19 85.59 47.79
N ALA NF 83 -90.20 84.79 48.19
CA ALA NF 83 -89.75 83.69 47.34
C ALA NF 83 -89.20 82.55 48.18
N SER NF 84 -89.35 81.35 47.65
CA SER NF 84 -88.67 80.16 48.13
C SER NF 84 -87.75 79.66 47.01
N VAL NF 85 -86.52 79.36 47.36
CA VAL NF 85 -85.44 79.22 46.38
C VAL NF 85 -84.83 77.84 46.51
N ASP NF 86 -84.71 77.13 45.38
CA ASP NF 86 -83.81 75.99 45.28
C ASP NF 86 -83.07 76.14 43.95
N TRP NF 87 -81.87 76.69 44.00
CA TRP NF 87 -81.09 76.94 42.80
C TRP NF 87 -79.67 76.47 43.01
N SER NF 88 -79.11 75.81 42.00
CA SER NF 88 -77.76 75.29 42.07
C SER NF 88 -77.06 75.44 40.73
N GLY NF 89 -77.15 76.61 40.12
CA GLY NF 89 -76.58 76.81 38.81
C GLY NF 89 -75.89 78.16 38.65
N PRO NF 90 -75.79 78.63 37.40
CA PRO NF 90 -75.21 79.96 37.15
C PRO NF 90 -76.15 81.06 37.61
N ILE NF 91 -75.61 82.28 37.61
CA ILE NF 91 -76.28 83.40 38.27
C ILE NF 91 -77.11 84.27 37.32
N GLU NF 92 -76.82 84.24 36.01
CA GLU NF 92 -77.36 85.25 35.11
C GLU NF 92 -78.85 85.05 34.87
N GLU NF 93 -79.26 83.81 34.60
CA GLU NF 93 -80.68 83.55 34.38
C GLU NF 93 -81.47 83.69 35.68
N LEU NF 94 -80.84 83.42 36.82
CA LEU NF 94 -81.50 83.62 38.10
C LEU NF 94 -81.79 85.10 38.34
N THR NF 95 -80.81 85.95 38.09
CA THR NF 95 -81.03 87.39 38.20
C THR NF 95 -82.03 87.90 37.18
N ALA NF 96 -82.05 87.30 35.99
CA ALA NF 96 -83.02 87.69 34.97
C ALA NF 96 -84.45 87.35 35.39
N ARG NF 97 -84.64 86.17 35.99
CA ARG NF 97 -85.96 85.82 36.50
C ARG NF 97 -86.36 86.72 37.66
N ILE NF 98 -85.37 87.11 38.48
CA ILE NF 98 -85.63 88.06 39.57
C ILE NF 98 -86.09 89.40 39.02
N ALA NF 99 -85.41 89.89 37.98
CA ALA NF 99 -85.78 91.17 37.38
C ALA NF 99 -87.13 91.10 36.68
N LYS NF 100 -87.45 89.96 36.08
CA LYS NF 100 -88.75 89.76 35.45
C LYS NF 100 -89.86 89.79 36.48
N ALA NF 101 -89.64 89.18 37.64
CA ALA NF 101 -90.62 89.28 38.72
C ALA NF 101 -90.69 90.68 39.28
N ALA NF 102 -89.57 91.40 39.29
CA ALA NF 102 -89.52 92.73 39.90
C ALA NF 102 -89.98 93.83 38.97
N HIS NF 103 -90.22 93.52 37.68
CA HIS NF 103 -90.61 94.49 36.65
C HIS NF 103 -89.60 95.62 36.52
N PHE NF 104 -88.32 95.29 36.63
CA PHE NF 104 -87.26 96.27 36.57
C PHE NF 104 -86.38 96.01 35.36
N ARG NF 105 -85.66 97.05 34.94
CA ARG NF 105 -84.77 96.92 33.80
C ARG NF 105 -83.53 96.14 34.19
N PHE NF 106 -83.21 95.11 33.40
CA PHE NF 106 -82.06 94.27 33.65
C PHE NF 106 -80.85 94.85 32.95
N ARG NF 107 -79.78 95.10 33.70
CA ARG NF 107 -78.59 95.71 33.14
C ARG NF 107 -77.36 94.88 33.49
N VAL NF 108 -76.49 94.70 32.50
CA VAL NF 108 -75.27 93.90 32.65
C VAL NF 108 -74.08 94.77 32.28
N LEU NF 109 -73.07 94.76 33.13
CA LEU NF 109 -71.84 95.51 32.90
C LEU NF 109 -70.66 94.55 32.86
N GLY NF 110 -69.79 94.77 31.89
CA GLY NF 110 -68.71 93.86 31.65
C GLY NF 110 -69.19 92.61 30.94
N LYS NF 111 -68.30 91.63 30.87
CA LYS NF 111 -68.58 90.37 30.23
C LYS NF 111 -68.14 89.24 31.16
N SER NF 112 -68.85 88.12 31.08
CA SER NF 112 -68.53 86.98 31.92
C SER NF 112 -67.25 86.32 31.43
N PRO NF 113 -66.41 85.84 32.35
CA PRO NF 113 -65.27 85.02 31.94
C PRO NF 113 -65.74 83.67 31.44
N SER NF 114 -64.85 82.99 30.71
CA SER NF 114 -65.20 81.70 30.13
C SER NF 114 -65.39 80.64 31.21
N VAL NF 115 -64.71 80.76 32.34
CA VAL NF 115 -65.09 80.00 33.52
C VAL NF 115 -66.34 80.67 34.06
N PRO NF 116 -67.45 79.96 34.19
CA PRO NF 116 -68.70 80.59 34.63
C PRO NF 116 -68.70 80.83 36.13
N VAL NF 117 -69.65 81.66 36.55
CA VAL NF 117 -69.87 81.93 37.97
C VAL NF 117 -71.09 81.14 38.41
N LEU NF 118 -70.92 80.27 39.39
CA LEU NF 118 -71.93 79.32 39.81
C LEU NF 118 -72.27 79.53 41.27
N ILE NF 119 -73.55 79.38 41.60
CA ILE NF 119 -74.01 79.47 42.98
C ILE NF 119 -74.91 78.28 43.27
N SER NF 120 -75.04 77.97 44.55
CA SER NF 120 -75.95 76.93 45.02
C SER NF 120 -76.61 77.47 46.29
N ILE NF 121 -77.78 78.07 46.11
CA ILE NF 121 -78.49 78.75 47.19
C ILE NF 121 -79.84 78.08 47.38
N SER NF 122 -80.18 77.76 48.63
CA SER NF 122 -81.47 77.15 48.94
C SER NF 122 -81.89 77.63 50.32
N THR NF 123 -82.71 78.68 50.36
CA THR NF 123 -83.26 79.19 51.61
C THR NF 123 -84.77 78.97 51.64
N LYS NF 124 -85.41 79.55 52.64
CA LYS NF 124 -86.84 79.35 52.88
C LYS NF 124 -87.48 80.69 53.20
N ASP NF 125 -88.37 81.15 52.32
CA ASP NF 125 -89.26 82.30 52.54
C ASP NF 125 -88.47 83.58 52.84
N GLU NF 126 -87.77 84.06 51.81
CA GLU NF 126 -86.92 85.23 51.92
C GLU NF 126 -87.50 86.38 51.12
N SER NF 127 -87.32 87.59 51.63
CA SER NF 127 -87.69 88.78 50.87
C SER NF 127 -86.69 89.02 49.75
N LEU NF 128 -87.09 89.86 48.79
CA LEU NF 128 -86.29 90.07 47.59
C LEU NF 128 -85.00 90.82 47.89
N ALA NF 129 -85.07 91.83 48.77
CA ALA NF 129 -83.89 92.62 49.09
C ALA NF 129 -82.85 91.78 49.83
N GLU NF 130 -83.30 90.94 50.76
CA GLU NF 130 -82.39 90.03 51.43
C GLU NF 130 -81.86 88.98 50.48
N ILE NF 131 -82.68 88.56 49.51
CA ILE NF 131 -82.23 87.63 48.47
C ILE NF 131 -81.08 88.24 47.67
N LEU NF 132 -81.22 89.50 47.28
CA LEU NF 132 -80.21 90.12 46.44
C LEU NF 132 -78.94 90.44 47.23
N ARG NF 133 -79.09 90.87 48.48
CA ARG NF 133 -77.91 91.12 49.30
C ARG NF 133 -77.17 89.83 49.62
N ASP NF 134 -77.90 88.74 49.85
CA ASP NF 134 -77.28 87.44 50.04
C ASP NF 134 -76.60 86.97 48.77
N ILE NF 135 -77.19 87.28 47.61
CA ILE NF 135 -76.59 86.88 46.34
C ILE NF 135 -75.28 87.62 46.11
N ASP NF 136 -75.23 88.93 46.40
CA ASP NF 136 -73.99 89.66 46.24
C ASP NF 136 -72.95 89.25 47.27
N TYR NF 137 -73.39 88.88 48.47
CA TYR NF 137 -72.48 88.31 49.46
C TYR NF 137 -71.90 86.99 48.97
N GLN NF 138 -72.72 86.18 48.30
CA GLN NF 138 -72.22 84.94 47.70
C GLN NF 138 -71.26 85.23 46.56
N ALA NF 139 -71.52 86.30 45.81
CA ALA NF 139 -70.69 86.64 44.66
C ALA NF 139 -69.31 87.08 45.09
N GLY NF 140 -69.23 88.02 46.03
CA GLY NF 140 -67.97 88.48 46.56
C GLY NF 140 -67.06 89.17 45.56
N LYS NF 141 -65.96 88.52 45.22
CA LYS NF 141 -64.95 89.13 44.36
C LYS NF 141 -65.32 89.10 42.88
N LYS NF 142 -66.25 88.24 42.47
CA LYS NF 142 -66.44 88.01 41.05
C LYS NF 142 -67.41 88.99 40.41
N ALA NF 143 -68.51 89.30 41.09
CA ALA NF 143 -69.52 90.19 40.53
C ALA NF 143 -70.06 91.10 41.63
N SER NF 144 -70.72 92.17 41.19
CA SER NF 144 -71.31 93.12 42.12
C SER NF 144 -72.70 93.48 41.64
N ILE NF 145 -73.56 93.87 42.59
CA ILE NF 145 -74.97 94.14 42.35
C ILE NF 145 -75.25 95.58 42.73
N HIS NF 146 -76.00 96.28 41.87
CA HIS NF 146 -76.46 97.62 42.18
C HIS NF 146 -77.94 97.75 41.82
N VAL NF 147 -78.66 98.51 42.64
CA VAL NF 147 -80.10 98.70 42.48
C VAL NF 147 -80.38 100.19 42.50
N TYR NF 148 -81.08 100.67 41.47
CA TYR NF 148 -81.51 102.07 41.42
C TYR NF 148 -83.02 102.11 41.31
N PRO NF 149 -83.74 102.33 42.40
CA PRO NF 149 -85.22 102.32 42.33
C PRO NF 149 -85.79 103.54 41.65
N ASN NF 150 -85.10 104.68 41.75
CA ASN NF 150 -85.49 105.85 40.99
C ASN NF 150 -85.34 105.61 39.50
N SER NF 151 -84.31 104.87 39.11
CA SER NF 151 -84.13 104.47 37.72
C SER NF 151 -84.85 103.16 37.41
N GLN NF 152 -85.33 102.44 38.43
CA GLN NF 152 -86.04 101.16 38.30
C GLN NF 152 -85.18 100.12 37.58
N VAL NF 153 -83.89 100.11 37.91
CA VAL NF 153 -82.90 99.29 37.22
C VAL NF 153 -82.21 98.38 38.24
N VAL NF 154 -82.19 97.09 37.96
CA VAL NF 154 -81.31 96.15 38.64
C VAL NF 154 -80.15 95.86 37.71
N GLU NF 155 -78.94 96.07 38.20
CA GLU NF 155 -77.73 95.94 37.40
C GLU NF 155 -76.76 95.01 38.09
N LEU NF 156 -76.15 94.13 37.32
CA LEU NF 156 -75.03 93.33 37.79
C LEU NF 156 -73.80 93.68 36.96
N ARG NF 157 -72.63 93.53 37.57
CA ARG NF 157 -71.39 93.84 36.89
C ARG NF 157 -70.37 92.76 37.19
N TYR NF 158 -69.75 92.22 36.13
CA TYR NF 158 -68.62 91.33 36.31
C TYR NF 158 -67.39 92.18 36.60
N ALA NF 159 -66.68 91.85 37.67
CA ALA NF 159 -65.57 92.69 38.08
C ALA NF 159 -64.36 92.52 37.16
N LYS NF 160 -63.54 93.56 37.10
CA LYS NF 160 -62.33 93.53 36.29
C LYS NF 160 -61.28 92.71 37.03
N ILE NF 161 -60.94 91.56 36.47
CA ILE NF 161 -59.94 90.69 37.05
C ILE NF 161 -58.77 90.61 36.06
N TYR NF 162 -57.60 90.25 36.59
CA TYR NF 162 -56.37 89.99 35.85
C TYR NF 162 -55.89 91.18 35.03
N ARG OF 207 3.10 85.46 75.30
CA ARG OF 207 2.74 85.71 73.92
C ARG OF 207 3.32 84.63 73.01
N ILE OF 208 3.09 84.76 71.70
CA ILE OF 208 3.55 83.76 70.75
C ILE OF 208 5.02 84.00 70.44
N ILE OF 209 5.85 82.98 70.67
CA ILE OF 209 7.27 83.07 70.39
C ILE OF 209 7.51 82.70 68.93
N TYR OF 210 8.69 83.02 68.42
CA TYR OF 210 9.02 82.75 67.03
C TYR OF 210 10.42 82.18 66.92
N TYR OF 211 10.56 81.19 66.05
CA TYR OF 211 11.84 80.56 65.78
C TYR OF 211 12.11 80.60 64.28
N ILE OF 212 13.36 80.43 63.93
CA ILE OF 212 13.76 80.44 62.52
C ILE OF 212 13.77 79.01 62.01
N GLN OF 213 13.13 78.80 60.86
CA GLN OF 213 13.18 77.53 60.15
C GLN OF 213 14.29 77.51 59.12
N ALA OF 214 14.40 78.57 58.32
CA ALA OF 214 15.47 78.71 57.33
C ALA OF 214 15.83 80.18 57.23
N VAL OF 215 17.12 80.45 57.04
CA VAL OF 215 17.61 81.82 56.87
C VAL OF 215 18.39 81.89 55.57
N ILE OF 216 17.93 82.73 54.66
CA ILE OF 216 18.72 83.16 53.50
C ILE OF 216 18.74 84.67 53.50
N PRO OF 217 19.68 85.29 52.80
CA PRO OF 217 19.55 86.71 52.49
C PRO OF 217 18.28 86.96 51.66
N GLY OF 218 17.52 87.98 52.06
CA GLY OF 218 16.26 88.28 51.41
C GLY OF 218 15.05 87.70 52.12
N ARG OF 219 14.92 86.39 52.16
CA ARG OF 219 13.74 85.75 52.74
C ARG OF 219 14.07 85.12 54.08
N ALA OF 220 13.13 85.25 55.03
CA ALA OF 220 13.31 84.72 56.38
C ALA OF 220 12.14 83.83 56.72
N TRP OF 221 12.43 82.61 57.13
CA TRP OF 221 11.40 81.63 57.49
C TRP OF 221 11.25 81.62 59.00
N LEU OF 222 10.06 81.95 59.48
CA LEU OF 222 9.76 81.94 60.90
C LEU OF 222 8.58 81.02 61.18
N ILE OF 223 8.59 80.43 62.37
CA ILE OF 223 7.52 79.56 62.83
C ILE OF 223 7.10 80.02 64.22
N GLY OF 224 5.79 80.22 64.40
CA GLY OF 224 5.25 80.66 65.66
C GLY OF 224 5.06 79.52 66.65
N SER OF 225 4.49 79.88 67.79
CA SER OF 225 4.25 78.90 68.85
C SER OF 225 3.12 77.94 68.51
N ASN OF 226 2.20 78.34 67.63
CA ASN OF 226 1.09 77.49 67.23
C ASN OF 226 1.46 76.52 66.11
N GLY OF 227 2.70 76.55 65.64
CA GLY OF 227 3.12 75.72 64.54
C GLY OF 227 2.93 76.33 63.17
N SER OF 228 2.25 77.47 63.09
CA SER OF 228 2.07 78.16 61.81
C SER OF 228 3.38 78.84 61.42
N THR OF 229 3.80 78.64 60.18
CA THR OF 229 5.05 79.20 59.70
C THR OF 229 4.79 80.11 58.51
N LEU OF 230 5.80 80.91 58.19
CA LEU OF 230 5.73 81.87 57.10
C LEU OF 230 7.15 82.16 56.64
N THR OF 231 7.25 82.77 55.46
CA THR OF 231 8.49 83.35 54.98
C THR OF 231 8.21 84.80 54.58
N VAL OF 232 9.05 85.71 55.07
CA VAL OF 232 8.85 87.14 54.91
C VAL OF 232 10.12 87.75 54.31
N ARG OF 233 10.10 89.07 54.18
CA ARG OF 233 11.15 89.85 53.55
C ARG OF 233 11.76 90.81 54.57
N GLU OF 234 12.59 91.73 54.06
CA GLU OF 234 13.21 92.74 54.90
C GLU OF 234 12.17 93.67 55.52
N GLY OF 235 11.20 94.12 54.72
CA GLY OF 235 10.14 94.94 55.25
C GLY OF 235 8.89 94.13 55.54
N SER OF 236 8.67 93.81 56.81
CA SER OF 236 7.52 92.99 57.19
C SER OF 236 7.04 93.41 58.57
N LYS OF 237 5.79 93.07 58.85
CA LYS OF 237 5.15 93.41 60.12
C LYS OF 237 4.77 92.12 60.83
N ILE OF 238 5.10 92.05 62.11
CA ILE OF 238 4.81 90.86 62.92
C ILE OF 238 4.24 91.32 64.25
N PRO OF 239 3.08 90.80 64.67
CA PRO OF 239 2.51 91.19 65.96
C PRO OF 239 3.34 90.67 67.12
N GLY OF 240 3.54 91.53 68.11
CA GLY OF 240 4.40 91.25 69.23
C GLY OF 240 5.86 91.57 69.00
N TYR OF 241 6.26 91.79 67.75
CA TYR OF 241 7.62 92.16 67.41
C TYR OF 241 7.72 93.42 66.56
N GLY OF 242 6.66 93.81 65.88
CA GLY OF 242 6.63 95.08 65.15
C GLY OF 242 7.21 94.95 63.75
N MET OF 243 8.25 95.72 63.48
CA MET OF 243 8.85 95.82 62.16
C MET OF 243 10.19 95.11 62.13
N VAL OF 244 10.43 94.32 61.09
CA VAL OF 244 11.74 93.72 60.88
C VAL OF 244 12.70 94.82 60.46
N LYS OF 245 13.53 95.28 61.41
CA LYS OF 245 14.39 96.42 61.12
C LYS OF 245 15.59 96.04 60.27
N LEU OF 246 16.16 94.85 60.49
CA LEU OF 246 17.35 94.44 59.77
C LEU OF 246 17.47 92.92 59.84
N ILE OF 247 17.97 92.33 58.75
CA ILE OF 247 18.15 90.89 58.64
C ILE OF 247 19.64 90.60 58.54
N ASP OF 248 20.14 89.78 59.45
CA ASP OF 248 21.51 89.29 59.41
C ASP OF 248 21.46 87.81 59.04
N SER OF 249 21.96 87.48 57.84
CA SER OF 249 22.02 86.09 57.42
C SER OF 249 23.01 85.30 58.27
N LEU OF 250 24.12 85.93 58.65
CA LEU OF 250 25.08 85.29 59.52
C LEU OF 250 24.55 85.25 60.94
N GLN OF 251 25.02 84.26 61.71
CA GLN OF 251 24.79 84.03 63.14
C GLN OF 251 23.35 83.64 63.48
N GLY OF 252 22.42 83.63 62.52
CA GLY OF 252 21.05 83.21 62.75
C GLY OF 252 20.24 84.07 63.69
N ARG OF 253 20.48 85.38 63.70
CA ARG OF 253 19.80 86.29 64.60
C ARG OF 253 19.21 87.45 63.80
N ILE OF 254 17.91 87.69 63.99
CA ILE OF 254 17.19 88.72 63.25
C ILE OF 254 16.64 89.74 64.24
N LEU OF 255 16.91 91.01 63.98
CA LEU OF 255 16.51 92.10 64.87
C LEU OF 255 15.17 92.68 64.43
N THR OF 256 14.33 93.02 65.41
CA THR OF 256 13.03 93.62 65.12
C THR OF 256 12.92 94.99 65.76
N SER OF 257 11.82 95.69 65.43
CA SER OF 257 11.61 97.05 65.91
C SER OF 257 11.27 97.10 67.38
N SER OF 258 10.79 96.00 67.98
CA SER OF 258 10.47 95.98 69.39
C SER OF 258 11.67 95.63 70.27
N GLY OF 259 12.89 95.79 69.75
CA GLY OF 259 14.07 95.53 70.52
C GLY OF 259 14.35 94.06 70.79
N GLN OF 260 13.83 93.18 69.95
CA GLN OF 260 13.93 91.74 70.18
C GLN OF 260 14.70 91.07 69.05
N VAL OF 261 15.20 89.88 69.36
CA VAL OF 261 16.02 89.09 68.46
C VAL OF 261 15.36 87.73 68.30
N ILE OF 262 15.15 87.32 67.05
CA ILE OF 262 14.60 86.00 66.72
C ILE OF 262 15.76 85.12 66.28
N LYS OF 263 15.82 83.92 66.85
CA LYS OF 263 16.91 82.97 66.67
C LYS OF 263 16.30 81.58 66.49
N PHE OF 264 17.16 80.59 66.27
CA PHE OF 264 16.73 79.20 66.32
C PHE OF 264 16.46 78.77 67.76
N SER OF 265 15.90 77.57 67.90
CA SER OF 265 15.66 77.02 69.22
C SER OF 265 16.97 76.61 69.88
N GLN OF 266 17.01 76.76 71.21
CA GLN OF 266 18.15 76.28 71.98
C GLN OF 266 18.24 74.76 71.93
N GLU OF 267 17.10 74.08 72.03
CA GLU OF 267 17.09 72.62 72.00
C GLU OF 267 17.40 72.09 70.61
N ASP OF 268 16.82 72.70 69.57
CA ASP OF 268 17.03 72.28 68.19
C ASP OF 268 17.83 73.37 67.48
N SER OF 269 19.13 73.15 67.34
CA SER OF 269 20.01 74.07 66.63
C SER OF 269 21.14 73.32 65.94
N GLN PF 791 62.40 88.19 50.87
CA GLN PF 791 62.40 89.00 49.65
C GLN PF 791 62.47 88.10 48.42
N GLN PF 792 63.68 87.69 48.08
CA GLN PF 792 63.87 86.72 47.01
C GLN PF 792 63.58 85.29 47.44
N GLU PF 793 63.41 85.07 48.74
CA GLU PF 793 63.14 83.75 49.29
C GLU PF 793 61.65 83.46 49.37
N ILE PF 794 60.81 84.46 49.14
CA ILE PF 794 59.36 84.31 49.30
C ILE PF 794 58.78 83.43 48.21
N GLN PF 795 59.28 83.58 46.98
CA GLN PF 795 58.59 83.09 45.79
C GLN PF 795 58.62 81.57 45.69
N GLN PF 796 59.74 80.96 46.06
CA GLN PF 796 59.81 79.51 46.10
C GLN PF 796 58.93 78.95 47.21
N ARG PF 797 58.81 79.68 48.32
CA ARG PF 797 57.83 79.33 49.33
C ARG PF 797 56.42 79.75 48.92
N THR PF 798 56.31 80.64 47.94
CA THR PF 798 54.99 80.95 47.39
C THR PF 798 54.58 79.92 46.35
N SER PF 799 55.55 79.38 45.61
CA SER PF 799 55.24 78.54 44.45
C SER PF 799 54.69 77.19 44.86
N ASP PF 800 55.30 76.55 45.86
CA ASP PF 800 54.86 75.23 46.30
C ASP PF 800 53.51 75.29 46.98
N MET PF 801 53.18 76.43 47.59
CA MET PF 801 51.89 76.57 48.24
C MET PF 801 50.76 76.72 47.22
N LEU PF 802 51.08 77.19 46.01
CA LEU PF 802 50.11 77.13 44.93
C LEU PF 802 49.84 75.68 44.55
N THR PF 803 50.88 74.87 44.44
CA THR PF 803 50.71 73.46 44.12
C THR PF 803 50.01 72.72 45.24
N ALA PF 804 50.29 73.09 46.49
CA ALA PF 804 49.65 72.47 47.62
C ALA PF 804 48.19 72.86 47.73
N ALA PF 805 47.85 74.11 47.37
CA ALA PF 805 46.45 74.51 47.45
C ALA PF 805 45.64 73.90 46.33
N THR PF 806 46.22 73.79 45.14
CA THR PF 806 45.48 73.35 43.96
C THR PF 806 45.23 71.86 43.92
N GLN PF 807 45.83 71.08 44.83
CA GLN PF 807 45.49 69.66 44.87
C GLN PF 807 44.36 69.37 45.82
N LEU PF 808 44.23 70.15 46.90
CA LEU PF 808 43.23 69.84 47.91
C LEU PF 808 41.85 70.40 47.58
N VAL PF 809 41.75 71.27 46.57
CA VAL PF 809 40.50 71.96 46.28
C VAL PF 809 39.45 70.99 45.77
N GLN PF 810 39.86 70.01 44.95
CA GLN PF 810 38.92 69.04 44.44
C GLN PF 810 38.52 68.00 45.47
N ASP PF 811 39.22 67.94 46.60
CA ASP PF 811 38.83 67.02 47.67
C ASP PF 811 37.51 67.44 48.28
N TRP PF 812 37.36 68.73 48.57
CA TRP PF 812 36.07 69.21 49.06
C TRP PF 812 35.07 69.41 47.93
N LYS PF 813 35.53 69.44 46.69
CA LYS PF 813 34.61 69.59 45.56
C LYS PF 813 33.80 68.32 45.32
N GLN PF 814 34.42 67.17 45.48
CA GLN PF 814 33.76 65.92 45.13
C GLN PF 814 32.73 65.53 46.18
N VAL PF 815 31.55 65.14 45.72
CA VAL PF 815 30.51 64.58 46.56
C VAL PF 815 29.86 63.44 45.79
N GLU PF 816 30.25 62.21 46.08
CA GLU PF 816 29.78 61.09 45.30
C GLU PF 816 28.37 60.70 45.72
N THR PF 817 27.78 59.78 44.96
CA THR PF 817 26.41 59.36 45.15
C THR PF 817 26.34 58.23 46.17
N GLN PF 818 25.28 58.22 46.96
CA GLN PF 818 25.02 57.12 47.88
C GLN PF 818 24.62 55.87 47.11
N VAL PF 819 24.57 54.75 47.81
CA VAL PF 819 24.20 53.47 47.22
C VAL PF 819 22.99 52.91 47.97
N TYR PF 820 22.01 52.45 47.21
CA TYR PF 820 20.82 51.81 47.76
C TYR PF 820 20.79 50.36 47.30
N THR PF 821 20.39 49.48 48.21
CA THR PF 821 20.35 48.05 47.95
C THR PF 821 18.92 47.53 48.12
N GLU PF 822 18.77 46.22 47.93
CA GLU PF 822 17.50 45.54 48.09
C GLU PF 822 17.77 44.12 48.58
N GLY PF 823 17.05 43.71 49.61
CA GLY PF 823 17.20 42.37 50.15
C GLY PF 823 15.87 41.66 50.22
N THR PF 824 15.89 40.38 49.85
CA THR PF 824 14.69 39.56 49.87
C THR PF 824 15.03 38.15 50.35
N ALA QF 104 94.44 48.98 60.96
CA ALA QF 104 94.21 48.45 59.62
C ALA QF 104 93.05 47.46 59.62
N GLU QF 105 92.07 47.68 60.51
CA GLU QF 105 90.87 46.84 60.54
C GLU QF 105 89.59 47.60 60.85
N VAL QF 106 89.65 48.86 61.31
CA VAL QF 106 88.45 49.64 61.59
C VAL QF 106 87.77 50.18 60.34
N ILE QF 107 88.36 49.91 59.17
CA ILE QF 107 87.77 50.31 57.89
C ILE QF 107 86.41 49.64 57.71
N ASP QF 108 86.32 48.35 58.03
CA ASP QF 108 85.05 47.64 57.93
C ASP QF 108 84.02 48.16 58.92
N LYS QF 109 84.47 48.57 60.12
CA LYS QF 109 83.55 49.11 61.11
C LYS QF 109 82.99 50.46 60.69
N LYS QF 110 83.86 51.36 60.22
CA LYS QF 110 83.41 52.66 59.75
C LYS QF 110 82.54 52.53 58.50
N ALA QF 111 82.88 51.59 57.62
CA ALA QF 111 82.08 51.34 56.44
C ALA QF 111 80.71 50.77 56.82
N PHE QF 112 80.66 49.94 57.86
CA PHE QF 112 79.39 49.42 58.35
C PHE QF 112 78.52 50.54 58.90
N LYS QF 113 79.13 51.47 59.64
CA LYS QF 113 78.39 52.62 60.16
C LYS QF 113 77.87 53.51 59.03
N ASP QF 114 78.72 53.77 58.04
CA ASP QF 114 78.32 54.62 56.91
C ASP QF 114 77.28 53.94 56.05
N MET QF 115 77.39 52.62 55.87
CA MET QF 115 76.41 51.86 55.13
C MET QF 115 75.06 51.87 55.83
N THR QF 116 75.07 51.77 57.16
CA THR QF 116 73.83 51.85 57.92
C THR QF 116 73.19 53.22 57.80
N ARG QF 117 74.01 54.28 57.87
CA ARG QF 117 73.51 55.65 57.72
C ARG QF 117 72.94 55.89 56.33
N ASN QF 118 73.62 55.41 55.29
CA ASN QF 118 73.14 55.62 53.93
C ASN QF 118 71.94 54.74 53.60
N LEU QF 119 71.86 53.55 54.20
CA LEU QF 119 70.69 52.71 54.01
C LEU QF 119 69.46 53.33 54.66
N TYR QF 120 69.59 53.74 55.93
CA TYR QF 120 68.48 54.33 56.67
C TYR QF 120 68.92 55.68 57.19
N PRO QF 121 68.79 56.75 56.38
CA PRO QF 121 68.96 58.10 56.92
C PRO QF 121 67.88 58.49 57.91
N LEU QF 122 66.72 57.85 57.85
CA LEU QF 122 65.64 58.10 58.80
C LEU QF 122 65.89 57.33 60.08
N ASN QF 123 65.99 58.05 61.19
CA ASN QF 123 66.06 57.43 62.49
C ASN QF 123 64.69 56.88 62.88
N PRO QF 124 64.63 55.86 63.74
CA PRO QF 124 63.32 55.31 64.15
C PRO QF 124 62.42 56.30 64.86
N GLU QF 125 62.97 57.14 65.73
CA GLU QF 125 62.15 58.16 66.36
C GLU QF 125 61.82 59.28 65.39
N GLN QF 126 62.64 59.48 64.35
CA GLN QF 126 62.27 60.40 63.29
C GLN QF 126 61.08 59.87 62.51
N VAL QF 127 61.04 58.55 62.29
CA VAL QF 127 59.87 57.91 61.68
C VAL QF 127 58.65 58.08 62.57
N VAL QF 128 58.84 57.95 63.89
CA VAL QF 128 57.76 58.12 64.85
C VAL QF 128 57.20 59.54 64.80
N LYS QF 129 58.09 60.53 64.83
CA LYS QF 129 57.67 61.92 64.78
C LYS QF 129 57.03 62.27 63.44
N LEU QF 130 57.55 61.68 62.36
CA LEU QF 130 56.98 61.92 61.04
C LEU QF 130 55.58 61.33 60.93
N LYS QF 131 55.37 60.15 61.51
CA LYS QF 131 54.05 59.54 61.52
C LYS QF 131 53.07 60.36 62.34
N GLN QF 132 53.52 60.87 63.49
CA GLN QF 132 52.69 61.75 64.31
C GLN QF 132 52.34 63.03 63.56
N ILE QF 133 53.31 63.61 62.86
CA ILE QF 133 53.09 64.83 62.09
C ILE QF 133 52.12 64.56 60.94
N TYR QF 134 52.22 63.37 60.34
CA TYR QF 134 51.29 62.98 59.28
C TYR QF 134 49.87 62.85 59.80
N GLU QF 135 49.70 62.21 60.96
CA GLU QF 135 48.36 62.04 61.53
C GLU QF 135 47.75 63.36 61.94
N THR QF 136 48.56 64.24 62.55
CA THR QF 136 48.08 65.56 62.93
C THR QF 136 47.77 66.41 61.69
N SER QF 137 48.57 66.26 60.64
CA SER QF 137 48.37 67.02 59.42
C SER QF 137 47.10 66.58 58.71
N GLU QF 138 46.83 65.27 58.66
CA GLU QF 138 45.59 64.84 58.01
C GLU QF 138 44.37 65.14 58.88
N TYR QF 139 44.53 65.16 60.21
CA TYR QF 139 43.41 65.58 61.06
C TYR QF 139 43.08 67.05 60.87
N ALA QF 140 44.11 67.90 60.76
CA ALA QF 140 43.86 69.30 60.47
C ALA QF 140 43.37 69.51 59.04
N LYS QF 141 43.74 68.61 58.13
CA LYS QF 141 43.28 68.68 56.75
C LYS QF 141 41.79 68.38 56.67
N ALA QF 142 41.35 67.30 57.31
CA ALA QF 142 39.95 66.92 57.25
C ALA QF 142 39.11 67.54 58.35
N ALA QF 143 39.72 68.38 59.18
CA ALA QF 143 38.95 69.14 60.16
C ALA QF 143 38.06 70.16 59.45
N THR QF 144 36.80 70.24 59.90
CA THR QF 144 35.81 71.06 59.22
C THR QF 144 35.57 72.33 60.01
N PRO QF 145 35.86 73.51 59.46
CA PRO QF 145 35.63 74.76 60.20
C PRO QF 145 34.14 75.09 60.27
N GLY QF 146 33.81 76.02 61.16
CA GLY QF 146 32.45 76.43 61.37
C GLY QF 146 31.73 75.56 62.39
N THR QF 147 30.45 75.89 62.60
CA THR QF 147 29.62 75.17 63.56
C THR QF 147 28.89 74.04 62.85
N PRO QF 148 29.08 72.79 63.25
CA PRO QF 148 28.36 71.69 62.64
C PRO QF 148 26.92 71.68 63.12
N PRO QF 149 25.97 71.38 62.24
CA PRO QF 149 24.56 71.41 62.63
C PRO QF 149 24.17 70.22 63.49
N LYS QF 150 23.01 70.34 64.11
CA LYS QF 150 22.48 69.27 64.95
C LYS QF 150 21.53 68.41 64.12
N PRO QF 151 21.77 67.11 64.01
CA PRO QF 151 20.79 66.23 63.36
C PRO QF 151 19.65 65.89 64.30
N THR QF 152 18.44 65.82 63.75
CA THR QF 152 17.28 65.61 64.60
C THR QF 152 16.20 64.82 63.87
N ALA QF 153 15.35 64.18 64.66
CA ALA QF 153 14.13 63.56 64.16
C ALA QF 153 12.97 64.50 64.45
N THR QF 154 12.18 64.80 63.42
CA THR QF 154 11.09 65.76 63.53
C THR QF 154 9.86 65.22 62.84
N SER QF 155 8.70 65.70 63.29
CA SER QF 155 7.43 65.41 62.65
C SER QF 155 6.71 66.72 62.41
N GLN QF 156 6.12 66.87 61.23
CA GLN QF 156 5.50 68.13 60.83
C GLN QF 156 4.24 67.86 60.02
N PHE QF 157 3.31 68.80 60.07
CA PHE QF 157 2.08 68.70 59.31
C PHE QF 157 2.25 69.39 57.96
N VAL QF 158 1.64 68.80 56.93
CA VAL QF 158 1.64 69.33 55.58
C VAL QF 158 0.25 69.88 55.29
N ASN QF 159 0.18 71.18 54.99
CA ASN QF 159 -1.08 71.84 54.74
C ASN QF 159 -1.28 72.03 53.24
N LEU QF 160 -2.43 71.55 52.75
CA LEU QF 160 -2.75 71.59 51.32
C LEU QF 160 -3.57 72.82 50.95
N SER QF 161 -3.65 73.80 51.84
CA SER QF 161 -4.47 74.97 51.59
C SER QF 161 -3.83 75.86 50.53
N PRO QF 162 -4.63 76.49 49.65
CA PRO QF 162 -4.05 77.36 48.62
C PRO QF 162 -3.49 78.67 49.14
N GLY QF 163 -3.77 79.04 50.39
CA GLY QF 163 -3.17 80.23 50.95
C GLY QF 163 -2.04 79.89 51.92
N SER QF 164 -1.87 78.59 52.19
CA SER QF 164 -0.88 78.16 53.16
C SER QF 164 0.54 78.25 52.59
N THR QF 165 1.50 78.34 53.50
CA THR QF 165 2.91 78.39 53.16
C THR QF 165 3.41 77.01 52.77
N PRO QF 166 4.34 76.93 51.81
CA PRO QF 166 4.82 75.63 51.37
C PRO QF 166 5.73 74.99 52.41
N PRO QF 167 5.79 73.66 52.46
CA PRO QF 167 6.69 73.00 53.40
C PRO QF 167 8.15 73.17 53.02
N VAL QF 168 8.99 73.30 54.05
CA VAL QF 168 10.40 73.62 53.94
C VAL QF 168 11.20 72.48 54.55
N ILE QF 169 12.20 72.00 53.83
CA ILE QF 169 13.04 70.90 54.30
C ILE QF 169 14.48 71.39 54.35
N ARG QF 170 15.06 71.36 55.55
CA ARG QF 170 16.48 71.59 55.70
C ARG QF 170 17.27 70.36 55.25
N LEU QF 171 18.41 70.60 54.62
CA LEU QF 171 19.24 69.52 54.11
C LEU QF 171 20.70 69.78 54.43
N SER QF 172 21.47 68.69 54.44
CA SER QF 172 22.91 68.74 54.65
C SER QF 172 23.60 68.06 53.48
N GLN QF 173 24.62 68.72 52.93
CA GLN QF 173 25.37 68.14 51.83
C GLN QF 173 26.26 67.03 52.35
N GLY QF 174 26.22 65.88 51.67
CA GLY QF 174 26.92 64.71 52.12
C GLY QF 174 26.16 63.88 53.12
N PHE QF 175 24.99 64.33 53.57
CA PHE QF 175 24.15 63.58 54.49
C PHE QF 175 22.81 63.32 53.82
N VAL QF 176 22.34 62.08 53.92
CA VAL QF 176 21.11 61.66 53.28
C VAL QF 176 19.99 61.72 54.30
N SER QF 177 18.93 62.46 53.96
CA SER QF 177 17.79 62.65 54.84
C SER QF 177 16.64 61.75 54.42
N SER QF 178 15.97 61.15 55.40
CA SER QF 178 14.87 60.23 55.16
C SER QF 178 13.57 60.96 55.49
N LEU QF 179 12.64 60.98 54.52
CA LEU QF 179 11.35 61.62 54.68
C LEU QF 179 10.25 60.57 54.50
N VAL QF 180 9.45 60.39 55.54
CA VAL QF 180 8.32 59.45 55.49
C VAL QF 180 7.03 60.28 55.51
N PHE QF 181 5.98 59.70 54.93
CA PHE QF 181 4.75 60.43 54.67
C PHE QF 181 3.57 59.61 55.16
N LEU QF 182 2.80 60.17 56.08
CA LEU QF 182 1.66 59.50 56.67
C LEU QF 182 0.42 60.39 56.52
N ASP QF 183 -0.74 59.74 56.48
CA ASP QF 183 -1.99 60.50 56.36
C ASP QF 183 -2.44 60.99 57.73
N SER QF 184 -3.69 61.43 57.81
CA SER QF 184 -4.24 61.90 59.08
C SER QF 184 -4.43 60.79 60.09
N THR QF 185 -4.48 59.53 59.64
CA THR QF 185 -4.50 58.39 60.54
C THR QF 185 -3.11 57.86 60.85
N GLY QF 186 -2.06 58.47 60.28
CA GLY QF 186 -0.72 57.97 60.46
C GLY QF 186 -0.32 56.82 59.56
N ALA QF 187 -1.14 56.48 58.57
CA ALA QF 187 -0.85 55.39 57.67
C ALA QF 187 -0.06 55.89 56.45
N PRO QF 188 0.90 55.10 55.95
CA PRO QF 188 1.70 55.57 54.81
C PRO QF 188 0.89 55.62 53.52
N TRP QF 189 1.03 56.72 52.80
CA TRP QF 189 0.37 56.90 51.51
C TRP QF 189 1.42 56.83 50.42
N PRO QF 190 1.36 55.85 49.52
CA PRO QF 190 2.41 55.69 48.52
C PRO QF 190 2.41 56.81 47.48
N ILE QF 191 3.58 57.03 46.91
CA ILE QF 191 3.83 58.13 45.98
C ILE QF 191 3.63 57.62 44.57
N ALA QF 192 2.84 58.35 43.78
CA ALA QF 192 2.70 57.99 42.37
C ALA QF 192 3.94 58.40 41.58
N ALA QF 193 4.30 59.69 41.63
CA ALA QF 193 5.41 60.18 40.83
C ALA QF 193 6.01 61.40 41.49
N TYR QF 194 7.15 61.84 40.95
CA TYR QF 194 7.79 63.03 41.48
C TYR QF 194 8.57 63.74 40.38
N ASP QF 195 8.83 65.02 40.62
CA ASP QF 195 9.49 65.89 39.66
C ASP QF 195 10.45 66.78 40.43
N LEU QF 196 11.73 66.64 40.14
CA LEU QF 196 12.79 67.35 40.85
C LEU QF 196 13.29 68.50 39.99
N GLY QF 197 13.39 69.69 40.58
CA GLY QF 197 14.02 70.82 39.93
C GLY QF 197 15.47 70.94 40.38
N ASP QF 198 16.32 71.38 39.46
CA ASP QF 198 17.78 71.50 39.60
C ASP QF 198 18.39 70.18 40.06
N PRO QF 199 18.52 69.18 39.17
CA PRO QF 199 18.96 67.85 39.61
C PRO QF 199 20.41 67.76 40.04
N SER QF 200 21.24 68.78 39.79
CA SER QF 200 22.64 68.71 40.17
C SER QF 200 22.88 69.03 41.64
N SER QF 201 21.83 69.34 42.41
CA SER QF 201 21.96 69.58 43.83
C SER QF 201 21.43 68.44 44.68
N PHE QF 202 20.73 67.47 44.08
CA PHE QF 202 19.97 66.48 44.82
C PHE QF 202 20.20 65.09 44.24
N ASN QF 203 20.00 64.09 45.09
CA ASN QF 203 20.00 62.69 44.68
C ASN QF 203 18.95 61.95 45.47
N ILE QF 204 18.11 61.18 44.77
CA ILE QF 204 17.05 60.42 45.39
C ILE QF 204 17.13 58.97 44.92
N GLN QF 205 17.18 58.05 45.87
CA GLN QF 205 17.06 56.63 45.59
C GLN QF 205 15.69 56.17 46.08
N TRP QF 206 14.96 55.45 45.22
CA TRP QF 206 13.57 55.19 45.49
C TRP QF 206 13.15 53.92 44.77
N ASP QF 207 12.87 52.87 45.54
CA ASP QF 207 12.20 51.70 44.98
C ASP QF 207 10.76 52.05 44.66
N LYS QF 208 10.18 51.27 43.72
CA LYS QF 208 8.99 51.66 42.99
C LYS QF 208 7.74 51.80 43.86
N THR QF 209 7.74 51.23 45.07
CA THR QF 209 6.56 51.28 45.91
C THR QF 209 6.75 52.03 47.22
N SER QF 210 7.98 52.42 47.56
CA SER QF 210 8.23 53.07 48.84
C SER QF 210 7.75 54.52 48.84
N ASN QF 211 7.07 54.91 49.90
CA ASN QF 211 6.69 56.30 50.10
C ASN QF 211 7.71 57.07 50.91
N THR QF 212 8.79 56.42 51.33
CA THR QF 212 9.86 57.05 52.07
C THR QF 212 10.98 57.41 51.12
N LEU QF 213 11.46 58.64 51.19
CA LEU QF 213 12.45 59.16 50.26
C LEU QF 213 13.77 59.42 50.97
N MET QF 214 14.85 58.90 50.41
CA MET QF 214 16.20 59.17 50.86
C MET QF 214 16.81 60.20 49.92
N ILE QF 215 17.10 61.39 50.44
CA ILE QF 215 17.57 62.51 49.62
C ILE QF 215 19.00 62.83 50.00
N GLN QF 216 19.88 62.82 49.01
CA GLN QF 216 21.29 63.14 49.18
C GLN QF 216 21.56 64.49 48.53
N ALA QF 217 22.02 65.46 49.33
CA ALA QF 217 22.26 66.80 48.85
C ALA QF 217 23.65 66.90 48.24
N THR QF 218 23.75 67.51 47.06
CA THR QF 218 25.01 67.62 46.35
C THR QF 218 25.67 68.97 46.52
N LYS QF 219 24.90 70.05 46.59
CA LYS QF 219 25.44 71.40 46.74
C LYS QF 219 25.13 71.94 48.12
N LEU QF 220 25.92 72.93 48.54
CA LEU QF 220 25.90 73.41 49.91
C LEU QF 220 24.88 74.52 50.14
N TYR QF 221 24.78 75.48 49.22
CA TYR QF 221 23.93 76.65 49.42
C TYR QF 221 23.13 76.95 48.16
N ASN QF 222 22.50 75.92 47.60
CA ASN QF 222 21.68 76.08 46.41
C ASN QF 222 20.36 75.34 46.65
N TYR QF 223 19.29 76.10 46.81
CA TYR QF 223 18.01 75.52 47.17
C TYR QF 223 17.21 75.13 45.94
N GLY QF 224 16.31 74.16 46.12
CA GLY QF 224 15.53 73.64 45.02
C GLY QF 224 14.11 73.34 45.46
N ASN QF 225 13.34 72.77 44.53
CA ASN QF 225 11.97 72.40 44.82
C ASN QF 225 11.65 71.04 44.21
N LEU QF 226 10.65 70.39 44.79
CA LEU QF 226 10.26 69.05 44.41
C LEU QF 226 8.74 68.93 44.42
N ALA QF 227 8.18 68.48 43.31
CA ALA QF 227 6.75 68.22 43.19
C ALA QF 227 6.51 66.74 43.43
N VAL QF 228 5.55 66.42 44.29
CA VAL QF 228 5.27 65.04 44.70
C VAL QF 228 3.79 64.76 44.47
N ARG QF 229 3.52 63.67 43.75
CA ARG QF 229 2.16 63.20 43.54
C ARG QF 229 2.01 61.83 44.19
N LEU QF 230 1.12 61.73 45.17
CA LEU QF 230 0.83 60.44 45.78
C LEU QF 230 -0.07 59.61 44.87
N ARG QF 231 -0.19 58.33 45.21
CA ARG QF 231 -0.95 57.41 44.37
C ARG QF 231 -2.45 57.70 44.42
N GLY QF 232 -3.00 57.87 45.62
CA GLY QF 232 -4.41 58.12 45.75
C GLY QF 232 -4.76 59.58 45.65
N LEU QF 233 -3.78 60.45 45.88
CA LEU QF 233 -4.03 61.88 45.87
C LEU QF 233 -4.24 62.41 44.46
N ASN QF 234 -5.12 63.40 44.34
CA ASN QF 234 -5.40 64.04 43.06
C ASN QF 234 -4.47 65.23 42.83
N THR QF 235 -4.56 66.22 43.69
CA THR QF 235 -3.69 67.39 43.55
C THR QF 235 -2.32 67.09 44.15
N PRO QF 236 -1.24 67.34 43.41
CA PRO QF 236 0.10 67.11 43.95
C PRO QF 236 0.50 68.23 44.92
N VAL QF 237 1.61 67.99 45.61
CA VAL QF 237 2.18 68.94 46.53
C VAL QF 237 3.53 69.38 46.01
N MET QF 238 4.04 70.48 46.57
CA MET QF 238 5.38 70.95 46.26
C MET QF 238 6.07 71.34 47.55
N LEU QF 239 7.34 70.96 47.66
CA LEU QF 239 8.12 71.18 48.88
C LEU QF 239 9.46 71.76 48.47
N THR QF 240 9.91 72.77 49.23
CA THR QF 240 11.21 73.37 48.94
C THR QF 240 12.27 72.77 49.85
N LEU QF 241 13.49 72.71 49.32
CA LEU QF 241 14.62 72.09 50.00
C LEU QF 241 15.77 73.08 50.03
N ILE QF 242 16.21 73.45 51.21
CA ILE QF 242 17.31 74.39 51.40
C ILE QF 242 18.47 73.63 52.03
N PRO QF 243 19.63 73.57 51.39
CA PRO QF 243 20.79 72.96 52.03
C PRO QF 243 21.56 73.99 52.85
N GLY QF 244 22.42 73.48 53.73
CA GLY QF 244 23.27 74.33 54.53
C GLY QF 244 22.55 75.15 55.59
N GLN QF 245 22.00 74.46 56.59
CA GLN QF 245 21.30 75.12 57.68
C GLN QF 245 21.95 74.77 59.00
N LYS QF 246 21.67 75.57 60.02
CA LYS QF 246 22.26 75.38 61.34
C LYS QF 246 21.71 74.16 62.08
N ALA QF 247 20.59 73.60 61.64
CA ALA QF 247 20.11 72.32 62.11
C ALA QF 247 19.71 71.50 60.90
N VAL QF 248 19.79 70.17 61.03
CA VAL QF 248 19.49 69.28 59.92
C VAL QF 248 18.49 68.24 60.40
N ASP QF 249 17.37 68.14 59.69
CA ASP QF 249 16.38 67.10 59.96
C ASP QF 249 16.94 65.79 59.43
N TYR QF 250 17.65 65.07 60.30
CA TYR QF 250 18.12 63.72 60.02
C TYR QF 250 16.96 62.79 59.70
N ARG QF 251 15.80 63.03 60.28
CA ARG QF 251 14.59 62.28 59.93
C ARG QF 251 13.40 63.22 59.89
N VAL QF 252 12.63 63.16 58.81
CA VAL QF 252 11.42 63.98 58.66
C VAL QF 252 10.23 63.04 58.55
N ASP QF 253 9.20 63.30 59.35
CA ASP QF 253 7.91 62.63 59.26
C ASP QF 253 6.87 63.67 58.87
N LEU QF 254 6.00 63.33 57.93
CA LEU QF 254 5.05 64.29 57.37
C LEU QF 254 3.64 63.77 57.54
N ARG QF 255 2.95 64.27 58.55
CA ARG QF 255 1.53 64.01 58.72
C ARG QF 255 0.76 64.95 57.79
N VAL QF 256 -0.11 64.38 56.95
CA VAL QF 256 -0.78 65.17 55.93
C VAL QF 256 -2.26 65.27 56.25
N GLN QF 257 -2.91 66.23 55.59
CA GLN QF 257 -4.31 66.52 55.86
C GLN QF 257 -5.23 65.41 55.33
N GLY QF 258 -4.91 64.87 54.17
CA GLY QF 258 -5.79 63.91 53.51
C GLY QF 258 -5.78 62.53 54.15
N TYR QF 259 -6.62 61.67 53.60
CA TYR QF 259 -6.76 60.29 54.04
C TYR QF 259 -6.50 59.37 52.86
N GLY QF 260 -5.57 58.44 53.02
CA GLY QF 260 -5.22 57.54 51.94
C GLY QF 260 -6.08 56.29 51.92
N PRO QF 261 -5.81 55.40 50.97
CA PRO QF 261 -6.41 54.06 51.04
C PRO QF 261 -5.92 53.25 52.21
N ASN QF 262 -4.68 53.50 52.66
CA ASN QF 262 -4.17 52.86 53.87
C ASN QF 262 -4.78 53.46 55.13
N ALA QF 263 -5.40 54.63 55.04
CA ALA QF 263 -6.04 55.25 56.19
C ALA QF 263 -7.30 54.50 56.55
N LYS QF 264 -7.16 53.43 57.33
CA LYS QF 264 -8.30 52.59 57.66
C LYS QF 264 -9.19 53.22 58.72
N SER QF 265 -8.59 53.95 59.66
CA SER QF 265 -9.32 54.50 60.80
C SER QF 265 -9.85 55.89 60.47
N MET QF 266 -10.84 55.91 59.57
CA MET QF 266 -11.53 57.15 59.25
C MET QF 266 -12.36 57.61 60.45
N PRO QF 267 -12.47 58.92 60.67
CA PRO QF 267 -13.20 59.42 61.83
C PRO QF 267 -14.71 59.18 61.72
N THR QF 268 -15.33 59.06 62.89
CA THR QF 268 -16.76 58.84 62.99
C THR QF 268 -17.48 60.16 63.22
N GLU QF 269 -18.73 60.22 62.77
CA GLU QF 269 -19.55 61.41 62.87
C GLU QF 269 -20.93 61.06 63.42
N GLU QF 270 -21.44 61.92 64.29
CA GLU QF 270 -22.83 61.85 64.73
C GLU QF 270 -23.47 63.22 64.55
N GLY QF 271 -24.78 63.21 64.33
CA GLY QF 271 -25.50 64.45 64.12
C GLY QF 271 -26.77 64.53 64.93
N ILE QF 272 -27.68 65.42 64.54
CA ILE QF 272 -28.95 65.57 65.23
C ILE QF 272 -29.85 64.40 64.87
N PRO QF 273 -30.70 63.93 65.78
CA PRO QF 273 -31.68 62.91 65.44
C PRO QF 273 -32.75 63.48 64.51
N PRO QF 274 -33.41 62.65 63.72
CA PRO QF 274 -34.52 63.13 62.91
C PRO QF 274 -35.70 63.56 63.77
N SER QF 275 -36.53 64.43 63.19
CA SER QF 275 -37.61 65.06 63.94
C SER QF 275 -38.73 64.09 64.28
N ALA QF 276 -39.41 63.59 63.26
CA ALA QF 276 -40.53 62.67 63.41
C ALA QF 276 -40.77 62.01 62.07
N ASN QF 277 -41.90 61.31 61.94
CA ASN QF 277 -42.30 60.73 60.68
C ASN QF 277 -43.64 61.31 60.27
N ASP QF 278 -43.71 61.80 59.03
CA ASP QF 278 -44.88 62.51 58.55
C ASP QF 278 -46.04 61.58 58.24
N LEU QF 279 -45.81 60.27 58.19
CA LEU QF 279 -46.88 59.33 57.96
C LEU QF 279 -47.84 59.27 59.15
N LEU QF 280 -47.34 59.56 60.36
CA LEU QF 280 -48.20 59.59 61.53
C LEU QF 280 -49.21 60.72 61.48
N LEU QF 281 -48.93 61.77 60.71
CA LEU QF 281 -49.94 62.79 60.46
C LEU QF 281 -51.10 62.22 59.66
N HIS QF 282 -50.80 61.41 58.65
CA HIS QF 282 -51.85 60.75 57.88
C HIS QF 282 -52.63 59.76 58.72
N VAL QF 283 -51.93 59.07 59.62
CA VAL QF 283 -52.60 58.18 60.56
C VAL QF 283 -53.53 58.96 61.49
N LEU QF 284 -53.05 60.12 61.97
CA LEU QF 284 -53.82 60.94 62.89
C LEU QF 284 -55.06 61.51 62.23
N GLU QF 285 -54.95 61.90 60.97
CA GLU QF 285 -56.13 62.36 60.25
C GLU QF 285 -56.94 61.21 59.67
N GLY QF 286 -56.46 59.98 59.75
CA GLY QF 286 -57.18 58.85 59.23
C GLY QF 286 -56.84 58.47 57.80
N VAL QF 287 -55.91 59.17 57.16
CA VAL QF 287 -55.50 58.83 55.80
C VAL QF 287 -54.65 57.56 55.87
N PRO QF 288 -55.01 56.53 55.11
CA PRO QF 288 -54.20 55.33 55.07
C PRO QF 288 -52.89 55.58 54.35
N PRO QF 289 -51.79 55.01 54.85
CA PRO QF 289 -50.55 55.04 54.08
C PRO QF 289 -50.69 54.22 52.81
N PRO QF 290 -49.99 54.59 51.74
CA PRO QF 290 -50.02 53.77 50.53
C PRO QF 290 -49.25 52.48 50.75
N GLY QF 291 -49.79 51.39 50.19
CA GLY QF 291 -49.16 50.10 50.33
C GLY QF 291 -49.43 49.39 51.64
N SER QF 292 -50.25 49.96 52.52
CA SER QF 292 -50.58 49.28 53.76
C SER QF 292 -51.70 48.27 53.52
N ARG QF 293 -52.08 47.57 54.58
CA ARG QF 293 -53.23 46.68 54.51
C ARG QF 293 -54.03 46.80 55.79
N ARG QF 294 -55.33 46.52 55.66
CA ARG QF 294 -56.26 46.65 56.76
C ARG QF 294 -56.03 45.56 57.80
N LEU QF 295 -56.29 45.90 59.05
CA LEU QF 295 -56.06 45.02 60.18
C LEU QF 295 -57.38 44.79 60.93
N VAL QF 296 -57.32 44.02 62.00
CA VAL QF 296 -58.48 43.71 62.82
C VAL QF 296 -58.25 44.24 64.22
N VAL QF 297 -59.11 45.16 64.66
CA VAL QF 297 -59.07 45.71 66.00
C VAL QF 297 -60.27 45.16 66.75
N SER QF 298 -60.01 44.50 67.88
CA SER QF 298 -61.05 43.81 68.61
C SER QF 298 -61.07 44.29 70.05
N GLY QF 299 -62.26 44.64 70.55
CA GLY QF 299 -62.47 44.95 71.94
C GLY QF 299 -62.53 46.42 72.29
N GLY QF 300 -62.25 47.31 71.35
CA GLY QF 300 -62.22 48.71 71.69
C GLY QF 300 -62.28 49.58 70.44
N ASP QF 301 -62.19 50.89 70.66
CA ASP QF 301 -62.31 51.87 69.59
C ASP QF 301 -60.92 52.38 69.24
N ALA QF 302 -60.32 51.74 68.25
CA ALA QF 302 -59.02 52.14 67.72
C ALA QF 302 -58.93 51.69 66.28
N ARG QF 303 -58.04 52.33 65.53
CA ARG QF 303 -57.82 51.94 64.14
C ARG QF 303 -56.35 51.70 63.90
N ALA QF 304 -56.05 50.67 63.12
CA ALA QF 304 -54.70 50.16 62.99
C ALA QF 304 -54.34 49.98 61.53
N TRP QF 305 -53.05 50.13 61.24
CA TRP QF 305 -52.53 50.00 59.89
C TRP QF 305 -51.19 49.31 59.92
N LEU QF 306 -50.89 48.58 58.85
CA LEU QF 306 -49.64 47.85 58.70
C LEU QF 306 -49.12 48.06 57.29
N SER QF 307 -48.01 48.78 57.17
CA SER QF 307 -47.39 49.05 55.88
C SER QF 307 -45.95 48.57 55.82
N ASN QF 308 -45.13 48.90 56.80
CA ASN QF 308 -43.69 48.65 56.76
C ASN QF 308 -43.25 47.90 58.00
N GLU QF 309 -43.96 46.81 58.29
CA GLU QF 309 -43.71 45.89 59.41
C GLU QF 309 -43.82 46.61 60.75
N LYS QF 310 -44.69 47.61 60.83
CA LYS QF 310 -44.91 48.37 62.04
C LYS QF 310 -46.39 48.64 62.20
N MET QF 311 -46.88 48.50 63.43
CA MET QF 311 -48.25 48.88 63.73
C MET QF 311 -48.36 50.38 63.83
N TYR QF 312 -49.37 50.93 63.17
CA TYR QF 312 -49.68 52.34 63.27
C TYR QF 312 -51.09 52.46 63.83
N VAL QF 313 -51.20 53.09 64.99
CA VAL QF 313 -52.45 53.05 65.74
C VAL QF 313 -52.95 54.46 65.98
N ARG QF 314 -54.27 54.62 65.88
CA ARG QF 314 -54.93 55.90 66.07
C ARG QF 314 -56.14 55.67 66.95
N THR QF 315 -56.17 56.35 68.10
CA THR QF 315 -57.33 56.29 68.99
C THR QF 315 -57.32 57.49 69.90
N ASN QF 316 -58.45 57.76 70.52
CA ASN QF 316 -58.52 58.81 71.52
C ASN QF 316 -58.07 58.33 72.89
N LEU QF 317 -57.77 57.04 73.05
CA LEU QF 317 -57.46 56.48 74.35
C LEU QF 317 -55.96 56.55 74.61
N THR QF 318 -55.52 55.93 75.69
CA THR QF 318 -54.12 55.94 76.11
C THR QF 318 -53.63 54.51 76.26
N ILE QF 319 -52.54 54.20 75.59
CA ILE QF 319 -52.03 52.84 75.54
C ILE QF 319 -50.96 52.63 76.61
N LEU QF 320 -50.76 51.37 77.00
CA LEU QF 320 -49.86 51.05 78.10
C LEU QF 320 -48.68 50.18 77.68
N SER QF 321 -48.92 48.98 77.17
CA SER QF 321 -47.91 47.92 77.22
C SER QF 321 -46.69 48.07 76.32
N PRO QF 322 -46.82 48.03 74.98
CA PRO QF 322 -45.67 47.61 74.17
C PRO QF 322 -44.58 48.66 74.00
N GLY QF 323 -44.88 49.94 74.19
CA GLY QF 323 -43.89 50.98 73.99
C GLY QF 323 -43.79 51.36 72.52
N TRP QF 324 -43.96 52.64 72.21
CA TRP QF 324 -43.98 53.06 70.83
C TRP QF 324 -42.65 53.66 70.41
N LEU QF 325 -42.61 54.15 69.18
CA LEU QF 325 -41.46 54.88 68.68
C LEU QF 325 -41.76 56.35 68.41
N ALA QF 326 -42.98 56.69 68.01
CA ALA QF 326 -43.30 58.09 67.78
C ALA QF 326 -44.74 58.35 68.17
N SER QF 327 -44.99 59.58 68.63
CA SER QF 327 -46.30 59.98 69.13
C SER QF 327 -46.69 61.34 68.60
N MET QF 328 -47.94 61.44 68.14
CA MET QF 328 -48.54 62.69 67.72
C MET QF 328 -49.90 62.85 68.38
N THR QF 329 -50.29 64.10 68.61
CA THR QF 329 -51.54 64.43 69.27
C THR QF 329 -52.32 65.43 68.44
N SER QF 330 -53.62 65.20 68.32
CA SER QF 330 -54.48 66.03 67.51
C SER QF 330 -54.98 67.24 68.30
N ALA QF 331 -55.72 68.12 67.62
CA ALA QF 331 -56.51 69.12 68.32
C ALA QF 331 -57.65 68.47 69.07
N ASP QF 332 -58.18 67.36 68.55
CA ASP QF 332 -59.31 66.69 69.19
C ASP QF 332 -58.88 65.94 70.45
N GLY QF 333 -57.60 65.68 70.60
CA GLY QF 333 -57.11 64.83 71.67
C GLY QF 333 -56.88 63.40 71.25
N THR QF 334 -57.09 63.08 69.98
CA THR QF 334 -56.76 61.76 69.46
C THR QF 334 -55.24 61.62 69.39
N HIS QF 335 -54.75 60.48 69.88
CA HIS QF 335 -53.34 60.17 69.86
C HIS QF 335 -53.05 59.13 68.80
N ALA QF 336 -51.94 59.33 68.11
CA ALA QF 336 -51.46 58.43 67.08
C ALA QF 336 -50.04 57.98 67.43
N TYR QF 337 -49.78 56.69 67.22
CA TYR QF 337 -48.53 56.08 67.63
C TYR QF 337 -47.96 55.20 66.52
N GLU QF 338 -46.64 55.28 66.39
CA GLU QF 338 -45.85 54.37 65.58
C GLU QF 338 -44.99 53.53 66.50
N MET QF 339 -45.06 52.22 66.33
CA MET QF 339 -44.49 51.25 67.26
C MET QF 339 -44.03 50.02 66.48
N GLN QF 340 -43.77 48.94 67.20
CA GLN QF 340 -43.48 47.65 66.62
C GLN QF 340 -44.79 46.87 66.44
N LYS QF 341 -44.68 45.57 66.19
CA LYS QF 341 -45.85 44.71 66.06
C LYS QF 341 -46.03 43.87 67.32
N SER QF 342 -47.29 43.65 67.69
CA SER QF 342 -47.66 42.81 68.82
C SER QF 342 -49.15 42.51 68.69
N PRO QF 343 -49.58 41.27 68.93
CA PRO QF 343 -51.01 40.95 68.81
C PRO QF 343 -51.85 41.38 69.99
N VAL QF 344 -51.25 41.96 71.03
CA VAL QF 344 -52.00 42.40 72.20
C VAL QF 344 -51.67 43.86 72.47
N LEU QF 345 -52.61 44.55 73.10
CA LEU QF 345 -52.43 45.93 73.53
C LEU QF 345 -53.03 46.10 74.92
N LEU QF 346 -52.52 47.08 75.65
CA LEU QF 346 -53.04 47.40 76.97
C LEU QF 346 -53.35 48.88 77.04
N VAL QF 347 -54.53 49.22 77.57
CA VAL QF 347 -55.00 50.59 77.65
C VAL QF 347 -55.59 50.83 79.03
N SER QF 348 -55.71 52.11 79.36
CA SER QF 348 -56.50 52.55 80.51
C SER QF 348 -57.67 53.35 79.98
N TRP QF 349 -58.88 52.94 80.34
CA TRP QF 349 -60.06 53.64 79.83
C TRP QF 349 -60.34 54.89 80.63
N HIS QF 350 -60.65 54.73 81.91
CA HIS QF 350 -60.86 55.85 82.82
C HIS QF 350 -60.17 55.54 84.15
N GLY QF 351 -58.90 55.16 84.08
CA GLY QF 351 -58.22 54.65 85.24
C GLY QF 351 -58.44 53.18 85.50
N LYS QF 352 -59.02 52.46 84.54
CA LYS QF 352 -59.23 51.02 84.64
C LYS QF 352 -58.58 50.35 83.45
N VAL QF 353 -57.85 49.27 83.73
CA VAL QF 353 -57.03 48.61 82.72
C VAL QF 353 -57.92 47.77 81.79
N MET QF 354 -57.46 47.59 80.56
CA MET QF 354 -58.24 46.88 79.56
C MET QF 354 -57.29 46.31 78.51
N GLN QF 355 -57.55 45.06 78.10
CA GLN QF 355 -56.79 44.43 77.04
C GLN QF 355 -57.39 44.78 75.68
N LEU QF 356 -56.60 44.55 74.63
CA LEU QF 356 -57.05 44.74 73.26
C LEU QF 356 -56.44 43.66 72.39
N LYS QF 357 -57.30 42.95 71.65
CA LYS QF 357 -56.91 41.84 70.81
C LYS QF 357 -56.72 42.34 69.37
N VAL QF 358 -55.57 42.03 68.77
CA VAL QF 358 -55.28 42.39 67.40
C VAL QF 358 -55.09 41.11 66.62
N GLU QF 359 -55.80 40.98 65.51
CA GLU QF 359 -55.64 39.85 64.61
C GLU QF 359 -54.98 40.32 63.33
N GLY QF 360 -54.74 39.38 62.42
CA GLY QF 360 -54.18 39.69 61.13
C GLY QF 360 -52.71 40.04 61.14
N LEU QF 361 -51.97 39.66 62.17
CA LEU QF 361 -50.55 39.93 62.21
C LEU QF 361 -49.79 39.00 61.28
N VAL RF 38 -81.81 50.82 27.43
CA VAL RF 38 -83.08 51.48 27.11
C VAL RF 38 -84.26 50.99 27.99
N PRO RF 39 -84.32 49.70 28.38
CA PRO RF 39 -85.12 49.39 29.58
C PRO RF 39 -84.61 50.07 30.83
N LYS RF 40 -83.30 50.25 30.94
CA LYS RF 40 -82.74 51.05 32.03
C LYS RF 40 -83.13 52.51 31.88
N LEU RF 41 -83.30 52.98 30.65
CA LEU RF 41 -83.85 54.31 30.43
C LEU RF 41 -85.33 54.31 30.80
N PRO RF 42 -85.84 55.42 31.34
CA PRO RF 42 -87.27 55.49 31.66
C PRO RF 42 -88.09 55.69 30.40
N CYS RF 43 -89.18 54.93 30.30
CA CYS RF 43 -90.14 55.12 29.21
C CYS RF 43 -90.87 56.45 29.37
N ARG RF 44 -91.23 56.79 30.60
CA ARG RF 44 -91.99 58.00 30.89
C ARG RF 44 -91.42 58.61 32.17
N VAL RF 45 -92.07 59.68 32.63
CA VAL RF 45 -91.71 60.29 33.90
C VAL RF 45 -92.36 59.47 35.01
N ASP RF 46 -91.96 59.71 36.26
CA ASP RF 46 -92.49 58.94 37.38
C ASP RF 46 -93.96 59.24 37.61
N GLY RF 47 -94.76 58.18 37.69
CA GLY RF 47 -96.19 58.30 37.87
C GLY RF 47 -96.92 58.95 36.71
N ALA RF 48 -96.48 58.67 35.48
CA ALA RF 48 -97.04 59.32 34.31
C ALA RF 48 -98.28 58.57 33.84
N CYS RF 49 -99.44 59.21 33.98
CA CYS RF 49 -100.68 58.67 33.43
C CYS RF 49 -101.58 59.85 33.10
N ASP RF 50 -101.63 60.17 31.80
CA ASP RF 50 -102.40 61.32 31.34
C ASP RF 50 -103.89 61.09 31.52
N ALA RF 51 -104.33 59.83 31.55
CA ALA RF 51 -105.72 59.52 31.88
C ALA RF 51 -106.05 59.95 33.29
N THR RF 52 -105.15 59.69 34.24
CA THR RF 52 -105.35 60.17 35.60
C THR RF 52 -105.27 61.68 35.66
N ILE RF 53 -104.41 62.29 34.83
CA ILE RF 53 -104.27 63.75 34.79
C ILE RF 53 -105.59 64.40 34.38
N ILE RF 54 -106.16 63.93 33.26
CA ILE RF 54 -107.40 64.53 32.78
C ILE RF 54 -108.57 64.14 33.69
N LYS RF 55 -108.50 62.98 34.35
CA LYS RF 55 -109.53 62.58 35.28
C LYS RF 55 -109.59 63.51 36.47
N MET RF 56 -108.44 63.78 37.10
CA MET RF 56 -108.45 64.64 38.27
C MET RF 56 -108.69 66.10 37.91
N MET RF 57 -108.29 66.53 36.71
CA MET RF 57 -108.62 67.90 36.33
C MET RF 57 -110.11 68.05 36.02
N THR RF 58 -110.74 66.98 35.50
CA THR RF 58 -112.18 66.97 35.33
C THR RF 58 -112.88 66.99 36.67
N ASP RF 59 -112.32 66.28 37.66
CA ASP RF 59 -112.90 66.29 39.00
C ASP RF 59 -112.78 67.66 39.66
N LEU RF 60 -111.65 68.34 39.46
CA LEU RF 60 -111.47 69.66 40.04
C LEU RF 60 -112.39 70.69 39.39
N ASN RF 61 -112.57 70.60 38.06
CA ASN RF 61 -113.52 71.49 37.41
C ASN RF 61 -114.95 71.13 37.76
N LYS RF 62 -115.22 69.86 38.09
CA LYS RF 62 -116.54 69.48 38.55
C LYS RF 62 -116.83 70.04 39.93
N LYS RF 63 -115.82 70.05 40.80
CA LYS RF 63 -116.01 70.63 42.13
C LYS RF 63 -116.05 72.16 42.07
N GLY RF 64 -115.47 72.75 41.03
CA GLY RF 64 -115.70 74.16 40.75
C GLY RF 64 -114.47 75.03 40.75
N ILE RF 65 -113.28 74.52 41.03
CA ILE RF 65 -112.08 75.34 40.92
C ILE RF 65 -111.76 75.53 39.45
N LYS RF 66 -111.46 76.77 39.07
CA LYS RF 66 -111.30 77.10 37.67
C LYS RF 66 -109.95 76.62 37.18
N VAL RF 67 -109.95 75.78 36.16
CA VAL RF 67 -108.73 75.25 35.57
C VAL RF 67 -108.64 75.76 34.14
N ALA RF 68 -107.51 76.37 33.81
CA ALA RF 68 -107.30 76.95 32.48
C ALA RF 68 -105.93 76.54 31.97
N SER RF 69 -105.86 76.30 30.66
CA SER RF 69 -104.61 75.92 30.03
C SER RF 69 -104.61 76.41 28.59
N VAL RF 70 -103.66 77.27 28.25
CA VAL RF 70 -103.50 77.75 26.89
C VAL RF 70 -102.02 77.70 26.56
N GLY RF 71 -101.69 76.99 25.48
CA GLY RF 71 -100.28 76.76 25.16
C GLY RF 71 -99.62 75.93 26.24
N GLN RF 72 -98.49 76.42 26.73
CA GLN RF 72 -97.78 75.82 27.85
C GLN RF 72 -98.14 76.46 29.17
N ASN RF 73 -99.01 77.45 29.17
CA ASN RF 73 -99.30 78.26 30.35
C ASN RF 73 -100.56 77.76 31.03
N TYR RF 74 -100.45 77.50 32.32
CA TYR RF 74 -101.51 76.85 33.08
C TYR RF 74 -101.85 77.71 34.29
N LEU RF 75 -103.16 77.82 34.55
CA LEU RF 75 -103.70 78.62 35.64
C LEU RF 75 -104.77 77.82 36.38
N ILE RF 76 -104.80 77.98 37.69
CA ILE RF 76 -105.85 77.38 38.51
C ILE RF 76 -106.27 78.39 39.55
N SER RF 77 -107.57 78.67 39.62
CA SER RF 77 -108.10 79.67 40.52
C SER RF 77 -109.06 79.03 41.51
N ILE RF 78 -108.93 79.45 42.77
CA ILE RF 78 -109.70 78.92 43.88
C ILE RF 78 -110.49 80.08 44.49
N PRO RF 79 -111.77 79.90 44.77
CA PRO RF 79 -112.48 80.89 45.61
C PRO RF 79 -111.91 80.92 47.02
N ALA RF 80 -111.84 82.11 47.58
CA ALA RF 80 -111.21 82.28 48.90
C ALA RF 80 -112.10 81.80 50.03
N SER RF 81 -113.42 81.81 49.84
CA SER RF 81 -114.34 81.45 50.90
C SER RF 81 -114.29 79.96 51.21
N ALA RF 82 -113.92 79.14 50.24
CA ALA RF 82 -113.80 77.71 50.46
C ALA RF 82 -112.49 77.31 51.09
N LEU RF 83 -111.61 78.27 51.39
CA LEU RF 83 -110.29 77.93 51.90
C LEU RF 83 -109.99 78.68 53.20
N PHE RF 84 -110.51 79.88 53.34
CA PHE RF 84 -110.29 80.67 54.54
C PHE RF 84 -111.63 80.98 55.18
N ALA RF 85 -111.56 81.70 56.30
CA ALA RF 85 -112.74 82.30 56.90
C ALA RF 85 -112.82 83.75 56.46
N ASP RF 86 -113.77 84.50 57.02
CA ASP RF 86 -114.10 85.83 56.54
C ASP RF 86 -113.03 86.82 56.95
N GLN RF 87 -112.26 87.28 55.95
CA GLN RF 87 -111.18 88.26 56.11
C GLN RF 87 -110.14 87.80 57.13
N SER RF 88 -109.81 86.51 57.09
CA SER RF 88 -108.95 85.91 58.08
C SER RF 88 -107.77 85.23 57.41
N PRO RF 89 -106.58 85.31 58.02
CA PRO RF 89 -105.45 84.49 57.59
C PRO RF 89 -105.38 83.16 58.34
N ARG RF 90 -106.52 82.50 58.46
CA ARG RF 90 -106.61 81.25 59.19
C ARG RF 90 -107.29 80.22 58.29
N LEU RF 91 -106.82 78.97 58.38
CA LEU RF 91 -107.07 77.98 57.36
C LEU RF 91 -107.97 76.88 57.91
N ASN RF 92 -108.98 76.52 57.13
CA ASN RF 92 -109.94 75.52 57.56
C ASN RF 92 -109.31 74.13 57.58
N TRP RF 93 -109.79 73.29 58.50
CA TRP RF 93 -109.19 71.98 58.67
C TRP RF 93 -109.53 71.05 57.52
N ALA RF 94 -110.75 71.16 56.98
CA ALA RF 94 -111.14 70.32 55.86
C ALA RF 94 -110.51 70.74 54.55
N SER RF 95 -109.86 71.91 54.51
CA SER RF 95 -109.23 72.40 53.29
C SER RF 95 -107.98 71.61 52.91
N TYR RF 96 -107.43 70.81 53.82
CA TYR RF 96 -106.24 70.03 53.51
C TYR RF 96 -106.51 68.92 52.52
N SER RF 97 -107.76 68.44 52.42
CA SER RF 97 -108.09 67.48 51.38
C SER RF 97 -107.96 68.11 50.00
N LEU RF 98 -108.50 69.32 49.83
CA LEU RF 98 -108.37 70.04 48.57
C LEU RF 98 -106.92 70.41 48.30
N LEU RF 99 -106.18 70.77 49.36
CA LEU RF 99 -104.77 71.08 49.21
C LEU RF 99 -103.96 69.86 48.76
N ASN RF 100 -104.28 68.69 49.33
CA ASN RF 100 -103.62 67.46 48.93
C ASN RF 100 -103.94 67.10 47.48
N GLU RF 101 -105.21 67.28 47.09
CA GLU RF 101 -105.61 66.99 45.71
C GLU RF 101 -104.91 67.91 44.72
N ILE RF 102 -104.84 69.21 45.04
CA ILE RF 102 -104.25 70.14 44.10
C ILE RF 102 -102.72 69.99 44.09
N ALA RF 103 -102.13 69.53 45.20
CA ALA RF 103 -100.71 69.24 45.20
C ALA RF 103 -100.41 67.99 44.39
N ALA RF 104 -101.29 66.99 44.45
CA ALA RF 104 -101.13 65.80 43.64
C ALA RF 104 -101.28 66.11 42.16
N PHE RF 105 -102.19 67.03 41.83
CA PHE RF 105 -102.30 67.49 40.45
C PHE RF 105 -101.04 68.24 40.02
N LEU RF 106 -100.51 69.10 40.90
CA LEU RF 106 -99.39 69.94 40.54
C LEU RF 106 -98.11 69.15 40.37
N LYS RF 107 -97.87 68.18 41.25
CA LYS RF 107 -96.61 67.44 41.27
C LYS RF 107 -96.47 66.48 40.10
N GLN RF 108 -97.53 66.24 39.34
CA GLN RF 108 -97.43 65.37 38.18
C GLN RF 108 -96.60 66.02 37.07
N PHE RF 109 -96.78 67.31 36.86
CA PHE RF 109 -96.12 67.99 35.76
C PHE RF 109 -94.70 68.35 36.13
N ARG RF 110 -93.90 68.65 35.11
CA ARG RF 110 -92.55 69.17 35.30
C ARG RF 110 -92.64 70.68 35.47
N LYS RF 111 -91.98 71.19 36.51
CA LYS RF 111 -92.17 72.56 36.95
C LYS RF 111 -90.82 73.26 37.09
N ILE RF 112 -90.84 74.58 36.90
CA ILE RF 112 -89.65 75.39 37.14
C ILE RF 112 -89.98 76.46 38.17
N ALA RF 113 -90.93 77.34 37.83
CA ALA RF 113 -91.29 78.46 38.67
C ALA RF 113 -92.81 78.56 38.71
N ILE RF 114 -93.35 78.66 39.92
CA ILE RF 114 -94.80 78.77 40.12
C ILE RF 114 -95.06 80.09 40.84
N THR RF 115 -96.14 80.76 40.47
CA THR RF 115 -96.50 82.03 41.08
C THR RF 115 -97.91 81.96 41.64
N VAL RF 116 -98.12 82.60 42.78
CA VAL RF 116 -99.42 82.63 43.44
C VAL RF 116 -99.82 84.06 43.72
N THR RF 117 -101.08 84.38 43.45
CA THR RF 117 -101.63 85.70 43.67
C THR RF 117 -102.92 85.59 44.45
N SER RF 118 -103.19 86.57 45.30
CA SER RF 118 -104.40 86.58 46.11
C SER RF 118 -105.13 87.91 45.93
N TYR RF 119 -106.45 87.83 45.85
CA TYR RF 119 -107.28 89.00 45.62
C TYR RF 119 -108.51 88.92 46.53
N SER RF 120 -109.07 90.08 46.82
CA SER RF 120 -110.17 90.17 47.77
C SER RF 120 -110.96 91.45 47.47
N SER RF 121 -111.81 91.84 48.42
CA SER RF 121 -112.53 93.10 48.36
C SER RF 121 -112.05 94.01 49.48
N LYS RF 122 -112.34 95.30 49.33
CA LYS RF 122 -112.00 96.26 50.36
C LYS RF 122 -112.91 96.09 51.56
N TYR RF 123 -112.34 96.13 52.74
CA TYR RF 123 -113.14 95.99 53.95
C TYR RF 123 -112.86 97.08 54.98
N VAL RF 124 -111.60 97.49 55.15
CA VAL RF 124 -111.25 98.55 56.08
C VAL RF 124 -110.43 99.61 55.36
N SER RF 125 -109.40 99.16 54.65
CA SER RF 125 -108.38 100.04 54.12
C SER RF 125 -107.95 99.46 52.78
N VAL RF 126 -106.76 99.83 52.34
CA VAL RF 126 -106.05 99.11 51.29
C VAL RF 126 -104.89 98.31 51.86
N LYS RF 127 -104.20 98.88 52.85
CA LYS RF 127 -102.99 98.29 53.41
C LYS RF 127 -103.30 97.00 54.15
N ARG RF 128 -104.40 96.97 54.90
CA ARG RF 128 -104.81 95.79 55.65
C ARG RF 128 -105.12 94.63 54.70
N GLU RF 129 -105.80 94.93 53.60
CA GLU RF 129 -106.19 93.89 52.66
C GLU RF 129 -104.98 93.38 51.88
N ARG RF 130 -104.04 94.28 51.55
CA ARG RF 130 -102.79 93.87 50.94
C ARG RF 130 -102.00 92.95 51.85
N ALA RF 131 -101.94 93.30 53.14
CA ALA RF 131 -101.24 92.47 54.11
C ALA RF 131 -101.91 91.12 54.30
N LEU RF 132 -103.25 91.09 54.28
CA LEU RF 132 -103.97 89.84 54.44
C LEU RF 132 -103.75 88.92 53.24
N THR RF 133 -103.78 89.47 52.02
CA THR RF 133 -103.51 88.67 50.84
C THR RF 133 -102.07 88.17 50.84
N LEU RF 134 -101.13 89.02 51.28
CA LEU RF 134 -99.73 88.61 51.41
C LEU RF 134 -99.58 87.46 52.39
N ALA RF 135 -100.27 87.53 53.53
CA ALA RF 135 -100.16 86.48 54.54
C ALA RF 135 -100.76 85.17 54.05
N ARG RF 136 -101.93 85.25 53.40
CA ARG RF 136 -102.57 84.04 52.89
C ARG RF 136 -101.71 83.37 51.82
N SER RF 137 -101.17 84.17 50.89
CA SER RF 137 -100.32 83.64 49.84
C SER RF 137 -99.03 83.06 50.41
N ARG RF 138 -98.48 83.72 51.44
CA ARG RF 138 -97.25 83.23 52.06
C ARG RF 138 -97.46 81.90 52.75
N VAL RF 139 -98.59 81.74 53.45
CA VAL RF 139 -98.85 80.50 54.17
C VAL RF 139 -99.11 79.36 53.19
N VAL RF 140 -99.89 79.60 52.14
CA VAL RF 140 -100.17 78.51 51.21
C VAL RF 140 -98.94 78.16 50.39
N SER RF 141 -98.07 79.14 50.11
CA SER RF 141 -96.81 78.85 49.43
C SER RF 141 -95.88 78.03 50.31
N GLU RF 142 -95.85 78.35 51.61
CA GLU RF 142 -95.03 77.60 52.55
C GLU RF 142 -95.49 76.16 52.67
N TYR RF 143 -96.81 75.94 52.74
CA TYR RF 143 -97.32 74.58 52.81
C TYR RF 143 -97.04 73.81 51.53
N LEU RF 144 -97.17 74.47 50.38
CA LEU RF 144 -96.86 73.79 49.12
C LEU RF 144 -95.38 73.44 49.02
N TRP RF 145 -94.51 74.33 49.48
CA TRP RF 145 -93.08 74.05 49.48
C TRP RF 145 -92.73 72.93 50.44
N SER RF 146 -93.45 72.83 51.55
CA SER RF 146 -93.31 71.68 52.42
C SER RF 146 -93.75 70.41 51.71
N GLN RF 147 -94.78 70.50 50.89
CA GLN RF 147 -95.20 69.33 50.15
C GLN RF 147 -94.29 69.11 48.93
N GLY RF 148 -94.52 67.99 48.25
CA GLY RF 148 -93.62 67.51 47.23
C GLY RF 148 -93.79 68.08 45.84
N VAL RF 149 -93.34 69.31 45.62
CA VAL RF 149 -93.27 69.89 44.29
C VAL RF 149 -91.89 70.50 44.10
N ASP RF 150 -91.20 70.07 43.06
CA ASP RF 150 -89.81 70.45 42.85
C ASP RF 150 -89.66 71.68 41.97
N SER RF 151 -90.39 72.75 42.29
CA SER RF 151 -90.16 74.00 41.60
C SER RF 151 -88.87 74.61 42.13
N ARG RF 152 -88.00 75.02 41.21
CA ARG RF 152 -86.77 75.67 41.63
C ARG RF 152 -87.04 77.05 42.22
N ILE RF 153 -88.08 77.72 41.72
CA ILE RF 153 -88.45 79.07 42.15
C ILE RF 153 -89.91 79.03 42.60
N ILE RF 154 -90.18 79.63 43.75
CA ILE RF 154 -91.55 79.88 44.19
C ILE RF 154 -91.67 81.36 44.49
N PHE RF 155 -92.62 82.03 43.82
CA PHE RF 155 -92.90 83.44 44.04
C PHE RF 155 -94.28 83.58 44.65
N THR RF 156 -94.37 84.41 45.69
CA THR RF 156 -95.64 84.64 46.35
C THR RF 156 -95.90 86.13 46.50
N GLN RF 157 -97.16 86.52 46.24
CA GLN RF 157 -97.62 87.89 46.34
C GLN RF 157 -99.14 87.88 46.44
N GLY RF 158 -99.68 89.01 46.85
CA GLY RF 158 -101.12 89.18 46.93
C GLY RF 158 -101.47 90.64 46.90
N LEU RF 159 -102.62 90.96 46.30
CA LEU RF 159 -102.99 92.35 46.10
C LEU RF 159 -104.28 92.75 46.79
N GLY RF 160 -105.35 92.00 46.62
CA GLY RF 160 -106.63 92.33 47.25
C GLY RF 160 -107.62 92.90 46.24
N SER RF 161 -108.12 94.09 46.55
CA SER RF 161 -109.06 94.79 45.67
C SER RF 161 -108.36 95.72 44.70
N ASP RF 162 -107.07 95.50 44.43
CA ASP RF 162 -106.32 96.39 43.58
C ASP RF 162 -106.67 96.21 42.11
N LYS RF 163 -106.85 94.97 41.66
CA LYS RF 163 -107.27 94.67 40.29
C LYS RF 163 -108.44 93.70 40.34
N PRO RF 164 -109.64 94.19 40.64
CA PRO RF 164 -110.81 93.31 40.66
C PRO RF 164 -111.24 92.93 39.26
N ILE RF 165 -111.89 91.78 39.17
CA ILE RF 165 -112.38 91.27 37.89
C ILE RF 165 -113.82 91.68 37.63
N THR RF 166 -114.71 91.43 38.58
CA THR RF 166 -116.14 91.61 38.38
C THR RF 166 -116.60 92.86 39.11
N SER RF 167 -117.36 93.69 38.41
CA SER RF 167 -117.91 94.90 39.01
C SER RF 167 -118.99 94.61 40.04
N TYR RF 168 -119.57 93.42 40.03
CA TYR RF 168 -120.63 93.05 40.96
C TYR RF 168 -120.02 92.81 42.33
N THR RF 169 -120.17 93.78 43.23
CA THR RF 169 -119.55 93.74 44.55
C THR RF 169 -120.60 93.72 45.65
N LEU RF 170 -121.68 92.94 45.46
CA LEU RF 170 -122.67 92.82 46.52
C LEU RF 170 -122.14 91.99 47.68
N GLY RF 171 -121.55 90.84 47.38
CA GLY RF 171 -121.00 90.00 48.42
C GLY RF 171 -119.70 90.52 48.97
N GLY RF 172 -119.31 89.99 50.11
CA GLY RF 172 -118.06 90.38 50.73
C GLY RF 172 -116.95 89.42 50.32
N ASP RF 173 -116.56 88.54 51.24
CA ASP RF 173 -115.66 87.46 50.86
C ASP RF 173 -116.37 86.37 50.07
N ARG RF 174 -117.69 86.37 50.04
CA ARG RF 174 -118.42 85.46 49.18
C ARG RF 174 -118.36 85.86 47.71
N SER RF 175 -117.94 87.08 47.42
CA SER RF 175 -117.81 87.53 46.04
C SER RF 175 -116.64 86.80 45.38
N PRO RF 176 -116.77 86.39 44.12
CA PRO RF 176 -115.73 85.56 43.48
C PRO RF 176 -114.47 86.30 43.12
N ASN RF 177 -114.45 87.63 43.20
CA ASN RF 177 -113.20 88.36 43.01
C ASN RF 177 -112.22 88.08 44.13
N ALA RF 178 -112.72 87.78 45.32
CA ALA RF 178 -111.89 87.20 46.37
C ALA RF 178 -111.48 85.80 45.94
N ARG RF 179 -110.20 85.61 45.67
CA ARG RF 179 -109.73 84.43 44.97
C ARG RF 179 -108.24 84.27 45.22
N VAL RF 180 -107.74 83.10 44.83
CA VAL RF 180 -106.31 82.84 44.81
C VAL RF 180 -105.99 82.10 43.52
N GLU RF 181 -105.02 82.63 42.76
CA GLU RF 181 -104.66 82.11 41.46
C GLU RF 181 -103.24 81.56 41.49
N ILE RF 182 -103.06 80.36 40.94
CA ILE RF 182 -101.77 79.70 40.86
C ILE RF 182 -101.46 79.53 39.38
N THR RF 183 -100.34 80.11 38.93
CA THR RF 183 -100.02 80.14 37.51
C THR RF 183 -98.57 79.70 37.29
N PHE RF 184 -98.36 79.06 36.14
CA PHE RF 184 -97.01 78.71 35.70
C PHE RF 184 -97.02 78.51 34.19
N ARG RF 185 -95.83 78.23 33.64
CA ARG RF 185 -95.69 77.75 32.28
C ARG RF 185 -94.89 76.45 32.32
N ARG RF 186 -95.46 75.39 31.77
CA ARG RF 186 -94.75 74.12 31.68
C ARG RF 186 -93.63 74.23 30.64
N ALA RF 187 -92.47 73.68 30.96
CA ALA RF 187 -91.32 73.72 30.07
C ALA RF 187 -90.82 72.30 29.85
N VAL RF 188 -91.18 71.74 28.68
CA VAL RF 188 -90.76 70.42 28.19
C VAL RF 188 -91.05 69.29 29.17
N CYS SF 42 -119.62 68.71 68.65
CA CYS SF 42 -118.79 67.51 68.67
C CYS SF 42 -117.35 67.84 69.06
N PHE SF 43 -116.48 68.00 68.07
CA PHE SF 43 -115.08 68.25 68.33
C PHE SF 43 -114.46 68.95 67.13
N HIS SF 44 -113.41 69.73 67.39
CA HIS SF 44 -112.62 70.36 66.33
C HIS SF 44 -111.15 70.04 66.55
N PRO SF 45 -110.49 69.43 65.57
CA PRO SF 45 -109.05 69.12 65.68
C PRO SF 45 -108.17 70.34 65.86
N PRO SF 46 -108.49 71.54 65.27
CA PRO SF 46 -107.64 72.67 65.74
C PRO SF 46 -108.01 73.19 67.12
N TYR SF 47 -107.59 72.42 68.14
CA TYR SF 47 -107.62 72.76 69.55
C TYR SF 47 -109.02 73.07 70.08
N ASN SF 48 -110.05 72.56 69.38
CA ASN SF 48 -111.46 72.84 69.66
C ASN SF 48 -111.77 74.33 69.65
N ASN SF 49 -111.02 75.08 68.84
CA ASN SF 49 -111.05 76.55 68.78
C ASN SF 49 -110.83 77.18 70.16
N PHE SF 50 -109.97 76.54 70.95
CA PHE SF 50 -109.63 76.93 72.32
C PHE SF 50 -110.86 77.06 73.21
N GLN SF 51 -111.71 76.05 73.14
CA GLN SF 51 -112.90 76.02 73.98
C GLN SF 51 -112.72 74.97 75.08
N PRO SF 52 -113.38 75.15 76.23
CA PRO SF 52 -113.39 74.09 77.25
C PRO SF 52 -114.13 72.86 76.76
N ASP SF 53 -113.40 71.75 76.62
CA ASP SF 53 -113.93 70.57 75.99
C ASP SF 53 -114.94 69.84 76.88
N ARG SF 54 -116.00 69.34 76.27
CA ARG SF 54 -116.96 68.47 76.94
C ARG SF 54 -116.71 67.04 76.49
N ARG SF 55 -116.51 66.14 77.45
CA ARG SF 55 -116.19 64.75 77.17
C ARG SF 55 -117.34 63.80 77.46
N ALA SF 56 -117.95 63.93 78.64
CA ALA SF 56 -118.81 62.87 79.15
C ALA SF 56 -120.17 62.83 78.45
N VAL SF 57 -120.65 63.98 77.97
CA VAL SF 57 -122.03 64.08 77.49
C VAL SF 57 -122.23 63.28 76.21
N LYS SF 58 -121.32 63.44 75.24
CA LYS SF 58 -121.46 62.70 73.99
C LYS SF 58 -121.18 61.22 74.18
N ARG SF 59 -120.28 60.88 75.11
CA ARG SF 59 -120.01 59.48 75.43
C ARG SF 59 -121.22 58.79 76.01
N VAL SF 60 -121.90 59.44 76.98
CA VAL SF 60 -123.07 58.80 77.56
C VAL SF 60 -124.24 58.85 76.60
N GLY SF 61 -124.27 59.82 75.69
CA GLY SF 61 -125.30 59.84 74.67
C GLY SF 61 -125.19 58.69 73.69
N VAL SF 62 -123.97 58.41 73.23
CA VAL SF 62 -123.80 57.29 72.31
C VAL SF 62 -123.82 55.95 73.04
N ASP SF 63 -123.59 55.93 74.35
CA ASP SF 63 -123.77 54.69 75.10
C ASP SF 63 -125.24 54.41 75.38
N THR SF 64 -126.06 55.44 75.61
CA THR SF 64 -127.50 55.22 75.74
C THR SF 64 -128.11 54.86 74.40
N GLY SF 65 -127.66 55.49 73.32
CA GLY SF 65 -128.18 55.20 72.00
C GLY SF 65 -127.68 53.88 71.45
N GLY SF 88 -126.48 52.58 77.73
CA GLY SF 88 -126.88 52.76 79.11
C GLY SF 88 -126.25 53.95 79.78
N GLY SF 89 -127.05 54.71 80.53
CA GLY SF 89 -126.55 55.89 81.20
C GLY SF 89 -125.57 55.58 82.31
N THR SF 90 -125.87 54.55 83.11
CA THR SF 90 -124.99 54.18 84.21
C THR SF 90 -123.67 53.61 83.71
N VAL SF 91 -123.72 52.76 82.67
CA VAL SF 91 -122.49 52.20 82.14
C VAL SF 91 -121.68 53.28 81.41
N GLY SF 92 -122.36 54.25 80.80
CA GLY SF 92 -121.65 55.39 80.22
C GLY SF 92 -120.99 56.25 81.28
N LEU SF 93 -121.66 56.46 82.41
CA LEU SF 93 -121.11 57.24 83.50
C LEU SF 93 -119.90 56.53 84.13
N VAL SF 94 -119.99 55.22 84.33
CA VAL SF 94 -118.89 54.51 84.96
C VAL SF 94 -117.71 54.39 83.98
N ALA SF 95 -117.99 54.29 82.67
CA ALA SF 95 -116.91 54.32 81.69
C ALA SF 95 -116.26 55.68 81.62
N SER SF 96 -117.06 56.74 81.78
CA SER SF 96 -116.52 58.09 81.77
C SER SF 96 -115.65 58.36 82.99
N ILE SF 97 -116.08 57.91 84.17
CA ILE SF 97 -115.24 58.13 85.34
C ILE SF 97 -114.07 57.16 85.40
N TYR SF 98 -114.14 56.05 84.65
CA TYR SF 98 -112.95 55.22 84.48
C TYR SF 98 -111.94 55.89 83.55
N ARG SF 99 -112.43 56.56 82.50
CA ARG SF 99 -111.54 57.23 81.56
C ARG SF 99 -110.92 58.49 82.17
N ASP SF 100 -111.73 59.30 82.85
CA ASP SF 100 -111.28 60.58 83.36
C ASP SF 100 -110.50 60.48 84.66
N SER SF 101 -110.22 59.26 85.12
CA SER SF 101 -109.28 59.06 86.20
C SER SF 101 -107.89 59.52 85.78
N LYS SF 102 -107.14 60.05 86.75
CA LYS SF 102 -105.86 60.69 86.48
C LYS SF 102 -104.82 59.67 86.00
N ARG SF 103 -104.86 58.46 86.56
CA ARG SF 103 -103.88 57.43 86.22
C ARG SF 103 -104.03 56.97 84.78
N LYS SF 104 -105.26 56.94 84.26
CA LYS SF 104 -105.45 56.61 82.85
C LYS SF 104 -104.93 57.70 81.93
N ILE SF 105 -105.04 58.96 82.37
CA ILE SF 105 -104.48 60.07 81.61
C ILE SF 105 -102.96 59.97 81.57
N ILE SF 106 -102.35 59.64 82.71
CA ILE SF 106 -100.90 59.45 82.76
C ILE SF 106 -100.49 58.24 81.93
N ARG SF 107 -101.32 57.21 81.90
CA ARG SF 107 -101.06 56.04 81.06
C ARG SF 107 -101.12 56.40 79.59
N ASP SF 108 -102.05 57.27 79.20
CA ASP SF 108 -102.08 57.75 77.82
C ASP SF 108 -100.86 58.61 77.51
N LEU SF 109 -100.40 59.40 78.48
CA LEU SF 109 -99.18 60.17 78.26
C LEU SF 109 -97.95 59.29 78.14
N GLN SF 110 -97.96 58.13 78.82
CA GLN SF 110 -96.90 57.16 78.65
C GLN SF 110 -97.00 56.44 77.32
N LYS SF 111 -98.23 56.23 76.83
CA LYS SF 111 -98.42 55.74 75.47
C LYS SF 111 -97.88 56.74 74.46
N GLN SF 112 -98.07 58.02 74.73
CA GLN SF 112 -97.39 59.06 73.98
C GLN SF 112 -95.92 59.15 74.39
N ASP SF 113 -95.18 59.97 73.67
CA ASP SF 113 -93.75 60.10 73.92
C ASP SF 113 -93.44 61.18 74.96
N ILE SF 114 -94.17 61.15 76.07
CA ILE SF 114 -94.14 62.24 77.04
C ILE SF 114 -93.71 61.66 78.39
N GLN SF 115 -92.69 62.25 78.98
CA GLN SF 115 -92.09 61.70 80.18
C GLN SF 115 -92.66 62.41 81.40
N TYR SF 116 -93.32 61.66 82.28
CA TYR SF 116 -93.94 62.21 83.47
C TYR SF 116 -93.18 61.78 84.71
N VAL SF 117 -92.80 62.73 85.55
CA VAL SF 117 -92.06 62.45 86.78
C VAL SF 117 -92.80 63.09 87.94
N GLU SF 118 -93.12 62.29 88.95
CA GLU SF 118 -93.67 62.79 90.21
C GLU SF 118 -92.75 62.38 91.34
N TYR SF 119 -92.31 63.36 92.13
CA TYR SF 119 -91.43 63.09 93.25
C TYR SF 119 -91.59 64.21 94.26
N GLY SF 120 -92.17 63.89 95.42
CA GLY SF 120 -92.37 64.91 96.44
C GLY SF 120 -93.46 65.88 96.05
N ASP SF 121 -93.22 67.16 96.32
CA ASP SF 121 -94.16 68.19 95.97
C ASP SF 121 -94.04 68.64 94.52
N THR SF 122 -92.95 68.27 93.85
CA THR SF 122 -92.66 68.75 92.51
C THR SF 122 -93.07 67.71 91.49
N ARG SF 123 -93.76 68.16 90.43
CA ARG SF 123 -94.12 67.27 89.33
C ARG SF 123 -93.66 67.91 88.04
N THR SF 124 -92.97 67.11 87.21
CA THR SF 124 -92.33 67.60 86.00
C THR SF 124 -92.75 66.76 84.79
N LEU SF 125 -92.72 67.42 83.64
CA LEU SF 125 -93.02 66.82 82.35
C LEU SF 125 -91.88 67.13 81.40
N ILE SF 126 -91.51 66.13 80.60
CA ILE SF 126 -90.46 66.26 79.60
C ILE SF 126 -91.07 65.99 78.23
N ILE SF 127 -90.85 66.92 77.31
CA ILE SF 127 -91.50 66.95 76.00
C ILE SF 127 -90.41 66.83 74.95
N PRO SF 128 -90.56 65.98 73.93
CA PRO SF 128 -89.57 65.89 72.86
C PRO SF 128 -89.77 66.98 71.82
N THR SF 129 -88.76 67.84 71.69
CA THR SF 129 -88.80 68.94 70.74
C THR SF 129 -88.85 68.44 69.30
N ASP SF 130 -88.08 67.40 68.99
CA ASP SF 130 -88.00 66.89 67.64
C ASP SF 130 -89.25 66.14 67.20
N LYS SF 131 -90.14 65.78 68.11
CA LYS SF 131 -91.39 65.15 67.74
C LYS SF 131 -92.59 66.04 67.96
N TYR SF 132 -92.44 67.15 68.68
CA TYR SF 132 -93.56 68.05 68.91
C TYR SF 132 -93.38 69.39 68.23
N PHE SF 133 -92.27 69.62 67.54
CA PHE SF 133 -92.07 70.83 66.78
C PHE SF 133 -91.48 70.47 65.43
N MET SF 134 -91.63 71.37 64.48
CA MET SF 134 -90.98 71.20 63.20
C MET SF 134 -89.49 71.49 63.35
N PHE SF 135 -88.72 71.05 62.35
CA PHE SF 135 -87.27 71.07 62.43
C PHE SF 135 -86.73 72.49 62.41
N SER SF 136 -85.84 72.79 63.36
CA SER SF 136 -85.08 74.05 63.47
C SER SF 136 -85.98 75.28 63.53
N SER SF 137 -87.14 75.14 64.13
CA SER SF 137 -88.15 76.20 64.08
C SER SF 137 -88.95 76.20 65.36
N PRO SF 138 -89.49 77.35 65.76
CA PRO SF 138 -90.55 77.37 66.77
C PRO SF 138 -91.94 77.11 66.22
N ARG SF 139 -92.05 76.65 64.98
CA ARG SF 139 -93.33 76.27 64.42
C ARG SF 139 -93.84 75.01 65.12
N LEU SF 140 -94.97 75.15 65.79
CA LEU SF 140 -95.52 74.04 66.55
C LEU SF 140 -96.11 72.98 65.62
N ASN SF 141 -95.78 71.73 65.89
CA ASN SF 141 -96.36 70.63 65.14
C ASN SF 141 -97.83 70.44 65.52
N GLU SF 142 -98.68 70.31 64.51
CA GLU SF 142 -100.10 70.13 64.75
C GLU SF 142 -100.51 68.68 64.90
N ILE SF 143 -99.60 67.75 64.67
CA ILE SF 143 -99.98 66.34 64.65
C ILE SF 143 -100.23 65.83 66.07
N CYS SF 144 -99.45 66.30 67.04
CA CYS SF 144 -99.50 65.79 68.40
C CYS SF 144 -100.53 66.51 69.27
N TYR SF 145 -101.55 67.09 68.65
CA TYR SF 145 -102.60 67.76 69.41
C TYR SF 145 -103.41 66.88 70.37
N PRO SF 146 -103.59 65.54 70.18
CA PRO SF 146 -104.12 64.76 71.32
C PRO SF 146 -103.21 64.80 72.53
N GLY SF 147 -101.89 64.78 72.32
CA GLY SF 147 -100.97 64.93 73.42
C GLY SF 147 -101.05 66.30 74.06
N LEU SF 148 -101.24 67.34 73.24
CA LEU SF 148 -101.37 68.69 73.78
C LEU SF 148 -102.63 68.86 74.61
N ASN SF 149 -103.74 68.29 74.15
CA ASN SF 149 -104.98 68.36 74.91
C ASN SF 149 -104.92 67.53 76.18
N ASN SF 150 -104.20 66.40 76.14
CA ASN SF 150 -103.97 65.64 77.36
C ASN SF 150 -103.08 66.42 78.33
N VAL SF 151 -102.14 67.19 77.81
CA VAL SF 151 -101.30 68.05 78.65
C VAL SF 151 -102.16 69.10 79.34
N ILE SF 152 -103.09 69.70 78.62
CA ILE SF 152 -103.98 70.71 79.20
C ILE SF 152 -104.88 70.08 80.26
N ARG SF 153 -105.43 68.90 79.97
CA ARG SF 153 -106.31 68.23 80.94
C ARG SF 153 -105.55 67.77 82.17
N LEU SF 154 -104.28 67.38 82.02
CA LEU SF 154 -103.50 67.01 83.19
C LEU SF 154 -103.08 68.24 84.00
N LEU SF 155 -102.80 69.35 83.33
CA LEU SF 155 -102.45 70.57 84.03
C LEU SF 155 -103.64 71.24 84.70
N ASN SF 156 -104.85 70.86 84.30
CA ASN SF 156 -106.04 71.37 84.98
C ASN SF 156 -106.12 70.93 86.44
N PHE SF 157 -105.57 69.75 86.77
CA PHE SF 157 -105.75 69.18 88.09
C PHE SF 157 -104.94 69.86 89.18
N TYR SF 158 -104.05 70.79 88.84
CA TYR SF 158 -103.34 71.60 89.82
C TYR SF 158 -103.57 73.07 89.46
N PRO SF 159 -104.74 73.62 89.78
CA PRO SF 159 -105.07 74.98 89.33
C PRO SF 159 -104.48 76.09 90.19
N GLN SF 160 -103.65 75.78 91.19
CA GLN SF 160 -103.07 76.82 92.02
C GLN SF 160 -101.55 76.79 92.06
N SER SF 161 -100.91 75.78 91.48
CA SER SF 161 -99.47 75.67 91.53
C SER SF 161 -98.81 76.66 90.59
N THR SF 162 -97.63 77.15 90.99
CA THR SF 162 -96.82 77.97 90.12
C THR SF 162 -95.98 77.09 89.21
N ILE SF 163 -95.82 77.51 87.96
CA ILE SF 163 -95.21 76.69 86.93
C ILE SF 163 -93.94 77.36 86.44
N TYR SF 164 -92.93 76.54 86.16
CA TYR SF 164 -91.72 76.99 85.48
C TYR SF 164 -91.53 76.14 84.23
N VAL SF 165 -91.01 76.76 83.16
CA VAL SF 165 -90.76 76.07 81.91
C VAL SF 165 -89.36 76.40 81.41
N ALA SF 166 -88.68 75.40 80.87
CA ALA SF 166 -87.30 75.52 80.43
C ALA SF 166 -87.10 74.67 79.19
N GLY SF 167 -86.12 75.07 78.39
CA GLY SF 167 -85.82 74.39 77.15
C GLY SF 167 -84.37 73.94 77.11
N PHE SF 168 -84.12 72.84 76.39
CA PHE SF 168 -82.78 72.29 76.29
C PHE SF 168 -82.51 71.81 74.88
N THR SF 169 -81.27 72.03 74.44
CA THR SF 169 -80.84 71.67 73.10
C THR SF 169 -79.56 70.85 73.14
N ASP SF 170 -78.99 70.59 71.96
CA ASP SF 170 -77.71 69.91 71.84
C ASP SF 170 -76.58 70.93 71.76
N ASN SF 171 -75.40 70.48 71.34
CA ASN SF 171 -74.21 71.32 71.34
C ASN SF 171 -73.86 71.89 69.97
N VAL SF 172 -74.48 71.41 68.90
CA VAL SF 172 -74.06 71.79 67.56
C VAL SF 172 -74.59 73.18 67.23
N GLY SF 173 -73.69 74.08 66.86
CA GLY SF 173 -74.05 75.43 66.45
C GLY SF 173 -73.40 76.48 67.32
N SER SF 174 -73.75 77.73 67.01
CA SER SF 174 -73.29 78.84 67.83
C SER SF 174 -73.96 78.81 69.19
N ARG SF 175 -73.20 79.17 70.23
CA ARG SF 175 -73.73 79.19 71.58
C ARG SF 175 -74.85 80.22 71.72
N SER SF 176 -74.63 81.41 71.15
CA SER SF 176 -75.64 82.47 71.18
C SER SF 176 -76.88 82.07 70.38
N HIS SF 177 -76.68 81.44 69.22
CA HIS SF 177 -77.80 81.03 68.39
C HIS SF 177 -78.62 79.93 69.06
N LYS SF 178 -77.94 78.98 69.72
CA LYS SF 178 -78.66 77.94 70.44
C LYS SF 178 -79.41 78.51 71.62
N ARG SF 179 -78.83 79.51 72.30
CA ARG SF 179 -79.52 80.17 73.39
C ARG SF 179 -80.77 80.90 72.89
N LYS SF 180 -80.66 81.56 71.75
CA LYS SF 180 -81.81 82.25 71.16
C LYS SF 180 -82.91 81.28 70.77
N LEU SF 181 -82.54 80.14 70.19
CA LEU SF 181 -83.52 79.12 69.82
C LEU SF 181 -84.18 78.53 71.05
N SER SF 182 -83.41 78.31 72.12
CA SER SF 182 -83.96 77.79 73.36
C SER SF 182 -84.95 78.75 73.99
N GLN SF 183 -84.61 80.04 74.01
CA GLN SF 183 -85.52 81.04 74.56
C GLN SF 183 -86.77 81.16 73.71
N ALA SF 184 -86.62 81.04 72.38
CA ALA SF 184 -87.78 81.10 71.49
C ALA SF 184 -88.71 79.93 71.71
N GLN SF 185 -88.16 78.73 71.86
CA GLN SF 185 -89.00 77.55 72.10
C GLN SF 185 -89.69 77.61 73.45
N ALA SF 186 -88.96 78.10 74.46
CA ALA SF 186 -89.54 78.24 75.80
C ALA SF 186 -90.67 79.25 75.79
N GLU SF 187 -90.48 80.38 75.11
CA GLU SF 187 -91.54 81.38 75.04
C GLU SF 187 -92.71 80.90 74.18
N THR SF 188 -92.45 80.03 73.20
CA THR SF 188 -93.52 79.44 72.41
C THR SF 188 -94.42 78.56 73.26
N MET SF 189 -93.82 77.69 74.06
CA MET SF 189 -94.63 76.88 74.97
C MET SF 189 -95.28 77.75 76.04
N MET SF 190 -94.61 78.82 76.44
CA MET SF 190 -95.16 79.76 77.41
C MET SF 190 -96.43 80.43 76.91
N THR SF 191 -96.42 80.92 75.67
CA THR SF 191 -97.60 81.59 75.16
C THR SF 191 -98.68 80.60 74.78
N PHE SF 192 -98.30 79.37 74.41
CA PHE SF 192 -99.31 78.35 74.19
C PHE SF 192 -100.04 78.01 75.47
N LEU SF 193 -99.31 77.93 76.58
CA LEU SF 193 -99.96 77.67 77.86
C LEU SF 193 -100.74 78.90 78.34
N TRP SF 194 -100.27 80.10 78.00
CA TRP SF 194 -101.00 81.31 78.35
C TRP SF 194 -102.33 81.39 77.62
N ALA SF 195 -102.34 80.96 76.36
CA ALA SF 195 -103.58 80.97 75.58
C ALA SF 195 -104.56 79.91 76.04
N ASN SF 196 -104.11 78.91 76.79
CA ASN SF 196 -105.00 77.85 77.23
C ASN SF 196 -105.76 78.21 78.49
N GLY SF 197 -105.53 79.38 79.07
CA GLY SF 197 -106.35 79.83 80.18
C GLY SF 197 -105.65 79.87 81.51
N ILE SF 198 -104.37 80.25 81.52
CA ILE SF 198 -103.57 80.34 82.74
C ILE SF 198 -103.07 81.77 82.87
N ALA SF 199 -103.19 82.34 84.07
CA ALA SF 199 -102.77 83.72 84.32
C ALA SF 199 -101.26 83.84 84.25
N ALA SF 200 -100.80 85.02 83.81
CA ALA SF 200 -99.40 85.23 83.47
C ALA SF 200 -98.51 85.35 84.70
N LYS SF 201 -99.07 85.60 85.88
CA LYS SF 201 -98.24 85.71 87.08
C LYS SF 201 -97.73 84.36 87.55
N ARG SF 202 -98.30 83.26 87.08
CA ARG SF 202 -97.92 81.93 87.49
C ARG SF 202 -96.75 81.37 86.70
N LEU SF 203 -96.17 82.15 85.80
CA LEU SF 203 -95.31 81.60 84.76
C LEU SF 203 -93.94 82.27 84.76
N LYS SF 204 -92.95 81.51 84.31
CA LYS SF 204 -91.59 82.00 84.10
C LYS SF 204 -90.91 81.04 83.15
N ALA SF 205 -90.25 81.59 82.13
CA ALA SF 205 -89.67 80.78 81.06
C ALA SF 205 -88.16 80.99 81.01
N GLU SF 206 -87.44 79.92 80.67
CA GLU SF 206 -86.00 79.99 80.48
C GLU SF 206 -85.56 78.91 79.50
N GLY SF 207 -84.70 79.29 78.57
CA GLY SF 207 -84.13 78.30 77.68
C GLY SF 207 -82.64 78.17 77.82
N TYR SF 208 -82.19 77.07 78.43
CA TYR SF 208 -80.76 76.85 78.52
C TYR SF 208 -80.23 76.27 77.22
N GLY SF 209 -78.94 76.41 77.02
CA GLY SF 209 -78.33 75.80 75.85
C GLY SF 209 -78.00 74.35 76.14
N ASP SF 210 -76.71 74.01 76.07
CA ASP SF 210 -76.20 72.74 76.58
C ASP SF 210 -75.55 72.94 77.94
N LYS SF 211 -76.11 73.86 78.73
CA LYS SF 211 -75.47 74.30 79.96
C LYS SF 211 -75.53 73.23 81.04
N ASN SF 212 -76.63 72.51 81.11
CA ASN SF 212 -76.79 71.41 82.08
C ASN SF 212 -77.50 70.28 81.33
N ALA SF 213 -76.72 69.36 80.80
CA ALA SF 213 -77.26 68.28 79.99
C ALA SF 213 -77.66 67.09 80.86
N ILE SF 214 -78.40 66.17 80.26
CA ILE SF 214 -78.68 64.88 80.87
C ILE SF 214 -77.93 63.76 80.19
N SER SF 215 -77.15 64.06 79.15
CA SER SF 215 -76.42 63.06 78.40
C SER SF 215 -75.19 63.70 77.81
N ASP SF 216 -74.21 62.87 77.49
CA ASP SF 216 -73.04 63.34 76.77
C ASP SF 216 -73.42 63.60 75.31
N ASN SF 217 -72.91 64.70 74.77
CA ASN SF 217 -73.26 65.11 73.42
C ASN SF 217 -72.41 64.45 72.34
N ALA SF 218 -71.47 63.57 72.72
CA ALA SF 218 -70.68 62.83 71.74
C ALA SF 218 -71.33 61.53 71.32
N ILE SF 219 -72.53 61.24 71.82
CA ILE SF 219 -73.30 60.07 71.43
C ILE SF 219 -74.48 60.57 70.63
N ILE SF 220 -74.79 59.88 69.53
CA ILE SF 220 -75.90 60.27 68.67
C ILE SF 220 -77.23 60.08 69.39
N HIS SF 221 -77.44 58.90 69.99
CA HIS SF 221 -78.70 58.61 70.64
C HIS SF 221 -78.85 59.40 71.93
N GLY SF 222 -77.76 59.57 72.68
CA GLY SF 222 -77.81 60.41 73.86
C GLY SF 222 -78.02 61.87 73.53
N SER SF 223 -77.42 62.33 72.44
CA SER SF 223 -77.61 63.71 71.99
C SER SF 223 -79.05 63.94 71.55
N ALA SF 224 -79.66 62.93 70.92
CA ALA SF 224 -81.07 63.01 70.59
C ALA SF 224 -81.93 63.00 71.85
N GLN SF 225 -81.51 62.23 72.86
CA GLN SF 225 -82.22 62.20 74.14
C GLN SF 225 -82.11 63.51 74.90
N ASN SF 226 -81.04 64.27 74.67
CA ASN SF 226 -80.75 65.40 75.54
C ASN SF 226 -81.68 66.58 75.28
N ARG SF 227 -81.97 66.88 74.01
CA ARG SF 227 -82.77 68.07 73.72
C ARG SF 227 -84.24 67.82 74.07
N ARG SF 228 -84.85 68.75 74.79
CA ARG SF 228 -86.06 68.45 75.52
C ARG SF 228 -86.73 69.75 75.97
N ILE SF 229 -87.94 69.59 76.49
CA ILE SF 229 -88.67 70.66 77.16
C ILE SF 229 -89.00 70.20 78.56
N GLU SF 230 -88.56 70.98 79.55
CA GLU SF 230 -88.76 70.69 80.96
C GLU SF 230 -89.86 71.60 81.51
N ILE SF 231 -90.87 71.01 82.15
CA ILE SF 231 -91.93 71.76 82.79
C ILE SF 231 -92.05 71.29 84.22
N GLN SF 232 -91.85 72.20 85.17
CA GLN SF 232 -91.91 71.86 86.59
C GLN SF 232 -93.03 72.62 87.26
N TRP SF 233 -93.65 72.00 88.26
CA TRP SF 233 -94.49 72.78 89.15
C TRP SF 233 -94.44 72.21 90.57
N PHE SF 234 -94.48 73.13 91.54
CA PHE SF 234 -94.52 72.81 92.95
C PHE SF 234 -95.96 72.48 93.36
N THR SF 235 -96.22 72.45 94.65
CA THR SF 235 -97.57 72.34 95.16
C THR SF 235 -98.06 73.63 95.80
N SER SF 236 -97.28 74.18 96.73
CA SER SF 236 -97.65 75.41 97.40
C SER SF 236 -96.64 76.52 97.11
N LEU TF 113 -105.78 122.25 99.76
CA LEU TF 113 -105.05 121.60 98.67
C LEU TF 113 -104.76 120.14 99.00
N ASN TF 114 -105.76 119.44 99.52
CA ASN TF 114 -105.63 118.04 99.90
C ASN TF 114 -106.62 117.14 99.19
N ARG TF 115 -107.91 117.49 99.19
CA ARG TF 115 -108.93 116.73 98.49
C ARG TF 115 -109.92 117.69 97.89
N PHE TF 116 -110.17 117.57 96.58
CA PHE TF 116 -111.05 118.48 95.87
C PHE TF 116 -112.13 117.68 95.16
N ARG TF 117 -113.38 118.03 95.44
CA ARG TF 117 -114.54 117.46 94.76
C ARG TF 117 -115.32 118.60 94.11
N TYR TF 118 -115.43 118.54 92.78
CA TYR TF 118 -115.98 119.64 91.99
C TYR TF 118 -117.21 119.15 91.24
N GLU TF 119 -118.37 119.71 91.58
CA GLU TF 119 -119.65 119.26 91.03
C GLU TF 119 -120.49 120.47 90.66
N GLY TF 120 -121.43 120.25 89.75
CA GLY TF 120 -122.50 121.20 89.52
C GLY TF 120 -122.25 122.27 88.48
N ALA TF 121 -121.81 121.86 87.29
CA ALA TF 121 -121.65 122.71 86.10
C ALA TF 121 -120.71 123.88 86.36
N GLY TF 122 -119.44 123.55 86.57
CA GLY TF 122 -118.45 124.54 86.95
C GLY TF 122 -117.25 124.53 86.04
N VAL TF 123 -116.74 125.73 85.77
CA VAL TF 123 -115.55 125.93 84.95
C VAL TF 123 -114.52 126.67 85.77
N VAL TF 124 -113.30 126.12 85.83
CA VAL TF 124 -112.20 126.73 86.56
C VAL TF 124 -110.90 126.52 85.80
N THR TF 125 -109.99 127.49 85.93
CA THR TF 125 -108.66 127.44 85.32
C THR TF 125 -107.62 127.87 86.33
N GLY TF 126 -106.63 127.03 86.56
CA GLY TF 126 -105.55 127.36 87.48
C GLY TF 126 -104.20 127.03 86.86
N ASN TF 127 -103.21 127.84 87.21
CA ASN TF 127 -101.87 127.70 86.67
C ASN TF 127 -100.84 127.76 87.79
N ASN TF 128 -99.72 127.06 87.56
CA ASN TF 128 -98.54 127.07 88.44
C ASN TF 128 -98.87 126.57 89.85
N LEU TF 129 -99.73 125.56 89.93
CA LEU TF 129 -100.10 124.96 91.21
C LEU TF 129 -99.12 123.84 91.54
N ARG TF 130 -98.53 123.91 92.73
CA ARG TF 130 -97.63 122.88 93.21
C ARG TF 130 -98.26 122.12 94.36
N THR TF 131 -98.05 120.81 94.37
CA THR TF 131 -98.55 119.95 95.43
C THR TF 131 -97.70 118.68 95.45
N SER TF 132 -97.79 117.96 96.57
CA SER TF 132 -97.19 116.64 96.66
C SER TF 132 -98.19 115.56 96.28
N TYR TF 133 -99.31 115.50 97.01
CA TYR TF 133 -100.36 114.55 96.70
C TYR TF 133 -101.71 115.16 97.06
N LEU TF 134 -102.68 115.01 96.17
CA LEU TF 134 -104.05 115.39 96.45
C LEU TF 134 -104.99 114.38 95.80
N ASP TF 135 -106.23 114.36 96.27
CA ASP TF 135 -107.28 113.53 95.71
C ASP TF 135 -108.21 114.40 94.89
N LEU TF 136 -108.63 113.88 93.73
CA LEU TF 136 -109.50 114.61 92.83
C LEU TF 136 -110.76 113.81 92.54
N TYR TF 137 -111.90 114.51 92.55
CA TYR TF 137 -113.19 113.89 92.25
C TYR TF 137 -114.02 114.91 91.49
N LEU TF 138 -114.27 114.63 90.21
CA LEU TF 138 -114.99 115.54 89.33
C LEU TF 138 -116.32 114.94 88.92
N ALA TF 139 -117.34 115.80 88.81
CA ALA TF 139 -118.66 115.37 88.38
C ALA TF 139 -119.41 116.55 87.78
N ASN TF 140 -120.35 116.21 86.88
CA ASN TF 140 -121.43 117.09 86.42
C ASN TF 140 -120.89 118.36 85.77
N GLU TF 141 -120.22 118.15 84.63
CA GLU TF 141 -119.66 119.20 83.77
C GLU TF 141 -118.65 120.07 84.52
N GLY TF 142 -117.54 119.43 84.90
CA GLY TF 142 -116.40 120.15 85.43
C GLY TF 142 -115.38 120.46 84.36
N THR TF 143 -115.42 121.67 83.83
CA THR TF 143 -114.48 122.12 82.82
C THR TF 143 -113.28 122.75 83.54
N THR TF 144 -112.23 121.96 83.72
CA THR TF 144 -111.09 122.34 84.55
C THR TF 144 -109.82 122.39 83.70
N ARG TF 145 -109.05 123.47 83.86
CA ARG TF 145 -107.77 123.63 83.18
C ARG TF 145 -106.66 123.74 84.20
N LEU TF 146 -105.59 122.97 83.99
CA LEU TF 146 -104.48 122.91 84.92
C LEU TF 146 -103.18 123.19 84.19
N ALA TF 147 -102.40 124.13 84.71
CA ALA TF 147 -101.13 124.55 84.12
C ALA TF 147 -100.05 124.68 85.18
N GLY TF 148 -99.89 123.63 86.00
CA GLY TF 148 -98.89 123.65 87.05
C GLY TF 148 -98.07 122.38 87.15
N ASN TF 149 -97.34 122.22 88.25
CA ASN TF 149 -96.57 121.01 88.55
C ASN TF 149 -97.32 120.27 89.66
N ILE TF 150 -98.08 119.27 89.27
CA ILE TF 150 -99.09 118.65 90.14
C ILE TF 150 -98.68 117.22 90.43
N GLY TF 151 -98.71 116.84 91.71
CA GLY TF 151 -98.56 115.45 92.09
C GLY TF 151 -99.83 114.91 92.73
N LEU TF 152 -100.25 113.72 92.32
CA LEU TF 152 -101.46 113.10 92.84
C LEU TF 152 -101.38 111.60 92.57
N GLN TF 153 -102.27 110.85 93.22
CA GLN TF 153 -102.35 109.41 92.99
C GLN TF 153 -103.79 109.01 92.72
N LYS TF 154 -104.74 109.73 93.30
CA LYS TF 154 -106.14 109.33 93.28
C LYS TF 154 -106.97 110.33 92.48
N LEU TF 155 -107.52 109.85 91.37
CA LEU TF 155 -108.36 110.62 90.49
C LEU TF 155 -109.66 109.85 90.28
N GLU TF 156 -110.77 110.58 90.27
CA GLU TF 156 -112.08 110.00 89.97
C GLU TF 156 -112.90 111.00 89.20
N ALA TF 157 -113.60 110.51 88.17
CA ALA TF 157 -114.53 111.32 87.41
C ALA TF 157 -115.81 110.52 87.20
N VAL TF 158 -116.96 111.15 87.46
CA VAL TF 158 -118.24 110.47 87.29
C VAL TF 158 -118.52 110.25 85.80
N GLY TF 159 -118.37 111.29 85.00
CA GLY TF 159 -118.64 111.19 83.58
C GLY TF 159 -119.29 112.45 83.07
N ASN TF 160 -119.48 112.49 81.74
CA ASN TF 160 -120.14 113.58 81.02
C ASN TF 160 -119.43 114.92 81.25
N GLY TF 161 -118.13 114.92 81.02
CA GLY TF 161 -117.34 116.13 81.18
C GLY TF 161 -115.99 115.98 80.53
N VAL TF 162 -115.33 117.13 80.33
CA VAL TF 162 -114.02 117.17 79.69
C VAL TF 162 -113.01 117.70 80.70
N THR TF 163 -111.75 117.34 80.48
CA THR TF 163 -110.68 117.69 81.42
C THR TF 163 -109.35 117.72 80.68
N GLN TF 164 -108.65 118.85 80.76
CA GLN TF 164 -107.29 118.98 80.27
C GLN TF 164 -106.37 119.29 81.45
N ILE TF 165 -105.33 118.46 81.62
CA ILE TF 165 -104.32 118.69 82.65
C ILE TF 165 -102.96 118.71 81.96
N ASN TF 166 -102.23 119.80 82.15
CA ASN TF 166 -100.94 120.01 81.50
C ASN TF 166 -99.87 120.04 82.57
N GLY TF 167 -99.11 118.95 82.68
CA GLY TF 167 -97.98 118.90 83.58
C GLY TF 167 -98.31 118.20 84.87
N VAL TF 168 -97.97 116.91 84.97
CA VAL TF 168 -98.14 116.13 86.19
C VAL TF 168 -96.86 115.33 86.40
N SER TF 169 -96.25 115.49 87.57
CA SER TF 169 -95.11 114.69 87.98
C SER TF 169 -95.59 113.80 89.13
N SER TF 170 -96.11 112.64 88.79
CA SER TF 170 -96.63 111.69 89.77
C SER TF 170 -95.94 110.35 89.59
N ARG TF 171 -95.33 109.86 90.67
CA ARG TF 171 -94.66 108.57 90.65
C ARG TF 171 -95.62 107.42 90.92
N ASN TF 172 -96.89 107.72 91.20
CA ASN TF 172 -97.91 106.71 91.34
C ASN TF 172 -99.24 107.34 90.97
N LEU TF 173 -100.16 106.51 90.47
CA LEU TF 173 -101.47 107.00 90.09
C LEU TF 173 -102.46 105.85 90.10
N GLN TF 174 -103.74 106.20 90.30
CA GLN TF 174 -104.82 105.21 90.27
C GLN TF 174 -106.12 105.93 89.93
N ILE TF 175 -106.81 105.43 88.91
CA ILE TF 175 -107.98 106.09 88.34
C ILE TF 175 -108.90 105.03 87.73
N VAL TF 176 -110.19 105.12 88.06
CA VAL TF 176 -111.22 104.29 87.43
C VAL TF 176 -112.38 105.20 87.03
N LEU TF 177 -113.17 104.72 86.07
CA LEU TF 177 -114.27 105.50 85.51
C LEU TF 177 -115.52 104.65 85.44
N LYS TF 178 -116.67 105.33 85.39
CA LYS TF 178 -117.96 104.65 85.26
C LYS TF 178 -118.78 105.25 84.13
N GLY TF 179 -118.54 106.53 83.81
CA GLY TF 179 -119.32 107.20 82.81
C GLY TF 179 -118.56 107.45 81.53
N ASP TF 180 -118.77 108.62 80.93
CA ASP TF 180 -118.18 108.97 79.64
C ASP TF 180 -117.44 110.30 79.76
N PRO TF 181 -116.21 110.28 80.24
CA PRO TF 181 -115.41 111.52 80.29
C PRO TF 181 -114.54 111.66 79.06
N LYS TF 182 -113.93 112.84 78.95
CA LYS TF 182 -112.99 113.15 77.88
C LYS TF 182 -111.78 113.80 78.53
N VAL TF 183 -110.77 113.00 78.85
CA VAL TF 183 -109.66 113.43 79.70
C VAL TF 183 -108.37 113.38 78.91
N LEU TF 184 -107.52 114.37 79.14
CA LEU TF 184 -106.23 114.46 78.44
C LEU TF 184 -105.21 115.06 79.40
N ILE TF 185 -104.29 114.24 79.87
CA ILE TF 185 -103.31 114.63 80.88
C ILE TF 185 -101.92 114.39 80.32
N SER TF 186 -101.04 115.39 80.44
CA SER TF 186 -99.66 115.29 79.98
C SER TF 186 -98.72 115.25 81.17
N GLY TF 187 -97.72 114.37 81.09
CA GLY TF 187 -96.72 114.27 82.13
C GLY TF 187 -96.09 112.88 82.14
N PHE TF 188 -95.36 112.62 83.22
CA PHE TF 188 -94.63 111.36 83.41
C PHE TF 188 -95.41 110.52 84.41
N VAL TF 189 -95.93 109.39 83.96
CA VAL TF 189 -96.91 108.61 84.72
C VAL TF 189 -96.32 107.24 85.04
N ASN TF 190 -96.54 106.78 86.27
CA ASN TF 190 -96.23 105.42 86.69
C ASN TF 190 -97.49 104.86 87.35
N LEU TF 191 -98.40 104.33 86.54
CA LEU TF 191 -99.67 103.80 87.03
C LEU TF 191 -99.61 102.28 87.08
N ARG TF 192 -100.61 101.70 87.74
CA ARG TF 192 -100.64 100.26 87.96
C ARG TF 192 -101.84 99.56 87.34
N GLN TF 193 -103.04 100.09 87.53
CA GLN TF 193 -104.24 99.38 87.13
C GLN TF 193 -105.22 100.34 86.47
N LEU TF 194 -106.07 99.79 85.59
CA LEU TF 194 -107.08 100.57 84.89
C LEU TF 194 -108.17 99.64 84.38
N ASP TF 195 -109.43 100.00 84.65
CA ASP TF 195 -110.59 99.27 84.15
C ASP TF 195 -111.60 100.28 83.60
N MET TF 196 -112.25 99.91 82.50
CA MET TF 196 -113.23 100.77 81.84
C MET TF 196 -114.50 99.96 81.59
N TYR TF 197 -115.65 100.60 81.80
CA TYR TF 197 -116.93 99.91 81.63
C TYR TF 197 -118.00 100.74 80.94
N GLY TF 198 -117.70 101.97 80.54
CA GLY TF 198 -118.72 102.81 79.93
C GLY TF 198 -118.43 103.21 78.50
N LYS TF 199 -118.27 104.51 78.28
CA LYS TF 199 -118.03 105.12 76.98
C LYS TF 199 -116.90 106.13 77.08
N GLY TF 200 -115.77 105.70 77.62
CA GLY TF 200 -114.70 106.60 77.98
C GLY TF 200 -113.67 106.84 76.90
N THR TF 201 -113.02 108.00 76.97
CA THR TF 201 -111.91 108.39 76.10
C THR TF 201 -110.77 108.92 76.95
N LEU TF 202 -109.54 108.53 76.61
CA LEU TF 202 -108.40 108.87 77.45
C LEU TF 202 -107.12 108.84 76.63
N SER TF 203 -106.22 109.76 76.93
CA SER TF 203 -104.93 109.83 76.24
C SER TF 203 -103.90 110.44 77.18
N LEU TF 204 -102.73 109.80 77.27
CA LEU TF 204 -101.65 110.25 78.12
C LEU TF 204 -100.35 110.34 77.34
N TYR TF 205 -99.44 111.18 77.81
CA TYR TF 205 -98.22 111.48 77.07
C TYR TF 205 -97.12 110.44 77.31
N TRP TF 206 -96.60 110.40 78.53
CA TRP TF 206 -95.44 109.57 78.83
C TRP TF 206 -95.77 108.66 80.00
N ILE TF 207 -95.60 107.36 79.83
CA ILE TF 207 -95.89 106.37 80.85
C ILE TF 207 -94.64 105.56 81.11
N LYS TF 208 -94.12 105.65 82.32
CA LYS TF 208 -92.92 104.92 82.73
C LYS TF 208 -93.31 103.98 83.86
N SER TF 209 -93.82 102.81 83.50
CA SER TF 209 -94.15 101.78 84.47
C SER TF 209 -93.46 100.48 84.07
N ASP TF 210 -93.80 99.39 84.74
CA ASP TF 210 -93.26 98.10 84.35
C ASP TF 210 -94.37 97.10 84.16
N THR TF 211 -95.43 97.20 84.97
CA THR TF 211 -96.50 96.22 85.00
C THR TF 211 -97.83 96.93 84.81
N LEU TF 212 -98.58 96.53 83.79
CA LEU TF 212 -99.91 97.07 83.56
C LEU TF 212 -100.89 95.94 83.26
N THR TF 213 -102.09 96.07 83.82
CA THR TF 213 -103.18 95.12 83.60
C THR TF 213 -104.42 95.93 83.26
N ILE TF 214 -104.86 95.84 82.01
CA ILE TF 214 -105.94 96.68 81.50
C ILE TF 214 -107.06 95.78 81.00
N ARG TF 215 -108.29 96.08 81.42
CA ARG TF 215 -109.47 95.37 80.97
C ARG TF 215 -110.45 96.37 80.38
N ALA TF 216 -110.94 96.09 79.18
CA ALA TF 216 -111.86 96.98 78.47
C ALA TF 216 -113.12 96.22 78.12
N LYS TF 217 -114.27 96.82 78.43
CA LYS TF 217 -115.54 96.12 78.44
C LYS TF 217 -116.53 96.63 77.39
N LYS TF 218 -116.86 97.92 77.40
CA LYS TF 218 -118.01 98.39 76.63
C LYS TF 218 -117.63 99.33 75.49
N ALA TF 219 -117.04 100.48 75.78
CA ALA TF 219 -116.61 101.41 74.75
C ALA TF 219 -115.52 102.28 75.37
N ALA TF 220 -114.27 102.03 75.01
CA ALA TF 220 -113.17 102.75 75.61
C ALA TF 220 -112.11 103.05 74.57
N LYS TF 221 -111.68 104.30 74.52
CA LYS TF 221 -110.61 104.74 73.63
C LYS TF 221 -109.42 105.13 74.47
N ILE TF 222 -108.27 104.53 74.17
CA ILE TF 222 -107.07 104.69 74.99
C ILE TF 222 -105.90 105.00 74.07
N GLN TF 223 -105.19 106.10 74.36
CA GLN TF 223 -104.06 106.53 73.55
C GLN TF 223 -102.87 106.80 74.47
N LEU TF 224 -101.93 105.86 74.52
CA LEU TF 224 -100.79 105.92 75.43
C LEU TF 224 -99.47 105.85 74.68
N ALA TF 225 -98.41 106.25 75.37
CA ALA TF 225 -97.06 106.19 74.84
C ALA TF 225 -96.08 106.16 76.00
N GLY TF 226 -95.08 105.30 75.91
CA GLY TF 226 -94.08 105.22 76.95
C GLY TF 226 -93.47 103.83 77.03
N ILE TF 227 -92.99 103.49 78.22
CA ILE TF 227 -92.31 102.23 78.47
C ILE TF 227 -93.01 101.50 79.60
N VAL TF 228 -93.49 100.30 79.32
CA VAL TF 228 -93.99 99.36 80.32
C VAL TF 228 -93.37 98.00 80.03
N ASN TF 229 -92.75 97.40 81.03
CA ASN TF 229 -91.99 96.17 80.79
C ASN TF 229 -92.91 94.98 80.56
N ARG TF 230 -94.02 94.89 81.30
CA ARG TF 230 -94.92 93.75 81.18
C ARG TF 230 -96.35 94.27 81.12
N LEU TF 231 -97.04 93.97 80.02
CA LEU TF 231 -98.38 94.48 79.80
C LEU TF 231 -99.32 93.33 79.50
N ASP TF 232 -100.47 93.34 80.16
CA ASP TF 232 -101.56 92.42 79.88
C ASP TF 232 -102.80 93.23 79.55
N VAL TF 233 -103.46 92.87 78.46
CA VAL TF 233 -104.60 93.61 77.96
C VAL TF 233 -105.71 92.62 77.60
N GLU TF 234 -106.89 92.87 78.16
CA GLU TF 234 -108.10 92.10 77.88
C GLU TF 234 -109.11 93.02 77.21
N LEU TF 235 -109.64 92.59 76.08
CA LEU TF 235 -110.62 93.36 75.33
C LEU TF 235 -111.87 92.51 75.13
N TRP TF 236 -113.04 93.05 75.47
CA TRP TF 236 -114.27 92.28 75.39
C TRP TF 236 -115.08 92.55 74.13
N ASP TF 237 -115.53 93.79 73.93
CA ASP TF 237 -116.40 94.12 72.81
C ASP TF 237 -116.42 95.63 72.63
N PHE TF 238 -116.33 96.06 71.35
CA PHE TF 238 -116.39 97.47 70.94
C PHE TF 238 -115.33 98.32 71.63
N ALA TF 239 -114.16 97.73 71.85
CA ALA TF 239 -113.09 98.38 72.58
C ALA TF 239 -111.91 98.57 71.64
N GLN TF 240 -111.45 99.81 71.56
CA GLN TF 240 -110.42 100.20 70.61
C GLN TF 240 -109.21 100.70 71.40
N PHE TF 241 -108.08 100.02 71.24
CA PHE TF 241 -106.87 100.36 71.96
C PHE TF 241 -105.78 100.79 71.01
N LYS TF 242 -105.07 101.85 71.37
CA LYS TF 242 -103.91 102.33 70.62
C LYS TF 242 -102.66 102.13 71.46
N GLY TF 243 -101.65 101.49 70.89
CA GLY TF 243 -100.38 101.36 71.57
C GLY TF 243 -99.18 101.77 70.74
N LYS TF 244 -99.37 102.69 69.80
CA LYS TF 244 -98.23 103.25 69.09
C LYS TF 244 -97.40 104.12 70.03
N TYR TF 245 -96.10 104.22 69.71
CA TYR TF 245 -95.08 104.92 70.49
C TYR TF 245 -94.99 104.40 71.92
N LEU TF 246 -95.33 103.13 72.12
CA LEU TF 246 -95.48 102.51 73.44
C LEU TF 246 -94.94 101.09 73.28
N ARG TF 247 -93.68 100.90 73.63
CA ARG TF 247 -92.97 99.66 73.36
C ARG TF 247 -92.86 98.84 74.64
N ALA TF 248 -93.25 97.58 74.57
CA ALA TF 248 -93.33 96.70 75.72
C ALA TF 248 -92.48 95.46 75.51
N GLN TF 249 -91.78 95.05 76.56
CA GLN TF 249 -90.94 93.87 76.48
C GLN TF 249 -91.79 92.60 76.44
N ARG TF 250 -92.80 92.54 77.30
CA ARG TF 250 -93.72 91.41 77.37
C ARG TF 250 -95.12 91.92 77.06
N SER TF 251 -95.75 91.37 76.03
CA SER TF 251 -97.10 91.72 75.66
C SER TF 251 -97.98 90.48 75.78
N PHE TF 252 -99.13 90.63 76.42
CA PHE TF 252 -100.08 89.53 76.59
C PHE TF 252 -101.47 90.06 76.24
N VAL TF 253 -101.95 89.73 75.04
CA VAL TF 253 -103.18 90.31 74.50
C VAL TF 253 -104.22 89.21 74.37
N LYS TF 254 -105.40 89.44 74.95
CA LYS TF 254 -106.54 88.55 74.74
C LYS TF 254 -107.73 89.40 74.30
N THR TF 255 -108.25 89.10 73.12
CA THR TF 255 -109.34 89.87 72.54
C THR TF 255 -110.51 88.96 72.19
N HIS TF 256 -111.69 89.33 72.65
CA HIS TF 256 -112.93 88.66 72.31
C HIS TF 256 -113.57 89.35 71.10
N ASP TF 257 -114.84 89.04 70.85
CA ASP TF 257 -115.52 89.46 69.63
C ASP TF 257 -115.70 90.98 69.57
N LYS TF 258 -115.45 91.53 68.37
CA LYS TF 258 -115.55 92.96 68.06
C LYS TF 258 -114.67 93.80 68.97
N SER TF 259 -113.37 93.58 68.85
CA SER TF 259 -112.38 94.30 69.65
C SER TF 259 -111.14 94.57 68.80
N VAL TF 260 -110.66 95.80 68.84
CA VAL TF 260 -109.56 96.25 68.01
C VAL TF 260 -108.43 96.73 68.91
N ALA TF 261 -107.23 96.23 68.68
CA ALA TF 261 -106.07 96.61 69.48
C ALA TF 261 -104.88 96.86 68.57
N GLU TF 262 -104.12 97.90 68.90
CA GLU TF 262 -102.88 98.24 68.21
C GLU TF 262 -101.73 98.13 69.19
N ILE TF 263 -100.67 97.43 68.77
CA ILE TF 263 -99.56 97.03 69.62
C ILE TF 263 -98.27 97.52 69.01
N SER TF 264 -97.26 97.72 69.86
CA SER TF 264 -95.91 98.07 69.43
C SER TF 264 -94.89 97.25 70.22
N ALA TF 265 -95.09 95.93 70.28
CA ALA TF 265 -94.21 95.06 71.04
C ALA TF 265 -92.83 94.96 70.37
N VAL TF 266 -91.79 94.87 71.19
CA VAL TF 266 -90.43 94.94 70.69
C VAL TF 266 -89.72 93.60 70.89
N ASN TF 267 -90.03 92.92 72.01
CA ASN TF 267 -89.26 91.73 72.38
C ASN TF 267 -90.08 90.46 72.34
N HIS TF 268 -91.18 90.39 73.12
CA HIS TF 268 -91.89 89.14 73.33
C HIS TF 268 -93.38 89.39 73.26
N GLN TF 269 -94.06 88.70 72.34
CA GLN TF 269 -95.46 88.98 72.04
C GLN TF 269 -96.28 87.71 72.11
N SER TF 270 -97.31 87.73 72.94
CA SER TF 270 -98.28 86.66 73.07
C SER TF 270 -99.65 87.22 72.71
N SER TF 271 -100.28 86.65 71.69
CA SER TF 271 -101.50 87.23 71.14
C SER TF 271 -102.57 86.17 70.94
N LEU TF 272 -103.77 86.44 71.43
CA LEU TF 272 -104.90 85.52 71.28
C LEU TF 272 -106.15 86.30 70.94
N ALA TF 273 -106.83 85.88 69.89
CA ALA TF 273 -108.06 86.52 69.43
C ALA TF 273 -109.12 85.44 69.22
N THR TF 274 -110.38 85.77 69.50
CA THR TF 274 -111.42 84.75 69.38
C THR TF 274 -112.08 84.77 68.00
N ASP TF 275 -112.76 85.85 67.66
CA ASP TF 275 -113.53 85.92 66.41
C ASP TF 275 -113.78 87.38 66.08
N ALA TF 276 -113.41 87.77 64.85
CA ALA TF 276 -113.49 89.15 64.35
C ALA TF 276 -112.76 90.13 65.27
N SER TF 277 -111.68 89.67 65.89
CA SER TF 277 -110.91 90.45 66.83
C SER TF 277 -109.60 90.81 66.15
N ASP TF 278 -109.35 92.10 66.01
CA ASP TF 278 -108.24 92.57 65.19
C ASP TF 278 -107.11 93.06 66.08
N ILE TF 279 -105.92 92.52 65.86
CA ILE TF 279 -104.72 92.85 66.61
C ILE TF 279 -103.68 93.27 65.59
N TYR TF 280 -103.17 94.49 65.72
CA TYR TF 280 -102.28 95.08 64.72
C TYR TF 280 -100.96 95.45 65.38
N TYR TF 281 -99.93 94.65 65.16
CA TYR TF 281 -98.62 94.91 65.75
C TYR TF 281 -97.78 95.70 64.76
N TYR TF 282 -97.31 96.88 65.17
CA TYR TF 282 -96.65 97.80 64.25
C TYR TF 282 -95.14 97.74 64.37
N ASN TF 283 -94.61 96.74 65.05
CA ASN TF 283 -93.16 96.58 65.13
C ASN TF 283 -92.86 95.09 65.04
N LEU TF 284 -91.73 94.76 64.40
CA LEU TF 284 -91.28 93.39 64.29
C LEU TF 284 -90.61 93.00 65.61
N SER TF 285 -91.31 92.21 66.41
CA SER TF 285 -90.77 91.76 67.68
C SER TF 285 -89.75 90.65 67.47
N LYS TF 286 -88.93 90.42 68.49
CA LYS TF 286 -87.95 89.35 68.42
C LYS TF 286 -88.62 87.98 68.50
N THR TF 287 -89.69 87.87 69.29
CA THR TF 287 -90.45 86.64 69.39
C THR TF 287 -91.92 87.00 69.36
N ARG TF 288 -92.66 86.39 68.44
CA ARG TF 288 -94.07 86.69 68.25
C ARG TF 288 -94.84 85.39 68.10
N ALA TF 289 -95.95 85.26 68.82
CA ALA TF 289 -96.84 84.13 68.55
C ALA TF 289 -98.28 84.55 68.75
N ASP TF 290 -99.10 84.21 67.76
CA ASP TF 290 -100.48 84.66 67.67
C ASP TF 290 -101.39 83.47 67.38
N PHE TF 291 -102.61 83.52 67.90
CA PHE TF 291 -103.59 82.48 67.67
C PHE TF 291 -104.97 83.07 67.50
N MET TF 292 -105.74 82.53 66.56
CA MET TF 292 -107.11 82.93 66.30
C MET TF 292 -108.02 81.73 66.49
N ALA TF 293 -109.13 81.93 67.22
CA ALA TF 293 -110.02 80.83 67.57
C ALA TF 293 -111.01 80.54 66.45
N PHE TF 294 -111.85 81.53 66.12
CA PHE TF 294 -112.79 81.39 65.02
C PHE TF 294 -112.44 82.33 63.88
N ASN TF 295 -112.46 83.64 64.13
CA ASN TF 295 -112.26 84.63 63.08
C ASN TF 295 -111.32 85.75 63.51
N GLY TF 296 -110.44 85.49 64.48
CA GLY TF 296 -109.49 86.50 64.89
C GLY TF 296 -108.44 86.75 63.83
N SER TF 297 -107.76 87.89 63.97
CA SER TF 297 -106.80 88.31 62.96
C SER TF 297 -105.71 89.13 63.60
N VAL TF 298 -104.46 88.77 63.32
CA VAL TF 298 -103.30 89.52 63.77
C VAL TF 298 -102.48 89.90 62.56
N LEU TF 299 -102.24 91.19 62.37
CA LEU TF 299 -101.60 91.69 61.18
C LEU TF 299 -100.54 92.72 61.55
N ASP TF 300 -99.60 92.89 60.62
CA ASP TF 300 -98.44 93.76 60.81
C ASP TF 300 -98.72 95.20 60.38
N MET TF 301 -99.20 95.37 59.15
CA MET TF 301 -99.34 96.64 58.41
C MET TF 301 -98.17 97.60 58.68
N ARG TF 302 -96.97 97.12 58.37
CA ARG TF 302 -95.85 98.03 58.23
C ARG TF 302 -96.02 98.86 56.97
N GLU TF 303 -95.29 99.97 56.93
CA GLU TF 303 -95.46 100.93 55.83
C GLU TF 303 -94.90 100.43 54.52
N TRP TF 304 -94.05 99.39 54.53
CA TRP TF 304 -93.45 98.73 53.37
C TRP TF 304 -92.56 99.66 52.54
N GLY TF 305 -92.22 100.82 53.05
CA GLY TF 305 -91.50 101.81 52.27
C GLY TF 305 -90.40 102.42 53.09
N GLN TF 306 -90.12 101.78 54.23
CA GLN TF 306 -89.02 102.22 55.07
C GLN TF 306 -87.70 101.91 54.40
N SER TF 307 -86.84 102.93 54.32
CA SER TF 307 -85.53 102.76 53.70
C SER TF 307 -84.58 101.94 54.57
N ASP TF 308 -84.92 101.73 55.83
CA ASP TF 308 -84.12 100.97 56.76
C ASP TF 308 -84.90 99.81 57.36
N LEU TF 309 -85.84 99.25 56.60
CA LEU TF 309 -86.69 98.19 57.11
C LEU TF 309 -85.93 96.87 57.18
N LYS TF 310 -86.15 96.13 58.25
CA LYS TF 310 -85.51 94.84 58.47
C LYS TF 310 -86.56 93.74 58.52
N ASP TF 311 -86.17 92.56 58.08
CA ASP TF 311 -87.05 91.41 57.99
C ASP TF 311 -86.84 90.49 59.18
N PHE TF 312 -87.75 89.54 59.36
CA PHE TF 312 -87.68 88.57 60.43
C PHE TF 312 -86.56 87.57 60.19
N ASP TF 313 -86.17 86.88 61.24
CA ASP TF 313 -85.04 85.97 61.24
C ASP TF 313 -85.53 84.56 61.54
N ARG TF 314 -84.58 83.65 61.73
CA ARG TF 314 -84.87 82.23 61.93
C ARG TF 314 -85.74 82.00 63.16
N TYR TF 315 -85.43 82.69 64.25
CA TYR TF 315 -86.28 82.62 65.42
C TYR TF 315 -87.59 83.35 65.22
N ASN TF 316 -87.60 84.40 64.41
CA ASN TF 316 -88.77 85.24 64.26
C ASN TF 316 -89.66 84.85 63.10
N LYS TF 317 -89.27 83.87 62.29
CA LYS TF 317 -90.04 83.49 61.12
C LYS TF 317 -91.21 82.62 61.54
N GLN TF 318 -92.20 83.27 62.15
CA GLN TF 318 -93.40 82.58 62.60
C GLN TF 318 -94.48 82.69 61.54
N PHE TF 319 -95.01 81.56 61.13
CA PHE TF 319 -95.97 81.50 60.05
C PHE TF 319 -97.36 81.28 60.61
N PRO TF 320 -98.32 82.18 60.33
CA PRO TF 320 -99.68 82.06 60.83
C PRO TF 320 -100.46 80.92 60.19
N ASP UF 39 -97.23 52.30 28.51
CA ASP UF 39 -97.07 52.23 27.07
C ASP UF 39 -98.15 53.05 26.36
N GLY UF 40 -99.31 53.18 27.00
CA GLY UF 40 -100.38 53.97 26.45
C GLY UF 40 -100.12 55.44 26.71
N CYS UF 41 -99.57 56.13 25.71
CA CYS UF 41 -99.05 57.47 25.93
C CYS UF 41 -100.18 58.51 25.89
N CYS UF 42 -100.86 58.60 24.76
CA CYS UF 42 -102.04 59.46 24.68
C CYS UF 42 -103.31 58.66 24.93
N SER UF 43 -103.32 57.92 26.03
CA SER UF 43 -104.48 57.15 26.44
C SER UF 43 -105.59 58.08 26.91
N LYS UF 44 -106.83 57.73 26.58
CA LYS UF 44 -108.03 58.55 26.81
C LYS UF 44 -107.90 59.93 26.20
N MET UF 45 -107.21 60.00 25.06
CA MET UF 45 -106.90 61.25 24.40
C MET UF 45 -107.06 61.03 22.90
N GLY UF 46 -106.53 61.97 22.11
CA GLY UF 46 -106.68 61.87 20.67
C GLY UF 46 -105.82 60.80 20.03
N GLY UF 47 -104.81 60.32 20.73
CA GLY UF 47 -103.86 59.39 20.16
C GLY UF 47 -102.62 60.09 19.66
N ILE UF 48 -101.65 59.28 19.23
CA ILE UF 48 -100.33 59.81 18.88
C ILE UF 48 -100.41 60.56 17.56
N ASN UF 49 -99.95 61.81 17.56
CA ASN UF 49 -99.81 62.52 16.30
C ASN UF 49 -98.48 62.19 15.63
N TYR UF 50 -97.37 62.55 16.29
CA TYR UF 50 -96.02 62.28 15.77
C TYR UF 50 -95.03 62.45 16.91
N CYS UF 51 -93.79 62.08 16.64
CA CYS UF 51 -92.69 62.27 17.58
C CYS UF 51 -91.94 63.53 17.20
N ASP UF 52 -92.04 64.56 18.02
CA ASP UF 52 -91.22 65.74 17.83
C ASP UF 52 -89.87 65.50 18.46
N SER UF 53 -88.82 65.54 17.64
CA SER UF 53 -87.46 65.34 18.12
C SER UF 53 -86.82 66.62 18.65
N SER UF 54 -87.46 67.77 18.45
CA SER UF 54 -86.96 68.99 19.09
C SER UF 54 -87.20 68.93 20.59
N ALA UF 55 -88.24 68.23 21.02
CA ALA UF 55 -88.47 67.97 22.43
C ALA UF 55 -88.28 66.51 22.80
N GLY UF 56 -88.13 65.62 21.82
CA GLY UF 56 -88.04 64.20 22.12
C GLY UF 56 -89.32 63.61 22.66
N ARG UF 57 -90.46 64.20 22.31
CA ARG UF 57 -91.72 63.86 22.93
C ARG UF 57 -92.75 63.49 21.87
N LEU UF 58 -93.61 62.54 22.23
CA LEU UF 58 -94.77 62.26 21.41
C LEU UF 58 -95.79 63.37 21.56
N VAL UF 59 -96.60 63.56 20.53
CA VAL UF 59 -97.64 64.57 20.51
C VAL UF 59 -98.99 63.88 20.47
N CYS UF 60 -99.84 64.19 21.43
CA CYS UF 60 -101.21 63.71 21.37
C CYS UF 60 -101.96 64.46 20.28
N ASN UF 61 -103.00 63.81 19.72
CA ASN UF 61 -103.77 64.44 18.66
C ASN UF 61 -104.57 65.63 19.18
N ASN UF 62 -105.07 65.52 20.42
CA ASN UF 62 -105.40 66.72 21.15
C ASN UF 62 -104.10 67.43 21.52
N GLY UF 63 -104.01 68.71 21.26
CA GLY UF 63 -102.72 69.39 21.20
C GLY UF 63 -101.99 69.59 22.51
N PHE UF 64 -101.68 68.49 23.20
CA PHE UF 64 -101.01 68.55 24.49
C PHE UF 64 -99.84 67.59 24.48
N TYR UF 65 -98.80 67.95 25.22
CA TYR UF 65 -97.57 67.16 25.23
C TYR UF 65 -97.78 65.88 26.01
N SER UF 66 -97.50 64.74 25.37
CA SER UF 66 -97.61 63.47 26.04
C SER UF 66 -96.44 63.27 27.00
N THR UF 67 -96.63 62.35 27.93
CA THR UF 67 -95.61 62.07 28.92
C THR UF 67 -94.58 61.06 28.45
N CYS UF 68 -94.79 60.42 27.31
CA CYS UF 68 -93.82 59.48 26.80
C CYS UF 68 -92.65 60.21 26.16
N TYR UF 69 -91.59 59.45 25.91
CA TYR UF 69 -90.38 59.95 25.27
C TYR UF 69 -90.15 59.19 23.98
N CYS UF 70 -89.52 59.85 23.01
CA CYS UF 70 -89.22 59.17 21.75
C CYS UF 70 -87.83 59.51 21.21
N THR UF 71 -86.98 60.18 21.98
CA THR UF 71 -85.61 60.45 21.57
C THR UF 71 -84.74 60.41 22.81
N ARG UF 72 -83.57 59.75 22.70
CA ARG UF 72 -82.62 59.75 23.80
C ARG UF 72 -82.01 61.12 24.05
N HIS UF 73 -82.03 62.01 23.07
CA HIS UF 73 -81.48 63.35 23.23
C HIS UF 73 -82.51 64.32 23.79
N ALA UF 74 -83.11 63.97 24.92
CA ALA UF 74 -84.13 64.79 25.56
C ALA UF 74 -83.79 64.95 27.03
N VAL UF 75 -84.52 65.84 27.69
CA VAL UF 75 -84.24 66.16 29.09
C VAL UF 75 -84.68 65.01 29.98
N MET UF 76 -83.73 64.16 30.35
CA MET UF 76 -84.01 63.03 31.22
C MET UF 76 -83.47 63.31 32.60
N ASP UF 77 -84.28 63.04 33.61
CA ASP UF 77 -83.90 63.27 35.00
C ASP UF 77 -83.30 61.98 35.54
N LEU UF 78 -82.00 61.81 35.31
CA LEU UF 78 -81.28 60.64 35.79
C LEU UF 78 -80.34 61.05 36.92
N GLN UF 79 -80.46 60.38 38.06
CA GLN UF 79 -79.66 60.69 39.23
C GLN UF 79 -78.88 59.51 39.78
N PHE UF 80 -79.28 58.27 39.47
CA PHE UF 80 -78.63 57.09 40.00
C PHE UF 80 -78.19 56.18 38.86
N LEU UF 81 -76.94 55.74 38.91
CA LEU UF 81 -76.36 54.90 37.86
C LEU UF 81 -75.56 53.77 38.49
N MET UF 82 -74.95 52.96 37.63
CA MET UF 82 -74.06 51.88 38.02
C MET UF 82 -72.83 51.88 37.10
N GLY UF 83 -71.88 51.02 37.42
CA GLY UF 83 -70.67 50.89 36.63
C GLY UF 83 -69.40 51.11 37.41
N CYS UF 84 -68.32 50.45 37.01
CA CYS UF 84 -67.04 50.59 37.70
C CYS UF 84 -66.29 51.82 37.19
N CYS UF 85 -65.34 52.28 38.02
CA CYS UF 85 -64.45 53.40 37.72
C CYS UF 85 -65.22 54.68 37.42
N LEU UF 86 -66.32 54.89 38.14
CA LEU UF 86 -67.02 56.15 38.05
C LEU UF 86 -66.18 57.26 38.67
N TRP UF 87 -66.18 58.42 38.00
CA TRP UF 87 -65.26 59.54 38.28
C TRP UF 87 -63.82 59.08 38.28
N HIS UF 88 -63.48 58.23 37.32
CA HIS UF 88 -62.13 57.72 37.13
C HIS UF 88 -61.89 57.52 35.65
N GLY UF 89 -60.85 56.79 35.31
CA GLY UF 89 -60.49 56.62 33.92
C GLY UF 89 -61.30 55.63 33.13
N GLY UF 90 -62.27 54.98 33.74
CA GLY UF 90 -63.02 53.94 33.07
C GLY UF 90 -62.33 52.60 33.21
N VAL UF 91 -62.76 51.66 32.39
CA VAL UF 91 -62.17 50.33 32.40
C VAL UF 91 -60.88 50.37 31.59
N TYR UF 92 -59.78 49.99 32.22
CA TYR UF 92 -58.50 49.94 31.53
C TYR UF 92 -58.49 48.80 30.52
N PRO UF 93 -57.94 49.01 29.33
CA PRO UF 93 -58.02 47.99 28.28
C PRO UF 93 -57.13 46.77 28.49
N GLN UF 94 -56.27 46.77 29.49
CA GLN UF 94 -55.40 45.61 29.70
C GLN UF 94 -56.21 44.44 30.26
N LEU UF 95 -55.98 43.25 29.70
CA LEU UF 95 -56.62 42.03 30.17
C LEU UF 95 -55.79 41.47 31.31
N ASN UF 96 -56.15 41.83 32.54
CA ASN UF 96 -55.45 41.32 33.72
C ASN UF 96 -55.89 39.87 33.97
N SER UF 97 -54.91 38.97 34.04
CA SER UF 97 -55.22 37.56 34.26
C SER UF 97 -55.71 37.30 35.68
N SER UF 98 -55.27 38.13 36.62
CA SER UF 98 -55.71 38.04 38.00
C SER UF 98 -57.02 38.82 38.17
N GLY UF 99 -57.45 39.00 39.41
CA GLY UF 99 -58.66 39.74 39.72
C GLY UF 99 -58.46 41.23 39.92
N LEU UF 100 -57.26 41.74 39.67
CA LEU UF 100 -56.98 43.16 39.88
C LEU UF 100 -57.53 43.96 38.71
N VAL UF 101 -58.42 44.91 39.01
CA VAL UF 101 -58.98 45.82 38.02
C VAL UF 101 -58.59 47.24 38.40
N VAL UF 102 -58.00 47.96 37.46
CA VAL UF 102 -57.48 49.29 37.70
C VAL UF 102 -58.15 50.25 36.72
N CYS UF 103 -58.48 51.45 37.19
CA CYS UF 103 -59.01 52.46 36.30
C CYS UF 103 -57.85 53.14 35.57
N ASN UF 104 -58.20 53.84 34.49
CA ASN UF 104 -57.18 54.41 33.61
C ASN UF 104 -56.45 55.61 34.22
N ASP UF 105 -56.95 56.18 35.31
CA ASP UF 105 -56.18 57.14 36.07
C ASP UF 105 -55.35 56.49 37.16
N GLY UF 106 -55.21 55.16 37.13
CA GLY UF 106 -54.40 54.44 38.08
C GLY UF 106 -55.13 53.96 39.32
N TYR UF 107 -56.37 54.39 39.52
CA TYR UF 107 -57.11 54.02 40.71
C TYR UF 107 -57.63 52.60 40.59
N VAL UF 108 -57.77 51.93 41.73
CA VAL UF 108 -58.20 50.55 41.78
C VAL UF 108 -59.50 50.45 42.56
N SER UF 109 -60.44 49.68 42.03
CA SER UF 109 -61.75 49.51 42.64
C SER UF 109 -61.81 48.18 43.37
N GLU UF 110 -62.05 48.24 44.68
CA GLU UF 110 -62.17 47.01 45.47
C GLU UF 110 -63.50 46.33 45.20
N GLU UF 111 -64.56 47.11 44.99
CA GLU UF 111 -65.88 46.55 44.79
C GLU UF 111 -66.03 45.84 43.45
N CYS UF 112 -65.19 46.16 42.48
CA CYS UF 112 -65.23 45.47 41.19
C CYS UF 112 -64.12 44.44 41.06
N SER UF 113 -63.34 44.20 42.11
CA SER UF 113 -62.24 43.26 42.05
C SER UF 113 -62.61 41.95 42.73
N LEU UF 114 -61.81 40.92 42.45
CA LEU UF 114 -62.01 39.60 43.02
C LEU UF 114 -61.37 39.57 44.40
N GLN UF 115 -62.19 39.70 45.43
CA GLN UF 115 -61.67 39.73 46.79
C GLN UF 115 -61.31 38.32 47.25
N LYS UF 116 -60.50 38.26 48.30
CA LYS UF 116 -60.06 36.99 48.86
C LYS UF 116 -60.98 36.61 50.01
N UNK VF 1 -95.25 83.86 34.76
CA UNK VF 1 -95.67 85.00 33.95
C UNK VF 1 -96.63 85.89 34.73
N UNK VF 2 -97.32 85.28 35.70
CA UNK VF 2 -98.30 85.92 36.58
C UNK VF 2 -99.43 86.59 35.80
N UNK VF 3 -99.83 85.98 34.68
CA UNK VF 3 -100.91 86.51 33.85
C UNK VF 3 -101.46 85.37 33.00
N UNK VF 4 -102.75 85.09 33.15
CA UNK VF 4 -103.37 84.05 32.34
C UNK VF 4 -103.82 84.59 30.98
N UNK VF 5 -104.54 85.69 30.97
CA UNK VF 5 -105.05 86.28 29.74
C UNK VF 5 -104.57 87.73 29.62
N UNK VF 6 -104.00 88.06 28.48
CA UNK VF 6 -103.56 89.43 28.22
C UNK VF 6 -104.76 90.31 27.91
N UNK VF 7 -104.75 91.53 28.42
CA UNK VF 7 -105.82 92.46 28.14
C UNK VF 7 -105.57 93.19 26.82
N UNK VF 8 -106.45 94.14 26.52
CA UNK VF 8 -106.31 95.01 25.35
C UNK VF 8 -107.05 96.32 25.67
N UNK VF 9 -106.28 97.37 25.97
CA UNK VF 9 -106.77 98.71 26.33
C UNK VF 9 -107.75 98.70 27.50
N UNK WF 1 52.66 70.39 79.17
CA UNK WF 1 51.86 69.79 78.11
C UNK WF 1 50.94 70.82 77.46
N UNK WF 2 50.20 70.39 76.43
CA UNK WF 2 49.31 71.28 75.70
C UNK WF 2 48.08 71.54 76.56
N UNK WF 3 48.16 72.57 77.38
CA UNK WF 3 47.09 72.95 78.29
C UNK WF 3 46.18 73.99 77.64
N UNK WF 4 45.19 74.44 78.41
CA UNK WF 4 44.18 75.37 77.93
C UNK WF 4 44.37 76.80 78.43
N UNK WF 5 45.46 77.10 79.13
CA UNK WF 5 45.66 78.47 79.62
C UNK WF 5 45.99 79.43 78.49
N UNK WF 6 46.84 79.00 77.55
CA UNK WF 6 47.09 79.79 76.36
C UNK WF 6 45.84 79.87 75.47
N UNK WF 7 45.01 78.83 75.50
CA UNK WF 7 43.73 78.87 74.80
C UNK WF 7 42.80 79.91 75.42
N UNK WF 8 42.81 80.02 76.75
CA UNK WF 8 42.04 81.05 77.43
C UNK WF 8 42.57 82.44 77.13
N UNK WF 9 43.90 82.57 77.03
CA UNK WF 9 44.50 83.85 76.64
C UNK WF 9 44.10 84.24 75.21
N UNK WF 10 44.11 83.27 74.30
CA UNK WF 10 43.68 83.53 72.93
C UNK WF 10 42.18 83.83 72.85
N UNK WF 11 41.38 83.19 73.72
CA UNK WF 11 39.95 83.50 73.78
C UNK WF 11 39.71 84.91 74.30
N UNK WF 12 40.51 85.35 75.29
CA UNK WF 12 40.42 86.72 75.77
C UNK WF 12 40.88 87.71 74.71
N UNK WF 13 41.85 87.33 73.88
CA UNK WF 13 42.26 88.17 72.77
C UNK WF 13 41.18 88.26 71.69
N UNK WF 14 40.50 87.14 71.42
CA UNK WF 14 39.50 87.09 70.35
C UNK WF 14 38.12 87.51 70.79
N UNK WF 15 37.89 87.73 72.09
CA UNK WF 15 36.58 88.16 72.55
C UNK WF 15 36.23 89.56 72.10
N UNK WF 16 37.24 90.43 71.93
CA UNK WF 16 37.04 91.80 71.47
C UNK WF 16 37.60 91.90 70.06
N UNK WF 17 36.70 91.84 69.06
CA UNK WF 17 37.12 92.02 67.68
C UNK WF 17 37.54 93.46 67.42
N UNK WF 18 36.69 94.42 67.84
CA UNK WF 18 36.98 95.86 67.92
C UNK WF 18 37.30 96.55 66.61
N UNK WF 19 37.24 95.82 65.48
CA UNK WF 19 37.54 96.40 64.17
C UNK WF 19 36.82 95.54 63.13
N UNK WF 20 35.66 96.02 62.68
CA UNK WF 20 34.89 95.31 61.67
C UNK WF 20 34.02 96.32 60.95
N UNK WF 21 34.04 96.26 59.61
CA UNK WF 21 33.28 97.19 58.78
C UNK WF 21 32.52 96.41 57.73
N UNK WF 22 31.22 96.68 57.62
CA UNK WF 22 30.40 96.10 56.57
C UNK WF 22 30.10 97.16 55.52
N UNK WF 23 29.83 96.71 54.30
CA UNK WF 23 29.52 97.60 53.19
C UNK WF 23 28.16 97.19 52.61
N UNK WF 24 27.50 98.15 51.97
CA UNK WF 24 26.21 97.91 51.34
C UNK WF 24 26.21 98.55 49.96
N UNK WF 25 25.21 98.20 49.16
CA UNK WF 25 25.13 98.61 47.77
C UNK WF 25 23.74 99.13 47.46
N UNK WF 26 23.68 99.97 46.43
CA UNK WF 26 22.41 100.56 45.99
C UNK WF 26 21.78 99.65 44.93
N UNK WF 27 20.72 100.15 44.28
CA UNK WF 27 20.08 99.39 43.21
C UNK WF 27 20.96 99.28 41.98
N UNK WF 28 21.81 100.29 41.74
CA UNK WF 28 22.87 100.21 40.75
C UNK WF 28 24.20 99.83 41.37
N UNK WF 29 24.17 99.28 42.59
CA UNK WF 29 25.33 98.76 43.33
C UNK WF 29 26.38 99.84 43.58
N UNK WF 30 25.96 100.92 44.24
CA UNK WF 30 26.89 101.92 44.75
C UNK WF 30 27.43 101.45 46.09
N UNK WF 31 28.71 101.06 46.13
CA UNK WF 31 29.29 100.43 47.31
C UNK WF 31 29.42 101.44 48.44
N UNK WF 32 28.51 101.35 49.40
CA UNK WF 32 28.51 102.25 50.56
C UNK WF 32 29.25 101.54 51.68
N UNK WF 33 30.56 101.79 51.75
CA UNK WF 33 31.42 101.21 52.78
C UNK WF 33 31.70 102.28 53.82
N UNK WF 34 31.36 101.99 55.08
CA UNK WF 34 31.56 102.94 56.16
C UNK WF 34 32.92 102.72 56.79
N UNK WF 35 33.24 103.54 57.79
CA UNK WF 35 34.46 103.36 58.56
C UNK WF 35 34.31 102.16 59.48
N UNK WF 36 35.45 101.69 60.00
CA UNK WF 36 35.45 100.54 60.89
C UNK WF 36 34.80 100.90 62.22
N UNK WF 37 33.85 100.08 62.64
CA UNK WF 37 33.10 100.28 63.87
C UNK WF 37 33.16 99.02 64.72
N UNK WF 38 32.51 99.10 65.89
CA UNK WF 38 32.44 98.04 66.91
C UNK WF 38 33.81 97.52 67.34
N UNK WF 39 18.02 92.63 49.11
CA UNK WF 39 19.45 92.39 49.01
C UNK WF 39 20.22 93.70 48.92
N UNK WF 40 19.69 94.74 49.57
CA UNK WF 40 20.34 96.04 49.55
C UNK WF 40 21.59 96.06 50.43
N UNK WF 41 21.51 95.41 51.60
CA UNK WF 41 22.62 95.38 52.54
C UNK WF 41 23.47 94.15 52.27
N UNK WF 42 24.71 94.37 51.86
CA UNK WF 42 25.61 93.26 51.56
C UNK WF 42 26.16 92.73 52.88
N UNK WF 43 25.56 91.63 53.35
CA UNK WF 43 26.01 91.04 54.61
C UNK WF 43 27.37 90.37 54.47
N UNK WF 44 27.70 89.91 53.27
CA UNK WF 44 28.98 89.26 53.03
C UNK WF 44 30.12 90.25 52.83
N UNK WF 45 29.81 91.55 52.81
CA UNK WF 45 30.84 92.57 52.61
C UNK WF 45 31.55 92.96 53.90
N UNK WF 46 31.21 92.33 55.03
CA UNK WF 46 31.86 92.63 56.29
C UNK WF 46 33.30 92.12 56.29
N UNK WF 47 34.20 92.95 56.80
CA UNK WF 47 35.62 92.63 56.89
C UNK WF 47 36.13 93.01 58.26
N UNK WF 48 36.96 92.15 58.84
CA UNK WF 48 37.51 92.39 60.17
C UNK WF 48 38.99 92.05 60.23
N LYS XF 24 -110.13 66.23 56.31
CA LYS XF 24 -109.91 65.87 57.71
C LYS XF 24 -108.49 65.42 57.95
N PHE XF 25 -107.74 65.22 56.86
CA PHE XF 25 -106.39 64.68 56.93
C PHE XF 25 -105.41 65.69 56.36
N LYS XF 26 -104.44 66.10 57.17
CA LYS XF 26 -103.35 66.96 56.75
C LYS XF 26 -102.08 66.14 56.77
N LYS XF 27 -101.47 65.98 55.60
CA LYS XF 27 -100.31 65.11 55.50
C LYS XF 27 -99.07 65.80 56.05
N PRO XF 28 -98.12 65.03 56.59
CA PRO XF 28 -96.84 65.61 56.98
C PRO XF 28 -96.03 65.98 55.75
N PRO XF 29 -95.06 66.87 55.88
CA PRO XF 29 -94.20 67.20 54.73
C PRO XF 29 -93.33 66.03 54.30
N ILE XF 30 -92.93 66.08 53.04
CA ILE XF 30 -92.28 64.92 52.41
C ILE XF 30 -90.89 64.70 52.97
N ASN XF 31 -90.07 65.75 53.01
CA ASN XF 31 -88.68 65.60 53.45
C ASN XF 31 -88.54 65.90 54.94
N ASN XF 32 -89.36 65.24 55.74
CA ASN XF 32 -89.22 65.36 57.19
C ASN XF 32 -87.99 64.59 57.64
N PRO XF 33 -87.06 65.21 58.33
CA PRO XF 33 -85.91 64.47 58.85
C PRO XF 33 -86.30 63.62 60.03
N SER XF 34 -86.91 62.47 59.76
CA SER XF 34 -87.44 61.60 60.81
C SER XF 34 -86.39 60.68 61.42
N ASP XF 35 -85.11 60.95 61.17
CA ASP XF 35 -84.02 60.22 61.82
C ASP XF 35 -83.09 61.23 62.47
N ASP XF 36 -82.56 60.85 63.63
CA ASP XF 36 -81.74 61.75 64.43
C ASP XF 36 -80.43 62.10 63.74
N ALA XF 37 -79.85 61.14 63.00
CA ALA XF 37 -78.67 61.42 62.22
C ALA XF 37 -78.96 62.43 61.12
N THR XF 38 -80.14 62.31 60.49
CA THR XF 38 -80.54 63.29 59.49
C THR XF 38 -80.78 64.65 60.12
N ILE XF 39 -81.30 64.67 61.35
CA ILE XF 39 -81.50 65.91 62.10
C ILE XF 39 -80.16 66.59 62.35
N LYS XF 40 -79.18 65.80 62.80
CA LYS XF 40 -77.85 66.32 63.08
C LYS XF 40 -77.17 66.81 61.81
N LEU XF 41 -77.34 66.08 60.71
CA LEU XF 41 -76.77 66.49 59.43
C LEU XF 41 -77.37 67.81 58.95
N ALA XF 42 -78.69 67.95 59.09
CA ALA XF 42 -79.36 69.17 58.65
C ALA XF 42 -78.94 70.38 59.48
N GLU XF 43 -78.86 70.22 60.81
CA GLU XF 43 -78.47 71.36 61.62
C GLU XF 43 -76.99 71.70 61.45
N ALA XF 44 -76.15 70.68 61.19
CA ALA XF 44 -74.75 70.96 60.90
C ALA XF 44 -74.60 71.70 59.59
N ALA XF 45 -75.39 71.33 58.58
CA ALA XF 45 -75.36 72.03 57.30
C ALA XF 45 -75.83 73.47 57.44
N VAL XF 46 -76.88 73.68 58.25
CA VAL XF 46 -77.39 75.03 58.49
C VAL XF 46 -76.32 75.87 59.19
N SER XF 47 -75.66 75.30 60.19
CA SER XF 47 -74.65 76.03 60.94
C SER XF 47 -73.45 76.38 60.07
N VAL XF 48 -72.99 75.44 59.25
CA VAL XF 48 -71.80 75.72 58.45
C VAL XF 48 -72.14 76.67 57.31
N SER XF 49 -73.38 76.64 56.80
CA SER XF 49 -73.79 77.61 55.79
C SER XF 49 -73.85 79.00 56.38
N ASP XF 50 -74.34 79.11 57.62
CA ASP XF 50 -74.34 80.39 58.32
C ASP XF 50 -72.93 80.89 58.56
N SER XF 51 -72.02 79.98 58.91
CA SER XF 51 -70.64 80.36 59.17
C SER XF 51 -69.95 80.87 57.90
N MET XF 52 -70.20 80.19 56.77
CA MET XF 52 -69.64 80.66 55.50
C MET XF 52 -70.27 81.97 55.07
N LEU XF 53 -71.56 82.17 55.37
CA LEU XF 53 -72.21 83.44 55.09
C LEU XF 53 -71.57 84.58 55.88
N GLU XF 54 -71.27 84.33 57.15
CA GLU XF 54 -70.58 85.32 57.96
C GLU XF 54 -69.18 85.60 57.44
N MET XF 55 -68.50 84.55 56.96
CA MET XF 55 -67.17 84.70 56.40
C MET XF 55 -67.19 85.60 55.16
N ALA XF 56 -68.11 85.32 54.24
CA ALA XF 56 -68.21 86.13 53.03
C ALA XF 56 -68.70 87.54 53.34
N LYS XF 57 -69.53 87.68 54.37
CA LYS XF 57 -70.04 88.98 54.78
C LYS XF 57 -68.93 89.86 55.33
N VAL XF 58 -68.09 89.29 56.20
CA VAL XF 58 -67.01 90.07 56.78
C VAL XF 58 -65.87 90.27 55.80
N GLU XF 59 -65.76 89.43 54.77
CA GLU XF 59 -64.65 89.57 53.84
C GLU XF 59 -65.00 90.37 52.59
N LYS XF 60 -66.28 90.58 52.29
CA LYS XF 60 -66.64 91.25 51.05
C LYS XF 60 -66.35 92.74 51.12
N VAL XF 61 -65.71 93.26 50.09
CA VAL XF 61 -65.43 94.69 49.96
C VAL XF 61 -66.53 95.30 49.10
N ILE XF 62 -67.19 96.33 49.63
CA ILE XF 62 -68.24 97.03 48.90
C ILE XF 62 -67.73 98.40 48.51
N THR XF 63 -68.51 99.09 47.69
CA THR XF 63 -68.20 100.44 47.27
C THR XF 63 -69.39 101.34 47.54
N PRO XF 64 -69.16 102.52 48.12
CA PRO XF 64 -70.26 103.46 48.35
C PRO XF 64 -70.63 104.16 47.07
N PRO XF 65 -71.92 104.48 46.88
CA PRO XF 65 -72.33 105.27 45.71
C PRO XF 65 -72.08 106.76 45.86
N SER XF 66 -71.48 107.20 46.97
CA SER XF 66 -71.11 108.60 47.10
C SER XF 66 -69.99 108.96 46.14
N LYS XF 67 -69.01 108.07 45.96
CA LYS XF 67 -67.85 108.37 45.14
C LYS XF 67 -67.49 107.19 44.24
N ASP XF 68 -68.48 106.41 43.82
CA ASP XF 68 -68.21 105.32 42.90
C ASP XF 68 -67.85 105.87 41.53
N ASN XF 69 -66.74 105.38 40.98
CA ASN XF 69 -66.20 105.93 39.75
C ASN XF 69 -66.91 105.28 38.58
N THR XF 70 -67.96 105.93 38.10
CA THR XF 70 -68.72 105.45 36.96
C THR XF 70 -69.38 106.65 36.28
N LEU XF 71 -69.93 106.41 35.10
CA LEU XF 71 -70.55 107.46 34.30
C LEU XF 71 -72.06 107.45 34.50
N THR XF 72 -72.61 108.61 34.80
CA THR XF 72 -74.05 108.78 34.92
C THR XF 72 -74.68 109.02 33.56
N ILE XF 73 -76.01 108.94 33.52
CA ILE XF 73 -76.76 109.14 32.29
C ILE XF 73 -77.05 110.62 32.11
N PRO XF 74 -76.60 111.24 31.00
CA PRO XF 74 -76.88 112.66 30.78
C PRO XF 74 -78.31 112.96 30.37
N ASN XF 75 -79.10 111.92 30.04
CA ASN XF 75 -80.51 111.92 29.67
C ASN XF 75 -80.95 113.02 28.72
N ALA XF 76 -80.10 113.38 27.76
CA ALA XF 76 -80.52 114.31 26.73
C ALA XF 76 -81.43 113.60 25.73
N TYR XF 77 -82.19 114.40 24.98
CA TYR XF 77 -83.16 113.85 24.03
C TYR XF 77 -82.49 113.11 22.88
N ASN XF 78 -81.31 113.58 22.46
CA ASN XF 78 -80.57 112.88 21.43
C ASN XF 78 -79.95 111.58 21.93
N LEU XF 79 -79.91 111.36 23.24
CA LEU XF 79 -79.34 110.15 23.81
C LEU XF 79 -80.37 109.07 24.06
N GLN XF 80 -81.46 109.04 23.28
CA GLN XF 80 -82.54 108.10 23.50
C GLN XF 80 -82.73 107.14 22.35
N ALA XF 81 -81.74 107.01 21.47
CA ALA XF 81 -81.87 106.12 20.33
C ALA XF 81 -81.70 104.66 20.75
N ARG XF 82 -82.32 103.77 19.99
CA ARG XF 82 -82.28 102.34 20.26
C ARG XF 82 -81.61 101.63 19.09
N ALA XF 83 -80.67 100.74 19.40
CA ALA XF 83 -79.87 100.12 18.36
C ALA XF 83 -79.35 98.78 18.83
N SER XF 84 -78.89 97.98 17.87
CA SER XF 84 -78.19 96.72 18.13
C SER XF 84 -76.76 96.87 17.62
N VAL XF 85 -75.80 96.62 18.49
CA VAL XF 85 -74.39 96.84 18.16
C VAL XF 85 -73.58 95.64 18.63
N ASP XF 86 -72.82 95.03 17.71
CA ASP XF 86 -71.80 94.05 18.04
C ASP XF 86 -70.49 94.54 17.48
N TRP XF 87 -69.54 94.85 18.36
CA TRP XF 87 -68.24 95.36 17.95
C TRP XF 87 -67.22 94.98 19.01
N SER XF 88 -66.08 94.48 18.54
CA SER XF 88 -64.92 94.29 19.39
C SER XF 88 -63.73 94.95 18.72
N GLY XF 89 -62.77 95.37 19.53
CA GLY XF 89 -61.57 95.97 19.00
C GLY XF 89 -61.32 97.34 19.58
N PRO XF 90 -60.80 98.24 18.75
CA PRO XF 90 -60.51 99.60 19.20
C PRO XF 90 -61.77 100.38 19.58
N ILE XF 91 -61.54 101.56 20.14
CA ILE XF 91 -62.53 102.29 20.90
C ILE XF 91 -62.92 103.60 20.23
N GLU XF 92 -61.94 104.29 19.65
CA GLU XF 92 -62.11 105.69 19.26
C GLU XF 92 -63.04 105.85 18.08
N GLU XF 93 -62.92 104.99 17.07
CA GLU XF 93 -63.80 105.09 15.91
C GLU XF 93 -65.23 104.72 16.27
N LEU XF 94 -65.40 103.77 17.20
CA LEU XF 94 -66.72 103.41 17.67
C LEU XF 94 -67.38 104.58 18.39
N THR XF 95 -66.63 105.24 19.27
CA THR XF 95 -67.17 106.38 19.99
C THR XF 95 -67.43 107.57 19.07
N ALA XF 96 -66.56 107.76 18.07
CA ALA XF 96 -66.75 108.85 17.11
C ALA XF 96 -68.00 108.64 16.28
N ARG XF 97 -68.25 107.40 15.85
CA ARG XF 97 -69.47 107.13 15.10
C ARG XF 97 -70.70 107.17 16.00
N ILE XF 98 -70.54 106.85 17.29
CA ILE XF 98 -71.63 107.01 18.25
C ILE XF 98 -72.01 108.47 18.38
N ALA XF 99 -71.00 109.34 18.52
CA ALA XF 99 -71.27 110.78 18.58
C ALA XF 99 -71.79 111.32 17.26
N LYS XF 100 -71.39 110.70 16.15
CA LYS XF 100 -71.93 111.05 14.84
C LYS XF 100 -73.41 110.75 14.75
N ALA XF 101 -73.82 109.56 15.21
CA ALA XF 101 -75.23 109.20 15.23
C ALA XF 101 -76.01 110.03 16.22
N ALA XF 102 -75.37 110.45 17.31
CA ALA XF 102 -76.00 111.33 18.27
C ALA XF 102 -75.97 112.79 17.86
N HIS XF 103 -75.28 113.11 16.76
CA HIS XF 103 -75.04 114.47 16.29
C HIS XF 103 -74.33 115.31 17.36
N PHE XF 104 -73.37 114.69 18.02
CA PHE XF 104 -72.50 115.37 18.98
C PHE XF 104 -71.10 115.49 18.39
N ARG XF 105 -70.42 116.58 18.75
CA ARG XF 105 -69.03 116.73 18.34
C ARG XF 105 -68.14 115.80 19.15
N PHE XF 106 -66.95 115.55 18.63
CA PHE XF 106 -66.03 114.58 19.19
C PHE XF 106 -64.71 115.25 19.53
N ARG XF 107 -64.20 114.96 20.72
CA ARG XF 107 -62.90 115.49 21.14
C ARG XF 107 -62.10 114.41 21.85
N VAL XF 108 -60.78 114.55 21.80
CA VAL XF 108 -59.87 113.61 22.46
C VAL XF 108 -58.75 114.39 23.13
N LEU XF 109 -58.50 114.08 24.40
CA LEU XF 109 -57.36 114.61 25.14
C LEU XF 109 -56.51 113.43 25.59
N GLY XF 110 -55.22 113.49 25.29
CA GLY XF 110 -54.30 112.41 25.58
C GLY XF 110 -53.80 111.77 24.29
N LYS XF 111 -53.05 110.69 24.47
CA LYS XF 111 -52.44 109.99 23.34
C LYS XF 111 -52.71 108.50 23.45
N SER XF 112 -52.88 107.86 22.30
CA SER XF 112 -53.12 106.42 22.28
C SER XF 112 -51.85 105.67 22.65
N PRO XF 113 -51.97 104.55 23.36
CA PRO XF 113 -50.79 103.76 23.73
C PRO XF 113 -50.28 102.96 22.53
N SER XF 114 -49.16 102.27 22.76
CA SER XF 114 -48.59 101.41 21.73
C SER XF 114 -49.52 100.26 21.39
N VAL XF 115 -50.06 99.61 22.41
CA VAL XF 115 -51.15 98.65 22.25
C VAL XF 115 -52.44 99.38 22.60
N PRO XF 116 -53.38 99.47 21.68
CA PRO XF 116 -54.66 100.14 21.99
C PRO XF 116 -55.50 99.30 22.95
N VAL XF 117 -56.33 99.99 23.71
CA VAL XF 117 -57.26 99.33 24.61
C VAL XF 117 -58.39 98.73 23.79
N LEU XF 118 -58.64 97.44 23.96
CA LEU XF 118 -59.60 96.71 23.16
C LEU XF 118 -60.85 96.41 23.97
N ILE XF 119 -62.01 96.61 23.36
CA ILE XF 119 -63.27 96.49 24.06
C ILE XF 119 -64.11 95.38 23.45
N SER XF 120 -65.29 95.14 24.02
CA SER XF 120 -66.14 94.04 23.59
C SER XF 120 -67.58 94.39 23.90
N ILE XF 121 -68.40 94.54 22.85
CA ILE XF 121 -69.78 94.97 22.97
C ILE XF 121 -70.63 94.06 22.11
N SER XF 122 -71.67 93.47 22.70
CA SER XF 122 -72.69 92.75 21.94
C SER XF 122 -74.03 93.00 22.60
N THR XF 123 -74.91 93.71 21.91
CA THR XF 123 -76.21 94.01 22.47
C THR XF 123 -77.23 94.21 21.36
N LYS XF 124 -78.50 94.06 21.72
CA LYS XF 124 -79.61 94.08 20.78
C LYS XF 124 -80.56 95.25 20.99
N ASP XF 125 -81.07 95.43 22.21
CA ASP XF 125 -82.07 96.47 22.48
C ASP XF 125 -81.67 97.23 23.73
N GLU XF 126 -81.16 98.44 23.53
CA GLU XF 126 -80.64 99.28 24.61
C GLU XF 126 -80.56 100.71 24.09
N SER XF 127 -79.89 101.58 24.84
CA SER XF 127 -79.68 102.96 24.41
C SER XF 127 -78.22 103.35 24.56
N LEU XF 128 -77.85 104.38 23.81
CA LEU XF 128 -76.45 104.80 23.73
C LEU XF 128 -75.91 105.35 25.04
N ALA XF 129 -76.78 105.83 25.94
CA ALA XF 129 -76.31 106.31 27.23
C ALA XF 129 -75.75 105.18 28.09
N GLU XF 130 -76.50 104.08 28.20
CA GLU XF 130 -75.96 102.95 28.92
C GLU XF 130 -74.88 102.22 28.11
N ILE XF 131 -74.87 102.38 26.78
CA ILE XF 131 -73.71 101.87 26.04
C ILE XF 131 -72.46 102.67 26.39
N LEU XF 132 -72.60 103.97 26.66
CA LEU XF 132 -71.45 104.76 27.08
C LEU XF 132 -71.06 104.42 28.51
N ARG XF 133 -72.05 104.11 29.34
CA ARG XF 133 -71.78 103.65 30.70
C ARG XF 133 -71.00 102.34 30.68
N ASP XF 134 -71.37 101.41 29.79
CA ASP XF 134 -70.62 100.18 29.64
C ASP XF 134 -69.24 100.43 29.05
N ILE XF 135 -69.11 101.44 28.19
CA ILE XF 135 -67.80 101.81 27.63
C ILE XF 135 -66.88 102.28 28.75
N ASP XF 136 -67.39 103.14 29.64
CA ASP XF 136 -66.59 103.63 30.74
C ASP XF 136 -66.27 102.54 31.75
N TYR XF 137 -67.20 101.60 31.94
CA TYR XF 137 -66.92 100.47 32.83
C TYR XF 137 -65.86 99.55 32.24
N GLN XF 138 -65.91 99.31 30.94
CA GLN XF 138 -64.93 98.43 30.31
C GLN XF 138 -63.58 99.10 30.15
N ALA XF 139 -63.54 100.44 30.08
CA ALA XF 139 -62.28 101.14 29.86
C ALA XF 139 -61.37 101.05 31.06
N GLY XF 140 -61.93 100.97 32.26
CA GLY XF 140 -61.08 100.95 33.43
C GLY XF 140 -60.52 102.33 33.73
N LYS XF 141 -59.48 102.33 34.55
CA LYS XF 141 -58.89 103.58 35.03
C LYS XF 141 -58.11 104.32 33.96
N LYS XF 142 -57.64 103.61 32.93
CA LYS XF 142 -56.74 104.20 31.96
C LYS XF 142 -57.42 105.17 31.00
N ALA XF 143 -58.74 105.10 30.89
CA ALA XF 143 -59.48 105.95 29.98
C ALA XF 143 -60.69 106.52 30.68
N SER XF 144 -61.17 107.65 30.17
CA SER XF 144 -62.33 108.33 30.73
C SER XF 144 -63.13 108.92 29.58
N ILE XF 145 -64.41 109.17 29.83
CA ILE XF 145 -65.26 109.84 28.86
C ILE XF 145 -66.12 110.86 29.59
N HIS XF 146 -66.25 112.04 29.00
CA HIS XF 146 -67.07 113.07 29.57
C HIS XF 146 -67.95 113.69 28.50
N VAL XF 147 -69.06 114.27 28.95
CA VAL XF 147 -70.12 114.72 28.06
C VAL XF 147 -70.49 116.15 28.43
N TYR XF 148 -70.46 117.05 27.45
CA TYR XF 148 -71.05 118.36 27.63
C TYR XF 148 -72.34 118.42 26.82
N PRO XF 149 -73.50 118.47 27.48
CA PRO XF 149 -74.77 118.58 26.77
C PRO XF 149 -75.27 120.01 26.59
N ASN XF 150 -74.54 120.99 27.11
CA ASN XF 150 -74.82 122.38 26.78
C ASN XF 150 -74.26 122.71 25.39
N SER XF 151 -72.96 122.60 25.23
CA SER XF 151 -72.30 122.59 23.93
C SER XF 151 -72.05 121.14 23.59
N GLN XF 152 -72.78 120.62 22.60
CA GLN XF 152 -72.96 119.18 22.43
C GLN XF 152 -71.70 118.47 21.99
N VAL XF 153 -70.93 117.96 22.94
CA VAL XF 153 -69.64 117.35 22.64
C VAL XF 153 -69.39 116.21 23.60
N VAL XF 154 -68.67 115.19 23.13
CA VAL XF 154 -68.20 114.09 23.95
C VAL XF 154 -66.67 114.03 23.83
N GLU XF 155 -66.00 113.98 24.96
CA GLU XF 155 -64.55 113.97 25.02
C GLU XF 155 -64.07 112.64 25.58
N LEU XF 156 -63.05 112.09 24.93
CA LEU XF 156 -62.35 110.90 25.39
C LEU XF 156 -61.00 111.30 25.99
N ARG XF 157 -60.73 110.84 27.21
CA ARG XF 157 -59.60 111.27 28.01
C ARG XF 157 -58.69 110.08 28.26
N TYR XF 158 -57.39 110.28 28.05
CA TYR XF 158 -56.41 109.26 28.39
C TYR XF 158 -55.86 109.50 29.80
N ALA XF 159 -55.21 108.47 30.33
CA ALA XF 159 -54.52 108.60 31.61
C ALA XF 159 -53.10 109.12 31.42
N LYS XF 160 -52.48 109.53 32.52
CA LYS XF 160 -51.11 110.04 32.48
C LYS XF 160 -50.21 109.30 33.46
N ILE YF 208 -69.98 112.13 72.02
CA ILE YF 208 -71.14 111.59 72.73
C ILE YF 208 -72.23 111.24 71.74
N ILE YF 209 -73.27 110.56 72.21
CA ILE YF 209 -74.36 110.13 71.35
C ILE YF 209 -75.68 110.22 72.10
N TYR YF 210 -76.77 110.27 71.33
CA TYR YF 210 -78.12 110.37 71.87
C TYR YF 210 -79.02 109.40 71.12
N TYR YF 211 -80.10 108.97 71.78
CA TYR YF 211 -81.07 108.06 71.19
C TYR YF 211 -82.47 108.46 71.61
N ILE YF 212 -83.44 108.06 70.81
CA ILE YF 212 -84.83 108.34 71.11
C ILE YF 212 -85.36 107.33 72.11
N GLN YF 213 -86.35 107.75 72.89
CA GLN YF 213 -87.01 106.92 73.88
C GLN YF 213 -88.51 106.84 73.63
N ALA YF 214 -89.16 107.98 73.40
CA ALA YF 214 -90.60 108.02 73.13
C ALA YF 214 -90.89 109.25 72.29
N VAL YF 215 -91.50 109.06 71.14
CA VAL YF 215 -91.77 110.15 70.20
C VAL YF 215 -93.27 110.21 69.95
N ILE YF 216 -93.88 111.33 70.31
CA ILE YF 216 -95.28 111.61 69.99
C ILE YF 216 -95.26 112.32 68.64
N PRO YF 217 -96.38 112.41 67.90
CA PRO YF 217 -96.41 113.34 66.76
C PRO YF 217 -96.15 114.77 67.19
N GLY YF 218 -95.00 115.30 66.78
CA GLY YF 218 -94.64 116.67 67.08
C GLY YF 218 -93.59 116.83 68.16
N ARG YF 219 -93.70 116.05 69.23
CA ARG YF 219 -92.81 116.16 70.38
C ARG YF 219 -92.16 114.82 70.67
N ALA YF 220 -90.94 114.84 71.19
CA ALA YF 220 -90.19 113.62 71.37
C ALA YF 220 -89.47 113.63 72.71
N TRP YF 221 -89.11 112.43 73.17
CA TRP YF 221 -88.34 112.24 74.38
C TRP YF 221 -87.11 111.41 74.04
N LEU YF 222 -85.97 111.77 74.62
CA LEU YF 222 -84.70 111.17 74.27
C LEU YF 222 -83.87 110.92 75.51
N ILE YF 223 -82.97 109.95 75.38
CA ILE YF 223 -81.92 109.70 76.37
C ILE YF 223 -80.58 109.93 75.68
N GLY YF 224 -79.57 110.18 76.48
CA GLY YF 224 -78.22 110.38 75.99
C GLY YF 224 -77.30 109.20 76.31
N SER YF 225 -76.05 109.34 75.83
CA SER YF 225 -75.01 108.41 76.24
C SER YF 225 -74.68 108.56 77.71
N ASN YF 226 -74.79 109.78 78.24
CA ASN YF 226 -74.59 110.06 79.64
C ASN YF 226 -75.83 109.81 80.49
N GLY YF 227 -76.92 109.34 79.89
CA GLY YF 227 -78.15 109.14 80.62
C GLY YF 227 -78.98 110.38 80.80
N SER YF 228 -78.64 111.47 80.11
CA SER YF 228 -79.38 112.71 80.21
C SER YF 228 -80.71 112.59 79.47
N THR YF 229 -81.77 113.08 80.08
CA THR YF 229 -83.09 113.09 79.47
C THR YF 229 -83.29 114.38 78.68
N LEU YF 230 -84.12 114.30 77.63
CA LEU YF 230 -84.34 115.46 76.77
C LEU YF 230 -85.74 115.38 76.18
N THR YF 231 -86.62 116.27 76.60
CA THR YF 231 -87.93 116.40 75.98
C THR YF 231 -87.90 117.60 75.04
N VAL YF 232 -88.28 117.36 73.77
CA VAL YF 232 -87.99 118.28 72.69
C VAL YF 232 -89.26 118.48 71.84
N ARG YF 233 -89.47 119.72 71.39
CA ARG YF 233 -90.52 120.04 70.43
C ARG YF 233 -90.02 119.78 69.02
N GLU YF 234 -90.71 120.35 68.03
CA GLU YF 234 -90.23 120.27 66.65
C GLU YF 234 -88.92 121.03 66.49
N GLY YF 235 -88.81 122.21 67.09
CA GLY YF 235 -87.58 122.98 66.97
C GLY YF 235 -86.98 123.36 68.30
N SER YF 236 -85.81 122.79 68.59
CA SER YF 236 -85.09 123.11 69.81
C SER YF 236 -83.62 122.76 69.62
N LYS YF 237 -82.78 123.37 70.45
CA LYS YF 237 -81.35 123.09 70.41
C LYS YF 237 -81.07 121.71 71.00
N ILE YF 238 -80.08 121.03 70.45
CA ILE YF 238 -79.69 119.69 70.90
C ILE YF 238 -78.18 119.61 70.93
N PRO YF 239 -77.58 119.16 72.04
CA PRO YF 239 -76.11 119.13 72.14
C PRO YF 239 -75.51 118.03 71.27
N GLY YF 240 -74.48 118.40 70.51
CA GLY YF 240 -73.83 117.48 69.62
C GLY YF 240 -74.55 117.24 68.31
N TYR YF 241 -75.73 117.87 68.12
CA TYR YF 241 -76.50 117.70 66.90
C TYR YF 241 -77.06 119.02 66.37
N GLY YF 242 -76.96 120.12 67.10
CA GLY YF 242 -77.32 121.43 66.57
C GLY YF 242 -78.77 121.80 66.88
N MET YF 243 -79.63 121.74 65.87
CA MET YF 243 -81.01 122.18 65.99
C MET YF 243 -81.93 121.11 65.42
N VAL YF 244 -82.98 120.76 66.16
CA VAL YF 244 -83.99 119.85 65.66
C VAL YF 244 -84.85 120.57 64.64
N LYS YF 245 -84.98 120.01 63.45
CA LYS YF 245 -85.74 120.64 62.39
C LYS YF 245 -86.66 119.70 61.64
N LEU YF 246 -86.69 118.42 61.99
CA LEU YF 246 -87.56 117.46 61.32
C LEU YF 246 -87.89 116.34 62.29
N ILE YF 247 -89.16 115.94 62.32
CA ILE YF 247 -89.61 114.82 63.12
C ILE YF 247 -90.33 113.83 62.20
N ASP YF 248 -90.40 112.58 62.67
CA ASP YF 248 -91.21 111.57 62.02
C ASP YF 248 -92.00 110.84 63.10
N SER YF 249 -93.24 110.49 62.79
CA SER YF 249 -94.11 109.78 63.71
C SER YF 249 -94.15 108.29 63.45
N LEU YF 250 -94.33 107.88 62.19
CA LEU YF 250 -94.30 106.47 61.85
C LEU YF 250 -92.89 105.91 61.83
N GLN YF 251 -91.88 106.76 61.77
CA GLN YF 251 -90.49 106.33 61.82
C GLN YF 251 -89.77 107.08 62.93
N GLY YF 252 -88.63 106.54 63.35
CA GLY YF 252 -87.80 107.20 64.32
C GLY YF 252 -86.69 108.01 63.68
N ARG YF 253 -87.01 108.70 62.59
CA ARG YF 253 -86.02 109.43 61.81
C ARG YF 253 -86.20 110.91 62.04
N ILE YF 254 -85.21 111.53 62.68
CA ILE YF 254 -85.25 112.94 63.02
C ILE YF 254 -83.99 113.59 62.47
N LEU YF 255 -84.17 114.58 61.59
CA LEU YF 255 -83.04 115.20 60.90
C LEU YF 255 -82.51 116.36 61.73
N THR YF 256 -81.27 116.22 62.19
CA THR YF 256 -80.63 117.29 62.93
C THR YF 256 -80.14 118.37 61.96
N SER YF 257 -79.87 119.55 62.50
CA SER YF 257 -79.27 120.60 61.69
C SER YF 257 -77.81 120.30 61.38
N SER YF 258 -77.17 119.42 62.15
CA SER YF 258 -75.77 119.06 61.92
C SER YF 258 -75.58 118.18 60.70
N GLY YF 259 -76.66 117.64 60.12
CA GLY YF 259 -76.53 116.77 58.97
C GLY YF 259 -76.53 115.30 59.28
N GLN YF 260 -77.20 114.88 60.36
CA GLN YF 260 -77.28 113.49 60.74
C GLN YF 260 -78.69 113.16 61.21
N VAL YF 261 -78.86 111.93 61.67
CA VAL YF 261 -80.13 111.41 62.16
C VAL YF 261 -79.88 110.76 63.51
N ILE YF 262 -80.94 110.58 64.28
CA ILE YF 262 -80.88 109.89 65.55
C ILE YF 262 -81.96 108.81 65.56
N LYS YF 263 -81.54 107.57 65.78
CA LYS YF 263 -82.44 106.43 65.83
C LYS YF 263 -82.45 105.85 67.23
N PHE YF 264 -83.19 104.76 67.39
CA PHE YF 264 -83.18 104.03 68.65
C PHE YF 264 -81.87 103.27 68.83
N SER YF 265 -81.57 102.95 70.08
CA SER YF 265 -80.48 102.05 70.36
C SER YF 265 -80.93 100.60 70.18
N GLN YF 266 -79.97 99.68 70.24
CA GLN YF 266 -80.29 98.27 70.09
C GLN YF 266 -80.03 97.51 71.38
N MET ZF 23 -116.93 67.25 27.65
CA MET ZF 23 -116.08 68.39 28.00
C MET ZF 23 -114.64 68.12 27.59
N LYS ZF 24 -114.45 67.56 26.40
CA LYS ZF 24 -113.12 67.22 25.94
C LYS ZF 24 -112.35 68.48 25.56
N PHE ZF 25 -111.05 68.46 25.87
CA PHE ZF 25 -110.19 69.63 25.72
C PHE ZF 25 -109.26 69.41 24.55
N LYS ZF 26 -109.12 70.42 23.70
CA LYS ZF 26 -108.24 70.36 22.55
C LYS ZF 26 -107.50 71.68 22.42
N LYS ZF 27 -106.39 71.64 21.68
CA LYS ZF 27 -105.72 72.88 21.35
C LYS ZF 27 -105.93 73.23 19.89
N PRO ZF 28 -105.94 74.52 19.55
CA PRO ZF 28 -106.22 74.93 18.16
C PRO ZF 28 -105.20 74.46 17.13
N PRO ZF 29 -103.85 74.62 17.34
CA PRO ZF 29 -103.04 74.33 16.13
C PRO ZF 29 -102.76 72.85 15.91
N ILE ZF 30 -103.79 72.12 15.53
CA ILE ZF 30 -103.66 70.72 15.16
C ILE ZF 30 -103.34 70.65 13.67
N ASN ZF 31 -102.23 69.99 13.34
CA ASN ZF 31 -101.76 69.96 11.96
C ASN ZF 31 -101.36 68.54 11.54
N ASN ZF 32 -100.75 68.43 10.37
CA ASN ZF 32 -100.27 67.14 9.91
C ASN ZF 32 -98.99 66.75 10.64
N PRO ZF 33 -98.72 65.46 10.77
CA PRO ZF 33 -97.43 65.03 11.33
C PRO ZF 33 -96.28 65.42 10.41
N SER ZF 34 -95.14 65.70 11.03
CA SER ZF 34 -93.98 66.27 10.37
C SER ZF 34 -92.88 65.22 10.24
N ASP ZF 35 -91.70 65.69 9.83
CA ASP ZF 35 -90.51 64.85 9.80
C ASP ZF 35 -89.34 65.60 10.42
N ASP ZF 36 -88.48 64.83 11.10
CA ASP ZF 36 -87.36 65.38 11.84
C ASP ZF 36 -86.36 66.08 10.94
N ALA ZF 37 -86.18 65.58 9.71
CA ALA ZF 37 -85.30 66.23 8.76
C ALA ZF 37 -85.80 67.62 8.40
N THR ZF 38 -87.12 67.75 8.20
CA THR ZF 38 -87.72 69.06 7.99
C THR ZF 38 -87.58 69.94 9.21
N ILE ZF 39 -87.63 69.34 10.40
CA ILE ZF 39 -87.44 70.10 11.64
C ILE ZF 39 -86.04 70.68 11.70
N LYS ZF 40 -85.04 69.86 11.37
CA LYS ZF 40 -83.66 70.31 11.35
C LYS ZF 40 -83.43 71.35 10.26
N LEU ZF 41 -84.13 71.19 9.14
CA LEU ZF 41 -84.05 72.18 8.06
C LEU ZF 41 -84.58 73.53 8.51
N ALA ZF 42 -85.71 73.54 9.22
CA ALA ZF 42 -86.25 74.79 9.74
C ALA ZF 42 -85.35 75.39 10.80
N GLU ZF 43 -84.75 74.54 11.64
CA GLU ZF 43 -83.84 75.00 12.68
C GLU ZF 43 -82.61 75.69 12.10
N ALA ZF 44 -82.05 75.13 11.03
CA ALA ZF 44 -80.95 75.82 10.36
C ALA ZF 44 -81.43 77.05 9.61
N ALA ZF 45 -82.65 76.99 9.07
CA ALA ZF 45 -83.17 78.06 8.23
C ALA ZF 45 -83.40 79.33 9.03
N VAL ZF 46 -83.91 79.20 10.26
CA VAL ZF 46 -84.16 80.39 11.06
C VAL ZF 46 -82.85 81.04 11.48
N SER ZF 47 -81.80 80.25 11.72
CA SER ZF 47 -80.50 80.78 12.09
C SER ZF 47 -79.87 81.53 10.92
N VAL ZF 48 -79.91 80.93 9.72
CA VAL ZF 48 -79.30 81.59 8.59
C VAL ZF 48 -80.16 82.79 8.14
N SER ZF 49 -81.45 82.76 8.44
CA SER ZF 49 -82.30 83.90 8.12
C SER ZF 49 -82.00 85.08 9.04
N ASP ZF 50 -81.77 84.81 10.32
CA ASP ZF 50 -81.36 85.87 11.24
C ASP ZF 50 -79.99 86.42 10.86
N SER ZF 51 -79.08 85.54 10.42
CA SER ZF 51 -77.77 85.98 9.96
C SER ZF 51 -77.89 86.90 8.74
N MET ZF 52 -78.76 86.54 7.79
CA MET ZF 52 -78.97 87.37 6.62
C MET ZF 52 -79.63 88.70 6.97
N LEU ZF 53 -80.55 88.68 7.93
CA LEU ZF 53 -81.20 89.92 8.36
C LEU ZF 53 -80.20 90.86 9.01
N GLU ZF 54 -79.32 90.31 9.85
CA GLU ZF 54 -78.24 91.10 10.44
C GLU ZF 54 -77.31 91.67 9.37
N MET ZF 55 -77.00 90.84 8.36
CA MET ZF 55 -76.20 91.27 7.21
C MET ZF 55 -76.81 92.47 6.52
N ALA ZF 56 -78.10 92.37 6.19
CA ALA ZF 56 -78.78 93.43 5.45
C ALA ZF 56 -78.87 94.71 6.26
N LYS ZF 57 -79.16 94.58 7.57
CA LYS ZF 57 -79.26 95.76 8.42
C LYS ZF 57 -77.92 96.47 8.55
N VAL ZF 58 -76.84 95.71 8.77
CA VAL ZF 58 -75.56 96.36 8.95
C VAL ZF 58 -75.01 96.89 7.63
N GLU ZF 59 -75.40 96.28 6.51
CA GLU ZF 59 -74.95 96.82 5.22
C GLU ZF 59 -75.67 98.11 4.88
N LYS ZF 60 -76.97 98.17 5.17
CA LYS ZF 60 -77.73 99.40 5.02
C LYS ZF 60 -77.21 100.48 5.94
N VAL ZF 61 -76.71 100.10 7.11
CA VAL ZF 61 -76.06 101.06 7.98
C VAL ZF 61 -74.76 101.58 7.37
N ILE ZF 62 -73.93 100.66 6.86
CA ILE ZF 62 -72.57 101.01 6.44
C ILE ZF 62 -72.59 101.91 5.21
N THR ZF 63 -73.36 101.53 4.19
CA THR ZF 63 -73.41 102.38 3.02
C THR ZF 63 -74.84 102.80 2.73
N PRO ZF 64 -75.08 104.09 2.51
CA PRO ZF 64 -76.44 104.56 2.23
C PRO ZF 64 -76.72 104.55 0.74
N PRO ZF 65 -77.90 104.11 0.32
CA PRO ZF 65 -78.26 104.21 -1.09
C PRO ZF 65 -78.52 105.65 -1.49
N SER ZF 66 -78.36 105.92 -2.78
CA SER ZF 66 -78.58 107.27 -3.30
C SER ZF 66 -79.46 107.24 -4.55
N LYS ZF 67 -79.45 106.12 -5.26
CA LYS ZF 67 -80.14 106.01 -6.54
C LYS ZF 67 -81.22 104.94 -6.47
N ASP ZF 68 -82.13 104.99 -7.44
CA ASP ZF 68 -83.12 103.96 -7.65
C ASP ZF 68 -83.25 103.69 -9.13
N ASN ZF 69 -83.51 102.42 -9.47
CA ASN ZF 69 -83.56 102.00 -10.86
C ASN ZF 69 -84.83 102.40 -11.58
N THR ZF 70 -85.80 102.98 -10.87
CA THR ZF 70 -87.01 103.46 -11.53
C THR ZF 70 -86.72 104.63 -12.47
N LEU ZF 71 -85.66 105.39 -12.19
CA LEU ZF 71 -85.26 106.43 -13.13
C LEU ZF 71 -84.69 105.82 -14.41
N THR ZF 72 -83.76 104.87 -14.29
CA THR ZF 72 -83.11 104.33 -15.48
C THR ZF 72 -84.00 103.36 -16.24
N ILE ZF 73 -85.07 102.87 -15.62
CA ILE ZF 73 -86.13 102.22 -16.35
C ILE ZF 73 -87.45 102.54 -15.64
N PRO ZF 74 -88.26 103.42 -16.20
CA PRO ZF 74 -89.58 103.66 -15.62
C PRO ZF 74 -90.62 102.72 -16.19
N ASN ZF 75 -91.85 102.87 -15.75
CA ASN ZF 75 -92.98 102.18 -16.35
C ASN ZF 75 -93.72 103.12 -17.27
N ALA ZF 76 -94.66 102.55 -18.01
CA ALA ZF 76 -95.49 103.31 -18.93
C ALA ZF 76 -96.84 102.60 -19.02
N TYR ZF 77 -97.60 102.90 -20.05
CA TYR ZF 77 -98.81 102.15 -20.32
C TYR ZF 77 -98.45 100.75 -20.80
N ASN ZF 78 -99.43 99.84 -20.70
CA ASN ZF 78 -99.45 98.48 -21.23
C ASN ZF 78 -98.27 97.62 -20.79
N LEU ZF 79 -97.63 97.99 -19.68
CA LEU ZF 79 -96.71 97.10 -18.98
C LEU ZF 79 -97.35 96.50 -17.75
N GLN ZF 80 -98.67 96.55 -17.69
CA GLN ZF 80 -99.41 96.25 -16.47
C GLN ZF 80 -100.07 94.88 -16.51
N ALA ZF 81 -99.79 94.08 -17.53
CA ALA ZF 81 -100.24 92.70 -17.54
C ALA ZF 81 -99.49 91.93 -16.46
N ARG ZF 82 -100.21 91.07 -15.76
CA ARG ZF 82 -99.64 90.42 -14.61
C ARG ZF 82 -99.07 89.06 -14.99
N ALA ZF 83 -98.24 88.52 -14.12
CA ALA ZF 83 -97.53 87.29 -14.45
C ALA ZF 83 -97.18 86.53 -13.19
N SER ZF 84 -97.31 85.21 -13.25
CA SER ZF 84 -96.82 84.31 -12.23
C SER ZF 84 -95.76 83.42 -12.86
N VAL ZF 85 -94.53 83.51 -12.34
CA VAL ZF 85 -93.39 82.87 -12.98
C VAL ZF 85 -92.74 81.89 -12.02
N ASP ZF 86 -92.02 80.94 -12.61
CA ASP ZF 86 -91.12 80.06 -11.88
C ASP ZF 86 -89.97 79.72 -12.82
N TRP ZF 87 -88.89 80.49 -12.72
CA TRP ZF 87 -87.75 80.33 -13.61
C TRP ZF 87 -86.49 80.21 -12.77
N SER ZF 88 -85.62 79.28 -13.16
CA SER ZF 88 -84.35 79.07 -12.46
C SER ZF 88 -83.23 78.78 -13.44
N GLY ZF 89 -83.17 79.52 -14.54
CA GLY ZF 89 -82.18 79.25 -15.55
C GLY ZF 89 -81.52 80.51 -16.10
N PRO ZF 90 -81.22 80.50 -17.39
CA PRO ZF 90 -80.60 81.69 -18.01
C PRO ZF 90 -81.57 82.84 -18.19
N ILE ZF 91 -81.09 83.93 -18.79
CA ILE ZF 91 -81.78 85.20 -18.76
C ILE ZF 91 -82.33 85.61 -20.11
N GLU ZF 92 -81.63 85.31 -21.21
CA GLU ZF 92 -81.96 85.88 -22.52
C GLU ZF 92 -83.28 85.37 -23.06
N GLU ZF 93 -83.53 84.06 -22.93
CA GLU ZF 93 -84.78 83.49 -23.43
C GLU ZF 93 -85.98 84.02 -22.63
N LEU ZF 94 -85.81 84.15 -21.32
CA LEU ZF 94 -86.87 84.68 -20.48
C LEU ZF 94 -87.19 86.13 -20.82
N THR ZF 95 -86.15 86.95 -21.02
CA THR ZF 95 -86.37 88.33 -21.41
C THR ZF 95 -86.96 88.44 -22.81
N ALA ZF 96 -86.61 87.49 -23.70
CA ALA ZF 96 -87.18 87.49 -25.03
C ALA ZF 96 -88.67 87.18 -25.00
N ARG ZF 97 -89.07 86.22 -24.17
CA ARG ZF 97 -90.50 85.95 -23.99
C ARG ZF 97 -91.22 87.12 -23.35
N ILE ZF 98 -90.55 87.83 -22.44
CA ILE ZF 98 -91.14 89.02 -21.84
C ILE ZF 98 -91.35 90.12 -22.88
N ALA ZF 99 -90.36 90.34 -23.73
CA ALA ZF 99 -90.49 91.34 -24.79
C ALA ZF 99 -91.54 90.94 -25.82
N LYS ZF 100 -91.66 89.64 -26.11
CA LYS ZF 100 -92.71 89.15 -26.99
C LYS ZF 100 -94.09 89.41 -26.39
N ALA ZF 101 -94.24 89.19 -25.08
CA ALA ZF 101 -95.51 89.47 -24.42
C ALA ZF 101 -95.79 90.97 -24.37
N ALA ZF 102 -94.75 91.79 -24.22
CA ALA ZF 102 -94.93 93.22 -24.08
C ALA ZF 102 -94.99 93.95 -25.42
N HIS ZF 103 -94.78 93.23 -26.53
CA HIS ZF 103 -94.78 93.78 -27.90
C HIS ZF 103 -93.74 94.88 -28.07
N PHE ZF 104 -92.62 94.76 -27.36
CA PHE ZF 104 -91.53 95.71 -27.47
C PHE ZF 104 -90.35 95.04 -28.14
N ARG ZF 105 -89.60 95.82 -28.91
CA ARG ZF 105 -88.44 95.29 -29.59
C ARG ZF 105 -87.32 95.05 -28.60
N PHE ZF 106 -86.68 93.89 -28.71
CA PHE ZF 106 -85.66 93.45 -27.77
C PHE ZF 106 -84.28 93.64 -28.39
N ARG ZF 107 -83.36 94.21 -27.63
CA ARG ZF 107 -82.02 94.49 -28.13
C ARG ZF 107 -80.98 94.08 -27.11
N VAL ZF 108 -79.79 93.76 -27.60
CA VAL ZF 108 -78.69 93.27 -26.79
C VAL ZF 108 -77.42 94.04 -27.15
N LEU ZF 109 -76.66 94.43 -26.13
CA LEU ZF 109 -75.41 95.15 -26.30
C LEU ZF 109 -74.30 94.37 -25.64
N GLY ZF 110 -73.21 94.17 -26.38
CA GLY ZF 110 -72.13 93.34 -25.90
C GLY ZF 110 -72.45 91.87 -26.11
N LYS ZF 111 -71.51 91.03 -25.69
CA LYS ZF 111 -71.65 89.59 -25.81
C LYS ZF 111 -71.73 88.94 -24.44
N SER ZF 112 -72.49 87.86 -24.36
CA SER ZF 112 -72.52 87.05 -23.17
C SER ZF 112 -71.15 86.39 -22.95
N PRO ZF 113 -70.68 86.32 -21.72
CA PRO ZF 113 -69.38 85.69 -21.46
C PRO ZF 113 -69.48 84.18 -21.55
N SER ZF 114 -68.33 83.53 -21.38
CA SER ZF 114 -68.25 82.07 -21.44
C SER ZF 114 -69.02 81.44 -20.30
N VAL ZF 115 -68.89 81.99 -19.09
CA VAL ZF 115 -69.72 81.55 -17.99
C VAL ZF 115 -71.11 82.14 -18.22
N PRO ZF 116 -72.15 81.31 -18.28
CA PRO ZF 116 -73.50 81.83 -18.47
C PRO ZF 116 -74.02 82.51 -17.21
N VAL ZF 117 -74.97 83.41 -17.42
CA VAL ZF 117 -75.65 84.07 -16.31
C VAL ZF 117 -76.92 83.30 -16.00
N LEU ZF 118 -77.04 82.84 -14.77
CA LEU ZF 118 -78.16 82.01 -14.35
C LEU ZF 118 -79.00 82.77 -13.33
N ILE ZF 119 -80.29 82.85 -13.60
CA ILE ZF 119 -81.21 83.68 -12.84
C ILE ZF 119 -82.33 82.81 -12.30
N SER ZF 120 -82.56 82.88 -11.00
CA SER ZF 120 -83.61 82.11 -10.35
C SER ZF 120 -84.66 83.07 -9.79
N ILE ZF 121 -85.87 82.99 -10.33
CA ILE ZF 121 -86.97 83.87 -9.95
C ILE ZF 121 -88.13 83.02 -9.46
N SER ZF 122 -88.66 83.36 -8.28
CA SER ZF 122 -89.84 82.69 -7.72
C SER ZF 122 -90.73 83.77 -7.11
N THR ZF 123 -91.68 84.26 -7.90
CA THR ZF 123 -92.65 85.25 -7.45
C THR ZF 123 -94.00 84.95 -8.10
N LYS ZF 124 -94.98 85.78 -7.79
CA LYS ZF 124 -96.34 85.53 -8.25
C LYS ZF 124 -97.10 86.84 -8.33
N ASP ZF 125 -97.77 87.06 -9.48
CA ASP ZF 125 -98.76 88.13 -9.69
C ASP ZF 125 -98.15 89.51 -9.50
N GLU ZF 126 -97.23 89.85 -10.38
CA GLU ZF 126 -96.61 91.16 -10.39
C GLU ZF 126 -96.68 91.76 -11.78
N SER ZF 127 -96.58 93.08 -11.85
CA SER ZF 127 -96.54 93.75 -13.13
C SER ZF 127 -95.13 93.74 -13.70
N LEU ZF 128 -95.06 94.01 -15.00
CA LEU ZF 128 -93.83 93.76 -15.75
C LEU ZF 128 -92.74 94.76 -15.40
N ALA ZF 129 -93.11 95.95 -14.93
CA ALA ZF 129 -92.13 96.96 -14.54
C ALA ZF 129 -91.31 96.49 -13.33
N GLU ZF 130 -91.99 96.08 -12.26
CA GLU ZF 130 -91.25 95.58 -11.11
C GLU ZF 130 -90.68 94.20 -11.36
N ILE ZF 131 -91.23 93.45 -12.32
CA ILE ZF 131 -90.58 92.21 -12.75
C ILE ZF 131 -89.20 92.52 -13.33
N LEU ZF 132 -89.14 93.53 -14.19
CA LEU ZF 132 -87.86 93.95 -14.77
C LEU ZF 132 -86.92 94.53 -13.72
N ARG ZF 133 -87.49 95.25 -12.76
CA ARG ZF 133 -86.68 95.81 -11.68
C ARG ZF 133 -86.07 94.71 -10.82
N ASP ZF 134 -86.83 93.67 -10.49
CA ASP ZF 134 -86.30 92.57 -9.71
C ASP ZF 134 -85.32 91.74 -10.52
N ILE ZF 135 -85.53 91.63 -11.82
CA ILE ZF 135 -84.57 90.99 -12.70
C ILE ZF 135 -83.24 91.74 -12.67
N ASP ZF 136 -83.31 93.07 -12.74
CA ASP ZF 136 -82.11 93.90 -12.68
C ASP ZF 136 -81.42 93.77 -11.34
N TYR ZF 137 -82.18 93.70 -10.25
CA TYR ZF 137 -81.58 93.61 -8.93
C TYR ZF 137 -80.94 92.25 -8.70
N GLN ZF 138 -81.56 91.18 -9.20
CA GLN ZF 138 -80.90 89.89 -9.10
C GLN ZF 138 -79.77 89.71 -10.11
N ALA ZF 139 -79.70 90.58 -11.12
CA ALA ZF 139 -78.63 90.48 -12.12
C ALA ZF 139 -77.27 90.85 -11.54
N GLY ZF 140 -77.22 91.78 -10.60
CA GLY ZF 140 -75.93 92.21 -10.11
C GLY ZF 140 -75.22 93.10 -11.12
N LYS ZF 141 -73.90 93.04 -11.10
CA LYS ZF 141 -73.08 93.91 -11.94
C LYS ZF 141 -72.79 93.31 -13.31
N LYS ZF 142 -73.28 92.11 -13.61
CA LYS ZF 142 -72.95 91.47 -14.88
C LYS ZF 142 -73.64 92.14 -16.05
N ALA ZF 143 -74.84 92.69 -15.84
CA ALA ZF 143 -75.60 93.26 -16.93
C ALA ZF 143 -76.45 94.40 -16.41
N SER ZF 144 -76.94 95.20 -17.35
CA SER ZF 144 -77.86 96.29 -17.03
C SER ZF 144 -79.00 96.29 -18.03
N ILE ZF 145 -80.15 96.82 -17.58
CA ILE ZF 145 -81.38 96.85 -18.35
C ILE ZF 145 -81.78 98.29 -18.54
N HIS ZF 146 -82.08 98.68 -19.79
CA HIS ZF 146 -82.61 100.00 -20.06
C HIS ZF 146 -83.86 99.87 -20.91
N VAL ZF 147 -84.69 100.90 -20.84
CA VAL ZF 147 -85.95 100.91 -21.57
C VAL ZF 147 -86.08 102.22 -22.32
N TYR ZF 148 -86.85 102.18 -23.40
CA TYR ZF 148 -87.19 103.38 -24.17
C TYR ZF 148 -88.64 103.20 -24.58
N PRO ZF 149 -89.57 103.69 -23.75
CA PRO ZF 149 -91.00 103.51 -24.05
C PRO ZF 149 -91.48 104.35 -25.21
N ASN ZF 150 -90.76 105.42 -25.53
CA ASN ZF 150 -91.08 106.21 -26.73
C ASN ZF 150 -90.88 105.39 -27.99
N SER ZF 151 -89.81 104.60 -28.04
CA SER ZF 151 -89.54 103.74 -29.18
C SER ZF 151 -89.92 102.29 -28.94
N GLN ZF 152 -90.46 101.98 -27.75
CA GLN ZF 152 -90.95 100.65 -27.37
C GLN ZF 152 -89.84 99.61 -27.44
N VAL ZF 153 -88.78 99.89 -26.69
CA VAL ZF 153 -87.51 99.17 -26.79
C VAL ZF 153 -87.11 98.71 -25.40
N VAL ZF 154 -86.79 97.43 -25.27
CA VAL ZF 154 -86.16 96.88 -24.06
C VAL ZF 154 -84.77 96.41 -24.44
N GLU ZF 155 -83.76 96.88 -23.69
CA GLU ZF 155 -82.37 96.65 -24.05
C GLU ZF 155 -81.64 96.04 -22.87
N LEU ZF 156 -80.86 94.99 -23.16
CA LEU ZF 156 -79.88 94.44 -22.23
C LEU ZF 156 -78.50 94.91 -22.65
N ARG ZF 157 -77.61 95.08 -21.68
CA ARG ZF 157 -76.22 95.39 -21.98
C ARG ZF 157 -75.31 94.65 -21.02
N TYR ZF 158 -74.24 94.07 -21.55
CA TYR ZF 158 -73.30 93.30 -20.75
C TYR ZF 158 -72.18 94.19 -20.23
N ALA ZF 159 -71.67 93.84 -19.05
CA ALA ZF 159 -70.55 94.59 -18.48
C ALA ZF 159 -69.26 94.25 -19.19
N LYS ZF 160 -68.41 95.25 -19.36
CA LYS ZF 160 -67.14 95.09 -20.07
C LYS ZF 160 -66.02 94.99 -19.05
N ILE ZF 161 -65.81 93.77 -18.56
CA ILE ZF 161 -64.76 93.50 -17.58
C ILE ZF 161 -63.74 92.61 -18.26
N TYR ZF 162 -62.66 92.26 -17.54
CA TYR ZF 162 -61.60 91.32 -17.95
C TYR ZF 162 -60.89 91.75 -19.23
N ARG AG 207 -21.33 111.56 16.85
CA ARG AG 207 -22.23 110.76 16.02
C ARG AG 207 -21.76 109.31 15.97
N ILE AG 208 -20.90 109.00 15.00
CA ILE AG 208 -20.30 107.68 14.86
C ILE AG 208 -18.79 107.82 14.91
N ILE AG 209 -18.15 107.08 15.80
CA ILE AG 209 -16.70 107.12 15.99
C ILE AG 209 -16.09 105.95 15.28
N TYR AG 210 -15.10 106.23 14.43
CA TYR AG 210 -14.32 105.21 13.75
C TYR AG 210 -13.01 105.04 14.50
N TYR AG 211 -12.75 103.82 14.97
CA TYR AG 211 -11.47 103.48 15.58
C TYR AG 211 -10.58 102.82 14.54
N ILE AG 212 -9.29 103.12 14.59
CA ILE AG 212 -8.35 102.44 13.71
C ILE AG 212 -8.16 101.02 14.20
N GLN AG 213 -8.27 100.06 13.29
CA GLN AG 213 -8.14 98.65 13.65
C GLN AG 213 -6.81 98.07 13.22
N ALA AG 214 -6.48 98.16 11.93
CA ALA AG 214 -5.20 97.69 11.41
C ALA AG 214 -4.54 98.83 10.67
N VAL AG 215 -3.30 99.13 11.04
CA VAL AG 215 -2.57 100.27 10.49
C VAL AG 215 -1.24 99.77 9.93
N ILE AG 216 -1.00 100.09 8.66
CA ILE AG 216 0.29 99.84 8.02
C ILE AG 216 0.73 101.18 7.43
N PRO AG 217 1.98 101.32 6.96
CA PRO AG 217 2.27 102.43 6.06
C PRO AG 217 1.44 102.34 4.79
N GLY AG 218 0.93 103.48 4.35
CA GLY AG 218 0.07 103.52 3.18
C GLY AG 218 -1.40 103.33 3.51
N ARG AG 219 -1.80 102.10 3.81
CA ARG AG 219 -3.20 101.78 4.03
C ARG AG 219 -3.55 101.83 5.52
N ALA AG 220 -4.84 101.90 5.79
CA ALA AG 220 -5.32 101.81 7.17
C ALA AG 220 -6.68 101.11 7.17
N TRP AG 221 -6.98 100.43 8.26
CA TRP AG 221 -8.24 99.74 8.42
C TRP AG 221 -8.97 100.28 9.65
N LEU AG 222 -10.21 100.71 9.45
CA LEU AG 222 -10.98 101.39 10.47
C LEU AG 222 -12.26 100.61 10.75
N ILE AG 223 -12.67 100.63 12.02
CA ILE AG 223 -13.93 100.04 12.46
C ILE AG 223 -14.78 101.15 13.06
N GLY AG 224 -16.00 101.30 12.55
CA GLY AG 224 -16.89 102.34 13.03
C GLY AG 224 -17.54 101.99 14.36
N SER AG 225 -18.40 102.89 14.82
CA SER AG 225 -19.10 102.67 16.08
C SER AG 225 -20.16 101.59 15.95
N ASN AG 226 -20.81 101.50 14.80
CA ASN AG 226 -21.90 100.55 14.58
C ASN AG 226 -21.41 99.22 14.03
N GLY AG 227 -20.11 98.96 14.06
CA GLY AG 227 -19.56 97.72 13.56
C GLY AG 227 -19.18 97.74 12.09
N SER AG 228 -19.54 98.79 11.37
CA SER AG 228 -19.14 98.90 9.97
C SER AG 228 -17.65 99.21 9.88
N THR AG 229 -16.96 98.47 9.01
CA THR AG 229 -15.52 98.60 8.87
C THR AG 229 -15.16 98.89 7.42
N LEU AG 230 -13.99 99.49 7.23
CA LEU AG 230 -13.52 99.87 5.90
C LEU AG 230 -12.00 99.98 5.94
N THR AG 231 -11.43 100.32 4.79
CA THR AG 231 -10.02 100.63 4.67
C THR AG 231 -9.85 101.92 3.87
N VAL AG 232 -8.81 102.67 4.21
CA VAL AG 232 -8.59 104.00 3.66
C VAL AG 232 -7.14 104.17 3.26
N ARG AG 233 -6.90 105.17 2.42
CA ARG AG 233 -5.59 105.65 1.99
C ARG AG 233 -5.45 107.12 2.37
N GLU AG 234 -4.36 107.74 1.89
CA GLU AG 234 -4.10 109.15 2.20
C GLU AG 234 -5.14 110.07 1.55
N GLY AG 235 -5.36 109.91 0.26
CA GLY AG 235 -6.41 110.68 -0.38
C GLY AG 235 -7.72 109.94 -0.25
N SER AG 236 -8.50 110.26 0.78
CA SER AG 236 -9.71 109.49 1.07
C SER AG 236 -10.74 110.38 1.74
N LYS AG 237 -12.00 109.96 1.62
CA LYS AG 237 -13.13 110.65 2.22
C LYS AG 237 -13.80 109.73 3.23
N ILE AG 238 -14.36 110.34 4.26
CA ILE AG 238 -15.00 109.59 5.34
C ILE AG 238 -16.18 110.40 5.87
N PRO AG 239 -17.38 109.82 5.93
CA PRO AG 239 -18.52 110.53 6.52
C PRO AG 239 -18.33 110.77 8.01
N GLY AG 240 -18.74 111.95 8.47
CA GLY AG 240 -18.60 112.35 9.84
C GLY AG 240 -17.25 112.91 10.21
N TYR AG 241 -16.29 112.91 9.30
CA TYR AG 241 -14.94 113.36 9.62
C TYR AG 241 -14.42 114.41 8.65
N GLY AG 242 -14.77 114.33 7.38
CA GLY AG 242 -14.34 115.33 6.41
C GLY AG 242 -13.35 114.81 5.39
N MET AG 243 -12.19 115.45 5.30
CA MET AG 243 -11.16 115.09 4.34
C MET AG 243 -9.89 114.71 5.08
N VAL AG 244 -9.28 113.60 4.67
CA VAL AG 244 -8.10 113.08 5.35
C VAL AG 244 -6.92 114.00 5.07
N LYS AG 245 -6.37 114.60 6.14
CA LYS AG 245 -5.19 115.44 6.01
C LYS AG 245 -3.93 114.61 5.89
N LEU AG 246 -3.72 113.68 6.82
CA LEU AG 246 -2.48 112.92 6.87
C LEU AG 246 -2.71 111.61 7.62
N ILE AG 247 -1.89 110.61 7.29
CA ILE AG 247 -1.91 109.31 7.96
C ILE AG 247 -0.47 108.99 8.38
N ASP AG 248 -0.28 108.73 9.67
CA ASP AG 248 1.00 108.30 10.19
C ASP AG 248 0.88 106.84 10.63
N SER AG 249 1.81 106.00 10.15
CA SER AG 249 1.75 104.57 10.47
C SER AG 249 2.10 104.34 11.94
N LEU AG 250 3.05 105.09 12.48
CA LEU AG 250 3.40 104.95 13.88
C LEU AG 250 2.39 105.71 14.75
N GLN AG 251 2.03 105.09 15.87
CA GLN AG 251 1.16 105.59 16.94
C GLN AG 251 -0.29 105.77 16.52
N GLY AG 252 -0.69 105.37 15.31
CA GLY AG 252 -2.08 105.31 14.91
C GLY AG 252 -2.84 106.62 14.86
N ARG AG 253 -2.30 107.61 14.18
CA ARG AG 253 -2.89 108.95 14.11
C ARG AG 253 -3.26 109.26 12.66
N ILE AG 254 -4.53 109.60 12.43
CA ILE AG 254 -4.99 110.03 11.12
C ILE AG 254 -5.63 111.40 11.27
N LEU AG 255 -5.11 112.38 10.55
CA LEU AG 255 -5.61 113.75 10.68
C LEU AG 255 -6.70 114.01 9.65
N THR AG 256 -7.77 114.68 10.08
CA THR AG 256 -8.88 114.98 9.20
C THR AG 256 -9.09 116.48 9.09
N SER AG 257 -9.87 116.88 8.08
CA SER AG 257 -10.11 118.29 7.79
C SER AG 257 -10.94 118.97 8.86
N SER AG 258 -11.75 118.24 9.61
CA SER AG 258 -12.56 118.81 10.68
C SER AG 258 -11.84 118.83 12.02
N GLY AG 259 -10.51 118.69 12.02
CA GLY AG 259 -9.75 118.66 13.25
C GLY AG 259 -9.82 117.34 13.99
N GLN AG 260 -10.41 116.32 13.40
CA GLN AG 260 -10.54 115.03 14.07
C GLN AG 260 -9.29 114.19 13.84
N VAL AG 261 -8.72 113.68 14.93
CA VAL AG 261 -7.60 112.77 14.89
C VAL AG 261 -8.16 111.37 15.13
N ILE AG 262 -8.31 110.62 14.04
CA ILE AG 262 -8.71 109.23 14.13
C ILE AG 262 -7.60 108.44 14.81
N LYS AG 263 -7.97 107.68 15.83
CA LYS AG 263 -7.02 107.01 16.70
C LYS AG 263 -7.54 105.59 16.98
N PHE AG 264 -6.82 104.88 17.83
CA PHE AG 264 -7.29 103.60 18.36
C PHE AG 264 -8.21 103.84 19.54
N SER AG 265 -8.65 102.76 20.16
CA SER AG 265 -9.41 102.87 21.39
C SER AG 265 -8.50 102.68 22.60
N GLN AG 266 -8.97 103.11 23.77
CA GLN AG 266 -8.32 102.71 25.00
C GLN AG 266 -8.48 101.22 25.22
N GLU AG 267 -9.65 100.67 24.86
CA GLU AG 267 -9.84 99.22 24.84
C GLU AG 267 -8.93 98.55 23.83
N ASP AG 268 -8.81 99.13 22.63
CA ASP AG 268 -8.02 98.57 21.55
C ASP AG 268 -6.66 99.25 21.54
N SER AG 269 -5.81 98.86 22.49
CA SER AG 269 -4.47 99.43 22.60
C SER AG 269 -3.50 98.46 23.27
N GLN BG 791 44.46 110.65 20.96
CA GLN BG 791 43.11 110.09 20.98
C GLN BG 791 43.01 108.81 20.15
N GLN BG 792 43.94 107.89 20.40
CA GLN BG 792 43.90 106.57 19.76
C GLN BG 792 42.95 105.61 20.47
N GLU BG 793 42.43 106.01 21.64
CA GLU BG 793 41.61 105.14 22.48
C GLU BG 793 40.23 104.85 21.89
N ILE BG 794 39.84 105.55 20.84
CA ILE BG 794 38.52 105.37 20.23
C ILE BG 794 38.40 103.97 19.62
N GLN BG 795 39.44 103.53 18.92
CA GLN BG 795 39.37 102.30 18.15
C GLN BG 795 39.25 101.07 19.02
N GLN BG 796 39.99 101.04 20.13
CA GLN BG 796 39.88 99.93 21.07
C GLN BG 796 38.55 99.92 21.79
N ARG BG 797 38.00 101.10 22.09
CA ARG BG 797 36.65 101.20 22.63
C ARG BG 797 35.58 100.99 21.57
N THR BG 798 35.94 101.00 20.29
CA THR BG 798 35.01 100.65 19.22
C THR BG 798 35.10 99.19 18.80
N SER BG 799 36.30 98.60 18.83
CA SER BG 799 36.51 97.26 18.31
C SER BG 799 35.82 96.21 19.18
N ASP BG 800 35.79 96.42 20.50
CA ASP BG 800 35.14 95.46 21.38
C ASP BG 800 33.64 95.48 21.21
N MET BG 801 33.04 96.67 21.12
CA MET BG 801 31.61 96.74 20.88
C MET BG 801 31.26 96.45 19.42
N LEU BG 802 32.24 96.53 18.52
CA LEU BG 802 32.06 95.97 17.19
C LEU BG 802 31.84 94.47 17.26
N THR BG 803 32.64 93.79 18.07
CA THR BG 803 32.45 92.36 18.28
C THR BG 803 31.19 92.08 19.09
N ALA BG 804 30.87 92.97 20.03
CA ALA BG 804 29.73 92.74 20.91
C ALA BG 804 28.41 92.89 20.16
N ALA BG 805 28.32 93.90 19.29
CA ALA BG 805 27.08 94.12 18.56
C ALA BG 805 26.86 93.05 17.49
N THR BG 806 27.94 92.58 16.85
CA THR BG 806 27.83 91.47 15.92
C THR BG 806 27.43 90.18 16.64
N GLN BG 807 27.83 90.05 17.90
CA GLN BG 807 27.24 89.02 18.74
C GLN BG 807 25.77 89.34 19.02
N LEU BG 808 25.47 90.61 19.22
CA LEU BG 808 24.15 90.99 19.69
C LEU BG 808 23.07 90.92 18.62
N VAL BG 809 23.42 91.07 17.35
CA VAL BG 809 22.40 91.19 16.30
C VAL BG 809 21.69 89.85 16.10
N GLN BG 810 22.45 88.75 16.05
CA GLN BG 810 21.86 87.46 15.78
C GLN BG 810 21.05 86.91 16.95
N ASP BG 811 21.21 87.51 18.14
CA ASP BG 811 20.42 87.10 19.29
C ASP BG 811 18.95 87.44 19.10
N TRP BG 812 18.64 88.50 18.35
CA TRP BG 812 17.26 88.80 18.01
C TRP BG 812 16.87 88.26 16.63
N LYS BG 813 17.83 87.83 15.83
CA LYS BG 813 17.52 87.37 14.48
C LYS BG 813 16.79 86.03 14.49
N GLN BG 814 17.24 85.10 15.31
CA GLN BG 814 16.62 83.79 15.33
C GLN BG 814 15.28 83.84 16.05
N VAL BG 815 14.39 82.93 15.66
CA VAL BG 815 13.10 82.75 16.30
C VAL BG 815 12.82 81.25 16.36
N GLU BG 816 12.30 80.79 17.49
CA GLU BG 816 12.04 79.38 17.69
C GLU BG 816 10.58 79.07 17.38
N THR BG 817 10.37 78.05 16.57
CA THR BG 817 9.02 77.65 16.18
C THR BG 817 8.30 77.01 17.36
N GLN BG 818 6.99 77.24 17.42
CA GLN BG 818 6.16 76.62 18.44
C GLN BG 818 6.05 75.12 18.21
N VAL BG 819 5.70 74.40 19.26
CA VAL BG 819 5.47 72.97 19.18
C VAL BG 819 4.07 72.67 19.69
N TYR BG 820 3.26 72.04 18.86
CA TYR BG 820 1.94 71.57 19.23
C TYR BG 820 1.96 70.06 19.33
N THR BG 821 1.41 69.53 20.42
CA THR BG 821 1.48 68.10 20.69
C THR BG 821 0.07 67.57 20.94
N GLU BG 822 -0.24 66.44 20.33
CA GLU BG 822 -1.53 65.77 20.48
C GLU BG 822 -1.36 64.57 21.41
N GLY BG 823 -2.20 64.49 22.43
CA GLY BG 823 -2.09 63.44 23.41
C GLY BG 823 -3.39 62.69 23.60
N THR BG 824 -3.26 61.46 24.09
CA THR BG 824 -4.41 60.61 24.36
C THR BG 824 -4.12 59.72 25.57
N ALA CG 104 62.86 85.19 59.89
CA ALA CG 104 63.07 83.76 59.80
C ALA CG 104 61.77 83.00 60.01
N GLU CG 105 60.73 83.72 60.41
CA GLU CG 105 59.43 83.13 60.71
C GLU CG 105 58.27 83.83 60.02
N VAL CG 106 58.31 85.16 59.94
CA VAL CG 106 57.25 85.91 59.26
C VAL CG 106 57.37 85.86 57.75
N ILE CG 107 58.50 85.34 57.23
CA ILE CG 107 58.65 85.09 55.80
C ILE CG 107 57.58 84.10 55.33
N ASP CG 108 57.36 83.04 56.11
CA ASP CG 108 56.33 82.06 55.79
C ASP CG 108 54.94 82.67 55.90
N LYS CG 109 54.73 83.57 56.86
CA LYS CG 109 53.44 84.22 57.04
C LYS CG 109 53.09 85.12 55.86
N LYS CG 110 54.05 85.96 55.45
CA LYS CG 110 53.79 86.85 54.31
C LYS CG 110 53.70 86.07 53.00
N ALA CG 111 54.45 84.96 52.88
CA ALA CG 111 54.32 84.11 51.70
C ALA CG 111 52.95 83.46 51.63
N PHE CG 112 52.43 83.01 52.77
CA PHE CG 112 51.09 82.43 52.83
C PHE CG 112 50.02 83.46 52.51
N LYS CG 113 50.18 84.68 53.02
CA LYS CG 113 49.21 85.74 52.74
C LYS CG 113 49.21 86.13 51.27
N ASP CG 114 50.39 86.28 50.67
CA ASP CG 114 50.46 86.59 49.25
C ASP CG 114 49.97 85.44 48.39
N MET CG 115 50.15 84.20 48.84
CA MET CG 115 49.61 83.07 48.11
C MET CG 115 48.09 83.06 48.17
N THR CG 116 47.52 83.45 49.31
CA THR CG 116 46.06 83.59 49.40
C THR CG 116 45.55 84.67 48.45
N ARG CG 117 46.27 85.80 48.39
CA ARG CG 117 45.91 86.90 47.50
C ARG CG 117 45.99 86.50 46.03
N ASN CG 118 47.03 85.74 45.67
CA ASN CG 118 47.19 85.34 44.27
C ASN CG 118 46.24 84.21 43.89
N LEU CG 119 45.92 83.32 44.83
CA LEU CG 119 45.04 82.20 44.52
C LEU CG 119 43.60 82.67 44.35
N TYR CG 120 43.11 83.50 45.26
CA TYR CG 120 41.75 83.99 45.09
C TYR CG 120 41.77 85.36 44.46
N PRO CG 121 41.23 85.53 43.24
CA PRO CG 121 41.37 86.83 42.56
C PRO CG 121 40.50 87.92 43.14
N LEU CG 122 39.26 87.59 43.51
CA LEU CG 122 38.28 88.60 43.85
C LEU CG 122 37.74 88.38 45.26
N ASN CG 123 37.24 89.46 45.85
CA ASN CG 123 36.60 89.41 47.15
C ASN CG 123 35.24 88.73 47.04
N PRO CG 124 34.73 88.17 48.14
CA PRO CG 124 33.33 87.70 48.15
C PRO CG 124 32.32 88.79 47.83
N GLU CG 125 32.55 89.99 48.35
CA GLU CG 125 31.71 91.13 48.02
C GLU CG 125 31.88 91.51 46.56
N GLN CG 126 33.08 91.32 46.01
CA GLN CG 126 33.27 91.51 44.57
C GLN CG 126 32.51 90.47 43.76
N VAL CG 127 32.42 89.25 44.27
CA VAL CG 127 31.63 88.21 43.61
C VAL CG 127 30.16 88.59 43.58
N VAL CG 128 29.65 89.10 44.71
CA VAL CG 128 28.26 89.54 44.78
C VAL CG 128 28.01 90.74 43.85
N LYS CG 129 28.95 91.69 43.83
CA LYS CG 129 28.82 92.86 42.96
C LYS CG 129 28.84 92.48 41.49
N LEU CG 130 29.73 91.55 41.12
CA LEU CG 130 29.80 91.13 39.73
C LEU CG 130 28.59 90.30 39.33
N LYS CG 131 28.02 89.54 40.27
CA LYS CG 131 26.79 88.82 39.96
C LYS CG 131 25.62 89.78 39.79
N GLN CG 132 25.62 90.87 40.56
CA GLN CG 132 24.63 91.94 40.37
C GLN CG 132 24.79 92.60 39.01
N ILE CG 133 26.03 92.87 38.59
CA ILE CG 133 26.29 93.43 37.27
C ILE CG 133 25.86 92.46 36.18
N TYR CG 134 26.10 91.17 36.40
CA TYR CG 134 25.74 90.13 35.44
C TYR CG 134 24.24 90.03 35.26
N GLU CG 135 23.49 90.02 36.37
CA GLU CG 135 22.04 89.94 36.24
C GLU CG 135 21.44 91.24 35.73
N THR CG 136 22.10 92.37 36.00
CA THR CG 136 21.63 93.66 35.48
C THR CG 136 21.80 93.73 33.97
N SER CG 137 22.96 93.31 33.47
CA SER CG 137 23.18 93.25 32.03
C SER CG 137 22.32 92.17 31.38
N GLU CG 138 22.01 91.11 32.12
CA GLU CG 138 21.10 90.08 31.62
C GLU CG 138 19.70 90.65 31.44
N TYR CG 139 19.22 91.43 32.40
CA TYR CG 139 17.93 92.10 32.26
C TYR CG 139 17.96 93.16 31.16
N ALA CG 140 19.09 93.84 31.01
CA ALA CG 140 19.24 94.83 29.94
C ALA CG 140 19.18 94.18 28.57
N LYS CG 141 19.81 93.02 28.42
CA LYS CG 141 19.78 92.31 27.15
C LYS CG 141 18.43 91.67 26.90
N ALA CG 142 17.76 91.20 27.95
CA ALA CG 142 16.43 90.60 27.80
C ALA CG 142 15.31 91.63 27.81
N ALA CG 143 15.64 92.92 27.94
CA ALA CG 143 14.64 93.96 27.95
C ALA CG 143 14.00 94.12 26.57
N THR CG 144 12.81 94.71 26.56
CA THR CG 144 11.99 94.77 25.36
C THR CG 144 11.93 96.18 24.80
N PRO CG 145 11.94 96.34 23.48
CA PRO CG 145 11.80 97.67 22.88
C PRO CG 145 10.35 98.09 22.69
N GLY CG 146 10.14 99.40 22.80
CA GLY CG 146 8.81 99.96 22.60
C GLY CG 146 7.86 99.58 23.72
N THR CG 147 6.58 99.50 23.37
CA THR CG 147 5.58 99.07 24.32
C THR CG 147 5.08 97.68 23.98
N PRO CG 148 4.79 96.85 24.97
CA PRO CG 148 4.18 95.55 24.71
C PRO CG 148 2.76 95.69 24.21
N PRO CG 149 2.37 94.90 23.21
CA PRO CG 149 0.98 94.97 22.73
C PRO CG 149 0.01 94.32 23.69
N LYS CG 150 -1.22 94.79 23.65
CA LYS CG 150 -2.26 94.26 24.52
C LYS CG 150 -2.80 92.96 23.94
N PRO CG 151 -2.74 91.85 24.67
CA PRO CG 151 -3.33 90.59 24.20
C PRO CG 151 -4.84 90.60 24.36
N THR CG 152 -5.55 90.62 23.23
CA THR CG 152 -7.00 90.71 23.21
C THR CG 152 -7.57 89.40 22.69
N ALA CG 153 -8.35 88.74 23.54
CA ALA CG 153 -9.05 87.51 23.16
C ALA CG 153 -10.50 87.87 22.87
N THR CG 154 -10.82 88.05 21.59
CA THR CG 154 -12.14 88.54 21.18
C THR CG 154 -12.79 87.57 20.21
N SER CG 155 -14.06 87.84 19.90
CA SER CG 155 -14.81 87.10 18.91
C SER CG 155 -15.49 88.10 17.98
N GLN CG 156 -15.24 87.96 16.68
CA GLN CG 156 -15.75 88.92 15.70
C GLN CG 156 -16.52 88.18 14.62
N PHE CG 157 -17.74 88.65 14.33
CA PHE CG 157 -18.49 88.11 13.22
C PHE CG 157 -17.90 88.58 11.90
N VAL CG 158 -17.99 87.73 10.89
CA VAL CG 158 -17.46 88.02 9.56
C VAL CG 158 -18.59 87.89 8.56
N ASN CG 159 -18.81 88.95 7.80
CA ASN CG 159 -19.75 88.94 6.68
C ASN CG 159 -18.98 88.82 5.37
N LEU CG 160 -19.60 88.15 4.39
CA LEU CG 160 -18.89 87.81 3.16
C LEU CG 160 -19.58 88.39 1.94
N SER CG 161 -19.91 89.67 1.98
CA SER CG 161 -20.41 90.34 0.79
C SER CG 161 -19.27 90.53 -0.20
N PRO CG 162 -19.57 90.59 -1.51
CA PRO CG 162 -18.55 90.99 -2.48
C PRO CG 162 -18.03 92.39 -2.25
N GLY CG 163 -18.86 93.29 -1.73
CA GLY CG 163 -18.39 94.60 -1.31
C GLY CG 163 -17.76 94.63 0.07
N SER CG 164 -17.88 93.55 0.84
CA SER CG 164 -17.30 93.52 2.17
C SER CG 164 -15.79 93.34 2.10
N THR CG 165 -15.08 94.09 2.94
CA THR CG 165 -13.63 93.95 3.01
C THR CG 165 -13.27 92.63 3.69
N PRO CG 166 -12.19 91.98 3.27
CA PRO CG 166 -11.77 90.75 3.94
C PRO CG 166 -11.26 91.06 5.34
N PRO CG 167 -11.36 90.09 6.27
CA PRO CG 167 -10.92 90.36 7.64
C PRO CG 167 -9.40 90.41 7.76
N VAL CG 168 -8.94 91.38 8.54
CA VAL CG 168 -7.53 91.60 8.81
C VAL CG 168 -7.28 91.23 10.27
N ILE CG 169 -6.26 90.41 10.51
CA ILE CG 169 -6.01 89.85 11.83
C ILE CG 169 -4.64 90.32 12.31
N ARG CG 170 -4.64 90.96 13.48
CA ARG CG 170 -3.41 91.43 14.10
C ARG CG 170 -2.75 90.30 14.87
N LEU CG 171 -1.43 90.20 14.73
CA LEU CG 171 -0.66 89.10 15.28
C LEU CG 171 0.53 89.62 16.08
N SER CG 172 1.15 88.69 16.82
CA SER CG 172 2.38 88.95 17.55
C SER CG 172 3.42 87.92 17.13
N GLN CG 173 4.69 88.32 17.16
CA GLN CG 173 5.77 87.46 16.69
C GLN CG 173 6.03 86.36 17.72
N GLY CG 174 5.96 85.11 17.26
CA GLY CG 174 6.28 83.98 18.10
C GLY CG 174 5.20 83.57 19.08
N PHE CG 175 4.02 84.16 19.01
CA PHE CG 175 2.95 83.86 19.95
C PHE CG 175 1.77 83.22 19.22
N VAL CG 176 1.07 82.33 19.94
CA VAL CG 176 0.04 81.51 19.33
C VAL CG 176 -1.22 82.34 19.13
N SER CG 177 -1.70 82.36 17.90
CA SER CG 177 -3.02 82.88 17.56
C SER CG 177 -3.93 81.69 17.38
N SER CG 178 -4.99 81.64 18.19
CA SER CG 178 -5.95 80.54 18.18
C SER CG 178 -7.19 81.02 17.44
N LEU CG 179 -7.42 80.46 16.26
CA LEU CG 179 -8.53 80.87 15.41
C LEU CG 179 -9.55 79.75 15.37
N VAL CG 180 -10.74 80.03 15.88
CA VAL CG 180 -11.84 79.05 15.89
C VAL CG 180 -12.93 79.53 14.94
N PHE CG 181 -13.73 78.58 14.47
CA PHE CG 181 -14.71 78.83 13.43
C PHE CG 181 -16.07 78.30 13.87
N LEU CG 182 -17.06 79.19 13.89
CA LEU CG 182 -18.45 78.84 14.14
C LEU CG 182 -19.28 79.37 12.97
N ASP CG 183 -20.53 78.92 12.90
CA ASP CG 183 -21.44 79.42 11.88
C ASP CG 183 -22.22 80.59 12.45
N SER CG 184 -23.32 80.98 11.79
CA SER CG 184 -24.20 82.00 12.35
C SER CG 184 -24.89 81.54 13.62
N THR CG 185 -25.14 80.25 13.77
CA THR CG 185 -25.76 79.70 14.97
C THR CG 185 -24.76 79.16 15.97
N GLY CG 186 -23.47 79.35 15.72
CA GLY CG 186 -22.45 78.91 16.66
C GLY CG 186 -22.02 77.47 16.53
N ALA CG 187 -22.51 76.76 15.51
CA ALA CG 187 -22.06 75.39 15.29
C ALA CG 187 -20.63 75.40 14.78
N PRO CG 188 -19.72 74.66 15.43
CA PRO CG 188 -18.30 74.71 15.04
C PRO CG 188 -18.07 74.03 13.70
N TRP CG 189 -17.48 74.77 12.77
CA TRP CG 189 -17.26 74.26 11.43
C TRP CG 189 -15.85 73.69 11.32
N PRO CG 190 -15.70 72.40 11.05
CA PRO CG 190 -14.37 71.84 10.82
C PRO CG 190 -13.75 72.36 9.54
N ILE CG 191 -12.43 72.39 9.53
CA ILE CG 191 -11.66 72.90 8.41
C ILE CG 191 -11.25 71.74 7.51
N ALA CG 192 -11.34 71.95 6.20
CA ALA CG 192 -10.90 70.94 5.24
C ALA CG 192 -9.49 71.18 4.74
N ALA CG 193 -9.21 72.36 4.19
CA ALA CG 193 -7.89 72.63 3.63
C ALA CG 193 -7.61 74.12 3.68
N TYR CG 194 -6.33 74.47 3.54
CA TYR CG 194 -5.95 75.86 3.52
C TYR CG 194 -4.65 76.04 2.74
N ASP CG 195 -4.45 77.27 2.28
CA ASP CG 195 -3.25 77.68 1.59
C ASP CG 195 -2.77 79.00 2.21
N LEU CG 196 -1.47 79.06 2.49
CA LEU CG 196 -0.88 80.15 3.24
C LEU CG 196 0.15 80.87 2.38
N GLY CG 197 0.04 82.19 2.28
CA GLY CG 197 1.06 82.98 1.66
C GLY CG 197 2.17 83.31 2.64
N ASP CG 198 3.39 83.42 2.10
CA ASP CG 198 4.65 83.55 2.83
C ASP CG 198 4.82 82.47 3.89
N PRO CG 199 5.17 81.23 3.53
CA PRO CG 199 5.56 80.26 4.55
C PRO CG 199 6.81 80.65 5.34
N SER CG 200 7.67 81.52 4.82
CA SER CG 200 8.86 81.94 5.55
C SER CG 200 8.55 82.88 6.70
N SER CG 201 7.35 83.44 6.76
CA SER CG 201 7.00 84.39 7.81
C SER CG 201 5.89 83.91 8.71
N PHE CG 202 5.33 82.73 8.49
CA PHE CG 202 4.27 82.19 9.33
C PHE CG 202 4.46 80.69 9.50
N ASN CG 203 3.91 80.17 10.59
CA ASN CG 203 3.94 78.74 10.88
C ASN CG 203 2.56 78.31 11.35
N ILE CG 204 2.09 77.16 10.87
CA ILE CG 204 0.75 76.67 11.17
C ILE CG 204 0.84 75.27 11.75
N GLN CG 205 0.22 75.06 12.90
CA GLN CG 205 -0.02 73.71 13.42
C GLN CG 205 -1.52 73.45 13.38
N TRP CG 206 -1.89 72.31 12.82
CA TRP CG 206 -3.30 71.99 12.63
C TRP CG 206 -3.45 70.49 12.47
N ASP CG 207 -4.12 69.84 13.43
CA ASP CG 207 -4.44 68.43 13.29
C ASP CG 207 -5.54 68.25 12.25
N LYS CG 208 -5.55 67.07 11.64
CA LYS CG 208 -6.23 66.83 10.36
C LYS CG 208 -7.75 66.91 10.44
N THR CG 209 -8.34 66.87 11.63
CA THR CG 209 -9.78 66.98 11.77
C THR CG 209 -10.20 68.16 12.61
N SER CG 210 -9.26 69.03 12.99
CA SER CG 210 -9.57 70.12 13.90
C SER CG 210 -10.29 71.26 13.20
N ASN CG 211 -11.11 71.96 13.98
CA ASN CG 211 -11.76 73.18 13.53
C ASN CG 211 -11.01 74.43 13.98
N THR CG 212 -9.85 74.27 14.60
CA THR CG 212 -9.12 75.37 15.21
C THR CG 212 -7.71 75.42 14.66
N LEU CG 213 -7.25 76.64 14.35
CA LEU CG 213 -5.94 76.87 13.79
C LEU CG 213 -5.02 77.52 14.82
N MET CG 214 -3.82 76.94 14.98
CA MET CG 214 -2.78 77.51 15.81
C MET CG 214 -1.73 78.13 14.89
N ILE CG 215 -1.63 79.45 14.93
CA ILE CG 215 -0.81 80.21 13.98
C ILE CG 215 0.29 80.93 14.75
N GLN CG 216 1.49 80.94 14.19
CA GLN CG 216 2.62 81.66 14.77
C GLN CG 216 3.17 82.61 13.72
N ALA CG 217 3.22 83.90 14.05
CA ALA CG 217 3.87 84.87 13.19
C ALA CG 217 5.38 84.72 13.37
N THR CG 218 6.03 84.08 12.41
CA THR CG 218 7.46 83.79 12.52
C THR CG 218 8.31 85.05 12.41
N LYS CG 219 8.02 85.88 11.41
CA LYS CG 219 8.81 87.07 11.18
C LYS CG 219 8.23 88.25 11.95
N LEU CG 220 8.74 89.46 11.69
CA LEU CG 220 8.37 90.65 12.45
C LEU CG 220 7.34 91.51 11.72
N TYR CG 221 7.66 91.96 10.51
CA TYR CG 221 6.81 92.91 9.80
C TYR CG 221 6.53 92.42 8.37
N ASN CG 222 6.20 91.15 8.25
CA ASN CG 222 5.79 90.58 6.97
C ASN CG 222 4.34 90.11 7.08
N TYR CG 223 3.48 90.67 6.25
CA TYR CG 223 2.06 90.35 6.28
C TYR CG 223 1.71 89.39 5.14
N GLY CG 224 0.79 88.49 5.42
CA GLY CG 224 0.43 87.47 4.46
C GLY CG 224 -1.06 87.31 4.28
N ASN CG 225 -1.46 86.31 3.52
CA ASN CG 225 -2.87 86.04 3.26
C ASN CG 225 -3.12 84.54 3.41
N LEU CG 226 -4.39 84.20 3.64
CA LEU CG 226 -4.77 82.83 3.87
C LEU CG 226 -6.07 82.52 3.13
N ALA CG 227 -6.09 81.39 2.44
CA ALA CG 227 -7.30 80.88 1.80
C ALA CG 227 -7.71 79.60 2.53
N VAL CG 228 -8.94 79.57 3.00
CA VAL CG 228 -9.47 78.48 3.81
C VAL CG 228 -10.68 77.90 3.10
N ARG CG 229 -10.69 76.58 2.94
CA ARG CG 229 -11.88 75.85 2.50
C ARG CG 229 -12.33 74.96 3.63
N LEU CG 230 -13.58 75.09 4.04
CA LEU CG 230 -14.15 74.27 5.09
C LEU CG 230 -14.70 72.99 4.48
N ARG CG 231 -15.35 72.16 5.30
CA ARG CG 231 -15.79 70.85 4.85
C ARG CG 231 -16.94 70.96 3.86
N GLY CG 232 -17.91 71.83 4.14
CA GLY CG 232 -19.06 71.95 3.27
C GLY CG 232 -19.25 73.33 2.72
N LEU CG 233 -18.34 74.25 3.07
CA LEU CG 233 -18.43 75.62 2.59
C LEU CG 233 -17.85 75.69 1.19
N ASN CG 234 -18.71 75.92 0.20
CA ASN CG 234 -18.25 76.00 -1.18
C ASN CG 234 -17.44 77.26 -1.43
N THR CG 235 -17.73 78.33 -0.71
CA THR CG 235 -17.00 79.58 -0.89
C THR CG 235 -15.67 79.52 -0.17
N PRO CG 236 -14.56 79.81 -0.85
CA PRO CG 236 -13.29 79.98 -0.13
C PRO CG 236 -13.31 81.23 0.72
N VAL CG 237 -12.55 81.20 1.81
CA VAL CG 237 -12.51 82.28 2.78
C VAL CG 237 -11.10 82.87 2.75
N MET CG 238 -10.98 84.15 2.43
CA MET CG 238 -9.69 84.80 2.29
C MET CG 238 -9.52 85.83 3.39
N LEU CG 239 -8.41 85.73 4.11
CA LEU CG 239 -8.11 86.64 5.20
C LEU CG 239 -6.70 87.20 5.03
N THR CG 240 -6.47 88.37 5.61
CA THR CG 240 -5.14 88.96 5.64
C THR CG 240 -4.63 88.98 7.07
N LEU CG 241 -3.37 88.59 7.25
CA LEU CG 241 -2.76 88.49 8.56
C LEU CG 241 -1.57 89.43 8.61
N ILE CG 242 -1.51 90.27 9.64
CA ILE CG 242 -0.43 91.24 9.80
C ILE CG 242 0.09 91.17 11.24
N PRO CG 243 1.37 90.94 11.46
CA PRO CG 243 1.90 90.97 12.82
C PRO CG 243 2.39 92.35 13.21
N GLY CG 244 2.78 92.51 14.47
CA GLY CG 244 3.40 93.75 14.93
C GLY CG 244 2.46 94.94 15.03
N GLN CG 245 1.51 94.89 15.96
CA GLN CG 245 0.59 95.99 16.20
C GLN CG 245 0.70 96.43 17.65
N LYS CG 246 -0.02 97.51 17.98
CA LYS CG 246 -0.04 98.02 19.35
C LYS CG 246 -0.92 97.17 20.27
N ALA CG 247 -1.70 96.25 19.73
CA ALA CG 247 -2.45 95.28 20.51
C ALA CG 247 -2.58 94.02 19.68
N VAL CG 248 -2.36 92.87 20.30
CA VAL CG 248 -2.35 91.59 19.61
C VAL CG 248 -3.68 90.90 19.84
N ASP CG 249 -4.32 90.48 18.74
CA ASP CG 249 -5.51 89.64 18.84
C ASP CG 249 -5.11 88.27 19.34
N TYR CG 250 -5.29 88.05 20.64
CA TYR CG 250 -4.78 86.82 21.27
C TYR CG 250 -5.58 85.60 20.84
N ARG CG 251 -6.91 85.70 20.84
CA ARG CG 251 -7.78 84.64 20.35
C ARG CG 251 -8.72 85.25 19.33
N VAL CG 252 -8.82 84.60 18.17
CA VAL CG 252 -9.68 85.08 17.08
C VAL CG 252 -10.74 84.03 16.83
N ASP CG 253 -12.00 84.45 16.89
CA ASP CG 253 -13.15 83.58 16.68
C ASP CG 253 -13.99 84.16 15.56
N LEU CG 254 -14.25 83.37 14.53
CA LEU CG 254 -14.96 83.84 13.34
C LEU CG 254 -16.27 83.08 13.19
N ARG CG 255 -17.37 83.81 13.08
CA ARG CG 255 -18.68 83.23 12.84
C ARG CG 255 -19.08 83.55 11.41
N VAL CG 256 -19.42 82.52 10.65
CA VAL CG 256 -19.67 82.66 9.22
C VAL CG 256 -21.15 82.98 9.00
N GLN CG 257 -21.45 83.51 7.82
CA GLN CG 257 -22.81 83.88 7.47
C GLN CG 257 -23.69 82.68 7.17
N GLY CG 258 -23.11 81.54 6.83
CA GLY CG 258 -23.85 80.33 6.52
C GLY CG 258 -24.05 79.45 7.73
N TYR CG 259 -24.18 78.15 7.46
CA TYR CG 259 -24.43 77.17 8.51
C TYR CG 259 -23.49 75.99 8.33
N GLY CG 260 -22.94 75.51 9.44
CA GLY CG 260 -21.96 74.45 9.41
C GLY CG 260 -22.58 73.07 9.28
N PRO CG 261 -21.78 72.04 9.53
CA PRO CG 261 -22.33 70.67 9.49
C PRO CG 261 -23.24 70.39 10.68
N ASN CG 262 -22.84 70.83 11.87
CA ASN CG 262 -23.72 70.77 13.02
C ASN CG 262 -24.83 71.79 12.88
N ALA CG 263 -25.96 71.52 13.53
CA ALA CG 263 -27.15 72.36 13.44
C ALA CG 263 -27.46 72.88 14.84
N LYS CG 264 -26.94 74.06 15.17
CA LYS CG 264 -27.18 74.70 16.45
C LYS CG 264 -28.27 75.76 16.36
N SER CG 265 -29.26 75.54 15.50
CA SER CG 265 -30.38 76.48 15.33
C SER CG 265 -31.56 75.93 16.11
N MET CG 266 -31.75 76.40 17.33
CA MET CG 266 -32.83 75.97 18.20
C MET CG 266 -33.61 77.18 18.69
N PRO CG 267 -34.90 77.03 18.97
CA PRO CG 267 -35.67 78.14 19.56
C PRO CG 267 -35.23 78.44 20.97
N THR CG 268 -34.94 79.71 21.24
CA THR CG 268 -34.53 80.20 22.56
C THR CG 268 -35.62 81.07 23.18
N GLU CG 269 -36.88 80.64 23.04
CA GLU CG 269 -38.02 81.49 23.34
C GLU CG 269 -38.50 81.41 24.78
N GLU CG 270 -38.47 80.22 25.40
CA GLU CG 270 -39.30 79.87 26.55
C GLU CG 270 -40.75 80.28 26.27
N GLY CG 271 -41.31 79.62 25.26
CA GLY CG 271 -42.42 80.15 24.52
C GLY CG 271 -43.73 80.20 25.26
N ILE CG 272 -44.68 80.88 24.63
CA ILE CG 272 -46.02 81.05 25.17
C ILE CG 272 -46.74 79.72 25.16
N PRO CG 273 -47.60 79.42 26.13
CA PRO CG 273 -48.54 78.33 25.97
C PRO CG 273 -49.49 78.62 24.80
N PRO CG 274 -49.95 77.58 24.12
CA PRO CG 274 -50.75 77.81 22.90
C PRO CG 274 -52.13 78.36 23.21
N SER CG 275 -52.77 78.86 22.17
CA SER CG 275 -54.09 79.48 22.33
C SER CG 275 -55.17 78.44 22.55
N ALA CG 276 -55.39 77.59 21.55
CA ALA CG 276 -56.47 76.61 21.59
C ALA CG 276 -56.19 75.53 20.55
N ASN CG 277 -57.21 74.73 20.27
CA ASN CG 277 -57.16 73.72 19.23
C ASN CG 277 -58.24 74.02 18.19
N ASP CG 278 -57.88 73.87 16.92
CA ASP CG 278 -58.74 74.32 15.83
C ASP CG 278 -59.94 73.41 15.62
N LEU CG 279 -59.92 72.20 16.18
CA LEU CG 279 -61.05 71.30 15.99
C LEU CG 279 -62.28 71.75 16.76
N LEU CG 280 -62.10 72.58 17.79
CA LEU CG 280 -63.24 73.08 18.55
C LEU CG 280 -64.12 74.00 17.72
N LEU CG 281 -63.55 74.64 16.71
CA LEU CG 281 -64.35 75.46 15.81
C LEU CG 281 -65.31 74.60 14.98
N HIS CG 282 -64.80 73.48 14.45
CA HIS CG 282 -65.65 72.56 13.69
C HIS CG 282 -66.67 71.89 14.60
N VAL CG 283 -66.28 71.58 15.85
CA VAL CG 283 -67.23 71.02 16.80
C VAL CG 283 -68.31 72.03 17.16
N LEU CG 284 -67.92 73.29 17.35
CA LEU CG 284 -68.87 74.35 17.65
C LEU CG 284 -69.81 74.60 16.48
N GLU CG 285 -69.36 74.31 15.28
CA GLU CG 285 -70.24 74.33 14.12
C GLU CG 285 -70.93 72.98 13.88
N GLY CG 286 -70.62 71.97 14.68
CA GLY CG 286 -71.26 70.69 14.57
C GLY CG 286 -70.52 69.68 13.72
N VAL CG 287 -69.45 70.09 13.05
CA VAL CG 287 -68.69 69.20 12.18
C VAL CG 287 -67.83 68.26 13.04
N PRO CG 288 -67.99 66.95 12.90
CA PRO CG 288 -67.07 66.02 13.55
C PRO CG 288 -65.68 66.13 12.96
N PRO CG 289 -64.64 66.02 13.80
CA PRO CG 289 -63.29 66.13 13.28
C PRO CG 289 -62.92 64.91 12.46
N PRO CG 290 -62.05 65.07 11.47
CA PRO CG 290 -61.65 63.92 10.64
C PRO CG 290 -60.85 62.91 11.41
N GLY CG 291 -61.04 61.64 11.06
CA GLY CG 291 -60.39 60.55 11.75
C GLY CG 291 -60.99 60.18 13.07
N SER CG 292 -62.06 60.82 13.49
CA SER CG 292 -62.70 60.53 14.76
C SER CG 292 -63.84 59.55 14.55
N ARG CG 293 -64.33 58.99 15.66
CA ARG CG 293 -65.45 58.08 15.64
C ARG CG 293 -66.57 58.64 16.50
N ARG CG 294 -67.80 58.38 16.06
CA ARG CG 294 -68.97 58.93 16.73
C ARG CG 294 -69.17 58.28 18.09
N LEU CG 295 -69.81 59.01 18.98
CA LEU CG 295 -70.10 58.53 20.33
C LEU CG 295 -71.60 58.58 20.56
N VAL CG 296 -72.06 57.85 21.57
CA VAL CG 296 -73.48 57.76 21.88
C VAL CG 296 -73.75 58.58 23.13
N VAL CG 297 -74.54 59.63 22.97
CA VAL CG 297 -74.95 60.49 24.08
C VAL CG 297 -76.34 60.06 24.51
N SER CG 298 -76.50 59.77 25.80
CA SER CG 298 -77.76 59.28 26.32
C SER CG 298 -78.23 60.14 27.48
N GLY CG 299 -79.52 60.45 27.48
CA GLY CG 299 -80.14 61.16 28.57
C GLY CG 299 -80.20 62.67 28.44
N GLY CG 300 -79.64 63.24 27.36
CA GLY CG 300 -79.65 64.68 27.21
C GLY CG 300 -79.28 65.08 25.80
N ASP CG 301 -79.49 66.37 25.53
CA ASP CG 301 -79.20 66.93 24.21
C ASP CG 301 -77.75 67.40 24.19
N ALA CG 302 -76.86 66.55 23.68
CA ALA CG 302 -75.48 66.92 23.42
C ALA CG 302 -74.94 65.96 22.38
N ARG CG 303 -73.86 66.37 21.72
CA ARG CG 303 -73.20 65.52 20.75
C ARG CG 303 -71.73 65.39 21.12
N ALA CG 304 -71.14 64.25 20.80
CA ALA CG 304 -69.80 63.95 21.26
C ALA CG 304 -69.02 63.19 20.20
N TRP CG 305 -67.69 63.41 20.21
CA TRP CG 305 -66.78 62.71 19.32
C TRP CG 305 -65.49 62.44 20.06
N LEU CG 306 -64.77 61.43 19.58
CA LEU CG 306 -63.51 61.01 20.16
C LEU CG 306 -62.49 60.74 19.06
N SER CG 307 -61.34 61.38 19.14
CA SER CG 307 -60.31 61.24 18.12
C SER CG 307 -59.01 60.67 18.66
N ASN CG 308 -58.43 61.28 19.69
CA ASN CG 308 -57.11 60.93 20.19
C ASN CG 308 -57.14 60.81 21.69
N GLU CG 309 -58.11 60.03 22.20
CA GLU CG 309 -58.40 59.85 23.62
C GLU CG 309 -58.73 61.16 24.30
N LYS CG 310 -59.34 62.08 23.54
CA LYS CG 310 -59.81 63.36 24.05
C LYS CG 310 -61.25 63.52 23.60
N MET CG 311 -62.14 63.79 24.55
CA MET CG 311 -63.55 63.97 24.20
C MET CG 311 -63.80 65.39 23.72
N TYR CG 312 -64.53 65.50 22.62
CA TYR CG 312 -64.94 66.78 22.07
C TYR CG 312 -66.46 66.79 22.03
N VAL CG 313 -67.06 67.68 22.81
CA VAL CG 313 -68.51 67.66 22.97
C VAL CG 313 -69.09 69.03 22.61
N ARG CG 314 -70.36 69.01 22.20
CA ARG CG 314 -71.08 70.19 21.76
C ARG CG 314 -72.46 70.18 22.37
N THR CG 315 -72.81 71.25 23.07
CA THR CG 315 -74.14 71.38 23.67
C THR CG 315 -74.41 72.86 23.91
N ASN CG 316 -75.44 73.13 24.71
CA ASN CG 316 -75.69 74.45 25.24
C ASN CG 316 -75.74 74.45 26.76
N LEU CG 317 -75.56 73.29 27.39
CA LEU CG 317 -75.67 73.15 28.83
C LEU CG 317 -74.32 73.45 29.48
N THR CG 318 -74.22 73.19 30.77
CA THR CG 318 -73.06 73.57 31.56
C THR CG 318 -72.51 72.34 32.28
N ILE CG 319 -71.42 71.78 31.77
CA ILE CG 319 -70.80 70.62 32.40
C ILE CG 319 -70.14 71.02 33.71
N LEU CG 320 -70.22 70.15 34.71
CA LEU CG 320 -69.77 70.52 36.04
C LEU CG 320 -68.65 69.65 36.57
N SER CG 321 -68.79 68.32 36.49
CA SER CG 321 -67.91 67.47 37.28
C SER CG 321 -66.47 67.35 36.78
N PRO CG 322 -66.18 66.77 35.60
CA PRO CG 322 -64.85 66.18 35.42
C PRO CG 322 -63.76 67.16 35.02
N GLY CG 323 -64.08 68.43 34.76
CA GLY CG 323 -63.07 69.37 34.29
C GLY CG 323 -62.78 69.25 32.81
N TRP CG 324 -62.46 70.36 32.17
CA TRP CG 324 -62.19 70.36 30.74
C TRP CG 324 -60.87 71.05 30.45
N LEU CG 325 -60.31 70.74 29.29
CA LEU CG 325 -59.07 71.38 28.87
C LEU CG 325 -59.32 72.71 28.18
N ALA CG 326 -60.32 72.79 27.31
CA ALA CG 326 -60.58 74.04 26.63
C ALA CG 326 -62.06 74.16 26.31
N SER CG 327 -62.55 75.40 26.33
CA SER CG 327 -63.93 75.73 26.05
C SER CG 327 -64.02 76.71 24.88
N MET CG 328 -65.03 76.51 24.05
CA MET CG 328 -65.27 77.36 22.89
C MET CG 328 -66.70 77.84 22.92
N THR CG 329 -66.90 79.14 22.78
CA THR CG 329 -68.21 79.75 22.91
C THR CG 329 -68.60 80.41 21.60
N SER CG 330 -69.82 80.14 21.15
CA SER CG 330 -70.37 80.74 19.96
C SER CG 330 -70.84 82.15 20.27
N ALA CG 331 -71.33 82.84 19.23
CA ALA CG 331 -72.05 84.09 19.46
C ALA CG 331 -73.45 83.85 19.99
N ASP CG 332 -74.00 82.65 19.76
CA ASP CG 332 -75.34 82.30 20.18
C ASP CG 332 -75.37 81.55 21.50
N GLY CG 333 -74.24 81.48 22.21
CA GLY CG 333 -74.19 80.81 23.48
C GLY CG 333 -74.00 79.31 23.42
N THR CG 334 -73.82 78.74 22.23
CA THR CG 334 -73.51 77.33 22.10
C THR CG 334 -72.10 77.08 22.62
N HIS CG 335 -71.93 75.99 23.35
CA HIS CG 335 -70.67 75.66 24.00
C HIS CG 335 -70.09 74.38 23.43
N ALA CG 336 -68.77 74.37 23.30
CA ALA CG 336 -68.01 73.19 22.90
C ALA CG 336 -66.87 73.00 23.87
N TYR CG 337 -66.53 71.74 24.13
CA TYR CG 337 -65.51 71.45 25.14
C TYR CG 337 -64.58 70.36 24.64
N GLU CG 338 -63.28 70.60 24.79
CA GLU CG 338 -62.27 69.55 24.69
C GLU CG 338 -61.83 69.18 26.10
N MET CG 339 -61.94 67.89 26.42
CA MET CG 339 -61.78 67.44 27.79
C MET CG 339 -61.29 66.00 27.81
N GLN CG 340 -61.06 65.49 29.02
CA GLN CG 340 -60.64 64.12 29.23
C GLN CG 340 -61.86 63.20 29.24
N LYS CG 341 -61.65 61.96 28.79
CA LYS CG 341 -62.76 61.02 28.68
C LYS CG 341 -63.24 60.54 30.05
N SER CG 342 -64.55 60.30 30.13
CA SER CG 342 -65.19 59.84 31.36
C SER CG 342 -66.53 59.24 30.99
N PRO CG 343 -66.99 58.20 31.69
CA PRO CG 343 -68.28 57.61 31.36
C PRO CG 343 -69.46 58.37 31.94
N VAL CG 344 -69.23 59.25 32.90
CA VAL CG 344 -70.30 59.91 33.64
C VAL CG 344 -70.07 61.41 33.60
N LEU CG 345 -71.11 62.17 33.29
CA LEU CG 345 -71.06 63.62 33.27
C LEU CG 345 -72.08 64.21 34.23
N LEU CG 346 -71.76 65.35 34.81
CA LEU CG 346 -72.69 66.07 35.67
C LEU CG 346 -72.88 67.46 35.11
N VAL CG 347 -74.14 67.87 34.90
CA VAL CG 347 -74.46 69.19 34.38
C VAL CG 347 -75.50 69.84 35.28
N SER CG 348 -75.67 71.14 35.07
CA SER CG 348 -76.78 71.89 35.64
C SER CG 348 -77.69 72.31 34.49
N TRP CG 349 -78.95 71.91 34.56
CA TRP CG 349 -79.88 72.19 33.48
C TRP CG 349 -80.49 73.57 33.61
N HIS CG 350 -81.22 73.80 34.69
CA HIS CG 350 -81.80 75.10 35.03
C HIS CG 350 -81.62 75.36 36.51
N GLY CG 351 -80.37 75.30 36.96
CA GLY CG 351 -80.08 75.33 38.38
C GLY CG 351 -80.29 74.01 39.06
N LYS CG 352 -80.52 72.94 38.29
CA LYS CG 352 -80.80 71.62 38.83
C LYS CG 352 -79.78 70.62 38.31
N VAL CG 353 -79.33 69.76 39.22
CA VAL CG 353 -78.27 68.81 38.91
C VAL CG 353 -78.82 67.68 38.05
N MET CG 354 -78.08 67.30 37.01
CA MET CG 354 -78.46 66.20 36.14
C MET CG 354 -77.21 65.42 35.76
N GLN CG 355 -77.42 64.17 35.37
CA GLN CG 355 -76.34 63.28 34.96
C GLN CG 355 -76.44 62.96 33.48
N LEU CG 356 -75.32 62.54 32.91
CA LEU CG 356 -75.26 62.11 31.52
C LEU CG 356 -74.40 60.85 31.45
N LYS CG 357 -74.89 59.87 30.69
CA LYS CG 357 -74.26 58.57 30.56
C LYS CG 357 -73.59 58.48 29.20
N VAL CG 358 -72.36 57.97 29.18
CA VAL CG 358 -71.55 57.90 27.97
C VAL CG 358 -71.48 56.46 27.50
N GLU CG 359 -71.86 56.22 26.25
CA GLU CG 359 -71.79 54.90 25.65
C GLU CG 359 -70.85 54.92 24.46
N GLY CG 360 -70.27 53.76 24.19
CA GLY CG 360 -69.26 53.66 23.15
C GLY CG 360 -67.87 54.04 23.58
N LEU CG 361 -67.66 54.34 24.86
CA LEU CG 361 -66.34 54.66 25.36
C LEU CG 361 -65.53 53.39 25.59
N VAL DG 38 -85.02 49.01 -18.64
CA VAL DG 38 -86.41 49.29 -19.00
C VAL DG 38 -87.30 49.82 -17.83
N PRO DG 39 -87.47 49.11 -16.70
CA PRO DG 39 -88.47 49.58 -15.73
C PRO DG 39 -88.02 50.79 -14.92
N LYS DG 40 -86.73 51.14 -14.96
CA LYS DG 40 -86.26 52.34 -14.29
C LYS DG 40 -86.70 53.58 -15.04
N LEU DG 41 -86.55 53.58 -16.35
CA LEU DG 41 -86.94 54.72 -17.16
C LEU DG 41 -88.46 54.74 -17.35
N PRO DG 42 -89.08 55.91 -17.35
CA PRO DG 42 -90.52 55.99 -17.63
C PRO DG 42 -90.80 55.70 -19.09
N CYS DG 43 -92.01 55.21 -19.35
CA CYS DG 43 -92.43 54.96 -20.72
C CYS DG 43 -93.18 56.13 -21.33
N ARG DG 44 -93.89 56.90 -20.52
CA ARG DG 44 -94.72 57.99 -21.01
C ARG DG 44 -94.63 59.15 -20.03
N VAL DG 45 -95.30 60.24 -20.38
CA VAL DG 45 -95.48 61.35 -19.45
C VAL DG 45 -96.53 60.95 -18.42
N ASP DG 46 -96.25 61.20 -17.14
CA ASP DG 46 -97.06 60.70 -16.04
C ASP DG 46 -98.46 61.27 -16.03
N GLY DG 47 -99.44 60.42 -15.72
CA GLY DG 47 -100.81 60.85 -15.59
C GLY DG 47 -101.47 61.26 -16.88
N ALA DG 48 -100.98 60.79 -18.02
CA ALA DG 48 -101.47 61.23 -19.31
C ALA DG 48 -102.15 60.08 -20.04
N CYS DG 49 -103.40 60.31 -20.44
CA CYS DG 49 -104.14 59.37 -21.29
C CYS DG 49 -104.86 60.20 -22.34
N ASP DG 50 -104.38 60.10 -23.58
CA ASP DG 50 -104.89 60.92 -24.67
C ASP DG 50 -106.34 60.61 -25.01
N ALA DG 51 -106.77 59.36 -24.78
CA ALA DG 51 -108.17 59.02 -24.96
C ALA DG 51 -109.05 59.76 -23.98
N THR DG 52 -108.62 59.85 -22.72
CA THR DG 52 -109.34 60.66 -21.74
C THR DG 52 -109.29 62.13 -22.09
N ILE DG 53 -108.16 62.57 -22.66
CA ILE DG 53 -108.00 63.97 -23.07
C ILE DG 53 -109.01 64.33 -24.14
N ILE DG 54 -109.12 63.50 -25.18
CA ILE DG 54 -110.04 63.84 -26.27
C ILE DG 54 -111.48 63.60 -25.84
N LYS DG 55 -111.73 62.67 -24.91
CA LYS DG 55 -113.09 62.45 -24.44
C LYS DG 55 -113.58 63.64 -23.62
N MET DG 56 -112.73 64.17 -22.74
CA MET DG 56 -113.14 65.34 -21.97
C MET DG 56 -113.15 66.58 -22.85
N MET DG 57 -112.37 66.61 -23.93
CA MET DG 57 -112.49 67.69 -24.91
C MET DG 57 -113.85 67.66 -25.59
N THR DG 58 -114.31 66.47 -25.97
CA THR DG 58 -115.62 66.32 -26.59
C THR DG 58 -116.74 66.70 -25.63
N ASP DG 59 -116.61 66.28 -24.37
CA ASP DG 59 -117.62 66.63 -23.38
C ASP DG 59 -117.61 68.13 -23.07
N LEU DG 60 -116.44 68.76 -23.09
CA LEU DG 60 -116.38 70.20 -22.84
C LEU DG 60 -116.97 70.99 -24.00
N ASN DG 61 -116.71 70.54 -25.23
CA ASN DG 61 -117.29 71.22 -26.39
C ASN DG 61 -118.80 71.02 -26.45
N LYS DG 62 -119.28 69.84 -26.04
CA LYS DG 62 -120.72 69.66 -25.96
C LYS DG 62 -121.34 70.37 -24.76
N LYS DG 63 -120.53 70.69 -23.74
CA LYS DG 63 -121.01 71.54 -22.66
C LYS DG 63 -121.14 72.97 -23.13
N GLY DG 64 -120.27 73.40 -24.03
CA GLY DG 64 -120.44 74.71 -24.64
C GLY DG 64 -119.17 75.52 -24.62
N ILE DG 65 -118.20 75.06 -23.83
CA ILE DG 65 -116.92 75.74 -23.77
C ILE DG 65 -116.14 75.43 -25.03
N LYS DG 66 -115.67 76.47 -25.72
CA LYS DG 66 -115.10 76.30 -27.04
C LYS DG 66 -113.65 75.84 -26.94
N VAL DG 67 -113.33 74.75 -27.62
CA VAL DG 67 -111.99 74.19 -27.67
C VAL DG 67 -111.47 74.34 -29.10
N ALA DG 68 -110.29 74.92 -29.25
CA ALA DG 68 -109.69 75.13 -30.56
C ALA DG 68 -108.30 74.54 -30.59
N SER DG 69 -108.06 73.66 -31.56
CA SER DG 69 -106.77 73.01 -31.75
C SER DG 69 -106.35 73.21 -33.20
N VAL DG 70 -105.41 74.12 -33.42
CA VAL DG 70 -104.83 74.35 -34.74
C VAL DG 70 -103.31 74.32 -34.58
N GLY DG 71 -102.67 73.37 -35.25
CA GLY DG 71 -101.24 73.21 -35.09
C GLY DG 71 -100.91 72.74 -33.69
N GLN DG 72 -99.90 73.36 -33.10
CA GLN DG 72 -99.48 73.06 -31.73
C GLN DG 72 -100.10 73.98 -30.71
N ASN DG 73 -101.02 74.85 -31.13
CA ASN DG 73 -101.60 75.85 -30.25
C ASN DG 73 -103.03 75.47 -29.90
N TYR DG 74 -103.36 75.60 -28.62
CA TYR DG 74 -104.68 75.30 -28.11
C TYR DG 74 -105.26 76.53 -27.44
N LEU DG 75 -106.54 76.77 -27.70
CA LEU DG 75 -107.26 77.94 -27.25
C LEU DG 75 -108.56 77.48 -26.61
N ILE DG 76 -108.88 78.03 -25.44
CA ILE DG 76 -110.11 77.72 -24.75
C ILE DG 76 -110.88 79.01 -24.55
N SER DG 77 -112.12 79.02 -25.03
CA SER DG 77 -113.01 80.18 -24.93
C SER DG 77 -114.17 79.86 -24.01
N ILE DG 78 -114.40 80.75 -23.05
CA ILE DG 78 -115.47 80.58 -22.07
C ILE DG 78 -116.35 81.82 -22.08
N PRO DG 79 -117.67 81.67 -22.17
CA PRO DG 79 -118.57 82.81 -22.02
C PRO DG 79 -118.53 83.34 -20.59
N ALA DG 80 -118.65 84.66 -20.48
CA ALA DG 80 -118.55 85.32 -19.18
C ALA DG 80 -119.77 85.10 -18.30
N SER DG 81 -120.93 84.86 -18.91
CA SER DG 81 -122.14 84.58 -18.14
C SER DG 81 -122.08 83.20 -17.48
N ALA DG 82 -121.24 82.31 -17.99
CA ALA DG 82 -120.99 81.04 -17.32
C ALA DG 82 -120.02 81.16 -16.16
N LEU DG 83 -119.41 82.32 -15.97
CA LEU DG 83 -118.40 82.49 -14.94
C LEU DG 83 -118.84 83.47 -13.86
N PHE DG 84 -119.22 84.69 -14.22
CA PHE DG 84 -119.36 85.76 -13.24
C PHE DG 84 -120.81 86.21 -13.12
N ALA DG 85 -121.02 87.16 -12.23
CA ALA DG 85 -122.32 87.81 -12.07
C ALA DG 85 -122.34 89.05 -12.97
N ASP DG 86 -123.36 89.90 -12.80
CA ASP DG 86 -123.63 91.00 -13.72
C ASP DG 86 -122.59 92.10 -13.60
N GLN DG 87 -121.59 92.06 -14.50
CA GLN DG 87 -120.49 93.02 -14.59
C GLN DG 87 -119.67 93.09 -13.31
N SER DG 88 -119.63 92.00 -12.56
CA SER DG 88 -118.94 91.98 -11.28
C SER DG 88 -118.01 90.79 -11.20
N PRO DG 89 -116.82 90.95 -10.61
CA PRO DG 89 -115.84 89.87 -10.57
C PRO DG 89 -116.02 88.91 -9.40
N ARG DG 90 -117.25 88.44 -9.21
CA ARG DG 90 -117.53 87.45 -8.17
C ARG DG 90 -117.69 86.09 -8.82
N LEU DG 91 -117.02 85.10 -8.25
CA LEU DG 91 -117.02 83.75 -8.80
C LEU DG 91 -118.19 82.96 -8.28
N ASN DG 92 -118.87 82.25 -9.18
CA ASN DG 92 -119.97 81.40 -8.79
C ASN DG 92 -119.47 80.17 -8.06
N TRP DG 93 -120.24 79.74 -7.05
CA TRP DG 93 -119.85 78.55 -6.29
C TRP DG 93 -119.96 77.30 -7.15
N ALA DG 94 -120.96 77.23 -8.02
CA ALA DG 94 -121.10 76.08 -8.90
C ALA DG 94 -120.06 76.06 -10.01
N SER DG 95 -119.44 77.20 -10.30
CA SER DG 95 -118.44 77.27 -11.36
C SER DG 95 -117.12 76.61 -10.98
N TYR DG 96 -116.94 76.26 -9.70
CA TYR DG 96 -115.69 75.66 -9.27
C TYR DG 96 -115.51 74.26 -9.84
N SER DG 97 -116.59 73.51 -10.04
CA SER DG 97 -116.48 72.21 -10.69
C SER DG 97 -116.01 72.35 -12.12
N LEU DG 98 -116.55 73.33 -12.85
CA LEU DG 98 -116.13 73.60 -14.21
C LEU DG 98 -114.69 74.04 -14.26
N LEU DG 99 -114.27 74.86 -13.30
CA LEU DG 99 -112.87 75.28 -13.21
C LEU DG 99 -111.97 74.10 -12.88
N ASN DG 100 -112.46 73.17 -12.06
CA ASN DG 100 -111.73 71.94 -11.77
C ASN DG 100 -111.55 71.08 -13.01
N GLU DG 101 -112.60 71.01 -13.83
CA GLU DG 101 -112.50 70.29 -15.11
C GLU DG 101 -111.50 70.95 -16.04
N ILE DG 102 -111.48 72.29 -16.05
CA ILE DG 102 -110.54 73.04 -16.86
C ILE DG 102 -109.11 72.75 -16.44
N ALA DG 103 -108.84 72.77 -15.14
CA ALA DG 103 -107.51 72.50 -14.62
C ALA DG 103 -107.10 71.05 -14.86
N ALA DG 104 -108.05 70.12 -14.72
CA ALA DG 104 -107.76 68.71 -14.92
C ALA DG 104 -107.42 68.41 -16.36
N PHE DG 105 -108.12 69.04 -17.31
CA PHE DG 105 -107.73 68.90 -18.70
C PHE DG 105 -106.40 69.60 -18.97
N LEU DG 106 -106.18 70.75 -18.32
CA LEU DG 106 -105.04 71.59 -18.64
C LEU DG 106 -103.74 70.96 -18.19
N LYS DG 107 -103.75 70.26 -17.06
CA LYS DG 107 -102.52 69.68 -16.56
C LYS DG 107 -102.10 68.42 -17.31
N GLN DG 108 -102.92 67.93 -18.24
CA GLN DG 108 -102.53 66.79 -19.06
C GLN DG 108 -101.38 67.12 -19.99
N PHE DG 109 -101.35 68.34 -20.53
CA PHE DG 109 -100.34 68.71 -21.51
C PHE DG 109 -99.00 69.00 -20.84
N ARG DG 110 -97.99 69.22 -21.67
CA ARG DG 110 -96.71 69.76 -21.24
C ARG DG 110 -96.55 71.15 -21.83
N LYS DG 111 -96.31 72.13 -20.97
CA LYS DG 111 -96.39 73.53 -21.37
C LYS DG 111 -95.26 74.31 -20.73
N ILE DG 112 -95.12 75.56 -21.18
CA ILE DG 112 -94.16 76.49 -20.60
C ILE DG 112 -94.90 77.73 -20.15
N ALA DG 113 -95.54 78.42 -21.09
CA ALA DG 113 -96.20 79.69 -20.82
C ALA DG 113 -97.66 79.64 -21.25
N ILE DG 114 -98.53 80.17 -20.40
CA ILE DG 114 -99.96 80.28 -20.68
C ILE DG 114 -100.29 81.76 -20.69
N THR DG 115 -101.29 82.12 -21.49
CA THR DG 115 -101.76 83.51 -21.49
C THR DG 115 -103.27 83.54 -21.46
N VAL DG 116 -103.83 84.32 -20.55
CA VAL DG 116 -105.27 84.45 -20.39
C VAL DG 116 -105.66 85.92 -20.55
N THR DG 117 -106.63 86.17 -21.43
CA THR DG 117 -107.13 87.50 -21.67
C THR DG 117 -108.64 87.52 -21.46
N SER DG 118 -109.14 88.66 -21.01
CA SER DG 118 -110.57 88.84 -20.77
C SER DG 118 -111.11 89.99 -21.63
N TYR DG 119 -112.34 89.82 -22.11
CA TYR DG 119 -113.02 90.81 -22.93
C TYR DG 119 -114.46 90.94 -22.47
N SER DG 120 -115.06 92.09 -22.77
CA SER DG 120 -116.40 92.41 -22.27
C SER DG 120 -117.11 93.28 -23.29
N SER DG 121 -118.19 93.93 -22.88
CA SER DG 121 -118.95 94.85 -23.69
C SER DG 121 -118.83 96.27 -23.16
N LYS DG 122 -119.14 97.24 -24.01
CA LYS DG 122 -119.03 98.65 -23.66
C LYS DG 122 -120.17 99.04 -22.72
N TYR DG 123 -119.83 99.49 -21.53
CA TYR DG 123 -120.84 99.85 -20.54
C TYR DG 123 -120.78 101.30 -20.11
N VAL DG 124 -119.62 101.79 -19.66
CA VAL DG 124 -119.53 103.14 -19.14
C VAL DG 124 -118.42 103.89 -19.88
N SER DG 125 -117.26 103.26 -20.00
CA SER DG 125 -116.03 103.96 -20.33
C SER DG 125 -115.17 103.04 -21.17
N VAL DG 126 -113.87 103.31 -21.19
CA VAL DG 126 -112.92 102.26 -21.52
C VAL DG 126 -112.35 101.75 -20.20
N LYS DG 127 -112.27 102.65 -19.22
CA LYS DG 127 -111.49 102.40 -18.01
C LYS DG 127 -112.16 101.35 -17.12
N ARG DG 128 -113.47 101.50 -16.91
CA ARG DG 128 -114.21 100.58 -16.05
C ARG DG 128 -114.23 99.18 -16.64
N GLU DG 129 -114.42 99.09 -17.95
CA GLU DG 129 -114.51 97.79 -18.62
C GLU DG 129 -113.16 97.09 -18.65
N ARG DG 130 -112.09 97.84 -18.94
CA ARG DG 130 -110.76 97.27 -18.93
C ARG DG 130 -110.35 96.86 -17.52
N ALA DG 131 -110.76 97.62 -16.51
CA ALA DG 131 -110.46 97.26 -15.14
C ALA DG 131 -111.18 95.98 -14.72
N LEU DG 132 -112.45 95.84 -15.13
CA LEU DG 132 -113.19 94.62 -14.81
C LEU DG 132 -112.57 93.40 -15.48
N THR DG 133 -112.21 93.53 -16.75
CA THR DG 133 -111.58 92.40 -17.46
C THR DG 133 -110.22 92.06 -16.86
N LEU DG 134 -109.45 93.08 -16.50
CA LEU DG 134 -108.14 92.86 -15.88
C LEU DG 134 -108.27 92.16 -14.54
N ALA DG 135 -109.25 92.57 -13.73
CA ALA DG 135 -109.45 91.94 -12.43
C ALA DG 135 -109.90 90.49 -12.55
N ARG DG 136 -110.84 90.23 -13.47
CA ARG DG 136 -111.33 88.87 -13.67
C ARG DG 136 -110.22 87.95 -14.17
N SER DG 137 -109.43 88.44 -15.13
CA SER DG 137 -108.32 87.65 -15.64
C SER DG 137 -107.27 87.40 -14.56
N ARG DG 138 -106.99 88.41 -13.73
CA ARG DG 138 -105.98 88.26 -12.69
C ARG DG 138 -106.41 87.25 -11.64
N VAL DG 139 -107.68 87.27 -11.24
CA VAL DG 139 -108.10 86.36 -10.18
C VAL DG 139 -108.20 84.92 -10.71
N VAL DG 140 -108.64 84.74 -11.96
CA VAL DG 140 -108.71 83.37 -12.47
C VAL DG 140 -107.31 82.82 -12.74
N SER DG 141 -106.37 83.69 -13.13
CA SER DG 141 -105.00 83.26 -13.33
C SER DG 141 -104.34 82.89 -12.02
N GLU DG 142 -104.63 83.65 -10.96
CA GLU DG 142 -104.03 83.35 -9.66
C GLU DG 142 -104.57 82.04 -9.09
N TYR DG 143 -105.87 81.79 -9.26
CA TYR DG 143 -106.41 80.52 -8.79
C TYR DG 143 -105.86 79.35 -9.60
N LEU DG 144 -105.66 79.54 -10.91
CA LEU DG 144 -105.11 78.46 -11.71
C LEU DG 144 -103.65 78.20 -11.35
N TRP DG 145 -102.88 79.26 -11.08
CA TRP DG 145 -101.50 79.08 -10.65
C TRP DG 145 -101.42 78.42 -9.29
N SER DG 146 -102.38 78.72 -8.41
CA SER DG 146 -102.47 78.01 -7.15
C SER DG 146 -102.80 76.55 -7.37
N GLN DG 147 -103.65 76.25 -8.35
CA GLN DG 147 -104.00 74.87 -8.65
C GLN DG 147 -102.86 74.18 -9.37
N GLY DG 148 -102.98 72.86 -9.46
CA GLY DG 148 -101.89 72.01 -9.92
C GLY DG 148 -101.77 71.88 -11.43
N VAL DG 149 -101.27 72.93 -12.09
CA VAL DG 149 -100.88 72.85 -13.48
C VAL DG 149 -99.40 73.19 -13.55
N ASP DG 150 -98.61 72.29 -14.11
CA ASP DG 150 -97.17 72.49 -14.18
C ASP DG 150 -96.87 73.37 -15.40
N SER DG 151 -96.70 74.65 -15.15
CA SER DG 151 -96.22 75.58 -16.14
C SER DG 151 -95.05 76.36 -15.56
N ARG DG 152 -94.43 77.17 -16.41
CA ARG DG 152 -93.40 78.10 -15.98
C ARG DG 152 -93.93 79.51 -15.82
N ILE DG 153 -94.58 80.04 -16.86
CA ILE DG 153 -95.00 81.44 -16.91
C ILE DG 153 -96.50 81.50 -17.15
N ILE DG 154 -97.17 82.39 -16.43
CA ILE DG 154 -98.57 82.71 -16.66
C ILE DG 154 -98.68 84.21 -16.87
N PHE DG 155 -99.17 84.60 -18.05
CA PHE DG 155 -99.51 85.99 -18.35
C PHE DG 155 -101.01 86.17 -18.28
N THR DG 156 -101.44 87.27 -17.68
CA THR DG 156 -102.86 87.58 -17.59
C THR DG 156 -103.09 89.05 -17.92
N GLN DG 157 -104.16 89.30 -18.68
CA GLN DG 157 -104.56 90.65 -19.02
C GLN DG 157 -106.02 90.69 -19.42
N GLY DG 158 -106.59 91.89 -19.33
CA GLY DG 158 -107.92 92.15 -19.83
C GLY DG 158 -107.90 93.39 -20.69
N LEU DG 159 -108.77 93.40 -21.70
CA LEU DG 159 -108.79 94.50 -22.65
C LEU DG 159 -110.11 95.24 -22.71
N GLY DG 160 -111.09 94.86 -21.89
CA GLY DG 160 -112.37 95.55 -21.91
C GLY DG 160 -113.22 95.17 -23.10
N SER DG 161 -113.47 96.13 -23.99
CA SER DG 161 -114.36 95.94 -25.12
C SER DG 161 -113.77 96.57 -26.37
N ASP DG 162 -112.50 96.28 -26.65
CA ASP DG 162 -111.84 96.86 -27.80
C ASP DG 162 -112.01 96.04 -29.07
N LYS DG 163 -111.83 94.72 -28.98
CA LYS DG 163 -111.84 93.84 -30.14
C LYS DG 163 -112.85 92.72 -29.93
N PRO DG 164 -114.08 92.90 -30.39
CA PRO DG 164 -115.09 91.85 -30.26
C PRO DG 164 -114.93 90.83 -31.38
N ILE DG 165 -115.84 89.86 -31.39
CA ILE DG 165 -115.87 88.82 -32.42
C ILE DG 165 -117.10 88.88 -33.29
N THR DG 166 -118.10 89.70 -32.95
CA THR DG 166 -119.29 89.81 -33.75
C THR DG 166 -119.88 91.20 -33.58
N SER DG 167 -120.73 91.57 -34.53
CA SER DG 167 -121.42 92.85 -34.48
C SER DG 167 -122.78 92.77 -33.79
N TYR DG 168 -123.15 91.59 -33.29
CA TYR DG 168 -124.43 91.41 -32.62
C TYR DG 168 -124.27 91.79 -31.15
N THR DG 169 -124.55 93.05 -30.85
CA THR DG 169 -124.36 93.60 -29.51
C THR DG 169 -125.70 93.77 -28.78
N LEU DG 170 -126.63 92.84 -28.97
CA LEU DG 170 -127.95 92.97 -28.34
C LEU DG 170 -127.87 92.70 -26.84
N GLY DG 171 -127.20 91.65 -26.44
CA GLY DG 171 -127.08 91.34 -25.03
C GLY DG 171 -126.04 92.19 -24.34
N GLY DG 172 -126.00 92.05 -23.01
CA GLY DG 172 -124.97 92.73 -22.23
C GLY DG 172 -123.88 91.76 -21.87
N ASP DG 173 -123.89 91.27 -20.63
CA ASP DG 173 -123.02 90.16 -20.27
C ASP DG 173 -123.48 88.86 -20.91
N ARG DG 174 -124.76 88.77 -21.28
CA ARG DG 174 -125.27 87.63 -22.01
C ARG DG 174 -124.74 87.56 -23.44
N SER DG 175 -124.27 88.68 -23.98
CA SER DG 175 -123.73 88.69 -25.33
C SER DG 175 -122.43 87.92 -25.38
N PRO DG 176 -122.16 87.18 -26.47
CA PRO DG 176 -120.99 86.31 -26.50
C PRO DG 176 -119.66 87.04 -26.65
N ASN DG 177 -119.66 88.34 -26.93
CA ASN DG 177 -118.40 89.07 -27.01
C ASN DG 177 -117.76 89.25 -25.63
N ALA DG 178 -118.55 89.20 -24.56
CA ALA DG 178 -117.99 89.11 -23.23
C ALA DG 178 -117.50 87.70 -23.01
N ARG DG 179 -116.20 87.54 -22.81
CA ARG DG 179 -115.58 86.23 -22.91
C ARG DG 179 -114.26 86.22 -22.18
N VAL DG 180 -113.75 85.01 -21.94
CA VAL DG 180 -112.42 84.81 -21.39
C VAL DG 180 -111.72 83.73 -22.21
N GLU DG 181 -110.52 84.04 -22.68
CA GLU DG 181 -109.76 83.13 -23.52
C GLU DG 181 -108.45 82.78 -22.83
N ILE DG 182 -108.10 81.49 -22.85
CA ILE DG 182 -106.75 81.10 -22.48
C ILE DG 182 -106.11 80.45 -23.70
N THR DG 183 -104.79 80.62 -23.79
CA THR DG 183 -104.03 80.23 -24.97
C THR DG 183 -102.70 79.64 -24.52
N PHE DG 184 -102.29 78.55 -25.18
CA PHE DG 184 -100.94 78.04 -24.99
C PHE DG 184 -100.50 77.27 -26.23
N ARG DG 185 -99.20 77.03 -26.32
CA ARG DG 185 -98.63 76.22 -27.39
C ARG DG 185 -98.07 74.94 -26.80
N ARG DG 186 -98.46 73.80 -27.38
CA ARG DG 186 -97.94 72.52 -26.95
C ARG DG 186 -96.44 72.43 -27.29
N ALA DG 187 -95.65 72.03 -26.30
CA ALA DG 187 -94.20 72.00 -26.43
C ALA DG 187 -93.72 70.56 -26.44
N VAL DG 188 -92.93 70.22 -27.47
CA VAL DG 188 -92.28 68.92 -27.64
C VAL DG 188 -93.24 67.74 -27.62
N ILE EG 862 28.46 -59.81 19.22
CA ILE EG 862 27.62 -59.76 18.04
C ILE EG 862 26.73 -61.00 17.97
N ILE EG 863 25.43 -60.77 17.87
CA ILE EG 863 24.46 -61.83 17.69
C ILE EG 863 23.91 -61.72 16.27
N LYS EG 864 24.11 -62.78 15.48
CA LYS EG 864 23.70 -62.77 14.08
C LYS EG 864 22.18 -62.77 13.96
N THR EG 865 21.70 -62.26 12.83
CA THR EG 865 20.26 -62.10 12.63
C THR EG 865 19.65 -63.46 12.32
N GLY EG 866 18.81 -63.95 13.24
CA GLY EG 866 18.12 -65.20 13.04
C GLY EG 866 18.82 -66.45 13.51
N ASP EG 867 19.17 -66.50 14.79
CA ASP EG 867 19.58 -67.74 15.46
C ASP EG 867 18.58 -68.04 16.57
N ILE EG 868 18.82 -69.16 17.27
CA ILE EG 868 17.88 -69.72 18.23
C ILE EG 868 18.55 -69.75 19.60
N MET EG 869 17.77 -69.44 20.65
CA MET EG 869 18.20 -69.52 22.04
C MET EG 869 17.11 -70.21 22.86
N PHE EG 870 17.51 -70.86 23.94
CA PHE EG 870 16.57 -71.48 24.88
C PHE EG 870 16.54 -70.66 26.17
N ALA EG 871 15.38 -70.66 26.83
CA ALA EG 871 15.23 -69.91 28.07
C ALA EG 871 14.23 -70.63 28.96
N VAL EG 872 14.31 -70.33 30.25
CA VAL EG 872 13.44 -70.91 31.27
C VAL EG 872 12.45 -69.85 31.70
N LEU EG 873 11.16 -70.15 31.57
CA LEU EG 873 10.10 -69.28 32.02
C LEU EG 873 9.61 -69.72 33.40
N ASP EG 874 9.52 -68.76 34.31
CA ASP EG 874 9.29 -69.07 35.73
C ASP EG 874 7.94 -68.57 36.22
N THR EG 875 7.43 -67.51 35.60
CA THR EG 875 6.21 -66.86 36.07
C THR EG 875 5.09 -67.03 35.04
N SER EG 876 3.88 -67.33 35.52
CA SER EG 876 2.73 -67.59 34.66
C SER EG 876 1.76 -66.41 34.64
N VAL EG 877 0.86 -66.42 33.64
CA VAL EG 877 -0.15 -65.40 33.46
C VAL EG 877 -1.25 -65.97 32.57
N ASN EG 878 -2.48 -65.56 32.84
CA ASN EG 878 -3.61 -65.80 31.94
C ASN EG 878 -3.67 -64.69 30.89
N SER EG 879 -4.24 -65.02 29.73
CA SER EG 879 -4.42 -64.04 28.69
C SER EG 879 -5.67 -63.19 28.92
N ASP EG 880 -5.69 -62.44 30.01
CA ASP EG 880 -6.82 -61.58 30.35
C ASP EG 880 -6.40 -60.15 30.65
N GLU EG 881 -5.24 -59.96 31.28
CA GLU EG 881 -4.70 -58.62 31.52
C GLU EG 881 -3.27 -58.59 31.02
N PRO EG 882 -2.92 -57.67 30.12
CA PRO EG 882 -1.51 -57.52 29.74
C PRO EG 882 -0.68 -56.97 30.89
N GLY EG 883 0.60 -57.37 30.90
CA GLY EG 883 1.50 -56.95 31.94
C GLY EG 883 2.91 -57.42 31.71
N PRO EG 884 3.83 -56.98 32.57
CA PRO EG 884 5.23 -57.42 32.45
C PRO EG 884 5.41 -58.87 32.84
N ILE EG 885 6.16 -59.60 32.02
CA ILE EG 885 6.53 -60.98 32.31
C ILE EG 885 8.01 -61.15 31.99
N LEU EG 886 8.71 -61.94 32.80
CA LEU EG 886 10.14 -62.14 32.65
C LEU EG 886 10.45 -63.60 32.38
N ALA EG 887 11.49 -63.84 31.59
CA ALA EG 887 12.07 -65.16 31.38
C ALA EG 887 13.57 -65.08 31.65
N THR EG 888 14.18 -66.26 31.81
CA THR EG 888 15.59 -66.36 32.17
C THR EG 888 16.31 -67.15 31.10
N ILE EG 889 17.17 -66.48 30.34
CA ILE EG 889 18.03 -67.17 29.37
C ILE EG 889 19.07 -67.97 30.13
N VAL EG 890 19.07 -69.28 29.93
CA VAL EG 890 19.88 -70.17 30.73
C VAL EG 890 21.02 -70.81 29.94
N THR EG 891 20.99 -70.75 28.61
CA THR EG 891 22.06 -71.32 27.81
C THR EG 891 22.63 -70.26 26.87
N GLY EG 892 23.73 -70.61 26.19
CA GLY EG 892 24.36 -69.66 25.29
C GLY EG 892 25.40 -68.79 25.96
N LYS EG 893 25.85 -67.77 25.24
CA LYS EG 893 26.89 -66.88 25.74
C LYS EG 893 26.36 -65.95 26.82
N LEU EG 894 25.10 -65.52 26.71
CA LEU EG 894 24.47 -64.70 27.73
C LEU EG 894 23.85 -65.60 28.80
N LYS EG 895 24.46 -65.63 29.97
CA LYS EG 895 24.05 -66.53 31.05
C LYS EG 895 23.50 -65.70 32.21
N GLY EG 896 22.40 -66.17 32.78
CA GLY EG 896 21.77 -65.45 33.87
C GLY EG 896 20.95 -64.26 33.44
N SER EG 897 20.74 -64.08 32.14
CA SER EG 897 20.06 -62.91 31.63
C SER EG 897 18.55 -63.02 31.85
N LYS EG 898 17.91 -61.88 32.07
CA LYS EG 898 16.47 -61.81 32.26
C LYS EG 898 15.85 -60.89 31.22
N LEU EG 899 14.74 -61.33 30.63
CA LEU EG 899 14.11 -60.58 29.55
C LEU EG 899 12.64 -60.39 29.89
N ILE EG 900 12.18 -59.13 29.87
CA ILE EG 900 10.80 -58.77 30.17
C ILE EG 900 10.09 -58.35 28.90
N GLY EG 901 8.79 -58.62 28.87
CA GLY EG 901 7.90 -58.25 27.80
C GLY EG 901 6.46 -58.48 28.19
N SER EG 902 5.62 -58.79 27.21
CA SER EG 902 4.21 -59.10 27.46
C SER EG 902 3.75 -60.11 26.42
N PHE EG 903 2.44 -60.26 26.28
CA PHE EG 903 1.86 -61.24 25.37
C PHE EG 903 0.91 -60.53 24.38
N ASN EG 904 0.21 -61.35 23.60
CA ASN EG 904 -0.77 -60.87 22.64
C ASN EG 904 -2.08 -61.59 22.87
N LEU EG 905 -3.16 -60.97 22.41
CA LEU EG 905 -4.47 -61.61 22.44
C LEU EG 905 -4.88 -62.01 21.03
N PRO EG 906 -4.95 -63.29 20.73
CA PRO EG 906 -5.33 -63.72 19.38
C PRO EG 906 -6.84 -63.85 19.20
N SER EG 907 -7.27 -63.64 17.96
CA SER EG 907 -8.68 -63.81 17.62
C SER EG 907 -9.10 -65.26 17.66
N ASN EG 908 -8.27 -66.16 17.13
CA ASN EG 908 -8.50 -67.59 17.20
C ASN EG 908 -7.45 -68.20 18.11
N ALA EG 909 -7.83 -69.24 18.84
CA ALA EG 909 -7.00 -69.80 19.90
C ALA EG 909 -6.07 -70.90 19.43
N ASP EG 910 -5.68 -70.89 18.16
CA ASP EG 910 -4.82 -71.93 17.59
C ASP EG 910 -3.34 -71.72 17.87
N LYS EG 911 -2.95 -70.54 18.36
CA LYS EG 911 -1.62 -70.33 18.92
C LYS EG 911 -1.66 -69.12 19.85
N MET EG 912 -0.59 -68.98 20.63
CA MET EG 912 -0.43 -67.87 21.56
C MET EG 912 1.07 -67.62 21.74
N VAL EG 913 1.47 -66.34 21.71
CA VAL EG 913 2.88 -65.98 21.68
C VAL EG 913 3.16 -64.95 22.76
N ILE EG 914 4.45 -64.83 23.10
CA ILE EG 914 4.95 -63.86 24.07
C ILE EG 914 5.82 -62.86 23.34
N THR EG 915 5.49 -61.58 23.48
CA THR EG 915 6.28 -60.50 22.89
C THR EG 915 7.33 -60.08 23.91
N PHE EG 916 8.57 -60.46 23.67
CA PHE EG 916 9.67 -60.23 24.59
C PHE EG 916 10.61 -59.19 24.00
N ASN EG 917 10.80 -58.08 24.69
CA ASN EG 917 11.51 -56.97 24.06
C ASN EG 917 12.68 -56.42 24.87
N THR EG 918 12.54 -56.33 26.20
CA THR EG 918 13.52 -55.58 26.99
C THR EG 918 14.43 -56.55 27.74
N MET EG 919 15.70 -56.59 27.33
CA MET EG 919 16.68 -57.58 27.79
C MET EG 919 17.60 -56.94 28.83
N SER EG 920 17.96 -57.72 29.85
CA SER EG 920 18.93 -57.33 30.86
C SER EG 920 19.97 -58.44 31.02
N ILE EG 921 21.24 -58.06 30.97
CA ILE EG 921 22.37 -58.97 31.13
C ILE EG 921 22.99 -58.71 32.49
N PRO EG 922 23.28 -59.74 33.31
CA PRO EG 922 23.85 -59.48 34.64
C PRO EG 922 25.29 -58.99 34.57
N GLY EG 923 25.74 -58.35 35.65
CA GLY EG 923 27.08 -57.79 35.70
C GLY EG 923 27.15 -56.37 35.17
N ALA EG 924 27.05 -56.20 33.86
CA ALA EG 924 27.19 -54.91 33.23
C ALA EG 924 25.84 -54.21 33.14
N GLU EG 925 25.85 -52.91 33.46
CA GLU EG 925 24.64 -52.12 33.48
C GLU EG 925 24.30 -51.68 32.06
N LYS EG 926 23.77 -52.62 31.28
CA LYS EG 926 23.27 -52.34 29.95
C LYS EG 926 21.86 -52.89 29.84
N THR EG 927 21.09 -52.29 28.93
CA THR EG 927 19.73 -52.76 28.65
C THR EG 927 19.55 -52.70 27.14
N ILE EG 928 19.90 -53.78 26.46
CA ILE EG 928 19.68 -53.87 25.02
C ILE EG 928 18.23 -54.28 24.80
N SER EG 929 17.70 -54.03 23.61
CA SER EG 929 16.29 -54.29 23.37
C SER EG 929 16.10 -55.15 22.13
N ILE EG 930 16.79 -56.29 22.09
CA ILE EG 930 16.49 -57.31 21.08
C ILE EG 930 15.09 -57.83 21.36
N SER EG 931 14.20 -57.65 20.39
CA SER EG 931 12.78 -57.93 20.56
C SER EG 931 12.41 -59.15 19.72
N ALA EG 932 11.73 -60.10 20.34
CA ALA EG 932 11.49 -61.38 19.68
C ALA EG 932 10.17 -61.98 20.18
N TYR EG 933 9.85 -63.16 19.65
CA TYR EG 933 8.66 -63.93 19.93
C TYR EG 933 9.04 -65.25 20.61
N ALA EG 934 8.08 -66.17 20.69
CA ALA EG 934 8.29 -67.47 21.31
C ALA EG 934 7.77 -68.59 20.42
N ILE EG 935 8.37 -69.77 20.58
CA ILE EG 935 7.86 -71.02 20.01
C ILE EG 935 7.78 -72.04 21.13
N ASP EG 936 6.97 -73.07 20.94
CA ASP EG 936 6.89 -74.13 21.94
C ASP EG 936 8.16 -74.96 21.90
N PRO EG 937 8.82 -75.19 23.05
CA PRO EG 937 10.04 -75.99 23.05
C PRO EG 937 9.76 -77.46 22.73
N ASN EG 938 10.75 -78.09 22.12
CA ASN EG 938 10.77 -79.48 21.63
C ASN EG 938 9.69 -79.79 20.61
N THR EG 939 9.12 -78.80 19.94
CA THR EG 939 8.19 -79.05 18.84
C THR EG 939 8.61 -78.27 17.62
N ALA EG 940 9.34 -77.18 17.86
CA ALA EG 940 9.69 -76.15 16.87
C ALA EG 940 8.44 -75.61 16.18
N ARG EG 941 7.41 -75.40 16.99
CA ARG EG 941 6.13 -74.87 16.54
C ARG EG 941 5.70 -73.77 17.50
N THR EG 942 4.74 -72.98 17.05
CA THR EG 942 4.37 -71.75 17.74
C THR EG 942 3.15 -71.91 18.65
N ALA EG 943 2.69 -73.14 18.88
CA ALA EG 943 1.51 -73.35 19.70
C ALA EG 943 1.83 -73.12 21.18
N LEU EG 944 0.78 -72.87 21.95
CA LEU EG 944 0.89 -72.72 23.40
C LEU EG 944 0.31 -73.95 24.09
N ALA EG 945 1.02 -74.43 25.12
CA ALA EG 945 0.59 -75.61 25.86
C ALA EG 945 -0.39 -75.19 26.96
N SER EG 946 -1.66 -75.08 26.57
CA SER EG 946 -2.73 -74.78 27.52
C SER EG 946 -4.05 -75.29 26.93
N ARG EG 947 -5.12 -75.07 27.67
CA ARG EG 947 -6.46 -75.52 27.29
C ARG EG 947 -7.30 -74.36 26.78
N THR EG 948 -8.21 -74.67 25.87
CA THR EG 948 -9.01 -73.64 25.20
C THR EG 948 -10.52 -73.88 25.26
N ASN EG 949 -11.00 -74.87 26.00
CA ASN EG 949 -12.43 -75.14 26.12
C ASN EG 949 -13.01 -74.61 27.43
N HIS EG 950 -12.53 -73.44 27.87
CA HIS EG 950 -12.96 -72.89 29.16
C HIS EG 950 -14.41 -72.43 29.14
N HIS EG 951 -14.83 -71.77 28.07
CA HIS EG 951 -16.14 -71.14 27.99
C HIS EG 951 -16.81 -71.47 26.68
N TYR EG 952 -16.84 -72.76 26.34
CA TYR EG 952 -17.76 -73.26 25.33
C TYR EG 952 -19.02 -73.82 25.97
N LEU EG 953 -18.85 -74.83 26.83
CA LEU EG 953 -19.99 -75.60 27.33
C LEU EG 953 -20.82 -74.81 28.32
N MET EG 954 -20.21 -73.89 29.08
CA MET EG 954 -20.95 -73.11 30.06
C MET EG 954 -21.96 -72.19 29.40
N ARG EG 955 -21.51 -71.41 28.41
CA ARG EG 955 -22.42 -70.52 27.70
C ARG EG 955 -23.39 -71.30 26.81
N TYR EG 956 -22.95 -72.42 26.22
CA TYR EG 956 -23.87 -73.27 25.44
C TYR EG 956 -25.01 -73.80 26.30
N GLY EG 957 -24.67 -74.33 27.48
CA GLY EG 957 -25.68 -74.87 28.36
C GLY EG 957 -26.62 -73.82 28.93
N SER EG 958 -26.06 -72.65 29.27
CA SER EG 958 -26.89 -71.57 29.80
C SER EG 958 -27.89 -71.07 28.75
N LEU EG 959 -27.41 -70.86 27.52
CA LEU EG 959 -28.28 -70.39 26.44
C LEU EG 959 -29.33 -71.43 26.08
N PHE EG 960 -28.92 -72.71 25.99
CA PHE EG 960 -29.87 -73.76 25.64
C PHE EG 960 -30.89 -74.00 26.74
N ALA EG 961 -30.48 -73.84 28.01
CA ALA EG 961 -31.42 -73.99 29.11
C ALA EG 961 -32.44 -72.86 29.11
N SER EG 962 -32.00 -71.62 28.86
CA SER EG 962 -32.93 -70.50 28.76
C SER EG 962 -33.92 -70.69 27.62
N SER EG 963 -33.41 -71.17 26.48
CA SER EG 963 -34.26 -71.50 25.34
C SER EG 963 -35.31 -72.53 25.71
N PHE EG 964 -34.88 -73.68 26.23
CA PHE EG 964 -35.77 -74.79 26.57
C PHE EG 964 -36.81 -74.38 27.61
N LEU EG 965 -36.44 -73.46 28.51
CA LEU EG 965 -37.39 -72.88 29.45
C LEU EG 965 -38.50 -72.13 28.72
N GLN EG 966 -38.12 -71.22 27.81
CA GLN EG 966 -39.13 -70.45 27.08
C GLN EG 966 -40.02 -71.35 26.23
N GLY EG 967 -39.41 -72.34 25.57
CA GLY EG 967 -40.16 -73.26 24.74
C GLY EG 967 -41.16 -74.08 25.53
N PHE EG 968 -40.79 -74.44 26.77
CA PHE EG 968 -41.70 -75.21 27.60
C PHE EG 968 -42.90 -74.39 28.00
N GLY EG 969 -42.66 -73.15 28.40
CA GLY EG 969 -43.77 -72.30 28.79
C GLY EG 969 -44.72 -72.00 27.65
N ASN EG 970 -44.19 -71.63 26.48
CA ASN EG 970 -45.07 -71.27 25.38
C ASN EG 970 -45.79 -72.47 24.78
N ALA EG 971 -45.08 -73.60 24.57
CA ALA EG 971 -45.73 -74.72 23.91
C ALA EG 971 -46.68 -75.45 24.84
N PHE EG 972 -46.34 -75.56 26.14
CA PHE EG 972 -47.30 -76.16 27.04
C PHE EG 972 -48.39 -75.18 27.46
N GLN EG 973 -48.26 -73.89 27.14
CA GLN EG 973 -49.44 -73.03 27.13
C GLN EG 973 -50.30 -73.30 25.91
N SER EG 974 -49.67 -73.49 24.75
CA SER EG 974 -50.40 -73.66 23.50
C SER EG 974 -51.17 -74.97 23.45
N ALA EG 975 -50.66 -75.99 24.13
CA ALA EG 975 -51.30 -77.30 24.14
C ALA EG 975 -52.42 -77.41 25.18
N ASN EG 976 -52.89 -76.30 25.73
CA ASN EG 976 -53.85 -76.35 26.82
C ASN EG 976 -55.27 -76.69 26.35
N THR EG 977 -55.66 -76.21 25.17
CA THR EG 977 -57.03 -76.47 24.72
C THR EG 977 -57.21 -77.92 24.28
N THR EG 978 -56.26 -78.46 23.53
CA THR EG 978 -56.38 -79.81 23.01
C THR EG 978 -55.53 -80.79 23.82
N SER EG 999 -53.49 -77.39 37.24
CA SER EG 999 -53.08 -76.20 37.96
C SER EG 999 -51.56 -76.16 38.11
N THR EG 1000 -51.01 -77.28 38.60
CA THR EG 1000 -49.55 -77.39 38.74
C THR EG 1000 -48.85 -77.35 37.38
N LEU EG 1001 -49.46 -77.96 36.36
CA LEU EG 1001 -48.93 -77.86 35.01
C LEU EG 1001 -49.00 -76.44 34.50
N GLU EG 1002 -50.05 -75.70 34.86
CA GLU EG 1002 -50.15 -74.28 34.51
C GLU EG 1002 -49.06 -73.47 35.18
N ASN EG 1003 -48.74 -73.78 36.44
CA ASN EG 1003 -47.66 -73.07 37.13
C ASN EG 1003 -46.31 -73.39 36.53
N ALA EG 1004 -46.13 -74.62 36.05
CA ALA EG 1004 -44.94 -74.96 35.28
C ALA EG 1004 -44.84 -74.15 34.00
N VAL EG 1005 -45.96 -74.01 33.29
CA VAL EG 1005 -46.06 -73.17 32.10
C VAL EG 1005 -45.67 -71.74 32.43
N ILE EG 1006 -46.16 -71.25 33.57
CA ILE EG 1006 -45.89 -69.89 34.07
C ILE EG 1006 -44.40 -69.67 34.26
N GLY EG 1007 -43.75 -70.56 35.00
CA GLY EG 1007 -42.37 -70.34 35.38
C GLY EG 1007 -41.46 -70.46 34.19
N LEU EG 1008 -41.70 -71.48 33.36
CA LEU EG 1008 -40.86 -71.71 32.19
C LEU EG 1008 -41.03 -70.60 31.15
N ALA EG 1009 -42.28 -70.16 30.93
CA ALA EG 1009 -42.57 -69.08 29.98
C ALA EG 1009 -41.95 -67.77 30.38
N THR EG 1010 -41.87 -67.47 31.66
CA THR EG 1010 -41.37 -66.15 31.93
C THR EG 1010 -39.89 -66.11 32.29
N VAL EG 1011 -39.31 -67.21 32.77
CA VAL EG 1011 -37.86 -67.20 32.98
C VAL EG 1011 -37.11 -67.64 31.73
N GLY EG 1012 -37.80 -68.07 30.67
CA GLY EG 1012 -37.10 -68.34 29.43
C GLY EG 1012 -36.55 -67.09 28.76
N LYS EG 1013 -37.38 -66.04 28.64
CA LYS EG 1013 -37.06 -64.92 27.76
C LYS EG 1013 -35.92 -64.06 28.30
N ALA EG 1014 -35.99 -63.70 29.58
CA ALA EG 1014 -34.99 -62.81 30.17
C ALA EG 1014 -33.62 -63.49 30.22
N TRP EG 1015 -33.59 -64.76 30.59
CA TRP EG 1015 -32.32 -65.49 30.56
C TRP EG 1015 -31.85 -65.73 29.13
N SER EG 1016 -32.76 -65.82 28.16
CA SER EG 1016 -32.34 -65.97 26.77
C SER EG 1016 -31.65 -64.71 26.26
N GLN EG 1017 -32.24 -63.54 26.53
CA GLN EG 1017 -31.61 -62.30 26.06
C GLN EG 1017 -30.34 -61.99 26.84
N GLN EG 1018 -30.30 -62.30 28.13
CA GLN EG 1018 -29.06 -62.10 28.87
C GLN EG 1018 -27.99 -63.12 28.48
N ALA EG 1019 -28.40 -64.32 28.05
CA ALA EG 1019 -27.44 -65.31 27.58
C ALA EG 1019 -26.86 -64.90 26.23
N GLN EG 1020 -27.68 -64.33 25.35
CA GLN EG 1020 -27.14 -63.77 24.11
C GLN EG 1020 -26.29 -62.53 24.40
N GLN EG 1021 -26.59 -61.82 25.49
CA GLN EG 1021 -25.73 -60.72 25.94
C GLN EG 1021 -24.37 -61.24 26.39
N LEU EG 1022 -24.33 -62.35 27.12
CA LEU EG 1022 -23.07 -62.87 27.66
C LEU EG 1022 -22.41 -63.88 26.74
N PHE EG 1023 -22.97 -64.14 25.56
CA PHE EG 1023 -22.46 -65.20 24.72
C PHE EG 1023 -21.16 -64.82 24.02
N ASN EG 1024 -20.80 -63.55 24.04
CA ASN EG 1024 -19.72 -63.01 23.19
C ASN EG 1024 -18.33 -63.19 23.78
N THR EG 1025 -18.17 -63.68 25.00
CA THR EG 1025 -16.84 -63.75 25.60
C THR EG 1025 -16.09 -64.97 25.09
N PRO EG 1026 -14.90 -64.79 24.51
CA PRO EG 1026 -14.12 -65.95 24.02
C PRO EG 1026 -13.43 -66.66 25.18
N THR EG 1027 -12.87 -67.82 24.87
CA THR EG 1027 -12.14 -68.62 25.84
C THR EG 1027 -10.68 -68.19 25.84
N THR EG 1028 -10.22 -67.66 26.98
CA THR EG 1028 -8.86 -67.20 27.12
C THR EG 1028 -7.91 -68.38 27.37
N VAL EG 1029 -6.61 -68.10 27.27
CA VAL EG 1029 -5.58 -69.10 27.51
C VAL EG 1029 -4.74 -68.64 28.70
N GLU EG 1030 -3.92 -69.55 29.22
CA GLU EG 1030 -3.08 -69.24 30.36
C GLU EG 1030 -1.77 -70.02 30.26
N VAL EG 1031 -0.65 -69.29 30.23
CA VAL EG 1031 0.64 -69.96 30.25
C VAL EG 1031 0.92 -70.50 31.65
N TYR EG 1032 1.90 -71.40 31.73
CA TYR EG 1032 2.20 -72.07 32.99
C TYR EG 1032 3.53 -71.57 33.56
N SER EG 1033 3.69 -71.75 34.86
CA SER EG 1033 4.89 -71.29 35.55
C SER EG 1033 6.00 -72.32 35.58
N GLY EG 1034 5.85 -73.44 34.88
CA GLY EG 1034 6.86 -74.47 34.86
C GLY EG 1034 7.17 -75.01 33.48
N THR EG 1035 7.09 -74.16 32.46
CA THR EG 1035 7.43 -74.53 31.10
C THR EG 1035 8.27 -73.43 30.47
N GLY EG 1036 9.43 -73.79 29.94
CA GLY EG 1036 10.31 -72.85 29.30
C GLY EG 1036 9.91 -72.56 27.87
N LEU EG 1037 10.80 -71.85 27.16
CA LEU EG 1037 10.45 -71.34 25.85
C LEU EG 1037 11.71 -71.17 25.01
N GLY EG 1038 11.50 -70.88 23.72
CA GLY EG 1038 12.57 -70.60 22.80
C GLY EG 1038 12.43 -69.22 22.18
N ILE EG 1039 13.56 -68.56 22.02
CA ILE EG 1039 13.64 -67.19 21.53
C ILE EG 1039 14.53 -67.16 20.30
N LEU EG 1040 13.95 -66.82 19.14
CA LEU EG 1040 14.73 -66.66 17.93
C LEU EG 1040 14.97 -65.18 17.67
N PHE EG 1041 16.23 -64.83 17.45
CA PHE EG 1041 16.66 -63.44 17.40
C PHE EG 1041 16.21 -62.78 16.10
N THR EG 1042 16.00 -61.47 16.19
CA THR EG 1042 15.39 -60.69 15.11
C THR EG 1042 16.28 -59.57 14.63
N GLN EG 1043 17.05 -58.94 15.51
CA GLN EG 1043 17.92 -57.84 15.16
C GLN EG 1043 19.33 -58.12 15.68
N ASP EG 1044 20.27 -57.29 15.23
CA ASP EG 1044 21.65 -57.39 15.67
C ASP EG 1044 21.86 -56.58 16.95
N VAL EG 1045 22.64 -57.13 17.88
CA VAL EG 1045 23.02 -56.45 19.11
C VAL EG 1045 24.52 -56.65 19.32
N THR EG 1046 25.10 -55.84 20.19
CA THR EG 1046 26.53 -55.90 20.47
C THR EG 1046 26.80 -56.05 21.96
N ILE FG 862 22.45 -50.48 41.65
CA ILE FG 862 21.95 -50.80 40.31
C ILE FG 862 21.00 -51.98 40.36
N ILE FG 863 19.76 -51.75 39.92
CA ILE FG 863 18.76 -52.81 39.80
C ILE FG 863 18.57 -53.11 38.32
N LYS FG 864 18.80 -54.36 37.93
CA LYS FG 864 18.71 -54.76 36.54
C LYS FG 864 17.27 -54.77 36.07
N THR FG 865 17.10 -54.74 34.76
CA THR FG 865 15.77 -54.61 34.15
C THR FG 865 15.00 -55.92 34.29
N GLY FG 866 14.02 -55.94 35.19
CA GLY FG 866 13.15 -57.09 35.33
C GLY FG 866 13.65 -58.22 36.20
N ASP FG 867 13.84 -57.94 37.49
CA ASP FG 867 14.13 -58.97 38.49
C ASP FG 867 12.90 -59.15 39.37
N ILE FG 868 13.02 -60.00 40.39
CA ILE FG 868 11.90 -60.41 41.23
C ILE FG 868 12.20 -60.00 42.67
N MET FG 869 11.24 -59.34 43.31
CA MET FG 869 11.31 -58.96 44.72
C MET FG 869 10.03 -59.41 45.41
N PHE FG 870 10.03 -59.37 46.74
CA PHE FG 870 8.91 -59.86 47.53
C PHE FG 870 8.44 -58.77 48.48
N ALA FG 871 7.15 -58.81 48.82
CA ALA FG 871 6.57 -57.83 49.73
C ALA FG 871 5.45 -58.48 50.52
N VAL FG 872 5.04 -57.82 51.60
CA VAL FG 872 4.00 -58.31 52.49
C VAL FG 872 2.90 -57.27 52.55
N LEU FG 873 1.66 -57.70 52.34
CA LEU FG 873 0.50 -56.83 52.42
C LEU FG 873 -0.14 -56.93 53.80
N ASP FG 874 -0.55 -55.78 54.33
CA ASP FG 874 -1.02 -55.69 55.71
C ASP FG 874 -2.44 -55.17 55.81
N THR FG 875 -2.86 -54.35 54.84
CA THR FG 875 -4.20 -53.77 54.85
C THR FG 875 -4.97 -54.20 53.61
N SER FG 876 -6.26 -54.47 53.77
CA SER FG 876 -7.12 -54.87 52.66
C SER FG 876 -8.09 -53.75 52.27
N VAL FG 877 -8.68 -53.91 51.09
CA VAL FG 877 -9.68 -52.97 50.59
C VAL FG 877 -10.53 -53.72 49.55
N ASN FG 878 -11.78 -53.29 49.42
CA ASN FG 878 -12.65 -53.76 48.36
C ASN FG 878 -12.33 -53.00 47.08
N SER FG 879 -12.53 -53.68 45.95
CA SER FG 879 -12.22 -53.07 44.66
C SER FG 879 -13.44 -52.33 44.12
N ASP FG 880 -13.90 -51.35 44.86
CA ASP FG 880 -15.07 -50.55 44.50
C ASP FG 880 -14.80 -49.06 44.55
N GLU FG 881 -13.99 -48.60 45.50
CA GLU FG 881 -13.66 -47.18 45.65
C GLU FG 881 -12.15 -47.05 45.53
N PRO FG 882 -11.66 -46.17 44.67
CA PRO FG 882 -10.21 -46.00 44.54
C PRO FG 882 -9.60 -45.34 45.77
N GLY FG 883 -8.33 -45.66 46.00
CA GLY FG 883 -7.57 -45.07 47.08
C GLY FG 883 -6.14 -45.57 47.09
N PRO FG 884 -5.30 -44.96 47.93
CA PRO FG 884 -3.93 -45.46 48.07
C PRO FG 884 -3.88 -46.76 48.86
N ILE FG 885 -3.00 -47.68 48.47
CA ILE FG 885 -2.76 -48.90 49.22
C ILE FG 885 -1.25 -49.06 49.41
N LEU FG 886 -0.85 -49.51 50.59
CA LEU FG 886 0.55 -49.55 50.99
C LEU FG 886 1.02 -50.99 51.15
N ALA FG 887 2.27 -51.24 50.79
CA ALA FG 887 2.96 -52.50 51.09
C ALA FG 887 4.38 -52.19 51.57
N THR FG 888 5.04 -53.21 52.09
CA THR FG 888 6.42 -53.07 52.56
C THR FG 888 7.25 -54.15 51.90
N ILE FG 889 8.32 -53.74 51.20
CA ILE FG 889 9.22 -54.71 50.59
C ILE FG 889 10.01 -55.39 51.69
N VAL FG 890 9.96 -56.72 51.72
CA VAL FG 890 10.45 -57.47 52.88
C VAL FG 890 11.79 -58.14 52.63
N THR FG 891 12.26 -58.18 51.38
CA THR FG 891 13.60 -58.73 51.12
C THR FG 891 14.32 -57.88 50.08
N GLY FG 892 15.55 -58.28 49.73
CA GLY FG 892 16.31 -57.54 48.75
C GLY FG 892 17.33 -56.61 49.39
N LYS FG 893 17.85 -55.69 48.56
CA LYS FG 893 18.91 -54.80 48.99
C LYS FG 893 18.41 -53.69 49.90
N LEU FG 894 17.22 -53.16 49.60
CA LEU FG 894 16.67 -52.06 50.39
C LEU FG 894 15.92 -52.61 51.60
N LYS FG 895 16.16 -52.02 52.77
CA LYS FG 895 15.52 -52.44 54.00
C LYS FG 895 14.67 -51.32 54.57
N GLY FG 896 13.47 -51.66 55.04
CA GLY FG 896 12.55 -50.68 55.58
C GLY FG 896 11.71 -49.96 54.54
N SER FG 897 11.82 -50.35 53.27
CA SER FG 897 11.19 -49.61 52.20
C SER FG 897 9.71 -49.97 52.06
N LYS FG 898 8.90 -48.97 51.76
CA LYS FG 898 7.47 -49.13 51.55
C LYS FG 898 7.11 -48.72 50.13
N LEU FG 899 5.86 -48.97 49.74
CA LEU FG 899 5.44 -48.74 48.36
C LEU FG 899 3.93 -48.49 48.35
N ILE FG 900 3.55 -47.30 47.87
CA ILE FG 900 2.15 -46.93 47.67
C ILE FG 900 1.78 -47.18 46.23
N GLY FG 901 0.54 -47.60 46.02
CA GLY FG 901 -0.02 -47.72 44.70
C GLY FG 901 -1.53 -47.81 44.76
N SER FG 902 -2.14 -48.44 43.78
CA SER FG 902 -3.59 -48.53 43.72
C SER FG 902 -3.98 -49.83 43.00
N PHE FG 903 -5.22 -49.90 42.55
CA PHE FG 903 -5.75 -51.06 41.86
C PHE FG 903 -6.39 -50.62 40.54
N ASN FG 904 -6.63 -51.59 39.66
CA ASN FG 904 -7.33 -51.37 38.41
C ASN FG 904 -8.43 -52.40 38.27
N LEU FG 905 -9.58 -51.94 37.78
CA LEU FG 905 -10.76 -52.78 37.69
C LEU FG 905 -10.80 -53.47 36.35
N PRO FG 906 -10.74 -54.80 36.31
CA PRO FG 906 -10.82 -55.51 35.05
C PRO FG 906 -12.27 -55.69 34.58
N SER FG 907 -12.43 -55.75 33.26
CA SER FG 907 -13.72 -56.05 32.68
C SER FG 907 -14.17 -57.47 33.02
N ASN FG 908 -13.24 -58.42 32.98
CA ASN FG 908 -13.47 -59.77 33.49
C ASN FG 908 -12.55 -59.99 34.68
N ALA FG 909 -13.14 -60.42 35.79
CA ALA FG 909 -12.46 -60.49 37.09
C ALA FG 909 -11.78 -61.83 37.33
N ASP FG 910 -11.34 -62.51 36.27
CA ASP FG 910 -10.63 -63.77 36.39
C ASP FG 910 -9.21 -63.61 36.94
N LYS FG 911 -8.70 -62.39 36.99
CA LYS FG 911 -7.46 -62.08 37.69
C LYS FG 911 -7.53 -60.63 38.14
N MET FG 912 -6.67 -60.30 39.10
CA MET FG 912 -6.65 -58.94 39.65
C MET FG 912 -5.22 -58.57 39.98
N VAL FG 913 -4.79 -57.39 39.53
CA VAL FG 913 -3.43 -56.92 39.70
C VAL FG 913 -3.48 -55.59 40.43
N ILE FG 914 -2.34 -55.23 41.02
CA ILE FG 914 -2.22 -54.06 41.89
C ILE FG 914 -1.20 -53.12 41.28
N THR FG 915 -1.60 -51.87 41.05
CA THR FG 915 -0.68 -50.81 40.64
C THR FG 915 0.21 -50.50 41.83
N PHE FG 916 1.51 -50.40 41.61
CA PHE FG 916 2.48 -50.09 42.66
C PHE FG 916 3.58 -49.22 42.07
N ASN FG 917 3.56 -47.94 42.41
CA ASN FG 917 4.44 -47.00 41.72
C ASN FG 917 5.32 -46.16 42.64
N THR FG 918 4.80 -45.70 43.76
CA THR FG 918 5.52 -44.72 44.58
C THR FG 918 6.30 -45.47 45.66
N MET FG 919 7.60 -45.63 45.41
CA MET FG 919 8.48 -46.36 46.32
C MET FG 919 9.10 -45.35 47.28
N SER FG 920 9.02 -45.63 48.58
CA SER FG 920 9.61 -44.79 49.60
C SER FG 920 10.70 -45.59 50.32
N ILE FG 921 11.90 -45.01 50.39
CA ILE FG 921 13.06 -45.63 50.99
C ILE FG 921 13.43 -44.86 52.25
N PRO FG 922 13.61 -45.52 53.40
CA PRO FG 922 14.10 -44.80 54.58
C PRO FG 922 15.61 -44.65 54.58
N GLY FG 923 16.17 -44.12 55.66
CA GLY FG 923 17.61 -43.89 55.72
C GLY FG 923 17.99 -42.60 55.03
N ALA FG 924 17.90 -42.58 53.71
CA ALA FG 924 17.99 -41.37 52.91
C ALA FG 924 16.63 -41.04 52.33
N GLU FG 925 16.23 -39.77 52.47
CA GLU FG 925 14.90 -39.34 52.05
C GLU FG 925 14.91 -39.10 50.54
N LYS FG 926 14.77 -40.19 49.80
CA LYS FG 926 14.59 -40.14 48.36
C LYS FG 926 13.34 -40.93 48.00
N THR FG 927 12.73 -40.58 46.87
CA THR FG 927 11.53 -41.25 46.41
C THR FG 927 11.78 -41.68 44.96
N ILE FG 928 12.34 -42.87 44.79
CA ILE FG 928 12.59 -43.41 43.47
C ILE FG 928 11.27 -43.90 42.90
N SER FG 929 11.19 -44.01 41.57
CA SER FG 929 9.91 -44.24 40.92
C SER FG 929 9.91 -45.51 40.09
N ILE FG 930 10.41 -46.61 40.66
CA ILE FG 930 10.25 -47.90 40.02
C ILE FG 930 8.80 -48.34 40.23
N SER FG 931 8.07 -48.47 39.13
CA SER FG 931 6.65 -48.81 39.16
C SER FG 931 6.49 -50.24 38.66
N ALA FG 932 5.60 -51.00 39.31
CA ALA FG 932 5.52 -52.43 39.03
C ALA FG 932 4.12 -52.94 39.36
N TYR FG 933 3.93 -54.24 39.14
CA TYR FG 933 2.68 -54.96 39.31
C TYR FG 933 2.82 -55.98 40.43
N ALA FG 934 1.85 -56.89 40.52
CA ALA FG 934 1.85 -57.95 41.51
C ALA FG 934 1.57 -59.30 40.85
N ILE FG 935 2.10 -60.36 41.45
CA ILE FG 935 1.77 -61.74 41.09
C ILE FG 935 1.48 -62.52 42.36
N ASP FG 936 0.73 -63.62 42.20
CA ASP FG 936 0.35 -64.47 43.33
C ASP FG 936 1.55 -65.27 43.81
N PRO FG 937 1.96 -65.11 45.06
CA PRO FG 937 3.07 -65.94 45.59
C PRO FG 937 2.66 -67.40 45.71
N ASN FG 938 3.64 -68.27 45.47
CA ASN FG 938 3.55 -69.74 45.39
C ASN FG 938 2.57 -70.20 44.32
N THR FG 939 2.24 -69.37 43.35
CA THR FG 939 1.46 -69.76 42.18
C THR FG 939 2.20 -69.24 40.95
N ALA FG 940 2.93 -68.14 41.15
CA ALA FG 940 3.63 -67.37 40.13
C ALA FG 940 2.69 -66.95 39.01
N ARG FG 941 1.48 -66.59 39.41
CA ARG FG 941 0.43 -66.20 38.48
C ARG FG 941 -0.11 -64.84 38.89
N THR FG 942 -0.88 -64.23 37.99
CA THR FG 942 -1.39 -62.89 38.20
C THR FG 942 -2.77 -62.86 38.81
N ALA FG 943 -3.34 -64.02 39.13
CA ALA FG 943 -4.69 -64.07 39.68
C ALA FG 943 -4.70 -63.60 41.13
N LEU FG 944 -5.89 -63.27 41.61
CA LEU FG 944 -6.11 -62.91 43.00
C LEU FG 944 -6.84 -64.04 43.72
N ALA FG 945 -6.40 -64.33 44.95
CA ALA FG 945 -7.04 -65.34 45.79
C ALA FG 945 -8.23 -64.70 46.48
N SER FG 946 -9.33 -64.61 45.74
CA SER FG 946 -10.57 -64.03 46.26
C SER FG 946 -11.74 -64.73 45.59
N ARG FG 947 -12.94 -64.38 46.04
CA ARG FG 947 -14.17 -64.96 45.53
C ARG FG 947 -14.79 -64.03 44.49
N THR FG 948 -15.30 -64.64 43.42
CA THR FG 948 -15.88 -63.88 42.33
C THR FG 948 -17.36 -64.14 42.11
N ASN FG 949 -18.01 -64.91 42.98
CA ASN FG 949 -19.43 -65.22 42.86
C ASN FG 949 -20.27 -64.34 43.76
N HIS FG 950 -19.89 -63.07 43.89
CA HIS FG 950 -20.50 -62.18 44.88
C HIS FG 950 -21.93 -61.81 44.52
N HIS FG 951 -22.21 -61.51 43.26
CA HIS FG 951 -23.49 -60.92 42.88
C HIS FG 951 -24.05 -61.58 41.62
N TYR FG 952 -24.11 -62.91 41.62
CA TYR FG 952 -24.86 -63.63 40.61
C TYR FG 952 -26.23 -64.07 41.13
N LEU FG 953 -26.24 -64.67 42.32
CA LEU FG 953 -27.44 -65.30 42.86
C LEU FG 953 -28.51 -64.27 43.18
N MET FG 954 -28.12 -63.09 43.68
CA MET FG 954 -29.06 -62.05 44.06
C MET FG 954 -29.85 -61.54 42.85
N ARG FG 955 -29.14 -61.15 41.79
CA ARG FG 955 -29.81 -60.63 40.61
C ARG FG 955 -30.56 -61.72 39.84
N TYR FG 956 -30.01 -62.95 39.79
CA TYR FG 956 -30.72 -64.05 39.15
C TYR FG 956 -32.02 -64.38 39.85
N GLY FG 957 -32.00 -64.44 41.18
CA GLY FG 957 -33.21 -64.73 41.94
C GLY FG 957 -34.23 -63.64 41.84
N SER FG 958 -33.79 -62.37 41.89
CA SER FG 958 -34.73 -61.26 41.77
C SER FG 958 -35.39 -61.22 40.40
N LEU FG 959 -34.60 -61.42 39.33
CA LEU FG 959 -35.15 -61.40 37.97
C LEU FG 959 -36.12 -62.57 37.76
N PHE FG 960 -35.72 -63.78 38.18
CA PHE FG 960 -36.58 -64.94 37.98
C PHE FG 960 -37.85 -64.86 38.80
N ALA FG 961 -37.78 -64.29 40.00
CA ALA FG 961 -38.97 -64.10 40.81
C ALA FG 961 -39.93 -63.10 40.18
N SER FG 962 -39.41 -61.96 39.70
CA SER FG 962 -40.28 -60.95 39.07
C SER FG 962 -40.93 -61.49 37.81
N SER FG 963 -40.16 -62.24 37.00
CA SER FG 963 -40.69 -62.87 35.81
C SER FG 963 -41.79 -63.86 36.15
N PHE FG 964 -41.55 -64.75 37.13
CA PHE FG 964 -42.52 -65.76 37.52
C PHE FG 964 -43.81 -65.13 38.06
N LEU FG 965 -43.69 -64.00 38.74
CA LEU FG 965 -44.86 -63.25 39.18
C LEU FG 965 -45.68 -62.76 37.98
N GLN FG 966 -45.00 -62.16 36.99
CA GLN FG 966 -45.68 -61.69 35.77
C GLN FG 966 -46.40 -62.82 35.06
N GLY FG 967 -45.71 -63.96 34.91
CA GLY FG 967 -46.28 -65.10 34.22
C GLY FG 967 -47.46 -65.71 34.96
N PHE FG 968 -47.40 -65.70 36.30
CA PHE FG 968 -48.48 -66.30 37.06
C PHE FG 968 -49.74 -65.49 36.94
N GLY FG 969 -49.62 -64.17 37.06
CA GLY FG 969 -50.78 -63.32 36.91
C GLY FG 969 -51.42 -63.41 35.53
N ASN FG 970 -50.59 -63.32 34.47
CA ASN FG 970 -51.20 -63.32 33.13
C ASN FG 970 -51.75 -64.69 32.74
N ALA FG 971 -51.03 -65.79 33.03
CA ALA FG 971 -51.51 -67.08 32.57
C ALA FG 971 -52.67 -67.59 33.40
N PHE FG 972 -52.67 -67.34 34.72
CA PHE FG 972 -53.84 -67.78 35.45
C PHE FG 972 -55.01 -66.81 35.32
N GLN FG 973 -54.79 -65.62 34.75
CA GLN FG 973 -55.94 -64.88 34.24
C GLN FG 973 -56.44 -65.47 32.93
N SER FG 974 -55.52 -65.93 32.08
CA SER FG 974 -55.89 -66.50 30.78
C SER FG 974 -56.67 -67.79 30.94
N ALA FG 975 -56.38 -68.54 32.00
CA ALA FG 975 -57.06 -69.80 32.26
C ALA FG 975 -58.36 -69.62 33.04
N ASN FG 976 -58.92 -68.42 33.09
CA ASN FG 976 -60.16 -68.21 33.83
C ASN FG 976 -61.37 -68.81 33.13
N THR FG 977 -61.46 -68.71 31.81
CA THR FG 977 -62.63 -69.22 31.11
C THR FG 977 -62.62 -70.74 31.02
N THR FG 978 -61.48 -71.33 30.68
CA THR FG 978 -61.40 -72.76 30.45
C THR FG 978 -60.95 -73.52 31.70
N SER FG 999 -62.53 -66.23 43.97
CA SER FG 999 -62.08 -64.94 44.46
C SER FG 999 -60.63 -65.00 44.84
N THR FG 1000 -60.24 -66.08 45.52
CA THR FG 1000 -58.88 -66.19 46.06
C THR FG 1000 -57.85 -66.39 44.96
N LEU FG 1001 -58.11 -67.27 44.00
CA LEU FG 1001 -57.22 -67.43 42.87
C LEU FG 1001 -57.21 -66.18 42.00
N GLU FG 1002 -58.33 -65.46 41.97
CA GLU FG 1002 -58.38 -64.16 41.32
C GLU FG 1002 -57.45 -63.16 41.99
N ASN FG 1003 -57.40 -63.17 43.33
CA ASN FG 1003 -56.51 -62.27 44.04
C ASN FG 1003 -55.05 -62.66 43.87
N ALA FG 1004 -54.79 -63.95 43.72
CA ALA FG 1004 -53.46 -64.40 43.35
C ALA FG 1004 -53.05 -63.86 41.98
N VAL FG 1005 -53.96 -63.95 41.01
CA VAL FG 1005 -53.77 -63.37 39.68
C VAL FG 1005 -53.48 -61.88 39.77
N ILE FG 1006 -54.22 -61.21 40.66
CA ILE FG 1006 -54.10 -59.78 40.89
C ILE FG 1006 -52.68 -59.42 41.33
N GLY FG 1007 -52.19 -60.10 42.37
CA GLY FG 1007 -50.93 -59.71 42.99
C GLY FG 1007 -49.78 -60.03 42.07
N LEU FG 1008 -49.81 -61.23 41.47
CA LEU FG 1008 -48.74 -61.65 40.61
C LEU FG 1008 -48.70 -60.82 39.32
N ALA FG 1009 -49.87 -60.58 38.72
CA ALA FG 1009 -50.00 -59.82 37.48
C ALA FG 1009 -49.55 -58.39 37.62
N THR FG 1010 -49.65 -57.82 38.82
CA THR FG 1010 -49.21 -56.43 38.87
C THR FG 1010 -47.85 -56.23 39.50
N VAL FG 1011 -47.39 -57.09 40.40
CA VAL FG 1011 -46.06 -56.88 40.95
C VAL FG 1011 -44.98 -57.55 40.11
N GLY FG 1012 -45.34 -58.33 39.10
CA GLY FG 1012 -44.31 -58.87 38.22
C GLY FG 1012 -43.59 -57.83 37.39
N LYS FG 1013 -44.34 -56.89 36.81
CA LYS FG 1013 -43.85 -56.10 35.68
C LYS FG 1013 -42.85 -55.03 36.09
N ALA FG 1014 -43.20 -54.25 37.12
CA ALA FG 1014 -42.31 -53.18 37.59
C ALA FG 1014 -41.03 -53.76 38.18
N TRP FG 1015 -41.15 -54.86 38.92
CA TRP FG 1015 -39.96 -55.52 39.44
C TRP FG 1015 -39.16 -56.17 38.32
N SER FG 1016 -39.81 -56.58 37.22
CA SER FG 1016 -39.10 -57.15 36.09
C SER FG 1016 -38.24 -56.10 35.39
N GLN FG 1017 -38.82 -54.93 35.11
CA GLN FG 1017 -38.03 -53.88 34.46
C GLN FG 1017 -36.97 -53.32 35.40
N GLN FG 1018 -37.26 -53.26 36.71
CA GLN FG 1018 -36.24 -52.78 37.63
C GLN FG 1018 -35.14 -53.83 37.84
N ALA FG 1019 -35.47 -55.12 37.73
CA ALA FG 1019 -34.45 -56.15 37.83
C ALA FG 1019 -33.56 -56.16 36.60
N GLN FG 1020 -34.14 -55.90 35.43
CA GLN FG 1020 -33.32 -55.69 34.24
C GLN FG 1020 -32.47 -54.43 34.37
N GLN FG 1021 -32.98 -53.42 35.09
CA GLN FG 1021 -32.20 -52.23 35.37
C GLN FG 1021 -31.01 -52.54 36.27
N LEU FG 1022 -31.22 -53.26 37.37
CA LEU FG 1022 -30.18 -53.51 38.35
C LEU FG 1022 -29.39 -54.79 38.08
N PHE FG 1023 -29.65 -55.45 36.95
CA PHE FG 1023 -28.95 -56.70 36.65
C PHE FG 1023 -27.50 -56.47 36.28
N ASN FG 1024 -27.14 -55.23 35.95
CA ASN FG 1024 -25.83 -54.88 35.41
C ASN FG 1024 -24.73 -54.73 36.47
N THR FG 1025 -25.07 -54.88 37.75
CA THR FG 1025 -24.07 -54.66 38.80
C THR FG 1025 -23.10 -55.84 38.86
N PRO FG 1026 -21.80 -55.62 38.69
CA PRO FG 1026 -20.84 -56.73 38.63
C PRO FG 1026 -20.54 -57.27 40.02
N THR FG 1027 -19.94 -58.46 40.04
CA THR FG 1027 -19.47 -59.08 41.27
C THR FG 1027 -18.07 -58.56 41.55
N THR FG 1028 -17.94 -57.84 42.67
CA THR FG 1028 -16.66 -57.26 43.04
C THR FG 1028 -15.70 -58.34 43.54
N VAL FG 1029 -14.40 -58.05 43.44
CA VAL FG 1029 -13.37 -58.84 44.08
C VAL FG 1029 -12.80 -57.99 45.21
N GLU FG 1030 -12.18 -58.66 46.17
CA GLU FG 1030 -11.61 -57.93 47.30
C GLU FG 1030 -10.34 -58.62 47.76
N VAL FG 1031 -9.25 -57.84 47.84
CA VAL FG 1031 -7.99 -58.36 48.33
C VAL FG 1031 -8.07 -58.55 49.85
N TYR FG 1032 -7.10 -59.30 50.37
CA TYR FG 1032 -7.08 -59.62 51.79
C TYR FG 1032 -5.88 -58.95 52.46
N SER FG 1033 -5.93 -58.87 53.79
CA SER FG 1033 -4.99 -58.06 54.56
C SER FG 1033 -3.83 -58.86 55.15
N GLY FG 1034 -3.66 -60.12 54.79
CA GLY FG 1034 -2.58 -60.88 55.41
C GLY FG 1034 -1.82 -61.80 54.48
N THR FG 1035 -1.89 -61.54 53.17
CA THR FG 1035 -1.23 -62.37 52.18
C THR FG 1035 -0.15 -61.55 51.48
N GLY FG 1036 1.05 -62.11 51.39
CA GLY FG 1036 2.15 -61.45 50.72
C GLY FG 1036 1.97 -61.47 49.21
N LEU FG 1037 2.98 -60.93 48.53
CA LEU FG 1037 2.91 -60.82 47.08
C LEU FG 1037 4.32 -60.75 46.50
N GLY FG 1038 4.40 -61.06 45.20
CA GLY FG 1038 5.63 -60.91 44.45
C GLY FG 1038 5.52 -59.77 43.47
N ILE FG 1039 6.64 -59.05 43.30
CA ILE FG 1039 6.69 -57.83 42.50
C ILE FG 1039 7.85 -57.94 41.54
N LEU FG 1040 7.57 -57.86 40.24
CA LEU FG 1040 8.60 -57.97 39.22
C LEU FG 1040 8.87 -56.61 38.60
N PHE FG 1041 10.15 -56.33 38.35
CA PHE FG 1041 10.63 -55.00 38.02
C PHE FG 1041 10.37 -54.64 36.56
N THR FG 1042 10.33 -53.33 36.30
CA THR FG 1042 10.08 -52.79 34.97
C THR FG 1042 11.23 -51.95 34.46
N GLN FG 1043 11.73 -51.02 35.27
CA GLN FG 1043 12.79 -50.10 34.86
C GLN FG 1043 13.99 -50.25 35.77
N ASP FG 1044 15.08 -49.56 35.42
CA ASP FG 1044 16.30 -49.59 36.19
C ASP FG 1044 16.41 -48.33 37.05
N VAL FG 1045 16.95 -48.48 38.25
CA VAL FG 1045 17.16 -47.39 39.19
C VAL FG 1045 18.63 -47.39 39.62
N THR FG 1046 18.98 -46.44 40.48
CA THR FG 1046 20.35 -46.35 40.99
C THR FG 1046 20.35 -45.83 42.43
N ILE GG 862 10.20 -35.63 59.13
CA ILE GG 862 9.98 -36.36 57.88
C ILE GG 862 9.08 -37.56 58.10
N ILE GG 863 7.89 -37.53 57.51
CA ILE GG 863 6.96 -38.64 57.52
C ILE GG 863 7.10 -39.35 56.18
N LYS GG 864 7.41 -40.65 56.25
CA LYS GG 864 7.65 -41.43 55.04
C LYS GG 864 6.35 -41.62 54.25
N THR GG 865 6.50 -41.84 52.96
CA THR GG 865 5.35 -41.94 52.07
C THR GG 865 4.66 -43.29 52.26
N GLY GG 866 3.47 -43.26 52.85
CA GLY GG 866 2.64 -44.45 52.98
C GLY GG 866 2.83 -45.31 54.23
N ASP GG 867 2.67 -44.72 55.40
CA ASP GG 867 2.59 -45.46 56.65
C ASP GG 867 1.23 -45.16 57.32
N ILE GG 868 0.99 -45.81 58.46
CA ILE GG 868 -0.33 -45.84 59.10
C ILE GG 868 -0.21 -45.19 60.48
N MET GG 869 -1.16 -44.29 60.78
CA MET GG 869 -1.23 -43.54 62.03
C MET GG 869 -2.64 -43.67 62.60
N PHE GG 870 -2.80 -43.42 63.90
CA PHE GG 870 -4.10 -43.50 64.55
C PHE GG 870 -4.68 -42.11 64.72
N ALA GG 871 -6.01 -42.03 64.78
CA ALA GG 871 -6.71 -40.78 65.00
C ALA GG 871 -8.05 -41.08 65.66
N VAL GG 872 -8.62 -40.06 66.30
CA VAL GG 872 -9.87 -40.19 67.03
C VAL GG 872 -10.91 -39.27 66.41
N LEU GG 873 -12.08 -39.83 66.08
CA LEU GG 873 -13.18 -39.07 65.49
C LEU GG 873 -14.33 -39.00 66.50
N ASP GG 874 -14.94 -37.81 66.58
CA ASP GG 874 -15.84 -37.49 67.68
C ASP GG 874 -17.20 -36.98 67.21
N THR GG 875 -17.35 -36.76 65.91
CA THR GG 875 -18.58 -36.19 65.37
C THR GG 875 -19.13 -37.10 64.28
N SER GG 876 -20.47 -37.09 64.11
CA SER GG 876 -21.12 -37.92 63.11
C SER GG 876 -21.81 -37.08 62.04
N VAL GG 877 -22.11 -37.72 60.90
CA VAL GG 877 -22.86 -37.11 59.81
C VAL GG 877 -23.46 -38.24 58.97
N ASN GG 878 -24.56 -37.94 58.29
CA ASN GG 878 -25.10 -38.82 57.27
C ASN GG 878 -24.52 -38.44 55.91
N SER GG 879 -24.57 -39.40 54.98
CA SER GG 879 -24.01 -39.20 53.64
C SER GG 879 -25.04 -38.58 52.70
N ASP GG 880 -25.47 -37.38 53.00
CA ASP GG 880 -26.45 -36.69 52.17
C ASP GG 880 -25.99 -35.32 51.70
N GLU GG 881 -25.35 -34.54 52.57
CA GLU GG 881 -24.80 -33.24 52.20
C GLU GG 881 -23.34 -33.19 52.63
N PRO GG 882 -22.40 -32.97 51.72
CA PRO GG 882 -20.99 -32.85 52.12
C PRO GG 882 -20.73 -31.55 52.88
N GLY GG 883 -19.65 -31.58 53.65
CA GLY GG 883 -19.26 -30.43 54.43
C GLY GG 883 -17.96 -30.67 55.17
N PRO GG 884 -17.47 -29.64 55.87
CA PRO GG 884 -16.25 -29.82 56.67
C PRO GG 884 -16.47 -30.72 57.86
N ILE GG 885 -15.52 -31.62 58.10
CA ILE GG 885 -15.54 -32.54 59.23
C ILE GG 885 -14.12 -32.69 59.74
N LEU GG 886 -13.97 -32.88 61.06
CA LEU GG 886 -12.66 -32.87 61.69
C LEU GG 886 -12.42 -34.14 62.49
N ALA GG 887 -11.16 -34.56 62.56
CA ALA GG 887 -10.67 -35.65 63.39
C ALA GG 887 -9.46 -35.17 64.18
N THR GG 888 -9.03 -35.99 65.14
CA THR GG 888 -7.95 -35.62 66.06
C THR GG 888 -6.89 -36.70 66.08
N ILE GG 889 -5.67 -36.36 65.63
CA ILE GG 889 -4.56 -37.28 65.75
C ILE GG 889 -4.09 -37.34 67.19
N VAL GG 890 -4.09 -38.54 67.78
CA VAL GG 890 -3.87 -38.70 69.20
C VAL GG 890 -2.58 -39.45 69.52
N THR GG 891 -1.83 -39.89 68.50
CA THR GG 891 -0.57 -40.60 68.77
C THR GG 891 0.56 -40.06 67.91
N GLY GG 892 1.76 -40.59 68.10
CA GLY GG 892 2.89 -40.21 67.28
C GLY GG 892 3.51 -38.89 67.70
N LYS GG 893 4.32 -38.33 66.79
CA LYS GG 893 4.96 -37.05 67.03
C LYS GG 893 3.94 -35.90 67.03
N LEU GG 894 2.95 -35.98 66.16
CA LEU GG 894 1.89 -34.99 66.11
C LEU GG 894 0.87 -35.27 67.21
N LYS GG 895 0.82 -34.40 68.21
CA LYS GG 895 -0.09 -34.55 69.33
C LYS GG 895 -0.88 -33.26 69.51
N GLY GG 896 -2.18 -33.39 69.79
CA GLY GG 896 -3.03 -32.23 69.88
C GLY GG 896 -3.47 -31.68 68.55
N SER GG 897 -3.13 -32.35 67.47
CA SER GG 897 -3.42 -31.85 66.13
C SER GG 897 -4.75 -32.38 65.62
N LYS GG 898 -5.43 -31.59 64.79
CA LYS GG 898 -6.70 -31.97 64.19
C LYS GG 898 -6.61 -31.87 62.68
N LEU GG 899 -7.67 -32.29 62.01
CA LEU GG 899 -7.64 -32.43 60.56
C LEU GG 899 -9.06 -32.32 60.01
N ILE GG 900 -9.29 -31.35 59.12
CA ILE GG 900 -10.58 -31.13 58.49
C ILE GG 900 -10.54 -31.62 57.05
N GLY GG 901 -11.69 -32.08 56.57
CA GLY GG 901 -11.86 -32.53 55.21
C GLY GG 901 -13.34 -32.74 54.92
N SER GG 902 -13.66 -33.61 53.97
CA SER GG 902 -15.04 -33.90 53.63
C SER GG 902 -15.13 -35.35 53.15
N PHE GG 903 -16.25 -35.71 52.54
CA PHE GG 903 -16.48 -37.08 52.09
C PHE GG 903 -17.03 -37.08 50.66
N ASN GG 904 -17.35 -38.28 50.19
CA ASN GG 904 -17.91 -38.49 48.86
C ASN GG 904 -19.01 -39.54 48.95
N LEU GG 905 -19.90 -39.53 47.95
CA LEU GG 905 -21.02 -40.46 47.92
C LEU GG 905 -20.71 -41.62 46.97
N PRO GG 906 -20.57 -42.83 47.49
CA PRO GG 906 -20.36 -43.98 46.60
C PRO GG 906 -21.66 -44.43 45.93
N SER GG 907 -21.49 -45.04 44.75
CA SER GG 907 -22.63 -45.62 44.05
C SER GG 907 -23.18 -46.84 44.77
N ASN GG 908 -22.30 -47.67 45.31
CA ASN GG 908 -22.69 -48.86 46.06
C ASN GG 908 -22.29 -48.66 47.51
N ALA GG 909 -23.13 -49.14 48.43
CA ALA GG 909 -22.98 -48.85 49.85
C ALA GG 909 -22.18 -49.91 50.60
N ASP GG 910 -21.27 -50.61 49.92
CA ASP GG 910 -20.48 -51.67 50.56
C ASP GG 910 -19.29 -51.14 51.34
N LYS GG 911 -18.92 -49.87 51.15
CA LYS GG 911 -17.92 -49.21 51.98
C LYS GG 911 -18.14 -47.71 51.90
N MET GG 912 -17.57 -46.99 52.87
CA MET GG 912 -17.70 -45.54 52.94
C MET GG 912 -16.40 -44.96 53.47
N VAL GG 913 -15.90 -43.91 52.81
CA VAL GG 913 -14.61 -43.32 53.12
C VAL GG 913 -14.77 -41.81 53.28
N ILE GG 914 -13.80 -41.22 53.97
CA ILE GG 914 -13.75 -39.79 54.26
C ILE GG 914 -12.43 -39.25 53.72
N THR GG 915 -12.48 -38.13 53.01
CA THR GG 915 -11.29 -37.51 52.44
C THR GG 915 -10.80 -36.42 53.38
N PHE GG 916 -9.65 -36.64 54.01
CA PHE GG 916 -9.14 -35.76 55.04
C PHE GG 916 -7.85 -35.11 54.58
N ASN GG 917 -7.88 -33.79 54.40
CA ASN GG 917 -6.80 -33.07 53.69
C ASN GG 917 -6.14 -31.97 54.51
N THR GG 918 -6.92 -31.12 55.17
CA THR GG 918 -6.40 -29.87 55.74
C THR GG 918 -6.01 -30.12 57.19
N MET GG 919 -4.70 -30.17 57.44
CA MET GG 919 -4.15 -30.55 58.73
C MET GG 919 -3.82 -29.29 59.53
N SER GG 920 -4.34 -29.22 60.76
CA SER GG 920 -4.00 -28.16 61.69
C SER GG 920 -3.18 -28.75 62.83
N ILE GG 921 -2.00 -28.19 63.06
CA ILE GG 921 -1.08 -28.64 64.10
C ILE GG 921 -0.80 -27.47 65.03
N PRO GG 922 -1.00 -27.62 66.35
CA PRO GG 922 -0.64 -26.53 67.27
C PRO GG 922 0.86 -26.49 67.54
N GLY GG 923 1.29 -25.61 68.43
CA GLY GG 923 2.72 -25.39 68.65
C GLY GG 923 3.22 -24.24 67.81
N ALA GG 924 3.14 -24.39 66.49
CA ALA GG 924 3.37 -23.32 65.55
C ALA GG 924 2.17 -23.19 64.63
N GLU GG 925 1.90 -21.96 64.19
CA GLU GG 925 0.74 -21.70 63.32
C GLU GG 925 1.12 -21.99 61.87
N LYS GG 926 1.23 -23.27 61.56
CA LYS GG 926 1.42 -23.74 60.20
C LYS GG 926 0.25 -24.64 59.85
N THR GG 927 -0.03 -24.76 58.55
CA THR GG 927 -1.18 -25.54 58.10
C THR GG 927 -0.73 -26.36 56.90
N ILE GG 928 -0.25 -27.58 57.15
CA ILE GG 928 0.12 -28.48 56.07
C ILE GG 928 -1.15 -29.12 55.54
N SER GG 929 -1.10 -29.65 54.32
CA SER GG 929 -2.29 -30.20 53.70
C SER GG 929 -2.06 -31.61 53.16
N ILE GG 930 -1.51 -32.50 53.98
CA ILE GG 930 -1.37 -33.90 53.61
C ILE GG 930 -2.77 -34.51 53.57
N SER GG 931 -3.12 -35.08 52.42
CA SER GG 931 -4.44 -35.63 52.18
C SER GG 931 -4.39 -37.13 52.41
N ALA GG 932 -5.38 -37.65 53.13
CA ALA GG 932 -5.35 -39.05 53.53
C ALA GG 932 -6.78 -39.56 53.65
N TYR GG 933 -6.92 -40.88 53.69
CA TYR GG 933 -8.20 -41.56 53.79
C TYR GG 933 -8.31 -42.23 55.16
N ALA GG 934 -9.44 -42.91 55.37
CA ALA GG 934 -9.75 -43.54 56.65
C ALA GG 934 -9.92 -45.04 56.49
N ILE GG 935 -9.44 -45.79 57.47
CA ILE GG 935 -9.63 -47.24 57.53
C ILE GG 935 -10.18 -47.58 58.92
N ASP GG 936 -10.87 -48.72 59.01
CA ASP GG 936 -11.35 -49.21 60.30
C ASP GG 936 -10.20 -49.85 61.07
N PRO GG 937 -10.04 -49.53 62.36
CA PRO GG 937 -8.86 -50.00 63.10
C PRO GG 937 -8.88 -51.50 63.37
N ASN GG 938 -7.71 -52.11 63.20
CA ASN GG 938 -7.38 -53.52 63.44
C ASN GG 938 -8.23 -54.50 62.63
N THR GG 939 -8.91 -54.05 61.59
CA THR GG 939 -9.62 -54.90 60.64
C THR GG 939 -8.88 -54.78 59.32
N ALA GG 940 -8.13 -53.68 59.20
CA ALA GG 940 -7.27 -53.33 58.07
C ALA GG 940 -8.06 -53.25 56.78
N ARG GG 941 -9.27 -52.69 56.90
CA ARG GG 941 -10.17 -52.52 55.78
C ARG GG 941 -10.85 -51.16 55.88
N THR GG 942 -11.30 -50.66 54.73
CA THR GG 942 -11.95 -49.36 54.62
C THR GG 942 -13.45 -49.42 54.84
N ALA GG 943 -13.97 -50.56 55.28
CA ALA GG 943 -15.41 -50.70 55.48
C ALA GG 943 -15.85 -49.85 56.66
N LEU GG 944 -16.95 -49.12 56.45
CA LEU GG 944 -17.52 -48.25 57.48
C LEU GG 944 -18.70 -48.97 58.12
N ALA GG 945 -18.67 -49.05 59.44
CA ALA GG 945 -19.69 -49.76 60.21
C ALA GG 945 -20.93 -48.88 60.32
N SER GG 946 -21.92 -49.19 59.48
CA SER GG 946 -23.22 -48.52 59.51
C SER GG 946 -24.26 -49.49 58.94
N ARG GG 947 -25.49 -49.00 58.82
CA ARG GG 947 -26.55 -49.80 58.24
C ARG GG 947 -26.75 -49.44 56.78
N THR GG 948 -26.87 -50.46 55.94
CA THR GG 948 -27.00 -50.26 54.51
C THR GG 948 -28.34 -50.70 53.96
N ASN GG 949 -29.25 -51.18 54.81
CA ASN GG 949 -30.60 -51.59 54.41
C ASN GG 949 -31.63 -50.52 54.71
N HIS GG 950 -31.26 -49.25 54.51
CA HIS GG 950 -32.04 -48.11 54.97
C HIS GG 950 -33.38 -47.97 54.26
N HIS GG 951 -33.40 -47.97 52.93
CA HIS GG 951 -34.62 -47.67 52.20
C HIS GG 951 -34.82 -48.64 51.03
N TYR GG 952 -34.68 -49.94 51.30
CA TYR GG 952 -35.09 -50.95 50.34
C TYR GG 952 -36.56 -51.32 50.51
N LEU GG 953 -36.94 -51.71 51.73
CA LEU GG 953 -38.26 -52.25 51.99
C LEU GG 953 -39.34 -51.18 51.90
N MET GG 954 -38.98 -49.92 52.15
CA MET GG 954 -39.93 -48.82 52.06
C MET GG 954 -40.43 -48.63 50.62
N ARG GG 955 -39.50 -48.49 49.68
CA ARG GG 955 -39.89 -48.33 48.28
C ARG GG 955 -40.44 -49.62 47.70
N TYR GG 956 -39.95 -50.79 48.16
CA TYR GG 956 -40.50 -52.06 47.72
C TYR GG 956 -41.96 -52.19 48.12
N GLY GG 957 -42.28 -51.88 49.38
CA GLY GG 957 -43.65 -51.99 49.86
C GLY GG 957 -44.58 -50.99 49.22
N SER GG 958 -44.11 -49.75 49.02
CA SER GG 958 -44.94 -48.74 48.36
C SER GG 958 -45.27 -49.12 46.92
N LEU GG 959 -44.25 -49.54 46.15
CA LEU GG 959 -44.47 -49.89 44.75
C LEU GG 959 -45.32 -51.15 44.61
N PHE GG 960 -45.05 -52.17 45.44
CA PHE GG 960 -45.81 -53.40 45.34
C PHE GG 960 -47.25 -53.23 45.82
N ALA GG 961 -47.48 -52.38 46.82
CA ALA GG 961 -48.84 -52.08 47.24
C ALA GG 961 -49.61 -51.34 46.15
N SER GG 962 -48.96 -50.38 45.48
CA SER GG 962 -49.62 -49.67 44.38
C SER GG 962 -49.94 -50.61 43.22
N SER GG 963 -49.02 -51.53 42.93
CA SER GG 963 -49.26 -52.57 41.93
C SER GG 963 -50.47 -53.40 42.28
N PHE GG 964 -50.44 -54.05 43.46
CA PHE GG 964 -51.50 -54.96 43.90
C PHE GG 964 -52.86 -54.27 43.96
N LEU GG 965 -52.87 -52.97 44.28
CA LEU GG 965 -54.08 -52.17 44.18
C LEU GG 965 -54.60 -52.10 42.74
N GLN GG 966 -53.73 -51.72 41.79
CA GLN GG 966 -54.16 -51.57 40.40
C GLN GG 966 -54.64 -52.89 39.82
N GLY GG 967 -53.90 -53.97 40.12
CA GLY GG 967 -54.29 -55.29 39.67
C GLY GG 967 -55.61 -55.74 40.25
N PHE GG 968 -55.88 -55.37 41.50
CA PHE GG 968 -57.14 -55.77 42.14
C PHE GG 968 -58.32 -55.14 41.44
N GLY GG 969 -58.21 -53.84 41.18
CA GLY GG 969 -59.30 -53.16 40.50
C GLY GG 969 -59.52 -53.65 39.08
N ASN GG 970 -58.45 -53.78 38.29
CA ASN GG 970 -58.65 -54.16 36.89
C ASN GG 970 -59.07 -55.63 36.74
N ALA GG 971 -58.46 -56.54 37.48
CA ALA GG 971 -58.79 -57.95 37.30
C ALA GG 971 -60.16 -58.27 37.90
N PHE GG 972 -60.53 -57.65 39.03
CA PHE GG 972 -61.86 -57.92 39.51
C PHE GG 972 -62.93 -57.11 38.78
N GLN GG 973 -62.55 -56.10 37.99
CA GLN GG 973 -63.50 -55.56 37.02
C GLN GG 973 -63.67 -56.52 35.84
N SER GG 974 -62.58 -57.15 35.40
CA SER GG 974 -62.67 -58.12 34.31
C SER GG 974 -63.42 -59.37 34.73
N ALA GG 975 -63.42 -59.67 36.02
CA ALA GG 975 -64.14 -60.82 36.56
C ALA GG 975 -65.62 -60.53 36.84
N ASN GG 976 -66.14 -59.41 36.33
CA ASN GG 976 -67.55 -59.08 36.55
C ASN GG 976 -68.48 -59.93 35.69
N THR GG 977 -68.03 -60.37 34.52
CA THR GG 977 -68.92 -61.09 33.61
C THR GG 977 -69.18 -62.51 34.09
N THR GG 978 -68.15 -63.21 34.54
CA THR GG 978 -68.30 -64.61 34.93
C THR GG 978 -67.95 -64.81 36.39
N SER GG 999 -72.27 -54.76 45.23
CA SER GG 999 -72.20 -53.31 45.31
C SER GG 999 -70.89 -52.87 45.94
N THR GG 1000 -70.68 -53.30 47.19
CA THR GG 1000 -69.48 -52.92 47.93
C THR GG 1000 -68.23 -53.53 47.33
N LEU GG 1001 -68.32 -54.75 46.78
CA LEU GG 1001 -67.20 -55.33 46.06
C LEU GG 1001 -66.88 -54.53 44.80
N GLU GG 1002 -67.92 -54.01 44.14
CA GLU GG 1002 -67.72 -53.15 42.99
C GLU GG 1002 -67.07 -51.83 43.38
N ASN GG 1003 -67.41 -51.31 44.57
CA ASN GG 1003 -66.73 -50.11 45.06
C ASN GG 1003 -65.28 -50.39 45.43
N ALA GG 1004 -65.00 -51.60 45.91
CA ALA GG 1004 -63.62 -52.02 46.12
C ALA GG 1004 -62.86 -52.06 44.80
N VAL GG 1005 -63.49 -52.61 43.75
CA VAL GG 1005 -62.94 -52.60 42.39
C VAL GG 1005 -62.64 -51.19 41.94
N ILE GG 1006 -63.56 -50.27 42.24
CA ILE GG 1006 -63.42 -48.85 41.92
C ILE GG 1006 -62.17 -48.26 42.57
N GLY GG 1007 -62.03 -48.47 43.88
CA GLY GG 1007 -60.96 -47.80 44.61
C GLY GG 1007 -59.61 -48.36 44.23
N LEU GG 1008 -59.54 -49.68 44.11
CA LEU GG 1008 -58.29 -50.35 43.73
C LEU GG 1008 -57.89 -49.99 42.31
N ALA GG 1009 -58.86 -49.98 41.38
CA ALA GG 1009 -58.61 -49.69 39.97
C ALA GG 1009 -58.13 -48.28 39.74
N THR GG 1010 -58.55 -47.35 40.58
CA THR GG 1010 -58.10 -46.01 40.28
C THR GG 1010 -56.99 -45.49 41.16
N VAL GG 1011 -56.79 -46.02 42.37
CA VAL GG 1011 -55.67 -45.55 43.16
C VAL GG 1011 -54.43 -46.42 43.00
N GLY GG 1012 -54.52 -47.54 42.27
CA GLY GG 1012 -53.30 -48.26 41.94
C GLY GG 1012 -52.38 -47.50 40.99
N LYS GG 1013 -52.96 -46.84 39.99
CA LYS GG 1013 -52.18 -46.37 38.83
C LYS GG 1013 -51.33 -45.16 39.16
N ALA GG 1014 -51.93 -44.13 39.75
CA ALA GG 1014 -51.20 -42.91 40.07
C ALA GG 1014 -50.12 -43.16 41.12
N TRP GG 1015 -50.45 -43.97 42.13
CA TRP GG 1015 -49.46 -44.35 43.11
C TRP GG 1015 -48.37 -45.24 42.50
N SER GG 1016 -48.70 -46.02 41.46
CA SER GG 1016 -47.69 -46.85 40.82
C SER GG 1016 -46.69 -46.01 40.04
N GLN GG 1017 -47.18 -45.02 39.27
CA GLN GG 1017 -46.24 -44.19 38.53
C GLN GG 1017 -45.46 -43.26 39.46
N GLN GG 1018 -46.08 -42.81 40.56
CA GLN GG 1018 -45.32 -42.02 41.53
C GLN GG 1018 -44.32 -42.88 42.31
N ALA GG 1019 -44.62 -44.16 42.50
CA ALA GG 1019 -43.66 -45.05 43.15
C ALA GG 1019 -42.48 -45.35 42.24
N GLN GG 1020 -42.73 -45.49 40.94
CA GLN GG 1020 -41.63 -45.59 39.99
C GLN GG 1020 -40.84 -44.29 39.92
N GLN GG 1021 -41.51 -43.16 40.17
CA GLN GG 1021 -40.82 -41.88 40.30
C GLN GG 1021 -39.92 -41.85 41.54
N LEU GG 1022 -40.38 -42.38 42.66
CA LEU GG 1022 -39.64 -42.28 43.91
C LEU GG 1022 -38.70 -43.45 44.16
N PHE GG 1023 -38.67 -44.43 43.26
CA PHE GG 1023 -37.87 -45.64 43.49
C PHE GG 1023 -36.37 -45.36 43.35
N ASN GG 1024 -36.00 -44.21 42.80
CA ASN GG 1024 -34.63 -43.89 42.43
C ASN GG 1024 -33.76 -43.41 43.58
N THR GG 1025 -34.31 -43.25 44.79
CA THR GG 1025 -33.53 -42.68 45.88
C THR GG 1025 -32.55 -43.71 46.45
N PRO GG 1026 -31.26 -43.40 46.52
CA PRO GG 1026 -30.27 -44.36 47.03
C PRO GG 1026 -30.38 -44.53 48.54
N THR GG 1027 -29.91 -45.69 49.01
CA THR GG 1027 -29.83 -45.97 50.44
C THR GG 1027 -28.59 -45.28 50.99
N THR GG 1028 -28.79 -44.48 52.04
CA THR GG 1028 -27.70 -43.70 52.60
C THR GG 1028 -26.89 -44.55 53.58
N VAL GG 1029 -25.66 -44.08 53.83
CA VAL GG 1029 -24.83 -44.58 54.92
C VAL GG 1029 -24.62 -43.41 55.87
N GLU GG 1030 -24.23 -43.73 57.11
CA GLU GG 1030 -24.10 -42.69 58.12
C GLU GG 1030 -23.01 -43.06 59.12
N VAL GG 1031 -21.99 -42.19 59.23
CA VAL GG 1031 -20.91 -42.43 60.19
C VAL GG 1031 -21.38 -42.10 61.60
N TYR GG 1032 -20.60 -42.54 62.57
CA TYR GG 1032 -20.94 -42.34 63.97
C TYR GG 1032 -19.95 -41.39 64.65
N SER GG 1033 -20.34 -40.90 65.82
CA SER GG 1033 -19.58 -39.88 66.54
C SER GG 1033 -18.74 -40.42 67.67
N GLY GG 1034 -18.52 -41.73 67.74
CA GLY GG 1034 -17.73 -42.28 68.82
C GLY GG 1034 -16.75 -43.35 68.38
N THR GG 1035 -16.36 -43.33 67.12
CA THR GG 1035 -15.43 -44.30 66.56
C THR GG 1035 -14.27 -43.56 65.91
N GLY GG 1036 -13.05 -43.96 66.26
CA GLY GG 1036 -11.85 -43.39 65.69
C GLY GG 1036 -11.56 -43.95 64.30
N LEU GG 1037 -10.35 -43.67 63.83
CA LEU GG 1037 -10.00 -44.00 62.46
C LEU GG 1037 -8.49 -44.22 62.33
N GLY GG 1038 -8.11 -44.86 61.23
CA GLY GG 1038 -6.73 -45.02 60.86
C GLY GG 1038 -6.43 -44.26 59.58
N ILE GG 1039 -5.30 -43.56 59.59
CA ILE GG 1039 -4.92 -42.64 58.53
C ILE GG 1039 -3.68 -43.19 57.84
N LEU GG 1040 -3.78 -43.41 56.53
CA LEU GG 1040 -2.64 -43.87 55.76
C LEU GG 1040 -2.12 -42.73 54.89
N PHE GG 1041 -0.82 -42.55 54.88
CA PHE GG 1041 -0.19 -41.37 54.29
C PHE GG 1041 -0.07 -41.50 52.78
N THR GG 1042 -0.02 -40.33 52.13
CA THR GG 1042 0.07 -40.22 50.68
C THR GG 1042 1.28 -39.41 50.23
N GLN GG 1043 1.66 -38.39 51.00
CA GLN GG 1043 2.81 -37.55 50.68
C GLN GG 1043 3.63 -37.32 51.95
N ASP GG 1044 4.80 -36.72 51.76
CA ASP GG 1044 5.72 -36.46 52.86
C ASP GG 1044 5.63 -35.00 53.28
N VAL GG 1045 5.93 -34.73 54.55
CA VAL GG 1045 5.98 -33.39 55.11
C VAL GG 1045 7.30 -33.23 55.85
N THR GG 1046 7.47 -32.07 56.49
CA THR GG 1046 8.67 -31.81 57.29
C THR GG 1046 8.30 -31.01 58.54
N ILE HG 862 -5.52 -16.56 68.17
CA ILE HG 862 -5.30 -17.49 67.07
C ILE HG 862 -6.26 -18.67 67.17
N ILE HG 863 -7.14 -18.80 66.18
CA ILE HG 863 -8.10 -19.90 66.10
C ILE HG 863 -7.56 -20.91 65.10
N LYS HG 864 -7.47 -22.17 65.53
CA LYS HG 864 -6.86 -23.21 64.72
C LYS HG 864 -7.72 -23.54 63.50
N THR HG 865 -7.11 -24.19 62.52
CA THR HG 865 -7.79 -24.50 61.27
C THR HG 865 -8.77 -25.65 61.49
N GLY HG 866 -10.03 -25.33 61.76
CA GLY HG 866 -11.06 -26.34 61.90
C GLY HG 866 -11.27 -26.91 63.29
N ASP HG 867 -11.56 -26.05 64.27
CA ASP HG 867 -11.87 -26.47 65.62
C ASP HG 867 -13.37 -26.32 65.88
N ILE HG 868 -13.80 -26.64 67.10
CA ILE HG 868 -15.20 -26.73 67.46
C ILE HG 868 -15.53 -25.69 68.52
N MET HG 869 -16.69 -25.06 68.40
CA MET HG 869 -17.17 -24.06 69.35
C MET HG 869 -18.70 -24.09 69.37
N PHE HG 870 -19.29 -23.36 70.31
CA PHE HG 870 -20.75 -23.34 70.48
C PHE HG 870 -21.28 -21.94 70.21
N ALA HG 871 -22.59 -21.86 69.96
CA ALA HG 871 -23.28 -20.59 69.78
C ALA HG 871 -24.76 -20.80 70.09
N VAL HG 872 -25.48 -19.69 70.27
CA VAL HG 872 -26.90 -19.72 70.63
C VAL HG 872 -27.67 -18.80 69.69
N LEU HG 873 -28.70 -19.34 69.03
CA LEU HG 873 -29.59 -18.57 68.17
C LEU HG 873 -30.96 -18.44 68.83
N ASP HG 874 -31.69 -17.40 68.43
CA ASP HG 874 -32.93 -17.05 69.12
C ASP HG 874 -34.13 -16.91 68.20
N THR HG 875 -33.91 -16.52 66.94
CA THR HG 875 -35.02 -16.31 66.02
C THR HG 875 -35.19 -17.54 65.12
N SER HG 876 -36.44 -17.83 64.74
CA SER HG 876 -36.77 -19.00 63.93
C SER HG 876 -37.38 -18.63 62.59
N VAL HG 877 -37.50 -19.63 61.71
CA VAL HG 877 -38.02 -19.43 60.36
C VAL HG 877 -38.47 -20.78 59.80
N ASN HG 878 -39.30 -20.72 58.75
CA ASN HG 878 -39.57 -21.87 57.90
C ASN HG 878 -38.49 -21.96 56.84
N SER HG 879 -38.21 -23.20 56.40
CA SER HG 879 -37.21 -23.40 55.37
C SER HG 879 -37.81 -23.28 53.98
N ASP HG 880 -38.34 -22.12 53.66
CA ASP HG 880 -38.94 -21.86 52.35
C ASP HG 880 -38.24 -20.72 51.61
N GLU HG 881 -38.00 -19.60 52.28
CA GLU HG 881 -37.37 -18.43 51.67
C GLU HG 881 -36.18 -18.09 52.54
N PRO HG 882 -34.97 -18.06 52.00
CA PRO HG 882 -33.80 -17.68 52.80
C PRO HG 882 -33.83 -16.21 53.21
N GLY HG 883 -33.17 -15.93 54.32
CA GLY HG 883 -33.12 -14.59 54.86
C GLY HG 883 -31.95 -14.41 55.80
N PRO HG 884 -31.62 -13.16 56.14
CA PRO HG 884 -30.49 -12.93 57.03
C PRO HG 884 -30.80 -13.33 58.46
N ILE HG 885 -30.28 -14.48 58.87
CA ILE HG 885 -30.54 -15.04 60.19
C ILE HG 885 -29.29 -14.87 61.04
N LEU HG 886 -29.49 -14.67 62.34
CA LEU HG 886 -28.48 -14.18 63.26
C LEU HG 886 -28.32 -15.13 64.44
N ALA HG 887 -27.08 -15.31 64.89
CA ALA HG 887 -26.76 -16.12 66.07
C ALA HG 887 -25.72 -15.38 66.92
N THR HG 888 -25.56 -15.84 68.16
CA THR HG 888 -24.67 -15.20 69.13
C THR HG 888 -23.71 -16.21 69.73
N ILE HG 889 -22.41 -15.98 69.55
CA ILE HG 889 -21.39 -16.83 70.15
C ILE HG 889 -21.25 -16.49 71.63
N VAL HG 890 -21.19 -17.51 72.47
CA VAL HG 890 -21.12 -17.32 73.91
C VAL HG 890 -19.84 -17.88 74.51
N THR HG 891 -19.08 -18.69 73.77
CA THR HG 891 -17.89 -19.34 74.36
C THR HG 891 -16.64 -19.09 73.53
N GLY HG 892 -15.53 -19.71 73.93
CA GLY HG 892 -14.29 -19.57 73.21
C GLY HG 892 -13.64 -18.21 73.48
N LYS HG 893 -12.64 -17.89 72.65
CA LYS HG 893 -11.98 -16.60 72.76
C LYS HG 893 -12.90 -15.47 72.30
N LEU HG 894 -13.70 -15.71 71.27
CA LEU HG 894 -14.64 -14.72 70.79
C LEU HG 894 -15.96 -14.85 71.54
N LYS HG 895 -16.19 -13.98 72.51
CA LYS HG 895 -17.34 -14.04 73.40
C LYS HG 895 -18.22 -12.82 73.13
N GLY HG 896 -19.53 -13.06 73.02
CA GLY HG 896 -20.46 -11.97 72.76
C GLY HG 896 -20.54 -11.55 71.32
N SER HG 897 -19.85 -12.24 70.42
CA SER HG 897 -19.90 -11.91 69.00
C SER HG 897 -21.19 -12.40 68.39
N LYS HG 898 -21.54 -11.87 67.22
CA LYS HG 898 -22.74 -12.31 66.51
C LYS HG 898 -22.37 -12.67 65.07
N LEU HG 899 -23.30 -13.36 64.40
CA LEU HG 899 -22.97 -13.99 63.12
C LEU HG 899 -24.24 -14.10 62.27
N ILE HG 900 -24.17 -13.61 61.03
CA ILE HG 900 -25.30 -13.59 60.11
C ILE HG 900 -25.06 -14.54 58.95
N GLY HG 901 -26.14 -15.07 58.39
CA GLY HG 901 -26.10 -15.84 57.16
C GLY HG 901 -27.48 -16.19 56.65
N SER HG 902 -27.60 -17.31 55.94
CA SER HG 902 -28.90 -17.80 55.47
C SER HG 902 -28.84 -19.32 55.45
N PHE HG 903 -29.79 -19.96 54.77
CA PHE HG 903 -29.78 -21.41 54.70
C PHE HG 903 -29.88 -21.89 53.26
N ASN HG 904 -29.63 -23.18 53.09
CA ASN HG 904 -29.76 -23.86 51.80
C ASN HG 904 -30.68 -25.05 51.97
N LEU HG 905 -31.37 -25.41 50.90
CA LEU HG 905 -32.37 -26.45 50.97
C LEU HG 905 -31.89 -27.71 50.28
N PRO HG 906 -31.69 -28.81 51.00
CA PRO HG 906 -31.41 -30.08 50.36
C PRO HG 906 -32.67 -30.66 49.71
N SER HG 907 -32.44 -31.54 48.73
CA SER HG 907 -33.55 -32.19 48.03
C SER HG 907 -34.32 -33.13 48.95
N ASN HG 908 -33.61 -33.90 49.76
CA ASN HG 908 -34.21 -34.68 50.83
C ASN HG 908 -33.81 -34.06 52.16
N ALA HG 909 -34.79 -33.96 53.06
CA ALA HG 909 -34.63 -33.20 54.30
C ALA HG 909 -34.08 -34.04 55.44
N ASP HG 910 -33.28 -35.07 55.14
CA ASP HG 910 -32.69 -35.94 56.14
C ASP HG 910 -31.63 -35.25 56.99
N LYS HG 911 -31.10 -34.13 56.54
CA LYS HG 911 -30.34 -33.23 57.39
C LYS HG 911 -30.52 -31.82 56.85
N MET HG 912 -30.31 -30.84 57.71
CA MET HG 912 -30.52 -29.45 57.33
C MET HG 912 -29.44 -28.59 57.99
N VAL HG 913 -28.72 -27.83 57.17
CA VAL HG 913 -27.59 -27.05 57.62
C VAL HG 913 -27.85 -25.59 57.29
N ILE HG 914 -27.20 -24.71 58.04
CA ILE HG 914 -27.39 -23.27 57.96
C ILE HG 914 -26.05 -22.62 57.66
N THR HG 915 -26.00 -21.80 56.63
CA THR HG 915 -24.77 -21.15 56.21
C THR HG 915 -24.59 -19.86 57.00
N PHE HG 916 -23.47 -19.74 57.70
CA PHE HG 916 -23.22 -18.59 58.55
C PHE HG 916 -21.83 -18.05 58.27
N ASN HG 917 -21.77 -16.84 57.72
CA ASN HG 917 -20.52 -16.29 57.18
C ASN HG 917 -20.13 -14.94 57.77
N THR HG 918 -21.09 -14.08 58.04
CA THR HG 918 -20.79 -12.69 58.38
C THR HG 918 -20.57 -12.61 59.89
N MET HG 919 -19.31 -12.68 60.30
CA MET HG 919 -18.92 -12.68 61.70
C MET HG 919 -18.66 -11.25 62.14
N SER HG 920 -19.56 -10.71 62.95
CA SER HG 920 -19.40 -9.36 63.51
C SER HG 920 -19.05 -9.49 64.99
N ILE HG 921 -17.85 -9.05 65.34
CA ILE HG 921 -17.36 -9.07 66.71
C ILE HG 921 -17.44 -7.64 67.25
N PRO HG 922 -18.05 -7.42 68.41
CA PRO HG 922 -18.01 -6.07 69.02
C PRO HG 922 -16.68 -5.80 69.68
N GLY HG 923 -16.54 -4.65 70.34
CA GLY HG 923 -15.26 -4.25 70.90
C GLY HG 923 -14.50 -3.41 69.91
N ALA HG 924 -14.17 -4.00 68.77
CA ALA HG 924 -13.67 -3.27 67.61
C ALA HG 924 -14.69 -3.38 66.48
N GLU HG 925 -14.82 -2.29 65.71
CA GLU HG 925 -15.80 -2.25 64.63
C GLU HG 925 -15.20 -2.95 63.39
N LYS HG 926 -15.14 -4.27 63.48
CA LYS HG 926 -14.61 -5.10 62.41
C LYS HG 926 -15.61 -6.20 62.09
N THR HG 927 -15.49 -6.77 60.90
CA THR HG 927 -16.35 -7.86 60.47
C THR HG 927 -15.49 -8.88 59.75
N ILE HG 928 -14.98 -9.87 60.50
CA ILE HG 928 -14.15 -10.91 59.91
C ILE HG 928 -15.06 -11.87 59.16
N SER HG 929 -14.49 -12.64 58.24
CA SER HG 929 -15.30 -13.40 57.29
C SER HG 929 -15.01 -14.89 57.34
N ILE HG 930 -14.85 -15.44 58.54
CA ILE HG 930 -14.81 -16.89 58.69
C ILE HG 930 -16.25 -17.40 58.56
N SER HG 931 -16.46 -18.34 57.66
CA SER HG 931 -17.79 -18.89 57.39
C SER HG 931 -17.88 -20.27 57.99
N ALA HG 932 -19.03 -20.57 58.61
CA ALA HG 932 -19.20 -21.83 59.31
C ALA HG 932 -20.66 -22.25 59.26
N TYR HG 933 -20.93 -23.44 59.76
CA TYR HG 933 -22.24 -24.08 59.62
C TYR HG 933 -22.80 -24.42 61.01
N ALA HG 934 -23.92 -25.14 61.01
CA ALA HG 934 -24.62 -25.51 62.23
C ALA HG 934 -24.71 -27.03 62.36
N ILE HG 935 -24.55 -27.50 63.60
CA ILE HG 935 -24.72 -28.91 63.95
C ILE HG 935 -25.58 -28.99 65.20
N ASP HG 936 -26.16 -30.16 65.44
CA ASP HG 936 -27.04 -30.34 66.59
C ASP HG 936 -26.23 -30.40 67.87
N PRO HG 937 -26.52 -29.56 68.86
CA PRO HG 937 -25.75 -29.59 70.13
C PRO HG 937 -26.00 -30.86 70.92
N ASN HG 938 -24.91 -31.39 71.49
CA ASN HG 938 -24.80 -32.65 72.22
C ASN HG 938 -25.32 -33.85 71.44
N THR HG 939 -25.22 -33.83 70.11
CA THR HG 939 -25.56 -34.97 69.26
C THR HG 939 -24.34 -35.32 68.42
N ALA HG 940 -23.50 -34.31 68.18
CA ALA HG 940 -22.34 -34.35 67.29
C ALA HG 940 -22.75 -34.78 65.88
N ARG HG 941 -23.92 -34.32 65.48
CA ARG HG 941 -24.51 -34.64 64.18
C ARG HG 941 -25.06 -33.37 63.57
N THR HG 942 -25.18 -33.38 62.24
CA THR HG 942 -25.67 -32.23 61.49
C THR HG 942 -27.18 -32.22 61.37
N ALA HG 943 -27.87 -33.18 61.98
CA ALA HG 943 -29.31 -33.29 61.82
C ALA HG 943 -30.04 -32.15 62.52
N LEU HG 944 -31.04 -31.61 61.84
CA LEU HG 944 -31.87 -30.56 62.39
C LEU HG 944 -33.15 -31.19 62.95
N ALA HG 945 -33.46 -30.84 64.20
CA ALA HG 945 -34.67 -31.33 64.86
C ALA HG 945 -35.86 -30.58 64.30
N SER HG 946 -36.56 -31.22 63.37
CA SER HG 946 -37.77 -30.66 62.76
C SER HG 946 -38.64 -31.82 62.31
N ARG HG 947 -39.73 -31.49 61.63
CA ARG HG 947 -40.68 -32.49 61.14
C ARG HG 947 -40.60 -32.61 59.62
N THR HG 948 -40.90 -33.82 59.12
CA THR HG 948 -40.67 -34.14 57.72
C THR HG 948 -41.91 -34.67 56.98
N ASN HG 949 -43.01 -34.91 57.68
CA ASN HG 949 -44.23 -35.45 57.04
C ASN HG 949 -45.37 -34.45 57.04
N HIS HG 950 -45.07 -33.17 56.78
CA HIS HG 950 -46.09 -32.13 56.78
C HIS HG 950 -47.05 -32.28 55.61
N HIS HG 951 -46.54 -32.59 54.43
CA HIS HG 951 -47.32 -32.54 53.20
C HIS HG 951 -47.14 -33.84 52.42
N TYR HG 952 -47.26 -34.95 53.12
CA TYR HG 952 -47.40 -36.25 52.48
C TYR HG 952 -48.85 -36.67 52.38
N LEU HG 953 -49.55 -36.75 53.52
CA LEU HG 953 -50.86 -37.35 53.57
C LEU HG 953 -51.93 -36.45 52.97
N MET HG 954 -51.71 -35.13 52.99
CA MET HG 954 -52.68 -34.20 52.41
C MET HG 954 -52.81 -34.39 50.90
N ARG HG 955 -51.68 -34.35 50.20
CA ARG HG 955 -51.69 -34.57 48.75
C ARG HG 955 -52.01 -36.03 48.42
N TYR HG 956 -51.58 -36.98 49.27
CA TYR HG 956 -51.90 -38.38 49.04
C TYR HG 956 -53.40 -38.62 49.11
N GLY HG 957 -54.06 -38.06 50.12
CA GLY HG 957 -55.49 -38.24 50.27
C GLY HG 957 -56.29 -37.53 49.19
N SER HG 958 -55.83 -36.33 48.79
CA SER HG 958 -56.50 -35.63 47.70
C SER HG 958 -56.42 -36.41 46.39
N LEU HG 959 -55.23 -36.95 46.08
CA LEU HG 959 -55.05 -37.74 44.87
C LEU HG 959 -55.89 -39.01 44.91
N PHE HG 960 -55.87 -39.72 46.04
CA PHE HG 960 -56.60 -40.98 46.15
C PHE HG 960 -58.10 -40.76 46.11
N ALA HG 961 -58.59 -39.65 46.68
CA ALA HG 961 -60.01 -39.35 46.62
C ALA HG 961 -60.45 -39.00 45.21
N SER HG 962 -59.66 -38.18 44.49
CA SER HG 962 -59.99 -37.86 43.11
C SER HG 962 -59.99 -39.10 42.22
N SER HG 963 -59.01 -39.98 42.44
CA SER HG 963 -58.96 -41.25 41.72
C SER HG 963 -60.19 -42.09 41.98
N PHE HG 964 -60.53 -42.31 43.26
CA PHE HG 964 -61.68 -43.12 43.66
C PHE HG 964 -62.99 -42.56 43.10
N LEU HG 965 -63.09 -41.24 42.98
CA LEU HG 965 -64.26 -40.62 42.35
C LEU HG 965 -64.34 -40.96 40.87
N GLN HG 966 -63.21 -40.82 40.16
CA GLN HG 966 -63.17 -41.16 38.72
C GLN HG 966 -63.53 -42.63 38.49
N GLY HG 967 -62.96 -43.51 39.32
CA GLY HG 967 -63.25 -44.93 39.22
C GLY HG 967 -64.69 -45.25 39.54
N PHE HG 968 -65.28 -44.50 40.47
CA PHE HG 968 -66.67 -44.77 40.86
C PHE HG 968 -67.60 -44.43 39.74
N GLY HG 969 -67.37 -43.28 39.10
CA GLY HG 969 -68.19 -42.90 37.98
C GLY HG 969 -68.08 -43.86 36.81
N ASN HG 970 -66.86 -44.22 36.41
CA ASN HG 970 -66.75 -45.08 35.23
C ASN HG 970 -67.21 -46.51 35.50
N ALA HG 971 -66.83 -47.11 36.62
CA ALA HG 971 -67.19 -48.50 36.83
C ALA HG 971 -68.67 -48.66 37.21
N PHE HG 972 -69.20 -47.76 38.04
CA PHE HG 972 -70.62 -47.88 38.33
C PHE HG 972 -71.49 -47.35 37.19
N GLN HG 973 -70.92 -46.65 36.21
CA GLN HG 973 -71.65 -46.44 34.96
C GLN HG 973 -71.65 -47.72 34.12
N SER HG 974 -70.51 -48.40 34.06
CA SER HG 974 -70.41 -49.59 33.20
C SER HG 974 -71.18 -50.77 33.78
N ALA HG 975 -71.43 -50.76 35.10
CA ALA HG 975 -72.15 -51.84 35.75
C ALA HG 975 -73.67 -51.69 35.65
N ASN HG 976 -74.15 -50.67 34.92
CA ASN HG 976 -75.59 -50.45 34.79
C ASN HG 976 -76.26 -51.50 33.92
N THR HG 977 -75.53 -52.06 32.95
CA THR HG 977 -76.14 -53.01 32.02
C THR HG 977 -76.43 -54.35 32.70
N THR HG 978 -75.47 -54.87 33.46
CA THR HG 978 -75.62 -56.19 34.06
C THR HG 978 -76.11 -56.10 35.50
N SER HG 999 -82.22 -43.79 39.99
CA SER HG 999 -81.99 -42.43 39.54
C SER HG 999 -80.86 -41.77 40.31
N THR HG 1000 -81.01 -41.74 41.64
CA THR HG 1000 -80.01 -41.10 42.50
C THR HG 1000 -78.70 -41.87 42.51
N LEU HG 1001 -78.75 -43.19 42.28
CA LEU HG 1001 -77.53 -43.97 42.08
C LEU HG 1001 -76.79 -43.49 40.84
N GLU HG 1002 -77.54 -43.25 39.76
CA GLU HG 1002 -76.97 -42.68 38.55
C GLU HG 1002 -76.42 -41.28 38.80
N ASN HG 1003 -77.05 -40.53 39.70
CA ASN HG 1003 -76.54 -39.20 40.04
C ASN HG 1003 -75.24 -39.27 40.83
N ALA HG 1004 -75.09 -40.29 41.69
CA ALA HG 1004 -73.81 -40.50 42.36
C ALA HG 1004 -72.71 -40.86 41.37
N VAL HG 1005 -73.05 -41.72 40.40
CA VAL HG 1005 -72.18 -42.02 39.27
C VAL HG 1005 -71.78 -40.75 38.53
N ILE HG 1006 -72.76 -39.87 38.32
CA ILE HG 1006 -72.57 -38.59 37.65
C ILE HG 1006 -71.55 -37.72 38.39
N GLY HG 1007 -71.74 -37.59 39.72
CA GLY HG 1007 -70.96 -36.64 40.47
C GLY HG 1007 -69.52 -37.07 40.59
N LEU HG 1008 -69.31 -38.34 40.91
CA LEU HG 1008 -67.95 -38.84 41.05
C LEU HG 1008 -67.29 -38.96 39.68
N ALA HG 1009 -68.09 -39.29 38.65
CA ALA HG 1009 -67.64 -39.40 37.25
C ALA HG 1009 -67.09 -38.10 36.72
N THR HG 1010 -67.61 -36.98 37.19
CA THR HG 1010 -67.09 -35.75 36.62
C THR HG 1010 -66.21 -34.95 37.56
N VAL HG 1011 -66.28 -35.15 38.87
CA VAL HG 1011 -65.33 -34.45 39.72
C VAL HG 1011 -64.08 -35.27 39.98
N GLY HG 1012 -64.02 -36.51 39.51
CA GLY HG 1012 -62.77 -37.26 39.63
C GLY HG 1012 -61.65 -36.72 38.75
N LYS HG 1013 -61.98 -36.37 37.50
CA LYS HG 1013 -60.95 -36.20 36.48
C LYS HG 1013 -60.16 -34.90 36.64
N ALA HG 1014 -60.86 -33.77 36.79
CA ALA HG 1014 -60.17 -32.49 36.94
C ALA HG 1014 -59.41 -32.42 38.24
N TRP HG 1015 -59.99 -32.97 39.31
CA TRP HG 1015 -59.29 -33.07 40.58
C TRP HG 1015 -58.11 -34.03 40.48
N SER HG 1016 -58.20 -35.05 39.62
CA SER HG 1016 -57.09 -35.98 39.46
C SER HG 1016 -55.91 -35.34 38.77
N GLN HG 1017 -56.16 -34.60 37.68
CA GLN HG 1017 -55.06 -33.93 37.01
C GLN HG 1017 -54.49 -32.78 37.84
N GLN HG 1018 -55.34 -32.09 38.60
CA GLN HG 1018 -54.83 -31.05 39.48
C GLN HG 1018 -54.07 -31.64 40.67
N ALA HG 1019 -54.44 -32.85 41.10
CA ALA HG 1019 -53.71 -33.50 42.17
C ALA HG 1019 -52.35 -33.99 41.69
N GLN HG 1020 -52.27 -34.46 40.45
CA GLN HG 1020 -50.97 -34.78 39.87
C GLN HG 1020 -50.16 -33.51 39.63
N GLN HG 1021 -50.83 -32.38 39.43
CA GLN HG 1021 -50.13 -31.10 39.40
C GLN HG 1021 -49.57 -30.73 40.76
N LEU HG 1022 -50.37 -30.84 41.82
CA LEU HG 1022 -49.98 -30.36 43.15
C LEU HG 1022 -49.18 -31.39 43.94
N PHE HG 1023 -48.99 -32.59 43.40
CA PHE HG 1023 -48.36 -33.65 44.17
C PHE HG 1023 -46.86 -33.42 44.34
N ASN HG 1024 -46.28 -32.52 43.57
CA ASN HG 1024 -44.85 -32.27 43.55
C ASN HG 1024 -44.36 -31.34 44.66
N THR HG 1025 -45.27 -30.79 45.48
CA THR HG 1025 -44.88 -29.80 46.48
C THR HG 1025 -44.20 -30.48 47.66
N PRO HG 1026 -42.99 -30.08 48.03
CA PRO HG 1026 -42.22 -30.82 49.04
C PRO HG 1026 -42.67 -30.49 50.46
N THR HG 1027 -42.11 -31.25 51.41
CA THR HG 1027 -42.28 -31.01 52.83
C THR HG 1027 -41.04 -30.27 53.34
N THR HG 1028 -41.25 -29.20 54.09
CA THR HG 1028 -40.15 -28.37 54.56
C THR HG 1028 -39.72 -28.75 55.97
N VAL HG 1029 -38.53 -28.29 56.35
CA VAL HG 1029 -38.06 -28.38 57.72
C VAL HG 1029 -38.21 -27.01 58.36
N GLU HG 1030 -37.94 -26.93 59.65
CA GLU HG 1030 -38.14 -25.70 60.39
C GLU HG 1030 -37.13 -25.60 61.53
N VAL HG 1031 -36.27 -24.58 61.46
CA VAL HG 1031 -35.44 -24.27 62.61
C VAL HG 1031 -36.30 -23.60 63.69
N TYR HG 1032 -35.90 -23.79 64.94
CA TYR HG 1032 -36.72 -23.39 66.07
C TYR HG 1032 -36.10 -22.21 66.82
N SER HG 1033 -36.92 -21.57 67.66
CA SER HG 1033 -36.57 -20.30 68.28
C SER HG 1033 -35.88 -20.43 69.64
N GLY HG 1034 -35.52 -21.64 70.06
CA GLY HG 1034 -34.87 -21.77 71.35
C GLY HG 1034 -33.79 -22.82 71.42
N THR HG 1035 -33.18 -23.16 70.29
CA THR HG 1035 -32.17 -24.22 70.22
C THR HG 1035 -30.83 -23.60 69.86
N GLY HG 1036 -29.78 -23.99 70.56
CA GLY HG 1036 -28.45 -23.56 70.24
C GLY HG 1036 -27.89 -24.34 69.06
N LEU HG 1037 -26.64 -24.01 68.72
CA LEU HG 1037 -26.00 -24.62 67.57
C LEU HG 1037 -24.51 -24.76 67.85
N GLY HG 1038 -23.86 -25.62 67.07
CA GLY HG 1038 -22.43 -25.79 67.12
C GLY HG 1038 -21.80 -25.30 65.83
N ILE HG 1039 -20.58 -24.79 65.97
CA ILE HG 1039 -19.88 -24.13 64.88
C ILE HG 1039 -18.50 -24.75 64.77
N LEU HG 1040 -18.20 -25.31 63.61
CA LEU HG 1040 -16.87 -25.81 63.33
C LEU HG 1040 -16.21 -24.93 62.29
N PHE HG 1041 -14.95 -24.60 62.53
CA PHE HG 1041 -14.25 -23.61 61.73
C PHE HG 1041 -13.78 -24.21 60.42
N THR HG 1042 -13.50 -23.33 59.47
CA THR HG 1042 -13.05 -23.72 58.14
C THR HG 1042 -11.71 -23.11 57.78
N GLN HG 1043 -11.45 -21.88 58.24
CA GLN HG 1043 -10.17 -21.21 58.02
C GLN HG 1043 -9.66 -20.63 59.32
N ASP HG 1044 -8.47 -20.03 59.26
CA ASP HG 1044 -7.88 -19.34 60.39
C ASP HG 1044 -8.27 -17.86 60.36
N VAL HG 1045 -8.18 -17.21 61.52
CA VAL HG 1045 -8.40 -15.78 61.65
C VAL HG 1045 -7.34 -15.21 62.58
N THR HG 1046 -7.46 -13.92 62.89
CA THR HG 1046 -6.53 -13.26 63.80
C THR HG 1046 -7.27 -12.59 64.96
N ILE IG 862 -23.86 5.33 63.76
CA ILE IG 862 -23.21 4.02 63.75
C ILE IG 862 -24.17 2.96 64.27
N ILE IG 863 -24.44 1.96 63.44
CA ILE IG 863 -25.32 0.86 63.78
C ILE IG 863 -24.58 -0.44 63.50
N LYS IG 864 -24.66 -1.39 64.43
CA LYS IG 864 -23.94 -2.66 64.32
C LYS IG 864 -24.44 -3.46 63.12
N THR IG 865 -23.56 -4.32 62.62
CA THR IG 865 -23.82 -5.07 61.39
C THR IG 865 -24.89 -6.12 61.64
N GLY IG 866 -26.13 -5.81 61.26
CA GLY IG 866 -27.23 -6.75 61.44
C GLY IG 866 -27.71 -6.88 62.86
N ASP IG 867 -28.29 -5.81 63.40
CA ASP IG 867 -28.90 -5.85 64.73
C ASP IG 867 -30.42 -5.79 64.58
N ILE IG 868 -31.11 -5.71 65.73
CA ILE IG 868 -32.56 -5.85 65.78
C ILE IG 868 -33.15 -4.54 66.30
N MET IG 869 -34.21 -4.06 65.64
CA MET IG 869 -34.90 -2.84 66.02
C MET IG 869 -36.41 -3.05 65.88
N PHE IG 870 -37.19 -2.10 66.39
CA PHE IG 870 -38.65 -2.14 66.30
C PHE IG 870 -39.13 -1.01 65.39
N ALA IG 871 -40.36 -1.16 64.89
CA ALA IG 871 -40.99 -0.13 64.07
C ALA IG 871 -42.51 -0.30 64.16
N VAL IG 872 -43.23 0.73 63.75
CA VAL IG 872 -44.69 0.79 63.84
C VAL IG 872 -45.26 1.06 62.45
N LEU IG 873 -46.23 0.25 62.04
CA LEU IG 873 -46.87 0.39 60.75
C LEU IG 873 -48.28 0.96 60.92
N ASP IG 874 -48.66 1.85 60.00
CA ASP IG 874 -49.92 2.57 60.10
C ASP IG 874 -50.82 2.37 58.90
N THR IG 875 -50.25 2.38 57.69
CA THR IG 875 -51.05 2.26 56.46
C THR IG 875 -50.91 0.86 55.89
N SER IG 876 -52.02 0.27 55.48
CA SER IG 876 -52.05 -1.12 55.04
C SER IG 876 -52.05 -1.23 53.52
N VAL IG 877 -51.84 -2.45 53.04
CA VAL IG 877 -51.78 -2.73 51.60
C VAL IG 877 -52.22 -4.18 51.38
N ASN IG 878 -52.61 -4.48 50.14
CA ASN IG 878 -52.93 -5.83 49.73
C ASN IG 878 -51.77 -6.42 48.94
N SER IG 879 -51.66 -7.75 48.98
CA SER IG 879 -50.52 -8.42 48.35
C SER IG 879 -50.80 -8.76 46.90
N ASP IG 880 -51.25 -7.80 46.14
CA ASP IG 880 -51.50 -8.00 44.72
C ASP IG 880 -50.83 -6.94 43.87
N GLU IG 881 -50.79 -5.69 44.34
CA GLU IG 881 -50.18 -4.59 43.62
C GLU IG 881 -49.17 -3.94 44.55
N PRO IG 882 -47.90 -3.81 44.14
CA PRO IG 882 -46.92 -3.12 44.99
C PRO IG 882 -47.21 -1.64 45.11
N GLY IG 883 -46.84 -1.08 46.26
CA GLY IG 883 -47.04 0.32 46.51
C GLY IG 883 -46.03 0.86 47.50
N PRO IG 884 -45.78 2.17 47.43
CA PRO IG 884 -44.80 2.77 48.36
C PRO IG 884 -45.36 2.88 49.77
N ILE IG 885 -44.94 2.00 50.66
CA ILE IG 885 -45.51 1.90 52.00
C ILE IG 885 -44.58 2.59 52.98
N LEU IG 886 -45.17 3.34 53.92
CA LEU IG 886 -44.43 4.16 54.88
C LEU IG 886 -44.68 3.64 56.29
N ALA IG 887 -43.61 3.53 57.06
CA ALA IG 887 -43.61 3.01 58.42
C ALA IG 887 -42.87 3.99 59.34
N THR IG 888 -43.13 3.86 60.64
CA THR IG 888 -42.63 4.81 61.65
C THR IG 888 -41.81 4.05 62.68
N ILE IG 889 -40.53 4.43 62.80
CA ILE IG 889 -39.70 3.91 63.88
C ILE IG 889 -40.05 4.65 65.17
N VAL IG 890 -40.03 3.94 66.29
CA VAL IG 890 -40.45 4.52 67.56
C VAL IG 890 -39.39 4.43 68.65
N THR IG 891 -38.49 3.45 68.60
CA THR IG 891 -37.56 3.27 69.70
C THR IG 891 -36.12 3.18 69.24
N GLY IG 892 -35.18 3.03 70.18
CA GLY IG 892 -33.79 2.92 69.84
C GLY IG 892 -33.16 4.27 69.55
N LYS IG 893 -32.02 4.23 68.86
CA LYS IG 893 -31.32 5.46 68.49
C LYS IG 893 -32.11 6.27 67.46
N LEU IG 894 -32.76 5.60 66.52
CA LEU IG 894 -33.56 6.28 65.51
C LEU IG 894 -34.98 6.48 66.02
N LYS IG 895 -35.38 7.73 66.19
CA LYS IG 895 -36.69 8.08 66.71
C LYS IG 895 -37.38 9.01 65.73
N GLY IG 896 -38.65 8.72 65.43
CA GLY IG 896 -39.42 9.55 64.52
C GLY IG 896 -39.13 9.33 63.06
N SER IG 897 -38.30 8.35 62.74
CA SER IG 897 -37.87 8.12 61.36
C SER IG 897 -38.97 7.46 60.55
N LYS IG 898 -39.04 7.79 59.26
CA LYS IG 898 -39.99 7.21 58.35
C LYS IG 898 -39.27 6.29 57.36
N LEU IG 899 -40.03 5.33 56.81
CA LEU IG 899 -39.42 4.29 55.97
C LEU IG 899 -40.37 3.96 54.83
N ILE IG 900 -39.84 3.97 53.60
CA ILE IG 900 -40.57 3.69 52.37
C ILE IG 900 -40.06 2.38 51.78
N GLY IG 901 -41.01 1.50 51.42
CA GLY IG 901 -40.69 0.28 50.71
C GLY IG 901 -41.86 -0.33 49.94
N SER IG 902 -41.81 -1.64 49.73
CA SER IG 902 -42.85 -2.37 49.01
C SER IG 902 -42.88 -3.80 49.56
N PHE IG 903 -43.42 -4.74 48.79
CA PHE IG 903 -43.44 -6.14 49.19
C PHE IG 903 -43.02 -7.05 48.03
N ASN IG 904 -43.08 -8.35 48.29
CA ASN IG 904 -42.82 -9.38 47.32
C ASN IG 904 -43.87 -10.48 47.46
N LEU IG 905 -43.96 -11.33 46.45
CA LEU IG 905 -44.88 -12.45 46.50
C LEU IG 905 -44.13 -13.76 46.32
N PRO IG 906 -44.17 -14.66 47.29
CA PRO IG 906 -43.58 -15.98 47.10
C PRO IG 906 -44.53 -16.91 46.34
N SER IG 907 -43.99 -18.08 45.99
CA SER IG 907 -44.81 -19.10 45.32
C SER IG 907 -45.87 -19.67 46.25
N ASN IG 908 -45.48 -20.07 47.45
CA ASN IG 908 -46.41 -20.53 48.47
C ASN IG 908 -46.48 -19.50 49.57
N ALA IG 909 -47.69 -19.20 50.02
CA ALA IG 909 -47.94 -18.05 50.89
C ALA IG 909 -47.85 -18.41 52.37
N ASP IG 910 -47.01 -19.37 52.74
CA ASP IG 910 -46.82 -19.74 54.14
C ASP IG 910 -46.05 -18.69 54.93
N LYS IG 911 -45.46 -17.71 54.26
CA LYS IG 911 -44.94 -16.51 54.92
C LYS IG 911 -45.04 -15.37 53.92
N MET IG 912 -44.96 -14.15 54.42
CA MET IG 912 -45.09 -12.95 53.60
C MET IG 912 -44.23 -11.86 54.23
N VAL IG 913 -43.37 -11.25 53.42
CA VAL IG 913 -42.35 -10.35 53.94
C VAL IG 913 -42.40 -9.04 53.18
N ILE IG 914 -41.82 -8.00 53.79
CA ILE IG 914 -41.98 -6.61 53.35
C ILE IG 914 -40.61 -6.04 53.03
N THR IG 915 -40.49 -5.44 51.84
CA THR IG 915 -39.28 -4.73 51.45
C THR IG 915 -39.30 -3.34 52.08
N PHE IG 916 -38.20 -2.94 52.68
CA PHE IG 916 -38.07 -1.61 53.28
C PHE IG 916 -36.64 -1.11 53.09
N ASN IG 917 -36.49 -0.08 52.29
CA ASN IG 917 -35.14 0.42 52.04
C ASN IG 917 -34.98 1.92 52.23
N THR IG 918 -35.97 2.71 51.83
CA THR IG 918 -35.81 4.17 51.74
C THR IG 918 -36.06 4.77 53.11
N MET IG 919 -35.01 4.97 53.88
CA MET IG 919 -35.10 5.38 55.28
C MET IG 919 -34.74 6.86 55.38
N SER IG 920 -35.62 7.66 55.99
CA SER IG 920 -35.36 9.07 56.22
C SER IG 920 -35.64 9.44 57.67
N ILE IG 921 -34.65 10.04 58.32
CA ILE IG 921 -34.77 10.57 59.67
C ILE IG 921 -35.14 12.04 59.55
N PRO IG 922 -36.17 12.52 60.25
CA PRO IG 922 -36.50 13.95 60.18
C PRO IG 922 -35.47 14.82 60.90
N GLY IG 923 -35.54 16.13 60.67
CA GLY IG 923 -34.55 17.03 61.22
C GLY IG 923 -33.41 17.28 60.26
N ALA IG 924 -32.68 16.23 59.91
CA ALA IG 924 -31.61 16.31 58.93
C ALA IG 924 -32.14 15.82 57.58
N GLU IG 925 -31.80 16.57 56.53
CA GLU IG 925 -32.31 16.30 55.19
C GLU IG 925 -31.41 15.27 54.51
N LYS IG 926 -31.52 14.03 54.98
CA LYS IG 926 -30.83 12.89 54.39
C LYS IG 926 -31.84 11.81 54.10
N THR IG 927 -31.49 10.92 53.17
CA THR IG 927 -32.33 9.78 52.84
C THR IG 927 -31.42 8.58 52.65
N ILE IG 928 -31.15 7.86 53.73
CA ILE IG 928 -30.26 6.70 53.67
C ILE IG 928 -31.04 5.52 53.09
N SER IG 929 -30.31 4.47 52.72
CA SER IG 929 -30.93 3.34 52.03
C SER IG 929 -30.60 2.02 52.71
N ILE IG 930 -30.80 1.94 54.03
CA ILE IG 930 -30.67 0.67 54.72
C ILE IG 930 -31.83 -0.22 54.31
N SER IG 931 -31.53 -1.34 53.68
CA SER IG 931 -32.52 -2.28 53.19
C SER IG 931 -32.71 -3.39 54.22
N ALA IG 932 -33.95 -3.67 54.56
CA ALA IG 932 -34.25 -4.65 55.58
C ALA IG 932 -35.63 -5.25 55.30
N TYR IG 933 -36.02 -6.21 56.13
CA TYR IG 933 -37.29 -6.90 56.01
C TYR IG 933 -38.13 -6.64 57.26
N ALA IG 934 -39.27 -7.31 57.35
CA ALA IG 934 -40.16 -7.22 58.50
C ALA IG 934 -40.46 -8.61 59.05
N ILE IG 935 -40.55 -8.69 60.37
CA ILE IG 935 -40.93 -9.93 61.05
C ILE IG 935 -42.09 -9.63 61.99
N ASP IG 936 -42.86 -10.66 62.29
CA ASP IG 936 -43.98 -10.51 63.23
C ASP IG 936 -43.44 -10.34 64.64
N PRO IG 937 -43.92 -9.35 65.39
CA PRO IG 937 -43.43 -9.16 66.76
C PRO IG 937 -43.87 -10.29 67.69
N ASN IG 938 -43.02 -10.56 68.68
CA ASN IG 938 -43.17 -11.56 69.73
C ASN IG 938 -43.34 -12.98 69.19
N THR IG 939 -42.83 -13.28 68.00
CA THR IG 939 -42.89 -14.62 67.45
C THR IG 939 -41.48 -15.08 67.10
N ALA IG 940 -40.65 -14.11 66.69
CA ALA IG 940 -39.32 -14.31 66.12
C ALA IG 940 -39.36 -15.27 64.94
N ARG IG 941 -40.42 -15.11 64.14
CA ARG IG 941 -40.66 -15.92 62.96
C ARG IG 941 -41.25 -15.03 61.87
N THR IG 942 -41.15 -15.50 60.63
CA THR IG 942 -41.54 -14.72 59.47
C THR IG 942 -42.95 -15.03 58.97
N ALA IG 943 -43.70 -15.88 59.66
CA ALA IG 943 -45.08 -16.15 59.25
C ALA IG 943 -45.95 -14.93 59.51
N LEU IG 944 -46.66 -14.50 58.47
CA LEU IG 944 -47.31 -13.19 58.45
C LEU IG 944 -48.77 -13.29 58.89
N ALA IG 945 -49.21 -12.28 59.62
CA ALA IG 945 -50.60 -12.17 60.08
C ALA IG 945 -51.48 -11.82 58.88
N SER IG 946 -52.00 -12.86 58.24
CA SER IG 946 -52.93 -12.74 57.12
C SER IG 946 -53.66 -14.06 56.98
N ARG IG 947 -54.42 -14.19 55.90
CA ARG IG 947 -55.18 -15.40 55.60
C ARG IG 947 -54.72 -16.01 54.27
N THR IG 948 -54.68 -17.34 54.23
CA THR IG 948 -54.19 -18.06 53.06
C THR IG 948 -55.19 -19.05 52.47
N ASN IG 949 -56.41 -19.13 52.98
CA ASN IG 949 -57.41 -20.07 52.49
C ASN IG 949 -58.53 -19.37 51.71
N HIS IG 950 -58.23 -18.24 51.08
CA HIS IG 950 -59.29 -17.40 50.53
C HIS IG 950 -59.86 -17.95 49.24
N HIS IG 951 -59.04 -18.59 48.42
CA HIS IG 951 -59.43 -18.98 47.08
C HIS IG 951 -59.08 -20.44 46.81
N TYR IG 952 -59.43 -21.31 47.77
CA TYR IG 952 -59.44 -22.75 47.51
C TYR IG 952 -60.83 -23.25 47.19
N LEU IG 953 -61.76 -23.07 48.12
CA LEU IG 953 -63.09 -23.67 47.99
C LEU IG 953 -63.93 -22.91 46.97
N MET IG 954 -63.61 -21.64 46.70
CA MET IG 954 -64.34 -20.88 45.70
C MET IG 954 -64.16 -21.47 44.30
N ARG IG 955 -62.90 -21.64 43.88
CA ARG IG 955 -62.61 -22.24 42.59
C ARG IG 955 -62.95 -23.73 42.58
N TYR IG 956 -62.77 -24.40 43.73
CA TYR IG 956 -63.15 -25.81 43.85
C TYR IG 956 -64.64 -26.01 43.61
N GLY IG 957 -65.48 -25.19 44.25
CA GLY IG 957 -66.91 -25.32 44.10
C GLY IG 957 -67.39 -24.95 42.71
N SER IG 958 -66.82 -23.90 42.11
CA SER IG 958 -67.21 -23.52 40.76
C SER IG 958 -66.86 -24.62 39.75
N LEU IG 959 -65.63 -25.15 39.84
CA LEU IG 959 -65.20 -26.21 38.93
C LEU IG 959 -66.01 -27.48 39.12
N PHE IG 960 -66.26 -27.86 40.38
CA PHE IG 960 -66.98 -29.09 40.64
C PHE IG 960 -68.44 -28.98 40.26
N ALA IG 961 -69.04 -27.79 40.41
CA ALA IG 961 -70.41 -27.58 39.95
C ALA IG 961 -70.51 -27.71 38.44
N SER IG 962 -69.56 -27.10 37.71
CA SER IG 962 -69.57 -27.20 36.25
C SER IG 962 -69.38 -28.63 35.78
N SER IG 963 -68.46 -29.35 36.44
CA SER IG 963 -68.20 -30.74 36.12
C SER IG 963 -69.43 -31.60 36.34
N PHE IG 964 -70.02 -31.52 37.54
CA PHE IG 964 -71.20 -32.30 37.89
C PHE IG 964 -72.38 -31.99 36.98
N LEU IG 965 -72.47 -30.73 36.50
CA LEU IG 965 -73.47 -30.36 35.51
C LEU IG 965 -73.29 -31.14 34.21
N GLN IG 966 -72.07 -31.12 33.66
CA GLN IG 966 -71.81 -31.84 32.41
C GLN IG 966 -72.03 -33.34 32.57
N GLY IG 967 -71.59 -33.89 33.70
CA GLY IG 967 -71.78 -35.31 33.97
C GLY IG 967 -73.23 -35.71 34.06
N PHE IG 968 -74.06 -34.84 34.67
CA PHE IG 968 -75.48 -35.13 34.79
C PHE IG 968 -76.15 -35.17 33.44
N GLY IG 969 -75.83 -34.19 32.60
CA GLY IG 969 -76.47 -34.16 31.29
C GLY IG 969 -76.07 -35.33 30.40
N ASN IG 970 -74.77 -35.65 30.36
CA ASN IG 970 -74.36 -36.73 29.45
C ASN IG 970 -74.80 -38.10 29.96
N ALA IG 971 -74.67 -38.38 31.26
CA ALA IG 971 -75.03 -39.71 31.74
C ALA IG 971 -76.53 -39.90 31.77
N PHE IG 972 -77.29 -38.85 32.08
CA PHE IG 972 -78.73 -38.98 32.02
C PHE IG 972 -79.26 -38.93 30.58
N GLN IG 973 -78.45 -38.49 29.61
CA GLN IG 973 -78.78 -38.76 28.21
C GLN IG 973 -78.51 -40.20 27.85
N SER IG 974 -77.39 -40.76 28.33
CA SER IG 974 -77.03 -42.13 27.99
C SER IG 974 -77.97 -43.13 28.63
N ALA IG 975 -78.58 -42.77 29.76
CA ALA IG 975 -79.51 -43.63 30.47
C ALA IG 975 -80.94 -43.51 29.94
N ASN IG 976 -81.13 -42.94 28.76
CA ASN IG 976 -82.48 -42.76 28.22
C ASN IG 976 -83.10 -44.07 27.77
N THR IG 977 -82.37 -44.91 27.05
CA THR IG 977 -82.95 -46.13 26.51
C THR IG 977 -83.12 -47.20 27.58
N THR IG 978 -82.21 -47.25 28.55
CA THR IG 978 -82.26 -48.27 29.58
C THR IG 978 -82.96 -47.77 30.84
N SER IG 999 -90.21 -35.62 29.63
CA SER IG 999 -89.96 -34.34 28.98
C SER IG 999 -89.17 -33.41 29.89
N THR IG 1000 -89.64 -33.27 31.13
CA THR IG 1000 -88.99 -32.36 32.08
C THR IG 1000 -87.61 -32.85 32.49
N LEU IG 1001 -87.45 -34.15 32.74
CA LEU IG 1001 -86.13 -34.70 33.04
C LEU IG 1001 -85.23 -34.63 31.82
N GLU IG 1002 -85.82 -34.72 30.63
CA GLU IG 1002 -85.04 -34.52 29.40
C GLU IG 1002 -84.56 -33.08 29.27
N ASN IG 1003 -85.37 -32.11 29.72
CA ASN IG 1003 -84.93 -30.72 29.72
C ASN IG 1003 -83.85 -30.49 30.75
N ALA IG 1004 -83.90 -31.24 31.86
CA ALA IG 1004 -82.78 -31.26 32.79
C ALA IG 1004 -81.51 -31.79 32.13
N VAL IG 1005 -81.64 -32.89 31.37
CA VAL IG 1005 -80.54 -33.44 30.58
C VAL IG 1005 -79.97 -32.39 29.64
N ILE IG 1006 -80.87 -31.62 29.02
CA ILE IG 1006 -80.51 -30.55 28.09
C ILE IG 1006 -79.64 -29.50 28.78
N GLY IG 1007 -80.12 -28.97 29.91
CA GLY IG 1007 -79.45 -27.85 30.54
C GLY IG 1007 -78.13 -28.26 31.12
N LEU IG 1008 -78.11 -29.42 31.78
CA LEU IG 1008 -76.89 -29.94 32.38
C LEU IG 1008 -75.85 -30.29 31.32
N ALA IG 1009 -76.28 -30.99 30.25
CA ALA IG 1009 -75.40 -31.46 29.19
C ALA IG 1009 -74.76 -30.34 28.42
N THR IG 1010 -75.42 -29.19 28.36
CA THR IG 1010 -74.77 -28.16 27.56
C THR IG 1010 -74.14 -27.04 28.37
N VAL IG 1011 -74.63 -26.71 29.56
CA VAL IG 1011 -73.93 -25.68 30.33
C VAL IG 1011 -72.82 -26.25 31.21
N GLY IG 1012 -72.69 -27.59 31.28
CA GLY IG 1012 -71.55 -28.13 32.00
C GLY IG 1012 -70.22 -27.86 31.30
N LYS IG 1013 -70.18 -28.00 29.97
CA LYS IG 1013 -68.91 -28.00 29.25
C LYS IG 1013 -68.25 -26.62 29.23
N ALA IG 1014 -69.01 -25.58 28.88
CA ALA IG 1014 -68.45 -24.24 28.77
C ALA IG 1014 -68.01 -23.71 30.13
N TRP IG 1015 -68.84 -23.93 31.16
CA TRP IG 1015 -68.45 -23.54 32.51
C TRP IG 1015 -67.28 -24.39 33.00
N SER IG 1016 -67.16 -25.64 32.53
CA SER IG 1016 -66.04 -26.48 32.92
C SER IG 1016 -64.72 -25.97 32.35
N GLN IG 1017 -64.71 -25.61 31.06
CA GLN IG 1017 -63.48 -25.11 30.47
C GLN IG 1017 -63.14 -23.71 30.99
N GLN IG 1018 -64.16 -22.89 31.29
CA GLN IG 1018 -63.87 -21.59 31.90
C GLN IG 1018 -63.36 -21.74 33.33
N ALA IG 1019 -63.84 -22.75 34.06
CA ALA IG 1019 -63.34 -22.98 35.41
C ALA IG 1019 -61.91 -23.52 35.39
N GLN IG 1020 -61.59 -24.37 34.41
CA GLN IG 1020 -60.21 -24.79 34.22
C GLN IG 1020 -59.33 -23.63 33.80
N GLN IG 1021 -59.90 -22.66 33.11
CA GLN IG 1021 -59.19 -21.42 32.81
C GLN IG 1021 -58.92 -20.62 34.09
N LEU IG 1022 -59.92 -20.45 34.94
CA LEU IG 1022 -59.81 -19.54 36.08
C LEU IG 1022 -59.30 -20.23 37.34
N PHE IG 1023 -58.93 -21.51 37.26
CA PHE IG 1023 -58.54 -22.25 38.46
C PHE IG 1023 -57.18 -21.78 39.01
N ASN IG 1024 -56.39 -21.10 38.19
CA ASN IG 1024 -55.00 -20.79 38.50
C ASN IG 1024 -54.82 -19.64 39.47
N THR IG 1025 -55.88 -18.92 39.85
CA THR IG 1025 -55.71 -17.73 40.68
C THR IG 1025 -55.48 -18.12 42.13
N PRO IG 1026 -54.39 -17.66 42.76
CA PRO IG 1026 -54.06 -18.10 44.12
C PRO IG 1026 -54.92 -17.41 45.17
N THR IG 1027 -54.80 -17.89 46.41
CA THR IG 1027 -55.48 -17.30 47.55
C THR IG 1027 -54.63 -16.14 48.05
N THR IG 1028 -55.21 -14.95 48.08
CA THR IG 1028 -54.44 -13.77 48.42
C THR IG 1028 -54.27 -13.64 49.93
N VAL IG 1029 -53.17 -13.00 50.33
CA VAL IG 1029 -52.93 -12.59 51.70
C VAL IG 1029 -52.99 -11.06 51.71
N GLU IG 1030 -53.12 -10.48 52.90
CA GLU IG 1030 -53.29 -9.05 53.01
C GLU IG 1030 -52.85 -8.57 54.39
N VAL IG 1031 -51.92 -7.62 54.41
CA VAL IG 1031 -51.49 -7.07 55.70
C VAL IG 1031 -52.54 -6.09 56.21
N TYR IG 1032 -52.44 -5.81 57.51
CA TYR IG 1032 -53.41 -4.95 58.18
C TYR IG 1032 -52.73 -3.68 58.66
N SER IG 1033 -53.54 -2.69 59.02
CA SER IG 1033 -53.05 -1.34 59.28
C SER IG 1033 -52.67 -1.08 60.72
N GLY IG 1034 -52.69 -2.09 61.58
CA GLY IG 1034 -52.45 -1.84 62.99
C GLY IG 1034 -51.51 -2.80 63.67
N THR IG 1035 -50.50 -3.30 62.96
CA THR IG 1035 -49.53 -4.23 63.51
C THR IG 1035 -48.16 -3.59 63.54
N GLY IG 1036 -47.46 -3.74 64.65
CA GLY IG 1036 -46.07 -3.37 64.72
C GLY IG 1036 -45.20 -4.38 63.99
N LEU IG 1037 -43.92 -4.04 63.85
CA LEU IG 1037 -43.02 -4.89 63.09
C LEU IG 1037 -41.62 -4.79 63.68
N GLY IG 1038 -40.79 -5.77 63.33
CA GLY IG 1038 -39.40 -5.76 63.67
C GLY IG 1038 -38.54 -5.59 62.42
N ILE IG 1039 -37.44 -4.86 62.59
CA ILE IG 1039 -36.51 -4.58 61.51
C ILE IG 1039 -35.17 -5.19 61.87
N LEU IG 1040 -34.75 -6.18 61.09
CA LEU IG 1040 -33.44 -6.79 61.26
C LEU IG 1040 -32.51 -6.23 60.20
N PHE IG 1041 -31.43 -5.61 60.65
CA PHE IG 1041 -30.55 -4.84 59.79
C PHE IG 1041 -29.72 -5.75 58.90
N THR IG 1042 -29.21 -5.16 57.83
CA THR IG 1042 -28.38 -5.88 56.87
C THR IG 1042 -26.99 -5.27 56.75
N GLN IG 1043 -26.89 -3.94 56.78
CA GLN IG 1043 -25.61 -3.26 56.74
C GLN IG 1043 -25.56 -2.22 57.85
N ASP IG 1044 -24.37 -1.65 58.03
CA ASP IG 1044 -24.16 -0.58 58.98
C ASP IG 1044 -24.60 0.75 58.34
N VAL IG 1045 -24.96 1.73 59.18
CA VAL IG 1045 -25.27 3.08 58.74
C VAL IG 1045 -24.45 4.06 59.59
N THR IG 1046 -24.60 5.34 59.30
CA THR IG 1046 -23.93 6.38 60.06
C THR IG 1046 -24.82 7.61 60.23
N ILE JG 862 -40.17 23.07 49.78
CA ILE JG 862 -39.53 21.87 50.28
C ILE JG 862 -40.53 20.96 50.97
N ILE JG 863 -40.67 19.75 50.46
CA ILE JG 863 -41.55 18.74 51.04
C ILE JG 863 -40.71 17.50 51.33
N LYS JG 864 -40.78 17.02 52.58
CA LYS JG 864 -40.02 15.85 52.98
C LYS JG 864 -40.56 14.60 52.29
N THR JG 865 -39.69 13.58 52.18
CA THR JG 865 -40.01 12.34 51.50
C THR JG 865 -41.09 11.58 52.24
N GLY JG 866 -42.08 11.07 51.51
CA GLY JG 866 -43.07 10.15 52.02
C GLY JG 866 -44.04 10.65 53.07
N ASP JG 867 -44.51 11.88 52.92
CA ASP JG 867 -45.50 12.43 53.84
C ASP JG 867 -46.88 12.46 53.14
N ILE JG 868 -47.91 12.74 53.92
CA ILE JG 868 -49.30 12.59 53.49
C ILE JG 868 -49.98 13.94 53.53
N MET JG 869 -50.63 14.32 52.42
CA MET JG 869 -51.44 15.52 52.29
C MET JG 869 -52.82 15.11 51.82
N PHE JG 870 -53.69 16.09 51.60
CA PHE JG 870 -55.06 15.80 51.16
C PHE JG 870 -55.42 16.65 49.95
N ALA JG 871 -56.43 16.18 49.21
CA ALA JG 871 -56.96 16.92 48.08
C ALA JG 871 -58.41 16.50 47.89
N VAL JG 872 -59.12 17.22 47.04
CA VAL JG 872 -60.51 16.91 46.74
C VAL JG 872 -60.62 16.63 45.24
N LEU JG 873 -61.20 15.48 44.90
CA LEU JG 873 -61.45 15.11 43.51
C LEU JG 873 -62.91 15.39 43.17
N ASP JG 874 -63.11 16.06 42.03
CA ASP JG 874 -64.45 16.45 41.62
C ASP JG 874 -64.81 15.77 40.31
N THR JG 875 -63.85 15.61 39.40
CA THR JG 875 -64.15 15.09 38.07
C THR JG 875 -63.97 13.58 38.06
N SER JG 876 -65.06 12.85 37.85
CA SER JG 876 -65.04 11.39 37.82
C SER JG 876 -64.63 10.88 36.45
N VAL JG 877 -64.20 9.62 36.41
CA VAL JG 877 -63.83 8.96 35.17
C VAL JG 877 -64.01 7.46 35.35
N ASN JG 878 -64.30 6.77 34.25
CA ASN JG 878 -64.39 5.33 34.21
C ASN JG 878 -63.02 4.74 33.88
N SER JG 879 -62.82 3.48 34.29
CA SER JG 879 -61.59 2.76 33.96
C SER JG 879 -61.68 2.13 32.58
N ASP JG 880 -61.94 2.93 31.57
CA ASP JG 880 -62.04 2.44 30.19
C ASP JG 880 -61.01 3.06 29.27
N GLU JG 881 -60.93 4.39 29.22
CA GLU JG 881 -59.91 5.09 28.43
C GLU JG 881 -59.27 6.12 29.34
N PRO JG 882 -57.95 6.17 29.44
CA PRO JG 882 -57.29 7.18 30.28
C PRO JG 882 -57.46 8.58 29.74
N GLY JG 883 -57.40 9.54 30.65
CA GLY JG 883 -57.55 10.93 30.32
C GLY JG 883 -57.05 11.80 31.46
N PRO JG 884 -57.14 13.12 31.27
CA PRO JG 884 -56.72 14.02 32.34
C PRO JG 884 -57.70 14.05 33.49
N ILE JG 885 -57.21 13.85 34.71
CA ILE JG 885 -58.02 14.00 35.91
C ILE JG 885 -57.29 14.97 36.85
N LEU JG 886 -58.04 15.89 37.45
CA LEU JG 886 -57.48 16.94 38.27
C LEU JG 886 -58.06 16.87 39.68
N ALA JG 887 -57.24 17.21 40.67
CA ALA JG 887 -57.64 17.33 42.06
C ALA JG 887 -57.13 18.68 42.59
N THR JG 888 -57.74 19.12 43.70
CA THR JG 888 -57.43 20.43 44.27
C THR JG 888 -57.13 20.26 45.75
N ILE JG 889 -55.97 20.77 46.17
CA ILE JG 889 -55.57 20.72 47.57
C ILE JG 889 -56.39 21.72 48.36
N VAL JG 890 -56.87 21.30 49.53
CA VAL JG 890 -57.66 22.17 50.39
C VAL JG 890 -57.03 22.38 51.77
N THR JG 891 -55.91 21.73 52.06
CA THR JG 891 -55.25 21.90 53.35
C THR JG 891 -53.75 22.11 53.19
N GLY JG 892 -53.05 22.26 54.31
CA GLY JG 892 -51.60 22.32 54.28
C GLY JG 892 -51.07 23.64 53.74
N LYS JG 893 -49.76 23.64 53.46
CA LYS JG 893 -49.09 24.82 52.93
C LYS JG 893 -49.58 25.17 51.53
N LEU JG 894 -49.75 24.15 50.68
CA LEU JG 894 -50.24 24.38 49.33
C LEU JG 894 -51.75 24.57 49.37
N LYS JG 895 -52.19 25.78 49.07
CA LYS JG 895 -53.61 26.11 49.04
C LYS JG 895 -53.95 26.64 47.65
N GLY JG 896 -55.03 26.13 47.07
CA GLY JG 896 -55.36 26.46 45.70
C GLY JG 896 -54.56 25.69 44.68
N SER JG 897 -53.71 24.77 45.12
CA SER JG 897 -52.91 23.98 44.21
C SER JG 897 -53.78 22.93 43.54
N LYS JG 898 -53.49 22.65 42.27
CA LYS JG 898 -54.22 21.63 41.53
C LYS JG 898 -53.23 20.68 40.89
N LEU JG 899 -53.73 19.51 40.50
CA LEU JG 899 -52.85 18.43 40.05
C LEU JG 899 -53.58 17.60 39.01
N ILE JG 900 -52.97 17.46 37.83
CA ILE JG 900 -53.51 16.65 36.76
C ILE JG 900 -52.68 15.39 36.59
N GLY JG 901 -53.36 14.30 36.25
CA GLY JG 901 -52.73 13.01 36.01
C GLY JG 901 -53.71 12.06 35.34
N SER JG 902 -53.53 10.76 35.56
CA SER JG 902 -54.39 9.75 34.98
C SER JG 902 -54.46 8.58 35.96
N PHE JG 903 -54.89 7.43 35.46
CA PHE JG 903 -54.98 6.21 36.26
C PHE JG 903 -54.17 5.10 35.60
N ASN JG 904 -54.37 3.88 36.11
CA ASN JG 904 -53.77 2.69 35.54
C ASN JG 904 -54.82 1.59 35.52
N LEU JG 905 -54.58 0.58 34.68
CA LEU JG 905 -55.53 -0.49 34.50
C LEU JG 905 -55.03 -1.77 35.16
N PRO JG 906 -55.75 -2.33 36.13
CA PRO JG 906 -55.29 -3.55 36.79
C PRO JG 906 -55.82 -4.80 36.09
N SER JG 907 -55.14 -5.91 36.37
CA SER JG 907 -55.56 -7.20 35.84
C SER JG 907 -56.80 -7.72 36.54
N ASN JG 908 -56.94 -7.45 37.83
CA ASN JG 908 -58.08 -7.90 38.62
C ASN JG 908 -58.85 -6.70 39.13
N ALA JG 909 -60.10 -6.95 39.55
CA ALA JG 909 -61.00 -5.91 40.01
C ALA JG 909 -60.89 -5.66 41.51
N ASP JG 910 -59.71 -5.88 42.10
CA ASP JG 910 -59.52 -5.80 43.54
C ASP JG 910 -59.24 -4.39 44.05
N LYS JG 911 -58.74 -3.50 43.19
CA LYS JG 911 -58.38 -2.16 43.61
C LYS JG 911 -58.33 -1.25 42.39
N MET JG 912 -58.12 0.03 42.65
CA MET JG 912 -57.89 1.02 41.60
C MET JG 912 -57.14 2.20 42.20
N VAL JG 913 -56.06 2.63 41.54
CA VAL JG 913 -55.20 3.68 42.06
C VAL JG 913 -55.03 4.75 40.99
N ILE JG 914 -54.60 5.93 41.43
CA ILE JG 914 -54.48 7.11 40.57
C ILE JG 914 -53.01 7.53 40.52
N THR JG 915 -52.48 7.68 39.32
CA THR JG 915 -51.13 8.19 39.12
C THR JG 915 -51.22 9.68 38.84
N PHE JG 916 -50.72 10.48 39.78
CA PHE JG 916 -50.83 11.93 39.69
C PHE JG 916 -49.44 12.52 39.54
N ASN JG 917 -49.22 13.24 38.45
CA ASN JG 917 -47.84 13.59 38.10
C ASN JG 917 -47.61 15.07 37.83
N THR JG 918 -48.56 15.78 37.22
CA THR JG 918 -48.25 17.15 36.83
C THR JG 918 -48.97 18.12 37.77
N MET JG 919 -48.18 18.81 38.60
CA MET JG 919 -48.69 19.65 39.68
C MET JG 919 -48.54 21.12 39.30
N SER JG 920 -49.62 21.89 39.48
CA SER JG 920 -49.59 23.33 39.27
C SER JG 920 -49.92 24.02 40.60
N ILE JG 921 -49.11 25.00 40.96
CA ILE JG 921 -49.27 25.77 42.19
C ILE JG 921 -49.60 27.21 41.80
N PRO JG 922 -50.65 27.81 42.38
CA PRO JG 922 -50.97 29.20 42.03
C PRO JG 922 -50.02 30.20 42.68
N GLY JG 923 -50.31 31.49 42.50
CA GLY JG 923 -49.39 32.52 42.92
C GLY JG 923 -48.46 32.92 41.79
N ALA JG 924 -47.70 31.95 41.28
CA ALA JG 924 -46.84 32.17 40.13
C ALA JG 924 -47.15 31.13 39.05
N GLU JG 925 -46.80 31.48 37.82
CA GLU JG 925 -46.96 30.60 36.67
C GLU JG 925 -45.87 29.54 36.70
N LYS JG 926 -46.14 28.45 37.40
CA LYS JG 926 -45.19 27.37 37.55
C LYS JG 926 -45.86 26.05 37.24
N THR JG 927 -45.04 25.06 36.83
CA THR JG 927 -45.55 23.72 36.53
C THR JG 927 -44.46 22.73 36.95
N ILE JG 928 -44.62 22.14 38.13
CA ILE JG 928 -43.71 21.09 38.58
C ILE JG 928 -44.29 19.73 38.21
N SER JG 929 -43.45 18.71 38.22
CA SER JG 929 -43.85 17.38 37.77
C SER JG 929 -43.62 16.33 38.84
N ILE JG 930 -44.04 16.61 40.06
CA ILE JG 930 -43.89 15.66 41.17
C ILE JG 930 -44.92 14.55 41.02
N SER JG 931 -44.46 13.31 41.01
CA SER JG 931 -45.32 12.15 40.83
C SER JG 931 -45.74 11.62 42.19
N ALA JG 932 -47.04 11.44 42.38
CA ALA JG 932 -47.58 10.94 43.63
C ALA JG 932 -48.81 10.10 43.33
N TYR JG 933 -49.30 9.40 44.34
CA TYR JG 933 -50.45 8.50 44.20
C TYR JG 933 -51.61 9.00 45.05
N ALA JG 934 -52.70 8.24 45.03
CA ALA JG 934 -53.91 8.55 45.77
C ALA JG 934 -54.24 7.44 46.74
N ILE JG 935 -54.66 7.82 47.94
CA ILE JG 935 -55.12 6.87 48.95
C ILE JG 935 -56.49 7.30 49.44
N ASP JG 936 -57.35 6.33 49.68
CA ASP JG 936 -58.72 6.60 50.13
C ASP JG 936 -58.71 7.04 51.59
N PRO JG 937 -59.28 8.21 51.91
CA PRO JG 937 -59.38 8.62 53.31
C PRO JG 937 -60.32 7.71 54.11
N ASN JG 938 -59.98 7.56 55.39
CA ASN JG 938 -60.64 6.72 56.39
C ASN JG 938 -60.72 5.25 56.00
N THR JG 939 -59.78 4.75 55.19
CA THR JG 939 -59.75 3.34 54.83
C THR JG 939 -58.35 2.79 55.07
N ALA JG 940 -57.35 3.65 54.90
CA ALA JG 940 -55.91 3.33 54.96
C ALA JG 940 -55.56 2.19 54.00
N ARG JG 941 -56.20 2.21 52.83
CA ARG JG 941 -55.95 1.26 51.77
C ARG JG 941 -55.83 2.01 50.46
N THR JG 942 -55.57 1.26 49.39
CA THR JG 942 -55.51 1.81 48.05
C THR JG 942 -56.72 1.42 47.19
N ALA JG 943 -57.74 0.82 47.79
CA ALA JG 943 -58.86 0.30 47.01
C ALA JG 943 -59.80 1.42 46.57
N LEU JG 944 -60.70 1.08 45.66
CA LEU JG 944 -61.67 2.02 45.12
C LEU JG 944 -63.07 1.71 45.62
N ALA JG 945 -63.80 2.74 45.99
CA ALA JG 945 -65.19 2.61 46.43
C ALA JG 945 -66.11 2.72 45.21
N SER JG 946 -66.39 1.56 44.61
CA SER JG 946 -67.31 1.47 43.48
C SER JG 946 -67.86 0.05 43.43
N ARG JG 947 -68.47 -0.29 42.30
CA ARG JG 947 -68.99 -1.62 42.06
C ARG JG 947 -68.10 -2.38 41.07
N THR JG 948 -67.85 -3.64 41.40
CA THR JG 948 -67.01 -4.49 40.55
C THR JG 948 -67.73 -5.72 40.02
N ASN JG 949 -69.04 -5.84 40.22
CA ASN JG 949 -69.82 -6.97 39.74
C ASN JG 949 -70.54 -6.64 38.44
N HIS JG 950 -69.89 -5.85 37.58
CA HIS JG 950 -70.56 -5.29 36.41
C HIS JG 950 -70.88 -6.36 35.36
N HIS JG 951 -69.92 -7.20 35.02
CA HIS JG 951 -70.03 -8.05 33.85
C HIS JG 951 -69.69 -9.49 34.18
N TYR JG 952 -70.25 -10.00 35.27
CA TYR JG 952 -70.28 -11.44 35.53
C TYR JG 952 -71.53 -12.09 34.97
N LEU JG 953 -72.70 -11.62 35.44
CA LEU JG 953 -73.95 -12.29 35.18
C LEU JG 953 -74.40 -12.15 33.74
N MET JG 954 -74.02 -11.06 33.07
CA MET JG 954 -74.43 -10.85 31.68
C MET JG 954 -73.81 -11.91 30.76
N ARG JG 955 -72.48 -12.07 30.83
CA ARG JG 955 -71.82 -13.08 30.02
C ARG JG 955 -72.15 -14.49 30.48
N TYR JG 956 -72.33 -14.67 31.80
CA TYR JG 956 -72.76 -15.96 32.34
C TYR JG 956 -74.09 -16.40 31.76
N GLY JG 957 -75.10 -15.52 31.83
CA GLY JG 957 -76.42 -15.86 31.34
C GLY JG 957 -76.47 -16.02 29.84
N SER JG 958 -75.72 -15.19 29.10
CA SER JG 958 -75.68 -15.31 27.65
C SER JG 958 -75.08 -16.65 27.21
N LEU JG 959 -73.94 -17.02 27.81
CA LEU JG 959 -73.28 -18.28 27.45
C LEU JG 959 -74.14 -19.48 27.86
N PHE JG 960 -74.73 -19.43 29.06
CA PHE JG 960 -75.54 -20.54 29.53
C PHE JG 960 -76.83 -20.68 28.73
N ALA JG 961 -77.42 -19.56 28.30
CA ALA JG 961 -78.62 -19.63 27.48
C ALA JG 961 -78.33 -20.19 26.10
N SER JG 962 -77.22 -19.76 25.48
CA SER JG 962 -76.85 -20.30 24.17
C SER JG 962 -76.55 -21.79 24.24
N SER JG 963 -75.85 -22.21 25.30
CA SER JG 963 -75.63 -23.63 25.54
C SER JG 963 -76.93 -24.39 25.67
N PHE JG 964 -77.82 -23.93 26.57
CA PHE JG 964 -79.10 -24.58 26.83
C PHE JG 964 -79.96 -24.68 25.56
N LEU JG 965 -79.83 -23.70 24.67
CA LEU JG 965 -80.50 -23.77 23.37
C LEU JG 965 -79.93 -24.90 22.52
N GLN JG 966 -78.59 -24.99 22.44
CA GLN JG 966 -77.95 -26.07 21.70
C GLN JG 966 -78.38 -27.44 22.22
N GLY JG 967 -78.39 -27.58 23.55
CA GLY JG 967 -78.80 -28.82 24.17
C GLY JG 967 -80.24 -29.17 23.91
N PHE JG 968 -81.12 -28.15 23.89
CA PHE JG 968 -82.54 -28.41 23.71
C PHE JG 968 -82.82 -28.92 22.32
N GLY JG 969 -82.23 -28.28 21.33
CA GLY JG 969 -82.43 -28.73 19.96
C GLY JG 969 -81.86 -30.12 19.71
N ASN JG 970 -80.60 -30.36 20.16
CA ASN JG 970 -80.01 -31.67 19.85
C ASN JG 970 -80.67 -32.81 20.63
N ALA JG 971 -80.98 -32.61 21.91
CA ALA JG 971 -81.53 -33.72 22.68
C ALA JG 971 -82.99 -33.98 22.32
N PHE JG 972 -83.79 -32.94 22.04
CA PHE JG 972 -85.14 -33.24 21.61
C PHE JG 972 -85.21 -33.62 20.14
N GLN JG 973 -84.11 -33.48 19.38
CA GLN JG 973 -84.02 -34.21 18.12
C GLN JG 973 -83.66 -35.67 18.33
N SER JG 974 -82.80 -35.95 19.31
CA SER JG 974 -82.39 -37.33 19.59
C SER JG 974 -83.52 -38.14 20.21
N ALA JG 975 -84.43 -37.48 20.93
CA ALA JG 975 -85.53 -38.15 21.61
C ALA JG 975 -86.73 -38.43 20.71
N ASN JG 976 -86.58 -38.27 19.39
CA ASN JG 976 -87.70 -38.50 18.48
C ASN JG 976 -87.99 -39.98 18.29
N THR JG 977 -86.97 -40.83 18.41
CA THR JG 977 -87.18 -42.26 18.21
C THR JG 977 -87.94 -42.90 19.38
N THR JG 978 -87.55 -42.57 20.60
CA THR JG 978 -88.13 -43.22 21.78
C THR JG 978 -88.89 -42.22 22.64
N SER JG 999 -95.29 -31.30 15.46
CA SER JG 999 -94.65 -30.45 14.47
C SER JG 999 -94.08 -29.19 15.11
N THR JG 1000 -94.87 -28.59 16.00
CA THR JG 1000 -94.41 -27.39 16.72
C THR JG 1000 -93.29 -27.72 17.70
N LEU JG 1001 -93.33 -28.91 18.30
CA LEU JG 1001 -92.21 -29.34 19.14
C LEU JG 1001 -90.97 -29.56 18.30
N GLU JG 1002 -91.14 -30.03 17.05
CA GLU JG 1002 -90.03 -30.09 16.13
C GLU JG 1002 -89.53 -28.69 15.76
N ASN JG 1003 -90.43 -27.71 15.72
CA ASN JG 1003 -90.00 -26.34 15.49
C ASN JG 1003 -89.21 -25.79 16.67
N ALA JG 1004 -89.57 -26.22 17.88
CA ALA JG 1004 -88.75 -25.90 19.05
C ALA JG 1004 -87.36 -26.51 18.94
N VAL JG 1005 -87.29 -27.78 18.49
CA VAL JG 1005 -86.02 -28.44 18.19
C VAL JG 1005 -85.22 -27.62 17.19
N ILE JG 1006 -85.90 -27.14 16.15
CA ILE JG 1006 -85.31 -26.34 15.07
C ILE JG 1006 -84.67 -25.07 15.62
N GLY JG 1007 -85.44 -24.31 16.41
CA GLY JG 1007 -85.01 -22.99 16.79
C GLY JG 1007 -83.88 -23.05 17.79
N LEU JG 1008 -84.01 -23.93 18.78
CA LEU JG 1008 -82.98 -24.02 19.79
C LEU JG 1008 -81.71 -24.67 19.22
N ALA JG 1009 -81.88 -25.71 18.37
CA ALA JG 1009 -80.79 -26.41 17.70
C ALA JG 1009 -79.95 -25.50 16.84
N THR JG 1010 -80.54 -24.47 16.27
CA THR JG 1010 -79.70 -23.67 15.41
C THR JG 1010 -79.29 -22.32 15.99
N VAL JG 1011 -80.11 -21.69 16.82
CA VAL JG 1011 -79.66 -20.45 17.43
C VAL JG 1011 -78.76 -20.68 18.64
N GLY JG 1012 -78.63 -21.93 19.10
CA GLY JG 1012 -77.67 -22.19 20.16
C GLY JG 1012 -76.23 -22.02 19.74
N LYS JG 1013 -75.85 -22.55 18.57
CA LYS JG 1013 -74.45 -22.75 18.25
C LYS JG 1013 -73.73 -21.44 17.92
N ALA JG 1014 -74.34 -20.61 17.08
CA ALA JG 1014 -73.72 -19.35 16.70
C ALA JG 1014 -73.61 -18.40 17.90
N TRP JG 1015 -74.67 -18.35 18.71
CA TRP JG 1015 -74.61 -17.57 19.95
C TRP JG 1015 -73.63 -18.17 20.94
N SER JG 1016 -73.42 -19.49 20.90
CA SER JG 1016 -72.45 -20.12 21.80
C SER JG 1016 -71.03 -19.74 21.45
N GLN JG 1017 -70.68 -19.82 20.15
CA GLN JG 1017 -69.32 -19.44 19.76
C GLN JG 1017 -69.10 -17.94 19.90
N GLN JG 1018 -70.14 -17.12 19.68
CA GLN JG 1018 -69.96 -15.68 19.87
C GLN JG 1018 -69.90 -15.32 21.36
N ALA JG 1019 -70.60 -16.08 22.21
CA ALA JG 1019 -70.51 -15.83 23.64
C ALA JG 1019 -69.16 -16.25 24.20
N GLN JG 1020 -68.59 -17.33 23.67
CA GLN JG 1020 -67.22 -17.67 24.02
C GLN JG 1020 -66.23 -16.66 23.45
N GLN JG 1021 -66.60 -16.02 22.33
CA GLN JG 1021 -65.79 -14.94 21.79
C GLN JG 1021 -65.79 -13.72 22.71
N LEU JG 1022 -66.96 -13.29 23.18
CA LEU JG 1022 -67.06 -12.08 23.98
C LEU JG 1022 -66.99 -12.35 25.47
N PHE JG 1023 -66.69 -13.59 25.87
CA PHE JG 1023 -66.63 -13.92 27.30
C PHE JG 1023 -65.39 -13.35 27.96
N ASN JG 1024 -64.44 -12.86 27.17
CA ASN JG 1024 -63.15 -12.37 27.64
C ASN JG 1024 -63.21 -11.01 28.31
N THR JG 1025 -64.34 -10.30 28.23
CA THR JG 1025 -64.38 -8.92 28.70
C THR JG 1025 -64.49 -8.86 30.21
N PRO JG 1026 -63.58 -8.19 30.90
CA PRO JG 1026 -63.59 -8.14 32.37
C PRO JG 1026 -64.58 -7.10 32.88
N THR JG 1027 -64.69 -7.04 34.21
CA THR JG 1027 -65.57 -6.09 34.89
C THR JG 1027 -64.77 -4.82 35.19
N THR JG 1028 -65.31 -3.67 34.80
CA THR JG 1028 -64.62 -2.41 34.97
C THR JG 1028 -65.06 -1.70 36.26
N VAL JG 1029 -64.29 -0.69 36.65
CA VAL JG 1029 -64.59 0.14 37.81
C VAL JG 1029 -64.74 1.58 37.33
N GLU JG 1030 -65.31 2.41 38.21
CA GLU JG 1030 -65.45 3.84 37.93
C GLU JG 1030 -65.43 4.63 39.22
N VAL JG 1031 -64.53 5.62 39.30
CA VAL JG 1031 -64.48 6.48 40.47
C VAL JG 1031 -65.67 7.44 40.48
N TYR JG 1032 -65.88 8.05 41.64
CA TYR JG 1032 -67.04 8.92 41.80
C TYR JG 1032 -66.65 10.39 41.74
N SER JG 1033 -67.64 11.23 41.43
CA SER JG 1033 -67.43 12.65 41.26
C SER JG 1033 -67.55 13.43 42.55
N GLY JG 1034 -67.82 12.76 43.67
CA GLY JG 1034 -68.00 13.45 44.93
C GLY JG 1034 -67.18 12.87 46.06
N THR JG 1035 -65.96 12.42 45.75
CA THR JG 1035 -65.09 11.79 46.72
C THR JG 1035 -63.75 12.52 46.76
N GLY JG 1036 -63.29 12.83 47.97
CA GLY JG 1036 -61.97 13.40 48.16
C GLY JG 1036 -60.91 12.32 48.19
N LEU JG 1037 -59.68 12.74 48.50
CA LEU JG 1037 -58.57 11.81 48.45
C LEU JG 1037 -57.43 12.29 49.33
N GLY JG 1038 -56.55 11.34 49.67
CA GLY JG 1038 -55.27 11.65 50.28
C GLY JG 1038 -54.16 11.35 49.29
N ILE JG 1039 -53.06 12.10 49.44
CA ILE JG 1039 -51.92 12.01 48.54
C ILE JG 1039 -50.67 11.73 49.36
N LEU JG 1040 -50.04 10.60 49.11
CA LEU JG 1040 -48.76 10.30 49.74
C LEU JG 1040 -47.64 10.63 48.77
N PHE JG 1041 -46.53 11.12 49.30
CA PHE JG 1041 -45.44 11.61 48.47
C PHE JG 1041 -44.40 10.52 48.24
N THR JG 1042 -43.61 10.73 47.18
CA THR JG 1042 -42.57 9.81 46.78
C THR JG 1042 -41.18 10.45 46.79
N GLN JG 1043 -41.04 11.64 46.23
CA GLN JG 1043 -39.78 12.38 46.24
C GLN JG 1043 -40.02 13.78 46.75
N ASP JG 1044 -38.92 14.52 46.92
CA ASP JG 1044 -38.97 15.87 47.46
C ASP JG 1044 -39.15 16.89 46.33
N VAL JG 1045 -39.58 18.09 46.70
CA VAL JG 1045 -39.74 19.21 45.78
C VAL JG 1045 -39.02 20.41 46.36
N THR JG 1046 -39.09 21.54 45.65
CA THR JG 1046 -38.47 22.78 46.07
C THR JG 1046 -39.50 23.73 46.68
N ILE KG 862 -51.53 34.16 29.76
CA ILE KG 862 -51.04 33.18 30.71
C ILE KG 862 -52.19 32.38 31.28
N ILE KG 863 -52.12 31.05 31.13
CA ILE KG 863 -53.14 30.14 31.63
C ILE KG 863 -52.48 29.12 32.55
N LYS KG 864 -53.03 28.96 33.75
CA LYS KG 864 -52.51 28.02 34.73
C LYS KG 864 -52.67 26.59 34.23
N THR KG 865 -51.71 25.74 34.63
CA THR KG 865 -51.62 24.39 34.09
C THR KG 865 -52.75 23.52 34.63
N GLY KG 866 -53.84 23.43 33.88
CA GLY KG 866 -54.91 22.51 34.19
C GLY KG 866 -56.17 23.12 34.75
N ASP KG 867 -56.43 24.37 34.44
CA ASP KG 867 -57.62 25.06 34.92
C ASP KG 867 -58.82 24.68 34.06
N ILE KG 868 -59.99 25.23 34.43
CA ILE KG 868 -61.27 24.86 33.83
C ILE KG 868 -61.83 26.06 33.10
N MET KG 869 -62.28 25.86 31.86
CA MET KG 869 -62.98 26.85 31.07
C MET KG 869 -64.27 26.23 30.56
N PHE KG 870 -65.09 27.02 29.89
CA PHE KG 870 -66.35 26.52 29.35
C PHE KG 870 -66.54 27.03 27.93
N ALA KG 871 -67.28 26.24 27.14
CA ALA KG 871 -67.57 26.60 25.77
C ALA KG 871 -68.90 25.98 25.38
N VAL KG 872 -69.38 26.36 24.20
CA VAL KG 872 -70.66 25.88 23.69
C VAL KG 872 -70.38 25.03 22.45
N LEU KG 873 -70.95 23.83 22.42
CA LEU KG 873 -70.83 22.95 21.28
C LEU KG 873 -72.08 23.03 20.42
N ASP KG 874 -71.88 23.37 19.15
CA ASP KG 874 -72.98 23.65 18.24
C ASP KG 874 -72.96 22.71 17.04
N THR KG 875 -71.77 22.21 16.69
CA THR KG 875 -71.63 21.31 15.55
C THR KG 875 -71.60 19.87 16.03
N SER KG 876 -72.66 19.11 15.72
CA SER KG 876 -72.74 17.71 16.11
C SER KG 876 -72.04 16.84 15.07
N VAL KG 877 -71.56 15.68 15.51
CA VAL KG 877 -70.84 14.76 14.64
C VAL KG 877 -70.95 13.34 15.21
N ASN KG 878 -71.16 12.39 14.31
CA ASN KG 878 -71.14 10.96 14.64
C ASN KG 878 -69.69 10.48 14.68
N SER KG 879 -69.48 9.38 15.39
CA SER KG 879 -68.16 8.78 15.46
C SER KG 879 -67.94 7.80 14.31
N ASP KG 880 -67.99 8.31 13.09
CA ASP KG 880 -67.80 7.48 11.89
C ASP KG 880 -66.59 7.91 11.09
N GLU KG 881 -66.47 9.19 10.74
CA GLU KG 881 -65.32 9.72 10.02
C GLU KG 881 -64.76 10.87 10.83
N PRO KG 882 -63.46 10.89 11.12
CA PRO KG 882 -62.88 11.99 11.89
C PRO KG 882 -62.84 13.28 11.10
N GLY KG 883 -62.84 14.40 11.82
CA GLY KG 883 -62.79 15.69 11.20
C GLY KG 883 -62.65 16.84 12.19
N PRO KG 884 -62.42 18.04 11.67
CA PRO KG 884 -62.38 19.23 12.52
C PRO KG 884 -63.75 19.58 13.09
N ILE KG 885 -63.78 19.91 14.37
CA ILE KG 885 -64.98 20.35 15.07
C ILE KG 885 -64.64 21.63 15.82
N LEU KG 886 -65.60 22.57 15.85
CA LEU KG 886 -65.38 23.89 16.42
C LEU KG 886 -66.30 24.11 17.61
N ALA KG 887 -65.81 24.83 18.61
CA ALA KG 887 -66.57 25.32 19.75
C ALA KG 887 -66.19 26.77 20.01
N THR KG 888 -67.04 27.46 20.76
CA THR KG 888 -66.86 28.89 21.02
C THR KG 888 -66.79 29.12 22.52
N ILE KG 889 -65.66 29.65 23.00
CA ILE KG 889 -65.52 29.98 24.41
C ILE KG 889 -66.38 31.18 24.73
N VAL KG 890 -67.24 31.04 25.74
CA VAL KG 890 -68.19 32.07 26.09
C VAL KG 890 -67.94 32.67 27.47
N THR KG 891 -66.92 32.20 28.19
CA THR KG 891 -66.64 32.73 29.52
C THR KG 891 -65.15 33.05 29.67
N GLY KG 892 -64.78 33.58 30.84
CA GLY KG 892 -63.39 33.80 31.15
C GLY KG 892 -62.79 34.99 30.42
N LYS KG 893 -61.46 35.03 30.43
CA LYS KG 893 -60.74 36.08 29.72
C LYS KG 893 -60.83 35.88 28.21
N LEU KG 894 -60.86 34.64 27.76
CA LEU KG 894 -61.00 34.35 26.34
C LEU KG 894 -62.45 34.54 25.91
N LYS KG 895 -62.73 35.70 25.34
CA LYS KG 895 -64.07 36.00 24.82
C LYS KG 895 -63.97 36.20 23.32
N GLY KG 896 -64.86 35.56 22.58
CA GLY KG 896 -64.74 35.52 21.14
C GLY KG 896 -63.76 34.51 20.63
N SER KG 897 -63.11 33.77 21.52
CA SER KG 897 -62.15 32.76 21.12
C SER KG 897 -62.89 31.51 20.65
N LYS KG 898 -62.31 30.83 19.66
CA LYS KG 898 -62.89 29.61 19.16
C LYS KG 898 -61.82 28.52 19.08
N LEU KG 899 -62.28 27.27 18.99
CA LEU KG 899 -61.37 26.14 19.19
C LEU KG 899 -61.79 25.00 18.27
N ILE KG 900 -60.84 24.53 17.45
CA ILE KG 900 -61.07 23.41 16.54
C ILE KG 900 -60.22 22.22 16.99
N GLY KG 901 -60.78 21.03 16.80
CA GLY KG 901 -60.11 19.79 17.14
C GLY KG 901 -60.82 18.59 16.54
N SER KG 902 -60.77 17.45 17.21
CA SER KG 902 -61.44 16.25 16.72
C SER KG 902 -61.86 15.40 17.92
N PHE KG 903 -62.26 14.16 17.66
CA PHE KG 903 -62.68 13.23 18.69
C PHE KG 903 -61.71 12.05 18.73
N ASN KG 904 -62.03 11.10 19.61
CA ASN KG 904 -61.28 9.85 19.70
C ASN KG 904 -62.26 8.70 19.55
N LEU KG 905 -61.74 7.58 19.07
CA LEU KG 905 -62.56 6.39 19.03
C LEU KG 905 -62.14 5.44 20.13
N PRO KG 906 -62.95 5.27 21.17
CA PRO KG 906 -62.62 4.36 22.25
C PRO KG 906 -62.84 2.90 21.85
N SER KG 907 -62.24 2.01 22.64
CA SER KG 907 -62.39 0.57 22.41
C SER KG 907 -63.83 0.11 22.63
N ASN KG 908 -64.47 0.58 23.70
CA ASN KG 908 -65.87 0.35 23.97
C ASN KG 908 -66.59 1.69 24.03
N ALA KG 909 -67.89 1.68 23.78
CA ALA KG 909 -68.66 2.91 23.59
C ALA KG 909 -69.22 3.47 24.89
N ASP KG 910 -68.56 3.22 26.02
CA ASP KG 910 -69.04 3.70 27.31
C ASP KG 910 -68.63 5.14 27.62
N LYS KG 911 -67.77 5.74 26.81
CA LYS KG 911 -67.35 7.12 27.00
C LYS KG 911 -66.93 7.71 25.67
N MET KG 912 -66.82 9.04 25.63
CA MET KG 912 -66.36 9.75 24.45
C MET KG 912 -65.78 11.08 24.89
N VAL KG 913 -64.59 11.39 24.38
CA VAL KG 913 -63.88 12.61 24.73
C VAL KG 913 -63.52 13.33 23.44
N ILE KG 914 -63.26 14.63 23.56
CA ILE KG 914 -62.97 15.49 22.42
C ILE KG 914 -61.53 15.97 22.51
N THR KG 915 -60.77 15.69 21.47
CA THR KG 915 -59.39 16.16 21.38
C THR KG 915 -59.41 17.54 20.74
N PHE KG 916 -59.18 18.57 21.55
CA PHE KG 916 -59.22 19.95 21.11
C PHE KG 916 -57.80 20.49 21.12
N ASN KG 917 -57.33 20.97 19.98
CA ASN KG 917 -55.91 21.28 19.90
C ASN KG 917 -55.61 22.67 19.35
N THR KG 918 -56.40 23.18 18.42
CA THR KG 918 -56.03 24.42 17.73
C THR KG 918 -56.97 25.55 18.17
N MET KG 919 -56.40 26.55 18.85
CA MET KG 919 -57.16 27.63 19.48
C MET KG 919 -56.89 28.93 18.72
N SER KG 920 -57.96 29.67 18.40
CA SER KG 920 -57.85 30.99 17.79
C SER KG 920 -58.44 32.03 18.73
N ILE KG 921 -57.69 33.09 18.97
CA ILE KG 921 -58.06 34.18 19.88
C ILE KG 921 -58.31 35.42 19.03
N PRO KG 922 -59.42 36.13 19.23
CA PRO KG 922 -59.67 37.33 18.41
C PRO KG 922 -58.83 38.52 18.85
N GLY KG 923 -59.01 39.64 18.17
CA GLY KG 923 -58.18 40.80 18.45
C GLY KG 923 -56.96 40.84 17.56
N ALA KG 924 -56.13 39.80 17.62
CA ALA KG 924 -54.91 39.71 16.83
C ALA KG 924 -54.99 38.54 15.87
N GLU KG 925 -54.17 38.62 14.82
CA GLU KG 925 -54.10 37.59 13.79
C GLU KG 925 -52.98 36.60 14.11
N LYS KG 926 -53.30 35.64 14.97
CA LYS KG 926 -52.39 34.57 15.32
C LYS KG 926 -53.18 33.32 15.68
N THR KG 927 -52.48 32.20 15.81
CA THR KG 927 -53.14 30.93 16.13
C THR KG 927 -52.25 30.15 17.09
N ILE KG 928 -52.66 30.07 18.36
CA ILE KG 928 -51.98 29.25 19.35
C ILE KG 928 -52.49 27.82 19.23
N SER KG 929 -51.81 26.89 19.90
CA SER KG 929 -52.17 25.48 19.77
C SER KG 929 -52.20 24.75 21.11
N ILE KG 930 -52.92 25.29 22.09
CA ILE KG 930 -53.11 24.60 23.36
C ILE KG 930 -53.97 23.38 23.11
N SER KG 931 -53.44 22.20 23.44
CA SER KG 931 -54.10 20.94 23.19
C SER KG 931 -54.67 20.40 24.50
N ALA KG 932 -55.99 20.40 24.63
CA ALA KG 932 -56.64 20.10 25.89
C ALA KG 932 -57.90 19.29 25.61
N TYR KG 933 -58.41 18.64 26.65
CA TYR KG 933 -59.57 17.76 26.52
C TYR KG 933 -60.75 18.40 27.25
N ALA KG 934 -61.88 17.68 27.25
CA ALA KG 934 -63.13 18.19 27.78
C ALA KG 934 -63.76 17.21 28.76
N ILE KG 935 -64.63 17.74 29.63
CA ILE KG 935 -65.44 16.93 30.53
C ILE KG 935 -66.90 17.31 30.32
N ASP KG 936 -67.79 16.40 30.68
CA ASP KG 936 -69.22 16.67 30.58
C ASP KG 936 -69.63 17.71 31.61
N PRO KG 937 -70.29 18.79 31.20
CA PRO KG 937 -70.73 19.80 32.17
C PRO KG 937 -71.85 19.28 33.05
N ASN KG 938 -71.78 19.68 34.33
CA ASN KG 938 -72.71 19.34 35.42
C ASN KG 938 -72.88 17.84 35.64
N THR KG 939 -71.91 17.02 35.22
CA THR KG 939 -71.91 15.59 35.50
C THR KG 939 -70.58 15.22 36.12
N ALA KG 940 -69.55 16.01 35.77
CA ALA KG 940 -68.17 15.85 36.20
C ALA KG 940 -67.63 14.46 35.86
N ARG KG 941 -68.00 14.01 34.67
CA ARG KG 941 -67.54 12.75 34.12
C ARG KG 941 -67.09 12.96 32.68
N THR KG 942 -66.52 11.91 32.11
CA THR KG 942 -66.03 11.96 30.73
C THR KG 942 -66.95 11.25 29.74
N ALA KG 943 -68.12 10.81 30.17
CA ALA KG 943 -69.02 10.08 29.29
C ALA KG 943 -69.74 11.02 28.34
N LEU KG 944 -70.38 10.45 27.33
CA LEU KG 944 -71.18 11.19 26.36
C LEU KG 944 -72.65 10.79 26.50
N ALA KG 945 -73.53 11.80 26.48
CA ALA KG 945 -74.97 11.58 26.55
C ALA KG 945 -75.49 11.34 25.14
N SER KG 946 -75.50 10.07 24.74
CA SER KG 946 -75.99 9.67 23.43
C SER KG 946 -76.49 8.24 23.52
N ARG KG 947 -76.87 7.67 22.37
CA ARG KG 947 -77.42 6.33 22.32
C ARG KG 947 -76.38 5.34 21.82
N THR KG 948 -76.26 4.23 22.55
CA THR KG 948 -75.30 3.19 22.20
C THR KG 948 -75.93 1.84 21.95
N ASN KG 949 -77.26 1.74 21.88
CA ASN KG 949 -77.95 0.49 21.61
C ASN KG 949 -78.39 0.40 20.15
N HIS KG 950 -77.57 0.93 19.25
CA HIS KG 950 -77.95 1.03 17.84
C HIS KG 950 -77.94 -0.33 17.15
N HIS KG 951 -76.91 -1.13 17.38
CA HIS KG 951 -76.62 -2.29 16.54
C HIS KG 951 -76.38 -3.52 17.38
N TYR KG 952 -77.27 -3.79 18.34
CA TYR KG 952 -77.31 -5.08 18.99
C TYR KG 952 -78.38 -5.98 18.40
N LEU KG 953 -79.63 -5.55 18.48
CA LEU KG 953 -80.76 -6.41 18.16
C LEU KG 953 -80.87 -6.68 16.67
N MET KG 954 -80.36 -5.77 15.83
CA MET KG 954 -80.36 -5.97 14.39
C MET KG 954 -79.52 -7.17 13.99
N ARG KG 955 -78.25 -7.21 14.44
CA ARG KG 955 -77.39 -8.33 14.10
C ARG KG 955 -77.79 -9.59 14.84
N TYR KG 956 -78.28 -9.47 16.09
CA TYR KG 956 -78.71 -10.64 16.84
C TYR KG 956 -79.92 -11.31 16.18
N GLY KG 957 -80.92 -10.51 15.80
CA GLY KG 957 -82.09 -11.06 15.15
C GLY KG 957 -81.81 -11.60 13.77
N SER KG 958 -80.91 -10.95 13.02
CA SER KG 958 -80.53 -11.47 11.71
C SER KG 958 -79.85 -12.82 11.83
N LEU KG 959 -78.93 -12.95 12.79
CA LEU KG 959 -78.25 -14.23 13.02
C LEU KG 959 -79.22 -15.31 13.48
N PHE KG 960 -80.12 -14.97 14.42
CA PHE KG 960 -81.06 -15.95 14.95
C PHE KG 960 -82.06 -16.39 13.90
N ALA KG 961 -82.49 -15.48 13.02
CA ALA KG 961 -83.43 -15.86 11.97
C ALA KG 961 -82.78 -16.72 10.92
N SER KG 962 -81.52 -16.40 10.53
CA SER KG 962 -80.80 -17.25 9.59
C SER KG 962 -80.57 -18.64 10.15
N SER KG 963 -80.27 -18.71 11.46
CA SER KG 963 -80.17 -19.99 12.16
C SER KG 963 -81.47 -20.77 12.08
N PHE KG 964 -82.59 -20.14 12.47
CA PHE KG 964 -83.89 -20.80 12.48
C PHE KG 964 -84.29 -21.31 11.10
N LEU KG 965 -83.89 -20.57 10.05
CA LEU KG 965 -84.12 -21.03 8.69
C LEU KG 965 -83.33 -22.31 8.39
N GLN KG 966 -82.05 -22.31 8.74
CA GLN KG 966 -81.21 -23.51 8.56
C GLN KG 966 -81.79 -24.70 9.30
N GLY KG 967 -82.17 -24.49 10.56
CA GLY KG 967 -82.72 -25.56 11.38
C GLY KG 967 -84.03 -26.08 10.86
N PHE KG 968 -84.87 -25.19 10.33
CA PHE KG 968 -86.18 -25.61 9.85
C PHE KG 968 -86.05 -26.48 8.63
N GLY KG 969 -85.18 -26.06 7.71
CA GLY KG 969 -84.95 -26.87 6.53
C GLY KG 969 -84.38 -28.24 6.85
N ASN KG 970 -83.32 -28.30 7.68
CA ASN KG 970 -82.70 -29.60 7.92
C ASN KG 970 -83.57 -30.52 8.77
N ALA KG 971 -84.17 -30.02 9.86
CA ALA KG 971 -84.91 -30.91 10.73
C ALA KG 971 -86.26 -31.29 10.15
N PHE KG 972 -86.93 -30.37 9.45
CA PHE KG 972 -88.18 -30.75 8.82
C PHE KG 972 -87.97 -31.53 7.54
N GLN KG 973 -86.75 -31.56 6.99
CA GLN KG 973 -86.44 -32.59 6.00
C GLN KG 973 -86.16 -33.93 6.67
N SER KG 974 -85.53 -33.92 7.84
CA SER KG 974 -85.10 -35.16 8.47
C SER KG 974 -86.28 -35.91 9.09
N ALA KG 975 -87.30 -35.19 9.54
CA ALA KG 975 -88.44 -35.82 10.21
C ALA KG 975 -89.51 -36.31 9.24
N ASN KG 976 -89.18 -36.46 7.95
CA ASN KG 976 -90.15 -36.92 6.97
C ASN KG 976 -90.48 -38.40 7.14
N THR KG 977 -89.48 -39.23 7.46
CA THR KG 977 -89.71 -40.67 7.54
C THR KG 977 -90.50 -41.04 8.79
N THR KG 978 -90.15 -40.45 9.93
CA THR KG 978 -90.82 -40.79 11.18
C THR KG 978 -91.95 -39.81 11.47
N SER KG 999 -96.53 -31.13 0.15
CA SER KG 999 -95.69 -30.47 -0.85
C SER KG 999 -95.23 -29.11 -0.33
N THR KG 1000 -96.17 -28.37 0.25
CA THR KG 1000 -95.87 -27.01 0.70
C THR KG 1000 -94.96 -27.00 1.94
N LEU KG 1001 -95.08 -28.01 2.80
CA LEU KG 1001 -94.14 -28.14 3.92
C LEU KG 1001 -92.74 -28.46 3.42
N GLU KG 1002 -92.66 -29.26 2.35
CA GLU KG 1002 -91.39 -29.49 1.68
C GLU KG 1002 -90.85 -28.21 1.07
N ASN KG 1003 -91.74 -27.33 0.59
CA ASN KG 1003 -91.29 -26.04 0.08
C ASN KG 1003 -90.81 -25.12 1.18
N ALA KG 1004 -91.39 -25.24 2.37
CA ALA KG 1004 -90.87 -24.52 3.54
C ALA KG 1004 -89.47 -25.01 3.90
N VAL KG 1005 -89.28 -26.33 3.86
CA VAL KG 1005 -87.95 -26.95 4.01
C VAL KG 1005 -86.99 -26.36 2.99
N ILE KG 1006 -87.44 -26.25 1.74
CA ILE KG 1006 -86.66 -25.73 0.61
C ILE KG 1006 -86.18 -24.31 0.91
N GLY KG 1007 -87.12 -23.43 1.27
CA GLY KG 1007 -86.81 -22.02 1.34
C GLY KG 1007 -85.92 -21.72 2.52
N LEU KG 1008 -86.27 -22.28 3.67
CA LEU KG 1008 -85.53 -21.97 4.87
C LEU KG 1008 -84.18 -22.68 4.87
N ALA KG 1009 -84.15 -23.94 4.34
CA ALA KG 1009 -82.93 -24.72 4.20
C ALA KG 1009 -81.89 -24.04 3.37
N THR KG 1010 -82.30 -23.35 2.32
CA THR KG 1010 -81.26 -22.78 1.49
C THR KG 1010 -80.98 -21.32 1.76
N VAL KG 1011 -81.95 -20.53 2.22
CA VAL KG 1011 -81.63 -19.14 2.53
C VAL KG 1011 -81.08 -18.97 3.94
N GLY KG 1012 -81.10 -20.02 4.77
CA GLY KG 1012 -80.47 -19.89 6.07
C GLY KG 1012 -78.96 -19.82 5.99
N LYS KG 1013 -78.35 -20.61 5.10
CA LYS KG 1013 -76.90 -20.82 5.14
C LYS KG 1013 -76.12 -19.59 4.71
N ALA KG 1014 -76.50 -19.01 3.57
CA ALA KG 1014 -75.82 -17.82 3.07
C ALA KG 1014 -76.03 -16.63 3.99
N TRP KG 1015 -77.26 -16.48 4.51
CA TRP KG 1015 -77.53 -15.41 5.45
C TRP KG 1015 -76.80 -15.64 6.77
N SER KG 1016 -76.57 -16.90 7.15
CA SER KG 1016 -75.84 -17.17 8.39
C SER KG 1016 -74.38 -16.82 8.26
N GLN KG 1017 -73.75 -17.19 7.14
CA GLN KG 1017 -72.34 -16.85 6.97
C GLN KG 1017 -72.15 -15.35 6.76
N GLN KG 1018 -73.09 -14.68 6.09
CA GLN KG 1018 -72.98 -13.23 5.96
C GLN KG 1018 -73.30 -12.52 7.28
N ALA KG 1019 -74.14 -13.13 8.12
CA ALA KG 1019 -74.40 -12.56 9.44
C ALA KG 1019 -73.18 -12.69 10.34
N GLN KG 1020 -72.46 -13.82 10.23
CA GLN KG 1020 -71.18 -13.93 10.91
C GLN KG 1020 -70.15 -12.97 10.33
N GLN KG 1021 -70.29 -12.66 9.03
CA GLN KG 1021 -69.42 -11.68 8.39
C GLN KG 1021 -69.63 -10.28 8.94
N LEU KG 1022 -70.88 -9.85 9.06
CA LEU KG 1022 -71.18 -8.48 9.50
C LEU KG 1022 -71.49 -8.39 10.99
N PHE KG 1023 -71.30 -9.47 11.75
CA PHE KG 1023 -71.65 -9.47 13.17
C PHE KG 1023 -70.75 -8.55 13.99
N ASN KG 1024 -69.56 -8.24 13.49
CA ASN KG 1024 -68.59 -7.42 14.21
C ASN KG 1024 -68.86 -5.92 14.10
N THR KG 1025 -70.05 -5.51 13.67
CA THR KG 1025 -70.36 -4.09 13.53
C THR KG 1025 -70.61 -3.48 14.91
N PRO KG 1026 -69.88 -2.44 15.28
CA PRO KG 1026 -70.09 -1.80 16.59
C PRO KG 1026 -71.27 -0.83 16.54
N THR KG 1027 -71.61 -0.30 17.70
CA THR KG 1027 -72.64 0.74 17.84
C THR KG 1027 -71.94 2.08 17.95
N THR KG 1028 -72.41 3.05 17.17
CA THR KG 1028 -71.75 4.34 17.07
C THR KG 1028 -72.25 5.30 18.15
N VAL KG 1029 -71.46 6.34 18.40
CA VAL KG 1029 -71.80 7.41 19.33
C VAL KG 1029 -71.73 8.73 18.58
N GLU KG 1030 -72.44 9.73 19.10
CA GLU KG 1030 -72.60 11.01 18.40
C GLU KG 1030 -72.94 12.11 19.39
N VAL KG 1031 -72.14 13.18 19.39
CA VAL KG 1031 -72.43 14.32 20.23
C VAL KG 1031 -73.62 15.09 19.69
N TYR KG 1032 -74.17 15.98 20.51
CA TYR KG 1032 -75.33 16.75 20.13
C TYR KG 1032 -74.91 18.15 19.66
N SER KG 1033 -75.82 18.80 18.95
CA SER KG 1033 -75.58 20.12 18.39
C SER KG 1033 -76.03 21.25 19.29
N GLY KG 1034 -76.51 20.95 20.50
CA GLY KG 1034 -77.02 21.99 21.38
C GLY KG 1034 -76.71 21.81 22.85
N THR KG 1035 -75.60 21.15 23.17
CA THR KG 1035 -75.19 20.93 24.55
C THR KG 1035 -73.81 21.51 24.76
N GLY KG 1036 -73.63 22.27 25.82
CA GLY KG 1036 -72.36 22.91 26.12
C GLY KG 1036 -71.34 21.92 26.63
N LEU KG 1037 -70.15 22.44 26.91
CA LEU KG 1037 -69.05 21.61 27.38
C LEU KG 1037 -68.13 22.42 28.27
N GLY KG 1038 -67.42 21.70 29.14
CA GLY KG 1038 -66.37 22.27 29.95
C GLY KG 1038 -65.03 21.68 29.56
N ILE KG 1039 -64.01 22.52 29.55
CA ILE KG 1039 -62.70 22.19 29.01
C ILE KG 1039 -61.66 22.29 30.12
N LEU KG 1040 -61.02 21.17 30.43
CA LEU KG 1040 -59.90 21.16 31.35
C LEU KG 1040 -58.61 21.28 30.54
N PHE KG 1041 -57.71 22.14 31.00
CA PHE KG 1041 -56.50 22.46 30.25
C PHE KG 1041 -55.37 21.49 30.55
N THR KG 1042 -54.35 21.54 29.70
CA THR KG 1042 -53.18 20.65 29.81
C THR KG 1042 -51.88 21.42 29.98
N GLN KG 1043 -51.62 22.42 29.15
CA GLN KG 1043 -50.39 23.20 29.24
C GLN KG 1043 -50.73 24.68 29.28
N ASP KG 1044 -49.69 25.51 29.35
CA ASP KG 1044 -49.85 26.94 29.50
C ASP KG 1044 -49.74 27.66 28.15
N VAL KG 1045 -50.28 28.87 28.09
CA VAL KG 1045 -50.16 29.76 26.94
C VAL KG 1045 -49.73 31.12 27.44
N THR KG 1046 -49.77 32.12 26.55
CA THR KG 1046 -49.47 33.50 26.93
C THR KG 1046 -50.55 34.46 26.43
N ILE LG 862 -57.46 38.63 5.73
CA ILE LG 862 -57.11 37.91 6.94
C ILE LG 862 -58.35 37.26 7.54
N ILE LG 863 -58.30 35.94 7.68
CA ILE LG 863 -59.43 35.15 8.14
C ILE LG 863 -59.00 34.37 9.38
N LYS LG 864 -59.82 34.47 10.44
CA LYS LG 864 -59.52 33.82 11.71
C LYS LG 864 -59.58 32.30 11.57
N THR LG 865 -58.83 31.62 12.43
CA THR LG 865 -58.62 30.18 12.29
C THR LG 865 -59.85 29.41 12.74
N GLY LG 866 -60.73 29.07 11.80
CA GLY LG 866 -61.80 28.15 12.07
C GLY LG 866 -63.21 28.71 12.06
N ASP LG 867 -63.41 29.84 11.39
CA ASP LG 867 -64.73 30.46 11.31
C ASP LG 867 -65.56 29.75 10.24
N ILE LG 868 -66.84 30.16 10.14
CA ILE LG 868 -67.81 29.49 9.29
C ILE LG 868 -68.19 30.41 8.14
N MET LG 869 -68.05 29.91 6.92
CA MET LG 869 -68.47 30.57 5.69
C MET LG 869 -69.62 29.77 5.10
N PHE LG 870 -70.36 30.38 4.17
CA PHE LG 870 -71.50 29.73 3.58
C PHE LG 870 -71.41 29.80 2.06
N ALA LG 871 -71.96 28.77 1.41
CA ALA LG 871 -71.96 28.69 -0.03
C ALA LG 871 -73.21 27.94 -0.47
N VAL LG 872 -73.44 27.92 -1.78
CA VAL LG 872 -74.47 27.09 -2.36
C VAL LG 872 -73.81 26.18 -3.39
N LEU LG 873 -74.00 24.88 -3.24
CA LEU LG 873 -73.45 23.91 -4.17
C LEU LG 873 -74.40 23.76 -5.35
N ASP LG 874 -73.84 23.60 -6.54
CA ASP LG 874 -74.61 23.74 -7.76
C ASP LG 874 -74.55 22.51 -8.66
N THR LG 875 -73.47 21.74 -8.57
CA THR LG 875 -73.26 20.62 -9.48
C THR LG 875 -73.32 19.30 -8.72
N SER LG 876 -74.20 18.40 -9.16
CA SER LG 876 -74.41 17.13 -8.46
C SER LG 876 -73.57 16.01 -9.06
N VAL LG 877 -73.24 15.04 -8.22
CA VAL LG 877 -72.40 13.90 -8.62
C VAL LG 877 -72.65 12.77 -7.62
N ASN LG 878 -72.68 11.54 -8.11
CA ASN LG 878 -72.76 10.35 -7.27
C ASN LG 878 -71.40 10.10 -6.63
N SER LG 879 -71.42 9.34 -5.54
CA SER LG 879 -70.17 8.93 -4.88
C SER LG 879 -69.59 7.71 -5.56
N ASP LG 880 -69.20 7.87 -6.81
CA ASP LG 880 -68.72 6.75 -7.61
C ASP LG 880 -67.31 6.94 -8.12
N GLU LG 881 -67.03 8.09 -8.75
CA GLU LG 881 -65.72 8.38 -9.33
C GLU LG 881 -65.31 9.75 -8.81
N PRO LG 882 -64.04 9.96 -8.49
CA PRO LG 882 -63.60 11.29 -8.04
C PRO LG 882 -63.59 12.28 -9.19
N GLY LG 883 -63.72 13.55 -8.82
CA GLY LG 883 -63.66 14.63 -9.79
C GLY LG 883 -63.67 16.00 -9.11
N PRO LG 884 -63.33 17.03 -9.86
CA PRO LG 884 -63.42 18.39 -9.32
C PRO LG 884 -64.86 18.84 -9.16
N ILE LG 885 -65.18 19.41 -8.00
CA ILE LG 885 -66.51 19.93 -7.71
C ILE LG 885 -66.36 21.34 -7.17
N LEU LG 886 -67.28 22.21 -7.56
CA LEU LG 886 -67.19 23.64 -7.28
C LEU LG 886 -68.41 24.11 -6.49
N ALA LG 887 -68.18 25.06 -5.61
CA ALA LG 887 -69.22 25.81 -4.90
C ALA LG 887 -68.91 27.30 -5.01
N THR LG 888 -69.90 28.12 -4.68
CA THR LG 888 -69.78 29.57 -4.79
C THR LG 888 -70.18 30.22 -3.49
N ILE LG 889 -69.26 30.94 -2.87
CA ILE LG 889 -69.57 31.71 -1.67
C ILE LG 889 -70.49 32.87 -2.06
N VAL LG 890 -71.60 33.00 -1.35
CA VAL LG 890 -72.65 33.92 -1.74
C VAL LG 890 -72.72 35.15 -0.82
N THR LG 891 -72.10 35.10 0.35
CA THR LG 891 -72.22 36.21 1.29
C THR LG 891 -70.90 36.49 1.99
N GLY LG 892 -70.93 37.31 3.02
CA GLY LG 892 -69.73 37.60 3.78
C GLY LG 892 -68.79 38.54 3.05
N LYS LG 893 -67.54 38.57 3.52
CA LYS LG 893 -66.52 39.41 2.91
C LYS LG 893 -66.16 38.93 1.51
N LEU LG 894 -66.08 37.62 1.31
CA LEU LG 894 -65.77 37.08 0.00
C LEU LG 894 -67.05 36.91 -0.81
N LYS LG 895 -67.22 37.75 -1.82
CA LYS LG 895 -68.41 37.77 -2.64
C LYS LG 895 -68.03 37.37 -4.07
N GLY LG 896 -68.75 36.39 -4.61
CA GLY LG 896 -68.44 35.91 -5.94
C GLY LG 896 -67.25 34.98 -6.01
N SER LG 897 -66.68 34.61 -4.86
CA SER LG 897 -65.57 33.67 -4.86
C SER LG 897 -66.08 32.26 -5.07
N LYS LG 898 -65.27 31.43 -5.71
CA LYS LG 898 -65.65 30.05 -5.96
C LYS LG 898 -64.57 29.12 -5.43
N LEU LG 899 -64.89 27.84 -5.35
CA LEU LG 899 -64.03 26.90 -4.65
C LEU LG 899 -64.19 25.51 -5.25
N ILE LG 900 -63.08 24.94 -5.71
CA ILE LG 900 -63.04 23.59 -6.28
C ILE LG 900 -62.30 22.68 -5.33
N GLY LG 901 -62.78 21.43 -5.27
CA GLY LG 901 -62.18 20.38 -4.47
C GLY LG 901 -62.73 19.03 -4.89
N SER LG 902 -62.78 18.08 -3.97
CA SER LG 902 -63.31 16.76 -4.29
C SER LG 902 -63.95 16.18 -3.03
N PHE LG 903 -64.29 14.91 -3.08
CA PHE LG 903 -64.90 14.19 -1.96
C PHE LG 903 -63.97 13.07 -1.52
N ASN LG 904 -64.45 12.32 -0.52
CA ASN LG 904 -63.79 11.10 -0.08
C ASN LG 904 -64.87 10.07 0.20
N LEU LG 905 -64.51 8.80 0.03
CA LEU LG 905 -65.44 7.72 0.27
C LEU LG 905 -65.32 7.23 1.71
N PRO LG 906 -66.37 7.36 2.51
CA PRO LG 906 -66.33 6.81 3.86
C PRO LG 906 -66.48 5.29 3.85
N SER LG 907 -66.08 4.68 4.96
CA SER LG 907 -66.24 3.24 5.12
C SER LG 907 -67.70 2.83 5.16
N ASN LG 908 -68.53 3.57 5.87
CA ASN LG 908 -69.97 3.37 5.89
C ASN LG 908 -70.66 4.66 5.49
N ALA LG 909 -71.84 4.53 4.90
CA ALA LG 909 -72.50 5.64 4.20
C ALA LG 909 -73.38 6.48 5.11
N ASP LG 910 -73.08 6.56 6.40
CA ASP LG 910 -73.88 7.35 7.34
C ASP LG 910 -73.55 8.84 7.27
N LYS LG 911 -72.48 9.23 6.58
CA LYS LG 911 -72.17 10.62 6.35
C LYS LG 911 -71.30 10.72 5.10
N MET LG 912 -71.20 11.93 4.57
CA MET LG 912 -70.40 12.18 3.38
C MET LG 912 -69.96 13.64 3.41
N VAL LG 913 -68.68 13.87 3.18
CA VAL LG 913 -68.07 15.18 3.32
C VAL LG 913 -67.30 15.53 2.07
N ILE LG 914 -67.04 16.82 1.89
CA ILE LG 914 -66.38 17.36 0.71
C ILE LG 914 -65.06 17.98 1.13
N THR LG 915 -63.97 17.54 0.49
CA THR LG 915 -62.65 18.09 0.75
C THR LG 915 -62.44 19.28 -0.18
N PHE LG 916 -62.48 20.49 0.36
CA PHE LG 916 -62.41 21.71 -0.42
C PHE LG 916 -61.08 22.39 -0.18
N ASN LG 917 -60.31 22.57 -1.23
CA ASN LG 917 -58.93 23.02 -1.07
C ASN LG 917 -58.55 24.21 -1.95
N THR LG 918 -59.12 24.32 -3.15
CA THR LG 918 -58.64 25.33 -4.08
C THR LG 918 -59.66 26.45 -4.22
N MET LG 919 -59.36 27.59 -3.60
CA MET LG 919 -60.27 28.74 -3.55
C MET LG 919 -59.78 29.80 -4.54
N SER LG 920 -60.71 30.32 -5.34
CA SER LG 920 -60.41 31.39 -6.28
C SER LG 920 -61.27 32.61 -5.95
N ILE LG 921 -60.63 33.75 -5.81
CA ILE LG 921 -61.27 35.02 -5.47
C ILE LG 921 -61.27 35.88 -6.73
N PRO LG 922 -62.39 36.52 -7.09
CA PRO LG 922 -62.37 37.43 -8.23
C PRO LG 922 -61.68 38.75 -7.91
N GLY LG 923 -61.57 39.63 -8.91
CA GLY LG 923 -60.90 40.90 -8.71
C GLY LG 923 -59.42 40.85 -9.02
N ALA LG 924 -58.66 40.18 -8.17
CA ALA LG 924 -57.24 39.99 -8.39
C ALA LG 924 -56.99 38.58 -8.91
N GLU LG 925 -56.07 38.47 -9.87
CA GLU LG 925 -55.76 37.19 -10.51
C GLU LG 925 -54.91 36.36 -9.54
N LYS LG 926 -55.60 35.62 -8.68
CA LYS LG 926 -54.96 34.82 -7.65
C LYS LG 926 -55.63 33.46 -7.58
N THR LG 927 -54.93 32.51 -6.94
CA THR LG 927 -55.53 31.21 -6.63
C THR LG 927 -54.95 30.78 -5.29
N ILE LG 928 -55.66 31.08 -4.21
CA ILE LG 928 -55.22 30.69 -2.87
C ILE LG 928 -55.58 29.23 -2.64
N SER LG 929 -55.00 28.63 -1.61
CA SER LG 929 -55.15 27.19 -1.40
C SER LG 929 -55.58 26.85 0.00
N ILE LG 930 -56.63 27.51 0.50
CA ILE LG 930 -57.15 27.21 1.83
C ILE LG 930 -57.92 25.90 1.77
N SER LG 931 -57.50 24.94 2.59
CA SER LG 931 -58.16 23.64 2.68
C SER LG 931 -59.09 23.65 3.89
N ALA LG 932 -60.33 23.24 3.67
CA ALA LG 932 -61.34 23.28 4.72
C ALA LG 932 -62.33 22.14 4.50
N TYR LG 933 -63.23 21.95 5.46
CA TYR LG 933 -64.22 20.88 5.41
C TYR LG 933 -65.61 21.48 5.26
N ALA LG 934 -66.61 20.61 5.18
CA ALA LG 934 -67.99 21.01 4.93
C ALA LG 934 -68.94 20.42 5.97
N ILE LG 935 -70.04 21.13 6.23
CA ILE LG 935 -71.11 20.66 7.09
C ILE LG 935 -72.44 20.90 6.39
N ASP LG 936 -73.37 19.96 6.55
CA ASP LG 936 -74.68 20.08 5.94
C ASP LG 936 -75.50 21.13 6.68
N PRO LG 937 -76.15 22.05 5.96
CA PRO LG 937 -77.00 23.05 6.62
C PRO LG 937 -78.25 22.42 7.22
N ASN LG 938 -78.77 23.09 8.26
CA ASN LG 938 -79.97 22.74 9.02
C ASN LG 938 -79.88 21.39 9.72
N THR LG 939 -78.67 20.87 9.95
CA THR LG 939 -78.50 19.63 10.69
C THR LG 939 -77.46 19.88 11.77
N ALA LG 940 -76.60 20.87 11.53
CA ALA LG 940 -75.39 21.15 12.30
C ALA LG 940 -74.53 19.90 12.43
N ARG LG 941 -74.38 19.21 11.31
CA ARG LG 941 -73.70 17.93 11.25
C ARG LG 941 -72.90 17.83 9.97
N THR LG 942 -72.12 16.76 9.87
CA THR LG 942 -71.24 16.53 8.75
C THR LG 942 -71.82 15.55 7.73
N ALA LG 943 -73.09 15.17 7.89
CA ALA LG 943 -73.67 14.15 7.03
C ALA LG 943 -74.07 14.71 5.67
N LEU LG 944 -74.57 13.83 4.80
CA LEU LG 944 -75.10 14.23 3.51
C LEU LG 944 -76.58 13.89 3.43
N ALA LG 945 -77.36 14.83 2.88
CA ALA LG 945 -78.79 14.62 2.64
C ALA LG 945 -78.96 13.88 1.32
N SER LG 946 -79.04 12.56 1.42
CA SER LG 946 -79.19 11.71 0.25
C SER LG 946 -79.94 10.45 0.66
N ARG LG 947 -79.94 9.46 -0.22
CA ARG LG 947 -80.50 8.16 0.08
C ARG LG 947 -79.38 7.13 0.21
N THR LG 948 -79.53 6.25 1.21
CA THR LG 948 -78.52 5.24 1.48
C THR LG 948 -79.04 3.82 1.35
N ASN LG 949 -80.27 3.62 0.88
CA ASN LG 949 -80.85 2.29 0.72
C ASN LG 949 -80.79 1.83 -0.73
N HIS LG 950 -79.70 2.16 -1.43
CA HIS LG 950 -79.63 1.93 -2.87
C HIS LG 950 -79.41 0.46 -3.20
N HIS LG 951 -78.55 -0.24 -2.47
CA HIS LG 951 -78.06 -1.54 -2.87
C HIS LG 951 -78.08 -2.52 -1.71
N TYR LG 952 -79.20 -2.61 -1.01
CA TYR LG 952 -79.43 -3.70 -0.08
C TYR LG 952 -80.35 -4.76 -0.67
N LEU LG 953 -81.54 -4.34 -1.08
CA LEU LG 953 -82.61 -5.28 -1.37
C LEU LG 953 -82.39 -6.01 -2.69
N MET LG 954 -81.70 -5.38 -3.65
CA MET LG 954 -81.44 -6.03 -4.93
C MET LG 954 -80.54 -7.24 -4.77
N ARG LG 955 -79.38 -7.07 -4.11
CA ARG LG 955 -78.48 -8.19 -3.90
C ARG LG 955 -79.04 -9.19 -2.90
N TYR LG 956 -79.77 -8.70 -1.88
CA TYR LG 956 -80.42 -9.60 -0.93
C TYR LG 956 -81.43 -10.52 -1.60
N GLY LG 957 -82.29 -9.94 -2.45
CA GLY LG 957 -83.29 -10.74 -3.15
C GLY LG 957 -82.68 -11.67 -4.17
N SER LG 958 -81.61 -11.22 -4.86
CA SER LG 958 -80.94 -12.08 -5.83
C SER LG 958 -80.33 -13.30 -5.16
N LEU LG 959 -79.64 -13.09 -4.04
CA LEU LG 959 -79.04 -14.20 -3.30
C LEU LG 959 -80.10 -15.14 -2.73
N PHE LG 960 -81.18 -14.57 -2.17
CA PHE LG 960 -82.23 -15.39 -1.59
C PHE LG 960 -82.96 -16.21 -2.63
N ALA LG 961 -83.19 -15.63 -3.82
CA ALA LG 961 -83.86 -16.37 -4.88
C ALA LG 961 -82.96 -17.46 -5.44
N SER LG 962 -81.65 -17.20 -5.57
CA SER LG 962 -80.72 -18.24 -6.01
C SER LG 962 -80.69 -19.41 -5.02
N SER LG 963 -80.69 -19.08 -3.72
CA SER LG 963 -80.78 -20.10 -2.68
C SER LG 963 -82.05 -20.93 -2.83
N PHE LG 964 -83.21 -20.28 -2.90
CA PHE LG 964 -84.50 -20.96 -2.97
C PHE LG 964 -84.60 -21.85 -4.21
N LEU LG 965 -83.98 -21.42 -5.32
CA LEU LG 965 -83.91 -22.24 -6.51
C LEU LG 965 -83.10 -23.51 -6.26
N GLN LG 966 -81.91 -23.36 -5.65
CA GLN LG 966 -81.08 -24.52 -5.31
C GLN LG 966 -81.81 -25.49 -4.40
N GLY LG 967 -82.50 -24.94 -3.39
CA GLY LG 967 -83.21 -25.77 -2.43
C GLY LG 967 -84.37 -26.52 -3.04
N PHE LG 968 -85.10 -25.87 -3.97
CA PHE LG 968 -86.26 -26.52 -4.56
C PHE LG 968 -85.83 -27.67 -5.44
N GLY LG 969 -84.78 -27.46 -6.22
CA GLY LG 969 -84.30 -28.54 -7.05
C GLY LG 969 -83.80 -29.73 -6.26
N ASN LG 970 -82.95 -29.48 -5.24
CA ASN LG 970 -82.40 -30.61 -4.52
C ASN LG 970 -83.43 -31.33 -3.65
N ALA LG 971 -84.30 -30.60 -2.96
CA ALA LG 971 -85.23 -31.27 -2.06
C ALA LG 971 -86.37 -31.93 -2.82
N PHE LG 972 -86.83 -31.34 -3.93
CA PHE LG 972 -87.84 -32.04 -4.69
C PHE LG 972 -87.25 -33.14 -5.57
N GLN LG 973 -85.92 -33.17 -5.74
CA GLN LG 973 -85.30 -34.41 -6.21
C GLN LG 973 -85.26 -35.46 -5.10
N SER LG 974 -84.95 -35.04 -3.87
CA SER LG 974 -84.81 -35.99 -2.77
C SER LG 974 -86.16 -36.56 -2.35
N ALA LG 975 -87.25 -35.85 -2.64
CA ALA LG 975 -88.59 -36.30 -2.29
C ALA LG 975 -89.17 -37.28 -3.30
N ASN LG 976 -88.36 -37.73 -4.28
CA ASN LG 976 -88.86 -38.65 -5.28
C ASN LG 976 -89.04 -40.07 -4.72
N THR LG 977 -88.28 -40.44 -3.69
CA THR LG 977 -88.44 -41.76 -3.10
C THR LG 977 -89.73 -41.86 -2.30
N THR LG 978 -90.03 -40.85 -1.48
CA THR LG 978 -91.20 -40.89 -0.61
C THR LG 978 -92.20 -39.80 -0.99
N SER LG 999 -93.28 -35.72 -15.10
CA SER LG 999 -92.33 -35.13 -16.03
C SER LG 999 -92.18 -33.65 -15.75
N THR LG 1000 -93.31 -32.97 -15.56
CA THR LG 1000 -93.31 -31.53 -15.33
C THR LG 1000 -92.68 -31.17 -13.99
N LEU LG 1001 -92.99 -31.93 -12.93
CA LEU LG 1001 -92.35 -31.72 -11.63
C LEU LG 1001 -90.87 -32.03 -11.70
N GLU LG 1002 -90.51 -33.04 -12.51
CA GLU LG 1002 -89.11 -33.35 -12.75
C GLU LG 1002 -88.40 -32.21 -13.46
N ASN LG 1003 -89.09 -31.54 -14.39
CA ASN LG 1003 -88.50 -30.40 -15.09
C ASN LG 1003 -88.35 -29.20 -14.16
N ALA LG 1004 -89.28 -29.06 -13.22
CA ALA LG 1004 -89.09 -28.07 -12.16
C ALA LG 1004 -87.84 -28.36 -11.34
N VAL LG 1005 -87.66 -29.63 -10.96
CA VAL LG 1005 -86.45 -30.08 -10.25
C VAL LG 1005 -85.20 -29.75 -11.05
N ILE LG 1006 -85.28 -29.97 -12.36
CA ILE LG 1006 -84.20 -29.70 -13.31
C ILE LG 1006 -83.77 -28.24 -13.25
N GLY LG 1007 -84.74 -27.33 -13.48
CA GLY LG 1007 -84.41 -25.93 -13.62
C GLY LG 1007 -83.94 -25.34 -12.32
N LEU LG 1008 -84.61 -25.69 -11.23
CA LEU LG 1008 -84.26 -25.16 -9.92
C LEU LG 1008 -82.91 -25.67 -9.45
N ALA LG 1009 -82.68 -27.00 -9.56
CA ALA LG 1009 -81.45 -27.64 -9.11
C ALA LG 1009 -80.24 -27.18 -9.87
N THR LG 1010 -80.40 -26.73 -11.11
CA THR LG 1010 -79.18 -26.33 -11.78
C THR LG 1010 -78.97 -24.84 -11.89
N VAL LG 1011 -80.02 -24.02 -11.93
CA VAL LG 1011 -79.79 -22.59 -12.00
C VAL LG 1011 -79.70 -21.93 -10.63
N GLY LG 1012 -79.98 -22.66 -9.53
CA GLY LG 1012 -79.72 -22.10 -8.22
C GLY LG 1012 -78.24 -21.89 -7.94
N LYS LG 1013 -77.40 -22.87 -8.32
CA LYS LG 1013 -76.02 -22.92 -7.85
C LYS LG 1013 -75.15 -21.84 -8.48
N ALA LG 1014 -75.25 -21.67 -9.81
CA ALA LG 1014 -74.42 -20.68 -10.50
C ALA LG 1014 -74.81 -19.27 -10.10
N TRP LG 1015 -76.11 -19.02 -9.97
CA TRP LG 1015 -76.57 -17.72 -9.48
C TRP LG 1015 -76.16 -17.49 -8.03
N SER LG 1016 -76.11 -18.55 -7.22
CA SER LG 1016 -75.69 -18.40 -5.83
C SER LG 1016 -74.22 -18.04 -5.72
N GLN LG 1017 -73.36 -18.70 -6.50
CA GLN LG 1017 -71.94 -18.36 -6.43
C GLN LG 1017 -71.65 -17.00 -7.05
N GLN LG 1018 -72.39 -16.63 -8.10
CA GLN LG 1018 -72.23 -15.28 -8.66
C GLN LG 1018 -72.75 -14.21 -7.70
N ALA LG 1019 -73.81 -14.52 -6.95
CA ALA LG 1019 -74.32 -13.57 -5.97
C ALA LG 1019 -73.37 -13.40 -4.80
N GLN LG 1020 -72.73 -14.49 -4.36
CA GLN LG 1020 -71.70 -14.39 -3.33
C GLN LG 1020 -70.48 -13.65 -3.86
N GLN LG 1021 -70.23 -13.73 -5.17
CA GLN LG 1021 -69.19 -12.92 -5.78
C GLN LG 1021 -69.54 -11.43 -5.74
N LEU LG 1022 -70.74 -11.06 -6.17
CA LEU LG 1022 -71.09 -9.65 -6.33
C LEU LG 1022 -71.80 -9.06 -5.12
N PHE LG 1023 -71.82 -9.79 -3.99
CA PHE LG 1023 -72.56 -9.33 -2.83
C PHE LG 1023 -71.93 -8.11 -2.16
N ASN LG 1024 -70.67 -7.84 -2.46
CA ASN LG 1024 -69.92 -6.73 -1.87
C ASN LG 1024 -70.21 -5.38 -2.50
N THR LG 1025 -71.32 -5.22 -3.21
CA THR LG 1025 -71.66 -3.94 -3.82
C THR LG 1025 -72.11 -2.95 -2.74
N PRO LG 1026 -71.49 -1.79 -2.65
CA PRO LG 1026 -71.85 -0.80 -1.63
C PRO LG 1026 -73.16 -0.10 -1.99
N THR LG 1027 -73.74 0.57 -0.99
CA THR LG 1027 -74.89 1.44 -1.19
C THR LG 1027 -74.37 2.86 -1.39
N THR LG 1028 -74.69 3.44 -2.53
CA THR LG 1028 -74.14 4.73 -2.88
C THR LG 1028 -74.91 5.85 -2.18
N VAL LG 1029 -74.22 7.00 -2.04
CA VAL LG 1029 -74.84 8.26 -1.68
C VAL LG 1029 -74.57 9.20 -2.84
N GLU LG 1030 -75.39 10.25 -2.93
CA GLU LG 1030 -75.23 11.19 -4.04
C GLU LG 1030 -75.60 12.59 -3.59
N VAL LG 1031 -74.66 13.52 -3.77
CA VAL LG 1031 -74.94 14.91 -3.48
C VAL LG 1031 -75.86 15.48 -4.55
N TYR LG 1032 -76.51 16.58 -4.21
CA TYR LG 1032 -77.51 17.16 -5.09
C TYR LG 1032 -77.07 18.52 -5.62
N SER LG 1033 -77.71 18.93 -6.70
CA SER LG 1033 -77.30 20.12 -7.45
C SER LG 1033 -77.92 21.41 -6.94
N GLY LG 1034 -78.74 21.36 -5.89
CA GLY LG 1034 -79.44 22.54 -5.45
C GLY LG 1034 -79.47 22.75 -3.95
N THR LG 1035 -78.41 22.37 -3.26
CA THR LG 1035 -78.33 22.48 -1.81
C THR LG 1035 -77.14 23.36 -1.43
N GLY LG 1036 -77.34 24.22 -0.45
CA GLY LG 1036 -76.26 25.00 0.11
C GLY LG 1036 -75.41 24.18 1.05
N LEU LG 1037 -74.38 24.81 1.58
CA LEU LG 1037 -73.47 24.17 2.52
C LEU LG 1037 -72.75 25.24 3.34
N GLY LG 1038 -72.25 24.80 4.50
CA GLY LG 1038 -71.39 25.61 5.32
C GLY LG 1038 -69.99 25.00 5.37
N ILE LG 1039 -69.01 25.89 5.48
CA ILE LG 1039 -67.59 25.51 5.41
C ILE LG 1039 -66.87 26.09 6.61
N LEU LG 1040 -66.28 25.22 7.42
CA LEU LG 1040 -65.50 25.66 8.58
C LEU LG 1040 -64.02 25.65 8.25
N PHE LG 1041 -63.34 26.73 8.59
CA PHE LG 1041 -61.95 26.95 8.21
C PHE LG 1041 -61.00 26.07 9.03
N THR LG 1042 -59.80 25.90 8.49
CA THR LG 1042 -58.74 25.14 9.15
C THR LG 1042 -57.51 26.01 9.40
N GLN LG 1043 -57.10 26.80 8.42
CA GLN LG 1043 -55.96 27.70 8.57
C GLN LG 1043 -56.35 29.09 8.07
N ASP LG 1044 -55.40 30.02 8.17
CA ASP LG 1044 -55.64 31.41 7.82
C ASP LG 1044 -55.21 31.70 6.38
N VAL LG 1045 -55.72 32.80 5.83
CA VAL LG 1045 -55.34 33.29 4.51
C VAL LG 1045 -55.13 34.80 4.60
N THR LG 1046 -54.78 35.41 3.48
CA THR LG 1046 -54.51 36.83 3.43
C THR LG 1046 -55.05 37.45 2.14
N ILE MG 862 -55.84 35.08 -19.21
CA ILE MG 862 -56.12 34.89 -17.79
C ILE MG 862 -57.52 34.33 -17.61
N ILE MG 863 -57.59 33.10 -17.10
CA ILE MG 863 -58.86 32.43 -16.83
C ILE MG 863 -58.89 32.04 -15.36
N LYS MG 864 -59.98 32.41 -14.69
CA LYS MG 864 -60.13 32.18 -13.26
C LYS MG 864 -60.19 30.68 -12.96
N THR MG 865 -59.74 30.32 -11.75
CA THR MG 865 -59.60 28.93 -11.38
C THR MG 865 -60.96 28.30 -11.14
N GLY MG 866 -61.52 27.66 -12.17
CA GLY MG 866 -62.70 26.83 -12.01
C GLY MG 866 -64.00 27.36 -12.57
N ASP MG 867 -63.95 28.16 -13.62
CA ASP MG 867 -65.16 28.67 -14.25
C ASP MG 867 -65.74 27.60 -15.18
N ILE MG 868 -66.89 27.92 -15.78
CA ILE MG 868 -67.68 26.97 -16.55
C ILE MG 868 -67.79 27.48 -17.99
N MET MG 869 -67.58 26.60 -18.96
CA MET MG 869 -67.63 26.94 -20.37
C MET MG 869 -68.57 25.98 -21.09
N PHE MG 870 -69.08 26.40 -22.24
CA PHE MG 870 -69.89 25.55 -23.11
C PHE MG 870 -69.02 25.07 -24.26
N ALA MG 871 -69.36 23.88 -24.78
CA ALA MG 871 -68.64 23.28 -25.87
C ALA MG 871 -69.56 22.33 -26.61
N VAL MG 872 -69.14 21.92 -27.80
CA VAL MG 872 -69.92 21.06 -28.67
C VAL MG 872 -69.11 19.82 -28.98
N LEU MG 873 -69.68 18.64 -28.71
CA LEU MG 873 -69.07 17.38 -29.08
C LEU MG 873 -69.85 16.77 -30.24
N ASP MG 874 -69.11 16.38 -31.28
CA ASP MG 874 -69.71 15.93 -32.52
C ASP MG 874 -69.22 14.53 -32.88
N THR MG 875 -68.21 14.05 -32.18
CA THR MG 875 -67.65 12.74 -32.45
C THR MG 875 -68.09 11.75 -31.37
N SER MG 876 -68.75 10.67 -31.78
CA SER MG 876 -69.16 9.63 -30.85
C SER MG 876 -68.08 8.57 -30.73
N VAL MG 877 -68.06 7.90 -29.58
CA VAL MG 877 -67.12 6.82 -29.32
C VAL MG 877 -67.69 5.94 -28.21
N ASN MG 878 -67.55 4.63 -28.38
CA ASN MG 878 -67.91 3.67 -27.35
C ASN MG 878 -66.84 3.65 -26.28
N SER MG 879 -67.24 3.23 -25.07
CA SER MG 879 -66.28 3.09 -23.99
C SER MG 879 -65.58 1.73 -24.06
N ASP MG 880 -64.86 1.49 -25.14
CA ASP MG 880 -64.13 0.25 -25.35
C ASP MG 880 -62.65 0.47 -25.62
N GLU MG 881 -62.30 1.46 -26.42
CA GLU MG 881 -60.90 1.74 -26.77
C GLU MG 881 -60.60 3.20 -26.52
N PRO MG 882 -59.69 3.51 -25.60
CA PRO MG 882 -59.31 4.92 -25.38
C PRO MG 882 -58.53 5.49 -26.55
N GLY MG 883 -58.75 6.78 -26.78
CA GLY MG 883 -58.10 7.47 -27.87
C GLY MG 883 -58.37 8.96 -27.87
N PRO MG 884 -57.74 9.67 -28.80
CA PRO MG 884 -58.00 11.11 -28.93
C PRO MG 884 -59.41 11.40 -29.43
N ILE MG 885 -60.10 12.31 -28.74
CA ILE MG 885 -61.44 12.75 -29.11
C ILE MG 885 -61.46 14.27 -29.07
N LEU MG 886 -62.07 14.88 -30.08
CA LEU MG 886 -62.06 16.33 -30.25
C LEU MG 886 -63.45 16.89 -30.05
N ALA MG 887 -63.51 18.07 -29.44
CA ALA MG 887 -64.73 18.86 -29.29
C ALA MG 887 -64.43 20.30 -29.65
N THR MG 888 -65.49 21.11 -29.78
CA THR MG 888 -65.36 22.49 -30.23
C THR MG 888 -66.09 23.40 -29.25
N ILE MG 889 -65.34 24.31 -28.61
CA ILE MG 889 -65.94 25.40 -27.86
C ILE MG 889 -66.58 26.36 -28.85
N VAL MG 890 -67.81 26.78 -28.57
CA VAL MG 890 -68.55 27.63 -29.48
C VAL MG 890 -68.86 29.00 -28.91
N THR MG 891 -68.45 29.28 -27.67
CA THR MG 891 -68.73 30.59 -27.08
C THR MG 891 -67.61 31.05 -26.16
N GLY MG 892 -67.89 32.07 -25.36
CA GLY MG 892 -66.92 32.52 -24.38
C GLY MG 892 -65.85 33.39 -25.00
N LYS MG 893 -64.72 33.50 -24.29
CA LYS MG 893 -63.57 34.24 -24.79
C LYS MG 893 -62.97 33.57 -26.02
N LEU MG 894 -62.84 32.26 -26.00
CA LEU MG 894 -62.19 31.53 -27.09
C LEU MG 894 -63.24 31.09 -28.10
N LYS MG 895 -63.18 31.64 -29.31
CA LYS MG 895 -64.20 31.44 -30.32
C LYS MG 895 -63.69 30.47 -31.38
N GLY MG 896 -64.45 29.40 -31.62
CA GLY MG 896 -64.07 28.43 -32.61
C GLY MG 896 -62.94 27.52 -32.20
N SER MG 897 -62.52 27.57 -30.93
CA SER MG 897 -61.41 26.78 -30.47
C SER MG 897 -61.82 25.32 -30.31
N LYS MG 898 -60.85 24.42 -30.35
CA LYS MG 898 -61.12 23.00 -30.27
C LYS MG 898 -60.23 22.35 -29.21
N LEU MG 899 -60.55 21.11 -28.85
CA LEU MG 899 -59.85 20.47 -27.74
C LEU MG 899 -59.88 18.96 -27.93
N ILE MG 900 -58.70 18.35 -27.85
CA ILE MG 900 -58.52 16.91 -27.92
C ILE MG 900 -58.18 16.38 -26.54
N GLY MG 901 -58.80 15.26 -26.19
CA GLY MG 901 -58.53 14.56 -24.95
C GLY MG 901 -58.89 13.09 -25.07
N SER MG 902 -59.28 12.46 -23.96
CA SER MG 902 -59.62 11.05 -23.97
C SER MG 902 -60.71 10.81 -22.93
N PHE MG 903 -61.02 9.54 -22.68
CA PHE MG 903 -61.96 9.17 -21.64
C PHE MG 903 -61.31 8.19 -20.68
N ASN MG 904 -62.11 7.73 -19.72
CA ASN MG 904 -61.69 6.75 -18.75
C ASN MG 904 -62.77 5.67 -18.65
N LEU MG 905 -62.36 4.49 -18.21
CA LEU MG 905 -63.31 3.43 -17.95
C LEU MG 905 -63.56 3.31 -16.47
N PRO MG 906 -64.71 3.73 -15.97
CA PRO MG 906 -65.00 3.61 -14.54
C PRO MG 906 -65.32 2.17 -14.16
N SER MG 907 -65.02 1.85 -12.90
CA SER MG 907 -65.33 0.52 -12.38
C SER MG 907 -66.83 0.31 -12.27
N ASN MG 908 -67.57 1.34 -11.88
CA ASN MG 908 -69.02 1.33 -11.91
C ASN MG 908 -69.49 2.41 -12.86
N ALA MG 909 -70.47 2.05 -13.71
CA ALA MG 909 -70.85 2.87 -14.86
C ALA MG 909 -72.01 3.81 -14.55
N ASP MG 910 -72.13 4.28 -13.32
CA ASP MG 910 -73.16 5.24 -12.96
C ASP MG 910 -72.84 6.66 -13.41
N LYS MG 911 -71.64 6.88 -13.95
CA LYS MG 911 -71.32 8.11 -14.65
C LYS MG 911 -70.23 7.80 -15.66
N MET MG 912 -70.05 8.71 -16.60
CA MET MG 912 -68.97 8.60 -17.59
C MET MG 912 -68.48 10.00 -17.90
N VAL MG 913 -67.17 10.18 -17.82
CA VAL MG 913 -66.55 11.49 -17.93
C VAL MG 913 -65.48 11.45 -19.01
N ILE MG 914 -65.14 12.64 -19.50
CA ILE MG 914 -64.18 12.81 -20.59
C ILE MG 914 -63.02 13.64 -20.06
N THR MG 915 -61.81 13.10 -20.19
CA THR MG 915 -60.59 13.79 -19.77
C THR MG 915 -60.16 14.71 -20.91
N PHE MG 916 -60.15 16.02 -20.64
CA PHE MG 916 -59.91 17.02 -21.67
C PHE MG 916 -58.68 17.83 -21.29
N ASN MG 917 -57.62 17.70 -22.08
CA ASN MG 917 -56.34 18.26 -21.70
C ASN MG 917 -55.69 19.13 -22.75
N THR MG 918 -55.83 18.79 -24.03
CA THR MG 918 -55.02 19.46 -25.05
C THR MG 918 -55.91 20.40 -25.85
N MET MG 919 -55.80 21.70 -25.55
CA MET MG 919 -56.66 22.72 -26.14
C MET MG 919 -55.87 23.45 -27.24
N SER MG 920 -56.51 23.60 -28.40
CA SER MG 920 -55.95 24.36 -29.51
C SER MG 920 -56.84 25.57 -29.79
N ILE MG 921 -56.26 26.76 -29.75
CA ILE MG 921 -56.94 28.01 -30.05
C ILE MG 921 -56.44 28.50 -31.40
N PRO MG 922 -57.32 28.83 -32.35
CA PRO MG 922 -56.84 29.28 -33.66
C PRO MG 922 -56.32 30.71 -33.64
N GLY MG 923 -55.88 31.20 -34.80
CA GLY MG 923 -55.27 32.51 -34.88
C GLY MG 923 -53.76 32.46 -34.75
N ALA MG 924 -53.27 32.03 -33.59
CA ALA MG 924 -51.84 31.93 -33.33
C ALA MG 924 -51.43 30.46 -33.19
N GLU MG 925 -50.18 30.20 -33.55
CA GLU MG 925 -49.63 28.84 -33.51
C GLU MG 925 -49.15 28.54 -32.09
N LYS MG 926 -50.10 28.12 -31.25
CA LYS MG 926 -49.81 27.69 -29.89
C LYS MG 926 -50.77 26.58 -29.52
N THR MG 927 -50.44 25.85 -28.45
CA THR MG 927 -51.30 24.78 -27.95
C THR MG 927 -51.21 24.80 -26.43
N ILE MG 928 -52.22 25.37 -25.78
CA ILE MG 928 -52.25 25.43 -24.32
C ILE MG 928 -52.68 24.08 -23.78
N SER MG 929 -52.44 23.85 -22.50
CA SER MG 929 -52.61 22.51 -21.93
C SER MG 929 -53.44 22.54 -20.65
N ILE MG 930 -54.59 23.19 -20.68
CA ILE MG 930 -55.51 23.18 -19.55
C ILE MG 930 -56.16 21.81 -19.48
N SER MG 931 -56.04 21.14 -18.33
CA SER MG 931 -56.59 19.83 -18.11
C SER MG 931 -57.92 19.97 -17.39
N ALA MG 932 -58.99 19.41 -17.96
CA ALA MG 932 -60.32 19.64 -17.43
C ALA MG 932 -61.20 18.44 -17.77
N TYR MG 933 -62.39 18.42 -17.19
CA TYR MG 933 -63.38 17.36 -17.40
C TYR MG 933 -64.64 17.94 -18.04
N ALA MG 934 -65.67 17.10 -18.15
CA ALA MG 934 -66.94 17.48 -18.76
C ALA MG 934 -68.08 17.21 -17.81
N ILE MG 935 -69.08 18.10 -17.84
CA ILE MG 935 -70.32 17.93 -17.10
C ILE MG 935 -71.49 18.24 -18.02
N ASP MG 936 -72.66 17.72 -17.68
CA ASP MG 936 -73.85 17.89 -18.50
C ASP MG 936 -74.41 19.30 -18.32
N PRO MG 937 -74.54 20.08 -19.39
CA PRO MG 937 -75.15 21.41 -19.25
C PRO MG 937 -76.64 21.34 -18.98
N ASN MG 938 -77.12 22.28 -18.17
CA ASN MG 938 -78.50 22.44 -17.70
C ASN MG 938 -79.03 21.21 -16.96
N THR MG 939 -78.17 20.33 -16.47
CA THR MG 939 -78.58 19.15 -15.73
C THR MG 939 -77.82 19.09 -14.42
N ALA MG 940 -76.58 19.62 -14.45
CA ALA MG 940 -75.66 19.71 -13.32
C ALA MG 940 -75.39 18.34 -12.70
N ARG MG 941 -75.23 17.35 -13.56
CA ARG MG 941 -74.87 16.01 -13.15
C ARG MG 941 -73.72 15.53 -14.03
N THR MG 942 -72.94 14.59 -13.50
CA THR MG 942 -71.75 14.10 -14.16
C THR MG 942 -71.97 12.81 -14.95
N ALA MG 943 -73.20 12.30 -14.97
CA ALA MG 943 -73.48 11.06 -15.67
C ALA MG 943 -73.52 11.28 -17.18
N LEU MG 944 -73.51 10.18 -17.92
CA LEU MG 944 -73.61 10.21 -19.38
C LEU MG 944 -74.99 9.76 -19.82
N ALA MG 945 -75.55 10.46 -20.79
CA ALA MG 945 -76.82 10.07 -21.41
C ALA MG 945 -76.54 8.98 -22.43
N SER MG 946 -76.65 7.73 -21.97
CA SER MG 946 -76.45 6.56 -22.83
C SER MG 946 -77.23 5.40 -22.22
N ARG MG 947 -76.97 4.21 -22.74
CA ARG MG 947 -77.57 3.00 -22.21
C ARG MG 947 -76.53 2.11 -21.55
N THR MG 948 -76.88 1.60 -20.37
CA THR MG 948 -75.97 0.80 -19.57
C THR MG 948 -76.42 -0.65 -19.38
N ASN MG 949 -77.51 -1.06 -20.03
CA ASN MG 949 -78.08 -2.40 -19.90
C ASN MG 949 -77.67 -3.31 -21.04
N HIS MG 950 -76.44 -3.19 -21.52
CA HIS MG 950 -76.06 -3.79 -22.79
C HIS MG 950 -75.90 -5.30 -22.73
N HIS MG 951 -75.28 -5.82 -21.67
CA HIS MG 951 -74.91 -7.23 -21.63
C HIS MG 951 -75.16 -7.84 -20.26
N TYR MG 952 -76.36 -7.65 -19.73
CA TYR MG 952 -76.78 -8.40 -18.55
C TYR MG 952 -77.58 -9.64 -18.91
N LEU MG 953 -78.68 -9.44 -19.63
CA LEU MG 953 -79.62 -10.52 -19.90
C LEU MG 953 -79.06 -11.57 -20.84
N MET MG 954 -78.11 -11.17 -21.70
CA MET MG 954 -77.50 -12.11 -22.64
C MET MG 954 -76.72 -13.20 -21.90
N ARG MG 955 -75.81 -12.79 -21.02
CA ARG MG 955 -75.04 -13.77 -20.26
C ARG MG 955 -75.89 -14.46 -19.20
N TYR MG 956 -76.90 -13.75 -18.66
CA TYR MG 956 -77.84 -14.38 -17.72
C TYR MG 956 -78.58 -15.54 -18.37
N GLY MG 957 -79.17 -15.30 -19.54
CA GLY MG 957 -79.92 -16.33 -20.22
C GLY MG 957 -79.03 -17.47 -20.70
N SER MG 958 -77.82 -17.14 -21.16
CA SER MG 958 -76.91 -18.19 -21.62
C SER MG 958 -76.50 -19.12 -20.47
N LEU MG 959 -76.14 -18.54 -19.33
CA LEU MG 959 -75.73 -19.35 -18.17
C LEU MG 959 -76.89 -20.17 -17.64
N PHE MG 960 -78.07 -19.57 -17.52
CA PHE MG 960 -79.21 -20.30 -16.98
C PHE MG 960 -79.69 -21.40 -17.93
N ALA MG 961 -79.57 -21.18 -19.25
CA ALA MG 961 -79.96 -22.22 -20.19
C ALA MG 961 -78.96 -23.38 -20.17
N SER MG 962 -77.66 -23.07 -20.05
CA SER MG 962 -76.66 -24.14 -19.95
C SER MG 962 -76.86 -24.97 -18.69
N SER MG 963 -77.17 -24.29 -17.57
CA SER MG 963 -77.52 -24.99 -16.33
C SER MG 963 -78.73 -25.88 -16.52
N PHE MG 964 -79.82 -25.34 -17.07
CA PHE MG 964 -81.06 -26.08 -17.28
C PHE MG 964 -80.86 -27.31 -18.17
N LEU MG 965 -79.95 -27.20 -19.14
CA LEU MG 965 -79.59 -28.35 -19.96
C LEU MG 965 -78.89 -29.43 -19.15
N GLN MG 966 -77.92 -29.02 -18.31
CA GLN MG 966 -77.22 -29.98 -17.45
C GLN MG 966 -78.19 -30.69 -16.50
N GLY MG 967 -79.09 -29.91 -15.89
CA GLY MG 967 -80.09 -30.47 -15.00
C GLY MG 967 -81.04 -31.40 -15.70
N PHE MG 968 -81.38 -31.08 -16.96
CA PHE MG 968 -82.33 -31.91 -17.69
C PHE MG 968 -81.73 -33.26 -18.00
N GLY MG 969 -80.47 -33.27 -18.42
CA GLY MG 969 -79.82 -34.53 -18.70
C GLY MG 969 -79.64 -35.39 -17.46
N ASN MG 970 -79.16 -34.80 -16.36
CA ASN MG 970 -78.89 -35.64 -15.19
C ASN MG 970 -80.19 -36.12 -14.52
N ALA MG 971 -81.18 -35.26 -14.35
CA ALA MG 971 -82.38 -35.70 -13.65
C ALA MG 971 -83.25 -36.60 -14.53
N PHE MG 972 -83.33 -36.32 -15.82
CA PHE MG 972 -84.11 -37.19 -16.68
C PHE MG 972 -83.37 -38.47 -17.03
N GLN MG 973 -82.05 -38.55 -16.78
CA GLN MG 973 -81.39 -39.85 -16.75
C GLN MG 973 -81.70 -40.58 -15.45
N SER MG 974 -81.73 -39.86 -14.33
CA SER MG 974 -81.95 -40.49 -13.03
C SER MG 974 -83.36 -41.02 -12.88
N ALA MG 975 -84.32 -40.41 -13.59
CA ALA MG 975 -85.71 -40.81 -13.49
C ALA MG 975 -86.07 -41.98 -14.40
N ASN MG 976 -85.07 -42.65 -14.99
CA ASN MG 976 -85.35 -43.77 -15.87
C ASN MG 976 -85.76 -45.03 -15.12
N THR MG 977 -85.11 -45.32 -13.99
CA THR MG 977 -85.45 -46.52 -13.24
C THR MG 977 -86.76 -46.35 -12.49
N THR MG 978 -86.99 -45.16 -11.94
CA THR MG 978 -88.19 -44.90 -11.16
C THR MG 978 -89.25 -44.19 -12.00
N SER MG 999 -86.94 -43.90 -26.22
CA SER MG 999 -85.76 -43.61 -27.03
C SER MG 999 -85.66 -42.12 -27.32
N THR MG 1000 -86.80 -41.49 -27.60
CA THR MG 1000 -86.81 -40.07 -27.89
C THR MG 1000 -86.52 -39.24 -26.63
N LEU MG 1001 -87.14 -39.61 -25.51
CA LEU MG 1001 -86.82 -38.96 -24.24
C LEU MG 1001 -85.39 -39.25 -23.83
N GLU MG 1002 -84.89 -40.44 -24.17
CA GLU MG 1002 -83.48 -40.76 -23.99
C GLU MG 1002 -82.60 -39.83 -24.79
N ASN MG 1003 -82.98 -39.51 -26.02
CA ASN MG 1003 -82.21 -38.57 -26.83
C ASN MG 1003 -82.27 -37.15 -26.27
N ALA MG 1004 -83.40 -36.80 -25.63
CA ALA MG 1004 -83.47 -35.52 -24.91
C ALA MG 1004 -82.48 -35.47 -23.75
N VAL MG 1005 -82.41 -36.57 -22.97
CA VAL MG 1005 -81.41 -36.74 -21.92
C VAL MG 1005 -80.01 -36.58 -22.50
N ILE MG 1006 -79.77 -37.21 -23.64
CA ILE MG 1006 -78.48 -37.21 -24.31
C ILE MG 1006 -78.04 -35.79 -24.66
N GLY MG 1007 -78.93 -35.05 -25.32
CA GLY MG 1007 -78.55 -33.75 -25.84
C GLY MG 1007 -78.32 -32.76 -24.73
N LEU MG 1008 -79.25 -32.70 -23.77
CA LEU MG 1008 -79.13 -31.69 -22.74
C LEU MG 1008 -78.01 -32.05 -21.74
N ALA MG 1009 -77.87 -33.36 -21.45
CA ALA MG 1009 -76.81 -33.90 -20.59
C ALA MG 1009 -75.43 -33.56 -21.09
N THR MG 1010 -75.23 -33.57 -22.39
CA THR MG 1010 -73.86 -33.32 -22.81
C THR MG 1010 -73.60 -31.90 -23.29
N VAL MG 1011 -74.61 -31.17 -23.78
CA VAL MG 1011 -74.33 -29.79 -24.18
C VAL MG 1011 -74.49 -28.79 -23.05
N GLY MG 1012 -75.00 -29.21 -21.88
CA GLY MG 1012 -75.08 -28.28 -20.77
C GLY MG 1012 -73.72 -27.89 -20.21
N LYS MG 1013 -72.81 -28.87 -20.07
CA LYS MG 1013 -71.62 -28.68 -19.24
C LYS MG 1013 -70.60 -27.76 -19.88
N ALA MG 1014 -70.31 -27.96 -21.17
CA ALA MG 1014 -69.34 -27.12 -21.86
C ALA MG 1014 -69.85 -25.69 -21.99
N TRP MG 1015 -71.14 -25.54 -22.27
CA TRP MG 1015 -71.74 -24.21 -22.31
C TRP MG 1015 -71.76 -23.58 -20.92
N SER MG 1016 -71.88 -24.37 -19.86
CA SER MG 1016 -71.87 -23.83 -18.51
C SER MG 1016 -70.50 -23.30 -18.12
N GLN MG 1017 -69.45 -24.08 -18.42
CA GLN MG 1017 -68.11 -23.59 -18.08
C GLN MG 1017 -67.70 -22.43 -18.98
N GLN MG 1018 -68.17 -22.41 -20.23
CA GLN MG 1018 -67.90 -21.25 -21.08
C GLN MG 1018 -68.71 -20.03 -20.65
N ALA MG 1019 -69.89 -20.24 -20.08
CA ALA MG 1019 -70.68 -19.13 -19.56
C ALA MG 1019 -70.03 -18.52 -18.34
N GLN MG 1020 -69.47 -19.36 -17.46
CA GLN MG 1020 -68.67 -18.83 -16.36
C GLN MG 1020 -67.37 -18.20 -16.88
N GLN MG 1021 -66.88 -18.67 -18.03
CA GLN MG 1021 -65.67 -18.11 -18.62
C GLN MG 1021 -65.87 -16.69 -19.13
N LEU MG 1022 -66.94 -16.46 -19.88
CA LEU MG 1022 -67.19 -15.13 -20.46
C LEU MG 1022 -68.29 -14.36 -19.74
N PHE MG 1023 -68.64 -14.75 -18.52
CA PHE MG 1023 -69.68 -14.05 -17.76
C PHE MG 1023 -69.21 -12.68 -17.27
N ASN MG 1024 -67.91 -12.41 -17.33
CA ASN MG 1024 -67.29 -11.27 -16.67
C ASN MG 1024 -67.23 -10.00 -17.52
N THR MG 1025 -67.77 -10.00 -18.74
CA THR MG 1025 -67.64 -8.83 -19.61
C THR MG 1025 -68.60 -7.72 -19.15
N PRO MG 1026 -68.11 -6.52 -18.92
CA PRO MG 1026 -68.97 -5.44 -18.42
C PRO MG 1026 -69.91 -4.89 -19.49
N THR MG 1027 -70.95 -4.21 -19.04
CA THR MG 1027 -71.90 -3.52 -19.91
C THR MG 1027 -71.37 -2.12 -20.17
N THR MG 1028 -71.20 -1.78 -21.45
CA THR MG 1028 -70.49 -0.57 -21.82
C THR MG 1028 -71.44 0.62 -21.95
N VAL MG 1029 -70.83 1.81 -22.06
CA VAL MG 1029 -71.54 3.04 -22.39
C VAL MG 1029 -70.94 3.60 -23.67
N GLU MG 1030 -71.64 4.56 -24.26
CA GLU MG 1030 -71.19 5.17 -25.51
C GLU MG 1030 -71.74 6.59 -25.62
N VAL MG 1031 -70.85 7.56 -25.80
CA VAL MG 1031 -71.26 8.94 -26.02
C VAL MG 1031 -71.79 9.10 -27.44
N TYR MG 1032 -72.48 10.20 -27.68
CA TYR MG 1032 -73.15 10.40 -28.96
C TYR MG 1032 -72.47 11.48 -29.78
N SER MG 1033 -72.82 11.52 -31.07
CA SER MG 1033 -72.14 12.36 -32.04
C SER MG 1033 -72.83 13.69 -32.27
N GLY MG 1034 -73.79 14.07 -31.43
CA GLY MG 1034 -74.43 15.36 -31.58
C GLY MG 1034 -74.78 16.02 -30.27
N THR MG 1035 -74.01 15.74 -29.22
CA THR MG 1035 -74.35 16.17 -27.86
C THR MG 1035 -73.42 17.29 -27.44
N GLY MG 1036 -74.00 18.39 -26.97
CA GLY MG 1036 -73.23 19.46 -26.38
C GLY MG 1036 -72.78 19.11 -24.98
N LEU MG 1037 -71.90 19.94 -24.45
CA LEU MG 1037 -71.30 19.64 -23.17
C LEU MG 1037 -70.86 20.93 -22.48
N GLY MG 1038 -70.61 20.82 -21.18
CA GLY MG 1038 -70.01 21.88 -20.41
C GLY MG 1038 -68.69 21.42 -19.80
N ILE MG 1039 -67.74 22.34 -19.78
CA ILE MG 1039 -66.37 22.05 -19.32
C ILE MG 1039 -66.09 22.94 -18.13
N LEU MG 1040 -65.77 22.32 -16.99
CA LEU MG 1040 -65.40 23.05 -15.79
C LEU MG 1040 -63.88 23.08 -15.67
N PHE MG 1041 -63.35 24.25 -15.30
CA PHE MG 1041 -61.91 24.46 -15.31
C PHE MG 1041 -61.27 23.99 -14.01
N THR MG 1042 -59.97 23.71 -14.09
CA THR MG 1042 -59.18 23.23 -12.97
C THR MG 1042 -58.03 24.17 -12.63
N GLN MG 1043 -57.29 24.63 -13.64
CA GLN MG 1043 -56.14 25.49 -13.44
C GLN MG 1043 -56.32 26.76 -14.27
N ASP MG 1044 -55.39 27.70 -14.09
CA ASP MG 1044 -55.43 28.96 -14.81
C ASP MG 1044 -54.55 28.88 -16.06
N VAL MG 1045 -54.87 29.69 -17.06
CA VAL MG 1045 -54.08 29.85 -18.27
C VAL MG 1045 -53.81 31.34 -18.46
N THR MG 1046 -53.11 31.66 -19.56
CA THR MG 1046 -52.82 33.05 -19.88
C THR MG 1046 -52.82 33.26 -21.40
N LYS NG 60 -67.61 15.24 -55.27
CA LYS NG 60 -68.06 16.63 -55.24
C LYS NG 60 -67.08 17.55 -55.94
N GLU NG 61 -66.04 17.90 -55.19
CA GLU NG 61 -64.99 18.77 -55.72
C GLU NG 61 -64.19 18.07 -56.78
N THR NG 62 -64.04 16.75 -56.65
CA THR NG 62 -63.45 15.94 -57.72
C THR NG 62 -64.29 15.98 -58.98
N ALA NG 63 -65.62 15.95 -58.82
CA ALA NG 63 -66.51 16.07 -59.96
C ALA NG 63 -66.38 17.44 -60.62
N LEU NG 64 -66.22 18.48 -59.82
CA LEU NG 64 -65.95 19.81 -60.34
C LEU NG 64 -64.64 19.85 -61.13
N SER NG 65 -63.60 19.21 -60.60
CA SER NG 65 -62.29 19.22 -61.25
C SER NG 65 -62.32 18.45 -62.57
N VAL NG 66 -62.97 17.29 -62.58
CA VAL NG 66 -62.99 16.51 -63.82
C VAL NG 66 -63.93 17.15 -64.84
N GLY NG 67 -64.96 17.87 -64.38
CA GLY NG 67 -65.78 18.63 -65.30
C GLY NG 67 -65.00 19.77 -65.92
N ALA NG 68 -64.13 20.40 -65.13
CA ALA NG 68 -63.25 21.44 -65.65
C ALA NG 68 -62.28 20.89 -66.69
N GLN NG 69 -61.68 19.73 -66.39
CA GLN NG 69 -60.72 19.12 -67.31
C GLN NG 69 -61.39 18.70 -68.62
N ALA NG 70 -62.56 18.04 -68.52
CA ALA NG 70 -63.25 17.56 -69.72
C ALA NG 70 -63.79 18.71 -70.56
N GLY NG 71 -64.35 19.73 -69.92
CA GLY NG 71 -64.85 20.87 -70.65
C GLY NG 71 -63.74 21.66 -71.31
N LEU NG 72 -62.60 21.81 -70.62
CA LEU NG 72 -61.46 22.50 -71.19
C LEU NG 72 -60.91 21.76 -72.40
N ALA NG 73 -60.77 20.44 -72.30
CA ALA NG 73 -60.24 19.66 -73.42
C ALA NG 73 -61.18 19.67 -74.60
N TRP NG 74 -62.49 19.51 -74.34
CA TRP NG 74 -63.48 19.51 -75.42
C TRP NG 74 -63.54 20.87 -76.11
N ARG NG 75 -63.53 21.95 -75.32
CA ARG NG 75 -63.61 23.29 -75.89
C ARG NG 75 -62.36 23.62 -76.70
N ALA NG 76 -61.19 23.16 -76.22
CA ALA NG 76 -59.96 23.35 -76.98
C ALA NG 76 -60.00 22.60 -78.30
N LYS NG 77 -60.56 21.38 -78.30
CA LYS NG 77 -60.65 20.61 -79.53
C LYS NG 77 -61.60 21.28 -80.53
N ILE NG 78 -62.73 21.78 -80.04
CA ILE NG 78 -63.71 22.46 -80.89
C ILE NG 78 -63.10 23.73 -81.48
N ILE NG 79 -62.38 24.50 -80.66
CA ILE NG 79 -61.88 25.77 -81.16
C ILE NG 79 -60.68 25.56 -82.08
N ASP NG 80 -59.90 24.49 -81.90
CA ASP NG 80 -58.85 24.19 -82.87
C ASP NG 80 -59.44 23.70 -84.17
N GLU NG 81 -60.56 22.97 -84.10
CA GLU NG 81 -61.29 22.59 -85.31
C GLU NG 81 -61.77 23.82 -86.07
N GLN NG 82 -62.31 24.81 -85.36
CA GLN NG 82 -62.80 26.02 -86.02
C GLN NG 82 -61.65 26.85 -86.58
N LEU NG 83 -60.52 26.89 -85.87
CA LEU NG 83 -59.36 27.61 -86.35
C LEU NG 83 -58.81 26.98 -87.62
N ASN NG 84 -58.72 25.65 -87.64
CA ASN NG 84 -58.25 24.96 -88.84
C ASN NG 84 -59.27 25.03 -89.96
N LYS NG 85 -60.56 25.18 -89.61
CA LYS NG 85 -61.59 25.40 -90.60
C LYS NG 85 -61.40 26.74 -91.30
N GLN NG 86 -61.21 27.81 -90.52
CA GLN NG 86 -61.01 29.14 -91.09
C GLN NG 86 -59.53 29.50 -91.12
N ALA NG 87 -58.67 28.53 -91.37
CA ALA NG 87 -57.24 28.75 -91.37
C ALA NG 87 -56.74 29.60 -92.55
N ARG NG 88 -57.56 29.80 -93.59
CA ARG NG 88 -57.07 30.50 -94.77
C ARG NG 88 -56.90 31.99 -94.53
N ASN NG 89 -57.87 32.62 -93.90
CA ASN NG 89 -57.87 34.07 -93.81
C ASN NG 89 -56.86 34.59 -92.81
N LEU NG 90 -56.43 33.76 -91.86
CA LEU NG 90 -55.37 34.15 -90.95
C LEU NG 90 -54.05 34.31 -91.69
N ASP NG 91 -53.74 33.34 -92.56
CA ASP NG 91 -52.59 33.46 -93.43
C ASP NG 91 -52.75 34.60 -94.41
N ALA NG 92 -53.99 34.88 -94.81
CA ALA NG 92 -54.24 36.02 -95.69
C ALA NG 92 -53.93 37.34 -94.98
N ILE NG 93 -54.30 37.47 -93.71
CA ILE NG 93 -54.15 38.77 -93.07
C ILE NG 93 -52.74 38.95 -92.51
N TYR NG 94 -52.07 37.88 -92.11
CA TYR NG 94 -50.79 38.04 -91.42
C TYR NG 94 -49.63 37.77 -92.38
N ASP NG 95 -49.42 38.73 -93.28
CA ASP NG 95 -48.30 38.65 -94.22
C ASP NG 95 -47.07 39.25 -93.56
N PHE NG 96 -46.42 38.44 -92.73
CA PHE NG 96 -45.11 38.82 -92.20
C PHE NG 96 -44.07 38.86 -93.29
N ASN NG 97 -44.25 38.05 -94.34
CA ASN NG 97 -43.31 37.98 -95.44
C ASN NG 97 -43.22 39.30 -96.18
N SER NG 98 -44.32 40.04 -96.25
CA SER NG 98 -44.25 41.42 -96.70
C SER NG 98 -43.50 42.30 -95.72
N LEU NG 99 -43.66 42.04 -94.43
CA LEU NG 99 -43.11 42.92 -93.41
C LEU NG 99 -41.60 42.83 -93.28
N VAL NG 100 -41.02 41.66 -93.55
CA VAL NG 100 -39.58 41.49 -93.43
C VAL NG 100 -38.88 42.30 -94.50
N LEU NG 101 -37.86 43.05 -94.09
CA LEU NG 101 -37.20 44.02 -94.95
C LEU NG 101 -36.29 43.30 -95.96
N GLU NG 102 -35.65 44.10 -96.82
CA GLU NG 102 -34.99 43.56 -98.00
C GLU NG 102 -33.71 42.79 -97.68
N HIS NG 103 -33.16 42.96 -96.49
CA HIS NG 103 -31.98 42.20 -96.08
C HIS NG 103 -32.36 41.03 -95.19
N ASN NG 104 -33.59 40.52 -95.33
CA ASN NG 104 -34.11 39.38 -94.58
C ASN NG 104 -34.03 39.61 -93.08
N ILE NG 105 -34.41 40.82 -92.66
CA ILE NG 105 -34.28 41.27 -91.28
C ILE NG 105 -35.67 41.54 -90.74
N LEU NG 106 -35.97 40.97 -89.58
CA LEU NG 106 -37.24 41.24 -88.94
C LEU NG 106 -37.28 42.68 -88.43
N PRO NG 107 -38.27 43.47 -88.85
CA PRO NG 107 -38.40 44.82 -88.31
C PRO NG 107 -38.79 44.77 -86.84
N PRO NG 108 -38.41 45.76 -86.05
CA PRO NG 108 -38.63 45.71 -84.61
C PRO NG 108 -40.08 46.02 -84.26
N VAL NG 109 -40.34 46.11 -82.96
CA VAL NG 109 -41.67 46.33 -82.41
C VAL NG 109 -41.66 47.64 -81.64
N LEU NG 110 -42.60 48.52 -81.94
CA LEU NG 110 -42.70 49.82 -81.28
C LEU NG 110 -44.06 49.97 -80.62
N LEU NG 111 -44.09 50.55 -79.43
CA LEU NG 111 -45.31 50.80 -78.69
C LEU NG 111 -45.42 52.28 -78.38
N GLU NG 112 -46.65 52.75 -78.22
CA GLU NG 112 -46.90 54.15 -77.96
C GLU NG 112 -48.00 54.31 -76.91
N GLY NG 113 -48.09 55.52 -76.38
CA GLY NG 113 -49.12 55.87 -75.42
C GLY NG 113 -49.51 57.32 -75.54
N ARG NG 114 -50.78 57.64 -75.29
CA ARG NG 114 -51.30 58.99 -75.48
C ARG NG 114 -51.91 59.50 -74.19
N ASN NG 115 -51.77 60.82 -73.99
CA ASN NG 115 -52.28 61.55 -72.82
C ASN NG 115 -51.75 60.93 -71.53
N THR NG 116 -50.43 60.86 -71.45
CA THR NG 116 -49.78 60.22 -70.33
C THR NG 116 -49.82 61.11 -69.11
N LEU NG 117 -50.11 60.51 -67.95
CA LEU NG 117 -50.02 61.22 -66.70
C LEU NG 117 -49.59 60.25 -65.62
N ASN NG 118 -49.05 60.81 -64.54
CA ASN NG 118 -48.61 60.02 -63.41
C ASN NG 118 -48.62 60.90 -62.17
N LEU NG 119 -49.07 60.33 -61.08
CA LEU NG 119 -48.96 60.95 -59.76
C LEU NG 119 -48.02 60.09 -58.96
N ALA NG 120 -46.76 60.51 -58.87
CA ALA NG 120 -45.79 59.78 -58.05
C ALA NG 120 -46.12 59.90 -56.58
N ASP NG 121 -46.38 61.12 -56.12
CA ASP NG 121 -46.73 61.39 -54.72
C ASP NG 121 -47.47 62.72 -54.67
N ALA NG 122 -47.64 63.24 -53.47
CA ALA NG 122 -48.28 64.55 -53.31
C ALA NG 122 -47.36 65.65 -53.82
N GLN NG 123 -47.98 66.77 -54.20
CA GLN NG 123 -47.33 67.97 -54.76
C GLN NG 123 -46.48 67.66 -55.98
N SER NG 124 -46.88 66.64 -56.76
CA SER NG 124 -46.02 66.17 -57.85
C SER NG 124 -46.87 65.41 -58.86
N ILE NG 125 -47.11 66.01 -60.02
CA ILE NG 125 -47.76 65.33 -61.14
C ILE NG 125 -46.82 65.45 -62.34
N ARG NG 126 -46.72 64.38 -63.11
CA ARG NG 126 -45.89 64.39 -64.33
C ARG NG 126 -46.73 63.89 -65.49
N ILE NG 127 -46.94 64.77 -66.48
CA ILE NG 127 -47.75 64.42 -67.65
C ILE NG 127 -46.93 64.61 -68.91
N SER NG 128 -47.44 64.03 -70.00
CA SER NG 128 -46.91 64.26 -71.34
C SER NG 128 -48.01 63.92 -72.33
N ASP NG 129 -47.81 64.33 -73.58
CA ASP NG 129 -48.81 64.05 -74.60
C ASP NG 129 -48.72 62.61 -75.08
N ARG NG 130 -47.58 62.23 -75.66
CA ARG NG 130 -47.38 60.88 -76.16
C ARG NG 130 -46.01 60.37 -75.73
N THR NG 131 -45.91 59.05 -75.68
CA THR NG 131 -44.68 58.35 -75.35
C THR NG 131 -44.50 57.19 -76.31
N TYR NG 132 -43.24 56.82 -76.55
CA TYR NG 132 -42.91 55.72 -77.43
C TYR NG 132 -41.81 54.87 -76.80
N LYS NG 133 -41.91 53.56 -77.02
CA LYS NG 133 -41.03 52.59 -76.38
C LYS NG 133 -40.72 51.45 -77.35
N VAL NG 134 -39.43 51.13 -77.48
CA VAL NG 134 -39.04 49.93 -78.22
C VAL NG 134 -39.40 48.71 -77.39
N ALA NG 135 -40.30 47.87 -77.93
CA ALA NG 135 -40.67 46.65 -77.22
C ALA NG 135 -39.66 45.55 -77.49
N LYS NG 136 -39.53 45.14 -78.75
CA LYS NG 136 -38.62 44.07 -79.14
C LYS NG 136 -37.63 44.61 -80.15
N GLN NG 137 -36.35 44.38 -79.89
CA GLN NG 137 -35.29 44.85 -80.76
C GLN NG 137 -35.29 44.05 -82.07
N ALA NG 138 -34.94 44.74 -83.16
CA ALA NG 138 -34.87 44.11 -84.46
C ALA NG 138 -33.75 43.10 -84.52
N HIS NG 139 -33.96 42.06 -85.34
CA HIS NG 139 -32.94 41.05 -85.57
C HIS NG 139 -33.21 40.38 -86.91
N PHE NG 140 -32.32 39.46 -87.26
CA PHE NG 140 -32.45 38.66 -88.47
C PHE NG 140 -33.42 37.52 -88.25
N ILE NG 141 -33.82 36.89 -89.36
CA ILE NG 141 -34.66 35.70 -89.30
C ILE NG 141 -34.43 34.90 -90.57
N THR NG 142 -34.76 33.61 -90.53
CA THR NG 142 -34.67 32.76 -91.70
C THR NG 142 -36.02 32.49 -92.34
N THR NG 143 -37.11 32.74 -91.62
CA THR NG 143 -38.44 32.47 -92.12
C THR NG 143 -39.40 33.39 -91.38
N PRO NG 144 -40.46 33.87 -92.04
CA PRO NG 144 -41.46 34.68 -91.35
C PRO NG 144 -42.21 33.84 -90.33
N PRO NG 145 -42.60 34.44 -89.21
CA PRO NG 145 -43.43 33.72 -88.24
C PRO NG 145 -44.85 33.53 -88.76
N THR NG 146 -45.55 32.61 -88.15
CA THR NG 146 -46.95 32.37 -88.47
C THR NG 146 -47.80 32.51 -87.21
N TRP NG 147 -49.11 32.57 -87.46
CA TRP NG 147 -50.08 32.62 -86.38
C TRP NG 147 -50.15 31.32 -85.60
N ARG NG 148 -49.72 30.21 -86.21
CA ARG NG 148 -49.80 28.90 -85.57
C ARG NG 148 -48.86 28.77 -84.39
N GLN NG 149 -47.87 29.66 -84.27
CA GLN NG 149 -47.07 29.75 -83.07
C GLN NG 149 -47.73 30.60 -82.00
N TYR NG 150 -48.89 31.17 -82.28
CA TYR NG 150 -49.53 32.09 -81.35
C TYR NG 150 -50.93 31.67 -80.93
N LEU NG 151 -51.67 30.97 -81.79
CA LEU NG 151 -53.08 30.75 -81.54
C LEU NG 151 -53.47 29.29 -81.37
N TRP NG 152 -52.59 28.34 -81.67
CA TRP NG 152 -52.96 26.95 -81.54
C TRP NG 152 -52.98 26.53 -80.08
N MET NG 153 -53.89 25.61 -79.75
CA MET NG 153 -54.04 25.11 -78.39
C MET NG 153 -53.54 23.67 -78.32
N ASP NG 154 -52.73 23.38 -77.30
CA ASP NG 154 -52.28 22.02 -77.08
C ASP NG 154 -53.44 21.18 -76.57
N TYR NG 155 -53.63 20.02 -77.18
CA TYR NG 155 -54.79 19.19 -76.90
C TYR NG 155 -54.34 17.76 -76.63
N VAL NG 156 -54.49 17.34 -75.38
CA VAL NG 156 -54.30 15.95 -75.00
C VAL NG 156 -55.58 15.49 -74.32
N LYS NG 157 -56.22 14.49 -74.87
CA LYS NG 157 -57.49 14.02 -74.35
C LYS NG 157 -57.26 13.12 -73.14
N PRO NG 158 -57.89 13.41 -72.00
CA PRO NG 158 -57.92 12.44 -70.91
C PRO NG 158 -58.93 11.35 -71.19
N GLU NG 159 -58.74 10.20 -70.55
CA GLU NG 159 -59.61 9.06 -70.80
C GLU NG 159 -60.12 8.34 -69.57
N ALA NG 160 -59.45 8.42 -68.42
CA ALA NG 160 -59.79 7.59 -67.27
C ALA NG 160 -60.04 8.43 -66.03
N PRO NG 161 -61.23 9.00 -65.87
CA PRO NG 161 -61.63 9.56 -64.58
C PRO NG 161 -62.16 8.46 -63.67
N ASN NG 162 -61.39 8.12 -62.64
CA ASN NG 162 -61.82 7.10 -61.69
C ASN NG 162 -62.53 7.77 -60.51
N VAL NG 163 -63.70 7.24 -60.18
CA VAL NG 163 -64.52 7.79 -59.10
C VAL NG 163 -64.06 7.16 -57.79
N THR NG 164 -63.44 7.97 -56.94
CA THR NG 164 -63.08 7.50 -55.60
C THR NG 164 -64.32 7.32 -54.75
N LEU NG 165 -65.02 8.41 -54.48
CA LEU NG 165 -66.33 8.33 -53.84
C LEU NG 165 -67.40 8.13 -54.90
N LEU NG 166 -68.48 7.46 -54.51
CA LEU NG 166 -69.57 7.17 -55.41
C LEU NG 166 -70.88 7.66 -54.81
N PRO NG 167 -71.64 8.48 -55.52
CA PRO NG 167 -72.93 8.92 -55.00
C PRO NG 167 -73.94 7.78 -55.01
N LYS NG 168 -74.83 7.80 -54.02
CA LYS NG 168 -75.83 6.75 -53.87
C LYS NG 168 -77.25 7.29 -53.92
N THR NG 169 -77.54 8.36 -53.19
CA THR NG 169 -78.86 8.94 -53.28
C THR NG 169 -79.01 9.70 -54.60
N LYS NG 170 -80.26 9.84 -55.02
CA LYS NG 170 -80.57 10.57 -56.24
C LYS NG 170 -80.20 12.05 -56.09
N ALA NG 171 -80.34 12.59 -54.88
CA ALA NG 171 -79.98 13.98 -54.64
C ALA NG 171 -78.48 14.21 -54.77
N GLU NG 172 -77.66 13.31 -54.21
CA GLU NG 172 -76.23 13.50 -54.31
C GLU NG 172 -75.73 13.18 -55.72
N LYS NG 173 -76.41 12.26 -56.42
CA LYS NG 173 -76.12 12.05 -57.84
C LYS NG 173 -76.43 13.29 -58.67
N GLU NG 174 -77.54 13.96 -58.38
CA GLU NG 174 -77.91 15.15 -59.15
C GLU NG 174 -76.98 16.33 -58.84
N ILE NG 175 -76.57 16.48 -57.58
CA ILE NG 175 -75.67 17.60 -57.28
C ILE NG 175 -74.27 17.29 -57.81
N TRP NG 176 -73.93 16.01 -57.91
CA TRP NG 176 -72.74 15.59 -58.66
C TRP NG 176 -72.85 15.99 -60.12
N CYS NG 177 -74.04 15.82 -60.70
CA CYS NG 177 -74.25 16.23 -62.10
C CYS NG 177 -74.12 17.73 -62.29
N ILE NG 178 -74.67 18.51 -61.36
CA ILE NG 178 -74.63 19.97 -61.54
C ILE NG 178 -73.25 20.53 -61.20
N TYR NG 179 -72.49 19.86 -60.34
CA TYR NG 179 -71.10 20.23 -60.14
C TYR NG 179 -70.28 19.93 -61.38
N THR NG 180 -70.60 18.81 -62.05
CA THR NG 180 -69.98 18.51 -63.33
C THR NG 180 -70.32 19.58 -64.37
N GLU NG 181 -71.58 20.03 -64.39
CA GLU NG 181 -72.01 21.07 -65.31
C GLU NG 181 -71.30 22.39 -65.05
N ARG NG 182 -71.18 22.77 -63.77
CA ARG NG 182 -70.51 24.01 -63.41
C ARG NG 182 -69.03 23.97 -63.76
N GLY NG 183 -68.38 22.83 -63.53
CA GLY NG 183 -66.99 22.69 -63.94
C GLY NG 183 -66.82 22.74 -65.44
N TRP NG 184 -67.77 22.15 -66.17
CA TRP NG 184 -67.78 22.23 -67.63
C TRP NG 184 -67.85 23.67 -68.12
N LYS NG 185 -68.72 24.46 -67.49
CA LYS NG 185 -68.84 25.89 -67.83
C LYS NG 185 -67.55 26.65 -67.51
N ASN NG 186 -66.95 26.36 -66.35
CA ASN NG 186 -65.71 27.02 -65.96
C ASN NG 186 -64.56 26.69 -66.91
N GLY NG 187 -64.49 25.44 -67.36
CA GLY NG 187 -63.45 25.07 -68.31
C GLY NG 187 -63.63 25.75 -69.65
N ILE NG 188 -64.88 25.91 -70.08
CA ILE NG 188 -65.18 26.65 -71.31
C ILE NG 188 -64.73 28.11 -71.17
N ASP NG 189 -65.03 28.72 -70.03
CA ASP NG 189 -64.65 30.12 -69.81
C ASP NG 189 -63.14 30.28 -69.76
N GLN NG 190 -62.45 29.33 -69.12
CA GLN NG 190 -60.99 29.38 -69.05
C GLN NG 190 -60.37 29.25 -70.43
N ALA NG 191 -60.94 28.37 -71.28
CA ALA NG 191 -60.46 28.24 -72.64
C ALA NG 191 -60.65 29.53 -73.43
N ASN NG 192 -61.81 30.17 -73.26
CA ASN NG 192 -62.08 31.43 -73.95
C ASN NG 192 -61.12 32.53 -73.51
N THR NG 193 -60.83 32.59 -72.21
CA THR NG 193 -59.91 33.59 -71.70
C THR NG 193 -58.50 33.39 -72.24
N ILE NG 194 -58.07 32.11 -72.31
CA ILE NG 194 -56.76 31.79 -72.85
C ILE NG 194 -56.65 32.19 -74.32
N LEU NG 195 -57.70 31.89 -75.08
CA LEU NG 195 -57.75 32.27 -76.49
C LEU NG 195 -57.69 33.77 -76.67
N GLU NG 196 -58.44 34.51 -75.84
CA GLU NG 196 -58.49 35.96 -75.96
C GLU NG 196 -57.15 36.58 -75.63
N GLU NG 197 -56.45 36.03 -74.64
CA GLU NG 197 -55.10 36.50 -74.31
C GLU NG 197 -54.12 36.25 -75.46
N ASN NG 198 -54.21 35.08 -76.10
CA ASN NG 198 -53.34 34.81 -77.24
C ASN NG 198 -53.63 35.74 -78.41
N ILE NG 199 -54.91 36.03 -78.63
CA ILE NG 199 -55.34 36.95 -79.68
C ILE NG 199 -54.76 38.34 -79.43
N ALA NG 200 -54.85 38.80 -78.17
CA ALA NG 200 -54.32 40.12 -77.83
C ALA NG 200 -52.81 40.17 -78.01
N ARG NG 201 -52.12 39.06 -77.70
CA ARG NG 201 -50.66 39.03 -77.84
C ARG NG 201 -50.24 39.12 -79.31
N ILE NG 202 -50.86 38.33 -80.19
CA ILE NG 202 -50.46 38.39 -81.59
C ILE NG 202 -50.91 39.70 -82.23
N LYS NG 203 -52.03 40.27 -81.76
CA LYS NG 203 -52.45 41.59 -82.21
C LYS NG 203 -51.44 42.66 -81.80
N GLU NG 204 -50.89 42.53 -80.59
CA GLU NG 204 -49.88 43.45 -80.10
C GLU NG 204 -48.62 43.40 -80.97
N ASP NG 205 -48.19 42.18 -81.33
CA ASP NG 205 -47.02 42.03 -82.19
C ASP NG 205 -47.24 42.65 -83.57
N PHE NG 206 -48.40 42.37 -84.17
CA PHE NG 206 -48.70 42.90 -85.49
C PHE NG 206 -48.83 44.42 -85.48
N GLY NG 207 -49.47 44.96 -84.43
CA GLY NG 207 -49.60 46.39 -84.31
C GLY NG 207 -48.27 47.09 -84.09
N GLY NG 208 -47.38 46.47 -83.34
CA GLY NG 208 -46.06 47.03 -83.15
C GLY NG 208 -45.25 47.07 -84.43
N MET NG 209 -45.34 46.01 -85.24
CA MET NG 209 -44.65 46.00 -86.53
C MET NG 209 -45.20 47.05 -87.47
N ILE NG 210 -46.54 47.18 -87.55
CA ILE NG 210 -47.09 48.14 -88.49
C ILE NG 210 -46.88 49.56 -87.99
N LEU NG 211 -46.79 49.76 -86.67
CA LEU NG 211 -46.47 51.06 -86.14
C LEU NG 211 -45.03 51.45 -86.44
N TYR NG 212 -44.11 50.48 -86.39
CA TYR NG 212 -42.73 50.75 -86.80
C TYR NG 212 -42.65 51.15 -88.26
N ARG NG 213 -43.39 50.44 -89.12
CA ARG NG 213 -43.38 50.77 -90.55
C ARG NG 213 -43.93 52.17 -90.80
N LYS NG 214 -45.03 52.51 -90.12
CA LYS NG 214 -45.62 53.84 -90.24
C LYS NG 214 -44.68 54.92 -89.72
N LEU NG 215 -43.97 54.64 -88.63
CA LEU NG 215 -43.08 55.65 -88.08
C LEU NG 215 -41.83 55.83 -88.92
N LEU NG 216 -41.31 54.76 -89.51
CA LEU NG 216 -40.18 54.89 -90.42
C LEU NG 216 -40.59 55.62 -91.69
N ALA NG 217 -41.85 55.48 -92.09
CA ALA NG 217 -42.39 56.39 -93.10
C ALA NG 217 -42.42 57.82 -92.59
N MET NG 218 -42.80 58.01 -91.32
CA MET NG 218 -42.95 59.33 -90.72
C MET NG 218 -41.62 60.04 -90.51
N ASN NG 219 -40.50 59.33 -90.56
CA ASN NG 219 -39.15 59.83 -90.24
C ASN NG 219 -39.13 60.36 -88.80
N MET NG 220 -39.41 59.44 -87.88
CA MET NG 220 -39.17 59.65 -86.47
C MET NG 220 -38.24 58.61 -85.89
N VAL NG 221 -37.83 57.63 -86.67
CA VAL NG 221 -36.91 56.59 -86.22
C VAL NG 221 -35.82 56.41 -87.27
N SER NG 222 -34.68 55.91 -86.82
CA SER NG 222 -33.58 55.67 -87.73
C SER NG 222 -33.78 54.34 -88.46
N PRO NG 223 -33.30 54.22 -89.69
CA PRO NG 223 -33.28 52.93 -90.35
C PRO NG 223 -32.17 52.06 -89.78
N PRO NG 224 -32.30 50.75 -89.88
CA PRO NG 224 -31.16 49.88 -89.56
C PRO NG 224 -30.08 50.02 -90.62
N TYR NG 225 -28.84 49.81 -90.19
CA TYR NG 225 -27.70 49.83 -91.09
C TYR NG 225 -26.91 48.54 -90.92
N VAL NG 226 -26.62 47.90 -92.05
CA VAL NG 226 -25.99 46.58 -92.08
C VAL NG 226 -24.90 46.58 -93.14
N SER NG 227 -23.70 46.14 -92.75
CA SER NG 227 -22.57 46.04 -93.66
C SER NG 227 -22.32 44.59 -94.05
N HIS NG 228 -21.93 44.39 -95.30
CA HIS NG 228 -21.52 43.09 -95.79
C HIS NG 228 -20.05 43.16 -96.18
N THR NG 229 -19.28 42.17 -95.74
CA THR NG 229 -17.88 42.03 -96.10
C THR NG 229 -17.70 40.68 -96.77
N ASP NG 230 -17.20 40.69 -98.00
CA ASP NG 230 -17.10 39.49 -98.79
C ASP NG 230 -15.64 39.18 -99.10
N LEU NG 231 -15.32 37.90 -99.20
CA LEU NG 231 -14.00 37.42 -99.55
C LEU NG 231 -14.13 36.34 -100.59
N GLY NG 232 -13.03 36.14 -101.33
CA GLY NG 232 -13.01 35.17 -102.41
C GLY NG 232 -12.87 33.75 -101.94
N VAL NG 233 -12.10 32.94 -102.66
CA VAL NG 233 -11.97 31.54 -102.32
C VAL NG 233 -11.08 31.40 -101.08
N THR NG 234 -11.62 30.75 -100.06
CA THR NG 234 -10.96 30.67 -98.75
C THR NG 234 -10.65 29.23 -98.43
N GLY NG 235 -9.96 29.04 -97.31
CA GLY NG 235 -9.66 27.72 -96.80
C GLY NG 235 -8.32 27.18 -97.25
N ASP NG 236 -8.04 25.97 -96.77
CA ASP NG 236 -6.77 25.31 -96.99
C ASP NG 236 -6.83 24.44 -98.23
N GLY NG 237 -5.85 23.56 -98.39
CA GLY NG 237 -5.82 22.59 -99.47
C GLY NG 237 -6.73 21.40 -99.30
N SER NG 238 -7.52 21.36 -98.23
CA SER NG 238 -8.51 20.32 -98.02
C SER NG 238 -9.93 20.84 -97.97
N GLU NG 239 -10.16 21.99 -97.37
CA GLU NG 239 -11.47 22.59 -97.25
C GLU NG 239 -11.46 23.93 -97.97
N ILE NG 240 -12.47 24.17 -98.80
CA ILE NG 240 -12.56 25.43 -99.53
C ILE NG 240 -14.00 25.89 -99.60
N HIS NG 241 -14.18 27.20 -99.58
CA HIS NG 241 -15.43 27.85 -99.95
C HIS NG 241 -15.18 28.74 -101.14
N ILE NG 242 -16.25 29.17 -101.80
CA ILE NG 242 -16.11 29.90 -103.05
C ILE NG 242 -16.20 31.41 -102.82
N ASP NG 243 -17.36 31.88 -102.36
CA ASP NG 243 -17.62 33.32 -102.23
C ASP NG 243 -18.13 33.58 -100.82
N ASP NG 244 -17.20 33.74 -99.88
CA ASP NG 244 -17.58 33.79 -98.46
C ASP NG 244 -17.94 35.23 -98.12
N ARG NG 245 -19.24 35.51 -98.07
CA ARG NG 245 -19.74 36.84 -97.73
C ARG NG 245 -20.37 36.79 -96.36
N VAL NG 246 -20.12 37.84 -95.57
CA VAL NG 246 -20.60 37.92 -94.19
C VAL NG 246 -21.45 39.18 -94.08
N LEU NG 247 -22.69 38.99 -93.63
CA LEU NG 247 -23.61 40.08 -93.38
C LEU NG 247 -23.65 40.35 -91.90
N ARG NG 248 -23.65 41.63 -91.52
CA ARG NG 248 -23.64 41.97 -90.11
C ARG NG 248 -24.28 43.34 -89.93
N ILE NG 249 -25.31 43.40 -89.09
CA ILE NG 249 -25.96 44.67 -88.80
C ILE NG 249 -25.11 45.45 -87.80
N THR NG 250 -24.73 46.65 -88.17
CA THR NG 250 -23.91 47.50 -87.31
C THR NG 250 -24.75 48.47 -86.50
N ALA NG 251 -25.79 49.04 -87.09
CA ALA NG 251 -26.58 50.08 -86.42
C ALA NG 251 -28.03 49.64 -86.30
N LEU NG 252 -28.49 49.48 -85.07
CA LEU NG 252 -29.87 49.16 -84.80
C LEU NG 252 -30.75 50.40 -85.05
N PRO NG 253 -32.01 50.20 -85.40
CA PRO NG 253 -32.95 51.33 -85.46
C PRO NG 253 -33.18 51.93 -84.10
N GLU NG 254 -33.35 53.25 -84.08
CA GLU NG 254 -33.68 53.94 -82.83
C GLU NG 254 -34.36 55.26 -83.17
N LEU NG 255 -35.01 55.84 -82.17
CA LEU NG 255 -35.71 57.11 -82.33
C LEU NG 255 -34.73 58.26 -82.51
N ASN NG 256 -35.23 59.35 -83.09
CA ASN NG 256 -34.50 60.60 -83.17
C ASN NG 256 -35.18 61.64 -82.31
N VAL NG 257 -34.40 62.63 -81.89
CA VAL NG 257 -34.89 63.71 -81.04
C VAL NG 257 -34.90 65.05 -81.74
N ASN NG 258 -34.26 65.16 -82.90
CA ASN NG 258 -34.15 66.44 -83.59
C ASN NG 258 -35.49 66.78 -84.23
N SER NG 259 -36.18 67.75 -83.65
CA SER NG 259 -37.59 67.96 -83.94
C SER NG 259 -37.81 68.57 -85.32
N ALA NG 260 -36.91 69.43 -85.78
CA ALA NG 260 -37.07 70.05 -87.09
C ALA NG 260 -36.85 69.05 -88.23
N GLU NG 261 -36.22 67.91 -87.95
CA GLU NG 261 -35.94 66.89 -88.95
C GLU NG 261 -37.04 65.86 -89.06
N TRP NG 262 -38.28 66.23 -88.72
CA TRP NG 262 -39.41 65.32 -88.76
C TRP NG 262 -40.39 65.82 -89.81
N ARG NG 263 -40.82 64.91 -90.69
CA ARG NG 263 -41.75 65.26 -91.76
C ARG NG 263 -43.17 64.97 -91.31
N ALA NG 264 -44.06 65.94 -91.52
CA ALA NG 264 -45.45 65.81 -91.12
C ALA NG 264 -46.25 65.09 -92.21
N ALA NG 265 -47.57 65.16 -92.14
CA ALA NG 265 -48.45 64.52 -93.10
C ALA NG 265 -49.50 65.50 -93.58
N VAL NG 266 -50.25 65.07 -94.60
CA VAL NG 266 -51.34 65.84 -95.19
C VAL NG 266 -52.32 64.85 -95.77
N ALA NG 267 -53.51 65.30 -96.16
CA ALA NG 267 -54.50 64.42 -96.78
C ALA NG 267 -55.44 65.23 -97.65
N LYS NG 268 -56.29 64.50 -98.37
CA LYS NG 268 -57.29 65.12 -99.24
C LYS NG 268 -58.69 64.61 -98.93
N CYS OG 42 -131.10 77.74 -1.07
CA CYS OG 42 -131.28 77.81 0.38
C CYS OG 42 -130.17 78.63 1.02
N PHE OG 43 -129.00 78.01 1.21
CA PHE OG 43 -127.87 78.64 1.86
C PHE OG 43 -126.71 78.74 0.90
N HIS OG 44 -126.06 79.89 0.86
CA HIS OG 44 -124.90 80.08 0.02
C HIS OG 44 -123.65 79.93 0.86
N PRO OG 45 -122.79 78.97 0.54
CA PRO OG 45 -121.52 78.79 1.30
C PRO OG 45 -120.61 80.00 1.27
N PRO OG 46 -120.59 80.85 0.19
CA PRO OG 46 -119.99 82.17 0.39
C PRO OG 46 -120.87 83.09 1.23
N TYR OG 47 -120.80 82.93 2.55
CA TYR OG 47 -121.32 83.84 3.57
C TYR OG 47 -122.84 84.01 3.59
N ASN OG 48 -123.56 83.34 2.68
CA ASN OG 48 -124.98 83.55 2.40
C ASN OG 48 -125.30 85.03 2.15
N ASN OG 49 -124.36 85.71 1.48
CA ASN OG 49 -124.44 87.12 1.08
C ASN OG 49 -124.68 88.04 2.28
N PHE OG 50 -124.07 87.68 3.42
CA PHE OG 50 -124.08 88.47 4.67
C PHE OG 50 -125.50 88.78 5.15
N GLN OG 51 -126.31 87.73 5.24
CA GLN OG 51 -127.70 87.90 5.62
C GLN OG 51 -128.05 86.96 6.76
N PRO OG 52 -129.04 87.32 7.58
CA PRO OG 52 -129.51 86.40 8.63
C PRO OG 52 -130.13 85.15 8.02
N ASP OG 53 -129.57 83.99 8.38
CA ASP OG 53 -129.99 82.74 7.79
C ASP OG 53 -131.35 82.31 8.34
N ARG OG 54 -132.19 81.78 7.46
CA ARG OG 54 -133.46 81.18 7.85
C ARG OG 54 -133.30 79.68 8.00
N ARG OG 55 -132.34 79.31 8.86
CA ARG OG 55 -131.98 77.91 9.03
C ARG OG 55 -133.03 77.16 9.84
N ALA OG 56 -133.52 77.78 10.92
CA ALA OG 56 -134.36 77.06 11.87
C ALA OG 56 -135.74 76.77 11.29
N VAL OG 57 -136.30 77.70 10.51
CA VAL OG 57 -137.61 77.49 9.91
C VAL OG 57 -137.54 76.40 8.84
N LYS OG 58 -136.46 76.37 8.06
CA LYS OG 58 -136.28 75.29 7.10
C LYS OG 58 -136.02 73.96 7.79
N ARG OG 59 -135.32 73.99 8.93
CA ARG OG 59 -135.08 72.78 9.71
C ARG OG 59 -136.38 72.20 10.25
N VAL OG 60 -137.25 73.04 10.79
CA VAL OG 60 -138.50 72.52 11.31
C VAL OG 60 -139.46 72.18 10.17
N GLY OG 61 -139.32 72.83 9.01
CA GLY OG 61 -140.12 72.43 7.86
C GLY OG 61 -139.75 71.06 7.33
N VAL OG 62 -138.45 70.78 7.21
CA VAL OG 62 -138.04 69.45 6.76
C VAL OG 62 -138.17 68.41 7.87
N ASP OG 63 -138.27 68.84 9.14
CA ASP OG 63 -138.65 67.90 10.19
C ASP OG 63 -140.11 67.52 10.09
N THR OG 64 -140.99 68.50 9.84
CA THR OG 64 -142.41 68.23 9.75
C THR OG 64 -142.79 67.53 8.45
N GLY OG 65 -141.98 67.66 7.39
CA GLY OG 65 -142.25 66.98 6.15
C GLY OG 65 -142.03 65.48 6.21
N GLY OG 88 -142.34 65.20 13.64
CA GLY OG 88 -143.34 66.00 14.31
C GLY OG 88 -142.90 67.43 14.56
N GLY OG 89 -143.89 68.32 14.73
CA GLY OG 89 -143.59 69.71 15.01
C GLY OG 89 -142.96 69.91 16.37
N THR OG 90 -143.39 69.13 17.36
CA THR OG 90 -142.85 69.26 18.71
C THR OG 90 -141.40 68.81 18.78
N VAL OG 91 -141.10 67.64 18.17
CA VAL OG 91 -139.74 67.15 18.16
C VAL OG 91 -138.86 68.01 17.26
N GLY OG 92 -139.43 68.61 16.21
CA GLY OG 92 -138.69 69.58 15.42
C GLY OG 92 -138.35 70.85 16.19
N LEU OG 93 -139.30 71.32 17.01
CA LEU OG 93 -139.05 72.51 17.82
C LEU OG 93 -138.01 72.25 18.90
N VAL OG 94 -138.07 71.08 19.54
CA VAL OG 94 -137.08 70.80 20.57
C VAL OG 94 -135.72 70.51 19.94
N ALA OG 95 -135.69 69.99 18.71
CA ALA OG 95 -134.42 69.86 18.00
C ALA OG 95 -133.88 71.21 17.59
N SER OG 96 -134.77 72.15 17.25
CA SER OG 96 -134.35 73.51 16.92
C SER OG 96 -133.74 74.21 18.13
N ILE OG 97 -134.35 74.06 19.31
CA ILE OG 97 -133.78 74.73 20.47
C ILE OG 97 -132.55 73.97 20.98
N TYR OG 98 -132.46 72.66 20.72
CA TYR OG 98 -131.24 71.91 21.02
C TYR OG 98 -130.09 72.38 20.14
N ARG OG 99 -130.37 72.63 18.86
CA ARG OG 99 -129.34 73.06 17.94
C ARG OG 99 -128.98 74.53 18.12
N ASP OG 100 -129.92 75.35 18.59
CA ASP OG 100 -129.66 76.75 18.83
C ASP OG 100 -129.29 77.04 20.28
N SER OG 101 -129.20 76.01 21.11
CA SER OG 101 -128.68 76.20 22.46
C SER OG 101 -127.22 76.61 22.40
N LYS OG 102 -126.83 77.54 23.29
CA LYS OG 102 -125.48 78.09 23.29
C LYS OG 102 -124.44 77.02 23.60
N ARG OG 103 -124.80 76.04 24.44
CA ARG OG 103 -123.91 74.93 24.76
C ARG OG 103 -123.57 74.11 23.52
N LYS OG 104 -124.55 73.91 22.64
CA LYS OG 104 -124.29 73.22 21.39
C LYS OG 104 -123.39 74.03 20.47
N ILE OG 105 -123.53 75.36 20.50
CA ILE OG 105 -122.67 76.22 19.68
C ILE OG 105 -121.23 76.13 20.16
N ILE OG 106 -121.03 76.18 21.48
CA ILE OG 106 -119.68 76.04 22.02
C ILE OG 106 -119.13 74.63 21.78
N ARG OG 107 -119.99 73.62 21.81
CA ARG OG 107 -119.57 72.26 21.48
C ARG OG 107 -119.12 72.14 20.03
N ASP OG 108 -119.83 72.81 19.11
CA ASP OG 108 -119.38 72.83 17.72
C ASP OG 108 -118.10 73.62 17.54
N LEU OG 109 -117.93 74.70 18.32
CA LEU OG 109 -116.68 75.46 18.22
C LEU OG 109 -115.50 74.69 18.80
N GLN OG 110 -115.75 73.83 19.78
CA GLN OG 110 -114.71 72.93 20.28
C GLN OG 110 -114.47 71.77 19.33
N LYS OG 111 -115.51 71.35 18.60
CA LYS OG 111 -115.34 70.39 17.53
C LYS OG 111 -114.44 70.96 16.44
N GLN OG 112 -114.63 72.23 16.11
CA GLN OG 112 -113.69 72.95 15.28
C GLN OG 112 -112.47 73.31 16.11
N ASP OG 113 -111.46 73.85 15.44
CA ASP OG 113 -110.20 74.14 16.13
C ASP OG 113 -110.19 75.55 16.69
N ILE OG 114 -111.24 75.91 17.41
CA ILE OG 114 -111.42 77.26 17.94
C ILE OG 114 -111.53 77.16 19.46
N GLN OG 115 -110.71 77.93 20.17
CA GLN OG 115 -110.69 77.85 21.62
C GLN OG 115 -111.57 78.96 22.19
N TYR OG 116 -112.42 78.60 23.16
CA TYR OG 116 -113.24 79.56 23.87
C TYR OG 116 -112.93 79.50 25.36
N VAL OG 117 -112.67 80.65 25.96
CA VAL OG 117 -112.39 80.74 27.39
C VAL OG 117 -113.38 81.71 28.02
N GLU OG 118 -114.09 81.23 29.03
CA GLU OG 118 -115.04 82.03 29.79
C GLU OG 118 -114.53 82.16 31.22
N TYR OG 119 -114.37 83.40 31.68
CA TYR OG 119 -113.85 83.63 33.03
C TYR OG 119 -114.35 84.99 33.49
N GLY OG 120 -115.42 84.98 34.28
CA GLY OG 120 -115.96 86.22 34.79
C GLY OG 120 -116.69 87.03 33.72
N ASP OG 121 -116.59 88.35 33.84
CA ASP OG 121 -117.29 89.23 32.92
C ASP OG 121 -116.53 89.48 31.63
N THR OG 122 -115.33 88.90 31.48
CA THR OG 122 -114.55 89.02 30.26
C THR OG 122 -114.42 87.64 29.64
N ARG OG 123 -114.68 87.54 28.34
CA ARG OG 123 -114.59 86.27 27.63
C ARG OG 123 -113.69 86.41 26.41
N THR OG 124 -113.07 85.30 26.02
CA THR OG 124 -112.02 85.32 25.01
C THR OG 124 -112.16 84.17 24.04
N LEU OG 125 -111.61 84.37 22.85
CA LEU OG 125 -111.61 83.43 21.75
C LEU OG 125 -110.22 83.37 21.12
N ILE OG 126 -109.78 82.16 20.78
CA ILE OG 126 -108.47 81.92 20.19
C ILE OG 126 -108.67 81.25 18.84
N ILE OG 127 -108.11 81.84 17.79
CA ILE OG 127 -108.32 81.42 16.41
C ILE OG 127 -106.97 81.07 15.82
N PRO OG 128 -106.83 79.93 15.11
CA PRO OG 128 -105.55 79.59 14.48
C PRO OG 128 -105.39 80.21 13.10
N THR OG 129 -104.21 80.80 12.90
CA THR OG 129 -103.96 81.63 11.72
C THR OG 129 -103.93 80.78 10.45
N ASP OG 130 -103.26 79.64 10.49
CA ASP OG 130 -103.09 78.84 9.28
C ASP OG 130 -104.39 78.15 8.88
N LYS OG 131 -105.14 77.66 9.87
CA LYS OG 131 -106.39 76.98 9.57
C LYS OG 131 -107.45 77.95 9.10
N TYR OG 132 -107.50 79.14 9.69
CA TYR OG 132 -108.54 80.09 9.37
C TYR OG 132 -108.03 81.24 8.52
N PHE OG 133 -106.92 81.03 7.82
CA PHE OG 133 -106.40 82.05 6.92
C PHE OG 133 -105.80 81.37 5.71
N MET OG 134 -105.76 82.10 4.60
CA MET OG 134 -104.94 81.66 3.48
C MET OG 134 -103.47 81.87 3.86
N PHE OG 135 -102.63 80.95 3.38
CA PHE OG 135 -101.27 80.82 3.87
C PHE OG 135 -100.40 82.00 3.46
N SER OG 136 -99.64 82.52 4.44
CA SER OG 136 -98.65 83.59 4.26
C SER OG 136 -99.26 84.85 3.67
N SER OG 137 -100.51 85.13 4.00
CA SER OG 137 -101.27 86.16 3.29
C SER OG 137 -102.37 86.66 4.20
N PRO OG 138 -102.80 87.92 4.04
CA PRO OG 138 -103.99 88.39 4.75
C PRO OG 138 -105.29 87.86 4.20
N ARG OG 139 -105.26 87.13 3.09
CA ARG OG 139 -106.46 86.50 2.56
C ARG OG 139 -106.95 85.41 3.48
N LEU OG 140 -108.24 85.14 3.43
CA LEU OG 140 -108.85 84.20 4.34
C LEU OG 140 -108.93 82.81 3.73
N ASN OG 141 -108.85 81.80 4.58
CA ASN OG 141 -109.18 80.45 4.15
C ASN OG 141 -110.69 80.33 3.96
N GLU OG 142 -111.10 79.82 2.81
CA GLU OG 142 -112.51 79.72 2.48
C GLU OG 142 -113.14 78.44 2.97
N ILE OG 143 -112.36 77.54 3.56
CA ILE OG 143 -112.89 76.24 3.96
C ILE OG 143 -113.74 76.36 5.22
N CYS OG 144 -113.30 77.18 6.17
CA CYS OG 144 -113.86 77.20 7.52
C CYS OG 144 -115.06 78.13 7.66
N TYR OG 145 -115.80 78.35 6.56
CA TYR OG 145 -117.05 79.12 6.64
C TYR OG 145 -118.13 78.57 7.58
N PRO OG 146 -118.31 77.25 7.83
CA PRO OG 146 -119.25 76.89 8.91
C PRO OG 146 -118.76 77.35 10.27
N GLY OG 147 -117.44 77.34 10.48
CA GLY OG 147 -116.89 77.89 11.71
C GLY OG 147 -117.13 79.38 11.82
N LEU OG 148 -117.02 80.11 10.71
CA LEU OG 148 -117.28 81.54 10.74
C LEU OG 148 -118.76 81.84 10.99
N ASN OG 149 -119.65 81.04 10.40
CA ASN OG 149 -121.08 81.20 10.64
C ASN OG 149 -121.43 80.90 12.09
N ASN OG 150 -120.82 79.89 12.68
CA ASN OG 150 -121.03 79.62 14.10
C ASN OG 150 -120.40 80.70 14.98
N VAL OG 151 -119.32 81.33 14.50
CA VAL OG 151 -118.73 82.46 15.22
C VAL OG 151 -119.70 83.61 15.29
N ILE OG 152 -120.36 83.92 14.16
CA ILE OG 152 -121.36 84.97 14.14
C ILE OG 152 -122.58 84.58 14.96
N ARG OG 153 -122.92 83.28 14.94
CA ARG OG 153 -124.05 82.77 15.72
C ARG OG 153 -123.84 82.93 17.21
N LEU OG 154 -122.64 82.62 17.68
CA LEU OG 154 -122.33 82.83 19.10
C LEU OG 154 -122.19 84.31 19.40
N LEU OG 155 -121.63 85.09 18.47
CA LEU OG 155 -121.31 86.48 18.74
C LEU OG 155 -122.55 87.36 18.71
N ASN OG 156 -123.66 86.87 18.15
CA ASN OG 156 -124.88 87.66 18.17
C ASN OG 156 -125.50 87.74 19.56
N PHE OG 157 -125.09 86.90 20.51
CA PHE OG 157 -125.74 86.86 21.80
C PHE OG 157 -125.35 87.99 22.73
N TYR OG 158 -124.29 88.73 22.43
CA TYR OG 158 -123.87 89.86 23.26
C TYR OG 158 -123.69 91.10 22.39
N PRO OG 159 -124.80 91.72 21.97
CA PRO OG 159 -124.69 92.82 21.00
C PRO OG 159 -124.41 94.17 21.62
N GLN OG 160 -123.96 94.20 22.88
CA GLN OG 160 -123.64 95.46 23.54
C GLN OG 160 -122.22 95.53 24.06
N SER OG 161 -121.48 94.42 24.05
CA SER OG 161 -120.13 94.41 24.58
C SER OG 161 -119.15 95.10 23.64
N THR OG 162 -118.19 95.81 24.22
CA THR OG 162 -117.08 96.33 23.43
C THR OG 162 -116.14 95.19 23.07
N ILE OG 163 -115.59 95.25 21.87
CA ILE OG 163 -114.83 94.15 21.29
C ILE OG 163 -113.39 94.59 21.06
N TYR OG 164 -112.45 93.74 21.47
CA TYR OG 164 -111.06 93.88 21.07
C TYR OG 164 -110.66 92.63 20.32
N VAL OG 165 -109.93 92.80 19.22
CA VAL OG 165 -109.36 91.69 18.49
C VAL OG 165 -107.89 92.00 18.23
N ALA OG 166 -107.09 90.94 18.15
CA ALA OG 166 -105.64 91.09 18.14
C ALA OG 166 -105.01 89.94 17.36
N GLY OG 167 -103.85 90.22 16.79
CA GLY OG 167 -103.09 89.23 16.06
C GLY OG 167 -101.70 89.08 16.62
N PHE OG 168 -101.17 87.86 16.56
CA PHE OG 168 -99.81 87.57 17.02
C PHE OG 168 -99.17 86.54 16.09
N THR OG 169 -97.87 86.69 15.86
CA THR OG 169 -97.13 85.87 14.92
C THR OG 169 -96.06 85.07 15.66
N ASP OG 170 -95.20 84.41 14.90
CA ASP OG 170 -94.08 83.67 15.45
C ASP OG 170 -92.89 84.61 15.67
N ASN OG 171 -91.72 84.04 15.94
CA ASN OG 171 -90.56 84.82 16.35
C ASN OG 171 -89.62 85.17 15.22
N VAL OG 172 -89.94 84.81 13.99
CA VAL OG 172 -88.95 84.74 12.92
C VAL OG 172 -89.37 85.62 11.76
N GLY OG 173 -88.44 86.43 11.27
CA GLY OG 173 -88.66 87.37 10.19
C GLY OG 173 -88.20 88.76 10.58
N SER OG 174 -88.35 89.67 9.63
CA SER OG 174 -88.12 91.08 9.92
C SER OG 174 -89.18 91.60 10.88
N ARG OG 175 -88.75 92.41 11.85
CA ARG OG 175 -89.63 92.86 12.91
C ARG OG 175 -90.71 93.80 12.38
N SER OG 176 -90.33 94.70 11.48
CA SER OG 176 -91.32 95.57 10.83
C SER OG 176 -92.28 94.76 9.97
N HIS OG 177 -91.77 93.70 9.33
CA HIS OG 177 -92.61 92.81 8.54
C HIS OG 177 -93.62 92.08 9.42
N LYS OG 178 -93.18 91.60 10.59
CA LYS OG 178 -94.08 90.94 11.53
C LYS OG 178 -95.15 91.90 12.02
N ARG OG 179 -94.75 93.14 12.33
CA ARG OG 179 -95.68 94.15 12.79
C ARG OG 179 -96.72 94.47 11.74
N LYS OG 180 -96.28 94.65 10.49
CA LYS OG 180 -97.21 94.97 9.41
C LYS OG 180 -98.14 93.81 9.10
N LEU OG 181 -97.61 92.58 9.16
CA LEU OG 181 -98.44 91.40 8.92
C LEU OG 181 -99.51 91.25 9.98
N SER OG 182 -99.13 91.44 11.25
CA SER OG 182 -100.10 91.33 12.34
C SER OG 182 -101.16 92.42 12.26
N GLN OG 183 -100.74 93.65 11.91
CA GLN OG 183 -101.68 94.73 11.72
C GLN OG 183 -102.65 94.44 10.57
N ALA OG 184 -102.14 93.88 9.48
CA ALA OG 184 -102.97 93.58 8.33
C ALA OG 184 -103.98 92.48 8.64
N GLN OG 185 -103.55 91.44 9.36
CA GLN OG 185 -104.45 90.35 9.71
C GLN OG 185 -105.55 90.82 10.65
N ALA OG 186 -105.18 91.63 11.65
CA ALA OG 186 -106.18 92.19 12.56
C ALA OG 186 -107.13 93.13 11.83
N GLU OG 187 -106.61 93.87 10.84
CA GLU OG 187 -107.45 94.75 10.04
C GLU OG 187 -108.45 93.95 9.23
N THR OG 188 -108.02 92.83 8.64
CA THR OG 188 -108.93 91.98 7.88
C THR OG 188 -110.02 91.41 8.77
N MET OG 189 -109.65 90.98 9.99
CA MET OG 189 -110.63 90.45 10.92
C MET OG 189 -111.63 91.51 11.34
N MET OG 190 -111.16 92.73 11.64
CA MET OG 190 -112.05 93.80 12.06
C MET OG 190 -112.99 94.23 10.94
N THR OG 191 -112.47 94.31 9.71
CA THR OG 191 -113.31 94.71 8.59
C THR OG 191 -114.35 93.66 8.26
N PHE OG 192 -113.98 92.38 8.37
CA PHE OG 192 -114.94 91.31 8.16
C PHE OG 192 -116.03 91.34 9.22
N LEU OG 193 -115.66 91.59 10.47
CA LEU OG 193 -116.66 91.67 11.53
C LEU OG 193 -117.56 92.88 11.38
N TRP OG 194 -117.03 93.99 10.84
CA TRP OG 194 -117.87 95.15 10.58
C TRP OG 194 -118.84 94.87 9.44
N ALA OG 195 -118.38 94.16 8.41
CA ALA OG 195 -119.26 93.78 7.32
C ALA OG 195 -120.28 92.74 7.75
N ASN OG 196 -120.01 92.01 8.83
CA ASN OG 196 -120.99 91.08 9.36
C ASN OG 196 -122.24 91.76 9.89
N GLY OG 197 -122.16 93.04 10.27
CA GLY OG 197 -123.34 93.76 10.68
C GLY OG 197 -123.14 94.66 11.87
N ILE OG 198 -122.18 94.34 12.71
CA ILE OG 198 -121.91 95.17 13.89
C ILE OG 198 -121.19 96.44 13.45
N ALA OG 199 -121.64 97.58 13.99
CA ALA OG 199 -121.03 98.85 13.65
C ALA OG 199 -119.63 98.98 14.25
N ALA OG 200 -118.81 99.80 13.60
CA ALA OG 200 -117.43 99.97 13.98
C ALA OG 200 -117.23 100.91 15.15
N LYS OG 201 -118.33 101.42 15.74
CA LYS OG 201 -118.23 102.26 16.92
C LYS OG 201 -117.71 101.47 18.11
N ARG OG 202 -118.11 100.22 18.25
CA ARG OG 202 -117.71 99.39 19.37
C ARG OG 202 -116.57 98.45 19.02
N LEU OG 203 -115.85 98.71 17.93
CA LEU OG 203 -114.87 97.77 17.40
C LEU OG 203 -113.49 98.38 17.40
N LYS OG 204 -112.49 97.55 17.71
CA LYS OG 204 -111.09 97.99 17.72
C LYS OG 204 -110.21 96.75 17.53
N ALA OG 205 -109.13 96.93 16.76
CA ALA OG 205 -108.22 95.85 16.45
C ALA OG 205 -106.79 96.26 16.74
N GLU OG 206 -105.94 95.26 16.96
CA GLU OG 206 -104.53 95.48 17.22
C GLU OG 206 -103.72 94.27 16.78
N GLY OG 207 -102.66 94.51 16.03
CA GLY OG 207 -101.76 93.43 15.65
C GLY OG 207 -100.39 93.60 16.25
N TYR OG 208 -100.04 92.76 17.21
CA TYR OG 208 -98.72 92.79 17.81
C TYR OG 208 -97.87 91.66 17.24
N GLY OG 209 -96.56 91.80 17.37
CA GLY OG 209 -95.68 90.83 16.77
C GLY OG 209 -95.46 89.63 17.66
N ASP OG 210 -94.21 89.37 18.01
CA ASP OG 210 -93.84 88.32 18.96
C ASP OG 210 -93.60 88.92 20.33
N LYS OG 211 -94.40 89.92 20.69
CA LYS OG 211 -94.11 90.74 21.86
C LYS OG 211 -94.39 90.00 23.15
N ASN OG 212 -95.39 89.13 23.15
CA ASN OG 212 -95.80 88.40 24.35
C ASN OG 212 -96.31 87.04 23.87
N ALA OG 213 -95.44 86.06 23.88
CA ALA OG 213 -95.77 84.75 23.35
C ALA OG 213 -96.41 83.88 24.42
N ILE OG 214 -97.43 83.14 24.04
CA ILE OG 214 -98.08 82.20 24.95
C ILE OG 214 -97.34 80.87 25.02
N SER OG 215 -96.34 80.68 24.16
CA SER OG 215 -95.55 79.46 24.16
C SER OG 215 -94.16 79.81 23.68
N ASP OG 216 -93.18 78.97 24.02
CA ASP OG 216 -91.83 79.20 23.54
C ASP OG 216 -91.75 78.87 22.06
N ASN OG 217 -91.14 79.77 21.30
CA ASN OG 217 -91.06 79.63 19.86
C ASN OG 217 -89.89 78.77 19.40
N ALA OG 218 -89.04 78.33 20.33
CA ALA OG 218 -87.92 77.47 19.99
C ALA OG 218 -88.33 76.02 19.79
N ILE OG 219 -89.57 75.67 20.11
CA ILE OG 219 -90.10 74.33 19.88
C ILE OG 219 -91.09 74.44 18.73
N ILE OG 220 -91.24 73.35 18.00
CA ILE OG 220 -92.05 73.36 16.77
C ILE OG 220 -93.54 73.50 17.12
N HIS OG 221 -94.00 72.72 18.10
CA HIS OG 221 -95.38 72.84 18.52
C HIS OG 221 -95.64 74.17 19.23
N GLY OG 222 -94.64 74.70 19.93
CA GLY OG 222 -94.78 76.02 20.52
C GLY OG 222 -94.88 77.11 19.47
N SER OG 223 -94.12 76.98 18.39
CA SER OG 223 -94.23 77.93 17.29
C SER OG 223 -95.56 77.80 16.57
N ALA OG 224 -96.11 76.58 16.51
CA ALA OG 224 -97.46 76.39 16.01
C ALA OG 224 -98.48 77.07 16.91
N GLN OG 225 -98.26 77.00 18.23
CA GLN OG 225 -99.15 77.66 19.17
C GLN OG 225 -99.04 79.17 19.13
N ASN OG 226 -97.85 79.68 18.76
CA ASN OG 226 -97.55 81.10 18.97
C ASN OG 226 -98.33 81.99 18.01
N ARG OG 227 -98.50 81.56 16.76
CA ARG OG 227 -99.29 82.35 15.81
C ARG OG 227 -100.76 82.22 16.17
N ARG OG 228 -101.40 83.34 16.49
CA ARG OG 228 -102.73 83.26 17.08
C ARG OG 228 -103.53 84.51 16.78
N ILE OG 229 -104.85 84.38 16.92
CA ILE OG 229 -105.78 85.50 16.88
C ILE OG 229 -106.56 85.51 18.18
N GLU OG 230 -106.54 86.65 18.87
CA GLU OG 230 -107.14 86.82 20.18
C GLU OG 230 -108.37 87.71 20.08
N ILE OG 231 -109.46 87.28 20.71
CA ILE OG 231 -110.69 88.09 20.78
C ILE OG 231 -111.09 88.21 22.24
N GLN OG 232 -111.26 89.44 22.71
CA GLN OG 232 -111.73 89.71 24.06
C GLN OG 232 -112.99 90.56 24.01
N TRP OG 233 -113.94 90.29 24.91
CA TRP OG 233 -115.04 91.22 25.10
C TRP OG 233 -115.56 91.15 26.52
N PHE OG 234 -116.05 92.31 26.98
CA PHE OG 234 -116.53 92.53 28.33
C PHE OG 234 -118.01 92.21 28.40
N THR OG 235 -118.67 92.66 29.47
CA THR OG 235 -120.12 92.59 29.58
C THR OG 235 -120.75 93.98 29.59
N SER OG 236 -120.32 94.86 30.49
CA SER OG 236 -120.86 96.22 30.55
C SER OG 236 -119.93 97.21 29.85
N LEU PG 113 -125.55 140.86 14.53
CA LEU PG 113 -126.67 140.02 14.11
C LEU PG 113 -126.41 138.57 14.49
N ASN PG 114 -127.44 137.88 14.97
CA ASN PG 114 -127.31 136.52 15.46
C ASN PG 114 -128.33 135.54 14.88
N ARG PG 115 -129.47 136.00 14.41
CA ARG PG 115 -130.52 135.12 13.91
C ARG PG 115 -131.00 135.63 12.57
N PHE PG 116 -130.99 134.77 11.55
CA PHE PG 116 -131.48 135.16 10.24
C PHE PG 116 -132.35 134.07 9.66
N ARG PG 117 -133.55 134.44 9.23
CA ARG PG 117 -134.45 133.55 8.51
C ARG PG 117 -134.95 134.28 7.28
N TYR PG 118 -134.83 133.63 6.11
CA TYR PG 118 -135.21 134.25 4.85
C TYR PG 118 -136.28 133.41 4.17
N GLU PG 119 -137.42 134.03 3.89
CA GLU PG 119 -138.53 133.45 3.16
C GLU PG 119 -139.08 134.52 2.23
N GLY PG 120 -139.86 134.10 1.24
CA GLY PG 120 -140.54 135.06 0.40
C GLY PG 120 -139.90 135.28 -0.95
N ALA PG 121 -138.94 134.42 -1.30
CA ALA PG 121 -138.31 134.35 -2.61
C ALA PG 121 -137.63 135.66 -3.01
N GLY PG 122 -136.56 136.00 -2.28
CA GLY PG 122 -135.81 137.20 -2.55
C GLY PG 122 -134.33 136.92 -2.70
N VAL PG 123 -133.60 137.99 -3.00
CA VAL PG 123 -132.16 137.93 -3.25
C VAL PG 123 -131.46 138.68 -2.12
N VAL PG 124 -130.54 138.00 -1.46
CA VAL PG 124 -129.72 138.59 -0.40
C VAL PG 124 -128.28 138.66 -0.90
N THR PG 125 -127.66 139.83 -0.74
CA THR PG 125 -126.27 140.01 -1.10
C THR PG 125 -125.54 140.68 0.05
N GLY PG 126 -124.44 140.09 0.50
CA GLY PG 126 -123.73 140.63 1.64
C GLY PG 126 -122.26 140.24 1.61
N ASN PG 127 -121.45 141.05 2.28
CA ASN PG 127 -120.02 140.79 2.37
C ASN PG 127 -119.48 141.47 3.62
N ASN PG 128 -118.29 141.01 4.03
CA ASN PG 128 -117.51 141.56 5.14
C ASN PG 128 -118.29 141.50 6.46
N LEU PG 129 -118.70 140.30 6.83
CA LEU PG 129 -119.39 140.05 8.09
C LEU PG 129 -118.56 139.09 8.92
N ARG PG 130 -118.36 139.43 10.19
CA ARG PG 130 -117.60 138.61 11.11
C ARG PG 130 -118.38 138.42 12.40
N THR PG 131 -118.31 137.21 12.95
CA THR PG 131 -119.15 136.82 14.06
C THR PG 131 -118.52 135.64 14.78
N SER PG 132 -119.01 135.37 15.98
CA SER PG 132 -118.69 134.11 16.65
C SER PG 132 -119.59 133.00 16.12
N TYR PG 133 -120.89 133.17 16.25
CA TYR PG 133 -121.86 132.20 15.74
C TYR PG 133 -123.18 132.91 15.50
N LEU PG 134 -123.77 132.70 14.33
CA LEU PG 134 -125.13 133.09 14.06
C LEU PG 134 -125.84 131.93 13.36
N ASP PG 135 -127.16 131.89 13.51
CA ASP PG 135 -127.96 130.82 12.94
C ASP PG 135 -128.68 131.31 11.69
N LEU PG 136 -128.72 130.44 10.69
CA LEU PG 136 -129.21 130.78 9.35
C LEU PG 136 -130.31 129.81 8.94
N TYR PG 137 -131.38 130.35 8.36
CA TYR PG 137 -132.48 129.56 7.84
C TYR PG 137 -132.88 130.14 6.49
N LEU PG 138 -132.97 129.27 5.48
CA LEU PG 138 -133.24 129.70 4.11
C LEU PG 138 -134.39 128.91 3.51
N ALA PG 139 -135.26 129.61 2.78
CA ALA PG 139 -136.39 128.96 2.15
C ALA PG 139 -136.77 129.70 0.87
N ASN PG 140 -137.59 129.01 0.05
CA ASN PG 140 -138.32 129.57 -1.09
C ASN PG 140 -137.39 130.12 -2.17
N GLU PG 141 -136.30 129.38 -2.43
CA GLU PG 141 -135.24 129.79 -3.37
C GLU PG 141 -134.68 131.15 -2.99
N GLY PG 142 -133.96 131.18 -1.87
CA GLY PG 142 -133.34 132.40 -1.40
C GLY PG 142 -132.00 132.64 -2.06
N THR PG 143 -131.95 133.58 -3.00
CA THR PG 143 -130.74 133.81 -3.77
C THR PG 143 -129.71 134.54 -2.91
N THR PG 144 -128.96 133.79 -2.10
CA THR PG 144 -128.10 134.37 -1.08
C THR PG 144 -126.64 134.25 -1.53
N ARG PG 145 -125.97 135.40 -1.63
CA ARG PG 145 -124.55 135.47 -1.94
C ARG PG 145 -123.85 136.19 -0.80
N LEU PG 146 -122.88 135.52 -0.18
CA LEU PG 146 -122.21 136.05 0.99
C LEU PG 146 -120.70 135.98 0.82
N ALA PG 147 -120.02 137.03 1.24
CA ALA PG 147 -118.56 137.12 1.17
C ALA PG 147 -118.02 137.72 2.46
N GLY PG 148 -118.45 137.17 3.60
CA GLY PG 148 -117.93 137.60 4.89
C GLY PG 148 -117.21 136.48 5.62
N ASN PG 149 -116.28 136.84 6.50
CA ASN PG 149 -115.52 135.85 7.28
C ASN PG 149 -116.40 135.42 8.45
N ILE PG 150 -117.24 134.42 8.21
CA ILE PG 150 -118.36 134.11 9.09
C ILE PG 150 -118.09 132.78 9.77
N GLY PG 151 -118.21 132.77 11.11
CA GLY PG 151 -118.22 131.54 11.87
C GLY PG 151 -119.65 131.18 12.24
N LEU PG 152 -120.00 129.91 12.04
CA LEU PG 152 -121.34 129.43 12.31
C LEU PG 152 -121.30 127.93 12.59
N GLN PG 153 -122.38 127.44 13.18
CA GLN PG 153 -122.53 126.04 13.53
C GLN PG 153 -123.79 125.42 12.96
N LYS PG 154 -124.90 126.16 12.94
CA LYS PG 154 -126.17 125.63 12.48
C LYS PG 154 -126.64 126.39 11.26
N LEU PG 155 -127.03 125.66 10.22
CA LEU PG 155 -127.61 126.22 9.01
C LEU PG 155 -128.69 125.28 8.54
N GLU PG 156 -129.89 125.81 8.31
CA GLU PG 156 -131.01 125.01 7.85
C GLU PG 156 -131.56 125.61 6.56
N ALA PG 157 -131.52 124.84 5.49
CA ALA PG 157 -132.10 125.22 4.21
C ALA PG 157 -133.19 124.22 3.86
N VAL PG 158 -134.31 124.73 3.35
CA VAL PG 158 -135.43 123.85 3.01
C VAL PG 158 -135.10 123.02 1.79
N GLY PG 159 -134.74 123.67 0.70
CA GLY PG 159 -134.51 123.00 -0.56
C GLY PG 159 -135.00 123.85 -1.71
N ASN PG 160 -134.67 123.39 -2.92
CA ASN PG 160 -134.94 124.10 -4.18
C ASN PG 160 -134.36 125.50 -4.17
N GLY PG 161 -133.15 125.62 -3.62
CA GLY PG 161 -132.52 126.91 -3.43
C GLY PG 161 -131.02 126.86 -3.58
N VAL PG 162 -130.44 127.86 -4.25
CA VAL PG 162 -129.00 127.91 -4.47
C VAL PG 162 -128.39 128.89 -3.48
N THR PG 163 -127.19 128.56 -3.01
CA THR PG 163 -126.47 129.41 -2.07
C THR PG 163 -124.97 129.28 -2.34
N GLN PG 164 -124.32 130.43 -2.48
CA GLN PG 164 -122.87 130.51 -2.65
C GLN PG 164 -122.30 131.30 -1.49
N ILE PG 165 -121.42 130.66 -0.72
CA ILE PG 165 -120.87 131.24 0.50
C ILE PG 165 -119.37 131.28 0.40
N ASN PG 166 -118.79 132.46 0.61
CA ASN PG 166 -117.34 132.67 0.54
C ASN PG 166 -116.84 132.98 1.95
N GLY PG 167 -116.11 132.03 2.53
CA GLY PG 167 -115.37 132.29 3.76
C GLY PG 167 -116.07 131.80 5.01
N VAL PG 168 -115.71 130.60 5.48
CA VAL PG 168 -116.22 130.05 6.72
C VAL PG 168 -115.04 129.51 7.51
N SER PG 169 -114.86 129.99 8.74
CA SER PG 169 -113.81 129.52 9.62
C SER PG 169 -114.46 129.18 10.96
N SER PG 170 -114.90 127.93 11.11
CA SER PG 170 -115.54 127.49 12.34
C SER PG 170 -114.99 126.13 12.73
N ARG PG 171 -114.97 125.88 14.03
CA ARG PG 171 -114.54 124.59 14.55
C ARG PG 171 -115.68 123.62 14.74
N ASN PG 172 -116.91 124.01 14.39
CA ASN PG 172 -118.04 123.12 14.55
C ASN PG 172 -119.12 123.52 13.54
N LEU PG 173 -119.81 122.52 13.02
CA LEU PG 173 -120.87 122.74 12.04
C LEU PG 173 -121.77 121.52 12.02
N GLN PG 174 -123.05 121.74 11.74
CA GLN PG 174 -124.02 120.66 11.63
C GLN PG 174 -125.15 121.09 10.72
N ILE PG 175 -125.31 120.40 9.59
CA ILE PG 175 -126.34 120.72 8.60
C ILE PG 175 -127.18 119.47 8.33
N VAL PG 176 -128.49 119.67 8.24
CA VAL PG 176 -129.38 118.67 7.66
C VAL PG 176 -130.26 119.38 6.63
N LEU PG 177 -130.75 118.62 5.66
CA LEU PG 177 -131.47 119.17 4.53
C LEU PG 177 -132.76 118.40 4.32
N LYS PG 178 -133.71 119.03 3.62
CA LYS PG 178 -135.06 118.52 3.56
C LYS PG 178 -135.53 118.33 2.12
N GLY PG 179 -135.09 119.20 1.20
CA GLY PG 179 -135.57 119.16 -0.17
C GLY PG 179 -134.49 118.88 -1.21
N ASP PG 180 -134.34 119.80 -2.16
CA ASP PG 180 -133.32 119.70 -3.20
C ASP PG 180 -132.50 120.99 -3.23
N PRO PG 181 -131.64 121.22 -2.24
CA PRO PG 181 -130.88 122.46 -2.20
C PRO PG 181 -129.52 122.34 -2.90
N LYS PG 182 -128.87 123.49 -3.05
CA LYS PG 182 -127.59 123.59 -3.71
C LYS PG 182 -126.74 124.56 -2.92
N VAL PG 183 -125.55 124.12 -2.49
CA VAL PG 183 -124.69 124.95 -1.66
C VAL PG 183 -123.24 124.80 -2.12
N LEU PG 184 -122.57 125.94 -2.29
CA LEU PG 184 -121.17 125.99 -2.68
C LEU PG 184 -120.47 126.86 -1.64
N ILE PG 185 -119.82 126.23 -0.67
CA ILE PG 185 -119.30 126.94 0.50
C ILE PG 185 -117.79 126.80 0.52
N SER PG 186 -117.11 127.93 0.71
CA SER PG 186 -115.65 127.98 0.78
C SER PG 186 -115.20 128.33 2.20
N GLY PG 187 -114.06 127.76 2.59
CA GLY PG 187 -113.49 128.05 3.90
C GLY PG 187 -112.86 126.84 4.58
N PHE PG 188 -112.96 126.79 5.90
CA PHE PG 188 -112.41 125.69 6.69
C PHE PG 188 -113.44 125.27 7.72
N VAL PG 189 -113.83 123.99 7.68
CA VAL PG 189 -114.96 123.49 8.45
C VAL PG 189 -114.54 122.22 9.17
N ASN PG 190 -114.80 122.17 10.49
CA ASN PG 190 -114.70 120.93 11.25
C ASN PG 190 -116.11 120.36 11.39
N LEU PG 191 -116.55 119.66 10.36
CA LEU PG 191 -117.89 119.09 10.33
C LEU PG 191 -117.97 117.87 11.23
N ARG PG 192 -119.19 117.52 11.64
CA ARG PG 192 -119.43 116.42 12.56
C ARG PG 192 -120.24 115.29 11.93
N GLN PG 193 -121.38 115.59 11.32
CA GLN PG 193 -122.30 114.53 10.88
C GLN PG 193 -123.20 115.09 9.79
N LEU PG 194 -123.41 114.31 8.73
CA LEU PG 194 -124.29 114.75 7.65
C LEU PG 194 -125.17 113.61 7.17
N ASP PG 195 -126.47 113.87 7.12
CA ASP PG 195 -127.45 112.95 6.58
C ASP PG 195 -128.29 113.66 5.53
N MET PG 196 -128.55 112.98 4.43
CA MET PG 196 -129.23 113.55 3.27
C MET PG 196 -130.41 112.68 2.90
N TYR PG 197 -131.57 113.32 2.71
CA TYR PG 197 -132.80 112.62 2.38
C TYR PG 197 -133.54 113.25 1.20
N GLY PG 198 -132.86 114.07 0.40
CA GLY PG 198 -133.49 114.68 -0.75
C GLY PG 198 -132.66 114.58 -2.01
N LYS PG 199 -132.42 115.72 -2.64
CA LYS PG 199 -131.64 115.82 -3.88
C LYS PG 199 -130.59 116.92 -3.75
N GLY PG 200 -129.82 116.85 -2.66
CA GLY PG 200 -128.91 117.94 -2.34
C GLY PG 200 -127.64 117.92 -3.17
N THR PG 201 -127.14 119.10 -3.48
CA THR PG 201 -125.84 119.30 -4.10
C THR PG 201 -124.99 120.17 -3.19
N LEU PG 202 -123.78 119.71 -2.88
CA LEU PG 202 -122.88 120.44 -2.00
C LEU PG 202 -121.48 120.44 -2.59
N SER PG 203 -120.75 121.52 -2.35
CA SER PG 203 -119.35 121.58 -2.77
C SER PG 203 -118.55 122.42 -1.78
N LEU PG 204 -117.52 121.81 -1.19
CA LEU PG 204 -116.68 122.45 -0.19
C LEU PG 204 -115.24 122.49 -0.65
N TYR PG 205 -114.54 123.57 -0.29
CA TYR PG 205 -113.14 123.70 -0.68
C TYR PG 205 -112.24 122.91 0.25
N TRP PG 206 -112.21 123.28 1.53
CA TRP PG 206 -111.34 122.65 2.50
C TRP PG 206 -112.13 122.33 3.75
N ILE PG 207 -111.94 121.13 4.28
CA ILE PG 207 -112.58 120.71 5.52
C ILE PG 207 -111.55 120.04 6.39
N LYS PG 208 -111.38 120.54 7.62
CA LYS PG 208 -110.41 120.03 8.57
C LYS PG 208 -111.18 119.49 9.77
N SER PG 209 -111.61 118.24 9.67
CA SER PG 209 -112.35 117.59 10.74
C SER PG 209 -111.68 116.26 11.06
N ASP PG 210 -112.29 115.50 11.96
CA ASP PG 210 -111.64 114.30 12.48
C ASP PG 210 -112.44 113.02 12.25
N THR PG 211 -113.75 113.06 12.47
CA THR PG 211 -114.60 111.89 12.30
C THR PG 211 -115.92 112.31 11.69
N LEU PG 212 -116.28 111.69 10.57
CA LEU PG 212 -117.48 112.05 9.83
C LEU PG 212 -118.38 110.84 9.64
N THR PG 213 -119.67 111.06 9.84
CA THR PG 213 -120.71 110.05 9.62
C THR PG 213 -121.66 110.60 8.58
N ILE PG 214 -121.67 109.97 7.40
CA ILE PG 214 -122.47 110.43 6.27
C ILE PG 214 -123.47 109.35 5.93
N ARG PG 215 -124.74 109.73 5.89
CA ARG PG 215 -125.80 108.82 5.45
C ARG PG 215 -126.57 109.46 4.31
N ALA PG 216 -126.87 108.68 3.27
CA ALA PG 216 -127.54 109.23 2.10
C ALA PG 216 -128.66 108.30 1.65
N LYS PG 217 -129.83 108.89 1.41
CA LYS PG 217 -131.02 108.15 1.01
C LYS PG 217 -131.27 108.20 -0.50
N LYS PG 218 -131.43 109.40 -1.06
CA LYS PG 218 -131.84 109.52 -2.45
C LYS PG 218 -130.79 110.15 -3.35
N ALA PG 219 -130.34 111.38 -3.07
CA ALA PG 219 -129.38 112.01 -3.97
C ALA PG 219 -128.57 113.04 -3.18
N ALA PG 220 -127.26 112.82 -3.08
CA ALA PG 220 -126.34 113.74 -2.43
C ALA PG 220 -125.12 113.88 -3.33
N LYS PG 221 -125.15 114.85 -4.22
CA LYS PG 221 -124.02 115.12 -5.11
C LYS PG 221 -123.07 116.05 -4.37
N ILE PG 222 -122.05 115.46 -3.75
CA ILE PG 222 -121.16 116.18 -2.86
C ILE PG 222 -119.76 116.17 -3.44
N GLN PG 223 -119.17 117.35 -3.54
CA GLN PG 223 -117.78 117.54 -3.93
C GLN PG 223 -117.00 117.95 -2.68
N LEU PG 224 -116.04 117.13 -2.29
CA LEU PG 224 -115.34 117.29 -1.03
C LEU PG 224 -113.83 117.25 -1.23
N ALA PG 225 -113.13 118.03 -0.42
CA ALA PG 225 -111.67 118.02 -0.39
C ALA PG 225 -111.23 118.44 1.00
N GLY PG 226 -110.49 117.58 1.68
CA GLY PG 226 -110.05 117.89 3.03
C GLY PG 226 -109.42 116.68 3.68
N ILE PG 227 -109.07 116.85 4.94
CA ILE PG 227 -108.39 115.82 5.73
C ILE PG 227 -109.27 115.47 6.92
N VAL PG 228 -109.90 114.30 6.86
CA VAL PG 228 -110.67 113.76 7.97
C VAL PG 228 -110.16 112.35 8.23
N ASN PG 229 -109.80 112.07 9.48
CA ASN PG 229 -109.10 110.82 9.78
C ASN PG 229 -110.03 109.62 9.75
N ARG PG 230 -111.27 109.77 10.20
CA ARG PG 230 -112.20 108.65 10.28
C ARG PG 230 -113.46 108.99 9.50
N LEU PG 231 -113.87 108.10 8.59
CA LEU PG 231 -115.02 108.36 7.76
C LEU PG 231 -115.89 107.11 7.64
N ASP PG 232 -117.18 107.27 7.90
CA ASP PG 232 -118.17 106.22 7.69
C ASP PG 232 -119.22 106.73 6.71
N VAL PG 233 -119.53 105.92 5.71
CA VAL PG 233 -120.46 106.28 4.65
C VAL PG 233 -121.50 105.19 4.51
N GLU PG 234 -122.77 105.56 4.54
CA GLU PG 234 -123.87 104.68 4.18
C GLU PG 234 -124.60 105.27 2.98
N LEU PG 235 -124.77 104.45 1.94
CA LEU PG 235 -125.50 104.85 0.74
C LEU PG 235 -126.65 103.88 0.52
N TRP PG 236 -127.86 104.42 0.30
CA TRP PG 236 -129.03 103.59 0.04
C TRP PG 236 -129.29 103.40 -1.46
N ASP PG 237 -129.56 104.49 -2.18
CA ASP PG 237 -129.86 104.39 -3.60
C ASP PG 237 -129.63 105.73 -4.27
N PHE PG 238 -129.04 105.68 -5.47
CA PHE PG 238 -128.84 106.83 -6.36
C PHE PG 238 -128.00 107.93 -5.72
N ALA PG 239 -127.12 107.54 -4.81
CA ALA PG 239 -126.25 108.47 -4.11
C ALA PG 239 -124.86 108.33 -4.68
N GLN PG 240 -124.30 109.47 -5.11
CA GLN PG 240 -122.99 109.50 -5.75
C GLN PG 240 -122.08 110.37 -4.89
N PHE PG 241 -121.17 109.71 -4.17
CA PHE PG 241 -120.27 110.40 -3.27
C PHE PG 241 -118.87 110.43 -3.86
N LYS PG 242 -118.22 111.60 -3.79
CA LYS PG 242 -116.86 111.79 -4.28
C LYS PG 242 -116.00 112.27 -3.13
N GLY PG 243 -115.19 111.38 -2.57
CA GLY PG 243 -114.14 111.76 -1.66
C GLY PG 243 -112.81 111.84 -2.39
N LYS PG 244 -112.91 111.98 -3.72
CA LYS PG 244 -111.75 112.30 -4.52
C LYS PG 244 -111.18 113.65 -4.10
N TYR PG 245 -109.85 113.76 -4.13
CA TYR PG 245 -109.07 114.89 -3.61
C TYR PG 245 -109.32 115.12 -2.11
N LEU PG 246 -109.71 114.07 -1.39
CA LEU PG 246 -109.97 114.15 0.04
C LEU PG 246 -109.34 112.91 0.66
N ARG PG 247 -108.25 113.12 1.42
CA ARG PG 247 -107.44 112.01 1.91
C ARG PG 247 -107.91 111.62 3.31
N ALA PG 248 -108.27 110.36 3.48
CA ALA PG 248 -108.76 109.83 4.74
C ALA PG 248 -107.95 108.60 5.12
N GLN PG 249 -107.52 108.55 6.38
CA GLN PG 249 -106.75 107.40 6.84
C GLN PG 249 -107.65 106.19 7.02
N ARG PG 250 -108.81 106.37 7.62
CA ARG PG 250 -109.73 105.30 7.94
C ARG PG 250 -111.03 105.54 7.18
N SER PG 251 -111.41 104.59 6.34
CA SER PG 251 -112.62 104.73 5.54
C SER PG 251 -113.45 103.45 5.64
N PHE PG 252 -114.76 103.63 5.78
CA PHE PG 252 -115.69 102.51 5.91
C PHE PG 252 -116.90 102.79 5.04
N VAL PG 253 -117.24 101.86 4.16
CA VAL PG 253 -118.26 102.06 3.13
C VAL PG 253 -119.30 100.95 3.26
N LYS PG 254 -120.57 101.34 3.38
CA LYS PG 254 -121.69 100.41 3.37
C LYS PG 254 -122.65 100.86 2.29
N THR PG 255 -122.81 100.02 1.25
CA THR PG 255 -123.48 100.44 0.02
C THR PG 255 -124.58 99.47 -0.36
N HIS PG 256 -125.77 100.04 -0.64
CA HIS PG 256 -126.90 99.29 -1.14
C HIS PG 256 -127.04 99.53 -2.65
N ASP PG 257 -128.19 99.13 -3.20
CA ASP PG 257 -128.39 99.08 -4.65
C ASP PG 257 -128.33 100.46 -5.28
N LYS PG 258 -127.64 100.53 -6.42
CA LYS PG 258 -127.45 101.74 -7.23
C LYS PG 258 -126.82 102.86 -6.40
N SER PG 259 -125.59 102.62 -5.99
CA SER PG 259 -124.80 103.61 -5.26
C SER PG 259 -123.43 103.73 -5.90
N VAL PG 260 -122.91 104.96 -5.89
CA VAL PG 260 -121.62 105.27 -6.50
C VAL PG 260 -120.73 105.86 -5.42
N ALA PG 261 -119.56 105.25 -5.22
CA ALA PG 261 -118.63 105.71 -4.21
C ALA PG 261 -117.26 105.92 -4.85
N GLU PG 262 -116.69 107.10 -4.67
CA GLU PG 262 -115.33 107.41 -5.08
C GLU PG 262 -114.53 107.68 -3.82
N ILE PG 263 -113.50 106.88 -3.58
CA ILE PG 263 -112.76 106.90 -2.32
C ILE PG 263 -111.30 107.21 -2.61
N SER PG 264 -110.66 107.87 -1.65
CA SER PG 264 -109.23 108.20 -1.70
C SER PG 264 -108.57 107.82 -0.39
N ALA PG 265 -108.79 106.58 0.05
CA ALA PG 265 -108.26 106.10 1.31
C ALA PG 265 -106.74 106.02 1.29
N VAL PG 266 -106.13 106.29 2.44
CA VAL PG 266 -104.69 106.38 2.58
C VAL PG 266 -104.13 105.22 3.39
N ASN PG 267 -104.72 104.92 4.53
CA ASN PG 267 -104.19 103.92 5.43
C ASN PG 267 -105.05 102.66 5.45
N HIS PG 268 -106.33 102.79 5.77
CA HIS PG 268 -107.19 101.61 5.94
C HIS PG 268 -108.51 101.84 5.23
N GLN PG 269 -108.90 100.87 4.41
CA GLN PG 269 -110.13 100.95 3.64
C GLN PG 269 -110.97 99.70 3.89
N SER PG 270 -112.24 99.92 4.20
CA SER PG 270 -113.21 98.84 4.33
C SER PG 270 -114.39 99.14 3.44
N SER PG 271 -114.80 98.15 2.66
CA SER PG 271 -115.92 98.35 1.75
C SER PG 271 -116.81 97.12 1.72
N LEU PG 272 -118.12 97.34 1.86
CA LEU PG 272 -119.11 96.30 1.67
C LEU PG 272 -120.22 96.85 0.79
N ALA PG 273 -120.54 96.12 -0.27
CA ALA PG 273 -121.64 96.46 -1.17
C ALA PG 273 -122.50 95.22 -1.36
N THR PG 274 -123.83 95.38 -1.29
CA THR PG 274 -124.63 94.17 -1.48
C THR PG 274 -124.80 93.84 -2.96
N ASP PG 275 -125.41 94.73 -3.71
CA ASP PG 275 -125.63 94.52 -5.13
C ASP PG 275 -125.79 95.86 -5.80
N ALA PG 276 -125.59 95.87 -7.13
CA ALA PG 276 -125.80 97.01 -8.01
C ALA PG 276 -125.00 98.25 -7.62
N SER PG 277 -123.90 98.07 -6.90
CA SER PG 277 -123.17 99.19 -6.30
C SER PG 277 -121.76 99.22 -6.85
N ASP PG 278 -121.23 100.43 -7.00
CA ASP PG 278 -119.90 100.64 -7.56
C ASP PG 278 -119.05 101.39 -6.57
N ILE PG 279 -117.87 100.83 -6.28
CA ILE PG 279 -116.87 101.43 -5.42
C ILE PG 279 -115.62 101.61 -6.26
N TYR PG 280 -115.02 102.79 -6.20
CA TYR PG 280 -113.80 103.07 -6.95
C TYR PG 280 -112.80 103.74 -6.02
N TYR PG 281 -111.68 103.08 -5.79
CA TYR PG 281 -110.61 103.62 -4.96
C TYR PG 281 -109.54 104.20 -5.87
N TYR PG 282 -109.14 105.44 -5.62
CA TYR PG 282 -108.16 106.12 -6.45
C TYR PG 282 -106.79 106.19 -5.80
N ASN PG 283 -106.60 105.50 -4.67
CA ASN PG 283 -105.30 105.41 -4.04
C ASN PG 283 -105.25 104.12 -3.24
N LEU PG 284 -104.14 103.41 -3.35
CA LEU PG 284 -103.99 102.15 -2.64
C LEU PG 284 -103.73 102.45 -1.17
N SER PG 285 -104.66 102.06 -0.31
CA SER PG 285 -104.42 102.16 1.12
C SER PG 285 -103.43 101.09 1.56
N LYS PG 286 -102.88 101.28 2.76
CA LYS PG 286 -101.96 100.30 3.30
C LYS PG 286 -102.66 99.00 3.67
N THR PG 287 -103.97 99.05 3.91
CA THR PG 287 -104.78 97.85 4.04
C THR PG 287 -106.10 98.08 3.33
N ARG PG 288 -106.51 97.10 2.53
CA ARG PG 288 -107.74 97.17 1.76
C ARG PG 288 -108.55 95.92 2.01
N ALA PG 289 -109.83 96.09 2.35
CA ALA PG 289 -110.76 94.97 2.48
C ALA PG 289 -112.03 95.29 1.73
N ASP PG 290 -112.42 94.40 0.83
CA ASP PG 290 -113.58 94.60 -0.03
C ASP PG 290 -114.46 93.37 0.00
N PHE PG 291 -115.77 93.58 0.05
CA PHE PG 291 -116.73 92.50 0.02
C PHE PG 291 -117.98 92.93 -0.73
N MET PG 292 -118.41 92.09 -1.67
CA MET PG 292 -119.66 92.28 -2.41
C MET PG 292 -120.53 91.04 -2.24
N ALA PG 293 -121.83 91.27 -2.02
CA ALA PG 293 -122.73 90.16 -1.72
C ALA PG 293 -123.32 89.54 -2.98
N PHE PG 294 -124.04 90.33 -3.78
CA PHE PG 294 -124.66 89.82 -5.00
C PHE PG 294 -124.05 90.42 -6.25
N ASN PG 295 -124.07 91.74 -6.38
CA ASN PG 295 -123.67 92.38 -7.63
C ASN PG 295 -122.79 93.60 -7.41
N GLY PG 296 -122.19 93.76 -6.24
CA GLY PG 296 -121.31 94.87 -6.01
C GLY PG 296 -119.99 94.73 -6.73
N SER PG 297 -119.35 95.87 -6.97
CA SER PG 297 -118.08 95.89 -7.67
C SER PG 297 -117.16 96.91 -7.02
N VAL PG 298 -115.90 96.54 -6.86
CA VAL PG 298 -114.88 97.42 -6.29
C VAL PG 298 -113.70 97.47 -7.25
N LEU PG 299 -113.36 98.67 -7.72
CA LEU PG 299 -112.38 98.82 -8.79
C LEU PG 299 -111.43 99.97 -8.48
N ASP PG 300 -110.26 99.90 -9.12
CA ASP PG 300 -109.27 100.95 -8.99
C ASP PG 300 -109.53 102.07 -9.99
N MET PG 301 -109.56 101.72 -11.28
CA MET PG 301 -109.51 102.61 -12.45
C MET PG 301 -108.56 103.80 -12.24
N ARG PG 302 -107.30 103.46 -12.01
CA ARG PG 302 -106.22 104.43 -12.10
C ARG PG 302 -105.87 104.66 -13.57
N GLU PG 303 -104.90 105.55 -13.81
CA GLU PG 303 -104.61 105.99 -15.17
C GLU PG 303 -103.87 104.94 -16.00
N TRP PG 304 -103.16 104.01 -15.35
CA TRP PG 304 -102.29 102.98 -15.97
C TRP PG 304 -101.18 103.57 -16.82
N GLY PG 305 -100.88 104.86 -16.68
CA GLY PG 305 -99.85 105.50 -17.46
C GLY PG 305 -99.00 106.36 -16.56
N GLN PG 306 -99.11 106.10 -15.26
CA GLN PG 306 -98.33 106.82 -14.27
C GLN PG 306 -96.87 106.39 -14.36
N SER PG 307 -95.97 107.37 -14.40
CA SER PG 307 -94.54 107.07 -14.38
C SER PG 307 -94.02 106.75 -12.98
N ASP PG 308 -94.81 107.03 -11.94
CA ASP PG 308 -94.37 106.94 -10.55
C ASP PG 308 -95.39 106.19 -9.71
N LEU PG 309 -95.82 105.03 -10.18
CA LEU PG 309 -96.82 104.23 -9.47
C LEU PG 309 -96.20 102.97 -8.90
N LYS PG 310 -96.69 102.56 -7.75
CA LYS PG 310 -96.23 101.36 -7.06
C LYS PG 310 -97.34 100.31 -7.05
N ASP PG 311 -96.95 99.05 -7.18
CA ASP PG 311 -97.89 97.94 -7.18
C ASP PG 311 -98.15 97.50 -5.74
N PHE PG 312 -98.93 96.43 -5.59
CA PHE PG 312 -99.22 95.90 -4.28
C PHE PG 312 -98.00 95.21 -3.69
N ASP PG 313 -97.97 95.18 -2.37
CA ASP PG 313 -96.98 94.43 -1.64
C ASP PG 313 -97.61 93.13 -1.17
N ARG PG 314 -96.90 92.40 -0.31
CA ARG PG 314 -97.45 91.20 0.31
C ARG PG 314 -98.64 91.55 1.19
N TYR PG 315 -98.57 92.69 1.87
CA TYR PG 315 -99.61 93.12 2.78
C TYR PG 315 -100.84 93.66 2.06
N ASN PG 316 -100.70 94.04 0.79
CA ASN PG 316 -101.77 94.72 0.08
C ASN PG 316 -102.37 93.90 -1.05
N LYS PG 317 -101.80 92.74 -1.36
CA LYS PG 317 -102.29 91.92 -2.47
C LYS PG 317 -103.56 91.19 -2.02
N GLN PG 318 -104.67 91.91 -2.09
CA GLN PG 318 -105.99 91.35 -1.84
C GLN PG 318 -106.77 91.31 -3.13
N PHE PG 319 -107.59 90.28 -3.28
CA PHE PG 319 -108.19 89.97 -4.56
C PHE PG 319 -109.69 89.78 -4.41
N PRO PG 320 -110.47 90.15 -5.43
CA PRO PG 320 -111.92 89.93 -5.38
C PRO PG 320 -112.26 88.46 -5.58
N ASP QG 39 -99.28 50.05 -22.80
CA ASP QG 39 -98.95 49.65 -24.16
C ASP QG 39 -99.88 50.31 -25.17
N GLY QG 40 -101.10 50.61 -24.73
CA GLY QG 40 -102.04 51.29 -25.58
C GLY QG 40 -101.82 52.79 -25.56
N CYS QG 41 -101.11 53.31 -26.55
CA CYS QG 41 -100.73 54.71 -26.57
C CYS QG 41 -101.67 55.58 -27.40
N CYS QG 42 -101.96 55.17 -28.63
CA CYS QG 42 -102.94 55.89 -29.45
C CYS QG 42 -104.34 55.30 -29.30
N SER QG 43 -104.77 55.14 -28.06
CA SER QG 43 -106.09 54.59 -27.79
C SER QG 43 -107.18 55.59 -28.12
N LYS QG 44 -108.32 55.06 -28.59
CA LYS QG 44 -109.48 55.83 -29.09
C LYS QG 44 -109.05 56.79 -30.19
N MET QG 45 -108.13 56.36 -31.03
CA MET QG 45 -107.60 57.17 -32.10
C MET QG 45 -107.45 56.29 -33.33
N GLY QG 46 -106.76 56.80 -34.34
CA GLY QG 46 -106.57 56.03 -35.56
C GLY QG 46 -105.50 54.98 -35.48
N GLY QG 47 -104.80 54.88 -34.37
CA GLY QG 47 -103.71 53.94 -34.21
C GLY QG 47 -102.36 54.62 -34.25
N ILE QG 48 -101.35 53.86 -33.85
CA ILE QG 48 -99.99 54.36 -33.84
C ILE QG 48 -99.45 54.36 -35.27
N ASN QG 49 -98.92 55.51 -35.71
CA ASN QG 49 -98.41 55.58 -37.06
C ASN QG 49 -96.92 55.28 -37.13
N TYR QG 50 -96.10 56.12 -36.49
CA TYR QG 50 -94.65 55.98 -36.53
C TYR QG 50 -94.06 56.85 -35.43
N CYS QG 51 -92.78 56.65 -35.16
CA CYS QG 51 -92.09 57.39 -34.12
C CYS QG 51 -91.20 58.44 -34.76
N ASP QG 52 -91.45 59.71 -34.44
CA ASP QG 52 -90.55 60.78 -34.83
C ASP QG 52 -89.40 60.79 -33.82
N SER QG 53 -88.24 60.31 -34.26
CA SER QG 53 -87.10 60.21 -33.37
C SER QG 53 -86.39 61.54 -33.14
N SER QG 54 -86.67 62.54 -33.98
CA SER QG 54 -86.12 63.87 -33.74
C SER QG 54 -86.69 64.47 -32.47
N ALA QG 55 -87.99 64.29 -32.24
CA ALA QG 55 -88.59 64.64 -30.97
C ALA QG 55 -88.68 63.47 -30.01
N GLY QG 56 -88.44 62.25 -30.51
CA GLY QG 56 -88.57 61.07 -29.68
C GLY QG 56 -89.98 60.78 -29.23
N ARG QG 57 -90.95 61.04 -30.09
CA ARG QG 57 -92.36 60.93 -29.73
C ARG QG 57 -93.12 60.07 -30.74
N LEU QG 58 -94.05 59.28 -30.24
CA LEU QG 58 -94.93 58.51 -31.10
C LEU QG 58 -95.95 59.44 -31.75
N VAL QG 59 -96.41 59.04 -32.95
CA VAL QG 59 -97.38 59.81 -33.71
C VAL QG 59 -98.60 58.93 -33.92
N CYS QG 60 -99.76 59.44 -33.56
CA CYS QG 60 -100.99 58.73 -33.87
C CYS QG 60 -101.40 59.01 -35.31
N ASN QG 61 -102.39 58.27 -35.79
CA ASN QG 61 -102.87 58.45 -37.15
C ASN QG 61 -103.58 59.79 -37.31
N ASN QG 62 -104.37 60.17 -36.32
CA ASN QG 62 -104.77 61.56 -36.21
C ASN QG 62 -103.56 62.40 -35.86
N GLY QG 63 -103.52 63.63 -36.36
CA GLY QG 63 -102.32 64.44 -36.28
C GLY QG 63 -101.96 64.99 -34.92
N PHE QG 64 -101.79 64.12 -33.93
CA PHE QG 64 -101.47 64.54 -32.58
C PHE QG 64 -100.37 63.65 -32.03
N TYR QG 65 -99.44 64.25 -31.31
CA TYR QG 65 -98.38 63.50 -30.67
C TYR QG 65 -98.94 62.69 -29.51
N SER QG 66 -98.62 61.40 -29.47
CA SER QG 66 -99.04 60.56 -28.37
C SER QG 66 -98.28 60.90 -27.10
N THR QG 67 -98.82 60.44 -25.97
CA THR QG 67 -98.17 60.68 -24.70
C THR QG 67 -96.93 59.81 -24.51
N CYS QG 68 -96.86 58.67 -25.20
CA CYS QG 68 -95.76 57.74 -24.97
C CYS QG 68 -94.49 58.22 -25.65
N TYR QG 69 -93.36 57.81 -25.07
CA TYR QG 69 -92.05 58.04 -25.63
C TYR QG 69 -91.65 56.84 -26.49
N CYS QG 70 -90.77 57.07 -27.47
CA CYS QG 70 -90.22 55.97 -28.23
C CYS QG 70 -88.71 55.88 -28.19
N THR QG 71 -88.00 56.98 -28.02
CA THR QG 71 -86.55 56.95 -28.02
C THR QG 71 -86.02 57.25 -26.62
N ARG QG 72 -84.81 56.74 -26.38
CA ARG QG 72 -84.08 57.10 -25.17
C ARG QG 72 -83.76 58.59 -25.15
N HIS QG 73 -83.39 59.13 -26.30
CA HIS QG 73 -83.16 60.57 -26.43
C HIS QG 73 -84.51 61.24 -26.59
N ALA QG 74 -85.09 61.66 -25.47
CA ALA QG 74 -86.34 62.40 -25.47
C ALA QG 74 -86.36 63.31 -24.25
N VAL QG 75 -87.13 64.38 -24.33
CA VAL QG 75 -87.22 65.31 -23.22
C VAL QG 75 -88.18 64.73 -22.20
N MET QG 76 -87.65 63.91 -21.29
CA MET QG 76 -88.43 63.33 -20.21
C MET QG 76 -87.81 63.79 -18.91
N ASP QG 77 -88.59 64.51 -18.10
CA ASP QG 77 -88.05 65.04 -16.86
C ASP QG 77 -88.06 63.97 -15.78
N LEU QG 78 -87.10 64.06 -14.87
CA LEU QG 78 -86.99 63.11 -13.78
C LEU QG 78 -86.28 63.78 -12.61
N GLN QG 79 -86.66 63.37 -11.43
CA GLN QG 79 -86.09 63.91 -10.20
C GLN QG 79 -85.56 62.84 -9.26
N PHE QG 80 -86.24 61.71 -9.16
CA PHE QG 80 -85.78 60.63 -8.31
C PHE QG 80 -84.74 59.78 -9.04
N LEU QG 81 -83.74 59.33 -8.29
CA LEU QG 81 -82.69 58.51 -8.88
C LEU QG 81 -82.05 57.67 -7.79
N MET QG 82 -81.66 56.46 -8.16
CA MET QG 82 -81.00 55.54 -7.25
C MET QG 82 -79.50 55.51 -7.56
N GLY QG 83 -78.79 54.60 -6.92
CA GLY QG 83 -77.38 54.41 -7.19
C GLY QG 83 -76.51 54.76 -5.99
N CYS QG 84 -75.28 54.25 -6.03
CA CYS QG 84 -74.31 54.44 -4.96
C CYS QG 84 -73.13 55.27 -5.47
N CYS QG 85 -72.50 55.98 -4.53
CA CYS QG 85 -71.50 57.02 -4.80
C CYS QG 85 -72.05 58.08 -5.75
N LEU QG 86 -73.34 58.35 -5.60
CA LEU QG 86 -74.04 59.27 -6.49
C LEU QG 86 -73.66 60.70 -6.16
N TRP QG 87 -73.67 61.54 -7.20
CA TRP QG 87 -73.28 62.94 -7.14
C TRP QG 87 -71.87 63.09 -6.57
N HIS QG 88 -71.01 62.18 -6.99
CA HIS QG 88 -69.62 62.11 -6.58
C HIS QG 88 -68.84 61.52 -7.75
N GLY QG 89 -67.65 61.02 -7.47
CA GLY QG 89 -66.81 60.44 -8.51
C GLY QG 89 -67.29 59.12 -9.07
N GLY QG 90 -68.35 58.54 -8.52
CA GLY QG 90 -68.78 57.23 -8.94
C GLY QG 90 -68.09 56.16 -8.13
N VAL QG 91 -68.44 54.92 -8.41
CA VAL QG 91 -67.87 53.79 -7.69
C VAL QG 91 -66.44 53.56 -8.17
N TYR QG 92 -65.55 53.31 -7.23
CA TYR QG 92 -64.17 53.03 -7.57
C TYR QG 92 -64.08 51.65 -8.23
N PRO QG 93 -63.22 51.49 -9.24
CA PRO QG 93 -63.12 50.18 -9.92
C PRO QG 93 -62.55 49.07 -9.07
N GLN QG 94 -61.87 49.37 -7.97
CA GLN QG 94 -61.31 48.31 -7.14
C GLN QG 94 -62.40 47.58 -6.36
N LEU QG 95 -62.21 46.27 -6.21
CA LEU QG 95 -62.97 45.52 -5.24
C LEU QG 95 -62.30 45.65 -3.88
N ASN QG 96 -63.06 45.34 -2.83
CA ASN QG 96 -62.56 45.47 -1.47
C ASN QG 96 -62.70 44.15 -0.72
N SER QG 97 -61.72 43.89 0.15
CA SER QG 97 -61.82 42.74 1.04
C SER QG 97 -62.96 42.90 2.02
N SER QG 98 -63.13 44.11 2.56
CA SER QG 98 -64.26 44.42 3.42
C SER QG 98 -65.41 44.96 2.57
N GLY QG 99 -66.46 45.40 3.22
CA GLY QG 99 -67.57 46.03 2.54
C GLY QG 99 -67.43 47.51 2.34
N LEU QG 100 -66.28 48.08 2.71
CA LEU QG 100 -66.10 49.53 2.59
C LEU QG 100 -65.87 49.90 1.12
N VAL QG 101 -66.62 50.91 0.66
CA VAL QG 101 -66.52 51.39 -0.70
C VAL QG 101 -66.33 52.90 -0.65
N VAL QG 102 -65.28 53.38 -1.34
CA VAL QG 102 -64.92 54.79 -1.36
C VAL QG 102 -65.02 55.27 -2.80
N CYS QG 103 -65.68 56.41 -3.00
CA CYS QG 103 -65.89 56.93 -4.34
C CYS QG 103 -64.58 57.46 -4.93
N ASN QG 104 -64.64 57.81 -6.22
CA ASN QG 104 -63.47 58.22 -6.96
C ASN QG 104 -62.93 59.59 -6.56
N ASP QG 105 -63.68 60.36 -5.77
CA ASP QG 105 -63.19 61.62 -5.25
C ASP QG 105 -62.48 61.46 -3.92
N GLY QG 106 -62.33 60.23 -3.43
CA GLY QG 106 -61.76 59.98 -2.13
C GLY QG 106 -62.76 59.93 -1.00
N TYR QG 107 -64.03 60.20 -1.27
CA TYR QG 107 -65.08 60.13 -0.26
C TYR QG 107 -65.66 58.72 -0.20
N VAL QG 108 -66.04 58.32 1.01
CA VAL QG 108 -66.51 56.95 1.26
C VAL QG 108 -67.95 57.01 1.73
N SER QG 109 -68.81 56.23 1.08
CA SER QG 109 -70.24 56.22 1.37
C SER QG 109 -70.55 55.09 2.35
N GLU QG 110 -70.91 55.47 3.58
CA GLU QG 110 -71.22 54.48 4.61
C GLU QG 110 -72.52 53.76 4.31
N GLU QG 111 -73.49 54.45 3.72
CA GLU QG 111 -74.76 53.82 3.37
C GLU QG 111 -74.57 52.85 2.21
N CYS QG 112 -73.59 53.09 1.35
CA CYS QG 112 -73.25 52.11 0.33
C CYS QG 112 -72.45 50.95 0.92
N SER QG 113 -71.63 51.22 1.93
CA SER QG 113 -70.94 50.14 2.62
C SER QG 113 -71.91 49.38 3.52
N LEU QG 114 -71.47 48.20 3.97
CA LEU QG 114 -72.29 47.43 4.90
C LEU QG 114 -72.02 47.91 6.33
N GLN QG 115 -72.64 47.22 7.29
CA GLN QG 115 -72.64 47.67 8.67
C GLN QG 115 -72.44 46.48 9.61
N LYS QG 116 -71.98 46.79 10.81
CA LYS QG 116 -71.88 45.83 11.91
C LYS QG 116 -71.87 46.55 13.25
N UNK RG 1 -98.92 84.05 -28.05
CA UNK RG 1 -99.09 85.16 -28.99
C UNK RG 1 -100.51 85.73 -28.90
N UNK RG 2 -101.35 85.02 -28.15
CA UNK RG 2 -102.70 85.41 -27.71
C UNK RG 2 -103.74 85.51 -28.82
N UNK RG 3 -103.38 85.29 -30.08
CA UNK RG 3 -104.38 85.30 -31.15
C UNK RG 3 -103.91 84.32 -32.23
N UNK RG 4 -104.35 83.07 -32.12
CA UNK RG 4 -103.91 82.06 -33.07
C UNK RG 4 -104.62 82.19 -34.41
N UNK RG 5 -105.91 82.52 -34.41
CA UNK RG 5 -106.66 82.69 -35.65
C UNK RG 5 -106.21 84.01 -36.28
N UNK RG 6 -105.12 83.93 -37.04
CA UNK RG 6 -104.53 85.12 -37.62
C UNK RG 6 -105.42 85.67 -38.74
N UNK RG 7 -105.71 86.96 -38.67
CA UNK RG 7 -106.63 87.61 -39.59
C UNK RG 7 -105.85 88.31 -40.69
N UNK RG 8 -106.18 88.02 -41.93
CA UNK RG 8 -105.55 88.67 -43.08
C UNK RG 8 -106.32 89.96 -43.37
N UNK RG 9 -105.67 91.10 -43.11
CA UNK RG 9 -106.19 92.45 -43.34
C UNK RG 9 -107.53 92.72 -42.67
N UNK SG 1 17.32 105.45 46.89
CA UNK SG 1 17.58 104.48 45.83
C UNK SG 1 17.63 105.18 44.47
N UNK SG 2 16.54 105.06 43.72
CA UNK SG 2 16.47 105.66 42.39
C UNK SG 2 16.27 107.17 42.48
N UNK SG 3 16.38 107.83 41.32
CA UNK SG 3 16.24 109.27 41.22
C UNK SG 3 14.87 109.58 40.62
N UNK SG 4 13.87 109.78 41.49
CA UNK SG 4 12.50 110.01 41.01
C UNK SG 4 12.34 111.39 40.40
N UNK SG 5 12.88 112.42 41.05
CA UNK SG 5 12.76 113.78 40.53
C UNK SG 5 13.57 113.96 39.25
N UNK SG 6 14.77 113.39 39.20
CA UNK SG 6 15.56 113.42 37.97
C UNK SG 6 14.92 112.61 36.86
N UNK SG 7 14.24 111.50 37.21
CA UNK SG 7 13.53 110.71 36.22
C UNK SG 7 12.34 111.49 35.64
N UNK SG 8 11.61 112.19 36.50
CA UNK SG 8 10.50 113.02 36.02
C UNK SG 8 10.97 114.18 35.17
N UNK SG 9 12.09 114.82 35.57
CA UNK SG 9 12.65 115.92 34.78
C UNK SG 9 13.18 115.43 33.45
N UNK SG 10 13.82 114.25 33.42
CA UNK SG 10 14.29 113.68 32.16
C UNK SG 10 13.13 113.24 31.28
N UNK SG 11 12.03 112.77 31.87
CA UNK SG 11 10.84 112.44 31.10
C UNK SG 11 10.22 113.69 30.47
N UNK SG 12 10.17 114.79 31.22
CA UNK SG 12 9.68 116.04 30.65
C UNK SG 12 10.63 116.58 29.57
N UNK SG 13 11.94 116.40 29.75
CA UNK SG 13 12.91 116.82 28.74
C UNK SG 13 12.80 115.98 27.48
N UNK SG 14 12.50 114.69 27.63
CA UNK SG 14 12.26 113.85 26.46
C UNK SG 14 10.94 114.20 25.79
N UNK SG 15 9.94 114.63 26.57
CA UNK SG 15 8.68 115.07 25.99
C UNK SG 15 8.86 116.37 25.21
N UNK SG 16 9.61 117.31 25.75
CA UNK SG 16 9.84 118.61 25.12
C UNK SG 16 11.31 118.70 24.73
N UNK SG 17 11.61 118.25 23.50
CA UNK SG 17 12.98 118.31 22.98
C UNK SG 17 13.23 119.54 22.12
N UNK SG 18 12.17 120.12 21.54
CA UNK SG 18 12.22 121.33 20.71
C UNK SG 18 13.14 121.17 19.51
N UNK SG 19 13.18 119.96 18.95
CA UNK SG 19 14.00 119.69 17.77
C UNK SG 19 13.34 118.52 17.03
N UNK SG 20 12.62 118.84 15.95
CA UNK SG 20 11.93 117.81 15.17
C UNK SG 20 11.86 118.28 13.73
N UNK SG 21 12.51 117.53 12.84
CA UNK SG 21 12.55 117.85 11.42
C UNK SG 21 11.99 116.67 10.63
N UNK SG 22 11.46 116.96 9.45
CA UNK SG 22 10.85 115.96 8.62
C UNK SG 22 11.31 116.10 7.17
N UNK SG 23 11.24 115.00 6.45
CA UNK SG 23 11.60 114.94 5.04
C UNK SG 23 10.48 114.27 4.26
N UNK SG 24 10.58 114.34 2.93
CA UNK SG 24 9.61 113.69 2.07
C UNK SG 24 10.27 113.36 0.75
N UNK SG 25 9.80 112.30 0.11
CA UNK SG 25 10.34 111.82 -1.15
C UNK SG 25 9.22 111.75 -2.17
N UNK SG 26 9.59 111.38 -3.39
CA UNK SG 26 8.65 111.18 -4.48
C UNK SG 26 8.92 109.85 -5.15
N UNK SG 27 8.02 109.46 -6.05
CA UNK SG 27 8.21 108.23 -6.81
C UNK SG 27 9.27 108.40 -7.89
N UNK SG 28 9.56 109.62 -8.31
CA UNK SG 28 10.53 109.89 -9.35
C UNK SG 28 11.89 110.32 -8.79
N UNK SG 29 12.26 109.77 -7.63
CA UNK SG 29 13.55 110.00 -6.96
C UNK SG 29 13.79 111.48 -6.67
N UNK SG 30 12.75 112.18 -6.24
CA UNK SG 30 12.84 113.57 -5.84
C UNK SG 30 12.73 113.67 -4.32
N UNK SG 31 13.39 114.65 -3.74
CA UNK SG 31 13.42 114.80 -2.29
C UNK SG 31 13.16 116.26 -1.90
N UNK SG 32 12.56 116.43 -0.72
CA UNK SG 32 12.35 117.76 -0.15
C UNK SG 32 12.22 117.62 1.37
N UNK SG 33 13.10 118.29 2.10
CA UNK SG 33 13.09 118.26 3.56
C UNK SG 33 12.61 119.59 4.09
N UNK SG 34 11.67 119.55 5.04
CA UNK SG 34 11.09 120.77 5.57
C UNK SG 34 11.95 121.34 6.69
N UNK SG 35 11.60 122.55 7.11
CA UNK SG 35 12.23 123.16 8.26
C UNK SG 35 11.72 122.51 9.54
N UNK SG 36 12.45 122.74 10.63
CA UNK SG 36 12.13 122.14 11.91
C UNK SG 36 10.88 122.76 12.51
N UNK SG 37 9.95 121.93 12.96
CA UNK SG 37 8.70 122.37 13.56
C UNK SG 37 8.27 121.36 14.62
N UNK SG 38 7.38 121.81 15.50
CA UNK SG 38 6.76 121.01 16.58
C UNK SG 38 7.77 120.33 17.50
N UNK SG 39 5.50 106.39 -0.73
CA UNK SG 39 6.43 107.08 -1.63
C UNK SG 39 6.48 108.58 -1.32
N UNK SG 40 5.32 109.14 -0.96
CA UNK SG 40 5.26 110.57 -0.72
C UNK SG 40 5.91 110.96 0.61
N UNK SG 41 5.67 110.17 1.65
CA UNK SG 41 6.16 110.50 2.99
C UNK SG 41 6.66 109.23 3.66
N UNK SG 42 7.97 109.16 3.91
CA UNK SG 42 8.53 108.05 4.64
C UNK SG 42 8.19 108.16 6.12
N UNK SG 43 7.91 107.02 6.75
CA UNK SG 43 7.63 107.00 8.17
C UNK SG 43 8.87 107.24 9.02
N UNK SG 44 10.05 107.04 8.45
CA UNK SG 44 11.29 107.23 9.18
C UNK SG 44 11.90 108.61 8.97
N UNK SG 45 11.20 109.51 8.27
CA UNK SG 45 11.77 110.80 7.90
C UNK SG 45 11.91 111.77 9.06
N UNK SG 46 11.32 111.48 10.21
CA UNK SG 46 11.42 112.35 11.37
C UNK SG 46 12.80 112.22 12.02
N UNK SG 47 13.38 113.36 12.40
CA UNK SG 47 14.70 113.40 13.01
C UNK SG 47 14.69 114.43 14.13
N UNK SG 48 15.61 114.25 15.08
CA UNK SG 48 15.72 115.16 16.22
C UNK SG 48 16.99 116.02 16.13
N LYS TG 24 -119.58 73.59 -6.53
CA LYS TG 24 -120.00 72.55 -5.60
C LYS TG 24 -118.83 72.12 -4.71
N PHE TG 25 -117.62 72.19 -5.26
CA PHE TG 25 -116.42 71.82 -4.53
C PHE TG 25 -115.31 72.79 -4.89
N LYS TG 26 -114.82 73.53 -3.90
CA LYS TG 26 -113.66 74.39 -4.07
C LYS TG 26 -112.45 73.68 -3.48
N LYS TG 27 -111.44 73.55 -4.25
CA LYS TG 27 -110.34 72.73 -3.81
C LYS TG 27 -109.35 73.53 -2.96
N PRO TG 28 -108.63 72.88 -2.06
CA PRO TG 28 -107.56 73.55 -1.34
C PRO TG 28 -106.34 73.75 -2.24
N PRO TG 29 -105.34 74.49 -1.77
CA PRO TG 29 -104.05 74.48 -2.48
C PRO TG 29 -103.46 73.07 -2.52
N ILE TG 30 -103.08 72.65 -3.71
CA ILE TG 30 -102.56 71.29 -3.90
C ILE TG 30 -101.20 71.15 -3.23
N ASN TG 31 -100.31 72.11 -3.47
CA ASN TG 31 -99.03 72.14 -2.77
C ASN TG 31 -99.10 73.04 -1.55
N ASN TG 32 -100.07 72.78 -0.70
CA ASN TG 32 -100.24 73.61 0.48
C ASN TG 32 -99.19 73.27 1.53
N PRO TG 33 -98.60 74.26 2.17
CA PRO TG 33 -97.75 74.00 3.34
C PRO TG 33 -98.64 73.67 4.54
N SER TG 34 -99.06 72.41 4.62
CA SER TG 34 -99.95 71.96 5.68
C SER TG 34 -99.19 71.41 6.88
N ASP TG 35 -97.99 71.92 7.12
CA ASP TG 35 -97.17 71.46 8.24
C ASP TG 35 -96.42 72.66 8.80
N ASP TG 36 -96.13 72.57 10.11
CA ASP TG 36 -95.44 73.65 10.82
C ASP TG 36 -94.02 73.85 10.28
N ALA TG 37 -93.34 72.75 9.98
CA ALA TG 37 -92.00 72.86 9.40
C ALA TG 37 -92.07 73.47 8.00
N THR TG 38 -93.11 73.12 7.23
CA THR TG 38 -93.25 73.68 5.89
C THR TG 38 -93.52 75.18 5.93
N ILE TG 39 -94.40 75.62 6.85
CA ILE TG 39 -94.68 77.05 6.89
C ILE TG 39 -93.49 77.82 7.47
N LYS TG 40 -92.74 77.20 8.39
CA LYS TG 40 -91.54 77.86 8.90
C LYS TG 40 -90.47 77.98 7.81
N LEU TG 41 -90.32 76.93 7.00
CA LEU TG 41 -89.42 76.99 5.86
C LEU TG 41 -89.85 78.05 4.86
N ALA TG 42 -91.15 78.17 4.63
CA ALA TG 42 -91.65 79.15 3.68
C ALA TG 42 -91.41 80.58 4.15
N GLU TG 43 -91.68 80.86 5.44
CA GLU TG 43 -91.44 82.22 5.92
C GLU TG 43 -89.95 82.51 6.00
N ALA TG 44 -89.13 81.50 6.28
CA ALA TG 44 -87.67 81.68 6.21
C ALA TG 44 -87.23 82.00 4.80
N ALA TG 45 -87.87 81.36 3.81
CA ALA TG 45 -87.57 81.65 2.41
C ALA TG 45 -87.94 83.07 2.04
N VAL TG 46 -89.09 83.53 2.53
CA VAL TG 46 -89.52 84.90 2.30
C VAL TG 46 -88.53 85.89 2.92
N SER TG 47 -88.09 85.59 4.14
CA SER TG 47 -87.15 86.46 4.83
C SER TG 47 -85.80 86.53 4.12
N VAL TG 48 -85.28 85.38 3.68
CA VAL TG 48 -83.97 85.39 3.04
C VAL TG 48 -84.07 85.99 1.63
N SER TG 49 -85.23 85.86 0.99
CA SER TG 49 -85.42 86.50 -0.31
C SER TG 49 -85.44 88.01 -0.18
N ASP TG 50 -86.14 88.52 0.84
CA ASP TG 50 -86.16 89.96 1.09
C ASP TG 50 -84.78 90.47 1.47
N SER TG 51 -84.05 89.69 2.28
CA SER TG 51 -82.71 90.09 2.70
C SER TG 51 -81.76 90.15 1.52
N MET TG 52 -81.80 89.14 0.64
CA MET TG 52 -80.93 89.15 -0.53
C MET TG 52 -81.33 90.24 -1.51
N LEU TG 53 -82.63 90.51 -1.61
CA LEU TG 53 -83.12 91.57 -2.49
C LEU TG 53 -82.61 92.93 -2.04
N GLU TG 54 -82.70 93.21 -0.74
CA GLU TG 54 -82.21 94.47 -0.23
C GLU TG 54 -80.69 94.55 -0.25
N MET TG 55 -80.02 93.41 -0.07
CA MET TG 55 -78.58 93.34 -0.17
C MET TG 55 -78.11 93.73 -1.57
N ALA TG 56 -78.78 93.19 -2.59
CA ALA TG 56 -78.45 93.52 -3.96
C ALA TG 56 -78.84 94.96 -4.30
N LYS TG 57 -79.95 95.45 -3.72
CA LYS TG 57 -80.35 96.84 -3.93
C LYS TG 57 -79.32 97.81 -3.39
N VAL TG 58 -78.77 97.50 -2.22
CA VAL TG 58 -77.73 98.36 -1.65
C VAL TG 58 -76.45 98.25 -2.46
N GLU TG 59 -76.01 97.04 -2.77
CA GLU TG 59 -74.68 96.87 -3.33
C GLU TG 59 -74.62 97.14 -4.82
N LYS TG 60 -75.76 97.23 -5.51
CA LYS TG 60 -75.72 97.47 -6.94
C LYS TG 60 -75.49 98.95 -7.24
N VAL TG 61 -74.80 99.20 -8.35
CA VAL TG 61 -74.46 100.54 -8.79
C VAL TG 61 -75.09 100.77 -10.16
N ILE TG 62 -75.85 101.86 -10.29
CA ILE TG 62 -76.49 102.22 -11.55
C ILE TG 62 -76.04 103.61 -11.96
N THR TG 63 -76.48 104.02 -13.15
CA THR TG 63 -76.21 105.34 -13.70
C THR TG 63 -77.52 105.96 -14.17
N PRO TG 64 -77.65 107.28 -14.06
CA PRO TG 64 -78.83 107.95 -14.61
C PRO TG 64 -78.74 108.05 -16.12
N PRO TG 65 -79.86 107.91 -16.82
CA PRO TG 65 -79.83 107.94 -18.29
C PRO TG 65 -79.76 109.33 -18.90
N SER TG 66 -79.64 110.37 -18.07
CA SER TG 66 -79.44 111.72 -18.60
C SER TG 66 -77.98 112.02 -18.92
N LYS TG 67 -77.05 111.18 -18.45
CA LYS TG 67 -75.63 111.42 -18.66
C LYS TG 67 -74.91 110.17 -19.15
N ASP TG 68 -75.64 109.22 -19.71
CA ASP TG 68 -75.01 108.01 -20.23
C ASP TG 68 -74.25 108.31 -21.51
N ASN TG 69 -73.05 107.73 -21.63
CA ASN TG 69 -72.23 107.93 -22.82
C ASN TG 69 -72.54 106.86 -23.87
N THR TG 70 -73.78 106.92 -24.33
CA THR TG 70 -74.30 105.99 -25.33
C THR TG 70 -74.53 106.74 -26.64
N LEU TG 71 -74.26 106.06 -27.75
CA LEU TG 71 -74.45 106.68 -29.05
C LEU TG 71 -75.94 106.77 -29.35
N THR TG 72 -76.44 107.99 -29.47
CA THR TG 72 -77.83 108.20 -29.78
C THR TG 72 -78.10 107.94 -31.26
N ILE TG 73 -79.38 107.80 -31.58
CA ILE TG 73 -79.81 107.49 -32.94
C ILE TG 73 -79.74 108.74 -33.81
N PRO TG 74 -79.03 108.71 -34.94
CA PRO TG 74 -78.89 109.92 -35.77
C PRO TG 74 -80.11 110.23 -36.62
N ASN TG 75 -81.10 109.32 -36.66
CA ASN TG 75 -82.42 109.46 -37.33
C ASN TG 75 -82.34 109.92 -38.78
N ALA TG 76 -81.23 109.66 -39.46
CA ALA TG 76 -81.16 109.88 -40.89
C ALA TG 76 -81.85 108.74 -41.61
N TYR TG 77 -82.53 109.07 -42.72
CA TYR TG 77 -83.35 108.09 -43.42
C TYR TG 77 -82.50 107.00 -44.07
N ASN TG 78 -81.36 107.37 -44.63
CA ASN TG 78 -80.53 106.42 -45.37
C ASN TG 78 -79.80 105.45 -44.46
N LEU TG 79 -79.80 105.67 -43.15
CA LEU TG 79 -79.03 104.85 -42.23
C LEU TG 79 -79.89 103.83 -41.51
N GLN TG 80 -81.08 103.53 -42.03
CA GLN TG 80 -82.01 102.63 -41.38
C GLN TG 80 -82.15 101.30 -42.10
N ALA TG 81 -81.15 100.93 -42.89
CA ALA TG 81 -81.25 99.73 -43.70
C ALA TG 81 -81.03 98.48 -42.85
N ARG TG 82 -81.37 97.34 -43.43
CA ARG TG 82 -81.23 96.03 -42.80
C ARG TG 82 -80.13 95.25 -43.50
N ALA TG 83 -79.34 94.52 -42.71
CA ALA TG 83 -78.20 93.81 -43.26
C ALA TG 83 -77.83 92.66 -42.32
N SER TG 84 -77.00 91.76 -42.83
CA SER TG 84 -76.46 90.67 -42.05
C SER TG 84 -74.97 90.88 -41.83
N VAL TG 85 -74.55 90.82 -40.56
CA VAL TG 85 -73.21 91.20 -40.15
C VAL TG 85 -72.50 89.99 -39.57
N ASP TG 86 -71.25 89.81 -39.93
CA ASP TG 86 -70.37 88.91 -39.19
C ASP TG 86 -68.94 89.42 -39.31
N TRP TG 87 -68.40 89.89 -38.20
CA TRP TG 87 -67.03 90.37 -38.16
C TRP TG 87 -66.43 90.10 -36.79
N SER TG 88 -65.15 89.73 -36.77
CA SER TG 88 -64.42 89.54 -35.53
C SER TG 88 -62.99 90.01 -35.78
N GLY TG 89 -62.71 91.27 -35.47
CA GLY TG 89 -61.39 91.82 -35.66
C GLY TG 89 -61.28 93.31 -35.44
N PRO TG 90 -60.39 93.96 -36.17
CA PRO TG 90 -60.23 95.40 -36.05
C PRO TG 90 -61.46 96.16 -36.52
N ILE TG 91 -61.60 97.37 -35.98
CA ILE TG 91 -62.79 98.17 -36.19
C ILE TG 91 -62.68 99.05 -37.42
N GLU TG 92 -61.48 99.35 -37.89
CA GLU TG 92 -61.27 100.42 -38.87
C GLU TG 92 -61.80 100.03 -40.24
N GLU TG 93 -61.46 98.83 -40.70
CA GLU TG 93 -61.94 98.37 -42.00
C GLU TG 93 -63.45 98.17 -41.98
N LEU TG 94 -63.97 97.71 -40.84
CA LEU TG 94 -65.41 97.51 -40.69
C LEU TG 94 -66.16 98.83 -40.78
N THR TG 95 -65.69 99.85 -40.06
CA THR TG 95 -66.42 101.12 -40.10
C THR TG 95 -66.19 101.86 -41.41
N ALA TG 96 -65.05 101.62 -42.06
CA ALA TG 96 -64.83 102.21 -43.39
C ALA TG 96 -65.79 101.61 -44.40
N ARG TG 97 -66.01 100.29 -44.34
CA ARG TG 97 -66.96 99.70 -45.27
C ARG TG 97 -68.40 100.01 -44.86
N ILE TG 98 -68.64 100.28 -43.58
CA ILE TG 98 -69.96 100.72 -43.14
C ILE TG 98 -70.28 102.09 -43.72
N ALA TG 99 -69.33 103.01 -43.68
CA ALA TG 99 -69.52 104.31 -44.31
C ALA TG 99 -69.56 104.19 -45.82
N LYS TG 100 -68.86 103.20 -46.39
CA LYS TG 100 -68.93 102.94 -47.82
C LYS TG 100 -70.33 102.52 -48.23
N ALA TG 101 -70.96 101.66 -47.44
CA ALA TG 101 -72.35 101.30 -47.70
C ALA TG 101 -73.28 102.46 -47.42
N ALA TG 102 -72.94 103.32 -46.46
CA ALA TG 102 -73.80 104.42 -46.06
C ALA TG 102 -73.66 105.63 -46.97
N HIS TG 103 -72.68 105.62 -47.89
CA HIS TG 103 -72.34 106.76 -48.76
C HIS TG 103 -72.01 108.00 -47.93
N PHE TG 104 -71.29 107.80 -46.84
CA PHE TG 104 -70.88 108.88 -45.95
C PHE TG 104 -69.37 108.96 -45.94
N ARG TG 105 -68.85 110.18 -45.76
CA ARG TG 105 -67.42 110.33 -45.57
C ARG TG 105 -67.04 109.84 -44.18
N PHE TG 106 -65.82 109.33 -44.07
CA PHE TG 106 -65.33 108.83 -42.79
C PHE TG 106 -63.92 109.36 -42.54
N ARG TG 107 -63.68 109.79 -41.32
CA ARG TG 107 -62.35 110.26 -40.93
C ARG TG 107 -61.99 109.70 -39.57
N VAL TG 108 -60.68 109.66 -39.32
CA VAL TG 108 -60.12 109.19 -38.05
C VAL TG 108 -59.36 110.33 -37.41
N LEU TG 109 -59.71 110.64 -36.17
CA LEU TG 109 -58.99 111.63 -35.37
C LEU TG 109 -58.36 110.88 -34.20
N GLY TG 110 -57.04 110.76 -34.22
CA GLY TG 110 -56.32 109.89 -33.33
C GLY TG 110 -55.52 108.87 -34.10
N LYS TG 111 -54.73 108.10 -33.35
CA LYS TG 111 -53.82 107.13 -33.93
C LYS TG 111 -54.15 105.74 -33.45
N SER TG 112 -54.13 104.78 -34.37
CA SER TG 112 -54.34 103.40 -34.00
C SER TG 112 -53.11 102.86 -33.28
N PRO TG 113 -53.27 102.26 -32.11
CA PRO TG 113 -52.11 101.70 -31.40
C PRO TG 113 -51.62 100.43 -32.07
N SER TG 114 -50.50 99.92 -31.56
CA SER TG 114 -49.98 98.64 -32.02
C SER TG 114 -50.93 97.50 -31.70
N VAL TG 115 -51.51 97.53 -30.51
CA VAL TG 115 -52.60 96.61 -30.18
C VAL TG 115 -53.86 97.07 -30.91
N PRO TG 116 -54.52 96.19 -31.66
CA PRO TG 116 -55.69 96.60 -32.44
C PRO TG 116 -56.92 96.81 -31.55
N VAL TG 117 -57.97 97.30 -32.17
CA VAL TG 117 -59.26 97.51 -31.50
C VAL TG 117 -60.16 96.37 -31.92
N LEU TG 118 -60.23 95.33 -31.10
CA LEU TG 118 -60.86 94.07 -31.48
C LEU TG 118 -62.30 94.03 -30.97
N ILE TG 119 -63.25 93.87 -31.88
CA ILE TG 119 -64.65 93.64 -31.55
C ILE TG 119 -65.16 92.51 -32.44
N SER TG 120 -66.39 92.10 -32.18
CA SER TG 120 -67.03 91.05 -32.96
C SER TG 120 -68.53 91.23 -32.91
N ILE TG 121 -69.16 91.33 -34.08
CA ILE TG 121 -70.60 91.47 -34.20
C ILE TG 121 -71.09 90.47 -35.24
N SER TG 122 -72.06 89.66 -34.87
CA SER TG 122 -72.71 88.74 -35.81
C SER TG 122 -74.21 88.81 -35.58
N THR TG 123 -74.94 89.15 -36.63
CA THR TG 123 -76.40 89.27 -36.56
C THR TG 123 -76.97 89.06 -37.96
N LYS TG 124 -78.28 88.82 -38.00
CA LYS TG 124 -78.97 88.52 -39.24
C LYS TG 124 -79.69 89.72 -39.84
N ASP TG 125 -80.49 90.44 -39.05
CA ASP TG 125 -81.34 91.49 -39.61
C ASP TG 125 -81.63 92.51 -38.51
N GLU TG 126 -80.96 93.65 -38.56
CA GLU TG 126 -81.27 94.78 -37.69
C GLU TG 126 -80.77 96.06 -38.37
N SER TG 127 -80.76 97.15 -37.62
CA SER TG 127 -80.52 98.46 -38.19
C SER TG 127 -79.06 98.88 -38.08
N LEU TG 128 -78.66 99.75 -39.00
CA LEU TG 128 -77.29 100.26 -39.01
C LEU TG 128 -77.04 101.18 -37.83
N ALA TG 129 -78.07 101.88 -37.36
CA ALA TG 129 -77.95 102.66 -36.13
C ALA TG 129 -77.71 101.76 -34.93
N GLU TG 130 -78.38 100.60 -34.90
CA GLU TG 130 -78.13 99.62 -33.85
C GLU TG 130 -76.70 99.08 -33.95
N ILE TG 131 -76.21 98.88 -35.18
CA ILE TG 131 -74.84 98.45 -35.40
C ILE TG 131 -73.85 99.47 -34.84
N LEU TG 132 -74.09 100.75 -35.15
CA LEU TG 132 -73.20 101.81 -34.70
C LEU TG 132 -73.25 101.98 -33.19
N ARG TG 133 -74.43 101.82 -32.60
CA ARG TG 133 -74.56 101.93 -31.15
C ARG TG 133 -73.86 100.79 -30.43
N ASP TG 134 -73.98 99.56 -30.96
CA ASP TG 134 -73.26 98.44 -30.38
C ASP TG 134 -71.76 98.57 -30.59
N ILE TG 135 -71.35 99.19 -31.70
CA ILE TG 135 -69.95 99.49 -31.94
C ILE TG 135 -69.41 100.44 -30.89
N ASP TG 136 -70.19 101.48 -30.57
CA ASP TG 136 -69.79 102.42 -29.53
C ASP TG 136 -69.73 101.75 -28.16
N TYR TG 137 -70.70 100.88 -27.88
CA TYR TG 137 -70.75 100.19 -26.59
C TYR TG 137 -69.57 99.23 -26.44
N GLN TG 138 -69.22 98.51 -27.48
CA GLN TG 138 -68.07 97.62 -27.40
C GLN TG 138 -66.75 98.38 -27.49
N ALA TG 139 -66.75 99.60 -28.03
CA ALA TG 139 -65.57 100.43 -27.97
C ALA TG 139 -65.30 100.91 -26.56
N GLY TG 140 -66.33 101.40 -25.89
CA GLY TG 140 -66.19 101.81 -24.50
C GLY TG 140 -65.36 103.05 -24.30
N LYS TG 141 -64.17 102.88 -23.73
CA LYS TG 141 -63.35 104.01 -23.34
C LYS TG 141 -62.29 104.38 -24.37
N LYS TG 142 -61.74 103.41 -25.09
CA LYS TG 142 -60.59 103.67 -25.95
C LYS TG 142 -60.98 104.39 -27.23
N ALA TG 143 -62.21 104.19 -27.70
CA ALA TG 143 -62.66 104.78 -28.95
C ALA TG 143 -64.04 105.39 -28.78
N SER TG 144 -64.34 106.33 -29.65
CA SER TG 144 -65.65 106.96 -29.69
C SER TG 144 -65.97 107.28 -31.14
N ILE TG 145 -67.24 107.53 -31.42
CA ILE TG 145 -67.69 107.80 -32.77
C ILE TG 145 -68.68 108.96 -32.75
N HIS TG 146 -68.52 109.87 -33.71
CA HIS TG 146 -69.43 111.00 -33.87
C HIS TG 146 -70.00 110.99 -35.29
N VAL TG 147 -71.31 111.12 -35.40
CA VAL TG 147 -72.02 111.02 -36.67
C VAL TG 147 -72.69 112.36 -36.96
N TYR TG 148 -72.43 112.92 -38.14
CA TYR TG 148 -73.04 114.17 -38.55
C TYR TG 148 -73.89 113.94 -39.78
N PRO TG 149 -75.21 114.20 -39.71
CA PRO TG 149 -76.08 113.95 -40.86
C PRO TG 149 -76.32 115.19 -41.72
N ASN TG 150 -75.83 116.34 -41.24
CA ASN TG 150 -75.90 117.55 -42.06
C ASN TG 150 -74.77 117.58 -43.07
N SER TG 151 -73.54 117.47 -42.58
CA SER TG 151 -72.39 117.17 -43.40
C SER TG 151 -72.13 115.68 -43.22
N GLN TG 152 -72.41 114.89 -44.27
CA GLN TG 152 -72.65 113.45 -44.16
C GLN TG 152 -71.36 112.73 -43.83
N VAL TG 153 -71.03 112.71 -42.53
CA VAL TG 153 -69.71 112.26 -42.11
C VAL TG 153 -69.81 111.46 -40.82
N VAL TG 154 -68.79 110.63 -40.61
CA VAL TG 154 -68.57 109.94 -39.34
C VAL TG 154 -67.09 110.06 -38.99
N GLU TG 155 -66.83 110.29 -37.71
CA GLU TG 155 -65.48 110.44 -37.20
C GLU TG 155 -65.23 109.42 -36.10
N LEU TG 156 -64.15 108.65 -36.24
CA LEU TG 156 -63.68 107.77 -35.19
C LEU TG 156 -62.62 108.50 -34.38
N ARG TG 157 -62.88 108.70 -33.10
CA ARG TG 157 -61.99 109.45 -32.22
C ARG TG 157 -61.29 108.47 -31.30
N TYR TG 158 -59.96 108.49 -31.30
CA TYR TG 158 -59.16 107.68 -30.41
C TYR TG 158 -58.96 108.38 -29.08
N ALA TG 159 -58.60 107.60 -28.07
CA ALA TG 159 -58.20 108.15 -26.78
C ALA TG 159 -56.68 108.20 -26.69
N LYS TG 160 -56.19 108.78 -25.59
CA LYS TG 160 -54.76 108.92 -25.38
C LYS TG 160 -54.30 108.21 -24.11
N GLN UG 791 91.19 56.28 53.78
CA GLN UG 791 90.53 57.56 53.53
C GLN UG 791 89.99 57.59 52.11
N GLN UG 792 90.85 57.26 51.16
CA GLN UG 792 90.49 57.25 49.74
C GLN UG 792 89.95 55.90 49.28
N GLU UG 793 89.83 54.93 50.18
CA GLU UG 793 89.36 53.59 49.83
C GLU UG 793 88.14 53.17 50.63
N ILE UG 794 87.53 54.08 51.41
CA ILE UG 794 86.38 53.71 52.20
C ILE UG 794 85.14 53.54 51.32
N GLN UG 795 85.14 54.14 50.13
CA GLN UG 795 83.97 54.18 49.28
C GLN UG 795 83.66 52.82 48.69
N GLN UG 796 84.69 52.10 48.24
CA GLN UG 796 84.46 50.77 47.67
C GLN UG 796 84.05 49.78 48.76
N ARG UG 797 84.58 49.95 49.98
CA ARG UG 797 84.12 49.13 51.09
C ARG UG 797 82.71 49.52 51.50
N THR UG 798 82.32 50.76 51.25
CA THR UG 798 80.93 51.15 51.45
C THR UG 798 80.05 50.58 50.35
N SER UG 799 80.53 50.62 49.11
CA SER UG 799 79.66 50.38 47.95
C SER UG 799 79.28 48.92 47.79
N ASP UG 800 80.19 47.99 48.07
CA ASP UG 800 79.98 46.59 47.73
C ASP UG 800 78.93 45.91 48.60
N MET UG 801 78.55 46.50 49.72
CA MET UG 801 77.55 45.91 50.59
C MET UG 801 76.20 46.56 50.50
N LEU UG 802 76.07 47.63 49.72
CA LEU UG 802 74.75 48.22 49.46
C LEU UG 802 73.87 47.24 48.70
N THR UG 803 74.44 46.57 47.70
CA THR UG 803 73.73 45.50 47.02
C THR UG 803 73.54 44.30 47.94
N ALA UG 804 74.54 44.00 48.76
CA ALA UG 804 74.51 42.80 49.58
C ALA UG 804 73.47 42.92 50.70
N ALA UG 805 73.26 44.13 51.21
CA ALA UG 805 72.25 44.33 52.24
C ALA UG 805 70.84 44.18 51.69
N THR UG 806 70.64 44.52 50.41
CA THR UG 806 69.30 44.46 49.84
C THR UG 806 68.86 43.03 49.58
N GLN UG 807 69.75 42.21 49.00
CA GLN UG 807 69.34 40.95 48.40
C GLN UG 807 68.83 39.94 49.42
N LEU UG 808 69.27 40.06 50.67
CA LEU UG 808 68.71 39.23 51.72
C LEU UG 808 67.50 39.86 52.39
N VAL UG 809 67.45 41.19 52.47
CA VAL UG 809 66.33 41.84 53.13
C VAL UG 809 65.09 41.81 52.24
N GLN UG 810 65.27 41.60 50.94
CA GLN UG 810 64.13 41.27 50.08
C GLN UG 810 63.55 39.91 50.45
N ASP UG 811 64.42 38.96 50.76
CA ASP UG 811 63.95 37.68 51.25
C ASP UG 811 63.43 37.80 52.68
N TRP UG 812 63.96 38.76 53.45
CA TRP UG 812 63.45 38.97 54.80
C TRP UG 812 62.08 39.62 54.76
N LYS UG 813 61.81 40.45 53.76
CA LYS UG 813 60.50 41.08 53.65
C LYS UG 813 59.46 40.15 53.05
N GLN UG 814 59.88 39.05 52.43
CA GLN UG 814 58.97 38.18 51.70
C GLN UG 814 58.85 36.83 52.38
N VAL UG 815 57.62 36.44 52.70
CA VAL UG 815 57.28 35.08 53.10
C VAL UG 815 55.97 34.71 52.45
N GLU UG 816 55.88 33.50 51.91
CA GLU UG 816 54.72 33.11 51.13
C GLU UG 816 53.59 32.66 52.05
N THR UG 817 52.55 32.09 51.44
CA THR UG 817 51.36 31.64 52.16
C THR UG 817 51.29 30.12 52.12
N GLN UG 818 51.07 29.52 53.28
CA GLN UG 818 50.96 28.08 53.37
C GLN UG 818 49.63 27.60 52.80
N VAL UG 819 49.57 26.31 52.49
CA VAL UG 819 48.45 25.71 51.78
C VAL UG 819 47.93 24.52 52.59
N TYR UG 820 46.62 24.49 52.81
CA TYR UG 820 45.97 23.37 53.48
C TYR UG 820 45.43 22.41 52.43
N THR UG 821 45.68 21.12 52.64
CA THR UG 821 45.33 20.08 51.68
C THR UG 821 44.38 19.08 52.33
N GLU UG 822 43.36 18.68 51.60
CA GLU UG 822 42.37 17.72 52.06
C GLU UG 822 42.65 16.36 51.44
N GLY UG 823 41.69 15.44 51.63
CA GLY UG 823 41.85 14.12 51.05
C GLY UG 823 40.61 13.28 51.26
N THR UG 824 40.64 12.11 50.63
CA THR UG 824 39.56 11.12 50.76
C THR UG 824 40.13 9.72 50.65
N ILE VG 208 -86.11 125.27 2.71
CA ILE VG 208 -87.12 124.63 3.53
C ILE VG 208 -88.06 123.81 2.64
N ILE VG 209 -88.32 122.57 3.05
CA ILE VG 209 -89.05 121.61 2.24
C ILE VG 209 -90.55 121.76 2.50
N TYR VG 210 -91.33 121.85 1.43
CA TYR VG 210 -92.78 121.93 1.51
C TYR VG 210 -93.40 120.68 0.91
N TYR VG 211 -94.69 120.50 1.18
CA TYR VG 211 -95.46 119.39 0.63
C TYR VG 211 -96.89 119.88 0.37
N ILE VG 212 -97.72 118.96 -0.10
CA ILE VG 212 -99.12 119.26 -0.39
C ILE VG 212 -99.99 118.41 0.52
N GLN VG 213 -101.23 118.85 0.70
CA GLN VG 213 -102.17 118.04 1.45
C GLN VG 213 -103.49 117.82 0.72
N ALA VG 214 -104.00 118.81 0.00
CA ALA VG 214 -105.25 118.66 -0.74
C ALA VG 214 -105.23 119.56 -1.95
N VAL VG 215 -105.60 119.02 -3.12
CA VAL VG 215 -105.50 119.74 -4.38
C VAL VG 215 -106.86 119.69 -5.07
N ILE VG 216 -107.41 120.86 -5.37
CA ILE VG 216 -108.65 120.98 -6.13
C ILE VG 216 -108.24 121.40 -7.54
N PRO VG 217 -109.07 121.26 -8.57
CA PRO VG 217 -108.74 121.90 -9.85
C PRO VG 217 -108.77 123.41 -9.74
N GLY VG 218 -107.60 124.04 -9.74
CA GLY VG 218 -107.49 125.47 -9.61
C GLY VG 218 -106.74 125.94 -8.38
N ARG VG 219 -106.97 125.30 -7.24
CA ARG VG 219 -106.34 125.69 -5.99
C ARG VG 219 -105.80 124.46 -5.28
N ALA VG 220 -104.82 124.67 -4.40
CA ALA VG 220 -104.24 123.57 -3.66
C ALA VG 220 -103.95 124.01 -2.23
N TRP VG 221 -103.77 123.03 -1.37
CA TRP VG 221 -103.47 123.24 0.04
C TRP VG 221 -102.03 122.85 0.28
N LEU VG 222 -101.21 123.83 0.61
CA LEU VG 222 -99.76 123.69 0.76
C LEU VG 222 -99.41 123.60 2.23
N ILE VG 223 -98.60 122.61 2.57
CA ILE VG 223 -98.11 122.43 3.93
C ILE VG 223 -96.59 122.59 3.92
N GLY VG 224 -96.04 122.94 5.08
CA GLY VG 224 -94.61 123.12 5.20
C GLY VG 224 -93.99 122.31 6.31
N SER VG 225 -92.67 122.14 6.26
CA SER VG 225 -91.98 121.37 7.29
C SER VG 225 -91.92 122.13 8.62
N ASN VG 226 -91.97 123.46 8.56
CA ASN VG 226 -92.01 124.27 9.79
C ASN VG 226 -93.41 124.39 10.36
N GLY VG 227 -94.42 123.84 9.70
CA GLY VG 227 -95.80 123.98 10.13
C GLY VG 227 -96.58 125.06 9.41
N SER VG 228 -96.05 125.61 8.32
CA SER VG 228 -96.74 126.67 7.59
C SER VG 228 -97.87 126.07 6.77
N THR VG 229 -99.03 126.73 6.80
CA THR VG 229 -100.19 126.36 5.99
C THR VG 229 -100.45 127.46 4.98
N LEU VG 230 -100.86 127.06 3.77
CA LEU VG 230 -101.09 128.05 2.73
C LEU VG 230 -102.10 127.51 1.72
N THR VG 231 -102.81 128.43 1.06
CA THR VG 231 -103.64 128.10 -0.09
C THR VG 231 -102.96 128.67 -1.32
N VAL VG 232 -102.61 127.78 -2.26
CA VAL VG 232 -101.80 128.14 -3.42
C VAL VG 232 -102.66 128.11 -4.66
N ARG VG 233 -102.69 129.23 -5.38
CA ARG VG 233 -103.35 129.37 -6.66
C ARG VG 233 -102.44 128.86 -7.77
N GLU VG 234 -103.04 128.60 -8.95
CA GLU VG 234 -102.26 128.18 -10.10
C GLU VG 234 -101.31 129.27 -10.59
N GLY VG 235 -101.64 130.54 -10.34
CA GLY VG 235 -100.67 131.60 -10.48
C GLY VG 235 -100.33 132.18 -9.11
N SER VG 236 -99.17 131.80 -8.57
CA SER VG 236 -98.77 132.26 -7.24
C SER VG 236 -97.27 132.07 -7.09
N LYS VG 237 -96.71 132.75 -6.10
CA LYS VG 237 -95.28 132.66 -5.80
C LYS VG 237 -95.09 132.00 -4.44
N ILE VG 238 -94.26 130.97 -4.39
CA ILE VG 238 -93.92 130.27 -3.16
C ILE VG 238 -92.42 130.44 -2.95
N PRO VG 239 -91.98 130.93 -1.79
CA PRO VG 239 -90.55 131.18 -1.59
C PRO VG 239 -89.76 129.88 -1.49
N GLY VG 240 -88.60 129.88 -2.13
CA GLY VG 240 -87.75 128.71 -2.21
C GLY VG 240 -88.15 127.72 -3.28
N TYR VG 241 -89.28 127.91 -3.94
CA TYR VG 241 -89.77 127.02 -4.98
C TYR VG 241 -90.02 127.73 -6.30
N GLY VG 242 -90.53 128.96 -6.27
CA GLY VG 242 -90.71 129.75 -7.46
C GLY VG 242 -92.18 130.01 -7.76
N MET VG 243 -92.47 130.19 -9.04
CA MET VG 243 -93.81 130.55 -9.49
C MET VG 243 -94.55 129.31 -9.95
N VAL VG 244 -95.79 129.18 -9.51
CA VAL VG 244 -96.67 128.13 -9.98
C VAL VG 244 -97.15 128.49 -11.38
N LYS VG 245 -97.11 127.52 -12.29
CA LYS VG 245 -97.67 127.67 -13.62
C LYS VG 245 -98.88 126.78 -13.85
N LEU VG 246 -98.82 125.54 -13.39
CA LEU VG 246 -99.91 124.60 -13.63
C LEU VG 246 -99.93 123.55 -12.52
N ILE VG 247 -101.15 123.12 -12.18
CA ILE VG 247 -101.36 122.05 -11.23
C ILE VG 247 -102.17 120.97 -11.94
N ASP VG 248 -102.13 119.76 -11.38
CA ASP VG 248 -102.86 118.63 -11.93
C ASP VG 248 -103.57 117.90 -10.80
N SER VG 249 -104.89 117.83 -10.88
CA SER VG 249 -105.67 117.13 -9.87
C SER VG 249 -105.70 115.63 -10.12
N LEU VG 250 -105.54 115.20 -11.38
CA LEU VG 250 -105.49 113.77 -11.67
C LEU VG 250 -104.17 113.16 -11.19
N GLN VG 251 -103.06 113.84 -11.45
CA GLN VG 251 -101.75 113.37 -11.05
C GLN VG 251 -101.18 114.39 -10.07
N GLY VG 252 -101.04 114.00 -8.81
CA GLY VG 252 -100.72 114.93 -7.75
C GLY VG 252 -99.30 115.46 -7.75
N ARG VG 253 -98.96 116.27 -8.74
CA ARG VG 253 -97.67 116.93 -8.80
C ARG VG 253 -97.87 118.35 -9.31
N ILE VG 254 -97.06 119.27 -8.81
CA ILE VG 254 -97.20 120.69 -9.09
C ILE VG 254 -95.93 121.16 -9.79
N LEU VG 255 -96.09 121.91 -10.88
CA LEU VG 255 -94.96 122.43 -11.62
C LEU VG 255 -94.62 123.83 -11.12
N THR VG 256 -93.38 124.01 -10.69
CA THR VG 256 -92.87 125.30 -10.28
C THR VG 256 -92.09 125.95 -11.44
N SER VG 257 -91.80 127.24 -11.28
CA SER VG 257 -91.00 127.92 -12.28
C SER VG 257 -89.54 127.50 -12.23
N SER VG 258 -89.04 127.13 -11.05
CA SER VG 258 -87.66 126.69 -10.93
C SER VG 258 -87.45 125.28 -11.47
N GLY VG 259 -88.51 124.51 -11.69
CA GLY VG 259 -88.42 123.19 -12.25
C GLY VG 259 -88.52 122.05 -11.25
N GLN VG 260 -88.35 122.34 -9.96
CA GLN VG 260 -88.52 121.31 -8.95
C GLN VG 260 -89.99 121.02 -8.74
N VAL VG 261 -90.30 119.76 -8.46
CA VAL VG 261 -91.67 119.28 -8.38
C VAL VG 261 -91.98 118.97 -6.92
N ILE VG 262 -93.18 119.36 -6.49
CA ILE VG 262 -93.64 119.13 -5.12
C ILE VG 262 -94.82 118.19 -5.15
N LYS VG 263 -94.71 117.09 -4.39
CA LYS VG 263 -95.77 116.10 -4.27
C LYS VG 263 -96.08 115.83 -2.81
N PHE VG 264 -96.85 114.78 -2.54
CA PHE VG 264 -97.07 114.35 -1.17
C PHE VG 264 -95.82 113.73 -0.58
N SER VG 265 -95.80 113.62 0.74
CA SER VG 265 -94.74 112.94 1.45
C SER VG 265 -95.21 111.56 1.91
N GLN VG 266 -94.25 110.71 2.25
CA GLN VG 266 -94.55 109.35 2.67
C GLN VG 266 -94.16 109.11 4.12
N MET WG 23 -22.82 -31.64 133.24
CA MET WG 23 -21.37 -31.74 133.12
C MET WG 23 -20.91 -31.14 131.80
N LYS WG 24 -21.75 -30.30 131.21
CA LYS WG 24 -21.39 -29.61 129.98
C LYS WG 24 -20.41 -28.48 130.28
N PHE WG 25 -19.47 -28.28 129.36
CA PHE WG 25 -18.39 -27.32 129.56
C PHE WG 25 -18.51 -26.19 128.54
N LYS WG 26 -18.46 -24.95 129.03
CA LYS WG 26 -18.59 -23.79 128.18
C LYS WG 26 -17.64 -22.70 128.66
N LYS WG 27 -17.37 -21.76 127.78
CA LYS WG 27 -16.65 -20.55 128.09
C LYS WG 27 -17.61 -19.37 128.16
N PRO WG 28 -17.37 -18.39 129.03
CA PRO WG 28 -18.40 -17.38 129.35
C PRO WG 28 -18.76 -16.46 128.19
N PRO WG 29 -17.79 -15.72 127.56
CA PRO WG 29 -18.33 -14.60 126.75
C PRO WG 29 -18.80 -15.00 125.36
N ILE WG 30 -20.03 -15.52 125.30
CA ILE WG 30 -20.68 -15.85 124.05
C ILE WG 30 -21.70 -14.76 123.74
N ASN WG 31 -21.59 -14.18 122.55
CA ASN WG 31 -22.43 -13.05 122.19
C ASN WG 31 -23.04 -13.26 120.81
N ASN WG 32 -23.61 -12.19 120.26
CA ASN WG 32 -24.09 -12.23 118.89
C ASN WG 32 -22.91 -12.36 117.92
N PRO WG 33 -23.11 -13.06 116.81
CA PRO WG 33 -22.01 -13.22 115.84
C PRO WG 33 -21.64 -11.91 115.17
N SER WG 34 -20.38 -11.82 114.78
CA SER WG 34 -19.80 -10.58 114.29
C SER WG 34 -19.80 -10.56 112.76
N ASP WG 35 -19.11 -9.58 112.19
CA ASP WG 35 -18.95 -9.47 110.75
C ASP WG 35 -17.50 -9.18 110.41
N ASP WG 36 -17.06 -9.78 109.29
CA ASP WG 36 -15.66 -9.73 108.88
C ASP WG 36 -15.22 -8.32 108.52
N ALA WG 37 -16.12 -7.52 107.93
CA ALA WG 37 -15.80 -6.13 107.63
C ALA WG 37 -15.54 -5.35 108.92
N THR WG 38 -16.34 -5.59 109.93
CA THR WG 38 -16.12 -4.98 111.24
C THR WG 38 -14.81 -5.47 111.85
N ILE WG 39 -14.45 -6.73 111.60
CA ILE WG 39 -13.19 -7.28 112.10
C ILE WG 39 -12.01 -6.54 111.48
N LYS WG 40 -12.05 -6.34 110.16
CA LYS WG 40 -10.97 -5.62 109.48
C LYS WG 40 -10.93 -4.16 109.89
N LEU WG 41 -12.09 -3.57 110.14
CA LEU WG 41 -12.11 -2.19 110.63
C LEU WG 41 -11.51 -2.07 112.02
N ALA WG 42 -11.77 -3.05 112.89
CA ALA WG 42 -11.13 -3.07 114.20
C ALA WG 42 -9.63 -3.24 114.09
N GLU WG 43 -9.19 -4.09 113.16
CA GLU WG 43 -7.77 -4.30 112.92
C GLU WG 43 -7.09 -3.03 112.45
N ALA WG 44 -7.76 -2.25 111.61
CA ALA WG 44 -7.21 -0.94 111.24
C ALA WG 44 -7.19 0.00 112.44
N ALA WG 45 -8.28 -0.01 113.22
CA ALA WG 45 -8.48 1.02 114.23
C ALA WG 45 -7.52 0.87 115.39
N VAL WG 46 -7.13 -0.36 115.74
CA VAL WG 46 -6.20 -0.54 116.85
C VAL WG 46 -4.82 0.01 116.48
N SER WG 47 -4.40 -0.19 115.23
CA SER WG 47 -3.13 0.36 114.77
C SER WG 47 -3.16 1.88 114.71
N VAL WG 48 -4.27 2.44 114.22
CA VAL WG 48 -4.42 3.88 114.14
C VAL WG 48 -4.40 4.50 115.54
N SER WG 49 -5.10 3.86 116.49
CA SER WG 49 -5.17 4.37 117.85
C SER WG 49 -3.82 4.31 118.54
N ASP WG 50 -3.07 3.22 118.33
CA ASP WG 50 -1.74 3.11 118.93
C ASP WG 50 -0.79 4.16 118.37
N SER WG 51 -0.85 4.39 117.06
CA SER WG 51 -0.02 5.43 116.44
C SER WG 51 -0.37 6.80 117.00
N MET WG 52 -1.67 7.08 117.13
CA MET WG 52 -2.13 8.36 117.65
C MET WG 52 -1.72 8.57 119.09
N LEU WG 53 -1.80 7.51 119.90
CA LEU WG 53 -1.46 7.61 121.32
C LEU WG 53 0.03 7.86 121.52
N GLU WG 54 0.87 7.08 120.82
CA GLU WG 54 2.31 7.25 120.94
C GLU WG 54 2.76 8.62 120.41
N MET WG 55 2.15 9.06 119.31
CA MET WG 55 2.52 10.34 118.74
C MET WG 55 2.05 11.51 119.60
N ALA WG 56 0.88 11.37 120.23
CA ALA WG 56 0.44 12.39 121.17
C ALA WG 56 1.34 12.44 122.40
N LYS WG 57 1.83 11.27 122.83
CA LYS WG 57 2.75 11.24 123.96
C LYS WG 57 4.06 11.95 123.63
N VAL WG 58 4.62 11.71 122.44
CA VAL WG 58 5.88 12.36 122.13
C VAL WG 58 5.67 13.85 121.85
N GLU WG 59 4.49 14.23 121.35
CA GLU WG 59 4.18 15.64 121.20
C GLU WG 59 4.06 16.34 122.55
N LYS WG 60 3.44 15.67 123.53
CA LYS WG 60 3.38 16.21 124.89
C LYS WG 60 4.75 16.30 125.52
N VAL WG 61 5.63 15.36 125.22
CA VAL WG 61 6.99 15.40 125.74
C VAL WG 61 7.74 16.61 125.17
N ILE WG 62 7.67 16.80 123.85
CA ILE WG 62 8.44 17.88 123.25
C ILE WG 62 7.82 19.25 123.52
N THR WG 63 6.53 19.30 123.87
CA THR WG 63 5.95 20.62 124.01
C THR WG 63 5.74 20.97 125.48
N PRO WG 64 6.13 22.15 125.92
CA PRO WG 64 5.88 22.57 127.30
C PRO WG 64 4.50 23.17 127.45
N PRO WG 65 3.64 22.57 128.26
CA PRO WG 65 2.31 23.17 128.50
C PRO WG 65 2.41 24.42 129.34
N SER WG 66 1.44 25.31 129.17
CA SER WG 66 1.46 26.61 129.82
C SER WG 66 0.33 26.79 130.83
N LYS WG 67 -0.93 26.75 130.40
CA LYS WG 67 -2.04 27.12 131.25
C LYS WG 67 -3.33 26.54 130.68
N ASP WG 68 -4.45 26.93 131.28
CA ASP WG 68 -5.75 26.38 130.94
C ASP WG 68 -6.73 27.52 130.68
N ASN WG 69 -7.77 27.23 129.91
CA ASN WG 69 -8.81 28.17 129.53
C ASN WG 69 -9.85 28.41 130.62
N THR WG 70 -9.58 28.01 131.86
CA THR WG 70 -10.52 28.24 132.94
C THR WG 70 -10.64 29.71 133.31
N LEU WG 71 -9.63 30.52 133.00
CA LEU WG 71 -9.75 31.95 133.24
C LEU WG 71 -10.66 32.61 132.22
N THR WG 72 -10.56 32.19 130.95
CA THR WG 72 -11.47 32.72 129.93
C THR WG 72 -12.87 32.17 130.11
N ILE WG 73 -12.98 30.93 130.56
CA ILE WG 73 -14.28 30.31 130.83
C ILE WG 73 -14.32 29.94 132.31
N PRO WG 74 -14.76 30.83 133.19
CA PRO WG 74 -14.99 30.43 134.58
C PRO WG 74 -16.42 29.99 134.80
N ASN WG 75 -16.59 28.95 135.61
CA ASN WG 75 -17.92 28.46 135.90
C ASN WG 75 -18.63 29.40 136.85
N ALA WG 76 -19.95 29.40 136.78
CA ALA WG 76 -20.79 30.16 137.69
C ALA WG 76 -22.11 29.42 137.83
N TYR WG 77 -23.07 30.07 138.46
CA TYR WG 77 -24.40 29.47 138.53
C TYR WG 77 -25.07 29.56 137.17
N ASN WG 78 -26.14 28.77 137.02
CA ASN WG 78 -26.84 28.41 135.78
C ASN WG 78 -25.88 28.08 134.63
N LEU WG 79 -24.77 27.43 134.97
CA LEU WG 79 -23.91 26.77 134.01
C LEU WG 79 -23.98 25.27 134.18
N GLN WG 80 -24.88 24.79 135.03
CA GLN WG 80 -24.88 23.40 135.49
C GLN WG 80 -26.10 22.64 135.01
N ALA WG 81 -26.93 23.23 134.16
CA ALA WG 81 -27.99 22.48 133.51
C ALA WG 81 -27.36 21.49 132.54
N ARG WG 82 -27.66 20.22 132.70
CA ARG WG 82 -26.88 19.22 131.98
C ARG WG 82 -27.37 19.10 130.55
N ALA WG 83 -26.52 18.54 129.70
CA ALA WG 83 -26.86 18.41 128.29
C ALA WG 83 -26.24 17.14 127.73
N SER WG 84 -27.04 16.38 127.00
CA SER WG 84 -26.56 15.27 126.19
C SER WG 84 -26.70 15.66 124.74
N VAL WG 85 -25.59 15.65 124.02
CA VAL WG 85 -25.47 16.39 122.77
C VAL WG 85 -24.72 15.55 121.73
N ASP WG 86 -25.30 15.43 120.55
CA ASP WG 86 -24.60 14.93 119.37
C ASP WG 86 -24.75 15.93 118.25
N TRP WG 87 -23.62 16.35 117.67
CA TRP WG 87 -23.63 17.36 116.62
C TRP WG 87 -22.40 17.20 115.75
N SER WG 88 -22.59 17.35 114.44
CA SER WG 88 -21.48 17.23 113.50
C SER WG 88 -21.60 18.23 112.37
N GLY WG 89 -21.90 19.49 112.70
CA GLY WG 89 -22.06 20.50 111.68
C GLY WG 89 -21.30 21.77 111.99
N PRO WG 90 -21.87 22.92 111.60
CA PRO WG 90 -21.25 24.20 111.95
C PRO WG 90 -21.45 24.58 113.41
N ILE WG 91 -21.06 25.80 113.78
CA ILE WG 91 -21.01 26.17 115.17
C ILE WG 91 -22.06 27.20 115.56
N GLU WG 92 -22.66 27.91 114.59
CA GLU WG 92 -23.38 29.14 114.89
C GLU WG 92 -24.69 28.89 115.61
N GLU WG 93 -25.58 28.11 114.98
CA GLU WG 93 -26.88 27.85 115.60
C GLU WG 93 -26.75 26.97 116.84
N LEU WG 94 -25.70 26.15 116.89
CA LEU WG 94 -25.44 25.33 118.07
C LEU WG 94 -25.11 26.21 119.27
N THR WG 95 -24.16 27.13 119.10
CA THR WG 95 -23.81 28.06 120.18
C THR WG 95 -24.95 29.02 120.49
N ALA WG 96 -25.75 29.37 119.49
CA ALA WG 96 -26.91 30.23 119.72
C ALA WG 96 -27.95 29.55 120.60
N ARG WG 97 -28.22 28.27 120.34
CA ARG WG 97 -29.16 27.54 121.19
C ARG WG 97 -28.56 27.27 122.57
N ILE WG 98 -27.23 27.17 122.65
CA ILE WG 98 -26.57 27.09 123.96
C ILE WG 98 -26.84 28.35 124.77
N ALA WG 99 -26.70 29.52 124.14
CA ALA WG 99 -26.96 30.78 124.85
C ALA WG 99 -28.43 30.93 125.19
N LYS WG 100 -29.31 30.45 124.31
CA LYS WG 100 -30.75 30.48 124.56
C LYS WG 100 -31.12 29.62 125.77
N ALA WG 101 -30.50 28.44 125.88
CA ALA WG 101 -30.70 27.62 127.06
C ALA WG 101 -30.12 28.28 128.30
N ALA WG 102 -28.99 28.98 128.15
CA ALA WG 102 -28.32 29.58 129.29
C ALA WG 102 -28.94 30.89 129.74
N HIS WG 103 -29.93 31.41 128.98
CA HIS WG 103 -30.51 32.75 129.18
C HIS WG 103 -29.44 33.83 129.14
N PHE WG 104 -28.45 33.63 128.29
CA PHE WG 104 -27.31 34.53 128.21
C PHE WG 104 -27.25 35.17 126.83
N ARG WG 105 -26.74 36.38 126.79
CA ARG WG 105 -26.72 37.14 125.55
C ARG WG 105 -25.59 36.65 124.66
N PHE WG 106 -25.94 36.25 123.44
CA PHE WG 106 -24.97 35.75 122.50
C PHE WG 106 -24.38 36.89 121.69
N ARG WG 107 -23.08 36.83 121.47
CA ARG WG 107 -22.37 37.90 120.78
C ARG WG 107 -21.38 37.31 119.80
N VAL WG 108 -21.31 37.92 118.61
CA VAL WG 108 -20.32 37.55 117.62
C VAL WG 108 -19.27 38.65 117.57
N LEU WG 109 -18.12 38.30 117.00
CA LEU WG 109 -17.01 39.23 116.89
C LEU WG 109 -16.21 38.83 115.66
N GLY WG 110 -16.07 39.77 114.73
CA GLY WG 110 -15.42 39.50 113.47
C GLY WG 110 -16.38 38.87 112.47
N LYS WG 111 -15.98 38.93 111.20
CA LYS WG 111 -16.76 38.34 110.14
C LYS WG 111 -16.38 36.87 109.96
N SER WG 112 -17.35 36.07 109.57
CA SER WG 112 -17.07 34.68 109.28
C SER WG 112 -16.25 34.56 108.00
N PRO WG 113 -15.30 33.64 107.94
CA PRO WG 113 -14.59 33.39 106.68
C PRO WG 113 -15.50 32.65 105.71
N SER WG 114 -15.12 32.73 104.43
CA SER WG 114 -15.87 32.03 103.40
C SER WG 114 -15.74 30.52 103.56
N VAL WG 115 -14.61 30.05 104.05
CA VAL WG 115 -14.50 28.65 104.43
C VAL WG 115 -15.36 28.40 105.66
N PRO WG 116 -16.27 27.42 105.63
CA PRO WG 116 -17.08 27.14 106.82
C PRO WG 116 -16.25 26.48 107.91
N VAL WG 117 -16.50 26.88 109.14
CA VAL WG 117 -15.86 26.29 110.31
C VAL WG 117 -16.84 25.32 110.93
N LEU WG 118 -16.49 24.04 110.87
CA LEU WG 118 -17.40 22.99 111.28
C LEU WG 118 -16.96 22.44 112.64
N ILE WG 119 -17.66 21.41 113.10
CA ILE WG 119 -17.38 20.80 114.39
C ILE WG 119 -17.93 19.39 114.37
N SER WG 120 -17.47 18.55 115.30
CA SER WG 120 -18.00 17.21 115.49
C SER WG 120 -18.00 16.89 116.98
N ILE WG 121 -19.19 16.60 117.52
CA ILE WG 121 -19.35 16.40 118.95
C ILE WG 121 -20.24 15.19 119.20
N SER WG 122 -19.76 14.27 120.03
CA SER WG 122 -20.57 13.19 120.58
C SER WG 122 -20.10 12.94 122.00
N THR WG 123 -20.91 13.34 122.98
CA THR WG 123 -20.55 13.19 124.38
C THR WG 123 -21.81 12.94 125.19
N LYS WG 124 -21.69 12.95 126.52
CA LYS WG 124 -22.80 12.55 127.37
C LYS WG 124 -22.67 13.16 128.75
N ASP WG 125 -23.64 13.99 129.13
CA ASP WG 125 -23.86 14.49 130.49
C ASP WG 125 -22.66 15.29 131.01
N GLU WG 126 -22.46 16.46 130.40
CA GLU WG 126 -21.45 17.40 130.88
C GLU WG 126 -22.12 18.70 131.29
N SER WG 127 -21.39 19.48 132.09
CA SER WG 127 -21.81 20.84 132.38
C SER WG 127 -21.60 21.72 131.16
N LEU WG 128 -22.32 22.84 131.14
CA LEU WG 128 -22.24 23.77 130.03
C LEU WG 128 -20.86 24.40 129.93
N ALA WG 129 -20.21 24.64 131.07
CA ALA WG 129 -18.86 25.18 131.07
C ALA WG 129 -17.87 24.24 130.41
N GLU WG 130 -17.95 22.95 130.74
CA GLU WG 130 -17.01 22.00 130.16
C GLU WG 130 -17.35 21.69 128.72
N ILE WG 131 -18.64 21.75 128.35
CA ILE WG 131 -19.04 21.66 126.96
C ILE WG 131 -18.44 22.80 126.15
N LEU WG 132 -18.50 24.01 126.70
CA LEU WG 132 -17.91 25.17 126.05
C LEU WG 132 -16.41 25.06 125.95
N ARG WG 133 -15.77 24.52 126.99
CA ARG WG 133 -14.32 24.36 126.97
C ARG WG 133 -13.90 23.32 125.94
N ASP WG 134 -14.67 22.24 125.81
CA ASP WG 134 -14.42 21.26 124.75
C ASP WG 134 -14.57 21.88 123.37
N ILE WG 135 -15.60 22.71 123.21
CA ILE WG 135 -15.85 23.36 121.92
C ILE WG 135 -14.71 24.30 121.57
N ASP WG 136 -14.30 25.13 122.53
CA ASP WG 136 -13.24 26.10 122.29
C ASP WG 136 -11.89 25.42 122.10
N TYR WG 137 -11.66 24.31 122.79
CA TYR WG 137 -10.40 23.57 122.61
C TYR WG 137 -10.34 22.93 121.24
N GLN WG 138 -11.40 22.24 120.82
CA GLN WG 138 -11.32 21.55 119.54
C GLN WG 138 -11.64 22.47 118.37
N ALA WG 139 -12.02 23.73 118.63
CA ALA WG 139 -12.13 24.70 117.57
C ALA WG 139 -10.79 25.10 116.99
N GLY WG 140 -9.71 24.94 117.74
CA GLY WG 140 -8.40 25.29 117.23
C GLY WG 140 -8.22 26.79 117.16
N LYS WG 141 -7.40 27.22 116.21
CA LYS WG 141 -7.06 28.62 116.06
C LYS WG 141 -8.06 29.38 115.20
N LYS WG 142 -9.13 28.72 114.74
CA LYS WG 142 -10.11 29.39 113.90
C LYS WG 142 -10.90 30.43 114.68
N ALA WG 143 -11.23 30.13 115.93
CA ALA WG 143 -12.08 31.01 116.70
C ALA WG 143 -11.75 30.87 118.19
N SER WG 144 -12.22 31.84 118.96
CA SER WG 144 -12.06 31.83 120.40
C SER WG 144 -13.37 32.16 121.09
N ILE WG 145 -13.52 31.66 122.31
CA ILE WG 145 -14.75 31.80 123.08
C ILE WG 145 -14.42 32.53 124.38
N HIS WG 146 -15.19 33.57 124.69
CA HIS WG 146 -15.09 34.21 125.98
C HIS WG 146 -16.48 34.33 126.57
N VAL WG 147 -16.53 34.46 127.90
CA VAL WG 147 -17.80 34.53 128.61
C VAL WG 147 -17.64 35.47 129.79
N TYR WG 148 -18.54 36.45 129.90
CA TYR WG 148 -18.55 37.34 131.04
C TYR WG 148 -19.82 37.08 131.83
N PRO WG 149 -19.74 36.40 132.97
CA PRO WG 149 -20.96 36.06 133.72
C PRO WG 149 -21.52 37.25 134.47
N ASN WG 150 -20.63 38.19 134.80
CA ASN WG 150 -21.08 39.47 135.35
C ASN WG 150 -21.92 40.23 134.32
N SER WG 151 -21.51 40.17 133.06
CA SER WG 151 -22.30 40.73 131.98
C SER WG 151 -23.27 39.73 131.37
N GLN WG 152 -23.19 38.46 131.77
CA GLN WG 152 -24.08 37.38 131.32
C GLN WG 152 -24.05 37.21 129.80
N VAL WG 153 -22.87 37.39 129.23
CA VAL WG 153 -22.73 37.34 127.78
C VAL WG 153 -21.73 36.26 127.41
N VAL WG 154 -21.92 35.70 126.22
CA VAL WG 154 -21.03 34.71 125.65
C VAL WG 154 -20.68 35.16 124.24
N GLU WG 155 -19.39 35.38 123.99
CA GLU WG 155 -18.92 35.97 122.75
C GLU WG 155 -18.01 34.99 122.02
N LEU WG 156 -18.21 34.89 120.72
CA LEU WG 156 -17.36 34.11 119.82
C LEU WG 156 -16.65 35.06 118.88
N ARG WG 157 -15.33 34.95 118.82
CA ARG WG 157 -14.52 35.83 117.98
C ARG WG 157 -13.79 35.00 116.93
N TYR WG 158 -13.85 35.45 115.67
CA TYR WG 158 -13.15 34.78 114.60
C TYR WG 158 -11.67 35.13 114.61
N ALA WG 159 -10.89 34.38 113.85
CA ALA WG 159 -9.46 34.64 113.76
C ALA WG 159 -9.15 35.73 112.75
N LYS WG 160 -8.18 36.56 113.09
CA LYS WG 160 -7.69 37.59 112.17
C LYS WG 160 -6.32 37.18 111.69
N ILE WG 161 -6.16 37.06 110.37
CA ILE WG 161 -4.92 36.64 109.73
C ILE WG 161 -4.86 37.37 108.39
N TYR WG 162 -3.68 37.34 107.78
CA TYR WG 162 -3.32 38.07 106.54
C TYR WG 162 -3.51 39.56 106.72
#